data_3JC8
#
_entry.id   3JC8
#
_cell.length_a   1
_cell.length_b   1
_cell.length_c   1
_cell.angle_alpha   90
_cell.angle_beta   90
_cell.angle_gamma   90
#
_symmetry.space_group_name_H-M   'P 1'
#
loop_
_entity.id
_entity.type
_entity.pdbx_description
1 polymer PilA
2 polymer 'Type IV-A pilus assembly ATPase PilB'
3 polymer 'Type 4 fimbrial assembly protein PilC'
4 polymer PilN
5 polymer PilO
6 polymer 'Type IV pilus biogenesis protein PilM'
7 polymer PilQ
8 polymer PilP
9 polymer 'LysM domain protein'
#
loop_
_entity_poly.entity_id
_entity_poly.type
_entity_poly.pdbx_seq_one_letter_code
_entity_poly.pdbx_strand_id
1 'polypeptide(L)'
;(MEA)TLIELMIVIAIVGILAAVALPAYQDYTARAQVSEAILLAEGQKSAVTEYYLNHGKWPENNTSAGVASSPTDIKGK
YVKEVEVKNGVVTATMLSSGVNNEIKGKKLSLWARRENGSVKWFCGQPVTRTDDDTVADAKDGKEIDTKHLPSTCRDNFD
AK
;
Aa,Ab,Ac,Ad,Ae,Af,Ag,Ah,Ai,Aj,Ak,Al,Am,An,Ao,Ap,Aq,Ar,As,At,Au,Av,Aw,Ax,Ay,Az,A1,A2,A3,A4,A5,A6,A7,A8,A9
2 'polypeptide(L)'
;MSGRLGELLVRENLISVQQLRKAQEEQQKNGTRIGTALVKTGAIEESKLTDFLSKQYGVPAINLKDFDVEPDIIKLVPKE
VAEKHLVVPVNRAGPSLIVAMCDPSNIFAVDDLKFLTGYNIETVVASEVSIREAIERYYAEKGPSLEDIVGDVGDDIEVT
KEETENIDEMAKAADDAPVVKLVNLILMDAIKKRASDIHVEPYEKDFRVRFRIDGVMYEVMRPPMKLRNAITSRLKIMAS
LDISERRLPQDGRIKIKMGGGKEMDFRVSVCPTLFGEKVVMRLLDKSNLQLDMTKLGFDAQPLAWFKEAIDRPYGMVLVT
GPTGSGKTTTLYSALSSLNGLDTNICTAEDPVEFNFAGINQVQMHDDIGLNFAAALRSFLRQDPDIIMIGEIRDFETAEI
GVKAALTGHLVLSTLHTNDAPGTVSRLLNMGIEPFLVTASLNLILAQRLARRLCPACKKPAENVDEQALIDAGVPPDKIG
TFTMYEKVGCRDCNDRGYRGRVAIYEVMPFWDGLKELVINGASAAELKQEAIRLGMSSLRMSGLRKMMDGATTLEEVVGN
TAPDRF
;
Ba,Bb,Bc,Bd,Be,Bf
3 'polypeptide(L)'
;MAAPAVKSASTPKKATAQFLWEAKTKSGESKKGEMEAMDVEAVNARLKSLGLNPVKVRKKSMLDGDITIPGFGGVEGKDI
LVFTRQFATMIDAGLPLVQCLDILASQMDNPSFKKVLFAIKSKVEQGSTFADALKEHPKVFDELYVQLCAAGEVGGILDA
ILNRLAAYREKNEKLKSKVKSAMTYPIIVILVAIGVTAVLLLKVTPVFEKMFADFGSELPGPTQMIVNFSHMAQEYFFHV
AGSIVAVVMSFTWSYRQPRGRKFWDKVFLFMPVFGPVLRKVAVARFTRTLGTMISSGVPILDALDVTAKTAGNRTVEDAI
IYVRGKIAEGKNIAGPLAETKVFPSMVVQMIGVGEATGAMDTMLNKIADFYDDEVDAAINSLTAMIEPVLMVFLGGVVGG
FLIGMYLPIFSLAGAIQ
;
Ca,Cb
4 'polypeptide(L)'
;MMIRINLLPVRAVKKREMGRQVLVLFAVVLIGAGVANYLWYDDRQSELEAHQAGVASTKARIAELEKIIGEVKNINTRKA
EVEKKLAVLDALRKGRSGPVRMMDALASATPKKVWVKTFSENNNAVSIDGSAVSHDEVAEFMRGLNGVVWTPKGMGRLVD
RRRDSKTARVEMLTSDATIEEFPEAQVSPFFKNIDLQTAKQVGGAQVGVPILVEFKITMTSNYAI
;
Na,Nb,Nc,Nd,Ne,Nf,Ng,Nh,Ni,Nj,Nk,Nl
5 'polypeptide(L)'
;MDKYLDQFVKAPPAIKFGGLAFVVGALTAANFFMVIQPTEEEIGWAVAERRKLDLELADKSEIAQNLNERRREMDVLEQK
LSEALTELPEQRDIEELLAQINDIGKKSGLELSSVTPGKESVGGGEFFARIPIKMTVSGNYHEIALFLQEMANMRRIVNV
NNIKFDSAKLKNEKVVLQSEFQATTFRFVEQKAAASTAGNSNSKK
;
Oa,Ob,Oc,Od,Oe,Of,Og,Oh,Oi,Oj,Ok,Ol
6 'polypeptide(L)'
;MVRGSRPSGGQAGSRHFLGGVDGQCYAGCLSTESRMAKGKLVLGLDIGSTSIKMILLKEQRKRGEVIYALQSFGMKPLPP
EAIVDGALMNSTAIVQAVQDLMSELKVKGKDVAIGVSGHSVIIKKIQMPRMSQDELEESIQWEAEQYIPFDVKDVNIDTQ
ILDGGGNDATGQMDVLLVAAKKDMINDYTTVVSEAGLAPVVVDVDAFAVQNMFSVNYDVPERETVVLINAGASVVNINII
SNGATVFTRDVTIGGNQFTEEIQKQLNVSYEEAEALKIGGNGADADAVVPQDVERVLSSVAEQVAGEIQRSLDFYAGTAA
DSNFSKVYLSGGTAKIPALFKTIEARTGVPVEILNPFRKIEVDNRKFDPAFVMDVAPMAAVAVGLALRRPGDKLA
;
Ma,Mb,Mc,Md,Me,Mf,Mg,Mh,Mi,Mj,Mk,Ml
7 'polypeptide(L)'
;MLEESAVTRGKWMLAAAWAVVLVGARVHGAELNTLRGLDVSRTGSGAQVVVTGTRPPTFTVFRLSGPERLVVDLSSADAT
GIKGHHEGSGPVSGVVASQFSDQRASVGRVLLALDKASQYDVRADGNRVVISVDGTSQSVDAKRAETPARTERMTASVEA
KPHPVAAQAPAKVVKAESAAVPKAALPENVVAAEADEREVSNPAQHITAMSFADDTLSIRADGDIARYEVLELADPPRLA
VDLFGVGLATRAPRVKSGALRDVRVGAHADKVRLVLDVRGTMPAYRVDRANRGLEVVLGRAVARTWRRPLRPRAVVASVA
EVEPLRQTPVKSDASPVVEVKDVRFEESSSGGRIVMKLSGTSGWKVDRPDPRSAVLTLDNARLPKKFERSLDTSALDTPV
KMISAFSVPGAGGKVRLVVAADGAIEEKVSQSAGTLSWRLDVKGVKTEEVAVAQRTAGFTTEAPAYAAEGAPQQARYRGK
RVSFEFKDIDIQNLLRVIAEISKKNIVVADDVSGKVTIRLRNVPWDQALDLVLRTKALGKEEFGNIIRIAPLKTLEEEAR
LRQERKKSLQQQEDLMVNLLPVNYAVAADMAARVKDVLSERGSVTVDQRTNVLIVKDVRSNTERARSLVRSLDTQTPQVL
IESRIVEANTSFSRSLGVQWGGQARAGQATGNSTGLIFPNNLAVTGGVTGTGAGLPDNPNFAVNLPTGTGQGVGGAMGFT
FGSAGGALQLNLRLSAAENEGSVKTISAPKVTTLDNNTARINQGVSIPFSQTSAQGVNTTFVEARLSLEVTPHITQDGSV
LMSINASNNQPDPSSTGANGQPSIQRKEANTQVLVKDGDTTVIGGIYVRRGATQVNSVPFLSRIPVLGLLFKNNSETDTR
QELLIFITPRILNRQTIAQTL
;
Qa,Qb,Qc,Qd,Qe,Qf,Qg,Qh,Qi,Qj,Qk,Ql
8 'polypeptide(L)'
;MLAACEEPPAPAPPPAKPKAAAAVPVKAAPTETGAQAAPSYSYVYNPVGKRDPFRSPIDELGPVNANPVAACNEPLCSFD
LDQLKLVAVVTGDASPVAMVEDPAGRGHIVRRNTRMGRQGGKVTQILRDSVTVTEVFSGNGEIIKNPVTLQLKPDAKQDP
AYNMMTGRNYGE
;
Pa,Pb,Pc,Pd,Pe,Pf,Pg,Ph,Pi,Pj,Pk,Pl
9 'polypeptide(L)'
;MMLLSKGRPAMRSRILTSLMLSLAVAPTAYAQQENEEEQDTGGEMGGAEVMDEAPDSAPPTSVAMPPGAPRGRESAPGEV
HSVESGDTLWDLSQRYLGSPWYWPKVWSYNPEIANPHWIYPGNQVRFFAAGEEVPTQVTEMVVDEGDVTAPMEMTSNDQV
IVTGKIGVDLANSVPVTTQGFVTQRELDEAGRIEGSPSNAVMLSFPDSVYVRFKRKGDVKVGDRYVVYHTTQAVKHPVTG
RPLGFLTDFVGTLRVQRVGDGIVTAQIMDTWDGIERGDLVGPVGERLTERVAPKPNAKQVDGTVITALVPYLTVLGENHS
IVVDKGSADGVELGNTFNILRKGDPSRHVLGHDVRKPSKEEQSFPWRSIGACMVTEVKERTSNCLMTRSLEELVPGDRAH
MSAGASPSASR
;
Ta,Tb,Tc,Td,Te,Tf,Tg,Th,Ti,Tj,Tk,Tl
#
# COMPACT_ATOMS: atom_id res chain seq x y z
N MEA A 1 -58.55 93.63 -16.69
CA MEA A 1 -58.55 94.47 -15.46
C MEA A 1 -57.82 93.82 -14.28
O MEA A 1 -57.26 94.52 -13.44
N THR A 2 -57.80 92.49 -14.24
CA THR A 2 -57.30 91.75 -13.07
C THR A 2 -56.58 90.42 -13.31
N LEU A 3 -57.36 89.39 -13.62
CA LEU A 3 -56.99 87.99 -13.38
C LEU A 3 -55.91 87.44 -14.31
N ILE A 4 -54.64 87.63 -13.93
CA ILE A 4 -53.54 87.11 -14.72
C ILE A 4 -52.63 86.15 -13.93
N GLU A 5 -52.80 86.14 -12.59
CA GLU A 5 -52.02 85.26 -11.71
C GLU A 5 -52.43 83.80 -11.90
N LEU A 6 -53.72 83.56 -12.10
CA LEU A 6 -54.25 82.22 -12.35
C LEU A 6 -53.90 81.76 -13.77
N MET A 7 -53.92 82.70 -14.72
CA MET A 7 -53.68 82.40 -16.12
C MET A 7 -52.20 82.11 -16.43
N ILE A 8 -51.29 82.86 -15.80
CA ILE A 8 -49.86 82.65 -16.01
C ILE A 8 -49.36 81.41 -15.27
N VAL A 9 -49.82 81.21 -14.03
CA VAL A 9 -49.38 80.07 -13.22
C VAL A 9 -49.93 78.72 -13.72
N ILE A 10 -51.06 78.74 -14.42
CA ILE A 10 -51.54 77.53 -15.11
C ILE A 10 -50.74 77.28 -16.39
N ALA A 11 -50.17 78.34 -16.94
CA ALA A 11 -49.39 78.27 -18.18
C ALA A 11 -47.88 78.13 -17.93
N ILE A 12 -47.44 78.31 -16.69
CA ILE A 12 -46.06 78.01 -16.33
C ILE A 12 -45.88 76.55 -15.90
N VAL A 13 -46.95 75.97 -15.36
CA VAL A 13 -46.96 74.55 -15.01
C VAL A 13 -47.11 73.70 -16.28
N GLY A 14 -47.83 74.26 -17.26
CA GLY A 14 -47.97 73.65 -18.58
C GLY A 14 -46.64 73.59 -19.32
N ILE A 15 -45.90 74.69 -19.32
CA ILE A 15 -44.59 74.74 -19.94
C ILE A 15 -43.51 74.04 -19.10
N LEU A 16 -43.76 73.93 -17.79
CA LEU A 16 -42.88 73.21 -16.88
C LEU A 16 -42.91 71.72 -17.19
N ALA A 17 -44.10 71.21 -17.54
CA ALA A 17 -44.29 69.82 -17.93
C ALA A 17 -43.61 69.53 -19.27
N ALA A 18 -43.63 70.52 -20.17
CA ALA A 18 -42.99 70.41 -21.47
C ALA A 18 -41.46 70.40 -21.37
N VAL A 19 -40.92 71.09 -20.36
CA VAL A 19 -39.49 71.09 -20.09
C VAL A 19 -39.10 69.83 -19.31
N ALA A 20 -40.00 69.37 -18.44
CA ALA A 20 -39.79 68.14 -17.67
C ALA A 20 -40.09 66.89 -18.49
N LEU A 21 -40.60 67.08 -19.71
CA LEU A 21 -41.00 65.98 -20.59
C LEU A 21 -39.80 65.19 -21.15
N PRO A 22 -38.82 65.85 -21.77
CA PRO A 22 -37.65 65.15 -22.32
C PRO A 22 -36.70 64.58 -21.24
N ALA A 23 -36.68 65.19 -20.06
CA ALA A 23 -35.85 64.73 -18.95
C ALA A 23 -36.36 63.40 -18.39
N TYR A 24 -37.67 63.31 -18.21
CA TYR A 24 -38.33 62.09 -17.74
C TYR A 24 -38.37 61.04 -18.85
N GLN A 25 -38.50 61.49 -20.10
CA GLN A 25 -38.43 60.61 -21.27
C GLN A 25 -37.00 60.11 -21.52
N ASP A 26 -36.00 60.86 -21.06
CA ASP A 26 -34.58 59.86 -21.37
C ASP A 26 -34.23 59.18 -20.08
N TYR A 27 -34.58 59.80 -18.96
CA TYR A 27 -34.31 59.20 -17.67
C TYR A 27 -35.07 57.90 -17.71
N THR A 28 -36.26 57.98 -18.27
CA THR A 28 -37.14 56.84 -18.36
C THR A 28 -36.58 55.73 -19.24
N ALA A 29 -36.20 56.07 -20.46
CA ALA A 29 -35.63 55.09 -21.40
C ALA A 29 -34.36 54.49 -20.85
N ARG A 30 -33.52 55.35 -20.30
CA ARG A 30 -32.25 54.96 -19.73
C ARG A 30 -32.50 54.00 -18.59
N ALA A 31 -33.71 54.05 -18.04
CA ALA A 31 -34.08 53.16 -16.93
C ALA A 31 -34.55 51.80 -17.46
N GLN A 32 -35.23 51.82 -18.60
CA GLN A 32 -35.76 50.63 -19.24
C GLN A 32 -34.64 49.82 -19.90
N VAL A 33 -33.52 50.47 -20.16
CA VAL A 33 -32.38 49.82 -20.77
C VAL A 33 -31.54 49.18 -19.68
N SER A 34 -31.48 49.85 -18.53
CA SER A 34 -30.71 49.35 -17.42
C SER A 34 -31.19 47.99 -16.97
N GLU A 35 -32.40 47.63 -17.40
CA GLU A 35 -32.96 46.34 -17.03
C GLU A 35 -32.65 45.31 -18.07
N ALA A 36 -32.67 45.73 -19.33
CA ALA A 36 -32.36 44.81 -20.40
C ALA A 36 -30.97 44.28 -20.05
N ILE A 37 -30.18 45.15 -19.42
CA ILE A 37 -28.84 44.80 -19.01
C ILE A 37 -28.84 43.82 -17.85
N LEU A 38 -29.79 43.97 -16.93
CA LEU A 38 -29.83 43.07 -15.79
C LEU A 38 -30.35 41.71 -16.19
N LEU A 39 -31.22 41.70 -17.21
CA LEU A 39 -31.77 40.46 -17.69
C LEU A 39 -30.74 39.74 -18.52
N ALA A 40 -29.85 40.50 -19.15
CA ALA A 40 -28.80 39.93 -19.97
C ALA A 40 -27.79 39.27 -19.04
N GLU A 41 -27.44 39.97 -17.97
CA GLU A 41 -26.50 39.44 -16.99
C GLU A 41 -27.17 38.31 -16.24
N GLY A 42 -26.46 37.68 -15.30
CA GLY A 42 -27.05 36.60 -14.53
C GLY A 42 -27.22 35.36 -15.40
N GLN A 43 -26.85 35.56 -16.66
CA GLN A 43 -26.89 34.51 -17.64
C GLN A 43 -25.44 34.41 -18.08
N LYS A 44 -24.60 35.18 -17.42
CA LYS A 44 -23.19 35.18 -17.68
C LYS A 44 -22.70 33.90 -17.03
N SER A 45 -23.25 33.62 -15.87
CA SER A 45 -22.91 32.41 -15.12
C SER A 45 -22.98 31.17 -15.98
N ALA A 46 -24.15 30.91 -16.55
CA ALA A 46 -24.31 29.76 -17.40
C ALA A 46 -23.26 29.77 -18.51
N VAL A 47 -23.19 30.87 -19.23
CA VAL A 47 -22.23 30.99 -20.33
C VAL A 47 -20.78 30.84 -19.92
N THR A 48 -20.41 31.41 -18.79
CA THR A 48 -19.04 31.31 -18.31
C THR A 48 -18.71 29.86 -18.00
N GLU A 49 -19.56 29.24 -17.21
CA GLU A 49 -19.32 27.87 -16.86
C GLU A 49 -19.23 27.02 -18.12
N TYR A 50 -20.23 27.12 -19.00
CA TYR A 50 -20.17 26.31 -20.22
C TYR A 50 -18.83 26.45 -20.93
N TYR A 51 -18.35 27.68 -21.08
CA TYR A 51 -17.07 27.91 -21.75
C TYR A 51 -15.86 27.29 -21.00
N LEU A 52 -15.72 27.60 -19.72
CA LEU A 52 -14.62 27.05 -18.92
C LEU A 52 -14.64 25.53 -18.82
N ASN A 53 -15.83 24.94 -18.76
CA ASN A 53 -15.91 23.49 -18.67
C ASN A 53 -15.64 22.80 -20.01
N HIS A 54 -16.02 23.43 -21.12
CA HIS A 54 -15.82 22.80 -22.42
C HIS A 54 -14.84 23.47 -23.38
N GLY A 55 -14.56 24.75 -23.17
CA GLY A 55 -13.64 25.43 -24.06
C GLY A 55 -14.30 25.87 -25.35
N LYS A 56 -15.63 25.79 -25.40
CA LYS A 56 -16.42 26.22 -26.56
C LYS A 56 -17.56 27.07 -26.00
N TRP A 57 -17.93 28.13 -26.72
CA TRP A 57 -19.02 29.01 -26.27
C TRP A 57 -20.35 28.34 -26.52
N PRO A 58 -21.30 28.48 -25.59
CA PRO A 58 -22.62 27.86 -25.78
C PRO A 58 -23.31 28.39 -27.03
N GLU A 59 -23.70 27.49 -27.93
CA GLU A 59 -24.34 27.89 -29.18
C GLU A 59 -25.67 28.61 -29.02
N ASN A 60 -26.47 28.14 -28.07
CA ASN A 60 -27.78 28.75 -27.82
C ASN A 60 -28.20 28.58 -26.37
N ASN A 61 -29.33 29.17 -26.01
CA ASN A 61 -29.82 29.11 -24.64
C ASN A 61 -29.81 27.72 -24.01
N THR A 62 -30.29 26.73 -24.76
CA THR A 62 -30.35 25.37 -24.27
C THR A 62 -28.96 24.84 -23.95
N SER A 63 -28.01 25.15 -24.84
CA SER A 63 -26.65 24.73 -24.59
C SER A 63 -26.16 25.34 -23.30
N ALA A 64 -26.43 26.64 -23.11
CA ALA A 64 -26.00 27.33 -21.91
C ALA A 64 -26.75 26.85 -20.68
N GLY A 65 -27.82 26.10 -20.92
CA GLY A 65 -28.61 25.60 -19.82
C GLY A 65 -29.48 26.69 -19.24
N VAL A 66 -30.28 27.31 -20.11
CA VAL A 66 -31.20 28.36 -19.70
C VAL A 66 -32.46 28.20 -20.50
N ALA A 67 -33.54 28.83 -20.04
CA ALA A 67 -34.82 28.75 -20.73
C ALA A 67 -34.58 28.54 -22.21
N SER A 68 -34.71 27.29 -22.63
CA SER A 68 -34.49 26.90 -24.02
C SER A 68 -35.13 27.87 -25.01
N SER A 69 -36.07 28.66 -24.52
CA SER A 69 -36.79 29.59 -25.38
C SER A 69 -36.39 31.05 -25.08
N PRO A 70 -35.79 31.75 -26.06
CA PRO A 70 -35.38 33.15 -25.88
C PRO A 70 -36.48 33.98 -25.23
N THR A 71 -37.69 33.81 -25.75
CA THR A 71 -38.88 34.51 -25.28
C THR A 71 -39.22 34.18 -23.83
N ASP A 72 -38.56 33.19 -23.28
CA ASP A 72 -38.84 32.83 -21.89
C ASP A 72 -37.96 33.64 -20.95
N ILE A 73 -37.07 34.45 -21.51
CA ILE A 73 -36.17 35.30 -20.73
C ILE A 73 -36.49 36.76 -21.00
N LYS A 74 -37.78 37.07 -21.00
CA LYS A 74 -38.26 38.42 -21.27
C LYS A 74 -38.58 39.15 -19.97
N GLY A 75 -38.97 40.41 -20.13
CA GLY A 75 -39.33 41.23 -19.01
C GLY A 75 -40.41 42.23 -19.37
N LYS A 76 -40.45 43.33 -18.63
CA LYS A 76 -41.43 44.38 -18.85
C LYS A 76 -41.08 45.17 -20.10
N TYR A 77 -39.81 45.50 -20.25
CA TYR A 77 -39.32 46.26 -21.39
C TYR A 77 -38.50 45.33 -22.28
N VAL A 78 -38.24 44.14 -21.76
CA VAL A 78 -37.45 43.16 -22.49
C VAL A 78 -38.33 42.11 -23.14
N LYS A 79 -38.24 42.04 -24.46
CA LYS A 79 -39.03 41.06 -25.21
C LYS A 79 -38.35 39.70 -25.20
N GLU A 80 -37.07 39.68 -24.80
CA GLU A 80 -36.30 38.44 -24.72
C GLU A 80 -34.80 38.61 -24.50
N VAL A 81 -34.12 37.47 -24.46
CA VAL A 81 -32.69 37.40 -24.26
C VAL A 81 -32.23 36.08 -24.87
N GLU A 82 -31.41 36.18 -25.92
CA GLU A 82 -30.91 35.02 -26.63
C GLU A 82 -29.41 34.89 -26.51
N VAL A 83 -28.95 33.67 -26.36
CA VAL A 83 -27.54 33.36 -26.26
C VAL A 83 -27.18 32.80 -27.61
N LYS A 84 -26.27 33.46 -28.29
CA LYS A 84 -25.84 33.03 -29.61
C LYS A 84 -24.32 32.95 -29.62
N ASN A 85 -23.80 31.73 -29.42
CA ASN A 85 -22.37 31.46 -29.35
C ASN A 85 -21.69 32.25 -28.24
N GLY A 86 -22.25 32.15 -27.04
CA GLY A 86 -21.70 32.85 -25.89
C GLY A 86 -22.10 34.31 -25.78
N VAL A 87 -22.55 34.90 -26.88
CA VAL A 87 -22.98 36.29 -26.89
C VAL A 87 -24.43 36.32 -26.40
N VAL A 88 -24.72 37.15 -25.41
CA VAL A 88 -26.07 37.23 -24.91
C VAL A 88 -26.64 38.59 -25.30
N THR A 89 -27.69 38.57 -26.13
CA THR A 89 -28.33 39.78 -26.61
C THR A 89 -29.70 39.98 -25.97
N ALA A 90 -30.01 41.21 -25.58
CA ALA A 90 -31.30 41.49 -24.95
C ALA A 90 -32.13 42.40 -25.84
N THR A 91 -33.36 41.98 -26.16
CA THR A 91 -34.23 42.78 -27.00
C THR A 91 -35.27 43.54 -26.19
N MET A 92 -35.46 44.80 -26.58
CA MET A 92 -36.42 45.66 -25.91
C MET A 92 -37.82 45.40 -26.48
N LEU A 93 -38.79 45.22 -25.59
CA LEU A 93 -40.16 44.97 -26.00
C LEU A 93 -40.61 46.06 -26.98
N SER A 94 -41.90 46.06 -27.30
CA SER A 94 -42.45 47.07 -28.19
C SER A 94 -43.49 47.88 -27.43
N SER A 95 -43.94 47.33 -26.31
CA SER A 95 -44.95 47.99 -25.47
C SER A 95 -44.42 48.24 -24.07
N GLY A 96 -44.59 49.47 -23.59
CA GLY A 96 -44.14 49.83 -22.25
C GLY A 96 -42.78 50.50 -22.20
N VAL A 97 -42.23 50.82 -23.36
CA VAL A 97 -40.91 51.46 -23.41
C VAL A 97 -40.91 52.88 -24.00
N ASN A 98 -39.73 53.51 -24.03
CA ASN A 98 -39.57 54.86 -24.54
C ASN A 98 -40.30 55.07 -25.86
N ASN A 99 -39.55 55.05 -26.94
CA ASN A 99 -40.11 55.25 -28.27
C ASN A 99 -38.99 55.05 -29.28
N GLU A 100 -37.78 55.42 -28.90
CA GLU A 100 -36.66 55.27 -29.81
C GLU A 100 -35.75 54.16 -29.32
N ILE A 101 -36.28 53.29 -28.47
CA ILE A 101 -35.50 52.16 -27.97
C ILE A 101 -36.21 50.81 -28.05
N LYS A 102 -37.48 50.80 -28.41
CA LYS A 102 -38.22 49.55 -28.50
C LYS A 102 -37.77 48.70 -29.68
N GLY A 103 -37.81 47.39 -29.49
CA GLY A 103 -37.38 46.49 -30.54
C GLY A 103 -35.89 46.65 -30.72
N LYS A 104 -35.26 47.42 -29.84
CA LYS A 104 -33.82 47.64 -29.93
C LYS A 104 -33.10 46.79 -28.91
N LYS A 105 -31.84 46.46 -29.18
CA LYS A 105 -31.11 45.60 -28.26
C LYS A 105 -29.62 45.85 -28.04
N LEU A 106 -29.07 45.17 -27.03
CA LEU A 106 -27.66 45.24 -26.68
C LEU A 106 -27.09 43.82 -26.53
N SER A 107 -25.78 43.70 -26.30
CA SER A 107 -25.16 42.40 -26.16
C SER A 107 -24.10 42.38 -25.09
N LEU A 108 -23.89 41.19 -24.55
CA LEU A 108 -22.90 40.93 -23.53
C LEU A 108 -22.13 39.80 -24.15
N TRP A 109 -20.82 39.91 -24.17
CA TRP A 109 -20.01 38.84 -24.75
C TRP A 109 -18.78 38.77 -23.92
N ALA A 110 -18.07 37.66 -23.99
CA ALA A 110 -16.90 37.52 -23.18
C ALA A 110 -15.68 37.19 -24.00
N ARG A 111 -14.54 37.11 -23.33
CA ARG A 111 -13.30 36.81 -24.00
C ARG A 111 -12.47 35.91 -23.13
N ARG A 112 -11.83 34.94 -23.75
CA ARG A 112 -10.98 34.01 -23.04
C ARG A 112 -9.82 34.75 -22.39
N GLU A 113 -9.67 34.62 -21.08
CA GLU A 113 -8.56 35.25 -20.40
C GLU A 113 -7.50 34.18 -20.23
N ASN A 114 -7.93 32.93 -20.44
CA ASN A 114 -7.08 31.75 -20.29
C ASN A 114 -7.15 31.36 -18.82
N GLY A 115 -8.09 30.48 -18.52
CA GLY A 115 -8.28 30.06 -17.14
C GLY A 115 -9.50 30.76 -16.56
N SER A 116 -9.94 31.80 -17.26
CA SER A 116 -11.10 32.58 -16.88
C SER A 116 -11.46 33.46 -18.08
N VAL A 117 -12.57 34.21 -17.97
CA VAL A 117 -12.98 35.09 -19.04
C VAL A 117 -13.36 36.45 -18.48
N LYS A 118 -13.40 37.46 -19.36
CA LYS A 118 -13.79 38.80 -18.96
C LYS A 118 -15.01 39.19 -19.81
N TRP A 119 -16.00 39.81 -19.16
CA TRP A 119 -17.20 40.21 -19.88
C TRP A 119 -17.27 41.67 -20.33
N PHE A 120 -17.96 41.88 -21.44
CA PHE A 120 -18.12 43.20 -22.01
C PHE A 120 -19.61 43.44 -22.14
N CYS A 121 -19.98 44.71 -22.25
CA CYS A 121 -21.39 45.09 -22.38
C CYS A 121 -21.46 46.27 -23.33
N GLY A 122 -22.31 46.17 -24.34
CA GLY A 122 -22.43 47.26 -25.29
C GLY A 122 -23.49 47.06 -26.35
N GLN A 123 -23.29 47.65 -27.51
CA GLN A 123 -24.24 47.54 -28.60
C GLN A 123 -24.07 46.19 -29.29
N PRO A 124 -25.17 45.59 -29.72
CA PRO A 124 -25.24 44.28 -30.39
C PRO A 124 -23.98 43.87 -31.13
N VAL A 125 -23.58 42.62 -30.94
CA VAL A 125 -22.40 42.10 -31.61
C VAL A 125 -22.63 40.65 -32.03
N THR A 126 -21.85 40.19 -33.00
CA THR A 126 -21.99 38.81 -33.49
C THR A 126 -20.67 38.13 -33.20
N ARG A 127 -20.67 36.82 -32.92
CA ARG A 127 -19.39 36.17 -32.69
C ARG A 127 -18.85 35.61 -34.01
N THR A 128 -17.59 35.88 -34.28
CA THR A 128 -16.93 35.40 -35.47
C THR A 128 -16.24 34.11 -35.12
N ASP A 129 -15.19 34.19 -34.31
CA ASP A 129 -14.47 33.01 -33.86
C ASP A 129 -14.50 32.98 -32.32
N ASP A 130 -13.95 31.94 -31.73
CA ASP A 130 -14.01 31.80 -30.27
C ASP A 130 -13.44 32.96 -29.48
N ASP A 131 -12.74 33.85 -30.15
CA ASP A 131 -12.16 34.97 -29.44
C ASP A 131 -12.31 36.28 -30.21
N THR A 132 -13.39 36.37 -31.00
CA THR A 132 -13.62 37.56 -31.79
C THR A 132 -15.09 37.70 -32.16
N VAL A 133 -15.62 38.91 -31.96
CA VAL A 133 -16.99 39.24 -32.28
C VAL A 133 -16.95 40.50 -33.12
N ALA A 134 -18.09 40.93 -33.65
CA ALA A 134 -18.12 42.15 -34.48
C ALA A 134 -19.50 42.79 -34.42
N ASP A 135 -19.53 44.08 -34.70
CA ASP A 135 -20.77 44.84 -34.67
C ASP A 135 -21.85 44.16 -35.48
N ALA A 136 -22.98 43.92 -34.83
CA ALA A 136 -24.11 43.34 -35.52
C ALA A 136 -24.77 44.55 -36.16
N LYS A 137 -23.99 45.30 -36.94
CA LYS A 137 -24.50 46.49 -37.63
C LYS A 137 -25.75 46.17 -38.42
N ASP A 138 -26.86 46.78 -38.08
CA ASP A 138 -28.11 46.50 -38.78
C ASP A 138 -29.15 47.58 -38.56
N GLY A 139 -28.96 48.43 -37.54
CA GLY A 139 -29.90 49.50 -37.27
C GLY A 139 -30.82 49.37 -36.07
N LYS A 140 -30.78 48.24 -35.37
CA LYS A 140 -31.64 48.05 -34.21
C LYS A 140 -30.89 48.14 -32.86
N GLU A 141 -29.69 48.70 -32.89
CA GLU A 141 -28.91 48.84 -31.65
C GLU A 141 -29.44 49.96 -30.78
N ILE A 142 -29.46 49.75 -29.47
CA ILE A 142 -29.91 50.79 -28.57
C ILE A 142 -28.85 51.89 -28.66
N ASP A 143 -29.33 53.10 -28.87
CA ASP A 143 -28.52 54.31 -29.03
C ASP A 143 -27.59 54.57 -27.86
N THR A 144 -26.35 54.91 -28.16
CA THR A 144 -25.38 55.19 -27.11
C THR A 144 -25.91 56.03 -25.94
N LYS A 145 -26.74 57.03 -26.24
CA LYS A 145 -27.25 57.88 -25.18
C LYS A 145 -28.05 57.13 -24.13
N HIS A 146 -28.62 55.98 -24.48
CA HIS A 146 -29.43 55.21 -23.53
C HIS A 146 -28.63 54.17 -22.76
N LEU A 147 -27.36 54.03 -23.09
CA LEU A 147 -26.54 53.02 -22.43
C LEU A 147 -25.70 53.57 -21.28
N PRO A 148 -25.68 52.84 -20.15
CA PRO A 148 -24.92 53.21 -18.97
C PRO A 148 -23.46 53.47 -19.35
N SER A 149 -22.71 54.04 -18.42
CA SER A 149 -21.29 54.30 -18.65
C SER A 149 -20.56 52.94 -18.60
N THR A 150 -21.16 51.98 -17.91
CA THR A 150 -20.58 50.66 -17.78
C THR A 150 -20.91 49.76 -18.94
N CYS A 151 -21.64 50.26 -19.94
CA CYS A 151 -21.98 49.42 -21.07
C CYS A 151 -21.73 50.15 -22.38
N ARG A 152 -20.54 50.74 -22.48
CA ARG A 152 -20.13 51.47 -23.68
C ARG A 152 -19.06 50.68 -24.42
N ASP A 153 -18.95 49.38 -24.18
CA ASP A 153 -17.91 48.59 -24.85
C ASP A 153 -18.02 48.38 -26.37
N ASN A 154 -16.89 48.49 -27.05
CA ASN A 154 -16.81 48.29 -28.50
C ASN A 154 -16.47 46.83 -28.84
N PHE A 155 -16.85 46.42 -30.04
CA PHE A 155 -16.63 45.06 -30.48
C PHE A 155 -15.20 44.58 -30.23
N ASP A 156 -14.22 45.49 -30.30
CA ASP A 156 -12.83 45.07 -30.08
C ASP A 156 -12.24 45.40 -28.72
N ALA A 157 -13.10 45.64 -27.73
CA ALA A 157 -12.61 45.93 -26.40
C ALA A 157 -11.84 44.72 -25.89
N LYS A 158 -10.75 44.95 -25.19
CA LYS A 158 -10.00 43.83 -24.64
C LYS A 158 -9.84 44.04 -23.15
N MEA B 1 -45.96 89.04 -13.37
CA MEA B 1 -47.45 88.89 -13.27
C MEA B 1 -47.89 87.45 -13.03
O MEA B 1 -48.93 87.22 -12.41
N THR B 2 -47.10 86.48 -13.50
CA THR B 2 -47.52 85.07 -13.51
C THR B 2 -46.44 84.00 -13.28
N LEU B 3 -45.63 83.77 -14.31
CA LEU B 3 -44.92 82.50 -14.52
C LEU B 3 -43.76 82.25 -13.56
N ILE B 4 -44.05 81.67 -12.40
CA ILE B 4 -43.01 81.35 -11.42
C ILE B 4 -42.95 79.85 -11.08
N GLU B 5 -43.99 79.11 -11.47
CA GLU B 5 -44.07 77.68 -11.22
C GLU B 5 -43.06 76.91 -12.09
N LEU B 6 -42.88 77.37 -13.33
CA LEU B 6 -41.91 76.78 -14.24
C LEU B 6 -40.48 77.17 -13.85
N MET B 7 -40.33 78.40 -13.37
CA MET B 7 -39.02 78.95 -13.01
C MET B 7 -38.45 78.36 -11.71
N ILE B 8 -39.33 78.16 -10.72
CA ILE B 8 -38.91 77.58 -9.44
C ILE B 8 -38.66 76.07 -9.55
N VAL B 9 -39.56 75.37 -10.25
CA VAL B 9 -39.45 73.92 -10.41
C VAL B 9 -38.27 73.48 -11.31
N ILE B 10 -37.83 74.36 -12.22
CA ILE B 10 -36.60 74.11 -12.97
C ILE B 10 -35.37 74.38 -12.11
N ALA B 11 -35.54 75.24 -11.10
CA ALA B 11 -34.46 75.64 -10.20
C ALA B 11 -34.42 74.81 -8.91
N ILE B 12 -35.46 74.01 -8.66
CA ILE B 12 -35.43 73.05 -7.56
C ILE B 12 -34.84 71.71 -8.00
N VAL B 13 -35.01 71.38 -9.27
CA VAL B 13 -34.41 70.19 -9.86
C VAL B 13 -32.92 70.42 -10.08
N GLY B 14 -32.56 71.67 -10.37
CA GLY B 14 -31.17 72.08 -10.49
C GLY B 14 -30.43 71.98 -9.17
N ILE B 15 -31.04 72.46 -8.09
CA ILE B 15 -30.45 72.36 -6.76
C ILE B 15 -30.58 70.95 -6.17
N LEU B 16 -31.56 70.19 -6.67
CA LEU B 16 -31.74 68.79 -6.27
C LEU B 16 -30.58 67.94 -6.80
N ALA B 17 -30.12 68.26 -8.00
CA ALA B 17 -28.97 67.60 -8.60
C ALA B 17 -27.67 67.93 -7.86
N ALA B 18 -27.58 69.16 -7.36
CA ALA B 18 -26.43 69.63 -6.58
C ALA B 18 -26.36 68.96 -5.21
N VAL B 19 -27.52 68.65 -4.65
CA VAL B 19 -27.60 67.92 -3.37
C VAL B 19 -27.40 66.42 -3.60
N ALA B 20 -27.88 65.92 -4.74
CA ALA B 20 -27.70 64.52 -5.11
C ALA B 20 -26.31 64.25 -5.71
N LEU B 21 -25.54 65.32 -5.90
CA LEU B 21 -24.21 65.22 -6.50
C LEU B 21 -23.16 64.54 -5.59
N PRO B 22 -22.99 65.00 -4.34
CA PRO B 22 -22.02 64.38 -3.43
C PRO B 22 -22.42 62.98 -2.95
N ALA B 23 -23.72 62.69 -2.92
CA ALA B 23 -24.22 61.38 -2.51
C ALA B 23 -23.88 60.31 -3.54
N TYR B 24 -24.11 60.64 -4.82
CA TYR B 24 -23.78 59.76 -5.93
C TYR B 24 -22.27 59.70 -6.17
N GLN B 25 -21.59 60.82 -5.90
CA GLN B 25 -20.13 60.87 -5.95
C GLN B 25 -19.48 60.12 -4.78
N ASP B 26 -20.20 59.99 -3.68
CA ASP B 26 -19.21 58.93 -2.68
C ASP B 26 -19.77 57.54 -2.82
N TYR B 27 -21.06 57.44 -3.11
CA TYR B 27 -21.67 56.14 -3.29
C TYR B 27 -20.91 55.53 -4.45
N THR B 28 -20.64 56.39 -5.43
CA THR B 28 -19.95 55.99 -6.63
C THR B 28 -18.52 55.52 -6.35
N ALA B 29 -17.74 56.35 -5.67
CA ALA B 29 -16.34 56.01 -5.35
C ALA B 29 -16.29 54.76 -4.49
N ARG B 30 -17.16 54.71 -3.50
CA ARG B 30 -17.26 53.61 -2.58
C ARG B 30 -17.57 52.35 -3.34
N ALA B 31 -18.15 52.52 -4.53
CA ALA B 31 -18.50 51.38 -5.38
C ALA B 31 -17.30 50.91 -6.21
N GLN B 32 -16.49 51.88 -6.64
CA GLN B 32 -15.29 51.62 -7.43
C GLN B 32 -14.18 51.03 -6.58
N VAL B 33 -14.27 51.20 -5.27
CA VAL B 33 -13.28 50.68 -4.36
C VAL B 33 -13.66 49.25 -4.00
N SER B 34 -14.97 49.02 -3.90
CA SER B 34 -15.46 47.69 -3.56
C SER B 34 -15.02 46.65 -4.58
N GLU B 35 -14.58 47.13 -5.74
CA GLU B 35 -14.12 46.23 -6.78
C GLU B 35 -12.64 46.00 -6.69
N ALA B 36 -11.91 47.06 -6.35
CA ALA B 36 -10.48 46.93 -6.19
C ALA B 36 -10.30 45.82 -5.17
N ILE B 37 -11.26 45.75 -4.25
CA ILE B 37 -11.22 44.73 -3.21
C ILE B 37 -11.53 43.35 -3.77
N LEU B 38 -12.43 43.26 -4.74
CA LEU B 38 -12.78 41.97 -5.29
C LEU B 38 -11.67 41.47 -6.18
N LEU B 39 -10.96 42.40 -6.80
CA LEU B 39 -9.86 42.04 -7.68
C LEU B 39 -8.66 41.63 -6.84
N ALA B 40 -8.56 42.19 -5.65
CA ALA B 40 -7.48 41.88 -4.75
C ALA B 40 -7.70 40.48 -4.22
N GLU B 41 -8.93 40.18 -3.84
CA GLU B 41 -9.28 38.86 -3.32
C GLU B 41 -9.23 37.87 -4.49
N GLY B 42 -9.52 36.61 -4.22
CA GLY B 42 -9.51 35.60 -5.28
C GLY B 42 -8.09 35.34 -5.72
N GLN B 43 -7.18 36.08 -5.10
CA GLN B 43 -5.77 35.95 -5.34
C GLN B 43 -5.22 35.58 -3.98
N LYS B 44 -6.15 35.41 -3.04
CA LYS B 44 -5.81 35.02 -1.70
C LYS B 44 -5.47 33.54 -1.81
N SER B 45 -6.26 32.85 -2.63
CA SER B 45 -6.07 31.43 -2.88
C SER B 45 -4.64 31.10 -3.24
N ALA B 46 -4.15 31.72 -4.30
CA ALA B 46 -2.79 31.48 -4.72
C ALA B 46 -1.82 31.74 -3.56
N VAL B 47 -1.93 32.92 -2.98
CA VAL B 47 -1.06 33.30 -1.87
C VAL B 47 -1.15 32.39 -0.67
N THR B 48 -2.35 31.97 -0.31
CA THR B 48 -2.53 31.08 0.83
C THR B 48 -1.84 29.76 0.56
N GLU B 49 -2.16 29.17 -0.59
CA GLU B 49 -1.57 27.90 -0.92
C GLU B 49 -0.05 28.02 -0.93
N TYR B 50 0.49 29.01 -1.65
CA TYR B 50 1.93 29.16 -1.68
C TYR B 50 2.53 29.17 -0.28
N TYR B 51 1.93 29.93 0.64
CA TYR B 51 2.44 29.99 2.01
C TYR B 51 2.35 28.65 2.77
N LEU B 52 1.17 28.04 2.77
CA LEU B 52 0.99 26.76 3.46
C LEU B 52 1.85 25.64 2.89
N ASN B 53 2.05 25.64 1.56
CA ASN B 53 2.87 24.60 0.96
C ASN B 53 4.36 24.81 1.20
N HIS B 54 4.81 26.06 1.26
CA HIS B 54 6.23 26.33 1.43
C HIS B 54 6.67 27.00 2.73
N GLY B 55 5.74 27.66 3.42
CA GLY B 55 6.10 28.32 4.66
C GLY B 55 6.78 29.66 4.43
N LYS B 56 6.73 30.15 3.19
CA LYS B 56 7.30 31.43 2.82
C LYS B 56 6.25 32.15 1.98
N TRP B 57 6.10 33.46 2.14
CA TRP B 57 5.12 34.22 1.38
C TRP B 57 5.60 34.42 -0.04
N PRO B 58 4.68 34.34 -1.02
CA PRO B 58 5.10 34.53 -2.42
C PRO B 58 5.69 35.91 -2.65
N GLU B 59 6.91 35.96 -3.17
CA GLU B 59 7.58 37.24 -3.41
C GLU B 59 6.89 38.16 -4.40
N ASN B 60 6.35 37.58 -5.46
CA ASN B 60 5.65 38.35 -6.49
C ASN B 60 4.59 37.54 -7.18
N ASN B 61 3.82 38.16 -8.07
CA ASN B 61 2.75 37.48 -8.77
C ASN B 61 3.11 36.13 -9.37
N THR B 62 4.26 36.08 -10.05
CA THR B 62 4.71 34.84 -10.67
C THR B 62 4.92 33.76 -9.63
N SER B 63 5.52 34.13 -8.51
CA SER B 63 5.71 33.16 -7.44
C SER B 63 4.36 32.63 -7.00
N ALA B 64 3.40 33.53 -6.81
CA ALA B 64 2.06 33.13 -6.37
C ALA B 64 1.34 32.34 -7.44
N GLY B 65 1.88 32.38 -8.66
CA GLY B 65 1.26 31.67 -9.75
C GLY B 65 0.06 32.43 -10.26
N VAL B 66 0.28 33.69 -10.62
CA VAL B 66 -0.79 34.53 -11.15
C VAL B 66 -0.18 35.39 -12.23
N ALA B 67 -1.03 35.97 -13.07
CA ALA B 67 -0.57 36.82 -14.17
C ALA B 67 0.75 37.46 -13.76
N SER B 68 1.84 36.89 -14.26
CA SER B 68 3.17 37.36 -13.95
C SER B 68 3.30 38.88 -14.03
N SER B 69 2.34 39.51 -14.69
CA SER B 69 2.36 40.96 -14.86
C SER B 69 1.28 41.64 -14.03
N PRO B 70 1.67 42.50 -13.07
CA PRO B 70 0.69 43.21 -12.21
C PRO B 70 -0.42 43.83 -13.04
N THR B 71 -0.02 44.49 -14.12
CA THR B 71 -0.94 45.15 -15.04
C THR B 71 -1.90 44.19 -15.72
N ASP B 72 -1.67 42.90 -15.57
CA ASP B 72 -2.55 41.94 -16.18
C ASP B 72 -3.71 41.59 -15.25
N ILE B 73 -3.68 42.16 -14.04
CA ILE B 73 -4.73 41.93 -13.06
C ILE B 73 -5.44 43.24 -12.78
N LYS B 74 -5.75 43.96 -13.86
CA LYS B 74 -6.43 45.24 -13.76
C LYS B 74 -7.92 45.11 -14.01
N GLY B 75 -8.61 46.24 -13.89
CA GLY B 75 -10.03 46.27 -14.12
C GLY B 75 -10.46 47.60 -14.68
N LYS B 76 -11.71 47.96 -14.46
CA LYS B 76 -12.30 49.20 -14.94
C LYS B 76 -11.77 50.38 -14.12
N TYR B 77 -11.73 50.20 -12.81
CA TYR B 77 -11.26 51.23 -11.90
C TYR B 77 -9.92 50.79 -11.34
N VAL B 78 -9.56 49.54 -11.61
CA VAL B 78 -8.32 49.00 -11.11
C VAL B 78 -7.25 48.99 -12.17
N LYS B 79 -6.16 49.69 -11.90
CA LYS B 79 -5.05 49.76 -12.84
C LYS B 79 -4.15 48.54 -12.70
N GLU B 80 -4.33 47.80 -11.60
CA GLU B 80 -3.55 46.58 -11.36
C GLU B 80 -3.69 45.98 -9.96
N VAL B 81 -2.96 44.90 -9.75
CA VAL B 81 -2.93 44.18 -8.49
C VAL B 81 -1.60 43.44 -8.44
N GLU B 82 -0.76 43.83 -7.48
CA GLU B 82 0.55 43.25 -7.32
C GLU B 82 0.69 42.51 -6.00
N VAL B 83 1.37 41.37 -6.05
CA VAL B 83 1.62 40.56 -4.88
C VAL B 83 3.05 40.84 -4.53
N LYS B 84 3.26 41.36 -3.33
CA LYS B 84 4.60 41.68 -2.87
C LYS B 84 4.79 41.05 -1.49
N ASN B 85 5.44 39.88 -1.50
CA ASN B 85 5.69 39.09 -0.29
C ASN B 85 4.40 38.71 0.43
N GLY B 86 3.47 38.14 -0.33
CA GLY B 86 2.19 37.73 0.24
C GLY B 86 1.18 38.84 0.36
N VAL B 87 1.63 40.09 0.36
CA VAL B 87 0.73 41.24 0.46
C VAL B 87 0.21 41.52 -0.94
N VAL B 88 -1.11 41.63 -1.08
CA VAL B 88 -1.68 41.90 -2.38
C VAL B 88 -2.27 43.30 -2.35
N THR B 89 -1.72 44.19 -3.17
CA THR B 89 -2.15 45.57 -3.25
C THR B 89 -2.91 45.86 -4.53
N ALA B 90 -4.00 46.61 -4.45
CA ALA B 90 -4.77 46.93 -5.64
C ALA B 90 -4.72 48.42 -5.92
N THR B 91 -4.33 48.79 -7.14
CA THR B 91 -4.25 50.19 -7.51
C THR B 91 -5.45 50.64 -8.33
N MET B 92 -5.95 51.83 -8.00
CA MET B 92 -7.09 52.41 -8.69
C MET B 92 -6.60 53.09 -9.95
N LEU B 93 -7.28 52.83 -11.06
CA LEU B 93 -6.94 53.42 -12.35
C LEU B 93 -6.90 54.93 -12.20
N SER B 94 -6.77 55.62 -13.33
CA SER B 94 -6.74 57.08 -13.32
C SER B 94 -7.94 57.59 -14.10
N SER B 95 -8.51 56.72 -14.92
CA SER B 95 -9.66 57.06 -15.74
C SER B 95 -10.88 56.19 -15.41
N GLY B 96 -12.02 56.84 -15.21
CA GLY B 96 -13.24 56.11 -14.90
C GLY B 96 -13.57 56.02 -13.42
N VAL B 97 -12.81 56.73 -12.59
CA VAL B 97 -13.03 56.71 -11.15
C VAL B 97 -13.46 58.05 -10.54
N ASN B 98 -13.70 58.06 -9.23
CA ASN B 98 -14.13 59.25 -8.51
C ASN B 98 -13.30 60.46 -8.87
N ASN B 99 -12.35 60.80 -8.00
CA ASN B 99 -11.50 61.97 -8.23
C ASN B 99 -10.48 62.01 -7.09
N GLU B 100 -10.89 61.57 -5.92
CA GLU B 100 -9.99 61.56 -4.79
C GLU B 100 -9.59 60.15 -4.43
N ILE B 101 -9.77 59.23 -5.38
CA ILE B 101 -9.40 57.84 -5.14
C ILE B 101 -8.56 57.21 -6.27
N LYS B 102 -8.40 57.92 -7.38
CA LYS B 102 -7.63 57.37 -8.49
C LYS B 102 -6.14 57.32 -8.18
N GLY B 103 -5.48 56.30 -8.72
CA GLY B 103 -4.07 56.12 -8.47
C GLY B 103 -3.88 55.77 -7.00
N LYS B 104 -5.00 55.55 -6.31
CA LYS B 104 -4.91 55.20 -4.90
C LYS B 104 -5.12 53.71 -4.72
N LYS B 105 -4.59 53.16 -3.63
CA LYS B 105 -4.70 51.72 -3.43
C LYS B 105 -4.89 51.19 -2.00
N LEU B 106 -5.20 49.90 -1.92
CA LEU B 106 -5.39 49.19 -0.65
C LEU B 106 -4.58 47.88 -0.67
N SER B 107 -4.56 47.17 0.45
CA SER B 107 -3.82 45.92 0.53
C SER B 107 -4.54 44.86 1.31
N LEU B 108 -4.20 43.62 0.99
CA LEU B 108 -4.74 42.45 1.63
C LEU B 108 -3.49 41.72 2.03
N TRP B 109 -3.41 41.31 3.29
CA TRP B 109 -2.23 40.59 3.74
C TRP B 109 -2.72 39.57 4.69
N ALA B 110 -1.91 38.57 4.96
CA ALA B 110 -2.35 37.53 5.86
C ALA B 110 -1.37 37.32 6.99
N ARG B 111 -1.75 36.43 7.89
CA ARG B 111 -0.93 36.13 9.04
C ARG B 111 -0.98 34.65 9.33
N ARG B 112 0.18 34.10 9.68
CA ARG B 112 0.28 32.69 10.01
C ARG B 112 -0.58 32.38 11.22
N GLU B 113 -1.51 31.44 11.07
CA GLU B 113 -2.31 31.05 12.22
C GLU B 113 -1.70 29.78 12.78
N ASN B 114 -0.80 29.21 11.97
CA ASN B 114 -0.12 27.97 12.30
C ASN B 114 -1.03 26.84 11.85
N GLY B 115 -0.81 26.39 10.61
CA GLY B 115 -1.65 25.34 10.04
C GLY B 115 -2.65 25.96 9.08
N SER B 116 -2.78 27.28 9.18
CA SER B 116 -3.68 28.05 8.32
C SER B 116 -3.31 29.53 8.51
N VAL B 117 -3.97 30.40 7.75
CA VAL B 117 -3.71 31.83 7.87
C VAL B 117 -5.02 32.60 7.91
N LYS B 118 -4.97 33.84 8.40
CA LYS B 118 -6.13 34.69 8.43
C LYS B 118 -5.84 35.95 7.60
N TRP B 119 -6.82 36.38 6.82
CA TRP B 119 -6.61 37.55 5.97
C TRP B 119 -7.18 38.87 6.50
N PHE B 120 -6.49 39.95 6.15
CA PHE B 120 -6.88 41.28 6.56
C PHE B 120 -7.06 42.10 5.31
N CYS B 121 -7.80 43.20 5.43
CA CYS B 121 -8.07 44.08 4.30
C CYS B 121 -8.05 45.51 4.83
N GLY B 122 -7.28 46.38 4.19
CA GLY B 122 -7.22 47.75 4.63
C GLY B 122 -6.37 48.64 3.77
N GLN B 123 -5.82 49.69 4.36
CA GLN B 123 -4.98 50.64 3.64
C GLN B 123 -3.60 50.04 3.42
N PRO B 124 -2.99 50.30 2.26
CA PRO B 124 -1.66 49.80 1.86
C PRO B 124 -0.72 49.48 2.99
N VAL B 125 -0.05 48.33 2.87
CA VAL B 125 0.90 47.92 3.88
C VAL B 125 2.10 47.24 3.23
N THR B 126 3.22 47.20 3.94
CA THR B 126 4.42 46.57 3.41
C THR B 126 4.76 45.41 4.32
N ARG B 127 5.34 44.33 3.81
CA ARG B 127 5.69 43.25 4.71
C ARG B 127 7.11 43.44 5.22
N THR B 128 7.28 43.30 6.53
CA THR B 128 8.56 43.43 7.16
C THR B 128 9.16 42.04 7.27
N ASP B 129 8.57 41.21 8.14
CA ASP B 129 9.02 39.84 8.29
C ASP B 129 7.84 38.90 7.99
N ASP B 130 8.06 37.60 8.01
CA ASP B 130 7.00 36.65 7.65
C ASP B 130 5.72 36.77 8.46
N ASP B 131 5.76 37.52 9.54
CA ASP B 131 4.57 37.66 10.36
C ASP B 131 4.36 39.11 10.81
N THR B 132 4.80 40.05 9.99
CA THR B 132 4.67 41.45 10.34
C THR B 132 4.74 42.35 9.11
N VAL B 133 3.78 43.27 9.03
CA VAL B 133 3.70 44.22 7.93
C VAL B 133 3.59 45.60 8.57
N ALA B 134 3.62 46.66 7.78
CA ALA B 134 3.52 48.02 8.32
C ALA B 134 2.96 48.96 7.28
N ASP B 135 2.37 50.05 7.76
CA ASP B 135 1.77 51.03 6.89
C ASP B 135 2.71 51.46 5.79
N ALA B 136 2.24 51.36 4.56
CA ALA B 136 3.03 51.79 3.43
C ALA B 136 2.72 53.27 3.37
N LYS B 137 2.95 53.97 4.49
CA LYS B 137 2.69 55.41 4.57
C LYS B 137 3.41 56.14 3.44
N ASP B 138 2.64 56.80 2.57
CA ASP B 138 3.25 57.50 1.45
C ASP B 138 2.31 58.54 0.84
N GLY B 139 1.02 58.43 1.15
CA GLY B 139 0.05 59.39 0.63
C GLY B 139 -0.90 58.93 -0.47
N LYS B 140 -0.74 57.71 -0.95
CA LYS B 140 -1.61 57.21 -2.02
C LYS B 140 -2.65 56.17 -1.52
N GLU B 141 -2.86 56.12 -0.21
CA GLU B 141 -3.83 55.18 0.33
C GLU B 141 -5.27 55.65 0.11
N ILE B 142 -6.15 54.73 -0.22
CA ILE B 142 -7.54 55.08 -0.41
C ILE B 142 -8.06 55.50 0.97
N ASP B 143 -8.68 56.66 1.00
CA ASP B 143 -9.23 57.28 2.21
C ASP B 143 -10.22 56.42 2.96
N THR B 144 -10.07 56.35 4.27
CA THR B 144 -10.97 55.53 5.07
C THR B 144 -12.45 55.64 4.69
N LYS B 145 -12.90 56.84 4.33
CA LYS B 145 -14.31 56.99 3.99
C LYS B 145 -14.76 56.15 2.81
N HIS B 146 -13.82 55.77 1.94
CA HIS B 146 -14.17 54.98 0.76
C HIS B 146 -14.04 53.47 0.99
N LEU B 147 -13.58 53.08 2.15
CA LEU B 147 -13.41 51.67 2.43
C LEU B 147 -14.56 51.04 3.20
N PRO B 148 -14.99 49.85 2.77
CA PRO B 148 -16.07 49.10 3.40
C PRO B 148 -15.79 48.95 4.89
N SER B 149 -16.79 48.49 5.62
CA SER B 149 -16.65 48.27 7.06
C SER B 149 -15.78 47.01 7.23
N THR B 150 -15.78 46.15 6.22
CA THR B 150 -15.02 44.92 6.26
C THR B 150 -13.58 45.12 5.84
N CYS B 151 -13.19 46.35 5.52
CA CYS B 151 -11.81 46.57 5.10
C CYS B 151 -11.22 47.76 5.82
N ARG B 152 -11.38 47.77 7.13
CA ARG B 152 -10.86 48.85 7.97
C ARG B 152 -9.70 48.33 8.80
N ASP B 153 -9.07 47.24 8.39
CA ASP B 153 -7.96 46.67 9.17
C ASP B 153 -6.65 47.49 9.25
N ASN B 154 -6.08 47.54 10.45
CA ASN B 154 -4.82 48.23 10.71
C ASN B 154 -3.62 47.29 10.55
N PHE B 155 -2.46 47.86 10.26
CA PHE B 155 -1.26 47.09 10.05
C PHE B 155 -1.03 46.05 11.15
N ASP B 156 -1.44 46.34 12.38
CA ASP B 156 -1.21 45.39 13.47
C ASP B 156 -2.43 44.58 13.90
N ALA B 157 -3.43 44.48 13.04
CA ALA B 157 -4.61 43.70 13.35
C ALA B 157 -4.18 42.25 13.54
N LYS B 158 -4.77 41.56 14.51
CA LYS B 158 -4.43 40.16 14.70
C LYS B 158 -5.72 39.35 14.65
N MEA C 1 -44.53 78.98 -4.02
CA MEA C 1 -44.66 79.38 -5.45
C MEA C 1 -44.00 78.40 -6.42
O MEA C 1 -44.43 78.27 -7.56
N THR C 2 -42.96 77.70 -5.96
CA THR C 2 -42.12 76.88 -6.86
C THR C 2 -41.54 75.58 -6.29
N LEU C 3 -40.51 75.73 -5.46
CA LEU C 3 -39.50 74.68 -5.22
C LEU C 3 -39.98 73.48 -4.40
N ILE C 4 -40.56 72.49 -5.07
CA ILE C 4 -41.03 71.28 -4.40
C ILE C 4 -40.36 70.00 -4.94
N GLU C 5 -39.71 70.11 -6.10
CA GLU C 5 -39.02 69.00 -6.73
C GLU C 5 -37.78 68.59 -5.93
N LEU C 6 -37.08 69.58 -5.39
CA LEU C 6 -35.91 69.34 -4.55
C LEU C 6 -36.32 68.83 -3.16
N MET C 7 -37.44 69.35 -2.66
CA MET C 7 -37.93 69.01 -1.33
C MET C 7 -38.53 67.60 -1.26
N ILE C 8 -39.26 67.20 -2.29
CA ILE C 8 -39.86 65.87 -2.32
C ILE C 8 -38.83 64.78 -2.63
N VAL C 9 -37.93 65.06 -3.58
CA VAL C 9 -36.91 64.08 -3.97
C VAL C 9 -35.82 63.87 -2.90
N ILE C 10 -35.61 64.85 -2.03
CA ILE C 10 -34.74 64.65 -0.87
C ILE C 10 -35.47 63.86 0.22
N ALA C 11 -36.80 63.93 0.20
CA ALA C 11 -37.65 63.24 1.18
C ALA C 11 -38.15 61.88 0.71
N ILE C 12 -37.94 61.57 -0.58
CA ILE C 12 -38.23 60.22 -1.08
C ILE C 12 -36.99 59.31 -0.95
N VAL C 13 -35.80 59.91 -1.01
CA VAL C 13 -34.55 59.20 -0.79
C VAL C 13 -34.38 58.91 0.71
N GLY C 14 -34.89 59.83 1.53
CA GLY C 14 -34.91 59.65 2.98
C GLY C 14 -35.81 58.50 3.40
N ILE C 15 -37.02 58.43 2.83
CA ILE C 15 -37.94 57.33 3.11
C ILE C 15 -37.54 56.04 2.38
N LEU C 16 -36.78 56.18 1.29
CA LEU C 16 -36.25 55.03 0.55
C LEU C 16 -35.21 54.29 1.40
N ALA C 17 -34.42 55.07 2.15
CA ALA C 17 -33.43 54.52 3.07
C ALA C 17 -34.09 53.81 4.25
N ALA C 18 -35.23 54.35 4.69
CA ALA C 18 -36.01 53.76 5.78
C ALA C 18 -36.67 52.45 5.36
N VAL C 19 -37.04 52.33 4.09
CA VAL C 19 -37.59 51.09 3.54
C VAL C 19 -36.46 50.10 3.23
N ALA C 20 -35.31 50.62 2.81
CA ALA C 20 -34.14 49.79 2.54
C ALA C 20 -33.38 49.42 3.80
N LEU C 21 -33.81 49.99 4.94
CA LEU C 21 -33.15 49.77 6.23
C LEU C 21 -33.34 48.34 6.78
N PRO C 22 -34.58 47.84 6.89
CA PRO C 22 -34.82 46.50 7.40
C PRO C 22 -34.37 45.38 6.45
N ALA C 23 -34.35 45.66 5.15
CA ALA C 23 -33.91 44.69 4.15
C ALA C 23 -32.40 44.42 4.26
N TYR C 24 -31.64 45.50 4.39
CA TYR C 24 -30.18 45.43 4.56
C TYR C 24 -29.83 44.94 5.97
N GLN C 25 -30.65 45.31 6.95
CA GLN C 25 -30.51 44.81 8.32
C GLN C 25 -30.90 43.34 8.44
N ASP C 26 -31.76 42.85 7.54
CA ASP C 26 -31.78 41.13 7.90
C ASP C 26 -30.87 40.46 6.91
N TYR C 27 -30.71 41.06 5.74
CA TYR C 27 -29.82 40.49 4.75
C TYR C 27 -28.47 40.48 5.43
N THR C 28 -28.22 41.55 6.15
CA THR C 28 -26.96 41.72 6.85
C THR C 28 -26.76 40.69 7.94
N ALA C 29 -27.73 40.55 8.84
CA ALA C 29 -27.63 39.58 9.94
C ALA C 29 -27.52 38.17 9.39
N ARG C 30 -28.35 37.88 8.41
CA ARG C 30 -28.41 36.59 7.77
C ARG C 30 -27.06 36.29 7.15
N ALA C 31 -26.29 37.33 6.89
CA ALA C 31 -24.95 37.19 6.30
C ALA C 31 -23.91 36.90 7.38
N GLN C 32 -24.09 37.52 8.54
CA GLN C 32 -23.19 37.35 9.69
C GLN C 32 -23.39 35.99 10.36
N VAL C 33 -24.53 35.37 10.10
CA VAL C 33 -24.82 34.07 10.68
C VAL C 33 -24.26 33.01 9.75
N SER C 34 -24.31 33.28 8.45
CA SER C 34 -23.81 32.34 7.46
C SER C 34 -22.34 32.05 7.68
N GLU C 35 -21.68 32.90 8.45
CA GLU C 35 -20.27 32.73 8.72
C GLU C 35 -20.06 31.95 9.98
N ALA C 36 -20.91 32.20 10.97
CA ALA C 36 -20.82 31.46 12.21
C ALA C 36 -20.91 30.00 11.79
N ILE C 37 -21.67 29.77 10.73
CA ILE C 37 -21.86 28.42 10.23
C ILE C 37 -20.60 27.90 9.55
N LEU C 38 -19.89 28.77 8.86
CA LEU C 38 -18.68 28.33 8.17
C LEU C 38 -17.56 28.08 9.16
N LEU C 39 -17.59 28.84 10.26
CA LEU C 39 -16.58 28.69 11.27
C LEU C 39 -16.86 27.43 12.09
N ALA C 40 -18.14 27.08 12.18
CA ALA C 40 -18.54 25.90 12.92
C ALA C 40 -18.12 24.68 12.11
N GLU C 41 -18.35 24.73 10.81
CA GLU C 41 -17.97 23.62 9.93
C GLU C 41 -16.45 23.61 9.81
N GLY C 42 -15.91 22.66 9.05
CA GLY C 42 -14.46 22.60 8.89
C GLY C 42 -13.81 22.13 10.17
N GLN C 43 -14.67 21.92 11.16
CA GLN C 43 -14.28 21.43 12.45
C GLN C 43 -15.06 20.15 12.59
N LYS C 44 -15.76 19.82 11.52
CA LYS C 44 -16.54 18.61 11.46
C LYS C 44 -15.51 17.52 11.26
N SER C 45 -14.52 17.83 10.43
CA SER C 45 -13.43 16.90 10.12
C SER C 45 -12.82 16.33 11.39
N ALA C 46 -12.31 17.22 12.25
CA ALA C 46 -11.71 16.77 13.48
C ALA C 46 -12.68 15.89 14.26
N VAL C 47 -13.88 16.41 14.49
CA VAL C 47 -14.89 15.68 15.24
C VAL C 47 -15.28 14.35 14.61
N THR C 48 -15.41 14.32 13.30
CA THR C 48 -15.77 13.07 12.62
C THR C 48 -14.68 12.04 12.82
N GLU C 49 -13.45 12.43 12.52
CA GLU C 49 -12.36 11.52 12.66
C GLU C 49 -12.29 11.03 14.11
N TYR C 50 -12.29 11.95 15.07
CA TYR C 50 -12.21 11.50 16.46
C TYR C 50 -13.25 10.44 16.77
N TYR C 51 -14.50 10.66 16.35
CA TYR C 51 -15.56 9.69 16.59
C TYR C 51 -15.33 8.32 15.90
N LEU C 52 -15.07 8.34 14.59
CA LEU C 52 -14.84 7.10 13.86
C LEU C 52 -13.62 6.34 14.34
N ASN C 53 -12.57 7.04 14.74
CA ASN C 53 -11.38 6.37 15.23
C ASN C 53 -11.54 5.80 16.64
N HIS C 54 -12.32 6.47 17.49
CA HIS C 54 -12.49 6.00 18.85
C HIS C 54 -13.89 5.53 19.27
N GLY C 55 -14.92 5.93 18.54
CA GLY C 55 -16.25 5.51 18.89
C GLY C 55 -16.83 6.32 20.03
N LYS C 56 -16.16 7.42 20.39
CA LYS C 56 -16.62 8.33 21.43
C LYS C 56 -16.50 9.75 20.86
N TRP C 57 -17.45 10.63 21.18
CA TRP C 57 -17.42 12.00 20.68
C TRP C 57 -16.39 12.80 21.43
N PRO C 58 -15.66 13.67 20.73
CA PRO C 58 -14.63 14.50 21.41
C PRO C 58 -15.26 15.37 22.49
N GLU C 59 -14.76 15.25 23.72
CA GLU C 59 -15.31 16.04 24.83
C GLU C 59 -15.16 17.54 24.68
N ASN C 60 -14.02 17.98 24.17
CA ASN C 60 -13.77 19.40 24.00
C ASN C 60 -12.82 19.66 22.83
N ASN C 61 -12.59 20.93 22.51
CA ASN C 61 -11.72 21.28 21.40
C ASN C 61 -10.39 20.54 21.36
N THR C 62 -9.71 20.47 22.50
CA THR C 62 -8.41 19.81 22.59
C THR C 62 -8.55 18.35 22.22
N SER C 63 -9.60 17.71 22.69
CA SER C 63 -9.82 16.31 22.35
C SER C 63 -9.96 16.20 20.84
N ALA C 64 -10.75 17.08 20.25
CA ALA C 64 -10.98 17.05 18.81
C ALA C 64 -9.72 17.42 18.04
N GLY C 65 -8.75 17.97 18.76
CA GLY C 65 -7.51 18.36 18.12
C GLY C 65 -7.70 19.67 17.37
N VAL C 66 -8.17 20.68 18.08
CA VAL C 66 -8.38 22.00 17.50
C VAL C 66 -8.00 23.02 18.56
N ALA C 67 -7.78 24.25 18.13
CA ALA C 67 -7.41 25.33 19.04
C ALA C 67 -8.00 25.03 20.41
N SER C 68 -7.15 24.50 21.29
CA SER C 68 -7.56 24.14 22.64
C SER C 68 -8.41 25.20 23.30
N SER C 69 -8.38 26.42 22.76
CA SER C 69 -9.13 27.52 23.34
C SER C 69 -10.31 27.92 22.44
N PRO C 70 -11.56 27.80 22.95
CA PRO C 70 -12.75 28.16 22.16
C PRO C 70 -12.59 29.51 21.50
N THR C 71 -12.12 30.47 22.29
CA THR C 71 -11.89 31.84 21.84
C THR C 71 -10.86 31.94 20.72
N ASP C 72 -10.16 30.85 20.46
CA ASP C 72 -9.16 30.88 19.40
C ASP C 72 -9.80 30.54 18.06
N ILE C 73 -11.09 30.19 18.08
CA ILE C 73 -11.82 29.85 16.87
C ILE C 73 -12.92 30.88 16.63
N LYS C 74 -12.55 32.15 16.79
CA LYS C 74 -13.47 33.25 16.61
C LYS C 74 -13.34 33.88 15.24
N GLY C 75 -14.19 34.87 14.99
CA GLY C 75 -14.18 35.57 13.74
C GLY C 75 -14.59 37.02 13.92
N LYS C 76 -15.11 37.61 12.85
CA LYS C 76 -15.56 39.00 12.86
C LYS C 76 -16.86 39.13 13.62
N TYR C 77 -17.77 38.21 13.36
CA TYR C 77 -19.07 38.20 14.01
C TYR C 77 -19.12 37.04 14.99
N VAL C 78 -18.10 36.19 14.92
CA VAL C 78 -18.04 35.02 15.78
C VAL C 78 -17.10 35.25 16.94
N LYS C 79 -17.64 35.16 18.14
CA LYS C 79 -16.85 35.34 19.35
C LYS C 79 -16.12 34.05 19.71
N GLU C 80 -16.53 32.94 19.10
CA GLU C 80 -15.90 31.65 19.32
C GLU C 80 -16.64 30.44 18.75
N VAL C 81 -16.07 29.28 19.00
CA VAL C 81 -16.60 28.01 18.54
C VAL C 81 -16.06 26.94 19.50
N GLU C 82 -16.98 26.32 20.23
CA GLU C 82 -16.62 25.30 21.21
C GLU C 82 -17.18 23.94 20.83
N VAL C 83 -16.37 22.91 21.06
CA VAL C 83 -16.76 21.54 20.80
C VAL C 83 -17.08 20.97 22.16
N LYS C 84 -18.32 20.54 22.33
CA LYS C 84 -18.74 19.97 23.60
C LYS C 84 -19.41 18.63 23.32
N ASN C 85 -18.63 17.55 23.49
CA ASN C 85 -19.06 16.19 23.24
C ASN C 85 -19.52 15.99 21.79
N GLY C 86 -18.66 16.40 20.85
CA GLY C 86 -18.96 16.26 19.45
C GLY C 86 -19.85 17.36 18.87
N VAL C 87 -20.57 18.07 19.75
CA VAL C 87 -21.44 19.16 19.31
C VAL C 87 -20.57 20.40 19.17
N VAL C 88 -20.65 21.06 18.03
CA VAL C 88 -19.87 22.26 17.83
C VAL C 88 -20.80 23.46 17.78
N THR C 89 -20.65 24.34 18.75
CA THR C 89 -21.49 25.53 18.87
C THR C 89 -20.73 26.80 18.50
N ALA C 90 -21.36 27.69 17.75
CA ALA C 90 -20.70 28.93 17.35
C ALA C 90 -21.39 30.12 17.98
N THR C 91 -20.63 30.96 18.68
CA THR C 91 -21.20 32.14 19.32
C THR C 91 -20.95 33.41 18.52
N MET C 92 -21.99 34.23 18.44
CA MET C 92 -21.92 35.49 17.71
C MET C 92 -21.30 36.55 18.62
N LEU C 93 -20.34 37.27 18.09
CA LEU C 93 -19.67 38.33 18.83
C LEU C 93 -20.70 39.30 19.39
N SER C 94 -20.24 40.41 19.95
CA SER C 94 -21.14 41.41 20.50
C SER C 94 -20.96 42.71 19.72
N SER C 95 -19.83 42.79 19.01
CA SER C 95 -19.51 43.98 18.22
C SER C 95 -19.36 43.63 16.73
N GLY C 96 -20.01 44.41 15.89
CA GLY C 96 -19.93 44.18 14.45
C GLY C 96 -21.06 43.36 13.87
N VAL C 97 -22.07 43.07 14.68
CA VAL C 97 -23.21 42.27 14.22
C VAL C 97 -24.56 43.01 14.21
N ASN C 98 -25.60 42.33 13.76
CA ASN C 98 -26.94 42.89 13.68
C ASN C 98 -27.33 43.64 14.94
N ASN C 99 -28.13 43.00 15.77
CA ASN C 99 -28.59 43.62 17.01
C ASN C 99 -29.40 42.57 17.77
N GLU C 100 -30.09 41.72 17.03
CA GLU C 100 -30.88 40.69 17.67
C GLU C 100 -30.25 39.33 17.46
N ILE C 101 -28.96 39.32 17.14
CA ILE C 101 -28.25 38.07 16.94
C ILE C 101 -26.91 37.98 17.67
N LYS C 102 -26.46 39.08 18.26
CA LYS C 102 -25.18 39.06 18.96
C LYS C 102 -25.25 38.26 20.26
N GLY C 103 -24.14 37.61 20.60
CA GLY C 103 -24.09 36.80 21.78
C GLY C 103 -25.00 35.60 21.57
N LYS C 104 -25.51 35.45 20.35
CA LYS C 104 -26.40 34.33 20.07
C LYS C 104 -25.64 33.26 19.31
N LYS C 105 -26.09 32.02 19.41
CA LYS C 105 -25.39 30.93 18.75
C LYS C 105 -26.18 29.78 18.15
N LEU C 106 -25.49 28.94 17.38
CA LEU C 106 -26.05 27.76 16.74
C LEU C 106 -25.15 26.54 17.01
N SER C 107 -25.59 25.36 16.59
CA SER C 107 -24.82 24.15 16.81
C SER C 107 -24.84 23.22 15.64
N LEU C 108 -23.79 22.41 15.55
CA LEU C 108 -23.62 21.41 14.53
C LEU C 108 -23.37 20.18 15.36
N TRP C 109 -24.09 19.10 15.07
CA TRP C 109 -23.88 17.88 15.81
C TRP C 109 -24.05 16.77 14.83
N ALA C 110 -23.56 15.60 15.17
CA ALA C 110 -23.66 14.50 14.24
C ALA C 110 -24.33 13.31 14.86
N ARG C 111 -24.53 12.29 14.04
CA ARG C 111 -25.17 11.08 14.50
C ARG C 111 -24.48 9.88 13.87
N ARG C 112 -24.31 8.84 14.67
CA ARG C 112 -23.68 7.62 14.21
C ARG C 112 -24.52 7.00 13.10
N GLU C 113 -23.92 6.79 11.93
CA GLU C 113 -24.64 6.14 10.87
C GLU C 113 -24.24 4.69 10.88
N ASN C 114 -23.17 4.41 11.63
CA ASN C 114 -22.60 3.07 11.75
C ASN C 114 -21.63 2.91 10.60
N GLY C 115 -20.37 3.26 10.84
CA GLY C 115 -19.37 3.18 9.79
C GLY C 115 -19.09 4.58 9.27
N SER C 116 -19.99 5.50 9.60
CA SER C 116 -19.89 6.89 9.20
C SER C 116 -20.90 7.68 10.03
N VAL C 117 -20.91 9.00 9.87
CA VAL C 117 -21.85 9.83 10.60
C VAL C 117 -22.49 10.85 9.66
N LYS C 118 -23.62 11.41 10.08
CA LYS C 118 -24.29 12.43 9.31
C LYS C 118 -24.38 13.69 10.17
N TRP C 119 -24.13 14.85 9.57
CA TRP C 119 -24.18 16.11 10.31
C TRP C 119 -25.46 16.92 10.18
N PHE C 120 -25.78 17.63 11.26
CA PHE C 120 -26.96 18.46 11.31
C PHE C 120 -26.51 19.86 11.65
N CYS C 121 -27.35 20.84 11.34
CA CYS C 121 -27.03 22.24 11.61
C CYS C 121 -28.32 22.91 12.04
N GLY C 122 -28.28 23.62 13.17
CA GLY C 122 -29.47 24.29 13.64
C GLY C 122 -29.27 25.10 14.89
N GLN C 123 -30.32 25.27 15.67
CA GLN C 123 -30.26 26.04 16.91
C GLN C 123 -29.59 25.22 17.99
N PRO C 124 -28.79 25.87 18.85
CA PRO C 124 -28.03 25.25 19.95
C PRO C 124 -28.63 23.98 20.52
N VAL C 125 -27.78 22.99 20.73
CA VAL C 125 -28.22 21.73 21.28
C VAL C 125 -27.17 21.18 22.25
N THR C 126 -27.59 20.29 23.15
CA THR C 126 -26.68 19.70 24.12
C THR C 126 -26.65 18.21 23.85
N ARG C 127 -25.53 17.54 24.08
CA ARG C 127 -25.54 16.11 23.86
C ARG C 127 -25.92 15.38 25.15
N THR C 128 -26.83 14.43 25.02
CA THR C 128 -27.29 13.65 26.15
C THR C 128 -26.45 12.38 26.17
N ASP C 129 -26.67 11.52 25.19
CA ASP C 129 -25.91 10.28 25.08
C ASP C 129 -25.21 10.26 23.71
N ASP C 130 -24.40 9.24 23.44
CA ASP C 130 -23.64 9.22 22.19
C ASP C 130 -24.47 9.31 20.92
N ASP C 131 -25.77 9.16 21.05
CA ASP C 131 -26.61 9.23 19.87
C ASP C 131 -27.87 10.05 20.11
N THR C 132 -27.77 11.03 21.00
CA THR C 132 -28.92 11.86 21.33
C THR C 132 -28.51 13.19 21.91
N VAL C 133 -29.09 14.26 21.38
CA VAL C 133 -28.84 15.63 21.84
C VAL C 133 -30.20 16.25 22.12
N ALA C 134 -30.22 17.45 22.68
CA ALA C 134 -31.50 18.12 22.96
C ALA C 134 -31.32 19.62 22.97
N ASP C 135 -32.42 20.33 22.75
CA ASP C 135 -32.41 21.77 22.69
C ASP C 135 -31.72 22.36 23.89
N ALA C 136 -30.73 23.21 23.63
CA ALA C 136 -30.04 23.88 24.71
C ALA C 136 -30.94 25.08 24.97
N LYS C 137 -32.22 24.82 25.24
CA LYS C 137 -33.20 25.87 25.51
C LYS C 137 -32.70 26.79 26.61
N ASP C 138 -32.50 28.06 26.29
CA ASP C 138 -32.00 29.00 27.29
C ASP C 138 -32.24 30.45 26.91
N GLY C 139 -32.55 30.69 25.63
CA GLY C 139 -32.82 32.05 25.17
C GLY C 139 -31.77 32.75 24.33
N LYS C 140 -30.62 32.12 24.11
CA LYS C 140 -29.57 32.74 23.32
C LYS C 140 -29.41 32.12 21.91
N GLU C 141 -30.42 31.38 21.47
CA GLU C 141 -30.37 30.77 20.15
C GLU C 141 -30.62 31.78 19.05
N ILE C 142 -29.87 31.67 17.95
CA ILE C 142 -30.08 32.57 16.83
C ILE C 142 -31.47 32.24 16.29
N ASP C 143 -32.27 33.28 16.13
CA ASP C 143 -33.64 33.20 15.64
C ASP C 143 -33.78 32.53 14.29
N THR C 144 -34.76 31.64 14.17
CA THR C 144 -34.97 30.93 12.92
C THR C 144 -34.87 31.80 11.67
N LYS C 145 -35.38 33.03 11.74
CA LYS C 145 -35.34 33.89 10.56
C LYS C 145 -33.94 34.17 10.05
N HIS C 146 -32.93 34.07 10.92
CA HIS C 146 -31.56 34.35 10.52
C HIS C 146 -30.79 33.13 10.06
N LEU C 147 -31.43 31.97 10.14
CA LEU C 147 -30.75 30.74 9.75
C LEU C 147 -31.08 30.28 8.34
N PRO C 148 -30.05 29.88 7.58
CA PRO C 148 -30.18 29.38 6.22
C PRO C 148 -31.23 28.28 6.16
N SER C 149 -31.62 27.91 4.96
CA SER C 149 -32.58 26.84 4.76
C SER C 149 -31.86 25.51 5.07
N THR C 150 -30.54 25.52 4.94
CA THR C 150 -29.74 24.34 5.19
C THR C 150 -29.40 24.18 6.66
N CYS C 151 -29.87 25.08 7.52
CA CYS C 151 -29.54 24.96 8.93
C CYS C 151 -30.78 25.13 9.78
N ARG C 152 -31.84 24.41 9.41
CA ARG C 152 -33.10 24.46 10.12
C ARG C 152 -33.32 23.16 10.86
N ASP C 153 -32.28 22.38 11.12
CA ASP C 153 -32.43 21.09 11.80
C ASP C 153 -32.87 21.12 13.28
N ASN C 154 -33.78 20.21 13.62
CA ASN C 154 -34.29 20.05 14.98
C ASN C 154 -33.47 19.02 15.77
N PHE C 155 -33.48 19.16 17.09
CA PHE C 155 -32.73 18.28 17.95
C PHE C 155 -32.93 16.79 17.60
N ASP C 156 -34.11 16.43 17.12
CA ASP C 156 -34.36 15.02 16.81
C ASP C 156 -34.30 14.66 15.32
N ALA C 157 -33.66 15.49 14.51
CA ALA C 157 -33.54 15.22 13.10
C ALA C 157 -32.76 13.92 12.94
N LYS C 158 -33.14 13.08 11.98
CA LYS C 158 -32.39 11.86 11.76
C LYS C 158 -31.99 11.81 10.30
N MEA D 1 -45.50 65.76 -7.92
CA MEA D 1 -44.64 66.96 -7.65
C MEA D 1 -43.22 66.60 -7.22
O MEA D 1 -42.28 67.35 -7.48
N THR D 2 -43.05 65.42 -6.60
CA THR D 2 -41.76 65.06 -5.97
C THR D 2 -41.35 63.58 -6.00
N LEU D 3 -41.99 62.79 -5.15
CA LEU D 3 -41.44 61.53 -4.63
C LEU D 3 -41.39 60.38 -5.65
N ILE D 4 -40.30 60.32 -6.42
CA ILE D 4 -40.13 59.24 -7.39
C ILE D 4 -38.86 58.42 -7.15
N GLU D 5 -37.96 58.94 -6.31
CA GLU D 5 -36.71 58.26 -5.98
C GLU D 5 -36.96 57.03 -5.12
N LEU D 6 -37.93 57.12 -4.22
CA LEU D 6 -38.33 56.00 -3.37
C LEU D 6 -39.13 54.97 -4.16
N MET D 7 -39.95 55.46 -5.09
CA MET D 7 -40.84 54.62 -5.90
C MET D 7 -40.09 53.82 -6.97
N ILE D 8 -39.09 54.43 -7.61
CA ILE D 8 -38.30 53.75 -8.63
C ILE D 8 -37.30 52.78 -8.02
N VAL D 9 -36.64 53.18 -6.93
CA VAL D 9 -35.64 52.35 -6.27
C VAL D 9 -36.24 51.14 -5.53
N ILE D 10 -37.50 51.22 -5.14
CA ILE D 10 -38.21 50.05 -4.61
C ILE D 10 -38.64 49.12 -5.76
N ALA D 11 -38.78 49.70 -6.95
CA ALA D 11 -39.21 48.96 -8.13
C ALA D 11 -38.05 48.47 -9.00
N ILE D 12 -36.84 48.96 -8.71
CA ILE D 12 -35.64 48.42 -9.35
C ILE D 12 -35.07 47.23 -8.58
N VAL D 13 -35.28 47.22 -7.26
CA VAL D 13 -34.89 46.10 -6.41
C VAL D 13 -35.87 44.95 -6.61
N GLY D 14 -37.13 45.29 -6.89
CA GLY D 14 -38.15 44.31 -7.22
C GLY D 14 -37.85 43.59 -8.53
N ILE D 15 -37.47 44.35 -9.56
CA ILE D 15 -37.10 43.77 -10.85
C ILE D 15 -35.70 43.15 -10.82
N LEU D 16 -34.86 43.60 -9.89
CA LEU D 16 -33.53 43.04 -9.69
C LEU D 16 -33.64 41.61 -9.14
N ALA D 17 -34.63 41.40 -8.27
CA ALA D 17 -34.92 40.08 -7.71
C ALA D 17 -35.47 39.14 -8.77
N ALA D 18 -36.25 39.69 -9.71
CA ALA D 18 -36.81 38.92 -10.82
C ALA D 18 -35.75 38.50 -11.83
N VAL D 19 -34.71 39.32 -11.98
CA VAL D 19 -33.57 39.00 -12.84
C VAL D 19 -32.60 38.05 -12.11
N ALA D 20 -32.49 38.23 -10.80
CA ALA D 20 -31.65 37.37 -9.97
C ALA D 20 -32.35 36.05 -9.62
N LEU D 21 -33.62 35.92 -10.01
CA LEU D 21 -34.43 34.75 -9.70
C LEU D 21 -34.01 33.49 -10.48
N PRO D 22 -33.90 33.56 -11.82
CA PRO D 22 -33.49 32.38 -12.61
C PRO D 22 -32.01 32.01 -12.44
N ALA D 23 -31.17 32.98 -12.10
CA ALA D 23 -29.74 32.72 -11.86
C ALA D 23 -29.53 31.90 -10.59
N TYR D 24 -30.22 32.27 -9.52
CA TYR D 24 -30.17 31.56 -8.25
C TYR D 24 -30.93 30.24 -8.33
N GLN D 25 -32.01 30.23 -9.13
CA GLN D 25 -32.76 28.99 -9.42
C GLN D 25 -31.99 28.04 -10.32
N ASP D 26 -31.06 28.57 -11.12
CA ASP D 26 -30.29 27.16 -11.83
C ASP D 26 -29.01 26.93 -11.07
N TYR D 27 -28.45 27.99 -10.50
CA TYR D 27 -27.24 27.85 -9.72
C TYR D 27 -27.63 26.91 -8.60
N THR D 28 -28.84 27.14 -8.11
CA THR D 28 -29.37 26.35 -7.01
C THR D 28 -29.56 24.89 -7.38
N ALA D 29 -30.28 24.62 -8.48
CA ALA D 29 -30.53 23.25 -8.92
C ALA D 29 -29.22 22.55 -9.23
N ARG D 30 -28.36 23.26 -9.93
CA ARG D 30 -27.05 22.75 -10.34
C ARG D 30 -26.27 22.38 -9.11
N ALA D 31 -26.63 22.99 -7.98
CA ALA D 31 -25.95 22.72 -6.70
C ALA D 31 -26.52 21.46 -6.04
N GLN D 32 -27.83 21.27 -6.18
CA GLN D 32 -28.54 20.13 -5.61
C GLN D 32 -28.24 18.85 -6.39
N VAL D 33 -27.77 19.00 -7.61
CA VAL D 33 -27.44 17.86 -8.45
C VAL D 33 -26.00 17.45 -8.16
N SER D 34 -25.17 18.45 -7.88
CA SER D 34 -23.76 18.18 -7.60
C SER D 34 -23.61 17.29 -6.38
N GLU D 35 -24.68 17.17 -5.61
CA GLU D 35 -24.65 16.34 -4.41
C GLU D 35 -25.14 14.95 -4.72
N ALA D 36 -26.14 14.86 -5.59
CA ALA D 36 -26.65 13.57 -5.97
C ALA D 36 -25.43 12.83 -6.51
N ILE D 37 -24.53 13.59 -7.11
CA ILE D 37 -23.32 13.03 -7.68
C ILE D 37 -22.35 12.58 -6.60
N LEU D 38 -22.28 13.33 -5.51
CA LEU D 38 -21.35 12.98 -4.44
C LEU D 38 -21.87 11.77 -3.68
N LEU D 39 -23.20 11.66 -3.62
CA LEU D 39 -23.81 10.54 -2.92
C LEU D 39 -23.69 9.29 -3.76
N ALA D 40 -23.67 9.48 -5.07
CA ALA D 40 -23.55 8.36 -6.00
C ALA D 40 -22.14 7.83 -5.90
N GLU D 41 -21.17 8.73 -5.88
CA GLU D 41 -19.77 8.34 -5.78
C GLU D 41 -19.52 7.81 -4.37
N GLY D 42 -18.29 7.39 -4.08
CA GLY D 42 -17.99 6.89 -2.74
C GLY D 42 -18.64 5.54 -2.54
N GLN D 43 -19.37 5.14 -3.57
CA GLN D 43 -20.04 3.87 -3.60
C GLN D 43 -19.42 3.19 -4.81
N LYS D 44 -18.45 3.87 -5.39
CA LYS D 44 -17.73 3.35 -6.53
C LYS D 44 -16.81 2.32 -5.93
N SER D 45 -16.26 2.64 -4.78
CA SER D 45 -15.34 1.76 -4.06
C SER D 45 -15.93 0.36 -3.91
N ALA D 46 -17.09 0.28 -3.28
CA ALA D 46 -17.73 -1.01 -3.09
C ALA D 46 -17.89 -1.72 -4.44
N VAL D 47 -18.50 -1.02 -5.38
CA VAL D 47 -18.72 -1.59 -6.71
C VAL D 47 -17.46 -2.01 -7.44
N THR D 48 -16.41 -1.19 -7.35
CA THR D 48 -15.16 -1.51 -8.01
C THR D 48 -14.58 -2.79 -7.41
N GLU D 49 -14.47 -2.80 -6.10
CA GLU D 49 -13.91 -3.95 -5.44
C GLU D 49 -14.72 -5.19 -5.80
N TYR D 50 -16.05 -5.13 -5.63
CA TYR D 50 -16.86 -6.29 -5.96
C TYR D 50 -16.54 -6.82 -7.35
N TYR D 51 -16.46 -5.94 -8.34
CA TYR D 51 -16.16 -6.36 -9.70
C TYR D 51 -14.75 -6.98 -9.86
N LEU D 52 -13.71 -6.29 -9.40
CA LEU D 52 -12.36 -6.80 -9.50
C LEU D 52 -12.15 -8.11 -8.73
N ASN D 53 -12.80 -8.25 -7.59
CA ASN D 53 -12.65 -9.48 -6.81
C ASN D 53 -13.42 -10.65 -7.42
N HIS D 54 -14.57 -10.39 -8.04
CA HIS D 54 -15.36 -11.48 -8.60
C HIS D 54 -15.53 -11.52 -10.11
N GLY D 55 -15.30 -10.41 -10.79
CA GLY D 55 -15.45 -10.40 -12.23
C GLY D 55 -16.90 -10.29 -12.67
N LYS D 56 -17.78 -9.98 -11.72
CA LYS D 56 -19.21 -9.80 -11.98
C LYS D 56 -19.62 -8.51 -11.27
N TRP D 57 -20.50 -7.72 -11.89
CA TRP D 57 -20.94 -6.47 -11.28
C TRP D 57 -21.93 -6.76 -10.18
N PRO D 58 -21.86 -5.99 -9.07
CA PRO D 58 -22.79 -6.22 -7.96
C PRO D 58 -24.24 -6.02 -8.39
N GLU D 59 -25.09 -7.03 -8.19
CA GLU D 59 -26.49 -6.94 -8.60
C GLU D 59 -27.28 -5.86 -7.91
N ASN D 60 -27.05 -5.68 -6.62
CA ASN D 60 -27.76 -4.67 -5.84
C ASN D 60 -26.92 -4.15 -4.68
N ASN D 61 -27.43 -3.18 -3.96
CA ASN D 61 -26.70 -2.59 -2.84
C ASN D 61 -26.08 -3.59 -1.88
N THR D 62 -26.86 -4.59 -1.48
CA THR D 62 -26.40 -5.61 -0.55
C THR D 62 -25.23 -6.36 -1.12
N SER D 63 -25.30 -6.69 -2.40
CA SER D 63 -24.20 -7.38 -3.04
C SER D 63 -22.96 -6.51 -2.96
N ALA D 64 -23.12 -5.22 -3.27
CA ALA D 64 -21.99 -4.29 -3.23
C ALA D 64 -21.50 -4.06 -1.82
N GLY D 65 -22.31 -4.47 -0.85
CA GLY D 65 -21.93 -4.29 0.53
C GLY D 65 -22.17 -2.86 0.96
N VAL D 66 -23.40 -2.40 0.76
CA VAL D 66 -23.78 -1.04 1.15
C VAL D 66 -25.19 -1.10 1.68
N ALA D 67 -25.60 -0.06 2.39
CA ALA D 67 -26.94 0.00 2.96
C ALA D 67 -27.88 -0.80 2.09
N SER D 68 -28.17 -2.03 2.52
CA SER D 68 -29.03 -2.94 1.79
C SER D 68 -30.29 -2.26 1.27
N SER D 69 -30.61 -1.10 1.83
CA SER D 69 -31.81 -0.37 1.44
C SER D 69 -31.47 0.90 0.65
N PRO D 70 -31.90 0.99 -0.63
CA PRO D 70 -31.63 2.17 -1.45
C PRO D 70 -31.92 3.46 -0.71
N THR D 71 -33.09 3.48 -0.07
CA THR D 71 -33.56 4.61 0.70
C THR D 71 -32.65 4.96 1.88
N ASP D 72 -31.71 4.09 2.18
CA ASP D 72 -30.81 4.35 3.29
C ASP D 72 -29.60 5.16 2.81
N ILE D 73 -29.53 5.40 1.50
CA ILE D 73 -28.44 6.17 0.91
C ILE D 73 -29.00 7.46 0.31
N LYS D 74 -29.88 8.11 1.09
CA LYS D 74 -30.50 9.35 0.66
C LYS D 74 -29.80 10.56 1.24
N GLY D 75 -30.30 11.73 0.86
CA GLY D 75 -29.75 12.97 1.33
C GLY D 75 -30.83 14.04 1.44
N LYS D 76 -30.40 15.29 1.37
CA LYS D 76 -31.30 16.44 1.45
C LYS D 76 -32.11 16.57 0.17
N TYR D 77 -31.42 16.43 -0.96
CA TYR D 77 -32.04 16.53 -2.26
C TYR D 77 -32.09 15.16 -2.90
N VAL D 78 -31.43 14.21 -2.25
CA VAL D 78 -31.37 12.86 -2.76
C VAL D 78 -32.33 11.96 -2.01
N LYS D 79 -33.26 11.37 -2.75
CA LYS D 79 -34.25 10.48 -2.16
C LYS D 79 -33.66 9.08 -2.01
N GLU D 80 -32.53 8.83 -2.68
CA GLU D 80 -31.86 7.53 -2.61
C GLU D 80 -30.73 7.32 -3.62
N VAL D 81 -30.15 6.13 -3.55
CA VAL D 81 -29.07 5.72 -4.43
C VAL D 81 -29.11 4.19 -4.48
N GLU D 82 -29.38 3.67 -5.66
CA GLU D 82 -29.49 2.23 -5.87
C GLU D 82 -28.41 1.71 -6.81
N VAL D 83 -27.88 0.55 -6.47
CA VAL D 83 -26.87 -0.11 -7.27
C VAL D 83 -27.61 -1.20 -8.00
N LYS D 84 -27.60 -1.12 -9.32
CA LYS D 84 -28.28 -2.12 -10.14
C LYS D 84 -27.29 -2.64 -11.18
N ASN D 85 -26.69 -3.79 -10.88
CA ASN D 85 -25.69 -4.43 -11.73
C ASN D 85 -24.48 -3.53 -11.96
N GLY D 86 -23.92 -3.01 -10.86
CA GLY D 86 -22.76 -2.14 -10.96
C GLY D 86 -23.08 -0.69 -11.27
N VAL D 87 -24.26 -0.44 -11.84
CA VAL D 87 -24.69 0.91 -12.17
C VAL D 87 -25.26 1.53 -10.91
N VAL D 88 -24.78 2.72 -10.54
CA VAL D 88 -25.28 3.38 -9.35
C VAL D 88 -26.07 4.60 -9.78
N THR D 89 -27.36 4.59 -9.49
CA THR D 89 -28.26 5.68 -9.85
C THR D 89 -28.68 6.49 -8.64
N ALA D 90 -28.71 7.82 -8.77
CA ALA D 90 -29.09 8.66 -7.64
C ALA D 90 -30.39 9.39 -7.97
N THR D 91 -31.39 9.26 -7.08
CA THR D 91 -32.66 9.92 -7.30
C THR D 91 -32.80 11.20 -6.48
N MET D 92 -33.34 12.23 -7.12
CA MET D 92 -33.54 13.52 -6.48
C MET D 92 -34.84 13.48 -5.69
N LEU D 93 -34.78 13.94 -4.45
CA LEU D 93 -35.95 13.97 -3.58
C LEU D 93 -37.09 14.71 -4.29
N SER D 94 -38.16 14.97 -3.56
CA SER D 94 -39.29 15.70 -4.12
C SER D 94 -39.47 17.00 -3.35
N SER D 95 -38.87 17.05 -2.17
CA SER D 95 -38.94 18.24 -1.32
C SER D 95 -37.55 18.82 -1.04
N GLY D 96 -37.43 20.13 -1.22
CA GLY D 96 -36.16 20.81 -0.98
C GLY D 96 -35.31 21.01 -2.21
N VAL D 97 -35.86 20.71 -3.38
CA VAL D 97 -35.11 20.87 -4.63
C VAL D 97 -35.68 21.91 -5.60
N ASN D 98 -35.01 22.11 -6.73
CA ASN D 98 -35.42 23.06 -7.74
C ASN D 98 -36.91 22.99 -8.04
N ASN D 99 -37.25 22.34 -9.15
CA ASN D 99 -38.63 22.21 -9.56
C ASN D 99 -38.66 21.33 -10.82
N GLU D 100 -37.63 21.44 -11.62
CA GLU D 100 -37.56 20.64 -12.83
C GLU D 100 -36.50 19.58 -12.70
N ILE D 101 -36.12 19.27 -11.47
CA ILE D 101 -35.12 18.23 -11.24
C ILE D 101 -35.51 17.21 -10.16
N LYS D 102 -36.61 17.46 -9.45
CA LYS D 102 -37.03 16.53 -8.41
C LYS D 102 -37.55 15.22 -8.98
N GLY D 103 -37.31 14.14 -8.25
CA GLY D 103 -37.73 12.83 -8.70
C GLY D 103 -36.92 12.47 -9.93
N LYS D 104 -35.92 13.29 -10.24
CA LYS D 104 -35.09 13.02 -11.41
C LYS D 104 -33.76 12.43 -10.96
N LYS D 105 -33.13 11.68 -11.84
CA LYS D 105 -31.88 11.04 -11.47
C LYS D 105 -30.77 10.90 -12.52
N LEU D 106 -29.59 10.50 -12.05
CA LEU D 106 -28.41 10.27 -12.87
C LEU D 106 -27.79 8.91 -12.53
N SER D 107 -26.77 8.50 -13.29
CA SER D 107 -26.13 7.23 -13.05
C SER D 107 -24.63 7.28 -13.20
N LEU D 108 -23.97 6.37 -12.51
CA LEU D 108 -22.53 6.22 -12.54
C LEU D 108 -22.40 4.77 -12.89
N TRP D 109 -21.58 4.45 -13.88
CA TRP D 109 -21.39 3.07 -14.27
C TRP D 109 -19.95 2.95 -14.66
N ALA D 110 -19.45 1.73 -14.68
CA ALA D 110 -18.06 1.56 -15.01
C ALA D 110 -17.87 0.60 -16.16
N ARG D 111 -16.62 0.45 -16.56
CA ARG D 111 -16.29 -0.42 -17.66
C ARG D 111 -15.00 -1.15 -17.35
N ARG D 112 -14.97 -2.43 -17.70
CA ARG D 112 -13.79 -3.24 -17.49
C ARG D 112 -12.62 -2.69 -18.29
N GLU D 113 -11.52 -2.37 -17.62
CA GLU D 113 -10.35 -1.90 -18.33
C GLU D 113 -9.44 -3.09 -18.49
N ASN D 114 -9.75 -4.14 -17.73
CA ASN D 114 -8.97 -5.37 -17.71
C ASN D 114 -7.87 -5.16 -16.68
N GLY D 115 -8.16 -5.56 -15.44
CA GLY D 115 -7.20 -5.37 -14.37
C GLY D 115 -7.62 -4.18 -13.52
N SER D 116 -8.53 -3.39 -14.08
CA SER D 116 -9.07 -2.21 -13.41
C SER D 116 -10.31 -1.77 -14.20
N VAL D 117 -10.99 -0.75 -13.71
CA VAL D 117 -12.16 -0.24 -14.41
C VAL D 117 -12.11 1.29 -14.46
N LYS D 118 -12.90 1.87 -15.38
CA LYS D 118 -12.98 3.31 -15.49
C LYS D 118 -14.45 3.71 -15.27
N TRP D 119 -14.66 4.78 -14.52
CA TRP D 119 -16.02 5.23 -14.24
C TRP D 119 -16.55 6.38 -15.10
N PHE D 120 -17.85 6.36 -15.32
CA PHE D 120 -18.51 7.37 -16.11
C PHE D 120 -19.60 7.97 -15.25
N CYS D 121 -20.05 9.16 -15.63
CA CYS D 121 -21.09 9.87 -14.88
C CYS D 121 -21.97 10.57 -15.89
N GLY D 122 -23.28 10.37 -15.80
CA GLY D 122 -24.18 11.02 -16.73
C GLY D 122 -25.63 10.77 -16.46
N GLN D 123 -26.46 10.82 -17.51
CA GLN D 123 -27.88 10.60 -17.38
C GLN D 123 -28.16 9.11 -17.25
N PRO D 124 -29.15 8.74 -16.43
CA PRO D 124 -29.56 7.35 -16.15
C PRO D 124 -29.27 6.36 -17.24
N VAL D 125 -28.75 5.20 -16.85
CA VAL D 125 -28.44 4.15 -17.80
C VAL D 125 -28.77 2.78 -17.21
N THR D 126 -28.96 1.79 -18.07
CA THR D 126 -29.27 0.44 -17.60
C THR D 126 -28.14 -0.45 -18.07
N ARG D 127 -27.81 -1.49 -17.31
CA ARG D 127 -26.75 -2.37 -17.80
C ARG D 127 -27.34 -3.50 -18.63
N THR D 128 -26.74 -3.74 -19.78
CA THR D 128 -27.19 -4.78 -20.68
C THR D 128 -26.34 -6.01 -20.38
N ASP D 129 -25.06 -5.94 -20.72
CA ASP D 129 -24.14 -7.04 -20.44
C ASP D 129 -23.00 -6.49 -19.56
N ASP D 130 -22.08 -7.36 -19.15
CA ASP D 130 -21.01 -6.93 -18.25
C ASP D 130 -20.16 -5.78 -18.75
N ASP D 131 -20.29 -5.45 -20.02
CA ASP D 131 -19.49 -4.37 -20.56
C ASP D 131 -20.31 -3.46 -21.48
N THR D 132 -21.60 -3.35 -21.19
CA THR D 132 -22.47 -2.52 -21.99
C THR D 132 -23.71 -2.09 -21.23
N VAL D 133 -24.01 -0.79 -21.30
CA VAL D 133 -25.18 -0.21 -20.66
C VAL D 133 -25.92 0.59 -21.73
N ALA D 134 -27.10 1.10 -21.42
CA ALA D 134 -27.86 1.88 -22.40
C ALA D 134 -28.75 2.87 -21.69
N ASP D 135 -29.12 3.92 -22.41
CA ASP D 135 -29.97 4.97 -21.87
C ASP D 135 -31.21 4.40 -21.24
N ALA D 136 -31.44 4.76 -19.98
CA ALA D 136 -32.63 4.32 -19.29
C ALA D 136 -33.65 5.35 -19.73
N LYS D 137 -33.82 5.50 -21.04
CA LYS D 137 -34.77 6.46 -21.61
C LYS D 137 -36.15 6.24 -21.01
N ASP D 138 -36.67 7.25 -20.32
CA ASP D 138 -37.97 7.11 -19.70
C ASP D 138 -38.61 8.45 -19.34
N GLY D 139 -37.79 9.50 -19.31
CA GLY D 139 -38.29 10.83 -19.00
C GLY D 139 -37.96 11.43 -17.64
N LYS D 140 -37.29 10.67 -16.77
CA LYS D 140 -36.96 11.18 -15.44
C LYS D 140 -35.46 11.53 -15.28
N GLU D 141 -34.75 11.67 -16.40
CA GLU D 141 -33.34 12.01 -16.34
C GLU D 141 -33.13 13.48 -16.02
N ILE D 142 -32.13 13.76 -15.19
CA ILE D 142 -31.83 15.15 -14.86
C ILE D 142 -31.33 15.78 -16.16
N ASP D 143 -31.92 16.91 -16.50
CA ASP D 143 -31.62 17.68 -17.70
C ASP D 143 -30.16 18.07 -17.85
N THR D 144 -29.63 17.89 -19.04
CA THR D 144 -28.22 18.23 -19.28
C THR D 144 -27.77 19.56 -18.65
N LYS D 145 -28.62 20.57 -18.69
CA LYS D 145 -28.24 21.86 -18.15
C LYS D 145 -27.88 21.82 -16.67
N HIS D 146 -28.41 20.85 -15.93
CA HIS D 146 -28.13 20.75 -14.51
C HIS D 146 -26.95 19.87 -14.16
N LEU D 147 -26.35 19.25 -15.16
CA LEU D 147 -25.23 18.37 -14.93
C LEU D 147 -23.87 19.02 -15.14
N PRO D 148 -22.93 18.78 -14.21
CA PRO D 148 -21.57 19.32 -14.28
C PRO D 148 -20.96 18.98 -15.63
N SER D 149 -19.82 19.59 -15.91
CA SER D 149 -19.09 19.33 -17.15
C SER D 149 -18.46 17.94 -17.03
N THR D 150 -18.23 17.51 -15.78
CA THR D 150 -17.62 16.23 -15.52
C THR D 150 -18.64 15.10 -15.51
N CYS D 151 -19.91 15.40 -15.77
CA CYS D 151 -20.91 14.33 -15.75
C CYS D 151 -21.80 14.44 -16.97
N ARG D 152 -21.16 14.55 -18.13
CA ARG D 152 -21.88 14.64 -19.40
C ARG D 152 -21.67 13.37 -20.20
N ASP D 153 -21.29 12.27 -19.55
CA ASP D 153 -21.05 11.02 -20.28
C ASP D 153 -22.26 10.32 -20.92
N ASN D 154 -22.05 9.84 -22.14
CA ASN D 154 -23.07 9.10 -22.89
C ASN D 154 -22.97 7.60 -22.65
N PHE D 155 -24.09 6.90 -22.84
CA PHE D 155 -24.15 5.48 -22.61
C PHE D 155 -22.98 4.72 -23.27
N ASP D 156 -22.49 5.21 -24.40
CA ASP D 156 -21.39 4.50 -25.07
C ASP D 156 -20.01 5.12 -24.90
N ALA D 157 -19.84 5.94 -23.88
CA ALA D 157 -18.55 6.55 -23.63
C ALA D 157 -17.54 5.44 -23.34
N LYS D 158 -16.32 5.57 -23.83
CA LYS D 158 -15.32 4.56 -23.55
C LYS D 158 -14.11 5.24 -22.94
N MEA E 1 -34.40 59.22 -12.88
CA MEA E 1 -35.28 59.56 -11.71
C MEA E 1 -35.24 58.50 -10.61
O MEA E 1 -35.42 58.83 -9.43
N THR E 2 -34.99 57.24 -10.97
CA THR E 2 -35.14 56.11 -10.04
C THR E 2 -34.16 54.94 -10.18
N LEU E 3 -34.40 54.11 -11.20
CA LEU E 3 -33.97 52.71 -11.23
C LEU E 3 -32.47 52.49 -11.42
N ILE E 4 -31.72 52.49 -10.31
CA ILE E 4 -30.28 52.25 -10.37
C ILE E 4 -29.84 51.03 -9.54
N GLU E 5 -30.73 50.56 -8.68
CA GLU E 5 -30.46 49.40 -7.83
C GLU E 5 -30.39 48.11 -8.65
N LEU E 6 -31.26 48.01 -9.67
CA LEU E 6 -31.26 46.87 -10.58
C LEU E 6 -30.07 46.93 -11.55
N MET E 7 -29.73 48.15 -11.96
CA MET E 7 -28.67 48.38 -12.94
C MET E 7 -27.27 48.17 -12.36
N ILE E 8 -27.06 48.61 -11.12
CA ILE E 8 -25.76 48.44 -10.46
C ILE E 8 -25.54 47.00 -9.99
N VAL E 9 -26.58 46.38 -9.42
CA VAL E 9 -26.49 45.01 -8.92
C VAL E 9 -26.38 43.95 -10.03
N ILE E 10 -26.86 44.26 -11.23
CA ILE E 10 -26.61 43.40 -12.39
C ILE E 10 -25.19 43.60 -12.91
N ALA E 11 -24.62 44.77 -12.64
CA ALA E 11 -23.27 45.13 -13.10
C ALA E 11 -22.19 44.86 -12.05
N ILE E 12 -22.60 44.56 -10.82
CA ILE E 12 -21.65 44.10 -9.81
C ILE E 12 -21.48 42.59 -9.85
N VAL E 13 -22.51 41.88 -10.26
CA VAL E 13 -22.46 40.43 -10.45
C VAL E 13 -21.68 40.11 -11.73
N GLY E 14 -21.79 41.01 -12.71
CA GLY E 14 -21.03 40.92 -13.94
C GLY E 14 -19.53 41.08 -13.71
N ILE E 15 -19.16 42.09 -12.92
CA ILE E 15 -17.75 42.31 -12.56
C ILE E 15 -17.27 41.32 -11.50
N LEU E 16 -18.19 40.75 -10.73
CA LEU E 16 -17.87 39.72 -9.74
C LEU E 16 -17.44 38.43 -10.45
N ALA E 17 -18.09 38.14 -11.58
CA ALA E 17 -17.73 37.00 -12.41
C ALA E 17 -16.36 37.18 -13.07
N ALA E 18 -16.06 38.43 -13.44
CA ALA E 18 -14.77 38.78 -14.03
C ALA E 18 -13.62 38.67 -13.03
N VAL E 19 -13.91 38.95 -11.77
CA VAL E 19 -12.92 38.79 -10.69
C VAL E 19 -12.82 37.33 -10.26
N ALA E 20 -13.94 36.61 -10.31
CA ALA E 20 -13.98 35.19 -10.00
C ALA E 20 -13.51 34.32 -11.17
N LEU E 21 -13.25 34.96 -12.32
CA LEU E 21 -12.84 34.26 -13.54
C LEU E 21 -11.41 33.69 -13.46
N PRO E 22 -10.41 34.49 -13.11
CA PRO E 22 -9.02 33.99 -13.02
C PRO E 22 -8.79 33.05 -11.84
N ALA E 23 -9.57 33.20 -10.78
CA ALA E 23 -9.46 32.33 -9.60
C ALA E 23 -9.92 30.91 -9.90
N TYR E 24 -11.05 30.80 -10.59
CA TYR E 24 -11.61 29.51 -11.02
C TYR E 24 -10.80 28.94 -12.19
N GLN E 25 -10.27 29.82 -13.04
CA GLN E 25 -9.35 29.42 -14.11
C GLN E 25 -7.99 28.99 -13.59
N ASP E 26 -7.61 29.48 -12.42
CA ASP E 26 -6.11 28.62 -12.09
C ASP E 26 -6.44 27.51 -11.13
N TYR E 27 -7.49 27.70 -10.33
CA TYR E 27 -7.89 26.66 -9.41
C TYR E 27 -8.23 25.49 -10.30
N THR E 28 -8.87 25.80 -11.41
CA THR E 28 -9.29 24.81 -12.37
C THR E 28 -8.11 24.08 -13.00
N ALA E 29 -7.17 24.83 -13.57
CA ALA E 29 -6.00 24.23 -14.21
C ALA E 29 -5.19 23.42 -13.22
N ARG E 30 -5.00 24.00 -12.04
CA ARG E 30 -4.25 23.38 -10.96
C ARG E 30 -4.92 22.09 -10.58
N ALA E 31 -6.20 21.97 -10.90
CA ALA E 31 -6.97 20.76 -10.59
C ALA E 31 -6.77 19.70 -11.67
N GLN E 32 -6.66 20.15 -12.92
CA GLN E 32 -6.47 19.29 -14.07
C GLN E 32 -5.04 18.74 -14.12
N VAL E 33 -4.13 19.40 -13.43
CA VAL E 33 -2.75 18.97 -13.38
C VAL E 33 -2.59 17.97 -12.27
N SER E 34 -3.34 18.17 -11.19
CA SER E 34 -3.27 17.27 -10.05
C SER E 34 -3.65 15.86 -10.43
N GLU E 35 -4.29 15.72 -11.59
CA GLU E 35 -4.69 14.41 -12.07
C GLU E 35 -3.65 13.81 -12.96
N ALA E 36 -3.02 14.65 -13.76
CA ALA E 36 -1.97 14.17 -14.63
C ALA E 36 -0.97 13.51 -13.69
N ILE E 37 -0.88 14.06 -12.49
CA ILE E 37 0.02 13.54 -11.49
C ILE E 37 -0.46 12.20 -10.94
N LEU E 38 -1.77 12.04 -10.79
CA LEU E 38 -2.29 10.80 -10.25
C LEU E 38 -2.20 9.70 -11.28
N LEU E 39 -2.30 10.09 -12.55
CA LEU E 39 -2.22 9.13 -13.63
C LEU E 39 -0.77 8.72 -13.83
N ALA E 40 0.14 9.63 -13.51
CA ALA E 40 1.55 9.35 -13.65
C ALA E 40 1.96 8.37 -12.56
N GLU E 41 1.47 8.62 -11.35
CA GLU E 41 1.76 7.74 -10.23
C GLU E 41 1.00 6.42 -10.43
N GLY E 42 1.16 5.50 -9.50
CA GLY E 42 0.45 4.22 -9.63
C GLY E 42 1.06 3.39 -10.74
N GLN E 43 2.04 4.02 -11.38
CA GLN E 43 2.79 3.40 -12.44
C GLN E 43 4.21 3.41 -11.93
N LYS E 44 4.34 3.86 -10.69
CA LYS E 44 5.61 3.91 -10.02
C LYS E 44 5.88 2.47 -9.65
N SER E 45 4.83 1.79 -9.21
CA SER E 45 4.89 0.39 -8.82
C SER E 45 5.58 -0.45 -9.88
N ALA E 46 5.03 -0.44 -11.09
CA ALA E 46 5.61 -1.22 -12.16
C ALA E 46 7.09 -0.84 -12.33
N VAL E 47 7.35 0.45 -12.49
CA VAL E 47 8.71 0.92 -12.67
C VAL E 47 9.66 0.59 -11.53
N THR E 48 9.19 0.71 -10.30
CA THR E 48 10.02 0.39 -9.15
C THR E 48 10.39 -1.09 -9.17
N GLU E 49 9.38 -1.93 -9.30
CA GLU E 49 9.63 -3.34 -9.31
C GLU E 49 10.59 -3.68 -10.45
N TYR E 50 10.29 -3.23 -11.67
CA TYR E 50 11.19 -3.53 -12.76
C TYR E 50 12.64 -3.19 -12.43
N TYR E 51 12.87 -2.01 -11.87
CA TYR E 51 14.23 -1.61 -11.51
C TYR E 51 14.88 -2.49 -10.42
N LEU E 52 14.18 -2.68 -9.30
CA LEU E 52 14.71 -3.50 -8.21
C LEU E 52 14.94 -4.95 -8.62
N ASN E 53 14.06 -5.50 -9.47
CA ASN E 53 14.23 -6.88 -9.90
C ASN E 53 15.35 -7.05 -10.92
N HIS E 54 15.57 -6.04 -11.78
CA HIS E 54 16.60 -6.16 -12.80
C HIS E 54 17.80 -5.23 -12.71
N GLY E 55 17.65 -4.12 -11.99
CA GLY E 55 18.77 -3.19 -11.88
C GLY E 55 18.90 -2.30 -13.08
N LYS E 56 17.89 -2.31 -13.96
CA LYS E 56 17.85 -1.47 -15.15
C LYS E 56 16.46 -0.84 -15.19
N TRP E 57 16.37 0.43 -15.61
CA TRP E 57 15.07 1.11 -15.67
C TRP E 57 14.29 0.63 -16.87
N PRO E 58 12.97 0.47 -16.72
CA PRO E 58 12.16 -0.01 -17.86
C PRO E 58 12.23 0.97 -19.03
N GLU E 59 12.61 0.46 -20.20
CA GLU E 59 12.76 1.31 -21.38
C GLU E 59 11.46 1.96 -21.85
N ASN E 60 10.37 1.22 -21.79
CA ASN E 60 9.07 1.73 -22.22
C ASN E 60 7.93 1.08 -21.45
N ASN E 61 6.70 1.53 -21.70
CA ASN E 61 5.54 0.98 -21.00
C ASN E 61 5.46 -0.53 -20.96
N THR E 62 5.69 -1.17 -22.11
CA THR E 62 5.63 -2.62 -22.21
C THR E 62 6.66 -3.26 -21.29
N SER E 63 7.85 -2.69 -21.27
CA SER E 63 8.89 -3.21 -20.39
C SER E 63 8.40 -3.13 -18.95
N ALA E 64 7.84 -1.98 -18.59
CA ALA E 64 7.35 -1.79 -17.23
C ALA E 64 6.14 -2.66 -16.94
N GLY E 65 5.57 -3.22 -17.99
CA GLY E 65 4.41 -4.07 -17.81
C GLY E 65 3.17 -3.23 -17.59
N VAL E 66 2.92 -2.31 -18.52
CA VAL E 66 1.75 -1.44 -18.45
C VAL E 66 1.24 -1.26 -19.85
N ALA E 67 0.00 -0.80 -19.98
CA ALA E 67 -0.62 -0.59 -21.29
C ALA E 67 0.48 -0.26 -22.30
N SER E 68 0.85 -1.27 -23.07
CA SER E 68 1.91 -1.13 -24.06
C SER E 68 1.78 0.13 -24.87
N SER E 69 0.60 0.74 -24.85
CA SER E 69 0.34 1.94 -25.63
C SER E 69 0.21 3.18 -24.73
N PRO E 70 1.11 4.17 -24.87
CA PRO E 70 1.06 5.39 -24.06
C PRO E 70 -0.35 5.97 -24.00
N THR E 71 -0.97 6.04 -25.17
CA THR E 71 -2.33 6.56 -25.33
C THR E 71 -3.36 5.75 -24.57
N ASP E 72 -2.97 4.59 -24.06
CA ASP E 72 -3.92 3.77 -23.33
C ASP E 72 -3.93 4.15 -21.85
N ILE E 73 -3.05 5.09 -21.49
CA ILE E 73 -2.96 5.55 -20.10
C ILE E 73 -3.34 7.03 -20.05
N LYS E 74 -4.42 7.36 -20.75
CA LYS E 74 -4.91 8.72 -20.81
C LYS E 74 -6.05 8.96 -19.83
N GLY E 75 -6.51 10.20 -19.81
CA GLY E 75 -7.61 10.57 -18.94
C GLY E 75 -8.45 11.67 -19.56
N LYS E 76 -9.12 12.43 -18.71
CA LYS E 76 -9.98 13.52 -19.13
C LYS E 76 -9.14 14.71 -19.61
N TYR E 77 -8.10 15.01 -18.84
CA TYR E 77 -7.21 16.11 -19.16
C TYR E 77 -5.87 15.55 -19.58
N VAL E 78 -5.72 14.23 -19.42
CA VAL E 78 -4.49 13.56 -19.77
C VAL E 78 -4.61 12.85 -21.09
N LYS E 79 -3.76 13.25 -22.04
CA LYS E 79 -3.76 12.65 -23.36
C LYS E 79 -2.96 11.35 -23.35
N GLU E 80 -2.17 11.14 -22.29
CA GLU E 80 -1.37 9.94 -22.15
C GLU E 80 -0.33 9.96 -21.02
N VAL E 81 0.40 8.86 -20.92
CA VAL E 81 1.43 8.67 -19.93
C VAL E 81 2.41 7.65 -20.51
N GLU E 82 3.64 8.10 -20.75
CA GLU E 82 4.67 7.26 -21.32
C GLU E 82 5.82 7.05 -20.35
N VAL E 83 6.33 5.82 -20.34
CA VAL E 83 7.46 5.45 -19.51
C VAL E 83 8.63 5.41 -20.46
N LYS E 84 9.61 6.25 -20.20
CA LYS E 84 10.80 6.30 -21.03
C LYS E 84 12.03 6.18 -20.14
N ASN E 85 12.56 4.96 -20.05
CA ASN E 85 13.71 4.63 -19.22
C ASN E 85 13.45 4.94 -17.75
N GLY E 86 12.34 4.43 -17.24
CA GLY E 86 11.98 4.65 -15.84
C GLY E 86 11.31 5.98 -15.56
N VAL E 87 11.48 6.95 -16.45
CA VAL E 87 10.87 8.26 -16.31
C VAL E 87 9.44 8.16 -16.82
N VAL E 88 8.47 8.58 -16.02
CA VAL E 88 7.09 8.53 -16.45
C VAL E 88 6.59 9.95 -16.65
N THR E 89 6.24 10.26 -17.90
CA THR E 89 5.78 11.59 -18.28
C THR E 89 4.28 11.59 -18.57
N ALA E 90 3.57 12.62 -18.10
CA ALA E 90 2.13 12.69 -18.35
C ALA E 90 1.81 13.89 -19.22
N THR E 91 1.11 13.65 -20.32
CA THR E 91 0.74 14.73 -21.23
C THR E 91 -0.70 15.19 -21.03
N MET E 92 -0.87 16.51 -21.05
CA MET E 92 -2.18 17.10 -20.88
C MET E 92 -2.91 17.11 -22.23
N LEU E 93 -4.15 16.65 -22.22
CA LEU E 93 -4.97 16.61 -23.43
C LEU E 93 -4.98 17.99 -24.08
N SER E 94 -5.81 18.16 -25.11
CA SER E 94 -5.93 19.43 -25.78
C SER E 94 -7.35 19.95 -25.61
N SER E 95 -8.25 19.05 -25.24
CA SER E 95 -9.65 19.39 -25.03
C SER E 95 -10.09 19.10 -23.59
N GLY E 96 -10.75 20.08 -22.98
CA GLY E 96 -11.23 19.92 -21.62
C GLY E 96 -10.31 20.48 -20.55
N VAL E 97 -9.26 21.19 -20.96
CA VAL E 97 -8.31 21.75 -20.00
C VAL E 97 -8.26 23.29 -20.00
N ASN E 98 -7.42 23.84 -19.12
CA ASN E 98 -7.27 25.28 -18.98
C ASN E 98 -7.13 25.97 -20.31
N ASN E 99 -5.89 26.32 -20.66
CA ASN E 99 -5.62 27.01 -21.92
C ASN E 99 -4.11 27.16 -22.04
N GLU E 100 -3.44 27.32 -20.92
CA GLU E 100 -2.00 27.46 -20.94
C GLU E 100 -1.34 26.22 -20.37
N ILE E 101 -2.09 25.12 -20.34
CA ILE E 101 -1.53 23.87 -19.83
C ILE E 101 -1.78 22.66 -20.74
N LYS E 102 -2.59 22.83 -21.78
CA LYS E 102 -2.87 21.72 -22.68
C LYS E 102 -1.67 21.34 -23.54
N GLY E 103 -1.55 20.05 -23.82
CA GLY E 103 -0.43 19.57 -24.60
C GLY E 103 0.82 19.73 -23.77
N LYS E 104 0.66 20.12 -22.51
CA LYS E 104 1.82 20.30 -21.64
C LYS E 104 1.96 19.12 -20.71
N LYS E 105 3.18 18.87 -20.25
CA LYS E 105 3.39 17.71 -19.39
C LYS E 105 4.41 17.82 -18.25
N LEU E 106 4.40 16.80 -17.39
CA LEU E 106 5.29 16.68 -16.25
C LEU E 106 5.93 15.28 -16.22
N SER E 107 6.87 15.05 -15.30
CA SER E 107 7.53 13.77 -15.22
C SER E 107 7.76 13.32 -13.79
N LEU E 108 7.84 12.02 -13.64
CA LEU E 108 8.09 11.37 -12.37
C LEU E 108 9.28 10.51 -12.71
N TRP E 109 10.33 10.58 -11.89
CA TRP E 109 11.50 9.77 -12.15
C TRP E 109 12.01 9.35 -10.81
N ALA E 110 12.82 8.32 -10.78
CA ALA E 110 13.32 7.86 -9.51
C ALA E 110 14.83 7.80 -9.48
N ARG E 111 15.35 7.46 -8.31
CA ARG E 111 16.78 7.38 -8.14
C ARG E 111 17.12 6.19 -7.27
N ARG E 112 18.18 5.48 -7.64
CA ARG E 112 18.62 4.33 -6.89
C ARG E 112 19.02 4.75 -5.48
N GLU E 113 18.40 4.15 -4.47
CA GLU E 113 18.78 4.46 -3.11
C GLU E 113 19.73 3.36 -2.66
N ASN E 114 19.75 2.29 -3.45
CA ASN E 114 20.57 1.11 -3.19
C ASN E 114 19.74 0.22 -2.28
N GLY E 115 18.98 -0.69 -2.90
CA GLY E 115 18.12 -1.58 -2.14
C GLY E 115 16.69 -1.09 -2.24
N SER E 116 16.54 0.16 -2.69
CA SER E 116 15.24 0.79 -2.88
C SER E 116 15.48 2.04 -3.72
N VAL E 117 14.40 2.74 -4.07
CA VAL E 117 14.52 3.97 -4.85
C VAL E 117 13.63 5.05 -4.24
N LYS E 118 13.90 6.30 -4.60
CA LYS E 118 13.10 7.42 -4.15
C LYS E 118 12.54 8.13 -5.38
N TRP E 119 11.27 8.52 -5.32
CA TRP E 119 10.65 9.19 -6.45
C TRP E 119 10.56 10.71 -6.38
N PHE E 120 10.62 11.33 -7.55
CA PHE E 120 10.56 12.77 -7.65
C PHE E 120 9.41 13.10 -8.59
N CYS E 121 8.93 14.32 -8.50
CA CYS E 121 7.81 14.78 -9.33
C CYS E 121 8.08 16.22 -9.72
N GLY E 122 8.01 16.52 -11.00
CA GLY E 122 8.26 17.89 -11.43
C GLY E 122 8.05 18.11 -12.91
N GLN E 123 8.77 19.09 -13.46
CA GLN E 123 8.67 19.41 -14.88
C GLN E 123 9.46 18.39 -15.69
N PRO E 124 8.94 18.02 -16.87
CA PRO E 124 9.54 17.05 -17.79
C PRO E 124 11.04 16.89 -17.70
N VAL E 125 11.50 15.64 -17.70
CA VAL E 125 12.92 15.36 -17.63
C VAL E 125 13.26 14.17 -18.53
N THR E 126 14.53 14.06 -18.90
CA THR E 126 14.97 12.96 -19.76
C THR E 126 15.99 12.17 -18.95
N ARG E 127 16.08 10.87 -19.15
CA ARG E 127 17.09 10.14 -18.41
C ARG E 127 18.38 10.06 -19.22
N THR E 128 19.49 10.37 -18.56
CA THR E 128 20.79 10.33 -19.19
C THR E 128 21.39 8.97 -18.90
N ASP E 129 21.75 8.72 -17.65
CA ASP E 129 22.28 7.44 -17.25
C ASP E 129 21.38 6.85 -16.15
N ASP E 130 21.67 5.65 -15.69
CA ASP E 130 20.80 5.00 -14.71
C ASP E 130 20.57 5.77 -13.42
N ASP E 131 21.35 6.81 -13.21
CA ASP E 131 21.18 7.59 -12.00
C ASP E 131 21.25 9.08 -12.27
N THR E 132 20.83 9.49 -13.46
CA THR E 132 20.87 10.89 -13.82
C THR E 132 19.90 11.22 -14.94
N VAL E 133 19.12 12.27 -14.74
CA VAL E 133 18.15 12.75 -15.71
C VAL E 133 18.43 14.24 -15.91
N ALA E 134 17.75 14.87 -16.87
CA ALA E 134 17.96 16.30 -17.12
C ALA E 134 16.71 16.91 -17.71
N ASP E 135 16.60 18.23 -17.55
CA ASP E 135 15.46 18.96 -18.04
C ASP E 135 15.19 18.65 -19.49
N ALA E 136 13.97 18.24 -19.79
CA ALA E 136 13.58 17.99 -21.15
C ALA E 136 13.19 19.36 -21.66
N LYS E 137 14.11 20.32 -21.53
CA LYS E 137 13.87 21.70 -21.96
C LYS E 137 13.40 21.73 -23.41
N ASP E 138 12.20 22.21 -23.65
CA ASP E 138 11.67 22.25 -24.99
C ASP E 138 10.50 23.21 -25.15
N GLY E 139 9.91 23.62 -24.03
CA GLY E 139 8.79 24.55 -24.06
C GLY E 139 7.40 24.03 -23.78
N LYS E 140 7.25 22.72 -23.59
CA LYS E 140 5.93 22.15 -23.33
C LYS E 140 5.73 21.73 -21.84
N GLU E 141 6.59 22.22 -20.97
CA GLU E 141 6.47 21.88 -19.56
C GLU E 141 5.33 22.63 -18.89
N ILE E 142 4.60 21.96 -18.01
CA ILE E 142 3.52 22.61 -17.30
C ILE E 142 4.19 23.63 -16.39
N ASP E 143 3.71 24.86 -16.47
CA ASP E 143 4.20 26.01 -15.71
C ASP E 143 4.21 25.81 -14.21
N THR E 144 5.30 26.19 -13.57
CA THR E 144 5.41 26.03 -12.13
C THR E 144 4.15 26.41 -11.35
N LYS E 145 3.48 27.47 -11.76
CA LYS E 145 2.30 27.90 -11.03
C LYS E 145 1.20 26.85 -10.97
N HIS E 146 1.17 25.93 -11.93
CA HIS E 146 0.14 24.90 -11.96
C HIS E 146 0.53 23.63 -11.24
N LEU E 147 1.75 23.56 -10.74
CA LEU E 147 2.21 22.36 -10.07
C LEU E 147 2.11 22.43 -8.55
N PRO E 148 1.62 21.34 -7.94
CA PRO E 148 1.47 21.24 -6.49
C PRO E 148 2.80 21.56 -5.80
N SER E 149 2.75 21.73 -4.50
CA SER E 149 3.94 22.01 -3.71
C SER E 149 4.77 20.70 -3.66
N THR E 150 4.08 19.58 -3.81
CA THR E 150 4.72 18.28 -3.76
C THR E 150 5.31 17.88 -5.10
N CYS E 151 5.20 18.73 -6.11
CA CYS E 151 5.75 18.36 -7.41
C CYS E 151 6.56 19.51 -7.99
N ARG E 152 7.45 20.05 -7.16
CA ARG E 152 8.32 21.14 -7.57
C ARG E 152 9.75 20.64 -7.70
N ASP E 153 9.96 19.35 -7.85
CA ASP E 153 11.32 18.80 -7.95
C ASP E 153 12.15 19.17 -9.20
N ASN E 154 13.41 19.48 -8.99
CA ASN E 154 14.36 19.82 -10.06
C ASN E 154 15.11 18.57 -10.55
N PHE E 155 15.57 18.62 -11.78
CA PHE E 155 16.27 17.52 -12.39
C PHE E 155 17.35 16.93 -11.48
N ASP E 156 18.00 17.76 -10.66
CA ASP E 156 19.06 17.25 -9.79
C ASP E 156 18.67 17.05 -8.33
N ALA E 157 17.38 16.93 -8.05
CA ALA E 157 16.94 16.71 -6.69
C ALA E 157 17.49 15.37 -6.21
N LYS E 158 17.91 15.30 -4.96
CA LYS E 158 18.41 14.03 -4.46
C LYS E 158 17.63 13.68 -3.21
N MEA F 1 -25.44 53.31 -4.20
CA MEA F 1 -26.64 53.19 -5.07
C MEA F 1 -26.85 51.76 -5.61
O MEA F 1 -27.99 51.36 -5.86
N THR F 2 -25.76 51.01 -5.77
CA THR F 2 -25.82 49.72 -6.46
C THR F 2 -24.89 48.60 -5.97
N LEU F 3 -23.60 48.73 -6.31
CA LEU F 3 -22.67 47.60 -6.41
C LEU F 3 -22.25 46.97 -5.08
N ILE F 4 -23.04 46.03 -4.58
CA ILE F 4 -22.71 45.34 -3.34
C ILE F 4 -22.57 43.82 -3.51
N GLU F 5 -23.03 43.31 -4.65
CA GLU F 5 -22.96 41.88 -4.97
C GLU F 5 -21.51 41.45 -5.22
N LEU F 6 -20.74 42.31 -5.88
CA LEU F 6 -19.32 42.06 -6.13
C LEU F 6 -18.50 42.24 -4.86
N MET F 7 -18.89 43.21 -4.03
CA MET F 7 -18.17 43.54 -2.80
C MET F 7 -18.36 42.50 -1.70
N ILE F 8 -19.58 41.99 -1.57
CA ILE F 8 -19.86 40.98 -0.54
C ILE F 8 -19.32 39.59 -0.94
N VAL F 9 -19.48 39.22 -2.21
CA VAL F 9 -19.02 37.92 -2.70
C VAL F 9 -17.49 37.81 -2.79
N ILE F 10 -16.79 38.93 -2.92
CA ILE F 10 -15.33 38.93 -2.80
C ILE F 10 -14.91 38.83 -1.33
N ALA F 11 -15.79 39.27 -0.43
CA ALA F 11 -15.52 39.28 1.00
C ALA F 11 -16.07 38.04 1.72
N ILE F 12 -16.88 37.25 1.03
CA ILE F 12 -17.32 35.95 1.56
C ILE F 12 -16.33 34.84 1.18
N VAL F 13 -15.67 35.00 0.04
CA VAL F 13 -14.62 34.07 -0.38
C VAL F 13 -13.35 34.33 0.44
N GLY F 14 -13.14 35.58 0.82
CA GLY F 14 -12.05 35.96 1.71
C GLY F 14 -12.20 35.36 3.09
N ILE F 15 -13.40 35.45 3.66
CA ILE F 15 -13.68 34.85 4.96
C ILE F 15 -13.85 33.32 4.88
N LEU F 16 -14.19 32.83 3.69
CA LEU F 16 -14.30 31.39 3.45
C LEU F 16 -12.91 30.74 3.51
N ALA F 17 -11.91 31.46 3.00
CA ALA F 17 -10.52 31.02 3.06
C ALA F 17 -9.99 31.02 4.49
N ALA F 18 -10.44 32.00 5.28
CA ALA F 18 -10.07 32.11 6.69
C ALA F 18 -10.67 30.98 7.54
N VAL F 19 -11.86 30.53 7.16
CA VAL F 19 -12.52 29.40 7.82
C VAL F 19 -11.93 28.07 7.31
N ALA F 20 -11.56 28.04 6.03
CA ALA F 20 -10.93 26.86 5.44
C ALA F 20 -9.43 26.78 5.76
N LEU F 21 -8.91 27.81 6.43
CA LEU F 21 -7.49 27.89 6.76
C LEU F 21 -7.06 26.90 7.84
N PRO F 22 -7.73 26.87 9.00
CA PRO F 22 -7.36 25.92 10.08
C PRO F 22 -7.69 24.46 9.76
N ALA F 23 -8.69 24.22 8.91
CA ALA F 23 -9.06 22.87 8.49
C ALA F 23 -7.98 22.24 7.62
N TYR F 24 -7.49 23.01 6.65
CA TYR F 24 -6.41 22.58 5.75
C TYR F 24 -5.07 22.56 6.49
N GLN F 25 -4.90 23.49 7.44
CA GLN F 25 -3.73 23.50 8.31
C GLN F 25 -3.74 22.36 9.33
N ASP F 26 -4.92 21.86 9.66
CA ASP F 26 -4.51 20.48 10.67
C ASP F 26 -4.60 19.25 9.80
N TYR F 27 -5.44 19.31 8.77
CA TYR F 27 -5.56 18.18 7.86
C TYR F 27 -4.17 18.02 7.29
N THR F 28 -3.57 19.16 7.00
CA THR F 28 -2.24 19.19 6.42
C THR F 28 -1.18 18.61 7.35
N ALA F 29 -1.11 19.11 8.58
CA ALA F 29 -0.13 18.62 9.55
C ALA F 29 -0.33 17.15 9.84
N ARG F 30 -1.59 16.78 10.02
CA ARG F 30 -1.99 15.42 10.30
C ARG F 30 -1.54 14.53 9.16
N ALA F 31 -1.35 15.13 7.99
CA ALA F 31 -0.91 14.39 6.80
C ALA F 31 0.61 14.22 6.79
N GLN F 32 1.31 15.25 7.27
CA GLN F 32 2.76 15.26 7.33
C GLN F 32 3.27 14.35 8.45
N VAL F 33 2.41 14.05 9.40
CA VAL F 33 2.78 13.19 10.51
C VAL F 33 2.54 11.76 10.10
N SER F 34 1.49 11.53 9.31
CA SER F 34 1.17 10.19 8.85
C SER F 34 2.31 9.58 8.06
N GLU F 35 3.23 10.43 7.63
CA GLU F 35 4.37 9.95 6.87
C GLU F 35 5.54 9.66 7.76
N ALA F 36 5.71 10.49 8.77
CA ALA F 36 6.79 10.27 9.72
C ALA F 36 6.55 8.85 10.24
N ILE F 37 5.28 8.48 10.30
CA ILE F 37 4.89 7.16 10.78
C ILE F 37 5.25 6.09 9.76
N LEU F 38 5.10 6.40 8.48
CA LEU F 38 5.41 5.40 7.46
C LEU F 38 6.90 5.22 7.33
N LEU F 39 7.64 6.29 7.59
CA LEU F 39 9.08 6.23 7.51
C LEU F 39 9.63 5.50 8.72
N ALA F 40 8.91 5.60 9.83
CA ALA F 40 9.33 4.94 11.05
C ALA F 40 9.11 3.45 10.87
N GLU F 41 7.97 3.08 10.32
CA GLU F 41 7.65 1.68 10.08
C GLU F 41 8.55 1.17 8.95
N GLY F 42 8.41 -0.10 8.59
CA GLY F 42 9.23 -0.64 7.52
C GLY F 42 10.68 -0.79 7.97
N GLN F 43 10.88 -0.34 9.20
CA GLN F 43 12.16 -0.43 9.84
C GLN F 43 11.88 -1.28 11.06
N LYS F 44 10.65 -1.76 11.13
CA LYS F 44 10.22 -2.61 12.20
C LYS F 44 10.84 -3.95 11.87
N SER F 45 10.82 -4.28 10.58
CA SER F 45 11.39 -5.53 10.08
C SER F 45 12.79 -5.75 10.59
N ALA F 46 13.68 -4.80 10.29
CA ALA F 46 15.05 -4.92 10.74
C ALA F 46 15.09 -5.13 12.25
N VAL F 47 14.44 -4.24 12.99
CA VAL F 47 14.42 -4.32 14.44
C VAL F 47 13.83 -5.60 14.98
N THR F 48 12.75 -6.07 14.38
CA THR F 48 12.13 -7.30 14.83
C THR F 48 13.08 -8.48 14.65
N GLU F 49 13.61 -8.59 13.45
CA GLU F 49 14.52 -9.67 13.16
C GLU F 49 15.70 -9.60 14.12
N TYR F 50 16.35 -8.43 14.22
CA TYR F 50 17.49 -8.34 15.12
C TYR F 50 17.15 -8.86 16.52
N TYR F 51 16.01 -8.46 17.06
CA TYR F 51 15.60 -8.92 18.39
C TYR F 51 15.36 -10.44 18.48
N LEU F 52 14.53 -10.97 17.59
CA LEU F 52 14.24 -12.41 17.58
C LEU F 52 15.49 -13.26 17.34
N ASN F 53 16.39 -12.80 16.49
CA ASN F 53 17.60 -13.58 16.23
C ASN F 53 18.61 -13.51 17.37
N HIS F 54 18.68 -12.39 18.07
CA HIS F 54 19.65 -12.25 19.15
C HIS F 54 19.12 -12.11 20.58
N GLY F 55 17.86 -11.71 20.71
CA GLY F 55 17.30 -11.56 22.05
C GLY F 55 17.71 -10.25 22.70
N LYS F 56 18.30 -9.35 21.91
CA LYS F 56 18.72 -8.03 22.38
C LYS F 56 18.22 -7.02 21.34
N TRP F 57 17.76 -5.85 21.78
CA TRP F 57 17.27 -4.84 20.86
C TRP F 57 18.42 -4.16 20.17
N PRO F 58 18.28 -3.85 18.86
CA PRO F 58 19.39 -3.18 18.15
C PRO F 58 19.70 -1.83 18.77
N GLU F 59 20.97 -1.63 19.13
CA GLU F 59 21.39 -0.38 19.76
C GLU F 59 21.22 0.86 18.90
N ASN F 60 21.53 0.73 17.61
CA ASN F 60 21.42 1.84 16.68
C ASN F 60 21.13 1.36 15.27
N ASN F 61 20.92 2.30 14.35
CA ASN F 61 20.60 1.95 12.96
C ASN F 61 21.50 0.89 12.35
N THR F 62 22.81 1.05 12.53
CA THR F 62 23.77 0.10 11.97
C THR F 62 23.56 -1.28 12.53
N SER F 63 23.30 -1.36 13.83
CA SER F 63 23.03 -2.65 14.43
C SER F 63 21.81 -3.27 13.77
N ALA F 64 20.76 -2.46 13.60
CA ALA F 64 19.53 -2.95 12.99
C ALA F 64 19.72 -3.27 11.52
N GLY F 65 20.84 -2.82 10.97
CA GLY F 65 21.12 -3.07 9.57
C GLY F 65 20.31 -2.14 8.70
N VAL F 66 20.44 -0.83 8.95
CA VAL F 66 19.74 0.17 8.18
C VAL F 66 20.68 1.35 8.02
N ALA F 67 20.38 2.22 7.07
CA ALA F 67 21.21 3.39 6.81
C ALA F 67 21.90 3.80 8.10
N SER F 68 23.16 3.41 8.22
CA SER F 68 23.95 3.70 9.41
C SER F 68 23.80 5.13 9.88
N SER F 69 23.30 6.00 9.01
CA SER F 69 23.14 7.40 9.34
C SER F 69 21.66 7.78 9.50
N PRO F 70 21.25 8.21 10.70
CA PRO F 70 19.84 8.60 10.96
C PRO F 70 19.32 9.52 9.87
N THR F 71 20.13 10.50 9.51
CA THR F 71 19.79 11.49 8.49
C THR F 71 19.62 10.87 7.12
N ASP F 72 19.97 9.60 6.97
CA ASP F 72 19.82 8.95 5.68
C ASP F 72 18.42 8.34 5.56
N ILE F 73 17.63 8.42 6.64
CA ILE F 73 16.27 7.89 6.65
C ILE F 73 15.29 9.05 6.83
N LYS F 74 15.53 10.12 6.07
CA LYS F 74 14.69 11.29 6.12
C LYS F 74 13.67 11.31 4.99
N GLY F 75 12.84 12.35 5.01
CA GLY F 75 11.83 12.50 3.99
C GLY F 75 11.56 13.97 3.72
N LYS F 76 10.37 14.25 3.23
CA LYS F 76 9.94 15.61 2.91
C LYS F 76 9.66 16.39 4.18
N TYR F 77 8.97 15.75 5.12
CA TYR F 77 8.62 16.36 6.38
C TYR F 77 9.43 15.70 7.48
N VAL F 78 10.12 14.64 7.11
CA VAL F 78 10.93 13.90 8.07
C VAL F 78 12.40 14.24 7.93
N LYS F 79 12.97 14.76 9.01
CA LYS F 79 14.37 15.13 9.02
C LYS F 79 15.25 13.91 9.29
N GLU F 80 14.61 12.82 9.75
CA GLU F 80 15.33 11.57 10.04
C GLU F 80 14.52 10.52 10.79
N VAL F 81 15.19 9.40 11.06
CA VAL F 81 14.63 8.28 11.77
C VAL F 81 15.81 7.53 12.40
N GLU F 82 15.83 7.52 13.73
CA GLU F 82 16.90 6.88 14.47
C GLU F 82 16.40 5.70 15.29
N VAL F 83 17.19 4.64 15.32
CA VAL F 83 16.87 3.44 16.08
C VAL F 83 17.74 3.53 17.30
N LYS F 84 17.12 3.58 18.46
CA LYS F 84 17.85 3.67 19.71
C LYS F 84 17.33 2.57 20.64
N ASN F 85 18.08 1.46 20.67
CA ASN F 85 17.73 0.29 21.47
C ASN F 85 16.37 -0.28 21.09
N GLY F 86 16.18 -0.51 19.80
CA GLY F 86 14.92 -1.06 19.31
C GLY F 86 13.81 -0.04 19.12
N VAL F 87 13.94 1.12 19.77
CA VAL F 87 12.95 2.18 19.66
C VAL F 87 13.28 2.97 18.40
N VAL F 88 12.30 3.16 17.54
CA VAL F 88 12.54 3.90 16.32
C VAL F 88 11.79 5.22 16.41
N THR F 89 12.52 6.31 16.42
CA THR F 89 11.95 7.66 16.52
C THR F 89 12.05 8.42 15.20
N ALA F 90 10.98 9.12 14.84
CA ALA F 90 10.99 9.88 13.58
C ALA F 90 10.91 11.37 13.87
N THR F 91 11.85 12.14 13.33
CA THR F 91 11.85 13.58 13.53
C THR F 91 11.28 14.33 12.34
N MET F 92 10.46 15.33 12.65
CA MET F 92 9.84 16.15 11.64
C MET F 92 10.82 17.24 11.20
N LEU F 93 10.97 17.41 9.89
CA LEU F 93 11.87 18.42 9.34
C LEU F 93 11.53 19.78 9.94
N SER F 94 12.14 20.83 9.41
CA SER F 94 11.88 22.18 9.88
C SER F 94 11.28 22.98 8.74
N SER F 95 11.46 22.47 7.52
CA SER F 95 10.96 23.13 6.32
C SER F 95 9.97 22.24 5.57
N GLY F 96 8.82 22.81 5.21
CA GLY F 96 7.82 22.06 4.48
C GLY F 96 6.73 21.46 5.33
N VAL F 97 6.71 21.80 6.62
CA VAL F 97 5.70 21.25 7.53
C VAL F 97 4.75 22.30 8.13
N ASN F 98 3.81 21.84 8.94
CA ASN F 98 2.83 22.70 9.58
C ASN F 98 3.46 23.94 10.20
N ASN F 99 3.64 23.92 11.50
CA ASN F 99 4.21 25.05 12.22
C ASN F 99 4.37 24.64 13.67
N GLU F 100 3.45 23.82 14.16
CA GLU F 100 3.51 23.38 15.54
C GLU F 100 3.90 21.92 15.60
N ILE F 101 4.49 21.42 14.52
CA ILE F 101 4.91 20.01 14.49
C ILE F 101 6.34 19.82 13.98
N LYS F 102 6.98 20.87 13.48
CA LYS F 102 8.34 20.73 12.96
C LYS F 102 9.35 20.52 14.09
N GLY F 103 10.38 19.74 13.78
CA GLY F 103 11.39 19.45 14.76
C GLY F 103 10.76 18.57 15.84
N LYS F 104 9.52 18.15 15.61
CA LYS F 104 8.84 17.32 16.59
C LYS F 104 8.87 15.87 16.13
N LYS F 105 8.77 14.94 17.08
CA LYS F 105 8.83 13.54 16.73
C LYS F 105 7.97 12.54 17.50
N LEU F 106 7.92 11.30 16.97
CA LEU F 106 7.19 10.20 17.56
C LEU F 106 8.09 8.96 17.63
N SER F 107 7.60 7.89 18.26
CA SER F 107 8.39 6.68 18.39
C SER F 107 7.58 5.42 18.19
N LEU F 108 8.27 4.37 17.78
CA LEU F 108 7.69 3.07 17.56
C LEU F 108 8.60 2.21 18.40
N TRP F 109 8.02 1.37 19.24
CA TRP F 109 8.83 0.50 20.06
C TRP F 109 8.09 -0.79 20.16
N ALA F 110 8.77 -1.85 20.53
CA ALA F 110 8.12 -3.13 20.61
C ALA F 110 8.28 -3.76 21.96
N ARG F 111 7.63 -4.91 22.13
CA ARG F 111 7.68 -5.62 23.37
C ARG F 111 7.76 -7.10 23.10
N ARG F 112 8.58 -7.78 23.89
CA ARG F 112 8.75 -9.21 23.76
C ARG F 112 7.43 -9.92 24.03
N GLU F 113 6.96 -10.71 23.08
CA GLU F 113 5.74 -11.45 23.30
C GLU F 113 6.15 -12.86 23.70
N ASN F 114 7.44 -13.14 23.48
CA ASN F 114 8.03 -14.44 23.76
C ASN F 114 7.79 -15.29 22.52
N GLY F 115 8.76 -15.27 21.61
CA GLY F 115 8.63 -16.01 20.37
C GLY F 115 8.27 -15.05 19.25
N SER F 116 7.85 -13.86 19.64
CA SER F 116 7.48 -12.80 18.71
C SER F 116 7.38 -11.51 19.51
N VAL F 117 7.13 -10.39 18.83
CA VAL F 117 6.99 -9.12 19.51
C VAL F 117 5.76 -8.37 18.98
N LYS F 118 5.30 -7.39 19.75
CA LYS F 118 4.18 -6.57 19.33
C LYS F 118 4.65 -5.11 19.28
N TRP F 119 4.25 -4.38 18.24
CA TRP F 119 4.65 -2.99 18.11
C TRP F 119 3.65 -1.94 18.56
N PHE F 120 4.19 -0.83 19.04
CA PHE F 120 3.38 0.27 19.52
C PHE F 120 3.80 1.50 18.74
N CYS F 121 2.93 2.50 18.72
CA CYS F 121 3.20 3.74 18.00
C CYS F 121 2.63 4.88 18.84
N GLY F 122 3.44 5.90 19.10
CA GLY F 122 2.96 7.01 19.88
C GLY F 122 3.96 8.13 20.04
N GLN F 123 3.86 8.87 21.14
CA GLN F 123 4.76 9.99 21.39
C GLN F 123 6.08 9.46 21.89
N PRO F 124 7.20 10.10 21.50
CA PRO F 124 8.58 9.74 21.85
C PRO F 124 8.74 9.00 23.15
N VAL F 125 9.55 7.95 23.12
CA VAL F 125 9.81 7.16 24.32
C VAL F 125 11.27 6.73 24.36
N THR F 126 11.76 6.39 25.55
CA THR F 126 13.14 5.95 25.70
C THR F 126 13.11 4.53 26.22
N ARG F 127 14.06 3.70 25.86
CA ARG F 127 14.03 2.35 26.41
C ARG F 127 14.83 2.29 27.71
N THR F 128 14.24 1.67 28.71
CA THR F 128 14.87 1.54 30.00
C THR F 128 15.55 0.17 30.03
N ASP F 129 14.75 -0.88 30.04
CA ASP F 129 15.29 -2.24 30.00
C ASP F 129 14.70 -2.96 28.77
N ASP F 130 15.12 -4.19 28.54
CA ASP F 130 14.66 -4.90 27.33
C ASP F 130 13.16 -5.05 27.19
N ASP F 131 12.42 -4.73 28.23
CA ASP F 131 10.98 -4.86 28.15
C ASP F 131 10.27 -3.67 28.80
N THR F 132 10.92 -2.51 28.76
CA THR F 132 10.34 -1.33 29.36
C THR F 132 10.92 -0.05 28.77
N VAL F 133 10.04 0.87 28.41
CA VAL F 133 10.41 2.16 27.86
C VAL F 133 9.68 3.22 28.67
N ALA F 134 9.97 4.50 28.45
CA ALA F 134 9.32 5.56 29.19
C ALA F 134 9.28 6.83 28.38
N ASP F 135 8.33 7.71 28.71
CA ASP F 135 8.16 8.95 28.01
C ASP F 135 9.45 9.72 27.90
N ALA F 136 9.82 10.08 26.68
CA ALA F 136 11.01 10.86 26.47
C ALA F 136 10.51 12.28 26.69
N LYS F 137 9.91 12.52 27.85
CA LYS F 137 9.38 13.83 28.22
C LYS F 137 10.46 14.90 28.04
N ASP F 138 10.21 15.84 27.14
CA ASP F 138 11.20 16.89 26.91
C ASP F 138 10.61 18.11 26.20
N GLY F 139 9.43 17.94 25.61
CA GLY F 139 8.78 19.06 24.93
C GLY F 139 8.75 19.06 23.41
N LYS F 140 9.39 18.09 22.78
CA LYS F 140 9.41 18.04 21.32
C LYS F 140 8.50 16.93 20.72
N GLU F 141 7.59 16.41 21.54
CA GLU F 141 6.69 15.37 21.06
C GLU F 141 5.59 15.94 20.17
N ILE F 142 5.25 15.23 19.11
CA ILE F 142 4.19 15.66 18.24
C ILE F 142 2.91 15.59 19.07
N ASP F 143 2.16 16.68 19.07
CA ASP F 143 0.92 16.84 19.81
C ASP F 143 -0.13 15.79 19.49
N THR F 144 -0.76 15.25 20.53
CA THR F 144 -1.78 14.24 20.31
C THR F 144 -2.75 14.51 19.16
N LYS F 145 -3.14 15.78 18.99
CA LYS F 145 -4.09 16.09 17.93
C LYS F 145 -3.59 15.75 16.54
N HIS F 146 -2.28 15.69 16.35
CA HIS F 146 -1.72 15.38 15.04
C HIS F 146 -1.46 13.90 14.81
N LEU F 147 -1.69 13.09 15.83
CA LEU F 147 -1.44 11.67 15.71
C LEU F 147 -2.67 10.84 15.38
N PRO F 148 -2.53 9.90 14.44
CA PRO F 148 -3.61 9.02 14.02
C PRO F 148 -4.21 8.32 15.23
N SER F 149 -5.35 7.67 15.02
CA SER F 149 -6.02 6.94 16.08
C SER F 149 -5.18 5.67 16.36
N THR F 150 -4.43 5.24 15.35
CA THR F 150 -3.61 4.06 15.47
C THR F 150 -2.27 4.34 16.09
N CYS F 151 -2.00 5.59 16.48
CA CYS F 151 -0.70 5.90 17.07
C CYS F 151 -0.89 6.74 18.32
N ARG F 152 -1.78 6.27 19.18
CA ARG F 152 -2.06 6.95 20.45
C ARG F 152 -1.52 6.13 21.60
N ASP F 153 -0.56 5.23 21.36
CA ASP F 153 -0.03 4.38 22.43
C ASP F 153 0.80 5.07 23.53
N ASN F 154 0.56 4.67 24.77
CA ASN F 154 1.28 5.18 25.95
C ASN F 154 2.50 4.31 26.27
N PHE F 155 3.48 4.92 26.93
CA PHE F 155 4.71 4.23 27.27
C PHE F 155 4.46 2.86 27.90
N ASP F 156 3.37 2.70 28.65
CA ASP F 156 3.10 1.41 29.28
C ASP F 156 2.05 0.54 28.61
N ALA F 157 1.77 0.80 27.34
CA ALA F 157 0.80 0.00 26.62
C ALA F 157 1.31 -1.44 26.56
N LYS F 158 0.42 -2.41 26.71
CA LYS F 158 0.85 -3.80 26.63
C LYS F 158 0.02 -4.48 25.57
N MEA G 1 -27.72 40.51 0.43
CA MEA G 1 -27.08 41.41 -0.57
C MEA G 1 -25.81 40.82 -1.17
O MEA G 1 -25.47 41.13 -2.32
N THR G 2 -25.11 39.96 -0.42
CA THR G 2 -23.77 39.49 -0.82
C THR G 2 -23.38 38.05 -0.45
N LEU G 3 -23.08 37.86 0.83
CA LEU G 3 -22.21 36.76 1.30
C LEU G 3 -22.84 35.37 1.24
N ILE G 4 -22.71 34.71 0.08
CA ILE G 4 -23.22 33.36 -0.07
C ILE G 4 -22.14 32.33 -0.46
N GLU G 5 -20.98 32.84 -0.87
CA GLU G 5 -19.86 32.00 -1.26
C GLU G 5 -19.25 31.28 -0.04
N LEU G 6 -19.19 31.99 1.08
CA LEU G 6 -18.71 31.42 2.34
C LEU G 6 -19.72 30.47 2.94
N MET G 7 -21.01 30.80 2.79
CA MET G 7 -22.10 30.02 3.36
C MET G 7 -22.35 28.70 2.63
N ILE G 8 -22.25 28.73 1.30
CA ILE G 8 -22.46 27.51 0.50
C ILE G 8 -21.24 26.58 0.58
N VAL G 9 -20.04 27.14 0.51
CA VAL G 9 -18.81 26.35 0.54
C VAL G 9 -18.52 25.73 1.92
N ILE G 10 -19.05 26.32 2.99
CA ILE G 10 -19.00 25.69 4.31
C ILE G 10 -20.04 24.57 4.42
N ALA G 11 -21.10 24.69 3.60
CA ALA G 11 -22.21 23.73 3.61
C ALA G 11 -22.06 22.64 2.54
N ILE G 12 -21.10 22.82 1.63
CA ILE G 12 -20.76 21.75 0.68
C ILE G 12 -19.69 20.82 1.25
N VAL G 13 -18.83 21.36 2.10
CA VAL G 13 -17.82 20.56 2.81
C VAL G 13 -18.50 19.76 3.92
N GLY G 14 -19.55 20.33 4.49
CA GLY G 14 -20.38 19.64 5.49
C GLY G 14 -21.10 18.45 4.90
N ILE G 15 -21.71 18.63 3.73
CA ILE G 15 -22.39 17.54 3.03
C ILE G 15 -21.41 16.58 2.35
N LEU G 16 -20.20 17.08 2.05
CA LEU G 16 -19.13 16.25 1.49
C LEU G 16 -18.65 15.24 2.52
N ALA G 17 -18.60 15.66 3.78
CA ALA G 17 -18.24 14.78 4.89
C ALA G 17 -19.31 13.71 5.13
N ALA G 18 -20.57 14.09 4.92
CA ALA G 18 -21.71 13.18 5.07
C ALA G 18 -21.74 12.12 3.96
N VAL G 19 -21.27 12.49 2.78
CA VAL G 19 -21.15 11.56 1.66
C VAL G 19 -19.89 10.70 1.80
N ALA G 20 -18.83 11.30 2.35
CA ALA G 20 -17.58 10.59 2.61
C ALA G 20 -17.64 9.76 3.90
N LEU G 21 -18.74 9.89 4.64
CA LEU G 21 -18.91 9.19 5.91
C LEU G 21 -19.12 7.67 5.77
N PRO G 22 -20.06 7.22 4.94
CA PRO G 22 -20.28 5.78 4.76
C PRO G 22 -19.17 5.07 3.99
N ALA G 23 -18.45 5.80 3.13
CA ALA G 23 -17.34 5.24 2.37
C ALA G 23 -16.15 4.90 3.28
N TYR G 24 -15.83 5.83 4.19
CA TYR G 24 -14.76 5.66 5.16
C TYR G 24 -15.19 4.68 6.26
N GLN G 25 -16.49 4.70 6.59
CA GLN G 25 -17.07 3.73 7.53
C GLN G 25 -17.17 2.32 6.94
N ASP G 26 -17.22 2.24 5.61
CA ASP G 26 -17.13 0.50 5.33
C ASP G 26 -15.70 0.19 4.94
N TYR G 27 -15.00 1.18 4.38
CA TYR G 27 -13.62 0.97 4.01
C TYR G 27 -12.93 0.67 5.33
N THR G 28 -13.36 1.40 6.34
CA THR G 28 -12.80 1.27 7.67
C THR G 28 -13.07 -0.11 8.27
N ALA G 29 -14.32 -0.52 8.30
CA ALA G 29 -14.69 -1.82 8.87
C ALA G 29 -14.03 -2.95 8.10
N ARG G 30 -14.06 -2.83 6.78
CA ARG G 30 -13.48 -3.80 5.88
C ARG G 30 -11.99 -3.91 6.16
N ALA G 31 -11.44 -2.86 6.76
CA ALA G 31 -10.02 -2.83 7.09
C ALA G 31 -9.75 -3.54 8.43
N GLN G 32 -10.68 -3.36 9.36
CA GLN G 32 -10.61 -3.96 10.69
C GLN G 32 -10.87 -5.46 10.65
N VAL G 33 -11.52 -5.91 9.58
CA VAL G 33 -11.82 -7.33 9.42
C VAL G 33 -10.64 -7.99 8.76
N SER G 34 -9.98 -7.27 7.86
CA SER G 34 -8.83 -7.81 7.15
C SER G 34 -7.72 -8.21 8.12
N GLU G 35 -7.82 -7.71 9.34
CA GLU G 35 -6.82 -8.03 10.34
C GLU G 35 -7.23 -9.21 11.16
N ALA G 36 -8.52 -9.31 11.45
CA ALA G 36 -9.02 -10.44 12.18
C ALA G 36 -8.57 -11.66 11.38
N ILE G 37 -8.52 -11.46 10.06
CA ILE G 37 -8.11 -12.53 9.16
C ILE G 37 -6.62 -12.81 9.27
N LEU G 38 -5.82 -11.77 9.46
CA LEU G 38 -4.38 -11.98 9.56
C LEU G 38 -4.03 -12.60 10.89
N LEU G 39 -4.82 -12.29 11.91
CA LEU G 39 -4.58 -12.84 13.22
C LEU G 39 -5.03 -14.29 13.26
N ALA G 40 -6.02 -14.61 12.45
CA ALA G 40 -6.54 -15.96 12.37
C ALA G 40 -5.50 -16.82 11.67
N GLU G 41 -4.94 -16.30 10.59
CA GLU G 41 -3.92 -17.02 9.84
C GLU G 41 -2.64 -17.04 10.68
N GLY G 42 -1.59 -17.67 10.15
CA GLY G 42 -0.34 -17.72 10.89
C GLY G 42 -0.46 -18.65 12.09
N GLN G 43 -1.68 -19.15 12.22
CA GLN G 43 -2.02 -20.09 13.26
C GLN G 43 -2.46 -21.32 12.49
N LYS G 44 -2.34 -21.21 11.19
CA LYS G 44 -2.69 -22.30 10.30
C LYS G 44 -1.54 -23.26 10.44
N SER G 45 -0.33 -22.72 10.52
CA SER G 45 0.87 -23.50 10.69
C SER G 45 0.75 -24.51 11.81
N ALA G 46 0.48 -24.01 13.01
CA ALA G 46 0.33 -24.89 14.15
C ALA G 46 -0.71 -25.97 13.85
N VAL G 47 -1.90 -25.53 13.46
CA VAL G 47 -3.00 -26.44 13.16
C VAL G 47 -2.68 -27.45 12.06
N THR G 48 -2.03 -27.00 11.01
CA THR G 48 -1.68 -27.89 9.91
C THR G 48 -0.72 -28.98 10.40
N GLU G 49 0.34 -28.54 11.05
CA GLU G 49 1.31 -29.48 11.55
C GLU G 49 0.64 -30.46 12.49
N TYR G 50 -0.10 -29.95 13.49
CA TYR G 50 -0.76 -30.87 14.41
C TYR G 50 -1.56 -31.94 13.68
N TYR G 51 -2.34 -31.54 12.68
CA TYR G 51 -3.13 -32.49 11.91
C TYR G 51 -2.29 -33.52 11.12
N LEU G 52 -1.34 -33.04 10.34
CA LEU G 52 -0.48 -33.93 9.56
C LEU G 52 0.36 -34.87 10.43
N ASN G 53 0.82 -34.39 11.57
CA ASN G 53 1.62 -35.23 12.45
C ASN G 53 0.78 -36.26 13.20
N HIS G 54 -0.46 -35.93 13.55
CA HIS G 54 -1.29 -36.85 14.31
C HIS G 54 -2.54 -37.40 13.62
N GLY G 55 -3.01 -36.72 12.58
CA GLY G 55 -4.20 -37.20 11.91
C GLY G 55 -5.48 -36.83 12.64
N LYS G 56 -5.36 -35.95 13.63
CA LYS G 56 -6.50 -35.47 14.40
C LYS G 56 -6.35 -33.95 14.49
N TRP G 57 -7.47 -33.22 14.41
CA TRP G 57 -7.41 -31.76 14.48
C TRP G 57 -7.19 -31.31 15.91
N PRO G 58 -6.38 -30.26 16.12
CA PRO G 58 -6.12 -29.79 17.48
C PRO G 58 -7.41 -29.34 18.16
N GLU G 59 -7.69 -29.91 19.32
CA GLU G 59 -8.91 -29.56 20.05
C GLU G 59 -9.01 -28.12 20.49
N ASN G 60 -7.90 -27.56 20.95
CA ASN G 60 -7.87 -26.18 21.40
C ASN G 60 -6.50 -25.55 21.20
N ASN G 61 -6.38 -24.27 21.51
CA ASN G 61 -5.12 -23.56 21.33
C ASN G 61 -3.88 -24.28 21.87
N THR G 62 -4.00 -24.77 23.10
CA THR G 62 -2.90 -25.47 23.75
C THR G 62 -2.50 -26.70 22.96
N SER G 63 -3.48 -27.44 22.47
CA SER G 63 -3.20 -28.60 21.65
C SER G 63 -2.42 -28.16 20.43
N ALA G 64 -2.87 -27.09 19.78
CA ALA G 64 -2.22 -26.59 18.58
C ALA G 64 -0.85 -26.01 18.90
N GLY G 65 -0.59 -25.80 20.18
CA GLY G 65 0.68 -25.24 20.58
C GLY G 65 0.71 -23.75 20.33
N VAL G 66 -0.28 -23.04 20.87
CA VAL G 66 -0.36 -21.60 20.72
C VAL G 66 -0.87 -21.04 22.03
N ALA G 67 -0.69 -19.74 22.23
CA ALA G 67 -1.13 -19.08 23.46
C ALA G 67 -2.33 -19.83 24.02
N SER G 68 -2.06 -20.67 25.01
CA SER G 68 -3.08 -21.49 25.64
C SER G 68 -4.35 -20.71 25.93
N SER G 69 -4.26 -19.39 25.92
CA SER G 69 -5.40 -18.53 26.23
C SER G 69 -5.90 -17.80 24.97
N PRO G 70 -7.15 -18.06 24.55
CA PRO G 70 -7.72 -17.40 23.36
C PRO G 70 -7.47 -15.89 23.39
N THR G 71 -7.73 -15.30 24.55
CA THR G 71 -7.57 -13.87 24.77
C THR G 71 -6.13 -13.42 24.62
N ASP G 72 -5.20 -14.35 24.52
CA ASP G 72 -3.81 -13.97 24.36
C ASP G 72 -3.48 -13.79 22.88
N ILE G 73 -4.44 -14.08 22.01
CA ILE G 73 -4.25 -13.94 20.57
C ILE G 73 -5.20 -12.85 20.05
N LYS G 74 -5.24 -11.74 20.78
CA LYS G 74 -6.08 -10.62 20.43
C LYS G 74 -5.31 -9.54 19.68
N GLY G 75 -6.03 -8.50 19.30
CA GLY G 75 -5.43 -7.39 18.60
C GLY G 75 -6.15 -6.09 18.93
N LYS G 76 -6.06 -5.14 18.01
CA LYS G 76 -6.68 -3.83 18.16
C LYS G 76 -8.19 -3.94 17.97
N TYR G 77 -8.59 -4.69 16.94
CA TYR G 77 -9.99 -4.87 16.63
C TYR G 77 -10.36 -6.31 16.95
N VAL G 78 -9.35 -7.11 17.26
CA VAL G 78 -9.57 -8.51 17.58
C VAL G 78 -9.53 -8.75 19.06
N LYS G 79 -10.64 -9.25 19.59
CA LYS G 79 -10.74 -9.54 21.01
C LYS G 79 -10.12 -10.90 21.33
N GLU G 80 -9.87 -11.70 20.28
CA GLU G 80 -9.26 -13.01 20.44
C GLU G 80 -9.28 -13.91 19.20
N VAL G 81 -8.74 -15.10 19.37
CA VAL G 81 -8.66 -16.10 18.32
C VAL G 81 -8.57 -17.45 19.03
N GLU G 82 -9.59 -18.27 18.82
CA GLU G 82 -9.68 -19.58 19.44
C GLU G 82 -9.64 -20.69 18.41
N VAL G 83 -8.93 -21.76 18.75
CA VAL G 83 -8.82 -22.93 17.90
C VAL G 83 -9.75 -23.94 18.53
N LYS G 84 -10.75 -24.36 17.78
CA LYS G 84 -11.70 -25.33 18.26
C LYS G 84 -11.81 -26.46 17.24
N ASN G 85 -11.08 -27.55 17.52
CA ASN G 85 -11.01 -28.72 16.64
C ASN G 85 -10.50 -28.37 15.26
N GLY G 86 -9.36 -27.68 15.22
CA GLY G 86 -8.76 -27.29 13.95
C GLY G 86 -9.35 -26.02 13.34
N VAL G 87 -10.56 -25.65 13.75
CA VAL G 87 -11.21 -24.45 13.24
C VAL G 87 -10.69 -23.28 14.05
N VAL G 88 -10.22 -22.24 13.36
CA VAL G 88 -9.71 -21.08 14.05
C VAL G 88 -10.66 -19.92 13.81
N THR G 89 -11.27 -19.44 14.89
CA THR G 89 -12.24 -18.35 14.83
C THR G 89 -11.66 -17.06 15.41
N ALA G 90 -11.91 -15.94 14.75
CA ALA G 90 -11.39 -14.66 15.24
C ALA G 90 -12.54 -13.76 15.65
N THR G 91 -12.51 -13.25 16.89
CA THR G 91 -13.56 -12.36 17.37
C THR G 91 -13.15 -10.90 17.32
N MET G 92 -14.09 -10.08 16.88
CA MET G 92 -13.85 -8.65 16.78
C MET G 92 -14.09 -8.00 18.15
N LEU G 93 -13.16 -7.17 18.56
CA LEU G 93 -13.26 -6.47 19.84
C LEU G 93 -14.60 -5.74 19.92
N SER G 94 -14.77 -4.92 20.95
CA SER G 94 -16.00 -4.16 21.11
C SER G 94 -15.65 -2.68 21.05
N SER G 95 -14.38 -2.37 21.24
CA SER G 95 -13.89 -0.99 21.21
C SER G 95 -12.84 -0.79 20.12
N GLY G 96 -13.02 0.26 19.33
CA GLY G 96 -12.09 0.57 18.26
C GLY G 96 -12.49 0.05 16.90
N VAL G 97 -13.70 -0.48 16.79
CA VAL G 97 -14.18 -1.01 15.51
C VAL G 97 -15.39 -0.28 14.91
N ASN G 98 -15.83 -0.72 13.74
CA ASN G 98 -16.95 -0.11 13.03
C ASN G 98 -18.13 0.14 13.96
N ASN G 99 -19.13 -0.73 13.89
CA ASN G 99 -20.32 -0.59 14.70
C ASN G 99 -21.20 -1.81 14.44
N GLU G 100 -21.15 -2.32 13.23
CA GLU G 100 -21.95 -3.48 12.89
C GLU G 100 -21.06 -4.68 12.71
N ILE G 101 -19.85 -4.62 13.25
CA ILE G 101 -18.93 -5.74 13.15
C ILE G 101 -18.27 -6.13 14.48
N LYS G 102 -18.47 -5.34 15.52
CA LYS G 102 -17.86 -5.66 16.82
C LYS G 102 -18.51 -6.86 17.47
N GLY G 103 -17.69 -7.63 18.19
CA GLY G 103 -18.18 -8.82 18.84
C GLY G 103 -18.54 -9.82 17.77
N LYS G 104 -18.22 -9.51 16.52
CA LYS G 104 -18.53 -10.41 15.43
C LYS G 104 -17.29 -11.17 15.00
N LYS G 105 -17.47 -12.35 14.42
CA LYS G 105 -16.31 -13.14 14.04
C LYS G 105 -16.38 -13.97 12.75
N LEU G 106 -15.22 -14.50 12.36
CA LEU G 106 -15.06 -15.35 11.19
C LEU G 106 -14.27 -16.61 11.57
N SER G 107 -14.14 -17.55 10.62
CA SER G 107 -13.43 -18.78 10.89
C SER G 107 -12.58 -19.23 9.72
N LEU G 108 -11.55 -19.98 10.05
CA LEU G 108 -10.63 -20.55 9.10
C LEU G 108 -10.66 -22.00 9.48
N TRP G 109 -10.85 -22.87 8.51
CA TRP G 109 -10.89 -24.29 8.79
C TRP G 109 -10.23 -24.96 7.63
N ALA G 110 -9.82 -26.20 7.82
CA ALA G 110 -9.15 -26.89 6.74
C ALA G 110 -9.80 -28.20 6.42
N ARG G 111 -9.29 -28.84 5.40
CA ARG G 111 -9.81 -30.12 4.97
C ARG G 111 -8.69 -31.02 4.57
N ARG G 112 -8.80 -32.29 4.94
CA ARG G 112 -7.80 -33.29 4.60
C ARG G 112 -7.71 -33.44 3.09
N GLU G 113 -6.52 -33.23 2.54
CA GLU G 113 -6.35 -33.41 1.10
C GLU G 113 -5.75 -34.80 0.92
N ASN G 114 -5.28 -35.36 2.04
CA ASN G 114 -4.64 -36.67 2.06
C ASN G 114 -3.17 -36.43 1.75
N GLY G 115 -2.39 -36.24 2.81
CA GLY G 115 -0.97 -35.97 2.62
C GLY G 115 -0.72 -34.49 2.84
N SER G 116 -1.80 -33.72 2.82
CA SER G 116 -1.76 -32.27 3.02
C SER G 116 -3.20 -31.81 3.26
N VAL G 117 -3.38 -30.53 3.53
CA VAL G 117 -4.70 -29.98 3.75
C VAL G 117 -4.87 -28.68 2.98
N LYS G 118 -6.11 -28.27 2.77
CA LYS G 118 -6.40 -27.01 2.11
C LYS G 118 -7.22 -26.14 3.08
N TRP G 119 -6.89 -24.85 3.14
CA TRP G 119 -7.60 -23.95 4.04
C TRP G 119 -8.71 -23.10 3.42
N PHE G 120 -9.71 -22.82 4.23
CA PHE G 120 -10.84 -22.02 3.80
C PHE G 120 -10.95 -20.85 4.76
N CYS G 121 -11.64 -19.80 4.32
CA CYS G 121 -11.82 -18.61 5.13
C CYS G 121 -13.22 -18.09 4.88
N GLY G 122 -13.97 -17.84 5.94
CA GLY G 122 -15.32 -17.35 5.77
C GLY G 122 -16.03 -17.04 7.06
N GLN G 123 -17.36 -17.14 7.05
CA GLN G 123 -18.16 -16.86 8.23
C GLN G 123 -18.10 -18.05 9.17
N PRO G 124 -18.08 -17.78 10.49
CA PRO G 124 -18.00 -18.78 11.56
C PRO G 124 -18.56 -20.15 11.23
N VAL G 125 -17.81 -21.18 11.60
CA VAL G 125 -18.23 -22.54 11.35
C VAL G 125 -17.85 -23.44 12.53
N THR G 126 -18.53 -24.57 12.66
CA THR G 126 -18.24 -25.51 13.74
C THR G 126 -17.78 -26.80 13.10
N ARG G 127 -16.90 -27.54 13.75
CA ARG G 127 -16.50 -28.80 13.14
C ARG G 127 -17.40 -29.93 13.63
N THR G 128 -17.86 -30.73 12.70
CA THR G 128 -18.72 -31.86 13.00
C THR G 128 -17.83 -33.08 13.13
N ASP G 129 -17.27 -33.52 12.03
CA ASP G 129 -16.36 -34.66 12.03
C ASP G 129 -15.01 -34.20 11.45
N ASP G 130 -14.02 -35.08 11.42
CA ASP G 130 -12.69 -34.68 10.96
C ASP G 130 -12.63 -34.11 9.56
N ASP G 131 -13.71 -34.25 8.81
CA ASP G 131 -13.70 -33.73 7.46
C ASP G 131 -15.01 -33.00 7.12
N THR G 132 -15.64 -32.41 8.13
CA THR G 132 -16.89 -31.72 7.93
C THR G 132 -17.16 -30.71 9.02
N VAL G 133 -17.53 -29.49 8.60
CA VAL G 133 -17.86 -28.41 9.50
C VAL G 133 -19.22 -27.87 9.08
N ALA G 134 -19.79 -26.96 9.84
CA ALA G 134 -21.10 -26.40 9.49
C ALA G 134 -21.25 -25.00 10.05
N ASP G 135 -22.14 -24.23 9.43
CA ASP G 135 -22.37 -22.87 9.85
C ASP G 135 -22.64 -22.77 11.32
N ALA G 136 -21.87 -21.93 11.99
CA ALA G 136 -22.07 -21.70 13.41
C ALA G 136 -23.17 -20.65 13.43
N LYS G 137 -24.28 -20.95 12.76
CA LYS G 137 -25.42 -20.03 12.68
C LYS G 137 -25.85 -19.60 14.08
N ASP G 138 -25.75 -18.30 14.36
CA ASP G 138 -26.11 -17.82 15.67
C ASP G 138 -26.37 -16.31 15.70
N GLY G 139 -25.92 -15.61 14.65
CA GLY G 139 -26.13 -14.17 14.56
C GLY G 139 -24.95 -13.25 14.80
N LYS G 140 -23.79 -13.80 15.15
CA LYS G 140 -22.62 -12.97 15.39
C LYS G 140 -21.56 -13.04 14.27
N GLU G 141 -21.97 -13.54 13.11
CA GLU G 141 -21.05 -13.64 11.98
C GLU G 141 -20.80 -12.28 11.34
N ILE G 142 -19.56 -12.01 10.94
CA ILE G 142 -19.25 -10.76 10.28
C ILE G 142 -19.96 -10.83 8.93
N ASP G 143 -20.72 -9.78 8.64
CA ASP G 143 -21.51 -9.63 7.43
C ASP G 143 -20.72 -9.76 6.15
N THR G 144 -21.25 -10.52 5.20
CA THR G 144 -20.56 -10.71 3.93
C THR G 144 -19.92 -9.45 3.35
N LYS G 145 -20.60 -8.32 3.46
CA LYS G 145 -20.06 -7.09 2.89
C LYS G 145 -18.72 -6.69 3.46
N HIS G 146 -18.40 -7.13 4.68
CA HIS G 146 -17.14 -6.77 5.31
C HIS G 146 -16.02 -7.77 5.05
N LEU G 147 -16.34 -8.87 4.37
CA LEU G 147 -15.35 -9.89 4.12
C LEU G 147 -14.70 -9.79 2.75
N PRO G 148 -13.36 -9.94 2.71
CA PRO G 148 -12.59 -9.90 1.46
C PRO G 148 -13.18 -10.86 0.45
N SER G 149 -12.71 -10.76 -0.78
CA SER G 149 -13.16 -11.66 -1.84
C SER G 149 -12.52 -13.04 -1.58
N THR G 150 -11.39 -13.02 -0.88
CA THR G 150 -10.67 -14.24 -0.57
C THR G 150 -11.20 -14.93 0.67
N CYS G 151 -12.25 -14.39 1.28
CA CYS G 151 -12.78 -15.02 2.48
C CYS G 151 -14.29 -15.12 2.41
N ARG G 152 -14.77 -15.62 1.28
CA ARG G 152 -16.20 -15.79 1.04
C ARG G 152 -16.56 -17.27 1.05
N ASP G 153 -15.72 -18.12 1.65
CA ASP G 153 -15.98 -19.57 1.64
C ASP G 153 -17.18 -20.06 2.47
N ASN G 154 -17.93 -21.00 1.89
CA ASN G 154 -19.09 -21.61 2.53
C ASN G 154 -18.69 -22.89 3.29
N PHE G 155 -19.49 -23.24 4.29
CA PHE G 155 -19.22 -24.40 5.12
C PHE G 155 -18.88 -25.65 4.28
N ASP G 156 -19.48 -25.78 3.10
CA ASP G 156 -19.21 -26.97 2.29
C ASP G 156 -18.24 -26.76 1.11
N ALA G 157 -17.43 -25.71 1.17
CA ALA G 157 -16.48 -25.47 0.12
C ALA G 157 -15.50 -26.64 0.08
N LYS G 158 -15.09 -27.07 -1.11
CA LYS G 158 -14.13 -28.16 -1.19
C LYS G 158 -12.96 -27.68 -2.02
N MEA H 1 -23.68 29.63 -7.05
CA MEA H 1 -23.39 30.62 -5.97
C MEA H 1 -22.43 30.08 -4.90
O MEA H 1 -21.69 30.85 -4.29
N THR H 2 -22.42 28.76 -4.70
CA THR H 2 -21.70 28.16 -3.57
C THR H 2 -21.07 26.77 -3.80
N LEU H 3 -21.92 25.74 -3.80
CA LEU H 3 -21.52 24.37 -3.48
C LEU H 3 -20.67 23.66 -4.54
N ILE H 4 -19.36 23.85 -4.47
CA ILE H 4 -18.44 23.19 -5.41
C ILE H 4 -17.42 22.28 -4.71
N GLU H 5 -17.29 22.44 -3.39
CA GLU H 5 -16.36 21.64 -2.59
C GLU H 5 -16.82 20.19 -2.50
N LEU H 6 -18.12 19.99 -2.39
CA LEU H 6 -18.71 18.65 -2.35
C LEU H 6 -18.69 18.01 -3.75
N MET H 7 -18.90 18.82 -4.77
CA MET H 7 -18.97 18.36 -6.16
C MET H 7 -17.61 17.97 -6.73
N ILE H 8 -16.57 18.75 -6.40
CA ILE H 8 -15.22 18.45 -6.89
C ILE H 8 -14.58 17.29 -6.13
N VAL H 9 -14.76 17.26 -4.80
CA VAL H 9 -14.18 16.20 -3.96
C VAL H 9 -14.86 14.83 -4.16
N ILE H 10 -16.10 14.81 -4.61
CA ILE H 10 -16.74 13.55 -5.01
C ILE H 10 -16.23 13.11 -6.40
N ALA H 11 -15.78 14.08 -7.18
CA ALA H 11 -15.30 13.84 -8.55
C ALA H 11 -13.78 13.66 -8.62
N ILE H 12 -13.08 13.96 -7.52
CA ILE H 12 -11.65 13.66 -7.43
C ILE H 12 -11.41 12.25 -6.88
N VAL H 13 -12.34 11.78 -6.04
CA VAL H 13 -12.30 10.41 -5.52
C VAL H 13 -12.73 9.44 -6.62
N GLY H 14 -13.64 9.89 -7.49
CA GLY H 14 -14.07 9.15 -8.66
C GLY H 14 -12.94 8.93 -9.65
N ILE H 15 -12.19 10.01 -9.94
CA ILE H 15 -11.04 9.91 -10.84
C ILE H 15 -9.82 9.28 -10.16
N LEU H 16 -9.79 9.34 -8.83
CA LEU H 16 -8.73 8.68 -8.04
C LEU H 16 -8.86 7.17 -8.14
N ALA H 17 -10.11 6.68 -8.17
CA ALA H 17 -10.40 5.27 -8.34
C ALA H 17 -10.03 4.80 -9.74
N ALA H 18 -10.23 5.67 -10.73
CA ALA H 18 -9.89 5.38 -12.12
C ALA H 18 -8.37 5.31 -12.35
N VAL H 19 -7.63 6.10 -11.57
CA VAL H 19 -6.17 6.06 -11.61
C VAL H 19 -5.64 4.90 -10.78
N ALA H 20 -6.33 4.58 -9.69
CA ALA H 20 -5.97 3.44 -8.84
C ALA H 20 -6.48 2.11 -9.42
N LEU H 21 -7.23 2.18 -10.50
CA LEU H 21 -7.82 1.00 -11.13
C LEU H 21 -6.79 0.10 -11.84
N PRO H 22 -5.95 0.64 -12.73
CA PRO H 22 -4.94 -0.17 -13.42
C PRO H 22 -3.80 -0.64 -12.52
N ALA H 23 -3.52 0.10 -11.45
CA ALA H 23 -2.47 -0.26 -10.49
C ALA H 23 -2.86 -1.49 -9.69
N TYR H 24 -4.11 -1.51 -9.21
CA TYR H 24 -4.66 -2.63 -8.47
C TYR H 24 -4.97 -3.81 -9.39
N GLN H 25 -5.36 -3.50 -10.64
CA GLN H 25 -5.54 -4.50 -11.68
C GLN H 25 -4.22 -5.11 -12.16
N ASP H 26 -3.14 -4.35 -12.02
CA ASP H 26 -1.84 -5.43 -12.51
C ASP H 26 -1.22 -5.97 -11.24
N TYR H 27 -1.31 -5.20 -10.16
CA TYR H 27 -0.76 -5.67 -8.90
C TYR H 27 -1.54 -6.93 -8.60
N THR H 28 -2.83 -6.86 -8.90
CA THR H 28 -3.73 -7.97 -8.67
C THR H 28 -3.37 -9.20 -9.50
N ALA H 29 -3.27 -9.02 -10.81
CA ALA H 29 -2.95 -10.13 -11.72
C ALA H 29 -1.59 -10.71 -11.37
N ARG H 30 -0.63 -9.82 -11.14
CA ARG H 30 0.73 -10.19 -10.80
C ARG H 30 0.71 -11.01 -9.53
N ALA H 31 -0.35 -10.85 -8.74
CA ALA H 31 -0.49 -11.58 -7.48
C ALA H 31 -1.08 -12.97 -7.71
N GLN H 32 -2.00 -13.06 -8.67
CA GLN H 32 -2.66 -14.30 -9.04
C GLN H 32 -1.72 -15.22 -9.82
N VAL H 33 -0.68 -14.65 -10.39
CA VAL H 33 0.29 -15.43 -11.14
C VAL H 33 1.33 -15.95 -10.19
N SER H 34 1.65 -15.16 -9.17
CA SER H 34 2.65 -15.56 -8.18
C SER H 34 2.24 -16.84 -7.48
N GLU H 35 0.97 -17.19 -7.60
CA GLU H 35 0.48 -18.39 -6.97
C GLU H 35 0.53 -19.56 -7.91
N ALA H 36 0.25 -19.30 -9.18
CA ALA H 36 0.32 -20.35 -10.17
C ALA H 36 1.74 -20.89 -10.05
N ILE H 37 2.65 -19.99 -9.71
CA ILE H 37 4.05 -20.34 -9.57
C ILE H 37 4.28 -21.19 -8.32
N LEU H 38 3.56 -20.89 -7.24
CA LEU H 38 3.75 -21.64 -6.01
C LEU H 38 3.14 -23.01 -6.13
N LEU H 39 2.07 -23.09 -6.93
CA LEU H 39 1.39 -24.36 -7.13
C LEU H 39 2.22 -25.23 -8.07
N ALA H 40 2.97 -24.58 -8.95
CA ALA H 40 3.80 -25.29 -9.89
C ALA H 40 4.98 -25.87 -9.13
N GLU H 41 5.56 -25.07 -8.25
CA GLU H 41 6.68 -25.52 -7.45
C GLU H 41 6.17 -26.53 -6.42
N GLY H 42 7.06 -27.07 -5.59
CA GLY H 42 6.64 -28.03 -4.58
C GLY H 42 6.26 -29.34 -5.24
N GLN H 43 6.36 -29.32 -6.56
CA GLN H 43 6.09 -30.47 -7.38
C GLN H 43 7.40 -30.68 -8.11
N LYS H 44 8.37 -29.87 -7.73
CA LYS H 44 9.70 -29.96 -8.29
C LYS H 44 10.29 -31.18 -7.61
N SER H 45 10.01 -31.31 -6.32
CA SER H 45 10.49 -32.42 -5.51
C SER H 45 10.20 -33.76 -6.19
N ALA H 46 8.94 -34.03 -6.46
CA ALA H 46 8.58 -35.27 -7.10
C ALA H 46 9.37 -35.43 -8.40
N VAL H 47 9.29 -34.43 -9.26
CA VAL H 47 9.98 -34.48 -10.54
C VAL H 47 11.50 -34.64 -10.43
N THR H 48 12.11 -33.95 -9.49
CA THR H 48 13.55 -34.05 -9.29
C THR H 48 13.92 -35.47 -8.89
N GLU H 49 13.24 -35.96 -7.87
CA GLU H 49 13.53 -37.30 -7.40
C GLU H 49 13.33 -38.29 -8.54
N TYR H 50 12.17 -38.25 -9.20
CA TYR H 50 11.94 -39.19 -10.29
C TYR H 50 13.11 -39.19 -11.28
N TYR H 51 13.57 -38.01 -11.68
CA TYR H 51 14.68 -37.92 -12.62
C TYR H 51 16.01 -38.50 -12.09
N LEU H 52 16.42 -38.05 -10.91
CA LEU H 52 17.67 -38.54 -10.30
C LEU H 52 17.64 -40.04 -10.02
N ASN H 53 16.49 -40.56 -9.62
CA ASN H 53 16.41 -41.99 -9.34
C ASN H 53 16.37 -42.84 -10.60
N HIS H 54 15.77 -42.34 -11.68
CA HIS H 54 15.66 -43.12 -12.91
C HIS H 54 16.43 -42.61 -14.13
N GLY H 55 16.77 -41.33 -14.14
CA GLY H 55 17.48 -40.81 -15.29
C GLY H 55 16.56 -40.49 -16.46
N LYS H 56 15.25 -40.51 -16.21
CA LYS H 56 14.24 -40.19 -17.21
C LYS H 56 13.26 -39.24 -16.55
N TRP H 57 12.76 -38.25 -17.29
CA TRP H 57 11.81 -37.28 -16.73
C TRP H 57 10.44 -37.92 -16.61
N PRO H 58 9.71 -37.62 -15.52
CA PRO H 58 8.37 -38.21 -15.34
C PRO H 58 7.44 -37.81 -16.48
N GLU H 59 6.85 -38.80 -17.15
CA GLU H 59 5.96 -38.52 -18.28
C GLU H 59 4.72 -37.73 -17.93
N ASN H 60 4.12 -38.04 -16.78
CA ASN H 60 2.91 -37.36 -16.33
C ASN H 60 2.82 -37.32 -14.82
N ASN H 61 1.80 -36.65 -14.30
CA ASN H 61 1.62 -36.54 -12.85
C ASN H 61 1.75 -37.84 -12.07
N THR H 62 1.09 -38.88 -12.57
CA THR H 62 1.12 -40.18 -11.92
C THR H 62 2.53 -40.72 -11.86
N SER H 63 3.28 -40.56 -12.94
CA SER H 63 4.66 -41.01 -12.95
C SER H 63 5.41 -40.26 -11.86
N ALA H 64 5.22 -38.95 -11.80
CA ALA H 64 5.92 -38.13 -10.80
C ALA H 64 5.44 -38.44 -9.40
N GLY H 65 4.33 -39.16 -9.31
CA GLY H 65 3.79 -39.49 -8.00
C GLY H 65 3.07 -38.31 -7.40
N VAL H 66 2.12 -37.76 -8.15
CA VAL H 66 1.34 -36.63 -7.68
C VAL H 66 -0.08 -36.83 -8.17
N ALA H 67 -1.02 -36.10 -7.58
CA ALA H 67 -2.42 -36.21 -7.96
C ALA H 67 -2.51 -36.61 -9.42
N SER H 68 -2.75 -37.90 -9.64
CA SER H 68 -2.83 -38.45 -10.98
C SER H 68 -3.66 -37.59 -11.92
N SER H 69 -4.46 -36.69 -11.35
CA SER H 69 -5.33 -35.84 -12.15
C SER H 69 -4.85 -34.38 -12.13
N PRO H 70 -4.49 -33.82 -13.30
CA PRO H 70 -4.02 -32.44 -13.37
C PRO H 70 -4.93 -31.49 -12.62
N THR H 71 -6.23 -31.67 -12.84
CA THR H 71 -7.28 -30.86 -12.22
C THR H 71 -7.30 -31.00 -10.71
N ASP H 72 -6.55 -31.95 -10.17
CA ASP H 72 -6.53 -32.14 -8.74
C ASP H 72 -5.45 -31.26 -8.11
N ILE H 73 -4.69 -30.56 -8.95
CA ILE H 73 -3.64 -29.67 -8.48
C ILE H 73 -3.98 -28.23 -8.85
N LYS H 74 -5.24 -27.88 -8.62
CA LYS H 74 -5.74 -26.54 -8.94
C LYS H 74 -5.75 -25.64 -7.72
N GLY H 75 -6.16 -24.40 -7.95
CA GLY H 75 -6.24 -23.44 -6.88
C GLY H 75 -7.36 -22.45 -7.13
N LYS H 76 -7.22 -21.27 -6.55
CA LYS H 76 -8.20 -20.20 -6.67
C LYS H 76 -8.13 -19.58 -8.06
N TYR H 77 -6.92 -19.33 -8.52
CA TYR H 77 -6.68 -18.73 -9.82
C TYR H 77 -6.09 -19.80 -10.73
N VAL H 78 -5.74 -20.93 -10.14
CA VAL H 78 -5.15 -22.01 -10.90
C VAL H 78 -6.16 -23.09 -11.20
N LYS H 79 -6.36 -23.32 -12.49
CA LYS H 79 -7.30 -24.35 -12.93
C LYS H 79 -6.65 -25.72 -12.91
N GLU H 80 -5.32 -25.76 -12.78
CA GLU H 80 -4.58 -27.00 -12.72
C GLU H 80 -3.06 -26.87 -12.84
N VAL H 81 -2.40 -28.03 -12.81
CA VAL H 81 -0.96 -28.14 -12.91
C VAL H 81 -0.67 -29.55 -13.44
N GLU H 82 -0.10 -29.59 -14.64
CA GLU H 82 0.21 -30.85 -15.29
C GLU H 82 1.71 -31.04 -15.48
N VAL H 83 2.16 -32.26 -15.27
CA VAL H 83 3.56 -32.61 -15.44
C VAL H 83 3.60 -33.33 -16.76
N LYS H 84 4.36 -32.79 -17.70
CA LYS H 84 4.49 -33.40 -19.00
C LYS H 84 5.97 -33.54 -19.33
N ASN H 85 6.49 -34.74 -19.10
CA ASN H 85 7.91 -35.07 -19.31
C ASN H 85 8.82 -34.19 -18.47
N GLY H 86 8.53 -34.11 -17.18
CA GLY H 86 9.33 -33.31 -16.27
C GLY H 86 8.99 -31.83 -16.25
N VAL H 87 8.32 -31.36 -17.30
CA VAL H 87 7.92 -29.96 -17.38
C VAL H 87 6.61 -29.82 -16.62
N VAL H 88 6.56 -28.87 -15.70
CA VAL H 88 5.35 -28.66 -14.93
C VAL H 88 4.72 -27.34 -15.36
N THR H 89 3.54 -27.42 -15.92
CA THR H 89 2.81 -26.24 -16.41
C THR H 89 1.62 -25.91 -15.52
N ALA H 90 1.42 -24.62 -15.23
CA ALA H 90 0.29 -24.23 -14.38
C ALA H 90 -0.69 -23.39 -15.18
N THR H 91 -1.96 -23.80 -15.18
CA THR H 91 -2.98 -23.06 -15.91
C THR H 91 -3.81 -22.16 -15.00
N MET H 92 -4.06 -20.95 -15.48
CA MET H 92 -4.84 -19.98 -14.75
C MET H 92 -6.33 -20.26 -14.96
N LEU H 93 -7.09 -20.28 -13.87
CA LEU H 93 -8.51 -20.52 -13.94
C LEU H 93 -9.16 -19.53 -14.93
N SER H 94 -10.49 -19.52 -14.96
CA SER H 94 -11.19 -18.60 -15.84
C SER H 94 -12.03 -17.66 -14.98
N SER H 95 -12.24 -18.06 -13.74
CA SER H 95 -13.02 -17.26 -12.79
C SER H 95 -12.20 -16.87 -11.57
N GLY H 96 -12.25 -15.58 -11.22
CA GLY H 96 -11.52 -15.08 -10.07
C GLY H 96 -10.17 -14.47 -10.40
N VAL H 97 -9.87 -14.31 -11.68
CA VAL H 97 -8.58 -13.75 -12.09
C VAL H 97 -8.69 -12.40 -12.83
N ASN H 98 -7.54 -11.84 -13.19
CA ASN H 98 -7.47 -10.56 -13.89
C ASN H 98 -8.46 -10.47 -15.03
N ASN H 99 -7.96 -10.66 -16.25
CA ASN H 99 -8.80 -10.59 -17.44
C ASN H 99 -7.94 -10.95 -18.63
N GLU H 100 -6.66 -10.60 -18.57
CA GLU H 100 -5.76 -10.90 -19.66
C GLU H 100 -4.79 -11.98 -19.25
N ILE H 101 -5.14 -12.73 -18.20
CA ILE H 101 -4.28 -13.81 -17.74
C ILE H 101 -5.01 -15.14 -17.50
N LYS H 102 -6.34 -15.13 -17.58
CA LYS H 102 -7.09 -16.35 -17.36
C LYS H 102 -6.92 -17.35 -18.49
N GLY H 103 -6.94 -18.63 -18.13
CA GLY H 103 -6.77 -19.67 -19.13
C GLY H 103 -5.34 -19.59 -19.64
N LYS H 104 -4.53 -18.74 -19.01
CA LYS H 104 -3.13 -18.60 -19.44
C LYS H 104 -2.22 -19.36 -18.49
N LYS H 105 -1.06 -19.77 -18.99
CA LYS H 105 -0.16 -20.54 -18.15
C LYS H 105 1.34 -20.33 -18.29
N LEU H 106 2.09 -20.91 -17.34
CA LEU H 106 3.54 -20.86 -17.31
C LEU H 106 4.11 -22.28 -17.09
N SER H 107 5.43 -22.42 -17.15
CA SER H 107 6.05 -23.72 -16.98
C SER H 107 7.32 -23.66 -16.16
N LEU H 108 7.62 -24.78 -15.54
CA LEU H 108 8.80 -24.96 -14.73
C LEU H 108 9.40 -26.20 -15.36
N TRP H 109 10.68 -26.15 -15.68
CA TRP H 109 11.32 -27.30 -16.26
C TRP H 109 12.70 -27.33 -15.71
N ALA H 110 13.36 -28.47 -15.80
CA ALA H 110 14.69 -28.56 -15.25
C ALA H 110 15.69 -29.04 -16.27
N ARG H 111 16.94 -29.08 -15.85
CA ARG H 111 18.00 -29.51 -16.72
C ARG H 111 18.99 -30.35 -15.93
N ARG H 112 19.46 -31.41 -16.56
CA ARG H 112 20.44 -32.29 -15.94
C ARG H 112 21.71 -31.52 -15.65
N GLU H 113 22.14 -31.50 -14.40
CA GLU H 113 23.39 -30.85 -14.06
C GLU H 113 24.44 -31.93 -13.98
N ASN H 114 23.96 -33.17 -13.93
CA ASN H 114 24.80 -34.35 -13.83
C ASN H 114 25.04 -34.57 -12.34
N GLY H 115 24.18 -35.38 -11.73
CA GLY H 115 24.29 -35.62 -10.30
C GLY H 115 23.23 -34.80 -9.57
N SER H 116 22.67 -33.83 -10.29
CA SER H 116 21.63 -32.95 -9.77
C SER H 116 21.03 -32.22 -10.96
N VAL H 117 19.99 -31.42 -10.71
CA VAL H 117 19.36 -30.65 -11.77
C VAL H 117 19.14 -29.22 -11.32
N LYS H 118 18.93 -28.32 -12.28
CA LYS H 118 18.65 -26.94 -11.98
C LYS H 118 17.29 -26.59 -12.58
N TRP H 119 16.46 -25.85 -11.84
CA TRP H 119 15.14 -25.48 -12.32
C TRP H 119 14.99 -24.09 -12.92
N PHE H 120 14.10 -23.99 -13.88
CA PHE H 120 13.84 -22.73 -14.55
C PHE H 120 12.35 -22.45 -14.40
N CYS H 121 11.98 -21.19 -14.58
CA CYS H 121 10.59 -20.77 -14.45
C CYS H 121 10.33 -19.71 -15.51
N GLY H 122 9.28 -19.89 -16.30
CA GLY H 122 8.99 -18.92 -17.33
C GLY H 122 7.71 -19.20 -18.09
N GLN H 123 7.67 -18.75 -19.34
CA GLN H 123 6.50 -18.95 -20.19
C GLN H 123 6.49 -20.37 -20.71
N PRO H 124 5.31 -20.98 -20.83
CA PRO H 124 5.09 -22.36 -21.30
C PRO H 124 6.14 -22.90 -22.23
N VAL H 125 6.55 -24.13 -21.98
CA VAL H 125 7.55 -24.78 -22.81
C VAL H 125 7.22 -26.26 -23.00
N THR H 126 7.76 -26.87 -24.05
CA THR H 126 7.50 -28.28 -24.31
C THR H 126 8.84 -28.99 -24.23
N ARG H 127 8.88 -30.24 -23.79
CA ARG H 127 10.17 -30.91 -23.78
C ARG H 127 10.39 -31.65 -25.09
N THR H 128 11.58 -31.47 -25.64
CA THR H 128 11.95 -32.11 -26.89
C THR H 128 12.68 -33.40 -26.53
N ASP H 129 13.88 -33.25 -25.98
CA ASP H 129 14.66 -34.40 -25.55
C ASP H 129 14.96 -34.26 -24.06
N ASP H 130 15.62 -35.24 -23.46
CA ASP H 130 15.87 -35.20 -22.02
C ASP H 130 16.61 -33.98 -21.52
N ASP H 131 17.18 -33.21 -22.43
CA ASP H 131 17.91 -32.03 -22.01
C ASP H 131 17.61 -30.83 -22.88
N THR H 132 16.40 -30.78 -23.42
CA THR H 132 16.01 -29.69 -24.29
C THR H 132 14.50 -29.52 -24.36
N VAL H 133 14.05 -28.28 -24.20
CA VAL H 133 12.64 -27.92 -24.26
C VAL H 133 12.52 -26.77 -25.24
N ALA H 134 11.30 -26.36 -25.57
CA ALA H 134 11.11 -25.26 -26.51
C ALA H 134 9.79 -24.56 -26.25
N ASP H 135 9.72 -23.31 -26.68
CA ASP H 135 8.53 -22.51 -26.47
C ASP H 135 7.29 -23.23 -26.93
N ALA H 136 6.32 -23.33 -26.04
CA ALA H 136 5.06 -23.95 -26.39
C ALA H 136 4.29 -22.79 -27.02
N LYS H 137 4.90 -22.17 -28.04
CA LYS H 137 4.28 -21.04 -28.74
C LYS H 137 2.88 -21.41 -29.21
N ASP H 138 1.87 -20.71 -28.71
CA ASP H 138 0.51 -21.02 -29.10
C ASP H 138 -0.45 -19.88 -28.80
N GLY H 139 -0.03 -18.93 -27.95
CA GLY H 139 -0.87 -17.79 -27.62
C GLY H 139 -1.51 -17.74 -26.24
N LYS H 140 -1.34 -18.78 -25.44
CA LYS H 140 -1.94 -18.80 -24.10
C LYS H 140 -0.90 -18.57 -22.97
N GLU H 141 0.27 -18.08 -23.32
CA GLU H 141 1.30 -17.82 -22.31
C GLU H 141 0.99 -16.58 -21.50
N ILE H 142 1.25 -16.64 -20.19
CA ILE H 142 1.04 -15.49 -19.35
C ILE H 142 2.06 -14.44 -19.79
N ASP H 143 1.56 -13.25 -20.07
CA ASP H 143 2.34 -12.11 -20.52
C ASP H 143 3.50 -11.74 -19.63
N THR H 144 4.66 -11.50 -20.23
CA THR H 144 5.84 -11.14 -19.44
C THR H 144 5.58 -10.15 -18.31
N LYS H 145 4.72 -9.16 -18.55
CA LYS H 145 4.47 -8.16 -17.51
C LYS H 145 3.90 -8.74 -16.22
N HIS H 146 3.26 -9.91 -16.31
CA HIS H 146 2.66 -10.52 -15.13
C HIS H 146 3.58 -11.50 -14.42
N LEU H 147 4.75 -11.74 -14.99
CA LEU H 147 5.68 -12.68 -14.39
C LEU H 147 6.76 -12.04 -13.52
N PRO H 148 7.00 -12.63 -12.35
CA PRO H 148 8.02 -12.16 -11.41
C PRO H 148 9.36 -12.01 -12.12
N SER H 149 10.30 -11.37 -11.45
CA SER H 149 11.64 -11.19 -12.00
C SER H 149 12.34 -12.57 -11.95
N THR H 150 11.89 -13.41 -11.03
CA THR H 150 12.47 -14.73 -10.86
C THR H 150 11.88 -15.75 -11.81
N CYS H 151 10.96 -15.34 -12.69
CA CYS H 151 10.36 -16.29 -13.61
C CYS H 151 10.34 -15.73 -15.01
N ARG H 152 11.49 -15.22 -15.44
CA ARG H 152 11.64 -14.65 -16.78
C ARG H 152 12.51 -15.56 -17.62
N ASP H 153 12.65 -16.82 -17.26
CA ASP H 153 13.51 -17.74 -18.02
C ASP H 153 13.07 -18.12 -19.45
N ASN H 154 14.02 -18.14 -20.37
CA ASN H 154 13.79 -18.51 -21.77
C ASN H 154 14.02 -20.01 -21.98
N PHE H 155 13.37 -20.55 -23.01
CA PHE H 155 13.47 -21.96 -23.32
C PHE H 155 14.93 -22.46 -23.32
N ASP H 156 15.88 -21.61 -23.71
CA ASP H 156 17.27 -22.07 -23.75
C ASP H 156 18.15 -21.60 -22.59
N ALA H 157 17.54 -21.21 -21.49
CA ALA H 157 18.30 -20.78 -20.33
C ALA H 157 19.14 -21.95 -19.85
N LYS H 158 20.37 -21.70 -19.42
CA LYS H 158 21.20 -22.78 -18.92
C LYS H 158 21.67 -22.40 -17.53
N MEA I 1 -10.74 24.94 -5.96
CA MEA I 1 -12.16 24.87 -5.51
C MEA I 1 -12.57 23.48 -5.02
O MEA I 1 -13.46 23.37 -4.16
N THR I 2 -11.92 22.44 -5.53
CA THR I 2 -12.35 21.06 -5.26
C THR I 2 -11.27 19.98 -5.14
N LEU I 3 -10.71 19.59 -6.29
CA LEU I 3 -10.08 18.28 -6.48
C LEU I 3 -8.73 18.09 -5.77
N ILE I 4 -8.78 17.67 -4.51
CA ILE I 4 -7.55 17.41 -3.75
C ILE I 4 -7.45 15.97 -3.24
N GLU I 5 -8.56 15.23 -3.30
CA GLU I 5 -8.60 13.84 -2.87
C GLU I 5 -7.83 12.94 -3.82
N LEU I 6 -7.91 13.23 -5.12
CA LEU I 6 -7.16 12.50 -6.14
C LEU I 6 -5.68 12.87 -6.12
N MET I 7 -5.40 14.15 -5.84
CA MET I 7 -4.04 14.68 -5.84
C MET I 7 -3.22 14.23 -4.62
N ILE I 8 -3.86 14.18 -3.45
CA ILE I 8 -3.18 13.74 -2.23
C ILE I 8 -2.99 12.22 -2.20
N VAL I 9 -4.03 11.47 -2.61
CA VAL I 9 -3.98 10.01 -2.59
C VAL I 9 -3.04 9.42 -3.67
N ILE I 10 -2.79 10.16 -4.74
CA ILE I 10 -1.75 9.76 -5.70
C ILE I 10 -0.36 10.10 -5.17
N ALA I 11 -0.30 11.08 -4.26
CA ALA I 11 0.96 11.53 -3.67
C ALA I 11 1.27 10.86 -2.33
N ILE I 12 0.30 10.14 -1.77
CA ILE I 12 0.55 9.32 -0.58
C ILE I 12 1.00 7.92 -0.96
N VAL I 13 0.56 7.44 -2.13
CA VAL I 13 0.99 6.16 -2.67
C VAL I 13 2.41 6.30 -3.23
N GLY I 14 2.72 7.49 -3.74
CA GLY I 14 4.05 7.82 -4.21
C GLY I 14 5.07 7.85 -3.08
N ILE I 15 4.71 8.48 -1.97
CA ILE I 15 5.58 8.52 -0.78
C ILE I 15 5.56 7.19 -0.01
N LEU I 16 4.47 6.42 -0.18
CA LEU I 16 4.37 5.09 0.42
C LEU I 16 5.37 4.14 -0.23
N ALA I 17 5.57 4.29 -1.54
CA ALA I 17 6.55 3.51 -2.29
C ALA I 17 7.97 3.87 -1.88
N ALA I 18 8.19 5.16 -1.58
CA ALA I 18 9.48 5.65 -1.13
C ALA I 18 9.84 5.16 0.27
N VAL I 19 8.83 4.97 1.11
CA VAL I 19 9.01 4.40 2.45
C VAL I 19 9.14 2.87 2.37
N ALA I 20 8.42 2.26 1.43
CA ALA I 20 8.49 0.82 1.20
C ALA I 20 9.71 0.43 0.36
N LEU I 21 10.45 1.42 -0.12
CA LEU I 21 11.61 1.20 -0.98
C LEU I 21 12.81 0.59 -0.23
N PRO I 22 13.26 1.18 0.88
CA PRO I 22 14.40 0.63 1.64
C PRO I 22 14.09 -0.69 2.36
N ALA I 23 12.82 -0.90 2.71
CA ALA I 23 12.39 -2.14 3.37
C ALA I 23 12.48 -3.34 2.43
N TYR I 24 12.00 -3.15 1.21
CA TYR I 24 12.06 -4.18 0.16
C TYR I 24 13.49 -4.32 -0.38
N GLN I 25 14.23 -3.21 -0.41
CA GLN I 25 15.64 -3.23 -0.77
C GLN I 25 16.51 -3.86 0.32
N ASP I 26 16.05 -3.83 1.57
CA ASP I 26 17.21 -4.81 2.44
C ASP I 26 16.62 -6.18 2.60
N TYR I 27 15.29 -6.25 2.61
CA TYR I 27 14.64 -7.55 2.73
C TYR I 27 15.11 -8.31 1.51
N THR I 28 15.18 -7.59 0.41
CA THR I 28 15.60 -8.15 -0.86
C THR I 28 17.04 -8.65 -0.84
N ALA I 29 17.97 -7.78 -0.44
CA ALA I 29 19.38 -8.14 -0.38
C ALA I 29 19.61 -9.27 0.58
N ARG I 30 18.97 -9.16 1.74
CA ARG I 30 19.06 -10.15 2.80
C ARG I 30 18.56 -11.48 2.28
N ALA I 31 17.75 -11.43 1.22
CA ALA I 31 17.20 -12.65 0.62
C ALA I 31 18.19 -13.25 -0.39
N GLN I 32 18.90 -12.38 -1.08
CA GLN I 32 19.89 -12.78 -2.09
C GLN I 32 21.16 -13.32 -1.43
N VAL I 33 21.35 -12.98 -0.16
CA VAL I 33 22.51 -13.44 0.58
C VAL I 33 22.18 -14.80 1.18
N SER I 34 20.93 -14.96 1.59
CA SER I 34 20.50 -16.22 2.19
C SER I 34 20.70 -17.39 1.24
N GLU I 35 20.89 -17.07 -0.03
CA GLU I 35 21.09 -18.11 -1.03
C GLU I 35 22.55 -18.38 -1.23
N ALA I 36 23.36 -17.33 -1.18
CA ALA I 36 24.79 -17.50 -1.32
C ALA I 36 25.15 -18.49 -0.24
N ILE I 37 24.43 -18.41 0.86
CA ILE I 37 24.67 -19.29 2.00
C ILE I 37 24.23 -20.72 1.69
N LEU I 38 23.13 -20.87 0.96
CA LEU I 38 22.65 -22.22 0.65
C LEU I 38 23.54 -22.86 -0.38
N LEU I 39 24.11 -22.04 -1.25
CA LEU I 39 24.99 -22.55 -2.30
C LEU I 39 26.33 -22.91 -1.69
N ALA I 40 26.69 -22.21 -0.62
CA ALA I 40 27.95 -22.46 0.05
C ALA I 40 27.82 -23.78 0.79
N GLU I 41 26.69 -23.97 1.46
CA GLU I 41 26.45 -25.21 2.20
C GLU I 41 26.22 -26.33 1.19
N GLY I 42 25.99 -27.54 1.67
CA GLY I 42 25.75 -28.66 0.76
C GLY I 42 27.03 -29.04 0.06
N GLN I 43 28.07 -28.27 0.37
CA GLN I 43 29.40 -28.49 -0.13
C GLN I 43 30.21 -28.71 1.11
N LYS I 44 29.51 -28.74 2.23
CA LYS I 44 30.13 -28.98 3.51
C LYS I 44 30.41 -30.47 3.51
N SER I 45 29.45 -31.23 2.98
CA SER I 45 29.55 -32.67 2.87
C SER I 45 30.87 -33.10 2.26
N ALA I 46 31.13 -32.63 1.04
CA ALA I 46 32.37 -32.98 0.37
C ALA I 46 33.56 -32.63 1.26
N VAL I 47 33.61 -31.38 1.71
CA VAL I 47 34.70 -30.90 2.54
C VAL I 47 34.86 -31.67 3.85
N THR I 48 33.76 -31.99 4.50
CA THR I 48 33.81 -32.73 5.75
C THR I 48 34.40 -34.10 5.51
N GLU I 49 33.84 -34.81 4.55
CA GLU I 49 34.32 -36.13 4.24
C GLU I 49 35.81 -36.07 3.90
N TYR I 50 36.18 -35.20 2.97
CA TYR I 50 37.59 -35.12 2.61
C TYR I 50 38.49 -34.97 3.84
N TYR I 51 38.10 -34.08 4.76
CA TYR I 51 38.91 -33.87 5.97
C TYR I 51 38.96 -35.12 6.90
N LEU I 52 37.80 -35.67 7.23
CA LEU I 52 37.75 -36.85 8.10
C LEU I 52 38.46 -38.07 7.49
N ASN I 53 38.35 -38.23 6.17
CA ASN I 53 39.00 -39.36 5.53
C ASN I 53 40.51 -39.19 5.41
N HIS I 54 40.99 -37.96 5.23
CA HIS I 54 42.41 -37.73 5.06
C HIS I 54 43.14 -36.94 6.14
N GLY I 55 42.38 -36.16 6.93
CA GLY I 55 43.03 -35.38 7.97
C GLY I 55 43.66 -34.11 7.44
N LYS I 56 43.35 -33.77 6.19
CA LYS I 56 43.85 -32.56 5.54
C LYS I 56 42.64 -31.90 4.86
N TRP I 57 42.56 -30.57 4.89
CA TRP I 57 41.44 -29.87 4.26
C TRP I 57 41.61 -29.86 2.77
N PRO I 58 40.51 -30.01 2.02
CA PRO I 58 40.61 -30.02 0.55
C PRO I 58 41.15 -28.70 0.03
N GLU I 59 42.24 -28.76 -0.75
CA GLU I 59 42.85 -27.54 -1.27
C GLU I 59 41.98 -26.72 -2.20
N ASN I 60 41.22 -27.40 -3.05
CA ASN I 60 40.34 -26.72 -3.99
C ASN I 60 39.12 -27.57 -4.33
N ASN I 61 38.19 -27.01 -5.11
CA ASN I 61 36.98 -27.73 -5.48
C ASN I 61 37.18 -29.16 -5.96
N THR I 62 38.16 -29.34 -6.85
CA THR I 62 38.45 -30.66 -7.40
C THR I 62 38.86 -31.62 -6.31
N SER I 63 39.68 -31.14 -5.38
CA SER I 63 40.10 -31.98 -4.27
C SER I 63 38.87 -32.40 -3.50
N ALA I 64 37.98 -31.45 -3.22
CA ALA I 64 36.77 -31.74 -2.46
C ALA I 64 35.81 -32.62 -3.25
N GLY I 65 36.08 -32.75 -4.54
CA GLY I 65 35.22 -33.55 -5.38
C GLY I 65 33.96 -32.81 -5.71
N VAL I 66 34.11 -31.61 -6.26
CA VAL I 66 32.96 -30.80 -6.65
C VAL I 66 33.34 -30.09 -7.94
N ALA I 67 32.34 -29.58 -8.64
CA ALA I 67 32.57 -28.89 -9.91
C ALA I 67 33.96 -28.26 -9.88
N SER I 68 34.90 -28.93 -10.52
CA SER I 68 36.28 -28.48 -10.57
C SER I 68 36.40 -26.99 -10.86
N SER I 69 35.33 -26.40 -11.37
CA SER I 69 35.34 -24.99 -11.74
C SER I 69 34.47 -24.17 -10.77
N PRO I 70 35.08 -23.21 -10.03
CA PRO I 70 34.32 -22.37 -9.08
C PRO I 70 33.06 -21.81 -9.73
N THR I 71 33.24 -21.30 -10.94
CA THR I 71 32.14 -20.71 -11.71
C THR I 71 31.05 -21.70 -12.04
N ASP I 72 31.29 -22.97 -11.79
CA ASP I 72 30.27 -23.97 -12.08
C ASP I 72 29.34 -24.15 -10.88
N ILE I 73 29.65 -23.45 -9.79
CA ILE I 73 28.83 -23.51 -8.58
C ILE I 73 28.20 -22.14 -8.32
N LYS I 74 27.68 -21.55 -9.39
CA LYS I 74 27.07 -20.24 -9.32
C LYS I 74 25.55 -20.33 -9.21
N GLY I 75 24.92 -19.17 -9.10
CA GLY I 75 23.49 -19.09 -9.02
C GLY I 75 22.97 -17.82 -9.65
N LYS I 76 21.80 -17.40 -9.20
CA LYS I 76 21.14 -16.19 -9.69
C LYS I 76 21.86 -14.95 -9.17
N TYR I 77 22.17 -14.98 -7.88
CA TYR I 77 22.85 -13.87 -7.24
C TYR I 77 24.27 -14.29 -6.91
N VAL I 78 24.55 -15.58 -7.10
CA VAL I 78 25.86 -16.11 -6.81
C VAL I 78 26.67 -16.29 -8.07
N LYS I 79 27.80 -15.61 -8.12
CA LYS I 79 28.68 -15.69 -9.28
C LYS I 79 29.57 -16.93 -9.19
N GLU I 80 29.63 -17.53 -8.00
CA GLU I 80 30.42 -18.74 -7.77
C GLU I 80 30.57 -19.17 -6.31
N VAL I 81 31.32 -20.24 -6.13
CA VAL I 81 31.60 -20.82 -4.83
C VAL I 81 32.91 -21.59 -4.97
N GLU I 82 33.93 -21.14 -4.27
CA GLU I 82 35.25 -21.74 -4.31
C GLU I 82 35.64 -22.33 -2.97
N VAL I 83 36.29 -23.50 -3.03
CA VAL I 83 36.77 -24.17 -1.85
C VAL I 83 38.25 -23.91 -1.84
N LYS I 84 38.72 -23.26 -0.80
CA LYS I 84 40.14 -22.94 -0.67
C LYS I 84 40.62 -23.42 0.70
N ASN I 85 41.22 -24.62 0.70
CA ASN I 85 41.73 -25.26 1.92
C ASN I 85 40.61 -25.49 2.93
N GLY I 86 39.53 -26.11 2.47
CA GLY I 86 38.40 -26.41 3.35
C GLY I 86 37.44 -25.25 3.55
N VAL I 87 37.91 -24.03 3.30
CA VAL I 87 37.08 -22.84 3.43
C VAL I 87 36.27 -22.69 2.16
N VAL I 88 34.95 -22.55 2.29
CA VAL I 88 34.11 -22.41 1.12
C VAL I 88 33.56 -20.99 1.10
N THR I 89 33.95 -20.24 0.07
CA THR I 89 33.53 -18.84 -0.08
C THR I 89 32.52 -18.69 -1.21
N ALA I 90 31.48 -17.88 -0.98
CA ALA I 90 30.47 -17.68 -2.02
C ALA I 90 30.48 -16.23 -2.49
N THR I 91 30.61 -16.03 -3.79
CA THR I 91 30.63 -14.67 -4.34
C THR I 91 29.29 -14.28 -4.93
N MET I 92 28.90 -13.04 -4.65
CA MET I 92 27.64 -12.50 -5.15
C MET I 92 27.84 -11.98 -6.56
N LEU I 93 26.93 -12.37 -7.46
CA LEU I 93 26.99 -11.95 -8.85
C LEU I 93 27.10 -10.42 -8.91
N SER I 94 26.99 -9.86 -10.12
CA SER I 94 27.05 -8.42 -10.29
C SER I 94 25.72 -7.96 -10.87
N SER I 95 24.97 -8.90 -11.42
CA SER I 95 23.66 -8.60 -12.02
C SER I 95 22.54 -9.38 -11.32
N GLY I 96 21.48 -8.66 -10.97
CA GLY I 96 20.34 -9.30 -10.31
C GLY I 96 20.34 -9.19 -8.80
N VAL I 97 21.28 -8.43 -8.25
CA VAL I 97 21.37 -8.28 -6.80
C VAL I 97 21.11 -6.85 -6.28
N ASN I 98 21.15 -6.68 -4.97
CA ASN I 98 20.91 -5.39 -4.33
C ASN I 98 21.67 -4.26 -5.01
N ASN I 99 22.78 -3.86 -4.41
CA ASN I 99 23.58 -2.78 -4.95
C ASN I 99 24.82 -2.64 -4.08
N GLU I 100 24.67 -2.92 -2.79
CA GLU I 100 25.80 -2.83 -1.90
C GLU I 100 26.23 -4.21 -1.46
N ILE I 101 25.85 -5.23 -2.23
CA ILE I 101 26.24 -6.60 -1.90
C ILE I 101 26.79 -7.38 -3.09
N LYS I 102 26.73 -6.82 -4.29
CA LYS I 102 27.23 -7.53 -5.46
C LYS I 102 28.76 -7.61 -5.47
N GLY I 103 29.26 -8.71 -6.01
CA GLY I 103 30.70 -8.91 -6.05
C GLY I 103 31.18 -9.10 -4.62
N LYS I 104 30.24 -9.20 -3.68
CA LYS I 104 30.63 -9.38 -2.29
C LYS I 104 30.44 -10.83 -1.89
N LYS I 105 31.18 -11.26 -0.88
CA LYS I 105 31.09 -12.66 -0.47
C LYS I 105 31.22 -13.01 1.02
N LEU I 106 30.91 -14.27 1.33
CA LEU I 106 30.99 -14.81 2.67
C LEU I 106 31.75 -16.16 2.65
N SER I 107 32.00 -16.73 3.82
CA SER I 107 32.73 -17.98 3.89
C SER I 107 32.19 -18.91 4.93
N LEU I 108 32.41 -20.20 4.70
CA LEU I 108 32.00 -21.26 5.58
C LEU I 108 33.31 -21.98 5.80
N TRP I 109 33.66 -22.26 7.04
CA TRP I 109 34.88 -22.96 7.32
C TRP I 109 34.60 -23.84 8.48
N ALA I 110 35.43 -24.84 8.69
CA ALA I 110 35.18 -25.75 9.79
C ALA I 110 36.38 -25.86 10.70
N ARG I 111 36.19 -26.62 11.77
CA ARG I 111 37.23 -26.81 12.74
C ARG I 111 37.23 -28.24 13.21
N ARG I 112 38.42 -28.80 13.37
CA ARG I 112 38.57 -30.17 13.85
C ARG I 112 37.99 -30.29 15.25
N GLU I 113 37.04 -31.19 15.42
CA GLU I 113 36.49 -31.42 16.75
C GLU I 113 37.19 -32.64 17.31
N ASN I 114 37.88 -33.35 16.42
CA ASN I 114 38.60 -34.56 16.75
C ASN I 114 37.60 -35.70 16.63
N GLY I 115 37.53 -36.29 15.45
CA GLY I 115 36.58 -37.36 15.21
C GLY I 115 35.41 -36.82 14.41
N SER I 116 35.31 -35.50 14.37
CA SER I 116 34.27 -34.79 13.64
C SER I 116 34.69 -33.32 13.56
N VAL I 117 33.90 -32.52 12.85
CA VAL I 117 34.20 -31.10 12.73
C VAL I 117 32.94 -30.28 12.96
N LYS I 118 33.12 -28.99 13.26
CA LYS I 118 32.00 -28.10 13.44
C LYS I 118 32.13 -26.95 12.42
N TRP I 119 31.01 -26.58 11.81
CA TRP I 119 31.04 -25.52 10.80
C TRP I 119 30.64 -24.13 11.27
N PHE I 120 31.24 -23.14 10.64
CA PHE I 120 30.97 -21.75 10.97
C PHE I 120 30.53 -21.07 9.69
N CYS I 121 29.86 -19.93 9.83
CA CYS I 121 29.36 -19.18 8.68
C CYS I 121 29.52 -17.70 9.01
N GLY I 122 30.15 -16.95 8.11
CA GLY I 122 30.32 -15.54 8.37
C GLY I 122 30.98 -14.79 7.23
N GLN I 123 31.66 -13.70 7.56
CA GLN I 123 32.34 -12.89 6.56
C GLN I 123 33.63 -13.57 6.14
N PRO I 124 33.98 -13.47 4.84
CA PRO I 124 35.17 -14.07 4.23
C PRO I 124 36.34 -14.30 5.16
N VAL I 125 36.95 -15.47 5.06
CA VAL I 125 38.09 -15.81 5.89
C VAL I 125 39.11 -16.61 5.08
N THR I 126 40.36 -16.62 5.53
CA THR I 126 41.41 -17.35 4.84
C THR I 126 41.91 -18.40 5.80
N ARG I 127 42.35 -19.55 5.32
CA ARG I 127 42.87 -20.54 6.24
C ARG I 127 44.37 -20.35 6.42
N THR I 128 44.81 -20.35 7.67
CA THR I 128 46.21 -20.20 7.99
C THR I 128 46.80 -21.59 8.15
N ASP I 129 46.39 -22.28 9.20
CA ASP I 129 46.84 -23.65 9.43
C ASP I 129 45.60 -24.56 9.51
N ASP I 130 45.80 -25.86 9.65
CA ASP I 130 44.68 -26.79 9.65
C ASP I 130 43.60 -26.53 10.68
N ASP I 131 43.90 -25.66 11.63
CA ASP I 131 42.92 -25.37 12.66
C ASP I 131 42.83 -23.88 12.96
N THR I 132 43.10 -23.05 11.96
CA THR I 132 43.08 -21.62 12.14
C THR I 132 42.89 -20.88 10.82
N VAL I 133 41.94 -19.94 10.83
CA VAL I 133 41.65 -19.11 9.68
C VAL I 133 41.69 -17.66 10.15
N ALA I 134 41.58 -16.71 9.23
CA ALA I 134 41.61 -15.30 9.60
C ALA I 134 40.85 -14.45 8.61
N ASP I 135 40.40 -13.30 9.06
CA ASP I 135 39.64 -12.39 8.22
C ASP I 135 40.32 -12.14 6.91
N ALA I 136 39.60 -12.37 5.82
CA ALA I 136 40.13 -12.11 4.51
C ALA I 136 39.84 -10.63 4.32
N LYS I 137 40.32 -9.82 5.27
CA LYS I 137 40.11 -8.36 5.23
C LYS I 137 40.57 -7.80 3.89
N ASP I 138 39.64 -7.23 3.14
CA ASP I 138 40.01 -6.69 1.85
C ASP I 138 38.97 -5.70 1.32
N GLY I 139 37.78 -5.70 1.90
CA GLY I 139 36.74 -4.77 1.49
C GLY I 139 35.56 -5.32 0.68
N LYS I 140 35.59 -6.60 0.33
CA LYS I 140 34.51 -7.18 -0.45
C LYS I 140 33.58 -8.11 0.38
N GLU I 141 33.66 -8.00 1.70
CA GLU I 141 32.81 -8.82 2.55
C GLU I 141 31.38 -8.32 2.58
N ILE I 142 30.42 -9.24 2.56
CA ILE I 142 29.03 -8.86 2.65
C ILE I 142 28.84 -8.25 4.03
N ASP I 143 28.26 -7.06 4.06
CA ASP I 143 28.00 -6.28 5.25
C ASP I 143 27.17 -7.01 6.30
N THR I 144 27.60 -6.93 7.54
CA THR I 144 26.89 -7.60 8.63
C THR I 144 25.36 -7.49 8.54
N LYS I 145 24.86 -6.32 8.16
CA LYS I 145 23.41 -6.16 8.10
C LYS I 145 22.71 -7.11 7.16
N HIS I 146 23.42 -7.62 6.17
CA HIS I 146 22.82 -8.53 5.20
C HIS I 146 22.96 -10.00 5.57
N LEU I 147 23.66 -10.27 6.65
CA LEU I 147 23.86 -11.65 7.06
C LEU I 147 22.90 -12.14 8.13
N PRO I 148 22.37 -13.35 7.95
CA PRO I 148 21.44 -13.97 8.89
C PRO I 148 22.04 -13.95 10.29
N SER I 149 21.20 -14.28 11.27
CA SER I 149 21.65 -14.34 12.66
C SER I 149 22.52 -15.60 12.81
N THR I 150 22.29 -16.58 11.93
CA THR I 150 23.02 -17.82 11.96
C THR I 150 24.34 -17.74 11.22
N CYS I 151 24.67 -16.57 10.67
CA CYS I 151 25.93 -16.46 9.94
C CYS I 151 26.67 -15.21 10.36
N ARG I 152 26.80 -15.04 11.67
CA ARG I 152 27.51 -13.90 12.23
C ARG I 152 28.82 -14.37 12.86
N ASP I 153 29.33 -15.53 12.47
CA ASP I 153 30.57 -16.04 13.07
C ASP I 153 31.87 -15.28 12.75
N ASN I 154 32.69 -15.12 13.78
CA ASN I 154 33.99 -14.45 13.68
C ASN I 154 35.12 -15.46 13.39
N PHE I 155 36.19 -14.97 12.79
CA PHE I 155 37.31 -15.81 12.42
C PHE I 155 37.76 -16.73 13.57
N ASP I 156 37.63 -16.27 14.81
CA ASP I 156 38.07 -17.10 15.94
C ASP I 156 36.96 -17.80 16.72
N ALA I 157 35.80 -17.96 16.10
CA ALA I 157 34.70 -18.64 16.76
C ALA I 157 35.13 -20.07 17.03
N LYS I 158 34.75 -20.62 18.18
CA LYS I 158 35.11 -22.00 18.47
C LYS I 158 33.83 -22.75 18.80
N MEA J 1 -7.48 16.00 4.05
CA MEA J 1 -7.90 16.24 2.64
C MEA J 1 -7.48 15.12 1.68
O MEA J 1 -8.16 14.88 0.69
N THR J 2 -6.38 14.44 1.99
CA THR J 2 -5.77 13.48 1.05
C THR J 2 -5.09 12.23 1.64
N LEU J 3 -3.91 12.43 2.21
CA LEU J 3 -2.89 11.39 2.35
C LEU J 3 -3.20 10.31 3.40
N ILE J 4 -3.94 9.28 2.99
CA ILE J 4 -4.26 8.17 3.89
C ILE J 4 -3.75 6.81 3.38
N GLU J 5 -3.36 6.77 2.11
CA GLU J 5 -2.85 5.55 1.49
C GLU J 5 -1.46 5.19 2.05
N LEU J 6 -0.65 6.20 2.31
CA LEU J 6 0.67 6.01 2.89
C LEU J 6 0.57 5.68 4.38
N MET J 7 -0.41 6.31 5.05
CA MET J 7 -0.61 6.15 6.50
C MET J 7 -1.19 4.79 6.87
N ILE J 8 -2.14 4.30 6.06
CA ILE J 8 -2.77 3.00 6.33
C ILE J 8 -1.84 1.84 5.95
N VAL J 9 -1.15 1.96 4.80
CA VAL J 9 -0.25 0.90 4.33
C VAL J 9 1.03 0.77 5.16
N ILE J 10 1.44 1.85 5.83
CA ILE J 10 2.54 1.75 6.81
C ILE J 10 2.05 1.11 8.11
N ALA J 11 0.74 1.24 8.36
CA ALA J 11 0.12 0.72 9.58
C ALA J 11 -0.49 -0.69 9.40
N ILE J 12 -0.58 -1.14 8.15
CA ILE J 12 -0.98 -2.54 7.88
C ILE J 12 0.23 -3.46 7.87
N VAL J 13 1.39 -2.92 7.48
CA VAL J 13 2.65 -3.67 7.52
C VAL J 13 3.14 -3.77 8.96
N GLY J 14 2.84 -2.76 9.76
CA GLY J 14 3.12 -2.75 11.18
C GLY J 14 2.32 -3.80 11.94
N ILE J 15 1.02 -3.89 11.64
CA ILE J 15 0.17 -4.91 12.25
C ILE J 15 0.38 -6.29 11.62
N LEU J 16 0.88 -6.32 10.38
CA LEU J 16 1.22 -7.57 9.71
C LEU J 16 2.40 -8.23 10.39
N ALA J 17 3.36 -7.42 10.85
CA ALA J 17 4.52 -7.90 11.59
C ALA J 17 4.10 -8.43 12.97
N ALA J 18 3.10 -7.80 13.57
CA ALA J 18 2.56 -8.21 14.87
C ALA J 18 1.81 -9.54 14.78
N VAL J 19 1.18 -9.79 13.63
CA VAL J 19 0.50 -11.06 13.37
C VAL J 19 1.51 -12.13 12.96
N ALA J 20 2.56 -11.72 12.23
CA ALA J 20 3.63 -12.62 11.82
C ALA J 20 4.64 -12.87 12.94
N LEU J 21 4.47 -12.16 14.06
CA LEU J 21 5.39 -12.25 15.19
C LEU J 21 5.31 -13.59 15.95
N PRO J 22 4.11 -14.01 16.38
CA PRO J 22 3.96 -15.29 17.10
C PRO J 22 4.17 -16.53 16.22
N ALA J 23 3.92 -16.41 14.91
CA ALA J 23 4.12 -17.50 13.97
C ALA J 23 5.61 -17.81 13.79
N TYR J 24 6.40 -16.77 13.62
CA TYR J 24 7.86 -16.87 13.49
C TYR J 24 8.51 -17.21 14.83
N GLN J 25 7.91 -16.69 15.91
CA GLN J 25 8.34 -17.03 17.27
C GLN J 25 7.96 -18.46 17.66
N ASP J 26 6.93 -19.01 17.03
CA ASP J 26 6.95 -20.68 17.60
C ASP J 26 7.61 -21.50 16.52
N TYR J 27 7.53 -21.05 15.28
CA TYR J 27 8.18 -21.78 14.20
C TYR J 27 9.64 -21.76 14.57
N THR J 28 10.07 -20.61 15.08
CA THR J 28 11.44 -20.42 15.47
C THR J 28 11.86 -21.33 16.62
N ALA J 29 11.11 -21.32 17.71
CA ALA J 29 11.43 -22.15 18.87
C ALA J 29 11.39 -23.62 18.51
N ARG J 30 10.36 -23.98 17.76
CA ARG J 30 10.15 -25.35 17.32
C ARG J 30 11.33 -25.77 16.48
N ALA J 31 12.04 -24.79 15.91
CA ALA J 31 13.22 -25.07 15.08
C ALA J 31 14.46 -25.27 15.94
N GLN J 32 14.54 -24.51 17.03
CA GLN J 32 15.66 -24.58 17.97
C GLN J 32 15.60 -25.85 18.83
N VAL J 33 14.42 -26.44 18.90
CA VAL J 33 14.24 -27.65 19.68
C VAL J 33 14.57 -28.84 18.79
N SER J 34 14.23 -28.72 17.51
CA SER J 34 14.49 -29.79 16.57
C SER J 34 15.98 -30.12 16.50
N GLU J 35 16.80 -29.21 16.99
CA GLU J 35 18.23 -29.41 16.98
C GLU J 35 18.70 -30.04 18.26
N ALA J 36 18.09 -29.64 19.36
CA ALA J 36 18.44 -30.23 20.64
C ALA J 36 18.23 -31.72 20.44
N ILE J 37 17.26 -32.05 19.60
CA ILE J 37 16.94 -33.43 19.32
C ILE J 37 18.01 -34.08 18.46
N LEU J 38 18.57 -33.33 17.53
CA LEU J 38 19.60 -33.90 16.65
C LEU J 38 20.90 -34.08 17.41
N LEU J 39 21.12 -33.19 18.38
CA LEU J 39 22.33 -33.27 19.18
C LEU J 39 22.21 -34.41 20.18
N ALA J 40 20.98 -34.70 20.58
CA ALA J 40 20.72 -35.75 21.52
C ALA J 40 20.95 -37.08 20.80
N GLU J 41 20.43 -37.18 19.59
CA GLU J 41 20.59 -38.39 18.80
C GLU J 41 22.06 -38.48 18.36
N GLY J 42 22.40 -39.54 17.63
CA GLY J 42 23.78 -39.68 17.16
C GLY J 42 24.69 -40.03 18.33
N GLN J 43 24.06 -40.07 19.49
CA GLN J 43 24.72 -40.43 20.72
C GLN J 43 23.96 -41.66 21.19
N LYS J 44 23.03 -42.08 20.34
CA LYS J 44 22.24 -43.25 20.59
C LYS J 44 23.19 -44.39 20.32
N SER J 45 23.98 -44.24 19.26
CA SER J 45 24.96 -45.23 18.85
C SER J 45 25.83 -45.67 20.02
N ALA J 46 26.52 -44.71 20.63
CA ALA J 46 27.37 -45.04 21.76
C ALA J 46 26.57 -45.77 22.83
N VAL J 47 25.47 -45.19 23.23
CA VAL J 47 24.63 -45.78 24.27
C VAL J 47 24.09 -47.16 23.91
N THR J 48 23.68 -47.34 22.67
CA THR J 48 23.15 -48.64 22.25
C THR J 48 24.25 -49.68 22.34
N GLU J 49 25.38 -49.38 21.74
CA GLU J 49 26.48 -50.32 21.75
C GLU J 49 26.85 -50.63 23.19
N TYR J 50 27.08 -49.61 24.01
CA TYR J 50 27.44 -49.89 25.39
C TYR J 50 26.47 -50.87 26.05
N TYR J 51 25.17 -50.65 25.89
CA TYR J 51 24.17 -51.54 26.47
C TYR J 51 24.22 -52.98 25.93
N LEU J 52 24.19 -53.13 24.59
CA LEU J 52 24.24 -54.45 23.99
C LEU J 52 25.53 -55.21 24.29
N ASN J 53 26.65 -54.50 24.37
CA ASN J 53 27.91 -55.16 24.67
C ASN J 53 28.03 -55.55 26.14
N HIS J 54 27.47 -54.76 27.04
CA HIS J 54 27.60 -55.06 28.47
C HIS J 54 26.33 -55.42 29.23
N GLY J 55 25.17 -55.06 28.69
CA GLY J 55 23.93 -55.38 29.38
C GLY J 55 23.62 -54.41 30.50
N LYS J 56 24.36 -53.31 30.56
CA LYS J 56 24.17 -52.26 31.56
C LYS J 56 24.18 -50.93 30.79
N TRP J 57 23.33 -49.99 31.20
CA TRP J 57 23.28 -48.69 30.54
C TRP J 57 24.46 -47.83 30.95
N PRO J 58 25.04 -47.08 30.00
CA PRO J 58 26.20 -46.24 30.34
C PRO J 58 25.84 -45.21 31.41
N GLU J 59 26.58 -45.20 32.51
CA GLU J 59 26.31 -44.28 33.61
C GLU J 59 26.44 -42.81 33.26
N ASN J 60 27.45 -42.47 32.46
CA ASN J 60 27.69 -41.10 32.05
C ASN J 60 28.36 -41.03 30.70
N ASN J 61 28.54 -39.82 30.17
CA ASN J 61 29.15 -39.62 28.87
C ASN J 61 30.43 -40.42 28.63
N THR J 62 31.33 -40.39 29.61
CA THR J 62 32.60 -41.09 29.50
C THR J 62 32.38 -42.58 29.35
N SER J 63 31.44 -43.11 30.11
CA SER J 63 31.13 -44.53 30.00
C SER J 63 30.66 -44.82 28.59
N ALA J 64 29.78 -43.97 28.07
CA ALA J 64 29.24 -44.17 26.72
C ALA J 64 30.31 -43.93 25.67
N GLY J 65 31.42 -43.35 26.09
CA GLY J 65 32.50 -43.09 25.16
C GLY J 65 32.18 -41.88 24.31
N VAL J 66 31.88 -40.77 24.97
CA VAL J 66 31.58 -39.52 24.29
C VAL J 66 32.19 -38.40 25.10
N ALA J 67 32.33 -37.23 24.49
CA ALA J 67 32.91 -36.07 25.16
C ALA J 67 32.62 -36.18 26.65
N SER J 68 33.64 -36.64 27.39
CA SER J 68 33.52 -36.82 28.82
C SER J 68 32.85 -35.65 29.52
N SER J 69 32.79 -34.52 28.83
CA SER J 69 32.20 -33.32 29.41
C SER J 69 30.85 -32.97 28.74
N PRO J 70 29.75 -32.98 29.52
CA PRO J 70 28.42 -32.68 28.97
C PRO J 70 28.45 -31.41 28.12
N THR J 71 29.10 -30.39 28.67
CA THR J 71 29.24 -29.09 28.02
C THR J 71 30.01 -29.17 26.71
N ASP J 72 30.62 -30.31 26.42
CA ASP J 72 31.36 -30.45 25.19
C ASP J 72 30.44 -30.92 24.07
N ILE J 73 29.19 -31.21 24.41
CA ILE J 73 28.21 -31.66 23.43
C ILE J 73 27.09 -30.61 23.31
N LYS J 74 27.52 -29.35 23.23
CA LYS J 74 26.59 -28.24 23.11
C LYS J 74 26.43 -27.79 21.67
N GLY J 75 25.57 -26.80 21.50
CA GLY J 75 25.32 -26.25 20.19
C GLY J 75 24.97 -24.77 20.28
N LYS J 76 24.25 -24.29 19.28
CA LYS J 76 23.83 -22.90 19.20
C LYS J 76 22.73 -22.62 20.21
N TYR J 77 21.77 -23.54 20.27
CA TYR J 77 20.64 -23.40 21.17
C TYR J 77 20.78 -24.44 22.27
N VAL J 78 21.75 -25.33 22.10
CA VAL J 78 21.97 -26.39 23.06
C VAL J 78 23.15 -26.07 23.95
N LYS J 79 22.88 -26.00 25.24
CA LYS J 79 23.91 -25.71 26.22
C LYS J 79 24.69 -26.97 26.57
N GLU J 80 24.14 -28.13 26.21
CA GLU J 80 24.77 -29.42 26.46
C GLU J 80 23.91 -30.65 26.20
N VAL J 81 24.51 -31.80 26.47
CA VAL J 81 23.87 -33.09 26.30
C VAL J 81 24.59 -34.05 27.25
N GLU J 82 23.85 -34.55 28.23
CA GLU J 82 24.39 -35.46 29.23
C GLU J 82 23.75 -36.83 29.15
N VAL J 83 24.56 -37.85 29.33
CA VAL J 83 24.10 -39.23 29.33
C VAL J 83 24.08 -39.62 30.78
N LYS J 84 22.90 -39.97 31.27
CA LYS J 84 22.75 -40.37 32.66
C LYS J 84 22.02 -41.71 32.70
N ASN J 85 22.80 -42.78 32.83
CA ASN J 85 22.30 -44.15 32.84
C ASN J 85 21.54 -44.50 31.57
N GLY J 86 22.18 -44.24 30.42
CA GLY J 86 21.57 -44.53 29.14
C GLY J 86 20.61 -43.47 28.64
N VAL J 87 20.10 -42.64 29.55
CA VAL J 87 19.18 -41.57 29.19
C VAL J 87 20.02 -40.39 28.71
N VAL J 88 19.71 -39.86 27.54
CA VAL J 88 20.44 -38.73 27.02
C VAL J 88 19.53 -37.51 27.02
N THR J 89 19.90 -36.52 27.82
CA THR J 89 19.13 -35.30 27.96
C THR J 89 19.81 -34.12 27.29
N ALA J 90 19.04 -33.29 26.59
CA ALA J 90 19.63 -32.13 25.91
C ALA J 90 19.10 -30.85 26.52
N THR J 91 20.01 -29.97 26.93
CA THR J 91 19.62 -28.69 27.53
C THR J 91 19.70 -27.55 26.54
N MET J 92 18.68 -26.70 26.57
CA MET J 92 18.61 -25.54 25.70
C MET J 92 19.43 -24.40 26.31
N LEU J 93 20.28 -23.79 25.51
CA LEU J 93 21.11 -22.67 25.95
C LEU J 93 20.23 -21.61 26.60
N SER J 94 20.82 -20.47 26.91
CA SER J 94 20.08 -19.36 27.50
C SER J 94 20.11 -18.18 26.54
N SER J 95 21.05 -18.22 25.61
CA SER J 95 21.21 -17.15 24.62
C SER J 95 21.04 -17.68 23.20
N GLY J 96 20.22 -16.98 22.42
CA GLY J 96 19.99 -17.37 21.04
C GLY J 96 18.75 -18.21 20.81
N VAL J 97 17.93 -18.36 21.85
CA VAL J 97 16.71 -19.16 21.74
C VAL J 97 15.41 -18.37 21.93
N ASN J 98 14.28 -19.07 21.81
CA ASN J 98 12.97 -18.46 21.94
C ASN J 98 12.87 -17.54 23.15
N ASN J 99 12.26 -18.05 24.22
CA ASN J 99 12.09 -17.28 25.44
C ASN J 99 11.44 -18.18 26.47
N GLU J 100 10.59 -19.09 26.01
CA GLU J 100 9.94 -20.00 26.93
C GLU J 100 10.50 -21.40 26.76
N ILE J 101 11.68 -21.50 26.17
CA ILE J 101 12.31 -22.80 25.98
C ILE J 101 13.78 -22.86 26.41
N LYS J 102 14.37 -21.72 26.75
CA LYS J 102 15.77 -21.70 27.17
C LYS J 102 15.96 -22.34 28.53
N GLY J 103 17.11 -22.99 28.69
CA GLY J 103 17.40 -23.66 29.95
C GLY J 103 16.45 -24.84 30.08
N LYS J 104 15.68 -25.11 29.03
CA LYS J 104 14.74 -26.22 29.08
C LYS J 104 15.30 -27.40 28.32
N LYS J 105 14.86 -28.61 28.67
CA LYS J 105 15.40 -29.78 28.01
C LYS J 105 14.46 -30.97 27.75
N LEU J 106 14.96 -31.92 26.96
CA LEU J 106 14.26 -33.14 26.61
C LEU J 106 15.17 -34.36 26.83
N SER J 107 14.63 -35.56 26.66
CA SER J 107 15.42 -36.77 26.86
C SER J 107 15.13 -37.84 25.84
N LEU J 108 16.11 -38.68 25.64
CA LEU J 108 16.04 -39.80 24.73
C LEU J 108 16.45 -40.93 25.62
N TRP J 109 15.67 -42.01 25.63
CA TRP J 109 16.01 -43.15 26.47
C TRP J 109 15.61 -44.35 25.69
N ALA J 110 16.15 -45.50 26.06
CA ALA J 110 15.83 -46.69 25.32
C ALA J 110 15.29 -47.78 26.22
N ARG J 111 14.91 -48.88 25.59
CA ARG J 111 14.37 -50.00 26.32
C ARG J 111 14.88 -51.29 25.72
N ARG J 112 15.21 -52.23 26.58
CA ARG J 112 15.70 -53.53 26.15
C ARG J 112 14.63 -54.23 25.33
N GLU J 113 14.96 -54.61 24.10
CA GLU J 113 14.01 -55.34 23.29
C GLU J 113 14.38 -56.81 23.41
N ASN J 114 15.58 -57.04 23.93
CA ASN J 114 16.15 -58.36 24.10
C ASN J 114 16.83 -58.71 22.80
N GLY J 115 18.12 -58.39 22.72
CA GLY J 115 18.88 -58.63 21.51
C GLY J 115 19.06 -57.31 20.76
N SER J 116 18.26 -56.34 21.16
CA SER J 116 18.30 -55.00 20.58
C SER J 116 17.51 -54.07 21.51
N VAL J 117 17.49 -52.79 21.19
CA VAL J 117 16.74 -51.83 21.99
C VAL J 117 15.92 -50.91 21.09
N LYS J 118 14.92 -50.25 21.67
CA LYS J 118 14.11 -49.30 20.94
C LYS J 118 14.23 -47.95 21.63
N TRP J 119 14.36 -46.88 20.85
CA TRP J 119 14.50 -45.55 21.43
C TRP J 119 13.23 -44.70 21.47
N PHE J 120 13.17 -43.85 22.49
CA PHE J 120 12.04 -42.97 22.69
C PHE J 120 12.58 -41.56 22.75
N CYS J 121 11.70 -40.59 22.51
CA CYS J 121 12.09 -39.18 22.53
C CYS J 121 10.94 -38.41 23.14
N GLY J 122 11.23 -37.57 24.14
CA GLY J 122 10.18 -36.81 24.77
C GLY J 122 10.67 -35.85 25.83
N GLN J 123 9.82 -35.55 26.79
CA GLN J 123 10.15 -34.64 27.87
C GLN J 123 11.02 -35.37 28.89
N PRO J 124 12.01 -34.65 29.46
CA PRO J 124 12.97 -35.18 30.44
C PRO J 124 12.49 -36.34 31.28
N VAL J 125 13.35 -37.33 31.43
CA VAL J 125 13.03 -38.50 32.21
C VAL J 125 14.25 -38.98 33.00
N THR J 126 14.02 -39.73 34.07
CA THR J 126 15.11 -40.24 34.89
C THR J 126 15.06 -41.75 34.80
N ARG J 127 16.19 -42.43 34.87
CA ARG J 127 16.11 -43.89 34.84
C ARG J 127 16.00 -44.44 36.26
N THR J 128 15.08 -45.36 36.45
CA THR J 128 14.87 -45.98 37.74
C THR J 128 15.66 -47.28 37.75
N ASP J 129 15.21 -48.24 36.95
CA ASP J 129 15.92 -49.50 36.83
C ASP J 129 16.30 -49.71 35.35
N ASP J 130 17.02 -50.79 35.05
CA ASP J 130 17.49 -51.00 33.68
C ASP J 130 16.41 -51.02 32.61
N ASP J 131 15.16 -51.09 33.04
CA ASP J 131 14.08 -51.13 32.06
C ASP J 131 12.92 -50.23 32.47
N THR J 132 13.23 -49.15 33.18
CA THR J 132 12.20 -48.25 33.63
C THR J 132 12.75 -46.88 33.95
N VAL J 133 12.08 -45.86 33.43
CA VAL J 133 12.44 -44.46 33.65
C VAL J 133 11.18 -43.74 34.13
N ALA J 134 11.30 -42.48 34.53
CA ALA J 134 10.14 -41.74 35.00
C ALA J 134 10.33 -40.26 34.77
N ASP J 135 9.21 -39.53 34.70
CA ASP J 135 9.24 -38.11 34.46
C ASP J 135 10.18 -37.41 35.41
N ALA J 136 11.10 -36.65 34.85
CA ALA J 136 12.02 -35.88 35.66
C ALA J 136 11.22 -34.62 35.95
N LYS J 137 10.03 -34.80 36.52
CA LYS J 137 9.14 -33.68 36.84
C LYS J 137 9.89 -32.66 37.71
N ASP J 138 10.03 -31.45 37.19
CA ASP J 138 10.75 -30.42 37.94
C ASP J 138 10.45 -29.01 37.45
N GLY J 139 9.89 -28.91 36.24
CA GLY J 139 9.55 -27.61 35.69
C GLY J 139 10.39 -27.05 34.56
N LYS J 140 11.46 -27.76 34.18
CA LYS J 140 12.32 -27.27 33.11
C LYS J 140 12.16 -28.07 31.79
N GLU J 141 11.07 -28.81 31.67
CA GLU J 141 10.82 -29.57 30.46
C GLU J 141 10.36 -28.69 29.31
N ILE J 142 10.85 -28.95 28.10
CA ILE J 142 10.41 -28.19 26.95
C ILE J 142 8.94 -28.52 26.75
N ASP J 143 8.13 -27.48 26.65
CA ASP J 143 6.69 -27.56 26.48
C ASP J 143 6.25 -28.37 25.29
N THR J 144 5.26 -29.23 25.49
CA THR J 144 4.77 -30.07 24.41
C THR J 144 4.60 -29.36 23.06
N LYS J 145 4.14 -28.12 23.08
CA LYS J 145 3.94 -27.40 21.83
C LYS J 145 5.21 -27.23 21.01
N HIS J 146 6.37 -27.27 21.65
CA HIS J 146 7.63 -27.11 20.94
C HIS J 146 8.26 -28.41 20.47
N LEU J 147 7.65 -29.52 20.83
CA LEU J 147 8.19 -30.81 20.46
C LEU J 147 7.56 -31.43 19.21
N PRO J 148 8.41 -31.96 18.33
CA PRO J 148 7.96 -32.60 17.09
C PRO J 148 6.92 -33.66 17.40
N SER J 149 6.26 -34.15 16.35
CA SER J 149 5.26 -35.20 16.50
C SER J 149 6.01 -36.50 16.82
N THR J 150 7.28 -36.57 16.41
CA THR J 150 8.09 -37.75 16.63
C THR J 150 8.75 -37.75 17.99
N CYS J 151 8.48 -36.73 18.81
CA CYS J 151 9.11 -36.71 20.13
C CYS J 151 8.08 -36.37 21.19
N ARG J 152 6.97 -37.08 21.14
CA ARG J 152 5.88 -36.90 22.10
C ARG J 152 5.81 -38.10 23.04
N ASP J 153 6.88 -38.88 23.15
CA ASP J 153 6.85 -40.07 24.00
C ASP J 153 6.75 -39.86 25.53
N ASN J 154 5.91 -40.67 26.17
CA ASN J 154 5.71 -40.65 27.62
C ASN J 154 6.66 -41.61 28.33
N PHE J 155 6.94 -41.32 29.60
CA PHE J 155 7.85 -42.12 30.38
C PHE J 155 7.56 -43.63 30.27
N ASP J 156 6.29 -44.00 30.10
CA ASP J 156 5.96 -45.43 30.02
C ASP J 156 5.68 -45.96 28.62
N ALA J 157 6.15 -45.26 27.60
CA ALA J 157 5.95 -45.70 26.24
C ALA J 157 6.66 -47.03 26.06
N LYS J 158 6.06 -47.96 25.33
CA LYS J 158 6.72 -49.24 25.11
C LYS J 158 6.81 -49.47 23.62
N MEA K 1 -9.47 2.48 2.13
CA MEA K 1 -8.56 3.65 2.06
C MEA K 1 -7.09 3.28 2.21
O MEA K 1 -6.22 3.97 1.67
N THR K 2 -6.80 2.19 2.92
CA THR K 2 -5.42 1.85 3.30
C THR K 2 -5.05 0.36 3.37
N LEU K 3 -5.50 -0.30 4.44
CA LEU K 3 -4.86 -1.51 4.97
C LEU K 3 -5.05 -2.78 4.12
N ILE K 4 -4.17 -2.97 3.15
CA ILE K 4 -4.22 -4.16 2.30
C ILE K 4 -2.94 -5.00 2.36
N GLU K 5 -1.87 -4.43 2.92
CA GLU K 5 -0.59 -5.11 3.06
C GLU K 5 -0.67 -6.23 4.11
N LEU K 6 -1.42 -5.98 5.18
CA LEU K 6 -1.65 -6.98 6.22
C LEU K 6 -2.62 -8.05 5.75
N MET K 7 -3.61 -7.65 4.96
CA MET K 7 -4.66 -8.54 4.48
C MET K 7 -4.18 -9.50 3.38
N ILE K 8 -3.33 -9.00 2.47
CA ILE K 8 -2.80 -9.84 1.40
C ILE K 8 -1.70 -10.77 1.90
N VAL K 9 -0.81 -10.27 2.76
CA VAL K 9 0.30 -11.06 3.29
C VAL K 9 -0.16 -12.15 4.28
N ILE K 10 -1.31 -11.96 4.93
CA ILE K 10 -1.89 -13.04 5.73
C ILE K 10 -2.57 -14.07 4.82
N ALA K 11 -2.97 -13.64 3.63
CA ALA K 11 -3.66 -14.49 2.67
C ALA K 11 -2.71 -15.12 1.64
N ILE K 12 -1.46 -14.66 1.60
CA ILE K 12 -0.43 -15.32 0.79
C ILE K 12 0.27 -16.43 1.57
N VAL K 13 0.35 -16.28 2.89
CA VAL K 13 0.90 -17.30 3.78
C VAL K 13 -0.12 -18.43 3.93
N GLY K 14 -1.41 -18.08 3.88
CA GLY K 14 -2.49 -19.04 3.90
C GLY K 14 -2.49 -19.91 2.66
N ILE K 15 -2.34 -19.30 1.49
CA ILE K 15 -2.26 -20.04 0.23
C ILE K 15 -0.91 -20.73 0.04
N LEU K 16 0.13 -20.20 0.71
CA LEU K 16 1.46 -20.79 0.69
C LEU K 16 1.45 -22.14 1.42
N ALA K 17 0.67 -22.20 2.50
CA ALA K 17 0.50 -23.43 3.27
C ALA K 17 -0.29 -24.47 2.47
N ALA K 18 -1.24 -24.00 1.67
CA ALA K 18 -2.05 -24.87 0.80
C ALA K 18 -1.24 -25.46 -0.35
N VAL K 19 -0.24 -24.70 -0.82
CA VAL K 19 0.68 -25.17 -1.85
C VAL K 19 1.76 -26.06 -1.24
N ALA K 20 2.17 -25.73 -0.01
CA ALA K 20 3.14 -26.53 0.72
C ALA K 20 2.52 -27.77 1.37
N LEU K 21 1.19 -27.88 1.28
CA LEU K 21 0.46 -28.97 1.90
C LEU K 21 0.68 -30.33 1.21
N PRO K 22 0.49 -30.43 -0.11
CA PRO K 22 0.70 -31.70 -0.83
C PRO K 22 2.17 -32.13 -0.93
N ALA K 23 3.09 -31.16 -0.90
CA ALA K 23 4.52 -31.44 -0.94
C ALA K 23 5.00 -32.12 0.34
N TYR K 24 4.55 -31.59 1.48
CA TYR K 24 4.88 -32.15 2.80
C TYR K 24 4.08 -33.44 3.03
N GLN K 25 2.86 -33.50 2.50
CA GLN K 25 2.05 -34.72 2.53
C GLN K 25 2.59 -35.80 1.61
N ASP K 26 3.33 -35.41 0.57
CA ASP K 26 3.91 -36.93 -0.11
C ASP K 26 5.32 -37.12 0.39
N TYR K 27 6.01 -36.03 0.69
CA TYR K 27 7.35 -36.13 1.20
C TYR K 27 7.20 -36.91 2.49
N THR K 28 6.14 -36.58 3.20
CA THR K 28 5.84 -37.21 4.47
C THR K 28 5.54 -38.70 4.33
N ALA K 29 4.61 -39.05 3.46
CA ALA K 29 4.25 -40.45 3.25
C ALA K 29 5.43 -41.25 2.76
N ARG K 30 6.15 -40.66 1.80
CA ARG K 30 7.31 -41.26 1.20
C ARG K 30 8.35 -41.52 2.27
N ALA K 31 8.24 -40.77 3.38
CA ALA K 31 9.18 -40.91 4.50
C ALA K 31 8.75 -42.06 5.42
N GLN K 32 7.44 -42.21 5.58
CA GLN K 32 6.85 -43.25 6.43
C GLN K 32 6.96 -44.62 5.76
N VAL K 33 7.15 -44.64 4.46
CA VAL K 33 7.28 -45.88 3.73
C VAL K 33 8.73 -46.31 3.75
N SER K 34 9.63 -45.33 3.71
CA SER K 34 11.05 -45.62 3.72
C SER K 34 11.45 -46.37 4.98
N GLU K 35 10.57 -46.34 5.98
CA GLU K 35 10.85 -47.03 7.22
C GLU K 35 10.29 -48.42 7.21
N ALA K 36 9.12 -48.58 6.59
CA ALA K 36 8.52 -49.88 6.50
C ALA K 36 9.57 -50.73 5.80
N ILE K 37 10.32 -50.09 4.93
CA ILE K 37 11.38 -50.76 4.19
C ILE K 37 12.56 -51.11 5.09
N LEU K 38 12.87 -50.25 6.04
CA LEU K 38 14.00 -50.52 6.92
C LEU K 38 13.64 -51.59 7.92
N LEU K 39 12.37 -51.64 8.27
CA LEU K 39 11.90 -52.63 9.22
C LEU K 39 11.80 -53.99 8.53
N ALA K 40 11.55 -53.96 7.23
CA ALA K 40 11.44 -55.17 6.45
C ALA K 40 12.85 -55.75 6.31
N GLU K 41 13.81 -54.90 6.01
CA GLU K 41 15.19 -55.34 5.86
C GLU K 41 15.73 -55.70 7.24
N GLY K 42 16.98 -56.14 7.31
CA GLY K 42 17.57 -56.48 8.60
C GLY K 42 16.95 -57.78 9.11
N GLN K 43 16.01 -58.27 8.31
CA GLN K 43 15.33 -59.50 8.59
C GLN K 43 15.66 -60.35 7.37
N LYS K 44 16.48 -59.78 6.51
CA LYS K 44 16.93 -60.45 5.32
C LYS K 44 17.95 -61.46 5.83
N SER K 45 18.75 -61.01 6.79
CA SER K 45 19.78 -61.85 7.40
C SER K 45 19.21 -63.19 7.85
N ALA K 46 18.21 -63.15 8.71
CA ALA K 46 17.61 -64.37 9.19
C ALA K 46 17.16 -65.23 8.00
N VAL K 47 16.37 -64.63 7.13
CA VAL K 47 15.85 -65.35 5.97
C VAL K 47 16.92 -65.89 5.05
N THR K 48 17.97 -65.12 4.81
CA THR K 48 19.05 -65.57 3.94
C THR K 48 19.73 -66.79 4.55
N GLU K 49 20.12 -66.65 5.80
CA GLU K 49 20.79 -67.73 6.47
C GLU K 49 19.89 -68.98 6.45
N TYR K 50 18.64 -68.83 6.89
CA TYR K 50 17.76 -69.99 6.89
C TYR K 50 17.76 -70.70 5.54
N TYR K 51 17.64 -69.94 4.45
CA TYR K 51 17.63 -70.53 3.11
C TYR K 51 18.95 -71.23 2.74
N LEU K 52 20.07 -70.53 2.88
CA LEU K 52 21.38 -71.11 2.55
C LEU K 52 21.73 -72.33 3.42
N ASN K 53 21.33 -72.30 4.68
CA ASN K 53 21.63 -73.44 5.54
C ASN K 53 20.73 -74.64 5.28
N HIS K 54 19.48 -74.41 4.89
CA HIS K 54 18.56 -75.52 4.66
C HIS K 54 18.08 -75.73 3.23
N GLY K 55 18.17 -74.72 2.38
CA GLY K 55 17.70 -74.88 1.02
C GLY K 55 16.20 -74.75 0.89
N LYS K 56 15.55 -74.30 1.96
CA LYS K 56 14.09 -74.09 1.98
C LYS K 56 13.88 -72.71 2.60
N TRP K 57 12.90 -71.96 2.09
CA TRP K 57 12.61 -70.62 2.62
C TRP K 57 11.88 -70.74 3.94
N PRO K 58 12.21 -69.86 4.91
CA PRO K 58 11.53 -69.91 6.21
C PRO K 58 10.03 -69.70 6.06
N GLU K 59 9.24 -70.65 6.57
CA GLU K 59 7.78 -70.55 6.46
C GLU K 59 7.16 -69.35 7.17
N ASN K 60 7.68 -69.04 8.35
CA ASN K 60 7.17 -67.91 9.13
C ASN K 60 8.25 -67.31 10.00
N ASN K 61 7.92 -66.21 10.69
CA ASN K 61 8.89 -65.54 11.55
C ASN K 61 9.68 -66.44 12.48
N THR K 62 8.99 -67.35 13.15
CA THR K 62 9.63 -68.27 14.08
C THR K 62 10.64 -69.14 13.37
N SER K 63 10.28 -69.61 12.19
CA SER K 63 11.21 -70.42 11.40
C SER K 63 12.45 -69.60 11.12
N ALA K 64 12.25 -68.35 10.69
CA ALA K 64 13.37 -67.47 10.37
C ALA K 64 14.16 -67.09 11.61
N GLY K 65 13.58 -67.36 12.77
CA GLY K 65 14.25 -67.03 14.01
C GLY K 65 14.13 -65.55 14.30
N VAL K 66 12.90 -65.05 14.31
CA VAL K 66 12.63 -63.65 14.60
C VAL K 66 11.37 -63.60 15.42
N ALA K 67 11.14 -62.45 16.07
CA ALA K 67 9.96 -62.27 16.90
C ALA K 67 8.82 -63.14 16.35
N SER K 68 8.63 -64.28 16.99
CA SER K 68 7.62 -65.24 16.58
C SER K 68 6.29 -64.57 16.25
N SER K 69 6.11 -63.34 16.72
CA SER K 69 4.86 -62.62 16.51
C SER K 69 5.05 -61.46 15.51
N PRO K 70 4.35 -61.51 14.36
CA PRO K 70 4.46 -60.44 13.34
C PRO K 70 4.34 -59.07 13.97
N THR K 71 3.35 -58.92 14.85
CA THR K 71 3.08 -57.68 15.55
C THR K 71 4.22 -57.24 16.45
N ASP K 72 5.19 -58.11 16.65
CA ASP K 72 6.32 -57.75 17.50
C ASP K 72 7.40 -57.05 16.67
N ILE K 73 7.19 -56.98 15.36
CA ILE K 73 8.14 -56.32 14.46
C ILE K 73 7.49 -55.10 13.85
N LYS K 74 6.81 -54.33 14.69
CA LYS K 74 6.13 -53.13 14.26
C LYS K 74 6.96 -51.87 14.52
N GLY K 75 6.41 -50.74 14.11
CA GLY K 75 7.06 -49.48 14.30
C GLY K 75 6.06 -48.36 14.50
N LYS K 76 6.48 -47.14 14.19
CA LYS K 76 5.64 -45.96 14.32
C LYS K 76 4.57 -45.95 13.23
N TYR K 77 4.99 -46.25 12.01
CA TYR K 77 4.10 -46.27 10.87
C TYR K 77 3.90 -47.71 10.44
N VAL K 78 4.68 -48.60 11.03
CA VAL K 78 4.59 -50.01 10.70
C VAL K 78 3.82 -50.77 11.74
N LYS K 79 2.73 -51.39 11.30
CA LYS K 79 1.88 -52.17 12.19
C LYS K 79 2.46 -53.57 12.38
N GLU K 80 3.41 -53.94 11.52
CA GLU K 80 4.07 -55.25 11.61
C GLU K 80 4.94 -55.63 10.41
N VAL K 81 5.50 -56.83 10.50
CA VAL K 81 6.36 -57.38 9.48
C VAL K 81 6.29 -58.90 9.64
N GLU K 82 5.75 -59.55 8.61
CA GLU K 82 5.59 -61.00 8.61
C GLU K 82 6.42 -61.66 7.53
N VAL K 83 7.00 -62.80 7.89
CA VAL K 83 7.80 -63.59 6.98
C VAL K 83 6.90 -64.72 6.57
N LYS K 84 6.62 -64.81 5.27
CA LYS K 84 5.77 -65.86 4.75
C LYS K 84 6.50 -66.54 3.60
N ASN K 85 7.14 -67.68 3.91
CA ASN K 85 7.93 -68.45 2.95
C ASN K 85 9.06 -67.64 2.35
N GLY K 86 9.85 -67.02 3.22
CA GLY K 86 10.98 -66.21 2.78
C GLY K 86 10.62 -64.81 2.36
N VAL K 87 9.35 -64.57 2.04
CA VAL K 87 8.89 -63.24 1.64
C VAL K 87 8.61 -62.46 2.91
N VAL K 88 9.18 -61.26 3.01
CA VAL K 88 8.96 -60.45 4.18
C VAL K 88 8.11 -59.25 3.79
N THR K 89 6.92 -59.17 4.35
CA THR K 89 5.98 -58.09 4.05
C THR K 89 5.84 -57.13 5.22
N ALA K 90 5.81 -55.83 4.93
CA ALA K 90 5.68 -54.84 6.00
C ALA K 90 4.36 -54.10 5.88
N THR K 91 3.58 -54.09 6.96
CA THR K 91 2.29 -53.39 6.94
C THR K 91 2.37 -52.03 7.61
N MET K 92 1.72 -51.06 6.97
CA MET K 92 1.68 -49.70 7.48
C MET K 92 0.57 -49.58 8.53
N LEU K 93 0.91 -48.98 9.65
CA LEU K 93 -0.04 -48.80 10.74
C LEU K 93 -1.29 -48.11 10.20
N SER K 94 -2.18 -47.71 11.12
CA SER K 94 -3.39 -47.01 10.72
C SER K 94 -3.37 -45.62 11.33
N SER K 95 -2.52 -45.45 12.34
CA SER K 95 -2.40 -44.17 13.04
C SER K 95 -0.98 -43.62 12.94
N GLY K 96 -0.87 -42.35 12.58
CA GLY K 96 0.42 -41.71 12.46
C GLY K 96 1.00 -41.68 11.06
N VAL K 97 0.20 -42.10 10.07
CA VAL K 97 0.66 -42.12 8.69
C VAL K 97 -0.09 -41.18 7.74
N ASN K 98 0.32 -41.15 6.47
CA ASN K 98 -0.28 -40.29 5.47
C ASN K 98 -1.80 -40.34 5.50
N ASN K 99 -2.38 -41.10 4.58
CA ASN K 99 -3.83 -41.22 4.49
C ASN K 99 -4.14 -42.24 3.39
N GLU K 100 -3.30 -42.27 2.37
CA GLU K 100 -3.51 -43.21 1.29
C GLU K 100 -2.47 -44.29 1.32
N ILE K 101 -1.84 -44.47 2.47
CA ILE K 101 -0.83 -45.51 2.61
C ILE K 101 -0.98 -46.38 3.87
N LYS K 102 -1.91 -46.01 4.76
CA LYS K 102 -2.10 -46.79 5.98
C LYS K 102 -2.75 -48.13 5.70
N GLY K 103 -2.38 -49.13 6.49
CA GLY K 103 -2.91 -50.46 6.30
C GLY K 103 -2.38 -51.00 4.98
N LYS K 104 -1.47 -50.26 4.37
CA LYS K 104 -0.90 -50.71 3.09
C LYS K 104 0.47 -51.29 3.31
N LYS K 105 0.89 -52.18 2.41
CA LYS K 105 2.19 -52.82 2.60
C LYS K 105 3.04 -53.13 1.36
N LEU K 106 4.28 -53.52 1.62
CA LEU K 106 5.24 -53.89 0.59
C LEU K 106 5.91 -55.23 0.95
N SER K 107 6.73 -55.76 0.05
CA SER K 107 7.38 -57.03 0.31
C SER K 107 8.82 -57.05 -0.17
N LEU K 108 9.59 -57.91 0.48
CA LEU K 108 10.99 -58.13 0.16
C LEU K 108 11.02 -59.62 -0.03
N TRP K 109 11.60 -60.07 -1.13
CA TRP K 109 11.69 -61.50 -1.37
C TRP K 109 13.00 -61.72 -2.03
N ALA K 110 13.47 -62.96 -2.01
CA ALA K 110 14.75 -63.23 -2.60
C ALA K 110 14.67 -64.32 -3.64
N ARG K 111 15.80 -64.57 -4.28
CA ARG K 111 15.87 -65.58 -5.30
C ARG K 111 17.18 -66.31 -5.19
N ARG K 112 17.12 -67.63 -5.38
CA ARG K 112 18.31 -68.47 -5.32
C ARG K 112 19.28 -68.06 -6.42
N GLU K 113 20.50 -67.70 -6.04
CA GLU K 113 21.50 -67.38 -7.03
C GLU K 113 22.34 -68.61 -7.24
N ASN K 114 22.18 -69.55 -6.31
CA ASN K 114 22.92 -70.81 -6.30
C ASN K 114 24.22 -70.53 -5.56
N GLY K 115 24.21 -70.76 -4.25
CA GLY K 115 25.38 -70.48 -3.44
C GLY K 115 25.16 -69.19 -2.67
N SER K 116 24.18 -68.43 -3.12
CA SER K 116 23.81 -67.16 -2.50
C SER K 116 22.44 -66.76 -3.06
N VAL K 117 21.89 -65.66 -2.57
CA VAL K 117 20.60 -65.18 -3.05
C VAL K 117 20.66 -63.69 -3.32
N LYS K 118 19.72 -63.18 -4.10
CA LYS K 118 19.63 -61.76 -4.37
C LYS K 118 18.25 -61.27 -3.90
N TRP K 119 18.22 -60.11 -3.25
CA TRP K 119 16.96 -59.58 -2.75
C TRP K 119 16.28 -58.52 -3.61
N PHE K 120 14.96 -58.51 -3.55
CA PHE K 120 14.16 -57.57 -4.31
C PHE K 120 13.29 -56.83 -3.31
N CYS K 121 12.80 -55.68 -3.72
CA CYS K 121 11.95 -54.84 -2.87
C CYS K 121 10.88 -54.23 -3.75
N GLY K 122 9.62 -54.35 -3.35
CA GLY K 122 8.56 -53.78 -4.15
C GLY K 122 7.18 -53.94 -3.54
N GLN K 123 6.16 -53.99 -4.39
CA GLN K 123 4.79 -54.12 -3.93
C GLN K 123 4.52 -55.57 -3.56
N PRO K 124 3.73 -55.80 -2.51
CA PRO K 124 3.36 -57.12 -1.98
C PRO K 124 3.39 -58.25 -2.98
N VAL K 125 3.97 -59.37 -2.56
CA VAL K 125 4.04 -60.54 -3.43
C VAL K 125 3.84 -61.82 -2.60
N THR K 126 3.45 -62.89 -3.27
CA THR K 126 3.22 -64.16 -2.59
C THR K 126 4.21 -65.15 -3.17
N ARG K 127 4.69 -66.11 -2.39
CA ARG K 127 5.59 -67.08 -2.97
C ARG K 127 4.82 -68.28 -3.51
N THR K 128 5.15 -68.68 -4.73
CA THR K 128 4.51 -69.80 -5.36
C THR K 128 5.38 -71.02 -5.10
N ASP K 129 6.56 -71.05 -5.72
CA ASP K 129 7.49 -72.13 -5.50
C ASP K 129 8.82 -71.55 -4.97
N ASP K 130 9.78 -72.40 -4.65
CA ASP K 130 11.02 -71.90 -4.07
C ASP K 130 11.77 -70.86 -4.87
N ASP K 131 11.37 -70.68 -6.11
CA ASP K 131 12.05 -69.70 -6.95
C ASP K 131 11.07 -68.87 -7.77
N THR K 132 9.87 -68.67 -7.23
CA THR K 132 8.87 -67.91 -7.93
C THR K 132 7.82 -67.34 -6.98
N VAL K 133 7.53 -66.05 -7.14
CA VAL K 133 6.54 -65.35 -6.34
C VAL K 133 5.61 -64.65 -7.33
N ALA K 134 4.53 -64.05 -6.83
CA ALA K 134 3.59 -63.36 -7.71
C ALA K 134 2.87 -62.26 -6.97
N ASP K 135 2.37 -61.29 -7.71
CA ASP K 135 1.69 -60.16 -7.14
C ASP K 135 0.61 -60.59 -6.19
N ALA K 136 0.66 -60.07 -4.97
CA ALA K 136 -0.36 -60.38 -3.99
C ALA K 136 -1.44 -59.36 -4.32
N LYS K 137 -1.88 -59.36 -5.58
CA LYS K 137 -2.92 -58.43 -6.05
C LYS K 137 -4.14 -58.52 -5.15
N ASP K 138 -4.48 -57.42 -4.49
CA ASP K 138 -5.63 -57.43 -3.59
C ASP K 138 -6.13 -56.03 -3.28
N GLY K 139 -5.31 -55.01 -3.56
CA GLY K 139 -5.71 -53.63 -3.30
C GLY K 139 -5.08 -52.90 -2.13
N LYS K 140 -4.26 -53.57 -1.34
CA LYS K 140 -3.64 -52.94 -0.19
C LYS K 140 -2.14 -52.63 -0.41
N GLU K 141 -1.69 -52.66 -1.65
CA GLU K 141 -0.29 -52.37 -1.94
C GLU K 141 0.02 -50.88 -1.85
N ILE K 142 1.17 -50.54 -1.30
CA ILE K 142 1.55 -49.15 -1.22
C ILE K 142 1.77 -48.69 -2.66
N ASP K 143 1.14 -47.58 -3.00
CA ASP K 143 1.18 -46.98 -4.33
C ASP K 143 2.58 -46.66 -4.83
N THR K 144 2.84 -47.01 -6.08
CA THR K 144 4.17 -46.76 -6.65
C THR K 144 4.77 -45.39 -6.31
N LYS K 145 3.93 -44.35 -6.29
CA LYS K 145 4.46 -43.03 -6.00
C LYS K 145 5.12 -42.89 -4.64
N HIS K 146 4.76 -43.76 -3.70
CA HIS K 146 5.33 -43.70 -2.36
C HIS K 146 6.56 -44.58 -2.17
N LEU K 147 6.90 -45.34 -3.20
CA LEU K 147 8.04 -46.23 -3.09
C LEU K 147 9.33 -45.68 -3.67
N PRO K 148 10.44 -45.84 -2.94
CA PRO K 148 11.76 -45.37 -3.37
C PRO K 148 12.07 -45.90 -4.76
N SER K 149 13.12 -45.37 -5.35
CA SER K 149 13.55 -45.81 -6.67
C SER K 149 14.18 -47.20 -6.51
N THR K 150 14.67 -47.48 -5.30
CA THR K 150 15.30 -48.76 -5.02
C THR K 150 14.29 -49.83 -4.65
N CYS K 151 13.01 -49.51 -4.66
CA CYS K 151 12.02 -50.51 -4.30
C CYS K 151 10.88 -50.52 -5.31
N ARG K 152 11.25 -50.57 -6.59
CA ARG K 152 10.27 -50.60 -7.67
C ARG K 152 10.29 -51.97 -8.34
N ASP K 153 10.78 -53.00 -7.65
CA ASP K 153 10.85 -54.33 -8.25
C ASP K 153 9.51 -55.06 -8.53
N ASN K 154 9.43 -55.69 -9.69
CA ASN K 154 8.27 -56.46 -10.12
C ASN K 154 8.39 -57.93 -9.72
N PHE K 155 7.26 -58.60 -9.57
CA PHE K 155 7.22 -59.98 -9.16
C PHE K 155 8.21 -60.86 -9.96
N ASP K 156 8.44 -60.53 -11.21
CA ASP K 156 9.36 -61.36 -12.02
C ASP K 156 10.75 -60.77 -12.22
N ALA K 157 11.16 -59.85 -11.37
CA ALA K 157 12.48 -59.27 -11.48
C ALA K 157 13.51 -60.38 -11.27
N LYS K 158 14.59 -60.36 -12.02
CA LYS K 158 15.62 -61.38 -11.84
C LYS K 158 16.95 -60.67 -11.59
N MEA L 1 0.18 -5.09 -4.23
CA MEA L 1 -0.42 -4.56 -2.96
C MEA L 1 -0.16 -5.49 -1.76
O MEA L 1 -0.07 -5.02 -0.62
N THR L 2 -0.01 -6.80 -2.01
CA THR L 2 0.03 -7.79 -0.94
C THR L 2 0.93 -9.02 -1.14
N LEU L 3 0.45 -9.95 -1.97
CA LEU L 3 0.85 -11.36 -1.92
C LEU L 3 2.27 -11.66 -2.40
N ILE L 4 3.25 -11.56 -1.49
CA ILE L 4 4.64 -11.86 -1.82
C ILE L 4 5.22 -12.99 -0.96
N GLU L 5 4.52 -13.34 0.13
CA GLU L 5 4.96 -14.39 1.04
C GLU L 5 4.83 -15.76 0.39
N LEU L 6 3.76 -15.95 -0.40
CA LEU L 6 3.55 -17.20 -1.14
C LEU L 6 4.49 -17.29 -2.34
N MET L 7 4.76 -16.14 -2.96
CA MET L 7 5.59 -16.08 -4.17
C MET L 7 7.08 -16.27 -3.88
N ILE L 8 7.55 -15.70 -2.77
CA ILE L 8 8.96 -15.85 -2.39
C ILE L 8 9.25 -17.23 -1.80
N VAL L 9 8.35 -17.74 -0.96
CA VAL L 9 8.53 -19.04 -0.32
C VAL L 9 8.39 -20.23 -1.29
N ILE L 10 7.66 -20.04 -2.39
CA ILE L 10 7.63 -21.04 -3.45
C ILE L 10 8.92 -20.97 -4.29
N ALA L 11 9.54 -19.79 -4.30
CA ALA L 11 10.75 -19.55 -5.07
C ALA L 11 12.04 -19.74 -4.25
N ILE L 12 11.91 -19.88 -2.93
CA ILE L 12 13.05 -20.25 -2.09
C ILE L 12 13.19 -21.77 -1.98
N VAL L 13 12.06 -22.48 -2.07
CA VAL L 13 12.06 -23.94 -2.08
C VAL L 13 12.54 -24.43 -3.46
N GLY L 14 12.23 -23.66 -4.50
CA GLY L 14 12.71 -23.92 -5.84
C GLY L 14 14.22 -23.80 -5.95
N ILE L 15 14.77 -22.72 -5.38
CA ILE L 15 16.22 -22.52 -5.36
C ILE L 15 16.92 -23.40 -4.33
N LEU L 16 16.17 -23.83 -3.31
CA LEU L 16 16.68 -24.75 -2.30
C LEU L 16 16.94 -26.13 -2.91
N ALA L 17 16.05 -26.53 -3.83
CA ALA L 17 16.19 -27.77 -4.57
C ALA L 17 17.39 -27.73 -5.53
N ALA L 18 17.64 -26.55 -6.10
CA ALA L 18 18.77 -26.32 -7.00
C ALA L 18 20.10 -26.36 -6.26
N VAL L 19 20.11 -25.93 -5.00
CA VAL L 19 21.29 -26.00 -4.15
C VAL L 19 21.46 -27.41 -3.58
N ALA L 20 20.33 -28.07 -3.30
CA ALA L 20 20.36 -29.45 -2.81
C ALA L 20 20.55 -30.46 -3.94
N LEU L 21 20.56 -29.98 -5.18
CA LEU L 21 20.68 -30.83 -6.36
C LEU L 21 22.08 -31.45 -6.52
N PRO L 22 23.15 -30.65 -6.51
CA PRO L 22 24.52 -31.20 -6.64
C PRO L 22 24.99 -32.00 -5.43
N ALA L 23 24.45 -31.70 -4.25
CA ALA L 23 24.81 -32.43 -3.03
C ALA L 23 24.27 -33.85 -3.05
N TYR L 24 23.00 -33.99 -3.46
CA TYR L 24 22.36 -35.29 -3.60
C TYR L 24 22.88 -36.04 -4.83
N GLN L 25 23.23 -35.29 -5.87
CA GLN L 25 23.88 -35.84 -7.06
C GLN L 25 25.32 -36.27 -6.80
N ASP L 26 25.96 -35.65 -5.80
CA ASP L 26 27.47 -36.54 -5.70
C ASP L 26 27.35 -37.51 -4.55
N TYR L 27 26.50 -37.19 -3.59
CA TYR L 27 26.28 -38.09 -2.47
C TYR L 27 25.75 -39.35 -3.12
N THR L 28 24.89 -39.13 -4.09
CA THR L 28 24.26 -40.22 -4.81
C THR L 28 25.25 -41.07 -5.59
N ALA L 29 26.06 -40.43 -6.42
CA ALA L 29 27.06 -41.16 -7.22
C ALA L 29 28.05 -41.87 -6.34
N ARG L 30 28.49 -41.17 -5.31
CA ARG L 30 29.45 -41.67 -4.35
C ARG L 30 28.87 -42.89 -3.67
N ALA L 31 27.54 -42.99 -3.69
CA ALA L 31 26.84 -44.12 -3.08
C ALA L 31 26.78 -45.31 -4.03
N GLN L 32 26.62 -45.02 -5.32
CA GLN L 32 26.55 -46.02 -6.37
C GLN L 32 27.92 -46.63 -6.66
N VAL L 33 28.97 -45.92 -6.27
CA VAL L 33 30.32 -46.42 -6.47
C VAL L 33 30.70 -47.29 -5.30
N SER L 34 30.21 -46.92 -4.11
CA SER L 34 30.52 -47.68 -2.91
C SER L 34 30.04 -49.12 -3.03
N GLU L 35 29.16 -49.35 -3.99
CA GLU L 35 28.64 -50.70 -4.20
C GLU L 35 29.46 -51.44 -5.22
N ALA L 36 29.91 -50.73 -6.24
CA ALA L 36 30.74 -51.35 -7.25
C ALA L 36 31.90 -51.94 -6.46
N ILE L 37 32.26 -51.26 -5.38
CA ILE L 37 33.35 -51.69 -4.54
C ILE L 37 32.98 -52.94 -3.73
N LEU L 38 31.73 -53.01 -3.29
CA LEU L 38 31.32 -54.17 -2.51
C LEU L 38 31.17 -55.38 -3.40
N LEU L 39 30.80 -55.14 -4.65
CA LEU L 39 30.62 -56.22 -5.59
C LEU L 39 31.99 -56.73 -6.05
N ALA L 40 32.97 -55.82 -6.04
CA ALA L 40 34.31 -56.17 -6.44
C ALA L 40 34.92 -57.03 -5.34
N GLU L 41 34.71 -56.62 -4.10
CA GLU L 41 35.23 -57.37 -2.96
C GLU L 41 34.43 -58.66 -2.84
N GLY L 42 34.76 -59.49 -1.86
CA GLY L 42 34.03 -60.73 -1.67
C GLY L 42 34.37 -61.71 -2.78
N GLN L 43 35.19 -61.21 -3.68
CA GLN L 43 35.69 -61.98 -4.80
C GLN L 43 37.18 -61.97 -4.59
N LYS L 44 37.58 -61.38 -3.48
CA LYS L 44 38.97 -61.31 -3.11
C LYS L 44 39.29 -62.71 -2.63
N SER L 45 38.35 -63.28 -1.89
CA SER L 45 38.47 -64.63 -1.36
C SER L 45 38.91 -65.62 -2.43
N ALA L 46 38.11 -65.73 -3.48
CA ALA L 46 38.43 -66.64 -4.55
C ALA L 46 39.84 -66.36 -5.07
N VAL L 47 40.08 -65.11 -5.44
CA VAL L 47 41.37 -64.71 -5.97
C VAL L 47 42.54 -64.96 -5.03
N THR L 48 42.34 -64.67 -3.74
CA THR L 48 43.41 -64.88 -2.77
C THR L 48 43.74 -66.37 -2.68
N GLU L 49 42.71 -67.17 -2.49
CA GLU L 49 42.93 -68.58 -2.38
C GLU L 49 43.62 -69.10 -3.64
N TYR L 50 43.07 -68.78 -4.81
CA TYR L 50 43.70 -69.26 -6.04
C TYR L 50 45.20 -68.94 -6.06
N TYR L 51 45.56 -67.71 -5.72
CA TYR L 51 46.97 -67.32 -5.70
C TYR L 51 47.83 -68.10 -4.68
N LEU L 52 47.39 -68.12 -3.42
CA LEU L 52 48.12 -68.84 -2.38
C LEU L 52 48.23 -70.34 -2.64
N ASN L 53 47.19 -70.93 -3.22
CA ASN L 53 47.24 -72.37 -3.50
C ASN L 53 48.11 -72.70 -4.70
N HIS L 54 48.15 -71.82 -5.70
CA HIS L 54 48.93 -72.11 -6.90
C HIS L 54 50.14 -71.21 -7.19
N GLY L 55 50.17 -70.03 -6.59
CA GLY L 55 51.30 -69.14 -6.84
C GLY L 55 51.17 -68.39 -8.15
N LYS L 56 50.00 -68.47 -8.78
CA LYS L 56 49.72 -67.78 -10.03
C LYS L 56 48.37 -67.09 -9.85
N TRP L 57 48.20 -65.88 -10.39
CA TRP L 57 46.94 -65.15 -10.26
C TRP L 57 45.91 -65.74 -11.20
N PRO L 58 44.64 -65.83 -10.75
CA PRO L 58 43.61 -66.39 -11.61
C PRO L 58 43.43 -65.57 -12.89
N GLU L 59 43.54 -66.24 -14.04
CA GLU L 59 43.43 -65.54 -15.32
C GLU L 59 42.08 -64.89 -15.58
N ASN L 60 41.01 -65.57 -15.20
CA ASN L 60 39.66 -65.05 -15.40
C ASN L 60 38.71 -65.57 -14.34
N ASN L 61 37.47 -65.10 -14.36
CA ASN L 61 36.47 -65.51 -13.38
C ASN L 61 36.38 -67.00 -13.13
N THR L 62 36.35 -67.78 -14.21
CA THR L 62 36.25 -69.22 -14.12
C THR L 62 37.44 -69.80 -13.37
N SER L 63 38.62 -69.28 -13.67
CA SER L 63 39.81 -69.74 -12.97
C SER L 63 39.64 -69.46 -11.49
N ALA L 64 39.19 -68.26 -11.16
CA ALA L 64 39.01 -67.87 -9.77
C ALA L 64 37.88 -68.66 -9.11
N GLY L 65 37.09 -69.32 -9.94
CA GLY L 65 35.98 -70.09 -9.42
C GLY L 65 34.83 -69.18 -9.04
N VAL L 66 34.40 -68.37 -10.00
CA VAL L 66 33.28 -67.45 -9.79
C VAL L 66 32.49 -67.41 -11.07
N ALA L 67 31.25 -66.92 -10.99
CA ALA L 67 30.38 -66.85 -12.14
C ALA L 67 31.23 -66.68 -13.39
N SER L 68 31.43 -67.79 -14.10
CA SER L 68 32.23 -67.82 -15.31
C SER L 68 31.95 -66.64 -16.23
N SER L 69 30.81 -66.00 -16.03
CA SER L 69 30.41 -64.87 -16.88
C SER L 69 30.49 -63.55 -16.12
N PRO L 70 31.35 -62.61 -16.58
CA PRO L 70 31.50 -61.30 -15.93
C PRO L 70 30.15 -60.66 -15.65
N THR L 71 29.29 -60.71 -16.65
CA THR L 71 27.95 -60.15 -16.58
C THR L 71 27.08 -60.82 -15.52
N ASP L 72 27.56 -61.93 -14.98
CA ASP L 72 26.78 -62.61 -13.96
C ASP L 72 27.10 -62.06 -12.58
N ILE L 73 28.06 -61.14 -12.52
CA ILE L 73 28.44 -60.50 -11.26
C ILE L 73 28.11 -59.01 -11.31
N LYS L 74 26.90 -58.74 -11.80
CA LYS L 74 26.44 -57.36 -11.92
C LYS L 74 25.55 -56.96 -10.76
N GLY L 75 25.11 -55.71 -10.79
CA GLY L 75 24.23 -55.19 -9.77
C GLY L 75 23.30 -54.14 -10.33
N LYS L 76 22.84 -53.26 -9.45
CA LYS L 76 21.93 -52.19 -9.81
C LYS L 76 22.67 -51.10 -10.60
N TYR L 77 23.85 -50.76 -10.11
CA TYR L 77 24.67 -49.74 -10.75
C TYR L 77 25.88 -50.41 -11.38
N VAL L 78 26.03 -51.70 -11.09
CA VAL L 78 27.15 -52.45 -11.61
C VAL L 78 26.73 -53.31 -12.78
N LYS L 79 27.36 -53.06 -13.92
CA LYS L 79 27.07 -53.81 -15.13
C LYS L 79 27.83 -55.13 -15.14
N GLU L 80 28.82 -55.25 -14.25
CA GLU L 80 29.62 -56.46 -14.13
C GLU L 80 30.88 -56.35 -13.26
N VAL L 81 31.60 -57.46 -13.19
CA VAL L 81 32.82 -57.58 -12.42
C VAL L 81 33.63 -58.69 -13.06
N GLU L 82 34.78 -58.34 -13.61
CA GLU L 82 35.66 -59.29 -14.27
C GLU L 82 36.99 -59.43 -13.56
N VAL L 83 37.46 -60.67 -13.51
CA VAL L 83 38.75 -60.98 -12.89
C VAL L 83 39.67 -61.18 -14.06
N LYS L 84 40.71 -60.36 -14.12
CA LYS L 84 41.68 -60.46 -15.19
C LYS L 84 43.07 -60.52 -14.57
N ASN L 85 43.59 -61.75 -14.45
CA ASN L 85 44.90 -62.03 -13.84
C ASN L 85 44.97 -61.54 -12.40
N GLY L 86 43.99 -61.93 -11.60
CA GLY L 86 43.94 -61.53 -10.21
C GLY L 86 43.36 -60.15 -9.95
N VAL L 87 43.35 -59.31 -10.98
CA VAL L 87 42.81 -57.96 -10.86
C VAL L 87 41.30 -58.06 -11.05
N VAL L 88 40.54 -57.51 -10.12
CA VAL L 88 39.10 -57.55 -10.23
C VAL L 88 38.59 -56.14 -10.50
N THR L 89 37.99 -55.96 -11.67
CA THR L 89 37.47 -54.67 -12.11
C THR L 89 35.95 -54.64 -12.07
N ALA L 90 35.37 -53.54 -11.60
CA ALA L 90 33.91 -53.44 -11.54
C ALA L 90 33.42 -52.35 -12.46
N THR L 91 32.49 -52.67 -13.35
CA THR L 91 31.97 -51.69 -14.29
C THR L 91 30.61 -51.16 -13.84
N MET L 92 30.46 -49.84 -13.99
CA MET L 92 29.21 -49.18 -13.62
C MET L 92 28.22 -49.31 -14.77
N LEU L 93 26.99 -49.69 -14.44
CA LEU L 93 25.94 -49.85 -15.43
C LEU L 93 25.81 -48.55 -16.24
N SER L 94 24.78 -48.47 -17.07
CA SER L 94 24.54 -47.28 -17.86
C SER L 94 23.20 -46.68 -17.45
N SER L 95 22.38 -47.49 -16.79
CA SER L 95 21.06 -47.07 -16.33
C SER L 95 20.94 -47.17 -14.80
N GLY L 96 20.45 -46.09 -14.20
CA GLY L 96 20.27 -46.08 -12.76
C GLY L 96 21.41 -45.44 -11.99
N VAL L 97 22.36 -44.84 -12.70
CA VAL L 97 23.50 -44.19 -12.04
C VAL L 97 23.58 -42.67 -12.23
N ASN L 98 24.59 -42.06 -11.62
CA ASN L 98 24.79 -40.62 -11.70
C ASN L 98 24.66 -40.09 -13.12
N ASN L 99 25.80 -39.84 -13.77
CA ASN L 99 25.80 -39.32 -15.12
C ASN L 99 27.25 -39.25 -15.58
N GLU L 100 28.15 -38.99 -14.64
CA GLU L 100 29.55 -38.91 -14.99
C GLU L 100 30.30 -40.09 -14.44
N ILE L 101 29.56 -41.16 -14.12
CA ILE L 101 30.19 -42.36 -13.59
C ILE L 101 29.72 -43.66 -14.26
N LYS L 102 28.72 -43.58 -15.12
CA LYS L 102 28.23 -44.78 -15.79
C LYS L 102 29.21 -45.30 -16.83
N GLY L 103 29.25 -46.63 -16.97
CA GLY L 103 30.16 -47.24 -17.91
C GLY L 103 31.57 -47.03 -17.39
N LYS L 104 31.69 -46.49 -16.18
CA LYS L 104 33.01 -46.26 -15.61
C LYS L 104 33.33 -47.33 -14.59
N LYS L 105 34.62 -47.58 -14.37
CA LYS L 105 34.99 -48.63 -13.44
C LYS L 105 36.23 -48.43 -12.56
N LEU L 106 36.39 -49.34 -11.60
CA LEU L 106 37.52 -49.36 -10.67
C LEU L 106 38.11 -50.77 -10.60
N SER L 107 39.22 -50.92 -9.89
CA SER L 107 39.87 -52.22 -9.79
C SER L 107 40.39 -52.51 -8.40
N LEU L 108 40.50 -53.79 -8.11
CA LEU L 108 41.00 -54.29 -6.85
C LEU L 108 42.08 -55.23 -7.32
N TRP L 109 43.27 -55.12 -6.76
CA TRP L 109 44.35 -56.00 -7.16
C TRP L 109 45.13 -56.28 -5.92
N ALA L 110 45.92 -57.32 -5.94
CA ALA L 110 46.67 -57.66 -4.75
C ALA L 110 48.14 -57.77 -5.04
N ARG L 111 48.90 -58.00 -3.98
CA ARG L 111 50.33 -58.12 -4.10
C ARG L 111 50.83 -59.21 -3.18
N ARG L 112 51.78 -59.99 -3.68
CA ARG L 112 52.36 -61.08 -2.91
C ARG L 112 53.06 -60.51 -1.67
N GLU L 113 52.66 -60.96 -0.50
CA GLU L 113 53.33 -60.51 0.70
C GLU L 113 54.33 -61.58 1.07
N ASN L 114 54.17 -62.74 0.43
CA ASN L 114 55.00 -63.91 0.66
C ASN L 114 54.38 -64.65 1.83
N GLY L 115 53.49 -65.60 1.51
CA GLY L 115 52.81 -66.35 2.54
C GLY L 115 51.39 -65.81 2.68
N SER L 116 51.18 -64.63 2.12
CA SER L 116 49.87 -63.97 2.13
C SER L 116 49.94 -62.83 1.12
N VAL L 117 48.82 -62.14 0.92
CA VAL L 117 48.78 -61.02 0.00
C VAL L 117 48.07 -59.84 0.64
N LYS L 118 48.28 -58.65 0.08
CA LYS L 118 47.61 -57.46 0.55
C LYS L 118 46.81 -56.87 -0.61
N TRP L 119 45.58 -56.42 -0.33
CA TRP L 119 44.74 -55.86 -1.39
C TRP L 119 44.70 -54.34 -1.48
N PHE L 120 44.52 -53.87 -2.71
CA PHE L 120 44.46 -52.44 -2.98
C PHE L 120 43.14 -52.19 -3.68
N CYS L 121 42.70 -50.93 -3.65
CA CYS L 121 41.44 -50.54 -4.27
C CYS L 121 41.65 -49.16 -4.88
N GLY L 122 41.29 -49.01 -6.14
CA GLY L 122 41.47 -47.72 -6.78
C GLY L 122 40.96 -47.67 -8.21
N GLN L 123 41.55 -46.80 -9.01
CA GLN L 123 41.15 -46.64 -10.41
C GLN L 123 41.72 -47.77 -11.23
N PRO L 124 40.97 -48.26 -12.21
CA PRO L 124 41.33 -49.36 -13.12
C PRO L 124 42.81 -49.57 -13.33
N VAL L 125 43.24 -50.82 -13.27
CA VAL L 125 44.64 -51.16 -13.47
C VAL L 125 44.76 -52.46 -14.26
N THR L 126 45.91 -52.67 -14.89
CA THR L 126 46.13 -53.88 -15.67
C THR L 126 47.29 -54.61 -15.01
N ARG L 127 47.32 -55.94 -15.06
CA ARG L 127 48.46 -56.62 -14.47
C ARG L 127 49.54 -56.83 -15.52
N THR L 128 50.77 -56.51 -15.15
CA THR L 128 51.90 -56.67 -16.03
C THR L 128 52.53 -58.00 -15.72
N ASP L 129 53.14 -58.11 -14.54
CA ASP L 129 53.73 -59.37 -14.12
C ASP L 129 53.08 -59.79 -12.78
N ASP L 130 53.44 -60.95 -12.25
CA ASP L 130 52.80 -61.43 -11.03
C ASP L 130 52.88 -60.50 -9.83
N ASP L 131 53.69 -59.47 -9.93
CA ASP L 131 53.81 -58.56 -8.81
C ASP L 131 53.83 -57.10 -9.27
N THR L 132 53.17 -56.82 -10.39
CA THR L 132 53.15 -55.48 -10.92
C THR L 132 51.96 -55.25 -11.83
N VAL L 133 51.27 -54.13 -11.61
CA VAL L 133 50.12 -53.74 -12.40
C VAL L 133 50.37 -52.30 -12.84
N ALA L 134 49.51 -51.76 -13.70
CA ALA L 134 49.68 -50.38 -14.17
C ALA L 134 48.35 -49.78 -14.56
N ASP L 135 48.30 -48.46 -14.54
CA ASP L 135 47.08 -47.74 -14.86
C ASP L 135 46.50 -48.20 -16.17
N ALA L 136 45.24 -48.59 -16.15
CA ALA L 136 44.56 -49.00 -17.36
C ALA L 136 44.09 -47.68 -17.93
N LYS L 137 45.03 -46.75 -18.12
CA LYS L 137 44.72 -45.42 -18.66
C LYS L 137 43.96 -45.54 -19.97
N ASP L 138 42.73 -45.05 -19.99
CA ASP L 138 41.94 -45.14 -21.20
C ASP L 138 40.77 -44.15 -21.22
N GLY L 139 40.44 -43.59 -20.06
CA GLY L 139 39.36 -42.62 -19.97
C GLY L 139 38.05 -43.05 -19.34
N LYS L 140 37.93 -44.31 -18.95
CA LYS L 140 36.69 -44.79 -18.35
C LYS L 140 36.81 -45.04 -16.82
N GLU L 141 37.85 -44.48 -16.21
CA GLU L 141 38.03 -44.64 -14.77
C GLU L 141 37.08 -43.77 -13.98
N ILE L 142 36.53 -44.31 -12.89
CA ILE L 142 35.65 -43.52 -12.05
C ILE L 142 36.52 -42.43 -11.44
N ASP L 143 36.05 -41.20 -11.56
CA ASP L 143 36.71 -39.99 -11.08
C ASP L 143 37.04 -40.02 -9.61
N THR L 144 38.26 -39.61 -9.27
CA THR L 144 38.67 -39.60 -7.86
C THR L 144 37.63 -39.08 -6.89
N LYS L 145 36.89 -38.04 -7.27
CA LYS L 145 35.89 -37.49 -6.37
C LYS L 145 34.82 -38.47 -5.95
N HIS L 146 34.58 -39.50 -6.76
CA HIS L 146 33.55 -40.48 -6.44
C HIS L 146 34.06 -41.68 -5.66
N LEU L 147 35.35 -41.74 -5.44
CA LEU L 147 35.93 -42.87 -4.74
C LEU L 147 36.18 -42.62 -3.25
N PRO L 148 35.80 -43.60 -2.42
CA PRO L 148 35.97 -43.53 -0.96
C PRO L 148 37.42 -43.18 -0.63
N SER L 149 37.65 -42.86 0.63
CA SER L 149 39.00 -42.54 1.10
C SER L 149 39.79 -43.86 1.14
N THR L 150 39.07 -44.97 1.28
CA THR L 150 39.69 -46.28 1.35
C THR L 150 39.97 -46.86 -0.02
N CYS L 151 39.66 -46.13 -1.09
CA CYS L 151 39.90 -46.68 -2.41
C CYS L 151 40.58 -45.63 -3.29
N ARG L 152 41.64 -45.04 -2.75
CA ARG L 152 42.42 -44.04 -3.45
C ARG L 152 43.79 -44.60 -3.82
N ASP L 153 43.93 -45.92 -3.87
CA ASP L 153 45.23 -46.53 -4.18
C ASP L 153 45.77 -46.35 -5.62
N ASN L 154 47.06 -46.07 -5.71
CA ASN L 154 47.76 -45.90 -6.99
C ASN L 154 48.36 -47.23 -7.48
N PHE L 155 48.55 -47.34 -8.78
CA PHE L 155 49.08 -48.55 -9.37
C PHE L 155 50.33 -49.07 -8.65
N ASP L 156 51.14 -48.17 -8.10
CA ASP L 156 52.36 -48.62 -7.42
C ASP L 156 52.29 -48.63 -5.89
N ALA L 157 51.10 -48.65 -5.34
CA ALA L 157 50.95 -48.69 -3.90
C ALA L 157 51.57 -49.99 -3.39
N LYS L 158 52.26 -49.93 -2.25
CA LYS L 158 52.83 -51.16 -1.71
C LYS L 158 52.33 -51.33 -0.29
N MEA M 1 10.72 -10.30 3.00
CA MEA M 1 9.35 -10.47 2.43
C MEA M 1 9.01 -11.93 2.13
O MEA M 1 7.84 -12.31 2.18
N THR M 2 10.03 -12.75 1.83
CA THR M 2 9.80 -14.11 1.33
C THR M 2 10.79 -15.20 1.75
N LEU M 3 11.99 -15.17 1.13
CA LEU M 3 12.84 -16.35 0.97
C LEU M 3 13.54 -16.82 2.25
N ILE M 4 12.86 -17.66 3.02
CA ILE M 4 13.44 -18.22 4.25
C ILE M 4 13.52 -19.75 4.24
N GLU M 5 12.81 -20.38 3.30
CA GLU M 5 12.80 -21.83 3.15
C GLU M 5 14.14 -22.34 2.65
N LEU M 6 14.76 -21.60 1.74
CA LEU M 6 16.08 -21.94 1.22
C LEU M 6 17.17 -21.65 2.26
N MET M 7 16.99 -20.58 3.02
CA MET M 7 17.96 -20.13 4.01
C MET M 7 18.00 -21.01 5.26
N ILE M 8 16.83 -21.47 5.72
CA ILE M 8 16.76 -22.34 6.89
C ILE M 8 17.18 -23.77 6.56
N VAL M 9 16.74 -24.28 5.41
CA VAL M 9 17.06 -25.66 5.00
C VAL M 9 18.54 -25.85 4.60
N ILE M 10 19.21 -24.77 4.19
CA ILE M 10 20.65 -24.83 3.99
C ILE M 10 21.39 -24.77 5.34
N ALA M 11 20.72 -24.18 6.33
CA ALA M 11 21.29 -24.01 7.67
C ALA M 11 20.90 -25.14 8.64
N ILE M 12 19.94 -25.98 8.24
CA ILE M 12 19.62 -27.18 9.01
C ILE M 12 20.48 -28.36 8.57
N VAL M 13 20.88 -28.37 7.31
CA VAL M 13 21.79 -29.38 6.79
C VAL M 13 23.22 -29.10 7.28
N GLY M 14 23.53 -27.81 7.45
CA GLY M 14 24.79 -27.37 8.03
C GLY M 14 24.93 -27.80 9.47
N ILE M 15 23.89 -27.60 10.27
CA ILE M 15 23.88 -28.02 11.66
C ILE M 15 23.68 -29.54 11.82
N LEU M 16 23.07 -30.16 10.80
CA LEU M 16 22.90 -31.61 10.76
C LEU M 16 24.25 -32.30 10.61
N ALA M 17 25.13 -31.69 9.82
CA ALA M 17 26.50 -32.19 9.63
C ALA M 17 27.32 -32.03 10.90
N ALA M 18 27.06 -30.96 11.65
CA ALA M 18 27.74 -30.70 12.91
C ALA M 18 27.32 -31.68 14.00
N VAL M 19 26.06 -32.14 13.95
CA VAL M 19 25.55 -33.15 14.86
C VAL M 19 26.00 -34.55 14.42
N ALA M 20 26.08 -34.75 13.10
CA ALA M 20 26.54 -36.02 12.54
C ALA M 20 28.07 -36.12 12.54
N LEU M 21 28.74 -35.04 12.95
CA LEU M 21 30.20 -34.98 12.95
C LEU M 21 30.85 -35.86 14.04
N PRO M 22 30.44 -35.73 15.31
CA PRO M 22 31.02 -36.54 16.39
C PRO M 22 30.61 -38.01 16.33
N ALA M 23 29.45 -38.32 15.74
CA ALA M 23 28.97 -39.69 15.59
C ALA M 23 29.82 -40.47 14.59
N TYR M 24 30.10 -39.83 13.46
CA TYR M 24 30.96 -40.41 12.42
C TYR M 24 32.42 -40.40 12.85
N GLN M 25 32.81 -39.38 13.60
CA GLN M 25 34.14 -39.31 14.21
C GLN M 25 34.34 -40.32 15.33
N ASP M 26 33.24 -40.73 15.97
CA ASP M 26 33.85 -41.99 17.02
C ASP M 26 33.54 -43.31 16.36
N TYR M 27 32.51 -43.34 15.53
CA TYR M 27 32.18 -44.56 14.83
C TYR M 27 33.40 -44.85 13.99
N THR M 28 33.95 -43.78 13.45
CA THR M 28 35.12 -43.87 12.60
C THR M 28 36.35 -44.38 13.34
N ALA M 29 36.69 -43.75 14.45
CA ALA M 29 37.85 -44.16 15.24
C ALA M 29 37.69 -45.58 15.75
N ARG M 30 36.49 -45.86 16.24
CA ARG M 30 36.15 -47.18 16.77
C ARG M 30 36.31 -48.20 15.68
N ALA M 31 36.26 -47.75 14.43
CA ALA M 31 36.41 -48.64 13.28
C ALA M 31 37.89 -48.88 12.96
N GLN M 32 38.70 -47.84 13.15
CA GLN M 32 40.14 -47.89 12.89
C GLN M 32 40.86 -48.66 13.98
N VAL M 33 40.23 -48.82 15.13
CA VAL M 33 40.81 -49.56 16.23
C VAL M 33 40.47 -51.02 16.06
N SER M 34 39.27 -51.28 15.55
CA SER M 34 38.82 -52.65 15.35
C SER M 34 39.76 -53.40 14.42
N GLU M 35 40.58 -52.66 13.68
CA GLU M 35 41.52 -53.27 12.75
C GLU M 35 42.85 -53.50 13.41
N ALA M 36 43.25 -52.56 14.26
CA ALA M 36 44.51 -52.71 14.97
C ALA M 36 44.36 -54.05 15.69
N ILE M 37 43.13 -54.36 16.09
CA ILE M 37 42.84 -55.58 16.79
C ILE M 37 42.95 -56.79 15.86
N LEU M 38 42.53 -56.63 14.62
CA LEU M 38 42.58 -57.76 13.68
C LEU M 38 44.01 -58.02 13.26
N LEU M 39 44.81 -56.96 13.22
CA LEU M 39 46.20 -57.08 12.84
C LEU M 39 46.99 -57.69 14.00
N ALA M 40 46.53 -57.42 15.21
CA ALA M 40 47.18 -57.95 16.38
C ALA M 40 46.91 -59.45 16.45
N GLU M 41 45.67 -59.83 16.19
CA GLU M 41 45.29 -61.24 16.20
C GLU M 41 45.91 -61.90 14.98
N GLY M 42 45.68 -63.21 14.82
CA GLY M 42 46.23 -63.91 13.67
C GLY M 42 47.74 -64.06 13.83
N GLN M 43 48.22 -63.49 14.92
CA GLN M 43 49.60 -63.55 15.28
C GLN M 43 49.58 -64.24 16.63
N LYS M 44 48.39 -64.64 17.01
CA LYS M 44 48.19 -65.35 18.25
C LYS M 44 48.70 -66.74 17.96
N SER M 45 48.40 -67.22 16.76
CA SER M 45 48.81 -68.54 16.30
C SER M 45 50.30 -68.76 16.52
N ALA M 46 51.12 -67.89 15.94
CA ALA M 46 52.55 -68.02 16.09
C ALA M 46 52.91 -68.05 17.57
N VAL M 47 52.46 -67.05 18.31
CA VAL M 47 52.74 -66.95 19.73
C VAL M 47 52.27 -68.14 20.54
N THR M 48 51.07 -68.63 20.25
CA THR M 48 50.55 -69.78 20.98
C THR M 48 51.42 -70.99 20.74
N GLU M 49 51.66 -71.29 19.47
CA GLU M 49 52.48 -72.43 19.14
C GLU M 49 53.84 -72.29 19.81
N TYR M 50 54.51 -71.15 19.62
CA TYR M 50 55.82 -70.99 20.24
C TYR M 50 55.79 -71.34 21.73
N TYR M 51 54.80 -70.82 22.45
CA TYR M 51 54.68 -71.11 23.88
C TYR M 51 54.44 -72.60 24.21
N LEU M 52 53.43 -73.19 23.59
CA LEU M 52 53.13 -74.60 23.82
C LEU M 52 54.26 -75.54 23.43
N ASN M 53 54.98 -75.22 22.36
CA ASN M 53 56.09 -76.07 21.95
C ASN M 53 57.32 -75.91 22.83
N HIS M 54 57.57 -74.70 23.35
CA HIS M 54 58.75 -74.49 24.17
C HIS M 54 58.53 -74.15 25.64
N GLY M 55 57.34 -73.70 26.00
CA GLY M 55 57.09 -73.36 27.39
C GLY M 55 57.66 -72.01 27.77
N LYS M 56 58.07 -71.23 26.77
CA LYS M 56 58.60 -69.89 26.98
C LYS M 56 57.91 -68.99 25.95
N TRP M 57 57.57 -67.76 26.32
CA TRP M 57 56.91 -66.84 25.40
C TRP M 57 57.90 -66.29 24.41
N PRO M 58 57.49 -66.14 23.14
CA PRO M 58 58.40 -65.60 22.13
C PRO M 58 58.89 -64.20 22.49
N GLU M 59 60.20 -64.01 22.55
CA GLU M 59 60.76 -62.71 22.91
C GLU M 59 60.44 -61.59 21.96
N ASN M 60 60.45 -61.89 20.66
CA ASN M 60 60.17 -60.88 19.64
C ASN M 60 59.56 -61.51 18.39
N ASN M 61 59.17 -60.68 17.44
CA ASN M 61 58.56 -61.18 16.21
C ASN M 61 59.28 -62.34 15.54
N THR M 62 60.61 -62.22 15.43
CA THR M 62 61.41 -63.25 14.79
C THR M 62 61.29 -64.56 15.55
N SER M 63 61.32 -64.47 16.88
CA SER M 63 61.17 -65.68 17.69
C SER M 63 59.83 -66.30 17.38
N ALA M 64 58.79 -65.49 17.33
CA ALA M 64 57.43 -65.99 17.07
C ALA M 64 57.30 -66.49 15.64
N GLY M 65 58.28 -66.15 14.82
CA GLY M 65 58.24 -66.58 13.43
C GLY M 65 57.28 -65.72 12.65
N VAL M 66 57.49 -64.41 12.70
CA VAL M 66 56.65 -63.46 11.97
C VAL M 66 57.56 -62.36 11.47
N ALA M 67 57.07 -61.60 10.50
CA ALA M 67 57.84 -60.50 9.92
C ALA M 67 58.80 -59.96 10.98
N SER M 68 60.05 -60.39 10.88
CA SER M 68 61.09 -60.01 11.82
C SER M 68 61.06 -58.51 12.14
N SER M 69 60.39 -57.74 11.29
CA SER M 69 60.33 -56.30 11.47
C SER M 69 58.92 -55.85 11.90
N PRO M 70 58.79 -55.25 13.10
CA PRO M 70 57.49 -54.78 13.59
C PRO M 70 56.75 -53.98 12.53
N THR M 71 57.48 -53.08 11.89
CA THR M 71 56.95 -52.22 10.85
C THR M 71 56.46 -52.98 9.63
N ASP M 72 56.76 -54.26 9.58
CA ASP M 72 56.32 -55.06 8.45
C ASP M 72 54.92 -55.62 8.70
N ILE M 73 54.40 -55.37 9.90
CA ILE M 73 53.06 -55.84 10.27
C ILE M 73 52.16 -54.63 10.50
N LYS M 74 52.24 -53.68 9.59
CA LYS M 74 51.45 -52.46 9.66
C LYS M 74 50.21 -52.54 8.79
N GLY M 75 49.43 -51.47 8.85
CA GLY M 75 48.22 -51.40 8.06
C GLY M 75 47.92 -49.96 7.68
N LYS M 76 46.65 -49.68 7.42
CA LYS M 76 46.18 -48.36 7.04
C LYS M 76 46.21 -47.42 8.23
N TYR M 77 45.73 -47.92 9.36
CA TYR M 77 45.67 -47.14 10.58
C TYR M 77 46.68 -47.70 11.55
N VAL M 78 47.27 -48.84 11.19
CA VAL M 78 48.25 -49.49 12.03
C VAL M 78 49.65 -49.23 11.54
N LYS M 79 50.45 -48.61 12.40
CA LYS M 79 51.82 -48.30 12.07
C LYS M 79 52.72 -49.51 12.29
N GLU M 80 52.19 -50.51 13.02
CA GLU M 80 52.93 -51.75 13.30
C GLU M 80 52.29 -52.67 14.33
N VAL M 81 52.99 -53.77 14.59
CA VAL M 81 52.57 -54.78 15.54
C VAL M 81 53.85 -55.50 15.98
N GLU M 82 54.16 -55.36 17.27
CA GLU M 82 55.36 -55.96 17.85
C GLU M 82 55.01 -57.00 18.88
N VAL M 83 55.78 -58.08 18.87
CA VAL M 83 55.61 -59.17 19.83
C VAL M 83 56.73 -58.97 20.81
N LYS M 84 56.38 -58.75 22.07
CA LYS M 84 57.36 -58.56 23.12
C LYS M 84 57.05 -59.51 24.26
N ASN M 85 57.76 -60.65 24.28
CA ASN M 85 57.58 -61.70 25.27
C ASN M 85 56.15 -62.25 25.27
N GLY M 86 55.68 -62.62 24.08
CA GLY M 86 54.35 -63.17 23.94
C GLY M 86 53.24 -62.14 23.87
N VAL M 87 53.52 -60.91 24.33
CA VAL M 87 52.54 -59.83 24.30
C VAL M 87 52.61 -59.21 22.91
N VAL M 88 51.47 -59.08 22.25
CA VAL M 88 51.45 -58.50 20.94
C VAL M 88 50.75 -57.15 21.02
N THR M 89 51.49 -56.09 20.73
CA THR M 89 50.98 -54.72 20.79
C THR M 89 50.80 -54.13 19.40
N ALA M 90 49.69 -53.43 19.18
CA ALA M 90 49.44 -52.83 17.87
C ALA M 90 49.44 -51.32 17.97
N THR M 91 50.26 -50.66 17.15
CA THR M 91 50.32 -49.20 17.18
C THR M 91 49.52 -48.57 16.05
N MET M 92 48.81 -47.50 16.40
CA MET M 92 48.00 -46.78 15.44
C MET M 92 48.88 -45.80 14.68
N LEU M 93 48.74 -45.79 13.36
CA LEU M 93 49.52 -44.90 12.50
C LEU M 93 49.33 -43.46 12.99
N SER M 94 49.84 -42.51 12.21
CA SER M 94 49.69 -41.10 12.56
C SER M 94 48.89 -40.41 11.48
N SER M 95 48.79 -41.06 10.32
CA SER M 95 48.04 -40.53 9.19
C SER M 95 46.90 -41.47 8.78
N GLY M 96 45.72 -40.90 8.60
CA GLY M 96 44.56 -41.68 8.20
C GLY M 96 43.67 -42.13 9.34
N VAL M 97 43.94 -41.64 10.54
CA VAL M 97 43.15 -42.03 11.72
C VAL M 97 42.37 -40.88 12.37
N ASN M 98 41.61 -41.20 13.41
CA ASN M 98 40.80 -40.23 14.13
C ASN M 98 41.57 -38.95 14.43
N ASN M 99 42.03 -38.83 15.67
CA ASN M 99 42.77 -37.65 16.10
C ASN M 99 43.23 -37.89 17.54
N GLU M 100 42.42 -38.60 18.29
CA GLU M 100 42.78 -38.88 19.67
C GLU M 100 43.14 -40.34 19.83
N ILE M 101 43.47 -41.00 18.73
CA ILE M 101 43.87 -42.40 18.78
C ILE M 101 45.15 -42.73 18.00
N LYS M 102 45.67 -41.77 17.26
CA LYS M 102 46.89 -42.02 16.48
C LYS M 102 48.11 -42.14 17.38
N GLY M 103 49.04 -42.99 16.96
CA GLY M 103 50.23 -43.21 17.74
C GLY M 103 49.84 -43.93 19.01
N LYS M 104 48.58 -44.32 19.11
CA LYS M 104 48.11 -45.01 20.32
C LYS M 104 48.01 -46.49 20.05
N LYS M 105 48.11 -47.29 21.10
CA LYS M 105 48.07 -48.73 20.92
C LYS M 105 47.38 -49.59 21.97
N LEU M 106 47.20 -50.88 21.62
CA LEU M 106 46.60 -51.88 22.49
C LEU M 106 47.47 -53.14 22.52
N SER M 107 47.11 -54.11 23.37
CA SER M 107 47.89 -55.33 23.47
C SER M 107 47.03 -56.57 23.62
N LEU M 108 47.60 -57.67 23.20
CA LEU M 108 46.98 -58.97 23.27
C LEU M 108 48.03 -59.77 24.00
N TRP M 109 47.64 -60.48 25.04
CA TRP M 109 48.59 -61.28 25.77
C TRP M 109 47.87 -62.51 26.18
N ALA M 110 48.61 -63.54 26.54
CA ALA M 110 47.95 -64.77 26.91
C ALA M 110 48.39 -65.25 28.26
N ARG M 111 47.77 -66.34 28.70
CA ARG M 111 48.08 -66.90 30.00
C ARG M 111 48.08 -68.41 29.89
N ARG M 112 49.04 -69.03 30.56
CA ARG M 112 49.15 -70.48 30.58
C ARG M 112 47.92 -71.08 31.22
N GLU M 113 47.23 -71.96 30.50
CA GLU M 113 46.08 -72.62 31.06
C GLU M 113 46.54 -73.98 31.53
N ASN M 114 47.74 -74.34 31.08
CA ASN M 114 48.37 -75.62 31.38
C ASN M 114 47.85 -76.61 30.35
N GLY M 115 48.60 -76.74 29.25
CA GLY M 115 48.19 -77.61 28.17
C GLY M 115 47.61 -76.78 27.04
N SER M 116 47.30 -75.53 27.36
CA SER M 116 46.76 -74.57 26.40
C SER M 116 46.86 -73.18 27.05
N VAL M 117 46.48 -72.16 26.30
CA VAL M 117 46.51 -70.80 26.83
C VAL M 117 45.22 -70.07 26.48
N LYS M 118 44.95 -68.99 27.20
CA LYS M 118 43.78 -68.18 26.94
C LYS M 118 44.25 -66.76 26.61
N TRP M 119 43.64 -66.15 25.60
CA TRP M 119 44.03 -64.80 25.21
C TRP M 119 43.17 -63.66 25.73
N PHE M 120 43.82 -62.52 25.95
CA PHE M 120 43.14 -61.33 26.44
C PHE M 120 43.41 -60.23 25.45
N CYS M 121 42.57 -59.19 25.48
CA CYS M 121 42.69 -58.07 24.58
C CYS M 121 42.34 -56.81 25.36
N GLY M 122 43.20 -55.81 25.31
CA GLY M 122 42.92 -54.59 26.05
C GLY M 122 43.95 -53.50 25.84
N GLN M 123 44.09 -52.63 26.83
CA GLN M 123 45.05 -51.53 26.75
C GLN M 123 46.45 -52.06 27.02
N PRO M 124 47.45 -51.51 26.32
CA PRO M 124 48.87 -51.89 26.41
C PRO M 124 49.30 -52.47 27.73
N VAL M 125 50.08 -53.56 27.66
CA VAL M 125 50.57 -54.20 28.86
C VAL M 125 52.00 -54.69 28.64
N THR M 126 52.73 -54.91 29.73
CA THR M 126 54.11 -55.38 29.64
C THR M 126 54.15 -56.72 30.33
N ARG M 127 55.01 -57.64 29.89
CA ARG M 127 55.08 -58.90 30.58
C ARG M 127 56.13 -58.85 31.67
N THR M 128 55.76 -59.31 32.86
CA THR M 128 56.65 -59.34 33.99
C THR M 128 57.29 -60.71 34.03
N ASP M 129 56.51 -61.72 34.36
CA ASP M 129 56.99 -63.09 34.37
C ASP M 129 56.15 -63.93 33.39
N ASP M 130 56.48 -65.19 33.22
CA ASP M 130 55.77 -66.03 32.26
C ASP M 130 54.26 -66.12 32.44
N ASP M 131 53.78 -65.66 33.57
CA ASP M 131 52.35 -65.72 33.82
C ASP M 131 51.82 -64.45 34.46
N THR M 132 52.46 -63.33 34.13
CA THR M 132 52.04 -62.06 34.69
C THR M 132 52.50 -60.88 33.84
N VAL M 133 51.58 -59.97 33.57
CA VAL M 133 51.85 -58.77 32.79
C VAL M 133 51.33 -57.59 33.60
N ALA M 134 51.58 -56.38 33.15
CA ALA M 134 51.12 -55.19 33.89
C ALA M 134 50.93 -54.03 32.95
N ASP M 135 50.09 -53.08 33.37
CA ASP M 135 49.78 -51.93 32.57
C ASP M 135 51.04 -51.24 32.09
N ALA M 136 51.14 -51.04 30.79
CA ALA M 136 52.27 -50.33 30.23
C ALA M 136 51.85 -48.88 30.37
N LYS M 137 51.52 -48.48 31.60
CA LYS M 137 51.09 -47.10 31.89
C LYS M 137 52.13 -46.12 31.36
N ASP M 138 51.72 -45.27 30.43
CA ASP M 138 52.65 -44.31 29.86
C ASP M 138 51.93 -43.16 29.15
N GLY M 139 50.65 -43.34 28.85
CA GLY M 139 49.89 -42.29 28.19
C GLY M 139 49.53 -42.46 26.73
N LYS M 140 50.00 -43.54 26.10
CA LYS M 140 49.70 -43.76 24.69
C LYS M 140 48.68 -44.88 24.45
N GLU M 141 47.95 -45.27 25.49
CA GLU M 141 46.94 -46.31 25.36
C GLU M 141 45.69 -45.81 24.65
N ILE M 142 45.12 -46.63 23.78
CA ILE M 142 43.89 -46.24 23.11
C ILE M 142 42.83 -46.18 24.19
N ASP M 143 42.12 -45.05 24.22
CA ASP M 143 41.07 -44.76 25.18
C ASP M 143 39.96 -45.79 25.22
N THR M 144 39.56 -46.18 26.43
CA THR M 144 38.49 -47.17 26.57
C THR M 144 37.31 -46.98 25.62
N LYS M 145 36.91 -45.74 25.39
CA LYS M 145 35.76 -45.51 24.53
C LYS M 145 35.94 -46.04 23.11
N HIS M 146 37.18 -46.18 22.66
CA HIS M 146 37.43 -46.66 21.31
C HIS M 146 37.62 -48.17 21.21
N LEU M 147 37.60 -48.84 22.36
CA LEU M 147 37.80 -50.27 22.36
C LEU M 147 36.50 -51.08 22.40
N PRO M 148 36.43 -52.13 21.57
CA PRO M 148 35.27 -53.02 21.51
C PRO M 148 34.93 -53.53 22.90
N SER M 149 33.77 -54.15 23.02
CA SER M 149 33.34 -54.72 24.28
C SER M 149 34.18 -55.98 24.53
N THR M 150 34.69 -56.57 23.45
CA THR M 150 35.50 -57.76 23.54
C THR M 150 36.95 -57.47 23.81
N CYS M 151 37.32 -56.19 23.98
CA CYS M 151 38.70 -55.87 24.23
C CYS M 151 38.82 -54.88 25.38
N ARG M 152 38.14 -55.19 26.47
CA ARG M 152 38.14 -54.37 27.67
C ARG M 152 38.91 -55.06 28.78
N ASP M 153 39.77 -56.03 28.45
CA ASP M 153 40.51 -56.76 29.49
C ASP M 153 41.57 -55.99 30.28
N ASN M 154 41.60 -56.23 31.58
CA ASN M 154 42.56 -55.62 32.50
C ASN M 154 43.81 -56.49 32.66
N PHE M 155 44.91 -55.85 33.01
CA PHE M 155 46.18 -56.54 33.18
C PHE M 155 46.06 -57.83 34.00
N ASP M 156 45.14 -57.84 34.98
CA ASP M 156 45.00 -59.04 35.82
C ASP M 156 43.82 -59.94 35.50
N ALA M 157 43.28 -59.82 34.29
CA ALA M 157 42.16 -60.66 33.90
C ALA M 157 42.63 -62.11 33.92
N LYS M 158 41.77 -63.02 34.37
CA LYS M 158 42.15 -64.42 34.37
C LYS M 158 41.10 -65.20 33.61
N MEA N 1 9.28 -22.35 9.57
CA MEA N 1 9.71 -21.60 8.35
C MEA N 1 10.81 -22.32 7.56
O MEA N 1 10.90 -22.16 6.35
N THR N 2 11.64 -23.10 8.25
CA THR N 2 12.85 -23.67 7.65
C THR N 2 13.29 -25.07 8.10
N LEU N 3 13.87 -25.14 9.30
CA LEU N 3 14.79 -26.19 9.70
C LEU N 3 14.16 -27.56 9.95
N ILE N 4 14.01 -28.36 8.88
CA ILE N 4 13.45 -29.70 9.02
C ILE N 4 14.41 -30.80 8.54
N GLU N 5 15.46 -30.39 7.82
CA GLU N 5 16.47 -31.33 7.31
C GLU N 5 17.31 -31.91 8.44
N LEU N 6 17.61 -31.08 9.44
CA LEU N 6 18.36 -31.52 10.62
C LEU N 6 17.47 -32.35 11.55
N MET N 7 16.20 -31.99 11.62
CA MET N 7 15.24 -32.65 12.52
C MET N 7 14.82 -34.03 12.02
N ILE N 8 14.63 -34.17 10.71
CA ILE N 8 14.24 -35.46 10.12
C ILE N 8 15.42 -36.43 10.06
N VAL N 9 16.59 -35.93 9.67
CA VAL N 9 17.78 -36.77 9.54
C VAL N 9 18.35 -37.24 10.89
N ILE N 10 18.09 -36.49 11.96
CA ILE N 10 18.41 -36.97 13.31
C ILE N 10 17.39 -38.02 13.77
N ALA N 11 16.18 -37.95 13.21
CA ALA N 11 15.10 -38.86 13.56
C ALA N 11 14.99 -40.06 12.63
N ILE N 12 15.73 -40.04 11.52
CA ILE N 12 15.83 -41.23 10.65
C ILE N 12 16.98 -42.13 11.09
N VAL N 13 18.03 -41.53 11.67
CA VAL N 13 19.15 -42.28 12.24
C VAL N 13 18.72 -42.92 13.57
N GLY N 14 17.82 -42.24 14.28
CA GLY N 14 17.22 -42.77 15.50
C GLY N 14 16.37 -43.99 15.23
N ILE N 15 15.52 -43.92 14.21
CA ILE N 15 14.69 -45.06 13.82
C ILE N 15 15.49 -46.13 13.05
N LEU N 16 16.60 -45.72 12.46
CA LEU N 16 17.51 -46.65 11.78
C LEU N 16 18.19 -47.57 12.80
N ALA N 17 18.51 -47.00 13.97
CA ALA N 17 19.09 -47.75 15.07
C ALA N 17 18.08 -48.74 15.66
N ALA N 18 16.82 -48.34 15.68
CA ALA N 18 15.73 -49.17 16.18
C ALA N 18 15.44 -50.35 15.25
N VAL N 19 15.64 -50.15 13.95
CA VAL N 19 15.50 -51.21 12.96
C VAL N 19 16.75 -52.09 12.94
N ALA N 20 17.92 -51.48 13.17
CA ALA N 20 19.18 -52.20 13.25
C ALA N 20 19.39 -52.88 14.60
N LEU N 21 18.48 -52.61 15.54
CA LEU N 21 18.56 -53.14 16.89
C LEU N 21 18.32 -54.66 16.99
N PRO N 22 17.21 -55.17 16.44
CA PRO N 22 16.93 -56.61 16.50
C PRO N 22 17.84 -57.46 15.61
N ALA N 23 18.37 -56.86 14.53
CA ALA N 23 19.28 -57.55 13.63
C ALA N 23 20.63 -57.83 14.30
N TYR N 24 21.15 -56.81 14.99
CA TYR N 24 22.40 -56.92 15.73
C TYR N 24 22.21 -57.74 17.01
N GLN N 25 21.01 -57.63 17.60
CA GLN N 25 20.63 -58.45 18.75
C GLN N 25 20.39 -59.91 18.37
N ASP N 26 20.04 -60.15 17.10
CA ASP N 26 20.06 -61.91 17.03
C ASP N 26 21.36 -62.32 16.39
N TYR N 27 21.93 -61.45 15.57
CA TYR N 27 23.20 -61.75 14.95
C TYR N 27 24.14 -61.93 16.11
N THR N 28 23.96 -61.06 17.09
CA THR N 28 24.79 -61.05 18.29
C THR N 28 24.64 -62.33 19.10
N ALA N 29 23.41 -62.69 19.44
CA ALA N 29 23.16 -63.90 20.23
C ALA N 29 23.62 -65.14 19.49
N ARG N 30 23.31 -65.17 18.20
CA ARG N 30 23.67 -66.27 17.33
C ARG N 30 25.17 -66.40 17.31
N ALA N 31 25.87 -65.32 17.62
CA ALA N 31 27.33 -65.31 17.64
C ALA N 31 27.87 -65.86 18.97
N GLN N 32 27.15 -65.55 20.06
CA GLN N 32 27.52 -65.98 21.40
C GLN N 32 27.21 -67.47 21.60
N VAL N 33 26.35 -68.02 20.76
CA VAL N 33 25.99 -69.41 20.85
C VAL N 33 27.00 -70.21 20.03
N SER N 34 27.46 -69.63 18.93
CA SER N 34 28.41 -70.30 18.06
C SER N 34 29.70 -70.63 18.81
N GLU N 35 29.87 -69.98 19.96
CA GLU N 35 31.07 -70.22 20.75
C GLU N 35 30.83 -71.28 21.78
N ALA N 36 29.63 -71.29 22.33
CA ALA N 36 29.28 -72.31 23.31
C ALA N 36 29.52 -73.62 22.58
N ILE N 37 29.29 -73.59 21.28
CA ILE N 37 29.47 -74.76 20.45
C ILE N 37 30.94 -75.10 20.27
N LEU N 38 31.79 -74.08 20.16
CA LEU N 38 33.22 -74.33 19.97
C LEU N 38 33.84 -74.81 21.26
N LEU N 39 33.29 -74.35 22.37
CA LEU N 39 33.80 -74.74 23.67
C LEU N 39 33.35 -76.16 23.99
N ALA N 40 32.19 -76.53 23.44
CA ALA N 40 31.66 -77.85 23.65
C ALA N 40 32.51 -78.84 22.86
N GLU N 41 32.82 -78.48 21.63
CA GLU N 41 33.64 -79.33 20.77
C GLU N 41 35.07 -79.30 21.31
N GLY N 42 35.98 -80.03 20.66
CA GLY N 42 37.36 -80.04 21.11
C GLY N 42 37.48 -80.82 22.41
N GLN N 43 36.31 -81.26 22.87
CA GLN N 43 36.19 -82.05 24.06
C GLN N 43 35.57 -83.33 23.57
N LYS N 44 35.40 -83.39 22.26
CA LYS N 44 34.85 -84.55 21.60
C LYS N 44 35.99 -85.55 21.62
N SER N 45 37.19 -85.05 21.38
CA SER N 45 38.40 -85.86 21.37
C SER N 45 38.51 -86.72 22.62
N ALA N 46 38.51 -86.08 23.78
CA ALA N 46 38.60 -86.81 25.03
C ALA N 46 37.50 -87.86 25.09
N VAL N 47 36.26 -87.42 24.90
CA VAL N 47 35.12 -88.32 24.96
C VAL N 47 35.17 -89.46 23.96
N THR N 48 35.59 -89.17 22.74
CA THR N 48 35.67 -90.20 21.71
C THR N 48 36.69 -91.25 22.12
N GLU N 49 37.88 -90.78 22.46
CA GLU N 49 38.92 -91.71 22.86
C GLU N 49 38.45 -92.54 24.04
N TYR N 50 37.96 -91.88 25.10
CA TYR N 50 37.50 -92.66 26.24
C TYR N 50 36.54 -93.76 25.84
N TYR N 51 35.57 -93.46 24.99
CA TYR N 51 34.62 -94.47 24.54
C TYR N 51 35.25 -95.61 23.72
N LEU N 52 36.01 -95.27 22.69
CA LEU N 52 36.66 -96.28 21.86
C LEU N 52 37.66 -97.14 22.65
N ASN N 53 38.37 -96.55 23.59
CA ASN N 53 39.32 -97.32 24.38
C ASN N 53 38.65 -98.22 25.42
N HIS N 54 37.52 -97.79 25.98
CA HIS N 54 36.86 -98.58 27.01
C HIS N 54 35.49 -99.14 26.68
N GLY N 55 34.81 -98.58 25.69
CA GLY N 55 33.49 -99.09 25.35
C GLY N 55 32.41 -98.58 26.27
N LYS N 56 32.75 -97.60 27.11
CA LYS N 56 31.81 -96.98 28.04
C LYS N 56 32.00 -95.46 27.90
N TRP N 57 30.92 -94.70 27.97
CA TRP N 57 31.00 -93.25 27.85
C TRP N 57 31.54 -92.65 29.13
N PRO N 58 32.39 -91.62 29.02
CA PRO N 58 32.95 -91.00 30.23
C PRO N 58 31.85 -90.42 31.11
N GLU N 59 31.82 -90.83 32.37
CA GLU N 59 30.79 -90.35 33.30
C GLU N 59 30.80 -88.86 33.56
N ASN N 60 31.99 -88.30 33.69
CA ASN N 60 32.14 -86.88 33.96
C ASN N 60 33.45 -86.33 33.40
N ASN N 61 33.65 -85.03 33.50
CA ASN N 61 34.86 -84.40 32.97
C ASN N 61 36.17 -85.10 33.33
N THR N 62 36.31 -85.45 34.60
CA THR N 62 37.52 -86.11 35.08
C THR N 62 37.72 -87.44 34.38
N SER N 63 36.64 -88.18 34.21
CA SER N 63 36.73 -89.44 33.51
C SER N 63 37.23 -89.19 32.10
N ALA N 64 36.65 -88.18 31.44
CA ALA N 64 37.05 -87.86 30.07
C ALA N 64 38.46 -87.30 30.01
N GLY N 65 38.99 -86.95 31.17
CA GLY N 65 40.33 -86.41 31.22
C GLY N 65 40.33 -84.95 30.78
N VAL N 66 39.50 -84.15 31.43
CA VAL N 66 39.41 -82.73 31.12
C VAL N 66 39.21 -82.00 32.43
N ALA N 67 39.44 -80.69 32.42
CA ALA N 67 39.29 -79.89 33.62
C ALA N 67 38.23 -80.52 34.52
N SER N 68 38.69 -81.23 35.53
CA SER N 68 37.81 -81.92 36.46
C SER N 68 36.65 -81.06 36.91
N SER N 69 36.77 -79.76 36.73
CA SER N 69 35.73 -78.83 37.16
C SER N 69 34.99 -78.22 35.96
N PRO N 70 33.66 -78.47 35.84
CA PRO N 70 32.87 -77.94 34.73
C PRO N 70 33.13 -76.46 34.52
N THR N 71 33.14 -75.73 35.62
CA THR N 71 33.37 -74.28 35.63
C THR N 71 34.75 -73.91 35.11
N ASP N 72 35.62 -74.89 34.93
CA ASP N 72 36.94 -74.59 34.43
C ASP N 72 36.96 -74.61 32.91
N ILE N 73 35.83 -74.95 32.31
CA ILE N 73 35.69 -74.98 30.85
C ILE N 73 34.68 -73.92 30.41
N LYS N 74 34.82 -72.74 30.99
CA LYS N 74 33.93 -71.63 30.68
C LYS N 74 34.54 -70.68 29.68
N GLY N 75 33.76 -69.66 29.32
CA GLY N 75 34.22 -68.66 28.38
C GLY N 75 33.61 -67.32 28.69
N LYS N 76 33.52 -66.48 27.67
CA LYS N 76 32.97 -65.14 27.78
C LYS N 76 31.45 -65.21 27.93
N TYR N 77 30.83 -66.04 27.11
CA TYR N 77 29.38 -66.21 27.14
C TYR N 77 29.07 -67.58 27.70
N VAL N 78 30.11 -68.38 27.89
CA VAL N 78 29.94 -69.73 28.41
C VAL N 78 30.30 -69.79 29.88
N LYS N 79 29.32 -70.18 30.68
CA LYS N 79 29.52 -70.29 32.12
C LYS N 79 30.18 -71.63 32.46
N GLU N 80 30.18 -72.55 31.50
CA GLU N 80 30.80 -73.87 31.68
C GLU N 80 30.49 -74.89 30.59
N VAL N 81 31.03 -76.09 30.79
CA VAL N 81 30.88 -77.21 29.89
C VAL N 81 31.09 -78.47 30.72
N GLU N 82 30.03 -79.26 30.84
CA GLU N 82 30.06 -80.49 31.61
C GLU N 82 29.86 -81.72 30.75
N VAL N 83 30.61 -82.76 31.07
CA VAL N 83 30.51 -84.02 30.36
C VAL N 83 29.73 -84.92 31.30
N LYS N 84 28.58 -85.38 30.83
CA LYS N 84 27.74 -86.25 31.63
C LYS N 84 27.41 -87.48 30.80
N ASN N 85 28.16 -88.55 31.05
CA ASN N 85 28.01 -89.83 30.34
C ASN N 85 28.22 -89.66 28.84
N GLY N 86 29.33 -89.02 28.46
CA GLY N 86 29.65 -88.82 27.06
C GLY N 86 28.96 -87.61 26.43
N VAL N 87 27.87 -87.15 27.05
CA VAL N 87 27.14 -85.98 26.55
C VAL N 87 27.85 -84.75 27.07
N VAL N 88 28.17 -83.83 26.18
CA VAL N 88 28.84 -82.61 26.60
C VAL N 88 27.88 -81.45 26.42
N THR N 89 27.53 -80.82 27.54
CA THR N 89 26.59 -79.70 27.55
C THR N 89 27.29 -78.38 27.83
N ALA N 90 26.93 -77.33 27.10
CA ALA N 90 27.56 -76.03 27.31
C ALA N 90 26.54 -75.03 27.84
N THR N 91 26.85 -74.40 28.96
CA THR N 91 25.94 -73.41 29.54
C THR N 91 26.36 -71.99 29.22
N MET N 92 25.36 -71.17 28.90
CA MET N 92 25.59 -69.77 28.57
C MET N 92 25.66 -68.96 29.86
N LEU N 93 26.68 -68.12 29.96
CA LEU N 93 26.87 -67.28 31.14
C LEU N 93 25.58 -66.49 31.40
N SER N 94 25.65 -65.56 32.34
CA SER N 94 24.50 -64.72 32.66
C SER N 94 24.85 -63.27 32.34
N SER N 95 26.14 -63.00 32.22
CA SER N 95 26.63 -61.66 31.93
C SER N 95 27.42 -61.63 30.62
N GLY N 96 27.09 -60.66 29.76
CA GLY N 96 27.78 -60.53 28.49
C GLY N 96 27.08 -61.18 27.31
N VAL N 97 25.86 -61.68 27.52
CA VAL N 97 25.12 -62.33 26.46
C VAL N 97 23.82 -61.62 26.05
N ASN N 98 23.13 -62.19 25.06
CA ASN N 98 21.89 -61.62 24.54
C ASN N 98 20.94 -61.20 25.66
N ASN N 99 19.94 -62.04 25.91
CA ASN N 99 18.94 -61.75 26.93
C ASN N 99 18.02 -62.95 27.03
N GLU N 100 17.79 -63.60 25.89
CA GLU N 100 16.92 -64.76 25.89
C GLU N 100 17.73 -66.02 25.67
N ILE N 101 19.03 -65.94 25.93
CA ILE N 101 19.89 -67.11 25.78
C ILE N 101 20.82 -67.37 26.97
N LYS N 102 20.86 -66.45 27.92
CA LYS N 102 21.73 -66.63 29.09
C LYS N 102 21.23 -67.73 30.01
N GLY N 103 22.17 -68.43 30.63
CA GLY N 103 21.80 -69.52 31.52
C GLY N 103 21.20 -70.63 30.67
N LYS N 104 21.26 -70.48 29.35
CA LYS N 104 20.69 -71.49 28.48
C LYS N 104 21.81 -72.34 27.90
N LYS N 105 21.49 -73.57 27.52
CA LYS N 105 22.52 -74.46 27.00
C LYS N 105 22.16 -75.42 25.87
N LEU N 106 23.20 -76.04 25.31
CA LEU N 106 23.08 -77.03 24.25
C LEU N 106 23.92 -78.28 24.60
N SER N 107 23.82 -79.32 23.78
CA SER N 107 24.56 -80.54 24.03
C SER N 107 25.12 -81.16 22.78
N LEU N 108 26.20 -81.91 22.97
CA LEU N 108 26.88 -82.62 21.92
C LEU N 108 26.90 -84.02 22.48
N TRP N 109 26.50 -85.00 21.68
CA TRP N 109 26.51 -86.36 22.15
C TRP N 109 26.87 -87.20 20.96
N ALA N 110 27.31 -88.41 21.21
CA ALA N 110 27.71 -89.25 20.11
C ALA N 110 26.98 -90.57 20.11
N ARG N 111 27.26 -91.35 19.08
CA ARG N 111 26.62 -92.64 18.94
C ARG N 111 27.63 -93.64 18.42
N ARG N 112 27.57 -94.85 18.96
CA ARG N 112 28.47 -95.91 18.54
C ARG N 112 28.22 -96.24 17.08
N GLU N 113 29.26 -96.15 16.26
CA GLU N 113 29.12 -96.52 14.87
C GLU N 113 29.63 -97.94 14.73
N ASN N 114 30.33 -98.39 15.78
CA ASN N 114 30.94 -99.70 15.84
C ASN N 114 32.30 -99.57 15.19
N GLY N 115 33.31 -99.29 16.02
CA GLY N 115 34.65 -99.10 15.51
C GLY N 115 34.97 -97.61 15.48
N SER N 116 33.93 -96.81 15.59
CA SER N 116 34.02 -95.36 15.60
C SER N 116 32.68 -94.81 16.07
N VAL N 117 32.59 -93.49 16.23
CA VAL N 117 31.35 -92.87 16.65
C VAL N 117 31.04 -91.65 15.78
N LYS N 118 29.79 -91.22 15.79
CA LYS N 118 29.38 -90.04 15.05
C LYS N 118 28.81 -89.03 16.06
N TRP N 119 29.17 -87.76 15.89
CA TRP N 119 28.68 -86.73 16.80
C TRP N 119 27.48 -85.91 16.33
N PHE N 120 26.68 -85.49 17.30
CA PHE N 120 25.50 -84.70 17.01
C PHE N 120 25.62 -83.43 17.82
N CYS N 121 24.87 -82.41 17.41
CA CYS N 121 24.90 -81.12 18.09
C CYS N 121 23.47 -80.57 18.08
N GLY N 122 22.98 -80.18 19.25
CA GLY N 122 21.63 -79.65 19.30
C GLY N 122 21.21 -79.16 20.68
N GLN N 123 19.92 -79.20 20.94
CA GLN N 123 19.39 -78.76 22.23
C GLN N 123 19.64 -79.82 23.28
N PRO N 124 19.95 -79.41 24.52
CA PRO N 124 20.25 -80.27 25.66
C PRO N 124 19.61 -81.64 25.62
N VAL N 125 20.41 -82.66 25.95
CA VAL N 125 19.91 -84.01 25.97
C VAL N 125 20.53 -84.79 27.15
N THR N 126 19.88 -85.86 27.56
CA THR N 126 20.36 -86.67 28.66
C THR N 126 20.67 -88.05 28.11
N ARG N 127 21.66 -88.75 28.64
CA ARG N 127 21.90 -90.09 28.13
C ARG N 127 21.11 -91.11 28.93
N THR N 128 20.43 -92.00 28.23
CA THR N 128 19.64 -93.04 28.84
C THR N 128 20.52 -94.27 28.93
N ASP N 129 20.82 -94.87 27.79
CA ASP N 129 21.69 -96.03 27.75
C ASP N 129 22.90 -95.70 26.83
N ASP N 130 23.84 -96.62 26.71
CA ASP N 130 25.05 -96.35 25.93
C ASP N 130 24.81 -95.95 24.48
N ASP N 131 23.60 -96.11 24.01
CA ASP N 131 23.31 -95.76 22.64
C ASP N 131 21.97 -95.04 22.49
N THR N 132 21.60 -94.31 23.53
CA THR N 132 20.34 -93.58 23.52
C THR N 132 20.32 -92.44 24.51
N VAL N 133 19.89 -91.27 24.03
CA VAL N 133 19.78 -90.07 24.83
C VAL N 133 18.37 -89.53 24.64
N ALA N 134 18.01 -88.51 25.40
CA ALA N 134 16.71 -87.86 25.25
C ALA N 134 16.83 -86.35 25.43
N ASP N 135 15.85 -85.62 24.90
CA ASP N 135 15.68 -84.21 25.24
C ASP N 135 15.93 -83.96 26.71
N ALA N 136 17.09 -83.37 27.03
CA ALA N 136 17.25 -82.60 28.26
C ALA N 136 16.32 -81.41 28.29
N LYS N 137 15.09 -81.60 27.82
CA LYS N 137 14.05 -80.60 27.96
C LYS N 137 14.08 -79.96 29.35
N ASP N 138 14.45 -78.69 29.40
CA ASP N 138 14.54 -77.96 30.66
C ASP N 138 13.75 -76.66 30.61
N GLY N 139 13.28 -76.30 29.42
CA GLY N 139 13.02 -74.92 29.09
C GLY N 139 14.24 -74.05 29.23
N LYS N 140 15.37 -74.67 29.57
CA LYS N 140 16.65 -73.95 29.65
C LYS N 140 17.41 -74.08 28.34
N GLU N 141 16.79 -74.72 27.35
CA GLU N 141 17.45 -74.98 26.07
C GLU N 141 17.56 -73.73 25.23
N ILE N 142 18.70 -73.56 24.56
CA ILE N 142 18.87 -72.41 23.69
C ILE N 142 17.88 -72.61 22.54
N ASP N 143 17.10 -71.57 22.30
CA ASP N 143 16.07 -71.52 21.27
C ASP N 143 16.57 -71.84 19.88
N THR N 144 15.83 -72.68 19.16
CA THR N 144 16.22 -73.06 17.81
C THR N 144 16.73 -71.90 16.95
N LYS N 145 16.12 -70.74 17.07
CA LYS N 145 16.54 -69.61 16.25
C LYS N 145 17.99 -69.20 16.45
N HIS N 146 18.54 -69.51 17.63
CA HIS N 146 19.92 -69.13 17.92
C HIS N 146 20.94 -70.20 17.56
N LEU N 147 20.46 -71.35 17.11
CA LEU N 147 21.36 -72.44 16.77
C LEU N 147 21.70 -72.53 15.29
N PRO N 148 22.99 -72.74 14.98
CA PRO N 148 23.48 -72.87 13.62
C PRO N 148 22.67 -73.94 12.88
N SER N 149 22.86 -74.00 11.57
CA SER N 149 22.18 -75.00 10.75
C SER N 149 22.84 -76.35 11.04
N THR N 150 24.09 -76.31 11.48
CA THR N 150 24.84 -77.51 11.78
C THR N 150 24.57 -78.02 13.18
N CYS N 151 23.69 -77.37 13.93
CA CYS N 151 23.43 -77.84 15.29
C CYS N 151 21.93 -77.87 15.55
N ARG N 152 21.21 -78.49 14.61
CA ARG N 152 19.77 -78.62 14.72
C ARG N 152 19.40 -80.07 14.98
N ASP N 153 20.34 -80.88 15.48
CA ASP N 153 20.05 -82.30 15.71
C ASP N 153 19.05 -82.65 16.84
N ASN N 154 18.18 -83.61 16.55
CA ASN N 154 17.18 -84.10 17.50
C ASN N 154 17.71 -85.29 18.30
N PHE N 155 17.15 -85.49 19.48
CA PHE N 155 17.58 -86.55 20.37
C PHE N 155 17.70 -87.90 19.64
N ASP N 156 16.86 -88.14 18.64
CA ASP N 156 16.92 -89.43 17.95
C ASP N 156 17.62 -89.41 16.59
N ALA N 157 18.43 -88.40 16.34
CA ALA N 157 19.15 -88.32 15.08
C ALA N 157 20.08 -89.53 14.99
N LYS N 158 20.21 -90.11 13.80
CA LYS N 158 21.10 -91.24 13.64
C LYS N 158 22.08 -90.92 12.53
N MEA O 1 11.44 -34.19 2.80
CA MEA O 1 11.97 -33.10 3.67
C MEA O 1 13.13 -33.55 4.56
O MEA O 1 14.00 -32.74 4.90
N THR O 2 13.16 -34.84 4.93
CA THR O 2 14.10 -35.34 5.93
C THR O 2 14.65 -36.77 5.76
N LEU O 3 13.80 -37.74 6.07
CA LEU O 3 14.23 -39.09 6.47
C LEU O 3 14.82 -39.95 5.34
N ILE O 4 16.12 -39.82 5.11
CA ILE O 4 16.80 -40.62 4.09
C ILE O 4 17.94 -41.48 4.66
N GLU O 5 18.35 -41.17 5.89
CA GLU O 5 19.42 -41.90 6.56
C GLU O 5 18.98 -43.31 6.93
N LEU O 6 17.71 -43.45 7.35
CA LEU O 6 17.13 -44.75 7.67
C LEU O 6 16.84 -45.55 6.40
N MET O 7 16.43 -44.85 5.34
CA MET O 7 16.04 -45.47 4.08
C MET O 7 17.25 -45.98 3.28
N ILE O 8 18.34 -45.22 3.27
CA ILE O 8 19.55 -45.62 2.56
C ILE O 8 20.32 -46.72 3.31
N VAL O 9 20.43 -46.58 4.63
CA VAL O 9 21.16 -47.55 5.45
C VAL O 9 20.44 -48.92 5.57
N ILE O 10 19.12 -48.93 5.40
CA ILE O 10 18.39 -50.21 5.31
C ILE O 10 18.58 -50.82 3.91
N ALA O 11 18.87 -49.97 2.93
CA ALA O 11 19.05 -50.39 1.54
C ALA O 11 20.51 -50.65 1.17
N ILE O 12 21.44 -50.25 2.04
CA ILE O 12 22.85 -50.60 1.86
C ILE O 12 23.17 -51.95 2.52
N VAL O 13 22.44 -52.28 3.59
CA VAL O 13 22.57 -53.57 4.26
C VAL O 13 21.89 -54.65 3.40
N GLY O 14 20.82 -54.25 2.70
CA GLY O 14 20.15 -55.12 1.75
C GLY O 14 21.02 -55.49 0.57
N ILE O 15 21.70 -54.50 0.00
CA ILE O 15 22.64 -54.74 -1.10
C ILE O 15 23.96 -55.35 -0.62
N LEU O 16 24.28 -55.13 0.65
CA LEU O 16 25.47 -55.73 1.26
C LEU O 16 25.30 -57.24 1.39
N ALA O 17 24.08 -57.67 1.69
CA ALA O 17 23.73 -59.08 1.76
C ALA O 17 23.77 -59.74 0.38
N ALA O 18 23.39 -58.98 -0.64
CA ALA O 18 23.42 -59.44 -2.03
C ALA O 18 24.84 -59.60 -2.55
N VAL O 19 25.75 -58.76 -2.07
CA VAL O 19 27.17 -58.85 -2.42
C VAL O 19 27.85 -59.95 -1.57
N ALA O 20 27.40 -60.10 -0.34
CA ALA O 20 27.91 -61.15 0.56
C ALA O 20 27.28 -62.51 0.28
N LEU O 21 26.30 -62.54 -0.62
CA LEU O 21 25.57 -63.75 -0.96
C LEU O 21 26.41 -64.78 -1.75
N PRO O 22 27.05 -64.38 -2.87
CA PRO O 22 27.87 -65.31 -3.64
C PRO O 22 29.17 -65.73 -2.96
N ALA O 23 29.70 -64.87 -2.08
CA ALA O 23 30.92 -65.16 -1.33
C ALA O 23 30.68 -66.27 -0.31
N TYR O 24 29.57 -66.18 0.42
CA TYR O 24 29.18 -67.18 1.40
C TYR O 24 28.66 -68.45 0.71
N GLN O 25 28.02 -68.26 -0.45
CA GLN O 25 27.59 -69.38 -1.29
C GLN O 25 28.76 -70.09 -1.97
N ASP O 26 29.87 -69.36 -2.16
CA ASP O 26 31.01 -70.56 -2.77
C ASP O 26 31.89 -70.96 -1.61
N TYR O 27 32.04 -70.08 -0.64
CA TYR O 27 32.84 -70.41 0.52
C TYR O 27 32.13 -71.60 1.14
N THR O 28 30.81 -71.50 1.12
CA THR O 28 29.95 -72.54 1.67
C THR O 28 30.10 -73.86 0.94
N ALA O 29 29.93 -73.85 -0.38
CA ALA O 29 30.04 -75.07 -1.18
C ALA O 29 31.42 -75.67 -1.07
N ARG O 30 32.42 -74.81 -1.15
CA ARG O 30 33.81 -75.18 -1.07
C ARG O 30 34.06 -75.84 0.27
N ALA O 31 33.20 -75.55 1.24
CA ALA O 31 33.32 -76.12 2.58
C ALA O 31 32.68 -77.50 2.65
N GLN O 32 31.57 -77.65 1.93
CA GLN O 32 30.82 -78.91 1.87
C GLN O 32 31.55 -79.95 1.03
N VAL O 33 32.46 -79.50 0.18
CA VAL O 33 33.23 -80.40 -0.66
C VAL O 33 34.45 -80.85 0.12
N SER O 34 34.99 -79.96 0.93
CA SER O 34 36.17 -80.28 1.72
C SER O 34 35.91 -81.45 2.64
N GLU O 35 34.63 -81.76 2.85
CA GLU O 35 34.27 -82.86 3.72
C GLU O 35 34.10 -84.13 2.94
N ALA O 36 33.55 -84.01 1.74
CA ALA O 36 33.39 -85.18 0.89
C ALA O 36 34.79 -85.74 0.77
N ILE O 37 35.77 -84.86 0.79
CA ILE O 37 37.16 -85.25 0.68
C ILE O 37 37.65 -85.94 1.94
N LEU O 38 37.18 -85.49 3.10
CA LEU O 38 37.62 -86.10 4.35
C LEU O 38 36.96 -87.46 4.54
N LEU O 39 35.76 -87.59 4.00
CA LEU O 39 35.03 -88.83 4.11
C LEU O 39 35.62 -89.84 3.13
N ALA O 40 36.17 -89.33 2.03
CA ALA O 40 36.77 -90.18 1.02
C ALA O 40 38.07 -90.72 1.59
N GLU O 41 38.84 -89.85 2.22
CA GLU O 41 40.11 -90.25 2.82
C GLU O 41 39.81 -91.11 4.04
N GLY O 42 40.85 -91.58 4.72
CA GLY O 42 40.64 -92.40 5.91
C GLY O 42 40.11 -93.76 5.51
N GLN O 43 39.92 -93.89 4.22
CA GLN O 43 39.47 -95.12 3.62
C GLN O 43 40.58 -95.48 2.67
N LYS O 44 41.63 -94.67 2.72
CA LYS O 44 42.79 -94.89 1.91
C LYS O 44 43.51 -96.04 2.59
N SER O 45 43.50 -96.00 3.91
CA SER O 45 44.13 -97.03 4.73
C SER O 45 43.69 -98.42 4.31
N ALA O 46 42.39 -98.66 4.35
CA ALA O 46 41.88 -99.96 3.96
C ALA O 46 42.37 -100.31 2.55
N VAL O 47 42.12 -99.42 1.61
CA VAL O 47 42.52 -99.64 0.23
C VAL O 47 44.01 -99.85 0.04
N THR O 48 44.82 -99.08 0.74
CA THR O 48 46.28 -99.23 0.62
C THR O 48 46.70 -100.60 1.11
N GLU O 49 46.26 -100.93 2.30
CA GLU O 49 46.61 -102.21 2.86
C GLU O 49 46.16 -103.32 1.93
N TYR O 50 44.88 -103.32 1.53
CA TYR O 50 44.42 -104.37 0.64
C TYR O 50 45.33 -104.53 -0.56
N TYR O 51 45.71 -103.43 -1.20
CA TYR O 51 46.59 -103.50 -2.36
C TYR O 51 47.99 -104.06 -2.05
N LEU O 52 48.66 -103.50 -1.05
CA LEU O 52 50.00 -103.96 -0.68
C LEU O 52 50.01 -105.42 -0.21
N ASN O 53 48.96 -105.85 0.49
CA ASN O 53 48.93 -107.22 0.95
C ASN O 53 48.60 -108.22 -0.15
N HIS O 54 47.79 -107.82 -1.13
CA HIS O 54 47.41 -108.73 -2.20
C HIS O 54 47.89 -108.40 -3.61
N GLY O 55 48.25 -107.15 -3.86
CA GLY O 55 48.70 -106.79 -5.18
C GLY O 55 47.56 -106.58 -6.16
N LYS O 56 46.34 -106.52 -5.63
CA LYS O 56 45.13 -106.28 -6.43
C LYS O 56 44.33 -105.21 -5.69
N TRP O 57 43.70 -104.30 -6.43
CA TRP O 57 42.91 -103.24 -5.81
C TRP O 57 41.59 -103.79 -5.32
N PRO O 58 41.12 -103.34 -4.14
CA PRO O 58 39.85 -103.83 -3.62
C PRO O 58 38.69 -103.53 -4.58
N GLU O 59 37.96 -104.57 -4.97
CA GLU O 59 36.85 -104.39 -5.91
C GLU O 59 35.72 -103.51 -5.40
N ASN O 60 35.39 -103.66 -4.12
CA ASN O 60 34.31 -102.88 -3.53
C ASN O 60 34.55 -102.66 -2.03
N ASN O 61 33.68 -101.89 -1.40
CA ASN O 61 33.82 -101.59 0.03
C ASN O 61 34.09 -102.80 0.92
N THR O 62 33.33 -103.87 0.70
CA THR O 62 33.48 -105.08 1.50
C THR O 62 34.86 -105.67 1.32
N SER O 63 35.36 -105.67 0.09
CA SER O 63 36.69 -106.17 -0.16
C SER O 63 37.68 -105.34 0.64
N ALA O 64 37.52 -104.02 0.59
CA ALA O 64 38.43 -103.13 1.29
C ALA O 64 38.27 -103.24 2.80
N GLY O 65 37.19 -103.90 3.21
CA GLY O 65 36.94 -104.06 4.63
C GLY O 65 36.40 -102.78 5.22
N VAL O 66 35.31 -102.28 4.63
CA VAL O 66 34.66 -101.07 5.11
C VAL O 66 33.18 -101.26 4.96
N ALA O 67 32.39 -100.44 5.65
CA ALA O 67 30.94 -100.53 5.59
C ALA O 67 30.53 -101.09 4.25
N SER O 68 30.23 -102.38 4.24
CA SER O 68 29.84 -103.09 3.03
C SER O 68 28.85 -102.31 2.19
N SER O 69 28.21 -101.32 2.80
CA SER O 69 27.20 -100.53 2.11
C SER O 69 27.69 -99.10 1.85
N PRO O 70 27.80 -98.70 0.56
CA PRO O 70 28.28 -97.35 0.22
C PRO O 70 27.55 -96.29 1.02
N THR O 71 26.23 -96.44 1.11
CA THR O 71 25.36 -95.52 1.83
C THR O 71 25.67 -95.48 3.33
N ASP O 72 26.49 -96.39 3.79
CA ASP O 72 26.83 -96.40 5.21
C ASP O 72 28.03 -95.49 5.48
N ILE O 73 28.60 -94.94 4.41
CA ILE O 73 29.75 -94.04 4.53
C ILE O 73 29.35 -92.65 4.05
N LYS O 74 28.17 -92.22 4.51
CA LYS O 74 27.64 -90.91 4.15
C LYS O 74 27.91 -89.87 5.22
N GLY O 75 27.48 -88.65 4.93
CA GLY O 75 27.65 -87.56 5.87
C GLY O 75 26.52 -86.57 5.73
N LYS O 76 26.80 -85.33 6.13
CA LYS O 76 25.83 -84.24 6.08
C LYS O 76 25.61 -83.80 4.64
N TYR O 77 26.71 -83.66 3.91
CA TYR O 77 26.66 -83.23 2.52
C TYR O 77 27.02 -84.41 1.64
N VAL O 78 27.46 -85.49 2.28
CA VAL O 78 27.87 -86.68 1.56
C VAL O 78 26.80 -87.73 1.60
N LYS O 79 26.32 -88.12 0.43
CA LYS O 79 25.29 -89.14 0.33
C LYS O 79 25.90 -90.53 0.40
N GLU O 80 27.23 -90.60 0.24
CA GLU O 80 27.95 -91.87 0.30
C GLU O 80 29.41 -91.82 -0.16
N VAL O 81 30.04 -92.98 -0.14
CA VAL O 81 31.42 -93.17 -0.53
C VAL O 81 31.56 -94.63 -0.92
N GLU O 82 31.85 -94.85 -2.20
CA GLU O 82 32.01 -96.18 -2.74
C GLU O 82 33.42 -96.45 -3.21
N VAL O 83 33.89 -97.66 -2.96
CA VAL O 83 35.22 -98.09 -3.39
C VAL O 83 34.96 -98.97 -4.58
N LYS O 84 35.50 -98.58 -5.71
CA LYS O 84 35.33 -99.34 -6.95
C LYS O 84 36.71 -99.58 -7.55
N ASN O 85 37.25 -100.77 -7.29
CA ASN O 85 38.57 -101.18 -7.75
C ASN O 85 39.67 -100.24 -7.25
N GLY O 86 39.66 -100.00 -5.94
CA GLY O 86 40.66 -99.14 -5.33
C GLY O 86 40.35 -97.65 -5.42
N VAL O 87 39.48 -97.28 -6.35
CA VAL O 87 39.08 -95.88 -6.52
C VAL O 87 37.98 -95.60 -5.52
N VAL O 88 38.14 -94.54 -4.73
CA VAL O 88 37.13 -94.20 -3.76
C VAL O 88 36.46 -92.90 -4.20
N THR O 89 35.16 -93.00 -4.50
CA THR O 89 34.38 -91.85 -4.95
C THR O 89 33.41 -91.37 -3.87
N ALA O 90 33.29 -90.05 -3.71
CA ALA O 90 32.39 -89.52 -2.71
C ALA O 90 31.27 -88.74 -3.37
N THR O 91 30.02 -89.08 -3.06
CA THR O 91 28.88 -88.39 -3.63
C THR O 91 28.29 -87.36 -2.69
N MET O 92 27.95 -86.21 -3.26
CA MET O 92 27.36 -85.12 -2.48
C MET O 92 25.86 -85.36 -2.35
N LEU O 93 25.36 -85.23 -1.13
CA LEU O 93 23.94 -85.41 -0.86
C LEU O 93 23.12 -84.52 -1.79
N SER O 94 21.82 -84.45 -1.55
CA SER O 94 20.94 -83.61 -2.36
C SER O 94 20.34 -82.55 -1.47
N SER O 95 20.39 -82.79 -0.16
CA SER O 95 19.84 -81.85 0.81
C SER O 95 20.92 -81.35 1.77
N GLY O 96 20.97 -80.03 1.96
CA GLY O 96 21.94 -79.44 2.85
C GLY O 96 23.20 -78.93 2.18
N VAL O 97 23.21 -78.92 0.85
CA VAL O 97 24.38 -78.46 0.11
C VAL O 97 24.15 -77.22 -0.75
N ASN O 98 25.19 -76.75 -1.42
CA ASN O 98 25.14 -75.56 -2.26
C ASN O 98 23.92 -75.58 -3.18
N ASN O 99 24.14 -75.93 -4.44
CA ASN O 99 23.07 -75.95 -5.42
C ASN O 99 23.65 -76.49 -6.72
N GLU O 100 24.91 -76.18 -6.97
CA GLU O 100 25.54 -76.66 -8.18
C GLU O 100 26.57 -77.72 -7.86
N ILE O 101 26.44 -78.32 -6.67
CA ILE O 101 27.36 -79.38 -6.28
C ILE O 101 26.68 -80.63 -5.73
N LYS O 102 25.37 -80.58 -5.52
CA LYS O 102 24.66 -81.74 -4.99
C LYS O 102 24.56 -82.87 -6.01
N GLY O 103 24.61 -84.10 -5.50
CA GLY O 103 24.54 -85.25 -6.37
C GLY O 103 25.82 -85.29 -7.17
N LYS O 104 26.77 -84.42 -6.84
CA LYS O 104 28.03 -84.38 -7.57
C LYS O 104 29.11 -85.06 -6.76
N LYS O 105 30.14 -85.57 -7.44
CA LYS O 105 31.18 -86.28 -6.71
C LYS O 105 32.63 -86.15 -7.20
N LEU O 106 33.54 -86.64 -6.37
CA LEU O 106 34.98 -86.66 -6.64
C LEU O 106 35.55 -88.06 -6.39
N SER O 107 36.83 -88.26 -6.72
CA SER O 107 37.45 -89.56 -6.51
C SER O 107 38.86 -89.46 -6.00
N LEU O 108 39.27 -90.52 -5.32
CA LEU O 108 40.60 -90.65 -4.77
C LEU O 108 41.03 -91.96 -5.35
N TRP O 109 42.21 -92.02 -5.93
CA TRP O 109 42.69 -93.26 -6.50
C TRP O 109 44.16 -93.28 -6.25
N ALA O 110 44.76 -94.44 -6.34
CA ALA O 110 46.18 -94.53 -6.07
C ALA O 110 46.92 -95.17 -7.22
N ARG O 111 48.24 -95.21 -7.08
CA ARG O 111 49.09 -95.78 -8.09
C ARG O 111 50.20 -96.55 -7.44
N ARG O 112 50.52 -97.71 -8.01
CA ARG O 112 51.58 -98.55 -7.51
C ARG O 112 52.91 -97.80 -7.59
N GLU O 113 53.59 -97.66 -6.47
CA GLU O 113 54.89 -97.02 -6.49
C GLU O 113 55.92 -98.13 -6.50
N ASN O 114 55.44 -99.34 -6.21
CA ASN O 114 56.27 -100.53 -6.13
C ASN O 114 56.82 -100.58 -4.72
N GLY O 115 56.10 -101.27 -3.84
CA GLY O 115 56.51 -101.35 -2.44
C GLY O 115 55.65 -100.41 -1.62
N SER O 116 54.97 -99.51 -2.31
CA SER O 116 54.07 -98.54 -1.70
C SER O 116 53.23 -97.92 -2.81
N VAL O 117 52.29 -97.05 -2.45
CA VAL O 117 51.47 -96.39 -3.44
C VAL O 117 51.36 -94.90 -3.13
N LYS O 118 50.97 -94.12 -4.13
CA LYS O 118 50.78 -92.69 -3.96
C LYS O 118 49.33 -92.36 -4.29
N TRP O 119 48.71 -91.51 -3.49
CA TRP O 119 47.31 -91.15 -3.72
C TRP O 119 47.06 -89.83 -4.43
N PHE O 120 45.97 -89.80 -5.19
CA PHE O 120 45.59 -88.62 -5.95
C PHE O 120 44.18 -88.27 -5.52
N CYS O 121 43.80 -87.02 -5.77
CA CYS O 121 42.48 -86.52 -5.39
C CYS O 121 42.01 -85.59 -6.50
N GLY O 122 40.81 -85.82 -7.01
CA GLY O 122 40.32 -84.96 -8.07
C GLY O 122 38.91 -85.28 -8.52
N GLN O 123 38.60 -84.98 -9.76
CA GLN O 123 37.27 -85.23 -10.30
C GLN O 123 37.13 -86.70 -10.64
N PRO O 124 35.93 -87.27 -10.42
CA PRO O 124 35.60 -88.68 -10.65
C PRO O 124 36.41 -89.37 -11.71
N VAL O 125 36.85 -90.58 -11.41
CA VAL O 125 37.63 -91.37 -12.35
C VAL O 125 37.25 -92.84 -12.27
N THR O 126 37.53 -93.59 -13.33
CA THR O 126 37.21 -95.02 -13.35
C THR O 126 38.52 -95.76 -13.47
N ARG O 127 38.63 -96.95 -12.91
CA ARG O 127 39.88 -97.67 -13.08
C ARG O 127 39.80 -98.57 -14.31
N THR O 128 40.84 -98.52 -15.13
CA THR O 128 40.92 -99.31 -16.33
C THR O 128 41.70 -100.57 -15.98
N ASP O 129 42.99 -100.41 -15.72
CA ASP O 129 43.82 -101.54 -15.33
C ASP O 129 44.45 -101.22 -13.95
N ASP O 130 45.20 -102.16 -13.40
CA ASP O 130 45.75 -101.96 -12.06
C ASP O 130 46.61 -100.72 -11.88
N ASP O 131 46.98 -100.09 -12.98
CA ASP O 131 47.81 -98.91 -12.88
C ASP O 131 47.34 -97.79 -13.82
N THR O 132 46.04 -97.76 -14.08
CA THR O 132 45.49 -96.77 -14.98
C THR O 132 44.01 -96.54 -14.74
N VAL O 133 43.62 -95.27 -14.64
CA VAL O 133 42.24 -94.88 -14.44
C VAL O 133 41.92 -93.85 -15.52
N ALA O 134 40.67 -93.42 -15.63
CA ALA O 134 40.29 -92.43 -16.63
C ALA O 134 39.09 -91.64 -16.18
N ASP O 135 38.93 -90.45 -16.74
CA ASP O 135 37.83 -89.58 -16.39
C ASP O 135 36.50 -90.30 -16.49
N ALA O 136 35.74 -90.25 -15.40
CA ALA O 136 34.44 -90.85 -15.39
C ALA O 136 33.57 -89.76 -15.98
N LYS O 137 33.95 -89.29 -17.17
CA LYS O 137 33.21 -88.22 -17.86
C LYS O 137 31.73 -88.59 -17.98
N ASP O 138 30.88 -87.79 -17.36
CA ASP O 138 29.45 -88.07 -17.39
C ASP O 138 28.60 -86.87 -17.05
N GLY O 139 29.21 -85.85 -16.44
CA GLY O 139 28.48 -84.64 -16.09
C GLY O 139 28.15 -84.40 -14.61
N LYS O 140 28.49 -85.34 -13.75
CA LYS O 140 28.19 -85.18 -12.32
C LYS O 140 29.45 -84.88 -11.48
N GLU O 141 30.53 -84.47 -12.13
CA GLU O 141 31.76 -84.14 -11.40
C GLU O 141 31.65 -82.79 -10.69
N ILE O 142 32.18 -82.71 -9.48
CA ILE O 142 32.17 -81.46 -8.75
C ILE O 142 33.09 -80.53 -9.54
N ASP O 143 32.57 -79.34 -9.85
CA ASP O 143 33.24 -78.31 -10.60
C ASP O 143 34.58 -77.87 -10.03
N THR O 144 35.58 -77.76 -10.88
CA THR O 144 36.91 -77.36 -10.42
C THR O 144 36.92 -76.23 -9.39
N LYS O 145 36.05 -75.24 -9.55
CA LYS O 145 36.04 -74.13 -8.63
C LYS O 145 35.75 -74.52 -7.19
N HIS O 146 35.09 -75.65 -6.99
CA HIS O 146 34.76 -76.10 -5.64
C HIS O 146 35.80 -77.02 -5.02
N LEU O 147 36.81 -77.39 -5.79
CA LEU O 147 37.82 -78.29 -5.30
C LEU O 147 39.07 -77.60 -4.77
N PRO O 148 39.57 -78.05 -3.61
CA PRO O 148 40.77 -77.52 -2.98
C PRO O 148 41.92 -77.51 -3.97
N SER O 149 42.99 -76.83 -3.60
CA SER O 149 44.18 -76.79 -4.44
C SER O 149 44.86 -78.16 -4.37
N THR O 150 44.61 -78.88 -3.28
CA THR O 150 45.18 -80.19 -3.07
C THR O 150 44.38 -81.29 -3.74
N CYS O 151 43.31 -80.94 -4.44
CA CYS O 151 42.51 -81.98 -5.08
C CYS O 151 42.19 -81.58 -6.51
N ARG O 152 43.23 -81.17 -7.23
CA ARG O 152 43.10 -80.77 -8.64
C ARG O 152 43.75 -81.81 -9.53
N ASP O 153 43.94 -83.04 -9.05
CA ASP O 153 44.61 -84.06 -9.86
C ASP O 153 43.85 -84.58 -11.10
N ASN O 154 44.59 -84.76 -12.19
CA ASN O 154 44.05 -85.28 -13.45
C ASN O 154 44.20 -86.81 -13.52
N PHE O 155 43.34 -87.44 -14.31
CA PHE O 155 43.35 -88.87 -14.46
C PHE O 155 44.76 -89.44 -14.71
N ASP O 156 45.62 -88.69 -15.38
CA ASP O 156 46.96 -89.20 -15.67
C ASP O 156 48.08 -88.63 -14.80
N ALA O 157 47.72 -88.09 -13.64
CA ALA O 157 48.72 -87.56 -12.73
C ALA O 157 49.64 -88.70 -12.31
N LYS O 158 50.93 -88.44 -12.20
CA LYS O 158 51.84 -89.49 -11.74
C LYS O 158 52.60 -88.98 -10.55
N MEA P 1 24.23 -39.27 1.70
CA MEA P 1 22.93 -39.22 2.43
C MEA P 1 22.62 -40.53 3.17
O MEA P 1 21.94 -40.50 4.20
N THR P 2 23.14 -41.66 2.68
CA THR P 2 22.74 -42.98 3.19
C THR P 2 23.81 -44.07 3.21
N LEU P 3 24.10 -44.63 2.03
CA LEU P 3 24.65 -45.98 1.88
C LEU P 3 26.12 -46.13 2.30
N ILE P 4 26.35 -46.40 3.59
CA ILE P 4 27.70 -46.61 4.09
C ILE P 4 27.89 -48.00 4.74
N GLU P 5 26.78 -48.67 5.01
CA GLU P 5 26.81 -50.01 5.61
C GLU P 5 27.35 -51.05 4.63
N LEU P 6 26.98 -50.91 3.36
CA LEU P 6 27.48 -51.78 2.30
C LEU P 6 28.94 -51.47 1.96
N MET P 7 29.29 -50.19 2.01
CA MET P 7 30.63 -49.72 1.66
C MET P 7 31.69 -50.06 2.72
N ILE P 8 31.32 -49.94 4.00
CA ILE P 8 32.24 -50.27 5.08
C ILE P 8 32.40 -51.78 5.27
N VAL P 9 31.29 -52.52 5.19
CA VAL P 9 31.32 -53.97 5.37
C VAL P 9 32.00 -54.73 4.20
N ILE P 10 32.02 -54.13 3.01
CA ILE P 10 32.80 -54.67 1.91
C ILE P 10 34.30 -54.34 2.09
N ALA P 11 34.57 -53.27 2.83
CA ALA P 11 35.93 -52.81 3.09
C ALA P 11 36.51 -53.32 4.40
N ILE P 12 35.67 -53.93 5.24
CA ILE P 12 36.17 -54.61 6.44
C ILE P 12 36.51 -56.07 6.14
N VAL P 13 35.81 -56.66 5.18
CA VAL P 13 36.10 -58.02 4.71
C VAL P 13 37.36 -58.00 3.85
N GLY P 14 37.56 -56.89 3.14
CA GLY P 14 38.78 -56.67 2.36
C GLY P 14 40.01 -56.56 3.23
N ILE P 15 39.91 -55.78 4.31
CA ILE P 15 41.02 -55.65 5.27
C ILE P 15 41.14 -56.87 6.18
N LEU P 16 40.04 -57.62 6.35
CA LEU P 16 40.04 -58.86 7.12
C LEU P 16 40.87 -59.93 6.40
N ALA P 17 40.77 -59.93 5.07
CA ALA P 17 41.56 -60.83 4.22
C ALA P 17 43.05 -60.48 4.27
N ALA P 18 43.33 -59.19 4.37
CA ALA P 18 44.71 -58.69 4.46
C ALA P 18 45.35 -59.04 5.80
N VAL P 19 44.55 -59.09 6.85
CA VAL P 19 45.01 -59.50 8.18
C VAL P 19 45.09 -61.02 8.27
N ALA P 20 44.17 -61.71 7.59
CA ALA P 20 44.17 -63.17 7.53
C ALA P 20 45.17 -63.72 6.51
N LEU P 21 45.80 -62.82 5.76
CA LEU P 21 46.74 -63.18 4.71
C LEU P 21 48.07 -63.76 5.25
N PRO P 22 48.76 -63.06 6.16
CA PRO P 22 50.02 -63.56 6.71
C PRO P 22 49.86 -64.75 7.64
N ALA P 23 48.69 -64.89 8.28
CA ALA P 23 48.41 -66.01 9.17
C ALA P 23 48.27 -67.32 8.39
N TYR P 24 47.53 -67.25 7.28
CA TYR P 24 47.34 -68.40 6.38
C TYR P 24 48.62 -68.67 5.58
N GLN P 25 49.35 -67.61 5.25
CA GLN P 25 50.66 -67.72 4.61
C GLN P 25 51.73 -68.25 5.54
N ASP P 26 51.55 -68.06 6.84
CA ASP P 26 52.86 -68.97 7.57
C ASP P 26 52.29 -70.30 8.03
N TYR P 27 51.00 -70.31 8.32
CA TYR P 27 50.36 -71.55 8.74
C TYR P 27 50.56 -72.47 7.56
N THR P 28 50.39 -71.88 6.38
CA THR P 28 50.51 -72.61 5.13
C THR P 28 51.92 -73.16 4.91
N ALA P 29 52.92 -72.30 4.99
CA ALA P 29 54.31 -72.71 4.79
C ALA P 29 54.72 -73.74 5.82
N ARG P 30 54.34 -73.46 7.06
CA ARG P 30 54.65 -74.32 8.19
C ARG P 30 54.03 -75.67 7.95
N ALA P 31 53.01 -75.72 7.10
CA ALA P 31 52.33 -76.96 6.78
C ALA P 31 53.07 -77.73 5.68
N GLN P 32 53.62 -76.98 4.73
CA GLN P 32 54.36 -77.53 3.61
C GLN P 32 55.74 -78.05 4.04
N VAL P 33 56.21 -77.57 5.19
CA VAL P 33 57.49 -78.00 5.71
C VAL P 33 57.28 -79.25 6.54
N SER P 34 56.14 -79.32 7.22
CA SER P 34 55.84 -80.46 8.05
C SER P 34 55.81 -81.74 7.23
N GLU P 35 55.71 -81.59 5.91
CA GLU P 35 55.68 -82.75 5.04
C GLU P 35 57.05 -83.10 4.56
N ALA P 36 57.87 -82.09 4.31
CA ALA P 36 59.23 -82.33 3.89
C ALA P 36 59.81 -83.20 4.99
N ILE P 37 59.35 -82.97 6.20
CA ILE P 37 59.81 -83.72 7.35
C ILE P 37 59.29 -85.15 7.33
N LEU P 38 58.07 -85.34 6.87
CA LEU P 38 57.50 -86.69 6.84
C LEU P 38 58.13 -87.49 5.72
N LEU P 39 58.51 -86.81 4.66
CA LEU P 39 59.14 -87.46 3.53
C LEU P 39 60.57 -87.82 3.88
N ALA P 40 61.17 -87.00 4.74
CA ALA P 40 62.54 -87.23 5.17
C ALA P 40 62.55 -88.45 6.07
N GLU P 41 61.59 -88.51 6.99
CA GLU P 41 61.50 -89.64 7.91
C GLU P 41 61.04 -90.87 7.11
N GLY P 42 60.90 -92.00 7.78
CA GLY P 42 60.44 -93.21 7.09
C GLY P 42 61.55 -93.72 6.18
N GLN P 43 62.63 -92.95 6.17
CA GLN P 43 63.81 -93.29 5.42
C GLN P 43 64.88 -93.41 6.48
N LYS P 44 64.44 -93.27 7.72
CA LYS P 44 65.31 -93.38 8.87
C LYS P 44 65.56 -94.88 8.98
N SER P 45 64.50 -95.64 8.77
CA SER P 45 64.56 -97.09 8.83
C SER P 45 65.70 -97.64 8.00
N ALA P 46 65.70 -97.33 6.71
CA ALA P 46 66.75 -97.82 5.85
C ALA P 46 68.11 -97.41 6.41
N VAL P 47 68.28 -96.12 6.67
CA VAL P 47 69.54 -95.60 7.19
C VAL P 47 69.96 -96.21 8.51
N THR P 48 69.02 -96.40 9.42
CA THR P 48 69.33 -96.99 10.72
C THR P 48 69.83 -98.42 10.53
N GLU P 49 69.07 -99.20 9.80
CA GLU P 49 69.45 -100.56 9.57
C GLU P 49 70.82 -100.61 8.91
N TYR P 50 71.00 -99.87 7.81
CA TYR P 50 72.30 -99.89 7.17
C TYR P 50 73.44 -99.64 8.15
N TYR P 51 73.29 -98.63 9.00
CA TYR P 51 74.33 -98.32 9.99
C TYR P 51 74.57 -99.44 11.02
N LEU P 52 73.51 -99.91 11.66
CA LEU P 52 73.62 -100.97 12.65
C LEU P 52 74.16 -102.28 12.07
N ASN P 53 73.77 -102.60 10.84
CA ASN P 53 74.25 -103.82 10.22
C ASN P 53 75.70 -103.73 9.77
N HIS P 54 76.14 -102.55 9.33
CA HIS P 54 77.50 -102.41 8.83
C HIS P 54 78.45 -101.52 9.64
N GLY P 55 77.90 -100.62 10.46
CA GLY P 55 78.77 -99.75 11.23
C GLY P 55 79.28 -98.57 10.42
N LYS P 56 78.72 -98.38 9.23
CA LYS P 56 79.09 -97.27 8.35
C LYS P 56 77.77 -96.66 7.86
N TRP P 57 77.73 -95.33 7.74
CA TRP P 57 76.50 -94.65 7.29
C TRP P 57 76.35 -94.83 5.80
N PRO P 58 75.10 -95.03 5.33
CA PRO P 58 74.87 -95.20 3.89
C PRO P 58 75.33 -93.98 3.11
N GLU P 59 76.21 -94.18 2.13
CA GLU P 59 76.72 -93.06 1.33
C GLU P 59 75.68 -92.32 0.52
N ASN P 60 74.74 -93.06 -0.05
CA ASN P 60 73.68 -92.46 -0.87
C ASN P 60 72.41 -93.29 -0.82
N ASN P 61 71.35 -92.79 -1.45
CA ASN P 61 70.07 -93.50 -1.47
C ASN P 61 70.15 -94.98 -1.79
N THR P 62 70.90 -95.31 -2.84
CA THR P 62 71.03 -96.69 -3.28
C THR P 62 71.67 -97.53 -2.19
N SER P 63 72.67 -96.98 -1.52
CA SER P 63 73.31 -97.70 -0.43
C SER P 63 72.28 -97.98 0.63
N ALA P 64 71.48 -96.96 0.97
CA ALA P 64 70.46 -97.10 2.00
C ALA P 64 69.34 -98.03 1.55
N GLY P 65 69.32 -98.32 0.26
CA GLY P 65 68.29 -99.18 -0.26
C GLY P 65 66.98 -98.43 -0.41
N VAL P 66 67.03 -97.31 -1.13
CA VAL P 66 65.85 -96.51 -1.37
C VAL P 66 65.95 -95.98 -2.78
N ALA P 67 64.82 -95.51 -3.31
CA ALA P 67 64.78 -94.98 -4.67
C ALA P 67 66.15 -94.41 -5.02
N SER P 68 66.93 -95.19 -5.76
CA SER P 68 68.27 -94.81 -6.15
C SER P 68 68.35 -93.37 -6.65
N SER P 69 67.21 -92.80 -6.99
CA SER P 69 67.16 -91.44 -7.52
C SER P 69 66.53 -90.47 -6.51
N PRO P 70 67.30 -89.47 -6.03
CA PRO P 70 66.78 -88.49 -5.06
C PRO P 70 65.42 -87.96 -5.48
N THR P 71 65.33 -87.59 -6.76
CA THR P 71 64.11 -87.06 -7.35
C THR P 71 62.95 -88.04 -7.31
N ASP P 72 63.22 -89.28 -6.96
CA ASP P 72 62.16 -90.27 -6.90
C ASP P 72 61.50 -90.26 -5.52
N ILE P 73 62.05 -89.44 -4.61
CA ILE P 73 61.51 -89.33 -3.26
C ILE P 73 60.99 -87.91 -3.05
N LYS P 74 60.25 -87.43 -4.04
CA LYS P 74 59.68 -86.09 -4.01
C LYS P 74 58.22 -86.11 -3.57
N GLY P 75 57.66 -84.92 -3.48
CA GLY P 75 56.28 -84.78 -3.09
C GLY P 75 55.65 -83.56 -3.75
N LYS P 76 54.61 -83.03 -3.12
CA LYS P 76 53.89 -81.87 -3.61
C LYS P 76 54.72 -80.61 -3.40
N TYR P 77 55.31 -80.50 -2.23
CA TYR P 77 56.12 -79.36 -1.88
C TYR P 77 57.57 -79.79 -1.81
N VAL P 78 57.78 -81.10 -1.89
CA VAL P 78 59.11 -81.65 -1.82
C VAL P 78 59.62 -82.02 -3.21
N LYS P 79 60.74 -81.39 -3.58
CA LYS P 79 61.35 -81.65 -4.88
C LYS P 79 62.21 -82.90 -4.82
N GLU P 80 62.51 -83.37 -3.60
CA GLU P 80 63.31 -84.57 -3.40
C GLU P 80 63.78 -84.83 -1.97
N VAL P 81 64.53 -85.91 -1.82
CA VAL P 81 65.07 -86.33 -0.55
C VAL P 81 66.30 -87.17 -0.87
N GLU P 82 67.47 -86.67 -0.46
CA GLU P 82 68.73 -87.35 -0.71
C GLU P 82 69.40 -87.79 0.57
N VAL P 83 69.99 -88.97 0.53
CA VAL P 83 70.72 -89.53 1.66
C VAL P 83 72.16 -89.33 1.31
N LYS P 84 72.85 -88.58 2.14
CA LYS P 84 74.28 -88.32 1.93
C LYS P 84 75.02 -88.65 3.21
N ASN P 85 75.61 -89.85 3.23
CA ASN P 85 76.35 -90.37 4.38
C ASN P 85 75.48 -90.43 5.64
N GLY P 86 74.31 -91.06 5.49
CA GLY P 86 73.39 -91.20 6.62
C GLY P 86 72.52 -89.98 6.87
N VAL P 87 72.94 -88.82 6.37
CA VAL P 87 72.18 -87.59 6.54
C VAL P 87 71.11 -87.56 5.46
N VAL P 88 69.86 -87.36 5.84
CA VAL P 88 68.79 -87.31 4.88
C VAL P 88 68.26 -85.88 4.80
N THR P 89 68.43 -85.27 3.63
CA THR P 89 68.01 -83.90 3.40
C THR P 89 66.78 -83.82 2.50
N ALA P 90 65.84 -82.95 2.84
CA ALA P 90 64.63 -82.83 2.03
C ALA P 90 64.57 -81.46 1.39
N THR P 91 64.40 -81.41 0.07
CA THR P 91 64.33 -80.14 -0.64
C THR P 91 62.89 -79.76 -0.97
N MET P 92 62.59 -78.47 -0.77
CA MET P 92 61.27 -77.95 -1.05
C MET P 92 61.17 -77.62 -2.53
N LEU P 93 60.08 -78.05 -3.15
CA LEU P 93 59.85 -77.80 -4.57
C LEU P 93 59.96 -76.30 -4.85
N SER P 94 59.60 -75.89 -6.06
CA SER P 94 59.64 -74.49 -6.42
C SER P 94 58.22 -74.03 -6.75
N SER P 95 57.35 -75.00 -7.01
CA SER P 95 55.96 -74.73 -7.34
C SER P 95 55.00 -75.37 -6.34
N GLY P 96 54.05 -74.58 -5.85
CA GLY P 96 53.07 -75.08 -4.90
C GLY P 96 53.41 -74.79 -3.44
N VAL P 97 54.45 -74.00 -3.21
CA VAL P 97 54.86 -73.68 -1.83
C VAL P 97 54.74 -72.20 -1.47
N ASN P 98 55.07 -71.88 -0.21
CA ASN P 98 54.99 -70.52 0.30
C ASN P 98 55.60 -69.50 -0.67
N ASN P 99 56.82 -69.09 -0.38
CA ASN P 99 57.51 -68.10 -1.20
C ASN P 99 58.91 -67.93 -0.64
N GLU P 100 59.03 -68.05 0.67
CA GLU P 100 60.33 -67.90 1.30
C GLU P 100 60.83 -69.24 1.79
N ILE P 101 60.27 -70.31 1.26
CA ILE P 101 60.71 -71.64 1.66
C ILE P 101 60.97 -72.60 0.49
N LYS P 102 60.65 -72.17 -0.74
CA LYS P 102 60.89 -73.03 -1.89
C LYS P 102 62.37 -73.18 -2.21
N GLY P 103 62.73 -74.36 -2.70
CA GLY P 103 64.12 -74.62 -3.02
C GLY P 103 64.89 -74.67 -1.71
N LYS P 104 64.18 -74.61 -0.59
CA LYS P 104 64.86 -74.64 0.70
C LYS P 104 64.74 -76.02 1.31
N LYS P 105 65.68 -76.37 2.18
CA LYS P 105 65.65 -77.70 2.77
C LYS P 105 66.08 -77.87 4.23
N LEU P 106 65.83 -79.07 4.74
CA LEU P 106 66.19 -79.46 6.09
C LEU P 106 66.91 -80.82 6.08
N SER P 107 67.40 -81.27 7.24
CA SER P 107 68.11 -82.53 7.31
C SER P 107 67.78 -83.32 8.55
N LEU P 108 67.94 -84.63 8.44
CA LEU P 108 67.72 -85.56 9.52
C LEU P 108 69.02 -86.31 9.52
N TRP P 109 69.62 -86.44 10.70
CA TRP P 109 70.88 -87.16 10.79
C TRP P 109 70.84 -87.89 12.09
N ALA P 110 71.68 -88.89 12.23
CA ALA P 110 71.66 -89.65 13.46
C ALA P 110 73.01 -89.70 14.11
N ARG P 111 73.05 -90.32 15.28
CA ARG P 111 74.28 -90.44 16.01
C ARG P 111 74.36 -91.81 16.65
N ARG P 112 75.54 -92.38 16.63
CA ARG P 112 75.77 -93.69 17.22
C ARG P 112 75.51 -93.63 18.72
N GLU P 113 74.60 -94.47 19.20
CA GLU P 113 74.35 -94.51 20.63
C GLU P 113 75.15 -95.67 21.18
N ASN P 114 75.61 -96.52 20.26
CA ASN P 114 76.37 -97.72 20.58
C ASN P 114 75.34 -98.81 20.82
N GLY P 115 75.01 -99.54 19.76
CA GLY P 115 74.02 -100.59 19.87
C GLY P 115 72.71 -100.10 19.28
N SER P 116 72.63 -98.79 19.09
CA SER P 116 71.46 -98.13 18.52
C SER P 116 71.87 -96.70 18.17
N VAL P 117 70.97 -95.95 17.55
CA VAL P 117 71.26 -94.57 17.19
C VAL P 117 70.09 -93.67 17.58
N LYS P 118 70.35 -92.37 17.67
CA LYS P 118 69.31 -91.41 17.98
C LYS P 118 69.23 -90.42 16.81
N TRP P 119 68.01 -90.05 16.41
CA TRP P 119 67.84 -89.13 15.30
C TRP P 119 67.57 -87.68 15.67
N PHE P 120 68.03 -86.79 14.81
CA PHE P 120 67.86 -85.36 15.01
C PHE P 120 67.17 -84.82 13.77
N CYS P 121 66.56 -83.65 13.92
CA CYS P 121 65.85 -83.01 12.82
C CYS P 121 66.09 -81.52 12.92
N GLY P 122 66.52 -80.91 11.82
CA GLY P 122 66.77 -79.48 11.86
C GLY P 122 67.17 -78.90 10.52
N GLN P 123 67.93 -77.81 10.55
CA GLN P 123 68.38 -77.15 9.34
C GLN P 123 69.54 -77.92 8.74
N PRO P 124 69.61 -78.00 7.40
CA PRO P 124 70.63 -78.72 6.63
C PRO P 124 71.97 -78.88 7.31
N VAL P 125 72.51 -80.09 7.23
CA VAL P 125 73.81 -80.37 7.83
C VAL P 125 74.62 -81.30 6.92
N THR P 126 75.93 -81.31 7.10
CA THR P 126 76.80 -82.16 6.30
C THR P 126 77.48 -83.12 7.25
N ARG P 127 77.78 -84.34 6.83
CA ARG P 127 78.48 -85.22 7.74
C ARG P 127 79.98 -85.08 7.57
N THR P 128 80.69 -84.96 8.68
CA THR P 128 82.12 -84.83 8.67
C THR P 128 82.70 -86.22 8.88
N ASP P 129 82.53 -86.76 10.08
CA ASP P 129 82.99 -88.11 10.37
C ASP P 129 81.79 -88.94 10.82
N ASP P 130 81.99 -90.24 11.07
CA ASP P 130 80.88 -91.10 11.43
C ASP P 130 80.06 -90.67 12.63
N ASP P 131 80.57 -89.71 13.37
CA ASP P 131 79.83 -89.26 14.54
C ASP P 131 79.84 -87.74 14.68
N THR P 132 79.90 -87.06 13.54
CA THR P 132 79.94 -85.62 13.55
C THR P 132 79.48 -85.03 12.22
N VAL P 133 78.57 -84.05 12.31
CA VAL P 133 78.04 -83.35 11.15
C VAL P 133 78.22 -81.86 11.41
N ALA P 134 77.92 -81.02 10.44
CA ALA P 134 78.07 -79.57 10.61
C ALA P 134 77.12 -78.83 9.71
N ASP P 135 76.80 -77.60 10.09
CA ASP P 135 75.88 -76.77 9.34
C ASP P 135 76.27 -76.70 7.88
N ALA P 136 75.32 -77.04 7.02
CA ALA P 136 75.57 -76.95 5.59
C ALA P 136 75.27 -75.50 5.30
N LYS P 137 75.95 -74.60 6.01
CA LYS P 137 75.76 -73.15 5.84
C LYS P 137 75.92 -72.77 4.38
N ASP P 138 74.87 -72.25 3.77
CA ASP P 138 74.95 -71.88 2.36
C ASP P 138 73.85 -70.91 1.95
N GLY P 139 72.80 -70.80 2.77
CA GLY P 139 71.71 -69.88 2.47
C GLY P 139 70.38 -70.47 2.01
N LYS P 140 70.31 -71.79 1.83
CA LYS P 140 69.07 -72.41 1.37
C LYS P 140 68.34 -73.19 2.49
N GLU P 141 68.69 -72.93 3.74
CA GLU P 141 68.05 -73.60 4.85
C GLU P 141 66.66 -73.05 5.12
N ILE P 142 65.71 -73.93 5.43
CA ILE P 142 64.37 -73.47 5.74
C ILE P 142 64.50 -72.70 7.05
N ASP P 143 63.95 -71.49 7.06
CA ASP P 143 63.97 -70.56 8.19
C ASP P 143 63.38 -71.13 9.46
N THR P 144 64.07 -70.92 10.57
CA THR P 144 63.60 -71.43 11.85
C THR P 144 62.10 -71.26 12.09
N LYS P 145 61.53 -70.13 11.67
CA LYS P 145 60.12 -69.90 11.91
C LYS P 145 59.21 -70.93 11.26
N HIS P 146 59.69 -71.60 10.20
CA HIS P 146 58.88 -72.59 9.51
C HIS P 146 59.06 -74.01 10.02
N LEU P 147 59.98 -74.18 10.96
CA LEU P 147 60.25 -75.51 11.48
C LEU P 147 59.53 -75.82 12.79
N PRO P 148 58.96 -77.02 12.87
CA PRO P 148 58.24 -77.49 14.06
C PRO P 148 59.12 -77.33 15.29
N SER P 149 58.52 -77.50 16.46
CA SER P 149 59.26 -77.42 17.72
C SER P 149 60.11 -78.69 17.83
N THR P 150 59.68 -79.75 17.15
CA THR P 150 60.39 -81.01 17.18
C THR P 150 61.50 -81.07 16.16
N CYS P 151 61.74 -79.99 15.42
CA CYS P 151 62.80 -80.02 14.42
C CYS P 151 63.65 -78.78 14.52
N ARG P 152 64.06 -78.45 15.74
CA ARG P 152 64.89 -77.28 16.01
C ARG P 152 66.29 -77.72 16.38
N ASP P 153 66.70 -78.94 16.04
CA ASP P 153 68.02 -79.44 16.41
C ASP P 153 69.25 -78.77 15.74
N ASN P 154 70.27 -78.52 16.54
CA ASN P 154 71.53 -77.92 16.08
C ASN P 154 72.54 -79.01 15.69
N PHE P 155 73.46 -78.64 14.81
CA PHE P 155 74.46 -79.56 14.32
C PHE P 155 75.14 -80.36 15.45
N ASP P 156 75.29 -79.75 16.63
CA ASP P 156 75.95 -80.46 17.73
C ASP P 156 75.03 -81.02 18.82
N ALA P 157 73.76 -81.20 18.48
CA ALA P 157 72.82 -81.75 19.43
C ALA P 157 73.27 -83.16 19.79
N LYS P 158 73.15 -83.55 21.05
CA LYS P 158 73.53 -84.90 21.42
C LYS P 158 72.34 -85.55 22.11
N MEA Q 1 29.44 -47.09 11.81
CA MEA Q 1 28.72 -47.01 10.50
C MEA Q 1 28.91 -48.25 9.62
O MEA Q 1 28.02 -48.58 8.83
N THR Q 2 30.04 -48.93 9.77
CA THR Q 2 30.41 -50.02 8.85
C THR Q 2 31.19 -51.22 9.44
N LEU Q 3 32.47 -51.01 9.70
CA LEU Q 3 33.47 -52.07 9.76
C LEU Q 3 33.38 -53.00 10.97
N ILE Q 4 32.57 -54.05 10.86
CA ILE Q 4 32.42 -55.02 11.94
C ILE Q 4 32.79 -56.45 11.51
N GLU Q 5 32.89 -56.66 10.20
CA GLU Q 5 33.24 -57.97 9.64
C GLU Q 5 34.71 -58.32 9.94
N LEU Q 6 35.58 -57.31 9.88
CA LEU Q 6 37.00 -57.49 10.19
C LEU Q 6 37.21 -57.63 11.70
N MET Q 7 36.40 -56.89 12.47
CA MET Q 7 36.52 -56.87 13.93
C MET Q 7 36.00 -58.15 14.60
N ILE Q 8 34.90 -58.69 14.09
CA ILE Q 8 34.33 -59.93 14.63
C ILE Q 8 35.14 -61.16 14.21
N VAL Q 9 35.56 -61.20 12.94
CA VAL Q 9 36.31 -62.35 12.42
C VAL Q 9 37.74 -62.43 12.96
N ILE Q 10 38.31 -61.31 13.39
CA ILE Q 10 39.59 -61.33 14.11
C ILE Q 10 39.38 -61.79 15.57
N ALA Q 11 38.16 -61.58 16.08
CA ALA Q 11 37.81 -61.93 17.45
C ALA Q 11 37.16 -63.31 17.58
N ILE Q 12 36.79 -63.91 16.45
CA ILE Q 12 36.32 -65.31 16.45
C ILE Q 12 37.49 -66.28 16.28
N VAL Q 13 38.55 -65.84 15.59
CA VAL Q 13 39.77 -66.63 15.46
C VAL Q 13 40.56 -66.58 16.77
N GLY Q 14 40.45 -65.46 17.48
CA GLY Q 14 41.03 -65.31 18.80
C GLY Q 14 40.40 -66.23 19.82
N ILE Q 15 39.07 -66.30 19.83
CA ILE Q 15 38.34 -67.20 20.72
C ILE Q 15 38.39 -68.65 20.23
N LEU Q 16 38.62 -68.84 18.94
CA LEU Q 16 38.78 -70.17 18.36
C LEU Q 16 40.08 -70.81 18.86
N ALA Q 17 41.12 -69.98 19.00
CA ALA Q 17 42.40 -70.42 19.53
C ALA Q 17 42.30 -70.77 21.02
N ALA Q 18 41.45 -70.03 21.74
CA ALA Q 18 41.20 -70.27 23.16
C ALA Q 18 40.43 -71.57 23.40
N VAL Q 19 39.56 -71.92 22.46
CA VAL Q 19 38.82 -73.19 22.51
C VAL Q 19 39.70 -74.33 22.02
N ALA Q 20 40.56 -74.06 21.05
CA ALA Q 20 41.51 -75.05 20.53
C ALA Q 20 42.74 -75.20 21.43
N LEU Q 21 42.83 -74.36 22.46
CA LEU Q 21 43.97 -74.35 23.38
C LEU Q 21 44.02 -75.59 24.29
N PRO Q 22 42.94 -75.92 25.02
CA PRO Q 22 42.94 -77.08 25.90
C PRO Q 22 42.94 -78.42 25.17
N ALA Q 23 42.41 -78.44 23.94
CA ALA Q 23 42.38 -79.66 23.12
C ALA Q 23 43.79 -80.05 22.66
N TYR Q 24 44.55 -79.06 22.20
CA TYR Q 24 45.93 -79.25 21.77
C TYR Q 24 46.85 -79.45 22.98
N GLN Q 25 46.52 -78.78 24.09
CA GLN Q 25 47.22 -78.98 25.36
C GLN Q 25 46.92 -80.34 25.99
N ASP Q 26 45.77 -80.91 25.66
CA ASP Q 26 45.88 -82.49 26.42
C ASP Q 26 46.29 -83.47 25.34
N TYR Q 27 45.94 -83.17 24.10
CA TYR Q 27 46.31 -84.03 23.01
C TYR Q 27 47.83 -84.04 23.05
N THR Q 28 48.37 -82.86 23.31
CA THR Q 28 49.81 -82.67 23.38
C THR Q 28 50.45 -83.47 24.51
N ALA Q 29 49.96 -83.29 25.73
CA ALA Q 29 50.50 -83.99 26.88
C ALA Q 29 50.36 -85.50 26.72
N ARG Q 30 49.19 -85.90 26.26
CA ARG Q 30 48.87 -87.30 26.04
C ARG Q 30 49.83 -87.87 25.04
N ALA Q 31 50.41 -87.00 24.23
CA ALA Q 31 51.38 -87.41 23.20
C ALA Q 31 52.78 -87.58 23.79
N GLN Q 32 53.11 -86.70 24.73
CA GLN Q 32 54.40 -86.69 25.41
C GLN Q 32 54.50 -87.85 26.40
N VAL Q 33 53.36 -88.38 26.82
CA VAL Q 33 53.33 -89.48 27.75
C VAL Q 33 53.45 -90.77 26.97
N SER Q 34 52.84 -90.79 25.78
CA SER Q 34 52.88 -91.99 24.95
C SER Q 34 54.30 -92.38 24.61
N GLU Q 35 55.22 -91.44 24.79
CA GLU Q 35 56.62 -91.71 24.50
C GLU Q 35 57.35 -92.21 25.72
N ALA Q 36 56.99 -91.66 26.87
CA ALA Q 36 57.60 -92.10 28.10
C ALA Q 36 57.34 -93.60 28.14
N ILE Q 37 56.19 -93.98 27.59
CA ILE Q 37 55.80 -95.37 27.55
C ILE Q 37 56.65 -96.17 26.56
N LEU Q 38 57.01 -95.56 25.45
CA LEU Q 38 57.81 -96.27 24.45
C LEU Q 38 59.24 -96.41 24.93
N LEU Q 39 59.68 -95.43 25.72
CA LEU Q 39 61.03 -95.46 26.24
C LEU Q 39 61.11 -96.46 27.37
N ALA Q 40 59.99 -96.64 28.07
CA ALA Q 40 59.94 -97.58 29.17
C ALA Q 40 59.98 -98.98 28.59
N GLU Q 41 59.21 -99.20 27.53
CA GLU Q 41 59.18 -100.51 26.88
C GLU Q 41 60.51 -100.72 26.16
N GLY Q 42 60.67 -101.87 25.50
CA GLY Q 42 61.91 -102.12 24.77
C GLY Q 42 63.04 -102.36 25.75
N GLN Q 43 62.68 -102.24 27.02
CA GLN Q 43 63.58 -102.48 28.11
C GLN Q 43 62.93 -103.60 28.88
N LYS Q 44 61.83 -104.08 28.31
CA LYS Q 44 61.09 -105.18 28.88
C LYS Q 44 61.94 -106.39 28.55
N SER Q 45 62.48 -106.39 27.34
CA SER Q 45 63.34 -107.47 26.85
C SER Q 45 64.44 -107.80 27.85
N ALA Q 46 65.25 -106.82 28.18
CA ALA Q 46 66.32 -107.03 29.13
C ALA Q 46 65.76 -107.62 30.43
N VAL Q 47 64.78 -106.93 30.99
CA VAL Q 47 64.18 -107.36 32.24
C VAL Q 47 63.55 -108.74 32.18
N THR Q 48 62.87 -109.07 31.09
CA THR Q 48 62.25 -110.37 30.95
C THR Q 48 63.33 -111.45 30.94
N GLU Q 49 64.31 -111.27 30.08
CA GLU Q 49 65.36 -112.24 29.97
C GLU Q 49 66.04 -112.41 31.33
N TYR Q 50 66.45 -111.30 31.95
CA TYR Q 50 67.11 -111.42 33.25
C TYR Q 50 66.28 -112.27 34.22
N TYR Q 51 64.98 -112.02 34.29
CA TYR Q 51 64.12 -112.79 35.19
C TYR Q 51 64.03 -114.30 34.82
N LEU Q 52 63.71 -114.59 33.57
CA LEU Q 52 63.60 -115.98 33.13
C LEU Q 52 64.92 -116.75 33.25
N ASN Q 53 66.04 -116.08 32.99
CA ASN Q 53 67.32 -116.77 33.10
C ASN Q 53 67.77 -116.98 34.55
N HIS Q 54 67.42 -116.06 35.45
CA HIS Q 54 67.84 -116.19 36.84
C HIS Q 54 66.75 -116.41 37.88
N GLY Q 55 65.51 -116.08 37.56
CA GLY Q 55 64.46 -116.25 38.53
C GLY Q 55 64.41 -115.14 39.57
N LYS Q 56 65.17 -114.08 39.33
CA LYS Q 56 65.21 -112.91 40.21
C LYS Q 56 65.08 -111.69 39.30
N TRP Q 57 64.35 -110.66 39.76
CA TRP Q 57 64.17 -109.45 38.96
C TRP Q 57 65.44 -108.61 39.00
N PRO Q 58 65.81 -107.99 37.87
CA PRO Q 58 67.02 -107.17 37.85
C PRO Q 58 66.92 -106.00 38.84
N GLU Q 59 67.89 -105.90 39.73
CA GLU Q 59 67.87 -104.84 40.75
C GLU Q 59 67.95 -103.43 40.19
N ASN Q 60 68.76 -103.24 39.16
CA ASN Q 60 68.93 -101.93 38.55
C ASN Q 60 69.29 -102.04 37.08
N ASN Q 61 69.37 -100.91 36.39
CA ASN Q 61 69.69 -100.90 34.96
C ASN Q 61 70.88 -101.78 34.56
N THR Q 62 71.97 -101.67 35.31
CA THR Q 62 73.17 -102.43 35.02
C THR Q 62 72.89 -103.92 35.11
N SER Q 63 72.14 -104.32 36.12
CA SER Q 63 71.79 -105.72 36.25
C SER Q 63 71.02 -106.16 35.02
N ALA Q 64 70.06 -105.33 34.60
CA ALA Q 64 69.24 -105.66 33.44
C ALA Q 64 70.06 -105.60 32.15
N GLY Q 65 71.25 -105.03 32.25
CA GLY Q 65 72.09 -104.92 31.09
C GLY Q 65 71.62 -103.80 30.19
N VAL Q 66 71.49 -102.61 30.75
CA VAL Q 66 71.06 -101.44 30.00
C VAL Q 66 71.86 -100.26 30.52
N ALA Q 67 71.88 -99.18 29.75
CA ALA Q 67 72.61 -97.98 30.13
C ALA Q 67 72.67 -97.90 31.65
N SER Q 68 73.79 -98.30 32.20
CA SER Q 68 74.00 -98.31 33.65
C SER Q 68 73.50 -97.05 34.32
N SER Q 69 73.31 -95.99 33.53
CA SER Q 69 72.88 -94.71 34.06
C SER Q 69 71.43 -94.40 33.66
N PRO Q 70 70.52 -94.27 34.64
CA PRO Q 70 69.11 -93.97 34.36
C PRO Q 70 68.98 -92.82 33.38
N THR Q 71 69.75 -91.77 33.63
CA THR Q 71 69.76 -90.57 32.82
C THR Q 71 70.23 -90.82 31.39
N ASP Q 72 70.73 -92.01 31.13
CA ASP Q 72 71.20 -92.33 29.79
C ASP Q 72 70.05 -92.89 28.96
N ILE Q 73 68.89 -93.08 29.59
CA ILE Q 73 67.71 -93.61 28.91
C ILE Q 73 66.63 -92.53 28.90
N LYS Q 74 67.04 -91.32 28.57
CA LYS Q 74 66.12 -90.19 28.52
C LYS Q 74 65.66 -89.89 27.11
N GLY Q 75 64.80 -88.90 27.00
CA GLY Q 75 64.28 -88.49 25.71
C GLY Q 75 63.99 -87.01 25.69
N LYS Q 76 63.07 -86.62 24.81
CA LYS Q 76 62.67 -85.23 24.65
C LYS Q 76 61.81 -84.78 25.83
N TYR Q 77 60.88 -85.64 26.21
CA TYR Q 77 59.97 -85.36 27.31
C TYR Q 77 60.33 -86.26 28.47
N VAL Q 78 61.22 -87.21 28.20
CA VAL Q 78 61.64 -88.16 29.22
C VAL Q 78 62.98 -87.78 29.79
N LYS Q 79 63.00 -87.55 31.10
CA LYS Q 79 64.23 -87.18 31.78
C LYS Q 79 65.04 -88.43 32.12
N GLU Q 80 64.40 -89.60 32.03
CA GLU Q 80 65.06 -90.87 32.30
C GLU Q 80 64.14 -92.09 32.38
N VAL Q 81 64.77 -93.23 32.66
CA VAL Q 81 64.08 -94.51 32.80
C VAL Q 81 64.97 -95.37 33.67
N GLU Q 82 64.46 -95.71 34.85
CA GLU Q 82 65.18 -96.52 35.82
C GLU Q 82 64.52 -97.87 36.06
N VAL Q 83 65.35 -98.90 36.18
CA VAL Q 83 64.87 -100.24 36.44
C VAL Q 83 65.16 -100.45 37.91
N LYS Q 84 64.11 -100.70 38.67
CA LYS Q 84 64.25 -100.92 40.10
C LYS Q 84 63.52 -102.22 40.45
N ASN Q 85 64.30 -103.30 40.54
CA ASN Q 85 63.80 -104.63 40.85
C ASN Q 85 62.77 -105.10 39.81
N GLY Q 86 63.15 -105.00 38.54
CA GLY Q 86 62.27 -105.43 37.46
C GLY Q 86 61.24 -104.39 37.05
N VAL Q 87 60.96 -103.43 37.93
CA VAL Q 87 60.00 -102.38 37.64
C VAL Q 87 60.73 -101.29 36.86
N VAL Q 88 60.17 -100.90 35.72
CA VAL Q 88 60.80 -99.88 34.92
C VAL Q 88 59.93 -98.62 34.98
N THR Q 89 60.49 -97.56 35.53
CA THR Q 89 59.77 -96.29 35.69
C THR Q 89 60.32 -95.23 34.74
N ALA Q 90 59.43 -94.46 34.12
CA ALA Q 90 59.88 -93.42 33.20
C ALA Q 90 59.51 -92.05 33.74
N THR Q 91 60.50 -91.16 33.84
CA THR Q 91 60.27 -89.82 34.34
C THR Q 91 60.16 -88.79 33.22
N MET Q 92 59.18 -87.90 33.37
CA MET Q 92 58.95 -86.86 32.39
C MET Q 92 59.89 -85.69 32.67
N LEU Q 93 60.54 -85.21 31.62
CA LEU Q 93 61.48 -84.10 31.75
C LEU Q 93 60.78 -82.92 32.43
N SER Q 94 61.44 -81.78 32.46
CA SER Q 94 60.85 -80.58 33.06
C SER Q 94 60.70 -79.52 31.97
N SER Q 95 61.42 -79.71 30.87
CA SER Q 95 61.38 -78.78 29.75
C SER Q 95 60.89 -79.46 28.47
N GLY Q 96 59.94 -78.82 27.80
CA GLY Q 96 59.41 -79.37 26.56
C GLY Q 96 58.13 -80.17 26.72
N VAL Q 97 57.55 -80.17 27.92
CA VAL Q 97 56.33 -80.92 28.17
C VAL Q 97 55.11 -80.06 28.53
N ASN Q 98 53.97 -80.71 28.75
CA ASN Q 98 52.72 -80.04 29.07
C ASN Q 98 52.92 -78.98 30.15
N ASN Q 99 52.54 -79.33 31.38
CA ASN Q 99 52.64 -78.42 32.49
C ASN Q 99 52.22 -79.16 33.76
N GLU Q 100 51.29 -80.08 33.60
CA GLU Q 100 50.84 -80.86 34.75
C GLU Q 100 51.31 -82.28 34.63
N ILE Q 101 52.34 -82.50 33.82
CA ILE Q 101 52.89 -83.84 33.67
C ILE Q 101 54.42 -83.91 33.78
N LYS Q 102 55.09 -82.76 33.84
CA LYS Q 102 56.54 -82.76 33.94
C LYS Q 102 57.02 -83.24 35.31
N GLY Q 103 58.17 -83.91 35.30
CA GLY Q 103 58.71 -84.44 36.53
C GLY Q 103 57.79 -85.55 37.02
N LYS Q 104 56.82 -85.91 36.19
CA LYS Q 104 55.89 -86.97 36.58
C LYS Q 104 56.25 -88.26 35.87
N LYS Q 105 55.87 -89.38 36.45
CA LYS Q 105 56.23 -90.66 35.85
C LYS Q 105 55.24 -91.82 35.94
N LEU Q 106 55.55 -92.88 35.18
CA LEU Q 106 54.76 -94.10 35.15
C LEU Q 106 55.69 -95.33 35.32
N SER Q 107 55.11 -96.52 35.42
CA SER Q 107 55.90 -97.73 35.60
C SER Q 107 55.37 -98.89 34.81
N LEU Q 108 56.29 -99.79 34.50
CA LEU Q 108 56.00 -101.02 33.78
C LEU Q 108 56.58 -102.05 34.70
N TRP Q 109 55.80 -103.08 35.01
CA TRP Q 109 56.29 -104.13 35.88
C TRP Q 109 55.71 -105.40 35.37
N ALA Q 110 56.29 -106.51 35.75
CA ALA Q 110 55.80 -107.77 35.25
C ALA Q 110 55.46 -108.72 36.37
N ARG Q 111 54.93 -109.86 35.98
CA ARG Q 111 54.54 -110.87 36.94
C ARG Q 111 54.90 -112.24 36.41
N ARG Q 112 55.39 -113.08 37.30
CA ARG Q 112 55.75 -114.45 36.93
C ARG Q 112 54.51 -115.20 36.46
N GLU Q 113 54.56 -115.72 35.24
CA GLU Q 113 53.44 -116.52 34.76
C GLU Q 113 53.82 -117.97 34.97
N ASN Q 114 55.10 -118.19 35.25
CA ASN Q 114 55.66 -119.51 35.47
C ASN Q 114 56.05 -120.03 34.09
N GLY Q 115 57.29 -119.78 33.71
CA GLY Q 115 57.76 -120.19 32.39
C GLY Q 115 57.80 -118.99 31.47
N SER Q 116 57.12 -117.93 31.90
CA SER Q 116 57.07 -116.67 31.16
C SER Q 116 56.50 -115.62 32.12
N VAL Q 117 56.43 -114.37 31.66
CA VAL Q 117 55.89 -113.30 32.47
C VAL Q 117 54.91 -112.46 31.66
N LYS Q 118 54.07 -111.70 32.35
CA LYS Q 118 53.14 -110.81 31.69
C LYS Q 118 53.42 -109.38 32.17
N TRP Q 119 53.40 -108.42 31.26
CA TRP Q 119 53.69 -107.04 31.62
C TRP Q 119 52.47 -106.14 31.83
N PHE Q 120 52.64 -105.18 32.72
CA PHE Q 120 51.59 -104.23 33.04
C PHE Q 120 52.16 -102.84 32.81
N CYS Q 121 51.27 -101.87 32.65
CA CYS Q 121 51.67 -100.49 32.41
C CYS Q 121 50.69 -99.59 33.15
N GLY Q 122 51.21 -98.67 33.95
CA GLY Q 122 50.33 -97.79 34.69
C GLY Q 122 51.05 -96.74 35.49
N GLN Q 123 50.43 -96.29 36.57
CA GLN Q 123 51.02 -95.27 37.43
C GLN Q 123 52.08 -95.90 38.32
N PRO Q 124 53.16 -95.18 38.58
CA PRO Q 124 54.31 -95.61 39.39
C PRO Q 124 54.01 -96.65 40.45
N VAL Q 125 54.87 -97.66 40.53
CA VAL Q 125 54.69 -98.71 41.52
C VAL Q 125 56.06 -99.14 42.08
N THR Q 126 56.04 -99.75 43.25
CA THR Q 126 57.28 -100.21 43.87
C THR Q 126 57.18 -101.71 43.99
N ARG Q 127 58.30 -102.43 43.90
CA ARG Q 127 58.20 -103.87 44.08
C ARG Q 127 58.40 -104.25 45.54
N THR Q 128 57.50 -105.10 46.03
CA THR Q 128 57.57 -105.56 47.41
C THR Q 128 58.32 -106.87 47.40
N ASP Q 129 57.71 -107.90 46.84
CA ASP Q 129 58.35 -109.20 46.73
C ASP Q 129 58.40 -109.60 45.25
N ASP Q 130 59.01 -110.73 44.94
CA ASP Q 130 59.17 -111.13 43.54
C ASP Q 130 57.89 -111.23 42.73
N ASP Q 131 56.76 -111.19 43.41
CA ASP Q 131 55.50 -111.30 42.71
C ASP Q 131 54.46 -110.32 43.23
N THR Q 132 54.93 -109.18 43.73
CA THR Q 132 54.03 -108.18 44.28
C THR Q 132 54.67 -106.80 44.29
N VAL Q 133 53.91 -105.82 43.81
CA VAL Q 133 54.34 -104.43 43.76
C VAL Q 133 53.23 -103.61 44.41
N ALA Q 134 53.45 -102.32 44.62
CA ALA Q 134 52.43 -101.46 45.22
C ALA Q 134 52.59 -100.03 44.78
N ASP Q 135 51.50 -99.28 44.87
CA ASP Q 135 51.49 -97.90 44.44
C ASP Q 135 52.63 -97.12 45.08
N ALA Q 136 53.42 -96.48 44.24
CA ALA Q 136 54.51 -95.66 44.73
C ALA Q 136 53.81 -94.34 45.03
N LYS Q 137 52.76 -94.40 45.85
CA LYS Q 137 51.99 -93.22 46.23
C LYS Q 137 52.91 -92.13 46.77
N ASP Q 138 52.97 -90.99 46.09
CA ASP Q 138 53.84 -89.92 46.54
C ASP Q 138 53.47 -88.57 45.95
N GLY Q 139 52.66 -88.59 44.89
CA GLY Q 139 52.22 -87.34 44.26
C GLY Q 139 52.82 -86.97 42.91
N LYS Q 140 53.76 -87.75 42.41
CA LYS Q 140 54.38 -87.43 41.13
C LYS Q 140 53.92 -88.37 39.99
N GLU Q 141 52.82 -89.08 40.19
CA GLU Q 141 52.31 -89.97 39.17
C GLU Q 141 51.62 -89.20 38.05
N ILE Q 142 51.83 -89.63 36.80
CA ILE Q 142 51.17 -88.99 35.69
C ILE Q 142 49.68 -89.28 35.86
N ASP Q 143 48.89 -88.22 35.79
CA ASP Q 143 47.45 -88.26 35.94
C ASP Q 143 46.73 -89.20 34.98
N THR Q 144 45.80 -89.98 35.50
CA THR Q 144 45.07 -90.92 34.66
C THR Q 144 44.63 -90.36 33.30
N LYS Q 145 44.21 -89.10 33.27
CA LYS Q 145 43.75 -88.54 32.01
C LYS Q 145 44.81 -88.53 30.91
N HIS Q 146 46.09 -88.54 31.29
CA HIS Q 146 47.16 -88.51 30.31
C HIS Q 146 47.65 -89.88 29.89
N LEU Q 147 47.12 -90.92 30.50
CA LEU Q 147 47.55 -92.26 30.19
C LEU Q 147 46.66 -92.99 29.20
N PRO Q 148 47.28 -93.66 28.22
CA PRO Q 148 46.56 -94.42 27.19
C PRO Q 148 45.59 -95.39 27.85
N SER Q 149 44.73 -95.98 27.03
CA SER Q 149 43.76 -96.96 27.53
C SER Q 149 44.54 -98.25 27.84
N THR Q 150 45.68 -98.42 27.18
CA THR Q 150 46.50 -99.59 27.37
C THR Q 150 47.44 -99.46 28.54
N CYS Q 151 47.38 -98.35 29.28
CA CYS Q 151 48.28 -98.18 30.41
C CYS Q 151 47.51 -97.68 31.63
N ARG Q 152 46.40 -98.35 31.91
CA ARG Q 152 45.55 -98.01 33.04
C ARG Q 152 45.67 -99.09 34.10
N ASP Q 153 46.72 -99.89 34.09
CA ASP Q 153 46.86 -100.97 35.07
C ASP Q 153 47.08 -100.58 36.54
N ASN Q 154 46.41 -101.28 37.44
CA ASN Q 154 46.52 -101.07 38.89
C ASN Q 154 47.59 -101.99 39.50
N PHE Q 155 48.14 -101.56 40.63
CA PHE Q 155 49.18 -102.30 41.29
C PHE Q 155 48.85 -103.79 41.43
N ASP Q 156 47.57 -104.13 41.59
CA ASP Q 156 47.22 -105.54 41.75
C ASP Q 156 46.63 -106.22 40.52
N ALA Q 157 46.88 -105.66 39.35
CA ALA Q 157 46.37 -106.26 38.13
C ALA Q 157 47.02 -107.64 37.98
N LYS Q 158 46.25 -108.62 37.50
CA LYS Q 158 46.83 -109.94 37.30
C LYS Q 158 46.59 -110.35 35.87
N MEA R 1 26.86 -60.65 12.05
CA MEA R 1 27.75 -59.53 11.65
C MEA R 1 29.22 -59.95 11.53
O MEA R 1 29.96 -59.37 10.73
N THR R 2 29.64 -60.97 12.29
CA THR R 2 31.06 -61.31 12.41
C THR R 2 31.42 -62.80 12.57
N LEU R 3 31.20 -63.31 13.78
CA LEU R 3 31.91 -64.47 14.32
C LEU R 3 31.52 -65.82 13.69
N ILE R 4 32.18 -66.16 12.58
CA ILE R 4 31.92 -67.44 11.92
C ILE R 4 33.17 -68.32 11.82
N GLU R 5 34.34 -67.73 12.06
CA GLU R 5 35.62 -68.45 12.01
C GLU R 5 35.74 -69.43 13.18
N LEU R 6 35.25 -69.03 14.35
CA LEU R 6 35.24 -69.89 15.53
C LEU R 6 34.17 -70.97 15.41
N MET R 7 33.04 -70.62 14.81
CA MET R 7 31.89 -71.52 14.68
C MET R 7 32.11 -72.62 13.63
N ILE R 8 32.74 -72.26 12.51
CA ILE R 8 33.03 -73.24 11.46
C ILE R 8 34.19 -74.15 11.83
N VAL R 9 35.25 -73.59 12.40
CA VAL R 9 36.44 -74.36 12.78
C VAL R 9 36.19 -75.30 13.97
N ILE R 10 35.21 -74.99 14.82
CA ILE R 10 34.79 -75.93 15.86
C ILE R 10 33.92 -77.05 15.26
N ALA R 11 33.29 -76.74 14.13
CA ALA R 11 32.39 -77.67 13.45
C ALA R 11 33.07 -78.46 12.33
N ILE R 12 34.30 -78.06 11.97
CA ILE R 12 35.11 -78.86 11.04
C ILE R 12 35.94 -79.90 11.79
N VAL R 13 36.32 -79.59 13.03
CA VAL R 13 37.03 -80.52 13.89
C VAL R 13 36.05 -81.59 14.41
N GLY R 14 34.79 -81.19 14.60
CA GLY R 14 33.72 -82.08 14.96
C GLY R 14 33.42 -83.10 13.87
N ILE R 15 33.33 -82.65 12.63
CA ILE R 15 33.12 -83.53 11.49
C ILE R 15 34.40 -84.28 11.09
N LEU R 16 35.56 -83.72 11.45
CA LEU R 16 36.85 -84.38 11.23
C LEU R 16 36.97 -85.62 12.11
N ALA R 17 36.45 -85.53 13.33
CA ALA R 17 36.42 -86.65 14.25
C ALA R 17 35.47 -87.74 13.78
N ALA R 18 34.37 -87.33 13.15
CA ALA R 18 33.39 -88.25 12.59
C ALA R 18 33.92 -89.01 11.38
N VAL R 19 34.79 -88.35 10.61
CA VAL R 19 35.46 -88.98 9.47
C VAL R 19 36.63 -89.84 9.95
N ALA R 20 37.31 -89.39 11.01
CA ALA R 20 38.41 -90.14 11.61
C ALA R 20 37.93 -91.26 12.53
N LEU R 21 36.61 -91.33 12.73
CA LEU R 21 36.00 -92.31 13.63
C LEU R 21 36.05 -93.75 13.08
N PRO R 22 35.57 -93.99 11.85
CA PRO R 22 35.61 -95.34 11.28
C PRO R 22 37.01 -95.83 10.92
N ALA R 23 37.92 -94.91 10.63
CA ALA R 23 39.31 -95.26 10.32
C ALA R 23 40.05 -95.81 11.54
N TYR R 24 39.87 -95.13 12.67
CA TYR R 24 40.45 -95.54 13.95
C TYR R 24 39.72 -96.75 14.51
N GLN R 25 38.41 -96.82 14.26
CA GLN R 25 37.60 -97.99 14.61
C GLN R 25 37.92 -99.21 13.74
N ASP R 26 38.41 -98.97 12.53
CA ASP R 26 38.81 -100.58 11.94
C ASP R 26 40.30 -100.77 12.15
N TYR R 27 41.04 -99.68 12.15
CA TYR R 27 42.48 -99.78 12.37
C TYR R 27 42.58 -100.40 13.75
N THR R 28 41.71 -99.94 14.63
CA THR R 28 41.68 -100.40 15.99
C THR R 28 41.34 -101.88 16.12
N ALA R 29 40.23 -102.30 15.51
CA ALA R 29 39.82 -103.70 15.56
C ALA R 29 40.86 -104.59 14.93
N ARG R 30 41.36 -104.15 13.78
CA ARG R 30 42.35 -104.87 13.02
C ARG R 30 43.59 -105.04 13.88
N ALA R 31 43.74 -104.16 14.86
CA ALA R 31 44.89 -104.21 15.77
C ALA R 31 44.66 -105.22 16.90
N GLN R 32 43.41 -105.30 17.36
CA GLN R 32 43.01 -106.20 18.43
C GLN R 32 42.93 -107.66 17.94
N VAL R 33 42.85 -107.83 16.63
CA VAL R 33 42.79 -109.16 16.05
C VAL R 33 44.21 -109.64 15.82
N SER R 34 45.09 -108.70 15.46
CA SER R 34 46.48 -109.04 15.21
C SER R 34 47.12 -109.67 16.44
N GLU R 35 46.49 -109.49 17.58
CA GLU R 35 47.02 -110.04 18.82
C GLU R 35 46.43 -111.40 19.10
N ALA R 36 45.17 -111.56 18.77
CA ALA R 36 44.53 -112.85 18.96
C ALA R 36 45.39 -113.81 18.18
N ILE R 37 45.96 -113.31 17.08
CA ILE R 37 46.81 -114.11 16.23
C ILE R 37 48.15 -114.41 16.90
N LEU R 38 48.69 -113.45 17.64
CA LEU R 38 49.98 -113.66 18.29
C LEU R 38 49.82 -114.60 19.46
N LEU R 39 48.65 -114.55 20.08
CA LEU R 39 48.38 -115.40 21.23
C LEU R 39 48.12 -116.82 20.75
N ALA R 40 47.59 -116.93 19.54
CA ALA R 40 47.30 -118.23 18.96
C ALA R 40 48.63 -118.88 18.59
N GLU R 41 49.51 -118.11 17.99
CA GLU R 41 50.82 -118.62 17.60
C GLU R 41 51.64 -118.84 18.87
N GLY R 42 52.87 -119.31 18.73
CA GLY R 42 53.71 -119.54 19.90
C GLY R 42 53.21 -120.73 20.68
N GLN R 43 52.11 -121.26 20.18
CA GLN R 43 51.49 -122.44 20.73
C GLN R 43 51.52 -123.43 19.59
N LYS R 44 52.16 -123.00 18.51
CA LYS R 44 52.33 -123.83 17.35
C LYS R 44 53.41 -124.81 17.75
N SER R 45 54.40 -124.29 18.45
CA SER R 45 55.52 -125.09 18.94
C SER R 45 55.06 -126.34 19.64
N ALA R 46 54.27 -126.16 20.69
CA ALA R 46 53.76 -127.30 21.44
C ALA R 46 53.06 -128.26 20.50
N VAL R 47 52.10 -127.75 19.75
CA VAL R 47 51.33 -128.56 18.82
C VAL R 47 52.17 -129.26 17.76
N THR R 48 53.15 -128.57 17.21
CA THR R 48 54.01 -129.16 16.20
C THR R 48 54.79 -130.32 16.80
N GLU R 49 55.44 -130.05 17.91
CA GLU R 49 56.22 -131.08 18.55
C GLU R 49 55.32 -132.27 18.87
N TYR R 50 54.20 -132.03 19.55
CA TYR R 50 53.33 -133.14 19.88
C TYR R 50 53.01 -134.00 18.66
N TYR R 51 52.67 -133.37 17.53
CA TYR R 51 52.37 -134.12 16.32
C TYR R 51 53.57 -134.92 15.76
N LEU R 52 54.70 -134.25 15.57
CA LEU R 52 55.89 -134.92 15.05
C LEU R 52 56.40 -136.04 15.96
N ASN R 53 56.29 -135.85 17.27
CA ASN R 53 56.75 -136.89 18.19
C ASN R 53 55.80 -138.08 18.26
N HIS R 54 54.49 -137.83 18.12
CA HIS R 54 53.53 -138.92 18.24
C HIS R 54 52.74 -139.28 16.98
N GLY R 55 52.66 -138.38 16.01
CA GLY R 55 51.92 -138.68 14.81
C GLY R 55 50.42 -138.51 14.99
N LYS R 56 50.02 -137.91 16.11
CA LYS R 56 48.62 -137.63 16.42
C LYS R 56 48.55 -136.19 16.89
N TRP R 57 47.50 -135.45 16.52
CA TRP R 57 47.36 -134.06 16.92
C TRP R 57 46.93 -133.99 18.37
N PRO R 58 47.47 -133.01 19.13
CA PRO R 58 47.10 -132.89 20.54
C PRO R 58 45.60 -132.63 20.69
N GLU R 59 44.93 -133.46 21.47
CA GLU R 59 43.48 -133.32 21.66
C GLU R 59 43.05 -132.03 22.33
N ASN R 60 43.81 -131.59 23.33
CA ASN R 60 43.50 -130.37 24.05
C ASN R 60 44.76 -129.71 24.59
N ASN R 61 44.60 -128.53 25.19
CA ASN R 61 45.75 -127.80 25.73
C ASN R 61 46.71 -128.63 26.57
N THR R 62 46.16 -129.42 27.48
CA THR R 62 46.97 -130.25 28.37
C THR R 62 47.79 -131.23 27.57
N SER R 63 47.17 -131.83 26.56
CA SER R 63 47.90 -132.76 25.71
C SER R 63 49.06 -132.03 25.06
N ALA R 64 48.79 -130.83 24.54
CA ALA R 64 49.82 -130.05 23.87
C ALA R 64 50.87 -129.55 24.86
N GLY R 65 50.56 -129.67 26.14
CA GLY R 65 51.48 -129.22 27.16
C GLY R 65 51.46 -127.71 27.27
N VAL R 66 50.26 -127.17 27.49
CA VAL R 66 50.09 -125.73 27.65
C VAL R 66 49.03 -125.52 28.71
N ALA R 67 48.97 -124.31 29.25
CA ALA R 67 48.00 -123.98 30.29
C ALA R 67 46.76 -124.84 30.10
N SER R 68 46.69 -125.90 30.90
CA SER R 68 45.59 -126.85 30.84
C SER R 68 44.24 -126.18 30.72
N SER R 69 44.19 -124.89 31.06
CA SER R 69 42.94 -124.15 31.03
C SER R 69 42.92 -123.13 29.89
N PRO R 70 41.98 -123.28 28.92
CA PRO R 70 41.89 -122.35 27.79
C PRO R 70 41.93 -120.90 28.25
N THR R 71 41.16 -120.62 29.29
CA THR R 71 41.06 -119.28 29.87
C THR R 71 42.38 -118.79 30.44
N ASP R 72 43.36 -119.67 30.54
CA ASP R 72 44.64 -119.26 31.08
C ASP R 72 45.54 -118.72 29.96
N ILE R 73 45.05 -118.79 28.73
CA ILE R 73 45.79 -118.29 27.57
C ILE R 73 45.04 -117.11 26.95
N LYS R 74 44.58 -116.21 27.83
CA LYS R 74 43.84 -115.04 27.40
C LYS R 74 44.72 -113.81 27.33
N GLY R 75 44.11 -112.71 26.91
CA GLY R 75 44.82 -111.46 26.80
C GLY R 75 43.89 -110.29 27.07
N LYS R 76 44.24 -109.14 26.52
CA LYS R 76 43.48 -107.91 26.67
C LYS R 76 42.21 -107.98 25.84
N TYR R 77 42.34 -108.44 24.61
CA TYR R 77 41.22 -108.55 23.69
C TYR R 77 40.91 -110.02 23.51
N VAL R 78 41.78 -110.88 24.03
CA VAL R 78 41.61 -112.31 23.90
C VAL R 78 41.06 -112.91 25.16
N LYS R 79 39.90 -113.54 25.04
CA LYS R 79 39.26 -114.17 26.18
C LYS R 79 39.84 -115.55 26.43
N GLU R 80 40.57 -116.07 25.44
CA GLU R 80 41.21 -117.38 25.54
C GLU R 80 41.80 -117.93 24.24
N VAL R 81 42.34 -119.13 24.35
CA VAL R 81 42.96 -119.85 23.26
C VAL R 81 42.89 -121.33 23.61
N GLU R 82 42.14 -122.08 22.81
CA GLU R 82 41.95 -123.50 23.03
C GLU R 82 42.54 -124.32 21.88
N VAL R 83 43.15 -125.44 22.25
CA VAL R 83 43.72 -126.35 21.29
C VAL R 83 42.74 -127.49 21.23
N LYS R 84 42.18 -127.72 20.05
CA LYS R 84 41.22 -128.79 19.86
C LYS R 84 41.68 -129.63 18.67
N ASN R 85 42.34 -130.75 18.97
CA ASN R 85 42.89 -131.66 17.97
C ASN R 85 43.88 -130.98 17.05
N GLY R 86 44.85 -130.30 17.65
CA GLY R 86 45.87 -129.60 16.88
C GLY R 86 45.45 -128.23 16.37
N VAL R 87 44.14 -127.98 16.30
CA VAL R 87 43.62 -126.70 15.85
C VAL R 87 43.65 -125.76 17.03
N VAL R 88 44.25 -124.58 16.86
CA VAL R 88 44.30 -123.63 17.94
C VAL R 88 43.40 -122.44 17.60
N THR R 89 42.36 -122.25 18.38
CA THR R 89 41.39 -121.18 18.17
C THR R 89 41.53 -120.08 19.20
N ALA R 90 41.46 -118.81 18.77
CA ALA R 90 41.58 -117.70 19.71
C ALA R 90 40.28 -116.93 19.78
N THR R 91 39.75 -116.75 20.99
CA THR R 91 38.51 -116.02 21.17
C THR R 91 38.74 -114.58 21.63
N MET R 92 37.97 -113.68 21.02
CA MET R 92 38.08 -112.25 21.35
C MET R 92 37.23 -111.98 22.59
N LEU R 93 37.81 -111.27 23.55
CA LEU R 93 37.12 -110.91 24.77
C LEU R 93 35.80 -110.23 24.43
N SER R 94 35.14 -109.70 25.45
CA SER R 94 33.87 -108.99 25.24
C SER R 94 34.05 -107.54 25.66
N SER R 95 35.10 -107.29 26.44
CA SER R 95 35.39 -105.95 26.93
C SER R 95 36.77 -105.47 26.46
N GLY R 96 36.81 -104.26 25.92
CA GLY R 96 38.07 -103.70 25.46
C GLY R 96 38.31 -103.85 23.97
N VAL R 97 37.32 -104.35 23.24
CA VAL R 97 37.46 -104.56 21.80
C VAL R 97 36.54 -103.70 20.93
N ASN R 98 36.67 -103.84 19.61
CA ASN R 98 35.88 -103.09 18.65
C ASN R 98 34.40 -103.07 19.02
N ASN R 99 33.62 -103.90 18.34
CA ASN R 99 32.19 -103.97 18.57
C ASN R 99 31.63 -105.09 17.71
N GLU R 100 32.23 -105.28 16.55
CA GLU R 100 31.76 -106.33 15.66
C GLU R 100 32.78 -107.45 15.60
N ILE R 101 33.64 -107.52 16.61
CA ILE R 101 34.65 -108.58 16.65
C ILE R 101 34.75 -109.28 18.01
N LYS R 102 34.05 -108.78 19.02
CA LYS R 102 34.11 -109.39 20.34
C LYS R 102 33.38 -110.73 20.37
N GLY R 103 33.91 -111.64 21.19
CA GLY R 103 33.32 -112.96 21.29
C GLY R 103 33.55 -113.67 19.97
N LYS R 104 34.32 -113.06 19.08
CA LYS R 104 34.58 -113.67 17.78
C LYS R 104 35.97 -114.29 17.78
N LYS R 105 36.17 -115.29 16.92
CA LYS R 105 37.46 -115.95 16.90
C LYS R 105 38.01 -116.44 15.56
N LEU R 106 39.28 -116.85 15.59
CA LEU R 106 39.99 -117.38 14.44
C LEU R 106 40.70 -118.70 14.82
N SER R 107 41.30 -119.36 13.83
CA SER R 107 41.98 -120.62 14.11
C SER R 107 43.27 -120.77 13.34
N LEU R 108 44.15 -121.58 13.91
CA LEU R 108 45.44 -121.87 13.34
C LEU R 108 45.40 -123.38 13.33
N TRP R 109 45.73 -123.99 12.19
CA TRP R 109 45.73 -125.43 12.12
C TRP R 109 46.87 -125.80 11.22
N ALA R 110 47.30 -127.03 11.30
CA ALA R 110 48.43 -127.43 10.48
C ALA R 110 48.11 -128.63 9.64
N ARG R 111 49.08 -129.00 8.80
CA ARG R 111 48.90 -130.13 7.91
C ARG R 111 50.19 -130.91 7.84
N ARG R 112 50.07 -132.22 7.84
CA ARG R 112 51.23 -133.10 7.74
C ARG R 112 51.95 -132.87 6.42
N GLU R 113 53.23 -132.52 6.49
CA GLU R 113 53.99 -132.34 5.26
C GLU R 113 54.75 -133.64 5.05
N ASN R 114 54.78 -134.46 6.09
CA ASN R 114 55.49 -135.73 6.10
C ASN R 114 56.92 -135.42 6.50
N GLY R 115 57.19 -135.49 7.80
CA GLY R 115 58.51 -135.18 8.31
C GLY R 115 58.49 -133.79 8.93
N SER R 116 57.44 -133.05 8.62
CA SER R 116 57.23 -131.70 9.14
C SER R 116 55.79 -131.32 8.84
N VAL R 117 55.37 -130.14 9.30
CA VAL R 117 54.02 -129.67 9.04
C VAL R 117 54.04 -128.22 8.59
N LYS R 118 52.95 -127.77 7.97
CA LYS R 118 52.83 -126.39 7.55
C LYS R 118 51.60 -125.79 8.24
N TRP R 119 51.73 -124.56 8.72
CA TRP R 119 50.62 -123.92 9.42
C TRP R 119 49.78 -122.93 8.59
N PHE R 120 48.51 -122.87 8.94
CA PHE R 120 47.57 -121.99 8.25
C PHE R 120 46.95 -121.10 9.31
N CYS R 121 46.40 -119.98 8.87
CA CYS R 121 45.77 -119.02 9.77
C CYS R 121 44.55 -118.46 9.08
N GLY R 122 43.40 -118.49 9.75
CA GLY R 122 42.20 -117.98 9.13
C GLY R 122 40.99 -118.01 10.03
N GLN R 123 39.81 -118.10 9.44
CA GLN R 123 38.57 -118.12 10.19
C GLN R 123 38.36 -119.51 10.78
N PRO R 124 37.81 -119.58 12.01
CA PRO R 124 37.56 -120.81 12.76
C PRO R 124 37.34 -122.06 11.93
N VAL R 125 37.98 -123.14 12.34
CA VAL R 125 37.85 -124.41 11.63
C VAL R 125 37.80 -125.56 12.63
N THR R 126 37.26 -126.69 12.21
CA THR R 126 37.17 -127.86 13.07
C THR R 126 37.99 -128.96 12.42
N ARG R 127 38.62 -129.84 13.20
CA ARG R 127 39.36 -130.90 12.56
C ARG R 127 38.47 -132.12 12.35
N THR R 128 38.51 -132.67 11.15
CA THR R 128 37.73 -133.84 10.82
C THR R 128 38.62 -135.05 11.04
N ASP R 129 39.63 -135.20 10.20
CA ASP R 129 40.58 -136.31 10.34
C ASP R 129 41.98 -135.70 10.50
N ASP R 130 42.99 -136.56 10.70
CA ASP R 130 44.34 -136.05 10.94
C ASP R 130 44.91 -135.14 9.87
N ASP R 131 44.25 -135.09 8.73
CA ASP R 131 44.76 -134.25 7.66
C ASP R 131 43.64 -133.48 6.96
N THR R 132 42.58 -133.17 7.72
CA THR R 132 41.46 -132.45 7.16
C THR R 132 40.66 -131.73 8.23
N VAL R 133 40.36 -130.46 7.98
CA VAL R 133 39.58 -129.63 8.88
C VAL R 133 38.46 -129.01 8.03
N ALA R 134 37.53 -128.31 8.66
CA ALA R 134 36.43 -127.68 7.93
C ALA R 134 35.91 -126.48 8.67
N ASP R 135 35.28 -125.58 7.93
CA ASP R 135 34.75 -124.35 8.48
C ASP R 135 33.89 -124.63 9.70
N ALA R 136 34.22 -123.98 10.80
CA ALA R 136 33.43 -124.12 12.00
C ALA R 136 32.32 -123.11 11.79
N LYS R 137 31.61 -123.24 10.66
CA LYS R 137 30.52 -122.33 10.31
C LYS R 137 29.51 -122.25 11.46
N ASP R 138 29.35 -121.07 12.04
CA ASP R 138 28.42 -120.93 13.14
C ASP R 138 28.02 -119.48 13.39
N GLY R 139 28.77 -118.54 12.82
CA GLY R 139 28.46 -117.13 12.97
C GLY R 139 29.34 -116.29 13.89
N LYS R 140 30.30 -116.89 14.56
CA LYS R 140 31.17 -116.15 15.47
C LYS R 140 32.60 -115.93 14.89
N GLU R 141 32.76 -116.14 13.60
CA GLU R 141 34.06 -115.94 12.98
C GLU R 141 34.41 -114.46 12.81
N ILE R 142 35.66 -114.11 13.06
CA ILE R 142 36.08 -112.73 12.88
C ILE R 142 35.98 -112.46 11.38
N ASP R 143 35.31 -111.37 11.05
CA ASP R 143 35.07 -110.93 9.68
C ASP R 143 36.33 -110.74 8.86
N THR R 144 36.31 -111.25 7.63
CA THR R 144 37.48 -111.12 6.77
C THR R 144 38.16 -109.74 6.80
N LYS R 145 37.38 -108.67 6.88
CA LYS R 145 37.97 -107.35 6.87
C LYS R 145 38.92 -107.09 8.03
N HIS R 146 38.75 -107.82 9.13
CA HIS R 146 39.60 -107.63 10.30
C HIS R 146 40.82 -108.53 10.33
N LEU R 147 40.92 -109.41 9.36
CA LEU R 147 42.04 -110.34 9.33
C LEU R 147 43.19 -109.91 8.41
N PRO R 148 44.42 -110.03 8.91
CA PRO R 148 45.63 -109.68 8.16
C PRO R 148 45.62 -110.37 6.80
N SER R 149 46.53 -109.96 5.94
CA SER R 149 46.66 -110.57 4.62
C SER R 149 47.28 -111.96 4.82
N THR R 150 48.01 -112.13 5.92
CA THR R 150 48.67 -113.38 6.22
C THR R 150 47.76 -114.35 6.93
N CYS R 151 46.50 -113.98 7.14
CA CYS R 151 45.59 -114.90 7.83
C CYS R 151 44.27 -114.98 7.10
N ARG R 152 44.35 -115.18 5.80
CA ARG R 152 43.17 -115.31 4.95
C ARG R 152 43.01 -116.74 4.47
N ASP R 153 43.61 -117.71 5.16
CA ASP R 153 43.53 -119.11 4.74
C ASP R 153 42.16 -119.80 4.83
N ASN R 154 41.82 -120.56 3.81
CA ASN R 154 40.57 -121.33 3.74
C ASN R 154 40.77 -122.75 4.28
N PHE R 155 39.68 -123.33 4.75
CA PHE R 155 39.70 -124.66 5.33
C PHE R 155 40.49 -125.66 4.46
N ASP R 156 40.45 -125.50 3.14
CA ASP R 156 41.16 -126.45 2.27
C ASP R 156 42.48 -125.96 1.70
N ALA R 157 43.08 -124.96 2.33
CA ALA R 157 44.36 -124.46 1.87
C ALA R 157 45.38 -125.58 2.00
N LYS R 158 46.28 -125.68 1.03
CA LYS R 158 47.31 -126.72 1.12
C LYS R 158 48.66 -126.05 0.98
N MEA S 1 34.78 -69.32 4.78
CA MEA S 1 34.49 -68.63 6.06
C MEA S 1 34.98 -69.42 7.29
O MEA S 1 35.32 -68.82 8.31
N THR S 2 35.04 -70.74 7.17
CA THR S 2 35.31 -71.61 8.34
C THR S 2 36.12 -72.89 8.10
N LEU S 3 35.47 -73.88 7.51
CA LEU S 3 35.84 -75.30 7.66
C LEU S 3 37.12 -75.71 6.93
N ILE S 4 38.26 -75.55 7.59
CA ILE S 4 39.54 -75.95 7.00
C ILE S 4 40.29 -76.99 7.86
N GLU S 5 39.85 -77.17 9.10
CA GLU S 5 40.45 -78.13 10.02
C GLU S 5 40.15 -79.57 9.59
N LEU S 6 38.95 -79.80 9.08
CA LEU S 6 38.55 -81.10 8.56
C LEU S 6 39.21 -81.38 7.21
N MET S 7 39.35 -80.34 6.40
CA MET S 7 39.90 -80.44 5.05
C MET S 7 41.41 -80.67 5.04
N ILE S 8 42.14 -80.00 5.94
CA ILE S 8 43.59 -80.15 6.03
C ILE S 8 43.97 -81.48 6.70
N VAL S 9 43.27 -81.82 7.78
CA VAL S 9 43.57 -83.06 8.52
C VAL S 9 43.19 -84.34 7.76
N ILE S 10 42.24 -84.25 6.83
CA ILE S 10 41.97 -85.37 5.92
C ILE S 10 43.04 -85.46 4.83
N ALA S 11 43.68 -84.32 4.54
CA ALA S 11 44.70 -84.22 3.51
C ALA S 11 46.12 -84.36 4.05
N ILE S 12 46.27 -84.34 5.37
CA ILE S 12 47.57 -84.65 5.99
C ILE S 12 47.70 -86.16 6.27
N VAL S 13 46.58 -86.83 6.50
CA VAL S 13 46.55 -88.28 6.67
C VAL S 13 46.71 -88.95 5.30
N GLY S 14 46.19 -88.29 4.26
CA GLY S 14 46.37 -88.73 2.89
C GLY S 14 47.82 -88.68 2.44
N ILE S 15 48.50 -87.57 2.74
CA ILE S 15 49.92 -87.43 2.42
C ILE S 15 50.81 -88.21 3.39
N LEU S 16 50.29 -88.49 4.59
CA LEU S 16 50.99 -89.31 5.58
C LEU S 16 51.08 -90.75 5.10
N ALA S 17 50.02 -91.22 4.45
CA ALA S 17 49.98 -92.55 3.86
C ALA S 17 50.94 -92.66 2.67
N ALA S 18 51.08 -91.57 1.92
CA ALA S 18 51.98 -91.50 0.78
C ALA S 18 53.45 -91.51 1.21
N VAL S 19 53.73 -90.93 2.37
CA VAL S 19 55.08 -90.94 2.96
C VAL S 19 55.34 -92.29 3.64
N ALA S 20 54.29 -92.86 4.24
CA ALA S 20 54.40 -94.18 4.88
C ALA S 20 54.32 -95.33 3.87
N LEU S 21 54.07 -94.99 2.61
CA LEU S 21 53.93 -95.98 1.54
C LEU S 21 55.25 -96.68 1.16
N PRO S 22 56.31 -95.93 0.85
CA PRO S 22 57.59 -96.54 0.50
C PRO S 22 58.31 -97.22 1.67
N ALA S 23 58.06 -96.76 2.89
CA ALA S 23 58.65 -97.34 4.09
C ALA S 23 58.09 -98.74 4.37
N TYR S 24 56.77 -98.87 4.24
CA TYR S 24 56.09 -100.15 4.42
C TYR S 24 56.32 -101.06 3.22
N GLN S 25 56.44 -100.46 2.03
CA GLN S 25 56.82 -101.18 0.81
C GLN S 25 58.27 -101.62 0.81
N ASP S 26 59.11 -100.93 1.56
CA ASP S 26 60.61 -101.86 1.45
C ASP S 26 60.71 -102.69 2.70
N TYR S 27 60.10 -102.21 3.79
CA TYR S 27 60.13 -102.97 5.01
C TYR S 27 59.43 -104.27 4.66
N THR S 28 58.39 -104.12 3.88
CA THR S 28 57.59 -105.27 3.45
C THR S 28 58.39 -106.24 2.59
N ALA S 29 59.01 -105.75 1.53
CA ALA S 29 59.79 -106.59 0.63
C ALA S 29 60.94 -107.25 1.37
N ARG S 30 61.61 -106.43 2.18
CA ARG S 30 62.74 -106.88 2.97
C ARG S 30 62.30 -107.98 3.90
N ALA S 31 61.00 -108.02 4.18
CA ALA S 31 60.43 -109.04 5.07
C ALA S 31 60.15 -110.34 4.29
N GLN S 32 59.72 -110.18 3.05
CA GLN S 32 59.40 -111.31 2.17
C GLN S 32 60.67 -112.00 1.68
N VAL S 33 61.79 -111.29 1.74
CA VAL S 33 63.05 -111.86 1.32
C VAL S 33 63.67 -112.60 2.48
N SER S 34 63.46 -112.08 3.69
CA SER S 34 64.00 -112.71 4.89
C SER S 34 63.48 -114.13 5.05
N GLU S 35 62.42 -114.44 4.33
CA GLU S 35 61.84 -115.77 4.41
C GLU S 35 62.40 -116.67 3.35
N ALA S 36 62.64 -116.10 2.17
CA ALA S 36 63.22 -116.87 1.09
C ALA S 36 64.52 -117.41 1.68
N ILE S 37 65.11 -116.62 2.57
CA ILE S 37 66.36 -117.00 3.20
C ILE S 37 66.14 -118.12 4.21
N LEU S 38 65.02 -118.10 4.91
CA LEU S 38 64.77 -119.13 5.92
C LEU S 38 64.41 -120.44 5.24
N LEU S 39 63.79 -120.32 4.07
CA LEU S 39 63.39 -121.51 3.33
C LEU S 39 64.61 -122.12 2.66
N ALA S 40 65.58 -121.26 2.34
CA ALA S 40 66.80 -121.71 1.71
C ALA S 40 67.63 -122.46 2.75
N GLU S 41 67.69 -121.90 3.95
CA GLU S 41 68.44 -122.53 5.03
C GLU S 41 67.66 -123.77 5.49
N GLY S 42 68.19 -124.48 6.47
CA GLY S 42 67.49 -125.67 6.97
C GLY S 42 67.57 -126.78 5.94
N GLN S 43 68.18 -126.43 4.82
CA GLN S 43 68.40 -127.34 3.74
C GLN S 43 69.92 -127.36 3.61
N LYS S 44 70.55 -126.66 4.53
CA LYS S 44 71.99 -126.61 4.58
C LYS S 44 72.38 -127.96 5.16
N SER S 45 71.61 -128.40 6.14
CA SER S 45 71.83 -129.68 6.80
C SER S 45 72.01 -130.80 5.80
N ALA S 46 70.99 -131.01 4.96
CA ALA S 46 71.07 -132.05 3.97
C ALA S 46 72.33 -131.89 3.12
N VAL S 47 72.51 -130.71 2.56
CA VAL S 47 73.66 -130.43 1.72
C VAL S 47 75.01 -130.61 2.42
N THR S 48 75.09 -130.17 3.67
CA THR S 48 76.34 -130.31 4.41
C THR S 48 76.66 -131.78 4.61
N GLU S 49 75.68 -132.51 5.12
CA GLU S 49 75.89 -133.92 5.36
C GLU S 49 76.29 -134.60 4.04
N TYR S 50 75.50 -134.40 2.99
CA TYR S 50 75.85 -135.04 1.72
C TYR S 50 77.31 -134.80 1.34
N TYR S 51 77.76 -133.55 1.45
CA TYR S 51 79.14 -133.22 1.12
C TYR S 51 80.19 -133.91 2.01
N LEU S 52 80.03 -133.77 3.34
CA LEU S 52 80.96 -134.38 4.27
C LEU S 52 80.99 -135.91 4.19
N ASN S 53 79.84 -136.52 3.93
CA ASN S 53 79.80 -137.97 3.83
C ASN S 53 80.38 -138.49 2.51
N HIS S 54 80.22 -137.73 1.43
CA HIS S 54 80.72 -138.19 0.13
C HIS S 54 81.85 -137.39 -0.51
N GLY S 55 82.03 -136.14 -0.09
CA GLY S 55 83.09 -135.34 -0.68
C GLY S 55 82.69 -134.75 -2.02
N LYS S 56 81.42 -134.85 -2.36
CA LYS S 56 80.88 -134.30 -3.60
C LYS S 56 79.61 -133.53 -3.23
N TRP S 57 79.35 -132.40 -3.87
CA TRP S 57 78.16 -131.61 -3.56
C TRP S 57 76.94 -132.25 -4.18
N PRO S 58 75.80 -132.25 -3.47
CA PRO S 58 74.59 -132.86 -4.01
C PRO S 58 74.16 -132.19 -5.31
N GLU S 59 74.00 -132.98 -6.37
CA GLU S 59 73.63 -132.44 -7.68
C GLU S 59 72.27 -131.77 -7.72
N ASN S 60 71.30 -132.35 -7.04
CA ASN S 60 69.95 -131.80 -7.01
C ASN S 60 69.23 -132.15 -5.71
N ASN S 61 68.02 -131.63 -5.53
CA ASN S 61 67.26 -131.88 -4.31
C ASN S 61 67.20 -133.34 -3.86
N THR S 62 66.92 -134.23 -4.80
CA THR S 62 66.82 -135.64 -4.51
C THR S 62 68.13 -136.18 -3.97
N SER S 63 69.24 -135.75 -4.58
CA SER S 63 70.53 -136.18 -4.10
C SER S 63 70.70 -135.73 -2.67
N ALA S 64 70.35 -134.47 -2.40
CA ALA S 64 70.49 -133.92 -1.05
C ALA S 64 69.51 -134.56 -0.08
N GLY S 65 68.54 -135.29 -0.63
CA GLY S 65 67.57 -135.95 0.21
C GLY S 65 66.54 -134.95 0.69
N VAL S 66 65.92 -134.24 -0.24
CA VAL S 66 64.89 -133.26 0.10
C VAL S 66 63.84 -133.33 -0.98
N ALA S 67 62.67 -132.79 -0.70
CA ALA S 67 61.55 -132.80 -1.65
C ALA S 67 62.13 -132.83 -3.06
N SER S 68 62.14 -134.01 -3.65
CA SER S 68 62.67 -134.22 -4.98
C SER S 68 62.21 -133.15 -5.96
N SER S 69 61.15 -132.44 -5.61
CA SER S 69 60.60 -131.41 -6.48
C SER S 69 60.86 -130.01 -5.94
N PRO S 70 61.62 -129.17 -6.68
CA PRO S 70 61.92 -127.80 -6.25
C PRO S 70 60.68 -127.08 -5.76
N THR S 71 59.62 -127.21 -6.55
CA THR S 71 58.33 -126.59 -6.26
C THR S 71 57.70 -127.10 -4.97
N ASP S 72 58.26 -128.14 -4.41
CA ASP S 72 57.71 -128.67 -3.18
C ASP S 72 58.34 -127.97 -1.97
N ILE S 73 59.30 -127.09 -2.23
CA ILE S 73 59.97 -126.33 -1.17
C ILE S 73 59.64 -124.85 -1.33
N LYS S 74 58.37 -124.57 -1.58
CA LYS S 74 57.90 -123.20 -1.77
C LYS S 74 57.29 -122.64 -0.51
N GLY S 75 56.89 -121.37 -0.60
CA GLY S 75 56.27 -120.70 0.51
C GLY S 75 55.25 -119.68 0.04
N LYS S 76 55.00 -118.69 0.87
CA LYS S 76 54.05 -117.63 0.58
C LYS S 76 54.62 -116.69 -0.47
N TYR S 77 55.89 -116.32 -0.29
CA TYR S 77 56.56 -115.43 -1.21
C TYR S 77 57.59 -116.22 -1.99
N VAL S 78 57.79 -117.47 -1.58
CA VAL S 78 58.75 -118.33 -2.23
C VAL S 78 58.08 -119.30 -3.17
N LYS S 79 58.45 -119.22 -4.43
CA LYS S 79 57.88 -120.09 -5.45
C LYS S 79 58.61 -121.42 -5.46
N GLU S 80 59.77 -121.49 -4.79
CA GLU S 80 60.56 -122.71 -4.70
C GLU S 80 61.96 -122.55 -4.14
N VAL S 81 62.67 -123.67 -4.09
CA VAL S 81 64.03 -123.75 -3.59
C VAL S 81 64.66 -124.97 -4.24
N GLU S 82 65.67 -124.72 -5.07
CA GLU S 82 66.37 -125.78 -5.78
C GLU S 82 67.83 -125.89 -5.35
N VAL S 83 68.28 -127.14 -5.26
CA VAL S 83 69.65 -127.43 -4.89
C VAL S 83 70.31 -127.81 -6.19
N LYS S 84 71.32 -127.05 -6.57
CA LYS S 84 72.04 -127.31 -7.81
C LYS S 84 73.52 -127.36 -7.49
N ASN S 85 74.03 -128.58 -7.33
CA ASN S 85 75.43 -128.84 -6.99
C ASN S 85 75.83 -128.18 -5.68
N GLY S 86 75.03 -128.43 -4.64
CA GLY S 86 75.30 -127.88 -3.33
C GLY S 86 74.82 -126.46 -3.13
N VAL S 87 74.59 -125.73 -4.23
CA VAL S 87 74.10 -124.36 -4.17
C VAL S 87 72.59 -124.43 -4.01
N VAL S 88 72.06 -123.73 -3.01
CA VAL S 88 70.63 -123.73 -2.81
C VAL S 88 70.10 -122.35 -3.15
N THR S 89 69.26 -122.28 -4.18
CA THR S 89 68.68 -121.02 -4.64
C THR S 89 67.20 -120.93 -4.29
N ALA S 90 66.76 -119.76 -3.83
CA ALA S 90 65.35 -119.59 -3.48
C ALA S 90 64.70 -118.59 -4.41
N THR S 91 63.58 -118.98 -5.04
CA THR S 91 62.87 -118.09 -5.95
C THR S 91 61.66 -117.45 -5.30
N MET S 92 61.50 -116.16 -5.57
CA MET S 92 60.38 -115.40 -5.03
C MET S 92 59.16 -115.62 -5.91
N LEU S 93 58.03 -115.92 -5.29
CA LEU S 93 56.78 -116.14 -6.00
C LEU S 93 56.50 -114.94 -6.92
N SER S 94 55.31 -114.92 -7.51
CA SER S 94 54.93 -113.82 -8.38
C SER S 94 53.72 -113.12 -7.76
N SER S 95 53.05 -113.82 -6.85
CA SER S 95 51.87 -113.29 -6.18
C SER S 95 52.09 -113.20 -4.67
N GLY S 96 51.75 -112.05 -4.10
CA GLY S 96 51.88 -111.85 -2.67
C GLY S 96 53.17 -111.17 -2.24
N VAL S 97 53.96 -110.69 -3.20
CA VAL S 97 55.22 -110.03 -2.90
C VAL S 97 55.29 -108.54 -3.29
N ASN S 98 56.42 -107.91 -3.00
CA ASN S 98 56.62 -106.50 -3.29
C ASN S 98 56.19 -106.14 -4.71
N ASN S 99 57.16 -106.02 -5.59
CA ASN S 99 56.88 -105.65 -6.98
C ASN S 99 58.20 -105.70 -7.74
N GLU S 100 59.28 -105.37 -7.06
CA GLU S 100 60.57 -105.39 -7.72
C GLU S 100 61.40 -106.53 -7.18
N ILE S 101 60.74 -107.52 -6.58
CA ILE S 101 61.45 -108.68 -6.06
C ILE S 101 60.83 -110.02 -6.45
N LYS S 102 59.66 -110.01 -7.07
CA LYS S 102 59.02 -111.26 -7.46
C LYS S 102 59.75 -111.93 -8.62
N GLY S 103 59.73 -113.27 -8.60
CA GLY S 103 60.40 -114.03 -9.62
C GLY S 103 61.89 -113.82 -9.45
N LYS S 104 62.29 -113.15 -8.37
CA LYS S 104 63.70 -112.90 -8.13
C LYS S 104 64.22 -113.87 -7.08
N LYS S 105 65.52 -114.13 -7.10
CA LYS S 105 66.07 -115.09 -6.16
C LYS S 105 67.47 -114.83 -5.59
N LEU S 106 67.82 -115.63 -4.58
CA LEU S 106 69.12 -115.59 -3.92
C LEU S 106 69.70 -117.01 -3.81
N SER S 107 70.94 -117.12 -3.34
CA SER S 107 71.57 -118.42 -3.21
C SER S 107 72.37 -118.56 -1.95
N LEU S 108 72.52 -119.81 -1.52
CA LEU S 108 73.28 -120.17 -0.35
C LEU S 108 74.21 -121.21 -0.92
N TRP S 109 75.50 -121.08 -0.64
CA TRP S 109 76.44 -122.05 -1.14
C TRP S 109 77.47 -122.21 -0.08
N ALA S 110 78.22 -123.29 -0.13
CA ALA S 110 79.21 -123.50 0.90
C ALA S 110 80.58 -123.72 0.31
N ARG S 111 81.55 -123.85 1.21
CA ARG S 111 82.92 -124.04 0.80
C ARG S 111 83.58 -125.05 1.71
N ARG S 112 84.39 -125.91 1.14
CA ARG S 112 85.11 -126.92 1.90
C ARG S 112 86.06 -126.24 2.87
N GLU S 113 85.93 -126.53 4.16
CA GLU S 113 86.86 -125.98 5.12
C GLU S 113 87.88 -127.04 5.40
N ASN S 114 87.58 -128.26 4.96
CA ASN S 114 88.42 -129.43 5.14
C ASN S 114 88.05 -130.00 6.50
N GLY S 115 87.10 -130.94 6.49
CA GLY S 115 86.64 -131.53 7.74
C GLY S 115 85.30 -130.93 8.11
N SER S 116 84.98 -129.81 7.46
CA SER S 116 83.73 -129.10 7.67
C SER S 116 83.59 -128.09 6.53
N VAL S 117 82.47 -127.37 6.50
CA VAL S 117 82.25 -126.38 5.46
C VAL S 117 81.71 -125.09 6.09
N LYS S 118 81.81 -123.99 5.35
CA LYS S 118 81.29 -122.73 5.80
C LYS S 118 80.25 -122.25 4.77
N TRP S 119 79.13 -121.72 5.25
CA TRP S 119 78.09 -121.25 4.34
C TRP S 119 78.06 -119.75 4.07
N PHE S 120 77.62 -119.41 2.86
CA PHE S 120 77.52 -118.04 2.44
C PHE S 120 76.09 -117.81 2.01
N CYS S 121 75.68 -116.54 1.97
CA CYS S 121 74.33 -116.17 1.60
C CYS S 121 74.42 -114.89 0.79
N GLY S 122 73.80 -114.87 -0.38
CA GLY S 122 73.85 -113.67 -1.20
C GLY S 122 73.04 -113.77 -2.48
N GLN S 123 73.46 -113.02 -3.49
CA GLN S 123 72.77 -113.01 -4.77
C GLN S 123 73.14 -114.25 -5.56
N PRO S 124 72.17 -114.83 -6.29
CA PRO S 124 72.31 -116.04 -7.10
C PRO S 124 73.71 -116.34 -7.60
N VAL S 125 74.12 -117.59 -7.48
CA VAL S 125 75.43 -118.00 -7.93
C VAL S 125 75.37 -119.40 -8.56
N THR S 126 76.34 -119.72 -9.38
CA THR S 126 76.38 -121.03 -10.04
C THR S 126 77.64 -121.72 -9.56
N ARG S 127 77.63 -123.04 -9.44
CA ARG S 127 78.87 -123.69 -9.03
C ARG S 127 79.69 -124.08 -10.25
N THR S 128 80.97 -123.77 -10.19
CA THR S 128 81.88 -124.08 -11.27
C THR S 128 82.55 -125.41 -10.94
N ASP S 129 83.39 -125.39 -9.91
CA ASP S 129 84.04 -126.62 -9.46
C ASP S 129 83.69 -126.84 -7.98
N ASP S 130 84.15 -127.94 -7.41
CA ASP S 130 83.77 -128.25 -6.03
C ASP S 130 84.11 -127.19 -5.00
N ASP S 131 84.91 -126.22 -5.39
CA ASP S 131 85.28 -125.18 -4.45
C ASP S 131 85.23 -123.79 -5.08
N THR S 132 84.35 -123.62 -6.05
CA THR S 132 84.23 -122.35 -6.73
C THR S 132 82.88 -122.18 -7.40
N VAL S 133 82.26 -121.02 -7.17
CA VAL S 133 80.97 -120.68 -7.74
C VAL S 133 81.15 -119.31 -8.40
N ALA S 134 80.14 -118.84 -9.12
CA ALA S 134 80.22 -117.53 -9.78
C ALA S 134 78.85 -116.94 -9.94
N ASP S 135 78.82 -115.61 -10.08
CA ASP S 135 77.57 -114.89 -10.22
C ASP S 135 76.71 -115.47 -11.32
N ALA S 136 75.48 -115.80 -10.97
CA ALA S 136 74.56 -116.32 -11.94
C ALA S 136 73.99 -115.06 -12.57
N LYS S 137 74.88 -114.19 -13.06
CA LYS S 137 74.49 -112.93 -13.69
C LYS S 137 73.45 -113.17 -14.78
N ASP S 138 72.26 -112.62 -14.61
CA ASP S 138 71.22 -112.83 -15.59
C ASP S 138 70.09 -111.80 -15.48
N GLY S 139 70.03 -111.10 -14.36
CA GLY S 139 69.01 -110.08 -14.17
C GLY S 139 67.86 -110.37 -13.21
N LYS S 140 67.81 -111.58 -12.66
CA LYS S 140 66.72 -111.93 -11.76
C LYS S 140 67.17 -112.00 -10.26
N GLU S 141 68.32 -111.42 -9.97
CA GLU S 141 68.81 -111.41 -8.59
C GLU S 141 68.06 -110.42 -7.72
N ILE S 142 67.77 -110.79 -6.49
CA ILE S 142 67.10 -109.89 -5.59
C ILE S 142 68.10 -108.76 -5.31
N ASP S 143 67.63 -107.54 -5.48
CA ASP S 143 68.40 -106.31 -5.31
C ASP S 143 69.04 -106.18 -3.94
N THR S 144 70.31 -105.79 -3.93
CA THR S 144 71.02 -105.63 -2.66
C THR S 144 70.21 -104.95 -1.56
N LYS S 145 69.43 -103.94 -1.91
CA LYS S 145 68.67 -103.24 -0.88
C LYS S 145 67.69 -104.12 -0.13
N HIS S 146 67.26 -105.22 -0.73
CA HIS S 146 66.30 -106.12 -0.07
C HIS S 146 66.95 -107.23 0.72
N LEU S 147 68.28 -107.31 0.66
CA LEU S 147 68.97 -108.37 1.36
C LEU S 147 69.52 -107.97 2.72
N PRO S 148 69.33 -108.82 3.73
CA PRO S 148 69.82 -108.59 5.09
C PRO S 148 71.30 -108.26 5.06
N SER S 149 71.82 -107.81 6.19
CA SER S 149 73.23 -107.50 6.32
C SER S 149 73.99 -108.84 6.36
N THR S 150 73.30 -109.89 6.78
CA THR S 150 73.90 -111.20 6.89
C THR S 150 73.86 -111.95 5.57
N CYS S 151 73.35 -111.34 4.51
CA CYS S 151 73.29 -112.05 3.23
C CYS S 151 73.77 -111.16 2.12
N ARG S 152 74.94 -110.54 2.34
CA ARG S 152 75.56 -109.66 1.35
C ARG S 152 76.80 -110.33 0.78
N ASP S 153 76.92 -111.65 0.88
CA ASP S 153 78.11 -112.35 0.37
C ASP S 153 78.32 -112.35 -1.16
N ASN S 154 79.57 -112.14 -1.56
CA ASN S 154 79.98 -112.16 -2.97
C ASN S 154 80.44 -113.55 -3.40
N PHE S 155 80.33 -113.83 -4.69
CA PHE S 155 80.70 -115.12 -5.24
C PHE S 155 82.07 -115.60 -4.73
N ASP S 156 83.00 -114.68 -4.48
CA ASP S 156 84.33 -115.10 -4.03
C ASP S 156 84.60 -114.93 -2.53
N ALA S 157 83.54 -114.83 -1.74
CA ALA S 157 83.72 -114.70 -0.31
C ALA S 157 84.41 -115.95 0.22
N LYS S 158 85.32 -115.79 1.17
CA LYS S 158 85.99 -116.96 1.72
C LYS S 158 85.80 -116.94 3.22
N MEA T 1 46.55 -74.08 10.18
CA MEA T 1 45.10 -74.26 9.94
C MEA T 1 44.67 -75.73 9.90
O MEA T 1 43.53 -76.05 10.25
N THR T 2 45.59 -76.63 9.50
CA THR T 2 45.23 -78.03 9.24
C THR T 2 46.29 -79.10 9.57
N LEU T 3 47.31 -79.19 8.70
CA LEU T 3 48.09 -80.41 8.51
C LEU T 3 49.04 -80.76 9.67
N ILE T 4 48.53 -81.48 10.67
CA ILE T 4 49.35 -81.90 11.79
C ILE T 4 49.40 -83.44 11.96
N GLU T 5 48.50 -84.13 11.27
CA GLU T 5 48.43 -85.59 11.33
C GLU T 5 49.63 -86.23 10.62
N LEU T 6 50.04 -85.62 9.51
CA LEU T 6 51.22 -86.07 8.77
C LEU T 6 52.51 -85.71 9.50
N MET T 7 52.51 -84.55 10.14
CA MET T 7 53.69 -84.03 10.85
C MET T 7 53.98 -84.76 12.16
N ILE T 8 52.93 -85.10 12.90
CA ILE T 8 53.10 -85.82 14.17
C ILE T 8 53.42 -87.30 13.93
N VAL T 9 52.73 -87.92 12.98
CA VAL T 9 52.93 -89.35 12.68
C VAL T 9 54.28 -89.65 12.01
N ILE T 10 54.87 -88.67 11.33
CA ILE T 10 56.24 -88.81 10.83
C ILE T 10 57.25 -88.61 11.98
N ALA T 11 56.83 -87.88 13.01
CA ALA T 11 57.68 -87.59 14.16
C ALA T 11 57.48 -88.57 15.32
N ILE T 12 56.45 -89.40 15.25
CA ILE T 12 56.28 -90.50 16.21
C ILE T 12 57.00 -91.76 15.75
N VAL T 13 57.12 -91.94 14.44
CA VAL T 13 57.89 -93.04 13.86
C VAL T 13 59.38 -92.76 14.00
N GLY T 14 59.74 -91.47 13.94
CA GLY T 14 61.10 -91.03 14.18
C GLY T 14 61.56 -91.29 15.60
N ILE T 15 60.71 -90.95 16.57
CA ILE T 15 61.00 -91.21 17.98
C ILE T 15 60.81 -92.68 18.36
N LEU T 16 59.99 -93.39 17.58
CA LEU T 16 59.79 -94.83 17.76
C LEU T 16 61.06 -95.59 17.40
N ALA T 17 61.76 -95.12 16.37
CA ALA T 17 63.04 -95.69 15.96
C ALA T 17 64.13 -95.42 17.00
N ALA T 18 64.06 -94.25 17.65
CA ALA T 18 65.00 -93.87 18.70
C ALA T 18 64.80 -94.70 19.97
N VAL T 19 63.56 -95.10 20.23
CA VAL T 19 63.25 -95.98 21.36
C VAL T 19 63.56 -97.44 21.00
N ALA T 20 63.35 -97.80 19.74
CA ALA T 20 63.67 -99.13 19.25
C ALA T 20 65.15 -99.31 18.94
N LEU T 21 65.91 -98.23 19.05
CA LEU T 21 67.34 -98.22 18.74
C LEU T 21 68.19 -98.99 19.77
N PRO T 22 68.07 -98.69 21.07
CA PRO T 22 68.86 -99.40 22.09
C PRO T 22 68.42 -100.85 22.30
N ALA T 23 67.15 -101.17 22.02
CA ALA T 23 66.64 -102.53 22.16
C ALA T 23 67.23 -103.45 21.10
N TYR T 24 67.28 -102.97 19.86
CA TYR T 24 67.87 -103.70 18.74
C TYR T 24 69.39 -103.71 18.83
N GLN T 25 69.95 -102.62 19.37
CA GLN T 25 71.39 -102.54 19.66
C GLN T 25 71.81 -103.41 20.83
N ASP T 26 70.87 -103.70 21.73
CA ASP T 26 71.67 -104.85 22.79
C ASP T 26 71.20 -106.23 22.36
N TYR T 27 70.02 -106.31 21.79
CA TYR T 27 69.52 -107.60 21.33
C TYR T 27 70.53 -108.03 20.29
N THR T 28 70.96 -107.06 19.52
CA THR T 28 71.92 -107.29 18.45
C THR T 28 73.27 -107.77 18.98
N ALA T 29 73.86 -107.02 19.91
CA ALA T 29 75.15 -107.38 20.47
C ALA T 29 75.08 -108.72 21.18
N ARG T 30 74.02 -108.91 21.94
CA ARG T 30 73.77 -110.11 22.69
C ARG T 30 73.69 -111.28 21.73
N ALA T 31 73.37 -110.97 20.47
CA ALA T 31 73.25 -112.00 19.43
C ALA T 31 74.62 -112.35 18.84
N GLN T 32 75.46 -111.32 18.71
CA GLN T 32 76.82 -111.45 18.17
C GLN T 32 77.75 -112.13 19.17
N VAL T 33 77.37 -112.12 20.44
CA VAL T 33 78.17 -112.75 21.47
C VAL T 33 77.78 -114.21 21.56
N SER T 34 76.49 -114.47 21.35
CA SER T 34 75.99 -115.84 21.42
C SER T 34 76.69 -116.73 20.41
N GLU T 35 77.34 -116.11 19.44
CA GLU T 35 78.05 -116.87 18.42
C GLU T 35 79.49 -117.08 18.80
N ALA T 36 80.08 -116.07 19.41
CA ALA T 36 81.45 -116.19 19.86
C ALA T 36 81.44 -117.42 20.76
N ILE T 37 80.32 -117.62 21.44
CA ILE T 37 80.18 -118.75 22.33
C ILE T 37 80.06 -120.06 21.56
N LEU T 38 79.39 -120.03 20.41
CA LEU T 38 79.22 -121.26 19.64
C LEU T 38 80.52 -121.62 18.96
N LEU T 39 81.30 -120.62 18.63
CA LEU T 39 82.57 -120.84 17.97
C LEU T 39 83.58 -121.34 19.00
N ALA T 40 83.40 -120.92 20.24
CA ALA T 40 84.29 -121.33 21.31
C ALA T 40 84.01 -122.80 21.61
N GLU T 41 82.74 -123.14 21.68
CA GLU T 41 82.36 -124.52 21.94
C GLU T 41 82.68 -125.36 20.71
N GLY T 42 82.40 -126.66 20.77
CA GLY T 42 82.68 -127.51 19.62
C GLY T 42 84.18 -127.71 19.46
N GLN T 43 84.89 -127.03 20.36
CA GLN T 43 86.33 -127.11 20.41
C GLN T 43 86.59 -127.64 21.81
N LYS T 44 85.49 -127.94 22.49
CA LYS T 44 85.56 -128.49 23.82
C LYS T 44 85.98 -129.93 23.60
N SER T 45 85.40 -130.53 22.56
CA SER T 45 85.70 -131.91 22.19
C SER T 45 87.19 -132.17 22.12
N ALA T 46 87.87 -131.41 21.26
CA ALA T 46 89.31 -131.58 21.13
C ALA T 46 89.98 -131.45 22.49
N VAL T 47 89.71 -130.35 23.18
CA VAL T 47 90.30 -130.09 24.47
C VAL T 47 89.99 -131.16 25.52
N THR T 48 88.75 -131.63 25.55
CA THR T 48 88.38 -132.65 26.51
C THR T 48 89.17 -133.93 26.24
N GLU T 49 89.12 -134.38 25.00
CA GLU T 49 89.83 -135.59 24.65
C GLU T 49 91.31 -135.43 25.00
N TYR T 50 91.94 -134.35 24.52
CA TYR T 50 93.36 -134.18 24.82
C TYR T 50 93.64 -134.33 26.32
N TYR T 51 92.84 -133.70 27.16
CA TYR T 51 93.03 -133.81 28.60
C TYR T 51 92.84 -135.23 29.17
N LEU T 52 91.71 -135.86 28.84
CA LEU T 52 91.44 -137.22 29.33
C LEU T 52 92.45 -138.24 28.81
N ASN T 53 92.93 -138.08 27.58
CA ASN T 53 93.90 -139.02 27.04
C ASN T 53 95.30 -138.81 27.62
N HIS T 54 95.66 -137.57 27.93
CA HIS T 54 97.01 -137.31 28.44
C HIS T 54 97.12 -136.79 29.88
N GLY T 55 96.04 -136.24 30.41
CA GLY T 55 96.11 -135.74 31.77
C GLY T 55 96.75 -134.37 31.85
N LYS T 56 96.96 -133.73 30.70
CA LYS T 56 97.54 -132.39 30.61
C LYS T 56 96.66 -131.60 29.66
N TRP T 57 96.43 -130.32 29.95
CA TRP T 57 95.59 -129.48 29.08
C TRP T 57 96.36 -129.10 27.83
N PRO T 58 95.68 -129.08 26.68
CA PRO T 58 96.37 -128.72 25.42
C PRO T 58 96.93 -127.30 25.50
N GLU T 59 98.24 -127.17 25.25
CA GLU T 59 98.89 -125.86 25.33
C GLU T 59 98.38 -124.83 24.33
N ASN T 60 98.11 -125.29 23.12
CA ASN T 60 97.62 -124.40 22.06
C ASN T 60 96.75 -125.15 21.06
N ASN T 61 96.18 -124.42 20.11
CA ASN T 61 95.31 -125.03 19.11
C ASN T 61 95.85 -126.29 18.46
N THR T 62 97.11 -126.24 18.05
CA THR T 62 97.75 -127.38 17.39
C THR T 62 97.78 -128.58 18.31
N SER T 63 98.09 -128.35 19.58
CA SER T 63 98.10 -129.43 20.54
C SER T 63 96.72 -130.03 20.61
N ALA T 64 95.70 -129.18 20.69
CA ALA T 64 94.32 -129.66 20.78
C ALA T 64 93.87 -130.31 19.48
N GLY T 65 94.66 -130.12 18.43
CA GLY T 65 94.31 -130.71 17.16
C GLY T 65 93.21 -129.91 16.49
N VAL T 66 93.45 -128.60 16.34
CA VAL T 66 92.49 -127.72 15.69
C VAL T 66 93.27 -126.72 14.88
N ALA T 67 92.61 -126.05 13.95
CA ALA T 67 93.25 -125.07 13.09
C ALA T 67 94.42 -124.45 13.84
N SER T 68 95.62 -124.94 13.53
CA SER T 68 96.84 -124.50 14.17
C SER T 68 96.90 -122.98 14.30
N SER T 69 96.08 -122.28 13.52
CA SER T 69 96.09 -120.83 13.53
C SER T 69 94.82 -120.27 14.19
N PRO T 70 94.96 -119.52 15.31
CA PRO T 70 93.79 -118.95 16.01
C PRO T 70 92.86 -118.25 15.04
N THR T 71 93.45 -117.46 14.15
CA THR T 71 92.72 -116.70 13.15
C THR T 71 91.96 -117.59 12.17
N ASP T 72 92.22 -118.88 12.21
CA ASP T 72 91.53 -119.78 11.30
C ASP T 72 90.21 -120.25 11.92
N ILE T 73 89.97 -119.85 13.17
CA ILE T 73 88.73 -120.21 13.87
C ILE T 73 87.92 -118.94 14.14
N LYS T 74 87.82 -118.10 13.11
CA LYS T 74 87.09 -116.85 13.21
C LYS T 74 85.69 -116.98 12.63
N GLY T 75 84.95 -115.89 12.72
CA GLY T 75 83.60 -115.84 12.21
C GLY T 75 83.25 -114.45 11.71
N LYS T 76 81.95 -114.17 11.70
CA LYS T 76 81.44 -112.87 11.26
C LYS T 76 81.74 -111.80 12.30
N TYR T 77 81.50 -112.14 13.56
CA TYR T 77 81.73 -111.23 14.66
C TYR T 77 82.93 -111.71 15.45
N VAL T 78 83.39 -112.90 15.12
CA VAL T 78 84.52 -113.49 15.81
C VAL T 78 85.79 -113.35 15.00
N LYS T 79 86.77 -112.67 15.59
CA LYS T 79 88.04 -112.46 14.93
C LYS T 79 88.94 -113.68 15.11
N GLU T 80 88.57 -114.56 16.05
CA GLU T 80 89.33 -115.78 16.31
C GLU T 80 88.91 -116.55 17.57
N VAL T 81 89.64 -117.64 17.81
CA VAL T 81 89.42 -118.51 18.94
C VAL T 81 90.75 -119.22 19.19
N GLU T 82 91.34 -118.94 20.35
CA GLU T 82 92.61 -119.52 20.73
C GLU T 82 92.49 -120.42 21.95
N VAL T 83 93.22 -121.53 21.91
CA VAL T 83 93.25 -122.48 23.00
C VAL T 83 94.56 -122.22 23.69
N LYS T 84 94.48 -121.85 24.96
CA LYS T 84 95.68 -121.57 25.73
C LYS T 84 95.60 -122.37 27.03
N ASN T 85 96.28 -123.52 27.03
CA ASN T 85 96.31 -124.44 28.16
C ASN T 85 94.91 -124.92 28.53
N GLY T 86 94.19 -125.42 27.53
CA GLY T 86 92.84 -125.91 27.75
C GLY T 86 91.76 -124.85 27.78
N VAL T 87 92.15 -123.60 28.03
CA VAL T 87 91.21 -122.49 28.06
C VAL T 87 90.98 -122.03 26.63
N VAL T 88 89.73 -121.94 26.22
CA VAL T 88 89.43 -121.51 24.87
C VAL T 88 88.79 -120.14 24.93
N THR T 89 89.47 -119.15 24.37
CA THR T 89 89.01 -117.77 24.36
C THR T 89 88.53 -117.34 22.97
N ALA T 90 87.41 -116.62 22.91
CA ALA T 90 86.90 -116.17 21.62
C ALA T 90 86.95 -114.66 21.55
N THR T 91 87.58 -114.13 20.49
CA THR T 91 87.67 -112.68 20.32
C THR T 91 86.65 -112.16 19.32
N MET T 92 86.05 -111.03 19.67
CA MET T 92 85.05 -110.39 18.83
C MET T 92 85.76 -109.54 17.78
N LEU T 93 85.35 -109.69 16.53
CA LEU T 93 85.93 -108.94 15.42
C LEU T 93 85.89 -107.44 15.76
N SER T 94 86.22 -106.61 14.78
CA SER T 94 86.18 -105.17 14.96
C SER T 94 85.17 -104.59 14.00
N SER T 95 84.81 -105.36 12.98
CA SER T 95 83.84 -104.93 11.97
C SER T 95 82.63 -105.86 11.94
N GLY T 96 81.44 -105.26 11.96
CA GLY T 96 80.21 -106.04 11.91
C GLY T 96 79.59 -106.32 13.26
N VAL T 97 80.13 -105.70 14.31
CA VAL T 97 79.59 -105.91 15.66
C VAL T 97 78.99 -104.65 16.32
N ASN T 98 78.48 -104.82 17.52
CA ASN T 98 77.85 -103.74 18.28
C ASN T 98 78.70 -102.47 18.24
N ASN T 99 79.41 -102.22 19.34
CA ASN T 99 80.24 -101.04 19.45
C ASN T 99 81.00 -101.11 20.76
N GLU T 100 80.37 -101.71 21.77
CA GLU T 100 81.01 -101.83 23.06
C GLU T 100 81.37 -103.28 23.32
N ILE T 101 81.45 -104.07 22.25
CA ILE T 101 81.81 -105.48 22.40
C ILE T 101 82.89 -105.95 21.41
N LYS T 102 83.26 -105.11 20.45
CA LYS T 102 84.28 -105.50 19.48
C LYS T 102 85.67 -105.56 20.10
N GLY T 103 86.47 -106.49 19.61
CA GLY T 103 87.81 -106.68 20.14
C GLY T 103 87.68 -107.22 21.55
N LYS T 104 86.46 -107.54 21.96
CA LYS T 104 86.25 -108.05 23.31
C LYS T 104 86.08 -109.56 23.26
N LYS T 105 86.39 -110.24 24.36
CA LYS T 105 86.28 -111.68 24.36
C LYS T 105 85.83 -112.39 25.64
N LEU T 106 85.56 -113.69 25.49
CA LEU T 106 85.14 -114.55 26.60
C LEU T 106 85.99 -115.84 26.60
N SER T 107 85.79 -116.68 27.61
CA SER T 107 86.56 -117.91 27.70
C SER T 107 85.74 -119.09 28.18
N LEU T 108 86.18 -120.27 27.78
CA LEU T 108 85.57 -121.51 28.15
C LEU T 108 86.74 -122.26 28.73
N TRP T 109 86.57 -122.84 29.91
CA TRP T 109 87.65 -123.57 30.52
C TRP T 109 87.01 -124.73 31.23
N ALA T 110 87.78 -125.74 31.54
CA ALA T 110 87.22 -126.89 32.19
C ALA T 110 87.93 -127.22 33.47
N ARG T 111 87.40 -128.22 34.16
CA ARG T 111 87.98 -128.64 35.41
C ARG T 111 87.94 -130.15 35.51
N ARG T 112 89.01 -130.72 36.03
CA ARG T 112 89.10 -132.16 36.21
C ARG T 112 88.01 -132.63 37.16
N GLU T 113 87.17 -133.56 36.71
CA GLU T 113 86.16 -134.10 37.59
C GLU T 113 86.70 -135.41 38.12
N ASN T 114 87.76 -135.88 37.47
CA ASN T 114 88.42 -137.14 37.79
C ASN T 114 87.68 -138.21 37.01
N GLY T 115 88.16 -138.50 35.81
CA GLY T 115 87.52 -139.48 34.96
C GLY T 115 86.73 -138.76 33.88
N SER T 116 86.52 -137.47 34.10
CA SER T 116 85.79 -136.61 33.17
C SER T 116 86.05 -135.16 33.60
N VAL T 117 85.53 -134.22 32.83
CA VAL T 117 85.70 -132.81 33.17
C VAL T 117 84.37 -132.07 33.01
N LYS T 118 84.28 -130.90 33.64
CA LYS T 118 83.09 -130.09 33.53
C LYS T 118 83.51 -128.73 32.94
N TRP T 119 82.70 -128.21 32.02
CA TRP T 119 83.02 -126.94 31.38
C TRP T 119 82.31 -125.71 31.93
N PHE T 120 83.00 -124.58 31.85
CA PHE T 120 82.47 -123.32 32.33
C PHE T 120 82.53 -122.35 31.17
N CYS T 121 81.74 -121.30 31.26
CA CYS T 121 81.68 -120.28 30.22
C CYS T 121 81.52 -118.93 30.89
N GLY T 122 82.38 -117.98 30.54
CA GLY T 122 82.28 -116.67 31.16
C GLY T 122 83.26 -115.65 30.60
N GLN T 123 83.63 -114.68 31.42
CA GLN T 123 84.56 -113.65 31.01
C GLN T 123 85.98 -114.19 31.03
N PRO T 124 86.81 -113.78 30.07
CA PRO T 124 88.21 -114.20 29.91
C PRO T 124 88.91 -114.64 31.17
N VAL T 125 89.62 -115.75 31.07
CA VAL T 125 90.36 -116.28 32.21
C VAL T 125 91.70 -116.85 31.75
N THR T 126 92.65 -116.97 32.68
CA THR T 126 93.96 -117.50 32.35
C THR T 126 94.13 -118.76 33.17
N ARG T 127 94.86 -119.76 32.67
CA ARG T 127 95.05 -120.93 33.50
C ARG T 127 96.33 -120.79 34.33
N THR T 128 96.21 -121.10 35.61
CA THR T 128 97.33 -121.02 36.52
C THR T 128 97.95 -122.41 36.59
N ASP T 129 97.23 -123.34 37.20
CA ASP T 129 97.69 -124.72 37.28
C ASP T 129 96.63 -125.62 36.62
N ASP T 130 96.91 -126.92 36.55
CA ASP T 130 95.98 -127.83 35.85
C ASP T 130 94.55 -127.83 36.37
N ASP T 131 94.34 -127.22 37.52
CA ASP T 131 93.00 -127.19 38.07
C ASP T 131 92.64 -125.83 38.63
N THR T 132 93.21 -124.78 38.05
CA THR T 132 92.94 -123.44 38.51
C THR T 132 93.24 -122.40 37.45
N VAL T 133 92.28 -121.48 37.27
CA VAL T 133 92.39 -120.40 36.30
C VAL T 133 92.08 -119.12 37.06
N ALA T 134 92.25 -117.97 36.43
CA ALA T 134 91.97 -116.69 37.08
C ALA T 134 91.60 -115.64 36.07
N ASP T 135 90.89 -114.62 36.53
CA ASP T 135 90.43 -113.54 35.68
C ASP T 135 91.57 -112.97 34.87
N ALA T 136 91.38 -112.94 33.56
CA ALA T 136 92.38 -112.36 32.69
C ALA T 136 92.03 -110.87 32.73
N LYS T 137 91.97 -110.32 33.95
CA LYS T 137 91.65 -108.91 34.15
C LYS T 137 92.55 -108.03 33.29
N ASP T 138 91.97 -107.28 32.37
CA ASP T 138 92.76 -106.43 31.50
C ASP T 138 91.94 -105.34 30.82
N GLY T 139 90.62 -105.51 30.82
CA GLY T 139 89.74 -104.51 30.22
C GLY T 139 89.07 -104.85 28.89
N LYS T 140 89.38 -105.99 28.32
CA LYS T 140 88.78 -106.37 27.04
C LYS T 140 87.70 -107.47 27.17
N GLU T 141 87.22 -107.70 28.39
CA GLU T 141 86.19 -108.71 28.59
C GLU T 141 84.82 -108.23 28.13
N ILE T 142 84.06 -109.13 27.50
CA ILE T 142 82.73 -108.78 27.06
C ILE T 142 81.93 -108.54 28.34
N ASP T 143 81.26 -107.39 28.37
CA ASP T 143 80.45 -106.95 29.49
C ASP T 143 79.35 -107.91 29.89
N THR T 144 79.22 -108.14 31.19
CA THR T 144 78.20 -109.06 31.69
C THR T 144 76.83 -108.93 31.00
N LYS T 145 76.41 -107.71 30.71
CA LYS T 145 75.11 -107.54 30.09
C LYS T 145 74.96 -108.23 28.74
N HIS T 146 76.08 -108.48 28.06
CA HIS T 146 76.03 -109.13 26.75
C HIS T 146 76.16 -110.64 26.81
N LEU T 147 76.38 -111.18 28.00
CA LEU T 147 76.55 -112.61 28.14
C LEU T 147 75.29 -113.35 28.57
N PRO T 148 75.01 -114.48 27.91
CA PRO T 148 73.85 -115.32 28.20
C PRO T 148 73.81 -115.65 29.68
N SER T 149 72.69 -116.21 30.12
CA SER T 149 72.54 -116.61 31.52
C SER T 149 73.40 -117.87 31.73
N THR T 150 73.66 -118.59 30.65
CA THR T 150 74.44 -119.80 30.70
C THR T 150 75.93 -119.53 30.62
N CYS T 151 76.33 -118.27 30.55
CA CYS T 151 77.76 -117.97 30.46
C CYS T 151 78.13 -116.86 31.43
N ARG T 152 77.68 -117.02 32.67
CA ARG T 152 77.97 -116.05 33.72
C ARG T 152 78.95 -116.65 34.72
N ASP T 153 79.71 -117.68 34.34
CA ASP T 153 80.64 -118.32 35.27
C ASP T 153 81.86 -117.50 35.72
N ASN T 154 82.17 -117.58 37.01
CA ASN T 154 83.31 -116.91 37.62
C ASN T 154 84.55 -117.81 37.62
N PHE T 155 85.72 -117.19 37.64
CA PHE T 155 86.97 -117.91 37.61
C PHE T 155 87.01 -119.07 38.60
N ASP T 156 86.33 -118.94 39.75
CA ASP T 156 86.36 -120.01 40.74
C ASP T 156 85.12 -120.90 40.80
N ALA T 157 84.34 -120.90 39.73
CA ALA T 157 83.15 -121.73 39.69
C ALA T 157 83.58 -123.18 39.79
N LYS T 158 82.83 -124.00 40.52
CA LYS T 158 83.18 -125.41 40.61
C LYS T 158 81.97 -126.22 40.20
N MEA U 1 46.38 -85.20 18.36
CA MEA U 1 46.55 -84.63 17.00
C MEA U 1 47.44 -85.46 16.09
O MEA U 1 47.26 -85.46 14.86
N THR U 2 48.39 -86.21 16.68
CA THR U 2 49.43 -86.89 15.89
C THR U 2 49.94 -88.25 16.41
N LEU U 3 50.76 -88.20 17.46
CA LEU U 3 51.73 -89.24 17.78
C LEU U 3 51.14 -90.53 18.33
N ILE U 4 50.75 -91.44 17.43
CA ILE U 4 50.22 -92.74 17.85
C ILE U 4 51.03 -93.92 17.31
N GLU U 5 51.91 -93.66 16.35
CA GLU U 5 52.77 -94.69 15.75
C GLU U 5 53.82 -95.16 16.75
N LEU U 6 54.35 -94.24 17.54
CA LEU U 6 55.32 -94.56 18.58
C LEU U 6 54.65 -95.25 19.77
N MET U 7 53.43 -94.82 20.08
CA MET U 7 52.68 -95.32 21.23
C MET U 7 52.13 -96.74 21.00
N ILE U 8 51.66 -97.02 19.79
CA ILE U 8 51.14 -98.35 19.47
C ILE U 8 52.26 -99.37 19.27
N VAL U 9 53.32 -98.97 18.58
CA VAL U 9 54.46 -99.87 18.31
C VAL U 9 55.29 -100.20 19.55
N ILE U 10 55.27 -99.32 20.56
CA ILE U 10 55.88 -99.65 21.86
C ILE U 10 54.96 -100.60 22.65
N ALA U 11 53.66 -100.54 22.35
CA ALA U 11 52.66 -101.35 23.04
C ALA U 11 52.34 -102.66 22.31
N ILE U 12 52.82 -102.80 21.07
CA ILE U 12 52.72 -104.08 20.36
C ILE U 12 53.93 -104.97 20.65
N VAL U 13 55.07 -104.36 20.92
CA VAL U 13 56.28 -105.08 21.32
C VAL U 13 56.13 -105.54 22.78
N GLY U 14 55.43 -104.74 23.57
CA GLY U 14 55.09 -105.09 24.95
C GLY U 14 54.18 -106.31 25.02
N ILE U 15 53.13 -106.32 24.21
CA ILE U 15 52.22 -107.46 24.14
C ILE U 15 52.82 -108.64 23.37
N LEU U 16 53.79 -108.37 22.49
CA LEU U 16 54.51 -109.40 21.76
C LEU U 16 55.37 -110.21 22.73
N ALA U 17 55.96 -109.53 23.71
CA ALA U 17 56.75 -110.17 24.75
C ALA U 17 55.88 -111.03 25.66
N ALA U 18 54.65 -110.58 25.91
CA ALA U 18 53.69 -111.30 26.72
C ALA U 18 53.18 -112.58 26.03
N VAL U 19 53.10 -112.54 24.71
CA VAL U 19 52.73 -113.70 23.90
C VAL U 19 53.93 -114.63 23.72
N ALA U 20 55.13 -114.04 23.63
CA ALA U 20 56.37 -114.81 23.52
C ALA U 20 56.86 -115.32 24.88
N LEU U 21 56.17 -114.91 25.94
CA LEU U 21 56.54 -115.28 27.31
C LEU U 21 56.31 -116.76 27.64
N PRO U 22 55.09 -117.29 27.41
CA PRO U 22 54.80 -118.70 27.71
C PRO U 22 55.49 -119.68 26.74
N ALA U 23 55.78 -119.24 25.52
CA ALA U 23 56.47 -120.07 24.53
C ALA U 23 57.93 -120.32 24.93
N TYR U 24 58.60 -119.25 25.36
CA TYR U 24 59.98 -119.33 25.83
C TYR U 24 60.06 -119.98 27.21
N GLN U 25 59.02 -119.75 28.03
CA GLN U 25 58.88 -120.42 29.32
C GLN U 25 58.54 -121.90 29.18
N ASP U 26 57.93 -122.27 28.07
CA ASP U 26 57.89 -124.03 28.22
C ASP U 26 59.02 -124.56 27.37
N TYR U 27 59.41 -123.82 26.34
CA TYR U 27 60.51 -124.24 25.50
C TYR U 27 61.68 -124.32 26.46
N THR U 28 61.73 -123.34 27.33
CA THR U 28 62.80 -123.24 28.31
C THR U 28 62.81 -124.41 29.28
N ALA U 29 61.68 -124.66 29.93
CA ALA U 29 61.58 -125.75 30.90
C ALA U 29 61.86 -127.09 30.22
N ARG U 30 61.27 -127.26 29.06
CA ARG U 30 61.41 -128.47 28.27
C ARG U 30 62.87 -128.68 27.94
N ALA U 31 63.64 -127.59 27.98
CA ALA U 31 65.07 -127.64 27.68
C ALA U 31 65.87 -128.05 28.92
N GLN U 32 65.42 -127.57 30.08
CA GLN U 32 66.06 -127.87 31.35
C GLN U 32 65.78 -129.31 31.80
N VAL U 33 64.75 -129.91 31.24
CA VAL U 33 64.40 -131.28 31.57
C VAL U 33 65.19 -132.21 30.67
N SER U 34 65.40 -131.77 29.43
CA SER U 34 66.14 -132.58 28.47
C SER U 34 67.55 -132.87 28.97
N GLU U 35 67.98 -132.11 29.96
CA GLU U 35 69.31 -132.29 30.51
C GLU U 35 69.28 -133.22 31.69
N ALA U 36 68.24 -133.11 32.48
CA ALA U 36 68.09 -133.99 33.62
C ALA U 36 68.14 -135.39 33.03
N ILE U 37 67.64 -135.51 31.81
CA ILE U 37 67.62 -136.78 31.11
C ILE U 37 69.02 -137.19 30.67
N LEU U 38 69.83 -136.22 30.26
CA LEU U 38 71.18 -136.55 29.80
C LEU U 38 72.05 -136.91 30.97
N LEU U 39 71.77 -136.29 32.12
CA LEU U 39 72.54 -136.56 33.31
C LEU U 39 72.15 -137.91 33.89
N ALA U 40 70.90 -138.29 33.66
CA ALA U 40 70.40 -139.56 34.14
C ALA U 40 71.04 -140.66 33.31
N GLU U 41 71.08 -140.46 32.01
CA GLU U 41 71.69 -141.44 31.11
C GLU U 41 73.19 -141.41 31.32
N GLY U 42 73.92 -142.25 30.59
CA GLY U 42 75.38 -142.27 30.73
C GLY U 42 75.76 -142.89 32.07
N GLN U 43 74.71 -143.21 32.81
CA GLN U 43 74.85 -143.86 34.09
C GLN U 43 74.11 -145.17 33.90
N LYS U 44 73.66 -145.37 32.67
CA LYS U 44 72.97 -146.58 32.31
C LYS U 44 74.06 -147.61 32.20
N SER U 45 75.19 -147.19 31.65
CA SER U 45 76.35 -148.05 31.48
C SER U 45 76.71 -148.77 32.78
N ALA U 46 76.98 -147.99 33.82
CA ALA U 46 77.33 -148.57 35.10
C ALA U 46 76.25 -149.56 35.54
N VAL U 47 75.01 -149.10 35.55
CA VAL U 47 73.89 -149.92 35.98
C VAL U 47 73.70 -151.18 35.13
N THR U 48 73.86 -151.05 33.82
CA THR U 48 73.70 -152.20 32.94
C THR U 48 74.77 -153.24 33.25
N GLU U 49 76.01 -152.79 33.27
CA GLU U 49 77.09 -153.69 33.54
C GLU U 49 76.87 -154.37 34.89
N TYR U 50 76.64 -153.57 35.94
CA TYR U 50 76.43 -154.18 37.25
C TYR U 50 75.39 -155.29 37.19
N TYR U 51 74.26 -155.04 36.54
CA TYR U 51 73.21 -156.06 36.43
C TYR U 51 73.63 -157.32 35.66
N LEU U 52 74.17 -157.13 34.45
CA LEU U 52 74.61 -158.27 33.64
C LEU U 52 75.73 -159.07 34.29
N ASN U 53 76.63 -158.39 34.98
CA ASN U 53 77.73 -159.11 35.63
C ASN U 53 77.28 -159.84 36.89
N HIS U 54 76.31 -159.30 37.62
CA HIS U 54 75.88 -159.94 38.85
C HIS U 54 74.45 -160.49 38.90
N GLY U 55 73.59 -160.01 38.02
CA GLY U 55 72.22 -160.50 38.03
C GLY U 55 71.37 -159.84 39.10
N LYS U 56 71.90 -158.78 39.71
CA LYS U 56 71.20 -158.01 40.74
C LYS U 56 71.38 -156.54 40.37
N TRP U 57 70.34 -155.72 40.58
CA TRP U 57 70.42 -154.30 40.26
C TRP U 57 71.24 -153.57 41.31
N PRO U 58 72.07 -152.61 40.89
CA PRO U 58 72.88 -151.87 41.88
C PRO U 58 72.00 -151.14 42.89
N GLU U 59 72.23 -151.40 44.17
CA GLU U 59 71.43 -150.78 45.23
C GLU U 59 71.53 -149.27 45.29
N ASN U 60 72.74 -148.75 45.09
CA ASN U 60 72.97 -147.31 45.15
C ASN U 60 74.13 -146.89 44.26
N ASN U 61 74.37 -145.60 44.15
CA ASN U 61 75.44 -145.08 43.30
C ASN U 61 76.78 -145.79 43.45
N THR U 62 77.20 -145.99 44.70
CA THR U 62 78.47 -146.64 44.99
C THR U 62 78.49 -148.05 44.43
N SER U 63 77.38 -148.76 44.59
CA SER U 63 77.30 -150.10 44.04
C SER U 63 77.49 -150.04 42.54
N ALA U 64 76.80 -149.09 41.90
CA ALA U 64 76.89 -148.95 40.45
C ALA U 64 78.27 -148.46 40.02
N GLY U 65 79.04 -148.00 40.99
CA GLY U 65 80.37 -147.51 40.69
C GLY U 65 80.29 -146.12 40.08
N VAL U 66 79.63 -145.21 40.79
CA VAL U 66 79.50 -143.84 40.33
C VAL U 66 79.60 -142.95 41.55
N ALA U 67 79.85 -141.66 41.33
CA ALA U 67 79.98 -140.72 42.43
C ALA U 67 79.13 -141.18 43.59
N SER U 68 79.79 -141.80 44.57
CA SER U 68 79.11 -142.34 45.74
C SER U 68 78.09 -141.39 46.32
N SER U 69 78.19 -140.11 45.95
CA SER U 69 77.29 -139.10 46.47
C SER U 69 76.31 -138.61 45.40
N PRO U 70 74.99 -138.81 45.60
CA PRO U 70 73.98 -138.38 44.63
C PRO U 70 74.22 -136.95 44.17
N THR U 71 74.48 -136.09 45.16
CA THR U 71 74.73 -134.67 44.93
C THR U 71 75.96 -134.42 44.09
N ASP U 72 76.75 -135.45 43.85
CA ASP U 72 77.94 -135.27 43.05
C ASP U 72 77.63 -135.46 41.56
N ILE U 73 76.39 -135.83 41.28
CA ILE U 73 75.94 -136.02 39.89
C ILE U 73 74.88 -134.98 39.55
N LYS U 74 75.16 -133.75 39.94
CA LYS U 74 74.24 -132.64 39.69
C LYS U 74 74.63 -131.85 38.47
N GLY U 75 73.81 -130.85 38.16
CA GLY U 75 74.07 -129.99 37.03
C GLY U 75 73.56 -128.58 37.29
N LYS U 76 73.26 -127.87 36.22
CA LYS U 76 72.77 -126.51 36.28
C LYS U 76 71.32 -126.49 36.75
N TYR U 77 70.52 -127.40 36.20
CA TYR U 77 69.12 -127.50 36.55
C TYR U 77 68.91 -128.78 37.34
N VAL U 78 69.96 -129.59 37.40
CA VAL U 78 69.89 -130.86 38.10
C VAL U 78 70.55 -130.76 39.45
N LYS U 79 69.76 -131.01 40.49
CA LYS U 79 70.27 -130.97 41.86
C LYS U 79 70.97 -132.27 42.21
N GLU U 80 70.74 -133.31 41.40
CA GLU U 80 71.36 -134.62 41.61
C GLU U 80 70.82 -135.75 40.74
N VAL U 81 71.36 -136.94 40.97
CA VAL U 81 71.00 -138.14 40.26
C VAL U 81 71.37 -139.31 41.18
N GLU U 82 70.35 -140.03 41.62
CA GLU U 82 70.52 -141.15 42.53
C GLU U 82 70.11 -142.47 41.88
N VAL U 83 70.90 -143.50 42.16
CA VAL U 83 70.64 -144.83 41.65
C VAL U 83 70.06 -145.57 42.83
N LYS U 84 68.83 -146.05 42.68
CA LYS U 84 68.17 -146.78 43.75
C LYS U 84 67.64 -148.08 43.18
N ASN U 85 68.41 -149.14 43.39
CA ASN U 85 68.10 -150.49 42.88
C ASN U 85 67.98 -150.51 41.36
N GLY U 86 68.99 -149.97 40.69
CA GLY U 86 69.00 -149.94 39.24
C GLY U 86 68.21 -148.80 38.63
N VAL U 87 67.29 -148.21 39.39
CA VAL U 87 66.49 -147.09 38.93
C VAL U 87 67.31 -145.83 39.12
N VAL U 88 67.46 -145.03 38.07
CA VAL U 88 68.22 -143.81 38.18
C VAL U 88 67.26 -142.63 38.07
N THR U 89 67.15 -141.86 39.15
CA THR U 89 66.26 -140.71 39.22
C THR U 89 67.03 -139.40 39.17
N ALA U 90 66.53 -138.43 38.42
CA ALA U 90 67.22 -137.14 38.33
C ALA U 90 66.35 -136.05 38.93
N THR U 91 66.91 -135.28 39.88
CA THR U 91 66.17 -134.21 40.51
C THR U 91 66.52 -132.85 39.94
N MET U 92 65.49 -132.03 39.73
CA MET U 92 65.66 -130.70 39.19
C MET U 92 66.03 -129.74 40.33
N LEU U 93 67.06 -128.94 40.11
CA LEU U 93 67.51 -127.97 41.10
C LEU U 93 66.33 -127.10 41.53
N SER U 94 66.61 -126.07 42.31
CA SER U 94 65.58 -125.15 42.76
C SER U 94 65.87 -123.78 42.19
N SER U 95 67.12 -123.58 41.77
CA SER U 95 67.55 -122.30 41.21
C SER U 95 68.03 -122.46 39.76
N GLY U 96 67.54 -121.59 38.89
CA GLY U 96 67.94 -121.64 37.49
C GLY U 96 66.98 -122.39 36.58
N VAL U 97 65.84 -122.80 37.12
CA VAL U 97 64.87 -123.55 36.32
C VAL U 97 63.52 -122.83 36.11
N ASN U 98 62.62 -123.48 35.37
CA ASN U 98 61.31 -122.92 35.06
C ASN U 98 60.64 -122.35 36.29
N ASN U 99 59.70 -123.10 36.86
CA ASN U 99 58.96 -122.65 38.02
C ASN U 99 58.05 -123.79 38.46
N GLU U 100 57.57 -124.57 37.49
CA GLU U 100 56.70 -125.68 37.82
C GLU U 100 57.43 -126.99 37.59
N ILE U 101 58.75 -126.93 37.56
CA ILE U 101 59.54 -128.14 37.37
C ILE U 101 60.70 -128.30 38.36
N LYS U 102 60.96 -127.27 39.16
CA LYS U 102 62.07 -127.36 40.12
C LYS U 102 61.75 -128.32 41.26
N GLY U 103 62.79 -128.98 41.75
CA GLY U 103 62.62 -129.94 42.82
C GLY U 103 61.83 -131.11 42.27
N LYS U 104 61.59 -131.12 40.96
CA LYS U 104 60.85 -132.21 40.36
C LYS U 104 61.80 -133.17 39.67
N LYS U 105 61.38 -134.42 39.52
CA LYS U 105 62.26 -135.40 38.91
C LYS U 105 61.64 -136.49 38.01
N LEU U 106 62.53 -137.21 37.33
CA LEU U 106 62.18 -138.30 36.44
C LEU U 106 63.04 -139.54 36.76
N SER U 107 62.76 -140.66 36.11
CA SER U 107 63.52 -141.88 36.36
C SER U 107 63.78 -142.67 35.09
N LEU U 108 64.86 -143.43 35.15
CA LEU U 108 65.28 -144.29 34.07
C LEU U 108 65.41 -145.61 34.78
N TRP U 109 64.82 -146.65 34.22
CA TRP U 109 64.89 -147.96 34.84
C TRP U 109 64.99 -148.93 33.72
N ALA U 110 65.45 -150.14 34.02
CA ALA U 110 65.60 -151.11 32.97
C ALA U 110 64.87 -152.38 33.29
N ARG U 111 64.89 -153.30 32.33
CA ARG U 111 64.22 -154.57 32.49
C ARG U 111 65.08 -155.66 31.90
N ARG U 112 65.12 -156.79 32.58
CA ARG U 112 65.88 -157.94 32.12
C ARG U 112 65.32 -158.42 30.78
N GLU U 113 66.17 -158.48 29.76
CA GLU U 113 65.71 -159.00 28.49
C GLU U 113 66.17 -160.44 28.42
N ASN U 114 67.06 -160.79 29.35
CA ASN U 114 67.65 -162.12 29.45
C ASN U 114 68.85 -162.12 28.50
N GLY U 115 70.00 -161.79 29.06
CA GLY U 115 71.22 -161.72 28.25
C GLY U 115 71.54 -160.26 27.97
N SER U 116 70.55 -159.41 28.20
CA SER U 116 70.68 -157.97 28.01
C SER U 116 69.48 -157.31 28.69
N VAL U 117 69.45 -155.99 28.69
CA VAL U 117 68.33 -155.27 29.29
C VAL U 117 67.87 -154.15 28.35
N LYS U 118 66.65 -153.67 28.59
CA LYS U 118 66.12 -152.56 27.81
C LYS U 118 65.79 -151.42 28.78
N TRP U 119 66.12 -150.19 28.38
CA TRP U 119 65.87 -149.04 29.24
C TRP U 119 64.60 -148.23 28.94
N PHE U 120 64.04 -147.67 29.99
CA PHE U 120 62.83 -146.86 29.88
C PHE U 120 63.15 -145.52 30.47
N CYS U 121 62.34 -144.53 30.11
CA CYS U 121 62.53 -143.16 30.60
C CYS U 121 61.16 -142.56 30.82
N GLY U 122 60.93 -142.00 32.01
CA GLY U 122 59.63 -141.43 32.28
C GLY U 122 59.53 -140.76 33.64
N GLN U 123 58.33 -140.71 34.19
CA GLN U 123 58.10 -140.10 35.48
C GLN U 123 58.56 -141.04 36.58
N PRO U 124 59.13 -140.50 37.66
CA PRO U 124 59.65 -141.24 38.82
C PRO U 124 59.00 -142.56 39.09
N VAL U 125 59.84 -143.56 39.37
CA VAL U 125 59.34 -144.90 39.66
C VAL U 125 60.18 -145.55 40.76
N THR U 126 59.61 -146.54 41.43
CA THR U 126 60.32 -147.24 42.50
C THR U 126 60.47 -148.67 42.07
N ARG U 127 61.54 -149.35 42.46
CA ARG U 127 61.64 -150.75 42.08
C ARG U 127 61.03 -151.63 43.15
N THR U 128 60.20 -152.58 42.72
CA THR U 128 59.56 -153.49 43.61
C THR U 128 60.41 -154.75 43.68
N ASP U 129 60.45 -155.49 42.57
CA ASP U 129 61.27 -156.68 42.49
C ASP U 129 62.25 -156.52 41.30
N ASP U 130 63.13 -157.49 41.10
CA ASP U 130 64.14 -157.35 40.06
C ASP U 130 63.61 -157.11 38.65
N ASP U 131 62.31 -157.28 38.47
CA ASP U 131 61.74 -157.08 37.16
C ASP U 131 60.42 -156.33 37.22
N THR U 132 60.29 -155.46 38.22
CA THR U 132 59.07 -154.69 38.37
C THR U 132 59.29 -153.44 39.20
N VAL U 133 58.79 -152.32 38.68
CA VAL U 133 58.87 -151.03 39.34
C VAL U 133 57.46 -150.46 39.39
N ALA U 134 57.27 -149.34 40.06
CA ALA U 134 55.94 -148.73 40.16
C ALA U 134 56.04 -147.24 40.36
N ASP U 135 54.98 -146.53 39.99
CA ASP U 135 54.95 -145.09 40.11
C ASP U 135 55.34 -144.64 41.50
N ALA U 136 56.32 -143.76 41.56
CA ALA U 136 56.74 -143.21 42.83
C ALA U 136 55.76 -142.07 43.04
N LYS U 137 54.46 -142.38 42.98
CA LYS U 137 53.40 -141.38 43.15
C LYS U 137 53.61 -140.60 44.44
N ASP U 138 53.82 -139.30 44.33
CA ASP U 138 54.06 -138.50 45.52
C ASP U 138 53.84 -137.01 45.26
N GLY U 139 53.81 -136.61 43.99
CA GLY U 139 53.58 -135.21 43.65
C GLY U 139 54.76 -134.39 43.14
N LYS U 140 55.95 -134.97 43.11
CA LYS U 140 57.12 -134.24 42.64
C LYS U 140 57.60 -134.68 41.23
N GLU U 141 56.74 -135.37 40.50
CA GLU U 141 57.10 -135.81 39.16
C GLU U 141 57.05 -134.68 38.16
N ILE U 142 58.02 -134.64 37.25
CA ILE U 142 58.02 -133.61 36.22
C ILE U 142 56.80 -133.89 35.35
N ASP U 143 55.99 -132.86 35.14
CA ASP U 143 54.76 -132.90 34.37
C ASP U 143 54.94 -133.40 32.95
N THR U 144 54.05 -134.28 32.52
CA THR U 144 54.14 -134.83 31.17
C THR U 144 54.48 -133.80 30.09
N LYS U 145 53.91 -132.61 30.18
CA LYS U 145 54.16 -131.61 29.16
C LYS U 145 55.63 -131.24 29.01
N HIS U 146 56.42 -131.43 30.06
CA HIS U 146 57.84 -131.08 30.00
C HIS U 146 58.73 -132.23 29.57
N LEU U 147 58.16 -133.40 29.37
CA LEU U 147 58.94 -134.56 28.99
C LEU U 147 58.95 -134.84 27.49
N PRO U 148 60.13 -135.14 26.95
CA PRO U 148 60.32 -135.45 25.54
C PRO U 148 59.35 -136.56 25.13
N SER U 149 59.25 -136.78 23.82
CA SER U 149 58.39 -137.84 23.31
C SER U 149 59.07 -139.18 23.61
N THR U 150 60.40 -139.13 23.77
CA THR U 150 61.17 -140.32 24.04
C THR U 150 61.21 -140.66 25.51
N CYS U 151 60.52 -139.88 26.35
CA CYS U 151 60.55 -140.18 27.79
C CYS U 151 59.15 -140.12 28.35
N ARG U 152 58.23 -140.81 27.69
CA ARG U 152 56.83 -140.87 28.11
C ARG U 152 56.52 -142.26 28.62
N ASP U 153 57.52 -143.04 29.02
CA ASP U 153 57.28 -144.41 29.47
C ASP U 153 56.53 -144.59 30.82
N ASN U 154 55.61 -145.53 30.84
CA ASN U 154 54.82 -145.87 32.04
C ASN U 154 55.51 -146.97 32.86
N PHE U 155 55.20 -147.00 34.15
CA PHE U 155 55.79 -147.97 35.05
C PHE U 155 55.74 -149.40 34.49
N ASP U 156 54.70 -149.74 33.72
CA ASP U 156 54.59 -151.10 33.19
C ASP U 156 54.97 -151.26 31.72
N ALA U 157 55.73 -150.33 31.18
CA ALA U 157 56.17 -150.42 29.81
C ALA U 157 57.02 -151.67 29.67
N LYS U 158 56.89 -152.39 28.56
CA LYS U 158 57.71 -153.57 28.35
C LYS U 158 58.43 -153.42 27.03
N MEA V 1 46.83 -97.84 12.81
CA MEA V 1 47.56 -96.68 13.41
C MEA V 1 48.88 -97.08 14.08
O MEA V 1 49.81 -96.26 14.12
N THR V 2 48.96 -98.30 14.58
CA THR V 2 50.09 -98.73 15.42
C THR V 2 50.57 -100.18 15.31
N LEU V 3 49.79 -101.08 15.90
CA LEU V 3 50.28 -102.39 16.37
C LEU V 3 50.60 -103.40 15.27
N ILE V 4 51.82 -103.35 14.75
CA ILE V 4 52.24 -104.29 13.71
C ILE V 4 53.47 -105.12 14.13
N GLU V 5 54.14 -104.70 15.20
CA GLU V 5 55.32 -105.39 15.72
C GLU V 5 54.93 -106.73 16.34
N LEU V 6 53.79 -106.76 17.02
CA LEU V 6 53.27 -107.99 17.62
C LEU V 6 52.70 -108.92 16.56
N MET V 7 52.09 -108.33 15.54
CA MET V 7 51.43 -109.08 14.47
C MET V 7 52.42 -109.73 13.50
N ILE V 8 53.51 -109.02 13.17
CA ILE V 8 54.52 -109.56 12.27
C ILE V 8 55.41 -110.59 12.96
N VAL V 9 55.81 -110.30 14.21
CA VAL V 9 56.68 -111.21 14.97
C VAL V 9 55.99 -112.51 15.41
N ILE V 10 54.66 -112.49 15.53
CA ILE V 10 53.91 -113.73 15.75
C ILE V 10 53.78 -114.51 14.44
N ALA V 11 53.86 -113.79 13.31
CA ALA V 11 53.73 -114.39 11.98
C ALA V 11 55.07 -114.74 11.34
N ILE V 12 56.17 -114.28 11.94
CA ILE V 12 57.51 -114.72 11.51
C ILE V 12 57.94 -115.98 12.25
N VAL V 13 57.46 -116.15 13.48
CA VAL V 13 57.71 -117.37 14.26
C VAL V 13 56.84 -118.51 13.71
N GLY V 14 55.66 -118.15 13.21
CA GLY V 14 54.77 -119.09 12.55
C GLY V 14 55.37 -119.64 11.26
N ILE V 15 55.92 -118.75 10.44
CA ILE V 15 56.58 -119.17 9.20
C ILE V 15 57.97 -119.76 9.45
N LEU V 16 58.58 -119.41 10.59
CA LEU V 16 59.86 -119.98 11.01
C LEU V 16 59.69 -121.46 11.35
N ALA V 17 58.55 -121.80 11.96
CA ALA V 17 58.21 -123.18 12.28
C ALA V 17 57.94 -124.00 11.02
N ALA V 18 57.35 -123.35 10.01
CA ALA V 18 57.07 -123.97 8.72
C ALA V 18 58.35 -124.26 7.92
N VAL V 19 59.35 -123.40 8.09
CA VAL V 19 60.67 -123.59 7.47
C VAL V 19 61.49 -124.61 8.28
N ALA V 20 61.32 -124.59 9.59
CA ALA V 20 61.99 -125.54 10.48
C ALA V 20 61.29 -126.91 10.51
N LEU V 21 60.14 -127.00 9.84
CA LEU V 21 59.34 -128.22 9.83
C LEU V 21 59.98 -129.36 9.01
N PRO V 22 60.36 -129.13 7.75
CA PRO V 22 60.97 -130.18 6.94
C PRO V 22 62.39 -130.55 7.38
N ALA V 23 63.10 -129.62 8.00
CA ALA V 23 64.45 -129.89 8.51
C ALA V 23 64.43 -130.85 9.68
N TYR V 24 63.51 -130.63 10.61
CA TYR V 24 63.32 -131.49 11.78
C TYR V 24 62.64 -132.80 11.37
N GLN V 25 61.77 -132.73 10.37
CA GLN V 25 61.15 -133.92 9.78
C GLN V 25 62.14 -134.75 8.96
N ASP V 26 63.19 -134.11 8.45
CA ASP V 26 64.15 -135.41 7.76
C ASP V 26 65.25 -135.71 8.76
N TYR V 27 65.63 -134.72 9.55
CA TYR V 27 66.65 -134.95 10.55
C TYR V 27 66.06 -136.02 11.44
N THR V 28 64.78 -135.88 11.69
CA THR V 28 64.06 -136.80 12.54
C THR V 28 64.01 -138.21 11.96
N ALA V 29 63.56 -138.35 10.72
CA ALA V 29 63.47 -139.66 10.07
C ALA V 29 64.84 -140.30 9.96
N ARG V 30 65.81 -139.49 9.56
CA ARG V 30 67.17 -139.92 9.39
C ARG V 30 67.70 -140.42 10.72
N ALA V 31 67.07 -139.98 11.80
CA ALA V 31 67.47 -140.39 13.15
C ALA V 31 66.84 -141.73 13.52
N GLN V 32 65.60 -141.92 13.08
CA GLN V 32 64.83 -143.13 13.34
C GLN V 32 65.35 -144.30 12.50
N VAL V 33 66.06 -143.99 11.43
CA VAL V 33 66.61 -145.02 10.56
C VAL V 33 67.96 -145.43 11.11
N SER V 34 68.69 -144.47 11.67
CA SER V 34 70.00 -144.74 12.22
C SER V 34 69.93 -145.78 13.32
N GLU V 35 68.72 -146.01 13.83
CA GLU V 35 68.54 -146.98 14.89
C GLU V 35 68.19 -148.33 14.33
N ALA V 36 67.39 -148.33 13.27
CA ALA V 36 67.03 -149.57 12.63
C ALA V 36 68.36 -150.22 12.27
N ILE V 37 69.34 -149.38 11.98
CA ILE V 37 70.67 -149.84 11.62
C ILE V 37 71.40 -150.40 12.84
N LEU V 38 71.20 -149.79 13.99
CA LEU V 38 71.90 -150.26 15.19
C LEU V 38 71.27 -151.56 15.67
N LEU V 39 69.98 -151.70 15.43
CA LEU V 39 69.28 -152.90 15.85
C LEU V 39 69.63 -154.04 14.89
N ALA V 40 69.93 -153.69 13.65
CA ALA V 40 70.27 -154.68 12.66
C ALA V 40 71.66 -155.20 12.99
N GLU V 41 72.57 -154.29 13.33
CA GLU V 41 73.93 -154.67 13.68
C GLU V 41 73.89 -155.36 15.04
N GLY V 42 75.05 -155.79 15.54
CA GLY V 42 75.08 -156.46 16.84
C GLY V 42 74.46 -157.83 16.75
N GLN V 43 73.98 -158.12 15.54
CA GLN V 43 73.40 -159.38 15.21
C GLN V 43 74.28 -159.90 14.10
N LYS V 44 75.32 -159.14 13.82
CA LYS V 44 76.28 -159.49 12.81
C LYS V 44 77.10 -160.58 13.46
N SER V 45 77.39 -160.39 14.75
CA SER V 45 78.15 -161.34 15.54
C SER V 45 77.61 -162.76 15.39
N ALA V 46 76.35 -162.93 15.74
CA ALA V 46 75.74 -164.25 15.63
C ALA V 46 75.91 -164.79 14.21
N VAL V 47 75.49 -164.00 13.23
CA VAL V 47 75.57 -164.40 11.84
C VAL V 47 76.98 -164.69 11.36
N THR V 48 77.94 -163.88 11.76
CA THR V 48 79.32 -164.10 11.36
C THR V 48 79.82 -165.42 11.91
N GLU V 49 79.65 -165.60 13.21
CA GLU V 49 80.10 -166.82 13.83
C GLU V 49 79.43 -168.01 13.16
N TYR V 50 78.10 -167.99 13.05
CA TYR V 50 77.43 -169.11 12.42
C TYR V 50 78.05 -169.47 11.07
N TYR V 51 78.31 -168.46 10.24
CA TYR V 51 78.92 -168.71 8.93
C TYR V 51 80.34 -169.28 9.00
N LEU V 52 81.22 -168.64 9.76
CA LEU V 52 82.60 -169.11 9.90
C LEU V 52 82.70 -170.50 10.53
N ASN V 53 81.83 -170.80 11.49
CA ASN V 53 81.86 -172.10 12.12
C ASN V 53 81.28 -173.21 11.23
N HIS V 54 80.28 -172.90 10.41
CA HIS V 54 79.67 -173.91 9.57
C HIS V 54 79.84 -173.77 8.06
N GLY V 55 80.16 -172.58 7.58
CA GLY V 55 80.31 -172.40 6.16
C GLY V 55 78.99 -172.25 5.44
N LYS V 56 77.91 -172.08 6.19
CA LYS V 56 76.57 -171.88 5.65
C LYS V 56 75.96 -170.70 6.40
N TRP V 57 75.21 -169.85 5.71
CA TRP V 57 74.58 -168.70 6.35
C TRP V 57 73.39 -169.13 7.18
N PRO V 58 73.20 -168.52 8.35
CA PRO V 58 72.05 -168.90 9.20
C PRO V 58 70.73 -168.66 8.49
N GLU V 59 69.90 -169.70 8.38
CA GLU V 59 68.63 -169.59 7.69
C GLU V 59 67.65 -168.61 8.32
N ASN V 60 67.60 -168.60 9.64
CA ASN V 60 66.69 -167.70 10.36
C ASN V 60 67.25 -167.32 11.73
N ASN V 61 66.55 -166.44 12.43
CA ASN V 61 67.00 -165.99 13.75
C ASN V 61 67.44 -167.10 14.69
N THR V 62 66.63 -168.15 14.78
CA THR V 62 66.94 -169.26 15.67
C THR V 62 68.23 -169.93 15.28
N SER V 63 68.45 -170.09 13.98
CA SER V 63 69.69 -170.67 13.52
C SER V 63 70.84 -169.80 13.97
N ALA V 64 70.70 -168.48 13.79
CA ALA V 64 71.75 -167.56 14.17
C ALA V 64 71.92 -167.49 15.68
N GLY V 65 70.96 -168.04 16.40
CA GLY V 65 71.01 -168.03 17.85
C GLY V 65 70.62 -166.66 18.37
N VAL V 66 69.45 -166.19 17.97
CA VAL V 66 68.94 -164.91 18.42
C VAL V 66 67.45 -165.06 18.62
N ALA V 67 66.85 -164.11 19.35
CA ALA V 67 65.42 -164.15 19.62
C ALA V 67 64.72 -164.85 18.47
N SER V 68 64.40 -166.12 18.68
CA SER V 68 63.76 -166.95 17.68
C SER V 68 62.61 -166.23 16.99
N SER V 69 62.13 -165.16 17.59
CA SER V 69 61.01 -164.40 17.04
C SER V 69 61.45 -163.04 16.50
N PRO V 70 61.30 -162.80 15.18
CA PRO V 70 61.69 -161.52 14.57
C PRO V 70 61.19 -160.34 15.38
N THR V 71 59.92 -160.43 15.76
CA THR V 71 59.24 -159.39 16.54
C THR V 71 59.86 -159.19 17.91
N ASP V 72 60.76 -160.07 18.30
CA ASP V 72 61.39 -159.93 19.60
C ASP V 72 62.63 -159.05 19.50
N ILE V 73 62.97 -158.65 18.28
CA ILE V 73 64.13 -157.79 18.03
C ILE V 73 63.66 -156.44 17.48
N LYS V 74 62.61 -155.92 18.12
CA LYS V 74 62.05 -154.65 17.72
C LYS V 74 62.54 -153.50 18.57
N GLY V 75 62.09 -152.30 18.23
CA GLY V 75 62.47 -151.11 18.96
C GLY V 75 61.36 -150.09 18.96
N LYS V 76 61.73 -148.83 19.12
CA LYS V 76 60.79 -147.73 19.15
C LYS V 76 60.27 -147.44 17.75
N TYR V 77 61.18 -147.43 16.79
CA TYR V 77 60.85 -147.17 15.40
C TYR V 77 60.99 -148.46 14.62
N VAL V 78 61.55 -149.47 15.27
CA VAL V 78 61.76 -150.75 14.64
C VAL V 78 60.72 -151.76 15.04
N LYS V 79 59.99 -152.25 14.06
CA LYS V 79 58.94 -153.23 14.30
C LYS V 79 59.53 -154.63 14.41
N GLU V 80 60.79 -154.78 13.98
CA GLU V 80 61.48 -156.06 14.03
C GLU V 80 62.81 -156.13 13.28
N VAL V 81 63.41 -157.31 13.33
CA VAL V 81 64.68 -157.58 12.67
C VAL V 81 64.71 -159.10 12.44
N GLU V 82 64.72 -159.47 11.16
CA GLU V 82 64.72 -160.87 10.77
C GLU V 82 66.00 -161.26 10.04
N VAL V 83 66.49 -162.45 10.34
CA VAL V 83 67.68 -162.97 9.71
C VAL V 83 67.15 -163.97 8.71
N LYS V 84 67.44 -163.74 7.44
CA LYS V 84 67.01 -164.64 6.39
C LYS V 84 68.20 -165.01 5.53
N ASN V 85 68.77 -166.18 5.81
CA ASN V 85 69.96 -166.69 5.14
C ASN V 85 71.15 -165.75 5.27
N GLY V 86 71.44 -165.36 6.51
CA GLY V 86 72.55 -164.47 6.78
C GLY V 86 72.26 -162.99 6.57
N VAL V 87 71.21 -162.70 5.81
CA VAL V 87 70.81 -161.32 5.55
C VAL V 87 69.96 -160.87 6.72
N VAL V 88 70.30 -159.74 7.32
CA VAL V 88 69.53 -159.24 8.44
C VAL V 88 68.80 -157.98 8.00
N THR V 89 67.47 -158.05 8.01
CA THR V 89 66.62 -156.94 7.59
C THR V 89 65.92 -156.29 8.77
N ALA V 90 65.87 -154.96 8.78
CA ALA V 90 65.21 -154.26 9.89
C ALA V 90 63.98 -153.53 9.39
N THR V 91 62.84 -153.78 10.01
CA THR V 91 61.60 -153.11 9.60
C THR V 91 61.24 -151.95 10.52
N MET V 92 60.80 -150.87 9.90
CA MET V 92 60.42 -149.67 10.63
C MET V 92 58.98 -149.82 11.11
N LEU V 93 58.75 -149.52 12.37
CA LEU V 93 57.43 -149.62 12.97
C LEU V 93 56.43 -148.81 12.12
N SER V 94 55.23 -148.66 12.63
CA SER V 94 54.21 -147.89 11.93
C SER V 94 53.82 -146.69 12.79
N SER V 95 54.15 -146.78 14.07
CA SER V 95 53.85 -145.71 15.02
C SER V 95 55.12 -145.15 15.66
N GLY V 96 55.22 -143.82 15.66
CA GLY V 96 56.37 -143.17 16.25
C GLY V 96 57.46 -142.79 15.27
N VAL V 97 57.19 -142.95 13.97
CA VAL V 97 58.17 -142.63 12.95
C VAL V 97 57.78 -141.49 12.01
N ASN V 98 58.67 -141.14 11.08
CA ASN V 98 58.44 -140.07 10.13
C ASN V 98 57.06 -140.13 9.51
N ASN V 99 57.00 -140.64 8.28
CA ASN V 99 55.73 -140.74 7.56
C ASN V 99 56.01 -141.46 6.25
N GLU V 100 57.19 -141.23 5.70
CA GLU V 100 57.54 -141.87 4.44
C GLU V 100 58.60 -142.93 4.68
N ILE V 101 58.72 -143.38 5.91
CA ILE V 101 59.69 -144.42 6.23
C ILE V 101 59.12 -145.57 7.07
N LYS V 102 57.89 -145.44 7.55
CA LYS V 102 57.29 -146.50 8.36
C LYS V 102 56.96 -147.73 7.54
N GLY V 103 57.09 -148.89 8.17
CA GLY V 103 56.82 -150.14 7.49
C GLY V 103 57.90 -150.32 6.44
N LYS V 104 58.90 -149.46 6.44
CA LYS V 104 59.98 -149.57 5.47
C LYS V 104 61.20 -150.19 6.11
N LYS V 105 62.04 -150.83 5.30
CA LYS V 105 63.21 -151.48 5.87
C LYS V 105 64.52 -151.47 5.07
N LEU V 106 65.59 -151.91 5.74
CA LEU V 106 66.92 -152.01 5.17
C LEU V 106 67.52 -153.39 5.46
N SER V 107 68.69 -153.69 4.91
CA SER V 107 69.32 -154.98 5.13
C SER V 107 70.81 -154.88 5.31
N LEU V 108 71.34 -155.86 6.01
CA LEU V 108 72.76 -155.98 6.28
C LEU V 108 73.03 -157.38 5.80
N TRP V 109 74.06 -157.55 4.98
CA TRP V 109 74.38 -158.87 4.48
C TRP V 109 75.87 -158.92 4.41
N ALA V 110 76.42 -160.11 4.35
CA ALA V 110 77.85 -160.22 4.32
C ALA V 110 78.32 -161.03 3.13
N ARG V 111 79.64 -161.11 2.99
CA ARG V 111 80.23 -161.83 1.89
C ARG V 111 81.46 -162.57 2.38
N ARG V 112 81.61 -163.79 1.90
CA ARG V 112 82.76 -164.61 2.27
C ARG V 112 84.04 -163.94 1.81
N GLU V 113 84.96 -163.69 2.74
CA GLU V 113 86.23 -163.12 2.36
C GLU V 113 87.22 -164.26 2.26
N ASN V 114 86.79 -165.41 2.80
CA ASN V 114 87.60 -166.62 2.85
C ASN V 114 88.44 -166.52 4.11
N GLY V 115 87.92 -167.07 5.20
CA GLY V 115 88.61 -167.01 6.47
C GLY V 115 87.97 -165.94 7.34
N SER V 116 87.17 -165.10 6.70
CA SER V 116 86.45 -164.02 7.37
C SER V 116 85.40 -163.50 6.39
N VAL V 117 84.57 -162.56 6.83
CA VAL V 117 83.56 -161.98 5.96
C VAL V 117 83.55 -160.47 6.10
N LYS V 118 82.96 -159.79 5.11
CA LYS V 118 82.83 -158.35 5.16
C LYS V 118 81.35 -158.00 5.10
N TRP V 119 80.93 -157.03 5.90
CA TRP V 119 79.53 -156.64 5.93
C TRP V 119 79.14 -155.40 5.12
N PHE V 120 77.92 -155.43 4.63
CA PHE V 120 77.40 -154.33 3.83
C PHE V 120 76.13 -153.86 4.50
N CYS V 121 75.72 -152.63 4.17
CA CYS V 121 74.52 -152.04 4.76
C CYS V 121 73.84 -151.24 3.67
N GLY V 122 72.55 -151.46 3.46
CA GLY V 122 71.86 -150.72 2.43
C GLY V 122 70.38 -151.03 2.35
N GLN V 123 69.81 -150.86 1.16
CA GLN V 123 68.39 -151.12 0.95
C GLN V 123 68.16 -152.61 0.83
N PRO V 124 67.03 -153.10 1.39
CA PRO V 124 66.63 -154.52 1.40
C PRO V 124 67.18 -155.37 0.28
N VAL V 125 67.66 -156.55 0.64
CA VAL V 125 68.20 -157.47 -0.34
C VAL V 125 67.82 -158.91 0.01
N THR V 126 67.85 -159.79 -0.98
CA THR V 126 67.51 -161.18 -0.77
C THR V 126 68.75 -161.99 -1.07
N ARG V 127 68.97 -163.13 -0.40
CA ARG V 127 70.14 -163.91 -0.74
C ARG V 127 69.79 -164.93 -1.81
N THR V 128 70.62 -165.01 -2.83
CA THR V 128 70.42 -165.96 -3.91
C THR V 128 71.24 -167.20 -3.58
N ASP V 129 72.56 -167.07 -3.63
CA ASP V 129 73.43 -168.17 -3.28
C ASP V 129 74.35 -167.73 -2.13
N ASP V 130 75.19 -168.62 -1.62
CA ASP V 130 76.02 -168.29 -0.48
C ASP V 130 76.93 -167.07 -0.65
N ASP V 131 77.04 -166.59 -1.86
CA ASP V 131 77.89 -165.44 -2.09
C ASP V 131 77.25 -164.43 -3.03
N THR V 132 75.93 -164.37 -3.02
CA THR V 132 75.22 -163.47 -3.89
C THR V 132 73.82 -163.16 -3.37
N VAL V 133 73.49 -161.87 -3.35
CA VAL V 133 72.19 -161.39 -2.93
C VAL V 133 71.67 -160.48 -4.02
N ALA V 134 70.42 -160.02 -3.91
CA ALA V 134 69.85 -159.14 -4.93
C ALA V 134 68.78 -158.26 -4.33
N ASP V 135 68.53 -157.13 -4.99
CA ASP V 135 67.55 -156.18 -4.52
C ASP V 135 66.22 -156.84 -4.24
N ALA V 136 65.72 -156.64 -3.03
CA ALA V 136 64.43 -157.18 -2.67
C ALA V 136 63.48 -156.12 -3.20
N LYS V 137 63.59 -155.81 -4.49
CA LYS V 137 62.75 -154.81 -5.14
C LYS V 137 61.27 -155.12 -4.88
N ASP V 138 60.58 -154.21 -4.20
CA ASP V 138 59.18 -154.45 -3.91
C ASP V 138 58.44 -153.17 -3.53
N GLY V 139 59.18 -152.11 -3.19
CA GLY V 139 58.56 -150.85 -2.84
C GLY V 139 58.58 -150.42 -1.38
N LYS V 140 59.07 -151.27 -0.49
CA LYS V 140 59.10 -150.93 0.92
C LYS V 140 60.51 -150.57 1.44
N GLU V 141 61.43 -150.30 0.54
CA GLU V 141 62.78 -149.94 0.94
C GLU V 141 62.86 -148.51 1.47
N ILE V 142 63.64 -148.32 2.53
CA ILE V 142 63.80 -146.98 3.07
C ILE V 142 64.55 -146.18 1.99
N ASP V 143 63.99 -145.03 1.67
CA ASP V 143 64.51 -144.12 0.66
C ASP V 143 65.94 -143.68 0.89
N THR V 144 66.73 -143.70 -0.17
CA THR V 144 68.14 -143.32 -0.06
C THR V 144 68.38 -142.07 0.79
N LYS V 145 67.52 -141.08 0.69
CA LYS V 145 67.73 -139.86 1.46
C LYS V 145 67.76 -140.07 2.96
N HIS V 146 67.13 -141.14 3.45
CA HIS V 146 67.10 -141.41 4.88
C HIS V 146 68.22 -142.30 5.37
N LEU V 147 69.04 -142.78 4.44
CA LEU V 147 70.13 -143.66 4.83
C LEU V 147 71.47 -142.97 4.98
N PRO V 148 72.19 -143.31 6.05
CA PRO V 148 73.51 -142.75 6.35
C PRO V 148 74.43 -142.91 5.14
N SER V 149 75.57 -142.24 5.19
CA SER V 149 76.55 -142.34 4.11
C SER V 149 77.20 -143.73 4.20
N THR V 150 77.18 -144.30 5.41
CA THR V 150 77.77 -145.60 5.65
C THR V 150 76.82 -146.74 5.30
N CYS V 151 75.63 -146.43 4.81
CA CYS V 151 74.69 -147.50 4.49
C CYS V 151 74.07 -147.27 3.12
N ARG V 152 74.93 -146.99 2.15
CA ARG V 152 74.51 -146.75 0.78
C ARG V 152 74.94 -147.91 -0.10
N ASP V 153 75.21 -149.08 0.48
CA ASP V 153 75.66 -150.22 -0.32
C ASP V 153 74.65 -150.86 -1.29
N ASN V 154 75.13 -151.19 -2.49
CA ASN V 154 74.33 -151.83 -3.53
C ASN V 154 74.43 -153.37 -3.45
N PHE V 155 73.42 -154.05 -3.95
CA PHE V 155 73.36 -155.49 -3.91
C PHE V 155 74.68 -156.14 -4.38
N ASP V 156 75.39 -155.51 -5.33
CA ASP V 156 76.63 -156.10 -5.82
C ASP V 156 77.92 -155.48 -5.28
N ALA V 157 77.82 -154.80 -4.15
CA ALA V 157 79.01 -154.21 -3.55
C ALA V 157 79.97 -155.33 -3.19
N LYS V 158 81.27 -155.11 -3.39
CA LYS V 158 82.23 -156.14 -3.02
C LYS V 158 83.24 -155.52 -2.09
N MEA W 1 59.00 -103.55 9.64
CA MEA W 1 57.89 -103.36 10.62
C MEA W 1 57.73 -104.55 11.58
O MEA W 1 57.29 -104.38 12.71
N THR W 2 58.10 -105.76 11.13
CA THR W 2 57.81 -106.99 11.87
C THR W 2 58.84 -108.13 11.80
N LEU W 3 58.86 -108.82 10.66
CA LEU W 3 59.35 -110.20 10.56
C LEU W 3 60.87 -110.37 10.68
N ILE W 4 61.35 -110.50 11.91
CA ILE W 4 62.78 -110.70 12.14
C ILE W 4 63.09 -112.00 12.90
N GLU W 5 62.05 -112.60 13.48
CA GLU W 5 62.19 -113.85 14.23
C GLU W 5 62.48 -115.03 13.29
N LEU W 6 61.86 -115.02 12.11
CA LEU W 6 62.11 -116.04 11.09
C LEU W 6 63.46 -115.83 10.42
N MET W 7 63.84 -114.56 10.23
CA MET W 7 65.07 -114.20 9.54
C MET W 7 66.33 -114.46 10.39
N ILE W 8 66.24 -114.18 11.69
CA ILE W 8 67.38 -114.40 12.58
C ILE W 8 67.55 -115.89 12.91
N VAL W 9 66.44 -116.58 13.17
CA VAL W 9 66.49 -118.01 13.52
C VAL W 9 66.87 -118.92 12.34
N ILE W 10 66.65 -118.46 11.10
CA ILE W 10 67.17 -119.17 9.94
C ILE W 10 68.67 -118.89 9.76
N ALA W 11 69.10 -117.75 10.29
CA ALA W 11 70.50 -117.31 10.18
C ALA W 11 71.35 -117.70 11.39
N ILE W 12 70.71 -118.16 12.46
CA ILE W 12 71.43 -118.72 13.60
C ILE W 12 71.68 -120.22 13.42
N VAL W 13 70.77 -120.89 12.71
CA VAL W 13 70.94 -122.30 12.36
C VAL W 13 71.98 -122.44 11.26
N GLY W 14 72.05 -121.44 10.39
CA GLY W 14 73.06 -121.35 9.35
C GLY W 14 74.46 -121.20 9.93
N ILE W 15 74.61 -120.30 10.89
CA ILE W 15 75.89 -120.09 11.56
C ILE W 15 76.20 -121.20 12.58
N LEU W 16 75.15 -121.87 13.05
CA LEU W 16 75.29 -123.03 13.96
C LEU W 16 75.92 -124.20 13.22
N ALA W 17 75.54 -124.35 11.95
CA ALA W 17 76.12 -125.39 11.09
C ALA W 17 77.58 -125.10 10.76
N ALA W 18 77.91 -123.81 10.63
CA ALA W 18 79.28 -123.37 10.37
C ALA W 18 80.20 -123.57 11.57
N VAL W 19 79.63 -123.47 12.77
CA VAL W 19 80.37 -123.74 14.01
C VAL W 19 80.44 -125.25 14.27
N ALA W 20 79.38 -125.97 13.89
CA ALA W 20 79.34 -127.43 14.02
C ALA W 20 80.08 -128.13 12.88
N LEU W 21 80.56 -127.34 11.91
CA LEU W 21 81.24 -127.88 10.74
C LEU W 21 82.65 -128.44 11.05
N PRO W 22 83.53 -127.67 11.70
CA PRO W 22 84.87 -128.15 12.02
C PRO W 22 84.89 -129.22 13.12
N ALA W 23 83.89 -129.23 14.00
CA ALA W 23 83.79 -130.23 15.06
C ALA W 23 83.47 -131.61 14.49
N TYR W 24 82.51 -131.65 13.56
CA TYR W 24 82.12 -132.88 12.87
C TYR W 24 83.18 -133.30 11.86
N GLN W 25 83.84 -132.31 11.25
CA GLN W 25 84.97 -132.55 10.37
C GLN W 25 86.22 -133.03 11.11
N ASP W 26 86.32 -132.67 12.39
CA ASP W 26 87.75 -133.54 12.93
C ASP W 26 87.27 -134.78 13.66
N TYR W 27 86.07 -134.70 14.22
CA TYR W 27 85.52 -135.86 14.91
C TYR W 27 85.43 -136.91 13.84
N THR W 28 85.03 -136.47 12.66
CA THR W 28 84.87 -137.34 11.52
C THR W 28 86.18 -137.98 11.08
N ALA W 29 87.19 -137.15 10.82
CA ALA W 29 88.49 -137.64 10.38
C ALA W 29 89.11 -138.55 11.42
N ARG W 30 89.01 -138.11 12.68
CA ARG W 30 89.55 -138.84 13.81
C ARG W 30 88.87 -140.20 13.88
N ALA W 31 87.68 -140.29 13.28
CA ALA W 31 86.92 -141.55 13.27
C ALA W 31 87.39 -142.47 12.14
N GLN W 32 87.74 -141.85 11.01
CA GLN W 32 88.22 -142.57 9.83
C GLN W 32 89.64 -143.08 10.03
N VAL W 33 90.36 -142.49 10.97
CA VAL W 33 91.71 -142.91 11.26
C VAL W 33 91.67 -144.05 12.25
N SER W 34 90.70 -143.99 13.17
CA SER W 34 90.57 -145.01 14.18
C SER W 34 90.34 -146.38 13.56
N GLU W 35 89.97 -146.38 12.29
CA GLU W 35 89.72 -147.62 11.58
C GLU W 35 90.96 -148.09 10.87
N ALA W 36 91.71 -147.16 10.33
CA ALA W 36 92.95 -147.50 9.66
C ALA W 36 93.75 -148.26 10.70
N ILE W 37 93.55 -147.86 11.96
CA ILE W 37 94.24 -148.49 13.07
C ILE W 37 93.71 -149.89 13.33
N LEU W 38 92.41 -150.09 13.17
CA LEU W 38 91.84 -151.40 13.43
C LEU W 38 92.20 -152.36 12.32
N LEU W 39 92.35 -151.82 11.12
CA LEU W 39 92.69 -152.64 9.98
C LEU W 39 94.17 -153.00 10.05
N ALA W 40 94.96 -152.12 10.66
CA ALA W 40 96.38 -152.35 10.80
C ALA W 40 96.57 -153.46 11.83
N GLU W 41 95.83 -153.37 12.93
CA GLU W 41 95.92 -154.37 13.98
C GLU W 41 95.28 -155.66 13.46
N GLY W 42 95.26 -156.70 14.29
CA GLY W 42 94.66 -157.95 13.86
C GLY W 42 95.53 -158.63 12.81
N GLN W 43 96.59 -157.92 12.47
CA GLN W 43 97.58 -158.38 11.54
C GLN W 43 98.85 -158.42 12.35
N LYS W 44 98.69 -158.11 13.63
CA LYS W 44 99.80 -158.14 14.56
C LYS W 44 100.04 -159.61 14.81
N SER W 45 98.94 -160.35 14.92
CA SER W 45 98.98 -161.79 15.15
C SER W 45 99.92 -162.48 14.17
N ALA W 46 99.64 -162.32 12.89
CA ALA W 46 100.48 -162.95 11.88
C ALA W 46 101.93 -162.53 12.08
N VAL W 47 102.16 -161.23 12.14
CA VAL W 47 103.52 -160.71 12.31
C VAL W 47 104.21 -161.18 13.58
N THR W 48 103.47 -161.22 14.68
CA THR W 48 104.06 -161.66 15.95
C THR W 48 104.49 -163.12 15.83
N GLU W 49 103.56 -163.95 15.39
CA GLU W 49 103.87 -165.35 15.26
C GLU W 49 105.07 -165.53 14.33
N TYR W 50 105.02 -164.94 13.14
CA TYR W 50 106.14 -165.09 12.23
C TYR W 50 107.47 -164.77 12.91
N TYR W 51 107.53 -163.66 13.64
CA TYR W 51 108.76 -163.29 14.34
C TYR W 51 109.20 -164.28 15.43
N LEU W 52 108.29 -164.62 16.34
CA LEU W 52 108.61 -165.57 17.41
C LEU W 52 108.97 -166.96 16.89
N ASN W 53 108.32 -167.40 15.81
CA ASN W 53 108.64 -168.71 15.27
C ASN W 53 109.96 -168.74 14.50
N HIS W 54 110.31 -167.63 13.84
CA HIS W 54 111.54 -167.62 13.05
C HIS W 54 112.65 -166.67 13.51
N GLY W 55 112.32 -165.67 14.32
CA GLY W 55 113.33 -164.74 14.77
C GLY W 55 113.68 -163.70 13.73
N LYS W 56 112.88 -163.62 12.68
CA LYS W 56 113.06 -162.64 11.60
C LYS W 56 111.68 -162.02 11.34
N TRP W 57 111.63 -160.73 11.07
CA TRP W 57 110.36 -160.06 10.80
C TRP W 57 109.87 -160.39 9.41
N PRO W 58 108.55 -160.61 9.25
CA PRO W 58 108.02 -160.94 7.92
C PRO W 58 108.31 -159.82 6.92
N GLU W 59 108.94 -160.19 5.81
CA GLU W 59 109.30 -159.18 4.79
C GLU W 59 108.11 -158.50 4.13
N ASN W 60 107.06 -159.27 3.87
CA ASN W 60 105.86 -158.72 3.23
C ASN W 60 104.61 -159.49 3.65
N ASN W 61 103.45 -159.03 3.20
CA ASN W 61 102.19 -159.67 3.55
C ASN W 61 102.17 -161.18 3.40
N THR W 62 102.67 -161.67 2.26
CA THR W 62 102.70 -163.09 1.98
C THR W 62 103.53 -163.82 3.01
N SER W 63 104.68 -163.25 3.37
CA SER W 63 105.51 -163.86 4.38
C SER W 63 104.73 -163.96 5.67
N ALA W 64 104.04 -162.88 6.04
CA ALA W 64 103.26 -162.85 7.28
C ALA W 64 102.07 -163.78 7.19
N GLY W 65 101.76 -164.22 5.99
CA GLY W 65 100.62 -165.10 5.81
C GLY W 65 99.33 -164.30 5.85
N VAL W 66 99.24 -163.29 5.00
CA VAL W 66 98.05 -162.46 4.92
C VAL W 66 97.85 -162.11 3.47
N ALA W 67 96.64 -161.66 3.13
CA ALA W 67 96.32 -161.30 1.75
C ALA W 67 97.58 -160.83 1.05
N SER W 68 98.16 -161.72 0.28
CA SER W 68 99.40 -161.44 -0.45
C SER W 68 99.39 -160.08 -1.12
N SER W 69 98.20 -159.51 -1.28
CA SER W 69 98.06 -158.22 -1.95
C SER W 69 97.69 -157.12 -0.95
N PRO W 70 98.56 -156.09 -0.79
CA PRO W 70 98.29 -154.99 0.14
C PRO W 70 96.87 -154.45 -0.04
N THR W 71 96.51 -154.24 -1.30
CA THR W 71 95.20 -153.72 -1.69
C THR W 71 94.06 -154.65 -1.28
N ASP W 72 94.39 -155.85 -0.84
CA ASP W 72 93.33 -156.77 -0.43
C ASP W 72 93.00 -156.57 1.04
N ILE W 73 93.74 -155.68 1.71
CA ILE W 73 93.51 -155.38 3.12
C ILE W 73 93.06 -153.93 3.26
N LYS W 74 92.14 -153.54 2.39
CA LYS W 74 91.62 -152.18 2.39
C LYS W 74 90.29 -152.09 3.11
N GLY W 75 89.77 -150.87 3.19
CA GLY W 75 88.51 -150.62 3.83
C GLY W 75 87.78 -149.47 3.18
N LYS W 76 86.91 -148.83 3.94
CA LYS W 76 86.11 -147.71 3.48
C LYS W 76 86.98 -146.47 3.34
N TYR W 77 87.82 -146.24 4.35
CA TYR W 77 88.71 -145.09 4.36
C TYR W 77 90.13 -145.58 4.17
N VAL W 78 90.30 -146.90 4.21
CA VAL W 78 91.61 -147.50 4.06
C VAL W 78 91.81 -148.04 2.67
N LYS W 79 92.81 -147.52 1.98
CA LYS W 79 93.12 -147.95 0.63
C LYS W 79 93.96 -149.22 0.65
N GLU W 80 94.51 -149.55 1.83
CA GLU W 80 95.32 -150.75 2.00
C GLU W 80 96.08 -150.86 3.32
N VAL W 81 96.83 -151.94 3.45
CA VAL W 81 97.63 -152.24 4.62
C VAL W 81 98.74 -153.17 4.15
N GLU W 82 99.98 -152.68 4.23
CA GLU W 82 101.14 -153.42 3.81
C GLU W 82 102.07 -153.74 4.96
N VAL W 83 102.63 -154.94 4.94
CA VAL W 83 103.55 -155.39 5.95
C VAL W 83 104.90 -155.30 5.27
N LYS W 84 105.78 -154.48 5.85
CA LYS W 84 107.11 -154.31 5.30
C LYS W 84 108.12 -154.52 6.42
N ASN W 85 108.67 -155.74 6.47
CA ASN W 85 109.64 -156.15 7.49
C ASN W 85 109.06 -156.02 8.90
N GLY W 86 107.88 -156.60 9.09
CA GLY W 86 107.22 -156.57 10.38
C GLY W 86 106.45 -155.30 10.67
N VAL W 87 106.77 -154.23 9.95
CA VAL W 87 106.08 -152.95 10.12
C VAL W 87 104.80 -153.01 9.30
N VAL W 88 103.67 -152.70 9.91
CA VAL W 88 102.42 -152.73 9.20
C VAL W 88 101.91 -151.30 9.05
N THR W 89 101.83 -150.83 7.81
CA THR W 89 101.39 -149.48 7.50
C THR W 89 99.99 -149.47 6.89
N ALA W 90 99.16 -148.53 7.31
CA ALA W 90 97.80 -148.45 6.77
C ALA W 90 97.63 -147.16 6.00
N THR W 91 97.18 -147.26 4.75
CA THR W 91 96.97 -146.07 3.92
C THR W 91 95.51 -145.68 3.85
N MET W 92 95.28 -144.37 3.95
CA MET W 92 93.94 -143.82 3.90
C MET W 92 93.52 -143.66 2.44
N LEU W 93 92.32 -144.13 2.12
CA LEU W 93 91.80 -144.04 0.77
C LEU W 93 91.86 -142.59 0.29
N SER W 94 91.26 -142.31 -0.85
CA SER W 94 91.23 -140.95 -1.39
C SER W 94 89.79 -140.49 -1.46
N SER W 95 88.87 -141.45 -1.41
CA SER W 95 87.44 -141.15 -1.47
C SER W 95 86.72 -141.62 -0.21
N GLY W 96 85.91 -140.73 0.36
CA GLY W 96 85.15 -141.07 1.56
C GLY W 96 85.79 -140.64 2.86
N VAL W 97 86.88 -139.87 2.77
CA VAL W 97 87.58 -139.41 3.97
C VAL W 97 87.57 -137.89 4.17
N ASN W 98 88.17 -137.44 5.27
CA ASN W 98 88.23 -136.02 5.61
C ASN W 98 88.62 -135.16 4.42
N ASN W 99 89.89 -134.76 4.40
CA ASN W 99 90.39 -133.91 3.33
C ASN W 99 91.88 -133.73 3.55
N GLU W 100 92.28 -133.70 4.81
CA GLU W 100 93.69 -133.54 5.11
C GLU W 100 94.27 -134.82 5.65
N ILE W 101 93.59 -135.92 5.39
CA ILE W 101 94.07 -137.22 5.85
C ILE W 101 94.07 -138.31 4.78
N LYS W 102 93.50 -138.03 3.61
CA LYS W 102 93.46 -139.03 2.55
C LYS W 102 94.83 -139.27 1.94
N GLY W 103 95.06 -140.52 1.54
CA GLY W 103 96.34 -140.88 0.97
C GLY W 103 97.39 -140.80 2.07
N LYS W 104 96.93 -140.58 3.30
CA LYS W 104 97.87 -140.49 4.41
C LYS W 104 97.87 -141.77 5.20
N LYS W 105 98.97 -142.06 5.89
CA LYS W 105 99.04 -143.31 6.62
C LYS W 105 99.79 -143.33 7.97
N LEU W 106 99.62 -144.45 8.68
CA LEU W 106 100.28 -144.69 9.96
C LEU W 106 100.94 -146.07 9.96
N SER W 107 101.68 -146.40 11.02
CA SER W 107 102.36 -147.68 11.10
C SER W 107 102.30 -148.29 12.48
N LEU W 108 102.40 -149.61 12.49
CA LEU W 108 102.41 -150.40 13.70
C LEU W 108 103.67 -151.19 13.53
N TRP W 109 104.51 -151.21 14.55
CA TRP W 109 105.74 -151.97 14.47
C TRP W 109 105.97 -152.54 15.82
N ALA W 110 106.81 -153.54 15.91
CA ALA W 110 107.04 -154.16 17.20
C ALA W 110 108.51 -154.19 17.54
N ARG W 111 108.78 -154.67 18.74
CA ARG W 111 110.14 -154.75 19.21
C ARG W 111 110.34 -156.04 19.99
N ARG W 112 111.48 -156.66 19.78
CA ARG W 112 111.81 -157.90 20.47
C ARG W 112 111.88 -157.65 21.97
N GLU W 113 111.08 -158.38 22.74
CA GLU W 113 111.15 -158.25 24.18
C GLU W 113 112.02 -159.37 24.69
N ASN W 114 112.27 -160.34 23.79
CA ASN W 114 113.05 -161.52 24.09
C ASN W 114 112.08 -162.54 24.69
N GLY W 115 111.52 -163.37 23.81
CA GLY W 115 110.56 -164.36 24.26
C GLY W 115 109.16 -163.88 23.92
N SER W 116 109.06 -162.60 23.58
CA SER W 116 107.81 -161.96 23.19
C SER W 116 108.16 -160.60 22.58
N VAL W 117 107.15 -159.90 22.09
CA VAL W 117 107.38 -158.58 21.51
C VAL W 117 106.34 -157.60 22.03
N LYS W 118 106.63 -156.31 21.89
CA LYS W 118 105.70 -155.27 22.29
C LYS W 118 105.39 -154.41 21.06
N TRP W 119 104.12 -154.06 20.89
CA TRP W 119 103.72 -153.26 19.73
C TRP W 119 103.56 -151.76 19.97
N PHE W 120 103.84 -151.00 18.92
CA PHE W 120 103.75 -149.56 18.98
C PHE W 120 102.82 -149.14 17.86
N CYS W 121 102.27 -147.93 17.98
CA CYS W 121 101.33 -147.41 16.98
C CYS W 121 101.62 -145.92 16.84
N GLY W 122 101.81 -145.46 15.62
CA GLY W 122 102.08 -144.05 15.42
C GLY W 122 102.20 -143.64 13.97
N GLN W 123 102.97 -142.60 13.70
CA GLN W 123 103.15 -142.10 12.35
C GLN W 123 104.14 -143.00 11.61
N PRO W 124 103.91 -143.23 10.31
CA PRO W 124 104.73 -144.07 9.44
C PRO W 124 106.19 -144.21 9.83
N VAL W 125 106.68 -145.44 9.78
CA VAL W 125 108.06 -145.71 10.13
C VAL W 125 108.64 -146.77 9.19
N THR W 126 109.96 -146.81 9.08
CA THR W 126 110.62 -147.80 8.23
C THR W 126 111.47 -148.66 9.13
N ARG W 127 111.66 -149.93 8.80
CA ARG W 127 112.52 -150.73 9.65
C ARG W 127 113.96 -150.67 9.14
N THR W 128 114.89 -150.45 10.06
CA THR W 128 116.29 -150.38 9.72
C THR W 128 116.88 -151.76 9.97
N ASP W 129 116.96 -152.15 11.24
CA ASP W 129 117.46 -153.46 11.59
C ASP W 129 116.37 -154.20 12.39
N ASP W 130 116.61 -155.45 12.75
CA ASP W 130 115.57 -156.23 13.44
C ASP W 130 115.05 -155.63 14.73
N ASP W 131 115.71 -154.61 15.23
CA ASP W 131 115.26 -153.99 16.46
C ASP W 131 115.32 -152.46 16.39
N THR W 132 115.14 -151.92 15.19
CA THR W 132 115.20 -150.49 15.02
C THR W 132 114.47 -150.05 13.75
N VAL W 133 113.64 -149.03 13.90
CA VAL W 133 112.87 -148.45 12.81
C VAL W 133 113.12 -146.95 12.85
N ALA W 134 112.64 -146.22 11.85
CA ALA W 134 112.84 -144.77 11.82
C ALA W 134 111.72 -144.09 11.05
N ASP W 135 111.51 -142.81 11.34
CA ASP W 135 110.48 -142.05 10.70
C ASP W 135 110.54 -142.17 9.19
N ALA W 136 109.43 -142.56 8.60
CA ALA W 136 109.35 -142.66 7.15
C ALA W 136 109.01 -141.23 6.75
N LYS W 137 109.85 -140.29 7.19
CA LYS W 137 109.65 -138.86 6.89
C LYS W 137 109.50 -138.67 5.38
N ASP W 138 108.35 -138.17 4.95
CA ASP W 138 108.13 -137.98 3.53
C ASP W 138 106.98 -137.02 3.24
N GLY W 139 106.14 -136.77 4.25
CA GLY W 139 105.02 -135.85 4.08
C GLY W 139 103.61 -136.43 3.99
N LYS W 140 103.49 -137.76 3.99
CA LYS W 140 102.17 -138.37 3.88
C LYS W 140 101.68 -138.98 5.22
N GLU W 141 102.31 -138.59 6.33
CA GLU W 141 101.90 -139.11 7.62
C GLU W 141 100.62 -138.46 8.12
N ILE W 142 99.75 -139.25 8.73
CA ILE W 142 98.51 -138.71 9.26
C ILE W 142 98.93 -137.79 10.41
N ASP W 143 98.43 -136.56 10.37
CA ASP W 143 98.70 -135.53 11.35
C ASP W 143 98.39 -135.90 12.78
N THR W 144 99.31 -135.60 13.68
CA THR W 144 99.11 -135.93 15.09
C THR W 144 97.70 -135.67 15.62
N LYS W 145 97.09 -134.57 15.20
CA LYS W 145 95.75 -134.26 15.70
C LYS W 145 94.70 -135.33 15.39
N HIS W 146 94.94 -136.12 14.35
CA HIS W 146 93.97 -137.15 13.97
C HIS W 146 94.25 -138.51 14.60
N LEU W 147 95.34 -138.61 15.34
CA LEU W 147 95.70 -139.87 15.95
C LEU W 147 95.28 -140.00 17.41
N PRO W 148 94.72 -141.16 17.77
CA PRO W 148 94.27 -141.46 19.12
C PRO W 148 95.40 -141.19 20.11
N SER W 149 95.06 -141.19 21.39
CA SER W 149 96.06 -140.99 22.44
C SER W 149 96.90 -142.28 22.53
N THR W 150 96.31 -143.39 22.09
CA THR W 150 96.98 -144.67 22.13
C THR W 150 97.86 -144.89 20.91
N CYS W 151 97.93 -143.93 20.01
CA CYS W 151 98.76 -144.12 18.81
C CYS W 151 99.63 -142.90 18.57
N ARG W 152 100.30 -142.45 19.63
CA ARG W 152 101.19 -141.30 19.56
C ARG W 152 102.63 -141.75 19.68
N ASP W 153 102.92 -143.02 19.42
CA ASP W 153 104.29 -143.53 19.56
C ASP W 153 105.35 -142.99 18.57
N ASN W 154 106.53 -142.69 19.09
CA ASN W 154 107.67 -142.21 18.30
C ASN W 154 108.56 -143.38 17.84
N PHE W 155 109.27 -143.16 16.75
CA PHE W 155 110.13 -144.17 16.18
C PHE W 155 111.02 -144.85 17.23
N ASP W 156 111.43 -144.12 18.26
CA ASP W 156 112.30 -144.72 19.28
C ASP W 156 111.63 -145.10 20.58
N ALA W 157 110.31 -145.26 20.56
CA ALA W 157 109.59 -145.66 21.76
C ALA W 157 110.09 -147.04 22.18
N LYS W 158 110.23 -147.27 23.48
CA LYS W 158 110.67 -148.59 23.93
C LYS W 158 109.65 -149.10 24.92
N MEA X 1 66.15 -110.34 19.30
CA MEA X 1 65.17 -110.38 18.18
C MEA X 1 65.14 -111.72 17.44
O MEA X 1 64.10 -112.11 16.90
N THR X 2 66.27 -112.44 17.44
CA THR X 2 66.42 -113.64 16.59
C THR X 2 67.27 -114.79 17.15
N LEU X 3 68.59 -114.60 17.11
CA LEU X 3 69.57 -115.69 17.07
C LEU X 3 69.72 -116.47 18.39
N ILE X 4 68.88 -117.48 18.59
CA ILE X 4 68.97 -118.32 19.78
C ILE X 4 69.21 -119.80 19.46
N GLU X 5 69.02 -120.18 18.20
CA GLU X 5 69.22 -121.55 17.75
C GLU X 5 70.70 -121.92 17.76
N LEU X 6 71.56 -120.97 17.40
CA LEU X 6 73.00 -121.16 17.42
C LEU X 6 73.54 -121.14 18.86
N MET X 7 72.94 -120.28 19.68
CA MET X 7 73.36 -120.10 21.07
C MET X 7 72.99 -121.26 21.99
N ILE X 8 71.78 -121.81 21.79
CA ILE X 8 71.34 -122.95 22.59
C ILE X 8 72.01 -124.26 22.16
N VAL X 9 72.15 -124.46 20.85
CA VAL X 9 72.75 -125.70 20.33
C VAL X 9 74.26 -125.77 20.56
N ILE X 10 74.93 -124.63 20.72
CA ILE X 10 76.33 -124.63 21.15
C ILE X 10 76.43 -124.90 22.66
N ALA X 11 75.36 -124.59 23.38
CA ALA X 11 75.31 -124.75 24.83
C ALA X 11 74.68 -126.08 25.27
N ILE X 12 74.06 -126.80 24.32
CA ILE X 12 73.59 -128.15 24.59
C ILE X 12 74.67 -129.19 24.31
N VAL X 13 75.56 -128.88 23.36
CA VAL X 13 76.71 -129.73 23.07
C VAL X 13 77.77 -129.56 24.17
N GLY X 14 77.83 -128.36 24.73
CA GLY X 14 78.69 -128.08 25.87
C GLY X 14 78.29 -128.85 27.11
N ILE X 15 76.98 -128.85 27.41
CA ILE X 15 76.46 -129.62 28.55
C ILE X 15 76.37 -131.11 28.25
N LEU X 16 76.31 -131.47 26.96
CA LEU X 16 76.33 -132.87 26.54
C LEU X 16 77.69 -133.49 26.82
N ALA X 17 78.75 -132.70 26.63
CA ALA X 17 80.11 -133.12 26.93
C ALA X 17 80.32 -133.29 28.43
N ALA X 18 79.67 -132.43 29.22
CA ALA X 18 79.73 -132.50 30.68
C ALA X 18 79.00 -133.72 31.24
N VAL X 19 77.95 -134.14 30.55
CA VAL X 19 77.21 -135.36 30.92
C VAL X 19 77.95 -136.60 30.40
N ALA X 20 78.58 -136.47 29.24
CA ALA X 20 79.38 -137.55 28.66
C ALA X 20 80.77 -137.65 29.28
N LEU X 21 81.10 -136.71 30.16
CA LEU X 21 82.41 -136.64 30.81
C LEU X 21 82.65 -137.76 31.84
N PRO X 22 81.74 -137.94 32.81
CA PRO X 22 81.91 -139.00 33.81
C PRO X 22 81.72 -140.42 33.27
N ALA X 23 80.94 -140.56 32.20
CA ALA X 23 80.72 -141.86 31.56
C ALA X 23 81.98 -142.36 30.86
N TYR X 24 82.64 -141.47 30.13
CA TYR X 24 83.90 -141.76 29.44
C TYR X 24 85.06 -141.86 30.44
N GLN X 25 84.98 -141.05 31.50
CA GLN X 25 85.94 -141.13 32.61
C GLN X 25 85.76 -142.38 33.46
N ASP X 26 84.55 -142.94 33.46
CA ASP X 26 84.81 -144.43 34.37
C ASP X 26 84.95 -145.55 33.36
N TYR X 27 84.35 -145.38 32.19
CA TYR X 27 84.47 -146.39 31.15
C TYR X 27 85.95 -146.45 30.88
N THR X 28 86.56 -145.28 30.86
CA THR X 28 87.97 -145.14 30.60
C THR X 28 88.84 -145.82 31.66
N ALA X 29 88.62 -145.48 32.92
CA ALA X 29 89.39 -146.07 34.02
C ALA X 29 89.19 -147.56 34.07
N ARG X 30 87.94 -147.97 33.93
CA ARG X 30 87.55 -149.37 33.97
C ARG X 30 88.27 -150.10 32.85
N ALA X 31 88.68 -149.35 31.83
CA ALA X 31 89.39 -149.93 30.68
C ALA X 31 90.88 -150.08 30.98
N GLN X 32 91.43 -149.11 31.70
CA GLN X 32 92.84 -149.08 32.09
C GLN X 32 93.14 -150.11 33.18
N VAL X 33 92.09 -150.54 33.88
CA VAL X 33 92.26 -151.53 34.93
C VAL X 33 92.18 -152.91 34.31
N SER X 34 91.33 -153.04 33.30
CA SER X 34 91.16 -154.32 32.62
C SER X 34 92.47 -154.81 32.04
N GLU X 35 93.43 -153.90 31.91
CA GLU X 35 94.72 -154.26 31.37
C GLU X 35 95.69 -154.64 32.45
N ALA X 36 95.60 -153.95 33.57
CA ALA X 36 96.46 -154.27 34.69
C ALA X 36 96.18 -155.74 34.98
N ILE X 37 94.94 -156.13 34.72
CA ILE X 37 94.52 -157.50 34.94
C ILE X 37 95.12 -158.44 33.91
N LEU X 38 95.25 -157.98 32.67
CA LEU X 38 95.80 -158.84 31.63
C LEU X 38 97.30 -158.98 31.80
N LEU X 39 97.92 -157.93 32.34
CA LEU X 39 99.34 -157.95 32.57
C LEU X 39 99.66 -158.82 33.78
N ALA X 40 98.71 -158.88 34.71
CA ALA X 40 98.88 -159.68 35.91
C ALA X 40 98.77 -161.14 35.51
N GLU X 41 97.79 -161.45 34.68
CA GLU X 41 97.60 -162.82 34.21
C GLU X 41 98.73 -163.17 33.25
N GLY X 42 98.73 -164.39 32.73
CA GLY X 42 99.78 -164.78 31.79
C GLY X 42 101.09 -164.95 32.53
N GLN X 43 101.01 -164.67 33.82
CA GLN X 43 102.13 -164.81 34.72
C GLN X 43 101.63 -165.81 35.73
N LYS X 44 100.44 -166.31 35.48
CA LYS X 44 99.83 -167.30 36.32
C LYS X 44 100.56 -168.57 35.97
N SER X 45 100.83 -168.74 34.68
CA SER X 45 101.55 -169.90 34.17
C SER X 45 102.83 -170.16 34.95
N ALA X 46 103.71 -169.18 34.96
CA ALA X 46 104.96 -169.34 35.68
C ALA X 46 104.68 -169.73 37.13
N VAL X 47 103.86 -168.94 37.80
CA VAL X 47 103.53 -169.20 39.20
C VAL X 47 102.89 -170.55 39.45
N THR X 48 101.99 -170.96 38.57
CA THR X 48 101.33 -172.25 38.74
C THR X 48 102.36 -173.37 38.62
N GLU X 49 103.13 -173.34 37.55
CA GLU X 49 104.12 -174.35 37.35
C GLU X 49 105.07 -174.38 38.55
N TYR X 50 105.63 -173.23 38.92
CA TYR X 50 106.54 -173.23 40.05
C TYR X 50 105.94 -173.92 41.27
N TYR X 51 104.69 -173.61 41.59
CA TYR X 51 104.03 -174.24 42.74
C TYR X 51 103.84 -175.76 42.60
N LEU X 52 103.24 -176.19 41.48
CA LEU X 52 103.02 -177.62 41.26
C LEU X 52 104.33 -178.43 41.19
N ASN X 53 105.38 -177.84 40.61
CA ASN X 53 106.63 -178.56 40.53
C ASN X 53 107.37 -178.62 41.86
N HIS X 54 107.25 -177.59 42.70
CA HIS X 54 107.97 -177.56 43.96
C HIS X 54 107.13 -177.61 45.24
N GLY X 55 105.85 -177.27 45.15
CA GLY X 55 105.02 -177.29 46.34
C GLY X 55 105.23 -176.06 47.21
N LYS X 56 105.93 -175.07 46.69
CA LYS X 56 106.18 -173.80 47.39
C LYS X 56 105.87 -172.69 46.39
N TRP X 57 105.28 -171.59 46.86
CA TRP X 57 104.95 -170.47 45.97
C TRP X 57 106.20 -169.69 45.64
N PRO X 58 106.33 -169.22 44.38
CA PRO X 58 107.53 -168.46 44.00
C PRO X 58 107.66 -167.19 44.84
N GLU X 59 108.80 -167.02 45.49
CA GLU X 59 109.03 -165.85 46.34
C GLU X 59 109.00 -164.52 45.61
N ASN X 60 109.58 -164.48 44.41
CA ASN X 60 109.62 -163.26 43.62
C ASN X 60 109.65 -163.57 42.13
N ASN X 61 109.61 -162.53 41.30
CA ASN X 61 109.61 -162.70 39.86
C ASN X 61 110.66 -163.66 39.32
N THR X 62 111.90 -163.50 39.80
CA THR X 62 112.99 -164.35 39.36
C THR X 62 112.72 -165.80 39.68
N SER X 63 112.20 -166.06 40.88
CA SER X 63 111.85 -167.41 41.26
C SER X 63 110.83 -167.96 40.28
N ALA X 64 109.82 -167.16 39.97
CA ALA X 64 108.76 -167.58 39.06
C ALA X 64 109.28 -167.71 37.64
N GLY X 65 110.47 -167.18 37.41
CA GLY X 65 111.04 -167.25 36.08
C GLY X 65 110.40 -166.22 35.18
N VAL X 66 110.43 -164.97 35.61
CA VAL X 66 109.86 -163.88 34.81
C VAL X 66 110.77 -162.69 35.00
N ALA X 67 110.63 -161.70 34.12
CA ALA X 67 111.45 -160.49 34.19
C ALA X 67 111.83 -160.23 35.64
N SER X 68 113.05 -160.62 35.98
CA SER X 68 113.57 -160.47 37.34
C SER X 68 113.25 -159.11 37.93
N SER X 69 112.91 -158.15 37.08
CA SER X 69 112.62 -156.80 37.53
C SER X 69 111.12 -156.47 37.41
N PRO X 70 110.45 -156.19 38.54
CA PRO X 70 109.02 -155.87 38.53
C PRO X 70 108.69 -154.84 37.46
N THR X 71 109.52 -153.79 37.42
CA THR X 71 109.37 -152.70 36.47
C THR X 71 109.51 -153.15 35.03
N ASP X 72 109.94 -154.37 34.82
CA ASP X 72 110.09 -154.86 33.46
C ASP X 72 108.78 -155.48 32.96
N ILE X 73 107.79 -155.54 33.85
CA ILE X 73 106.48 -156.09 33.50
C ILE X 73 105.43 -154.98 33.59
N LYS X 74 105.78 -153.83 33.03
CA LYS X 74 104.90 -152.68 33.04
C LYS X 74 104.14 -152.54 31.73
N GLY X 75 103.29 -151.52 31.68
CA GLY X 75 102.51 -151.26 30.50
C GLY X 75 102.25 -149.77 30.35
N LYS X 76 101.17 -149.44 29.65
CA LYS X 76 100.76 -148.07 29.41
C LYS X 76 100.19 -147.45 30.68
N TYR X 77 99.34 -148.22 31.35
CA TYR X 77 98.71 -147.77 32.57
C TYR X 77 99.29 -148.55 33.73
N VAL X 78 100.08 -149.56 33.40
CA VAL X 78 100.71 -150.39 34.42
C VAL X 78 102.15 -150.01 34.64
N LYS X 79 102.45 -149.62 35.87
CA LYS X 79 103.81 -149.23 36.24
C LYS X 79 104.65 -150.46 36.54
N GLU X 80 103.99 -151.62 36.73
CA GLU X 80 104.67 -152.87 37.01
C GLU X 80 103.78 -154.03 37.44
N VAL X 81 104.43 -155.15 37.72
CA VAL X 81 103.76 -156.36 38.16
C VAL X 81 104.81 -157.17 38.92
N GLU X 82 104.56 -157.35 40.22
CA GLU X 82 105.46 -158.06 41.09
C GLU X 82 104.84 -159.34 41.63
N VAL X 83 105.66 -160.38 41.71
CA VAL X 83 105.23 -161.67 42.23
C VAL X 83 105.83 -161.72 43.62
N LYS X 84 104.97 -161.83 44.61
CA LYS X 84 105.41 -161.88 45.99
C LYS X 84 104.75 -163.09 46.65
N ASN X 85 105.52 -164.19 46.72
CA ASN X 85 105.07 -165.46 47.28
C ASN X 85 103.84 -165.99 46.55
N GLY X 86 103.94 -166.06 45.22
CA GLY X 86 102.84 -166.57 44.42
C GLY X 86 101.76 -165.55 44.12
N VAL X 87 101.69 -164.49 44.91
CA VAL X 87 100.70 -163.43 44.70
C VAL X 87 101.26 -162.48 43.66
N VAL X 88 100.48 -162.21 42.62
CA VAL X 88 100.94 -161.31 41.59
C VAL X 88 100.12 -160.03 41.66
N THR X 89 100.81 -158.93 41.96
CA THR X 89 100.17 -157.62 42.10
C THR X 89 100.50 -156.70 40.93
N ALA X 90 99.51 -155.97 40.43
CA ALA X 90 99.76 -155.07 39.30
C ALA X 90 99.55 -153.63 39.73
N THR X 91 100.55 -152.78 39.51
CA THR X 91 100.45 -151.38 39.88
C THR X 91 100.12 -150.49 38.69
N MET X 92 99.21 -149.54 38.93
CA MET X 92 98.79 -148.61 37.90
C MET X 92 99.79 -147.47 37.83
N LEU X 93 100.20 -147.14 36.62
CA LEU X 93 101.16 -146.05 36.39
C LEU X 93 100.64 -144.79 37.06
N SER X 94 101.32 -143.67 36.80
CA SER X 94 100.89 -142.39 37.36
C SER X 94 100.52 -141.46 36.21
N SER X 95 100.98 -141.80 35.02
CA SER X 95 100.71 -141.01 33.82
C SER X 95 99.95 -141.82 32.78
N GLY X 96 98.88 -141.24 32.25
CA GLY X 96 98.09 -141.89 31.23
C GLY X 96 96.86 -142.61 31.75
N VAL X 97 96.56 -142.44 33.03
CA VAL X 97 95.41 -143.11 33.64
C VAL X 97 94.31 -142.15 34.14
N ASN X 98 93.23 -142.74 34.66
CA ASN X 98 92.10 -141.97 35.16
C ASN X 98 92.53 -140.81 36.04
N ASN X 99 92.43 -141.00 37.36
CA ASN X 99 92.79 -139.96 38.30
C ASN X 99 92.64 -140.53 39.70
N GLU X 100 91.68 -141.43 39.87
CA GLU X 100 91.47 -142.03 41.16
C GLU X 100 91.89 -143.48 41.13
N ILE X 101 92.71 -143.84 40.16
CA ILE X 101 93.19 -145.21 40.06
C ILE X 101 94.71 -145.33 39.84
N LYS X 102 95.40 -144.22 39.63
CA LYS X 102 96.84 -144.27 39.41
C LYS X 102 97.59 -144.59 40.69
N GLY X 103 98.71 -145.32 40.53
CA GLY X 103 99.48 -145.72 41.67
C GLY X 103 98.68 -146.72 42.47
N LYS X 104 97.54 -147.14 41.92
CA LYS X 104 96.70 -148.10 42.63
C LYS X 104 96.88 -149.48 42.02
N LYS X 105 96.62 -150.52 42.81
CA LYS X 105 96.82 -151.86 42.31
C LYS X 105 95.86 -152.97 42.76
N LEU X 106 95.98 -154.12 42.08
CA LEU X 106 95.19 -155.30 42.37
C LEU X 106 96.11 -156.53 42.49
N SER X 107 95.54 -157.68 42.86
CA SER X 107 96.33 -158.89 43.02
C SER X 107 95.63 -160.12 42.51
N LEU X 108 96.44 -161.09 42.12
CA LEU X 108 95.98 -162.36 41.64
C LEU X 108 96.73 -163.32 42.54
N TRP X 109 96.02 -164.27 43.13
CA TRP X 109 96.67 -165.21 44.01
C TRP X 109 95.98 -166.51 43.78
N ALA X 110 96.61 -167.60 44.17
CA ALA X 110 96.01 -168.89 43.95
C ALA X 110 95.90 -169.68 45.23
N ARG X 111 95.28 -170.85 45.10
CA ARG X 111 95.09 -171.71 46.24
C ARG X 111 95.30 -173.15 45.82
N ARG X 112 95.96 -173.91 46.68
CA ARG X 112 96.20 -175.31 46.42
C ARG X 112 94.89 -176.06 46.32
N GLU X 113 94.66 -176.73 45.20
CA GLU X 113 93.46 -177.52 45.06
C GLU X 113 93.84 -178.96 45.37
N ASN X 114 95.15 -179.19 45.40
CA ASN X 114 95.73 -180.51 45.65
C ASN X 114 95.79 -181.20 44.29
N GLY X 115 96.94 -181.05 43.63
CA GLY X 115 97.10 -181.63 42.31
C GLY X 115 96.95 -180.55 41.25
N SER X 116 96.40 -179.42 41.69
CA SER X 116 96.20 -178.26 40.83
C SER X 116 95.87 -177.08 41.74
N VAL X 117 95.73 -175.88 41.15
CA VAL X 117 95.39 -174.71 41.94
C VAL X 117 94.28 -173.93 41.25
N LYS X 118 93.62 -173.06 42.00
CA LYS X 118 92.57 -172.20 41.45
C LYS X 118 92.98 -170.75 41.68
N TRP X 119 92.78 -169.90 40.67
CA TRP X 119 93.16 -168.50 40.79
C TRP X 119 92.04 -167.53 41.14
N PHE X 120 92.41 -166.48 41.86
CA PHE X 120 91.47 -165.45 42.27
C PHE X 120 92.00 -164.14 41.75
N CYS X 121 91.10 -163.15 41.67
CA CYS X 121 91.47 -161.82 41.17
C CYS X 121 90.69 -160.81 41.99
N GLY X 122 91.38 -159.83 42.53
CA GLY X 122 90.70 -158.83 43.33
C GLY X 122 91.60 -157.71 43.83
N GLN X 123 91.23 -157.12 44.95
CA GLN X 123 92.01 -156.03 45.53
C GLN X 123 93.22 -156.59 46.24
N PRO X 124 94.36 -155.90 46.17
CA PRO X 124 95.64 -156.28 46.77
C PRO X 124 95.55 -157.17 47.99
N VAL X 125 96.40 -158.19 48.01
CA VAL X 125 96.43 -159.12 49.12
C VAL X 125 97.87 -159.53 49.43
N THR X 126 98.11 -160.00 50.65
CA THR X 126 99.44 -160.43 51.05
C THR X 126 99.35 -161.90 51.37
N ARG X 127 100.40 -162.68 51.14
CA ARG X 127 100.31 -164.08 51.50
C ARG X 127 100.82 -164.29 52.93
N THR X 128 100.05 -165.04 53.70
CA THR X 128 100.40 -165.33 55.07
C THR X 128 101.11 -166.66 55.07
N ASP X 129 100.37 -167.74 54.79
CA ASP X 129 100.95 -169.06 54.71
C ASP X 129 100.68 -169.63 53.31
N ASP X 130 101.19 -170.82 53.02
CA ASP X 130 101.04 -171.39 51.69
C ASP X 130 99.60 -171.53 51.19
N ASP X 131 98.65 -171.37 52.08
CA ASP X 131 97.27 -171.50 51.68
C ASP X 131 96.39 -170.42 52.29
N THR X 132 96.98 -169.25 52.53
CA THR X 132 96.23 -168.16 53.12
C THR X 132 96.87 -166.81 52.83
N VAL X 133 96.04 -165.87 52.40
CA VAL X 133 96.47 -164.51 52.10
C VAL X 133 95.54 -163.57 52.86
N ALA X 134 95.82 -162.28 52.85
CA ALA X 134 94.97 -161.32 53.55
C ALA X 134 95.05 -159.96 52.91
N ASP X 135 94.03 -159.15 53.13
CA ASP X 135 93.95 -157.83 52.55
C ASP X 135 95.21 -157.04 52.83
N ALA X 136 95.81 -156.52 51.77
CA ALA X 136 96.98 -155.69 51.91
C ALA X 136 96.39 -154.33 52.18
N LYS X 137 95.54 -154.24 53.21
CA LYS X 137 94.89 -152.99 53.59
C LYS X 137 95.94 -151.89 53.78
N ASP X 138 95.85 -150.85 52.98
CA ASP X 138 96.83 -149.77 53.08
C ASP X 138 96.35 -148.48 52.42
N GLY X 139 95.33 -148.59 51.57
CA GLY X 139 94.79 -147.41 50.90
C GLY X 139 95.08 -147.22 49.42
N LYS X 140 95.88 -148.09 48.83
CA LYS X 140 96.22 -147.96 47.41
C LYS X 140 95.50 -149.00 46.52
N GLU X 141 94.47 -149.63 47.05
CA GLU X 141 93.72 -150.61 46.26
C GLU X 141 92.82 -149.96 45.24
N ILE X 142 92.75 -150.54 44.05
CA ILE X 142 91.87 -150.01 43.02
C ILE X 142 90.46 -150.22 43.54
N ASP X 143 89.68 -149.14 43.52
CA ASP X 143 88.31 -149.09 43.97
C ASP X 143 87.39 -150.11 43.32
N THR X 144 86.58 -150.78 44.10
CA THR X 144 85.68 -151.78 43.57
C THR X 144 84.96 -151.37 42.27
N LYS X 145 84.55 -150.11 42.18
CA LYS X 145 83.84 -149.68 40.98
C LYS X 145 84.64 -149.84 39.69
N HIS X 146 85.98 -149.86 39.80
CA HIS X 146 86.81 -149.99 38.60
C HIS X 146 87.18 -151.43 38.27
N LEU X 147 86.76 -152.36 39.11
CA LEU X 147 87.10 -153.76 38.88
C LEU X 147 86.00 -154.56 38.19
N PRO X 148 86.38 -155.37 37.20
CA PRO X 148 85.45 -156.21 36.45
C PRO X 148 84.63 -157.06 37.42
N SER X 149 83.60 -157.69 36.89
CA SER X 149 82.74 -158.56 37.69
C SER X 149 83.56 -159.84 37.99
N THR X 150 84.52 -160.13 37.12
CA THR X 150 85.35 -161.32 37.28
C THR X 150 86.52 -161.08 38.21
N CYS X 151 86.64 -159.89 38.78
CA CYS X 151 87.76 -159.63 39.67
C CYS X 151 87.29 -158.96 40.95
N ARG X 152 86.25 -159.54 41.54
CA ARG X 152 85.67 -159.04 42.78
C ARG X 152 85.99 -159.98 43.92
N ASP X 153 87.01 -160.83 43.78
CA ASP X 153 87.34 -161.79 44.84
C ASP X 153 87.89 -161.23 46.17
N ASN X 154 87.41 -161.79 47.26
CA ASN X 154 87.84 -161.42 48.62
C ASN X 154 89.00 -162.30 49.09
N PHE X 155 89.78 -161.77 50.01
CA PHE X 155 90.94 -162.47 50.54
C PHE X 155 90.62 -163.92 50.93
N ASP X 156 89.40 -164.18 51.39
CA ASP X 156 89.06 -165.55 51.81
C ASP X 156 88.21 -166.35 50.82
N ALA X 157 88.21 -165.94 49.56
CA ALA X 157 87.45 -166.65 48.56
C ALA X 157 88.03 -168.06 48.45
N LYS X 158 87.16 -169.05 48.28
CA LYS X 158 87.66 -170.42 48.13
C LYS X 158 87.10 -170.98 46.84
N MEA Y 1 63.47 -123.66 21.78
CA MEA Y 1 64.27 -122.63 21.05
C MEA Y 1 65.67 -123.12 20.68
O MEA Y 1 66.23 -122.67 19.67
N THR Y 2 66.23 -124.05 21.46
CA THR Y 2 67.63 -124.45 21.31
C THR Y 2 68.00 -125.92 21.58
N LEU Y 3 68.04 -126.26 22.87
CA LEU Y 3 68.83 -127.39 23.37
C LEU Y 3 68.30 -128.78 23.02
N ILE Y 4 68.68 -129.29 21.84
CA ILE Y 4 68.27 -130.62 21.42
C ILE Y 4 69.46 -131.57 21.16
N GLU Y 5 70.66 -131.00 21.07
CA GLU Y 5 71.88 -131.77 20.84
C GLU Y 5 72.24 -132.61 22.07
N LEU Y 6 72.03 -132.05 23.26
CA LEU Y 6 72.26 -132.76 24.51
C LEU Y 6 71.17 -133.80 24.76
N MET Y 7 69.94 -133.48 24.37
CA MET Y 7 68.78 -134.34 24.60
C MET Y 7 68.75 -135.56 23.67
N ILE Y 8 69.13 -135.36 22.41
CA ILE Y 8 69.16 -136.48 21.45
C ILE Y 8 70.36 -137.39 21.67
N VAL Y 9 71.53 -136.80 21.93
CA VAL Y 9 72.76 -137.57 22.14
C VAL Y 9 72.76 -138.36 23.47
N ILE Y 10 72.00 -137.91 24.46
CA ILE Y 10 71.80 -138.71 25.68
C ILE Y 10 70.80 -139.84 25.42
N ALA Y 11 69.93 -139.64 24.42
CA ALA Y 11 68.89 -140.61 24.07
C ALA Y 11 69.32 -141.56 22.94
N ILE Y 12 70.44 -141.26 22.29
CA ILE Y 12 71.02 -142.19 21.31
C ILE Y 12 71.98 -143.16 21.98
N VAL Y 13 72.61 -142.72 23.07
CA VAL Y 13 73.48 -143.58 23.87
C VAL Y 13 72.62 -144.53 24.71
N GLY Y 14 71.44 -144.06 25.11
CA GLY Y 14 70.46 -144.86 25.80
C GLY Y 14 69.92 -146.00 24.94
N ILE Y 15 69.57 -145.68 23.69
CA ILE Y 15 69.10 -146.69 22.74
C ILE Y 15 70.25 -147.53 22.18
N LEU Y 16 71.47 -146.99 22.21
CA LEU Y 16 72.67 -147.72 21.80
C LEU Y 16 72.96 -148.84 22.78
N ALA Y 17 72.72 -148.58 24.06
CA ALA Y 17 72.87 -149.59 25.11
C ALA Y 17 71.82 -150.69 24.98
N ALA Y 18 70.62 -150.31 24.56
CA ALA Y 18 69.51 -151.25 24.35
C ALA Y 18 69.76 -152.17 23.15
N VAL Y 19 70.46 -151.64 22.14
CA VAL Y 19 70.86 -152.43 20.97
C VAL Y 19 72.09 -153.28 21.29
N ALA Y 20 72.98 -152.73 22.12
CA ALA Y 20 74.18 -153.45 22.55
C ALA Y 20 73.89 -154.44 23.69
N LEU Y 21 72.65 -154.42 24.19
CA LEU Y 21 72.23 -155.26 25.30
C LEU Y 21 72.14 -156.76 24.93
N PRO Y 22 71.40 -157.13 23.88
CA PRO Y 22 71.28 -158.54 23.48
C PRO Y 22 72.57 -159.13 22.89
N ALA Y 23 73.43 -158.28 22.31
CA ALA Y 23 74.70 -158.73 21.75
C ALA Y 23 75.67 -159.15 22.85
N TYR Y 24 75.75 -158.34 23.90
CA TYR Y 24 76.59 -158.62 25.06
C TYR Y 24 75.98 -159.72 25.92
N GLN Y 25 74.65 -159.77 25.96
CA GLN Y 25 73.92 -160.86 26.61
C GLN Y 25 74.01 -162.18 25.86
N ASP Y 26 74.25 -162.10 24.55
CA ASP Y 26 74.47 -163.79 24.09
C ASP Y 26 75.97 -164.01 24.00
N TYR Y 27 76.71 -162.96 23.71
CA TYR Y 27 78.15 -163.10 23.63
C TYR Y 27 78.56 -163.55 25.02
N THR Y 28 77.89 -162.95 26.00
CA THR Y 28 78.16 -163.25 27.39
C THR Y 28 77.83 -164.69 27.76
N ALA Y 29 76.61 -165.13 27.47
CA ALA Y 29 76.19 -166.49 27.78
C ALA Y 29 77.05 -167.50 27.05
N ARG Y 30 77.30 -167.23 25.78
CA ARG Y 30 78.09 -168.07 24.92
C ARG Y 30 79.49 -168.18 25.50
N ALA Y 31 79.86 -167.21 26.32
CA ALA Y 31 81.18 -167.21 26.96
C ALA Y 31 81.18 -168.06 28.23
N GLN Y 32 80.06 -168.03 28.95
CA GLN Y 32 79.88 -168.78 30.18
C GLN Y 32 79.69 -170.27 29.90
N VAL Y 33 79.30 -170.60 28.68
CA VAL Y 33 79.11 -171.98 28.29
C VAL Y 33 80.44 -172.54 27.83
N SER Y 34 81.24 -171.70 27.18
CA SER Y 34 82.53 -172.13 26.67
C SER Y 34 83.42 -172.62 27.81
N GLU Y 35 83.05 -172.28 29.04
CA GLU Y 35 83.82 -172.71 30.19
C GLU Y 35 83.30 -174.00 30.74
N ALA Y 36 81.98 -174.15 30.73
CA ALA Y 36 81.39 -175.38 31.21
C ALA Y 36 82.05 -176.46 30.38
N ILE Y 37 82.36 -176.11 29.13
CA ILE Y 37 83.01 -177.05 28.23
C ILE Y 37 84.45 -177.32 28.62
N LEU Y 38 85.14 -176.30 29.11
CA LEU Y 38 86.54 -176.49 29.49
C LEU Y 38 86.63 -177.27 30.78
N LEU Y 39 85.62 -177.10 31.63
CA LEU Y 39 85.59 -177.80 32.89
C LEU Y 39 85.22 -179.25 32.66
N ALA Y 40 84.43 -179.48 31.61
CA ALA Y 40 84.00 -180.82 31.28
C ALA Y 40 85.21 -181.57 30.72
N GLU Y 41 85.95 -180.92 29.86
CA GLU Y 41 87.14 -181.52 29.26
C GLU Y 41 88.21 -181.63 30.35
N GLY Y 42 89.38 -182.17 30.00
CA GLY Y 42 90.44 -182.29 30.98
C GLY Y 42 90.11 -183.36 32.00
N GLN Y 43 88.91 -183.90 31.82
CA GLN Y 43 88.41 -184.97 32.63
C GLN Y 43 88.18 -186.10 31.64
N LYS Y 44 88.57 -185.82 30.41
CA LYS Y 44 88.48 -186.79 29.35
C LYS Y 44 89.59 -187.76 29.62
N SER Y 45 90.73 -187.21 30.02
CA SER Y 45 91.92 -187.99 30.35
C SER Y 45 91.60 -189.13 31.30
N ALA Y 46 91.06 -188.79 32.46
CA ALA Y 46 90.71 -189.80 33.43
C ALA Y 46 89.79 -190.85 32.79
N VAL Y 47 88.70 -190.38 32.20
CA VAL Y 47 87.74 -191.27 31.57
C VAL Y 47 88.32 -192.12 30.46
N THR Y 48 89.17 -191.53 29.62
CA THR Y 48 89.77 -192.28 28.53
C THR Y 48 90.65 -193.40 29.10
N GLU Y 49 91.54 -193.03 29.99
CA GLU Y 49 92.42 -194.01 30.58
C GLU Y 49 91.59 -195.12 31.23
N TYR Y 50 90.65 -194.74 32.10
CA TYR Y 50 89.85 -195.77 32.74
C TYR Y 50 89.26 -196.76 31.73
N TYR Y 51 88.69 -196.25 30.64
CA TYR Y 51 88.13 -197.12 29.61
C TYR Y 51 89.16 -198.03 28.92
N LEU Y 52 90.24 -197.43 28.41
CA LEU Y 52 91.27 -198.21 27.73
C LEU Y 52 91.95 -199.24 28.65
N ASN Y 53 92.13 -198.89 29.92
CA ASN Y 53 92.77 -199.84 30.83
C ASN Y 53 91.83 -200.96 31.27
N HIS Y 54 90.53 -200.68 31.38
CA HIS Y 54 89.59 -201.72 31.83
C HIS Y 54 88.55 -202.19 30.82
N GLY Y 55 88.28 -201.40 29.80
CA GLY Y 55 87.28 -201.80 28.82
C GLY Y 55 85.87 -201.54 29.30
N LYS Y 56 85.73 -200.80 30.39
CA LYS Y 56 84.43 -200.43 30.95
C LYS Y 56 84.50 -198.94 31.24
N TRP Y 57 83.40 -198.22 31.01
CA TRP Y 57 83.37 -196.77 31.26
C TRP Y 57 83.27 -196.51 32.74
N PRO Y 58 83.98 -195.49 33.25
CA PRO Y 58 83.91 -195.18 34.68
C PRO Y 58 82.48 -194.84 35.11
N GLU Y 59 81.98 -195.55 36.11
CA GLU Y 59 80.62 -195.32 36.59
C GLU Y 59 80.37 -193.95 37.16
N ASN Y 60 81.33 -193.43 37.92
CA ASN Y 60 81.21 -192.11 38.53
C ASN Y 60 82.56 -191.45 38.71
N ASN Y 61 82.56 -190.20 39.17
CA ASN Y 61 83.80 -189.46 39.37
C ASN Y 61 84.92 -190.22 40.08
N THR Y 62 84.57 -190.87 41.18
CA THR Y 62 85.54 -191.62 41.97
C THR Y 62 86.14 -192.73 41.14
N SER Y 63 85.32 -193.42 40.36
CA SER Y 63 85.82 -194.47 39.50
C SER Y 63 86.83 -193.87 38.53
N ALA Y 64 86.47 -192.74 37.94
CA ALA Y 64 87.35 -192.08 36.97
C ALA Y 64 88.59 -191.52 37.64
N GLY Y 65 88.56 -191.46 38.96
CA GLY Y 65 89.69 -190.94 39.70
C GLY Y 65 89.71 -189.43 39.63
N VAL Y 66 88.60 -188.81 40.03
CA VAL Y 66 88.49 -187.36 40.04
C VAL Y 66 87.69 -186.98 41.26
N ALA Y 67 87.77 -185.71 41.65
CA ALA Y 67 87.05 -185.22 42.82
C ALA Y 67 85.79 -186.06 43.01
N SER Y 68 85.88 -187.00 43.94
CA SER Y 68 84.77 -187.91 44.23
C SER Y 68 83.44 -187.19 44.32
N SER Y 69 83.48 -185.87 44.50
CA SER Y 69 82.27 -185.09 44.65
C SER Y 69 82.02 -184.20 43.41
N PRO Y 70 80.90 -184.43 42.70
CA PRO Y 70 80.57 -183.65 41.50
C PRO Y 70 80.74 -182.15 41.76
N THR Y 71 80.21 -181.72 42.90
CA THR Y 71 80.26 -180.32 43.31
C THR Y 71 81.68 -179.82 43.53
N ASP Y 72 82.64 -180.73 43.52
CA ASP Y 72 84.03 -180.31 43.72
C ASP Y 72 84.66 -179.94 42.38
N ILE Y 73 83.92 -180.13 41.29
CA ILE Y 73 84.39 -179.80 39.95
C ILE Y 73 83.55 -178.68 39.38
N LYS Y 74 83.31 -177.67 40.20
CA LYS Y 74 82.51 -176.53 39.81
C LYS Y 74 83.37 -175.35 39.39
N GLY Y 75 82.70 -174.28 38.98
CA GLY Y 75 83.39 -173.08 38.56
C GLY Y 75 82.56 -171.84 38.87
N LYS Y 76 82.81 -170.79 38.12
CA LYS Y 76 82.11 -169.52 38.29
C LYS Y 76 80.68 -169.62 37.76
N TYR Y 77 80.55 -170.24 36.59
CA TYR Y 77 79.25 -170.41 35.97
C TYR Y 77 78.89 -171.88 36.02
N VAL Y 78 79.84 -172.70 36.45
CA VAL Y 78 79.62 -174.13 36.54
C VAL Y 78 79.34 -174.56 37.96
N LYS Y 79 78.18 -175.14 38.17
CA LYS Y 79 77.78 -175.61 39.49
C LYS Y 79 78.38 -176.97 39.77
N GLU Y 80 78.88 -177.64 38.72
CA GLU Y 80 79.50 -178.95 38.85
C GLU Y 80 79.79 -179.68 37.53
N VAL Y 81 80.33 -180.88 37.68
CA VAL Y 81 80.67 -181.74 36.57
C VAL Y 81 80.66 -183.17 37.11
N GLU Y 82 79.74 -183.97 36.59
CA GLU Y 82 79.58 -185.35 37.01
C GLU Y 82 79.89 -186.33 35.89
N VAL Y 83 80.55 -187.41 36.25
CA VAL Y 83 80.89 -188.46 35.31
C VAL Y 83 79.89 -189.56 35.61
N LYS Y 84 79.09 -189.90 34.61
CA LYS Y 84 78.11 -190.94 34.76
C LYS Y 84 78.26 -191.94 33.61
N ASN Y 85 78.97 -193.04 33.91
CA ASN Y 85 79.27 -194.09 32.94
C ASN Y 85 80.05 -193.55 31.75
N GLY Y 86 81.14 -192.85 32.03
CA GLY Y 86 81.98 -192.29 30.98
C GLY Y 86 81.48 -190.98 30.41
N VAL Y 87 80.19 -190.68 30.59
CA VAL Y 87 79.61 -189.44 30.10
C VAL Y 87 79.90 -188.36 31.12
N VAL Y 88 80.46 -187.24 30.69
CA VAL Y 88 80.76 -186.17 31.62
C VAL Y 88 79.84 -185.01 31.31
N THR Y 89 78.99 -184.68 32.28
CA THR Y 89 78.01 -183.59 32.14
C THR Y 89 78.39 -182.39 32.98
N ALA Y 90 78.25 -181.19 32.42
CA ALA Y 90 78.60 -179.98 33.16
C ALA Y 90 77.34 -179.15 33.41
N THR Y 91 77.10 -178.80 34.67
CA THR Y 91 75.93 -178.00 35.01
C THR Y 91 76.28 -176.54 35.23
N MET Y 92 75.42 -175.67 34.70
CA MET Y 92 75.61 -174.24 34.83
C MET Y 92 75.06 -173.77 36.17
N LEU Y 93 75.85 -172.97 36.87
CA LEU Y 93 75.45 -172.46 38.17
C LEU Y 93 74.09 -171.76 38.04
N SER Y 94 73.67 -171.08 39.10
CA SER Y 94 72.41 -170.35 39.08
C SER Y 94 72.69 -168.88 39.27
N SER Y 95 73.89 -168.58 39.77
CA SER Y 95 74.31 -167.20 40.01
C SER Y 95 75.56 -166.84 39.21
N GLY Y 96 75.50 -165.70 38.52
CA GLY Y 96 76.63 -165.24 37.73
C GLY Y 96 76.54 -165.60 36.26
N VAL Y 97 75.40 -166.13 35.82
CA VAL Y 97 75.24 -166.52 34.42
C VAL Y 97 74.15 -165.72 33.67
N ASN Y 98 74.00 -166.02 32.38
CA ASN Y 98 73.03 -165.36 31.53
C ASN Y 98 71.66 -165.23 32.20
N ASN Y 99 70.75 -166.11 31.81
CA ASN Y 99 69.40 -166.09 32.35
C ASN Y 99 68.65 -167.27 31.78
N GLU Y 100 68.97 -167.63 30.54
CA GLU Y 100 68.31 -168.75 29.91
C GLU Y 100 69.27 -169.91 29.78
N ILE Y 101 70.34 -169.90 30.57
CA ILE Y 101 71.30 -170.98 30.54
C ILE Y 101 71.69 -171.53 31.93
N LYS Y 102 71.23 -170.88 32.99
CA LYS Y 102 71.57 -171.34 34.34
C LYS Y 102 70.85 -172.63 34.69
N GLY Y 103 71.53 -173.46 35.48
CA GLY Y 103 70.95 -174.73 35.86
C GLY Y 103 70.87 -175.60 34.62
N LYS Y 104 71.45 -175.12 33.52
CA LYS Y 104 71.41 -175.90 32.29
C LYS Y 104 72.75 -176.58 32.06
N LYS Y 105 72.74 -177.68 31.31
CA LYS Y 105 73.99 -178.39 31.10
C LYS Y 105 74.24 -179.06 29.74
N LEU Y 106 75.47 -179.52 29.56
CA LEU Y 106 75.91 -180.21 28.36
C LEU Y 106 76.65 -181.50 28.74
N SER Y 107 77.01 -182.31 27.74
CA SER Y 107 77.72 -183.55 28.01
C SER Y 107 78.81 -183.84 27.01
N LEU Y 108 79.78 -184.61 27.47
CA LEU Y 108 80.90 -185.03 26.67
C LEU Y 108 80.85 -186.53 26.86
N TRP Y 109 80.91 -187.28 25.77
CA TRP Y 109 80.87 -188.72 25.88
C TRP Y 109 81.78 -189.23 24.82
N ALA Y 110 82.20 -190.46 24.95
CA ALA Y 110 83.11 -191.00 23.96
C ALA Y 110 82.60 -192.28 23.36
N ARG Y 111 83.36 -192.79 22.40
CA ARG Y 111 82.98 -194.01 21.72
C ARG Y 111 84.21 -194.84 21.47
N ARG Y 112 84.07 -196.14 21.65
CA ARG Y 112 85.16 -197.07 21.43
C ARG Y 112 85.58 -197.02 19.96
N GLU Y 113 86.85 -196.74 19.71
CA GLU Y 113 87.33 -196.74 18.34
C GLU Y 113 88.00 -198.08 18.12
N ASN Y 114 88.25 -198.77 19.24
CA ASN Y 114 88.93 -200.06 19.25
C ASN Y 114 90.42 -199.76 19.30
N GLY Y 115 90.95 -199.69 20.51
CA GLY Y 115 92.36 -199.39 20.68
C GLY Y 115 92.50 -197.93 21.11
N SER Y 116 91.42 -197.18 20.94
CA SER Y 116 91.35 -195.77 21.32
C SER Y 116 89.88 -195.37 21.29
N VAL Y 117 89.59 -194.13 21.68
CA VAL Y 117 88.23 -193.64 21.66
C VAL Y 117 88.17 -192.25 21.04
N LYS Y 118 86.99 -191.83 20.61
CA LYS Y 118 86.80 -190.51 20.06
C LYS Y 118 85.75 -189.78 20.92
N TRP Y 119 86.00 -188.51 21.20
CA TRP Y 119 85.08 -187.74 22.03
C TRP Y 119 84.10 -186.83 21.29
N PHE Y 120 82.93 -186.67 21.89
CA PHE Y 120 81.88 -185.84 21.32
C PHE Y 120 81.53 -184.81 22.36
N CYS Y 121 80.90 -183.72 21.91
CA CYS Y 121 80.51 -182.64 22.80
C CYS Y 121 79.17 -182.11 22.32
N GLY Y 122 78.20 -182.02 23.21
CA GLY Y 122 76.90 -181.52 22.81
C GLY Y 122 75.91 -181.40 23.95
N GLN Y 123 74.63 -181.51 23.63
CA GLN Y 123 73.57 -181.40 24.63
C GLN Y 123 73.48 -182.69 25.42
N PRO Y 124 73.22 -182.58 26.73
CA PRO Y 124 73.10 -183.71 27.67
C PRO Y 124 72.69 -185.03 27.06
N VAL Y 125 73.39 -186.09 27.46
CA VAL Y 125 73.09 -187.42 26.97
C VAL Y 125 73.24 -188.45 28.08
N THR Y 126 72.60 -189.60 27.93
CA THR Y 126 72.68 -190.66 28.93
C THR Y 126 73.33 -191.84 28.27
N ARG Y 127 74.09 -192.65 29.00
CA ARG Y 127 74.67 -193.82 28.35
C ARG Y 127 73.73 -195.02 28.50
N THR Y 128 73.51 -195.71 27.39
CA THR Y 128 72.66 -196.87 27.37
C THR Y 128 73.54 -198.08 27.54
N ASP Y 129 74.35 -198.38 26.53
CA ASP Y 129 75.28 -199.49 26.60
C ASP Y 129 76.70 -198.94 26.39
N ASP Y 130 77.71 -199.79 26.48
CA ASP Y 130 79.09 -199.33 26.36
C ASP Y 130 79.43 -198.59 25.08
N ASP Y 131 78.54 -198.64 24.11
CA ASP Y 131 78.81 -197.95 22.86
C ASP Y 131 77.57 -197.22 22.34
N THR Y 132 76.73 -196.77 23.25
CA THR Y 132 75.52 -196.08 22.87
C THR Y 132 74.98 -195.21 23.98
N VAL Y 133 74.66 -193.97 23.64
CA VAL Y 133 74.09 -193.00 24.57
C VAL Y 133 72.83 -192.44 23.92
N ALA Y 134 72.07 -191.63 24.65
CA ALA Y 134 70.84 -191.05 24.09
C ALA Y 134 70.52 -189.74 24.77
N ASP Y 135 69.76 -188.92 24.07
CA ASP Y 135 69.38 -187.61 24.57
C ASP Y 135 68.81 -187.71 25.97
N ALA Y 136 69.37 -186.94 26.88
CA ALA Y 136 68.86 -186.90 28.23
C ALA Y 136 67.75 -185.88 28.13
N LYS Y 137 66.81 -186.11 27.21
CA LYS Y 137 65.68 -185.21 26.99
C LYS Y 137 64.95 -184.95 28.32
N ASP Y 138 64.93 -183.71 28.75
CA ASP Y 138 64.27 -183.38 30.01
C ASP Y 138 63.95 -181.91 30.15
N GLY Y 139 64.58 -181.08 29.32
CA GLY Y 139 64.33 -179.64 29.36
C GLY Y 139 65.39 -178.74 29.95
N LYS Y 140 66.48 -179.30 30.47
CA LYS Y 140 67.54 -178.49 31.07
C LYS Y 140 68.80 -178.40 30.19
N GLU Y 141 68.68 -178.76 28.92
CA GLU Y 141 69.83 -178.70 28.03
C GLU Y 141 70.14 -177.27 27.61
N ILE Y 142 71.43 -176.94 27.54
CA ILE Y 142 71.82 -175.62 27.10
C ILE Y 142 71.41 -175.52 25.63
N ASP Y 143 70.69 -174.45 25.31
CA ASP Y 143 70.18 -174.17 23.99
C ASP Y 143 71.22 -174.13 22.90
N THR Y 144 70.95 -174.77 21.78
CA THR Y 144 71.90 -174.79 20.67
C THR Y 144 72.58 -173.45 20.39
N LYS Y 145 71.85 -172.36 20.49
CA LYS Y 145 72.44 -171.07 20.20
C LYS Y 145 73.63 -170.71 21.09
N HIS Y 146 73.69 -171.30 22.28
CA HIS Y 146 74.77 -171.00 23.20
C HIS Y 146 75.96 -171.94 23.09
N LEU Y 147 75.84 -172.95 22.23
CA LEU Y 147 76.91 -173.91 22.08
C LEU Y 147 77.84 -173.64 20.90
N PRO Y 148 79.14 -173.76 21.13
CA PRO Y 148 80.17 -173.55 20.10
C PRO Y 148 79.85 -174.40 18.88
N SER Y 149 80.56 -174.13 17.80
CA SER Y 149 80.39 -174.90 16.57
C SER Y 149 81.02 -176.28 16.80
N THR Y 150 81.96 -176.34 17.73
CA THR Y 150 82.66 -177.58 18.04
C THR Y 150 81.90 -178.42 19.05
N CYS Y 151 80.73 -177.98 19.48
CA CYS Y 151 79.97 -178.77 20.44
C CYS Y 151 78.52 -178.88 20.04
N ARG Y 152 78.32 -179.24 18.78
CA ARG Y 152 76.98 -179.40 18.22
C ARG Y 152 76.70 -180.88 17.97
N ASP Y 153 77.42 -181.79 18.63
CA ASP Y 153 77.23 -183.22 18.40
C ASP Y 153 75.90 -183.83 18.89
N ASN Y 154 75.34 -184.70 18.05
CA ASN Y 154 74.09 -185.42 18.35
C ASN Y 154 74.37 -186.77 19.02
N PHE Y 155 73.39 -187.25 19.77
CA PHE Y 155 73.53 -188.50 20.49
C PHE Y 155 74.09 -189.63 19.61
N ASP Y 156 73.76 -189.62 18.32
CA ASP Y 156 74.25 -190.69 17.45
C ASP Y 156 75.44 -190.34 16.55
N ALA Y 157 76.17 -189.29 16.91
CA ALA Y 157 77.32 -188.90 16.12
C ALA Y 157 78.33 -190.04 16.17
N LYS Y 158 79.00 -190.30 15.05
CA LYS Y 158 80.00 -191.36 15.04
C LYS Y 158 81.31 -190.77 14.55
N MEA Z 1 69.48 -133.44 14.12
CA MEA Z 1 69.49 -132.60 15.35
C MEA Z 1 70.23 -133.26 16.52
O MEA Z 1 70.78 -132.55 17.37
N THR Z 2 70.24 -134.59 16.56
CA THR Z 2 70.73 -135.32 17.74
C THR Z 2 71.46 -136.65 17.50
N LEU Z 3 70.67 -137.68 17.19
CA LEU Z 3 71.04 -139.09 17.43
C LEU Z 3 72.14 -139.64 16.50
N ILE Z 4 73.39 -139.45 16.88
CA ILE Z 4 74.51 -139.97 16.09
C ILE Z 4 75.41 -140.93 16.89
N GLU Z 5 75.24 -140.94 18.20
CA GLU Z 5 76.02 -141.82 19.08
C GLU Z 5 75.61 -143.28 18.91
N LEU Z 6 74.31 -143.51 18.70
CA LEU Z 6 73.79 -144.85 18.44
C LEU Z 6 74.14 -145.32 17.04
N MET Z 7 74.12 -144.39 16.09
CA MET Z 7 74.37 -144.67 14.68
C MET Z 7 75.83 -144.96 14.37
N ILE Z 8 76.74 -144.22 15.00
CA ILE Z 8 78.18 -144.43 14.79
C ILE Z 8 78.68 -145.67 15.53
N VAL Z 9 78.22 -145.86 16.77
CA VAL Z 9 78.66 -147.00 17.59
C VAL Z 9 78.10 -148.36 17.08
N ILE Z 10 76.98 -148.34 16.37
CA ILE Z 10 76.50 -149.55 15.70
C ILE Z 10 77.31 -149.80 14.41
N ALA Z 11 77.88 -148.73 13.87
CA ALA Z 11 78.66 -148.80 12.63
C ALA Z 11 80.16 -148.94 12.86
N ILE Z 12 80.60 -148.77 14.12
CA ILE Z 12 81.99 -149.06 14.48
C ILE Z 12 82.15 -150.52 14.89
N VAL Z 13 81.09 -151.11 15.45
CA VAL Z 13 81.08 -152.53 15.79
C VAL Z 13 80.93 -153.37 14.52
N GLY Z 14 80.21 -152.81 13.54
CA GLY Z 14 80.07 -153.43 12.24
C GLY Z 14 81.39 -153.49 11.48
N ILE Z 15 82.13 -152.38 11.49
CA ILE Z 15 83.46 -152.34 10.86
C ILE Z 15 84.53 -153.04 11.71
N LEU Z 16 84.28 -153.14 13.01
CA LEU Z 16 85.17 -153.87 13.92
C LEU Z 16 85.12 -155.37 13.62
N ALA Z 17 83.94 -155.86 13.27
CA ALA Z 17 83.75 -157.25 12.87
C ALA Z 17 84.43 -157.55 11.54
N ALA Z 18 84.41 -156.55 10.64
CA ALA Z 18 85.06 -156.66 9.33
C ALA Z 18 86.58 -156.68 9.44
N VAL Z 19 87.11 -155.98 10.43
CA VAL Z 19 88.55 -155.98 10.72
C VAL Z 19 88.94 -157.24 11.49
N ALA Z 20 88.04 -157.70 12.36
CA ALA Z 20 88.26 -158.93 13.13
C ALA Z 20 87.94 -160.19 12.31
N LEU Z 21 87.43 -159.99 11.10
CA LEU Z 21 87.04 -161.10 10.22
C LEU Z 21 88.24 -161.88 9.66
N PRO Z 22 89.23 -161.22 9.04
CA PRO Z 22 90.39 -161.94 8.49
C PRO Z 22 91.33 -162.49 9.56
N ALA Z 23 91.36 -161.88 10.75
CA ALA Z 23 92.19 -162.34 11.85
C ALA Z 23 91.68 -163.67 12.40
N TYR Z 24 90.36 -163.76 12.59
CA TYR Z 24 89.72 -164.99 13.07
C TYR Z 24 89.66 -166.04 11.96
N GLN Z 25 89.55 -165.58 10.71
CA GLN Z 25 89.62 -166.46 9.54
C GLN Z 25 91.04 -166.97 9.29
N ASP Z 26 92.04 -166.21 9.74
CA ASP Z 26 93.45 -167.22 9.43
C ASP Z 26 93.81 -167.90 10.73
N TYR Z 27 93.46 -167.27 11.85
CA TYR Z 27 93.74 -167.87 13.14
C TYR Z 27 92.97 -169.18 13.10
N THR Z 28 91.77 -169.09 12.55
CA THR Z 28 90.89 -170.24 12.44
C THR Z 28 91.46 -171.34 11.56
N ALA Z 29 91.84 -171.00 10.33
CA ALA Z 29 92.40 -171.98 9.41
C ALA Z 29 93.68 -172.59 9.96
N ARG Z 30 94.52 -171.72 10.50
CA ARG Z 30 95.79 -172.11 11.08
C ARG Z 30 95.53 -173.07 12.21
N ALA Z 31 94.34 -173.03 12.76
CA ALA Z 31 93.95 -173.92 13.87
C ALA Z 31 93.50 -175.28 13.35
N GLN Z 32 92.80 -175.25 12.21
CA GLN Z 32 92.28 -176.45 11.56
C GLN Z 32 93.40 -177.26 10.91
N VAL Z 33 94.53 -176.60 10.64
CA VAL Z 33 95.66 -177.26 10.03
C VAL Z 33 96.49 -177.89 11.13
N SER Z 34 96.55 -177.22 12.27
CA SER Z 34 97.34 -177.72 13.39
C SER Z 34 96.85 -179.08 13.84
N GLU Z 35 95.64 -179.45 13.41
CA GLU Z 35 95.08 -180.73 13.77
C GLU Z 35 95.38 -181.76 12.73
N ALA Z 36 95.36 -181.35 11.47
CA ALA Z 36 95.69 -182.27 10.40
C ALA Z 36 97.07 -182.79 10.76
N ILE Z 37 97.85 -181.92 11.39
CA ILE Z 37 99.20 -182.28 11.79
C ILE Z 37 99.20 -183.26 12.96
N LEU Z 38 98.25 -183.11 13.87
CA LEU Z 38 98.21 -184.01 15.02
C LEU Z 38 97.69 -185.37 14.60
N LEU Z 39 96.83 -185.36 13.60
CA LEU Z 39 96.26 -186.61 13.10
C LEU Z 39 97.31 -187.34 12.27
N ALA Z 40 98.19 -186.57 11.65
CA ALA Z 40 99.24 -187.15 10.84
C ALA Z 40 100.25 -187.80 11.77
N GLU Z 41 100.60 -187.11 12.84
CA GLU Z 41 101.54 -187.63 13.80
C GLU Z 41 100.86 -188.77 14.57
N GLY Z 42 101.58 -189.39 15.50
CA GLY Z 42 100.98 -190.48 16.28
C GLY Z 42 100.82 -191.71 15.40
N GLN Z 43 101.19 -191.51 14.15
CA GLN Z 43 101.16 -192.56 13.16
C GLN Z 43 102.60 -192.67 12.71
N LYS Z 44 103.44 -191.89 13.38
CA LYS Z 44 104.85 -191.89 13.13
C LYS Z 44 105.34 -193.17 13.76
N SER Z 45 104.79 -193.47 14.94
CA SER Z 45 105.13 -194.67 15.69
C SER Z 45 105.05 -195.91 14.82
N ALA Z 46 103.89 -196.16 14.25
CA ALA Z 46 103.73 -197.32 13.39
C ALA Z 46 104.79 -197.31 12.30
N VAL Z 47 104.85 -196.21 11.56
CA VAL Z 47 105.80 -196.08 10.47
C VAL Z 47 107.26 -196.24 10.89
N THR Z 48 107.63 -195.65 12.02
CA THR Z 48 109.00 -195.76 12.49
C THR Z 48 109.33 -197.22 12.80
N GLU Z 49 108.47 -197.84 13.59
CA GLU Z 49 108.71 -199.22 13.95
C GLU Z 49 108.80 -200.07 12.68
N TYR Z 50 107.81 -199.95 11.80
CA TYR Z 50 107.87 -200.76 10.58
C TYR Z 50 109.21 -200.62 9.87
N TYR Z 51 109.69 -199.39 9.72
CA TYR Z 51 110.97 -199.17 9.06
C TYR Z 51 112.18 -199.78 9.79
N LEU Z 52 112.31 -199.48 11.09
CA LEU Z 52 113.42 -200.02 11.87
C LEU Z 52 113.40 -201.54 11.97
N ASN Z 53 112.21 -202.14 12.06
CA ASN Z 53 112.14 -203.59 12.13
C ASN Z 53 112.41 -204.27 10.80
N HIS Z 54 112.02 -203.66 9.69
CA HIS Z 54 112.23 -204.27 8.39
C HIS Z 54 113.19 -203.60 7.43
N GLY Z 55 113.49 -202.33 7.63
CA GLY Z 55 114.40 -201.64 6.75
C GLY Z 55 113.74 -201.21 5.45
N LYS Z 56 112.42 -201.29 5.41
CA LYS Z 56 111.63 -200.86 4.25
C LYS Z 56 110.48 -200.01 4.79
N TRP Z 57 110.11 -198.94 4.09
CA TRP Z 57 109.02 -198.07 4.54
C TRP Z 57 107.69 -198.74 4.28
N PRO Z 58 106.73 -198.59 5.21
CA PRO Z 58 105.41 -199.21 5.03
C PRO Z 58 104.73 -198.68 3.76
N GLU Z 59 104.34 -199.59 2.88
CA GLU Z 59 103.70 -199.19 1.62
C GLU Z 59 102.37 -198.47 1.79
N ASN Z 60 101.56 -198.93 2.74
CA ASN Z 60 100.26 -198.33 2.97
C ASN Z 60 99.84 -198.49 4.43
N ASN Z 61 98.71 -197.90 4.80
CA ASN Z 61 98.21 -197.96 6.17
C ASN Z 61 98.23 -199.36 6.80
N THR Z 62 97.74 -200.34 6.05
CA THR Z 62 97.68 -201.71 6.54
C THR Z 62 99.07 -202.23 6.84
N SER Z 63 100.02 -201.93 5.97
CA SER Z 63 101.39 -202.35 6.21
C SER Z 63 101.88 -201.73 7.51
N ALA Z 64 101.60 -200.44 7.69
CA ALA Z 64 102.04 -199.74 8.89
C ALA Z 64 101.28 -200.23 10.12
N GLY Z 65 100.22 -200.96 9.89
CA GLY Z 65 99.43 -201.48 10.99
C GLY Z 65 98.56 -200.39 11.55
N VAL Z 66 97.76 -199.77 10.69
CA VAL Z 66 96.85 -198.71 11.11
C VAL Z 66 95.58 -198.87 10.30
N ALA Z 67 94.50 -198.24 10.77
CA ALA Z 67 93.22 -198.32 10.08
C ALA Z 67 93.46 -198.54 8.60
N SER Z 68 93.33 -199.79 8.17
CA SER Z 68 93.55 -200.17 6.79
C SER Z 68 92.91 -199.21 5.81
N SER Z 69 91.96 -198.41 6.28
CA SER Z 69 91.25 -197.48 5.43
C SER Z 69 91.66 -196.03 5.72
N PRO Z 70 92.24 -195.32 4.74
CA PRO Z 70 92.65 -193.92 4.93
C PRO Z 70 91.56 -193.09 5.57
N THR Z 71 90.35 -193.28 5.05
CA THR Z 71 89.17 -192.56 5.53
C THR Z 71 88.82 -192.89 6.97
N ASP Z 72 89.48 -193.89 7.54
CA ASP Z 72 89.20 -194.25 8.91
C ASP Z 72 90.09 -193.44 9.86
N ILE Z 73 90.98 -192.63 9.30
CA ILE Z 73 91.87 -191.78 10.09
C ILE Z 73 91.54 -190.31 9.80
N LYS Z 74 90.25 -190.02 9.80
CA LYS Z 74 89.78 -188.66 9.55
C LYS Z 74 89.46 -187.92 10.83
N GLY Z 75 89.07 -186.67 10.67
CA GLY Z 75 88.72 -185.85 11.80
C GLY Z 75 87.64 -184.85 11.43
N LYS Z 76 87.59 -183.75 12.16
CA LYS Z 76 86.62 -182.69 11.96
C LYS Z 76 86.96 -181.90 10.70
N TYR Z 77 88.24 -181.58 10.56
CA TYR Z 77 88.71 -180.83 9.41
C TYR Z 77 89.54 -181.75 8.53
N VAL Z 78 89.79 -182.95 9.04
CA VAL Z 78 90.58 -183.91 8.31
C VAL Z 78 89.71 -184.96 7.67
N LYS Z 79 89.80 -185.04 6.35
CA LYS Z 79 89.01 -186.00 5.60
C LYS Z 79 89.69 -187.36 5.60
N GLU Z 80 90.97 -187.40 6.00
CA GLU Z 80 91.74 -188.63 6.07
C GLU Z 80 93.23 -188.46 6.31
N VAL Z 81 93.92 -189.60 6.34
CA VAL Z 81 95.36 -189.68 6.54
C VAL Z 81 95.81 -190.99 5.93
N GLU Z 82 96.62 -190.89 4.89
CA GLU Z 82 97.12 -192.05 4.17
C GLU Z 82 98.64 -192.18 4.30
N VAL Z 83 99.09 -193.42 4.45
CA VAL Z 83 100.49 -193.73 4.55
C VAL Z 83 100.85 -194.28 3.19
N LYS Z 84 101.77 -193.61 2.51
CA LYS Z 84 102.20 -194.05 1.20
C LYS Z 84 103.72 -194.13 1.19
N ASN Z 85 104.23 -195.34 1.39
CA ASN Z 85 105.66 -195.61 1.45
C ASN Z 85 106.35 -194.82 2.57
N GLY Z 86 105.79 -194.92 3.76
CA GLY Z 86 106.35 -194.23 4.91
C GLY Z 86 105.94 -192.77 5.04
N VAL Z 87 105.49 -192.17 3.92
CA VAL Z 87 105.05 -190.78 3.92
C VAL Z 87 103.61 -190.76 4.39
N VAL Z 88 103.32 -189.93 5.38
CA VAL Z 88 101.97 -189.84 5.89
C VAL Z 88 101.39 -188.49 5.51
N THR Z 89 100.35 -188.51 4.69
CA THR Z 89 99.70 -187.29 4.20
C THR Z 89 98.34 -187.10 4.85
N ALA Z 90 98.02 -185.86 5.23
CA ALA Z 90 96.73 -185.60 5.85
C ALA Z 90 95.91 -184.68 4.96
N THR Z 91 94.69 -185.10 4.64
CA THR Z 91 93.80 -184.29 3.80
C THR Z 91 92.78 -183.53 4.61
N MET Z 92 92.57 -182.27 4.23
CA MET Z 92 91.61 -181.41 4.89
C MET Z 92 90.23 -181.68 4.33
N LEU Z 93 89.25 -181.85 5.20
CA LEU Z 93 87.87 -182.11 4.81
C LEU Z 93 87.43 -181.02 3.84
N SER Z 94 86.13 -181.01 3.51
CA SER Z 94 85.59 -180.00 2.61
C SER Z 94 84.55 -179.19 3.38
N SER Z 95 84.09 -179.75 4.49
CA SER Z 95 83.09 -179.09 5.33
C SER Z 95 83.62 -178.83 6.74
N GLY Z 96 83.45 -177.61 7.21
CA GLY Z 96 83.90 -177.25 8.55
C GLY Z 96 85.26 -176.58 8.61
N VAL Z 97 85.81 -176.25 7.44
CA VAL Z 97 87.13 -175.62 7.39
C VAL Z 97 87.14 -174.19 6.81
N ASN Z 98 88.30 -173.58 6.77
CA ASN Z 98 88.47 -172.21 6.27
C ASN Z 98 87.74 -172.01 4.95
N ASN Z 99 88.49 -172.03 3.86
CA ASN Z 99 87.92 -171.82 2.53
C ASN Z 99 89.04 -172.02 1.51
N GLU Z 100 90.26 -171.66 1.91
CA GLU Z 100 91.37 -171.81 1.00
C GLU Z 100 92.29 -172.92 1.49
N ILE Z 101 91.75 -173.80 2.33
CA ILE Z 101 92.54 -174.91 2.84
C ILE Z 101 91.83 -176.27 2.76
N LYS Z 102 90.55 -176.27 2.39
CA LYS Z 102 89.82 -177.54 2.31
C LYS Z 102 90.27 -178.37 1.12
N GLY Z 103 90.23 -179.68 1.30
CA GLY Z 103 90.67 -180.59 0.26
C GLY Z 103 92.16 -180.42 0.09
N LYS Z 104 92.78 -179.65 0.97
CA LYS Z 104 94.22 -179.44 0.87
C LYS Z 104 94.94 -180.29 1.89
N LYS Z 105 96.20 -180.61 1.63
CA LYS Z 105 96.93 -181.47 2.55
C LYS Z 105 98.43 -181.22 2.76
N LEU Z 106 98.97 -181.90 3.77
CA LEU Z 106 100.38 -181.84 4.12
C LEU Z 106 100.94 -183.25 4.28
N SER Z 107 102.26 -183.37 4.49
CA SER Z 107 102.88 -184.67 4.65
C SER Z 107 103.95 -184.69 5.71
N LEU Z 108 104.16 -185.89 6.25
CA LEU Z 108 105.14 -186.14 7.27
C LEU Z 108 105.90 -187.28 6.65
N TRP Z 109 107.23 -187.17 6.62
CA TRP Z 109 108.02 -188.23 6.06
C TRP Z 109 109.26 -188.31 6.89
N ALA Z 110 109.96 -189.42 6.82
CA ALA Z 110 111.14 -189.56 7.63
C ALA Z 110 112.35 -189.89 6.80
N ARG Z 111 113.49 -189.96 7.47
CA ARG Z 111 114.74 -190.26 6.81
C ARG Z 111 115.57 -191.17 7.68
N ARG Z 112 116.21 -192.13 7.05
CA ARG Z 112 117.07 -193.07 7.77
C ARG Z 112 118.22 -192.32 8.42
N GLU Z 113 118.36 -192.46 9.72
CA GLU Z 113 119.48 -191.83 10.39
C GLU Z 113 120.54 -192.90 10.57
N ASN Z 114 120.12 -194.15 10.37
CA ASN Z 114 120.96 -195.32 10.51
C ASN Z 114 120.89 -195.71 11.98
N GLY Z 115 119.95 -196.60 12.29
CA GLY Z 115 119.76 -197.02 13.67
C GLY Z 115 118.54 -196.32 14.24
N SER Z 116 118.11 -195.28 13.54
CA SER Z 116 116.94 -194.49 13.92
C SER Z 116 116.57 -193.62 12.72
N VAL Z 117 115.48 -192.87 12.84
CA VAL Z 117 115.06 -191.99 11.76
C VAL Z 117 114.68 -190.62 12.32
N LYS Z 118 114.65 -189.62 11.45
CA LYS Z 118 114.24 -188.28 11.84
C LYS Z 118 113.03 -187.88 11.01
N TRP Z 119 112.04 -187.26 11.63
CA TRP Z 119 110.83 -186.86 10.93
C TRP Z 119 110.76 -185.40 10.48
N PHE Z 120 110.08 -185.20 9.36
CA PHE Z 120 109.91 -183.87 8.80
C PHE Z 120 108.43 -183.63 8.65
N CYS Z 121 108.05 -182.36 8.56
CA CYS Z 121 106.64 -181.99 8.43
C CYS Z 121 106.58 -180.81 7.47
N GLY Z 122 105.72 -180.91 6.46
CA GLY Z 122 105.62 -179.81 5.51
C GLY Z 122 104.55 -180.02 4.46
N GLN Z 123 104.74 -179.42 3.29
CA GLN Z 123 103.79 -179.54 2.20
C GLN Z 123 103.97 -180.88 1.52
N PRO Z 124 102.86 -181.49 1.08
CA PRO Z 124 102.80 -182.80 0.42
C PRO Z 124 104.05 -183.20 -0.32
N VAL Z 125 104.45 -184.45 -0.14
CA VAL Z 125 105.63 -184.97 -0.81
C VAL Z 125 105.41 -186.42 -1.22
N THR Z 126 106.18 -186.89 -2.20
CA THR Z 126 106.05 -188.27 -2.68
C THR Z 126 107.37 -188.95 -2.40
N ARG Z 127 107.38 -190.25 -2.12
CA ARG Z 127 108.65 -190.90 -1.90
C ARG Z 127 109.19 -191.46 -3.21
N THR Z 128 110.46 -191.20 -3.46
CA THR Z 128 111.10 -191.67 -4.67
C THR Z 128 111.81 -192.97 -4.32
N ASP Z 129 112.85 -192.88 -3.50
CA ASP Z 129 113.56 -194.06 -3.06
C ASP Z 129 113.54 -194.10 -1.52
N ASP Z 130 114.09 -195.14 -0.91
CA ASP Z 130 114.02 -195.27 0.53
C ASP Z 130 114.59 -194.11 1.33
N ASP Z 131 115.30 -193.22 0.66
CA ASP Z 131 115.88 -192.11 1.36
C ASP Z 131 115.72 -190.81 0.59
N THR Z 132 114.65 -190.71 -0.19
CA THR Z 132 114.41 -189.52 -0.98
C THR Z 132 112.94 -189.37 -1.36
N VAL Z 133 112.42 -188.17 -1.15
CA VAL Z 133 111.04 -187.83 -1.48
C VAL Z 133 111.09 -186.56 -2.32
N ALA Z 134 109.95 -186.14 -2.86
CA ALA Z 134 109.91 -184.93 -3.68
C ALA Z 134 108.55 -184.29 -3.62
N ASP Z 135 108.51 -183.00 -3.91
CA ASP Z 135 107.28 -182.25 -3.87
C ASP Z 135 106.19 -182.92 -4.68
N ALA Z 136 105.06 -183.15 -4.03
CA ALA Z 136 103.93 -183.74 -4.72
C ALA Z 136 103.27 -182.53 -5.35
N LYS Z 137 104.04 -181.78 -6.14
CA LYS Z 137 103.54 -180.57 -6.82
C LYS Z 137 102.30 -180.92 -7.63
N ASP Z 138 101.18 -180.30 -7.27
CA ASP Z 138 99.94 -180.57 -7.97
C ASP Z 138 98.88 -179.49 -7.76
N GLY Z 139 99.08 -178.66 -6.74
CA GLY Z 139 98.14 -177.58 -6.47
C GLY Z 139 97.22 -177.71 -5.25
N LYS Z 140 97.26 -178.83 -4.56
CA LYS Z 140 96.40 -179.03 -3.41
C LYS Z 140 97.15 -178.94 -2.06
N GLU Z 141 98.35 -178.38 -2.08
CA GLU Z 141 99.13 -178.23 -0.86
C GLU Z 141 98.61 -177.11 0.02
N ILE Z 142 98.58 -177.33 1.32
CA ILE Z 142 98.14 -176.29 2.24
C ILE Z 142 99.19 -175.18 2.14
N ASP Z 143 98.71 -173.97 1.92
CA ASP Z 143 99.52 -172.77 1.78
C ASP Z 143 100.44 -172.50 2.94
N THR Z 144 101.69 -172.16 2.64
CA THR Z 144 102.66 -171.89 3.70
C THR Z 144 102.12 -171.05 4.86
N LYS Z 145 101.30 -170.06 4.56
CA LYS Z 145 100.79 -169.21 5.63
C LYS Z 145 99.99 -169.94 6.69
N HIS Z 146 99.42 -171.09 6.32
CA HIS Z 146 98.62 -171.86 7.27
C HIS Z 146 99.40 -172.91 8.04
N LEU Z 147 100.68 -173.05 7.72
CA LEU Z 147 101.49 -174.05 8.38
C LEU Z 147 102.33 -173.51 9.53
N PRO Z 148 102.35 -174.23 10.65
CA PRO Z 148 103.12 -173.87 11.84
C PRO Z 148 104.57 -173.60 11.45
N SER Z 149 105.33 -173.05 12.38
CA SER Z 149 106.74 -172.78 12.16
C SER Z 149 107.48 -174.13 12.21
N THR Z 150 106.87 -175.09 12.89
CA THR Z 150 107.46 -176.41 13.02
C THR Z 150 107.13 -177.31 11.85
N CYS Z 151 106.40 -176.80 10.86
CA CYS Z 151 106.06 -177.65 9.73
C CYS Z 151 106.31 -176.91 8.43
N ARG Z 152 107.50 -176.34 8.32
CA ARG Z 152 107.91 -175.61 7.13
C ARG Z 152 108.98 -176.39 6.39
N ASP Z 153 109.09 -177.69 6.62
CA ASP Z 153 110.14 -178.49 5.97
C ASP Z 153 110.01 -178.69 4.44
N ASN Z 154 111.14 -178.58 3.75
CA ASN Z 154 111.24 -178.79 2.30
C ASN Z 154 111.57 -180.25 1.97
N PHE Z 155 111.18 -180.66 0.77
CA PHE Z 155 111.40 -182.02 0.32
C PHE Z 155 112.85 -182.50 0.58
N ASP Z 156 113.81 -181.60 0.51
CA ASP Z 156 115.21 -182.01 0.71
C ASP Z 156 115.80 -181.68 2.08
N ALA Z 157 114.95 -181.44 3.07
CA ALA Z 157 115.43 -181.14 4.41
C ALA Z 157 116.20 -182.35 4.92
N LYS Z 158 117.30 -182.13 5.63
CA LYS Z 158 118.04 -183.25 6.16
C LYS Z 158 118.19 -183.04 7.66
N MEA AA 1 82.08 -138.04 17.44
CA MEA AA 1 80.59 -138.18 17.54
C MEA AA 1 80.14 -139.63 17.77
O MEA AA 1 79.11 -139.85 18.40
N THR AA 2 80.95 -140.59 17.30
CA THR AA 2 80.52 -142.01 17.29
C THR AA 2 81.60 -143.07 17.52
N LEU AA 3 82.40 -143.31 16.48
CA LEU AA 3 83.11 -144.57 16.28
C LEU AA 3 84.29 -144.83 17.24
N ILE AA 4 83.99 -145.40 18.41
CA ILE AA 4 85.04 -145.73 19.37
C ILE AA 4 85.09 -147.22 19.71
N GLU AA 5 84.05 -147.96 19.33
CA GLU AA 5 83.97 -149.40 19.57
C GLU AA 5 84.97 -150.16 18.71
N LEU AA 6 85.16 -149.71 17.48
CA LEU AA 6 86.14 -150.29 16.56
C LEU AA 6 87.56 -149.91 16.95
N MET AA 7 87.72 -148.67 17.43
CA MET AA 7 89.03 -148.13 17.79
C MET AA 7 89.58 -148.71 19.09
N ILE AA 8 88.71 -148.92 20.09
CA ILE AA 8 89.14 -149.49 21.36
C ILE AA 8 89.38 -151.00 21.25
N VAL AA 9 88.49 -151.70 20.55
CA VAL AA 9 88.59 -153.16 20.40
C VAL AA 9 89.77 -153.59 19.50
N ILE AA 10 90.20 -152.72 18.59
CA ILE AA 10 91.43 -152.98 17.83
C ILE AA 10 92.67 -152.69 18.70
N ALA AA 11 92.49 -151.83 19.70
CA ALA AA 11 93.58 -151.44 20.60
C ALA AA 11 93.62 -152.27 21.89
N ILE AA 12 92.58 -153.06 22.14
CA ILE AA 12 92.61 -154.02 23.25
C ILE AA 12 93.20 -155.36 22.81
N VAL AA 13 93.02 -155.70 21.53
CA VAL AA 13 93.62 -156.90 20.94
C VAL AA 13 95.13 -156.66 20.72
N GLY AA 14 95.48 -155.41 20.43
CA GLY AA 14 96.87 -155.00 20.31
C GLY AA 14 97.62 -155.10 21.63
N ILE AA 15 97.00 -154.62 22.70
CA ILE AA 15 97.59 -154.72 24.05
C ILE AA 15 97.47 -156.13 24.63
N LEU AA 16 96.49 -156.89 24.14
CA LEU AA 16 96.30 -158.29 24.54
C LEU AA 16 97.46 -159.14 24.02
N ALA AA 17 97.93 -158.82 22.81
CA ALA AA 17 99.08 -159.48 22.21
C ALA AA 17 100.37 -159.15 22.95
N ALA AA 18 100.45 -157.91 23.45
CA ALA AA 18 101.61 -157.45 24.22
C ALA AA 18 101.67 -158.11 25.59
N VAL AA 19 100.52 -158.43 26.17
CA VAL AA 19 100.44 -159.15 27.44
C VAL AA 19 100.65 -160.65 27.21
N ALA AA 20 100.16 -161.15 26.07
CA ALA AA 20 100.34 -162.55 25.69
C ALA AA 20 101.72 -162.82 25.10
N LEU AA 21 102.51 -161.76 24.91
CA LEU AA 21 103.83 -161.85 24.31
C LEU AA 21 104.88 -162.54 25.21
N PRO AA 22 105.04 -162.08 26.46
CA PRO AA 22 106.02 -162.69 27.38
C PRO AA 22 105.62 -164.09 27.85
N ALA AA 23 104.32 -164.38 27.89
CA ALA AA 23 103.82 -165.70 28.30
C ALA AA 23 104.15 -166.76 27.26
N TYR AA 24 103.94 -166.43 25.98
CA TYR AA 24 104.26 -167.32 24.87
C TYR AA 24 105.77 -167.38 24.64
N GLN AA 25 106.45 -166.26 24.90
CA GLN AA 25 107.92 -166.20 24.86
C GLN AA 25 108.57 -166.95 26.02
N ASP AA 26 107.83 -167.08 27.13
CA ASP AA 26 108.83 -168.15 28.12
C ASP AA 26 108.26 -169.55 27.99
N TYR AA 27 106.97 -169.64 27.69
CA TYR AA 27 106.38 -170.94 27.52
C TYR AA 27 107.13 -171.53 26.35
N THR AA 28 107.40 -170.68 25.37
CA THR AA 28 108.10 -171.08 24.18
C THR AA 28 109.53 -171.54 24.45
N ALA AA 29 110.30 -170.72 25.14
CA ALA AA 29 111.69 -171.07 25.45
C ALA AA 29 111.75 -172.32 26.31
N ARG AA 30 110.87 -172.36 27.31
CA ARG AA 30 110.78 -173.47 28.24
C ARG AA 30 110.47 -174.72 27.46
N ALA AA 31 109.90 -174.56 26.28
CA ALA AA 31 109.54 -175.70 25.43
C ALA AA 31 110.74 -176.16 24.60
N GLN AA 32 111.55 -175.20 24.17
CA GLN AA 32 112.75 -175.45 23.37
C GLN AA 32 113.86 -176.05 24.22
N VAL AA 33 113.77 -175.87 25.54
CA VAL AA 33 114.76 -176.40 26.44
C VAL AA 33 114.38 -177.82 26.80
N SER AA 34 113.07 -178.07 26.90
CA SER AA 34 112.58 -179.39 27.25
C SER AA 34 113.03 -180.42 26.23
N GLU AA 35 113.46 -179.95 25.07
CA GLU AA 35 113.92 -180.86 24.03
C GLU AA 35 115.40 -181.07 24.11
N ALA AA 36 116.13 -180.02 24.47
CA ALA AA 36 117.56 -180.15 24.61
C ALA AA 36 117.73 -181.26 25.64
N ILE AA 37 116.78 -181.34 26.56
CA ILE AA 37 116.81 -182.34 27.60
C ILE AA 37 116.52 -183.73 27.04
N LEU AA 38 115.61 -183.81 26.07
CA LEU AA 38 115.26 -185.11 25.50
C LEU AA 38 116.38 -185.61 24.61
N LEU AA 39 117.08 -184.67 24.00
CA LEU AA 39 118.18 -185.04 23.12
C LEU AA 39 119.38 -185.45 23.96
N ALA AA 40 119.47 -184.88 25.16
CA ALA AA 40 120.57 -185.20 26.05
C ALA AA 40 120.35 -186.60 26.58
N GLU AA 41 119.11 -186.89 26.96
CA GLU AA 41 118.77 -188.21 27.48
C GLU AA 41 118.80 -189.20 26.32
N GLY AA 42 118.52 -190.47 26.59
CA GLY AA 42 118.53 -191.47 25.53
C GLY AA 42 119.96 -191.74 25.08
N GLN AA 43 120.86 -191.00 25.71
CA GLN AA 43 122.27 -191.12 25.47
C GLN AA 43 122.82 -191.50 26.84
N LYS AA 44 121.89 -191.67 27.76
CA LYS AA 44 122.23 -192.06 29.11
C LYS AA 44 122.57 -193.53 28.98
N SER AA 45 121.78 -194.22 28.18
CA SER AA 45 121.96 -195.65 27.93
C SER AA 45 123.41 -195.97 27.57
N ALA AA 46 123.90 -195.35 26.50
CA ALA AA 46 125.26 -195.60 26.08
C ALA AA 46 126.22 -195.34 27.24
N VAL AA 47 126.12 -194.16 27.82
CA VAL AA 47 126.98 -193.78 28.92
C VAL AA 47 126.89 -194.70 30.14
N THR AA 48 125.69 -195.11 30.48
CA THR AA 48 125.51 -195.99 31.62
C THR AA 48 126.19 -197.33 31.36
N GLU AA 49 125.88 -197.91 30.22
CA GLU AA 49 126.47 -199.17 29.88
C GLU AA 49 127.99 -199.05 29.88
N TYR AA 50 128.52 -198.06 29.15
CA TYR AA 50 129.97 -197.91 29.13
C TYR AA 50 130.57 -197.90 30.53
N TYR AA 51 129.98 -197.15 31.44
CA TYR AA 51 130.48 -197.08 32.81
C TYR AA 51 130.39 -198.43 33.57
N LEU AA 52 129.21 -199.04 33.59
CA LEU AA 52 129.03 -200.31 34.27
C LEU AA 52 129.89 -201.44 33.68
N ASN AA 53 130.09 -201.44 32.38
CA ASN AA 53 130.90 -202.48 31.76
C ASN AA 53 132.40 -202.26 31.99
N HIS AA 54 132.85 -201.01 32.05
CA HIS AA 54 134.27 -200.74 32.23
C HIS AA 54 134.70 -200.07 33.54
N GLY AA 55 133.77 -199.42 34.23
CA GLY AA 55 134.14 -198.76 35.46
C GLY AA 55 134.81 -197.42 35.23
N LYS AA 56 134.78 -196.93 34.00
CA LYS AA 56 135.35 -195.64 33.62
C LYS AA 56 134.28 -194.93 32.78
N TRP AA 57 134.15 -193.61 32.95
CA TRP AA 57 133.16 -192.85 32.18
C TRP AA 57 133.64 -192.65 30.77
N PRO AA 58 132.73 -192.74 29.78
CA PRO AA 58 133.13 -192.56 28.38
C PRO AA 58 133.73 -191.17 28.16
N GLU AA 59 134.94 -191.11 27.63
CA GLU AA 59 135.61 -189.83 27.40
C GLU AA 59 134.92 -188.92 26.41
N ASN AA 60 134.38 -189.49 25.35
CA ASN AA 60 133.70 -188.72 24.32
C ASN AA 60 132.62 -189.55 23.62
N ASN AA 61 131.87 -188.91 22.74
CA ASN AA 61 130.79 -189.59 22.02
C ASN AA 61 131.15 -190.95 21.44
N THR AA 62 132.30 -191.00 20.76
CA THR AA 62 132.75 -192.23 20.13
C THR AA 62 132.97 -193.31 21.17
N SER AA 63 133.56 -192.94 22.30
CA SER AA 63 133.75 -193.90 23.36
C SER AA 63 132.41 -194.44 23.81
N ALA AA 64 131.44 -193.54 24.00
CA ALA AA 64 130.11 -193.95 24.44
C ALA AA 64 129.38 -194.73 23.35
N GLY AA 65 129.92 -194.70 22.15
CA GLY AA 65 129.30 -195.41 21.06
C GLY AA 65 128.09 -194.64 20.55
N VAL AA 66 128.31 -193.39 20.19
CA VAL AA 66 127.25 -192.54 19.66
C VAL AA 66 127.86 -191.69 18.57
N ALA AA 67 127.01 -191.10 17.74
CA ALA AA 67 127.47 -190.26 16.64
C ALA AA 67 128.79 -189.61 17.04
N SER AA 68 129.88 -190.18 16.55
CA SER AA 68 131.22 -189.70 16.85
C SER AA 68 131.33 -188.20 16.78
N SER AA 69 130.38 -187.56 16.11
CA SER AA 69 130.40 -186.12 15.93
C SER AA 69 129.31 -185.43 16.77
N PRO AA 70 129.70 -184.57 17.74
CA PRO AA 70 128.74 -183.87 18.58
C PRO AA 70 127.62 -183.25 17.76
N THR AA 71 128.01 -182.59 16.68
CA THR AA 71 127.10 -181.92 15.77
C THR AA 71 126.14 -182.89 15.10
N ASP AA 72 126.38 -184.18 15.24
CA ASP AA 72 125.49 -185.15 14.62
C ASP AA 72 124.33 -185.49 15.55
N ILE AA 73 124.37 -184.92 16.76
CA ILE AA 73 123.31 -185.15 17.75
C ILE AA 73 122.59 -183.83 18.03
N LYS AA 74 122.29 -183.11 16.95
CA LYS AA 74 121.61 -181.84 17.05
C LYS AA 74 120.12 -181.97 16.80
N GLY AA 75 119.43 -180.84 16.92
CA GLY AA 75 118.01 -180.80 16.70
C GLY AA 75 117.58 -179.46 16.12
N LYS AA 76 116.32 -179.11 16.35
CA LYS AA 76 115.75 -177.87 15.87
C LYS AA 76 116.27 -176.70 16.68
N TYR AA 77 116.31 -176.88 17.99
CA TYR AA 77 116.79 -175.85 18.90
C TYR AA 77 118.11 -176.28 19.47
N VAL AA 78 118.48 -177.53 19.20
CA VAL AA 78 119.73 -178.08 19.70
C VAL AA 78 120.78 -178.09 18.63
N LYS AA 79 121.87 -177.38 18.90
CA LYS AA 79 122.99 -177.31 17.97
C LYS AA 79 123.89 -178.53 18.10
N GLU AA 80 123.71 -179.28 19.19
CA GLU AA 80 124.49 -180.49 19.44
C GLU AA 80 124.35 -181.09 20.84
N VAL AA 81 125.09 -182.17 21.05
CA VAL AA 81 125.11 -182.90 22.31
C VAL AA 81 126.45 -183.63 22.36
N GLU AA 82 127.27 -183.24 23.32
CA GLU AA 82 128.60 -183.82 23.49
C GLU AA 82 128.72 -184.57 24.80
N VAL AA 83 129.40 -185.70 24.75
CA VAL AA 83 129.65 -186.52 25.92
C VAL AA 83 131.09 -186.24 26.28
N LYS AA 84 131.30 -185.71 27.47
CA LYS AA 84 132.64 -185.39 27.94
C LYS AA 84 132.83 -186.03 29.30
N ASN AA 85 133.48 -187.20 29.31
CA ASN AA 85 133.74 -187.98 30.51
C ASN AA 85 132.44 -188.36 31.23
N GLY AA 86 131.50 -188.93 30.48
CA GLY AA 86 130.24 -189.35 31.04
C GLY AA 86 129.21 -188.24 31.17
N VAL AA 87 129.66 -186.99 31.17
CA VAL AA 87 128.77 -185.84 31.26
C VAL AA 87 128.24 -185.56 29.86
N VAL AA 88 126.93 -185.46 29.72
CA VAL AA 88 126.35 -185.17 28.43
C VAL AA 88 125.76 -183.77 28.45
N THR AA 89 126.32 -182.90 27.63
CA THR AA 89 125.89 -181.50 27.56
C THR AA 89 125.13 -181.22 26.27
N ALA AA 90 124.05 -180.47 26.35
CA ALA AA 90 123.26 -180.15 25.16
C ALA AA 90 123.32 -178.66 24.87
N THR AA 91 123.72 -178.29 23.66
CA THR AA 91 123.79 -176.88 23.29
C THR AA 91 122.59 -176.43 22.47
N MET AA 92 122.10 -175.24 22.81
CA MET AA 92 120.96 -174.67 22.12
C MET AA 92 121.43 -173.98 20.85
N LEU AA 93 120.75 -174.26 19.75
CA LEU AA 93 121.09 -173.67 18.46
C LEU AA 93 121.14 -172.14 18.59
N SER AA 94 121.27 -171.45 17.48
CA SER AA 94 121.29 -169.99 17.48
C SER AA 94 120.10 -169.48 16.70
N SER AA 95 119.52 -170.36 15.89
CA SER AA 95 118.37 -170.02 15.06
C SER AA 95 117.16 -170.89 15.41
N GLY AA 96 116.02 -170.25 15.60
CA GLY AA 96 114.79 -170.96 15.91
C GLY AA 96 114.47 -171.05 17.39
N VAL AA 97 115.23 -170.34 18.22
CA VAL AA 97 115.00 -170.37 19.66
C VAL AA 97 114.58 -169.02 20.27
N ASN AA 98 114.34 -169.02 21.57
CA ASN AA 98 113.92 -167.83 22.30
C ASN AA 98 114.75 -166.61 21.93
N ASN AA 99 115.69 -166.26 22.80
CA ASN AA 99 116.54 -165.11 22.59
C ASN AA 99 117.56 -165.07 23.70
N GLU AA 100 117.14 -165.52 24.89
CA GLU AA 100 118.05 -165.51 26.02
C GLU AA 100 118.44 -166.93 26.37
N ILE AA 101 118.27 -167.85 25.43
CA ILE AA 101 118.64 -169.24 25.65
C ILE AA 101 119.47 -169.86 24.53
N LYS AA 102 119.64 -169.16 23.42
CA LYS AA 102 120.41 -169.70 22.31
C LYS AA 102 121.90 -169.75 22.62
N GLY AA 103 122.57 -170.77 22.09
CA GLY AA 103 123.98 -170.95 22.34
C GLY AA 103 124.15 -171.30 23.79
N LYS AA 104 123.04 -171.53 24.50
CA LYS AA 104 123.13 -171.88 25.91
C LYS AA 104 122.92 -173.37 26.09
N LYS AA 105 123.45 -173.93 27.17
CA LYS AA 105 123.33 -175.35 27.38
C LYS AA 105 123.15 -175.88 28.81
N LEU AA 106 122.84 -177.17 28.89
CA LEU AA 106 122.65 -177.89 30.15
C LEU AA 106 123.45 -179.20 30.13
N SER AA 107 123.48 -179.91 31.26
CA SER AA 107 124.23 -181.16 31.33
C SER AA 107 123.51 -182.22 32.12
N LEU AA 108 123.84 -183.46 31.79
CA LEU AA 108 123.29 -184.63 32.43
C LEU AA 108 124.56 -185.35 32.83
N TRP AA 109 124.63 -185.77 34.08
CA TRP AA 109 125.80 -186.48 34.54
C TRP AA 109 125.32 -187.51 35.51
N ALA AA 110 126.13 -188.52 35.77
CA ALA AA 110 125.69 -189.55 36.66
C ALA AA 110 126.66 -189.76 37.79
N ARG AA 111 126.28 -190.65 38.70
CA ARG AA 111 127.11 -190.94 39.84
C ARG AA 111 127.06 -192.43 40.12
N ARG AA 112 128.21 -192.97 40.48
CA ARG AA 112 128.32 -194.38 40.80
C ARG AA 112 127.46 -194.69 42.02
N GLU AA 113 126.53 -195.63 41.88
CA GLU AA 113 125.72 -196.02 43.02
C GLU AA 113 126.34 -197.29 43.57
N ASN AA 114 127.23 -197.87 42.78
CA ASN AA 114 127.92 -199.12 43.11
C ASN AA 114 127.01 -200.24 42.64
N GLY AA 115 127.22 -200.68 41.42
CA GLY AA 115 126.39 -201.73 40.85
C GLY AA 115 125.39 -201.11 39.89
N SER AA 116 125.25 -199.80 39.98
CA SER AA 116 124.37 -199.02 39.13
C SER AA 116 124.74 -197.55 39.31
N VAL AA 117 124.08 -196.68 38.55
CA VAL AA 117 124.33 -195.25 38.67
C VAL AA 117 123.01 -194.48 38.72
N LYS AA 118 123.08 -193.24 39.19
CA LYS AA 118 121.91 -192.38 39.24
C LYS AA 118 122.21 -191.13 38.40
N TRP AA 119 121.22 -190.69 37.61
CA TRP AA 119 121.42 -189.53 36.77
C TRP AA 119 120.87 -188.21 37.31
N PHE AA 120 121.55 -187.12 36.95
CA PHE AA 120 121.15 -185.79 37.37
C PHE AA 120 120.97 -184.97 36.12
N CYS AA 121 120.24 -183.88 36.24
CA CYS AA 121 119.98 -182.99 35.11
C CYS AA 121 119.99 -181.57 35.63
N GLY AA 122 120.75 -180.69 34.99
CA GLY AA 122 120.82 -179.32 35.44
C GLY AA 122 121.66 -178.43 34.56
N GLN AA 123 122.23 -177.38 35.16
CA GLN AA 123 123.06 -176.44 34.44
C GLN AA 123 124.43 -177.04 34.23
N PRO AA 124 125.05 -176.78 33.06
CA PRO AA 124 126.37 -177.27 32.66
C PRO AA 124 127.32 -177.60 33.79
N VAL AA 125 127.99 -178.74 33.67
CA VAL AA 125 128.94 -179.16 34.69
C VAL AA 125 130.14 -179.84 34.04
N THR AA 126 131.26 -179.87 34.73
CA THR AA 126 132.47 -180.51 34.21
C THR AA 126 132.80 -181.66 35.12
N ARG AA 127 133.38 -182.74 34.61
CA ARG AA 127 133.72 -183.82 35.52
C ARG AA 127 135.15 -183.64 36.03
N THR AA 128 135.31 -183.79 37.33
CA THR AA 128 136.61 -183.65 37.97
C THR AA 128 137.20 -185.04 38.08
N ASP AA 129 136.61 -185.86 38.93
CA ASP AA 129 137.06 -187.24 39.09
C ASP AA 129 135.87 -188.18 38.79
N ASP AA 130 136.09 -189.48 38.82
CA ASP AA 130 135.03 -190.42 38.46
C ASP AA 130 133.75 -190.31 39.27
N ASP AA 131 133.80 -189.55 40.35
CA ASP AA 131 132.61 -189.41 41.16
C ASP AA 131 132.40 -187.97 41.62
N THR AA 132 132.85 -187.03 40.80
CA THR AA 132 132.71 -185.63 41.13
C THR AA 132 132.78 -184.73 39.91
N VAL AA 133 131.83 -183.81 39.82
CA VAL AA 133 131.74 -182.85 38.74
C VAL AA 133 131.62 -181.47 39.38
N ALA AA 134 131.67 -180.42 38.58
CA ALA AA 134 131.57 -179.06 39.12
C ALA AA 134 131.00 -178.11 38.09
N ASP AA 135 130.42 -177.03 38.56
CA ASP AA 135 129.81 -176.04 37.69
C ASP AA 135 130.75 -175.61 36.60
N ALA AA 136 130.28 -175.73 35.36
CA ALA AA 136 131.07 -175.29 34.23
C ALA AA 136 130.76 -173.80 34.17
N LYS AA 137 130.99 -173.11 35.28
CA LYS AA 137 130.73 -171.67 35.38
C LYS AA 137 131.44 -170.93 34.24
N ASP AA 138 130.68 -170.28 33.38
CA ASP AA 138 131.29 -169.58 32.26
C ASP AA 138 130.35 -168.54 31.65
N GLY AA 139 129.06 -168.64 31.95
CA GLY AA 139 128.09 -167.68 31.43
C GLY AA 139 127.14 -168.15 30.33
N LYS AA 140 127.29 -169.38 29.85
CA LYS AA 140 126.43 -169.87 28.79
C LYS AA 140 125.39 -170.90 29.28
N GLU AA 141 125.18 -170.96 30.59
CA GLU AA 141 124.21 -171.90 31.14
C GLU AA 141 122.78 -171.42 30.92
N ILE AA 142 121.89 -172.36 30.58
CA ILE AA 142 120.49 -172.00 30.40
C ILE AA 142 119.98 -171.58 31.77
N ASP AA 143 119.36 -170.41 31.81
CA ASP AA 143 118.82 -169.79 33.01
C ASP AA 143 117.83 -170.66 33.76
N THR AA 144 117.97 -170.72 35.07
CA THR AA 144 117.07 -171.54 35.88
C THR AA 144 115.59 -171.43 35.48
N LYS AA 145 115.13 -170.25 35.14
CA LYS AA 145 113.72 -170.09 34.79
C LYS AA 145 113.29 -170.94 33.61
N HIS AA 146 114.23 -171.31 32.74
CA HIS AA 146 113.88 -172.10 31.56
C HIS AA 146 113.99 -173.60 31.78
N LEU AA 147 114.46 -174.00 32.96
CA LEU AA 147 114.64 -175.41 33.23
C LEU AA 147 113.48 -176.04 34.01
N PRO AA 148 113.05 -177.23 33.57
CA PRO AA 148 111.97 -177.98 34.21
C PRO AA 148 112.24 -178.12 35.69
N SER AA 149 111.24 -178.58 36.43
CA SER AA 149 111.39 -178.81 37.85
C SER AA 149 112.25 -180.06 38.04
N THR AA 150 112.25 -180.92 37.03
CA THR AA 150 113.01 -182.15 37.06
C THR AA 150 114.45 -181.95 36.64
N CYS AA 151 114.85 -180.72 36.32
CA CYS AA 151 116.23 -180.50 35.89
C CYS AA 151 116.82 -179.31 36.61
N ARG AA 152 116.66 -179.30 37.93
CA ARG AA 152 117.17 -178.23 38.77
C ARG AA 152 118.34 -178.74 39.61
N ASP AA 153 118.98 -179.84 39.21
CA ASP AA 153 120.08 -180.41 39.99
C ASP AA 153 121.38 -179.59 40.06
N ASN AA 154 121.96 -179.54 41.25
CA ASN AA 154 123.22 -178.84 41.51
C ASN AA 154 124.42 -179.79 41.35
N PHE AA 155 125.57 -179.22 41.06
CA PHE AA 155 126.78 -179.99 40.85
C PHE AA 155 127.02 -181.03 41.95
N ASP AA 156 126.61 -180.73 43.19
CA ASP AA 156 126.83 -181.69 44.28
C ASP AA 156 125.61 -182.50 44.71
N ALA AA 157 124.61 -182.60 43.83
CA ALA AA 157 123.43 -183.38 44.16
C ALA AA 157 123.86 -184.82 44.34
N LYS AA 158 123.26 -185.52 45.31
CA LYS AA 158 123.61 -186.91 45.50
C LYS AA 158 122.32 -187.72 45.46
N MEA BA 1 83.51 -148.10 26.78
CA MEA BA 1 83.37 -147.69 25.35
C MEA BA 1 84.05 -148.67 24.38
O MEA BA 1 83.60 -148.80 23.23
N THR BA 2 85.09 -149.38 24.84
CA THR BA 2 85.92 -150.19 23.95
C THR BA 2 86.50 -151.50 24.52
N LEU BA 3 87.54 -151.35 25.36
CA LEU BA 3 88.53 -152.39 25.59
C LEU BA 3 88.06 -153.59 26.41
N ILE BA 4 87.47 -154.58 25.72
CA ILE BA 4 87.01 -155.79 26.41
C ILE BA 4 87.67 -157.07 25.86
N GLU BA 5 88.33 -156.96 24.71
CA GLU BA 5 89.01 -158.08 24.08
C GLU BA 5 90.26 -158.48 24.87
N LEU BA 6 90.96 -157.49 25.42
CA LEU BA 6 92.13 -157.73 26.25
C LEU BA 6 91.72 -158.24 27.63
N MET BA 7 90.60 -157.73 28.14
CA MET BA 7 90.11 -158.07 29.47
C MET BA 7 89.50 -159.47 29.56
N ILE BA 8 88.77 -159.88 28.51
CA ILE BA 8 88.17 -161.21 28.48
C ILE BA 8 89.21 -162.29 28.18
N VAL BA 9 90.11 -162.02 27.23
CA VAL BA 9 91.13 -162.99 26.83
C VAL BA 9 92.23 -163.21 27.90
N ILE BA 10 92.43 -162.22 28.77
CA ILE BA 10 93.29 -162.42 29.94
C ILE BA 10 92.56 -163.22 31.03
N ALA BA 11 91.23 -163.16 31.00
CA ALA BA 11 90.39 -163.83 31.99
C ALA BA 11 89.90 -165.20 31.51
N ILE BA 12 90.09 -165.51 30.23
CA ILE BA 12 89.82 -166.86 29.72
C ILE BA 12 91.05 -167.76 29.85
N VAL BA 13 92.23 -167.16 29.80
CA VAL BA 13 93.49 -167.88 30.02
C VAL BA 13 93.65 -168.16 31.51
N GLY BA 14 93.15 -167.24 32.34
CA GLY BA 14 93.12 -167.42 33.78
C GLY BA 14 92.23 -168.58 34.21
N ILE BA 15 91.03 -168.64 33.63
CA ILE BA 15 90.10 -169.75 33.91
C ILE BA 15 90.50 -171.03 33.18
N LEU BA 16 91.26 -170.89 32.10
CA LEU BA 16 91.79 -172.05 31.36
C LEU BA 16 92.84 -172.77 32.21
N ALA BA 17 93.62 -172.01 32.95
CA ALA BA 17 94.62 -172.55 33.87
C ALA BA 17 93.94 -173.26 35.05
N ALA BA 18 92.81 -172.73 35.49
CA ALA BA 18 92.03 -173.31 36.58
C ALA BA 18 91.37 -174.63 36.18
N VAL BA 19 91.01 -174.74 34.90
CA VAL BA 19 90.44 -175.98 34.35
C VAL BA 19 91.58 -176.98 34.03
N ALA BA 20 92.73 -176.46 33.61
CA ALA BA 20 93.89 -177.28 33.34
C ALA BA 20 94.67 -177.66 34.61
N LEU BA 21 94.23 -177.10 35.74
CA LEU BA 21 94.89 -177.31 37.03
C LEU BA 21 94.69 -178.73 37.58
N PRO BA 22 93.46 -179.23 37.69
CA PRO BA 22 93.22 -180.58 38.21
C PRO BA 22 93.67 -181.69 37.26
N ALA BA 23 93.69 -181.42 35.96
CA ALA BA 23 94.13 -182.39 34.96
C ALA BA 23 95.63 -182.65 35.06
N TYR BA 24 96.41 -181.58 35.20
CA TYR BA 24 97.85 -181.64 35.37
C TYR BA 24 98.21 -182.13 36.77
N GLN BA 25 97.38 -181.76 37.75
CA GLN BA 25 97.52 -182.27 39.12
C GLN BA 25 97.14 -183.74 39.25
N ASP BA 26 96.29 -184.21 38.34
CA ASP BA 26 96.25 -185.94 38.71
C ASP BA 26 97.16 -186.62 37.71
N TYR BA 27 97.33 -186.02 36.54
CA TYR BA 27 98.22 -186.58 35.55
C TYR BA 27 99.57 -186.60 36.23
N THR BA 28 99.83 -185.51 36.95
CA THR BA 28 101.08 -185.35 37.65
C THR BA 28 101.28 -186.39 38.74
N ALA BA 29 100.32 -186.52 39.64
CA ALA BA 29 100.41 -187.49 40.74
C ALA BA 29 100.52 -188.91 40.20
N ARG BA 30 99.68 -189.19 39.21
CA ARG BA 30 99.63 -190.49 38.56
C ARG BA 30 100.98 -190.79 37.97
N ALA BA 31 101.76 -189.73 37.70
CA ALA BA 31 103.08 -189.89 37.11
C ALA BA 31 104.13 -190.19 38.19
N GLN BA 32 103.95 -189.56 39.36
CA GLN BA 32 104.85 -189.72 40.49
C GLN BA 32 104.65 -191.08 41.16
N VAL BA 33 103.51 -191.71 40.92
CA VAL BA 33 103.22 -193.01 41.48
C VAL BA 33 103.78 -194.07 40.55
N SER BA 34 103.73 -193.79 39.25
CA SER BA 34 104.22 -194.74 38.26
C SER BA 34 105.70 -195.03 38.48
N GLU BA 35 106.35 -194.17 39.25
CA GLU BA 35 107.77 -194.36 39.52
C GLU BA 35 107.98 -195.14 40.78
N ALA BA 36 107.13 -194.89 41.77
CA ALA BA 36 107.23 -195.62 43.02
C ALA BA 36 107.13 -197.07 42.60
N ILE BA 37 106.37 -197.31 41.55
CA ILE BA 37 106.17 -198.65 41.03
C ILE BA 37 107.43 -199.18 40.35
N LEU BA 38 108.16 -198.31 39.66
CA LEU BA 38 109.36 -198.75 38.97
C LEU BA 38 110.47 -198.99 39.97
N LEU BA 39 110.45 -198.24 41.05
CA LEU BA 39 111.46 -198.38 42.08
C LEU BA 39 111.18 -199.64 42.89
N ALA BA 40 109.90 -200.00 42.98
CA ALA BA 40 109.50 -201.17 43.72
C ALA BA 40 109.93 -202.40 42.92
N GLU BA 41 109.69 -202.35 41.61
CA GLU BA 41 110.06 -203.46 40.74
C GLU BA 41 111.60 -203.47 40.62
N GLY BA 42 112.14 -204.41 39.86
CA GLY BA 42 113.58 -204.48 39.69
C GLY BA 42 114.24 -204.95 40.97
N GLN BA 43 113.38 -205.15 41.97
CA GLN BA 43 113.77 -205.65 43.25
C GLN BA 43 112.98 -206.94 43.39
N LYS BA 44 112.28 -207.26 42.32
CA LYS BA 44 111.49 -208.47 42.26
C LYS BA 44 112.53 -209.55 42.07
N SER BA 45 113.52 -209.25 41.23
CA SER BA 45 114.61 -210.17 40.93
C SER BA 45 115.23 -210.73 42.20
N ALA BA 46 115.72 -209.86 43.05
CA ALA BA 46 116.33 -210.30 44.28
C ALA BA 46 115.35 -211.18 45.06
N VAL BA 47 114.17 -210.66 45.30
CA VAL BA 47 113.14 -211.39 46.04
C VAL BA 47 112.76 -212.73 45.42
N THR BA 48 112.62 -212.77 44.10
CA THR BA 48 112.26 -214.00 43.42
C THR BA 48 113.35 -215.04 43.62
N GLU BA 49 114.58 -214.64 43.32
CA GLU BA 49 115.68 -215.55 43.46
C GLU BA 49 115.75 -216.05 44.91
N TYR BA 50 115.76 -215.13 45.87
CA TYR BA 50 115.83 -215.57 47.26
C TYR BA 50 114.78 -216.63 47.57
N TYR BA 51 113.54 -216.42 47.14
CA TYR BA 51 112.48 -217.39 47.39
C TYR BA 51 112.71 -218.75 46.70
N LEU BA 52 112.96 -218.74 45.40
CA LEU BA 52 113.19 -219.97 44.66
C LEU BA 52 114.43 -220.74 45.15
N ASN BA 53 115.47 -220.03 45.55
CA ASN BA 53 116.66 -220.70 46.04
C ASN BA 53 116.50 -221.27 47.44
N HIS BA 54 115.72 -220.61 48.28
CA HIS BA 54 115.54 -221.07 49.66
C HIS BA 54 114.16 -221.55 50.08
N GLY BA 55 113.13 -221.15 49.34
CA GLY BA 55 111.79 -221.56 49.71
C GLY BA 55 111.21 -220.75 50.84
N LYS BA 56 111.88 -219.65 51.19
CA LYS BA 56 111.42 -218.74 52.24
C LYS BA 56 111.54 -217.33 51.67
N TRP BA 57 110.59 -216.46 51.98
CA TRP BA 57 110.62 -215.08 51.47
C TRP BA 57 111.65 -214.27 52.23
N PRO BA 58 112.39 -213.39 51.53
CA PRO BA 58 113.40 -212.58 52.21
C PRO BA 58 112.77 -211.71 53.29
N GLU BA 59 113.28 -211.82 54.52
CA GLU BA 59 112.74 -211.05 55.63
C GLU BA 59 112.88 -209.54 55.50
N ASN BA 60 114.01 -209.10 54.98
CA ASN BA 60 114.28 -207.67 54.80
C ASN BA 60 115.22 -207.42 53.63
N ASN BA 61 115.45 -206.15 53.32
CA ASN BA 61 116.33 -205.79 52.21
C ASN BA 61 117.66 -206.52 52.16
N THR BA 62 118.33 -206.60 53.30
CA THR BA 62 119.62 -207.26 53.39
C THR BA 62 119.49 -208.73 53.02
N SER BA 63 118.44 -209.37 53.50
CA SER BA 63 118.21 -210.77 53.15
C SER BA 63 118.08 -210.88 51.66
N ALA BA 64 117.29 -209.98 51.06
CA ALA BA 64 117.06 -210.02 49.61
C ALA BA 64 118.32 -209.65 48.85
N GLY BA 65 119.29 -209.12 49.56
CA GLY BA 65 120.53 -208.71 48.92
C GLY BA 65 120.35 -207.41 48.18
N VAL BA 66 119.87 -206.40 48.89
CA VAL BA 66 119.66 -205.08 48.31
C VAL BA 66 120.03 -204.06 49.36
N ALA BA 67 120.25 -202.82 48.94
CA ALA BA 67 120.63 -201.75 49.85
C ALA BA 67 120.04 -202.05 51.22
N SER BA 68 120.89 -202.56 52.10
CA SER BA 68 120.48 -202.93 53.44
C SER BA 68 119.62 -201.88 54.11
N SER BA 69 119.66 -200.66 53.58
CA SER BA 69 118.91 -199.56 54.14
C SER BA 69 117.72 -199.15 53.24
N PRO BA 70 116.49 -199.28 53.75
CA PRO BA 70 115.29 -198.92 52.97
C PRO BA 70 115.45 -197.56 52.30
N THR BA 71 115.93 -196.61 53.09
CA THR BA 71 116.14 -195.24 52.64
C THR BA 71 117.18 -195.13 51.53
N ASP BA 72 117.88 -196.22 51.26
CA ASP BA 72 118.87 -196.19 50.21
C ASP BA 72 118.24 -196.54 48.86
N ILE BA 73 116.96 -196.88 48.89
CA ILE BA 73 116.22 -197.23 47.67
C ILE BA 73 115.12 -196.19 47.44
N LYS BA 74 115.50 -194.93 47.60
CA LYS BA 74 114.57 -193.82 47.42
C LYS BA 74 114.70 -193.19 46.04
N GLY BA 75 113.85 -192.21 45.81
CA GLY BA 75 113.87 -191.50 44.54
C GLY BA 75 113.45 -190.06 44.74
N LYS BA 76 112.94 -189.46 43.66
CA LYS BA 76 112.48 -188.08 43.65
C LYS BA 76 111.17 -187.95 44.43
N TYR BA 77 110.27 -188.88 44.17
CA TYR BA 77 108.97 -188.87 44.82
C TYR BA 77 108.91 -190.04 45.79
N VAL BA 78 109.93 -190.88 45.72
CA VAL BA 78 110.00 -192.05 46.58
C VAL BA 78 110.94 -191.82 47.73
N LYS BA 79 110.40 -191.93 48.94
CA LYS BA 79 111.19 -191.73 50.16
C LYS BA 79 111.92 -193.02 50.52
N GLU BA 80 111.51 -194.13 49.89
CA GLU BA 80 112.14 -195.43 50.14
C GLU BA 80 111.40 -196.64 49.55
N VAL BA 81 111.97 -197.81 49.80
CA VAL BA 81 111.44 -199.07 49.35
C VAL BA 81 111.98 -200.14 50.31
N GLU BA 82 111.07 -200.76 51.04
CA GLU BA 82 111.42 -201.78 52.02
C GLU BA 82 110.86 -203.14 51.64
N VAL BA 83 111.66 -204.16 51.87
CA VAL BA 83 111.29 -205.54 51.60
C VAL BA 83 110.96 -206.10 52.96
N LYS BA 84 109.72 -206.54 53.14
CA LYS BA 84 109.30 -207.11 54.40
C LYS BA 84 108.64 -208.45 54.12
N ASN BA 85 109.42 -209.51 54.29
CA ASN BA 85 108.98 -210.89 54.04
C ASN BA 85 108.53 -211.08 52.60
N GLY BA 86 109.39 -210.68 51.66
CA GLY BA 86 109.08 -210.81 50.25
C GLY BA 86 108.20 -209.72 49.68
N VAL BA 87 107.47 -209.01 50.55
CA VAL BA 87 106.60 -207.92 50.13
C VAL BA 87 107.47 -206.67 49.98
N VAL BA 88 107.39 -206.02 48.84
CA VAL BA 88 108.18 -204.82 48.63
C VAL BA 88 107.23 -203.63 48.58
N THR BA 89 107.39 -202.73 49.56
CA THR BA 89 106.55 -201.54 49.66
C THR BA 89 107.31 -200.28 49.30
N ALA BA 90 106.67 -199.39 48.55
CA ALA BA 90 107.35 -198.14 48.15
C ALA BA 90 106.65 -196.95 48.79
N THR BA 91 107.41 -196.11 49.49
CA THR BA 91 106.84 -194.93 50.13
C THR BA 91 107.09 -193.67 49.32
N MET BA 92 106.05 -192.85 49.24
CA MET BA 92 106.12 -191.58 48.52
C MET BA 92 106.73 -190.53 49.42
N LEU BA 93 107.71 -189.80 48.89
CA LEU BA 93 108.38 -188.74 49.64
C LEU BA 93 107.33 -187.78 50.20
N SER BA 94 107.80 -186.67 50.76
CA SER BA 94 106.89 -185.66 51.30
C SER BA 94 107.08 -184.38 50.52
N SER BA 95 108.20 -184.28 49.82
CA SER BA 95 108.52 -183.09 49.03
C SER BA 95 108.69 -183.45 47.55
N GLY BA 96 108.02 -182.67 46.69
CA GLY BA 96 108.11 -182.89 45.26
C GLY BA 96 106.97 -183.71 44.68
N VAL BA 97 105.96 -184.00 45.49
CA VAL BA 97 104.83 -184.81 45.02
C VAL BA 97 103.49 -184.07 45.01
N ASN BA 98 102.44 -184.76 44.57
CA ASN BA 98 101.10 -184.18 44.48
C ASN BA 98 100.72 -183.43 45.74
N ASN BA 99 99.91 -184.08 46.58
CA ASN BA 99 99.45 -183.46 47.81
C ASN BA 99 98.64 -184.50 48.58
N GLU BA 100 97.95 -185.36 47.83
CA GLU BA 100 97.15 -186.39 48.48
C GLU BA 100 97.79 -187.75 48.26
N ILE BA 101 99.08 -187.75 47.94
CA ILE BA 101 99.78 -189.02 47.74
C ILE BA 101 101.14 -189.10 48.46
N LYS BA 102 101.58 -188.00 49.07
CA LYS BA 102 102.86 -188.01 49.77
C LYS BA 102 102.78 -188.81 51.07
N GLY BA 103 103.90 -189.46 51.39
CA GLY BA 103 103.94 -190.27 52.59
C GLY BA 103 103.04 -191.48 52.38
N LYS BA 104 102.53 -191.62 51.15
CA LYS BA 104 101.64 -192.74 50.87
C LYS BA 104 102.41 -193.82 50.11
N LYS BA 105 101.95 -195.06 50.22
CA LYS BA 105 102.66 -196.14 49.56
C LYS BA 105 101.85 -197.30 48.96
N LEU BA 106 102.56 -198.13 48.19
CA LEU BA 106 102.00 -199.31 47.55
C LEU BA 106 102.89 -200.53 47.82
N SER BA 107 102.45 -201.72 47.40
CA SER BA 107 103.23 -202.93 47.63
C SER BA 107 103.20 -203.87 46.44
N LEU BA 108 104.25 -204.66 46.37
CA LEU BA 108 104.42 -205.65 45.33
C LEU BA 108 104.68 -206.89 46.16
N TRP BA 109 103.96 -207.97 45.87
CA TRP BA 109 104.15 -209.19 46.62
C TRP BA 109 103.99 -210.30 45.64
N ALA BA 110 104.47 -211.47 45.97
CA ALA BA 110 104.37 -212.57 45.05
C ALA BA 110 103.71 -213.77 45.67
N ARG BA 111 103.51 -214.79 44.85
CA ARG BA 111 102.88 -216.00 45.30
C ARG BA 111 103.57 -217.20 44.68
N ARG BA 112 103.74 -218.23 45.48
CA ARG BA 112 104.37 -219.46 45.01
C ARG BA 112 103.53 -220.07 43.90
N GLU BA 113 104.12 -220.28 42.74
CA GLU BA 113 103.39 -220.93 41.66
C GLU BA 113 103.80 -222.40 41.68
N ASN BA 114 104.87 -222.66 42.42
CA ASN BA 114 105.44 -224.00 42.56
C ASN BA 114 106.40 -224.16 41.40
N GLY BA 115 107.66 -223.82 41.64
CA GLY BA 115 108.67 -223.89 40.60
C GLY BA 115 108.95 -222.49 40.07
N SER BA 116 108.05 -221.58 40.40
CA SER BA 116 108.15 -220.18 40.01
C SER BA 116 107.14 -219.39 40.84
N VAL BA 117 107.13 -218.08 40.68
CA VAL BA 117 106.18 -217.25 41.42
C VAL BA 117 105.54 -216.23 40.47
N LYS BA 118 104.42 -215.66 40.89
CA LYS BA 118 103.74 -214.64 40.11
C LYS BA 118 103.65 -213.38 40.98
N TRP BA 119 103.90 -212.22 40.37
CA TRP BA 119 103.86 -210.97 41.11
C TRP BA 119 102.58 -210.15 40.99
N PHE BA 120 102.27 -209.45 42.06
CA PHE BA 120 101.08 -208.61 42.10
C PHE BA 120 101.54 -207.21 42.45
N CYS BA 121 100.69 -206.24 42.14
CA CYS BA 121 101.00 -204.83 42.41
C CYS BA 121 99.71 -204.16 42.85
N GLY BA 122 99.76 -203.45 43.97
CA GLY BA 122 98.56 -202.79 44.44
C GLY BA 122 98.78 -201.96 45.70
N GLN BA 123 97.72 -201.80 46.48
CA GLN BA 123 97.78 -201.03 47.71
C GLN BA 123 98.44 -201.86 48.79
N PRO BA 124 99.25 -201.21 49.65
CA PRO BA 124 100.00 -201.83 50.76
C PRO BA 124 99.41 -203.09 51.32
N VAL BA 125 100.26 -204.09 51.53
CA VAL BA 125 99.83 -205.35 52.09
C VAL BA 125 100.87 -205.90 53.07
N THR BA 126 100.44 -206.78 53.95
CA THR BA 126 101.35 -207.37 54.93
C THR BA 126 101.39 -208.86 54.65
N ARG BA 127 102.51 -209.53 54.89
CA ARG BA 127 102.51 -210.97 54.67
C ARG BA 127 102.13 -211.70 55.95
N THR BA 128 101.20 -212.64 55.83
CA THR BA 128 100.76 -213.42 56.95
C THR BA 128 101.58 -214.69 56.98
N ASP BA 129 101.37 -215.56 55.99
CA ASP BA 129 102.13 -216.79 55.89
C ASP BA 129 102.83 -216.81 54.52
N ASP BA 130 103.63 -217.83 54.25
CA ASP BA 130 104.39 -217.87 53.00
C ASP BA 130 103.57 -217.78 51.72
N ASP BA 131 102.27 -217.91 51.85
CA ASP BA 131 101.43 -217.84 50.67
C ASP BA 131 100.16 -217.02 50.91
N THR BA 132 100.27 -216.04 51.80
CA THR BA 132 99.12 -215.22 52.12
C THR BA 132 99.54 -213.87 52.71
N VAL BA 133 98.95 -212.81 52.19
CA VAL BA 133 99.20 -211.46 52.64
C VAL BA 133 97.84 -210.82 52.91
N ALA BA 134 97.81 -209.62 53.48
CA ALA BA 134 96.55 -208.95 53.77
C ALA BA 134 96.72 -207.45 53.76
N ASP BA 135 95.61 -206.75 53.55
CA ASP BA 135 95.64 -205.30 53.49
C ASP BA 135 96.32 -204.71 54.70
N ALA BA 136 97.30 -203.87 54.44
CA ALA BA 136 97.99 -203.19 55.51
C ALA BA 136 97.10 -201.99 55.78
N LYS BA 137 95.82 -202.25 56.03
CA LYS BA 137 94.84 -201.20 56.30
C LYS BA 137 95.34 -200.29 57.42
N ASP BA 138 95.54 -199.01 57.09
CA ASP BA 138 96.03 -198.09 58.09
C ASP BA 138 95.79 -196.63 57.71
N GLY BA 139 95.49 -196.39 56.44
CA GLY BA 139 95.22 -195.03 55.98
C GLY BA 139 96.27 -194.32 55.14
N LYS BA 140 97.41 -194.96 54.92
CA LYS BA 140 98.47 -194.33 54.13
C LYS BA 140 98.62 -194.95 52.72
N GLU BA 141 97.61 -195.70 52.28
CA GLU BA 141 97.67 -196.30 50.95
C GLU BA 141 97.42 -195.29 49.85
N ILE BA 142 98.16 -195.40 48.75
CA ILE BA 142 97.96 -194.50 47.64
C ILE BA 142 96.58 -194.84 47.08
N ASP BA 143 95.77 -193.80 46.93
CA ASP BA 143 94.39 -193.87 46.44
C ASP BA 143 94.25 -194.55 45.09
N THR BA 144 93.28 -195.44 44.98
CA THR BA 144 93.06 -196.15 43.72
C THR BA 144 93.16 -195.27 42.47
N LYS BA 145 92.66 -194.05 42.53
CA LYS BA 145 92.70 -193.19 41.36
C LYS BA 145 94.11 -192.90 40.86
N HIS BA 146 95.10 -193.00 41.73
CA HIS BA 146 96.48 -192.72 41.33
C HIS BA 146 97.24 -193.95 40.86
N LEU BA 147 96.62 -195.11 40.94
CA LEU BA 147 97.29 -196.33 40.55
C LEU BA 147 96.96 -196.80 39.14
N PRO BA 148 98.00 -197.20 38.40
CA PRO BA 148 97.85 -197.69 37.02
C PRO BA 148 96.81 -198.80 36.97
N SER BA 149 96.42 -199.16 35.76
CA SER BA 149 95.46 -200.24 35.56
C SER BA 149 96.17 -201.57 35.88
N THR BA 150 97.49 -201.56 35.74
CA THR BA 150 98.29 -202.74 36.00
C THR BA 150 98.64 -202.90 37.46
N CYS BA 151 98.17 -202.00 38.31
CA CYS BA 151 98.50 -202.12 39.74
C CYS BA 151 97.26 -201.94 40.59
N ARG BA 152 96.21 -202.66 40.21
CA ARG BA 152 94.94 -202.62 40.93
C ARG BA 152 94.71 -203.93 41.67
N ASP BA 153 95.77 -204.70 41.93
CA ASP BA 153 95.60 -205.98 42.61
C ASP BA 153 95.17 -205.97 44.08
N ASN BA 154 94.26 -206.87 44.42
CA ASN BA 154 93.75 -207.02 45.79
C ASN BA 154 94.58 -208.05 46.57
N PHE BA 155 94.55 -207.92 47.89
CA PHE BA 155 95.31 -208.79 48.76
C PHE BA 155 95.12 -210.28 48.41
N ASP BA 156 93.93 -210.65 47.93
CA ASP BA 156 93.69 -212.06 47.60
C ASP BA 156 93.74 -212.42 46.13
N ALA BA 157 94.37 -211.58 45.32
CA ALA BA 157 94.50 -211.87 43.91
C ALA BA 157 95.29 -213.15 43.74
N LYS BA 158 94.90 -213.99 42.79
CA LYS BA 158 95.64 -215.23 42.57
C LYS BA 158 96.06 -215.26 41.10
N MEA CA 1 82.54 -161.31 22.89
CA MEA CA 1 83.39 -160.11 23.16
C MEA CA 1 84.82 -160.49 23.58
O MEA CA 1 85.75 -159.72 23.32
N THR CA 2 84.99 -161.66 24.20
CA THR CA 2 86.27 -162.01 24.83
C THR CA 2 86.69 -163.49 24.80
N LEU CA 3 86.04 -164.28 25.66
CA LEU CA 3 86.60 -165.54 26.16
C LEU CA 3 86.65 -166.69 25.16
N ILE CA 4 87.73 -166.75 24.38
CA ILE CA 4 87.91 -167.83 23.40
C ILE CA 4 89.19 -168.66 23.65
N GLU CA 5 90.08 -168.14 24.49
CA GLU CA 5 91.33 -168.81 24.83
C GLU CA 5 91.07 -170.06 25.68
N LEU CA 6 90.11 -169.95 26.59
CA LEU CA 6 89.71 -171.08 27.44
C LEU CA 6 88.91 -172.10 26.64
N MET CA 7 88.09 -171.62 25.71
CA MET CA 7 87.21 -172.46 24.90
C MET CA 7 87.96 -173.26 23.84
N ILE CA 8 88.95 -172.64 23.21
CA ILE CA 8 89.73 -173.32 22.17
C ILE CA 8 90.74 -174.30 22.79
N VAL CA 9 91.39 -173.89 23.87
CA VAL CA 9 92.41 -174.72 24.54
C VAL CA 9 91.81 -175.94 25.27
N ILE CA 10 90.53 -175.85 25.67
CA ILE CA 10 89.83 -177.02 26.20
C ILE CA 10 89.41 -177.96 25.05
N ALA CA 11 89.25 -177.38 23.85
CA ALA CA 11 88.82 -178.12 22.67
C ALA CA 11 89.99 -178.60 21.81
N ILE CA 12 91.20 -178.13 22.10
CA ILE CA 12 92.40 -178.66 21.44
C ILE CA 12 92.97 -179.85 22.23
N VAL CA 13 92.77 -179.84 23.54
CA VAL CA 13 93.16 -180.97 24.40
C VAL CA 13 92.17 -182.14 24.19
N GLY CA 14 90.92 -181.79 23.92
CA GLY CA 14 89.89 -182.76 23.58
C GLY CA 14 90.18 -183.48 22.27
N ILE CA 15 90.56 -182.72 21.25
CA ILE CA 15 90.94 -183.30 19.96
C ILE CA 15 92.33 -183.93 19.98
N LEU CA 16 93.17 -183.47 20.91
CA LEU CA 16 94.50 -184.05 21.12
C LEU CA 16 94.39 -185.46 21.66
N ALA CA 17 93.41 -185.68 22.54
CA ALA CA 17 93.13 -187.00 23.10
C ALA CA 17 92.57 -187.94 22.02
N ALA CA 18 91.79 -187.39 21.11
CA ALA CA 18 91.22 -188.15 19.98
C ALA CA 18 92.30 -188.58 18.98
N VAL CA 19 93.33 -187.75 18.82
CA VAL CA 19 94.47 -188.07 17.96
C VAL CA 19 95.43 -189.02 18.69
N ALA CA 20 95.55 -188.84 20.00
CA ALA CA 20 96.39 -189.72 20.84
C ALA CA 20 95.70 -191.03 21.19
N LEU CA 21 94.42 -191.15 20.80
CA LEU CA 21 93.61 -192.34 21.10
C LEU CA 21 94.04 -193.58 20.32
N PRO CA 22 94.14 -193.52 18.99
CA PRO CA 22 94.55 -194.68 18.19
C PRO CA 22 96.02 -195.06 18.37
N ALA CA 23 96.87 -194.10 18.72
CA ALA CA 23 98.29 -194.35 18.94
C ALA CA 23 98.51 -195.18 20.21
N TYR CA 24 97.82 -194.80 21.28
CA TYR CA 24 97.87 -195.51 22.55
C TYR CA 24 97.10 -196.84 22.47
N GLN CA 25 96.03 -196.85 21.67
CA GLN CA 25 95.28 -198.07 21.38
C GLN CA 25 96.05 -199.03 20.47
N ASP CA 26 96.98 -198.50 19.68
CA ASP CA 26 97.75 -199.91 18.98
C ASP CA 26 99.04 -200.14 19.73
N TYR CA 27 99.59 -199.08 20.30
CA TYR CA 27 100.80 -199.23 21.09
C TYR CA 27 100.40 -200.16 22.20
N THR CA 28 99.20 -199.94 22.71
CA THR CA 28 98.66 -200.73 23.80
C THR CA 28 98.48 -202.20 23.42
N ALA CA 29 97.76 -202.45 22.33
CA ALA CA 29 97.51 -203.82 21.88
C ALA CA 29 98.82 -204.53 21.57
N ARG CA 30 99.69 -203.82 20.87
CA ARG CA 30 100.98 -204.32 20.47
C ARG CA 30 101.77 -204.69 21.71
N ALA CA 31 101.40 -204.09 22.83
CA ALA CA 31 102.08 -204.36 24.10
C ALA CA 31 101.52 -205.61 24.77
N GLN CA 32 100.21 -205.81 24.63
CA GLN CA 32 99.50 -206.95 25.19
C GLN CA 32 99.81 -208.23 24.42
N VAL CA 33 100.27 -208.07 23.18
CA VAL CA 33 100.60 -209.21 22.36
C VAL CA 33 102.04 -209.62 22.65
N SER CA 34 102.88 -208.63 22.91
CA SER CA 34 104.28 -208.89 23.21
C SER CA 34 104.43 -209.79 24.42
N GLU CA 35 103.36 -209.90 25.20
CA GLU CA 35 103.39 -210.74 26.39
C GLU CA 35 102.90 -212.13 26.08
N ALA CA 36 101.90 -212.21 25.22
CA ALA CA 36 101.39 -213.51 24.83
C ALA CA 36 102.60 -214.24 24.30
N ILE CA 37 103.50 -213.48 23.68
CA ILE CA 37 104.71 -214.04 23.13
C ILE CA 37 105.68 -214.49 24.20
N LEU CA 38 105.75 -213.75 25.30
CA LEU CA 38 106.68 -214.11 26.37
C LEU CA 38 106.16 -215.30 27.13
N LEU CA 39 104.85 -215.42 27.19
CA LEU CA 39 104.23 -216.53 27.89
C LEU CA 39 104.34 -217.79 27.04
N ALA CA 40 104.37 -217.59 25.72
CA ALA CA 40 104.48 -218.71 24.81
C ALA CA 40 105.90 -219.25 24.90
N GLU CA 41 106.87 -218.35 24.92
CA GLU CA 41 108.27 -218.74 25.03
C GLU CA 41 108.52 -219.26 26.44
N GLY CA 42 109.75 -219.68 26.73
CA GLY CA 42 110.05 -220.18 28.06
C GLY CA 42 109.40 -221.54 28.26
N GLN CA 43 108.67 -221.93 27.24
CA GLN CA 43 108.01 -223.21 27.20
C GLN CA 43 108.61 -223.89 26.00
N LYS CA 44 109.58 -223.20 25.41
CA LYS CA 44 110.30 -223.72 24.28
C LYS CA 44 111.23 -224.76 24.87
N SER CA 45 111.79 -224.43 26.03
CA SER CA 45 112.69 -225.31 26.75
C SER CA 45 112.11 -226.70 26.89
N ALA CA 46 110.95 -226.79 27.52
CA ALA CA 46 110.31 -228.08 27.71
C ALA CA 46 110.16 -228.79 26.36
N VAL CA 47 109.54 -228.10 25.41
CA VAL CA 47 109.31 -228.67 24.10
C VAL CA 47 110.58 -229.09 23.37
N THR CA 48 111.62 -228.27 23.45
CA THR CA 48 112.88 -228.59 22.80
C THR CA 48 113.47 -229.86 23.39
N GLU CA 49 113.58 -229.87 24.71
CA GLU CA 49 114.13 -231.03 25.37
C GLU CA 49 113.31 -232.26 25.01
N TYR CA 50 111.99 -232.19 25.18
CA TYR CA 50 111.18 -233.37 24.86
C TYR CA 50 111.50 -233.90 23.45
N TYR CA 51 111.58 -233.00 22.47
CA TYR CA 51 111.89 -233.43 21.10
C TYR CA 51 113.28 -234.06 20.94
N LEU CA 52 114.32 -233.36 21.40
CA LEU CA 52 115.69 -233.88 21.30
C LEU CA 52 115.89 -235.18 22.07
N ASN CA 53 115.24 -235.32 23.22
CA ASN CA 53 115.39 -236.56 23.98
C ASN CA 53 114.62 -237.73 23.39
N HIS CA 54 113.48 -237.47 22.77
CA HIS CA 54 112.67 -238.56 22.21
C HIS CA 54 112.51 -238.60 20.69
N GLY CA 55 112.73 -237.48 20.02
CA GLY CA 55 112.58 -237.47 18.57
C GLY CA 55 111.14 -237.36 18.14
N LYS CA 56 110.25 -237.07 19.08
CA LYS CA 56 108.82 -236.87 18.82
C LYS CA 56 108.42 -235.59 19.52
N TRP CA 57 107.54 -234.80 18.91
CA TRP CA 57 107.09 -233.54 19.52
C TRP CA 57 106.11 -233.82 20.63
N PRO CA 58 106.18 -233.07 21.74
CA PRO CA 58 105.24 -233.31 22.85
C PRO CA 58 103.80 -233.10 22.41
N GLU CA 59 102.96 -234.11 22.61
CA GLU CA 59 101.56 -234.02 22.20
C GLU CA 59 100.75 -232.93 22.90
N ASN CA 60 100.99 -232.76 24.19
CA ASN CA 60 100.27 -231.75 24.96
C ASN CA 60 101.12 -231.24 26.12
N ASN CA 61 100.62 -230.25 26.85
CA ASN CA 61 101.34 -229.67 27.96
C ASN CA 61 101.96 -230.67 28.94
N THR CA 62 101.17 -231.66 29.33
CA THR CA 62 101.64 -232.68 30.26
C THR CA 62 102.82 -233.44 29.68
N SER CA 63 102.74 -233.77 28.40
CA SER CA 63 103.84 -234.45 27.75
C SER CA 63 105.08 -233.58 27.84
N ALA CA 64 104.92 -232.30 27.54
CA ALA CA 64 106.05 -231.36 27.56
C ALA CA 64 106.53 -231.13 28.99
N GLY CA 65 105.73 -231.55 29.95
CA GLY CA 65 106.11 -231.37 31.34
C GLY CA 65 105.87 -229.94 31.76
N VAL CA 66 104.64 -229.47 31.57
CA VAL CA 66 104.26 -228.12 31.95
C VAL CA 66 102.85 -228.17 32.48
N ALA CA 67 102.44 -227.13 33.20
CA ALA CA 67 101.10 -227.08 33.77
C ALA CA 67 100.16 -227.89 32.89
N SER CA 68 99.88 -229.10 33.33
CA SER CA 68 99.01 -230.01 32.60
C SER CA 68 97.76 -229.34 32.07
N SER CA 69 97.43 -228.18 32.64
CA SER CA 69 96.22 -227.45 32.24
C SER CA 69 96.58 -226.18 31.46
N PRO CA 70 96.14 -226.09 30.18
CA PRO CA 70 96.42 -224.90 29.35
C PRO CA 70 96.11 -223.62 30.09
N THR CA 71 94.95 -223.60 30.75
CA THR CA 71 94.48 -222.46 31.51
C THR CA 71 95.38 -222.12 32.68
N ASP CA 72 96.33 -222.99 32.98
CA ASP CA 72 97.23 -222.72 34.09
C ASP CA 72 98.43 -221.92 33.62
N ILE CA 73 98.51 -221.68 32.31
CA ILE CA 73 99.60 -220.90 31.71
C ILE CA 73 99.04 -219.61 31.12
N LYS CA 74 98.17 -218.97 31.88
CA LYS CA 74 97.54 -217.73 31.47
C LYS CA 74 98.24 -216.51 32.04
N GLY CA 75 97.74 -215.34 31.66
CA GLY CA 75 98.29 -214.11 32.14
C GLY CA 75 97.21 -213.03 32.25
N LYS CA 76 97.63 -211.78 32.17
CA LYS CA 76 96.74 -210.64 32.26
C LYS CA 76 95.94 -210.50 30.97
N TYR CA 77 96.63 -210.65 29.85
CA TYR CA 77 95.99 -210.54 28.55
C TYR CA 77 95.94 -211.91 27.91
N VAL CA 78 96.62 -212.86 28.55
CA VAL CA 78 96.67 -214.23 28.05
C VAL CA 78 95.72 -215.12 28.80
N LYS CA 79 94.78 -215.69 28.06
CA LYS CA 79 93.80 -216.60 28.64
C LYS CA 79 94.37 -218.00 28.79
N GLU CA 80 95.51 -218.26 28.13
CA GLU CA 80 96.18 -219.54 28.19
C GLU CA 80 97.31 -219.75 27.18
N VAL CA 81 97.89 -220.95 27.24
CA VAL CA 81 98.97 -221.36 26.37
C VAL CA 81 98.93 -222.88 26.33
N GLU CA 82 98.65 -223.41 25.14
CA GLU CA 82 98.55 -224.84 24.94
C GLU CA 82 99.63 -225.36 24.00
N VAL CA 83 100.16 -226.53 24.33
CA VAL CA 83 101.18 -227.18 23.53
C VAL CA 83 100.43 -228.27 22.80
N LYS CA 84 100.44 -228.20 21.49
CA LYS CA 84 99.77 -229.19 20.67
C LYS CA 84 100.75 -229.71 19.63
N ASN CA 85 101.35 -230.86 19.93
CA ASN CA 85 102.35 -231.50 19.09
C ASN CA 85 103.56 -230.60 18.85
N GLY CA 86 104.11 -230.08 19.93
CA GLY CA 86 105.27 -229.21 19.85
C GLY CA 86 104.96 -227.77 19.53
N VAL CA 87 103.77 -227.51 18.97
CA VAL CA 87 103.35 -226.15 18.64
C VAL CA 87 102.79 -225.54 19.90
N VAL CA 88 103.26 -224.36 20.26
CA VAL CA 88 102.77 -223.70 21.44
C VAL CA 88 101.98 -222.47 21.02
N THR CA 89 100.68 -222.49 21.32
CA THR CA 89 99.79 -221.40 20.95
C THR CA 89 99.35 -220.58 22.17
N ALA CA 90 99.33 -219.26 22.04
CA ALA CA 90 98.94 -218.41 23.16
C ALA CA 90 97.65 -217.69 22.84
N THR CA 91 96.66 -217.81 23.72
CA THR CA 91 95.37 -217.15 23.51
C THR CA 91 95.25 -215.88 24.33
N MET CA 92 94.70 -214.85 23.68
CA MET CA 92 94.50 -213.56 24.33
C MET CA 92 93.20 -213.59 25.12
N LEU CA 93 93.25 -213.14 26.36
CA LEU CA 93 92.09 -213.10 27.22
C LEU CA 93 90.95 -212.36 26.52
N SER CA 94 89.87 -212.10 27.25
CA SER CA 94 88.75 -211.37 26.68
C SER CA 94 88.58 -210.08 27.45
N SER CA 95 89.18 -210.02 28.64
CA SER CA 95 89.10 -208.84 29.49
C SER CA 95 90.48 -208.25 29.76
N GLY CA 96 90.61 -206.95 29.58
CA GLY CA 96 91.88 -206.27 29.83
C GLY CA 96 92.73 -206.06 28.59
N VAL CA 97 92.18 -206.37 27.42
CA VAL CA 97 92.93 -206.21 26.17
C VAL CA 97 92.35 -205.17 25.20
N ASN CA 98 93.02 -204.98 24.08
CA ASN CA 98 92.62 -204.01 23.06
C ASN CA 98 91.12 -204.09 22.76
N ASN CA 99 90.80 -204.74 21.66
CA ASN CA 99 89.41 -204.86 21.24
C ASN CA 99 89.37 -205.74 20.00
N GLU CA 100 90.42 -205.63 19.18
CA GLU CA 100 90.47 -206.43 17.97
C GLU CA 100 91.53 -207.50 18.10
N ILE CA 101 91.91 -207.81 19.34
CA ILE CA 101 92.91 -208.85 19.57
C ILE CA 101 92.53 -209.86 20.65
N LYS CA 102 91.42 -209.63 21.35
CA LYS CA 102 91.01 -210.55 22.40
C LYS CA 102 90.48 -211.86 21.83
N GLY CA 103 90.73 -212.94 22.56
CA GLY CA 103 90.30 -214.24 22.10
C GLY CA 103 91.12 -214.60 20.88
N LYS CA 104 92.12 -213.78 20.56
CA LYS CA 104 92.95 -214.05 19.40
C LYS CA 104 94.27 -214.65 19.84
N LYS CA 105 94.92 -215.41 18.96
CA LYS CA 105 96.17 -216.04 19.34
C LYS CA 105 97.27 -216.18 18.29
N LEU CA 106 98.45 -216.58 18.76
CA LEU CA 106 99.62 -216.80 17.93
C LEU CA 106 100.26 -218.17 18.27
N SER CA 107 101.27 -218.57 17.52
CA SER CA 107 101.91 -219.85 17.75
C SER CA 107 103.41 -219.80 17.60
N LEU CA 108 104.07 -220.71 18.29
CA LEU CA 108 105.50 -220.86 18.26
C LEU CA 108 105.64 -222.32 17.91
N TRP CA 109 106.46 -222.63 16.92
CA TRP CA 109 106.65 -224.00 16.53
C TRP CA 109 108.08 -224.13 16.16
N ALA CA 110 108.59 -225.35 16.12
CA ALA CA 110 109.98 -225.52 15.80
C ALA CA 110 110.17 -226.47 14.65
N ARG CA 111 111.42 -226.62 14.24
CA ARG CA 111 111.75 -227.50 13.15
C ARG CA 111 113.04 -228.23 13.45
N ARG CA 112 113.07 -229.50 13.10
CA ARG CA 112 114.26 -230.32 13.32
C ARG CA 112 115.41 -229.76 12.51
N GLU CA 113 116.51 -229.44 13.18
CA GLU CA 113 117.68 -228.97 12.47
C GLU CA 113 118.61 -230.16 12.32
N ASN CA 114 118.30 -231.21 13.07
CA ASN CA 114 119.07 -232.45 13.09
C ASN CA 114 120.17 -232.24 14.12
N GLY CA 115 119.89 -232.63 15.36
CA GLY CA 115 120.84 -232.45 16.44
C GLY CA 115 120.42 -231.26 17.28
N SER CA 116 119.51 -230.47 16.73
CA SER CA 116 118.97 -229.29 17.40
C SER CA 116 117.74 -228.85 16.60
N VAL CA 117 117.04 -227.82 17.09
CA VAL CA 117 115.87 -227.31 16.40
C VAL CA 117 115.92 -225.79 16.34
N LYS CA 118 115.14 -225.21 15.43
CA LYS CA 118 115.05 -223.77 15.31
C LYS CA 118 113.59 -223.37 15.53
N TRP CA 119 113.38 -222.29 16.28
CA TRP CA 119 112.02 -221.85 16.57
C TRP CA 119 111.49 -220.70 15.71
N PHE CA 120 110.19 -220.72 15.48
CA PHE CA 120 109.53 -219.71 14.69
C PHE CA 120 108.44 -219.11 15.54
N CYS CA 121 107.99 -217.91 15.18
CA CYS CA 121 106.95 -217.22 15.92
C CYS CA 121 106.07 -216.50 14.91
N GLY CA 122 104.76 -216.70 15.01
CA GLY CA 122 103.87 -216.05 14.07
C GLY CA 122 102.40 -216.31 14.34
N GLN CA 123 101.59 -216.26 13.30
CA GLN CA 123 100.15 -216.47 13.43
C GLN CA 123 99.88 -217.97 13.55
N PRO CA 124 98.89 -218.34 14.38
CA PRO CA 124 98.48 -219.72 14.66
C PRO CA 124 98.76 -220.72 13.56
N VAL CA 125 99.29 -221.87 13.95
CA VAL CA 125 99.60 -222.92 13.00
C VAL CA 125 99.27 -224.29 13.60
N THR CA 126 99.08 -225.28 12.74
CA THR CA 126 98.76 -226.63 13.20
C THR CA 126 99.90 -227.52 12.74
N ARG CA 127 100.24 -228.57 13.49
CA ARG CA 127 101.29 -229.44 13.01
C ARG CA 127 100.69 -230.57 12.18
N THR CA 128 101.30 -230.81 11.01
CA THR CA 128 100.85 -231.86 10.13
C THR CA 128 101.70 -233.08 10.43
N ASP CA 129 102.98 -233.02 10.08
CA ASP CA 129 103.90 -234.11 10.37
C ASP CA 129 105.05 -233.57 11.23
N ASP CA 130 105.95 -234.44 11.66
CA ASP CA 130 107.03 -234.00 12.55
C ASP CA 130 107.89 -232.86 12.04
N ASP CA 131 107.74 -232.53 10.78
CA ASP CA 131 108.55 -231.45 10.23
C ASP CA 131 107.73 -230.54 9.33
N THR CA 132 106.44 -230.42 9.62
CA THR CA 132 105.57 -229.59 8.81
C THR CA 132 104.33 -229.16 9.57
N VAL CA 133 104.03 -227.87 9.50
CA VAL CA 133 102.86 -227.29 10.14
C VAL CA 133 102.13 -226.49 9.07
N ALA CA 134 100.95 -225.97 9.39
CA ALA CA 134 100.18 -225.19 8.42
C ALA CA 134 99.28 -224.21 9.11
N ASP CA 135 98.91 -223.15 8.38
CA ASP CA 135 98.07 -222.12 8.92
C ASP CA 135 96.82 -222.68 9.57
N ALA CA 136 96.60 -222.32 10.82
CA ALA CA 136 95.41 -222.75 11.51
C ALA CA 136 94.38 -221.72 11.08
N LYS CA 137 94.22 -221.57 9.75
CA LYS CA 137 93.26 -220.62 9.19
C LYS CA 137 91.88 -220.84 9.79
N ASP CA 138 91.37 -219.83 10.48
CA ASP CA 138 90.06 -219.97 11.10
C ASP CA 138 89.44 -218.62 11.47
N GLY CA 139 90.26 -217.57 11.49
CA GLY CA 139 89.75 -216.24 11.81
C GLY CA 139 90.09 -215.65 13.17
N LYS CA 140 90.74 -216.40 14.03
CA LYS CA 140 91.08 -215.89 15.36
C LYS CA 140 92.58 -215.54 15.52
N GLU CA 141 93.28 -215.42 14.40
CA GLU CA 141 94.70 -215.07 14.46
C GLU CA 141 94.91 -213.60 14.78
N ILE CA 142 95.91 -213.31 15.62
CA ILE CA 142 96.21 -211.93 15.94
C ILE CA 142 96.71 -211.30 14.65
N ASP CA 143 96.12 -210.16 14.30
CA ASP CA 143 96.42 -209.40 13.10
C ASP CA 143 97.87 -209.00 12.96
N THR CA 144 98.42 -209.19 11.77
CA THR CA 144 99.82 -208.84 11.53
C THR CA 144 100.27 -207.52 12.15
N LYS CA 145 99.41 -206.51 12.11
CA LYS CA 145 99.81 -205.22 12.67
C LYS CA 145 100.16 -205.25 14.14
N HIS CA 146 99.63 -206.24 14.87
CA HIS CA 146 99.90 -206.33 16.30
C HIS CA 146 101.10 -207.20 16.64
N LEU CA 147 101.68 -207.82 15.63
CA LEU CA 147 102.81 -208.71 15.88
C LEU CA 147 104.17 -208.05 15.66
N PRO CA 148 105.10 -208.29 16.59
CA PRO CA 148 106.46 -207.76 16.52
C PRO CA 148 107.09 -208.10 15.18
N SER CA 149 108.23 -207.49 14.89
CA SER CA 149 108.94 -207.74 13.65
C SER CA 149 109.58 -209.14 13.78
N THR CA 150 109.81 -209.56 15.02
CA THR CA 150 110.41 -210.86 15.29
C THR CA 150 109.40 -211.98 15.30
N CYS CA 151 108.14 -211.68 15.04
CA CYS CA 151 107.13 -212.74 15.05
C CYS CA 151 106.24 -212.64 13.83
N ARG CA 152 106.87 -212.52 12.68
CA ARG CA 152 106.16 -212.42 11.40
C ARG CA 152 106.37 -213.70 10.61
N ASP CA 153 106.75 -214.80 11.25
CA ASP CA 153 107.00 -216.05 10.52
C ASP CA 153 105.79 -216.75 9.88
N ASN CA 154 105.99 -217.24 8.66
CA ASN CA 154 104.97 -217.97 7.90
C ASN CA 154 105.07 -219.48 8.15
N PHE CA 155 103.95 -220.17 7.97
CA PHE CA 155 103.89 -221.61 8.19
C PHE CA 155 105.06 -222.36 7.54
N ASP CA 156 105.55 -221.87 6.40
CA ASP CA 156 106.65 -222.57 5.72
C ASP CA 156 108.03 -221.96 5.89
N ALA CA 157 108.20 -221.13 6.92
CA ALA CA 157 109.49 -220.53 7.17
C ALA CA 157 110.50 -221.63 7.46
N LYS CA 158 111.72 -221.51 6.97
CA LYS CA 158 112.72 -222.53 7.25
C LYS CA 158 113.93 -221.83 7.86
N MEA DA 1 93.64 -167.87 17.93
CA MEA DA 1 92.77 -167.52 19.09
C MEA DA 1 92.80 -168.58 20.20
O MEA DA 1 92.61 -168.25 21.37
N THR DA 2 93.05 -169.84 19.83
CA THR DA 2 92.90 -170.97 20.77
C THR DA 2 93.88 -172.15 20.62
N LEU DA 3 93.63 -172.97 19.60
CA LEU DA 3 94.06 -174.37 19.57
C LEU DA 3 95.57 -174.59 19.38
N ILE DA 4 96.32 -174.58 20.48
CA ILE DA 4 97.76 -174.82 20.42
C ILE DA 4 98.20 -176.03 21.26
N GLU DA 5 97.31 -176.52 22.13
CA GLU DA 5 97.58 -177.68 22.97
C GLU DA 5 97.65 -178.96 22.15
N LEU DA 6 96.78 -179.07 21.13
CA LEU DA 6 96.78 -180.20 20.23
C LEU DA 6 97.96 -180.14 19.26
N MET DA 7 98.30 -178.93 18.84
CA MET DA 7 99.37 -178.70 17.86
C MET DA 7 100.78 -178.90 18.45
N ILE DA 8 100.98 -178.46 19.69
CA ILE DA 8 102.28 -178.63 20.34
C ILE DA 8 102.50 -180.08 20.80
N VAL DA 9 101.46 -180.69 21.37
CA VAL DA 9 101.56 -182.07 21.89
C VAL DA 9 101.67 -183.13 20.77
N ILE DA 10 101.19 -182.81 19.57
CA ILE DA 10 101.43 -183.68 18.42
C ILE DA 10 102.86 -183.48 17.89
N ALA DA 11 103.42 -182.30 18.15
CA ALA DA 11 104.76 -181.94 17.70
C ALA DA 11 105.84 -182.21 18.75
N ILE DA 12 105.44 -182.53 19.98
CA ILE DA 12 106.39 -182.97 21.01
C ILE DA 12 106.56 -184.49 20.97
N VAL DA 13 105.52 -185.20 20.54
CA VAL DA 13 105.58 -186.65 20.35
C VAL DA 13 106.36 -186.96 19.08
N GLY DA 14 106.25 -186.07 18.09
CA GLY DA 14 107.02 -186.16 16.86
C GLY DA 14 108.50 -185.99 17.10
N ILE DA 15 108.87 -184.99 17.89
CA ILE DA 15 110.28 -184.77 18.24
C ILE DA 15 110.78 -185.76 19.30
N LEU DA 16 109.84 -186.32 20.07
CA LEU DA 16 110.16 -187.36 21.06
C LEU DA 16 110.60 -188.64 20.36
N ALA DA 17 109.96 -188.93 19.22
CA ALA DA 17 110.31 -190.08 18.39
C ALA DA 17 111.67 -189.89 17.73
N ALA DA 18 111.98 -188.65 17.38
CA ALA DA 18 113.27 -188.30 16.76
C ALA DA 18 114.42 -188.40 17.77
N VAL DA 19 114.14 -188.13 19.04
CA VAL DA 19 115.11 -188.28 20.12
C VAL DA 19 115.21 -189.75 20.54
N ALA DA 20 114.09 -190.46 20.49
CA ALA DA 20 114.06 -191.89 20.80
C ALA DA 20 114.53 -192.76 19.63
N LEU DA 21 114.79 -192.12 18.49
CA LEU DA 21 115.20 -192.82 17.27
C LEU DA 21 116.62 -193.39 17.35
N PRO DA 22 117.64 -192.59 17.69
CA PRO DA 22 119.02 -193.08 17.78
C PRO DA 22 119.25 -194.02 18.96
N ALA DA 23 118.47 -193.88 20.03
CA ALA DA 23 118.58 -194.74 21.21
C ALA DA 23 118.12 -196.17 20.90
N TYR DA 24 116.98 -196.27 20.21
CA TYR DA 24 116.43 -197.56 19.79
C TYR DA 24 117.25 -198.14 18.62
N GLN DA 25 117.77 -197.25 17.77
CA GLN DA 25 118.68 -197.65 16.69
C GLN DA 25 120.05 -198.09 17.21
N ASP DA 26 120.43 -197.59 18.39
CA ASP DA 26 121.93 -198.45 18.71
C ASP DA 26 121.59 -199.56 19.68
N TYR DA 27 120.55 -199.37 20.46
CA TYR DA 27 120.14 -200.42 21.39
C TYR DA 27 119.82 -201.59 20.51
N THR DA 28 119.16 -201.27 19.40
CA THR DA 28 118.75 -202.27 18.44
C THR DA 28 119.93 -202.99 17.80
N ALA DA 29 120.87 -202.25 17.24
CA ALA DA 29 122.04 -202.84 16.60
C ALA DA 29 122.85 -203.66 17.59
N ARG DA 30 123.03 -203.07 18.76
CA ARG DA 30 123.79 -203.68 19.84
C ARG DA 30 123.12 -204.99 20.22
N ALA DA 31 121.84 -205.10 19.91
CA ALA DA 31 121.07 -206.31 20.22
C ALA DA 31 121.27 -207.38 19.14
N GLN DA 32 121.38 -206.92 17.90
CA GLN DA 32 121.57 -207.79 16.73
C GLN DA 32 123.00 -208.34 16.68
N VAL DA 33 123.91 -207.67 17.38
CA VAL DA 33 125.29 -208.10 17.41
C VAL DA 33 125.44 -209.12 18.54
N SER DA 34 124.71 -208.91 19.61
CA SER DA 34 124.77 -209.81 20.76
C SER DA 34 124.40 -211.22 20.36
N GLU DA 35 123.75 -211.35 19.21
CA GLU DA 35 123.34 -212.67 18.74
C GLU DA 35 124.40 -213.27 17.84
N ALA DA 36 125.02 -212.43 17.04
CA ALA DA 36 126.08 -212.91 16.17
C ALA DA 36 127.07 -213.57 17.11
N ILE DA 37 127.16 -213.02 18.31
CA ILE DA 37 128.06 -213.54 19.33
C ILE DA 37 127.58 -214.88 19.87
N LEU DA 38 126.28 -215.03 20.02
CA LEU DA 38 125.74 -216.28 20.56
C LEU DA 38 125.84 -217.37 19.52
N LEU DA 39 125.74 -216.98 18.26
CA LEU DA 39 125.82 -217.95 17.17
C LEU DA 39 127.27 -218.37 16.97
N ALA DA 40 128.17 -217.45 17.29
CA ALA DA 40 129.60 -217.72 17.15
C ALA DA 40 129.99 -218.71 18.25
N GLU DA 41 129.51 -218.46 19.45
CA GLU DA 41 129.80 -219.34 20.59
C GLU DA 41 129.05 -220.65 20.38
N GLY DA 42 129.19 -221.59 21.30
CA GLY DA 42 128.49 -222.86 21.18
C GLY DA 42 129.10 -223.68 20.07
N GLN DA 43 130.08 -223.06 19.43
CA GLN DA 43 130.83 -223.68 18.36
C GLN DA 43 132.25 -223.67 18.89
N LYS DA 44 132.37 -223.21 20.12
CA LYS DA 44 133.65 -223.16 20.78
C LYS DA 44 133.91 -224.61 21.16
N SER DA 45 132.86 -225.29 21.60
CA SER DA 45 132.92 -226.69 21.99
C SER DA 45 133.62 -227.53 20.93
N ALA DA 46 133.07 -227.52 19.73
CA ALA DA 46 133.66 -228.29 18.64
C ALA DA 46 135.13 -227.92 18.48
N VAL DA 47 135.39 -226.63 18.32
CA VAL DA 47 136.75 -226.15 18.13
C VAL DA 47 137.69 -226.49 19.28
N THR DA 48 137.22 -226.37 20.51
CA THR DA 48 138.05 -226.68 21.66
C THR DA 48 138.42 -228.16 21.64
N GLU DA 49 137.42 -228.99 21.51
CA GLU DA 49 137.66 -230.42 21.49
C GLU DA 49 138.63 -230.75 20.37
N TYR DA 50 138.33 -230.30 19.14
CA TYR DA 50 139.23 -230.62 18.04
C TYR DA 50 140.68 -230.27 18.38
N TYR DA 51 140.91 -229.09 18.94
CA TYR DA 51 142.27 -228.69 19.30
C TYR DA 51 142.92 -229.57 20.39
N LEU DA 52 142.22 -229.76 21.51
CA LEU DA 52 142.74 -230.58 22.59
C LEU DA 52 142.97 -232.04 22.18
N ASN DA 53 142.10 -232.56 21.34
CA ASN DA 53 142.28 -233.95 20.90
C ASN DA 53 143.40 -234.12 19.88
N HIS DA 54 143.61 -233.12 19.03
CA HIS DA 54 144.64 -233.25 18.00
C HIS DA 54 145.83 -232.30 18.10
N GLY DA 55 145.70 -231.20 18.81
CA GLY DA 55 146.80 -230.28 18.92
C GLY DA 55 146.94 -229.38 17.71
N LYS DA 56 145.93 -229.38 16.85
CA LYS DA 56 145.88 -228.55 15.65
C LYS DA 56 144.50 -227.91 15.61
N TRP DA 57 144.41 -226.65 15.20
CA TRP DA 57 143.11 -225.96 15.14
C TRP DA 57 142.34 -226.44 13.93
N PRO DA 58 141.01 -226.61 14.08
CA PRO DA 58 140.19 -227.08 12.95
C PRO DA 58 140.27 -226.11 11.78
N GLU DA 59 140.65 -226.62 10.60
CA GLU DA 59 140.79 -225.77 9.42
C GLU DA 59 139.50 -225.12 8.96
N ASN DA 60 138.40 -225.86 9.02
CA ASN DA 60 137.11 -225.34 8.59
C ASN DA 60 135.97 -226.01 9.35
N ASN DA 61 134.75 -225.55 9.11
CA ASN DA 61 133.58 -226.09 9.79
C ASN DA 61 133.50 -227.62 9.85
N THR DA 62 133.73 -228.24 8.69
CA THR DA 62 133.68 -229.69 8.60
C THR DA 62 134.70 -230.33 9.50
N SER DA 63 135.90 -229.77 9.54
CA SER DA 63 136.93 -230.29 10.41
C SER DA 63 136.44 -230.21 11.84
N ALA DA 64 135.87 -229.06 12.22
CA ALA DA 64 135.39 -228.86 13.57
C ALA DA 64 134.17 -229.73 13.87
N GLY DA 65 133.61 -230.30 12.82
CA GLY DA 65 132.45 -231.14 12.99
C GLY DA 65 131.21 -230.31 13.21
N VAL DA 66 130.95 -229.39 12.28
CA VAL DA 66 129.78 -228.52 12.36
C VAL DA 66 129.28 -228.34 10.94
N ALA DA 67 128.03 -227.88 10.82
CA ALA DA 67 127.42 -227.67 9.51
C ALA DA 67 128.52 -227.34 8.51
N SER DA 68 128.90 -228.35 7.74
CA SER DA 68 129.95 -228.21 6.74
C SER DA 68 129.82 -226.94 5.92
N SER DA 69 128.64 -226.34 5.95
CA SER DA 69 128.38 -225.13 5.17
C SER DA 69 128.24 -223.89 6.08
N PRO DA 70 129.15 -222.90 5.92
CA PRO DA 70 129.09 -221.68 6.74
C PRO DA 70 127.70 -221.11 6.80
N THR DA 71 127.07 -221.04 5.63
CA THR DA 71 125.72 -220.52 5.48
C THR DA 71 124.67 -221.33 6.23
N ASP DA 72 125.06 -222.49 6.73
CA ASP DA 72 124.11 -223.30 7.47
C ASP DA 72 124.11 -222.92 8.94
N ILE DA 73 124.99 -222.00 9.32
CA ILE DA 73 125.09 -221.52 10.70
C ILE DA 73 124.70 -220.04 10.74
N LYS DA 74 123.61 -219.72 10.06
CA LYS DA 74 123.13 -218.35 10.00
C LYS DA 74 121.99 -218.11 10.98
N GLY DA 75 121.52 -216.88 11.00
CA GLY DA 75 120.43 -216.51 11.86
C GLY DA 75 119.59 -215.41 11.24
N LYS DA 76 118.92 -214.65 12.09
CA LYS DA 76 118.06 -213.55 11.66
C LYS DA 76 118.91 -212.37 11.19
N TYR DA 77 119.94 -212.07 11.97
CA TYR DA 77 120.83 -210.96 11.65
C TYR DA 77 122.17 -211.53 11.22
N VAL DA 78 122.31 -212.84 11.38
CA VAL DA 78 123.55 -213.51 11.04
C VAL DA 78 123.43 -214.22 9.70
N LYS DA 79 124.27 -213.82 8.77
CA LYS DA 79 124.28 -214.43 7.45
C LYS DA 79 125.08 -215.72 7.45
N GLU DA 80 125.86 -215.93 8.51
CA GLU DA 80 126.67 -217.14 8.66
C GLU DA 80 127.70 -217.11 9.78
N VAL DA 81 128.44 -218.21 9.88
CA VAL DA 81 129.48 -218.40 10.87
C VAL DA 81 130.45 -219.43 10.30
N GLU DA 82 131.67 -218.98 10.06
CA GLU DA 82 132.71 -219.81 9.49
C GLU DA 82 133.87 -220.03 10.45
N VAL DA 83 134.37 -221.26 10.45
CA VAL DA 83 135.50 -221.62 11.29
C VAL DA 83 136.66 -221.66 10.35
N LYS DA 84 137.66 -220.83 10.61
CA LYS DA 84 138.84 -220.78 9.78
C LYS DA 84 140.07 -220.89 10.67
N ASN DA 85 140.60 -222.12 10.75
CA ASN DA 85 141.76 -222.45 11.58
C ASN DA 85 141.50 -222.13 13.06
N GLY DA 86 140.37 -222.64 13.57
CA GLY DA 86 140.03 -222.43 14.96
C GLY DA 86 139.35 -221.10 15.25
N VAL DA 87 139.52 -220.13 14.34
CA VAL DA 87 138.90 -218.82 14.50
C VAL DA 87 137.48 -218.92 13.98
N VAL DA 88 136.51 -218.49 14.78
CA VAL DA 88 135.13 -218.54 14.36
C VAL DA 88 134.63 -217.12 14.15
N THR DA 89 134.29 -216.82 12.90
CA THR DA 89 133.82 -215.48 12.53
C THR DA 89 132.33 -215.48 12.23
N ALA DA 90 131.61 -214.46 12.70
CA ALA DA 90 130.18 -214.39 12.45
C ALA DA 90 129.85 -213.20 11.58
N THR DA 91 129.14 -213.42 10.47
CA THR DA 91 128.78 -212.33 9.57
C THR DA 91 127.35 -211.89 9.77
N MET DA 92 127.16 -210.58 9.76
CA MET DA 92 125.85 -209.98 9.92
C MET DA 92 125.13 -209.98 8.58
N LEU DA 93 123.88 -210.42 8.58
CA LEU DA 93 123.07 -210.46 7.37
C LEU DA 93 123.06 -209.08 6.71
N SER DA 94 122.23 -208.93 5.70
CA SER DA 94 122.11 -207.64 5.01
C SER DA 94 120.70 -207.13 5.19
N SER DA 95 119.79 -208.02 5.57
CA SER DA 95 118.38 -207.68 5.78
C SER DA 95 117.95 -207.97 7.20
N GLY DA 96 117.30 -206.99 7.82
CA GLY DA 96 116.80 -207.16 9.19
C GLY DA 96 117.73 -206.59 10.26
N VAL DA 97 118.78 -205.89 9.84
CA VAL DA 97 119.73 -205.32 10.80
C VAL DA 97 119.78 -203.79 10.81
N ASN DA 98 120.61 -203.24 11.69
CA ASN DA 98 120.77 -201.80 11.84
C ASN DA 98 120.91 -201.10 10.49
N ASN DA 99 122.14 -200.76 10.14
CA ASN DA 99 122.41 -200.06 8.89
C ASN DA 99 123.93 -199.91 8.76
N GLU DA 100 124.60 -199.76 9.90
CA GLU DA 100 126.04 -199.61 9.87
C GLU DA 100 126.70 -200.86 10.44
N ILE DA 101 125.96 -201.96 10.46
CA ILE DA 101 126.51 -203.21 10.97
C ILE DA 101 126.25 -204.42 10.06
N LYS DA 102 125.45 -204.25 9.02
CA LYS DA 102 125.16 -205.37 8.13
C LYS DA 102 126.38 -205.73 7.27
N GLY DA 103 126.49 -207.02 6.98
CA GLY DA 103 127.60 -207.50 6.20
C GLY DA 103 128.86 -207.33 7.03
N LYS DA 104 128.70 -206.96 8.30
CA LYS DA 104 129.85 -206.77 9.16
C LYS DA 104 130.00 -207.97 10.09
N LYS DA 105 131.22 -208.22 10.56
CA LYS DA 105 131.44 -209.37 11.42
C LYS DA 105 132.45 -209.26 12.55
N LEU DA 106 132.44 -210.28 13.42
CA LEU DA 106 133.33 -210.39 14.56
C LEU DA 106 133.97 -211.80 14.58
N SER DA 107 134.90 -212.02 15.50
CA SER DA 107 135.57 -213.31 15.59
C SER DA 107 135.79 -213.75 17.01
N LEU DA 108 135.88 -215.06 17.17
CA LEU DA 108 136.13 -215.71 18.44
C LEU DA 108 137.32 -216.56 18.10
N TRP DA 109 138.37 -216.50 18.91
CA TRP DA 109 139.53 -217.32 18.66
C TRP DA 109 140.04 -217.73 19.99
N ALA DA 110 140.86 -218.76 20.03
CA ALA DA 110 141.35 -219.22 21.30
C ALA DA 110 142.86 -219.27 21.33
N ARG DA 111 143.39 -219.62 22.49
CA ARG DA 111 144.82 -219.70 22.66
C ARG DA 111 145.15 -220.89 23.53
N ARG DA 112 146.21 -221.59 23.16
CA ARG DA 112 146.66 -222.75 23.92
C ARG DA 112 147.06 -222.32 25.32
N GLU DA 113 146.44 -222.92 26.33
CA GLU DA 113 146.81 -222.62 27.69
C GLU DA 113 147.76 -223.71 28.14
N ASN DA 114 147.80 -224.79 27.35
CA ASN DA 114 148.60 -225.96 27.61
C ASN DA 114 147.78 -226.86 28.53
N GLY DA 115 147.03 -227.76 27.91
CA GLY DA 115 146.17 -228.65 28.67
C GLY DA 115 144.72 -228.16 28.57
N SER DA 116 144.58 -226.93 28.10
CA SER DA 116 143.29 -226.28 27.92
C SER DA 116 143.52 -225.02 27.08
N VAL DA 117 142.43 -224.34 26.73
CA VAL DA 117 142.55 -223.12 25.96
C VAL DA 117 141.66 -222.03 26.56
N LYS DA 118 141.94 -220.77 26.21
CA LYS DA 118 141.15 -219.66 26.66
C LYS DA 118 140.58 -218.95 25.43
N TRP DA 119 139.30 -218.56 25.48
CA TRP DA 119 138.69 -217.89 24.35
C TRP DA 119 138.60 -216.37 24.43
N PHE DA 120 138.66 -215.75 23.27
CA PHE DA 120 138.60 -214.31 23.15
C PHE DA 120 137.46 -213.98 22.22
N CYS DA 121 136.97 -212.75 22.30
CA CYS DA 121 135.86 -212.30 21.47
C CYS DA 121 136.12 -210.85 21.09
N GLY DA 122 136.04 -210.55 19.80
CA GLY DA 122 136.29 -209.19 19.37
C GLY DA 122 136.10 -208.97 17.89
N GLN DA 123 136.80 -207.99 17.34
CA GLN DA 123 136.71 -207.67 15.93
C GLN DA 123 137.49 -208.68 15.12
N PRO DA 124 136.99 -209.05 13.94
CA PRO DA 124 137.58 -210.03 13.02
C PRO DA 124 139.08 -210.19 13.10
N VAL DA 125 139.53 -211.43 13.10
CA VAL DA 125 140.96 -211.71 13.17
C VAL DA 125 141.30 -212.91 12.29
N THR DA 126 142.56 -213.02 11.89
CA THR DA 126 143.01 -214.12 11.06
C THR DA 126 144.03 -214.90 11.85
N ARG DA 127 144.11 -216.22 11.65
CA ARG DA 127 145.13 -216.95 12.40
C ARG DA 127 146.42 -217.01 11.59
N THR DA 128 147.53 -216.71 12.25
CA THR DA 128 148.83 -216.74 11.62
C THR DA 128 149.43 -218.11 11.90
N ASP DA 129 149.78 -218.35 13.15
CA ASP DA 129 150.32 -219.64 13.56
C ASP DA 129 149.42 -220.23 14.65
N ASP DA 130 149.71 -221.44 15.11
CA ASP DA 130 148.84 -222.08 16.10
C ASP DA 130 148.62 -221.31 17.39
N ASP DA 131 149.38 -220.26 17.59
CA ASP DA 131 149.23 -219.49 18.80
C ASP DA 131 149.29 -217.99 18.54
N THR DA 132 148.87 -217.58 17.35
CA THR DA 132 148.91 -216.19 16.98
C THR DA 132 147.94 -215.86 15.87
N VAL DA 133 147.16 -214.80 16.07
CA VAL DA 133 146.19 -214.32 15.09
C VAL DA 133 146.47 -212.83 14.89
N ALA DA 134 145.79 -212.20 13.94
CA ALA DA 134 145.99 -210.79 13.68
C ALA DA 134 144.76 -210.16 13.09
N ASP DA 135 144.64 -208.84 13.25
CA ASP DA 135 143.49 -208.12 12.76
C ASP DA 135 143.23 -208.42 11.31
N ALA DA 136 142.00 -208.83 11.02
CA ALA DA 136 141.62 -209.09 9.65
C ALA DA 136 141.23 -207.71 9.15
N LYS DA 137 142.15 -206.76 9.28
CA LYS DA 137 141.91 -205.38 8.85
C LYS DA 137 141.45 -205.35 7.39
N ASP DA 138 140.24 -204.86 7.16
CA ASP DA 138 139.71 -204.82 5.81
C ASP DA 138 138.54 -203.86 5.66
N GLY DA 139 137.95 -203.46 6.79
CA GLY DA 139 136.83 -202.52 6.74
C GLY DA 139 135.43 -203.05 7.02
N LYS DA 140 135.29 -204.35 7.22
CA LYS DA 140 133.98 -204.92 7.48
C LYS DA 140 133.77 -205.34 8.95
N GLU DA 141 134.62 -204.86 9.84
CA GLU DA 141 134.51 -205.20 11.25
C GLU DA 141 133.37 -204.45 11.92
N ILE DA 142 132.64 -205.12 12.79
CA ILE DA 142 131.57 -204.47 13.51
C ILE DA 142 132.24 -203.44 14.42
N ASP DA 143 131.75 -202.21 14.34
CA ASP DA 143 132.24 -201.06 15.09
C ASP DA 143 132.25 -201.27 16.59
N THR DA 144 133.34 -200.89 17.23
CA THR DA 144 133.45 -201.04 18.68
C THR DA 144 132.19 -200.67 19.45
N LYS DA 145 131.52 -199.60 19.04
CA LYS DA 145 130.33 -199.18 19.77
C LYS DA 145 129.23 -200.22 19.83
N HIS DA 146 129.21 -201.14 18.87
CA HIS DA 146 128.17 -202.18 18.84
C HIS DA 146 128.56 -203.46 19.57
N LEU DA 147 129.79 -203.51 20.06
CA LEU DA 147 130.25 -204.72 20.74
C LEU DA 147 130.15 -204.65 22.25
N PRO DA 148 129.65 -205.73 22.86
CA PRO DA 148 129.51 -205.84 24.31
C PRO DA 148 130.83 -205.51 24.99
N SER DA 149 130.78 -205.35 26.31
CA SER DA 149 131.98 -205.07 27.08
C SER DA 149 132.80 -206.37 27.15
N THR DA 150 132.11 -207.50 27.00
CA THR DA 150 132.76 -208.80 27.04
C THR DA 150 133.34 -209.20 25.71
N CYS DA 151 133.25 -208.34 24.69
CA CYS DA 151 133.79 -208.71 23.39
C CYS DA 151 134.61 -207.57 22.82
N ARG DA 152 135.49 -207.04 23.64
CA ARG DA 152 136.36 -205.93 23.24
C ARG DA 152 137.79 -206.43 23.11
N ASP DA 153 138.01 -207.74 22.94
CA ASP DA 153 139.36 -208.27 22.86
C ASP DA 153 140.18 -207.91 21.60
N ASN DA 154 141.45 -207.60 21.82
CA ASN DA 154 142.40 -207.26 20.76
C ASN DA 154 143.14 -208.51 20.26
N PHE DA 155 143.62 -208.44 19.02
CA PHE DA 155 144.31 -209.57 18.41
C PHE DA 155 145.39 -210.16 19.33
N ASP DA 156 146.03 -209.31 20.15
CA ASP DA 156 147.09 -209.83 21.01
C ASP DA 156 146.71 -210.03 22.48
N ALA DA 157 145.42 -210.13 22.75
CA ALA DA 157 144.97 -210.36 24.12
C ALA DA 157 145.53 -211.70 24.58
N LYS DA 158 145.95 -211.78 25.84
CA LYS DA 158 146.45 -213.05 26.35
C LYS DA 158 145.66 -213.40 27.60
N MEA EA 1 102.61 -173.77 26.61
CA MEA EA 1 101.40 -173.89 25.74
C MEA EA 1 101.19 -175.31 25.20
O MEA EA 1 100.06 -175.71 24.94
N THR EA 2 102.28 -176.07 25.03
CA THR EA 2 102.23 -177.36 24.33
C THR EA 2 103.16 -178.47 24.83
N LEU EA 3 104.44 -178.35 24.49
CA LEU EA 3 105.37 -179.48 24.38
C LEU EA 3 105.80 -180.10 25.72
N ILE EA 4 105.00 -181.05 26.21
CA ILE EA 4 105.33 -181.74 27.46
C ILE EA 4 105.48 -183.26 27.29
N GLU EA 5 105.01 -183.77 26.16
CA GLU EA 5 105.08 -185.20 25.85
C GLU EA 5 106.53 -185.62 25.59
N LEU EA 6 107.30 -184.76 24.93
CA LEU EA 6 108.71 -185.01 24.68
C LEU EA 6 109.54 -184.84 25.94
N MET EA 7 109.15 -183.87 26.77
CA MET EA 7 109.87 -183.53 27.99
C MET EA 7 109.69 -184.57 29.11
N ILE EA 8 108.46 -185.09 29.25
CA ILE EA 8 108.18 -186.10 30.26
C ILE EA 8 108.72 -187.48 29.86
N VAL EA 9 108.56 -187.85 28.60
CA VAL EA 9 109.02 -189.15 28.10
C VAL EA 9 110.55 -189.27 28.02
N ILE EA 10 111.25 -188.14 27.89
CA ILE EA 10 112.71 -188.16 28.00
C ILE EA 10 113.14 -188.25 29.48
N ALA EA 11 112.25 -187.80 30.36
CA ALA EA 11 112.52 -187.79 31.80
C ALA EA 11 111.97 -189.03 32.52
N ILE EA 12 111.15 -189.83 31.83
CA ILE EA 12 110.73 -191.12 32.37
C ILE EA 12 111.71 -192.23 32.00
N VAL EA 13 112.37 -192.08 30.84
CA VAL EA 13 113.42 -193.00 30.41
C VAL EA 13 114.69 -192.76 31.24
N GLY EA 14 114.90 -191.50 31.62
CA GLY EA 14 115.98 -191.11 32.50
C GLY EA 14 115.84 -191.71 33.90
N ILE EA 15 114.64 -191.63 34.46
CA ILE EA 15 114.35 -192.23 35.77
C ILE EA 15 114.19 -193.75 35.68
N LEU EA 16 113.84 -194.25 34.49
CA LEU EA 16 113.75 -195.69 34.24
C LEU EA 16 115.13 -196.33 34.31
N ALA EA 17 116.13 -195.61 33.81
CA ALA EA 17 117.52 -196.05 33.86
C ALA EA 17 118.05 -196.05 35.29
N ALA EA 18 117.59 -195.09 36.08
CA ALA EA 18 117.97 -194.97 37.49
C ALA EA 18 117.36 -196.09 38.35
N VAL EA 19 116.18 -196.55 37.96
CA VAL EA 19 115.52 -197.69 38.62
C VAL EA 19 116.10 -199.00 38.12
N ALA EA 20 116.48 -199.04 36.84
CA ALA EA 20 117.11 -200.22 36.24
C ALA EA 20 118.60 -200.29 36.57
N LEU EA 21 119.13 -199.27 37.22
CA LEU EA 21 120.55 -199.18 37.56
C LEU EA 21 120.98 -200.18 38.66
N PRO EA 22 120.31 -200.22 39.81
CA PRO EA 22 120.68 -201.15 40.87
C PRO EA 22 120.35 -202.61 40.55
N ALA EA 23 119.36 -202.85 39.71
CA ALA EA 23 118.98 -204.21 39.30
C ALA EA 23 120.06 -204.84 38.42
N TYR EA 24 120.55 -204.06 37.46
CA TYR EA 24 121.62 -204.50 36.56
C TYR EA 24 122.97 -204.52 37.29
N GLN EA 25 123.14 -203.60 38.24
CA GLN EA 25 124.32 -203.57 39.12
C GLN EA 25 124.30 -204.72 40.14
N ASP EA 26 123.11 -205.22 40.46
CA ASP EA 26 123.53 -206.59 41.47
C ASP EA 26 123.43 -207.83 40.60
N TYR EA 27 122.59 -207.77 39.57
CA TYR EA 27 122.47 -208.89 38.67
C TYR EA 27 123.86 -209.06 38.10
N THR EA 28 124.48 -207.92 37.81
CA THR EA 28 125.79 -207.88 37.24
C THR EA 28 126.86 -208.46 38.16
N ALA EA 29 126.93 -207.97 39.39
CA ALA EA 29 127.91 -208.45 40.36
C ALA EA 29 127.70 -209.93 40.64
N ARG EA 30 126.45 -210.29 40.82
CA ARG EA 30 126.06 -211.66 41.10
C ARG EA 30 126.49 -212.54 39.96
N ALA EA 31 126.69 -211.94 38.79
CA ALA EA 31 127.12 -212.68 37.60
C ALA EA 31 128.64 -212.86 37.60
N GLN EA 32 129.34 -211.83 38.07
CA GLN EA 32 130.80 -211.82 38.13
C GLN EA 32 131.31 -212.72 39.25
N VAL EA 33 130.45 -213.02 40.21
CA VAL EA 33 130.81 -213.89 41.31
C VAL EA 33 130.58 -215.33 40.90
N SER EA 34 129.53 -215.54 40.11
CA SER EA 34 129.20 -216.88 39.66
C SER EA 34 130.35 -217.49 38.87
N GLU EA 35 131.27 -216.65 38.43
CA GLU EA 35 132.41 -217.13 37.66
C GLU EA 35 133.58 -217.42 38.57
N ALA EA 36 133.74 -216.58 39.58
CA ALA EA 36 134.82 -216.80 40.52
C ALA EA 36 134.59 -218.22 41.03
N ILE EA 37 133.31 -218.59 41.11
CA ILE EA 37 132.94 -219.90 41.58
C ILE EA 37 133.28 -220.98 40.57
N LEU EA 38 133.14 -220.68 39.29
CA LEU EA 38 133.44 -221.67 38.26
C LEU EA 38 134.94 -221.86 38.13
N LEU EA 39 135.67 -220.79 38.40
CA LEU EA 39 137.12 -220.84 38.31
C LEU EA 39 137.67 -221.58 39.53
N ALA EA 40 136.95 -221.48 40.64
CA ALA EA 40 137.36 -222.13 41.86
C ALA EA 40 137.15 -223.63 41.69
N GLU EA 41 136.00 -224.00 41.12
CA GLU EA 41 135.70 -225.40 40.88
C GLU EA 41 136.58 -225.90 39.76
N GLY EA 42 136.46 -227.17 39.40
CA GLY EA 42 137.27 -227.72 38.31
C GLY EA 42 138.71 -227.86 38.77
N GLN EA 43 138.93 -227.42 40.00
CA GLN EA 43 140.20 -227.50 40.65
C GLN EA 43 139.93 -228.36 41.87
N LYS EA 44 138.69 -228.83 41.93
CA LYS EA 44 138.26 -229.69 43.01
C LYS EA 44 138.88 -231.03 42.67
N SER EA 45 138.86 -231.35 41.38
CA SER EA 45 139.42 -232.60 40.87
C SER EA 45 140.83 -232.82 41.39
N ALA EA 46 141.72 -231.88 41.10
CA ALA EA 46 143.09 -232.00 41.55
C ALA EA 46 143.13 -232.21 43.06
N VAL EA 47 142.48 -231.31 43.78
CA VAL EA 47 142.47 -231.38 45.24
C VAL EA 47 141.87 -232.68 45.78
N THR EA 48 140.79 -233.15 45.18
CA THR EA 48 140.17 -234.38 45.64
C THR EA 48 141.13 -235.54 45.45
N GLU EA 49 141.65 -235.67 44.24
CA GLU EA 49 142.56 -236.74 43.98
C GLU EA 49 143.74 -236.67 44.93
N TYR EA 50 144.39 -235.51 45.02
CA TYR EA 50 145.52 -235.42 45.93
C TYR EA 50 145.18 -235.94 47.32
N TYR EA 51 144.04 -235.54 47.86
CA TYR EA 51 143.64 -235.99 49.19
C TYR EA 51 143.40 -237.52 49.29
N LEU EA 52 142.57 -238.05 48.39
CA LEU EA 52 142.29 -239.48 48.39
C LEU EA 52 143.52 -240.34 48.14
N ASN EA 53 144.43 -239.87 47.30
CA ASN EA 53 145.63 -240.65 47.03
C ASN EA 53 146.65 -240.59 48.18
N HIS EA 54 146.72 -239.46 48.87
CA HIS EA 54 147.70 -239.32 49.95
C HIS EA 54 147.16 -239.18 51.37
N GLY EA 55 145.89 -238.79 51.52
CA GLY EA 55 145.35 -238.63 52.85
C GLY EA 55 145.75 -237.33 53.50
N LYS EA 56 146.34 -236.43 52.72
CA LYS EA 56 146.75 -235.10 53.18
C LYS EA 56 146.26 -234.11 52.14
N TRP EA 57 145.80 -232.93 52.58
CA TRP EA 57 145.30 -231.91 51.66
C TRP EA 57 146.46 -231.23 50.97
N PRO EA 58 146.33 -230.93 49.67
CA PRO EA 58 147.42 -230.26 48.95
C PRO EA 58 147.75 -228.91 49.57
N GLU EA 59 149.01 -228.71 49.94
CA GLU EA 59 149.42 -227.45 50.56
C GLU EA 59 149.27 -226.22 49.70
N ASN EA 60 149.57 -226.35 48.42
CA ASN EA 60 149.47 -225.23 47.49
C ASN EA 60 149.17 -225.71 46.08
N ASN EA 61 148.95 -224.78 45.15
CA ASN EA 61 148.64 -225.13 43.78
C ASN EA 61 149.54 -226.19 43.14
N THR EA 62 150.85 -226.03 43.33
CA THR EA 62 151.81 -226.97 42.77
C THR EA 62 151.59 -228.36 43.33
N SER EA 63 151.33 -228.44 44.63
CA SER EA 63 151.06 -229.73 45.24
C SER EA 63 149.85 -230.34 44.57
N ALA EA 64 148.80 -229.54 44.40
CA ALA EA 64 147.57 -230.03 43.79
C ALA EA 64 147.76 -230.35 42.32
N GLY EA 65 148.89 -229.90 41.78
CA GLY EA 65 149.15 -230.15 40.37
C GLY EA 65 148.34 -229.21 39.50
N VAL EA 66 148.48 -227.91 39.76
CA VAL EA 66 147.78 -226.90 38.98
C VAL EA 66 148.73 -225.73 38.82
N ALA EA 67 148.42 -224.85 37.87
CA ALA EA 67 149.26 -223.69 37.61
C ALA EA 67 149.94 -223.28 38.90
N SER EA 68 151.20 -223.66 39.03
CA SER EA 68 151.99 -223.38 40.20
C SER EA 68 151.83 -221.95 40.69
N SER EA 69 151.33 -221.09 39.81
CA SER EA 69 151.18 -219.67 40.14
C SER EA 69 149.69 -219.30 40.30
N PRO EA 70 149.28 -218.86 41.51
CA PRO EA 70 147.89 -218.47 41.76
C PRO EA 70 147.36 -217.56 40.67
N THR EA 71 148.17 -216.57 40.32
CA THR EA 71 147.84 -215.59 39.29
C THR EA 71 147.65 -216.21 37.92
N ASP EA 72 148.01 -217.47 37.77
CA ASP EA 72 147.85 -218.13 36.49
C ASP EA 72 146.46 -218.74 36.36
N ILE EA 73 145.68 -218.65 37.44
CA ILE EA 73 144.31 -219.18 37.46
C ILE EA 73 143.33 -218.03 37.62
N LYS EA 74 143.57 -216.97 36.87
CA LYS EA 74 142.73 -215.78 36.92
C LYS EA 74 141.71 -215.77 35.80
N GLY EA 75 140.88 -214.73 35.80
CA GLY EA 75 139.87 -214.56 34.79
C GLY EA 75 139.60 -213.10 34.52
N LYS EA 76 138.40 -212.82 34.04
CA LYS EA 76 137.98 -211.46 33.71
C LYS EA 76 137.70 -210.68 34.99
N TYR EA 77 137.01 -211.33 35.92
CA TYR EA 77 136.67 -210.71 37.18
C TYR EA 77 137.47 -211.37 38.28
N VAL EA 78 138.17 -212.44 37.92
CA VAL EA 78 138.97 -213.17 38.87
C VAL EA 78 140.43 -212.83 38.73
N LYS EA 79 141.00 -212.32 39.81
CA LYS EA 79 142.41 -211.95 39.82
C LYS EA 79 143.28 -213.16 40.09
N GLU EA 80 142.66 -214.25 40.56
CA GLU EA 80 143.36 -215.50 40.85
C GLU EA 80 142.57 -216.55 41.60
N VAL EA 81 143.24 -217.66 41.87
CA VAL EA 81 142.68 -218.80 42.58
C VAL EA 81 143.84 -219.54 43.21
N GLU EA 82 143.88 -219.56 44.53
CA GLU EA 82 144.94 -220.20 45.28
C GLU EA 82 144.43 -221.38 46.09
N VAL EA 83 145.22 -222.44 46.12
CA VAL EA 83 144.90 -223.63 46.88
C VAL EA 83 145.79 -223.54 48.10
N LYS EA 84 145.16 -223.49 49.26
CA LYS EA 84 145.89 -223.41 50.52
C LYS EA 84 145.38 -224.50 51.44
N ASN EA 85 146.12 -225.62 51.48
CA ASN EA 85 145.78 -226.79 52.27
C ASN EA 85 144.41 -227.36 51.90
N GLY EA 86 144.22 -227.59 50.61
CA GLY EA 86 142.96 -228.14 50.12
C GLY EA 86 141.86 -227.11 49.93
N VAL EA 87 141.98 -225.96 50.59
CA VAL EA 87 140.99 -224.90 50.46
C VAL EA 87 141.32 -224.11 49.21
N VAL EA 88 140.34 -223.92 48.33
CA VAL EA 88 140.58 -223.17 47.12
C VAL EA 88 139.82 -221.86 47.21
N THR EA 89 140.57 -220.75 47.22
CA THR EA 89 140.00 -219.42 47.33
C THR EA 89 140.09 -218.66 46.01
N ALA EA 90 139.03 -217.95 45.64
CA ALA EA 90 139.04 -217.20 44.39
C ALA EA 90 138.95 -215.71 44.68
N THR EA 91 139.89 -214.94 44.14
CA THR EA 91 139.89 -213.50 44.34
C THR EA 91 139.32 -212.75 43.15
N MET EA 92 138.51 -211.74 43.46
CA MET EA 92 137.88 -210.91 42.44
C MET EA 92 138.87 -209.83 42.01
N LEU EA 93 139.02 -209.67 40.70
CA LEU EA 93 139.91 -208.66 40.15
C LEU EA 93 139.57 -207.30 40.75
N SER EA 94 140.19 -206.25 40.21
CA SER EA 94 139.92 -204.90 40.68
C SER EA 94 139.33 -204.10 39.54
N SER EA 95 139.51 -204.60 38.32
CA SER EA 95 138.99 -203.94 37.12
C SER EA 95 138.02 -204.84 36.36
N GLY EA 96 136.87 -204.27 36.01
CA GLY EA 96 135.86 -205.01 35.28
C GLY EA 96 134.77 -205.61 36.14
N VAL EA 97 134.76 -205.28 37.42
CA VAL EA 97 133.75 -205.82 38.34
C VAL EA 97 132.80 -204.77 38.94
N ASN EA 98 131.86 -205.23 39.75
CA ASN EA 98 130.86 -204.37 40.39
C ASN EA 98 131.50 -203.13 40.99
N ASN EA 99 131.67 -203.16 42.31
CA ASN EA 99 132.25 -202.03 43.02
C ASN EA 99 132.41 -202.42 44.48
N GLU EA 100 131.49 -203.25 44.95
CA GLU EA 100 131.55 -203.69 46.33
C GLU EA 100 131.94 -205.15 46.39
N ILE EA 101 132.53 -205.66 45.32
CA ILE EA 101 132.96 -207.05 45.29
C ILE EA 101 134.39 -207.26 44.78
N LYS EA 102 135.02 -206.21 44.28
CA LYS EA 102 136.38 -206.35 43.77
C LYS EA 102 137.40 -206.56 44.89
N GLY EA 103 138.43 -207.33 44.58
CA GLY EA 103 139.44 -207.63 45.58
C GLY EA 103 138.80 -208.50 46.64
N LYS EA 104 137.56 -208.93 46.42
CA LYS EA 104 136.88 -209.76 47.39
C LYS EA 104 136.90 -211.21 46.94
N LYS EA 105 136.80 -212.13 47.89
CA LYS EA 105 136.87 -213.54 47.52
C LYS EA 105 136.01 -214.54 48.30
N LEU EA 106 135.96 -215.76 47.77
CA LEU EA 106 135.23 -216.87 48.36
C LEU EA 106 136.13 -218.12 48.44
N SER EA 107 135.64 -219.19 49.06
CA SER EA 107 136.43 -220.41 49.19
C SER EA 107 135.61 -221.65 49.00
N LEU EA 108 136.30 -222.70 48.59
CA LEU EA 108 135.74 -224.00 48.36
C LEU EA 108 136.64 -224.86 49.20
N TRP EA 109 136.06 -225.72 50.04
CA TRP EA 109 136.88 -226.58 50.87
C TRP EA 109 136.13 -227.86 50.96
N ALA EA 110 136.82 -228.92 51.34
CA ALA EA 110 136.16 -230.20 51.41
C ALA EA 110 136.31 -230.84 52.77
N ARG EA 111 135.67 -231.98 52.93
CA ARG EA 111 135.71 -232.69 54.18
C ARG EA 111 135.81 -234.17 53.91
N ARG EA 112 136.63 -234.86 54.69
CA ARG EA 112 136.79 -236.29 54.56
C ARG EA 112 135.46 -237.00 54.84
N GLU EA 113 134.99 -237.78 53.89
CA GLU EA 113 133.78 -238.53 54.11
C GLU EA 113 134.20 -239.93 54.50
N ASN EA 114 135.47 -240.22 54.28
CA ASN EA 114 136.07 -241.52 54.56
C ASN EA 114 135.82 -242.37 53.32
N GLY EA 115 136.80 -242.34 52.42
CA GLY EA 115 136.67 -243.09 51.18
C GLY EA 115 136.31 -242.13 50.05
N SER EA 116 135.89 -240.94 50.44
CA SER EA 116 135.52 -239.87 49.51
C SER EA 116 135.42 -238.57 50.32
N VAL EA 117 135.16 -237.47 49.63
CA VAL EA 117 135.03 -236.19 50.31
C VAL EA 117 133.81 -235.44 49.79
N LYS EA 118 133.34 -234.47 50.54
CA LYS EA 118 132.22 -233.64 50.13
C LYS EA 118 132.69 -232.19 50.08
N TRP EA 119 132.28 -231.47 49.05
CA TRP EA 119 132.70 -230.07 48.91
C TRP EA 119 131.69 -229.02 49.36
N PHE EA 120 132.23 -227.91 49.85
CA PHE EA 120 131.42 -226.80 50.32
C PHE EA 120 131.84 -225.58 49.55
N CYS EA 121 130.97 -224.57 49.53
CA CYS EA 121 131.23 -223.33 48.81
C CYS EA 121 130.67 -222.19 49.64
N GLY EA 122 131.48 -221.18 49.89
CA GLY EA 122 131.01 -220.07 50.69
C GLY EA 122 132.01 -218.95 50.84
N GLN EA 123 131.90 -218.21 51.93
CA GLN EA 123 132.79 -217.09 52.20
C GLN EA 123 134.13 -217.62 52.70
N PRO EA 124 135.23 -216.97 52.30
CA PRO EA 124 136.61 -217.34 52.65
C PRO EA 124 136.78 -218.07 53.96
N VAL EA 125 137.59 -219.12 53.93
CA VAL EA 125 137.85 -219.91 55.12
C VAL EA 125 139.32 -220.35 55.17
N THR EA 126 139.80 -220.68 56.35
CA THR EA 126 141.18 -221.12 56.51
C THR EA 126 141.14 -222.54 57.02
N ARG EA 127 142.11 -223.38 56.67
CA ARG EA 127 142.08 -224.72 57.21
C ARG EA 127 142.87 -224.78 58.51
N THR EA 128 142.28 -225.40 59.52
CA THR EA 128 142.91 -225.55 60.81
C THR EA 128 143.59 -226.91 60.82
N ASP EA 129 142.79 -227.96 60.84
CA ASP EA 129 143.32 -229.31 60.81
C ASP EA 129 142.73 -230.04 59.58
N ASP EA 130 143.15 -231.27 59.34
CA ASP EA 130 142.70 -231.98 58.14
C ASP EA 130 141.20 -232.12 57.98
N ASP EA 131 140.47 -231.82 59.03
CA ASP EA 131 139.02 -231.93 58.96
C ASP EA 131 138.31 -230.75 59.59
N THR EA 132 138.95 -229.59 59.56
CA THR EA 132 138.39 -228.40 60.16
C THR EA 132 138.96 -227.13 59.58
N VAL EA 133 138.08 -226.21 59.22
CA VAL EA 133 138.46 -224.92 58.67
C VAL EA 133 137.73 -223.86 59.48
N ALA EA 134 138.01 -222.59 59.25
CA ALA EA 134 137.35 -221.51 60.00
C ALA EA 134 137.32 -220.24 59.18
N ASP EA 135 136.37 -219.38 59.52
CA ASP EA 135 136.20 -218.12 58.81
C ASP EA 135 137.49 -217.36 58.71
N ALA EA 136 137.86 -217.01 57.48
CA ALA EA 136 139.05 -216.22 57.28
C ALA EA 136 138.55 -214.81 57.49
N LYS EA 137 137.95 -214.56 58.66
CA LYS EA 137 137.41 -213.24 59.01
C LYS EA 137 138.49 -212.18 58.84
N ASP EA 138 138.26 -211.23 57.95
CA ASP EA 138 139.24 -210.18 57.70
C ASP EA 138 138.66 -208.98 57.00
N GLY EA 139 137.47 -209.13 56.42
CA GLY EA 139 136.82 -208.02 55.74
C GLY EA 139 136.78 -208.02 54.21
N LYS EA 140 137.43 -208.99 53.58
CA LYS EA 140 137.45 -209.05 52.12
C LYS EA 140 136.54 -210.15 51.54
N GLU EA 141 135.63 -210.67 52.35
CA GLU EA 141 134.72 -211.70 51.87
C GLU EA 141 133.63 -211.13 50.98
N ILE EA 142 133.30 -211.85 49.92
CA ILE EA 142 132.23 -211.41 49.04
C ILE EA 142 130.95 -211.49 49.87
N ASP EA 143 130.20 -210.39 49.88
CA ASP EA 143 128.96 -210.23 50.62
C ASP EA 143 127.91 -211.28 50.29
N THR EA 144 127.28 -211.82 51.32
CA THR EA 144 126.26 -212.84 51.12
C THR EA 144 125.29 -212.55 49.97
N LYS EA 145 124.89 -211.30 49.80
CA LYS EA 145 123.95 -210.98 48.73
C LYS EA 145 124.44 -211.32 47.34
N HIS EA 146 125.76 -211.39 47.17
CA HIS EA 146 126.32 -211.70 45.85
C HIS EA 146 126.58 -213.18 45.62
N LEU EA 147 126.35 -213.98 46.64
CA LEU EA 147 126.60 -215.41 46.51
C LEU EA 147 125.37 -216.24 46.19
N PRO EA 148 125.51 -217.18 45.24
CA PRO EA 148 124.43 -218.07 44.82
C PRO EA 148 123.82 -218.75 46.03
N SER EA 149 122.69 -219.41 45.82
CA SER EA 149 122.02 -220.14 46.90
C SER EA 149 122.86 -221.40 47.17
N THR EA 150 123.61 -221.84 46.16
CA THR EA 150 124.42 -223.03 46.27
C THR EA 150 125.78 -222.73 46.90
N CYS EA 151 126.03 -221.49 47.28
CA CYS EA 151 127.33 -221.17 47.87
C CYS EA 151 127.15 -220.34 49.13
N ARG EA 152 126.26 -220.80 49.99
CA ARG EA 152 125.97 -220.12 51.25
C ARG EA 152 126.52 -220.95 52.42
N ASP EA 153 127.47 -221.84 52.17
CA ASP EA 153 128.00 -222.69 53.24
C ASP EA 153 128.84 -222.00 54.34
N ASN EA 154 128.59 -222.40 55.58
CA ASN EA 154 129.32 -221.89 56.75
C ASN EA 154 130.54 -222.76 57.07
N PHE EA 155 131.52 -222.16 57.73
CA PHE EA 155 132.74 -222.84 58.07
C PHE EA 155 132.50 -224.22 58.71
N ASP EA 156 131.40 -224.37 59.44
CA ASP EA 156 131.14 -225.67 60.10
C ASP EA 156 130.08 -226.53 59.41
N ALA EA 157 129.82 -226.28 58.14
CA ALA EA 157 128.84 -227.08 57.42
C ALA EA 157 129.35 -228.51 57.37
N LYS EA 158 128.46 -229.48 57.51
CA LYS EA 158 128.89 -230.87 57.42
C LYS EA 158 128.05 -231.56 56.37
N MEA FA 1 100.31 -186.57 31.24
CA MEA FA 1 100.95 -185.67 30.23
C MEA FA 1 102.23 -186.26 29.63
O MEA FA 1 102.57 -185.95 28.48
N THR FA 2 102.93 -187.11 30.39
CA THR FA 2 104.26 -187.58 29.99
C THR FA 2 104.65 -189.02 30.36
N LEU FA 3 104.97 -189.22 31.64
CA LEU FA 3 105.82 -190.31 32.10
C LEU FA 3 105.21 -191.71 32.04
N ILE FA 4 105.33 -192.37 30.89
CA ILE FA 4 104.81 -193.72 30.73
C ILE FA 4 105.90 -194.74 30.35
N GLU FA 5 107.06 -194.24 29.93
CA GLU FA 5 108.19 -195.08 29.55
C GLU FA 5 108.80 -195.78 30.76
N LEU FA 6 108.85 -195.08 31.89
CA LEU FA 6 109.34 -195.65 33.14
C LEU FA 6 108.31 -196.62 33.75
N MET FA 7 107.03 -196.28 33.60
CA MET FA 7 105.93 -197.05 34.17
C MET FA 7 105.68 -198.37 33.43
N ILE FA 8 105.79 -198.35 32.10
CA ILE FA 8 105.58 -199.55 31.30
C ILE FA 8 106.80 -200.49 31.37
N VAL FA 9 108.00 -199.93 31.31
CA VAL FA 9 109.23 -200.73 31.34
C VAL FA 9 109.52 -201.36 32.73
N ILE FA 10 108.99 -200.75 33.80
CA ILE FA 10 109.05 -201.39 35.11
C ILE FA 10 107.99 -202.51 35.22
N ALA FA 11 106.94 -202.39 34.42
CA ALA FA 11 105.84 -203.34 34.41
C ALA FA 11 105.98 -204.43 33.35
N ILE FA 12 106.94 -204.26 32.43
CA ILE FA 12 107.28 -205.33 31.48
C ILE FA 12 108.34 -206.26 32.05
N VAL FA 13 109.20 -205.72 32.91
CA VAL FA 13 110.21 -206.51 33.61
C VAL FA 13 109.54 -207.32 34.72
N GLY FA 14 108.49 -206.75 35.31
CA GLY FA 14 107.66 -207.44 36.28
C GLY FA 14 106.93 -208.64 35.70
N ILE FA 15 106.33 -208.44 34.53
CA ILE FA 15 105.64 -209.54 33.83
C ILE FA 15 106.63 -210.49 33.15
N LEU FA 16 107.83 -210.00 32.86
CA LEU FA 16 108.90 -210.82 32.29
C LEU FA 16 109.39 -211.85 33.32
N ALA FA 17 109.43 -211.42 34.58
CA ALA FA 17 109.79 -212.31 35.69
C ALA FA 17 108.72 -213.36 35.93
N ALA FA 18 107.46 -212.99 35.73
CA ALA FA 18 106.33 -213.89 35.87
C ALA FA 18 106.30 -214.96 34.77
N VAL FA 19 106.77 -214.58 33.58
CA VAL FA 19 106.88 -215.53 32.46
C VAL FA 19 108.15 -216.38 32.61
N ALA FA 20 109.20 -215.78 33.15
CA ALA FA 20 110.46 -216.49 33.41
C ALA FA 20 110.40 -217.32 34.70
N LEU FA 21 109.30 -217.19 35.44
CA LEU FA 21 109.12 -217.88 36.72
C LEU FA 21 108.92 -219.40 36.57
N PRO FA 22 107.97 -219.86 35.74
CA PRO FA 22 107.75 -221.30 35.56
C PRO FA 22 108.88 -222.01 34.79
N ALA FA 23 109.59 -221.28 33.94
CA ALA FA 23 110.71 -221.84 33.18
C ALA FA 23 111.88 -222.17 34.09
N TYR FA 24 112.21 -221.24 34.98
CA TYR FA 24 113.27 -221.42 35.97
C TYR FA 24 112.84 -222.39 37.07
N GLN FA 25 111.56 -222.38 37.40
CA GLN FA 25 110.97 -223.35 38.33
C GLN FA 25 110.87 -224.75 37.73
N ASP FA 26 110.81 -224.84 36.41
CA ASP FA 26 110.92 -226.58 36.14
C ASP FA 26 112.35 -226.88 35.75
N TYR FA 27 113.03 -225.90 35.17
CA TYR FA 27 114.41 -226.10 34.81
C TYR FA 27 115.10 -226.40 36.13
N THR FA 28 114.68 -225.67 37.14
CA THR FA 28 115.23 -225.81 38.47
C THR FA 28 114.97 -227.18 39.08
N ALA FA 29 113.71 -227.60 39.11
CA ALA FA 29 113.35 -228.90 39.67
C ALA FA 29 114.02 -230.02 38.91
N ARG FA 30 113.98 -229.90 37.58
CA ARG FA 30 114.56 -230.88 36.69
C ARG FA 30 116.04 -230.98 36.97
N ALA FA 31 116.60 -229.94 37.57
CA ALA FA 31 118.03 -229.91 37.90
C ALA FA 31 118.29 -230.61 39.24
N GLN FA 32 117.36 -230.44 40.17
CA GLN FA 32 117.44 -231.04 41.50
C GLN FA 32 117.16 -232.54 41.45
N VAL FA 33 116.52 -232.98 40.38
CA VAL FA 33 116.22 -234.40 40.23
C VAL FA 33 117.41 -235.07 39.56
N SER FA 34 118.06 -234.34 38.66
CA SER FA 34 119.21 -234.88 37.95
C SER FA 34 120.31 -235.28 38.92
N GLU FA 35 120.22 -234.78 40.14
CA GLU FA 35 121.22 -235.10 41.15
C GLU FA 35 120.81 -236.30 41.97
N ALA FA 36 119.52 -236.38 42.24
CA ALA FA 36 119.03 -237.52 42.99
C ALA FA 36 119.47 -238.72 42.18
N ILE FA 37 119.51 -238.55 40.87
CA ILE FA 37 119.92 -239.60 39.97
C ILE FA 37 121.42 -239.89 40.08
N LEU FA 38 122.22 -238.85 40.28
CA LEU FA 38 123.66 -239.05 40.37
C LEU FA 38 124.02 -239.68 41.69
N LEU FA 39 123.22 -239.36 42.71
CA LEU FA 39 123.46 -239.91 44.03
C LEU FA 39 123.01 -241.37 44.06
N ALA FA 40 122.02 -241.68 43.24
CA ALA FA 40 121.50 -243.03 43.18
C ALA FA 40 122.55 -243.89 42.48
N GLU FA 41 123.09 -243.37 41.39
CA GLU FA 41 124.12 -244.09 40.65
C GLU FA 41 125.39 -244.11 41.48
N GLY FA 42 126.45 -244.74 40.96
CA GLY FA 42 127.70 -244.79 41.70
C GLY FA 42 127.57 -245.72 42.90
N GLN FA 43 126.36 -246.23 43.04
CA GLN FA 43 126.03 -247.17 44.07
C GLN FA 43 125.57 -248.39 43.29
N LYS FA 44 125.69 -248.29 41.98
CA LYS FA 44 125.34 -249.37 41.09
C LYS FA 44 126.49 -250.34 41.25
N SER FA 45 127.70 -249.80 41.32
CA SER FA 45 128.92 -250.58 41.48
C SER FA 45 128.78 -251.58 42.61
N ALA FA 46 128.51 -251.10 43.81
CA ALA FA 46 128.37 -251.97 44.96
C ALA FA 46 127.32 -253.04 44.66
N VAL FA 47 126.14 -252.60 44.26
CA VAL FA 47 125.05 -253.51 43.97
C VAL FA 47 125.36 -254.52 42.87
N THR FA 48 126.02 -254.08 41.81
CA THR FA 48 126.36 -254.97 40.72
C THR FA 48 127.32 -256.04 41.21
N GLU FA 49 128.38 -255.61 41.85
CA GLU FA 49 129.35 -256.56 42.34
C GLU FA 49 128.67 -257.53 43.29
N TYR FA 50 127.94 -257.03 44.28
CA TYR FA 50 127.28 -257.94 45.21
C TYR FA 50 126.48 -259.01 44.48
N TYR FA 51 125.70 -258.61 43.48
CA TYR FA 51 124.91 -259.56 42.72
C TYR FA 51 125.75 -260.60 41.94
N LEU FA 52 126.69 -260.12 41.14
CA LEU FA 52 127.56 -261.01 40.36
C LEU FA 52 128.39 -261.95 41.22
N ASN FA 53 128.86 -261.46 42.37
CA ASN FA 53 129.66 -262.32 43.25
C ASN FA 53 128.82 -263.35 44.01
N HIS FA 54 127.59 -263.00 44.36
CA HIS FA 54 126.75 -263.92 45.11
C HIS FA 54 125.50 -264.47 44.42
N GLY FA 55 125.03 -263.79 43.39
CA GLY FA 55 123.84 -264.27 42.70
C GLY FA 55 122.57 -263.91 43.44
N LYS FA 56 122.67 -263.03 44.44
CA LYS FA 56 121.53 -262.54 45.21
C LYS FA 56 121.68 -261.03 45.30
N TRP FA 57 120.58 -260.29 45.22
CA TRP FA 57 120.62 -258.83 45.28
C TRP FA 57 120.85 -258.39 46.71
N PRO FA 58 121.67 -257.34 46.92
CA PRO FA 58 121.92 -256.87 48.28
C PRO FA 58 120.64 -256.41 48.96
N GLU FA 59 120.35 -256.98 50.13
CA GLU FA 59 119.12 -256.64 50.85
C GLU FA 59 119.02 -255.20 51.30
N ASN FA 60 120.13 -254.64 51.75
CA ASN FA 60 120.16 -253.25 52.21
C ASN FA 60 121.54 -252.63 52.02
N ASN FA 61 121.66 -251.34 52.31
CA ASN FA 61 122.92 -250.63 52.14
C ASN FA 61 124.15 -251.35 52.68
N THR FA 62 124.04 -251.85 53.91
CA THR FA 62 125.14 -252.55 54.55
C THR FA 62 125.55 -253.77 53.76
N SER FA 63 124.55 -254.51 53.27
CA SER FA 63 124.84 -255.67 52.45
C SER FA 63 125.62 -255.23 51.23
N ALA FA 64 125.16 -254.16 50.59
CA ALA FA 64 125.83 -253.67 49.39
C ALA FA 64 127.20 -253.08 49.70
N GLY FA 65 127.44 -252.87 50.99
CA GLY FA 65 128.72 -252.31 51.39
C GLY FA 65 128.75 -250.82 51.12
N VAL FA 66 127.76 -250.12 51.67
CA VAL FA 66 127.68 -248.67 51.52
C VAL FA 66 127.17 -248.12 52.83
N ALA FA 67 127.34 -246.82 53.04
CA ALA FA 67 126.91 -246.16 54.26
C ALA FA 67 125.71 -246.92 54.82
N SER FA 68 125.97 -247.75 55.81
CA SER FA 68 124.95 -248.56 56.44
C SER FA 68 123.68 -247.78 56.73
N SER FA 69 123.79 -246.47 56.74
CA SER FA 69 122.64 -245.62 57.03
C SER FA 69 122.14 -244.87 55.78
N PRO FA 70 120.89 -245.13 55.36
CA PRO FA 70 120.33 -244.47 54.17
C PRO FA 70 120.56 -242.98 54.20
N THR FA 71 120.31 -242.38 55.36
CA THR FA 71 120.47 -240.95 55.57
C THR FA 71 121.91 -240.49 55.42
N ASP FA 72 122.83 -241.43 55.32
CA ASP FA 72 124.22 -241.05 55.16
C ASP FA 72 124.57 -240.87 53.68
N ILE FA 73 123.60 -241.16 52.81
CA ILE FA 73 123.79 -241.01 51.37
C ILE FA 73 122.85 -239.92 50.85
N LYS FA 74 122.81 -238.82 51.59
CA LYS FA 74 121.96 -237.69 51.22
C LYS FA 74 122.74 -236.61 50.49
N GLY FA 75 122.00 -235.57 50.10
CA GLY FA 75 122.60 -234.46 49.40
C GLY FA 75 121.89 -233.17 49.73
N LYS FA 76 121.98 -232.21 48.81
CA LYS FA 76 121.36 -230.90 48.96
C LYS FA 76 119.86 -231.02 48.77
N TYR FA 77 119.46 -231.75 47.75
CA TYR FA 77 118.05 -231.95 47.44
C TYR FA 77 117.68 -233.38 47.76
N VAL FA 78 118.69 -234.19 48.07
CA VAL FA 78 118.47 -235.58 48.37
C VAL FA 78 118.50 -235.82 49.87
N LYS FA 79 117.40 -236.33 50.39
CA LYS FA 79 117.29 -236.62 51.81
C LYS FA 79 117.91 -237.97 52.13
N GLU FA 80 118.16 -238.77 51.09
CA GLU FA 80 118.78 -240.09 51.24
C GLU FA 80 118.76 -240.97 50.00
N VAL FA 81 119.30 -242.18 50.18
CA VAL FA 81 119.39 -243.17 49.13
C VAL FA 81 119.47 -244.52 49.83
N GLU FA 82 118.44 -245.34 49.62
CA GLU FA 82 118.36 -246.66 50.24
C GLU FA 82 118.40 -247.77 49.21
N VAL FA 83 119.10 -248.84 49.55
CA VAL FA 83 119.21 -250.00 48.71
C VAL FA 83 118.29 -251.01 49.33
N LYS FA 84 117.29 -251.44 48.58
CA LYS FA 84 116.34 -252.42 49.07
C LYS FA 84 116.24 -253.54 48.05
N ASN FA 85 116.96 -254.62 48.32
CA ASN FA 85 117.03 -255.79 47.45
C ASN FA 85 117.54 -255.44 46.06
N GLY FA 86 118.68 -254.75 46.02
CA GLY FA 86 119.27 -254.36 44.76
C GLY FA 86 118.69 -253.09 44.14
N VAL FA 87 117.47 -252.73 44.56
CA VAL FA 87 116.82 -251.53 44.05
C VAL FA 87 117.35 -250.35 44.85
N VAL FA 88 117.82 -249.32 44.16
CA VAL FA 88 118.34 -248.16 44.86
C VAL FA 88 117.38 -247.00 44.62
N THR FA 89 116.76 -246.52 45.70
CA THR FA 89 115.81 -245.43 45.64
C THR FA 89 116.37 -244.14 46.21
N ALA FA 90 116.12 -243.01 45.56
CA ALA FA 90 116.64 -241.74 46.05
C ALA FA 90 115.50 -240.84 46.46
N THR FA 91 115.53 -240.34 47.69
CA THR FA 91 114.48 -239.45 48.17
C THR FA 91 114.90 -237.98 48.12
N MET FA 92 113.96 -237.15 47.68
CA MET FA 92 114.19 -235.71 47.58
C MET FA 92 113.95 -235.08 48.94
N LEU FA 93 114.88 -234.23 49.36
CA LEU FA 93 114.78 -233.55 50.65
C LEU FA 93 113.44 -232.82 50.72
N SER FA 94 113.27 -232.00 51.75
CA SER FA 94 112.04 -231.23 51.90
C SER FA 94 112.39 -229.75 51.85
N SER FA 95 113.67 -229.45 52.04
CA SER FA 95 114.15 -228.07 52.02
C SER FA 95 115.20 -227.87 50.92
N GLY FA 96 115.01 -226.81 50.14
CA GLY FA 96 115.95 -226.50 49.06
C GLY FA 96 115.55 -227.02 47.70
N VAL FA 97 114.33 -227.55 47.59
CA VAL FA 97 113.86 -228.09 46.32
C VAL FA 97 112.65 -227.35 45.72
N ASN FA 98 112.22 -227.79 44.54
CA ASN FA 98 111.09 -227.19 43.84
C ASN FA 98 109.91 -226.93 44.77
N ASN FA 99 108.92 -227.81 44.69
CA ASN FA 99 107.72 -227.66 45.51
C ASN FA 99 106.83 -228.88 45.25
N GLU FA 100 106.88 -229.39 44.02
CA GLU FA 100 106.08 -230.55 43.70
C GLU FA 100 106.97 -231.76 43.51
N ILE FA 101 108.18 -231.70 44.06
CA ILE FA 101 109.11 -232.82 43.95
C ILE FA 101 109.77 -233.22 45.28
N LYS FA 102 109.57 -232.42 46.33
CA LYS FA 102 110.18 -232.73 47.61
C LYS FA 102 109.53 -233.94 48.27
N GLY FA 103 110.35 -234.71 48.99
CA GLY FA 103 109.85 -235.89 49.65
C GLY FA 103 109.49 -236.90 48.57
N LYS FA 104 109.82 -236.58 47.32
CA LYS FA 104 109.51 -237.50 46.22
C LYS FA 104 110.75 -238.25 45.81
N LYS FA 105 110.57 -239.43 45.23
CA LYS FA 105 111.72 -240.22 44.84
C LYS FA 105 111.66 -241.05 43.56
N LEU FA 106 112.82 -241.57 43.17
CA LEU FA 106 112.97 -242.42 42.00
C LEU FA 106 113.77 -243.69 42.37
N SER FA 107 113.89 -244.62 41.42
CA SER FA 107 114.61 -245.86 41.69
C SER FA 107 115.45 -246.31 40.53
N LEU FA 108 116.49 -247.06 40.86
CA LEU FA 108 117.42 -247.62 39.90
C LEU FA 108 117.38 -249.08 40.28
N TRP FA 109 117.19 -249.96 39.31
CA TRP FA 109 117.16 -251.37 39.60
C TRP FA 109 117.80 -252.04 38.44
N ALA FA 110 118.23 -253.27 38.63
CA ALA FA 110 118.89 -253.96 37.55
C ALA FA 110 118.24 -255.27 37.24
N ARG FA 111 118.75 -255.92 36.21
CA ARG FA 111 118.22 -257.19 35.78
C ARG FA 111 119.36 -258.10 35.37
N ARG FA 112 119.24 -259.37 35.74
CA ARG FA 112 120.24 -260.36 35.41
C ARG FA 112 120.33 -260.50 33.89
N GLU FA 113 121.52 -260.30 33.34
CA GLU FA 113 121.69 -260.49 31.92
C GLU FA 113 122.28 -261.87 31.72
N ASN FA 114 122.76 -262.43 32.83
CA ASN FA 114 123.39 -263.74 32.87
C ASN FA 114 124.86 -263.50 32.56
N GLY FA 115 125.65 -263.32 33.61
CA GLY FA 115 127.07 -263.04 33.43
C GLY FA 115 127.32 -261.56 33.64
N SER FA 116 126.23 -260.80 33.62
CA SER FA 116 126.28 -259.35 33.82
C SER FA 116 124.84 -258.89 34.06
N VAL FA 117 124.67 -257.61 34.34
CA VAL FA 117 123.33 -257.06 34.55
C VAL FA 117 123.17 -255.75 33.79
N LYS FA 118 121.92 -255.34 33.58
CA LYS FA 118 121.64 -254.09 32.92
C LYS FA 118 120.82 -253.22 33.87
N TRP FA 119 121.14 -251.92 33.95
CA TRP FA 119 120.44 -251.03 34.85
C TRP FA 119 119.34 -250.18 34.22
N PHE FA 120 118.33 -249.89 35.04
CA PHE FA 120 117.20 -249.09 34.60
C PHE FA 120 117.09 -247.93 35.56
N CYS FA 121 116.41 -246.88 35.13
CA CYS FA 121 116.23 -245.68 35.94
C CYS FA 121 114.82 -245.16 35.68
N GLY FA 122 114.07 -244.91 36.75
CA GLY FA 122 112.72 -244.42 36.57
C GLY FA 122 112.01 -244.11 37.87
N GLN FA 123 110.68 -244.21 37.86
CA GLN FA 123 109.88 -243.94 39.03
C GLN FA 123 109.94 -245.13 39.97
N PRO FA 124 109.95 -244.86 41.29
CA PRO FA 124 110.04 -245.86 42.37
C PRO FA 124 109.49 -247.23 42.03
N VAL FA 125 110.23 -248.25 42.41
CA VAL FA 125 109.81 -249.61 42.15
C VAL FA 125 110.18 -250.52 43.33
N THR FA 126 109.51 -251.65 43.46
CA THR FA 126 109.79 -252.58 44.54
C THR FA 126 110.26 -253.87 43.91
N ARG FA 127 111.14 -254.61 44.56
CA ARG FA 127 111.54 -255.87 43.95
C ARG FA 127 110.64 -257.01 44.44
N THR FA 128 110.18 -257.82 43.50
CA THR FA 128 109.32 -258.93 43.81
C THR FA 128 110.21 -260.15 43.94
N ASP FA 129 110.77 -260.60 42.82
CA ASP FA 129 111.68 -261.73 42.84
C ASP FA 129 113.02 -261.27 42.25
N ASP FA 130 114.02 -262.16 42.23
CA ASP FA 130 115.35 -261.76 41.77
C ASP FA 130 115.42 -261.19 40.36
N ASP FA 131 114.33 -261.32 39.62
CA ASP FA 131 114.33 -260.80 38.26
C ASP FA 131 113.03 -260.08 37.92
N THR FA 132 112.41 -259.49 38.95
CA THR FA 132 111.15 -258.80 38.74
C THR FA 132 110.88 -257.78 39.83
N VAL FA 133 110.51 -256.58 39.41
CA VAL FA 133 110.18 -255.48 40.31
C VAL FA 133 108.82 -254.95 39.87
N ALA FA 134 108.24 -254.03 40.64
CA ALA FA 134 106.94 -253.47 40.30
C ALA FA 134 106.79 -252.08 40.85
N ASP FA 135 105.91 -251.31 40.24
CA ASP FA 135 105.67 -249.93 40.65
C ASP FA 135 105.40 -249.85 42.14
N ALA FA 136 106.17 -249.00 42.80
CA ALA FA 136 105.96 -248.78 44.22
C ALA FA 136 104.87 -247.73 44.22
N LYS FA 137 103.75 -248.03 43.57
CA LYS FA 137 102.62 -247.10 43.48
C LYS FA 137 102.20 -246.67 44.88
N ASP FA 138 102.29 -245.38 45.16
CA ASP FA 138 101.93 -244.89 46.48
C ASP FA 138 101.67 -243.38 46.49
N GLY FA 139 102.12 -242.69 45.45
CA GLY FA 139 101.90 -241.25 45.37
C GLY FA 139 103.09 -240.33 45.60
N LYS FA 140 104.25 -240.87 45.94
CA LYS FA 140 105.42 -240.04 46.20
C LYS FA 140 106.47 -240.12 45.06
N GLU FA 141 106.07 -240.62 43.91
CA GLU FA 141 107.00 -240.71 42.79
C GLU FA 141 107.24 -239.35 42.14
N ILE FA 142 108.48 -239.08 41.75
CA ILE FA 142 108.79 -237.84 41.09
C ILE FA 142 108.07 -237.90 39.74
N ASP FA 143 107.32 -236.85 39.45
CA ASP FA 143 106.53 -236.70 38.24
C ASP FA 143 107.32 -236.83 36.96
N THR FA 144 106.79 -237.59 36.01
CA THR FA 144 107.48 -237.79 34.74
C THR FA 144 108.11 -236.52 34.15
N LYS FA 145 107.43 -235.39 34.27
CA LYS FA 145 107.97 -234.17 33.70
C LYS FA 145 109.33 -233.76 34.26
N HIS FA 146 109.63 -234.21 35.48
CA HIS FA 146 110.90 -233.85 36.11
C HIS FA 146 112.02 -234.85 35.86
N LEU FA 147 111.70 -235.94 35.18
CA LEU FA 147 112.70 -236.96 34.92
C LEU FA 147 113.34 -236.87 33.54
N PRO FA 148 114.67 -237.01 33.50
CA PRO FA 148 115.45 -236.97 32.27
C PRO FA 148 114.86 -237.95 31.26
N SER FA 149 115.32 -237.84 30.02
CA SER FA 149 114.88 -238.74 28.96
C SER FA 149 115.52 -240.11 29.22
N THR FA 150 116.65 -240.09 29.93
CA THR FA 150 117.37 -241.32 30.24
C THR FA 150 116.83 -242.01 31.47
N CYS FA 151 115.79 -241.46 32.09
CA CYS FA 151 115.26 -242.10 33.29
C CYS FA 151 113.74 -242.20 33.20
N ARG FA 152 113.27 -242.70 32.08
CA ARG FA 152 111.84 -242.87 31.85
C ARG FA 152 111.49 -244.35 31.85
N ASP FA 153 112.33 -245.20 32.45
CA ASP FA 153 112.06 -246.64 32.45
C ASP FA 153 110.85 -247.14 33.27
N ASN FA 154 110.11 -248.07 32.70
CA ASN FA 154 108.95 -248.69 33.34
C ASN FA 154 109.35 -249.97 34.10
N PHE FA 155 108.56 -250.31 35.09
CA PHE FA 155 108.82 -251.48 35.91
C PHE FA 155 109.16 -252.72 35.09
N ASP FA 156 108.56 -252.85 33.90
CA ASP FA 156 108.83 -254.04 33.09
C ASP FA 156 109.79 -253.85 31.92
N ALA FA 157 110.60 -252.80 31.98
CA ALA FA 157 111.57 -252.54 30.92
C ALA FA 157 112.54 -253.72 30.89
N LYS FA 158 112.95 -254.14 29.70
CA LYS FA 158 113.91 -255.23 29.61
C LYS FA 158 115.08 -254.76 28.77
N MEA GA 1 104.36 -197.44 23.75
CA MEA GA 1 104.65 -196.46 24.83
C MEA GA 1 105.61 -196.99 25.90
O MEA GA 1 106.36 -196.22 26.51
N THR GA 2 105.61 -198.32 26.10
CA THR GA 2 106.34 -198.93 27.23
C THR GA 2 106.98 -200.31 27.00
N LEU GA 3 106.13 -201.34 27.00
CA LEU GA 3 106.51 -202.71 27.33
C LEU GA 3 107.37 -203.41 26.26
N ILE GA 4 108.68 -203.23 26.33
CA ILE GA 4 109.59 -203.89 25.40
C ILE GA 4 110.63 -204.79 26.10
N GLU GA 5 110.76 -204.63 27.42
CA GLU GA 5 111.68 -205.43 28.21
C GLU GA 5 111.23 -206.88 28.31
N LEU GA 6 109.91 -207.09 28.41
CA LEU GA 6 109.33 -208.43 28.45
C LEU GA 6 109.35 -209.07 27.07
N MET GA 7 109.14 -208.25 26.04
CA MET GA 7 109.07 -208.72 24.66
C MET GA 7 110.44 -209.10 24.07
N ILE GA 8 111.47 -208.33 24.40
CA ILE GA 8 112.82 -208.62 23.92
C ILE GA 8 113.45 -209.79 24.68
N VAL GA 9 113.27 -209.82 26.00
CA VAL GA 9 113.85 -210.87 26.84
C VAL GA 9 113.19 -212.25 26.64
N ILE GA 10 111.93 -212.26 26.19
CA ILE GA 10 111.29 -213.52 25.79
C ILE GA 10 111.80 -213.96 24.41
N ALA GA 11 112.26 -212.99 23.61
CA ALA GA 11 112.75 -213.23 22.26
C ALA GA 11 114.27 -213.42 22.19
N ILE GA 12 114.97 -213.12 23.28
CA ILE GA 12 116.40 -213.42 23.37
C ILE GA 12 116.62 -214.83 23.93
N VAL GA 13 115.70 -215.30 24.77
CA VAL GA 13 115.74 -216.67 25.28
C VAL GA 13 115.30 -217.64 24.18
N GLY GA 14 114.40 -217.18 23.32
CA GLY GA 14 113.97 -217.94 22.15
C GLY GA 14 115.10 -218.14 21.15
N ILE GA 15 115.84 -217.07 20.86
CA ILE GA 15 116.99 -217.16 19.97
C ILE GA 15 118.21 -217.80 20.64
N LEU GA 16 118.25 -217.74 21.97
CA LEU GA 16 119.30 -218.39 22.76
C LEU GA 16 119.17 -219.91 22.66
N ALA GA 17 117.93 -220.38 22.64
CA ALA GA 17 117.63 -221.81 22.47
C ALA GA 17 118.01 -222.29 21.06
N ALA GA 18 117.81 -221.42 20.07
CA ALA GA 18 118.15 -221.69 18.67
C ALA GA 18 119.66 -221.77 18.46
N VAL GA 19 120.41 -220.98 19.22
CA VAL GA 19 121.88 -221.01 19.19
C VAL GA 19 122.41 -222.18 20.02
N ALA GA 20 121.71 -222.50 21.11
CA ALA GA 20 122.07 -223.63 21.96
C ALA GA 20 121.56 -224.97 21.39
N LEU GA 21 120.80 -224.89 20.30
CA LEU GA 21 120.22 -226.07 19.66
C LEU GA 21 121.25 -226.98 18.97
N PRO GA 22 122.08 -226.44 18.07
CA PRO GA 22 123.09 -227.26 17.38
C PRO GA 22 124.25 -227.72 18.29
N ALA GA 23 124.52 -226.98 19.35
CA ALA GA 23 125.57 -227.34 20.31
C ALA GA 23 125.17 -228.58 21.12
N TYR GA 24 123.93 -228.59 21.59
CA TYR GA 24 123.37 -229.72 22.34
C TYR GA 24 123.08 -230.89 21.40
N GLN GA 25 122.69 -230.57 20.17
CA GLN GA 25 122.50 -231.59 19.12
C GLN GA 25 123.82 -232.18 18.64
N ASP GA 26 124.90 -231.43 18.79
CA ASP GA 26 126.20 -232.51 18.30
C ASP GA 26 126.83 -233.04 19.57
N TYR GA 27 126.74 -232.28 20.64
CA TYR GA 27 127.27 -232.74 21.91
C TYR GA 27 126.50 -234.00 22.20
N THR GA 28 125.21 -233.93 21.91
CA THR GA 28 124.31 -235.04 22.14
C THR GA 28 124.66 -236.27 21.30
N ALA GA 29 124.77 -236.09 19.98
CA ALA GA 29 125.10 -237.20 19.09
C ALA GA 29 126.46 -237.79 19.43
N ARG GA 30 127.41 -236.90 19.67
CA ARG GA 30 128.76 -237.27 20.00
C ARG GA 30 128.75 -238.09 21.27
N ALA GA 31 127.69 -237.92 22.06
CA ALA GA 31 127.55 -238.66 23.33
C ALA GA 31 126.97 -240.05 23.09
N GLN GA 32 126.04 -240.13 22.13
CA GLN GA 32 125.38 -241.38 21.77
C GLN GA 32 126.31 -242.29 20.99
N VAL GA 33 127.36 -241.72 20.41
CA VAL GA 33 128.32 -242.50 19.66
C VAL GA 33 129.37 -243.03 20.62
N SER GA 34 129.68 -242.23 21.63
CA SER GA 34 130.69 -242.63 22.61
C SER GA 34 130.28 -243.91 23.32
N GLU GA 35 129.01 -244.26 23.21
CA GLU GA 35 128.52 -245.47 23.84
C GLU GA 35 128.58 -246.64 22.90
N ALA GA 36 128.29 -246.37 21.63
CA ALA GA 36 128.36 -247.43 20.64
C ALA GA 36 129.78 -247.96 20.75
N ILE GA 37 130.69 -247.06 21.09
CA ILE GA 37 132.09 -247.42 21.24
C ILE GA 37 132.32 -248.26 22.48
N LEU GA 38 131.60 -247.96 23.55
CA LEU GA 38 131.79 -248.71 24.79
C LEU GA 38 131.17 -250.09 24.67
N LEU GA 39 130.11 -250.17 23.87
CA LEU GA 39 129.44 -251.44 23.68
C LEU GA 39 130.26 -252.31 22.74
N ALA GA 40 131.00 -251.65 21.85
CA ALA GA 40 131.84 -252.37 20.90
C ALA GA 40 133.02 -252.94 21.67
N GLU GA 41 133.60 -252.15 22.55
CA GLU GA 41 134.73 -252.60 23.36
C GLU GA 41 134.20 -253.61 24.38
N GLY GA 42 135.10 -254.14 25.21
CA GLY GA 42 134.67 -255.10 26.22
C GLY GA 42 134.31 -256.42 25.56
N GLN GA 43 134.39 -256.39 24.24
CA GLN GA 43 134.12 -257.54 23.42
C GLN GA 43 135.45 -257.76 22.70
N LYS GA 44 136.41 -256.94 23.07
CA LYS GA 44 137.74 -257.04 22.51
C LYS GA 44 138.33 -258.25 23.20
N SER GA 45 138.04 -258.38 24.48
CA SER GA 45 138.52 -259.50 25.29
C SER GA 45 138.24 -260.83 24.62
N ALA GA 46 136.98 -261.10 24.34
CA ALA GA 46 136.61 -262.34 23.70
C ALA GA 46 137.41 -262.52 22.41
N VAL GA 47 137.33 -261.51 21.55
CA VAL GA 47 138.03 -261.55 20.27
C VAL GA 47 139.53 -261.71 20.38
N THR GA 48 140.15 -261.03 21.32
CA THR GA 48 141.59 -261.13 21.50
C THR GA 48 141.95 -262.55 21.91
N GLU GA 49 141.29 -263.04 22.94
CA GLU GA 49 141.57 -264.37 23.40
C GLU GA 49 141.37 -265.37 22.27
N TYR GA 50 140.22 -265.32 21.61
CA TYR GA 50 139.99 -266.26 20.52
C TYR GA 50 141.14 -266.27 19.52
N TYR GA 51 141.60 -265.09 19.12
CA TYR GA 51 142.72 -265.00 18.18
C TYR GA 51 144.04 -265.57 18.72
N LEU GA 52 144.46 -265.13 19.90
CA LEU GA 52 145.70 -265.61 20.50
C LEU GA 52 145.68 -267.11 20.79
N ASN GA 53 144.53 -267.64 21.18
CA ASN GA 53 144.44 -269.07 21.46
C ASN GA 53 144.41 -269.92 20.19
N HIS GA 54 143.80 -269.41 19.13
CA HIS GA 54 143.71 -270.20 17.90
C HIS GA 54 144.46 -269.68 16.67
N GLY GA 55 144.81 -268.41 16.65
CA GLY GA 55 145.52 -267.87 15.51
C GLY GA 55 144.59 -267.57 14.35
N LYS GA 56 143.30 -267.59 14.60
CA LYS GA 56 142.28 -267.27 13.59
C LYS GA 56 141.29 -266.32 14.26
N TRP GA 57 140.80 -265.32 13.52
CA TRP GA 57 139.85 -264.36 14.07
C TRP GA 57 138.48 -265.00 14.19
N PRO GA 58 137.75 -264.70 15.28
CA PRO GA 58 136.41 -265.28 15.46
C PRO GA 58 135.49 -264.88 14.32
N GLU GA 59 134.89 -265.87 13.66
CA GLU GA 59 134.00 -265.59 12.53
C GLU GA 59 132.75 -264.80 12.88
N ASN GA 60 132.17 -265.11 14.03
CA ASN GA 60 130.95 -264.43 14.47
C ASN GA 60 130.85 -264.40 15.99
N ASN GA 61 129.84 -263.73 16.51
CA ASN GA 61 129.65 -263.61 17.95
C ASN GA 61 129.78 -264.91 18.73
N THR GA 62 129.13 -265.95 18.24
CA THR GA 62 129.16 -267.26 18.89
C THR GA 62 130.57 -267.79 18.95
N SER GA 63 131.31 -267.64 17.86
CA SER GA 63 132.69 -268.08 17.85
C SER GA 63 133.46 -267.34 18.93
N ALA GA 64 133.25 -266.03 19.01
CA ALA GA 64 133.95 -265.21 20.00
C ALA GA 64 133.48 -265.51 21.41
N GLY GA 65 132.37 -266.23 21.50
CA GLY GA 65 131.84 -266.57 22.80
C GLY GA 65 131.12 -265.39 23.41
N VAL GA 66 130.17 -264.84 22.66
CA VAL GA 66 129.38 -263.70 23.12
C VAL GA 66 127.97 -263.91 22.64
N ALA GA 67 127.02 -263.18 23.23
CA ALA GA 67 125.62 -263.29 22.85
C ALA GA 67 125.54 -263.69 21.39
N SER GA 68 125.29 -264.97 21.16
CA SER GA 68 125.20 -265.53 19.82
C SER GA 68 124.39 -264.66 18.88
N SER GA 69 123.58 -263.77 19.45
CA SER GA 69 122.71 -262.92 18.66
C SER GA 69 123.18 -261.45 18.68
N PRO GA 70 123.56 -260.90 17.51
CA PRO GA 70 124.03 -259.50 17.43
C PRO GA 70 123.10 -258.57 18.18
N THR GA 71 121.81 -258.74 17.96
CA THR GA 71 120.77 -257.94 18.58
C THR GA 71 120.74 -258.08 20.11
N ASP GA 72 121.49 -259.03 20.63
CA ASP GA 72 121.51 -259.21 22.07
C ASP GA 72 122.58 -258.33 22.70
N ILE GA 73 123.35 -257.63 21.85
CA ILE GA 73 124.41 -256.74 22.33
C ILE GA 73 124.05 -255.30 21.94
N LYS GA 74 122.79 -254.95 22.18
CA LYS GA 74 122.31 -253.62 21.86
C LYS GA 74 122.28 -252.72 23.08
N GLY GA 75 121.87 -251.48 22.86
CA GLY GA 75 121.80 -250.51 23.92
C GLY GA 75 120.67 -249.52 23.68
N LYS GA 76 120.81 -248.34 24.26
CA LYS GA 76 119.83 -247.28 24.13
C LYS GA 76 119.91 -246.66 22.74
N TYR GA 77 121.13 -246.41 22.29
CA TYR GA 77 121.36 -245.81 20.99
C TYR GA 77 121.95 -246.87 20.07
N VAL GA 78 122.30 -248.01 20.65
CA VAL GA 78 122.90 -249.09 19.91
C VAL GA 78 121.88 -250.16 19.60
N LYS GA 79 121.68 -250.41 18.31
CA LYS GA 79 120.74 -251.42 17.87
C LYS GA 79 121.38 -252.81 17.90
N GLU GA 80 122.71 -252.83 18.02
CA GLU GA 80 123.47 -254.08 18.08
C GLU GA 80 124.98 -253.95 17.96
N VAL GA 81 125.63 -255.11 17.99
CA VAL GA 81 127.08 -255.21 17.90
C VAL GA 81 127.37 -256.61 17.37
N GLU GA 82 127.94 -256.67 16.17
CA GLU GA 82 128.26 -257.92 15.51
C GLU GA 82 129.75 -258.10 15.33
N VAL GA 83 130.21 -259.33 15.53
CA VAL GA 83 131.60 -259.68 15.36
C VAL GA 83 131.64 -260.41 14.04
N LYS GA 84 132.40 -259.87 13.11
CA LYS GA 84 132.53 -260.48 11.79
C LYS GA 84 134.00 -260.61 11.47
N ASN GA 85 134.54 -261.82 11.71
CA ASN GA 85 135.94 -262.15 11.49
C ASN GA 85 136.86 -261.26 12.33
N GLY GA 86 136.57 -261.19 13.63
CA GLY GA 86 137.38 -260.38 14.53
C GLY GA 86 137.03 -258.92 14.55
N VAL GA 87 136.37 -258.43 13.50
CA VAL GA 87 135.95 -257.03 13.41
C VAL GA 87 134.65 -256.89 14.18
N VAL GA 88 134.59 -255.94 15.10
CA VAL GA 88 133.39 -255.74 15.86
C VAL GA 88 132.77 -254.42 15.46
N THR GA 89 131.57 -254.49 14.88
CA THR GA 89 130.85 -253.32 14.40
C THR GA 89 129.67 -252.98 15.28
N ALA GA 90 129.46 -251.70 15.57
CA ALA GA 90 128.34 -251.30 16.42
C ALA GA 90 127.36 -250.47 15.62
N THR GA 91 126.08 -250.87 15.63
CA THR GA 91 125.06 -250.13 14.90
C THR GA 91 124.24 -249.24 15.81
N MET GA 92 123.97 -248.03 15.32
CA MET GA 92 123.20 -247.06 16.06
C MET GA 92 121.71 -247.33 15.84
N LEU GA 93 120.95 -247.35 16.92
CA LEU GA 93 119.52 -247.59 16.86
C LEU GA 93 118.89 -246.61 15.88
N SER GA 94 117.56 -246.59 15.84
CA SER GA 94 116.84 -245.68 14.96
C SER GA 94 116.01 -244.73 15.82
N SER GA 95 115.79 -245.13 17.07
CA SER GA 95 115.01 -244.33 18.02
C SER GA 95 115.84 -243.94 19.23
N GLY GA 96 115.79 -242.65 19.58
CA GLY GA 96 116.52 -242.17 20.73
C GLY GA 96 117.87 -241.55 20.42
N VAL GA 97 118.17 -241.39 19.12
CA VAL GA 97 119.45 -240.82 18.71
C VAL GA 97 119.34 -239.48 17.97
N ASN GA 98 120.49 -238.91 17.61
CA ASN GA 98 120.57 -237.63 16.92
C ASN GA 98 119.58 -237.55 15.76
N ASN GA 99 120.08 -237.74 14.55
CA ASN GA 99 119.24 -237.66 13.37
C ASN GA 99 120.10 -238.02 12.17
N GLU GA 100 121.38 -237.67 12.24
CA GLU GA 100 122.28 -237.97 11.15
C GLU GA 100 123.26 -239.06 11.56
N ILE GA 101 122.90 -239.80 12.60
CA ILE GA 101 123.76 -240.89 13.05
C ILE GA 101 123.03 -242.21 13.30
N LYS GA 102 121.71 -242.20 13.23
CA LYS GA 102 120.95 -243.43 13.46
C LYS GA 102 121.12 -244.43 12.31
N GLY GA 103 121.10 -245.70 12.67
CA GLY GA 103 121.28 -246.75 11.67
C GLY GA 103 122.71 -246.66 11.17
N LYS GA 104 123.52 -245.82 11.79
CA LYS GA 104 124.90 -245.68 11.36
C LYS GA 104 125.81 -246.43 12.31
N LYS GA 105 126.98 -246.85 11.82
CA LYS GA 105 127.88 -247.62 12.66
C LYS GA 105 129.39 -247.40 12.52
N LEU GA 106 130.13 -247.99 13.46
CA LEU GA 106 131.58 -247.94 13.51
C LEU GA 106 132.14 -249.35 13.71
N SER GA 107 133.47 -249.49 13.65
CA SER GA 107 134.09 -250.79 13.83
C SER GA 107 135.36 -250.73 14.64
N LEU GA 108 135.66 -251.87 15.26
CA LEU GA 108 136.84 -252.04 16.07
C LEU GA 108 137.43 -253.27 15.45
N TRP GA 109 138.72 -253.22 15.13
CA TRP GA 109 139.36 -254.38 14.53
C TRP GA 109 140.75 -254.41 15.09
N ALA GA 110 141.40 -255.55 15.00
CA ALA GA 110 142.73 -255.64 15.56
C ALA GA 110 143.72 -256.12 14.53
N ARG GA 111 144.98 -256.15 14.95
CA ARG GA 111 146.04 -256.58 14.08
C ARG GA 111 147.03 -257.42 14.86
N ARG GA 112 147.51 -258.48 14.24
CA ARG GA 112 148.47 -259.36 14.86
C ARG GA 112 149.76 -258.59 15.15
N GLU GA 113 150.18 -258.58 16.42
CA GLU GA 113 151.42 -257.92 16.75
C GLU GA 113 152.48 -259.00 16.82
N ASN GA 114 152.00 -260.25 16.86
CA ASN GA 114 152.85 -261.43 16.98
C ASN GA 114 153.08 -261.65 18.46
N GLY GA 115 152.22 -262.44 19.07
CA GLY GA 115 152.32 -262.70 20.51
C GLY GA 115 151.27 -261.88 21.23
N SER GA 116 150.71 -260.92 20.52
CA SER GA 116 149.66 -260.04 21.04
C SER GA 116 149.06 -259.30 19.84
N VAL GA 117 148.03 -258.50 20.10
CA VAL GA 117 147.40 -257.73 19.03
C VAL GA 117 147.17 -256.29 19.49
N LYS GA 118 146.97 -255.40 18.52
CA LYS GA 118 146.69 -254.01 18.82
C LYS GA 118 145.32 -253.66 18.22
N TRP GA 119 144.51 -252.92 18.97
CA TRP GA 119 143.18 -252.57 18.49
C TRP GA 119 143.04 -251.16 17.89
N PHE GA 120 142.13 -251.06 16.92
CA PHE GA 120 141.87 -249.81 16.25
C PHE GA 120 140.39 -249.53 16.40
N CYS GA 121 140.02 -248.26 16.22
CA CYS GA 121 138.64 -247.84 16.35
C CYS GA 121 138.38 -246.79 15.29
N GLY GA 122 137.32 -246.96 14.51
CA GLY GA 122 137.02 -245.99 13.48
C GLY GA 122 135.76 -246.28 12.71
N GLN GA 123 135.71 -245.82 11.47
CA GLN GA 123 134.53 -246.02 10.62
C GLN GA 123 134.54 -247.45 10.09
N PRO GA 124 133.35 -248.06 9.98
CA PRO GA 124 133.12 -249.43 9.51
C PRO GA 124 134.18 -249.98 8.57
N VAL GA 125 134.60 -251.21 8.82
CA VAL GA 125 135.60 -251.85 7.99
C VAL GA 125 135.26 -253.34 7.82
N THR GA 126 135.79 -253.95 6.76
CA THR GA 126 135.54 -255.35 6.50
C THR GA 126 136.88 -256.06 6.58
N ARG GA 127 136.92 -257.32 7.01
CA ARG GA 127 138.20 -257.99 7.03
C ARG GA 127 138.43 -258.72 5.72
N THR GA 128 139.62 -258.55 5.15
CA THR GA 128 139.98 -259.19 3.91
C THR GA 128 140.73 -260.46 4.27
N ASP GA 129 141.92 -260.32 4.81
CA ASP GA 129 142.70 -261.48 5.24
C ASP GA 129 143.00 -261.33 6.75
N ASP GA 130 143.65 -262.32 7.35
CA ASP GA 130 143.90 -262.27 8.79
C ASP GA 130 144.65 -261.06 9.29
N ASP GA 131 145.21 -260.28 8.38
CA ASP GA 131 145.95 -259.10 8.79
C ASP GA 131 145.65 -257.90 7.91
N THR GA 132 144.43 -257.85 7.37
CA THR GA 132 144.05 -256.76 6.51
C THR GA 132 142.54 -256.60 6.44
N VAL GA 133 142.08 -255.36 6.61
CA VAL GA 133 140.68 -255.01 6.54
C VAL GA 133 140.56 -253.85 5.56
N ALA GA 134 139.34 -253.43 5.24
CA ALA GA 134 139.14 -252.33 4.29
C ALA GA 134 137.83 -251.63 4.56
N ASP GA 135 137.75 -250.38 4.13
CA ASP GA 135 136.57 -249.58 4.33
C ASP GA 135 135.32 -250.30 3.87
N ALA GA 136 134.35 -250.41 4.76
CA ALA GA 136 133.10 -251.02 4.41
C ALA GA 136 132.33 -249.86 3.78
N LYS GA 137 132.93 -249.25 2.76
CA LYS GA 137 132.32 -248.12 2.06
C LYS GA 137 130.92 -248.49 1.59
N ASP GA 138 129.91 -247.78 2.09
CA ASP GA 138 128.54 -248.09 1.72
C ASP GA 138 127.58 -246.95 2.02
N GLY GA 139 128.01 -246.01 2.85
CA GLY GA 139 127.17 -244.86 3.19
C GLY GA 139 126.53 -244.81 4.57
N LYS GA 140 126.70 -245.86 5.38
CA LYS GA 140 126.11 -245.87 6.70
C LYS GA 140 127.13 -245.66 7.84
N GLU GA 141 128.32 -245.16 7.48
CA GLU GA 141 129.33 -244.91 8.49
C GLU GA 141 129.03 -243.65 9.32
N ILE GA 142 129.28 -243.71 10.62
CA ILE GA 142 129.07 -242.56 11.46
C ILE GA 142 130.09 -241.53 11.01
N ASP GA 143 129.60 -240.32 10.75
CA ASP GA 143 130.38 -239.18 10.28
C ASP GA 143 131.53 -238.82 11.18
N THR GA 144 132.69 -238.57 10.58
CA THR GA 144 133.87 -238.22 11.36
C THR GA 144 133.61 -237.22 12.50
N LYS GA 145 132.76 -236.23 12.26
CA LYS GA 145 132.50 -235.25 13.30
C LYS GA 145 131.94 -235.82 14.58
N HIS GA 146 131.29 -236.98 14.50
CA HIS GA 146 130.70 -237.60 15.68
C HIS GA 146 131.62 -238.57 16.39
N LEU GA 147 132.79 -238.81 15.82
CA LEU GA 147 133.71 -239.76 16.42
C LEU GA 147 134.79 -239.12 17.27
N PRO GA 148 135.05 -239.71 18.45
CA PRO GA 148 136.06 -239.23 19.39
C PRO GA 148 137.40 -239.08 18.68
N SER GA 149 138.34 -238.44 19.35
CA SER GA 149 139.68 -238.27 18.80
C SER GA 149 140.38 -239.64 18.86
N THR GA 150 139.93 -240.49 19.78
CA THR GA 150 140.51 -241.80 19.94
C THR GA 150 139.91 -242.82 18.99
N CYS GA 151 139.00 -242.41 18.12
CA CYS GA 151 138.40 -243.37 17.20
C CYS GA 151 138.38 -242.80 15.79
N ARG GA 152 139.52 -242.30 15.37
CA ARG GA 152 139.68 -241.72 14.03
C ARG GA 152 140.56 -242.63 13.18
N ASP GA 153 140.69 -243.91 13.55
CA ASP GA 153 141.56 -244.81 12.78
C ASP GA 153 141.10 -245.19 11.35
N ASN GA 154 142.06 -245.21 10.44
CA ASN GA 154 141.83 -245.59 9.03
C ASN GA 154 142.06 -247.08 8.82
N PHE GA 155 141.42 -247.62 7.79
CA PHE GA 155 141.52 -249.03 7.48
C PHE GA 155 142.96 -249.55 7.49
N ASP GA 156 143.92 -248.70 7.10
CA ASP GA 156 145.32 -249.14 7.06
C ASP GA 156 146.19 -248.68 8.21
N ALA GA 157 145.57 -248.29 9.32
CA ALA GA 157 146.34 -247.85 10.47
C ALA GA 157 147.18 -249.02 10.96
N LYS GA 158 148.41 -248.76 11.38
CA LYS GA 158 149.25 -249.85 11.88
C LYS GA 158 149.72 -249.47 13.27
N MEA HA 1 117.30 -202.13 24.85
CA MEA HA 1 115.87 -202.20 25.28
C MEA HA 1 115.47 -203.59 25.78
O MEA HA 1 114.58 -203.71 26.64
N THR HA 2 116.13 -204.64 25.28
CA THR HA 2 115.69 -206.02 25.53
C THR HA 2 116.77 -207.11 25.66
N LEU HA 3 117.33 -207.49 24.51
CA LEU HA 3 117.96 -208.80 24.32
C LEU HA 3 119.30 -208.99 25.04
N ILE HA 4 119.26 -209.41 26.30
CA ILE HA 4 120.48 -209.66 27.06
C ILE HA 4 120.59 -211.11 27.56
N GLU HA 5 119.48 -211.84 27.51
CA GLU HA 5 119.43 -213.24 27.94
C GLU HA 5 120.21 -214.13 26.97
N LEU HA 6 120.13 -213.84 25.68
CA LEU HA 6 120.87 -214.57 24.66
C LEU HA 6 122.35 -214.20 24.69
N MET HA 7 122.63 -212.92 24.97
CA MET HA 7 124.00 -212.40 24.98
C MET HA 7 124.81 -212.85 26.18
N ILE HA 8 124.18 -212.90 27.35
CA ILE HA 8 124.86 -213.33 28.57
C ILE HA 8 125.05 -214.86 28.60
N VAL HA 9 124.01 -215.60 28.20
CA VAL HA 9 124.07 -217.06 28.21
C VAL HA 9 125.00 -217.66 27.14
N ILE HA 10 125.25 -216.91 26.06
CA ILE HA 10 126.28 -217.31 25.10
C ILE HA 10 127.68 -216.98 25.64
N ALA HA 11 127.74 -216.00 26.55
CA ALA HA 11 129.00 -215.55 27.13
C ALA HA 11 129.31 -216.22 28.48
N ILE HA 12 128.34 -216.93 29.04
CA ILE HA 12 128.59 -217.76 30.23
C ILE HA 12 129.05 -219.16 29.84
N VAL HA 13 128.59 -219.64 28.68
CA VAL HA 13 129.04 -220.92 28.13
C VAL HA 13 130.45 -220.78 27.57
N GLY HA 14 130.76 -219.59 27.05
CA GLY HA 14 132.10 -219.25 26.59
C GLY HA 14 133.10 -219.23 27.72
N ILE HA 15 132.75 -218.59 28.84
CA ILE HA 15 133.61 -218.57 30.02
C ILE HA 15 133.59 -219.89 30.79
N LEU HA 16 132.52 -220.66 30.62
CA LEU HA 16 132.41 -221.99 31.22
C LEU HA 16 133.41 -222.95 30.57
N ALA HA 17 133.60 -222.79 29.26
CA ALA HA 17 134.59 -223.57 28.51
C ALA HA 17 136.02 -223.20 28.92
N ALA HA 18 136.22 -221.93 29.23
CA ALA HA 18 137.52 -221.42 29.68
C ALA HA 18 137.89 -221.92 31.07
N VAL HA 19 136.87 -222.12 31.92
CA VAL HA 19 137.06 -222.68 33.26
C VAL HA 19 137.18 -224.20 33.16
N ALA HA 20 136.45 -224.81 32.23
CA ALA HA 20 136.53 -226.25 32.01
C ALA HA 20 137.75 -226.66 31.17
N LEU HA 21 138.48 -225.65 30.68
CA LEU HA 21 139.64 -225.88 29.83
C LEU HA 21 140.84 -226.49 30.57
N PRO HA 22 141.29 -225.90 31.69
CA PRO HA 22 142.43 -226.44 32.44
C PRO HA 22 142.13 -227.75 33.17
N ALA HA 23 140.86 -227.98 33.52
CA ALA HA 23 140.44 -229.21 34.18
C ALA HA 23 140.53 -230.42 33.23
N TYR HA 24 140.04 -230.22 32.00
CA TYR HA 24 140.10 -231.25 30.96
C TYR HA 24 141.52 -231.40 30.43
N GLN HA 25 142.26 -230.28 30.40
CA GLN HA 25 143.69 -230.29 30.04
C GLN HA 25 144.56 -230.92 31.12
N ASP HA 26 144.08 -230.90 32.36
CA ASP HA 26 145.26 -231.87 33.25
C ASP HA 26 144.65 -233.26 33.41
N TYR HA 27 143.33 -233.33 33.41
CA TYR HA 27 142.67 -234.62 33.53
C TYR HA 27 143.15 -235.39 32.31
N THR HA 28 143.22 -234.66 31.21
CA THR HA 28 143.63 -235.22 29.95
C THR HA 28 145.08 -235.72 29.97
N ALA HA 29 146.00 -234.85 30.36
CA ALA HA 29 147.42 -235.21 30.41
C ALA HA 29 147.64 -236.36 31.39
N ARG HA 30 147.00 -236.25 32.55
CA ARG HA 30 147.10 -237.23 33.60
C ARG HA 30 146.60 -238.56 33.08
N ALA HA 31 145.79 -238.50 32.03
CA ALA HA 31 145.24 -239.72 31.42
C ALA HA 31 146.23 -240.33 30.43
N GLN HA 32 146.94 -239.46 29.71
CA GLN HA 32 147.92 -239.85 28.72
C GLN HA 32 149.20 -240.39 29.38
N VAL HA 33 149.39 -240.05 30.64
CA VAL HA 33 150.55 -240.52 31.39
C VAL HA 33 150.22 -241.87 31.99
N SER HA 34 148.97 -242.05 32.40
CA SER HA 34 148.54 -243.30 32.99
C SER HA 34 148.74 -244.46 32.04
N GLU HA 35 148.93 -244.15 30.77
CA GLU HA 35 149.13 -245.18 29.78
C GLU HA 35 150.60 -245.46 29.57
N ALA HA 36 151.39 -244.41 29.62
CA ALA HA 36 152.82 -244.57 29.47
C ALA HA 36 153.20 -245.56 30.57
N ILE HA 37 152.47 -245.49 31.67
CA ILE HA 37 152.70 -246.36 32.80
C ILE HA 37 152.27 -247.79 32.50
N LEU HA 38 151.18 -247.95 31.76
CA LEU HA 38 150.69 -249.29 31.46
C LEU HA 38 151.58 -249.94 30.41
N LEU HA 39 152.15 -249.11 29.55
CA LEU HA 39 153.02 -249.62 28.51
C LEU HA 39 154.37 -249.99 29.11
N ALA HA 40 154.73 -249.28 30.18
CA ALA HA 40 155.98 -249.54 30.85
C ALA HA 40 155.86 -250.86 31.60
N GLU HA 41 154.74 -251.05 32.27
CA GLU HA 41 154.48 -252.28 33.00
C GLU HA 41 154.27 -253.40 31.99
N GLY HA 42 154.02 -254.63 32.47
CA GLY HA 42 153.79 -255.74 31.57
C GLY HA 42 155.08 -256.12 30.86
N GLN HA 43 156.11 -255.35 31.18
CA GLN HA 43 157.43 -255.56 30.67
C GLN HA 43 158.26 -255.79 31.92
N LYS HA 44 157.55 -255.81 33.04
CA LYS HA 44 158.17 -256.06 34.32
C LYS HA 44 158.45 -257.54 34.31
N SER HA 45 157.49 -258.30 33.78
CA SER HA 45 157.60 -259.75 33.68
C SER HA 45 158.92 -260.17 33.06
N ALA HA 46 159.17 -259.70 31.85
CA ALA HA 46 160.41 -260.05 31.18
C ALA HA 46 161.60 -259.70 32.07
N VAL HA 47 161.65 -258.45 32.50
CA VAL HA 47 162.75 -257.98 33.35
C VAL HA 47 162.89 -258.75 34.65
N THR HA 48 161.79 -259.06 35.30
CA THR HA 48 161.85 -259.80 36.56
C THR HA 48 162.44 -261.18 36.31
N GLU HA 49 161.88 -261.89 35.34
CA GLU HA 49 162.35 -263.20 35.05
C GLU HA 49 163.85 -263.14 34.71
N TYR HA 50 164.22 -262.27 33.77
CA TYR HA 50 165.63 -262.19 33.41
C TYR HA 50 166.52 -262.05 34.64
N TYR HA 51 166.15 -261.15 35.56
CA TYR HA 51 166.94 -260.95 36.77
C TYR HA 51 167.00 -262.19 37.69
N LEU HA 52 165.84 -262.75 38.03
CA LEU HA 52 165.79 -263.93 38.89
C LEU HA 52 166.49 -265.15 38.29
N ASN HA 53 166.39 -265.31 36.98
CA ASN HA 53 167.05 -266.45 36.33
C ASN HA 53 168.56 -266.27 36.22
N HIS HA 54 169.03 -265.04 36.03
CA HIS HA 54 170.46 -264.82 35.86
C HIS HA 54 171.17 -264.01 36.95
N GLY HA 55 170.43 -263.24 37.73
CA GLY HA 55 171.06 -262.45 38.78
C GLY HA 55 171.69 -261.18 38.23
N LYS HA 56 171.39 -260.85 36.98
CA LYS HA 56 171.89 -259.63 36.34
C LYS HA 56 170.68 -258.98 35.67
N TRP HA 57 170.61 -257.65 35.68
CA TRP HA 57 169.49 -256.94 35.07
C TRP HA 57 169.65 -256.93 33.57
N PRO HA 58 168.54 -257.10 32.82
CA PRO HA 58 168.64 -257.09 31.35
C PRO HA 58 169.20 -255.76 30.84
N GLU HA 59 170.27 -255.83 30.06
CA GLU HA 59 170.89 -254.62 29.53
C GLU HA 59 170.01 -253.80 28.60
N ASN HA 60 169.25 -254.47 27.76
CA ASN HA 60 168.37 -253.79 26.82
C ASN HA 60 167.16 -254.64 26.47
N ASN HA 61 166.23 -254.09 25.70
CA ASN HA 61 165.02 -254.81 25.33
C ASN HA 61 165.23 -256.23 24.84
N THR HA 62 166.19 -256.42 23.95
CA THR HA 62 166.48 -257.73 23.40
C THR HA 62 166.91 -258.69 24.50
N SER HA 63 167.72 -258.22 25.41
CA SER HA 63 168.14 -259.06 26.53
C SER HA 63 166.92 -259.48 27.31
N ALA HA 64 166.02 -258.53 27.58
CA ALA HA 64 164.82 -258.81 28.35
C ALA HA 64 163.86 -259.70 27.55
N GLY HA 65 164.12 -259.82 26.27
CA GLY HA 65 163.27 -260.63 25.44
C GLY HA 65 161.99 -259.89 25.10
N VAL HA 66 162.14 -258.69 24.54
CA VAL HA 66 161.01 -257.87 24.15
C VAL HA 66 161.38 -257.17 22.87
N ALA HA 67 160.38 -256.65 22.16
CA ALA HA 67 160.60 -255.96 20.90
C ALA HA 67 161.99 -255.33 20.92
N SER HA 68 162.94 -256.00 20.28
CA SER HA 68 164.31 -255.55 20.23
C SER HA 68 164.43 -254.07 19.95
N SER HA 69 163.37 -253.47 19.43
CA SER HA 69 163.38 -252.07 19.08
C SER HA 69 162.51 -251.23 20.03
N PRO HA 70 163.11 -250.29 20.77
CA PRO HA 70 162.37 -249.45 21.72
C PRO HA 70 161.10 -248.89 21.08
N THR HA 71 161.27 -248.38 19.86
CA THR HA 71 160.19 -247.78 19.09
C THR HA 71 159.08 -248.77 18.76
N ASP HA 72 159.33 -250.05 19.01
CA ASP HA 72 158.32 -251.05 18.72
C ASP HA 72 157.38 -251.23 19.92
N ILE HA 73 157.68 -250.52 21.01
CA ILE HA 73 156.87 -250.58 22.23
C ILE HA 73 156.25 -249.21 22.48
N LYS HA 74 155.73 -248.63 21.41
CA LYS HA 74 155.11 -247.31 21.49
C LYS HA 74 153.60 -247.41 21.58
N GLY HA 75 152.97 -246.25 21.70
CA GLY HA 75 151.53 -246.18 21.79
C GLY HA 75 151.01 -244.90 21.15
N LYS HA 76 149.83 -244.47 21.61
CA LYS HA 76 149.19 -243.27 21.11
C LYS HA 76 149.90 -242.03 21.64
N TYR HA 77 150.22 -242.06 22.93
CA TYR HA 77 150.88 -240.95 23.57
C TYR HA 77 152.31 -241.36 23.89
N VAL HA 78 152.58 -242.65 23.71
CA VAL HA 78 153.90 -243.19 24.00
C VAL HA 78 154.70 -243.37 22.73
N LYS HA 79 155.85 -242.69 22.68
CA LYS HA 79 156.73 -242.77 21.53
C LYS HA 79 157.61 -244.01 21.62
N GLU HA 80 157.66 -244.62 22.81
CA GLU HA 80 158.45 -245.82 23.04
C GLU HA 80 158.62 -246.24 24.50
N VAL HA 81 159.37 -247.32 24.68
CA VAL HA 81 159.65 -247.89 25.98
C VAL HA 81 160.94 -248.67 25.83
N GLU HA 82 161.97 -248.21 26.54
CA GLU HA 82 163.29 -248.82 26.49
C GLU HA 82 163.69 -249.41 27.83
N VAL HA 83 164.33 -250.57 27.78
CA VAL HA 83 164.81 -251.25 28.96
C VAL HA 83 166.30 -250.99 28.96
N LYS HA 84 166.77 -250.34 30.01
CA LYS HA 84 168.18 -250.03 30.13
C LYS HA 84 168.65 -250.50 31.49
N ASN HA 85 169.26 -251.69 31.51
CA ASN HA 85 169.76 -252.33 32.72
C ASN HA 85 168.65 -252.57 33.74
N GLY HA 86 167.57 -253.19 33.28
CA GLY HA 86 166.44 -253.48 34.15
C GLY HA 86 165.48 -252.32 34.35
N VAL HA 87 165.95 -251.10 34.09
CA VAL HA 87 165.11 -249.91 34.24
C VAL HA 87 164.30 -249.77 32.96
N VAL HA 88 162.99 -249.63 33.09
CA VAL HA 88 162.16 -249.48 31.93
C VAL HA 88 161.60 -248.06 31.91
N THR HA 89 161.99 -247.31 30.88
CA THR HA 89 161.57 -245.93 30.72
C THR HA 89 160.56 -245.76 29.60
N ALA HA 90 159.53 -244.96 29.82
CA ALA HA 90 158.50 -244.75 28.79
C ALA HA 90 158.52 -243.31 28.32
N THR HA 91 158.65 -243.10 27.01
CA THR HA 91 158.67 -241.75 26.46
C THR HA 91 157.33 -241.36 25.87
N MET HA 92 156.93 -240.11 26.15
CA MET HA 92 155.68 -239.57 25.65
C MET HA 92 155.89 -239.06 24.23
N LEU HA 93 154.98 -239.43 23.34
CA LEU HA 93 155.04 -239.01 21.95
C LEU HA 93 155.14 -237.49 21.89
N SER HA 94 155.03 -236.94 20.68
CA SER HA 94 155.08 -235.50 20.51
C SER HA 94 153.75 -235.03 19.94
N SER HA 95 153.00 -235.98 19.38
CA SER HA 95 151.70 -235.68 18.79
C SER HA 95 150.58 -236.45 19.48
N GLY HA 96 149.51 -235.75 19.84
CA GLY HA 96 148.38 -236.37 20.48
C GLY HA 96 148.38 -236.27 22.01
N VAL HA 97 149.31 -235.50 22.55
CA VAL HA 97 149.41 -235.35 24.01
C VAL HA 97 149.14 -233.92 24.51
N ASN HA 98 149.20 -233.76 25.83
CA ASN HA 98 148.96 -232.47 26.48
C ASN HA 98 149.71 -231.34 25.79
N ASN HA 99 150.82 -230.93 26.40
CA ASN HA 99 151.62 -229.85 25.85
C ASN HA 99 152.86 -229.71 26.72
N GLU HA 100 152.71 -230.00 28.00
CA GLU HA 100 153.84 -229.91 28.91
C GLU HA 100 154.28 -231.28 29.35
N ILE HA 101 153.89 -232.30 28.58
CA ILE HA 101 154.28 -233.66 28.90
C ILE HA 101 154.84 -234.46 27.71
N LYS HA 102 154.76 -233.90 26.51
CA LYS HA 102 155.28 -234.60 25.34
C LYS HA 102 156.79 -234.68 25.33
N GLY HA 103 157.30 -235.79 24.80
CA GLY HA 103 158.73 -235.98 24.77
C GLY HA 103 159.22 -236.18 26.19
N LYS HA 104 158.29 -236.27 27.12
CA LYS HA 104 158.67 -236.45 28.52
C LYS HA 104 158.48 -237.90 28.93
N LYS HA 105 159.23 -238.34 29.93
CA LYS HA 105 159.13 -239.74 30.33
C LYS HA 105 159.25 -240.08 31.82
N LEU HA 106 158.95 -241.34 32.12
CA LEU HA 106 159.03 -241.89 33.47
C LEU HA 106 159.79 -243.23 33.44
N SER HA 107 160.05 -243.79 34.62
CA SER HA 107 160.77 -245.06 34.69
C SER HA 107 160.22 -246.00 35.74
N LEU HA 108 160.45 -247.27 35.50
CA LEU HA 108 160.04 -248.33 36.39
C LEU HA 108 161.35 -249.06 36.60
N TRP HA 109 161.69 -249.33 37.85
CA TRP HA 109 162.92 -250.04 38.12
C TRP HA 109 162.64 -250.92 39.29
N ALA HA 110 163.47 -251.92 39.49
CA ALA HA 110 163.22 -252.83 40.59
C ALA HA 110 164.41 -252.93 41.50
N ARG HA 111 164.23 -253.69 42.58
CA ARG HA 111 165.27 -253.88 43.54
C ARG HA 111 165.27 -255.31 44.01
N ARG HA 112 166.45 -255.87 44.18
CA ARG HA 112 166.60 -257.24 44.65
C ARG HA 112 166.03 -257.37 46.05
N GLU HA 113 165.07 -258.27 46.22
CA GLU HA 113 164.53 -258.49 47.54
C GLU HA 113 165.23 -259.71 48.11
N ASN HA 114 165.92 -260.42 47.23
CA ASN HA 114 166.64 -261.64 47.55
C ASN HA 114 165.64 -262.77 47.44
N GLY HA 115 165.56 -263.37 46.26
CA GLY HA 115 164.61 -264.44 46.02
C GLY HA 115 163.44 -263.90 45.22
N SER HA 116 163.36 -262.58 45.17
CA SER HA 116 162.31 -261.88 44.44
C SER HA 116 162.73 -260.40 44.36
N VAL HA 117 161.94 -259.60 43.66
CA VAL HA 117 162.23 -258.18 43.54
C VAL HA 117 160.98 -257.36 43.77
N LYS HA 118 161.15 -256.08 44.06
CA LYS HA 118 160.04 -255.16 44.25
C LYS HA 118 160.17 -254.04 43.22
N TRP HA 119 159.05 -253.66 42.61
CA TRP HA 119 159.07 -252.60 41.60
C TRP HA 119 158.67 -251.20 42.08
N PHE HA 120 159.28 -250.21 41.45
CA PHE HA 120 159.00 -248.82 41.77
C PHE HA 120 158.58 -248.14 40.49
N CYS HA 121 157.90 -247.01 40.63
CA CYS HA 121 157.40 -246.25 39.49
C CYS HA 121 157.56 -244.78 39.82
N GLY HA 122 158.18 -244.03 38.92
CA GLY HA 122 158.37 -242.62 39.17
C GLY HA 122 159.02 -241.87 38.03
N GLN HA 123 159.71 -240.78 38.36
CA GLN HA 123 160.38 -239.96 37.36
C GLN HA 123 161.67 -240.64 36.94
N PRO HA 124 162.02 -240.55 35.65
CA PRO HA 124 163.22 -241.15 35.04
C PRO HA 124 164.38 -241.37 35.97
N VAL HA 125 164.98 -242.55 35.87
CA VAL HA 125 166.13 -242.88 36.69
C VAL HA 125 167.15 -243.68 35.88
N THR HA 126 168.39 -243.69 36.34
CA THR HA 126 169.46 -244.43 35.64
C THR HA 126 169.95 -245.48 36.60
N ARG HA 127 170.39 -246.63 36.11
CA ARG HA 127 170.91 -247.62 37.05
C ARG HA 127 172.41 -247.43 37.22
N THR HA 128 172.85 -247.43 38.47
CA THR HA 128 174.25 -247.28 38.79
C THR HA 128 174.83 -248.66 38.95
N ASP HA 129 174.43 -249.36 40.01
CA ASP HA 129 174.88 -250.72 40.23
C ASP HA 129 173.65 -251.64 40.30
N ASP HA 130 173.85 -252.94 40.44
CA ASP HA 130 172.72 -253.87 40.45
C ASP HA 130 171.65 -253.60 41.48
N ASP HA 131 171.93 -252.73 42.43
CA ASP HA 131 170.96 -252.44 43.45
C ASP HA 131 170.87 -250.95 43.77
N THR HA 132 171.14 -250.13 42.76
CA THR HA 132 171.11 -248.70 42.94
C THR HA 132 170.92 -247.96 41.63
N VAL HA 133 169.98 -247.02 41.63
CA VAL HA 133 169.68 -246.19 40.48
C VAL HA 133 169.73 -244.74 40.94
N ALA HA 134 169.62 -243.78 40.04
CA ALA HA 134 169.65 -242.37 40.41
C ALA HA 134 168.89 -241.54 39.41
N ASP HA 135 168.45 -240.37 39.86
CA ASP HA 135 167.68 -239.47 39.03
C ASP HA 135 168.37 -239.21 37.71
N ALA HA 136 167.64 -239.45 36.63
CA ALA HA 136 168.17 -239.19 35.32
C ALA HA 136 167.88 -237.71 35.13
N LYS HA 137 168.35 -236.89 36.08
CA LYS HA 137 168.15 -235.44 36.04
C LYS HA 137 168.61 -234.88 34.70
N ASP HA 138 167.69 -234.30 33.95
CA ASP HA 138 168.04 -233.76 32.65
C ASP HA 138 167.02 -232.77 32.12
N GLY HA 139 165.82 -232.77 32.71
CA GLY HA 139 164.77 -231.85 32.29
C GLY HA 139 163.61 -232.39 31.48
N LYS HA 140 163.63 -233.68 31.13
CA LYS HA 140 162.55 -234.26 30.35
C LYS HA 140 161.62 -235.18 31.18
N GLU HA 141 161.70 -235.07 32.50
CA GLU HA 141 160.86 -235.89 33.36
C GLU HA 141 159.42 -235.39 33.38
N ILE HA 142 158.46 -236.32 33.38
CA ILE HA 142 157.07 -235.93 33.44
C ILE HA 142 156.88 -235.32 34.83
N ASP HA 143 156.30 -234.14 34.85
CA ASP HA 143 156.03 -233.36 36.06
C ASP HA 143 155.21 -234.09 37.10
N THR HA 144 155.64 -234.01 38.36
CA THR HA 144 154.92 -234.67 39.42
C THR HA 144 153.40 -234.56 39.36
N LYS HA 145 152.89 -233.40 38.96
CA LYS HA 145 151.45 -233.22 38.91
C LYS HA 145 150.75 -234.19 37.96
N HIS HA 146 151.47 -234.70 36.96
CA HIS HA 146 150.87 -235.61 36.00
C HIS HA 146 151.00 -237.08 36.37
N LEU HA 147 151.70 -237.35 37.46
CA LEU HA 147 151.91 -238.73 37.87
C LEU HA 147 150.95 -239.21 38.94
N PRO HA 148 150.41 -240.43 38.75
CA PRO HA 148 149.48 -241.06 39.70
C PRO HA 148 150.07 -241.04 41.10
N SER HA 149 149.24 -241.35 42.08
CA SER HA 149 149.69 -241.42 43.47
C SER HA 149 150.56 -242.68 43.61
N THR HA 150 150.33 -243.65 42.73
CA THR HA 150 151.06 -244.90 42.76
C THR HA 150 152.37 -244.81 42.02
N CYS HA 151 152.71 -243.64 41.48
CA CYS HA 151 153.96 -243.54 40.74
C CYS HA 151 154.72 -242.29 41.16
N ARG HA 152 154.85 -242.12 42.47
CA ARG HA 152 155.55 -240.97 43.04
C ARG HA 152 156.86 -241.44 43.66
N ASP HA 153 157.37 -242.60 43.27
CA ASP HA 153 158.61 -243.12 43.87
C ASP HA 153 159.91 -242.35 43.56
N ASN HA 154 160.74 -242.18 44.58
CA ASN HA 154 162.04 -241.53 44.48
C ASN HA 154 163.15 -242.53 44.20
N PHE HA 155 164.22 -242.04 43.59
CA PHE HA 155 165.35 -242.88 43.22
C PHE HA 155 165.79 -243.80 44.37
N ASP HA 156 165.67 -243.34 45.62
CA ASP HA 156 166.10 -244.17 46.74
C ASP HA 156 165.00 -244.88 47.52
N ALA HA 157 163.84 -245.03 46.90
CA ALA HA 157 162.75 -245.72 47.56
C ALA HA 157 163.17 -247.15 47.83
N LYS HA 158 162.80 -247.70 48.98
CA LYS HA 158 163.15 -249.08 49.27
C LYS HA 158 161.87 -249.83 49.60
N MEA IA 1 120.57 -211.08 34.85
CA MEA IA 1 120.13 -210.83 33.45
C MEA IA 1 120.56 -211.95 32.49
O MEA IA 1 119.88 -212.20 31.48
N THR IA 2 121.66 -212.64 32.80
CA THR IA 2 122.27 -213.59 31.86
C THR IA 2 122.94 -214.84 32.45
N LEU IA 3 124.14 -214.64 33.02
CA LEU IA 3 125.16 -215.69 33.16
C LEU IA 3 124.83 -216.76 34.20
N ILE IA 4 124.11 -217.80 33.79
CA ILE IA 4 123.79 -218.90 34.70
C ILE IA 4 124.29 -220.26 34.19
N GLU IA 5 124.68 -220.31 32.92
CA GLU IA 5 125.20 -221.53 32.30
C GLU IA 5 126.57 -221.89 32.86
N LEU IA 6 127.39 -220.87 33.10
CA LEU IA 6 128.72 -221.06 33.70
C LEU IA 6 128.61 -221.38 35.19
N MET IA 7 127.64 -220.77 35.85
CA MET IA 7 127.43 -220.92 37.29
C MET IA 7 126.84 -222.29 37.68
N ILE IA 8 125.90 -222.78 36.88
CA ILE IA 8 125.28 -224.08 37.14
C ILE IA 8 126.21 -225.23 36.76
N VAL IA 9 126.88 -225.11 35.62
CA VAL IA 9 127.78 -226.17 35.13
C VAL IA 9 129.07 -226.30 35.97
N ILE IA 10 129.48 -225.23 36.64
CA ILE IA 10 130.57 -225.33 37.61
C ILE IA 10 130.08 -225.96 38.92
N ALA IA 11 128.78 -225.84 39.17
CA ALA IA 11 128.16 -226.36 40.39
C ALA IA 11 127.55 -227.75 40.20
N ILE IA 12 127.46 -228.22 38.95
CA ILE IA 12 127.07 -229.60 38.69
C ILE IA 12 128.28 -230.53 38.67
N VAL IA 13 129.43 -230.01 38.29
CA VAL IA 13 130.69 -230.75 38.32
C VAL IA 13 131.18 -230.85 39.77
N GLY IA 14 130.88 -229.82 40.57
CA GLY IA 14 131.16 -229.83 42.00
C GLY IA 14 130.36 -230.88 42.73
N ILE IA 15 129.07 -230.97 42.44
CA ILE IA 15 128.20 -231.99 43.05
C ILE IA 15 128.41 -233.37 42.42
N LEU IA 16 128.92 -233.39 41.19
CA LEU IA 16 129.26 -234.65 40.50
C LEU IA 16 130.45 -235.31 41.19
N ALA IA 17 131.40 -234.49 41.65
CA ALA IA 17 132.55 -234.97 42.40
C ALA IA 17 132.15 -235.50 43.77
N ALA IA 18 131.14 -234.87 44.38
CA ALA IA 18 130.61 -235.29 45.67
C ALA IA 18 129.85 -236.62 45.59
N VAL IA 19 129.22 -236.86 44.44
CA VAL IA 19 128.54 -238.14 44.18
C VAL IA 19 129.56 -239.21 43.76
N ALA IA 20 130.59 -238.79 43.04
CA ALA IA 20 131.66 -239.70 42.62
C ALA IA 20 132.67 -239.94 43.74
N LEU IA 21 132.51 -239.23 44.85
CA LEU IA 21 133.44 -239.33 45.99
C LEU IA 21 133.34 -240.67 46.75
N PRO IA 22 132.14 -241.09 47.18
CA PRO IA 22 132.01 -242.37 47.90
C PRO IA 22 132.21 -243.60 47.02
N ALA IA 23 131.97 -243.48 45.72
CA ALA IA 23 132.17 -244.58 44.78
C ALA IA 23 133.65 -244.89 44.59
N TYR IA 24 134.45 -243.83 44.42
CA TYR IA 24 135.89 -243.95 44.29
C TYR IA 24 136.54 -244.28 45.64
N GLN IA 25 135.96 -243.76 46.72
CA GLN IA 25 136.37 -244.11 48.08
C GLN IA 25 136.00 -245.53 48.46
N ASP IA 26 134.97 -246.09 47.83
CA ASP IA 26 134.99 -247.74 48.40
C ASP IA 26 135.66 -248.57 47.33
N TYR IA 27 135.57 -248.12 46.08
CA TYR IA 27 136.21 -248.85 45.00
C TYR IA 27 137.68 -248.83 45.37
N THR IA 28 138.10 -247.69 45.89
CA THR IA 28 139.48 -247.49 46.28
C THR IA 28 139.90 -248.41 47.43
N ALA IA 29 139.15 -248.39 48.52
CA ALA IA 29 139.46 -249.23 49.68
C ALA IA 29 139.42 -250.69 49.31
N ARG IA 30 138.40 -251.07 48.56
CA ARG IA 30 138.18 -252.42 48.11
C ARG IA 30 139.36 -252.85 47.27
N ALA IA 31 140.08 -251.87 46.72
CA ALA IA 31 141.25 -252.14 45.89
C ALA IA 31 142.50 -252.36 46.75
N GLN IA 32 142.58 -251.60 47.84
CA GLN IA 32 143.70 -251.65 48.77
C GLN IA 32 143.64 -252.92 49.62
N VAL IA 33 142.45 -253.52 49.71
CA VAL IA 33 142.28 -254.73 50.48
C VAL IA 33 142.61 -255.92 49.59
N SER IA 34 142.28 -255.80 48.32
CA SER IA 34 142.53 -256.87 47.36
C SER IA 34 144.02 -257.19 47.30
N GLU IA 35 144.84 -256.28 47.80
CA GLU IA 35 146.27 -256.49 47.78
C GLU IA 35 146.74 -257.12 49.06
N ALA IA 36 146.13 -256.73 50.16
CA ALA IA 36 146.48 -257.31 51.44
C ALA IA 36 146.28 -258.80 51.24
N ILE IA 37 145.29 -259.12 50.41
CA ILE IA 37 144.98 -260.51 50.12
C ILE IA 37 146.06 -261.16 49.26
N LEU IA 38 146.62 -260.41 48.33
CA LEU IA 38 147.64 -260.98 47.46
C LEU IA 38 148.94 -261.15 48.21
N LEU IA 39 149.16 -260.28 49.18
CA LEU IA 39 150.37 -260.35 49.97
C LEU IA 39 150.24 -261.49 50.98
N ALA IA 40 149.01 -261.77 51.38
CA ALA IA 40 148.76 -262.84 52.33
C ALA IA 40 148.99 -264.15 51.61
N GLU IA 41 148.48 -264.26 50.40
CA GLU IA 41 148.64 -265.47 49.60
C GLU IA 41 150.10 -265.56 49.16
N GLY IA 42 150.45 -266.62 48.43
CA GLY IA 42 151.82 -266.76 47.97
C GLY IA 42 152.73 -267.11 49.13
N GLN IA 43 152.09 -267.15 50.30
CA GLN IA 43 152.76 -267.51 51.53
C GLN IA 43 152.00 -268.73 51.98
N LYS IA 44 151.07 -269.15 51.14
CA LYS IA 44 150.28 -270.33 51.40
C LYS IA 44 151.24 -271.47 51.12
N SER IA 45 152.02 -271.31 50.07
CA SER IA 45 153.00 -272.30 49.66
C SER IA 45 153.87 -272.74 50.82
N ALA IA 46 154.55 -271.80 51.44
CA ALA IA 46 155.41 -272.11 52.56
C ALA IA 46 154.61 -272.85 53.62
N VAL IA 47 153.50 -272.26 54.04
CA VAL IA 47 152.66 -272.85 55.07
C VAL IA 47 152.12 -274.23 54.71
N THR IA 48 151.71 -274.42 53.48
CA THR IA 48 151.18 -275.71 53.05
C THR IA 48 152.29 -276.77 53.14
N GLU IA 49 153.42 -276.46 52.53
CA GLU IA 49 154.51 -277.40 52.56
C GLU IA 49 154.88 -277.72 54.00
N TYR IA 50 155.11 -276.69 54.82
CA TYR IA 50 155.48 -276.96 56.20
C TYR IA 50 154.51 -277.94 56.86
N TYR IA 51 153.21 -277.72 56.68
CA TYR IA 51 152.21 -278.62 57.27
C TYR IA 51 152.26 -280.06 56.72
N LEU IA 52 152.23 -280.20 55.41
CA LEU IA 52 152.28 -281.53 54.79
C LEU IA 52 153.57 -282.29 55.10
N ASN IA 53 154.69 -281.57 55.18
CA ASN IA 53 155.95 -282.25 55.48
C ASN IA 53 156.08 -282.63 56.95
N HIS IA 54 155.52 -281.84 57.85
CA HIS IA 54 155.64 -282.13 59.27
C HIS IA 54 154.36 -282.49 60.03
N GLY IA 55 153.20 -282.14 59.49
CA GLY IA 55 151.97 -282.45 60.17
C GLY IA 55 151.66 -281.49 61.30
N LYS IA 56 152.41 -280.38 61.36
CA LYS IA 56 152.20 -279.34 62.36
C LYS IA 56 152.22 -278.01 61.61
N TRP IA 57 151.37 -277.06 62.01
CA TRP IA 57 151.32 -275.76 61.33
C TRP IA 57 152.50 -274.92 61.75
N PRO IA 58 153.08 -274.16 60.80
CA PRO IA 58 154.23 -273.31 61.14
C PRO IA 58 153.87 -272.29 62.22
N GLU IA 59 154.63 -272.28 63.31
CA GLU IA 59 154.35 -271.35 64.41
C GLU IA 59 154.48 -269.88 64.05
N ASN IA 60 155.48 -269.56 63.26
CA ASN IA 60 155.72 -268.17 62.86
C ASN IA 60 156.40 -268.10 61.49
N ASN IA 61 156.58 -266.89 60.98
CA ASN IA 61 157.19 -266.70 59.67
C ASN IA 61 158.47 -267.49 59.43
N THR IA 62 159.37 -267.46 60.40
CA THR IA 62 160.64 -268.16 60.30
C THR IA 62 160.42 -269.65 60.15
N SER IA 63 159.49 -270.19 60.92
CA SER IA 63 159.17 -271.61 60.81
C SER IA 63 158.71 -271.90 59.39
N ALA IA 64 157.81 -271.05 58.87
CA ALA IA 64 157.28 -271.24 57.53
C ALA IA 64 158.35 -271.01 56.47
N GLY IA 65 159.46 -270.43 56.89
CA GLY IA 65 160.54 -270.17 55.96
C GLY IA 65 160.22 -268.95 55.11
N VAL IA 66 159.93 -267.84 55.78
CA VAL IA 66 159.62 -266.59 55.09
C VAL IA 66 160.22 -265.47 55.91
N ALA IA 67 160.37 -264.31 55.29
CA ALA IA 67 160.95 -263.15 55.96
C ALA IA 67 160.67 -263.26 57.46
N SER IA 68 161.68 -263.71 58.19
CA SER IA 68 161.57 -263.90 59.63
C SER IA 68 160.89 -262.74 60.32
N SER IA 69 160.82 -261.59 59.64
CA SER IA 69 160.23 -260.39 60.23
C SER IA 69 158.90 -260.05 59.55
N PRO IA 70 157.79 -260.07 60.32
CA PRO IA 70 156.45 -259.75 59.77
C PRO IA 70 156.49 -258.49 58.93
N THR IA 71 157.14 -257.47 59.47
CA THR IA 71 157.28 -256.17 58.82
C THR IA 71 158.04 -256.25 57.51
N ASP IA 72 158.66 -257.38 57.23
CA ASP IA 72 159.40 -257.52 56.00
C ASP IA 72 158.49 -258.00 54.87
N ILE IA 73 157.23 -258.28 55.21
CA ILE IA 73 156.24 -258.74 54.23
C ILE IA 73 155.14 -257.69 54.11
N LYS IA 74 155.55 -256.43 54.03
CA LYS IA 74 154.64 -255.32 53.92
C LYS IA 74 154.47 -254.86 52.48
N GLY IA 75 153.60 -253.87 52.30
CA GLY IA 75 153.35 -253.32 51.00
C GLY IA 75 153.01 -251.85 51.08
N LYS IA 76 152.29 -251.37 50.08
CA LYS IA 76 151.88 -249.98 50.00
C LYS IA 76 150.76 -249.70 51.01
N TYR IA 77 149.80 -250.61 51.07
CA TYR IA 77 148.68 -250.49 51.98
C TYR IA 77 148.82 -251.51 53.07
N VAL IA 78 149.79 -252.41 52.90
CA VAL IA 78 150.02 -253.46 53.86
C VAL IA 78 151.19 -253.15 54.75
N LYS IA 79 150.92 -253.08 56.05
CA LYS IA 79 151.96 -252.78 57.02
C LYS IA 79 152.73 -254.04 57.39
N GLU IA 80 152.18 -255.20 57.00
CA GLU IA 80 152.82 -256.49 57.27
C GLU IA 80 151.96 -257.73 57.01
N VAL IA 81 152.55 -258.88 57.28
CA VAL IA 81 151.91 -260.17 57.11
C VAL IA 81 152.63 -261.13 58.04
N GLU IA 82 151.88 -261.62 59.04
CA GLU IA 82 152.43 -262.53 60.03
C GLU IA 82 151.78 -263.91 59.96
N VAL IA 83 152.60 -264.93 60.13
CA VAL IA 83 152.14 -266.31 60.14
C VAL IA 83 152.12 -266.69 61.58
N LYS IA 84 150.94 -267.04 62.07
CA LYS IA 84 150.78 -267.45 63.46
C LYS IA 84 150.06 -268.78 63.49
N ASN IA 85 150.84 -269.86 63.63
CA ASN IA 85 150.34 -271.22 63.65
C ASN IA 85 149.58 -271.58 62.36
N GLY IA 86 150.22 -271.31 61.24
CA GLY IA 86 149.61 -271.61 59.95
C GLY IA 86 148.65 -270.54 59.44
N VAL IA 87 148.14 -269.72 60.36
CA VAL IA 87 147.22 -268.64 59.99
C VAL IA 87 148.05 -267.47 59.51
N VAL IA 88 147.74 -266.94 58.34
CA VAL IA 88 148.48 -265.82 57.83
C VAL IA 88 147.57 -264.59 57.83
N THR IA 89 147.95 -263.60 58.63
CA THR IA 89 147.16 -262.37 58.77
C THR IA 89 147.86 -261.20 58.09
N ALA IA 90 147.09 -260.37 57.39
CA ALA IA 90 147.67 -259.21 56.71
C ALA IA 90 147.15 -257.92 57.32
N THR IA 91 148.06 -257.04 57.74
CA THR IA 91 147.65 -255.78 58.33
C THR IA 91 147.75 -254.62 57.34
N MET IA 92 146.72 -253.77 57.39
CA MET IA 92 146.66 -252.61 56.51
C MET IA 92 147.47 -251.48 57.12
N LEU IA 93 148.32 -250.86 56.30
CA LEU IA 93 149.15 -249.76 56.75
C LEU IA 93 148.27 -248.68 57.41
N SER IA 94 148.86 -247.54 57.70
CA SER IA 94 148.11 -246.44 58.30
C SER IA 94 148.16 -245.26 57.35
N SER IA 95 149.09 -245.29 56.41
CA SER IA 95 149.25 -244.23 55.42
C SER IA 95 149.08 -244.76 54.00
N GLY IA 96 148.26 -244.06 53.22
CA GLY IA 96 148.04 -244.45 51.84
C GLY IA 96 146.78 -245.29 51.62
N VAL IA 97 145.97 -245.44 52.66
CA VAL IA 97 144.75 -246.24 52.55
C VAL IA 97 143.44 -245.46 52.73
N ASN IA 98 142.32 -246.13 52.61
CA ASN IA 98 141.00 -245.53 52.74
C ASN IA 98 140.91 -244.62 53.96
N ASN IA 99 140.30 -245.12 55.01
CA ASN IA 99 140.12 -244.35 56.23
C ASN IA 99 139.49 -245.25 57.28
N GLU IA 100 138.64 -246.17 56.82
CA GLU IA 100 137.98 -247.07 57.72
C GLU IA 100 138.53 -248.47 57.56
N ILE IA 101 139.72 -248.58 56.97
CA ILE IA 101 140.35 -249.87 56.79
C ILE IA 101 141.82 -249.94 57.21
N LYS IA 102 142.40 -248.79 57.56
CA LYS IA 102 143.80 -248.79 57.97
C LYS IA 102 144.00 -249.42 59.34
N GLY IA 103 145.15 -250.06 59.51
CA GLY IA 103 145.43 -250.74 60.75
C GLY IA 103 144.49 -251.91 60.89
N LYS IA 104 143.73 -252.18 59.83
CA LYS IA 104 142.78 -253.29 59.88
C LYS IA 104 143.34 -254.48 59.12
N LYS IA 105 142.89 -255.68 59.48
CA LYS IA 105 143.43 -256.86 58.81
C LYS IA 105 142.49 -258.04 58.55
N LEU IA 106 143.01 -259.00 57.76
CA LEU IA 106 142.29 -260.21 57.41
C LEU IA 106 143.21 -261.43 57.63
N SER IA 107 142.67 -262.64 57.46
CA SER IA 107 143.45 -263.84 57.67
C SER IA 107 143.16 -264.91 56.65
N LEU IA 108 144.16 -265.76 56.44
CA LEU IA 108 144.09 -266.88 55.53
C LEU IA 108 144.49 -268.01 56.44
N TRP IA 109 143.71 -269.08 56.44
CA TRP IA 109 144.04 -270.22 57.27
C TRP IA 109 143.65 -271.43 56.49
N ALA IA 110 144.19 -272.58 56.87
CA ALA IA 110 143.87 -273.77 56.13
C ALA IA 110 143.34 -274.85 57.02
N ARG IA 111 142.95 -275.96 56.40
CA ARG IA 111 142.40 -277.07 57.12
C ARG IA 111 142.92 -278.36 56.52
N ARG IA 112 143.25 -279.31 57.39
CA ARG IA 112 143.74 -280.60 56.95
C ARG IA 112 142.66 -281.31 56.14
N GLU IA 113 142.99 -281.68 54.91
CA GLU IA 113 142.05 -282.42 54.10
C GLU IA 113 142.42 -283.88 54.21
N ASN IA 114 143.62 -284.11 54.75
CA ASN IA 114 144.19 -285.44 54.91
C ASN IA 114 144.88 -285.78 53.60
N GLY IA 115 146.16 -285.46 53.53
CA GLY IA 115 146.92 -285.70 52.31
C GLY IA 115 147.10 -284.40 51.56
N SER IA 116 146.30 -283.40 51.97
CA SER IA 116 146.34 -282.07 51.38
C SER IA 116 145.55 -281.15 52.31
N VAL IA 117 145.52 -279.86 52.00
CA VAL IA 117 144.77 -278.91 52.80
C VAL IA 117 143.97 -277.99 51.90
N LYS IA 118 142.96 -277.34 52.47
CA LYS IA 118 142.15 -276.38 51.73
C LYS IA 118 142.27 -275.01 52.44
N TRP IA 119 142.40 -273.96 51.65
CA TRP IA 119 142.54 -272.62 52.23
C TRP IA 119 141.28 -271.77 52.28
N PHE IA 120 141.21 -270.93 53.30
CA PHE IA 120 140.08 -270.04 53.48
C PHE IA 120 140.62 -268.64 53.55
N CYS IA 121 139.75 -267.67 53.32
CA CYS IA 121 140.12 -266.26 53.33
C CYS IA 121 138.98 -265.48 53.95
N GLY IA 122 139.28 -264.65 54.94
CA GLY IA 122 138.22 -263.88 55.56
C GLY IA 122 138.72 -262.93 56.63
N GLN IA 123 137.85 -262.63 57.60
CA GLN IA 123 138.20 -261.72 58.68
C GLN IA 123 139.07 -262.44 59.69
N PRO IA 124 140.05 -261.73 60.27
CA PRO IA 124 141.01 -262.25 61.26
C PRO IA 124 140.54 -263.41 62.08
N VAL IA 125 141.40 -264.41 62.23
CA VAL IA 125 141.06 -265.58 63.02
C VAL IA 125 142.29 -266.04 63.81
N THR IA 126 142.06 -266.81 64.88
CA THR IA 126 143.15 -267.32 65.70
C THR IA 126 143.10 -268.82 65.61
N ARG IA 127 144.23 -269.50 65.69
CA ARG IA 127 144.15 -270.96 65.65
C ARG IA 127 144.05 -271.51 67.07
N THR IA 128 143.12 -272.43 67.26
CA THR IA 128 142.90 -273.05 68.54
C THR IA 128 143.70 -274.35 68.55
N ASP IA 129 143.26 -275.32 67.75
CA ASP IA 129 143.96 -276.58 67.63
C ASP IA 129 144.35 -276.78 66.16
N ASP IA 130 145.06 -277.86 65.85
CA ASP IA 130 145.53 -278.08 64.49
C ASP IA 130 144.45 -278.10 63.42
N ASP IA 131 143.20 -278.17 63.83
CA ASP IA 131 142.13 -278.21 62.86
C ASP IA 131 140.96 -277.31 63.27
N THR IA 132 141.26 -276.24 63.98
CA THR IA 132 140.23 -275.33 64.44
C THR IA 132 140.78 -273.95 64.75
N VAL IA 133 140.12 -272.93 64.23
CA VAL IA 133 140.48 -271.54 64.45
C VAL IA 133 139.22 -270.82 64.93
N ALA IA 134 139.34 -269.57 65.33
CA ALA IA 134 138.18 -268.81 65.80
C ALA IA 134 138.37 -267.33 65.57
N ASP IA 135 137.26 -266.61 65.50
CA ASP IA 135 137.28 -265.19 65.27
C ASP IA 135 138.23 -264.48 66.21
N ALA IA 136 139.15 -263.72 65.65
CA ALA IA 136 140.06 -262.95 66.46
C ALA IA 136 139.26 -261.70 66.75
N LYS IA 137 138.07 -261.87 67.32
CA LYS IA 137 137.18 -260.75 67.66
C LYS IA 137 137.92 -259.73 68.50
N ASP IA 138 138.07 -258.51 68.00
CA ASP IA 138 138.79 -257.50 68.75
C ASP IA 138 138.49 -256.09 68.24
N GLY IA 139 137.92 -255.99 67.04
CA GLY IA 139 137.58 -254.68 66.49
C GLY IA 139 138.44 -254.13 65.35
N LYS IA 140 139.49 -254.83 64.99
CA LYS IA 140 140.37 -254.35 63.91
C LYS IA 140 140.19 -255.14 62.60
N GLU IA 141 139.11 -255.89 62.47
CA GLU IA 141 138.86 -256.64 61.25
C GLU IA 141 138.40 -255.76 60.11
N ILE IA 142 138.89 -256.03 58.91
CA ILE IA 142 138.46 -255.27 57.76
C ILE IA 142 136.98 -255.60 57.57
N ASP IA 143 136.17 -254.56 57.45
CA ASP IA 143 134.73 -254.63 57.28
C ASP IA 143 134.28 -255.45 56.09
N THR IA 144 133.30 -256.30 56.30
CA THR IA 144 132.80 -257.15 55.21
C THR IA 144 132.64 -256.43 53.87
N LYS IA 145 132.19 -255.18 53.89
CA LYS IA 145 131.98 -254.48 52.63
C LYS IA 145 133.25 -254.31 51.81
N HIS IA 146 134.41 -254.35 52.46
CA HIS IA 146 135.67 -254.18 51.74
C HIS IA 146 136.29 -255.48 51.27
N LEU IA 147 135.68 -256.60 51.64
CA LEU IA 147 136.23 -257.88 51.26
C LEU IA 147 135.60 -258.50 50.02
N PRO IA 148 136.44 -259.03 49.12
CA PRO IA 148 136.00 -259.68 47.88
C PRO IA 148 134.95 -260.73 48.20
N SER IA 149 134.31 -261.23 47.15
CA SER IA 149 133.30 -262.27 47.31
C SER IA 149 134.05 -263.58 47.62
N THR IA 150 135.31 -263.65 47.21
CA THR IA 150 136.13 -264.82 47.43
C THR IA 150 136.78 -264.82 48.80
N CYS IA 151 136.52 -263.81 49.61
CA CYS IA 151 137.15 -263.77 50.93
C CYS IA 151 136.12 -263.44 52.00
N ARG IA 152 135.00 -264.16 51.95
CA ARG IA 152 133.92 -263.98 52.92
C ARG IA 152 133.84 -265.17 53.83
N ASP IA 153 134.91 -265.95 53.96
CA ASP IA 153 134.88 -267.15 54.81
C ASP IA 153 134.78 -266.93 56.33
N ASN IA 154 133.96 -267.75 56.97
CA ASN IA 154 133.74 -267.72 58.43
C ASN IA 154 134.70 -268.68 59.14
N PHE IA 155 134.98 -268.40 60.40
CA PHE IA 155 135.89 -269.19 61.19
C PHE IA 155 135.60 -270.71 61.07
N ASP IA 156 134.33 -271.08 60.91
CA ASP IA 156 134.00 -272.50 60.82
C ASP IA 156 133.72 -273.03 59.42
N ALA IA 157 134.19 -272.32 58.41
CA ALA IA 157 133.98 -272.78 57.05
C ALA IA 157 134.70 -274.11 56.87
N LYS IA 158 134.11 -275.04 56.13
CA LYS IA 158 134.77 -276.31 55.91
C LYS IA 158 134.85 -276.55 54.42
N ILE JA 74 -77.47 118.44 35.75
CA ILE JA 74 -78.04 118.92 37.02
C ILE JA 74 -77.28 118.44 38.29
N LYS JA 75 -77.22 119.26 39.36
CA LYS JA 75 -76.67 118.85 40.66
C LYS JA 75 -77.31 119.62 41.82
N LEU JA 76 -77.53 118.94 42.96
CA LEU JA 76 -78.12 119.53 44.18
C LEU JA 76 -77.24 119.14 45.37
N VAL JA 77 -77.72 119.24 46.63
CA VAL JA 77 -76.91 118.62 47.70
C VAL JA 77 -77.39 117.18 47.79
N PRO JA 78 -77.81 116.57 48.93
CA PRO JA 78 -78.29 115.20 48.81
C PRO JA 78 -79.65 115.18 48.13
N LYS JA 79 -79.90 114.09 47.39
CA LYS JA 79 -81.21 113.90 46.82
C LYS JA 79 -82.30 114.10 47.86
N GLU JA 80 -82.05 113.65 49.09
CA GLU JA 80 -83.01 113.83 50.18
C GLU JA 80 -83.33 115.30 50.40
N VAL JA 81 -82.30 116.17 50.37
CA VAL JA 81 -82.55 117.58 50.63
C VAL JA 81 -83.44 118.18 49.54
N ALA JA 82 -83.18 117.84 48.27
CA ALA JA 82 -84.06 118.29 47.20
C ALA JA 82 -85.50 117.89 47.47
N GLU JA 83 -85.70 116.62 47.84
CA GLU JA 83 -87.07 116.16 48.00
C GLU JA 83 -87.74 116.83 49.19
N LYS JA 84 -86.99 117.01 50.28
CA LYS JA 84 -87.56 117.64 51.48
C LYS JA 84 -87.95 119.09 51.21
N HIS JA 85 -87.09 119.84 50.53
CA HIS JA 85 -87.34 121.25 50.30
C HIS JA 85 -88.02 121.52 48.97
N LEU JA 86 -88.20 120.49 48.12
CA LEU JA 86 -88.87 120.59 46.83
C LEU JA 86 -88.25 121.68 45.96
N VAL JA 87 -86.95 121.52 45.73
CA VAL JA 87 -86.15 122.42 44.91
C VAL JA 87 -85.15 121.58 44.14
N VAL JA 88 -84.69 122.09 43.01
CA VAL JA 88 -83.88 121.29 42.11
C VAL JA 88 -83.04 122.25 41.28
N PRO JA 89 -81.73 122.12 41.28
CA PRO JA 89 -80.95 122.93 40.36
C PRO JA 89 -81.18 122.36 38.97
N VAL JA 90 -81.11 123.21 37.95
CA VAL JA 90 -81.47 122.76 36.62
C VAL JA 90 -80.51 123.26 35.56
N ASN JA 91 -79.52 124.07 35.94
CA ASN JA 91 -78.47 124.50 35.04
C ASN JA 91 -77.50 125.44 35.75
N ARG JA 92 -76.45 125.82 35.05
CA ARG JA 92 -75.48 126.80 35.52
C ARG JA 92 -75.13 127.68 34.33
N ALA JA 93 -75.39 128.97 34.45
CA ALA JA 93 -75.20 129.89 33.34
C ALA JA 93 -74.78 131.22 33.89
N GLY JA 94 -73.84 131.87 33.20
CA GLY JA 94 -73.40 133.19 33.60
C GLY JA 94 -73.14 133.25 35.10
N PRO JA 95 -71.98 132.76 35.47
CA PRO JA 95 -71.74 132.25 36.83
C PRO JA 95 -72.83 132.00 37.87
N SER JA 96 -74.05 131.62 37.51
CA SER JA 96 -75.09 131.42 38.50
C SER JA 96 -75.76 130.06 38.33
N LEU JA 97 -76.16 129.47 39.45
CA LEU JA 97 -76.86 128.20 39.48
C LEU JA 97 -78.37 128.45 39.37
N ILE JA 98 -78.98 127.99 38.28
CA ILE JA 98 -80.42 128.04 38.14
C ILE JA 98 -81.05 127.02 39.08
N VAL JA 99 -81.91 127.49 39.97
CA VAL JA 99 -82.55 126.64 40.97
C VAL JA 99 -84.06 126.75 40.80
N ALA JA 100 -84.70 125.65 40.44
CA ALA JA 100 -86.15 125.59 40.43
C ALA JA 100 -86.66 125.30 41.83
N MET JA 101 -87.56 126.15 42.30
CA MET JA 101 -87.93 126.21 43.71
C MET JA 101 -89.43 126.39 43.83
N CYS JA 102 -90.04 125.60 44.72
CA CYS JA 102 -91.48 125.67 44.91
C CYS JA 102 -91.86 126.72 45.94
N ASP JA 103 -91.01 126.96 46.93
CA ASP JA 103 -91.30 127.88 48.03
C ASP JA 103 -90.22 128.96 48.09
N PRO JA 104 -90.22 129.90 47.14
CA PRO JA 104 -89.15 130.90 47.08
C PRO JA 104 -89.21 131.93 48.20
N SER JA 105 -90.25 131.91 49.03
CA SER JA 105 -90.32 132.77 50.21
C SER JA 105 -89.56 132.21 51.40
N ASN JA 106 -89.04 130.99 51.30
CA ASN JA 106 -88.41 130.31 52.43
C ASN JA 106 -86.93 130.67 52.44
N ILE JA 107 -86.60 131.73 53.18
CA ILE JA 107 -85.22 132.20 53.24
C ILE JA 107 -84.31 131.19 53.93
N PHE JA 108 -84.85 130.35 54.81
CA PHE JA 108 -84.01 129.33 55.42
C PHE JA 108 -83.49 128.34 54.38
N ALA JA 109 -84.39 127.84 53.53
CA ALA JA 109 -83.99 126.87 52.52
C ALA JA 109 -83.03 127.51 51.52
N VAL JA 110 -83.34 128.73 51.09
CA VAL JA 110 -82.49 129.42 50.12
C VAL JA 110 -81.10 129.64 50.69
N ASP JA 111 -81.01 130.12 51.92
CA ASP JA 111 -79.71 130.36 52.52
C ASP JA 111 -78.96 129.06 52.77
N ASP JA 112 -79.69 127.97 53.05
CA ASP JA 112 -79.05 126.66 53.14
C ASP JA 112 -78.43 126.27 51.80
N LEU JA 113 -79.15 126.48 50.70
CA LEU JA 113 -78.59 126.13 49.39
C LEU JA 113 -77.42 127.03 49.03
N LYS JA 114 -77.52 128.33 49.33
CA LYS JA 114 -76.42 129.25 49.10
C LYS JA 114 -75.17 128.81 49.84
N PHE JA 115 -75.31 128.43 51.11
CA PHE JA 115 -74.13 128.04 51.87
C PHE JA 115 -73.57 126.70 51.41
N LEU JA 116 -74.45 125.74 51.13
CA LEU JA 116 -73.98 124.39 50.83
C LEU JA 116 -73.33 124.31 49.46
N THR JA 117 -73.88 125.03 48.47
CA THR JA 117 -73.27 125.03 47.15
C THR JA 117 -72.12 126.01 47.00
N GLY JA 118 -72.14 127.11 47.75
CA GLY JA 118 -71.17 128.16 47.53
C GLY JA 118 -71.37 128.89 46.22
N TYR JA 119 -72.52 128.73 45.58
CA TYR JA 119 -72.78 129.33 44.29
C TYR JA 119 -73.87 130.37 44.40
N ASN JA 120 -73.75 131.39 43.58
CA ASN JA 120 -74.81 132.38 43.49
C ASN JA 120 -75.97 131.80 42.72
N ILE JA 121 -77.18 132.10 43.19
CA ILE JA 121 -78.38 131.43 42.71
C ILE JA 121 -79.16 132.35 41.79
N GLU JA 122 -79.87 131.74 40.84
CA GLU JA 122 -80.95 132.38 40.10
C GLU JA 122 -82.20 131.54 40.32
N THR JA 123 -83.20 132.12 40.97
CA THR JA 123 -84.38 131.38 41.40
C THR JA 123 -85.44 131.38 40.31
N VAL JA 124 -86.04 130.21 40.07
CA VAL JA 124 -87.13 130.04 39.13
C VAL JA 124 -88.24 129.29 39.84
N VAL JA 125 -89.43 129.89 39.87
CA VAL JA 125 -90.55 129.26 40.57
C VAL JA 125 -91.13 128.16 39.69
N ALA JA 126 -91.44 127.02 40.31
CA ALA JA 126 -92.09 125.93 39.59
C ALA JA 126 -93.14 125.30 40.48
N SER JA 127 -94.11 124.65 39.84
CA SER JA 127 -95.12 123.91 40.58
C SER JA 127 -94.49 122.76 41.36
N GLU JA 128 -94.95 122.56 42.59
CA GLU JA 128 -94.30 121.61 43.49
C GLU JA 128 -94.16 120.23 42.88
N VAL JA 129 -95.26 119.71 42.31
CA VAL JA 129 -95.24 118.34 41.80
C VAL JA 129 -94.36 118.23 40.55
N SER JA 130 -94.25 119.30 39.77
CA SER JA 130 -93.37 119.25 38.61
C SER JA 130 -91.91 119.19 39.03
N ILE JA 131 -91.55 119.92 40.08
CA ILE JA 131 -90.19 119.84 40.64
C ILE JA 131 -89.93 118.44 41.17
N ARG JA 132 -90.86 117.91 41.96
CA ARG JA 132 -90.67 116.57 42.51
C ARG JA 132 -90.48 115.55 41.39
N GLU JA 133 -91.34 115.65 40.37
CA GLU JA 133 -91.26 114.78 39.20
C GLU JA 133 -89.88 114.85 38.56
N ALA JA 134 -89.38 116.08 38.36
CA ALA JA 134 -88.07 116.23 37.73
C ALA JA 134 -86.95 115.65 38.60
N ILE JA 135 -87.04 115.85 39.92
CA ILE JA 135 -86.04 115.28 40.82
C ILE JA 135 -85.98 113.77 40.65
N GLU JA 136 -87.14 113.11 40.66
CA GLU JA 136 -87.16 111.65 40.59
C GLU JA 136 -86.75 111.16 39.20
N ARG JA 137 -87.08 111.93 38.18
CA ARG JA 137 -86.72 111.47 36.85
C ARG JA 137 -85.24 111.58 36.63
N TYR JA 138 -84.66 112.66 37.12
CA TYR JA 138 -83.26 112.92 36.90
C TYR JA 138 -82.39 112.12 37.86
N LYS JA 142 -89.81 111.76 31.68
CA LYS JA 142 -88.85 111.87 30.59
C LYS JA 142 -88.05 110.57 30.42
N GLY JA 143 -88.25 109.59 31.31
CA GLY JA 143 -87.80 108.23 31.13
C GLY JA 143 -88.75 107.38 30.30
N PRO JA 144 -90.01 107.26 30.75
CA PRO JA 144 -91.04 106.57 29.95
C PRO JA 144 -91.08 107.12 28.52
N SER JA 145 -90.79 108.41 28.40
CA SER JA 145 -90.64 109.03 27.09
C SER JA 145 -89.37 108.59 26.38
N LEU JA 146 -88.23 108.50 27.08
CA LEU JA 146 -86.98 108.09 26.45
C LEU JA 146 -87.10 106.76 25.72
N GLU JA 147 -88.04 105.92 26.13
CA GLU JA 147 -88.29 104.65 25.47
C GLU JA 147 -89.41 104.74 24.44
N ASP JA 148 -90.54 105.37 24.79
CA ASP JA 148 -91.60 105.51 23.79
C ASP JA 148 -91.13 106.27 22.55
N ILE JA 149 -90.01 107.00 22.64
CA ILE JA 149 -89.48 107.71 21.48
C ILE JA 149 -89.08 106.72 20.39
N VAL JA 150 -88.39 105.63 20.76
CA VAL JA 150 -87.88 104.64 19.81
C VAL JA 150 -89.05 103.83 19.25
N GLY JA 151 -90.18 104.49 19.00
CA GLY JA 151 -91.33 103.83 18.43
C GLY JA 151 -91.81 104.53 17.18
N ASP JA 152 -91.13 104.28 16.05
CA ASP JA 152 -91.40 104.95 14.78
C ASP JA 152 -92.89 105.05 14.46
N VAL JA 153 -93.66 104.04 14.89
CA VAL JA 153 -95.09 103.98 14.59
C VAL JA 153 -95.87 105.05 15.36
N GLY JA 154 -95.16 105.90 16.09
CA GLY JA 154 -95.81 106.97 16.83
C GLY JA 154 -95.70 108.31 16.15
N ASP JA 155 -94.47 108.72 15.82
CA ASP JA 155 -94.26 110.01 15.20
C ASP JA 155 -94.93 110.11 13.84
N ASP JA 156 -95.04 108.96 13.14
CA ASP JA 156 -95.62 108.92 11.81
C ASP JA 156 -96.93 109.70 11.74
N ILE JA 157 -96.92 110.79 10.97
CA ILE JA 157 -98.14 111.57 10.80
C ILE JA 157 -99.10 110.91 9.82
N GLU JA 158 -98.61 110.00 8.97
CA GLU JA 158 -99.49 109.28 8.06
C GLU JA 158 -100.60 108.54 8.80
N VAL JA 159 -100.36 108.18 10.06
CA VAL JA 159 -101.34 107.46 10.86
C VAL JA 159 -102.29 108.45 11.51
N THR JA 160 -103.58 108.13 11.47
CA THR JA 160 -104.59 108.94 12.13
C THR JA 160 -104.27 109.07 13.62
N LYS JA 161 -104.51 110.27 14.17
CA LYS JA 161 -104.19 110.51 15.57
C LYS JA 161 -104.98 109.57 16.50
N GLU JA 162 -106.22 109.23 16.11
CA GLU JA 162 -107.07 108.38 16.92
C GLU JA 162 -106.39 107.06 17.27
N GLU JA 163 -105.69 106.44 16.30
CA GLU JA 163 -105.05 105.15 16.53
C GLU JA 163 -103.66 105.29 17.19
N THR JA 164 -102.84 106.16 16.62
CA THR JA 164 -101.51 106.48 17.16
C THR JA 164 -101.55 106.58 18.69
N GLU JA 165 -102.47 107.42 19.17
CA GLU JA 165 -102.66 107.57 20.61
C GLU JA 165 -102.76 106.22 21.30
N ASN JA 166 -103.61 105.34 20.78
CA ASN JA 166 -103.81 104.02 21.36
C ASN JA 166 -102.48 103.32 21.55
N ILE JA 167 -101.63 103.30 20.51
CA ILE JA 167 -100.33 102.66 20.69
C ILE JA 167 -99.63 103.25 21.90
N ASP JA 168 -99.62 104.59 22.02
CA ASP JA 168 -98.86 105.16 23.14
C ASP JA 168 -99.39 104.66 24.48
N GLU JA 169 -100.71 104.54 24.61
CA GLU JA 169 -101.28 104.03 25.86
C GLU JA 169 -100.83 102.59 26.12
N MET JA 170 -101.10 101.69 25.17
CA MET JA 170 -100.79 100.28 25.35
C MET JA 170 -99.31 100.07 25.61
N ALA JA 171 -98.46 100.76 24.83
CA ALA JA 171 -97.02 100.73 25.05
C ALA JA 171 -96.66 101.19 26.45
N LYS JA 172 -97.38 102.19 26.97
CA LYS JA 172 -97.14 102.63 28.34
C LYS JA 172 -97.55 101.59 29.37
N ALA JA 173 -98.47 100.68 29.04
CA ALA JA 173 -98.76 99.57 29.96
C ALA JA 173 -97.53 98.78 30.36
N ALA JA 174 -96.44 98.89 29.59
CA ALA JA 174 -95.22 98.15 29.89
C ALA JA 174 -94.79 98.31 31.35
N ASP JA 175 -94.81 99.55 31.85
CA ASP JA 175 -94.25 99.82 33.17
C ASP JA 175 -95.10 99.23 34.29
N ASP JA 176 -96.38 99.59 34.34
CA ASP JA 176 -97.21 99.27 35.49
C ASP JA 176 -98.43 98.46 35.19
N ALA JA 177 -98.69 98.12 33.93
CA ALA JA 177 -99.83 97.34 33.48
C ALA JA 177 -101.17 97.97 33.75
N PRO JA 178 -101.33 99.29 33.40
CA PRO JA 178 -102.67 99.79 33.05
C PRO JA 178 -102.61 100.44 31.74
N VAL JA 179 -103.76 100.85 31.24
CA VAL JA 179 -103.88 101.92 30.27
C VAL JA 179 -104.00 103.21 31.06
N VAL JA 180 -103.06 104.14 30.86
CA VAL JA 180 -103.31 105.53 31.23
C VAL JA 180 -103.99 106.16 30.03
N LYS JA 181 -105.17 106.70 30.24
CA LYS JA 181 -105.80 107.58 29.28
C LYS JA 181 -105.28 109.00 29.48
N LEU JA 182 -104.98 109.67 28.38
CA LEU JA 182 -104.65 111.10 28.36
C LEU JA 182 -103.38 111.42 29.14
N VAL JA 183 -102.26 110.79 28.80
CA VAL JA 183 -101.07 111.37 29.40
C VAL JA 183 -100.92 112.74 28.77
N ASN JA 184 -101.07 113.77 29.59
CA ASN JA 184 -100.92 115.13 29.09
C ASN JA 184 -99.57 115.32 28.40
N LEU JA 185 -98.46 115.07 29.10
CA LEU JA 185 -97.15 115.36 28.50
C LEU JA 185 -96.84 114.40 27.36
N ILE JA 186 -96.99 113.09 27.59
CA ILE JA 186 -96.71 112.08 26.55
C ILE JA 186 -97.43 112.44 25.26
N LEU JA 187 -98.65 112.97 25.36
CA LEU JA 187 -99.33 113.50 24.19
C LEU JA 187 -98.72 114.83 23.77
N MET JA 188 -98.42 115.70 24.74
CA MET JA 188 -97.97 117.06 24.45
C MET JA 188 -96.69 117.06 23.66
N ASP JA 189 -95.99 115.94 23.63
CA ASP JA 189 -94.71 115.83 22.96
C ASP JA 189 -94.74 114.89 21.77
N ALA JA 190 -95.82 114.13 21.57
CA ALA JA 190 -96.00 113.29 20.40
C ALA JA 190 -97.05 113.82 19.45
N ILE JA 191 -98.14 114.38 19.98
CA ILE JA 191 -99.23 114.90 19.16
C ILE JA 191 -99.45 116.39 19.34
N SER JA 196 -102.91 135.16 19.55
CA SER JA 196 -102.86 135.20 18.10
C SER JA 196 -101.45 135.41 17.55
N ASP JA 197 -100.46 135.61 18.41
CA ASP JA 197 -99.08 135.83 18.01
C ASP JA 197 -98.16 135.26 19.08
N ILE JA 198 -97.19 134.45 18.66
CA ILE JA 198 -96.23 133.84 19.56
C ILE JA 198 -94.85 134.30 19.15
N HIS JA 199 -94.22 135.11 20.00
CA HIS JA 199 -92.88 135.60 19.71
C HIS JA 199 -91.85 134.93 20.59
N VAL JA 200 -90.93 134.27 19.95
CA VAL JA 200 -89.92 133.49 20.60
C VAL JA 200 -88.59 134.04 20.13
N GLU JA 201 -88.02 134.97 20.86
CA GLU JA 201 -86.92 135.69 20.23
C GLU JA 201 -85.54 135.10 20.47
N PRO JA 202 -85.05 134.89 21.70
CA PRO JA 202 -83.84 134.12 21.78
C PRO JA 202 -83.75 133.14 22.91
N TYR JA 203 -82.51 132.67 23.07
CA TYR JA 203 -82.14 131.78 24.14
C TYR JA 203 -82.38 132.41 25.50
N GLU JA 204 -83.09 131.68 26.37
CA GLU JA 204 -83.36 132.10 27.74
C GLU JA 204 -84.07 133.44 27.79
N LYS JA 205 -84.95 133.64 26.83
CA LYS JA 205 -85.79 134.80 26.79
C LYS JA 205 -87.24 134.39 26.90
N ASP JA 206 -87.96 135.03 27.81
CA ASP JA 206 -89.34 134.66 28.01
C ASP JA 206 -90.17 135.00 26.78
N PHE JA 207 -91.00 134.04 26.37
CA PHE JA 207 -91.81 134.22 25.19
C PHE JA 207 -92.78 135.35 25.38
N ARG JA 208 -93.06 136.06 24.31
CA ARG JA 208 -94.05 137.11 24.37
C ARG JA 208 -95.19 136.73 23.45
N VAL JA 209 -96.36 137.30 23.71
CA VAL JA 209 -97.50 137.01 22.85
C VAL JA 209 -98.35 138.25 22.64
N ARG JA 210 -99.26 138.11 21.69
CA ARG JA 210 -100.31 139.10 21.45
C ARG JA 210 -101.65 138.47 21.80
N PHE JA 211 -102.21 138.90 22.92
CA PHE JA 211 -103.49 138.38 23.37
C PHE JA 211 -104.63 139.15 22.73
N ARG JA 212 -105.71 138.42 22.42
CA ARG JA 212 -106.88 138.97 21.76
C ARG JA 212 -107.43 140.23 22.43
N ILE JA 213 -107.12 140.43 23.71
CA ILE JA 213 -107.61 141.58 24.48
C ILE JA 213 -106.46 142.31 25.16
N ASP JA 214 -105.43 141.57 25.58
CA ASP JA 214 -104.35 142.14 26.36
C ASP JA 214 -103.16 142.59 25.51
N GLY JA 215 -103.02 142.07 24.31
CA GLY JA 215 -101.99 142.56 23.43
C GLY JA 215 -100.64 142.00 23.82
N VAL JA 216 -99.62 142.84 23.79
CA VAL JA 216 -98.27 142.37 24.05
C VAL JA 216 -98.11 142.09 25.53
N MET JA 217 -97.85 140.82 25.86
CA MET JA 217 -97.57 140.49 27.25
C MET JA 217 -96.44 139.46 27.30
N TYR JA 218 -95.71 139.49 28.42
CA TYR JA 218 -94.66 138.53 28.69
C TYR JA 218 -95.27 137.22 29.16
N GLU JA 219 -94.50 136.15 29.05
CA GLU JA 219 -95.00 134.83 29.36
C GLU JA 219 -94.02 134.07 30.24
N VAL JA 220 -94.55 133.04 30.87
CA VAL JA 220 -93.80 132.23 31.84
C VAL JA 220 -93.07 131.10 31.12
N MET JA 221 -92.94 131.20 29.79
CA MET JA 221 -92.31 130.15 28.99
C MET JA 221 -90.99 130.67 28.40
N ARG JA 222 -89.90 130.02 28.78
CA ARG JA 222 -88.53 130.26 28.37
C ARG JA 222 -87.88 128.95 27.97
N PRO JA 223 -87.05 129.00 26.94
CA PRO JA 223 -86.24 127.86 26.59
C PRO JA 223 -84.79 128.25 26.46
N PRO JA 224 -83.92 127.51 27.14
CA PRO JA 224 -82.48 127.62 26.92
C PRO JA 224 -82.10 127.04 25.57
N MET JA 225 -80.82 127.15 25.24
CA MET JA 225 -80.40 126.86 23.88
C MET JA 225 -80.85 125.48 23.43
N LYS JA 226 -80.66 124.45 24.26
CA LYS JA 226 -81.04 123.11 23.81
C LYS JA 226 -82.53 123.03 23.51
N LEU JA 227 -83.36 123.47 24.45
CA LEU JA 227 -84.79 123.42 24.20
C LEU JA 227 -85.17 124.28 23.02
N ARG JA 228 -84.65 125.51 22.94
CA ARG JA 228 -84.92 126.29 21.74
C ARG JA 228 -84.64 125.44 20.51
N ASN JA 229 -83.40 124.97 20.35
CA ASN JA 229 -83.07 124.21 19.14
C ASN JA 229 -84.09 123.11 18.87
N ALA JA 230 -84.50 122.39 19.91
CA ALA JA 230 -85.47 121.30 19.73
C ALA JA 230 -86.83 121.80 19.23
N ILE JA 231 -87.42 122.81 19.91
CA ILE JA 231 -88.64 123.44 19.40
C ILE JA 231 -88.46 123.72 17.93
N THR JA 232 -87.33 124.33 17.63
CA THR JA 232 -87.10 124.95 16.34
C THR JA 232 -87.15 123.92 15.22
N SER JA 233 -86.50 122.81 15.44
CA SER JA 233 -86.61 121.69 14.51
C SER JA 233 -88.02 121.12 14.50
N ARG JA 234 -88.66 120.99 15.67
CA ARG JA 234 -90.03 120.49 15.74
C ARG JA 234 -90.97 121.26 14.81
N LEU JA 235 -91.04 122.57 15.03
CA LEU JA 235 -91.90 123.46 14.25
C LEU JA 235 -91.51 123.43 12.78
N LYS JA 236 -90.22 123.52 12.51
CA LYS JA 236 -89.73 123.43 11.15
C LYS JA 236 -90.25 122.19 10.44
N ILE JA 237 -90.15 121.03 11.10
CA ILE JA 237 -90.48 119.77 10.48
C ILE JA 237 -91.98 119.65 10.26
N MET JA 238 -92.78 119.96 11.29
CA MET JA 238 -94.23 119.91 11.13
C MET JA 238 -94.72 120.82 10.02
N ALA JA 239 -94.00 121.90 9.72
CA ALA JA 239 -94.34 122.79 8.62
C ALA JA 239 -93.86 122.28 7.27
N SER JA 240 -93.02 121.23 7.26
CA SER JA 240 -92.55 120.46 6.10
C SER JA 240 -91.21 120.91 5.56
N LEU JA 241 -90.31 121.42 6.38
CA LEU JA 241 -89.08 121.94 5.80
C LEU JA 241 -87.92 121.57 6.71
N ASP JA 242 -86.68 121.85 6.27
CA ASP JA 242 -85.48 121.33 6.96
C ASP JA 242 -84.50 122.46 7.29
N ILE JA 243 -84.68 123.07 8.45
CA ILE JA 243 -83.83 124.19 8.79
C ILE JA 243 -82.50 123.68 9.33
N SER JA 244 -81.43 124.36 8.95
CA SER JA 244 -80.10 123.93 9.31
C SER JA 244 -79.17 125.12 9.16
N GLU JA 245 -77.92 124.94 9.59
CA GLU JA 245 -76.94 126.00 9.38
C GLU JA 245 -76.77 126.35 7.91
N ARG JA 246 -77.05 125.40 7.02
CA ARG JA 246 -76.99 125.69 5.60
C ARG JA 246 -78.19 126.51 5.16
N ARG JA 247 -79.34 126.29 5.79
CA ARG JA 247 -80.57 127.02 5.47
C ARG JA 247 -81.20 127.45 6.79
N LEU JA 248 -80.66 128.50 7.36
CA LEU JA 248 -80.97 128.96 8.70
C LEU JA 248 -82.28 129.71 8.84
N PRO JA 249 -82.82 130.32 7.79
CA PRO JA 249 -84.15 130.90 7.93
C PRO JA 249 -85.22 130.20 7.14
N GLN JA 250 -86.43 130.23 7.68
CA GLN JA 250 -87.48 129.36 7.20
C GLN JA 250 -88.81 130.02 7.39
N ASP JA 251 -89.53 130.15 6.29
CA ASP JA 251 -90.81 130.82 6.31
C ASP JA 251 -91.84 129.87 5.73
N GLY JA 252 -92.39 129.06 6.63
CA GLY JA 252 -93.36 128.09 6.25
C GLY JA 252 -94.70 128.32 6.90
N ARG JA 253 -95.54 127.30 6.81
CA ARG JA 253 -96.89 127.33 7.34
C ARG JA 253 -97.18 125.98 7.96
N ILE JA 254 -97.71 126.00 9.18
CA ILE JA 254 -98.21 124.79 9.81
C ILE JA 254 -99.66 124.62 9.44
N LYS JA 255 -100.00 123.41 9.02
CA LYS JA 255 -101.37 122.95 8.83
C LYS JA 255 -101.79 122.16 10.07
N ILE JA 256 -102.49 122.81 10.99
CA ILE JA 256 -103.21 122.07 12.02
C ILE JA 256 -104.24 121.19 11.34
N LYS JA 257 -104.25 119.91 11.71
CA LYS JA 257 -105.27 118.93 11.31
C LYS JA 257 -106.66 119.52 11.24
N MET JA 258 -107.01 120.45 12.15
CA MET JA 258 -108.26 121.19 12.01
C MET JA 258 -108.24 122.18 10.84
N GLY JA 259 -107.60 121.81 9.72
CA GLY JA 259 -107.54 122.66 8.54
C GLY JA 259 -107.06 124.07 8.80
N GLY JA 260 -106.60 124.34 10.01
CA GLY JA 260 -106.25 125.71 10.38
C GLY JA 260 -104.79 125.97 10.10
N GLY JA 261 -104.50 127.16 9.63
CA GLY JA 261 -103.11 127.41 9.27
C GLY JA 261 -102.39 128.35 10.22
N LYS JA 262 -101.06 128.41 10.12
CA LYS JA 262 -100.35 129.44 10.86
C LYS JA 262 -99.02 129.72 10.18
N GLU JA 263 -98.67 131.00 10.14
CA GLU JA 263 -97.44 131.43 9.51
C GLU JA 263 -96.30 131.33 10.51
N MET JA 264 -95.23 130.64 10.11
CA MET JA 264 -94.09 130.40 10.98
C MET JA 264 -92.82 130.91 10.33
N ASP JA 265 -92.20 131.88 11.00
CA ASP JA 265 -90.83 132.23 10.66
C ASP JA 265 -89.91 131.62 11.67
N PHE JA 266 -88.75 131.24 11.18
CA PHE JA 266 -87.93 130.46 12.07
C PHE JA 266 -86.45 130.55 11.68
N ARG JA 267 -85.58 130.55 12.70
CA ARG JA 267 -84.14 130.63 12.50
C ARG JA 267 -83.39 129.67 13.41
N VAL JA 268 -82.46 128.90 12.81
CA VAL JA 268 -81.61 128.00 13.58
C VAL JA 268 -80.25 128.67 13.81
N SER JA 269 -79.57 128.21 14.85
CA SER JA 269 -78.24 128.63 15.27
C SER JA 269 -78.26 130.13 15.57
N VAL JA 270 -77.16 130.81 15.33
CA VAL JA 270 -76.99 132.22 15.68
C VAL JA 270 -76.43 132.95 14.48
N CYS JA 271 -76.28 132.22 13.38
CA CYS JA 271 -75.63 132.80 12.20
C CYS JA 271 -76.44 133.96 11.68
N PRO JA 272 -77.74 133.88 11.52
CA PRO JA 272 -78.44 135.12 11.21
C PRO JA 272 -78.98 135.76 12.46
N THR JA 273 -79.33 134.98 13.48
CA THR JA 273 -79.82 135.53 14.74
C THR JA 273 -78.79 135.39 15.87
N LEU JA 274 -77.99 136.43 16.09
CA LEU JA 274 -76.98 136.36 17.15
C LEU JA 274 -77.58 135.96 18.48
N PHE JA 275 -78.77 136.47 18.77
CA PHE JA 275 -79.43 136.09 20.00
C PHE JA 275 -79.87 134.63 19.97
N GLY JA 276 -79.31 133.80 19.12
CA GLY JA 276 -79.70 132.41 19.19
C GLY JA 276 -80.83 132.09 18.23
N GLU JA 277 -81.18 130.81 18.22
CA GLU JA 277 -82.31 130.39 17.41
C GLU JA 277 -83.59 131.06 17.89
N LYS JA 278 -84.61 131.05 17.04
CA LYS JA 278 -85.80 131.84 17.36
C LYS JA 278 -86.91 131.51 16.39
N VAL JA 279 -88.15 131.79 16.80
CA VAL JA 279 -89.30 131.49 15.96
C VAL JA 279 -90.41 132.47 16.28
N VAL JA 280 -91.28 132.71 15.29
CA VAL JA 280 -92.48 133.50 15.46
C VAL JA 280 -93.64 132.81 14.75
N MET JA 281 -94.84 132.96 15.31
CA MET JA 281 -96.03 132.31 14.79
C MET JA 281 -97.23 133.25 14.84
N ARG JA 282 -97.70 133.65 13.68
CA ARG JA 282 -98.89 134.50 13.58
C ARG JA 282 -100.08 133.57 13.34
N LEU JA 283 -100.83 133.26 14.39
CA LEU JA 283 -101.92 132.30 14.28
C LEU JA 283 -103.09 132.91 13.50
N LEU JA 284 -103.65 132.12 12.58
CA LEU JA 284 -104.80 132.53 11.80
C LEU JA 284 -106.09 132.56 12.61
N ASP JA 285 -106.05 132.38 13.93
CA ASP JA 285 -107.25 132.60 14.71
C ASP JA 285 -107.67 134.05 14.52
N LYS JA 286 -108.78 134.26 13.84
CA LYS JA 286 -109.26 135.61 13.56
C LYS JA 286 -110.60 135.88 14.24
N SER JA 287 -111.65 135.10 13.93
CA SER JA 287 -113.01 135.45 14.30
C SER JA 287 -113.35 136.77 13.63
N ASN JA 288 -113.58 136.71 12.33
CA ASN JA 288 -113.76 137.88 11.50
C ASN JA 288 -115.06 138.61 11.85
N LEU JA 289 -114.98 139.92 12.04
CA LEU JA 289 -116.18 140.70 12.39
C LEU JA 289 -117.24 140.54 11.30
N GLN JA 290 -118.50 140.59 11.72
CA GLN JA 290 -119.65 140.31 10.88
C GLN JA 290 -120.46 141.58 10.64
N LEU JA 291 -121.54 141.46 9.85
CA LEU JA 291 -122.54 142.52 9.77
C LEU JA 291 -123.23 142.76 11.10
N ASP JA 292 -123.12 141.83 12.04
CA ASP JA 292 -123.48 142.09 13.42
C ASP JA 292 -122.87 143.39 13.92
N MET JA 293 -121.86 143.91 13.22
CA MET JA 293 -121.29 145.23 13.47
C MET JA 293 -122.11 146.41 13.00
N THR JA 294 -123.42 146.30 12.75
CA THR JA 294 -124.15 147.51 13.04
C THR JA 294 -124.35 147.68 14.53
N LYS JA 295 -123.88 146.70 15.30
CA LYS JA 295 -123.75 146.91 16.73
C LYS JA 295 -122.75 148.00 16.99
N LEU JA 296 -121.63 147.88 16.33
CA LEU JA 296 -120.59 148.80 16.64
C LEU JA 296 -120.81 150.15 15.93
N GLY JA 297 -122.00 150.34 15.35
CA GLY JA 297 -122.36 151.62 14.76
C GLY JA 297 -121.54 151.96 13.55
N PHE JA 298 -120.83 150.98 13.02
CA PHE JA 298 -119.97 151.32 11.92
C PHE JA 298 -120.80 151.51 10.67
N ASP JA 299 -121.40 150.47 10.16
CA ASP JA 299 -122.22 150.75 9.00
C ASP JA 299 -123.69 150.54 9.34
N ALA JA 300 -124.52 151.47 8.90
CA ALA JA 300 -125.95 151.32 9.12
C ALA JA 300 -126.47 150.09 8.37
N GLN JA 301 -127.43 149.42 9.01
CA GLN JA 301 -128.15 148.34 8.32
C GLN JA 301 -128.60 148.71 6.92
N PRO JA 302 -129.22 149.86 6.68
CA PRO JA 302 -129.63 150.21 5.31
C PRO JA 302 -128.50 150.09 4.31
N LEU JA 303 -127.35 150.70 4.60
CA LEU JA 303 -126.23 150.65 3.68
C LEU JA 303 -125.74 149.22 3.48
N ALA JA 304 -125.74 148.43 4.55
CA ALA JA 304 -125.30 147.04 4.42
C ALA JA 304 -126.23 146.24 3.52
N TRP JA 305 -127.53 146.51 3.57
CA TRP JA 305 -128.43 145.91 2.60
C TRP JA 305 -128.10 146.35 1.19
N PHE JA 306 -127.85 147.64 1.01
CA PHE JA 306 -127.48 148.12 -0.34
C PHE JA 306 -126.23 147.40 -0.83
N LYS JA 307 -125.25 147.19 0.04
CA LYS JA 307 -124.04 146.47 -0.36
C LYS JA 307 -124.33 145.00 -0.61
N GLU JA 308 -125.16 144.39 0.22
CA GLU JA 308 -125.59 143.01 0.00
C GLU JA 308 -126.14 142.81 -1.39
N ALA JA 309 -127.23 143.54 -1.69
CA ALA JA 309 -127.60 143.72 -3.09
C ALA JA 309 -126.33 143.82 -3.94
N ILE JA 310 -125.71 145.00 -3.98
CA ILE JA 310 -124.55 145.30 -4.85
C ILE JA 310 -123.65 144.09 -5.08
N ASP JA 311 -123.34 143.34 -4.03
CA ASP JA 311 -122.38 142.24 -4.17
C ASP JA 311 -123.03 141.06 -4.87
N ARG JA 312 -124.34 140.91 -4.72
CA ARG JA 312 -125.01 139.85 -5.48
C ARG JA 312 -124.97 140.07 -7.00
N PRO JA 313 -125.25 141.26 -7.55
CA PRO JA 313 -125.10 141.47 -9.00
C PRO JA 313 -123.71 141.83 -9.45
N TYR JA 314 -122.70 141.70 -8.59
CA TYR JA 314 -121.31 141.69 -9.01
C TYR JA 314 -120.75 143.08 -9.24
N GLY JA 315 -121.30 144.06 -8.54
CA GLY JA 315 -120.68 145.39 -8.49
C GLY JA 315 -119.36 145.33 -7.74
N MET JA 316 -118.29 145.77 -8.40
CA MET JA 316 -116.94 145.70 -7.84
C MET JA 316 -116.72 146.83 -6.84
N VAL JA 317 -115.99 146.55 -5.76
CA VAL JA 317 -115.83 147.55 -4.69
C VAL JA 317 -114.43 147.51 -4.09
N LEU JA 318 -113.93 148.70 -3.77
CA LEU JA 318 -112.66 148.85 -3.08
C LEU JA 318 -112.91 149.56 -1.75
N VAL JA 319 -112.27 149.05 -0.69
CA VAL JA 319 -112.35 149.64 0.64
C VAL JA 319 -111.05 150.42 0.87
N THR JA 320 -111.20 151.73 0.97
CA THR JA 320 -110.13 152.70 1.19
C THR JA 320 -110.26 153.27 2.60
N GLY JA 321 -109.12 153.65 3.17
CA GLY JA 321 -109.09 154.25 4.50
C GLY JA 321 -107.66 154.45 4.97
N PRO JA 322 -107.45 155.40 5.89
CA PRO JA 322 -106.12 155.52 6.53
C PRO JA 322 -105.75 154.23 7.23
N THR JA 323 -104.58 154.17 7.85
CA THR JA 323 -104.21 152.91 8.47
C THR JA 323 -104.88 152.74 9.83
N GLY JA 324 -105.30 151.51 10.11
CA GLY JA 324 -106.01 151.23 11.35
C GLY JA 324 -107.45 151.69 11.31
N SER JA 325 -108.04 151.76 10.13
CA SER JA 325 -109.37 152.34 9.99
C SER JA 325 -110.48 151.30 9.79
N GLY JA 326 -110.17 150.10 9.33
CA GLY JA 326 -111.22 149.11 9.11
C GLY JA 326 -111.20 148.37 7.80
N LYS JA 327 -110.38 148.78 6.81
CA LYS JA 327 -110.46 148.27 5.44
C LYS JA 327 -110.69 146.76 5.38
N THR JA 328 -109.70 145.98 5.82
CA THR JA 328 -109.79 144.52 5.71
C THR JA 328 -110.99 143.97 6.48
N THR JA 329 -111.19 144.43 7.71
CA THR JA 329 -112.34 143.96 8.49
C THR JA 329 -113.62 144.14 7.71
N THR JA 330 -113.89 145.38 7.29
CA THR JA 330 -115.09 145.69 6.52
C THR JA 330 -115.21 144.81 5.28
N LEU JA 331 -114.14 144.70 4.51
CA LEU JA 331 -114.17 143.85 3.32
C LEU JA 331 -114.62 142.44 3.68
N TYR JA 332 -113.86 141.82 4.57
CA TYR JA 332 -114.15 140.47 5.04
C TYR JA 332 -115.58 140.35 5.55
N SER JA 333 -116.06 141.41 6.20
CA SER JA 333 -117.45 141.46 6.64
C SER JA 333 -118.40 141.35 5.45
N ALA JA 334 -118.20 142.17 4.43
CA ALA JA 334 -119.11 142.18 3.30
C ALA JA 334 -119.10 140.83 2.57
N LEU JA 335 -117.92 140.21 2.37
CA LEU JA 335 -117.94 138.92 1.68
C LEU JA 335 -118.55 137.85 2.57
N SER JA 336 -118.20 137.90 3.86
CA SER JA 336 -118.63 136.88 4.80
C SER JA 336 -120.13 136.93 4.99
N SER JA 337 -120.68 138.13 5.03
CA SER JA 337 -122.10 138.27 5.25
C SER JA 337 -122.90 137.72 4.10
N LEU JA 338 -122.40 137.74 2.87
CA LEU JA 338 -123.19 137.25 1.76
C LEU JA 338 -123.22 135.73 1.76
N ASN JA 339 -124.31 135.16 1.27
CA ASN JA 339 -124.28 133.76 0.86
C ASN JA 339 -123.41 133.63 -0.37
N GLY JA 340 -122.20 133.11 -0.21
CA GLY JA 340 -121.41 132.81 -1.38
C GLY JA 340 -121.37 131.35 -1.73
N LEU JA 341 -122.38 130.57 -1.31
CA LEU JA 341 -122.34 129.13 -1.49
C LEU JA 341 -122.54 128.70 -2.93
N ASP JA 342 -123.15 129.55 -3.77
CA ASP JA 342 -123.48 129.17 -5.15
C ASP JA 342 -122.56 129.82 -6.17
N THR JA 343 -121.48 130.47 -5.73
CA THR JA 343 -120.60 131.18 -6.64
C THR JA 343 -119.17 130.78 -6.32
N ASN JA 344 -118.34 130.66 -7.35
CA ASN JA 344 -116.94 130.36 -7.15
C ASN JA 344 -116.20 131.66 -6.83
N ILE JA 345 -115.62 131.71 -5.62
CA ILE JA 345 -114.85 132.84 -5.13
C ILE JA 345 -113.44 132.37 -4.89
N CYS JA 346 -112.58 133.32 -4.72
CA CYS JA 346 -111.32 133.21 -5.37
C CYS JA 346 -110.45 134.39 -4.92
N THR JA 347 -109.49 134.13 -4.01
CA THR JA 347 -108.81 135.19 -3.26
C THR JA 347 -107.29 135.10 -3.38
N ALA JA 348 -106.63 136.26 -3.50
CA ALA JA 348 -105.18 136.35 -3.60
C ALA JA 348 -104.69 137.32 -2.52
N GLU JA 349 -103.94 136.81 -1.55
CA GLU JA 349 -103.44 137.66 -0.46
C GLU JA 349 -101.95 137.49 -0.29
N ASP JA 350 -101.29 138.54 0.24
CA ASP JA 350 -99.87 138.44 0.55
C ASP JA 350 -99.70 137.56 1.78
N PRO JA 351 -100.45 137.80 2.91
CA PRO JA 351 -100.74 136.67 3.83
C PRO JA 351 -102.21 136.45 4.19
N VAL JA 352 -102.59 135.25 4.65
CA VAL JA 352 -103.97 135.00 5.08
C VAL JA 352 -104.44 136.12 5.99
N GLU JA 353 -105.63 136.62 5.70
CA GLU JA 353 -106.33 137.40 6.69
C GLU JA 353 -107.80 137.09 6.57
N PHE JA 354 -108.20 136.62 5.39
CA PHE JA 354 -109.61 136.48 5.06
C PHE JA 354 -110.16 135.14 5.50
N ASN JA 355 -111.19 135.18 6.31
CA ASN JA 355 -111.94 134.00 6.71
C ASN JA 355 -113.30 134.05 6.02
N PHE JA 356 -113.67 132.95 5.36
CA PHE JA 356 -114.98 132.87 4.73
C PHE JA 356 -115.62 131.51 4.98
N ALA JA 357 -116.87 131.54 5.43
CA ALA JA 357 -117.66 130.33 5.66
C ALA JA 357 -118.36 129.90 4.37
N GLY JA 358 -117.55 129.56 3.38
CA GLY JA 358 -118.08 129.17 2.09
C GLY JA 358 -117.19 128.17 1.38
N ILE JA 359 -117.84 127.34 0.60
CA ILE JA 359 -117.34 126.06 0.16
C ILE JA 359 -116.61 126.33 -1.18
N ASN JA 360 -117.30 126.81 -2.23
CA ASN JA 360 -116.66 127.15 -3.52
C ASN JA 360 -115.64 128.27 -3.43
N GLN JA 361 -114.50 127.99 -2.84
CA GLN JA 361 -113.56 129.08 -2.64
C GLN JA 361 -112.14 128.55 -2.72
N VAL JA 362 -111.34 129.26 -3.50
CA VAL JA 362 -109.93 128.98 -3.66
C VAL JA 362 -109.19 130.13 -3.00
N GLN JA 363 -108.37 129.81 -2.02
CA GLN JA 363 -107.54 130.81 -1.36
C GLN JA 363 -106.10 130.62 -1.79
N MET JA 364 -105.52 131.69 -2.33
CA MET JA 364 -104.21 131.74 -2.93
C MET JA 364 -103.34 132.72 -2.18
N HIS JA 365 -102.14 132.29 -1.82
CA HIS JA 365 -101.22 133.14 -1.08
C HIS JA 365 -99.89 133.25 -1.77
N ASP JA 366 -99.43 134.49 -1.84
CA ASP JA 366 -98.10 134.81 -2.31
C ASP JA 366 -97.06 133.93 -1.64
N ASP JA 367 -96.18 133.36 -2.45
CA ASP JA 367 -95.05 132.58 -1.98
C ASP JA 367 -93.76 133.22 -2.47
N ILE JA 368 -92.63 132.62 -2.06
CA ILE JA 368 -91.31 133.17 -2.39
C ILE JA 368 -91.26 133.45 -3.88
N GLY JA 369 -90.92 134.68 -4.25
CA GLY JA 369 -90.57 134.96 -5.62
C GLY JA 369 -91.75 135.10 -6.56
N LEU JA 370 -92.97 135.12 -6.04
CA LEU JA 370 -94.16 135.35 -6.81
C LEU JA 370 -94.64 136.76 -6.56
N ASN JA 371 -95.00 137.45 -7.62
CA ASN JA 371 -95.68 138.72 -7.49
C ASN JA 371 -97.17 138.45 -7.32
N PHE JA 372 -97.86 139.42 -6.70
CA PHE JA 372 -99.32 139.34 -6.63
C PHE JA 372 -99.94 139.08 -7.99
N ALA JA 373 -99.33 139.66 -9.02
CA ALA JA 373 -99.85 139.54 -10.37
C ALA JA 373 -99.79 138.11 -10.88
N ALA JA 374 -98.75 137.36 -10.50
CA ALA JA 374 -98.68 135.96 -10.91
C ALA JA 374 -99.93 135.21 -10.49
N ALA JA 375 -100.33 135.37 -9.22
CA ALA JA 375 -101.48 134.66 -8.70
C ALA JA 375 -102.78 135.19 -9.27
N LEU JA 376 -102.96 136.52 -9.35
CA LEU JA 376 -104.20 137.03 -9.94
C LEU JA 376 -104.32 136.65 -11.41
N ARG JA 377 -103.31 137.01 -12.19
CA ARG JA 377 -103.16 136.69 -13.62
C ARG JA 377 -103.57 135.26 -13.90
N SER JA 378 -103.20 134.35 -13.00
CA SER JA 378 -103.43 132.92 -13.13
C SER JA 378 -104.44 132.55 -12.07
N PHE JA 379 -105.71 132.78 -12.38
CA PHE JA 379 -106.74 132.74 -11.36
C PHE JA 379 -108.03 133.37 -11.87
N LEU JA 380 -107.92 134.64 -12.25
CA LEU JA 380 -108.76 135.14 -13.32
C LEU JA 380 -108.82 134.14 -14.46
N ARG JA 381 -107.76 133.35 -14.65
CA ARG JA 381 -107.75 132.42 -15.77
C ARG JA 381 -108.79 131.32 -15.59
N GLN JA 382 -108.97 130.81 -14.37
CA GLN JA 382 -110.08 129.89 -14.20
C GLN JA 382 -111.38 130.69 -14.20
N ASP JA 383 -112.42 130.16 -13.57
CA ASP JA 383 -113.66 130.93 -13.65
C ASP JA 383 -114.09 131.39 -12.28
N PRO JA 384 -113.55 132.49 -11.76
CA PRO JA 384 -114.10 133.04 -10.53
C PRO JA 384 -115.29 133.94 -10.83
N ASP JA 385 -116.38 133.68 -10.10
CA ASP JA 385 -117.46 134.65 -10.07
C ASP JA 385 -117.07 135.88 -9.27
N ILE JA 386 -116.32 135.66 -8.17
CA ILE JA 386 -115.83 136.73 -7.31
C ILE JA 386 -114.33 136.55 -7.06
N ILE JA 387 -113.62 137.67 -7.17
CA ILE JA 387 -112.18 137.78 -6.97
C ILE JA 387 -111.96 138.73 -5.80
N MET JA 388 -111.20 138.29 -4.81
CA MET JA 388 -110.84 139.15 -3.69
C MET JA 388 -109.33 139.28 -3.64
N ILE JA 389 -108.84 140.51 -3.74
CA ILE JA 389 -107.43 140.81 -3.61
C ILE JA 389 -107.25 141.49 -2.26
N GLY JA 390 -106.51 140.83 -1.36
CA GLY JA 390 -106.29 141.34 -0.02
C GLY JA 390 -106.11 142.84 0.05
N GLU JA 391 -105.13 143.34 -0.70
CA GLU JA 391 -104.88 144.78 -0.82
C GLU JA 391 -103.97 145.02 -2.01
N ILE JA 392 -104.32 145.98 -2.85
CA ILE JA 392 -103.51 146.27 -4.04
C ILE JA 392 -102.30 147.09 -3.61
N ARG JA 393 -101.10 146.51 -3.81
CA ARG JA 393 -99.84 147.17 -3.48
C ARG JA 393 -98.78 147.12 -4.57
N ASP JA 394 -98.78 146.14 -5.46
CA ASP JA 394 -98.06 146.29 -6.71
C ASP JA 394 -99.12 146.64 -7.71
N PHE JA 395 -99.02 147.82 -8.33
CA PHE JA 395 -100.17 148.02 -9.21
C PHE JA 395 -100.11 147.18 -10.55
N GLU JA 396 -98.98 146.45 -10.88
CA GLU JA 396 -99.11 145.44 -11.95
C GLU JA 396 -100.22 144.44 -11.63
N THR JA 397 -100.41 144.07 -10.36
CA THR JA 397 -101.64 143.33 -10.07
C THR JA 397 -102.90 144.20 -10.15
N ALA JA 398 -102.86 145.42 -9.59
CA ALA JA 398 -104.01 146.33 -9.74
C ALA JA 398 -104.57 146.26 -11.14
N GLU JA 399 -103.68 146.37 -12.13
CA GLU JA 399 -104.06 146.35 -13.53
C GLU JA 399 -104.82 145.08 -13.89
N ILE JA 400 -104.28 143.92 -13.51
CA ILE JA 400 -105.02 142.68 -13.73
C ILE JA 400 -106.40 142.78 -13.09
N GLY JA 401 -106.47 143.30 -11.87
CA GLY JA 401 -107.74 143.41 -11.17
C GLY JA 401 -108.79 144.19 -11.94
N VAL JA 402 -108.47 145.42 -12.35
CA VAL JA 402 -109.43 146.21 -13.08
C VAL JA 402 -109.72 145.62 -14.46
N LYS JA 403 -108.76 144.88 -15.01
CA LYS JA 403 -109.07 144.10 -16.20
C LYS JA 403 -110.14 143.07 -15.90
N ALA JA 404 -110.00 142.37 -14.77
CA ALA JA 404 -111.02 141.42 -14.32
C ALA JA 404 -112.37 142.08 -14.16
N ALA JA 405 -112.37 143.32 -13.67
CA ALA JA 405 -113.62 144.04 -13.56
C ALA JA 405 -114.22 144.30 -14.95
N LEU JA 406 -113.38 144.63 -15.93
CA LEU JA 406 -113.99 144.94 -17.23
C LEU JA 406 -114.44 143.68 -17.97
N THR JA 407 -113.85 142.50 -17.70
CA THR JA 407 -114.53 141.29 -18.20
C THR JA 407 -115.95 141.23 -17.68
N GLY JA 408 -116.14 141.60 -16.42
CA GLY JA 408 -117.40 141.47 -15.71
C GLY JA 408 -117.35 140.51 -14.54
N HIS JA 409 -116.17 140.20 -14.03
CA HIS JA 409 -116.12 139.55 -12.73
C HIS JA 409 -116.55 140.54 -11.65
N LEU JA 410 -116.84 139.99 -10.47
CA LEU JA 410 -117.04 140.76 -9.24
C LEU JA 410 -115.71 140.79 -8.50
N VAL JA 411 -115.02 141.91 -8.58
CA VAL JA 411 -113.74 142.05 -7.93
C VAL JA 411 -113.90 142.94 -6.69
N LEU JA 412 -113.08 142.69 -5.69
CA LEU JA 412 -113.10 143.45 -4.45
C LEU JA 412 -111.67 143.53 -3.92
N SER JA 413 -111.35 144.66 -3.32
CA SER JA 413 -110.00 144.76 -2.76
C SER JA 413 -109.92 145.95 -1.80
N THR JA 414 -108.73 146.13 -1.24
CA THR JA 414 -108.44 147.15 -0.24
C THR JA 414 -107.35 148.07 -0.76
N LEU JA 415 -107.37 149.33 -0.31
CA LEU JA 415 -106.34 150.28 -0.72
C LEU JA 415 -106.06 151.28 0.39
N HIS JA 416 -104.78 151.56 0.62
CA HIS JA 416 -104.37 152.50 1.66
C HIS JA 416 -104.47 153.93 1.14
N THR JA 417 -105.46 154.66 1.64
CA THR JA 417 -105.67 156.05 1.24
C THR JA 417 -106.84 156.63 2.03
N ASN JA 418 -106.94 157.96 2.02
CA ASN JA 418 -107.87 158.66 2.90
C ASN JA 418 -108.98 159.42 2.20
N ASP JA 419 -108.89 159.63 0.89
CA ASP JA 419 -109.98 160.27 0.14
C ASP JA 419 -109.73 159.97 -1.33
N ALA JA 420 -110.36 160.78 -2.18
CA ALA JA 420 -110.43 160.47 -3.61
C ALA JA 420 -109.15 160.79 -4.36
N PRO JA 421 -108.41 161.86 -4.05
CA PRO JA 421 -107.15 162.04 -4.79
C PRO JA 421 -106.17 161.02 -4.22
N GLY JA 422 -106.26 160.76 -2.91
CA GLY JA 422 -105.48 159.68 -2.34
C GLY JA 422 -105.54 158.41 -3.16
N THR JA 423 -106.72 157.79 -3.26
CA THR JA 423 -106.81 156.59 -4.08
C THR JA 423 -106.46 156.89 -5.51
N VAL JA 424 -107.29 157.67 -6.22
CA VAL JA 424 -107.08 157.75 -7.67
C VAL JA 424 -105.62 157.97 -7.99
N SER JA 425 -105.00 159.00 -7.39
CA SER JA 425 -103.54 159.15 -7.44
C SER JA 425 -102.84 157.82 -7.22
N ARG JA 426 -103.06 157.26 -6.03
CA ARG JA 426 -102.50 155.96 -5.73
C ARG JA 426 -102.80 154.94 -6.79
N LEU JA 427 -103.98 154.90 -7.41
CA LEU JA 427 -104.24 153.82 -8.37
C LEU JA 427 -103.59 154.08 -9.70
N LEU JA 428 -103.58 155.34 -10.15
CA LEU JA 428 -103.08 155.71 -11.45
C LEU JA 428 -101.57 155.64 -11.52
N ASN JA 429 -100.88 155.64 -10.39
CA ASN JA 429 -99.42 155.71 -10.52
C ASN JA 429 -98.60 154.42 -10.91
N MET JA 430 -99.21 153.25 -11.13
CA MET JA 430 -98.56 152.19 -11.91
C MET JA 430 -99.30 151.83 -13.20
N GLY JA 431 -100.08 152.78 -13.71
CA GLY JA 431 -100.52 152.79 -15.11
C GLY JA 431 -101.95 152.35 -15.49
N ILE JA 432 -102.79 151.98 -14.54
CA ILE JA 432 -104.21 151.94 -14.83
C ILE JA 432 -104.68 153.38 -14.87
N GLU JA 433 -105.53 153.70 -15.89
CA GLU JA 433 -106.31 154.91 -16.15
C GLU JA 433 -107.57 154.92 -15.30
N PRO JA 434 -108.12 156.09 -15.04
CA PRO JA 434 -109.40 156.12 -14.34
C PRO JA 434 -110.51 155.69 -15.25
N PHE JA 435 -110.36 155.65 -16.59
CA PHE JA 435 -111.47 155.01 -17.29
C PHE JA 435 -111.54 153.55 -16.92
N LEU JA 436 -110.40 152.88 -16.80
CA LEU JA 436 -110.50 151.45 -16.55
C LEU JA 436 -110.91 151.20 -15.08
N VAL JA 437 -110.21 151.80 -14.12
CA VAL JA 437 -110.63 151.62 -12.72
C VAL JA 437 -111.99 152.26 -12.47
N THR JA 438 -112.07 153.61 -12.48
CA THR JA 438 -113.35 154.29 -12.21
C THR JA 438 -114.46 153.85 -13.16
N ALA JA 439 -114.11 153.46 -14.38
CA ALA JA 439 -115.23 153.08 -15.23
C ALA JA 439 -115.75 151.70 -14.87
N SER JA 440 -114.86 150.83 -14.43
CA SER JA 440 -115.25 149.48 -14.08
C SER JA 440 -115.34 149.25 -12.58
N LEU JA 441 -114.82 150.17 -11.77
CA LEU JA 441 -115.06 150.13 -10.33
C LEU JA 441 -116.45 150.67 -10.06
N ASN JA 442 -117.24 149.94 -9.28
CA ASN JA 442 -118.60 150.40 -8.96
C ASN JA 442 -118.61 151.23 -7.68
N LEU JA 443 -118.27 150.64 -6.54
CA LEU JA 443 -118.39 151.33 -5.27
C LEU JA 443 -117.05 151.36 -4.53
N ILE JA 444 -116.81 152.47 -3.84
CA ILE JA 444 -115.61 152.69 -3.05
C ILE JA 444 -116.05 153.13 -1.67
N LEU JA 445 -115.84 152.28 -0.67
CA LEU JA 445 -116.12 152.68 0.69
C LEU JA 445 -114.88 153.37 1.27
N ALA JA 446 -115.11 154.36 2.13
CA ALA JA 446 -114.03 155.02 2.86
C ALA JA 446 -114.26 154.79 4.34
N GLN JA 447 -113.27 154.20 5.00
CA GLN JA 447 -113.32 153.83 6.41
C GLN JA 447 -112.47 154.80 7.23
N ARG JA 448 -112.81 154.94 8.51
CA ARG JA 448 -112.15 155.87 9.41
C ARG JA 448 -112.01 155.29 10.80
N LEU JA 449 -111.10 155.90 11.56
CA LEU JA 449 -111.09 155.82 13.02
C LEU JA 449 -111.38 157.22 13.56
N ALA JA 450 -112.52 157.35 14.23
CA ALA JA 450 -112.92 158.49 15.04
C ALA JA 450 -112.76 158.09 16.50
N ARG JA 451 -112.20 158.95 17.32
CA ARG JA 451 -112.31 158.67 18.75
C ARG JA 451 -112.60 160.05 19.42
N ARG JA 452 -113.15 159.97 20.61
CA ARG JA 452 -113.56 161.19 21.33
C ARG JA 452 -113.02 161.02 22.75
N LEU JA 453 -111.73 161.25 22.90
CA LEU JA 453 -111.03 160.82 24.11
C LEU JA 453 -110.99 159.31 23.98
N CYS JA 454 -111.55 158.54 24.94
CA CYS JA 454 -111.36 157.11 24.88
C CYS JA 454 -112.37 156.29 24.05
N PRO JA 455 -113.39 156.82 23.29
CA PRO JA 455 -114.07 155.82 22.48
C PRO JA 455 -113.21 155.69 21.27
N ALA JA 456 -113.13 154.46 20.81
CA ALA JA 456 -112.43 154.02 19.62
C ALA JA 456 -113.56 153.65 18.68
N CYS JA 457 -113.69 154.38 17.58
CA CYS JA 457 -114.81 154.25 16.67
C CYS JA 457 -114.26 154.03 15.27
N LYS JA 458 -114.83 153.08 14.53
CA LYS JA 458 -114.43 152.85 13.14
C LYS JA 458 -115.60 153.08 12.22
N LYS JA 459 -115.56 154.12 11.44
CA LYS JA 459 -116.84 154.24 10.76
C LYS JA 459 -116.65 154.27 9.26
N PRO JA 460 -117.67 153.94 8.47
CA PRO JA 460 -117.52 154.21 7.04
C PRO JA 460 -117.85 155.68 6.85
N ALA JA 461 -116.79 156.48 6.75
CA ALA JA 461 -116.98 157.88 6.42
C ALA JA 461 -117.92 158.08 5.24
N GLU JA 462 -117.81 157.25 4.19
CA GLU JA 462 -118.65 157.53 3.04
C GLU JA 462 -118.80 156.32 2.12
N CYS JA 490 -119.41 155.61 -1.64
CA CYS JA 490 -119.11 156.41 -2.82
C CYS JA 490 -119.40 155.58 -4.06
N ARG JA 491 -120.30 156.08 -4.88
CA ARG JA 491 -120.74 155.36 -6.07
C ARG JA 491 -119.96 155.90 -7.27
N ASP JA 492 -119.15 155.07 -7.91
CA ASP JA 492 -118.41 155.55 -9.07
C ASP JA 492 -119.29 155.39 -10.31
N CYS JA 493 -119.78 156.50 -10.86
CA CYS JA 493 -120.69 156.40 -12.00
C CYS JA 493 -119.97 156.00 -13.27
N ASN JA 494 -118.78 156.56 -13.50
CA ASN JA 494 -117.97 156.36 -14.71
C ASN JA 494 -116.96 157.47 -14.95
N ASP JA 495 -116.59 157.58 -16.23
CA ASP JA 495 -115.69 158.53 -16.85
C ASP JA 495 -116.48 159.60 -17.57
N ARG JA 496 -115.78 160.65 -17.93
CA ARG JA 496 -116.36 161.72 -18.72
C ARG JA 496 -115.49 161.94 -19.95
N GLY JA 497 -116.08 162.12 -21.12
CA GLY JA 497 -115.29 162.47 -22.29
C GLY JA 497 -114.98 163.96 -22.24
N TYR JA 498 -113.69 164.31 -22.30
CA TYR JA 498 -113.25 165.68 -22.07
C TYR JA 498 -113.65 166.11 -20.66
N ARG JA 499 -112.72 166.14 -19.71
CA ARG JA 499 -113.24 165.94 -18.37
C ARG JA 499 -112.44 166.48 -17.19
N GLY JA 500 -112.69 165.83 -16.04
CA GLY JA 500 -111.82 165.76 -14.90
C GLY JA 500 -111.85 164.31 -14.44
N ARG JA 501 -112.76 163.55 -15.09
CA ARG JA 501 -112.84 162.08 -15.21
C ARG JA 501 -113.84 161.41 -14.30
N VAL JA 502 -113.26 160.91 -13.22
CA VAL JA 502 -113.87 160.10 -12.20
C VAL JA 502 -115.19 160.70 -11.79
N ALA JA 503 -116.29 160.19 -12.33
CA ALA JA 503 -117.62 160.67 -11.96
C ALA JA 503 -118.08 159.89 -10.74
N ILE JA 504 -118.25 160.60 -9.63
CA ILE JA 504 -118.55 159.98 -8.34
C ILE JA 504 -119.80 160.62 -7.76
N TYR JA 505 -120.75 159.78 -7.37
CA TYR JA 505 -121.97 160.17 -6.69
C TYR JA 505 -121.94 159.64 -5.27
N GLU JA 506 -121.84 160.54 -4.31
CA GLU JA 506 -121.71 160.16 -2.90
C GLU JA 506 -123.08 159.83 -2.34
N VAL JA 507 -123.29 158.57 -2.01
CA VAL JA 507 -124.56 158.07 -1.50
C VAL JA 507 -124.71 158.46 -0.04
N MET JA 508 -123.81 157.95 0.80
CA MET JA 508 -123.88 158.15 2.25
C MET JA 508 -122.63 158.89 2.75
N PRO JA 509 -122.82 160.01 3.46
CA PRO JA 509 -121.76 160.53 4.33
C PRO JA 509 -121.93 160.25 5.82
N PHE JA 510 -120.86 160.29 6.60
CA PHE JA 510 -120.94 160.15 8.05
C PHE JA 510 -120.65 161.47 8.75
N TRP JA 511 -121.63 161.98 9.49
CA TRP JA 511 -121.43 163.13 10.36
C TRP JA 511 -120.93 162.65 11.71
N ASP JA 512 -119.72 163.10 12.07
CA ASP JA 512 -119.09 162.75 13.33
C ASP JA 512 -119.67 163.53 14.50
N GLY JA 513 -120.20 164.74 14.25
CA GLY JA 513 -120.73 165.55 15.33
C GLY JA 513 -121.90 164.89 16.03
N LEU JA 514 -122.74 164.19 15.29
CA LEU JA 514 -123.85 163.45 15.87
C LEU JA 514 -123.69 161.94 15.75
N LYS JA 515 -122.59 161.46 15.18
CA LYS JA 515 -122.37 160.05 14.90
C LYS JA 515 -123.58 159.45 14.17
N GLU JA 516 -123.78 159.96 12.96
CA GLU JA 516 -124.93 159.56 12.15
C GLU JA 516 -124.51 159.42 10.70
N LEU JA 517 -125.18 158.52 9.99
CA LEU JA 517 -124.98 158.36 8.56
C LEU JA 517 -126.14 159.04 7.85
N VAL JA 518 -125.83 160.03 7.03
CA VAL JA 518 -126.80 160.78 6.27
C VAL JA 518 -126.74 160.32 4.82
N ILE JA 519 -127.88 160.32 4.17
CA ILE JA 519 -127.97 160.17 2.72
C ILE JA 519 -127.82 161.56 2.11
N ASN JA 520 -126.91 161.70 1.14
CA ASN JA 520 -126.56 163.02 0.60
C ASN JA 520 -126.83 163.08 -0.91
N GLY JA 521 -128.09 163.18 -1.30
CA GLY JA 521 -128.48 163.35 -2.68
C GLY JA 521 -128.56 162.09 -3.48
N ALA JA 522 -128.33 160.92 -2.86
CA ALA JA 522 -128.64 159.65 -3.51
C ALA JA 522 -130.15 159.52 -3.70
N SER JA 523 -130.54 159.01 -4.87
CA SER JA 523 -131.93 158.70 -5.18
C SER JA 523 -132.03 157.24 -5.57
N ALA JA 524 -133.24 156.69 -5.45
CA ALA JA 524 -133.50 155.33 -5.90
C ALA JA 524 -133.23 155.17 -7.39
N ALA JA 525 -133.37 156.25 -8.18
CA ALA JA 525 -133.11 156.17 -9.61
C ALA JA 525 -131.63 155.93 -9.92
N GLU JA 526 -130.74 156.22 -8.96
CA GLU JA 526 -129.32 155.98 -9.16
C GLU JA 526 -129.00 154.50 -9.18
N LEU JA 527 -129.22 153.82 -8.05
CA LEU JA 527 -128.88 152.40 -7.92
C LEU JA 527 -129.73 151.50 -8.80
N LYS JA 528 -130.40 152.08 -9.81
CA LYS JA 528 -131.26 151.30 -10.69
C LYS JA 528 -130.50 150.22 -11.43
N GLN JA 529 -129.26 150.50 -11.83
CA GLN JA 529 -128.44 149.74 -12.78
C GLN JA 529 -128.76 148.25 -12.91
N GLU JA 530 -129.97 147.93 -13.33
CA GLU JA 530 -130.26 146.51 -13.38
C GLU JA 530 -130.62 146.09 -14.80
N ALA JA 531 -130.41 144.80 -15.07
CA ALA JA 531 -130.57 144.24 -16.40
C ALA JA 531 -132.04 144.15 -16.82
N ILE JA 532 -132.93 143.83 -15.88
CA ILE JA 532 -134.37 143.94 -16.16
C ILE JA 532 -135.17 144.51 -15.00
N ARG JA 533 -136.50 144.46 -15.16
CA ARG JA 533 -137.43 144.84 -14.11
C ARG JA 533 -137.41 143.87 -12.95
N LEU JA 534 -137.38 142.56 -13.21
CA LEU JA 534 -137.39 141.62 -12.10
C LEU JA 534 -136.11 141.74 -11.27
N GLY JA 535 -134.96 141.85 -11.93
CA GLY JA 535 -133.73 142.10 -11.20
C GLY JA 535 -133.81 143.34 -10.34
N MET JA 536 -134.32 144.45 -10.90
CA MET JA 536 -134.38 145.68 -10.13
C MET JA 536 -135.29 145.53 -8.93
N SER JA 537 -136.43 144.85 -9.13
CA SER JA 537 -137.34 144.58 -8.02
C SER JA 537 -136.65 143.80 -6.91
N SER JA 538 -135.92 142.73 -7.28
CA SER JA 538 -135.13 141.98 -6.30
C SER JA 538 -134.21 142.90 -5.51
N LEU JA 539 -133.53 143.83 -6.20
CA LEU JA 539 -132.69 144.78 -5.48
C LEU JA 539 -133.50 145.60 -4.48
N ARG JA 540 -134.68 146.09 -4.88
CA ARG JA 540 -135.50 146.89 -3.96
C ARG JA 540 -135.86 146.09 -2.71
N MET JA 541 -136.42 144.89 -2.91
CA MET JA 541 -136.74 144.03 -1.79
C MET JA 541 -135.53 143.87 -0.87
N SER JA 542 -134.39 143.45 -1.43
CA SER JA 542 -133.19 143.40 -0.59
C SER JA 542 -132.88 144.75 0.04
N GLY JA 543 -133.29 145.84 -0.59
CA GLY JA 543 -133.05 147.19 -0.10
C GLY JA 543 -133.71 147.39 1.24
N LEU JA 544 -135.01 147.10 1.33
CA LEU JA 544 -135.70 147.24 2.61
C LEU JA 544 -136.01 145.91 3.28
N ARG JA 545 -136.30 144.86 2.50
CA ARG JA 545 -136.55 143.55 3.09
C ARG JA 545 -135.25 142.94 3.63
N LYS JA 546 -134.21 142.86 2.80
CA LYS JA 546 -132.93 142.30 3.28
C LYS JA 546 -132.42 143.08 4.46
N ALA JA 551 -127.46 137.04 16.63
CA ALA JA 551 -126.71 136.14 15.75
C ALA JA 551 -125.46 136.88 15.29
N THR JA 552 -124.36 136.66 16.00
CA THR JA 552 -123.16 137.46 15.77
C THR JA 552 -122.05 136.71 15.05
N THR JA 553 -121.88 135.41 15.30
CA THR JA 553 -120.75 134.66 14.74
C THR JA 553 -120.81 134.62 13.21
N LEU JA 554 -119.62 134.63 12.59
CA LEU JA 554 -119.52 134.56 11.14
C LEU JA 554 -120.09 133.27 10.58
N GLU JA 555 -119.73 132.14 11.17
CA GLU JA 555 -120.27 130.88 10.69
C GLU JA 555 -121.78 130.90 10.68
N GLU JA 556 -122.39 131.33 11.79
CA GLU JA 556 -123.85 131.38 11.87
C GLU JA 556 -124.43 132.46 10.96
N VAL JA 557 -123.80 133.63 10.91
CA VAL JA 557 -124.28 134.73 10.06
C VAL JA 557 -124.28 134.32 8.59
N VAL JA 558 -123.11 133.93 8.06
CA VAL JA 558 -123.07 133.29 6.75
C VAL JA 558 -124.14 132.24 6.64
N GLY JA 559 -124.30 131.45 7.70
CA GLY JA 559 -125.29 130.39 7.68
C GLY JA 559 -126.68 130.91 7.42
N ASN JA 560 -126.99 132.14 7.89
CA ASN JA 560 -128.33 132.73 7.83
C ASN JA 560 -128.48 133.72 6.68
N THR JA 561 -127.39 134.06 6.01
CA THR JA 561 -127.51 134.80 4.76
C THR JA 561 -127.63 133.84 3.60
N ALA JA 562 -126.88 132.73 3.70
CA ALA JA 562 -127.10 131.54 2.88
C ALA JA 562 -128.58 131.27 2.57
N PRO JA 563 -129.47 131.06 3.56
CA PRO JA 563 -130.92 130.85 3.54
C PRO JA 563 -131.63 131.92 2.74
N ILE KA 74 -31.46 142.30 18.54
CA ILE KA 74 -30.89 143.38 19.37
C ILE KA 74 -29.38 143.19 19.68
N LYS KA 75 -28.61 144.30 19.80
CA LYS KA 75 -27.21 144.26 20.25
C LYS KA 75 -26.80 145.58 20.95
N LEU KA 76 -25.97 145.48 21.99
CA LEU KA 76 -25.46 146.64 22.77
C LEU KA 76 -23.94 146.47 22.91
N VAL KA 77 -23.28 147.17 23.85
CA VAL KA 77 -21.87 146.79 24.10
C VAL KA 77 -21.92 145.71 25.18
N PRO KA 78 -21.23 145.74 26.33
CA PRO KA 78 -21.46 144.65 27.27
C PRO KA 78 -22.82 144.78 27.91
N LYS KA 79 -23.42 143.63 28.23
CA LYS KA 79 -24.66 143.63 28.98
C LYS KA 79 -24.54 144.54 30.21
N GLU KA 80 -23.37 144.53 30.85
CA GLU KA 80 -23.16 145.39 32.02
C GLU KA 80 -23.35 146.85 31.66
N VAL KA 81 -22.84 147.29 30.51
CA VAL KA 81 -22.97 148.71 30.16
C VAL KA 81 -24.43 149.08 29.96
N ALA KA 82 -25.22 148.23 29.29
CA ALA KA 82 -26.65 148.49 29.17
C ALA KA 82 -27.28 148.67 30.54
N GLU KA 83 -26.97 147.77 31.47
CA GLU KA 83 -27.64 147.83 32.76
C GLU KA 83 -27.21 149.08 33.54
N LYS KA 84 -25.92 149.43 33.46
CA LYS KA 84 -25.42 150.59 34.16
C LYS KA 84 -26.04 151.88 33.64
N HIS KA 85 -26.12 152.02 32.32
CA HIS KA 85 -26.63 153.24 31.73
C HIS KA 85 -28.12 153.18 31.42
N LEU KA 86 -28.75 152.02 31.61
CA LEU KA 86 -30.19 151.82 31.39
C LEU KA 86 -30.60 152.26 29.98
N VAL KA 87 -29.96 151.64 29.01
CA VAL KA 87 -30.22 151.87 27.59
C VAL KA 87 -30.08 150.54 26.88
N VAL KA 88 -30.75 150.43 25.74
CA VAL KA 88 -30.84 149.14 25.06
C VAL KA 88 -31.09 149.42 23.59
N PRO KA 89 -30.26 148.90 22.70
CA PRO KA 89 -30.58 149.04 21.28
C PRO KA 89 -31.73 148.08 21.01
N VAL KA 90 -32.57 148.40 20.05
CA VAL KA 90 -33.79 147.62 19.85
C VAL KA 90 -34.07 147.37 18.38
N ASN KA 91 -33.25 147.92 17.49
CA ASN KA 91 -33.36 147.64 16.07
C ASN KA 91 -32.32 148.43 15.28
N ARG KA 92 -32.25 148.18 13.98
CA ARG KA 92 -31.40 148.91 13.06
C ARG KA 92 -32.21 149.13 11.80
N ALA KA 93 -32.44 150.38 11.43
CA ALA KA 93 -33.30 150.72 10.32
C ALA KA 93 -32.77 151.96 9.65
N GLY KA 94 -32.80 151.99 8.32
CA GLY KA 94 -32.37 153.16 7.58
C GLY KA 94 -31.06 153.70 8.12
N PRO KA 95 -30.00 153.05 7.71
CA PRO KA 95 -28.73 153.05 8.47
C PRO KA 95 -28.57 153.56 9.90
N SER KA 96 -29.56 153.46 10.77
CA SER KA 96 -29.41 153.97 12.12
C SER KA 96 -29.78 152.91 13.15
N LEU KA 97 -29.10 152.94 14.29
CA LEU KA 97 -29.37 152.06 15.41
C LEU KA 97 -30.41 152.69 16.33
N ILE KA 98 -31.58 152.06 16.43
CA ILE KA 98 -32.59 152.49 17.38
C ILE KA 98 -32.12 152.14 18.78
N VAL KA 99 -32.02 153.15 19.65
CA VAL KA 99 -31.54 152.98 21.01
C VAL KA 99 -32.63 153.48 21.97
N ALA KA 100 -33.17 152.57 22.76
CA ALA KA 100 -34.08 152.96 23.84
C ALA KA 100 -33.25 153.39 25.05
N MET KA 101 -33.55 154.59 25.54
CA MET KA 101 -32.69 155.27 26.50
C MET KA 101 -33.55 155.93 27.56
N CYS KA 102 -33.14 155.77 28.82
CA CYS KA 102 -33.89 156.33 29.93
C CYS KA 102 -33.47 157.76 30.22
N ASP KA 103 -32.20 158.09 30.00
CA ASP KA 103 -31.63 159.39 30.34
C ASP KA 103 -31.05 160.03 29.08
N PRO KA 104 -31.90 160.49 28.15
CA PRO KA 104 -31.39 161.02 26.88
C PRO KA 104 -30.70 162.36 27.00
N SER KA 105 -30.68 162.98 28.18
CA SER KA 105 -29.92 164.19 28.42
C SER KA 105 -28.45 163.92 28.74
N ASN KA 106 -28.07 162.65 28.89
CA ASN KA 106 -26.72 162.30 29.33
C ASN KA 106 -25.84 162.17 28.09
N ILE KA 107 -25.18 163.28 27.72
CA ILE KA 107 -24.34 163.30 26.53
C ILE KA 107 -23.12 162.38 26.69
N PHE KA 108 -22.67 162.15 27.93
CA PHE KA 108 -21.56 161.23 28.12
C PHE KA 108 -21.93 159.82 27.68
N ALA KA 109 -23.08 159.33 28.13
CA ALA KA 109 -23.50 157.98 27.78
C ALA KA 109 -23.76 157.87 26.29
N VAL KA 110 -24.43 158.88 25.72
CA VAL KA 110 -24.74 158.84 24.29
C VAL KA 110 -23.46 158.83 23.47
N ASP KA 111 -22.51 159.69 23.81
CA ASP KA 111 -21.27 159.74 23.05
C ASP KA 111 -20.46 158.46 23.25
N ASP KA 112 -20.55 157.83 24.43
CA ASP KA 112 -19.93 156.53 24.62
C ASP KA 112 -20.54 155.50 23.68
N LEU KA 113 -21.87 155.48 23.55
CA LEU KA 113 -22.50 154.52 22.65
C LEU KA 113 -22.15 154.81 21.19
N LYS KA 114 -22.14 156.09 20.81
CA LYS KA 114 -21.75 156.46 19.45
C LYS KA 114 -20.34 155.99 19.13
N PHE KA 115 -19.41 156.17 20.06
CA PHE KA 115 -18.04 155.77 19.76
C PHE KA 115 -17.89 154.25 19.76
N LEU KA 116 -18.54 153.57 20.71
CA LEU KA 116 -18.30 152.14 20.85
C LEU KA 116 -18.97 151.35 19.73
N THR KA 117 -20.15 151.77 19.29
CA THR KA 117 -20.81 151.08 18.18
C THR KA 117 -20.32 151.54 16.81
N GLY KA 118 -19.88 152.80 16.69
CA GLY KA 118 -19.59 153.33 15.37
C GLY KA 118 -20.81 153.54 14.51
N TYR KA 119 -22.00 153.50 15.10
CA TYR KA 119 -23.24 153.62 14.36
C TYR KA 119 -23.95 154.90 14.72
N ASN KA 120 -24.64 155.45 13.73
CA ASN KA 120 -25.49 156.61 13.98
C ASN KA 120 -26.73 156.17 14.71
N ILE KA 121 -27.15 156.96 15.69
CA ILE KA 121 -28.19 156.56 16.63
C ILE KA 121 -29.50 157.26 16.29
N GLU KA 122 -30.59 156.58 16.61
CA GLU KA 122 -31.91 157.18 16.71
C GLU KA 122 -32.41 156.91 18.13
N THR KA 123 -32.60 157.97 18.91
CA THR KA 123 -32.91 157.84 20.33
C THR KA 123 -34.42 157.76 20.54
N VAL KA 124 -34.83 156.82 21.40
CA VAL KA 124 -36.21 156.65 21.79
C VAL KA 124 -36.27 156.61 23.32
N VAL KA 125 -37.04 157.50 23.92
CA VAL KA 125 -37.13 157.55 25.37
C VAL KA 125 -38.02 156.44 25.87
N ALA KA 126 -37.61 155.77 26.94
CA ALA KA 126 -38.44 154.75 27.54
C ALA KA 126 -38.32 154.84 29.06
N SER KA 127 -39.34 154.32 29.75
CA SER KA 127 -39.31 154.26 31.20
C SER KA 127 -38.18 153.36 31.67
N GLU KA 128 -37.48 153.79 32.73
CA GLU KA 128 -36.25 153.11 33.15
C GLU KA 128 -36.48 151.61 33.39
N VAL KA 129 -37.55 151.29 34.13
CA VAL KA 129 -37.77 149.89 34.50
C VAL KA 129 -38.17 149.05 33.30
N SER KA 130 -38.84 149.66 32.32
CA SER KA 130 -39.19 148.92 31.11
C SER KA 130 -37.95 148.57 30.30
N ILE KA 131 -37.00 149.51 30.23
CA ILE KA 131 -35.72 149.23 29.57
C ILE KA 131 -34.98 148.13 30.30
N ARG KA 132 -34.89 148.24 31.63
CA ARG KA 132 -34.20 147.22 32.40
C ARG KA 132 -34.84 145.84 32.17
N GLU KA 133 -36.17 145.78 32.23
CA GLU KA 133 -36.89 144.54 31.99
C GLU KA 133 -36.56 143.97 30.62
N ALA KA 134 -36.54 144.82 29.59
CA ALA KA 134 -36.22 144.33 28.25
C ALA KA 134 -34.80 143.81 28.16
N ILE KA 135 -33.85 144.52 28.79
CA ILE KA 135 -32.46 144.05 28.80
C ILE KA 135 -32.38 142.65 29.37
N GLU KA 136 -33.03 142.42 30.52
CA GLU KA 136 -32.95 141.12 31.16
C GLU KA 136 -33.74 140.06 30.40
N ARG KA 137 -34.86 140.43 29.79
CA ARG KA 137 -35.64 139.46 29.03
C ARG KA 137 -34.88 139.02 27.79
N TYR KA 138 -34.19 139.95 27.14
CA TYR KA 138 -33.51 139.63 25.90
C TYR KA 138 -32.13 139.04 26.15
N LYS KA 142 -38.78 138.95 19.45
CA LYS KA 142 -39.22 138.65 18.10
C LYS KA 142 -38.95 137.20 17.73
N GLY KA 143 -38.11 136.52 18.52
CA GLY KA 143 -37.90 135.09 18.43
C GLY KA 143 -38.93 134.25 19.15
N PRO KA 144 -39.13 134.53 20.47
CA PRO KA 144 -40.21 133.83 21.20
C PRO KA 144 -41.54 133.93 20.47
N SER KA 145 -41.72 135.05 19.77
CA SER KA 145 -42.86 135.24 18.88
C SER KA 145 -42.78 134.37 17.63
N LEU KA 146 -41.59 134.27 16.99
CA LEU KA 146 -41.45 133.47 15.78
C LEU KA 146 -41.90 132.03 15.98
N GLU KA 147 -41.89 131.55 17.21
CA GLU KA 147 -42.37 130.20 17.52
C GLU KA 147 -43.81 130.21 18.00
N ASP KA 148 -44.17 131.10 18.92
CA ASP KA 148 -45.57 131.15 19.35
C ASP KA 148 -46.52 131.41 18.18
N ILE KA 149 -46.02 131.92 17.05
CA ILE KA 149 -46.86 132.13 15.87
C ILE KA 149 -47.44 130.81 15.36
N VAL KA 150 -46.59 129.78 15.27
CA VAL KA 150 -46.98 128.47 14.72
C VAL KA 150 -47.91 127.77 15.72
N GLY KA 151 -48.78 128.53 16.37
CA GLY KA 151 -49.73 127.95 17.30
C GLY KA 151 -51.15 128.34 16.96
N ASP KA 152 -51.74 127.65 15.98
CA ASP KA 152 -53.07 127.96 15.44
C ASP KA 152 -54.09 128.24 16.54
N VAL KA 153 -53.96 127.57 17.68
CA VAL KA 153 -54.90 127.69 18.80
C VAL KA 153 -54.79 129.06 19.46
N GLY KA 154 -53.96 129.93 18.91
CA GLY KA 154 -53.83 131.28 19.46
C GLY KA 154 -54.58 132.31 18.66
N ASP KA 155 -54.32 132.37 17.36
CA ASP KA 155 -54.96 133.38 16.51
C ASP KA 155 -56.47 133.19 16.47
N ASP KA 156 -56.92 131.94 16.61
CA ASP KA 156 -58.34 131.60 16.53
C ASP KA 156 -59.17 132.56 17.38
N ILE KA 157 -60.01 133.37 16.72
CA ILE KA 157 -60.89 134.28 17.43
C ILE KA 157 -62.09 133.56 18.02
N GLU KA 158 -62.42 132.36 17.52
CA GLU KA 158 -63.52 131.59 18.10
C GLU KA 158 -63.31 131.31 19.58
N VAL KA 159 -62.05 131.30 20.02
CA VAL KA 159 -61.74 131.03 21.42
C VAL KA 159 -61.83 132.33 22.21
N THR KA 160 -62.44 132.26 23.39
CA THR KA 160 -62.51 133.40 24.29
C THR KA 160 -61.11 133.90 24.62
N LYS KA 161 -60.95 135.23 24.70
CA LYS KA 161 -59.63 135.81 24.96
C LYS KA 161 -59.08 135.34 26.31
N GLU KA 162 -59.96 135.15 27.29
CA GLU KA 162 -59.55 134.73 28.64
C GLU KA 162 -58.70 133.46 28.61
N GLU KA 163 -59.08 132.48 27.78
CA GLU KA 163 -58.35 131.21 27.72
C GLU KA 163 -57.13 131.27 26.80
N THR KA 164 -57.35 131.78 25.58
CA THR KA 164 -56.28 131.98 24.60
C THR KA 164 -55.02 132.53 25.25
N GLU KA 165 -55.21 133.63 25.99
CA GLU KA 165 -54.09 134.22 26.72
C GLU KA 165 -53.33 133.17 27.52
N ASN KA 166 -54.06 132.36 28.30
CA ASN KA 166 -53.43 131.32 29.11
C ASN KA 166 -52.49 130.47 28.26
N ILE KA 167 -52.97 130.00 27.11
CA ILE KA 167 -52.06 129.20 26.28
C ILE KA 167 -50.77 129.98 26.01
N ASP KA 168 -50.89 131.26 25.65
CA ASP KA 168 -49.66 131.98 25.32
C ASP KA 168 -48.69 132.01 26.52
N GLU KA 169 -49.21 132.18 27.73
CA GLU KA 169 -48.34 132.16 28.92
C GLU KA 169 -47.66 130.80 29.08
N MET KA 170 -48.46 129.74 29.16
CA MET KA 170 -47.92 128.41 29.41
C MET KA 170 -46.93 128.01 28.32
N ALA KA 171 -47.28 128.27 27.06
CA ALA KA 171 -46.38 128.04 25.94
C ALA KA 171 -45.08 128.81 26.11
N LYS KA 172 -45.16 130.03 26.63
CA LYS KA 172 -43.94 130.80 26.88
C LYS KA 172 -43.09 130.20 28.00
N ALA KA 173 -43.68 129.42 28.92
CA ALA KA 173 -42.85 128.71 29.90
C ALA KA 173 -41.78 127.85 29.25
N ALA KA 174 -41.90 127.53 27.97
CA ALA KA 174 -40.93 126.68 27.29
C ALA KA 174 -39.50 127.18 27.51
N ASP KA 175 -39.29 128.49 27.37
CA ASP KA 175 -37.93 129.02 27.38
C ASP KA 175 -37.30 128.95 28.76
N ASP KA 176 -37.96 129.54 29.77
CA ASP KA 176 -37.33 129.75 31.06
C ASP KA 176 -38.07 129.10 32.23
N ALA KA 177 -39.24 128.46 31.96
CA ALA KA 177 -40.13 127.83 33.04
C ALA KA 177 -40.39 128.75 34.04
N PRO KA 178 -41.16 129.91 33.66
CA PRO KA 178 -42.17 130.54 34.48
C PRO KA 178 -43.40 130.77 33.68
N VAL KA 179 -44.45 131.22 34.33
CA VAL KA 179 -45.53 131.96 33.67
C VAL KA 179 -45.11 133.42 33.72
N VAL KA 180 -44.98 134.05 32.55
CA VAL KA 180 -45.02 135.51 32.49
C VAL KA 180 -46.48 135.89 32.37
N LYS KA 181 -46.97 136.68 33.30
CA LYS KA 181 -48.24 137.34 33.14
C LYS KA 181 -48.05 138.63 32.35
N LEU KA 182 -48.96 138.88 31.42
CA LEU KA 182 -49.05 140.15 30.71
C LEU KA 182 -47.81 140.45 29.87
N VAL KA 183 -47.44 139.55 28.96
CA VAL KA 183 -46.44 140.05 28.02
C VAL KA 183 -47.12 141.12 27.22
N ASN KA 184 -46.67 142.35 27.39
CA ASN KA 184 -47.25 143.45 26.63
C ASN KA 184 -47.20 143.18 25.14
N LEU KA 185 -46.01 142.95 24.56
CA LEU KA 185 -45.92 142.79 23.11
C LEU KA 185 -46.58 141.50 22.64
N ILE KA 186 -46.25 140.36 23.27
CA ILE KA 186 -46.82 139.08 22.88
C ILE KA 186 -48.34 139.17 22.83
N LEU KA 187 -48.94 139.92 23.75
CA LEU KA 187 -50.37 140.20 23.65
C LEU KA 187 -50.65 141.22 22.55
N MET KA 188 -49.81 142.26 22.45
CA MET KA 188 -50.07 143.36 21.53
C MET KA 188 -50.11 142.90 20.09
N ASP KA 189 -49.60 141.71 19.83
CA ASP KA 189 -49.52 141.18 18.49
C ASP KA 189 -50.40 139.94 18.28
N ALA KA 190 -50.97 139.38 19.34
CA ALA KA 190 -51.92 138.28 19.25
C ALA KA 190 -53.35 138.70 19.57
N ILE KA 191 -53.52 139.58 20.56
CA ILE KA 191 -54.85 140.03 20.96
C ILE KA 191 -55.05 141.53 20.78
N SER KA 196 -59.68 159.84 18.11
CA SER KA 196 -60.91 159.45 17.43
C SER KA 196 -60.72 159.22 15.94
N ASP KA 197 -59.52 159.48 15.42
CA ASP KA 197 -59.22 159.30 14.00
C ASP KA 197 -57.76 158.93 13.84
N ILE KA 198 -57.50 157.86 13.09
CA ILE KA 198 -56.16 157.37 12.85
C ILE KA 198 -55.91 157.43 11.35
N HIS KA 199 -55.01 158.32 10.93
CA HIS KA 199 -54.69 158.44 9.52
C HIS KA 199 -53.31 157.88 9.23
N VAL KA 200 -53.28 156.90 8.38
CA VAL KA 200 -52.10 156.16 8.05
C VAL KA 200 -51.93 156.29 6.54
N GLU KA 201 -51.20 157.29 6.11
CA GLU KA 201 -51.28 157.60 4.69
C GLU KA 201 -50.32 156.83 3.80
N PRO KA 202 -48.99 156.89 3.97
CA PRO KA 202 -48.20 155.95 3.22
C PRO KA 202 -47.02 155.34 3.92
N TYR KA 203 -46.19 154.73 3.08
CA TYR KA 203 -44.94 154.11 3.49
C TYR KA 203 -44.01 155.15 4.10
N GLU KA 204 -43.50 154.85 5.29
CA GLU KA 204 -42.53 155.69 5.99
C GLU KA 204 -43.07 157.09 6.21
N LYS KA 205 -44.36 157.18 6.47
CA LYS KA 205 -44.99 158.43 6.82
C LYS KA 205 -45.55 158.34 8.22
N ASP KA 206 -45.24 159.33 9.03
CA ASP KA 206 -45.68 159.31 10.42
C ASP KA 206 -47.19 159.42 10.48
N PHE KA 207 -47.79 158.55 11.30
CA PHE KA 207 -49.24 158.53 11.41
C PHE KA 207 -49.74 159.83 11.98
N ARG KA 208 -50.90 160.23 11.54
CA ARG KA 208 -51.52 161.41 12.10
C ARG KA 208 -52.81 161.01 12.79
N VAL KA 209 -53.26 161.84 13.71
CA VAL KA 209 -54.51 161.54 14.40
C VAL KA 209 -55.30 162.79 14.65
N ARG KA 210 -56.55 162.56 15.04
CA ARG KA 210 -57.43 163.61 15.53
C ARG KA 210 -57.69 163.38 17.02
N PHE KA 211 -57.08 164.21 17.85
CA PHE KA 211 -57.25 164.09 19.28
C PHE KA 211 -58.49 164.84 19.75
N ARG KA 212 -59.16 164.27 20.75
CA ARG KA 212 -60.40 164.81 21.30
C ARG KA 212 -60.30 166.29 21.66
N ILE KA 213 -59.09 166.79 21.89
CA ILE KA 213 -58.87 168.19 22.29
C ILE KA 213 -57.84 168.86 21.39
N ASP KA 214 -56.86 168.09 20.92
CA ASP KA 214 -55.73 168.65 20.17
C ASP KA 214 -55.95 168.60 18.66
N GLY KA 215 -56.83 167.73 18.18
CA GLY KA 215 -57.15 167.74 16.76
C GLY KA 215 -56.06 167.08 15.96
N VAL KA 216 -55.71 167.67 14.83
CA VAL KA 216 -54.76 167.05 13.93
C VAL KA 216 -53.35 167.19 14.52
N MET KA 217 -52.74 166.05 14.84
CA MET KA 217 -51.36 166.09 15.30
C MET KA 217 -50.59 164.93 14.67
N TYR KA 218 -49.28 165.14 14.53
CA TYR KA 218 -48.37 164.13 14.04
C TYR KA 218 -48.06 163.14 15.16
N GLU KA 219 -47.59 161.96 14.78
CA GLU KA 219 -47.34 160.91 15.74
C GLU KA 219 -45.99 160.26 15.52
N VAL KA 220 -45.53 159.58 16.56
CA VAL KA 220 -44.22 158.96 16.59
C VAL KA 220 -44.28 157.56 16.00
N MET KA 221 -45.37 157.24 15.28
CA MET KA 221 -45.55 155.91 14.72
C MET KA 221 -45.50 155.98 13.20
N ARG KA 222 -44.52 155.28 12.63
CA ARG KA 222 -44.24 155.12 11.21
C ARG KA 222 -44.05 153.66 10.88
N PRO KA 223 -44.52 153.25 9.72
CA PRO KA 223 -44.23 151.93 9.22
C PRO KA 223 -43.68 151.97 7.81
N PRO KA 224 -42.56 151.32 7.60
CA PRO KA 224 -42.06 151.09 6.25
C PRO KA 224 -42.93 150.08 5.52
N MET KA 225 -42.59 149.86 4.25
CA MET KA 225 -43.50 149.11 3.39
C MET KA 225 -43.88 147.76 4.00
N LYS KA 226 -42.90 147.01 4.51
CA LYS KA 226 -43.25 145.69 5.04
C LYS KA 226 -44.23 145.81 6.20
N LEU KA 227 -43.91 146.65 7.19
CA LEU KA 227 -44.83 146.80 8.31
C LEU KA 227 -46.16 147.33 7.86
N ARG KA 228 -46.17 148.36 7.02
CA ARG KA 228 -47.45 148.79 6.48
C ARG KA 228 -48.24 147.59 5.97
N ASN KA 229 -47.69 146.87 4.99
CA ASN KA 229 -48.41 145.74 4.41
C ASN KA 229 -48.98 144.83 5.50
N ALA KA 230 -48.16 144.54 6.52
CA ALA KA 230 -48.62 143.63 7.58
C ALA KA 230 -49.80 144.22 8.37
N ILE KA 231 -49.67 145.46 8.88
CA ILE KA 231 -50.82 146.14 9.49
C ILE KA 231 -52.03 145.94 8.62
N THR KA 232 -51.85 146.21 7.34
CA THR KA 232 -52.92 146.37 6.41
C THR KA 232 -53.74 145.10 6.27
N SER KA 233 -53.04 143.99 6.15
CA SER KA 233 -53.70 142.70 6.18
C SER KA 233 -54.31 142.42 7.55
N ARG KA 234 -53.62 142.76 8.63
CA ARG KA 234 -54.15 142.57 9.98
C ARG KA 234 -55.53 143.20 10.14
N LEU KA 235 -55.61 144.51 9.90
CA LEU KA 235 -56.84 145.26 10.03
C LEU KA 235 -57.90 144.74 9.07
N LYS KA 236 -57.50 144.51 7.82
CA LYS KA 236 -58.40 143.94 6.85
C LYS KA 236 -59.06 142.66 7.36
N ILE KA 237 -58.25 141.75 7.90
CA ILE KA 237 -58.74 140.44 8.31
C ILE KA 237 -59.64 140.55 9.52
N MET KA 238 -59.21 141.29 10.54
CA MET KA 238 -60.05 141.47 11.73
C MET KA 238 -61.40 142.09 11.39
N ALA KA 239 -61.47 142.89 10.32
CA ALA KA 239 -62.73 143.46 9.86
C ALA KA 239 -63.57 142.50 9.02
N SER KA 240 -62.99 141.35 8.63
CA SER KA 240 -63.61 140.20 7.97
C SER KA 240 -63.49 140.22 6.45
N LEU KA 241 -62.42 140.76 5.89
CA LEU KA 241 -62.40 140.87 4.44
C LEU KA 241 -60.98 140.56 3.96
N ASP KA 242 -60.79 140.47 2.63
CA ASP KA 242 -59.53 139.95 2.07
C ASP KA 242 -58.95 140.92 1.04
N ILE KA 243 -58.15 141.86 1.51
CA ILE KA 243 -57.62 142.86 0.59
C ILE KA 243 -56.42 142.29 -0.14
N SER KA 244 -56.33 142.61 -1.43
CA SER KA 244 -55.29 142.07 -2.28
C SER KA 244 -55.16 142.98 -3.49
N GLU KA 245 -54.15 142.70 -4.32
CA GLU KA 245 -54.02 143.44 -5.56
C GLU KA 245 -55.25 143.31 -6.45
N ARG KA 246 -55.98 142.21 -6.31
CA ARG KA 246 -57.22 142.06 -7.05
C ARG KA 246 -58.32 142.92 -6.47
N ARG KA 247 -58.32 143.11 -5.16
CA ARG KA 247 -59.31 143.94 -4.47
C ARG KA 247 -58.57 144.85 -3.49
N LEU KA 248 -58.00 145.90 -4.03
CA LEU KA 248 -57.07 146.78 -3.33
C LEU KA 248 -57.73 147.76 -2.38
N PRO KA 249 -58.99 148.12 -2.56
CA PRO KA 249 -59.63 148.96 -1.54
C PRO KA 249 -60.73 148.28 -0.75
N GLN KA 250 -60.89 148.70 0.49
CA GLN KA 250 -61.69 147.96 1.45
C GLN KA 250 -62.27 148.92 2.47
N ASP KA 251 -63.59 148.93 2.55
CA ASP KA 251 -64.35 149.84 3.39
C ASP KA 251 -65.19 148.98 4.32
N GLY KA 252 -64.55 148.49 5.38
CA GLY KA 252 -65.18 147.63 6.34
C GLY KA 252 -65.30 148.25 7.72
N ARG KA 253 -65.62 147.40 8.69
CA ARG KA 253 -65.84 147.82 10.07
C ARG KA 253 -65.22 146.79 11.01
N ILE KA 254 -64.46 147.27 11.99
CA ILE KA 254 -63.97 146.40 13.05
C ILE KA 254 -64.97 146.42 14.18
N LYS KA 255 -65.30 145.21 14.66
CA LYS KA 255 -66.07 144.96 15.87
C LYS KA 255 -65.09 144.66 17.00
N ILE KA 256 -64.71 145.66 17.78
CA ILE KA 256 -64.07 145.40 19.07
C ILE KA 256 -65.00 144.56 19.92
N LYS KA 257 -64.46 143.48 20.50
CA LYS KA 257 -65.15 142.66 21.49
C LYS KA 257 -65.98 143.47 22.49
N MET KA 258 -65.47 144.61 22.97
CA MET KA 258 -66.31 145.52 23.76
C MET KA 258 -67.51 146.03 22.96
N GLY KA 259 -68.07 145.17 22.11
CA GLY KA 259 -69.09 145.55 21.19
C GLY KA 259 -68.79 146.76 20.36
N GLY KA 260 -67.66 147.46 20.51
CA GLY KA 260 -67.49 148.79 19.90
C GLY KA 260 -67.05 148.71 18.46
N GLY KA 261 -67.41 149.74 17.68
CA GLY KA 261 -67.18 149.72 16.25
C GLY KA 261 -66.17 150.74 15.74
N LYS KA 262 -65.66 150.47 14.54
CA LYS KA 262 -64.86 151.51 13.89
C LYS KA 262 -64.84 151.31 12.39
N GLU KA 263 -64.94 152.43 11.68
CA GLU KA 263 -64.93 152.42 10.23
C GLU KA 263 -63.50 152.40 9.74
N MET KA 264 -63.20 151.43 8.87
CA MET KA 264 -61.86 151.26 8.36
C MET KA 264 -61.86 151.31 6.84
N ASP KA 265 -61.16 152.31 6.31
CA ASP KA 265 -60.81 152.33 4.90
C ASP KA 265 -59.40 151.83 4.74
N PHE KA 266 -59.19 151.10 3.67
CA PHE KA 266 -57.91 150.47 3.58
C PHE KA 266 -57.52 150.17 2.13
N ARG KA 267 -56.22 150.32 1.83
CA ARG KA 267 -55.69 150.06 0.50
C ARG KA 267 -54.38 149.27 0.54
N VAL KA 268 -54.30 148.21 -0.27
CA VAL KA 268 -53.09 147.41 -0.38
C VAL KA 268 -52.33 147.85 -1.63
N SER KA 269 -51.02 147.57 -1.62
CA SER KA 269 -50.08 147.85 -2.69
C SER KA 269 -50.13 149.35 -2.99
N VAL KA 270 -50.01 149.71 -4.26
CA VAL KA 270 -49.85 151.10 -4.66
C VAL KA 270 -50.67 151.35 -5.91
N CYS KA 271 -51.41 150.32 -6.32
CA CYS KA 271 -52.20 150.44 -7.53
C CYS KA 271 -53.19 151.58 -7.36
N PRO KA 272 -54.03 151.64 -6.32
CA PRO KA 272 -54.79 152.89 -6.16
C PRO KA 272 -54.00 153.96 -5.43
N THR KA 273 -53.18 153.56 -4.46
CA THR KA 273 -52.41 154.52 -3.65
C THR KA 273 -50.93 154.49 -4.01
N LEU KA 274 -50.52 155.36 -4.93
CA LEU KA 274 -49.11 155.42 -5.29
C LEU KA 274 -48.21 155.55 -4.08
N PHE KA 275 -48.64 156.33 -3.11
CA PHE KA 275 -47.85 156.44 -1.90
C PHE KA 275 -47.84 155.16 -1.09
N GLY KA 276 -48.17 154.02 -1.67
CA GLY KA 276 -48.06 152.84 -0.86
C GLY KA 276 -49.38 152.45 -0.25
N GLU KA 277 -49.38 151.32 0.42
CA GLU KA 277 -50.56 150.90 1.15
C GLU KA 277 -50.88 151.92 2.24
N LYS KA 278 -52.13 151.89 2.69
CA LYS KA 278 -52.57 152.94 3.61
C LYS KA 278 -53.88 152.53 4.27
N VAL KA 279 -54.18 153.13 5.42
CA VAL KA 279 -55.42 152.82 6.12
C VAL KA 279 -55.87 154.04 6.91
N VAL KA 280 -57.18 154.14 7.14
CA VAL KA 280 -57.77 155.18 7.97
C VAL KA 280 -58.83 154.54 8.86
N MET KA 281 -58.94 155.06 10.08
CA MET KA 281 -59.85 154.49 11.07
C MET KA 281 -60.55 155.60 11.82
N ARG KA 282 -61.82 155.68 11.62
CA ARG KA 282 -62.59 156.65 12.35
C ARG KA 282 -63.29 155.99 13.52
N LEU KA 283 -62.73 156.16 14.71
CA LEU KA 283 -63.15 155.39 15.88
C LEU KA 283 -64.48 155.89 16.42
N LEU KA 284 -65.26 154.98 17.01
CA LEU KA 284 -66.69 155.19 17.19
C LEU KA 284 -66.99 155.89 18.50
N ASP KA 285 -66.06 155.78 19.45
CA ASP KA 285 -66.05 154.65 20.39
C ASP KA 285 -67.43 154.44 21.01
N LYS KA 286 -67.84 153.18 21.08
CA LYS KA 286 -69.24 152.84 21.34
C LYS KA 286 -69.40 152.16 22.69
N SER KA 287 -70.38 151.26 22.78
CA SER KA 287 -71.44 151.38 23.77
C SER KA 287 -72.27 152.64 23.54
N ASN KA 288 -73.53 152.45 23.16
CA ASN KA 288 -74.18 153.32 22.18
C ASN KA 288 -74.57 154.65 22.78
N LEU KA 289 -74.23 155.74 22.09
CA LEU KA 289 -74.63 157.08 22.51
C LEU KA 289 -76.12 157.13 22.79
N GLN KA 290 -76.50 157.89 23.82
CA GLN KA 290 -77.90 157.99 24.22
C GLN KA 290 -78.45 159.39 23.90
N LEU KA 291 -79.71 159.61 24.27
CA LEU KA 291 -80.28 160.96 24.27
C LEU KA 291 -79.59 161.88 25.25
N ASP KA 292 -78.81 161.33 26.19
CA ASP KA 292 -77.90 162.13 26.97
C ASP KA 292 -77.06 163.03 26.09
N MET KA 293 -77.00 162.75 24.79
CA MET KA 293 -76.36 163.61 23.80
C MET KA 293 -77.14 164.85 23.40
N THR KA 294 -78.11 165.33 24.18
CA THR KA 294 -78.21 166.79 24.10
C THR KA 294 -77.10 167.44 24.90
N LYS KA 295 -76.27 166.63 25.54
CA LYS KA 295 -75.03 167.15 26.07
C LYS KA 295 -74.15 167.61 24.94
N LEU KA 296 -74.05 166.77 23.96
CA LEU KA 296 -73.14 167.09 22.91
C LEU KA 296 -73.73 168.09 21.93
N GLY KA 297 -74.87 168.69 22.28
CA GLY KA 297 -75.48 169.74 21.49
C GLY KA 297 -75.96 169.26 20.15
N PHE KA 298 -76.06 167.96 19.99
CA PHE KA 298 -76.42 167.49 18.68
C PHE KA 298 -77.89 167.68 18.46
N ASP KA 299 -78.74 166.99 19.18
CA ASP KA 299 -80.13 167.30 18.95
C ASP KA 299 -80.71 167.95 20.19
N ALA KA 300 -81.49 169.01 19.97
CA ALA KA 300 -82.17 169.66 21.08
C ALA KA 300 -83.15 168.71 21.74
N GLN KA 301 -83.24 168.82 23.06
CA GLN KA 301 -84.29 168.11 23.79
C GLN KA 301 -85.66 168.24 23.15
N PRO KA 302 -86.13 169.42 22.76
CA PRO KA 302 -87.47 169.51 22.13
C PRO KA 302 -87.62 168.55 20.96
N LEU KA 303 -86.68 168.57 20.02
CA LEU KA 303 -86.78 167.69 18.86
C LEU KA 303 -86.76 166.23 19.26
N ALA KA 304 -85.95 165.88 20.27
CA ALA KA 304 -85.89 164.50 20.72
C ALA KA 304 -87.22 164.05 21.31
N TRP KA 305 -87.92 164.95 22.01
CA TRP KA 305 -89.27 164.63 22.45
C TRP KA 305 -90.19 164.41 21.26
N PHE KA 306 -90.11 165.29 20.25
CA PHE KA 306 -90.94 165.09 19.07
C PHE KA 306 -90.67 163.75 18.42
N LYS KA 307 -89.41 163.33 18.36
CA LYS KA 307 -89.08 162.02 17.81
C LYS KA 307 -89.56 160.89 18.70
N GLU KA 308 -89.41 161.05 20.02
CA GLU KA 308 -89.94 160.09 20.97
C GLU KA 308 -91.40 159.80 20.72
N ALA KA 309 -92.23 160.84 20.84
CA ALA KA 309 -93.56 160.77 20.27
C ALA KA 309 -93.50 159.98 18.96
N ILE KA 310 -93.10 160.63 17.86
CA ILE KA 310 -93.11 160.03 16.51
C ILE KA 310 -92.85 158.52 16.51
N ASP KA 311 -91.87 158.05 17.27
CA ASP KA 311 -91.50 156.65 17.22
C ASP KA 311 -92.55 155.81 17.95
N ARG KA 312 -93.19 156.38 18.97
CA ARG KA 312 -94.27 155.64 19.61
C ARG KA 312 -95.46 155.36 18.68
N PRO KA 313 -95.99 156.31 17.89
CA PRO KA 313 -97.06 156.00 16.95
C PRO KA 313 -96.59 155.46 15.61
N TYR KA 314 -95.33 155.09 15.48
CA TYR KA 314 -94.85 154.26 14.39
C TYR KA 314 -94.62 155.06 13.10
N GLY KA 315 -94.29 156.33 13.26
CA GLY KA 315 -93.79 157.11 12.12
C GLY KA 315 -92.42 156.62 11.69
N MET KA 316 -92.31 156.26 10.41
CA MET KA 316 -91.07 155.68 9.88
C MET KA 316 -90.05 156.78 9.60
N VAL KA 317 -88.77 156.49 9.83
CA VAL KA 317 -87.76 157.54 9.71
C VAL KA 317 -86.45 156.99 9.13
N LEU KA 318 -85.81 157.79 8.29
CA LEU KA 318 -84.50 157.49 7.76
C LEU KA 318 -83.52 158.56 8.18
N VAL KA 319 -82.33 158.13 8.61
CA VAL KA 319 -81.25 159.04 8.99
C VAL KA 319 -80.26 159.08 7.84
N THR KA 320 -80.20 160.26 7.23
CA THR KA 320 -79.34 160.58 6.10
C THR KA 320 -78.23 161.49 6.57
N GLY KA 321 -77.11 161.37 5.92
CA GLY KA 321 -75.97 162.13 6.29
C GLY KA 321 -74.76 161.69 5.51
N PRO KA 322 -73.84 162.60 5.35
CA PRO KA 322 -72.62 162.26 4.61
C PRO KA 322 -71.78 161.30 5.42
N THR KA 323 -70.64 160.88 4.90
CA THR KA 323 -70.01 159.83 5.67
C THR KA 323 -69.43 160.36 6.97
N GLY KA 324 -69.79 159.64 8.02
CA GLY KA 324 -69.56 160.01 9.37
C GLY KA 324 -70.07 161.37 9.75
N SER KA 325 -71.38 161.54 9.68
CA SER KA 325 -72.07 162.63 10.32
C SER KA 325 -72.78 162.18 11.56
N GLY KA 326 -72.92 160.88 11.77
CA GLY KA 326 -73.60 160.33 12.93
C GLY KA 326 -74.85 159.53 12.63
N LYS KA 327 -75.13 159.14 11.38
CA LYS KA 327 -76.37 158.41 11.05
C LYS KA 327 -76.64 157.26 12.01
N THR KA 328 -75.76 156.24 12.00
CA THR KA 328 -75.99 155.05 12.81
C THR KA 328 -76.11 155.39 14.30
N THR KA 329 -75.22 156.23 14.82
CA THR KA 329 -75.31 156.62 16.23
C THR KA 329 -76.66 157.19 16.55
N THR KA 330 -77.06 158.24 15.82
CA THR KA 330 -78.35 158.88 16.03
C THR KA 330 -79.49 157.87 15.97
N LEU KA 331 -79.51 157.01 14.96
CA LEU KA 331 -80.55 155.99 14.85
C LEU KA 331 -80.62 155.18 16.12
N TYR KA 332 -79.50 154.55 16.46
CA TYR KA 332 -79.39 153.72 17.65
C TYR KA 332 -79.81 154.49 18.89
N SER KA 333 -79.50 155.78 18.94
CA SER KA 333 -79.93 156.64 20.02
C SER KA 333 -81.46 156.69 20.08
N ALA KA 334 -82.11 156.97 18.96
CA ALA KA 334 -83.55 157.09 18.96
C ALA KA 334 -84.24 155.79 19.35
N LEU KA 335 -83.76 154.63 18.85
CA LEU KA 335 -84.42 153.39 19.26
C LEU KA 335 -84.13 153.08 20.72
N SER KA 336 -82.88 153.32 21.13
CA SER KA 336 -82.44 152.98 22.47
C SER KA 336 -83.16 153.82 23.50
N SER KA 337 -83.35 155.08 23.19
CA SER KA 337 -83.99 155.98 24.11
C SER KA 337 -85.43 155.61 24.36
N LEU KA 338 -86.13 155.01 23.40
CA LEU KA 338 -87.53 154.68 23.63
C LEU KA 338 -87.65 153.46 24.52
N ASN KA 339 -88.73 153.41 25.30
CA ASN KA 339 -89.14 152.13 25.88
C ASN KA 339 -89.63 151.23 24.76
N GLY KA 340 -88.85 150.25 24.37
CA GLY KA 340 -89.37 149.27 23.44
C GLY KA 340 -89.72 147.94 24.07
N LEU KA 341 -90.02 147.94 25.38
CA LEU KA 341 -90.25 146.67 26.08
C LEU KA 341 -91.58 146.02 25.71
N ASP KA 342 -92.54 146.78 25.20
CA ASP KA 342 -93.87 146.26 24.92
C ASP KA 342 -94.12 146.03 23.44
N THR KA 343 -93.10 146.15 22.60
CA THR KA 343 -93.26 146.03 21.17
C THR KA 343 -92.20 145.08 20.64
N ASN KA 344 -92.57 144.28 19.65
CA ASN KA 344 -91.62 143.37 19.02
C ASN KA 344 -90.84 144.15 17.98
N ILE KA 345 -89.52 144.25 18.18
CA ILE KA 345 -88.59 144.94 17.29
C ILE KA 345 -87.60 143.91 16.77
N CYS KA 346 -86.91 144.32 15.75
CA CYS KA 346 -86.71 143.40 14.68
C CYS KA 346 -85.74 144.02 13.67
N THR KA 347 -84.46 143.62 13.69
CA THR KA 347 -83.38 144.37 13.03
C THR KA 347 -82.60 143.50 12.05
N ALA KA 348 -82.23 144.07 10.91
CA ALA KA 348 -81.46 143.39 9.85
C ALA KA 348 -80.25 144.25 9.53
N GLU KA 349 -79.05 143.75 9.83
CA GLU KA 349 -77.82 144.50 9.59
C GLU KA 349 -76.82 143.64 8.82
N ASP KA 350 -75.95 144.32 8.07
CA ASP KA 350 -74.88 143.61 7.38
C ASP KA 350 -73.83 143.17 8.40
N PRO KA 351 -73.34 144.07 9.33
CA PRO KA 351 -72.84 143.55 10.61
C PRO KA 351 -73.42 144.23 11.86
N VAL KA 352 -73.33 143.58 13.04
CA VAL KA 352 -73.79 144.18 14.29
C VAL KA 352 -73.27 145.60 14.41
N GLU KA 353 -74.16 146.51 14.74
CA GLU KA 353 -73.71 147.79 15.25
C GLU KA 353 -74.70 148.24 16.30
N PHE KA 354 -75.93 147.70 16.23
CA PHE KA 354 -77.02 148.20 17.03
C PHE KA 354 -77.08 147.51 18.38
N ASN KA 355 -77.01 148.29 19.44
CA ASN KA 355 -77.21 147.81 20.80
C ASN KA 355 -78.56 148.33 21.30
N PHE KA 356 -79.39 147.44 21.82
CA PHE KA 356 -80.67 147.85 22.40
C PHE KA 356 -80.92 147.13 23.70
N ALA KA 357 -81.29 147.92 24.72
CA ALA KA 357 -81.64 147.39 26.04
C ALA KA 357 -83.12 147.02 26.07
N GLY KA 358 -83.46 146.06 25.24
CA GLY KA 358 -84.84 145.62 25.12
C GLY KA 358 -84.98 144.16 24.79
N ILE KA 359 -86.10 143.61 25.25
CA ILE KA 359 -86.29 142.19 25.50
C ILE KA 359 -86.93 141.66 24.22
N ASN KA 360 -88.15 142.08 23.83
CA ASN KA 360 -88.77 141.70 22.56
C ASN KA 360 -87.97 142.15 21.35
N GLN KA 361 -86.83 141.53 21.10
CA GLN KA 361 -86.07 141.97 19.96
C GLN KA 361 -85.36 140.82 19.30
N VAL KA 362 -85.44 140.82 17.98
CA VAL KA 362 -84.81 139.83 17.11
C VAL KA 362 -83.72 140.55 16.35
N GLN KA 363 -82.49 140.10 16.52
CA GLN KA 363 -81.36 140.70 15.80
C GLN KA 363 -80.92 139.75 14.69
N MET KA 364 -80.83 140.28 13.48
CA MET KA 364 -80.60 139.50 12.27
C MET KA 364 -79.41 140.03 11.50
N HIS KA 365 -78.51 139.12 11.13
CA HIS KA 365 -77.29 139.51 10.44
C HIS KA 365 -77.10 138.72 9.17
N ASP KA 366 -76.84 139.48 8.12
CA ASP KA 366 -76.43 138.92 6.85
C ASP KA 366 -75.33 137.89 7.04
N ASP KA 367 -75.52 136.76 6.39
CA ASP KA 367 -74.54 135.69 6.35
C ASP KA 367 -74.15 135.42 4.90
N ILE KA 368 -73.19 134.49 4.73
CA ILE KA 368 -72.66 134.18 3.40
C ILE KA 368 -73.83 133.96 2.45
N GLY KA 369 -73.84 134.69 1.35
CA GLY KA 369 -74.73 134.35 0.26
C GLY KA 369 -76.16 134.77 0.46
N LEU KA 370 -76.44 135.55 1.50
CA LEU KA 370 -77.76 136.11 1.73
C LEU KA 370 -77.72 137.58 1.36
N ASN KA 371 -78.75 138.02 0.65
CA ASN KA 371 -78.94 139.44 0.43
C ASN KA 371 -79.69 140.01 1.62
N PHE KA 372 -79.53 141.32 1.82
CA PHE KA 372 -80.32 142.01 2.85
C PHE KA 372 -81.79 141.72 2.70
N ALA KA 373 -82.25 141.59 1.45
CA ALA KA 373 -83.65 141.36 1.15
C ALA KA 373 -84.11 140.02 1.69
N ALA KA 374 -83.26 138.99 1.64
CA ALA KA 374 -83.66 137.69 2.20
C ALA KA 374 -84.10 137.83 3.65
N ALA KA 375 -83.29 138.53 4.45
CA ALA KA 375 -83.58 138.67 5.86
C ALA KA 375 -84.77 139.61 6.10
N LEU KA 376 -84.83 140.75 5.40
CA LEU KA 376 -85.99 141.62 5.61
C LEU KA 376 -87.28 140.94 5.15
N ARG KA 377 -87.31 140.50 3.90
CA ARG KA 377 -88.39 139.76 3.27
C ARG KA 377 -88.98 138.71 4.21
N SER KA 378 -88.08 138.05 4.95
CA SER KA 378 -88.40 136.96 5.86
C SER KA 378 -88.18 137.49 7.26
N PHE KA 379 -89.16 138.22 7.77
CA PHE KA 379 -88.94 138.99 8.97
C PHE KA 379 -90.05 140.01 9.18
N LEU KA 380 -90.21 140.89 8.20
CA LEU KA 380 -91.52 141.43 7.91
C LEU KA 380 -92.56 140.33 7.95
N ARG KA 381 -92.14 139.10 7.63
CA ARG KA 381 -93.07 137.99 7.60
C ARG KA 381 -93.66 137.70 8.96
N GLN KA 382 -92.83 137.70 9.99
CA GLN KA 382 -93.41 137.59 11.33
C GLN KA 382 -94.11 138.89 11.67
N ASP KA 383 -94.26 139.17 12.94
CA ASP KA 383 -94.99 140.38 13.31
C ASP KA 383 -94.05 141.33 14.02
N PRO KA 384 -93.22 142.08 13.29
CA PRO KA 384 -92.50 143.17 13.94
C PRO KA 384 -93.37 144.40 14.04
N ASP KA 385 -93.45 144.94 15.26
CA ASP KA 385 -93.98 146.29 15.42
C ASP KA 385 -93.01 147.32 14.86
N ILE KA 386 -91.71 147.09 15.06
CA ILE KA 386 -90.64 147.97 14.58
C ILE KA 386 -89.59 147.14 13.83
N ILE KA 387 -89.18 147.67 12.69
CA ILE KA 387 -88.18 147.09 11.82
C ILE KA 387 -87.03 148.09 11.72
N MET KA 388 -85.81 147.63 11.99
CA MET KA 388 -84.64 148.48 11.84
C MET KA 388 -83.71 147.84 10.82
N ILE KA 389 -83.42 148.57 9.75
CA ILE KA 389 -82.47 148.14 8.74
C ILE KA 389 -81.22 148.99 8.92
N GLY KA 390 -80.11 148.35 9.28
CA GLY KA 390 -78.86 149.03 9.53
C GLY KA 390 -78.60 150.18 8.58
N GLU KA 391 -78.63 149.90 7.28
CA GLU KA 391 -78.45 150.91 6.25
C GLU KA 391 -78.87 150.30 4.93
N ILE KA 392 -79.68 151.02 4.17
CA ILE KA 392 -80.14 150.51 2.88
C ILE KA 392 -79.05 150.68 1.85
N ARG KA 393 -78.54 149.55 1.31
CA ARG KA 393 -77.51 149.57 0.28
C ARG KA 393 -77.78 148.67 -0.92
N ASP KA 394 -78.57 147.62 -0.80
CA ASP KA 394 -79.14 147.02 -1.99
C ASP KA 394 -80.56 147.56 -2.02
N PHE KA 395 -80.92 148.28 -3.07
CA PHE KA 395 -82.28 148.77 -2.91
C PHE KA 395 -83.40 147.67 -3.15
N GLU KA 396 -83.05 146.42 -3.62
CA GLU KA 396 -84.06 145.35 -3.49
C GLU KA 396 -84.53 145.18 -2.06
N THR KA 397 -83.63 145.34 -1.07
CA THR KA 397 -84.16 145.44 0.30
C THR KA 397 -84.90 146.75 0.55
N ALA KA 398 -84.34 147.90 0.12
CA ALA KA 398 -85.05 149.17 0.26
C ALA KA 398 -86.53 148.99 -0.06
N GLU KA 399 -86.81 148.34 -1.20
CA GLU KA 399 -88.16 148.11 -1.65
C GLU KA 399 -88.98 147.36 -0.63
N ILE KA 400 -88.45 146.25 -0.11
CA ILE KA 400 -89.14 145.55 0.96
C ILE KA 400 -89.42 146.50 2.11
N GLY KA 401 -88.43 147.32 2.49
CA GLY KA 401 -88.59 148.25 3.59
C GLY KA 401 -89.77 149.19 3.43
N VAL KA 402 -89.83 149.90 2.31
CA VAL KA 402 -90.93 150.84 2.10
C VAL KA 402 -92.26 150.11 1.92
N LYS KA 403 -92.21 148.86 1.44
CA LYS KA 403 -93.39 148.03 1.49
C LYS KA 403 -93.85 147.82 2.93
N ALA KA 404 -92.89 147.49 3.81
CA ALA KA 404 -93.19 147.35 5.24
C ALA KA 404 -93.80 148.61 5.80
N ALA KA 405 -93.32 149.77 5.35
CA ALA KA 405 -93.91 151.03 5.79
C ALA KA 405 -95.35 151.13 5.31
N LEU KA 406 -95.65 150.66 4.10
CA LEU KA 406 -97.03 150.83 3.65
C LEU KA 406 -97.97 149.81 4.28
N THR KA 407 -97.52 148.60 4.69
CA THR KA 407 -98.47 147.81 5.48
C THR KA 407 -98.81 148.50 6.80
N GLY KA 408 -97.89 149.35 7.30
CA GLY KA 408 -98.06 150.10 8.53
C GLY KA 408 -97.13 149.69 9.66
N HIS KA 409 -96.03 149.02 9.36
CA HIS KA 409 -95.00 148.85 10.37
C HIS KA 409 -94.32 150.18 10.65
N LEU KA 410 -93.56 150.22 11.75
CA LEU KA 410 -92.63 151.30 12.06
C LEU KA 410 -91.26 150.87 11.56
N VAL KA 411 -90.83 151.42 10.44
CA VAL KA 411 -89.54 151.07 9.87
C VAL KA 411 -88.58 152.24 10.09
N LEU KA 412 -87.30 151.90 10.22
CA LEU KA 412 -86.26 152.89 10.43
C LEU KA 412 -85.00 152.40 9.74
N SER KA 413 -84.23 153.33 9.19
CA SER KA 413 -82.99 152.90 8.56
C SER KA 413 -82.10 154.11 8.31
N THR KA 414 -80.92 153.82 7.74
CA THR KA 414 -79.87 154.79 7.47
C THR KA 414 -79.59 154.85 5.97
N LEU KA 415 -79.15 156.01 5.50
CA LEU KA 415 -78.82 156.16 4.08
C LEU KA 415 -77.68 157.15 3.90
N HIS KA 416 -76.74 156.80 3.03
CA HIS KA 416 -75.59 157.66 2.76
C HIS KA 416 -75.98 158.73 1.74
N THR KA 417 -76.09 159.97 2.21
CA THR KA 417 -76.42 161.09 1.34
C THR KA 417 -76.43 162.37 2.16
N ASN KA 418 -76.41 163.50 1.45
CA ASN KA 418 -76.17 164.79 2.10
C ASN KA 418 -77.34 165.77 2.01
N ASP KA 419 -78.34 165.53 1.18
CA ASP KA 419 -79.53 166.37 1.12
C ASP KA 419 -80.60 165.58 0.39
N ALA KA 420 -81.59 166.31 -0.12
CA ALA KA 420 -82.81 165.68 -0.62
C ALA KA 420 -82.64 165.09 -2.00
N PRO KA 421 -81.89 165.68 -2.93
CA PRO KA 421 -81.75 164.98 -4.22
C PRO KA 421 -80.80 163.83 -3.98
N GLY KA 422 -79.80 164.03 -3.10
CA GLY KA 422 -78.95 162.93 -2.69
C GLY KA 422 -79.75 161.67 -2.34
N THR KA 423 -80.56 161.74 -1.27
CA THR KA 423 -81.36 160.57 -0.95
C THR KA 423 -82.31 160.22 -2.07
N VAL KA 424 -83.29 161.07 -2.35
CA VAL KA 424 -84.35 160.62 -3.27
C VAL KA 424 -83.75 159.98 -4.50
N SER KA 425 -82.83 160.67 -5.19
CA SER KA 425 -82.01 160.05 -6.24
C SER KA 425 -81.51 158.67 -5.80
N ARG KA 426 -80.73 158.67 -4.72
CA ARG KA 426 -80.24 157.42 -4.18
C ARG KA 426 -81.35 156.44 -3.96
N LEU KA 427 -82.55 156.81 -3.50
CA LEU KA 427 -83.55 155.79 -3.19
C LEU KA 427 -84.24 155.29 -4.45
N LEU KA 428 -84.49 156.19 -5.39
CA LEU KA 428 -85.24 155.86 -6.58
C LEU KA 428 -84.42 155.03 -7.56
N ASN KA 429 -83.10 155.00 -7.43
CA ASN KA 429 -82.35 154.29 -8.46
C ASN KA 429 -82.28 152.73 -8.45
N MET KA 430 -82.90 152.01 -7.51
CA MET KA 430 -83.22 150.60 -7.70
C MET KA 430 -84.73 150.29 -7.71
N GLY KA 431 -85.54 151.32 -7.96
CA GLY KA 431 -86.92 151.14 -8.41
C GLY KA 431 -88.10 151.39 -7.44
N ILE KA 432 -87.85 151.79 -6.21
CA ILE KA 432 -88.91 152.39 -5.43
C ILE KA 432 -89.12 153.79 -5.97
N GLU KA 433 -90.41 154.18 -6.13
CA GLU KA 433 -90.99 155.49 -6.47
C GLU KA 433 -91.02 156.36 -5.23
N PRO KA 434 -91.05 157.67 -5.41
CA PRO KA 434 -91.21 158.54 -4.26
C PRO KA 434 -92.64 158.48 -3.76
N PHE KA 435 -93.63 157.99 -4.51
CA PHE KA 435 -94.89 157.83 -3.79
C PHE KA 435 -94.73 156.77 -2.72
N LEU KA 436 -94.02 155.68 -3.01
CA LEU KA 436 -93.98 154.65 -1.99
C LEU KA 436 -93.05 155.07 -0.85
N VAL KA 437 -91.82 155.48 -1.15
CA VAL KA 437 -90.95 155.94 -0.06
C VAL KA 437 -91.48 157.23 0.57
N THR KA 438 -91.44 158.36 -0.15
CA THR KA 438 -91.92 159.64 0.41
C THR KA 438 -93.37 159.55 0.90
N ALA KA 439 -94.18 158.72 0.28
CA ALA KA 439 -95.55 158.72 0.77
C ALA KA 439 -95.66 157.97 2.08
N SER KA 440 -94.84 156.94 2.24
CA SER KA 440 -94.89 156.13 3.44
C SER KA 440 -93.73 156.42 4.39
N LEU KA 441 -92.71 157.13 3.94
CA LEU KA 441 -91.69 157.63 4.86
C LEU KA 441 -92.23 158.86 5.57
N ASN KA 442 -92.12 158.89 6.91
CA ASN KA 442 -92.61 160.03 7.67
C ASN KA 442 -91.52 161.09 7.86
N LEU KA 443 -90.44 160.75 8.56
CA LEU KA 443 -89.43 161.75 8.88
C LEU KA 443 -88.06 161.31 8.38
N ILE KA 444 -87.27 162.30 7.95
CA ILE KA 444 -85.92 162.10 7.45
C ILE KA 444 -85.03 163.07 8.19
N LEU KA 445 -84.16 162.56 9.05
CA LEU KA 445 -83.18 163.43 9.69
C LEU KA 445 -81.95 163.54 8.80
N ALA KA 446 -81.31 164.70 8.82
CA ALA KA 446 -80.05 164.90 8.12
C ALA KA 446 -78.99 165.26 9.15
N GLN KA 447 -77.92 164.47 9.19
CA GLN KA 447 -76.84 164.60 10.16
C GLN KA 447 -75.62 165.22 9.47
N ARG KA 448 -74.76 165.86 10.27
CA ARG KA 448 -73.58 166.57 9.76
C ARG KA 448 -72.41 166.41 10.71
N LEU KA 449 -71.22 166.68 10.17
CA LEU KA 449 -70.04 167.02 10.96
C LEU KA 449 -69.66 168.46 10.65
N ALA KA 450 -69.73 169.31 11.67
CA ALA KA 450 -69.28 170.69 11.66
C ALA KA 450 -67.95 170.80 12.38
N ARG KA 451 -66.98 171.48 11.76
CA ARG KA 451 -65.66 171.65 12.34
C ARG KA 451 -65.32 173.12 12.47
N ARG KA 452 -64.86 173.55 13.63
CA ARG KA 452 -64.39 174.95 13.69
C ARG KA 452 -62.94 174.98 14.13
N LEU KA 453 -62.05 174.57 13.25
CA LEU KA 453 -60.67 174.25 13.64
C LEU KA 453 -60.83 172.91 14.36
N CYS KA 454 -60.52 172.83 15.67
CA CYS KA 454 -60.51 171.56 16.39
C CYS KA 454 -61.83 171.19 17.10
N PRO KA 455 -62.98 171.89 17.01
CA PRO KA 455 -64.12 171.17 17.55
C PRO KA 455 -64.63 170.31 16.42
N ALA KA 456 -65.03 169.17 16.93
CA ALA KA 456 -65.65 168.04 16.27
C ALA KA 456 -67.09 168.12 16.71
N CYS KA 457 -67.97 168.47 15.78
CA CYS KA 457 -69.39 168.64 16.09
C CYS KA 457 -70.20 167.78 15.16
N LYS KA 458 -71.20 167.06 15.68
CA LYS KA 458 -72.10 166.26 14.86
C LYS KA 458 -73.50 166.80 15.00
N LYS KA 459 -74.04 167.41 13.98
CA LYS KA 459 -75.33 167.95 14.39
C LYS KA 459 -76.43 167.45 13.48
N PRO KA 460 -77.69 167.47 13.92
CA PRO KA 460 -78.74 167.20 12.95
C PRO KA 460 -78.98 168.50 12.22
N ALA KA 461 -78.40 168.60 11.04
CA ALA KA 461 -78.67 169.75 10.18
C ALA KA 461 -80.16 170.04 10.07
N GLU KA 462 -81.00 169.01 9.94
CA GLU KA 462 -82.41 169.32 9.73
C GLU KA 462 -83.32 168.15 10.05
N CYS KA 490 -86.78 166.80 8.93
CA CYS KA 490 -87.50 166.96 7.69
C CYS KA 490 -88.74 166.07 7.71
N ARG KA 491 -89.89 166.69 7.58
CA ARG KA 491 -91.16 165.98 7.67
C ARG KA 491 -91.64 165.68 6.25
N ASP KA 492 -91.76 164.42 5.88
CA ASP KA 492 -92.23 164.11 4.54
C ASP KA 492 -93.75 164.05 4.56
N CYS KA 493 -94.41 165.06 3.96
CA CYS KA 493 -95.87 165.10 4.02
C CYS KA 493 -96.50 164.05 3.15
N ASN KA 494 -95.96 163.85 1.94
CA ASN KA 494 -96.49 162.93 0.92
C ASN KA 494 -96.02 163.25 -0.49
N ASP KA 495 -96.83 162.79 -1.44
CA ASP KA 495 -96.73 162.94 -2.88
C ASP KA 495 -97.71 163.99 -3.35
N ARG KA 496 -97.52 164.40 -4.59
CA ARG KA 496 -98.42 165.33 -5.24
C ARG KA 496 -98.90 164.72 -6.55
N GLY KA 497 -100.18 164.83 -6.86
CA GLY KA 497 -100.63 164.38 -8.17
C GLY KA 497 -100.32 165.46 -9.20
N TYR KA 498 -99.58 165.07 -10.26
CA TYR KA 498 -99.04 166.05 -11.21
C TYR KA 498 -98.11 167.00 -10.48
N ARG KA 499 -96.80 166.84 -10.61
CA ARG KA 499 -96.02 167.31 -9.48
C ARG KA 499 -94.57 167.69 -9.69
N GLY KA 500 -93.83 167.62 -8.58
CA GLY KA 500 -92.39 167.46 -8.51
C GLY KA 500 -92.14 166.42 -7.43
N ARG KA 501 -93.25 166.06 -6.74
CA ARG KA 501 -93.49 164.88 -5.90
C ARG KA 501 -93.39 165.08 -4.43
N VAL KA 502 -92.21 164.71 -3.96
CA VAL KA 502 -91.80 164.64 -2.58
C VAL KA 502 -92.20 165.92 -1.86
N ALA KA 503 -93.32 165.89 -1.15
CA ALA KA 503 -93.74 167.06 -0.39
C ALA KA 503 -93.07 167.00 0.98
N ILE KA 504 -92.23 167.98 1.26
CA ILE KA 504 -91.40 168.00 2.45
C ILE KA 504 -91.61 169.32 3.19
N TYR KA 505 -91.91 169.21 4.49
CA TYR KA 505 -92.03 170.36 5.39
C TYR KA 505 -90.91 170.31 6.40
N GLU KA 506 -90.00 171.28 6.30
CA GLU KA 506 -88.81 171.29 7.16
C GLU KA 506 -89.17 171.88 8.51
N VAL KA 507 -89.12 171.04 9.53
CA VAL KA 507 -89.49 171.43 10.89
C VAL KA 507 -88.36 172.23 11.51
N MET KA 508 -87.19 171.61 11.66
CA MET KA 508 -86.04 172.22 12.32
C MET KA 508 -84.86 172.36 11.36
N PRO KA 509 -84.31 173.56 11.19
CA PRO KA 509 -82.95 173.71 10.65
C PRO KA 509 -81.86 173.98 11.69
N PHE KA 510 -80.60 173.71 11.37
CA PHE KA 510 -79.49 174.05 12.25
C PHE KA 510 -78.65 175.18 11.65
N TRP KA 511 -78.59 176.30 12.37
CA TRP KA 511 -77.69 177.40 12.04
C TRP KA 511 -76.33 177.13 12.67
N ASP KA 512 -75.31 177.00 11.82
CA ASP KA 512 -73.95 176.76 12.26
C ASP KA 512 -73.27 178.03 12.79
N GLY KA 513 -73.70 179.20 12.30
CA GLY KA 513 -73.07 180.44 12.73
C GLY KA 513 -73.22 180.70 14.22
N LEU KA 514 -74.37 180.32 14.78
CA LEU KA 514 -74.61 180.45 16.21
C LEU KA 514 -74.71 179.11 16.91
N LYS KA 515 -74.56 178.01 16.19
CA LYS KA 515 -74.77 176.66 16.72
C LYS KA 515 -76.10 176.57 17.46
N GLU KA 516 -77.17 176.73 16.69
CA GLU KA 516 -78.52 176.76 17.23
C GLU KA 516 -79.46 176.00 16.31
N LEU KA 517 -80.49 175.40 16.90
CA LEU KA 517 -81.54 174.76 16.13
C LEU KA 517 -82.75 175.69 16.11
N VAL KA 518 -83.15 176.10 14.93
CA VAL KA 518 -84.29 177.00 14.74
C VAL KA 518 -85.46 176.18 14.22
N ILE KA 519 -86.66 176.57 14.62
CA ILE KA 519 -87.89 176.06 14.02
C ILE KA 519 -88.20 176.94 12.83
N ASN KA 520 -88.45 176.33 11.67
CA ASN KA 520 -88.60 177.08 10.40
C ASN KA 520 -89.96 176.81 9.77
N GLY KA 521 -91.01 177.42 10.33
CA GLY KA 521 -92.34 177.36 9.77
C GLY KA 521 -93.13 176.13 10.15
N ALA KA 522 -92.57 175.25 10.98
CA ALA KA 522 -93.37 174.19 11.57
C ALA KA 522 -94.40 174.77 12.52
N SER KA 523 -95.62 174.23 12.47
CA SER KA 523 -96.70 174.57 13.38
C SER KA 523 -97.18 173.32 14.09
N ALA KA 524 -97.83 173.52 15.23
CA ALA KA 524 -98.44 172.40 15.95
C ALA KA 524 -99.51 171.72 15.11
N ALA KA 525 -100.14 172.44 14.18
CA ALA KA 525 -101.16 171.83 13.33
C ALA KA 525 -100.57 170.80 12.36
N GLU KA 526 -99.25 170.87 12.12
CA GLU KA 526 -98.60 169.91 11.23
C GLU KA 526 -98.54 168.53 11.88
N LEU KA 527 -97.80 168.40 12.98
CA LEU KA 527 -97.60 167.13 13.66
C LEU KA 527 -98.87 166.55 14.26
N LYS KA 528 -100.04 167.07 13.84
CA LYS KA 528 -101.32 166.62 14.39
C LYS KA 528 -101.55 165.14 14.14
N GLN KA 529 -101.14 164.63 12.98
CA GLN KA 529 -101.47 163.32 12.40
C GLN KA 529 -101.87 162.25 13.40
N GLU KA 530 -102.92 162.49 14.15
CA GLU KA 530 -103.21 161.46 15.14
C GLU KA 530 -104.55 160.84 14.84
N ALA KA 531 -104.66 159.56 15.17
CA ALA KA 531 -105.91 158.87 15.02
C ALA KA 531 -107.03 159.59 15.76
N ILE KA 532 -106.71 160.32 16.87
CA ILE KA 532 -107.63 161.23 17.58
C ILE KA 532 -107.16 162.28 18.54
N ARG KA 533 -108.16 162.79 19.28
CA ARG KA 533 -108.03 163.69 20.42
C ARG KA 533 -107.18 163.13 21.54
N LEU KA 534 -107.53 161.98 22.13
CA LEU KA 534 -106.68 161.46 23.21
C LEU KA 534 -105.28 161.12 22.72
N GLY KA 535 -105.17 160.44 21.58
CA GLY KA 535 -103.85 160.21 21.00
C GLY KA 535 -103.08 161.51 20.77
N MET KA 536 -103.75 162.51 20.18
CA MET KA 536 -103.06 163.76 19.89
C MET KA 536 -102.61 164.43 21.18
N SER KA 537 -103.47 164.41 22.20
CA SER KA 537 -103.14 164.96 23.51
C SER KA 537 -101.90 164.28 24.08
N SER KA 538 -101.85 162.94 24.03
CA SER KA 538 -100.66 162.22 24.46
C SER KA 538 -99.41 162.74 23.75
N LEU KA 539 -99.52 162.95 22.43
CA LEU KA 539 -98.37 163.51 21.70
C LEU KA 539 -97.97 164.88 22.26
N ARG KA 540 -98.95 165.75 22.53
CA ARG KA 540 -98.62 167.07 23.07
C ARG KA 540 -97.87 166.97 24.40
N MET KA 541 -98.45 166.21 25.34
CA MET KA 541 -97.79 165.99 26.62
C MET KA 541 -96.36 165.51 26.39
N SER KA 542 -96.17 164.44 25.63
CA SER KA 542 -94.80 164.04 25.31
C SER KA 542 -94.01 165.17 24.65
N GLY KA 543 -94.69 166.09 23.97
CA GLY KA 543 -94.06 167.20 23.30
C GLY KA 543 -93.34 168.08 24.28
N LEU KA 544 -94.04 168.53 25.32
CA LEU KA 544 -93.39 169.35 26.34
C LEU KA 544 -93.13 168.60 27.65
N ARG KA 545 -94.00 167.68 28.05
CA ARG KA 545 -93.75 166.91 29.25
C ARG KA 545 -92.61 165.91 29.05
N LYS KA 546 -92.69 165.09 28.00
CA LYS KA 546 -91.59 164.12 27.75
C LYS KA 546 -90.28 164.85 27.56
N ALA KA 551 -77.96 160.92 34.06
CA ALA KA 551 -78.31 159.56 33.65
C ALA KA 551 -77.91 159.41 32.19
N THR KA 552 -76.70 158.89 31.97
CA THR KA 552 -76.14 158.88 30.63
C THR KA 552 -76.13 157.50 29.97
N THR KA 553 -75.92 156.42 30.74
CA THR KA 553 -75.78 155.09 30.16
C THR KA 553 -77.05 154.64 29.45
N LEU KA 554 -76.86 153.87 28.36
CA LEU KA 554 -77.98 153.34 27.59
C LEU KA 554 -78.86 152.42 28.41
N GLU KA 555 -78.25 151.49 29.14
CA GLU KA 555 -79.05 150.58 29.96
C GLU KA 555 -79.93 151.36 30.91
N GLU KA 556 -79.35 152.34 31.62
CA GLU KA 556 -80.13 153.12 32.57
C GLU KA 556 -81.13 154.04 31.86
N VAL KA 557 -80.71 154.67 30.75
CA VAL KA 557 -81.61 155.56 30.01
C VAL KA 557 -82.83 154.81 29.49
N VAL KA 558 -82.60 153.75 28.69
CA VAL KA 558 -83.69 152.83 28.36
C VAL KA 558 -84.49 152.49 29.60
N GLY KA 559 -83.77 152.22 30.69
CA GLY KA 559 -84.44 151.84 31.92
C GLY KA 559 -85.42 152.89 32.39
N ASN KA 560 -85.13 154.18 32.11
CA ASN KA 560 -85.91 155.31 32.60
C ASN KA 560 -86.85 155.87 31.55
N THR KA 561 -86.76 155.41 30.32
CA THR KA 561 -87.78 155.71 29.32
C THR KA 561 -88.86 154.65 29.37
N ALA KA 562 -88.42 153.42 29.57
CA ALA KA 562 -89.29 152.32 29.98
C ALA KA 562 -90.42 152.74 30.94
N PRO KA 563 -90.15 153.30 32.13
CA PRO KA 563 -91.03 153.86 33.16
C PRO KA 563 -92.02 154.85 32.59
N ILE LA 74 -19.17 142.70 -34.66
CA ILE LA 74 -18.30 143.79 -35.16
C ILE LA 74 -17.09 143.29 -36.01
N LYS LA 75 -16.65 144.06 -37.02
CA LYS LA 75 -15.43 143.78 -37.79
C LYS LA 75 -14.80 145.07 -38.36
N LEU LA 76 -13.46 145.12 -38.38
CA LEU LA 76 -12.68 146.27 -38.91
C LEU LA 76 -11.61 145.70 -39.85
N VAL LA 77 -10.57 146.48 -40.18
CA VAL LA 77 -9.46 145.82 -40.90
C VAL LA 77 -8.52 145.29 -39.82
N PRO LA 78 -7.20 145.55 -39.74
CA PRO LA 78 -6.48 145.01 -38.59
C PRO LA 78 -6.84 145.78 -37.34
N LYS LA 79 -6.84 145.07 -36.21
CA LYS LA 79 -7.01 145.74 -34.93
C LYS LA 79 -6.10 146.96 -34.83
N GLU LA 80 -4.87 146.85 -35.34
CA GLU LA 80 -3.94 147.97 -35.31
C GLU LA 80 -4.51 149.18 -36.04
N VAL LA 81 -5.14 148.96 -37.19
CA VAL LA 81 -5.66 150.11 -37.95
C VAL LA 81 -6.76 150.82 -37.16
N ALA LA 82 -7.68 150.05 -36.53
CA ALA LA 82 -8.68 150.67 -35.67
C ALA LA 82 -8.03 151.54 -34.61
N GLU LA 83 -7.01 151.00 -33.95
CA GLU LA 83 -6.44 151.75 -32.84
C GLU LA 83 -5.71 153.00 -33.34
N LYS LA 84 -5.01 152.88 -34.48
CA LYS LA 84 -4.29 154.02 -35.02
C LYS LA 84 -5.23 155.13 -35.44
N HIS LA 85 -6.33 154.78 -36.12
CA HIS LA 85 -7.24 155.78 -36.63
C HIS LA 85 -8.40 156.07 -35.68
N LEU LA 86 -8.51 155.31 -34.57
CA LEU LA 86 -9.55 155.50 -33.55
C LEU LA 86 -10.95 155.48 -34.17
N VAL LA 87 -11.24 154.36 -34.85
CA VAL LA 87 -12.52 154.12 -35.47
C VAL LA 87 -12.83 152.64 -35.32
N VAL LA 88 -14.11 152.31 -35.36
CA VAL LA 88 -14.55 150.96 -35.02
C VAL LA 88 -15.86 150.72 -35.72
N PRO LA 89 -15.98 149.68 -36.53
CA PRO LA 89 -17.30 149.36 -37.07
C PRO LA 89 -18.11 148.78 -35.92
N VAL LA 90 -19.42 148.95 -35.96
CA VAL LA 90 -20.23 148.56 -34.82
C VAL LA 90 -21.51 147.87 -35.23
N ASN LA 91 -21.77 147.77 -36.53
CA ASN LA 91 -22.91 147.02 -37.05
C ASN LA 91 -22.96 147.10 -38.57
N ARG LA 92 -23.90 146.36 -39.15
CA ARG LA 92 -24.17 146.41 -40.59
C ARG LA 92 -25.68 146.36 -40.73
N ALA LA 93 -26.25 147.39 -41.34
CA ALA LA 93 -27.70 147.52 -41.43
C ALA LA 93 -28.03 148.20 -42.74
N GLY LA 94 -29.09 147.73 -43.41
CA GLY LA 94 -29.52 148.35 -44.64
C GLY LA 94 -28.37 148.62 -45.57
N PRO LA 95 -27.94 147.58 -46.25
CA PRO LA 95 -26.58 147.47 -46.77
C PRO LA 95 -25.43 148.41 -46.42
N SER LA 96 -25.35 148.95 -45.20
CA SER LA 96 -24.28 149.86 -44.87
C SER LA 96 -23.58 149.44 -43.57
N LEU LA 97 -22.28 149.69 -43.51
CA LEU LA 97 -21.47 149.43 -42.34
C LEU LA 97 -21.48 150.64 -41.42
N ILE LA 98 -22.04 150.48 -40.24
CA ILE LA 98 -21.99 151.53 -39.22
C ILE LA 98 -20.57 151.60 -38.68
N VAL LA 99 -19.95 152.78 -38.79
CA VAL LA 99 -18.58 153.01 -38.36
C VAL LA 99 -18.57 154.13 -37.33
N ALA LA 100 -18.17 153.80 -36.11
CA ALA LA 100 -17.95 154.82 -35.09
C ALA LA 100 -16.56 155.40 -35.28
N MET LA 101 -16.49 156.73 -35.37
CA MET LA 101 -15.31 157.43 -35.84
C MET LA 101 -15.10 158.67 -34.98
N CYS LA 102 -13.85 158.88 -34.58
CA CYS LA 102 -13.52 160.02 -33.73
C CYS LA 102 -13.19 161.25 -34.55
N ASP LA 103 -12.61 161.07 -35.74
CA ASP LA 103 -12.17 162.16 -36.60
C ASP LA 103 -12.86 162.07 -37.95
N PRO LA 104 -14.15 162.38 -38.03
CA PRO LA 104 -14.89 162.21 -39.29
C PRO LA 104 -14.53 163.22 -40.36
N SER LA 105 -13.67 164.20 -40.05
CA SER LA 105 -13.16 165.11 -41.05
C SER LA 105 -11.98 164.55 -41.83
N ASN LA 106 -11.47 163.39 -41.43
CA ASN LA 106 -10.25 162.83 -42.02
C ASN LA 106 -10.65 161.98 -43.22
N ILE LA 107 -10.67 162.61 -44.40
CA ILE LA 107 -11.06 161.92 -45.63
C ILE LA 107 -10.07 160.83 -46.00
N PHE LA 108 -8.81 160.95 -45.59
CA PHE LA 108 -7.86 159.87 -45.88
C PHE LA 108 -8.27 158.59 -45.17
N ALA LA 109 -8.57 158.68 -43.87
CA ALA LA 109 -8.93 157.48 -43.11
C ALA LA 109 -10.25 156.90 -43.62
N VAL LA 110 -11.22 157.77 -43.90
CA VAL LA 110 -12.52 157.31 -44.38
C VAL LA 110 -12.37 156.59 -45.72
N ASP LA 111 -11.61 157.19 -46.64
CA ASP LA 111 -11.43 156.56 -47.95
C ASP LA 111 -10.62 155.27 -47.84
N ASP LA 112 -9.70 155.20 -46.87
CA ASP LA 112 -9.01 153.95 -46.61
C ASP LA 112 -9.99 152.87 -46.16
N LEU LA 113 -10.91 153.21 -45.26
CA LEU LA 113 -11.89 152.22 -44.81
C LEU LA 113 -12.85 151.82 -45.93
N LYS LA 114 -13.29 152.79 -46.73
CA LYS LA 114 -14.14 152.49 -47.88
C LYS LA 114 -13.46 151.52 -48.83
N PHE LA 115 -12.18 151.75 -49.13
CA PHE LA 115 -11.51 150.87 -50.08
C PHE LA 115 -11.24 149.50 -49.48
N LEU LA 116 -10.82 149.45 -48.21
CA LEU LA 116 -10.40 148.18 -47.63
C LEU LA 116 -11.59 147.27 -47.36
N THR LA 117 -12.72 147.83 -46.91
CA THR LA 117 -13.90 147.02 -46.68
C THR LA 117 -14.72 146.75 -47.94
N GLY LA 118 -14.69 147.67 -48.89
CA GLY LA 118 -15.58 147.56 -50.03
C GLY LA 118 -17.03 147.78 -49.68
N TYR LA 119 -17.32 148.34 -48.51
CA TYR LA 119 -18.67 148.53 -48.04
C TYR LA 119 -18.99 150.01 -47.95
N ASN LA 120 -20.25 150.32 -48.21
CA ASN LA 120 -20.71 151.68 -48.01
C ASN LA 120 -20.86 151.95 -46.52
N ILE LA 121 -20.47 153.14 -46.11
CA ILE LA 121 -20.33 153.46 -44.69
C ILE LA 121 -21.48 154.34 -44.24
N GLU LA 122 -21.84 154.21 -42.97
CA GLU LA 122 -22.64 155.18 -42.24
C GLU LA 122 -21.82 155.62 -41.04
N THR LA 123 -21.45 156.91 -41.01
CA THR LA 123 -20.54 157.42 -40.01
C THR LA 123 -21.30 157.88 -38.77
N VAL LA 124 -20.77 157.52 -37.60
CA VAL LA 124 -21.30 157.93 -36.31
C VAL LA 124 -20.14 158.49 -35.49
N VAL LA 125 -20.28 159.73 -35.03
CA VAL LA 125 -19.20 160.35 -34.26
C VAL LA 125 -19.24 159.83 -32.84
N ALA LA 126 -18.07 159.53 -32.29
CA ALA LA 126 -17.98 159.11 -30.90
C ALA LA 126 -16.75 159.72 -30.26
N SER LA 127 -16.79 159.85 -28.94
CA SER LA 127 -15.64 160.33 -28.19
C SER LA 127 -14.47 159.37 -28.35
N GLU LA 128 -13.27 159.93 -28.53
CA GLU LA 128 -12.10 159.12 -28.87
C GLU LA 128 -11.87 157.98 -27.88
N VAL LA 129 -11.91 158.29 -26.59
CA VAL LA 129 -11.59 157.28 -25.58
C VAL LA 129 -12.68 156.22 -25.51
N SER LA 130 -13.93 156.59 -25.81
CA SER LA 130 -15.00 155.59 -25.82
C SER LA 130 -14.81 154.60 -26.95
N ILE LA 131 -14.39 155.10 -28.13
CA ILE LA 131 -14.08 154.23 -29.25
C ILE LA 131 -12.91 153.31 -28.90
N ARG LA 132 -11.85 153.88 -28.34
CA ARG LA 132 -10.70 153.07 -27.98
C ARG LA 132 -11.11 151.96 -26.99
N GLU LA 133 -11.88 152.34 -25.97
CA GLU LA 133 -12.36 151.38 -24.98
C GLU LA 133 -13.15 150.27 -25.65
N ALA LA 134 -14.04 150.63 -26.59
CA ALA LA 134 -14.83 149.59 -27.26
C ALA LA 134 -13.95 148.68 -28.10
N ILE LA 135 -12.95 149.24 -28.79
CA ILE LA 135 -12.03 148.42 -29.58
C ILE LA 135 -11.38 147.38 -28.68
N GLU LA 136 -10.85 147.82 -27.53
CA GLU LA 136 -10.14 146.90 -26.66
C GLU LA 136 -11.10 145.91 -25.97
N ARG LA 137 -12.31 146.34 -25.63
CA ARG LA 137 -13.23 145.41 -24.99
C ARG LA 137 -13.65 144.33 -25.98
N TYR LA 138 -13.87 144.73 -27.22
CA TYR LA 138 -14.39 143.79 -28.20
C TYR LA 138 -13.29 142.94 -28.80
N LYS LA 142 -17.68 144.33 -20.69
CA LYS LA 142 -18.81 143.44 -20.96
C LYS LA 142 -18.54 142.02 -20.54
N GLY LA 143 -17.27 141.68 -20.30
CA GLY LA 143 -16.88 140.42 -19.72
C GLY LA 143 -16.97 140.39 -18.21
N PRO LA 144 -16.33 141.35 -17.53
CA PRO LA 144 -16.47 141.44 -16.07
C PRO LA 144 -17.93 141.45 -15.66
N SER LA 145 -18.76 142.02 -16.52
CA SER LA 145 -20.20 141.97 -16.36
C SER LA 145 -20.77 140.58 -16.60
N LEU LA 146 -20.31 139.88 -17.65
CA LEU LA 146 -20.82 138.54 -17.96
C LEU LA 146 -20.72 137.59 -16.78
N GLU LA 147 -19.79 137.85 -15.86
CA GLU LA 147 -19.65 137.05 -14.66
C GLU LA 147 -20.37 137.65 -13.46
N ASP LA 148 -20.23 138.97 -13.23
CA ASP LA 148 -20.98 139.56 -12.12
C ASP LA 148 -22.49 139.38 -12.27
N ILE LA 149 -22.97 139.06 -13.48
CA ILE LA 149 -24.40 138.81 -13.68
C ILE LA 149 -24.85 137.60 -12.86
N VAL LA 150 -24.08 136.51 -12.89
CA VAL LA 150 -24.44 135.26 -12.21
C VAL LA 150 -24.31 135.45 -10.70
N GLY LA 151 -24.68 136.62 -10.21
CA GLY LA 151 -24.63 136.89 -8.79
C GLY LA 151 -25.97 137.36 -8.25
N ASP LA 152 -26.88 136.41 -8.03
CA ASP LA 152 -28.26 136.69 -7.61
C ASP LA 152 -28.34 137.75 -6.52
N VAL LA 153 -27.34 137.79 -5.64
CA VAL LA 153 -27.33 138.72 -4.51
C VAL LA 153 -27.13 140.15 -4.97
N GLY LA 154 -27.08 140.37 -6.27
CA GLY LA 154 -26.91 141.71 -6.79
C GLY LA 154 -28.21 142.31 -7.30
N ASP LA 155 -28.89 141.59 -8.20
CA ASP LA 155 -30.12 142.09 -8.78
C ASP LA 155 -31.20 142.28 -7.73
N ASP LA 156 -31.16 141.47 -6.68
CA ASP LA 156 -32.17 141.51 -5.62
C ASP LA 156 -32.43 142.93 -5.15
N ILE LA 157 -33.64 143.42 -5.41
CA ILE LA 157 -34.02 144.75 -4.96
C ILE LA 157 -34.33 144.78 -3.47
N GLU LA 158 -34.64 143.62 -2.87
CA GLU LA 158 -34.89 143.56 -1.43
C GLU LA 158 -33.71 144.09 -0.63
N VAL LA 159 -32.51 144.02 -1.19
CA VAL LA 159 -31.31 144.48 -0.51
C VAL LA 159 -31.14 145.97 -0.74
N THR LA 160 -30.80 146.69 0.32
CA THR LA 160 -30.52 148.11 0.22
C THR LA 160 -29.39 148.35 -0.78
N LYS LA 161 -29.51 149.43 -1.57
CA LYS LA 161 -28.52 149.73 -2.58
C LYS LA 161 -27.13 149.95 -1.98
N GLU LA 162 -27.09 150.53 -0.77
CA GLU LA 162 -25.82 150.82 -0.10
C GLU LA 162 -24.94 149.57 0.03
N GLU LA 163 -25.54 148.42 0.37
CA GLU LA 163 -24.77 147.18 0.57
C GLU LA 163 -24.51 146.45 -0.75
N THR LA 164 -25.57 146.25 -1.54
CA THR LA 164 -25.49 145.63 -2.86
C THR LA 164 -24.26 146.13 -3.62
N GLU LA 165 -24.15 147.46 -3.71
CA GLU LA 165 -23.00 148.07 -4.36
C GLU LA 165 -21.70 147.47 -3.86
N ASN LA 166 -21.54 147.39 -2.53
CA ASN LA 166 -20.33 146.84 -1.94
C ASN LA 166 -20.01 145.48 -2.53
N ILE LA 167 -21.01 144.58 -2.58
CA ILE LA 167 -20.71 143.28 -3.18
C ILE LA 167 -20.13 143.45 -4.57
N ASP LA 168 -20.74 144.32 -5.38
CA ASP LA 168 -20.21 144.43 -6.75
C ASP LA 168 -18.74 144.86 -6.76
N GLU LA 169 -18.36 145.78 -5.87
CA GLU LA 169 -16.96 146.19 -5.78
C GLU LA 169 -16.05 145.02 -5.39
N MET LA 170 -16.35 144.40 -4.26
CA MET LA 170 -15.50 143.32 -3.75
C MET LA 170 -15.41 142.17 -4.75
N ALA LA 171 -16.54 141.80 -5.34
CA ALA LA 171 -16.57 140.79 -6.39
C ALA LA 171 -15.70 141.19 -7.56
N LYS LA 172 -15.68 142.48 -7.90
CA LYS LA 172 -14.80 142.95 -8.96
C LYS LA 172 -13.32 142.84 -8.60
N ALA LA 173 -12.97 142.85 -7.29
CA ALA LA 173 -11.58 142.61 -6.92
C ALA LA 173 -11.03 141.31 -7.49
N ALA LA 174 -11.90 140.39 -7.92
CA ALA LA 174 -11.45 139.11 -8.45
C ALA LA 174 -10.38 139.28 -9.53
N ASP LA 175 -10.61 140.21 -10.46
CA ASP LA 175 -9.73 140.33 -11.62
C ASP LA 175 -8.36 140.87 -11.22
N ASP LA 176 -8.33 142.02 -10.57
CA ASP LA 176 -7.08 142.73 -10.41
C ASP LA 176 -6.69 143.00 -8.98
N ALA LA 177 -7.50 142.59 -7.98
CA ALA LA 177 -7.39 142.91 -6.56
C ALA LA 177 -7.14 144.38 -6.38
N PRO LA 178 -8.11 145.25 -6.75
CA PRO LA 178 -8.44 146.40 -5.90
C PRO LA 178 -9.88 146.42 -5.68
N VAL LA 179 -10.34 147.39 -4.92
CA VAL LA 179 -11.73 147.89 -4.96
C VAL LA 179 -11.75 149.01 -6.00
N VAL LA 180 -12.56 148.87 -7.05
CA VAL LA 180 -12.93 150.03 -7.85
C VAL LA 180 -14.17 150.61 -7.18
N LYS LA 181 -14.08 151.87 -6.81
CA LYS LA 181 -15.25 152.63 -6.43
C LYS LA 181 -15.90 153.21 -7.67
N LEU LA 182 -17.23 153.12 -7.72
CA LEU LA 182 -18.05 153.78 -8.74
C LEU LA 182 -17.76 153.28 -10.15
N VAL LA 183 -17.88 151.97 -10.38
CA VAL LA 183 -17.88 151.63 -11.80
C VAL LA 183 -19.15 152.23 -12.37
N ASN LA 184 -18.97 153.20 -13.24
CA ASN LA 184 -20.12 153.83 -13.88
C ASN LA 184 -21.01 152.79 -14.56
N LEU LA 185 -20.47 152.02 -15.51
CA LEU LA 185 -21.33 151.08 -16.25
C LEU LA 185 -21.83 149.94 -15.37
N ILE LA 186 -20.92 149.29 -14.63
CA ILE LA 186 -21.31 148.17 -13.76
C ILE LA 186 -22.46 148.58 -12.86
N LEU LA 187 -22.46 149.83 -12.39
CA LEU LA 187 -23.63 150.35 -11.67
C LEU LA 187 -24.76 150.65 -12.64
N MET LA 188 -24.45 151.24 -13.79
CA MET LA 188 -25.48 151.70 -14.72
C MET LA 188 -26.34 150.55 -15.21
N ASP LA 189 -25.89 149.33 -15.03
CA ASP LA 189 -26.59 148.16 -15.50
C ASP LA 189 -27.10 147.27 -14.37
N ALA LA 190 -26.69 147.53 -13.13
CA ALA LA 190 -27.20 146.81 -11.97
C ALA LA 190 -28.11 147.66 -11.10
N ILE LA 191 -27.79 148.94 -10.95
CA ILE LA 191 -28.59 149.85 -10.13
C ILE LA 191 -29.18 151.01 -10.91
N SER LA 196 -38.30 165.50 -19.34
CA SER LA 196 -39.53 165.11 -18.69
C SER LA 196 -40.33 164.07 -19.49
N ASP LA 197 -39.86 163.71 -20.69
CA ASP LA 197 -40.54 162.74 -21.54
C ASP LA 197 -39.48 162.00 -22.35
N ILE LA 198 -39.56 160.67 -22.34
CA ILE LA 198 -38.63 159.82 -23.06
C ILE LA 198 -39.43 159.01 -24.06
N HIS LA 199 -39.25 159.28 -25.34
CA HIS LA 199 -39.96 158.54 -26.37
C HIS LA 199 -39.03 157.60 -27.11
N VAL LA 200 -39.36 156.34 -27.05
CA VAL LA 200 -38.57 155.29 -27.58
C VAL LA 200 -39.46 154.54 -28.56
N GLU LA 201 -39.42 154.90 -29.81
CA GLU LA 201 -40.50 154.40 -30.67
C GLU LA 201 -40.21 153.09 -31.37
N PRO LA 202 -39.15 152.93 -32.17
CA PRO LA 202 -38.86 151.58 -32.58
C PRO LA 202 -37.41 151.18 -32.64
N TYR LA 203 -37.23 150.04 -33.28
CA TYR LA 203 -35.92 149.47 -33.52
C TYR LA 203 -35.07 150.41 -34.38
N GLU LA 204 -33.85 150.68 -33.91
CA GLU LA 204 -32.88 151.50 -34.62
C GLU LA 204 -33.43 152.88 -34.92
N LYS LA 205 -34.21 153.40 -33.98
CA LYS LA 205 -34.72 154.74 -34.06
C LYS LA 205 -34.20 155.57 -32.91
N ASP LA 206 -33.65 156.73 -33.24
CA ASP LA 206 -33.06 157.56 -32.20
C ASP LA 206 -34.14 158.05 -31.25
N PHE LA 207 -33.85 157.92 -29.95
CA PHE LA 207 -34.82 158.32 -28.94
C PHE LA 207 -35.10 159.80 -29.03
N ARG LA 208 -36.31 160.16 -28.73
CA ARG LA 208 -36.66 161.57 -28.69
C ARG LA 208 -37.06 161.92 -27.27
N VAL LA 209 -36.96 163.20 -26.92
CA VAL LA 209 -37.34 163.61 -25.59
C VAL LA 209 -38.03 164.96 -25.63
N ARG LA 210 -38.62 165.29 -24.48
CA ARG LA 210 -39.18 166.61 -24.23
C ARG LA 210 -38.35 167.27 -23.14
N PHE LA 211 -37.53 168.26 -23.54
CA PHE LA 211 -36.69 168.97 -22.61
C PHE LA 211 -37.45 170.12 -21.96
N ARG LA 212 -37.17 170.36 -20.69
CA ARG LA 212 -37.82 171.39 -19.90
C ARG LA 212 -37.84 172.76 -20.57
N ILE LA 213 -36.92 173.00 -21.51
CA ILE LA 213 -36.81 174.29 -22.19
C ILE LA 213 -36.78 174.10 -23.71
N ASP LA 214 -36.22 172.99 -24.17
CA ASP LA 214 -36.02 172.77 -25.60
C ASP LA 214 -37.15 171.97 -26.24
N GLY LA 215 -37.91 171.22 -25.45
CA GLY LA 215 -39.08 170.56 -26.01
C GLY LA 215 -38.66 169.32 -26.78
N VAL LA 216 -39.28 169.11 -27.93
CA VAL LA 216 -39.04 167.89 -28.69
C VAL LA 216 -37.66 167.99 -29.35
N MET LA 217 -36.76 167.09 -28.96
CA MET LA 217 -35.47 167.02 -29.63
C MET LA 217 -35.07 165.57 -29.82
N TYR LA 218 -34.26 165.35 -30.86
CA TYR LA 218 -33.70 164.05 -31.15
C TYR LA 218 -32.53 163.78 -30.22
N GLU LA 219 -32.18 162.51 -30.09
CA GLU LA 219 -31.14 162.12 -29.15
C GLU LA 219 -30.17 161.15 -29.80
N VAL LA 220 -29.00 161.05 -29.17
CA VAL LA 220 -27.89 160.25 -29.66
C VAL LA 220 -28.01 158.82 -29.16
N MET LA 221 -29.20 158.43 -28.68
CA MET LA 221 -29.42 157.10 -28.12
C MET LA 221 -30.39 156.32 -29.02
N ARG LA 222 -29.90 155.22 -29.57
CA ARG LA 222 -30.59 154.26 -30.42
C ARG LA 222 -30.34 152.85 -29.92
N PRO LA 223 -31.36 152.01 -30.00
CA PRO LA 223 -31.17 150.61 -29.74
C PRO LA 223 -31.71 149.76 -30.87
N PRO LA 224 -30.89 148.84 -31.35
CA PRO LA 224 -31.37 147.81 -32.27
C PRO LA 224 -32.25 146.82 -31.55
N MET LA 225 -32.79 145.87 -32.31
CA MET LA 225 -33.84 145.01 -31.78
C MET LA 225 -33.42 144.34 -30.48
N LYS LA 226 -32.21 143.78 -30.41
CA LYS LA 226 -31.83 143.08 -29.20
C LYS LA 226 -31.80 144.03 -28.01
N LEU LA 227 -31.11 145.17 -28.15
CA LEU LA 227 -31.08 146.11 -27.03
C LEU LA 227 -32.46 146.62 -26.70
N ARG LA 228 -33.25 147.00 -27.71
CA ARG LA 228 -34.62 147.37 -27.40
C ARG LA 228 -35.26 146.31 -26.52
N ASN LA 229 -35.34 145.07 -26.99
CA ASN LA 229 -36.00 144.02 -26.21
C ASN LA 229 -35.49 143.99 -24.78
N ALA LA 230 -34.18 144.12 -24.59
CA ALA LA 230 -33.61 144.07 -23.24
C ALA LA 230 -34.07 145.25 -22.38
N ILE LA 231 -33.94 146.49 -22.88
CA ILE LA 231 -34.51 147.65 -22.17
C ILE LA 231 -35.91 147.32 -21.74
N THR LA 232 -36.67 146.80 -22.69
CA THR LA 232 -38.09 146.68 -22.58
C THR LA 232 -38.50 145.79 -21.43
N SER LA 233 -37.83 144.65 -21.34
CA SER LA 233 -38.00 143.78 -20.19
C SER LA 233 -37.49 144.44 -18.91
N ARG LA 234 -36.36 145.13 -18.98
CA ARG LA 234 -35.81 145.83 -17.81
C ARG LA 234 -36.85 146.76 -17.17
N LEU LA 235 -37.34 147.70 -17.97
CA LEU LA 235 -38.32 148.68 -17.52
C LEU LA 235 -39.60 147.99 -17.06
N LYS LA 236 -40.08 147.05 -17.86
CA LYS LA 236 -41.25 146.28 -17.48
C LYS LA 236 -41.11 145.68 -16.08
N ILE LA 237 -39.98 145.05 -15.82
CA ILE LA 237 -39.77 144.31 -14.57
C ILE LA 237 -39.66 145.27 -13.40
N MET LA 238 -38.83 146.32 -13.53
CA MET LA 238 -38.71 147.30 -12.46
C MET LA 238 -40.05 147.94 -12.11
N ALA LA 239 -40.97 148.03 -13.07
CA ALA LA 239 -42.31 148.55 -12.81
C ALA LA 239 -43.24 147.52 -12.20
N SER LA 240 -42.82 146.24 -12.16
CA SER LA 240 -43.47 145.11 -11.48
C SER LA 240 -44.38 144.28 -12.38
N LEU LA 241 -44.09 144.16 -13.66
CA LEU LA 241 -45.04 143.46 -14.50
C LEU LA 241 -44.26 142.62 -15.51
N ASP LA 242 -44.97 141.78 -16.29
CA ASP LA 242 -44.31 140.76 -17.12
C ASP LA 242 -44.78 140.85 -18.57
N ILE LA 243 -44.10 141.67 -19.35
CA ILE LA 243 -44.53 141.85 -20.72
C ILE LA 243 -44.02 140.71 -21.59
N SER LA 244 -44.86 140.27 -22.51
CA SER LA 244 -44.55 139.11 -23.34
C SER LA 244 -45.44 139.16 -24.56
N GLU LA 245 -45.19 138.25 -25.50
CA GLU LA 245 -46.07 138.15 -26.66
C GLU LA 245 -47.51 137.86 -26.25
N ARG LA 246 -47.71 137.23 -25.11
CA ARG LA 246 -49.07 137.00 -24.63
C ARG LA 246 -49.67 138.28 -24.07
N ARG LA 247 -48.86 139.14 -23.47
CA ARG LA 247 -49.29 140.40 -22.93
C ARG LA 247 -48.32 141.49 -23.37
N LEU LA 248 -48.48 141.92 -24.61
CA LEU LA 248 -47.55 142.79 -25.32
C LEU LA 248 -47.62 144.25 -24.92
N PRO LA 249 -48.74 144.75 -24.41
CA PRO LA 249 -48.72 146.12 -23.91
C PRO LA 249 -48.85 146.25 -22.41
N GLN LA 250 -48.22 147.29 -21.88
CA GLN LA 250 -48.01 147.37 -20.46
C GLN LA 250 -47.99 148.81 -20.03
N ASP LA 251 -48.86 149.13 -19.09
CA ASP LA 251 -49.00 150.48 -18.62
C ASP LA 251 -48.81 150.47 -17.12
N GLY LA 252 -47.57 150.60 -16.72
CA GLY LA 252 -47.22 150.59 -15.34
C GLY LA 252 -46.60 151.87 -14.89
N ARG LA 253 -46.00 151.82 -13.71
CA ARG LA 253 -45.35 152.96 -13.07
C ARG LA 253 -44.09 152.47 -12.41
N ILE LA 254 -43.00 153.19 -12.64
CA ILE LA 254 -41.76 152.93 -11.93
C ILE LA 254 -41.75 153.80 -10.69
N LYS LA 255 -41.41 153.17 -9.58
CA LYS LA 255 -41.11 153.82 -8.30
C LYS LA 255 -39.60 153.94 -8.16
N ILE LA 256 -39.06 155.11 -8.51
CA ILE LA 256 -37.70 155.42 -8.10
C ILE LA 256 -37.65 155.44 -6.58
N LYS LA 257 -36.66 154.73 -6.02
CA LYS LA 257 -36.32 154.74 -4.60
C LYS LA 257 -36.48 156.12 -3.97
N MET LA 258 -36.15 157.19 -4.69
CA MET LA 258 -36.45 158.53 -4.22
C MET LA 258 -37.96 158.83 -4.23
N GLY LA 259 -38.80 157.86 -3.90
CA GLY LA 259 -40.24 158.04 -3.87
C GLY LA 259 -40.84 158.66 -5.11
N GLY LA 260 -40.04 158.80 -6.16
CA GLY LA 260 -40.50 159.52 -7.34
C GLY LA 260 -41.10 158.55 -8.34
N GLY LA 261 -42.17 158.97 -8.98
CA GLY LA 261 -42.81 158.03 -9.88
C GLY LA 261 -42.62 158.35 -11.34
N LYS LA 262 -42.94 157.39 -12.22
CA LYS LA 262 -42.98 157.73 -13.64
C LYS LA 262 -43.90 156.76 -14.36
N GLU LA 263 -44.66 157.30 -15.30
CA GLU LA 263 -45.61 156.52 -16.07
C GLU LA 263 -44.89 155.90 -17.26
N MET LA 264 -45.04 154.58 -17.39
CA MET LA 264 -44.35 153.83 -18.43
C MET LA 264 -45.36 153.07 -19.26
N ASP LA 265 -45.41 153.39 -20.54
CA ASP LA 265 -46.09 152.54 -21.50
C ASP LA 265 -45.07 151.75 -22.26
N PHE LA 266 -45.46 150.53 -22.58
CA PHE LA 266 -44.44 149.68 -23.11
C PHE LA 266 -45.03 148.56 -23.97
N ARG LA 267 -44.31 148.19 -25.04
CA ARG LA 267 -44.75 147.15 -25.96
C ARG LA 267 -43.61 146.23 -26.35
N VAL LA 268 -43.84 144.91 -26.24
CA VAL LA 268 -42.87 143.91 -26.67
C VAL LA 268 -43.23 143.42 -28.07
N SER LA 269 -42.23 142.90 -28.76
CA SER LA 269 -42.31 142.32 -30.10
C SER LA 269 -42.84 143.37 -31.07
N VAL LA 270 -43.58 142.94 -32.08
CA VAL LA 270 -44.03 143.80 -33.17
C VAL LA 270 -45.51 143.54 -33.38
N CYS LA 271 -46.07 142.68 -32.54
CA CYS LA 271 -47.47 142.27 -32.73
C CYS LA 271 -48.39 143.45 -32.61
N PRO LA 272 -48.28 144.31 -31.60
CA PRO LA 272 -49.08 145.52 -31.70
C PRO LA 272 -48.28 146.65 -32.30
N THR LA 273 -46.97 146.67 -32.12
CA THR LA 273 -46.12 147.71 -32.70
C THR LA 273 -45.26 147.17 -33.85
N LEU LA 274 -45.74 147.30 -35.09
CA LEU LA 274 -44.98 146.80 -36.22
C LEU LA 274 -43.57 147.34 -36.24
N PHE LA 275 -43.40 148.60 -35.86
CA PHE LA 275 -42.08 149.17 -35.80
C PHE LA 275 -41.26 148.55 -34.67
N GLY LA 276 -41.63 147.39 -34.16
CA GLY LA 276 -40.78 146.81 -33.14
C GLY LA 276 -41.23 147.17 -31.75
N GLU LA 277 -40.52 146.61 -30.78
CA GLU LA 277 -40.80 146.96 -29.39
C GLU LA 277 -40.55 148.43 -29.15
N LYS LA 278 -41.10 148.95 -28.05
CA LYS LA 278 -41.06 150.39 -27.86
C LYS LA 278 -41.53 150.73 -26.46
N VAL LA 279 -41.13 151.91 -25.99
CA VAL LA 279 -41.51 152.35 -24.64
C VAL LA 279 -41.58 153.86 -24.61
N VAL LA 280 -42.39 154.39 -23.69
CA VAL LA 280 -42.48 155.82 -23.42
C VAL LA 280 -42.54 156.02 -21.91
N MET LA 281 -41.95 157.13 -21.46
CA MET LA 281 -41.85 157.44 -20.04
C MET LA 281 -42.13 158.92 -19.80
N ARG LA 282 -43.24 159.23 -19.15
CA ARG LA 282 -43.58 160.59 -18.78
C ARG LA 282 -43.11 160.81 -17.35
N LEU LA 283 -41.94 161.43 -17.18
CA LEU LA 283 -41.37 161.58 -15.85
C LEU LA 283 -42.16 162.61 -15.04
N LEU LA 284 -42.43 162.28 -13.78
CA LEU LA 284 -43.12 163.17 -12.86
C LEU LA 284 -42.26 164.34 -12.40
N ASP LA 285 -41.06 164.54 -12.96
CA ASP LA 285 -40.34 165.77 -12.65
C ASP LA 285 -41.17 166.95 -13.12
N LYS LA 286 -41.69 167.71 -12.16
CA LYS LA 286 -42.56 168.84 -12.46
C LYS LA 286 -41.93 170.16 -12.04
N SER LA 287 -41.61 170.34 -10.75
CA SER LA 287 -41.26 171.64 -10.21
C SER LA 287 -42.46 172.56 -10.42
N ASN LA 288 -43.49 172.34 -9.60
CA ASN LA 288 -44.77 173.01 -9.76
C ASN LA 288 -44.65 174.50 -9.46
N LEU LA 289 -45.20 175.33 -10.35
CA LEU LA 289 -45.13 176.77 -10.16
C LEU LA 289 -45.79 177.16 -8.84
N GLN LA 290 -45.27 178.23 -8.22
CA GLN LA 290 -45.65 178.65 -6.88
C GLN LA 290 -46.39 179.98 -6.95
N LEU LA 291 -46.82 180.48 -5.79
CA LEU LA 291 -47.28 181.87 -5.68
C LEU LA 291 -46.19 182.87 -5.98
N ASP LA 292 -44.92 182.43 -5.99
CA ASP LA 292 -43.85 183.23 -6.55
C ASP LA 292 -44.22 183.76 -7.94
N MET LA 293 -45.23 183.16 -8.58
CA MET LA 293 -45.79 183.65 -9.83
C MET LA 293 -46.69 184.88 -9.72
N THR LA 294 -46.63 185.67 -8.66
CA THR LA 294 -46.91 187.08 -9.00
C THR LA 294 -45.71 187.71 -9.67
N LYS LA 295 -44.63 186.95 -9.81
CA LYS LA 295 -43.57 187.37 -10.69
C LYS LA 295 -44.07 187.39 -12.10
N LEU LA 296 -44.74 186.34 -12.47
CA LEU LA 296 -45.13 186.25 -13.84
C LEU LA 296 -46.38 187.08 -14.12
N GLY LA 297 -46.79 187.91 -13.15
CA GLY LA 297 -47.90 188.83 -13.35
C GLY LA 297 -49.22 188.13 -13.51
N PHE LA 298 -49.26 186.86 -13.18
CA PHE LA 298 -50.49 186.16 -13.42
C PHE LA 298 -51.49 186.57 -12.38
N ASP LA 299 -51.30 186.20 -11.14
CA ASP LA 299 -52.29 186.67 -10.19
C ASP LA 299 -51.65 187.69 -9.25
N ALA LA 300 -52.39 188.77 -9.01
CA ALA LA 300 -51.90 189.77 -8.06
C ALA LA 300 -51.80 189.17 -6.67
N GLN LA 301 -50.77 189.60 -5.95
CA GLN LA 301 -50.65 189.26 -4.53
C GLN LA 301 -51.96 189.46 -3.77
N PRO LA 302 -52.67 190.59 -3.89
CA PRO LA 302 -53.93 190.74 -3.15
C PRO LA 302 -54.88 189.58 -3.36
N LEU LA 303 -55.14 189.21 -4.62
CA LEU LA 303 -56.06 188.12 -4.90
C LEU LA 303 -55.55 186.81 -4.32
N ALA LA 304 -54.25 186.57 -4.38
CA ALA LA 304 -53.69 185.34 -3.82
C ALA LA 304 -53.88 185.28 -2.33
N TRP LA 305 -53.79 186.41 -1.63
CA TRP LA 305 -54.14 186.42 -0.22
C TRP LA 305 -55.60 186.09 -0.02
N PHE LA 306 -56.48 186.68 -0.83
CA PHE LA 306 -57.90 186.36 -0.71
C PHE LA 306 -58.15 184.87 -0.90
N LYS LA 307 -57.45 184.25 -1.85
CA LYS LA 307 -57.59 182.81 -2.05
C LYS LA 307 -56.99 182.02 -0.90
N GLU LA 308 -55.84 182.46 -0.40
CA GLU LA 308 -55.24 181.84 0.77
C GLU LA 308 -56.21 181.75 1.92
N ALA LA 309 -56.68 182.91 2.38
CA ALA LA 309 -57.89 182.93 3.19
C ALA LA 309 -58.85 181.85 2.70
N ILE LA 310 -59.60 182.15 1.63
CA ILE LA 310 -60.66 181.27 1.11
C ILE LA 310 -60.37 179.78 1.31
N ASP LA 311 -59.14 179.35 1.01
CA ASP LA 311 -58.83 177.93 1.06
C ASP LA 311 -58.70 177.47 2.50
N ARG LA 312 -58.29 178.36 3.39
CA ARG LA 312 -58.26 177.97 4.81
C ARG LA 312 -59.65 177.68 5.37
N PRO LA 313 -60.71 178.49 5.16
CA PRO LA 313 -62.05 178.15 5.64
C PRO LA 313 -62.85 177.24 4.71
N TYR LA 314 -62.21 176.65 3.70
CA TYR LA 314 -62.76 175.52 2.99
C TYR LA 314 -63.78 175.94 1.93
N GLY LA 315 -63.61 177.15 1.40
CA GLY LA 315 -64.36 177.55 0.21
C GLY LA 315 -63.91 176.75 -1.01
N MET LA 316 -64.86 176.08 -1.66
CA MET LA 316 -64.57 175.21 -2.78
C MET LA 316 -64.36 176.03 -4.06
N VAL LA 317 -63.42 175.59 -4.91
CA VAL LA 317 -63.07 176.40 -6.08
C VAL LA 317 -62.77 175.52 -7.29
N LEU LA 318 -63.21 175.99 -8.46
CA LEU LA 318 -62.89 175.36 -9.73
C LEU LA 318 -62.11 176.33 -10.60
N VAL LA 319 -61.06 175.83 -11.23
CA VAL LA 319 -60.25 176.60 -12.16
C VAL LA 319 -60.67 176.21 -13.58
N THR LA 320 -61.25 177.18 -14.28
CA THR LA 320 -61.74 177.08 -15.64
C THR LA 320 -60.83 177.89 -16.56
N GLY LA 321 -60.72 177.46 -17.81
CA GLY LA 321 -59.94 178.16 -18.81
C GLY LA 321 -59.87 177.39 -20.11
N PRO LA 322 -59.63 178.08 -21.23
CA PRO LA 322 -59.36 177.37 -22.50
C PRO LA 322 -58.15 176.46 -22.35
N THR LA 323 -57.78 175.74 -23.39
CA THR LA 323 -56.67 174.81 -23.22
C THR LA 323 -55.34 175.56 -23.32
N GLY LA 324 -54.39 175.16 -22.48
CA GLY LA 324 -53.11 175.82 -22.45
C GLY LA 324 -53.15 177.15 -21.73
N SER LA 325 -54.09 177.31 -20.79
CA SER LA 325 -54.29 178.60 -20.16
C SER LA 325 -53.76 178.69 -18.74
N GLY LA 326 -53.55 177.58 -18.05
CA GLY LA 326 -53.04 177.66 -16.68
C GLY LA 326 -53.77 176.83 -15.64
N LYS LA 327 -54.93 176.24 -15.95
CA LYS LA 327 -55.80 175.63 -14.95
C LYS LA 327 -55.02 174.81 -13.92
N THR LA 328 -54.41 173.70 -14.34
CA THR LA 328 -53.71 172.82 -13.39
C THR LA 328 -52.60 173.54 -12.65
N THR LA 329 -51.77 174.30 -13.37
CA THR LA 329 -50.70 175.04 -12.72
C THR LA 329 -51.25 175.88 -11.58
N THR LA 330 -52.20 176.77 -11.90
CA THR LA 330 -52.81 177.63 -10.91
C THR LA 330 -53.38 176.83 -9.73
N LEU LA 331 -54.14 175.77 -10.01
CA LEU LA 331 -54.69 174.95 -8.95
C LEU LA 331 -53.58 174.47 -8.02
N TYR LA 332 -52.62 173.76 -8.59
CA TYR LA 332 -51.48 173.24 -7.86
C TYR LA 332 -50.76 174.33 -7.08
N SER LA 333 -50.69 175.52 -7.67
CA SER LA 333 -50.14 176.67 -6.97
C SER LA 333 -50.93 176.98 -5.71
N ALA LA 334 -52.25 177.09 -5.83
CA ALA LA 334 -53.06 177.46 -4.67
C ALA LA 334 -52.97 176.40 -3.57
N LEU LA 335 -53.00 175.11 -3.91
CA LEU LA 335 -52.88 174.11 -2.84
C LEU LA 335 -51.49 174.11 -2.25
N SER LA 336 -50.48 174.23 -3.12
CA SER LA 336 -49.09 174.15 -2.71
C SER LA 336 -48.73 175.31 -1.82
N SER LA 337 -49.23 176.49 -2.16
CA SER LA 337 -48.92 177.67 -1.39
C SER LA 337 -49.46 177.60 0.01
N LEU LA 338 -50.58 176.92 0.25
CA LEU LA 338 -51.12 176.89 1.60
C LEU LA 338 -50.32 175.95 2.47
N ASN LA 339 -50.26 176.25 3.76
CA ASN LA 339 -49.87 175.24 4.72
C ASN LA 339 -50.97 174.19 4.81
N GLY LA 340 -50.75 173.03 4.22
CA GLY LA 340 -51.71 171.96 4.42
C GLY LA 340 -51.24 170.90 5.40
N LEU LA 341 -50.33 171.25 6.30
CA LEU LA 341 -49.72 170.26 7.18
C LEU LA 341 -50.68 169.76 8.26
N ASP LA 342 -51.72 170.51 8.59
CA ASP LA 342 -52.64 170.16 9.67
C ASP LA 342 -53.98 169.63 9.17
N THR LA 343 -54.11 169.38 7.88
CA THR LA 343 -55.38 168.95 7.33
C THR LA 343 -55.13 167.74 6.44
N ASN LA 344 -56.06 166.79 6.45
CA ASN LA 344 -55.96 165.63 5.58
C ASN LA 344 -56.48 166.02 4.20
N ILE LA 345 -55.58 165.95 3.20
CA ILE LA 345 -55.89 166.23 1.80
C ILE LA 345 -55.66 164.97 1.02
N CYS LA 346 -56.14 164.99 -0.18
CA CYS LA 346 -56.83 163.84 -0.65
C CYS LA 346 -57.21 164.07 -2.12
N THR LA 347 -56.47 163.44 -3.05
CA THR LA 347 -56.49 163.83 -4.47
C THR LA 347 -56.78 162.63 -5.37
N ALA LA 348 -57.58 162.86 -6.41
CA ALA LA 348 -57.96 161.84 -7.39
C ALA LA 348 -57.63 162.38 -8.78
N GLU LA 349 -56.67 161.76 -9.47
CA GLU LA 349 -56.28 162.23 -10.80
C GLU LA 349 -56.27 161.09 -11.79
N ASP LA 350 -56.48 161.41 -13.08
CA ASP LA 350 -56.40 160.39 -14.11
C ASP LA 350 -54.93 160.05 -14.34
N PRO LA 351 -53.99 161.03 -14.50
CA PRO LA 351 -52.59 160.76 -14.11
C PRO LA 351 -51.95 161.80 -13.18
N VAL LA 352 -50.87 161.42 -12.46
CA VAL LA 352 -50.16 162.39 -11.60
C VAL LA 352 -49.92 163.67 -12.36
N GLU LA 353 -50.22 164.77 -11.71
CA GLU LA 353 -49.70 166.03 -12.16
C GLU LA 353 -49.42 166.88 -10.93
N PHE LA 354 -50.10 166.56 -9.84
CA PHE LA 354 -50.08 167.41 -8.65
C PHE LA 354 -48.93 167.07 -7.73
N ASN LA 355 -48.09 168.06 -7.45
CA ASN LA 355 -47.04 167.96 -6.46
C ASN LA 355 -47.42 168.78 -5.25
N PHE LA 356 -47.35 168.19 -4.07
CA PHE LA 356 -47.62 168.93 -2.84
C PHE LA 356 -46.60 168.59 -1.78
N ALA LA 357 -46.05 169.63 -1.16
CA ALA LA 357 -45.11 169.50 -0.05
C ALA LA 357 -45.84 169.40 1.27
N GLY LA 358 -46.63 168.35 1.40
CA GLY LA 358 -47.42 168.12 2.60
C GLY LA 358 -47.63 166.66 2.91
N ILE LA 359 -47.74 166.41 4.19
CA ILE LA 359 -47.52 165.11 4.78
C ILE LA 359 -48.88 164.40 4.79
N ASN LA 360 -49.92 164.93 5.48
CA ASN LA 360 -51.28 164.36 5.48
C ASN LA 360 -51.94 164.33 4.11
N GLN LA 361 -51.48 163.50 3.22
CA GLN LA 361 -52.03 163.55 1.89
C GLN LA 361 -52.04 162.17 1.27
N VAL LA 362 -53.19 161.83 0.72
CA VAL LA 362 -53.40 160.59 0.00
C VAL LA 362 -53.57 160.95 -1.47
N GLN LA 363 -52.70 160.41 -2.30
CA GLN LA 363 -52.80 160.63 -3.74
C GLN LA 363 -53.29 159.34 -4.39
N MET LA 364 -54.39 159.46 -5.12
CA MET LA 364 -55.13 158.38 -5.75
C MET LA 364 -55.14 158.57 -7.24
N HIS LA 365 -54.79 157.52 -7.97
CA HIS LA 365 -54.78 157.58 -9.42
C HIS LA 365 -55.62 156.50 -10.05
N ASP LA 366 -56.38 156.94 -11.03
CA ASP LA 366 -57.16 156.06 -11.86
C ASP LA 366 -56.30 154.91 -12.40
N ASP LA 367 -56.82 153.71 -12.27
CA ASP LA 367 -56.20 152.52 -12.81
C ASP LA 367 -57.15 151.85 -13.81
N ILE LA 368 -56.67 150.76 -14.41
CA ILE LA 368 -57.43 150.07 -15.44
C ILE LA 368 -58.84 149.81 -14.93
N GLY LA 369 -59.85 150.26 -15.68
CA GLY LA 369 -61.20 149.83 -15.41
C GLY LA 369 -61.87 150.51 -14.26
N LEU LA 370 -61.25 151.54 -13.71
CA LEU LA 370 -61.84 152.36 -12.66
C LEU LA 370 -62.29 153.67 -13.26
N ASN LA 371 -63.49 154.09 -12.91
CA ASN LA 371 -63.94 155.42 -13.22
C ASN LA 371 -63.42 156.38 -12.16
N PHE LA 372 -63.30 157.66 -12.53
CA PHE LA 372 -62.98 158.69 -11.56
C PHE LA 372 -63.88 158.62 -10.34
N ALA LA 373 -65.14 158.28 -10.58
CA ALA LA 373 -66.13 158.21 -9.52
C ALA LA 373 -65.81 157.13 -8.51
N ALA LA 374 -65.27 156.00 -8.95
CA ALA LA 374 -64.89 154.95 -8.00
C ALA LA 374 -63.94 155.50 -6.95
N ALA LA 375 -62.90 156.21 -7.39
CA ALA LA 375 -61.91 156.74 -6.46
C ALA LA 375 -62.47 157.88 -5.61
N LEU LA 376 -63.21 158.82 -6.22
CA LEU LA 376 -63.77 159.89 -5.39
C LEU LA 376 -64.78 159.35 -4.40
N ARG LA 377 -65.79 158.64 -4.89
CA ARG LA 377 -66.83 157.96 -4.13
C ARG LA 377 -66.26 157.27 -2.90
N SER LA 378 -65.09 156.66 -3.07
CA SER LA 378 -64.41 155.89 -2.03
C SER LA 378 -63.17 156.67 -1.67
N PHE LA 379 -63.35 157.65 -0.80
CA PHE LA 379 -62.32 158.64 -0.57
C PHE LA 379 -62.87 159.84 0.17
N LEU LA 380 -63.87 160.47 -0.43
CA LEU LA 380 -64.90 161.12 0.35
C LEU LA 380 -65.32 160.23 1.51
N ARG LA 381 -65.23 158.91 1.33
CA ARG LA 381 -65.68 158.00 2.39
C ARG LA 381 -64.79 158.13 3.63
N GLN LA 382 -63.48 158.24 3.45
CA GLN LA 382 -62.69 158.51 4.64
C GLN LA 382 -62.89 159.97 5.06
N ASP LA 383 -61.94 160.55 5.74
CA ASP LA 383 -62.21 161.91 6.18
C ASP LA 383 -61.22 162.89 5.55
N PRO LA 384 -61.45 163.31 4.32
CA PRO LA 384 -60.63 164.40 3.78
C PRO LA 384 -61.15 165.75 4.22
N ASP LA 385 -60.25 166.57 4.75
CA ASP LA 385 -60.56 167.98 4.90
C ASP LA 385 -60.60 168.68 3.55
N ILE LA 386 -59.68 168.29 2.65
CA ILE LA 386 -59.59 168.84 1.30
C ILE LA 386 -59.53 167.70 0.28
N ILE LA 387 -60.32 167.87 -0.77
CA ILE LA 387 -60.43 166.95 -1.90
C ILE LA 387 -59.98 167.70 -3.15
N MET LA 388 -59.03 167.12 -3.88
CA MET LA 388 -58.60 167.71 -5.14
C MET LA 388 -58.87 166.70 -6.25
N ILE LA 389 -59.68 167.10 -7.23
CA ILE LA 389 -59.95 166.29 -8.41
C ILE LA 389 -59.21 166.95 -9.57
N GLY LA 390 -58.21 166.24 -10.12
CA GLY LA 390 -57.39 166.75 -11.19
C GLY LA 390 -58.16 167.59 -12.19
N GLU LA 391 -59.19 167.01 -12.77
CA GLU LA 391 -60.09 167.70 -13.70
C GLU LA 391 -61.36 166.89 -13.87
N ILE LA 392 -62.51 167.53 -13.79
CA ILE LA 392 -63.77 166.82 -13.92
C ILE LA 392 -64.04 166.56 -15.41
N ARG LA 393 -64.08 165.26 -15.79
CA ARG LA 393 -64.36 164.87 -17.16
C ARG LA 393 -65.41 163.77 -17.32
N ASP LA 394 -65.63 162.92 -16.33
CA ASP LA 394 -66.87 162.16 -16.31
C ASP LA 394 -67.74 162.90 -15.31
N PHE LA 395 -68.89 163.41 -15.75
CA PHE LA 395 -69.55 164.13 -14.67
C PHE LA 395 -70.24 163.21 -13.59
N GLU LA 396 -70.31 161.84 -13.78
CA GLU LA 396 -70.65 161.02 -12.61
C GLU LA 396 -69.69 161.27 -11.45
N THR LA 397 -68.40 161.50 -11.71
CA THR LA 397 -67.57 162.01 -10.62
C THR LA 397 -67.91 163.45 -10.24
N ALA LA 398 -68.09 164.35 -11.22
CA ALA LA 398 -68.49 165.72 -10.89
C ALA LA 398 -69.56 165.71 -9.80
N GLU LA 399 -70.58 164.88 -9.99
CA GLU LA 399 -71.68 164.76 -9.05
C GLU LA 399 -71.20 164.43 -7.66
N ILE LA 400 -70.36 163.39 -7.54
CA ILE LA 400 -69.78 163.09 -6.23
C ILE LA 400 -69.08 164.32 -5.66
N GLY LA 401 -68.31 165.02 -6.50
CA GLY LA 401 -67.60 166.20 -6.06
C GLY LA 401 -68.47 167.26 -5.42
N VAL LA 402 -69.51 167.69 -6.14
CA VAL LA 402 -70.40 168.70 -5.59
C VAL LA 402 -71.20 168.18 -4.40
N LYS LA 403 -71.43 166.87 -4.36
CA LYS LA 403 -71.96 166.28 -3.13
C LYS LA 403 -70.99 166.48 -1.98
N ALA LA 404 -69.70 166.24 -2.23
CA ALA LA 404 -68.67 166.48 -1.22
C ALA LA 404 -68.68 167.92 -0.76
N ALA LA 405 -68.91 168.85 -1.70
CA ALA LA 405 -69.01 170.25 -1.31
C ALA LA 405 -70.21 170.48 -0.40
N LEU LA 406 -71.34 169.81 -0.68
CA LEU LA 406 -72.49 170.12 0.16
C LEU LA 406 -72.37 169.45 1.54
N THR LA 407 -71.63 168.34 1.69
CA THR LA 407 -71.30 167.94 3.06
C THR LA 407 -70.62 169.06 3.82
N GLY LA 408 -69.72 169.78 3.12
CA GLY LA 408 -68.86 170.79 3.69
C GLY LA 408 -67.39 170.44 3.64
N HIS LA 409 -66.99 169.52 2.78
CA HIS LA 409 -65.57 169.41 2.49
C HIS LA 409 -65.11 170.65 1.71
N LEU LA 410 -63.79 170.81 1.65
CA LEU LA 410 -63.14 171.77 0.76
C LEU LA 410 -62.75 171.02 -0.50
N VAL LA 411 -63.50 171.22 -1.56
CA VAL LA 411 -63.23 170.54 -2.82
C VAL LA 411 -62.64 171.55 -3.81
N LEU LA 412 -61.79 171.04 -4.70
CA LEU LA 412 -61.15 171.87 -5.71
C LEU LA 412 -60.96 171.03 -6.96
N SER LA 413 -61.10 171.67 -8.12
CA SER LA 413 -60.90 170.90 -9.33
C SER LA 413 -60.74 171.85 -10.52
N THR LA 414 -60.54 171.26 -11.69
CA THR LA 414 -60.29 171.95 -12.95
C THR LA 414 -61.38 171.60 -13.94
N LEU LA 415 -61.66 172.53 -14.86
CA LEU LA 415 -62.66 172.30 -15.89
C LEU LA 415 -62.29 173.01 -17.18
N HIS LA 416 -62.45 172.31 -18.31
CA HIS LA 416 -62.14 172.88 -19.62
C HIS LA 416 -63.30 173.74 -20.10
N THR LA 417 -63.11 175.06 -20.10
CA THR LA 417 -64.15 175.99 -20.56
C THR LA 417 -63.60 177.41 -20.49
N ASN LA 418 -64.29 178.32 -21.16
CA ASN LA 418 -63.77 179.67 -21.37
C ASN LA 418 -64.59 180.78 -20.71
N ASP LA 419 -65.81 180.51 -20.26
CA ASP LA 419 -66.60 181.50 -19.54
C ASP LA 419 -67.71 180.75 -18.82
N ALA LA 420 -68.75 181.50 -18.46
CA ALA LA 420 -69.77 180.97 -17.55
C ALA LA 420 -70.76 180.04 -18.23
N PRO LA 421 -71.18 180.27 -19.48
CA PRO LA 421 -72.09 179.28 -20.08
C PRO LA 421 -71.25 178.07 -20.42
N GLY LA 422 -69.99 178.31 -20.84
CA GLY LA 422 -69.07 177.21 -21.04
C GLY LA 422 -69.08 176.23 -19.87
N THR LA 423 -68.65 176.67 -18.68
CA THR LA 423 -68.70 175.75 -17.54
C THR LA 423 -70.11 175.32 -17.26
N VAL LA 424 -70.99 176.23 -16.81
CA VAL LA 424 -72.28 175.75 -16.30
C VAL LA 424 -72.89 174.74 -17.25
N SER LA 425 -73.02 175.10 -18.55
CA SER LA 425 -73.37 174.12 -19.58
C SER LA 425 -72.59 172.83 -19.40
N ARG LA 426 -71.27 172.95 -19.50
CA ARG LA 426 -70.42 171.80 -19.28
C ARG LA 426 -70.73 171.08 -17.99
N LEU LA 427 -71.05 171.75 -16.88
CA LEU LA 427 -71.24 171.01 -15.63
C LEU LA 427 -72.60 170.35 -15.59
N LEU LA 428 -73.63 171.02 -16.09
CA LEU LA 428 -74.99 170.56 -16.01
C LEU LA 428 -75.25 169.39 -16.95
N ASN LA 429 -74.42 169.19 -17.96
CA ASN LA 429 -74.78 168.13 -18.91
C ASN LA 429 -74.57 166.63 -18.55
N MET LA 430 -74.05 166.26 -17.38
CA MET LA 430 -74.25 164.92 -16.84
C MET LA 430 -75.01 164.89 -15.51
N GLY LA 431 -75.81 165.92 -15.28
CA GLY LA 431 -76.93 165.88 -14.31
C GLY LA 431 -76.79 166.55 -12.92
N ILE LA 432 -75.67 167.17 -12.62
CA ILE LA 432 -75.69 168.09 -11.50
C ILE LA 432 -76.39 169.35 -11.97
N GLU LA 433 -77.28 169.90 -11.11
CA GLU LA 433 -78.00 171.16 -11.14
C GLU LA 433 -77.10 172.30 -10.71
N PRO LA 434 -77.41 173.52 -11.13
CA PRO LA 434 -76.65 174.65 -10.63
C PRO LA 434 -77.01 174.95 -9.20
N PHE LA 435 -78.13 174.47 -8.64
CA PHE LA 435 -78.22 174.67 -7.21
C PHE LA 435 -77.12 173.89 -6.50
N LEU LA 436 -76.85 172.67 -6.94
CA LEU LA 436 -75.87 171.90 -6.19
C LEU LA 436 -74.46 172.43 -6.47
N VAL LA 437 -74.08 172.55 -7.75
CA VAL LA 437 -72.74 173.10 -8.03
C VAL LA 437 -72.66 174.57 -7.60
N THR LA 438 -73.35 175.49 -8.31
CA THR LA 438 -73.29 176.92 -7.96
C THR LA 438 -73.68 177.18 -6.51
N ALA LA 439 -74.54 176.37 -5.94
CA ALA LA 439 -74.89 176.71 -4.57
C ALA LA 439 -73.79 176.32 -3.61
N SER LA 440 -73.09 175.23 -3.92
CA SER LA 440 -72.03 174.74 -3.07
C SER LA 440 -70.65 175.06 -3.61
N LEU LA 441 -70.53 175.47 -4.86
CA LEU LA 441 -69.26 176.00 -5.35
C LEU LA 441 -69.10 177.43 -4.88
N ASN LA 442 -67.95 177.75 -4.31
CA ASN LA 442 -67.70 179.10 -3.81
C ASN LA 442 -67.06 179.98 -4.88
N LEU LA 443 -65.86 179.65 -5.32
CA LEU LA 443 -65.13 180.51 -6.25
C LEU LA 443 -64.75 179.75 -7.51
N ILE LA 444 -64.78 180.47 -8.63
CA ILE LA 444 -64.43 179.94 -9.94
C ILE LA 444 -63.43 180.90 -10.56
N LEU LA 445 -62.18 180.47 -10.68
CA LEU LA 445 -61.21 181.29 -11.39
C LEU LA 445 -61.27 180.98 -12.89
N ALA LA 446 -61.04 182.00 -13.70
CA ALA LA 446 -60.94 181.82 -15.14
C ALA LA 446 -59.54 182.23 -15.58
N GLN LA 447 -58.84 181.32 -16.23
CA GLN LA 447 -57.45 181.48 -16.66
C GLN LA 447 -57.41 181.70 -18.16
N ARG LA 448 -56.35 182.36 -18.63
CA ARG LA 448 -56.20 182.73 -20.04
C ARG LA 448 -54.74 182.61 -20.47
N LEU LA 449 -54.56 182.53 -21.78
CA LEU LA 449 -53.31 182.86 -22.45
C LEU LA 449 -53.54 184.09 -23.31
N ALA LA 450 -52.88 185.20 -22.94
CA ALA LA 450 -52.73 186.41 -23.70
C ALA LA 450 -51.32 186.43 -24.29
N ARG LA 451 -51.17 186.80 -25.54
CA ARG LA 451 -49.81 187.06 -26.01
C ARG LA 451 -49.94 188.32 -26.90
N ARG LA 452 -48.81 188.99 -27.06
CA ARG LA 452 -48.78 190.25 -27.82
C ARG LA 452 -47.60 190.12 -28.77
N LEU LA 453 -47.78 189.36 -29.84
CA LEU LA 453 -46.66 188.91 -30.64
C LEU LA 453 -45.98 187.88 -29.74
N CYS LA 454 -44.67 188.06 -29.40
CA CYS LA 454 -44.01 186.98 -28.68
C CYS LA 454 -44.12 186.99 -27.15
N PRO LA 455 -44.86 187.86 -26.40
CA PRO LA 455 -44.93 187.50 -24.98
C PRO LA 455 -46.01 186.48 -24.91
N ALA LA 456 -45.76 185.52 -24.05
CA ALA LA 456 -46.64 184.42 -23.69
C ALA LA 456 -47.04 184.76 -22.27
N CYS LA 457 -48.33 185.02 -22.07
CA CYS LA 457 -48.86 185.52 -20.81
C CYS LA 457 -49.99 184.61 -20.39
N LYS LA 458 -50.04 184.23 -19.11
CA LYS LA 458 -51.13 183.42 -18.58
C LYS LA 458 -51.84 184.18 -17.49
N LYS LA 459 -53.04 184.61 -17.72
CA LYS LA 459 -53.48 185.44 -16.62
C LYS LA 459 -54.79 184.92 -16.04
N PRO LA 460 -55.11 185.25 -14.79
CA PRO LA 460 -56.48 184.94 -14.36
C PRO LA 460 -57.34 186.06 -14.88
N ALA LA 461 -58.02 185.78 -15.99
CA ALA LA 461 -59.01 186.72 -16.51
C ALA LA 461 -59.95 187.21 -15.41
N GLU LA 462 -60.40 186.33 -14.52
CA GLU LA 462 -61.39 186.82 -13.57
C GLU LA 462 -61.50 185.92 -12.35
N CYS LA 490 -64.18 184.93 -9.72
CA CYS LA 490 -65.63 184.90 -9.81
C CYS LA 490 -66.19 184.26 -8.56
N ARG LA 491 -67.00 185.02 -7.83
CA ARG LA 491 -67.56 184.57 -6.57
C ARG LA 491 -68.96 184.03 -6.82
N ASP LA 492 -69.18 182.75 -6.58
CA ASP LA 492 -70.53 182.21 -6.80
C ASP LA 492 -71.34 182.42 -5.52
N CYS LA 493 -72.32 183.34 -5.57
CA CYS LA 493 -73.07 183.64 -4.36
C CYS LA 493 -74.03 182.54 -4.00
N ASN LA 494 -74.72 181.97 -5.00
CA ASN LA 494 -75.74 180.94 -4.85
C ASN LA 494 -76.69 180.84 -6.04
N ASP LA 495 -77.87 180.29 -5.73
CA ASP LA 495 -79.02 180.09 -6.58
C ASP LA 495 -80.06 181.16 -6.31
N ARG LA 496 -81.03 181.22 -7.20
CA ARG LA 496 -82.16 182.11 -7.05
C ARG LA 496 -83.44 181.29 -7.15
N GLY LA 497 -84.42 181.54 -6.30
CA GLY LA 497 -85.71 180.88 -6.47
C GLY LA 497 -86.49 181.61 -7.54
N TYR LA 498 -86.93 180.88 -8.58
CA TYR LA 498 -87.53 181.49 -9.77
C TYR LA 498 -86.51 182.43 -10.41
N ARG LA 499 -85.88 182.02 -11.51
CA ARG LA 499 -84.56 182.62 -11.69
C ARG LA 499 -83.98 182.69 -13.10
N GLY LA 500 -82.65 182.75 -13.12
CA GLY LA 500 -81.78 182.39 -14.21
C GLY LA 500 -80.63 181.61 -13.59
N ARG LA 501 -80.63 181.61 -12.24
CA ARG LA 501 -79.96 180.71 -11.29
C ARG LA 501 -78.69 181.24 -10.67
N VAL LA 502 -77.62 180.79 -11.31
CA VAL LA 502 -76.24 180.98 -10.91
C VAL LA 502 -76.00 182.44 -10.57
N ALA LA 503 -76.03 182.77 -9.29
CA ALA LA 503 -75.76 184.14 -8.86
C ALA LA 503 -74.26 184.29 -8.69
N ILE LA 504 -73.66 185.16 -9.50
CA ILE LA 504 -72.22 185.32 -9.58
C ILE LA 504 -71.87 186.79 -9.37
N TYR LA 505 -70.95 187.04 -8.44
CA TYR LA 505 -70.40 188.37 -8.18
C TYR LA 505 -68.93 188.38 -8.58
N GLU LA 506 -68.62 189.14 -9.62
CA GLU LA 506 -67.27 189.16 -10.16
C GLU LA 506 -66.39 190.08 -9.33
N VAL LA 507 -65.43 189.49 -8.62
CA VAL LA 507 -64.57 190.26 -7.74
C VAL LA 507 -63.51 191.00 -8.56
N MET LA 508 -62.67 190.25 -9.28
CA MET LA 508 -61.56 190.81 -10.04
C MET LA 508 -61.72 190.51 -11.54
N PRO LA 509 -61.68 191.53 -12.38
CA PRO LA 509 -61.39 191.32 -13.82
C PRO LA 509 -59.97 191.65 -14.25
N PHE LA 510 -59.50 191.11 -15.36
CA PHE LA 510 -58.21 191.46 -15.92
C PHE LA 510 -58.36 192.28 -17.20
N TRP LA 511 -57.86 193.50 -17.19
CA TRP LA 511 -57.75 194.32 -18.39
C TRP LA 511 -56.45 194.00 -19.10
N ASP LA 512 -56.58 193.50 -20.34
CA ASP LA 512 -55.43 193.16 -21.17
C ASP LA 512 -54.77 194.39 -21.78
N GLY LA 513 -55.53 195.47 -21.99
CA GLY LA 513 -54.96 196.65 -22.62
C GLY LA 513 -53.85 197.27 -21.80
N LEU LA 514 -53.97 197.23 -20.48
CA LEU LA 514 -52.93 197.73 -19.60
C LEU LA 514 -52.26 196.63 -18.79
N LYS LA 515 -52.66 195.37 -18.99
CA LYS LA 515 -52.20 194.23 -18.19
C LYS LA 515 -52.30 194.54 -16.70
N GLU LA 516 -53.55 194.69 -16.26
CA GLU LA 516 -53.83 195.06 -14.88
C GLU LA 516 -55.05 194.28 -14.38
N LEU LA 517 -55.07 194.01 -13.09
CA LEU LA 517 -56.21 193.39 -12.45
C LEU LA 517 -56.98 194.48 -11.71
N VAL LA 518 -58.23 194.66 -12.10
CA VAL LA 518 -59.11 195.65 -11.51
C VAL LA 518 -60.10 194.94 -10.59
N ILE LA 519 -60.47 195.60 -9.51
CA ILE LA 519 -61.59 195.18 -8.67
C ILE LA 519 -62.84 195.80 -9.27
N ASN LA 520 -63.87 194.98 -9.49
CA ASN LA 520 -65.08 195.42 -10.21
C ASN LA 520 -66.33 195.24 -9.35
N GLY LA 521 -66.51 196.12 -8.38
CA GLY LA 521 -67.70 196.15 -7.55
C GLY LA 521 -67.69 195.20 -6.39
N ALA LA 522 -66.60 194.45 -6.18
CA ALA LA 522 -66.42 193.71 -4.95
C ALA LA 522 -66.28 194.67 -3.77
N SER LA 523 -66.93 194.33 -2.66
CA SER LA 523 -66.81 195.05 -1.40
C SER LA 523 -66.35 194.09 -0.32
N ALA LA 524 -65.78 194.66 0.74
CA ALA LA 524 -65.41 193.86 1.91
C ALA LA 524 -66.62 193.18 2.54
N ALA LA 525 -67.81 193.76 2.39
CA ALA LA 525 -69.01 193.14 2.96
C ALA LA 525 -69.37 191.84 2.24
N GLU LA 526 -68.86 191.62 1.03
CA GLU LA 526 -69.12 190.39 0.30
C GLU LA 526 -68.42 189.20 0.95
N LEU LA 527 -67.08 189.22 0.93
CA LEU LA 527 -66.27 188.12 1.44
C LEU LA 527 -66.41 187.92 2.95
N LYS LA 528 -67.46 188.51 3.55
CA LYS LA 528 -67.66 188.41 4.99
C LYS LA 528 -67.83 186.98 5.46
N GLN LA 529 -68.49 186.16 4.66
CA GLN LA 529 -69.02 184.83 4.99
C GLN LA 529 -68.30 184.08 6.13
N GLU LA 530 -68.31 184.67 7.32
CA GLU LA 530 -67.55 183.94 8.34
C GLU LA 530 -68.46 183.56 9.48
N ALA LA 531 -68.04 182.52 10.20
CA ALA LA 531 -68.85 181.94 11.27
C ALA LA 531 -68.92 182.84 12.51
N ILE LA 532 -67.82 183.53 12.84
CA ILE LA 532 -67.90 184.57 13.87
C ILE LA 532 -67.09 185.81 13.52
N ARG LA 533 -67.00 186.70 14.52
CA ARG LA 533 -66.17 187.91 14.43
C ARG LA 533 -64.69 187.57 14.40
N LEU LA 534 -64.24 186.66 15.26
CA LEU LA 534 -62.81 186.35 15.26
C LEU LA 534 -62.37 185.71 13.95
N GLY LA 535 -63.17 184.77 13.44
CA GLY LA 535 -62.87 184.22 12.12
C GLY LA 535 -62.79 185.31 11.04
N MET LA 536 -63.76 186.23 11.03
CA MET LA 536 -63.76 187.25 10.00
C MET LA 536 -62.53 188.13 10.12
N SER LA 537 -62.17 188.49 11.36
CA SER LA 537 -60.95 189.27 11.59
C SER LA 537 -59.72 188.55 11.05
N SER LA 538 -59.59 187.24 11.34
CA SER LA 538 -58.48 186.46 10.78
C SER LA 538 -58.45 186.58 9.25
N LEU LA 539 -59.61 186.50 8.60
CA LEU LA 539 -59.65 186.68 7.15
C LEU LA 539 -59.11 188.05 6.75
N ARG LA 540 -59.53 189.11 7.45
CA ARG LA 540 -59.04 190.45 7.10
C ARG LA 540 -57.52 190.54 7.19
N MET LA 541 -56.98 190.13 8.35
CA MET LA 541 -55.53 190.11 8.52
C MET LA 541 -54.88 189.37 7.36
N SER LA 542 -55.29 188.12 7.10
CA SER LA 542 -54.76 187.44 5.92
C SER LA 542 -54.99 188.24 4.64
N GLY LA 543 -56.02 189.08 4.61
CA GLY LA 543 -56.35 189.87 3.45
C GLY LA 543 -55.23 190.84 3.13
N LEU LA 544 -54.81 191.63 4.12
CA LEU LA 544 -53.70 192.55 3.89
C LEU LA 544 -52.39 192.09 4.54
N ARG LA 545 -52.45 191.45 5.70
CA ARG LA 545 -51.22 190.95 6.32
C ARG LA 545 -50.66 189.75 5.55
N LYS LA 546 -51.48 188.73 5.28
CA LYS LA 546 -50.98 187.58 4.52
C LYS LA 546 -50.48 188.01 3.16
N ALA LA 551 -37.89 183.75 -2.57
CA ALA LA 551 -38.28 182.41 -2.13
C ALA LA 551 -39.24 181.86 -3.17
N THR LA 552 -38.70 181.11 -4.13
CA THR LA 552 -39.50 180.69 -5.27
C THR LA 552 -39.89 179.22 -5.24
N THR LA 553 -39.03 178.33 -4.74
CA THR LA 553 -39.29 176.89 -4.80
C THR LA 553 -40.53 176.50 -4.00
N LEU LA 554 -41.24 175.48 -4.51
CA LEU LA 554 -42.44 174.98 -3.84
C LEU LA 554 -42.14 174.42 -2.46
N GLU LA 555 -41.10 173.60 -2.33
CA GLU LA 555 -40.76 173.06 -1.03
C GLU LA 555 -40.55 174.18 -0.03
N GLU LA 556 -39.75 175.18 -0.40
CA GLU LA 556 -39.48 176.29 0.51
C GLU LA 556 -40.71 177.16 0.72
N VAL LA 557 -41.47 177.43 -0.34
CA VAL LA 557 -42.67 178.26 -0.22
C VAL LA 557 -43.70 177.61 0.71
N VAL LA 558 -44.13 176.37 0.40
CA VAL LA 558 -44.90 175.59 1.36
C VAL LA 558 -44.26 175.69 2.73
N GLY LA 559 -42.94 175.57 2.78
CA GLY LA 559 -42.24 175.61 4.04
C GLY LA 559 -42.52 176.88 4.81
N ASN LA 560 -42.72 178.00 4.09
CA ASN LA 560 -42.87 179.33 4.68
C ASN LA 560 -44.33 179.79 4.78
N THR LA 561 -45.24 179.03 4.19
CA THR LA 561 -46.66 179.26 4.43
C THR LA 561 -47.10 178.43 5.62
N ALA LA 562 -46.56 177.21 5.69
CA ALA LA 562 -46.59 176.41 6.90
C ALA LA 562 -46.45 177.22 8.20
N PRO LA 563 -45.39 178.00 8.45
CA PRO LA 563 -45.07 178.91 9.54
C PRO LA 563 -46.20 179.89 9.79
N ILE MA 74 -52.87 119.25 -70.65
CA ILE MA 74 -52.86 119.74 -72.05
C ILE MA 74 -52.71 118.63 -73.11
N LYS MA 75 -53.32 118.79 -74.30
CA LYS MA 75 -53.13 117.88 -75.44
C LYS MA 75 -53.32 118.59 -76.79
N LEU MA 76 -52.52 118.23 -77.79
CA LEU MA 76 -52.58 118.80 -79.16
C LEU MA 76 -52.59 117.62 -80.16
N VAL MA 77 -52.29 117.86 -81.46
CA VAL MA 77 -52.08 116.67 -82.30
C VAL MA 77 -50.58 116.33 -82.18
N PRO MA 78 -49.75 116.18 -83.22
CA PRO MA 78 -48.34 115.93 -82.90
C PRO MA 78 -47.69 117.19 -82.38
N LYS MA 79 -46.72 116.99 -81.48
CA LYS MA 79 -45.93 118.12 -81.01
C LYS MA 79 -45.42 118.94 -82.20
N GLU MA 80 -45.04 118.28 -83.29
CA GLU MA 80 -44.57 118.98 -84.48
C GLU MA 80 -45.64 119.95 -85.00
N VAL MA 81 -46.90 119.52 -85.02
CA VAL MA 81 -47.94 120.39 -85.56
C VAL MA 81 -48.10 121.64 -84.70
N ALA MA 82 -48.09 121.48 -83.37
CA ALA MA 82 -48.12 122.65 -82.50
C ALA MA 82 -47.00 123.61 -82.84
N GLU MA 83 -45.79 123.09 -82.98
CA GLU MA 83 -44.65 123.98 -83.20
C GLU MA 83 -44.75 124.67 -84.56
N LYS MA 84 -45.18 123.92 -85.58
CA LYS MA 84 -45.29 124.49 -86.92
C LYS MA 84 -46.34 125.60 -86.97
N HIS MA 85 -47.49 125.37 -86.35
CA HIS MA 85 -48.58 126.33 -86.42
C HIS MA 85 -48.59 127.29 -85.23
N LEU MA 86 -47.72 127.08 -84.24
CA LEU MA 86 -47.59 127.94 -83.06
C LEU MA 86 -48.93 128.11 -82.36
N VAL MA 87 -49.50 126.97 -81.96
CA VAL MA 87 -50.76 126.91 -81.23
C VAL MA 87 -50.64 125.77 -80.23
N VAL MA 88 -51.43 125.86 -79.17
CA VAL MA 88 -51.28 124.92 -78.06
C VAL MA 88 -52.61 124.86 -77.34
N PRO MA 89 -53.19 123.68 -77.18
CA PRO MA 89 -54.39 123.60 -76.35
C PRO MA 89 -53.93 123.77 -74.91
N VAL MA 90 -54.79 124.31 -74.06
CA VAL MA 90 -54.35 124.64 -72.71
C VAL MA 90 -55.38 124.27 -71.67
N ASN MA 91 -56.55 123.76 -72.09
CA ASN MA 91 -57.56 123.26 -71.18
C ASN MA 91 -58.79 122.78 -71.95
N ARG MA 92 -59.73 122.19 -71.22
CA ARG MA 92 -61.02 121.77 -71.76
C ARG MA 92 -62.06 122.14 -70.73
N ALA MA 93 -63.01 122.98 -71.11
CA ALA MA 93 -63.99 123.48 -70.17
C ALA MA 93 -65.30 123.69 -70.91
N GLY MA 94 -66.42 123.36 -70.25
CA GLY MA 94 -67.72 123.57 -70.85
C GLY MA 94 -67.75 123.10 -72.29
N PRO MA 95 -67.88 121.82 -72.44
CA PRO MA 95 -67.44 121.10 -73.65
C PRO MA 95 -66.56 121.71 -74.74
N SER MA 96 -65.64 122.61 -74.44
CA SER MA 96 -64.81 123.22 -75.48
C SER MA 96 -63.34 123.13 -75.13
N LEU MA 97 -62.50 122.97 -76.16
CA LEU MA 97 -61.06 122.93 -76.03
C LEU MA 97 -60.50 124.34 -76.13
N ILE MA 98 -59.91 124.83 -75.04
CA ILE MA 98 -59.21 126.11 -75.05
C ILE MA 98 -57.93 125.95 -75.86
N VAL MA 99 -57.78 126.75 -76.90
CA VAL MA 99 -56.61 126.69 -77.79
C VAL MA 99 -55.94 128.06 -77.80
N ALA MA 100 -54.71 128.12 -77.31
CA ALA MA 100 -53.90 129.31 -77.44
C ALA MA 100 -53.26 129.33 -78.82
N MET MA 101 -53.46 130.44 -79.53
CA MET MA 101 -53.16 130.52 -80.96
C MET MA 101 -52.52 131.86 -81.26
N CYS MA 102 -51.44 131.81 -82.05
CA CYS MA 102 -50.73 133.04 -82.40
C CYS MA 102 -51.31 133.70 -83.62
N ASP MA 103 -51.85 132.91 -84.56
CA ASP MA 103 -52.36 133.42 -85.83
C ASP MA 103 -53.83 133.03 -85.97
N PRO MA 104 -54.73 133.67 -85.22
CA PRO MA 104 -56.14 133.27 -85.24
C PRO MA 104 -56.87 133.64 -86.52
N SER MA 105 -56.22 134.35 -87.45
CA SER MA 105 -56.79 134.62 -88.75
C SER MA 105 -56.59 133.48 -89.74
N ASN MA 106 -55.84 132.45 -89.37
CA ASN MA 106 -55.48 131.37 -90.28
C ASN MA 106 -56.55 130.30 -90.20
N ILE MA 107 -57.54 130.41 -91.08
CA ILE MA 107 -58.66 129.46 -91.08
C ILE MA 107 -58.21 128.06 -91.48
N PHE MA 108 -57.12 127.94 -92.24
CA PHE MA 108 -56.62 126.61 -92.56
C PHE MA 108 -56.17 125.87 -91.31
N ALA MA 109 -55.37 126.53 -90.49
CA ALA MA 109 -54.86 125.89 -89.27
C ALA MA 109 -56.01 125.58 -88.32
N VAL MA 110 -56.93 126.53 -88.15
CA VAL MA 110 -58.05 126.33 -87.24
C VAL MA 110 -58.91 125.16 -87.69
N ASP MA 111 -59.23 125.10 -88.98
CA ASP MA 111 -60.05 124.01 -89.48
C ASP MA 111 -59.31 122.68 -89.40
N ASP MA 112 -57.98 122.70 -89.55
CA ASP MA 112 -57.20 121.49 -89.33
C ASP MA 112 -57.33 121.01 -87.88
N LEU MA 113 -57.25 121.93 -86.92
CA LEU MA 113 -57.38 121.54 -85.52
C LEU MA 113 -58.79 121.05 -85.21
N LYS MA 114 -59.81 121.73 -85.75
CA LYS MA 114 -61.19 121.30 -85.57
C LYS MA 114 -61.40 119.89 -86.09
N PHE MA 115 -60.86 119.59 -87.28
CA PHE MA 115 -61.07 118.25 -87.82
C PHE MA 115 -60.27 117.20 -87.07
N LEU MA 116 -59.03 117.51 -86.71
CA LEU MA 116 -58.17 116.49 -86.13
C LEU MA 116 -58.58 116.15 -84.70
N THR MA 117 -59.01 117.16 -83.93
CA THR MA 117 -59.44 116.89 -82.57
C THR MA 117 -60.90 116.43 -82.50
N GLY MA 118 -61.75 116.86 -83.42
CA GLY MA 118 -63.17 116.60 -83.29
C GLY MA 118 -63.82 117.37 -82.17
N TYR MA 119 -63.15 118.39 -81.64
CA TYR MA 119 -63.64 119.15 -80.51
C TYR MA 119 -63.95 120.58 -80.93
N ASN MA 120 -64.97 121.14 -80.29
CA ASN MA 120 -65.27 122.53 -80.51
C ASN MA 120 -64.24 123.38 -79.76
N ILE MA 121 -63.81 124.46 -80.40
CA ILE MA 121 -62.67 125.23 -79.93
C ILE MA 121 -63.14 126.52 -79.28
N GLU MA 122 -62.36 126.99 -78.32
CA GLU MA 122 -62.40 128.36 -77.83
C GLU MA 122 -61.02 128.96 -78.03
N THR MA 123 -60.92 129.97 -78.87
CA THR MA 123 -59.63 130.52 -79.28
C THR MA 123 -59.20 131.62 -78.31
N VAL MA 124 -57.92 131.59 -77.93
CA VAL MA 124 -57.30 132.60 -77.09
C VAL MA 124 -56.01 133.04 -77.77
N VAL MA 125 -55.89 134.33 -78.03
CA VAL MA 125 -54.71 134.85 -78.71
C VAL MA 125 -53.55 134.95 -77.72
N ALA MA 126 -52.36 134.52 -78.14
CA ALA MA 126 -51.19 134.67 -77.31
C ALA MA 126 -50.01 135.07 -78.17
N SER MA 127 -49.01 135.69 -77.53
CA SER MA 127 -47.78 136.04 -78.21
C SER MA 127 -47.07 134.79 -78.69
N GLU MA 128 -46.52 134.85 -79.91
CA GLU MA 128 -45.97 133.65 -80.56
C GLU MA 128 -44.93 132.95 -79.68
N VAL MA 129 -43.98 133.74 -79.14
CA VAL MA 129 -42.89 133.13 -78.39
C VAL MA 129 -43.38 132.55 -77.07
N SER MA 130 -44.42 133.14 -76.48
CA SER MA 130 -44.97 132.59 -75.24
C SER MA 130 -45.63 131.24 -75.50
N ILE MA 131 -46.34 131.12 -76.61
CA ILE MA 131 -46.90 129.83 -77.01
C ILE MA 131 -45.81 128.81 -77.24
N ARG MA 132 -44.78 129.19 -78.01
CA ARG MA 132 -43.69 128.26 -78.26
C ARG MA 132 -43.04 127.80 -76.96
N GLU MA 133 -42.77 128.75 -76.06
CA GLU MA 133 -42.19 128.43 -74.77
C GLU MA 133 -43.07 127.44 -74.00
N ALA MA 134 -44.38 127.67 -74.00
CA ALA MA 134 -45.27 126.75 -73.28
C ALA MA 134 -45.27 125.36 -73.91
N ILE MA 135 -45.26 125.29 -75.24
CA ILE MA 135 -45.19 124.00 -75.92
C ILE MA 135 -43.97 123.21 -75.46
N GLU MA 136 -42.80 123.88 -75.45
CA GLU MA 136 -41.58 123.18 -75.08
C GLU MA 136 -41.52 122.88 -73.58
N ARG MA 137 -42.07 123.76 -72.76
CA ARG MA 137 -42.05 123.51 -71.32
C ARG MA 137 -42.94 122.33 -70.98
N TYR MA 138 -44.08 122.24 -71.65
CA TYR MA 138 -45.05 121.20 -71.34
C TYR MA 138 -44.72 119.89 -72.05
N LYS MA 142 -50.38 121.34 -64.40
CA LYS MA 142 -51.27 121.10 -63.28
C LYS MA 142 -50.85 119.88 -62.46
N GLY MA 143 -49.96 119.05 -63.01
CA GLY MA 143 -49.36 117.96 -62.29
C GLY MA 143 -48.13 118.37 -61.48
N PRO MA 144 -47.15 119.03 -62.12
CA PRO MA 144 -46.00 119.56 -61.36
C PRO MA 144 -46.46 120.39 -60.16
N SER MA 145 -47.60 121.05 -60.35
CA SER MA 145 -48.26 121.77 -59.27
C SER MA 145 -48.87 120.82 -58.23
N LEU MA 146 -49.54 119.75 -58.66
CA LEU MA 146 -50.16 118.80 -57.72
C LEU MA 146 -49.17 118.27 -56.70
N GLU MA 147 -47.88 118.28 -57.01
CA GLU MA 147 -46.84 117.86 -56.09
C GLU MA 147 -46.22 119.03 -55.36
N ASP MA 148 -45.86 120.11 -56.06
CA ASP MA 148 -45.31 121.26 -55.35
C ASP MA 148 -46.28 121.81 -54.31
N ILE MA 149 -47.56 121.47 -54.39
CA ILE MA 149 -48.53 121.91 -53.38
C ILE MA 149 -48.17 121.35 -52.01
N VAL MA 150 -47.85 120.06 -51.94
CA VAL MA 150 -47.56 119.38 -50.68
C VAL MA 150 -46.21 119.86 -50.13
N GLY MA 151 -45.93 121.15 -50.29
CA GLY MA 151 -44.70 121.72 -49.78
C GLY MA 151 -44.96 122.91 -48.88
N ASP MA 152 -45.34 122.63 -47.62
CA ASP MA 152 -45.73 123.65 -46.65
C ASP MA 152 -44.81 124.86 -46.66
N VAL MA 153 -43.52 124.63 -46.91
CA VAL MA 153 -42.51 125.69 -46.88
C VAL MA 153 -42.68 126.66 -48.05
N GLY MA 154 -43.73 126.48 -48.84
CA GLY MA 154 -43.99 127.37 -49.96
C GLY MA 154 -45.09 128.36 -49.66
N ASP MA 155 -46.26 127.87 -49.24
CA ASP MA 155 -47.39 128.75 -48.97
C ASP MA 155 -47.08 129.71 -47.83
N ASP MA 156 -46.24 129.29 -46.89
CA ASP MA 156 -45.92 130.09 -45.72
C ASP MA 156 -45.58 131.52 -46.10
N ILE MA 157 -46.42 132.46 -45.69
CA ILE MA 157 -46.17 133.88 -45.95
C ILE MA 157 -45.10 134.44 -45.03
N GLU MA 158 -44.84 133.79 -43.89
CA GLU MA 158 -43.79 134.24 -42.99
C GLU MA 158 -42.44 134.30 -43.69
N VAL MA 159 -42.25 133.50 -44.73
CA VAL MA 159 -40.99 133.47 -45.46
C VAL MA 159 -41.00 134.56 -46.52
N THR MA 160 -39.87 135.28 -46.62
CA THR MA 160 -39.71 136.29 -47.66
C THR MA 160 -39.92 135.67 -49.04
N LYS MA 161 -40.57 136.42 -49.93
CA LYS MA 161 -40.85 135.90 -51.26
C LYS MA 161 -39.57 135.56 -52.02
N GLU MA 162 -38.51 136.34 -51.80
CA GLU MA 162 -37.22 136.13 -52.48
C GLU MA 162 -36.72 134.70 -52.32
N GLU MA 163 -36.84 134.12 -51.11
CA GLU MA 163 -36.33 132.78 -50.85
C GLU MA 163 -37.33 131.69 -51.26
N THR MA 164 -38.59 131.84 -50.81
CA THR MA 164 -39.67 130.95 -51.18
C THR MA 164 -39.61 130.55 -52.64
N GLU MA 165 -39.54 131.58 -53.50
CA GLU MA 165 -39.41 131.34 -54.93
C GLU MA 165 -38.32 130.32 -55.23
N ASN MA 166 -37.13 130.54 -54.66
CA ASN MA 166 -36.00 129.63 -54.87
C ASN MA 166 -36.40 128.20 -54.61
N ILE MA 167 -37.05 127.94 -53.47
CA ILE MA 167 -37.48 126.55 -53.23
C ILE MA 167 -38.30 126.05 -54.41
N ASP MA 168 -39.26 126.85 -54.88
CA ASP MA 168 -40.10 126.32 -55.96
C ASP MA 168 -39.28 125.95 -57.19
N GLU MA 169 -38.26 126.76 -57.52
CA GLU MA 169 -37.40 126.43 -58.65
C GLU MA 169 -36.65 125.11 -58.43
N MET MA 170 -35.90 125.04 -57.32
CA MET MA 170 -35.08 123.86 -57.05
C MET MA 170 -35.95 122.60 -56.96
N ALA MA 171 -37.08 122.70 -56.28
CA ALA MA 171 -38.03 121.60 -56.21
C ALA MA 171 -38.50 121.19 -57.60
N LYS MA 172 -38.69 122.17 -58.49
CA LYS MA 172 -39.07 121.83 -59.86
C LYS MA 172 -37.96 121.12 -60.62
N ALA MA 173 -36.69 121.30 -60.23
CA ALA MA 173 -35.62 120.51 -60.85
C ALA MA 173 -35.87 119.00 -60.78
N ALA MA 174 -36.77 118.56 -59.88
CA ALA MA 174 -37.04 117.13 -59.74
C ALA MA 174 -37.34 116.47 -61.08
N ASP MA 175 -38.18 117.11 -61.90
CA ASP MA 175 -38.67 116.47 -63.12
C ASP MA 175 -37.56 116.33 -64.16
N ASP MA 176 -36.93 117.45 -64.51
CA ASP MA 176 -36.06 117.49 -65.70
C ASP MA 176 -34.63 117.92 -65.42
N ALA MA 177 -34.28 118.19 -64.16
CA ALA MA 177 -32.97 118.72 -63.75
C ALA MA 177 -32.52 119.90 -64.49
N PRO MA 178 -33.40 121.03 -64.46
CA PRO MA 178 -32.82 122.38 -64.53
C PRO MA 178 -33.46 123.18 -63.46
N VAL MA 179 -33.00 124.40 -63.32
CA VAL MA 179 -33.75 125.49 -62.71
C VAL MA 179 -34.54 126.14 -63.85
N VAL MA 180 -35.87 126.14 -63.74
CA VAL MA 180 -36.67 127.09 -64.50
C VAL MA 180 -36.75 128.35 -63.67
N LYS MA 181 -36.30 129.45 -64.24
CA LYS MA 181 -36.58 130.77 -63.70
C LYS MA 181 -37.94 131.22 -64.18
N LEU MA 182 -38.72 131.81 -63.26
CA LEU MA 182 -39.98 132.49 -63.58
C LEU MA 182 -41.03 131.56 -64.18
N VAL MA 183 -41.37 130.48 -63.48
CA VAL MA 183 -42.57 129.82 -63.98
C VAL MA 183 -43.70 130.79 -63.74
N ASN MA 184 -44.27 131.29 -64.83
CA ASN MA 184 -45.40 132.21 -64.70
C ASN MA 184 -46.51 131.61 -63.86
N LEU MA 185 -47.05 130.45 -64.26
CA LEU MA 185 -48.21 129.91 -63.53
C LEU MA 185 -47.82 129.44 -62.12
N ILE MA 186 -46.75 128.63 -62.01
CA ILE MA 186 -46.31 128.13 -60.71
C ILE MA 186 -46.16 129.27 -59.71
N LEU MA 187 -45.69 130.43 -60.18
CA LEU MA 187 -45.69 131.62 -59.34
C LEU MA 187 -47.11 132.19 -59.20
N MET MA 188 -47.86 132.22 -60.31
CA MET MA 188 -49.18 132.86 -60.32
C MET MA 188 -50.13 132.22 -59.34
N ASP MA 189 -49.81 131.02 -58.88
CA ASP MA 189 -50.66 130.27 -57.98
C ASP MA 189 -50.05 130.08 -56.60
N ALA MA 190 -48.78 130.41 -56.41
CA ALA MA 190 -48.13 130.38 -55.10
C ALA MA 190 -47.86 131.76 -54.54
N ILE MA 191 -47.48 132.71 -55.40
CA ILE MA 191 -47.17 134.07 -54.96
C ILE MA 191 -48.07 135.12 -55.58
N SER MA 196 -59.18 149.42 -61.59
CA SER MA 196 -59.34 149.89 -60.22
C SER MA 196 -60.51 149.21 -59.51
N ASP MA 197 -61.27 148.36 -60.20
CA ASP MA 197 -62.41 147.66 -59.62
C ASP MA 197 -62.57 146.32 -60.31
N ILE MA 198 -62.68 145.26 -59.52
CA ILE MA 198 -62.83 143.90 -60.02
C ILE MA 198 -64.16 143.37 -59.51
N HIS MA 199 -65.12 143.17 -60.41
CA HIS MA 199 -66.41 142.64 -60.02
C HIS MA 199 -66.57 141.21 -60.49
N VAL MA 200 -66.77 140.35 -59.54
CA VAL MA 200 -66.86 138.94 -59.75
C VAL MA 200 -68.21 138.50 -59.23
N GLU MA 201 -69.22 138.50 -60.06
CA GLU MA 201 -70.55 138.38 -59.50
C GLU MA 201 -71.04 136.95 -59.28
N PRO MA 202 -71.14 136.08 -60.30
CA PRO MA 202 -71.40 134.70 -59.93
C PRO MA 202 -70.68 133.63 -60.71
N TYR MA 203 -71.18 132.43 -60.51
CA TYR MA 203 -70.72 131.25 -61.21
C TYR MA 203 -70.90 131.39 -62.70
N GLU MA 204 -69.82 131.14 -63.44
CA GLU MA 204 -69.83 131.15 -64.91
C GLU MA 204 -70.29 132.49 -65.45
N LYS MA 205 -69.91 133.55 -64.76
CA LYS MA 205 -70.18 134.89 -65.21
C LYS MA 205 -68.87 135.61 -65.45
N ASP MA 206 -68.76 136.22 -66.62
CA ASP MA 206 -67.53 136.89 -66.97
C ASP MA 206 -67.28 138.08 -66.05
N PHE MA 207 -66.06 138.18 -65.55
CA PHE MA 207 -65.73 139.24 -64.63
C PHE MA 207 -65.85 140.58 -65.31
N ARG MA 208 -66.26 141.57 -64.54
CA ARG MA 208 -66.31 142.91 -65.05
C ARG MA 208 -65.31 143.77 -64.29
N VAL MA 209 -64.91 144.88 -64.90
CA VAL MA 209 -63.97 145.76 -64.23
C VAL MA 209 -64.31 147.21 -64.53
N ARG MA 210 -63.65 148.07 -63.76
CA ARG MA 210 -63.65 149.50 -64.00
C ARG MA 210 -62.25 149.94 -64.40
N PHE MA 211 -62.09 150.24 -65.67
CA PHE MA 211 -60.79 150.66 -66.19
C PHE MA 211 -60.60 152.16 -66.01
N ARG MA 212 -59.37 152.55 -65.71
CA ARG MA 212 -59.00 153.93 -65.46
C ARG MA 212 -59.49 154.90 -66.53
N ILE MA 213 -59.74 154.41 -67.74
CA ILE MA 213 -60.17 155.23 -68.86
C ILE MA 213 -61.44 154.67 -69.51
N ASP MA 214 -61.58 153.34 -69.51
CA ASP MA 214 -62.68 152.69 -70.21
C ASP MA 214 -63.88 152.42 -69.33
N GLY MA 215 -63.70 152.40 -68.00
CA GLY MA 215 -64.84 152.25 -67.12
C GLY MA 215 -65.33 150.82 -67.08
N VAL MA 216 -66.64 150.66 -67.11
CA VAL MA 216 -67.22 149.33 -66.97
C VAL MA 216 -67.02 148.56 -68.27
N MET MA 217 -66.25 147.47 -68.20
CA MET MA 217 -66.10 146.60 -69.35
C MET MA 217 -66.13 145.15 -68.91
N TYR MA 218 -66.57 144.30 -69.84
CA TYR MA 218 -66.58 142.86 -69.64
C TYR MA 218 -65.18 142.30 -69.83
N GLU MA 219 -64.96 141.11 -69.29
CA GLU MA 219 -63.64 140.52 -69.32
C GLU MA 219 -63.71 139.07 -69.75
N VAL MA 220 -62.54 138.58 -70.17
CA VAL MA 220 -62.39 137.23 -70.72
C VAL MA 220 -62.14 136.23 -69.59
N MET MA 221 -62.41 136.62 -68.35
CA MET MA 221 -62.16 135.77 -67.18
C MET MA 221 -63.47 135.37 -66.54
N ARG MA 222 -63.75 134.06 -66.52
CA ARG MA 222 -64.89 133.40 -65.94
C ARG MA 222 -64.43 132.24 -65.09
N PRO MA 223 -65.11 132.02 -63.97
CA PRO MA 223 -64.88 130.84 -63.18
C PRO MA 223 -66.18 130.10 -62.90
N PRO MA 224 -66.18 128.82 -63.18
CA PRO MA 224 -67.28 127.95 -62.74
C PRO MA 224 -67.22 127.75 -61.24
N MET MA 225 -68.22 127.02 -60.72
CA MET MA 225 -68.40 126.98 -59.28
C MET MA 225 -67.13 126.56 -58.55
N LYS MA 226 -66.45 125.51 -59.03
CA LYS MA 226 -65.26 125.06 -58.30
C LYS MA 226 -64.20 126.15 -58.27
N LEU MA 227 -63.87 126.72 -59.43
CA LEU MA 227 -62.86 127.77 -59.44
C LEU MA 227 -63.32 128.97 -58.62
N ARG MA 228 -64.56 129.40 -58.80
CA ARG MA 228 -65.03 130.47 -57.93
C ARG MA 228 -64.72 130.14 -56.48
N ASN MA 229 -65.24 129.02 -55.97
CA ASN MA 229 -65.02 128.69 -54.56
C ASN MA 229 -63.55 128.79 -54.19
N ALA MA 230 -62.66 128.29 -55.06
CA ALA MA 230 -61.22 128.33 -54.75
C ALA MA 230 -60.68 129.76 -54.67
N ILE MA 231 -60.94 130.59 -55.70
CA ILE MA 231 -60.59 132.02 -55.62
C ILE MA 231 -61.03 132.55 -54.28
N THR MA 232 -62.27 132.24 -53.94
CA THR MA 232 -62.96 132.88 -52.86
C THR MA 232 -62.30 132.63 -51.52
N SER MA 233 -61.92 131.38 -51.30
CA SER MA 233 -61.11 131.05 -50.15
C SER MA 233 -59.72 131.68 -50.23
N ARG MA 234 -59.11 131.67 -51.42
CA ARG MA 234 -57.80 132.29 -51.60
C ARG MA 234 -57.78 133.74 -51.11
N LEU MA 235 -58.65 134.56 -51.69
CA LEU MA 235 -58.76 135.97 -51.35
C LEU MA 235 -59.11 136.16 -49.88
N LYS MA 236 -60.10 135.39 -49.42
CA LYS MA 236 -60.48 135.44 -48.02
C LYS MA 236 -59.28 135.24 -47.10
N ILE MA 237 -58.46 134.21 -47.40
CA ILE MA 237 -57.37 133.83 -46.51
C ILE MA 237 -56.27 134.88 -46.54
N MET MA 238 -55.86 135.30 -47.76
CA MET MA 238 -54.83 136.33 -47.85
C MET MA 238 -55.23 137.62 -47.14
N ALA MA 239 -56.53 137.91 -47.03
CA ALA MA 239 -57.02 139.06 -46.30
C ALA MA 239 -57.09 138.83 -44.80
N SER MA 240 -56.91 137.58 -44.35
CA SER MA 240 -56.77 137.14 -42.95
C SER MA 240 -58.07 136.65 -42.32
N LEU MA 241 -58.99 136.08 -43.07
CA LEU MA 241 -60.26 135.75 -42.45
C LEU MA 241 -60.73 134.40 -42.99
N ASP MA 242 -61.81 133.85 -42.43
CA ASP MA 242 -62.21 132.46 -42.72
C ASP MA 242 -63.68 132.39 -43.15
N ILE MA 243 -63.90 132.52 -44.46
CA ILE MA 243 -65.27 132.54 -44.93
C ILE MA 243 -65.78 131.11 -45.06
N SER MA 244 -67.04 130.91 -44.69
CA SER MA 244 -67.62 129.59 -44.66
C SER MA 244 -69.14 129.75 -44.68
N GLU MA 245 -69.83 128.62 -44.81
CA GLU MA 245 -71.29 128.68 -44.73
C GLU MA 245 -71.76 129.25 -43.41
N ARG MA 246 -70.98 129.11 -42.36
CA ARG MA 246 -71.32 129.73 -41.08
C ARG MA 246 -71.11 131.23 -41.11
N ARG MA 247 -70.10 131.70 -41.85
CA ARG MA 247 -69.82 133.12 -41.98
C ARG MA 247 -69.58 133.42 -43.46
N LEU MA 248 -70.67 133.52 -44.19
CA LEU MA 248 -70.68 133.60 -45.65
C LEU MA 248 -70.31 134.95 -46.22
N PRO MA 249 -70.45 136.05 -45.50
CA PRO MA 249 -69.93 137.31 -46.03
C PRO MA 249 -68.74 137.88 -45.29
N GLN MA 250 -67.90 138.60 -46.01
CA GLN MA 250 -66.60 138.95 -45.51
C GLN MA 250 -66.15 140.25 -46.15
N ASP MA 251 -65.87 141.24 -45.31
CA ASP MA 251 -65.53 142.59 -45.73
C ASP MA 251 -64.17 142.90 -45.13
N GLY MA 252 -63.13 142.41 -45.79
CA GLY MA 252 -61.78 142.56 -45.33
C GLY MA 252 -60.93 143.41 -46.26
N ARG MA 253 -59.62 143.37 -46.04
CA ARG MA 253 -58.64 144.14 -46.79
C ARG MA 253 -57.42 143.28 -47.07
N ILE MA 254 -56.97 143.29 -48.32
CA ILE MA 254 -55.71 142.66 -48.67
C ILE MA 254 -54.61 143.70 -48.55
N LYS MA 255 -53.54 143.30 -47.88
CA LYS MA 255 -52.27 144.02 -47.80
C LYS MA 255 -51.31 143.41 -48.83
N ILE MA 256 -51.23 143.99 -50.03
CA ILE MA 256 -50.12 143.69 -50.92
C ILE MA 256 -48.82 144.05 -50.22
N LYS MA 257 -47.86 143.12 -50.26
CA LYS MA 257 -46.49 143.36 -49.80
C LYS MA 257 -45.95 144.73 -50.19
N MET MA 258 -46.22 145.22 -51.40
CA MET MA 258 -45.92 146.62 -51.73
C MET MA 258 -46.65 147.59 -50.84
N GLY MA 259 -46.82 147.24 -49.57
CA GLY MA 259 -47.64 147.97 -48.65
C GLY MA 259 -49.03 148.31 -49.15
N GLY MA 260 -49.44 147.95 -50.37
CA GLY MA 260 -50.66 148.53 -50.96
C GLY MA 260 -51.92 147.82 -50.51
N GLY MA 261 -53.02 148.55 -50.48
CA GLY MA 261 -54.22 147.91 -49.97
C GLY MA 261 -55.37 147.69 -50.93
N LYS MA 262 -56.33 146.86 -50.54
CA LYS MA 262 -57.53 146.77 -51.37
C LYS MA 262 -58.69 146.25 -50.55
N GLU MA 263 -59.85 146.85 -50.78
CA GLU MA 263 -61.06 146.46 -50.08
C GLU MA 263 -61.69 145.27 -50.79
N MET MA 264 -61.97 144.21 -50.03
CA MET MA 264 -62.50 142.98 -50.58
C MET MA 264 -63.80 142.62 -49.89
N ASP MA 265 -64.88 142.61 -50.67
CA ASP MA 265 -66.12 142.00 -50.24
C ASP MA 265 -66.22 140.62 -50.83
N PHE MA 266 -66.76 139.72 -50.04
CA PHE MA 266 -66.71 138.36 -50.50
C PHE MA 266 -67.83 137.50 -49.89
N ARG MA 267 -68.36 136.58 -50.71
CA ARG MA 267 -69.42 135.68 -50.27
C ARG MA 267 -69.18 134.24 -50.73
N VAL MA 268 -69.31 133.30 -49.78
CA VAL MA 268 -69.17 131.88 -50.09
C VAL MA 268 -70.57 131.28 -50.25
N SER MA 269 -70.62 130.17 -50.96
CA SER MA 269 -71.81 129.37 -51.23
C SER MA 269 -72.84 130.28 -51.91
N VAL MA 270 -74.11 130.09 -51.58
CA VAL MA 270 -75.20 130.75 -52.29
C VAL MA 270 -76.24 131.17 -51.28
N CYS MA 271 -75.94 130.96 -50.01
CA CYS MA 271 -76.89 131.29 -48.97
C CYS MA 271 -77.19 132.78 -49.03
N PRO MA 272 -76.22 133.69 -49.01
CA PRO MA 272 -76.62 135.08 -49.28
C PRO MA 272 -76.69 135.38 -50.77
N THR MA 273 -75.80 134.80 -51.57
CA THR MA 273 -75.74 135.05 -53.01
C THR MA 273 -76.26 133.86 -53.81
N LEU MA 274 -77.55 133.88 -54.14
CA LEU MA 274 -78.11 132.80 -54.94
C LEU MA 274 -77.30 132.54 -56.19
N PHE MA 275 -76.82 133.60 -56.82
CA PHE MA 275 -75.99 133.41 -57.99
C PHE MA 275 -74.64 132.81 -57.65
N GLY MA 276 -74.48 132.17 -56.51
CA GLY MA 276 -73.20 131.55 -56.30
C GLY MA 276 -72.28 132.44 -55.49
N GLU MA 277 -71.13 131.88 -55.17
CA GLU MA 277 -70.11 132.66 -54.50
C GLU MA 277 -69.69 133.83 -55.37
N LYS MA 278 -69.10 134.84 -54.75
CA LYS MA 278 -68.81 136.07 -55.48
C LYS MA 278 -67.85 136.92 -54.69
N VAL MA 279 -67.15 137.83 -55.38
CA VAL MA 279 -66.20 138.72 -54.71
C VAL MA 279 -66.11 140.02 -55.48
N VAL MA 280 -65.76 141.10 -54.77
CA VAL MA 280 -65.53 142.41 -55.36
C VAL MA 280 -64.27 143.00 -54.72
N MET MA 281 -63.51 143.73 -55.52
CA MET MA 281 -62.24 144.29 -55.07
C MET MA 281 -62.09 145.70 -55.58
N ARG MA 282 -62.10 146.62 -54.68
CA ARG MA 282 -61.87 147.99 -55.07
C ARG MA 282 -60.44 148.38 -54.79
N LEU MA 283 -59.62 148.41 -55.84
CA LEU MA 283 -58.17 148.52 -55.68
C LEU MA 283 -57.77 149.95 -55.33
N LEU MA 284 -56.68 150.09 -54.59
CA LEU MA 284 -56.42 151.30 -53.83
C LEU MA 284 -55.64 152.32 -54.66
N ASP MA 285 -54.92 151.83 -55.67
CA ASP MA 285 -53.56 151.35 -55.48
C ASP MA 285 -52.71 152.37 -54.73
N LYS MA 286 -51.92 151.88 -53.78
CA LYS MA 286 -51.32 152.75 -52.78
C LYS MA 286 -49.80 152.79 -52.93
N SER MA 287 -49.10 152.95 -51.81
CA SER MA 287 -48.16 154.07 -51.64
C SER MA 287 -48.89 155.40 -51.68
N ASN MA 288 -48.91 156.09 -50.54
CA ASN MA 288 -50.08 156.87 -50.14
C ASN MA 288 -50.22 158.16 -50.93
N LEU MA 289 -51.42 158.42 -51.44
CA LEU MA 289 -51.72 159.66 -52.12
C LEU MA 289 -51.27 160.87 -51.30
N GLN MA 290 -50.77 161.89 -51.98
CA GLN MA 290 -50.26 163.08 -51.30
C GLN MA 290 -51.17 164.29 -51.56
N LEU MA 291 -50.78 165.44 -51.00
CA LEU MA 291 -51.39 166.71 -51.38
C LEU MA 291 -51.16 167.05 -52.84
N ASP MA 292 -50.20 166.39 -53.50
CA ASP MA 292 -50.11 166.43 -54.94
C ASP MA 292 -51.46 166.15 -55.59
N MET MA 293 -52.40 165.59 -54.85
CA MET MA 293 -53.78 165.42 -55.29
C MET MA 293 -54.64 166.67 -55.28
N THR MA 294 -54.09 167.88 -55.28
CA THR MA 294 -54.91 168.86 -56.00
C THR MA 294 -54.76 168.67 -57.49
N LYS MA 295 -53.91 167.73 -57.90
CA LYS MA 295 -53.94 167.30 -59.28
C LYS MA 295 -55.27 166.65 -59.57
N LEU MA 296 -55.67 165.79 -58.69
CA LEU MA 296 -56.85 165.05 -58.99
C LEU MA 296 -58.10 165.87 -58.69
N GLY MA 297 -57.95 167.17 -58.43
CA GLY MA 297 -59.08 168.07 -58.25
C GLY MA 297 -59.86 167.76 -57.00
N PHE MA 298 -59.30 166.96 -56.13
CA PHE MA 298 -60.10 166.59 -54.99
C PHE MA 298 -60.15 167.72 -54.01
N ASP MA 299 -59.05 168.08 -53.39
CA ASP MA 299 -59.19 169.23 -52.52
C ASP MA 299 -58.40 170.39 -53.10
N ALA MA 300 -59.02 171.57 -53.07
CA ALA MA 300 -58.33 172.77 -53.53
C ALA MA 300 -57.13 173.04 -52.64
N GLN MA 301 -56.06 173.54 -53.27
CA GLN MA 301 -54.91 174.03 -52.52
C GLN MA 301 -55.30 174.95 -51.37
N PRO MA 302 -56.17 175.95 -51.54
CA PRO MA 302 -56.53 176.79 -50.39
C PRO MA 302 -56.99 176.00 -49.18
N LEU MA 303 -57.93 175.07 -49.37
CA LEU MA 303 -58.43 174.29 -48.26
C LEU MA 303 -57.33 173.45 -47.63
N ALA MA 304 -56.43 172.90 -48.46
CA ALA MA 304 -55.33 172.10 -47.93
C ALA MA 304 -54.40 172.93 -47.08
N TRP MA 305 -54.18 174.19 -47.44
CA TRP MA 305 -53.44 175.09 -46.57
C TRP MA 305 -54.17 175.30 -45.26
N PHE MA 306 -55.49 175.54 -45.33
CA PHE MA 306 -56.25 175.71 -44.11
C PHE MA 306 -56.12 174.49 -43.21
N LYS MA 307 -56.16 173.28 -43.79
CA LYS MA 307 -55.99 172.08 -42.99
C LYS MA 307 -54.57 171.94 -42.47
N GLU MA 308 -53.57 172.28 -43.29
CA GLU MA 308 -52.19 172.29 -42.85
C GLU MA 308 -52.01 173.11 -41.58
N ALA MA 309 -52.33 174.41 -41.68
CA ALA MA 309 -52.58 175.18 -40.47
C ALA MA 309 -53.25 174.30 -39.42
N ILE MA 310 -54.58 174.11 -39.54
CA ILE MA 310 -55.40 173.39 -38.55
C ILE MA 310 -54.65 172.26 -37.86
N ASP MA 311 -53.92 171.44 -38.62
CA ASP MA 311 -53.29 170.27 -38.04
C ASP MA 311 -52.06 170.68 -37.23
N ARG MA 312 -51.43 171.78 -37.60
CA ARG MA 312 -50.32 172.25 -36.76
C ARG MA 312 -50.77 172.70 -35.37
N PRO MA 313 -51.85 173.49 -35.16
CA PRO MA 313 -52.31 173.82 -33.81
C PRO MA 313 -53.22 172.79 -33.18
N TYR MA 314 -53.34 171.60 -33.76
CA TYR MA 314 -53.89 170.44 -33.09
C TYR MA 314 -55.41 170.44 -33.08
N GLY MA 315 -56.01 171.05 -34.09
CA GLY MA 315 -57.44 170.89 -34.33
C GLY MA 315 -57.76 169.47 -34.76
N MET MA 316 -58.66 168.82 -34.02
CA MET MA 316 -58.99 167.42 -34.27
C MET MA 316 -59.97 167.30 -35.43
N VAL MA 317 -59.81 166.25 -36.24
CA VAL MA 317 -60.63 166.14 -37.46
C VAL MA 317 -61.02 164.69 -37.73
N LEU MA 318 -62.25 164.52 -38.22
CA LEU MA 318 -62.74 163.23 -38.66
C LEU MA 318 -63.10 163.32 -40.14
N VAL MA 319 -62.70 162.29 -40.90
CA VAL MA 319 -63.02 162.18 -42.32
C VAL MA 319 -64.17 161.19 -42.45
N THR MA 320 -65.31 161.73 -42.87
CA THR MA 320 -66.55 161.01 -43.08
C THR MA 320 -66.80 160.91 -44.56
N GLY MA 321 -67.46 159.84 -44.94
CA GLY MA 321 -67.73 159.61 -46.32
C GLY MA 321 -68.33 158.25 -46.51
N PRO MA 322 -69.10 158.11 -47.56
CA PRO MA 322 -69.73 156.81 -47.82
C PRO MA 322 -68.68 155.80 -48.23
N THR MA 323 -69.06 154.57 -48.51
CA THR MA 323 -67.97 153.65 -48.71
C THR MA 323 -67.24 153.91 -50.02
N GLY MA 324 -65.93 153.97 -49.87
CA GLY MA 324 -65.02 154.40 -50.87
C GLY MA 324 -65.35 155.73 -51.48
N SER MA 325 -65.29 156.78 -50.67
CA SER MA 325 -65.23 158.14 -51.14
C SER MA 325 -63.84 158.70 -51.01
N GLY MA 326 -62.96 158.02 -50.26
CA GLY MA 326 -61.59 158.48 -50.06
C GLY MA 326 -61.24 158.79 -48.62
N LYS MA 327 -62.04 158.43 -47.62
CA LYS MA 327 -61.74 158.78 -46.22
C LYS MA 327 -60.28 158.49 -45.84
N THR MA 328 -59.89 157.21 -45.85
CA THR MA 328 -58.56 156.83 -45.41
C THR MA 328 -57.46 157.52 -46.24
N THR MA 329 -57.61 157.55 -47.55
CA THR MA 329 -56.63 158.22 -48.39
C THR MA 329 -56.45 159.66 -47.96
N THR MA 330 -57.54 160.42 -47.94
CA THR MA 330 -57.50 161.82 -47.53
C THR MA 330 -56.84 162.00 -46.18
N LEU MA 331 -57.25 161.19 -45.19
CA LEU MA 331 -56.63 161.27 -43.86
C LEU MA 331 -55.12 161.14 -43.97
N TYR MA 332 -54.70 160.01 -44.53
CA TYR MA 332 -53.28 159.71 -44.70
C TYR MA 332 -52.57 160.84 -45.45
N SER MA 333 -53.27 161.44 -46.41
CA SER MA 333 -52.73 162.59 -47.12
C SER MA 333 -52.47 163.75 -46.17
N ALA MA 334 -53.46 164.10 -45.35
CA ALA MA 334 -53.30 165.24 -44.44
C ALA MA 334 -52.18 165.01 -43.43
N LEU MA 335 -52.07 163.79 -42.87
CA LEU MA 335 -50.97 163.58 -41.92
C LEU MA 335 -49.64 163.56 -42.63
N SER MA 336 -49.61 162.91 -43.80
CA SER MA 336 -48.38 162.72 -44.55
C SER MA 336 -47.85 164.04 -45.03
N SER MA 337 -48.74 164.92 -45.47
CA SER MA 337 -48.33 166.20 -46.00
C SER MA 337 -47.70 167.07 -44.94
N LEU MA 338 -48.09 166.94 -43.68
CA LEU MA 338 -47.51 167.81 -42.67
C LEU MA 338 -46.10 167.35 -42.31
N ASN MA 339 -45.26 168.31 -41.94
CA ASN MA 339 -44.05 167.95 -41.22
C ASN MA 339 -44.42 167.45 -39.84
N GLY MA 340 -44.36 166.14 -39.62
CA GLY MA 340 -44.54 165.65 -38.28
C GLY MA 340 -43.26 165.24 -37.59
N LEU MA 341 -42.12 165.79 -38.01
CA LEU MA 341 -40.84 165.34 -37.49
C LEU MA 341 -40.59 165.79 -36.04
N ASP MA 342 -41.27 166.84 -35.58
CA ASP MA 342 -41.02 167.40 -34.25
C ASP MA 342 -42.11 167.05 -33.25
N THR MA 343 -43.02 166.16 -33.61
CA THR MA 343 -44.13 165.83 -32.74
C THR MA 343 -44.24 164.31 -32.66
N ASN MA 344 -44.60 163.81 -31.48
CA ASN MA 344 -44.81 162.39 -31.30
C ASN MA 344 -46.21 162.03 -31.76
N ILE MA 345 -46.29 161.20 -32.81
CA ILE MA 345 -47.54 160.72 -33.39
C ILE MA 345 -47.58 159.22 -33.21
N CYS MA 346 -48.74 158.69 -33.43
CA CYS MA 346 -49.20 157.69 -32.53
C CYS MA 346 -50.53 157.15 -33.05
N THR MA 347 -50.52 155.95 -33.65
CA THR MA 347 -51.63 155.47 -34.50
C THR MA 347 -52.10 154.09 -34.05
N ALA MA 348 -53.43 153.88 -34.08
CA ALA MA 348 -54.07 152.62 -33.72
C ALA MA 348 -54.98 152.20 -34.86
N GLU MA 349 -54.66 151.08 -35.52
CA GLU MA 349 -55.44 150.61 -36.65
C GLU MA 349 -55.79 149.14 -36.47
N ASP MA 350 -56.92 148.73 -37.08
CA ASP MA 350 -57.29 147.33 -37.06
C ASP MA 350 -56.37 146.56 -38.00
N PRO MA 351 -56.14 147.00 -39.28
CA PRO MA 351 -54.86 146.66 -39.94
C PRO MA 351 -54.08 147.84 -40.54
N VAL MA 352 -52.78 147.67 -40.79
CA VAL MA 352 -51.97 148.72 -41.42
C VAL MA 352 -52.69 149.26 -42.64
N GLU MA 353 -52.75 150.57 -42.72
CA GLU MA 353 -53.07 151.20 -43.97
C GLU MA 353 -52.26 152.48 -44.08
N PHE MA 354 -51.86 153.00 -42.92
CA PHE MA 354 -51.27 154.33 -42.86
C PHE MA 354 -49.77 154.28 -43.07
N ASN MA 355 -49.30 155.01 -44.08
CA ASN MA 355 -47.88 155.21 -44.31
C ASN MA 355 -47.53 156.65 -43.95
N PHE MA 356 -46.49 156.82 -43.14
CA PHE MA 356 -46.03 158.16 -42.79
C PHE MA 356 -44.52 158.23 -42.84
N ALA MA 357 -44.02 159.26 -43.52
CA ALA MA 357 -42.59 159.53 -43.63
C ALA MA 357 -42.13 160.38 -42.44
N GLY MA 358 -42.28 159.80 -41.26
CA GLY MA 358 -41.92 160.49 -40.03
C GLY MA 358 -41.43 159.58 -38.95
N ILE MA 359 -40.58 160.14 -38.12
CA ILE MA 359 -39.60 159.47 -37.31
C ILE MA 359 -40.29 159.24 -35.96
N ASN MA 360 -40.64 160.31 -35.20
CA ASN MA 360 -41.41 160.18 -33.96
C ASN MA 360 -42.78 159.57 -34.17
N GLN MA 361 -42.84 158.29 -34.46
CA GLN MA 361 -44.15 157.71 -34.67
C GLN MA 361 -44.21 156.29 -34.18
N VAL MA 362 -45.30 156.00 -33.49
CA VAL MA 362 -45.61 154.69 -32.94
C VAL MA 362 -46.80 154.15 -33.70
N GLN MA 363 -46.61 153.02 -34.37
CA GLN MA 363 -47.69 152.39 -35.10
C GLN MA 363 -48.20 151.17 -34.33
N MET MA 364 -49.51 151.13 -34.12
CA MET MA 364 -50.16 150.15 -33.25
C MET MA 364 -51.25 149.42 -33.97
N HIS MA 365 -51.22 148.09 -33.89
CA HIS MA 365 -52.19 147.27 -34.58
C HIS MA 365 -52.87 146.30 -33.65
N ASP MA 366 -54.18 146.32 -33.77
CA ASP MA 366 -55.03 145.34 -33.12
C ASP MA 366 -54.51 143.94 -33.36
N ASP MA 367 -54.43 143.18 -32.27
CA ASP MA 367 -54.05 141.77 -32.29
C ASP MA 367 -55.18 140.94 -31.72
N ILE MA 368 -55.00 139.62 -31.76
CA ILE MA 368 -56.02 138.69 -31.28
C ILE MA 368 -56.52 139.14 -29.93
N GLY MA 369 -57.83 139.32 -29.80
CA GLY MA 369 -58.42 139.47 -28.50
C GLY MA 369 -58.25 140.82 -27.87
N LEU MA 370 -57.74 141.80 -28.62
CA LEU MA 370 -57.65 143.17 -28.17
C LEU MA 370 -58.73 143.98 -28.86
N ASN MA 371 -59.39 144.81 -28.08
CA ASN MA 371 -60.28 145.80 -28.63
C ASN MA 371 -59.47 147.02 -29.04
N PHE MA 372 -60.01 147.79 -29.98
CA PHE MA 372 -59.39 149.07 -30.34
C PHE MA 372 -59.14 149.92 -29.11
N ALA MA 373 -60.05 149.82 -28.14
CA ALA MA 373 -59.96 150.63 -26.93
C ALA MA 373 -58.72 150.26 -26.11
N ALA MA 374 -58.36 148.98 -26.08
CA ALA MA 374 -57.17 148.58 -25.34
C ALA MA 374 -55.96 149.37 -25.82
N ALA MA 375 -55.77 149.43 -27.14
CA ALA MA 375 -54.61 150.11 -27.70
C ALA MA 375 -54.72 151.63 -27.55
N LEU MA 376 -55.88 152.22 -27.82
CA LEU MA 376 -55.99 153.67 -27.63
C LEU MA 376 -55.81 154.05 -26.17
N ARG MA 377 -56.64 153.47 -25.31
CA ARG MA 377 -56.61 153.62 -23.86
C ARG MA 377 -55.18 153.62 -23.33
N SER MA 378 -54.35 152.75 -23.91
CA SER MA 378 -52.96 152.52 -23.50
C SER MA 378 -52.10 153.06 -24.63
N PHE MA 379 -51.90 154.37 -24.63
CA PHE MA 379 -51.33 155.02 -25.79
C PHE MA 379 -51.52 156.52 -25.72
N LEU MA 380 -52.78 156.93 -25.64
CA LEU MA 380 -53.10 158.16 -24.94
C LEU MA 380 -52.33 158.23 -23.64
N ARG MA 381 -52.02 157.06 -23.06
CA ARG MA 381 -51.33 157.02 -21.79
C ARG MA 381 -49.95 157.64 -21.89
N GLN MA 382 -49.21 157.32 -22.95
CA GLN MA 382 -47.94 158.00 -23.14
C GLN MA 382 -48.19 159.42 -23.58
N ASP MA 383 -47.25 160.02 -24.25
CA ASP MA 383 -47.49 161.39 -24.60
C ASP MA 383 -47.55 161.54 -26.11
N PRO MA 384 -48.67 161.23 -26.74
CA PRO MA 384 -48.81 161.57 -28.15
C PRO MA 384 -49.23 163.02 -28.32
N ASP MA 385 -48.49 163.73 -29.16
CA ASP MA 385 -48.98 165.00 -29.65
C ASP MA 385 -50.13 164.81 -30.62
N ILE MA 386 -50.05 163.77 -31.45
CA ILE MA 386 -51.07 163.43 -32.43
C ILE MA 386 -51.43 161.95 -32.31
N ILE MA 387 -52.73 161.68 -32.33
CA ILE MA 387 -53.32 160.35 -32.27
C ILE MA 387 -54.11 160.12 -33.55
N MET MA 388 -53.82 159.03 -34.23
CA MET MA 388 -54.58 158.67 -35.43
C MET MA 388 -55.24 157.33 -35.20
N ILE MA 389 -56.57 157.30 -35.29
CA ILE MA 389 -57.34 156.07 -35.19
C ILE MA 389 -57.83 155.75 -36.60
N GLY MA 390 -57.35 154.64 -37.15
CA GLY MA 390 -57.71 154.22 -38.50
C GLY MA 390 -59.15 154.52 -38.87
N GLU MA 391 -60.08 154.01 -38.07
CA GLU MA 391 -61.50 154.26 -38.27
C GLU MA 391 -62.23 153.83 -37.01
N ILE MA 392 -63.11 154.68 -36.51
CA ILE MA 392 -63.85 154.35 -35.29
C ILE MA 392 -64.97 153.39 -35.64
N ARG MA 393 -64.91 152.17 -35.07
CA ARG MA 393 -65.94 151.15 -35.28
C ARG MA 393 -66.45 150.47 -34.01
N ASP MA 394 -65.66 150.41 -32.94
CA ASP MA 394 -66.26 150.13 -31.65
C ASP MA 394 -66.35 151.49 -30.99
N PHE MA 395 -67.55 151.94 -30.67
CA PHE MA 395 -67.45 153.28 -30.10
C PHE MA 395 -66.91 153.33 -28.62
N GLU MA 396 -66.70 152.16 -27.91
CA GLU MA 396 -65.88 152.25 -26.68
C GLU MA 396 -64.51 152.85 -26.97
N THR MA 397 -63.91 152.57 -28.13
CA THR MA 397 -62.72 153.37 -28.48
C THR MA 397 -63.09 154.81 -28.86
N ALA MA 398 -64.15 155.01 -29.67
CA ALA MA 398 -64.58 156.38 -29.99
C ALA MA 398 -64.51 157.26 -28.74
N GLU MA 399 -65.08 156.74 -27.65
CA GLU MA 399 -65.15 157.46 -26.39
C GLU MA 399 -63.76 157.85 -25.91
N ILE MA 400 -62.82 156.89 -25.88
CA ILE MA 400 -61.46 157.24 -25.53
C ILE MA 400 -60.94 158.34 -26.45
N GLY MA 401 -61.21 158.24 -27.75
CA GLY MA 401 -60.75 159.24 -28.69
C GLY MA 401 -61.19 160.65 -28.37
N VAL MA 402 -62.50 160.86 -28.19
CA VAL MA 402 -62.99 162.19 -27.88
C VAL MA 402 -62.55 162.65 -26.49
N LYS MA 403 -62.31 161.70 -25.60
CA LYS MA 403 -61.65 162.04 -24.35
C LYS MA 403 -60.26 162.60 -24.61
N ALA MA 404 -59.50 161.95 -25.49
CA ALA MA 404 -58.19 162.43 -25.89
C ALA MA 404 -58.29 163.83 -26.47
N ALA MA 405 -59.34 164.10 -27.24
CA ALA MA 405 -59.53 165.44 -27.76
C ALA MA 405 -59.76 166.43 -26.63
N LEU MA 406 -60.49 166.03 -25.58
CA LEU MA 406 -60.74 167.01 -24.54
C LEU MA 406 -59.52 167.22 -23.63
N THR MA 407 -58.62 166.23 -23.45
CA THR MA 407 -57.40 166.62 -22.73
C THR MA 407 -56.61 167.65 -23.53
N GLY MA 408 -56.76 167.65 -24.87
CA GLY MA 408 -56.11 168.59 -25.76
C GLY MA 408 -55.09 167.95 -26.70
N HIS MA 409 -55.17 166.64 -26.92
CA HIS MA 409 -54.39 166.06 -27.99
C HIS MA 409 -54.96 166.47 -29.35
N LEU MA 410 -54.17 166.24 -30.39
CA LEU MA 410 -54.63 166.33 -31.78
C LEU MA 410 -55.04 164.93 -32.22
N VAL MA 411 -56.32 164.67 -32.28
CA VAL MA 411 -56.83 163.37 -32.67
C VAL MA 411 -57.40 163.47 -34.08
N LEU MA 412 -57.31 162.36 -34.82
CA LEU MA 412 -57.82 162.29 -36.17
C LEU MA 412 -58.33 160.87 -36.40
N SER MA 413 -59.41 160.77 -37.18
CA SER MA 413 -59.91 159.43 -37.47
C SER MA 413 -60.88 159.47 -38.63
N THR MA 414 -61.40 158.29 -38.98
CA THR MA 414 -62.29 158.08 -40.11
C THR MA 414 -63.61 157.52 -39.60
N LEU MA 415 -64.69 157.81 -40.33
CA LEU MA 415 -66.01 157.30 -39.96
C LEU MA 415 -66.86 157.05 -41.20
N HIS MA 416 -67.55 155.91 -41.21
CA HIS MA 416 -68.41 155.55 -42.34
C HIS MA 416 -69.76 156.25 -42.20
N THR MA 417 -70.00 157.24 -43.05
CA THR MA 417 -71.26 157.97 -43.04
C THR MA 417 -71.24 159.00 -44.16
N ASN MA 418 -72.43 159.52 -44.49
CA ASN MA 418 -72.61 160.34 -45.68
C ASN MA 418 -73.01 161.79 -45.42
N ASP MA 419 -73.42 162.14 -44.21
CA ASP MA 419 -73.72 163.52 -43.86
C ASP MA 419 -73.75 163.61 -42.34
N ALA MA 420 -74.40 164.67 -41.85
CA ALA MA 420 -74.30 165.01 -40.44
C ALA MA 420 -75.18 164.15 -39.55
N PRO MA 421 -76.38 163.74 -39.94
CA PRO MA 421 -77.12 162.86 -39.03
C PRO MA 421 -76.46 161.49 -39.12
N GLY MA 422 -75.99 161.13 -40.32
CA GLY MA 422 -75.20 159.92 -40.46
C GLY MA 422 -74.13 159.80 -39.38
N THR MA 423 -73.14 160.71 -39.38
CA THR MA 423 -72.13 160.63 -38.34
C THR MA 423 -72.74 160.81 -36.98
N VAL MA 424 -73.27 161.99 -36.66
CA VAL MA 424 -73.64 162.23 -35.26
C VAL MA 424 -74.43 161.05 -34.70
N SER MA 425 -75.50 160.64 -35.39
CA SER MA 425 -76.18 159.39 -35.08
C SER MA 425 -75.18 158.26 -34.85
N ARG MA 426 -74.40 157.98 -35.89
CA ARG MA 426 -73.37 156.97 -35.75
C ARG MA 426 -72.49 157.21 -34.56
N LEU MA 427 -72.11 158.44 -34.20
CA LEU MA 427 -71.16 158.59 -33.09
C LEU MA 427 -71.85 158.44 -31.75
N LEU MA 428 -73.07 158.96 -31.63
CA LEU MA 428 -73.79 158.97 -30.38
C LEU MA 428 -74.28 157.60 -29.98
N ASN MA 429 -74.36 156.65 -30.92
CA ASN MA 429 -74.98 155.38 -30.52
C ASN MA 429 -74.16 154.34 -29.69
N MET MA 430 -72.91 154.58 -29.33
CA MET MA 430 -72.28 153.87 -28.20
C MET MA 430 -71.89 154.77 -27.02
N GLY MA 431 -72.53 155.93 -26.93
CA GLY MA 431 -72.59 156.72 -25.69
C GLY MA 431 -71.72 157.99 -25.52
N ILE MA 432 -70.93 158.37 -26.51
CA ILE MA 432 -70.42 159.73 -26.50
C ILE MA 432 -71.57 160.62 -26.90
N GLU MA 433 -71.71 161.77 -26.18
CA GLU MA 433 -72.59 162.93 -26.38
C GLU MA 433 -72.01 163.84 -27.45
N PRO MA 434 -72.85 164.65 -28.08
CA PRO MA 434 -72.31 165.63 -29.01
C PRO MA 434 -71.64 166.75 -28.27
N PHE MA 435 -71.85 166.97 -26.96
CA PHE MA 435 -70.98 167.96 -26.37
C PHE MA 435 -69.54 167.47 -26.39
N LEU MA 436 -69.32 166.18 -26.12
CA LEU MA 436 -67.93 165.76 -26.04
C LEU MA 436 -67.34 165.65 -27.45
N VAL MA 437 -68.00 164.94 -28.36
CA VAL MA 437 -67.46 164.88 -29.73
C VAL MA 437 -67.53 166.25 -30.40
N THR MA 438 -68.74 166.76 -30.73
CA THR MA 438 -68.86 168.07 -31.40
C THR MA 438 -68.17 169.19 -30.61
N ALA MA 439 -68.13 169.09 -29.31
CA ALA MA 439 -67.51 170.21 -28.63
C ALA MA 439 -66.00 170.15 -28.74
N SER MA 440 -65.45 168.94 -28.78
CA SER MA 440 -64.02 168.78 -28.88
C SER MA 440 -63.55 168.37 -30.27
N LEU MA 441 -64.47 167.96 -31.15
CA LEU MA 441 -64.12 167.79 -32.56
C LEU MA 441 -64.07 169.15 -33.22
N ASN MA 442 -63.00 169.42 -33.96
CA ASN MA 442 -62.88 170.71 -34.64
C ASN MA 442 -63.45 170.65 -36.06
N LEU MA 443 -62.85 169.84 -36.93
CA LEU MA 443 -63.26 169.81 -38.33
C LEU MA 443 -63.66 168.40 -38.76
N ILE MA 444 -64.66 168.36 -39.64
CA ILE MA 444 -65.19 167.11 -40.18
C ILE MA 444 -65.23 167.27 -41.69
N LEU MA 445 -64.37 166.55 -42.39
CA LEU MA 445 -64.44 166.55 -43.84
C LEU MA 445 -65.43 165.49 -44.31
N ALA MA 446 -66.13 165.78 -45.40
CA ALA MA 446 -67.02 164.81 -46.03
C ALA MA 446 -66.50 164.53 -47.44
N GLN MA 447 -66.22 163.27 -47.73
CA GLN MA 447 -65.66 162.81 -48.99
C GLN MA 447 -66.74 162.14 -49.83
N ARG MA 448 -66.54 162.13 -51.15
CA ARG MA 448 -67.52 161.59 -52.08
C ARG MA 448 -66.82 160.90 -53.25
N LEU MA 449 -67.60 160.06 -53.93
CA LEU MA 449 -67.31 159.62 -55.30
C LEU MA 449 -68.38 160.18 -56.22
N ALA MA 450 -67.96 161.04 -57.15
CA ALA MA 450 -68.77 161.59 -58.22
C ALA MA 450 -68.43 160.88 -59.52
N ARG MA 451 -69.45 160.45 -60.25
CA ARG MA 451 -69.25 159.75 -61.52
C ARG MA 451 -69.98 160.47 -62.63
N ARG MA 452 -69.30 160.72 -63.75
CA ARG MA 452 -70.06 161.29 -64.88
C ARG MA 452 -69.93 160.37 -66.08
N LEU MA 453 -70.59 159.22 -66.02
CA LEU MA 453 -70.31 158.12 -66.95
C LEU MA 453 -68.99 157.57 -66.44
N CYS MA 454 -67.89 157.64 -67.22
CA CYS MA 454 -66.63 157.03 -66.85
C CYS MA 454 -65.63 157.93 -66.11
N PRO MA 455 -65.89 159.19 -65.69
CA PRO MA 455 -64.88 159.69 -64.77
C PRO MA 455 -65.30 159.23 -63.41
N ALA MA 456 -64.21 158.92 -62.74
CA ALA MA 456 -64.08 158.48 -61.37
C ALA MA 456 -63.53 159.69 -60.64
N CYS MA 457 -64.35 160.32 -59.81
CA CYS MA 457 -63.96 161.54 -59.12
C CYS MA 457 -64.17 161.32 -57.63
N LYS MA 458 -63.19 161.73 -56.81
CA LYS MA 458 -63.33 161.67 -55.36
C LYS MA 458 -63.26 163.06 -54.79
N LYS MA 459 -64.36 163.57 -54.29
CA LYS MA 459 -64.10 164.95 -53.93
C LYS MA 459 -64.42 165.20 -52.46
N PRO MA 460 -63.86 166.24 -51.85
CA PRO MA 460 -64.38 166.58 -50.52
C PRO MA 460 -65.62 167.39 -50.76
N ALA MA 461 -66.77 166.73 -50.64
CA ALA MA 461 -68.04 167.42 -50.69
C ALA MA 461 -68.05 168.67 -49.80
N GLU MA 462 -67.49 168.58 -48.59
CA GLU MA 462 -67.62 169.75 -47.73
C GLU MA 462 -66.59 169.76 -46.61
N CYS MA 490 -66.27 171.10 -42.99
CA CYS MA 490 -67.29 171.41 -42.00
C CYS MA 490 -66.62 171.75 -40.68
N ARG MA 491 -66.86 172.96 -40.19
CA ARG MA 491 -66.23 173.44 -38.98
C ARG MA 491 -67.18 173.23 -37.82
N ASP MA 492 -66.81 172.40 -36.85
CA ASP MA 492 -67.69 172.20 -35.71
C ASP MA 492 -67.42 173.29 -34.66
N CYS MA 493 -68.35 174.24 -34.52
CA CYS MA 493 -68.10 175.34 -33.59
C CYS MA 493 -68.17 174.91 -32.14
N ASN MA 494 -69.16 174.07 -31.81
CA ASN MA 494 -69.45 173.60 -30.46
C ASN MA 494 -70.87 173.10 -30.27
N ASP MA 495 -71.29 173.14 -29.01
CA ASP MA 495 -72.59 172.79 -28.47
C ASP MA 495 -73.39 174.04 -28.19
N ARG MA 496 -74.67 173.84 -27.94
CA ARG MA 496 -75.56 174.92 -27.57
C ARG MA 496 -76.26 174.53 -26.27
N GLY MA 497 -76.39 175.45 -25.33
CA GLY MA 497 -77.18 175.16 -24.14
C GLY MA 497 -78.65 175.33 -24.47
N TYR MA 498 -79.45 174.28 -24.24
CA TYR MA 498 -80.85 174.26 -24.70
C TYR MA 498 -80.87 174.37 -26.21
N ARG MA 499 -81.10 173.29 -26.93
CA ARG MA 499 -80.52 173.31 -28.27
C ARG MA 499 -81.13 172.44 -29.36
N GLY MA 500 -80.28 172.16 -30.34
CA GLY MA 500 -80.35 171.03 -31.25
C GLY MA 500 -78.93 170.47 -31.34
N ARG MA 501 -78.00 171.22 -30.73
CA ARG MA 501 -76.65 170.88 -30.28
C ARG MA 501 -75.53 171.33 -31.19
N VAL MA 502 -75.13 170.34 -31.98
CA VAL MA 502 -74.01 170.37 -32.88
C VAL MA 502 -74.02 171.65 -33.69
N ALA MA 503 -73.23 172.63 -33.27
CA ALA MA 503 -73.13 173.90 -34.01
C ALA MA 503 -72.06 173.72 -35.07
N ILE MA 504 -72.47 173.81 -36.34
CA ILE MA 504 -71.62 173.53 -37.48
C ILE MA 504 -71.65 174.71 -38.43
N TYR MA 505 -70.47 175.20 -38.80
CA TYR MA 505 -70.29 176.26 -39.79
C TYR MA 505 -69.59 175.67 -41.01
N GLU MA 506 -70.32 175.60 -42.12
CA GLU MA 506 -69.81 174.98 -43.32
C GLU MA 506 -68.93 175.97 -44.06
N VAL MA 507 -67.63 175.67 -44.12
CA VAL MA 507 -66.63 176.54 -44.74
C VAL MA 507 -66.71 176.39 -46.26
N MET MA 508 -66.45 175.18 -46.75
CA MET MA 508 -66.40 174.91 -48.18
C MET MA 508 -67.46 173.88 -48.59
N PRO MA 509 -68.31 174.20 -49.56
CA PRO MA 509 -69.05 173.16 -50.30
C PRO MA 509 -68.49 172.83 -51.68
N PHE MA 510 -68.82 171.65 -52.21
CA PHE MA 510 -68.43 171.30 -53.58
C PHE MA 510 -69.65 171.25 -54.49
N TRP MA 511 -69.65 172.11 -55.51
CA TRP MA 511 -70.64 172.06 -56.58
C TRP MA 511 -70.19 171.07 -57.65
N ASP MA 512 -70.98 170.03 -57.84
CA ASP MA 512 -70.71 168.99 -58.83
C ASP MA 512 -71.04 169.46 -60.25
N GLY MA 513 -71.99 170.38 -60.39
CA GLY MA 513 -72.38 170.82 -61.72
C GLY MA 513 -71.25 171.48 -62.48
N LEU MA 514 -70.41 172.23 -61.77
CA LEU MA 514 -69.24 172.85 -62.37
C LEU MA 514 -67.93 172.27 -61.88
N LYS MA 515 -67.98 171.27 -61.00
CA LYS MA 515 -66.80 170.70 -60.35
C LYS MA 515 -65.92 171.81 -59.77
N GLU MA 516 -66.48 172.47 -58.77
CA GLU MA 516 -65.83 173.61 -58.14
C GLU MA 516 -66.06 173.58 -56.65
N LEU MA 517 -65.10 174.10 -55.90
CA LEU MA 517 -65.24 174.26 -54.46
C LEU MA 517 -65.55 175.72 -54.18
N VAL MA 518 -66.70 175.97 -53.57
CA VAL MA 518 -67.15 177.31 -53.23
C VAL MA 518 -66.97 177.50 -51.72
N ILE MA 519 -66.65 178.72 -51.34
CA ILE MA 519 -66.69 179.14 -49.94
C ILE MA 519 -68.11 179.61 -49.66
N ASN MA 520 -68.72 179.09 -48.59
CA ASN MA 520 -70.14 179.35 -48.31
C ASN MA 520 -70.32 180.00 -46.94
N GLY MA 521 -70.01 181.30 -46.85
CA GLY MA 521 -70.24 182.08 -45.66
C GLY MA 521 -69.16 181.96 -44.62
N ALA MA 522 -68.09 181.23 -44.88
CA ALA MA 522 -66.91 181.28 -44.04
C ALA MA 522 -66.26 182.66 -44.13
N SER MA 523 -65.84 183.18 -42.98
CA SER MA 523 -65.08 184.42 -42.89
C SER MA 523 -63.76 184.16 -42.20
N ALA MA 524 -62.79 185.06 -42.43
CA ALA MA 524 -61.52 184.99 -41.73
C ALA MA 524 -61.70 185.10 -40.22
N ALA MA 525 -62.75 185.77 -39.76
CA ALA MA 525 -62.98 185.90 -38.32
C ALA MA 525 -63.35 184.56 -37.68
N GLU MA 526 -63.79 183.59 -38.48
CA GLU MA 526 -64.13 182.27 -37.94
C GLU MA 526 -62.89 181.51 -37.52
N LEU MA 527 -62.04 181.16 -38.48
CA LEU MA 527 -60.82 180.40 -38.19
C LEU MA 527 -59.83 181.15 -37.29
N LYS MA 528 -60.25 182.22 -36.60
CA LYS MA 528 -59.34 182.99 -35.77
C LYS MA 528 -58.73 182.14 -34.66
N GLN MA 529 -59.51 181.22 -34.10
CA GLN MA 529 -59.26 180.48 -32.86
C GLN MA 529 -57.80 180.34 -32.45
N GLU MA 530 -57.13 181.47 -32.24
CA GLU MA 530 -55.73 181.27 -31.94
C GLU MA 530 -55.44 181.78 -30.54
N ALA MA 531 -54.47 181.13 -29.91
CA ALA MA 531 -54.04 181.56 -28.60
C ALA MA 531 -53.63 183.03 -28.62
N ILE MA 532 -53.13 183.55 -29.78
CA ILE MA 532 -52.86 184.99 -30.01
C ILE MA 532 -52.68 185.55 -31.40
N ARG MA 533 -52.18 186.80 -31.36
CA ARG MA 533 -51.71 187.59 -32.50
C ARG MA 533 -50.61 186.89 -33.30
N LEU MA 534 -49.46 186.58 -32.69
CA LEU MA 534 -48.42 185.92 -33.48
C LEU MA 534 -48.87 184.55 -33.99
N GLY MA 535 -49.49 183.74 -33.13
CA GLY MA 535 -50.05 182.49 -33.62
C GLY MA 535 -51.05 182.69 -34.75
N MET MA 536 -51.96 183.65 -34.59
CA MET MA 536 -52.98 183.88 -35.62
C MET MA 536 -52.31 184.33 -36.92
N SER MA 537 -51.31 185.20 -36.81
CA SER MA 537 -50.55 185.65 -37.98
C SER MA 537 -49.92 184.47 -38.70
N SER MA 538 -49.27 183.57 -37.94
CA SER MA 538 -48.71 182.36 -38.55
C SER MA 538 -49.77 181.60 -39.33
N LEU MA 539 -50.97 181.45 -38.75
CA LEU MA 539 -52.06 180.79 -39.49
C LEU MA 539 -52.37 181.51 -40.79
N ARG MA 540 -52.44 182.86 -40.76
CA ARG MA 540 -52.74 183.60 -42.00
C ARG MA 540 -51.68 183.34 -43.07
N MET MA 541 -50.41 183.53 -42.71
CA MET MA 541 -49.33 183.23 -43.64
C MET MA 541 -49.48 181.83 -44.22
N SER MA 542 -49.60 180.81 -43.37
CA SER MA 542 -49.87 179.48 -43.91
C SER MA 542 -51.14 179.45 -44.76
N GLY MA 543 -52.08 180.35 -44.50
CA GLY MA 543 -53.33 180.42 -45.23
C GLY MA 543 -53.07 180.72 -46.69
N LEU MA 544 -52.33 181.79 -46.97
CA LEU MA 544 -52.01 182.10 -48.36
C LEU MA 544 -50.57 181.78 -48.74
N ARG MA 545 -49.61 181.93 -47.82
CA ARG MA 545 -48.22 181.58 -48.12
C ARG MA 545 -48.05 180.06 -48.22
N LYS MA 546 -48.49 179.31 -47.21
CA LYS MA 546 -48.37 177.84 -47.27
C LYS MA 546 -49.11 177.31 -48.47
N ALA MA 551 -43.53 167.56 -57.61
CA ALA MA 551 -43.11 166.84 -56.41
C ALA MA 551 -44.31 166.08 -55.89
N THR MA 552 -44.41 164.80 -56.30
CA THR MA 552 -45.62 164.04 -56.03
C THR MA 552 -45.44 162.98 -54.94
N THR MA 553 -44.27 162.35 -54.83
CA THR MA 553 -44.08 161.25 -53.89
C THR MA 553 -44.25 161.70 -52.44
N LEU MA 554 -44.77 160.79 -51.62
CA LEU MA 554 -44.98 161.07 -50.20
C LEU MA 554 -43.66 161.33 -49.48
N GLU MA 555 -42.66 160.48 -49.70
CA GLU MA 555 -41.37 160.70 -49.06
C GLU MA 555 -40.85 162.10 -49.36
N GLU MA 556 -40.87 162.48 -50.64
CA GLU MA 556 -40.36 163.80 -51.02
C GLU MA 556 -41.28 164.91 -50.54
N VAL MA 557 -42.60 164.73 -50.63
CA VAL MA 557 -43.55 165.75 -50.19
C VAL MA 557 -43.40 166.02 -48.69
N VAL MA 558 -43.55 164.97 -47.85
CA VAL MA 558 -43.17 165.09 -46.45
C VAL MA 558 -41.83 165.77 -46.32
N GLY MA 559 -40.88 165.37 -47.16
CA GLY MA 559 -39.56 165.94 -47.10
C GLY MA 559 -39.56 167.44 -47.25
N ASN MA 560 -40.51 167.97 -48.06
CA ASN MA 560 -40.57 169.39 -48.41
C ASN MA 560 -41.60 170.16 -47.59
N THR MA 561 -42.41 169.47 -46.79
CA THR MA 561 -43.25 170.14 -45.81
C THR MA 561 -42.48 170.26 -44.50
N ALA MA 562 -41.73 169.20 -44.19
CA ALA MA 562 -40.67 169.25 -43.19
C ALA MA 562 -39.91 170.60 -43.13
N PRO MA 563 -39.25 171.07 -44.20
CA PRO MA 563 -38.54 172.33 -44.42
C PRO MA 563 -39.39 173.53 -44.05
N ILE NA 74 -98.88 95.39 -53.43
CA ILE NA 74 -100.01 95.28 -54.39
C ILE NA 74 -100.61 93.87 -54.51
N LYS NA 75 -101.94 93.74 -54.75
CA LYS NA 75 -102.59 92.46 -55.03
C LYS NA 75 -103.84 92.64 -55.91
N LEU NA 76 -104.09 91.69 -56.83
CA LEU NA 76 -105.25 91.70 -57.75
C LEU NA 76 -105.89 90.30 -57.71
N VAL NA 77 -106.74 89.91 -58.67
CA VAL NA 77 -107.12 88.50 -58.70
C VAL NA 77 -106.06 87.79 -59.56
N PRO NA 78 -106.33 87.02 -60.62
CA PRO NA 78 -105.18 86.48 -61.37
C PRO NA 78 -104.52 87.58 -62.16
N LYS NA 79 -103.19 87.46 -62.32
CA LYS NA 79 -102.48 88.37 -63.19
C LYS NA 79 -103.19 88.51 -64.53
N GLU NA 80 -103.72 87.39 -65.05
CA GLU NA 80 -104.44 87.43 -66.32
C GLU NA 80 -105.62 88.39 -66.26
N VAL NA 81 -106.36 88.38 -65.15
CA VAL NA 81 -107.53 89.26 -65.09
C VAL NA 81 -107.11 90.73 -65.12
N ALA NA 82 -106.04 91.09 -64.39
CA ALA NA 82 -105.53 92.45 -64.47
C ALA NA 82 -105.22 92.82 -65.90
N GLU NA 83 -104.51 91.94 -66.62
CA GLU NA 83 -104.08 92.31 -67.96
C GLU NA 83 -105.28 92.41 -68.89
N LYS NA 84 -106.25 91.52 -68.75
CA LYS NA 84 -107.44 91.54 -69.61
C LYS NA 84 -108.25 92.81 -69.40
N HIS NA 85 -108.46 93.19 -68.15
CA HIS NA 85 -109.30 94.34 -67.84
C HIS NA 85 -108.50 95.63 -67.69
N LEU NA 86 -107.16 95.55 -67.73
CA LEU NA 86 -106.27 96.70 -67.62
C LEU NA 86 -106.57 97.53 -66.38
N VAL NA 87 -106.49 96.86 -65.23
CA VAL NA 87 -106.69 97.45 -63.92
C VAL NA 87 -105.71 96.81 -62.96
N VAL NA 88 -105.39 97.52 -61.90
CA VAL NA 88 -104.32 97.08 -61.01
C VAL NA 88 -104.58 97.69 -59.65
N PRO NA 89 -104.67 96.90 -58.59
CA PRO NA 89 -104.76 97.51 -57.27
C PRO NA 89 -103.38 98.05 -56.96
N VAL NA 90 -103.31 99.11 -56.15
CA VAL NA 90 -102.04 99.78 -55.94
C VAL NA 90 -101.83 100.16 -54.50
N ASN NA 91 -102.81 99.91 -53.63
CA ASN NA 91 -102.67 100.13 -52.20
C ASN NA 91 -103.97 99.78 -51.47
N ARG NA 92 -103.92 99.83 -50.15
CA ARG NA 92 -105.08 99.65 -49.30
C ARG NA 92 -104.98 100.68 -48.18
N ALA NA 93 -105.97 101.54 -48.08
CA ALA NA 93 -105.91 102.64 -47.14
C ALA NA 93 -107.31 102.96 -46.66
N GLY NA 94 -107.46 103.25 -45.37
CA GLY NA 94 -108.75 103.60 -44.82
C GLY NA 94 -109.82 102.66 -45.31
N PRO NA 95 -109.87 101.51 -44.69
CA PRO NA 95 -110.46 100.30 -45.29
C PRO NA 95 -110.83 100.16 -46.76
N SER NA 96 -110.13 100.79 -47.70
CA SER NA 96 -110.49 100.67 -49.10
C SER NA 96 -109.30 100.27 -49.96
N LEU NA 97 -109.57 99.49 -50.99
CA LEU NA 97 -108.56 99.07 -51.96
C LEU NA 97 -108.47 100.10 -53.08
N ILE NA 98 -107.31 100.75 -53.19
CA ILE NA 98 -107.05 101.65 -54.30
C ILE NA 98 -106.85 100.82 -55.56
N VAL NA 99 -107.67 101.08 -56.58
CA VAL NA 99 -107.62 100.34 -57.83
C VAL NA 99 -107.39 101.33 -58.97
N ALA NA 100 -106.25 101.19 -59.64
CA ALA NA 100 -105.98 101.95 -60.85
C ALA NA 100 -106.66 101.25 -62.02
N MET NA 101 -107.46 102.00 -62.76
CA MET NA 101 -108.40 101.45 -63.73
C MET NA 101 -108.39 102.31 -64.99
N CYS NA 102 -108.34 101.65 -66.14
CA CYS NA 102 -108.31 102.36 -67.41
C CYS NA 102 -109.71 102.67 -67.92
N ASP NA 103 -110.67 101.79 -67.63
CA ASP NA 103 -112.04 101.91 -68.13
C ASP NA 103 -113.01 101.95 -66.97
N PRO NA 104 -113.05 103.07 -66.24
CA PRO NA 104 -113.90 103.16 -65.03
C PRO NA 104 -115.39 103.21 -65.33
N SER NA 105 -115.78 103.28 -66.60
CA SER NA 105 -117.19 103.20 -66.98
C SER NA 105 -117.69 101.77 -67.09
N ASN NA 106 -116.81 100.77 -66.96
CA ASN NA 106 -117.17 99.38 -67.17
C ASN NA 106 -117.64 98.80 -65.85
N ILE NA 107 -118.96 98.86 -65.62
CA ILE NA 107 -119.54 98.37 -64.39
C ILE NA 107 -119.39 96.86 -64.24
N PHE NA 108 -119.30 96.14 -65.36
CA PHE NA 108 -119.09 94.69 -65.26
C PHE NA 108 -117.74 94.38 -64.61
N ALA NA 109 -116.68 95.03 -65.08
CA ALA NA 109 -115.35 94.78 -64.53
C ALA NA 109 -115.28 95.22 -63.08
N VAL NA 110 -115.83 96.39 -62.78
CA VAL NA 110 -115.80 96.91 -61.42
C VAL NA 110 -116.53 95.97 -60.47
N ASP NA 111 -117.73 95.53 -60.87
CA ASP NA 111 -118.50 94.63 -59.99
C ASP NA 111 -117.82 93.28 -59.87
N ASP NA 112 -117.11 92.84 -60.92
CA ASP NA 112 -116.32 91.62 -60.81
C ASP NA 112 -115.23 91.79 -59.76
N LEU NA 113 -114.54 92.93 -59.76
CA LEU NA 113 -113.48 93.15 -58.78
C LEU NA 113 -114.06 93.27 -57.37
N LYS NA 114 -115.19 93.97 -57.23
CA LYS NA 114 -115.85 94.08 -55.94
C LYS NA 114 -116.21 92.72 -55.38
N PHE NA 115 -116.76 91.83 -56.23
CA PHE NA 115 -117.17 90.53 -55.72
C PHE NA 115 -115.96 89.65 -55.43
N LEU NA 116 -114.94 89.67 -56.30
CA LEU NA 116 -113.83 88.75 -56.15
C LEU NA 116 -112.95 89.12 -54.97
N THR NA 117 -112.72 90.41 -54.74
CA THR NA 117 -111.92 90.83 -53.60
C THR NA 117 -112.70 90.90 -52.29
N GLY NA 118 -114.00 91.18 -52.37
CA GLY NA 118 -114.75 91.44 -51.15
C GLY NA 118 -114.38 92.73 -50.47
N TYR NA 119 -113.67 93.61 -51.16
CA TYR NA 119 -113.19 94.85 -50.58
C TYR NA 119 -113.87 96.03 -51.24
N ASN NA 120 -114.09 97.07 -50.45
CA ASN NA 120 -114.59 98.31 -51.00
C ASN NA 120 -113.49 99.02 -51.76
N ILE NA 121 -113.84 99.60 -52.91
CA ILE NA 121 -112.86 100.10 -53.86
C ILE NA 121 -112.81 101.62 -53.79
N GLU NA 122 -111.63 102.15 -54.10
CA GLU NA 122 -111.44 103.54 -54.45
C GLU NA 122 -110.80 103.57 -55.83
N THR NA 123 -111.52 104.12 -56.81
CA THR NA 123 -111.10 104.05 -58.20
C THR NA 123 -110.22 105.24 -58.55
N VAL NA 124 -109.13 104.97 -59.26
CA VAL NA 124 -108.21 105.98 -59.76
C VAL NA 124 -108.00 105.73 -61.25
N VAL NA 125 -108.27 106.72 -62.08
CA VAL NA 125 -108.13 106.55 -63.51
C VAL NA 125 -106.66 106.66 -63.90
N ALA NA 126 -106.21 105.78 -64.77
CA ALA NA 126 -104.85 105.86 -65.26
C ALA NA 126 -104.82 105.53 -66.75
N SER NA 127 -103.78 106.00 -67.43
CA SER NA 127 -103.60 105.68 -68.84
C SER NA 127 -103.38 104.19 -69.00
N GLU NA 128 -103.99 103.61 -70.04
CA GLU NA 128 -104.01 102.16 -70.21
C GLU NA 128 -102.60 101.57 -70.20
N VAL NA 129 -101.69 102.16 -70.97
CA VAL NA 129 -100.35 101.59 -71.10
C VAL NA 129 -99.57 101.73 -69.81
N SER NA 130 -99.83 102.78 -69.02
CA SER NA 130 -99.14 102.93 -67.75
C SER NA 130 -99.58 101.85 -66.77
N ILE NA 131 -100.87 101.53 -66.77
CA ILE NA 131 -101.38 100.43 -65.95
C ILE NA 131 -100.76 99.12 -66.38
N ARG NA 132 -100.76 98.85 -67.69
CA ARG NA 132 -100.17 97.62 -68.17
C ARG NA 132 -98.70 97.50 -67.76
N GLU NA 133 -97.95 98.59 -67.95
CA GLU NA 133 -96.56 98.63 -67.56
C GLU NA 133 -96.38 98.31 -66.08
N ALA NA 134 -97.21 98.91 -65.22
CA ALA NA 134 -97.11 98.65 -63.79
C ALA NA 134 -97.41 97.19 -63.46
N ILE NA 135 -98.44 96.63 -64.11
CA ILE NA 135 -98.78 95.22 -63.89
C ILE NA 135 -97.57 94.34 -64.18
N GLU NA 136 -96.92 94.58 -65.33
CA GLU NA 136 -95.80 93.72 -65.72
C GLU NA 136 -94.55 93.95 -64.86
N ARG NA 137 -94.31 95.19 -64.43
CA ARG NA 137 -93.16 95.44 -63.54
C ARG NA 137 -93.37 94.76 -62.23
N TYR NA 138 -94.58 94.84 -61.74
CA TYR NA 138 -94.87 94.38 -60.42
C TYR NA 138 -95.00 92.89 -60.36
N LYS NA 142 -89.83 98.94 -62.25
CA LYS NA 142 -89.38 99.14 -60.87
C LYS NA 142 -88.43 98.02 -60.42
N GLY NA 143 -88.37 96.91 -61.17
CA GLY NA 143 -87.29 95.95 -61.07
C GLY NA 143 -86.02 96.46 -61.73
N PRO NA 144 -86.08 96.81 -63.04
CA PRO NA 144 -84.89 97.38 -63.70
C PRO NA 144 -84.32 98.56 -62.92
N SER NA 145 -85.22 99.30 -62.27
CA SER NA 145 -84.83 100.36 -61.36
C SER NA 145 -84.22 99.81 -60.07
N LEU NA 146 -84.81 98.77 -59.48
CA LEU NA 146 -84.28 98.20 -58.22
C LEU NA 146 -82.81 97.83 -58.33
N GLU NA 147 -82.32 97.58 -59.54
CA GLU NA 147 -80.92 97.28 -59.76
C GLU NA 147 -80.12 98.50 -60.18
N ASP NA 148 -80.64 99.28 -61.13
CA ASP NA 148 -79.90 100.50 -61.51
C ASP NA 148 -79.70 101.44 -60.32
N ILE NA 149 -80.47 101.27 -59.23
CA ILE NA 149 -80.28 102.10 -58.04
C ILE NA 149 -78.88 101.87 -57.44
N VAL NA 150 -78.46 100.61 -57.33
CA VAL NA 150 -77.18 100.25 -56.71
C VAL NA 150 -76.03 100.67 -57.62
N GLY NA 151 -76.19 101.82 -58.27
CA GLY NA 151 -75.14 102.33 -59.14
C GLY NA 151 -74.73 103.74 -58.76
N ASP NA 152 -73.89 103.86 -57.72
CA ASP NA 152 -73.49 105.15 -57.16
C ASP NA 152 -73.12 106.16 -58.23
N VAL NA 153 -72.55 105.70 -59.34
CA VAL NA 153 -72.08 106.57 -60.42
C VAL NA 153 -73.26 107.22 -61.15
N GLY NA 154 -74.48 106.98 -60.69
CA GLY NA 154 -75.64 107.57 -61.31
C GLY NA 154 -76.18 108.75 -60.53
N ASP NA 155 -76.45 108.55 -59.24
CA ASP NA 155 -77.01 109.62 -58.43
C ASP NA 155 -76.06 110.80 -58.31
N ASP NA 156 -74.75 110.54 -58.38
CA ASP NA 156 -73.73 111.56 -58.23
C ASP NA 156 -74.04 112.78 -59.09
N ILE NA 157 -74.33 113.90 -58.43
CA ILE NA 157 -74.59 115.14 -59.15
C ILE NA 157 -73.31 115.78 -59.67
N GLU NA 158 -72.15 115.43 -59.09
CA GLU NA 158 -70.88 115.95 -59.58
C GLU NA 158 -70.66 115.63 -61.05
N VAL NA 159 -71.28 114.57 -61.55
CA VAL NA 159 -71.15 114.17 -62.94
C VAL NA 159 -72.15 114.93 -63.79
N THR NA 160 -71.68 115.42 -64.94
CA THR NA 160 -72.56 116.10 -65.89
C THR NA 160 -73.71 115.16 -66.29
N LYS NA 161 -74.90 115.74 -66.45
CA LYS NA 161 -76.07 114.93 -66.80
C LYS NA 161 -75.88 114.23 -68.14
N GLU NA 162 -75.18 114.88 -69.08
CA GLU NA 162 -74.98 114.33 -70.41
C GLU NA 162 -74.35 112.93 -70.36
N GLU NA 163 -73.37 112.72 -69.46
CA GLU NA 163 -72.68 111.42 -69.37
C GLU NA 163 -73.45 110.42 -68.50
N THR NA 164 -73.83 110.86 -67.30
CA THR NA 164 -74.63 110.06 -66.38
C THR NA 164 -75.72 109.28 -67.10
N GLU NA 165 -76.50 110.03 -67.90
CA GLU NA 165 -77.55 109.41 -68.69
C GLU NA 165 -77.01 108.20 -69.47
N ASN NA 166 -75.89 108.39 -70.17
CA ASN NA 166 -75.29 107.31 -70.94
C ASN NA 166 -75.12 106.07 -70.10
N ILE NA 167 -74.54 106.21 -68.91
CA ILE NA 167 -74.40 105.02 -68.07
C ILE NA 167 -75.75 104.33 -67.90
N ASP NA 168 -76.80 105.11 -67.60
CA ASP NA 168 -78.07 104.44 -67.35
C ASP NA 168 -78.54 103.65 -68.58
N GLU NA 169 -78.33 104.19 -69.78
CA GLU NA 169 -78.70 103.45 -70.99
C GLU NA 169 -77.90 102.15 -71.12
N MET NA 170 -76.57 102.27 -71.12
CA MET NA 170 -75.71 101.10 -71.32
C MET NA 170 -75.97 100.05 -70.25
N ALA NA 171 -76.09 100.48 -68.99
CA ALA NA 171 -76.43 99.58 -67.90
C ALA NA 171 -77.76 98.89 -68.15
N LYS NA 172 -78.72 99.61 -68.74
CA LYS NA 172 -79.99 98.98 -69.08
C LYS NA 172 -79.86 97.94 -70.19
N ALA NA 173 -78.84 98.04 -71.05
CA ALA NA 173 -78.62 96.97 -72.02
C ALA NA 173 -78.49 95.59 -71.37
N ALA NA 174 -78.23 95.53 -70.07
CA ALA NA 174 -78.08 94.24 -69.39
C ALA NA 174 -79.24 93.31 -69.69
N ASP NA 175 -80.47 93.81 -69.61
CA ASP NA 175 -81.64 92.95 -69.71
C ASP NA 175 -81.82 92.39 -71.11
N ASP NA 176 -81.92 93.25 -72.12
CA ASP NA 176 -82.32 92.84 -73.45
C ASP NA 176 -81.33 93.13 -74.53
N ALA NA 177 -80.22 93.76 -74.23
CA ALA NA 177 -79.18 94.14 -75.18
C ALA NA 177 -79.67 95.06 -76.27
N PRO NA 178 -80.31 96.19 -75.89
CA PRO NA 178 -80.23 97.39 -76.71
C PRO NA 178 -79.83 98.52 -75.87
N VAL NA 179 -79.62 99.67 -76.47
CA VAL NA 179 -79.72 100.96 -75.83
C VAL NA 179 -81.17 101.40 -75.98
N VAL NA 180 -81.86 101.61 -74.85
CA VAL NA 180 -83.07 102.43 -74.87
C VAL NA 180 -82.61 103.86 -74.70
N LYS NA 181 -82.97 104.70 -75.65
CA LYS NA 181 -82.87 106.14 -75.48
C LYS NA 181 -84.12 106.64 -74.77
N LEU NA 182 -83.91 107.55 -73.82
CA LEU NA 182 -84.99 108.29 -73.15
C LEU NA 182 -85.94 107.39 -72.38
N VAL NA 183 -85.43 106.59 -71.44
CA VAL NA 183 -86.44 106.01 -70.58
C VAL NA 183 -87.04 107.15 -69.79
N ASN NA 184 -88.31 107.42 -70.05
CA ASN NA 184 -88.98 108.48 -69.33
C ASN NA 184 -88.87 108.29 -67.82
N LEU NA 185 -89.34 107.16 -67.28
CA LEU NA 185 -89.35 106.98 -65.83
C LEU NA 185 -87.93 106.86 -65.27
N ILE NA 186 -87.11 105.97 -65.85
CA ILE NA 186 -85.73 105.78 -65.38
C ILE NA 186 -85.01 107.11 -65.27
N LEU NA 187 -85.28 108.03 -66.20
CA LEU NA 187 -84.77 109.39 -66.07
C LEU NA 187 -85.55 110.16 -65.01
N MET NA 188 -86.88 110.01 -65.00
CA MET NA 188 -87.73 110.80 -64.12
C MET NA 188 -87.41 110.58 -62.66
N ASP NA 189 -86.69 109.51 -62.36
CA ASP NA 189 -86.37 109.15 -61.00
C ASP NA 189 -84.87 109.24 -60.69
N ALA NA 190 -84.03 109.44 -61.71
CA ALA NA 190 -82.60 109.67 -61.52
C ALA NA 190 -82.18 111.09 -61.81
N ILE NA 191 -82.78 111.72 -62.82
CA ILE NA 191 -82.44 113.08 -63.20
C ILE NA 191 -83.60 114.05 -63.09
N SER NA 196 -96.83 127.66 -61.16
CA SER NA 196 -95.90 128.49 -60.42
C SER NA 196 -95.90 128.19 -58.91
N ASP NA 197 -96.79 127.31 -58.45
CA ASP NA 197 -96.88 126.95 -57.04
C ASP NA 197 -97.33 125.51 -56.93
N ILE NA 198 -96.61 124.73 -56.13
CA ILE NA 198 -96.92 123.33 -55.92
C ILE NA 198 -97.21 123.12 -54.45
N HIS NA 199 -98.46 122.82 -54.11
CA HIS NA 199 -98.82 122.60 -52.73
C HIS NA 199 -99.09 121.14 -52.46
N VAL NA 200 -98.33 120.60 -51.56
CA VAL NA 200 -98.35 119.21 -51.24
C VAL NA 200 -98.64 119.12 -49.75
N GLU NA 201 -99.89 119.00 -49.37
CA GLU NA 201 -100.16 119.24 -47.96
C GLU NA 201 -100.11 118.01 -47.08
N PRO NA 202 -100.86 116.93 -47.30
CA PRO NA 202 -100.55 115.75 -46.53
C PRO NA 202 -100.60 114.43 -47.26
N TYR NA 203 -100.57 113.41 -46.42
CA TYR NA 203 -100.69 112.02 -46.86
C TYR NA 203 -102.03 111.80 -47.55
N GLU NA 204 -101.96 111.21 -48.74
CA GLU NA 204 -103.15 110.84 -49.52
C GLU NA 204 -104.03 112.04 -49.79
N LYS NA 205 -103.40 113.16 -50.01
CA LYS NA 205 -104.09 114.37 -50.39
C LYS NA 205 -103.64 114.81 -51.77
N ASP NA 206 -104.60 115.07 -52.63
CA ASP NA 206 -104.25 115.45 -53.99
C ASP NA 206 -103.54 116.79 -54.00
N PHE NA 207 -102.44 116.84 -54.74
CA PHE NA 207 -101.66 118.06 -54.81
C PHE NA 207 -102.46 119.18 -55.44
N ARG NA 208 -102.21 120.37 -54.96
CA ARG NA 208 -102.86 121.53 -55.54
C ARG NA 208 -101.79 122.40 -56.16
N VAL NA 209 -102.19 123.24 -57.10
CA VAL NA 209 -101.22 124.13 -57.74
C VAL NA 209 -101.85 125.48 -58.02
N ARG NA 210 -100.98 126.43 -58.35
CA ARG NA 210 -101.37 127.74 -58.86
C ARG NA 210 -100.94 127.83 -60.32
N PHE NA 211 -101.91 127.76 -61.22
CA PHE NA 211 -101.63 127.85 -62.64
C PHE NA 211 -101.59 129.29 -63.09
N ARG NA 212 -100.69 129.57 -64.02
CA ARG NA 212 -100.46 130.91 -64.55
C ARG NA 212 -101.75 131.62 -64.98
N ILE NA 213 -102.80 130.86 -65.30
CA ILE NA 213 -104.06 131.42 -65.77
C ILE NA 213 -105.23 130.89 -64.96
N ASP NA 214 -105.14 129.64 -64.48
CA ASP NA 214 -106.25 128.99 -63.80
C ASP NA 214 -106.19 129.14 -62.29
N GLY NA 215 -105.02 129.43 -61.73
CA GLY NA 215 -104.95 129.69 -60.30
C GLY NA 215 -105.01 128.40 -59.51
N VAL NA 216 -105.76 128.42 -58.42
CA VAL NA 216 -105.80 127.27 -57.54
C VAL NA 216 -106.61 126.17 -58.19
N MET NA 217 -105.97 125.04 -58.48
CA MET NA 217 -106.69 123.89 -58.98
C MET NA 217 -106.15 122.62 -58.34
N TYR NA 218 -107.03 121.62 -58.25
CA TYR NA 218 -106.68 120.30 -57.75
C TYR NA 218 -105.94 119.53 -58.83
N GLU NA 219 -105.23 118.50 -58.41
CA GLU NA 219 -104.40 117.74 -59.33
C GLU NA 219 -104.58 116.26 -59.12
N VAL NA 220 -104.18 115.51 -60.15
CA VAL NA 220 -104.35 114.06 -60.20
C VAL NA 220 -103.17 113.38 -59.53
N MET NA 221 -102.37 114.12 -58.76
CA MET NA 221 -101.17 113.58 -58.12
C MET NA 221 -101.36 113.54 -56.61
N ARG NA 222 -101.32 112.35 -56.04
CA ARG NA 222 -101.43 112.02 -54.64
C ARG NA 222 -100.31 111.07 -54.23
N PRO NA 223 -99.78 111.26 -53.04
CA PRO NA 223 -98.85 110.30 -52.50
C PRO NA 223 -99.27 109.85 -51.11
N PRO NA 224 -99.32 108.55 -50.91
CA PRO NA 224 -99.48 108.00 -49.57
C PRO NA 224 -98.22 108.20 -48.75
N MET NA 225 -98.27 107.78 -47.49
CA MET NA 225 -97.22 108.15 -46.56
C MET NA 225 -95.84 107.76 -47.09
N LYS NA 226 -95.68 106.53 -47.60
CA LYS NA 226 -94.35 106.14 -48.05
C LYS NA 226 -93.86 107.04 -49.17
N LEU NA 227 -94.68 107.22 -50.21
CA LEU NA 227 -94.25 108.08 -51.31
C LEU NA 227 -94.02 109.50 -50.82
N ARG NA 228 -94.95 110.05 -50.03
CA ARG NA 228 -94.67 111.36 -49.47
C ARG NA 228 -93.26 111.38 -48.87
N ASN NA 229 -93.01 110.52 -47.87
CA ASN NA 229 -91.70 110.54 -47.22
C ASN NA 229 -90.56 110.54 -48.24
N ALA NA 230 -90.68 109.71 -49.28
CA ALA NA 230 -89.62 109.62 -50.27
C ALA NA 230 -89.43 110.93 -51.04
N ILE NA 231 -90.52 111.49 -51.61
CA ILE NA 231 -90.45 112.83 -52.21
C ILE NA 231 -89.69 113.75 -51.29
N THR NA 232 -90.10 113.72 -50.04
CA THR NA 232 -89.73 114.72 -49.07
C THR NA 232 -88.23 114.74 -48.83
N SER NA 233 -87.67 113.55 -48.68
CA SER NA 233 -86.22 113.43 -48.63
C SER NA 233 -85.57 113.81 -49.96
N ARG NA 234 -86.16 113.41 -51.08
CA ARG NA 234 -85.64 113.76 -52.39
C ARG NA 234 -85.44 115.27 -52.54
N LEU NA 235 -86.52 116.02 -52.35
CA LEU NA 235 -86.50 117.47 -52.47
C LEU NA 235 -85.56 118.08 -51.45
N LYS NA 236 -85.65 117.61 -50.21
CA LYS NA 236 -84.74 118.08 -49.17
C LYS NA 236 -83.29 117.97 -49.59
N ILE NA 237 -82.91 116.80 -50.12
CA ILE NA 237 -81.51 116.51 -50.44
C ILE NA 237 -81.05 117.36 -51.62
N MET NA 238 -81.84 117.38 -52.70
CA MET NA 238 -81.48 118.19 -53.86
C MET NA 238 -81.31 119.67 -53.49
N ALA NA 239 -82.01 120.15 -52.47
CA ALA NA 239 -81.87 121.51 -51.99
C ALA NA 239 -80.66 121.70 -51.07
N SER NA 240 -80.03 120.60 -50.64
CA SER NA 240 -78.76 120.53 -49.90
C SER NA 240 -78.93 120.42 -48.39
N LEU NA 241 -79.99 119.80 -47.90
CA LEU NA 241 -80.18 119.82 -46.46
C LEU NA 241 -80.71 118.45 -46.01
N ASP NA 242 -80.81 118.23 -44.69
CA ASP NA 242 -81.08 116.89 -44.16
C ASP NA 242 -82.26 116.91 -43.21
N ILE NA 243 -83.46 116.73 -43.75
CA ILE NA 243 -84.64 116.80 -42.91
C ILE NA 243 -84.84 115.48 -42.19
N SER NA 244 -85.25 115.56 -40.93
CA SER NA 244 -85.37 114.39 -40.09
C SER NA 244 -86.28 114.74 -38.93
N GLU NA 245 -86.65 113.73 -38.13
CA GLU NA 245 -87.43 114.01 -36.94
C GLU NA 245 -86.72 114.97 -36.00
N ARG NA 246 -85.39 115.02 -36.05
CA ARG NA 246 -84.65 115.98 -35.25
C ARG NA 246 -84.77 117.39 -35.83
N ARG NA 247 -84.85 117.49 -37.16
CA ARG NA 247 -84.98 118.77 -37.85
C ARG NA 247 -86.08 118.64 -38.89
N LEU NA 248 -87.31 118.70 -38.43
CA LEU NA 248 -88.49 118.38 -39.22
C LEU NA 248 -88.92 119.47 -40.19
N PRO NA 249 -88.58 120.73 -39.97
CA PRO NA 249 -88.88 121.72 -40.99
C PRO NA 249 -87.68 122.29 -41.70
N GLN NA 250 -87.87 122.63 -42.96
CA GLN NA 250 -86.76 122.90 -43.83
C GLN NA 250 -87.16 123.92 -44.87
N ASP NA 251 -86.40 125.00 -44.92
CA ASP NA 251 -86.70 126.08 -45.82
C ASP NA 251 -85.47 126.34 -46.65
N GLY NA 252 -85.39 125.61 -47.75
CA GLY NA 252 -84.28 125.72 -48.64
C GLY NA 252 -84.67 126.20 -50.01
N ARG NA 253 -83.75 126.05 -50.95
CA ARG NA 253 -83.91 126.46 -52.32
C ARG NA 253 -83.30 125.41 -53.21
N ILE NA 254 -84.04 125.01 -54.24
CA ILE NA 254 -83.50 124.14 -55.27
C ILE NA 254 -82.92 125.01 -56.35
N LYS NA 255 -81.70 124.65 -56.76
CA LYS NA 255 -81.03 125.18 -57.94
C LYS NA 255 -81.22 124.20 -59.09
N ILE NA 256 -82.21 124.45 -59.94
CA ILE NA 256 -82.23 123.77 -61.23
C ILE NA 256 -80.98 124.14 -62.00
N LYS NA 257 -80.29 123.12 -62.53
CA LYS NA 257 -79.17 123.26 -63.45
C LYS NA 257 -79.34 124.41 -64.43
N MET NA 258 -80.55 124.67 -64.90
CA MET NA 258 -80.81 125.86 -65.69
C MET NA 258 -80.73 127.14 -64.85
N GLY NA 259 -79.83 127.22 -63.88
CA GLY NA 259 -79.67 128.39 -63.05
C GLY NA 259 -80.94 128.89 -62.40
N GLY NA 260 -82.01 128.13 -62.51
CA GLY NA 260 -83.31 128.61 -62.05
C GLY NA 260 -83.55 128.17 -60.62
N GLY NA 261 -84.14 129.04 -59.82
CA GLY NA 261 -84.29 128.68 -58.44
C GLY NA 261 -85.71 128.36 -58.04
N LYS NA 262 -85.90 127.75 -56.87
CA LYS NA 262 -87.25 127.62 -56.35
C LYS NA 262 -87.22 127.48 -54.84
N GLU NA 263 -88.17 128.13 -54.19
CA GLU NA 263 -88.25 128.13 -52.74
C GLU NA 263 -89.02 126.90 -52.29
N MET NA 264 -88.43 126.13 -51.39
CA MET NA 264 -89.02 124.89 -50.92
C MET NA 264 -89.15 124.91 -49.42
N ASP NA 265 -90.39 124.82 -48.95
CA ASP NA 265 -90.65 124.52 -47.56
C ASP NA 265 -91.02 123.07 -47.42
N PHE NA 266 -90.59 122.50 -46.33
CA PHE NA 266 -90.75 121.08 -46.26
C PHE NA 266 -90.79 120.58 -44.83
N ARG NA 267 -91.60 119.54 -44.57
CA ARG NA 267 -91.75 118.96 -43.25
C ARG NA 267 -91.78 117.43 -43.31
N VAL NA 268 -90.97 116.80 -42.45
CA VAL NA 268 -90.96 115.34 -42.34
C VAL NA 268 -91.81 114.93 -41.14
N SER NA 269 -92.28 113.69 -41.19
CA SER NA 269 -93.07 113.02 -40.16
C SER NA 269 -94.36 113.82 -39.94
N VAL NA 270 -94.86 113.81 -38.71
CA VAL NA 270 -96.15 114.41 -38.38
C VAL NA 270 -95.96 115.27 -37.14
N CYS NA 271 -94.72 115.35 -36.67
CA CYS NA 271 -94.45 116.04 -35.42
C CYS NA 271 -94.83 117.50 -35.53
N PRO NA 272 -94.45 118.23 -36.56
CA PRO NA 272 -95.04 119.56 -36.68
C PRO NA 272 -96.26 119.54 -37.57
N THR NA 273 -96.32 118.64 -38.55
CA THR NA 273 -97.49 118.53 -39.42
C THR NA 273 -98.30 117.26 -39.15
N LEU NA 274 -99.32 117.37 -38.30
CA LEU NA 274 -100.13 116.20 -37.98
C LEU NA 274 -100.65 115.52 -39.23
N PHE NA 275 -101.02 116.30 -40.23
CA PHE NA 275 -101.47 115.71 -41.47
C PHE NA 275 -100.33 115.02 -42.21
N GLY NA 276 -99.23 114.69 -41.55
CA GLY NA 276 -98.22 113.97 -42.27
C GLY NA 276 -97.17 114.89 -42.84
N GLU NA 277 -96.17 114.28 -43.47
CA GLU NA 277 -95.15 115.06 -44.14
C GLU NA 277 -95.76 115.88 -45.27
N LYS NA 278 -95.02 116.89 -45.71
CA LYS NA 278 -95.62 117.83 -46.64
C LYS NA 278 -94.56 118.76 -47.21
N VAL NA 279 -94.85 119.35 -48.37
CA VAL NA 279 -93.88 120.24 -49.01
C VAL NA 279 -94.64 121.27 -49.83
N VAL NA 280 -94.02 122.43 -50.02
CA VAL NA 280 -94.52 123.47 -50.91
C VAL NA 280 -93.36 124.04 -51.71
N MET NA 281 -93.66 124.45 -52.95
CA MET NA 281 -92.65 124.94 -53.87
C MET NA 281 -93.18 126.14 -54.65
N ARG NA 282 -92.62 127.31 -54.38
CA ARG NA 282 -92.98 128.53 -55.11
C ARG NA 282 -91.96 128.69 -56.24
N LEU NA 283 -92.33 128.30 -57.44
CA LEU NA 283 -91.38 128.33 -58.55
C LEU NA 283 -91.11 129.77 -59.00
N LEU NA 284 -89.84 130.08 -59.23
CA LEU NA 284 -89.44 131.38 -59.72
C LEU NA 284 -89.80 131.62 -61.17
N ASP NA 285 -90.55 130.73 -61.83
CA ASP NA 285 -91.06 131.07 -63.15
C ASP NA 285 -91.93 132.30 -63.03
N LYS NA 286 -91.45 133.42 -63.58
CA LYS NA 286 -92.16 134.68 -63.50
C LYS NA 286 -92.60 135.18 -64.87
N SER NA 287 -91.67 135.40 -65.80
CA SER NA 287 -91.95 136.12 -67.04
C SER NA 287 -92.41 137.51 -66.64
N ASN NA 288 -91.45 138.33 -66.23
CA ASN NA 288 -91.73 139.66 -65.68
C ASN NA 288 -92.28 140.59 -66.74
N LEU NA 289 -93.38 141.28 -66.43
CA LEU NA 289 -93.99 142.20 -67.39
C LEU NA 289 -92.98 143.27 -67.79
N GLN NA 290 -93.10 143.73 -69.04
CA GLN NA 290 -92.15 144.63 -69.68
C GLN NA 290 -92.79 145.99 -69.90
N LEU NA 291 -92.00 146.93 -70.45
CA LEU NA 291 -92.56 148.17 -70.98
C LEU NA 291 -93.52 147.94 -72.14
N ASP NA 292 -93.50 146.73 -72.73
CA ASP NA 292 -94.56 146.32 -73.63
C ASP NA 292 -95.93 146.56 -73.02
N MET NA 293 -95.99 146.75 -71.70
CA MET NA 293 -97.21 147.14 -71.00
C MET NA 293 -97.62 148.59 -71.15
N THR NA 294 -97.16 149.33 -72.14
CA THR NA 294 -98.12 150.34 -72.59
C THR NA 294 -99.21 149.69 -73.42
N LYS NA 295 -99.10 148.39 -73.66
CA LYS NA 295 -100.23 147.66 -74.18
C LYS NA 295 -101.34 147.67 -73.18
N LEU NA 296 -101.00 147.39 -71.95
CA LEU NA 296 -102.04 147.25 -70.99
C LEU NA 296 -102.50 148.62 -70.49
N GLY NA 297 -102.08 149.70 -71.16
CA GLY NA 297 -102.54 151.03 -70.85
C GLY NA 297 -102.10 151.50 -69.48
N PHE NA 298 -101.16 150.81 -68.89
CA PHE NA 298 -100.79 151.20 -67.55
C PHE NA 298 -99.98 152.46 -67.60
N ASP NA 299 -98.77 152.41 -68.13
CA ASP NA 299 -98.08 153.68 -68.19
C ASP NA 299 -97.93 154.11 -69.64
N ALA NA 300 -98.18 155.39 -69.88
CA ALA NA 300 -97.99 155.92 -71.22
C ALA NA 300 -96.52 155.84 -71.62
N GLN NA 301 -96.30 155.55 -72.89
CA GLN NA 301 -94.95 155.63 -73.45
C GLN NA 301 -94.21 156.90 -73.07
N PRO NA 302 -94.80 158.09 -73.17
CA PRO NA 302 -94.05 159.30 -72.77
C PRO NA 302 -93.47 159.21 -71.36
N LEU NA 303 -94.30 158.82 -70.39
CA LEU NA 303 -93.81 158.73 -69.02
C LEU NA 303 -92.72 157.68 -68.89
N ALA NA 304 -92.86 156.56 -69.61
CA ALA NA 304 -91.83 155.52 -69.55
C ALA NA 304 -90.51 156.01 -70.10
N TRP NA 305 -90.53 156.84 -71.14
CA TRP NA 305 -89.31 157.48 -71.60
C TRP NA 305 -88.74 158.39 -70.52
N PHE NA 306 -89.60 159.19 -69.87
CA PHE NA 306 -89.10 160.04 -68.80
C PHE NA 306 -88.44 159.23 -67.70
N LYS NA 307 -89.03 158.08 -67.35
CA LYS NA 307 -88.42 157.21 -66.34
C LYS NA 307 -87.13 156.58 -66.85
N GLU NA 308 -87.12 156.15 -68.12
CA GLU NA 308 -85.91 155.62 -68.73
C GLU NA 308 -84.75 156.58 -68.57
N ALA NA 309 -84.89 157.78 -69.15
CA ALA NA 309 -84.03 158.88 -68.73
C ALA NA 309 -83.73 158.76 -67.24
N ILE NA 310 -84.67 159.22 -66.40
CA ILE NA 310 -84.49 159.28 -64.93
C ILE NA 310 -83.58 158.18 -64.38
N ASP NA 311 -83.80 156.94 -64.81
CA ASP NA 311 -83.06 155.82 -64.24
C ASP NA 311 -81.63 155.81 -64.76
N ARG NA 312 -81.42 156.31 -65.97
CA ARG NA 312 -80.04 156.42 -66.44
C ARG NA 312 -79.19 157.40 -65.61
N PRO NA 313 -79.63 158.63 -65.27
CA PRO NA 313 -78.83 159.50 -64.41
C PRO NA 313 -79.01 159.26 -62.92
N TYR NA 314 -79.65 158.16 -62.52
CA TYR NA 314 -79.57 157.65 -61.17
C TYR NA 314 -80.52 158.38 -60.21
N GLY NA 315 -81.63 158.89 -60.76
CA GLY NA 315 -82.71 159.37 -59.91
C GLY NA 315 -83.38 158.22 -59.18
N MET NA 316 -83.42 158.31 -57.85
CA MET NA 316 -83.96 157.25 -57.02
C MET NA 316 -85.48 157.29 -57.01
N VAL NA 317 -86.12 156.12 -56.99
CA VAL NA 317 -87.58 156.07 -57.11
C VAL NA 317 -88.17 154.96 -56.23
N LEU NA 318 -89.33 155.28 -55.65
CA LEU NA 318 -90.11 154.30 -54.89
C LEU NA 318 -91.47 154.14 -55.54
N VAL NA 319 -91.91 152.88 -55.66
CA VAL NA 319 -93.22 152.54 -56.20
C VAL NA 319 -94.13 152.23 -55.02
N THR NA 320 -95.14 153.09 -54.84
CA THR NA 320 -96.15 153.01 -53.80
C THR NA 320 -97.48 152.64 -54.44
N GLY NA 321 -98.32 151.95 -53.67
CA GLY NA 321 -99.65 151.57 -54.11
C GLY NA 321 -100.35 150.68 -53.09
N PRO NA 322 -101.68 150.66 -53.10
CA PRO NA 322 -102.41 149.68 -52.27
C PRO NA 322 -102.00 148.26 -52.64
N THR NA 323 -102.55 147.25 -51.98
CA THR NA 323 -102.10 145.91 -52.28
C THR NA 323 -102.78 145.39 -53.54
N GLY NA 324 -102.01 144.66 -54.36
CA GLY NA 324 -102.53 144.17 -55.61
C GLY NA 324 -102.63 145.23 -56.68
N SER NA 325 -101.79 146.26 -56.59
CA SER NA 325 -101.89 147.40 -57.49
C SER NA 325 -100.82 147.41 -58.57
N GLY NA 326 -99.71 146.70 -58.39
CA GLY NA 326 -98.69 146.68 -59.43
C GLY NA 326 -97.27 147.03 -58.99
N LYS NA 327 -97.03 147.43 -57.73
CA LYS NA 327 -95.73 147.95 -57.29
C LYS NA 327 -94.57 147.15 -57.84
N THR NA 328 -94.43 145.88 -57.43
CA THR NA 328 -93.29 145.07 -57.84
C THR NA 328 -93.22 144.92 -59.35
N THR NA 329 -94.35 144.61 -59.99
CA THR NA 329 -94.35 144.48 -61.44
C THR NA 329 -93.76 145.70 -62.10
N THR NA 330 -94.33 146.86 -61.80
CA THR NA 330 -93.86 148.13 -62.36
C THR NA 330 -92.37 148.34 -62.10
N LEU NA 331 -91.94 148.14 -60.85
CA LEU NA 331 -90.52 148.29 -60.53
C LEU NA 331 -89.67 147.43 -61.45
N TYR NA 332 -89.93 146.14 -61.41
CA TYR NA 332 -89.22 145.16 -62.22
C TYR NA 332 -89.25 145.54 -63.70
N SER NA 333 -90.37 146.11 -64.14
CA SER NA 333 -90.49 146.60 -65.50
C SER NA 333 -89.47 147.70 -65.76
N ALA NA 334 -89.41 148.70 -64.87
CA ALA NA 334 -88.51 149.83 -65.09
C ALA NA 334 -87.05 149.39 -65.08
N LEU NA 335 -86.66 148.49 -64.17
CA LEU NA 335 -85.26 148.06 -64.19
C LEU NA 335 -84.98 147.19 -65.41
N SER NA 336 -85.93 146.31 -65.72
CA SER NA 336 -85.76 145.36 -66.81
C SER NA 336 -85.68 146.07 -68.14
N SER NA 337 -86.49 147.10 -68.31
CA SER NA 337 -86.52 147.81 -69.56
C SER NA 337 -85.24 148.54 -69.83
N LEU NA 338 -84.50 148.97 -68.80
CA LEU NA 338 -83.27 149.71 -69.07
C LEU NA 338 -82.16 148.75 -69.49
N ASN NA 339 -81.25 149.25 -70.32
CA ASN NA 339 -79.98 148.57 -70.47
C ASN NA 339 -79.19 148.73 -69.18
N GLY NA 340 -79.11 147.68 -68.38
CA GLY NA 340 -78.23 147.74 -67.23
C GLY NA 340 -76.94 146.98 -67.42
N LEU NA 341 -76.50 146.78 -68.67
CA LEU NA 341 -75.33 145.94 -68.93
C LEU NA 341 -74.02 146.60 -68.52
N ASP NA 342 -73.98 147.93 -68.40
CA ASP NA 342 -72.74 148.65 -68.11
C ASP NA 342 -72.68 149.16 -66.68
N THR NA 343 -73.60 148.75 -65.83
CA THR NA 343 -73.65 149.25 -64.47
C THR NA 343 -73.79 148.07 -63.52
N ASN NA 344 -73.14 148.15 -62.37
CA ASN NA 344 -73.28 147.10 -61.37
C ASN NA 344 -74.55 147.36 -60.57
N ILE NA 345 -75.49 146.41 -60.64
CA ILE NA 345 -76.77 146.45 -59.93
C ILE NA 345 -76.80 145.28 -58.99
N CYS NA 346 -77.75 145.36 -58.09
CA CYS NA 346 -77.43 144.99 -56.76
C CYS NA 346 -78.71 145.00 -55.92
N THR NA 347 -79.29 143.82 -55.66
CA THR NA 347 -80.67 143.72 -55.17
C THR NA 347 -80.76 142.92 -53.86
N ALA NA 348 -81.62 143.38 -52.95
CA ALA NA 348 -81.85 142.75 -51.65
C ALA NA 348 -83.35 142.50 -51.50
N GLU NA 349 -83.75 141.22 -51.47
CA GLU NA 349 -85.17 140.89 -51.36
C GLU NA 349 -85.40 139.90 -50.23
N ASP NA 350 -86.61 139.92 -49.67
CA ASP NA 350 -86.96 138.94 -48.65
C ASP NA 350 -87.19 137.59 -49.33
N PRO NA 351 -87.99 137.49 -50.44
CA PRO NA 351 -87.74 136.40 -51.41
C PRO NA 351 -87.60 136.84 -52.87
N VAL NA 352 -86.97 136.00 -53.73
CA VAL NA 352 -86.87 136.33 -55.16
C VAL NA 352 -88.22 136.77 -55.69
N GLU NA 353 -88.20 137.86 -56.42
CA GLU NA 353 -89.32 138.17 -57.27
C GLU NA 353 -88.78 138.82 -58.53
N PHE NA 354 -87.59 139.40 -58.42
CA PHE NA 354 -87.04 140.24 -59.48
C PHE NA 354 -86.27 139.42 -60.50
N ASN NA 355 -86.70 139.52 -61.75
CA ASN NA 355 -85.98 138.95 -62.87
C ASN NA 355 -85.34 140.08 -63.67
N PHE NA 356 -84.05 139.95 -63.94
CA PHE NA 356 -83.36 140.94 -64.77
C PHE NA 356 -82.45 140.26 -65.78
N ALA NA 357 -82.56 140.69 -67.03
CA ALA NA 357 -81.72 140.21 -68.12
C ALA NA 357 -80.44 141.03 -68.20
N GLY NA 358 -79.66 140.96 -67.14
CA GLY NA 358 -78.42 141.71 -67.06
C GLY NA 358 -77.37 141.02 -66.24
N ILE NA 359 -76.13 141.27 -66.63
CA ILE NA 359 -74.99 140.44 -66.33
C ILE NA 359 -74.41 140.98 -65.01
N ASN NA 360 -73.94 142.25 -64.96
CA ASN NA 360 -73.43 142.88 -63.71
C ASN NA 360 -74.46 142.99 -62.61
N GLN NA 361 -74.84 141.87 -62.02
CA GLN NA 361 -75.89 141.97 -61.03
C GLN NA 361 -75.69 140.93 -59.95
N VAL NA 362 -75.79 141.40 -58.71
CA VAL NA 362 -75.71 140.58 -57.53
C VAL NA 362 -77.10 140.55 -56.93
N GLN NA 363 -77.66 139.36 -56.80
CA GLN NA 363 -78.95 139.19 -56.16
C GLN NA 363 -78.75 138.56 -54.79
N MET NA 364 -79.25 139.24 -53.77
CA MET NA 364 -79.09 138.92 -52.36
C MET NA 364 -80.44 138.67 -51.74
N HIS NA 365 -80.56 137.56 -51.03
CA HIS NA 365 -81.81 137.20 -50.39
C HIS NA 365 -81.64 136.96 -48.91
N ASP NA 366 -82.57 137.54 -48.18
CA ASP NA 366 -82.69 137.32 -46.76
C ASP NA 366 -82.67 135.83 -46.44
N ASP NA 367 -81.85 135.49 -45.46
CA ASP NA 367 -81.77 134.13 -44.93
C ASP NA 367 -82.11 134.13 -43.45
N ILE NA 368 -82.13 132.93 -42.86
CA ILE NA 368 -82.51 132.77 -41.46
C ILE NA 368 -81.72 133.77 -40.63
N GLY NA 369 -82.42 134.58 -39.84
CA GLY NA 369 -81.76 135.36 -38.82
C GLY NA 369 -81.04 136.59 -39.31
N LEU NA 370 -81.22 136.94 -40.58
CA LEU NA 370 -80.68 138.16 -41.14
C LEU NA 370 -81.80 139.16 -41.29
N ASN NA 371 -81.54 140.40 -40.90
CA ASN NA 371 -82.44 141.49 -41.20
C ASN NA 371 -82.12 141.99 -42.61
N PHE NA 372 -83.13 142.62 -43.23
CA PHE NA 372 -82.90 143.29 -44.51
C PHE NA 372 -81.71 144.23 -44.44
N ALA NA 373 -81.53 144.87 -43.29
CA ALA NA 373 -80.45 145.82 -43.09
C ALA NA 373 -79.09 145.16 -43.18
N ALA NA 374 -78.95 143.93 -42.69
CA ALA NA 374 -77.67 143.24 -42.81
C ALA NA 374 -77.22 143.18 -44.25
N ALA NA 375 -78.13 142.76 -45.15
CA ALA NA 375 -77.77 142.62 -46.55
C ALA NA 375 -77.57 143.97 -47.23
N LEU NA 376 -78.46 144.95 -46.98
CA LEU NA 376 -78.25 146.25 -47.61
C LEU NA 376 -76.97 146.91 -47.10
N ARG NA 377 -76.85 147.06 -45.78
CA ARG NA 377 -75.70 147.58 -45.07
C ARG NA 377 -74.40 147.06 -45.65
N SER NA 378 -74.40 145.77 -46.01
CA SER NA 378 -73.24 145.06 -46.52
C SER NA 378 -73.54 144.75 -47.97
N PHE NA 379 -73.29 145.73 -48.82
CA PHE NA 379 -73.78 145.67 -50.18
C PHE NA 379 -73.70 147.03 -50.86
N LEU NA 380 -74.38 148.00 -50.25
CA LEU NA 380 -73.90 149.37 -50.30
C LEU NA 380 -72.40 149.41 -50.07
N ARG NA 381 -71.87 148.46 -49.30
CA ARG NA 381 -70.44 148.48 -49.00
C ARG NA 381 -69.61 148.24 -50.24
N GLN NA 382 -70.03 147.31 -51.11
CA GLN NA 382 -69.29 147.22 -52.36
C GLN NA 382 -69.67 148.40 -53.25
N ASP NA 383 -69.55 148.27 -54.56
CA ASP NA 383 -69.85 149.44 -55.35
C ASP NA 383 -71.04 149.19 -56.26
N PRO NA 384 -72.27 149.30 -55.76
CA PRO NA 384 -73.41 149.25 -56.66
C PRO NA 384 -73.67 150.60 -57.29
N ASP NA 385 -73.80 150.60 -58.62
CA ASP NA 385 -74.36 151.77 -59.28
C ASP NA 385 -75.85 151.88 -59.01
N ILE NA 386 -76.55 150.74 -58.96
CA ILE NA 386 -77.97 150.67 -58.69
C ILE NA 386 -78.24 149.64 -57.60
N ILE NA 387 -79.10 150.03 -56.65
CA ILE NA 387 -79.54 149.23 -55.53
C ILE NA 387 -81.04 149.05 -55.64
N MET NA 388 -81.50 147.81 -55.61
CA MET NA 388 -82.93 147.54 -55.62
C MET NA 388 -83.29 146.81 -54.34
N ILE NA 389 -84.20 147.38 -53.56
CA ILE NA 389 -84.72 146.76 -52.35
C ILE NA 389 -86.15 146.34 -52.67
N GLY NA 390 -86.39 145.02 -52.67
CA GLY NA 390 -87.69 144.46 -52.99
C GLY NA 390 -88.85 145.29 -52.47
N GLU NA 391 -88.86 145.52 -51.17
CA GLU NA 391 -89.86 146.36 -50.53
C GLU NA 391 -89.39 146.72 -49.13
N ILE NA 392 -89.48 147.99 -48.76
CA ILE NA 392 -89.02 148.42 -47.44
C ILE NA 392 -90.08 148.06 -46.41
N ARG NA 393 -89.72 147.18 -45.47
CA ARG NA 393 -90.62 146.75 -44.39
C ARG NA 393 -90.01 146.79 -42.99
N ASP NA 394 -88.70 146.67 -42.83
CA ASP NA 394 -88.09 147.09 -41.58
C ASP NA 394 -87.51 148.44 -41.90
N PHE NA 395 -87.97 149.49 -41.22
CA PHE NA 395 -87.34 150.71 -41.70
C PHE NA 395 -85.85 150.92 -41.23
N GLU NA 396 -85.27 150.04 -40.32
CA GLU NA 396 -83.80 150.07 -40.18
C GLU NA 396 -83.12 149.85 -41.53
N THR NA 397 -83.66 148.99 -42.40
CA THR NA 397 -83.13 148.99 -43.76
C THR NA 397 -83.51 150.25 -44.54
N ALA NA 398 -84.78 150.69 -44.45
CA ALA NA 398 -85.17 151.95 -45.11
C ALA NA 398 -84.08 153.00 -44.92
N GLU NA 399 -83.64 153.16 -43.67
CA GLU NA 399 -82.63 154.13 -43.32
C GLU NA 399 -81.36 153.93 -44.13
N ILE NA 400 -80.84 152.70 -44.17
CA ILE NA 400 -79.68 152.43 -45.00
C ILE NA 400 -79.96 152.85 -46.44
N GLY NA 401 -81.15 152.52 -46.95
CA GLY NA 401 -81.52 152.87 -48.31
C GLY NA 401 -81.40 154.35 -48.62
N VAL NA 402 -82.06 155.19 -47.84
CA VAL NA 402 -81.99 156.62 -48.08
C VAL NA 402 -80.60 157.17 -47.81
N LYS NA 403 -79.83 156.52 -46.93
CA LYS NA 403 -78.42 156.85 -46.83
C LYS NA 403 -77.71 156.59 -48.15
N ALA NA 404 -77.99 155.43 -48.76
CA ALA NA 404 -77.44 155.10 -50.07
C ALA NA 404 -77.81 156.14 -51.10
N ALA NA 405 -79.04 156.65 -51.02
CA ALA NA 405 -79.44 157.71 -51.93
C ALA NA 405 -78.61 158.97 -51.70
N LEU NA 406 -78.32 159.30 -50.43
CA LEU NA 406 -77.59 160.55 -50.23
C LEU NA 406 -76.10 160.40 -50.60
N THR NA 407 -75.52 159.19 -50.52
CA THR NA 407 -74.21 159.06 -51.18
C THR NA 407 -74.28 159.46 -52.63
N GLY NA 408 -75.36 159.08 -53.32
CA GLY NA 408 -75.54 159.26 -54.74
C GLY NA 408 -75.64 157.95 -55.51
N HIS NA 409 -75.94 156.85 -54.84
CA HIS NA 409 -76.36 155.68 -55.60
C HIS NA 409 -77.72 155.92 -56.22
N LEU NA 410 -78.07 155.05 -57.18
CA LEU NA 410 -79.42 154.96 -57.72
C LEU NA 410 -80.14 153.87 -56.95
N VAL NA 411 -81.01 154.26 -56.05
CA VAL NA 411 -81.75 153.30 -55.24
C VAL NA 411 -83.20 153.25 -55.73
N LEU NA 412 -83.81 152.09 -55.60
CA LEU NA 412 -85.19 151.88 -56.01
C LEU NA 412 -85.82 150.89 -55.05
N SER NA 413 -87.11 151.10 -54.77
CA SER NA 413 -87.77 150.13 -53.89
C SER NA 413 -89.28 150.31 -53.97
N THR NA 414 -89.98 149.49 -53.19
CA THR NA 414 -91.43 149.40 -53.16
C THR NA 414 -91.92 149.71 -51.75
N LEU NA 415 -93.13 150.27 -51.66
CA LEU NA 415 -93.71 150.58 -50.35
C LEU NA 415 -95.22 150.42 -50.39
N HIS NA 416 -95.78 149.80 -49.35
CA HIS NA 416 -97.21 149.60 -49.25
C HIS NA 416 -97.88 150.86 -48.72
N THR NA 417 -98.61 151.56 -49.60
CA THR NA 417 -99.31 152.77 -49.22
C THR NA 417 -100.08 153.30 -50.42
N ASN NA 418 -101.02 154.22 -50.15
CA ASN NA 418 -101.98 154.63 -51.16
C ASN NA 418 -101.89 156.11 -51.56
N ASP NA 419 -101.19 156.94 -50.81
CA ASP NA 419 -100.96 158.33 -51.19
C ASP NA 419 -99.79 158.85 -50.36
N ALA NA 420 -99.73 160.18 -50.26
CA ALA NA 420 -98.54 160.83 -49.72
C ALA NA 420 -98.46 160.77 -48.21
N PRO NA 421 -99.56 160.89 -47.45
CA PRO NA 421 -99.39 160.77 -45.99
C PRO NA 421 -99.19 159.29 -45.70
N GLY NA 422 -99.86 158.43 -46.48
CA GLY NA 422 -99.59 157.01 -46.38
C GLY NA 422 -98.10 156.71 -46.37
N THR NA 423 -97.39 156.98 -47.49
CA THR NA 423 -95.96 156.73 -47.49
C THR NA 423 -95.27 157.55 -46.43
N VAL NA 424 -95.24 158.88 -46.56
CA VAL NA 424 -94.37 159.65 -45.68
C VAL NA 424 -94.53 159.21 -44.24
N SER NA 425 -95.78 159.18 -43.74
CA SER NA 425 -96.09 158.55 -42.45
C SER NA 425 -95.38 157.21 -42.33
N ARG NA 426 -95.73 156.30 -43.24
CA ARG NA 426 -95.08 155.01 -43.25
C ARG NA 426 -93.58 155.13 -43.26
N LEU NA 427 -92.95 156.07 -43.95
CA LEU NA 427 -91.48 156.06 -44.00
C LEU NA 427 -90.88 156.64 -42.74
N LEU NA 428 -91.51 157.68 -42.20
CA LEU NA 428 -90.97 158.40 -41.06
C LEU NA 428 -91.11 157.60 -39.78
N ASN NA 429 -91.97 156.60 -39.73
CA ASN NA 429 -92.16 155.95 -38.44
C ASN NA 429 -91.10 154.93 -37.90
N MET NA 430 -90.01 154.63 -38.61
CA MET NA 430 -88.83 154.05 -37.97
C MET NA 430 -87.58 154.94 -38.05
N GLY NA 431 -87.80 156.25 -38.23
CA GLY NA 431 -86.80 157.28 -37.92
C GLY NA 431 -86.00 157.96 -39.05
N ILE NA 432 -86.24 157.63 -40.30
CA ILE NA 432 -85.80 158.51 -41.36
C ILE NA 432 -86.75 159.70 -41.37
N GLU NA 433 -86.16 160.93 -41.50
CA GLU NA 433 -86.74 162.25 -41.71
C GLU NA 433 -87.13 162.43 -43.17
N PRO NA 434 -88.06 163.32 -43.45
CA PRO NA 434 -88.35 163.61 -44.85
C PRO NA 434 -87.26 164.45 -45.45
N PHE NA 435 -86.36 165.09 -44.71
CA PHE NA 435 -85.25 165.66 -45.45
C PHE NA 435 -84.43 164.56 -46.08
N LEU NA 436 -84.19 163.46 -45.36
CA LEU NA 436 -83.31 162.47 -45.94
C LEU NA 436 -84.05 161.70 -47.04
N VAL NA 437 -85.24 161.17 -46.75
CA VAL NA 437 -85.97 160.47 -47.83
C VAL NA 437 -86.40 161.46 -48.92
N THR NA 438 -87.36 162.35 -48.64
CA THR NA 438 -87.83 163.31 -49.66
C THR NA 438 -86.70 164.14 -50.25
N ALA NA 439 -85.65 164.41 -49.48
CA ALA NA 439 -84.63 165.24 -50.10
C ALA NA 439 -83.79 164.43 -51.07
N SER NA 440 -83.59 163.16 -50.77
CA SER NA 440 -82.78 162.31 -51.62
C SER NA 440 -83.61 161.35 -52.46
N LEU NA 441 -84.91 161.20 -52.17
CA LEU NA 441 -85.79 160.49 -53.09
C LEU NA 441 -86.17 161.41 -54.24
N ASN NA 442 -86.03 160.92 -55.46
CA ASN NA 442 -86.37 161.73 -56.62
C ASN NA 442 -87.82 161.56 -57.05
N LEU NA 443 -88.20 160.35 -57.47
CA LEU NA 443 -89.55 160.13 -57.98
C LEU NA 443 -90.26 159.03 -57.20
N ILE NA 444 -91.57 159.21 -57.05
CA ILE NA 444 -92.45 158.28 -56.36
C ILE NA 444 -93.62 158.00 -57.28
N LEU NA 445 -93.71 156.79 -57.81
CA LEU NA 445 -94.87 156.42 -58.58
C LEU NA 445 -95.95 155.88 -57.65
N ALA NA 446 -97.21 156.14 -57.99
CA ALA NA 446 -98.34 155.58 -57.27
C ALA NA 446 -99.13 154.71 -58.23
N GLN NA 447 -99.30 153.44 -57.87
CA GLN NA 447 -99.97 152.43 -58.68
C GLN NA 447 -101.36 152.15 -58.11
N ARG NA 448 -102.26 151.68 -58.97
CA ARG NA 448 -103.65 151.42 -58.61
C ARG NA 448 -104.18 150.19 -59.31
N LEU NA 449 -105.27 149.67 -58.75
CA LEU NA 449 -106.19 148.78 -59.46
C LEU NA 449 -107.52 149.52 -59.60
N ALA NA 450 -107.89 149.82 -60.84
CA ALA NA 450 -109.20 150.29 -61.27
C ALA NA 450 -109.91 149.13 -61.93
N ARG NA 451 -111.17 148.92 -61.64
CA ARG NA 451 -111.92 147.98 -62.48
C ARG NA 451 -113.31 148.63 -62.68
N ARG NA 452 -113.97 148.19 -63.74
CA ARG NA 452 -115.26 148.78 -64.11
C ARG NA 452 -116.17 147.59 -64.38
N LEU NA 453 -116.64 146.96 -63.31
CA LEU NA 453 -117.25 145.65 -63.42
C LEU NA 453 -116.07 144.73 -63.73
N CYS NA 454 -116.09 143.99 -64.86
CA CYS NA 454 -115.02 143.02 -65.04
C CYS NA 454 -113.72 143.50 -65.71
N PRO NA 455 -113.44 144.79 -66.05
CA PRO NA 455 -112.05 144.99 -66.50
C PRO NA 455 -111.28 145.14 -65.22
N ALA NA 456 -110.10 144.57 -65.26
CA ALA NA 456 -109.09 144.60 -64.23
C ALA NA 456 -108.01 145.49 -64.82
N CYS NA 457 -107.79 146.65 -64.20
CA CYS NA 457 -106.91 147.67 -64.74
C CYS NA 457 -105.90 148.04 -63.67
N LYS NA 458 -104.62 148.15 -64.04
CA LYS NA 458 -103.58 148.58 -63.10
C LYS NA 458 -102.96 149.85 -63.59
N LYS NA 459 -103.19 150.95 -62.89
CA LYS NA 459 -102.64 152.07 -63.61
C LYS NA 459 -101.68 152.85 -62.72
N PRO NA 460 -100.75 153.62 -63.28
CA PRO NA 460 -100.01 154.53 -62.39
C PRO NA 460 -100.90 155.73 -62.20
N ALA NA 461 -101.58 155.76 -61.07
CA ALA NA 461 -102.34 156.93 -60.69
C ALA NA 461 -101.55 158.21 -60.86
N GLU NA 462 -100.27 158.23 -60.49
CA GLU NA 462 -99.56 159.50 -60.56
C GLU NA 462 -98.05 159.32 -60.55
N CYS NA 490 -94.92 161.32 -59.46
CA CYS NA 490 -94.76 162.34 -58.43
C CYS NA 490 -93.29 162.67 -58.30
N ARG NA 491 -92.95 163.93 -58.52
CA ARG NA 491 -91.57 164.38 -58.50
C ARG NA 491 -91.28 164.99 -57.13
N ASP NA 492 -90.36 164.40 -56.38
CA ASP NA 492 -90.06 164.98 -55.07
C ASP NA 492 -88.98 166.03 -55.25
N CYS NA 493 -89.35 167.32 -55.11
CA CYS NA 493 -88.37 168.38 -55.34
C CYS NA 493 -87.33 168.47 -54.25
N ASN NA 494 -87.77 168.34 -52.99
CA ASN NA 494 -86.94 168.47 -51.79
C ASN NA 494 -87.73 168.79 -50.53
N ASP NA 495 -87.01 169.37 -49.58
CA ASP NA 495 -87.44 169.85 -48.28
C ASP NA 495 -87.60 171.36 -48.31
N ARG NA 496 -88.23 171.88 -47.28
CA ARG NA 496 -88.40 173.30 -47.10
C ARG NA 496 -87.87 173.68 -45.73
N GLY NA 497 -87.12 174.78 -45.62
CA GLY NA 497 -86.72 175.24 -44.31
C GLY NA 497 -87.88 176.00 -43.68
N TYR NA 498 -88.29 175.57 -42.48
CA TYR NA 498 -89.52 176.09 -41.86
C TYR NA 498 -90.71 175.77 -42.76
N ARG NA 499 -91.51 174.77 -42.43
CA ARG NA 499 -92.18 174.14 -43.55
C ARG NA 499 -93.48 173.40 -43.32
N GLY NA 500 -93.74 172.47 -44.24
CA GLY NA 500 -94.60 171.32 -44.09
C GLY NA 500 -93.85 170.15 -44.71
N ARG NA 501 -92.72 170.50 -45.35
CA ARG NA 501 -91.56 169.69 -45.76
C ARG NA 501 -91.52 169.27 -47.20
N VAL NA 502 -91.98 168.04 -47.35
CA VAL NA 502 -91.97 167.27 -48.58
C VAL NA 502 -92.48 168.11 -49.73
N ALA NA 503 -91.58 168.68 -50.51
CA ALA NA 503 -91.97 169.46 -51.67
C ALA NA 503 -92.15 168.51 -52.85
N ILE NA 504 -93.37 168.42 -53.35
CA ILE NA 504 -93.75 167.45 -54.37
C ILE NA 504 -94.40 168.18 -55.54
N TYR NA 505 -93.90 167.92 -56.75
CA TYR NA 505 -94.46 168.43 -57.99
C TYR NA 505 -95.03 167.28 -58.78
N GLU NA 506 -96.35 167.25 -58.93
CA GLU NA 506 -97.02 166.15 -59.58
C GLU NA 506 -96.94 166.31 -61.08
N VAL NA 507 -96.19 165.42 -61.74
CA VAL NA 507 -95.99 165.51 -63.18
C VAL NA 507 -97.23 165.00 -63.91
N MET NA 508 -97.57 163.73 -63.70
CA MET NA 508 -98.67 163.08 -64.40
C MET NA 508 -99.75 162.62 -63.40
N PRO NA 509 -101.00 163.01 -63.60
CA PRO NA 509 -102.13 162.30 -62.99
C PRO NA 509 -102.89 161.36 -63.92
N PHE NA 510 -103.62 160.38 -63.39
CA PHE NA 510 -104.47 159.52 -64.20
C PHE NA 510 -105.93 159.80 -63.93
N TRP NA 511 -106.65 160.22 -64.97
CA TRP NA 511 -108.10 160.35 -64.94
C TRP NA 511 -108.74 159.02 -65.28
N ASP NA 512 -109.48 158.47 -64.32
CA ASP NA 512 -110.18 157.20 -64.50
C ASP NA 512 -111.44 157.35 -65.34
N GLY NA 513 -112.06 158.52 -65.34
CA GLY NA 513 -113.30 158.70 -66.09
C GLY NA 513 -113.11 158.50 -67.58
N LEU NA 514 -111.96 158.91 -68.11
CA LEU NA 514 -111.65 158.70 -69.51
C LEU NA 514 -110.50 157.74 -69.72
N LYS NA 515 -109.94 157.17 -68.65
CA LYS NA 515 -108.76 156.32 -68.70
C LYS NA 515 -107.65 156.98 -69.53
N GLU NA 516 -107.17 158.10 -68.98
CA GLU NA 516 -106.17 158.90 -69.66
C GLU NA 516 -105.15 159.43 -68.65
N LEU NA 517 -103.93 159.60 -69.10
CA LEU NA 517 -102.88 160.20 -68.29
C LEU NA 517 -102.71 161.65 -68.74
N VAL NA 518 -102.93 162.57 -67.83
CA VAL NA 518 -102.83 164.00 -68.08
C VAL NA 518 -101.53 164.49 -67.45
N ILE NA 519 -100.90 165.47 -68.10
CA ILE NA 519 -99.82 166.24 -67.52
C ILE NA 519 -100.44 167.39 -66.74
N ASN NA 520 -100.04 167.55 -65.48
CA ASN NA 520 -100.68 168.52 -64.57
C ASN NA 520 -99.67 169.54 -64.05
N GLY NA 521 -99.29 170.49 -64.90
CA GLY NA 521 -98.43 171.59 -64.52
C GLY NA 521 -96.96 171.28 -64.53
N ALA NA 522 -96.57 170.07 -64.94
CA ALA NA 522 -95.17 169.79 -65.22
C ALA NA 522 -94.71 170.60 -66.43
N SER NA 523 -93.50 171.16 -66.34
CA SER NA 523 -92.85 171.85 -67.43
C SER NA 523 -91.51 171.20 -67.71
N ALA NA 524 -91.00 171.42 -68.94
CA ALA NA 524 -89.67 170.95 -69.28
C ALA NA 524 -88.59 171.56 -68.39
N ALA NA 525 -88.84 172.76 -67.84
CA ALA NA 525 -87.86 173.37 -66.96
C ALA NA 525 -87.70 172.63 -65.64
N GLU NA 526 -88.69 171.80 -65.28
CA GLU NA 526 -88.61 171.02 -64.05
C GLU NA 526 -87.58 169.91 -64.16
N LEU NA 527 -87.84 168.93 -65.03
CA LEU NA 527 -86.92 167.80 -65.21
C LEU NA 527 -85.53 168.21 -65.72
N LYS NA 528 -85.16 169.49 -65.66
CA LYS NA 528 -83.87 169.93 -66.19
C LYS NA 528 -82.71 169.25 -65.46
N GLN NA 529 -82.85 169.02 -64.16
CA GLN NA 529 -81.79 168.64 -63.22
C GLN NA 529 -80.57 167.94 -63.82
N GLU NA 530 -79.87 168.61 -64.71
CA GLU NA 530 -78.76 167.88 -65.30
C GLU NA 530 -77.45 168.61 -65.02
N ALA NA 531 -76.37 167.83 -65.06
CA ALA NA 531 -75.04 168.33 -64.70
C ALA NA 531 -74.47 169.27 -65.75
N ILE NA 532 -74.72 169.01 -67.05
CA ILE NA 532 -74.39 169.99 -68.08
C ILE NA 532 -75.46 170.10 -69.15
N ARG NA 533 -75.11 170.86 -70.20
CA ARG NA 533 -75.93 171.00 -71.39
C ARG NA 533 -76.02 169.71 -72.19
N LEU NA 534 -74.89 169.02 -72.38
CA LEU NA 534 -74.95 167.79 -73.16
C LEU NA 534 -75.78 166.73 -72.46
N GLY NA 535 -75.61 166.57 -71.15
CA GLY NA 535 -76.47 165.66 -70.41
C GLY NA 535 -77.95 166.00 -70.56
N MET NA 536 -78.28 167.30 -70.43
CA MET NA 536 -79.68 167.68 -70.52
C MET NA 536 -80.24 167.37 -71.91
N SER NA 537 -79.45 167.66 -72.94
CA SER NA 537 -79.85 167.33 -74.31
C SER NA 537 -80.11 165.83 -74.46
N SER NA 538 -79.21 164.99 -73.95
CA SER NA 538 -79.45 163.55 -73.96
C SER NA 538 -80.79 163.19 -73.34
N LEU NA 539 -81.11 163.81 -72.19
CA LEU NA 539 -82.42 163.57 -71.58
C LEU NA 539 -83.56 163.95 -72.52
N ARG NA 540 -83.46 165.11 -73.18
CA ARG NA 540 -84.53 165.52 -74.10
C ARG NA 540 -84.73 164.50 -75.21
N MET NA 541 -83.63 164.14 -75.90
CA MET NA 541 -83.72 163.12 -76.94
C MET NA 541 -84.40 161.87 -76.40
N SER NA 542 -83.90 161.31 -75.29
CA SER NA 542 -84.61 160.19 -74.70
C SER NA 542 -86.07 160.53 -74.38
N GLY NA 543 -86.36 161.80 -74.15
CA GLY NA 543 -87.70 162.24 -73.83
C GLY NA 543 -88.65 161.96 -74.97
N LEU NA 544 -88.31 162.41 -76.17
CA LEU NA 544 -89.14 162.13 -77.33
C LEU NA 544 -88.57 161.06 -78.25
N ARG NA 545 -87.26 160.99 -78.41
CA ARG NA 545 -86.66 159.95 -79.24
C ARG NA 545 -86.77 158.58 -78.57
N LYS NA 546 -86.32 158.46 -77.32
CA LYS NA 546 -86.43 157.16 -76.63
C LYS NA 546 -87.88 156.72 -76.56
N ALA NA 551 -92.42 143.37 -79.82
CA ALA NA 551 -91.28 142.91 -79.01
C ALA NA 551 -91.71 142.98 -77.56
N THR NA 552 -92.21 141.87 -77.03
CA THR NA 552 -92.83 141.88 -75.71
C THR NA 552 -91.96 141.24 -74.63
N THR NA 553 -91.21 140.19 -74.94
CA THR NA 553 -90.47 139.44 -73.93
C THR NA 553 -89.40 140.30 -73.26
N LEU NA 554 -89.18 140.03 -71.96
CA LEU NA 554 -88.18 140.76 -71.20
C LEU NA 554 -86.78 140.55 -71.74
N GLU NA 555 -86.40 139.31 -72.02
CA GLU NA 555 -85.08 139.06 -72.57
C GLU NA 555 -84.86 139.88 -73.83
N GLU NA 556 -85.82 139.84 -74.76
CA GLU NA 556 -85.68 140.59 -76.00
C GLU NA 556 -85.77 142.09 -75.78
N VAL NA 557 -86.68 142.53 -74.91
CA VAL NA 557 -86.83 143.97 -74.63
C VAL NA 557 -85.55 144.54 -74.02
N VAL NA 558 -85.09 143.98 -72.90
CA VAL NA 558 -83.75 144.30 -72.40
C VAL NA 558 -82.76 144.26 -73.53
N GLY NA 559 -82.86 143.24 -74.37
CA GLY NA 559 -81.94 143.08 -75.47
C GLY NA 559 -81.91 144.30 -76.37
N ASN NA 560 -83.07 144.97 -76.52
CA ASN NA 560 -83.26 146.08 -77.46
C ASN NA 560 -83.18 147.44 -76.78
N THR NA 561 -83.14 147.48 -75.46
CA THR NA 561 -82.83 148.72 -74.77
C THR NA 561 -81.33 148.82 -74.56
N ALA NA 562 -80.73 147.66 -74.27
CA ALA NA 562 -79.27 147.49 -74.38
C ALA NA 562 -78.63 148.26 -75.55
N PRO NA 563 -79.00 148.04 -76.83
CA PRO NA 563 -78.62 148.68 -78.07
C PRO NA 563 -78.74 150.19 -78.00
N ILE OA 74 -111.17 94.99 -0.25
CA ILE OA 74 -112.60 94.89 0.14
C ILE OA 74 -112.89 93.78 1.19
N LYS OA 75 -113.88 93.98 2.08
CA LYS OA 75 -114.36 92.95 3.01
C LYS OA 75 -115.84 93.16 3.39
N LEU OA 76 -116.59 92.06 3.54
CA LEU OA 76 -118.02 92.07 3.93
C LEU OA 76 -118.22 91.05 5.07
N VAL OA 77 -119.44 90.61 5.37
CA VAL OA 77 -119.53 89.47 6.31
C VAL OA 77 -119.46 88.22 5.42
N PRO OA 78 -120.36 87.21 5.45
CA PRO OA 78 -120.17 86.13 4.49
C PRO OA 78 -120.49 86.58 3.09
N LYS OA 79 -119.78 86.01 2.11
CA LYS OA 79 -120.13 86.27 0.73
C LYS OA 79 -121.62 86.09 0.50
N GLU OA 80 -122.22 85.08 1.15
CA GLU OA 80 -123.65 84.85 1.01
C GLU OA 80 -124.46 86.07 1.44
N VAL OA 81 -124.07 86.71 2.54
CA VAL OA 81 -124.83 87.86 3.01
C VAL OA 81 -124.78 89.00 2.00
N ALA OA 82 -123.59 89.27 1.43
CA ALA OA 82 -123.50 90.28 0.37
C ALA OA 82 -124.47 89.97 -0.75
N GLU OA 83 -124.47 88.71 -1.20
CA GLU OA 83 -125.30 88.39 -2.36
C GLU OA 83 -126.77 88.50 -2.02
N LYS OA 84 -127.16 88.06 -0.82
CA LYS OA 84 -128.56 88.12 -0.42
C LYS OA 84 -129.06 89.55 -0.31
N HIS OA 85 -128.26 90.42 0.29
CA HIS OA 85 -128.68 91.79 0.51
C HIS OA 85 -128.22 92.74 -0.59
N LEU OA 86 -127.41 92.26 -1.53
CA LEU OA 86 -126.92 93.03 -2.68
C LEU OA 86 -126.23 94.31 -2.22
N VAL OA 87 -125.21 94.13 -1.38
CA VAL OA 87 -124.39 95.22 -0.86
C VAL OA 87 -122.96 94.70 -0.77
N VAL OA 88 -122.02 95.63 -0.80
CA VAL OA 88 -120.61 95.26 -0.92
C VAL OA 88 -119.80 96.39 -0.33
N PRO OA 89 -118.94 96.13 0.63
CA PRO OA 89 -118.04 97.18 1.09
C PRO OA 89 -117.00 97.35 -0.01
N VAL OA 90 -116.47 98.56 -0.15
CA VAL OA 90 -115.60 98.84 -1.28
C VAL OA 90 -114.39 99.66 -0.88
N ASN OA 91 -114.30 100.06 0.39
CA ASN OA 91 -113.13 100.75 0.91
C ASN OA 91 -113.33 101.11 2.38
N ARG OA 92 -112.28 101.65 2.99
CA ARG OA 92 -112.31 102.16 4.34
C ARG OA 92 -111.51 103.46 4.34
N ALA OA 93 -112.14 104.56 4.69
CA ALA OA 93 -111.50 105.86 4.61
C ALA OA 93 -112.04 106.73 5.73
N GLY OA 94 -111.16 107.51 6.35
CA GLY OA 94 -111.58 108.41 7.40
C GLY OA 94 -112.52 107.73 8.37
N PRO OA 95 -111.93 106.99 9.27
CA PRO OA 95 -112.61 105.88 9.95
C PRO OA 95 -113.97 105.31 9.55
N SER OA 96 -114.34 105.28 8.27
CA SER OA 96 -115.64 104.77 7.89
C SER OA 96 -115.50 103.73 6.77
N LEU OA 97 -116.39 102.75 6.80
CA LEU OA 97 -116.46 101.71 5.79
C LEU OA 97 -117.40 102.16 4.67
N ILE OA 98 -116.84 102.33 3.48
CA ILE OA 98 -117.65 102.62 2.29
C ILE OA 98 -118.40 101.36 1.91
N VAL OA 99 -119.73 101.45 1.86
CA VAL OA 99 -120.59 100.32 1.54
C VAL OA 99 -121.44 100.68 0.34
N ALA OA 100 -121.24 99.96 -0.76
CA ALA OA 100 -122.11 100.08 -1.92
C ALA OA 100 -123.35 99.24 -1.70
N MET OA 101 -124.52 99.86 -1.85
CA MET OA 101 -125.78 99.30 -1.40
C MET OA 101 -126.85 99.58 -2.44
N CYS OA 102 -127.63 98.55 -2.75
CA CYS OA 102 -128.69 98.68 -3.75
C CYS OA 102 -129.98 99.18 -3.13
N ASP OA 103 -130.25 98.82 -1.88
CA ASP OA 103 -131.50 99.14 -1.20
C ASP OA 103 -131.20 99.92 0.07
N PRO OA 104 -130.80 101.19 -0.05
CA PRO OA 104 -130.40 101.97 1.13
C PRO OA 104 -131.56 102.36 2.03
N SER OA 105 -132.80 102.06 1.64
CA SER OA 105 -133.95 102.28 2.50
C SER OA 105 -134.18 101.14 3.49
N ASN OA 106 -133.41 100.05 3.37
CA ASN OA 106 -133.64 98.85 4.18
C ASN OA 106 -132.83 98.99 5.47
N ILE OA 107 -133.48 99.53 6.50
CA ILE OA 107 -132.82 99.75 7.79
C ILE OA 107 -132.44 98.43 8.46
N PHE OA 108 -133.16 97.35 8.16
CA PHE OA 108 -132.77 96.06 8.74
C PHE OA 108 -131.40 95.62 8.23
N ALA OA 109 -131.19 95.69 6.92
CA ALA OA 109 -129.91 95.27 6.37
C ALA OA 109 -128.80 96.19 6.83
N VAL OA 110 -129.04 97.49 6.85
CA VAL OA 110 -128.02 98.45 7.27
C VAL OA 110 -127.64 98.21 8.72
N ASP OA 111 -128.63 98.04 9.59
CA ASP OA 111 -128.32 97.82 11.00
C ASP OA 111 -127.65 96.47 11.21
N ASP OA 112 -127.97 95.47 10.37
CA ASP OA 112 -127.24 94.21 10.42
C ASP OA 112 -125.76 94.42 10.09
N LEU OA 113 -125.48 95.20 9.05
CA LEU OA 113 -124.09 95.45 8.68
C LEU OA 113 -123.38 96.26 9.76
N LYS OA 114 -124.04 97.28 10.32
CA LYS OA 114 -123.46 98.06 11.40
C LYS OA 114 -123.09 97.18 12.58
N PHE OA 115 -123.99 96.26 12.96
CA PHE OA 115 -123.69 95.43 14.12
C PHE OA 115 -122.61 94.40 13.82
N LEU OA 116 -122.66 93.79 12.63
CA LEU OA 116 -121.74 92.69 12.34
C LEU OA 116 -120.32 93.19 12.12
N THR OA 117 -120.16 94.35 11.46
CA THR OA 117 -118.83 94.90 11.25
C THR OA 117 -118.31 95.69 12.45
N GLY OA 118 -119.20 96.30 13.22
CA GLY OA 118 -118.75 97.21 14.27
C GLY OA 118 -118.16 98.49 13.73
N TYR OA 119 -118.36 98.78 12.45
CA TYR OA 119 -117.76 99.94 11.82
C TYR OA 119 -118.83 100.94 11.42
N ASN OA 120 -118.47 102.20 11.48
CA ASN OA 120 -119.36 103.24 10.99
C ASN OA 120 -119.35 103.23 9.48
N ILE OA 121 -120.52 103.41 8.89
CA ILE OA 121 -120.72 103.20 7.46
C ILE OA 121 -120.82 104.53 6.74
N GLU OA 122 -120.39 104.52 5.48
CA GLU OA 122 -120.71 105.56 4.51
C GLU OA 122 -121.39 104.87 3.34
N THR OA 123 -122.66 105.18 3.11
CA THR OA 123 -123.47 104.48 2.13
C THR OA 123 -123.34 105.12 0.76
N VAL OA 124 -123.18 104.29 -0.26
CA VAL OA 124 -123.12 104.71 -1.66
C VAL OA 124 -124.11 103.85 -2.44
N VAL OA 125 -125.05 104.50 -3.13
CA VAL OA 125 -126.06 103.76 -3.88
C VAL OA 125 -125.45 103.27 -5.19
N ALA OA 126 -125.74 102.02 -5.54
CA ALA OA 126 -125.29 101.49 -6.81
C ALA OA 126 -126.39 100.64 -7.42
N SER OA 127 -126.33 100.49 -8.74
CA SER OA 127 -127.27 99.62 -9.44
C SER OA 127 -127.09 98.18 -8.98
N GLU OA 128 -128.21 97.47 -8.79
CA GLU OA 128 -128.18 96.14 -8.18
C GLU OA 128 -127.22 95.19 -8.92
N VAL OA 129 -127.32 95.15 -10.24
CA VAL OA 129 -126.53 94.19 -11.01
C VAL OA 129 -125.06 94.57 -11.00
N SER OA 130 -124.74 95.86 -10.90
CA SER OA 130 -123.34 96.27 -10.82
C SER OA 130 -122.72 95.83 -9.51
N ILE OA 131 -123.48 95.94 -8.41
CA ILE OA 131 -123.03 95.44 -7.11
C ILE OA 131 -122.82 93.94 -7.17
N ARG OA 132 -123.80 93.21 -7.71
CA ARG OA 132 -123.68 91.76 -7.80
C ARG OA 132 -122.44 91.38 -8.61
N GLU OA 133 -122.24 92.03 -9.75
CA GLU OA 133 -121.08 91.77 -10.59
C GLU OA 133 -119.79 92.02 -9.82
N ALA OA 134 -119.71 93.12 -9.06
CA ALA OA 134 -118.50 93.40 -8.29
C ALA OA 134 -118.28 92.34 -7.21
N ILE OA 135 -119.34 91.91 -6.53
CA ILE OA 135 -119.20 90.87 -5.52
C ILE OA 135 -118.57 89.62 -6.13
N GLU OA 136 -119.09 89.19 -7.29
CA GLU OA 136 -118.58 87.97 -7.91
C GLU OA 136 -117.18 88.17 -8.49
N ARG OA 137 -116.89 89.36 -8.99
CA ARG OA 137 -115.57 89.61 -9.56
C ARG OA 137 -114.51 89.60 -8.46
N TYR OA 138 -114.86 90.15 -7.30
CA TYR OA 138 -113.87 90.28 -6.23
C TYR OA 138 -113.81 89.02 -5.38
N LYS OA 142 -109.37 96.61 -6.36
CA LYS OA 142 -108.17 97.40 -6.15
C LYS OA 142 -106.94 96.52 -6.13
N GLY OA 143 -107.15 95.21 -6.03
CA GLY OA 143 -106.15 94.19 -6.19
C GLY OA 143 -105.89 93.81 -7.63
N PRO OA 144 -106.93 93.33 -8.35
CA PRO OA 144 -106.76 93.04 -9.80
C PRO OA 144 -106.12 94.21 -10.53
N SER OA 145 -106.45 95.42 -10.05
CA SER OA 145 -105.81 96.64 -10.54
C SER OA 145 -104.36 96.75 -10.09
N LEU OA 146 -104.04 96.44 -8.82
CA LEU OA 146 -102.67 96.53 -8.33
C LEU OA 146 -101.69 95.75 -9.18
N GLU OA 147 -102.16 94.74 -9.89
CA GLU OA 147 -101.32 93.95 -10.79
C GLU OA 147 -101.41 94.44 -12.23
N ASP OA 148 -102.63 94.68 -12.73
CA ASP OA 148 -102.72 95.20 -14.11
C ASP OA 148 -101.98 96.52 -14.27
N ILE OA 149 -101.68 97.22 -13.17
CA ILE OA 149 -100.92 98.47 -13.25
C ILE OA 149 -99.53 98.22 -13.84
N VAL OA 150 -98.84 97.17 -13.36
CA VAL OA 150 -97.46 96.86 -13.77
C VAL OA 150 -97.48 96.33 -15.20
N GLY OA 151 -98.33 96.91 -16.05
CA GLY OA 151 -98.39 96.51 -17.44
C GLY OA 151 -98.22 97.69 -18.37
N ASP OA 152 -96.97 98.12 -18.57
CA ASP OA 152 -96.63 99.31 -19.34
C ASP OA 152 -97.41 99.40 -20.64
N VAL OA 153 -97.70 98.25 -21.25
CA VAL OA 153 -98.39 98.20 -22.55
C VAL OA 153 -99.84 98.63 -22.42
N GLY OA 154 -100.25 99.07 -21.23
CA GLY OA 154 -101.61 99.54 -21.04
C GLY OA 154 -101.71 101.04 -21.01
N ASP OA 155 -100.92 101.69 -20.14
CA ASP OA 155 -100.98 103.14 -20.02
C ASP OA 155 -100.58 103.83 -21.31
N ASP OA 156 -99.70 103.20 -22.09
CA ASP OA 156 -99.18 103.78 -23.32
C ASP OA 156 -100.32 104.35 -24.18
N ILE OA 157 -100.33 105.67 -24.34
CA ILE OA 157 -101.32 106.30 -25.19
C ILE OA 157 -101.01 106.13 -26.67
N GLU OA 158 -99.76 105.83 -27.02
CA GLU OA 158 -99.41 105.59 -28.42
C GLU OA 158 -100.23 104.46 -29.02
N VAL OA 159 -100.72 103.54 -28.19
CA VAL OA 159 -101.51 102.42 -28.67
C VAL OA 159 -102.97 102.84 -28.77
N THR OA 160 -103.61 102.45 -29.88
CA THR OA 160 -105.03 102.71 -30.06
C THR OA 160 -105.83 102.09 -28.91
N LYS OA 161 -106.87 102.81 -28.47
CA LYS OA 161 -107.67 102.33 -27.35
C LYS OA 161 -108.33 100.99 -27.65
N GLU OA 162 -108.71 100.77 -28.92
CA GLU OA 162 -109.37 99.54 -29.32
C GLU OA 162 -108.56 98.30 -28.94
N GLU OA 163 -107.23 98.33 -29.11
CA GLU OA 163 -106.38 97.17 -28.80
C GLU OA 163 -106.01 97.11 -27.32
N THR OA 164 -105.52 98.24 -26.79
CA THR OA 164 -105.18 98.35 -25.37
C THR OA 164 -106.21 97.67 -24.49
N GLU OA 165 -107.48 98.04 -24.70
CA GLU OA 165 -108.57 97.43 -23.96
C GLU OA 165 -108.47 95.91 -23.99
N ASN OA 166 -108.27 95.33 -25.18
CA ASN OA 166 -108.16 93.89 -25.31
C ASN OA 166 -107.13 93.33 -24.35
N ILE OA 167 -105.94 93.93 -24.32
CA ILE OA 167 -104.94 93.43 -23.37
C ILE OA 167 -105.53 93.40 -21.96
N ASP OA 168 -106.21 94.48 -21.55
CA ASP OA 168 -106.70 94.47 -20.17
C ASP OA 168 -107.67 93.32 -19.92
N GLU OA 169 -108.53 93.01 -20.89
CA GLU OA 169 -109.44 91.86 -20.74
C GLU OA 169 -108.66 90.56 -20.61
N MET OA 170 -107.83 90.24 -21.59
CA MET OA 170 -107.10 88.98 -21.61
C MET OA 170 -106.24 88.82 -20.36
N ALA OA 171 -105.55 89.89 -19.99
CA ALA OA 171 -104.76 89.91 -18.75
C ALA OA 171 -105.63 89.62 -17.54
N LYS OA 172 -106.86 90.14 -17.54
CA LYS OA 172 -107.78 89.85 -16.45
C LYS OA 172 -108.22 88.39 -16.43
N ALA OA 173 -108.18 87.68 -17.56
CA ALA OA 173 -108.45 86.24 -17.53
C ALA OA 173 -107.56 85.49 -16.54
N ALA OA 174 -106.44 86.09 -16.11
CA ALA OA 174 -105.53 85.42 -15.19
C ALA OA 174 -106.25 84.86 -13.97
N ASP OA 175 -107.15 85.66 -13.38
CA ASP OA 175 -107.75 85.29 -12.09
C ASP OA 175 -108.72 84.13 -12.26
N ASP OA 176 -109.72 84.29 -13.13
CA ASP OA 176 -110.87 83.36 -13.14
C ASP OA 176 -111.08 82.69 -14.49
N ALA OA 177 -110.26 82.92 -15.46
CA ALA OA 177 -110.30 82.46 -16.83
C ALA OA 177 -111.62 82.68 -17.51
N PRO OA 178 -112.11 83.97 -17.57
CA PRO OA 178 -112.93 84.38 -18.73
C PRO OA 178 -112.39 85.63 -19.28
N VAL OA 179 -113.01 86.12 -20.33
CA VAL OA 179 -112.92 87.55 -20.73
C VAL OA 179 -114.07 88.24 -20.01
N VAL OA 180 -113.77 89.25 -19.18
CA VAL OA 180 -114.78 90.22 -18.80
C VAL OA 180 -114.74 91.30 -19.86
N LYS OA 181 -115.87 91.53 -20.51
CA LYS OA 181 -116.05 92.71 -21.33
C LYS OA 181 -116.49 93.87 -20.45
N LEU OA 182 -115.90 95.03 -20.70
CA LEU OA 182 -116.33 96.30 -20.10
C LEU OA 182 -116.18 96.31 -18.58
N VAL OA 183 -114.97 96.06 -18.07
CA VAL OA 183 -114.86 96.38 -16.66
C VAL OA 183 -114.99 97.88 -16.55
N ASN OA 184 -116.07 98.34 -15.94
CA ASN OA 184 -116.27 99.76 -15.77
C ASN OA 184 -115.08 100.41 -15.09
N LEU OA 185 -114.73 99.97 -13.87
CA LEU OA 185 -113.65 100.66 -13.15
C LEU OA 185 -112.29 100.44 -13.81
N ILE OA 186 -111.94 99.19 -14.13
CA ILE OA 186 -110.66 98.88 -14.77
C ILE OA 186 -110.44 99.76 -15.98
N LEU OA 187 -111.52 100.04 -16.73
CA LEU OA 187 -111.43 101.02 -17.81
C LEU OA 187 -111.40 102.44 -17.25
N MET OA 188 -112.22 102.72 -16.23
CA MET OA 188 -112.36 104.07 -15.71
C MET OA 188 -111.05 104.61 -15.18
N ASP OA 189 -110.09 103.74 -14.93
CA ASP OA 189 -108.82 104.12 -14.37
C ASP OA 189 -107.65 103.91 -15.32
N ALA OA 190 -107.86 103.26 -16.46
CA ALA OA 190 -106.85 103.11 -17.50
C ALA OA 190 -107.15 103.94 -18.75
N ILE OA 191 -108.42 104.04 -19.13
CA ILE OA 191 -108.82 104.79 -20.31
C ILE OA 191 -109.75 105.95 -20.00
N SER OA 196 -120.54 121.52 -17.80
CA SER OA 196 -119.60 122.30 -18.61
C SER OA 196 -118.47 122.91 -17.79
N ASP OA 197 -118.49 122.74 -16.46
CA ASP OA 197 -117.46 123.28 -15.57
C ASP OA 197 -117.31 122.35 -14.39
N ILE OA 198 -116.08 121.97 -14.09
CA ILE OA 198 -115.76 121.08 -12.97
C ILE OA 198 -114.84 121.84 -12.03
N HIS OA 199 -115.35 122.19 -10.84
CA HIS OA 199 -114.54 122.89 -9.87
C HIS OA 199 -114.16 121.97 -8.72
N VAL OA 200 -112.89 121.82 -8.55
CA VAL OA 200 -112.32 120.92 -7.59
C VAL OA 200 -111.43 121.77 -6.69
N GLU OA 201 -111.97 122.27 -5.60
CA GLU OA 201 -111.22 123.32 -4.92
C GLU OA 201 -110.22 122.83 -3.89
N PRO OA 202 -110.60 122.07 -2.84
CA PRO OA 202 -109.52 121.48 -2.05
C PRO OA 202 -109.74 120.07 -1.57
N TYR OA 203 -108.86 119.73 -0.64
CA TYR OA 203 -108.88 118.45 0.06
C TYR OA 203 -110.20 118.29 0.81
N GLU OA 204 -110.86 117.15 0.58
CA GLU OA 204 -112.09 116.77 1.29
C GLU OA 204 -113.16 117.83 1.10
N LYS OA 205 -113.20 118.40 -0.08
CA LYS OA 205 -114.24 119.34 -0.46
C LYS OA 205 -115.03 118.78 -1.62
N ASP OA 206 -116.34 118.78 -1.48
CA ASP OA 206 -117.17 118.21 -2.53
C ASP OA 206 -117.06 119.03 -3.80
N PHE OA 207 -116.88 118.34 -4.92
CA PHE OA 207 -116.73 119.03 -6.19
C PHE OA 207 -117.98 119.79 -6.53
N ARG OA 208 -117.80 120.91 -7.19
CA ARG OA 208 -118.92 121.67 -7.67
C ARG OA 208 -118.89 121.69 -9.18
N VAL OA 209 -120.04 121.94 -9.79
CA VAL OA 209 -120.08 121.99 -11.24
C VAL OA 209 -121.04 123.07 -11.71
N ARG OA 210 -120.95 123.35 -12.99
CA ARG OA 210 -121.89 124.20 -13.69
C ARG OA 210 -122.68 123.35 -14.68
N PHE OA 211 -123.94 123.08 -14.36
CA PHE OA 211 -124.78 122.28 -15.21
C PHE OA 211 -125.44 123.15 -16.28
N ARG OA 212 -125.59 122.58 -17.47
CA ARG OA 212 -126.17 123.25 -18.62
C ARG OA 212 -127.50 123.94 -18.33
N ILE OA 213 -128.21 123.49 -17.29
CA ILE OA 213 -129.52 124.03 -16.93
C ILE OA 213 -129.57 124.43 -15.46
N ASP OA 214 -128.85 123.69 -14.62
CA ASP OA 214 -128.93 123.89 -13.16
C ASP OA 214 -127.85 124.83 -12.64
N GLY OA 215 -126.76 125.01 -13.38
CA GLY OA 215 -125.77 125.98 -12.96
C GLY OA 215 -124.91 125.45 -11.84
N VAL OA 216 -124.64 126.29 -10.85
CA VAL OA 216 -123.74 125.89 -9.78
C VAL OA 216 -124.45 124.92 -8.86
N MET OA 217 -123.94 123.70 -8.79
CA MET OA 217 -124.48 122.73 -7.84
C MET OA 217 -123.34 121.94 -7.21
N TYR OA 218 -123.60 121.48 -5.99
CA TYR OA 218 -122.69 120.62 -5.26
C TYR OA 218 -122.78 119.21 -5.79
N GLU OA 219 -121.73 118.43 -5.52
CA GLU OA 219 -121.65 117.08 -6.06
C GLU OA 219 -121.25 116.09 -4.98
N VAL OA 220 -121.52 114.82 -5.28
CA VAL OA 220 -121.29 113.73 -4.35
C VAL OA 220 -119.86 113.20 -4.49
N MET OA 221 -118.99 113.97 -5.13
CA MET OA 221 -117.61 113.55 -5.38
C MET OA 221 -116.65 114.42 -4.57
N ARG OA 222 -115.92 113.80 -3.67
CA ARG OA 222 -114.90 114.35 -2.80
C ARG OA 222 -113.64 113.51 -2.86
N PRO OA 223 -112.49 114.15 -2.81
CA PRO OA 223 -111.25 113.44 -2.67
C PRO OA 223 -110.42 113.99 -1.53
N PRO OA 224 -109.97 113.10 -0.66
CA PRO OA 224 -108.99 113.47 0.35
C PRO OA 224 -107.63 113.69 -0.29
N MET OA 225 -106.66 114.09 0.54
CA MET OA 225 -105.41 114.57 0.00
C MET OA 225 -104.78 113.57 -0.97
N LYS OA 226 -104.73 112.29 -0.60
CA LYS OA 226 -104.07 111.34 -1.48
C LYS OA 226 -104.78 111.27 -2.83
N LEU OA 227 -106.10 111.07 -2.81
CA LEU OA 227 -106.82 111.01 -4.08
C LEU OA 227 -106.70 112.31 -4.85
N ARG OA 228 -106.87 113.44 -4.17
CA ARG OA 228 -106.63 114.70 -4.88
C ARG OA 228 -105.29 114.64 -5.61
N ASN OA 229 -104.20 114.43 -4.86
CA ASN OA 229 -102.88 114.43 -5.49
C ASN OA 229 -102.85 113.52 -6.72
N ALA OA 230 -103.46 112.34 -6.62
CA ALA OA 230 -103.44 111.40 -7.74
C ALA OA 230 -104.21 111.93 -8.95
N ILE OA 231 -105.46 112.39 -8.76
CA ILE OA 231 -106.20 113.07 -9.85
C ILE OA 231 -105.28 114.07 -10.50
N THR OA 232 -104.65 114.86 -9.64
CA THR OA 232 -103.97 116.06 -10.06
C THR OA 232 -102.82 115.76 -11.02
N SER OA 233 -102.05 114.76 -10.66
CA SER OA 233 -101.03 114.26 -11.57
C SER OA 233 -101.64 113.63 -12.82
N ARG OA 234 -102.73 112.87 -12.65
CA ARG OA 234 -103.41 112.25 -13.80
C ARG OA 234 -103.76 113.29 -14.86
N LEU OA 235 -104.54 114.30 -14.46
CA LEU OA 235 -104.98 115.36 -15.37
C LEU OA 235 -103.80 116.12 -15.92
N LYS OA 236 -102.85 116.47 -15.06
CA LYS OA 236 -101.65 117.14 -15.50
C LYS OA 236 -100.96 116.38 -16.64
N ILE OA 237 -100.79 115.07 -16.46
CA ILE OA 237 -100.03 114.26 -17.40
C ILE OA 237 -100.78 114.12 -18.71
N MET OA 238 -102.07 113.77 -18.64
CA MET OA 238 -102.86 113.66 -19.86
C MET OA 238 -102.87 114.96 -20.67
N ALA OA 239 -102.73 116.11 -20.02
CA ALA OA 239 -102.63 117.39 -20.69
C ALA OA 239 -101.25 117.69 -21.24
N SER OA 240 -100.25 116.88 -20.87
CA SER OA 240 -98.87 116.86 -21.38
C SER OA 240 -97.88 117.66 -20.54
N LEU OA 241 -98.07 117.77 -19.23
CA LEU OA 241 -97.18 118.64 -18.50
C LEU OA 241 -96.85 117.98 -17.16
N ASP OA 242 -95.92 118.58 -16.39
CA ASP OA 242 -95.38 117.91 -15.20
C ASP OA 242 -95.48 118.80 -13.96
N ILE OA 243 -96.60 118.72 -13.26
CA ILE OA 243 -96.80 119.59 -12.12
C ILE OA 243 -96.07 119.02 -10.92
N SER OA 244 -95.47 119.90 -10.14
CA SER OA 244 -94.65 119.50 -9.00
C SER OA 244 -94.52 120.69 -8.08
N GLU OA 245 -93.94 120.45 -6.91
CA GLU OA 245 -93.66 121.56 -6.00
C GLU OA 245 -92.78 122.62 -6.64
N ARG OA 246 -91.96 122.23 -7.62
CA ARG OA 246 -91.15 123.21 -8.34
C ARG OA 246 -92.00 124.00 -9.31
N ARG OA 247 -93.02 123.38 -9.89
CA ARG OA 247 -93.92 124.03 -10.83
C ARG OA 247 -95.35 123.67 -10.44
N LEU OA 248 -95.84 124.33 -9.42
CA LEU OA 248 -97.10 124.01 -8.76
C LEU OA 248 -98.35 124.44 -9.51
N PRO OA 249 -98.29 125.43 -10.39
CA PRO OA 249 -99.47 125.72 -11.19
C PRO OA 249 -99.34 125.42 -12.66
N GLN OA 250 -100.46 125.07 -13.28
CA GLN OA 250 -100.43 124.47 -14.60
C GLN OA 250 -101.72 124.81 -15.33
N ASP OA 251 -101.58 125.46 -16.48
CA ASP OA 251 -102.69 125.96 -17.27
C ASP OA 251 -102.55 125.32 -18.65
N GLY OA 252 -103.01 124.07 -18.75
CA GLY OA 252 -102.92 123.32 -19.96
C GLY OA 252 -104.28 123.01 -20.56
N ARG OA 253 -104.27 122.08 -21.52
CA ARG OA 253 -105.46 121.66 -22.25
C ARG OA 253 -105.43 120.16 -22.45
N ILE OA 254 -106.56 119.51 -22.16
CA ILE OA 254 -106.72 118.10 -22.48
C ILE OA 254 -107.33 117.99 -23.87
N LYS OA 255 -106.72 117.13 -24.68
CA LYS OA 255 -107.24 116.69 -25.97
C LYS OA 255 -107.93 115.34 -25.79
N ILE OA 256 -109.25 115.33 -25.58
CA ILE OA 256 -110.02 114.10 -25.72
C ILE OA 256 -109.82 113.57 -27.13
N LYS OA 257 -109.51 112.27 -27.24
CA LYS OA 257 -109.47 111.56 -28.51
C LYS OA 257 -110.60 111.92 -29.46
N MET OA 258 -111.83 112.13 -28.97
CA MET OA 258 -112.88 112.70 -29.82
C MET OA 258 -112.53 114.09 -30.30
N GLY OA 259 -111.26 114.33 -30.59
CA GLY OA 259 -110.75 115.62 -30.89
C GLY OA 259 -111.12 116.71 -29.93
N GLY OA 260 -111.89 116.47 -28.86
CA GLY OA 260 -112.50 117.56 -28.09
C GLY OA 260 -111.55 118.15 -27.07
N GLY OA 261 -111.74 119.42 -26.75
CA GLY OA 261 -110.79 120.01 -25.83
C GLY OA 261 -111.30 120.46 -24.48
N LYS OA 262 -110.39 120.72 -23.55
CA LYS OA 262 -110.85 121.33 -22.31
C LYS OA 262 -109.71 122.05 -21.62
N GLU OA 263 -110.03 123.22 -21.06
CA GLU OA 263 -109.04 124.03 -20.38
C GLU OA 263 -108.93 123.54 -18.94
N MET OA 264 -107.69 123.27 -18.52
CA MET OA 264 -107.43 122.74 -17.20
C MET OA 264 -106.45 123.64 -16.46
N ASP OA 265 -106.93 124.20 -15.35
CA ASP OA 265 -106.07 124.84 -14.38
C ASP OA 265 -105.82 123.87 -13.25
N PHE OA 266 -104.59 123.90 -12.76
CA PHE OA 266 -104.28 122.87 -11.80
C PHE OA 266 -103.15 123.30 -10.86
N ARG OA 267 -103.26 122.90 -9.59
CA ARG OA 267 -102.26 123.20 -8.57
C ARG OA 267 -101.93 121.99 -7.70
N VAL OA 268 -100.63 121.73 -7.54
CA VAL OA 268 -100.16 120.65 -6.67
C VAL OA 268 -99.76 121.25 -5.32
N SER OA 269 -99.77 120.38 -4.31
CA SER OA 269 -99.39 120.67 -2.93
C SER OA 269 -100.28 121.82 -2.43
N VAL OA 270 -99.70 122.72 -1.64
CA VAL OA 270 -100.47 123.74 -0.94
C VAL OA 270 -99.69 125.03 -0.96
N CYS OA 271 -98.55 125.00 -1.66
CA CYS OA 271 -97.71 126.18 -1.71
C CYS OA 271 -98.49 127.33 -2.32
N PRO OA 272 -99.10 127.21 -3.50
CA PRO OA 272 -100.00 128.31 -3.88
C PRO OA 272 -101.38 128.16 -3.29
N THR OA 273 -101.89 126.94 -3.17
CA THR OA 273 -103.23 126.68 -2.67
C THR OA 273 -103.20 126.09 -1.26
N LEU OA 274 -103.29 126.95 -0.26
CA LEU OA 274 -103.31 126.45 1.12
C LEU OA 274 -104.35 125.38 1.32
N PHE OA 275 -105.50 125.54 0.70
CA PHE OA 275 -106.51 124.51 0.81
C PHE OA 275 -106.13 123.23 0.09
N GLY OA 276 -104.86 123.01 -0.20
CA GLY OA 276 -104.56 121.74 -0.81
C GLY OA 276 -104.48 121.85 -2.30
N GLU OA 277 -104.10 120.74 -2.92
CA GLU OA 277 -104.11 120.67 -4.37
C GLU OA 277 -105.53 120.88 -4.89
N LYS OA 278 -105.62 121.25 -6.17
CA LYS OA 278 -106.92 121.64 -6.70
C LYS OA 278 -106.86 121.70 -8.21
N VAL OA 279 -108.02 121.58 -8.86
CA VAL OA 279 -108.07 121.63 -10.32
C VAL OA 279 -109.42 122.19 -10.76
N VAL OA 280 -109.44 122.81 -11.94
CA VAL OA 280 -110.65 123.31 -12.56
C VAL OA 280 -110.62 122.95 -14.04
N MET OA 281 -111.80 122.65 -14.59
CA MET OA 281 -111.91 122.20 -15.96
C MET OA 281 -113.11 122.85 -16.62
N ARG OA 282 -112.83 123.69 -17.57
CA ARG OA 282 -113.91 124.29 -18.31
C ARG OA 282 -114.10 123.57 -19.63
N LEU OA 283 -115.11 122.70 -19.69
CA LEU OA 283 -115.24 121.73 -20.77
C LEU OA 283 -115.69 122.40 -22.07
N LEU OA 284 -115.16 121.93 -23.18
CA LEU OA 284 -115.31 122.63 -24.45
C LEU OA 284 -116.58 122.19 -25.19
N ASP OA 285 -117.07 121.00 -24.85
CA ASP OA 285 -116.89 119.83 -25.69
C ASP OA 285 -117.07 120.17 -27.16
N LYS OA 286 -116.19 119.65 -28.00
CA LYS OA 286 -116.11 120.07 -29.40
C LYS OA 286 -116.47 118.93 -30.34
N SER OA 287 -115.73 118.82 -31.44
CA SER OA 287 -116.30 118.97 -32.77
C SER OA 287 -116.94 120.35 -32.94
N ASN OA 288 -116.38 121.14 -33.84
CA ASN OA 288 -116.26 122.59 -33.62
C ASN OA 288 -117.56 123.32 -33.91
N LEU OA 289 -117.93 124.23 -33.01
CA LEU OA 289 -119.13 125.04 -33.18
C LEU OA 289 -119.14 125.73 -34.54
N GLN OA 290 -120.32 125.86 -35.13
CA GLN OA 290 -120.45 126.44 -36.47
C GLN OA 290 -121.17 127.78 -36.42
N LEU OA 291 -121.37 128.39 -37.58
CA LEU OA 291 -122.26 129.53 -37.71
C LEU OA 291 -123.69 129.20 -37.37
N ASP OA 292 -124.03 127.91 -37.31
CA ASP OA 292 -125.30 127.49 -36.70
C ASP OA 292 -125.49 128.12 -35.34
N MET OA 293 -124.41 128.65 -34.74
CA MET OA 293 -124.48 129.43 -33.50
C MET OA 293 -125.00 130.85 -33.64
N THR OA 294 -125.71 131.23 -34.70
CA THR OA 294 -126.69 132.25 -34.37
C THR OA 294 -127.88 131.63 -33.64
N LYS OA 295 -127.85 130.31 -33.47
CA LYS OA 295 -128.78 129.69 -32.55
C LYS OA 295 -128.49 130.16 -31.16
N LEU OA 296 -127.23 130.15 -30.82
CA LEU OA 296 -126.91 130.46 -29.47
C LEU OA 296 -126.89 131.96 -29.24
N GLY OA 297 -127.38 132.74 -30.20
CA GLY OA 297 -127.51 134.18 -30.05
C GLY OA 297 -126.19 134.88 -29.95
N PHE OA 298 -125.13 134.20 -30.29
CA PHE OA 298 -123.87 134.84 -30.08
C PHE OA 298 -123.62 135.85 -31.16
N ASP OA 299 -123.47 135.44 -32.40
CA ASP OA 299 -123.32 136.50 -33.36
C ASP OA 299 -124.54 136.53 -34.28
N ALA OA 300 -125.04 137.72 -34.55
CA ALA OA 300 -126.15 137.86 -35.47
C ALA OA 300 -125.73 137.41 -36.86
N GLN OA 301 -126.68 136.77 -37.54
CA GLN OA 301 -126.50 136.44 -38.96
C GLN OA 301 -125.95 137.61 -39.78
N PRO OA 302 -126.48 138.83 -39.67
CA PRO OA 302 -125.91 139.94 -40.46
C PRO OA 302 -124.41 140.08 -40.28
N LEU OA 303 -123.94 140.12 -39.03
CA LEU OA 303 -122.51 140.28 -38.80
C LEU OA 303 -121.72 139.11 -39.36
N ALA OA 304 -122.26 137.90 -39.25
CA ALA OA 304 -121.57 136.73 -39.78
C ALA OA 304 -121.44 136.81 -41.29
N TRP OA 305 -122.44 137.34 -41.98
CA TRP OA 305 -122.30 137.60 -43.41
C TRP OA 305 -121.20 138.62 -43.66
N PHE OA 306 -121.18 139.70 -42.87
CA PHE OA 306 -120.13 140.69 -43.05
C PHE OA 306 -118.75 140.07 -42.87
N LYS OA 307 -118.60 139.17 -41.89
CA LYS OA 307 -117.33 138.49 -41.70
C LYS OA 307 -117.04 137.51 -42.82
N GLU OA 308 -118.06 136.79 -43.29
CA GLU OA 308 -117.91 135.91 -44.44
C GLU OA 308 -117.30 136.63 -45.62
N ALA OA 309 -118.01 137.66 -46.10
CA ALA OA 309 -117.37 138.63 -46.96
C ALA OA 309 -115.93 138.84 -46.49
N ILE OA 310 -115.72 139.68 -45.46
CA ILE OA 310 -114.39 140.07 -44.98
C ILE OA 310 -113.33 138.98 -45.16
N ASP OA 311 -113.66 137.73 -44.82
CA ASP OA 311 -112.66 136.67 -44.86
C ASP OA 311 -112.37 136.27 -46.30
N ARG OA 312 -113.37 136.40 -47.18
CA ARG OA 312 -113.10 136.12 -48.59
C ARG OA 312 -112.09 137.09 -49.21
N PRO OA 313 -112.17 138.43 -49.03
CA PRO OA 313 -111.13 139.32 -49.56
C PRO OA 313 -109.92 139.50 -48.67
N TYR OA 314 -109.77 138.67 -47.63
CA TYR OA 314 -108.51 138.52 -46.94
C TYR OA 314 -108.26 139.62 -45.91
N GLY OA 315 -109.34 140.18 -45.37
CA GLY OA 315 -109.22 141.06 -44.21
C GLY OA 315 -108.79 140.27 -42.98
N MET OA 316 -107.69 140.70 -42.37
CA MET OA 316 -107.11 140.00 -41.22
C MET OA 316 -107.87 140.33 -39.95
N VAL OA 317 -108.03 139.33 -39.07
CA VAL OA 317 -108.87 139.53 -37.88
C VAL OA 317 -108.27 138.82 -36.67
N LEU OA 318 -108.40 139.48 -35.52
CA LEU OA 318 -108.01 138.90 -34.23
C LEU OA 318 -109.24 138.83 -33.33
N VAL OA 319 -109.40 137.69 -32.65
CA VAL OA 319 -110.48 137.49 -31.71
C VAL OA 319 -109.90 137.66 -30.31
N THR OA 320 -110.35 138.71 -29.65
CA THR OA 320 -109.95 139.09 -28.32
C THR OA 320 -111.11 138.83 -27.37
N GLY OA 321 -110.76 138.53 -26.15
CA GLY OA 321 -111.76 138.21 -25.17
C GLY OA 321 -111.10 137.74 -23.91
N PRO OA 322 -111.78 137.94 -22.81
CA PRO OA 322 -111.23 137.50 -21.52
C PRO OA 322 -111.21 135.99 -21.46
N THR OA 323 -110.74 135.41 -20.38
CA THR OA 323 -110.59 133.98 -20.48
C THR OA 323 -111.94 133.28 -20.49
N GLY OA 324 -112.05 132.39 -21.47
CA GLY OA 324 -113.26 131.74 -21.86
C GLY OA 324 -114.41 132.68 -22.09
N SER OA 325 -114.30 133.51 -23.11
CA SER OA 325 -115.41 134.21 -23.70
C SER OA 325 -115.81 133.59 -25.01
N GLY OA 326 -114.97 132.72 -25.57
CA GLY OA 326 -115.26 132.07 -26.84
C GLY OA 326 -114.27 132.38 -27.95
N LYS OA 327 -113.10 132.99 -27.69
CA LYS OA 327 -112.17 133.37 -28.76
C LYS OA 327 -111.93 132.22 -29.75
N THR OA 328 -111.32 131.12 -29.28
CA THR OA 328 -110.97 130.03 -30.17
C THR OA 328 -112.19 129.46 -30.90
N THR OA 329 -113.28 129.24 -30.18
CA THR OA 329 -114.49 128.73 -30.83
C THR OA 329 -114.92 129.63 -31.97
N THR OA 330 -115.13 130.91 -31.68
CA THR OA 330 -115.53 131.88 -32.69
C THR OA 330 -114.59 131.86 -33.89
N LEU OA 331 -113.27 131.91 -33.63
CA LEU OA 331 -112.30 131.86 -34.72
C LEU OA 331 -112.55 130.65 -35.60
N TYR OA 332 -112.50 129.48 -34.99
CA TYR OA 332 -112.71 128.22 -35.68
C TYR OA 332 -114.03 128.21 -36.43
N SER OA 333 -115.04 128.85 -35.85
CA SER OA 333 -116.33 129.01 -36.52
C SER OA 333 -116.17 129.81 -37.81
N ALA OA 334 -115.51 130.96 -37.74
CA ALA OA 334 -115.39 131.80 -38.93
C ALA OA 334 -114.59 131.11 -40.03
N LEU OA 335 -113.50 130.41 -39.68
CA LEU OA 335 -112.76 129.73 -40.75
C LEU OA 335 -113.56 128.56 -41.29
N SER OA 336 -114.20 127.82 -40.38
CA SER OA 336 -114.92 126.61 -40.75
C SER OA 336 -116.10 126.94 -41.62
N SER OA 337 -116.78 128.02 -41.31
CA SER OA 337 -117.96 128.40 -42.05
C SER OA 337 -117.63 128.78 -43.47
N LEU OA 338 -116.45 129.31 -43.75
CA LEU OA 338 -116.15 129.71 -45.12
C LEU OA 338 -115.83 128.48 -45.97
N ASN OA 339 -116.15 128.58 -47.26
CA ASN OA 339 -115.54 127.66 -48.21
C ASN OA 339 -114.06 127.98 -48.33
N GLY OA 340 -113.21 127.15 -47.74
CA GLY OA 340 -111.79 127.33 -47.98
C GLY OA 340 -111.20 126.32 -48.94
N LEU OA 341 -112.02 125.73 -49.81
CA LEU OA 341 -111.54 124.65 -50.67
C LEU OA 341 -110.61 125.13 -51.78
N ASP OA 342 -110.67 126.41 -52.14
CA ASP OA 342 -109.90 126.94 -53.26
C ASP OA 342 -108.70 127.76 -52.81
N THR OA 343 -108.40 127.77 -51.53
CA THR OA 343 -107.31 128.60 -51.02
C THR OA 343 -106.43 127.74 -50.12
N ASN OA 344 -105.14 127.99 -50.15
CA ASN OA 344 -104.20 127.28 -49.30
C ASN OA 344 -104.19 127.96 -47.93
N ILE OA 345 -104.63 127.21 -46.91
CA ILE OA 345 -104.65 127.66 -45.53
C ILE OA 345 -103.72 126.78 -44.73
N CYS OA 346 -103.44 127.23 -43.55
CA CYS OA 346 -102.09 127.15 -43.10
C CYS OA 346 -102.04 127.65 -41.65
N THR OA 347 -101.91 126.71 -40.69
CA THR OA 347 -102.19 126.99 -39.27
C THR OA 347 -101.02 126.58 -38.38
N ALA OA 348 -100.73 127.41 -37.37
CA ALA OA 348 -99.67 127.17 -36.40
C ALA OA 348 -100.26 127.26 -35.00
N GLU OA 349 -100.28 126.15 -34.27
CA GLU OA 349 -100.86 126.11 -32.94
C GLU OA 349 -99.88 125.48 -31.94
N ASP OA 350 -100.01 125.87 -30.67
CA ASP OA 350 -99.19 125.25 -29.64
C ASP OA 350 -99.71 123.85 -29.37
N PRO OA 351 -101.07 123.64 -29.16
CA PRO OA 351 -101.64 122.32 -29.50
C PRO OA 351 -102.88 122.35 -30.40
N VAL OA 352 -103.20 121.22 -31.07
CA VAL OA 352 -104.41 121.14 -31.89
C VAL OA 352 -105.60 121.69 -31.14
N GLU OA 353 -106.34 122.54 -31.80
CA GLU OA 353 -107.67 122.84 -31.34
C GLU OA 353 -108.55 123.04 -32.56
N PHE OA 354 -107.92 123.38 -33.68
CA PHE OA 354 -108.65 123.81 -34.86
C PHE OA 354 -109.04 122.64 -35.74
N ASN OA 355 -110.34 122.51 -35.98
CA ASN OA 355 -110.86 121.54 -36.92
C ASN OA 355 -111.36 122.29 -38.15
N PHE OA 356 -110.93 121.87 -39.34
CA PHE OA 356 -111.42 122.46 -40.57
C PHE OA 356 -111.74 121.41 -41.60
N ALA OA 357 -112.93 121.52 -42.19
CA ALA OA 357 -113.37 120.62 -43.26
C ALA OA 357 -112.89 121.13 -44.61
N GLY OA 358 -111.59 121.18 -44.75
CA GLY OA 358 -110.98 121.69 -45.96
C GLY OA 358 -109.67 121.04 -46.30
N ILE OA 359 -109.40 121.00 -47.59
CA ILE OA 359 -108.52 120.06 -48.24
C ILE OA 359 -107.17 120.78 -48.31
N ASN OA 360 -107.04 121.90 -49.04
CA ASN OA 360 -105.80 122.71 -49.05
C ASN OA 360 -105.44 123.26 -47.68
N GLN OA 361 -105.01 122.41 -46.78
CA GLN OA 361 -104.68 122.94 -45.47
C GLN OA 361 -103.51 122.21 -44.87
N VAL OA 362 -102.61 123.00 -44.30
CA VAL OA 362 -101.42 122.54 -43.61
C VAL OA 362 -101.59 122.85 -42.14
N GLN OA 363 -101.59 121.83 -41.31
CA GLN OA 363 -101.70 122.02 -39.88
C GLN OA 363 -100.34 121.82 -39.22
N MET OA 364 -99.93 122.80 -38.42
CA MET OA 364 -98.59 122.87 -37.85
C MET OA 364 -98.65 123.01 -36.35
N HIS OA 365 -97.88 122.18 -35.66
CA HIS OA 365 -97.89 122.17 -34.20
C HIS OA 365 -96.49 122.30 -33.64
N ASP OA 366 -96.37 123.24 -32.72
CA ASP OA 366 -95.20 123.40 -31.91
C ASP OA 366 -94.74 122.06 -31.36
N ASP OA 367 -93.46 121.80 -31.49
CA ASP OA 367 -92.79 120.63 -30.94
C ASP OA 367 -91.70 121.07 -29.98
N ILE OA 368 -91.06 120.08 -29.34
CA ILE OA 368 -90.03 120.36 -28.35
C ILE OA 368 -89.05 121.37 -28.92
N GLY OA 369 -88.83 122.47 -28.21
CA GLY OA 369 -87.72 123.33 -28.54
C GLY OA 369 -87.94 124.24 -29.72
N LEU OA 370 -89.15 124.29 -30.24
CA LEU OA 370 -89.51 125.21 -31.30
C LEU OA 370 -90.34 126.33 -30.71
N ASN OA 371 -90.02 127.54 -31.11
CA ASN OA 371 -90.87 128.68 -30.80
C ASN OA 371 -91.97 128.75 -31.86
N PHE OA 372 -93.08 129.38 -31.47
CA PHE OA 372 -94.15 129.65 -32.43
C PHE OA 372 -93.60 130.33 -33.68
N ALA OA 373 -92.60 131.19 -33.49
CA ALA OA 373 -92.03 131.95 -34.59
C ALA OA 373 -91.33 131.04 -35.59
N ALA OA 374 -90.70 129.97 -35.13
CA ALA OA 374 -90.05 129.04 -36.06
C ALA OA 374 -91.06 128.54 -37.07
N ALA OA 375 -92.22 128.09 -36.60
CA ALA OA 375 -93.23 127.53 -37.50
C ALA OA 375 -93.88 128.61 -38.36
N LEU OA 376 -94.23 129.77 -37.78
CA LEU OA 376 -94.83 130.82 -38.63
C LEU OA 376 -93.83 131.32 -39.66
N ARG OA 377 -92.67 131.77 -39.19
CA ARG OA 377 -91.54 132.22 -40.00
C ARG OA 377 -91.32 131.33 -41.21
N SER OA 378 -91.47 130.02 -40.99
CA SER OA 378 -91.23 128.97 -41.98
C SER OA 378 -92.59 128.40 -42.31
N PHE OA 379 -93.30 129.09 -43.20
CA PHE OA 379 -94.71 128.78 -43.40
C PHE OA 379 -95.41 129.89 -44.15
N LEU OA 380 -95.37 131.09 -43.58
CA LEU OA 380 -95.37 132.28 -44.39
C LEU OA 380 -94.43 132.11 -45.57
N ARG OA 381 -93.39 131.29 -45.39
CA ARG OA 381 -92.41 131.09 -46.45
C ARG OA 381 -93.04 130.46 -47.68
N GLN OA 382 -93.87 129.44 -47.48
CA GLN OA 382 -94.58 128.90 -48.63
C GLN OA 382 -95.65 129.88 -49.05
N ASP OA 383 -96.67 129.38 -49.70
CA ASP OA 383 -97.66 130.36 -50.15
C ASP OA 383 -98.98 130.08 -49.47
N PRO OA 384 -99.18 130.55 -48.24
CA PRO OA 384 -100.52 130.48 -47.67
C PRO OA 384 -101.35 131.66 -48.12
N ASP OA 385 -102.55 131.36 -48.62
CA ASP OA 385 -103.54 132.41 -48.78
C ASP OA 385 -104.07 132.87 -47.43
N ILE OA 386 -104.24 131.92 -46.50
CA ILE OA 386 -104.72 132.19 -45.15
C ILE OA 386 -103.79 131.53 -44.13
N ILE OA 387 -103.47 132.31 -43.10
CA ILE OA 387 -102.62 131.91 -41.98
C ILE OA 387 -103.45 132.00 -40.72
N MET OA 388 -103.50 130.92 -39.95
CA MET OA 388 -104.19 130.93 -38.67
C MET OA 388 -103.19 130.62 -37.57
N ILE OA 389 -103.04 131.54 -36.63
CA ILE OA 389 -102.20 131.34 -35.45
C ILE OA 389 -103.14 131.13 -34.27
N GLY OA 390 -103.09 129.92 -33.69
CA GLY OA 390 -103.95 129.56 -32.58
C GLY OA 390 -104.20 130.69 -31.61
N GLU OA 391 -103.12 131.24 -31.07
CA GLU OA 391 -103.18 132.40 -30.17
C GLU OA 391 -101.79 132.99 -30.05
N ILE OA 392 -101.67 134.31 -30.18
CA ILE OA 392 -100.36 134.96 -30.08
C ILE OA 392 -99.98 135.07 -28.61
N ARG OA 393 -98.87 134.40 -28.24
CA ARG OA 393 -98.36 134.45 -26.87
C ARG OA 393 -96.86 134.70 -26.75
N ASP OA 394 -96.05 134.38 -27.75
CA ASP OA 394 -94.73 134.97 -27.82
C ASP OA 394 -94.87 136.07 -28.85
N PHE OA 395 -94.64 137.33 -28.46
CA PHE OA 395 -94.90 138.25 -29.55
C PHE OA 395 -93.77 138.27 -30.65
N GLU OA 396 -92.59 137.56 -30.48
CA GLU OA 396 -91.74 137.34 -31.66
C GLU OA 396 -92.51 136.66 -32.79
N THR OA 397 -93.43 135.74 -32.47
CA THR OA 397 -94.33 135.29 -33.54
C THR OA 397 -95.34 136.38 -33.93
N ALA OA 398 -95.96 137.06 -32.94
CA ALA OA 398 -96.87 138.16 -33.29
C ALA OA 398 -96.30 139.00 -34.42
N GLU OA 399 -95.03 139.37 -34.27
CA GLU OA 399 -94.33 140.20 -35.24
C GLU OA 399 -94.36 139.56 -36.62
N ILE OA 400 -93.97 138.29 -36.71
CA ILE OA 400 -94.08 137.60 -38.00
C ILE OA 400 -95.50 137.70 -38.54
N GLY OA 401 -96.49 137.48 -37.67
CA GLY OA 401 -97.88 137.54 -38.08
C GLY OA 401 -98.28 138.84 -38.76
N VAL OA 402 -98.04 139.96 -38.08
CA VAL OA 402 -98.40 141.26 -38.65
C VAL OA 402 -97.54 141.58 -39.87
N LYS OA 403 -96.33 141.04 -39.92
CA LYS OA 403 -95.57 141.11 -41.15
C LYS OA 403 -96.30 140.38 -42.28
N ALA OA 404 -96.82 139.19 -41.99
CA ALA OA 404 -97.62 138.44 -42.96
C ALA OA 404 -98.81 139.25 -43.41
N ALA OA 405 -99.43 139.98 -42.48
CA ALA OA 405 -100.54 140.84 -42.87
C ALA OA 405 -100.07 141.93 -43.82
N LEU OA 406 -98.87 142.48 -43.60
CA LEU OA 406 -98.48 143.56 -44.50
C LEU OA 406 -98.02 143.05 -45.87
N THR OA 407 -97.48 141.82 -45.99
CA THR OA 407 -97.28 141.36 -47.37
C THR OA 407 -98.62 141.22 -48.10
N GLY OA 408 -99.71 141.00 -47.37
CA GLY OA 408 -101.05 140.88 -47.90
C GLY OA 408 -101.66 139.49 -47.77
N HIS OA 409 -101.14 138.65 -46.87
CA HIS OA 409 -101.86 137.44 -46.55
C HIS OA 409 -103.13 137.77 -45.75
N LEU OA 410 -103.99 136.76 -45.64
CA LEU OA 410 -105.14 136.79 -44.72
C LEU OA 410 -104.71 136.08 -43.45
N VAL OA 411 -104.44 136.84 -42.42
CA VAL OA 411 -104.00 136.27 -41.15
C VAL OA 411 -105.14 136.38 -40.15
N LEU OA 412 -105.19 135.42 -39.23
CA LEU OA 412 -106.20 135.39 -38.20
C LEU OA 412 -105.59 134.80 -36.94
N SER OA 413 -106.00 135.30 -35.79
CA SER OA 413 -105.45 134.74 -34.55
C SER OA 413 -106.31 135.18 -33.37
N THR OA 414 -105.90 134.72 -32.18
CA THR OA 414 -106.60 134.93 -30.93
C THR OA 414 -105.67 135.66 -29.97
N LEU OA 415 -106.26 136.44 -29.05
CA LEU OA 415 -105.49 137.16 -28.07
C LEU OA 415 -106.25 137.31 -26.77
N HIS OA 416 -105.57 137.08 -25.65
CA HIS OA 416 -106.19 137.18 -24.33
C HIS OA 416 -106.22 138.64 -23.89
N THR OA 417 -107.43 139.22 -23.88
CA THR OA 417 -107.60 140.61 -23.45
C THR OA 417 -109.08 140.95 -23.51
N ASN OA 418 -109.44 142.05 -22.86
CA ASN OA 418 -110.84 142.40 -22.63
C ASN OA 418 -111.32 143.68 -23.31
N ASP OA 419 -110.42 144.52 -23.80
CA ASP OA 419 -110.80 145.71 -24.56
C ASP OA 419 -109.58 146.18 -25.32
N ALA OA 420 -109.62 147.45 -25.71
CA ALA OA 420 -108.63 147.97 -26.65
C ALA OA 420 -107.30 148.29 -26.01
N PRO OA 421 -107.22 148.80 -24.78
CA PRO OA 421 -105.88 149.02 -24.22
C PRO OA 421 -105.35 147.64 -23.84
N GLY OA 422 -106.24 146.75 -23.38
CA GLY OA 422 -105.84 145.38 -23.16
C GLY OA 422 -105.05 144.81 -24.32
N THR OA 423 -105.68 144.66 -25.50
CA THR OA 423 -104.92 144.16 -26.63
C THR OA 423 -103.77 145.07 -26.97
N VAL OA 424 -104.04 146.29 -27.43
CA VAL OA 424 -102.94 147.07 -28.00
C VAL OA 424 -101.74 147.05 -27.08
N SER OA 425 -101.93 147.39 -25.79
CA SER OA 425 -100.91 147.16 -24.76
C SER OA 425 -100.27 145.78 -24.92
N ARG OA 426 -101.11 144.76 -24.78
CA ARG OA 426 -100.65 143.41 -24.96
C ARG OA 426 -99.90 143.23 -26.27
N LEU OA 427 -100.31 143.83 -27.38
CA LEU OA 427 -99.61 143.54 -28.64
C LEU OA 427 -98.29 144.29 -28.73
N LEU OA 428 -98.28 145.53 -28.27
CA LEU OA 428 -97.12 146.39 -28.40
C LEU OA 428 -96.00 145.99 -27.48
N ASN OA 429 -96.27 145.20 -26.44
CA ASN OA 429 -95.17 144.95 -25.50
C ASN OA 429 -94.06 143.91 -25.85
N MET OA 430 -94.09 143.25 -27.02
CA MET OA 430 -92.88 142.62 -27.56
C MET OA 430 -92.40 143.22 -28.89
N GLY OA 431 -92.85 144.44 -29.18
CA GLY OA 431 -92.20 145.31 -30.18
C GLY OA 431 -92.86 145.54 -31.56
N ILE OA 432 -94.02 144.96 -31.83
CA ILE OA 432 -94.79 145.45 -32.94
C ILE OA 432 -95.42 146.76 -32.50
N GLU OA 433 -95.40 147.78 -33.38
CA GLU OA 433 -96.03 149.10 -33.37
C GLU OA 433 -97.49 148.97 -33.76
N PRO OA 434 -98.32 149.93 -33.36
CA PRO OA 434 -99.70 149.90 -33.83
C PRO OA 434 -99.77 150.33 -35.26
N PHE OA 435 -98.75 150.97 -35.87
CA PHE OA 435 -98.91 151.11 -37.30
C PHE OA 435 -98.89 149.75 -37.98
N LEU OA 436 -98.03 148.85 -37.53
CA LEU OA 436 -97.95 147.59 -38.24
C LEU OA 436 -99.17 146.73 -37.91
N VAL OA 437 -99.46 146.52 -36.62
CA VAL OA 437 -100.66 145.73 -36.29
C VAL OA 437 -101.93 146.47 -36.71
N THR OA 438 -102.29 147.58 -36.03
CA THR OA 438 -103.50 148.32 -36.37
C THR OA 438 -103.55 148.74 -37.84
N ALA OA 439 -102.40 149.00 -38.44
CA ALA OA 439 -102.52 149.43 -39.82
C ALA OA 439 -102.83 148.27 -40.73
N SER OA 440 -102.31 147.10 -40.40
CA SER OA 440 -102.53 145.93 -41.22
C SER OA 440 -103.55 144.97 -40.64
N LEU OA 441 -103.94 145.13 -39.37
CA LEU OA 441 -105.07 144.41 -38.83
C LEU OA 441 -106.35 145.06 -39.30
N ASN OA 442 -107.28 144.26 -39.83
CA ASN OA 442 -108.54 144.81 -40.32
C ASN OA 442 -109.61 144.81 -39.22
N LEU OA 443 -110.00 143.64 -38.75
CA LEU OA 443 -111.09 143.56 -37.79
C LEU OA 443 -110.66 142.84 -36.51
N ILE OA 444 -111.21 143.30 -35.39
CA ILE OA 444 -110.94 142.75 -34.07
C ILE OA 444 -112.28 142.49 -33.41
N LEU OA 445 -112.62 141.22 -33.24
CA LEU OA 445 -113.83 140.89 -32.49
C LEU OA 445 -113.51 140.81 -31.01
N ALA OA 446 -114.47 141.21 -30.19
CA ALA OA 446 -114.35 141.08 -28.73
C ALA OA 446 -115.46 140.16 -28.25
N GLN OA 447 -115.09 139.08 -27.59
CA GLN OA 447 -115.99 138.05 -27.10
C GLN OA 447 -116.17 138.19 -25.59
N ARG OA 448 -117.30 137.70 -25.09
CA ARG OA 448 -117.65 137.81 -23.68
C ARG OA 448 -118.37 136.56 -23.19
N LEU OA 449 -118.38 136.41 -21.86
CA LEU OA 449 -119.34 135.56 -21.17
C LEU OA 449 -120.24 136.46 -20.32
N ALA OA 450 -121.53 136.45 -20.64
CA ALA OA 450 -122.60 137.11 -19.90
C ALA OA 450 -123.37 136.07 -19.10
N ARG OA 451 -123.59 136.35 -17.81
CA ARG OA 451 -124.32 135.42 -16.94
C ARG OA 451 -125.52 136.12 -16.33
N ARG OA 452 -126.68 135.48 -16.39
CA ARG OA 452 -127.81 136.11 -15.67
C ARG OA 452 -128.36 135.11 -14.65
N LEU OA 453 -127.60 134.88 -13.58
CA LEU OA 453 -127.84 133.74 -12.70
C LEU OA 453 -127.33 132.56 -13.52
N CYS OA 454 -128.20 131.59 -13.92
CA CYS OA 454 -127.77 130.39 -14.60
C CYS OA 454 -127.77 130.43 -16.14
N PRO OA 455 -128.04 131.53 -16.88
CA PRO OA 455 -127.69 131.37 -18.28
C PRO OA 455 -126.24 131.73 -18.38
N ALA OA 456 -125.69 130.93 -19.27
CA ALA OA 456 -124.32 130.90 -19.75
C ALA OA 456 -124.45 131.46 -21.17
N CYS OA 457 -123.94 132.67 -21.36
CA CYS OA 457 -124.07 133.35 -22.65
C CYS OA 457 -122.68 133.76 -23.11
N LYS OA 458 -122.36 133.52 -24.38
CA LYS OA 458 -121.09 133.96 -24.95
C LYS OA 458 -121.35 134.94 -26.06
N LYS OA 459 -121.03 136.20 -25.86
CA LYS OA 459 -121.49 136.98 -26.98
C LYS OA 459 -120.34 137.76 -27.61
N PRO OA 460 -120.46 138.18 -28.88
CA PRO OA 460 -119.45 139.11 -29.36
C PRO OA 460 -119.87 140.47 -28.86
N ALA OA 461 -119.25 140.91 -27.78
CA ALA OA 461 -119.46 142.26 -27.30
C ALA OA 461 -119.36 143.29 -28.43
N GLU OA 462 -118.40 143.15 -29.33
CA GLU OA 462 -118.26 144.21 -30.33
C GLU OA 462 -117.48 143.76 -31.55
N CYS OA 490 -115.22 145.35 -34.27
CA CYS OA 490 -114.38 146.53 -34.23
C CYS OA 490 -113.57 146.59 -35.50
N ARG OA 491 -113.75 147.68 -36.26
CA ARG OA 491 -113.09 147.85 -37.54
C ARG OA 491 -111.85 148.70 -37.34
N ASP OA 492 -110.67 148.17 -37.59
CA ASP OA 492 -109.46 148.98 -37.43
C ASP OA 492 -109.21 149.74 -38.72
N CYS OA 493 -109.43 151.06 -38.72
CA CYS OA 493 -109.27 151.82 -39.96
C CYS OA 493 -107.82 151.98 -40.35
N ASN OA 494 -106.95 152.25 -39.38
CA ASN OA 494 -105.53 152.52 -39.57
C ASN OA 494 -104.89 153.28 -38.42
N ASP OA 495 -103.78 153.95 -38.76
CA ASP OA 495 -102.95 154.81 -37.95
C ASP OA 495 -103.25 156.26 -38.26
N ARG OA 496 -102.74 157.12 -37.41
CA ARG OA 496 -102.85 158.55 -37.61
C ARG OA 496 -101.45 159.15 -37.54
N GLY OA 497 -101.13 160.08 -38.42
CA GLY OA 497 -99.85 160.77 -38.30
C GLY OA 497 -99.99 161.87 -37.26
N TYR OA 498 -99.12 161.84 -36.24
CA TYR OA 498 -99.27 162.72 -35.07
C TYR OA 498 -100.59 162.42 -34.39
N ARG OA 499 -100.59 161.71 -33.28
CA ARG OA 499 -101.81 160.95 -33.04
C ARG OA 499 -102.18 160.55 -31.62
N GLY OA 500 -102.98 159.50 -31.56
CA GLY OA 500 -103.14 158.60 -30.43
C GLY OA 500 -103.15 157.19 -31.01
N ARG OA 501 -103.18 157.15 -32.35
CA ARG OA 501 -102.84 156.06 -33.28
C ARG OA 501 -104.00 155.30 -33.85
N VAL OA 502 -104.21 154.17 -33.18
CA VAL OA 502 -105.16 153.13 -33.52
C VAL OA 502 -106.50 153.75 -33.85
N ALA OA 503 -106.79 153.90 -35.14
CA ALA OA 503 -108.08 154.44 -35.56
C ALA OA 503 -109.06 153.28 -35.67
N ILE OA 504 -110.09 153.31 -34.84
CA ILE OA 504 -111.03 152.20 -34.70
C ILE OA 504 -112.44 152.73 -34.90
N TYR OA 505 -113.19 152.08 -35.79
CA TYR OA 505 -114.60 152.37 -36.03
C TYR OA 505 -115.42 151.17 -35.58
N GLU OA 506 -116.20 151.37 -34.53
CA GLU OA 506 -116.97 150.28 -33.94
C GLU OA 506 -118.25 150.07 -34.73
N VAL OA 507 -118.34 148.93 -35.40
CA VAL OA 507 -119.47 148.59 -36.26
C VAL OA 507 -120.64 148.16 -35.40
N MET OA 508 -120.47 147.07 -34.66
CA MET OA 508 -121.54 146.48 -33.85
C MET OA 508 -121.17 146.50 -32.36
N PRO OA 509 -122.02 147.07 -31.51
CA PRO OA 509 -121.98 146.75 -30.06
C PRO OA 509 -123.05 145.77 -29.59
N PHE OA 510 -122.83 145.12 -28.45
CA PHE OA 510 -123.84 144.25 -27.85
C PHE OA 510 -124.40 144.87 -26.57
N TRP OA 511 -125.70 145.15 -26.57
CA TRP OA 511 -126.41 145.55 -25.36
C TRP OA 511 -126.85 144.32 -24.60
N ASP OA 512 -126.35 144.18 -23.37
CA ASP OA 512 -126.69 143.07 -22.50
C ASP OA 512 -128.06 143.22 -21.87
N GLY OA 513 -128.52 144.46 -21.68
CA GLY OA 513 -129.80 144.68 -21.03
C GLY OA 513 -130.96 144.08 -21.80
N LEU OA 514 -130.89 144.13 -23.14
CA LEU OA 514 -131.90 143.52 -23.98
C LEU OA 514 -131.39 142.33 -24.76
N LYS OA 515 -130.12 141.95 -24.58
CA LYS OA 515 -129.46 140.90 -25.36
C LYS OA 515 -129.69 141.13 -26.85
N GLU OA 516 -129.12 142.23 -27.33
CA GLU OA 516 -129.29 142.63 -28.72
C GLU OA 516 -127.98 143.18 -29.27
N LEU OA 517 -127.78 143.01 -30.57
CA LEU OA 517 -126.64 143.58 -31.24
C LEU OA 517 -127.11 144.81 -32.01
N VAL OA 518 -126.56 145.96 -31.67
CA VAL OA 518 -126.90 147.24 -32.29
C VAL OA 518 -125.76 147.62 -33.24
N ILE OA 519 -126.14 148.26 -34.33
CA ILE OA 519 -125.17 148.92 -35.21
C ILE OA 519 -124.97 150.33 -34.66
N ASN OA 520 -123.70 150.73 -34.47
CA ASN OA 520 -123.38 151.99 -33.80
C ASN OA 520 -122.55 152.90 -34.71
N GLY OA 521 -123.20 153.52 -35.69
CA GLY OA 521 -122.58 154.49 -36.56
C GLY OA 521 -121.82 153.91 -37.71
N ALA OA 522 -121.82 152.59 -37.88
CA ALA OA 522 -121.32 151.99 -39.10
C ALA OA 522 -122.22 152.37 -40.27
N SER OA 523 -121.60 152.70 -41.41
CA SER OA 523 -122.30 152.96 -42.67
C SER OA 523 -121.78 152.01 -43.74
N ALA OA 524 -122.59 151.83 -44.77
CA ALA OA 524 -122.17 151.04 -45.93
C ALA OA 524 -120.94 151.64 -46.60
N ALA OA 525 -120.74 152.95 -46.49
CA ALA OA 525 -119.57 153.58 -47.10
C ALA OA 525 -118.27 153.17 -46.41
N GLU OA 526 -118.36 152.65 -45.17
CA GLU OA 526 -117.17 152.20 -44.46
C GLU OA 526 -116.61 150.93 -45.06
N LEU OA 527 -117.37 149.83 -44.96
CA LEU OA 527 -116.91 148.55 -45.48
C LEU OA 527 -116.71 148.55 -47.01
N LYS OA 528 -116.63 149.70 -47.66
CA LYS OA 528 -116.47 149.74 -49.11
C LYS OA 528 -115.20 149.06 -49.57
N GLN OA 529 -114.12 149.19 -48.79
CA GLN OA 529 -112.73 148.86 -49.14
C GLN OA 529 -112.54 147.82 -50.24
N GLU OA 530 -113.07 148.10 -51.42
CA GLU OA 530 -112.93 147.04 -52.40
C GLU OA 530 -112.08 147.52 -53.55
N ALA OA 531 -111.36 146.56 -54.13
CA ALA OA 531 -110.54 146.87 -55.28
C ALA OA 531 -111.39 147.50 -56.39
N ILE OA 532 -112.72 147.16 -56.46
CA ILE OA 532 -113.70 147.83 -57.34
C ILE OA 532 -115.19 147.69 -57.12
N ARG OA 533 -115.90 148.13 -58.18
CA ARG OA 533 -117.34 148.00 -58.39
C ARG OA 533 -117.82 146.54 -58.35
N LEU OA 534 -117.31 145.67 -59.24
CA LEU OA 534 -117.79 144.28 -59.18
C LEU OA 534 -117.44 143.60 -57.86
N GLY OA 535 -116.19 143.76 -57.40
CA GLY OA 535 -115.85 143.26 -56.08
C GLY OA 535 -116.76 143.81 -54.99
N MET OA 536 -116.98 145.13 -54.99
CA MET OA 536 -117.81 145.73 -53.95
C MET OA 536 -119.23 145.19 -54.02
N SER OA 537 -119.76 145.05 -55.24
CA SER OA 537 -121.08 144.48 -55.44
C SER OA 537 -121.17 143.07 -54.86
N SER OA 538 -120.17 142.23 -55.15
CA SER OA 538 -120.12 140.90 -54.54
C SER OA 538 -120.21 140.98 -53.01
N LEU OA 539 -119.46 141.92 -52.41
CA LEU OA 539 -119.57 142.08 -50.96
C LEU OA 539 -121.00 142.42 -50.54
N ARG OA 540 -121.66 143.34 -51.26
CA ARG OA 540 -123.03 143.71 -50.89
C ARG OA 540 -123.96 142.50 -50.93
N MET OA 541 -123.95 141.79 -52.06
CA MET OA 541 -124.75 140.58 -52.18
C MET OA 541 -124.48 139.65 -51.00
N SER OA 542 -123.21 139.30 -50.75
CA SER OA 542 -122.92 138.51 -49.56
C SER OA 542 -123.43 139.19 -48.29
N GLY OA 543 -123.54 140.51 -48.29
CA GLY OA 543 -123.99 141.27 -47.14
C GLY OA 543 -125.40 140.90 -46.78
N LEU OA 544 -126.32 140.96 -47.75
CA LEU OA 544 -127.69 140.56 -47.49
C LEU OA 544 -128.07 139.21 -48.08
N ARG OA 545 -127.53 138.86 -49.25
CA ARG OA 545 -127.81 137.54 -49.82
C ARG OA 545 -127.13 136.43 -49.03
N LYS OA 546 -125.81 136.54 -48.81
CA LYS OA 546 -125.12 135.50 -48.03
C LYS OA 546 -125.73 135.38 -46.64
N ALA OA 551 -129.15 122.75 -40.47
CA ALA OA 551 -127.83 122.30 -40.92
C ALA OA 551 -126.81 122.81 -39.93
N THR OA 552 -126.47 121.98 -38.94
CA THR OA 552 -125.65 122.43 -37.83
C THR OA 552 -124.21 121.92 -37.88
N THR OA 553 -123.97 120.70 -38.35
CA THR OA 553 -122.63 120.10 -38.30
C THR OA 553 -121.64 120.88 -39.15
N LEU OA 554 -120.38 120.91 -38.67
CA LEU OA 554 -119.31 121.60 -39.37
C LEU OA 554 -119.05 121.01 -40.74
N GLU OA 555 -118.95 119.69 -40.83
CA GLU OA 555 -118.72 119.06 -42.12
C GLU OA 555 -119.80 119.49 -43.12
N GLU OA 556 -121.07 119.39 -42.72
CA GLU OA 556 -122.15 119.77 -43.62
C GLU OA 556 -122.19 121.27 -43.88
N VAL OA 557 -121.96 122.09 -42.83
CA VAL OA 557 -121.97 123.55 -42.99
C VAL OA 557 -120.89 124.00 -43.96
N VAL OA 558 -119.62 123.66 -43.67
CA VAL OA 558 -118.56 123.84 -44.66
C VAL OA 558 -119.02 123.32 -46.01
N GLY OA 559 -119.66 122.17 -46.01
CA GLY OA 559 -120.11 121.57 -47.25
C GLY OA 559 -121.03 122.50 -48.02
N ASN OA 560 -121.83 123.31 -47.31
CA ASN OA 560 -122.87 124.17 -47.90
C ASN OA 560 -122.41 125.62 -48.04
N THR OA 561 -121.26 125.97 -47.48
CA THR OA 561 -120.66 127.26 -47.78
C THR OA 561 -119.75 127.13 -48.99
N ALA OA 562 -119.05 125.99 -49.04
CA ALA OA 562 -118.40 125.52 -50.26
C ALA OA 562 -119.17 125.84 -51.56
N PRO OA 563 -120.42 125.38 -51.76
CA PRO OA 563 -121.37 125.60 -52.83
C PRO OA 563 -121.55 127.08 -53.13
N ILE PA 69 -77.04 91.45 26.02
CA ILE PA 69 -75.76 91.94 25.43
C ILE PA 69 -76.09 92.91 24.29
N PRO PA 70 -75.52 94.14 24.22
CA PRO PA 70 -75.52 94.88 22.95
C PRO PA 70 -74.15 94.87 22.23
N GLY PA 71 -74.16 95.18 20.94
CA GLY PA 71 -72.96 95.33 20.12
C GLY PA 71 -73.20 96.21 18.89
N PHE PA 72 -72.37 97.24 18.76
CA PHE PA 72 -72.34 98.17 17.63
C PHE PA 72 -70.90 98.39 17.18
N GLY PA 73 -70.70 98.50 15.88
CA GLY PA 73 -69.40 98.84 15.29
C GLY PA 73 -69.25 100.34 15.10
N GLY PA 74 -68.01 100.76 14.87
CA GLY PA 74 -67.73 102.12 14.46
C GLY PA 74 -68.13 102.37 13.02
N VAL PA 75 -67.49 103.37 12.44
CA VAL PA 75 -67.59 103.66 11.02
C VAL PA 75 -66.23 103.47 10.31
N GLU PA 76 -66.24 103.41 8.98
CA GLU PA 76 -65.02 103.19 8.20
C GLU PA 76 -63.96 104.28 8.44
N GLY PA 77 -62.69 103.96 8.18
CA GLY PA 77 -61.62 104.96 8.29
C GLY PA 77 -61.82 106.16 7.35
N LYS PA 78 -62.31 105.88 6.12
CA LYS PA 78 -62.72 106.87 5.11
C LYS PA 78 -63.80 107.82 5.52
N ASP PA 79 -64.73 107.19 6.18
CA ASP PA 79 -65.90 107.93 6.51
C ASP PA 79 -65.74 108.82 7.78
N ILE PA 80 -64.94 108.35 8.76
CA ILE PA 80 -64.48 109.24 9.85
C ILE PA 80 -63.66 110.38 9.29
N LEU PA 81 -62.80 110.05 8.32
CA LEU PA 81 -61.97 111.05 7.75
C LEU PA 81 -62.72 112.24 7.17
N VAL PA 82 -63.67 111.92 6.30
CA VAL PA 82 -64.42 112.93 5.54
C VAL PA 82 -65.13 113.83 6.51
N PHE PA 83 -65.72 113.20 7.52
CA PHE PA 83 -66.52 113.95 8.40
C PHE PA 83 -65.74 114.79 9.45
N THR PA 84 -64.64 114.26 9.96
CA THR PA 84 -63.78 115.07 10.83
C THR PA 84 -63.15 116.24 10.06
N ARG PA 85 -62.73 116.04 8.80
CA ARG PA 85 -62.20 117.12 7.96
C ARG PA 85 -63.21 118.21 7.78
N GLN PA 86 -64.39 117.84 7.32
CA GLN PA 86 -65.39 118.80 7.02
C GLN PA 86 -65.89 119.54 8.31
N PHE PA 87 -65.84 118.94 9.52
CA PHE PA 87 -66.13 119.70 10.76
C PHE PA 87 -65.10 120.67 11.23
N ALA PA 88 -63.88 120.20 11.17
CA ALA PA 88 -62.76 121.07 11.41
C ALA PA 88 -62.81 122.28 10.50
N THR PA 89 -63.15 122.07 9.23
CA THR PA 89 -63.22 123.14 8.28
C THR PA 89 -64.32 124.14 8.63
N MET PA 90 -65.54 123.65 8.89
CA MET PA 90 -66.66 124.54 9.19
C MET PA 90 -66.50 125.28 10.51
N ILE PA 91 -66.06 124.58 11.55
CA ILE PA 91 -65.84 125.19 12.85
C ILE PA 91 -64.75 126.26 12.75
N ASP PA 92 -63.67 126.00 12.01
CA ASP PA 92 -62.60 127.01 11.89
C ASP PA 92 -63.08 128.21 11.05
N ALA PA 93 -64.18 128.04 10.29
CA ALA PA 93 -64.85 129.12 9.59
C ALA PA 93 -65.66 130.07 10.47
N GLY PA 94 -65.80 129.79 11.75
CA GLY PA 94 -66.62 130.59 12.63
C GLY PA 94 -68.14 130.35 12.47
N LEU PA 95 -68.59 129.29 11.78
CA LEU PA 95 -69.99 128.91 11.90
C LEU PA 95 -70.27 128.41 13.33
N PRO PA 96 -71.52 128.57 13.83
CA PRO PA 96 -71.93 127.96 15.08
C PRO PA 96 -71.79 126.44 14.99
N LEU PA 97 -71.40 125.81 16.10
CA LEU PA 97 -71.15 124.37 16.13
C LEU PA 97 -72.35 123.52 15.66
N VAL PA 98 -73.56 123.89 16.08
CA VAL PA 98 -74.79 123.24 15.67
C VAL PA 98 -74.97 123.37 14.14
N GLN PA 99 -74.72 124.56 13.58
CA GLN PA 99 -74.82 124.75 12.12
C GLN PA 99 -73.74 123.97 11.39
N CYS PA 100 -72.52 123.87 11.94
CA CYS PA 100 -71.49 122.99 11.37
C CYS PA 100 -72.03 121.56 11.29
N LEU PA 101 -72.52 121.04 12.42
CA LEU PA 101 -73.13 119.71 12.53
C LEU PA 101 -74.25 119.44 11.53
N ASP PA 102 -75.12 120.41 11.34
CA ASP PA 102 -76.24 120.30 10.40
C ASP PA 102 -75.75 120.13 8.98
N ILE PA 103 -74.75 120.93 8.62
CA ILE PA 103 -74.23 120.95 7.28
C ILE PA 103 -73.59 119.62 6.92
N LEU PA 104 -72.72 119.08 7.76
CA LEU PA 104 -72.10 117.82 7.40
C LEU PA 104 -73.05 116.65 7.36
N ALA PA 105 -74.03 116.64 8.28
CA ALA PA 105 -75.10 115.68 8.17
C ALA PA 105 -75.80 115.82 6.81
N SER PA 106 -76.20 117.03 6.43
CA SER PA 106 -76.98 117.28 5.22
C SER PA 106 -76.21 117.05 3.93
N GLN PA 107 -74.86 117.05 3.99
CA GLN PA 107 -73.99 116.73 2.86
C GLN PA 107 -73.53 115.28 2.78
N MET PA 108 -73.93 114.46 3.72
CA MET PA 108 -73.47 113.09 3.81
C MET PA 108 -74.18 112.16 2.81
N ASP PA 109 -73.41 111.23 2.25
CA ASP PA 109 -73.90 110.15 1.37
C ASP PA 109 -74.33 108.80 1.99
N ASN PA 110 -73.76 108.38 3.13
CA ASN PA 110 -74.08 107.10 3.82
C ASN PA 110 -75.33 107.35 4.77
N PRO PA 111 -76.46 106.59 5.05
CA PRO PA 111 -77.35 107.17 6.07
C PRO PA 111 -76.71 107.20 7.45
N SER PA 112 -75.89 106.21 7.80
CA SER PA 112 -75.53 106.05 9.21
C SER PA 112 -74.82 107.30 9.70
N PHE PA 113 -74.03 107.94 8.84
CA PHE PA 113 -73.45 109.23 9.17
C PHE PA 113 -74.42 110.35 9.30
N LYS PA 114 -75.29 110.55 8.30
CA LYS PA 114 -76.27 111.62 8.44
C LYS PA 114 -77.13 111.41 9.67
N LYS PA 115 -77.54 110.15 9.92
CA LYS PA 115 -78.34 109.84 11.10
C LYS PA 115 -77.59 110.17 12.38
N VAL PA 116 -76.34 109.71 12.56
CA VAL PA 116 -75.66 110.02 13.84
C VAL PA 116 -75.64 111.54 13.97
N LEU PA 117 -75.17 112.23 12.94
CA LEU PA 117 -74.81 113.62 13.11
C LEU PA 117 -75.95 114.55 13.41
N PHE PA 118 -77.15 114.12 13.01
CA PHE PA 118 -78.35 114.70 13.55
C PHE PA 118 -78.51 114.49 15.07
N ALA PA 119 -78.27 113.28 15.57
CA ALA PA 119 -78.25 112.98 17.02
C ALA PA 119 -77.16 113.70 17.82
N ILE PA 120 -75.91 113.79 17.31
CA ILE PA 120 -74.85 114.60 17.96
C ILE PA 120 -75.29 116.06 18.03
N LYS PA 121 -75.83 116.61 16.93
CA LYS PA 121 -76.35 117.97 16.88
C LYS PA 121 -77.51 118.19 17.84
N SER PA 122 -78.39 117.21 18.00
CA SER PA 122 -79.52 117.29 18.92
C SER PA 122 -79.07 117.46 20.37
N LYS PA 123 -77.98 116.80 20.78
CA LYS PA 123 -77.36 117.04 22.09
C LYS PA 123 -76.69 118.39 22.23
N VAL PA 124 -75.99 118.84 21.17
CA VAL PA 124 -75.36 120.17 21.17
C VAL PA 124 -76.42 121.28 21.29
N GLU PA 125 -77.59 121.15 20.66
CA GLU PA 125 -78.67 122.16 20.81
C GLU PA 125 -79.36 122.12 22.20
N GLN PA 126 -79.28 121.01 22.94
CA GLN PA 126 -79.62 120.99 24.37
C GLN PA 126 -78.56 121.66 25.26
N GLY PA 127 -77.42 122.05 24.70
CA GLY PA 127 -76.38 122.85 25.33
C GLY PA 127 -75.12 122.05 25.71
N SER PA 128 -75.10 120.73 25.47
CA SER PA 128 -73.92 119.92 25.77
C SER PA 128 -72.75 120.29 24.87
N THR PA 129 -71.54 120.07 25.38
CA THR PA 129 -70.31 120.17 24.58
C THR PA 129 -70.35 119.16 23.44
N PHE PA 130 -69.55 119.43 22.39
CA PHE PA 130 -69.35 118.46 21.33
C PHE PA 130 -68.77 117.15 21.88
N ALA PA 131 -67.80 117.21 22.81
CA ALA PA 131 -67.23 116.01 23.42
C ALA PA 131 -68.29 115.13 24.11
N ASP PA 132 -69.16 115.75 24.91
CA ASP PA 132 -70.29 115.08 25.55
C ASP PA 132 -71.39 114.63 24.59
N ALA PA 133 -71.57 115.31 23.47
CA ALA PA 133 -72.50 114.88 22.44
C ALA PA 133 -72.00 113.66 21.64
N LEU PA 134 -70.70 113.62 21.33
CA LEU PA 134 -70.07 112.46 20.70
C LEU PA 134 -70.03 111.22 21.59
N LYS PA 135 -70.05 111.43 22.92
CA LYS PA 135 -70.20 110.37 23.92
C LYS PA 135 -71.41 109.48 23.69
N GLU PA 136 -72.44 109.92 22.95
CA GLU PA 136 -73.57 109.05 22.55
C GLU PA 136 -73.21 107.98 21.51
N HIS PA 137 -72.03 108.11 20.92
CA HIS PA 137 -71.48 107.17 19.94
C HIS PA 137 -70.05 106.75 20.33
N PRO PA 138 -69.84 106.12 21.50
CA PRO PA 138 -68.51 105.72 21.98
C PRO PA 138 -67.91 104.59 21.11
N LYS PA 139 -68.75 103.84 20.41
CA LYS PA 139 -68.34 102.83 19.43
C LYS PA 139 -67.78 103.43 18.13
N VAL PA 140 -68.00 104.71 17.88
CA VAL PA 140 -67.53 105.45 16.69
C VAL PA 140 -66.39 106.42 17.05
N PHE PA 141 -66.58 107.24 18.08
CA PHE PA 141 -65.57 108.19 18.58
C PHE PA 141 -65.06 107.63 19.89
N ASP PA 142 -63.83 107.11 19.87
CA ASP PA 142 -63.24 106.48 21.05
C ASP PA 142 -62.90 107.53 22.11
N GLU PA 143 -62.51 107.03 23.27
CA GLU PA 143 -62.16 107.87 24.44
C GLU PA 143 -61.07 108.89 24.12
N LEU PA 144 -60.08 108.49 23.30
CA LEU PA 144 -59.00 109.38 22.90
C LEU PA 144 -59.49 110.50 22.00
N TYR PA 145 -60.35 110.19 20.99
CA TYR PA 145 -61.02 111.24 20.25
C TYR PA 145 -61.81 112.18 21.13
N VAL PA 146 -62.75 111.69 21.97
CA VAL PA 146 -63.55 112.65 22.75
C VAL PA 146 -62.56 113.48 23.56
N GLN PA 147 -61.61 112.88 24.28
CA GLN PA 147 -60.74 113.66 25.14
C GLN PA 147 -60.02 114.77 24.38
N LEU PA 148 -59.54 114.51 23.15
CA LEU PA 148 -59.01 115.57 22.31
C LEU PA 148 -60.04 116.68 22.09
N CYS PA 149 -61.28 116.34 21.71
CA CYS PA 149 -62.31 117.36 21.57
C CYS PA 149 -62.47 118.15 22.89
N ALA PA 150 -62.68 117.44 23.99
CA ALA PA 150 -62.98 118.04 25.28
C ALA PA 150 -61.80 118.91 25.76
N ALA PA 151 -60.56 118.51 25.46
CA ALA PA 151 -59.39 119.31 25.77
C ALA PA 151 -59.41 120.62 24.97
N GLY PA 152 -59.78 120.54 23.70
CA GLY PA 152 -60.00 121.74 22.90
C GLY PA 152 -61.11 122.65 23.41
N GLU PA 153 -62.24 122.09 23.82
CA GLU PA 153 -63.35 122.85 24.39
C GLU PA 153 -63.00 123.50 25.74
N VAL PA 154 -62.26 122.81 26.61
CA VAL PA 154 -61.86 123.33 27.94
C VAL PA 154 -60.85 124.47 27.80
N GLY PA 155 -59.94 124.41 26.81
CA GLY PA 155 -58.86 125.40 26.65
C GLY PA 155 -59.17 126.54 25.68
N GLY PA 156 -60.35 126.54 25.05
CA GLY PA 156 -60.71 127.52 24.02
C GLY PA 156 -60.04 127.29 22.65
N ILE PA 157 -59.64 126.05 22.35
CA ILE PA 157 -58.91 125.65 21.12
C ILE PA 157 -59.66 124.57 20.31
N LEU PA 158 -61.00 124.53 20.38
CA LEU PA 158 -61.78 123.51 19.67
C LEU PA 158 -61.43 123.45 18.17
N ASP PA 159 -61.26 124.62 17.54
CA ASP PA 159 -60.84 124.77 16.15
C ASP PA 159 -59.51 124.07 15.81
N ALA PA 160 -58.46 124.30 16.60
CA ALA PA 160 -57.16 123.71 16.32
C ALA PA 160 -57.06 122.22 16.70
N ILE PA 161 -57.79 121.75 17.72
CA ILE PA 161 -57.90 120.31 17.99
C ILE PA 161 -58.75 119.58 16.96
N LEU PA 162 -59.76 120.20 16.37
CA LEU PA 162 -60.46 119.58 15.25
C LEU PA 162 -59.61 119.48 14.00
N ASN PA 163 -58.77 120.48 13.73
CA ASN PA 163 -57.80 120.42 12.64
C ASN PA 163 -56.80 119.27 12.83
N ARG PA 164 -56.35 119.11 14.08
CA ARG PA 164 -55.48 118.01 14.49
C ARG PA 164 -56.15 116.66 14.31
N LEU PA 165 -57.39 116.54 14.75
CA LEU PA 165 -58.18 115.33 14.59
C LEU PA 165 -58.43 115.04 13.11
N ALA PA 166 -58.67 116.03 12.26
CA ALA PA 166 -58.87 115.83 10.82
C ALA PA 166 -57.61 115.29 10.16
N ALA PA 167 -56.45 115.89 10.48
CA ALA PA 167 -55.15 115.38 10.03
C ALA PA 167 -54.90 113.95 10.53
N TYR PA 168 -55.20 113.66 11.79
CA TYR PA 168 -55.17 112.32 12.36
C TYR PA 168 -56.00 111.26 11.65
N ARG PA 169 -57.27 111.57 11.41
CA ARG PA 169 -58.19 110.72 10.67
C ARG PA 169 -57.71 110.48 9.24
N GLU PA 170 -56.99 111.46 8.65
CA GLU PA 170 -56.50 111.34 7.26
C GLU PA 170 -55.30 110.45 7.13
N LYS PA 171 -54.41 110.64 8.09
CA LYS PA 171 -53.30 109.74 8.26
C LYS PA 171 -53.76 108.32 8.60
N ASN PA 172 -54.79 108.15 9.43
CA ASN PA 172 -55.31 106.83 9.76
C ASN PA 172 -55.89 106.09 8.55
N GLU PA 173 -56.78 106.73 7.79
CA GLU PA 173 -57.31 106.11 6.58
C GLU PA 173 -56.24 105.78 5.56
N LYS PA 174 -55.34 106.74 5.25
CA LYS PA 174 -54.27 106.45 4.31
C LYS PA 174 -53.46 105.27 4.82
N LEU PA 175 -53.07 105.26 6.10
CA LEU PA 175 -52.29 104.12 6.59
C LEU PA 175 -53.03 102.80 6.48
N LYS PA 176 -54.36 102.79 6.73
CA LYS PA 176 -55.15 101.58 6.53
C LYS PA 176 -55.14 101.06 5.13
N SER PA 177 -55.45 101.89 4.13
CA SER PA 177 -55.54 101.40 2.75
C SER PA 177 -54.26 100.73 2.35
N LYS PA 178 -53.20 101.34 2.84
CA LYS PA 178 -51.93 101.16 2.28
C LYS PA 178 -51.20 99.94 2.95
N VAL PA 179 -51.46 99.46 4.20
CA VAL PA 179 -51.05 98.05 4.55
C VAL PA 179 -51.82 97.06 3.72
N LYS PA 180 -53.15 97.24 3.74
CA LYS PA 180 -54.07 96.21 3.29
C LYS PA 180 -53.96 95.97 1.78
N SER PA 181 -53.59 97.02 1.07
CA SER PA 181 -53.71 97.02 -0.37
C SER PA 181 -52.70 95.96 -0.92
N ALA PA 182 -53.07 95.27 -2.00
CA ALA PA 182 -52.48 94.00 -2.50
C ALA PA 182 -52.58 92.80 -1.56
N LEU PA 191 -53.29 95.04 18.55
CA LEU PA 191 -53.16 94.58 17.15
C LEU PA 191 -54.51 94.79 16.43
N VAL PA 192 -54.63 95.67 15.41
CA VAL PA 192 -55.79 95.57 14.46
C VAL PA 192 -55.49 94.54 13.34
N ALA PA 193 -56.17 94.72 12.21
CA ALA PA 193 -55.90 94.12 10.90
C ALA PA 193 -54.52 94.52 10.35
N ILE PA 194 -54.12 95.79 10.39
CA ILE PA 194 -52.78 96.26 9.93
C ILE PA 194 -51.66 95.61 10.73
N GLY PA 195 -51.78 95.60 12.05
CA GLY PA 195 -50.78 94.96 12.92
C GLY PA 195 -50.68 93.45 12.67
N VAL PA 196 -51.83 92.74 12.69
CA VAL PA 196 -51.86 91.29 12.44
C VAL PA 196 -51.36 90.96 11.03
N THR PA 197 -51.81 91.67 10.00
CA THR PA 197 -51.33 91.47 8.62
C THR PA 197 -49.84 91.84 8.55
N ALA PA 198 -49.30 92.80 9.31
CA ALA PA 198 -47.90 93.22 9.19
C ALA PA 198 -46.91 92.30 9.90
N VAL PA 199 -47.25 91.77 11.07
CA VAL PA 199 -46.53 90.60 11.64
C VAL PA 199 -46.59 89.51 10.60
N LEU PA 200 -47.82 89.23 10.11
CA LEU PA 200 -48.02 88.04 9.33
C LEU PA 200 -47.23 88.15 8.05
N LEU PA 201 -47.18 89.29 7.34
CA LEU PA 201 -46.34 89.42 6.15
C LEU PA 201 -44.84 89.46 6.47
N LEU PA 202 -44.42 90.15 7.52
CA LEU PA 202 -42.99 90.33 7.83
C LEU PA 202 -42.27 89.00 8.10
N LYS PA 203 -42.82 88.14 8.95
CA LYS PA 203 -42.48 86.71 8.91
C LYS PA 203 -43.61 85.89 8.25
N VAL PA 204 -43.41 85.61 6.96
CA VAL PA 204 -44.07 84.52 6.20
C VAL PA 204 -43.03 83.72 5.47
N THR PA 205 -42.31 84.49 4.69
CA THR PA 205 -41.13 84.05 4.01
C THR PA 205 -40.07 83.51 4.93
N PRO PA 206 -39.54 84.31 5.87
CA PRO PA 206 -38.47 83.78 6.71
C PRO PA 206 -38.86 82.49 7.45
N VAL PA 207 -40.16 82.31 7.72
CA VAL PA 207 -40.66 81.03 8.21
C VAL PA 207 -40.56 79.95 7.12
N PHE PA 208 -41.04 80.20 5.91
CA PHE PA 208 -40.85 79.28 4.78
C PHE PA 208 -39.42 78.78 4.65
N GLU PA 209 -38.57 79.74 4.66
CA GLU PA 209 -37.18 79.52 4.61
C GLU PA 209 -36.61 78.57 5.68
N LYS PA 210 -36.87 78.89 6.96
CA LYS PA 210 -36.44 78.04 8.07
C LYS PA 210 -37.01 76.64 7.97
N MET PA 211 -38.16 76.51 7.37
CA MET PA 211 -38.86 75.25 7.24
C MET PA 211 -38.39 74.42 6.02
N PHE PA 212 -37.96 75.04 4.91
CA PHE PA 212 -37.24 74.26 3.89
C PHE PA 212 -35.87 73.82 4.38
N ALA PA 213 -35.19 74.69 5.14
CA ALA PA 213 -33.89 74.38 5.69
C ALA PA 213 -33.94 73.43 6.90
N ASP PA 214 -35.14 73.05 7.35
CA ASP PA 214 -35.40 72.05 8.38
C ASP PA 214 -35.91 70.71 7.83
N PHE PA 215 -36.21 70.64 6.52
CA PHE PA 215 -36.39 69.38 5.81
C PHE PA 215 -35.04 68.64 5.85
N GLY PA 216 -34.83 67.84 6.89
CA GLY PA 216 -33.69 66.94 7.03
C GLY PA 216 -32.33 67.64 7.15
N SER PA 217 -31.28 66.94 6.70
CA SER PA 217 -29.88 67.38 6.74
C SER PA 217 -29.28 67.30 5.33
N GLU PA 218 -28.04 67.78 5.18
CA GLU PA 218 -27.26 67.74 3.92
C GLU PA 218 -28.00 68.37 2.72
N LEU PA 219 -28.70 69.47 2.95
CA LEU PA 219 -29.23 70.36 1.91
C LEU PA 219 -28.10 71.05 1.08
N PRO PA 220 -28.43 72.13 0.34
CA PRO PA 220 -27.46 73.07 -0.21
C PRO PA 220 -26.96 74.15 0.73
N GLY PA 221 -25.63 74.23 0.90
CA GLY PA 221 -25.04 75.10 1.94
C GLY PA 221 -25.10 74.71 3.47
N PRO PA 222 -25.66 73.58 3.98
CA PRO PA 222 -25.82 73.31 5.44
C PRO PA 222 -24.56 73.15 6.33
N THR PA 223 -24.65 72.36 7.39
CA THR PA 223 -23.68 71.33 7.77
C THR PA 223 -24.37 70.07 8.26
N GLN PA 224 -23.65 68.95 8.25
CA GLN PA 224 -23.85 67.87 9.21
C GLN PA 224 -24.07 68.37 10.66
N MET PA 225 -25.05 67.75 11.31
CA MET PA 225 -25.35 68.01 12.71
C MET PA 225 -24.24 67.71 13.71
N ILE PA 226 -23.31 66.77 13.44
CA ILE PA 226 -22.28 66.49 14.45
C ILE PA 226 -21.27 67.64 14.58
N VAL PA 227 -21.17 68.66 13.68
CA VAL PA 227 -20.21 69.71 14.03
C VAL PA 227 -20.53 70.23 15.43
N ASN PA 228 -19.57 70.95 15.98
CA ASN PA 228 -19.86 71.77 17.14
C ASN PA 228 -20.89 72.84 16.78
N PHE PA 229 -21.85 73.07 17.70
CA PHE PA 229 -22.94 74.01 17.43
C PHE PA 229 -22.48 75.38 16.95
N SER PA 230 -21.48 75.98 17.63
CA SER PA 230 -21.09 77.34 17.28
C SER PA 230 -20.65 77.44 15.81
N HIS PA 231 -19.83 76.49 15.35
CA HIS PA 231 -19.42 76.48 13.96
C HIS PA 231 -20.62 76.24 13.04
N MET PA 232 -21.53 75.32 13.39
CA MET PA 232 -22.70 75.08 12.52
C MET PA 232 -23.48 76.37 12.35
N ALA PA 233 -23.77 77.05 13.46
CA ALA PA 233 -24.55 78.27 13.44
C ALA PA 233 -23.83 79.37 12.65
N GLN PA 234 -22.51 79.54 12.84
CA GLN PA 234 -21.75 80.52 12.07
C GLN PA 234 -21.72 80.24 10.58
N GLU PA 235 -21.60 78.99 10.11
CA GLU PA 235 -21.62 78.76 8.67
C GLU PA 235 -22.97 79.15 8.08
N TYR PA 236 -24.07 78.75 8.74
CA TYR PA 236 -25.39 79.16 8.27
C TYR PA 236 -25.65 80.64 8.30
N PHE PA 237 -24.91 81.39 9.09
CA PHE PA 237 -24.96 82.85 9.09
C PHE PA 237 -25.38 83.50 7.77
N PHE PA 238 -24.96 82.93 6.64
CA PHE PA 238 -25.53 83.21 5.32
C PHE PA 238 -27.06 83.26 5.31
N HIS PA 239 -27.72 82.16 5.65
CA HIS PA 239 -29.14 82.07 5.73
C HIS PA 239 -29.78 82.90 6.86
N VAL PA 240 -29.25 82.90 8.07
CA VAL PA 240 -29.71 83.87 9.08
C VAL PA 240 -29.73 85.31 8.54
N ALA PA 241 -28.72 85.68 7.75
CA ALA PA 241 -28.58 86.98 7.10
C ALA PA 241 -29.61 87.23 5.99
N GLY PA 242 -29.80 86.27 5.09
CA GLY PA 242 -30.79 86.35 4.03
C GLY PA 242 -32.24 86.48 4.59
N SER PA 243 -32.53 85.82 5.73
CA SER PA 243 -33.79 86.03 6.49
C SER PA 243 -33.92 87.44 7.07
N ILE PA 244 -32.92 87.94 7.80
CA ILE PA 244 -32.98 89.31 8.33
C ILE PA 244 -33.17 90.30 7.19
N VAL PA 245 -32.42 90.19 6.09
CA VAL PA 245 -32.57 91.11 4.95
C VAL PA 245 -34.01 91.03 4.46
N ALA PA 246 -34.59 89.82 4.41
CA ALA PA 246 -35.97 89.68 4.04
C ALA PA 246 -36.96 90.40 4.90
N VAL PA 247 -36.66 90.33 6.19
CA VAL PA 247 -37.40 91.09 7.16
C VAL PA 247 -37.25 92.59 6.89
N VAL PA 248 -36.03 93.12 6.87
CA VAL PA 248 -35.78 94.57 6.69
C VAL PA 248 -36.54 95.10 5.50
N MET PA 249 -36.50 94.37 4.40
CA MET PA 249 -37.23 94.73 3.21
C MET PA 249 -38.73 94.88 3.43
N SER PA 250 -39.41 93.84 3.91
CA SER PA 250 -40.85 93.92 4.16
C SER PA 250 -41.20 94.97 5.22
N PHE PA 251 -40.30 95.22 6.19
CA PHE PA 251 -40.45 96.38 7.07
C PHE PA 251 -40.37 97.71 6.35
N THR PA 252 -39.44 97.85 5.39
CA THR PA 252 -39.27 99.08 4.60
C THR PA 252 -40.50 99.31 3.78
N TRP PA 253 -40.94 98.32 3.03
CA TRP PA 253 -42.20 98.46 2.33
C TRP PA 253 -43.36 98.79 3.28
N SER PA 254 -43.42 98.32 4.52
CA SER PA 254 -44.55 98.68 5.39
C SER PA 254 -44.42 100.05 6.07
N TYR PA 255 -43.20 100.49 6.40
CA TYR PA 255 -42.93 101.81 6.96
C TYR PA 255 -43.04 102.98 5.96
N ARG PA 256 -42.17 102.95 4.94
CA ARG PA 256 -42.39 103.71 3.70
C ARG PA 256 -43.49 102.93 3.11
N GLN PA 257 -44.30 103.59 2.31
CA GLN PA 257 -45.54 102.97 2.09
C GLN PA 257 -46.00 102.68 3.52
N PRO PA 258 -47.13 103.31 3.74
CA PRO PA 258 -47.70 103.57 5.08
C PRO PA 258 -46.88 102.98 6.20
N LEU PA 269 -29.72 127.22 -10.88
CA LEU PA 269 -30.80 126.34 -10.37
C LEU PA 269 -32.05 127.17 -10.18
N PHE PA 270 -33.19 126.70 -10.70
CA PHE PA 270 -34.48 127.34 -10.46
C PHE PA 270 -35.09 126.89 -9.13
N MET PA 271 -34.78 127.62 -8.06
CA MET PA 271 -35.27 127.31 -6.72
C MET PA 271 -36.80 127.10 -6.61
N PRO PA 272 -37.65 127.94 -7.25
CA PRO PA 272 -39.11 127.76 -7.18
C PRO PA 272 -39.60 126.42 -7.77
N VAL PA 273 -38.93 125.91 -8.82
CA VAL PA 273 -39.23 124.60 -9.42
C VAL PA 273 -39.07 123.46 -8.40
N PHE PA 274 -38.28 123.65 -7.33
CA PHE PA 274 -38.00 122.63 -6.33
C PHE PA 274 -38.97 122.56 -5.15
N GLY PA 275 -39.86 123.54 -5.01
CA GLY PA 275 -40.79 123.59 -3.89
C GLY PA 275 -41.95 122.59 -4.09
N PRO PA 276 -42.40 121.80 -3.09
CA PRO PA 276 -43.62 121.04 -3.28
C PRO PA 276 -44.82 121.95 -3.54
N VAL PA 277 -45.42 121.82 -4.72
CA VAL PA 277 -46.69 122.45 -5.07
C VAL PA 277 -47.88 121.59 -4.65
N LEU PA 278 -49.10 122.11 -4.90
CA LEU PA 278 -50.36 121.42 -4.69
C LEU PA 278 -50.35 120.00 -5.28
N ARG PA 279 -50.82 119.04 -4.51
CA ARG PA 279 -51.08 117.67 -5.00
C ARG PA 279 -52.56 117.42 -5.23
N LYS PA 280 -52.86 116.18 -5.65
CA LYS PA 280 -54.24 115.62 -5.68
C LYS PA 280 -54.96 115.70 -4.33
N VAL PA 281 -54.26 115.36 -3.25
CA VAL PA 281 -54.82 115.41 -1.87
C VAL PA 281 -55.24 116.83 -1.54
N ALA PA 282 -54.33 117.77 -1.74
CA ALA PA 282 -54.58 119.14 -1.39
C ALA PA 282 -55.73 119.76 -2.23
N VAL PA 283 -55.89 119.39 -3.51
CA VAL PA 283 -57.04 119.81 -4.36
C VAL PA 283 -58.33 119.16 -3.87
N ALA PA 284 -58.30 117.89 -3.49
CA ALA PA 284 -59.47 117.17 -2.97
C ALA PA 284 -59.98 117.80 -1.66
N ARG PA 285 -59.05 118.13 -0.75
CA ARG PA 285 -59.37 118.83 0.50
C ARG PA 285 -59.97 120.20 0.28
N PHE PA 286 -59.30 121.03 -0.52
CA PHE PA 286 -59.85 122.31 -0.98
C PHE PA 286 -61.27 122.26 -1.51
N THR PA 287 -61.49 121.33 -2.45
CA THR PA 287 -62.79 121.17 -3.12
C THR PA 287 -63.84 120.71 -2.14
N ARG PA 288 -63.51 119.78 -1.24
CA ARG PA 288 -64.43 119.30 -0.21
C ARG PA 288 -64.82 120.42 0.73
N THR PA 289 -63.85 121.19 1.21
CA THR PA 289 -64.04 122.33 2.11
C THR PA 289 -64.97 123.35 1.47
N LEU PA 290 -64.73 123.72 0.21
CA LEU PA 290 -65.53 124.71 -0.47
C LEU PA 290 -66.95 124.20 -0.77
N GLY PA 291 -67.07 122.96 -1.27
CA GLY PA 291 -68.35 122.27 -1.48
C GLY PA 291 -69.19 122.22 -0.23
N THR PA 292 -68.47 122.05 0.87
CA THR PA 292 -69.03 122.01 2.19
C THR PA 292 -69.55 123.41 2.60
N MET PA 293 -68.75 124.46 2.59
CA MET PA 293 -69.19 125.80 3.01
C MET PA 293 -70.24 126.40 2.07
N ILE PA 294 -70.17 126.11 0.78
CA ILE PA 294 -71.21 126.59 -0.15
C ILE PA 294 -72.55 125.86 0.07
N SER PA 295 -72.55 124.53 0.22
CA SER PA 295 -73.78 123.75 0.46
C SER PA 295 -74.48 124.18 1.74
N SER PA 296 -73.69 124.65 2.71
CA SER PA 296 -74.21 125.17 3.96
C SER PA 296 -74.87 126.53 3.91
N GLY PA 297 -74.48 127.33 2.93
CA GLY PA 297 -75.08 128.62 2.65
C GLY PA 297 -74.13 129.82 2.73
N VAL PA 298 -72.86 129.63 3.10
CA VAL PA 298 -71.83 130.69 3.15
C VAL PA 298 -71.65 131.25 1.70
N PRO PA 299 -71.37 132.56 1.40
CA PRO PA 299 -71.02 132.92 0.03
C PRO PA 299 -69.66 132.36 -0.39
N ILE PA 300 -69.37 132.44 -1.68
CA ILE PA 300 -68.03 132.10 -2.21
C ILE PA 300 -66.92 132.84 -1.48
N LEU PA 301 -67.03 134.16 -1.32
CA LEU PA 301 -65.95 134.95 -0.75
C LEU PA 301 -65.70 134.69 0.73
N ASP PA 302 -66.76 134.46 1.51
CA ASP PA 302 -66.62 134.04 2.90
C ASP PA 302 -65.94 132.65 2.99
N ALA PA 303 -66.33 131.71 2.12
CA ALA PA 303 -65.71 130.38 2.09
C ALA PA 303 -64.21 130.45 1.72
N LEU PA 304 -63.85 131.28 0.75
CA LEU PA 304 -62.46 131.44 0.34
C LEU PA 304 -61.60 132.07 1.42
N ASP PA 305 -62.13 133.04 2.19
CA ASP PA 305 -61.36 133.67 3.27
C ASP PA 305 -61.06 132.69 4.41
N VAL PA 306 -62.00 131.80 4.71
CA VAL PA 306 -61.79 130.72 5.68
C VAL PA 306 -60.78 129.73 5.11
N THR PA 307 -60.97 129.31 3.87
CA THR PA 307 -60.14 128.27 3.25
C THR PA 307 -58.69 128.73 3.13
N ALA PA 308 -58.46 130.00 2.77
CA ALA PA 308 -57.13 130.58 2.63
C ALA PA 308 -56.34 130.61 3.96
N LYS PA 309 -57.01 130.43 5.11
CA LYS PA 309 -56.41 130.29 6.42
C LYS PA 309 -56.20 128.84 6.88
N THR PA 310 -56.86 127.88 6.22
CA THR PA 310 -56.85 126.45 6.58
C THR PA 310 -56.24 125.55 5.51
N ALA PA 311 -55.55 126.14 4.53
CA ALA PA 311 -54.85 125.38 3.50
C ALA PA 311 -53.42 125.04 3.96
N GLY PA 312 -53.05 123.76 3.87
CA GLY PA 312 -51.78 123.31 4.46
C GLY PA 312 -50.55 123.56 3.58
N ASN PA 313 -50.69 123.33 2.29
CA ASN PA 313 -49.61 123.55 1.34
C ASN PA 313 -49.42 125.06 1.09
N ARG PA 314 -48.20 125.57 1.32
CA ARG PA 314 -47.89 127.01 1.23
C ARG PA 314 -48.10 127.59 -0.17
N THR PA 315 -47.72 126.84 -1.21
CA THR PA 315 -47.88 127.32 -2.59
C THR PA 315 -49.36 127.43 -2.98
N VAL PA 316 -50.19 126.56 -2.42
CA VAL PA 316 -51.65 126.55 -2.63
C VAL PA 316 -52.28 127.67 -1.87
N GLU PA 317 -51.83 127.90 -0.66
CA GLU PA 317 -52.26 129.04 0.13
C GLU PA 317 -51.99 130.34 -0.64
N ASP PA 318 -50.81 130.46 -1.26
CA ASP PA 318 -50.47 131.59 -2.12
C ASP PA 318 -51.34 131.69 -3.38
N ALA PA 319 -51.63 130.53 -3.99
CA ALA PA 319 -52.59 130.43 -5.08
C ALA PA 319 -54.00 130.92 -4.66
N ILE PA 320 -54.52 130.42 -3.53
CA ILE PA 320 -55.87 130.70 -3.05
C ILE PA 320 -56.03 132.15 -2.60
N ILE PA 321 -54.99 132.76 -1.99
CA ILE PA 321 -55.00 134.18 -1.66
C ILE PA 321 -55.13 135.00 -2.96
N TYR PA 322 -54.47 134.59 -4.02
CA TYR PA 322 -54.60 135.22 -5.33
C TYR PA 322 -55.94 135.02 -6.00
N VAL PA 323 -56.53 133.84 -5.86
CA VAL PA 323 -57.89 133.60 -6.34
C VAL PA 323 -58.90 134.46 -5.59
N ARG PA 324 -58.81 134.54 -4.27
CA ARG PA 324 -59.72 135.34 -3.46
C ARG PA 324 -59.57 136.84 -3.72
N GLY PA 325 -58.33 137.32 -3.85
CA GLY PA 325 -58.04 138.71 -4.21
C GLY PA 325 -58.64 139.07 -5.57
N LYS PA 326 -58.48 138.19 -6.57
CA LYS PA 326 -59.10 138.37 -7.90
C LYS PA 326 -60.62 138.42 -7.86
N ILE PA 327 -61.25 137.50 -7.15
CA ILE PA 327 -62.73 137.45 -7.03
C ILE PA 327 -63.26 138.68 -6.29
N ALA PA 328 -62.62 139.07 -5.18
CA ALA PA 328 -63.04 140.24 -4.42
C ALA PA 328 -62.94 141.52 -5.24
N GLU PA 329 -62.03 141.58 -6.22
CA GLU PA 329 -61.92 142.70 -7.17
C GLU PA 329 -62.99 142.70 -8.28
N GLY PA 330 -63.79 141.63 -8.42
CA GLY PA 330 -64.88 141.54 -9.40
C GLY PA 330 -64.58 140.62 -10.58
N LYS PA 331 -63.43 139.95 -10.64
CA LYS PA 331 -63.16 138.89 -11.62
C LYS PA 331 -64.02 137.64 -11.33
N ASN PA 332 -64.42 136.91 -12.38
CA ASN PA 332 -65.30 135.73 -12.28
C ASN PA 332 -64.58 134.49 -11.82
N ILE PA 333 -65.07 133.75 -10.80
CA ILE PA 333 -64.37 132.65 -10.10
C ILE PA 333 -63.58 131.69 -11.00
N ALA PA 334 -64.15 131.24 -12.12
CA ALA PA 334 -63.56 130.36 -13.12
C ALA PA 334 -62.33 130.99 -13.80
N GLY PA 335 -62.35 132.29 -14.04
CA GLY PA 335 -61.22 133.10 -14.49
C GLY PA 335 -60.06 133.26 -13.46
N PRO PA 336 -60.25 133.58 -12.15
CA PRO PA 336 -59.21 133.40 -11.16
C PRO PA 336 -58.64 131.97 -11.08
N LEU PA 337 -59.46 130.93 -11.23
CA LEU PA 337 -58.93 129.57 -11.21
C LEU PA 337 -58.08 129.25 -12.45
N ALA PA 338 -58.52 129.70 -13.63
CA ALA PA 338 -57.92 129.33 -14.91
C ALA PA 338 -56.46 129.78 -15.06
N GLU PA 339 -56.00 130.67 -14.18
CA GLU PA 339 -54.64 131.17 -14.14
C GLU PA 339 -53.68 130.18 -13.50
N THR PA 340 -54.20 129.17 -12.82
CA THR PA 340 -53.43 128.25 -12.00
C THR PA 340 -53.57 126.84 -12.52
N LYS PA 341 -52.42 126.21 -12.78
CA LYS PA 341 -52.35 124.91 -13.46
C LYS PA 341 -53.06 123.77 -12.73
N VAL PA 342 -53.11 123.86 -11.41
CA VAL PA 342 -53.70 122.83 -10.56
C VAL PA 342 -55.18 122.58 -10.84
N PHE PA 343 -55.92 123.52 -11.41
CA PHE PA 343 -57.32 123.35 -11.78
C PHE PA 343 -57.39 122.88 -13.26
N PRO PA 344 -57.78 121.63 -13.60
CA PRO PA 344 -57.90 121.26 -15.00
C PRO PA 344 -58.91 122.10 -15.78
N SER PA 345 -58.89 121.96 -17.11
CA SER PA 345 -59.86 122.59 -18.03
C SER PA 345 -61.29 122.21 -17.69
N MET PA 346 -61.51 120.95 -17.30
CA MET PA 346 -62.80 120.45 -16.86
C MET PA 346 -63.29 121.05 -15.57
N VAL PA 347 -62.40 121.17 -14.59
CA VAL PA 347 -62.71 121.84 -13.34
C VAL PA 347 -63.16 123.26 -13.59
N VAL PA 348 -62.37 124.03 -14.35
CA VAL PA 348 -62.70 125.42 -14.63
C VAL PA 348 -63.99 125.52 -15.42
N GLN PA 349 -64.17 124.67 -16.43
CA GLN PA 349 -65.33 124.70 -17.28
C GLN PA 349 -66.61 124.36 -16.51
N MET PA 350 -66.52 123.41 -15.58
CA MET PA 350 -67.57 123.02 -14.64
C MET PA 350 -67.88 124.11 -13.63
N ILE PA 351 -66.88 124.70 -12.99
CA ILE PA 351 -67.07 125.88 -12.14
C ILE PA 351 -67.71 127.03 -12.92
N GLY PA 352 -67.32 127.25 -14.17
CA GLY PA 352 -67.83 128.32 -15.02
C GLY PA 352 -69.31 128.15 -15.35
N VAL PA 353 -69.76 126.90 -15.49
CA VAL PA 353 -71.20 126.61 -15.49
C VAL PA 353 -71.86 126.96 -14.17
N GLY PA 354 -71.27 126.50 -13.05
CA GLY PA 354 -71.82 126.70 -11.72
C GLY PA 354 -72.06 128.18 -11.37
N GLU PA 355 -71.20 129.08 -11.86
CA GLU PA 355 -71.35 130.53 -11.70
C GLU PA 355 -72.62 131.07 -12.34
N ALA PA 356 -72.94 130.60 -13.54
CA ALA PA 356 -74.10 131.06 -14.29
C ALA PA 356 -75.40 130.39 -13.84
N THR PA 357 -75.30 129.36 -12.99
CA THR PA 357 -76.41 128.50 -12.60
C THR PA 357 -76.84 128.58 -11.17
N GLY PA 358 -76.09 129.31 -10.35
CA GLY PA 358 -76.33 129.32 -8.92
C GLY PA 358 -76.28 127.91 -8.32
N ALA PA 359 -75.49 127.00 -8.89
CA ALA PA 359 -75.35 125.61 -8.44
C ALA PA 359 -73.87 125.26 -8.13
N MET PA 360 -73.07 126.27 -7.76
CA MET PA 360 -71.67 126.05 -7.41
C MET PA 360 -71.49 125.04 -6.27
N ASP PA 361 -72.39 125.05 -5.26
CA ASP PA 361 -72.38 124.13 -4.11
C ASP PA 361 -72.23 122.72 -4.52
N THR PA 362 -73.05 122.44 -5.50
CA THR PA 362 -73.13 121.10 -5.83
C THR PA 362 -72.07 120.79 -6.88
N MET PA 363 -71.82 121.66 -7.87
CA MET PA 363 -70.68 121.45 -8.75
C MET PA 363 -69.40 121.09 -8.00
N LEU PA 364 -69.17 121.79 -6.89
CA LEU PA 364 -68.05 121.54 -6.00
C LEU PA 364 -68.19 120.22 -5.26
N ASN PA 365 -69.38 119.84 -4.80
CA ASN PA 365 -69.61 118.56 -4.13
C ASN PA 365 -69.30 117.35 -5.04
N LYS PA 366 -69.67 117.42 -6.31
CA LYS PA 366 -69.41 116.37 -7.30
C LYS PA 366 -67.97 116.33 -7.78
N ILE PA 367 -67.37 117.49 -8.00
CA ILE PA 367 -65.93 117.62 -8.20
C ILE PA 367 -65.22 116.97 -7.00
N ALA PA 368 -65.58 117.29 -5.76
CA ALA PA 368 -64.83 116.82 -4.58
C ALA PA 368 -64.90 115.31 -4.40
N ASP PA 369 -66.08 114.74 -4.63
CA ASP PA 369 -66.29 113.28 -4.58
C ASP PA 369 -65.50 112.54 -5.66
N PHE PA 370 -65.48 113.11 -6.88
CA PHE PA 370 -64.65 112.62 -7.97
C PHE PA 370 -63.15 112.59 -7.60
N TYR PA 371 -62.67 113.68 -7.00
CA TYR PA 371 -61.28 113.79 -6.55
C TYR PA 371 -60.89 112.88 -5.40
N ASP PA 372 -61.73 112.80 -4.39
CA ASP PA 372 -61.59 111.92 -3.23
C ASP PA 372 -61.49 110.42 -3.62
N ASP PA 373 -62.22 110.04 -4.67
CA ASP PA 373 -62.17 108.69 -5.22
C ASP PA 373 -60.98 108.39 -6.14
N GLU PA 374 -60.58 109.39 -6.93
CA GLU PA 374 -59.31 109.39 -7.67
C GLU PA 374 -58.10 109.28 -6.70
N VAL PA 375 -58.15 109.99 -5.57
CA VAL PA 375 -57.13 110.00 -4.53
C VAL PA 375 -56.98 108.61 -3.95
N ASP PA 376 -58.07 107.97 -3.57
CA ASP PA 376 -58.05 106.69 -2.87
C ASP PA 376 -57.78 105.46 -3.73
N ALA PA 377 -58.06 105.58 -5.02
CA ALA PA 377 -57.49 104.70 -6.06
C ALA PA 377 -55.96 104.83 -6.13
N ALA PA 378 -55.46 106.03 -6.42
CA ALA PA 378 -54.06 106.31 -6.33
C ALA PA 378 -53.61 106.16 -4.88
N ALA PA 384 -51.93 102.84 -5.90
CA ALA PA 384 -51.87 101.51 -6.51
C ALA PA 384 -50.43 101.04 -6.73
N MET PA 385 -49.38 101.88 -6.82
CA MET PA 385 -47.96 101.44 -6.93
C MET PA 385 -47.31 101.08 -5.59
N ILE PA 386 -47.90 101.58 -4.51
CA ILE PA 386 -47.66 101.26 -3.09
C ILE PA 386 -48.02 99.80 -2.73
N GLU PA 387 -48.60 99.08 -3.63
CA GLU PA 387 -48.90 97.68 -3.39
C GLU PA 387 -48.23 96.68 -4.31
N PRO PA 388 -48.05 97.05 -5.57
CA PRO PA 388 -47.25 96.33 -6.52
C PRO PA 388 -45.78 96.34 -6.15
N VAL PA 389 -45.18 97.47 -5.76
CA VAL PA 389 -43.76 97.48 -5.37
C VAL PA 389 -43.57 96.59 -4.08
N LEU PA 390 -44.62 96.25 -3.29
CA LEU PA 390 -44.52 95.45 -2.01
C LEU PA 390 -44.13 94.08 -2.38
N MET PA 391 -44.96 93.61 -3.30
CA MET PA 391 -44.97 92.29 -3.81
C MET PA 391 -43.70 92.05 -4.59
N VAL PA 392 -43.14 93.10 -5.22
CA VAL PA 392 -41.86 93.00 -5.94
C VAL PA 392 -40.77 92.63 -4.96
N PHE PA 393 -40.68 93.38 -3.87
CA PHE PA 393 -39.77 93.07 -2.80
C PHE PA 393 -40.17 91.90 -1.92
N LEU PA 394 -41.44 91.50 -1.93
CA LEU PA 394 -41.93 90.41 -1.12
C LEU PA 394 -41.29 89.11 -1.61
N GLY PA 395 -41.75 88.65 -2.77
CA GLY PA 395 -41.27 87.40 -3.35
C GLY PA 395 -39.83 87.50 -3.86
N GLY PA 396 -39.40 88.69 -4.30
CA GLY PA 396 -38.02 88.90 -4.75
C GLY PA 396 -36.98 88.65 -3.69
N VAL PA 397 -37.27 89.04 -2.44
CA VAL PA 397 -36.39 88.75 -1.35
C VAL PA 397 -36.46 87.26 -0.98
N VAL PA 398 -37.66 86.70 -0.87
CA VAL PA 398 -37.85 85.27 -0.56
C VAL PA 398 -37.02 84.39 -1.47
N GLY PA 399 -37.13 84.70 -2.76
CA GLY PA 399 -36.46 83.95 -3.81
C GLY PA 399 -34.95 84.15 -3.72
N GLY PA 400 -34.50 85.34 -3.35
CA GLY PA 400 -33.08 85.63 -3.14
C GLY PA 400 -32.46 84.84 -2.01
N PHE PA 401 -33.20 84.60 -0.93
CA PHE PA 401 -32.77 83.71 0.13
C PHE PA 401 -32.54 82.27 -0.31
N LEU PA 402 -33.58 81.72 -0.94
CA LEU PA 402 -33.58 80.33 -1.39
C LEU PA 402 -32.47 80.09 -2.39
N ILE PA 403 -32.25 81.05 -3.28
CA ILE PA 403 -31.15 81.00 -4.23
C ILE PA 403 -29.81 81.08 -3.55
N GLY PA 404 -29.75 81.96 -2.56
CA GLY PA 404 -28.55 82.22 -1.81
C GLY PA 404 -27.90 80.94 -1.27
N MET PA 405 -28.64 80.10 -0.54
CA MET PA 405 -28.01 78.90 0.05
C MET PA 405 -27.80 77.77 -0.88
N TYR PA 406 -28.74 77.59 -1.79
CA TYR PA 406 -28.53 76.61 -2.80
C TYR PA 406 -27.21 76.69 -3.51
N LEU PA 407 -26.88 77.92 -3.89
CA LEU PA 407 -25.60 78.16 -4.52
C LEU PA 407 -24.51 77.84 -3.50
N ILE QA 69 -39.68 108.77 -46.81
CA ILE QA 69 -40.58 107.94 -45.96
C ILE QA 69 -41.58 108.87 -45.28
N PRO QA 70 -42.92 108.66 -45.31
CA PRO QA 70 -43.81 109.29 -44.35
C PRO QA 70 -44.28 108.35 -43.22
N GLY QA 71 -44.76 108.93 -42.12
CA GLY QA 71 -45.34 108.21 -40.99
C GLY QA 71 -46.30 109.08 -40.18
N PHE QA 72 -47.53 108.60 -40.02
CA PHE QA 72 -48.59 109.21 -39.21
C PHE QA 72 -49.26 108.13 -38.37
N GLY QA 73 -49.62 108.49 -37.12
CA GLY QA 73 -50.38 107.63 -36.23
C GLY QA 73 -51.87 107.87 -36.36
N GLY QA 74 -52.65 106.93 -35.84
CA GLY QA 74 -54.08 107.11 -35.69
C GLY QA 74 -54.41 108.10 -34.57
N VAL QA 75 -55.63 107.94 -34.07
CA VAL QA 75 -56.09 108.64 -32.89
C VAL QA 75 -56.38 107.68 -31.74
N GLU QA 76 -56.52 108.20 -30.51
CA GLU QA 76 -56.76 107.36 -29.34
C GLU QA 76 -58.06 106.54 -29.45
N GLY QA 77 -58.14 105.43 -28.70
CA GLY QA 77 -59.37 104.64 -28.68
C GLY QA 77 -60.59 105.43 -28.17
N LYS QA 78 -60.38 106.30 -27.17
CA LYS QA 78 -61.34 107.26 -26.62
C LYS QA 78 -61.88 108.26 -27.59
N ASP QA 79 -60.94 108.71 -28.37
CA ASP QA 79 -61.27 109.77 -29.25
C ASP QA 79 -61.97 109.31 -30.56
N ILE QA 80 -61.61 108.12 -31.05
CA ILE QA 80 -62.41 107.46 -32.09
C ILE QA 80 -63.80 107.16 -31.57
N LEU QA 81 -63.88 106.71 -30.33
CA LEU QA 81 -65.15 106.39 -29.77
C LEU QA 81 -66.14 107.53 -29.79
N VAL QA 82 -65.71 108.66 -29.24
CA VAL QA 82 -66.56 109.83 -29.06
C VAL QA 82 -67.08 110.27 -30.40
N PHE QA 83 -66.18 110.28 -31.36
CA PHE QA 83 -66.53 110.80 -32.63
C PHE QA 83 -67.39 109.86 -33.49
N THR QA 84 -67.12 108.57 -33.46
CA THR QA 84 -68.00 107.61 -34.14
C THR QA 84 -69.39 107.59 -33.51
N ARG QA 85 -69.50 107.66 -32.17
CA ARG QA 85 -70.81 107.73 -31.50
C ARG QA 85 -71.59 108.93 -31.93
N GLN QA 86 -70.97 110.09 -31.85
CA GLN QA 86 -71.66 111.31 -32.15
C GLN QA 86 -72.02 111.40 -33.66
N PHE QA 87 -71.29 110.75 -34.60
CA PHE QA 87 -71.76 110.68 -36.01
C PHE QA 87 -72.89 109.77 -36.31
N ALA QA 88 -72.80 108.59 -35.72
CA ALA QA 88 -73.90 107.67 -35.76
C ALA QA 88 -75.17 108.32 -35.25
N THR QA 89 -75.04 109.09 -34.17
CA THR QA 89 -76.19 109.75 -33.56
C THR QA 89 -76.77 110.80 -34.52
N MET QA 90 -75.94 111.68 -35.06
CA MET QA 90 -76.44 112.74 -35.93
C MET QA 90 -77.00 112.24 -37.24
N ILE QA 91 -76.29 111.28 -37.86
CA ILE QA 91 -76.75 110.69 -39.12
C ILE QA 91 -78.08 109.98 -38.92
N ASP QA 92 -78.24 109.24 -37.81
CA ASP QA 92 -79.51 108.53 -37.57
C ASP QA 92 -80.64 109.54 -37.26
N ALA QA 93 -80.29 110.78 -36.91
CA ALA QA 93 -81.23 111.89 -36.76
C ALA QA 93 -81.77 112.47 -38.06
N GLY QA 94 -81.28 112.02 -39.22
CA GLY QA 94 -81.69 112.58 -40.49
C GLY QA 94 -81.07 113.94 -40.80
N LEU QA 95 -80.03 114.41 -40.08
CA LEU QA 95 -79.26 115.55 -40.59
C LEU QA 95 -78.51 115.15 -41.85
N PRO QA 96 -78.24 116.10 -42.77
CA PRO QA 96 -77.35 115.85 -43.90
C PRO QA 96 -75.97 115.43 -43.41
N LEU QA 97 -75.31 114.53 -44.14
CA LEU QA 97 -74.01 114.00 -43.72
C LEU QA 97 -72.95 115.09 -43.53
N VAL QA 98 -72.91 116.08 -44.41
CA VAL QA 98 -72.00 117.23 -44.29
C VAL QA 98 -72.31 118.01 -43.01
N GLN QA 99 -73.58 118.25 -42.68
CA GLN QA 99 -73.96 118.96 -41.46
C GLN QA 99 -73.62 118.13 -40.22
N CYS QA 100 -73.78 116.81 -40.27
CA CYS QA 100 -73.32 115.92 -39.21
C CYS QA 100 -71.82 116.14 -38.97
N LEU QA 101 -71.02 116.03 -40.03
CA LEU QA 101 -69.58 116.26 -40.04
C LEU QA 101 -69.14 117.60 -39.44
N ASP QA 102 -69.85 118.67 -39.80
CA ASP QA 102 -69.57 120.01 -39.31
C ASP QA 102 -69.75 120.09 -37.80
N ILE QA 103 -70.84 119.50 -37.33
CA ILE QA 103 -71.21 119.56 -35.95
C ILE QA 103 -70.17 118.86 -35.08
N LEU QA 104 -69.78 117.63 -35.41
CA LEU QA 104 -68.81 116.97 -34.56
C LEU QA 104 -67.44 117.62 -34.58
N ALA QA 105 -67.03 118.12 -35.74
CA ALA QA 105 -65.83 118.94 -35.79
C ALA QA 105 -65.97 120.12 -34.82
N SER QA 106 -67.07 120.87 -34.92
CA SER QA 106 -67.26 122.10 -34.14
C SER QA 106 -67.44 121.87 -32.63
N GLN QA 107 -67.81 120.65 -32.23
CA GLN QA 107 -67.91 120.25 -30.82
C GLN QA 107 -66.69 119.57 -30.24
N MET QA 108 -65.65 119.39 -31.06
CA MET QA 108 -64.46 118.66 -30.64
C MET QA 108 -63.54 119.51 -29.75
N ASP QA 109 -62.93 118.85 -28.75
CA ASP QA 109 -61.91 119.42 -27.86
C ASP QA 109 -60.41 119.29 -28.26
N ASN QA 110 -60.00 118.25 -28.99
CA ASN QA 110 -58.61 118.00 -29.42
C ASN QA 110 -58.36 118.80 -30.78
N PRO QA 111 -57.28 119.55 -31.23
CA PRO QA 111 -57.43 120.06 -32.60
C PRO QA 111 -57.43 118.96 -33.64
N SER QA 112 -56.67 117.88 -33.44
CA SER QA 112 -56.42 116.97 -34.56
C SER QA 112 -57.73 116.39 -35.07
N PHE QA 113 -58.68 116.16 -34.15
CA PHE QA 113 -60.00 115.76 -34.57
C PHE QA 113 -60.79 116.81 -35.30
N LYS QA 114 -60.89 118.01 -34.73
CA LYS QA 114 -61.62 119.07 -35.44
C LYS QA 114 -60.99 119.30 -36.82
N LYS QA 115 -59.65 119.32 -36.89
CA LYS QA 115 -58.96 119.51 -38.15
C LYS QA 115 -59.29 118.40 -39.13
N VAL QA 116 -59.17 117.11 -38.75
CA VAL QA 116 -59.48 116.06 -39.76
C VAL QA 116 -60.90 116.30 -40.24
N LEU QA 117 -61.84 116.43 -39.32
CA LEU QA 117 -63.23 116.32 -39.67
C LEU QA 117 -63.75 117.41 -40.57
N PHE QA 118 -63.08 118.55 -40.50
CA PHE QA 118 -63.22 119.54 -41.54
C PHE QA 118 -62.74 119.04 -42.93
N ALA QA 119 -61.59 118.37 -43.02
CA ALA QA 119 -61.09 117.73 -44.24
C ALA QA 119 -61.97 116.57 -44.78
N ILE QA 120 -62.47 115.67 -43.91
CA ILE QA 120 -63.44 114.64 -44.32
C ILE QA 120 -64.70 115.30 -44.88
N LYS QA 121 -65.22 116.32 -44.20
CA LYS QA 121 -66.39 117.08 -44.67
C LYS QA 121 -66.14 117.80 -45.99
N SER QA 122 -64.93 118.33 -46.19
CA SER QA 122 -64.55 118.99 -47.44
C SER QA 122 -64.63 118.05 -48.65
N LYS QA 123 -64.25 116.78 -48.48
CA LYS QA 123 -64.45 115.74 -49.52
C LYS QA 123 -65.92 115.37 -49.73
N VAL QA 124 -66.68 115.25 -48.65
CA VAL QA 124 -68.12 114.94 -48.74
C VAL QA 124 -68.86 116.07 -49.48
N GLU QA 125 -68.50 117.36 -49.29
CA GLU QA 125 -69.14 118.46 -50.05
C GLU QA 125 -68.72 118.53 -51.53
N GLN QA 126 -67.58 117.93 -51.91
CA GLN QA 126 -67.25 117.68 -53.32
C GLN QA 126 -68.06 116.52 -53.92
N GLY QA 127 -68.83 115.78 -53.11
CA GLY QA 127 -69.78 114.76 -53.53
C GLY QA 127 -69.32 113.33 -53.23
N SER QA 128 -68.10 113.14 -52.69
CA SER QA 128 -67.60 111.80 -52.37
C SER QA 128 -68.42 111.17 -51.23
N THR QA 129 -68.47 109.85 -51.22
CA THR QA 129 -69.02 109.09 -50.11
C THR QA 129 -68.23 109.36 -48.83
N PHE QA 130 -68.85 109.11 -47.67
CA PHE QA 130 -68.13 109.15 -46.41
C PHE QA 130 -66.97 108.15 -46.40
N ALA QA 131 -67.16 106.93 -46.91
CA ALA QA 131 -66.11 105.94 -46.99
C ALA QA 131 -64.87 106.44 -47.76
N ASP QA 132 -65.10 107.02 -48.93
CA ASP QA 132 -64.06 107.64 -49.75
C ASP QA 132 -63.46 108.93 -49.15
N ALA QA 133 -64.22 109.67 -48.35
CA ALA QA 133 -63.70 110.83 -47.64
C ALA QA 133 -62.80 110.43 -46.46
N LEU QA 134 -63.17 109.38 -45.71
CA LEU QA 134 -62.34 108.85 -44.65
C LEU QA 134 -61.04 108.20 -45.15
N LYS QA 135 -61.04 107.75 -46.40
CA LYS QA 135 -59.84 107.27 -47.11
C LYS QA 135 -58.69 108.27 -47.10
N GLU QA 136 -58.93 109.56 -46.90
CA GLU QA 136 -57.85 110.56 -46.71
C GLU QA 136 -57.09 110.43 -45.39
N HIS QA 137 -57.62 109.63 -44.46
CA HIS QA 137 -57.03 109.33 -43.17
C HIS QA 137 -56.97 107.82 -42.92
N PRO QA 138 -56.26 107.05 -43.77
CA PRO QA 138 -56.18 105.59 -43.64
C PRO QA 138 -55.41 105.15 -42.38
N LYS QA 139 -54.56 106.04 -41.86
CA LYS QA 139 -53.86 105.85 -40.59
C LYS QA 139 -54.76 105.97 -39.35
N VAL QA 140 -55.97 106.53 -39.51
CA VAL QA 140 -56.97 106.72 -38.45
C VAL QA 140 -58.16 105.76 -38.61
N PHE QA 141 -58.74 105.68 -39.82
CA PHE QA 141 -59.84 104.78 -40.14
C PHE QA 141 -59.26 103.69 -41.01
N ASP QA 142 -59.11 102.50 -40.44
CA ASP QA 142 -58.49 101.38 -41.16
C ASP QA 142 -59.44 100.85 -42.26
N GLU QA 143 -58.90 99.93 -43.08
CA GLU QA 143 -59.62 99.35 -44.20
C GLU QA 143 -60.94 98.70 -43.79
N LEU QA 144 -60.96 98.05 -42.62
CA LEU QA 144 -62.16 97.42 -42.09
C LEU QA 144 -63.22 98.46 -41.71
N TYR QA 145 -62.84 99.54 -41.02
CA TYR QA 145 -63.74 100.66 -40.81
C TYR QA 145 -64.30 101.21 -42.12
N VAL QA 146 -63.45 101.62 -43.10
CA VAL QA 146 -64.03 102.22 -44.31
C VAL QA 146 -64.97 101.18 -44.89
N GLN QA 147 -64.56 99.93 -45.07
CA GLN QA 147 -65.42 98.96 -45.76
C GLN QA 147 -66.78 98.84 -45.09
N LEU QA 148 -66.84 98.84 -43.74
CA LEU QA 148 -68.13 98.90 -43.05
C LEU QA 148 -68.92 100.15 -43.46
N CYS QA 149 -68.31 101.34 -43.46
CA CYS QA 149 -69.02 102.52 -43.94
C CYS QA 149 -69.53 102.31 -45.39
N ALA QA 150 -68.62 101.91 -46.27
CA ALA QA 150 -68.93 101.80 -47.69
C ALA QA 150 -70.00 100.73 -47.93
N ALA QA 151 -70.02 99.66 -47.14
CA ALA QA 151 -71.07 98.64 -47.20
C ALA QA 151 -72.42 99.23 -46.81
N GLY QA 152 -72.43 100.06 -45.77
CA GLY QA 152 -73.62 100.81 -45.39
C GLY QA 152 -74.10 101.79 -46.47
N GLU QA 153 -73.20 102.52 -47.09
CA GLU QA 153 -73.52 103.45 -48.18
C GLU QA 153 -74.05 102.74 -49.44
N VAL QA 154 -73.47 101.59 -49.80
CA VAL QA 154 -73.88 100.81 -50.99
C VAL QA 154 -75.26 100.18 -50.80
N GLY QA 155 -75.60 99.75 -49.58
CA GLY QA 155 -76.85 99.05 -49.30
C GLY QA 155 -77.99 99.93 -48.80
N GLY QA 156 -77.77 101.24 -48.62
CA GLY QA 156 -78.74 102.17 -48.06
C GLY QA 156 -78.91 102.06 -46.53
N ILE QA 157 -77.90 101.56 -45.82
CA ILE QA 157 -77.90 101.31 -44.36
C ILE QA 157 -76.78 102.10 -43.62
N LEU QA 158 -76.36 103.27 -44.13
CA LEU QA 158 -75.28 104.05 -43.51
C LEU QA 158 -75.54 104.31 -42.01
N ASP QA 159 -76.78 104.63 -41.66
CA ASP QA 159 -77.25 104.83 -40.29
C ASP QA 159 -77.00 103.62 -39.35
N ALA QA 160 -77.40 102.42 -39.77
CA ALA QA 160 -77.24 101.24 -38.93
C ALA QA 160 -75.79 100.71 -38.88
N ILE QA 161 -75.00 100.87 -39.94
CA ILE QA 161 -73.57 100.57 -39.88
C ILE QA 161 -72.79 101.59 -39.06
N LEU QA 162 -73.18 102.86 -39.03
CA LEU QA 162 -72.55 103.80 -38.09
C LEU QA 162 -72.89 103.51 -36.65
N ASN QA 163 -74.11 103.08 -36.35
CA ASN QA 163 -74.47 102.60 -35.01
C ASN QA 163 -73.63 101.41 -34.58
N ARG QA 164 -73.42 100.48 -35.50
CA ARG QA 164 -72.56 99.32 -35.32
C ARG QA 164 -71.12 99.71 -35.05
N LEU QA 165 -70.58 100.63 -35.85
CA LEU QA 165 -69.26 101.16 -35.69
C LEU QA 165 -69.11 101.91 -34.36
N ALA QA 166 -70.13 102.66 -33.92
CA ALA QA 166 -70.07 103.36 -32.63
C ALA QA 166 -70.02 102.38 -31.46
N ALA QA 167 -70.87 101.33 -31.51
CA ALA QA 167 -70.81 100.25 -30.53
C ALA QA 167 -69.45 99.53 -30.55
N TYR QA 168 -68.91 99.26 -31.73
CA TYR QA 168 -67.56 98.73 -31.92
C TYR QA 168 -66.43 99.53 -31.29
N ARG QA 169 -66.41 100.83 -31.58
CA ARG QA 169 -65.45 101.78 -31.03
C ARG QA 169 -65.56 101.86 -29.50
N GLU QA 170 -66.78 101.66 -28.96
CA GLU QA 170 -66.99 101.75 -27.50
C GLU QA 170 -66.51 100.53 -26.76
N LYS QA 171 -66.79 99.40 -27.37
CA LYS QA 171 -66.23 98.14 -26.93
C LYS QA 171 -64.71 98.13 -27.05
N ASN QA 172 -64.13 98.70 -28.11
CA ASN QA 172 -62.68 98.78 -28.27
C ASN QA 172 -62.00 99.63 -27.21
N GLU QA 173 -62.46 100.85 -26.98
CA GLU QA 173 -61.91 101.68 -25.91
C GLU QA 173 -62.04 101.05 -24.54
N LYS QA 174 -63.24 100.56 -24.18
CA LYS QA 174 -63.40 99.92 -22.87
C LYS QA 174 -62.44 98.74 -22.77
N LEU QA 175 -62.35 97.89 -23.81
CA LEU QA 175 -61.42 96.76 -23.71
C LEU QA 175 -59.97 97.23 -23.54
N LYS QA 176 -59.56 98.30 -24.22
CA LYS QA 176 -58.20 98.84 -24.03
C LYS QA 176 -57.93 99.30 -22.62
N SER QA 177 -58.79 100.14 -22.03
CA SER QA 177 -58.49 100.65 -20.68
C SER QA 177 -58.27 99.52 -19.72
N LYS QA 178 -59.06 98.51 -19.95
CA LYS QA 178 -59.32 97.55 -18.97
C LYS QA 178 -58.27 96.38 -19.02
N VAL QA 179 -57.56 96.04 -20.14
CA VAL QA 179 -56.29 95.24 -19.97
C VAL QA 179 -55.26 96.07 -19.25
N LYS QA 180 -55.07 97.27 -19.78
CA LYS QA 180 -53.88 98.07 -19.42
C LYS QA 180 -53.91 98.52 -17.97
N SER QA 181 -55.11 98.69 -17.45
CA SER QA 181 -55.29 99.35 -16.18
C SER QA 181 -54.64 98.45 -15.09
N ALA QA 182 -54.03 99.07 -14.05
CA ALA QA 182 -53.07 98.49 -13.09
C ALA QA 182 -51.76 97.97 -13.70
N LEU QA 191 -44.73 93.31 -19.44
CA LEU QA 191 -45.38 93.48 -18.10
C LEU QA 191 -45.38 94.97 -17.75
N VAL QA 192 -46.54 95.67 -17.63
CA VAL QA 192 -46.58 96.96 -16.89
C VAL QA 192 -46.75 96.73 -15.37
N ALA QA 193 -47.28 97.74 -14.69
CA ALA QA 193 -47.85 97.71 -13.35
C ALA QA 193 -49.05 96.75 -13.22
N ILE QA 194 -50.01 96.77 -14.15
CA ILE QA 194 -51.18 95.85 -14.14
C ILE QA 194 -50.75 94.39 -14.25
N GLY QA 195 -49.85 94.08 -15.19
CA GLY QA 195 -49.32 92.73 -15.35
C GLY QA 195 -48.54 92.27 -14.12
N VAL QA 196 -47.58 93.07 -13.63
CA VAL QA 196 -46.79 92.74 -12.44
C VAL QA 196 -47.68 92.60 -11.21
N THR QA 197 -48.59 93.54 -10.96
CA THR QA 197 -49.55 93.49 -9.84
C THR QA 197 -50.47 92.27 -10.03
N ALA QA 198 -50.84 91.85 -11.26
CA ALA QA 198 -51.80 90.74 -11.45
C ALA QA 198 -51.18 89.35 -11.30
N VAL QA 199 -49.95 89.13 -11.78
CA VAL QA 199 -49.14 87.96 -11.36
C VAL QA 199 -49.07 88.01 -9.85
N LEU QA 200 -48.67 89.17 -9.32
CA LEU QA 200 -48.32 89.23 -7.92
C LEU QA 200 -49.54 88.93 -7.09
N LEU QA 201 -50.73 89.45 -7.39
CA LEU QA 201 -51.94 89.09 -6.62
C LEU QA 201 -52.41 87.65 -6.87
N LEU QA 202 -52.36 87.16 -8.11
CA LEU QA 202 -52.90 85.85 -8.44
C LEU QA 202 -52.20 84.70 -7.70
N LYS QA 203 -50.85 84.68 -7.71
CA LYS QA 203 -50.11 83.95 -6.68
C LYS QA 203 -49.51 84.92 -5.63
N VAL QA 204 -50.24 85.06 -4.52
CA VAL QA 204 -49.73 85.53 -3.20
C VAL QA 204 -50.12 84.57 -2.14
N THR QA 205 -51.43 84.40 -2.10
CA THR QA 205 -52.07 83.42 -1.29
C THR QA 205 -51.59 82.03 -1.56
N PRO QA 206 -51.74 81.50 -2.79
CA PRO QA 206 -51.34 80.11 -3.02
C PRO QA 206 -49.87 79.85 -2.65
N VAL QA 207 -49.04 80.88 -2.71
CA VAL QA 207 -47.69 80.81 -2.14
C VAL QA 207 -47.72 80.73 -0.62
N PHE QA 208 -48.44 81.61 0.08
CA PHE QA 208 -48.59 81.53 1.56
C PHE QA 208 -48.97 80.14 2.03
N GLU QA 209 -49.94 79.63 1.35
CA GLU QA 209 -50.44 78.32 1.50
C GLU QA 209 -49.41 77.20 1.39
N LYS QA 210 -48.71 77.12 0.25
CA LYS QA 210 -47.60 76.19 0.08
C LYS QA 210 -46.52 76.41 1.12
N MET QA 211 -46.38 77.64 1.65
CA MET QA 211 -45.44 77.98 2.69
C MET QA 211 -45.83 77.43 4.06
N PHE QA 212 -47.10 77.54 4.46
CA PHE QA 212 -47.54 76.99 5.73
C PHE QA 212 -47.57 75.46 5.65
N ALA QA 213 -47.90 74.89 4.49
CA ALA QA 213 -47.89 73.43 4.30
C ALA QA 213 -46.50 72.82 4.12
N ASP QA 214 -45.45 73.64 4.02
CA ASP QA 214 -44.05 73.23 3.95
C ASP QA 214 -43.26 73.45 5.24
N PHE QA 215 -43.92 74.08 6.17
CA PHE QA 215 -43.47 74.10 7.52
C PHE QA 215 -43.65 72.66 8.07
N GLY QA 216 -42.64 71.84 7.78
CA GLY QA 216 -42.49 70.47 8.24
C GLY QA 216 -43.46 69.41 7.75
N SER QA 217 -43.66 68.45 8.65
CA SER QA 217 -44.51 67.29 8.45
C SER QA 217 -45.56 67.19 9.55
N GLU QA 218 -46.50 66.28 9.32
CA GLU QA 218 -47.60 65.97 10.25
C GLU QA 218 -48.45 67.19 10.65
N LEU QA 219 -48.70 68.09 9.70
CA LEU QA 219 -49.70 69.17 9.78
C LEU QA 219 -51.17 68.66 9.86
N PRO QA 220 -52.20 69.50 9.61
CA PRO QA 220 -53.59 69.10 9.37
C PRO QA 220 -53.88 68.60 7.96
N GLY QA 221 -54.38 67.38 7.84
CA GLY QA 221 -54.54 66.78 6.52
C GLY QA 221 -53.29 66.27 5.70
N PRO QA 222 -52.00 66.27 6.11
CA PRO QA 222 -50.83 65.89 5.27
C PRO QA 222 -50.71 64.44 4.75
N THR QA 223 -49.49 63.96 4.55
CA THR QA 223 -49.01 62.65 5.01
C THR QA 223 -47.59 62.74 5.55
N GLN QA 224 -47.18 61.75 6.33
CA GLN QA 224 -45.79 61.32 6.41
C GLN QA 224 -45.11 61.23 5.03
N MET QA 225 -43.87 61.73 4.99
CA MET QA 225 -43.02 61.66 3.81
C MET QA 225 -42.69 60.25 3.32
N ILE QA 226 -42.64 59.21 4.17
CA ILE QA 226 -42.27 57.87 3.65
C ILE QA 226 -43.36 57.29 2.75
N VAL QA 227 -44.63 57.78 2.69
CA VAL QA 227 -45.50 57.12 1.70
C VAL QA 227 -44.82 57.14 0.34
N ASN QA 228 -45.33 56.32 -0.56
CA ASN QA 228 -45.02 56.49 -1.96
C ASN QA 228 -45.49 57.85 -2.46
N PHE QA 229 -44.64 58.51 -3.27
CA PHE QA 229 -44.93 59.86 -3.75
C PHE QA 229 -46.32 60.00 -4.37
N SER QA 230 -46.72 59.08 -5.27
CA SER QA 230 -47.99 59.24 -5.96
C SER QA 230 -49.16 59.31 -5.00
N HIS QA 231 -49.21 58.43 -3.99
CA HIS QA 231 -50.25 58.49 -2.98
C HIS QA 231 -50.17 59.77 -2.18
N MET QA 232 -48.95 60.22 -1.78
CA MET QA 232 -48.85 61.46 -1.00
C MET QA 232 -49.45 62.61 -1.79
N ALA QA 233 -49.05 62.73 -3.07
CA ALA QA 233 -49.52 63.82 -3.90
C ALA QA 233 -51.04 63.75 -4.12
N GLN QA 234 -51.59 62.54 -4.35
CA GLN QA 234 -53.04 62.40 -4.50
C GLN QA 234 -53.82 62.73 -3.24
N GLU QA 235 -53.37 62.39 -2.03
CA GLU QA 235 -54.11 62.77 -0.83
C GLU QA 235 -54.16 64.30 -0.70
N TYR QA 236 -53.00 64.96 -0.89
CA TYR QA 236 -53.00 66.42 -0.86
C TYR QA 236 -53.82 67.10 -1.91
N PHE QA 237 -54.13 66.42 -3.01
CA PHE QA 237 -55.05 66.90 -4.02
C PHE QA 237 -56.12 67.89 -3.54
N PHE QA 238 -56.65 67.68 -2.33
CA PHE QA 238 -57.42 68.67 -1.59
C PHE QA 238 -56.80 70.08 -1.61
N HIS QA 239 -55.59 70.23 -1.10
CA HIS QA 239 -54.86 71.47 -1.08
C HIS QA 239 -54.41 71.95 -2.48
N VAL QA 240 -53.87 71.10 -3.34
CA VAL QA 240 -53.65 71.51 -4.75
C VAL QA 240 -54.93 72.12 -5.39
N ALA QA 241 -56.11 71.57 -5.06
CA ALA QA 241 -57.41 72.03 -5.51
C ALA QA 241 -57.82 73.38 -4.90
N GLY QA 242 -57.69 73.53 -3.58
CA GLY QA 242 -57.99 74.78 -2.90
C GLY QA 242 -57.10 75.95 -3.39
N SER QA 243 -55.82 75.67 -3.74
CA SER QA 243 -54.94 76.63 -4.44
C SER QA 243 -55.43 77.01 -5.84
N ILE QA 244 -55.71 76.03 -6.71
CA ILE QA 244 -56.25 76.35 -8.05
C ILE QA 244 -57.52 77.17 -7.92
N VAL QA 245 -58.47 76.79 -7.06
CA VAL QA 245 -59.71 77.56 -6.90
C VAL QA 245 -59.35 78.97 -6.49
N ALA QA 246 -58.35 79.15 -5.62
CA ALA QA 246 -57.90 80.48 -5.26
C ALA QA 246 -57.40 81.30 -6.38
N VAL QA 247 -56.67 80.63 -7.25
CA VAL QA 247 -56.22 81.24 -8.47
C VAL QA 247 -57.43 81.63 -9.34
N VAL QA 248 -58.30 80.70 -9.70
CA VAL QA 248 -59.45 80.96 -10.59
C VAL QA 248 -60.22 82.17 -10.09
N MET QA 249 -60.46 82.25 -8.79
CA MET QA 249 -61.15 83.38 -8.20
C MET QA 249 -60.45 84.72 -8.48
N SER QA 250 -59.18 84.87 -8.10
CA SER QA 250 -58.46 86.12 -8.32
C SER QA 250 -58.31 86.43 -9.83
N PHE QA 251 -58.25 85.40 -10.70
CA PHE QA 251 -58.36 85.61 -12.13
C PHE QA 251 -59.72 86.17 -12.55
N THR QA 252 -60.81 85.69 -11.96
CA THR QA 252 -62.18 86.14 -12.27
C THR QA 252 -62.33 87.56 -11.86
N TRP QA 253 -61.97 87.89 -10.62
CA TRP QA 253 -61.96 89.28 -10.23
C TRP QA 253 -61.06 90.14 -11.14
N SER QA 254 -59.95 89.66 -11.70
CA SER QA 254 -59.15 90.54 -12.57
C SER QA 254 -59.66 90.62 -14.02
N TYR QA 255 -60.25 89.56 -14.55
CA TYR QA 255 -60.87 89.54 -15.88
C TYR QA 255 -62.22 90.30 -15.98
N ARG QA 256 -63.23 89.82 -15.23
CA ARG QA 256 -64.38 90.62 -14.88
C ARG QA 256 -63.80 91.55 -13.92
N GLN QA 257 -64.39 92.73 -13.82
CA GLN QA 257 -63.59 93.73 -13.24
C GLN QA 257 -62.29 93.64 -14.06
N PRO QA 258 -62.06 94.78 -14.66
CA PRO QA 258 -61.14 94.96 -15.79
C PRO QA 258 -60.40 93.70 -16.18
N LEU QA 269 -92.16 88.05 -5.63
CA LEU QA 269 -90.95 88.65 -6.25
C LEU QA 269 -91.36 89.87 -7.05
N PHE QA 270 -90.68 90.99 -6.87
CA PHE QA 270 -90.89 92.19 -7.67
C PHE QA 270 -90.11 92.12 -8.99
N MET QA 271 -90.73 91.57 -10.03
CA MET QA 271 -90.09 91.41 -11.34
C MET QA 271 -89.47 92.70 -11.93
N PRO QA 272 -90.12 93.88 -11.84
CA PRO QA 272 -89.52 95.13 -12.35
C PRO QA 272 -88.21 95.53 -11.67
N VAL QA 273 -88.06 95.23 -10.37
CA VAL QA 273 -86.81 95.48 -9.60
C VAL QA 273 -85.64 94.70 -10.20
N PHE QA 274 -85.88 93.61 -10.94
CA PHE QA 274 -84.84 92.76 -11.51
C PHE QA 274 -84.32 93.16 -12.89
N GLY QA 275 -84.99 94.11 -13.56
CA GLY QA 275 -84.62 94.50 -14.92
C GLY QA 275 -83.37 95.41 -14.89
N PRO QA 276 -82.36 95.26 -15.78
CA PRO QA 276 -81.32 96.28 -15.83
C PRO QA 276 -81.90 97.65 -16.23
N VAL QA 277 -81.78 98.62 -15.33
CA VAL QA 277 -82.07 100.04 -15.60
C VAL QA 277 -80.86 100.76 -16.20
N LEU QA 278 -81.06 102.04 -16.51
CA LEU QA 278 -80.02 102.97 -16.96
C LEU QA 278 -78.77 102.90 -16.08
N ARG QA 279 -77.60 102.83 -16.72
CA ARG QA 279 -76.31 102.97 -16.02
C ARG QA 279 -75.69 104.36 -16.27
N LYS QA 280 -74.49 104.55 -15.70
CA LYS QA 280 -73.58 105.66 -16.01
C LYS QA 280 -73.26 105.80 -17.50
N VAL QA 281 -72.98 104.67 -18.17
CA VAL QA 281 -72.67 104.65 -19.61
C VAL QA 281 -73.84 105.18 -20.40
N ALA QA 282 -75.02 104.62 -20.15
CA ALA QA 282 -76.20 104.98 -20.86
C ALA QA 282 -76.60 106.46 -20.65
N VAL QA 283 -76.38 107.05 -19.45
CA VAL QA 283 -76.59 108.50 -19.17
C VAL QA 283 -75.55 109.33 -19.91
N ALA QA 284 -74.29 108.90 -19.94
CA ALA QA 284 -73.22 109.59 -20.65
C ALA QA 284 -73.47 109.67 -22.16
N ARG QA 285 -73.92 108.55 -22.74
CA ARG QA 285 -74.31 108.47 -24.17
C ARG QA 285 -75.47 109.38 -24.49
N PHE QA 286 -76.56 109.27 -23.73
CA PHE QA 286 -77.69 110.20 -23.82
C PHE QA 286 -77.32 111.68 -23.80
N THR QA 287 -76.52 112.05 -22.82
CA THR QA 287 -76.10 113.43 -22.61
C THR QA 287 -75.24 113.91 -23.76
N ARG QA 288 -74.31 113.06 -24.23
CA ARG QA 288 -73.46 113.40 -25.37
C ARG QA 288 -74.27 113.60 -26.63
N THR QA 289 -75.19 112.68 -26.91
CA THR QA 289 -76.09 112.74 -28.07
C THR QA 289 -76.91 114.02 -28.05
N LEU QA 290 -77.50 114.38 -26.90
CA LEU QA 290 -78.32 115.57 -26.81
C LEU QA 290 -77.48 116.86 -26.90
N GLY QA 291 -76.36 116.91 -26.19
CA GLY QA 291 -75.36 118.00 -26.29
C GLY QA 291 -74.91 118.25 -27.71
N THR QA 292 -74.78 117.14 -28.40
CA THR QA 292 -74.40 117.12 -29.77
C THR QA 292 -75.52 117.70 -30.67
N MET QA 293 -76.75 117.19 -30.64
CA MET QA 293 -77.82 117.70 -31.50
C MET QA 293 -78.26 119.13 -31.14
N ILE QA 294 -78.19 119.53 -29.88
CA ILE QA 294 -78.48 120.91 -29.51
C ILE QA 294 -77.38 121.88 -30.00
N SER QA 295 -76.10 121.56 -29.80
CA SER QA 295 -74.99 122.41 -30.27
C SER QA 295 -75.02 122.63 -31.78
N SER QA 296 -75.54 121.62 -32.49
CA SER QA 296 -75.71 121.70 -33.94
C SER QA 296 -76.82 122.59 -34.45
N GLY QA 297 -77.84 122.78 -33.62
CA GLY QA 297 -78.94 123.69 -33.87
C GLY QA 297 -80.33 123.05 -33.90
N VAL QA 298 -80.44 121.72 -33.77
CA VAL QA 298 -81.72 121.00 -33.70
C VAL QA 298 -82.53 121.52 -32.47
N PRO QA 299 -83.88 121.64 -32.42
CA PRO QA 299 -84.53 121.96 -31.13
C PRO QA 299 -84.44 120.78 -30.16
N ILE QA 300 -84.78 121.04 -28.90
CA ILE QA 300 -84.89 119.99 -27.87
C ILE QA 300 -85.80 118.85 -28.32
N LEU QA 301 -87.00 119.16 -28.84
CA LEU QA 301 -87.97 118.11 -29.16
C LEU QA 301 -87.57 117.26 -30.37
N ASP QA 302 -86.95 117.86 -31.37
CA ASP QA 302 -86.39 117.09 -32.49
C ASP QA 302 -85.24 116.17 -32.00
N ALA QA 303 -84.37 116.68 -31.11
CA ALA QA 303 -83.29 115.86 -30.56
C ALA QA 303 -83.81 114.68 -29.73
N LEU QA 304 -84.85 114.91 -28.92
CA LEU QA 304 -85.44 113.85 -28.09
C LEU QA 304 -86.13 112.78 -28.94
N ASP QA 305 -86.78 113.14 -30.05
CA ASP QA 305 -87.44 112.16 -30.92
C ASP QA 305 -86.43 111.24 -31.63
N VAL QA 306 -85.27 111.79 -31.98
CA VAL QA 306 -84.17 111.01 -32.55
C VAL QA 306 -83.59 110.11 -31.45
N THR QA 307 -83.32 110.70 -30.28
CA THR QA 307 -82.66 109.99 -29.19
C THR QA 307 -83.51 108.82 -28.70
N ALA QA 308 -84.83 109.02 -28.58
CA ALA QA 308 -85.77 107.99 -28.14
C ALA QA 308 -85.81 106.78 -29.07
N LYS QA 309 -85.30 106.89 -30.31
CA LYS QA 309 -85.15 105.79 -31.27
C LYS QA 309 -83.76 105.14 -31.26
N THR QA 310 -82.77 105.80 -30.65
CA THR QA 310 -81.35 105.35 -30.65
C THR QA 310 -80.82 105.06 -29.23
N ALA QA 311 -81.71 104.93 -28.25
CA ALA QA 311 -81.34 104.56 -26.89
C ALA QA 311 -81.35 103.04 -26.74
N GLY QA 312 -80.25 102.47 -26.23
CA GLY QA 312 -80.09 101.00 -26.22
C GLY QA 312 -80.80 100.31 -25.05
N ASN QA 313 -80.72 100.90 -23.87
CA ASN QA 313 -81.36 100.35 -22.69
C ASN QA 313 -82.89 100.57 -22.77
N ARG QA 314 -83.68 99.49 -22.68
CA ARG QA 314 -85.15 99.55 -22.82
C ARG QA 314 -85.84 100.41 -21.78
N THR QA 315 -85.39 100.31 -20.53
CA THR QA 315 -86.01 101.10 -19.43
C THR QA 315 -85.75 102.60 -19.62
N VAL QA 316 -84.61 102.96 -20.20
CA VAL QA 316 -84.24 104.35 -20.51
C VAL QA 316 -85.02 104.83 -21.68
N GLU QA 317 -85.18 103.99 -22.69
CA GLU QA 317 -86.03 104.31 -23.82
C GLU QA 317 -87.45 104.63 -23.34
N ASP QA 318 -87.97 103.84 -22.40
CA ASP QA 318 -89.28 104.10 -21.78
C ASP QA 318 -89.31 105.40 -20.96
N ALA QA 319 -88.22 105.67 -20.22
CA ALA QA 319 -88.01 106.94 -19.54
C ALA QA 319 -88.02 108.12 -20.53
N ILE QA 320 -87.25 108.05 -21.61
CA ILE QA 320 -87.06 109.14 -22.58
C ILE QA 320 -88.33 109.38 -23.39
N ILE QA 321 -89.10 108.34 -23.73
CA ILE QA 321 -90.41 108.49 -24.37
C ILE QA 321 -91.35 109.29 -23.46
N TYR QA 322 -91.30 109.03 -22.15
CA TYR QA 322 -92.05 109.80 -21.16
C TYR QA 322 -91.59 111.22 -20.97
N VAL QA 323 -90.29 111.46 -21.03
CA VAL QA 323 -89.74 112.81 -20.99
C VAL QA 323 -90.17 113.61 -22.22
N ARG QA 324 -90.08 113.01 -23.41
CA ARG QA 324 -90.46 113.68 -24.66
C ARG QA 324 -91.97 113.94 -24.72
N GLY QA 325 -92.78 112.98 -24.30
CA GLY QA 325 -94.23 113.14 -24.21
C GLY QA 325 -94.61 114.29 -23.27
N LYS QA 326 -93.97 114.36 -22.09
CA LYS QA 326 -94.17 115.48 -21.14
C LYS QA 326 -93.79 116.84 -21.72
N ILE QA 327 -92.63 116.93 -22.36
CA ILE QA 327 -92.16 118.19 -22.95
C ILE QA 327 -93.06 118.63 -24.09
N ALA QA 328 -93.45 117.70 -24.98
CA ALA QA 328 -94.34 118.01 -26.10
C ALA QA 328 -95.72 118.51 -25.64
N GLU QA 329 -96.15 118.11 -24.44
CA GLU QA 329 -97.38 118.58 -23.80
C GLU QA 329 -97.25 119.99 -23.17
N GLY QA 330 -96.04 120.55 -23.07
CA GLY QA 330 -95.78 121.89 -22.53
C GLY QA 330 -95.18 121.92 -21.13
N LYS QA 331 -94.87 120.75 -20.52
CA LYS QA 331 -94.08 120.69 -19.29
C LYS QA 331 -92.62 121.09 -19.55
N ASN QA 332 -91.95 121.72 -18.55
CA ASN QA 332 -90.57 122.24 -18.66
C ASN QA 332 -89.53 121.16 -18.55
N ILE QA 333 -88.55 121.03 -19.44
CA ILE QA 333 -87.59 119.91 -19.59
C ILE QA 333 -87.03 119.38 -18.26
N ALA QA 334 -86.63 120.24 -17.34
CA ALA QA 334 -86.09 119.92 -16.01
C ALA QA 334 -87.12 119.21 -15.12
N GLY QA 335 -88.39 119.59 -15.22
CA GLY QA 335 -89.54 118.90 -14.63
C GLY QA 335 -89.86 117.50 -15.20
N PRO QA 336 -89.92 117.22 -16.52
CA PRO QA 336 -89.89 115.85 -17.04
C PRO QA 336 -88.68 115.03 -16.55
N LEU QA 337 -87.49 115.62 -16.45
CA LEU QA 337 -86.34 114.85 -15.95
C LEU QA 337 -86.45 114.52 -14.48
N ALA QA 338 -86.93 115.46 -13.66
CA ALA QA 338 -86.94 115.36 -12.19
C ALA QA 338 -87.78 114.20 -11.67
N GLU QA 339 -88.62 113.62 -12.52
CA GLU QA 339 -89.48 112.49 -12.21
C GLU QA 339 -88.71 111.17 -12.23
N THR QA 340 -87.50 111.18 -12.77
CA THR QA 340 -86.73 109.97 -13.03
C THR QA 340 -85.42 110.02 -12.26
N LYS QA 341 -85.18 108.96 -11.49
CA LYS QA 341 -84.06 108.89 -10.53
C LYS QA 341 -82.69 109.03 -11.17
N VAL QA 342 -82.56 108.56 -12.41
CA VAL QA 342 -81.29 108.55 -13.13
C VAL QA 342 -80.68 109.94 -13.32
N PHE QA 343 -81.46 111.02 -13.29
CA PHE QA 343 -80.96 112.38 -13.39
C PHE QA 343 -80.72 112.93 -11.97
N PRO QA 344 -79.47 113.16 -11.50
CA PRO QA 344 -79.28 113.73 -10.16
C PRO QA 344 -79.96 115.10 -10.00
N SER QA 345 -80.06 115.57 -8.74
CA SER QA 345 -80.60 116.92 -8.41
C SER QA 345 -79.96 118.03 -9.19
N MET QA 346 -78.68 117.82 -9.46
CA MET QA 346 -77.92 118.77 -10.20
C MET QA 346 -78.00 118.74 -11.66
N VAL QA 347 -77.98 117.55 -12.20
CA VAL QA 347 -78.31 117.48 -13.60
C VAL QA 347 -79.59 118.24 -13.86
N VAL QA 348 -80.59 118.06 -12.99
CA VAL QA 348 -81.86 118.75 -13.15
C VAL QA 348 -81.70 120.25 -12.90
N GLN QA 349 -81.00 120.67 -11.86
CA GLN QA 349 -80.82 122.08 -11.51
C GLN QA 349 -80.04 122.83 -12.60
N MET QA 350 -79.04 122.15 -13.16
CA MET QA 350 -78.23 122.63 -14.25
C MET QA 350 -79.03 122.75 -15.55
N ILE QA 351 -79.77 121.71 -15.91
CA ILE QA 351 -80.72 121.78 -17.04
C ILE QA 351 -81.73 122.90 -16.84
N GLY QA 352 -82.24 123.08 -15.62
CA GLY QA 352 -83.21 124.13 -15.26
C GLY QA 352 -82.67 125.54 -15.45
N VAL QA 353 -81.38 125.73 -15.19
CA VAL QA 353 -80.71 126.97 -15.56
C VAL QA 353 -80.61 127.11 -17.07
N GLY QA 354 -80.24 126.04 -17.78
CA GLY QA 354 -80.12 126.05 -19.24
C GLY QA 354 -81.38 126.44 -19.98
N GLU QA 355 -82.55 126.04 -19.47
CA GLU QA 355 -83.87 126.39 -20.02
C GLU QA 355 -84.12 127.89 -20.01
N ALA QA 356 -83.71 128.58 -18.93
CA ALA QA 356 -83.97 129.99 -18.75
C ALA QA 356 -82.91 130.89 -19.42
N THR QA 357 -81.80 130.31 -19.87
CA THR QA 357 -80.63 131.06 -20.35
C THR QA 357 -80.43 130.91 -21.85
N GLY QA 358 -81.15 129.99 -22.49
CA GLY QA 358 -80.90 129.59 -23.88
C GLY QA 358 -79.51 129.00 -24.11
N ALA QA 359 -78.96 128.31 -23.11
CA ALA QA 359 -77.62 127.70 -23.16
C ALA QA 359 -77.63 126.19 -22.86
N MET QA 360 -78.76 125.52 -23.15
CA MET QA 360 -78.88 124.07 -22.94
C MET QA 360 -77.79 123.28 -23.67
N ASP QA 361 -77.34 123.72 -24.84
CA ASP QA 361 -76.21 123.13 -25.58
C ASP QA 361 -74.94 123.09 -24.78
N THR QA 362 -74.59 124.23 -24.18
CA THR QA 362 -73.39 124.39 -23.39
C THR QA 362 -73.52 123.56 -22.12
N MET QA 363 -74.68 123.63 -21.47
CA MET QA 363 -74.96 122.85 -20.29
C MET QA 363 -74.80 121.33 -20.53
N LEU QA 364 -75.42 120.83 -21.58
CA LEU QA 364 -75.41 119.42 -21.89
C LEU QA 364 -74.01 118.97 -22.30
N ASN QA 365 -73.25 119.77 -23.04
CA ASN QA 365 -71.89 119.44 -23.41
C ASN QA 365 -70.95 119.24 -22.21
N LYS QA 366 -71.13 120.07 -21.18
CA LYS QA 366 -70.32 120.00 -19.96
C LYS QA 366 -70.74 118.93 -18.99
N ILE QA 367 -72.05 118.73 -18.87
CA ILE QA 367 -72.62 117.55 -18.23
C ILE QA 367 -72.03 116.30 -18.92
N ALA QA 368 -72.07 116.20 -20.25
CA ALA QA 368 -71.66 114.98 -20.95
C ALA QA 368 -70.19 114.66 -20.75
N ASP QA 369 -69.36 115.69 -20.78
CA ASP QA 369 -67.93 115.48 -20.64
C ASP QA 369 -67.57 115.14 -19.19
N PHE QA 370 -68.25 115.74 -18.21
CA PHE QA 370 -68.18 115.31 -16.81
C PHE QA 370 -68.51 113.82 -16.62
N TYR QA 371 -69.60 113.37 -17.26
CA TYR QA 371 -70.02 111.96 -17.21
C TYR QA 371 -69.09 110.97 -17.90
N ASP QA 372 -68.63 111.32 -19.10
CA ASP QA 372 -67.66 110.55 -19.88
C ASP QA 372 -66.32 110.33 -19.13
N ASP QA 373 -65.93 111.30 -18.33
CA ASP QA 373 -64.73 111.21 -17.50
C ASP QA 373 -64.91 110.43 -16.18
N GLU QA 374 -66.08 110.59 -15.55
CA GLU QA 374 -66.56 109.73 -14.46
C GLU QA 374 -66.65 108.25 -14.89
N VAL QA 375 -67.13 108.01 -16.11
CA VAL QA 375 -67.28 106.68 -16.70
C VAL QA 375 -65.92 106.02 -16.84
N ASP QA 376 -64.96 106.73 -17.42
CA ASP QA 376 -63.63 106.19 -17.73
C ASP QA 376 -62.68 106.02 -16.56
N ALA QA 377 -62.88 106.81 -15.50
CA ALA QA 377 -62.36 106.54 -14.17
C ALA QA 377 -62.92 105.22 -13.60
N ALA QA 378 -64.23 105.13 -13.45
CA ALA QA 378 -64.89 103.89 -13.11
C ALA QA 378 -64.66 102.88 -14.24
N ALA QA 384 -65.81 101.94 -7.47
CA ALA QA 384 -65.37 101.64 -6.10
C ALA QA 384 -65.81 100.28 -5.60
N MET QA 385 -66.85 99.59 -6.14
CA MET QA 385 -67.25 98.21 -5.75
C MET QA 385 -66.45 97.09 -6.45
N ILE QA 386 -65.84 97.44 -7.58
CA ILE QA 386 -64.83 96.71 -8.35
C ILE QA 386 -63.51 96.48 -7.59
N GLU QA 387 -63.37 97.06 -6.43
CA GLU QA 387 -62.18 96.83 -5.63
C GLU QA 387 -62.41 96.20 -4.27
N PRO QA 388 -63.54 96.52 -3.63
CA PRO QA 388 -64.01 95.88 -2.45
C PRO QA 388 -64.40 94.44 -2.71
N VAL QA 389 -65.15 94.13 -3.78
CA VAL QA 389 -65.52 92.73 -4.05
C VAL QA 389 -64.22 91.90 -4.35
N LEU QA 390 -63.03 92.50 -4.68
CA LEU QA 390 -61.76 91.76 -5.04
C LEU QA 390 -61.28 91.12 -3.80
N MET QA 391 -61.20 92.01 -2.82
CA MET QA 391 -60.68 91.77 -1.53
C MET QA 391 -61.56 90.77 -0.81
N VAL QA 392 -62.87 90.80 -1.09
CA VAL QA 392 -63.81 89.83 -0.50
C VAL QA 392 -63.42 88.42 -0.93
N PHE QA 393 -63.25 88.24 -2.24
CA PHE QA 393 -62.77 87.01 -2.78
C PHE QA 393 -61.29 86.74 -2.57
N LEU QA 394 -60.50 87.77 -2.29
CA LEU QA 394 -59.06 87.63 -2.12
C LEU QA 394 -58.82 86.81 -0.86
N GLY QA 395 -59.06 87.43 0.29
CA GLY QA 395 -58.83 86.81 1.59
C GLY QA 395 -59.82 85.69 1.88
N GLY QA 396 -61.05 85.79 1.37
CA GLY QA 396 -62.07 84.76 1.56
C GLY QA 396 -61.69 83.41 0.97
N VAL QA 397 -61.03 83.42 -0.19
CA VAL QA 397 -60.52 82.19 -0.77
C VAL QA 397 -59.30 81.69 0.00
N VAL QA 398 -58.35 82.57 0.32
CA VAL QA 398 -57.16 82.21 1.11
C VAL QA 398 -57.52 81.49 2.39
N GLY QA 399 -58.48 82.07 3.08
CA GLY QA 399 -58.96 81.57 4.34
C GLY QA 399 -59.69 80.23 4.16
N GLY QA 400 -60.41 80.07 3.04
CA GLY QA 400 -61.07 78.81 2.70
C GLY QA 400 -60.11 77.66 2.47
N PHE QA 401 -58.95 77.94 1.86
CA PHE QA 401 -57.90 76.95 1.75
C PHE QA 401 -57.34 76.46 3.09
N LEU QA 402 -56.94 77.43 3.92
CA LEU QA 402 -56.34 77.17 5.23
C LEU QA 402 -57.29 76.37 6.11
N ILE QA 403 -58.58 76.72 6.07
CA ILE QA 403 -59.61 75.98 6.81
C ILE QA 403 -59.83 74.60 6.20
N GLY QA 404 -59.75 74.51 4.88
CA GLY QA 404 -59.98 73.28 4.16
C GLY QA 404 -59.09 72.15 4.68
N MET QA 405 -57.76 72.35 4.73
CA MET QA 405 -56.88 71.25 5.21
C MET QA 405 -56.88 71.13 6.68
N TYR QA 406 -57.11 72.25 7.35
CA TYR QA 406 -57.21 72.18 8.76
C TYR QA 406 -58.14 71.09 9.25
N LEU QA 407 -59.33 71.13 8.66
CA LEU QA 407 -60.36 70.20 8.98
C LEU QA 407 -59.93 68.82 8.48
N MET RA 1 -80.80 134.61 76.13
CA MET RA 1 -79.77 134.87 75.13
C MET RA 1 -78.99 133.60 74.78
N MET RA 2 -78.65 133.45 73.51
CA MET RA 2 -77.96 132.25 73.02
C MET RA 2 -76.46 132.50 72.94
N ILE RA 3 -75.68 131.62 73.56
CA ILE RA 3 -74.22 131.71 73.55
C ILE RA 3 -73.68 130.46 72.87
N ARG RA 4 -73.15 130.65 71.67
CA ARG RA 4 -72.69 129.55 70.83
C ARG RA 4 -71.19 129.65 70.57
N ILE RA 5 -70.58 128.50 70.31
CA ILE RA 5 -69.13 128.46 70.09
C ILE RA 5 -68.76 127.31 69.17
N ASN RA 6 -68.65 127.59 67.87
CA ASN RA 6 -68.21 126.62 66.88
C ASN RA 6 -66.72 126.33 66.95
N LEU RA 7 -66.02 126.82 67.97
CA LEU RA 7 -64.60 126.46 68.08
C LEU RA 7 -64.49 124.95 68.33
N LEU RA 8 -63.91 124.27 67.32
CA LEU RA 8 -63.66 122.85 67.08
C LEU RA 8 -63.85 121.90 68.26
N PRO RA 9 -64.94 121.13 68.28
CA PRO RA 9 -64.94 119.90 69.08
C PRO RA 9 -64.86 118.61 68.21
N VAL RA 10 -66.01 118.04 67.81
CA VAL RA 10 -66.19 116.62 67.44
C VAL RA 10 -65.38 115.97 66.31
N ARG RA 11 -65.24 116.59 65.14
CA ARG RA 11 -64.67 115.81 64.05
C ARG RA 11 -63.18 115.65 64.23
N ALA RA 12 -62.47 116.72 64.58
CA ALA RA 12 -61.08 116.59 64.98
C ALA RA 12 -60.95 115.61 66.13
N VAL RA 13 -61.82 115.67 67.13
CA VAL RA 13 -61.73 114.78 68.28
C VAL RA 13 -61.82 113.33 67.84
N LYS RA 14 -62.77 113.03 66.94
CA LYS RA 14 -62.93 111.68 66.44
C LYS RA 14 -61.69 111.26 65.66
N LYS RA 15 -61.05 112.22 64.98
CA LYS RA 15 -59.87 111.91 64.18
C LYS RA 15 -58.63 111.73 65.05
N ARG RA 16 -58.53 112.49 66.14
CA ARG RA 16 -57.45 112.34 67.09
C ARG RA 16 -57.58 110.99 67.80
N GLU RA 17 -58.83 110.57 68.05
CA GLU RA 17 -59.05 109.27 68.66
C GLU RA 17 -58.70 108.13 67.70
N MET RA 18 -59.24 108.16 66.48
CA MET RA 18 -58.86 107.17 65.48
C MET RA 18 -57.35 107.14 65.29
N GLY RA 19 -56.74 108.32 65.26
CA GLY RA 19 -55.29 108.40 65.19
C GLY RA 19 -54.61 107.68 66.34
N ARG RA 20 -55.18 107.78 67.54
CA ARG RA 20 -54.61 107.05 68.66
C ARG RA 20 -54.76 105.54 68.47
N GLN RA 21 -55.96 105.09 68.10
CA GLN RA 21 -56.24 103.66 68.04
C GLN RA 21 -55.39 102.97 66.98
N VAL RA 22 -55.26 103.58 65.80
CA VAL RA 22 -54.44 102.98 64.75
C VAL RA 22 -53.01 102.77 65.24
N LEU RA 23 -52.47 103.73 66.01
CA LEU RA 23 -51.12 103.61 66.52
C LEU RA 23 -51.00 102.54 67.60
N VAL RA 24 -51.99 102.43 68.49
CA VAL RA 24 -51.97 101.33 69.45
C VAL RA 24 -51.94 99.99 68.73
N LEU RA 25 -52.77 99.83 67.69
CA LEU RA 25 -52.77 98.58 66.93
C LEU RA 25 -51.40 98.30 66.32
N PHE RA 26 -50.80 99.32 65.71
CA PHE RA 26 -49.42 99.19 65.23
C PHE RA 26 -48.50 98.67 66.34
N ALA RA 27 -48.56 99.29 67.51
CA ALA RA 27 -47.70 98.90 68.62
C ALA RA 27 -47.91 97.44 68.99
N VAL RA 28 -49.17 97.00 69.10
CA VAL RA 28 -49.46 95.62 69.50
C VAL RA 28 -48.90 94.64 68.47
N VAL RA 29 -49.17 94.88 67.18
CA VAL RA 29 -48.66 93.99 66.14
C VAL RA 29 -47.14 93.92 66.20
N LEU RA 30 -46.47 95.06 66.39
CA LEU RA 30 -45.02 95.07 66.38
C LEU RA 30 -44.43 94.41 67.63
N ILE RA 31 -45.13 94.47 68.76
CA ILE RA 31 -44.66 93.74 69.94
C ILE RA 31 -44.80 92.24 69.73
N GLY RA 32 -45.92 91.80 69.16
CA GLY RA 32 -46.07 90.38 68.85
C GLY RA 32 -44.99 89.88 67.90
N ALA RA 33 -44.84 90.55 66.75
CA ALA RA 33 -43.79 90.20 65.80
C ALA RA 33 -42.43 90.20 66.47
N GLY RA 34 -42.18 91.17 67.35
CA GLY RA 34 -40.98 91.13 68.16
C GLY RA 34 -40.81 89.81 68.88
N VAL RA 35 -41.82 89.40 69.65
CA VAL RA 35 -41.75 88.17 70.44
C VAL RA 35 -41.48 86.96 69.55
N ALA RA 36 -42.09 86.93 68.36
CA ALA RA 36 -41.76 85.88 67.39
C ALA RA 36 -40.28 85.88 67.03
N ASN RA 37 -39.76 87.04 66.61
CA ASN RA 37 -38.34 87.15 66.25
C ASN RA 37 -37.45 86.64 67.38
N TYR RA 38 -37.74 87.06 68.61
CA TYR RA 38 -37.13 86.45 69.77
C TYR RA 38 -37.24 84.94 69.70
N LEU RA 39 -38.32 84.36 70.26
CA LEU RA 39 -38.45 82.89 70.33
C LEU RA 39 -37.66 82.16 69.24
N TRP RA 40 -37.74 82.65 67.99
CA TRP RA 40 -36.89 82.14 66.92
C TRP RA 40 -35.41 82.22 67.31
N TYR RA 41 -34.94 83.38 67.77
CA TYR RA 41 -33.52 83.52 68.12
C TYR RA 41 -33.07 82.45 69.11
N ASP RA 42 -33.96 82.04 70.02
CA ASP RA 42 -33.62 81.07 71.05
C ASP RA 42 -33.51 79.68 70.48
N ASP RA 43 -34.50 79.27 69.67
CA ASP RA 43 -34.34 77.99 69.00
C ASP RA 43 -33.07 77.95 68.15
N ARG RA 44 -32.64 79.10 67.62
CA ARG RA 44 -31.42 79.13 66.82
C ARG RA 44 -30.17 78.99 67.69
N GLN RA 45 -30.16 79.59 68.87
CA GLN RA 45 -29.00 79.43 69.75
C GLN RA 45 -28.90 77.99 70.26
N SER RA 46 -30.04 77.37 70.56
CA SER RA 46 -30.03 75.96 70.92
C SER RA 46 -29.44 75.12 69.79
N GLU RA 47 -29.91 75.33 68.56
CA GLU RA 47 -29.37 74.58 67.43
C GLU RA 47 -27.87 74.80 67.29
N LEU RA 48 -27.41 76.04 67.49
CA LEU RA 48 -25.98 76.33 67.40
C LEU RA 48 -25.20 75.56 68.44
N GLU RA 49 -25.75 75.43 69.65
CA GLU RA 49 -25.04 74.69 70.70
C GLU RA 49 -24.97 73.20 70.39
N ALA RA 50 -26.09 72.62 69.94
CA ALA RA 50 -26.06 71.23 69.49
C ALA RA 50 -25.00 71.02 68.40
N HIS RA 51 -24.92 71.95 67.45
CA HIS RA 51 -24.01 71.77 66.32
C HIS RA 51 -22.56 71.94 66.74
N GLN RA 52 -22.28 72.85 67.67
CA GLN RA 52 -20.92 72.98 68.16
C GLN RA 52 -20.51 71.75 68.97
N ALA RA 53 -21.47 71.15 69.67
CA ALA RA 53 -21.21 69.84 70.28
C ALA RA 53 -20.82 68.81 69.22
N GLY RA 54 -21.57 68.76 68.12
CA GLY RA 54 -21.20 67.85 67.05
C GLY RA 54 -19.81 68.12 66.49
N VAL RA 55 -19.47 69.40 66.31
CA VAL RA 55 -18.15 69.75 65.77
C VAL RA 55 -17.05 69.29 66.71
N ALA RA 56 -17.23 69.52 68.02
CA ALA RA 56 -16.33 68.92 69.00
C ALA RA 56 -16.21 67.42 68.82
N SER RA 57 -17.33 66.75 68.52
CA SER RA 57 -17.29 65.31 68.29
C SER RA 57 -16.50 64.95 67.04
N THR RA 58 -16.40 65.88 66.07
CA THR RA 58 -15.43 65.70 65.00
C THR RA 58 -14.00 65.83 65.53
N LYS RA 59 -13.67 66.99 66.08
CA LYS RA 59 -12.29 67.29 66.45
C LYS RA 59 -11.71 66.28 67.43
N ALA RA 60 -12.56 65.55 68.15
CA ALA RA 60 -12.08 64.46 69.00
C ALA RA 60 -11.57 63.29 68.15
N ARG RA 61 -12.46 62.69 67.36
CA ARG RA 61 -12.10 61.45 66.67
C ARG RA 61 -11.12 61.69 65.52
N ILE RA 62 -11.11 62.89 64.92
CA ILE RA 62 -10.05 63.19 63.95
C ILE RA 62 -8.69 63.12 64.63
N ALA RA 63 -8.59 63.68 65.85
CA ALA RA 63 -7.35 63.55 66.62
C ALA RA 63 -7.03 62.10 66.90
N GLU RA 64 -8.02 61.33 67.35
CA GLU RA 64 -7.86 59.88 67.51
C GLU RA 64 -7.22 59.28 66.27
N LEU RA 65 -7.63 59.73 65.09
CA LEU RA 65 -7.22 59.08 63.85
C LEU RA 65 -5.84 59.55 63.39
N GLU RA 66 -5.52 60.81 63.62
CA GLU RA 66 -4.16 61.29 63.38
C GLU RA 66 -3.18 60.52 64.25
N LYS RA 67 -3.58 60.18 65.48
CA LYS RA 67 -2.71 59.39 66.35
C LYS RA 67 -2.62 57.94 65.86
N ILE RA 68 -3.76 57.33 65.52
CA ILE RA 68 -3.75 55.92 65.13
C ILE RA 68 -2.97 55.74 63.81
N ILE RA 69 -3.05 56.73 62.92
CA ILE RA 69 -2.28 56.65 61.68
C ILE RA 69 -0.82 57.00 61.94
N GLY RA 70 -0.54 57.91 62.87
CA GLY RA 70 0.82 58.11 63.32
C GLY RA 70 1.47 56.81 63.75
N GLU RA 71 0.73 56.01 64.52
CA GLU RA 71 1.17 54.65 64.80
C GLU RA 71 1.38 53.88 63.50
N VAL RA 72 0.33 53.70 62.69
CA VAL RA 72 0.40 52.81 61.53
C VAL RA 72 1.61 53.13 60.64
N LYS RA 73 2.02 54.39 60.61
CA LYS RA 73 3.18 54.75 59.79
C LYS RA 73 4.50 54.50 60.53
N ASN RA 74 4.63 55.06 61.75
CA ASN RA 74 5.73 54.69 62.65
C ASN RA 74 6.06 53.21 62.51
N ILE RA 75 5.02 52.38 62.59
CA ILE RA 75 4.95 50.97 62.23
C ILE RA 75 5.58 50.66 60.89
N ASN RA 76 4.90 51.04 59.80
CA ASN RA 76 5.18 50.45 58.50
C ASN RA 76 6.61 50.69 58.07
N THR RA 77 7.21 51.78 58.52
CA THR RA 77 8.59 52.02 58.10
C THR RA 77 9.58 51.17 58.90
N ARG RA 78 9.27 50.84 60.15
CA ARG RA 78 10.17 50.00 60.94
C ARG RA 78 10.14 48.55 60.50
N LYS RA 79 9.04 48.10 59.89
CA LYS RA 79 8.94 46.73 59.41
C LYS RA 79 9.94 46.45 58.31
N ALA RA 80 10.06 47.37 57.34
CA ALA RA 80 10.97 47.19 56.22
C ALA RA 80 12.43 47.16 56.64
N GLU RA 81 12.72 47.57 57.88
CA GLU RA 81 14.09 47.46 58.38
C GLU RA 81 14.29 46.24 59.26
N VAL RA 82 13.33 45.90 60.13
CA VAL RA 82 13.41 44.60 60.80
C VAL RA 82 13.56 43.50 59.76
N GLU RA 83 12.53 43.32 58.93
CA GLU RA 83 12.62 42.72 57.60
C GLU RA 83 14.05 42.41 57.17
N LYS RA 84 14.81 43.45 56.81
CA LYS RA 84 16.04 43.29 56.06
C LYS RA 84 17.22 42.96 56.98
N LYS RA 85 17.28 43.61 58.15
CA LYS RA 85 18.19 43.19 59.21
C LYS RA 85 18.14 41.68 59.40
N LEU RA 86 16.93 41.11 59.46
CA LEU RA 86 16.80 39.68 59.76
C LEU RA 86 17.13 38.81 58.56
N ALA RA 87 16.76 39.24 57.34
CA ALA RA 87 17.26 38.52 56.19
C ALA RA 87 18.79 38.40 56.25
N VAL RA 88 19.46 39.49 56.63
CA VAL RA 88 20.89 39.45 56.93
C VAL RA 88 21.18 38.40 58.00
N LEU RA 89 20.40 38.40 59.09
CA LEU RA 89 20.68 37.51 60.21
C LEU RA 89 20.59 36.04 59.81
N ASP RA 90 19.66 35.70 58.92
CA ASP RA 90 19.51 34.34 58.43
C ASP RA 90 20.56 33.98 57.40
N ALA RA 91 21.14 34.97 56.71
CA ALA RA 91 22.36 34.68 55.96
C ALA RA 91 23.52 34.38 56.91
N LEU RA 92 23.58 35.08 58.05
CA LEU RA 92 24.71 34.96 58.96
C LEU RA 92 24.67 33.68 59.78
N ARG RA 93 23.49 33.26 60.25
CA ARG RA 93 23.39 31.96 60.89
C ARG RA 93 23.84 30.84 59.95
N LYS RA 94 23.58 31.01 58.65
CA LYS RA 94 24.13 30.11 57.66
C LYS RA 94 25.62 30.30 57.50
N GLY RA 95 26.12 31.51 57.81
CA GLY RA 95 27.54 31.79 57.84
C GLY RA 95 28.26 31.33 59.10
N ARG RA 96 27.53 30.82 60.09
CA ARG RA 96 28.14 30.19 61.24
C ARG RA 96 27.90 28.68 61.29
N SER RA 97 26.81 28.22 60.69
CA SER RA 97 26.68 26.80 60.37
C SER RA 97 27.69 26.38 59.33
N GLY RA 98 27.91 27.25 58.33
CA GLY RA 98 28.78 27.00 57.22
C GLY RA 98 30.12 26.40 57.61
N PRO RA 99 30.89 27.15 58.39
CA PRO RA 99 32.21 26.65 58.83
C PRO RA 99 32.17 25.39 59.66
N VAL RA 100 31.01 24.74 59.79
CA VAL RA 100 30.81 23.70 60.79
C VAL RA 100 30.01 22.54 60.21
N ARG RA 101 30.69 21.40 60.03
CA ARG RA 101 30.17 20.08 60.44
C ARG RA 101 30.11 18.96 59.41
N MET RA 102 28.89 18.46 59.22
CA MET RA 102 28.57 17.03 59.32
C MET RA 102 29.79 16.14 59.48
N MET RA 103 29.92 15.63 60.70
CA MET RA 103 30.55 14.38 61.13
C MET RA 103 31.53 14.67 62.25
N ASP RA 104 31.28 14.03 63.39
CA ASP RA 104 31.99 14.36 64.61
C ASP RA 104 33.35 13.68 64.60
N ALA RA 105 34.35 14.40 65.07
CA ALA RA 105 35.73 13.93 65.04
C ALA RA 105 36.48 14.58 66.18
N LEU RA 106 37.71 14.12 66.38
CA LEU RA 106 38.62 14.71 67.36
C LEU RA 106 39.90 15.00 66.59
N ALA RA 107 39.98 16.20 66.02
CA ALA RA 107 41.11 16.60 65.20
C ALA RA 107 41.48 18.04 65.52
N SER RA 108 42.77 18.30 65.65
CA SER RA 108 43.27 19.65 65.83
C SER RA 108 43.00 20.47 64.57
N ALA RA 109 43.73 20.16 63.49
CA ALA RA 109 43.49 20.76 62.18
C ALA RA 109 42.77 19.75 61.30
N THR RA 110 41.86 20.25 60.46
CA THR RA 110 41.10 19.42 59.54
C THR RA 110 41.57 19.63 58.12
N PRO RA 111 41.92 18.57 57.39
CA PRO RA 111 42.50 18.75 56.05
C PRO RA 111 41.55 19.39 55.03
N LYS RA 112 40.24 19.25 55.18
CA LYS RA 112 39.29 19.85 54.25
C LYS RA 112 38.65 21.08 54.87
N LYS RA 113 38.05 21.91 54.01
CA LYS RA 113 37.34 23.10 54.48
C LYS RA 113 36.37 22.75 55.59
N VAL RA 114 35.50 21.78 55.33
CA VAL RA 114 34.49 21.29 56.26
C VAL RA 114 34.79 19.82 56.49
N TRP RA 115 34.14 19.23 57.49
CA TRP RA 115 34.27 17.79 57.65
C TRP RA 115 33.37 17.06 56.66
N VAL RA 116 33.65 15.79 56.48
CA VAL RA 116 32.94 14.93 55.56
C VAL RA 116 32.86 13.57 56.24
N LYS RA 117 32.35 12.56 55.54
CA LYS RA 117 32.10 11.30 56.20
C LYS RA 117 33.17 10.27 55.85
N THR RA 118 33.02 9.56 54.73
CA THR RA 118 33.91 8.46 54.39
C THR RA 118 34.81 8.83 53.22
N PHE RA 119 35.96 8.16 53.16
CA PHE RA 119 36.96 8.36 52.11
C PHE RA 119 37.52 6.99 51.77
N SER RA 120 37.38 6.56 50.50
CA SER RA 120 37.87 5.25 50.10
C SER RA 120 38.50 5.35 48.73
N GLU RA 121 39.77 4.95 48.62
CA GLU RA 121 40.56 5.16 47.42
C GLU RA 121 40.92 3.82 46.76
N ASN RA 122 41.55 3.92 45.59
CA ASN RA 122 42.07 2.75 44.90
C ASN RA 122 43.28 3.08 44.04
N ASN RA 123 44.03 4.13 44.39
CA ASN RA 123 45.25 4.55 43.70
C ASN RA 123 44.99 4.94 42.24
N ASN RA 124 43.73 5.12 41.86
CA ASN RA 124 43.41 5.72 40.57
C ASN RA 124 42.29 6.72 40.76
N ALA RA 125 41.34 6.40 41.64
CA ALA RA 125 40.22 7.27 41.96
C ALA RA 125 39.92 7.14 43.44
N VAL RA 126 39.30 8.19 43.97
CA VAL RA 126 38.82 8.22 45.34
C VAL RA 126 37.30 8.38 45.28
N SER RA 127 36.59 7.41 45.83
CA SER RA 127 35.15 7.54 46.06
C SER RA 127 34.98 8.07 47.47
N ILE RA 128 34.40 9.26 47.58
CA ILE RA 128 34.25 9.91 48.87
C ILE RA 128 32.77 9.98 49.21
N ASP RA 129 32.51 10.29 50.47
CA ASP RA 129 31.17 10.34 51.04
C ASP RA 129 31.19 11.52 52.00
N GLY RA 130 30.32 12.50 51.80
CA GLY RA 130 30.41 13.62 52.70
C GLY RA 130 29.11 14.34 52.99
N SER RA 131 29.25 15.58 53.45
CA SER RA 131 28.12 16.45 53.68
C SER RA 131 28.60 17.88 53.75
N ALA RA 132 27.75 18.83 53.38
CA ALA RA 132 28.12 20.24 53.34
C ALA RA 132 26.95 21.05 53.88
N VAL RA 133 27.16 22.37 53.98
CA VAL RA 133 26.20 23.19 54.72
C VAL RA 133 24.94 23.45 53.89
N SER RA 134 25.06 23.51 52.57
CA SER RA 134 23.94 23.94 51.75
C SER RA 134 24.27 23.73 50.28
N HIS RA 135 23.45 24.34 49.42
CA HIS RA 135 23.63 24.36 47.97
C HIS RA 135 24.79 25.29 47.61
N ASP RA 136 25.52 25.76 48.62
CA ASP RA 136 26.57 26.74 48.45
C ASP RA 136 27.94 26.17 48.75
N GLU RA 137 28.18 25.68 49.96
CA GLU RA 137 29.49 25.11 50.28
C GLU RA 137 29.75 23.82 49.52
N VAL RA 138 28.71 23.05 49.18
CA VAL RA 138 28.90 21.92 48.28
C VAL RA 138 29.15 22.42 46.87
N ALA RA 139 28.63 23.61 46.53
CA ALA RA 139 28.95 24.22 45.24
C ALA RA 139 30.36 24.78 45.23
N GLU RA 140 30.78 25.40 46.34
CA GLU RA 140 32.17 25.83 46.46
C GLU RA 140 33.11 24.65 46.33
N PHE RA 141 32.82 23.57 47.06
CA PHE RA 141 33.66 22.38 47.04
C PHE RA 141 33.69 21.74 45.65
N MET RA 142 32.52 21.61 45.01
CA MET RA 142 32.47 20.97 43.70
C MET RA 142 33.14 21.83 42.64
N ARG RA 143 33.05 23.16 42.77
CA ARG RA 143 33.74 24.05 41.85
C ARG RA 143 35.24 23.92 42.02
N GLY RA 144 35.71 23.82 43.27
CA GLY RA 144 37.14 23.67 43.52
C GLY RA 144 37.78 22.47 42.84
N LEU RA 145 36.96 21.53 42.35
CA LEU RA 145 37.47 20.34 41.70
C LEU RA 145 37.29 20.37 40.19
N ASN RA 146 36.16 19.85 39.74
CA ASN RA 146 35.94 19.65 38.31
C ASN RA 146 34.48 19.33 38.06
N GLY RA 147 34.12 19.35 36.78
CA GLY RA 147 32.76 19.14 36.32
C GLY RA 147 32.80 18.51 34.95
N VAL RA 148 32.01 17.44 34.77
CA VAL RA 148 32.27 16.48 33.72
C VAL RA 148 30.95 15.96 33.16
N VAL RA 149 30.93 15.70 31.85
CA VAL RA 149 29.85 14.96 31.20
C VAL RA 149 30.30 13.50 31.14
N TRP RA 150 29.75 12.69 32.04
CA TRP RA 150 30.11 11.28 32.10
C TRP RA 150 29.16 10.46 31.22
N THR RA 151 29.70 9.39 30.63
CA THR RA 151 28.91 8.66 29.64
C THR RA 151 28.94 7.14 29.93
N PRO RA 152 29.70 6.26 29.20
CA PRO RA 152 29.37 4.83 29.31
C PRO RA 152 29.89 4.23 30.61
N LYS RA 153 28.98 3.99 31.54
CA LYS RA 153 29.37 3.50 32.86
C LYS RA 153 29.45 1.98 32.87
N GLY RA 154 30.47 1.45 33.55
CA GLY RA 154 30.59 0.02 33.74
C GLY RA 154 30.12 -0.42 35.11
N MET RA 155 29.28 -1.45 35.15
CA MET RA 155 28.80 -1.98 36.41
C MET RA 155 29.73 -3.07 36.91
N GLY RA 156 30.05 -3.03 38.20
CA GLY RA 156 31.05 -3.93 38.77
C GLY RA 156 30.66 -4.36 40.18
N ARG RA 157 31.25 -5.48 40.60
CA ARG RA 157 30.83 -6.20 41.80
C ARG RA 157 30.95 -5.39 43.09
N LEU RA 158 31.60 -4.22 43.04
CA LEU RA 158 31.61 -3.35 44.21
C LEU RA 158 30.31 -2.59 44.39
N VAL RA 159 29.69 -2.18 43.28
CA VAL RA 159 28.35 -1.58 43.33
C VAL RA 159 27.40 -2.48 44.10
N ASP RA 160 27.33 -3.76 43.72
CA ASP RA 160 26.38 -4.66 44.38
C ASP RA 160 26.79 -4.95 45.81
N ARG RA 161 28.09 -4.94 46.11
CA ARG RA 161 28.51 -5.02 47.50
C ARG RA 161 28.09 -3.79 48.28
N ARG RA 162 27.83 -2.67 47.60
CA ARG RA 162 27.20 -1.53 48.25
C ARG RA 162 25.71 -1.75 48.42
N ARG RA 163 25.05 -2.30 47.40
CA ARG RA 163 23.65 -2.70 47.56
C ARG RA 163 23.51 -3.82 48.58
N ASP RA 164 24.52 -4.68 48.70
CA ASP RA 164 24.46 -5.76 49.68
C ASP RA 164 24.67 -5.27 51.11
N SER RA 165 25.11 -4.03 51.29
CA SER RA 165 25.69 -3.47 52.51
C SER RA 165 27.01 -4.13 52.88
N LYS RA 166 27.53 -5.01 52.01
CA LYS RA 166 28.64 -5.90 52.37
C LYS RA 166 29.97 -5.17 52.52
N THR RA 167 30.10 -3.98 51.92
CA THR RA 167 31.24 -3.08 52.11
C THR RA 167 30.67 -1.86 52.84
N ALA RA 168 31.07 -1.67 54.09
CA ALA RA 168 30.43 -0.70 54.96
C ALA RA 168 30.47 0.70 54.36
N ARG RA 169 29.30 1.32 54.22
CA ARG RA 169 29.22 2.75 53.93
C ARG RA 169 27.85 3.31 54.31
N VAL RA 170 27.50 4.43 53.69
CA VAL RA 170 26.29 5.16 54.07
C VAL RA 170 25.31 5.25 52.91
N GLU RA 171 24.32 4.37 52.93
CA GLU RA 171 23.53 4.10 51.73
C GLU RA 171 22.45 5.12 51.46
N MET RA 172 22.63 6.33 51.93
CA MET RA 172 22.10 7.47 51.22
C MET RA 172 22.74 7.63 49.86
N LEU RA 173 23.85 6.95 49.60
CA LEU RA 173 24.70 7.29 48.48
C LEU RA 173 24.31 6.49 47.26
N THR RA 174 24.37 7.15 46.11
CA THR RA 174 24.46 6.42 44.87
C THR RA 174 25.75 5.60 44.85
N SER RA 175 25.86 4.70 43.89
CA SER RA 175 26.94 3.72 43.92
C SER RA 175 28.08 4.10 42.98
N ASP RA 176 28.76 3.08 42.44
CA ASP RA 176 29.57 3.18 41.23
C ASP RA 176 30.95 3.80 41.46
N ALA RA 177 31.84 3.59 40.50
CA ALA RA 177 33.17 4.19 40.45
C ALA RA 177 33.92 3.78 39.19
N THR RA 178 33.23 3.63 38.07
CA THR RA 178 33.88 3.20 36.82
C THR RA 178 33.09 3.78 35.65
N ILE RA 179 33.75 4.62 34.84
CA ILE RA 179 33.08 5.30 33.72
C ILE RA 179 34.10 5.97 32.81
N GLU RA 180 33.63 6.89 31.95
CA GLU RA 180 34.44 7.61 30.99
C GLU RA 180 33.96 9.06 30.96
N GLU RA 181 34.89 10.00 31.05
CA GLU RA 181 34.57 11.35 31.50
C GLU RA 181 34.97 12.40 30.48
N PHE RA 182 34.09 13.34 30.23
CA PHE RA 182 34.37 14.48 29.38
C PHE RA 182 34.29 15.75 30.20
N PRO RA 183 35.27 16.64 30.08
CA PRO RA 183 35.29 17.84 30.93
C PRO RA 183 34.24 18.84 30.50
N GLU RA 184 33.51 19.36 31.48
CA GLU RA 184 32.63 20.51 31.28
C GLU RA 184 33.29 21.79 31.79
N ALA RA 185 33.67 21.80 33.06
CA ALA RA 185 34.37 22.91 33.69
C ALA RA 185 35.37 22.31 34.67
N GLN RA 186 36.29 23.14 35.16
CA GLN RA 186 37.52 22.66 35.77
C GLN RA 186 38.11 23.78 36.62
N VAL RA 187 38.65 23.46 37.80
CA VAL RA 187 39.30 24.52 38.56
C VAL RA 187 40.64 24.02 39.08
N SER RA 188 40.69 22.79 39.55
CA SER RA 188 41.95 22.17 39.91
C SER RA 188 42.51 21.40 38.71
N PRO RA 189 43.68 21.77 38.20
CA PRO RA 189 44.27 21.04 37.07
C PRO RA 189 44.63 19.62 37.43
N PHE RA 190 44.54 19.30 38.71
CA PHE RA 190 45.05 18.04 39.22
C PHE RA 190 43.92 17.03 39.38
N PHE RA 191 42.66 17.44 39.37
CA PHE RA 191 41.57 16.56 39.75
C PHE RA 191 40.50 16.52 38.66
N LYS RA 192 40.04 15.31 38.36
CA LYS RA 192 38.95 15.00 37.44
C LYS RA 192 37.83 14.42 38.30
N ASN RA 193 37.00 15.30 38.84
CA ASN RA 193 35.74 14.89 39.46
C ASN RA 193 34.81 14.37 38.38
N ILE RA 194 34.18 13.22 38.64
CA ILE RA 194 33.28 12.67 37.62
C ILE RA 194 31.93 13.37 37.66
N ASP RA 195 31.43 13.67 38.87
CA ASP RA 195 30.15 14.35 39.10
C ASP RA 195 29.81 14.31 40.58
N LEU RA 196 28.99 15.26 41.03
CA LEU RA 196 28.32 15.17 42.33
C LEU RA 196 27.29 14.05 42.22
N GLN RA 197 27.74 12.84 42.58
CA GLN RA 197 26.93 11.65 42.38
C GLN RA 197 25.56 11.76 43.04
N THR RA 198 25.48 12.39 44.20
CA THR RA 198 24.16 12.64 44.79
C THR RA 198 24.29 13.68 45.89
N ALA RA 199 23.12 14.19 46.31
CA ALA RA 199 23.05 15.22 47.35
C ALA RA 199 21.61 15.33 47.84
N LYS RA 200 21.43 15.25 49.16
CA LYS RA 200 20.13 15.17 49.81
C LYS RA 200 20.21 15.89 51.15
N GLN RA 201 19.37 16.90 51.35
CA GLN RA 201 19.42 17.71 52.56
C GLN RA 201 18.69 16.96 53.67
N VAL RA 202 19.45 16.50 54.66
CA VAL RA 202 18.91 15.67 55.73
C VAL RA 202 18.47 16.59 56.87
N GLY RA 203 17.17 16.58 57.19
CA GLY RA 203 16.66 17.55 58.14
C GLY RA 203 16.88 17.16 59.59
N GLY RA 204 16.68 15.89 59.92
CA GLY RA 204 16.75 15.45 61.30
C GLY RA 204 15.36 15.24 61.88
N ALA RA 205 15.26 15.36 63.19
CA ALA RA 205 13.99 15.16 63.87
C ALA RA 205 13.97 15.94 65.18
N GLN RA 206 12.94 15.69 65.99
CA GLN RA 206 12.81 16.34 67.29
C GLN RA 206 13.91 15.93 68.26
N VAL RA 207 14.58 14.80 67.99
CA VAL RA 207 15.72 14.41 68.82
C VAL RA 207 16.97 15.20 68.47
N GLY RA 208 17.02 15.81 67.29
CA GLY RA 208 18.17 16.59 66.90
C GLY RA 208 18.29 16.90 65.42
N VAL RA 209 19.15 17.85 65.09
CA VAL RA 209 19.38 18.29 63.71
C VAL RA 209 20.53 17.55 63.03
N PRO RA 210 20.54 17.58 61.70
CA PRO RA 210 21.76 18.04 61.04
C PRO RA 210 21.44 19.11 59.99
N ILE RA 211 20.28 18.99 59.33
CA ILE RA 211 19.70 19.99 58.42
C ILE RA 211 20.52 20.13 57.14
N LEU RA 212 21.75 19.64 57.12
CA LEU RA 212 22.65 19.96 56.03
C LEU RA 212 22.41 19.06 54.81
N VAL RA 213 23.28 19.22 53.81
CA VAL RA 213 23.15 18.48 52.55
C VAL RA 213 24.18 17.35 52.56
N GLU RA 214 23.71 16.15 52.85
CA GLU RA 214 24.51 14.95 52.63
C GLU RA 214 24.82 14.84 51.14
N PHE RA 215 26.02 14.37 50.80
CA PHE RA 215 26.34 14.27 49.37
C PHE RA 215 27.34 13.13 49.14
N LYS RA 216 27.53 12.82 47.86
CA LYS RA 216 28.54 11.87 47.42
C LYS RA 216 29.11 12.24 46.06
N ILE RA 217 30.44 12.11 45.96
CA ILE RA 217 31.29 12.46 44.83
C ILE RA 217 32.32 11.36 44.62
N THR RA 218 32.73 11.15 43.37
CA THR RA 218 33.88 10.31 43.04
C THR RA 218 34.81 11.07 42.10
N MET RA 219 36.13 10.94 42.32
CA MET RA 219 37.10 11.80 41.65
C MET RA 219 38.44 11.09 41.45
N THR RA 220 38.92 11.09 40.21
CA THR RA 220 40.27 10.63 39.90
C THR RA 220 41.20 11.84 39.81
N SER RA 221 42.38 11.71 40.39
CA SER RA 221 43.27 12.85 40.57
C SER RA 221 44.07 13.13 39.29
N ASN RA 222 45.24 13.71 39.46
CA ASN RA 222 46.43 13.25 38.73
C ASN RA 222 47.59 12.94 39.67
N TYR RA 223 48.80 12.90 39.10
CA TYR RA 223 49.50 11.63 38.91
C TYR RA 223 50.05 11.09 40.23
N MET SA 1 -47.22 129.40 53.66
CA MET SA 1 -48.66 129.55 53.42
C MET SA 1 -49.44 128.77 54.48
N ASP SA 2 -50.50 129.39 54.99
CA ASP SA 2 -50.99 129.01 56.31
C ASP SA 2 -52.10 127.97 56.31
N LYS SA 3 -52.99 127.96 55.32
CA LYS SA 3 -54.00 126.92 55.26
C LYS SA 3 -53.38 125.53 55.34
N TYR SA 4 -52.31 125.30 54.59
CA TYR SA 4 -51.55 124.06 54.72
C TYR SA 4 -50.94 123.91 56.10
N LEU SA 5 -50.59 125.03 56.74
CA LEU SA 5 -49.93 124.95 58.05
C LEU SA 5 -50.91 124.55 59.15
N ASP SA 6 -52.20 124.88 59.00
CA ASP SA 6 -53.17 124.47 60.00
C ASP SA 6 -53.76 123.11 59.64
N GLN SA 7 -53.72 122.73 58.36
CA GLN SA 7 -53.81 121.31 58.05
C GLN SA 7 -52.67 120.54 58.69
N PHE SA 8 -51.52 121.21 58.88
CA PHE SA 8 -50.38 120.62 59.59
C PHE SA 8 -50.51 120.69 61.10
N VAL SA 9 -51.33 121.59 61.64
CA VAL SA 9 -51.56 121.61 63.08
C VAL SA 9 -52.71 120.68 63.47
N LYS SA 10 -53.59 120.34 62.52
CA LYS SA 10 -54.72 119.45 62.82
C LYS SA 10 -54.33 117.97 62.67
N ALA SA 11 -53.71 117.60 61.54
CA ALA SA 11 -53.60 116.20 61.12
C ALA SA 11 -52.25 115.51 61.39
N PRO SA 12 -51.09 116.10 61.06
CA PRO SA 12 -49.86 115.31 60.94
C PRO SA 12 -49.30 114.81 62.26
N PRO SA 13 -49.93 115.05 63.42
CA PRO SA 13 -49.71 114.09 64.51
C PRO SA 13 -50.01 112.68 64.02
N ALA SA 14 -51.18 112.52 63.37
CA ALA SA 14 -51.56 111.22 62.84
C ALA SA 14 -50.60 110.75 61.74
N ILE SA 15 -50.20 111.66 60.86
CA ILE SA 15 -49.39 111.25 59.70
C ILE SA 15 -47.95 110.94 60.12
N LYS SA 16 -47.38 111.75 61.02
CA LYS SA 16 -46.05 111.45 61.53
C LYS SA 16 -46.04 110.14 62.29
N PHE SA 17 -47.01 109.96 63.21
CA PHE SA 17 -47.11 108.68 63.92
C PHE SA 17 -47.21 107.52 62.93
N GLY SA 18 -48.05 107.66 61.92
CA GLY SA 18 -48.19 106.61 60.92
C GLY SA 18 -46.88 106.30 60.22
N GLY SA 19 -46.17 107.34 59.77
CA GLY SA 19 -44.89 107.12 59.12
C GLY SA 19 -43.91 106.37 60.01
N LEU SA 20 -43.80 106.80 61.27
CA LEU SA 20 -42.99 106.06 62.24
C LEU SA 20 -43.40 104.59 62.30
N ALA SA 21 -44.71 104.34 62.24
CA ALA SA 21 -45.19 102.96 62.35
C ALA SA 21 -44.82 102.12 61.12
N PHE SA 22 -45.01 102.67 59.92
CA PHE SA 22 -44.62 101.93 58.73
C PHE SA 22 -43.13 101.66 58.71
N VAL SA 23 -42.33 102.61 59.20
CA VAL SA 23 -40.89 102.40 59.27
C VAL SA 23 -40.56 101.27 60.24
N VAL SA 24 -41.16 101.29 61.45
CA VAL SA 24 -40.83 100.25 62.41
C VAL SA 24 -41.30 98.88 61.92
N GLY SA 25 -42.43 98.85 61.21
CA GLY SA 25 -42.84 97.61 60.58
C GLY SA 25 -41.84 97.10 59.57
N ALA SA 26 -41.31 97.99 58.72
CA ALA SA 26 -40.28 97.58 57.77
C ALA SA 26 -39.05 97.04 58.49
N LEU SA 27 -38.59 97.73 59.54
CA LEU SA 27 -37.38 97.29 60.24
C LEU SA 27 -37.59 95.95 60.93
N THR SA 28 -38.80 95.69 61.43
CA THR SA 28 -39.07 94.37 62.01
C THR SA 28 -39.14 93.29 60.95
N ALA SA 29 -39.71 93.59 59.78
CA ALA SA 29 -39.60 92.66 58.67
C ALA SA 29 -38.13 92.33 58.39
N ALA SA 30 -37.28 93.36 58.36
CA ALA SA 30 -35.87 93.17 58.04
C ALA SA 30 -35.16 92.32 59.07
N ASN SA 31 -35.39 92.58 60.36
CA ASN SA 31 -34.67 91.81 61.37
C ASN SA 31 -35.20 90.37 61.48
N PHE SA 32 -36.48 90.16 61.19
CA PHE SA 32 -36.97 88.79 61.14
C PHE SA 32 -36.36 88.02 59.99
N PHE SA 33 -36.22 88.67 58.83
CA PHE SA 33 -35.51 88.01 57.73
C PHE SA 33 -34.05 87.74 58.11
N MET SA 34 -33.44 88.69 58.82
CA MET SA 34 -32.05 88.56 59.26
C MET SA 34 -31.89 87.61 60.44
N VAL SA 35 -32.99 87.06 60.98
CA VAL SA 35 -32.84 85.91 61.87
C VAL SA 35 -33.23 84.61 61.17
N ILE SA 36 -33.98 84.68 60.07
CA ILE SA 36 -34.28 83.46 59.31
C ILE SA 36 -33.05 83.01 58.51
N GLN SA 37 -32.29 83.96 57.95
CA GLN SA 37 -31.11 83.57 57.18
C GLN SA 37 -30.04 82.85 58.00
N PRO SA 38 -29.70 83.28 59.23
CA PRO SA 38 -28.74 82.49 60.03
C PRO SA 38 -29.24 81.09 60.37
N THR SA 39 -30.56 80.88 60.40
CA THR SA 39 -31.10 79.53 60.54
C THR SA 39 -30.63 78.65 59.39
N GLU SA 40 -30.92 79.08 58.16
CA GLU SA 40 -30.53 78.30 56.99
C GLU SA 40 -29.02 78.07 56.95
N GLU SA 41 -28.24 79.15 57.14
CA GLU SA 41 -26.79 78.99 57.19
C GLU SA 41 -26.39 77.96 58.23
N GLU SA 42 -27.10 77.94 59.35
CA GLU SA 42 -26.74 77.08 60.48
C GLU SA 42 -27.03 75.62 60.17
N ILE SA 43 -28.20 75.34 59.59
CA ILE SA 43 -28.50 73.99 59.11
C ILE SA 43 -27.45 73.56 58.10
N GLY SA 44 -27.00 74.49 57.25
CA GLY SA 44 -25.93 74.18 56.32
C GLY SA 44 -24.65 73.73 57.01
N TRP SA 45 -24.18 74.52 57.98
CA TRP SA 45 -22.96 74.14 58.70
C TRP SA 45 -23.16 72.83 59.46
N ALA SA 46 -24.39 72.56 59.92
CA ALA SA 46 -24.69 71.25 60.47
C ALA SA 46 -24.40 70.17 59.44
N VAL SA 47 -24.95 70.33 58.24
CA VAL SA 47 -24.80 69.29 57.21
C VAL SA 47 -23.35 69.10 56.81
N ALA SA 48 -22.55 70.17 56.83
CA ALA SA 48 -21.11 70.01 56.58
C ALA SA 48 -20.45 69.22 57.71
N GLU SA 49 -20.63 69.68 58.95
CA GLU SA 49 -19.95 69.07 60.08
C GLU SA 49 -20.27 67.58 60.20
N ARG SA 50 -21.54 67.21 60.10
CA ARG SA 50 -21.90 65.80 60.17
C ARG SA 50 -21.21 65.00 59.08
N ARG SA 51 -21.07 65.59 57.89
CA ARG SA 51 -20.34 64.91 56.82
C ARG SA 51 -18.86 64.78 57.15
N LYS SA 52 -18.33 65.63 58.04
CA LYS SA 52 -16.97 65.40 58.49
C LYS SA 52 -16.90 64.31 59.56
N LEU SA 53 -17.85 64.31 60.49
CA LEU SA 53 -17.97 63.20 61.44
C LEU SA 53 -17.94 61.86 60.73
N ASP SA 54 -18.75 61.72 59.67
CA ASP SA 54 -18.95 60.42 59.04
C ASP SA 54 -17.77 59.97 58.20
N LEU SA 55 -16.98 60.89 57.62
CA LEU SA 55 -15.76 60.48 56.96
C LEU SA 55 -14.68 60.12 57.97
N GLU SA 56 -14.60 60.87 59.07
CA GLU SA 56 -13.63 60.55 60.10
C GLU SA 56 -13.89 59.16 60.67
N LEU SA 57 -15.16 58.81 60.87
CA LEU SA 57 -15.48 57.44 61.28
C LEU SA 57 -14.97 56.43 60.26
N ALA SA 58 -14.88 56.78 58.98
CA ALA SA 58 -14.27 55.87 58.02
C ALA SA 58 -12.78 55.74 58.30
N ASP SA 59 -12.09 56.88 58.49
CA ASP SA 59 -10.66 56.82 58.78
C ASP SA 59 -10.36 55.99 60.04
N LYS SA 60 -11.25 56.03 61.04
CA LYS SA 60 -10.93 55.29 62.27
C LYS SA 60 -10.91 53.79 62.02
N SER SA 61 -11.90 53.25 61.32
CA SER SA 61 -11.90 51.82 61.03
C SER SA 61 -10.74 51.44 60.12
N GLU SA 62 -10.46 52.28 59.10
CA GLU SA 62 -9.32 51.99 58.22
C GLU SA 62 -8.03 51.87 59.01
N ILE SA 63 -7.76 52.84 59.89
CA ILE SA 63 -6.47 52.82 60.57
C ILE SA 63 -6.44 51.79 61.70
N ALA SA 64 -7.58 51.48 62.31
CA ALA SA 64 -7.62 50.40 63.30
C ALA SA 64 -7.31 49.07 62.64
N GLN SA 65 -7.81 48.88 61.41
CA GLN SA 65 -7.49 47.67 60.66
C GLN SA 65 -6.02 47.64 60.27
N ASN SA 66 -5.46 48.80 59.89
CA ASN SA 66 -4.03 48.84 59.58
C ASN SA 66 -3.19 48.58 60.83
N LEU SA 67 -3.67 48.98 62.01
CA LEU SA 67 -2.99 48.67 63.26
C LEU SA 67 -2.98 47.17 63.54
N ASN SA 68 -4.17 46.54 63.44
CA ASN SA 68 -4.25 45.09 63.55
C ASN SA 68 -3.25 44.42 62.61
N GLU SA 69 -3.21 44.86 61.34
CA GLU SA 69 -2.27 44.26 60.39
C GLU SA 69 -0.82 44.53 60.80
N ARG SA 70 -0.54 45.66 61.46
CA ARG SA 70 0.79 45.79 62.01
C ARG SA 70 1.03 44.64 62.96
N ARG SA 71 0.30 44.65 64.08
CA ARG SA 71 0.52 43.71 65.18
C ARG SA 71 0.82 42.36 64.58
N ARG SA 72 -0.12 41.93 63.73
CA ARG SA 72 0.04 40.82 62.80
C ARG SA 72 1.50 40.67 62.42
N GLU SA 73 2.07 41.57 61.62
CA GLU SA 73 3.39 41.17 61.15
C GLU SA 73 4.61 41.82 61.83
N MET SA 74 4.47 42.96 62.50
CA MET SA 74 5.60 43.49 63.25
C MET SA 74 5.97 42.57 64.41
N ASP SA 75 4.97 42.00 65.09
CA ASP SA 75 5.29 41.12 66.22
C ASP SA 75 5.83 39.78 65.74
N VAL SA 76 5.40 39.34 64.56
CA VAL SA 76 6.00 38.17 63.92
C VAL SA 76 7.43 38.48 63.49
N LEU SA 77 7.68 39.73 63.08
CA LEU SA 77 9.02 40.10 62.66
C LEU SA 77 9.96 40.23 63.86
N GLU SA 78 9.39 40.42 65.07
CA GLU SA 78 10.18 40.50 66.30
C GLU SA 78 10.42 39.12 66.91
N GLN SA 79 10.16 38.06 66.16
CA GLN SA 79 10.15 36.70 66.67
C GLN SA 79 11.56 36.25 67.01
N LYS SA 80 11.68 35.15 67.73
CA LYS SA 80 12.90 34.89 68.47
C LYS SA 80 13.62 33.60 68.11
N LEU SA 81 14.50 33.17 69.01
CA LEU SA 81 15.34 31.97 68.88
C LEU SA 81 14.55 30.69 68.76
N SER SA 82 14.46 30.18 67.53
CA SER SA 82 13.70 29.00 67.24
C SER SA 82 13.97 28.67 65.79
N GLU SA 83 12.90 28.35 65.06
CA GLU SA 83 12.89 28.73 63.66
C GLU SA 83 12.93 30.25 63.57
N ALA SA 84 13.54 30.74 62.51
CA ALA SA 84 13.51 32.16 62.16
C ALA SA 84 13.00 32.29 60.73
N LEU SA 85 12.22 33.33 60.47
CA LEU SA 85 11.62 33.55 59.16
C LEU SA 85 12.49 34.50 58.34
N THR SA 86 12.17 34.64 57.06
CA THR SA 86 12.56 35.82 56.32
C THR SA 86 11.51 36.90 56.61
N GLU SA 87 11.85 38.13 56.24
CA GLU SA 87 10.88 39.22 56.19
C GLU SA 87 9.60 38.76 55.52
N LEU SA 88 8.48 39.34 55.94
CA LEU SA 88 7.21 39.07 55.29
C LEU SA 88 6.54 40.38 54.90
N PRO SA 89 6.65 40.82 53.65
CA PRO SA 89 5.68 41.78 53.12
C PRO SA 89 4.46 41.05 52.56
N GLU SA 90 3.34 41.77 52.50
CA GLU SA 90 2.14 41.21 51.88
C GLU SA 90 2.40 41.02 50.40
N GLN SA 91 2.84 39.82 50.03
CA GLN SA 91 3.02 39.53 48.60
C GLN SA 91 1.68 39.36 47.91
N ARG SA 92 0.95 38.31 48.27
CA ARG SA 92 -0.46 38.14 47.89
C ARG SA 92 -0.65 38.08 46.38
N ASP SA 93 0.32 37.46 45.69
CA ASP SA 93 0.18 37.11 44.27
C ASP SA 93 0.94 35.80 44.06
N ILE SA 94 0.18 34.72 43.89
CA ILE SA 94 0.77 33.39 43.85
C ILE SA 94 1.05 32.97 42.41
N GLU SA 95 0.05 33.12 41.53
CA GLU SA 95 0.19 32.66 40.15
C GLU SA 95 1.36 33.32 39.44
N GLU SA 96 1.69 34.57 39.81
CA GLU SA 96 2.89 35.20 39.28
C GLU SA 96 4.15 34.55 39.84
N LEU SA 97 4.07 34.01 41.06
CA LEU SA 97 5.20 33.27 41.61
C LEU SA 97 5.42 31.98 40.82
N LEU SA 98 4.34 31.24 40.55
CA LEU SA 98 4.48 30.03 39.73
C LEU SA 98 5.02 30.39 38.34
N ALA SA 99 4.48 31.44 37.73
CA ALA SA 99 4.92 31.82 36.40
C ALA SA 99 6.40 32.19 36.39
N GLN SA 100 6.84 32.98 37.36
CA GLN SA 100 8.24 33.41 37.37
C GLN SA 100 9.18 32.26 37.71
N ILE SA 101 8.71 31.30 38.51
CA ILE SA 101 9.49 30.07 38.70
C ILE SA 101 9.65 29.36 37.36
N ASN SA 102 8.57 29.27 36.58
CA ASN SA 102 8.69 28.65 35.26
C ASN SA 102 9.69 29.41 34.39
N ASP SA 103 9.68 30.74 34.46
CA ASP SA 103 10.55 31.53 33.59
C ASP SA 103 12.01 31.37 33.96
N ILE SA 104 12.34 31.50 35.25
CA ILE SA 104 13.72 31.31 35.66
C ILE SA 104 14.16 29.88 35.41
N GLY SA 105 13.23 28.92 35.44
CA GLY SA 105 13.56 27.57 35.04
C GLY SA 105 13.93 27.48 33.57
N LYS SA 106 13.14 28.14 32.71
CA LYS SA 106 13.36 28.07 31.28
C LYS SA 106 14.66 28.75 30.87
N LYS SA 107 14.94 29.93 31.44
CA LYS SA 107 16.17 30.63 31.06
C LYS SA 107 17.40 29.98 31.68
N SER SA 108 17.22 29.12 32.69
CA SER SA 108 18.34 28.33 33.19
C SER SA 108 18.54 27.04 32.41
N GLY SA 109 17.65 26.72 31.46
CA GLY SA 109 17.77 25.54 30.64
C GLY SA 109 17.17 24.29 31.21
N LEU SA 110 16.46 24.37 32.34
CA LEU SA 110 15.96 23.18 33.01
C LEU SA 110 14.58 22.78 32.48
N GLU SA 111 14.35 21.47 32.42
CA GLU SA 111 13.02 20.95 32.15
C GLU SA 111 12.25 20.89 33.46
N LEU SA 112 11.16 21.64 33.54
CA LEU SA 112 10.33 21.67 34.74
C LEU SA 112 9.38 20.48 34.68
N SER SA 113 9.79 19.38 35.31
CA SER SA 113 9.02 18.15 35.22
C SER SA 113 7.78 18.17 36.12
N SER SA 114 7.77 18.97 37.19
CA SER SA 114 6.57 19.06 38.01
C SER SA 114 6.68 20.22 38.98
N VAL SA 115 5.63 21.03 39.05
CA VAL SA 115 5.46 22.01 40.13
C VAL SA 115 4.21 21.62 40.90
N THR SA 116 4.34 21.45 42.21
CA THR SA 116 3.23 20.98 43.03
C THR SA 116 3.04 21.96 44.18
N PRO SA 117 1.90 22.64 44.28
CA PRO SA 117 1.67 23.52 45.43
C PRO SA 117 1.53 22.69 46.69
N GLY SA 118 1.37 23.36 47.81
CA GLY SA 118 1.27 22.68 49.08
C GLY SA 118 -0.04 22.93 49.77
N LYS SA 119 -0.09 22.54 51.04
CA LYS SA 119 -1.15 23.01 51.90
C LYS SA 119 -0.63 24.15 52.75
N GLU SA 120 -1.53 25.09 53.06
CA GLU SA 120 -1.19 26.15 53.99
C GLU SA 120 -0.95 25.56 55.37
N SER SA 121 0.08 26.07 56.05
CA SER SA 121 0.47 25.55 57.36
C SER SA 121 -0.33 26.27 58.44
N VAL SA 122 -1.50 25.71 58.76
CA VAL SA 122 -2.44 26.35 59.68
C VAL SA 122 -1.81 26.56 61.05
N GLY SA 123 -0.87 25.70 61.45
CA GLY SA 123 -0.12 25.90 62.68
C GLY SA 123 1.32 26.26 62.45
N GLY SA 124 1.58 26.97 61.35
CA GLY SA 124 2.92 27.42 61.01
C GLY SA 124 3.13 28.89 61.30
N GLY SA 125 2.20 29.47 62.06
CA GLY SA 125 2.25 30.88 62.39
C GLY SA 125 0.91 31.40 62.88
N GLU SA 126 0.92 32.31 63.86
CA GLU SA 126 -0.33 32.92 64.28
C GLU SA 126 -0.80 33.97 63.29
N PHE SA 127 0.13 34.63 62.59
CA PHE SA 127 -0.23 35.75 61.73
C PHE SA 127 -0.01 35.46 60.25
N PHE SA 128 0.25 34.21 59.87
CA PHE SA 128 0.53 33.89 58.48
C PHE SA 128 0.32 32.40 58.24
N ALA SA 129 -0.34 32.08 57.12
CA ALA SA 129 -0.43 30.72 56.61
C ALA SA 129 0.66 30.56 55.56
N ARG SA 130 1.62 29.70 55.85
CA ARG SA 130 2.66 29.41 54.88
C ARG SA 130 2.16 28.42 53.85
N ILE SA 131 2.26 28.78 52.58
CA ILE SA 131 1.99 27.85 51.48
C ILE SA 131 3.34 27.38 50.93
N PRO SA 132 3.65 26.09 51.01
CA PRO SA 132 4.87 25.57 50.41
C PRO SA 132 4.62 25.10 48.98
N ILE SA 133 5.62 25.27 48.14
CA ILE SA 133 5.58 24.86 46.74
C ILE SA 133 6.81 23.98 46.51
N LYS SA 134 6.58 22.75 46.08
CA LYS SA 134 7.65 21.82 45.77
C LYS SA 134 7.87 21.81 44.26
N MET SA 135 9.07 22.17 43.83
CA MET SA 135 9.41 22.27 42.42
C MET SA 135 10.39 21.17 42.04
N THR SA 136 10.25 20.68 40.81
CA THR SA 136 10.89 19.45 40.33
C THR SA 136 11.36 19.72 38.90
N VAL SA 137 12.67 19.95 38.78
CA VAL SA 137 13.32 20.41 37.55
C VAL SA 137 14.55 19.54 37.31
N SER SA 138 14.89 19.32 36.04
CA SER SA 138 16.01 18.44 35.72
C SER SA 138 16.99 19.13 34.78
N GLY SA 139 18.28 18.87 35.01
CA GLY SA 139 19.29 19.39 34.10
C GLY SA 139 20.70 19.15 34.66
N ASN SA 140 21.54 20.16 34.47
CA ASN SA 140 22.94 20.10 34.89
C ASN SA 140 23.11 20.74 36.26
N TYR SA 141 24.16 20.30 36.97
CA TYR SA 141 24.46 20.87 38.29
C TYR SA 141 24.59 22.39 38.24
N HIS SA 142 25.35 22.90 37.26
CA HIS SA 142 25.48 24.33 37.07
C HIS SA 142 24.13 25.00 36.89
N GLU SA 143 23.24 24.35 36.12
CA GLU SA 143 21.95 24.94 35.81
C GLU SA 143 21.00 24.92 37.02
N ILE SA 144 21.10 23.91 37.89
CA ILE SA 144 20.22 23.88 39.05
C ILE SA 144 20.73 24.82 40.13
N ALA SA 145 22.04 24.87 40.36
CA ALA SA 145 22.61 25.95 41.16
C ALA SA 145 22.12 27.29 40.66
N LEU SA 146 22.07 27.45 39.32
CA LEU SA 146 21.61 28.70 38.71
C LEU SA 146 20.15 28.97 39.04
N PHE SA 147 19.30 27.99 38.77
CA PHE SA 147 17.86 28.11 39.06
C PHE SA 147 17.62 28.50 40.51
N LEU SA 148 18.31 27.83 41.43
CA LEU SA 148 18.20 28.15 42.86
C LEU SA 148 18.61 29.59 43.12
N GLN SA 149 19.77 30.02 42.62
CA GLN SA 149 20.26 31.36 42.96
C GLN SA 149 19.36 32.44 42.36
N GLU SA 150 18.74 32.16 41.22
CA GLU SA 150 17.80 33.11 40.64
C GLU SA 150 16.53 33.21 41.46
N MET SA 151 16.01 32.08 41.95
CA MET SA 151 14.83 32.14 42.82
C MET SA 151 15.16 32.81 44.14
N ALA SA 152 16.40 32.68 44.60
CA ALA SA 152 16.85 33.37 45.81
C ALA SA 152 17.22 34.82 45.55
N ASN SA 153 17.21 35.26 44.29
CA ASN SA 153 17.39 36.67 43.97
C ASN SA 153 16.10 37.33 43.47
N MET SA 154 14.95 36.65 43.60
CA MET SA 154 13.71 37.17 43.08
C MET SA 154 13.18 38.30 43.98
N ARG SA 155 12.21 39.05 43.46
CA ARG SA 155 11.53 40.11 44.18
C ARG SA 155 10.27 39.62 44.88
N ARG SA 156 10.12 38.32 45.09
CA ARG SA 156 8.94 37.81 45.77
C ARG SA 156 9.39 36.83 46.86
N ILE SA 157 8.42 36.37 47.63
CA ILE SA 157 8.67 35.75 48.94
C ILE SA 157 8.81 34.24 48.79
N VAL SA 158 9.72 33.80 47.94
CA VAL SA 158 9.89 32.37 47.70
C VAL SA 158 11.14 31.89 48.44
N ASN SA 159 10.98 31.64 49.74
CA ASN SA 159 12.12 31.20 50.55
C ASN SA 159 12.43 29.73 50.33
N VAL SA 160 13.46 29.46 49.52
CA VAL SA 160 13.86 28.09 49.25
C VAL SA 160 14.59 27.51 50.45
N ASN SA 161 14.24 26.28 50.82
CA ASN SA 161 14.85 25.66 51.99
C ASN SA 161 15.46 24.30 51.69
N ASN SA 162 14.71 23.24 51.95
CA ASN SA 162 15.26 21.89 51.89
C ASN SA 162 15.38 21.44 50.42
N ILE SA 163 16.61 21.16 50.00
CA ILE SA 163 16.95 20.88 48.60
C ILE SA 163 17.35 19.42 48.48
N LYS SA 164 17.14 18.84 47.29
CA LYS SA 164 17.69 17.53 46.99
C LYS SA 164 17.85 17.41 45.49
N PHE SA 165 18.72 16.49 45.06
CA PHE SA 165 18.84 16.14 43.64
C PHE SA 165 19.68 14.89 43.51
N ASP SA 166 19.51 14.20 42.38
CA ASP SA 166 20.12 12.90 42.16
C ASP SA 166 20.19 12.66 40.65
N SER SA 167 20.87 11.58 40.27
CA SER SA 167 21.11 11.28 38.86
C SER SA 167 19.93 10.46 38.31
N ALA SA 168 19.21 11.03 37.34
CA ALA SA 168 17.92 10.47 36.93
C ALA SA 168 18.04 9.26 36.02
N LYS SA 169 19.23 8.93 35.54
CA LYS SA 169 19.42 7.84 34.58
C LYS SA 169 19.76 6.57 35.33
N LEU SA 170 18.86 5.56 35.23
CA LEU SA 170 19.11 4.25 35.85
C LEU SA 170 20.51 3.77 35.54
N LYS SA 171 20.73 3.34 34.30
CA LYS SA 171 22.00 2.78 33.85
C LYS SA 171 23.15 3.77 33.97
N ASN SA 172 22.86 5.07 34.12
CA ASN SA 172 23.90 6.09 34.12
C ASN SA 172 24.71 6.01 32.84
N GLU SA 173 24.12 6.44 31.72
CA GLU SA 173 24.80 6.49 30.44
C GLU SA 173 25.00 7.91 29.95
N LYS SA 174 24.34 8.89 30.56
CA LYS SA 174 24.57 10.30 30.28
C LYS SA 174 24.32 11.10 31.55
N VAL SA 175 25.00 12.25 31.65
CA VAL SA 175 24.83 13.10 32.82
C VAL SA 175 23.43 13.71 32.79
N VAL SA 176 22.75 13.67 33.93
CA VAL SA 176 21.45 14.30 34.11
C VAL SA 176 21.09 14.24 35.59
N LEU SA 177 20.65 15.37 36.14
CA LEU SA 177 20.31 15.49 37.55
C LEU SA 177 18.88 15.97 37.69
N GLN SA 178 18.01 15.08 38.15
CA GLN SA 178 16.70 15.49 38.64
C GLN SA 178 16.87 16.17 39.99
N SER SA 179 16.19 17.30 40.15
CA SER SA 179 16.32 18.16 41.31
C SER SA 179 14.94 18.50 41.84
N GLU SA 180 14.79 18.42 43.16
CA GLU SA 180 13.53 18.72 43.84
C GLU SA 180 13.87 19.72 44.94
N PHE SA 181 13.44 20.96 44.74
CA PHE SA 181 13.64 22.04 45.69
C PHE SA 181 12.31 22.39 46.33
N GLN SA 182 12.35 22.71 47.62
CA GLN SA 182 11.15 23.12 48.35
C GLN SA 182 11.28 24.62 48.65
N ALA SA 183 10.26 25.38 48.29
CA ALA SA 183 10.29 26.82 48.46
C ALA SA 183 8.88 27.33 48.74
N THR SA 184 8.76 28.21 49.73
CA THR SA 184 7.46 28.56 50.29
C THR SA 184 7.27 30.07 50.39
N THR SA 185 6.02 30.52 50.27
CA THR SA 185 5.67 31.92 50.53
C THR SA 185 4.60 31.99 51.62
N PHE SA 186 4.50 33.15 52.26
CA PHE SA 186 3.79 33.25 53.54
C PHE SA 186 2.55 34.16 53.48
N ARG SA 187 1.43 33.63 52.99
CA ARG SA 187 0.17 34.37 52.95
C ARG SA 187 -0.26 34.74 54.37
N PHE SA 188 -1.27 35.58 54.50
CA PHE SA 188 -1.80 35.91 55.83
C PHE SA 188 -2.71 34.79 56.31
N VAL SA 189 -3.21 34.90 57.54
CA VAL SA 189 -3.99 33.81 58.12
C VAL SA 189 -5.39 33.71 57.52
N ALA TA 37 -56.50 129.93 81.53
CA ALA TA 37 -56.57 131.03 82.46
C ALA TA 37 -57.64 132.04 82.03
N LYS TA 38 -57.99 132.95 82.94
CA LYS TA 38 -59.09 133.89 82.75
C LYS TA 38 -58.58 135.13 82.02
N GLY TA 39 -58.79 135.18 80.71
CA GLY TA 39 -58.30 136.27 79.89
C GLY TA 39 -59.39 137.17 79.33
N LYS TA 40 -59.02 138.42 79.06
CA LYS TA 40 -59.86 139.35 78.31
C LYS TA 40 -59.31 139.37 76.90
N LEU TA 41 -60.01 138.68 76.02
CA LEU TA 41 -59.52 138.31 74.71
C LEU TA 41 -59.70 139.52 73.79
N VAL TA 42 -60.01 139.30 72.50
CA VAL TA 42 -60.37 140.47 71.67
C VAL TA 42 -61.50 140.10 70.71
N LEU TA 43 -61.85 141.06 69.85
CA LEU TA 43 -63.01 140.91 69.00
C LEU TA 43 -62.79 141.56 67.64
N GLY TA 44 -62.79 140.73 66.60
CA GLY TA 44 -62.75 141.24 65.24
C GLY TA 44 -64.09 141.02 64.56
N LEU TA 45 -64.33 141.81 63.53
CA LEU TA 45 -65.45 141.53 62.63
C LEU TA 45 -64.93 140.79 61.40
N ASP TA 46 -64.74 139.48 61.59
CA ASP TA 46 -64.00 138.71 60.62
C ASP TA 46 -64.82 138.43 59.36
N ILE TA 47 -66.13 138.35 59.49
CA ILE TA 47 -66.95 138.15 58.30
C ILE TA 47 -67.67 139.45 57.95
N GLY TA 48 -66.94 140.57 58.02
CA GLY TA 48 -67.51 141.82 57.57
C GLY TA 48 -67.61 141.92 56.07
N SER TA 49 -66.78 141.19 55.34
CA SER TA 49 -66.78 141.23 53.87
C SER TA 49 -66.50 142.63 53.34
N THR TA 50 -67.27 143.65 53.79
CA THR TA 50 -66.90 145.01 53.47
C THR TA 50 -65.77 145.51 54.39
N SER TA 51 -65.76 145.09 55.65
CA SER TA 51 -64.79 145.65 56.58
C SER TA 51 -64.44 144.70 57.73
N ILE TA 52 -63.15 144.55 57.96
CA ILE TA 52 -62.60 143.90 59.14
C ILE TA 52 -62.51 144.95 60.25
N LYS TA 53 -63.28 144.75 61.31
CA LYS TA 53 -63.33 145.66 62.45
C LYS TA 53 -62.95 144.89 63.71
N MET TA 54 -62.43 145.59 64.72
CA MET TA 54 -61.93 144.94 65.91
C MET TA 54 -62.13 145.87 67.11
N ILE TA 55 -62.41 145.30 68.28
CA ILE TA 55 -62.76 146.09 69.47
C ILE TA 55 -62.11 145.49 70.70
N LEU TA 56 -61.59 146.36 71.56
CA LEU TA 56 -61.07 145.99 72.88
C LEU TA 56 -61.82 146.77 73.95
N LEU TA 57 -62.63 146.06 74.74
CA LEU TA 57 -63.14 146.54 76.03
C LEU TA 57 -62.40 145.83 77.15
N LYS TA 58 -62.30 146.46 78.32
CA LYS TA 58 -61.82 145.71 79.48
C LYS TA 58 -62.24 146.41 80.76
N GLU TA 59 -61.80 145.85 81.87
CA GLU TA 59 -62.02 146.40 83.21
C GLU TA 59 -61.28 147.74 83.32
N GLN TA 60 -62.00 148.84 83.09
CA GLN TA 60 -61.42 150.18 83.23
C GLN TA 60 -61.62 150.68 84.66
N ARG TA 61 -60.54 151.23 85.23
CA ARG TA 61 -60.57 151.78 86.57
C ARG TA 61 -60.73 153.29 86.52
N LYS TA 62 -61.72 153.80 87.27
CA LYS TA 62 -61.83 155.23 87.56
C LYS TA 62 -62.32 155.38 88.99
N ARG TA 63 -61.57 156.14 89.80
CA ARG TA 63 -61.94 156.45 91.18
C ARG TA 63 -62.21 155.20 92.00
N GLY TA 64 -61.32 154.21 91.86
CA GLY TA 64 -61.42 152.99 92.62
C GLY TA 64 -62.54 152.06 92.20
N GLU TA 65 -63.31 152.42 91.18
CA GLU TA 65 -64.34 151.57 90.62
C GLU TA 65 -63.88 151.04 89.28
N VAL TA 66 -64.38 149.87 88.90
CA VAL TA 66 -64.00 149.21 87.67
C VAL TA 66 -65.27 148.70 86.99
N ILE TA 67 -65.36 148.88 85.69
CA ILE TA 67 -66.42 148.30 84.88
C ILE TA 67 -65.86 148.06 83.48
N TYR TA 68 -66.53 147.18 82.74
CA TYR TA 68 -66.28 147.02 81.32
C TYR TA 68 -66.24 148.39 80.65
N ALA TA 69 -65.24 148.60 79.80
CA ALA TA 69 -65.17 149.88 79.11
C ALA TA 69 -64.40 149.75 77.81
N LEU TA 70 -64.77 150.57 76.83
CA LEU TA 70 -64.09 150.59 75.55
C LEU TA 70 -62.65 151.03 75.73
N GLN TA 71 -61.71 150.22 75.23
CA GLN TA 71 -60.31 150.55 75.24
C GLN TA 71 -59.78 150.91 73.87
N SER TA 72 -60.22 150.21 72.84
CA SER TA 72 -59.83 150.55 71.49
C SER TA 72 -60.82 149.92 70.51
N PHE TA 73 -60.65 150.25 69.23
CA PHE TA 73 -61.44 149.75 68.12
C PHE TA 73 -60.68 150.13 66.87
N GLY TA 74 -60.97 149.44 65.77
CA GLY TA 74 -60.20 149.62 64.55
C GLY TA 74 -60.96 149.05 63.38
N MET TA 75 -60.79 149.67 62.23
CA MET TA 75 -61.55 149.27 61.06
C MET TA 75 -60.72 149.45 59.81
N LYS TA 76 -60.70 148.41 58.98
CA LYS TA 76 -60.03 148.42 57.69
C LYS TA 76 -60.93 147.69 56.70
N PRO TA 77 -61.20 148.28 55.54
CA PRO TA 77 -62.05 147.60 54.56
C PRO TA 77 -61.38 146.31 54.08
N LEU TA 78 -62.19 145.29 53.85
CA LEU TA 78 -61.63 143.98 53.46
C LEU TA 78 -61.16 144.00 52.02
N PRO TA 79 -59.90 143.65 51.76
CA PRO TA 79 -59.43 143.51 50.37
C PRO TA 79 -60.21 142.44 49.64
N PRO TA 80 -60.58 142.68 48.38
CA PRO TA 80 -61.31 141.66 47.62
C PRO TA 80 -60.48 140.39 47.46
N GLU TA 81 -61.19 139.28 47.24
CA GLU TA 81 -60.69 137.93 47.03
C GLU TA 81 -60.30 137.24 48.33
N ALA TA 82 -60.28 137.95 49.46
CA ALA TA 82 -59.96 137.31 50.73
C ALA TA 82 -61.08 136.38 51.18
N ILE TA 83 -62.33 136.79 50.98
CA ILE TA 83 -63.48 135.96 51.30
C ILE TA 83 -64.28 135.73 50.03
N VAL TA 84 -64.54 134.46 49.74
CA VAL TA 84 -65.44 134.05 48.67
C VAL TA 84 -66.42 133.04 49.26
N ASP TA 85 -67.70 133.22 48.99
CA ASP TA 85 -68.78 132.34 49.43
C ASP TA 85 -68.75 132.06 50.94
N GLY TA 86 -68.29 133.03 51.74
CA GLY TA 86 -68.26 132.85 53.17
C GLY TA 86 -67.06 132.09 53.70
N ALA TA 87 -66.15 131.66 52.83
CA ALA TA 87 -64.93 130.97 53.23
C ALA TA 87 -63.73 131.88 53.01
N LEU TA 88 -62.71 131.70 53.83
CA LEU TA 88 -61.44 132.43 53.70
C LEU TA 88 -60.61 131.77 52.61
N MET TA 89 -60.61 132.36 51.41
CA MET TA 89 -59.84 131.82 50.30
C MET TA 89 -58.37 132.20 50.34
N ASN TA 90 -58.04 133.28 51.03
CA ASN TA 90 -56.67 133.78 51.13
C ASN TA 90 -56.40 134.02 52.61
N SER TA 91 -56.14 132.93 53.35
CA SER TA 91 -55.96 133.04 54.79
C SER TA 91 -54.82 133.99 55.15
N THR TA 92 -53.63 133.76 54.59
CA THR TA 92 -52.43 134.52 54.95
C THR TA 92 -52.64 136.02 54.76
N ALA TA 93 -53.30 136.43 53.68
CA ALA TA 93 -53.51 137.85 53.43
C ALA TA 93 -54.43 138.47 54.47
N ILE TA 94 -55.61 137.84 54.67
CA ILE TA 94 -56.50 138.27 55.75
C ILE TA 94 -55.73 138.40 57.06
N VAL TA 95 -54.78 137.48 57.31
CA VAL TA 95 -53.85 137.64 58.42
C VAL TA 95 -53.18 139.00 58.38
N GLN TA 96 -52.61 139.36 57.22
CA GLN TA 96 -51.93 140.65 57.18
C GLN TA 96 -52.87 141.77 57.61
N ALA TA 97 -54.11 141.70 57.14
CA ALA TA 97 -55.09 142.70 57.52
C ALA TA 97 -55.34 142.70 59.03
N VAL TA 98 -55.64 141.53 59.60
CA VAL TA 98 -55.94 141.43 61.04
C VAL TA 98 -54.80 142.01 61.88
N GLN TA 99 -53.56 141.73 61.49
CA GLN TA 99 -52.40 142.24 62.23
C GLN TA 99 -52.31 143.76 62.11
N ASP TA 100 -52.60 144.31 60.92
CA ASP TA 100 -52.80 145.75 60.82
C ASP TA 100 -53.83 146.24 61.84
N LEU TA 101 -54.95 145.53 61.96
CA LEU TA 101 -55.95 145.87 62.97
C LEU TA 101 -55.32 145.96 64.35
N MET TA 102 -54.55 144.93 64.73
CA MET TA 102 -54.06 144.84 66.10
C MET TA 102 -53.05 145.94 66.42
N SER TA 103 -52.16 146.25 65.46
CA SER TA 103 -51.16 147.31 65.70
C SER TA 103 -51.79 148.69 65.65
N GLU TA 104 -52.74 148.91 64.73
CA GLU TA 104 -53.55 150.12 64.74
C GLU TA 104 -54.20 150.31 66.11
N LEU TA 105 -54.83 149.25 66.61
CA LEU TA 105 -55.40 149.19 67.95
C LEU TA 105 -54.41 149.58 69.04
N LYS TA 106 -53.13 149.21 68.87
CA LYS TA 106 -52.11 149.33 69.91
C LYS TA 106 -52.45 148.41 71.10
N VAL TA 107 -52.80 147.16 70.82
CA VAL TA 107 -53.29 146.26 71.86
C VAL TA 107 -52.26 145.21 72.21
N LYS TA 108 -52.10 144.98 73.51
CA LYS TA 108 -51.29 143.86 73.95
C LYS TA 108 -51.91 142.50 73.66
N GLY TA 109 -53.24 142.42 73.68
CA GLY TA 109 -53.91 141.13 73.77
C GLY TA 109 -53.80 140.33 72.48
N LYS TA 110 -53.69 139.00 72.64
CA LYS TA 110 -53.54 138.09 71.52
C LYS TA 110 -54.54 136.94 71.58
N ASP TA 111 -55.58 137.05 72.39
CA ASP TA 111 -56.68 136.10 72.36
C ASP TA 111 -57.88 136.79 71.74
N VAL TA 112 -58.73 136.01 71.08
CA VAL TA 112 -59.78 136.59 70.27
C VAL TA 112 -61.01 135.71 70.32
N ALA TA 113 -62.19 136.34 70.33
CA ALA TA 113 -63.40 135.70 69.85
C ALA TA 113 -63.65 136.23 68.45
N ILE TA 114 -64.27 135.42 67.60
CA ILE TA 114 -64.66 135.88 66.27
C ILE TA 114 -65.95 135.22 65.85
N GLY TA 115 -66.32 135.40 64.59
CA GLY TA 115 -67.58 134.90 64.09
C GLY TA 115 -67.44 134.31 62.71
N VAL TA 116 -68.33 133.36 62.41
CA VAL TA 116 -68.39 132.76 61.09
C VAL TA 116 -69.31 133.57 60.19
N SER TA 117 -69.21 133.30 58.89
CA SER TA 117 -70.07 133.97 57.94
C SER TA 117 -71.49 133.45 58.06
N GLY TA 118 -72.47 134.36 57.99
CA GLY TA 118 -73.85 133.94 57.88
C GLY TA 118 -74.09 133.02 56.71
N HIS TA 119 -73.34 133.19 55.63
CA HIS TA 119 -73.40 132.28 54.50
C HIS TA 119 -72.68 130.96 54.76
N SER TA 120 -71.93 130.87 55.85
CA SER TA 120 -71.16 129.67 56.16
C SER TA 120 -71.77 128.83 57.26
N VAL TA 121 -72.87 129.27 57.86
CA VAL TA 121 -73.47 128.60 59.01
C VAL TA 121 -74.94 128.31 58.71
N ILE TA 122 -75.38 127.11 59.08
CA ILE TA 122 -76.80 126.77 59.13
C ILE TA 122 -77.25 126.93 60.57
N ILE TA 123 -78.22 127.81 60.80
CA ILE TA 123 -78.82 128.01 62.11
C ILE TA 123 -80.27 127.56 62.00
N LYS TA 124 -80.69 126.68 62.90
CA LYS TA 124 -82.09 126.27 62.83
C LYS TA 124 -82.50 125.57 64.11
N LYS TA 125 -83.80 125.65 64.43
CA LYS TA 125 -84.31 125.06 65.66
C LYS TA 125 -84.44 123.54 65.53
N ILE TA 126 -84.46 122.86 66.68
CA ILE TA 126 -84.49 121.40 66.77
C ILE TA 126 -85.17 120.93 68.05
N GLN TA 127 -86.15 120.02 67.94
CA GLN TA 127 -86.87 119.50 69.10
C GLN TA 127 -86.44 118.06 69.40
N MET TA 128 -86.16 117.77 70.69
CA MET TA 128 -85.60 116.49 71.14
C MET TA 128 -86.21 116.03 72.47
N PRO TA 129 -85.60 115.07 73.19
CA PRO TA 129 -85.97 114.87 74.60
C PRO TA 129 -84.85 115.14 75.59
N ARG TA 130 -85.19 115.76 76.72
CA ARG TA 130 -84.21 116.12 77.74
C ARG TA 130 -83.62 114.87 78.38
N MET TA 131 -82.28 114.81 78.38
CA MET TA 131 -81.57 113.70 79.00
C MET TA 131 -80.15 114.06 79.43
N SER TA 132 -79.30 113.05 79.54
CA SER TA 132 -77.89 113.27 79.82
C SER TA 132 -77.23 114.02 78.67
N GLN TA 133 -76.16 114.77 78.98
CA GLN TA 133 -75.53 115.63 77.98
C GLN TA 133 -75.05 114.83 76.77
N ASP TA 134 -74.39 113.70 77.00
CA ASP TA 134 -73.88 112.91 75.88
C ASP TA 134 -75.02 112.46 74.98
N GLU TA 135 -76.10 111.93 75.57
CA GLU TA 135 -77.23 111.45 74.77
C GLU TA 135 -77.89 112.59 74.00
N LEU TA 136 -77.85 113.81 74.54
CA LEU TA 136 -78.40 114.95 73.82
C LEU TA 136 -77.49 115.36 72.67
N GLU TA 137 -76.18 115.37 72.90
CA GLU TA 137 -75.27 115.78 71.83
C GLU TA 137 -75.33 114.80 70.67
N GLU TA 138 -75.30 113.50 70.97
CA GLU TA 138 -75.42 112.51 69.90
C GLU TA 138 -76.77 112.59 69.22
N SER TA 139 -77.86 112.60 70.00
CA SER TA 139 -79.19 112.75 69.42
C SER TA 139 -79.28 114.01 68.56
N ILE TA 140 -78.62 115.09 69.01
CA ILE TA 140 -78.64 116.37 68.30
C ILE TA 140 -77.96 116.23 66.94
N GLN TA 141 -76.77 115.63 66.94
CA GLN TA 141 -76.06 115.34 65.71
C GLN TA 141 -76.92 114.50 64.76
N TRP TA 142 -77.60 113.50 65.33
CA TRP TA 142 -78.41 112.60 64.53
C TRP TA 142 -79.55 113.34 63.84
N GLU TA 143 -80.21 114.25 64.57
CA GLU TA 143 -81.31 114.98 63.96
C GLU TA 143 -80.83 116.02 62.97
N ALA TA 144 -79.70 116.67 63.26
CA ALA TA 144 -79.14 117.63 62.30
C ALA TA 144 -78.73 116.97 61.00
N GLU TA 145 -78.39 115.68 61.03
CA GLU TA 145 -77.75 115.00 59.91
C GLU TA 145 -78.45 115.20 58.56
N GLN TA 146 -79.77 115.01 58.52
CA GLN TA 146 -80.55 115.26 57.32
C GLN TA 146 -80.60 116.74 56.91
N TYR TA 147 -80.44 117.68 57.86
CA TYR TA 147 -80.73 119.09 57.62
C TYR TA 147 -79.49 119.83 57.12
N ILE TA 148 -78.39 119.10 56.99
CA ILE TA 148 -77.06 119.57 56.59
C ILE TA 148 -76.77 118.95 55.22
N PRO TA 149 -76.73 119.75 54.15
CA PRO TA 149 -76.48 119.20 52.82
C PRO TA 149 -75.04 118.78 52.57
N PHE TA 150 -74.25 118.53 53.60
CA PHE TA 150 -72.89 118.05 53.44
C PHE TA 150 -72.71 116.82 54.34
N ASP TA 151 -71.65 116.07 54.09
CA ASP TA 151 -71.24 115.10 55.08
C ASP TA 151 -70.88 115.82 56.37
N VAL TA 152 -70.76 115.06 57.44
CA VAL TA 152 -70.19 115.60 58.68
C VAL TA 152 -68.77 115.03 58.73
N LYS TA 153 -67.72 115.76 58.31
CA LYS TA 153 -67.64 117.09 57.66
C LYS TA 153 -68.60 118.24 58.07
N ASP TA 154 -68.85 118.39 59.38
CA ASP TA 154 -69.56 119.54 59.92
C ASP TA 154 -69.26 119.68 61.42
N VAL TA 155 -68.98 120.91 61.85
CA VAL TA 155 -68.84 121.32 63.24
C VAL TA 155 -70.21 121.79 63.72
N ASN TA 156 -70.65 121.23 64.86
CA ASN TA 156 -72.01 121.36 65.35
C ASN TA 156 -72.00 121.89 66.77
N ILE TA 157 -72.93 122.78 67.11
CA ILE TA 157 -73.10 123.31 68.46
C ILE TA 157 -74.57 123.70 68.66
N ASP TA 158 -75.09 123.45 69.85
CA ASP TA 158 -76.48 123.79 70.13
C ASP TA 158 -76.57 124.65 71.38
N THR TA 159 -77.66 125.40 71.48
CA THR TA 159 -78.03 125.88 72.81
C THR TA 159 -79.53 125.80 72.96
N GLN TA 160 -80.00 125.69 74.20
CA GLN TA 160 -81.40 125.45 74.44
C GLN TA 160 -82.17 126.77 74.50
N ILE TA 161 -83.25 126.84 73.72
CA ILE TA 161 -84.06 128.06 73.64
C ILE TA 161 -84.80 128.33 74.94
N LEU TA 162 -84.95 127.33 75.80
CA LEU TA 162 -85.48 127.49 77.14
C LEU TA 162 -84.57 126.77 78.12
N ASP TA 163 -84.62 127.20 79.38
CA ASP TA 163 -83.72 126.65 80.39
C ASP TA 163 -84.00 125.17 80.60
N GLY TA 164 -82.94 124.36 80.50
CA GLY TA 164 -83.10 122.92 80.63
C GLY TA 164 -83.50 122.49 82.04
N GLY TA 165 -83.09 123.24 83.05
CA GLY TA 165 -83.45 122.91 84.42
C GLY TA 165 -84.92 123.06 84.72
N GLY TA 166 -85.66 123.75 83.85
CA GLY TA 166 -87.09 123.93 84.03
C GLY TA 166 -87.96 122.80 83.54
N ASN TA 167 -87.37 121.74 83.00
CA ASN TA 167 -88.11 120.59 82.49
C ASN TA 167 -87.41 119.30 82.92
N ASP TA 168 -88.18 118.22 82.96
CA ASP TA 168 -87.66 116.93 83.37
C ASP TA 168 -87.02 116.21 82.19
N ALA TA 169 -86.34 115.11 82.51
CA ALA TA 169 -85.84 114.21 81.48
C ALA TA 169 -86.99 113.73 80.60
N THR TA 170 -86.67 113.48 79.32
CA THR TA 170 -87.57 112.98 78.29
C THR TA 170 -88.57 114.02 77.79
N GLY TA 171 -88.73 115.15 78.49
CA GLY TA 171 -89.72 116.13 78.07
C GLY TA 171 -89.20 117.53 77.80
N GLN TA 172 -89.80 118.22 76.82
CA GLN TA 172 -89.55 119.64 76.55
C GLN TA 172 -88.08 119.94 76.28
N MET TA 173 -87.50 119.21 75.33
CA MET TA 173 -86.19 119.60 74.85
C MET TA 173 -86.33 120.42 73.59
N ASP TA 174 -85.57 121.50 73.55
CA ASP TA 174 -85.49 122.36 72.37
C ASP TA 174 -84.07 122.89 72.39
N VAL TA 175 -83.27 122.48 71.42
CA VAL TA 175 -81.99 123.11 71.18
C VAL TA 175 -82.10 123.74 69.80
N LEU TA 176 -81.29 124.76 69.55
CA LEU TA 176 -81.10 125.25 68.20
C LEU TA 176 -79.67 124.90 67.83
N LEU TA 177 -79.49 124.42 66.59
CA LEU TA 177 -78.20 123.97 66.10
C LEU TA 177 -77.59 125.01 65.17
N VAL TA 178 -76.31 125.26 65.41
CA VAL TA 178 -75.41 125.97 64.53
C VAL TA 178 -74.47 124.95 63.92
N ALA TA 179 -74.38 124.94 62.59
CA ALA TA 179 -73.67 123.91 61.86
C ALA TA 179 -72.81 124.55 60.77
N ALA TA 180 -71.65 123.97 60.53
CA ALA TA 180 -70.66 124.62 59.68
C ALA TA 180 -69.68 123.60 59.10
N LYS TA 181 -69.16 123.91 57.91
CA LYS TA 181 -68.14 123.03 57.33
C LYS TA 181 -66.81 123.20 58.04
N LYS TA 182 -66.04 122.11 58.14
CA LYS TA 182 -64.67 122.22 58.68
C LYS TA 182 -63.85 123.20 57.87
N ASP TA 183 -63.99 123.16 56.55
CA ASP TA 183 -63.12 123.99 55.71
C ASP TA 183 -63.27 125.46 56.04
N MET TA 184 -64.48 125.89 56.43
CA MET TA 184 -64.68 127.26 56.85
C MET TA 184 -63.98 127.53 58.19
N ILE TA 185 -64.36 126.80 59.23
CA ILE TA 185 -63.72 126.93 60.54
C ILE TA 185 -62.20 126.88 60.42
N ASN TA 186 -61.70 125.92 59.64
CA ASN TA 186 -60.26 125.73 59.46
C ASN TA 186 -59.63 126.91 58.75
N ASP TA 187 -60.35 127.48 57.77
CA ASP TA 187 -59.90 128.73 57.17
C ASP TA 187 -59.75 129.83 58.22
N TYR TA 188 -60.74 129.94 59.11
CA TYR TA 188 -60.74 131.01 60.09
C TYR TA 188 -59.66 130.79 61.14
N THR TA 189 -59.59 129.60 61.73
CA THR TA 189 -58.48 129.28 62.63
C THR TA 189 -57.14 129.46 61.95
N THR TA 190 -57.07 129.24 60.64
CA THR TA 190 -55.84 129.55 59.92
C THR TA 190 -55.51 131.03 60.05
N VAL TA 191 -56.43 131.89 59.58
CA VAL TA 191 -56.21 133.34 59.67
C VAL TA 191 -55.81 133.74 61.09
N VAL TA 192 -56.44 133.12 62.09
CA VAL TA 192 -56.21 133.54 63.46
C VAL TA 192 -54.84 133.09 63.95
N SER TA 193 -54.56 131.80 63.82
CA SER TA 193 -53.24 131.26 64.09
C SER TA 193 -52.14 132.15 63.54
N GLU TA 194 -52.33 132.73 62.34
CA GLU TA 194 -51.20 133.44 61.76
C GLU TA 194 -51.11 134.90 62.24
N ALA TA 195 -52.24 135.54 62.57
CA ALA TA 195 -52.17 136.86 63.19
C ALA TA 195 -51.53 136.83 64.57
N GLY TA 196 -51.06 135.68 65.02
CA GLY TA 196 -50.60 135.52 66.38
C GLY TA 196 -51.72 135.49 67.40
N LEU TA 197 -52.95 135.32 66.96
CA LEU TA 197 -54.12 135.31 67.83
C LEU TA 197 -54.48 133.88 68.22
N ALA TA 198 -55.14 133.76 69.37
CA ALA TA 198 -55.63 132.46 69.85
C ALA TA 198 -57.13 132.55 70.06
N PRO TA 199 -57.93 131.79 69.33
CA PRO TA 199 -59.39 131.87 69.50
C PRO TA 199 -59.87 131.05 70.70
N VAL TA 200 -60.87 131.58 71.40
CA VAL TA 200 -61.54 130.82 72.44
C VAL TA 200 -63.01 130.59 72.11
N VAL TA 201 -63.63 131.44 71.29
CA VAL TA 201 -65.04 131.35 70.92
C VAL TA 201 -65.17 131.67 69.45
N VAL TA 202 -65.84 130.78 68.71
CA VAL TA 202 -66.24 131.04 67.33
C VAL TA 202 -67.75 131.14 67.34
N ASP TA 203 -68.26 132.37 67.40
CA ASP TA 203 -69.65 132.64 67.64
C ASP TA 203 -70.34 132.91 66.30
N VAL TA 204 -71.62 133.25 66.34
CA VAL TA 204 -72.38 133.53 65.12
C VAL TA 204 -72.94 134.94 65.23
N ASP TA 205 -73.06 135.63 64.08
CA ASP TA 205 -73.23 137.08 64.11
C ASP TA 205 -74.64 137.49 64.52
N ALA TA 206 -75.65 136.71 64.13
CA ALA TA 206 -77.04 137.09 64.42
C ALA TA 206 -77.32 137.18 65.91
N PHE TA 207 -76.53 136.47 66.73
CA PHE TA 207 -76.69 136.47 68.18
C PHE TA 207 -75.62 137.30 68.87
N ALA TA 208 -74.42 137.34 68.28
CA ALA TA 208 -73.37 138.20 68.81
C ALA TA 208 -73.77 139.66 68.72
N VAL TA 209 -74.52 140.02 67.68
CA VAL TA 209 -74.97 141.40 67.52
C VAL TA 209 -75.94 141.81 68.62
N GLN TA 210 -76.51 140.84 69.33
CA GLN TA 210 -77.54 141.10 70.33
C GLN TA 210 -76.97 141.40 71.72
N ASN TA 211 -75.72 140.99 71.99
CA ASN TA 211 -75.18 141.10 73.34
C ASN TA 211 -75.13 142.54 73.83
N MET TA 212 -75.05 143.49 72.90
CA MET TA 212 -75.03 144.91 73.24
C MET TA 212 -76.39 145.40 73.69
N PHE TA 213 -77.43 144.79 73.18
CA PHE TA 213 -78.79 145.17 73.48
C PHE TA 213 -79.45 144.24 74.48
N SER TA 214 -78.73 143.23 74.99
CA SER TA 214 -79.34 142.18 75.79
C SER TA 214 -79.91 142.71 77.10
N VAL TA 215 -79.23 143.64 77.76
CA VAL TA 215 -79.77 144.25 78.98
C VAL TA 215 -81.05 145.01 78.66
N ASN TA 216 -80.99 145.87 77.64
CA ASN TA 216 -82.13 146.71 77.27
C ASN TA 216 -83.32 145.86 76.82
N TYR TA 217 -83.05 144.71 76.20
CA TYR TA 217 -84.10 143.75 75.86
C TYR TA 217 -84.64 143.06 77.10
N ASP TA 218 -83.74 142.74 78.04
CA ASP TA 218 -84.17 142.09 79.27
C ASP TA 218 -85.03 143.01 80.12
N VAL TA 219 -85.01 144.31 79.83
CA VAL TA 219 -85.93 145.22 80.49
C VAL TA 219 -87.40 144.89 80.17
N PRO TA 220 -87.83 144.72 78.88
CA PRO TA 220 -89.18 144.19 78.65
C PRO TA 220 -89.21 142.67 78.44
N GLU TA 221 -89.69 141.91 79.42
CA GLU TA 221 -89.51 140.46 79.36
C GLU TA 221 -90.57 139.76 78.53
N ARG TA 222 -91.69 140.42 78.22
CA ARG TA 222 -92.72 139.80 77.40
C ARG TA 222 -92.95 140.53 76.08
N GLU TA 223 -92.10 141.51 75.74
CA GLU TA 223 -92.23 142.22 74.48
C GLU TA 223 -91.50 141.48 73.37
N THR TA 224 -92.16 141.38 72.22
CA THR TA 224 -91.58 140.76 71.03
C THR TA 224 -90.85 141.82 70.23
N VAL TA 225 -89.54 141.63 70.03
CA VAL TA 225 -88.68 142.60 69.36
C VAL TA 225 -88.06 141.95 68.15
N VAL TA 226 -87.93 142.71 67.06
CA VAL TA 226 -87.15 142.24 65.93
C VAL TA 226 -85.83 142.98 65.91
N LEU TA 227 -84.79 142.30 65.43
CA LEU TA 227 -83.47 142.88 65.25
C LEU TA 227 -82.98 142.50 63.86
N ILE TA 228 -82.80 143.51 63.02
CA ILE TA 228 -82.26 143.33 61.68
C ILE TA 228 -80.80 143.74 61.71
N ASN TA 229 -79.92 142.90 61.20
CA ASN TA 229 -78.54 143.30 60.89
C ASN TA 229 -78.40 143.23 59.38
N ALA TA 230 -78.44 144.38 58.74
CA ALA TA 230 -78.25 144.49 57.30
C ALA TA 230 -76.76 144.68 57.03
N GLY TA 231 -76.09 143.60 56.62
CA GLY TA 231 -74.68 143.63 56.33
C GLY TA 231 -74.40 143.84 54.86
N ALA TA 232 -73.17 143.52 54.47
CA ALA TA 232 -72.79 143.59 53.07
C ALA TA 232 -72.97 142.27 52.33
N SER TA 233 -72.91 141.14 53.04
CA SER TA 233 -73.09 139.83 52.43
C SER TA 233 -74.44 139.20 52.71
N VAL TA 234 -75.14 139.65 53.75
CA VAL TA 234 -76.33 138.96 54.24
C VAL TA 234 -77.08 139.93 55.14
N VAL TA 235 -78.39 139.73 55.26
CA VAL TA 235 -79.20 140.44 56.24
C VAL TA 235 -79.79 139.40 57.18
N ASN TA 236 -79.52 139.55 58.48
CA ASN TA 236 -80.14 138.63 59.43
C ASN TA 236 -81.32 139.29 60.11
N ILE TA 237 -82.32 138.47 60.36
CA ILE TA 237 -83.45 138.79 61.22
C ILE TA 237 -83.38 137.82 62.39
N ASN TA 238 -83.29 138.35 63.60
CA ASN TA 238 -83.63 137.52 64.74
C ASN TA 238 -84.72 138.24 65.52
N ILE TA 239 -85.73 137.48 65.94
CA ILE TA 239 -86.87 138.02 66.69
C ILE TA 239 -87.00 137.26 67.99
N ILE TA 240 -87.27 138.03 69.05
CA ILE TA 240 -87.13 137.64 70.44
C ILE TA 240 -88.37 137.99 71.25
N SER TA 241 -88.57 137.26 72.35
CA SER TA 241 -89.33 137.73 73.49
C SER TA 241 -88.34 137.98 74.62
N ASN TA 242 -88.17 139.25 75.00
CA ASN TA 242 -87.14 139.70 75.94
C ASN TA 242 -85.80 139.57 75.22
N GLY TA 243 -84.75 139.06 75.86
CA GLY TA 243 -83.54 138.65 75.20
C GLY TA 243 -83.52 137.15 75.07
N ALA TA 244 -84.67 136.58 74.75
CA ALA TA 244 -84.82 135.17 74.46
C ALA TA 244 -85.14 135.02 72.98
N THR TA 245 -84.16 134.62 72.19
CA THR TA 245 -84.37 134.45 70.77
C THR TA 245 -85.51 133.47 70.54
N VAL TA 246 -86.46 133.86 69.69
CA VAL TA 246 -87.49 132.96 69.21
C VAL TA 246 -87.14 132.38 67.85
N PHE TA 247 -86.53 133.17 66.97
CA PHE TA 247 -86.04 132.58 65.73
C PHE TA 247 -85.08 133.52 65.03
N THR TA 248 -84.41 132.97 64.01
CA THR TA 248 -83.49 133.69 63.14
C THR TA 248 -83.69 133.23 61.69
N ARG TA 249 -83.45 134.14 60.76
CA ARG TA 249 -83.56 133.88 59.33
C ARG TA 249 -82.57 134.78 58.60
N ASP TA 250 -81.87 134.21 57.62
CA ASP TA 250 -80.81 134.91 56.92
C ASP TA 250 -81.16 135.06 55.45
N VAL TA 251 -81.07 136.29 54.96
CA VAL TA 251 -81.50 136.65 53.61
C VAL TA 251 -80.27 137.03 52.79
N THR TA 252 -80.15 136.43 51.60
CA THR TA 252 -78.98 136.65 50.76
C THR TA 252 -78.83 138.12 50.39
N ILE TA 253 -79.93 138.88 50.39
CA ILE TA 253 -79.90 140.27 49.97
C ILE TA 253 -79.19 141.11 51.03
N GLY TA 254 -78.46 142.12 50.57
CA GLY TA 254 -77.71 142.98 51.46
C GLY TA 254 -77.26 144.23 50.73
N GLY TA 255 -76.32 144.94 51.36
CA GLY TA 255 -75.85 146.20 50.79
C GLY TA 255 -75.07 146.01 49.51
N ASN TA 256 -74.40 144.85 49.37
CA ASN TA 256 -73.73 144.53 48.11
C ASN TA 256 -74.69 144.64 46.94
N GLN TA 257 -75.96 144.27 47.14
CA GLN TA 257 -76.92 144.35 46.06
C GLN TA 257 -77.22 145.80 45.67
N PHE TA 258 -77.33 146.69 46.66
CA PHE TA 258 -77.52 148.10 46.35
C PHE TA 258 -76.32 148.64 45.56
N THR TA 259 -75.11 148.41 46.07
CA THR TA 259 -73.92 148.86 45.37
C THR TA 259 -73.86 148.30 43.95
N GLU TA 260 -74.22 147.02 43.79
CA GLU TA 260 -74.14 146.37 42.49
C GLU TA 260 -75.16 146.92 41.51
N GLU TA 261 -76.34 147.32 41.99
CA GLU TA 261 -77.30 147.97 41.10
C GLU TA 261 -76.80 149.33 40.67
N ILE TA 262 -76.26 150.11 41.62
CA ILE TA 262 -75.64 151.39 41.27
C ILE TA 262 -74.56 151.20 40.21
N GLN TA 263 -73.73 150.17 40.40
CA GLN TA 263 -72.65 149.89 39.46
C GLN TA 263 -73.20 149.50 38.09
N LYS TA 264 -74.23 148.65 38.06
CA LYS TA 264 -74.83 148.25 36.78
C LYS TA 264 -75.36 149.46 36.02
N GLN TA 265 -76.08 150.35 36.69
CA GLN TA 265 -76.80 151.40 35.97
C GLN TA 265 -75.93 152.59 35.57
N LEU TA 266 -74.64 152.58 35.89
CA LEU TA 266 -73.77 153.69 35.57
C LEU TA 266 -72.36 153.21 35.22
N ASN TA 267 -72.25 151.96 34.75
CA ASN TA 267 -71.01 151.21 34.54
C ASN TA 267 -69.86 151.77 35.35
N VAL TA 268 -69.98 151.68 36.67
CA VAL TA 268 -69.04 152.19 37.66
C VAL TA 268 -68.28 151.01 38.26
N SER TA 269 -67.12 151.28 38.87
CA SER TA 269 -66.44 150.23 39.63
C SER TA 269 -67.18 150.00 40.95
N TYR TA 270 -66.89 148.90 41.65
CA TYR TA 270 -67.60 148.62 42.89
C TYR TA 270 -67.38 149.72 43.92
N GLU TA 271 -66.14 150.18 44.07
CA GLU TA 271 -65.82 151.13 45.14
C GLU TA 271 -66.48 152.48 44.90
N GLU TA 272 -66.41 152.97 43.66
CA GLU TA 272 -67.02 154.26 43.34
C GLU TA 272 -68.55 154.18 43.44
N ALA TA 273 -69.13 153.06 43.02
CA ALA TA 273 -70.57 152.88 43.21
C ALA TA 273 -70.92 152.83 44.69
N GLU TA 274 -70.02 152.29 45.51
CA GLU TA 274 -70.22 152.27 46.95
C GLU TA 274 -70.20 153.68 47.53
N ALA TA 275 -69.22 154.49 47.12
CA ALA TA 275 -69.17 155.88 47.59
C ALA TA 275 -70.41 156.64 47.14
N LEU TA 276 -70.81 156.47 45.88
CA LEU TA 276 -72.03 157.10 45.39
C LEU TA 276 -73.22 156.70 46.24
N LYS TA 277 -73.26 155.43 46.67
CA LYS TA 277 -74.29 155.00 47.60
C LYS TA 277 -74.22 155.80 48.90
N ILE TA 278 -73.08 155.70 49.60
CA ILE TA 278 -72.87 156.38 50.88
C ILE TA 278 -73.16 157.87 50.78
N GLY TA 279 -72.19 158.64 50.27
CA GLY TA 279 -72.35 160.09 50.24
C GLY TA 279 -73.38 160.55 49.23
N GLY TA 280 -73.48 159.86 48.10
CA GLY TA 280 -74.54 160.15 47.15
C GLY TA 280 -75.91 160.21 47.78
N ASN TA 281 -76.24 159.24 48.62
CA ASN TA 281 -77.61 159.10 49.11
C ASN TA 281 -77.96 159.97 50.31
N GLY TA 282 -76.97 160.54 51.01
CA GLY TA 282 -77.26 161.22 52.27
C GLY TA 282 -76.83 162.67 52.43
N ALA TA 283 -76.12 163.23 51.46
CA ALA TA 283 -75.63 164.60 51.61
C ALA TA 283 -76.77 165.61 51.62
N ASP TA 284 -76.54 166.76 52.24
CA ASP TA 284 -77.53 167.83 52.18
C ASP TA 284 -77.68 168.37 50.76
N ALA TA 285 -76.63 168.23 49.94
CA ALA TA 285 -76.63 168.67 48.56
C ALA TA 285 -77.11 167.61 47.58
N ASP TA 286 -77.69 166.51 48.07
CA ASP TA 286 -77.97 165.35 47.22
C ASP TA 286 -79.30 165.45 46.49
N ALA TA 287 -79.89 166.65 46.35
CA ALA TA 287 -81.25 166.77 45.88
C ALA TA 287 -81.44 166.25 44.45
N VAL TA 288 -80.36 166.21 43.66
CA VAL TA 288 -80.51 165.87 42.24
C VAL TA 288 -80.26 164.38 42.02
N VAL TA 289 -79.60 163.74 42.97
CA VAL TA 289 -79.08 162.40 42.88
C VAL TA 289 -80.01 161.35 43.50
N PRO TA 290 -81.13 161.65 44.19
CA PRO TA 290 -81.97 160.54 44.64
C PRO TA 290 -82.93 160.10 43.57
N GLN TA 291 -83.05 160.88 42.50
CA GLN TA 291 -83.71 160.38 41.30
C GLN TA 291 -82.80 159.41 40.56
N ASP TA 292 -81.58 159.84 40.24
CA ASP TA 292 -80.65 159.01 39.49
C ASP TA 292 -80.31 157.74 40.27
N VAL TA 293 -80.10 157.86 41.57
CA VAL TA 293 -79.75 156.71 42.39
C VAL TA 293 -81.00 155.94 42.78
N GLU TA 294 -81.99 156.63 43.35
CA GLU TA 294 -83.17 155.92 43.85
C GLU TA 294 -83.79 155.08 42.75
N ARG TA 295 -83.84 155.62 41.52
CA ARG TA 295 -84.35 154.82 40.40
C ARG TA 295 -83.48 153.59 40.17
N VAL TA 296 -82.19 153.67 40.51
CA VAL TA 296 -81.30 152.53 40.37
C VAL TA 296 -81.56 151.50 41.46
N LEU TA 297 -81.74 151.96 42.69
CA LEU TA 297 -81.87 151.11 43.88
C LEU TA 297 -83.31 150.71 44.18
N SER TA 298 -84.28 151.14 43.37
CA SER TA 298 -85.67 150.97 43.75
C SER TA 298 -86.07 149.50 43.69
N SER TA 299 -85.60 148.77 42.69
CA SER TA 299 -85.88 147.34 42.63
C SER TA 299 -85.31 146.61 43.85
N VAL TA 300 -84.13 147.01 44.33
CA VAL TA 300 -83.58 146.39 45.52
C VAL TA 300 -84.42 146.75 46.74
N ALA TA 301 -84.82 148.01 46.87
CA ALA TA 301 -85.69 148.39 47.99
C ALA TA 301 -86.96 147.55 48.00
N GLU TA 302 -87.59 147.40 46.84
CA GLU TA 302 -88.78 146.56 46.73
C GLU TA 302 -88.50 145.13 47.14
N GLN TA 303 -87.43 144.53 46.60
CA GLN TA 303 -87.15 143.12 46.88
C GLN TA 303 -86.77 142.89 48.33
N VAL TA 304 -86.02 143.81 48.94
CA VAL TA 304 -85.75 143.71 50.37
C VAL TA 304 -87.04 143.77 51.17
N ALA TA 305 -87.89 144.76 50.88
CA ALA TA 305 -89.16 144.88 51.60
C ALA TA 305 -90.00 143.61 51.47
N GLY TA 306 -90.05 143.03 50.26
CA GLY TA 306 -90.82 141.82 50.08
C GLY TA 306 -90.23 140.63 50.81
N GLU TA 307 -88.90 140.54 50.84
CA GLU TA 307 -88.26 139.42 51.53
C GLU TA 307 -88.44 139.53 53.05
N ILE TA 308 -88.41 140.75 53.59
CA ILE TA 308 -88.63 140.96 55.02
C ILE TA 308 -90.10 140.69 55.39
N GLN TA 309 -91.03 141.23 54.59
CA GLN TA 309 -92.45 140.89 54.78
C GLN TA 309 -92.66 139.38 54.76
N ARG TA 310 -92.04 138.69 53.79
CA ARG TA 310 -92.17 137.25 53.69
C ARG TA 310 -91.65 136.56 54.95
N SER TA 311 -90.47 136.95 55.43
CA SER TA 311 -89.92 136.32 56.63
C SER TA 311 -90.85 136.53 57.82
N LEU TA 312 -91.30 137.77 58.03
CA LEU TA 312 -92.21 138.07 59.13
C LEU TA 312 -93.50 137.26 59.05
N ASP TA 313 -94.05 137.11 57.84
CA ASP TA 313 -95.27 136.32 57.69
C ASP TA 313 -95.02 134.85 57.96
N PHE TA 314 -93.81 134.37 57.67
CA PHE TA 314 -93.52 132.96 57.89
C PHE TA 314 -93.32 132.67 59.37
N TYR TA 315 -92.98 133.69 60.15
CA TYR TA 315 -92.95 133.49 61.60
C TYR TA 315 -94.36 133.41 62.19
N ALA TA 316 -95.27 134.25 61.70
CA ALA TA 316 -96.35 134.77 62.52
C ALA TA 316 -97.53 133.81 62.69
N GLY TA 317 -97.31 132.68 63.36
CA GLY TA 317 -98.22 131.57 63.23
C GLY TA 317 -99.05 131.14 64.42
N THR TA 318 -98.64 131.46 65.64
CA THR TA 318 -99.40 131.16 66.85
C THR TA 318 -100.22 132.34 67.35
N ALA TA 319 -99.72 133.56 67.21
CA ALA TA 319 -100.45 134.79 67.50
C ALA TA 319 -101.10 135.28 66.21
N ALA TA 320 -101.93 134.41 65.61
CA ALA TA 320 -102.87 134.80 64.57
C ALA TA 320 -103.17 136.27 64.57
N ASP TA 321 -103.59 136.76 65.73
CA ASP TA 321 -104.50 137.88 65.88
C ASP TA 321 -103.78 139.16 66.21
N SER TA 322 -102.48 139.10 66.43
CA SER TA 322 -101.76 140.15 67.11
C SER TA 322 -101.06 141.04 66.09
N ASN TA 323 -100.30 141.99 66.61
CA ASN TA 323 -99.47 142.86 65.80
C ASN TA 323 -98.04 142.81 66.34
N PHE TA 324 -97.18 143.62 65.75
CA PHE TA 324 -95.80 143.66 66.20
C PHE TA 324 -95.66 144.68 67.34
N SER TA 325 -94.43 144.82 67.82
CA SER TA 325 -94.08 145.86 68.78
C SER TA 325 -92.96 146.73 68.22
N LYS TA 326 -91.71 146.47 68.59
CA LYS TA 326 -90.60 147.35 68.22
C LYS TA 326 -89.37 146.55 67.82
N VAL TA 327 -88.47 147.24 67.10
CA VAL TA 327 -87.36 146.57 66.42
C VAL TA 327 -86.18 147.54 66.28
N TYR TA 328 -84.97 146.98 66.09
CA TYR TA 328 -83.75 147.75 65.91
C TYR TA 328 -83.01 147.34 64.64
N LEU TA 329 -82.07 148.19 64.23
CA LEU TA 329 -81.24 147.96 63.05
C LEU TA 329 -79.76 148.03 63.41
N SER TA 330 -78.98 147.17 62.75
CA SER TA 330 -77.54 147.07 62.90
C SER TA 330 -76.95 146.78 61.53
N GLY TA 331 -75.65 146.93 61.39
CA GLY TA 331 -75.09 146.75 60.07
C GLY TA 331 -75.09 148.03 59.26
N GLY TA 332 -74.05 148.20 58.45
CA GLY TA 332 -73.89 149.44 57.70
C GLY TA 332 -74.92 149.60 56.60
N THR TA 333 -75.41 148.48 56.05
CA THR TA 333 -76.46 148.54 55.04
C THR TA 333 -77.71 149.23 55.56
N ALA TA 334 -77.96 149.15 56.87
CA ALA TA 334 -79.03 149.90 57.49
C ALA TA 334 -78.93 151.40 57.22
N LYS TA 335 -77.72 151.95 57.23
CA LYS TA 335 -77.49 153.38 57.20
C LYS TA 335 -77.89 154.04 55.88
N ILE TA 336 -78.46 153.27 54.95
CA ILE TA 336 -79.01 153.84 53.73
C ILE TA 336 -79.98 154.95 54.15
N PRO TA 337 -79.81 156.16 53.63
CA PRO TA 337 -80.67 157.27 54.05
C PRO TA 337 -82.14 156.96 53.84
N ALA TA 338 -82.93 157.16 54.90
CA ALA TA 338 -84.38 157.02 54.95
C ALA TA 338 -84.84 155.57 55.02
N LEU TA 339 -83.92 154.60 54.89
CA LEU TA 339 -84.30 153.19 54.87
C LEU TA 339 -85.06 152.79 56.12
N PHE TA 340 -84.79 153.47 57.24
CA PHE TA 340 -85.45 153.12 58.50
C PHE TA 340 -86.92 153.51 58.46
N LYS TA 341 -87.21 154.71 57.95
CA LYS TA 341 -88.59 155.14 57.78
C LYS TA 341 -89.32 154.23 56.79
N THR TA 342 -88.63 153.85 55.71
CA THR TA 342 -89.24 152.96 54.71
C THR TA 342 -89.61 151.61 55.33
N ILE TA 343 -88.66 150.99 56.02
CA ILE TA 343 -88.93 149.69 56.65
C ILE TA 343 -90.03 149.85 57.70
N GLU TA 344 -90.02 150.98 58.42
CA GLU TA 344 -91.04 151.21 59.44
C GLU TA 344 -92.45 151.25 58.83
N ALA TA 345 -92.61 152.01 57.75
CA ALA TA 345 -93.93 152.12 57.14
C ALA TA 345 -94.32 150.85 56.38
N ARG TA 346 -93.33 150.15 55.84
CA ARG TA 346 -93.60 149.01 54.98
C ARG TA 346 -93.83 147.71 55.74
N THR TA 347 -93.17 147.51 56.87
CA THR TA 347 -93.34 146.28 57.64
C THR TA 347 -94.35 146.42 58.78
N GLY TA 348 -94.86 147.61 59.02
CA GLY TA 348 -95.77 147.81 60.14
C GLY TA 348 -95.11 147.65 61.48
N VAL TA 349 -93.82 147.97 61.57
CA VAL TA 349 -93.12 147.87 62.84
C VAL TA 349 -92.22 149.10 63.00
N PRO TA 350 -92.21 149.74 64.17
CA PRO TA 350 -91.21 150.78 64.42
C PRO TA 350 -89.78 150.24 64.45
N VAL TA 351 -89.03 150.57 63.39
CA VAL TA 351 -87.65 150.13 63.19
C VAL TA 351 -86.72 151.29 63.53
N GLU TA 352 -85.85 151.08 64.52
CA GLU TA 352 -84.98 152.17 64.97
C GLU TA 352 -83.52 151.74 65.01
N ILE TA 353 -82.65 152.67 64.60
CA ILE TA 353 -81.24 152.53 64.88
C ILE TA 353 -81.06 152.48 66.41
N LEU TA 354 -79.98 151.85 66.83
CA LEU TA 354 -79.67 151.78 68.24
C LEU TA 354 -78.17 151.87 68.43
N ASN TA 355 -77.78 152.46 69.57
CA ASN TA 355 -76.38 152.63 69.91
C ASN TA 355 -75.95 151.43 70.75
N PRO TA 356 -75.18 150.49 70.20
CA PRO TA 356 -74.64 149.42 71.06
C PRO TA 356 -73.79 149.96 72.20
N PHE TA 357 -72.93 150.95 71.94
CA PHE TA 357 -71.91 151.34 72.91
C PHE TA 357 -72.46 151.75 74.28
N ARG TA 358 -73.78 151.84 74.45
CA ARG TA 358 -74.35 152.17 75.75
C ARG TA 358 -74.13 151.06 76.78
N LYS TA 359 -73.80 149.86 76.33
CA LYS TA 359 -73.52 148.73 77.22
C LYS TA 359 -72.13 148.78 77.84
N ILE TA 360 -71.27 149.68 77.40
CA ILE TA 360 -69.89 149.74 77.84
C ILE TA 360 -69.54 151.16 78.24
N GLU TA 361 -68.64 151.29 79.20
CA GLU TA 361 -68.18 152.60 79.61
C GLU TA 361 -67.28 153.19 78.54
N VAL TA 362 -67.47 154.48 78.26
CA VAL TA 362 -66.73 155.17 77.21
C VAL TA 362 -66.14 156.43 77.81
N ASP TA 363 -64.80 156.50 77.84
CA ASP TA 363 -64.10 157.68 78.34
C ASP TA 363 -64.19 158.78 77.30
N ASN TA 364 -64.83 159.89 77.67
CA ASN TA 364 -65.05 160.98 76.71
C ASN TA 364 -63.73 161.64 76.30
N ARG TA 365 -62.66 161.45 77.07
CA ARG TA 365 -61.37 162.02 76.72
C ARG TA 365 -60.64 161.19 75.66
N LYS TA 366 -61.08 159.96 75.41
CA LYS TA 366 -60.45 159.11 74.41
C LYS TA 366 -61.35 158.84 73.21
N PHE TA 367 -62.66 159.06 73.36
CA PHE TA 367 -63.63 158.89 72.30
C PHE TA 367 -64.74 159.91 72.49
N ASP TA 368 -65.16 160.55 71.40
CA ASP TA 368 -66.29 161.47 71.45
C ASP TA 368 -67.55 160.73 71.09
N PRO TA 369 -68.65 160.87 71.86
CA PRO TA 369 -69.83 160.03 71.59
C PRO TA 369 -70.43 160.18 70.20
N ALA TA 370 -70.22 161.32 69.53
CA ALA TA 370 -70.91 161.54 68.27
C ALA TA 370 -70.53 160.49 67.22
N PHE TA 371 -69.24 160.38 66.89
CA PHE TA 371 -68.82 159.39 65.88
C PHE TA 371 -69.10 157.97 66.36
N VAL TA 372 -68.64 157.65 67.56
CA VAL TA 372 -68.97 156.36 68.19
C VAL TA 372 -70.40 155.95 67.86
N MET TA 373 -71.33 156.91 68.03
CA MET TA 373 -72.69 156.73 67.54
C MET TA 373 -72.72 156.50 66.04
N ASP TA 374 -71.87 157.24 65.30
CA ASP TA 374 -71.95 157.20 63.83
C ASP TA 374 -71.61 155.81 63.28
N VAL TA 375 -70.60 155.14 63.83
CA VAL TA 375 -70.24 153.78 63.40
C VAL TA 375 -70.83 152.70 64.30
N ALA TA 376 -71.72 153.06 65.23
CA ALA TA 376 -72.40 152.04 66.03
C ALA TA 376 -73.00 150.90 65.19
N PRO TA 377 -73.76 151.14 64.12
CA PRO TA 377 -74.35 150.02 63.37
C PRO TA 377 -73.33 149.05 62.80
N MET TA 378 -72.28 149.55 62.15
CA MET TA 378 -71.23 148.66 61.66
C MET TA 378 -70.59 147.87 62.80
N ALA TA 379 -70.41 148.49 63.96
CA ALA TA 379 -69.61 147.92 65.02
C ALA TA 379 -70.40 147.08 66.01
N ALA TA 380 -71.72 146.94 65.83
CA ALA TA 380 -72.54 146.23 66.82
C ALA TA 380 -71.99 144.84 67.11
N VAL TA 381 -71.70 144.06 66.06
CA VAL TA 381 -71.17 142.71 66.28
C VAL TA 381 -69.75 142.80 66.86
N ALA TA 382 -68.96 143.74 66.32
CA ALA TA 382 -67.57 144.04 66.68
C ALA TA 382 -67.39 144.34 68.15
N VAL TA 383 -68.42 144.84 68.81
CA VAL TA 383 -68.41 144.86 70.26
C VAL TA 383 -69.26 143.73 70.82
N GLY TA 384 -69.93 142.98 69.95
CA GLY TA 384 -70.73 141.83 70.35
C GLY TA 384 -69.91 140.71 70.93
N LEU TA 385 -69.24 139.95 70.07
CA LEU TA 385 -68.41 138.89 70.62
C LEU TA 385 -67.34 139.49 71.53
N ALA TA 386 -67.29 140.83 71.61
CA ALA TA 386 -66.37 141.56 72.47
C ALA TA 386 -66.82 141.55 73.91
N LEU TA 387 -68.11 141.75 74.18
CA LEU TA 387 -68.56 141.43 75.54
C LEU TA 387 -68.51 139.93 75.77
N ARG TA 388 -68.60 139.13 74.70
CA ARG TA 388 -68.36 137.70 74.88
C ARG TA 388 -66.94 137.42 75.40
N ARG TA 389 -65.98 138.30 75.11
CA ARG TA 389 -64.60 137.94 75.43
C ARG TA 389 -64.11 138.26 76.85
N PRO TA 390 -64.74 139.14 77.63
CA PRO TA 390 -64.39 139.20 79.05
C PRO TA 390 -65.48 138.55 79.87
N GLY TA 391 -66.23 137.64 79.23
CA GLY TA 391 -67.29 136.95 79.91
C GLY TA 391 -66.74 136.01 80.94
N MET UA 1 -38.09 157.51 66.34
CA MET UA 1 -37.61 157.42 64.97
C MET UA 1 -37.05 156.03 64.67
N MET UA 2 -37.31 155.54 63.46
CA MET UA 2 -36.90 154.21 63.06
C MET UA 2 -35.59 154.26 62.28
N ILE UA 3 -34.61 153.46 62.71
CA ILE UA 3 -33.30 153.39 62.06
C ILE UA 3 -33.12 151.97 61.56
N ARG UA 4 -33.18 151.81 60.24
CA ARG UA 4 -33.13 150.51 59.59
C ARG UA 4 -31.89 150.38 58.71
N ILE UA 5 -31.45 149.13 58.52
CA ILE UA 5 -30.25 148.88 57.73
C ILE UA 5 -30.31 147.51 57.05
N ASN UA 6 -30.80 147.48 55.81
CA ASN UA 6 -30.83 146.26 55.02
C ASN UA 6 -29.46 145.83 54.51
N LEU UA 7 -28.38 146.46 54.97
CA LEU UA 7 -27.07 145.99 54.56
C LEU UA 7 -26.84 144.58 55.11
N LEU UA 8 -26.75 143.62 54.17
CA LEU UA 8 -26.63 142.17 54.22
C LEU UA 8 -26.29 141.55 55.56
N PRO UA 9 -27.26 140.92 56.24
CA PRO UA 9 -26.90 139.91 57.25
C PRO UA 9 -27.21 138.46 56.79
N VAL UA 10 -28.41 137.94 57.09
CA VAL UA 10 -28.74 136.50 57.21
C VAL UA 10 -28.50 135.52 56.05
N ARG UA 11 -28.90 135.84 54.82
CA ARG UA 11 -28.86 134.77 53.82
C ARG UA 11 -27.43 134.48 53.39
N ALA UA 12 -26.65 135.53 53.12
CA ALA UA 12 -25.22 135.35 52.91
C ALA UA 12 -24.59 134.64 54.10
N VAL UA 13 -24.94 135.04 55.32
CA VAL UA 13 -24.35 134.43 56.51
C VAL UA 13 -24.62 132.93 56.52
N LYS UA 14 -25.87 132.54 56.24
CA LYS UA 14 -26.23 131.14 56.22
C LYS UA 14 -25.46 130.41 55.12
N LYS UA 15 -25.18 131.12 54.02
CA LYS UA 15 -24.47 130.51 52.90
C LYS UA 15 -22.98 130.39 53.17
N ARG UA 16 -22.41 131.38 53.86
CA ARG UA 16 -21.02 131.33 54.28
C ARG UA 16 -20.82 130.21 55.29
N GLU UA 17 -21.83 129.98 56.16
CA GLU UA 17 -21.75 128.89 57.11
C GLU UA 17 -21.86 127.54 56.42
N MET UA 18 -22.89 127.34 55.59
CA MET UA 18 -22.99 126.11 54.81
C MET UA 18 -21.71 125.88 54.01
N GLY UA 19 -21.18 126.94 53.41
CA GLY UA 19 -19.90 126.84 52.71
C GLY UA 19 -18.79 126.35 53.60
N ARG UA 20 -18.76 126.78 54.88
CA ARG UA 20 -17.75 126.27 55.79
C ARG UA 20 -17.97 124.77 56.07
N GLN UA 21 -19.21 124.40 56.38
CA GLN UA 21 -19.48 123.02 56.82
C GLN UA 21 -19.18 122.02 55.71
N VAL UA 22 -19.59 122.32 54.48
CA VAL UA 22 -19.31 121.41 53.38
C VAL UA 22 -17.81 121.17 53.24
N LEU UA 23 -17.00 122.21 53.43
CA LEU UA 23 -15.56 122.06 53.32
C LEU UA 23 -14.97 121.27 54.48
N VAL UA 24 -15.48 121.47 55.71
CA VAL UA 24 -15.02 120.63 56.82
C VAL UA 24 -15.30 119.16 56.53
N LEU UA 25 -16.51 118.86 56.01
CA LEU UA 25 -16.84 117.48 55.68
C LEU UA 25 -15.88 116.91 54.64
N PHE UA 26 -15.61 117.69 53.59
CA PHE UA 26 -14.58 117.31 52.62
C PHE UA 26 -13.27 116.96 53.33
N ALA UA 27 -12.81 117.84 54.21
CA ALA UA 27 -11.55 117.62 54.91
C ALA UA 27 -11.56 116.32 55.69
N VAL UA 28 -12.65 116.06 56.43
CA VAL UA 28 -12.72 114.84 57.25
C VAL UA 28 -12.66 113.60 56.37
N VAL UA 29 -13.49 113.57 55.32
CA VAL UA 29 -13.48 112.41 54.42
C VAL UA 29 -12.08 112.18 53.84
N LEU UA 30 -11.41 113.26 53.43
CA LEU UA 30 -10.11 113.10 52.80
C LEU UA 30 -9.03 112.70 53.79
N ILE UA 31 -9.16 113.09 55.07
CA ILE UA 31 -8.22 112.61 56.08
C ILE UA 31 -8.43 111.12 56.33
N GLY UA 32 -9.68 110.69 56.43
CA GLY UA 32 -9.94 109.26 56.59
C GLY UA 32 -9.40 108.44 55.43
N ALA UA 33 -9.78 108.80 54.20
CA ALA UA 33 -9.25 108.13 53.02
C ALA UA 33 -7.72 108.13 53.02
N GLY UA 34 -7.13 109.25 53.44
CA GLY UA 34 -5.68 109.27 53.64
C GLY UA 34 -5.21 108.13 54.53
N VAL UA 35 -5.78 108.04 55.73
CA VAL UA 35 -5.36 107.02 56.69
C VAL UA 35 -5.51 105.61 56.12
N ALA UA 36 -6.57 105.38 55.35
CA ALA UA 36 -6.71 104.10 54.65
C ALA UA 36 -5.53 103.86 53.71
N ASN UA 37 -5.26 104.82 52.82
CA ASN UA 37 -4.14 104.69 51.87
C ASN UA 37 -2.84 104.37 52.60
N TYR UA 38 -2.57 105.09 53.70
CA TYR UA 38 -1.50 104.70 54.60
C TYR UA 38 -1.63 103.23 54.97
N LEU UA 39 -2.34 102.91 56.05
CA LEU UA 39 -2.43 101.54 56.56
C LEU UA 39 -2.20 100.49 55.46
N TRP UA 40 -2.82 100.68 54.29
CA TRP UA 40 -2.53 99.85 53.12
C TRP UA 40 -1.03 99.83 52.82
N TYR UA 41 -0.41 101.03 52.72
CA TYR UA 41 1.02 101.08 52.39
C TYR UA 41 1.86 100.22 53.33
N ASP UA 42 1.47 100.14 54.59
CA ASP UA 42 2.24 99.41 55.58
C ASP UA 42 2.08 97.91 55.40
N ASP UA 43 0.85 97.44 55.22
CA ASP UA 43 0.70 96.03 54.91
C ASP UA 43 1.46 95.65 53.64
N ARG UA 44 1.61 96.60 52.70
CA ARG UA 44 2.36 96.31 51.48
C ARG UA 44 3.86 96.23 51.73
N GLN UA 45 4.38 97.09 52.60
CA GLN UA 45 5.81 97.01 52.91
C GLN UA 45 6.13 95.73 53.69
N SER UA 46 5.24 95.32 54.59
CA SER UA 46 5.42 94.03 55.26
C SER UA 46 5.45 92.89 54.25
N GLU UA 47 4.48 92.87 53.32
CA GLU UA 47 4.48 91.82 52.30
C GLU UA 47 5.77 91.84 51.49
N LEU UA 48 6.26 93.04 51.14
CA LEU UA 48 7.50 93.13 50.39
C LEU UA 48 8.67 92.55 51.15
N GLU UA 49 8.71 92.76 52.47
CA GLU UA 49 9.81 92.22 53.26
C GLU UA 49 9.73 90.70 53.35
N ALA UA 50 8.53 90.15 53.58
CA ALA UA 50 8.36 88.70 53.53
C ALA UA 50 8.84 88.13 52.20
N HIS UA 51 8.50 88.80 51.10
CA HIS UA 51 8.81 88.26 49.78
C HIS UA 51 10.30 88.36 49.47
N GLN UA 52 10.95 89.43 49.94
CA GLN UA 52 12.40 89.52 49.75
C GLN UA 52 13.12 88.47 50.59
N ALA UA 53 12.58 88.16 51.77
CA ALA UA 53 13.07 87.01 52.51
C ALA UA 53 12.96 85.72 51.70
N GLY UA 54 11.80 85.50 51.07
CA GLY UA 54 11.67 84.34 50.21
C GLY UA 54 12.68 84.32 49.08
N VAL UA 55 12.90 85.47 48.44
CA VAL UA 55 13.84 85.54 47.32
C VAL UA 55 15.24 85.20 47.79
N ALA UA 56 15.66 85.74 48.94
CA ALA UA 56 16.90 85.30 49.56
C ALA UA 56 16.92 83.78 49.74
N SER UA 57 15.79 83.19 50.13
CA SER UA 57 15.74 81.74 50.28
C SER UA 57 15.90 81.02 48.95
N THR UA 58 15.56 81.68 47.83
CA THR UA 58 15.95 81.15 46.53
C THR UA 58 17.47 81.24 46.36
N LYS UA 59 18.01 82.46 46.39
CA LYS UA 59 19.41 82.68 46.04
C LYS UA 59 20.37 81.86 46.91
N ALA UA 60 19.93 81.42 48.10
CA ALA UA 60 20.74 80.51 48.89
C ALA UA 60 20.82 79.12 48.24
N ARG UA 61 19.68 78.46 48.09
CA ARG UA 61 19.70 77.07 47.65
C ARG UA 61 20.07 76.92 46.19
N ILE UA 62 19.81 77.94 45.35
CA ILE UA 62 20.34 77.89 43.98
C ILE UA 62 21.86 77.84 44.01
N ALA UA 63 22.48 78.63 44.88
CA ALA UA 63 23.93 78.56 45.05
C ALA UA 63 24.36 77.18 45.53
N GLU UA 64 23.66 76.66 46.55
CA GLU UA 64 23.88 75.28 46.98
C GLU UA 64 23.92 74.33 45.79
N LEU UA 65 23.03 74.54 44.83
CA LEU UA 65 22.86 73.58 43.73
C LEU UA 65 23.88 73.77 42.63
N GLU UA 66 24.27 75.02 42.37
CA GLU UA 66 25.39 75.26 41.47
C GLU UA 66 26.65 74.62 42.00
N LYS UA 67 26.83 74.63 43.33
CA LYS UA 67 27.99 73.97 43.91
C LYS UA 67 27.87 72.45 43.82
N ILE UA 68 26.70 71.90 44.17
CA ILE UA 68 26.55 70.44 44.18
C ILE UA 68 26.67 69.88 42.76
N ILE UA 69 26.20 70.63 41.76
CA ILE UA 69 26.35 70.18 40.38
C ILE UA 69 27.76 70.42 39.89
N GLY UA 70 28.42 71.49 40.35
CA GLY UA 70 29.84 71.63 40.09
C GLY UA 70 30.61 70.40 40.53
N GLU UA 71 30.30 69.89 41.72
CA GLU UA 71 30.81 68.60 42.13
C GLU UA 71 30.43 67.54 41.10
N VAL UA 72 29.13 67.28 40.91
CA VAL UA 72 28.69 66.14 40.08
C VAL UA 72 29.39 66.11 38.72
N LYS UA 73 29.74 67.29 38.19
CA LYS UA 73 30.42 67.32 36.89
C LYS UA 73 31.93 67.10 37.05
N ASN UA 74 32.58 67.91 37.90
CA ASN UA 74 33.96 67.64 38.31
C ASN UA 74 34.20 66.14 38.43
N ILE UA 75 33.31 65.47 39.15
CA ILE UA 75 33.09 64.03 39.23
C ILE UA 75 33.07 63.35 37.88
N ASN UA 76 31.98 63.54 37.13
CA ASN UA 76 31.65 62.63 36.03
C ASN UA 76 32.76 62.61 34.99
N THR UA 77 33.49 63.70 34.84
CA THR UA 77 34.54 63.69 33.83
C THR UA 77 35.78 62.95 34.32
N ARG UA 78 36.06 62.95 35.63
CA ARG UA 78 37.22 62.22 36.13
C ARG UA 78 37.00 60.72 36.14
N LYS UA 79 35.75 60.26 36.19
CA LYS UA 79 35.44 58.84 36.18
C LYS UA 79 35.87 58.20 34.86
N ALA UA 80 35.54 58.85 33.74
CA ALA UA 80 35.87 58.31 32.43
C ALA UA 80 37.37 58.23 32.18
N GLU UA 81 38.17 58.87 33.03
CA GLU UA 81 39.62 58.75 32.90
C GLU UA 81 40.20 57.74 33.88
N VAL UA 82 39.70 57.72 35.13
CA VAL UA 82 40.08 56.62 36.02
C VAL UA 82 39.77 55.30 35.33
N GLU UA 83 38.48 55.04 35.10
CA GLU UA 83 37.97 54.14 34.07
C GLU UA 83 39.07 53.58 33.16
N LYS UA 84 39.59 54.42 32.27
CA LYS UA 84 40.37 53.95 31.12
C LYS UA 84 41.83 53.72 31.51
N LYS UA 85 42.40 54.62 32.33
CA LYS UA 85 43.69 54.35 32.97
C LYS UA 85 43.73 52.94 33.55
N LEU UA 86 42.67 52.54 34.25
CA LEU UA 86 42.68 51.24 34.94
C LEU UA 86 42.46 50.09 33.98
N ALA UA 87 41.58 50.27 32.98
CA ALA UA 87 41.54 49.25 31.93
C ALA UA 87 42.94 48.98 31.37
N VAL UA 88 43.71 50.04 31.14
CA VAL UA 88 45.12 49.91 30.80
C VAL UA 88 45.85 49.11 31.88
N LEU UA 89 45.63 49.45 33.15
CA LEU UA 89 46.39 48.82 34.23
C LEU UA 89 46.12 47.32 34.29
N ASP UA 90 44.90 46.89 34.00
CA ASP UA 90 44.54 45.48 34.00
C ASP UA 90 45.05 44.77 32.75
N ALA UA 91 45.26 45.50 31.65
CA ALA UA 91 46.03 44.92 30.56
C ALA UA 91 47.49 44.72 30.97
N LEU UA 92 48.04 45.66 31.75
CA LEU UA 92 49.46 45.62 32.08
C LEU UA 92 49.79 44.58 33.14
N ARG UA 93 48.93 44.42 34.16
CA ARG UA 93 49.14 43.32 35.10
C ARG UA 93 49.12 41.98 34.38
N LYS UA 94 48.32 41.87 33.32
CA LYS UA 94 48.37 40.69 32.46
C LYS UA 94 49.65 40.68 31.63
N GLY UA 95 50.22 41.87 31.37
CA GLY UA 95 51.51 42.00 30.72
C GLY UA 95 52.72 41.76 31.62
N ARG UA 96 52.50 41.57 32.93
CA ARG UA 96 53.56 41.17 33.84
C ARG UA 96 53.36 39.75 34.36
N SER UA 97 52.13 39.28 34.42
CA SER UA 97 51.87 37.86 34.57
C SER UA 97 52.32 37.10 33.34
N GLY UA 98 52.08 37.68 32.16
CA GLY UA 98 52.38 37.08 30.88
C GLY UA 98 53.75 36.44 30.81
N PRO UA 99 54.79 37.27 30.96
CA PRO UA 99 56.16 36.75 30.90
C PRO UA 99 56.50 35.71 31.98
N VAL UA 100 55.52 35.24 32.74
CA VAL UA 100 55.78 34.49 33.97
C VAL UA 100 54.80 33.33 34.10
N ARG UA 101 55.34 32.11 33.95
CA ARG UA 101 55.06 30.99 34.87
C ARG UA 101 54.56 29.67 34.29
N MET UA 102 53.39 29.28 34.78
CA MET UA 102 53.14 27.96 35.36
C MET UA 102 54.31 27.00 35.20
N MET UA 103 54.97 26.77 36.34
CA MET UA 103 55.72 25.61 36.77
C MET UA 103 57.10 26.03 37.26
N ASP UA 104 57.38 25.71 38.51
CA ASP UA 104 58.56 26.22 39.17
C ASP UA 104 59.78 25.41 38.76
N ALA UA 105 60.88 26.12 38.56
CA ALA UA 105 62.10 25.50 38.06
C ALA UA 105 63.27 26.32 38.57
N LEU UA 106 64.47 25.78 38.34
CA LEU UA 106 65.72 26.48 38.65
C LEU UA 106 66.53 26.44 37.37
N ALA UA 107 66.34 27.46 36.52
CA ALA UA 107 67.00 27.53 35.23
C ALA UA 107 67.45 28.96 34.98
N SER UA 108 68.68 29.09 34.47
CA SER UA 108 69.20 30.39 34.06
C SER UA 108 68.40 30.91 32.88
N ALA UA 109 68.58 30.29 31.72
CA ALA UA 109 67.79 30.58 30.54
C ALA UA 109 66.76 29.48 30.32
N THR UA 110 65.57 29.88 29.86
CA THR UA 110 64.49 28.95 29.60
C THR UA 110 64.28 28.77 28.11
N PRO UA 111 64.28 27.52 27.60
CA PRO UA 111 64.20 27.33 26.14
C PRO UA 111 62.91 27.81 25.50
N LYS UA 112 61.80 27.86 26.23
CA LYS UA 112 60.53 28.33 25.67
C LYS UA 112 60.23 29.74 26.16
N LYS UA 113 59.30 30.40 25.46
CA LYS UA 113 58.87 31.74 25.86
C LYS UA 113 58.49 31.77 27.33
N VAL UA 114 57.59 30.88 27.73
CA VAL UA 114 57.09 30.71 29.08
C VAL UA 114 57.48 29.30 29.53
N TRP UA 115 57.34 29.05 30.83
CA TRP UA 115 57.52 27.67 31.29
C TRP UA 115 56.29 26.84 31.00
N VAL UA 116 56.47 25.53 31.04
CA VAL UA 116 55.43 24.57 30.77
C VAL UA 116 55.65 23.42 31.75
N LYS UA 117 54.90 22.35 31.61
CA LYS UA 117 54.96 21.30 32.61
C LYS UA 117 55.77 20.11 32.12
N THR UA 118 55.15 19.19 31.40
CA THR UA 118 55.80 17.95 31.01
C THR UA 118 56.10 17.93 29.52
N PHE UA 119 57.11 17.14 29.14
CA PHE UA 119 57.53 16.99 27.76
C PHE UA 119 57.90 15.52 27.57
N SER UA 120 57.21 14.83 26.65
CA SER UA 120 57.48 13.42 26.42
C SER UA 120 57.44 13.12 24.94
N GLU UA 121 58.53 12.58 24.40
CA GLU UA 121 58.72 12.41 22.97
C GLU UA 121 58.76 10.93 22.60
N ASN UA 122 58.81 10.67 21.28
CA ASN UA 122 58.96 9.32 20.77
C ASN UA 122 59.68 9.30 19.43
N ASN UA 123 60.50 10.30 19.14
CA ASN UA 123 61.29 10.42 17.91
C ASN UA 123 60.42 10.51 16.66
N ASN UA 124 59.11 10.72 16.81
CA ASN UA 124 58.26 11.04 15.68
C ASN UA 124 57.34 12.19 16.06
N ALA UA 125 56.88 12.17 17.30
CA ALA UA 125 56.02 13.21 17.84
C ALA UA 125 56.39 13.47 19.28
N VAL UA 126 56.06 14.67 19.75
CA VAL UA 126 56.23 15.06 21.14
C VAL UA 126 54.84 15.38 21.68
N SER UA 127 54.44 14.64 22.71
CA SER UA 127 53.26 14.98 23.48
C SER UA 127 53.72 15.85 24.64
N ILE UA 128 53.23 17.08 24.69
CA ILE UA 128 53.67 18.03 25.70
C ILE UA 128 52.49 18.34 26.60
N ASP UA 129 52.80 18.96 27.73
CA ASP UA 129 51.86 19.29 28.78
C ASP UA 129 52.30 20.64 29.30
N GLY UA 130 51.42 21.64 29.25
CA GLY UA 130 51.90 22.93 29.70
C GLY UA 130 50.86 23.83 30.33
N SER UA 131 51.18 25.11 30.35
CA SER UA 131 50.26 26.13 30.81
C SER UA 131 50.73 27.48 30.29
N ALA UA 132 49.79 28.41 30.09
CA ALA UA 132 50.10 29.72 29.54
C ALA UA 132 49.28 30.76 30.29
N VAL UA 133 49.50 32.03 29.96
CA VAL UA 133 48.97 33.10 30.80
C VAL UA 133 47.48 33.29 30.55
N SER UA 134 47.01 33.03 29.33
CA SER UA 134 45.63 33.38 29.00
C SER UA 134 45.28 32.80 27.62
N HIS UA 135 44.17 33.28 27.08
CA HIS UA 135 43.70 32.97 25.73
C HIS UA 135 44.57 33.63 24.69
N ASP UA 136 45.66 34.24 25.13
CA ASP UA 136 46.53 35.05 24.30
C ASP UA 136 47.90 34.41 24.10
N GLU UA 137 48.64 34.19 25.18
CA GLU UA 137 49.96 33.57 25.04
C GLU UA 137 49.87 32.12 24.60
N VAL UA 138 48.79 31.41 24.96
CA VAL UA 138 48.57 30.09 24.38
C VAL UA 138 48.18 30.22 22.91
N ALA UA 139 47.54 31.34 22.54
CA ALA UA 139 47.26 31.59 21.14
C ALA UA 139 48.52 31.98 20.38
N GLU UA 140 49.39 32.79 21.01
CA GLU UA 140 50.68 33.09 20.41
C GLU UA 140 51.48 31.80 20.21
N PHE UA 141 51.54 30.97 21.23
CA PHE UA 141 52.29 29.72 21.16
C PHE UA 141 51.71 28.77 20.11
N MET UA 142 50.38 28.64 20.09
CA MET UA 142 49.76 27.71 19.14
C MET UA 142 49.90 28.22 17.70
N ARG UA 143 49.86 29.54 17.53
CA ARG UA 143 50.08 30.11 16.20
C ARG UA 143 51.50 29.86 15.74
N GLY UA 144 52.48 30.02 16.64
CA GLY UA 144 53.87 29.78 16.28
C GLY UA 144 54.14 28.39 15.74
N LEU UA 145 53.19 27.45 15.90
CA LEU UA 145 53.38 26.08 15.43
C LEU UA 145 52.55 25.79 14.20
N ASN UA 146 51.33 25.30 14.41
CA ASN UA 146 50.52 24.80 13.33
C ASN UA 146 49.10 24.60 13.81
N GLY UA 147 48.20 24.37 12.84
CA GLY UA 147 46.79 24.20 13.08
C GLY UA 147 46.21 23.27 12.03
N VAL UA 148 45.43 22.28 12.49
CA VAL UA 148 45.20 21.07 11.71
C VAL UA 148 43.78 20.59 11.92
N VAL UA 149 43.19 20.03 10.86
CA VAL UA 149 41.93 19.29 10.95
C VAL UA 149 42.32 17.82 11.08
N TRP UA 150 42.23 17.30 12.31
CA TRP UA 150 42.57 15.92 12.57
C TRP UA 150 41.34 15.02 12.41
N THR UA 151 41.56 13.78 11.95
CA THR UA 151 40.43 12.93 11.62
C THR UA 151 40.59 11.55 12.24
N PRO UA 152 40.95 10.44 11.51
CA PRO UA 152 40.71 9.12 12.10
C PRO UA 152 41.74 8.79 13.17
N LYS UA 153 41.34 8.86 14.43
CA LYS UA 153 42.28 8.65 15.53
C LYS UA 153 42.35 7.18 15.90
N GLY UA 154 43.57 6.71 16.19
CA GLY UA 154 43.77 5.36 16.67
C GLY UA 154 43.95 5.30 18.18
N MET UA 155 43.22 4.40 18.83
CA MET UA 155 43.35 4.24 20.27
C MET UA 155 44.41 3.21 20.59
N GLY UA 156 45.27 3.51 21.56
CA GLY UA 156 46.40 2.66 21.86
C GLY UA 156 46.67 2.60 23.35
N ARG UA 157 47.40 1.56 23.75
CA ARG UA 157 47.55 1.19 25.15
C ARG UA 157 48.23 2.27 25.99
N LEU UA 158 48.79 3.31 25.40
CA LEU UA 158 49.31 4.42 26.19
C LEU UA 158 48.20 5.34 26.69
N VAL UA 159 47.16 5.55 25.89
CA VAL UA 159 45.98 6.28 26.36
C VAL UA 159 45.47 5.70 27.66
N ASP UA 160 45.23 4.38 27.69
CA ASP UA 160 44.68 3.77 28.89
C ASP UA 160 45.68 3.78 30.04
N ARG UA 161 46.98 3.71 29.74
CA ARG UA 161 47.97 3.91 30.78
C ARG UA 161 47.93 5.32 31.33
N ARG UA 162 47.39 6.27 30.56
CA ARG UA 162 47.12 7.61 31.10
C ARG UA 162 45.84 7.59 31.94
N ARG UA 163 44.80 6.90 31.47
CA ARG UA 163 43.63 6.69 32.31
C ARG UA 163 43.95 5.87 33.54
N ASP UA 164 44.91 4.95 33.44
CA ASP UA 164 45.30 4.14 34.59
C ASP UA 164 46.10 4.92 35.62
N SER UA 165 46.58 6.12 35.26
CA SER UA 165 47.63 6.88 35.94
C SER UA 165 48.99 6.18 35.87
N LYS UA 166 49.07 5.08 35.12
CA LYS UA 166 50.22 4.18 35.18
C LYS UA 166 51.48 4.77 34.56
N THR UA 167 51.34 5.77 33.68
CA THR UA 167 52.44 6.56 33.13
C THR UA 167 52.25 7.97 33.69
N ALA UA 168 53.16 8.39 34.55
CA ALA UA 168 52.97 9.61 35.33
C ALA UA 168 52.73 10.82 34.43
N ARG UA 169 51.63 11.51 34.66
CA ARG UA 169 51.42 12.83 34.07
C ARG UA 169 50.35 13.61 34.83
N VAL UA 170 49.75 14.59 34.16
CA VAL UA 170 48.84 15.52 34.82
C VAL UA 170 47.45 15.45 34.21
N GLU UA 171 46.55 14.71 34.88
CA GLU UA 171 45.33 14.25 34.24
C GLU UA 171 44.23 15.29 34.19
N MET UA 172 44.61 16.55 34.22
CA MET UA 172 43.81 17.55 33.55
C MET UA 172 43.78 17.31 32.05
N LEU UA 173 44.67 16.48 31.54
CA LEU UA 173 44.94 16.45 30.11
C LEU UA 173 44.04 15.44 29.41
N THR UA 174 43.60 15.81 28.22
CA THR UA 174 43.13 14.79 27.30
C THR UA 174 44.29 13.87 26.94
N SER UA 175 43.96 12.75 26.29
CA SER UA 175 44.95 11.70 26.09
C SER UA 175 45.57 11.72 24.71
N ASP UA 176 45.94 10.53 24.22
CA ASP UA 176 46.13 10.27 22.80
C ASP UA 176 47.46 10.77 22.25
N ALA UA 177 47.85 10.23 21.08
CA ALA UA 177 49.02 10.66 20.32
C ALA UA 177 49.15 9.89 19.01
N THR UA 178 48.02 9.57 18.37
CA THR UA 178 48.06 8.79 17.13
C THR UA 178 46.83 9.15 16.29
N ILE UA 179 47.07 9.71 15.09
CA ILE UA 179 45.97 10.18 14.25
C ILE UA 179 46.49 10.51 12.84
N GLU UA 180 45.69 11.24 12.07
CA GLU UA 180 45.99 11.64 10.70
C GLU UA 180 45.53 13.08 10.51
N GLU UA 181 46.41 13.91 9.95
CA GLU UA 181 46.31 15.36 10.13
C GLU UA 181 46.22 16.08 8.79
N PHE UA 182 45.32 17.04 8.72
CA PHE UA 182 45.20 17.91 7.57
C PHE UA 182 45.47 19.34 7.98
N PRO UA 183 46.30 20.06 7.23
CA PRO UA 183 46.69 21.41 7.66
C PRO UA 183 45.54 22.40 7.48
N GLU UA 184 45.32 23.21 8.52
CA GLU UA 184 44.44 24.37 8.40
C GLU UA 184 45.25 25.65 8.24
N ALA UA 185 46.16 25.92 9.19
CA ALA UA 185 47.05 27.06 9.15
C ALA UA 185 48.38 26.59 9.72
N GLN UA 186 49.43 27.40 9.54
CA GLN UA 186 50.80 26.94 9.66
C GLN UA 186 51.71 28.16 9.87
N VAL UA 187 52.71 28.07 10.75
CA VAL UA 187 53.63 29.21 10.85
C VAL UA 187 55.06 28.70 10.86
N SER UA 188 55.31 27.60 11.56
CA SER UA 188 56.61 26.95 11.49
C SER UA 188 56.58 25.87 10.42
N PRO UA 189 57.41 25.98 9.37
CA PRO UA 189 57.45 24.94 8.34
C PRO UA 189 57.93 23.62 8.86
N PHE UA 190 58.42 23.61 10.08
CA PHE UA 190 59.09 22.46 10.65
C PHE UA 190 58.16 21.64 11.52
N PHE UA 191 57.02 22.17 11.94
CA PHE UA 191 56.21 21.54 12.97
C PHE UA 191 54.77 21.36 12.49
N LYS UA 192 54.23 20.17 12.72
CA LYS UA 192 52.84 19.79 12.48
C LYS UA 192 52.22 19.54 13.86
N ASN UA 193 51.71 20.62 14.44
CA ASN UA 193 50.86 20.49 15.62
C ASN UA 193 49.54 19.84 15.21
N ILE UA 194 49.10 18.86 16.00
CA ILE UA 194 47.85 18.19 15.64
C ILE UA 194 46.65 19.03 16.07
N ASP UA 195 46.72 19.65 17.26
CA ASP UA 195 45.68 20.50 17.83
C ASP UA 195 46.02 20.84 19.27
N LEU UA 196 45.48 21.95 19.77
CA LEU UA 196 45.46 22.25 21.20
C LEU UA 196 44.49 21.25 21.83
N GLN UA 197 45.05 20.12 22.27
CA GLN UA 197 44.24 19.00 22.74
C GLN UA 197 43.30 19.41 23.87
N THR UA 198 43.73 20.30 24.76
CA THR UA 198 42.80 20.82 25.75
C THR UA 198 43.40 22.08 26.38
N ALA UA 199 42.55 22.79 27.12
CA ALA UA 199 42.93 24.03 27.79
C ALA UA 199 41.84 24.41 28.80
N LYS UA 200 42.27 24.66 30.04
CA LYS UA 200 41.39 24.88 31.18
C LYS UA 200 42.05 25.88 32.12
N GLN UA 201 41.38 26.99 32.39
CA GLN UA 201 41.95 28.05 33.22
C GLN UA 201 41.78 27.66 34.68
N VAL UA 202 42.90 27.37 35.34
CA VAL UA 202 42.89 26.87 36.71
C VAL UA 202 42.99 28.07 37.64
N GLY UA 203 41.98 28.28 38.48
CA GLY UA 203 41.92 29.48 39.28
C GLY UA 203 42.76 29.42 40.54
N GLY UA 204 42.74 28.29 41.24
CA GLY UA 204 43.40 28.19 42.52
C GLY UA 204 42.41 28.27 43.67
N ALA UA 205 42.90 28.71 44.82
CA ALA UA 205 42.05 28.81 46.00
C ALA UA 205 42.63 29.87 46.94
N GLN UA 206 42.05 29.93 48.15
CA GLN UA 206 42.50 30.87 49.16
C GLN UA 206 43.91 30.57 49.65
N VAL UA 207 44.41 29.35 49.41
CA VAL UA 207 45.80 29.03 49.75
C VAL UA 207 46.76 29.59 48.71
N GLY UA 208 46.28 29.90 47.51
CA GLY UA 208 47.14 30.44 46.47
C GLY UA 208 46.60 30.37 45.06
N VAL UA 209 47.22 31.12 44.17
CA VAL UA 209 46.82 31.20 42.76
C VAL UA 209 47.55 30.21 41.87
N PRO UA 210 46.97 29.93 40.69
CA PRO UA 210 47.78 30.08 39.49
C PRO UA 210 47.03 30.92 38.44
N ILE UA 211 45.69 30.77 38.39
CA ILE UA 211 44.78 31.58 37.59
C ILE UA 211 44.94 31.34 36.09
N LEU UA 212 46.04 30.72 35.68
CA LEU UA 212 46.37 30.68 34.27
C LEU UA 212 45.62 29.55 33.55
N VAL UA 213 45.97 29.37 32.27
CA VAL UA 213 45.29 28.39 31.42
C VAL UA 213 46.23 27.19 31.28
N GLU UA 214 45.94 26.13 32.04
CA GLU UA 214 46.56 24.85 31.81
C GLU UA 214 46.19 24.35 30.41
N PHE UA 215 47.12 23.69 29.72
CA PHE UA 215 46.79 23.22 28.39
C PHE UA 215 47.57 21.97 28.05
N LYS UA 216 47.19 21.34 26.93
CA LYS UA 216 47.90 20.20 26.37
C LYS UA 216 47.82 20.19 24.86
N ILE UA 217 48.97 19.89 24.24
CA ILE UA 217 49.23 19.89 22.81
C ILE UA 217 50.07 18.65 22.46
N THR UA 218 49.88 18.12 21.25
CA THR UA 218 50.77 17.10 20.70
C THR UA 218 51.20 17.52 19.29
N MET UA 219 52.48 17.29 18.96
CA MET UA 219 53.04 17.85 17.74
C MET UA 219 54.16 16.99 17.18
N THR UA 220 54.05 16.64 15.89
CA THR UA 220 55.13 15.97 15.17
C THR UA 220 55.92 17.01 14.38
N SER UA 221 57.24 16.89 14.43
CA SER UA 221 58.13 17.96 14.01
C SER UA 221 58.43 17.85 12.53
N ASN UA 222 59.70 17.98 12.18
CA ASN UA 222 60.30 17.19 11.11
C ASN UA 222 61.77 16.87 11.38
N TYR UA 223 62.43 16.26 10.40
CA TYR UA 223 63.07 14.97 10.60
C TYR UA 223 64.04 15.01 11.77
N MET VA 1 -17.81 143.58 33.89
CA MET VA 1 -19.20 143.82 34.25
C MET VA 1 -19.44 143.39 35.70
N ASP VA 2 -20.16 144.23 36.45
CA ASP VA 2 -20.01 144.22 37.90
C ASP VA 2 -21.01 143.34 38.64
N LYS VA 3 -22.25 143.19 38.15
CA LYS VA 3 -23.19 142.29 38.80
C LYS VA 3 -22.58 140.90 38.96
N TYR VA 4 -21.95 140.39 37.92
CA TYR VA 4 -21.21 139.14 38.02
C TYR VA 4 -20.05 139.24 39.01
N LEU VA 5 -19.46 140.43 39.13
CA LEU VA 5 -18.30 140.59 40.00
C LEU VA 5 -18.68 140.57 41.47
N ASP VA 6 -19.89 140.99 41.80
CA ASP VA 6 -20.34 140.94 43.19
C ASP VA 6 -21.02 139.61 43.49
N GLN VA 7 -21.54 138.93 42.45
CA GLN VA 7 -21.77 137.50 42.57
C GLN VA 7 -20.44 136.77 42.85
N PHE VA 8 -19.33 137.34 42.36
CA PHE VA 8 -18.00 136.82 42.63
C PHE VA 8 -17.46 137.24 43.98
N VAL VA 9 -17.95 138.33 44.57
CA VAL VA 9 -17.53 138.71 45.91
C VAL VA 9 -18.39 138.03 46.98
N LYS VA 10 -19.60 137.57 46.62
CA LYS VA 10 -20.47 136.90 47.59
C LYS VA 10 -20.19 135.40 47.67
N ALA VA 11 -20.12 134.72 46.52
CA ALA VA 11 -20.20 133.25 46.47
C ALA VA 11 -18.87 132.49 46.31
N PRO VA 12 -17.98 132.86 45.39
CA PRO VA 12 -16.92 131.93 44.95
C PRO VA 12 -15.83 131.70 45.98
N PRO VA 13 -15.90 132.27 47.19
CA PRO VA 13 -15.21 131.57 48.29
C PRO VA 13 -15.70 130.13 48.35
N ALA VA 14 -17.02 129.95 48.33
CA ALA VA 14 -17.61 128.61 48.37
C ALA VA 14 -17.22 127.80 47.14
N ILE VA 15 -17.25 128.42 45.96
CA ILE VA 15 -17.03 127.67 44.72
C ILE VA 15 -15.56 127.32 44.55
N LYS VA 16 -14.66 128.25 44.88
CA LYS VA 16 -13.23 127.93 44.82
C LYS VA 16 -12.88 126.83 45.82
N PHE VA 17 -13.34 126.97 47.07
CA PHE VA 17 -13.12 125.92 48.06
C PHE VA 17 -13.63 124.57 47.54
N GLY VA 18 -14.84 124.57 46.99
CA GLY VA 18 -15.40 123.34 46.45
C GLY VA 18 -14.53 122.73 45.36
N GLY VA 19 -14.09 123.55 44.41
CA GLY VA 19 -13.22 123.05 43.35
C GLY VA 19 -11.96 122.42 43.90
N LEU VA 20 -11.30 123.12 44.84
CA LEU VA 20 -10.15 122.54 45.52
C LEU VA 20 -10.48 121.18 46.12
N ALA VA 21 -11.69 121.05 46.69
CA ALA VA 21 -12.06 119.81 47.35
C ALA VA 21 -12.28 118.68 46.34
N PHE VA 22 -12.97 118.95 45.24
CA PHE VA 22 -13.15 117.91 44.23
C PHE VA 22 -11.80 117.48 43.65
N VAL VA 23 -10.89 118.44 43.49
CA VAL VA 23 -9.55 118.09 42.99
C VAL VA 23 -8.83 117.19 43.98
N VAL VA 24 -8.83 117.55 45.27
CA VAL VA 24 -8.11 116.73 46.24
C VAL VA 24 -8.75 115.35 46.37
N GLY VA 25 -10.07 115.27 46.25
CA GLY VA 25 -10.72 113.98 46.19
C GLY VA 25 -10.25 113.13 45.02
N ALA VA 26 -10.15 113.74 43.84
CA ALA VA 26 -9.65 113.02 42.68
C ALA VA 26 -8.22 112.52 42.91
N LEU VA 27 -7.36 113.37 43.44
CA LEU VA 27 -5.96 112.99 43.65
C LEU VA 27 -5.84 111.87 44.68
N THR VA 28 -6.70 111.87 45.70
CA THR VA 28 -6.69 110.77 46.66
C THR VA 28 -7.21 109.48 46.04
N ALA VA 29 -8.24 109.56 45.18
CA ALA VA 29 -8.63 108.38 44.42
C ALA VA 29 -7.43 107.84 43.64
N ALA VA 30 -6.69 108.74 42.98
CA ALA VA 30 -5.57 108.33 42.15
C ALA VA 30 -4.46 107.67 42.97
N ASN VA 31 -4.10 108.25 44.12
CA ASN VA 31 -3.00 107.65 44.88
C ASN VA 31 -3.43 106.36 45.57
N PHE VA 32 -4.71 106.22 45.91
CA PHE VA 32 -5.17 104.94 46.44
C PHE VA 32 -5.13 103.86 45.37
N PHE VA 33 -5.50 104.19 44.14
CA PHE VA 33 -5.34 103.23 43.06
C PHE VA 33 -3.88 102.90 42.83
N MET VA 34 -3.01 103.91 42.94
CA MET VA 34 -1.57 103.75 42.77
C MET VA 34 -0.91 103.07 43.97
N VAL VA 35 -1.65 102.79 45.05
CA VAL VA 35 -1.13 101.87 46.05
C VAL VA 35 -1.78 100.49 45.95
N ILE VA 36 -2.94 100.38 45.30
CA ILE VA 36 -3.53 99.07 45.07
C ILE VA 36 -2.78 98.31 43.98
N GLN VA 37 -2.34 99.01 42.92
CA GLN VA 37 -1.63 98.33 41.84
C GLN VA 37 -0.30 97.71 42.29
N PRO VA 38 0.55 98.37 43.10
CA PRO VA 38 1.76 97.68 43.59
C PRO VA 38 1.46 96.47 44.45
N THR VA 39 0.29 96.42 45.09
CA THR VA 39 -0.12 95.20 45.80
C THR VA 39 -0.21 94.04 44.82
N GLU VA 40 -1.00 94.19 43.76
CA GLU VA 40 -1.17 93.13 42.78
C GLU VA 40 0.16 92.74 42.17
N GLU VA 41 0.95 93.72 41.73
CA GLU VA 41 2.27 93.44 41.19
C GLU VA 41 3.10 92.63 42.18
N GLU VA 42 2.95 92.96 43.47
CA GLU VA 42 3.77 92.35 44.51
C GLU VA 42 3.37 90.89 44.75
N ILE VA 43 2.07 90.62 44.81
CA ILE VA 43 1.59 89.24 44.87
C ILE VA 43 2.09 88.46 43.65
N GLY VA 44 2.13 89.12 42.49
CA GLY VA 44 2.68 88.48 41.31
C GLY VA 44 4.14 88.07 41.47
N TRP VA 45 4.98 89.00 41.92
CA TRP VA 45 6.39 88.67 42.13
C TRP VA 45 6.56 87.61 43.20
N ALA VA 46 5.67 87.59 44.18
CA ALA VA 46 5.63 86.48 45.12
C ALA VA 46 5.45 85.16 44.38
N VAL VA 47 4.42 85.09 43.54
CA VAL VA 47 4.10 83.84 42.86
C VAL VA 47 5.24 83.41 41.94
N ALA VA 48 5.95 84.35 41.34
CA ALA VA 48 7.13 83.99 40.55
C ALA VA 48 8.23 83.42 41.44
N GLU VA 49 8.61 84.17 42.48
CA GLU VA 49 9.73 83.76 43.34
C GLU VA 49 9.50 82.38 43.95
N ARG VA 50 8.31 82.14 44.50
CA ARG VA 50 8.03 80.83 45.08
C ARG VA 50 8.17 79.73 44.04
N ARG VA 51 7.77 80.00 42.80
CA ARG VA 51 7.96 79.03 41.73
C ARG VA 51 9.43 78.83 41.42
N LYS VA 52 10.28 79.79 41.76
CA LYS VA 52 11.72 79.52 41.62
C LYS VA 52 12.25 78.70 42.80
N LEU VA 53 11.81 79.03 44.02
CA LEU VA 53 12.13 78.19 45.18
C LEU VA 53 11.84 76.72 44.88
N ASP VA 54 10.65 76.44 44.35
CA ASP VA 54 10.19 75.06 44.22
C ASP VA 54 10.89 74.29 43.10
N LEU VA 55 11.33 74.95 42.04
CA LEU VA 55 12.14 74.27 41.04
C LEU VA 55 13.56 74.04 41.55
N GLU VA 56 14.11 75.02 42.27
CA GLU VA 56 15.44 74.84 42.84
C GLU VA 56 15.46 73.66 43.80
N LEU VA 57 14.41 73.50 44.61
CA LEU VA 57 14.31 72.31 45.44
C LEU VA 57 14.32 71.03 44.61
N ALA VA 58 13.83 71.07 43.37
CA ALA VA 58 13.96 69.90 42.50
C ALA VA 58 15.43 69.67 42.15
N ASP VA 59 16.13 70.74 41.74
CA ASP VA 59 17.54 70.58 41.39
C ASP VA 59 18.36 70.05 42.56
N LYS VA 60 18.01 70.42 43.80
CA LYS VA 60 18.83 69.96 44.93
C LYS VA 60 18.76 68.44 45.09
N SER VA 61 17.56 67.87 45.03
CA SER VA 61 17.43 66.43 45.15
C SER VA 61 18.07 65.72 43.97
N GLU VA 62 17.87 66.27 42.76
CA GLU VA 62 18.51 65.66 41.58
C GLU VA 62 20.01 65.57 41.74
N ILE VA 63 20.65 66.68 42.13
CA ILE VA 63 22.10 66.69 42.18
C ILE VA 63 22.63 65.95 43.41
N ALA VA 64 21.87 65.93 44.50
CA ALA VA 64 22.27 65.12 45.65
C ALA VA 64 22.26 63.64 45.29
N GLN VA 65 21.28 63.22 44.50
CA GLN VA 65 21.24 61.84 44.01
C GLN VA 65 22.40 61.56 43.05
N ASN VA 66 22.73 62.53 42.19
CA ASN VA 66 23.88 62.35 41.31
C ASN VA 66 25.18 62.29 42.10
N LEU VA 67 25.26 63.00 43.23
CA LEU VA 67 26.44 62.92 44.10
C LEU VA 67 26.56 61.53 44.72
N ASN VA 68 25.46 61.04 45.30
CA ASN VA 68 25.43 59.66 45.79
C ASN VA 68 25.92 58.69 44.73
N GLU VA 69 25.39 58.81 43.50
CA GLU VA 69 25.83 57.91 42.44
C GLU VA 69 27.31 58.11 42.10
N ARG VA 70 27.83 59.32 42.27
CA ARG VA 70 29.29 59.43 42.15
C ARG VA 70 29.91 58.51 43.16
N ARG VA 71 29.75 58.87 44.45
CA ARG VA 71 30.44 58.19 45.55
C ARG VA 71 30.46 56.71 45.24
N ARG VA 72 29.24 56.20 45.02
CA ARG VA 72 28.97 54.90 44.43
C ARG VA 72 30.12 54.49 43.51
N GLU VA 73 30.27 55.12 42.35
CA GLU VA 73 31.25 54.48 41.48
C GLU VA 73 32.64 55.12 41.38
N MET VA 74 32.81 56.40 41.72
CA MET VA 74 34.16 56.96 41.76
C MET VA 74 35.00 56.30 42.84
N ASP VA 75 34.40 56.02 44.02
CA ASP VA 75 35.19 55.39 45.08
C ASP VA 75 35.48 53.94 44.78
N VAL VA 76 34.57 53.29 44.05
CA VAL VA 76 34.83 51.94 43.54
C VAL VA 76 35.92 51.98 42.47
N LEU VA 77 35.96 53.06 41.70
CA LEU VA 77 36.98 53.18 40.66
C LEU VA 77 38.35 53.48 41.27
N GLU VA 78 38.37 54.01 42.51
CA GLU VA 78 39.62 54.28 43.22
C GLU VA 78 40.11 53.06 44.01
N GLN VA 79 39.55 51.90 43.73
CA GLN VA 79 39.77 50.70 44.53
C GLN VA 79 41.19 50.18 44.33
N LYS VA 80 41.61 49.27 45.21
CA LYS VA 80 43.03 49.07 45.39
C LYS VA 80 43.52 47.65 45.10
N LEU VA 81 44.72 47.35 45.61
CA LEU VA 81 45.41 46.07 45.44
C LEU VA 81 44.65 44.90 46.01
N SER VA 82 44.04 44.13 45.12
CA SER VA 82 43.23 43.00 45.50
C SER VA 82 42.83 42.32 44.21
N GLU VA 83 41.56 41.96 44.11
CA GLU VA 83 40.94 42.00 42.81
C GLU VA 83 40.94 43.44 42.32
N ALA VA 84 41.01 43.60 41.00
CA ALA VA 84 40.81 44.88 40.35
C ALA VA 84 39.72 44.75 39.29
N LEU VA 85 38.90 45.78 39.14
CA LEU VA 85 37.79 45.75 38.20
C LEU VA 85 38.22 46.38 36.88
N THR VA 86 37.37 46.25 35.87
CA THR VA 86 37.38 47.18 34.75
C THR VA 86 36.56 48.41 35.17
N GLU VA 87 36.70 49.48 34.40
CA GLU VA 87 35.79 50.62 34.48
C GLU VA 87 34.35 50.16 34.55
N LEU VA 88 33.53 50.94 35.23
CA LEU VA 88 32.10 50.66 35.29
C LEU VA 88 31.32 51.91 34.90
N PRO VA 89 30.87 52.03 33.66
CA PRO VA 89 29.78 52.96 33.37
C PRO VA 89 28.44 52.30 33.61
N GLU VA 90 27.39 53.08 33.84
CA GLU VA 90 26.05 52.51 33.97
C GLU VA 90 25.64 51.94 32.61
N GLN VA 91 25.87 50.64 32.41
CA GLN VA 91 25.41 50.01 31.17
C GLN VA 91 23.90 49.85 31.20
N ARG VA 92 23.40 48.99 32.08
CA ARG VA 92 21.97 48.90 32.40
C ARG VA 92 21.14 48.51 31.17
N ASP VA 93 21.71 47.64 30.32
CA ASP VA 93 20.95 46.99 29.24
C ASP VA 93 21.55 45.60 29.08
N ILE VA 94 20.80 44.59 29.52
CA ILE VA 94 21.32 43.23 29.58
C ILE VA 94 20.93 42.46 28.32
N GLU VA 95 19.65 42.52 27.94
CA GLU VA 95 19.17 41.74 26.81
C GLU VA 95 19.91 42.09 25.52
N GLU VA 96 20.36 43.34 25.38
CA GLU VA 96 21.20 43.68 24.25
C GLU VA 96 22.58 43.06 24.37
N LEU VA 97 23.05 42.83 25.60
CA LEU VA 97 24.31 42.10 25.78
C LEU VA 97 24.17 40.65 25.34
N LEU VA 98 23.09 39.99 25.75
CA LEU VA 98 22.85 38.63 25.29
C LEU VA 98 22.72 38.58 23.77
N ALA VA 99 21.96 39.51 23.20
CA ALA VA 99 21.76 39.54 21.75
C ALA VA 99 23.08 39.72 21.01
N GLN VA 100 23.91 40.67 21.47
CA GLN VA 100 25.17 40.93 20.77
C GLN VA 100 26.17 39.79 20.96
N ILE VA 101 26.11 39.10 22.10
CA ILE VA 101 26.88 37.88 22.25
C ILE VA 101 26.45 36.86 21.21
N ASN VA 102 25.14 36.71 21.01
CA ASN VA 102 24.67 35.79 19.97
C ASN VA 102 25.18 36.21 18.60
N ASP VA 103 25.20 37.52 18.32
CA ASP VA 103 25.58 37.99 16.99
C ASP VA 103 27.07 37.76 16.73
N ILE VA 104 27.93 38.14 17.68
CA ILE VA 104 29.35 37.90 17.50
C ILE VA 104 29.64 36.40 17.45
N GLY VA 105 28.82 35.60 18.13
CA GLY VA 105 28.96 34.15 17.98
C GLY VA 105 28.64 33.70 16.57
N LYS VA 106 27.54 34.21 16.00
CA LYS VA 106 27.11 33.78 14.68
C LYS VA 106 28.09 34.22 13.60
N LYS VA 107 28.59 35.46 13.66
CA LYS VA 107 29.52 35.90 12.64
C LYS VA 107 30.90 35.28 12.82
N SER VA 108 31.20 34.71 13.99
CA SER VA 108 32.42 33.94 14.15
C SER VA 108 32.26 32.49 13.71
N GLY VA 109 31.05 32.07 13.36
CA GLY VA 109 30.81 30.72 12.89
C GLY VA 109 30.51 29.70 13.96
N LEU VA 110 30.38 30.12 15.22
CA LEU VA 110 30.23 29.19 16.32
C LEU VA 110 28.76 28.83 16.56
N GLU VA 111 28.53 27.58 16.94
CA GLU VA 111 27.21 27.14 17.41
C GLU VA 111 27.10 27.48 18.89
N LEU VA 112 26.15 28.35 19.23
CA LEU VA 112 25.93 28.75 20.61
C LEU VA 112 25.07 27.68 21.27
N SER VA 113 25.71 26.72 21.93
CA SER VA 113 24.99 25.59 22.49
C SER VA 113 24.26 25.94 23.79
N SER VA 114 24.73 26.98 24.52
CA SER VA 114 24.01 27.39 25.73
C SER VA 114 24.53 28.72 26.22
N VAL VA 115 23.62 29.65 26.52
CA VAL VA 115 23.94 30.85 27.28
C VAL VA 115 23.14 30.80 28.57
N THR VA 116 23.85 30.92 29.70
CA THR VA 116 23.22 30.78 30.99
C THR VA 116 23.55 32.01 31.84
N PRO VA 117 22.55 32.82 32.23
CA PRO VA 117 22.86 33.97 33.10
C PRO VA 117 23.29 33.47 34.47
N GLY VA 118 23.64 34.39 35.34
CA GLY VA 118 24.10 34.05 36.66
C GLY VA 118 23.23 34.59 37.75
N LYS VA 119 23.74 34.51 38.96
CA LYS VA 119 23.16 35.28 40.04
C LYS VA 119 24.01 36.52 40.27
N GLU VA 120 23.33 37.59 40.69
CA GLU VA 120 24.04 38.80 41.06
C GLU VA 120 24.87 38.53 42.32
N SER VA 121 26.09 39.06 42.34
CA SER VA 121 27.02 38.82 43.44
C SER VA 121 26.77 39.86 44.53
N VAL VA 122 25.86 39.51 45.46
CA VAL VA 122 25.43 40.45 46.49
C VAL VA 122 26.60 40.90 47.36
N GLY VA 123 27.62 40.06 47.52
CA GLY VA 123 28.82 40.46 48.22
C GLY VA 123 30.02 40.60 47.30
N GLY VA 124 29.76 41.00 46.06
CA GLY VA 124 30.82 41.21 45.09
C GLY VA 124 31.12 42.67 44.88
N GLY VA 125 30.61 43.51 45.78
CA GLY VA 125 30.80 44.94 45.68
C GLY VA 125 29.82 45.70 46.54
N GLU VA 126 30.26 46.81 47.14
CA GLU VA 126 29.32 47.64 47.90
C GLU VA 126 28.46 48.48 46.96
N PHE VA 127 28.97 48.85 45.80
CA PHE VA 127 28.28 49.77 44.92
C PHE VA 127 27.82 49.12 43.62
N PHE VA 128 27.90 47.80 43.49
CA PHE VA 128 27.54 47.14 42.25
C PHE VA 128 27.24 45.67 42.51
N ALA VA 129 26.17 45.17 41.91
CA ALA VA 129 25.86 43.75 41.85
C ALA VA 129 26.38 43.23 40.52
N ARG VA 130 27.37 42.34 40.58
CA ARG VA 130 27.89 41.74 39.37
C ARG VA 130 26.98 40.60 38.94
N ILE VA 131 26.50 40.64 37.70
CA ILE VA 131 25.78 39.52 37.09
C ILE VA 131 26.76 38.79 36.17
N PRO VA 132 27.07 37.53 36.45
CA PRO VA 132 27.91 36.75 35.52
C PRO VA 132 27.06 35.98 34.53
N ILE VA 133 27.59 35.85 33.32
CA ILE VA 133 26.95 35.13 32.23
C ILE VA 133 27.94 34.10 31.73
N LYS VA 134 27.54 32.83 31.76
CA LYS VA 134 28.38 31.74 31.28
C LYS VA 134 27.91 31.35 29.88
N MET VA 135 28.80 31.47 28.90
CA MET VA 135 28.48 31.21 27.52
C MET VA 135 29.20 29.95 27.04
N THR VA 136 28.53 29.20 26.16
CA THR VA 136 28.90 27.84 25.79
C THR VA 136 28.71 27.71 24.29
N VAL VA 137 29.82 27.76 23.56
CA VAL VA 137 29.86 27.85 22.10
C VAL VA 137 30.86 26.83 21.58
N SER VA 138 30.62 26.27 20.39
CA SER VA 138 31.47 25.22 19.87
C SER VA 138 31.95 25.56 18.46
N GLY VA 139 33.21 25.22 18.17
CA GLY VA 139 33.72 25.40 16.82
C GLY VA 139 35.21 25.15 16.76
N ASN VA 140 35.89 25.98 15.98
CA ASN VA 140 37.32 25.87 15.78
C ASN VA 140 38.09 26.79 16.73
N TYR VA 141 39.34 26.42 17.01
CA TYR VA 141 40.18 27.25 17.88
C TYR VA 141 40.27 28.68 17.39
N HIS VA 142 40.52 28.87 16.09
CA HIS VA 142 40.56 30.20 15.49
C HIS VA 142 39.26 30.94 15.75
N GLU VA 143 38.13 30.25 15.62
CA GLU VA 143 36.83 30.87 15.75
C GLU VA 143 36.50 31.23 17.21
N ILE VA 144 36.99 30.46 18.17
CA ILE VA 144 36.71 30.80 19.57
C ILE VA 144 37.63 31.90 20.05
N ALA VA 145 38.92 31.85 19.68
CA ALA VA 145 39.77 33.01 19.86
C ALA VA 145 39.10 34.26 19.29
N LEU VA 146 38.48 34.10 18.11
CA LEU VA 146 37.79 35.22 17.45
C LEU VA 146 36.62 35.72 18.29
N PHE VA 147 35.74 34.80 18.67
CA PHE VA 147 34.58 35.13 19.49
C PHE VA 147 34.99 35.88 20.76
N LEU VA 148 36.03 35.38 21.44
CA LEU VA 148 36.55 36.03 22.63
C LEU VA 148 37.03 37.44 22.33
N GLN VA 149 37.86 37.60 21.29
CA GLN VA 149 38.43 38.92 21.03
C GLN VA 149 37.36 39.93 20.61
N GLU VA 150 36.30 39.45 19.96
CA GLU VA 150 35.20 40.35 19.61
C GLU VA 150 34.42 40.78 20.84
N MET VA 151 34.18 39.85 21.78
CA MET VA 151 33.49 40.23 23.01
C MET VA 151 34.36 41.16 23.86
N ALA VA 152 35.69 41.01 23.76
CA ALA VA 152 36.62 41.90 24.43
C ALA VA 152 36.83 43.21 23.68
N ASN VA 153 36.27 43.34 22.47
CA ASN VA 153 36.28 44.61 21.77
C ASN VA 153 34.90 45.26 21.72
N MET VA 154 33.93 44.76 22.48
CA MET VA 154 32.58 45.29 22.43
C MET VA 154 32.50 46.64 23.16
N ARG VA 155 31.40 47.35 22.91
CA ARG VA 155 31.10 48.62 23.56
C ARG VA 155 30.29 48.45 24.83
N ARG VA 156 30.24 47.26 25.41
CA ARG VA 156 29.48 47.06 26.64
C ARG VA 156 30.36 46.31 27.63
N ILE VA 157 29.84 46.15 28.84
CA ILE VA 157 30.64 45.83 30.03
C ILE VA 157 30.70 44.32 30.22
N VAL VA 158 31.15 43.60 29.21
CA VAL VA 158 31.20 42.14 29.30
C VAL VA 158 32.65 41.71 29.54
N ASN VA 159 33.09 41.78 30.80
CA ASN VA 159 34.47 41.43 31.12
C ASN VA 159 34.64 39.92 31.17
N VAL VA 160 35.22 39.36 30.11
CA VAL VA 160 35.46 37.92 30.05
C VAL VA 160 36.65 37.57 30.93
N ASN VA 161 36.51 36.49 31.71
CA ASN VA 161 37.57 36.11 32.63
C ASN VA 161 37.98 34.65 32.45
N ASN VA 162 37.44 33.77 33.28
CA ASN VA 162 37.91 32.39 33.32
C ASN VA 162 37.37 31.61 32.13
N ILE VA 163 38.29 31.09 31.30
CA ILE VA 163 37.98 30.46 30.02
C ILE VA 163 38.29 28.97 30.12
N LYS VA 164 37.59 28.18 29.33
CA LYS VA 164 37.95 26.78 29.17
C LYS VA 164 37.42 26.29 27.83
N PHE VA 165 38.02 25.21 27.32
CA PHE VA 165 37.51 24.53 26.13
C PHE VA 165 38.21 23.19 25.98
N ASP VA 166 37.57 22.29 25.24
CA ASP VA 166 38.02 20.91 25.13
C ASP VA 166 37.42 20.32 23.86
N SER VA 167 37.87 19.11 23.51
CA SER VA 167 37.46 18.47 22.26
C SER VA 167 36.16 17.69 22.50
N ALA VA 168 35.09 18.08 21.81
CA ALA VA 168 33.76 17.60 22.15
C ALA VA 168 33.47 16.19 21.63
N LYS VA 169 34.33 15.64 20.78
CA LYS VA 169 34.08 14.34 20.15
C LYS VA 169 34.71 13.24 20.99
N LEU VA 170 33.87 12.35 21.54
CA LEU VA 170 34.36 11.20 22.30
C LEU VA 170 35.50 10.51 21.56
N LYS VA 171 35.14 9.78 20.51
CA LYS VA 171 36.09 9.00 19.73
C LYS VA 171 37.17 9.86 19.08
N ASN VA 172 36.97 11.18 19.00
CA ASN VA 172 37.90 12.06 18.30
C ASN VA 172 38.07 11.60 16.85
N GLU VA 173 37.04 11.80 16.04
CA GLU VA 173 37.10 11.48 14.62
C GLU VA 173 37.05 12.72 13.73
N LYS VA 174 36.73 13.88 14.30
CA LYS VA 174 36.80 15.16 13.59
C LYS VA 174 37.13 16.26 14.59
N VAL VA 175 37.79 17.31 14.10
CA VAL VA 175 38.14 18.42 14.97
C VAL VA 175 36.87 19.16 15.38
N VAL VA 176 36.77 19.46 16.67
CA VAL VA 176 35.67 20.25 17.22
C VAL VA 176 35.99 20.58 18.67
N LEU VA 177 35.84 21.85 19.05
CA LEU VA 177 36.16 22.33 20.38
C LEU VA 177 34.93 22.98 20.99
N GLN VA 178 34.35 22.32 22.00
CA GLN VA 178 33.39 22.97 22.87
C GLN VA 178 34.13 23.93 23.79
N SER VA 179 33.59 25.13 23.93
CA SER VA 179 34.22 26.21 24.67
C SER VA 179 33.21 26.82 25.63
N GLU VA 180 33.65 27.06 26.86
CA GLU VA 180 32.82 27.65 27.90
C GLU VA 180 33.61 28.83 28.46
N PHE VA 181 33.13 30.04 28.14
CA PHE VA 181 33.73 31.29 28.60
C PHE VA 181 32.82 31.92 29.64
N GLN VA 182 33.41 32.51 30.67
CA GLN VA 182 32.67 33.22 31.69
C GLN VA 182 32.90 34.72 31.53
N ALA VA 183 31.82 35.48 31.45
CA ALA VA 183 31.91 36.91 31.21
C ALA VA 183 30.78 37.61 31.92
N THR VA 184 31.09 38.72 32.60
CA THR VA 184 30.17 39.33 33.56
C THR VA 184 30.05 40.83 33.33
N THR VA 185 28.87 41.38 33.64
CA THR VA 185 28.66 42.82 33.67
C THR VA 185 28.18 43.25 35.05
N PHE VA 186 28.36 44.55 35.36
CA PHE VA 186 28.29 45.02 36.74
C PHE VA 186 27.16 46.01 36.97
N ARG VA 187 25.92 45.51 37.17
CA ARG VA 187 24.78 46.36 37.48
C ARG VA 187 25.01 47.09 38.80
N PHE VA 188 24.15 48.06 39.13
CA PHE VA 188 24.27 48.73 40.42
C PHE VA 188 23.66 47.86 41.51
N VAL VA 189 23.76 48.31 42.76
CA VAL VA 189 23.32 47.48 43.88
C VAL VA 189 21.80 47.40 43.98
N ALA WA 37 -13.88 151.57 61.88
CA ALA WA 37 -13.54 152.87 62.44
C ALA WA 37 -14.69 153.85 62.27
N LYS WA 38 -14.60 154.98 62.97
CA LYS WA 38 -15.69 155.97 63.02
C LYS WA 38 -15.54 156.95 61.86
N GLY WA 39 -16.32 156.71 60.80
CA GLY WA 39 -16.24 157.52 59.60
C GLY WA 39 -17.47 158.38 59.35
N LYS WA 40 -17.25 159.48 58.64
CA LYS WA 40 -18.35 160.30 58.11
C LYS WA 40 -18.48 159.93 56.64
N LEU WA 41 -19.49 159.13 56.35
CA LEU WA 41 -19.62 158.42 55.10
C LEU WA 41 -20.19 159.39 54.07
N VAL WA 42 -21.03 158.92 53.14
CA VAL WA 42 -21.72 159.89 52.27
C VAL WA 42 -23.17 159.45 52.01
N LEU WA 43 -23.86 160.21 51.18
CA LEU WA 43 -25.27 159.99 50.96
C LEU WA 43 -25.68 160.28 49.54
N GLY WA 44 -26.14 159.24 48.84
CA GLY WA 44 -26.70 159.41 47.52
C GLY WA 44 -28.20 159.18 47.55
N LEU WA 45 -28.87 159.75 46.56
CA LEU WA 45 -30.27 159.39 46.32
C LEU WA 45 -30.34 158.33 45.23
N ASP WA 46 -30.08 157.09 45.65
CA ASP WA 46 -29.85 156.03 44.67
C ASP WA 46 -31.13 155.56 44.02
N ILE WA 47 -32.26 155.66 44.70
CA ILE WA 47 -33.52 155.28 44.08
C ILE WA 47 -34.31 156.54 43.74
N GLY WA 48 -33.62 157.55 43.21
CA GLY WA 48 -34.35 158.72 42.74
C GLY WA 48 -35.10 158.47 41.45
N SER WA 49 -34.67 157.50 40.65
CA SER WA 49 -35.32 157.21 39.37
C SER WA 49 -35.31 158.41 38.43
N THR WA 50 -35.80 159.58 38.88
CA THR WA 50 -35.61 160.78 38.10
C THR WA 50 -34.20 161.35 38.28
N SER WA 51 -33.64 161.23 39.49
CA SER WA 51 -32.36 161.89 39.73
C SER WA 51 -31.54 161.19 40.82
N ILE WA 52 -30.26 160.97 40.52
CA ILE WA 52 -29.25 160.55 41.48
C ILE WA 52 -28.69 161.81 42.13
N LYS WA 53 -28.91 161.94 43.44
CA LYS WA 53 -28.46 163.10 44.20
C LYS WA 53 -27.57 162.60 45.33
N MET WA 54 -26.66 163.46 45.80
CA MET WA 54 -25.68 163.06 46.80
C MET WA 54 -25.34 164.26 47.68
N ILE WA 55 -25.07 164.01 48.97
CA ILE WA 55 -24.87 165.08 49.93
C ILE WA 55 -23.73 164.72 50.89
N LEU WA 56 -22.89 165.70 51.19
CA LEU WA 56 -21.85 165.59 52.20
C LEU WA 56 -22.04 166.67 53.26
N LEU WA 57 -22.42 166.26 54.48
CA LEU WA 57 -22.32 167.08 55.68
C LEU WA 57 -21.16 166.57 56.52
N LYS WA 58 -20.56 167.45 57.33
CA LYS WA 58 -19.61 166.94 58.32
C LYS WA 58 -19.43 167.96 59.44
N GLU WA 59 -18.54 167.62 60.36
CA GLU WA 59 -18.15 168.50 61.46
C GLU WA 59 -17.44 169.73 60.91
N GLN WA 60 -18.20 170.82 60.73
CA GLN WA 60 -17.61 172.07 60.27
C GLN WA 60 -17.16 172.92 61.44
N ARG WA 61 -15.96 173.46 61.35
CA ARG WA 61 -15.39 174.31 62.39
C ARG WA 61 -15.57 175.78 62.02
N LYS WA 62 -16.12 176.56 62.95
CA LYS WA 62 -16.09 178.01 62.90
C LYS WA 62 -15.91 178.55 64.30
N ARG WA 63 -14.88 179.38 64.49
CA ARG WA 63 -14.61 180.05 65.76
C ARG WA 63 -14.48 179.05 66.91
N GLY WA 64 -13.75 177.97 66.67
CA GLY WA 64 -13.50 176.97 67.68
C GLY WA 64 -14.69 176.11 68.04
N GLU WA 65 -15.82 176.30 67.37
CA GLU WA 65 -16.99 175.46 67.55
C GLU WA 65 -17.17 174.58 66.32
N VAL WA 66 -17.78 173.42 66.52
CA VAL WA 66 -17.98 172.45 65.46
C VAL WA 66 -19.42 171.95 65.55
N ILE WA 67 -20.07 171.82 64.40
CA ILE WA 67 -21.38 171.19 64.29
C ILE WA 67 -21.49 170.58 62.91
N TYR WA 68 -22.42 169.63 62.79
CA TYR WA 68 -22.81 169.12 61.48
C TYR WA 68 -23.08 170.28 60.53
N ALA WA 69 -22.55 170.19 59.31
CA ALA WA 69 -22.80 171.25 58.36
C ALA WA 69 -22.67 170.73 56.93
N LEU WA 70 -23.46 171.33 56.03
CA LEU WA 70 -23.39 170.98 54.63
C LEU WA 70 -22.02 171.30 54.06
N GLN WA 71 -21.41 170.29 53.43
CA GLN WA 71 -20.13 170.45 52.76
C GLN WA 71 -20.27 170.44 51.26
N SER WA 72 -21.12 169.56 50.72
CA SER WA 72 -21.36 169.53 49.30
C SER WA 72 -22.67 168.81 49.04
N PHE WA 73 -23.08 168.82 47.78
CA PHE WA 73 -24.28 168.16 47.27
C PHE WA 73 -24.16 168.16 45.75
N GLY WA 74 -24.89 167.26 45.11
CA GLY WA 74 -24.73 167.07 43.68
C GLY WA 74 -25.93 166.33 43.14
N MET WA 75 -26.29 166.65 41.90
CA MET WA 75 -27.49 166.06 41.32
C MET WA 75 -27.29 165.87 39.83
N LYS WA 76 -27.63 164.66 39.37
CA LYS WA 76 -27.61 164.30 37.97
C LYS WA 76 -28.85 163.47 37.67
N PRO WA 77 -29.60 163.80 36.62
CA PRO WA 77 -30.79 163.00 36.31
C PRO WA 77 -30.39 161.58 35.95
N LEU WA 78 -31.23 160.62 36.32
CA LEU WA 78 -30.93 159.20 36.12
C LEU WA 78 -31.07 158.82 34.65
N PRO WA 79 -29.96 158.47 34.02
CA PRO WA 79 -29.99 157.58 32.85
C PRO WA 79 -31.04 156.49 33.00
N PRO WA 80 -32.18 156.68 32.33
CA PRO WA 80 -33.21 155.64 32.28
C PRO WA 80 -32.65 154.29 31.87
N GLU WA 81 -33.41 153.23 32.10
CA GLU WA 81 -32.95 151.88 31.79
C GLU WA 81 -31.97 151.37 32.83
N ALA WA 82 -31.42 152.30 33.61
CA ALA WA 82 -30.57 151.94 34.74
C ALA WA 82 -31.37 151.28 35.85
N ILE WA 83 -32.58 151.75 36.10
CA ILE WA 83 -33.47 151.15 37.09
C ILE WA 83 -34.73 150.72 36.39
N VAL WA 84 -35.10 149.45 36.58
CA VAL WA 84 -36.37 148.92 36.13
C VAL WA 84 -36.98 148.17 37.31
N ASP WA 85 -38.26 148.45 37.58
CA ASP WA 85 -39.03 147.81 38.66
C ASP WA 85 -38.34 147.89 40.01
N GLY WA 86 -37.58 148.95 40.26
CA GLY WA 86 -36.93 149.11 41.55
C GLY WA 86 -35.61 148.37 41.69
N ALA WA 87 -35.18 147.65 40.65
CA ALA WA 87 -33.91 146.94 40.65
C ALA WA 87 -32.92 147.64 39.72
N LEU WA 88 -31.64 147.55 40.05
CA LEU WA 88 -30.58 147.99 39.14
C LEU WA 88 -30.35 146.96 38.04
N MET WA 89 -31.10 147.10 36.95
CA MET WA 89 -30.90 146.26 35.77
C MET WA 89 -29.46 146.32 35.27
N ASN WA 90 -28.73 147.36 35.70
CA ASN WA 90 -27.36 147.55 35.29
C ASN WA 90 -26.55 148.35 36.31
N SER WA 91 -25.78 147.64 37.13
CA SER WA 91 -24.93 148.28 38.12
C SER WA 91 -23.94 149.23 37.46
N THR WA 92 -23.29 148.76 36.40
CA THR WA 92 -22.05 149.35 35.94
C THR WA 92 -22.25 150.80 35.49
N ALA WA 93 -23.28 151.03 34.69
CA ALA WA 93 -23.58 152.37 34.20
C ALA WA 93 -23.96 153.32 35.34
N ILE WA 94 -24.92 152.90 36.18
CA ILE WA 94 -25.25 153.64 37.40
C ILE WA 94 -23.98 154.00 38.15
N VAL WA 95 -23.02 153.07 38.19
CA VAL WA 95 -21.70 153.37 38.73
C VAL WA 95 -21.11 154.60 38.06
N GLN WA 96 -21.11 154.62 36.71
CA GLN WA 96 -20.52 155.78 36.06
C GLN WA 96 -21.18 157.07 36.54
N ALA WA 97 -22.51 157.03 36.68
CA ALA WA 97 -23.21 158.19 37.18
C ALA WA 97 -22.78 158.57 38.59
N VAL WA 98 -22.79 157.61 39.52
CA VAL WA 98 -22.43 157.88 40.92
C VAL WA 98 -21.04 158.51 41.01
N GLN WA 99 -20.10 158.00 40.23
CA GLN WA 99 -18.74 158.54 40.23
C GLN WA 99 -18.70 159.98 39.71
N ASP WA 100 -19.49 160.26 38.66
CA ASP WA 100 -19.73 161.65 38.28
C ASP WA 100 -20.20 162.47 39.48
N LEU WA 101 -21.15 161.93 40.24
CA LEU WA 101 -21.60 162.61 41.45
C LEU WA 101 -20.43 162.94 42.37
N MET WA 102 -19.57 161.96 42.63
CA MET WA 102 -18.53 162.14 43.63
C MET WA 102 -17.49 163.16 43.19
N SER WA 103 -17.10 163.14 41.90
CA SER WA 103 -16.12 164.11 41.42
C SER WA 103 -16.70 165.50 41.29
N GLU WA 104 -17.96 165.60 40.84
CA GLU WA 104 -18.69 166.87 40.89
C GLU WA 104 -18.67 167.44 42.29
N LEU WA 105 -19.01 166.60 43.28
CA LEU WA 105 -18.93 166.92 44.70
C LEU WA 105 -17.57 167.43 45.12
N LYS WA 106 -16.49 166.89 44.52
CA LYS WA 106 -15.12 167.14 44.97
C LYS WA 106 -14.89 166.57 46.37
N VAL WA 107 -15.31 165.34 46.60
CA VAL WA 107 -15.31 164.76 47.94
C VAL WA 107 -14.23 163.71 48.08
N LYS WA 108 -13.51 163.77 49.18
CA LYS WA 108 -12.58 162.70 49.52
C LYS WA 108 -13.27 161.39 49.88
N GLY WA 109 -14.45 161.47 50.49
CA GLY WA 109 -15.00 160.31 51.17
C GLY WA 109 -15.46 159.23 50.21
N LYS WA 110 -15.29 157.98 50.63
CA LYS WA 110 -15.66 156.81 49.84
C LYS WA 110 -16.52 155.83 50.62
N ASP WA 111 -17.09 156.23 51.74
CA ASP WA 111 -18.09 155.42 52.43
C ASP WA 111 -19.45 156.08 52.22
N VAL WA 112 -20.49 155.27 52.20
CA VAL WA 112 -21.81 155.76 51.80
C VAL WA 112 -22.89 155.05 52.60
N ALA WA 113 -23.93 155.79 52.94
CA ALA WA 113 -25.23 155.19 53.21
C ALA WA 113 -26.08 155.42 51.97
N ILE WA 114 -27.00 154.50 51.70
CA ILE WA 114 -27.94 154.69 50.60
C ILE WA 114 -29.29 154.08 50.96
N GLY WA 115 -30.17 154.00 49.97
CA GLY WA 115 -31.52 153.55 50.20
C GLY WA 115 -32.00 152.64 49.10
N VAL WA 116 -32.93 151.76 49.46
CA VAL WA 116 -33.56 150.87 48.49
C VAL WA 116 -34.78 151.55 47.89
N SER WA 117 -35.26 150.98 46.79
CA SER WA 117 -36.47 151.50 46.15
C SER WA 117 -37.68 151.17 47.01
N GLY WA 118 -38.58 152.15 47.13
CA GLY WA 118 -39.88 151.87 47.74
C GLY WA 118 -40.61 150.73 47.07
N HIS WA 119 -40.41 150.57 45.75
CA HIS WA 119 -40.95 149.42 45.03
C HIS WA 119 -40.20 148.14 45.30
N SER WA 120 -39.04 148.21 45.95
CA SER WA 120 -38.21 147.05 46.18
C SER WA 120 -38.28 146.55 47.62
N VAL WA 121 -38.99 147.24 48.50
CA VAL WA 121 -39.03 146.93 49.92
C VAL WA 121 -40.47 146.74 50.36
N ILE WA 122 -40.71 145.71 51.17
CA ILE WA 122 -41.95 145.55 51.90
C ILE WA 122 -41.73 146.09 53.31
N ILE WA 123 -42.49 147.10 53.70
CA ILE WA 123 -42.46 147.66 55.03
C ILE WA 123 -43.80 147.37 55.68
N LYS WA 124 -43.78 146.77 56.86
CA LYS WA 124 -45.07 146.50 57.50
C LYS WA 124 -44.87 146.17 58.97
N LYS WA 125 -45.90 146.46 59.77
CA LYS WA 125 -45.82 146.24 61.21
C LYS WA 125 -45.99 144.76 61.55
N ILE WA 126 -45.49 144.36 62.73
CA ILE WA 126 -45.48 142.97 63.20
C ILE WA 126 -45.53 142.90 64.72
N GLN WA 127 -46.45 142.10 65.27
CA GLN WA 127 -46.59 141.95 66.72
C GLN WA 127 -46.07 140.58 67.16
N MET WA 128 -45.25 140.57 68.23
CA MET WA 128 -44.53 139.38 68.72
C MET WA 128 -44.50 139.31 70.25
N PRO WA 129 -43.62 138.47 70.86
CA PRO WA 129 -43.34 138.65 72.29
C PRO WA 129 -41.89 139.01 72.60
N ARG WA 130 -41.71 139.91 73.57
CA ARG WA 130 -40.39 140.39 73.95
C ARG WA 130 -39.56 139.26 74.56
N MET WA 131 -38.35 139.06 74.01
CA MET WA 131 -37.45 138.04 74.54
C MET WA 131 -36.00 138.35 74.21
N SER WA 132 -35.17 137.30 74.20
CA SER WA 132 -33.78 137.43 73.79
C SER WA 132 -33.69 137.81 72.32
N GLN WA 133 -32.60 138.49 71.95
CA GLN WA 133 -32.48 139.02 70.59
C GLN WA 133 -32.58 137.91 69.54
N ASP WA 134 -31.87 136.80 69.74
CA ASP WA 134 -31.91 135.72 68.76
C ASP WA 134 -33.34 135.21 68.58
N GLU WA 135 -34.04 134.95 69.68
CA GLU WA 135 -35.40 134.43 69.59
C GLU WA 135 -36.34 135.42 68.91
N LEU WA 136 -36.07 136.73 69.06
CA LEU WA 136 -36.89 137.71 68.37
C LEU WA 136 -36.57 137.75 66.88
N GLU WA 137 -35.29 137.65 66.52
CA GLU WA 137 -34.96 137.72 65.10
C GLU WA 137 -35.51 136.50 64.37
N GLU WA 138 -35.35 135.31 64.94
CA GLU WA 138 -35.92 134.13 64.33
C GLU WA 138 -37.44 134.18 64.29
N SER WA 139 -38.07 134.49 65.43
CA SER WA 139 -39.53 134.65 65.46
C SER WA 139 -39.98 135.68 64.42
N ILE WA 140 -39.20 136.75 64.25
CA ILE WA 140 -39.53 137.83 63.31
C ILE WA 140 -39.52 137.31 61.89
N GLN WA 141 -38.44 136.60 61.54
CA GLN WA 141 -38.36 135.95 60.23
C GLN WA 141 -39.54 135.02 60.00
N TRP WA 142 -39.90 134.25 61.03
CA TRP WA 142 -40.98 133.29 60.92
C TRP WA 142 -42.31 133.97 60.63
N GLU WA 143 -42.57 135.10 61.28
CA GLU WA 143 -43.84 135.77 61.05
C GLU WA 143 -43.85 136.50 59.72
N ALA WA 144 -42.72 137.08 59.30
CA ALA WA 144 -42.65 137.70 58.00
C ALA WA 144 -42.83 136.70 56.86
N GLU WA 145 -42.57 135.41 57.13
CA GLU WA 145 -42.42 134.46 56.04
C GLU WA 145 -43.64 134.44 55.11
N GLN WA 146 -44.84 134.38 55.68
CA GLN WA 146 -46.08 134.42 54.90
C GLN WA 146 -46.29 135.78 54.18
N TYR WA 147 -45.73 136.87 54.70
CA TYR WA 147 -46.11 138.22 54.25
C TYR WA 147 -45.23 138.67 53.09
N ILE WA 148 -44.29 137.81 52.70
CA ILE WA 148 -43.28 138.02 51.67
C ILE WA 148 -43.62 137.09 50.51
N PRO WA 149 -44.05 137.60 49.36
CA PRO WA 149 -44.41 136.73 48.25
C PRO WA 149 -43.24 136.11 47.52
N PHE WA 150 -42.07 136.03 48.15
CA PHE WA 150 -40.91 135.37 47.55
C PHE WA 150 -40.35 134.38 48.56
N ASP WA 151 -39.51 133.47 48.08
CA ASP WA 151 -38.69 132.73 49.03
C ASP WA 151 -37.81 133.69 49.80
N VAL WA 152 -37.23 133.18 50.88
CA VAL WA 152 -36.18 133.92 51.57
C VAL WA 152 -34.87 133.23 51.16
N LYS WA 153 -34.11 133.72 50.16
CA LYS WA 153 -34.35 134.85 49.23
C LYS WA 153 -35.02 136.17 49.68
N ASP WA 154 -34.67 136.63 50.89
CA ASP WA 154 -35.07 137.95 51.37
C ASP WA 154 -34.15 138.39 52.51
N VAL WA 155 -33.71 139.66 52.44
CA VAL WA 155 -32.97 140.37 53.49
C VAL WA 155 -34.00 141.08 54.36
N ASN WA 156 -33.89 140.86 55.68
CA ASN WA 156 -34.90 141.25 56.65
C ASN WA 156 -34.25 142.08 57.75
N ILE WA 157 -34.95 143.13 58.21
CA ILE WA 157 -34.51 143.97 59.31
C ILE WA 157 -35.74 144.56 60.01
N ASP WA 158 -35.68 144.64 61.33
CA ASP WA 158 -36.81 145.18 62.08
C ASP WA 158 -36.35 146.31 62.98
N THR WA 159 -37.29 147.19 63.35
CA THR WA 159 -37.04 148.01 64.53
C THR WA 159 -38.33 148.12 65.33
N GLN WA 160 -38.19 148.36 66.62
CA GLN WA 160 -39.35 148.33 67.50
C GLN WA 160 -40.02 149.70 67.53
N ILE WA 161 -41.33 149.71 67.30
CA ILE WA 161 -42.10 150.96 67.26
C ILE WA 161 -42.18 151.61 68.63
N LEU WA 162 -41.95 150.85 69.70
CA LEU WA 162 -41.83 151.38 71.05
C LEU WA 162 -40.58 150.81 71.69
N ASP WA 163 -40.07 151.53 72.70
CA ASP WA 163 -38.82 151.13 73.34
C ASP WA 163 -38.97 149.78 74.02
N GLY WA 164 -38.06 148.85 73.69
CA GLY WA 164 -38.14 147.51 74.25
C GLY WA 164 -37.87 147.46 75.73
N GLY WA 165 -37.06 148.39 76.25
CA GLY WA 165 -36.78 148.41 77.67
C GLY WA 165 -37.97 148.79 78.52
N GLY WA 166 -39.02 149.35 77.91
CA GLY WA 166 -40.23 149.72 78.62
C GLY WA 166 -41.22 148.60 78.86
N ASN WA 167 -40.92 147.39 78.40
CA ASN WA 167 -41.81 146.25 78.58
C ASN WA 167 -40.98 145.02 78.98
N ASP WA 168 -41.66 144.08 79.63
CA ASP WA 168 -41.00 142.86 80.09
C ASP WA 168 -40.94 141.82 78.98
N ALA WA 169 -40.19 140.76 79.25
CA ALA WA 169 -40.19 139.59 78.37
C ALA WA 169 -41.61 139.05 78.22
N THR WA 170 -41.88 138.48 77.05
CA THR WA 170 -43.15 137.86 76.67
C THR WA 170 -44.27 138.86 76.39
N GLY WA 171 -44.11 140.12 76.76
CA GLY WA 171 -45.19 141.08 76.58
C GLY WA 171 -44.85 142.30 75.76
N GLN WA 172 -45.81 142.82 74.99
CA GLN WA 172 -45.71 144.10 74.29
C GLN WA 172 -44.51 144.16 73.35
N MET WA 173 -44.40 143.19 72.46
CA MET WA 173 -43.44 143.30 71.38
C MET WA 173 -44.13 143.82 70.14
N ASP WA 174 -43.47 144.77 69.51
CA ASP WA 174 -43.91 145.31 68.24
C ASP WA 174 -42.63 145.68 67.51
N VAL WA 175 -42.34 144.97 66.44
CA VAL WA 175 -41.30 145.38 65.51
C VAL WA 175 -42.00 145.69 64.21
N LEU WA 176 -41.39 146.52 63.38
CA LEU WA 176 -41.82 146.66 62.00
C LEU WA 176 -40.69 146.07 61.15
N LEU WA 177 -41.07 145.30 60.14
CA LEU WA 177 -40.12 144.61 59.27
C LEU WA 177 -39.99 145.34 57.95
N VAL WA 178 -38.74 145.50 57.54
CA VAL WA 178 -38.33 145.88 56.20
C VAL WA 178 -37.75 144.65 55.54
N ALA WA 179 -38.25 144.33 54.36
CA ALA WA 179 -37.93 143.08 53.68
C ALA WA 179 -37.64 143.35 52.22
N ALA WA 180 -36.70 142.60 51.65
CA ALA WA 180 -36.18 142.92 50.32
C ALA WA 180 -35.57 141.70 49.66
N LYS WA 181 -35.61 141.66 48.33
CA LYS WA 181 -34.96 140.56 47.62
C LYS WA 181 -33.44 140.76 47.63
N LYS WA 182 -32.70 139.63 47.66
CA LYS WA 182 -31.25 139.72 47.52
C LYS WA 182 -30.86 140.39 46.22
N ASP WA 183 -31.57 140.07 45.14
CA ASP WA 183 -31.16 140.56 43.83
C ASP WA 183 -31.15 142.09 43.81
N MET WA 184 -32.07 142.71 44.55
CA MET WA 184 -32.07 144.17 44.65
C MET WA 184 -30.85 144.67 45.43
N ILE WA 185 -30.73 144.24 46.69
CA ILE WA 185 -29.58 144.60 47.52
C ILE WA 185 -28.27 144.35 46.79
N ASN WA 186 -28.16 143.19 46.14
CA ASN WA 186 -26.95 142.80 45.43
C ASN WA 186 -26.70 143.71 44.23
N ASP WA 187 -27.77 144.12 43.55
CA ASP WA 187 -27.65 145.14 42.50
C ASP WA 187 -27.06 146.42 43.07
N TYR WA 188 -27.55 146.83 44.24
CA TYR WA 188 -27.12 148.11 44.81
C TYR WA 188 -25.68 148.03 45.31
N THR WA 189 -25.35 147.00 46.10
CA THR WA 189 -23.97 146.78 46.50
C THR WA 189 -23.06 146.65 45.29
N THR WA 190 -23.57 146.11 44.18
CA THR WA 190 -22.79 146.13 42.96
C THR WA 190 -22.45 147.55 42.55
N VAL WA 191 -23.48 148.37 42.31
CA VAL WA 191 -23.25 149.76 41.93
C VAL WA 191 -22.27 150.43 42.88
N VAL WA 192 -22.39 150.13 44.18
CA VAL WA 192 -21.58 150.84 45.16
C VAL WA 192 -20.14 150.37 45.12
N SER WA 193 -19.94 149.05 45.21
CA SER WA 193 -18.62 148.45 45.03
C SER WA 193 -17.88 149.07 43.84
N GLU WA 194 -18.58 149.37 42.74
CA GLU WA 194 -17.83 149.80 41.57
C GLU WA 194 -17.55 151.31 41.58
N ALA WA 195 -18.41 152.14 42.18
CA ALA WA 195 -18.07 153.55 42.35
C ALA WA 195 -16.89 153.76 43.28
N GLY WA 196 -16.28 152.69 43.77
CA GLY WA 196 -15.27 152.81 44.80
C GLY WA 196 -15.81 153.13 46.16
N LEU WA 197 -17.13 153.01 46.35
CA LEU WA 197 -17.78 153.33 47.61
C LEU WA 197 -17.93 152.08 48.47
N ALA WA 198 -18.02 152.29 49.78
CA ALA WA 198 -18.24 151.22 50.72
C ALA WA 198 -19.49 151.51 51.54
N PRO WA 199 -20.54 150.69 51.44
CA PRO WA 199 -21.77 150.98 52.18
C PRO WA 199 -21.67 150.52 53.63
N VAL WA 200 -22.27 151.30 54.52
CA VAL WA 200 -22.41 150.88 55.92
C VAL WA 200 -23.88 150.74 56.32
N VAL WA 201 -24.79 151.44 55.65
CA VAL WA 201 -26.21 151.42 55.96
C VAL WA 201 -26.99 151.41 54.65
N VAL WA 202 -27.90 150.45 54.53
CA VAL WA 202 -28.88 150.42 53.43
C VAL WA 202 -30.23 150.68 54.07
N ASP WA 203 -30.65 151.94 54.01
CA ASP WA 203 -31.80 152.42 54.74
C ASP WA 203 -33.02 152.44 53.80
N VAL WA 204 -34.15 152.92 54.29
CA VAL WA 204 -35.37 152.99 53.49
C VAL WA 204 -35.83 154.45 53.46
N ASP WA 205 -36.45 154.84 52.34
CA ASP WA 205 -36.59 156.27 52.07
C ASP WA 205 -37.67 156.92 52.92
N ALA WA 206 -38.76 156.19 53.21
CA ALA WA 206 -39.87 156.78 53.95
C ALA WA 206 -39.46 157.24 55.34
N PHE WA 207 -38.40 156.66 55.90
CA PHE WA 207 -37.91 157.02 57.23
C PHE WA 207 -36.64 157.86 57.16
N ALA WA 208 -35.82 157.63 56.13
CA ALA WA 208 -34.65 158.47 55.91
C ALA WA 208 -35.05 159.90 55.63
N VAL WA 209 -36.19 160.10 54.96
CA VAL WA 209 -36.67 161.44 54.65
C VAL WA 209 -37.06 162.19 55.91
N GLN WA 210 -37.26 161.49 57.03
CA GLN WA 210 -37.74 162.08 58.26
C GLN WA 210 -36.62 162.63 59.16
N ASN WA 211 -35.38 162.17 58.96
CA ASN WA 211 -34.29 162.52 59.87
C ASN WA 211 -34.03 164.02 59.91
N MET WA 212 -34.38 164.72 58.83
CA MET WA 212 -34.22 166.17 58.75
C MET WA 212 -35.25 166.89 59.59
N PHE WA 213 -36.42 166.30 59.75
CA PHE WA 213 -37.50 166.89 60.49
C PHE WA 213 -37.64 166.28 61.88
N SER WA 214 -36.77 165.35 62.26
CA SER WA 214 -36.95 164.59 63.50
C SER WA 214 -36.90 165.47 64.74
N VAL WA 215 -36.00 166.45 64.78
CA VAL WA 215 -35.96 167.37 65.91
C VAL WA 215 -37.23 168.19 65.98
N ASN WA 216 -37.63 168.76 64.85
CA ASN WA 216 -38.83 169.61 64.80
C ASN WA 216 -40.09 168.83 65.14
N TYR WA 217 -40.12 167.54 64.79
CA TYR WA 217 -41.20 166.65 65.17
C TYR WA 217 -41.14 166.32 66.66
N ASP WA 218 -39.92 166.13 67.18
CA ASP WA 218 -39.76 165.83 68.60
C ASP WA 218 -40.16 167.02 69.46
N VAL WA 219 -40.28 168.20 68.87
CA VAL WA 219 -40.83 169.35 69.60
C VAL WA 219 -42.27 169.12 70.02
N PRO WA 220 -43.23 168.69 69.14
CA PRO WA 220 -44.54 168.27 69.65
C PRO WA 220 -44.66 166.76 69.87
N GLU WA 221 -44.66 166.31 71.13
CA GLU WA 221 -44.51 164.88 71.36
C GLU WA 221 -45.83 164.11 71.26
N ARG WA 222 -46.97 164.81 71.32
CA ARG WA 222 -48.25 164.14 71.20
C ARG WA 222 -49.04 164.56 69.96
N GLU WA 223 -48.44 165.33 69.06
CA GLU WA 223 -49.11 165.74 67.84
C GLU WA 223 -48.94 164.70 66.75
N THR WA 224 -50.03 164.40 66.06
CA THR WA 224 -50.04 163.46 64.94
C THR WA 224 -49.74 164.22 63.66
N VAL WA 225 -48.65 163.84 62.98
CA VAL WA 225 -48.17 164.53 61.79
C VAL WA 225 -48.15 163.56 60.63
N VAL WA 226 -48.52 164.03 59.45
CA VAL WA 226 -48.30 163.22 58.25
C VAL WA 226 -47.13 163.79 57.48
N LEU WA 227 -46.41 162.91 56.80
CA LEU WA 227 -45.31 163.27 55.93
C LEU WA 227 -45.47 162.53 54.62
N ILE WA 228 -45.68 163.29 53.55
CA ILE WA 228 -45.79 162.74 52.20
C ILE WA 228 -44.47 163.00 51.49
N ASN WA 229 -43.91 161.96 50.89
CA ASN WA 229 -42.81 162.13 49.95
C ASN WA 229 -43.34 161.69 48.59
N ALA WA 230 -43.66 162.67 47.75
CA ALA WA 230 -44.12 162.41 46.39
C ALA WA 230 -42.89 162.37 45.48
N GLY WA 231 -42.48 161.16 45.11
CA GLY WA 231 -41.34 160.96 44.26
C GLY WA 231 -41.74 160.79 42.81
N ALA WA 232 -40.81 160.27 42.02
CA ALA WA 232 -41.08 159.96 40.63
C ALA WA 232 -41.55 158.54 40.40
N SER WA 233 -41.20 157.60 41.29
CA SER WA 233 -41.61 156.21 41.17
C SER WA 233 -42.70 155.81 42.14
N VAL WA 234 -42.87 156.56 43.23
CA VAL WA 234 -43.71 156.14 44.34
C VAL WA 234 -44.01 157.37 45.19
N VAL WA 235 -45.14 157.35 45.90
CA VAL WA 235 -45.44 158.35 46.92
C VAL WA 235 -45.54 157.64 48.26
N ASN WA 236 -44.72 158.05 49.22
CA ASN WA 236 -44.86 157.46 50.54
C ASN WA 236 -45.63 158.38 51.48
N ILE WA 237 -46.41 157.75 52.33
CA ILE WA 237 -47.04 158.38 53.48
C ILE WA 237 -46.46 157.71 54.70
N ASN WA 238 -45.86 158.49 55.58
CA ASN WA 238 -45.66 157.99 56.94
C ASN WA 238 -46.30 158.99 57.88
N ILE WA 239 -47.02 158.46 58.87
CA ILE WA 239 -47.71 159.29 59.87
C ILE WA 239 -47.25 158.87 61.25
N ILE WA 240 -47.03 159.89 62.09
CA ILE WA 240 -46.28 159.81 63.34
C ILE WA 240 -47.05 160.48 64.47
N SER WA 241 -46.74 160.05 65.70
CA SER WA 241 -46.92 160.85 66.90
C SER WA 241 -45.55 161.25 67.40
N ASN WA 242 -45.23 162.53 67.32
CA ASN WA 242 -43.88 163.08 67.58
C ASN WA 242 -43.00 162.65 66.41
N GLY WA 243 -41.77 162.19 66.66
CA GLY WA 243 -40.97 161.51 65.67
C GLY WA 243 -41.00 160.02 65.94
N ALA WA 244 -42.18 159.53 66.30
CA ALA WA 244 -42.43 158.11 66.48
C ALA WA 244 -43.38 157.67 65.37
N THR WA 245 -42.83 156.98 64.37
CA THR WA 245 -43.66 156.51 63.26
C THR WA 245 -44.78 155.63 63.79
N VAL WA 246 -46.01 155.92 63.37
CA VAL WA 246 -47.14 155.05 63.62
C VAL WA 246 -47.42 154.13 62.44
N PHE WA 247 -47.26 154.63 61.22
CA PHE WA 247 -47.36 153.71 60.09
C PHE WA 247 -46.81 154.35 58.82
N THR WA 248 -46.66 153.51 57.80
CA THR WA 248 -46.22 153.90 56.46
C THR WA 248 -47.04 153.15 55.42
N ARG WA 249 -47.23 153.78 54.27
CA ARG WA 249 -47.96 153.21 53.15
C ARG WA 249 -47.39 153.80 51.86
N ASP WA 250 -47.20 152.95 50.85
CA ASP WA 250 -46.55 153.35 49.61
C ASP WA 250 -47.51 153.19 48.45
N VAL WA 251 -47.66 154.25 47.68
CA VAL WA 251 -48.63 154.33 46.60
C VAL WA 251 -47.88 154.37 45.27
N THR WA 252 -48.31 153.50 44.33
CA THR WA 252 -47.64 153.40 43.04
C THR WA 252 -47.65 154.73 42.28
N ILE WA 253 -48.65 155.57 42.55
CA ILE WA 253 -48.81 156.81 41.82
C ILE WA 253 -47.71 157.79 42.22
N GLY WA 254 -47.27 158.58 41.26
CA GLY WA 254 -46.20 159.54 41.49
C GLY WA 254 -46.12 160.53 40.34
N GLY WA 255 -45.00 161.26 40.30
CA GLY WA 255 -44.84 162.28 39.28
C GLY WA 255 -44.69 161.72 37.88
N ASN WA 256 -44.16 160.50 37.78
CA ASN WA 256 -44.10 159.83 36.49
C ASN WA 256 -45.48 159.76 35.85
N GLN WA 257 -46.52 159.59 36.66
CA GLN WA 257 -47.88 159.53 36.11
C GLN WA 257 -48.31 160.86 35.53
N PHE WA 258 -48.00 161.96 36.20
CA PHE WA 258 -48.30 163.28 35.65
C PHE WA 258 -47.57 163.48 34.32
N THR WA 259 -46.26 163.25 34.31
CA THR WA 259 -45.50 163.40 33.07
C THR WA 259 -46.06 162.51 31.97
N GLU WA 260 -46.46 161.29 32.31
CA GLU WA 260 -46.94 160.34 31.31
C GLU WA 260 -48.30 160.76 30.75
N GLU WA 261 -49.15 161.39 31.57
CA GLU WA 261 -50.40 161.90 31.04
C GLU WA 261 -50.14 163.08 30.10
N ILE WA 262 -49.25 163.99 30.50
CA ILE WA 262 -48.86 165.08 29.60
C ILE WA 262 -48.34 164.52 28.28
N GLN WA 263 -47.52 163.48 28.35
CA GLN WA 263 -46.96 162.88 27.14
C GLN WA 263 -48.06 162.24 26.29
N LYS WA 264 -48.99 161.53 26.92
CA LYS WA 264 -50.09 160.91 26.18
C LYS WA 264 -50.90 161.96 25.42
N GLN WA 265 -51.26 163.06 26.08
CA GLN WA 265 -52.23 163.98 25.49
C GLN WA 265 -51.63 164.94 24.47
N LEU WA 266 -50.33 164.87 24.21
CA LEU WA 266 -49.69 165.77 23.26
C LEU WA 266 -48.58 165.06 22.49
N ASN WA 267 -48.68 163.73 22.36
CA ASN WA 267 -47.66 162.83 21.84
C ASN WA 267 -46.25 163.44 21.91
N VAL WA 268 -45.79 163.66 23.13
CA VAL WA 268 -44.51 164.29 23.45
C VAL WA 268 -43.56 163.20 23.95
N SER WA 269 -42.26 163.47 23.92
CA SER WA 269 -41.30 162.56 24.56
C SER WA 269 -41.39 162.73 26.07
N TYR WA 270 -40.81 161.79 26.84
CA TYR WA 270 -40.92 161.89 28.30
C TYR WA 270 -40.26 163.16 28.82
N GLU WA 271 -39.08 163.50 28.30
CA GLU WA 271 -38.33 164.64 28.85
C GLU WA 271 -39.04 165.96 28.56
N GLU WA 272 -39.52 166.15 27.33
CA GLU WA 272 -40.21 167.39 27.00
C GLU WA 272 -41.54 167.50 27.74
N ALA WA 273 -42.24 166.38 27.92
CA ALA WA 273 -43.45 166.40 28.75
C ALA WA 273 -43.12 166.75 30.19
N GLU WA 274 -41.94 166.31 30.65
CA GLU WA 274 -41.49 166.64 31.99
C GLU WA 274 -41.22 168.14 32.12
N ALA WA 275 -40.52 168.72 31.15
CA ALA WA 275 -40.28 170.16 31.17
C ALA WA 275 -41.59 170.93 31.12
N LEU WA 276 -42.50 170.52 30.24
CA LEU WA 276 -43.82 171.15 30.17
C LEU WA 276 -44.52 171.09 31.52
N LYS WA 277 -44.36 169.97 32.23
CA LYS WA 277 -44.87 169.88 33.59
C LYS WA 277 -44.24 170.95 34.48
N ILE WA 278 -42.91 170.89 34.64
CA ILE WA 278 -42.14 171.81 35.48
C ILE WA 278 -42.47 173.27 35.13
N GLY WA 279 -41.82 173.79 34.08
CA GLY WA 279 -41.99 175.19 33.75
C GLY WA 279 -43.35 175.53 33.19
N GLY WA 280 -43.94 174.61 32.43
CA GLY WA 280 -45.31 174.79 31.98
C GLY WA 280 -46.26 175.14 33.10
N ASN WA 281 -46.19 174.44 34.23
CA ASN WA 281 -47.20 174.56 35.27
C ASN WA 281 -46.98 175.72 36.23
N GLY WA 282 -45.80 176.32 36.27
CA GLY WA 282 -45.51 177.31 37.31
C GLY WA 282 -45.05 178.71 36.90
N ALA WA 283 -44.84 178.94 35.60
CA ALA WA 283 -44.34 180.24 35.17
C ALA WA 283 -45.37 181.33 35.42
N ASP WA 284 -44.89 182.58 35.56
CA ASP WA 284 -45.82 183.70 35.65
C ASP WA 284 -46.57 183.91 34.35
N ALA WA 285 -45.99 183.48 33.23
CA ALA WA 285 -46.60 183.59 31.92
C ALA WA 285 -47.45 182.38 31.54
N ASP WA 286 -47.76 181.49 32.49
CA ASP WA 286 -48.38 180.21 32.17
C ASP WA 286 -49.90 180.27 32.09
N ALA WA 287 -50.49 181.47 31.90
CA ALA WA 287 -51.93 181.63 32.04
C ALA WA 287 -52.71 180.81 31.02
N VAL WA 288 -52.10 180.47 29.89
CA VAL WA 288 -52.86 179.82 28.80
C VAL WA 288 -52.72 178.32 28.87
N VAL WA 289 -51.70 177.85 29.60
CA VAL WA 289 -51.28 176.46 29.64
C VAL WA 289 -51.84 175.69 30.84
N PRO WA 290 -52.54 176.27 31.84
CA PRO WA 290 -53.09 175.39 32.88
C PRO WA 290 -54.42 174.83 32.48
N GLN WA 291 -55.00 175.34 31.39
CA GLN WA 291 -56.12 174.66 30.76
C GLN WA 291 -55.62 173.45 29.98
N ASP WA 292 -54.67 173.66 29.07
CA ASP WA 292 -54.16 172.57 28.24
C ASP WA 292 -53.50 171.49 29.09
N VAL WA 293 -52.74 171.90 30.10
CA VAL WA 293 -52.07 170.93 30.96
C VAL WA 293 -53.02 170.41 32.03
N GLU WA 294 -53.66 171.32 32.77
CA GLU WA 294 -54.50 170.87 33.88
C GLU WA 294 -55.54 169.88 33.41
N ARG WA 295 -56.12 170.12 32.23
CA ARG WA 295 -57.06 169.14 31.68
C ARG WA 295 -56.39 167.80 31.43
N VAL WA 296 -55.09 167.83 31.15
CA VAL WA 296 -54.34 166.59 30.94
C VAL WA 296 -54.09 165.88 32.26
N LEU WA 297 -53.71 166.63 33.30
CA LEU WA 297 -53.31 166.10 34.60
C LEU WA 297 -54.46 165.93 35.58
N SER WA 298 -55.68 166.27 35.17
CA SER WA 298 -56.78 166.35 36.13
C SER WA 298 -57.15 164.96 36.64
N SER WA 299 -57.16 163.96 35.75
CA SER WA 299 -57.44 162.60 36.18
C SER WA 299 -56.40 162.12 37.18
N VAL WA 300 -55.13 162.49 37.00
CA VAL WA 300 -54.10 162.11 37.96
C VAL WA 300 -54.31 162.83 39.28
N ALA WA 301 -54.63 164.12 39.25
CA ALA WA 301 -54.91 164.84 40.48
C ALA WA 301 -56.03 164.17 41.26
N GLU WA 302 -57.12 163.81 40.55
CA GLU WA 302 -58.24 163.12 41.18
C GLU WA 302 -57.79 161.79 41.79
N GLN WA 303 -57.06 160.98 41.02
CA GLN WA 303 -56.70 159.65 41.49
C GLN WA 303 -55.71 159.72 42.65
N VAL WA 304 -54.78 160.67 42.63
CA VAL WA 304 -53.90 160.88 43.77
C VAL WA 304 -54.71 161.26 45.00
N ALA WA 305 -55.61 162.24 44.87
CA ALA WA 305 -56.42 162.67 46.00
C ALA WA 305 -57.23 161.50 46.56
N GLY WA 306 -57.80 160.67 45.69
CA GLY WA 306 -58.58 159.54 46.16
C GLY WA 306 -57.73 158.49 46.85
N GLU WA 307 -56.51 158.27 46.35
CA GLU WA 307 -55.64 157.28 46.96
C GLU WA 307 -55.12 157.75 48.32
N ILE WA 308 -54.86 159.05 48.46
CA ILE WA 308 -54.43 159.61 49.74
C ILE WA 308 -55.59 159.60 50.75
N GLN WA 309 -56.78 160.03 50.33
CA GLN WA 309 -57.96 159.91 51.17
C GLN WA 309 -58.16 158.47 51.64
N ARG WA 310 -58.03 157.52 50.71
CA ARG WA 310 -58.19 156.11 51.05
C ARG WA 310 -57.17 155.67 52.10
N SER WA 311 -55.89 156.02 51.90
CA SER WA 311 -54.87 155.65 52.88
C SER WA 311 -55.18 156.23 54.26
N LEU WA 312 -55.50 157.52 54.31
CA LEU WA 312 -55.83 158.17 55.57
C LEU WA 312 -57.02 157.51 56.25
N ASP WA 313 -58.04 157.14 55.48
CA ASP WA 313 -59.20 156.48 56.07
C ASP WA 313 -58.85 155.09 56.59
N PHE WA 314 -57.90 154.43 55.94
CA PHE WA 314 -57.53 153.08 56.37
C PHE WA 314 -56.71 153.13 57.64
N TYR WA 315 -56.05 154.26 57.92
CA TYR WA 315 -55.40 154.40 59.21
C TYR WA 315 -56.40 154.61 60.34
N ALA WA 316 -57.43 155.41 60.09
CA ALA WA 316 -58.05 156.22 61.13
C ALA WA 316 -59.02 155.45 62.02
N GLY WA 317 -58.52 154.50 62.81
CA GLY WA 317 -59.40 153.49 63.37
C GLY WA 317 -59.63 153.45 64.86
N THR WA 318 -58.71 154.00 65.66
CA THR WA 318 -58.86 154.07 67.12
C THR WA 318 -59.40 155.41 67.60
N ALA WA 319 -59.01 156.51 66.94
CA ALA WA 319 -59.54 157.85 67.18
C ALA WA 319 -60.69 158.09 66.23
N ALA WA 320 -61.69 157.20 66.28
CA ALA WA 320 -63.01 157.43 65.67
C ALA WA 320 -63.27 158.89 65.43
N ASP WA 321 -63.14 159.69 66.48
CA ASP WA 321 -63.89 160.90 66.71
C ASP WA 321 -63.10 162.14 66.37
N SER WA 322 -61.84 161.98 66.03
CA SER WA 322 -60.91 163.08 66.04
C SER WA 322 -60.72 163.62 64.63
N ASN WA 323 -59.83 164.59 64.52
CA ASN WA 323 -59.43 165.14 63.22
C ASN WA 323 -57.91 165.06 63.10
N PHE WA 324 -57.40 165.60 62.01
CA PHE WA 324 -55.97 165.60 61.81
C PHE WA 324 -55.35 166.83 62.47
N SER WA 325 -54.03 166.95 62.33
CA SER WA 325 -53.29 168.14 62.75
C SER WA 325 -52.54 168.74 61.56
N LYS WA 326 -51.26 168.42 61.40
CA LYS WA 326 -50.42 169.07 60.40
C LYS WA 326 -49.48 168.07 59.72
N VAL WA 327 -48.99 168.47 58.55
CA VAL WA 327 -48.29 167.54 57.64
C VAL WA 327 -47.30 168.32 56.77
N TYR WA 328 -46.30 167.59 56.25
CA TYR WA 328 -45.29 168.17 55.36
C TYR WA 328 -45.17 167.39 54.06
N LEU WA 329 -44.52 168.02 53.08
CA LEU WA 329 -44.29 167.43 51.77
C LEU WA 329 -42.80 167.41 51.42
N SER WA 330 -42.39 166.35 50.75
CA SER WA 330 -41.03 166.13 50.29
C SER WA 330 -41.11 165.47 48.92
N GLY WA 331 -40.00 165.44 48.21
CA GLY WA 331 -40.07 164.89 46.87
C GLY WA 331 -40.44 165.95 45.83
N GLY WA 332 -39.85 165.80 44.65
CA GLY WA 332 -40.05 166.81 43.62
C GLY WA 332 -41.45 166.82 43.05
N THR WA 333 -42.14 165.67 43.09
CA THR WA 333 -43.52 165.61 42.63
C THR WA 333 -44.42 166.52 43.44
N ALA WA 334 -44.07 166.79 44.69
CA ALA WA 334 -44.76 167.78 45.50
C ALA WA 334 -44.79 169.15 44.84
N LYS WA 335 -43.70 169.55 44.19
CA LYS WA 335 -43.52 170.90 43.70
C LYS WA 335 -44.46 171.27 42.56
N ILE WA 336 -45.38 170.38 42.20
CA ILE WA 336 -46.41 170.71 41.22
C ILE WA 336 -47.10 171.98 41.71
N PRO WA 337 -47.17 173.01 40.88
CA PRO WA 337 -47.77 174.28 41.32
C PRO WA 337 -49.19 174.09 41.84
N ALA WA 338 -49.42 174.62 43.05
CA ALA WA 338 -50.70 174.65 43.74
C ALA WA 338 -51.08 173.32 44.38
N LEU WA 339 -50.30 172.25 44.12
CA LEU WA 339 -50.65 170.93 44.63
C LEU WA 339 -50.79 170.92 46.14
N PHE WA 340 -50.05 171.80 46.83
CA PHE WA 340 -50.09 171.82 48.29
C PHE WA 340 -51.43 172.35 48.78
N LYS WA 341 -51.92 173.42 48.15
CA LYS WA 341 -53.23 173.94 48.48
C LYS WA 341 -54.32 172.92 48.16
N THR WA 342 -54.18 172.22 47.04
CA THR WA 342 -55.16 171.21 46.66
C THR WA 342 -55.21 170.09 47.69
N ILE WA 343 -54.05 169.53 48.04
CA ILE WA 343 -54.02 168.47 49.05
C ILE WA 343 -54.54 168.98 50.39
N GLU WA 344 -54.23 170.24 50.71
CA GLU WA 344 -54.69 170.81 51.97
C GLU WA 344 -56.21 170.85 52.03
N ALA WA 345 -56.84 171.37 50.97
CA ALA WA 345 -58.30 171.47 50.97
C ALA WA 345 -58.98 170.12 50.81
N ARG WA 346 -58.34 169.20 50.10
CA ARG WA 346 -58.95 167.92 49.76
C ARG WA 346 -58.81 166.87 50.85
N THR WA 347 -57.72 166.88 51.60
CA THR WA 347 -57.52 165.89 52.65
C THR WA 347 -57.93 166.39 54.04
N GLY WA 348 -58.30 167.65 54.16
CA GLY WA 348 -58.62 168.20 55.47
C GLY WA 348 -57.43 168.29 56.40
N VAL WA 349 -56.23 168.47 55.84
CA VAL WA 349 -55.04 168.60 56.67
C VAL WA 349 -54.17 169.73 56.11
N PRO WA 350 -53.65 170.61 56.95
CA PRO WA 350 -52.65 171.57 56.47
C PRO WA 350 -51.35 170.89 56.03
N VAL WA 351 -51.15 170.88 54.71
CA VAL WA 351 -49.99 170.27 54.06
C VAL WA 351 -49.01 171.36 53.66
N GLU WA 352 -47.79 171.30 54.20
CA GLU WA 352 -46.82 172.36 53.95
C GLU WA 352 -45.48 171.79 53.46
N ILE WA 353 -44.89 172.50 52.49
CA ILE WA 353 -43.50 172.28 52.19
C ILE WA 353 -42.67 172.56 53.43
N LEU WA 354 -41.50 171.93 53.50
CA LEU WA 354 -40.61 172.15 54.62
C LEU WA 354 -39.17 172.13 54.12
N ASN WA 355 -38.33 172.92 54.79
CA ASN WA 355 -36.92 173.00 54.45
C ASN WA 355 -36.16 171.99 55.30
N PRO WA 356 -35.71 170.86 54.74
CA PRO WA 356 -34.83 169.98 55.52
C PRO WA 356 -33.58 170.68 56.02
N PHE WA 357 -32.92 171.47 55.18
CA PHE WA 357 -31.58 171.95 55.47
C PHE WA 357 -31.48 172.73 56.79
N ARG WA 358 -32.59 172.99 57.48
CA ARG WA 358 -32.52 173.69 58.76
C ARG WA 358 -31.87 172.85 59.85
N LYS WA 359 -31.77 171.53 59.64
CA LYS WA 359 -31.12 170.61 60.58
C LYS WA 359 -29.61 170.65 60.51
N ILE WA 360 -29.02 171.33 59.52
CA ILE WA 360 -27.60 171.33 59.30
C ILE WA 360 -27.11 172.76 59.15
N GLU WA 361 -25.88 173.01 59.56
CA GLU WA 361 -25.29 174.33 59.38
C GLU WA 361 -24.95 174.55 57.91
N VAL WA 362 -25.26 175.74 57.41
CA VAL WA 362 -25.06 176.08 56.01
C VAL WA 362 -24.26 177.38 55.97
N ASP WA 363 -23.05 177.31 55.40
CA ASP WA 363 -22.20 178.48 55.24
C ASP WA 363 -22.74 179.32 54.08
N ASN WA 364 -23.17 180.55 54.39
CA ASN WA 364 -23.78 181.41 53.38
C ASN WA 364 -22.79 181.80 52.29
N ARG WA 365 -21.48 181.68 52.56
CA ARG WA 365 -20.48 182.01 51.55
C ARG WA 365 -20.30 180.88 50.54
N LYS WA 366 -20.78 179.68 50.83
CA LYS WA 366 -20.66 178.56 49.90
C LYS WA 366 -21.99 178.11 49.31
N PHE WA 367 -23.10 178.51 49.94
CA PHE WA 367 -24.44 178.21 49.48
C PHE WA 367 -25.36 179.36 49.86
N ASP WA 368 -26.21 179.76 48.94
CA ASP WA 368 -27.20 180.80 49.22
C ASP WA 368 -28.50 180.13 49.63
N PRO WA 369 -29.15 180.56 50.73
CA PRO WA 369 -30.32 179.82 51.22
C PRO WA 369 -31.48 179.72 50.23
N ALA WA 370 -31.59 180.63 49.27
CA ALA WA 370 -32.77 180.62 48.40
C ALA WA 370 -32.88 179.33 47.59
N PHE WA 371 -31.87 179.01 46.80
CA PHE WA 371 -31.92 177.78 45.99
C PHE WA 371 -31.96 176.55 46.89
N VAL WA 372 -31.02 176.46 47.83
CA VAL WA 372 -31.04 175.39 48.84
C VAL WA 372 -32.47 175.08 49.27
N MET WA 373 -33.22 176.14 49.56
CA MET WA 373 -34.67 176.00 49.77
C MET WA 373 -35.35 175.45 48.53
N ASP WA 374 -34.93 175.89 47.34
CA ASP WA 374 -35.62 175.53 46.11
C ASP WA 374 -35.57 174.01 45.85
N VAL WA 375 -34.42 173.38 46.07
CA VAL WA 375 -34.28 171.93 45.88
C VAL WA 375 -34.41 171.17 47.20
N ALA WA 376 -34.79 171.82 48.29
CA ALA WA 376 -35.05 171.10 49.53
C ALA WA 376 -35.95 169.87 49.36
N PRO WA 377 -37.12 169.93 48.68
CA PRO WA 377 -37.97 168.73 48.59
C PRO WA 377 -37.30 167.55 47.90
N MET WA 378 -36.64 167.77 46.75
CA MET WA 378 -35.91 166.67 46.12
C MET WA 378 -34.84 166.11 47.04
N ALA WA 379 -34.16 166.96 47.80
CA ALA WA 379 -32.97 166.56 48.53
C ALA WA 379 -33.26 166.08 49.95
N ALA WA 380 -34.52 166.05 50.39
CA ALA WA 380 -34.80 165.68 51.77
C ALA WA 380 -34.19 164.33 52.15
N VAL WA 381 -34.38 163.31 51.32
CA VAL WA 381 -33.81 162.00 51.63
C VAL WA 381 -32.28 162.05 51.50
N ALA WA 382 -31.81 162.74 50.45
CA ALA WA 382 -30.40 162.98 50.08
C ALA WA 382 -29.60 163.59 51.20
N VAL WA 383 -30.24 164.33 52.10
CA VAL WA 383 -29.59 164.68 53.34
C VAL WA 383 -30.12 163.81 54.48
N GLY WA 384 -31.11 162.95 54.20
CA GLY WA 384 -31.62 162.04 55.22
C GLY WA 384 -30.61 160.99 55.64
N LEU WA 385 -30.40 159.98 54.79
CA LEU WA 385 -29.39 159.00 55.19
C LEU WA 385 -28.03 159.68 55.36
N ALA WA 386 -27.97 160.98 55.07
CA ALA WA 386 -26.79 161.80 55.25
C ALA WA 386 -26.55 162.17 56.69
N LEU WA 387 -27.59 162.57 57.42
CA LEU WA 387 -27.39 162.62 58.86
C LEU WA 387 -27.24 161.22 59.44
N ARG WA 388 -27.77 160.21 58.74
CA ARG WA 388 -27.47 158.84 59.17
C ARG WA 388 -25.97 158.53 59.09
N ARG WA 389 -25.24 159.21 58.21
CA ARG WA 389 -23.86 158.78 57.99
C ARG WA 389 -22.80 159.37 58.93
N PRO WA 390 -23.03 160.48 59.64
CA PRO WA 390 -22.09 160.82 60.71
C PRO WA 390 -22.70 160.50 62.06
N GLY WA 391 -23.65 159.57 62.06
CA GLY WA 391 -24.31 159.17 63.28
C GLY WA 391 -23.35 158.43 64.18
N MET XA 1 -4.13 172.69 33.80
CA MET XA 1 -4.30 172.23 32.42
C MET XA 1 -3.92 170.75 32.28
N MET XA 2 -4.68 170.02 31.45
CA MET XA 2 -4.49 168.60 31.27
C MET XA 2 -3.65 168.33 30.03
N ILE XA 3 -2.58 167.54 30.19
CA ILE XA 3 -1.70 167.19 29.09
C ILE XA 3 -1.75 165.67 28.93
N ARG XA 4 -2.37 165.21 27.86
CA ARG XA 4 -2.61 163.80 27.61
C ARG XA 4 -1.89 163.34 26.35
N ILE XA 5 -1.58 162.05 26.31
CA ILE XA 5 -0.85 161.49 25.18
C ILE XA 5 -1.19 160.01 24.99
N ASN XA 6 -2.17 159.75 24.12
CA ASN XA 6 -2.55 158.38 23.76
C ASN XA 6 -1.53 157.71 22.84
N LEU XA 7 -0.37 158.30 22.62
CA LEU XA 7 0.63 157.60 21.83
C LEU XA 7 1.07 156.35 22.57
N LEU XA 8 0.74 155.20 21.96
CA LEU XA 8 0.89 153.78 22.33
C LEU XA 8 1.79 153.45 23.51
N PRO XA 9 1.22 153.11 24.67
CA PRO XA 9 1.99 152.33 25.65
C PRO XA 9 1.52 150.86 25.76
N VAL XA 10 0.57 150.56 26.66
CA VAL XA 10 0.33 149.23 27.27
C VAL XA 10 0.04 147.99 26.41
N ARG XA 11 -0.86 148.06 25.44
CA ARG XA 11 -1.26 146.79 24.83
C ARG XA 11 -0.17 146.25 23.93
N ALA XA 12 0.41 147.11 23.08
CA ALA XA 12 1.60 146.73 22.34
C ALA XA 12 2.69 146.25 23.29
N VAL XA 13 2.91 146.97 24.39
CA VAL XA 13 3.97 146.58 25.32
C VAL XA 13 3.74 145.17 25.85
N LYS XA 14 2.50 144.87 26.22
CA LYS XA 14 2.17 143.54 26.72
C LYS XA 14 2.38 142.50 25.63
N LYS XA 15 2.14 142.90 24.37
CA LYS XA 15 2.28 141.96 23.25
C LYS XA 15 3.75 141.76 22.88
N ARG XA 16 4.56 142.81 23.00
CA ARG XA 16 5.99 142.69 22.78
C ARG XA 16 6.62 141.83 23.86
N GLU XA 17 6.10 141.93 25.08
CA GLU XA 17 6.59 141.09 26.17
C GLU XA 17 6.19 139.63 25.96
N MET XA 18 4.90 139.36 25.72
CA MET XA 18 4.48 138.00 25.41
C MET XA 18 5.26 137.45 24.23
N GLY XA 19 5.48 138.28 23.21
CA GLY XA 19 6.32 137.88 22.10
C GLY XA 19 7.72 137.49 22.52
N ARG XA 20 8.29 138.20 23.49
CA ARG XA 20 9.60 137.80 23.99
C ARG XA 20 9.54 136.45 24.70
N GLN XA 21 8.56 136.28 25.61
CA GLN XA 21 8.52 135.10 26.45
C GLN XA 21 8.30 133.84 25.63
N VAL XA 22 7.39 133.89 24.64
CA VAL XA 22 7.16 132.72 23.79
C VAL XA 22 8.45 132.28 23.11
N LEU XA 23 9.26 133.25 22.65
CA LEU XA 23 10.51 132.92 21.99
C LEU XA 23 11.55 132.36 22.95
N VAL XA 24 11.63 132.90 24.18
CA VAL XA 24 12.54 132.29 25.16
C VAL XA 24 12.15 130.84 25.41
N LEU XA 25 10.85 130.57 25.55
CA LEU XA 25 10.41 129.19 25.76
C LEU XA 25 10.81 128.29 24.59
N PHE XA 26 10.59 128.77 23.36
CA PHE XA 26 11.10 128.06 22.18
C PHE XA 26 12.57 127.74 22.33
N ALA XA 27 13.37 128.75 22.68
CA ALA XA 27 14.82 128.56 22.79
C ALA XA 27 15.17 127.48 23.82
N VAL XA 28 14.51 127.52 24.99
CA VAL XA 28 14.81 126.55 26.04
C VAL XA 28 14.47 125.14 25.58
N VAL XA 29 13.27 124.95 25.02
CA VAL XA 29 12.89 123.62 24.54
C VAL XA 29 13.89 123.12 23.50
N LEU XA 30 14.31 123.99 22.58
CA LEU XA 30 15.20 123.55 21.51
C LEU XA 30 16.62 123.27 22.03
N ILE XA 31 17.05 123.95 23.09
CA ILE XA 31 18.35 123.63 23.68
C ILE XA 31 18.28 122.27 24.37
N GLY XA 32 17.19 122.01 25.11
CA GLY XA 32 17.03 120.70 25.71
C GLY XA 32 17.01 119.58 24.69
N ALA XA 33 16.13 119.68 23.70
CA ALA XA 33 16.09 118.70 22.62
C ALA XA 33 17.46 118.53 21.97
N GLY XA 34 18.18 119.65 21.78
CA GLY XA 34 19.56 119.56 21.34
C GLY XA 34 20.38 118.61 22.20
N VAL XA 35 20.41 118.86 23.51
CA VAL XA 35 21.20 118.05 24.44
C VAL XA 35 20.82 116.58 24.36
N ALA XA 36 19.52 116.28 24.21
CA ALA XA 36 19.10 114.90 23.98
C ALA XA 36 19.75 114.32 22.73
N ASN XA 37 19.60 115.01 21.59
CA ASN XA 37 20.18 114.54 20.33
C ASN XA 37 21.67 114.26 20.49
N TYR XA 38 22.39 115.18 21.14
CA TYR XA 38 23.75 114.90 21.57
C TYR XA 38 23.80 113.57 22.32
N LEU XA 39 23.64 113.60 23.65
CA LEU XA 39 23.80 112.39 24.47
C LEU XA 39 23.52 111.10 23.70
N TRP XA 40 22.45 111.09 22.90
CA TRP XA 40 22.20 109.98 21.97
C TRP XA 40 23.41 109.73 21.07
N TYR XA 41 23.92 110.79 20.40
CA TYR XA 41 25.06 110.61 19.50
C TYR XA 41 26.23 109.90 20.17
N ASP XA 42 26.43 110.17 21.47
CA ASP XA 42 27.56 109.60 22.19
C ASP XA 42 27.36 108.13 22.48
N ASP XA 43 26.16 107.77 22.98
CA ASP XA 43 25.89 106.34 23.13
C ASP XA 43 26.03 105.60 21.80
N ARG XA 44 25.75 106.28 20.68
CA ARG XA 44 25.87 105.64 19.38
C ARG XA 44 27.33 105.46 18.97
N GLN XA 45 28.19 106.43 19.28
CA GLN XA 45 29.60 106.27 18.97
C GLN XA 45 30.24 105.18 19.83
N SER XA 46 29.84 105.10 21.10
CA SER XA 46 30.30 103.99 21.93
C SER XA 46 29.89 102.64 21.33
N GLU XA 47 28.61 102.51 20.95
CA GLU XA 47 28.16 101.26 20.34
C GLU XA 47 28.96 100.95 19.08
N LEU XA 48 29.24 101.98 18.26
CA LEU XA 48 30.02 101.75 17.05
C LEU XA 48 31.42 101.23 17.37
N GLU XA 49 32.03 101.74 18.44
CA GLU XA 49 33.36 101.29 18.80
C GLU XA 49 33.34 99.84 19.29
N ALA XA 50 32.37 99.50 20.14
CA ALA XA 50 32.20 98.11 20.55
C ALA XA 50 32.05 97.19 19.34
N HIS XA 51 31.25 97.62 18.36
CA HIS XA 51 30.96 96.76 17.22
C HIS XA 51 32.16 96.62 16.29
N GLN XA 52 32.94 97.69 16.14
CA GLN XA 52 34.15 97.57 15.33
C GLN XA 52 35.17 96.68 16.02
N ALA XA 53 35.20 96.71 17.36
CA ALA XA 53 35.99 95.72 18.10
C ALA XA 53 35.54 94.30 17.76
N GLY XA 54 34.22 94.07 17.77
CA GLY XA 54 33.72 92.75 17.38
C GLY XA 54 34.12 92.35 15.98
N VAL XA 55 34.04 93.30 15.03
CA VAL XA 55 34.40 93.00 13.64
C VAL XA 55 35.87 92.62 13.54
N ALA XA 56 36.74 93.37 14.22
CA ALA XA 56 38.13 92.95 14.34
C ALA XA 56 38.24 91.53 14.87
N SER XA 57 37.40 91.17 15.85
CA SER XA 57 37.42 89.81 16.37
C SER XA 57 36.97 88.79 15.33
N THR XA 58 36.18 89.20 14.34
CA THR XA 58 35.97 88.34 13.18
C THR XA 58 37.25 88.23 12.35
N LYS XA 59 37.74 89.35 11.84
CA LYS XA 59 38.85 89.33 10.89
C LYS XA 59 40.09 88.64 11.45
N ALA XA 60 40.21 88.53 12.77
CA ALA XA 60 41.30 87.75 13.36
C ALA XA 60 41.09 86.25 13.11
N ARG XA 61 40.00 85.70 13.64
CA ARG XA 61 39.83 84.25 13.60
C ARG XA 61 39.52 83.73 12.21
N ILE XA 62 38.91 84.54 11.34
CA ILE XA 62 38.79 84.13 9.94
C ILE XA 62 40.17 83.91 9.32
N ALA XA 63 41.11 84.82 9.61
CA ALA XA 63 42.49 84.63 9.16
C ALA XA 63 43.08 83.35 9.75
N GLU XA 64 42.91 83.17 11.06
CA GLU XA 64 43.30 81.91 11.69
C GLU XA 64 42.81 80.71 10.90
N LEU XA 65 41.59 80.79 10.38
CA LEU XA 65 40.96 79.62 9.76
C LEU XA 65 41.39 79.44 8.31
N GLU XA 66 41.62 80.54 7.60
CA GLU XA 66 42.23 80.45 6.28
C GLU XA 66 43.60 79.81 6.37
N LYS XA 67 44.34 80.10 7.44
CA LYS XA 67 45.64 79.47 7.62
C LYS XA 67 45.51 78.00 7.98
N ILE XA 68 44.61 77.68 8.93
CA ILE XA 68 44.48 76.29 9.38
C ILE XA 68 43.96 75.40 8.24
N ILE XA 69 43.09 75.95 7.38
CA ILE XA 69 42.63 75.18 6.22
C ILE XA 69 43.68 75.14 5.13
N GLY XA 70 44.48 76.21 4.99
CA GLY XA 70 45.64 76.13 4.12
C GLY XA 70 46.53 74.96 4.48
N GLU XA 71 46.78 74.77 5.78
CA GLU XA 71 47.41 73.56 6.25
C GLU XA 71 46.63 72.34 5.80
N VAL XA 72 45.37 72.19 6.25
CA VAL XA 72 44.62 70.95 6.01
C VAL XA 72 44.64 70.54 4.54
N LYS XA 73 44.72 71.50 3.63
CA LYS XA 73 44.77 71.16 2.21
C LYS XA 73 46.18 70.82 1.75
N ASN XA 74 47.15 71.73 2.02
CA ASN XA 74 48.57 71.40 1.84
C ASN XA 74 48.84 69.96 2.23
N ILE XA 75 48.35 69.57 3.41
CA ILE XA 75 48.20 68.23 3.94
C ILE XA 75 47.59 67.25 2.95
N ASN XA 76 46.27 67.38 2.72
CA ASN XA 76 45.50 66.29 2.13
C ASN XA 76 46.04 65.91 0.77
N THR XA 77 46.62 66.86 0.05
CA THR XA 77 47.13 66.49 -1.27
C THR XA 77 48.46 65.74 -1.19
N ARG XA 78 49.29 66.01 -0.17
CA ARG XA 78 50.55 65.31 -0.04
C ARG XA 78 50.37 63.87 0.44
N LYS XA 79 49.28 63.59 1.14
CA LYS XA 79 48.98 62.24 1.62
C LYS XA 79 48.80 61.27 0.47
N ALA XA 80 48.01 61.67 -0.54
CA ALA XA 80 47.72 60.81 -1.68
C ALA XA 80 48.96 60.51 -2.51
N GLU XA 81 50.06 61.25 -2.28
CA GLU XA 81 51.30 60.93 -2.98
C GLU XA 81 52.25 60.12 -2.11
N VAL XA 82 52.35 60.45 -0.82
CA VAL XA 82 53.09 59.54 0.07
C VAL XA 82 52.51 58.15 -0.04
N GLU XA 83 51.25 57.99 0.37
CA GLU XA 83 50.35 56.93 -0.09
C GLU XA 83 50.94 56.06 -1.20
N LYS XA 84 51.00 56.60 -2.40
CA LYS XA 84 51.20 55.80 -3.61
C LYS XA 84 52.69 55.51 -3.84
N LYS XA 85 53.55 56.51 -3.60
CA LYS XA 85 55.00 56.25 -3.53
C LYS XA 85 55.29 55.02 -2.68
N LEU XA 86 54.66 54.90 -1.51
CA LEU XA 86 54.97 53.82 -0.59
C LEU XA 86 54.35 52.50 -1.03
N ALA XA 87 53.13 52.54 -1.57
CA ALA XA 87 52.64 51.31 -2.19
C ALA XA 87 53.64 50.77 -3.21
N VAL XA 88 54.23 51.67 -4.01
CA VAL XA 88 55.34 51.30 -4.87
C VAL XA 88 56.48 50.70 -4.05
N LEU XA 89 56.84 51.35 -2.94
CA LEU XA 89 57.99 50.90 -2.15
C LEU XA 89 57.79 49.50 -1.60
N ASP XA 90 56.55 49.15 -1.24
CA ASP XA 90 56.25 47.83 -0.72
C ASP XA 90 56.16 46.80 -1.84
N ALA XA 91 55.86 47.23 -3.06
CA ALA XA 91 56.07 46.32 -4.19
C ALA XA 91 57.56 46.07 -4.41
N LEU XA 92 58.40 47.09 -4.20
CA LEU XA 92 59.82 46.98 -4.51
C LEU XA 92 60.58 46.18 -3.46
N ARG XA 93 60.26 46.35 -2.18
CA ARG XA 93 60.87 45.49 -1.17
C ARG XA 93 60.55 44.02 -1.45
N LYS XA 94 59.36 43.76 -2.00
CA LYS XA 94 59.03 42.42 -2.46
C LYS XA 94 59.81 42.08 -3.72
N GLY XA 95 60.21 43.10 -4.49
CA GLY XA 95 61.08 42.93 -5.64
C GLY XA 95 62.56 42.77 -5.31
N ARG XA 96 62.93 42.93 -4.04
CA ARG XA 96 64.29 42.63 -3.59
C ARG XA 96 64.36 41.41 -2.69
N SER XA 97 63.27 41.10 -1.99
CA SER XA 97 63.11 39.78 -1.38
C SER XA 97 62.97 38.71 -2.45
N GLY XA 98 62.23 39.03 -3.52
CA GLY XA 98 61.94 38.13 -4.61
C GLY XA 98 63.14 37.34 -5.09
N PRO XA 99 64.15 38.05 -5.61
CA PRO XA 99 65.36 37.39 -6.10
C PRO XA 99 66.13 36.61 -5.05
N VAL XA 100 65.59 36.44 -3.85
CA VAL XA 100 66.36 35.97 -2.71
C VAL XA 100 65.56 34.98 -1.88
N ARG XA 101 65.97 33.70 -1.93
CA ARG XA 101 66.13 32.86 -0.72
C ARG XA 101 65.43 31.51 -0.67
N MET XA 102 64.59 31.38 0.35
CA MET XA 102 64.63 30.26 1.30
C MET XA 102 65.61 29.17 0.91
N MET XA 103 66.70 29.14 1.67
CA MET XA 103 67.58 28.03 2.02
C MET XA 103 69.02 28.40 1.75
N ASP XA 104 69.83 28.35 2.80
CA ASP XA 104 71.17 28.87 2.75
C ASP XA 104 72.09 27.86 2.08
N ALA XA 105 73.00 28.38 1.25
CA ALA XA 105 73.88 27.53 0.46
C ALA XA 105 75.15 28.31 0.19
N LEU XA 106 76.12 27.61 -0.38
CA LEU XA 106 77.37 28.21 -0.82
C LEU XA 106 77.54 27.79 -2.28
N ALA XA 107 76.99 28.59 -3.19
CA ALA XA 107 77.02 28.29 -4.60
C ALA XA 107 77.31 29.56 -5.38
N SER XA 108 78.19 29.44 -6.38
CA SER XA 108 78.48 30.54 -7.29
C SER XA 108 77.23 30.86 -8.12
N ALA XA 109 76.89 29.97 -9.04
CA ALA XA 109 75.65 30.07 -9.80
C ALA XA 109 74.64 29.07 -9.26
N THR XA 110 73.37 29.47 -9.27
CA THR XA 110 72.28 28.63 -8.78
C THR XA 110 71.44 28.13 -9.94
N PRO XA 111 71.22 26.82 -10.06
CA PRO XA 111 70.52 26.30 -11.24
C PRO XA 111 69.06 26.76 -11.38
N LYS XA 112 68.39 27.09 -10.29
CA LYS XA 112 67.00 27.56 -10.35
C LYS XA 112 66.94 29.06 -10.16
N LYS XA 113 65.80 29.65 -10.54
CA LYS XA 113 65.59 31.08 -10.35
C LYS XA 113 65.89 31.49 -8.92
N VAL XA 114 65.26 30.81 -7.97
CA VAL XA 114 65.41 31.03 -6.54
C VAL XA 114 65.95 29.74 -5.95
N TRP XA 115 66.40 29.80 -4.70
CA TRP XA 115 66.77 28.56 -4.03
C TRP XA 115 65.54 27.82 -3.54
N VAL XA 116 65.73 26.55 -3.24
CA VAL XA 116 64.67 25.67 -2.79
C VAL XA 116 65.32 24.77 -1.74
N LYS XA 117 64.58 23.78 -1.26
CA LYS XA 117 65.08 22.98 -0.15
C LYS XA 117 65.60 21.63 -0.62
N THR XA 118 64.72 20.64 -0.74
CA THR XA 118 65.14 19.28 -1.04
C THR XA 118 64.76 18.90 -2.46
N PHE XA 119 65.49 17.93 -3.02
CA PHE XA 119 65.27 17.41 -4.36
C PHE XA 119 65.51 15.90 -4.29
N SER XA 120 64.50 15.11 -4.62
CA SER XA 120 64.65 13.65 -4.57
C SER XA 120 63.96 13.03 -5.77
N GLU XA 121 64.70 12.26 -6.55
CA GLU XA 121 64.23 11.74 -7.83
C GLU XA 121 64.12 10.23 -7.80
N ASN XA 122 63.58 9.67 -8.90
CA ASN XA 122 63.50 8.22 -9.07
C ASN XA 122 63.55 7.82 -10.53
N ASN XA 123 64.16 8.65 -11.39
CA ASN XA 123 64.33 8.38 -12.82
C ASN XA 123 63.00 8.25 -13.55
N ASN XA 124 61.90 8.65 -12.92
CA ASN XA 124 60.63 8.79 -13.62
C ASN XA 124 59.96 10.08 -13.19
N ALA XA 125 60.10 10.40 -11.90
CA ALA XA 125 59.55 11.62 -11.34
C ALA XA 125 60.53 12.17 -10.31
N VAL XA 126 60.43 13.48 -10.08
CA VAL XA 126 61.19 14.16 -9.05
C VAL XA 126 60.18 14.74 -8.06
N SER XA 127 60.28 14.32 -6.81
CA SER XA 127 59.56 14.94 -5.73
C SER XA 127 60.48 16.01 -5.13
N ILE XA 128 60.06 17.26 -5.20
CA ILE XA 128 60.89 18.36 -4.75
C ILE XA 128 60.23 19.00 -3.55
N ASP XA 129 61.01 19.83 -2.87
CA ASP XA 129 60.61 20.50 -1.64
C ASP XA 129 61.24 21.88 -1.71
N GLY XA 130 60.43 22.93 -1.66
CA GLY XA 130 61.05 24.23 -1.78
C GLY XA 130 60.38 25.35 -1.04
N SER XA 131 60.68 26.57 -1.48
CA SER XA 131 60.05 27.76 -0.95
C SER XA 131 60.23 28.89 -1.95
N ALA XA 132 59.30 29.84 -1.97
CA ALA XA 132 59.33 30.95 -2.91
C ALA XA 132 58.92 32.22 -2.17
N VAL XA 133 58.98 33.35 -2.88
CA VAL XA 133 58.86 34.63 -2.20
C VAL XA 133 57.41 34.93 -1.83
N SER XA 134 56.45 34.44 -2.63
CA SER XA 134 55.07 34.86 -2.42
C SER XA 134 54.16 34.02 -3.31
N HIS XA 135 52.91 34.46 -3.44
CA HIS XA 135 51.90 33.90 -4.31
C HIS XA 135 52.22 34.22 -5.77
N ASP XA 136 53.39 34.79 -6.00
CA ASP XA 136 53.81 35.27 -7.30
C ASP XA 136 54.95 34.46 -7.89
N GLU XA 137 56.10 34.41 -7.22
CA GLU XA 137 57.21 33.64 -7.74
C GLU XA 137 56.95 32.14 -7.70
N VAL XA 138 56.14 31.66 -6.76
CA VAL XA 138 55.69 30.27 -6.83
C VAL XA 138 54.69 30.10 -7.96
N ALA XA 139 53.96 31.17 -8.31
CA ALA XA 139 53.08 31.12 -9.47
C ALA XA 139 53.88 31.19 -10.76
N GLU XA 140 54.93 32.02 -10.80
CA GLU XA 140 55.83 32.02 -11.95
C GLU XA 140 56.46 30.64 -12.13
N PHE XA 141 56.97 30.06 -11.05
CA PHE XA 141 57.62 28.76 -11.11
C PHE XA 141 56.63 27.67 -11.53
N MET XA 142 55.43 27.67 -10.95
CA MET XA 142 54.46 26.63 -11.27
C MET XA 142 53.95 26.78 -12.71
N ARG XA 143 53.83 28.02 -13.19
CA ARG XA 143 53.45 28.24 -14.57
C ARG XA 143 54.52 27.73 -15.51
N GLY XA 144 55.79 27.97 -15.19
CA GLY XA 144 56.89 27.51 -16.03
C GLY XA 144 56.90 26.01 -16.25
N LEU XA 145 56.13 25.25 -15.48
CA LEU XA 145 56.08 23.80 -15.61
C LEU XA 145 54.80 23.32 -16.26
N ASN XA 146 53.80 23.03 -15.43
CA ASN XA 146 52.59 22.38 -15.90
C ASN XA 146 51.52 22.46 -14.81
N GLY XA 147 50.30 22.11 -15.21
CA GLY XA 147 49.13 22.16 -14.36
C GLY XA 147 48.16 21.07 -14.78
N VAL XA 148 47.67 20.31 -13.81
CA VAL XA 148 47.12 18.99 -14.08
C VAL XA 148 45.93 18.72 -13.15
N VAL XA 149 44.94 18.01 -13.68
CA VAL XA 149 43.86 17.46 -12.88
C VAL XA 149 44.27 16.02 -12.55
N TRP XA 150 44.72 15.81 -11.32
CA TRP XA 150 45.15 14.49 -10.89
C TRP XA 150 43.98 13.74 -10.27
N THR XA 151 43.99 12.40 -10.44
CA THR XA 151 42.83 11.63 -10.02
C THR XA 151 43.24 10.41 -9.19
N PRO XA 152 43.25 9.13 -9.70
CA PRO XA 152 43.31 8.03 -8.74
C PRO XA 152 44.70 7.83 -8.17
N LYS XA 153 44.90 8.24 -6.92
CA LYS XA 153 46.22 8.20 -6.32
C LYS XA 153 46.46 6.85 -5.65
N GLY XA 154 47.68 6.34 -5.79
CA GLY XA 154 48.07 5.12 -5.11
C GLY XA 154 48.89 5.38 -3.87
N MET XA 155 48.55 4.73 -2.77
CA MET XA 155 49.29 4.92 -1.53
C MET XA 155 50.40 3.86 -1.44
N GLY XA 156 51.58 4.29 -1.02
CA GLY XA 156 52.74 3.42 -1.01
C GLY XA 156 53.63 3.71 0.18
N ARG XA 157 54.43 2.71 0.54
CA ARG XA 157 55.18 2.69 1.79
C ARG XA 157 56.09 3.90 1.99
N LEU XA 158 56.47 4.58 0.89
CA LEU XA 158 57.26 5.79 1.03
C LEU XA 158 56.48 6.93 1.68
N VAL XA 159 55.18 7.05 1.38
CA VAL XA 159 54.33 7.99 2.09
C VAL XA 159 54.44 7.79 3.59
N ASP XA 160 54.24 6.54 4.04
CA ASP XA 160 54.27 6.27 5.47
C ASP XA 160 55.67 6.44 6.05
N ARG XA 161 56.71 6.19 5.24
CA ARG XA 161 58.06 6.50 5.66
C ARG XA 161 58.26 8.00 5.81
N ARG XA 162 57.43 8.80 5.14
CA ARG XA 162 57.41 10.24 5.40
C ARG XA 162 56.65 10.56 6.67
N ARG XA 163 55.51 9.90 6.88
CA ARG XA 163 54.81 10.05 8.16
C ARG XA 163 55.65 9.50 9.30
N ASP XA 164 56.48 8.49 9.04
CA ASP XA 164 57.33 7.92 10.09
C ASP XA 164 58.51 8.82 10.43
N SER XA 165 58.78 9.86 9.61
CA SER XA 165 60.02 10.63 9.56
C SER XA 165 61.20 9.78 9.10
N LYS XA 166 60.94 8.53 8.69
CA LYS XA 166 62.02 7.56 8.49
C LYS XA 166 62.87 7.85 7.26
N THR XA 167 62.35 8.62 6.31
CA THR XA 167 63.10 9.13 5.15
C THR XA 167 63.17 10.65 5.36
N ALA XA 168 64.37 11.17 5.61
CA ALA XA 168 64.53 12.55 6.06
C ALA XA 168 64.05 13.55 5.01
N ARG XA 169 63.00 14.29 5.34
CA ARG XA 169 62.71 15.55 4.66
C ARG XA 169 62.12 16.57 5.63
N VAL XA 170 61.30 17.47 5.11
CA VAL XA 170 60.65 18.48 5.93
C VAL XA 170 59.13 18.32 5.92
N GLU XA 171 58.55 18.07 7.09
CA GLU XA 171 57.17 17.61 7.18
C GLU XA 171 56.16 18.74 7.34
N MET XA 172 56.50 19.92 6.87
CA MET XA 172 55.49 20.81 6.38
C MET XA 172 54.81 20.23 5.15
N LEU XA 173 55.39 19.21 4.54
CA LEU XA 173 54.99 18.83 3.20
C LEU XA 173 53.89 17.78 3.23
N THR XA 174 52.96 17.90 2.29
CA THR XA 174 52.14 16.77 1.95
C THR XA 174 53.03 15.66 1.38
N SER XA 175 52.45 14.47 1.24
CA SER XA 175 53.26 13.30 0.93
C SER XA 175 53.20 12.93 -0.55
N ASP XA 176 53.32 11.62 -0.83
CA ASP XA 176 52.87 11.01 -2.08
C ASP XA 176 53.83 11.22 -3.25
N ALA XA 177 53.66 10.40 -4.28
CA ALA XA 177 54.38 10.51 -5.55
C ALA XA 177 53.92 9.44 -6.55
N THR XA 178 52.63 9.11 -6.54
CA THR XA 178 52.11 8.06 -7.44
C THR XA 178 50.65 8.36 -7.73
N ILE XA 179 50.32 8.59 -9.01
CA ILE XA 179 48.97 8.97 -9.40
C ILE XA 179 48.81 8.90 -10.92
N GLU XA 180 47.74 9.52 -11.44
CA GLU XA 180 47.42 9.55 -12.86
C GLU XA 180 46.91 10.95 -13.20
N GLU XA 181 47.45 11.53 -14.28
CA GLU XA 181 47.44 12.98 -14.45
C GLU XA 181 46.77 13.38 -15.75
N PHE XA 182 45.92 14.38 -15.67
CA PHE XA 182 45.31 14.98 -16.85
C PHE XA 182 45.73 16.42 -16.98
N PRO XA 183 46.14 16.86 -18.16
CA PRO XA 183 46.67 18.21 -18.31
C PRO XA 183 45.56 19.26 -18.23
N GLU XA 184 45.81 20.30 -17.44
CA GLU XA 184 44.97 21.49 -17.46
C GLU XA 184 45.62 22.61 -18.28
N ALA XA 185 46.85 22.98 -17.91
CA ALA XA 185 47.63 23.97 -18.62
C ALA XA 185 49.08 23.51 -18.57
N GLN XA 186 49.94 24.14 -19.38
CA GLN XA 186 51.23 23.57 -19.75
C GLN XA 186 52.13 24.70 -20.25
N VAL XA 187 53.41 24.70 -19.91
CA VAL XA 187 54.28 25.73 -20.49
C VAL XA 187 55.58 25.08 -20.96
N SER XA 188 56.11 24.15 -20.18
CA SER XA 188 57.25 23.37 -20.62
C SER XA 188 56.76 22.08 -21.27
N PRO XA 189 57.04 21.85 -22.55
CA PRO XA 189 56.62 20.60 -23.20
C PRO XA 189 57.29 19.39 -22.61
N PHE XA 190 58.27 19.62 -21.76
CA PHE XA 190 59.12 18.56 -21.27
C PHE XA 190 58.67 18.08 -19.91
N PHE XA 191 57.84 18.82 -19.19
CA PHE XA 191 57.56 18.52 -17.79
C PHE XA 191 56.06 18.40 -17.54
N LYS XA 192 55.68 17.36 -16.80
CA LYS XA 192 54.33 17.09 -16.33
C LYS XA 192 54.38 17.23 -14.81
N ASN XA 193 54.17 18.46 -14.35
CA ASN XA 193 53.92 18.72 -12.93
C ASN XA 193 52.56 18.14 -12.57
N ILE XA 194 52.51 17.43 -11.44
CA ILE XA 194 51.24 16.83 -11.05
C ILE XA 194 50.34 17.87 -10.38
N ASP XA 195 50.93 18.74 -9.53
CA ASP XA 195 50.25 19.81 -8.82
C ASP XA 195 51.19 20.44 -7.80
N LEU XA 196 50.91 21.68 -7.42
CA LEU XA 196 51.52 22.30 -6.24
C LEU XA 196 50.94 21.59 -5.03
N GLN XA 197 51.63 20.53 -4.61
CA GLN XA 197 51.11 19.65 -3.55
C GLN XA 197 50.77 20.42 -2.28
N THR XA 198 51.54 21.43 -1.93
CA THR XA 198 51.15 22.26 -0.80
C THR XA 198 51.95 23.56 -0.82
N ALA XA 199 51.51 24.53 -0.01
CA ALA XA 199 52.14 25.83 0.10
C ALA XA 199 51.62 26.55 1.33
N LYS XA 200 52.54 27.03 2.16
CA LYS XA 200 52.25 27.61 3.47
C LYS XA 200 53.25 28.72 3.75
N GLN XA 201 52.77 29.93 3.98
CA GLN XA 201 53.64 31.08 4.18
C GLN XA 201 54.14 31.07 5.62
N VAL XA 202 55.43 30.81 5.80
CA VAL XA 202 56.02 30.65 7.12
C VAL XA 202 56.53 32.01 7.57
N GLY XA 203 55.97 32.52 8.67
CA GLY XA 203 56.27 33.89 9.08
C GLY XA 203 57.58 34.03 9.83
N GLY XA 204 57.87 33.09 10.74
CA GLY XA 204 59.03 33.22 11.60
C GLY XA 204 58.65 33.67 12.99
N ALA XA 205 59.60 34.31 13.67
CA ALA XA 205 59.36 34.77 15.03
C ALA XA 205 60.27 35.95 15.34
N GLN XA 206 60.30 36.35 16.61
CA GLN XA 206 61.14 37.45 17.06
C GLN XA 206 62.62 37.11 16.95
N VAL XA 207 62.97 35.83 16.85
CA VAL XA 207 64.36 35.45 16.63
C VAL XA 207 64.77 35.63 15.17
N GLY XA 208 63.81 35.71 14.26
CA GLY XA 208 64.12 35.90 12.86
C GLY XA 208 63.02 35.55 11.89
N VAL XA 209 63.17 36.01 10.65
CA VAL XA 209 62.20 35.80 9.58
C VAL XA 209 62.47 34.56 8.75
N PRO XA 210 61.43 34.08 8.05
CA PRO XA 210 61.63 33.86 6.62
C PRO XA 210 60.49 34.50 5.82
N ILE XA 211 59.27 34.49 6.38
CA ILE XA 211 58.09 35.21 5.88
C ILE XA 211 57.58 34.60 4.56
N LEU XA 212 58.39 33.78 3.89
CA LEU XA 212 58.06 33.38 2.53
C LEU XA 212 57.07 32.21 2.52
N VAL XA 213 56.82 31.70 1.31
CA VAL XA 213 55.86 30.62 1.11
C VAL XA 213 56.63 29.32 0.90
N GLU XA 214 56.70 28.52 1.96
CA GLU XA 214 57.18 27.15 1.82
C GLU XA 214 56.23 26.39 0.90
N PHE XA 215 56.76 25.49 0.08
CA PHE XA 215 55.87 24.77 -0.82
C PHE XA 215 56.44 23.38 -1.13
N LYS XA 216 55.60 22.57 -1.77
CA LYS XA 216 56.00 21.26 -2.27
C LYS XA 216 55.26 20.91 -3.55
N ILE XA 217 56.02 20.34 -4.50
CA ILE XA 217 55.62 19.98 -5.86
C ILE XA 217 56.23 18.62 -6.19
N THR XA 218 55.53 17.83 -7.03
CA THR XA 218 56.09 16.62 -7.63
C THR XA 218 55.86 16.65 -9.13
N MET XA 219 56.86 16.23 -9.91
CA MET XA 219 56.82 16.43 -11.36
C MET XA 219 57.58 15.32 -12.10
N THR XA 220 56.93 14.70 -13.08
CA THR XA 220 57.58 13.78 -13.99
C THR XA 220 57.93 14.51 -15.27
N SER XA 221 59.15 14.27 -15.76
CA SER XA 221 59.76 15.10 -16.78
C SER XA 221 59.36 14.61 -18.17
N ASN XA 222 60.34 14.63 -19.07
CA ASN XA 222 60.19 13.81 -20.27
C ASN XA 222 61.57 13.34 -20.70
N TYR XA 223 61.58 12.42 -21.67
CA TYR XA 223 61.26 11.02 -21.40
C TYR XA 223 62.04 10.50 -20.20
N MET YA 1 -0.13 149.45 0.57
CA MET YA 1 -1.23 149.93 1.41
C MET YA 1 -0.80 149.88 2.88
N ASP YA 2 -1.13 150.94 3.63
CA ASP YA 2 -0.35 151.26 4.82
C ASP YA 2 -0.92 150.68 6.12
N LYS YA 3 -2.25 150.58 6.26
CA LYS YA 3 -2.80 149.95 7.45
C LYS YA 3 -2.18 148.58 7.69
N TYR YA 4 -2.07 147.76 6.64
CA TYR YA 4 -1.37 146.50 6.74
C TYR YA 4 0.11 146.70 7.08
N LEU YA 5 0.69 147.82 6.63
CA LEU YA 5 2.12 148.05 6.84
C LEU YA 5 2.42 148.40 8.29
N ASP YA 6 1.47 149.03 8.99
CA ASP YA 6 1.69 149.34 10.39
C ASP YA 6 1.21 148.20 11.28
N GLN YA 7 0.29 147.37 10.77
CA GLN YA 7 0.15 146.03 11.36
C GLN YA 7 1.46 145.25 11.20
N PHE YA 8 2.23 145.56 10.16
CA PHE YA 8 3.55 144.97 9.96
C PHE YA 8 4.64 145.63 10.80
N VAL YA 9 4.45 146.87 11.24
CA VAL YA 9 5.41 147.52 12.13
C VAL YA 9 5.12 147.20 13.60
N LYS YA 10 3.87 146.80 13.92
CA LYS YA 10 3.51 146.48 15.29
C LYS YA 10 3.81 145.02 15.64
N ALA YA 11 3.37 144.07 14.79
CA ALA YA 11 3.28 142.66 15.15
C ALA YA 11 4.41 141.74 14.64
N PRO YA 12 4.80 141.80 13.36
CA PRO YA 12 5.56 140.67 12.78
C PRO YA 12 7.00 140.57 13.27
N PRO YA 13 7.47 141.41 14.20
CA PRO YA 13 8.57 140.90 15.03
C PRO YA 13 8.17 139.59 15.67
N ALA YA 14 6.97 139.55 16.26
CA ALA YA 14 6.47 138.34 16.88
C ALA YA 14 6.27 137.22 15.85
N ILE YA 15 5.73 137.55 14.69
CA ILE YA 15 5.38 136.52 13.72
C ILE YA 15 6.63 135.97 13.03
N LYS YA 16 7.58 136.84 12.69
CA LYS YA 16 8.84 136.37 12.12
C LYS YA 16 9.60 135.50 13.12
N PHE YA 17 9.73 135.98 14.36
CA PHE YA 17 10.36 135.16 15.39
C PHE YA 17 9.69 133.81 15.51
N GLY YA 18 8.35 133.80 15.54
CA GLY YA 18 7.62 132.55 15.63
C GLY YA 18 7.93 131.62 14.48
N GLY YA 19 7.90 132.14 13.25
CA GLY YA 19 8.22 131.31 12.10
C GLY YA 19 9.60 130.70 12.19
N LEU YA 20 10.59 131.51 12.54
CA LEU YA 20 11.93 130.99 12.79
C LEU YA 20 11.90 129.85 13.81
N ALA YA 21 11.07 129.99 14.85
CA ALA YA 21 11.03 128.98 15.90
C ALA YA 21 10.39 127.68 15.41
N PHE YA 22 9.28 127.76 14.68
CA PHE YA 22 8.69 126.53 14.15
C PHE YA 22 9.64 125.85 13.18
N VAL YA 23 10.39 126.63 12.40
CA VAL YA 23 11.37 126.03 11.49
C VAL YA 23 12.46 125.30 12.28
N VAL YA 24 13.02 125.96 13.30
CA VAL YA 24 14.10 125.31 14.05
C VAL YA 24 13.60 124.08 14.79
N GLY YA 25 12.34 124.12 15.26
CA GLY YA 25 11.74 122.92 15.82
C GLY YA 25 11.66 121.79 14.82
N ALA YA 26 11.21 122.09 13.60
CA ALA YA 26 11.17 121.06 12.56
C ALA YA 26 12.54 120.48 12.28
N LEU YA 27 13.56 121.34 12.16
CA LEU YA 27 14.90 120.86 11.84
C LEU YA 27 15.47 120.01 12.97
N THR YA 28 15.14 120.33 14.23
CA THR YA 28 15.57 119.49 15.33
C THR YA 28 14.83 118.16 15.35
N ALA YA 29 13.54 118.15 15.02
CA ALA YA 29 12.86 116.88 14.82
C ALA YA 29 13.60 116.04 13.77
N ALA YA 30 13.98 116.68 12.66
CA ALA YA 30 14.61 115.97 11.57
C ALA YA 30 15.97 115.39 11.97
N ASN YA 31 16.81 116.17 12.68
CA ASN YA 31 18.12 115.66 13.02
C ASN YA 31 18.05 114.61 14.13
N PHE YA 32 17.04 114.70 15.01
CA PHE YA 32 16.87 113.64 15.99
C PHE YA 32 16.44 112.34 15.32
N PHE YA 33 15.55 112.42 14.33
CA PHE YA 33 15.22 111.22 13.57
C PHE YA 33 16.45 110.69 12.84
N MET YA 34 17.27 111.60 12.30
CA MET YA 34 18.49 111.23 11.59
C MET YA 34 19.62 110.79 12.51
N VAL YA 35 19.43 110.85 13.83
CA VAL YA 35 20.34 110.13 14.71
C VAL YA 35 19.72 108.85 15.26
N ILE YA 36 18.38 108.72 15.22
CA ILE YA 36 17.76 107.47 15.61
C ILE YA 36 17.96 106.40 14.53
N GLN YA 37 17.88 106.78 13.26
CA GLN YA 37 18.05 105.79 12.19
C GLN YA 37 19.44 105.15 12.17
N PRO YA 38 20.56 105.88 12.34
CA PRO YA 38 21.86 105.20 12.42
C PRO YA 38 21.99 104.26 13.62
N THR YA 39 21.21 104.49 14.68
CA THR YA 39 21.15 103.53 15.78
C THR YA 39 20.65 102.18 15.27
N GLU YA 40 19.47 102.18 14.65
CA GLU YA 40 18.89 100.94 14.14
C GLU YA 40 19.82 100.27 13.14
N GLU YA 41 20.33 101.04 12.18
CA GLU YA 41 21.29 100.48 11.22
C GLU YA 41 22.47 99.85 11.93
N GLU YA 42 22.90 100.47 13.03
CA GLU YA 42 24.09 100.03 13.75
C GLU YA 42 23.85 98.73 14.49
N ILE YA 43 22.71 98.62 15.17
CA ILE YA 43 22.30 97.36 15.77
C ILE YA 43 22.23 96.27 14.71
N GLY YA 44 21.74 96.64 13.51
CA GLY YA 44 21.72 95.67 12.41
C GLY YA 44 23.09 95.16 12.04
N TRP YA 45 24.05 96.07 11.83
CA TRP YA 45 25.41 95.64 11.49
C TRP YA 45 26.03 94.84 12.63
N ALA YA 46 25.66 95.15 13.87
CA ALA YA 46 26.06 94.31 14.99
C ALA YA 46 25.58 92.88 14.77
N VAL YA 47 24.28 92.73 14.48
CA VAL YA 47 23.69 91.40 14.35
C VAL YA 47 24.31 90.64 13.17
N ALA YA 48 24.69 91.34 12.11
CA ALA YA 48 25.40 90.67 11.02
C ALA YA 48 26.77 90.21 11.47
N GLU YA 49 27.57 91.13 12.02
CA GLU YA 49 28.95 90.82 12.38
C GLU YA 49 29.02 89.65 13.37
N ARG YA 50 28.19 89.68 14.42
CA ARG YA 50 28.20 88.57 15.38
C ARG YA 50 27.88 87.25 14.70
N ARG YA 51 26.97 87.27 13.72
CA ARG YA 51 26.67 86.06 12.97
C ARG YA 51 27.86 85.63 12.13
N LYS YA 52 28.78 86.54 11.80
CA LYS YA 52 30.00 86.10 11.14
C LYS YA 52 31.00 85.52 12.14
N LEU YA 53 31.14 86.17 13.31
CA LEU YA 53 31.94 85.60 14.40
C LEU YA 53 31.56 84.14 14.64
N ASP YA 54 30.26 83.87 14.76
CA ASP YA 54 29.79 82.55 15.19
C ASP YA 54 29.93 81.47 14.13
N LEU YA 55 29.85 81.83 12.84
CA LEU YA 55 30.15 80.85 11.80
C LEU YA 55 31.64 80.59 11.69
N GLU YA 56 32.45 81.64 11.84
CA GLU YA 56 33.90 81.45 11.81
C GLU YA 56 34.34 80.53 12.95
N LEU YA 57 33.75 80.68 14.14
CA LEU YA 57 34.04 79.73 15.21
C LEU YA 57 33.69 78.30 14.81
N ALA YA 58 32.70 78.11 13.93
CA ALA YA 58 32.45 76.76 13.42
C ALA YA 58 33.61 76.29 12.54
N ASP YA 59 34.05 77.15 11.62
CA ASP YA 59 35.16 76.77 10.75
C ASP YA 59 36.41 76.44 11.56
N LYS YA 60 36.65 77.12 12.69
CA LYS YA 60 37.88 76.84 13.44
C LYS YA 60 37.89 75.42 13.99
N SER YA 61 36.80 74.99 14.61
CA SER YA 61 36.74 73.63 15.13
C SER YA 61 36.79 72.61 14.01
N GLU YA 62 36.08 72.87 12.91
CA GLU YA 62 36.13 71.94 11.77
C GLU YA 62 37.57 71.73 11.29
N ILE YA 63 38.30 72.82 11.08
CA ILE YA 63 39.63 72.69 10.49
C ILE YA 63 40.64 72.19 11.52
N ALA YA 64 40.43 72.52 12.80
CA ALA YA 64 41.31 71.95 13.84
C ALA YA 64 41.15 70.44 13.91
N GLN YA 65 39.92 69.96 13.75
CA GLN YA 65 39.67 68.52 13.70
C GLN YA 65 40.29 67.90 12.45
N ASN YA 66 40.20 68.60 11.30
CA ASN YA 66 40.85 68.10 10.10
C ASN YA 66 42.37 68.07 10.24
N LEU YA 67 42.94 69.02 11.00
CA LEU YA 67 44.37 69.01 11.29
C LEU YA 67 44.76 67.81 12.13
N ASN YA 68 44.03 67.58 13.22
CA ASN YA 68 44.22 66.37 14.02
C ASN YA 68 44.20 65.13 13.13
N GLU YA 69 43.19 65.02 12.26
CA GLU YA 69 43.11 63.86 11.38
C GLU YA 69 44.29 63.80 10.41
N ARG YA 70 44.83 64.96 10.02
CA ARG YA 70 46.08 64.87 9.27
C ARG YA 70 47.10 64.15 10.12
N ARG YA 71 47.52 64.80 11.20
CA ARG YA 71 48.62 64.34 12.04
C ARG YA 71 48.50 62.83 12.15
N ARG YA 72 47.31 62.41 12.61
CA ARG YA 72 46.81 61.05 12.55
C ARG YA 72 47.44 60.33 11.37
N GLU YA 73 47.07 60.64 10.13
CA GLU YA 73 47.58 59.72 9.12
C GLU YA 73 48.78 60.16 8.29
N MET YA 74 49.07 61.46 8.18
CA MET YA 74 50.29 61.86 7.49
C MET YA 74 51.53 61.39 8.24
N ASP YA 75 51.51 61.44 9.59
CA ASP YA 75 52.69 61.01 10.34
C ASP YA 75 52.82 59.49 10.33
N VAL YA 76 51.69 58.79 10.24
CA VAL YA 76 51.70 57.35 10.04
C VAL YA 76 52.21 57.02 8.64
N LEU YA 77 51.91 57.89 7.67
CA LEU YA 77 52.36 57.64 6.31
C LEU YA 77 53.86 57.93 6.19
N GLU YA 78 54.41 58.71 7.12
CA GLU YA 78 55.85 59.01 7.12
C GLU YA 78 56.64 57.97 7.92
N GLN YA 79 56.02 56.83 8.21
CA GLN YA 79 56.58 55.83 9.12
C GLN YA 79 57.77 55.14 8.47
N LYS YA 80 58.53 54.41 9.28
CA LYS YA 80 59.89 54.10 8.89
C LYS YA 80 60.21 52.61 8.79
N LEU YA 81 61.51 52.31 8.80
CA LEU YA 81 62.05 50.96 8.69
C LEU YA 81 61.63 50.03 9.81
N SER YA 82 60.69 49.16 9.49
CA SER YA 82 60.13 48.23 10.46
C SER YA 82 59.21 47.33 9.68
N GLU YA 83 58.04 47.10 10.23
CA GLU YA 83 56.89 46.90 9.36
C GLU YA 83 56.67 48.18 8.56
N ALA YA 84 56.16 48.02 7.35
CA ALA YA 84 55.70 49.13 6.54
C ALA YA 84 54.26 48.87 6.12
N LEU YA 85 53.45 49.92 6.06
CA LEU YA 85 52.03 49.80 5.73
C LEU YA 85 51.83 50.06 4.24
N THR YA 86 50.62 49.79 3.76
CA THR YA 86 50.14 50.43 2.55
C THR YA 86 49.59 51.80 2.95
N GLU YA 87 49.37 52.64 1.94
CA GLU YA 87 48.59 53.87 2.11
C GLU YA 87 47.34 53.60 2.91
N LEU YA 88 46.90 54.61 3.65
CA LEU YA 88 45.64 54.51 4.38
C LEU YA 88 44.77 55.71 4.06
N PRO YA 89 43.81 55.60 3.13
CA PRO YA 89 42.68 56.52 3.12
C PRO YA 89 41.59 56.04 4.06
N GLU YA 90 40.75 56.99 4.50
CA GLU YA 90 39.59 56.65 5.32
C GLU YA 90 38.64 55.83 4.47
N GLN YA 91 38.76 54.51 4.53
CA GLN YA 91 37.82 53.66 3.81
C GLN YA 91 36.45 53.66 4.52
N ARG YA 92 36.40 53.10 5.72
CA ARG YA 92 35.26 53.23 6.63
C ARG YA 92 33.98 52.67 6.02
N ASP YA 93 34.11 51.57 5.26
CA ASP YA 93 32.97 50.77 4.82
C ASP YA 93 33.43 49.32 4.78
N ILE YA 94 32.96 48.53 5.74
CA ILE YA 94 33.46 47.18 5.92
C ILE YA 94 32.56 46.17 5.19
N GLU YA 95 31.24 46.29 5.39
CA GLU YA 95 30.31 45.33 4.81
C GLU YA 95 30.41 45.28 3.29
N GLU YA 96 30.76 46.41 2.66
CA GLU YA 96 31.00 46.40 1.23
C GLU YA 96 32.29 45.66 0.90
N LEU YA 97 33.26 45.67 1.83
CA LEU YA 97 34.47 44.88 1.63
C LEU YA 97 34.16 43.39 1.69
N LEU YA 98 33.37 42.96 2.69
CA LEU YA 98 32.96 41.56 2.73
C LEU YA 98 32.17 41.18 1.48
N ALA YA 99 31.24 42.03 1.07
CA ALA YA 99 30.43 41.74 -0.12
C ALA YA 99 31.29 41.60 -1.37
N GLN YA 100 32.23 42.54 -1.57
CA GLN YA 100 33.05 42.48 -2.77
C GLN YA 100 34.02 41.33 -2.74
N ILE YA 101 34.49 40.93 -1.55
CA ILE YA 101 35.25 39.69 -1.43
C ILE YA 101 34.41 38.50 -1.89
N ASN YA 102 33.14 38.46 -1.47
CA ASN YA 102 32.26 37.39 -1.93
C ASN YA 102 32.12 37.42 -3.45
N ASP YA 103 32.00 38.62 -4.04
CA ASP YA 103 31.77 38.71 -5.47
C ASP YA 103 32.99 38.28 -6.27
N ILE YA 104 34.17 38.77 -5.92
CA ILE YA 104 35.37 38.34 -6.62
C ILE YA 104 35.61 36.86 -6.40
N GLY YA 105 35.19 36.32 -5.25
CA GLY YA 105 35.24 34.88 -5.06
C GLY YA 105 34.33 34.15 -6.04
N LYS YA 106 33.10 34.63 -6.20
CA LYS YA 106 32.13 33.96 -7.06
C LYS YA 106 32.54 34.01 -8.52
N LYS YA 107 33.01 35.17 -8.99
CA LYS YA 107 33.40 35.27 -10.39
C LYS YA 107 34.73 34.55 -10.66
N SER YA 108 35.50 34.24 -9.63
CA SER YA 108 36.67 33.40 -9.81
C SER YA 108 36.35 31.91 -9.75
N GLY YA 109 35.10 31.55 -9.43
CA GLY YA 109 34.68 30.17 -9.39
C GLY YA 109 34.89 29.47 -8.07
N LEU YA 110 35.31 30.18 -7.03
CA LEU YA 110 35.67 29.55 -5.76
C LEU YA 110 34.45 29.42 -4.85
N GLU YA 111 34.42 28.32 -4.10
CA GLU YA 111 33.45 28.16 -3.02
C GLU YA 111 34.00 28.84 -1.78
N LEU YA 112 33.29 29.86 -1.30
CA LEU YA 112 33.71 30.59 -0.11
C LEU YA 112 33.21 29.81 1.10
N SER YA 113 34.09 28.96 1.65
CA SER YA 113 33.69 28.09 2.74
C SER YA 113 33.62 28.81 4.08
N SER YA 114 34.35 29.92 4.25
CA SER YA 114 34.24 30.67 5.50
C SER YA 114 34.91 32.02 5.36
N VAL YA 115 34.21 33.08 5.78
CA VAL YA 115 34.84 34.38 5.98
C VAL YA 115 34.70 34.72 7.46
N THR YA 116 35.82 35.03 8.11
CA THR YA 116 35.83 35.27 9.54
C THR YA 116 36.48 36.61 9.81
N PRO YA 117 35.77 37.59 10.36
CA PRO YA 117 36.42 38.87 10.71
C PRO YA 117 37.42 38.65 11.83
N GLY YA 118 38.10 39.72 12.20
CA GLY YA 118 39.10 39.63 13.24
C GLY YA 118 38.80 40.51 14.41
N LYS YA 119 39.78 40.65 15.27
CA LYS YA 119 39.75 41.72 16.26
C LYS YA 119 40.60 42.88 15.78
N GLU YA 120 40.17 44.08 16.14
CA GLU YA 120 40.97 45.26 15.86
C GLU YA 120 42.26 45.19 16.66
N SER YA 121 43.36 45.59 16.03
CA SER YA 121 44.70 45.50 16.65
C SER YA 121 44.94 46.79 17.43
N VAL YA 122 44.54 46.76 18.71
CA VAL YA 122 44.59 47.97 19.55
C VAL YA 122 46.02 48.47 19.70
N GLY YA 123 47.01 47.59 19.61
CA GLY YA 123 48.40 48.00 19.61
C GLY YA 123 49.07 47.80 18.26
N GLY YA 124 48.30 47.92 17.19
CA GLY YA 124 48.82 47.77 15.85
C GLY YA 124 48.99 49.11 15.15
N GLY YA 125 48.93 50.18 15.93
CA GLY YA 125 49.05 51.53 15.41
C GLY YA 125 48.54 52.57 16.38
N GLU YA 126 49.20 53.73 16.44
CA GLU YA 126 48.68 54.81 17.27
C GLU YA 126 47.50 55.50 16.62
N PHE YA 127 47.45 55.53 15.29
CA PHE YA 127 46.43 56.29 14.58
C PHE YA 127 45.45 55.41 13.81
N PHE YA 128 45.47 54.10 14.02
CA PHE YA 128 44.60 53.21 13.26
C PHE YA 128 44.46 51.88 13.99
N ALA YA 129 43.23 51.37 14.04
CA ALA YA 129 42.93 50.02 14.50
C ALA YA 129 42.81 49.16 13.26
N ARG YA 130 43.73 48.21 13.11
CA ARG YA 130 43.66 47.28 12.00
C ARG YA 130 42.67 46.18 12.31
N ILE YA 131 41.70 45.98 11.41
CA ILE YA 131 40.78 44.84 11.49
C ILE YA 131 41.25 43.82 10.46
N PRO YA 132 41.67 42.62 10.89
CA PRO YA 132 42.01 41.56 9.94
C PRO YA 132 40.82 40.69 9.63
N ILE YA 133 40.76 40.22 8.40
CA ILE YA 133 39.70 39.35 7.91
C ILE YA 133 40.38 38.12 7.31
N LYS YA 134 40.04 36.95 7.84
CA LYS YA 134 40.58 35.69 7.34
C LYS YA 134 39.55 35.04 6.43
N MET YA 135 39.93 34.83 5.17
CA MET YA 135 39.02 34.29 4.16
C MET YA 135 39.47 32.89 3.78
N THR YA 136 38.48 32.03 3.48
CA THR YA 136 38.65 30.59 3.35
C THR YA 136 37.81 30.14 2.17
N VAL YA 137 38.50 29.89 1.04
CA VAL YA 137 37.89 29.64 -0.26
C VAL YA 137 38.57 28.42 -0.86
N SER YA 138 37.83 27.64 -1.65
CA SER YA 138 38.37 26.40 -2.20
C SER YA 138 38.17 26.35 -3.72
N GLY YA 139 39.18 25.82 -4.41
CA GLY YA 139 39.04 25.63 -5.85
C GLY YA 139 40.36 25.21 -6.47
N ASN YA 140 40.62 25.75 -7.66
CA ASN YA 140 41.81 25.43 -8.42
C ASN YA 140 42.91 26.46 -8.15
N TYR YA 141 44.17 26.03 -8.35
CA TYR YA 141 45.31 26.94 -8.17
C TYR YA 141 45.16 28.20 -8.99
N HIS YA 142 44.82 28.05 -10.28
CA HIS YA 142 44.59 29.20 -11.15
C HIS YA 142 43.52 30.12 -10.56
N GLU YA 143 42.46 29.53 -10.00
CA GLU YA 143 41.34 30.32 -9.51
C GLU YA 143 41.69 31.04 -8.21
N ILE YA 144 42.56 30.46 -7.37
CA ILE YA 144 42.92 31.14 -6.13
C ILE YA 144 43.95 32.22 -6.39
N ALA YA 145 44.94 31.95 -7.24
CA ALA YA 145 45.79 33.02 -7.75
C ALA YA 145 44.93 34.16 -8.29
N LEU YA 146 43.86 33.81 -9.00
CA LEU YA 146 42.94 34.81 -9.57
C LEU YA 146 42.26 35.62 -8.46
N PHE YA 147 41.64 34.92 -7.53
CA PHE YA 147 40.96 35.56 -6.41
C PHE YA 147 41.88 36.53 -5.67
N LEU YA 148 43.12 36.08 -5.39
CA LEU YA 148 44.10 36.93 -4.74
C LEU YA 148 44.40 38.17 -5.58
N GLN YA 149 44.68 38.00 -6.88
CA GLN YA 149 45.08 39.14 -7.68
C GLN YA 149 43.93 40.14 -7.85
N GLU YA 150 42.69 39.65 -7.84
CA GLU YA 150 41.55 40.56 -7.90
C GLU YA 150 41.38 41.34 -6.61
N MET YA 151 41.58 40.69 -5.46
CA MET YA 151 41.51 41.42 -4.20
C MET YA 151 42.66 42.42 -4.06
N ALA YA 152 43.81 42.10 -4.68
CA ALA YA 152 44.94 43.02 -4.72
C ALA YA 152 44.79 44.08 -5.80
N ASN YA 153 43.76 43.99 -6.64
CA ASN YA 153 43.44 45.06 -7.58
C ASN YA 153 42.18 45.83 -7.21
N MET YA 154 41.66 45.62 -6.01
CA MET YA 154 40.42 46.28 -5.60
C MET YA 154 40.66 47.76 -5.30
N ARG YA 155 39.56 48.50 -5.21
CA ARG YA 155 39.58 49.92 -4.85
C ARG YA 155 39.40 50.14 -3.36
N ARG YA 156 39.61 49.12 -2.53
CA ARG YA 156 39.48 49.30 -1.10
C ARG YA 156 40.71 48.70 -0.42
N ILE YA 157 40.77 48.90 0.91
CA ILE YA 157 42.01 48.77 1.67
C ILE YA 157 42.17 47.35 2.21
N VAL YA 158 42.12 46.36 1.31
CA VAL YA 158 42.22 44.97 1.75
C VAL YA 158 43.62 44.46 1.44
N ASN YA 159 44.57 44.77 2.33
CA ASN YA 159 45.95 44.35 2.12
C ASN YA 159 46.13 42.88 2.48
N VAL YA 160 46.19 42.04 1.45
CA VAL YA 160 46.39 40.60 1.66
C VAL YA 160 47.84 40.33 2.01
N ASN YA 161 48.06 39.49 3.02
CA ASN YA 161 49.42 39.22 3.47
C ASN YA 161 49.71 37.72 3.51
N ASN YA 162 49.59 37.11 4.69
CA ASN YA 162 50.04 35.75 4.88
C ASN YA 162 49.03 34.77 4.27
N ILE YA 163 49.49 33.98 3.30
CA ILE YA 163 48.66 33.10 2.49
C ILE YA 163 48.99 31.66 2.82
N LYS YA 164 48.01 30.78 2.64
CA LYS YA 164 48.26 29.35 2.70
C LYS YA 164 47.21 28.63 1.88
N PHE YA 165 47.52 27.40 1.47
CA PHE YA 165 46.55 26.53 0.83
C PHE YA 165 47.11 25.11 0.75
N ASP YA 166 46.22 24.15 0.61
CA ASP YA 166 46.57 22.74 0.66
C ASP YA 166 45.48 21.93 -0.03
N SER YA 167 45.73 20.64 -0.20
CA SER YA 167 44.82 19.77 -0.94
C SER YA 167 43.77 19.22 0.01
N ALA YA 168 42.50 19.56 -0.23
CA ALA YA 168 41.45 19.31 0.76
C ALA YA 168 40.96 17.87 0.79
N LYS YA 169 41.37 17.04 -0.17
CA LYS YA 169 40.87 15.67 -0.28
C LYS YA 169 41.81 14.73 0.46
N LEU YA 170 41.31 14.09 1.53
CA LEU YA 170 42.09 13.10 2.27
C LEU YA 170 42.78 12.13 1.33
N LYS YA 171 42.00 11.22 0.75
CA LYS YA 171 42.51 10.18 -0.13
C LYS YA 171 43.19 10.75 -1.37
N ASN YA 172 42.97 12.02 -1.70
CA ASN YA 172 43.49 12.61 -2.93
C ASN YA 172 43.01 11.80 -4.13
N GLU YA 173 41.73 11.93 -4.46
CA GLU YA 173 41.16 11.29 -5.63
C GLU YA 173 40.72 12.29 -6.69
N LYS YA 174 40.68 13.58 -6.36
CA LYS YA 174 40.42 14.63 -7.33
C LYS YA 174 41.16 15.89 -6.89
N VAL YA 175 41.53 16.72 -7.87
CA VAL YA 175 42.23 17.96 -7.54
C VAL YA 175 41.27 18.91 -6.84
N VAL YA 176 41.74 19.51 -5.75
CA VAL YA 176 40.99 20.52 -5.02
C VAL YA 176 41.91 21.15 -3.98
N LEU YA 177 41.94 22.47 -3.92
CA LEU YA 177 42.81 23.22 -3.02
C LEU YA 177 41.97 24.12 -2.13
N GLN YA 178 41.90 23.77 -0.85
CA GLN YA 178 41.42 24.71 0.15
C GLN YA 178 42.48 25.78 0.40
N SER YA 179 42.06 27.02 0.44
CA SER YA 179 42.94 28.17 0.54
C SER YA 179 42.46 29.09 1.64
N GLU YA 180 43.40 29.56 2.45
CA GLU YA 180 43.10 30.46 3.56
C GLU YA 180 44.05 31.65 3.41
N PHE YA 181 43.47 32.79 3.03
CA PHE YA 181 44.22 34.04 2.85
C PHE YA 181 43.85 34.99 3.98
N GLN YA 182 44.83 35.74 4.46
CA GLN YA 182 44.61 36.74 5.50
C GLN YA 182 44.74 38.12 4.86
N ALA YA 183 43.73 38.97 5.06
CA ALA YA 183 43.71 40.28 4.44
C ALA YA 183 43.00 41.26 5.36
N THR YA 184 43.57 42.44 5.53
CA THR YA 184 43.17 43.36 6.60
C THR YA 184 42.95 44.77 6.08
N THR YA 185 42.03 45.50 6.71
CA THR YA 185 41.85 46.93 6.44
C THR YA 185 42.02 47.72 7.74
N PHE YA 186 42.32 49.02 7.59
CA PHE YA 186 42.85 49.80 8.70
C PHE YA 186 41.93 50.94 9.14
N ARG YA 187 40.93 50.63 9.96
CA ARG YA 187 40.02 51.66 10.50
C ARG YA 187 40.82 52.64 11.34
N PHE YA 188 40.19 53.75 11.76
CA PHE YA 188 40.85 54.68 12.65
C PHE YA 188 40.80 54.17 14.08
N VAL YA 189 41.43 54.87 15.01
CA VAL YA 189 41.53 54.38 16.38
C VAL YA 189 40.20 54.49 17.14
N ALA ZA 37 15.68 163.24 21.12
CA ALA ZA 37 16.23 164.59 21.13
C ALA ZA 37 15.12 165.63 21.22
N LYS ZA 38 15.49 166.87 21.51
CA LYS ZA 38 14.54 167.97 21.75
C LYS ZA 38 14.15 168.61 20.44
N GLY ZA 39 13.00 168.23 19.90
CA GLY ZA 39 12.53 168.72 18.63
C GLY ZA 39 11.32 169.62 18.72
N LYS ZA 40 11.20 170.51 17.72
CA LYS ZA 40 9.98 171.30 17.52
C LYS ZA 40 9.21 170.62 16.40
N LEU ZA 41 8.18 169.89 16.77
CA LEU ZA 41 7.52 168.93 15.93
C LEU ZA 41 6.54 169.69 15.03
N VAL ZA 42 5.38 169.10 14.70
CA VAL ZA 42 4.37 169.93 14.00
C VAL ZA 42 2.97 169.59 14.50
N LEU ZA 43 1.98 170.21 13.87
CA LEU ZA 43 0.61 170.10 14.34
C LEU ZA 43 -0.38 170.09 13.20
N GLY ZA 44 -1.09 168.99 13.07
CA GLY ZA 44 -2.19 168.90 12.12
C GLY ZA 44 -3.51 168.86 12.85
N LEU ZA 45 -4.56 169.24 12.13
CA LEU ZA 45 -5.91 168.99 12.61
C LEU ZA 45 -6.45 167.72 11.96
N ASP ZA 46 -6.03 166.59 12.53
CA ASP ZA 46 -6.25 165.32 11.86
C ASP ZA 46 -7.69 164.86 11.95
N ILE ZA 47 -8.40 165.23 13.01
CA ILE ZA 47 -9.80 164.86 13.09
C ILE ZA 47 -10.67 166.08 12.82
N GLY ZA 48 -10.30 166.86 11.80
CA GLY ZA 48 -11.15 167.96 11.40
C GLY ZA 48 -12.40 167.52 10.67
N SER ZA 49 -12.36 166.35 10.04
CA SER ZA 49 -13.50 165.83 9.29
C SER ZA 49 -13.91 166.77 8.16
N THR ZA 50 -14.16 168.05 8.46
CA THR ZA 50 -14.33 169.02 7.38
C THR ZA 50 -12.99 169.45 6.81
N SER ZA 51 -11.95 169.56 7.64
CA SER ZA 51 -10.70 170.11 7.14
C SER ZA 51 -9.48 169.60 7.91
N ILE ZA 52 -8.47 169.17 7.15
CA ILE ZA 52 -7.13 168.89 7.67
C ILE ZA 52 -6.35 170.19 7.67
N LYS ZA 53 -5.98 170.65 8.86
CA LYS ZA 53 -5.24 171.89 9.04
C LYS ZA 53 -3.93 171.57 9.77
N MET ZA 54 -2.92 172.41 9.57
CA MET ZA 54 -1.60 172.15 10.11
C MET ZA 54 -0.90 173.47 10.43
N ILE ZA 55 -0.10 173.49 11.49
CA ILE ZA 55 0.51 174.73 11.98
C ILE ZA 55 1.94 174.48 12.41
N LEU ZA 56 2.83 175.41 12.06
CA LEU ZA 56 4.21 175.43 12.53
C LEU ZA 56 4.50 176.74 13.24
N LEU ZA 57 4.69 176.66 14.57
CA LEU ZA 57 5.32 177.72 15.36
C LEU ZA 57 6.73 177.31 15.73
N LYS ZA 58 7.63 178.26 15.96
CA LYS ZA 58 8.92 177.91 16.54
C LYS ZA 58 9.56 179.13 17.16
N GLU ZA 59 10.77 178.91 17.67
CA GLU ZA 59 11.60 179.97 18.24
C GLU ZA 59 11.98 180.97 17.14
N GLN ZA 60 11.22 182.06 17.02
CA GLN ZA 60 11.54 183.10 16.06
C GLN ZA 60 12.46 184.14 16.67
N ARG ZA 61 13.50 184.51 15.93
CA ARG ZA 61 14.46 185.51 16.37
C ARG ZA 61 14.14 186.86 15.76
N LYS ZA 62 14.04 187.89 16.60
CA LYS ZA 62 14.05 189.28 16.17
C LYS ZA 62 14.83 190.11 17.18
N ARG ZA 63 15.82 190.83 16.69
CA ARG ZA 63 16.63 191.75 17.51
C ARG ZA 63 17.25 191.04 18.70
N GLY ZA 64 17.82 189.86 18.44
CA GLY ZA 64 18.47 189.10 19.48
C GLY ZA 64 17.57 188.48 20.51
N GLU ZA 65 16.26 188.63 20.37
CA GLU ZA 65 15.29 187.99 21.25
C GLU ZA 65 14.60 186.88 20.48
N VAL ZA 66 14.13 185.87 21.20
CA VAL ZA 66 13.49 184.71 20.62
C VAL ZA 66 12.24 184.40 21.44
N ILE ZA 67 11.16 184.08 20.75
CA ILE ZA 67 9.93 183.61 21.39
C ILE ZA 67 9.23 182.69 20.39
N TYR ZA 68 8.35 181.85 20.91
CA TYR ZA 68 7.42 181.10 20.09
C TYR ZA 68 6.76 182.03 19.07
N ALA ZA 69 6.70 181.59 17.82
CA ALA ZA 69 6.04 182.42 16.82
C ALA ZA 69 5.53 181.59 15.66
N LEU ZA 70 4.44 182.04 15.06
CA LEU ZA 70 3.87 181.37 13.91
C LEU ZA 70 4.85 181.39 12.74
N GLN ZA 71 5.13 180.21 12.20
CA GLN ZA 71 5.98 180.08 11.03
C GLN ZA 71 5.19 179.71 9.78
N SER ZA 72 4.20 178.84 9.91
CA SER ZA 72 3.35 178.51 8.79
C SER ZA 72 2.07 177.89 9.30
N PHE ZA 73 1.15 177.65 8.38
CA PHE ZA 73 -0.15 177.03 8.63
C PHE ZA 73 -0.71 176.67 7.26
N GLY ZA 74 -1.65 175.73 7.24
CA GLY ZA 74 -2.13 175.19 5.99
C GLY ZA 74 -3.44 174.48 6.21
N MET ZA 75 -4.32 174.54 5.21
CA MET ZA 75 -5.64 173.98 5.36
C MET ZA 75 -6.12 173.42 4.04
N LYS ZA 76 -6.62 172.19 4.09
CA LYS ZA 76 -7.22 171.51 2.96
C LYS ZA 76 -8.46 170.77 3.44
N PRO ZA 77 -9.59 170.93 2.78
CA PRO ZA 77 -10.80 170.22 3.21
C PRO ZA 77 -10.60 168.71 3.09
N LEU ZA 78 -11.16 167.97 4.04
CA LEU ZA 78 -10.96 166.51 4.06
C LEU ZA 78 -11.78 165.84 2.97
N PRO ZA 79 -11.17 165.05 2.10
CA PRO ZA 79 -11.94 164.27 1.13
C PRO ZA 79 -12.86 163.29 1.82
N PRO ZA 80 -14.09 163.14 1.34
CA PRO ZA 80 -15.02 162.18 1.96
C PRO ZA 80 -14.48 160.76 1.88
N GLU ZA 81 -14.94 159.92 2.80
CA GLU ZA 81 -14.65 158.51 2.96
C GLU ZA 81 -13.32 158.28 3.67
N ALA ZA 82 -12.51 159.31 3.89
CA ALA ZA 82 -11.25 159.14 4.59
C ALA ZA 82 -11.48 158.85 6.07
N ILE ZA 83 -12.46 159.49 6.68
CA ILE ZA 83 -12.82 159.24 8.07
C ILE ZA 83 -14.27 158.80 8.12
N VAL ZA 84 -14.51 157.67 8.75
CA VAL ZA 84 -15.85 157.18 9.06
C VAL ZA 84 -15.86 156.80 10.53
N ASP ZA 85 -16.90 157.27 11.24
CA ASP ZA 85 -17.12 156.99 12.66
C ASP ZA 85 -15.89 157.30 13.52
N GLY ZA 86 -15.12 158.31 13.14
CA GLY ZA 86 -13.96 158.68 13.94
C GLY ZA 86 -12.71 157.85 13.69
N ALA ZA 87 -12.78 156.87 12.79
CA ALA ZA 87 -11.64 156.05 12.43
C ALA ZA 87 -11.16 156.40 11.02
N LEU ZA 88 -9.86 156.23 10.79
CA LEU ZA 88 -9.28 156.44 9.46
C LEU ZA 88 -9.53 155.20 8.62
N MET ZA 89 -10.53 155.27 7.73
CA MET ZA 89 -10.85 154.14 6.87
C MET ZA 89 -9.95 154.04 5.65
N ASN ZA 90 -9.35 155.15 5.25
CA ASN ZA 90 -8.47 155.21 4.07
C ASN ZA 90 -7.19 155.89 4.52
N SER ZA 91 -6.33 155.14 5.20
CA SER ZA 91 -5.11 155.71 5.75
C SER ZA 91 -4.23 156.34 4.67
N THR ZA 92 -3.90 155.56 3.63
CA THR ZA 92 -2.98 156.01 2.59
C THR ZA 92 -3.42 157.31 1.93
N ALA ZA 93 -4.73 157.45 1.69
CA ALA ZA 93 -5.22 158.67 1.04
C ALA ZA 93 -5.05 159.88 1.95
N ILE ZA 94 -5.55 159.79 3.19
CA ILE ZA 94 -5.32 160.82 4.19
C ILE ZA 94 -3.85 161.20 4.23
N VAL ZA 95 -2.96 160.20 4.09
CA VAL ZA 95 -1.54 160.48 3.91
C VAL ZA 95 -1.32 161.45 2.77
N GLN ZA 96 -1.90 161.15 1.59
CA GLN ZA 96 -1.67 162.06 0.48
C GLN ZA 96 -2.06 163.48 0.85
N ALA ZA 97 -3.17 163.62 1.55
CA ALA ZA 97 -3.61 164.94 1.97
C ALA ZA 97 -2.59 165.58 2.91
N VAL ZA 98 -2.19 164.87 3.97
CA VAL ZA 98 -1.24 165.41 4.96
C VAL ZA 98 0.04 165.89 4.30
N GLN ZA 99 0.54 165.12 3.34
CA GLN ZA 99 1.77 165.49 2.62
C GLN ZA 99 1.56 166.76 1.79
N ASP ZA 100 0.39 166.87 1.14
CA ASP ZA 100 0.00 168.16 0.56
C ASP ZA 100 0.11 169.29 1.58
N LEU ZA 101 -0.42 169.04 2.79
CA LEU ZA 101 -0.29 170.03 3.86
C LEU ZA 101 1.16 170.44 4.06
N MET ZA 102 2.06 169.45 4.20
CA MET ZA 102 3.44 169.74 4.57
C MET ZA 102 4.17 170.51 3.47
N SER ZA 103 3.95 170.16 2.20
CA SER ZA 103 4.62 170.85 1.11
C SER ZA 103 4.03 172.25 0.88
N GLU ZA 104 2.71 172.38 1.01
CA GLU ZA 104 2.07 173.68 1.03
C GLU ZA 104 2.70 174.56 2.10
N LEU ZA 105 2.83 174.02 3.31
CA LEU ZA 105 3.52 174.65 4.43
C LEU ZA 105 4.94 175.09 4.08
N LYS ZA 106 5.64 174.31 3.24
CA LYS ZA 106 7.06 174.50 2.98
C LYS ZA 106 7.89 174.26 4.25
N VAL ZA 107 7.61 173.16 4.95
CA VAL ZA 107 8.21 172.91 6.25
C VAL ZA 107 9.25 171.81 6.18
N LYS ZA 108 10.38 172.06 6.82
CA LYS ZA 108 11.36 170.99 7.00
C LYS ZA 108 10.91 169.89 7.93
N GLY ZA 109 10.12 170.23 8.94
CA GLY ZA 109 9.93 169.33 10.07
C GLY ZA 109 9.09 168.12 9.71
N LYS ZA 110 9.44 166.99 10.33
CA LYS ZA 110 8.76 165.71 10.10
C LYS ZA 110 8.33 165.04 11.39
N ASP ZA 111 8.32 165.75 12.50
CA ASP ZA 111 7.72 165.24 13.73
C ASP ZA 111 6.41 165.98 13.96
N VAL ZA 112 5.47 165.30 14.60
CA VAL ZA 112 4.11 165.83 14.68
C VAL ZA 112 3.49 165.45 16.02
N ALA ZA 113 2.69 166.35 16.57
CA ALA ZA 113 1.65 165.98 17.51
C ALA ZA 113 0.34 166.01 16.73
N ILE ZA 114 -0.60 165.15 17.13
CA ILE ZA 114 -1.93 165.18 16.53
C ILE ZA 114 -2.97 164.83 17.57
N GLY ZA 115 -4.20 164.63 17.10
CA GLY ZA 115 -5.31 164.39 18.01
C GLY ZA 115 -6.22 163.30 17.48
N VAL ZA 116 -6.90 162.64 18.42
CA VAL ZA 116 -7.88 161.62 18.08
C VAL ZA 116 -9.25 162.27 17.90
N SER ZA 117 -10.17 161.52 17.29
CA SER ZA 117 -11.52 162.01 17.13
C SER ZA 117 -12.24 162.02 18.46
N GLY ZA 118 -13.00 163.09 18.72
CA GLY ZA 118 -13.90 163.11 19.86
C GLY ZA 118 -14.84 161.93 19.87
N HIS ZA 119 -15.24 161.44 18.69
CA HIS ZA 119 -16.05 160.24 18.59
C HIS ZA 119 -15.24 158.97 18.83
N SER ZA 120 -13.92 159.07 18.88
CA SER ZA 120 -13.06 157.91 19.03
C SER ZA 120 -12.49 157.76 20.44
N VAL ZA 121 -12.75 158.72 21.32
CA VAL ZA 121 -12.15 158.74 22.64
C VAL ZA 121 -13.25 158.83 23.70
N ILE ZA 122 -13.10 158.05 24.76
CA ILE ZA 122 -13.90 158.20 25.97
C ILE ZA 122 -13.08 159.01 26.97
N ILE ZA 123 -13.61 160.17 27.36
CA ILE ZA 123 -12.99 161.03 28.37
C ILE ZA 123 -13.91 161.04 29.57
N LYS ZA 124 -13.37 160.73 30.75
CA LYS ZA 124 -14.24 160.76 31.91
C LYS ZA 124 -13.42 160.77 33.19
N LYS ZA 125 -13.99 161.33 34.25
CA LYS ZA 125 -13.28 161.44 35.52
C LYS ZA 125 -13.29 160.12 36.27
N ILE ZA 126 -12.32 159.95 37.18
CA ILE ZA 126 -12.10 158.71 37.94
C ILE ZA 126 -11.46 159.00 39.30
N GLN ZA 127 -12.05 158.45 40.38
CA GLN ZA 127 -11.54 158.66 41.73
C GLN ZA 127 -10.86 157.39 42.24
N MET ZA 128 -9.66 157.53 42.83
CA MET ZA 128 -8.80 156.42 43.25
C MET ZA 128 -8.10 156.69 44.58
N PRO ZA 129 -7.04 155.93 44.95
CA PRO ZA 129 -6.15 156.41 46.03
C PRO ZA 129 -4.71 156.67 45.59
N ARG ZA 130 -4.13 157.75 46.11
CA ARG ZA 130 -2.78 158.15 45.76
C ARG ZA 130 -1.76 157.11 46.23
N MET ZA 131 -0.93 156.66 45.29
CA MET ZA 131 0.13 155.70 45.62
C MET ZA 131 1.29 155.76 44.63
N SER ZA 132 2.03 154.66 44.55
CA SER ZA 132 3.10 154.52 43.56
C SER ZA 132 2.52 154.54 42.15
N GLN ZA 133 3.34 155.00 41.18
CA GLN ZA 133 2.84 155.17 39.82
C GLN ZA 133 2.30 153.89 39.24
N ASP ZA 134 3.03 152.77 39.40
CA ASP ZA 134 2.56 151.50 38.85
C ASP ZA 134 1.21 151.12 39.42
N GLU ZA 135 1.05 151.21 40.75
CA GLU ZA 135 -0.20 150.83 41.38
C GLU ZA 135 -1.34 151.74 40.94
N LEU ZA 136 -1.04 153.00 40.62
CA LEU ZA 136 -2.09 153.88 40.11
C LEU ZA 136 -2.45 153.54 38.68
N GLU ZA 137 -1.46 153.23 37.85
CA GLU ZA 137 -1.78 152.92 36.45
C GLU ZA 137 -2.60 151.64 36.37
N GLU ZA 138 -2.20 150.60 37.11
CA GLU ZA 138 -2.98 149.37 37.12
C GLU ZA 138 -4.36 149.59 37.72
N SER ZA 139 -4.43 150.22 38.89
CA SER ZA 139 -5.72 150.55 39.49
C SER ZA 139 -6.59 151.34 38.53
N ILE ZA 140 -5.97 152.26 37.77
CA ILE ZA 140 -6.68 153.11 36.83
C ILE ZA 140 -7.30 152.28 35.71
N GLN ZA 141 -6.48 151.39 35.14
CA GLN ZA 141 -6.98 150.46 34.14
C GLN ZA 141 -8.13 149.64 34.68
N TRP ZA 142 -8.00 149.17 35.91
CA TRP ZA 142 -9.02 148.33 36.53
C TRP ZA 142 -10.34 149.07 36.67
N GLU ZA 143 -10.29 150.34 37.06
CA GLU ZA 143 -11.54 151.08 37.22
C GLU ZA 143 -12.14 151.47 35.88
N ALA ZA 144 -11.30 151.80 34.91
CA ALA ZA 144 -11.82 152.10 33.57
C ALA ZA 144 -12.47 150.89 32.93
N GLU ZA 145 -12.13 149.68 33.37
CA GLU ZA 145 -12.47 148.49 32.60
C GLU ZA 145 -13.97 148.39 32.34
N GLN ZA 146 -14.80 148.60 33.35
CA GLN ZA 146 -16.25 148.59 33.18
C GLN ZA 146 -16.76 149.75 32.32
N TYR ZA 147 -16.04 150.87 32.24
CA TYR ZA 147 -16.58 152.11 31.67
C TYR ZA 147 -16.29 152.18 30.17
N ILE ZA 148 -15.63 151.16 29.65
CA ILE ZA 148 -15.17 151.02 28.28
C ILE ZA 148 -15.98 149.87 27.64
N PRO ZA 149 -16.88 150.16 26.71
CA PRO ZA 149 -17.69 149.10 26.11
C PRO ZA 149 -16.95 148.20 25.13
N PHE ZA 150 -15.62 148.14 25.20
CA PHE ZA 150 -14.84 147.23 24.37
C PHE ZA 150 -13.89 146.45 25.27
N ASP ZA 151 -13.35 145.37 24.73
CA ASP ZA 151 -12.19 144.78 25.38
C ASP ZA 151 -11.07 145.79 25.43
N VAL ZA 152 -10.07 145.48 26.25
CA VAL ZA 152 -8.82 146.24 26.21
C VAL ZA 152 -7.83 145.33 25.47
N LYS ZA 153 -7.59 145.50 24.17
CA LYS ZA 153 -8.21 146.39 23.16
C LYS ZA 153 -8.62 147.86 23.51
N ASP ZA 154 -7.78 148.54 24.28
CA ASP ZA 154 -7.93 149.97 24.53
C ASP ZA 154 -6.60 150.57 25.01
N VAL ZA 155 -6.24 151.73 24.44
CA VAL ZA 155 -5.12 152.57 24.86
C VAL ZA 155 -5.66 153.58 25.87
N ASN ZA 156 -4.99 153.66 27.02
CA ASN ZA 156 -5.46 154.37 28.19
C ASN ZA 156 -4.40 155.36 28.66
N ILE ZA 157 -4.83 156.54 29.09
CA ILE ZA 157 -3.95 157.57 29.64
C ILE ZA 157 -4.75 158.43 30.61
N ASP ZA 158 -4.12 158.81 31.72
CA ASP ZA 158 -4.81 159.64 32.70
C ASP ZA 158 -4.00 160.89 33.00
N THR ZA 159 -4.68 161.92 33.50
CA THR ZA 159 -3.94 162.96 34.21
C THR ZA 159 -4.75 163.40 35.42
N GLN ZA 160 -4.06 163.92 36.42
CA GLN ZA 160 -4.72 164.22 37.68
C GLN ZA 160 -5.30 165.63 37.64
N ILE ZA 161 -6.59 165.73 37.99
CA ILE ZA 161 -7.29 167.00 37.97
C ILE ZA 161 -6.77 167.96 39.03
N LEU ZA 162 -6.08 167.45 40.05
CA LEU ZA 162 -5.39 168.26 41.04
C LEU ZA 162 -3.98 167.73 41.20
N ASP ZA 163 -3.08 168.59 41.67
CA ASP ZA 163 -1.68 168.22 41.80
C ASP ZA 163 -1.51 167.09 42.80
N GLY ZA 164 -0.84 166.01 42.37
CA GLY ZA 164 -0.66 164.86 43.22
C GLY ZA 164 0.24 165.13 44.42
N GLY ZA 165 1.19 166.05 44.28
CA GLY ZA 165 2.07 166.38 45.39
C GLY ZA 165 1.36 167.07 46.54
N GLY ZA 166 0.16 167.57 46.32
CA GLY ZA 166 -0.61 168.23 47.35
C GLY ZA 166 -1.39 167.33 48.27
N ASN ZA 167 -1.33 166.01 48.06
CA ASN ZA 167 -2.03 165.04 48.88
C ASN ZA 167 -1.12 163.86 49.19
N ASP ZA 168 -1.44 163.16 50.29
CA ASP ZA 168 -0.63 162.03 50.71
C ASP ZA 168 -1.07 160.76 50.00
N ALA ZA 169 -0.28 159.71 50.19
CA ALA ZA 169 -0.65 158.39 49.72
C ALA ZA 169 -1.99 157.98 50.33
N THR ZA 170 -2.75 157.18 49.56
CA THR ZA 170 -4.05 156.64 49.94
C THR ZA 170 -5.19 157.66 49.93
N GLY ZA 171 -4.88 158.96 49.86
CA GLY ZA 171 -5.93 159.96 49.91
C GLY ZA 171 -5.99 160.91 48.73
N GLN ZA 172 -7.20 161.34 48.35
CA GLN ZA 172 -7.43 162.40 47.36
C GLN ZA 172 -6.76 162.12 46.02
N MET ZA 173 -7.05 160.95 45.47
CA MET ZA 173 -6.66 160.70 44.09
C MET ZA 173 -7.83 161.00 43.17
N ASP ZA 174 -7.51 161.70 42.09
CA ASP ZA 174 -8.48 161.97 41.04
C ASP ZA 174 -7.65 162.01 39.77
N VAL ZA 175 -7.86 161.05 38.90
CA VAL ZA 175 -7.33 161.13 37.55
C VAL ZA 175 -8.53 161.19 36.64
N LEU ZA 176 -8.35 161.73 35.44
CA LEU ZA 176 -9.34 161.60 34.39
C LEU ZA 176 -8.70 160.71 33.33
N LEU ZA 177 -9.49 159.77 32.80
CA LEU ZA 177 -9.02 158.81 31.83
C LEU ZA 177 -9.49 159.19 30.43
N VAL ZA 178 -8.54 159.10 29.52
CA VAL ZA 178 -8.76 159.12 28.08
C VAL ZA 178 -8.52 157.70 27.57
N ALA ZA 179 -9.49 157.17 26.83
CA ALA ZA 179 -9.51 155.78 26.44
C ALA ZA 179 -9.88 155.68 24.97
N ALA ZA 180 -9.28 154.71 24.27
CA ALA ZA 180 -9.40 154.67 22.82
C ALA ZA 180 -9.14 153.26 22.29
N LYS ZA 181 -9.77 152.91 21.18
CA LYS ZA 181 -9.49 151.62 20.56
C LYS ZA 181 -8.12 151.64 19.87
N LYS ZA 182 -7.44 150.49 19.88
CA LYS ZA 182 -6.19 150.37 19.11
C LYS ZA 182 -6.43 150.67 17.65
N ASP ZA 183 -7.53 150.19 17.09
CA ASP ZA 183 -7.75 150.32 15.66
C ASP ZA 183 -7.76 151.79 15.24
N MET ZA 184 -8.25 152.66 16.11
CA MET ZA 184 -8.21 154.10 15.82
C MET ZA 184 -6.78 154.62 15.86
N ILE ZA 185 -6.11 154.49 17.02
CA ILE ZA 185 -4.72 154.90 17.15
C ILE ZA 185 -3.87 154.35 16.01
N ASN ZA 186 -4.04 153.06 15.70
CA ASN ZA 186 -3.27 152.39 14.67
C ASN ZA 186 -3.57 152.97 13.29
N ASP ZA 187 -4.84 153.32 13.05
CA ASP ZA 187 -5.18 154.05 11.83
C ASP ZA 187 -4.40 155.35 11.75
N TYR ZA 188 -4.35 156.08 12.86
CA TYR ZA 188 -3.71 157.40 12.85
C TYR ZA 188 -2.20 157.28 12.69
N THR ZA 189 -1.55 156.43 13.51
CA THR ZA 189 -0.13 156.16 13.31
C THR ZA 189 0.15 155.65 11.91
N THR ZA 190 -0.80 154.94 11.31
CA THR ZA 190 -0.63 154.57 9.90
C THR ZA 190 -0.51 155.82 9.04
N VAL ZA 191 -1.54 156.66 9.06
CA VAL ZA 191 -1.52 157.90 8.27
C VAL ZA 191 -0.22 158.66 8.51
N VAL ZA 192 0.25 158.69 9.76
CA VAL ZA 192 1.41 159.51 10.08
C VAL ZA 192 2.68 158.88 9.55
N SER ZA 193 2.91 157.61 9.88
CA SER ZA 193 4.01 156.84 9.32
C SER ZA 193 4.16 157.08 7.83
N GLU ZA 194 3.04 157.19 7.09
CA GLU ZA 194 3.20 157.25 5.64
C GLU ZA 194 3.45 158.68 5.14
N ALA ZA 195 2.94 159.72 5.82
CA ALA ZA 195 3.31 161.09 5.46
C ALA ZA 195 4.78 161.39 5.71
N GLY ZA 196 5.55 160.39 6.15
CA GLY ZA 196 6.91 160.64 6.58
C GLY ZA 196 7.01 161.33 7.91
N LEU ZA 197 5.92 161.39 8.66
CA LEU ZA 197 5.89 162.07 9.95
C LEU ZA 197 6.14 161.07 11.08
N ALA ZA 198 6.63 161.59 12.21
CA ALA ZA 198 6.85 160.80 13.40
C ALA ZA 198 6.08 161.41 14.56
N PRO ZA 199 5.10 160.71 15.13
CA PRO ZA 199 4.33 161.30 16.23
C PRO ZA 199 5.06 161.16 17.56
N VAL ZA 200 4.91 162.20 18.39
CA VAL ZA 200 5.40 162.13 19.77
C VAL ZA 200 4.25 162.25 20.78
N VAL ZA 201 3.14 162.87 20.40
CA VAL ZA 201 1.99 163.09 21.28
C VAL ZA 201 0.72 162.85 20.48
N VAL ZA 202 -0.16 162.00 21.01
CA VAL ZA 202 -1.50 161.82 20.48
C VAL ZA 202 -2.45 162.37 21.53
N ASP ZA 203 -2.86 163.62 21.35
CA ASP ZA 203 -3.57 164.39 22.35
C ASP ZA 203 -5.06 164.32 22.05
N VAL ZA 204 -5.88 165.01 22.83
CA VAL ZA 204 -7.33 165.03 22.64
C VAL ZA 204 -7.75 166.48 22.43
N ASP ZA 205 -8.80 166.68 21.62
CA ASP ZA 205 -9.06 168.01 21.08
C ASP ZA 205 -9.66 168.95 22.12
N ALA ZA 206 -10.50 168.43 23.02
CA ALA ZA 206 -11.18 169.30 23.98
C ALA ZA 206 -10.20 170.02 24.90
N PHE ZA 207 -8.99 169.48 25.08
CA PHE ZA 207 -7.97 170.08 25.92
C PHE ZA 207 -6.87 170.73 25.11
N ALA ZA 208 -6.59 170.18 23.93
CA ALA ZA 208 -5.63 170.81 23.04
C ALA ZA 208 -6.12 172.18 22.59
N VAL ZA 209 -7.43 172.34 22.43
CA VAL ZA 209 -8.01 173.61 22.03
C VAL ZA 209 -7.79 174.68 23.09
N GLN ZA 210 -7.49 174.27 24.33
CA GLN ZA 210 -7.38 175.19 25.45
C GLN ZA 210 -5.99 175.80 25.61
N ASN ZA 211 -4.95 175.18 25.03
CA ASN ZA 211 -3.58 175.61 25.27
C ASN ZA 211 -3.33 177.04 24.81
N MET ZA 212 -4.13 177.50 23.84
CA MET ZA 212 -4.02 178.86 23.33
C MET ZA 212 -4.57 179.87 24.30
N PHE ZA 213 -5.55 179.45 25.10
CA PHE ZA 213 -6.20 180.33 26.05
C PHE ZA 213 -5.72 180.08 27.48
N SER ZA 214 -4.76 179.17 27.67
CA SER ZA 214 -4.37 178.74 29.02
C SER ZA 214 -3.79 179.87 29.84
N VAL ZA 215 -2.97 180.73 29.23
CA VAL ZA 215 -2.43 181.88 29.97
C VAL ZA 215 -3.56 182.82 30.37
N ASN ZA 216 -4.42 183.16 29.41
CA ASN ZA 216 -5.51 184.10 29.66
C ASN ZA 216 -6.49 183.56 30.69
N TYR ZA 217 -6.66 182.24 30.72
CA TYR ZA 217 -7.47 181.59 31.75
C TYR ZA 217 -6.76 181.61 33.09
N ASP ZA 218 -5.43 181.41 33.08
CA ASP ZA 218 -4.66 181.43 34.32
C ASP ZA 218 -4.64 182.82 34.94
N VAL ZA 219 -5.02 183.85 34.17
CA VAL ZA 219 -5.19 185.18 34.73
C VAL ZA 219 -6.30 185.21 35.78
N PRO ZA 220 -7.54 184.70 35.53
CA PRO ZA 220 -8.50 184.56 36.64
C PRO ZA 220 -8.51 183.17 37.27
N GLU ZA 221 -7.96 183.02 38.48
CA GLU ZA 221 -7.71 181.67 38.98
C GLU ZA 221 -8.94 181.06 39.66
N ARG ZA 222 -9.94 181.86 40.01
CA ARG ZA 222 -11.14 181.33 40.63
C ARG ZA 222 -12.39 181.54 39.78
N GLU ZA 223 -12.25 182.00 38.55
CA GLU ZA 223 -13.39 182.19 37.67
C GLU ZA 223 -13.71 180.92 36.92
N THR ZA 224 -15.00 180.58 36.86
CA THR ZA 224 -15.49 179.42 36.13
C THR ZA 224 -15.79 179.82 34.69
N VAL ZA 225 -15.10 179.19 33.75
CA VAL ZA 225 -15.20 179.52 32.33
C VAL ZA 225 -15.69 178.30 31.57
N VAL ZA 226 -16.54 178.52 30.56
CA VAL ZA 226 -16.88 177.44 29.65
C VAL ZA 226 -16.16 177.69 28.33
N LEU ZA 227 -15.81 176.59 27.67
CA LEU ZA 227 -15.20 176.62 26.35
C LEU ZA 227 -15.93 175.63 25.47
N ILE ZA 228 -16.58 176.13 24.43
CA ILE ZA 228 -17.28 175.31 23.45
C ILE ZA 228 -16.41 175.24 22.21
N ASN ZA 229 -16.15 174.04 21.71
CA ASN ZA 229 -15.58 173.85 20.38
C ASN ZA 229 -16.66 173.18 19.55
N ALA ZA 230 -17.33 173.97 18.71
CA ALA ZA 230 -18.33 173.46 17.78
C ALA ZA 230 -17.63 173.06 16.49
N GLY ZA 231 -17.41 171.76 16.30
CA GLY ZA 231 -16.76 171.25 15.13
C GLY ZA 231 -17.76 170.80 14.08
N ALA ZA 232 -17.27 170.00 13.14
CA ALA ZA 232 -18.13 169.41 12.11
C ALA ZA 232 -18.66 168.04 12.50
N SER ZA 233 -17.94 167.29 13.35
CA SER ZA 233 -18.36 165.97 13.78
C SER ZA 233 -18.91 165.94 15.20
N VAL ZA 234 -18.58 166.93 16.02
CA VAL ZA 234 -18.86 166.88 17.45
C VAL ZA 234 -18.75 168.29 17.99
N VAL ZA 235 -19.44 168.55 19.10
CA VAL ZA 235 -19.27 169.80 19.85
C VAL ZA 235 -18.77 169.42 21.23
N ASN ZA 236 -17.62 169.96 21.62
CA ASN ZA 236 -17.16 169.71 22.98
C ASN ZA 236 -17.43 170.91 23.87
N ILE ZA 237 -17.77 170.58 25.11
CA ILE ZA 237 -17.82 171.52 26.21
C ILE ZA 237 -16.76 171.10 27.20
N ASN ZA 238 -15.83 171.99 27.52
CA ASN ZA 238 -15.06 171.79 28.72
C ASN ZA 238 -15.22 173.04 29.57
N ILE ZA 239 -15.43 172.85 30.86
CA ILE ZA 239 -15.62 173.94 31.81
C ILE ZA 239 -14.60 173.83 32.93
N ILE ZA 240 -14.03 174.99 33.30
CA ILE ZA 240 -12.81 175.10 34.08
C ILE ZA 240 -13.00 176.10 35.22
N SER ZA 241 -12.18 175.93 36.26
CA SER ZA 241 -11.82 177.01 37.18
C SER ZA 241 -10.37 177.36 36.92
N ASN ZA 242 -10.12 178.55 36.38
CA ASN ZA 242 -8.80 178.99 35.91
C ASN ZA 242 -8.52 178.20 34.62
N GLY ZA 243 -7.31 177.69 34.44
CA GLY ZA 243 -7.02 176.71 33.40
C GLY ZA 243 -6.92 175.34 34.04
N ALA ZA 244 -7.83 175.07 34.98
CA ALA ZA 244 -7.97 173.76 35.60
C ALA ZA 244 -9.31 173.19 35.15
N THR ZA 245 -9.25 172.24 34.23
CA THR ZA 245 -10.48 171.62 33.75
C THR ZA 245 -11.25 171.01 34.92
N VAL ZA 246 -12.53 171.31 34.98
CA VAL ZA 246 -13.43 170.67 35.91
C VAL ZA 246 -14.20 169.54 35.25
N PHE ZA 247 -14.61 169.73 33.99
CA PHE ZA 247 -15.19 168.58 33.29
C PHE ZA 247 -15.25 168.84 31.79
N THR ZA 248 -15.57 167.77 31.05
CA THR ZA 248 -15.76 167.80 29.61
C THR ZA 248 -16.95 166.92 29.24
N ARG ZA 249 -17.64 167.28 28.16
CA ARG ZA 249 -18.79 166.55 27.65
C ARG ZA 249 -18.84 166.76 26.14
N ASP ZA 250 -19.10 165.68 25.40
CA ASP ZA 250 -19.06 165.71 23.95
C ASP ZA 250 -20.44 165.39 23.38
N VAL ZA 251 -20.92 166.25 22.50
CA VAL ZA 251 -22.27 166.18 21.96
C VAL ZA 251 -22.18 165.83 20.47
N THR ZA 252 -22.98 164.83 20.08
CA THR ZA 252 -22.93 164.36 18.69
C THR ZA 252 -23.29 165.46 17.71
N ILE ZA 253 -24.05 166.45 18.14
CA ILE ZA 253 -24.53 167.50 17.26
C ILE ZA 253 -23.37 168.41 16.88
N GLY ZA 254 -23.41 168.91 15.64
CA GLY ZA 254 -22.35 169.77 15.16
C GLY ZA 254 -22.78 170.45 13.88
N GLY ZA 255 -21.80 171.03 13.18
CA GLY ZA 255 -22.10 171.76 11.95
C GLY ZA 255 -22.59 170.87 10.83
N ASN ZA 256 -22.15 169.61 10.82
CA ASN ZA 256 -22.67 168.66 9.85
C ASN ZA 256 -24.18 168.60 9.90
N GLN ZA 257 -24.76 168.73 11.09
CA GLN ZA 257 -26.22 168.69 11.21
C GLN ZA 257 -26.87 169.89 10.55
N PHE ZA 258 -26.29 171.09 10.71
CA PHE ZA 258 -26.81 172.26 10.03
C PHE ZA 258 -26.75 172.06 8.52
N THR ZA 259 -25.58 171.70 8.01
CA THR ZA 259 -25.44 171.46 6.57
C THR ZA 259 -26.42 170.42 6.08
N GLU ZA 260 -26.63 169.35 6.86
CA GLU ZA 260 -27.50 168.27 6.44
C GLU ZA 260 -28.97 168.69 6.44
N GLU ZA 261 -29.37 169.58 7.34
CA GLU ZA 261 -30.73 170.09 7.27
C GLU ZA 261 -30.91 170.98 6.05
N ILE ZA 262 -29.94 171.85 5.78
CA ILE ZA 262 -29.98 172.66 4.56
C ILE ZA 262 -30.11 171.75 3.33
N GLN ZA 263 -29.32 170.68 3.31
CA GLN ZA 263 -29.35 169.75 2.19
C GLN ZA 263 -30.71 169.06 2.07
N LYS ZA 264 -31.27 168.61 3.20
CA LYS ZA 264 -32.58 167.97 3.18
C LYS ZA 264 -33.65 168.89 2.60
N GLN ZA 265 -33.69 170.15 3.05
CA GLN ZA 265 -34.81 171.01 2.72
C GLN ZA 265 -34.73 171.64 1.33
N LEU ZA 266 -33.67 171.36 0.56
CA LEU ZA 266 -33.53 171.95 -0.76
C LEU ZA 266 -32.86 170.97 -1.73
N ASN ZA 267 -33.01 169.66 -1.45
CA ASN ZA 267 -32.31 168.55 -2.11
C ASN ZA 267 -31.02 169.00 -2.80
N VAL ZA 268 -30.08 169.45 -2.00
CA VAL ZA 268 -28.78 169.99 -2.42
C VAL ZA 268 -27.71 168.96 -2.13
N SER ZA 269 -26.54 169.06 -2.77
CA SER ZA 269 -25.41 168.23 -2.38
C SER ZA 269 -24.81 168.75 -1.09
N TYR ZA 270 -23.96 167.95 -0.42
CA TYR ZA 270 -23.42 168.40 0.86
C TYR ZA 270 -22.61 169.67 0.71
N GLU ZA 271 -21.76 169.76 -0.33
CA GLU ZA 271 -20.87 170.90 -0.47
C GLU ZA 271 -21.63 172.19 -0.76
N GLU ZA 272 -22.60 172.14 -1.66
CA GLU ZA 272 -23.38 173.33 -1.98
C GLU ZA 272 -24.24 173.76 -0.79
N ALA ZA 273 -24.79 172.79 -0.04
CA ALA ZA 273 -25.52 173.15 1.18
C ALA ZA 273 -24.58 173.77 2.19
N GLU ZA 274 -23.31 173.33 2.20
CA GLU ZA 274 -22.33 173.92 3.09
C GLU ZA 274 -22.03 175.37 2.71
N ALA ZA 275 -21.83 175.62 1.41
CA ALA ZA 275 -21.61 176.99 0.96
C ALA ZA 275 -22.81 177.87 1.27
N LEU ZA 276 -24.02 177.37 1.00
CA LEU ZA 276 -25.23 178.10 1.35
C LEU ZA 276 -25.27 178.43 2.83
N LYS ZA 277 -24.80 177.50 3.66
CA LYS ZA 277 -24.66 177.78 5.09
C LYS ZA 277 -23.71 178.96 5.31
N ILE ZA 278 -22.45 178.79 4.90
CA ILE ZA 278 -21.39 179.80 5.08
C ILE ZA 278 -21.84 181.14 4.52
N GLY ZA 279 -21.73 181.34 3.21
CA GLY ZA 279 -22.03 182.64 2.63
C GLY ZA 279 -23.50 182.99 2.64
N GLY ZA 280 -24.36 181.98 2.47
CA GLY ZA 280 -25.78 182.20 2.62
C GLY ZA 280 -26.15 182.91 3.91
N ASN ZA 281 -25.58 182.48 5.03
CA ASN ZA 281 -26.03 182.95 6.33
C ASN ZA 281 -25.42 184.27 6.79
N GLY ZA 282 -24.34 184.74 6.15
CA GLY ZA 282 -23.63 185.90 6.68
C GLY ZA 282 -23.40 187.10 5.77
N ALA ZA 283 -23.79 187.01 4.50
CA ALA ZA 283 -23.53 188.10 3.57
C ALA ZA 283 -24.36 189.34 3.94
N ASP ZA 284 -23.87 190.51 3.54
CA ASP ZA 284 -24.66 191.73 3.73
C ASP ZA 284 -25.91 191.71 2.86
N ALA ZA 285 -25.88 190.96 1.76
CA ALA ZA 285 -27.00 190.83 0.85
C ALA ZA 285 -27.93 189.67 1.20
N ASP ZA 286 -27.78 189.06 2.38
CA ASP ZA 286 -28.47 187.82 2.70
C ASP ZA 286 -29.87 188.04 3.25
N ALA ZA 287 -30.48 189.21 3.05
CA ALA ZA 287 -31.72 189.55 3.74
C ALA ZA 287 -32.88 188.61 3.38
N VAL ZA 288 -32.83 187.95 2.23
CA VAL ZA 288 -33.98 187.17 1.77
C VAL ZA 288 -33.82 185.70 2.17
N VAL ZA 289 -32.60 185.31 2.48
CA VAL ZA 289 -32.17 183.94 2.70
C VAL ZA 289 -32.15 183.53 4.18
N PRO ZA 290 -32.35 184.40 5.19
CA PRO ZA 290 -32.38 183.85 6.55
C PRO ZA 290 -33.75 183.35 6.92
N GLN ZA 291 -34.75 183.67 6.09
CA GLN ZA 291 -36.03 182.98 6.19
C GLN ZA 291 -35.91 181.57 5.62
N ASP ZA 292 -35.47 181.47 4.37
CA ASP ZA 292 -35.37 180.17 3.71
C ASP ZA 292 -34.41 179.25 4.45
N VAL ZA 293 -33.27 179.79 4.90
CA VAL ZA 293 -32.29 178.98 5.60
C VAL ZA 293 -32.67 178.82 7.07
N GLU ZA 294 -32.92 179.95 7.75
CA GLU ZA 294 -33.17 179.88 9.19
C GLU ZA 294 -34.32 178.91 9.48
N ARG ZA 295 -35.36 178.94 8.64
CA ARG ZA 295 -36.45 177.97 8.81
C ARG ZA 295 -35.95 176.54 8.64
N VAL ZA 296 -34.90 176.35 7.85
CA VAL ZA 296 -34.32 175.03 7.67
C VAL ZA 296 -33.51 174.62 8.89
N LEU ZA 297 -32.72 175.54 9.44
CA LEU ZA 297 -31.78 175.28 10.52
C LEU ZA 297 -32.38 175.48 11.90
N SER ZA 298 -33.67 175.86 11.99
CA SER ZA 298 -34.22 176.26 13.27
C SER ZA 298 -34.34 175.09 14.22
N SER ZA 299 -34.73 173.91 13.71
CA SER ZA 299 -34.78 172.73 14.55
C SER ZA 299 -33.41 172.38 15.10
N VAL ZA 300 -32.35 172.56 14.31
CA VAL ZA 300 -31.01 172.30 14.81
C VAL ZA 300 -30.61 173.32 15.86
N ALA ZA 301 -30.92 174.61 15.62
CA ALA ZA 301 -30.63 175.62 16.64
C ALA ZA 301 -31.30 175.27 17.96
N GLU ZA 302 -32.58 174.88 17.90
CA GLU ZA 302 -33.31 174.48 19.10
C GLU ZA 302 -32.64 173.29 19.77
N GLN ZA 303 -32.32 172.24 19.01
CA GLN ZA 303 -31.78 171.03 19.60
C GLN ZA 303 -30.38 171.25 20.18
N VAL ZA 304 -29.55 172.07 19.51
CA VAL ZA 304 -28.26 172.44 20.07
C VAL ZA 304 -28.45 173.18 21.39
N ALA ZA 305 -29.32 174.20 21.40
CA ALA ZA 305 -29.56 174.96 22.62
C ALA ZA 305 -30.03 174.05 23.76
N GLY ZA 306 -30.93 173.11 23.46
CA GLY ZA 306 -31.41 172.21 24.50
C GLY ZA 306 -30.33 171.26 24.99
N GLU ZA 307 -29.47 170.80 24.09
CA GLU ZA 307 -28.40 169.89 24.50
C GLU ZA 307 -27.35 170.60 25.34
N ILE ZA 308 -27.05 171.87 25.03
CA ILE ZA 308 -26.11 172.65 25.82
C ILE ZA 308 -26.70 173.00 27.17
N GLN ZA 309 -27.96 173.47 27.21
CA GLN ZA 309 -28.66 173.66 28.48
C GLN ZA 309 -28.62 172.40 29.33
N ARG ZA 310 -28.90 171.25 28.72
CA ARG ZA 310 -28.89 169.99 29.44
C ARG ZA 310 -27.51 169.70 30.03
N SER ZA 311 -26.47 169.86 29.22
CA SER ZA 311 -25.11 169.59 29.73
C SER ZA 311 -24.79 170.52 30.92
N LEU ZA 312 -25.05 171.81 30.76
CA LEU ZA 312 -24.79 172.77 31.83
C LEU ZA 312 -25.56 172.42 33.10
N ASP ZA 313 -26.82 172.00 32.97
CA ASP ZA 313 -27.60 171.63 34.14
C ASP ZA 313 -27.06 170.37 34.79
N PHE ZA 314 -26.47 169.46 33.99
CA PHE ZA 314 -25.95 168.23 34.56
C PHE ZA 314 -24.66 168.48 35.30
N TYR ZA 315 -23.94 169.56 34.96
CA TYR ZA 315 -22.79 169.92 35.77
C TYR ZA 315 -23.20 170.49 37.12
N ALA ZA 316 -24.23 171.32 37.14
CA ALA ZA 316 -24.33 172.42 38.10
C ALA ZA 316 -24.81 172.00 39.49
N GLY ZA 317 -24.02 171.19 40.19
CA GLY ZA 317 -24.55 170.45 41.31
C GLY ZA 317 -24.10 170.78 42.72
N THR ZA 318 -22.93 171.40 42.88
CA THR ZA 318 -22.43 171.81 44.18
C THR ZA 318 -22.69 173.29 44.49
N ALA ZA 319 -22.64 174.15 43.47
CA ALA ZA 319 -23.01 175.56 43.57
C ALA ZA 319 -24.47 175.69 43.17
N ALA ZA 320 -25.35 174.96 43.87
CA ALA ZA 320 -26.79 175.19 43.84
C ALA ZA 320 -27.15 176.57 43.36
N ASP ZA 321 -26.57 177.57 44.03
CA ASP ZA 321 -27.15 178.88 44.23
C ASP ZA 321 -26.60 179.92 43.28
N SER ZA 322 -25.60 179.54 42.49
CA SER ZA 322 -24.76 180.50 41.81
C SER ZA 322 -25.22 180.68 40.37
N ASN ZA 323 -24.47 181.48 39.64
CA ASN ZA 323 -24.68 181.67 38.22
C ASN ZA 323 -23.38 181.40 37.49
N PHE ZA 324 -23.40 181.62 36.17
CA PHE ZA 324 -22.21 181.42 35.39
C PHE ZA 324 -21.35 182.69 35.39
N SER ZA 325 -20.23 182.62 34.67
CA SER ZA 325 -19.39 183.79 34.41
C SER ZA 325 -19.25 184.01 32.91
N LYS ZA 326 -18.15 183.53 32.30
CA LYS ZA 326 -17.86 183.83 30.92
C LYS ZA 326 -17.31 182.60 30.19
N VAL ZA 327 -17.38 182.65 28.85
CA VAL ZA 327 -17.15 181.49 28.02
C VAL ZA 327 -16.65 181.91 26.63
N TYR ZA 328 -15.97 180.99 25.93
CA TYR ZA 328 -15.45 181.23 24.60
C TYR ZA 328 -15.93 180.16 23.62
N LEU ZA 329 -15.77 180.47 22.33
CA LEU ZA 329 -16.14 179.57 21.23
C LEU ZA 329 -14.95 179.32 20.32
N SER ZA 330 -14.87 178.09 19.81
CA SER ZA 330 -13.85 177.61 18.89
C SER ZA 330 -14.53 176.66 17.92
N GLY ZA 331 -13.84 176.34 16.84
CA GLY ZA 331 -14.50 175.51 15.83
C GLY ZA 331 -15.27 176.33 14.83
N GLY ZA 332 -15.28 175.86 13.58
CA GLY ZA 332 -15.91 176.61 12.52
C GLY ZA 332 -17.43 176.64 12.63
N THR ZA 333 -18.01 175.61 13.24
CA THR ZA 333 -19.46 175.60 13.45
C THR ZA 333 -19.92 176.78 14.30
N ALA ZA 334 -19.05 177.28 15.17
CA ALA ZA 334 -19.32 178.50 15.92
C ALA ZA 334 -19.64 179.68 15.00
N LYS ZA 335 -18.95 179.79 13.87
CA LYS ZA 335 -19.01 180.96 13.02
C LYS ZA 335 -20.35 181.15 12.34
N ILE ZA 336 -21.34 180.31 12.63
CA ILE ZA 336 -22.70 180.53 12.14
C ILE ZA 336 -23.10 181.94 12.54
N PRO ZA 337 -23.53 182.76 11.59
CA PRO ZA 337 -23.89 184.14 11.90
C PRO ZA 337 -24.92 184.24 13.00
N ALA ZA 338 -24.61 185.06 14.01
CA ALA ZA 338 -25.46 185.39 15.16
C ALA ZA 338 -25.50 184.29 16.21
N LEU ZA 339 -24.92 183.11 15.92
CA LEU ZA 339 -25.00 181.99 16.85
C LEU ZA 339 -24.46 182.35 18.23
N PHE ZA 340 -23.51 183.28 18.28
CA PHE ZA 340 -22.90 183.64 19.56
C PHE ZA 340 -23.88 184.41 20.42
N LYS ZA 341 -24.61 185.36 19.81
CA LYS ZA 341 -25.64 186.09 20.52
C LYS ZA 341 -26.75 185.15 20.97
N THR ZA 342 -27.12 184.20 20.12
CA THR ZA 342 -28.16 183.24 20.46
C THR ZA 342 -27.75 182.40 21.67
N ILE ZA 343 -26.55 181.82 21.63
CA ILE ZA 343 -26.07 181.01 22.76
C ILE ZA 343 -25.95 181.87 24.01
N GLU ZA 344 -25.54 183.13 23.84
CA GLU ZA 344 -25.41 184.02 24.98
C GLU ZA 344 -26.74 184.25 25.67
N ALA ZA 345 -27.77 184.56 24.89
CA ALA ZA 345 -29.09 184.84 25.48
C ALA ZA 345 -29.75 183.56 25.98
N ARG ZA 346 -29.49 182.44 25.32
CA ARG ZA 346 -30.18 181.18 25.61
C ARG ZA 346 -29.59 180.41 26.77
N THR ZA 347 -28.27 180.47 26.96
CA THR ZA 347 -27.62 179.73 28.04
C THR ZA 347 -27.39 180.58 29.28
N GLY ZA 348 -27.66 181.88 29.22
CA GLY ZA 348 -27.39 182.76 30.35
C GLY ZA 348 -25.91 182.92 30.63
N VAL ZA 349 -25.08 182.83 29.59
CA VAL ZA 349 -23.65 183.01 29.77
C VAL ZA 349 -23.12 183.88 28.63
N PRO ZA 350 -22.28 184.88 28.90
CA PRO ZA 350 -21.59 185.58 27.81
C PRO ZA 350 -20.62 184.68 27.06
N VAL ZA 351 -21.01 184.35 25.83
CA VAL ZA 351 -20.26 183.48 24.92
C VAL ZA 351 -19.55 184.33 23.88
N GLU ZA 352 -18.23 184.26 23.84
CA GLU ZA 352 -17.46 185.11 22.94
C GLU ZA 352 -16.48 184.32 22.09
N ILE ZA 353 -16.38 184.71 20.82
CA ILE ZA 353 -15.26 184.27 20.02
C ILE ZA 353 -13.97 184.74 20.68
N LEU ZA 354 -12.89 184.01 20.40
CA LEU ZA 354 -11.59 184.39 20.93
C LEU ZA 354 -10.52 184.10 19.90
N ASN ZA 355 -9.48 184.91 19.91
CA ASN ZA 355 -8.36 184.76 18.99
C ASN ZA 355 -7.30 183.90 19.66
N PRO ZA 356 -7.13 182.64 19.27
CA PRO ZA 356 -6.00 181.86 19.81
C PRO ZA 356 -4.67 182.52 19.53
N PHE ZA 357 -4.45 183.02 18.31
CA PHE ZA 357 -3.11 183.41 17.88
C PHE ZA 357 -2.44 184.45 18.78
N ARG ZA 358 -3.14 184.99 19.78
CA ARG ZA 358 -2.51 185.95 20.69
C ARG ZA 358 -1.45 185.31 21.57
N LYS ZA 359 -1.44 183.98 21.68
CA LYS ZA 359 -0.45 183.25 22.45
C LYS ZA 359 0.89 183.10 21.74
N ILE ZA 360 0.96 183.45 20.46
CA ILE ZA 360 2.16 183.24 19.66
C ILE ZA 360 2.51 184.55 18.95
N GLU ZA 361 3.80 184.75 18.72
CA GLU ZA 361 4.25 185.92 17.98
C GLU ZA 361 3.91 185.74 16.50
N VAL ZA 362 3.41 186.81 15.89
CA VAL ZA 362 2.97 186.81 14.51
C VAL ZA 362 3.65 187.96 13.78
N ASP ZA 363 4.50 187.63 12.81
CA ASP ZA 363 5.19 188.63 12.00
C ASP ZA 363 4.18 189.23 11.02
N ASN ZA 364 3.94 190.54 11.15
CA ASN ZA 364 2.94 191.20 10.31
C ASN ZA 364 3.36 191.22 8.84
N ARG ZA 365 4.64 191.01 8.55
CA ARG ZA 365 5.10 190.99 7.17
C ARG ZA 365 4.82 189.65 6.49
N LYS ZA 366 4.51 188.60 7.26
CA LYS ZA 366 4.21 187.29 6.69
C LYS ZA 366 2.77 186.89 6.87
N PHE ZA 367 2.05 187.52 7.79
CA PHE ZA 367 0.63 187.27 8.03
C PHE ZA 367 -0.03 188.57 8.46
N ASP ZA 368 -1.20 188.85 7.91
CA ASP ZA 368 -1.97 190.02 8.31
C ASP ZA 368 -2.95 189.62 9.41
N PRO ZA 369 -3.05 190.36 10.52
CA PRO ZA 369 -3.88 189.88 11.64
C PRO ZA 369 -5.35 189.68 11.29
N ALA ZA 370 -5.87 190.35 10.27
CA ALA ZA 370 -7.32 190.27 10.02
C ALA ZA 370 -7.77 188.85 9.71
N PHE ZA 371 -7.22 188.24 8.66
CA PHE ZA 371 -7.61 186.87 8.30
C PHE ZA 371 -7.25 185.89 9.41
N VAL ZA 372 -5.98 185.91 9.85
CA VAL ZA 372 -5.56 185.12 11.01
C VAL ZA 372 -6.65 185.09 12.06
N MET ZA 373 -7.20 186.26 12.38
CA MET ZA 373 -8.40 186.34 13.20
C MET ZA 373 -9.57 185.59 12.57
N ASP ZA 374 -9.70 185.69 11.24
CA ASP ZA 374 -10.88 185.13 10.56
C ASP ZA 374 -10.94 183.61 10.70
N VAL ZA 375 -9.80 182.91 10.56
CA VAL ZA 375 -9.75 181.46 10.71
C VAL ZA 375 -9.29 181.03 12.11
N ALA ZA 376 -9.16 181.96 13.05
CA ALA ZA 376 -8.84 181.58 14.42
C ALA ZA 376 -9.72 180.44 14.97
N PRO ZA 377 -11.06 180.48 14.86
CA PRO ZA 377 -11.87 179.39 15.44
C PRO ZA 377 -11.57 178.02 14.87
N MET ZA 378 -11.47 177.89 13.54
CA MET ZA 378 -11.10 176.61 12.96
C MET ZA 378 -9.73 176.16 13.43
N ALA ZA 379 -8.79 177.08 13.60
CA ALA ZA 379 -7.40 176.74 13.83
C ALA ZA 379 -7.03 176.63 15.30
N ALA ZA 380 -7.96 176.85 16.23
CA ALA ZA 380 -7.61 176.83 17.65
C ALA ZA 380 -6.88 175.55 18.05
N VAL ZA 381 -7.43 174.38 17.69
CA VAL ZA 381 -6.76 173.13 18.05
C VAL ZA 381 -5.45 172.99 17.27
N ALA ZA 382 -5.49 173.37 15.97
CA ALA ZA 382 -4.39 173.35 15.00
C ALA ZA 382 -3.18 174.11 15.48
N VAL ZA 383 -3.36 175.10 16.33
CA VAL ZA 383 -2.24 175.66 17.05
C VAL ZA 383 -2.21 175.14 18.48
N GLY ZA 384 -3.22 174.36 18.88
CA GLY ZA 384 -3.23 173.77 20.22
C GLY ZA 384 -2.13 172.74 20.42
N LEU ZA 385 -2.31 171.55 19.86
CA LEU ZA 385 -1.22 170.58 20.03
C LEU ZA 385 0.07 171.12 19.42
N ALA ZA 386 -0.01 172.31 18.81
CA ALA ZA 386 1.13 173.02 18.24
C ALA ZA 386 1.97 173.67 19.29
N LEU ZA 387 1.37 174.36 20.27
CA LEU ZA 387 2.18 174.72 21.42
C LEU ZA 387 2.57 173.48 22.21
N ARG ZA 388 1.80 172.40 22.10
CA ARG ZA 388 2.25 171.15 22.70
C ARG ZA 388 3.56 170.66 22.07
N ARG ZA 389 3.83 171.03 20.82
CA ARG ZA 389 4.97 170.41 20.14
C ARG ZA 389 6.34 171.08 20.36
N PRO ZA 390 6.44 172.35 20.79
CA PRO ZA 390 7.76 172.82 21.24
C PRO ZA 390 7.79 172.89 22.75
N GLY ZA 391 6.96 172.09 23.39
CA GLY ZA 391 6.90 172.05 24.83
C GLY ZA 391 8.16 171.45 25.40
N MET AB 1 12.00 176.06 -12.82
CA MET AB 1 11.25 175.32 -13.81
C MET AB 1 11.52 173.83 -13.72
N MET AB 2 10.49 173.01 -13.92
CA MET AB 2 10.59 171.56 -13.80
C MET AB 2 10.79 170.92 -15.15
N ILE AB 3 11.82 170.09 -15.27
CA ILE AB 3 12.13 169.39 -16.51
C ILE AB 3 12.03 167.89 -16.25
N ARG AB 4 10.98 167.27 -16.79
CA ARG AB 4 10.67 165.87 -16.54
C ARG AB 4 10.77 165.06 -17.81
N ILE AB 5 11.04 163.77 -17.66
CA ILE AB 5 11.20 162.89 -18.81
C ILE AB 5 10.81 161.44 -18.46
N ASN AB 6 9.55 161.10 -18.72
CA ASN AB 6 9.05 159.74 -18.53
C ASN AB 6 9.57 158.76 -19.58
N LEU AB 7 10.51 159.16 -20.42
CA LEU AB 7 11.07 158.18 -21.35
C LEU AB 7 11.79 157.10 -20.57
N LEU AB 8 11.23 155.87 -20.66
CA LEU AB 8 11.52 154.58 -20.04
C LEU AB 8 12.85 154.44 -19.32
N PRO AB 9 12.85 154.44 -17.98
CA PRO AB 9 13.98 153.84 -17.27
C PRO AB 9 13.61 152.48 -16.59
N VAL AB 10 13.16 152.52 -15.33
CA VAL AB 10 13.22 151.40 -14.35
C VAL AB 10 12.58 150.03 -14.66
N ARG AB 11 11.34 149.96 -15.13
CA ARG AB 11 10.72 148.64 -15.16
C ARG AB 11 11.31 147.80 -16.28
N ALA AB 12 11.46 148.37 -17.47
CA ALA AB 12 12.19 147.69 -18.52
C ALA AB 12 13.59 147.34 -18.05
N VAL AB 13 14.28 148.25 -17.36
CA VAL AB 13 15.65 147.99 -16.91
C VAL AB 13 15.67 146.77 -16.00
N LYS AB 14 14.72 146.70 -15.07
CA LYS AB 14 14.64 145.56 -14.16
C LYS AB 14 14.35 144.29 -14.92
N LYS AB 15 13.58 144.40 -16.01
CA LYS AB 15 13.23 143.22 -16.80
C LYS AB 15 14.38 142.78 -17.70
N ARG AB 16 15.16 143.73 -18.22
CA ARG AB 16 16.35 143.42 -18.99
C ARG AB 16 17.39 142.76 -18.09
N GLU AB 17 17.45 143.20 -16.83
CA GLU AB 17 18.38 142.58 -15.88
C GLU AB 17 17.94 141.17 -15.52
N MET AB 18 16.68 140.99 -15.10
CA MET AB 18 16.16 139.65 -14.85
C MET AB 18 16.36 138.76 -16.07
N GLY AB 19 16.10 139.29 -17.26
CA GLY AB 19 16.35 138.56 -18.48
C GLY AB 19 17.81 138.13 -18.61
N ARG AB 20 18.75 138.98 -18.19
CA ARG AB 20 20.14 138.57 -18.21
C ARG AB 20 20.40 137.44 -17.22
N GLN AB 21 19.92 137.60 -15.98
CA GLN AB 21 20.26 136.64 -14.93
C GLN AB 21 19.71 135.26 -15.23
N VAL AB 22 18.46 135.18 -15.70
CA VAL AB 22 17.88 133.88 -16.04
C VAL AB 22 18.75 133.16 -17.07
N LEU AB 23 19.27 133.90 -18.05
CA LEU AB 23 20.09 133.28 -19.08
C LEU AB 23 21.45 132.85 -18.54
N VAL AB 24 22.07 133.65 -17.65
CA VAL AB 24 23.31 133.20 -17.03
C VAL AB 24 23.08 131.90 -16.28
N LEU AB 25 21.97 131.80 -15.53
CA LEU AB 25 21.67 130.56 -14.81
C LEU AB 25 21.52 129.38 -15.77
N PHE AB 26 20.78 129.58 -16.86
CA PHE AB 26 20.72 128.57 -17.91
C PHE AB 26 22.12 128.13 -18.34
N ALA AB 27 22.99 129.10 -18.63
CA ALA AB 27 24.34 128.79 -19.10
C ALA AB 27 25.09 127.95 -18.08
N VAL AB 28 25.03 128.33 -16.80
CA VAL AB 28 25.76 127.60 -15.77
C VAL AB 28 25.27 126.17 -15.66
N VAL AB 29 23.94 125.98 -15.59
CA VAL AB 29 23.39 124.63 -15.50
C VAL AB 29 23.83 123.79 -16.70
N LEU AB 30 23.80 124.38 -17.89
CA LEU AB 30 24.13 123.60 -19.08
C LEU AB 30 25.62 123.30 -19.17
N ILE AB 31 26.48 124.15 -18.62
CA ILE AB 31 27.91 123.83 -18.57
C ILE AB 31 28.16 122.69 -17.59
N GLY AB 32 27.50 122.73 -16.42
CA GLY AB 32 27.64 121.62 -15.49
C GLY AB 32 27.17 120.30 -16.08
N ALA AB 33 25.94 120.26 -16.60
CA ALA AB 33 25.44 119.07 -17.26
C ALA AB 33 26.38 118.62 -18.36
N GLY AB 34 26.93 119.56 -19.12
CA GLY AB 34 27.98 119.22 -20.07
C GLY AB 34 29.10 118.42 -19.43
N VAL AB 35 29.70 118.96 -18.36
CA VAL AB 35 30.82 118.30 -17.70
C VAL AB 35 30.45 116.91 -17.23
N ALA AB 36 29.22 116.73 -16.73
CA ALA AB 36 28.74 115.39 -16.39
C ALA AB 36 28.78 114.46 -17.60
N ASN AB 37 28.15 114.89 -18.71
CA ASN AB 37 28.11 114.08 -19.93
C ASN AB 37 29.52 113.67 -20.35
N TYR AB 38 30.45 114.64 -20.34
CA TYR AB 38 31.87 114.31 -20.46
C TYR AB 38 32.25 113.21 -19.49
N LEU AB 39 32.68 113.56 -18.28
CA LEU AB 39 33.19 112.56 -17.31
C LEU AB 39 32.61 111.16 -17.55
N TRP AB 40 31.29 111.08 -17.77
CA TRP AB 40 30.66 109.82 -18.18
C TRP AB 40 31.35 109.24 -19.43
N TYR AB 41 31.53 110.06 -20.49
CA TYR AB 41 32.14 109.55 -21.71
C TYR AB 41 33.50 108.89 -21.44
N ASP AB 42 34.24 109.42 -20.47
CA ASP AB 42 35.59 108.92 -20.19
C ASP AB 42 35.52 107.59 -19.47
N ASP AB 43 34.67 107.49 -18.44
CA ASP AB 43 34.50 106.17 -17.83
C ASP AB 43 34.04 105.13 -18.85
N ARG AB 44 33.28 105.56 -19.87
CA ARG AB 44 32.83 104.62 -20.89
C ARG AB 44 33.97 104.20 -21.82
N GLN AB 45 34.87 105.12 -22.17
CA GLN AB 45 36.00 104.73 -23.01
C GLN AB 45 36.95 103.81 -22.24
N SER AB 46 37.15 104.06 -20.95
CA SER AB 46 37.94 103.13 -20.13
C SER AB 46 37.32 101.74 -20.13
N GLU AB 47 36.00 101.66 -19.89
CA GLU AB 47 35.33 100.37 -19.91
C GLU AB 47 35.49 99.68 -21.26
N LEU AB 48 35.38 100.46 -22.36
CA LEU AB 48 35.55 99.87 -23.68
C LEU AB 48 36.94 99.29 -23.87
N GLU AB 49 37.96 99.96 -23.33
CA GLU AB 49 39.32 99.46 -23.46
C GLU AB 49 39.53 98.18 -22.66
N ALA AB 50 39.02 98.15 -21.42
CA ALA AB 50 39.06 96.92 -20.64
C ALA AB 50 38.39 95.77 -21.39
N HIS AB 51 37.24 96.05 -22.00
CA HIS AB 51 36.48 94.99 -22.65
C HIS AB 51 37.15 94.51 -23.93
N GLN AB 52 37.78 95.42 -24.68
CA GLN AB 52 38.52 94.98 -25.85
C GLN AB 52 39.75 94.16 -25.46
N ALA AB 53 40.36 94.50 -24.32
CA ALA AB 53 41.39 93.63 -23.77
C ALA AB 53 40.84 92.22 -23.50
N GLY AB 54 39.66 92.14 -22.87
CA GLY AB 54 39.05 90.84 -22.66
C GLY AB 54 38.80 90.09 -23.95
N VAL AB 55 38.30 90.80 -24.98
CA VAL AB 55 38.01 90.15 -26.26
C VAL AB 55 39.29 89.59 -26.87
N ALA AB 56 40.37 90.38 -26.85
CA ALA AB 56 41.67 89.84 -27.23
C ALA AB 56 42.00 88.59 -26.44
N SER AB 57 41.68 88.56 -25.15
CA SER AB 57 41.94 87.37 -24.35
C SER AB 57 41.09 86.18 -24.81
N THR AB 58 39.93 86.44 -25.43
CA THR AB 58 39.24 85.37 -26.13
C THR AB 58 40.03 84.92 -27.36
N LYS AB 59 40.24 85.84 -28.30
CA LYS AB 59 40.82 85.46 -29.60
C LYS AB 59 42.18 84.79 -29.46
N ALA AB 60 42.88 84.99 -28.35
CA ALA AB 60 44.11 84.25 -28.10
C ALA AB 60 43.81 82.76 -27.84
N ARG AB 61 43.07 82.46 -26.77
CA ARG AB 61 42.91 81.08 -26.36
C ARG AB 61 42.02 80.29 -27.30
N ILE AB 62 41.09 80.93 -28.00
CA ILE AB 62 40.36 80.22 -29.06
C ILE AB 62 41.33 79.72 -30.13
N ALA AB 63 42.29 80.55 -30.51
CA ALA AB 63 43.33 80.12 -31.44
C ALA AB 63 44.13 78.96 -30.85
N GLU AB 64 44.56 79.11 -29.59
CA GLU AB 64 45.20 78.00 -28.88
C GLU AB 64 44.40 76.70 -29.07
N LEU AB 65 43.08 76.79 -29.01
CA LEU AB 65 42.24 75.59 -28.99
C LEU AB 65 42.00 75.03 -30.38
N GLU AB 66 41.89 75.90 -31.37
CA GLU AB 66 41.85 75.44 -32.75
C GLU AB 66 43.13 74.69 -33.10
N LYS AB 67 44.26 75.15 -32.56
CA LYS AB 67 45.51 74.43 -32.80
C LYS AB 67 45.55 73.11 -32.04
N ILE AB 68 45.16 73.11 -30.77
CA ILE AB 68 45.25 71.89 -29.96
C ILE AB 68 44.28 70.83 -30.50
N ILE AB 69 43.13 71.26 -31.02
CA ILE AB 69 42.20 70.30 -31.62
C ILE AB 69 42.68 69.89 -33.01
N GLY AB 70 43.30 70.80 -33.74
CA GLY AB 70 43.98 70.40 -34.97
C GLY AB 70 44.94 69.25 -34.73
N GLU AB 71 45.73 69.35 -33.66
CA GLU AB 71 46.53 68.21 -33.22
C GLU AB 71 45.62 67.01 -32.97
N VAL AB 72 44.69 67.11 -32.01
CA VAL AB 72 43.91 65.94 -31.56
C VAL AB 72 43.29 65.19 -32.75
N LYS AB 73 42.96 65.90 -33.82
CA LYS AB 73 42.37 65.24 -34.98
C LYS AB 73 43.45 64.65 -35.90
N ASN AB 74 44.42 65.48 -36.32
CA ASN AB 74 45.63 64.97 -36.98
C ASN AB 74 46.04 63.63 -36.39
N ILE AB 75 46.12 63.59 -35.06
CA ILE AB 75 46.24 62.43 -34.19
C ILE AB 75 45.24 61.32 -34.53
N ASN AB 76 43.96 61.55 -34.22
CA ASN AB 76 43.02 60.43 -34.11
C ASN AB 76 42.90 59.69 -35.43
N THR AB 77 43.11 60.38 -36.55
CA THR AB 77 42.98 59.66 -37.80
C THR AB 77 44.22 58.81 -38.11
N ARG AB 78 45.40 59.23 -37.65
CA ARG AB 78 46.60 58.42 -37.90
C ARG AB 78 46.66 57.17 -37.03
N LYS AB 79 45.97 57.19 -35.88
CA LYS AB 79 45.94 56.02 -35.00
C LYS AB 79 45.26 54.83 -35.67
N ALA AB 80 44.11 55.08 -36.31
CA ALA AB 80 43.35 54.01 -36.96
C ALA AB 80 44.10 53.40 -38.13
N GLU AB 81 45.19 54.04 -38.59
CA GLU AB 81 45.99 53.44 -39.64
C GLU AB 81 47.23 52.75 -39.09
N VAL AB 82 47.90 53.36 -38.09
CA VAL AB 82 48.95 52.61 -37.41
C VAL AB 82 48.38 51.29 -36.90
N GLU AB 83 47.44 51.38 -35.97
CA GLU AB 83 46.43 50.35 -35.70
C GLU AB 83 46.47 49.18 -36.69
N LYS AB 84 46.00 49.42 -37.91
CA LYS AB 84 45.65 48.35 -38.83
C LYS AB 84 46.88 47.84 -39.59
N LYS AB 85 47.76 48.77 -40.00
CA LYS AB 85 49.10 48.38 -40.49
C LYS AB 85 49.74 47.35 -39.56
N LEU AB 86 49.68 47.59 -38.24
CA LEU AB 86 50.37 46.71 -37.31
C LEU AB 86 49.62 45.41 -37.09
N ALA AB 87 48.29 45.45 -37.05
CA ALA AB 87 47.57 44.17 -37.06
C ALA AB 87 48.03 43.30 -38.22
N VAL AB 88 48.20 43.92 -39.41
CA VAL AB 88 48.83 43.24 -40.53
C VAL AB 88 50.21 42.73 -40.15
N LEU AB 89 51.02 43.58 -39.51
CA LEU AB 89 52.40 43.20 -39.20
C LEU AB 89 52.47 41.99 -38.27
N ASP AB 90 51.53 41.88 -37.34
CA ASP AB 90 51.48 40.75 -36.43
C ASP AB 90 50.91 39.50 -37.09
N ALA AB 91 50.10 39.67 -38.14
CA ALA AB 91 49.80 38.51 -38.98
C ALA AB 91 51.04 38.04 -39.73
N LEU AB 92 51.88 39.00 -40.18
CA LEU AB 92 53.02 38.65 -41.02
C LEU AB 92 54.17 38.05 -40.23
N ARG AB 93 54.45 38.54 -39.02
CA ARG AB 93 55.44 37.88 -38.18
C ARG AB 93 55.03 36.44 -37.91
N LYS AB 94 53.73 36.19 -37.81
CA LYS AB 94 53.23 34.82 -37.73
C LYS AB 94 53.38 34.11 -39.07
N GLY AB 95 53.40 34.87 -40.17
CA GLY AB 95 53.67 34.34 -41.49
C GLY AB 95 55.14 34.11 -41.80
N ARG AB 96 56.04 34.51 -40.89
CA ARG AB 96 57.46 34.17 -41.00
C ARG AB 96 57.91 33.19 -39.94
N SER AB 97 57.24 33.18 -38.78
CA SER AB 97 57.38 32.07 -37.85
C SER AB 97 56.80 30.81 -38.46
N GLY AB 98 55.65 30.95 -39.14
CA GLY AB 98 54.92 29.85 -39.73
C GLY AB 98 55.79 28.85 -40.46
N PRO AB 99 56.46 29.31 -41.52
CA PRO AB 99 57.32 28.41 -42.30
C PRO AB 99 58.49 27.81 -41.52
N VAL AB 100 58.53 27.99 -40.20
CA VAL AB 100 59.73 27.71 -39.42
C VAL AB 100 59.37 27.04 -38.09
N ARG AB 101 59.73 25.75 -37.99
CA ARG AB 101 60.40 25.21 -36.80
C ARG AB 101 59.80 23.98 -36.10
N MET AB 102 59.49 24.18 -34.83
CA MET AB 102 59.96 23.33 -33.74
C MET AB 102 60.67 22.07 -34.21
N MET AB 103 61.98 22.09 -34.00
CA MET AB 103 62.93 21.00 -33.79
C MET AB 103 64.10 21.15 -34.74
N ASP AB 104 65.29 21.25 -34.16
CA ASP AB 104 66.47 21.60 -34.91
C ASP AB 104 67.01 20.37 -35.62
N ALA AB 105 67.45 20.57 -36.86
CA ALA AB 105 67.90 19.47 -37.70
C ALA AB 105 68.92 20.02 -38.68
N LEU AB 106 69.55 19.11 -39.41
CA LEU AB 106 70.48 19.44 -40.48
C LEU AB 106 69.98 18.69 -41.70
N ALA AB 107 69.09 19.31 -42.47
CA ALA AB 107 68.49 18.69 -43.63
C ALA AB 107 68.41 19.70 -44.76
N SER AB 108 68.77 19.26 -45.96
CA SER AB 108 68.61 20.08 -47.15
C SER AB 108 67.13 20.32 -47.42
N ALA AB 109 66.42 19.30 -47.84
CA ALA AB 109 64.97 19.34 -48.02
C ALA AB 109 64.28 18.64 -46.86
N THR AB 110 63.14 19.18 -46.44
CA THR AB 110 62.40 18.58 -45.35
C THR AB 110 61.12 17.92 -45.86
N PRO AB 111 60.89 16.65 -45.52
CA PRO AB 111 59.74 15.94 -46.10
C PRO AB 111 58.38 16.51 -45.72
N LYS AB 112 58.25 17.16 -44.58
CA LYS AB 112 56.98 17.74 -44.16
C LYS AB 112 57.00 19.26 -44.35
N LYS AB 113 55.80 19.85 -44.36
CA LYS AB 113 55.68 21.31 -44.46
C LYS AB 113 56.58 22.00 -43.46
N VAL AB 114 56.45 21.63 -42.19
CA VAL AB 114 57.21 22.16 -41.07
C VAL AB 114 57.96 20.99 -40.46
N TRP AB 115 58.91 21.29 -39.57
CA TRP AB 115 59.54 20.21 -38.84
C TRP AB 115 58.65 19.75 -37.69
N VAL AB 116 58.95 18.56 -37.19
CA VAL AB 116 58.21 17.93 -36.12
C VAL AB 116 59.25 17.23 -35.26
N LYS AB 117 58.81 16.47 -34.26
CA LYS AB 117 59.75 15.91 -33.31
C LYS AB 117 60.01 14.43 -33.60
N THR AB 118 59.18 13.54 -33.07
CA THR AB 118 59.43 12.11 -33.16
C THR AB 118 58.46 11.45 -34.13
N PHE AB 119 58.88 10.31 -34.68
CA PHE AB 119 58.08 9.51 -35.61
C PHE AB 119 58.35 8.05 -35.28
N SER AB 120 57.29 7.31 -34.93
CA SER AB 120 57.45 5.90 -34.58
C SER AB 120 56.30 5.09 -35.16
N GLU AB 121 56.63 4.09 -35.96
CA GLU AB 121 55.65 3.35 -36.75
C GLU AB 121 55.57 1.91 -36.27
N ASN AB 122 54.60 1.16 -36.85
CA ASN AB 122 54.46 -0.26 -36.59
C ASN AB 122 53.86 -1.00 -37.79
N ASN AB 123 54.03 -0.46 -38.99
CA ASN AB 123 53.55 -1.07 -40.24
C ASN AB 123 52.04 -1.22 -40.28
N ASN AB 124 51.33 -0.56 -39.36
CA ASN AB 124 49.87 -0.46 -39.46
C ASN AB 124 49.46 0.97 -39.13
N ALA AB 125 50.15 1.56 -38.16
CA ALA AB 125 49.90 2.94 -37.75
C ALA AB 125 51.23 3.60 -37.42
N VAL AB 126 51.24 4.92 -37.52
CA VAL AB 126 52.37 5.74 -37.11
C VAL AB 126 51.90 6.64 -35.98
N SER AB 127 52.53 6.50 -34.83
CA SER AB 127 52.36 7.45 -33.73
C SER AB 127 53.45 8.50 -33.88
N ILE AB 128 53.03 9.75 -34.10
CA ILE AB 128 53.97 10.82 -34.35
C ILE AB 128 53.92 11.79 -33.17
N ASP AB 129 54.91 12.67 -33.13
CA ASP AB 129 55.09 13.64 -32.06
C ASP AB 129 55.61 14.90 -32.76
N GLY AB 130 54.91 16.01 -32.62
CA GLY AB 130 55.40 17.16 -33.33
C GLY AB 130 55.13 18.50 -32.69
N SER AB 131 55.20 19.54 -33.52
CA SER AB 131 54.86 20.89 -33.09
C SER AB 131 54.58 21.73 -34.33
N ALA AB 132 53.74 22.74 -34.19
CA ALA AB 132 53.34 23.60 -35.31
C ALA AB 132 53.30 25.03 -34.81
N VAL AB 133 53.03 25.95 -35.75
CA VAL AB 133 53.22 27.37 -35.44
C VAL AB 133 52.08 27.89 -34.58
N SER AB 134 50.88 27.35 -34.73
CA SER AB 134 49.71 27.95 -34.07
C SER AB 134 48.51 27.03 -34.23
N HIS AB 135 47.33 27.58 -33.93
CA HIS AB 135 46.04 26.94 -34.11
C HIS AB 135 45.69 26.87 -35.60
N ASP AB 136 46.64 27.24 -36.44
CA ASP AB 136 46.43 27.35 -37.88
C ASP AB 136 47.20 26.31 -38.66
N GLU AB 137 48.53 26.30 -38.55
CA GLU AB 137 49.32 25.31 -39.28
C GLU AB 137 49.09 23.89 -38.76
N VAL AB 138 48.78 23.74 -37.47
CA VAL AB 138 48.35 22.43 -36.98
C VAL AB 138 46.95 22.11 -37.49
N ALA AB 139 46.14 23.15 -37.76
CA ALA AB 139 44.84 22.93 -38.38
C ALA AB 139 45.00 22.60 -39.86
N GLU AB 140 45.92 23.27 -40.55
CA GLU AB 140 46.23 22.91 -41.93
C GLU AB 140 46.70 21.47 -42.01
N PHE AB 141 47.64 21.11 -41.13
CA PHE AB 141 48.20 19.76 -41.13
C PHE AB 141 47.14 18.71 -40.79
N MET AB 142 46.32 18.98 -39.78
CA MET AB 142 45.30 18.01 -39.37
C MET AB 142 44.22 17.87 -40.44
N ARG AB 143 43.90 18.98 -41.12
CA ARG AB 143 42.94 18.91 -42.22
C ARG AB 143 43.49 18.08 -43.37
N GLY AB 144 44.78 18.25 -43.69
CA GLY AB 144 45.39 17.49 -44.76
C GLY AB 144 45.31 15.99 -44.58
N LEU AB 145 44.96 15.52 -43.38
CA LEU AB 145 44.86 14.10 -43.11
C LEU AB 145 43.42 13.62 -43.00
N ASN AB 146 42.90 13.64 -41.77
CA ASN AB 146 41.61 13.05 -41.50
C ASN AB 146 41.13 13.49 -40.13
N GLY AB 147 39.86 13.18 -39.86
CA GLY AB 147 39.18 13.56 -38.64
C GLY AB 147 38.13 12.52 -38.31
N VAL AB 148 38.11 12.07 -37.07
CA VAL AB 148 37.51 10.79 -36.72
C VAL AB 148 36.85 10.88 -35.35
N VAL AB 149 35.73 10.18 -35.20
CA VAL AB 149 35.11 9.94 -33.90
C VAL AB 149 35.62 8.58 -33.42
N TRP AB 150 36.58 8.62 -32.49
CA TRP AB 150 37.16 7.40 -31.96
C TRP AB 150 36.38 6.93 -30.73
N THR AB 151 36.32 5.60 -30.55
CA THR AB 151 35.45 5.08 -29.49
C THR AB 151 36.20 4.05 -28.63
N PRO AB 152 35.99 2.70 -28.74
CA PRO AB 152 36.47 1.85 -27.65
C PRO AB 152 37.97 1.64 -27.70
N LYS AB 153 38.70 2.31 -26.81
CA LYS AB 153 40.15 2.25 -26.83
C LYS AB 153 40.66 1.08 -26.01
N GLY AB 154 41.69 0.41 -26.53
CA GLY AB 154 42.35 -0.65 -25.79
C GLY AB 154 43.63 -0.19 -25.14
N MET AB 155 43.80 -0.51 -23.86
CA MET AB 155 45.01 -0.15 -23.14
C MET AB 155 46.04 -1.27 -23.27
N GLY AB 156 47.29 -0.89 -23.54
CA GLY AB 156 48.33 -1.86 -23.82
C GLY AB 156 49.67 -1.43 -23.24
N ARG AB 157 50.55 -2.41 -23.06
CA ARG AB 157 51.78 -2.25 -22.30
C ARG AB 157 52.73 -1.19 -22.84
N LEU AB 158 52.48 -0.68 -24.04
CA LEU AB 158 53.27 0.42 -24.55
C LEU AB 158 52.88 1.76 -23.93
N VAL AB 159 51.58 1.96 -23.67
CA VAL AB 159 51.13 3.14 -22.94
C VAL AB 159 51.90 3.27 -21.63
N ASP AB 160 51.93 2.20 -20.83
CA ASP AB 160 52.59 2.29 -19.54
C ASP AB 160 54.10 2.42 -19.68
N ARG AB 161 54.67 1.86 -20.74
CA ARG AB 161 56.08 2.13 -21.03
C ARG AB 161 56.31 3.58 -21.38
N ARG AB 162 55.27 4.29 -21.83
CA ARG AB 162 55.35 5.74 -21.97
C ARG AB 162 55.22 6.42 -20.62
N ARG AB 163 54.30 5.96 -19.78
CA ARG AB 163 54.23 6.45 -18.41
C ARG AB 163 55.49 6.10 -17.63
N ASP AB 164 56.12 4.97 -17.95
CA ASP AB 164 57.35 4.58 -17.26
C ASP AB 164 58.56 5.40 -17.70
N SER AB 165 58.43 6.17 -18.79
CA SER AB 165 59.51 6.77 -19.56
C SER AB 165 60.38 5.72 -20.25
N LYS AB 166 59.98 4.44 -20.18
CA LYS AB 166 60.86 3.34 -20.56
C LYS AB 166 61.08 3.23 -22.06
N THR AB 167 60.19 3.82 -22.87
CA THR AB 167 60.36 3.97 -24.32
C THR AB 167 60.50 5.47 -24.56
N ALA AB 168 61.68 5.89 -24.98
CA ALA AB 168 62.01 7.31 -25.02
C ALA AB 168 61.03 8.09 -25.87
N ARG AB 169 60.44 9.13 -25.28
CA ARG AB 169 59.70 10.12 -26.04
C ARG AB 169 59.54 11.42 -25.25
N VAL AB 170 58.52 12.21 -25.62
CA VAL AB 170 58.36 13.54 -25.06
C VAL AB 170 57.03 13.67 -24.32
N GLU AB 171 57.08 13.55 -23.00
CA GLU AB 171 55.89 13.28 -22.22
C GLU AB 171 55.05 14.51 -21.92
N MET AB 172 55.15 15.51 -22.77
CA MET AB 172 54.02 16.36 -23.01
C MET AB 172 52.86 15.60 -23.64
N LEU AB 173 53.11 14.41 -24.15
CA LEU AB 173 52.18 13.77 -25.05
C LEU AB 173 51.21 12.89 -24.28
N THR AB 174 49.96 12.89 -24.73
CA THR AB 174 49.07 11.80 -24.40
C THR AB 174 49.62 10.50 -24.98
N SER AB 175 49.05 9.39 -24.54
CA SER AB 175 49.64 8.08 -24.86
C SER AB 175 48.94 7.39 -26.02
N ASP AB 176 48.93 6.05 -25.98
CA ASP AB 176 47.98 5.22 -26.71
C ASP AB 176 48.32 5.06 -28.18
N ALA AB 177 47.71 4.04 -28.81
CA ALA AB 177 47.80 3.77 -30.24
C ALA AB 177 46.96 2.56 -30.63
N THR AB 178 45.80 2.38 -30.00
CA THR AB 178 44.95 1.22 -30.29
C THR AB 178 43.51 1.59 -29.99
N ILE AB 179 42.65 1.55 -31.02
CA ILE AB 179 41.26 1.98 -30.88
C ILE AB 179 40.45 1.59 -32.12
N GLU AB 180 39.26 2.17 -32.27
CA GLU AB 180 38.34 1.91 -33.37
C GLU AB 180 37.74 3.24 -33.81
N GLU AB 181 37.74 3.48 -35.12
CA GLU AB 181 37.65 4.84 -35.64
C GLU AB 181 36.48 5.01 -36.58
N PHE AB 182 35.74 6.09 -36.41
CA PHE AB 182 34.67 6.46 -37.32
C PHE AB 182 34.99 7.78 -37.99
N PRO AB 183 34.84 7.88 -39.30
CA PRO AB 183 35.24 9.10 -40.00
C PRO AB 183 34.28 10.24 -39.73
N GLU AB 184 34.85 11.41 -39.42
CA GLU AB 184 34.08 12.66 -39.39
C GLU AB 184 34.31 13.46 -40.66
N ALA AB 185 35.57 13.78 -40.96
CA ALA AB 185 35.96 14.49 -42.17
C ALA AB 185 37.29 13.90 -42.62
N GLN AB 186 37.69 14.22 -43.84
CA GLN AB 186 38.69 13.45 -44.57
C GLN AB 186 39.27 14.31 -45.68
N VAL AB 187 40.58 14.27 -45.91
CA VAL AB 187 41.09 15.02 -47.06
C VAL AB 187 42.06 14.14 -47.85
N SER AB 188 42.88 13.38 -47.16
CA SER AB 188 43.71 12.38 -47.84
C SER AB 188 42.98 11.04 -47.86
N PRO AB 189 42.67 10.49 -49.04
CA PRO AB 189 42.01 9.17 -49.09
C PRO AB 189 42.89 8.07 -48.56
N PHE AB 190 44.14 8.39 -48.29
CA PHE AB 190 45.13 7.38 -47.96
C PHE AB 190 45.33 7.27 -46.46
N PHE AB 191 44.89 8.25 -45.67
CA PHE AB 191 45.25 8.32 -44.26
C PHE AB 191 44.01 8.43 -43.38
N LYS AB 192 44.00 7.64 -42.32
CA LYS AB 192 42.99 7.63 -41.25
C LYS AB 192 43.71 8.12 -40.00
N ASN AB 193 43.73 9.44 -39.83
CA ASN AB 193 44.12 10.03 -38.56
C ASN AB 193 43.07 9.71 -37.52
N ILE AB 194 43.51 9.29 -36.33
CA ILE AB 194 42.55 8.95 -35.30
C ILE AB 194 42.04 10.21 -34.60
N ASP AB 195 42.93 11.17 -34.35
CA ASP AB 195 42.63 12.45 -33.70
C ASP AB 195 43.92 13.19 -33.38
N LEU AB 196 43.83 14.52 -33.26
CA LEU AB 196 44.89 15.32 -32.65
C LEU AB 196 44.91 14.98 -31.16
N GLN AB 197 45.72 13.98 -30.82
CA GLN AB 197 45.72 13.43 -29.47
C GLN AB 197 45.96 14.49 -28.41
N THR AB 198 46.81 15.48 -28.70
CA THR AB 198 46.95 16.60 -27.76
C THR AB 198 47.66 17.75 -28.46
N ALA AB 199 47.61 18.91 -27.81
CA ALA AB 199 48.22 20.13 -28.32
C ALA AB 199 48.30 21.17 -27.21
N LYS AB 200 49.49 21.73 -27.01
CA LYS AB 200 49.80 22.62 -25.90
C LYS AB 200 50.82 23.65 -26.36
N GLN AB 201 50.48 24.93 -26.27
CA GLN AB 201 51.35 25.99 -26.76
C GLN AB 201 52.43 26.26 -25.73
N VAL AB 202 53.67 25.91 -26.06
CA VAL AB 202 54.79 25.99 -25.12
C VAL AB 202 55.43 27.36 -25.29
N GLY AB 203 55.42 28.17 -24.23
CA GLY AB 203 55.86 29.54 -24.35
C GLY AB 203 57.37 29.71 -24.30
N GLY AB 204 58.03 28.99 -23.40
CA GLY AB 204 59.45 29.19 -23.18
C GLY AB 204 59.72 29.98 -21.92
N ALA AB 205 60.87 30.66 -21.90
CA ALA AB 205 61.24 31.44 -20.73
C ALA AB 205 62.20 32.56 -21.16
N GLN AB 206 62.77 33.24 -20.16
CA GLN AB 206 63.73 34.30 -20.42
C GLN AB 206 65.01 33.79 -21.06
N VAL AB 207 65.28 32.50 -20.97
CA VAL AB 207 66.45 31.93 -21.65
C VAL AB 207 66.16 31.72 -23.13
N GLY AB 208 64.90 31.68 -23.53
CA GLY AB 208 64.57 31.50 -24.93
C GLY AB 208 63.14 31.07 -25.23
N VAL AB 209 62.74 31.20 -26.48
CA VAL AB 209 61.39 30.86 -26.94
C VAL AB 209 61.28 29.44 -27.45
N PRO AB 210 60.04 28.93 -27.50
CA PRO AB 210 59.59 28.36 -28.76
C PRO AB 210 58.20 28.92 -29.14
N ILE AB 211 57.36 29.18 -28.14
CA ILE AB 211 56.08 29.88 -28.25
C ILE AB 211 55.04 29.05 -29.02
N LEU AB 212 55.49 28.02 -29.73
CA LEU AB 212 54.59 27.35 -30.67
C LEU AB 212 53.70 26.32 -29.96
N VAL AB 213 52.95 25.57 -30.77
CA VAL AB 213 51.99 24.60 -30.26
C VAL AB 213 52.60 23.21 -30.43
N GLU AB 214 53.14 22.66 -29.35
CA GLU AB 214 53.50 21.25 -29.31
C GLU AB 214 52.25 20.41 -29.51
N PHE AB 215 52.37 19.29 -30.23
CA PHE AB 215 51.18 18.48 -30.43
C PHE AB 215 51.56 17.01 -30.59
N LYS AB 216 50.52 16.17 -30.58
CA LYS AB 216 50.67 14.74 -30.85
C LYS AB 216 49.44 14.18 -31.55
N ILE AB 217 49.71 13.34 -32.56
CA ILE AB 217 48.75 12.71 -33.46
C ILE AB 217 49.16 11.25 -33.67
N THR AB 218 48.17 10.38 -33.89
CA THR AB 218 48.41 9.01 -34.34
C THR AB 218 47.53 8.71 -35.56
N MET AB 219 48.09 8.01 -36.54
CA MET AB 219 47.44 7.87 -37.85
C MET AB 219 47.79 6.55 -38.52
N THR AB 220 46.77 5.80 -38.93
CA THR AB 220 46.96 4.62 -39.77
C THR AB 220 46.71 4.99 -41.22
N SER AB 221 47.58 4.51 -42.10
CA SER AB 221 47.67 5.01 -43.45
C SER AB 221 46.72 4.25 -44.36
N ASN AB 222 47.20 3.96 -45.58
CA ASN AB 222 46.54 2.90 -46.33
C ASN AB 222 47.59 2.19 -47.18
N TYR AB 223 47.18 1.09 -47.80
CA TYR AB 223 46.98 -0.16 -47.06
C TYR AB 223 48.21 -0.54 -46.26
N MET BB 1 1.06 145.47 -37.38
CA MET BB 1 0.43 146.24 -36.30
C MET BB 1 1.47 146.49 -35.19
N ASP BB 2 1.50 147.72 -34.68
CA ASP BB 2 2.72 148.22 -34.05
C ASP BB 2 2.78 148.02 -32.54
N LYS BB 3 1.65 148.11 -31.82
CA LYS BB 3 1.69 147.83 -30.39
C LYS BB 3 2.36 146.50 -30.10
N TYR BB 4 1.98 145.45 -30.85
CA TYR BB 4 2.68 144.17 -30.74
C TYR BB 4 4.14 144.28 -31.13
N LEU BB 5 4.47 145.20 -32.05
CA LEU BB 5 5.84 145.31 -32.53
C LEU BB 5 6.75 145.96 -31.50
N ASP BB 6 6.21 146.83 -30.64
CA ASP BB 6 7.02 147.43 -29.60
C ASP BB 6 6.98 146.59 -28.34
N GLN BB 7 5.93 145.77 -28.17
CA GLN BB 7 6.05 144.63 -27.27
C GLN BB 7 7.17 143.70 -27.74
N PHE BB 8 7.42 143.66 -29.06
CA PHE BB 8 8.52 142.91 -29.65
C PHE BB 8 9.86 143.63 -29.55
N VAL BB 9 9.87 144.94 -29.41
CA VAL BB 9 11.13 145.66 -29.22
C VAL BB 9 11.51 145.73 -27.73
N LYS BB 10 10.54 145.56 -26.82
CA LYS BB 10 10.82 145.60 -25.40
C LYS BB 10 11.25 144.24 -24.85
N ALA BB 11 10.47 143.18 -25.15
CA ALA BB 11 10.56 141.90 -24.44
C ALA BB 11 11.35 140.78 -25.13
N PRO BB 12 11.14 140.48 -26.42
CA PRO BB 12 11.57 139.19 -26.96
C PRO BB 12 13.07 139.04 -27.11
N PRO BB 13 13.91 140.01 -26.72
CA PRO BB 13 15.27 139.61 -26.34
C PRO BB 13 15.18 138.52 -25.27
N ALA BB 14 14.37 138.76 -24.25
CA ALA BB 14 14.20 137.78 -23.18
C ALA BB 14 13.57 136.49 -23.70
N ILE BB 15 12.57 136.60 -24.57
CA ILE BB 15 11.84 135.40 -25.00
C ILE BB 15 12.65 134.58 -25.99
N LYS BB 16 13.37 135.24 -26.90
CA LYS BB 16 14.24 134.51 -27.81
C LYS BB 16 15.37 133.82 -27.05
N PHE BB 17 16.03 134.56 -26.15
CA PHE BB 17 17.05 133.93 -25.32
C PHE BB 17 16.50 132.73 -24.57
N GLY BB 18 15.32 132.88 -23.98
CA GLY BB 18 14.70 131.76 -23.27
C GLY BB 18 14.48 130.57 -24.17
N GLY BB 19 13.91 130.80 -25.35
CA GLY BB 19 13.69 129.69 -26.27
C GLY BB 19 14.96 128.96 -26.63
N LEU BB 20 16.02 129.72 -26.95
CA LEU BB 20 17.33 129.13 -27.16
C LEU BB 20 17.75 128.27 -25.98
N ALA BB 21 17.46 128.73 -24.77
CA ALA BB 21 17.89 128.01 -23.57
C ALA BB 21 17.11 126.71 -23.40
N PHE BB 22 15.79 126.74 -23.59
CA PHE BB 22 15.03 125.50 -23.48
C PHE BB 22 15.46 124.50 -24.54
N VAL BB 23 15.80 124.99 -25.74
CA VAL BB 23 16.27 124.09 -26.79
C VAL BB 23 17.60 123.46 -26.39
N VAL BB 24 18.55 124.26 -25.90
CA VAL BB 24 19.86 123.69 -25.55
C VAL BB 24 19.72 122.73 -24.37
N GLY BB 25 18.81 123.01 -23.45
CA GLY BB 25 18.52 122.06 -22.40
C GLY BB 25 18.00 120.74 -22.93
N ALA BB 26 17.07 120.80 -23.89
CA ALA BB 26 16.58 119.57 -24.50
C ALA BB 26 17.69 118.79 -25.18
N LEU BB 27 18.54 119.48 -25.94
CA LEU BB 27 19.61 118.79 -26.66
C LEU BB 27 20.62 118.16 -25.71
N THR BB 28 20.88 118.81 -24.56
CA THR BB 28 21.76 118.21 -23.57
C THR BB 28 21.11 117.00 -22.90
N ALA BB 29 19.80 117.07 -22.62
CA ALA BB 29 19.11 115.86 -22.18
C ALA BB 29 19.31 114.74 -23.19
N ALA BB 30 19.16 115.04 -24.47
CA ALA BB 30 19.26 114.03 -25.52
C ALA BB 30 20.65 113.42 -25.60
N ASN BB 31 21.70 114.25 -25.55
CA ASN BB 31 23.05 113.69 -25.67
C ASN BB 31 23.46 112.94 -24.42
N PHE BB 32 22.96 113.35 -23.25
CA PHE BB 32 23.23 112.56 -22.04
C PHE BB 32 22.56 111.20 -22.10
N PHE BB 33 21.33 111.14 -22.61
CA PHE BB 33 20.70 109.84 -22.82
C PHE BB 33 21.48 109.03 -23.86
N MET BB 34 21.98 109.69 -24.90
CA MET BB 34 22.76 109.04 -25.94
C MET BB 34 24.18 108.70 -25.51
N VAL BB 35 24.59 109.09 -24.30
CA VAL BB 35 25.80 108.50 -23.72
C VAL BB 35 25.48 107.45 -22.66
N ILE BB 36 24.27 107.46 -22.10
CA ILE BB 36 23.88 106.41 -21.17
C ILE BB 36 23.59 105.11 -21.91
N GLN BB 37 22.96 105.19 -23.08
CA GLN BB 37 22.65 103.97 -23.83
C GLN BB 37 23.89 103.19 -24.27
N PRO BB 38 24.97 103.81 -24.78
CA PRO BB 38 26.18 103.02 -25.10
C PRO BB 38 26.82 102.38 -23.88
N THR BB 39 26.59 102.94 -22.69
CA THR BB 39 27.02 102.26 -21.46
C THR BB 39 26.35 100.90 -21.34
N GLU BB 40 25.02 100.89 -21.37
CA GLU BB 40 24.28 99.64 -21.25
C GLU BB 40 24.69 98.66 -22.34
N GLU BB 41 24.71 99.11 -23.59
CA GLU BB 41 25.15 98.25 -24.69
C GLU BB 41 26.53 97.68 -24.41
N GLU BB 42 27.39 98.48 -23.80
CA GLU BB 42 28.78 98.10 -23.58
C GLU BB 42 28.89 97.03 -22.50
N ILE BB 43 28.17 97.22 -21.39
CA ILE BB 43 28.08 96.17 -20.37
C ILE BB 43 27.55 94.88 -20.99
N GLY BB 44 26.58 95.01 -21.90
CA GLY BB 44 26.08 93.84 -22.60
C GLY BB 44 27.16 93.10 -23.38
N TRP BB 45 27.92 93.82 -24.21
CA TRP BB 45 28.99 93.19 -24.97
C TRP BB 45 30.05 92.60 -24.05
N ALA BB 46 30.26 93.24 -22.89
CA ALA BB 46 31.11 92.64 -21.87
C ALA BB 46 30.58 91.26 -21.49
N VAL BB 47 29.30 91.18 -21.14
CA VAL BB 47 28.72 89.93 -20.67
C VAL BB 47 28.76 88.86 -21.75
N ALA BB 48 28.63 89.25 -23.03
CA ALA BB 48 28.79 88.27 -24.10
C ALA BB 48 30.23 87.78 -24.17
N GLU BB 49 31.18 88.71 -24.28
CA GLU BB 49 32.58 88.34 -24.47
C GLU BB 49 33.08 87.44 -23.35
N ARG BB 50 32.80 87.79 -22.08
CA ARG BB 50 33.23 86.95 -20.97
C ARG BB 50 32.65 85.55 -21.08
N ARG BB 51 31.41 85.44 -21.55
CA ARG BB 51 30.81 84.13 -21.76
C ARG BB 51 31.50 83.38 -22.89
N LYS BB 52 32.18 84.09 -23.80
CA LYS BB 52 32.99 83.38 -24.78
C LYS BB 52 34.33 82.94 -24.18
N LEU BB 53 34.97 83.82 -23.40
CA LEU BB 53 36.16 83.43 -22.65
C LEU BB 53 35.93 82.13 -21.91
N ASP BB 54 34.83 82.03 -21.18
CA ASP BB 54 34.60 80.91 -20.27
C ASP BB 54 34.25 79.61 -20.97
N LEU BB 55 33.62 79.66 -22.14
CA LEU BB 55 33.43 78.44 -22.92
C LEU BB 55 34.73 78.00 -23.58
N GLU BB 56 35.52 78.95 -24.07
CA GLU BB 56 36.80 78.60 -24.65
C GLU BB 56 37.71 77.93 -23.64
N LEU BB 57 37.69 78.43 -22.39
CA LEU BB 57 38.43 77.72 -21.34
C LEU BB 57 37.94 76.29 -21.17
N ALA BB 58 36.67 76.00 -21.46
CA ALA BB 58 36.23 74.61 -21.45
C ALA BB 58 36.88 73.83 -22.58
N ASP BB 59 36.86 74.40 -23.79
CA ASP BB 59 37.48 73.70 -24.92
C ASP BB 59 38.97 73.43 -24.67
N LYS BB 60 39.67 74.33 -23.97
CA LYS BB 60 41.10 74.09 -23.77
C LYS BB 60 41.36 72.86 -22.93
N SER BB 61 40.66 72.70 -21.81
CA SER BB 61 40.85 71.51 -20.99
C SER BB 61 40.40 70.26 -21.72
N GLU BB 62 39.27 70.33 -22.45
CA GLU BB 62 38.82 69.17 -23.21
C GLU BB 62 39.90 68.70 -24.18
N ILE BB 63 40.46 69.62 -24.97
CA ILE BB 63 41.40 69.21 -26.00
C ILE BB 63 42.76 68.86 -25.41
N ALA BB 64 43.15 69.48 -24.30
CA ALA BB 64 44.38 69.09 -23.63
C ALA BB 64 44.27 67.66 -23.11
N GLN BB 65 43.09 67.29 -22.59
CA GLN BB 65 42.86 65.91 -22.17
C GLN BB 65 42.87 64.96 -23.36
N ASN BB 66 42.29 65.38 -24.49
CA ASN BB 66 42.34 64.54 -25.68
C ASN BB 66 43.77 64.38 -26.20
N LEU BB 67 44.61 65.41 -26.02
CA LEU BB 67 46.02 65.31 -26.39
C LEU BB 67 46.74 64.30 -25.51
N ASN BB 68 46.57 64.42 -24.20
CA ASN BB 68 47.10 63.42 -23.28
C ASN BB 68 46.69 62.01 -23.72
N GLU BB 69 45.40 61.81 -24.02
CA GLU BB 69 44.95 60.48 -24.44
C GLU BB 69 45.59 60.08 -25.78
N ARG BB 70 45.89 61.05 -26.65
CA ARG BB 70 46.69 60.66 -27.80
C ARG BB 70 47.97 60.05 -27.32
N ARG BB 71 48.83 60.89 -26.72
CA ARG BB 71 50.18 60.51 -26.34
C ARG BB 71 50.13 59.09 -25.81
N ARG BB 72 49.27 58.92 -24.80
CA ARG BB 72 48.80 57.64 -24.29
C ARG BB 72 48.85 56.60 -25.40
N GLU BB 73 47.96 56.66 -26.39
CA GLU BB 73 47.97 55.47 -27.25
C GLU BB 73 48.68 55.58 -28.60
N MET BB 74 48.89 56.78 -29.15
CA MET BB 74 49.69 56.88 -30.37
C MET BB 74 51.14 56.46 -30.13
N ASP BB 75 51.71 56.83 -28.96
CA ASP BB 75 53.10 56.45 -28.70
C ASP BB 75 53.21 54.96 -28.38
N VAL BB 76 52.16 54.39 -27.79
CA VAL BB 76 52.09 52.95 -27.60
C VAL BB 76 51.94 52.25 -28.94
N LEU BB 77 51.23 52.89 -29.88
CA LEU BB 77 51.04 52.29 -31.19
C LEU BB 77 52.33 52.38 -32.01
N GLU BB 78 53.24 53.29 -31.65
CA GLU BB 78 54.53 53.42 -32.33
C GLU BB 78 55.59 52.51 -31.71
N GLN BB 79 55.17 51.55 -30.89
CA GLN BB 79 56.08 50.74 -30.08
C GLN BB 79 56.86 49.78 -30.97
N LYS BB 80 57.90 49.18 -30.41
CA LYS BB 80 58.96 48.64 -31.25
C LYS BB 80 59.20 47.14 -31.09
N LEU BB 81 60.38 46.71 -31.56
CA LEU BB 81 60.83 45.32 -31.54
C LEU BB 81 60.94 44.73 -30.15
N SER BB 82 59.96 43.91 -29.81
CA SER BB 82 59.88 43.31 -28.49
C SER BB 82 58.72 42.35 -28.54
N GLU BB 83 57.90 42.39 -27.50
CA GLU BB 83 56.49 42.12 -27.72
C GLU BB 83 55.94 43.19 -28.64
N ALA BB 84 54.95 42.83 -29.43
CA ALA BB 84 54.17 43.75 -30.23
C ALA BB 84 52.69 43.57 -29.91
N LEU BB 85 51.94 44.66 -29.88
CA LEU BB 85 50.52 44.62 -29.54
C LEU BB 85 49.69 44.55 -30.81
N THR BB 86 48.40 44.31 -30.64
CA THR BB 86 47.42 44.70 -31.66
C THR BB 86 47.10 46.17 -31.43
N GLU BB 87 46.46 46.77 -32.42
CA GLU BB 87 45.83 48.08 -32.26
C GLU BB 87 45.05 48.15 -30.96
N LEU BB 88 44.99 49.34 -30.38
CA LEU BB 88 44.18 49.56 -29.20
C LEU BB 88 43.25 50.74 -29.41
N PRO BB 89 41.98 50.52 -29.77
CA PRO BB 89 40.95 51.54 -29.55
C PRO BB 89 40.38 51.41 -28.14
N GLU BB 90 39.82 52.52 -27.66
CA GLU BB 90 39.16 52.50 -26.36
C GLU BB 90 37.92 51.63 -26.48
N GLN BB 91 38.06 50.34 -26.14
CA GLN BB 91 36.89 49.46 -26.13
C GLN BB 91 35.99 49.78 -24.95
N ARG BB 92 36.48 49.52 -23.73
CA ARG BB 92 35.84 49.99 -22.50
C ARG BB 92 34.43 49.44 -22.33
N ASP BB 93 34.22 48.19 -22.77
CA ASP BB 93 33.00 47.44 -22.45
C ASP BB 93 33.41 45.97 -22.31
N ILE BB 94 33.40 45.49 -21.08
CA ILE BB 94 33.93 44.17 -20.79
C ILE BB 94 32.81 43.13 -20.78
N GLU BB 95 31.71 43.43 -20.08
CA GLU BB 95 30.64 42.47 -19.94
C GLU BB 95 30.06 42.06 -21.29
N GLU BB 96 30.08 42.96 -22.27
CA GLU BB 96 29.67 42.59 -23.62
C GLU BB 96 30.68 41.66 -24.25
N LEU BB 97 31.96 41.78 -23.87
CA LEU BB 97 32.97 40.84 -24.34
C LEU BB 97 32.71 39.45 -23.78
N LEU BB 98 32.44 39.36 -22.48
CA LEU BB 98 32.10 38.05 -21.91
C LEU BB 98 30.85 37.48 -22.57
N ALA BB 99 29.82 38.31 -22.74
CA ALA BB 99 28.58 37.84 -23.34
C ALA BB 99 28.80 37.33 -24.76
N GLN BB 100 29.56 38.08 -25.57
CA GLN BB 100 29.75 37.66 -26.96
C GLN BB 100 30.66 36.43 -27.04
N ILE BB 101 31.59 36.28 -26.10
CA ILE BB 101 32.34 35.02 -26.02
C ILE BB 101 31.38 33.87 -25.75
N ASN BB 102 30.43 34.06 -24.83
CA ASN BB 102 29.44 33.02 -24.58
C ASN BB 102 28.64 32.71 -25.84
N ASP BB 103 28.28 33.74 -26.61
CA ASP BB 103 27.43 33.53 -27.79
C ASP BB 103 28.18 32.78 -28.88
N ILE BB 104 29.40 33.22 -29.20
CA ILE BB 104 30.17 32.50 -30.21
C ILE BB 104 30.50 31.09 -29.74
N GLY BB 105 30.61 30.89 -28.43
CA GLY BB 105 30.75 29.53 -27.93
C GLY BB 105 29.51 28.70 -28.19
N LYS BB 106 28.33 29.27 -27.93
CA LYS BB 106 27.09 28.52 -28.09
C LYS BB 106 26.81 28.19 -29.55
N LYS BB 107 27.02 29.15 -30.45
CA LYS BB 107 26.75 28.87 -31.86
C LYS BB 107 27.82 27.98 -32.49
N SER BB 108 28.97 27.83 -31.83
CA SER BB 108 29.95 26.85 -32.26
C SER BB 108 29.69 25.47 -31.69
N GLY BB 109 28.71 25.32 -30.80
CA GLY BB 109 28.36 24.04 -30.23
C GLY BB 109 29.13 23.64 -28.99
N LEU BB 110 29.97 24.53 -28.45
CA LEU BB 110 30.84 24.18 -27.35
C LEU BB 110 30.16 24.40 -26.00
N GLU BB 111 30.46 23.51 -25.05
CA GLU BB 111 30.06 23.71 -23.67
C GLU BB 111 31.10 24.60 -22.99
N LEU BB 112 30.67 25.77 -22.54
CA LEU BB 112 31.57 26.71 -21.87
C LEU BB 112 31.66 26.29 -20.40
N SER BB 113 32.69 25.50 -20.09
CA SER BB 113 32.81 24.95 -18.75
C SER BB 113 33.34 25.97 -17.74
N SER BB 114 34.05 26.99 -18.19
CA SER BB 114 34.50 28.03 -17.25
C SER BB 114 35.04 29.23 -18.01
N VAL BB 115 34.60 30.43 -17.63
CA VAL BB 115 35.25 31.67 -18.04
C VAL BB 115 35.76 32.35 -16.78
N THR BB 116 37.06 32.68 -16.78
CA THR BB 116 37.70 33.24 -15.61
C THR BB 116 38.41 34.52 -15.99
N PRO BB 117 38.00 35.68 -15.46
CA PRO BB 117 38.73 36.92 -15.77
C PRO BB 117 40.12 36.87 -15.16
N GLY BB 118 40.90 37.90 -15.41
CA GLY BB 118 42.25 37.95 -14.91
C GLY BB 118 42.49 39.11 -13.99
N LYS BB 119 43.76 39.33 -13.70
CA LYS BB 119 44.15 40.60 -13.10
C LYS BB 119 44.70 41.52 -14.18
N GLU BB 120 44.47 42.81 -13.98
CA GLU BB 120 45.06 43.80 -14.88
C GLU BB 120 46.58 43.78 -14.71
N SER BB 121 47.29 43.89 -15.84
CA SER BB 121 48.75 43.80 -15.84
C SER BB 121 49.32 45.20 -15.59
N VAL BB 122 49.52 45.52 -14.31
CA VAL BB 122 49.93 46.87 -13.91
C VAL BB 122 51.28 47.24 -14.52
N GLY BB 123 52.13 46.26 -14.79
CA GLY BB 123 53.38 46.50 -15.49
C GLY BB 123 53.39 45.91 -16.89
N GLY BB 124 52.21 45.87 -17.53
CA GLY BB 124 52.09 45.36 -18.87
C GLY BB 124 51.94 46.48 -19.89
N GLY BB 125 52.22 47.69 -19.46
CA GLY BB 125 52.10 48.86 -20.32
C GLY BB 125 52.06 50.15 -19.53
N GLU BB 126 52.67 51.21 -20.06
CA GLU BB 126 52.57 52.50 -19.39
C GLU BB 126 51.22 53.15 -19.63
N PHE BB 127 50.59 52.87 -20.78
CA PHE BB 127 49.36 53.56 -21.14
C PHE BB 127 48.15 52.64 -21.17
N PHE BB 128 48.26 51.42 -20.66
CA PHE BB 128 47.15 50.48 -20.72
C PHE BB 128 47.35 49.37 -19.69
N ALA BB 129 46.26 49.04 -18.98
CA ALA BB 129 46.22 47.87 -18.11
C ALA BB 129 45.56 46.75 -18.92
N ARG BB 130 46.33 45.71 -19.19
CA ARG BB 130 45.77 44.55 -19.89
C ARG BB 130 45.02 43.67 -18.91
N ILE BB 131 43.76 43.39 -19.22
CA ILE BB 131 42.98 42.40 -18.48
C ILE BB 131 42.95 41.11 -19.32
N PRO BB 132 43.51 40.02 -18.80
CA PRO BB 132 43.41 38.74 -19.51
C PRO BB 132 42.20 37.95 -19.04
N ILE BB 133 41.61 37.21 -19.97
CA ILE BB 133 40.45 36.37 -19.72
C ILE BB 133 40.80 34.97 -20.21
N LYS BB 134 40.73 34.00 -19.30
CA LYS BB 134 41.00 32.61 -19.64
C LYS BB 134 39.67 31.89 -19.83
N MET BB 135 39.45 31.36 -21.03
CA MET BB 135 38.21 30.69 -21.38
C MET BB 135 38.44 29.19 -21.54
N THR BB 136 37.44 28.41 -21.15
CA THR BB 136 37.54 26.97 -20.97
C THR BB 136 36.26 26.35 -21.53
N VAL BB 137 36.38 25.78 -22.73
CA VAL BB 137 35.26 25.30 -23.53
C VAL BB 137 35.61 23.90 -24.04
N SER BB 138 34.60 23.04 -24.20
CA SER BB 138 34.85 21.66 -24.60
C SER BB 138 34.01 21.28 -25.81
N GLY BB 139 34.59 20.50 -26.71
CA GLY BB 139 33.85 20.00 -27.85
C GLY BB 139 34.76 19.30 -28.84
N ASN BB 140 34.47 19.52 -30.12
CA ASN BB 140 35.21 18.91 -31.21
C ASN BB 140 36.31 19.84 -31.71
N TYR BB 141 37.35 19.24 -32.30
CA TYR BB 141 38.45 20.04 -32.86
C TYR BB 141 37.95 21.08 -33.84
N HIS BB 142 37.08 20.67 -34.77
CA HIS BB 142 36.48 21.60 -35.72
C HIS BB 142 35.77 22.75 -35.00
N GLU BB 143 35.07 22.43 -33.92
CA GLU BB 143 34.30 23.43 -33.20
C GLU BB 143 35.18 24.39 -32.41
N ILE BB 144 36.33 23.93 -31.91
CA ILE BB 144 37.20 24.84 -31.15
C ILE BB 144 38.00 25.71 -32.10
N ALA BB 145 38.52 25.13 -33.19
CA ALA BB 145 39.04 25.96 -34.27
C ALA BB 145 38.03 27.03 -34.66
N LEU BB 146 36.75 26.64 -34.73
CA LEU BB 146 35.68 27.58 -35.09
C LEU BB 146 35.55 28.69 -34.05
N PHE BB 147 35.41 28.30 -32.79
CA PHE BB 147 35.29 29.25 -31.69
C PHE BB 147 36.44 30.26 -31.70
N LEU BB 148 37.67 29.75 -31.87
CA LEU BB 148 38.84 30.61 -31.95
C LEU BB 148 38.73 31.59 -33.11
N GLN BB 149 38.42 31.09 -34.31
CA GLN BB 149 38.41 31.97 -35.48
C GLN BB 149 37.31 33.02 -35.38
N GLU BB 150 36.20 32.69 -34.72
CA GLU BB 150 35.15 33.67 -34.52
C GLU BB 150 35.57 34.75 -33.53
N MET BB 151 36.25 34.36 -32.46
CA MET BB 151 36.74 35.37 -31.52
C MET BB 151 37.83 36.24 -32.15
N ALA BB 152 38.59 35.66 -33.09
CA ALA BB 152 39.58 36.41 -33.84
C ALA BB 152 38.97 37.21 -34.99
N ASN BB 153 37.68 37.05 -35.26
CA ASN BB 153 36.97 37.89 -36.21
C ASN BB 153 36.00 38.86 -35.55
N MET BB 154 36.06 39.00 -34.22
CA MET BB 154 35.12 39.86 -33.52
C MET BB 154 35.47 41.33 -33.74
N ARG BB 155 34.51 42.20 -33.39
CA ARG BB 155 34.68 43.64 -33.45
C ARG BB 155 35.18 44.22 -32.13
N ARG BB 156 35.74 43.41 -31.24
CA ARG BB 156 36.26 43.93 -29.98
C ARG BB 156 37.66 43.38 -29.76
N ILE BB 157 38.29 43.86 -28.70
CA ILE BB 157 39.74 43.78 -28.53
C ILE BB 157 40.12 42.51 -27.76
N VAL BB 158 39.69 41.35 -28.27
CA VAL BB 158 39.97 40.10 -27.57
C VAL BB 158 41.10 39.38 -28.30
N ASN BB 159 42.34 39.78 -28.01
CA ASN BB 159 43.49 39.18 -28.68
C ASN BB 159 43.83 37.82 -28.08
N VAL BB 160 43.42 36.76 -28.77
CA VAL BB 160 43.69 35.40 -28.30
C VAL BB 160 45.16 35.06 -28.55
N ASN BB 161 45.80 34.47 -27.55
CA ASN BB 161 47.22 34.15 -27.67
C ASN BB 161 47.51 32.69 -27.38
N ASN BB 162 47.92 32.38 -26.15
CA ASN BB 162 48.41 31.05 -25.81
C ASN BB 162 47.24 30.08 -25.67
N ILE BB 163 47.24 29.05 -26.51
CA ILE BB 163 46.13 28.10 -26.63
C ILE BB 163 46.57 26.74 -26.12
N LYS BB 164 45.62 25.96 -25.62
CA LYS BB 164 45.88 24.57 -25.31
C LYS BB 164 44.58 23.79 -25.39
N PHE BB 165 44.68 22.47 -25.57
CA PHE BB 165 43.52 21.59 -25.49
C PHE BB 165 44.00 20.15 -25.43
N ASP BB 166 43.13 19.28 -24.92
CA ASP BB 166 43.49 17.89 -24.65
C ASP BB 166 42.21 17.07 -24.59
N SER BB 167 42.36 15.76 -24.52
CA SER BB 167 41.22 14.84 -24.56
C SER BB 167 40.68 14.64 -23.13
N ALA BB 168 39.44 15.05 -22.89
CA ALA BB 168 38.93 15.16 -21.52
C ALA BB 168 38.52 13.82 -20.92
N LYS BB 169 38.46 12.76 -21.71
CA LYS BB 169 37.97 11.46 -21.24
C LYS BB 169 39.15 10.63 -20.76
N LEU BB 170 39.17 10.31 -19.45
CA LEU BB 170 40.20 9.44 -18.89
C LEU BB 170 40.41 8.21 -19.76
N LYS BB 171 39.46 7.28 -19.69
CA LYS BB 171 39.53 6.02 -20.40
C LYS BB 171 39.60 6.20 -21.91
N ASN BB 172 39.25 7.38 -22.43
CA ASN BB 172 39.18 7.60 -23.86
C ASN BB 172 38.22 6.59 -24.50
N GLU BB 173 36.93 6.78 -24.27
CA GLU BB 173 35.90 5.96 -24.87
C GLU BB 173 35.03 6.72 -25.87
N LYS BB 174 35.13 8.05 -25.89
CA LYS BB 174 34.48 8.87 -26.89
C LYS BB 174 35.32 10.11 -27.15
N VAL BB 175 35.22 10.64 -28.37
CA VAL BB 175 35.99 11.84 -28.71
C VAL BB 175 35.43 13.03 -27.93
N VAL BB 176 36.34 13.81 -27.34
CA VAL BB 176 35.98 15.04 -26.64
C VAL BB 176 37.27 15.78 -26.29
N LEU BB 177 37.31 17.08 -26.59
CA LEU BB 177 38.49 17.91 -26.37
C LEU BB 177 38.12 19.07 -25.48
N GLN BB 178 38.62 19.05 -24.25
CA GLN BB 178 38.62 20.24 -23.42
C GLN BB 178 39.68 21.21 -23.93
N SER BB 179 39.31 22.47 -24.04
CA SER BB 179 40.16 23.50 -24.62
C SER BB 179 40.19 24.71 -23.70
N GLU BB 180 41.39 25.25 -23.51
CA GLU BB 180 41.62 26.41 -22.65
C GLU BB 180 42.40 27.42 -23.49
N PHE BB 181 41.71 28.49 -23.88
CA PHE BB 181 42.29 29.57 -24.66
C PHE BB 181 42.45 30.80 -23.77
N GLN BB 182 43.55 31.53 -23.96
CA GLN BB 182 43.80 32.76 -23.24
C GLN BB 182 43.63 33.93 -24.19
N ALA BB 183 42.81 34.90 -23.81
CA ALA BB 183 42.52 36.03 -24.67
C ALA BB 183 42.28 37.26 -23.81
N THR BB 184 42.88 38.39 -24.21
CA THR BB 184 42.97 39.57 -23.36
C THR BB 184 42.54 40.83 -24.08
N THR BB 185 41.99 41.79 -23.33
CA THR BB 185 41.71 43.12 -23.85
C THR BB 185 42.42 44.17 -23.00
N PHE BB 186 42.61 45.36 -23.59
CA PHE BB 186 43.59 46.32 -23.06
C PHE BB 186 42.95 47.61 -22.58
N ARG BB 187 42.41 47.63 -21.35
CA ARG BB 187 41.83 48.83 -20.77
C ARG BB 187 42.92 49.90 -20.61
N PHE BB 188 42.53 51.13 -20.27
CA PHE BB 188 43.51 52.17 -20.03
C PHE BB 188 44.09 52.01 -18.63
N VAL BB 189 45.07 52.84 -18.27
CA VAL BB 189 45.76 52.66 -17.00
C VAL BB 189 44.90 53.09 -15.81
N ALA CB 37 24.25 161.82 -29.82
CA ALA CB 37 24.74 163.07 -30.39
C ALA CB 37 23.78 164.22 -30.11
N LYS CB 38 24.24 165.45 -30.34
CA LYS CB 38 23.49 166.65 -30.00
C LYS CB 38 22.56 167.03 -31.15
N GLY CB 39 21.28 166.66 -31.01
CA GLY CB 39 20.30 166.89 -32.05
C GLY CB 39 19.25 167.91 -31.69
N LYS CB 40 18.69 168.56 -32.73
CA LYS CB 40 17.51 169.40 -32.59
C LYS CB 40 16.33 168.56 -33.07
N LEU CB 41 15.57 168.06 -32.10
CA LEU CB 41 14.61 167.01 -32.30
C LEU CB 41 13.35 167.64 -32.86
N VAL CB 42 12.16 167.13 -32.51
CA VAL CB 42 10.93 167.87 -32.90
C VAL CB 42 9.90 167.82 -31.77
N LEU CB 43 8.73 168.38 -32.06
CA LEU CB 43 7.71 168.53 -31.04
C LEU CB 43 6.32 168.37 -31.60
N GLY CB 44 5.62 167.35 -31.14
CA GLY CB 44 4.23 167.16 -31.47
C GLY CB 44 3.35 167.43 -30.27
N LEU CB 45 2.09 167.75 -30.54
CA LEU CB 45 1.08 167.77 -29.49
C LEU CB 45 0.32 166.46 -29.49
N ASP CB 46 0.96 165.45 -28.89
CA ASP CB 46 0.48 164.09 -29.05
C ASP CB 46 -0.78 163.82 -28.24
N ILE CB 47 -0.95 164.51 -27.11
CA ILE CB 47 -2.17 164.33 -26.35
C ILE CB 47 -3.08 165.53 -26.53
N GLY CB 48 -3.18 166.01 -27.76
CA GLY CB 48 -4.14 167.07 -28.04
C GLY CB 48 -5.58 166.61 -28.03
N SER CB 49 -5.82 165.32 -28.28
CA SER CB 49 -7.18 164.78 -28.32
C SER CB 49 -8.04 165.47 -29.36
N THR CB 50 -8.14 166.81 -29.32
CA THR CB 50 -8.77 167.52 -30.44
C THR CB 50 -7.81 167.65 -31.61
N SER CB 51 -6.51 167.85 -31.37
CA SER CB 51 -5.61 168.12 -32.48
C SER CB 51 -4.18 167.67 -32.20
N ILE CB 52 -3.61 166.97 -33.17
CA ILE CB 52 -2.18 166.65 -33.22
C ILE CB 52 -1.47 167.83 -33.89
N LYS CB 53 -0.61 168.51 -33.13
CA LYS CB 53 0.12 169.68 -33.61
C LYS CB 53 1.61 169.39 -33.46
N MET CB 54 2.44 170.05 -34.27
CA MET CB 54 3.86 169.77 -34.29
C MET CB 54 4.62 171.05 -34.66
N ILE CB 55 5.81 171.23 -34.09
CA ILE CB 55 6.56 172.48 -34.24
C ILE CB 55 8.04 172.18 -34.40
N LEU CB 56 8.68 172.89 -35.33
CA LEU CB 56 10.12 172.87 -35.52
C LEU CB 56 10.69 174.27 -35.35
N LEU CB 57 11.46 174.49 -34.27
CA LEU CB 57 12.35 175.62 -34.13
C LEU CB 57 13.80 175.15 -34.30
N LYS CB 58 14.69 176.03 -34.74
CA LYS CB 58 16.10 175.68 -34.68
C LYS CB 58 16.96 176.93 -34.72
N GLU CB 59 18.26 176.71 -34.74
CA GLU CB 59 19.25 177.77 -34.88
C GLU CB 59 19.11 178.44 -36.25
N GLN CB 60 18.38 179.54 -36.30
CA GLN CB 60 18.23 180.29 -37.56
C GLN CB 60 19.33 181.34 -37.68
N ARG CB 61 19.93 181.41 -38.86
CA ARG CB 61 20.99 182.37 -39.14
C ARG CB 61 20.42 183.57 -39.89
N LYS CB 62 20.71 184.77 -39.38
CA LYS CB 62 20.51 186.01 -40.11
C LYS CB 62 21.65 186.96 -39.78
N ARG CB 63 22.33 187.45 -40.82
CA ARG CB 63 23.40 188.43 -40.69
C ARG CB 63 24.50 187.95 -39.73
N GLY CB 64 24.89 186.69 -39.88
CA GLY CB 64 25.95 186.13 -39.07
C GLY CB 64 25.59 185.86 -37.63
N GLU CB 65 24.35 186.13 -37.23
CA GLU CB 65 23.86 185.81 -35.90
C GLU CB 65 22.91 184.63 -35.99
N VAL CB 66 22.82 183.88 -34.91
CA VAL CB 66 21.98 182.70 -34.84
C VAL CB 66 21.23 182.72 -33.52
N ILE CB 67 19.95 182.38 -33.56
CA ILE CB 67 19.14 182.19 -32.37
C ILE CB 67 18.06 181.16 -32.71
N TYR CB 68 17.51 180.56 -31.65
CA TYR CB 68 16.31 179.74 -31.79
C TYR CB 68 15.27 180.48 -32.62
N ALA CB 69 14.66 179.77 -33.58
CA ALA CB 69 13.64 180.42 -34.38
C ALA CB 69 12.67 179.39 -34.95
N LEU CB 70 11.42 179.82 -35.12
CA LEU CB 70 10.40 178.96 -35.71
C LEU CB 70 10.78 178.61 -37.14
N GLN CB 71 10.79 177.31 -37.42
CA GLN CB 71 11.04 176.81 -38.76
C GLN CB 71 9.79 176.26 -39.42
N SER CB 72 8.96 175.56 -38.66
CA SER CB 72 7.69 175.07 -39.19
C SER CB 72 6.77 174.74 -38.04
N PHE CB 73 5.54 174.39 -38.38
CA PHE CB 73 4.49 173.99 -37.46
C PHE CB 73 3.38 173.38 -38.32
N GLY CB 74 2.54 172.57 -37.69
CA GLY CB 74 1.55 171.82 -38.43
C GLY CB 74 0.48 171.33 -37.50
N MET CB 75 -0.75 171.25 -38.01
CA MET CB 75 -1.87 170.89 -37.17
C MET CB 75 -2.88 170.09 -37.96
N LYS CB 76 -3.30 168.96 -37.39
CA LYS CB 76 -4.33 168.12 -37.95
C LYS CB 76 -5.24 167.65 -36.80
N PRO CB 77 -6.55 167.78 -36.95
CA PRO CB 77 -7.43 167.32 -35.86
C PRO CB 77 -7.29 165.82 -35.67
N LEU CB 78 -7.41 165.37 -34.42
CA LEU CB 78 -7.20 163.97 -34.08
C LEU CB 78 -8.40 163.12 -34.50
N PRO CB 79 -8.17 162.22 -35.44
CA PRO CB 79 -9.00 161.01 -35.57
C PRO CB 79 -9.42 160.47 -34.21
N PRO CB 80 -10.65 160.77 -33.79
CA PRO CB 80 -11.24 160.12 -32.62
C PRO CB 80 -11.02 158.61 -32.62
N GLU CB 81 -11.14 157.99 -31.45
CA GLU CB 81 -10.94 156.56 -31.33
C GLU CB 81 -9.47 156.20 -31.31
N ALA CB 82 -8.63 157.13 -31.76
CA ALA CB 82 -7.19 156.98 -31.63
C ALA CB 82 -6.75 157.06 -30.18
N ILE CB 83 -7.36 157.95 -29.40
CA ILE CB 83 -7.07 158.05 -27.97
C ILE CB 83 -8.36 157.80 -27.21
N VAL CB 84 -8.28 156.88 -26.26
CA VAL CB 84 -9.35 156.62 -25.31
C VAL CB 84 -8.72 156.60 -23.92
N ASP CB 85 -9.34 157.33 -22.99
CA ASP CB 85 -8.90 157.41 -21.59
C ASP CB 85 -7.43 157.78 -21.43
N GLY CB 86 -6.89 158.59 -22.36
CA GLY CB 86 -5.52 159.00 -22.26
C GLY CB 86 -4.50 158.01 -22.79
N ALA CB 87 -4.97 156.87 -23.28
CA ALA CB 87 -4.08 155.85 -23.82
C ALA CB 87 -4.16 155.79 -25.34
N LEU CB 88 -3.02 155.56 -25.99
CA LEU CB 88 -3.00 155.14 -27.38
C LEU CB 88 -3.66 153.78 -27.55
N MET CB 89 -4.98 153.78 -27.70
CA MET CB 89 -5.72 152.56 -27.96
C MET CB 89 -5.31 151.93 -29.29
N ASN CB 90 -4.68 152.72 -30.14
CA ASN CB 90 -4.24 152.25 -31.45
C ASN CB 90 -3.03 153.03 -31.97
N SER CB 91 -1.86 152.40 -31.93
CA SER CB 91 -0.63 153.06 -32.34
C SER CB 91 -0.69 153.46 -33.82
N THR CB 92 -1.01 152.50 -34.68
CA THR CB 92 -0.64 152.57 -36.09
C THR CB 92 -1.33 153.74 -36.81
N ALA CB 93 -2.60 153.96 -36.51
CA ALA CB 93 -3.34 155.04 -37.16
C ALA CB 93 -2.79 156.40 -36.76
N ILE CB 94 -2.69 156.65 -35.45
CA ILE CB 94 -2.04 157.86 -34.94
C ILE CB 94 -0.72 158.08 -35.65
N VAL CB 95 0.03 156.99 -35.88
CA VAL CB 95 1.23 157.05 -36.70
C VAL CB 95 0.92 157.69 -38.05
N GLN CB 96 -0.12 157.20 -38.74
CA GLN CB 96 -0.41 157.79 -40.04
C GLN CB 96 -0.60 159.30 -39.92
N ALA CB 97 -1.29 159.71 -38.87
CA ALA CB 97 -1.49 161.14 -38.65
C ALA CB 97 -0.17 161.87 -38.44
N VAL CB 98 0.65 161.38 -37.50
CA VAL CB 98 1.93 162.03 -37.19
C VAL CB 98 2.78 162.20 -38.44
N GLN CB 99 2.82 161.17 -39.29
CA GLN CB 99 3.61 161.23 -40.52
C GLN CB 99 3.05 162.28 -41.48
N ASP CB 100 1.71 162.37 -41.57
CA ASP CB 100 1.10 163.53 -42.24
C ASP CB 100 1.64 164.83 -41.69
N LEU CB 101 1.72 164.94 -40.36
CA LEU CB 101 2.29 166.13 -39.73
C LEU CB 101 3.68 166.41 -40.28
N MET CB 102 4.54 165.39 -40.30
CA MET CB 102 5.95 165.60 -40.64
C MET CB 102 6.12 166.02 -42.10
N SER CB 103 5.37 165.40 -43.01
CA SER CB 103 5.49 165.76 -44.43
C SER CB 103 4.85 167.11 -44.72
N GLU CB 104 3.72 167.41 -44.08
CA GLU CB 104 3.15 168.75 -44.13
C GLU CB 104 4.19 169.77 -43.71
N LEU CB 105 4.84 169.52 -42.56
CA LEU CB 105 5.94 170.31 -42.05
C LEU CB 105 7.05 170.50 -43.07
N LYS CB 106 7.33 169.48 -43.89
CA LYS CB 106 8.49 169.44 -44.78
C LYS CB 106 9.79 169.41 -43.98
N VAL CB 107 9.86 168.54 -42.97
CA VAL CB 107 10.97 168.55 -42.01
C VAL CB 107 11.87 167.35 -42.24
N LYS CB 108 13.17 167.60 -42.23
CA LYS CB 108 14.12 166.51 -42.23
C LYS CB 108 14.14 165.71 -40.94
N GLY CB 109 13.87 166.36 -39.81
CA GLY CB 109 14.20 165.78 -38.52
C GLY CB 109 13.30 164.61 -38.16
N LYS CB 110 13.88 163.62 -37.49
CA LYS CB 110 13.18 162.42 -37.07
C LYS CB 110 13.36 162.11 -35.59
N ASP CB 111 13.84 163.06 -34.80
CA ASP CB 111 13.84 162.92 -33.36
C ASP CB 111 12.76 163.82 -32.79
N VAL CB 112 12.20 163.42 -31.66
CA VAL CB 112 11.02 164.10 -31.15
C VAL CB 112 11.04 164.11 -29.63
N ALA CB 113 10.57 165.20 -29.04
CA ALA CB 113 10.05 165.17 -27.68
C ALA CB 113 8.53 165.16 -27.80
N ILE CB 114 7.86 164.53 -26.84
CA ILE CB 114 6.41 164.56 -26.80
C ILE CB 114 5.92 164.58 -25.37
N GLY CB 115 4.62 164.42 -25.19
CA GLY CB 115 4.02 164.51 -23.88
C GLY CB 115 2.98 163.44 -23.66
N VAL CB 116 2.79 163.09 -22.39
CA VAL CB 116 1.76 162.14 -22.01
C VAL CB 116 0.45 162.88 -21.74
N SER CB 117 -0.64 162.12 -21.69
CA SER CB 117 -1.94 162.70 -21.38
C SER CB 117 -1.99 163.10 -19.92
N GLY CB 118 -2.56 164.27 -19.65
CA GLY CB 118 -2.86 164.65 -18.29
C GLY CB 118 -3.70 163.62 -17.57
N HIS CB 119 -4.58 162.92 -18.29
CA HIS CB 119 -5.34 161.81 -17.73
C HIS CB 119 -4.51 160.56 -17.54
N SER CB 120 -3.30 160.52 -18.08
CA SER CB 120 -2.46 159.33 -18.02
C SER CB 120 -1.33 159.46 -17.01
N VAL CB 121 -1.17 160.62 -16.38
CA VAL CB 121 -0.06 160.89 -15.49
C VAL CB 121 -0.59 161.33 -14.13
N ILE CB 122 0.02 160.82 -13.07
CA ILE CB 122 -0.16 161.32 -11.72
C ILE CB 122 1.01 162.25 -11.42
N ILE CB 123 0.71 163.52 -11.15
CA ILE CB 123 1.70 164.51 -10.75
C ILE CB 123 1.41 164.90 -9.32
N LYS CB 124 2.40 164.82 -8.45
CA LYS CB 124 2.13 165.22 -7.08
C LYS CB 124 3.44 165.42 -6.32
N LYS CB 125 3.39 166.29 -5.30
CA LYS CB 125 4.58 166.61 -4.53
C LYS CB 125 4.91 165.49 -3.53
N ILE CB 126 6.19 165.45 -3.12
CA ILE CB 126 6.72 164.40 -2.24
C ILE CB 126 7.89 164.92 -1.40
N GLN CB 127 7.83 164.71 -0.08
CA GLN CB 127 8.89 165.17 0.82
C GLN CB 127 9.72 163.98 1.31
N MET CB 128 11.06 164.12 1.27
CA MET CB 128 12.02 163.04 1.56
C MET CB 128 13.24 163.55 2.33
N PRO CB 129 14.35 162.78 2.41
CA PRO CB 129 15.62 163.40 2.84
C PRO CB 129 16.72 163.39 1.78
N ARG CB 130 17.47 164.49 1.71
CA ARG CB 130 18.53 164.65 0.71
C ARG CB 130 19.65 163.64 0.96
N MET CB 131 19.99 162.89 -0.09
CA MET CB 131 21.09 161.93 -0.01
C MET CB 131 21.70 161.63 -1.37
N SER CB 132 22.32 160.46 -1.48
CA SER CB 132 22.85 159.99 -2.75
C SER CB 132 21.71 159.74 -3.74
N GLN CB 133 22.02 159.87 -5.04
CA GLN CB 133 20.97 159.78 -6.06
C GLN CB 133 20.24 158.45 -6.00
N ASP CB 134 20.96 157.34 -5.89
CA ASP CB 134 20.31 156.03 -5.84
C ASP CB 134 19.34 155.95 -4.66
N GLU CB 135 19.80 156.35 -3.48
CA GLU CB 135 18.94 156.27 -2.29
C GLU CB 135 17.72 157.17 -2.42
N LEU CB 136 17.84 158.29 -3.15
CA LEU CB 136 16.69 159.13 -3.37
C LEU CB 136 15.73 158.51 -4.37
N GLU CB 137 16.25 157.91 -5.44
CA GLU CB 137 15.35 157.32 -6.43
C GLU CB 137 14.58 156.16 -5.83
N GLU CB 138 15.27 155.28 -5.10
CA GLU CB 138 14.58 154.17 -4.44
C GLU CB 138 13.60 154.68 -3.38
N SER CB 139 14.06 155.57 -2.50
CA SER CB 139 13.16 156.17 -1.51
C SER CB 139 11.95 156.81 -2.18
N ILE CB 140 12.17 157.45 -3.34
CA ILE CB 140 11.11 158.14 -4.08
C ILE CB 140 10.08 157.14 -4.56
N GLN CB 141 10.55 156.05 -5.18
CA GLN CB 141 9.67 154.98 -5.60
C GLN CB 141 8.87 154.43 -4.42
N TRP CB 142 9.54 154.25 -3.28
CA TRP CB 142 8.90 153.69 -2.10
C TRP CB 142 7.77 154.59 -1.61
N GLU CB 143 7.98 155.90 -1.62
CA GLU CB 143 6.94 156.79 -1.13
C GLU CB 143 5.80 156.92 -2.14
N ALA CB 144 6.12 156.94 -3.44
CA ALA CB 144 5.07 156.96 -4.45
C ALA CB 144 4.20 155.72 -4.42
N GLU CB 145 4.72 154.62 -3.87
CA GLU CB 145 4.08 153.32 -4.07
C GLU CB 145 2.61 153.32 -3.66
N GLN CB 146 2.31 153.85 -2.47
CA GLN CB 146 0.94 153.98 -1.99
C GLN CB 146 0.08 154.95 -2.82
N TYR CB 147 0.70 155.93 -3.49
CA TYR CB 147 -0.05 157.06 -4.07
C TYR CB 147 -0.44 156.75 -5.51
N ILE CB 148 -0.07 155.56 -5.99
CA ILE CB 148 -0.27 155.06 -7.33
C ILE CB 148 -1.26 153.90 -7.24
N PRO CB 149 -2.49 154.05 -7.76
CA PRO CB 149 -3.47 152.97 -7.64
C PRO CB 149 -3.23 151.80 -8.58
N PHE CB 150 -2.01 151.61 -9.07
CA PHE CB 150 -1.68 150.46 -9.89
C PHE CB 150 -0.42 149.80 -9.32
N ASP CB 151 -0.17 148.58 -9.74
CA ASP CB 151 1.16 148.03 -9.51
C ASP CB 151 2.19 148.89 -10.21
N VAL CB 152 3.44 148.68 -9.84
CA VAL CB 152 4.54 149.26 -10.60
C VAL CB 152 5.11 148.11 -11.44
N LYS CB 153 4.75 147.93 -12.72
CA LYS CB 153 3.74 148.64 -13.55
C LYS CB 153 3.53 150.17 -13.45
N ASP CB 154 4.62 150.93 -13.31
CA ASP CB 154 4.60 152.38 -13.40
C ASP CB 154 6.00 152.92 -13.71
N VAL CB 155 6.06 153.87 -14.66
CA VAL CB 155 7.25 154.66 -14.98
C VAL CB 155 7.20 155.92 -14.13
N ASN CB 156 8.32 156.19 -13.45
CA ASN CB 156 8.41 157.21 -12.40
C ASN CB 156 9.56 158.15 -12.70
N ILE CB 157 9.35 159.45 -12.46
CA ILE CB 157 10.39 160.47 -12.61
C ILE CB 157 10.10 161.62 -11.64
N ASP CB 158 11.15 162.18 -11.06
CA ASP CB 158 10.95 163.28 -10.12
C ASP CB 158 11.81 164.47 -10.52
N THR CB 159 11.41 165.65 -10.07
CA THR CB 159 12.39 166.74 -10.04
C THR CB 159 12.19 167.54 -8.75
N GLN CB 160 13.25 168.19 -8.31
CA GLN CB 160 13.21 168.85 -7.02
C GLN CB 160 12.66 170.27 -7.16
N ILE CB 161 11.67 170.59 -6.34
CA ILE CB 161 11.03 171.89 -6.38
C ILE CB 161 11.95 173.01 -5.94
N LEU CB 162 13.01 172.67 -5.21
CA LEU CB 162 14.07 173.61 -4.85
C LEU CB 162 15.41 172.97 -5.17
N ASP CB 163 16.42 173.82 -5.37
CA ASP CB 163 17.74 173.34 -5.76
C ASP CB 163 18.34 172.46 -4.68
N GLY CB 164 18.76 171.25 -5.07
CA GLY CB 164 19.30 170.31 -4.10
C GLY CB 164 20.63 170.74 -3.51
N GLY CB 165 21.43 171.50 -4.28
CA GLY CB 165 22.69 171.98 -3.77
C GLY CB 165 22.57 172.99 -2.65
N GLY CB 166 21.38 173.56 -2.46
CA GLY CB 166 21.14 174.52 -1.41
C GLY CB 166 20.85 173.94 -0.05
N ASN CB 167 20.82 172.61 0.08
CA ASN CB 167 20.55 171.94 1.35
C ASN CB 167 21.51 170.78 1.52
N ASP CB 168 21.70 170.40 2.78
CA ASP CB 168 22.62 169.32 3.11
C ASP CB 168 21.92 167.97 3.00
N ALA CB 169 22.72 166.90 3.09
CA ALA CB 169 22.18 165.56 3.20
C ALA CB 169 21.24 165.46 4.39
N THR CB 170 20.23 164.59 4.27
CA THR CB 170 19.23 164.30 5.28
C THR CB 170 18.19 165.40 5.49
N GLY CB 171 18.45 166.61 4.97
CA GLY CB 171 17.52 167.70 5.20
C GLY CB 171 16.95 168.37 3.97
N GLN CB 172 15.69 168.81 4.04
CA GLN CB 172 15.04 169.63 3.01
C GLN CB 172 15.06 168.98 1.63
N MET CB 173 14.55 167.75 1.57
CA MET CB 173 14.30 167.16 0.27
C MET CB 173 12.84 167.35 -0.11
N ASP CB 174 12.65 167.74 -1.35
CA ASP CB 174 11.33 167.87 -1.92
C ASP CB 174 11.51 167.52 -3.38
N VAL CB 175 10.94 166.41 -3.81
CA VAL CB 175 10.82 166.12 -5.22
C VAL CB 175 9.33 166.10 -5.51
N LEU CB 176 8.98 166.33 -6.76
CA LEU CB 176 7.62 166.05 -7.22
C LEU CB 176 7.73 164.89 -8.19
N LEU CB 177 6.80 163.95 -8.07
CA LEU CB 177 6.80 162.74 -8.87
C LEU CB 177 5.76 162.82 -9.98
N VAL CB 178 6.20 162.42 -11.16
CA VAL CB 178 5.38 162.13 -12.31
C VAL CB 178 5.37 160.62 -12.49
N ALA CB 179 4.18 160.06 -12.58
CA ALA CB 179 4.00 158.61 -12.57
C ALA CB 179 3.02 158.21 -13.65
N ALA CB 180 3.25 157.05 -14.26
CA ALA CB 180 2.50 156.68 -15.45
C ALA CB 180 2.51 155.17 -15.67
N LYS CB 181 1.46 154.64 -16.29
CA LYS CB 181 1.44 153.22 -16.61
C LYS CB 181 2.37 152.93 -17.79
N LYS CB 182 2.98 151.74 -17.77
CA LYS CB 182 3.76 151.31 -18.94
C LYS CB 182 2.91 151.30 -20.19
N ASP CB 183 1.68 150.82 -20.08
CA ASP CB 183 0.85 150.64 -21.27
C ASP CB 183 0.66 151.96 -22.00
N MET CB 184 0.59 153.07 -21.26
CA MET CB 184 0.50 154.38 -21.90
C MET CB 184 1.80 154.74 -22.61
N ILE CB 185 2.90 154.81 -21.85
CA ILE CB 185 4.21 155.08 -22.44
C ILE CB 185 4.47 154.19 -23.64
N ASN CB 186 4.19 152.89 -23.51
CA ASN CB 186 4.43 151.92 -24.56
C ASN CB 186 3.55 152.20 -25.78
N ASP CB 187 2.30 152.61 -25.53
CA ASP CB 187 1.45 153.07 -26.63
C ASP CB 187 2.11 154.23 -27.38
N TYR CB 188 2.66 155.19 -26.62
CA TYR CB 188 3.21 156.39 -27.23
C TYR CB 188 4.51 156.07 -27.98
N THR CB 189 5.44 155.37 -27.34
CA THR CB 189 6.63 154.90 -28.04
C THR CB 189 6.28 154.05 -29.25
N THR CB 190 5.17 153.33 -29.19
CA THR CB 190 4.69 152.64 -30.37
C THR CB 190 4.42 153.63 -31.50
N VAL CB 191 3.50 154.56 -31.26
CA VAL CB 191 3.17 155.56 -32.27
C VAL CB 191 4.44 156.22 -32.81
N VAL CB 192 5.41 156.47 -31.94
CA VAL CB 192 6.59 157.22 -32.35
C VAL CB 192 7.51 156.35 -33.20
N SER CB 193 7.87 155.18 -32.68
CA SER CB 193 8.61 154.19 -33.44
C SER CB 193 8.07 154.05 -34.87
N GLU CB 194 6.75 154.11 -35.05
CA GLU CB 194 6.25 153.82 -36.39
C GLU CB 194 6.25 155.05 -37.30
N ALA CB 195 6.08 156.27 -36.76
CA ALA CB 195 6.25 157.47 -37.58
C ALA CB 195 7.69 157.66 -38.07
N GLY CB 196 8.58 156.71 -37.76
CA GLY CB 196 9.98 156.90 -38.03
C GLY CB 196 10.66 157.86 -37.10
N LEU CB 197 10.02 158.21 -36.00
CA LEU CB 197 10.55 159.17 -35.04
C LEU CB 197 11.27 158.45 -33.91
N ALA CB 198 12.20 159.15 -33.28
CA ALA CB 198 12.93 158.63 -32.13
C ALA CB 198 12.75 159.58 -30.96
N PRO CB 199 12.12 159.15 -29.86
CA PRO CB 199 11.91 160.05 -28.73
C PRO CB 199 13.15 160.16 -27.85
N VAL CB 200 13.38 161.36 -27.33
CA VAL CB 200 14.42 161.56 -26.34
C VAL CB 200 13.83 162.04 -25.00
N VAL CB 201 12.67 162.68 -25.01
CA VAL CB 201 12.04 163.21 -23.81
C VAL CB 201 10.54 162.93 -23.90
N VAL CB 202 9.98 162.33 -22.85
CA VAL CB 202 8.54 162.19 -22.69
C VAL CB 202 8.16 163.07 -21.51
N ASP CB 203 7.70 164.27 -21.83
CA ASP CB 203 7.50 165.33 -20.85
C ASP CB 203 6.02 165.36 -20.46
N VAL CB 204 5.64 166.30 -19.61
CA VAL CB 204 4.26 166.44 -19.17
C VAL CB 204 3.77 167.83 -19.54
N ASP CB 205 2.47 167.95 -19.85
CA ASP CB 205 2.01 169.14 -20.54
C ASP CB 205 1.91 170.36 -19.63
N ALA CB 206 1.56 170.16 -18.35
CA ALA CB 206 1.37 171.28 -17.45
C ALA CB 206 2.65 172.10 -17.26
N PHE CB 207 3.81 171.48 -17.48
CA PHE CB 207 5.10 172.14 -17.33
C PHE CB 207 5.73 172.46 -18.67
N ALA CB 208 5.47 171.63 -19.68
CA ALA CB 208 5.92 171.92 -21.03
C ALA CB 208 5.29 173.19 -21.56
N VAL CB 209 4.04 173.45 -21.17
CA VAL CB 209 3.34 174.65 -21.61
C VAL CB 209 4.00 175.91 -21.04
N GLN CB 210 4.81 175.77 -20.00
CA GLN CB 210 5.40 176.91 -19.31
C GLN CB 210 6.72 177.38 -19.92
N ASN CB 211 7.39 176.53 -20.70
CA ASN CB 211 8.74 176.85 -21.20
C ASN CB 211 8.74 178.10 -22.07
N MET CB 212 7.60 178.41 -22.69
CA MET CB 212 7.47 179.60 -23.52
C MET CB 212 7.40 180.86 -22.70
N PHE CB 213 6.87 180.75 -21.49
CA PHE CB 213 6.71 181.88 -20.61
C PHE CB 213 7.77 181.92 -19.52
N SER CB 214 8.73 180.98 -19.52
CA SER CB 214 9.65 180.84 -18.41
C SER CB 214 10.54 182.06 -18.23
N VAL CB 215 11.01 182.65 -19.32
CA VAL CB 215 11.82 183.87 -19.21
C VAL CB 215 10.97 185.01 -18.62
N ASN CB 216 9.77 185.21 -19.19
CA ASN CB 216 8.91 186.29 -18.75
C ASN CB 216 8.48 186.12 -17.30
N TYR CB 217 8.34 184.87 -16.85
CA TYR CB 217 8.07 184.56 -15.44
C TYR CB 217 9.30 184.81 -14.59
N ASP CB 218 10.48 184.48 -15.12
CA ASP CB 218 11.72 184.70 -14.38
C ASP CB 218 12.00 186.18 -14.20
N VAL CB 219 11.32 187.03 -14.98
CA VAL CB 219 11.42 188.48 -14.75
C VAL CB 219 10.88 188.88 -13.38
N PRO CB 220 9.66 188.46 -12.94
CA PRO CB 220 9.28 188.69 -11.53
C PRO CB 220 9.56 187.48 -10.63
N GLU CB 221 10.59 187.55 -9.77
CA GLU CB 221 11.04 186.35 -9.10
C GLU CB 221 10.24 186.04 -7.83
N ARG CB 222 9.49 187.01 -7.31
CA ARG CB 222 8.68 186.77 -6.12
C ARG CB 222 7.18 186.91 -6.37
N GLU CB 223 6.77 187.07 -7.62
CA GLU CB 223 5.35 187.18 -7.94
C GLU CB 223 4.74 185.80 -8.13
N THR CB 224 3.56 185.60 -7.55
CA THR CB 224 2.80 184.37 -7.67
C THR CB 224 1.90 184.45 -8.90
N VAL CB 225 2.10 183.54 -9.84
CA VAL CB 225 1.39 183.55 -11.11
C VAL CB 225 0.62 182.25 -11.26
N VAL CB 226 -0.59 182.33 -11.82
CA VAL CB 226 -1.29 181.10 -12.19
C VAL CB 226 -1.23 180.95 -13.71
N LEU CB 227 -1.21 179.71 -14.15
CA LEU CB 227 -1.23 179.36 -15.56
C LEU CB 227 -2.27 178.27 -15.76
N ILE CB 228 -3.32 178.59 -16.51
CA ILE CB 228 -4.37 177.65 -16.86
C ILE CB 228 -4.13 177.20 -18.29
N ASN CB 229 -4.12 175.89 -18.51
CA ASN CB 229 -4.19 175.34 -19.87
C ASN CB 229 -5.52 174.61 -19.96
N ALA CB 230 -6.49 175.25 -20.60
CA ALA CB 230 -7.79 174.65 -20.85
C ALA CB 230 -7.73 173.90 -22.18
N GLY CB 231 -7.62 172.58 -22.10
CA GLY CB 231 -7.56 171.73 -23.26
C GLY CB 231 -8.91 171.16 -23.62
N ALA CB 232 -8.88 170.12 -24.45
CA ALA CB 232 -10.10 169.42 -24.81
C ALA CB 232 -10.39 168.22 -23.91
N SER CB 233 -9.37 167.63 -23.28
CA SER CB 233 -9.56 166.50 -22.39
C SER CB 233 -9.43 166.85 -20.92
N VAL CB 234 -8.78 167.98 -20.60
CA VAL CB 234 -8.39 168.28 -19.23
C VAL CB 234 -8.06 169.76 -19.17
N VAL CB 235 -8.19 170.34 -17.99
CA VAL CB 235 -7.72 171.69 -17.72
C VAL CB 235 -6.66 171.61 -16.64
N ASN CB 236 -5.46 172.08 -16.92
CA ASN CB 236 -4.44 172.11 -15.88
C ASN CB 236 -4.30 173.50 -15.29
N ILE CB 237 -4.06 173.51 -13.99
CA ILE CB 237 -3.63 174.69 -13.25
C ILE CB 237 -2.23 174.39 -12.74
N ASN CB 238 -1.27 175.23 -13.10
CA ASN CB 238 -0.04 175.23 -12.32
C ASN CB 238 0.18 176.65 -11.85
N ILE CB 239 0.56 176.79 -10.58
CA ILE CB 239 0.80 178.09 -9.96
C ILE CB 239 2.21 178.12 -9.40
N ILE CB 240 2.88 179.26 -9.61
CA ILE CB 240 4.32 179.43 -9.48
C ILE CB 240 4.65 180.67 -8.67
N SER CB 241 5.84 180.66 -8.08
CA SER CB 241 6.56 181.88 -7.72
C SER CB 241 7.76 181.99 -8.65
N ASN CB 242 7.74 182.99 -9.52
CA ASN CB 242 8.71 183.16 -10.61
C ASN CB 242 8.40 182.07 -11.64
N GLY CB 243 9.41 181.40 -12.19
CA GLY CB 243 9.22 180.19 -12.95
C GLY CB 243 9.59 178.99 -12.10
N ALA CB 244 9.19 179.05 -10.82
CA ALA CB 244 9.34 177.95 -9.89
C ALA CB 244 7.95 177.43 -9.56
N THR CB 245 7.59 176.29 -10.14
CA THR CB 245 6.28 175.72 -9.87
C THR CB 245 6.10 175.49 -8.38
N VAL CB 246 4.98 175.94 -7.85
CA VAL CB 246 4.58 175.63 -6.49
C VAL CB 246 3.61 174.47 -6.45
N PHE CB 247 2.69 174.40 -7.42
CA PHE CB 247 1.86 173.20 -7.49
C PHE CB 247 1.14 173.11 -8.83
N THR CB 248 0.54 171.94 -9.06
CA THR CB 248 -0.27 171.65 -10.24
C THR CB 248 -1.50 170.84 -9.83
N ARG CB 249 -2.59 171.03 -10.56
CA ARG CB 249 -3.84 170.32 -10.33
C ARG CB 249 -4.55 170.19 -11.67
N ASP CB 250 -5.11 169.00 -11.92
CA ASP CB 250 -5.72 168.68 -13.20
C ASP CB 250 -7.20 168.39 -13.02
N VAL CB 251 -8.03 169.07 -13.80
CA VAL CB 251 -9.47 169.03 -13.69
C VAL CB 251 -10.05 168.34 -14.92
N THR CB 252 -10.93 167.36 -14.67
CA THR CB 252 -11.50 166.58 -15.77
C THR CB 252 -12.26 167.45 -16.75
N ILE CB 253 -12.76 168.59 -16.30
CA ILE CB 253 -13.58 169.46 -17.14
C ILE CB 253 -12.70 170.12 -18.19
N GLY CB 254 -13.27 170.33 -19.38
CA GLY CB 254 -12.55 170.93 -20.48
C GLY CB 254 -13.51 171.34 -21.57
N GLY CB 255 -12.94 171.62 -22.75
CA GLY CB 255 -13.75 172.08 -23.86
C GLY CB 255 -14.68 171.02 -24.41
N ASN CB 256 -14.28 169.75 -24.28
CA ASN CB 256 -15.17 168.66 -24.66
C ASN CB 256 -16.51 168.77 -23.95
N GLN CB 257 -16.51 169.25 -22.70
CA GLN CB 257 -17.76 169.39 -21.97
C GLN CB 257 -18.65 170.47 -22.58
N PHE CB 258 -18.06 171.59 -22.99
CA PHE CB 258 -18.84 172.63 -23.67
C PHE CB 258 -19.46 172.08 -24.95
N THR CB 259 -18.61 171.49 -25.80
CA THR CB 259 -19.13 170.91 -27.06
C THR CB 259 -20.23 169.90 -26.78
N GLU CB 260 -20.04 169.05 -25.76
CA GLU CB 260 -21.02 168.01 -25.47
C GLU CB 260 -22.33 168.58 -24.95
N GLU CB 261 -22.28 169.71 -24.24
CA GLU CB 261 -23.53 170.34 -23.82
C GLU CB 261 -24.28 170.93 -25.01
N ILE CB 262 -23.55 171.59 -25.92
CA ILE CB 262 -24.17 172.07 -27.16
C ILE CB 262 -24.82 170.91 -27.90
N GLN CB 263 -24.07 169.83 -28.09
CA GLN CB 263 -24.59 168.65 -28.78
C GLN CB 263 -25.84 168.10 -28.10
N LYS CB 264 -25.81 167.96 -26.77
CA LYS CB 264 -26.99 167.50 -26.04
C LYS CB 264 -28.19 168.39 -26.32
N GLN CB 265 -28.01 169.70 -26.21
CA GLN CB 265 -29.15 170.61 -26.28
C GLN CB 265 -29.63 170.88 -27.70
N LEU CB 266 -28.91 170.44 -28.73
CA LEU CB 266 -29.46 170.61 -30.08
C LEU CB 266 -29.33 169.35 -30.91
N ASN CB 267 -29.37 168.17 -30.27
CA ASN CB 267 -29.06 166.85 -30.86
C ASN CB 267 -28.24 166.97 -32.13
N VAL CB 268 -27.03 167.48 -31.97
CA VAL CB 268 -26.06 167.77 -33.03
C VAL CB 268 -24.96 166.71 -32.97
N SER CB 269 -24.21 166.54 -34.06
CA SER CB 269 -23.01 165.70 -33.99
C SER CB 269 -21.91 166.44 -33.24
N TYR CB 270 -20.85 165.73 -32.83
CA TYR CB 270 -19.79 166.40 -32.07
C TYR CB 270 -19.14 167.52 -32.87
N GLU CB 271 -18.85 167.26 -34.16
CA GLU CB 271 -18.09 168.23 -34.95
C GLU CB 271 -18.90 169.49 -35.20
N GLU CB 272 -20.18 169.33 -35.56
CA GLU CB 272 -21.03 170.50 -35.81
C GLU CB 272 -21.28 171.28 -34.53
N ALA CB 273 -21.44 170.59 -33.40
CA ALA CB 273 -21.55 171.29 -32.13
C ALA CB 273 -20.27 172.03 -31.79
N GLU CB 274 -19.13 171.47 -32.21
CA GLU CB 274 -17.85 172.13 -32.02
C GLU CB 274 -17.75 173.40 -32.84
N ALA CB 275 -18.14 173.33 -34.12
CA ALA CB 275 -18.15 174.52 -34.96
C ALA CB 275 -19.09 175.58 -34.39
N LEU CB 276 -20.30 175.17 -33.99
CA LEU CB 276 -21.24 176.09 -33.37
C LEU CB 276 -20.62 176.75 -32.15
N LYS CB 277 -19.84 176.00 -31.38
CA LYS CB 277 -19.09 176.60 -30.28
C LYS CB 277 -18.13 177.67 -30.79
N ILE CB 278 -17.18 177.27 -31.64
CA ILE CB 278 -16.16 178.17 -32.20
C ILE CB 278 -16.81 179.40 -32.83
N GLY CB 279 -17.29 179.27 -34.07
CA GLY CB 279 -17.81 180.42 -34.79
C GLY CB 279 -19.13 180.92 -34.23
N GLY CB 280 -19.98 180.01 -33.75
CA GLY CB 280 -21.20 180.41 -33.08
C GLY CB 280 -20.97 181.43 -31.98
N ASN CB 281 -19.95 181.21 -31.14
CA ASN CB 281 -19.79 182.02 -29.94
C ASN CB 281 -19.05 183.33 -30.15
N GLY CB 282 -18.35 183.52 -31.28
CA GLY CB 282 -17.49 184.69 -31.42
C GLY CB 282 -17.69 185.61 -32.61
N ALA CB 283 -18.59 185.27 -33.53
CA ALA CB 283 -18.77 186.08 -34.73
C ALA CB 283 -19.36 187.45 -34.37
N ASP CB 284 -19.10 188.44 -35.23
CA ASP CB 284 -19.72 189.74 -35.04
C ASP CB 284 -21.24 189.66 -35.25
N ALA CB 285 -21.68 188.68 -36.03
CA ALA CB 285 -23.09 188.47 -36.31
C ALA CB 285 -23.78 187.53 -35.31
N ASP CB 286 -23.12 187.20 -34.19
CA ASP CB 286 -23.60 186.16 -33.30
C ASP CB 286 -24.62 186.65 -32.27
N ALA CB 287 -25.26 187.79 -32.51
CA ALA CB 287 -26.06 188.43 -31.47
C ALA CB 287 -27.25 187.57 -31.04
N VAL CB 288 -27.71 186.65 -31.89
CA VAL CB 288 -28.94 185.92 -31.58
C VAL CB 288 -28.62 184.58 -30.94
N VAL CB 289 -27.38 184.13 -31.09
CA VAL CB 289 -26.91 182.80 -30.73
C VAL CB 289 -26.23 182.75 -29.35
N PRO CB 290 -25.97 183.85 -28.61
CA PRO CB 290 -25.39 183.64 -27.27
C PRO CB 290 -26.47 183.40 -26.24
N GLN CB 291 -27.72 183.61 -26.62
CA GLN CB 291 -28.82 183.11 -25.81
C GLN CB 291 -28.97 181.61 -25.99
N ASP CB 292 -29.12 181.17 -27.25
CA ASP CB 292 -29.32 179.75 -27.52
C ASP CB 292 -28.12 178.93 -27.06
N VAL CB 293 -26.91 179.43 -27.29
CA VAL CB 293 -25.71 178.70 -26.89
C VAL CB 293 -25.41 178.94 -25.42
N GLU CB 294 -25.35 180.21 -25.01
CA GLU CB 294 -24.94 180.49 -23.64
C GLU CB 294 -25.83 179.76 -22.64
N ARG CB 295 -27.14 179.70 -22.93
CA ARG CB 295 -28.03 178.93 -22.08
C ARG CB 295 -27.66 177.46 -22.06
N VAL CB 296 -27.06 176.98 -23.15
CA VAL CB 296 -26.62 175.60 -23.22
C VAL CB 296 -25.35 175.39 -22.40
N LEU CB 297 -24.40 176.32 -22.49
CA LEU CB 297 -23.08 176.22 -21.89
C LEU CB 297 -23.01 176.80 -20.48
N SER CB 298 -24.13 177.32 -19.96
CA SER CB 298 -24.06 178.07 -18.71
C SER CB 298 -23.75 177.16 -17.54
N SER CB 299 -24.32 175.95 -17.51
CA SER CB 299 -23.99 175.01 -16.46
C SER CB 299 -22.51 174.65 -16.47
N VAL CB 300 -21.91 174.52 -17.67
CA VAL CB 300 -20.48 174.24 -17.74
C VAL CB 300 -19.68 175.43 -17.25
N ALA CB 301 -20.06 176.65 -17.66
CA ALA CB 301 -19.35 177.82 -17.15
C ALA CB 301 -19.38 177.88 -15.64
N GLU CB 302 -20.55 177.62 -15.04
CA GLU CB 302 -20.68 177.59 -13.59
C GLU CB 302 -19.77 176.53 -12.98
N GLN CB 303 -19.82 175.31 -13.52
CA GLN CB 303 -19.06 174.21 -12.92
C GLN CB 303 -17.56 174.41 -13.08
N VAL CB 304 -17.12 174.95 -14.21
CA VAL CB 304 -15.71 175.30 -14.37
C VAL CB 304 -15.30 176.34 -13.34
N ALA CB 305 -16.08 177.42 -13.22
CA ALA CB 305 -15.76 178.46 -12.26
C ALA CB 305 -15.68 177.90 -10.84
N GLY CB 306 -16.61 177.02 -10.48
CA GLY CB 306 -16.59 176.45 -9.14
C GLY CB 306 -15.40 175.53 -8.92
N GLU CB 307 -15.02 174.77 -9.95
CA GLU CB 307 -13.88 173.88 -9.82
C GLU CB 307 -12.57 174.64 -9.72
N ILE CB 308 -12.44 175.75 -10.44
CA ILE CB 308 -11.24 176.60 -10.36
C ILE CB 308 -11.18 177.32 -9.01
N GLN CB 309 -12.30 177.90 -8.58
CA GLN CB 309 -12.36 178.47 -7.23
C GLN CB 309 -11.95 177.45 -6.18
N ARG CB 310 -12.47 176.22 -6.29
CA ARG CB 310 -12.14 175.17 -5.34
C ARG CB 310 -10.65 174.86 -5.36
N SER CB 311 -10.06 174.72 -6.54
CA SER CB 311 -8.62 174.44 -6.60
C SER CB 311 -7.81 175.57 -5.96
N LEU CB 312 -8.13 176.82 -6.31
CA LEU CB 312 -7.42 177.96 -5.73
C LEU CB 312 -7.54 178.00 -4.21
N ASP CB 313 -8.73 177.70 -3.69
CA ASP CB 313 -8.92 177.70 -2.24
C ASP CB 313 -8.14 176.57 -1.59
N PHE CB 314 -7.97 175.45 -2.29
CA PHE CB 314 -7.25 174.34 -1.71
C PHE CB 314 -5.75 174.60 -1.69
N TYR CB 315 -5.28 175.49 -2.56
CA TYR CB 315 -3.87 175.90 -2.44
C TYR CB 315 -3.65 176.82 -1.24
N ALA CB 316 -4.58 177.74 -1.00
CA ALA CB 316 -4.25 179.03 -0.39
C ALA CB 316 -4.07 179.00 1.11
N GLY CB 317 -3.04 178.30 1.60
CA GLY CB 317 -3.02 177.90 2.99
C GLY CB 317 -2.00 178.49 3.93
N THR CB 318 -0.88 179.00 3.41
CA THR CB 318 0.14 179.65 4.22
C THR CB 318 0.03 181.16 4.22
N ALA CB 319 -0.37 181.76 3.09
CA ALA CB 319 -0.66 183.20 2.97
C ALA CB 319 -2.16 183.38 3.21
N ALA CB 320 -2.63 182.93 4.38
CA ALA CB 320 -3.93 183.31 4.91
C ALA CB 320 -4.47 184.57 4.31
N ASP CB 321 -3.67 185.63 4.36
CA ASP CB 321 -4.10 187.00 4.45
C ASP CB 321 -4.03 187.72 3.13
N SER CB 322 -3.48 187.07 2.11
CA SER CB 322 -3.04 187.75 0.93
C SER CB 322 -4.08 187.64 -0.18
N ASN CB 323 -3.72 188.16 -1.33
CA ASN CB 323 -4.54 188.04 -2.53
C ASN CB 323 -3.69 187.47 -3.65
N PHE CB 324 -4.29 187.37 -4.83
CA PHE CB 324 -3.56 186.86 -5.97
C PHE CB 324 -2.81 188.00 -6.66
N SER CB 325 -2.12 187.64 -7.74
CA SER CB 325 -1.47 188.61 -8.63
C SER CB 325 -2.00 188.47 -10.05
N LYS CB 326 -1.28 187.74 -10.91
CA LYS CB 326 -1.64 187.67 -12.32
C LYS CB 326 -1.45 186.26 -12.88
N VAL CB 327 -2.11 186.01 -14.02
CA VAL CB 327 -2.26 184.66 -14.54
C VAL CB 327 -2.43 184.71 -16.07
N TYR CB 328 -2.12 183.57 -16.72
CA TYR CB 328 -2.25 183.43 -18.16
C TYR CB 328 -3.10 182.22 -18.54
N LEU CB 329 -3.53 182.21 -19.81
CA LEU CB 329 -4.33 181.13 -20.36
C LEU CB 329 -3.67 180.53 -21.59
N SER CB 330 -3.81 179.22 -21.75
CA SER CB 330 -3.31 178.44 -22.86
C SER CB 330 -4.34 177.37 -23.18
N GLY CB 331 -4.20 176.73 -24.32
CA GLY CB 331 -5.22 175.77 -24.70
C GLY CB 331 -6.37 176.42 -25.45
N GLY CB 332 -6.91 175.66 -26.41
CA GLY CB 332 -7.96 176.22 -27.26
C GLY CB 332 -9.26 176.44 -26.53
N THR CB 333 -9.52 175.65 -25.47
CA THR CB 333 -10.73 175.85 -24.68
C THR CB 333 -10.77 177.23 -24.05
N ALA CB 334 -9.61 177.83 -23.80
CA ALA CB 334 -9.53 179.21 -23.35
C ALA CB 334 -10.23 180.17 -24.30
N LYS CB 335 -10.10 179.93 -25.61
CA LYS CB 335 -10.53 180.88 -26.62
C LYS CB 335 -12.04 181.06 -26.69
N ILE CB 336 -12.79 180.42 -25.80
CA ILE CB 336 -14.22 180.66 -25.70
C ILE CB 336 -14.43 182.17 -25.54
N PRO CB 337 -15.23 182.79 -26.40
CA PRO CB 337 -15.41 184.24 -26.33
C PRO CB 337 -15.86 184.69 -24.95
N ALA CB 338 -15.13 185.69 -24.43
CA ALA CB 338 -15.39 186.36 -23.16
C ALA CB 338 -14.97 185.55 -21.94
N LEU CB 339 -14.57 184.28 -22.13
CA LEU CB 339 -14.22 183.42 -21.00
C LEU CB 339 -13.13 184.03 -20.13
N PHE CB 340 -12.26 184.83 -20.74
CA PHE CB 340 -11.16 185.41 -19.98
C PHE CB 340 -11.66 186.47 -19.01
N LYS CB 341 -12.58 187.31 -19.48
CA LYS CB 341 -13.20 188.30 -18.61
C LYS CB 341 -14.00 187.62 -17.50
N THR CB 342 -14.71 186.54 -17.84
CA THR CB 342 -15.48 185.80 -16.85
C THR CB 342 -14.57 185.23 -15.76
N ILE CB 343 -13.52 184.53 -16.16
CA ILE CB 343 -12.60 183.96 -15.18
C ILE CB 343 -11.94 185.07 -14.37
N GLU CB 344 -11.64 186.20 -15.01
CA GLU CB 344 -11.02 187.32 -14.30
C GLU CB 344 -11.92 187.84 -13.20
N ALA CB 345 -13.20 188.08 -13.51
CA ALA CB 345 -14.11 188.62 -12.52
C ALA CB 345 -14.49 187.57 -11.47
N ARG CB 346 -14.53 186.30 -11.86
CA ARG CB 346 -15.03 185.25 -11.00
C ARG CB 346 -13.97 184.70 -10.04
N THR CB 347 -12.71 184.65 -10.45
CA THR CB 347 -11.66 184.13 -9.60
C THR CB 347 -10.89 185.21 -8.85
N GLY CB 348 -11.18 186.48 -9.11
CA GLY CB 348 -10.43 187.56 -8.47
C GLY CB 348 -8.99 187.61 -8.91
N VAL CB 349 -8.70 187.20 -10.14
CA VAL CB 349 -7.33 187.26 -10.64
C VAL CB 349 -7.36 187.77 -12.09
N PRO CB 350 -6.49 188.71 -12.46
CA PRO CB 350 -6.36 189.06 -13.87
C PRO CB 350 -5.81 187.91 -14.71
N VAL CB 351 -6.71 187.34 -15.53
CA VAL CB 351 -6.43 186.21 -16.40
C VAL CB 351 -6.25 186.71 -17.83
N GLU CB 352 -5.08 186.48 -18.41
CA GLU CB 352 -4.80 187.02 -19.74
C GLU CB 352 -4.28 185.95 -20.68
N ILE CB 353 -4.75 186.02 -21.93
CA ILE CB 353 -4.10 185.28 -23.00
C ILE CB 353 -2.64 185.75 -23.09
N LEU CB 354 -1.80 184.86 -23.61
CA LEU CB 354 -0.40 185.22 -23.79
C LEU CB 354 0.10 184.57 -25.07
N ASN CB 355 1.05 185.25 -25.72
CA ASN CB 355 1.65 184.77 -26.95
C ASN CB 355 2.90 183.98 -26.60
N PRO CB 356 2.88 182.64 -26.68
CA PRO CB 356 4.13 181.90 -26.50
C PRO CB 356 5.21 182.31 -27.48
N PHE CB 357 4.87 182.50 -28.76
CA PHE CB 357 5.88 182.62 -29.80
C PHE CB 357 6.87 183.77 -29.58
N ARG CB 358 6.67 184.60 -28.55
CA ARG CB 358 7.64 185.67 -28.27
C ARG CB 358 8.98 185.13 -27.80
N LYS CB 359 9.04 183.87 -27.37
CA LYS CB 359 10.27 183.23 -26.94
C LYS CB 359 11.16 182.78 -28.09
N ILE CB 360 10.67 182.82 -29.31
CA ILE CB 360 11.39 182.30 -30.46
C ILE CB 360 11.39 183.36 -31.56
N GLU CB 361 12.45 183.35 -32.37
CA GLU CB 361 12.52 184.26 -33.50
C GLU CB 361 11.57 183.79 -34.59
N VAL CB 362 10.84 184.74 -35.18
CA VAL CB 362 9.84 184.46 -36.20
C VAL CB 362 10.14 185.33 -37.41
N ASP CB 363 10.46 184.69 -38.53
CA ASP CB 363 10.73 185.40 -39.78
C ASP CB 363 9.39 185.85 -40.37
N ASN CB 364 9.21 187.18 -40.49
CA ASN CB 364 7.95 187.73 -40.96
C ASN CB 364 7.68 187.37 -42.41
N ARG CB 365 8.70 186.97 -43.15
CA ARG CB 365 8.51 186.57 -44.54
C ARG CB 365 7.97 185.14 -44.67
N LYS CB 366 8.03 184.35 -43.60
CA LYS CB 366 7.53 182.97 -43.63
C LYS CB 366 6.30 182.78 -42.75
N PHE CB 367 6.05 183.70 -41.81
CA PHE CB 367 4.89 183.65 -40.94
C PHE CB 367 4.48 185.09 -40.63
N ASP CB 368 3.18 185.36 -40.66
CA ASP CB 368 2.68 186.67 -40.29
C ASP CB 368 2.27 186.64 -38.82
N PRO CB 369 2.67 187.62 -38.01
CA PRO CB 369 2.42 187.51 -36.56
C PRO CB 369 0.95 187.40 -36.18
N ALA CB 370 0.01 187.86 -37.01
CA ALA CB 370 -1.38 187.90 -36.59
C ALA CB 370 -1.92 186.49 -36.31
N PHE CB 371 -1.89 185.60 -37.30
CA PHE CB 371 -2.39 184.25 -37.08
C PHE CB 371 -1.57 183.52 -36.03
N VAL CB 372 -0.24 183.50 -36.19
CA VAL CB 372 0.65 182.96 -35.17
C VAL CB 372 0.14 183.29 -33.77
N MET CB 373 -0.22 184.55 -33.56
CA MET CB 373 -0.94 184.95 -32.36
C MET CB 373 -2.27 184.21 -32.23
N ASP CB 374 -2.98 184.01 -33.35
CA ASP CB 374 -4.33 183.43 -33.29
C ASP CB 374 -4.32 182.00 -32.76
N VAL CB 375 -3.35 181.18 -33.18
CA VAL CB 375 -3.23 179.80 -32.69
C VAL CB 375 -2.20 179.67 -31.58
N ALA CB 376 -1.68 180.78 -31.05
CA ALA CB 376 -0.78 180.68 -29.89
C ALA CB 376 -1.34 179.81 -28.76
N PRO CB 377 -2.58 179.98 -28.29
CA PRO CB 377 -3.05 179.14 -27.15
C PRO CB 377 -3.03 177.65 -27.43
N MET CB 378 -3.52 177.21 -28.59
CA MET CB 378 -3.43 175.79 -28.92
C MET CB 378 -2.00 175.31 -28.97
N ALA CB 379 -1.09 176.14 -29.47
CA ALA CB 379 0.27 175.71 -29.78
C ALA CB 379 1.25 175.90 -28.63
N ALA CB 380 0.82 176.43 -27.49
CA ALA CB 380 1.76 176.71 -26.40
C ALA CB 380 2.59 175.49 -26.03
N VAL CB 381 1.95 174.34 -25.82
CA VAL CB 381 2.70 173.13 -25.48
C VAL CB 381 3.54 172.67 -26.67
N ALA CB 382 2.94 172.75 -27.87
CA ALA CB 382 3.49 172.38 -29.16
C ALA CB 382 4.79 173.09 -29.47
N VAL CB 383 5.00 174.27 -28.91
CA VAL CB 383 6.32 174.85 -28.91
C VAL CB 383 6.99 174.67 -27.55
N GLY CB 384 6.25 174.12 -26.57
CA GLY CB 384 6.83 173.87 -25.26
C GLY CB 384 7.92 172.80 -25.28
N LEU CB 385 7.51 171.53 -25.39
CA LEU CB 385 8.56 170.52 -25.45
C LEU CB 385 9.46 170.76 -26.67
N ALA CB 386 9.11 171.77 -27.48
CA ALA CB 386 9.88 172.20 -28.63
C ALA CB 386 11.09 172.98 -28.24
N LEU CB 387 10.98 173.94 -27.31
CA LEU CB 387 12.22 174.46 -26.76
C LEU CB 387 12.92 173.41 -25.91
N ARG CB 388 12.18 172.42 -25.40
CA ARG CB 388 12.85 171.30 -24.75
C ARG CB 388 13.75 170.54 -25.74
N ARG CB 389 13.44 170.58 -27.03
CA ARG CB 389 14.18 169.70 -27.94
C ARG CB 389 15.50 170.25 -28.51
N PRO CB 390 15.78 171.56 -28.51
CA PRO CB 390 17.14 171.97 -28.80
C PRO CB 390 17.85 172.39 -27.53
N GLY CB 391 17.37 171.85 -26.41
CA GLY CB 391 17.96 172.16 -25.12
C GLY CB 391 19.35 171.58 -25.01
N MET DB 1 5.97 166.75 -60.99
CA MET DB 1 4.86 165.88 -61.35
C MET DB 1 5.15 164.42 -61.00
N MET DB 2 4.14 163.71 -60.52
CA MET DB 2 4.29 162.32 -60.08
C MET DB 2 3.86 161.37 -61.19
N ILE DB 3 4.75 160.42 -61.51
CA ILE DB 3 4.48 159.41 -62.54
C ILE DB 3 4.51 158.06 -61.88
N ARG DB 4 3.34 157.44 -61.74
CA ARG DB 4 3.17 156.18 -61.04
C ARG DB 4 2.71 155.08 -61.98
N ILE DB 5 3.02 153.84 -61.62
CA ILE DB 5 2.66 152.70 -62.46
C ILE DB 5 2.47 151.44 -61.62
N ASN DB 6 1.22 151.17 -61.22
CA ASN DB 6 0.87 149.97 -60.49
C ASN DB 6 0.87 148.72 -61.37
N LEU DB 7 1.35 148.80 -62.61
CA LEU DB 7 1.44 147.59 -63.41
C LEU DB 7 2.44 146.63 -62.76
N LEU DB 8 1.90 145.50 -62.29
CA LEU DB 8 2.44 144.36 -61.54
C LEU DB 8 3.94 144.24 -61.44
N PRO DB 9 4.54 144.55 -60.29
CA PRO DB 9 5.87 144.01 -59.98
C PRO DB 9 5.84 142.90 -58.89
N VAL DB 10 5.98 143.27 -57.61
CA VAL DB 10 6.47 142.41 -56.51
C VAL DB 10 5.77 141.09 -56.15
N ARG DB 11 4.45 141.05 -56.01
CA ARG DB 11 3.89 139.84 -55.44
C ARG DB 11 3.92 138.69 -56.44
N ALA DB 12 3.53 138.96 -57.69
CA ALA DB 12 3.74 137.98 -58.74
C ALA DB 12 5.20 137.59 -58.83
N VAL DB 13 6.11 138.56 -58.76
CA VAL DB 13 7.54 138.26 -58.89
C VAL DB 13 7.97 137.29 -57.79
N LYS DB 14 7.52 137.54 -56.56
CA LYS DB 14 7.87 136.67 -55.44
C LYS DB 14 7.26 135.28 -55.66
N LYS DB 15 6.10 135.22 -56.32
CA LYS DB 15 5.44 133.95 -56.54
C LYS DB 15 6.07 133.18 -57.69
N ARG DB 16 6.54 133.89 -58.72
CA ARG DB 16 7.27 133.28 -59.81
C ARG DB 16 8.60 132.74 -59.31
N GLU DB 17 9.22 133.45 -58.36
CA GLU DB 17 10.46 132.97 -57.77
C GLU DB 17 10.23 131.74 -56.90
N MET DB 18 9.28 131.80 -55.96
CA MET DB 18 8.93 130.62 -55.18
C MET DB 18 8.58 129.45 -56.09
N GLY DB 19 7.82 129.73 -57.15
CA GLY DB 19 7.53 128.70 -58.14
C GLY DB 19 8.77 128.10 -58.75
N ARG DB 20 9.79 128.92 -59.01
CA ARG DB 20 11.04 128.36 -59.52
C ARG DB 20 11.71 127.46 -58.48
N GLN DB 21 11.83 127.96 -57.24
CA GLN DB 21 12.60 127.25 -56.21
C GLN DB 21 11.97 125.90 -55.89
N VAL DB 22 10.65 125.85 -55.75
CA VAL DB 22 9.99 124.58 -55.46
C VAL DB 22 10.31 123.55 -56.54
N LEU DB 23 10.33 123.98 -57.80
CA LEU DB 23 10.64 123.06 -58.89
C LEU DB 23 12.09 122.62 -58.89
N VAL DB 24 13.03 123.52 -58.59
CA VAL DB 24 14.42 123.09 -58.47
C VAL DB 24 14.55 122.03 -57.37
N LEU DB 25 13.88 122.23 -56.23
CA LEU DB 25 13.94 121.24 -55.16
C LEU DB 25 13.39 119.90 -55.62
N PHE DB 26 12.24 119.91 -56.31
CA PHE DB 26 11.72 118.71 -56.93
C PHE DB 26 12.79 118.03 -57.79
N ALA DB 27 13.44 118.80 -58.67
CA ALA DB 27 14.45 118.23 -59.56
C ALA DB 27 15.57 117.58 -58.78
N VAL DB 28 16.08 118.25 -57.74
CA VAL DB 28 17.20 117.71 -56.97
C VAL DB 28 16.80 116.40 -56.29
N VAL DB 29 15.65 116.38 -55.62
CA VAL DB 29 15.19 115.16 -54.97
C VAL DB 29 15.07 114.03 -55.98
N LEU DB 30 14.51 114.31 -57.15
CA LEU DB 30 14.29 113.26 -58.14
C LEU DB 30 15.59 112.77 -58.77
N ILE DB 31 16.61 113.64 -58.87
CA ILE DB 31 17.91 113.18 -59.34
C ILE DB 31 18.57 112.28 -58.31
N GLY DB 32 18.49 112.66 -57.03
CA GLY DB 32 19.02 111.79 -55.99
C GLY DB 32 18.36 110.43 -55.96
N ALA DB 33 17.02 110.42 -55.88
CA ALA DB 33 16.28 109.15 -55.94
C ALA DB 33 16.64 108.35 -57.19
N GLY DB 34 16.81 109.04 -58.31
CA GLY DB 34 17.33 108.37 -59.49
C GLY DB 34 18.61 107.61 -59.21
N VAL DB 35 19.63 108.33 -58.68
CA VAL DB 35 20.93 107.72 -58.42
C VAL DB 35 20.81 106.52 -57.49
N ALA DB 36 19.93 106.60 -56.49
CA ALA DB 36 19.66 105.44 -55.65
C ALA DB 36 19.15 104.25 -56.47
N ASN DB 37 18.09 104.48 -57.28
CA ASN DB 37 17.53 103.42 -58.11
C ASN DB 37 18.61 102.78 -58.97
N TYR DB 38 19.45 103.60 -59.60
CA TYR DB 38 20.66 103.11 -60.23
C TYR DB 38 21.43 102.22 -59.27
N LEU DB 39 22.36 102.80 -58.49
CA LEU DB 39 23.24 102.00 -57.62
C LEU DB 39 22.63 100.66 -57.21
N TRP DB 40 21.34 100.67 -56.83
CA TRP DB 40 20.60 99.43 -56.60
C TRP DB 40 20.68 98.50 -57.81
N TYR DB 41 20.36 99.02 -59.00
CA TYR DB 41 20.37 98.18 -60.21
C TYR DB 41 21.71 97.46 -60.39
N ASP DB 42 22.81 98.11 -60.00
CA ASP DB 42 24.14 97.55 -60.20
C ASP DB 42 24.41 96.43 -59.20
N ASP DB 43 24.10 96.67 -57.92
CA ASP DB 43 24.22 95.56 -56.98
C ASP DB 43 23.35 94.37 -57.40
N ARG DB 44 22.23 94.63 -58.08
CA ARG DB 44 21.38 93.53 -58.53
C ARG DB 44 21.99 92.78 -59.71
N GLN DB 45 22.65 93.50 -60.63
CA GLN DB 45 23.30 92.80 -61.74
C GLN DB 45 24.49 91.98 -61.25
N SER DB 46 25.24 92.51 -60.27
CA SER DB 46 26.29 91.71 -59.67
C SER DB 46 25.75 90.43 -59.04
N GLU DB 47 24.67 90.56 -58.25
CA GLU DB 47 24.07 89.37 -57.65
C GLU DB 47 23.62 88.39 -58.72
N LEU DB 48 23.04 88.89 -59.82
CA LEU DB 48 22.60 88.00 -60.89
C LEU DB 48 23.78 87.24 -61.49
N GLU DB 49 24.92 87.90 -61.63
CA GLU DB 49 26.09 87.23 -62.20
C GLU DB 49 26.64 86.16 -61.26
N ALA DB 50 26.73 86.48 -59.96
CA ALA DB 50 27.11 85.46 -58.98
C ALA DB 50 26.18 84.25 -59.06
N HIS DB 51 24.87 84.51 -59.18
CA HIS DB 51 23.91 83.41 -59.14
C HIS DB 51 23.95 82.58 -60.41
N GLN DB 52 24.19 83.22 -61.56
CA GLN DB 52 24.34 82.44 -62.79
C GLN DB 52 25.61 81.61 -62.76
N ALA DB 53 26.67 82.12 -62.12
CA ALA DB 53 27.83 81.30 -61.85
C ALA DB 53 27.46 80.07 -61.02
N GLY DB 54 26.68 80.26 -59.95
CA GLY DB 54 26.24 79.12 -59.18
C GLY DB 54 25.44 78.12 -59.99
N VAL DB 55 24.53 78.62 -60.86
CA VAL DB 55 23.72 77.73 -61.67
C VAL DB 55 24.60 76.91 -62.61
N ALA DB 56 25.57 77.56 -63.25
CA ALA DB 56 26.58 76.81 -64.00
C ALA DB 56 27.23 75.73 -63.13
N SER DB 57 27.51 76.05 -61.87
CA SER DB 57 28.09 75.05 -60.98
C SER DB 57 27.14 73.90 -60.71
N THR DB 58 25.82 74.12 -60.83
CA THR DB 58 24.89 73.01 -60.86
C THR DB 58 25.06 72.20 -62.14
N LYS DB 59 24.84 72.84 -63.29
CA LYS DB 59 24.78 72.13 -64.56
C LYS DB 59 26.06 71.35 -64.85
N ALA DB 60 27.18 71.72 -64.23
CA ALA DB 60 28.40 70.93 -64.35
C ALA DB 60 28.26 69.59 -63.62
N ARG DB 61 28.06 69.63 -62.30
CA ARG DB 61 28.11 68.41 -61.52
C ARG DB 61 26.90 67.52 -61.76
N ILE DB 62 25.73 68.08 -62.14
CA ILE DB 62 24.63 67.24 -62.56
C ILE DB 62 25.03 66.40 -63.77
N ALA DB 63 25.73 67.01 -64.73
CA ALA DB 63 26.25 66.25 -65.87
C ALA DB 63 27.23 65.18 -65.40
N GLU DB 64 28.17 65.56 -64.53
CA GLU DB 64 29.06 64.59 -63.89
C GLU DB 64 28.27 63.38 -63.38
N LEU DB 65 27.11 63.62 -62.79
CA LEU DB 65 26.37 62.57 -62.11
C LEU DB 65 25.54 61.73 -63.07
N GLU DB 66 25.00 62.35 -64.10
CA GLU DB 66 24.36 61.59 -65.18
C GLU DB 66 25.35 60.65 -65.82
N LYS DB 67 26.61 61.08 -65.95
CA LYS DB 67 27.64 60.20 -66.51
C LYS DB 67 28.00 59.09 -65.53
N ILE DB 68 28.23 59.44 -64.26
CA ILE DB 68 28.65 58.43 -63.29
C ILE DB 68 27.55 57.39 -63.07
N ILE DB 69 26.29 57.80 -63.14
CA ILE DB 69 25.19 56.84 -63.02
C ILE DB 69 25.00 56.07 -64.31
N GLY DB 70 25.25 56.71 -65.46
CA GLY DB 70 25.31 55.97 -66.71
C GLY DB 70 26.29 54.81 -66.61
N GLU DB 71 27.47 55.06 -66.05
CA GLU DB 71 28.37 53.98 -65.72
C GLU DB 71 27.68 52.97 -64.80
N VAL DB 72 27.27 53.39 -63.59
CA VAL DB 72 26.77 52.46 -62.59
C VAL DB 72 25.70 51.52 -63.14
N LYS DB 73 24.92 52.00 -64.11
CA LYS DB 73 23.89 51.15 -64.71
C LYS DB 73 24.45 50.25 -65.81
N ASN DB 74 25.13 50.85 -66.80
CA ASN DB 74 25.93 50.08 -67.76
C ASN DB 74 26.57 48.87 -67.09
N ILE DB 75 27.23 49.13 -65.97
CA ILE DB 75 27.71 48.21 -64.95
C ILE DB 75 26.68 47.16 -64.54
N ASN DB 76 25.66 47.59 -63.77
CA ASN DB 76 24.87 46.64 -63.00
C ASN DB 76 24.19 45.63 -63.89
N THR DB 77 23.88 46.00 -65.13
CA THR DB 77 23.20 45.03 -65.99
C THR DB 77 24.19 44.01 -66.56
N ARG DB 78 25.45 44.39 -66.77
CA ARG DB 78 26.42 43.42 -67.30
C ARG DB 78 26.86 42.41 -66.24
N LYS DB 79 26.75 42.77 -64.96
CA LYS DB 79 27.10 41.85 -63.88
C LYS DB 79 26.21 40.62 -63.87
N ALA DB 80 24.89 40.84 -64.00
CA ALA DB 80 23.92 39.75 -63.96
C ALA DB 80 24.09 38.79 -65.14
N GLU DB 81 24.85 39.18 -66.16
CA GLU DB 81 25.13 38.27 -67.26
C GLU DB 81 26.49 37.60 -67.14
N VAL DB 82 27.53 38.34 -66.71
CA VAL DB 82 28.77 37.66 -66.37
C VAL DB 82 28.49 36.56 -65.35
N GLU DB 83 28.05 36.97 -64.15
CA GLU DB 83 27.27 36.15 -63.24
C GLU DB 83 26.87 34.78 -63.80
N LYS DB 84 25.91 34.80 -64.73
CA LYS DB 84 25.20 33.58 -65.11
C LYS DB 84 25.97 32.78 -66.15
N LYS DB 85 26.58 33.48 -67.14
CA LYS DB 85 27.55 32.85 -68.02
C LYS DB 85 28.54 31.99 -67.23
N LEU DB 86 29.07 32.53 -66.13
CA LEU DB 86 30.11 31.83 -65.38
C LEU DB 86 29.54 30.70 -64.53
N ALA DB 87 28.36 30.91 -63.94
CA ALA DB 87 27.72 29.74 -63.31
C ALA DB 87 27.62 28.58 -64.30
N VAL DB 88 27.24 28.89 -65.56
CA VAL DB 88 27.32 27.90 -66.63
C VAL DB 88 28.73 27.34 -66.75
N LEU DB 89 29.74 28.22 -66.76
CA LEU DB 89 31.11 27.78 -66.98
C LEU DB 89 31.59 26.81 -65.90
N ASP DB 90 31.14 27.02 -64.66
CA ASP DB 90 31.51 26.15 -63.55
C ASP DB 90 30.71 24.85 -63.57
N ALA DB 91 29.52 24.86 -64.17
CA ALA DB 91 28.88 23.58 -64.48
C ALA DB 91 29.68 22.82 -65.54
N LEU DB 92 30.22 23.53 -66.52
CA LEU DB 92 30.88 22.89 -67.66
C LEU DB 92 32.26 22.36 -67.31
N ARG DB 93 33.05 23.09 -66.51
CA ARG DB 93 34.31 22.53 -66.03
C ARG DB 93 34.06 21.24 -65.25
N LYS DB 94 32.94 21.17 -64.54
CA LYS DB 94 32.53 19.92 -63.91
C LYS DB 94 32.08 18.91 -64.96
N GLY DB 95 31.61 19.39 -66.11
CA GLY DB 95 31.28 18.54 -67.25
C GLY DB 95 32.47 18.09 -68.07
N ARG DB 96 33.66 18.59 -67.77
CA ARG DB 96 34.88 18.07 -68.38
C ARG DB 96 35.77 17.32 -67.41
N SER DB 97 35.67 17.65 -66.11
CA SER DB 97 36.20 16.78 -65.08
C SER DB 97 35.42 15.49 -65.02
N GLY DB 98 34.10 15.58 -65.18
CA GLY DB 98 33.19 14.47 -65.08
C GLY DB 98 33.65 13.23 -65.83
N PRO DB 99 33.78 13.36 -67.16
CA PRO DB 99 34.22 12.22 -67.97
C PRO DB 99 35.61 11.69 -67.63
N VAL DB 100 36.23 12.16 -66.56
CA VAL DB 100 37.65 11.95 -66.32
C VAL DB 100 37.92 11.64 -64.85
N ARG DB 101 38.28 10.39 -64.57
CA ARG DB 101 39.41 10.06 -63.69
C ARG DB 101 39.18 9.10 -62.51
N MET DB 102 39.47 9.63 -61.33
CA MET DB 102 40.37 9.00 -60.36
C MET DB 102 40.81 7.60 -60.75
N MET DB 103 42.07 7.53 -61.14
CA MET DB 103 43.03 6.42 -61.08
C MET DB 103 43.67 6.20 -62.44
N ASP DB 104 44.99 6.31 -62.47
CA ASP DB 104 45.72 6.34 -63.71
C ASP DB 104 45.88 4.93 -64.24
N ALA DB 105 45.74 4.80 -65.56
CA ALA DB 105 45.78 3.49 -66.19
C ALA DB 105 46.25 3.67 -67.62
N LEU DB 106 46.51 2.55 -68.28
CA LEU DB 106 46.86 2.53 -69.69
C LEU DB 106 45.88 1.56 -70.35
N ALA DB 107 44.75 2.09 -70.79
CA ALA DB 107 43.70 1.29 -71.39
C ALA DB 107 43.12 2.02 -72.60
N SER DB 108 42.91 1.26 -73.68
CA SER DB 108 42.25 1.80 -74.86
C SER DB 108 40.80 2.14 -74.52
N ALA DB 109 39.97 1.13 -74.32
CA ALA DB 109 38.61 1.29 -73.86
C ALA DB 109 38.52 0.94 -72.39
N THR DB 110 37.68 1.67 -71.65
CA THR DB 110 37.49 1.44 -70.23
C THR DB 110 36.12 0.82 -69.98
N PRO DB 111 36.05 -0.30 -69.25
CA PRO DB 111 34.76 -0.98 -69.10
C PRO DB 111 33.70 -0.19 -68.34
N LYS DB 112 34.08 0.71 -67.45
CA LYS DB 112 33.12 1.52 -66.70
C LYS DB 112 33.05 2.93 -67.27
N LYS DB 113 31.97 3.64 -66.90
CA LYS DB 113 31.82 5.03 -67.32
C LYS DB 113 33.07 5.84 -67.02
N VAL DB 114 33.51 5.80 -65.75
CA VAL DB 114 34.68 6.47 -65.25
C VAL DB 114 35.64 5.40 -64.73
N TRP DB 115 36.87 5.79 -64.46
CA TRP DB 115 37.76 4.85 -63.80
C TRP DB 115 37.47 4.77 -62.32
N VAL DB 116 37.97 3.71 -61.71
CA VAL DB 116 37.78 3.42 -60.30
C VAL DB 116 39.09 2.83 -59.81
N LYS DB 117 39.13 2.37 -58.57
CA LYS DB 117 40.40 1.95 -58.01
C LYS DB 117 40.51 0.43 -57.98
N THR DB 118 40.00 -0.22 -56.94
CA THR DB 118 40.19 -1.64 -56.75
C THR DB 118 38.89 -2.41 -57.01
N PHE DB 119 39.03 -3.68 -57.38
CA PHE DB 119 37.91 -4.58 -57.64
C PHE DB 119 38.30 -5.94 -57.09
N SER DB 120 37.51 -6.46 -56.15
CA SER DB 120 37.81 -7.76 -55.55
C SER DB 120 36.53 -8.54 -55.36
N GLU DB 121 36.47 -9.74 -55.93
CA GLU DB 121 35.25 -10.53 -56.01
C GLU DB 121 35.38 -11.81 -55.18
N ASN DB 122 34.26 -12.54 -55.09
CA ASN DB 122 34.27 -13.85 -54.44
C ASN DB 122 33.21 -14.78 -55.03
N ASN DB 123 32.82 -14.56 -56.29
CA ASN DB 123 31.85 -15.38 -57.01
C ASN DB 123 30.47 -15.36 -56.37
N ASN DB 124 30.23 -14.44 -55.43
CA ASN DB 124 28.89 -14.21 -54.93
C ASN DB 124 28.66 -12.71 -54.83
N ALA DB 125 29.69 -11.98 -54.43
CA ALA DB 125 29.65 -10.53 -54.33
C ALA DB 125 30.98 -9.97 -54.77
N VAL DB 126 30.94 -8.71 -55.20
CA VAL DB 126 32.13 -7.95 -55.55
C VAL DB 126 32.21 -6.77 -54.59
N SER DB 127 33.29 -6.69 -53.83
CA SER DB 127 33.60 -5.51 -53.05
C SER DB 127 34.51 -4.64 -53.91
N ILE DB 128 34.03 -3.44 -54.23
CA ILE DB 128 34.77 -2.56 -55.13
C ILE DB 128 35.23 -1.34 -54.34
N ASP DB 129 36.14 -0.60 -54.95
CA ASP DB 129 36.77 0.57 -54.36
C ASP DB 129 36.93 1.56 -55.50
N GLY DB 130 36.35 2.75 -55.36
CA GLY DB 130 36.49 3.64 -56.49
C GLY DB 130 36.51 5.11 -56.16
N SER DB 131 36.21 5.91 -57.16
CA SER DB 131 36.08 7.35 -57.00
C SER DB 131 35.29 7.91 -58.17
N ALA DB 132 34.59 9.02 -57.95
CA ALA DB 132 33.74 9.63 -58.97
C ALA DB 132 33.91 11.13 -58.90
N VAL DB 133 33.25 11.83 -59.83
CA VAL DB 133 33.55 13.25 -60.00
C VAL DB 133 32.90 14.09 -58.91
N SER DB 134 31.76 13.67 -58.38
CA SER DB 134 31.01 14.52 -57.46
C SER DB 134 29.86 13.72 -56.86
N HIS DB 135 28.94 14.46 -56.24
CA HIS DB 135 27.70 13.93 -55.69
C HIS DB 135 26.72 13.56 -56.80
N ASP DB 136 27.20 13.62 -58.04
CA ASP DB 136 26.38 13.42 -59.22
C ASP DB 136 26.74 12.14 -59.96
N GLU DB 137 27.98 12.01 -60.43
CA GLU DB 137 28.36 10.80 -61.14
C GLU DB 137 28.41 9.58 -60.23
N VAL DB 138 28.68 9.76 -58.94
CA VAL DB 138 28.52 8.65 -58.00
C VAL DB 138 27.05 8.38 -57.77
N ALA DB 139 26.20 9.41 -57.91
CA ALA DB 139 24.76 9.21 -57.85
C ALA DB 139 24.25 8.52 -59.10
N GLU DB 140 24.77 8.92 -60.27
CA GLU DB 140 24.43 8.22 -61.50
C GLU DB 140 24.84 6.75 -61.41
N PHE DB 141 26.07 6.50 -60.96
CA PHE DB 141 26.58 5.13 -60.85
C PHE DB 141 25.77 4.33 -59.84
N MET DB 142 25.48 4.90 -58.68
CA MET DB 142 24.75 4.17 -57.64
C MET DB 142 23.31 3.91 -58.07
N ARG DB 143 22.72 4.85 -58.81
CA ARG DB 143 21.37 4.64 -59.34
C ARG DB 143 21.36 3.51 -60.35
N GLY DB 144 22.38 3.46 -61.22
CA GLY DB 144 22.46 2.41 -62.22
C GLY DB 144 22.48 1.00 -61.64
N LEU DB 145 22.69 0.87 -60.33
CA LEU DB 145 22.73 -0.44 -59.69
C LEU DB 145 21.49 -0.71 -58.86
N ASN DB 146 21.54 -0.35 -57.58
CA ASN DB 146 20.51 -0.72 -56.63
C ASN DB 146 20.68 0.07 -55.35
N GLY DB 147 19.66 -0.01 -54.50
CA GLY DB 147 19.59 0.71 -53.25
C GLY DB 147 18.79 -0.11 -52.26
N VAL DB 148 19.33 -0.26 -51.05
CA VAL DB 148 18.94 -1.34 -50.17
C VAL DB 148 18.96 -0.87 -48.72
N VAL DB 149 18.02 -1.39 -47.94
CA VAL DB 149 18.03 -1.24 -46.48
C VAL DB 149 18.71 -2.50 -45.93
N TRP DB 150 19.98 -2.35 -45.55
CA TRP DB 150 20.73 -3.47 -45.02
C TRP DB 150 20.58 -3.56 -43.50
N THR DB 151 20.61 -4.79 -42.97
CA THR DB 151 20.30 -4.95 -41.55
C THR DB 151 21.36 -5.83 -40.87
N PRO DB 152 21.12 -7.14 -40.53
CA PRO DB 152 22.03 -7.77 -39.56
C PRO DB 152 23.35 -8.14 -40.20
N LYS DB 153 24.40 -7.37 -39.90
CA LYS DB 153 25.69 -7.59 -40.52
C LYS DB 153 26.52 -8.59 -39.73
N GLY DB 154 27.23 -9.46 -40.44
CA GLY DB 154 28.14 -10.40 -39.80
C GLY DB 154 29.59 -9.94 -39.91
N MET DB 155 30.31 -9.99 -38.80
CA MET DB 155 31.71 -9.59 -38.78
C MET DB 155 32.58 -10.81 -39.04
N GLY DB 156 33.59 -10.63 -39.89
CA GLY DB 156 34.42 -11.74 -40.33
C GLY DB 156 35.86 -11.32 -40.50
N ARG DB 157 36.75 -12.30 -40.43
CA ARG DB 157 38.19 -12.07 -40.33
C ARG DB 157 38.76 -11.21 -41.45
N LEU DB 158 38.07 -11.15 -42.60
CA LEU DB 158 38.52 -10.27 -43.68
C LEU DB 158 38.41 -8.80 -43.31
N VAL DB 159 37.35 -8.41 -42.59
CA VAL DB 159 37.26 -7.05 -42.05
C VAL DB 159 38.52 -6.71 -41.28
N ASP DB 160 38.90 -7.57 -40.32
CA ASP DB 160 40.06 -7.26 -39.49
C ASP DB 160 41.35 -7.33 -40.29
N ARG DB 161 41.39 -8.18 -41.32
CA ARG DB 161 42.52 -8.15 -42.25
C ARG DB 161 42.58 -6.84 -43.02
N ARG DB 162 41.46 -6.14 -43.13
CA ARG DB 162 41.47 -4.78 -43.66
C ARG DB 162 41.94 -3.78 -42.62
N ARG DB 163 41.49 -3.93 -41.37
CA ARG DB 163 42.02 -3.12 -40.29
C ARG DB 163 43.50 -3.42 -40.06
N ASP DB 164 43.94 -4.65 -40.32
CA ASP DB 164 45.34 -5.01 -40.15
C ASP DB 164 46.23 -4.45 -41.26
N SER DB 165 45.64 -3.95 -42.34
CA SER DB 165 46.27 -3.67 -43.63
C SER DB 165 46.74 -4.93 -44.32
N LYS DB 166 46.42 -6.10 -43.76
CA LYS DB 166 47.05 -7.35 -44.18
C LYS DB 166 46.59 -7.82 -45.56
N THR DB 167 45.43 -7.35 -46.02
CA THR DB 167 44.94 -7.57 -47.39
C THR DB 167 44.96 -6.19 -48.04
N ALA DB 168 45.83 -6.00 -49.03
CA ALA DB 168 46.12 -4.68 -49.56
C ALA DB 168 44.85 -4.01 -50.08
N ARG DB 169 44.58 -2.81 -49.58
CA ARG DB 169 43.57 -1.94 -50.19
C ARG DB 169 43.77 -0.49 -49.77
N VAL DB 170 42.70 0.29 -49.85
CA VAL DB 170 42.79 1.74 -49.65
C VAL DB 170 41.92 2.18 -48.47
N GLU DB 171 42.55 2.37 -47.31
CA GLU DB 171 41.82 2.41 -46.05
C GLU DB 171 41.19 3.77 -45.76
N MET DB 172 40.90 4.52 -46.79
CA MET DB 172 39.78 5.41 -46.74
C MET DB 172 38.47 4.66 -46.59
N LEU DB 173 38.48 3.35 -46.83
CA LEU DB 173 37.24 2.63 -47.05
C LEU DB 173 36.71 2.07 -45.75
N THR DB 174 35.39 2.11 -45.61
CA THR DB 174 34.75 1.23 -44.66
C THR DB 174 34.99 -0.22 -45.06
N SER DB 175 34.67 -1.14 -44.16
CA SER DB 175 35.07 -2.53 -44.35
C SER DB 175 33.93 -3.39 -44.88
N ASP DB 176 33.95 -4.67 -44.50
CA ASP DB 176 32.76 -5.54 -44.52
C ASP DB 176 32.43 -6.09 -45.90
N ALA DB 177 31.61 -7.15 -45.92
CA ALA DB 177 31.07 -7.75 -47.14
C ALA DB 177 30.14 -8.92 -46.80
N THR DB 178 29.39 -8.82 -45.70
CA THR DB 178 28.50 -9.91 -45.30
C THR DB 178 27.32 -9.33 -44.52
N ILE DB 179 26.11 -9.51 -45.04
CA ILE DB 179 24.92 -8.91 -44.44
C ILE DB 179 23.64 -9.49 -45.06
N GLU DB 180 22.50 -8.83 -44.85
CA GLU DB 180 21.20 -9.24 -45.34
C GLU DB 180 20.46 -7.98 -45.81
N GLU DB 181 19.88 -8.06 -47.00
CA GLU DB 181 19.57 -6.85 -47.77
C GLU DB 181 18.09 -6.78 -48.13
N PHE DB 182 17.51 -5.62 -47.94
CA PHE DB 182 16.15 -5.35 -48.37
C PHE DB 182 16.13 -4.26 -49.42
N PRO DB 183 15.42 -4.46 -50.52
CA PRO DB 183 15.47 -3.48 -51.62
C PRO DB 183 14.72 -2.21 -51.27
N GLU DB 184 15.35 -1.07 -51.54
CA GLU DB 184 14.69 0.22 -51.50
C GLU DB 184 14.33 0.69 -52.90
N ALA DB 185 15.32 0.79 -53.79
CA ALA DB 185 15.14 1.15 -55.18
C ALA DB 185 16.13 0.32 -55.98
N GLN DB 186 15.95 0.31 -57.30
CA GLN DB 186 16.54 -0.72 -58.16
C GLN DB 186 16.56 -0.20 -59.59
N VAL DB 187 17.64 -0.45 -60.34
CA VAL DB 187 17.59 -0.05 -61.75
C VAL DB 187 18.11 -1.19 -62.63
N SER DB 188 19.16 -1.86 -62.19
CA SER DB 188 19.62 -3.06 -62.86
C SER DB 188 18.96 -4.28 -62.23
N PRO DB 189 18.16 -5.05 -62.98
CA PRO DB 189 17.55 -6.27 -62.40
C PRO DB 189 18.57 -7.30 -62.03
N PHE DB 190 19.81 -7.07 -62.42
CA PHE DB 190 20.85 -8.08 -62.30
C PHE DB 190 21.69 -7.85 -61.04
N PHE DB 191 21.63 -6.68 -60.43
CA PHE DB 191 22.59 -6.32 -59.37
C PHE DB 191 21.85 -5.88 -58.11
N LYS DB 192 22.32 -6.39 -56.98
CA LYS DB 192 21.89 -6.05 -55.63
C LYS DB 192 23.08 -5.36 -54.96
N ASN DB 193 23.16 -4.05 -55.17
CA ASN DB 193 24.06 -3.23 -54.39
C ASN DB 193 23.59 -3.18 -52.94
N ILE DB 194 24.52 -3.36 -52.00
CA ILE DB 194 24.10 -3.35 -50.61
C ILE DB 194 23.95 -1.91 -50.11
N ASP DB 195 24.85 -1.02 -50.51
CA ASP DB 195 24.86 0.40 -50.15
C ASP DB 195 26.16 1.06 -50.62
N LEU DB 196 26.13 2.37 -50.81
CA LEU DB 196 27.34 3.17 -50.95
C LEU DB 196 28.01 3.19 -49.58
N GLN DB 197 28.90 2.21 -49.37
CA GLN DB 197 29.50 1.99 -48.06
C GLN DB 197 30.18 3.24 -47.52
N THR DB 198 30.81 4.03 -48.38
CA THR DB 198 31.35 5.30 -47.91
C THR DB 198 31.66 6.19 -49.11
N ALA DB 199 31.92 7.47 -48.83
CA ALA DB 199 32.23 8.46 -49.85
C ALA DB 199 32.78 9.71 -49.18
N LYS DB 200 33.94 10.17 -49.65
CA LYS DB 200 34.71 11.26 -49.05
C LYS DB 200 35.41 12.03 -50.16
N GLN DB 201 35.13 13.32 -50.26
CA GLN DB 201 35.70 14.14 -51.33
C GLN DB 201 37.13 14.52 -50.96
N VAL DB 202 38.09 13.97 -51.68
CA VAL DB 202 39.50 14.15 -51.36
C VAL DB 202 40.01 15.36 -52.14
N GLY DB 203 40.46 16.39 -51.42
CA GLY DB 203 40.80 17.64 -52.07
C GLY DB 203 42.18 17.65 -52.70
N GLY DB 204 43.17 17.09 -52.02
CA GLY DB 204 44.54 17.16 -52.49
C GLY DB 204 45.33 18.21 -51.72
N ALA DB 205 46.37 18.73 -52.36
CA ALA DB 205 47.23 19.72 -51.71
C ALA DB 205 47.89 20.59 -52.77
N GLN DB 206 48.83 21.42 -52.33
CA GLN DB 206 49.58 22.29 -53.23
C GLN DB 206 50.45 21.51 -54.20
N VAL DB 207 50.75 20.24 -53.90
CA VAL DB 207 51.48 19.41 -54.85
C VAL DB 207 50.58 18.89 -55.96
N GLY DB 208 49.26 18.90 -55.76
CA GLY DB 208 48.35 18.44 -56.79
C GLY DB 208 46.95 18.11 -56.32
N VAL DB 209 46.04 18.00 -57.28
CA VAL DB 209 44.63 17.71 -57.01
C VAL DB 209 44.30 16.22 -57.04
N PRO DB 210 43.17 15.86 -56.42
CA PRO DB 210 42.20 15.07 -57.18
C PRO DB 210 40.80 15.67 -57.06
N ILE DB 211 40.48 16.24 -55.89
CA ILE DB 211 39.28 17.03 -55.63
C ILE DB 211 38.02 16.16 -55.64
N LEU DB 212 38.10 14.96 -56.18
CA LEU DB 212 36.89 14.19 -56.44
C LEU DB 212 36.40 13.46 -55.18
N VAL DB 213 35.37 12.64 -55.37
CA VAL DB 213 34.75 11.91 -54.27
C VAL DB 213 35.22 10.46 -54.33
N GLU DB 214 36.18 10.13 -53.48
CA GLU DB 214 36.53 8.74 -53.24
C GLU DB 214 35.32 8.01 -52.65
N PHE DB 215 35.12 6.75 -53.04
CA PHE DB 215 33.96 6.05 -52.51
C PHE DB 215 34.23 4.55 -52.43
N LYS DB 216 33.31 3.85 -51.76
CA LYS DB 216 33.33 2.40 -51.69
C LYS DB 216 31.92 1.83 -51.63
N ILE DB 217 31.72 0.75 -52.40
CA ILE DB 217 30.47 0.04 -52.62
C ILE DB 217 30.75 -1.47 -52.60
N THR DB 218 29.76 -2.25 -52.15
CA THR DB 218 29.78 -3.70 -52.30
C THR DB 218 28.47 -4.18 -52.89
N MET DB 219 28.54 -5.15 -53.81
CA MET DB 219 27.37 -5.51 -54.61
C MET DB 219 27.40 -6.98 -55.02
N THR DB 220 26.30 -7.70 -54.75
CA THR DB 220 26.11 -9.05 -55.25
C THR DB 220 25.24 -9.00 -56.50
N SER DB 221 25.64 -9.77 -57.51
CA SER DB 221 25.13 -9.61 -58.85
C SER DB 221 23.88 -10.45 -59.04
N ASN DB 222 23.76 -11.07 -60.22
CA ASN DB 222 22.85 -12.19 -60.33
C ASN DB 222 23.41 -13.18 -61.32
N TYR DB 223 22.78 -14.35 -61.41
CA TYR DB 223 23.14 -15.46 -60.54
C TYR DB 223 24.65 -15.56 -60.33
N MET EB 1 -14.56 132.68 -69.78
CA MET EB 1 -14.64 133.74 -68.78
C MET EB 1 -13.23 134.12 -68.33
N ASP EB 2 -12.98 135.43 -68.21
CA ASP EB 2 -11.61 135.92 -68.31
C ASP EB 2 -10.89 136.08 -66.98
N LYS EB 3 -11.59 136.45 -65.90
CA LYS EB 3 -10.93 136.51 -64.59
C LYS EB 3 -10.20 135.21 -64.28
N TYR EB 4 -10.85 134.08 -64.51
CA TYR EB 4 -10.18 132.79 -64.38
C TYR EB 4 -9.03 132.64 -65.37
N LEU EB 5 -9.15 133.28 -66.55
CA LEU EB 5 -8.13 133.12 -67.58
C LEU EB 5 -6.86 133.90 -67.23
N ASP EB 6 -6.98 134.99 -66.49
CA ASP EB 6 -5.79 135.73 -66.07
C ASP EB 6 -5.26 135.21 -64.75
N GLN EB 7 -6.13 134.57 -63.94
CA GLN EB 7 -5.61 133.66 -62.92
C GLN EB 7 -4.82 132.53 -63.58
N PHE EB 8 -5.18 132.17 -64.82
CA PHE EB 8 -4.45 131.18 -65.60
C PHE EB 8 -3.20 131.74 -66.27
N VAL EB 9 -3.14 133.05 -66.49
CA VAL EB 9 -1.93 133.65 -67.04
C VAL EB 9 -0.93 134.02 -65.93
N LYS EB 10 -1.41 134.17 -64.69
CA LYS EB 10 -0.52 134.52 -63.58
C LYS EB 10 0.11 133.28 -62.93
N ALA EB 11 -0.71 132.27 -62.60
CA ALA EB 11 -0.32 131.19 -61.68
C ALA EB 11 0.09 129.86 -62.33
N PRO EB 12 -0.67 129.29 -63.28
CA PRO EB 12 -0.51 127.86 -63.61
C PRO EB 12 0.78 127.53 -64.35
N PRO EB 13 1.69 128.47 -64.61
CA PRO EB 13 3.08 128.02 -64.76
C PRO EB 13 3.48 127.22 -63.52
N ALA EB 14 3.19 127.78 -62.34
CA ALA EB 14 3.52 127.10 -61.09
C ALA EB 14 2.73 125.80 -60.94
N ILE EB 15 1.45 125.81 -61.30
CA ILE EB 15 0.60 124.64 -61.06
C ILE EB 15 0.90 123.53 -62.05
N LYS EB 16 1.14 123.87 -63.31
CA LYS EB 16 1.53 122.86 -64.29
C LYS EB 16 2.88 122.24 -63.93
N PHE EB 17 3.87 123.09 -63.62
CA PHE EB 17 5.16 122.57 -63.18
C PHE EB 17 5.00 121.64 -61.99
N GLY EB 18 4.19 122.05 -61.00
CA GLY EB 18 3.95 121.20 -59.84
C GLY EB 18 3.36 119.86 -60.21
N GLY EB 19 2.33 119.87 -61.06
CA GLY EB 19 1.72 118.61 -61.48
C GLY EB 19 2.72 117.69 -62.14
N LEU EB 20 3.52 118.24 -63.07
CA LEU EB 20 4.60 117.47 -63.67
C LEU EB 20 5.51 116.87 -62.60
N ALA EB 21 5.79 117.63 -61.53
CA ALA EB 21 6.69 117.15 -60.49
C ALA EB 21 6.08 116.03 -59.67
N PHE EB 22 4.81 116.15 -59.28
CA PHE EB 22 4.18 115.06 -58.55
C PHE EB 22 4.10 113.80 -59.39
N VAL EB 23 3.87 113.97 -60.70
CA VAL EB 23 3.84 112.81 -61.60
C VAL EB 23 5.21 112.14 -61.64
N VAL EB 24 6.28 112.92 -61.83
CA VAL EB 24 7.60 112.31 -61.94
C VAL EB 24 8.01 111.67 -60.61
N GLY EB 25 7.59 112.26 -59.49
CA GLY EB 25 7.80 111.61 -58.21
C GLY EB 25 7.11 110.26 -58.12
N ALA EB 26 5.85 110.20 -58.56
CA ALA EB 26 5.13 108.93 -58.57
C ALA EB 26 5.84 107.89 -59.43
N LEU EB 27 6.27 108.29 -60.64
CA LEU EB 27 6.92 107.34 -61.55
C LEU EB 27 8.24 106.85 -60.99
N THR EB 28 8.97 107.71 -60.27
CA THR EB 28 10.21 107.25 -59.62
C THR EB 28 9.92 106.32 -58.46
N ALA EB 29 8.87 106.59 -57.68
CA ALA EB 29 8.45 105.60 -56.69
C ALA EB 29 8.19 104.25 -57.35
N ALA EB 30 7.49 104.28 -58.50
CA ALA EB 30 7.11 103.05 -59.19
C ALA EB 30 8.33 102.28 -59.68
N ASN EB 31 9.29 102.98 -60.29
CA ASN EB 31 10.45 102.26 -60.84
C ASN EB 31 11.38 101.78 -59.73
N PHE EB 32 11.45 102.50 -58.60
CA PHE EB 32 12.21 102.00 -57.48
C PHE EB 32 11.59 100.73 -56.89
N PHE EB 33 10.27 100.69 -56.80
CA PHE EB 33 9.61 99.46 -56.38
C PHE EB 33 9.86 98.35 -57.39
N MET EB 34 9.85 98.70 -58.68
CA MET EB 34 10.09 97.73 -59.75
C MET EB 34 11.56 97.36 -59.90
N VAL EB 35 12.47 97.96 -59.12
CA VAL EB 35 13.81 97.40 -58.99
C VAL EB 35 13.99 96.67 -57.66
N ILE EB 36 13.15 96.95 -56.67
CA ILE EB 36 13.21 96.18 -55.42
C ILE EB 36 12.63 94.78 -55.61
N GLN EB 37 11.54 94.66 -56.38
CA GLN EB 37 10.94 93.34 -56.57
C GLN EB 37 11.86 92.34 -57.29
N PRO EB 38 12.60 92.71 -58.35
CA PRO EB 38 13.55 91.75 -58.94
C PRO EB 38 14.66 91.34 -57.98
N THR EB 39 14.99 92.18 -56.99
CA THR EB 39 15.91 91.76 -55.94
C THR EB 39 15.37 90.55 -55.20
N GLU EB 40 14.16 90.67 -54.66
CA GLU EB 40 13.55 89.57 -53.92
C GLU EB 40 13.44 88.32 -54.78
N GLU EB 41 12.92 88.47 -56.00
CA GLU EB 41 12.83 87.34 -56.91
C GLU EB 41 14.19 86.69 -57.11
N GLU EB 42 15.23 87.52 -57.16
CA GLU EB 42 16.58 87.05 -57.46
C GLU EB 42 17.17 86.26 -56.30
N ILE EB 43 17.00 86.77 -55.07
CA ILE EB 43 17.37 86.01 -53.88
C ILE EB 43 16.62 84.69 -53.86
N GLY EB 44 15.35 84.70 -54.28
CA GLY EB 44 14.60 83.46 -54.36
C GLY EB 44 15.22 82.45 -55.31
N TRP EB 45 15.54 82.87 -56.55
CA TRP EB 45 16.17 81.96 -57.49
C TRP EB 45 17.53 81.50 -56.99
N ALA EB 46 18.23 82.35 -56.25
CA ALA EB 46 19.44 81.91 -55.56
C ALA EB 46 19.13 80.72 -54.66
N VAL EB 47 18.14 80.88 -53.79
CA VAL EB 47 17.83 79.84 -52.81
C VAL EB 47 17.39 78.55 -53.49
N ALA EB 48 16.72 78.65 -54.64
CA ALA EB 48 16.39 77.43 -55.39
C ALA EB 48 17.66 76.78 -55.94
N GLU EB 49 18.46 77.55 -56.68
CA GLU EB 49 19.64 76.99 -57.34
C GLU EB 49 20.58 76.32 -56.35
N ARG EB 50 20.88 76.99 -55.23
CA ARG EB 50 21.76 76.39 -54.23
C ARG EB 50 21.19 75.08 -53.71
N ARG EB 51 19.87 75.00 -53.57
CA ARG EB 51 19.24 73.76 -53.17
C ARG EB 51 19.38 72.69 -54.25
N LYS EB 52 19.58 73.09 -55.50
CA LYS EB 52 19.88 72.08 -56.52
C LYS EB 52 21.35 71.65 -56.47
N LEU EB 53 22.26 72.61 -56.27
CA LEU EB 53 23.67 72.28 -56.04
C LEU EB 53 23.80 71.21 -54.96
N ASP EB 54 23.11 71.41 -53.82
CA ASP EB 54 23.32 70.57 -52.65
C ASP EB 54 22.70 69.18 -52.79
N LEU EB 55 21.62 69.03 -53.54
CA LEU EB 55 21.11 67.68 -53.82
C LEU EB 55 22.00 66.96 -54.84
N GLU EB 56 22.48 67.69 -55.84
CA GLU EB 56 23.38 67.08 -56.81
C GLU EB 56 24.64 66.57 -56.13
N LEU EB 57 25.18 67.33 -55.17
CA LEU EB 57 26.30 66.81 -54.39
C LEU EB 57 25.94 65.52 -53.67
N ALA EB 58 24.67 65.32 -53.31
CA ALA EB 58 24.29 64.03 -52.75
C ALA EB 58 24.37 62.94 -53.81
N ASP EB 59 23.83 63.20 -55.01
CA ASP EB 59 23.89 62.20 -56.06
C ASP EB 59 25.34 61.84 -56.41
N LYS EB 60 26.27 62.79 -56.33
CA LYS EB 60 27.65 62.46 -56.72
C LYS EB 60 28.26 61.42 -55.78
N SER EB 61 28.11 61.61 -54.46
CA SER EB 61 28.64 60.64 -53.53
C SER EB 61 27.93 59.30 -53.65
N GLU EB 62 26.60 59.33 -53.82
CA GLU EB 62 25.86 58.07 -53.99
C GLU EB 62 26.39 57.27 -55.17
N ILE EB 63 26.56 57.92 -56.33
CA ILE EB 63 26.94 57.18 -57.52
C ILE EB 63 28.43 56.82 -57.49
N ALA EB 64 29.27 57.65 -56.86
CA ALA EB 64 30.67 57.29 -56.70
C ALA EB 64 30.80 56.03 -55.84
N GLN EB 65 29.97 55.94 -54.79
CA GLN EB 65 29.96 54.73 -53.97
C GLN EB 65 29.44 53.53 -54.76
N ASN EB 66 28.43 53.73 -55.60
CA ASN EB 66 27.95 52.64 -56.44
C ASN EB 66 29.00 52.21 -57.46
N LEU EB 67 29.83 53.15 -57.94
CA LEU EB 67 30.93 52.82 -58.83
C LEU EB 67 31.98 51.96 -58.11
N ASN EB 68 32.40 52.41 -56.93
CA ASN EB 68 33.28 51.59 -56.11
C ASN EB 68 32.73 50.17 -55.94
N GLU EB 69 31.44 50.06 -55.61
CA GLU EB 69 30.85 48.73 -55.45
C GLU EB 69 30.83 47.95 -56.76
N ARG EB 70 30.72 48.66 -57.90
CA ARG EB 70 30.93 47.92 -59.14
C ARG EB 70 32.30 47.30 -59.12
N ARG EB 71 33.33 48.15 -59.17
CA ARG EB 71 34.72 47.73 -59.32
C ARG EB 71 34.90 46.49 -58.48
N ARG EB 72 34.58 46.66 -57.19
CA ARG EB 72 34.38 45.59 -56.22
C ARG EB 72 33.95 44.32 -56.94
N GLU EB 73 32.71 44.25 -57.43
CA GLU EB 73 32.35 42.90 -57.88
C GLU EB 73 32.39 42.61 -59.39
N MET EB 74 32.34 43.62 -60.25
CA MET EB 74 32.51 43.34 -61.67
C MET EB 74 33.92 42.83 -61.97
N ASP EB 75 34.95 43.40 -61.31
CA ASP EB 75 36.31 42.94 -61.57
C ASP EB 75 36.57 41.57 -60.96
N VAL EB 76 35.88 41.27 -59.86
CA VAL EB 76 35.91 39.92 -59.29
C VAL EB 76 35.17 38.95 -60.21
N LEU EB 77 34.13 39.43 -60.88
CA LEU EB 77 33.39 38.57 -61.79
C LEU EB 77 34.18 38.31 -63.07
N GLU EB 78 35.16 39.19 -63.38
CA GLU EB 78 36.02 39.01 -64.55
C GLU EB 78 37.24 38.16 -64.23
N GLN EB 79 37.23 37.47 -63.09
CA GLN EB 79 38.39 36.77 -62.57
C GLN EB 79 38.71 35.55 -63.44
N LYS EB 80 39.89 35.00 -63.25
CA LYS EB 80 40.47 34.15 -64.28
C LYS EB 80 40.77 32.72 -63.86
N LEU EB 81 41.63 32.06 -64.66
CA LEU EB 81 42.04 30.68 -64.48
C LEU EB 81 42.75 30.41 -63.16
N SER EB 82 42.03 29.82 -62.22
CA SER EB 82 42.54 29.55 -60.90
C SER EB 82 41.47 28.73 -60.21
N GLU EB 83 41.20 29.10 -58.96
CA GLU EB 83 39.84 28.94 -58.49
C GLU EB 83 38.93 29.83 -59.33
N ALA EB 84 37.70 29.39 -59.50
CA ALA EB 84 36.65 30.20 -60.10
C ALA EB 84 35.46 30.25 -59.14
N LEU EB 85 34.79 31.40 -59.08
CA LEU EB 85 33.67 31.59 -58.16
C LEU EB 85 32.36 31.32 -58.89
N THR EB 86 31.27 31.28 -58.14
CA THR EB 86 29.95 31.53 -58.69
C THR EB 86 29.76 33.04 -58.73
N GLU EB 87 28.74 33.46 -59.48
CA GLU EB 87 28.24 34.83 -59.41
C GLU EB 87 28.11 35.28 -57.96
N LEU EB 88 28.30 36.57 -57.74
CA LEU EB 88 28.08 37.14 -56.43
C LEU EB 88 27.15 38.32 -56.51
N PRO EB 89 25.88 38.16 -56.23
CA PRO EB 89 25.05 39.32 -55.89
C PRO EB 89 25.16 39.64 -54.40
N GLU EB 90 24.86 40.87 -54.00
CA GLU EB 90 24.84 41.19 -52.58
C GLU EB 90 23.68 40.45 -51.94
N GLN EB 91 23.96 39.27 -51.37
CA GLN EB 91 22.92 38.55 -50.64
C GLN EB 91 22.62 39.24 -49.31
N ARG EB 92 23.59 39.22 -48.40
CA ARG EB 92 23.57 40.03 -47.18
C ARG EB 92 22.38 39.69 -46.29
N ASP EB 93 22.00 38.41 -46.26
CA ASP EB 93 21.04 37.89 -45.28
C ASP EB 93 21.47 36.46 -44.95
N ILE EB 94 22.02 36.29 -43.75
CA ILE EB 94 22.63 35.01 -43.39
C ILE EB 94 21.62 34.13 -42.64
N GLU EB 95 20.95 34.71 -41.64
CA GLU EB 95 20.04 33.93 -40.80
C GLU EB 95 18.93 33.28 -41.62
N GLU EB 96 18.51 33.93 -42.71
CA GLU EB 96 17.56 33.30 -43.62
C GLU EB 96 18.19 32.14 -44.37
N LEU EB 97 19.50 32.21 -44.61
CA LEU EB 97 20.20 31.08 -45.22
C LEU EB 97 20.22 29.88 -44.26
N LEU EB 98 20.56 30.13 -42.99
CA LEU EB 98 20.51 29.04 -42.01
C LEU EB 98 19.10 28.48 -41.90
N ALA EB 99 18.10 29.35 -41.83
CA ALA EB 99 16.71 28.90 -41.69
C ALA EB 99 16.30 28.05 -42.89
N GLN EB 100 16.61 28.49 -44.11
CA GLN EB 100 16.18 27.74 -45.29
C GLN EB 100 16.95 26.44 -45.44
N ILE EB 101 18.21 26.41 -44.98
CA ILE EB 101 18.92 25.14 -44.89
C ILE EB 101 18.19 24.19 -43.96
N ASN EB 102 17.74 24.69 -42.81
CA ASN EB 102 16.97 23.85 -41.90
C ASN EB 102 15.69 23.34 -42.58
N ASP EB 103 15.02 24.21 -43.36
CA ASP EB 103 13.74 23.82 -43.96
C ASP EB 103 13.94 22.76 -45.04
N ILE EB 104 14.89 22.97 -45.95
CA ILE EB 104 15.14 21.96 -46.98
C ILE EB 104 15.64 20.67 -46.34
N GLY EB 105 16.32 20.77 -45.20
CA GLY EB 105 16.68 19.56 -44.46
C GLY EB 105 15.45 18.82 -43.96
N LYS EB 106 14.51 19.57 -43.38
CA LYS EB 106 13.32 18.95 -42.79
C LYS EB 106 12.43 18.31 -43.85
N LYS EB 107 12.22 19.02 -44.98
CA LYS EB 107 11.36 18.45 -46.01
C LYS EB 107 12.05 17.33 -46.77
N SER EB 108 13.37 17.21 -46.66
CA SER EB 108 14.05 16.04 -47.21
C SER EB 108 14.08 14.87 -46.24
N GLY EB 109 13.60 15.05 -45.01
CA GLY EB 109 13.53 13.98 -44.03
C GLY EB 109 14.78 13.81 -43.19
N LEU EB 110 15.76 14.69 -43.31
CA LEU EB 110 17.03 14.50 -42.63
C LEU EB 110 17.02 15.10 -41.23
N GLU EB 111 17.70 14.44 -40.31
CA GLU EB 111 17.96 15.00 -38.98
C GLU EB 111 19.18 15.90 -39.08
N LEU EB 112 19.00 17.18 -38.80
CA LEU EB 112 20.09 18.15 -38.84
C LEU EB 112 20.82 18.07 -37.50
N SER EB 113 21.88 17.26 -37.46
CA SER EB 113 22.58 17.03 -36.21
C SER EB 113 23.49 18.19 -35.82
N SER EB 114 23.94 19.01 -36.78
CA SER EB 114 24.74 20.17 -36.42
C SER EB 114 24.90 21.10 -37.62
N VAL EB 115 24.67 22.39 -37.40
CA VAL EB 115 25.06 23.42 -38.36
C VAL EB 115 26.08 24.32 -37.66
N THR EB 116 27.24 24.49 -38.29
CA THR EB 116 28.33 25.24 -37.69
C THR EB 116 28.78 26.31 -38.66
N PRO EB 117 28.65 27.60 -38.32
CA PRO EB 117 29.17 28.65 -39.22
C PRO EB 117 30.68 28.58 -39.28
N GLY EB 118 31.27 29.43 -40.08
CA GLY EB 118 32.70 29.45 -40.24
C GLY EB 118 33.31 30.76 -39.84
N LYS EB 119 34.58 30.91 -40.19
CA LYS EB 119 35.19 32.22 -40.16
C LYS EB 119 35.20 32.79 -41.56
N GLU EB 120 35.09 34.12 -41.63
CA GLU EB 120 35.22 34.80 -42.90
C GLU EB 120 36.65 34.65 -43.40
N SER EB 121 36.80 34.42 -44.71
CA SER EB 121 38.11 34.18 -45.32
C SER EB 121 38.72 35.52 -45.70
N VAL EB 122 39.46 36.11 -44.75
CA VAL EB 122 40.01 37.45 -44.93
C VAL EB 122 40.95 37.52 -46.13
N GLY EB 123 41.60 36.41 -46.48
CA GLY EB 123 42.41 36.35 -47.68
C GLY EB 123 41.80 35.46 -48.74
N GLY EB 124 40.47 35.40 -48.79
CA GLY EB 124 39.77 34.60 -49.77
C GLY EB 124 39.18 35.46 -50.87
N GLY EB 125 39.62 36.71 -50.95
CA GLY EB 125 39.13 37.66 -51.93
C GLY EB 125 39.43 39.09 -51.56
N GLU EB 126 39.75 39.93 -52.54
CA GLU EB 126 39.95 41.34 -52.26
C GLU EB 126 38.63 42.06 -52.05
N PHE EB 127 37.56 41.60 -52.71
CA PHE EB 127 36.30 42.31 -52.68
C PHE EB 127 35.18 41.55 -51.95
N PHE EB 128 35.52 40.47 -51.24
CA PHE EB 128 34.50 39.67 -50.58
C PHE EB 128 35.14 38.82 -49.48
N ALA EB 129 34.48 38.78 -48.32
CA ALA EB 129 34.81 37.87 -47.25
C ALA EB 129 33.87 36.67 -47.38
N ARG EB 130 34.45 35.51 -47.68
CA ARG EB 130 33.65 34.29 -47.75
C ARG EB 130 33.41 33.75 -46.36
N ILE EB 131 32.13 33.54 -46.01
CA ILE EB 131 31.77 32.84 -44.79
C ILE EB 131 31.37 31.40 -45.16
N PRO EB 132 32.11 30.41 -44.68
CA PRO EB 132 31.72 29.02 -44.92
C PRO EB 132 30.83 28.49 -43.79
N ILE EB 133 29.90 27.64 -44.16
CA ILE EB 133 28.97 27.01 -43.24
C ILE EB 133 29.07 25.51 -43.45
N LYS EB 134 29.42 24.78 -42.39
CA LYS EB 134 29.51 23.33 -42.44
C LYS EB 134 28.24 22.74 -41.86
N MET EB 135 27.52 21.96 -42.66
CA MET EB 135 26.26 21.38 -42.26
C MET EB 135 26.39 19.87 -42.12
N THR EB 136 25.66 19.32 -41.15
CA THR EB 136 25.84 17.95 -40.66
C THR EB 136 24.45 17.36 -40.45
N VAL EB 137 24.03 16.52 -41.40
CA VAL EB 137 22.67 15.99 -41.50
C VAL EB 137 22.77 14.48 -41.72
N SER EB 138 21.79 13.72 -41.21
CA SER EB 138 21.85 12.27 -41.30
C SER EB 138 20.56 11.72 -41.91
N GLY EB 139 20.70 10.69 -42.73
CA GLY EB 139 19.53 10.02 -43.27
C GLY EB 139 19.91 9.01 -44.34
N ASN EB 140 19.09 8.96 -45.38
CA ASN EB 140 19.27 8.03 -46.49
C ASN EB 140 20.04 8.71 -47.63
N TYR EB 141 20.72 7.88 -48.44
CA TYR EB 141 21.46 8.38 -49.59
C TYR EB 141 20.57 9.22 -50.50
N HIS EB 142 19.38 8.71 -50.83
CA HIS EB 142 18.43 9.46 -51.64
C HIS EB 142 18.10 10.81 -51.01
N GLU EB 143 17.96 10.83 -49.68
CA GLU EB 143 17.56 12.04 -48.99
C GLU EB 143 18.69 13.07 -48.92
N ILE EB 144 19.95 12.60 -48.86
CA ILE EB 144 21.06 13.56 -48.81
C ILE EB 144 21.36 14.10 -50.20
N ALA EB 145 21.34 13.23 -51.21
CA ALA EB 145 21.34 13.72 -52.59
C ALA EB 145 20.26 14.78 -52.77
N LEU EB 146 19.09 14.53 -52.19
CA LEU EB 146 17.96 15.47 -52.28
C LEU EB 146 18.29 16.79 -51.61
N PHE EB 147 18.73 16.72 -50.36
CA PHE EB 147 19.10 17.91 -49.60
C PHE EB 147 20.12 18.76 -50.35
N LEU EB 148 21.15 18.10 -50.89
CA LEU EB 148 22.17 18.79 -51.69
C LEU EB 148 21.56 19.46 -52.91
N GLN EB 149 20.75 18.74 -53.68
CA GLN EB 149 20.23 19.32 -54.92
C GLN EB 149 19.27 20.48 -54.63
N GLU EB 150 18.57 20.43 -53.50
CA GLU EB 150 17.70 21.54 -53.12
C GLU EB 150 18.52 22.77 -52.73
N MET EB 151 19.61 22.58 -51.98
CA MET EB 151 20.45 23.71 -51.64
C MET EB 151 21.14 24.28 -52.87
N ALA EB 152 21.41 23.42 -53.86
CA ALA EB 152 21.98 23.87 -55.13
C ALA EB 152 20.92 24.43 -56.07
N ASN EB 153 19.64 24.35 -55.70
CA ASN EB 153 18.59 25.03 -56.46
C ASN EB 153 18.01 26.23 -55.71
N MET EB 154 18.63 26.66 -54.62
CA MET EB 154 18.10 27.75 -53.84
C MET EB 154 18.31 29.09 -54.55
N ARG EB 155 17.61 30.11 -54.07
CA ARG EB 155 17.73 31.48 -54.56
C ARG EB 155 18.76 32.30 -53.78
N ARG EB 156 19.65 31.64 -53.04
CA ARG EB 156 20.66 32.38 -52.29
C ARG EB 156 22.02 31.75 -52.57
N ILE EB 157 23.07 32.39 -52.03
CA ILE EB 157 24.44 32.20 -52.48
C ILE EB 157 25.12 31.11 -51.66
N VAL EB 158 24.52 29.92 -51.62
CA VAL EB 158 25.08 28.84 -50.82
C VAL EB 158 25.77 27.84 -51.74
N ASN EB 159 27.00 28.15 -52.13
CA ASN EB 159 27.75 27.30 -53.05
C ASN EB 159 28.31 26.10 -52.30
N VAL EB 160 27.66 24.94 -52.45
CA VAL EB 160 28.11 23.72 -51.81
C VAL EB 160 29.32 23.17 -52.57
N ASN EB 161 30.34 22.75 -51.82
CA ASN EB 161 31.55 22.27 -52.45
C ASN EB 161 31.96 20.89 -51.94
N ASN EB 162 32.87 20.85 -50.98
CA ASN EB 162 33.46 19.58 -50.55
C ASN EB 162 32.48 18.81 -49.68
N ILE EB 163 32.10 17.60 -50.14
CA ILE EB 163 31.06 16.79 -49.53
C ILE EB 163 31.69 15.55 -48.92
N LYS EB 164 31.05 15.01 -47.89
CA LYS EB 164 31.43 13.71 -47.38
C LYS EB 164 30.23 13.07 -46.68
N PHE EB 165 30.25 11.75 -46.54
CA PHE EB 165 29.24 11.04 -45.76
C PHE EB 165 29.71 9.61 -45.54
N ASP EB 166 29.17 8.98 -44.50
CA ASP EB 166 29.59 7.66 -44.07
C ASP EB 166 28.48 7.03 -43.26
N SER EB 167 28.65 5.76 -42.92
CA SER EB 167 27.61 4.99 -42.23
C SER EB 167 27.77 5.18 -40.72
N ALA EB 168 26.75 5.78 -40.08
CA ALA EB 168 26.90 6.26 -38.71
C ALA EB 168 26.80 5.15 -37.67
N LYS EB 169 26.39 3.94 -38.05
CA LYS EB 169 26.17 2.85 -37.11
C LYS EB 169 27.45 2.02 -36.98
N LEU EB 170 28.02 2.02 -35.77
CA LEU EB 170 29.21 1.19 -35.49
C LEU EB 170 29.02 -0.22 -36.02
N LYS EB 171 28.20 -1.00 -35.31
CA LYS EB 171 27.95 -2.39 -35.65
C LYS EB 171 27.35 -2.58 -37.03
N ASN EB 172 26.81 -1.51 -37.63
CA ASN EB 172 26.11 -1.63 -38.91
C ASN EB 172 24.97 -2.64 -38.79
N GLU EB 173 23.91 -2.26 -38.09
CA GLU EB 173 22.72 -3.09 -37.96
C GLU EB 173 21.50 -2.48 -38.65
N LYS EB 174 21.58 -1.22 -39.06
CA LYS EB 174 20.55 -0.58 -39.86
C LYS EB 174 21.19 0.46 -40.76
N VAL EB 175 20.56 0.71 -41.92
CA VAL EB 175 21.10 1.71 -42.84
C VAL EB 175 20.94 3.09 -42.23
N VAL EB 176 22.00 3.88 -42.31
CA VAL EB 176 22.00 5.27 -41.87
C VAL EB 176 23.29 5.93 -42.31
N LEU EB 177 23.20 7.11 -42.91
CA LEU EB 177 24.34 7.83 -43.44
C LEU EB 177 24.40 9.21 -42.81
N GLN EB 178 25.40 9.42 -41.95
CA GLN EB 178 25.76 10.76 -41.52
C GLN EB 178 26.49 11.45 -42.68
N SER EB 179 26.11 12.70 -42.94
CA SER EB 179 26.59 13.47 -44.06
C SER EB 179 27.04 14.84 -43.58
N GLU EB 180 28.19 15.27 -44.07
CA GLU EB 180 28.76 16.57 -43.73
C GLU EB 180 29.09 17.27 -45.04
N PHE EB 181 28.31 18.29 -45.35
CA PHE EB 181 28.48 19.09 -46.56
C PHE EB 181 29.01 20.47 -46.17
N GLN EB 182 29.91 21.00 -46.99
CA GLN EB 182 30.45 22.33 -46.79
C GLN EB 182 29.87 23.26 -47.84
N ALA EB 183 29.30 24.38 -47.41
CA ALA EB 183 28.66 25.31 -48.33
C ALA EB 183 28.81 26.72 -47.80
N THR EB 184 29.16 27.64 -48.69
CA THR EB 184 29.62 28.97 -48.29
C THR EB 184 28.91 30.07 -49.06
N THR EB 185 28.75 31.23 -48.41
CA THR EB 185 28.26 32.44 -49.09
C THR EB 185 29.28 33.56 -48.93
N PHE EB 186 29.19 34.56 -49.82
CA PHE EB 186 30.29 35.50 -50.02
C PHE EB 186 29.92 36.94 -49.67
N ARG EB 187 29.97 37.29 -48.38
CA ARG EB 187 29.71 38.66 -47.93
C ARG EB 187 30.74 39.60 -48.54
N PHE EB 188 30.54 40.91 -48.40
CA PHE EB 188 31.54 41.87 -48.86
C PHE EB 188 32.67 41.97 -47.85
N VAL EB 189 33.70 42.75 -48.17
CA VAL EB 189 34.89 42.80 -47.32
C VAL EB 189 34.63 43.59 -46.04
N ALA FB 37 9.54 147.70 -77.30
CA ALA FB 37 9.72 148.71 -78.33
C ALA FB 37 8.98 149.99 -77.96
N LYS FB 38 9.29 151.07 -78.68
CA LYS FB 38 8.76 152.41 -78.37
C LYS FB 38 7.42 152.59 -79.07
N GLY FB 39 6.33 152.41 -78.31
CA GLY FB 39 4.99 152.50 -78.86
C GLY FB 39 4.19 153.69 -78.36
N LYS FB 40 3.25 154.13 -79.18
CA LYS FB 40 2.25 155.11 -78.78
C LYS FB 40 0.98 154.32 -78.48
N LEU FB 41 0.73 154.14 -77.18
CA LEU FB 41 -0.23 153.19 -76.68
C LEU FB 41 -1.62 153.81 -76.80
N VAL FB 42 -2.53 153.53 -75.84
CA VAL FB 42 -3.79 154.28 -75.85
C VAL FB 42 -4.23 154.61 -74.42
N LEU FB 43 -5.41 155.22 -74.31
CA LEU FB 43 -5.87 155.71 -73.03
C LEU FB 43 -7.38 155.58 -72.90
N GLY FB 44 -7.79 154.77 -71.93
CA GLY FB 44 -9.19 154.66 -71.57
C GLY FB 44 -9.45 155.30 -70.23
N LEU FB 45 -10.70 155.69 -70.01
CA LEU FB 45 -11.14 156.07 -68.67
C LEU FB 45 -11.82 154.87 -68.01
N ASP FB 46 -10.98 153.98 -67.49
CA ASP FB 46 -11.48 152.66 -67.09
C ASP FB 46 -12.25 152.73 -65.78
N ILE FB 47 -11.92 153.68 -64.91
CA ILE FB 47 -12.67 153.81 -63.67
C ILE FB 47 -13.56 155.04 -63.76
N GLY FB 48 -14.21 155.23 -64.90
CA GLY FB 48 -15.19 156.30 -65.02
C GLY FB 48 -16.47 156.01 -64.27
N SER FB 49 -16.80 154.73 -64.06
CA SER FB 49 -18.03 154.35 -63.38
C SER FB 49 -19.28 154.88 -64.10
N THR FB 50 -19.35 156.19 -64.37
CA THR FB 50 -20.40 156.68 -65.24
C THR FB 50 -20.07 156.43 -66.70
N SER FB 51 -18.79 156.53 -67.08
CA SER FB 51 -18.47 156.43 -68.50
C SER FB 51 -17.06 155.91 -68.75
N ILE FB 52 -16.97 154.95 -69.67
CA ILE FB 52 -15.71 154.48 -70.23
C ILE FB 52 -15.38 155.38 -71.41
N LYS FB 53 -14.28 156.11 -71.30
CA LYS FB 53 -13.82 157.06 -72.32
C LYS FB 53 -12.42 156.66 -72.76
N MET FB 54 -12.04 157.01 -73.98
CA MET FB 54 -10.76 156.58 -74.54
C MET FB 54 -10.25 157.64 -75.50
N ILE FB 55 -8.93 157.82 -75.56
CA ILE FB 55 -8.33 158.90 -76.34
C ILE FB 55 -7.07 158.41 -77.04
N LEU FB 56 -6.91 158.82 -78.29
CA LEU FB 56 -5.69 158.58 -79.07
C LEU FB 56 -5.12 159.92 -79.52
N LEU FB 57 -3.95 160.30 -78.96
CA LEU FB 57 -3.09 161.34 -79.51
C LEU FB 57 -1.87 160.67 -80.15
N LYS FB 58 -1.26 161.33 -81.13
CA LYS FB 58 0.03 160.84 -81.60
C LYS FB 58 0.77 161.96 -82.33
N GLU FB 59 1.94 161.60 -82.85
CA GLU FB 59 2.77 162.47 -83.65
C GLU FB 59 2.03 162.82 -84.96
N GLN FB 60 1.35 163.96 -84.97
CA GLN FB 60 0.67 164.41 -86.18
C GLN FB 60 1.59 165.27 -87.03
N ARG FB 61 1.62 165.00 -88.33
CA ARG FB 61 2.44 165.75 -89.27
C ARG FB 61 1.60 166.80 -89.99
N LYS FB 62 2.07 168.04 -89.98
CA LYS FB 62 1.56 169.10 -90.84
C LYS FB 62 2.73 169.96 -91.29
N ARG FB 63 2.88 170.12 -92.61
CA ARG FB 63 3.90 170.98 -93.20
C ARG FB 63 5.31 170.61 -92.70
N GLY FB 64 5.59 169.32 -92.68
CA GLY FB 64 6.91 168.85 -92.29
C GLY FB 64 7.22 168.97 -90.82
N GLU FB 65 6.29 169.45 -90.02
CA GLU FB 65 6.43 169.50 -88.57
C GLU FB 65 5.53 168.46 -87.94
N VAL FB 66 5.94 167.99 -86.76
CA VAL FB 66 5.23 166.95 -86.05
C VAL FB 66 5.13 167.36 -84.58
N ILE FB 67 3.96 167.16 -84.00
CA ILE FB 67 3.74 167.35 -82.57
C ILE FB 67 2.65 166.39 -82.13
N TYR FB 68 2.61 166.12 -80.83
CA TYR FB 68 1.48 165.42 -80.22
C TYR FB 68 0.18 166.06 -80.69
N ALA FB 69 -0.78 165.22 -81.08
CA ALA FB 69 -2.07 165.78 -81.50
C ALA FB 69 -3.17 164.75 -81.33
N LEU FB 70 -4.38 165.27 -81.05
CA LEU FB 70 -5.55 164.41 -80.91
C LEU FB 70 -5.84 163.69 -82.22
N GLN FB 71 -5.94 162.37 -82.14
CA GLN FB 71 -6.32 161.56 -83.28
C GLN FB 71 -7.72 161.00 -83.18
N SER FB 72 -8.13 160.60 -81.98
CA SER FB 72 -9.50 160.13 -81.78
C SER FB 72 -9.82 160.19 -80.29
N PHE FB 73 -11.08 159.90 -79.98
CA PHE FB 73 -11.61 159.85 -78.63
C PHE FB 73 -12.97 159.19 -78.75
N GLY FB 74 -13.46 158.64 -77.64
CA GLY FB 74 -14.68 157.85 -77.67
C GLY FB 74 -15.22 157.70 -76.27
N MET FB 75 -16.54 157.65 -76.17
CA MET FB 75 -17.18 157.62 -74.87
C MET FB 75 -18.43 156.77 -74.93
N LYS FB 76 -18.56 155.86 -73.97
CA LYS FB 76 -19.73 155.03 -73.79
C LYS FB 76 -20.03 154.94 -72.30
N PRO FB 77 -21.27 155.17 -71.89
CA PRO FB 77 -21.59 155.08 -70.47
C PRO FB 77 -21.39 153.66 -69.96
N LEU FB 78 -20.91 153.53 -68.73
CA LEU FB 78 -20.59 152.21 -68.18
C LEU FB 78 -21.87 151.46 -67.83
N PRO FB 79 -22.07 150.25 -68.34
CA PRO FB 79 -23.21 149.43 -67.90
C PRO FB 79 -23.12 149.12 -66.43
N PRO FB 80 -24.24 149.18 -65.70
CA PRO FB 80 -24.22 148.86 -64.27
C PRO FB 80 -23.78 147.42 -64.04
N GLU FB 81 -23.25 147.17 -62.84
CA GLU FB 81 -22.77 145.91 -62.31
C GLU FB 81 -21.37 145.56 -62.82
N ALA FB 82 -20.83 146.31 -63.77
CA ALA FB 82 -19.47 146.04 -64.24
C ALA FB 82 -18.44 146.41 -63.20
N ILE FB 83 -18.65 147.51 -62.48
CA ILE FB 83 -17.76 147.92 -61.39
C ILE FB 83 -18.57 147.99 -60.12
N VAL FB 84 -18.08 147.31 -59.09
CA VAL FB 84 -18.64 147.40 -57.74
C VAL FB 84 -17.46 147.64 -56.80
N ASP FB 85 -17.60 148.63 -55.91
CA ASP FB 85 -16.60 148.98 -54.91
C ASP FB 85 -15.21 149.21 -55.50
N GLY FB 86 -15.14 149.71 -56.73
CA GLY FB 86 -13.85 149.99 -57.34
C GLY FB 86 -13.17 148.80 -57.98
N ALA FB 87 -13.79 147.62 -57.93
CA ALA FB 87 -13.26 146.41 -58.55
C ALA FB 87 -14.11 146.05 -59.76
N LEU FB 88 -13.47 145.41 -60.75
CA LEU FB 88 -14.17 144.93 -61.94
C LEU FB 88 -14.83 143.60 -61.60
N MET FB 89 -16.13 143.62 -61.36
CA MET FB 89 -16.86 142.41 -61.03
C MET FB 89 -17.24 141.58 -62.25
N ASN FB 90 -17.32 142.22 -63.42
CA ASN FB 90 -17.69 141.56 -64.67
C ASN FB 90 -16.64 141.94 -65.70
N SER FB 91 -15.49 141.27 -65.62
CA SER FB 91 -14.37 141.62 -66.49
C SER FB 91 -14.74 141.49 -67.97
N THR FB 92 -15.25 140.32 -68.36
CA THR FB 92 -15.53 140.04 -69.77
C THR FB 92 -16.48 141.07 -70.39
N ALA FB 93 -17.49 141.49 -69.64
CA ALA FB 93 -18.44 142.45 -70.18
C ALA FB 93 -17.79 143.82 -70.41
N ILE FB 94 -17.11 144.35 -69.37
CA ILE FB 94 -16.32 145.56 -69.53
C ILE FB 94 -15.42 145.45 -70.75
N VAL FB 95 -14.87 144.26 -70.99
CA VAL FB 95 -14.15 144.00 -72.24
C VAL FB 95 -15.02 144.35 -73.44
N GLN FB 96 -16.26 143.83 -73.47
CA GLN FB 96 -17.09 144.14 -74.63
C GLN FB 96 -17.21 145.64 -74.84
N ALA FB 97 -17.37 146.35 -73.73
CA ALA FB 97 -17.47 147.81 -73.82
C ALA FB 97 -16.19 148.42 -74.38
N VAL FB 98 -15.03 148.07 -73.81
CA VAL FB 98 -13.74 148.63 -74.24
C VAL FB 98 -13.53 148.41 -75.73
N GLN FB 99 -13.87 147.21 -76.22
CA GLN FB 99 -13.70 146.90 -77.64
C GLN FB 99 -14.63 147.76 -78.50
N ASP FB 100 -15.88 147.97 -78.04
CA ASP FB 100 -16.72 148.99 -78.66
C ASP FB 100 -15.99 150.33 -78.74
N LEU FB 101 -15.35 150.73 -77.64
CA LEU FB 101 -14.55 151.96 -77.65
C LEU FB 101 -13.55 151.96 -78.79
N MET FB 102 -12.79 150.87 -78.92
CA MET FB 102 -11.67 150.84 -79.86
C MET FB 102 -12.15 150.89 -81.31
N SER FB 103 -13.23 150.16 -81.62
CA SER FB 103 -13.75 150.16 -83.00
C SER FB 103 -14.45 151.47 -83.33
N GLU FB 104 -15.20 152.03 -82.36
CA GLU FB 104 -15.72 153.38 -82.51
C GLU FB 104 -14.61 154.36 -82.84
N LEU FB 105 -13.54 154.30 -82.06
CA LEU FB 105 -12.31 155.06 -82.29
C LEU FB 105 -11.76 154.89 -83.70
N LYS FB 106 -11.87 153.68 -84.27
CA LYS FB 106 -11.22 153.32 -85.52
C LYS FB 106 -9.70 153.33 -85.37
N VAL FB 107 -9.19 152.71 -84.29
CA VAL FB 107 -7.79 152.81 -83.95
C VAL FB 107 -7.06 151.50 -84.23
N LYS FB 108 -5.90 151.60 -84.83
CA LYS FB 108 -5.03 150.46 -84.97
C LYS FB 108 -4.45 149.97 -83.64
N GLY FB 109 -4.20 150.90 -82.71
CA GLY FB 109 -3.33 150.60 -81.58
C GLY FB 109 -3.98 149.65 -80.60
N LYS FB 110 -3.15 148.79 -80.00
CA LYS FB 110 -3.60 147.80 -79.03
C LYS FB 110 -2.78 147.82 -77.75
N ASP FB 111 -2.01 148.87 -77.51
CA ASP FB 111 -1.37 149.06 -76.21
C ASP FB 111 -2.10 150.19 -75.50
N VAL FB 112 -2.09 150.14 -74.17
CA VAL FB 112 -2.94 151.04 -73.40
C VAL FB 112 -2.23 151.39 -72.10
N ALA FB 113 -2.41 152.64 -71.67
CA ALA FB 113 -2.28 152.99 -70.26
C ALA FB 113 -3.70 153.11 -69.72
N ILE FB 114 -3.87 152.79 -68.43
CA ILE FB 114 -5.17 153.00 -67.79
C ILE FB 114 -4.97 153.41 -66.34
N GLY FB 115 -6.06 153.43 -65.59
CA GLY FB 115 -6.02 153.89 -64.22
C GLY FB 115 -6.86 153.01 -63.32
N VAL FB 116 -6.48 153.00 -62.04
CA VAL FB 116 -7.23 152.28 -61.03
C VAL FB 116 -8.29 153.19 -60.43
N SER FB 117 -9.24 152.58 -59.72
CA SER FB 117 -10.27 153.36 -59.05
C SER FB 117 -9.68 154.10 -57.86
N GLY FB 118 -10.08 155.36 -57.69
CA GLY FB 118 -9.75 156.07 -56.47
C GLY FB 118 -10.19 155.34 -55.22
N HIS FB 119 -11.28 154.59 -55.30
CA HIS FB 119 -11.72 153.74 -54.20
C HIS FB 119 -10.88 152.48 -54.07
N SER FB 120 -10.04 152.18 -55.05
CA SER FB 120 -9.25 150.96 -55.05
C SER FB 120 -7.79 151.19 -54.69
N VAL FB 121 -7.38 152.44 -54.50
CA VAL FB 121 -5.98 152.79 -54.27
C VAL FB 121 -5.87 153.58 -52.98
N ILE FB 122 -4.85 153.26 -52.19
CA ILE FB 122 -4.42 154.09 -51.07
C ILE FB 122 -3.24 154.93 -51.55
N ILE FB 123 -3.39 156.25 -51.51
CA ILE FB 123 -2.33 157.18 -51.84
C ILE FB 123 -1.98 157.93 -50.57
N LYS FB 124 -0.69 157.94 -50.23
CA LYS FB 124 -0.33 158.68 -49.02
C LYS FB 124 1.17 158.91 -48.97
N LYS FB 125 1.57 159.99 -48.28
CA LYS FB 125 2.99 160.34 -48.21
C LYS FB 125 3.72 159.46 -47.20
N ILE FB 126 5.05 159.37 -47.37
CA ILE FB 126 5.92 158.51 -46.57
C ILE FB 126 7.33 159.08 -46.48
N GLN FB 127 7.87 159.19 -45.25
CA GLN FB 127 9.22 159.72 -45.03
C GLN FB 127 10.18 158.59 -44.66
N MET FB 128 11.37 158.58 -45.31
CA MET FB 128 12.35 157.50 -45.18
C MET FB 128 13.79 158.04 -45.16
N PRO FB 129 14.83 157.19 -45.38
CA PRO FB 129 16.15 157.74 -45.70
C PRO FB 129 16.67 157.36 -47.08
N ARG FB 130 17.31 158.33 -47.74
CA ARG FB 130 17.83 158.13 -49.10
C ARG FB 130 18.94 157.10 -49.11
N MET FB 131 18.79 156.09 -49.97
CA MET FB 131 19.82 155.06 -50.12
C MET FB 131 19.77 154.38 -51.48
N SER FB 132 20.28 153.16 -51.55
CA SER FB 132 20.20 152.35 -52.75
C SER FB 132 18.74 152.01 -53.07
N GLN FB 133 18.44 151.79 -54.35
CA GLN FB 133 17.06 151.59 -54.77
C GLN FB 133 16.43 150.39 -54.05
N ASP FB 134 17.14 149.26 -53.99
CA ASP FB 134 16.57 148.09 -53.34
C ASP FB 134 16.22 148.38 -51.88
N GLU FB 135 17.14 149.01 -51.15
CA GLU FB 135 16.91 149.30 -49.74
C GLU FB 135 15.74 150.27 -49.56
N LEU FB 136 15.53 151.16 -50.53
CA LEU FB 136 14.39 152.05 -50.45
C LEU FB 136 13.09 151.33 -50.74
N GLU FB 137 13.09 150.44 -51.74
CA GLU FB 137 11.85 149.74 -52.07
C GLU FB 137 11.42 148.84 -50.91
N GLU FB 138 12.38 148.09 -50.35
CA GLU FB 138 12.04 147.25 -49.20
C GLU FB 138 11.63 148.09 -48.00
N SER FB 139 12.43 149.11 -47.66
CA SER FB 139 12.06 150.01 -46.56
C SER FB 139 10.67 150.62 -46.80
N ILE FB 140 10.36 150.94 -48.05
CA ILE FB 140 9.08 151.55 -48.42
C ILE FB 140 7.94 150.58 -48.14
N GLN FB 141 8.10 149.34 -48.61
CA GLN FB 141 7.13 148.29 -48.33
C GLN FB 141 6.93 148.14 -46.82
N TRP FB 142 8.03 148.15 -46.07
CA TRP FB 142 7.98 147.95 -44.63
C TRP FB 142 7.18 149.05 -43.95
N GLU FB 143 7.36 150.29 -44.38
CA GLU FB 143 6.62 151.39 -43.75
C GLU FB 143 5.17 151.40 -44.17
N ALA FB 144 4.89 151.07 -45.43
CA ALA FB 144 3.50 150.99 -45.87
C ALA FB 144 2.73 149.89 -45.16
N GLU FB 145 3.44 148.89 -44.62
CA GLU FB 145 2.78 147.66 -44.19
C GLU FB 145 1.65 147.92 -43.20
N GLN FB 146 1.90 148.75 -42.18
CA GLN FB 146 0.87 149.11 -41.21
C GLN FB 146 -0.26 149.96 -41.82
N TYR FB 147 -0.01 150.69 -42.92
CA TYR FB 147 -0.93 151.72 -43.40
C TYR FB 147 -1.93 151.14 -44.40
N ILE FB 148 -1.80 149.84 -44.66
CA ILE FB 148 -2.57 149.05 -45.62
C ILE FB 148 -3.42 148.07 -44.81
N PRO FB 149 -4.74 148.24 -44.78
CA PRO FB 149 -5.57 147.33 -43.98
C PRO FB 149 -5.75 145.95 -44.59
N PHE FB 150 -4.88 145.52 -45.49
CA PHE FB 150 -4.94 144.18 -46.05
C PHE FB 150 -3.56 143.54 -45.92
N ASP FB 151 -3.51 142.23 -46.09
CA ASP FB 151 -2.22 141.61 -46.30
C ASP FB 151 -1.60 142.16 -47.57
N VAL FB 152 -0.31 141.91 -47.73
CA VAL FB 152 0.34 142.17 -49.02
C VAL FB 152 0.50 140.80 -49.68
N LYS FB 153 -0.40 140.38 -50.59
CA LYS FB 153 -1.67 140.98 -51.07
C LYS FB 153 -1.83 142.50 -51.28
N ASP FB 154 -0.79 143.14 -51.82
CA ASP FB 154 -0.85 144.54 -52.26
C ASP FB 154 0.27 144.83 -53.26
N VAL FB 155 -0.09 145.52 -54.35
CA VAL FB 155 0.82 146.08 -55.35
C VAL FB 155 1.16 147.50 -54.91
N ASN FB 156 2.46 147.80 -54.86
CA ASN FB 156 2.99 149.01 -54.25
C ASN FB 156 3.88 149.73 -55.25
N ILE FB 157 3.80 151.07 -55.28
CA ILE FB 157 4.67 151.91 -56.12
C ILE FB 157 4.83 153.27 -55.45
N ASP FB 158 6.03 153.82 -55.54
CA ASP FB 158 6.26 155.12 -54.91
C ASP FB 158 6.84 156.09 -55.94
N THR FB 159 6.68 157.39 -55.68
CA THR FB 159 7.57 158.34 -56.34
C THR FB 159 7.95 159.42 -55.36
N GLN FB 160 9.10 160.04 -55.59
CA GLN FB 160 9.63 160.99 -54.63
C GLN FB 160 9.07 162.37 -54.88
N ILE FB 161 8.54 162.99 -53.82
CA ILE FB 161 7.93 164.32 -53.91
C ILE FB 161 8.96 165.40 -54.21
N LEU FB 162 10.24 165.12 -53.95
CA LEU FB 162 11.34 166.00 -54.33
C LEU FB 162 12.41 165.16 -55.01
N ASP FB 163 13.22 165.82 -55.83
CA ASP FB 163 14.24 165.12 -56.62
C ASP FB 163 15.26 164.45 -55.70
N GLY FB 164 15.46 163.15 -55.91
CA GLY FB 164 16.37 162.40 -55.06
C GLY FB 164 17.83 162.81 -55.23
N GLY FB 165 18.20 163.28 -56.42
CA GLY FB 165 19.56 163.73 -56.65
C GLY FB 165 19.93 164.98 -55.88
N GLY FB 166 18.96 165.70 -55.36
CA GLY FB 166 19.20 166.90 -54.59
C GLY FB 166 19.54 166.68 -53.13
N ASN FB 167 19.58 165.43 -52.67
CA ASN FB 167 19.89 165.12 -51.29
C ASN FB 167 20.83 163.92 -51.24
N ASP FB 168 21.57 163.82 -50.13
CA ASP FB 168 22.53 162.74 -49.96
C ASP FB 168 21.86 161.49 -49.42
N ALA FB 169 22.63 160.41 -49.40
CA ALA FB 169 22.19 159.18 -48.74
C ALA FB 169 21.88 159.47 -47.27
N THR FB 170 20.91 158.72 -46.74
CA THR FB 170 20.46 158.78 -45.34
C THR FB 170 19.62 160.01 -45.01
N GLY FB 171 19.61 161.02 -45.87
CA GLY FB 171 18.87 162.23 -45.55
C GLY FB 171 17.82 162.65 -46.56
N GLN FB 172 16.73 163.24 -46.08
CA GLN FB 172 15.68 163.87 -46.91
C GLN FB 172 15.09 162.92 -47.94
N MET FB 173 14.62 161.77 -47.46
CA MET FB 173 13.82 160.92 -48.32
C MET FB 173 12.35 161.18 -48.08
N ASP FB 174 11.63 161.29 -49.19
CA ASP FB 174 10.18 161.43 -49.15
C ASP FB 174 9.70 160.74 -50.41
N VAL FB 175 9.01 159.63 -50.24
CA VAL FB 175 8.29 159.02 -51.35
C VAL FB 175 6.82 159.10 -50.97
N LEU FB 176 5.95 159.07 -51.96
CA LEU FB 176 4.54 158.86 -51.71
C LEU FB 176 4.21 157.48 -52.29
N LEU FB 177 3.43 156.71 -51.54
CA LEU FB 177 3.08 155.35 -51.93
C LEU FB 177 1.66 155.29 -52.47
N VAL FB 178 1.54 154.59 -53.58
CA VAL FB 178 0.29 154.12 -54.16
C VAL FB 178 0.22 152.62 -53.93
N ALA FB 179 -0.90 152.18 -53.34
CA ALA FB 179 -1.05 150.81 -52.87
C ALA FB 179 -2.41 150.28 -53.30
N ALA FB 180 -2.46 149.00 -53.63
CA ALA FB 180 -3.66 148.44 -54.26
C ALA FB 180 -3.73 146.94 -54.05
N LYS FB 181 -4.95 146.40 -54.00
CA LYS FB 181 -5.10 144.95 -53.91
C LYS FB 181 -4.79 144.29 -55.26
N LYS FB 182 -4.23 143.08 -55.21
CA LYS FB 182 -4.03 142.31 -56.45
C LYS FB 182 -5.35 142.09 -57.16
N ASP FB 183 -6.41 141.80 -56.41
CA ASP FB 183 -7.67 141.44 -57.05
C ASP FB 183 -8.18 142.57 -57.93
N MET FB 184 -7.91 143.81 -57.54
CA MET FB 184 -8.28 144.94 -58.39
C MET FB 184 -7.43 144.98 -59.66
N ILE FB 185 -6.10 145.10 -59.49
CA ILE FB 185 -5.18 145.09 -60.63
C ILE FB 185 -5.47 143.92 -61.55
N ASN FB 186 -5.66 142.73 -60.98
CA ASN FB 186 -5.92 141.52 -61.76
C ASN FB 186 -7.23 141.60 -62.50
N ASP FB 187 -8.25 142.19 -61.87
CA ASP FB 187 -9.50 142.47 -62.58
C ASP FB 187 -9.24 143.35 -63.79
N TYR FB 188 -8.42 144.38 -63.63
CA TYR FB 188 -8.19 145.34 -64.70
C TYR FB 188 -7.37 144.72 -65.83
N THR FB 189 -6.23 144.09 -65.48
CA THR FB 189 -5.47 143.34 -66.48
C THR FB 189 -6.32 142.29 -67.16
N THR FB 190 -7.29 141.71 -66.44
CA THR FB 190 -8.23 140.83 -67.10
C THR FB 190 -8.99 141.55 -68.21
N VAL FB 191 -9.70 142.62 -67.85
CA VAL FB 191 -10.44 143.39 -68.84
C VAL FB 191 -9.54 143.75 -70.02
N VAL FB 192 -8.29 144.10 -69.75
CA VAL FB 192 -7.42 144.60 -70.80
C VAL FB 192 -6.97 143.46 -71.70
N SER FB 193 -6.41 142.40 -71.10
CA SER FB 193 -6.08 141.18 -71.82
C SER FB 193 -7.18 140.79 -72.79
N GLU FB 194 -8.45 140.94 -72.41
CA GLU FB 194 -9.49 140.40 -73.29
C GLU FB 194 -9.89 141.38 -74.38
N ALA FB 195 -9.81 142.70 -74.15
CA ALA FB 195 -10.03 143.65 -75.25
C ALA FB 195 -8.95 143.56 -76.33
N GLY FB 196 -8.02 142.63 -76.20
CA GLY FB 196 -6.87 142.59 -77.08
C GLY FB 196 -5.86 143.66 -76.81
N LEU FB 197 -5.95 144.33 -75.66
CA LEU FB 197 -5.05 145.41 -75.30
C LEU FB 197 -3.90 144.90 -74.45
N ALA FB 198 -2.79 145.63 -74.48
CA ALA FB 198 -1.64 145.32 -73.67
C ALA FB 198 -1.29 146.53 -72.81
N PRO FB 199 -1.36 146.43 -71.49
CA PRO FB 199 -1.06 147.58 -70.64
C PRO FB 199 0.44 147.75 -70.44
N VAL FB 200 0.87 149.01 -70.40
CA VAL FB 200 2.24 149.34 -70.02
C VAL FB 200 2.31 150.16 -68.74
N VAL FB 201 1.25 150.90 -68.42
CA VAL FB 201 1.21 151.77 -67.24
C VAL FB 201 -0.18 151.65 -66.61
N VAL FB 202 -0.21 151.37 -65.31
CA VAL FB 202 -1.44 151.42 -64.52
C VAL FB 202 -1.26 152.60 -63.57
N ASP FB 203 -1.81 153.73 -63.94
CA ASP FB 203 -1.57 155.00 -63.28
C ASP FB 203 -2.73 155.28 -62.32
N VAL FB 204 -2.70 156.43 -61.66
CA VAL FB 204 -3.75 156.82 -60.73
C VAL FB 204 -4.35 158.13 -61.19
N ASP FB 205 -5.65 158.32 -60.94
CA ASP FB 205 -6.39 159.36 -61.65
C ASP FB 205 -6.07 160.76 -61.14
N ALA FB 206 -5.82 160.89 -59.83
CA ALA FB 206 -5.61 162.22 -59.26
C ALA FB 206 -4.37 162.90 -59.85
N PHE FB 207 -3.43 162.13 -60.36
CA PHE FB 207 -2.20 162.66 -60.96
C PHE FB 207 -2.23 162.59 -62.48
N ALA FB 208 -2.91 161.58 -63.01
CA ALA FB 208 -3.09 161.50 -64.46
C ALA FB 208 -3.90 162.68 -64.97
N VAL FB 209 -4.85 163.16 -64.17
CA VAL FB 209 -5.67 164.30 -64.56
C VAL FB 209 -4.85 165.57 -64.67
N GLN FB 210 -3.64 165.58 -64.09
CA GLN FB 210 -2.81 166.78 -64.03
C GLN FB 210 -1.90 166.95 -65.24
N ASN FB 211 -1.64 165.87 -65.98
CA ASN FB 211 -0.65 165.92 -67.06
C ASN FB 211 -1.03 166.92 -68.15
N MET FB 212 -2.33 167.20 -68.28
CA MET FB 212 -2.82 168.18 -69.26
C MET FB 212 -2.53 169.59 -68.83
N PHE FB 213 -2.46 169.82 -67.53
CA PHE FB 213 -2.24 171.14 -66.99
C PHE FB 213 -0.80 171.31 -66.50
N SER FB 214 0.05 170.30 -66.68
CA SER FB 214 1.38 170.32 -66.06
C SER FB 214 2.26 171.44 -66.61
N VAL FB 215 2.19 171.71 -67.91
CA VAL FB 215 2.96 172.83 -68.46
C VAL FB 215 2.46 174.15 -67.88
N ASN FB 216 1.14 174.35 -67.91
CA ASN FB 216 0.54 175.60 -67.45
C ASN FB 216 0.79 175.80 -65.95
N TYR FB 217 0.88 174.71 -65.18
CA TYR FB 217 1.25 174.78 -63.78
C TYR FB 217 2.74 175.08 -63.63
N ASP FB 218 3.57 174.51 -64.49
CA ASP FB 218 5.00 174.76 -64.44
C ASP FB 218 5.32 176.20 -64.79
N VAL FB 219 4.36 176.92 -65.39
CA VAL FB 219 4.55 178.36 -65.61
C VAL FB 219 4.67 179.12 -64.29
N PRO FB 220 3.76 178.95 -63.28
CA PRO FB 220 4.05 179.54 -61.96
C PRO FB 220 4.69 178.56 -60.98
N GLU FB 221 6.00 178.71 -60.69
CA GLU FB 221 6.71 177.65 -59.99
C GLU FB 221 6.55 177.75 -58.47
N ARG FB 222 6.10 178.88 -57.94
CA ARG FB 222 5.90 179.02 -56.51
C ARG FB 222 4.44 179.26 -56.13
N GLU FB 223 3.51 179.16 -57.08
CA GLU FB 223 2.10 179.34 -56.78
C GLU FB 223 1.47 178.03 -56.33
N THR FB 224 0.67 178.11 -55.27
CA THR FB 224 -0.06 176.98 -54.73
C THR FB 224 -1.41 176.87 -55.43
N VAL FB 225 -1.64 175.75 -56.12
CA VAL FB 225 -2.84 175.54 -56.92
C VAL FB 225 -3.59 174.34 -56.38
N VAL FB 226 -4.92 174.41 -56.37
CA VAL FB 226 -5.71 173.22 -56.08
C VAL FB 226 -6.32 172.72 -57.38
N LEU FB 227 -6.49 171.40 -57.46
CA LEU FB 227 -7.14 170.75 -58.58
C LEU FB 227 -8.15 169.76 -58.03
N ILE FB 228 -9.43 170.01 -58.32
CA ILE FB 228 -10.51 169.13 -57.93
C ILE FB 228 -10.94 168.35 -59.15
N ASN FB 229 -11.02 167.03 -59.03
CA ASN FB 229 -11.67 166.19 -60.03
C ASN FB 229 -12.90 165.61 -59.34
N ALA FB 230 -14.06 166.19 -59.65
CA ALA FB 230 -15.34 165.70 -59.17
C ALA FB 230 -15.86 164.65 -60.14
N GLY FB 231 -15.72 163.39 -59.79
CA GLY FB 231 -16.17 162.29 -60.61
C GLY FB 231 -17.54 161.79 -60.19
N ALA FB 232 -17.88 160.59 -60.66
CA ALA FB 232 -19.14 159.96 -60.27
C ALA FB 232 -19.00 159.06 -59.05
N SER FB 233 -17.81 158.51 -58.80
CA SER FB 233 -17.57 157.65 -57.66
C SER FB 233 -16.80 158.32 -56.53
N VAL FB 234 -16.08 159.40 -56.81
CA VAL FB 234 -15.14 159.97 -55.87
C VAL FB 234 -14.83 161.39 -56.33
N VAL FB 235 -14.42 162.24 -55.40
CA VAL FB 235 -13.88 163.55 -55.72
C VAL FB 235 -12.45 163.60 -55.20
N ASN FB 236 -11.50 163.86 -56.09
CA ASN FB 236 -10.13 164.01 -55.62
C ASN FB 236 -9.75 165.48 -55.54
N ILE FB 237 -8.96 165.77 -54.52
CA ILE FB 237 -8.26 167.03 -54.35
C ILE FB 237 -6.77 166.71 -54.43
N ASN FB 238 -6.08 167.32 -55.36
CA ASN FB 238 -4.63 167.38 -55.22
C ASN FB 238 -4.23 168.84 -55.26
N ILE FB 239 -3.32 169.22 -54.37
CA ILE FB 239 -2.84 170.59 -54.26
C ILE FB 239 -1.32 170.59 -54.38
N ILE FB 240 -0.82 171.58 -55.15
CA ILE FB 240 0.53 171.61 -55.69
C ILE FB 240 1.18 172.96 -55.45
N SER FB 241 2.51 172.96 -55.44
CA SER FB 241 3.31 174.14 -55.74
C SER FB 241 3.97 173.90 -57.08
N ASN FB 242 3.56 174.68 -58.09
CA ASN FB 242 3.96 174.47 -59.50
C ASN FB 242 3.23 173.22 -59.98
N GLY FB 243 3.90 172.32 -60.71
CA GLY FB 243 3.40 171.00 -60.97
C GLY FB 243 4.11 170.01 -60.08
N ALA FB 244 4.31 170.40 -58.83
CA ALA FB 244 4.86 169.53 -57.80
C ALA FB 244 3.76 169.26 -56.78
N THR FB 245 3.18 168.07 -56.85
CA THR FB 245 2.13 167.73 -55.91
C THR FB 245 2.64 167.86 -54.48
N VAL FB 246 1.85 168.55 -53.65
CA VAL FB 246 2.09 168.61 -52.23
C VAL FB 246 1.23 167.60 -51.49
N PHE FB 247 -0.01 167.41 -51.91
CA PHE FB 247 -0.78 166.32 -51.31
C PHE FB 247 -2.02 166.01 -52.14
N THR FB 248 -2.66 164.88 -51.79
CA THR FB 248 -3.91 164.42 -52.39
C THR FB 248 -4.82 163.88 -51.30
N ARG FB 249 -6.13 163.99 -51.52
CA ARG FB 249 -7.14 163.51 -50.60
C ARG FB 249 -8.37 163.14 -51.43
N ASP FB 250 -8.98 162.00 -51.10
CA ASP FB 250 -10.09 161.47 -51.88
C ASP FB 250 -11.33 161.40 -51.01
N VAL FB 251 -12.42 161.96 -51.52
CA VAL FB 251 -13.67 162.10 -50.79
C VAL FB 251 -14.72 161.21 -51.43
N THR FB 252 -15.41 160.42 -50.59
CA THR FB 252 -16.40 159.47 -51.09
C THR FB 252 -17.51 160.17 -51.86
N ILE FB 253 -17.77 161.44 -51.55
CA ILE FB 253 -18.88 162.16 -52.14
C ILE FB 253 -18.56 162.46 -53.60
N GLY FB 254 -19.60 162.45 -54.43
CA GLY FB 254 -19.43 162.70 -55.85
C GLY FB 254 -20.77 162.94 -56.51
N GLY FB 255 -20.77 162.88 -57.84
CA GLY FB 255 -21.99 163.17 -58.59
C GLY FB 255 -23.07 162.10 -58.39
N ASN FB 256 -22.65 160.86 -58.12
CA ASN FB 256 -23.61 159.82 -57.78
C ASN FB 256 -24.50 160.25 -56.63
N GLN FB 257 -23.95 161.00 -55.67
CA GLN FB 257 -24.76 161.44 -54.53
C GLN FB 257 -25.82 162.45 -54.96
N PHE FB 258 -25.48 163.38 -55.86
CA PHE FB 258 -26.47 164.30 -56.39
C PHE FB 258 -27.58 163.54 -57.10
N THR FB 259 -27.20 162.66 -58.04
CA THR FB 259 -28.20 161.88 -58.76
C THR FB 259 -29.08 161.08 -57.80
N GLU FB 260 -28.46 160.50 -56.75
CA GLU FB 260 -29.20 159.66 -55.82
C GLU FB 260 -30.17 160.47 -54.96
N GLU FB 261 -29.81 161.72 -54.64
CA GLU FB 261 -30.78 162.55 -53.92
C GLU FB 261 -31.95 162.93 -54.82
N ILE FB 262 -31.65 163.29 -56.08
CA ILE FB 262 -32.73 163.55 -57.04
C ILE FB 262 -33.64 162.33 -57.15
N GLN FB 263 -33.05 161.14 -57.22
CA GLN FB 263 -33.83 159.92 -57.33
C GLN FB 263 -34.68 159.68 -56.09
N LYS FB 264 -34.10 159.88 -54.90
CA LYS FB 264 -34.85 159.72 -53.66
C LYS FB 264 -36.07 160.63 -53.61
N GLN FB 265 -35.90 161.90 -53.95
CA GLN FB 265 -36.95 162.88 -53.71
C GLN FB 265 -38.05 162.88 -54.76
N LEU FB 266 -37.96 162.02 -55.78
CA LEU FB 266 -38.96 162.00 -56.83
C LEU FB 266 -39.18 160.58 -57.34
N ASN FB 267 -38.90 159.57 -56.48
CA ASN FB 267 -38.85 158.14 -56.80
C ASN FB 267 -38.65 157.88 -58.29
N VAL FB 268 -37.49 158.29 -58.79
CA VAL FB 268 -37.08 158.21 -60.18
C VAL FB 268 -36.06 157.10 -60.32
N SER FB 269 -35.86 156.59 -61.54
CA SER FB 269 -34.76 155.66 -61.78
C SER FB 269 -33.43 156.43 -61.80
N TYR FB 270 -32.30 155.72 -61.71
CA TYR FB 270 -31.02 156.44 -61.66
C TYR FB 270 -30.79 157.24 -62.93
N GLU FB 271 -31.09 156.67 -64.09
CA GLU FB 271 -30.76 157.35 -65.36
C GLU FB 271 -31.62 158.60 -65.56
N GLU FB 272 -32.91 158.50 -65.28
CA GLU FB 272 -33.79 159.66 -65.44
C GLU FB 272 -33.45 160.75 -64.42
N ALA FB 273 -33.10 160.36 -63.19
CA ALA FB 273 -32.65 161.34 -62.21
C ALA FB 273 -31.34 161.98 -62.67
N GLU FB 274 -30.50 161.22 -63.37
CA GLU FB 274 -29.27 161.77 -63.92
C GLU FB 274 -29.56 162.80 -65.01
N ALA FB 275 -30.47 162.48 -65.92
CA ALA FB 275 -30.85 163.44 -66.96
C ALA FB 275 -31.45 164.69 -66.33
N LEU FB 276 -32.34 164.51 -65.36
CA LEU FB 276 -32.92 165.65 -64.67
C LEU FB 276 -31.83 166.51 -64.04
N LYS FB 277 -30.79 165.87 -63.51
CA LYS FB 277 -29.64 166.62 -63.03
C LYS FB 277 -29.01 167.44 -64.16
N ILE FB 278 -28.52 166.76 -65.20
CA ILE FB 278 -27.86 167.38 -66.34
C ILE FB 278 -28.72 168.49 -66.94
N GLY FB 279 -29.70 168.13 -67.77
CA GLY FB 279 -30.48 169.14 -68.46
C GLY FB 279 -31.43 169.89 -67.55
N GLY FB 280 -31.98 169.21 -66.54
CA GLY FB 280 -32.77 169.89 -65.54
C GLY FB 280 -32.09 171.10 -64.94
N ASN FB 281 -30.81 170.98 -64.60
CA ASN FB 281 -30.14 172.02 -63.83
C ASN FB 281 -29.56 173.16 -64.67
N GLY FB 282 -29.44 173.01 -65.98
CA GLY FB 282 -28.73 174.00 -66.78
C GLY FB 282 -29.44 174.64 -67.96
N ALA FB 283 -30.65 174.20 -68.29
CA ALA FB 283 -31.34 174.73 -69.46
C ALA FB 283 -31.71 176.20 -69.25
N ASP FB 284 -31.86 176.93 -70.37
CA ASP FB 284 -32.35 178.29 -70.26
C ASP FB 284 -33.79 178.33 -69.79
N ALA FB 285 -34.54 177.26 -70.02
CA ALA FB 285 -35.93 177.14 -69.60
C ALA FB 285 -36.09 176.55 -68.21
N ASP FB 286 -35.01 176.41 -67.44
CA ASP FB 286 -35.04 175.65 -66.19
C ASP FB 286 -35.51 176.48 -64.99
N ALA FB 287 -36.18 177.61 -65.20
CA ALA FB 287 -36.45 178.54 -64.12
C ALA FB 287 -37.33 177.95 -63.02
N VAL FB 288 -38.12 176.91 -63.34
CA VAL FB 288 -39.09 176.40 -62.35
C VAL FB 288 -38.51 175.22 -61.58
N VAL FB 289 -37.46 174.62 -62.14
CA VAL FB 289 -36.87 173.37 -61.68
C VAL FB 289 -35.66 173.57 -60.76
N PRO FB 290 -35.11 174.78 -60.51
CA PRO FB 290 -34.00 174.81 -59.55
C PRO FB 290 -34.50 174.94 -58.13
N GLN FB 291 -35.80 175.21 -57.98
CA GLN FB 291 -36.44 175.03 -56.68
C GLN FB 291 -36.64 173.55 -56.39
N ASP FB 292 -37.31 172.85 -57.30
CA ASP FB 292 -37.62 171.44 -57.09
C ASP FB 292 -36.34 170.62 -56.99
N VAL FB 293 -35.35 170.92 -57.82
CA VAL FB 293 -34.10 170.18 -57.81
C VAL FB 293 -33.18 170.70 -56.72
N GLU FB 294 -32.93 172.02 -56.72
CA GLU FB 294 -31.98 172.58 -55.77
C GLU FB 294 -32.35 172.20 -54.35
N ARG FB 295 -33.65 172.21 -54.02
CA ARG FB 295 -34.06 171.76 -52.70
C ARG FB 295 -33.71 170.29 -52.47
N VAL FB 296 -33.66 169.52 -53.55
CA VAL FB 296 -33.28 168.11 -53.44
C VAL FB 296 -31.79 167.97 -53.21
N LEU FB 297 -30.98 168.74 -53.94
CA LEU FB 297 -29.52 168.64 -53.95
C LEU FB 297 -28.85 169.52 -52.91
N SER FB 298 -29.62 170.27 -52.11
CA SER FB 298 -29.02 171.28 -51.26
C SER FB 298 -28.21 170.64 -50.14
N SER FB 299 -28.72 169.54 -49.57
CA SER FB 299 -27.95 168.84 -48.54
C SER FB 299 -26.63 168.32 -49.10
N VAL FB 300 -26.61 167.85 -50.35
CA VAL FB 300 -25.36 167.40 -50.95
C VAL FB 300 -24.43 168.59 -51.18
N ALA FB 301 -24.95 169.71 -51.68
CA ALA FB 301 -24.10 170.89 -51.85
C ALA FB 301 -23.46 171.29 -50.53
N GLU FB 302 -24.24 171.31 -49.45
CA GLU FB 302 -23.73 171.63 -48.13
C GLU FB 302 -22.64 170.65 -47.71
N GLN FB 303 -22.92 169.34 -47.84
CA GLN FB 303 -21.96 168.34 -47.37
C GLN FB 303 -20.69 168.32 -48.20
N VAL FB 304 -20.79 168.53 -49.51
CA VAL FB 304 -19.59 168.68 -50.33
C VAL FB 304 -18.79 169.88 -49.88
N ALA FB 305 -19.43 171.04 -49.73
CA ALA FB 305 -18.72 172.25 -49.28
C ALA FB 305 -18.02 172.03 -47.95
N GLY FB 306 -18.70 171.35 -47.01
CA GLY FB 306 -18.09 171.11 -45.71
C GLY FB 306 -16.92 170.14 -45.79
N GLU FB 307 -17.02 169.13 -46.67
CA GLU FB 307 -15.95 168.17 -46.80
C GLU FB 307 -14.72 168.79 -47.47
N ILE FB 308 -14.94 169.69 -48.44
CA ILE FB 308 -13.83 170.39 -49.09
C ILE FB 308 -13.18 171.39 -48.14
N GLN FB 309 -13.99 172.18 -47.43
CA GLN FB 309 -13.47 173.05 -46.37
C GLN FB 309 -12.63 172.25 -45.38
N ARG FB 310 -13.14 171.11 -44.94
CA ARG FB 310 -12.42 170.26 -43.99
C ARG FB 310 -11.08 169.81 -44.56
N SER FB 311 -11.07 169.33 -45.80
CA SER FB 311 -9.81 168.89 -46.40
C SER FB 311 -8.80 170.03 -46.47
N LEU FB 312 -9.25 171.19 -46.96
CA LEU FB 312 -8.36 172.36 -47.06
C LEU FB 312 -7.81 172.76 -45.70
N ASP FB 313 -8.65 172.72 -44.66
CA ASP FB 313 -8.18 173.07 -43.32
C ASP FB 313 -7.19 172.05 -42.80
N PHE FB 314 -7.34 170.79 -43.19
CA PHE FB 314 -6.42 169.77 -42.71
C PHE FB 314 -5.08 169.86 -43.39
N TYR FB 315 -5.03 170.47 -44.58
CA TYR FB 315 -3.73 170.74 -45.18
C TYR FB 315 -3.00 171.87 -44.47
N ALA FB 316 -3.73 172.92 -44.10
CA ALA FB 316 -3.18 174.28 -44.06
C ALA FB 316 -2.35 174.57 -42.80
N GLY FB 317 -1.20 173.90 -42.65
CA GLY FB 317 -0.58 173.83 -41.35
C GLY FB 317 0.75 174.51 -41.12
N THR FB 318 1.53 174.76 -42.17
CA THR FB 318 2.80 175.47 -42.08
C THR FB 318 2.69 176.94 -42.42
N ALA FB 319 1.83 177.30 -43.38
CA ALA FB 319 1.52 178.69 -43.72
C ALA FB 319 0.28 179.09 -42.94
N ALA FB 320 0.37 178.98 -41.59
CA ALA FB 320 -0.57 179.61 -40.68
C ALA FB 320 -1.33 180.75 -41.31
N ASP FB 321 -0.58 181.69 -41.86
CA ASP FB 321 -0.93 183.09 -41.96
C ASP FB 321 -1.45 183.47 -43.32
N SER FB 322 -1.41 182.55 -44.26
CA SER FB 322 -1.53 182.88 -45.66
C SER FB 322 -2.95 182.63 -46.14
N ASN FB 323 -3.15 182.83 -47.44
CA ASN FB 323 -4.41 182.52 -48.09
C ASN FB 323 -4.14 181.61 -49.28
N PHE FB 324 -5.19 181.32 -50.02
CA PHE FB 324 -5.03 180.48 -51.20
C PHE FB 324 -4.66 181.33 -52.41
N SER FB 325 -4.52 180.67 -53.55
CA SER FB 325 -4.34 181.33 -54.84
C SER FB 325 -5.43 180.91 -55.81
N LYS FB 326 -5.16 179.93 -56.67
CA LYS FB 326 -6.10 179.58 -57.73
C LYS FB 326 -6.17 178.07 -57.92
N VAL FB 327 -7.27 177.63 -58.57
CA VAL FB 327 -7.63 176.22 -58.62
C VAL FB 327 -8.44 175.92 -59.88
N TYR FB 328 -8.45 174.64 -60.28
CA TYR FB 328 -9.20 174.19 -61.44
C TYR FB 328 -10.13 173.03 -61.11
N LEU FB 329 -11.07 172.77 -62.02
CA LEU FB 329 -12.04 171.68 -61.88
C LEU FB 329 -11.98 170.75 -63.08
N SER FB 330 -12.17 169.47 -62.81
CA SER FB 330 -12.20 168.39 -63.78
C SER FB 330 -13.27 167.39 -63.35
N GLY FB 331 -13.64 166.50 -64.25
CA GLY FB 331 -14.73 165.59 -63.88
C GLY FB 331 -16.09 166.17 -64.22
N GLY FB 332 -17.00 165.29 -64.63
CA GLY FB 332 -18.31 165.73 -65.05
C GLY FB 332 -19.17 166.26 -63.92
N THR FB 333 -18.93 165.77 -62.70
CA THR FB 333 -19.67 166.28 -61.54
C THR FB 333 -19.42 167.77 -61.34
N ALA FB 334 -18.27 168.28 -61.76
CA ALA FB 334 -18.01 169.70 -61.77
C ALA FB 334 -19.06 170.48 -62.54
N LYS FB 335 -19.52 169.95 -63.66
CA LYS FB 335 -20.36 170.67 -64.60
C LYS FB 335 -21.74 170.99 -64.07
N ILE FB 336 -22.02 170.67 -62.81
CA ILE FB 336 -23.26 171.08 -62.17
C ILE FB 336 -23.38 172.59 -62.34
N PRO FB 337 -24.49 173.08 -62.89
CA PRO FB 337 -24.63 174.52 -63.13
C PRO FB 337 -24.42 175.33 -61.86
N ALA FB 338 -23.55 176.33 -61.97
CA ALA FB 338 -23.22 177.30 -60.93
C ALA FB 338 -22.30 176.76 -59.85
N LEU FB 339 -22.02 175.45 -59.86
CA LEU FB 339 -21.22 174.84 -58.80
C LEU FB 339 -19.85 175.50 -58.68
N PHE FB 340 -19.33 176.04 -59.77
CA PHE FB 340 -18.01 176.66 -59.74
C PHE FB 340 -18.05 177.97 -58.95
N LYS FB 341 -19.08 178.78 -59.18
CA LYS FB 341 -19.25 180.00 -58.41
C LYS FB 341 -19.48 179.68 -56.94
N THR FB 342 -20.26 178.63 -56.66
CA THR FB 342 -20.52 178.24 -55.29
C THR FB 342 -19.23 177.84 -54.57
N ILE FB 343 -18.45 176.96 -55.19
CA ILE FB 343 -17.19 176.53 -54.58
C ILE FB 343 -16.25 177.72 -54.45
N GLU FB 344 -16.27 178.63 -55.42
CA GLU FB 344 -15.40 179.81 -55.37
C GLU FB 344 -15.72 180.67 -54.15
N ALA FB 345 -17.01 180.97 -53.94
CA ALA FB 345 -17.39 181.82 -52.82
C ALA FB 345 -17.27 181.09 -51.49
N ARG FB 346 -17.48 179.77 -51.49
CA ARG FB 346 -17.54 179.01 -50.25
C ARG FB 346 -16.17 178.59 -49.73
N THR FB 347 -15.21 178.31 -50.62
CA THR FB 347 -13.89 177.88 -50.19
C THR FB 347 -12.88 179.02 -50.13
N GLY FB 348 -13.25 180.21 -50.58
CA GLY FB 348 -12.31 181.32 -50.61
C GLY FB 348 -11.20 181.11 -51.63
N VAL FB 349 -11.49 180.40 -52.70
CA VAL FB 349 -10.48 180.20 -53.74
C VAL FB 349 -11.14 180.35 -55.10
N PRO FB 350 -10.53 181.07 -56.04
CA PRO FB 350 -11.03 181.07 -57.42
C PRO FB 350 -10.91 179.71 -58.09
N VAL FB 351 -12.06 179.07 -58.27
CA VAL FB 351 -12.19 177.74 -58.85
C VAL FB 351 -12.66 177.88 -60.30
N GLU FB 352 -11.86 177.40 -61.25
CA GLU FB 352 -12.19 177.57 -62.65
C GLU FB 352 -12.15 176.27 -63.42
N ILE FB 353 -13.12 176.09 -64.31
CA ILE FB 353 -12.99 175.06 -65.33
C ILE FB 353 -11.74 175.32 -66.15
N LEU FB 354 -11.20 174.26 -66.74
CA LEU FB 354 -10.03 174.40 -67.58
C LEU FB 354 -10.14 173.43 -68.74
N ASN FB 355 -9.58 173.84 -69.87
CA ASN FB 355 -9.58 173.02 -71.08
C ASN FB 355 -8.30 172.19 -71.10
N PRO FB 356 -8.35 170.89 -70.82
CA PRO FB 356 -7.14 170.08 -71.00
C PRO FB 356 -6.61 170.12 -72.42
N PHE FB 357 -7.48 170.04 -73.43
CA PHE FB 357 -7.03 169.81 -74.80
C PHE FB 357 -6.04 170.86 -75.33
N ARG FB 358 -5.76 171.92 -74.56
CA ARG FB 358 -4.79 172.92 -75.00
C ARG FB 358 -3.36 172.37 -75.03
N LYS FB 359 -3.12 171.24 -74.36
CA LYS FB 359 -1.81 170.59 -74.34
C LYS FB 359 -1.52 169.78 -75.60
N ILE FB 360 -2.51 169.59 -76.47
CA ILE FB 360 -2.37 168.75 -77.64
C ILE FB 360 -2.85 169.51 -78.87
N GLU FB 361 -2.26 169.21 -80.01
CA GLU FB 361 -2.69 169.81 -81.26
C GLU FB 361 -4.03 169.21 -81.68
N VAL FB 362 -4.94 170.07 -82.13
CA VAL FB 362 -6.29 169.67 -82.51
C VAL FB 362 -6.56 170.20 -83.91
N ASP FB 363 -6.76 169.28 -84.85
CA ASP FB 363 -7.07 169.65 -86.23
C ASP FB 363 -8.53 170.11 -86.29
N ASN FB 364 -8.74 171.38 -86.65
CA ASN FB 364 -10.09 171.93 -86.67
C ASN FB 364 -10.98 171.28 -87.72
N ARG FB 365 -10.37 170.60 -88.70
CA ARG FB 365 -11.16 169.92 -89.71
C ARG FB 365 -11.70 168.57 -89.24
N LYS FB 366 -11.17 168.04 -88.13
CA LYS FB 366 -11.63 166.77 -87.59
C LYS FB 366 -12.35 166.92 -86.26
N PHE FB 367 -12.16 168.04 -85.57
CA PHE FB 367 -12.81 168.34 -84.31
C PHE FB 367 -13.04 169.85 -84.23
N ASP FB 368 -14.23 170.23 -83.77
CA ASP FB 368 -14.54 171.64 -83.57
C ASP FB 368 -14.25 172.00 -82.12
N PRO FB 369 -13.53 173.10 -81.84
CA PRO FB 369 -13.13 173.35 -80.44
C PRO FB 369 -14.28 173.49 -79.45
N ALA FB 370 -15.49 173.86 -79.91
CA ALA FB 370 -16.55 174.14 -78.95
C ALA FB 370 -16.91 172.91 -78.12
N PHE FB 371 -17.30 171.81 -78.76
CA PHE FB 371 -17.66 170.60 -78.01
C PHE FB 371 -16.45 170.06 -77.25
N VAL FB 372 -15.34 169.85 -77.95
CA VAL FB 372 -14.08 169.46 -77.31
C VAL FB 372 -13.93 170.17 -75.97
N MET FB 373 -14.18 171.48 -75.96
CA MET FB 373 -14.29 172.22 -74.71
C MET FB 373 -15.41 171.68 -73.84
N ASP FB 374 -16.54 171.31 -74.45
CA ASP FB 374 -17.72 170.91 -73.69
C ASP FB 374 -17.48 169.66 -72.86
N VAL FB 375 -16.79 168.65 -73.43
CA VAL FB 375 -16.47 167.42 -72.70
C VAL FB 375 -15.05 167.44 -72.13
N ALA FB 376 -14.35 168.58 -72.19
CA ALA FB 376 -13.04 168.65 -71.55
C ALA FB 376 -13.03 168.13 -70.10
N PRO FB 377 -13.94 168.53 -69.20
CA PRO FB 377 -13.86 168.04 -67.81
C PRO FB 377 -13.96 166.53 -67.67
N MET FB 378 -14.91 165.89 -68.35
CA MET FB 378 -14.98 164.43 -68.32
C MET FB 378 -13.70 163.80 -68.85
N ALA FB 379 -13.11 164.39 -69.88
CA ALA FB 379 -12.03 163.76 -70.62
C ALA FB 379 -10.64 164.09 -70.08
N ALA FB 380 -10.53 164.93 -69.04
CA ALA FB 380 -9.21 165.34 -68.58
C ALA FB 380 -8.30 164.15 -68.30
N VAL FB 381 -8.78 163.16 -67.55
CA VAL FB 381 -7.94 162.00 -67.25
C VAL FB 381 -7.71 161.18 -68.53
N ALA FB 382 -8.78 161.04 -69.33
CA ALA FB 382 -8.85 160.33 -70.61
C ALA FB 382 -7.82 160.80 -71.61
N VAL FB 383 -7.39 162.04 -71.50
CA VAL FB 383 -6.21 162.46 -72.22
C VAL FB 383 -5.01 162.53 -71.27
N GLY FB 384 -5.23 162.30 -69.98
CA GLY FB 384 -4.14 162.30 -69.02
C GLY FB 384 -3.17 161.15 -69.22
N LEU FB 385 -3.58 159.94 -68.81
CA LEU FB 385 -2.66 158.83 -69.06
C LEU FB 385 -2.39 158.69 -70.56
N ALA FB 386 -3.06 159.51 -71.37
CA ALA FB 386 -2.87 159.57 -72.81
C ALA FB 386 -1.61 160.30 -73.19
N LEU FB 387 -1.32 161.44 -72.58
CA LEU FB 387 0.03 161.94 -72.77
C LEU FB 387 1.04 161.04 -72.06
N ARG FB 388 0.61 160.29 -71.05
CA ARG FB 388 1.49 159.28 -70.49
C ARG FB 388 1.88 158.22 -71.53
N ARG FB 389 1.03 157.99 -72.53
CA ARG FB 389 1.29 156.84 -73.41
C ARG FB 389 2.23 157.10 -74.61
N PRO FB 390 2.47 158.34 -75.06
CA PRO FB 390 3.57 158.53 -76.00
C PRO FB 390 4.76 159.13 -75.30
N GLY FB 391 4.83 158.94 -73.99
CA GLY FB 391 5.92 159.47 -73.20
C GLY FB 391 7.22 158.77 -73.55
N MET GB 1 -20.61 147.22 -97.82
CA MET GB 1 -21.76 146.42 -97.43
C MET GB 1 -21.34 145.06 -96.88
N MET GB 2 -22.04 144.60 -95.85
CA MET GB 2 -21.71 143.35 -95.18
C MET GB 2 -22.56 142.21 -95.71
N ILE GB 3 -21.91 141.13 -96.12
CA ILE GB 3 -22.60 139.95 -96.66
C ILE GB 3 -22.27 138.77 -95.74
N ARG GB 4 -23.27 138.34 -94.96
CA ARG GB 4 -23.10 137.30 -93.96
C ARG GB 4 -23.94 136.08 -94.29
N ILE GB 5 -23.49 134.93 -93.80
CA ILE GB 5 -24.18 133.67 -94.08
C ILE GB 5 -23.98 132.67 -92.95
N ASN GB 6 -24.91 132.64 -92.00
CA ASN GB 6 -24.92 131.69 -90.92
C ASN GB 6 -25.29 130.28 -91.35
N LEU GB 7 -25.40 130.01 -92.65
CA LEU GB 7 -25.67 128.65 -93.06
C LEU GB 7 -24.49 127.76 -92.69
N LEU GB 8 -24.76 126.83 -91.76
CA LEU GB 8 -23.94 125.85 -91.05
C LEU GB 8 -22.55 125.59 -91.58
N PRO GB 9 -21.50 126.09 -90.90
CA PRO GB 9 -20.18 125.50 -91.06
C PRO GB 9 -19.72 124.68 -89.82
N VAL GB 10 -19.02 125.32 -88.87
CA VAL GB 10 -18.09 124.69 -87.89
C VAL GB 10 -18.56 123.58 -86.95
N ARG GB 11 -19.69 123.71 -86.26
CA ARG GB 11 -19.94 122.73 -85.21
C ARG GB 11 -20.35 121.40 -85.79
N ALA GB 12 -21.25 121.40 -86.78
CA ALA GB 12 -21.53 120.19 -87.54
C ALA GB 12 -20.25 119.63 -88.14
N VAL GB 13 -19.40 120.48 -88.72
CA VAL GB 13 -18.17 120.00 -89.35
C VAL GB 13 -17.30 119.27 -88.33
N LYS GB 14 -17.16 119.86 -87.14
CA LYS GB 14 -16.37 119.23 -86.09
C LYS GB 14 -16.99 117.91 -85.68
N LYS GB 15 -18.33 117.83 -85.72
CA LYS GB 15 -19.02 116.61 -85.30
C LYS GB 15 -18.94 115.53 -86.39
N ARG GB 16 -18.98 115.94 -87.66
CA ARG GB 16 -18.80 115.01 -88.76
C ARG GB 16 -17.38 114.46 -88.76
N GLU GB 17 -16.42 115.30 -88.37
CA GLU GB 17 -15.04 114.84 -88.27
C GLU GB 17 -14.86 113.87 -87.11
N MET GB 18 -15.30 114.26 -85.90
CA MET GB 18 -15.26 113.33 -84.77
C MET GB 18 -15.98 112.03 -85.10
N GLY GB 19 -17.13 112.13 -85.78
CA GLY GB 19 -17.82 110.95 -86.24
C GLY GB 19 -16.97 110.08 -87.14
N ARG GB 20 -16.17 110.71 -88.01
CA ARG GB 20 -15.27 109.91 -88.84
C ARG GB 20 -14.21 109.21 -88.00
N GLN GB 21 -13.56 109.97 -87.10
CA GLN GB 21 -12.42 109.43 -86.36
C GLN GB 21 -12.83 108.27 -85.47
N VAL GB 22 -13.96 108.41 -84.77
CA VAL GB 22 -14.42 107.31 -83.91
C VAL GB 22 -14.60 106.04 -84.71
N LEU GB 23 -15.13 106.15 -85.93
CA LEU GB 23 -15.34 104.98 -86.77
C LEU GB 23 -14.03 104.39 -87.28
N VAL GB 24 -13.06 105.23 -87.65
CA VAL GB 24 -11.75 104.69 -88.02
C VAL GB 24 -11.15 103.91 -86.86
N LEU GB 25 -11.25 104.44 -85.64
CA LEU GB 25 -10.73 103.73 -84.48
C LEU GB 25 -11.42 102.37 -84.30
N PHE GB 26 -12.75 102.36 -84.41
CA PHE GB 26 -13.48 101.10 -84.42
C PHE GB 26 -12.89 100.13 -85.44
N ALA GB 27 -12.70 100.61 -86.68
CA ALA GB 27 -12.20 99.74 -87.74
C ALA GB 27 -10.83 99.16 -87.38
N VAL GB 28 -9.92 100.00 -86.86
CA VAL GB 28 -8.58 99.53 -86.53
C VAL GB 28 -8.63 98.47 -85.44
N VAL GB 29 -9.37 98.74 -84.36
CA VAL GB 29 -9.50 97.76 -83.28
C VAL GB 29 -10.04 96.43 -83.82
N LEU GB 30 -11.07 96.50 -84.67
CA LEU GB 30 -11.69 95.27 -85.15
C LEU GB 30 -10.79 94.52 -86.14
N ILE GB 31 -9.94 95.22 -86.88
CA ILE GB 31 -8.98 94.52 -87.73
C ILE GB 31 -7.92 93.82 -86.88
N GLY GB 32 -7.43 94.49 -85.84
CA GLY GB 32 -6.49 93.83 -84.93
C GLY GB 32 -7.07 92.59 -84.28
N ALA GB 33 -8.24 92.75 -83.64
CA ALA GB 33 -8.93 91.60 -83.05
C ALA GB 33 -9.14 90.50 -84.07
N GLY GB 34 -9.50 90.87 -85.30
CA GLY GB 34 -9.54 89.90 -86.39
C GLY GB 34 -8.26 89.10 -86.48
N VAL GB 35 -7.13 89.79 -86.64
CA VAL GB 35 -5.83 89.13 -86.81
C VAL GB 35 -5.53 88.20 -85.64
N ALA GB 36 -5.88 88.61 -84.42
CA ALA GB 36 -5.75 87.71 -83.28
C ALA GB 36 -6.56 86.42 -83.48
N ASN GB 37 -7.86 86.58 -83.77
CA ASN GB 37 -8.73 85.42 -83.99
C ASN GB 37 -8.14 84.47 -85.04
N TYR GB 38 -7.67 85.04 -86.15
CA TYR GB 38 -6.85 84.28 -87.08
C TYR GB 38 -5.73 83.56 -86.35
N LEU GB 39 -4.56 84.19 -86.22
CA LEU GB 39 -3.38 83.53 -85.64
C LEU GB 39 -3.75 82.40 -84.67
N TRP GB 40 -4.74 82.64 -83.79
CA TRP GB 40 -5.29 81.57 -82.96
C TRP GB 40 -5.77 80.39 -83.81
N TYR GB 41 -6.58 80.65 -84.85
CA TYR GB 41 -7.09 79.56 -85.68
C TYR GB 41 -5.97 78.68 -86.21
N ASP GB 42 -4.81 79.27 -86.52
CA ASP GB 42 -3.70 78.54 -87.10
C ASP GB 42 -3.01 77.66 -86.07
N ASP GB 43 -2.73 78.21 -84.89
CA ASP GB 43 -2.21 77.35 -83.85
C ASP GB 43 -3.16 76.20 -83.53
N ARG GB 44 -4.47 76.41 -83.71
CA ARG GB 44 -5.43 75.34 -83.45
C ARG GB 44 -5.40 74.27 -84.54
N GLN GB 45 -5.22 74.67 -85.81
CA GLN GB 45 -5.12 73.68 -86.87
C GLN GB 45 -3.83 72.88 -86.74
N SER GB 46 -2.73 73.53 -86.35
CA SER GB 46 -1.51 72.77 -86.07
C SER GB 46 -1.73 71.75 -84.97
N GLU GB 47 -2.34 72.18 -83.86
CA GLU GB 47 -2.61 71.24 -82.77
C GLU GB 47 -3.49 70.07 -83.25
N LEU GB 48 -4.49 70.37 -84.08
CA LEU GB 48 -5.35 69.31 -84.60
C LEU GB 48 -4.55 68.31 -85.43
N GLU GB 49 -3.59 68.79 -86.22
CA GLU GB 49 -2.79 67.88 -87.03
C GLU GB 49 -1.88 67.02 -86.18
N ALA GB 50 -1.23 67.60 -85.17
CA ALA GB 50 -0.45 66.81 -84.22
C ALA GB 50 -1.32 65.72 -83.58
N HIS GB 51 -2.54 66.09 -83.18
CA HIS GB 51 -3.39 65.14 -82.46
C HIS GB 51 -3.89 64.03 -83.37
N GLN GB 52 -4.20 64.36 -84.63
CA GLN GB 52 -4.60 63.31 -85.56
C GLN GB 52 -3.44 62.38 -85.86
N ALA GB 53 -2.22 62.91 -85.88
CA ALA GB 53 -1.04 62.04 -85.95
C ALA GB 53 -1.01 61.09 -84.75
N GLY GB 54 -1.24 61.61 -83.55
CA GLY GB 54 -1.30 60.73 -82.39
C GLY GB 54 -2.38 59.67 -82.50
N VAL GB 55 -3.56 60.05 -83.00
CA VAL GB 55 -4.65 59.09 -83.13
C VAL GB 55 -4.28 57.98 -84.10
N ALA GB 56 -3.68 58.35 -85.24
CA ALA GB 56 -3.11 57.34 -86.12
C ALA GB 56 -2.14 56.43 -85.38
N SER GB 57 -1.33 57.00 -84.48
CA SER GB 57 -0.41 56.17 -83.70
C SER GB 57 -1.15 55.22 -82.76
N THR GB 58 -2.39 55.56 -82.36
CA THR GB 58 -3.23 54.57 -81.70
C THR GB 58 -3.64 53.48 -82.68
N LYS GB 59 -4.35 53.86 -83.75
CA LYS GB 59 -4.95 52.88 -84.65
C LYS GB 59 -3.92 51.92 -85.25
N ALA GB 60 -2.65 52.31 -85.28
CA ALA GB 60 -1.61 51.37 -85.69
C ALA GB 60 -1.40 50.27 -84.66
N ARG GB 61 -1.00 50.64 -83.44
CA ARG GB 61 -0.61 49.62 -82.47
C ARG GB 61 -1.81 48.84 -81.92
N ILE GB 62 -3.01 49.43 -81.92
CA ILE GB 62 -4.19 48.63 -81.59
C ILE GB 62 -4.36 47.50 -82.59
N ALA GB 63 -4.16 47.79 -83.88
CA ALA GB 63 -4.18 46.74 -84.89
C ALA GB 63 -3.10 45.70 -84.63
N GLU GB 64 -1.87 46.17 -84.37
CA GLU GB 64 -0.80 45.28 -83.95
C GLU GB 64 -1.28 44.32 -82.86
N LEU GB 65 -2.06 44.82 -81.92
CA LEU GB 65 -2.41 44.04 -80.74
C LEU GB 65 -3.57 43.09 -81.00
N GLU GB 66 -4.52 43.51 -81.83
CA GLU GB 66 -5.57 42.60 -82.29
C GLU GB 66 -4.96 41.43 -83.04
N LYS GB 67 -3.89 41.68 -83.80
CA LYS GB 67 -3.20 40.59 -84.49
C LYS GB 67 -2.44 39.70 -83.51
N ILE GB 68 -1.69 40.31 -82.59
CA ILE GB 68 -0.87 39.52 -81.67
C ILE GB 68 -1.76 38.68 -80.75
N ILE GB 69 -2.92 39.20 -80.37
CA ILE GB 69 -3.84 38.42 -79.55
C ILE GB 69 -4.58 37.39 -80.40
N GLY GB 70 -4.87 37.72 -81.67
CA GLY GB 70 -5.36 36.70 -82.59
C GLY GB 70 -4.45 35.50 -82.62
N GLU GB 71 -3.14 35.75 -82.70
CA GLU GB 71 -2.17 34.68 -82.52
C GLU GB 71 -2.38 33.99 -81.17
N VAL GB 72 -2.23 34.73 -80.05
CA VAL GB 72 -2.23 34.10 -78.72
C VAL GB 72 -3.44 33.20 -78.51
N LYS GB 73 -4.56 33.52 -79.15
CA LYS GB 73 -5.74 32.68 -79.00
C LYS GB 73 -5.72 31.48 -79.96
N ASN GB 74 -5.53 31.75 -81.27
CA ASN GB 74 -5.25 30.70 -82.25
C ASN GB 74 -4.38 29.62 -81.62
N ILE GB 75 -3.30 30.06 -81.00
CA ILE GB 75 -2.41 29.34 -80.08
C ILE GB 75 -3.15 28.55 -79.02
N ASN GB 76 -3.73 29.26 -78.03
CA ASN GB 76 -4.09 28.60 -76.78
C ASN GB 76 -5.10 27.48 -77.01
N THR GB 77 -5.93 27.60 -78.05
CA THR GB 77 -6.90 26.53 -78.25
C THR GB 77 -6.27 25.31 -78.90
N ARG GB 78 -5.23 25.48 -79.72
CA ARG GB 78 -4.58 24.33 -80.35
C ARG GB 78 -3.72 23.54 -79.36
N LYS GB 79 -3.26 24.19 -78.29
CA LYS GB 79 -2.45 23.52 -77.27
C LYS GB 79 -3.25 22.44 -76.57
N ALA GB 80 -4.50 22.76 -76.17
CA ALA GB 80 -5.34 21.82 -75.45
C ALA GB 80 -5.71 20.60 -76.29
N GLU GB 81 -5.47 20.66 -77.60
CA GLU GB 81 -5.71 19.49 -78.45
C GLU GB 81 -4.42 18.73 -78.74
N VAL GB 82 -3.31 19.43 -79.01
CA VAL GB 82 -2.04 18.71 -79.07
C VAL GB 82 -1.84 17.91 -77.78
N GLU GB 83 -1.72 18.64 -76.66
CA GLU GB 83 -2.01 18.15 -75.31
C GLU GB 83 -2.62 16.74 -75.30
N LYS GB 84 -3.88 16.63 -75.68
CA LYS GB 84 -4.68 15.45 -75.39
C LYS GB 84 -4.44 14.35 -76.43
N LYS GB 85 -4.33 14.73 -77.72
CA LYS GB 85 -3.84 13.81 -78.74
C LYS GB 85 -2.61 13.06 -78.26
N LEU GB 86 -1.65 13.78 -77.67
CA LEU GB 86 -0.38 13.16 -77.28
C LEU GB 86 -0.52 12.33 -76.01
N ALA GB 87 -1.32 12.78 -75.04
CA ALA GB 87 -1.62 11.88 -73.94
C ALA GB 87 -2.14 10.54 -74.45
N VAL GB 88 -3.02 10.59 -75.45
CA VAL GB 88 -3.44 9.38 -76.17
C VAL GB 88 -2.22 8.65 -76.72
N LEU GB 89 -1.32 9.39 -77.39
CA LEU GB 89 -0.18 8.75 -78.06
C LEU GB 89 0.73 8.03 -77.07
N ASP GB 90 0.88 8.56 -75.86
CA ASP GB 90 1.70 7.94 -74.83
C ASP GB 90 0.98 6.77 -74.17
N ALA GB 91 -0.35 6.77 -74.20
CA ALA GB 91 -1.05 5.52 -73.86
C ALA GB 91 -0.81 4.46 -74.92
N LEU GB 92 -0.75 4.87 -76.20
CA LEU GB 92 -0.67 3.91 -77.29
C LEU GB 92 0.73 3.32 -77.44
N ARG GB 93 1.79 4.13 -77.27
CA ARG GB 93 3.13 3.56 -77.24
C ARG GB 93 3.27 2.52 -76.13
N LYS GB 94 2.57 2.74 -75.02
CA LYS GB 94 2.48 1.73 -73.98
C LYS GB 94 1.62 0.55 -74.44
N GLY GB 95 0.68 0.80 -75.35
CA GLY GB 95 -0.11 -0.25 -75.98
C GLY GB 95 0.60 -1.01 -77.08
N ARG GB 96 1.80 -0.59 -77.47
CA ARG GB 96 2.64 -1.36 -78.39
C ARG GB 96 3.86 -1.95 -77.73
N SER GB 97 4.34 -1.32 -76.64
CA SER GB 97 5.28 -1.99 -75.76
C SER GB 97 4.60 -3.15 -75.04
N GLY GB 98 3.35 -2.93 -74.63
CA GLY GB 98 2.57 -3.89 -73.87
C GLY GB 98 2.66 -5.30 -74.41
N PRO GB 99 2.20 -5.51 -75.64
CA PRO GB 99 2.24 -6.85 -76.24
C PRO GB 99 3.63 -7.43 -76.41
N VAL GB 100 4.67 -6.79 -75.86
CA VAL GB 100 6.05 -7.10 -76.20
C VAL GB 100 6.93 -7.08 -74.97
N ARG GB 101 7.39 -8.27 -74.56
CA ARG GB 101 8.79 -8.51 -74.18
C ARG GB 101 9.11 -9.14 -72.82
N MET GB 102 9.88 -8.39 -72.05
CA MET GB 102 11.12 -8.87 -71.43
C MET GB 102 11.34 -10.36 -71.60
N MET GB 103 12.31 -10.66 -72.47
CA MET GB 103 13.19 -11.82 -72.53
C MET GB 103 13.18 -12.41 -73.92
N ASP GB 104 14.35 -12.46 -74.53
CA ASP GB 104 14.45 -12.80 -75.93
C ASP GB 104 14.37 -14.31 -76.10
N ALA GB 105 13.67 -14.73 -77.14
CA ALA GB 105 13.43 -16.14 -77.38
C ALA GB 105 13.22 -16.35 -78.87
N LEU GB 106 13.16 -17.61 -79.26
CA LEU GB 106 12.86 -18.00 -80.64
C LEU GB 106 11.70 -18.98 -80.54
N ALA GB 107 10.48 -18.45 -80.58
CA ALA GB 107 9.28 -19.25 -80.44
C ALA GB 107 8.24 -18.76 -81.43
N SER GB 108 7.57 -19.71 -82.09
CA SER GB 108 6.45 -19.39 -82.96
C SER GB 108 5.30 -18.83 -82.14
N ALA GB 109 4.65 -19.68 -81.35
CA ALA GB 109 3.62 -19.25 -80.42
C ALA GB 109 4.19 -19.25 -79.01
N THR GB 110 3.76 -18.27 -78.21
CA THR GB 110 4.21 -18.14 -76.83
C THR GB 110 3.10 -18.53 -75.86
N PRO GB 111 3.36 -19.45 -74.93
CA PRO GB 111 2.26 -19.94 -74.06
C PRO GB 111 1.65 -18.87 -73.15
N LYS GB 112 2.38 -17.83 -72.78
CA LYS GB 112 1.85 -16.78 -71.92
C LYS GB 112 1.54 -15.54 -72.75
N LYS GB 113 0.72 -14.65 -72.16
CA LYS GB 113 0.39 -13.38 -72.81
C LYS GB 113 1.64 -12.66 -73.29
N VAL GB 114 2.59 -12.46 -72.37
CA VAL GB 114 3.86 -11.82 -72.60
C VAL GB 114 4.95 -12.84 -72.28
N TRP GB 115 6.19 -12.53 -72.68
CA TRP GB 115 7.27 -13.39 -72.25
C TRP GB 115 7.67 -13.10 -70.81
N VAL GB 116 8.39 -14.04 -70.22
CA VAL GB 116 8.84 -13.96 -68.85
C VAL GB 116 10.24 -14.56 -68.83
N LYS GB 117 10.82 -14.71 -67.65
CA LYS GB 117 12.21 -15.14 -67.59
C LYS GB 117 12.32 -16.61 -67.23
N THR GB 118 12.32 -16.94 -65.94
CA THR GB 118 12.58 -18.29 -65.50
C THR GB 118 11.30 -18.95 -64.97
N PHE GB 119 11.27 -20.28 -65.02
CA PHE GB 119 10.15 -21.09 -64.55
C PHE GB 119 10.74 -22.32 -63.88
N SER GB 120 10.45 -22.51 -62.59
CA SER GB 120 11.00 -23.66 -61.88
C SER GB 120 9.94 -24.24 -60.96
N GLU GB 121 9.63 -25.52 -61.13
CA GLU GB 121 8.51 -26.17 -60.46
C GLU GB 121 9.00 -27.23 -59.48
N ASN GB 122 8.04 -27.81 -58.74
CA ASN GB 122 8.34 -28.91 -57.83
C ASN GB 122 7.12 -29.83 -57.65
N ASN GB 123 6.23 -29.88 -58.63
CA ASN GB 123 5.04 -30.72 -58.64
C ASN GB 123 4.08 -30.40 -57.50
N ASN GB 124 4.27 -29.27 -56.81
CA ASN GB 124 3.28 -28.78 -55.87
C ASN GB 124 3.10 -27.28 -56.07
N ALA GB 125 4.21 -26.60 -56.36
CA ALA GB 125 4.21 -25.17 -56.62
C ALA GB 125 5.21 -24.87 -57.72
N VAL GB 126 4.99 -23.75 -58.40
CA VAL GB 126 5.90 -23.23 -59.40
C VAL GB 126 6.38 -21.87 -58.90
N SER GB 127 7.69 -21.74 -58.72
CA SER GB 127 8.31 -20.45 -58.49
C SER GB 127 8.74 -19.91 -59.85
N ILE GB 128 8.17 -18.77 -60.23
CA ILE GB 128 8.44 -18.21 -61.54
C ILE GB 128 9.19 -16.90 -61.36
N ASP GB 129 9.74 -16.43 -62.47
CA ASP GB 129 10.56 -15.22 -62.52
C ASP GB 129 10.20 -14.55 -63.83
N GLY GB 130 9.73 -13.31 -63.77
CA GLY GB 130 9.35 -12.72 -65.04
C GLY GB 130 9.51 -11.23 -65.15
N SER GB 131 8.80 -10.65 -66.10
CA SER GB 131 8.75 -9.21 -66.27
C SER GB 131 7.52 -8.86 -67.10
N ALA GB 132 6.99 -7.66 -66.89
CA ALA GB 132 5.78 -7.22 -67.56
C ALA GB 132 5.95 -5.76 -67.96
N VAL GB 133 4.96 -5.22 -68.67
CA VAL GB 133 5.14 -3.93 -69.31
C VAL GB 133 5.03 -2.79 -68.30
N SER GB 134 4.24 -2.96 -67.25
CA SER GB 134 3.97 -1.83 -66.35
C SER GB 134 3.21 -2.33 -65.14
N HIS GB 135 2.65 -1.39 -64.39
CA HIS GB 135 1.77 -1.62 -63.24
C HIS GB 135 0.42 -2.13 -63.70
N ASP GB 136 0.30 -2.42 -65.00
CA ASP GB 136 -0.95 -2.80 -65.63
C ASP GB 136 -0.95 -4.24 -66.09
N GLU GB 137 -0.05 -4.62 -67.00
CA GLU GB 137 -0.01 -5.99 -67.46
C GLU GB 137 0.42 -6.97 -66.38
N VAL GB 138 1.26 -6.52 -65.42
CA VAL GB 138 1.52 -7.35 -64.25
C VAL GB 138 0.29 -7.39 -63.35
N ALA GB 139 -0.53 -6.35 -63.39
CA ALA GB 139 -1.79 -6.38 -62.65
C ALA GB 139 -2.81 -7.27 -63.36
N GLU GB 140 -2.85 -7.21 -64.69
CA GLU GB 140 -3.70 -8.14 -65.43
C GLU GB 140 -3.28 -9.58 -65.15
N PHE GB 141 -1.98 -9.86 -65.22
CA PHE GB 141 -1.47 -11.20 -64.99
C PHE GB 141 -1.74 -11.66 -63.57
N MET GB 142 -1.49 -10.79 -62.58
CA MET GB 142 -1.70 -11.19 -61.18
C MET GB 142 -3.18 -11.38 -60.87
N ARG GB 143 -4.04 -10.58 -61.51
CA ARG GB 143 -5.47 -10.76 -61.33
C ARG GB 143 -5.92 -12.08 -61.92
N GLY GB 144 -5.40 -12.45 -63.10
CA GLY GB 144 -5.76 -13.71 -63.72
C GLY GB 144 -5.49 -14.93 -62.87
N LEU GB 145 -4.72 -14.77 -61.79
CA LEU GB 145 -4.39 -15.89 -60.91
C LEU GB 145 -5.14 -15.83 -59.59
N ASN GB 146 -4.53 -15.19 -58.61
CA ASN GB 146 -5.04 -15.22 -57.25
C ASN GB 146 -4.33 -14.17 -56.41
N GLY GB 147 -4.87 -13.95 -55.22
CA GLY GB 147 -4.39 -12.95 -54.29
C GLY GB 147 -4.66 -13.42 -52.87
N VAL GB 148 -3.64 -13.34 -52.02
CA VAL GB 148 -3.60 -14.15 -50.80
C VAL GB 148 -2.95 -13.35 -49.68
N VAL GB 149 -3.45 -13.57 -48.46
CA VAL GB 149 -2.80 -13.09 -47.25
C VAL GB 149 -1.94 -14.25 -46.75
N TRP GB 150 -0.64 -14.17 -46.98
CA TRP GB 150 0.28 -15.21 -46.55
C TRP GB 150 0.81 -14.92 -45.16
N THR GB 151 1.08 -15.99 -44.39
CA THR GB 151 1.42 -15.79 -42.98
C THR GB 151 2.67 -16.58 -42.61
N PRO GB 152 2.62 -17.75 -41.89
CA PRO GB 152 3.86 -18.23 -41.27
C PRO GB 152 4.77 -18.90 -42.29
N LYS GB 153 5.83 -18.19 -42.68
CA LYS GB 153 6.73 -18.69 -43.72
C LYS GB 153 7.81 -19.56 -43.12
N GLY GB 154 8.14 -20.65 -43.82
CA GLY GB 154 9.24 -21.50 -43.42
C GLY GB 154 10.50 -21.25 -44.24
N MET GB 155 11.63 -21.09 -43.56
CA MET GB 155 12.89 -20.86 -44.25
C MET GB 155 13.56 -22.21 -44.53
N GLY GB 156 14.07 -22.36 -45.75
CA GLY GB 156 14.62 -23.63 -46.20
C GLY GB 156 15.86 -23.43 -47.05
N ARG GB 157 16.64 -24.51 -47.14
CA ARG GB 157 17.99 -24.44 -47.72
C ARG GB 157 18.01 -24.02 -49.19
N LEU GB 158 16.86 -23.94 -49.86
CA LEU GB 158 16.84 -23.41 -51.21
C LEU GB 158 16.92 -21.88 -51.23
N VAL GB 159 16.30 -21.22 -50.26
CA VAL GB 159 16.45 -19.78 -50.11
C VAL GB 159 17.92 -19.40 -50.06
N ASP GB 160 18.69 -20.04 -49.19
CA ASP GB 160 20.09 -19.68 -49.05
C ASP GB 160 20.89 -20.07 -50.28
N ARG GB 161 20.50 -21.15 -50.96
CA ARG GB 161 21.11 -21.44 -52.25
C ARG GB 161 20.81 -20.37 -53.28
N ARG GB 162 19.73 -19.60 -53.08
CA ARG GB 162 19.50 -18.42 -53.90
C ARG GB 162 20.38 -17.27 -53.45
N ARG GB 163 20.51 -17.08 -52.13
CA ARG GB 163 21.47 -16.11 -51.63
C ARG GB 163 22.91 -16.51 -51.97
N ASP GB 164 23.19 -17.81 -52.07
CA ASP GB 164 24.52 -18.27 -52.42
C ASP GB 164 24.83 -18.07 -53.91
N SER GB 165 23.82 -17.78 -54.72
CA SER GB 165 23.83 -17.87 -56.19
C SER GB 165 23.95 -19.31 -56.66
N LYS GB 166 23.91 -20.28 -55.73
CA LYS GB 166 24.29 -21.65 -56.05
C LYS GB 166 23.28 -22.38 -56.92
N THR GB 167 22.03 -21.91 -56.95
CA THR GB 167 20.99 -22.37 -57.88
C THR GB 167 20.72 -21.19 -58.80
N ALA GB 168 21.06 -21.34 -60.08
CA ALA GB 168 21.08 -20.21 -61.00
C ALA GB 168 19.71 -19.55 -61.09
N ARG GB 169 19.68 -18.24 -60.84
CA ARG GB 169 18.50 -17.43 -61.17
C ARG GB 169 18.87 -15.96 -61.26
N VAL GB 170 17.86 -15.10 -61.08
CA VAL GB 170 18.03 -13.67 -61.31
C VAL GB 170 17.76 -12.87 -60.03
N GLU GB 171 18.84 -12.50 -59.33
CA GLU GB 171 18.74 -12.08 -57.95
C GLU GB 171 18.29 -10.63 -57.78
N MET GB 172 17.58 -10.11 -58.74
CA MET GB 172 16.59 -9.11 -58.44
C MET GB 172 15.48 -9.66 -57.57
N LEU GB 173 15.38 -10.97 -57.45
CA LEU GB 173 14.18 -11.59 -56.92
C LEU GB 173 14.28 -11.78 -55.42
N THR GB 174 13.16 -11.56 -54.75
CA THR GB 174 13.01 -12.12 -53.42
C THR GB 174 13.05 -13.64 -53.50
N SER GB 175 13.16 -14.28 -52.35
CA SER GB 175 13.44 -15.71 -52.32
C SER GB 175 12.19 -16.54 -52.08
N ASP GB 176 12.37 -17.70 -51.43
CA ASP GB 176 11.32 -18.42 -50.72
C ASP GB 176 10.41 -19.23 -51.63
N ALA GB 177 9.67 -20.16 -51.03
CA ALA GB 177 8.64 -20.97 -51.70
C ALA GB 177 7.96 -21.92 -50.71
N THR GB 178 7.76 -21.49 -49.46
CA THR GB 178 7.15 -22.35 -48.45
C THR GB 178 6.43 -21.48 -47.44
N ILE GB 179 5.11 -21.64 -47.31
CA ILE GB 179 4.31 -20.79 -46.44
C ILE GB 179 2.89 -21.35 -46.30
N GLU GB 180 1.97 -20.54 -45.78
CA GLU GB 180 0.58 -20.90 -45.55
C GLU GB 180 -0.30 -19.73 -45.96
N GLU GB 181 -1.34 -20.00 -46.74
CA GLU GB 181 -1.96 -18.98 -47.58
C GLU GB 181 -3.45 -18.84 -47.28
N PHE GB 182 -3.90 -17.60 -47.18
CA PHE GB 182 -5.31 -17.29 -47.03
C PHE GB 182 -5.78 -16.49 -48.23
N PRO GB 183 -6.91 -16.85 -48.82
CA PRO GB 183 -7.35 -16.17 -50.04
C PRO GB 183 -7.87 -14.78 -49.74
N GLU GB 184 -7.42 -13.81 -50.54
CA GLU GB 184 -8.02 -12.47 -50.55
C GLU GB 184 -8.95 -12.31 -51.74
N ALA GB 185 -8.45 -12.53 -52.95
CA ALA GB 185 -9.24 -12.48 -54.18
C ALA GB 185 -8.69 -13.57 -55.09
N GLN GB 186 -9.43 -13.88 -56.15
CA GLN GB 186 -9.27 -15.13 -56.89
C GLN GB 186 -9.89 -14.97 -58.27
N VAL GB 187 -9.26 -15.50 -59.31
CA VAL GB 187 -9.92 -15.43 -60.62
C VAL GB 187 -9.83 -16.79 -61.31
N SER GB 188 -8.70 -17.45 -61.19
CA SER GB 188 -8.58 -18.83 -61.67
C SER GB 188 -8.88 -19.78 -60.53
N PRO GB 189 -9.92 -20.61 -60.64
CA PRO GB 189 -10.22 -21.59 -59.58
C PRO GB 189 -9.14 -22.61 -59.41
N PHE GB 190 -8.20 -22.62 -60.33
CA PHE GB 190 -7.20 -23.68 -60.41
C PHE GB 190 -5.90 -23.26 -59.75
N PHE GB 191 -5.68 -21.98 -59.48
CA PHE GB 191 -4.36 -21.50 -59.07
C PHE GB 191 -4.47 -20.70 -57.78
N LYS GB 192 -3.55 -20.99 -56.85
CA LYS GB 192 -3.34 -20.28 -55.59
C LYS GB 192 -1.98 -19.59 -55.70
N ASN GB 193 -2.01 -18.39 -56.25
CA ASN GB 193 -0.84 -17.50 -56.17
C ASN GB 193 -0.65 -17.07 -54.72
N ILE GB 194 0.60 -17.13 -54.26
CA ILE GB 194 0.85 -16.75 -52.87
C ILE GB 194 0.92 -15.22 -52.74
N ASP GB 195 1.55 -14.56 -53.71
CA ASP GB 195 1.71 -13.10 -53.77
C ASP GB 195 2.68 -12.73 -54.89
N LEU GB 196 2.55 -11.49 -55.38
CA LEU GB 196 3.59 -10.89 -56.22
C LEU GB 196 4.79 -10.63 -55.32
N GLN GB 197 5.68 -11.63 -55.27
CA GLN GB 197 6.80 -11.60 -54.32
C GLN GB 197 7.64 -10.34 -54.47
N THR GB 198 7.83 -9.85 -55.70
CA THR GB 198 8.50 -8.55 -55.85
C THR GB 198 8.27 -8.02 -57.25
N ALA GB 199 8.61 -6.74 -57.44
CA ALA GB 199 8.44 -6.05 -58.71
C ALA GB 199 9.22 -4.75 -58.68
N LYS GB 200 10.05 -4.55 -59.71
CA LYS GB 200 11.00 -3.44 -59.79
C LYS GB 200 11.14 -3.03 -61.25
N GLN GB 201 10.85 -1.77 -61.55
CA GLN GB 201 10.88 -1.29 -62.93
C GLN GB 201 12.33 -0.99 -63.31
N VAL GB 202 12.88 -1.80 -64.21
CA VAL GB 202 14.28 -1.71 -64.59
C VAL GB 202 14.38 -0.77 -65.78
N GLY GB 203 15.11 0.33 -65.62
CA GLY GB 203 15.12 1.36 -66.65
C GLY GB 203 16.08 1.07 -67.78
N GLY GB 204 17.28 0.57 -67.47
CA GLY GB 204 18.30 0.39 -68.48
C GLY GB 204 19.34 1.49 -68.41
N ALA GB 205 19.99 1.73 -69.55
CA ALA GB 205 21.04 2.75 -69.61
C ALA GB 205 21.16 3.27 -71.04
N GLN GB 206 22.21 4.07 -71.26
CA GLN GB 206 22.48 4.62 -72.58
C GLN GB 206 22.84 3.54 -73.60
N VAL GB 207 23.24 2.35 -73.14
CA VAL GB 207 23.49 1.24 -74.05
C VAL GB 207 22.19 0.59 -74.51
N GLY GB 208 21.10 0.79 -73.77
CA GLY GB 208 19.82 0.21 -74.16
C GLY GB 208 18.77 0.16 -73.07
N VAL GB 209 17.53 -0.08 -73.48
CA VAL GB 209 16.39 -0.13 -72.58
C VAL GB 209 16.08 -1.54 -72.09
N PRO GB 210 15.34 -1.63 -70.97
CA PRO GB 210 14.15 -2.47 -71.02
C PRO GB 210 12.93 -1.70 -70.47
N ILE GB 211 13.16 -0.85 -69.47
CA ILE GB 211 12.19 0.11 -68.93
C ILE GB 211 11.06 -0.59 -68.18
N LEU GB 212 10.89 -1.90 -68.37
CA LEU GB 212 9.70 -2.56 -67.88
C LEU GB 212 9.83 -2.92 -66.40
N VAL GB 213 8.81 -3.64 -65.91
CA VAL GB 213 8.74 -4.02 -64.50
C VAL GB 213 9.14 -5.49 -64.39
N GLU GB 214 10.38 -5.72 -63.96
CA GLU GB 214 10.80 -7.04 -63.55
C GLU GB 214 9.97 -7.48 -62.35
N PHE GB 215 9.63 -8.77 -62.27
CA PHE GB 215 8.83 -9.20 -61.14
C PHE GB 215 9.11 -10.65 -60.80
N LYS GB 216 8.58 -11.08 -59.65
CA LYS GB 216 8.64 -12.46 -59.22
C LYS GB 216 7.40 -12.85 -58.42
N ILE GB 217 6.88 -14.05 -58.73
CA ILE GB 217 5.66 -14.66 -58.21
C ILE GB 217 5.93 -16.13 -57.92
N THR GB 218 5.25 -16.67 -56.90
CA THR GB 218 5.21 -18.11 -56.67
C THR GB 218 3.76 -18.56 -56.50
N MET GB 219 3.43 -19.73 -57.08
CA MET GB 219 2.03 -20.14 -57.19
C MET GB 219 1.87 -21.65 -57.17
N THR GB 220 1.01 -22.16 -56.29
CA THR GB 220 0.63 -23.56 -56.30
C THR GB 220 -0.70 -23.71 -57.02
N SER GB 221 -0.79 -24.73 -57.87
CA SER GB 221 -1.84 -24.83 -58.86
C SER GB 221 -3.04 -25.54 -58.28
N ASN GB 222 -3.66 -26.40 -59.09
CA ASN GB 222 -4.53 -27.41 -58.51
C ASN GB 222 -4.45 -28.67 -59.36
N TYR GB 223 -5.04 -29.75 -58.86
CA TYR GB 223 -4.30 -30.76 -58.12
C TYR GB 223 -2.90 -30.96 -58.72
N MET HB 1 -42.78 114.51 -87.95
CA MET HB 1 -42.42 115.78 -87.32
C MET HB 1 -40.96 116.10 -87.62
N ASP HB 2 -40.69 117.36 -87.97
CA ASP HB 2 -39.51 117.67 -88.77
C ASP HB 2 -38.27 118.05 -87.96
N LYS HB 3 -38.43 118.74 -86.82
CA LYS HB 3 -37.26 119.02 -85.98
C LYS HB 3 -36.46 117.76 -85.70
N TYR HB 4 -37.15 116.68 -85.32
CA TYR HB 4 -36.48 115.39 -85.16
C TYR HB 4 -35.89 114.90 -86.48
N LEU HB 5 -36.52 115.25 -87.61
CA LEU HB 5 -36.05 114.75 -88.90
C LEU HB 5 -34.76 115.43 -89.33
N ASP HB 6 -34.54 116.69 -88.92
CA ASP HB 6 -33.30 117.36 -89.26
C ASP HB 6 -32.24 117.11 -88.20
N GLN HB 7 -32.65 116.77 -86.97
CA GLN HB 7 -31.74 116.07 -86.07
C GLN HB 7 -31.32 114.74 -86.69
N PHE HB 8 -32.18 114.14 -87.51
CA PHE HB 8 -31.86 112.92 -88.24
C PHE HB 8 -31.04 113.18 -89.51
N VAL HB 9 -31.09 114.39 -90.06
CA VAL HB 9 -30.24 114.70 -91.21
C VAL HB 9 -28.85 115.20 -90.76
N LYS HB 10 -28.74 115.70 -89.52
CA LYS HB 10 -27.45 116.19 -89.03
C LYS HB 10 -26.60 115.07 -88.42
N ALA HB 11 -27.20 114.26 -87.52
CA ALA HB 11 -26.44 113.39 -86.62
C ALA HB 11 -26.35 111.91 -87.02
N PRO HB 12 -27.44 111.23 -87.37
CA PRO HB 12 -27.44 109.75 -87.35
C PRO HB 12 -26.61 109.11 -88.45
N PRO HB 13 -25.91 109.85 -89.32
CA PRO HB 13 -24.72 109.23 -89.91
C PRO HB 13 -23.82 108.70 -88.81
N ALA HB 14 -23.55 109.55 -87.81
CA ALA HB 14 -22.72 109.15 -86.69
C ALA HB 14 -23.35 108.01 -85.89
N ILE HB 15 -24.66 108.08 -85.66
CA ILE HB 15 -25.31 107.11 -84.77
C ILE HB 15 -25.47 105.76 -85.48
N LYS HB 16 -25.82 105.78 -86.77
CA LYS HB 16 -25.89 104.53 -87.52
C LYS HB 16 -24.52 103.87 -87.63
N PHE HB 17 -23.50 104.65 -88.00
CA PHE HB 17 -22.14 104.11 -88.04
C PHE HB 17 -21.77 103.50 -86.69
N GLY HB 18 -22.05 104.22 -85.60
CA GLY HB 18 -21.75 103.70 -84.27
C GLY HB 18 -22.45 102.38 -84.00
N GLY HB 19 -23.75 102.31 -84.29
CA GLY HB 19 -24.47 101.06 -84.08
C GLY HB 19 -23.86 99.90 -84.84
N LEU HB 20 -23.55 100.13 -86.13
CA LEU HB 20 -22.84 99.13 -86.90
C LEU HB 20 -21.55 98.69 -86.21
N ALA HB 21 -20.84 99.65 -85.60
CA ALA HB 21 -19.56 99.33 -84.97
C ALA HB 21 -19.75 98.50 -83.71
N PHE HB 22 -20.71 98.85 -82.86
CA PHE HB 22 -20.95 98.04 -81.67
C PHE HB 22 -21.39 96.64 -82.05
N VAL HB 23 -22.18 96.51 -83.12
CA VAL HB 23 -22.60 95.19 -83.59
C VAL HB 23 -21.38 94.38 -84.04
N VAL HB 24 -20.51 94.97 -84.87
CA VAL HB 24 -19.36 94.21 -85.36
C VAL HB 24 -18.42 93.85 -84.22
N GLY HB 25 -18.30 94.73 -83.22
CA GLY HB 25 -17.55 94.38 -82.03
C GLY HB 25 -18.12 93.18 -81.31
N ALA HB 26 -19.45 93.15 -81.15
CA ALA HB 26 -20.09 91.99 -80.52
C ALA HB 26 -19.82 90.72 -81.31
N LEU HB 27 -19.97 90.77 -82.63
CA LEU HB 27 -19.79 89.58 -83.45
C LEU HB 27 -18.35 89.08 -83.40
N THR HB 28 -17.39 90.00 -83.31
CA THR HB 28 -15.99 89.58 -83.17
C THR HB 28 -15.73 88.98 -81.79
N ALA HB 29 -16.34 89.53 -80.74
CA ALA HB 29 -16.28 88.86 -79.45
C ALA HB 29 -16.80 87.43 -79.57
N ALA HB 30 -17.93 87.26 -80.27
CA ALA HB 30 -18.56 85.95 -80.39
C ALA HB 30 -17.69 84.97 -81.15
N ASN HB 31 -17.08 85.39 -82.27
CA ASN HB 31 -16.29 84.45 -83.04
C ASN HB 31 -14.96 84.13 -82.36
N PHE HB 32 -14.42 85.09 -81.59
CA PHE HB 32 -13.21 84.77 -80.81
C PHE HB 32 -13.53 83.76 -79.73
N PHE HB 33 -14.68 83.89 -79.06
CA PHE HB 33 -15.06 82.86 -78.10
C PHE HB 33 -15.29 81.53 -78.79
N MET HB 34 -15.86 81.56 -80.00
CA MET HB 34 -16.11 80.36 -80.78
C MET HB 34 -14.85 79.81 -81.44
N VAL HB 35 -13.70 80.47 -81.31
CA VAL HB 35 -12.45 79.80 -81.62
C VAL HB 35 -11.70 79.38 -80.36
N ILE HB 36 -12.01 79.98 -79.21
CA ILE HB 36 -11.40 79.52 -77.96
C ILE HB 36 -12.01 78.19 -77.51
N GLN HB 37 -13.32 78.01 -77.69
CA GLN HB 37 -13.94 76.75 -77.26
C GLN HB 37 -13.42 75.52 -78.02
N PRO HB 38 -13.23 75.55 -79.35
CA PRO HB 38 -12.63 74.38 -80.02
C PRO HB 38 -11.20 74.09 -79.56
N THR HB 39 -10.48 75.10 -79.06
CA THR HB 39 -9.19 74.83 -78.43
C THR HB 39 -9.35 73.89 -77.24
N GLU HB 40 -10.20 74.26 -76.28
CA GLU HB 40 -10.41 73.44 -75.11
C GLU HB 40 -10.89 72.05 -75.48
N GLU HB 41 -11.90 71.97 -76.35
CA GLU HB 41 -12.38 70.67 -76.83
C GLU HB 41 -11.23 69.85 -77.41
N GLU HB 42 -10.33 70.53 -78.11
CA GLU HB 42 -9.25 69.85 -78.81
C GLU HB 42 -8.21 69.30 -77.85
N ILE HB 43 -7.82 70.09 -76.85
CA ILE HB 43 -6.96 69.59 -75.78
C ILE HB 43 -7.62 68.40 -75.11
N GLY HB 44 -8.94 68.45 -74.93
CA GLY HB 44 -9.65 67.32 -74.37
C GLY HB 44 -9.50 66.05 -75.19
N TRP HB 45 -9.76 66.14 -76.51
CA TRP HB 45 -9.61 64.98 -77.37
C TRP HB 45 -8.16 64.49 -77.39
N ALA HB 46 -7.21 65.41 -77.26
CA ALA HB 46 -5.82 65.01 -77.08
C ALA HB 46 -5.70 64.10 -75.86
N VAL HB 47 -6.21 64.56 -74.72
CA VAL HB 47 -6.05 63.83 -73.47
C VAL HB 47 -6.74 62.47 -73.54
N ALA HB 48 -7.85 62.37 -74.27
CA ALA HB 48 -8.47 61.06 -74.47
C ALA HB 48 -7.58 60.16 -75.32
N GLU HB 49 -7.17 60.65 -76.50
CA GLU HB 49 -6.41 59.83 -77.44
C GLU HB 49 -5.13 59.30 -76.81
N ARG HB 50 -4.37 60.18 -76.14
CA ARG HB 50 -3.13 59.73 -75.49
C ARG HB 50 -3.41 58.63 -74.46
N ARG HB 51 -4.54 58.75 -73.75
CA ARG HB 51 -4.91 57.71 -72.82
C ARG HB 51 -5.27 56.41 -73.54
N LYS HB 52 -5.64 56.49 -74.82
CA LYS HB 52 -5.81 55.24 -75.57
C LYS HB 52 -4.47 54.68 -76.04
N LEU HB 53 -3.56 55.55 -76.51
CA LEU HB 53 -2.20 55.12 -76.82
C LEU HB 53 -1.61 54.34 -75.66
N ASP HB 54 -1.73 54.86 -74.44
CA ASP HB 54 -1.02 54.30 -73.29
C ASP HB 54 -1.62 52.99 -72.78
N LEU HB 55 -2.94 52.79 -72.94
CA LEU HB 55 -3.50 51.49 -72.62
C LEU HB 55 -3.16 50.45 -73.69
N GLU HB 56 -3.17 50.88 -74.95
CA GLU HB 56 -2.79 49.96 -76.03
C GLU HB 56 -1.35 49.48 -75.84
N LEU HB 57 -0.45 50.38 -75.43
CA LEU HB 57 0.90 49.94 -75.10
C LEU HB 57 0.90 48.90 -73.99
N ALA HB 58 -0.07 48.93 -73.09
CA ALA HB 58 -0.17 47.85 -72.11
C ALA HB 58 -0.56 46.54 -72.78
N ASP HB 59 -1.57 46.58 -73.66
CA ASP HB 59 -1.98 45.37 -74.35
C ASP HB 59 -0.84 44.77 -75.17
N LYS HB 60 0.05 45.60 -75.74
CA LYS HB 60 1.11 45.04 -76.57
C LYS HB 60 2.07 44.19 -75.76
N SER HB 61 2.51 44.69 -74.60
CA SER HB 61 3.41 43.90 -73.76
C SER HB 61 2.71 42.66 -73.22
N GLU HB 62 1.45 42.80 -72.80
CA GLU HB 62 0.72 41.63 -72.32
C GLU HB 62 0.69 40.53 -73.37
N ILE HB 63 0.31 40.87 -74.60
CA ILE HB 63 0.14 39.83 -75.61
C ILE HB 63 1.49 39.34 -76.15
N ALA HB 64 2.53 40.19 -76.16
CA ALA HB 64 3.85 39.71 -76.53
C ALA HB 64 4.36 38.69 -75.51
N GLN HB 65 4.06 38.93 -74.23
CA GLN HB 65 4.41 37.96 -73.20
C GLN HB 65 3.61 36.67 -73.35
N ASN HB 66 2.33 36.79 -73.70
CA ASN HB 66 1.53 35.59 -73.94
C ASN HB 66 2.03 34.82 -75.17
N LEU HB 67 2.57 35.53 -76.18
CA LEU HB 67 3.17 34.87 -77.33
C LEU HB 67 4.42 34.10 -76.94
N ASN HB 68 5.32 34.76 -76.20
CA ASN HB 68 6.48 34.06 -75.65
C ASN HB 68 6.06 32.79 -74.91
N GLU HB 69 5.04 32.89 -74.05
CA GLU HB 69 4.59 31.71 -73.31
C GLU HB 69 4.00 30.66 -74.25
N ARG HB 70 3.40 31.09 -75.38
CA ARG HB 70 3.03 30.07 -76.34
C ARG HB 70 4.28 29.32 -76.75
N ARG HB 71 5.18 30.03 -77.46
CA ARG HB 71 6.36 29.42 -78.07
C ARG HB 71 6.90 28.40 -77.10
N ARG HB 72 7.18 28.90 -75.89
CA ARG HB 72 7.43 28.11 -74.68
C ARG HB 72 6.73 26.77 -74.79
N GLU HB 73 5.40 26.72 -74.68
CA GLU HB 73 4.89 25.35 -74.56
C GLU HB 73 4.27 24.71 -75.82
N MET HB 74 3.83 25.50 -76.81
CA MET HB 74 3.37 24.88 -78.05
C MET HB 74 4.50 24.16 -78.78
N ASP HB 75 5.71 24.75 -78.78
CA ASP HB 75 6.82 24.09 -79.46
C ASP HB 75 7.32 22.88 -78.70
N VAL HB 76 7.20 22.93 -77.36
CA VAL HB 76 7.47 21.75 -76.54
C VAL HB 76 6.41 20.68 -76.79
N LEU HB 77 5.18 21.11 -77.05
CA LEU HB 77 4.11 20.15 -77.30
C LEU HB 77 4.27 19.51 -78.67
N GLU HB 78 5.00 20.18 -79.57
CA GLU HB 78 5.26 19.64 -80.92
C GLU HB 78 6.51 18.76 -80.95
N GLN HB 79 6.99 18.36 -79.77
CA GLN HB 79 8.28 17.68 -79.64
C GLN HB 79 8.19 16.26 -80.21
N LYS HB 80 9.34 15.64 -80.40
CA LYS HB 80 9.40 14.52 -81.34
C LYS HB 80 9.86 13.20 -80.72
N LEU HB 81 10.27 12.29 -81.61
CA LEU HB 81 10.73 10.94 -81.28
C LEU HB 81 11.95 10.92 -80.38
N SER HB 82 11.71 10.63 -79.11
CA SER HB 82 12.76 10.62 -78.11
C SER HB 82 12.11 10.12 -76.84
N GLU HB 83 12.41 10.79 -75.73
CA GLU HB 83 11.40 10.89 -74.70
C GLU HB 83 10.21 11.66 -75.27
N ALA HB 84 9.03 11.33 -74.78
CA ALA HB 84 7.82 12.10 -75.06
C ALA HB 84 7.17 12.49 -73.74
N LEU HB 85 6.60 13.69 -73.69
CA LEU HB 85 5.98 14.22 -72.47
C LEU HB 85 4.49 13.92 -72.48
N THR HB 86 3.85 14.17 -71.34
CA THR HB 86 2.41 14.43 -71.34
C THR HB 86 2.22 15.90 -71.68
N GLU HB 87 0.97 16.24 -72.00
CA GLU HB 87 0.55 17.64 -72.08
C GLU HB 87 1.06 18.42 -70.89
N LEU HB 88 1.33 19.71 -71.11
CA LEU HB 88 1.72 20.59 -70.03
C LEU HB 88 0.84 21.83 -70.01
N PRO HB 89 -0.19 21.88 -69.19
CA PRO HB 89 -0.77 23.16 -68.80
C PRO HB 89 -0.02 23.76 -67.62
N GLU HB 90 -0.13 25.09 -67.49
CA GLU HB 90 0.47 25.76 -66.33
C GLU HB 90 -0.28 25.32 -65.08
N GLN HB 91 0.22 24.29 -64.41
CA GLN HB 91 -0.39 23.87 -63.16
C GLN HB 91 -0.07 24.88 -62.05
N ARG HB 92 1.21 24.96 -61.67
CA ARG HB 92 1.72 26.02 -60.81
C ARG HB 92 1.03 26.03 -59.44
N ASP HB 93 0.72 24.84 -58.93
CA ASP HB 93 0.29 24.68 -57.53
C ASP HB 93 0.83 23.32 -57.07
N ILE HB 94 1.85 23.37 -56.21
CA ILE HB 94 2.56 22.15 -55.83
C ILE HB 94 2.00 21.59 -54.53
N GLU HB 95 1.82 22.45 -53.52
CA GLU HB 95 1.37 21.99 -52.21
C GLU HB 95 0.01 21.30 -52.28
N GLU HB 96 -0.83 21.71 -53.23
CA GLU HB 96 -2.09 21.00 -53.43
C GLU HB 96 -1.85 19.64 -54.06
N LEU HB 97 -0.77 19.51 -54.84
CA LEU HB 97 -0.41 18.20 -55.37
C LEU HB 97 0.03 17.26 -54.25
N LEU HB 98 0.89 17.76 -53.35
CA LEU HB 98 1.28 16.94 -52.20
C LEU HB 98 0.07 16.57 -51.35
N ALA HB 99 -0.80 17.55 -51.09
CA ALA HB 99 -1.98 17.29 -50.27
C ALA HB 99 -2.88 16.23 -50.92
N GLN HB 100 -3.14 16.35 -52.22
CA GLN HB 100 -4.04 15.41 -52.87
C GLN HB 100 -3.40 14.03 -52.98
N ILE HB 101 -2.07 13.96 -53.12
CA ILE HB 101 -1.39 12.68 -53.03
C ILE HB 101 -1.64 12.05 -51.66
N ASN HB 102 -1.54 12.85 -50.59
CA ASN HB 102 -1.84 12.34 -49.26
C ASN HB 102 -3.27 11.83 -49.18
N ASP HB 103 -4.21 12.55 -49.79
CA ASP HB 103 -5.63 12.18 -49.67
C ASP HB 103 -5.93 10.89 -50.42
N ILE HB 104 -5.47 10.78 -51.66
CA ILE HB 104 -5.69 9.54 -52.40
C ILE HB 104 -4.96 8.38 -51.73
N GLY HB 105 -3.84 8.67 -51.06
CA GLY HB 105 -3.20 7.63 -50.26
C GLY HB 105 -4.08 7.17 -49.11
N LYS HB 106 -4.67 8.13 -48.40
CA LYS HB 106 -5.47 7.80 -47.22
C LYS HB 106 -6.74 7.04 -47.60
N LYS HB 107 -7.43 7.47 -48.66
CA LYS HB 107 -8.65 6.78 -49.04
C LYS HB 107 -8.37 5.44 -49.72
N SER HB 108 -7.13 5.20 -50.15
CA SER HB 108 -6.75 3.88 -50.62
C SER HB 108 -6.30 2.96 -49.49
N GLY HB 109 -6.19 3.48 -48.27
CA GLY HB 109 -5.82 2.68 -47.12
C GLY HB 109 -4.33 2.57 -46.86
N LEU HB 110 -3.50 3.29 -47.62
CA LEU HB 110 -2.06 3.13 -47.52
C LEU HB 110 -1.46 4.03 -46.46
N GLU HB 111 -0.44 3.53 -45.77
CA GLU HB 111 0.37 4.35 -44.88
C GLU HB 111 1.43 5.06 -45.71
N LEU HB 112 1.37 6.39 -45.72
CA LEU HB 112 2.34 7.20 -46.47
C LEU HB 112 3.58 7.35 -45.60
N SER HB 113 4.56 6.47 -45.81
CA SER HB 113 5.74 6.45 -44.96
C SER HB 113 6.72 7.56 -45.31
N SER HB 114 6.70 8.08 -46.55
CA SER HB 114 7.58 9.20 -46.88
C SER HB 114 7.19 9.80 -48.22
N VAL HB 115 7.07 11.12 -48.27
CA VAL HB 115 6.99 11.86 -49.53
C VAL HB 115 8.21 12.78 -49.59
N THR HB 116 8.97 12.66 -50.67
CA THR HB 116 10.21 13.41 -50.80
C THR HB 116 10.20 14.17 -52.12
N PRO HB 117 10.22 15.51 -52.10
CA PRO HB 117 10.29 16.26 -53.37
C PRO HB 117 11.62 16.02 -54.04
N GLY HB 118 11.79 16.59 -55.21
CA GLY HB 118 13.01 16.41 -55.96
C GLY HB 118 13.73 17.69 -56.21
N LYS HB 119 14.72 17.62 -57.09
CA LYS HB 119 15.27 18.83 -57.66
C LYS HB 119 14.66 19.06 -59.04
N GLU HB 120 14.52 20.33 -59.38
CA GLU HB 120 14.08 20.69 -60.72
C GLU HB 120 15.15 20.27 -61.73
N SER HB 121 14.71 19.72 -62.86
CA SER HB 121 15.61 19.21 -63.88
C SER HB 121 15.99 20.35 -64.83
N VAL HB 122 17.07 21.06 -64.47
CA VAL HB 122 17.48 22.25 -65.20
C VAL HB 122 17.79 21.94 -66.66
N GLY HB 123 18.23 20.71 -66.95
CA GLY HB 123 18.43 20.29 -68.33
C GLY HB 123 17.42 19.24 -68.76
N GLY HB 124 16.21 19.33 -68.21
CA GLY HB 124 15.15 18.41 -68.56
C GLY HB 124 14.13 19.04 -69.50
N GLY HB 125 14.49 20.19 -70.06
CA GLY HB 125 13.61 20.92 -70.94
C GLY HB 125 14.05 22.36 -71.12
N GLU HB 126 13.89 22.90 -72.34
CA GLU HB 126 14.19 24.32 -72.53
C GLU HB 126 13.09 25.20 -71.97
N PHE HB 127 11.85 24.73 -71.97
CA PHE HB 127 10.72 25.56 -71.59
C PHE HB 127 10.05 25.11 -70.29
N PHE HB 128 10.66 24.19 -69.53
CA PHE HB 128 10.05 23.69 -68.32
C PHE HB 128 11.10 23.06 -67.42
N ALA HB 129 11.01 23.36 -66.13
CA ALA HB 129 11.79 22.67 -65.10
C ALA HB 129 10.90 21.60 -64.51
N ARG HB 130 11.28 20.34 -64.71
CA ARG HB 130 10.54 19.23 -64.13
C ARG HB 130 10.94 19.07 -62.68
N ILE HB 131 9.95 19.08 -61.78
CA ILE HB 131 10.16 18.73 -60.38
C ILE HB 131 9.65 17.31 -60.18
N PRO HB 132 10.52 16.36 -59.80
CA PRO HB 132 10.07 15.01 -59.49
C PRO HB 132 9.77 14.86 -58.00
N ILE HB 133 8.77 14.04 -57.70
CA ILE HB 133 8.35 13.76 -56.35
C ILE HB 133 8.35 12.25 -56.19
N LYS HB 134 9.13 11.76 -55.23
CA LYS HB 134 9.21 10.33 -54.95
C LYS HB 134 8.32 10.03 -53.74
N MET HB 135 7.32 9.17 -53.94
CA MET HB 135 6.36 8.85 -52.90
C MET HB 135 6.55 7.40 -52.44
N THR HB 136 6.32 7.17 -51.15
CA THR HB 136 6.70 5.95 -50.45
C THR HB 136 5.55 5.58 -49.52
N VAL HB 137 4.76 4.59 -49.95
CA VAL HB 137 3.50 4.20 -49.32
C VAL HB 137 3.49 2.69 -49.17
N SER HB 138 2.84 2.19 -48.12
CA SER HB 138 2.85 0.75 -47.86
C SER HB 138 1.44 0.21 -47.68
N GLY HB 139 1.20 -0.99 -48.20
CA GLY HB 139 -0.08 -1.62 -47.99
C GLY HB 139 -0.21 -2.90 -48.83
N ASN HB 140 -1.40 -3.09 -49.36
CA ASN HB 140 -1.72 -4.26 -50.17
C ASN HB 140 -1.54 -3.97 -51.66
N TYR HB 141 -1.28 -5.03 -52.43
CA TYR HB 141 -1.13 -4.88 -53.88
C TYR HB 141 -2.32 -4.19 -54.51
N HIS HB 142 -3.54 -4.63 -54.16
CA HIS HB 142 -4.76 -3.99 -54.64
C HIS HB 142 -4.77 -2.51 -54.30
N GLU HB 143 -4.32 -2.16 -53.09
CA GLU HB 143 -4.37 -0.78 -52.63
C GLU HB 143 -3.33 0.09 -53.32
N ILE HB 144 -2.17 -0.47 -53.69
CA ILE HB 144 -1.17 0.34 -54.35
C ILE HB 144 -1.50 0.50 -55.83
N ALA HB 145 -1.96 -0.57 -56.48
CA ALA HB 145 -2.56 -0.41 -57.80
C ALA HB 145 -3.63 0.68 -57.77
N LEU HB 146 -4.43 0.71 -56.70
CA LEU HB 146 -5.48 1.72 -56.54
C LEU HB 146 -4.89 3.12 -56.45
N PHE HB 147 -3.95 3.29 -55.52
CA PHE HB 147 -3.28 4.58 -55.32
C PHE HB 147 -2.70 5.11 -56.63
N LEU HB 148 -2.01 4.24 -57.37
CA LEU HB 148 -1.44 4.60 -58.66
C LEU HB 148 -2.53 5.04 -59.64
N GLN HB 149 -3.59 4.25 -59.78
CA GLN HB 149 -4.61 4.58 -60.78
C GLN HB 149 -5.35 5.87 -60.43
N GLU HB 150 -5.49 6.16 -59.13
CA GLU HB 150 -6.10 7.42 -58.72
C GLU HB 150 -5.20 8.61 -59.03
N MET HB 151 -3.89 8.48 -58.80
CA MET HB 151 -2.99 9.56 -59.16
C MET HB 151 -2.91 9.74 -60.67
N ALA HB 152 -3.09 8.67 -61.43
CA ALA HB 152 -3.15 8.73 -62.88
C ALA HB 152 -4.51 9.18 -63.39
N ASN HB 153 -5.50 9.33 -62.51
CA ASN HB 153 -6.78 9.92 -62.88
C ASN HB 153 -6.98 11.31 -62.30
N MET HB 154 -5.94 11.92 -61.73
CA MET HB 154 -6.08 13.23 -61.10
C MET HB 154 -6.20 14.33 -62.16
N ARG HB 155 -6.63 15.50 -61.70
CA ARG HB 155 -6.74 16.69 -62.53
C ARG HB 155 -5.48 17.55 -62.50
N ARG HB 156 -4.35 17.00 -62.07
CA ARG HB 156 -3.12 17.77 -62.05
C ARG HB 156 -2.01 16.95 -62.70
N ILE HB 157 -0.85 17.58 -62.84
CA ILE HB 157 0.20 17.13 -63.77
C ILE HB 157 1.17 16.20 -63.06
N VAL HB 158 0.66 15.13 -62.47
CA VAL HB 158 1.51 14.20 -61.72
C VAL HB 158 1.74 12.96 -62.58
N ASN HB 159 2.68 13.05 -63.51
CA ASN HB 159 2.95 11.92 -64.40
C ASN HB 159 3.78 10.85 -63.69
N VAL HB 160 3.13 9.78 -63.25
CA VAL HB 160 3.82 8.69 -62.58
C VAL HB 160 4.57 7.85 -63.61
N ASN HB 161 5.82 7.51 -63.29
CA ASN HB 161 6.64 6.76 -64.23
C ASN HB 161 7.22 5.50 -63.60
N ASN HB 162 8.47 5.57 -63.14
CA ASN HB 162 9.19 4.40 -62.70
C ASN HB 162 8.70 3.95 -61.32
N ILE HB 163 8.16 2.73 -61.25
CA ILE HB 163 7.50 2.20 -60.07
C ILE HB 163 8.33 1.07 -59.50
N LYS HB 164 8.21 0.86 -58.19
CA LYS HB 164 8.79 -0.32 -57.56
C LYS HB 164 8.01 -0.64 -56.30
N PHE HB 165 8.09 -1.90 -55.84
CA PHE HB 165 7.55 -2.29 -54.55
C PHE HB 165 8.06 -3.67 -54.19
N ASP HB 166 8.03 -3.98 -52.90
CA ASP HB 166 8.61 -5.20 -52.37
C ASP HB 166 7.97 -5.50 -51.02
N SER HB 167 8.27 -6.68 -50.48
CA SER HB 167 7.65 -7.14 -49.25
C SER HB 167 8.45 -6.61 -48.05
N ALA HB 168 7.82 -5.78 -47.21
CA ALA HB 168 8.55 -5.02 -46.21
C ALA HB 168 8.93 -5.83 -44.97
N LYS HB 169 8.40 -7.04 -44.82
CA LYS HB 169 8.62 -7.85 -43.63
C LYS HB 169 9.83 -8.76 -43.85
N LEU HB 170 10.89 -8.55 -43.05
CA LEU HB 170 12.06 -9.42 -43.10
C LEU HB 170 11.67 -10.89 -43.12
N LYS HB 171 11.24 -11.38 -41.96
CA LYS HB 171 10.88 -12.78 -41.78
C LYS HB 171 9.73 -13.22 -42.68
N ASN HB 172 8.98 -12.27 -43.24
CA ASN HB 172 7.79 -12.60 -44.02
C ASN HB 172 6.82 -13.42 -43.18
N GLU HB 173 6.17 -12.78 -42.21
CA GLU HB 173 5.16 -13.42 -41.38
C GLU HB 173 3.77 -12.86 -41.63
N LYS HB 174 3.66 -11.73 -42.33
CA LYS HB 174 2.37 -11.19 -42.75
C LYS HB 174 2.55 -10.46 -44.07
N VAL HB 175 1.48 -10.43 -44.87
CA VAL HB 175 1.55 -9.73 -46.15
C VAL HB 175 1.67 -8.24 -45.91
N VAL HB 176 2.60 -7.61 -46.64
CA VAL HB 176 2.77 -6.16 -46.60
C VAL HB 176 3.74 -5.77 -47.71
N LEU HB 177 3.38 -4.77 -48.50
CA LEU HB 177 4.18 -4.32 -49.62
C LEU HB 177 4.51 -2.84 -49.46
N GLN HB 178 5.78 -2.54 -49.19
CA GLN HB 178 6.29 -1.19 -49.33
C GLN HB 178 6.42 -0.87 -50.81
N SER HB 179 5.96 0.31 -51.19
CA SER HB 179 5.90 0.75 -52.57
C SER HB 179 6.50 2.14 -52.70
N GLU HB 180 7.32 2.32 -53.73
CA GLU HB 180 7.99 3.58 -54.01
C GLU HB 180 7.70 3.92 -55.46
N PHE HB 181 6.86 4.92 -55.67
CA PHE HB 181 6.47 5.40 -56.99
C PHE HB 181 7.11 6.75 -57.23
N GLN HB 182 7.56 6.98 -58.46
CA GLN HB 182 8.13 8.26 -58.86
C GLN HB 182 7.15 8.97 -59.76
N ALA HB 183 6.82 10.21 -59.43
CA ALA HB 183 5.83 10.97 -60.19
C ALA HB 183 6.20 12.44 -60.17
N THR HB 184 6.12 13.10 -61.32
CA THR HB 184 6.71 14.42 -61.51
C THR HB 184 5.73 15.38 -62.16
N THR HB 185 5.85 16.67 -61.83
CA THR HB 185 5.12 17.72 -62.51
C THR HB 185 6.09 18.74 -63.10
N PHE HB 186 5.62 19.51 -64.09
CA PHE HB 186 6.52 20.25 -64.97
C PHE HB 186 6.34 21.76 -64.88
N ARG HB 187 6.95 22.39 -63.87
CA ARG HB 187 6.91 23.85 -63.73
C ARG HB 187 7.57 24.50 -64.93
N PHE HB 188 7.44 25.83 -65.06
CA PHE HB 188 8.13 26.54 -66.14
C PHE HB 188 9.59 26.75 -65.77
N VAL HB 189 10.37 27.31 -66.68
CA VAL HB 189 11.80 27.42 -66.47
C VAL HB 189 12.14 28.52 -65.44
N ALA IB 37 -24.51 124.63 -108.60
CA ALA IB 37 -24.80 125.35 -109.83
C ALA IB 37 -25.31 126.77 -109.53
N LYS IB 38 -25.36 127.61 -110.55
CA LYS IB 38 -25.70 129.03 -110.41
C LYS IB 38 -27.21 129.19 -110.49
N GLY IB 39 -27.85 129.31 -109.32
CA GLY IB 39 -29.30 129.41 -109.25
C GLY IB 39 -29.79 130.78 -108.78
N LYS IB 40 -31.01 131.11 -109.21
CA LYS IB 40 -31.74 132.26 -108.68
C LYS IB 40 -32.73 131.71 -107.68
N LEU IB 41 -32.40 131.86 -106.40
CA LEU IB 41 -33.03 131.15 -105.31
C LEU IB 41 -34.34 131.88 -104.98
N VAL IB 42 -34.72 131.93 -103.69
CA VAL IB 42 -35.87 132.81 -103.35
C VAL IB 42 -35.64 133.50 -102.01
N LEU IB 43 -36.64 134.23 -101.58
CA LEU IB 43 -36.50 135.07 -100.39
C LEU IB 43 -37.79 135.13 -99.59
N GLY IB 44 -37.73 134.63 -98.37
CA GLY IB 44 -38.83 134.75 -97.44
C GLY IB 44 -38.47 135.72 -96.33
N LEU IB 45 -39.51 136.28 -95.71
CA LEU IB 45 -39.31 137.00 -94.45
C LEU IB 45 -39.63 136.07 -93.29
N ASP IB 46 -38.65 135.23 -92.97
CA ASP IB 46 -38.91 134.12 -92.06
C ASP IB 46 -39.03 134.57 -90.62
N ILE IB 47 -38.35 135.65 -90.25
CA ILE IB 47 -38.49 136.15 -88.89
C ILE IB 47 -39.33 137.41 -88.89
N GLY IB 48 -40.41 137.40 -89.66
CA GLY IB 48 -41.34 138.51 -89.61
C GLY IB 48 -42.17 138.55 -88.35
N SER IB 49 -42.37 137.40 -87.70
CA SER IB 49 -43.17 137.33 -86.48
C SER IB 49 -44.60 137.80 -86.72
N THR IB 50 -44.78 139.02 -87.25
CA THR IB 50 -46.13 139.41 -87.68
C THR IB 50 -46.47 138.79 -89.03
N SER IB 51 -45.49 138.66 -89.93
CA SER IB 51 -45.82 138.20 -91.27
C SER IB 51 -44.67 137.48 -91.96
N ILE IB 52 -44.97 136.32 -92.55
CA ILE IB 52 -44.10 135.60 -93.46
C ILE IB 52 -44.32 136.16 -94.85
N LYS IB 53 -43.28 136.79 -95.41
CA LYS IB 53 -43.33 137.40 -96.73
C LYS IB 53 -42.27 136.76 -97.60
N MET IB 54 -42.46 136.77 -98.91
CA MET IB 54 -41.56 136.09 -99.83
C MET IB 54 -41.54 136.84 -101.16
N ILE IB 55 -40.37 136.86 -101.82
CA ILE IB 55 -40.17 137.65 -103.03
C ILE IB 55 -39.35 136.88 -104.04
N LEU IB 56 -39.76 136.96 -105.31
CA LEU IB 56 -39.01 136.43 -106.44
C LEU IB 56 -38.69 137.55 -107.43
N LEU IB 57 -37.40 137.91 -107.53
CA LEU IB 57 -36.87 138.69 -108.64
C LEU IB 57 -36.06 137.77 -109.55
N LYS IB 58 -35.94 138.11 -110.82
CA LYS IB 58 -34.98 137.38 -111.65
C LYS IB 58 -34.64 138.21 -112.88
N GLU IB 59 -33.82 137.62 -113.74
CA GLU IB 59 -33.44 138.19 -115.02
C GLU IB 59 -34.67 138.30 -115.92
N GLN IB 60 -35.30 139.47 -115.94
CA GLN IB 60 -36.45 139.70 -116.82
C GLN IB 60 -35.99 140.24 -118.16
N ARG IB 61 -36.53 139.67 -119.23
CA ARG IB 61 -36.22 140.08 -120.59
C ARG IB 61 -37.30 141.03 -121.12
N LYS IB 62 -36.87 142.18 -121.64
CA LYS IB 62 -37.70 143.05 -122.45
C LYS IB 62 -36.86 143.66 -123.55
N ARG IB 63 -37.30 143.48 -124.80
CA ARG IB 63 -36.65 144.07 -125.97
C ARG IB 63 -35.17 143.67 -126.05
N GLY IB 64 -34.89 142.39 -125.82
CA GLY IB 64 -33.55 141.89 -125.91
C GLY IB 64 -32.62 142.31 -124.80
N GLU IB 65 -33.10 143.07 -123.83
CA GLU IB 65 -32.34 143.44 -122.65
C GLU IB 65 -32.85 142.67 -121.45
N VAL IB 66 -31.98 142.45 -120.48
CA VAL IB 66 -32.30 141.69 -119.29
C VAL IB 66 -31.74 142.44 -118.09
N ILE IB 67 -32.54 142.51 -117.02
CA ILE IB 67 -32.10 143.04 -115.74
C ILE IB 67 -32.89 142.33 -114.65
N TYR IB 68 -32.35 142.38 -113.44
CA TYR IB 68 -33.10 141.98 -112.25
C TYR IB 68 -34.48 142.63 -112.27
N ALA IB 69 -35.51 141.83 -111.98
CA ALA IB 69 -36.84 142.41 -111.95
C ALA IB 69 -37.76 141.59 -111.06
N LEU IB 70 -38.72 142.28 -110.43
CA LEU IB 70 -39.70 141.61 -109.59
C LEU IB 70 -40.54 140.65 -110.42
N GLN IB 71 -40.60 139.39 -109.97
CA GLN IB 71 -41.43 138.38 -110.59
C GLN IB 71 -42.64 138.03 -109.76
N SER IB 72 -42.49 137.95 -108.45
CA SER IB 72 -43.62 137.71 -107.57
C SER IB 72 -43.25 138.14 -106.16
N PHE IB 73 -44.25 138.08 -105.27
CA PHE IB 73 -44.13 138.39 -103.87
C PHE IB 73 -45.40 137.87 -103.21
N GLY IB 74 -45.36 137.66 -101.91
CA GLY IB 74 -46.45 137.02 -101.21
C GLY IB 74 -46.33 137.27 -99.72
N MET IB 75 -47.48 137.38 -99.06
CA MET IB 75 -47.48 137.73 -97.66
C MET IB 75 -48.62 137.03 -96.95
N LYS IB 76 -48.30 136.39 -95.83
CA LYS IB 76 -49.27 135.75 -94.96
C LYS IB 76 -48.89 136.05 -93.53
N PRO IB 77 -49.83 136.50 -92.70
CA PRO IB 77 -49.48 136.78 -91.30
C PRO IB 77 -49.07 135.49 -90.59
N LEU IB 78 -48.12 135.62 -89.67
CA LEU IB 78 -47.57 134.45 -88.99
C LEU IB 78 -48.54 133.93 -87.93
N PRO IB 79 -49.03 132.72 -88.13
CA PRO IB 79 -49.53 131.89 -87.02
C PRO IB 79 -48.70 132.07 -85.76
N PRO IB 80 -49.24 132.78 -84.78
CA PRO IB 80 -48.65 132.82 -83.44
C PRO IB 80 -48.25 131.43 -82.95
N GLU IB 81 -47.30 131.38 -82.02
CA GLU IB 81 -46.89 130.11 -81.42
C GLU IB 81 -45.89 129.38 -82.31
N ALA IB 82 -45.82 129.77 -83.57
CA ALA IB 82 -44.82 129.25 -84.49
C ALA IB 82 -43.42 129.74 -84.11
N ILE IB 83 -43.30 131.00 -83.69
CA ILE IB 83 -42.03 131.54 -83.22
C ILE IB 83 -42.20 131.99 -81.78
N VAL IB 84 -41.32 131.53 -80.93
CA VAL IB 84 -41.21 131.99 -79.55
C VAL IB 84 -39.73 132.30 -79.30
N ASP IB 85 -39.47 133.48 -78.72
CA ASP IB 85 -38.14 133.95 -78.37
C ASP IB 85 -37.15 133.88 -79.54
N GLY IB 86 -37.62 134.07 -80.76
CA GLY IB 86 -36.75 134.05 -81.91
C GLY IB 86 -36.42 132.68 -82.44
N ALA IB 87 -36.95 131.63 -81.81
CA ALA IB 87 -36.69 130.27 -82.26
C ALA IB 87 -37.93 129.66 -82.90
N LEU IB 88 -37.72 128.81 -83.91
CA LEU IB 88 -38.79 127.99 -84.46
C LEU IB 88 -39.19 126.88 -83.49
N MET IB 89 -40.20 127.14 -82.67
CA MET IB 89 -40.64 126.20 -81.66
C MET IB 89 -41.42 125.05 -82.29
N ASN IB 90 -41.89 125.25 -83.52
CA ASN IB 90 -42.48 124.18 -84.31
C ASN IB 90 -42.21 124.35 -85.80
N SER IB 91 -41.23 123.60 -86.30
CA SER IB 91 -40.83 123.71 -87.70
C SER IB 91 -42.00 123.45 -88.64
N THR IB 92 -42.79 122.42 -88.34
CA THR IB 92 -43.64 121.79 -89.33
C THR IB 92 -44.73 122.73 -89.81
N ALA IB 93 -45.40 123.38 -88.85
CA ALA IB 93 -46.49 124.30 -89.16
C ALA IB 93 -46.00 125.48 -89.99
N ILE IB 94 -44.95 126.16 -89.50
CA ILE IB 94 -44.31 127.22 -90.29
C ILE IB 94 -44.04 126.74 -91.71
N VAL IB 95 -43.64 125.47 -91.85
CA VAL IB 95 -43.55 124.84 -93.18
C VAL IB 95 -44.85 125.01 -93.92
N GLN IB 96 -45.98 124.62 -93.29
CA GLN IB 96 -47.24 124.74 -94.03
C GLN IB 96 -47.44 126.16 -94.53
N ALA IB 97 -47.10 127.13 -93.69
CA ALA IB 97 -47.23 128.52 -94.11
C ALA IB 97 -46.32 128.84 -95.29
N VAL IB 98 -45.03 128.51 -95.20
CA VAL IB 98 -44.08 128.82 -96.26
C VAL IB 98 -44.54 128.23 -97.60
N GLN IB 99 -45.05 127.00 -97.57
CA GLN IB 99 -45.53 126.34 -98.79
C GLN IB 99 -46.75 127.07 -99.37
N ASP IB 100 -47.66 127.52 -98.48
CA ASP IB 100 -48.70 128.46 -98.93
C ASP IB 100 -48.08 129.66 -99.64
N LEU IB 101 -47.02 130.23 -99.08
CA LEU IB 101 -46.32 131.33 -99.74
C LEU IB 101 -45.92 130.94 -101.15
N MET IB 102 -45.28 129.78 -101.31
CA MET IB 102 -44.69 129.41 -102.60
C MET IB 102 -45.76 129.17 -103.66
N SER IB 103 -46.87 128.52 -103.28
CA SER IB 103 -47.94 128.26 -104.25
C SER IB 103 -48.73 129.53 -104.57
N GLU IB 104 -48.96 130.37 -103.56
CA GLU IB 104 -49.52 131.70 -103.81
C GLU IB 104 -48.66 132.45 -104.83
N LEU IB 105 -47.35 132.45 -104.60
CA LEU IB 105 -46.35 133.00 -105.51
C LEU IB 105 -46.48 132.44 -106.93
N LYS IB 106 -46.83 131.16 -107.06
CA LYS IB 106 -46.79 130.44 -108.34
C LYS IB 106 -45.36 130.32 -108.85
N VAL IB 107 -44.43 129.93 -107.98
CA VAL IB 107 -43.01 129.94 -108.31
C VAL IB 107 -42.48 128.54 -108.51
N LYS IB 108 -41.70 128.37 -109.57
CA LYS IB 108 -40.97 127.13 -109.75
C LYS IB 108 -39.87 126.91 -108.74
N GLY IB 109 -39.24 127.98 -108.27
CA GLY IB 109 -37.97 127.85 -107.58
C GLY IB 109 -38.11 127.25 -106.20
N LYS IB 110 -37.09 126.46 -105.81
CA LYS IB 110 -37.07 125.78 -104.53
C LYS IB 110 -35.77 126.00 -103.77
N ASP IB 111 -34.98 126.99 -104.16
CA ASP IB 111 -33.84 127.41 -103.36
C ASP IB 111 -34.18 128.74 -102.72
N VAL IB 112 -33.59 129.00 -101.55
CA VAL IB 112 -34.01 130.14 -100.76
C VAL IB 112 -32.81 130.71 -100.02
N ALA IB 113 -32.78 132.03 -99.89
CA ALA IB 113 -32.05 132.68 -98.82
C ALA IB 113 -33.08 133.09 -97.76
N ILE IB 114 -32.66 133.10 -96.50
CA ILE IB 114 -33.55 133.58 -95.45
C ILE IB 114 -32.74 134.29 -94.38
N GLY IB 115 -33.39 134.60 -93.26
CA GLY IB 115 -32.75 135.37 -92.21
C GLY IB 115 -33.11 134.83 -90.84
N VAL IB 116 -32.20 135.06 -89.90
CA VAL IB 116 -32.42 134.69 -88.51
C VAL IB 116 -33.12 135.82 -87.78
N SER IB 117 -33.65 135.50 -86.61
CA SER IB 117 -34.29 136.52 -85.78
C SER IB 117 -33.24 137.45 -85.20
N GLY IB 118 -33.53 138.75 -85.20
CA GLY IB 118 -32.70 139.69 -84.46
C GLY IB 118 -32.53 139.31 -83.01
N HIS IB 119 -33.56 138.69 -82.42
CA HIS IB 119 -33.46 138.17 -81.06
C HIS IB 119 -32.65 136.89 -80.97
N SER IB 120 -32.32 136.29 -82.11
CA SER IB 120 -31.60 135.01 -82.13
C SER IB 120 -30.13 135.16 -82.50
N VAL IB 121 -29.68 136.37 -82.83
CA VAL IB 121 -28.34 136.60 -83.31
C VAL IB 121 -27.66 137.66 -82.45
N ILE IB 122 -26.40 137.42 -82.12
CA ILE IB 122 -25.53 138.43 -81.54
C ILE IB 122 -24.69 139.00 -82.67
N ILE IB 123 -24.81 140.31 -82.91
CA ILE IB 123 -24.00 141.02 -83.89
C ILE IB 123 -23.13 141.99 -83.13
N LYS IB 124 -21.82 141.94 -83.39
CA LYS IB 124 -20.98 142.90 -82.68
C LYS IB 124 -19.60 142.96 -83.34
N LYS IB 125 -18.94 144.12 -83.20
CA LYS IB 125 -17.65 144.33 -83.82
C LYS IB 125 -16.54 143.63 -83.03
N ILE IB 126 -15.41 143.36 -83.72
CA ILE IB 126 -14.28 142.60 -83.17
C ILE IB 126 -12.97 143.03 -83.84
N GLN IB 127 -11.95 143.36 -83.04
CA GLN IB 127 -10.65 143.78 -83.55
C GLN IB 127 -9.61 142.67 -83.35
N MET IB 128 -8.84 142.38 -84.41
CA MET IB 128 -7.89 141.25 -84.46
C MET IB 128 -6.59 141.62 -85.18
N PRO IB 129 -5.75 140.64 -85.59
CA PRO IB 129 -4.71 140.95 -86.58
C PRO IB 129 -4.85 140.21 -87.91
N ARG IB 130 -4.57 140.91 -89.00
CA ARG IB 130 -4.70 140.36 -90.34
C ARG IB 130 -3.69 139.23 -90.56
N MET IB 131 -4.21 138.08 -90.98
CA MET IB 131 -3.35 136.93 -91.29
C MET IB 131 -4.00 135.97 -92.28
N SER IB 132 -3.55 134.71 -92.24
CA SER IB 132 -4.16 133.66 -93.04
C SER IB 132 -5.60 133.42 -92.60
N GLN IB 133 -6.43 132.95 -93.54
CA GLN IB 133 -7.87 132.80 -93.25
C GLN IB 133 -8.11 131.88 -92.06
N ASP IB 134 -7.44 130.73 -92.02
CA ASP IB 134 -7.65 129.81 -90.91
C ASP IB 134 -7.32 130.46 -89.57
N GLU IB 135 -6.18 131.14 -89.49
CA GLU IB 135 -5.78 131.77 -88.24
C GLU IB 135 -6.74 132.88 -87.84
N LEU IB 136 -7.37 133.53 -88.82
CA LEU IB 136 -8.36 134.56 -88.49
C LEU IB 136 -9.65 133.92 -88.00
N GLU IB 137 -10.09 132.83 -88.64
CA GLU IB 137 -11.34 132.21 -88.21
C GLU IB 137 -11.21 131.66 -86.80
N GLU IB 138 -10.10 130.96 -86.52
CA GLU IB 138 -9.90 130.45 -85.17
C GLU IB 138 -9.73 131.59 -84.17
N SER IB 139 -8.88 132.57 -84.47
CA SER IB 139 -8.73 133.73 -83.61
C SER IB 139 -10.09 134.41 -83.36
N ILE IB 140 -10.92 134.47 -84.41
CA ILE IB 140 -12.23 135.10 -84.34
C ILE IB 140 -13.13 134.36 -83.36
N GLN IB 141 -13.20 133.04 -83.52
CA GLN IB 141 -13.93 132.20 -82.59
C GLN IB 141 -13.45 132.42 -81.16
N TRP IB 142 -12.13 132.49 -80.98
CA TRP IB 142 -11.54 132.63 -79.66
C TRP IB 142 -11.97 133.94 -79.01
N GLU IB 143 -11.99 135.03 -79.78
CA GLU IB 143 -12.38 136.30 -79.19
C GLU IB 143 -13.88 136.38 -78.95
N ALA IB 144 -14.68 135.81 -79.84
CA ALA IB 144 -16.12 135.77 -79.60
C ALA IB 144 -16.49 134.96 -78.38
N GLU IB 145 -15.62 134.04 -77.96
CA GLU IB 145 -16.02 133.03 -76.99
C GLU IB 145 -16.61 133.64 -75.71
N GLN IB 146 -15.93 134.64 -75.15
CA GLN IB 146 -16.42 135.34 -73.96
C GLN IB 146 -17.71 136.14 -74.23
N TYR IB 147 -17.97 136.56 -75.48
CA TYR IB 147 -19.01 137.54 -75.76
C TYR IB 147 -20.35 136.86 -76.05
N ILE IB 148 -20.34 135.53 -76.00
CA ILE IB 148 -21.44 134.63 -76.31
C ILE IB 148 -21.85 133.96 -75.00
N PRO IB 149 -23.02 134.27 -74.44
CA PRO IB 149 -23.42 133.68 -73.16
C PRO IB 149 -23.85 132.22 -73.26
N PHE IB 150 -23.45 131.49 -74.30
CA PHE IB 150 -23.75 130.08 -74.42
C PHE IB 150 -22.46 129.34 -74.72
N ASP IB 151 -22.48 128.03 -74.55
CA ASP IB 151 -21.41 127.24 -75.13
C ASP IB 151 -21.41 127.41 -76.64
N VAL IB 152 -20.33 126.98 -77.27
CA VAL IB 152 -20.31 126.87 -78.73
C VAL IB 152 -20.46 125.38 -79.01
N LYS IB 153 -21.66 124.85 -79.31
CA LYS IB 153 -23.01 125.45 -79.34
C LYS IB 153 -23.25 126.90 -79.85
N ASP IB 154 -22.55 127.28 -80.93
CA ASP IB 154 -22.81 128.53 -81.64
C ASP IB 154 -22.25 128.46 -83.06
N VAL IB 155 -23.06 128.92 -84.03
CA VAL IB 155 -22.67 129.13 -85.43
C VAL IB 155 -22.19 130.56 -85.56
N ASN IB 156 -21.00 130.72 -86.14
CA ASN IB 156 -20.26 131.98 -86.16
C ASN IB 156 -19.89 132.33 -87.59
N ILE IB 157 -19.98 133.64 -87.92
CA ILE IB 157 -19.58 134.15 -89.22
C ILE IB 157 -19.15 135.60 -89.07
N ASP IB 158 -18.11 136.00 -89.79
CA ASP IB 158 -17.63 137.37 -89.69
C ASP IB 158 -17.56 138.00 -91.08
N THR IB 159 -17.60 139.33 -91.12
CA THR IB 159 -17.10 140.00 -92.32
C THR IB 159 -16.32 141.24 -91.90
N GLN IB 160 -15.40 141.65 -92.76
CA GLN IB 160 -14.50 142.73 -92.37
C GLN IB 160 -15.12 144.08 -92.72
N ILE IB 161 -15.13 144.97 -91.73
CA ILE IB 161 -15.73 146.30 -91.90
C ILE IB 161 -14.94 147.16 -92.87
N LEU IB 162 -13.67 146.82 -93.12
CA LEU IB 162 -12.86 147.45 -94.13
C LEU IB 162 -12.19 146.37 -94.98
N ASP IB 163 -11.82 146.73 -96.20
CA ASP IB 163 -11.26 145.75 -97.13
C ASP IB 163 -9.94 145.21 -96.59
N GLY IB 164 -9.84 143.88 -96.53
CA GLY IB 164 -8.64 143.26 -95.99
C GLY IB 164 -7.41 143.47 -96.86
N GLY IB 165 -7.60 143.59 -98.18
CA GLY IB 165 -6.48 143.82 -99.07
C GLY IB 165 -5.81 145.16 -98.89
N GLY IB 166 -6.47 146.09 -98.20
CA GLY IB 166 -5.91 147.41 -97.94
C GLY IB 166 -4.97 147.50 -96.77
N ASN IB 167 -4.72 146.39 -96.07
CA ASN IB 167 -3.83 146.37 -94.91
C ASN IB 167 -2.96 145.13 -94.96
N ASP IB 168 -1.81 145.20 -94.29
CA ASP IB 168 -0.87 144.11 -94.28
C ASP IB 168 -1.23 143.09 -93.19
N ALA IB 169 -0.53 141.96 -93.23
CA ALA IB 169 -0.63 140.98 -92.16
C ALA IB 169 -0.26 141.62 -90.83
N THR IB 170 -0.89 141.14 -89.76
CA THR IB 170 -0.68 141.56 -88.37
C THR IB 170 -1.30 142.93 -88.05
N GLY IB 171 -1.70 143.70 -89.05
CA GLY IB 171 -2.22 145.03 -88.77
C GLY IB 171 -3.60 145.31 -89.29
N GLN IB 172 -4.38 146.12 -88.56
CA GLN IB 172 -5.68 146.65 -89.00
C GLN IB 172 -6.66 145.55 -89.40
N MET IB 173 -6.87 144.60 -88.49
CA MET IB 173 -7.96 143.67 -88.68
C MET IB 173 -9.18 144.13 -87.91
N ASP IB 174 -10.32 144.07 -88.59
CA ASP IB 174 -11.59 144.37 -87.97
C ASP IB 174 -12.58 143.46 -88.69
N VAL IB 175 -13.12 142.50 -87.96
CA VAL IB 175 -14.26 141.74 -88.46
C VAL IB 175 -15.40 142.06 -87.52
N LEU IB 176 -16.62 141.90 -88.00
CA LEU IB 176 -17.79 141.91 -87.13
C LEU IB 176 -18.33 140.48 -87.14
N LEU IB 177 -18.70 139.99 -85.96
CA LEU IB 177 -19.17 138.63 -85.80
C LEU IB 177 -20.69 138.60 -85.65
N VAL IB 178 -21.29 137.67 -86.38
CA VAL IB 178 -22.66 137.23 -86.23
C VAL IB 178 -22.62 135.85 -85.61
N ALA IB 179 -23.36 135.68 -84.51
CA ALA IB 179 -23.28 134.48 -83.70
C ALA IB 179 -24.68 134.01 -83.35
N ALA IB 180 -24.88 132.70 -83.28
CA ALA IB 180 -26.23 132.15 -83.18
C ALA IB 180 -26.20 130.75 -82.58
N LYS IB 181 -27.27 130.38 -81.89
CA LYS IB 181 -27.37 129.02 -81.37
C LYS IB 181 -27.67 128.04 -82.49
N LYS IB 182 -27.13 126.80 -82.38
CA LYS IB 182 -27.50 125.76 -83.34
C LYS IB 182 -29.00 125.53 -83.34
N ASP IB 183 -29.62 125.53 -82.17
CA ASP IB 183 -31.03 125.18 -82.09
C ASP IB 183 -31.88 126.12 -82.94
N MET IB 184 -31.47 127.38 -83.03
CA MET IB 184 -32.19 128.32 -83.90
C MET IB 184 -31.97 127.97 -85.37
N ILE IB 185 -30.72 127.97 -85.82
CA ILE IB 185 -30.39 127.60 -87.20
C ILE IB 185 -31.05 126.28 -87.58
N ASN IB 186 -30.97 125.29 -86.69
CA ASN IB 186 -31.53 123.96 -86.95
C ASN IB 186 -33.04 124.01 -87.06
N ASP IB 187 -33.68 124.85 -86.22
CA ASP IB 187 -35.11 125.10 -86.38
C ASP IB 187 -35.42 125.63 -87.77
N TYR IB 188 -34.61 126.59 -88.23
CA TYR IB 188 -34.89 127.23 -89.51
C TYR IB 188 -34.63 126.28 -90.68
N THR IB 189 -33.47 125.62 -90.70
CA THR IB 189 -33.21 124.59 -91.70
C THR IB 189 -34.27 123.51 -91.66
N THR IB 190 -34.82 123.23 -90.48
CA THR IB 190 -35.97 122.31 -90.41
C THR IB 190 -37.12 122.84 -91.24
N VAL IB 191 -37.62 124.04 -90.90
CA VAL IB 191 -38.72 124.64 -91.65
C VAL IB 191 -38.43 124.61 -93.14
N VAL IB 192 -37.19 124.87 -93.52
CA VAL IB 192 -36.87 125.01 -94.94
C VAL IB 192 -36.85 123.65 -95.63
N SER IB 193 -36.09 122.72 -95.07
CA SER IB 193 -36.09 121.33 -95.52
C SER IB 193 -37.52 120.83 -95.79
N GLU IB 194 -38.49 121.22 -94.96
CA GLU IB 194 -39.80 120.61 -95.14
C GLU IB 194 -40.65 121.35 -96.17
N ALA IB 195 -40.49 122.67 -96.35
CA ALA IB 195 -41.17 123.35 -97.45
C ALA IB 195 -40.67 122.90 -98.82
N GLY IB 196 -39.78 121.92 -98.87
CA GLY IB 196 -39.14 121.55 -100.11
C GLY IB 196 -38.10 122.54 -100.59
N LEU IB 197 -37.69 123.46 -99.72
CA LEU IB 197 -36.73 124.50 -100.07
C LEU IB 197 -35.32 124.08 -99.69
N ALA IB 198 -34.34 124.65 -100.37
CA ALA IB 198 -32.94 124.40 -100.07
C ALA IB 198 -32.25 125.74 -99.79
N PRO IB 199 -31.74 125.96 -98.58
CA PRO IB 199 -31.10 127.24 -98.28
C PRO IB 199 -29.67 127.29 -98.78
N VAL IB 200 -29.27 128.47 -99.26
CA VAL IB 200 -27.87 128.71 -99.60
C VAL IB 200 -27.25 129.80 -98.73
N VAL IB 201 -28.06 130.71 -98.19
CA VAL IB 201 -27.58 131.82 -97.37
C VAL IB 201 -28.55 132.01 -96.20
N VAL IB 202 -28.01 132.04 -94.99
CA VAL IB 202 -28.76 132.41 -93.80
C VAL IB 202 -28.19 133.74 -93.33
N ASP IB 203 -28.85 134.82 -93.72
CA ASP IB 203 -28.34 136.17 -93.59
C ASP IB 203 -28.96 136.78 -92.33
N VAL IB 204 -28.66 138.05 -92.06
CA VAL IB 204 -29.18 138.76 -90.90
C VAL IB 204 -29.94 139.99 -91.39
N ASP IB 205 -31.00 140.36 -90.67
CA ASP IB 205 -31.98 141.29 -91.24
C ASP IB 205 -31.47 142.72 -91.28
N ALA IB 206 -30.67 143.14 -90.29
CA ALA IB 206 -30.22 144.52 -90.23
C ALA IB 206 -29.38 144.91 -91.44
N PHE IB 207 -28.75 143.94 -92.09
CA PHE IB 207 -27.91 144.18 -93.27
C PHE IB 207 -28.60 143.77 -94.55
N ALA IB 208 -29.45 142.74 -94.48
CA ALA IB 208 -30.25 142.35 -95.63
C ALA IB 208 -31.21 143.45 -96.03
N VAL IB 209 -31.71 144.21 -95.05
CA VAL IB 209 -32.63 145.31 -95.33
C VAL IB 209 -31.93 146.42 -96.11
N GLN IB 210 -30.60 146.44 -96.12
CA GLN IB 210 -29.83 147.52 -96.73
C GLN IB 210 -29.55 147.30 -98.21
N ASN IB 211 -29.63 146.05 -98.69
CA ASN IB 211 -29.23 145.74 -100.05
C ASN IB 211 -30.05 146.50 -101.09
N MET IB 212 -31.27 146.89 -100.73
CA MET IB 212 -32.15 147.65 -101.61
C MET IB 212 -31.70 149.09 -101.74
N PHE IB 213 -31.07 149.61 -100.69
CA PHE IB 213 -30.63 150.98 -100.66
C PHE IB 213 -29.13 151.10 -100.89
N SER IB 214 -28.43 149.99 -101.14
CA SER IB 214 -26.97 150.00 -101.18
C SER IB 214 -26.43 150.87 -102.31
N VAL IB 215 -27.05 150.83 -103.49
CA VAL IB 215 -26.62 151.69 -104.58
C VAL IB 215 -26.82 153.16 -104.21
N ASN IB 216 -28.02 153.49 -103.71
CA ASN IB 216 -28.35 154.87 -103.37
C ASN IB 216 -27.46 155.40 -102.25
N TYR IB 217 -27.06 154.51 -101.34
CA TYR IB 217 -26.10 154.85 -100.29
C TYR IB 217 -24.70 155.03 -100.86
N ASP IB 218 -24.34 154.18 -101.83
CA ASP IB 218 -23.02 154.27 -102.46
C ASP IB 218 -22.89 155.55 -103.27
N VAL IB 219 -24.02 156.21 -103.57
CA VAL IB 219 -23.95 157.53 -104.20
C VAL IB 219 -23.27 158.55 -103.30
N PRO IB 220 -23.63 158.74 -102.00
CA PRO IB 220 -22.80 159.57 -101.12
C PRO IB 220 -21.79 158.78 -100.31
N GLU IB 221 -20.50 158.86 -100.65
CA GLU IB 221 -19.54 157.92 -100.06
C GLU IB 221 -19.02 158.37 -98.70
N ARG IB 222 -19.19 159.65 -98.35
CA ARG IB 222 -18.75 160.14 -97.05
C ARG IB 222 -19.89 160.62 -96.16
N GLU IB 223 -21.14 160.41 -96.57
CA GLU IB 223 -22.28 160.80 -95.75
C GLU IB 223 -22.63 159.71 -94.76
N THR IB 224 -22.89 160.12 -93.52
CA THR IB 224 -23.30 159.23 -92.45
C THR IB 224 -24.83 159.11 -92.46
N VAL IB 225 -25.33 157.89 -92.66
CA VAL IB 225 -26.76 157.63 -92.79
C VAL IB 225 -27.19 156.68 -91.69
N VAL IB 226 -28.38 156.90 -91.14
CA VAL IB 226 -28.96 155.91 -90.24
C VAL IB 226 -30.08 155.18 -90.99
N LEU IB 227 -30.26 153.91 -90.64
CA LEU IB 227 -31.34 153.09 -91.17
C LEU IB 227 -32.00 152.38 -90.01
N ILE IB 228 -33.27 152.70 -89.79
CA ILE IB 228 -34.07 152.05 -88.75
C ILE IB 228 -34.99 151.05 -89.44
N ASN IB 229 -35.00 149.81 -88.95
CA ASN IB 229 -36.03 148.85 -89.33
C ASN IB 229 -36.83 148.58 -88.06
N ALA IB 230 -38.01 149.19 -87.99
CA ALA IB 230 -38.93 148.97 -86.89
C ALA IB 230 -39.84 147.79 -87.25
N GLY IB 231 -39.54 146.64 -86.67
CA GLY IB 231 -40.30 145.43 -86.91
C GLY IB 231 -41.35 145.20 -85.84
N ALA IB 232 -41.86 143.98 -85.80
CA ALA IB 232 -42.81 143.59 -84.76
C ALA IB 232 -42.15 142.99 -83.54
N SER IB 233 -40.96 142.38 -83.68
CA SER IB 233 -40.25 141.79 -82.57
C SER IB 233 -39.06 142.62 -82.08
N VAL IB 234 -38.55 143.51 -82.92
CA VAL IB 234 -37.29 144.18 -82.65
C VAL IB 234 -37.21 145.40 -83.55
N VAL IB 235 -36.44 146.40 -83.13
CA VAL IB 235 -36.11 147.55 -83.97
C VAL IB 235 -34.59 147.55 -84.15
N ASN IB 236 -34.13 147.49 -85.39
CA ASN IB 236 -32.70 147.59 -85.61
C ASN IB 236 -32.32 148.99 -86.07
N ILE IB 237 -31.16 149.42 -85.59
CA ILE IB 237 -30.46 150.60 -86.07
C ILE IB 237 -29.17 150.10 -86.69
N ASN IB 238 -28.95 150.42 -87.95
CA ASN IB 238 -27.59 150.34 -88.46
C ASN IB 238 -27.26 151.70 -89.05
N ILE IB 239 -26.05 152.17 -88.75
CA ILE IB 239 -25.57 153.46 -89.22
C ILE IB 239 -24.27 153.28 -89.97
N ILE IB 240 -24.15 153.99 -91.09
CA ILE IB 240 -23.19 153.75 -92.16
C ILE IB 240 -22.49 155.04 -92.57
N SER IB 241 -21.30 154.90 -93.12
CA SER IB 241 -20.71 155.88 -94.03
C SER IB 241 -20.71 155.27 -95.41
N ASN IB 242 -21.52 155.82 -96.31
CA ASN IB 242 -21.79 155.26 -97.64
C ASN IB 242 -22.64 154.01 -97.44
N GLY IB 243 -22.36 152.91 -98.13
CA GLY IB 243 -22.92 151.62 -97.80
C GLY IB 243 -21.89 150.78 -97.08
N ALA IB 244 -21.17 151.43 -96.18
CA ALA IB 244 -20.21 150.78 -95.30
C ALA IB 244 -20.75 150.88 -93.88
N THR IB 245 -21.30 149.77 -93.37
CA THR IB 245 -21.83 149.76 -92.02
C THR IB 245 -20.75 150.18 -91.04
N VAL IB 246 -21.09 151.12 -90.17
CA VAL IB 246 -20.25 151.48 -89.05
C VAL IB 246 -20.68 150.78 -87.78
N PHE IB 247 -21.99 150.63 -87.56
CA PHE IB 247 -22.40 149.80 -86.43
C PHE IB 247 -23.89 149.44 -86.56
N THR IB 248 -24.30 148.51 -85.69
CA THR IB 248 -25.68 148.06 -85.56
C THR IB 248 -26.02 147.89 -84.08
N ARG IB 249 -27.29 148.09 -83.75
CA ARG IB 249 -27.80 147.95 -82.40
C ARG IB 249 -29.27 147.54 -82.50
N ASP IB 250 -29.67 146.57 -81.65
CA ASP IB 250 -31.00 146.00 -81.72
C ASP IB 250 -31.75 146.27 -80.42
N VAL IB 251 -32.94 146.82 -80.54
CA VAL IB 251 -33.75 147.26 -79.41
C VAL IB 251 -34.97 146.37 -79.29
N THR IB 252 -35.21 145.87 -78.07
CA THR IB 252 -36.32 144.94 -77.84
C THR IB 252 -37.66 145.57 -78.20
N ILE IB 253 -37.75 146.89 -78.15
CA ILE IB 253 -39.01 147.57 -78.38
C ILE IB 253 -39.37 147.49 -79.86
N GLY IB 254 -40.67 147.40 -80.14
CA GLY IB 254 -41.14 147.30 -81.50
C GLY IB 254 -42.64 147.53 -81.56
N GLY IB 255 -43.22 147.16 -82.70
CA GLY IB 255 -44.65 147.39 -82.90
C GLY IB 255 -45.52 146.53 -82.00
N ASN IB 256 -45.02 145.35 -81.62
CA ASN IB 256 -45.74 144.53 -80.66
C ASN IB 256 -46.03 145.30 -79.39
N GLN IB 257 -45.12 146.19 -78.99
CA GLN IB 257 -45.35 146.97 -77.77
C GLN IB 257 -46.49 147.96 -77.94
N PHE IB 258 -46.58 148.60 -79.11
CA PHE IB 258 -47.70 149.49 -79.38
C PHE IB 258 -49.02 148.71 -79.33
N THR IB 259 -49.09 147.61 -80.08
CA THR IB 259 -50.29 146.80 -80.07
C THR IB 259 -50.66 146.34 -78.66
N GLU IB 260 -49.65 145.95 -77.87
CA GLU IB 260 -49.90 145.44 -76.54
C GLU IB 260 -50.38 146.53 -75.59
N GLU IB 261 -49.94 147.77 -75.77
CA GLU IB 261 -50.48 148.85 -74.96
C GLU IB 261 -51.93 149.13 -75.34
N ILE IB 262 -52.22 149.15 -76.64
CA ILE IB 262 -53.62 149.30 -77.09
C ILE IB 262 -54.48 148.20 -76.48
N GLN IB 263 -53.97 146.96 -76.49
CA GLN IB 263 -54.71 145.84 -75.93
C GLN IB 263 -54.93 146.00 -74.44
N LYS IB 264 -53.89 146.41 -73.71
CA LYS IB 264 -54.01 146.62 -72.27
C LYS IB 264 -55.08 147.64 -71.94
N GLN IB 265 -55.09 148.78 -72.63
CA GLN IB 265 -55.93 149.90 -72.22
C GLN IB 265 -57.38 149.76 -72.67
N LEU IB 266 -57.75 148.69 -73.37
CA LEU IB 266 -59.11 148.53 -73.85
C LEU IB 266 -59.53 147.06 -73.82
N ASN IB 267 -58.90 146.27 -72.95
CA ASN IB 267 -58.98 144.80 -72.89
C ASN IB 267 -59.46 144.18 -74.20
N VAL IB 268 -58.64 144.34 -75.22
CA VAL IB 268 -58.89 143.90 -76.59
C VAL IB 268 -58.03 142.67 -76.87
N SER IB 269 -58.38 141.87 -77.88
CA SER IB 269 -57.49 140.80 -78.31
C SER IB 269 -56.31 141.40 -79.09
N TYR IB 270 -55.25 140.61 -79.31
CA TYR IB 270 -54.08 141.16 -80.00
C TYR IB 270 -54.43 141.63 -81.40
N GLU IB 271 -55.22 140.84 -82.14
CA GLU IB 271 -55.49 141.16 -83.54
C GLU IB 271 -56.34 142.42 -83.68
N GLU IB 272 -57.39 142.52 -82.86
CA GLU IB 272 -58.24 143.71 -82.92
C GLU IB 272 -57.50 144.96 -82.45
N ALA IB 273 -56.64 144.83 -81.45
CA ALA IB 273 -55.81 145.95 -81.05
C ALA IB 273 -54.84 146.33 -82.16
N GLU IB 274 -54.40 145.34 -82.93
CA GLU IB 274 -53.52 145.60 -84.07
C GLU IB 274 -54.26 146.38 -85.15
N ALA IB 275 -55.49 145.96 -85.48
CA ALA IB 275 -56.29 146.68 -86.46
C ALA IB 275 -56.56 148.11 -85.99
N LEU IB 276 -56.93 148.26 -84.72
CA LEU IB 276 -57.14 149.60 -84.16
C LEU IB 276 -55.90 150.45 -84.30
N LYS IB 277 -54.73 149.83 -84.12
CA LYS IB 277 -53.48 150.54 -84.39
C LYS IB 277 -53.42 150.99 -85.84
N ILE IB 278 -53.43 150.04 -86.78
CA ILE IB 278 -53.35 150.31 -88.22
C ILE IB 278 -54.37 151.34 -88.64
N GLY IB 279 -55.62 150.90 -88.86
CA GLY IB 279 -56.64 151.80 -89.38
C GLY IB 279 -57.08 152.85 -88.39
N GLY IB 280 -57.14 152.48 -87.10
CA GLY IB 280 -57.42 153.46 -86.07
C GLY IB 280 -56.54 154.69 -86.16
N ASN IB 281 -55.23 154.52 -86.36
CA ASN IB 281 -54.29 155.64 -86.26
C ASN IB 281 -54.16 156.47 -87.53
N GLY IB 282 -54.63 156.00 -88.67
CA GLY IB 282 -54.34 156.70 -89.92
C GLY IB 282 -55.50 157.12 -90.81
N ALA IB 283 -56.74 156.75 -90.47
CA ALA IB 283 -57.87 157.07 -91.32
C ALA IB 283 -58.11 158.57 -91.36
N ASP IB 284 -58.74 159.04 -92.45
CA ASP IB 284 -59.14 160.45 -92.51
C ASP IB 284 -60.23 160.75 -91.49
N ALA IB 285 -60.99 159.74 -91.09
CA ALA IB 285 -62.05 159.87 -90.11
C ALA IB 285 -61.59 159.64 -88.68
N ASP IB 286 -60.28 159.57 -88.43
CA ASP IB 286 -59.76 159.14 -87.14
C ASP IB 286 -59.66 160.27 -86.12
N ALA IB 287 -60.37 161.38 -86.30
CA ALA IB 287 -60.13 162.56 -85.49
C ALA IB 287 -60.43 162.33 -84.01
N VAL IB 288 -61.27 161.35 -83.68
CA VAL IB 288 -61.71 161.19 -82.29
C VAL IB 288 -60.85 160.17 -81.57
N VAL IB 289 -60.15 159.35 -82.34
CA VAL IB 289 -59.41 158.18 -81.87
C VAL IB 289 -57.92 158.44 -81.64
N PRO IB 290 -57.31 159.61 -81.97
CA PRO IB 290 -55.90 159.74 -81.61
C PRO IB 290 -55.73 160.25 -80.20
N GLN IB 291 -56.82 160.68 -79.58
CA GLN IB 291 -56.83 160.89 -78.14
C GLN IB 291 -56.88 159.55 -77.42
N ASP IB 292 -57.88 158.74 -77.74
CA ASP IB 292 -58.05 157.45 -77.07
C ASP IB 292 -56.86 156.54 -77.31
N VAL IB 293 -56.35 156.53 -78.54
CA VAL IB 293 -55.20 155.68 -78.86
C VAL IB 293 -53.90 156.34 -78.45
N GLU IB 294 -53.69 157.59 -78.90
CA GLU IB 294 -52.41 158.24 -78.63
C GLU IB 294 -52.11 158.24 -77.13
N ARG IB 295 -53.14 158.48 -76.31
CA ARG IB 295 -52.94 158.39 -74.86
C ARG IB 295 -52.51 156.99 -74.43
N VAL IB 296 -52.93 155.98 -75.19
CA VAL IB 296 -52.54 154.61 -74.90
C VAL IB 296 -51.09 154.35 -75.30
N LEU IB 297 -50.70 154.85 -76.48
CA LEU IB 297 -49.39 154.59 -77.08
C LEU IB 297 -48.33 155.60 -76.69
N SER IB 298 -48.67 156.59 -75.86
CA SER IB 298 -47.77 157.71 -75.62
C SER IB 298 -46.55 157.26 -74.84
N SER IB 299 -46.74 156.39 -73.85
CA SER IB 299 -45.60 155.86 -73.11
C SER IB 299 -44.65 155.09 -74.02
N VAL IB 300 -45.19 154.34 -75.00
CA VAL IB 300 -44.33 153.63 -75.94
C VAL IB 300 -43.59 154.62 -76.84
N ALA IB 301 -44.29 155.65 -77.33
CA ALA IB 301 -43.61 156.65 -78.15
C ALA IB 301 -42.45 157.28 -77.38
N GLU IB 302 -42.69 157.63 -76.11
CA GLU IB 302 -41.63 158.19 -75.27
C GLU IB 302 -40.47 157.21 -75.12
N GLN IB 303 -40.77 155.95 -74.78
CA GLN IB 303 -39.72 154.99 -74.51
C GLN IB 303 -38.92 154.65 -75.77
N VAL IB 304 -39.60 154.56 -76.92
CA VAL IB 304 -38.89 154.38 -78.18
C VAL IB 304 -37.96 155.56 -78.44
N ALA IB 305 -38.48 156.78 -78.33
CA ALA IB 305 -37.65 157.96 -78.56
C ALA IB 305 -36.44 157.99 -77.64
N GLY IB 306 -36.62 157.63 -76.37
CA GLY IB 306 -35.50 157.63 -75.44
C GLY IB 306 -34.49 156.54 -75.76
N GLU IB 307 -34.96 155.38 -76.21
CA GLU IB 307 -34.05 154.30 -76.54
C GLU IB 307 -33.25 154.61 -77.80
N ILE IB 308 -33.87 155.27 -78.79
CA ILE IB 308 -33.17 155.68 -80.00
C ILE IB 308 -32.17 156.79 -79.70
N GLN IB 309 -32.59 157.82 -78.94
CA GLN IB 309 -31.66 158.84 -78.48
C GLN IB 309 -30.46 158.21 -77.78
N ARG IB 310 -30.73 157.26 -76.88
CA ARG IB 310 -29.66 156.59 -76.14
C ARG IB 310 -28.71 155.87 -77.09
N SER IB 311 -29.24 155.12 -78.05
CA SER IB 311 -28.37 154.41 -78.99
C SER IB 311 -27.50 155.40 -79.78
N LEU IB 312 -28.11 156.45 -80.32
CA LEU IB 312 -27.37 157.46 -81.07
C LEU IB 312 -26.27 158.10 -80.23
N ASP IB 313 -26.58 158.39 -78.96
CA ASP IB 313 -25.56 158.99 -78.10
C ASP IB 313 -24.43 158.02 -77.80
N PHE IB 314 -24.75 156.72 -77.75
CA PHE IB 314 -23.71 155.75 -77.45
C PHE IB 314 -22.80 155.53 -78.65
N TYR IB 315 -23.28 155.84 -79.85
CA TYR IB 315 -22.38 155.82 -81.00
C TYR IB 315 -21.41 157.00 -80.98
N ALA IB 316 -21.90 158.18 -80.62
CA ALA IB 316 -21.39 159.43 -81.16
C ALA IB 316 -20.11 159.92 -80.51
N GLY IB 317 -19.01 159.18 -80.69
CA GLY IB 317 -17.87 159.35 -79.80
C GLY IB 317 -16.58 159.91 -80.34
N THR IB 318 -16.35 159.82 -81.65
CA THR IB 318 -15.17 160.38 -82.30
C THR IB 318 -15.41 161.74 -82.93
N ALA IB 319 -16.62 161.97 -83.49
CA ALA IB 319 -17.05 163.26 -84.01
C ALA IB 319 -17.81 163.97 -82.90
N ALA IB 320 -17.15 164.16 -81.75
CA ALA IB 320 -17.58 165.09 -80.71
C ALA IB 320 -18.54 166.13 -81.23
N ASP IB 321 -18.13 166.82 -82.28
CA ASP IB 321 -18.49 168.19 -82.56
C ASP IB 321 -19.56 168.30 -83.62
N SER IB 322 -19.93 167.19 -84.22
CA SER IB 322 -20.65 167.19 -85.47
C SER IB 322 -22.14 167.00 -85.22
N ASN IB 323 -22.89 166.92 -86.31
CA ASN IB 323 -24.31 166.61 -86.26
C ASN IB 323 -24.58 165.42 -87.17
N PHE IB 324 -25.86 165.08 -87.29
CA PHE IB 324 -26.22 163.98 -88.16
C PHE IB 324 -26.43 164.48 -89.59
N SER IB 325 -26.80 163.56 -90.47
CA SER IB 325 -27.20 163.87 -91.83
C SER IB 325 -28.61 163.37 -92.09
N LYS IB 326 -28.75 162.20 -92.71
CA LYS IB 326 -30.05 161.71 -93.15
C LYS IB 326 -30.21 160.21 -92.89
N VAL IB 327 -31.47 159.77 -92.88
CA VAL IB 327 -31.81 158.43 -92.39
C VAL IB 327 -33.10 157.93 -93.07
N TYR IB 328 -33.28 156.61 -93.08
CA TYR IB 328 -34.47 155.98 -93.66
C TYR IB 328 -35.14 155.04 -92.67
N LEU IB 329 -36.39 154.68 -92.99
CA LEU IB 329 -37.18 153.76 -92.19
C LEU IB 329 -37.66 152.58 -93.01
N SER IB 330 -37.72 151.42 -92.37
CA SER IB 330 -38.16 150.16 -92.93
C SER IB 330 -38.93 149.42 -91.84
N GLY IB 331 -39.65 148.39 -92.22
CA GLY IB 331 -40.46 147.72 -91.22
C GLY IB 331 -41.83 148.34 -91.07
N GLY IB 332 -42.83 147.49 -90.82
CA GLY IB 332 -44.19 147.98 -90.74
C GLY IB 332 -44.47 148.84 -89.53
N THR IB 333 -43.72 148.62 -88.45
CA THR IB 333 -43.86 149.46 -87.26
C THR IB 333 -43.57 150.92 -87.56
N ALA IB 334 -42.71 151.18 -88.56
CA ALA IB 334 -42.49 152.54 -89.03
C ALA IB 334 -43.77 153.23 -89.46
N LYS IB 335 -44.68 152.50 -90.11
CA LYS IB 335 -45.85 153.07 -90.75
C LYS IB 335 -46.87 153.66 -89.78
N ILE IB 336 -46.55 153.67 -88.48
CA ILE IB 336 -47.40 154.36 -87.50
C ILE IB 336 -47.58 155.78 -88.00
N PRO IB 337 -48.82 156.25 -88.13
CA PRO IB 337 -49.05 157.60 -88.64
C PRO IB 337 -48.31 158.66 -87.83
N ALA IB 338 -47.58 159.50 -88.56
CA ALA IB 338 -46.84 160.65 -88.05
C ALA IB 338 -45.52 160.27 -87.35
N LEU IB 339 -45.28 158.97 -87.15
CA LEU IB 339 -44.09 158.54 -86.42
C LEU IB 339 -42.81 159.07 -87.06
N PHE IB 340 -42.83 159.27 -88.37
CA PHE IB 340 -41.63 159.74 -89.06
C PHE IB 340 -41.32 161.18 -88.70
N LYS IB 341 -42.35 162.03 -88.67
CA LYS IB 341 -42.17 163.40 -88.24
C LYS IB 341 -41.73 163.47 -86.79
N THR IB 342 -42.30 162.60 -85.94
CA THR IB 342 -41.92 162.57 -84.53
C THR IB 342 -40.45 162.21 -84.37
N ILE IB 343 -40.02 161.11 -85.01
CA ILE IB 343 -38.62 160.71 -84.91
C ILE IB 343 -37.71 161.79 -85.50
N GLU IB 344 -38.17 162.45 -86.57
CA GLU IB 344 -37.36 163.50 -87.18
C GLU IB 344 -37.13 164.65 -86.22
N ALA IB 345 -38.19 165.12 -85.57
CA ALA IB 345 -38.04 166.26 -84.65
C ALA IB 345 -37.35 165.85 -83.37
N ARG IB 346 -37.53 164.60 -82.93
CA ARG IB 346 -37.04 164.15 -81.63
C ARG IB 346 -35.58 163.72 -81.67
N THR IB 347 -35.12 163.13 -82.77
CA THR IB 347 -33.73 162.67 -82.85
C THR IB 347 -32.80 163.67 -83.52
N GLY IB 348 -33.34 164.77 -84.06
CA GLY IB 348 -32.51 165.73 -84.78
C GLY IB 348 -31.96 165.17 -86.06
N VAL IB 349 -32.69 164.26 -86.71
CA VAL IB 349 -32.24 163.72 -87.97
C VAL IB 349 -33.43 163.62 -88.92
N PRO IB 350 -33.30 164.03 -90.18
CA PRO IB 350 -34.36 163.77 -91.16
C PRO IB 350 -34.53 162.27 -91.44
N VAL IB 351 -35.65 161.75 -90.93
CA VAL IB 351 -36.02 160.34 -91.05
C VAL IB 351 -37.08 160.19 -92.13
N GLU IB 352 -36.78 159.42 -93.18
CA GLU IB 352 -37.70 159.29 -94.30
C GLU IB 352 -37.98 157.84 -94.65
N ILE IB 353 -39.24 157.58 -94.97
CA ILE IB 353 -39.58 156.34 -95.64
C ILE IB 353 -38.81 156.27 -96.95
N LEU IB 354 -38.58 155.04 -97.42
CA LEU IB 354 -37.90 154.85 -98.68
C LEU IB 354 -38.51 153.65 -99.39
N ASN IB 355 -38.51 153.72 -100.72
CA ASN IB 355 -39.03 152.65 -101.56
C ASN IB 355 -37.89 151.71 -101.91
N PRO IB 356 -37.81 150.52 -101.31
CA PRO IB 356 -36.80 149.56 -101.78
C PRO IB 356 -36.94 149.22 -103.25
N PHE IB 357 -38.17 149.00 -103.73
CA PHE IB 357 -38.37 148.41 -105.05
C PHE IB 357 -37.71 149.20 -106.19
N ARG IB 358 -37.13 150.37 -105.92
CA ARG IB 358 -36.45 151.11 -106.98
C ARG IB 358 -35.19 150.42 -107.47
N LYS IB 359 -34.67 149.47 -106.70
CA LYS IB 359 -33.49 148.69 -107.07
C LYS IB 359 -33.78 147.59 -108.08
N ILE IB 360 -35.04 147.31 -108.37
CA ILE IB 360 -35.43 146.20 -109.23
C ILE IB 360 -36.40 146.71 -110.27
N GLU IB 361 -36.37 146.09 -111.45
CA GLU IB 361 -37.31 146.43 -112.50
C GLU IB 361 -38.70 145.91 -112.14
N VAL IB 362 -39.71 146.73 -112.36
CA VAL IB 362 -41.10 146.40 -112.02
C VAL IB 362 -41.95 146.62 -113.25
N ASP IB 363 -42.55 145.54 -113.75
CA ASP IB 363 -43.44 145.61 -114.90
C ASP IB 363 -44.77 146.19 -114.45
N ASN IB 364 -45.13 147.36 -115.00
CA ASN IB 364 -46.35 148.04 -114.58
C ASN IB 364 -47.59 147.25 -114.95
N ARG IB 365 -47.49 146.30 -115.88
CA ARG IB 365 -48.65 145.50 -116.26
C ARG IB 365 -48.91 144.38 -115.26
N LYS IB 366 -47.95 144.06 -114.40
CA LYS IB 366 -48.11 143.01 -113.41
C LYS IB 366 -48.18 143.54 -111.98
N PHE IB 367 -47.70 144.77 -111.76
CA PHE IB 367 -47.74 145.42 -110.46
C PHE IB 367 -47.92 146.92 -110.67
N ASP IB 368 -48.78 147.53 -109.88
CA ASP IB 368 -48.97 148.98 -109.93
C ASP IB 368 -48.08 149.62 -108.89
N PRO IB 369 -47.32 150.67 -109.22
CA PRO IB 369 -46.34 151.19 -108.26
C PRO IB 369 -46.94 151.69 -106.95
N ALA IB 370 -48.22 152.07 -106.92
CA ALA IB 370 -48.76 152.67 -105.70
C ALA IB 370 -48.71 151.71 -104.51
N PHE IB 371 -49.35 150.56 -104.62
CA PHE IB 371 -49.33 149.60 -103.51
C PHE IB 371 -47.91 149.11 -103.22
N VAL IB 372 -47.21 148.63 -104.26
CA VAL IB 372 -45.80 148.27 -104.14
C VAL IB 372 -45.08 149.24 -103.22
N MET IB 373 -45.30 150.54 -103.44
CA MET IB 373 -44.85 151.56 -102.50
C MET IB 373 -45.48 151.36 -101.12
N ASP IB 374 -46.76 150.98 -101.09
CA ASP IB 374 -47.49 150.91 -99.81
C ASP IB 374 -46.89 149.86 -98.88
N VAL IB 375 -46.53 148.68 -99.40
CA VAL IB 375 -45.91 147.63 -98.59
C VAL IB 375 -44.38 147.61 -98.71
N ALA IB 376 -43.79 148.62 -99.35
CA ALA IB 376 -42.33 148.70 -99.36
C ALA IB 376 -41.68 148.54 -97.99
N PRO IB 377 -42.11 149.23 -96.92
CA PRO IB 377 -41.42 149.08 -95.62
C PRO IB 377 -41.44 147.66 -95.07
N MET IB 378 -42.60 146.99 -95.09
CA MET IB 378 -42.63 145.60 -94.66
C MET IB 378 -41.73 144.72 -95.51
N ALA IB 379 -41.65 144.98 -96.80
CA ALA IB 379 -41.00 144.08 -97.73
C ALA IB 379 -39.52 144.38 -97.95
N ALA IB 380 -38.97 145.41 -97.31
CA ALA IB 380 -37.57 145.77 -97.58
C ALA IB 380 -36.62 144.59 -97.42
N VAL IB 381 -36.72 143.85 -96.30
CA VAL IB 381 -35.84 142.71 -96.11
C VAL IB 381 -36.19 141.60 -97.10
N ALA IB 382 -37.51 141.39 -97.31
CA ALA IB 382 -38.12 140.41 -98.20
C ALA IB 382 -37.65 140.53 -99.62
N VAL IB 383 -37.22 141.71 -100.04
CA VAL IB 383 -36.47 141.82 -101.28
C VAL IB 383 -34.97 141.97 -100.98
N GLY IB 384 -34.61 142.07 -99.70
CA GLY IB 384 -33.20 142.17 -99.34
C GLY IB 384 -32.43 140.90 -99.63
N LEU IB 385 -32.61 139.88 -98.80
CA LEU IB 385 -31.88 138.65 -99.11
C LEU IB 385 -32.30 138.13 -100.48
N ALA IB 386 -33.27 138.81 -101.12
CA ALA IB 386 -33.73 138.52 -102.46
C ALA IB 386 -32.76 138.98 -103.51
N LEU IB 387 -32.23 140.20 -103.40
CA LEU IB 387 -31.10 140.50 -104.27
C LEU IB 387 -29.89 139.68 -103.86
N ARG IB 388 -29.83 139.24 -102.60
CA ARG IB 388 -28.78 138.30 -102.23
C ARG IB 388 -28.89 136.99 -103.03
N ARG IB 389 -30.09 136.62 -103.48
CA ARG IB 389 -30.23 135.29 -104.06
C ARG IB 389 -29.93 135.15 -105.55
N PRO IB 390 -29.91 136.22 -106.38
CA PRO IB 390 -29.34 136.05 -107.71
C PRO IB 390 -27.96 136.68 -107.76
N GLY IB 391 -27.32 136.78 -106.61
CA GLY IB 391 -26.00 137.36 -106.52
C GLY IB 391 -24.99 136.46 -107.20
N MET JB 1 -60.61 122.73 -113.44
CA MET JB 1 -61.47 122.17 -112.40
C MET JB 1 -60.84 120.95 -111.76
N MET JB 2 -61.02 120.81 -110.44
CA MET JB 2 -60.42 119.72 -109.68
C MET JB 2 -61.42 118.60 -109.49
N ILE JB 3 -61.02 117.37 -109.84
CA ILE JB 3 -61.85 116.19 -109.70
C ILE JB 3 -61.15 115.23 -108.75
N ARG JB 4 -61.71 115.10 -107.55
CA ARG JB 4 -61.11 114.32 -106.48
C ARG JB 4 -62.00 113.15 -106.10
N ILE JB 5 -61.38 112.10 -105.57
CA ILE JB 5 -62.12 110.89 -105.20
C ILE JB 5 -61.44 110.16 -104.04
N ASN JB 6 -61.86 110.46 -102.81
CA ASN JB 6 -61.38 109.79 -101.62
C ASN JB 6 -61.91 108.36 -101.48
N LEU JB 7 -62.58 107.82 -102.49
CA LEU JB 7 -63.00 106.44 -102.39
C LEU JB 7 -61.77 105.54 -102.34
N LEU JB 8 -61.60 104.88 -101.18
CA LEU JB 8 -60.55 104.01 -100.66
C LEU JB 8 -59.52 103.48 -101.65
N PRO JB 9 -58.29 104.01 -101.63
CA PRO JB 9 -57.18 103.25 -102.19
C PRO JB 9 -56.21 102.70 -101.10
N VAL JB 10 -55.17 103.46 -100.72
CA VAL JB 10 -53.91 102.98 -100.11
C VAL JB 10 -53.91 102.17 -98.81
N ARG JB 11 -54.62 102.59 -97.77
CA ARG JB 11 -54.38 101.91 -96.50
C ARG JB 11 -54.99 100.53 -96.49
N ALA JB 12 -56.23 100.40 -96.96
CA ALA JB 12 -56.82 99.09 -97.18
C ALA JB 12 -55.93 98.27 -98.11
N VAL JB 13 -55.42 98.86 -99.19
CA VAL JB 13 -54.60 98.12 -100.13
C VAL JB 13 -53.37 97.56 -99.44
N LYS JB 14 -52.72 98.38 -98.62
CA LYS JB 14 -51.54 97.93 -97.89
C LYS JB 14 -51.91 96.82 -96.92
N LYS JB 15 -53.13 96.88 -96.37
CA LYS JB 15 -53.57 95.87 -95.41
C LYS JB 15 -53.98 94.57 -96.09
N ARG JB 16 -54.56 94.68 -97.28
CA ARG JB 16 -54.89 93.49 -98.08
C ARG JB 16 -53.61 92.81 -98.54
N GLU JB 17 -52.58 93.60 -98.83
CA GLU JB 17 -51.29 93.03 -99.22
C GLU JB 17 -50.61 92.34 -98.03
N MET JB 18 -50.48 93.05 -96.90
CA MET JB 18 -49.95 92.42 -95.70
C MET JB 18 -50.73 91.16 -95.35
N GLY JB 19 -52.06 91.22 -95.48
CA GLY JB 19 -52.88 90.05 -95.27
C GLY JB 19 -52.51 88.91 -96.19
N ARG JB 20 -52.18 89.22 -97.44
CA ARG JB 20 -51.73 88.17 -98.35
C ARG JB 20 -50.41 87.57 -97.89
N GLN JB 21 -49.43 88.43 -97.58
CA GLN JB 21 -48.08 87.96 -97.28
C GLN JB 21 -48.05 87.09 -96.04
N VAL JB 22 -48.76 87.51 -94.98
CA VAL JB 22 -48.79 86.71 -93.76
C VAL JB 22 -49.30 85.31 -94.05
N LEU JB 23 -50.32 85.19 -94.91
CA LEU JB 23 -50.87 83.88 -95.25
C LEU JB 23 -49.92 83.05 -96.10
N VAL JB 24 -49.20 83.67 -97.05
CA VAL JB 24 -48.19 82.92 -97.79
C VAL JB 24 -47.14 82.37 -96.83
N LEU JB 25 -46.70 83.18 -95.88
CA LEU JB 25 -45.71 82.70 -94.91
C LEU JB 25 -46.25 81.52 -94.11
N PHE JB 26 -47.50 81.62 -93.63
CA PHE JB 26 -48.15 80.48 -93.01
C PHE JB 26 -48.08 79.24 -93.89
N ALA JB 27 -48.44 79.39 -95.17
CA ALA JB 27 -48.45 78.26 -96.09
C ALA JB 27 -47.07 77.63 -96.20
N VAL JB 28 -46.03 78.46 -96.36
CA VAL JB 28 -44.67 77.94 -96.53
C VAL JB 28 -44.24 77.16 -95.28
N VAL JB 29 -44.43 77.75 -94.10
CA VAL JB 29 -44.06 77.07 -92.86
C VAL JB 29 -44.78 75.74 -92.74
N LEU JB 30 -46.07 75.71 -93.07
CA LEU JB 30 -46.84 74.48 -92.91
C LEU JB 30 -46.47 73.42 -93.95
N ILE JB 31 -46.02 73.83 -95.14
CA ILE JB 31 -45.54 72.86 -96.12
C ILE JB 31 -44.22 72.26 -95.64
N GLY JB 32 -43.31 73.09 -95.11
CA GLY JB 32 -42.08 72.56 -94.57
C GLY JB 32 -42.31 71.59 -93.43
N ALA JB 33 -43.07 72.00 -92.41
CA ALA JB 33 -43.43 71.12 -91.31
C ALA JB 33 -44.06 69.83 -91.84
N GLY JB 34 -44.93 69.96 -92.85
CA GLY JB 34 -45.43 68.77 -93.51
C GLY JB 34 -44.33 67.83 -93.95
N VAL JB 35 -43.38 68.34 -94.74
CA VAL JB 35 -42.29 67.52 -95.27
C VAL JB 35 -41.50 66.85 -94.14
N ALA JB 36 -41.28 67.57 -93.03
CA ALA JB 36 -40.65 66.95 -91.87
C ALA JB 36 -41.47 65.76 -91.37
N ASN JB 37 -42.78 65.97 -91.11
CA ASN JB 37 -43.64 64.89 -90.63
C ASN JB 37 -43.57 63.68 -91.55
N TYR JB 38 -43.64 63.92 -92.86
CA TYR JB 38 -43.32 62.88 -93.82
C TYR JB 38 -41.98 62.23 -93.48
N LEU JB 39 -40.88 62.74 -94.03
CA LEU JB 39 -39.56 62.11 -93.85
C LEU JB 39 -39.46 61.28 -92.57
N TRP JB 40 -39.96 61.82 -91.45
CA TRP JB 40 -40.09 61.04 -90.22
C TRP JB 40 -40.87 59.75 -90.45
N TYR JB 41 -42.06 59.86 -91.08
CA TYR JB 41 -42.89 58.65 -91.30
C TYR JB 41 -42.11 57.56 -92.02
N ASP JB 42 -41.21 57.95 -92.92
CA ASP JB 42 -40.47 56.98 -93.72
C ASP JB 42 -39.40 56.29 -92.89
N ASP JB 43 -38.63 57.07 -92.12
CA ASP JB 43 -37.69 56.42 -91.21
C ASP JB 43 -38.41 55.49 -90.24
N ARG JB 44 -39.67 55.80 -89.89
CA ARG JB 44 -40.41 54.92 -88.99
C ARG JB 44 -40.86 53.64 -89.68
N GLN JB 45 -41.25 53.71 -90.95
CA GLN JB 45 -41.62 52.48 -91.65
C GLN JB 45 -40.40 51.60 -91.89
N SER JB 46 -39.25 52.19 -92.19
CA SER JB 46 -38.03 51.40 -92.27
C SER JB 46 -37.73 50.70 -90.95
N GLU JB 47 -37.79 51.43 -89.83
CA GLU JB 47 -37.56 50.81 -88.54
C GLU JB 47 -38.55 49.66 -88.29
N LEU JB 48 -39.81 49.87 -88.66
CA LEU JB 48 -40.82 48.82 -88.47
C LEU JB 48 -40.47 47.57 -89.28
N GLU JB 49 -39.94 47.75 -90.49
CA GLU JB 49 -39.58 46.60 -91.30
C GLU JB 49 -38.39 45.85 -90.73
N ALA JB 50 -37.36 46.59 -90.29
CA ALA JB 50 -36.25 45.95 -89.58
C ALA JB 50 -36.73 45.15 -88.39
N HIS JB 51 -37.66 45.72 -87.61
CA HIS JB 51 -38.10 45.07 -86.38
C HIS JB 51 -38.95 43.85 -86.67
N GLN JB 52 -39.78 43.90 -87.72
CA GLN JB 52 -40.55 42.71 -88.08
C GLN JB 52 -39.64 41.61 -88.60
N ALA JB 53 -38.55 41.98 -89.28
CA ALA JB 53 -37.52 41.01 -89.60
C ALA JB 53 -36.96 40.35 -88.33
N GLY JB 54 -36.64 41.17 -87.33
CA GLY JB 54 -36.17 40.60 -86.07
C GLY JB 54 -37.18 39.67 -85.44
N VAL JB 55 -38.47 40.04 -85.46
CA VAL JB 55 -39.51 39.20 -84.86
C VAL JB 55 -39.59 37.86 -85.59
N ALA JB 56 -39.56 37.89 -86.92
CA ALA JB 56 -39.43 36.65 -87.67
C ALA JB 56 -38.23 35.84 -87.20
N SER JB 57 -37.11 36.51 -86.92
CA SER JB 57 -35.94 35.79 -86.42
C SER JB 57 -36.18 35.18 -85.04
N THR JB 58 -37.12 35.72 -84.26
CA THR JB 58 -37.58 35.02 -83.07
C THR JB 58 -38.38 33.77 -83.47
N LYS JB 59 -39.48 33.97 -84.19
CA LYS JB 59 -40.42 32.88 -84.46
C LYS JB 59 -39.76 31.71 -85.17
N ALA JB 60 -38.63 31.93 -85.84
CA ALA JB 60 -37.87 30.82 -86.41
C ALA JB 60 -37.24 29.97 -85.31
N ARG JB 61 -36.34 30.56 -84.53
CA ARG JB 61 -35.55 29.77 -83.59
C ARG JB 61 -36.38 29.27 -82.41
N ILE JB 62 -37.46 29.98 -82.03
CA ILE JB 62 -38.38 29.40 -81.04
C ILE JB 62 -38.96 28.10 -81.55
N ALA JB 63 -39.36 28.06 -82.83
CA ALA JB 63 -39.81 26.80 -83.43
C ALA JB 63 -38.72 25.75 -83.39
N GLU JB 64 -37.51 26.13 -83.81
CA GLU JB 64 -36.35 25.24 -83.67
C GLU JB 64 -36.30 24.62 -82.28
N LEU JB 65 -36.60 25.41 -81.25
CA LEU JB 65 -36.39 24.97 -79.88
C LEU JB 65 -37.55 24.12 -79.37
N GLU JB 66 -38.77 24.44 -79.79
CA GLU JB 66 -39.90 23.57 -79.52
C GLU JB 66 -39.67 22.19 -80.12
N LYS JB 67 -39.05 22.15 -81.30
CA LYS JB 67 -38.74 20.85 -81.91
C LYS JB 67 -37.62 20.14 -81.16
N ILE JB 68 -36.53 20.86 -80.84
CA ILE JB 68 -35.40 20.21 -80.19
C ILE JB 68 -35.79 19.71 -78.79
N ILE JB 69 -36.67 20.44 -78.10
CA ILE JB 69 -37.14 19.97 -76.80
C ILE JB 69 -38.17 18.86 -76.96
N GLY JB 70 -38.98 18.91 -78.02
CA GLY JB 70 -39.82 17.78 -78.34
C GLY JB 70 -39.01 16.50 -78.46
N GLU JB 71 -37.87 16.58 -79.15
CA GLU JB 71 -36.91 15.48 -79.12
C GLU JB 71 -36.51 15.16 -77.69
N VAL JB 72 -35.89 16.11 -76.97
CA VAL JB 72 -35.30 15.82 -75.66
C VAL JB 72 -36.30 15.12 -74.74
N LYS JB 73 -37.58 15.41 -74.89
CA LYS JB 73 -38.58 14.75 -74.04
C LYS JB 73 -38.97 13.38 -74.58
N ASN JB 74 -39.38 13.32 -75.86
CA ASN JB 74 -39.55 12.05 -76.56
C ASN JB 74 -38.49 11.05 -76.11
N ILE JB 75 -37.25 11.50 -76.14
CA ILE JB 75 -36.05 10.92 -75.54
C ILE JB 75 -36.25 10.47 -74.11
N ASN JB 76 -36.34 11.44 -73.18
CA ASN JB 76 -36.11 11.15 -71.77
C ASN JB 76 -37.10 10.14 -71.25
N THR JB 77 -38.30 10.09 -71.83
CA THR JB 77 -39.26 9.12 -71.32
C THR JB 77 -38.98 7.72 -71.84
N ARG JB 78 -38.41 7.58 -73.04
CA ARG JB 78 -38.09 6.25 -73.55
C ARG JB 78 -36.88 5.63 -72.86
N LYS JB 79 -36.00 6.45 -72.30
CA LYS JB 79 -34.83 5.94 -71.58
C LYS JB 79 -35.23 5.15 -70.36
N ALA JB 80 -36.17 5.69 -69.57
CA ALA JB 80 -36.61 5.04 -68.34
C ALA JB 80 -37.31 3.71 -68.60
N GLU JB 81 -37.68 3.44 -69.85
CA GLU JB 81 -38.25 2.14 -70.19
C GLU JB 81 -37.23 1.19 -70.80
N VAL JB 82 -36.35 1.68 -71.67
CA VAL JB 82 -35.23 0.84 -72.09
C VAL JB 82 -34.48 0.35 -70.86
N GLU JB 83 -33.87 1.29 -70.12
CA GLU JB 83 -33.56 1.16 -68.70
C GLU JB 83 -34.08 -0.13 -68.07
N LYS JB 84 -35.39 -0.18 -67.84
CA LYS JB 84 -35.97 -1.17 -66.94
C LYS JB 84 -36.22 -2.51 -67.66
N LYS JB 85 -36.68 -2.44 -68.92
CA LYS JB 85 -36.68 -3.63 -69.78
C LYS JB 85 -35.36 -4.38 -69.70
N LEU JB 86 -34.24 -3.64 -69.77
CA LEU JB 86 -32.94 -4.30 -69.82
C LEU JB 86 -32.50 -4.79 -68.45
N ALA JB 87 -32.80 -4.04 -67.38
CA ALA JB 87 -32.57 -4.62 -66.06
C ALA JB 87 -33.26 -5.98 -65.94
N VAL JB 88 -34.50 -6.07 -66.44
CA VAL JB 88 -35.17 -7.36 -66.58
C VAL JB 88 -34.31 -8.33 -67.40
N LEU JB 89 -33.81 -7.87 -68.55
CA LEU JB 89 -33.08 -8.76 -69.45
C LEU JB 89 -31.82 -9.34 -68.79
N ASP JB 90 -31.16 -8.55 -67.95
CA ASP JB 90 -29.97 -9.01 -67.24
C ASP JB 90 -30.32 -9.90 -66.07
N ALA JB 91 -31.54 -9.77 -65.51
CA ALA JB 91 -32.01 -10.81 -64.60
C ALA JB 91 -32.25 -12.11 -65.36
N LEU JB 92 -32.76 -12.02 -66.60
CA LEU JB 92 -33.16 -13.21 -67.34
C LEU JB 92 -31.97 -13.96 -67.91
N ARG JB 93 -30.94 -13.26 -68.41
CA ARG JB 93 -29.73 -13.94 -68.82
C ARG JB 93 -29.12 -14.71 -67.65
N LYS JB 94 -29.26 -14.16 -66.43
CA LYS JB 94 -28.87 -14.90 -65.24
C LYS JB 94 -29.84 -16.04 -64.97
N GLY JB 95 -31.09 -15.91 -65.43
CA GLY JB 95 -32.07 -16.98 -65.36
C GLY JB 95 -31.92 -18.05 -66.44
N ARG JB 96 -31.00 -17.86 -67.38
CA ARG JB 96 -30.67 -18.92 -68.34
C ARG JB 96 -29.27 -19.47 -68.13
N SER JB 97 -28.37 -18.67 -67.57
CA SER JB 97 -27.13 -19.20 -67.02
C SER JB 97 -27.42 -20.08 -65.81
N GLY JB 98 -28.36 -19.64 -64.98
CA GLY JB 98 -28.73 -20.31 -63.75
C GLY JB 98 -28.88 -21.81 -63.89
N PRO JB 99 -29.83 -22.24 -64.70
CA PRO JB 99 -30.06 -23.68 -64.91
C PRO JB 99 -28.87 -24.43 -65.49
N VAL JB 100 -27.71 -23.81 -65.61
CA VAL JB 100 -26.62 -24.34 -66.42
C VAL JB 100 -25.28 -24.12 -65.73
N ARG JB 101 -24.68 -25.24 -65.27
CA ARG JB 101 -23.25 -25.53 -65.48
C ARG JB 101 -22.38 -25.85 -64.27
N MET JB 102 -21.34 -25.04 -64.13
CA MET JB 102 -19.96 -25.50 -63.99
C MET JB 102 -19.83 -27.00 -63.85
N MET JB 103 -19.32 -27.59 -64.94
CA MET JB 103 -18.56 -28.82 -65.08
C MET JB 103 -19.20 -29.72 -66.12
N ASP JB 104 -18.41 -30.03 -67.14
CA ASP JB 104 -18.93 -30.70 -68.31
C ASP JB 104 -19.06 -32.20 -68.04
N ALA JB 105 -20.16 -32.77 -68.53
CA ALA JB 105 -20.47 -34.16 -68.27
C ALA JB 105 -21.31 -34.68 -69.43
N LEU JB 106 -21.54 -35.99 -69.41
CA LEU JB 106 -22.41 -36.64 -70.38
C LEU JB 106 -23.41 -37.44 -69.55
N ALA JB 107 -24.51 -36.80 -69.19
CA ALA JB 107 -25.53 -37.41 -68.36
C ALA JB 107 -26.91 -37.06 -68.89
N SER JB 108 -27.79 -38.06 -68.94
CA SER JB 108 -29.18 -37.84 -69.31
C SER JB 108 -29.86 -36.97 -68.25
N ALA JB 109 -30.08 -37.53 -67.07
CA ALA JB 109 -30.61 -36.80 -65.93
C ALA JB 109 -29.49 -36.51 -64.95
N THR JB 110 -29.55 -35.32 -64.32
CA THR JB 110 -28.53 -34.94 -63.36
C THR JB 110 -29.10 -34.96 -61.94
N PRO JB 111 -28.44 -35.67 -61.01
CA PRO JB 111 -29.02 -35.82 -59.66
C PRO JB 111 -29.18 -34.53 -58.89
N LYS JB 112 -28.36 -33.51 -59.14
CA LYS JB 112 -28.47 -32.24 -58.44
C LYS JB 112 -29.12 -31.19 -59.34
N LYS JB 113 -29.59 -30.11 -58.71
CA LYS JB 113 -30.18 -29.00 -59.47
C LYS JB 113 -29.26 -28.55 -60.60
N VAL JB 114 -28.01 -28.25 -60.25
CA VAL JB 114 -26.98 -27.82 -61.16
C VAL JB 114 -25.86 -28.85 -61.09
N TRP JB 115 -24.92 -28.78 -62.03
CA TRP JB 115 -23.75 -29.63 -61.90
C TRP JB 115 -22.76 -29.06 -60.90
N VAL JB 116 -21.86 -29.90 -60.46
CA VAL JB 116 -20.85 -29.56 -59.47
C VAL JB 116 -19.59 -30.29 -59.90
N LYS JB 117 -18.55 -30.23 -59.08
CA LYS JB 117 -17.27 -30.78 -59.51
C LYS JB 117 -16.99 -32.13 -58.87
N THR JB 118 -16.44 -32.15 -57.67
CA THR JB 118 -16.00 -33.39 -57.05
C THR JB 118 -16.91 -33.76 -55.88
N PHE JB 119 -16.96 -35.05 -55.56
CA PHE JB 119 -17.75 -35.61 -54.47
C PHE JB 119 -16.92 -36.71 -53.83
N SER JB 120 -16.62 -36.56 -52.54
CA SER JB 120 -15.80 -37.56 -51.85
C SER JB 120 -16.35 -37.79 -50.45
N GLU JB 121 -16.70 -39.04 -50.14
CA GLU JB 121 -17.41 -39.39 -48.92
C GLU JB 121 -16.54 -40.24 -48.01
N ASN JB 122 -17.08 -40.51 -46.80
CA ASN JB 122 -16.42 -41.40 -45.86
C ASN JB 122 -17.42 -42.11 -44.96
N ASN JB 123 -18.66 -42.28 -45.42
CA ASN JB 123 -19.72 -42.97 -44.69
C ASN JB 123 -20.08 -42.30 -43.37
N ASN JB 124 -19.61 -41.06 -43.16
CA ASN JB 124 -20.08 -40.26 -42.04
C ASN JB 124 -20.33 -38.84 -42.54
N ALA JB 125 -19.47 -38.37 -43.43
CA ALA JB 125 -19.59 -37.05 -44.02
C ALA JB 125 -19.17 -37.13 -45.48
N VAL JB 126 -19.67 -36.17 -46.25
CA VAL JB 126 -19.30 -36.01 -47.65
C VAL JB 126 -18.66 -34.63 -47.77
N SER JB 127 -17.40 -34.61 -48.20
CA SER JB 127 -16.74 -33.37 -48.59
C SER JB 127 -16.95 -33.22 -50.10
N ILE JB 128 -17.64 -32.15 -50.48
CA ILE JB 128 -17.98 -31.93 -51.87
C ILE JB 128 -17.23 -30.71 -52.38
N ASP JB 129 -17.24 -30.57 -53.69
CA ASP JB 129 -16.52 -29.51 -54.39
C ASP JB 129 -17.42 -29.13 -55.54
N GLY JB 130 -17.83 -27.86 -55.62
CA GLY JB 130 -18.73 -27.54 -56.71
C GLY JB 130 -18.62 -26.14 -57.25
N SER JB 131 -19.70 -25.72 -57.92
CA SER JB 131 -19.81 -24.37 -58.42
C SER JB 131 -21.28 -24.08 -58.70
N ALA JB 132 -21.67 -22.81 -58.60
CA ALA JB 132 -23.06 -22.41 -58.79
C ALA JB 132 -23.08 -21.11 -59.58
N VAL JB 133 -24.29 -20.65 -59.90
CA VAL JB 133 -24.40 -19.57 -60.87
C VAL JB 133 -24.06 -18.23 -60.24
N SER JB 134 -24.31 -18.05 -58.95
CA SER JB 134 -24.17 -16.73 -58.35
C SER JB 134 -24.32 -16.85 -56.83
N HIS JB 135 -24.49 -15.70 -56.19
CA HIS JB 135 -24.77 -15.57 -54.77
C HIS JB 135 -26.19 -16.01 -54.46
N ASP JB 136 -26.86 -16.58 -55.46
CA ASP JB 136 -28.26 -16.95 -55.37
C ASP JB 136 -28.47 -18.46 -55.40
N GLU JB 137 -28.05 -19.12 -56.48
CA GLU JB 137 -28.23 -20.57 -56.54
C GLU JB 137 -27.35 -21.30 -55.54
N VAL JB 138 -26.18 -20.75 -55.17
CA VAL JB 138 -25.42 -21.31 -54.06
C VAL JB 138 -26.13 -21.00 -52.76
N ALA JB 139 -26.89 -19.91 -52.69
CA ALA JB 139 -27.70 -19.63 -51.51
C ALA JB 139 -28.92 -20.54 -51.46
N GLU JB 140 -29.55 -20.80 -52.62
CA GLU JB 140 -30.63 -21.78 -52.67
C GLU JB 140 -30.12 -23.15 -52.22
N PHE JB 141 -28.98 -23.57 -52.77
CA PHE JB 141 -28.42 -24.87 -52.44
C PHE JB 141 -28.04 -24.96 -50.97
N MET JB 142 -27.38 -23.92 -50.44
CA MET JB 142 -26.95 -23.95 -49.04
C MET JB 142 -28.14 -23.90 -48.10
N ARG JB 143 -29.20 -23.18 -48.48
CA ARG JB 143 -30.41 -23.15 -47.67
C ARG JB 143 -31.07 -24.52 -47.66
N GLY JB 144 -31.11 -25.20 -48.82
CA GLY JB 144 -31.70 -26.53 -48.88
C GLY JB 144 -31.08 -27.54 -47.94
N LEU JB 145 -29.91 -27.23 -47.36
CA LEU JB 145 -29.23 -28.14 -46.46
C LEU JB 145 -29.33 -27.69 -45.00
N ASN JB 146 -28.34 -26.91 -44.58
CA ASN JB 146 -28.21 -26.56 -43.18
C ASN JB 146 -27.20 -25.44 -43.02
N GLY JB 147 -27.16 -24.88 -41.81
CA GLY JB 147 -26.32 -23.75 -41.46
C GLY JB 147 -25.94 -23.85 -40.00
N VAL JB 148 -24.66 -23.69 -39.71
CA VAL JB 148 -24.09 -24.19 -38.48
C VAL JB 148 -23.01 -23.24 -37.98
N VAL JB 149 -22.92 -23.11 -36.65
CA VAL JB 149 -21.80 -22.43 -35.99
C VAL JB 149 -20.80 -23.54 -35.63
N TRP JB 150 -19.73 -23.65 -36.41
CA TRP JB 150 -18.72 -24.66 -36.16
C TRP JB 150 -17.63 -24.11 -35.25
N THR JB 151 -17.06 -25.00 -34.43
CA THR JB 151 -16.13 -24.51 -33.41
C THR JB 151 -14.84 -25.34 -33.41
N PRO JB 152 -14.57 -26.29 -32.45
CA PRO JB 152 -13.17 -26.75 -32.33
C PRO JB 152 -12.80 -27.72 -33.44
N LYS JB 153 -12.02 -27.25 -34.40
CA LYS JB 153 -11.68 -28.07 -35.55
C LYS JB 153 -10.43 -28.89 -35.28
N GLY JB 154 -10.45 -30.15 -35.74
CA GLY JB 154 -9.28 -30.99 -35.65
C GLY JB 154 -8.51 -31.08 -36.95
N MET JB 155 -7.20 -30.89 -36.89
CA MET JB 155 -6.36 -30.98 -38.08
C MET JB 155 -5.89 -32.41 -38.27
N GLY JB 156 -5.95 -32.89 -39.51
CA GLY JB 156 -5.64 -34.29 -39.79
C GLY JB 156 -4.94 -34.44 -41.13
N ARG JB 157 -4.25 -35.57 -41.27
CA ARG JB 157 -3.30 -35.80 -42.36
C ARG JB 157 -3.91 -35.73 -43.75
N LEU JB 158 -5.25 -35.69 -43.85
CA LEU JB 158 -5.87 -35.48 -45.15
C LEU JB 158 -5.81 -34.02 -45.60
N VAL JB 159 -5.95 -33.09 -44.66
CA VAL JB 159 -5.76 -31.67 -44.96
C VAL JB 159 -4.41 -31.46 -45.65
N ASP JB 160 -3.33 -31.97 -45.05
CA ASP JB 160 -2.01 -31.74 -45.62
C ASP JB 160 -1.84 -32.49 -46.93
N ARG JB 161 -2.48 -33.64 -47.08
CA ARG JB 161 -2.49 -34.30 -48.38
C ARG JB 161 -3.23 -33.46 -49.42
N ARG JB 162 -4.11 -32.56 -48.98
CA ARG JB 162 -4.68 -31.58 -49.90
C ARG JB 162 -3.70 -30.45 -50.17
N ARG JB 163 -3.00 -29.98 -49.14
CA ARG JB 163 -1.92 -29.03 -49.37
C ARG JB 163 -0.78 -29.65 -50.18
N ASP JB 164 -0.57 -30.97 -50.04
CA ASP JB 164 0.48 -31.63 -50.80
C ASP JB 164 0.10 -31.83 -52.26
N SER JB 165 -1.17 -31.62 -52.61
CA SER JB 165 -1.81 -32.05 -53.86
C SER JB 165 -1.89 -33.57 -53.96
N LYS JB 166 -1.52 -34.28 -52.90
CA LYS JB 166 -1.31 -35.73 -52.98
C LYS JB 166 -2.61 -36.52 -53.11
N THR JB 167 -3.74 -35.93 -52.73
CA THR JB 167 -5.08 -36.49 -52.97
C THR JB 167 -5.74 -35.53 -53.96
N ALA JB 168 -5.99 -36.00 -55.18
CA ALA JB 168 -6.38 -35.13 -56.28
C ALA JB 168 -7.66 -34.36 -55.94
N ARG JB 169 -7.59 -33.04 -56.05
CA ARG JB 169 -8.78 -32.20 -56.04
C ARG JB 169 -8.50 -30.83 -56.64
N VAL JB 170 -9.33 -29.85 -56.29
CA VAL JB 170 -9.28 -28.54 -56.93
C VAL JB 170 -8.96 -27.45 -55.91
N GLU JB 171 -7.69 -27.04 -55.86
CA GLU JB 171 -7.17 -26.30 -54.72
C GLU JB 171 -7.50 -24.82 -54.75
N MET JB 172 -8.57 -24.46 -55.41
CA MET JB 172 -9.32 -23.31 -55.00
C MET JB 172 -9.93 -23.52 -53.62
N LEU JB 173 -9.97 -24.76 -53.14
CA LEU JB 173 -10.81 -25.10 -52.01
C LEU JB 173 -10.06 -24.94 -50.71
N THR JB 174 -10.77 -24.46 -49.70
CA THR JB 174 -10.33 -24.66 -48.34
C THR JB 174 -10.33 -26.16 -48.04
N SER JB 175 -9.71 -26.53 -46.92
CA SER JB 175 -9.45 -27.94 -46.65
C SER JB 175 -10.46 -28.54 -45.68
N ASP JB 176 -10.00 -29.53 -44.91
CA ASP JB 176 -10.63 -29.93 -43.66
C ASP JB 176 -11.85 -30.82 -43.85
N ALA JB 177 -12.25 -31.52 -42.78
CA ALA JB 177 -13.46 -32.34 -42.71
C ALA JB 177 -13.63 -32.95 -41.32
N THR JB 178 -13.26 -32.23 -40.27
CA THR JB 178 -13.37 -32.76 -38.91
C THR JB 178 -13.56 -31.59 -37.94
N ILE JB 179 -14.70 -31.58 -37.23
CA ILE JB 179 -15.04 -30.47 -36.34
C ILE JB 179 -16.25 -30.82 -35.48
N GLU JB 180 -16.87 -29.81 -34.86
CA GLU JB 180 -17.99 -29.96 -33.96
C GLU JB 180 -18.96 -28.82 -34.25
N GLU JB 181 -20.25 -29.16 -34.42
CA GLU JB 181 -21.18 -28.29 -35.13
C GLU JB 181 -22.37 -27.94 -34.27
N PHE JB 182 -22.71 -26.66 -34.26
CA PHE JB 182 -23.92 -26.19 -33.61
C PHE JB 182 -24.87 -25.62 -34.65
N PRO JB 183 -26.15 -25.97 -34.60
CA PRO JB 183 -27.06 -25.55 -35.67
C PRO JB 183 -27.43 -24.08 -35.56
N GLU JB 184 -27.40 -23.39 -36.70
CA GLU JB 184 -27.94 -22.04 -36.79
C GLU JB 184 -29.31 -22.05 -37.47
N ALA JB 185 -29.39 -22.60 -38.68
CA ALA JB 185 -30.63 -22.75 -39.43
C ALA JB 185 -30.54 -24.08 -40.16
N GLN JB 186 -31.67 -24.53 -40.70
CA GLN JB 186 -31.85 -25.93 -41.07
C GLN JB 186 -33.01 -26.03 -42.06
N VAL JB 187 -32.90 -26.85 -43.10
CA VAL JB 187 -34.07 -27.03 -43.96
C VAL JB 187 -34.29 -28.50 -44.25
N SER JB 188 -33.21 -29.24 -44.47
CA SER JB 188 -33.32 -30.69 -44.57
C SER JB 188 -33.09 -31.32 -43.21
N PRO JB 189 -34.07 -32.04 -42.65
CA PRO JB 189 -33.86 -32.70 -41.35
C PRO JB 189 -32.81 -33.77 -41.41
N PHE JB 190 -32.37 -34.09 -42.61
CA PHE JB 190 -31.51 -35.23 -42.82
C PHE JB 190 -30.05 -34.82 -42.91
N PHE JB 191 -29.74 -33.55 -43.11
CA PHE JB 191 -28.38 -33.13 -43.43
C PHE JB 191 -27.90 -32.04 -42.47
N LYS JB 192 -26.67 -32.20 -41.99
CA LYS JB 192 -25.94 -31.26 -41.16
C LYS JB 192 -24.76 -30.77 -42.01
N ASN JB 193 -25.03 -29.73 -42.79
CA ASN JB 193 -23.96 -28.98 -43.43
C ASN JB 193 -23.14 -28.25 -42.39
N ILE JB 194 -21.82 -28.34 -42.48
CA ILE JB 194 -21.00 -27.67 -41.49
C ILE JB 194 -20.87 -26.18 -41.80
N ASP JB 195 -20.74 -25.83 -43.09
CA ASP JB 195 -20.62 -24.45 -43.57
C ASP JB 195 -20.25 -24.46 -45.05
N LEU JB 196 -20.58 -23.36 -45.75
CA LEU JB 196 -20.02 -23.09 -47.07
C LEU JB 196 -18.55 -22.76 -46.87
N GLN JB 197 -17.72 -23.81 -46.95
CA GLN JB 197 -16.31 -23.68 -46.61
C GLN JB 197 -15.61 -22.59 -47.42
N THR JB 198 -15.99 -22.43 -48.68
CA THR JB 198 -15.45 -21.29 -49.44
C THR JB 198 -16.28 -21.07 -50.69
N ALA JB 199 -16.06 -19.91 -51.33
CA ALA JB 199 -16.78 -19.52 -52.53
C ALA JB 199 -16.07 -18.34 -53.18
N LYS JB 200 -15.78 -18.49 -54.48
CA LYS JB 200 -14.97 -17.53 -55.24
C LYS JB 200 -15.48 -17.49 -56.66
N GLN JB 201 -15.88 -16.31 -57.12
CA GLN JB 201 -16.46 -16.17 -58.46
C GLN JB 201 -15.33 -16.13 -59.49
N VAL JB 202 -15.23 -17.18 -60.29
CA VAL JB 202 -14.13 -17.34 -61.24
C VAL JB 202 -14.57 -16.71 -62.56
N GLY JB 203 -13.85 -15.69 -63.01
CA GLY JB 203 -14.29 -14.94 -64.17
C GLY JB 203 -13.93 -15.58 -65.49
N GLY JB 204 -12.72 -16.12 -65.60
CA GLY JB 204 -12.24 -16.65 -66.86
C GLY JB 204 -11.28 -15.69 -67.54
N ALA JB 205 -11.19 -15.78 -68.86
CA ALA JB 205 -10.28 -14.93 -69.61
C ALA JB 205 -10.80 -14.77 -71.04
N GLN JB 206 -9.97 -14.18 -71.89
CA GLN JB 206 -10.32 -13.98 -73.30
C GLN JB 206 -10.43 -15.29 -74.05
N VAL JB 207 -9.86 -16.38 -73.52
CA VAL JB 207 -10.04 -17.69 -74.13
C VAL JB 207 -11.41 -18.28 -73.80
N GLY JB 208 -12.07 -17.79 -72.76
CA GLY JB 208 -13.38 -18.31 -72.40
C GLY JB 208 -13.84 -17.99 -71.00
N VAL JB 209 -15.13 -18.18 -70.76
CA VAL JB 209 -15.76 -17.90 -69.47
C VAL JB 209 -15.82 -19.11 -68.55
N PRO JB 210 -15.98 -18.86 -67.25
CA PRO JB 210 -17.08 -19.55 -66.56
C PRO JB 210 -17.94 -18.54 -65.77
N ILE JB 211 -17.28 -17.51 -65.22
CA ILE JB 211 -17.92 -16.35 -64.58
C ILE JB 211 -18.61 -16.73 -63.27
N LEU JB 212 -18.83 -18.02 -63.03
CA LEU JB 212 -19.69 -18.42 -61.92
C LEU JB 212 -18.93 -18.43 -60.60
N VAL JB 213 -19.62 -18.92 -59.56
CA VAL JB 213 -19.06 -18.94 -58.21
C VAL JB 213 -18.64 -20.38 -57.90
N GLU JB 214 -17.34 -20.64 -58.01
CA GLU JB 214 -16.78 -21.87 -57.49
C GLU JB 214 -16.99 -21.92 -55.98
N PHE JB 215 -17.27 -23.10 -55.43
CA PHE JB 215 -17.49 -23.17 -54.00
C PHE JB 215 -17.08 -24.53 -53.46
N LYS JB 216 -17.05 -24.61 -52.12
CA LYS JB 216 -16.81 -25.86 -51.41
C LYS JB 216 -17.56 -25.91 -50.10
N ILE JB 217 -18.15 -27.09 -49.84
CA ILE JB 217 -19.02 -27.42 -48.71
C ILE JB 217 -18.64 -28.81 -48.19
N THR JB 218 -18.82 -29.02 -46.88
CA THR JB 218 -18.73 -30.36 -46.29
C THR JB 218 -19.97 -30.60 -45.42
N MET JB 219 -20.51 -31.81 -45.47
CA MET JB 219 -21.82 -32.08 -44.87
C MET JB 219 -21.94 -33.52 -44.40
N THR JB 220 -22.32 -33.71 -43.14
CA THR JB 220 -22.67 -35.03 -42.62
C THR JB 220 -24.18 -35.20 -42.65
N SER JB 221 -24.62 -36.36 -43.08
CA SER JB 221 -26.00 -36.57 -43.47
C SER JB 221 -26.83 -37.00 -42.26
N ASN JB 222 -27.73 -37.95 -42.49
CA ASN JB 222 -28.26 -38.70 -41.36
C ASN JB 222 -28.56 -40.11 -41.81
N TYR JB 223 -28.87 -40.98 -40.84
CA TYR JB 223 -27.84 -41.67 -40.08
C TYR JB 223 -26.77 -42.27 -41.01
N MET KB 1 -76.07 95.85 -87.03
CA MET KB 1 -75.47 97.17 -86.96
C MET KB 1 -74.29 97.25 -87.93
N ASP KB 2 -74.21 98.36 -88.67
CA ASP KB 2 -73.50 98.34 -89.94
C ASP KB 2 -72.03 98.77 -89.87
N LYS KB 3 -71.67 99.70 -88.99
CA LYS KB 3 -70.25 100.06 -88.84
C LYS KB 3 -69.41 98.81 -88.61
N TYR KB 4 -69.85 97.92 -87.71
CA TYR KB 4 -69.18 96.64 -87.53
C TYR KB 4 -69.23 95.80 -88.79
N LEU KB 5 -70.29 95.94 -89.59
CA LEU KB 5 -70.43 95.11 -90.78
C LEU KB 5 -69.47 95.53 -91.90
N ASP KB 6 -69.10 96.81 -91.94
CA ASP KB 6 -68.14 97.24 -92.93
C ASP KB 6 -66.71 97.13 -92.40
N GLN KB 7 -66.55 97.14 -91.07
CA GLN KB 7 -65.33 96.57 -90.50
C GLN KB 7 -65.21 95.09 -90.88
N PHE KB 8 -66.35 94.42 -91.08
CA PHE KB 8 -66.38 93.04 -91.54
C PHE KB 8 -66.20 92.91 -93.04
N VAL KB 9 -66.49 93.95 -93.82
CA VAL KB 9 -66.24 93.89 -95.26
C VAL KB 9 -64.80 94.33 -95.58
N LYS KB 10 -64.15 95.08 -94.69
CA LYS KB 10 -62.78 95.53 -94.93
C LYS KB 10 -61.74 94.49 -94.47
N ALA KB 11 -61.88 93.99 -93.23
CA ALA KB 11 -60.80 93.27 -92.55
C ALA KB 11 -60.88 91.74 -92.55
N PRO KB 12 -62.01 91.11 -92.22
CA PRO KB 12 -62.01 89.69 -91.83
C PRO KB 12 -61.75 88.72 -92.97
N PRO KB 13 -61.49 89.18 -94.21
CA PRO KB 13 -60.69 88.30 -95.07
C PRO KB 13 -59.39 87.95 -94.36
N ALA KB 14 -58.72 88.97 -93.83
CA ALA KB 14 -57.47 88.75 -93.10
C ALA KB 14 -57.68 87.90 -91.85
N ILE KB 15 -58.75 88.17 -91.11
CA ILE KB 15 -58.94 87.50 -89.83
C ILE KB 15 -59.40 86.05 -90.02
N LYS KB 16 -60.28 85.81 -91.00
CA LYS KB 16 -60.67 84.44 -91.30
C LYS KB 16 -59.49 83.63 -91.80
N PHE KB 17 -58.73 84.18 -92.75
CA PHE KB 17 -57.53 83.50 -93.22
C PHE KB 17 -56.59 83.19 -92.06
N GLY KB 18 -56.38 84.16 -91.18
CA GLY KB 18 -55.52 83.93 -90.02
C GLY KB 18 -56.02 82.80 -89.15
N GLY KB 19 -57.32 82.80 -88.84
CA GLY KB 19 -57.87 81.73 -88.02
C GLY KB 19 -57.65 80.36 -88.65
N LEU KB 20 -57.94 80.25 -89.95
CA LEU KB 20 -57.64 79.02 -90.68
C LEU KB 20 -56.18 78.63 -90.50
N ALA KB 21 -55.27 79.61 -90.53
CA ALA KB 21 -53.85 79.31 -90.43
C ALA KB 21 -53.46 78.81 -89.05
N PHE KB 22 -53.95 79.47 -87.99
CA PHE KB 22 -53.64 78.99 -86.65
C PHE KB 22 -54.20 77.58 -86.43
N VAL KB 23 -55.38 77.30 -87.01
CA VAL KB 23 -55.94 75.96 -86.89
C VAL KB 23 -55.06 74.94 -87.59
N VAL KB 24 -54.64 75.23 -88.82
CA VAL KB 24 -53.82 74.25 -89.56
C VAL KB 24 -52.47 74.06 -88.88
N GLY KB 25 -51.94 75.13 -88.28
CA GLY KB 25 -50.73 74.98 -87.48
C GLY KB 25 -50.93 74.06 -86.30
N ALA KB 26 -52.04 74.20 -85.58
CA ALA KB 26 -52.34 73.31 -84.47
C ALA KB 26 -52.44 71.86 -84.94
N LEU KB 27 -53.16 71.63 -86.05
CA LEU KB 27 -53.35 70.26 -86.52
C LEU KB 27 -52.04 69.64 -86.97
N THR KB 28 -51.13 70.44 -87.54
CA THR KB 28 -49.82 69.91 -87.89
C THR KB 28 -48.98 69.61 -86.66
N ALA KB 29 -49.05 70.46 -85.64
CA ALA KB 29 -48.43 70.10 -84.36
C ALA KB 29 -48.95 68.75 -83.88
N ALA KB 30 -50.27 68.56 -83.95
CA ALA KB 30 -50.88 67.33 -83.45
C ALA KB 30 -50.42 66.11 -84.24
N ASN KB 31 -50.39 66.20 -85.57
CA ASN KB 31 -50.00 65.01 -86.34
C ASN KB 31 -48.51 64.73 -86.24
N PHE KB 32 -47.69 65.77 -86.05
CA PHE KB 32 -46.27 65.51 -85.80
C PHE KB 32 -46.06 64.81 -84.45
N PHE KB 33 -46.80 65.22 -83.43
CA PHE KB 33 -46.73 64.49 -82.16
C PHE KB 33 -47.23 63.07 -82.34
N MET KB 34 -48.28 62.88 -83.14
CA MET KB 34 -48.85 61.57 -83.42
C MET KB 34 -48.00 60.73 -84.37
N VAL KB 35 -46.91 61.29 -84.91
CA VAL KB 35 -45.92 60.43 -85.55
C VAL KB 35 -44.68 60.24 -84.67
N ILE KB 36 -44.46 61.11 -83.68
CA ILE KB 36 -43.36 60.89 -82.74
C ILE KB 36 -43.71 59.77 -81.76
N GLN KB 37 -44.96 59.70 -81.31
CA GLN KB 37 -45.33 58.65 -80.35
C GLN KB 37 -45.19 57.24 -80.92
N PRO KB 38 -45.60 56.94 -82.16
CA PRO KB 38 -45.35 55.58 -82.70
C PRO KB 38 -43.87 55.25 -82.82
N THR KB 39 -43.01 56.26 -82.96
CA THR KB 39 -41.58 56.01 -82.89
C THR KB 39 -41.18 55.38 -81.56
N GLU KB 40 -41.53 56.07 -80.47
CA GLU KB 40 -41.20 55.57 -79.13
C GLU KB 40 -41.79 54.19 -78.90
N GLU KB 41 -43.08 54.03 -79.21
CA GLU KB 41 -43.71 52.71 -79.08
C GLU KB 41 -42.93 51.66 -79.86
N GLU KB 42 -42.43 52.06 -81.03
CA GLU KB 42 -41.78 51.12 -81.93
C GLU KB 42 -40.41 50.68 -81.40
N ILE KB 43 -39.63 51.65 -80.90
CA ILE KB 43 -38.39 51.31 -80.20
C ILE KB 43 -38.67 50.39 -79.03
N GLY KB 44 -39.79 50.63 -78.33
CA GLY KB 44 -40.17 49.74 -77.25
C GLY KB 44 -40.40 48.31 -77.70
N TRP KB 45 -41.21 48.12 -78.76
CA TRP KB 45 -41.45 46.77 -79.27
C TRP KB 45 -40.16 46.14 -79.78
N ALA KB 46 -39.24 46.96 -80.31
CA ALA KB 46 -37.92 46.46 -80.63
C ALA KB 46 -37.26 45.85 -79.40
N VAL KB 47 -37.23 46.63 -78.31
CA VAL KB 47 -36.53 46.18 -77.10
C VAL KB 47 -37.17 44.92 -76.53
N ALA KB 48 -38.50 44.78 -76.66
CA ALA KB 48 -39.13 43.54 -76.23
C ALA KB 48 -38.71 42.37 -77.12
N GLU KB 49 -38.87 42.53 -78.44
CA GLU KB 49 -38.59 41.43 -79.37
C GLU KB 49 -37.15 40.93 -79.23
N ARG KB 50 -36.18 41.85 -79.19
CA ARG KB 50 -34.79 41.43 -79.05
C ARG KB 50 -34.58 40.64 -77.76
N ARG KB 51 -35.27 41.04 -76.70
CA ARG KB 51 -35.20 40.28 -75.45
C ARG KB 51 -35.83 38.91 -75.59
N LYS KB 52 -36.73 38.72 -76.57
CA LYS KB 52 -37.21 37.37 -76.83
C LYS KB 52 -36.21 36.57 -77.66
N LEU KB 53 -35.60 37.20 -78.67
CA LEU KB 53 -34.51 36.57 -79.41
C LEU KB 53 -33.47 36.01 -78.46
N ASP KB 54 -33.03 36.82 -77.48
CA ASP KB 54 -31.89 36.46 -76.65
C ASP KB 54 -32.22 35.38 -75.62
N LEU KB 55 -33.46 35.29 -75.14
CA LEU KB 55 -33.83 34.17 -74.29
C LEU KB 55 -33.98 32.88 -75.09
N GLU KB 56 -34.55 33.00 -76.30
CA GLU KB 56 -34.67 31.82 -77.16
C GLU KB 56 -33.30 31.25 -77.49
N LEU KB 57 -32.32 32.11 -77.74
CA LEU KB 57 -30.96 31.62 -77.92
C LEU KB 57 -30.46 30.86 -76.69
N ALA KB 58 -30.95 31.21 -75.49
CA ALA KB 58 -30.59 30.40 -74.32
C ALA KB 58 -31.23 29.02 -74.41
N ASP KB 59 -32.53 28.98 -74.75
CA ASP KB 59 -33.19 27.68 -74.87
C ASP KB 59 -32.52 26.79 -75.90
N LYS KB 60 -31.99 27.37 -76.99
CA LYS KB 60 -31.40 26.51 -78.03
C LYS KB 60 -30.17 25.78 -77.51
N SER KB 61 -29.26 26.49 -76.83
CA SER KB 61 -28.09 25.82 -76.28
C SER KB 61 -28.48 24.82 -75.20
N GLU KB 62 -29.43 25.19 -74.33
CA GLU KB 62 -29.87 24.25 -73.30
C GLU KB 62 -30.36 22.94 -73.91
N ILE KB 63 -31.23 23.02 -74.92
CA ILE KB 63 -31.83 21.81 -75.45
C ILE KB 63 -30.85 21.06 -76.35
N ALA KB 64 -29.93 21.77 -77.02
CA ALA KB 64 -28.90 21.08 -77.78
C ALA KB 64 -28.00 20.28 -76.86
N GLN KB 65 -27.69 20.83 -75.68
CA GLN KB 65 -26.92 20.09 -74.68
C GLN KB 65 -27.70 18.90 -74.15
N ASN KB 66 -29.01 19.07 -73.93
CA ASN KB 66 -29.83 17.94 -73.50
C ASN KB 66 -29.92 16.86 -74.58
N LEU KB 67 -29.88 17.25 -75.86
CA LEU KB 67 -29.85 16.29 -76.95
C LEU KB 67 -28.55 15.49 -76.94
N ASN KB 68 -27.42 16.19 -76.85
CA ASN KB 68 -26.14 15.53 -76.70
C ASN KB 68 -26.18 14.52 -75.55
N GLU KB 69 -26.70 14.93 -74.39
CA GLU KB 69 -26.79 14.01 -73.26
C GLU KB 69 -27.74 12.84 -73.55
N ARG KB 70 -28.76 13.05 -74.38
CA ARG KB 70 -29.51 11.88 -74.81
C ARG KB 70 -28.56 10.94 -75.49
N ARG KB 71 -28.08 11.35 -76.67
CA ARG KB 71 -27.29 10.50 -77.56
C ARG KB 71 -26.37 9.68 -76.68
N ARG KB 72 -25.59 10.40 -75.87
CA ARG KB 72 -24.83 9.90 -74.74
C ARG KB 72 -25.50 8.65 -74.19
N GLU KB 73 -26.64 8.77 -73.51
CA GLU KB 73 -27.04 7.53 -72.84
C GLU KB 73 -28.16 6.70 -73.50
N MET KB 74 -28.98 7.28 -74.37
CA MET KB 74 -29.95 6.44 -75.09
C MET KB 74 -29.24 5.45 -76.02
N ASP KB 75 -28.16 5.90 -76.69
CA ASP KB 75 -27.47 4.98 -77.60
C ASP KB 75 -26.68 3.93 -76.83
N VAL KB 76 -26.20 4.29 -75.64
CA VAL KB 76 -25.59 3.32 -74.73
C VAL KB 76 -26.64 2.35 -74.22
N LEU KB 77 -27.87 2.82 -74.02
CA LEU KB 77 -28.93 1.96 -73.53
C LEU KB 77 -29.40 1.01 -74.64
N GLU KB 78 -29.14 1.36 -75.92
CA GLU KB 78 -29.49 0.50 -77.04
C GLU KB 78 -28.39 -0.49 -77.37
N GLN KB 79 -27.43 -0.67 -76.46
CA GLN KB 79 -26.23 -1.43 -76.71
C GLN KB 79 -26.55 -2.92 -76.81
N LYS KB 80 -25.60 -3.70 -77.31
CA LYS KB 80 -25.94 -5.00 -77.85
C LYS KB 80 -25.25 -6.18 -77.19
N LEU KB 81 -25.27 -7.31 -77.89
CA LEU KB 81 -24.71 -8.59 -77.45
C LEU KB 81 -23.22 -8.54 -77.19
N SER KB 82 -22.87 -8.49 -75.91
CA SER KB 82 -21.49 -8.38 -75.48
C SER KB 82 -21.51 -8.51 -73.98
N GLU KB 83 -20.76 -7.64 -73.33
CA GLU KB 83 -21.22 -7.18 -72.02
C GLU KB 83 -22.54 -6.45 -72.22
N ALA KB 84 -23.38 -6.51 -71.19
CA ALA KB 84 -24.60 -5.72 -71.11
C ALA KB 84 -24.59 -4.96 -69.80
N LEU KB 85 -25.09 -3.73 -69.81
CA LEU KB 85 -25.10 -2.87 -68.64
C LEU KB 85 -26.45 -2.98 -67.92
N THR KB 86 -26.53 -2.41 -66.73
CA THR KB 86 -27.82 -2.00 -66.18
C THR KB 86 -28.15 -0.63 -66.77
N GLU KB 87 -29.40 -0.23 -66.61
CA GLU KB 87 -29.82 1.14 -66.85
C GLU KB 87 -28.84 2.12 -66.24
N LEU KB 88 -28.70 3.28 -66.87
CA LEU KB 88 -27.87 4.35 -66.32
C LEU KB 88 -28.67 5.63 -66.25
N PRO KB 89 -29.22 5.98 -65.10
CA PRO KB 89 -29.61 7.37 -64.87
C PRO KB 89 -28.42 8.18 -64.34
N GLU KB 90 -28.44 9.50 -64.51
CA GLU KB 90 -27.39 10.33 -63.93
C GLU KB 90 -27.53 10.27 -62.41
N GLN KB 91 -26.76 9.37 -61.78
CA GLN KB 91 -26.76 9.34 -60.32
C GLN KB 91 -26.00 10.52 -59.75
N ARG KB 92 -24.68 10.54 -59.99
CA ARG KB 92 -23.85 11.72 -59.73
C ARG KB 92 -23.86 12.13 -58.25
N ASP KB 93 -23.92 11.14 -57.37
CA ASP KB 93 -23.69 11.34 -55.93
C ASP KB 93 -22.99 10.08 -55.41
N ILE KB 94 -21.71 10.21 -55.12
CA ILE KB 94 -20.88 9.05 -54.77
C ILE KB 94 -20.83 8.87 -53.26
N GLU KB 95 -20.54 9.96 -52.54
CA GLU KB 95 -20.36 9.86 -51.09
C GLU KB 95 -21.61 9.33 -50.40
N GLU KB 96 -22.79 9.59 -50.95
CA GLU KB 96 -24.00 9.01 -50.42
C GLU KB 96 -24.06 7.52 -50.72
N LEU KB 97 -23.44 7.09 -51.81
CA LEU KB 97 -23.33 5.66 -52.10
C LEU KB 97 -22.44 4.97 -51.07
N LEU KB 98 -21.28 5.56 -50.79
CA LEU KB 98 -20.42 4.99 -49.74
C LEU KB 98 -21.14 4.97 -48.40
N ALA KB 99 -21.81 6.06 -48.05
CA ALA KB 99 -22.51 6.14 -46.78
C ALA KB 99 -23.59 5.07 -46.68
N GLN KB 100 -24.40 4.91 -47.73
CA GLN KB 100 -25.49 3.94 -47.66
C GLN KB 100 -24.96 2.51 -47.68
N ILE KB 101 -23.83 2.27 -48.34
CA ILE KB 101 -23.17 0.97 -48.22
C ILE KB 101 -22.79 0.71 -46.77
N ASN KB 102 -22.23 1.73 -46.10
CA ASN KB 102 -21.91 1.56 -44.69
C ASN KB 102 -23.16 1.26 -43.87
N ASP KB 103 -24.28 1.93 -44.18
CA ASP KB 103 -25.49 1.75 -43.38
C ASP KB 103 -26.09 0.35 -43.57
N ILE KB 104 -26.23 -0.10 -44.82
CA ILE KB 104 -26.75 -1.44 -45.04
C ILE KB 104 -25.80 -2.48 -44.48
N GLY KB 105 -24.49 -2.18 -44.44
CA GLY KB 105 -23.56 -3.06 -43.76
C GLY KB 105 -23.84 -3.14 -42.28
N LYS KB 106 -24.07 -1.99 -41.64
CA LYS KB 106 -24.27 -1.95 -40.19
C LYS KB 106 -25.57 -2.63 -39.79
N LYS KB 107 -26.65 -2.38 -40.53
CA LYS KB 107 -27.92 -3.01 -40.17
C LYS KB 107 -27.96 -4.48 -40.52
N SER KB 108 -27.03 -4.95 -41.37
CA SER KB 108 -26.89 -6.38 -41.60
C SER KB 108 -25.98 -7.05 -40.58
N GLY KB 109 -25.35 -6.28 -39.69
CA GLY KB 109 -24.51 -6.83 -38.65
C GLY KB 109 -23.07 -7.04 -39.04
N LEU KB 110 -22.66 -6.61 -40.23
CA LEU KB 110 -21.31 -6.90 -40.72
C LEU KB 110 -20.31 -5.84 -40.27
N GLU KB 111 -19.09 -6.29 -39.99
CA GLU KB 111 -17.97 -5.38 -39.77
C GLU KB 111 -17.39 -5.00 -41.12
N LEU KB 112 -17.45 -3.71 -41.46
CA LEU KB 112 -16.92 -3.21 -42.72
C LEU KB 112 -15.42 -2.99 -42.54
N SER KB 113 -14.63 -4.01 -42.90
CA SER KB 113 -13.20 -3.95 -42.68
C SER KB 113 -12.47 -3.07 -43.68
N SER KB 114 -13.04 -2.86 -44.87
CA SER KB 114 -12.40 -1.94 -45.82
C SER KB 114 -13.34 -1.64 -46.97
N VAL KB 115 -13.47 -0.35 -47.30
CA VAL KB 115 -14.10 0.08 -48.55
C VAL KB 115 -13.03 0.81 -49.36
N THR KB 116 -12.83 0.37 -50.59
CA THR KB 116 -11.77 0.92 -51.43
C THR KB 116 -12.36 1.36 -52.76
N PRO KB 117 -12.34 2.64 -53.10
CA PRO KB 117 -12.85 3.07 -54.41
C PRO KB 117 -11.94 2.53 -55.51
N GLY KB 118 -12.30 2.81 -56.74
CA GLY KB 118 -11.54 2.32 -57.87
C GLY KB 118 -11.01 3.43 -58.72
N LYS KB 119 -10.51 3.04 -59.89
CA LYS KB 119 -10.27 4.02 -60.93
C LYS KB 119 -11.42 3.99 -61.92
N GLU KB 120 -11.71 5.16 -62.48
CA GLU KB 120 -12.69 5.23 -63.54
C GLU KB 120 -12.17 4.48 -64.77
N SER KB 121 -13.06 3.73 -65.42
CA SER KB 121 -12.70 2.90 -66.57
C SER KB 121 -12.78 3.74 -67.83
N VAL KB 122 -11.65 4.39 -68.16
CA VAL KB 122 -11.61 5.33 -69.29
C VAL KB 122 -11.97 4.66 -70.60
N GLY KB 123 -11.70 3.35 -70.73
CA GLY KB 123 -12.13 2.59 -71.89
C GLY KB 123 -13.21 1.60 -71.57
N GLY KB 124 -14.07 1.94 -70.60
CA GLY KB 124 -15.18 1.09 -70.22
C GLY KB 124 -16.50 1.60 -70.76
N GLY KB 125 -16.43 2.54 -71.69
CA GLY KB 125 -17.61 3.14 -72.28
C GLY KB 125 -17.30 4.44 -72.99
N GLU KB 126 -17.97 4.70 -74.11
CA GLU KB 126 -17.80 5.98 -74.77
C GLU KB 126 -18.55 7.10 -74.04
N PHE KB 127 -19.65 6.77 -73.39
CA PHE KB 127 -20.50 7.79 -72.79
C PHE KB 127 -20.53 7.73 -71.26
N PHE KB 128 -19.64 6.95 -70.64
CA PHE KB 128 -19.67 6.82 -69.19
C PHE KB 128 -18.33 6.29 -68.70
N ALA KB 129 -17.84 6.89 -67.62
CA ALA KB 129 -16.68 6.39 -66.88
C ALA KB 129 -17.22 5.58 -65.72
N ARG KB 130 -16.96 4.28 -65.72
CA ARG KB 130 -17.37 3.42 -64.62
C ARG KB 130 -16.36 3.55 -63.49
N ILE KB 131 -16.86 3.88 -62.30
CA ILE KB 131 -16.05 3.85 -61.08
C ILE KB 131 -16.42 2.58 -60.31
N PRO KB 132 -15.47 1.66 -60.13
CA PRO KB 132 -15.73 0.46 -59.31
C PRO KB 132 -15.34 0.71 -57.87
N ILE KB 133 -16.11 0.09 -56.97
CA ILE KB 133 -15.89 0.18 -55.54
C ILE KB 133 -15.81 -1.24 -55.02
N LYS KB 134 -14.69 -1.58 -54.39
CA LYS KB 134 -14.49 -2.91 -53.80
C LYS KB 134 -14.75 -2.81 -52.30
N MET KB 135 -15.73 -3.58 -51.83
CA MET KB 135 -16.15 -3.55 -50.43
C MET KB 135 -15.77 -4.86 -49.75
N THR KB 136 -15.40 -4.76 -48.47
CA THR KB 136 -14.75 -5.82 -47.72
C THR KB 136 -15.37 -5.84 -46.33
N VAL KB 137 -16.27 -6.80 -46.11
CA VAL KB 137 -17.12 -6.89 -44.93
C VAL KB 137 -17.05 -8.32 -44.40
N SER KB 138 -17.17 -8.50 -43.08
CA SER KB 138 -17.04 -9.82 -42.48
C SER KB 138 -18.24 -10.14 -41.60
N GLY KB 139 -18.66 -11.39 -41.63
CA GLY KB 139 -19.74 -11.82 -40.75
C GLY KB 139 -20.20 -13.23 -41.09
N ASN KB 140 -21.51 -13.41 -41.00
CA ASN KB 140 -22.15 -14.70 -41.25
C ASN KB 140 -22.63 -14.78 -42.70
N TYR KB 141 -22.74 -16.01 -43.21
CA TYR KB 141 -23.25 -16.23 -44.57
C TYR KB 141 -24.60 -15.56 -44.78
N HIS KB 142 -25.53 -15.77 -43.85
CA HIS KB 142 -26.85 -15.14 -43.92
C HIS KB 142 -26.71 -13.63 -43.99
N GLU KB 143 -25.77 -13.06 -43.23
CA GLU KB 143 -25.63 -11.61 -43.16
C GLU KB 143 -24.99 -11.04 -44.43
N ILE KB 144 -24.12 -11.80 -45.09
CA ILE KB 144 -23.50 -11.28 -46.31
C ILE KB 144 -24.46 -11.44 -47.49
N ALA KB 145 -25.16 -12.56 -47.59
CA ALA KB 145 -26.27 -12.65 -48.51
C ALA KB 145 -27.21 -11.47 -48.31
N LEU KB 146 -27.47 -11.11 -47.04
CA LEU KB 146 -28.35 -9.98 -46.72
C LEU KB 146 -27.78 -8.67 -47.24
N PHE KB 147 -26.53 -8.39 -46.90
CA PHE KB 147 -25.85 -7.18 -47.34
C PHE KB 147 -25.90 -7.03 -48.86
N LEU KB 148 -25.60 -8.13 -49.56
CA LEU KB 148 -25.67 -8.14 -51.02
C LEU KB 148 -27.07 -7.81 -51.51
N GLN KB 149 -28.09 -8.49 -50.98
CA GLN KB 149 -29.44 -8.29 -51.51
C GLN KB 149 -29.96 -6.88 -51.21
N GLU KB 150 -29.51 -6.28 -50.11
CA GLU KB 150 -29.89 -4.90 -49.81
C GLU KB 150 -29.22 -3.93 -50.78
N MET KB 151 -27.94 -4.16 -51.10
CA MET KB 151 -27.28 -3.28 -52.06
C MET KB 151 -27.88 -3.46 -53.47
N ALA KB 152 -28.38 -4.67 -53.75
CA ALA KB 152 -29.07 -4.93 -55.01
C ALA KB 152 -30.52 -4.47 -54.99
N ASN KB 153 -31.02 -4.01 -53.85
CA ASN KB 153 -32.33 -3.39 -53.77
C ASN KB 153 -32.27 -1.88 -53.53
N MET KB 154 -31.08 -1.28 -53.65
CA MET KB 154 -30.93 0.15 -53.38
C MET KB 154 -31.51 0.98 -54.52
N ARG KB 155 -31.69 2.27 -54.24
CA ARG KB 155 -32.18 3.24 -55.22
C ARG KB 155 -31.02 3.94 -55.95
N ARG KB 156 -29.82 3.38 -55.91
CA ARG KB 156 -28.70 4.00 -56.62
C ARG KB 156 -27.99 2.93 -57.44
N ILE KB 157 -27.01 3.38 -58.23
CA ILE KB 157 -26.49 2.61 -59.37
C ILE KB 157 -25.29 1.77 -58.93
N VAL KB 158 -25.49 0.92 -57.92
CA VAL KB 158 -24.40 0.11 -57.41
C VAL KB 158 -24.56 -1.31 -57.91
N ASN KB 159 -24.13 -1.55 -59.15
CA ASN KB 159 -24.28 -2.88 -59.75
C ASN KB 159 -23.21 -3.83 -59.22
N VAL KB 160 -23.60 -4.70 -58.28
CA VAL KB 160 -22.68 -5.66 -57.71
C VAL KB 160 -22.45 -6.79 -58.71
N ASN KB 161 -21.19 -7.19 -58.87
CA ASN KB 161 -20.86 -8.22 -59.85
C ASN KB 161 -20.06 -9.36 -59.23
N ASN KB 162 -18.75 -9.32 -59.38
CA ASN KB 162 -17.89 -10.44 -58.99
C ASN KB 162 -17.73 -10.49 -57.48
N ILE KB 163 -18.17 -11.60 -56.88
CA ILE KB 163 -18.25 -11.77 -55.43
C ILE KB 163 -17.24 -12.82 -55.00
N LYS KB 164 -16.77 -12.70 -53.76
CA LYS KB 164 -15.98 -13.76 -53.17
C LYS KB 164 -16.12 -13.69 -51.65
N PHE KB 165 -15.84 -14.81 -50.97
CA PHE KB 165 -15.76 -14.82 -49.52
C PHE KB 165 -15.14 -16.13 -49.07
N ASP KB 166 -14.59 -16.13 -47.86
CA ASP KB 166 -13.84 -17.25 -47.33
C ASP KB 166 -13.82 -17.15 -45.81
N SER KB 167 -13.31 -18.20 -45.16
CA SER KB 167 -13.32 -18.30 -43.71
C SER KB 167 -12.07 -17.59 -43.15
N ALA KB 168 -12.28 -16.53 -42.37
CA ALA KB 168 -11.18 -15.64 -42.00
C ALA KB 168 -10.30 -16.18 -40.88
N LYS KB 169 -10.70 -17.26 -40.23
CA LYS KB 169 -9.97 -17.79 -39.07
C LYS KB 169 -8.99 -18.85 -39.54
N LEU KB 170 -7.69 -18.57 -39.35
CA LEU KB 170 -6.65 -19.56 -39.68
C LEU KB 170 -7.00 -20.93 -39.14
N LYS KB 171 -6.87 -21.11 -37.83
CA LYS KB 171 -7.11 -22.37 -37.17
C LYS KB 171 -8.53 -22.87 -37.34
N ASN KB 172 -9.46 -22.00 -37.75
CA ASN KB 172 -10.88 -22.37 -37.84
C ASN KB 172 -11.37 -22.86 -36.49
N GLU KB 173 -11.53 -21.94 -35.53
CA GLU KB 173 -12.07 -22.26 -34.22
C GLU KB 173 -13.43 -21.63 -33.97
N LYS KB 174 -13.85 -20.69 -34.83
CA LYS KB 174 -15.19 -20.12 -34.79
C LYS KB 174 -15.61 -19.74 -36.20
N VAL KB 175 -16.92 -19.77 -36.44
CA VAL KB 175 -17.43 -19.41 -37.76
C VAL KB 175 -17.22 -17.93 -37.99
N VAL KB 176 -16.71 -17.58 -39.17
CA VAL KB 176 -16.54 -16.19 -39.59
C VAL KB 176 -16.16 -16.19 -41.06
N LEU KB 177 -16.83 -15.35 -41.85
CA LEU KB 177 -16.60 -15.27 -43.29
C LEU KB 177 -16.25 -13.84 -43.66
N GLN KB 178 -14.99 -13.64 -44.04
CA GLN KB 178 -14.60 -12.42 -44.73
C GLN KB 178 -15.12 -12.46 -46.16
N SER KB 179 -15.72 -11.36 -46.59
CA SER KB 179 -16.39 -11.25 -47.88
C SER KB 179 -15.89 -10.00 -48.60
N GLU KB 180 -15.62 -10.16 -49.88
CA GLU KB 180 -15.15 -9.07 -50.73
C GLU KB 180 -16.04 -9.06 -51.96
N PHE KB 181 -16.90 -8.04 -52.03
CA PHE KB 181 -17.83 -7.85 -53.15
C PHE KB 181 -17.36 -6.67 -53.98
N GLN KB 182 -17.50 -6.78 -55.29
CA GLN KB 182 -17.17 -5.69 -56.20
C GLN KB 182 -18.46 -5.12 -56.76
N ALA KB 183 -18.61 -3.79 -56.65
CA ALA KB 183 -19.83 -3.14 -57.08
C ALA KB 183 -19.49 -1.74 -57.60
N THR KB 184 -20.07 -1.37 -58.74
CA THR KB 184 -19.63 -0.21 -59.48
C THR KB 184 -20.81 0.69 -59.88
N THR KB 185 -20.54 2.00 -59.97
CA THR KB 185 -21.51 2.94 -60.53
C THR KB 185 -20.89 3.68 -61.71
N PHE KB 186 -21.76 4.24 -62.57
CA PHE KB 186 -21.35 4.65 -63.90
C PHE KB 186 -21.48 6.16 -64.13
N ARG KB 187 -20.48 6.93 -63.69
CA ARG KB 187 -20.47 8.38 -63.91
C ARG KB 187 -20.40 8.67 -65.41
N PHE KB 188 -20.58 9.92 -65.80
CA PHE KB 188 -20.44 10.28 -67.21
C PHE KB 188 -18.96 10.40 -67.57
N VAL KB 189 -18.66 10.66 -68.84
CA VAL KB 189 -17.28 10.66 -69.30
C VAL KB 189 -16.53 11.92 -68.83
N ALA LB 37 -68.78 98.83 -115.32
CA ALA LB 37 -69.58 99.27 -116.45
C ALA LB 37 -69.90 100.75 -116.34
N LYS LB 38 -70.41 101.33 -117.42
CA LYS LB 38 -70.65 102.78 -117.51
C LYS LB 38 -72.04 103.09 -116.99
N GLY LB 39 -72.11 103.54 -115.74
CA GLY LB 39 -73.38 103.83 -115.08
C GLY LB 39 -73.62 105.29 -114.81
N LYS LB 40 -74.90 105.66 -114.75
CA LYS LB 40 -75.33 106.97 -114.28
C LYS LB 40 -75.78 106.78 -112.84
N LEU LB 41 -74.92 107.19 -111.92
CA LEU LB 41 -75.00 106.82 -110.52
C LEU LB 41 -76.03 107.75 -109.87
N VAL LB 42 -75.81 108.14 -108.59
CA VAL LB 42 -76.71 109.19 -108.04
C VAL LB 42 -75.91 110.14 -107.15
N LEU LB 43 -76.62 111.07 -106.53
CA LEU LB 43 -75.97 112.13 -105.78
C LEU LB 43 -76.77 112.51 -104.56
N GLY LB 44 -76.18 112.30 -103.38
CA GLY LB 44 -76.77 112.77 -102.15
C GLY LB 44 -75.96 113.92 -101.58
N LEU LB 45 -76.61 114.72 -100.74
CA LEU LB 45 -75.89 115.69 -99.93
C LEU LB 45 -75.66 115.10 -98.54
N ASP LB 46 -74.63 114.25 -98.46
CA ASP LB 46 -74.47 113.41 -97.28
C ASP LB 46 -73.94 114.20 -96.09
N ILE LB 47 -73.16 115.25 -96.34
CA ILE LB 47 -72.69 116.07 -95.23
C ILE LB 47 -73.46 117.37 -95.20
N GLY LB 48 -74.77 117.30 -95.40
CA GLY LB 48 -75.58 118.50 -95.25
C GLY LB 48 -75.77 118.92 -93.81
N SER LB 49 -75.66 117.99 -92.87
CA SER LB 49 -75.84 118.27 -91.45
C SER LB 49 -77.24 118.83 -91.16
N THR LB 50 -77.64 119.91 -91.86
CA THR LB 50 -79.04 120.33 -91.76
C THR LB 50 -79.94 119.46 -92.63
N SER LB 51 -79.45 119.01 -93.79
CA SER LB 51 -80.35 118.30 -94.70
C SER LB 51 -79.60 117.32 -95.61
N ILE LB 52 -80.14 116.10 -95.68
CA ILE LB 52 -79.74 115.10 -96.66
C ILE LB 52 -80.56 115.33 -97.92
N LYS LB 53 -79.88 115.69 -99.01
CA LYS LB 53 -80.50 115.98 -100.28
C LYS LB 53 -79.93 115.05 -101.33
N MET LB 54 -80.68 114.78 -102.40
CA MET LB 54 -80.27 113.81 -103.39
C MET LB 54 -80.83 114.22 -104.75
N ILE LB 55 -80.08 113.95 -105.83
CA ILE LB 55 -80.43 114.43 -107.16
C ILE LB 55 -80.14 113.34 -108.19
N LEU LB 56 -81.06 113.18 -109.14
CA LEU LB 56 -80.88 112.31 -110.30
C LEU LB 56 -81.04 113.14 -111.58
N LEU LB 57 -79.94 113.32 -112.31
CA LEU LB 57 -79.94 113.76 -113.71
C LEU LB 57 -79.60 112.57 -114.61
N LYS LB 58 -80.08 112.59 -115.85
CA LYS LB 58 -79.57 111.59 -116.79
C LYS LB 58 -79.81 112.07 -118.22
N GLU LB 59 -79.45 111.20 -119.16
CA GLU LB 59 -79.67 111.41 -120.58
C GLU LB 59 -81.17 111.45 -120.86
N GLN LB 60 -81.74 112.64 -120.92
CA GLN LB 60 -83.17 112.79 -121.24
C GLN LB 60 -83.35 112.94 -122.74
N ARG LB 61 -84.31 112.22 -123.29
CA ARG LB 61 -84.63 112.26 -124.71
C ARG LB 61 -85.82 113.16 -124.96
N LYS LB 62 -85.67 114.12 -125.88
CA LYS LB 62 -86.78 114.87 -126.45
C LYS LB 62 -86.50 115.10 -127.92
N ARG LB 63 -87.45 114.69 -128.77
CA ARG LB 63 -87.38 114.91 -130.21
C ARG LB 63 -86.09 114.36 -130.82
N GLY LB 64 -85.74 113.14 -130.40
CA GLY LB 64 -84.56 112.48 -130.93
C GLY LB 64 -83.25 113.04 -130.47
N GLU LB 65 -83.26 114.05 -129.61
CA GLU LB 65 -82.06 114.60 -129.01
C GLU LB 65 -81.99 114.19 -127.55
N VAL LB 66 -80.77 114.11 -127.03
CA VAL LB 66 -80.54 113.68 -125.66
C VAL LB 66 -79.52 114.63 -125.05
N ILE LB 67 -79.76 115.03 -123.80
CA ILE LB 67 -78.80 115.80 -123.02
C ILE LB 67 -79.03 115.44 -121.55
N TYR LB 68 -78.01 115.71 -120.74
CA TYR LB 68 -78.15 115.68 -119.29
C TYR LB 68 -79.41 116.45 -118.89
N ALA LB 69 -80.20 115.87 -117.99
CA ALA LB 69 -81.38 116.58 -117.54
C ALA LB 69 -81.82 116.10 -116.16
N LEU LB 70 -82.41 117.01 -115.39
CA LEU LB 70 -82.92 116.67 -114.07
C LEU LB 70 -84.03 115.64 -114.19
N GLN LB 71 -83.88 114.54 -113.45
CA GLN LB 71 -84.89 113.51 -113.38
C GLN LB 71 -85.62 113.49 -112.06
N SER LB 72 -84.90 113.72 -110.96
CA SER LB 72 -85.53 113.80 -109.66
C SER LB 72 -84.58 114.51 -108.70
N PHE LB 73 -85.09 114.76 -107.49
CA PHE LB 73 -84.36 115.38 -106.39
C PHE LB 73 -85.22 115.17 -105.16
N GLY LB 74 -84.59 115.26 -103.98
CA GLY LB 74 -85.27 114.92 -102.74
C GLY LB 74 -84.52 115.49 -101.58
N MET LB 75 -85.25 115.87 -100.54
CA MET LB 75 -84.63 116.54 -99.42
C MET LB 75 -85.35 116.15 -98.13
N LYS LB 76 -84.57 115.77 -97.13
CA LYS LB 76 -85.05 115.45 -95.81
C LYS LB 76 -84.08 116.04 -94.80
N PRO LB 77 -84.56 116.77 -93.79
CA PRO LB 77 -83.64 117.32 -92.80
C PRO LB 77 -82.95 116.20 -92.03
N LEU LB 78 -81.68 116.42 -91.69
CA LEU LB 78 -80.91 115.37 -91.02
C LEU LB 78 -81.33 115.24 -89.56
N PRO LB 79 -81.71 114.04 -89.11
CA PRO LB 79 -81.98 113.83 -87.69
C PRO LB 79 -80.74 114.10 -86.85
N PRO LB 80 -80.88 114.76 -85.70
CA PRO LB 80 -79.72 115.00 -84.84
C PRO LB 80 -79.09 113.70 -84.37
N GLU LB 81 -77.80 113.78 -84.02
CA GLU LB 81 -76.94 112.73 -83.51
C GLU LB 81 -76.43 111.81 -84.63
N ALA LB 82 -76.92 111.94 -85.86
CA ALA LB 82 -76.42 111.11 -86.95
C ALA LB 82 -75.01 111.52 -87.34
N ILE LB 83 -74.72 112.81 -87.34
CA ILE LB 83 -73.37 113.31 -87.62
C ILE LB 83 -72.89 114.10 -86.41
N VAL LB 84 -71.71 113.75 -85.94
CA VAL LB 84 -71.01 114.50 -84.90
C VAL LB 84 -69.59 114.71 -85.39
N ASP LB 85 -69.10 115.95 -85.30
CA ASP LB 85 -67.74 116.33 -85.68
C ASP LB 85 -67.38 115.89 -87.10
N GLY LB 86 -68.34 115.85 -88.01
CA GLY LB 86 -68.05 115.46 -89.38
C GLY LB 86 -67.99 113.98 -89.63
N ALA LB 87 -68.19 113.15 -88.61
CA ALA LB 87 -68.20 111.70 -88.73
C ALA LB 87 -69.62 111.18 -88.57
N LEU LB 88 -69.91 110.06 -89.24
CA LEU LB 88 -71.21 109.39 -89.10
C LEU LB 88 -71.19 108.56 -87.83
N MET LB 89 -71.83 109.07 -86.77
CA MET LB 89 -71.88 108.35 -85.50
C MET LB 89 -72.96 107.29 -85.47
N ASN LB 90 -73.99 107.43 -86.30
CA ASN LB 90 -75.11 106.50 -86.34
C ASN LB 90 -75.30 106.12 -87.81
N SER LB 91 -74.44 105.21 -88.29
CA SER LB 91 -74.47 104.84 -89.70
C SER LB 91 -75.84 104.30 -90.12
N THR LB 92 -76.32 103.28 -89.40
CA THR LB 92 -77.54 102.58 -89.77
C THR LB 92 -78.74 103.54 -89.89
N ALA LB 93 -78.84 104.50 -88.98
CA ALA LB 93 -79.96 105.43 -89.02
C ALA LB 93 -79.89 106.33 -90.24
N ILE LB 94 -78.74 106.98 -90.45
CA ILE LB 94 -78.51 107.75 -91.67
C ILE LB 94 -78.89 106.91 -92.89
N VAL LB 95 -78.58 105.61 -92.86
CA VAL LB 95 -79.09 104.70 -93.89
C VAL LB 95 -80.59 104.83 -94.02
N GLN LB 96 -81.32 104.72 -92.90
CA GLN LB 96 -82.77 104.80 -93.03
C GLN LB 96 -83.19 106.08 -93.75
N ALA LB 97 -82.52 107.18 -93.41
CA ALA LB 97 -82.81 108.44 -94.07
C ALA LB 97 -82.53 108.37 -95.56
N VAL LB 98 -81.33 107.94 -95.95
CA VAL LB 98 -80.94 107.88 -97.36
C VAL LB 98 -81.92 107.05 -98.17
N GLN LB 99 -82.38 105.92 -97.61
CA GLN LB 99 -83.34 105.06 -98.30
C GLN LB 99 -84.69 105.77 -98.47
N ASP LB 100 -85.12 106.51 -97.43
CA ASP LB 100 -86.25 107.42 -97.62
C ASP LB 100 -86.02 108.34 -98.81
N LEU LB 101 -84.82 108.92 -98.92
CA LEU LB 101 -84.49 109.74 -100.06
C LEU LB 101 -84.75 109.00 -101.37
N MET LB 102 -84.23 107.78 -101.48
CA MET LB 102 -84.28 107.06 -102.74
C MET LB 102 -85.71 106.69 -103.15
N SER LB 103 -86.53 106.27 -102.19
CA SER LB 103 -87.92 105.91 -102.50
C SER LB 103 -88.77 107.15 -102.77
N GLU LB 104 -88.54 108.22 -102.02
CA GLU LB 104 -89.15 109.51 -102.33
C GLU LB 104 -88.83 109.90 -103.77
N LEU LB 105 -87.55 109.81 -104.13
CA LEU LB 105 -87.06 110.03 -105.49
C LEU LB 105 -87.79 109.17 -106.52
N LYS LB 106 -88.16 107.94 -106.16
CA LYS LB 106 -88.69 106.95 -107.10
C LYS LB 106 -87.63 106.55 -108.13
N VAL LB 107 -86.42 106.27 -107.66
CA VAL LB 107 -85.27 106.07 -108.56
C VAL LB 107 -84.89 104.59 -108.60
N LYS LB 108 -84.65 104.10 -109.80
CA LYS LB 108 -84.07 102.78 -109.95
C LYS LB 108 -82.63 102.67 -109.49
N GLY LB 109 -81.87 103.75 -109.62
CA GLY LB 109 -80.42 103.65 -109.54
C GLY LB 109 -79.94 103.40 -108.12
N LYS LB 110 -78.86 102.62 -108.02
CA LYS LB 110 -78.27 102.25 -106.74
C LYS LB 110 -76.77 102.51 -106.69
N ASP LB 111 -76.23 103.28 -107.63
CA ASP LB 111 -74.86 103.75 -107.53
C ASP LB 111 -74.88 105.22 -107.16
N VAL LB 112 -73.85 105.67 -106.47
CA VAL LB 112 -73.87 107.01 -105.90
C VAL LB 112 -72.48 107.61 -105.90
N ALA LB 113 -72.40 108.90 -106.15
CA ALA LB 113 -71.27 109.71 -105.69
C ALA LB 113 -71.74 110.45 -104.45
N ILE LB 114 -70.81 110.71 -103.53
CA ILE LB 114 -71.14 111.52 -102.36
C ILE LB 114 -69.94 112.36 -101.96
N GLY LB 115 -70.03 112.99 -100.80
CA GLY LB 115 -69.01 113.91 -100.36
C GLY LB 115 -68.72 113.74 -98.88
N VAL LB 116 -67.48 114.09 -98.51
CA VAL LB 116 -67.08 114.07 -97.11
C VAL LB 116 -67.39 115.42 -96.48
N SER LB 117 -67.35 115.44 -95.14
CA SER LB 117 -67.56 116.69 -94.42
C SER LB 117 -66.36 117.60 -94.59
N GLY LB 118 -66.62 118.89 -94.80
CA GLY LB 118 -65.56 119.88 -94.76
C GLY LB 118 -64.77 119.84 -93.48
N HIS LB 119 -65.44 119.48 -92.36
CA HIS LB 119 -64.74 119.28 -91.09
C HIS LB 119 -63.97 117.97 -91.05
N SER LB 120 -64.18 117.09 -92.01
CA SER LB 120 -63.54 115.78 -92.01
C SER LB 120 -62.38 115.68 -92.99
N VAL LB 121 -62.13 116.71 -93.77
CA VAL LB 121 -61.13 116.68 -94.83
C VAL LB 121 -60.15 117.82 -94.65
N ILE LB 122 -58.87 117.54 -94.83
CA ILE LB 122 -57.84 118.55 -94.96
C ILE LB 122 -57.58 118.74 -96.45
N ILE LB 123 -57.80 119.97 -96.94
CA ILE LB 123 -57.51 120.34 -98.32
C ILE LB 123 -56.39 121.36 -98.28
N LYS LB 124 -55.32 121.11 -99.04
CA LYS LB 124 -54.26 122.10 -99.04
C LYS LB 124 -53.32 121.87 -100.21
N LYS LB 125 -52.67 122.94 -100.66
CA LYS LB 125 -51.79 122.86 -101.81
C LYS LB 125 -50.43 122.24 -101.42
N ILE LB 126 -49.73 121.69 -102.43
CA ILE LB 126 -48.47 120.98 -102.24
C ILE LB 126 -47.59 121.08 -103.49
N GLN LB 127 -46.31 121.47 -103.31
CA GLN LB 127 -45.37 121.62 -104.42
C GLN LB 127 -44.35 120.48 -104.40
N MET LB 128 -44.12 119.86 -105.58
CA MET LB 128 -43.28 118.66 -105.73
C MET LB 128 -42.44 118.71 -107.00
N PRO LB 129 -41.87 117.57 -107.47
CA PRO LB 129 -41.36 117.53 -108.85
C PRO LB 129 -42.07 116.52 -109.75
N ARG LB 130 -42.30 116.91 -111.00
CA ARG LB 130 -43.01 116.08 -111.97
C ARG LB 130 -42.20 114.83 -112.29
N MET LB 131 -42.85 113.67 -112.15
CA MET LB 131 -42.20 112.40 -112.48
C MET LB 131 -43.22 111.31 -112.81
N SER LB 132 -42.79 110.06 -112.65
CA SER LB 132 -43.68 108.92 -112.82
C SER LB 132 -44.79 108.94 -111.76
N GLN LB 133 -45.95 108.37 -112.09
CA GLN LB 133 -47.10 108.45 -111.20
C GLN LB 133 -46.80 107.87 -109.83
N ASP LB 134 -46.17 106.69 -109.78
CA ASP LB 134 -45.87 106.08 -108.49
C ASP LB 134 -45.00 106.98 -107.64
N GLU LB 135 -43.93 107.53 -108.23
CA GLU LB 135 -43.01 108.39 -107.48
C GLU LB 135 -43.72 109.66 -107.00
N LEU LB 136 -44.71 110.14 -107.76
CA LEU LB 136 -45.46 111.30 -107.31
C LEU LB 136 -46.41 110.95 -106.18
N GLU LB 137 -47.07 109.79 -106.26
CA GLU LB 137 -48.01 109.44 -105.20
C GLU LB 137 -47.27 109.21 -103.89
N GLU LB 138 -46.15 108.47 -103.93
CA GLU LB 138 -45.36 108.28 -102.73
C GLU LB 138 -44.79 109.59 -102.21
N SER LB 139 -44.15 110.37 -103.09
CA SER LB 139 -43.65 111.68 -102.70
C SER LB 139 -44.76 112.54 -102.09
N ILE LB 140 -45.96 112.45 -102.65
CA ILE LB 140 -47.12 113.23 -102.20
C ILE LB 140 -47.49 112.83 -100.78
N GLN LB 141 -47.61 111.53 -100.55
CA GLN LB 141 -47.85 111.01 -99.21
C GLN LB 141 -46.80 111.49 -98.23
N TRP LB 142 -45.53 111.46 -98.65
CA TRP LB 142 -44.43 111.85 -97.80
C TRP LB 142 -44.53 113.31 -97.39
N GLU LB 143 -44.90 114.19 -98.33
CA GLU LB 143 -44.99 115.60 -97.98
C GLU LB 143 -46.23 115.90 -97.16
N ALA LB 144 -47.34 115.22 -97.44
CA ALA LB 144 -48.53 115.39 -96.60
C ALA LB 144 -48.31 114.94 -95.18
N GLU LB 145 -47.34 114.06 -94.95
CA GLU LB 145 -47.27 113.34 -93.68
C GLU LB 145 -47.23 114.29 -92.48
N GLN LB 146 -46.39 115.32 -92.53
CA GLN LB 146 -46.31 116.32 -91.47
C GLN LB 146 -47.59 117.17 -91.36
N TYR LB 147 -48.37 117.31 -92.44
CA TYR LB 147 -49.43 118.32 -92.50
C TYR LB 147 -50.75 117.73 -92.00
N ILE LB 148 -50.73 116.46 -91.62
CA ILE LB 148 -51.85 115.65 -91.18
C ILE LB 148 -51.64 115.35 -89.69
N PRO LB 149 -52.44 115.90 -88.81
CA PRO LB 149 -52.23 115.66 -87.37
C PRO LB 149 -52.66 114.28 -86.90
N PHE LB 150 -52.77 113.30 -87.78
CA PHE LB 150 -53.07 111.94 -87.40
C PHE LB 150 -52.05 111.01 -88.02
N ASP LB 151 -51.98 109.77 -87.53
CA ASP LB 151 -51.28 108.76 -88.29
C ASP LB 151 -51.95 108.59 -89.64
N VAL LB 152 -51.25 107.91 -90.54
CA VAL LB 152 -51.87 107.46 -91.77
C VAL LB 152 -52.13 105.97 -91.58
N LYS LB 153 -53.33 105.52 -91.20
CA LYS LB 153 -54.57 106.25 -90.79
C LYS LB 153 -55.01 107.55 -91.50
N ASP LB 154 -54.86 107.59 -92.84
CA ASP LB 154 -55.40 108.66 -93.66
C ASP LB 154 -55.53 108.20 -95.11
N VAL LB 155 -56.68 108.51 -95.73
CA VAL LB 155 -56.95 108.34 -97.16
C VAL LB 155 -56.58 109.65 -97.85
N ASN LB 156 -55.76 109.53 -98.90
CA ASN LB 156 -55.11 110.66 -99.56
C ASN LB 156 -55.41 110.64 -101.04
N ILE LB 157 -55.64 111.83 -101.62
CA ILE LB 157 -55.86 111.98 -103.06
C ILE LB 157 -55.41 113.38 -103.48
N ASP LB 158 -54.80 113.47 -104.65
CA ASP LB 158 -54.33 114.77 -105.12
C ASP LB 158 -54.87 115.04 -106.51
N THR LB 159 -54.94 116.32 -106.88
CA THR LB 159 -55.01 116.64 -108.31
C THR LB 159 -54.13 117.84 -108.59
N GLN LB 160 -53.68 117.95 -109.83
CA GLN LB 160 -52.71 118.98 -110.16
C GLN LB 160 -53.43 120.27 -110.54
N ILE LB 161 -53.00 121.37 -109.91
CA ILE LB 161 -53.62 122.67 -110.14
C ILE LB 161 -53.34 123.19 -111.54
N LEU LB 162 -52.31 122.66 -112.21
CA LEU LB 162 -52.03 122.95 -113.60
C LEU LB 162 -51.80 121.64 -114.33
N ASP LB 163 -52.01 121.66 -115.65
CA ASP LB 163 -51.90 120.45 -116.45
C ASP LB 163 -50.48 119.90 -116.41
N GLY LB 164 -50.36 118.61 -116.05
CA GLY LB 164 -49.05 118.00 -115.93
C GLY LB 164 -48.32 117.87 -117.26
N GLY LB 165 -49.08 117.70 -118.35
CA GLY LB 165 -48.46 117.59 -119.67
C GLY LB 165 -47.78 118.86 -120.13
N GLY LB 166 -48.07 119.99 -119.50
CA GLY LB 166 -47.47 121.26 -119.85
C GLY LB 166 -46.10 121.52 -119.26
N ASN LB 167 -45.58 120.59 -118.46
CA ASN LB 167 -44.26 120.74 -117.84
C ASN LB 167 -43.49 119.43 -117.94
N ASP LB 168 -42.17 119.53 -117.86
CA ASP LB 168 -41.31 118.37 -117.98
C ASP LB 168 -41.16 117.68 -116.62
N ALA LB 169 -40.54 116.50 -116.66
CA ALA LB 169 -40.16 115.81 -115.44
C ALA LB 169 -39.24 116.71 -114.61
N THR LB 170 -39.33 116.54 -113.28
CA THR LB 170 -38.53 117.26 -112.28
C THR LB 170 -38.96 118.72 -112.08
N GLY LB 171 -39.75 119.29 -112.98
CA GLY LB 171 -40.10 120.69 -112.86
C GLY LB 171 -41.58 121.00 -112.80
N GLN LB 172 -41.96 122.02 -112.04
CA GLN LB 172 -43.32 122.57 -112.00
C GLN LB 172 -44.37 121.53 -111.64
N MET LB 173 -44.16 120.85 -110.52
CA MET LB 173 -45.22 120.02 -109.97
C MET LB 173 -45.98 120.79 -108.91
N ASP LB 174 -47.30 120.69 -109.00
CA ASP LB 174 -48.18 121.26 -108.00
C ASP LB 174 -49.37 120.33 -107.96
N VAL LB 175 -49.54 119.62 -106.87
CA VAL LB 175 -50.77 118.91 -106.61
C VAL LB 175 -51.39 119.56 -105.39
N LEU LB 176 -52.69 119.44 -105.25
CA LEU LB 176 -53.35 119.76 -104.00
C LEU LB 176 -53.85 118.45 -103.42
N LEU LB 177 -53.66 118.29 -102.11
CA LEU LB 177 -54.01 117.05 -101.41
C LEU LB 177 -55.30 117.23 -100.63
N VAL LB 178 -56.15 116.23 -100.78
CA VAL LB 178 -57.32 115.99 -99.95
C VAL LB 178 -57.00 114.79 -99.06
N ALA LB 179 -57.19 114.95 -97.76
CA ALA LB 179 -56.75 113.98 -96.78
C ALA LB 179 -57.86 113.78 -95.76
N ALA LB 180 -58.00 112.53 -95.28
CA ALA LB 180 -59.16 112.19 -94.47
C ALA LB 180 -58.87 110.96 -93.61
N LYS LB 181 -59.51 110.88 -92.45
CA LYS LB 181 -59.37 109.69 -91.61
C LYS LB 181 -60.14 108.52 -92.21
N LYS LB 182 -59.60 107.30 -92.02
CA LYS LB 182 -60.35 106.11 -92.43
C LYS LB 182 -61.70 106.04 -91.73
N ASP LB 183 -61.74 106.39 -90.45
CA ASP LB 183 -62.96 106.22 -89.69
C ASP LB 183 -64.11 107.02 -90.31
N MET LB 184 -63.80 108.18 -90.88
CA MET LB 184 -64.82 108.96 -91.58
C MET LB 184 -65.27 108.26 -92.85
N ILE LB 185 -64.34 108.03 -93.78
CA ILE LB 185 -64.64 107.31 -95.02
C ILE LB 185 -65.40 106.02 -94.73
N ASN LB 186 -64.94 105.25 -93.75
CA ASN LB 186 -65.55 103.97 -93.39
C ASN LB 186 -66.95 104.17 -92.84
N ASP LB 187 -67.17 105.23 -92.06
CA ASP LB 187 -68.52 105.59 -91.65
C ASP LB 187 -69.42 105.82 -92.87
N TYR LB 188 -68.89 106.55 -93.86
CA TYR LB 188 -69.70 106.91 -95.02
C TYR LB 188 -69.99 105.69 -95.89
N THR LB 189 -68.95 104.92 -96.24
CA THR LB 189 -69.16 103.66 -96.95
C THR LB 189 -70.08 102.74 -96.18
N THR LB 190 -70.07 102.80 -94.85
CA THR LB 190 -71.04 102.07 -94.08
C THR LB 190 -72.46 102.51 -94.44
N VAL LB 191 -72.76 103.80 -94.24
CA VAL LB 191 -74.08 104.32 -94.57
C VAL LB 191 -74.49 103.92 -95.98
N VAL LB 192 -73.52 103.95 -96.91
CA VAL LB 192 -73.86 103.71 -98.31
C VAL LB 192 -74.15 102.24 -98.56
N SER LB 193 -73.21 101.38 -98.16
CA SER LB 193 -73.42 99.94 -98.19
C SER LB 193 -74.81 99.56 -97.70
N GLU LB 194 -75.32 100.23 -96.66
CA GLU LB 194 -76.57 99.74 -96.10
C GLU LB 194 -77.80 100.31 -96.83
N ALA LB 195 -77.73 101.52 -97.38
CA ALA LB 195 -78.82 102.01 -98.24
C ALA LB 195 -78.98 101.19 -99.51
N GLY LB 196 -78.19 100.13 -99.69
CA GLY LB 196 -78.16 99.42 -100.94
C GLY LB 196 -77.45 100.15 -102.04
N LEU LB 197 -76.70 101.20 -101.72
CA LEU LB 197 -76.00 102.01 -102.69
C LEU LB 197 -74.56 101.54 -102.84
N ALA LB 198 -73.99 101.83 -104.01
CA ALA LB 198 -72.60 101.51 -104.29
C ALA LB 198 -71.86 102.79 -104.67
N PRO LB 199 -70.87 103.22 -103.90
CA PRO LB 199 -70.16 104.46 -104.23
C PRO LB 199 -69.09 104.23 -105.29
N VAL LB 200 -68.94 105.21 -106.19
CA VAL LB 200 -67.84 105.21 -107.14
C VAL LB 200 -66.91 106.41 -106.93
N VAL LB 201 -67.40 107.50 -106.34
CA VAL LB 201 -66.62 108.71 -106.12
C VAL LB 201 -66.97 109.27 -104.74
N VAL LB 202 -65.95 109.52 -103.93
CA VAL LB 202 -66.10 110.24 -102.68
C VAL LB 202 -65.39 111.57 -102.86
N ASP LB 203 -66.17 112.59 -103.19
CA ASP LB 203 -65.65 113.88 -103.63
C ASP LB 203 -65.66 114.83 -102.43
N VAL LB 204 -65.27 116.09 -102.66
CA VAL LB 204 -65.24 117.09 -101.61
C VAL LB 204 -66.13 118.26 -102.03
N ASP LB 205 -66.77 118.90 -101.05
CA ASP LB 205 -67.90 119.76 -101.36
C ASP LB 205 -67.46 121.09 -101.99
N ALA LB 206 -66.31 121.63 -101.57
CA ALA LB 206 -65.89 122.94 -102.06
C ALA LB 206 -65.66 122.94 -103.57
N PHE LB 207 -65.39 121.78 -104.16
CA PHE LB 207 -65.16 121.65 -105.59
C PHE LB 207 -66.34 121.02 -106.31
N ALA LB 208 -67.06 120.15 -105.61
CA ALA LB 208 -68.28 119.59 -106.18
C ALA LB 208 -69.33 120.67 -106.39
N VAL LB 209 -69.35 121.68 -105.53
CA VAL LB 209 -70.30 122.78 -105.66
C VAL LB 209 -70.02 123.59 -106.92
N GLN LB 210 -68.83 123.47 -107.50
CA GLN LB 210 -68.41 124.27 -108.63
C GLN LB 210 -68.81 123.69 -109.98
N ASN LB 211 -69.09 122.39 -110.04
CA ASN LB 211 -69.33 121.73 -111.33
C ASN LB 211 -70.52 122.31 -112.07
N MET LB 212 -71.46 122.90 -111.33
CA MET LB 212 -72.64 123.54 -111.92
C MET LB 212 -72.29 124.84 -112.59
N PHE LB 213 -71.27 125.51 -112.08
CA PHE LB 213 -70.87 126.80 -112.60
C PHE LB 213 -69.63 126.71 -113.46
N SER LB 214 -69.11 125.49 -113.69
CA SER LB 214 -67.81 125.33 -114.36
C SER LB 214 -67.82 125.85 -115.79
N VAL LB 215 -68.90 125.61 -116.53
CA VAL LB 215 -69.00 126.14 -117.88
C VAL LB 215 -69.02 127.67 -117.86
N ASN LB 216 -69.88 128.23 -117.00
CA ASN LB 216 -70.03 129.69 -116.92
C ASN LB 216 -68.74 130.36 -116.45
N TYR LB 217 -67.98 129.67 -115.61
CA TYR LB 217 -66.65 130.14 -115.20
C TYR LB 217 -65.65 130.01 -116.34
N ASP LB 218 -65.75 128.92 -117.11
CA ASP LB 218 -64.84 128.74 -118.24
C ASP LB 218 -65.08 129.76 -119.33
N VAL LB 219 -66.23 130.46 -119.28
CA VAL LB 219 -66.46 131.58 -120.20
C VAL LB 219 -65.45 132.71 -119.97
N PRO LB 220 -65.21 133.22 -118.73
CA PRO LB 220 -64.07 134.14 -118.53
C PRO LB 220 -62.80 133.46 -118.06
N GLU LB 221 -61.80 133.30 -118.93
CA GLU LB 221 -60.68 132.43 -118.58
C GLU LB 221 -59.61 133.13 -117.74
N ARG LB 222 -59.62 134.45 -117.69
CA ARG LB 222 -58.65 135.18 -116.87
C ARG LB 222 -59.28 135.98 -115.74
N GLU LB 223 -60.58 135.81 -115.51
CA GLU LB 223 -61.25 136.51 -114.43
C GLU LB 223 -61.13 135.73 -113.12
N THR LB 224 -60.81 136.45 -112.05
CA THR LB 224 -60.71 135.87 -110.71
C THR LB 224 -62.09 135.92 -110.04
N VAL LB 225 -62.62 134.76 -109.69
CA VAL LB 225 -63.95 134.64 -109.13
C VAL LB 225 -63.86 134.01 -107.75
N VAL LB 226 -64.68 134.49 -106.82
CA VAL LB 226 -64.81 133.79 -105.54
C VAL LB 226 -66.13 133.05 -105.52
N LEU LB 227 -66.14 131.93 -104.82
CA LEU LB 227 -67.34 131.12 -104.61
C LEU LB 227 -67.42 130.78 -103.13
N ILE LB 228 -68.46 131.27 -102.48
CA ILE LB 228 -68.73 130.98 -101.08
C ILE LB 228 -69.84 129.95 -101.02
N ASN LB 229 -69.64 128.88 -100.28
CA ASN LB 229 -70.72 127.97 -99.92
C ASN LB 229 -70.89 128.09 -98.41
N ALA LB 230 -71.92 128.82 -98.00
CA ALA LB 230 -72.27 128.97 -96.59
C ALA LB 230 -73.23 127.85 -96.22
N GLY LB 231 -72.70 126.83 -95.54
CA GLY LB 231 -73.49 125.70 -95.12
C GLY LB 231 -73.96 125.83 -93.69
N ALA LB 232 -74.40 124.72 -93.12
CA ALA LB 232 -74.80 124.68 -91.72
C ALA LB 232 -73.65 124.31 -90.78
N SER LB 233 -72.66 123.58 -91.26
CA SER LB 233 -71.51 123.18 -90.44
C SER LB 233 -70.25 123.95 -90.73
N VAL LB 234 -70.15 124.58 -91.91
CA VAL LB 234 -68.90 125.14 -92.39
C VAL LB 234 -69.24 126.11 -93.52
N VAL LB 235 -68.36 127.09 -93.74
CA VAL LB 235 -68.43 127.95 -94.91
C VAL LB 235 -67.15 127.76 -95.70
N ASN LB 236 -67.29 127.36 -96.95
CA ASN LB 236 -66.09 127.25 -97.79
C ASN LB 236 -65.97 128.46 -98.71
N ILE LB 237 -64.72 128.85 -98.89
CA ILE LB 237 -64.30 129.80 -99.92
C ILE LB 237 -63.41 129.04 -100.87
N ASN LB 238 -63.77 129.02 -102.14
CA ASN LB 238 -62.77 128.68 -103.14
C ASN LB 238 -62.73 129.82 -104.14
N ILE LB 239 -61.52 130.21 -104.52
CA ILE LB 239 -61.30 131.30 -105.46
C ILE LB 239 -60.46 130.80 -106.63
N ILE LB 240 -60.86 131.22 -107.83
CA ILE LB 240 -60.45 130.64 -109.11
C ILE LB 240 -60.02 131.73 -110.08
N SER LB 241 -59.18 131.32 -111.04
CA SER LB 241 -59.06 131.99 -112.33
C SER LB 241 -59.67 131.07 -113.37
N ASN LB 242 -60.80 131.49 -113.95
CA ASN LB 242 -61.62 130.67 -114.85
C ASN LB 242 -62.29 129.61 -113.99
N GLY LB 243 -62.34 128.34 -114.41
CA GLY LB 243 -62.70 127.24 -113.57
C GLY LB 243 -61.45 126.49 -113.16
N ALA LB 244 -60.40 127.24 -112.86
CA ALA LB 244 -59.15 126.71 -112.33
C ALA LB 244 -59.02 127.20 -110.90
N THR LB 245 -59.28 126.30 -109.94
CA THR LB 245 -59.16 126.67 -108.54
C THR LB 245 -57.76 127.18 -108.26
N VAL LB 246 -57.69 128.33 -107.59
CA VAL LB 246 -56.44 128.84 -107.08
C VAL LB 246 -56.27 128.51 -105.60
N PHE LB 247 -57.35 128.54 -104.82
CA PHE LB 247 -57.23 128.06 -103.45
C PHE LB 247 -58.61 127.85 -102.84
N THR LB 248 -58.59 127.19 -101.67
CA THR LB 248 -59.77 126.94 -100.85
C THR LB 248 -59.42 127.15 -99.38
N ARG LB 249 -60.43 127.57 -98.61
CA ARG LB 249 -60.29 127.80 -97.17
C ARG LB 249 -61.64 127.54 -96.53
N ASP LB 250 -61.63 126.85 -95.39
CA ASP LB 250 -62.85 126.43 -94.73
C ASP LB 250 -62.95 127.07 -93.35
N VAL LB 251 -64.08 127.70 -93.09
CA VAL LB 251 -64.31 128.48 -91.87
C VAL LB 251 -65.35 127.78 -91.02
N THR LB 252 -65.03 127.61 -89.74
CA THR LB 252 -65.92 126.89 -88.83
C THR LB 252 -67.29 127.55 -88.73
N ILE LB 253 -67.35 128.86 -88.98
CA ILE LB 253 -68.59 129.60 -88.82
C ILE LB 253 -69.56 129.23 -89.94
N GLY LB 254 -70.85 129.21 -89.60
CA GLY LB 254 -71.87 128.85 -90.56
C GLY LB 254 -73.24 129.22 -90.03
N GLY LB 255 -74.27 128.67 -90.67
CA GLY LB 255 -75.64 129.00 -90.29
C GLY LB 255 -76.02 128.46 -88.93
N ASN LB 256 -75.40 127.36 -88.51
CA ASN LB 256 -75.61 126.87 -87.15
C ASN LB 256 -75.33 127.94 -86.12
N GLN LB 257 -74.33 128.79 -86.39
CA GLN LB 257 -74.00 129.86 -85.44
C GLN LB 257 -75.11 130.90 -85.36
N PHE LB 258 -75.70 131.26 -86.50
CA PHE LB 258 -76.83 132.17 -86.47
C PHE LB 258 -77.99 131.58 -85.67
N THR LB 259 -78.38 130.34 -86.01
CA THR LB 259 -79.46 129.69 -85.28
C THR LB 259 -79.17 129.62 -83.79
N GLU LB 260 -77.91 129.32 -83.44
CA GLU LB 260 -77.55 129.16 -82.04
C GLU LB 260 -77.57 130.48 -81.28
N GLU LB 261 -77.25 131.59 -81.96
CA GLU LB 261 -77.39 132.89 -81.29
C GLU LB 261 -78.85 133.23 -81.08
N ILE LB 262 -79.69 132.99 -82.09
CA ILE LB 262 -81.13 133.17 -81.92
C ILE LB 262 -81.64 132.34 -80.75
N GLN LB 263 -81.18 131.10 -80.65
CA GLN LB 263 -81.61 130.22 -79.56
C GLN LB 263 -81.14 130.75 -78.21
N LYS LB 264 -79.88 131.19 -78.13
CA LYS LB 264 -79.36 131.74 -76.88
C LYS LB 264 -80.19 132.92 -76.40
N GLN LB 265 -80.50 133.86 -77.30
CA GLN LB 265 -81.08 135.13 -76.87
C GLN LB 265 -82.58 135.06 -76.60
N LEU LB 266 -83.21 133.91 -76.78
CA LEU LB 266 -84.65 133.79 -76.58
C LEU LB 266 -85.00 132.42 -76.00
N ASN LB 267 -84.05 131.78 -75.30
CA ASN LB 267 -84.09 130.39 -74.84
C ASN LB 267 -85.10 129.55 -75.62
N VAL LB 268 -84.80 129.36 -76.89
CA VAL LB 268 -85.63 128.65 -77.86
C VAL LB 268 -84.97 127.30 -78.15
N SER LB 269 -85.74 126.34 -78.67
CA SER LB 269 -85.13 125.10 -79.16
C SER LB 269 -84.42 125.37 -80.48
N TYR LB 270 -83.56 124.44 -80.92
CA TYR LB 270 -82.81 124.68 -82.15
C TYR LB 270 -83.75 124.85 -83.35
N GLU LB 271 -84.77 124.00 -83.46
CA GLU LB 271 -85.63 124.02 -84.64
C GLU LB 271 -86.46 125.29 -84.71
N GLU LB 272 -87.04 125.70 -83.58
CA GLU LB 272 -87.84 126.92 -83.58
C GLU LB 272 -86.97 128.16 -83.82
N ALA LB 273 -85.75 128.17 -83.26
CA ALA LB 273 -84.83 129.26 -83.57
C ALA LB 273 -84.46 129.27 -85.04
N GLU LB 274 -84.38 128.08 -85.64
CA GLU LB 274 -84.11 127.98 -87.07
C GLU LB 274 -85.25 128.55 -87.90
N ALA LB 275 -86.49 128.20 -87.55
CA ALA LB 275 -87.64 128.77 -88.24
C ALA LB 275 -87.68 130.28 -88.09
N LEU LB 276 -87.47 130.76 -86.86
CA LEU LB 276 -87.42 132.20 -86.63
C LEU LB 276 -86.36 132.86 -87.50
N LYS LB 277 -85.23 132.18 -87.69
CA LYS LB 277 -84.23 132.66 -88.63
C LYS LB 277 -84.81 132.76 -90.04
N ILE LB 278 -85.24 131.62 -90.60
CA ILE LB 278 -85.79 131.54 -91.95
C ILE LB 278 -86.91 132.55 -92.15
N GLY LB 279 -88.13 132.21 -91.70
CA GLY LB 279 -89.28 133.07 -91.95
C GLY LB 279 -89.23 134.36 -91.16
N GLY LB 280 -88.72 134.31 -89.93
CA GLY LB 280 -88.51 135.53 -89.17
C GLY LB 280 -87.77 136.60 -89.93
N ASN LB 281 -86.69 136.25 -90.63
CA ASN LB 281 -85.81 137.24 -91.22
C ASN LB 281 -86.24 137.75 -92.59
N GLY LB 282 -87.17 137.07 -93.27
CA GLY LB 282 -87.47 137.43 -94.65
C GLY LB 282 -88.90 137.75 -95.04
N ALA LB 283 -89.84 137.62 -94.12
CA ALA LB 283 -91.25 137.85 -94.45
C ALA LB 283 -91.49 139.33 -94.77
N ASP LB 284 -92.52 139.59 -95.57
CA ASP LB 284 -92.92 140.97 -95.81
C ASP LB 284 -93.45 141.62 -94.54
N ALA LB 285 -93.96 140.82 -93.61
CA ALA LB 285 -94.49 141.30 -92.33
C ALA LB 285 -93.44 141.35 -91.24
N ASP LB 286 -92.15 141.20 -91.56
CA ASP LB 286 -91.11 141.03 -90.55
C ASP LB 286 -90.57 142.33 -89.99
N ALA LB 287 -91.29 143.44 -90.14
CA ALA LB 287 -90.73 144.77 -89.84
C ALA LB 287 -90.35 144.92 -88.37
N VAL LB 288 -90.96 144.14 -87.47
CA VAL LB 288 -90.74 144.35 -86.05
C VAL LB 288 -89.64 143.43 -85.52
N VAL LB 289 -89.34 142.38 -86.27
CA VAL LB 289 -88.48 141.28 -85.88
C VAL LB 289 -87.03 141.43 -86.39
N PRO LB 290 -86.64 142.41 -87.23
CA PRO LB 290 -85.21 142.46 -87.56
C PRO LB 290 -84.45 143.27 -86.53
N GLN LB 291 -85.16 143.95 -85.64
CA GLN LB 291 -84.52 144.49 -84.45
C GLN LB 291 -84.25 143.36 -83.46
N ASP LB 292 -85.29 142.60 -83.09
CA ASP LB 292 -85.14 141.54 -82.11
C ASP LB 292 -84.17 140.48 -82.59
N VAL LB 293 -84.25 140.12 -83.88
CA VAL LB 293 -83.37 139.10 -84.42
C VAL LB 293 -82.02 139.70 -84.79
N GLU LB 294 -82.03 140.78 -85.59
CA GLU LB 294 -80.76 141.33 -86.06
C GLU LB 294 -79.84 141.64 -84.90
N ARG LB 295 -80.39 142.17 -83.80
CA ARG LB 295 -79.58 142.40 -82.61
C ARG LB 295 -79.00 141.10 -82.07
N VAL LB 296 -79.72 139.99 -82.28
CA VAL LB 296 -79.23 138.69 -81.84
C VAL LB 296 -78.10 138.19 -82.75
N LEU LB 297 -78.27 138.36 -84.06
CA LEU LB 297 -77.36 137.82 -85.06
C LEU LB 297 -76.24 138.77 -85.44
N SER LB 298 -76.19 139.97 -84.84
CA SER LB 298 -75.27 140.99 -85.31
C SER LB 298 -73.82 140.61 -85.04
N SER LB 299 -73.56 140.02 -83.86
CA SER LB 299 -72.21 139.55 -83.57
C SER LB 299 -71.76 138.49 -84.56
N VAL LB 300 -72.66 137.61 -84.98
CA VAL LB 300 -72.31 136.60 -85.99
C VAL LB 300 -72.05 137.27 -87.34
N ALA LB 301 -72.89 138.22 -87.73
CA ALA LB 301 -72.64 138.93 -88.99
C ALA LB 301 -71.26 139.58 -88.97
N GLU LB 302 -70.92 140.25 -87.87
CA GLU LB 302 -69.61 140.87 -87.74
C GLU LB 302 -68.50 139.84 -87.84
N GLN LB 303 -68.61 138.74 -87.10
CA GLN LB 303 -67.54 137.74 -87.07
C GLN LB 303 -67.38 137.03 -88.42
N VAL LB 304 -68.49 136.75 -89.10
CA VAL LB 304 -68.41 136.20 -90.45
C VAL LB 304 -67.70 137.19 -91.37
N ALA LB 305 -68.12 138.45 -91.37
CA ALA LB 305 -67.48 139.45 -92.22
C ALA LB 305 -65.99 139.55 -91.95
N GLY LB 306 -65.59 139.53 -90.68
CA GLY LB 306 -64.18 139.61 -90.35
C GLY LB 306 -63.41 138.39 -90.77
N GLU LB 307 -64.02 137.20 -90.66
CA GLU LB 307 -63.34 135.99 -91.07
C GLU LB 307 -63.18 135.91 -92.58
N ILE LB 308 -64.17 136.39 -93.33
CA ILE LB 308 -64.07 136.41 -94.79
C ILE LB 308 -63.06 137.46 -95.25
N GLN LB 309 -63.10 138.66 -94.67
CA GLN LB 309 -62.07 139.65 -94.94
C GLN LB 309 -60.68 139.08 -94.67
N ARG LB 310 -60.52 138.41 -93.53
CA ARG LB 310 -59.24 137.80 -93.18
C ARG LB 310 -58.79 136.78 -94.22
N SER LB 311 -59.69 135.89 -94.63
CA SER LB 311 -59.32 134.89 -95.64
C SER LB 311 -58.89 135.57 -96.95
N LEU LB 312 -59.68 136.53 -97.42
CA LEU LB 312 -59.35 137.24 -98.65
C LEU LB 312 -58.00 137.95 -98.55
N ASP LB 313 -57.71 138.56 -97.40
CA ASP LB 313 -56.42 139.23 -97.23
C ASP LB 313 -55.27 138.23 -97.21
N PHE LB 314 -55.53 137.02 -96.70
CA PHE LB 314 -54.46 136.03 -96.63
C PHE LB 314 -54.17 135.46 -98.01
N TYR LB 315 -55.13 135.51 -98.93
CA TYR LB 315 -54.83 135.13 -100.29
C TYR LB 315 -53.96 136.17 -101.00
N ALA LB 316 -54.24 137.45 -100.77
CA ALA LB 316 -54.03 138.48 -101.79
C ALA LB 316 -52.59 138.96 -101.90
N GLY LB 317 -51.68 138.08 -102.32
CA GLY LB 317 -50.27 138.32 -102.08
C GLY LB 317 -49.35 138.60 -103.26
N THR LB 318 -49.71 138.18 -104.47
CA THR LB 318 -48.94 138.45 -105.66
C THR LB 318 -49.45 139.65 -106.46
N ALA LB 319 -50.76 139.87 -106.49
CA ALA LB 319 -51.40 141.04 -107.08
C ALA LB 319 -51.60 142.07 -105.98
N ALA LB 320 -50.49 142.44 -105.32
CA ALA LB 320 -50.43 143.64 -104.47
C ALA LB 320 -51.53 144.62 -104.77
N ASP LB 321 -51.61 145.01 -106.04
CA ASP LB 321 -52.06 146.30 -106.49
C ASP LB 321 -53.49 146.28 -106.98
N SER LB 322 -54.09 145.11 -107.05
CA SER LB 322 -55.29 144.90 -107.83
C SER LB 322 -56.51 144.93 -106.93
N ASN LB 323 -57.66 144.69 -107.53
CA ASN LB 323 -58.91 144.55 -106.81
C ASN LB 323 -59.56 143.22 -107.17
N PHE LB 324 -60.76 143.01 -106.65
CA PHE LB 324 -61.46 141.79 -106.97
C PHE LB 324 -62.29 141.96 -108.24
N SER LB 325 -63.00 140.90 -108.62
CA SER LB 325 -63.95 140.94 -109.71
C SER LB 325 -65.34 140.54 -109.21
N LYS LB 326 -65.73 139.28 -109.38
CA LYS LB 326 -67.09 138.85 -109.08
C LYS LB 326 -67.11 137.49 -108.41
N VAL LB 327 -68.23 137.19 -107.74
CA VAL LB 327 -68.32 136.05 -106.83
C VAL LB 327 -69.77 135.56 -106.75
N TYR LB 328 -69.94 134.29 -106.35
CA TYR LB 328 -71.25 133.68 -106.18
C TYR LB 328 -71.42 133.08 -104.79
N LEU LB 329 -72.68 132.79 -104.44
CA LEU LB 329 -73.04 132.18 -103.16
C LEU LB 329 -73.83 130.90 -103.38
N SER LB 330 -73.58 129.93 -102.50
CA SER LB 330 -74.24 128.63 -102.48
C SER LB 330 -74.43 128.25 -101.01
N GLY LB 331 -75.25 127.24 -100.76
CA GLY LB 331 -75.54 126.92 -99.38
C GLY LB 331 -76.70 127.71 -98.83
N GLY LB 332 -77.48 127.06 -97.97
CA GLY LB 332 -78.68 127.69 -97.44
C GLY LB 332 -78.40 128.83 -96.50
N THR LB 333 -77.24 128.80 -95.82
CA THR LB 333 -76.86 129.89 -94.94
C THR LB 333 -76.73 131.21 -95.70
N ALA LB 334 -76.40 131.13 -97.00
CA ALA LB 334 -76.41 132.31 -97.85
C ALA LB 334 -77.75 133.02 -97.85
N LYS LB 335 -78.86 132.27 -97.84
CA LYS LB 335 -80.19 132.80 -98.05
C LYS LB 335 -80.67 133.70 -96.93
N ILE LB 336 -79.82 133.98 -95.94
CA ILE LB 336 -80.15 134.95 -94.91
C ILE LB 336 -80.53 136.25 -95.62
N PRO LB 337 -81.70 136.80 -95.31
CA PRO LB 337 -82.15 138.01 -96.01
C PRO LB 337 -81.14 139.14 -95.90
N ALA LB 338 -80.80 139.71 -97.07
CA ALA LB 338 -79.91 140.85 -97.23
C ALA LB 338 -78.43 140.50 -97.09
N LEU LB 339 -78.11 139.27 -96.68
CA LEU LB 339 -76.72 138.89 -96.44
C LEU LB 339 -75.86 139.11 -97.68
N PHE LB 340 -76.45 139.00 -98.87
CA PHE LB 340 -75.68 139.16 -100.09
C PHE LB 340 -75.25 140.60 -100.28
N LYS LB 341 -76.16 141.55 -100.03
CA LYS LB 341 -75.82 142.96 -100.10
C LYS LB 341 -74.78 143.31 -99.04
N THR LB 342 -74.92 142.74 -97.84
CA THR LB 342 -73.96 142.99 -96.77
C THR LB 342 -72.56 142.51 -97.16
N ILE LB 343 -72.46 141.26 -97.61
CA ILE LB 343 -71.16 140.74 -98.03
C ILE LB 343 -70.60 141.54 -99.20
N GLU LB 344 -71.48 141.99 -100.11
CA GLU LB 344 -71.04 142.77 -101.25
C GLU LB 344 -70.40 144.08 -100.81
N ALA LB 345 -71.07 144.80 -99.91
CA ALA LB 345 -70.55 146.10 -99.47
C ALA LB 345 -69.35 145.93 -98.54
N ARG LB 346 -69.32 144.83 -97.78
CA ARG LB 346 -68.30 144.65 -96.74
C ARG LB 346 -67.01 144.06 -97.28
N THR LB 347 -67.07 143.19 -98.29
CA THR LB 347 -65.86 142.57 -98.83
C THR LB 347 -65.33 143.29 -100.06
N GLY LB 348 -66.05 144.29 -100.58
CA GLY LB 348 -65.63 144.94 -101.80
C GLY LB 348 -65.70 144.05 -103.02
N VAL LB 349 -66.63 143.11 -103.02
CA VAL LB 349 -66.78 142.22 -104.18
C VAL LB 349 -68.26 142.05 -104.46
N PRO LB 350 -68.69 142.14 -105.72
CA PRO LB 350 -70.08 141.78 -106.05
C PRO LB 350 -70.35 140.29 -105.83
N VAL LB 351 -71.14 140.02 -104.78
CA VAL LB 351 -71.52 138.67 -104.36
C VAL LB 351 -72.94 138.39 -104.82
N GLU LB 352 -73.13 137.37 -105.65
CA GLU LB 352 -74.44 137.10 -106.21
C GLU LB 352 -74.85 135.64 -106.01
N ILE LB 353 -76.13 135.45 -105.69
CA ILE LB 353 -76.73 134.13 -105.81
C ILE LB 353 -76.61 133.68 -107.26
N LEU LB 354 -76.60 132.35 -107.44
CA LEU LB 354 -76.55 131.80 -108.78
C LEU LB 354 -77.39 130.55 -108.83
N ASN LB 355 -77.98 130.30 -110.00
CA ASN LB 355 -78.81 129.13 -110.22
C ASN LB 355 -77.94 128.01 -110.78
N PRO LB 356 -77.60 126.99 -109.99
CA PRO LB 356 -76.90 125.84 -110.58
C PRO LB 356 -77.67 125.20 -111.70
N PHE LB 357 -78.98 125.00 -111.54
CA PHE LB 357 -79.75 124.15 -112.45
C PHE LB 357 -79.66 124.57 -113.92
N ARG LB 358 -79.02 125.71 -114.23
CA ARG LB 358 -78.88 126.11 -115.63
C ARG LB 358 -77.96 125.19 -116.42
N LYS LB 359 -77.15 124.38 -115.72
CA LYS LB 359 -76.25 123.42 -116.36
C LYS LB 359 -76.95 122.15 -116.82
N ILE LB 360 -78.21 121.95 -116.46
CA ILE LB 360 -78.94 120.72 -116.76
C ILE LB 360 -80.27 121.09 -117.38
N GLU LB 361 -80.75 120.21 -118.26
CA GLU LB 361 -82.07 120.40 -118.85
C GLU LB 361 -83.15 120.12 -117.82
N VAL LB 362 -84.16 120.98 -117.79
CA VAL LB 362 -85.24 120.90 -116.82
C VAL LB 362 -86.56 120.91 -117.58
N ASP LB 363 -87.31 119.82 -117.48
CA ASP LB 363 -88.62 119.71 -118.12
C ASP LB 363 -89.62 120.53 -117.30
N ASN LB 364 -90.19 121.56 -117.94
CA ASN LB 364 -91.10 122.46 -117.23
C ASN LB 364 -92.39 121.75 -116.82
N ARG LB 365 -92.69 120.60 -117.42
CA ARG LB 365 -93.90 119.87 -117.04
C ARG LB 365 -93.69 119.04 -115.78
N LYS LB 366 -92.44 118.84 -115.36
CA LYS LB 366 -92.15 118.07 -114.16
C LYS LB 366 -91.57 118.91 -113.03
N PHE LB 367 -91.06 120.09 -113.35
CA PHE LB 367 -90.53 121.04 -112.38
C PHE LB 367 -90.79 122.45 -112.87
N ASP LB 368 -91.22 123.32 -111.98
CA ASP LB 368 -91.41 124.73 -112.32
C ASP LB 368 -90.15 125.50 -111.95
N PRO LB 369 -89.62 126.35 -112.84
CA PRO LB 369 -88.32 126.97 -112.54
C PRO LB 369 -88.28 127.82 -111.28
N ALA LB 370 -89.42 128.33 -110.81
CA ALA LB 370 -89.38 129.26 -109.68
C ALA LB 370 -88.81 128.61 -108.43
N PHE LB 371 -89.42 127.52 -107.95
CA PHE LB 371 -88.91 126.86 -106.75
C PHE LB 371 -87.51 126.30 -106.98
N VAL LB 372 -87.35 125.52 -108.05
CA VAL LB 372 -86.02 125.05 -108.45
C VAL LB 372 -84.97 126.12 -108.21
N MET LB 373 -85.27 127.35 -108.64
CA MET LB 373 -84.45 128.49 -108.28
C MET LB 373 -84.41 128.69 -106.77
N ASP LB 374 -85.55 128.48 -106.09
CA ASP LB 374 -85.63 128.78 -104.67
C ASP LB 374 -84.69 127.92 -103.83
N VAL LB 375 -84.59 126.62 -104.14
CA VAL LB 375 -83.67 125.72 -103.43
C VAL LB 375 -82.36 125.51 -104.18
N ALA LB 376 -82.10 126.27 -105.25
CA ALA LB 376 -80.80 126.18 -105.90
C ALA LB 376 -79.61 126.27 -104.94
N PRO LB 377 -79.53 127.24 -104.01
CA PRO LB 377 -78.33 127.32 -103.14
C PRO LB 377 -78.11 126.08 -102.30
N MET LB 378 -79.16 125.56 -101.63
CA MET LB 378 -79.00 124.31 -100.89
C MET LB 378 -78.55 123.16 -101.79
N ALA LB 379 -79.05 123.11 -103.02
CA ALA LB 379 -78.87 121.95 -103.87
C ALA LB 379 -77.64 122.02 -104.76
N ALA LB 380 -76.86 123.10 -104.71
CA ALA LB 380 -75.73 123.25 -105.62
C ALA LB 380 -74.80 122.04 -105.59
N VAL LB 381 -74.40 121.60 -104.40
CA VAL LB 381 -73.52 120.43 -104.31
C VAL LB 381 -74.27 119.18 -104.74
N ALA LB 382 -75.53 119.07 -104.30
CA ALA LB 382 -76.48 117.98 -104.55
C ALA LB 382 -76.68 117.71 -106.03
N VAL LB 383 -76.49 118.71 -106.87
CA VAL LB 383 -76.35 118.44 -108.29
C VAL LB 383 -74.88 118.49 -108.72
N GLY LB 384 -73.99 118.86 -107.78
CA GLY LB 384 -72.57 118.88 -108.09
C GLY LB 384 -72.00 117.50 -108.36
N LEU LB 385 -71.78 116.72 -107.29
CA LEU LB 385 -71.27 115.38 -107.55
C LEU LB 385 -72.25 114.61 -108.44
N ALA LB 386 -73.40 115.23 -108.75
CA ALA LB 386 -74.40 114.68 -109.64
C ALA LB 386 -74.01 114.78 -111.09
N LEU LB 387 -73.49 115.93 -111.53
CA LEU LB 387 -72.85 115.88 -112.84
C LEU LB 387 -71.57 115.06 -112.79
N ARG LB 388 -70.97 114.92 -111.61
CA ARG LB 388 -69.86 113.97 -111.50
C ARG LB 388 -70.30 112.53 -111.80
N ARG LB 389 -71.58 112.21 -111.58
CA ARG LB 389 -71.96 110.80 -111.68
C ARG LB 389 -72.34 110.29 -113.08
N PRO LB 390 -72.69 111.12 -114.07
CA PRO LB 390 -72.76 110.60 -115.43
C PRO LB 390 -71.55 111.04 -116.23
N GLY LB 391 -70.47 111.34 -115.52
CA GLY LB 391 -69.25 111.77 -116.17
C GLY LB 391 -68.63 110.64 -116.95
N MET MB 1 -103.31 99.82 -103.67
CA MET MB 1 -103.63 99.63 -102.26
C MET MB 1 -102.78 98.51 -101.64
N MET MB 2 -102.35 98.71 -100.39
CA MET MB 2 -101.48 97.77 -99.71
C MET MB 2 -102.29 96.83 -98.83
N ILE MB 3 -102.08 95.52 -98.99
CA ILE MB 3 -102.78 94.51 -98.21
C ILE MB 3 -101.71 93.73 -97.43
N ARG MB 4 -101.69 93.93 -96.12
CA ARG MB 4 -100.67 93.37 -95.25
C ARG MB 4 -101.31 92.43 -94.23
N ILE MB 5 -100.50 91.46 -93.77
CA ILE MB 5 -101.01 90.47 -92.82
C ILE MB 5 -99.88 89.96 -91.93
N ASN MB 6 -99.73 90.57 -90.75
CA ASN MB 6 -98.77 90.15 -89.75
C ASN MB 6 -99.17 88.86 -89.04
N LEU MB 7 -100.22 88.18 -89.50
CA LEU MB 7 -100.55 86.90 -88.87
C LEU MB 7 -99.41 85.91 -89.12
N LEU MB 8 -98.75 85.54 -88.02
CA LEU MB 8 -97.57 84.69 -87.79
C LEU MB 8 -97.09 83.85 -88.95
N PRO MB 9 -95.97 84.22 -89.60
CA PRO MB 9 -95.21 83.24 -90.36
C PRO MB 9 -93.87 82.85 -89.68
N VAL MB 10 -92.78 83.55 -90.00
CA VAL MB 10 -91.37 83.09 -89.88
C VAL MB 10 -90.79 82.61 -88.55
N ARG MB 11 -90.97 83.34 -87.44
CA ARG MB 11 -90.19 82.95 -86.27
C ARG MB 11 -90.74 81.69 -85.65
N ALA MB 12 -92.07 81.60 -85.49
CA ALA MB 12 -92.67 80.33 -85.10
C ALA MB 12 -92.29 79.22 -86.07
N VAL MB 13 -92.30 79.49 -87.38
CA VAL MB 13 -91.98 78.46 -88.36
C VAL MB 13 -90.57 77.95 -88.13
N LYS MB 14 -89.62 78.86 -87.91
CA LYS MB 14 -88.24 78.47 -87.66
C LYS MB 14 -88.14 77.66 -86.38
N LYS MB 15 -89.00 77.97 -85.40
CA LYS MB 15 -88.97 77.28 -84.12
C LYS MB 15 -89.63 75.91 -84.22
N ARG MB 16 -90.68 75.80 -85.02
CA ARG MB 16 -91.32 74.52 -85.27
C ARG MB 16 -90.37 73.60 -86.03
N GLU MB 17 -89.58 74.18 -86.94
CA GLU MB 17 -88.58 73.40 -87.66
C GLU MB 17 -87.45 72.94 -86.76
N MET MB 18 -86.84 73.87 -86.01
CA MET MB 18 -85.83 73.47 -85.03
C MET MB 18 -86.37 72.43 -84.07
N GLY MB 19 -87.61 72.62 -83.62
CA GLY MB 19 -88.27 71.62 -82.80
C GLY MB 19 -88.35 70.25 -83.47
N ARG MB 20 -88.59 70.23 -84.77
CA ARG MB 20 -88.58 68.94 -85.47
C ARG MB 20 -87.19 68.33 -85.49
N GLN MB 21 -86.18 69.13 -85.86
CA GLN MB 21 -84.84 68.60 -86.06
C GLN MB 21 -84.26 68.04 -84.76
N VAL MB 22 -84.42 68.77 -83.65
CA VAL MB 22 -83.92 68.28 -82.37
C VAL MB 22 -84.50 66.91 -82.05
N LEU MB 23 -85.79 66.71 -82.34
CA LEU MB 23 -86.43 65.43 -82.06
C LEU MB 23 -85.94 64.33 -82.99
N VAL MB 24 -85.72 64.63 -84.27
CA VAL MB 24 -85.14 63.62 -85.15
C VAL MB 24 -83.78 63.19 -84.63
N LEU MB 25 -82.95 64.15 -84.19
CA LEU MB 25 -81.64 63.80 -83.66
C LEU MB 25 -81.77 62.90 -82.42
N PHE MB 26 -82.68 63.25 -81.51
CA PHE MB 26 -83.00 62.37 -80.40
C PHE MB 26 -83.30 60.95 -80.88
N ALA MB 27 -84.20 60.85 -81.87
CA ALA MB 27 -84.61 59.54 -82.36
C ALA MB 27 -83.41 58.75 -82.90
N VAL MB 28 -82.55 59.40 -83.69
CA VAL MB 28 -81.40 58.71 -84.28
C VAL MB 28 -80.47 58.20 -83.18
N VAL MB 29 -80.11 59.07 -82.23
CA VAL MB 29 -79.24 58.65 -81.14
C VAL MB 29 -79.83 57.47 -80.38
N LEU MB 30 -81.14 57.51 -80.11
CA LEU MB 30 -81.75 56.44 -79.32
C LEU MB 30 -81.87 55.14 -80.12
N ILE MB 31 -81.99 55.22 -81.45
CA ILE MB 31 -81.99 54.00 -82.24
C ILE MB 31 -80.58 53.38 -82.24
N GLY MB 32 -79.55 54.21 -82.39
CA GLY MB 32 -78.20 53.69 -82.31
C GLY MB 32 -77.90 53.03 -80.97
N ALA MB 33 -78.13 53.76 -79.87
CA ALA MB 33 -77.96 53.19 -78.54
C ALA MB 33 -78.77 51.90 -78.39
N GLY MB 34 -79.99 51.88 -78.93
CA GLY MB 34 -80.73 50.63 -78.98
C GLY MB 34 -79.92 49.50 -79.59
N VAL MB 35 -79.43 49.71 -80.82
CA VAL MB 35 -78.68 48.67 -81.53
C VAL MB 35 -77.47 48.20 -80.72
N ALA MB 36 -76.78 49.12 -80.03
CA ALA MB 36 -75.71 48.73 -79.13
C ALA MB 36 -76.22 47.78 -78.04
N ASN MB 37 -77.27 48.19 -77.31
CA ASN MB 37 -77.84 47.35 -76.25
C ASN MB 37 -78.17 45.96 -76.77
N TYR MB 38 -78.81 45.90 -77.95
CA TYR MB 38 -78.94 44.63 -78.65
C TYR MB 38 -77.59 43.94 -78.74
N LEU MB 39 -76.84 44.18 -79.83
CA LEU MB 39 -75.58 43.47 -80.07
C LEU MB 39 -74.92 42.96 -78.78
N TRP MB 40 -74.88 43.79 -77.75
CA TRP MB 40 -74.45 43.35 -76.42
C TRP MB 40 -75.26 42.12 -75.96
N TYR MB 41 -76.61 42.22 -76.01
CA TYR MB 41 -77.44 41.10 -75.56
C TYR MB 41 -77.05 39.77 -76.23
N ASP MB 42 -76.64 39.84 -77.49
CA ASP MB 42 -76.32 38.63 -78.25
C ASP MB 42 -74.99 38.05 -77.81
N ASP MB 43 -73.96 38.91 -77.68
CA ASP MB 43 -72.72 38.38 -77.12
C ASP MB 43 -72.94 37.77 -75.74
N ARG MB 44 -73.91 38.30 -74.97
CA ARG MB 44 -74.18 37.75 -73.65
C ARG MB 44 -74.88 36.39 -73.72
N GLN MB 45 -75.80 36.21 -74.68
CA GLN MB 45 -76.44 34.90 -74.82
C GLN MB 45 -75.44 33.85 -75.31
N SER MB 46 -74.53 34.25 -76.22
CA SER MB 46 -73.47 33.32 -76.61
C SER MB 46 -72.63 32.91 -75.41
N GLU MB 47 -72.19 33.88 -74.60
CA GLU MB 47 -71.41 33.55 -73.41
C GLU MB 47 -72.18 32.63 -72.48
N LEU MB 48 -73.49 32.87 -72.32
CA LEU MB 48 -74.30 32.01 -71.46
C LEU MB 48 -74.33 30.58 -71.99
N GLU MB 49 -74.40 30.42 -73.31
CA GLU MB 49 -74.43 29.07 -73.87
C GLU MB 49 -73.09 28.35 -73.68
N ALA MB 50 -71.98 29.06 -73.93
CA ALA MB 50 -70.67 28.48 -73.64
C ALA MB 50 -70.58 28.04 -72.18
N HIS MB 51 -71.08 28.87 -71.26
CA HIS MB 51 -70.92 28.58 -69.84
C HIS MB 51 -71.82 27.42 -69.41
N GLN MB 52 -73.02 27.32 -69.99
CA GLN MB 52 -73.86 26.18 -69.66
C GLN MB 52 -73.27 24.88 -70.22
N ALA MB 53 -72.59 24.98 -71.37
CA ALA MB 53 -71.80 23.84 -71.84
C ALA MB 53 -70.74 23.44 -70.82
N GLY MB 54 -70.02 24.42 -70.27
CA GLY MB 54 -69.04 24.11 -69.24
C GLY MB 54 -69.66 23.47 -68.02
N VAL MB 55 -70.83 23.97 -67.59
CA VAL MB 55 -71.49 23.41 -66.42
C VAL MB 55 -71.89 21.96 -66.66
N ALA MB 56 -72.46 21.68 -67.84
CA ALA MB 56 -72.66 20.29 -68.24
C ALA MB 56 -71.37 19.48 -68.13
N SER MB 57 -70.24 20.06 -68.52
CA SER MB 57 -68.97 19.36 -68.41
C SER MB 57 -68.58 19.12 -66.96
N THR MB 58 -69.08 19.93 -66.02
CA THR MB 58 -68.97 19.57 -64.61
C THR MB 58 -69.85 18.37 -64.30
N LYS MB 59 -71.17 18.51 -64.50
CA LYS MB 59 -72.12 17.50 -64.06
C LYS MB 59 -71.83 16.13 -64.66
N ALA MB 60 -71.11 16.06 -65.77
CA ALA MB 60 -70.68 14.77 -66.30
C ALA MB 60 -69.62 14.13 -65.41
N ARG MB 61 -68.47 14.79 -65.26
CA ARG MB 61 -67.36 14.16 -64.57
C ARG MB 61 -67.58 14.04 -63.07
N ILE MB 62 -68.38 14.92 -62.46
CA ILE MB 62 -68.76 14.71 -61.06
C ILE MB 62 -69.51 13.39 -60.92
N ALA MB 63 -70.43 13.10 -61.85
CA ALA MB 63 -71.10 11.80 -61.86
C ALA MB 63 -70.10 10.67 -62.03
N GLU MB 64 -69.20 10.80 -63.01
CA GLU MB 64 -68.09 9.85 -63.14
C GLU MB 64 -67.43 9.57 -61.81
N LEU MB 65 -67.25 10.60 -60.98
CA LEU MB 65 -66.46 10.47 -59.77
C LEU MB 65 -67.27 9.90 -58.62
N GLU MB 66 -68.55 10.24 -58.54
CA GLU MB 66 -69.44 9.59 -57.60
C GLU MB 66 -69.50 8.09 -57.86
N LYS MB 67 -69.46 7.70 -59.15
CA LYS MB 67 -69.45 6.27 -59.47
C LYS MB 67 -68.11 5.64 -59.12
N ILE MB 68 -66.99 6.28 -59.48
CA ILE MB 68 -65.69 5.69 -59.23
C ILE MB 68 -65.42 5.57 -57.73
N ILE MB 69 -65.91 6.53 -56.95
CA ILE MB 69 -65.76 6.43 -55.49
C ILE MB 69 -66.74 5.45 -54.91
N GLY MB 70 -67.94 5.33 -55.49
CA GLY MB 70 -68.83 4.25 -55.13
C GLY MB 70 -68.16 2.90 -55.24
N GLU MB 71 -67.44 2.69 -56.35
CA GLU MB 71 -66.57 1.53 -56.46
C GLU MB 71 -65.57 1.51 -55.30
N VAL MB 72 -64.70 2.53 -55.20
CA VAL MB 72 -63.60 2.49 -54.23
C VAL MB 72 -64.08 2.13 -52.81
N LYS MB 73 -65.30 2.52 -52.47
CA LYS MB 73 -65.82 2.19 -51.14
C LYS MB 73 -66.41 0.78 -51.09
N ASN MB 74 -67.35 0.48 -52.01
CA ASN MB 74 -67.80 -0.91 -52.21
C ASN MB 74 -66.64 -1.88 -52.03
N ILE MB 75 -65.53 -1.60 -52.71
CA ILE MB 75 -64.19 -2.14 -52.54
C ILE MB 75 -63.73 -2.22 -51.10
N ASN MB 76 -63.42 -1.05 -50.51
CA ASN MB 76 -62.59 -1.04 -49.31
C ASN MB 76 -63.25 -1.79 -48.18
N THR MB 77 -64.58 -1.83 -48.15
CA THR MB 77 -65.22 -2.55 -47.05
C THR MB 77 -65.18 -4.06 -47.26
N ARG MB 78 -65.20 -4.52 -48.51
CA ARG MB 78 -65.14 -5.97 -48.76
C ARG MB 78 -63.75 -6.55 -48.51
N LYS MB 79 -62.70 -5.71 -48.60
CA LYS MB 79 -61.34 -6.16 -48.36
C LYS MB 79 -61.16 -6.60 -46.91
N ALA MB 80 -61.66 -5.80 -45.97
CA ALA MB 80 -61.51 -6.09 -44.55
C ALA MB 80 -62.25 -7.35 -44.14
N GLU MB 81 -63.13 -7.88 -45.00
CA GLU MB 81 -63.78 -9.14 -44.71
C GLU MB 81 -63.13 -10.31 -45.42
N VAL MB 82 -62.73 -10.14 -46.70
CA VAL MB 82 -61.90 -11.17 -47.31
C VAL MB 82 -60.69 -11.44 -46.43
N GLU MB 83 -59.83 -10.43 -46.30
CA GLU MB 83 -58.90 -10.26 -45.17
C GLU MB 83 -59.10 -11.31 -44.07
N LYS MB 84 -60.17 -11.16 -43.29
CA LYS MB 84 -60.31 -11.84 -42.01
C LYS MB 84 -60.82 -13.27 -42.19
N LYS MB 85 -61.80 -13.45 -43.09
CA LYS MB 85 -62.19 -14.79 -43.54
C LYS MB 85 -60.95 -15.64 -43.84
N LEU MB 86 -59.98 -15.08 -44.57
CA LEU MB 86 -58.82 -15.87 -45.00
C LEU MB 86 -57.83 -16.06 -43.87
N ALA MB 87 -57.63 -15.06 -43.02
CA ALA MB 87 -56.85 -15.34 -41.81
C ALA MB 87 -57.40 -16.55 -41.07
N VAL MB 88 -58.73 -16.62 -40.96
CA VAL MB 88 -59.40 -17.83 -40.45
C VAL MB 88 -58.98 -19.04 -41.28
N LEU MB 89 -59.04 -18.92 -42.61
CA LEU MB 89 -58.78 -20.07 -43.48
C LEU MB 89 -57.36 -20.62 -43.29
N ASP MB 90 -56.40 -19.73 -43.04
CA ASP MB 90 -55.01 -20.14 -42.82
C ASP MB 90 -54.81 -20.69 -41.41
N ALA MB 91 -55.66 -20.29 -40.46
CA ALA MB 91 -55.67 -21.05 -39.21
C ALA MB 91 -56.22 -22.46 -39.41
N LEU MB 92 -57.22 -22.60 -40.30
CA LEU MB 92 -57.90 -23.88 -40.46
C LEU MB 92 -57.08 -24.87 -41.28
N ARG MB 93 -56.39 -24.41 -42.32
CA ARG MB 93 -55.47 -25.32 -43.02
C ARG MB 93 -54.41 -25.84 -42.07
N LYS MB 94 -54.00 -25.02 -41.10
CA LYS MB 94 -53.13 -25.49 -40.03
C LYS MB 94 -53.86 -26.42 -39.09
N GLY MB 95 -55.19 -26.27 -39.00
CA GLY MB 95 -56.04 -27.18 -38.25
C GLY MB 95 -56.37 -28.48 -38.96
N ARG MB 96 -55.97 -28.62 -40.22
CA ARG MB 96 -56.08 -29.90 -40.93
C ARG MB 96 -54.74 -30.54 -41.20
N SER MB 97 -53.68 -29.73 -41.30
CA SER MB 97 -52.32 -30.25 -41.22
C SER MB 97 -52.05 -30.80 -39.83
N GLY MB 98 -52.54 -30.07 -38.81
CA GLY MB 98 -52.32 -30.39 -37.42
C GLY MB 98 -52.51 -31.85 -37.08
N PRO MB 99 -53.72 -32.36 -37.28
CA PRO MB 99 -54.01 -33.78 -36.99
C PRO MB 99 -53.20 -34.77 -37.80
N VAL MB 100 -52.21 -34.31 -38.57
CA VAL MB 100 -51.59 -35.13 -39.60
C VAL MB 100 -50.08 -34.92 -39.63
N ARG MB 101 -49.33 -35.95 -39.19
CA ARG MB 101 -48.15 -36.44 -39.91
C ARG MB 101 -46.83 -36.57 -39.15
N MET MB 102 -45.84 -35.87 -39.68
CA MET MB 102 -44.54 -36.42 -40.03
C MET MB 102 -44.35 -37.86 -39.59
N MET MB 103 -44.37 -38.74 -40.58
CA MET MB 103 -43.74 -40.05 -40.71
C MET MB 103 -44.77 -41.08 -41.12
N ASP MB 104 -44.51 -41.71 -42.25
CA ASP MB 104 -45.49 -42.57 -42.87
C ASP MB 104 -45.49 -43.93 -42.19
N ALA MB 105 -46.68 -44.48 -42.02
CA ALA MB 105 -46.85 -45.73 -41.29
C ALA MB 105 -48.10 -46.41 -41.82
N LEU MB 106 -48.30 -47.65 -41.37
CA LEU MB 106 -49.50 -48.41 -41.66
C LEU MB 106 -50.03 -48.88 -40.31
N ALA MB 107 -50.88 -48.06 -39.71
CA ALA MB 107 -51.42 -48.34 -38.38
C ALA MB 107 -52.89 -47.97 -38.36
N SER MB 108 -53.70 -48.85 -37.76
CA SER MB 108 -55.11 -48.56 -37.54
C SER MB 108 -55.26 -47.41 -36.56
N ALA MB 109 -54.95 -47.66 -35.30
CA ALA MB 109 -54.91 -46.62 -34.28
C ALA MB 109 -53.46 -46.26 -33.97
N THR MB 110 -53.22 -44.98 -33.71
CA THR MB 110 -51.88 -44.48 -33.41
C THR MB 110 -51.79 -44.12 -31.94
N PRO MB 111 -50.79 -44.63 -31.21
CA PRO MB 111 -50.74 -44.40 -29.76
C PRO MB 111 -50.54 -42.95 -29.35
N LYS MB 112 -49.92 -42.12 -30.19
CA LYS MB 112 -49.71 -40.72 -29.86
C LYS MB 112 -50.69 -39.84 -30.64
N LYS MB 113 -50.84 -38.59 -30.16
CA LYS MB 113 -51.71 -37.64 -30.85
C LYS MB 113 -51.39 -37.57 -32.33
N VAL MB 114 -50.12 -37.34 -32.65
CA VAL MB 114 -49.59 -37.25 -33.99
C VAL MB 114 -48.55 -38.34 -34.13
N TRP MB 115 -48.11 -38.59 -35.37
CA TRP MB 115 -47.00 -39.52 -35.54
C TRP MB 115 -45.68 -38.84 -35.23
N VAL MB 116 -44.67 -39.65 -35.02
CA VAL MB 116 -43.33 -39.21 -34.68
C VAL MB 116 -42.38 -40.15 -35.41
N LYS MB 117 -41.09 -40.02 -35.16
CA LYS MB 117 -40.13 -40.78 -35.93
C LYS MB 117 -39.60 -41.98 -35.15
N THR MB 118 -38.56 -41.77 -34.34
CA THR MB 118 -37.89 -42.87 -33.66
C THR MB 118 -38.20 -42.86 -32.17
N PHE MB 119 -38.10 -44.03 -31.55
CA PHE MB 119 -38.32 -44.22 -30.12
C PHE MB 119 -37.29 -45.23 -29.63
N SER MB 120 -36.45 -44.83 -28.68
CA SER MB 120 -35.42 -45.72 -28.17
C SER MB 120 -35.30 -45.56 -26.66
N GLU MB 121 -35.46 -46.66 -25.93
CA GLU MB 121 -35.56 -46.63 -24.48
C GLU MB 121 -34.37 -47.34 -23.83
N ASN MB 122 -34.33 -47.26 -22.50
CA ASN MB 122 -33.32 -47.97 -21.72
C ASN MB 122 -33.82 -48.34 -20.34
N ASN MB 123 -35.13 -48.47 -20.16
CA ASN MB 123 -35.77 -48.86 -18.91
C ASN MB 123 -35.51 -47.86 -17.78
N ASN MB 124 -35.00 -46.68 -18.12
CA ASN MB 124 -34.94 -45.59 -17.15
C ASN MB 124 -35.37 -44.30 -17.83
N ALA MB 125 -35.00 -44.15 -19.09
CA ALA MB 125 -35.37 -43.00 -19.89
C ALA MB 125 -35.64 -43.45 -21.31
N VAL MB 126 -36.44 -42.66 -22.02
CA VAL MB 126 -36.72 -42.87 -23.43
C VAL MB 126 -36.19 -41.63 -24.16
N SER MB 127 -35.26 -41.85 -25.08
CA SER MB 127 -34.84 -40.83 -26.02
C SER MB 127 -35.70 -40.99 -27.27
N ILE MB 128 -36.48 -39.97 -27.59
CA ILE MB 128 -37.40 -40.06 -28.71
C ILE MB 128 -36.96 -39.07 -29.78
N ASP MB 129 -37.54 -39.23 -30.96
CA ASP MB 129 -37.20 -38.46 -32.14
C ASP MB 129 -38.53 -38.24 -32.86
N GLY MB 130 -38.93 -36.99 -33.07
CA GLY MB 130 -40.22 -36.84 -33.71
C GLY MB 130 -40.37 -35.63 -34.59
N SER MB 131 -41.62 -35.27 -34.82
CA SER MB 131 -41.95 -34.06 -35.55
C SER MB 131 -43.39 -33.68 -35.23
N ALA MB 132 -43.71 -32.40 -35.30
CA ALA MB 132 -45.04 -31.89 -34.98
C ALA MB 132 -45.41 -30.82 -36.00
N VAL MB 133 -46.65 -30.32 -35.88
CA VAL MB 133 -47.18 -29.49 -36.95
C VAL MB 133 -46.59 -28.08 -36.90
N SER MB 134 -46.25 -27.59 -35.71
CA SER MB 134 -45.86 -26.18 -35.59
C SER MB 134 -45.33 -25.93 -34.18
N HIS MB 135 -45.21 -24.64 -33.85
CA HIS MB 135 -44.83 -24.16 -32.53
C HIS MB 135 -45.97 -24.36 -31.53
N ASP MB 136 -47.01 -25.07 -31.98
CA ASP MB 136 -48.23 -25.25 -31.21
C ASP MB 136 -48.43 -26.69 -30.77
N GLU MB 137 -48.51 -27.63 -31.70
CA GLU MB 137 -48.69 -29.03 -31.31
C GLU MB 137 -47.46 -29.60 -30.62
N VAL MB 138 -46.27 -29.10 -30.95
CA VAL MB 138 -45.08 -29.47 -30.16
C VAL MB 138 -45.14 -28.80 -28.80
N ALA MB 139 -45.81 -27.63 -28.71
CA ALA MB 139 -46.01 -27.01 -27.42
C ALA MB 139 -47.08 -27.75 -26.62
N GLU MB 140 -48.16 -28.19 -27.28
CA GLU MB 140 -49.14 -29.03 -26.62
C GLU MB 140 -48.49 -30.30 -26.10
N PHE MB 141 -47.70 -30.96 -26.95
CA PHE MB 141 -47.05 -32.21 -26.57
C PHE MB 141 -46.07 -31.99 -25.43
N MET MB 142 -45.25 -30.94 -25.52
CA MET MB 142 -44.24 -30.70 -24.48
C MET MB 142 -44.90 -30.30 -23.17
N ARG MB 143 -46.01 -29.57 -23.24
CA ARG MB 143 -46.75 -29.23 -22.03
C ARG MB 143 -47.33 -30.47 -21.37
N GLY MB 144 -47.87 -31.39 -22.19
CA GLY MB 144 -48.43 -32.62 -21.65
C GLY MB 144 -47.45 -33.45 -20.84
N LEU MB 145 -46.15 -33.14 -20.92
CA LEU MB 145 -45.14 -33.89 -20.19
C LEU MB 145 -44.59 -33.11 -19.01
N ASN MB 146 -43.51 -32.36 -19.26
CA ASN MB 146 -42.78 -31.73 -18.19
C ASN MB 146 -41.81 -30.70 -18.77
N GLY MB 147 -41.25 -29.90 -17.88
CA GLY MB 147 -40.34 -28.82 -18.22
C GLY MB 147 -39.36 -28.61 -17.09
N VAL MB 148 -38.08 -28.53 -17.43
CA VAL MB 148 -37.02 -28.79 -16.47
C VAL MB 148 -35.84 -27.86 -16.74
N VAL MB 149 -35.18 -27.45 -15.66
CA VAL MB 149 -33.88 -26.76 -15.74
C VAL MB 149 -32.82 -27.85 -15.57
N TRP MB 150 -32.21 -28.26 -16.68
CA TRP MB 150 -31.19 -29.29 -16.63
C TRP MB 150 -29.81 -28.67 -16.45
N THR MB 151 -28.93 -29.40 -15.74
CA THR MB 151 -27.64 -28.80 -15.38
C THR MB 151 -26.48 -29.74 -15.72
N PRO MB 152 -25.81 -30.47 -14.76
CA PRO MB 152 -24.50 -31.03 -15.13
C PRO MB 152 -24.66 -32.27 -16.00
N LYS MB 153 -24.38 -32.13 -17.29
CA LYS MB 153 -24.58 -33.22 -18.23
C LYS MB 153 -23.33 -34.09 -18.31
N GLY MB 154 -23.54 -35.41 -18.38
CA GLY MB 154 -22.45 -36.33 -18.58
C GLY MB 154 -22.34 -36.80 -20.02
N MET MB 155 -21.13 -36.75 -20.58
CA MET MB 155 -20.90 -37.20 -21.94
C MET MB 155 -20.56 -38.68 -21.94
N GLY MB 156 -21.16 -39.44 -22.86
CA GLY MB 156 -21.01 -40.88 -22.88
C GLY MB 156 -20.94 -41.40 -24.30
N ARG MB 157 -20.40 -42.62 -24.42
CA ARG MB 157 -20.02 -43.19 -25.70
C ARG MB 157 -21.19 -43.38 -26.66
N LEU MB 158 -22.43 -43.22 -26.21
CA LEU MB 158 -23.56 -43.26 -27.13
C LEU MB 158 -23.71 -41.95 -27.91
N VAL MB 159 -23.43 -40.81 -27.28
CA VAL MB 159 -23.38 -39.54 -27.99
C VAL MB 159 -22.49 -39.64 -29.21
N ASP MB 160 -21.25 -40.11 -29.02
CA ASP MB 160 -20.31 -40.16 -30.14
C ASP MB 160 -20.73 -41.21 -31.15
N ARG MB 161 -21.37 -42.29 -30.72
CA ARG MB 161 -21.95 -43.23 -31.67
C ARG MB 161 -23.08 -42.58 -32.47
N ARG MB 162 -23.68 -41.51 -31.94
CA ARG MB 162 -24.59 -40.70 -32.75
C ARG MB 162 -23.84 -39.79 -33.70
N ARG MB 163 -22.76 -39.17 -33.23
CA ARG MB 163 -21.89 -38.43 -34.12
C ARG MB 163 -21.22 -39.34 -35.14
N ASP MB 164 -20.96 -40.61 -34.78
CA ASP MB 164 -20.35 -41.54 -35.72
C ASP MB 164 -21.33 -42.03 -36.78
N SER MB 165 -22.63 -41.76 -36.60
CA SER MB 165 -23.76 -42.40 -37.30
C SER MB 165 -23.87 -43.88 -36.95
N LYS MB 166 -23.06 -44.36 -36.00
CA LYS MB 166 -22.90 -45.80 -35.79
C LYS MB 166 -24.13 -46.46 -35.15
N THR MB 167 -24.98 -45.68 -34.50
CA THR MB 167 -26.28 -46.12 -33.99
C THR MB 167 -27.31 -45.35 -34.81
N ALA MB 168 -28.07 -46.07 -35.64
CA ALA MB 168 -28.91 -45.44 -36.65
C ALA MB 168 -29.90 -44.48 -36.01
N ARG MB 169 -29.89 -43.23 -36.48
CA ARG MB 169 -30.96 -42.29 -36.17
C ARG MB 169 -30.99 -41.14 -37.17
N VAL MB 170 -31.58 -40.02 -36.76
CA VAL MB 170 -31.82 -38.90 -37.67
C VAL MB 170 -31.08 -37.65 -37.20
N GLU MB 171 -29.94 -37.38 -37.80
CA GLU MB 171 -28.97 -36.45 -37.23
C GLU MB 171 -29.29 -34.99 -37.49
N MET MB 172 -30.54 -34.68 -37.71
CA MET MB 172 -31.03 -33.40 -37.32
C MET MB 172 -30.98 -33.21 -35.81
N LEU MB 173 -30.79 -34.29 -35.06
CA LEU MB 173 -31.05 -34.26 -33.64
C LEU MB 173 -29.80 -33.89 -32.86
N THR MB 174 -30.00 -33.10 -31.81
CA THR MB 174 -29.00 -33.05 -30.76
C THR MB 174 -28.86 -34.42 -30.13
N SER MB 175 -27.82 -34.58 -29.32
CA SER MB 175 -27.46 -35.91 -28.84
C SER MB 175 -27.93 -36.17 -27.41
N ASP MB 176 -27.18 -36.99 -26.68
CA ASP MB 176 -27.20 -37.02 -25.22
C ASP MB 176 -28.38 -37.79 -24.64
N ALA MB 177 -28.25 -38.17 -23.37
CA ALA MB 177 -29.30 -38.81 -22.58
C ALA MB 177 -28.85 -39.06 -21.15
N THR MB 178 -28.06 -38.15 -20.57
CA THR MB 178 -27.55 -38.35 -19.21
C THR MB 178 -27.31 -36.98 -18.59
N ILE MB 179 -28.02 -36.67 -17.50
CA ILE MB 179 -27.94 -35.36 -16.86
C ILE MB 179 -28.64 -35.36 -15.50
N GLU MB 180 -28.92 -34.17 -14.96
CA GLU MB 180 -29.54 -33.99 -13.67
C GLU MB 180 -30.54 -32.84 -13.79
N GLU MB 181 -31.77 -33.06 -13.30
CA GLU MB 181 -32.92 -32.30 -13.76
C GLU MB 181 -33.63 -31.61 -12.60
N PHE MB 182 -33.96 -30.35 -12.80
CA PHE MB 182 -34.77 -29.60 -11.84
C PHE MB 182 -36.08 -29.20 -12.49
N PRO MB 183 -37.20 -29.39 -11.80
CA PRO MB 183 -38.50 -29.13 -12.42
C PRO MB 183 -38.77 -27.64 -12.55
N GLU MB 184 -39.22 -27.23 -13.72
CA GLU MB 184 -39.75 -25.89 -13.93
C GLU MB 184 -41.27 -25.91 -13.92
N ALA MB 185 -41.88 -26.71 -14.80
CA ALA MB 185 -43.32 -26.89 -14.88
C ALA MB 185 -43.55 -28.35 -15.21
N GLN MB 186 -44.80 -28.80 -15.08
CA GLN MB 186 -45.12 -30.23 -14.98
C GLN MB 186 -46.60 -30.42 -15.31
N VAL MB 187 -46.95 -31.47 -16.04
CA VAL MB 187 -48.39 -31.70 -16.25
C VAL MB 187 -48.71 -33.17 -16.03
N SER MB 188 -47.84 -34.05 -16.49
CA SER MB 188 -47.98 -35.47 -16.16
C SER MB 188 -47.15 -35.78 -14.91
N PRO MB 189 -47.79 -36.24 -13.83
CA PRO MB 189 -47.04 -36.60 -12.62
C PRO MB 189 -46.11 -37.77 -12.83
N PHE MB 190 -46.24 -38.40 -13.99
CA PHE MB 190 -45.55 -39.66 -14.25
C PHE MB 190 -44.29 -39.44 -15.04
N PHE MB 191 -44.10 -38.29 -15.68
CA PHE MB 191 -43.02 -38.11 -16.64
C PHE MB 191 -42.17 -36.89 -16.29
N LYS MB 192 -40.86 -37.07 -16.36
CA LYS MB 192 -39.83 -36.03 -16.20
C LYS MB 192 -39.16 -35.89 -17.55
N ASN MB 193 -39.74 -35.03 -18.39
CA ASN MB 193 -39.07 -34.58 -19.60
C ASN MB 193 -37.88 -33.73 -19.22
N ILE MB 194 -36.73 -33.98 -19.86
CA ILE MB 194 -35.55 -33.19 -19.51
C ILE MB 194 -35.59 -31.83 -20.21
N ASP MB 195 -36.03 -31.81 -21.47
CA ASP MB 195 -36.15 -30.61 -22.30
C ASP MB 195 -36.46 -30.99 -23.74
N LEU MB 196 -37.07 -30.07 -24.49
CA LEU MB 196 -37.15 -30.16 -25.94
C LEU MB 196 -35.74 -29.96 -26.48
N GLN MB 197 -35.03 -31.08 -26.63
CA GLN MB 197 -33.61 -31.03 -26.97
C GLN MB 197 -33.35 -30.25 -28.25
N THR MB 198 -34.24 -30.34 -29.23
CA THR MB 198 -34.10 -29.47 -30.41
C THR MB 198 -35.40 -29.46 -31.19
N ALA MB 199 -35.49 -28.51 -32.13
CA ALA MB 199 -36.66 -28.35 -32.98
C ALA MB 199 -36.31 -27.43 -34.14
N LYS MB 200 -36.62 -27.89 -35.36
CA LYS MB 200 -36.23 -27.25 -36.60
C LYS MB 200 -37.32 -27.48 -37.63
N GLN MB 201 -37.88 -26.40 -38.17
CA GLN MB 201 -38.98 -26.51 -39.12
C GLN MB 201 -38.42 -26.84 -40.50
N VAL MB 202 -38.69 -28.05 -40.97
CA VAL MB 202 -38.12 -28.54 -42.22
C VAL MB 202 -39.09 -28.20 -43.34
N GLY MB 203 -38.65 -27.39 -44.29
CA GLY MB 203 -39.56 -26.89 -45.31
C GLY MB 203 -39.82 -27.86 -46.45
N GLY MB 204 -38.77 -28.53 -46.92
CA GLY MB 204 -38.90 -29.38 -48.09
C GLY MB 204 -38.33 -28.72 -49.32
N ALA MB 205 -38.84 -29.13 -50.48
CA ALA MB 205 -38.36 -28.57 -51.75
C ALA MB 205 -39.45 -28.70 -52.79
N GLN MB 206 -39.08 -28.41 -54.05
CA GLN MB 206 -40.01 -28.51 -55.17
C GLN MB 206 -40.44 -29.94 -55.43
N VAL MB 207 -39.69 -30.93 -54.93
CA VAL MB 207 -40.11 -32.32 -55.06
C VAL MB 207 -41.19 -32.67 -54.04
N GLY MB 208 -41.33 -31.88 -52.98
CA GLY MB 208 -42.34 -32.15 -51.98
C GLY MB 208 -42.14 -31.47 -50.64
N VAL MB 209 -43.21 -31.46 -49.84
CA VAL MB 209 -43.20 -30.81 -48.53
C VAL MB 209 -42.84 -31.77 -47.39
N PRO MB 210 -42.42 -31.20 -46.25
CA PRO MB 210 -43.10 -31.58 -45.02
C PRO MB 210 -43.52 -30.34 -44.23
N ILE MB 211 -42.70 -29.27 -44.29
CA ILE MB 211 -43.00 -27.94 -43.76
C ILE MB 211 -43.04 -27.93 -42.23
N LEU MB 212 -43.13 -29.10 -41.60
CA LEU MB 212 -43.41 -29.13 -40.17
C LEU MB 212 -42.15 -28.92 -39.33
N VAL MB 213 -42.30 -29.07 -38.02
CA VAL MB 213 -41.21 -28.85 -37.08
C VAL MB 213 -40.69 -30.21 -36.62
N GLU MB 214 -39.57 -30.62 -37.20
CA GLU MB 214 -38.83 -31.76 -36.68
C GLU MB 214 -38.35 -31.43 -35.26
N PHE MB 215 -38.36 -32.42 -34.37
CA PHE MB 215 -37.92 -32.12 -33.01
C PHE MB 215 -37.31 -33.36 -32.37
N LYS MB 216 -36.70 -33.14 -31.20
CA LYS MB 216 -36.17 -34.20 -30.37
C LYS MB 216 -36.27 -33.86 -28.89
N ILE MB 217 -36.68 -34.87 -28.11
CA ILE MB 217 -36.96 -34.83 -26.68
C ILE MB 217 -36.39 -36.10 -26.03
N THR MB 218 -35.96 -35.99 -24.77
CA THR MB 218 -35.63 -37.15 -23.94
C THR MB 218 -36.35 -37.03 -22.60
N MET MB 219 -36.86 -38.16 -22.11
CA MET MB 219 -37.77 -38.14 -20.96
C MET MB 219 -37.66 -39.42 -20.14
N THR MB 220 -37.45 -39.26 -18.82
CA THR MB 220 -37.53 -40.39 -17.89
C THR MB 220 -38.90 -40.38 -17.22
N SER MB 221 -39.49 -41.57 -17.12
CA SER MB 221 -40.89 -41.71 -16.81
C SER MB 221 -41.10 -41.75 -15.30
N ASN MB 222 -42.01 -42.62 -14.87
CA ASN MB 222 -41.97 -43.02 -13.46
C ASN MB 222 -42.44 -44.46 -13.36
N TYR MB 223 -42.29 -45.04 -12.18
CA TYR MB 223 -40.98 -45.43 -11.68
C TYR MB 223 -40.13 -46.05 -12.78
N MET NB 1 -105.49 81.67 -67.26
CA MET NB 1 -104.93 82.90 -67.79
C MET NB 1 -104.30 82.63 -69.17
N ASP NB 2 -104.54 83.52 -70.13
CA ASP NB 2 -104.46 83.12 -71.53
C ASP NB 2 -103.12 83.39 -72.20
N LYS NB 3 -102.41 84.46 -71.83
CA LYS NB 3 -101.07 84.68 -72.39
C LYS NB 3 -100.20 83.44 -72.23
N TYR NB 4 -100.20 82.84 -71.03
CA TYR NB 4 -99.52 81.57 -70.83
C TYR NB 4 -100.12 80.46 -71.69
N LEU NB 5 -101.42 80.54 -71.98
CA LEU NB 5 -102.07 79.47 -72.73
C LEU NB 5 -101.70 79.51 -74.21
N ASP NB 6 -101.38 80.70 -74.74
CA ASP NB 6 -100.97 80.77 -76.13
C ASP NB 6 -99.45 80.64 -76.25
N GLN NB 7 -98.72 80.94 -75.16
CA GLN NB 7 -97.37 80.39 -75.03
C GLN NB 7 -97.42 78.86 -75.04
N PHE NB 8 -98.53 78.28 -74.54
CA PHE NB 8 -98.76 76.85 -74.58
C PHE NB 8 -99.26 76.35 -75.92
N VAL NB 9 -99.86 77.21 -76.75
CA VAL NB 9 -100.26 76.79 -78.09
C VAL NB 9 -99.13 76.98 -79.09
N LYS NB 10 -98.15 77.85 -78.79
CA LYS NB 10 -97.02 78.07 -79.69
C LYS NB 10 -95.90 77.06 -79.47
N ALA NB 11 -95.46 76.88 -78.21
CA ALA NB 11 -94.20 76.22 -77.89
C ALA NB 11 -94.26 74.75 -77.46
N PRO NB 12 -95.13 74.35 -76.54
CA PRO NB 12 -94.94 73.07 -75.83
C PRO NB 12 -95.21 71.84 -76.69
N PRO NB 13 -95.53 71.95 -77.98
CA PRO NB 13 -95.19 70.82 -78.85
C PRO NB 13 -93.71 70.50 -78.70
N ALA NB 14 -92.87 71.54 -78.78
CA ALA NB 14 -91.43 71.35 -78.64
C ALA NB 14 -91.07 70.86 -77.24
N ILE NB 15 -91.71 71.40 -76.21
CA ILE NB 15 -91.31 71.08 -74.84
C ILE NB 15 -91.80 69.68 -74.44
N LYS NB 16 -93.01 69.32 -74.85
CA LYS NB 16 -93.49 67.96 -74.59
C LYS NB 16 -92.65 66.93 -75.33
N PHE NB 17 -92.39 67.16 -76.62
CA PHE NB 17 -91.52 66.27 -77.37
C PHE NB 17 -90.17 66.13 -76.68
N GLY NB 18 -89.59 67.25 -76.25
CA GLY NB 18 -88.31 67.21 -75.55
C GLY NB 18 -88.37 66.37 -74.30
N GLY NB 19 -89.39 66.59 -73.46
CA GLY NB 19 -89.53 65.79 -72.25
C GLY NB 19 -89.61 64.30 -72.54
N LEU NB 20 -90.44 63.93 -73.52
CA LEU NB 20 -90.47 62.54 -73.95
C LEU NB 20 -89.08 62.03 -74.33
N ALA NB 21 -88.29 62.89 -74.99
CA ALA NB 21 -86.98 62.46 -75.44
C ALA NB 21 -86.01 62.26 -74.28
N PHE NB 22 -85.99 63.19 -73.31
CA PHE NB 22 -85.12 63.00 -72.16
C PHE NB 22 -85.53 61.75 -71.37
N VAL NB 23 -86.83 61.48 -71.29
CA VAL NB 23 -87.28 60.28 -70.61
C VAL NB 23 -86.79 59.02 -71.33
N VAL NB 24 -86.96 58.97 -72.66
CA VAL NB 24 -86.55 57.76 -73.38
C VAL NB 24 -85.03 57.59 -73.32
N GLY NB 25 -84.29 58.70 -73.32
CA GLY NB 25 -82.86 58.62 -73.09
C GLY NB 25 -82.51 58.02 -71.75
N ALA NB 26 -83.20 58.46 -70.69
CA ALA NB 26 -82.98 57.88 -69.36
C ALA NB 26 -83.26 56.38 -69.36
N LEU NB 27 -84.39 55.98 -69.95
CA LEU NB 27 -84.78 54.56 -69.94
C LEU NB 27 -83.78 53.71 -70.72
N THR NB 28 -83.22 54.26 -71.80
CA THR NB 28 -82.20 53.51 -72.53
C THR NB 28 -80.90 53.43 -71.74
N ALA NB 29 -80.52 54.50 -71.04
CA ALA NB 29 -79.40 54.38 -70.11
C ALA NB 29 -79.65 53.25 -69.13
N ALA NB 30 -80.87 53.17 -68.58
CA ALA NB 30 -81.19 52.18 -67.57
C ALA NB 30 -81.13 50.76 -68.13
N ASN NB 31 -81.68 50.52 -69.33
CA ASN NB 31 -81.67 49.16 -69.85
C ASN NB 31 -80.28 48.75 -70.32
N PHE NB 32 -79.46 49.70 -70.78
CA PHE NB 32 -78.09 49.36 -71.10
C PHE NB 32 -77.29 48.98 -69.85
N PHE NB 33 -77.51 49.69 -68.75
CA PHE NB 33 -76.89 49.28 -67.49
C PHE NB 33 -77.40 47.91 -67.06
N MET NB 34 -78.70 47.66 -67.27
CA MET NB 34 -79.32 46.39 -66.92
C MET NB 34 -78.99 45.28 -67.90
N VAL NB 35 -78.25 45.55 -68.97
CA VAL NB 35 -77.63 44.47 -69.73
C VAL NB 35 -76.14 44.35 -69.44
N ILE NB 36 -75.51 45.40 -68.91
CA ILE NB 36 -74.11 45.29 -68.51
C ILE NB 36 -73.98 44.48 -67.21
N GLN NB 37 -74.90 44.66 -66.27
CA GLN NB 37 -74.81 43.90 -65.02
C GLN NB 37 -74.93 42.38 -65.21
N PRO NB 38 -75.86 41.85 -66.02
CA PRO NB 38 -75.86 40.39 -66.25
C PRO NB 38 -74.58 39.88 -66.91
N THR NB 39 -73.87 40.72 -67.64
CA THR NB 39 -72.55 40.34 -68.15
C THR NB 39 -71.61 40.01 -66.99
N GLU NB 40 -71.44 40.96 -66.07
CA GLU NB 40 -70.55 40.75 -64.93
C GLU NB 40 -70.98 39.53 -64.12
N GLU NB 41 -72.28 39.44 -63.79
CA GLU NB 41 -72.78 38.28 -63.07
C GLU NB 41 -72.42 36.98 -63.81
N GLU NB 42 -72.49 37.04 -65.15
CA GLU NB 42 -72.29 35.85 -65.96
C GLU NB 42 -70.83 35.41 -65.97
N ILE NB 43 -69.91 36.37 -66.12
CA ILE NB 43 -68.49 36.07 -65.96
C ILE NB 43 -68.23 35.49 -64.58
N GLY NB 44 -68.92 36.00 -63.57
CA GLY NB 44 -68.78 35.43 -62.23
C GLY NB 44 -69.18 33.97 -62.16
N TRP NB 45 -70.37 33.63 -62.68
CA TRP NB 45 -70.80 32.24 -62.68
C TRP NB 45 -69.87 31.36 -63.51
N ALA NB 46 -69.29 31.93 -64.57
CA ALA NB 46 -68.23 31.23 -65.29
C ALA NB 46 -67.11 30.86 -64.34
N VAL NB 47 -66.59 31.86 -63.61
CA VAL NB 47 -65.43 31.63 -62.74
C VAL NB 47 -65.76 30.61 -61.64
N ALA NB 48 -67.00 30.59 -61.17
CA ALA NB 48 -67.38 29.56 -60.20
C ALA NB 48 -67.38 28.18 -60.85
N GLU NB 49 -68.11 28.05 -61.97
CA GLU NB 49 -68.26 26.74 -62.61
C GLU NB 49 -66.91 26.13 -62.98
N ARG NB 50 -66.02 26.92 -63.61
CA ARG NB 50 -64.72 26.39 -63.96
C ARG NB 50 -63.95 25.91 -62.72
N ARG NB 51 -64.11 26.62 -61.60
CA ARG NB 51 -63.49 26.18 -60.37
C ARG NB 51 -64.12 24.88 -59.87
N LYS NB 52 -65.35 24.57 -60.29
CA LYS NB 52 -65.89 23.25 -59.95
C LYS NB 52 -65.35 22.17 -60.90
N LEU NB 53 -65.27 22.48 -62.19
CA LEU NB 53 -64.61 21.59 -63.14
C LEU NB 53 -63.24 21.15 -62.62
N ASP NB 54 -62.43 22.11 -62.16
CA ASP NB 54 -61.04 21.83 -61.83
C ASP NB 54 -60.87 21.06 -60.52
N LEU NB 55 -61.78 21.22 -59.56
CA LEU NB 55 -61.73 20.38 -58.37
C LEU NB 55 -62.22 18.97 -58.68
N GLU NB 56 -63.26 18.85 -59.52
CA GLU NB 56 -63.74 17.53 -59.89
C GLU NB 56 -62.65 16.75 -60.62
N LEU NB 57 -61.88 17.42 -61.48
CA LEU NB 57 -60.74 16.75 -62.09
C LEU NB 57 -59.76 16.25 -61.04
N ALA NB 58 -59.66 16.92 -59.89
CA ALA NB 58 -58.82 16.38 -58.82
C ALA NB 58 -59.43 15.09 -58.27
N ASP NB 59 -60.74 15.11 -58.00
CA ASP NB 59 -61.39 13.90 -57.48
C ASP NB 59 -61.25 12.72 -58.44
N LYS NB 60 -61.24 12.97 -59.75
CA LYS NB 60 -61.17 11.85 -60.68
C LYS NB 60 -59.84 11.12 -60.57
N SER NB 61 -58.73 11.86 -60.54
CA SER NB 61 -57.42 11.21 -60.39
C SER NB 61 -57.29 10.55 -59.04
N GLU NB 62 -57.76 11.21 -57.97
CA GLU NB 62 -57.70 10.58 -56.65
C GLU NB 62 -58.40 9.23 -56.64
N ILE NB 63 -59.63 9.18 -57.15
CA ILE NB 63 -60.39 7.94 -57.06
C ILE NB 63 -59.92 6.90 -58.06
N ALA NB 64 -59.39 7.32 -59.22
CA ALA NB 64 -58.80 6.37 -60.14
C ALA NB 64 -57.57 5.71 -59.52
N GLN NB 65 -56.79 6.48 -58.77
CA GLN NB 65 -55.65 5.91 -58.04
C GLN NB 65 -56.12 4.98 -56.93
N ASN NB 66 -57.19 5.34 -56.24
CA ASN NB 66 -57.74 4.44 -55.22
C ASN NB 66 -58.28 3.15 -55.84
N LEU NB 67 -58.81 3.23 -57.07
CA LEU NB 67 -59.26 2.04 -57.79
C LEU NB 67 -58.09 1.13 -58.12
N ASN NB 68 -57.04 1.70 -58.72
CA ASN NB 68 -55.81 0.95 -58.94
C ASN NB 68 -55.35 0.26 -57.68
N GLU NB 69 -55.32 0.97 -56.55
CA GLU NB 69 -54.89 0.36 -55.30
C GLU NB 69 -55.85 -0.73 -54.85
N ARG NB 70 -57.14 -0.61 -55.18
CA ARG NB 70 -58.00 -1.75 -54.93
C ARG NB 70 -57.45 -2.94 -55.69
N ARG NB 71 -57.54 -2.87 -57.03
CA ARG NB 71 -57.21 -3.97 -57.92
C ARG NB 71 -55.99 -4.67 -57.33
N ARG NB 72 -54.94 -3.86 -57.15
CA ARG NB 72 -53.76 -4.17 -56.36
C ARG NB 72 -54.12 -5.18 -55.28
N GLU NB 73 -54.84 -4.78 -54.23
CA GLU NB 73 -54.92 -5.77 -53.16
C GLU NB 73 -56.19 -6.61 -53.05
N MET NB 74 -57.33 -6.17 -53.61
CA MET NB 74 -58.50 -7.04 -53.60
C MET NB 74 -58.28 -8.28 -54.45
N ASP NB 75 -57.59 -8.14 -55.60
CA ASP NB 75 -57.37 -9.31 -56.46
C ASP NB 75 -56.32 -10.22 -55.85
N VAL NB 76 -55.37 -9.65 -55.12
CA VAL NB 76 -54.41 -10.45 -54.35
C VAL NB 76 -55.13 -11.15 -53.20
N LEU NB 77 -56.15 -10.51 -52.63
CA LEU NB 77 -56.89 -11.13 -51.54
C LEU NB 77 -57.78 -12.24 -52.06
N GLU NB 78 -58.12 -12.22 -53.36
CA GLU NB 78 -58.92 -13.27 -53.96
C GLU NB 78 -58.07 -14.44 -54.46
N GLN NB 79 -56.82 -14.50 -54.04
CA GLN NB 79 -55.84 -15.43 -54.57
C GLN NB 79 -56.16 -16.86 -54.14
N LYS NB 80 -55.52 -17.83 -54.78
CA LYS NB 80 -56.08 -19.17 -54.77
C LYS NB 80 -55.16 -20.23 -54.18
N LEU NB 81 -55.48 -21.49 -54.50
CA LEU NB 81 -54.78 -22.69 -54.03
C LEU NB 81 -53.33 -22.74 -54.44
N SER NB 82 -52.45 -22.43 -53.49
CA SER NB 82 -51.03 -22.39 -53.73
C SER NB 82 -50.39 -22.15 -52.39
N GLU NB 83 -49.42 -21.24 -52.37
CA GLU NB 83 -49.26 -20.45 -51.16
C GLU NB 83 -50.53 -19.63 -50.95
N ALA NB 84 -50.85 -19.37 -49.69
CA ALA NB 84 -51.90 -18.45 -49.31
C ALA NB 84 -51.32 -17.40 -48.36
N LEU NB 85 -51.78 -16.17 -48.49
CA LEU NB 85 -51.28 -15.05 -47.68
C LEU NB 85 -52.17 -14.87 -46.46
N THR NB 86 -51.73 -14.03 -45.53
CA THR NB 86 -52.63 -13.36 -44.62
C THR NB 86 -53.20 -12.14 -45.34
N GLU NB 87 -54.25 -11.57 -44.77
CA GLU NB 87 -54.74 -10.26 -45.15
C GLU NB 87 -53.59 -9.27 -45.29
N LEU NB 88 -53.75 -8.31 -46.19
CA LEU NB 88 -52.77 -7.25 -46.33
C LEU NB 88 -53.45 -5.91 -46.26
N PRO NB 89 -53.45 -5.24 -45.12
CA PRO NB 89 -53.70 -3.79 -45.11
C PRO NB 89 -52.41 -3.03 -45.38
N GLU NB 90 -52.50 -1.79 -45.84
CA GLU NB 90 -51.30 -0.97 -46.00
C GLU NB 90 -50.75 -0.66 -44.62
N GLN NB 91 -49.79 -1.46 -44.16
CA GLN NB 91 -49.16 -1.16 -42.88
C GLN NB 91 -48.22 0.03 -43.03
N ARG NB 92 -47.14 -0.14 -43.79
CA ARG NB 92 -46.29 0.97 -44.23
C ARG NB 92 -45.65 1.70 -43.05
N ASP NB 93 -45.31 0.95 -42.00
CA ASP NB 93 -44.47 1.46 -40.91
C ASP NB 93 -43.61 0.29 -40.42
N ILE NB 94 -42.32 0.34 -40.76
CA ILE NB 94 -41.43 -0.79 -40.50
C ILE NB 94 -40.71 -0.62 -39.17
N GLU NB 95 -40.14 0.56 -38.94
CA GLU NB 95 -39.34 0.79 -37.74
C GLU NB 95 -40.16 0.57 -36.48
N GLU NB 96 -41.47 0.83 -36.53
CA GLU NB 96 -42.32 0.51 -35.39
C GLU NB 96 -42.49 -0.98 -35.24
N LEU NB 97 -42.42 -1.73 -36.35
CA LEU NB 97 -42.44 -3.19 -36.27
C LEU NB 97 -41.19 -3.71 -35.58
N LEU NB 98 -40.02 -3.20 -35.98
CA LEU NB 98 -38.79 -3.60 -35.30
C LEU NB 98 -38.84 -3.23 -33.82
N ALA NB 99 -39.29 -2.01 -33.51
CA ALA NB 99 -39.36 -1.57 -32.12
C ALA NB 99 -40.28 -2.47 -31.30
N GLN NB 100 -41.47 -2.77 -31.84
CA GLN NB 100 -42.42 -3.58 -31.07
C GLN NB 100 -41.96 -5.02 -30.93
N ILE NB 101 -41.22 -5.53 -31.94
CA ILE NB 101 -40.58 -6.83 -31.78
C ILE NB 101 -39.59 -6.78 -30.61
N ASN NB 102 -38.81 -5.71 -30.53
CA ASN NB 102 -37.89 -5.58 -29.39
C ASN NB 102 -38.65 -5.54 -28.08
N ASP NB 103 -39.79 -4.85 -28.04
CA ASP NB 103 -40.53 -4.71 -26.79
C ASP NB 103 -41.14 -6.04 -26.34
N ILE NB 104 -41.82 -6.74 -27.24
CA ILE NB 104 -42.38 -8.03 -26.88
C ILE NB 104 -41.27 -9.01 -26.52
N GLY NB 105 -40.09 -8.85 -27.13
CA GLY NB 105 -38.95 -9.65 -26.70
C GLY NB 105 -38.54 -9.36 -25.26
N LYS NB 106 -38.47 -8.06 -24.92
CA LYS NB 106 -38.01 -7.67 -23.60
C LYS NB 106 -39.01 -8.10 -22.51
N LYS NB 107 -40.31 -7.90 -22.76
CA LYS NB 107 -41.28 -8.28 -21.74
C LYS NB 107 -41.47 -9.79 -21.67
N SER NB 108 -41.01 -10.54 -22.66
CA SER NB 108 -40.98 -11.99 -22.56
C SER NB 108 -39.71 -12.51 -21.89
N GLY NB 109 -38.76 -11.62 -21.59
CA GLY NB 109 -37.54 -12.00 -20.90
C GLY NB 109 -36.41 -12.46 -21.79
N LEU NB 110 -36.56 -12.36 -23.11
CA LEU NB 110 -35.58 -12.90 -24.04
C LEU NB 110 -34.49 -11.89 -24.35
N GLU NB 111 -33.27 -12.39 -24.51
CA GLU NB 111 -32.16 -11.58 -25.03
C GLU NB 111 -32.24 -11.59 -26.55
N LEU NB 112 -32.44 -10.41 -27.14
CA LEU NB 112 -32.52 -10.29 -28.59
C LEU NB 112 -31.10 -10.19 -29.12
N SER NB 113 -30.55 -11.35 -29.53
CA SER NB 113 -29.16 -11.41 -29.95
C SER NB 113 -28.96 -10.86 -31.36
N SER NB 114 -29.98 -10.87 -32.21
CA SER NB 114 -29.84 -10.28 -33.54
C SER NB 114 -31.19 -10.14 -34.21
N VAL NB 115 -31.45 -8.96 -34.77
CA VAL NB 115 -32.57 -8.77 -35.70
C VAL NB 115 -31.97 -8.37 -37.04
N THR NB 116 -32.33 -9.10 -38.09
CA THR NB 116 -31.74 -8.88 -39.40
C THR NB 116 -32.87 -8.70 -40.41
N PRO NB 117 -33.00 -7.53 -41.05
CA PRO NB 117 -34.03 -7.38 -42.08
C PRO NB 117 -33.70 -8.24 -43.28
N GLY NB 118 -34.57 -8.23 -44.26
CA GLY NB 118 -34.38 -9.05 -45.44
C GLY NB 118 -34.28 -8.24 -46.69
N LYS NB 119 -34.34 -8.93 -47.82
CA LYS NB 119 -34.59 -8.26 -49.08
C LYS NB 119 -36.05 -8.39 -49.44
N GLU NB 120 -36.57 -7.36 -50.11
CA GLU NB 120 -37.92 -7.43 -50.63
C GLU NB 120 -37.99 -8.49 -51.72
N SER NB 121 -39.08 -9.26 -51.72
CA SER NB 121 -39.25 -10.38 -52.64
C SER NB 121 -39.88 -9.85 -53.93
N VAL NB 122 -39.01 -9.42 -54.85
CA VAL NB 122 -39.48 -8.77 -56.09
C VAL NB 122 -40.38 -9.69 -56.91
N GLY NB 123 -40.18 -11.01 -56.79
CA GLY NB 123 -41.07 -11.97 -57.43
C GLY NB 123 -41.91 -12.74 -56.43
N GLY NB 124 -42.25 -12.09 -55.32
CA GLY NB 124 -43.08 -12.70 -54.30
C GLY NB 124 -44.50 -12.18 -54.32
N GLY NB 125 -44.85 -11.51 -55.41
CA GLY NB 125 -46.18 -10.93 -55.57
C GLY NB 125 -46.21 -9.87 -56.66
N GLU NB 126 -47.31 -9.81 -57.40
CA GLU NB 126 -47.45 -8.74 -58.38
C GLU NB 126 -47.80 -7.41 -57.73
N PHE NB 127 -48.51 -7.46 -56.60
CA PHE NB 127 -49.02 -6.24 -55.97
C PHE NB 127 -48.37 -5.94 -54.63
N PHE NB 128 -47.30 -6.64 -54.25
CA PHE NB 128 -46.67 -6.43 -52.96
C PHE NB 128 -45.25 -6.98 -52.97
N ALA NB 129 -44.34 -6.20 -52.40
CA ALA NB 129 -42.97 -6.64 -52.12
C ALA NB 129 -42.94 -7.09 -50.67
N ARG NB 130 -42.71 -8.38 -50.46
CA ARG NB 130 -42.59 -8.90 -49.11
C ARG NB 130 -41.19 -8.62 -48.58
N ILE NB 131 -41.10 -7.98 -47.42
CA ILE NB 131 -39.85 -7.80 -46.70
C ILE NB 131 -39.84 -8.83 -45.56
N PRO NB 132 -38.90 -9.78 -45.56
CA PRO NB 132 -38.77 -10.71 -44.44
C PRO NB 132 -37.79 -10.18 -43.41
N ILE NB 133 -38.08 -10.49 -42.15
CA ILE NB 133 -37.24 -10.09 -41.02
C ILE NB 133 -36.95 -11.36 -40.23
N LYS NB 134 -35.66 -11.67 -40.08
CA LYS NB 134 -35.22 -12.82 -39.32
C LYS NB 134 -34.80 -12.36 -37.93
N MET NB 135 -35.47 -12.88 -36.90
CA MET NB 135 -35.23 -12.49 -35.53
C MET NB 135 -34.57 -13.64 -34.76
N THR NB 136 -33.69 -13.27 -33.83
CA THR NB 136 -32.76 -14.21 -33.18
C THR NB 136 -32.71 -13.83 -31.70
N VAL NB 137 -33.41 -14.61 -30.89
CA VAL NB 137 -33.66 -14.33 -29.47
C VAL NB 137 -33.37 -15.59 -28.68
N SER NB 138 -32.89 -15.45 -27.44
CA SER NB 138 -32.51 -16.60 -26.65
C SER NB 138 -33.18 -16.58 -25.28
N GLY NB 139 -33.59 -17.75 -24.81
CA GLY NB 139 -34.15 -17.84 -23.46
C GLY NB 139 -34.73 -19.22 -23.21
N ASN NB 140 -35.86 -19.24 -22.52
CA ASN NB 140 -36.54 -20.47 -22.15
C ASN NB 140 -37.62 -20.83 -23.18
N TYR NB 141 -37.93 -22.13 -23.25
CA TYR NB 141 -38.98 -22.59 -24.17
C TYR NB 141 -40.29 -21.86 -23.94
N HIS NB 142 -40.71 -21.75 -22.68
CA HIS NB 142 -41.92 -21.00 -22.34
C HIS NB 142 -41.84 -19.56 -22.85
N GLU NB 143 -40.66 -18.95 -22.74
CA GLU NB 143 -40.51 -17.55 -23.11
C GLU NB 143 -40.50 -17.36 -24.62
N ILE NB 144 -40.00 -18.34 -25.38
CA ILE NB 144 -39.99 -18.19 -26.83
C ILE NB 144 -41.36 -18.51 -27.40
N ALA NB 145 -42.03 -19.56 -26.90
CA ALA NB 145 -43.44 -19.72 -27.20
C ALA NB 145 -44.20 -18.42 -26.93
N LEU NB 146 -43.87 -17.76 -25.82
CA LEU NB 146 -44.52 -16.51 -25.45
C LEU NB 146 -44.25 -15.42 -26.48
N PHE NB 147 -42.97 -15.20 -26.79
CA PHE NB 147 -42.57 -14.20 -27.78
C PHE NB 147 -43.28 -14.41 -29.11
N LEU NB 148 -43.31 -15.67 -29.57
CA LEU NB 148 -44.02 -16.01 -30.81
C LEU NB 148 -45.50 -15.65 -30.71
N GLN NB 149 -46.17 -16.08 -29.65
CA GLN NB 149 -47.62 -15.86 -29.57
C GLN NB 149 -47.95 -14.37 -29.47
N GLU NB 150 -47.06 -13.58 -28.85
CA GLU NB 150 -47.29 -12.14 -28.78
C GLU NB 150 -47.11 -11.50 -30.16
N MET NB 151 -46.10 -11.93 -30.92
CA MET NB 151 -45.95 -11.38 -32.26
C MET NB 151 -47.10 -11.82 -33.17
N ALA NB 152 -47.67 -12.99 -32.92
CA ALA NB 152 -48.84 -13.46 -33.64
C ALA NB 152 -50.13 -12.85 -33.11
N ASN NB 153 -50.08 -12.09 -32.03
CA ASN NB 153 -51.23 -11.33 -31.57
C ASN NB 153 -51.07 -9.83 -31.78
N MET NB 154 -50.06 -9.40 -32.54
CA MET NB 154 -49.81 -7.97 -32.73
C MET NB 154 -50.83 -7.37 -33.68
N ARG NB 155 -50.88 -6.03 -33.70
CA ARG NB 155 -51.74 -5.27 -34.59
C ARG NB 155 -51.04 -4.90 -35.89
N ARG NB 156 -49.93 -5.55 -36.24
CA ARG NB 156 -49.24 -5.25 -37.48
C ARG NB 156 -48.97 -6.55 -38.23
N ILE NB 157 -48.43 -6.41 -39.44
CA ILE NB 157 -48.46 -7.46 -40.45
C ILE NB 157 -47.20 -8.31 -40.36
N VAL NB 158 -46.92 -8.87 -39.18
CA VAL NB 158 -45.71 -9.65 -39.00
C VAL NB 158 -46.07 -11.13 -39.00
N ASN NB 159 -46.23 -11.69 -40.20
CA ASN NB 159 -46.62 -13.10 -40.32
C ASN NB 159 -45.43 -14.02 -40.07
N VAL NB 160 -45.37 -14.59 -38.87
CA VAL NB 160 -44.28 -15.51 -38.51
C VAL NB 160 -44.51 -16.85 -39.18
N ASN NB 161 -43.46 -17.41 -39.76
CA ASN NB 161 -43.58 -18.67 -40.49
C ASN NB 161 -42.59 -19.71 -40.00
N ASN NB 162 -41.47 -19.85 -40.69
CA ASN NB 162 -40.54 -20.94 -40.44
C ASN NB 162 -39.72 -20.65 -39.19
N ILE NB 163 -39.85 -21.54 -38.19
CA ILE NB 163 -39.29 -21.35 -36.86
C ILE NB 163 -38.19 -22.38 -36.65
N LYS NB 164 -37.22 -22.03 -35.80
CA LYS NB 164 -36.24 -23.01 -35.35
C LYS NB 164 -35.70 -22.58 -34.00
N PHE NB 165 -35.14 -23.53 -33.24
CA PHE NB 165 -34.43 -23.21 -32.01
C PHE NB 165 -33.67 -24.45 -31.54
N ASP NB 166 -32.65 -24.21 -30.72
CA ASP NB 166 -31.73 -25.25 -30.30
C ASP NB 166 -31.06 -24.81 -29.02
N SER NB 167 -30.30 -25.73 -28.41
CA SER NB 167 -29.67 -25.49 -27.12
C SER NB 167 -28.32 -24.82 -27.34
N ALA NB 168 -28.17 -23.58 -26.86
CA ALA NB 168 -27.02 -22.75 -27.24
C ALA NB 168 -25.74 -23.13 -26.48
N LYS NB 169 -25.83 -23.96 -25.45
CA LYS NB 169 -24.68 -24.29 -24.61
C LYS NB 169 -23.99 -25.53 -25.17
N LEU NB 170 -22.76 -25.35 -25.66
CA LEU NB 170 -21.95 -26.47 -26.13
C LEU NB 170 -21.98 -27.65 -25.16
N LYS NB 171 -21.30 -27.50 -24.03
CA LYS NB 171 -21.20 -28.55 -23.04
C LYS NB 171 -22.56 -28.93 -22.46
N ASN NB 172 -23.57 -28.10 -22.63
CA ASN NB 172 -24.88 -28.32 -22.02
C ASN NB 172 -24.73 -28.43 -20.51
N GLU NB 173 -24.46 -27.31 -19.85
CA GLU NB 173 -24.36 -27.25 -18.40
C GLU NB 173 -25.47 -26.43 -17.77
N LYS NB 174 -26.23 -25.68 -18.57
CA LYS NB 174 -27.42 -24.98 -18.10
C LYS NB 174 -28.42 -24.90 -19.24
N VAL NB 175 -29.70 -24.83 -18.89
CA VAL NB 175 -30.74 -24.73 -19.91
C VAL NB 175 -30.66 -23.37 -20.58
N VAL NB 176 -30.73 -23.37 -21.91
CA VAL NB 176 -30.76 -22.14 -22.71
C VAL NB 176 -31.07 -22.52 -24.15
N LEU NB 177 -32.02 -21.83 -24.76
CA LEU NB 177 -32.46 -22.11 -26.12
C LEU NB 177 -32.30 -20.85 -26.97
N GLN NB 178 -31.33 -20.88 -27.88
CA GLN NB 178 -31.30 -19.90 -28.95
C GLN NB 178 -32.39 -20.22 -29.96
N SER NB 179 -33.12 -19.19 -30.37
CA SER NB 179 -34.28 -19.31 -31.23
C SER NB 179 -34.17 -18.33 -32.38
N GLU NB 180 -34.48 -18.81 -33.59
CA GLU NB 180 -34.44 -18.01 -34.80
C GLU NB 180 -35.79 -18.18 -35.48
N PHE NB 181 -36.59 -17.12 -35.44
CA PHE NB 181 -37.91 -17.09 -36.05
C PHE NB 181 -37.87 -16.18 -37.28
N GLN NB 182 -38.57 -16.59 -38.33
CA GLN NB 182 -38.67 -15.78 -39.54
C GLN NB 182 -40.07 -15.21 -39.63
N ALA NB 183 -40.16 -13.90 -39.81
CA ALA NB 183 -41.46 -13.22 -39.83
C ALA NB 183 -41.39 -12.03 -40.78
N THR NB 184 -42.41 -11.88 -41.61
CA THR NB 184 -42.35 -10.97 -42.76
C THR NB 184 -43.58 -10.07 -42.82
N THR NB 185 -43.39 -8.86 -43.35
CA THR NB 185 -44.50 -7.96 -43.66
C THR NB 185 -44.48 -7.60 -45.13
N PHE NB 186 -45.63 -7.16 -45.65
CA PHE NB 186 -45.85 -7.11 -47.10
C PHE NB 186 -46.07 -5.70 -47.63
N ARG NB 187 -44.99 -4.95 -47.87
CA ARG NB 187 -45.08 -3.61 -48.44
C ARG NB 187 -45.68 -3.69 -49.84
N PHE NB 188 -46.01 -2.54 -50.44
CA PHE NB 188 -46.51 -2.54 -51.80
C PHE NB 188 -45.34 -2.66 -52.77
N VAL NB 189 -45.64 -2.75 -54.07
CA VAL NB 189 -44.59 -3.00 -55.05
C VAL NB 189 -43.72 -1.77 -55.29
N ALA OB 37 -111.40 77.18 -95.68
CA ALA OB 37 -112.62 77.44 -96.43
C ALA OB 37 -112.86 78.93 -96.58
N LYS OB 38 -113.79 79.31 -97.45
CA LYS OB 38 -114.05 80.70 -97.80
C LYS OB 38 -115.08 81.28 -96.82
N GLY OB 39 -114.59 82.02 -95.83
CA GLY OB 39 -115.43 82.58 -94.79
C GLY OB 39 -115.54 84.09 -94.83
N LYS OB 40 -116.66 84.59 -94.32
CA LYS OB 40 -116.84 86.02 -94.07
C LYS OB 40 -116.62 86.21 -92.58
N LEU OB 41 -115.45 86.73 -92.25
CA LEU OB 41 -114.90 86.72 -90.91
C LEU OB 41 -115.54 87.88 -90.14
N VAL OB 42 -114.79 88.52 -89.23
CA VAL OB 42 -115.34 89.77 -88.64
C VAL OB 42 -114.23 90.80 -88.46
N LEU OB 43 -114.62 91.92 -87.85
CA LEU OB 43 -113.70 93.05 -87.74
C LEU OB 43 -113.89 93.79 -86.44
N GLY OB 44 -112.84 93.80 -85.63
CA GLY OB 44 -112.82 94.60 -84.42
C GLY OB 44 -111.85 95.75 -84.57
N LEU OB 45 -112.07 96.79 -83.77
CA LEU OB 45 -111.07 97.83 -83.62
C LEU OB 45 -110.25 97.56 -82.36
N ASP OB 46 -109.29 96.64 -82.52
CA ASP OB 46 -108.62 96.09 -81.35
C ASP OB 46 -107.63 97.07 -80.75
N ILE OB 47 -107.04 97.95 -81.56
CA ILE OB 47 -106.13 98.94 -81.01
C ILE OB 47 -106.81 100.30 -80.99
N GLY OB 48 -108.08 100.33 -80.58
CA GLY OB 48 -108.75 101.61 -80.42
C GLY OB 48 -108.28 102.37 -79.19
N SER OB 49 -107.77 101.67 -78.18
CA SER OB 49 -107.31 102.30 -76.95
C SER OB 49 -108.42 103.06 -76.26
N THR OB 50 -109.10 103.99 -76.95
CA THR OB 50 -110.32 104.57 -76.39
C THR OB 50 -111.51 103.62 -76.55
N SER OB 51 -111.59 102.86 -77.64
CA SER OB 51 -112.78 102.06 -77.87
C SER OB 51 -112.52 100.82 -78.71
N ILE OB 52 -113.01 99.69 -78.23
CA ILE OB 52 -113.09 98.45 -78.99
C ILE OB 52 -114.38 98.47 -79.80
N LYS OB 53 -114.25 98.49 -81.12
CA LYS OB 53 -115.38 98.55 -82.04
C LYS OB 53 -115.31 97.33 -82.96
N MET OB 54 -116.46 96.91 -83.49
CA MET OB 54 -116.53 95.69 -84.28
C MET OB 54 -117.63 95.83 -85.32
N ILE OB 55 -117.42 95.25 -86.51
CA ILE OB 55 -118.34 95.44 -87.63
C ILE OB 55 -118.52 94.12 -88.38
N LEU OB 56 -119.76 93.84 -88.77
CA LEU OB 56 -120.10 92.72 -89.64
C LEU OB 56 -120.82 93.23 -90.88
N LEU OB 57 -120.14 93.12 -92.04
CA LEU OB 57 -120.76 93.22 -93.35
C LEU OB 57 -120.85 91.83 -93.96
N LYS OB 58 -121.81 91.61 -94.85
CA LYS OB 58 -121.78 90.37 -95.63
C LYS OB 58 -122.63 90.53 -96.89
N GLU OB 59 -122.71 89.43 -97.64
CA GLU OB 59 -123.54 89.33 -98.82
C GLU OB 59 -125.01 89.46 -98.44
N GLN OB 60 -125.55 90.67 -98.55
CA GLN OB 60 -126.96 90.89 -98.27
C GLN OB 60 -127.79 90.71 -99.53
N ARG OB 61 -128.89 89.98 -99.41
CA ARG OB 61 -129.80 89.74 -100.52
C ARG OB 61 -130.99 90.68 -100.46
N LYS OB 62 -131.26 91.37 -101.56
CA LYS OB 62 -132.51 92.08 -101.78
C LYS OB 62 -132.92 91.93 -103.24
N ARG OB 63 -134.14 91.45 -103.46
CA ARG OB 63 -134.71 91.32 -104.80
C ARG OB 63 -133.81 90.50 -105.72
N GLY OB 64 -133.32 89.38 -105.21
CA GLY OB 64 -132.49 88.49 -106.00
C GLY OB 64 -131.10 89.00 -106.30
N GLU OB 65 -130.74 90.18 -105.81
CA GLU OB 65 -129.39 90.71 -105.94
C GLU OB 65 -128.70 90.65 -104.60
N VAL OB 66 -127.37 90.56 -104.64
CA VAL OB 66 -126.56 90.44 -103.45
C VAL OB 66 -125.36 91.38 -103.60
N ILE OB 67 -125.04 92.09 -102.52
CA ILE OB 67 -123.84 92.90 -102.44
C ILE OB 67 -123.40 92.93 -100.99
N TYR OB 68 -122.12 93.26 -100.78
CA TYR OB 68 -121.62 93.59 -99.45
C TYR OB 68 -122.57 94.56 -98.77
N ALA OB 69 -122.88 94.30 -97.50
CA ALA OB 69 -123.76 95.22 -96.79
C ALA OB 69 -123.54 95.11 -95.29
N LEU OB 70 -123.73 96.24 -94.60
CA LEU OB 70 -123.61 96.28 -93.15
C LEU OB 70 -124.65 95.38 -92.52
N GLN OB 71 -124.19 94.47 -91.66
CA GLN OB 71 -125.06 93.60 -90.89
C GLN OB 71 -125.13 93.97 -89.43
N SER OB 72 -124.00 94.36 -88.84
CA SER OB 72 -124.00 94.81 -87.47
C SER OB 72 -122.73 95.61 -87.22
N PHE OB 73 -122.65 96.19 -86.03
CA PHE OB 73 -121.52 96.97 -85.54
C PHE OB 73 -121.74 97.14 -84.05
N GLY OB 74 -120.67 97.44 -83.33
CA GLY OB 74 -120.74 97.47 -81.87
C GLY OB 74 -119.54 98.21 -81.33
N MET OB 75 -119.74 98.90 -80.22
CA MET OB 75 -118.69 99.73 -79.67
C MET OB 75 -118.78 99.74 -78.16
N LYS OB 76 -117.63 99.51 -77.51
CA LYS OB 76 -117.48 99.57 -76.08
C LYS OB 76 -116.16 100.27 -75.77
N PRO OB 77 -116.16 101.25 -74.88
CA PRO OB 77 -114.89 101.92 -74.56
C PRO OB 77 -113.93 100.94 -73.89
N LEU OB 78 -112.65 101.10 -74.16
CA LEU OB 78 -111.63 100.16 -73.69
C LEU OB 78 -111.38 100.34 -72.20
N PRO OB 79 -111.72 99.30 -71.42
CA PRO OB 79 -111.12 99.10 -70.10
C PRO OB 79 -109.63 99.45 -70.09
N PRO OB 80 -109.29 100.61 -69.54
CA PRO OB 80 -107.89 101.02 -69.37
C PRO OB 80 -107.07 99.91 -68.73
N GLU OB 81 -105.74 100.00 -68.86
CA GLU OB 81 -104.85 99.01 -68.28
C GLU OB 81 -104.82 97.73 -69.12
N ALA OB 82 -105.79 97.60 -70.01
CA ALA OB 82 -105.82 96.48 -70.95
C ALA OB 82 -104.72 96.63 -72.00
N ILE OB 83 -104.46 97.85 -72.47
CA ILE OB 83 -103.39 98.12 -73.41
C ILE OB 83 -102.43 99.11 -72.77
N VAL OB 84 -101.16 98.75 -72.76
CA VAL OB 84 -100.07 99.64 -72.36
C VAL OB 84 -99.01 99.57 -73.44
N ASP OB 85 -98.54 100.73 -73.89
CA ASP OB 85 -97.48 100.87 -74.90
C ASP OB 85 -97.77 100.07 -76.17
N GLY OB 86 -99.05 99.92 -76.54
CA GLY OB 86 -99.39 99.21 -77.75
C GLY OB 86 -99.43 97.70 -77.61
N ALA OB 87 -99.16 97.16 -76.43
CA ALA OB 87 -99.22 95.74 -76.16
C ALA OB 87 -100.43 95.42 -75.28
N LEU OB 88 -100.98 94.23 -75.45
CA LEU OB 88 -102.02 93.73 -74.56
C LEU OB 88 -101.43 93.23 -73.24
N MET OB 89 -101.23 94.16 -72.31
CA MET OB 89 -100.85 93.80 -70.95
C MET OB 89 -101.78 92.72 -70.39
N ASN OB 90 -102.96 92.59 -70.99
CA ASN OB 90 -104.02 91.77 -70.41
C ASN OB 90 -104.86 91.10 -71.49
N SER OB 91 -104.41 89.95 -71.96
CA SER OB 91 -105.22 89.09 -72.82
C SER OB 91 -106.65 88.96 -72.28
N THR OB 92 -106.78 88.33 -71.13
CA THR OB 92 -108.04 87.70 -70.74
C THR OB 92 -109.17 88.73 -70.58
N ALA OB 93 -108.85 89.88 -69.99
CA ALA OB 93 -109.88 90.90 -69.79
C ALA OB 93 -110.37 91.47 -71.11
N ILE OB 94 -109.42 91.93 -71.95
CA ILE OB 94 -109.76 92.36 -73.31
C ILE OB 94 -110.64 91.32 -73.99
N VAL OB 95 -110.35 90.03 -73.75
CA VAL OB 95 -111.24 88.97 -74.20
C VAL OB 95 -112.65 89.21 -73.71
N GLN OB 96 -112.82 89.46 -72.39
CA GLN OB 96 -114.18 89.67 -71.91
C GLN OB 96 -114.87 90.78 -72.69
N ALA OB 97 -114.12 91.85 -72.96
CA ALA OB 97 -114.69 92.95 -73.73
C ALA OB 97 -115.09 92.51 -75.13
N VAL OB 98 -114.18 91.86 -75.87
CA VAL OB 98 -114.44 91.44 -77.24
C VAL OB 98 -115.69 90.55 -77.31
N GLN OB 99 -115.85 89.65 -76.34
CA GLN OB 99 -117.01 88.77 -76.31
C GLN OB 99 -118.29 89.56 -76.06
N ASP OB 100 -118.23 90.56 -75.17
CA ASP OB 100 -119.33 91.53 -75.08
C ASP OB 100 -119.65 92.11 -76.45
N LEU OB 101 -118.62 92.50 -77.19
CA LEU OB 101 -118.83 93.01 -78.56
C LEU OB 101 -119.62 92.02 -79.38
N MET OB 102 -119.21 90.75 -79.37
CA MET OB 102 -119.81 89.76 -80.28
C MET OB 102 -121.26 89.47 -79.93
N SER OB 103 -121.59 89.38 -78.63
CA SER OB 103 -122.96 89.11 -78.22
C SER OB 103 -123.85 90.34 -78.42
N GLU OB 104 -123.32 91.53 -78.13
CA GLU OB 104 -124.02 92.76 -78.48
C GLU OB 104 -124.37 92.77 -79.95
N LEU OB 105 -123.37 92.46 -80.79
CA LEU OB 105 -123.53 92.30 -82.23
C LEU OB 105 -124.63 91.31 -82.60
N LYS OB 106 -124.80 90.25 -81.80
CA LYS OB 106 -125.68 89.14 -82.14
C LYS OB 106 -125.18 88.39 -83.38
N VAL OB 107 -123.88 88.10 -83.43
CA VAL OB 107 -123.26 87.56 -84.64
C VAL OB 107 -122.93 86.09 -84.46
N LYS OB 108 -123.24 85.30 -85.48
CA LYS OB 108 -122.78 83.93 -85.51
C LYS OB 108 -121.28 83.78 -85.70
N GLY OB 109 -120.66 84.71 -86.43
CA GLY OB 109 -119.32 84.47 -86.94
C GLY OB 109 -118.27 84.51 -85.85
N LYS OB 110 -117.25 83.66 -86.02
CA LYS OB 110 -116.15 83.53 -85.07
C LYS OB 110 -114.79 83.62 -85.74
N ASP OB 111 -114.72 84.10 -86.97
CA ASP OB 111 -113.45 84.42 -87.59
C ASP OB 111 -113.32 85.93 -87.64
N VAL OB 112 -112.08 86.42 -87.59
CA VAL OB 112 -111.85 87.84 -87.42
C VAL OB 112 -110.60 88.25 -88.19
N ALA OB 113 -110.64 89.45 -88.76
CA ALA OB 113 -109.44 90.20 -89.05
C ALA OB 113 -109.31 91.26 -87.97
N ILE OB 114 -108.08 91.63 -87.63
CA ILE OB 114 -107.86 92.72 -86.69
C ILE OB 114 -106.61 93.49 -87.06
N GLY OB 115 -106.19 94.39 -86.18
CA GLY OB 115 -105.07 95.26 -86.46
C GLY OB 115 -104.16 95.41 -85.27
N VAL OB 116 -102.90 95.70 -85.56
CA VAL OB 116 -101.91 95.96 -84.51
C VAL OB 116 -101.91 97.44 -84.18
N SER OB 117 -101.29 97.77 -83.05
CA SER OB 117 -101.17 99.16 -82.65
C SER OB 117 -100.17 99.87 -83.55
N GLY OB 118 -100.52 101.10 -83.94
CA GLY OB 118 -99.54 101.94 -84.61
C GLY OB 118 -98.26 102.11 -83.82
N HIS OB 119 -98.36 102.10 -82.49
CA HIS OB 119 -97.18 102.14 -81.63
C HIS OB 119 -96.47 100.80 -81.58
N SER OB 120 -97.07 99.74 -82.11
CA SER OB 120 -96.50 98.41 -82.04
C SER OB 120 -95.88 97.95 -83.35
N VAL OB 121 -96.01 98.74 -84.42
CA VAL OB 121 -95.58 98.35 -85.75
C VAL OB 121 -94.62 99.41 -86.29
N ILE OB 122 -93.54 98.94 -86.93
CA ILE OB 122 -92.68 99.77 -87.74
C ILE OB 122 -93.11 99.59 -89.19
N ILE OB 123 -93.52 100.67 -89.83
CA ILE OB 123 -93.87 100.69 -91.24
C ILE OB 123 -92.86 101.56 -91.96
N LYS OB 124 -92.23 101.02 -93.00
CA LYS OB 124 -91.27 101.86 -93.70
C LYS OB 124 -90.95 101.26 -95.06
N LYS OB 125 -90.57 102.12 -96.01
CA LYS OB 125 -90.27 101.68 -97.37
C LYS OB 125 -88.89 101.02 -97.45
N ILE OB 126 -88.70 100.19 -98.47
CA ILE OB 126 -87.48 99.39 -98.67
C ILE OB 126 -87.23 99.12 -100.15
N GLN OB 127 -86.02 99.39 -100.64
CA GLN OB 127 -85.66 99.18 -102.04
C GLN OB 127 -84.73 97.96 -102.17
N MET OB 128 -85.04 97.07 -103.12
CA MET OB 128 -84.35 95.78 -103.30
C MET OB 128 -84.15 95.44 -104.78
N PRO OB 129 -83.83 94.17 -105.14
CA PRO OB 129 -83.99 93.76 -106.54
C PRO OB 129 -85.02 92.65 -106.76
N ARG OB 130 -85.78 92.76 -107.85
CA ARG OB 130 -86.84 91.82 -108.18
C ARG OB 130 -86.24 90.44 -108.48
N MET OB 131 -86.76 89.42 -107.78
CA MET OB 131 -86.32 88.04 -108.01
C MET OB 131 -87.37 87.02 -107.59
N SER OB 132 -86.92 85.80 -107.31
CA SER OB 132 -87.79 84.76 -106.78
C SER OB 132 -88.32 85.16 -105.40
N GLN OB 133 -89.50 84.65 -105.05
CA GLN OB 133 -90.15 85.06 -103.81
C GLN OB 133 -89.28 84.78 -102.59
N ASP OB 134 -88.69 83.59 -102.52
CA ASP OB 134 -87.84 83.26 -101.36
C ASP OB 134 -86.69 84.24 -101.23
N GLU OB 135 -85.99 84.52 -102.34
CA GLU OB 135 -84.85 85.42 -102.30
C GLU OB 135 -85.27 86.83 -101.92
N LEU OB 136 -86.49 87.22 -102.27
CA LEU OB 136 -86.97 88.54 -101.86
C LEU OB 136 -87.33 88.56 -100.38
N GLU OB 137 -87.96 87.50 -99.88
CA GLU OB 137 -88.33 87.50 -98.47
C GLU OB 137 -87.09 87.51 -97.59
N GLU OB 138 -86.10 86.67 -97.92
CA GLU OB 138 -84.86 86.67 -97.14
C GLU OB 138 -84.12 88.00 -97.29
N SER OB 139 -83.94 88.48 -98.52
CA SER OB 139 -83.32 89.78 -98.73
C SER OB 139 -84.05 90.87 -97.95
N ILE OB 140 -85.38 90.78 -97.90
CA ILE OB 140 -86.23 91.77 -97.22
C ILE OB 140 -85.93 91.76 -95.73
N GLN OB 141 -85.93 90.57 -95.13
CA GLN OB 141 -85.57 90.41 -93.73
C GLN OB 141 -84.18 90.98 -93.46
N TRP OB 142 -83.23 90.71 -94.36
CA TRP OB 142 -81.86 91.16 -94.19
C TRP OB 142 -81.78 92.68 -94.17
N GLU OB 143 -82.52 93.35 -95.05
CA GLU OB 143 -82.47 94.80 -95.08
C GLU OB 143 -83.21 95.42 -93.91
N ALA OB 144 -84.32 94.82 -93.50
CA ALA OB 144 -85.03 95.31 -92.32
C ALA OB 144 -84.21 95.19 -91.05
N GLU OB 145 -83.23 94.27 -91.04
CA GLU OB 145 -82.61 93.88 -89.79
C GLU OB 145 -82.05 95.07 -89.00
N GLN OB 146 -81.32 95.95 -89.68
CA GLN OB 146 -80.79 97.16 -89.05
C GLN OB 146 -81.89 98.15 -88.62
N TYR OB 147 -83.06 98.12 -89.27
CA TYR OB 147 -84.05 99.20 -89.12
C TYR OB 147 -85.02 98.89 -87.98
N ILE OB 148 -84.83 97.74 -87.33
CA ILE OB 148 -85.64 97.19 -86.27
C ILE OB 148 -84.79 97.21 -84.99
N PRO OB 149 -85.12 98.05 -84.02
CA PRO OB 149 -84.30 98.12 -82.80
C PRO OB 149 -84.48 96.95 -81.85
N PHE OB 150 -84.96 95.80 -82.32
CA PHE OB 150 -85.05 94.61 -81.51
C PHE OB 150 -84.40 93.46 -82.25
N ASP OB 151 -84.12 92.38 -81.53
CA ASP OB 151 -83.82 91.14 -82.23
C ASP OB 151 -85.01 90.73 -83.07
N VAL OB 152 -84.78 89.79 -83.98
CA VAL OB 152 -85.88 89.13 -84.67
C VAL OB 152 -86.02 87.77 -84.01
N LYS OB 153 -86.93 87.56 -83.04
CA LYS OB 153 -87.86 88.48 -82.36
C LYS OB 153 -88.59 89.63 -83.13
N ASP OB 154 -89.03 89.34 -84.35
CA ASP OB 154 -89.89 90.25 -85.10
C ASP OB 154 -90.64 89.48 -86.20
N VAL OB 155 -91.94 89.76 -86.32
CA VAL OB 155 -92.82 89.30 -87.40
C VAL OB 155 -92.79 90.36 -88.50
N ASN OB 156 -92.53 89.91 -89.73
CA ASN OB 156 -92.22 90.79 -90.86
C ASN OB 156 -93.15 90.45 -92.01
N ILE OB 157 -93.62 91.48 -92.73
CA ILE OB 157 -94.45 91.32 -93.93
C ILE OB 157 -94.24 92.53 -94.83
N ASP OB 158 -94.20 92.28 -96.14
CA ASP OB 158 -93.98 93.37 -97.08
C ASP OB 158 -95.10 93.38 -98.12
N THR OB 159 -95.31 94.54 -98.74
CA THR OB 159 -96.01 94.52 -100.03
C THR OB 159 -95.35 95.52 -100.95
N GLN OB 160 -95.49 95.29 -102.25
CA GLN OB 160 -94.76 96.09 -103.22
C GLN OB 160 -95.57 97.33 -103.58
N ILE OB 161 -94.93 98.50 -103.49
CA ILE OB 161 -95.58 99.77 -103.76
C ILE OB 161 -95.95 99.92 -105.23
N LEU OB 162 -95.32 99.14 -106.11
CA LEU OB 162 -95.68 99.06 -107.51
C LEU OB 162 -95.79 97.60 -107.90
N ASP OB 163 -96.56 97.33 -108.97
CA ASP OB 163 -96.80 95.96 -109.39
C ASP OB 163 -95.51 95.29 -109.82
N GLY OB 164 -95.24 94.12 -109.23
CA GLY OB 164 -94.01 93.41 -109.53
C GLY OB 164 -93.95 92.89 -110.96
N GLY OB 165 -95.10 92.57 -111.55
CA GLY OB 165 -95.12 92.09 -112.91
C GLY OB 165 -94.73 93.13 -113.94
N GLY OB 166 -94.72 94.40 -113.56
CA GLY OB 166 -94.33 95.47 -114.44
C GLY OB 166 -92.84 95.71 -114.57
N ASN OB 167 -92.01 94.94 -113.87
CA ASN OB 167 -90.57 95.09 -113.93
C ASN OB 167 -89.92 93.71 -114.00
N ASP OB 168 -88.69 93.68 -114.53
CA ASP OB 168 -87.96 92.43 -114.70
C ASP OB 168 -87.23 92.07 -113.41
N ALA OB 169 -86.68 90.86 -113.40
CA ALA OB 169 -85.80 90.43 -112.33
C ALA OB 169 -84.62 91.39 -112.22
N THR OB 170 -84.11 91.55 -111.00
CA THR OB 170 -82.97 92.38 -110.65
C THR OB 170 -83.25 93.89 -110.68
N GLY OB 171 -84.37 94.31 -111.26
CA GLY OB 171 -84.64 95.74 -111.37
C GLY OB 171 -85.94 96.21 -110.76
N GLN OB 172 -85.94 97.43 -110.20
CA GLN OB 172 -87.15 98.11 -109.74
C GLN OB 172 -87.94 97.31 -108.71
N MET OB 173 -87.25 96.88 -107.65
CA MET OB 173 -87.96 96.32 -106.52
C MET OB 173 -88.18 97.40 -105.47
N ASP OB 174 -89.40 97.43 -104.96
CA ASP OB 174 -89.75 98.30 -103.86
C ASP OB 174 -90.81 97.54 -103.09
N VAL OB 175 -90.47 97.13 -101.88
CA VAL OB 175 -91.46 96.64 -100.94
C VAL OB 175 -91.49 97.61 -99.80
N LEU OB 176 -92.59 97.67 -99.08
CA LEU OB 176 -92.64 98.36 -97.80
C LEU OB 176 -92.82 97.27 -96.75
N LEU OB 177 -92.07 97.39 -95.65
CA LEU OB 177 -92.07 96.41 -94.58
C LEU OB 177 -92.90 96.90 -93.40
N VAL OB 178 -93.72 95.99 -92.90
CA VAL OB 178 -94.40 96.09 -91.63
C VAL OB 178 -93.72 95.09 -90.70
N ALA OB 179 -93.32 95.58 -89.52
CA ALA OB 179 -92.49 94.81 -88.60
C ALA OB 179 -93.04 94.97 -87.19
N ALA OB 180 -92.95 93.91 -86.40
CA ALA OB 180 -93.63 93.87 -85.11
C ALA OB 180 -92.99 92.86 -84.18
N LYS OB 181 -93.06 93.12 -82.87
CA LYS OB 181 -92.56 92.15 -81.90
C LYS OB 181 -93.50 90.96 -81.79
N LYS OB 182 -92.94 89.77 -81.55
CA LYS OB 182 -93.79 88.61 -81.28
C LYS OB 182 -94.69 88.85 -80.08
N ASP OB 183 -94.16 89.49 -79.04
CA ASP OB 183 -94.93 89.64 -77.81
C ASP OB 183 -96.23 90.40 -78.07
N MET OB 184 -96.21 91.35 -79.00
CA MET OB 184 -97.43 92.06 -79.37
C MET OB 184 -98.39 91.13 -80.10
N ILE OB 185 -97.96 90.59 -81.24
CA ILE OB 185 -98.78 89.64 -82.00
C ILE OB 185 -99.33 88.55 -81.09
N ASN OB 186 -98.47 87.97 -80.24
CA ASN OB 186 -98.87 86.90 -79.34
C ASN OB 186 -99.89 87.37 -78.32
N ASP OB 187 -99.74 88.60 -77.83
CA ASP OB 187 -100.78 89.19 -76.99
C ASP OB 187 -102.11 89.22 -77.72
N TYR OB 188 -102.08 89.64 -78.99
CA TYR OB 188 -103.32 89.81 -79.73
C TYR OB 188 -103.96 88.46 -80.07
N THR OB 189 -103.17 87.53 -80.62
CA THR OB 189 -103.67 86.17 -80.82
C THR OB 189 -104.16 85.55 -79.52
N THR OB 190 -103.56 85.93 -78.39
CA THR OB 190 -104.10 85.49 -77.11
C THR OB 190 -105.53 85.99 -76.94
N VAL OB 191 -105.71 87.32 -76.96
CA VAL OB 191 -107.04 87.89 -76.83
C VAL OB 191 -108.02 87.22 -77.77
N VAL OB 192 -107.58 86.93 -79.00
CA VAL OB 192 -108.50 86.42 -80.00
C VAL OB 192 -108.86 84.97 -79.72
N SER OB 193 -107.84 84.12 -79.55
CA SER OB 193 -108.04 82.75 -79.13
C SER OB 193 -109.06 82.64 -78.00
N GLU OB 194 -109.06 83.59 -77.07
CA GLU OB 194 -109.95 83.38 -75.92
C GLU OB 194 -111.36 83.90 -76.16
N ALA OB 195 -111.55 84.93 -77.00
CA ALA OB 195 -112.91 85.32 -77.39
C ALA OB 195 -113.61 84.26 -78.23
N GLY OB 196 -112.98 83.12 -78.44
CA GLY OB 196 -113.50 82.13 -79.36
C GLY OB 196 -113.34 82.50 -80.81
N LEU OB 197 -112.54 83.51 -81.10
CA LEU OB 197 -112.34 84.00 -82.46
C LEU OB 197 -111.11 83.33 -83.09
N ALA OB 198 -111.10 83.28 -84.41
CA ALA OB 198 -109.98 82.76 -85.17
C ALA OB 198 -109.49 83.82 -86.15
N PRO OB 199 -108.26 84.31 -86.01
CA PRO OB 199 -107.78 85.36 -86.92
C PRO OB 199 -107.29 84.78 -88.24
N VAL OB 200 -107.55 85.51 -89.31
CA VAL OB 200 -106.98 85.16 -90.61
C VAL OB 200 -106.05 86.26 -91.13
N VAL OB 201 -106.24 87.50 -90.70
CA VAL OB 201 -105.44 88.64 -91.15
C VAL OB 201 -105.16 89.53 -89.95
N VAL OB 202 -103.88 89.86 -89.75
CA VAL OB 202 -103.47 90.86 -88.77
C VAL OB 202 -102.92 92.03 -89.57
N ASP OB 203 -103.76 93.02 -89.80
CA ASP OB 203 -103.49 94.10 -90.73
C ASP OB 203 -102.98 95.31 -89.93
N VAL OB 204 -102.73 96.42 -90.62
CA VAL OB 204 -102.24 97.63 -89.98
C VAL OB 204 -103.24 98.75 -90.26
N ASP OB 205 -103.37 99.68 -89.30
CA ASP OB 205 -104.54 100.57 -89.31
C ASP OB 205 -104.43 101.66 -90.38
N ALA OB 206 -103.21 102.14 -90.65
CA ALA OB 206 -103.05 103.25 -91.59
C ALA OB 206 -103.52 102.88 -92.99
N PHE OB 207 -103.52 101.59 -93.32
CA PHE OB 207 -103.95 101.11 -94.63
C PHE OB 207 -105.33 100.47 -94.59
N ALA OB 208 -105.66 99.86 -93.45
CA ALA OB 208 -107.00 99.32 -93.28
C ALA OB 208 -108.04 100.42 -93.31
N VAL OB 209 -107.68 101.60 -92.81
CA VAL OB 209 -108.60 102.74 -92.80
C VAL OB 209 -108.91 103.21 -94.21
N GLN OB 210 -108.09 102.82 -95.19
CA GLN OB 210 -108.21 103.30 -96.56
C GLN OB 210 -109.16 102.46 -97.41
N ASN OB 211 -109.44 101.22 -97.01
CA ASN OB 211 -110.21 100.31 -97.85
C ASN OB 211 -111.62 100.83 -98.14
N MET OB 212 -112.13 101.68 -97.25
CA MET OB 212 -113.45 102.28 -97.42
C MET OB 212 -113.44 103.35 -98.48
N PHE OB 213 -112.31 104.00 -98.65
CA PHE OB 213 -112.18 105.08 -99.60
C PHE OB 213 -111.44 104.65 -100.86
N SER OB 214 -111.07 103.37 -100.97
CA SER OB 214 -110.20 102.93 -102.05
C SER OB 214 -110.84 103.09 -103.42
N VAL OB 215 -112.14 102.81 -103.55
CA VAL OB 215 -112.82 103.02 -104.82
C VAL OB 215 -112.82 104.50 -105.18
N ASN OB 216 -113.23 105.34 -104.22
CA ASN OB 216 -113.33 106.78 -104.45
C ASN OB 216 -111.98 107.39 -104.76
N TYR OB 217 -110.91 106.84 -104.19
CA TYR OB 217 -109.54 107.24 -104.52
C TYR OB 217 -109.14 106.76 -105.89
N ASP OB 218 -109.56 105.53 -106.25
CA ASP OB 218 -109.25 104.98 -107.56
C ASP OB 218 -109.96 105.75 -108.66
N VAL OB 219 -110.96 106.56 -108.31
CA VAL OB 219 -111.57 107.45 -109.30
C VAL OB 219 -110.57 108.48 -109.82
N PRO OB 220 -109.81 109.24 -108.98
CA PRO OB 220 -108.71 110.06 -109.54
C PRO OB 220 -107.35 109.36 -109.49
N GLU OB 221 -106.84 108.90 -110.63
CA GLU OB 221 -105.68 108.02 -110.57
C GLU OB 221 -104.35 108.77 -110.49
N ARG OB 222 -104.34 110.07 -110.77
CA ARG OB 222 -103.11 110.85 -110.68
C ARG OB 222 -103.18 111.94 -109.63
N GLU OB 223 -104.25 111.99 -108.83
CA GLU OB 223 -104.37 112.99 -107.78
C GLU OB 223 -103.68 112.52 -106.50
N THR OB 224 -102.93 113.43 -105.88
CA THR OB 224 -102.25 113.18 -104.63
C THR OB 224 -103.19 113.53 -103.46
N VAL OB 225 -103.50 112.55 -102.64
CA VAL OB 225 -104.47 112.70 -101.55
C VAL OB 225 -103.77 112.41 -100.24
N VAL OB 226 -104.10 113.18 -99.19
CA VAL OB 226 -103.65 112.82 -97.85
C VAL OB 226 -104.83 112.24 -97.08
N LEU OB 227 -104.53 111.32 -96.18
CA LEU OB 227 -105.50 110.72 -95.29
C LEU OB 227 -104.93 110.74 -93.89
N ILE OB 228 -105.57 111.50 -93.00
CA ILE OB 228 -105.20 111.57 -91.60
C ILE OB 228 -106.17 110.71 -90.81
N ASN OB 229 -105.65 109.82 -89.97
CA ASN OB 229 -106.47 109.14 -88.97
C ASN OB 229 -105.95 109.63 -87.61
N ALA OB 230 -106.70 110.54 -87.01
CA ALA OB 230 -106.39 111.05 -85.69
C ALA OB 230 -107.09 110.15 -84.66
N GLY OB 231 -106.33 109.26 -84.03
CA GLY OB 231 -106.84 108.37 -83.04
C GLY OB 231 -106.63 108.88 -81.63
N ALA OB 232 -106.75 107.97 -80.66
CA ALA OB 232 -106.50 108.31 -79.28
C ALA OB 232 -105.07 108.05 -78.84
N SER OB 233 -104.37 107.11 -79.51
CA SER OB 233 -103.00 106.80 -79.17
C SER OB 233 -101.99 107.34 -80.17
N VAL OB 234 -102.43 107.65 -81.39
CA VAL OB 234 -101.50 107.96 -82.48
C VAL OB 234 -102.31 108.67 -83.57
N VAL OB 235 -101.63 109.47 -84.38
CA VAL OB 235 -102.21 110.03 -85.59
C VAL OB 235 -101.41 109.52 -86.77
N ASN OB 236 -102.08 108.87 -87.71
CA ASN OB 236 -101.37 108.44 -88.90
C ASN OB 236 -101.67 109.37 -90.06
N ILE OB 237 -100.63 109.57 -90.87
CA ILE OB 237 -100.71 110.21 -92.17
C ILE OB 237 -100.33 109.15 -93.18
N ASN OB 238 -101.21 108.87 -94.13
CA ASN OB 238 -100.75 108.20 -95.34
C ASN OB 238 -101.16 109.07 -96.51
N ILE OB 239 -100.24 109.24 -97.46
CA ILE OB 239 -100.47 110.04 -98.64
C ILE OB 239 -100.21 109.20 -99.89
N ILE OB 240 -101.10 109.37 -100.87
CA ILE OB 240 -101.29 108.46 -102.00
C ILE OB 240 -101.34 109.23 -103.30
N SER OB 241 -101.01 108.53 -104.39
CA SER OB 241 -101.48 108.87 -105.73
C SER OB 241 -102.47 107.81 -106.15
N ASN OB 242 -103.74 108.20 -106.27
CA ASN OB 242 -104.87 107.27 -106.49
C ASN OB 242 -105.09 106.53 -105.18
N GLY OB 243 -105.33 105.22 -105.21
CA GLY OB 243 -105.27 104.39 -104.03
C GLY OB 243 -103.97 103.62 -104.03
N ALA OB 244 -102.89 104.30 -104.40
CA ALA OB 244 -101.53 103.78 -104.34
C ALA OB 244 -100.78 104.56 -103.27
N THR OB 245 -100.60 103.95 -102.11
CA THR OB 245 -99.87 104.61 -101.04
C THR OB 245 -98.49 105.02 -101.51
N VAL OB 246 -98.14 106.27 -101.26
CA VAL OB 246 -96.79 106.75 -101.49
C VAL OB 246 -95.99 106.75 -100.19
N PHE OB 247 -96.61 107.10 -99.07
CA PHE OB 247 -95.90 106.93 -97.81
C PHE OB 247 -96.87 107.01 -96.64
N THR OB 248 -96.34 106.65 -95.45
CA THR OB 248 -97.04 106.72 -94.18
C THR OB 248 -96.08 107.22 -93.11
N ARG OB 249 -96.63 107.93 -92.12
CA ARG OB 249 -95.89 108.46 -90.98
C ARG OB 249 -96.83 108.52 -89.78
N ASP OB 250 -96.31 108.11 -88.63
CA ASP OB 250 -97.12 107.99 -87.42
C ASP OB 250 -96.60 108.94 -86.35
N VAL OB 251 -97.50 109.74 -85.80
CA VAL OB 251 -97.17 110.79 -84.85
C VAL OB 251 -97.74 110.43 -83.49
N THR OB 252 -96.88 110.53 -82.46
CA THR OB 252 -97.27 110.14 -81.12
C THR OB 252 -98.46 110.96 -80.63
N ILE OB 253 -98.63 112.17 -81.15
CA ILE OB 253 -99.68 113.06 -80.67
C ILE OB 253 -101.04 112.54 -81.13
N GLY OB 254 -102.04 112.75 -80.29
CA GLY OB 254 -103.38 112.28 -80.58
C GLY OB 254 -104.38 112.92 -79.63
N GLY OB 255 -105.58 112.35 -79.61
CA GLY OB 255 -106.65 112.90 -78.78
C GLY OB 255 -106.39 112.76 -77.30
N ASN OB 256 -105.65 111.72 -76.91
CA ASN OB 256 -105.25 111.58 -75.53
C ASN OB 256 -104.53 112.82 -75.03
N GLN OB 257 -103.76 113.47 -75.89
CA GLN OB 257 -103.05 114.68 -75.49
C GLN OB 257 -104.01 115.83 -75.22
N PHE OB 258 -105.04 115.98 -76.05
CA PHE OB 258 -106.05 117.00 -75.78
C PHE OB 258 -106.74 116.74 -74.44
N THR OB 259 -107.24 115.50 -74.25
CA THR OB 259 -107.89 115.16 -72.99
C THR OB 259 -106.95 115.40 -71.80
N GLU OB 260 -105.67 115.06 -71.95
CA GLU OB 260 -104.73 115.19 -70.85
C GLU OB 260 -104.43 116.65 -70.53
N GLU OB 261 -104.44 117.53 -71.54
CA GLU OB 261 -104.27 118.95 -71.24
C GLU OB 261 -105.49 119.49 -70.51
N ILE OB 262 -106.70 119.11 -70.97
CA ILE OB 262 -107.91 119.49 -70.25
C ILE OB 262 -107.85 119.02 -68.80
N GLN OB 263 -107.40 117.78 -68.60
CA GLN OB 263 -107.29 117.24 -67.26
C GLN OB 263 -106.28 118.00 -66.42
N LYS OB 264 -105.11 118.32 -66.99
CA LYS OB 264 -104.10 119.08 -66.27
C LYS OB 264 -104.64 120.43 -65.80
N GLN OB 265 -105.32 121.16 -66.69
CA GLN OB 265 -105.65 122.55 -66.39
C GLN OB 265 -106.88 122.71 -65.51
N LEU OB 266 -107.53 121.61 -65.10
CA LEU OB 266 -108.73 121.71 -64.27
C LEU OB 266 -108.79 120.56 -63.28
N ASN OB 267 -107.62 120.00 -62.91
CA ASN OB 267 -107.45 118.78 -62.13
C ASN OB 267 -108.69 117.88 -62.16
N VAL OB 268 -108.99 117.38 -63.35
CA VAL OB 268 -110.15 116.55 -63.65
C VAL OB 268 -109.69 115.11 -63.84
N SER OB 269 -110.60 114.14 -63.72
CA SER OB 269 -110.26 112.77 -64.08
C SER OB 269 -110.20 112.64 -65.59
N TYR OB 270 -109.63 111.54 -66.12
CA TYR OB 270 -109.50 111.42 -67.56
C TYR OB 270 -110.87 111.40 -68.25
N GLU OB 271 -111.83 110.66 -67.68
CA GLU OB 271 -113.12 110.50 -68.35
C GLU OB 271 -113.90 111.81 -68.39
N GLU OB 272 -113.94 112.54 -67.27
CA GLU OB 272 -114.65 113.80 -67.23
C GLU OB 272 -113.98 114.85 -68.12
N ALA OB 273 -112.64 114.85 -68.17
CA ALA OB 273 -111.95 115.73 -69.11
C ALA OB 273 -112.26 115.35 -70.54
N GLU OB 274 -112.47 114.06 -70.79
CA GLU OB 274 -112.84 113.60 -72.12
C GLU OB 274 -114.23 114.09 -72.49
N ALA OB 275 -115.20 113.97 -71.57
CA ALA OB 275 -116.53 114.48 -71.83
C ALA OB 275 -116.51 115.98 -72.07
N LEU OB 276 -115.77 116.71 -71.22
CA LEU OB 276 -115.63 118.15 -71.41
C LEU OB 276 -115.07 118.47 -72.79
N LYS OB 277 -114.13 117.64 -73.26
CA LYS OB 277 -113.64 117.77 -74.63
C LYS OB 277 -114.79 117.60 -75.63
N ILE OB 278 -115.42 116.42 -75.64
CA ILE OB 278 -116.51 116.09 -76.55
C ILE OB 278 -117.61 117.15 -76.50
N GLY OB 279 -118.50 117.05 -75.50
CA GLY OB 279 -119.64 117.95 -75.46
C GLY OB 279 -119.26 119.38 -75.12
N GLY OB 280 -118.26 119.56 -74.26
CA GLY OB 280 -117.73 120.89 -74.01
C GLY OB 280 -117.42 121.67 -75.26
N ASN OB 281 -116.75 121.04 -76.22
CA ASN OB 281 -116.21 121.78 -77.37
C ASN OB 281 -117.21 122.00 -78.51
N GLY OB 282 -118.34 121.29 -78.53
CA GLY OB 282 -119.22 121.35 -79.69
C GLY OB 282 -120.67 121.73 -79.50
N ALA OB 283 -121.12 121.91 -78.26
CA ALA OB 283 -122.53 122.21 -78.02
C ALA OB 283 -122.89 123.59 -78.56
N ASP OB 284 -124.17 123.78 -78.88
CA ASP OB 284 -124.63 125.10 -79.28
C ASP OB 284 -124.55 126.08 -78.12
N ALA OB 285 -124.60 125.58 -76.89
CA ALA OB 285 -124.52 126.39 -75.69
C ALA OB 285 -123.09 126.59 -75.19
N ASP OB 286 -122.08 126.22 -75.98
CA ASP OB 286 -120.70 126.16 -75.51
C ASP OB 286 -119.98 127.51 -75.58
N ALA OB 287 -120.69 128.62 -75.69
CA ALA OB 287 -120.07 129.90 -76.01
C ALA OB 287 -119.07 130.35 -74.93
N VAL OB 288 -119.21 129.87 -73.70
CA VAL OB 288 -118.39 130.39 -72.61
C VAL OB 288 -117.18 129.51 -72.39
N VAL OB 289 -117.24 128.28 -72.89
CA VAL OB 289 -116.29 127.20 -72.64
C VAL OB 289 -115.22 127.08 -73.73
N PRO OB 290 -115.23 127.78 -74.88
CA PRO OB 290 -114.09 127.61 -75.79
C PRO OB 290 -112.96 128.53 -75.44
N GLN OB 291 -113.20 129.48 -74.54
CA GLN OB 291 -112.12 130.21 -73.91
C GLN OB 291 -111.43 129.32 -72.88
N ASP OB 292 -112.20 128.79 -71.92
CA ASP OB 292 -111.63 127.98 -70.86
C ASP OB 292 -110.97 126.72 -71.42
N VAL OB 293 -111.60 126.10 -72.41
CA VAL OB 293 -111.05 124.88 -72.99
C VAL OB 293 -110.00 125.23 -74.04
N GLU OB 294 -110.36 126.08 -75.01
CA GLU OB 294 -109.44 126.36 -76.10
C GLU OB 294 -108.09 126.84 -75.56
N ARG OB 295 -108.11 127.66 -74.51
CA ARG OB 295 -106.86 128.08 -73.89
C ARG OB 295 -106.10 126.88 -73.33
N VAL OB 296 -106.83 125.84 -72.92
CA VAL OB 296 -106.20 124.64 -72.41
C VAL OB 296 -105.59 123.82 -73.55
N LEU OB 297 -106.30 123.69 -74.66
CA LEU OB 297 -105.94 122.84 -75.78
C LEU OB 297 -105.10 123.55 -76.84
N SER OB 298 -104.79 124.83 -76.63
CA SER OB 298 -104.17 125.62 -77.70
C SER OB 298 -102.75 125.15 -77.97
N SER OB 299 -102.00 124.83 -76.92
CA SER OB 299 -100.66 124.30 -77.12
C SER OB 299 -100.69 122.99 -77.90
N VAL OB 300 -101.68 122.13 -77.66
CA VAL OB 300 -101.80 120.90 -78.43
C VAL OB 300 -102.15 121.19 -79.88
N ALA OB 301 -103.10 122.12 -80.10
CA ALA OB 301 -103.42 122.48 -81.48
C ALA OB 301 -102.18 122.97 -82.23
N GLU OB 302 -101.39 123.83 -81.58
CA GLU OB 302 -100.15 124.32 -82.19
C GLU OB 302 -99.20 123.17 -82.49
N GLN OB 303 -98.97 122.29 -81.51
CA GLN OB 303 -97.99 121.22 -81.70
C GLN OB 303 -98.44 120.20 -82.74
N VAL OB 304 -99.74 119.89 -82.79
CA VAL OB 304 -100.26 119.04 -83.85
C VAL OB 304 -100.03 119.70 -85.21
N ALA OB 305 -100.41 120.97 -85.34
CA ALA OB 305 -100.21 121.66 -86.62
C ALA OB 305 -98.75 121.66 -87.04
N GLY OB 306 -97.84 121.89 -86.11
CA GLY OB 306 -96.42 121.89 -86.44
C GLY OB 306 -95.91 120.52 -86.83
N GLU OB 307 -96.41 119.48 -86.17
CA GLU OB 307 -95.97 118.13 -86.49
C GLU OB 307 -96.49 117.68 -87.85
N ILE OB 308 -97.72 118.08 -88.21
CA ILE OB 308 -98.27 117.76 -89.52
C ILE OB 308 -97.56 118.55 -90.62
N GLN OB 309 -97.36 119.85 -90.41
CA GLN OB 309 -96.54 120.64 -91.33
C GLN OB 309 -95.18 119.99 -91.55
N ARG OB 310 -94.53 119.59 -90.46
CA ARG OB 310 -93.22 118.95 -90.53
C ARG OB 310 -93.27 117.67 -91.38
N SER OB 311 -94.26 116.81 -91.12
CA SER OB 311 -94.37 115.58 -91.89
C SER OB 311 -94.56 115.87 -93.38
N LEU OB 312 -95.49 116.78 -93.70
CA LEU OB 312 -95.73 117.16 -95.09
C LEU OB 312 -94.47 117.70 -95.76
N ASP OB 313 -93.71 118.52 -95.05
CA ASP OB 313 -92.48 119.08 -95.63
C ASP OB 313 -91.43 117.99 -95.83
N PHE OB 314 -91.44 116.96 -94.98
CA PHE OB 314 -90.45 115.91 -95.12
C PHE OB 314 -90.79 114.99 -96.28
N TYR OB 315 -92.06 114.95 -96.68
CA TYR OB 315 -92.38 114.23 -97.90
C TYR OB 315 -91.92 114.97 -99.15
N ALA OB 316 -92.08 116.29 -99.16
CA ALA OB 316 -92.34 117.03 -100.40
C ALA OB 316 -91.09 117.31 -101.23
N GLY OB 317 -90.47 116.27 -101.76
CA GLY OB 317 -89.10 116.40 -102.22
C GLY OB 317 -88.78 116.29 -103.69
N THR OB 318 -89.64 115.64 -104.48
CA THR OB 318 -89.47 115.54 -105.93
C THR OB 318 -90.29 116.58 -106.70
N ALA OB 319 -91.48 116.91 -106.23
CA ALA OB 319 -92.31 117.99 -106.78
C ALA OB 319 -92.01 119.26 -105.99
N ALA OB 320 -90.73 119.66 -105.99
CA ALA OB 320 -90.31 121.00 -105.57
C ALA OB 320 -91.43 122.00 -105.63
N ASP OB 321 -92.05 122.09 -106.79
CA ASP OB 321 -92.67 123.28 -107.32
C ASP OB 321 -94.17 123.31 -107.13
N SER OB 322 -94.73 122.21 -106.64
CA SER OB 322 -96.14 121.98 -106.75
C SER OB 322 -96.85 122.35 -105.46
N ASN OB 323 -98.14 122.09 -105.42
CA ASN OB 323 -98.96 122.27 -104.23
C ASN OB 323 -99.69 120.98 -103.93
N PHE OB 324 -100.53 121.02 -102.92
CA PHE OB 324 -101.31 119.84 -102.57
C PHE OB 324 -102.60 119.80 -103.37
N SER OB 325 -103.40 118.77 -103.12
CA SER OB 325 -104.75 118.66 -103.67
C SER OB 325 -105.77 118.55 -102.55
N LYS OB 326 -106.19 117.33 -102.21
CA LYS OB 326 -107.27 117.13 -101.26
C LYS OB 326 -106.99 115.97 -100.32
N VAL OB 327 -107.71 115.97 -99.18
CA VAL OB 327 -107.38 115.08 -98.06
C VAL OB 327 -108.65 114.79 -97.24
N TYR OB 328 -108.61 113.67 -96.50
CA TYR OB 328 -109.72 113.27 -95.64
C TYR OB 328 -109.25 113.02 -94.20
N LEU OB 329 -110.22 112.96 -93.29
CA LEU OB 329 -109.99 112.71 -91.88
C LEU OB 329 -110.79 111.51 -91.39
N SER OB 330 -110.18 110.75 -90.49
CA SER OB 330 -110.75 109.57 -89.86
C SER OB 330 -110.28 109.57 -88.40
N GLY OB 331 -110.91 108.73 -87.59
CA GLY OB 331 -110.55 108.77 -86.18
C GLY OB 331 -111.36 109.80 -85.42
N GLY OB 332 -111.68 109.45 -84.16
CA GLY OB 332 -112.53 110.32 -83.36
C GLY OB 332 -111.86 111.61 -82.96
N THR OB 333 -110.52 111.60 -82.85
CA THR OB 333 -109.80 112.84 -82.52
C THR OB 333 -110.01 113.90 -83.59
N ALA OB 334 -110.29 113.51 -84.82
CA ALA OB 334 -110.69 114.44 -85.87
C ALA OB 334 -111.89 115.27 -85.48
N LYS OB 335 -112.87 114.67 -84.81
CA LYS OB 335 -114.17 115.28 -84.56
C LYS OB 335 -114.11 116.46 -83.60
N ILE OB 336 -112.91 116.88 -83.18
CA ILE OB 336 -112.75 118.09 -82.39
C ILE OB 336 -113.42 119.22 -83.18
N PRO OB 337 -114.34 119.95 -82.56
CA PRO OB 337 -115.05 121.00 -83.29
C PRO OB 337 -114.10 122.01 -83.92
N ALA OB 338 -114.30 122.25 -85.21
CA ALA OB 338 -113.58 123.23 -86.03
C ALA OB 338 -112.19 122.76 -86.45
N LEU OB 339 -111.73 121.62 -85.91
CA LEU OB 339 -110.37 121.16 -86.20
C LEU OB 339 -110.14 120.98 -87.70
N PHE OB 340 -111.19 120.68 -88.45
CA PHE OB 340 -111.04 120.46 -89.89
C PHE OB 340 -110.73 121.77 -90.60
N LYS OB 341 -111.45 122.83 -90.23
CA LYS OB 341 -111.18 124.14 -90.79
C LYS OB 341 -109.77 124.61 -90.41
N THR OB 342 -109.37 124.35 -89.16
CA THR OB 342 -108.04 124.74 -88.71
C THR OB 342 -106.97 124.04 -89.52
N ILE OB 343 -107.06 122.71 -89.65
CA ILE OB 343 -106.07 121.97 -90.42
C ILE OB 343 -106.09 122.41 -91.88
N GLU OB 344 -107.28 122.73 -92.40
CA GLU OB 344 -107.39 123.17 -93.79
C GLU OB 344 -106.63 124.47 -94.01
N ALA OB 345 -106.84 125.45 -93.13
CA ALA OB 345 -106.18 126.75 -93.30
C ALA OB 345 -104.69 126.66 -92.96
N ARG OB 346 -104.33 125.79 -92.03
CA ARG OB 346 -102.96 125.73 -91.52
C ARG OB 346 -102.03 124.90 -92.39
N THR OB 347 -102.52 123.83 -93.01
CA THR OB 347 -101.68 122.98 -93.84
C THR OB 347 -101.74 123.32 -95.32
N GLY OB 348 -102.61 124.23 -95.72
CA GLY OB 348 -102.77 124.55 -97.13
C GLY OB 348 -103.37 123.41 -97.92
N VAL OB 349 -104.20 122.60 -97.29
CA VAL OB 349 -104.85 121.50 -98.00
C VAL OB 349 -106.31 121.43 -97.57
N PRO OB 350 -107.25 121.27 -98.50
CA PRO OB 350 -108.64 120.99 -98.10
C PRO OB 350 -108.79 119.63 -97.42
N VAL OB 351 -109.03 119.71 -96.11
CA VAL OB 351 -109.17 118.54 -95.23
C VAL OB 351 -110.65 118.32 -94.95
N GLU OB 352 -111.19 117.16 -95.33
CA GLU OB 352 -112.61 116.91 -95.18
C GLU OB 352 -112.88 115.59 -94.46
N ILE OB 353 -113.89 115.62 -93.59
CA ILE OB 353 -114.46 114.39 -93.09
C ILE OB 353 -115.01 113.59 -94.29
N LEU OB 354 -115.07 112.28 -94.11
CA LEU OB 354 -115.61 111.43 -95.15
C LEU OB 354 -116.39 110.30 -94.51
N ASN OB 355 -117.44 109.85 -95.22
CA ASN OB 355 -118.27 108.76 -94.76
C ASN OB 355 -117.73 107.46 -95.32
N PRO OB 356 -117.08 106.62 -94.52
CA PRO OB 356 -116.69 105.29 -95.04
C PRO OB 356 -117.89 104.49 -95.52
N PHE OB 357 -118.99 104.49 -94.77
CA PHE OB 357 -120.06 103.53 -95.01
C PHE OB 357 -120.64 103.59 -96.43
N ARG OB 358 -120.21 104.54 -97.27
CA ARG OB 358 -120.70 104.60 -98.65
C ARG OB 358 -120.21 103.42 -99.48
N LYS OB 359 -119.18 102.72 -99.02
CA LYS OB 359 -118.65 101.54 -99.70
C LYS OB 359 -119.48 100.29 -99.48
N ILE OB 360 -120.45 100.32 -98.58
CA ILE OB 360 -121.23 99.13 -98.22
C ILE OB 360 -122.70 99.48 -98.28
N GLU OB 361 -123.52 98.48 -98.61
CA GLU OB 361 -124.96 98.68 -98.62
C GLU OB 361 -125.48 98.77 -97.19
N VAL OB 362 -126.37 99.72 -96.95
CA VAL OB 362 -126.92 99.97 -95.63
C VAL OB 362 -128.43 99.96 -95.73
N ASP OB 363 -129.07 99.01 -95.04
CA ASP OB 363 -130.51 98.90 -95.01
C ASP OB 363 -131.06 99.99 -94.09
N ASN OB 364 -131.85 100.91 -94.66
CA ASN OB 364 -132.37 102.03 -93.89
C ASN OB 364 -133.33 101.60 -92.79
N ARG OB 365 -133.87 100.38 -92.91
CA ARG OB 365 -134.78 99.88 -91.87
C ARG OB 365 -134.03 99.35 -90.66
N LYS OB 366 -132.73 99.11 -90.77
CA LYS OB 366 -131.94 98.61 -89.65
C LYS OB 366 -130.93 99.63 -89.13
N PHE OB 367 -130.62 100.65 -89.94
CA PHE OB 367 -129.71 101.73 -89.56
C PHE OB 367 -130.17 103.01 -90.25
N ASP OB 368 -130.16 104.10 -89.50
CA ASP OB 368 -130.49 105.40 -90.07
C ASP OB 368 -129.20 106.09 -90.49
N PRO OB 369 -129.12 106.65 -91.71
CA PRO OB 369 -127.82 107.19 -92.17
C PRO OB 369 -127.24 108.29 -91.31
N ALA OB 370 -128.05 109.02 -90.54
CA ALA OB 370 -127.52 110.17 -89.82
C ALA OB 370 -126.45 109.77 -88.81
N PHE OB 371 -126.79 108.91 -87.85
CA PHE OB 371 -125.80 108.48 -86.85
C PHE OB 371 -124.65 107.73 -87.51
N VAL OB 372 -124.96 106.71 -88.32
CA VAL OB 372 -123.94 106.01 -89.10
C VAL OB 372 -122.90 106.98 -89.61
N MET OB 373 -123.36 108.11 -90.18
CA MET OB 373 -122.48 109.22 -90.51
C MET OB 373 -121.78 109.76 -89.26
N ASP OB 374 -122.50 109.83 -88.14
CA ASP OB 374 -121.95 110.47 -86.94
C ASP OB 374 -120.73 109.72 -86.40
N VAL OB 375 -120.77 108.37 -86.37
CA VAL OB 375 -119.64 107.57 -85.92
C VAL OB 375 -118.79 107.06 -87.07
N ALA OB 376 -119.02 107.51 -88.30
CA ALA OB 376 -118.14 107.14 -89.41
C ALA OB 376 -116.65 107.32 -89.10
N PRO OB 377 -116.18 108.46 -88.58
CA PRO OB 377 -114.72 108.60 -88.35
C PRO OB 377 -114.14 107.57 -87.39
N MET OB 378 -114.79 107.33 -86.25
CA MET OB 378 -114.31 106.29 -85.35
C MET OB 378 -114.29 104.92 -86.02
N ALA OB 379 -115.29 104.63 -86.86
CA ALA OB 379 -115.50 103.30 -87.38
C ALA OB 379 -114.80 103.04 -88.70
N ALA OB 380 -114.07 104.01 -89.26
CA ALA OB 380 -113.46 103.81 -90.58
C ALA OB 380 -112.61 102.54 -90.63
N VAL OB 381 -111.72 102.34 -89.65
CA VAL OB 381 -110.88 101.15 -89.65
C VAL OB 381 -111.73 99.91 -89.38
N ALA OB 382 -112.68 100.05 -88.43
CA ALA OB 382 -113.65 99.04 -87.97
C ALA OB 382 -114.47 98.46 -89.09
N VAL OB 383 -114.66 99.21 -90.17
CA VAL OB 383 -115.17 98.62 -91.39
C VAL OB 383 -114.04 98.41 -92.39
N GLY OB 384 -112.83 98.88 -92.06
CA GLY OB 384 -111.69 98.66 -92.94
C GLY OB 384 -111.29 97.21 -93.06
N LEU OB 385 -110.63 96.67 -92.02
CA LEU OB 385 -110.27 95.27 -92.13
C LEU OB 385 -111.54 94.41 -92.28
N ALA OB 386 -112.70 95.07 -92.22
CA ALA OB 386 -114.01 94.44 -92.41
C ALA OB 386 -114.29 94.17 -93.87
N LEU OB 387 -114.00 95.11 -94.77
CA LEU OB 387 -114.02 94.70 -96.18
C LEU OB 387 -112.84 93.77 -96.46
N ARG OB 388 -111.79 93.84 -95.64
CA ARG OB 388 -110.74 92.83 -95.78
C ARG OB 388 -111.26 91.42 -95.49
N ARG OB 389 -112.31 91.30 -94.68
CA ARG OB 389 -112.69 89.95 -94.24
C ARG OB 389 -113.65 89.17 -95.16
N PRO OB 390 -114.40 89.80 -96.09
CA PRO OB 390 -115.06 88.97 -97.10
C PRO OB 390 -114.33 89.09 -98.42
N GLY OB 391 -113.04 89.42 -98.34
CA GLY OB 391 -112.23 89.55 -99.53
C GLY OB 391 -112.02 88.20 -100.18
N MET PB 1 -137.29 84.66 -71.10
CA MET PB 1 -136.95 84.83 -69.69
C MET PB 1 -135.92 83.80 -69.24
N MET PB 2 -134.98 84.22 -68.39
CA MET PB 2 -133.89 83.38 -67.93
C MET PB 2 -134.22 82.77 -66.58
N ILE PB 3 -134.10 81.44 -66.47
CA ILE PB 3 -134.38 80.72 -65.24
C ILE PB 3 -133.09 80.02 -64.82
N ARG PB 4 -132.49 80.53 -63.75
CA ARG PB 4 -131.19 80.07 -63.28
C ARG PB 4 -131.30 79.46 -61.88
N ILE PB 5 -130.38 78.55 -61.57
CA ILE PB 5 -130.41 77.87 -60.29
C ILE PB 5 -129.00 77.46 -59.85
N ASN PB 6 -128.35 78.32 -59.06
CA ASN PB 6 -127.04 78.03 -58.50
C ASN PB 6 -127.10 76.99 -57.37
N LEU PB 7 -128.23 76.34 -57.14
CA LEU PB 7 -128.25 75.29 -56.14
C LEU PB 7 -127.33 74.16 -56.59
N LEU PB 8 -126.25 73.97 -55.81
CA LEU PB 8 -125.09 73.08 -55.90
C LEU PB 8 -125.16 71.94 -56.90
N PRO PB 9 -124.45 72.03 -58.03
CA PRO PB 9 -124.10 70.81 -58.76
C PRO PB 9 -122.59 70.45 -58.64
N VAL PB 10 -121.75 70.95 -59.57
CA VAL PB 10 -120.43 70.37 -59.95
C VAL PB 10 -119.32 70.15 -58.91
N ARG PB 11 -119.00 71.12 -58.06
CA ARG PB 11 -117.78 70.94 -57.28
C ARG PB 11 -118.00 69.92 -56.18
N ALA PB 12 -119.12 70.01 -55.46
CA ALA PB 12 -119.48 68.95 -54.54
C ALA PB 12 -119.57 67.61 -55.25
N VAL PB 13 -120.16 67.58 -56.45
CA VAL PB 13 -120.30 66.31 -57.17
C VAL PB 13 -118.92 65.71 -57.45
N LYS PB 14 -117.98 66.55 -57.89
CA LYS PB 14 -116.63 66.07 -58.17
C LYS PB 14 -115.98 65.57 -56.89
N LYS PB 15 -116.32 66.21 -55.75
CA LYS PB 15 -115.72 65.82 -54.48
C LYS PB 15 -116.35 64.55 -53.92
N ARG PB 16 -117.65 64.36 -54.14
CA ARG PB 16 -118.33 63.14 -53.76
C ARG PB 16 -117.81 61.98 -54.59
N GLU PB 17 -117.49 62.24 -55.87
CA GLU PB 17 -116.92 61.20 -56.71
C GLU PB 17 -115.51 60.85 -56.30
N MET PB 18 -114.62 61.85 -56.14
CA MET PB 18 -113.28 61.59 -55.62
C MET PB 18 -113.36 60.86 -54.29
N GLY PB 19 -114.27 61.28 -53.42
CA GLY PB 19 -114.49 60.58 -52.17
C GLY PB 19 -114.85 59.12 -52.37
N ARG PB 20 -115.65 58.81 -53.39
CA ARG PB 20 -115.95 57.41 -53.67
C ARG PB 20 -114.70 56.66 -54.13
N GLN PB 21 -113.95 57.24 -55.08
CA GLN PB 21 -112.83 56.52 -55.69
C GLN PB 21 -111.74 56.23 -54.67
N VAL PB 22 -111.41 57.20 -53.82
CA VAL PB 22 -110.39 56.97 -52.81
C VAL PB 22 -110.76 55.79 -51.92
N LEU PB 23 -112.05 55.67 -51.57
CA LEU PB 23 -112.50 54.57 -50.73
C LEU PB 23 -112.46 53.24 -51.46
N VAL PB 24 -112.84 53.21 -52.74
CA VAL PB 24 -112.70 51.96 -53.50
C VAL PB 24 -111.24 51.51 -53.52
N LEU PB 25 -110.31 52.45 -53.73
CA LEU PB 25 -108.89 52.10 -53.73
C LEU PB 25 -108.46 51.53 -52.38
N PHE PB 26 -108.88 52.17 -51.29
CA PHE PB 26 -108.67 51.61 -49.96
C PHE PB 26 -109.16 50.17 -49.89
N ALA PB 27 -110.40 49.93 -50.33
CA ALA PB 27 -110.98 48.59 -50.26
C ALA PB 27 -110.14 47.58 -51.03
N VAL PB 28 -109.70 47.94 -52.25
CA VAL PB 28 -108.93 47.01 -53.06
C VAL PB 28 -107.61 46.66 -52.39
N VAL PB 29 -106.87 47.69 -51.93
CA VAL PB 29 -105.60 47.44 -51.25
C VAL PB 29 -105.80 46.54 -50.04
N LEU PB 30 -106.86 46.78 -49.26
CA LEU PB 30 -107.07 46.00 -48.04
C LEU PB 30 -107.51 44.57 -48.34
N ILE PB 31 -108.21 44.35 -49.46
CA ILE PB 31 -108.55 42.98 -49.85
C ILE PB 31 -107.29 42.23 -50.28
N GLY PB 32 -106.42 42.89 -51.06
CA GLY PB 32 -105.17 42.26 -51.44
C GLY PB 32 -104.31 41.90 -50.23
N ALA PB 33 -104.04 42.88 -49.37
CA ALA PB 33 -103.30 42.62 -48.14
C ALA PB 33 -103.95 41.50 -47.34
N GLY PB 34 -105.29 41.48 -47.28
CA GLY PB 34 -105.97 40.34 -46.69
C GLY PB 34 -105.52 39.03 -47.27
N VAL PB 35 -105.61 38.89 -48.60
CA VAL PB 35 -105.24 37.64 -49.26
C VAL PB 35 -103.79 37.24 -48.95
N ALA PB 36 -102.89 38.22 -48.90
CA ALA PB 36 -101.52 37.93 -48.47
C ALA PB 36 -101.49 37.32 -47.06
N ASN PB 37 -102.12 38.00 -46.09
CA ASN PB 37 -102.17 37.51 -44.71
C ASN PB 37 -102.68 36.07 -44.66
N TYR PB 38 -103.78 35.80 -45.38
CA TYR PB 38 -104.19 34.43 -45.62
C TYR PB 38 -103.03 33.59 -46.10
N LEU PB 39 -102.83 33.50 -47.42
CA LEU PB 39 -101.80 32.61 -47.99
C LEU PB 39 -100.64 32.33 -47.02
N TRP PB 40 -100.15 33.38 -46.35
CA TRP PB 40 -99.18 33.21 -45.26
C TRP PB 40 -99.69 32.23 -44.21
N TYR PB 41 -100.93 32.46 -43.71
CA TYR PB 41 -101.47 31.57 -42.66
C TYR PB 41 -101.41 30.10 -43.07
N ASP PB 42 -101.60 29.82 -44.37
CA ASP PB 42 -101.64 28.45 -44.85
C ASP PB 42 -100.26 27.84 -44.88
N ASP PB 43 -99.28 28.57 -45.43
CA ASP PB 43 -97.92 28.06 -45.34
C ASP PB 43 -97.50 27.83 -43.89
N ARG PB 44 -98.04 28.61 -42.96
CA ARG PB 44 -97.70 28.42 -41.55
C ARG PB 44 -98.35 27.17 -40.97
N GLN PB 45 -99.59 26.88 -41.36
CA GLN PB 45 -100.23 25.65 -40.87
C GLN PB 45 -99.54 24.41 -41.45
N SER PB 46 -99.13 24.47 -42.72
CA SER PB 46 -98.35 23.37 -43.28
C SER PB 46 -97.06 23.17 -42.49
N GLU PB 47 -96.31 24.24 -42.23
CA GLU PB 47 -95.09 24.12 -41.45
C GLU PB 47 -95.36 23.52 -40.07
N LEU PB 48 -96.47 23.94 -39.43
CA LEU PB 48 -96.82 23.39 -38.12
C LEU PB 48 -97.08 21.89 -38.20
N GLU PB 49 -97.71 21.43 -39.27
CA GLU PB 49 -97.98 20.00 -39.41
C GLU PB 49 -96.71 19.21 -39.62
N ALA PB 50 -95.81 19.71 -40.50
CA ALA PB 50 -94.51 19.08 -40.65
C ALA PB 50 -93.78 18.98 -39.31
N HIS PB 51 -93.82 20.05 -38.52
CA HIS PB 51 -93.06 20.08 -37.28
C HIS PB 51 -93.67 19.16 -36.22
N GLN PB 52 -95.00 19.07 -36.18
CA GLN PB 52 -95.61 18.13 -35.25
C GLN PB 52 -95.32 16.69 -35.66
N ALA PB 53 -95.21 16.42 -36.96
CA ALA PB 53 -94.72 15.13 -37.42
C ALA PB 53 -93.32 14.87 -36.88
N GLY PB 54 -92.43 15.86 -36.97
CA GLY PB 54 -91.10 15.70 -36.42
C GLY PB 54 -91.12 15.42 -34.92
N VAL PB 55 -91.97 16.14 -34.17
CA VAL PB 55 -92.05 15.95 -32.73
C VAL PB 55 -92.51 14.52 -32.41
N ALA PB 56 -93.53 14.04 -33.11
CA ALA PB 56 -93.88 12.63 -33.02
C ALA PB 56 -92.68 11.73 -33.26
N SER PB 57 -91.84 12.08 -34.24
CA SER PB 57 -90.64 11.29 -34.49
C SER PB 57 -89.66 11.34 -33.34
N THR PB 58 -89.70 12.40 -32.52
CA THR PB 58 -88.98 12.37 -31.26
C THR PB 58 -89.63 11.38 -30.29
N LYS PB 59 -90.90 11.62 -29.96
CA LYS PB 59 -91.55 10.85 -28.90
C LYS PB 59 -91.55 9.35 -29.19
N ALA PB 60 -91.41 8.95 -30.45
CA ALA PB 60 -91.24 7.53 -30.77
C ALA PB 60 -89.89 7.01 -30.27
N ARG PB 61 -88.79 7.55 -30.80
CA ARG PB 61 -87.49 6.98 -30.52
C ARG PB 61 -87.03 7.24 -29.09
N ILE PB 62 -87.49 8.32 -28.44
CA ILE PB 62 -87.22 8.48 -27.02
C ILE PB 62 -87.82 7.31 -26.23
N ALA PB 63 -89.05 6.91 -26.58
CA ALA PB 63 -89.65 5.74 -25.96
C ALA PB 63 -88.82 4.49 -26.24
N GLU PB 64 -88.44 4.30 -27.51
CA GLU PB 64 -87.51 3.23 -27.87
C GLU PB 64 -86.32 3.18 -26.90
N LEU PB 65 -85.80 4.35 -26.54
CA LEU PB 65 -84.56 4.43 -25.79
C LEU PB 65 -84.78 4.23 -24.30
N GLU PB 66 -85.90 4.72 -23.78
CA GLU PB 66 -86.28 4.41 -22.41
C GLU PB 66 -86.45 2.90 -22.24
N LYS PB 67 -86.97 2.23 -23.26
CA LYS PB 67 -87.10 0.77 -23.18
C LYS PB 67 -85.74 0.09 -23.28
N ILE PB 68 -84.90 0.51 -24.24
CA ILE PB 68 -83.61 -0.16 -24.43
C ILE PB 68 -82.71 0.05 -23.21
N ILE PB 69 -82.81 1.22 -22.56
CA ILE PB 69 -82.03 1.44 -21.35
C ILE PB 69 -82.67 0.72 -20.16
N GLY PB 70 -84.00 0.62 -20.13
CA GLY PB 70 -84.63 -0.25 -19.15
C GLY PB 70 -84.07 -1.66 -19.20
N GLU PB 71 -83.90 -2.19 -20.41
CA GLU PB 71 -83.17 -3.44 -20.58
C GLU PB 71 -81.76 -3.29 -19.99
N VAL PB 72 -80.94 -2.38 -20.53
CA VAL PB 72 -79.52 -2.32 -20.16
C VAL PB 72 -79.33 -2.28 -18.63
N LYS PB 73 -80.28 -1.69 -17.91
CA LYS PB 73 -80.17 -1.64 -16.46
C LYS PB 73 -80.66 -2.93 -15.80
N ASN PB 74 -81.90 -3.35 -16.12
CA ASN PB 74 -82.40 -4.67 -15.75
C ASN PB 74 -81.27 -5.70 -15.82
N ILE PB 75 -80.58 -5.69 -16.96
CA ILE PB 75 -79.30 -6.33 -17.25
C ILE PB 75 -78.25 -6.12 -16.17
N ASN PB 76 -77.71 -4.89 -16.11
CA ASN PB 76 -76.44 -4.69 -15.41
C ASN PB 76 -76.54 -5.08 -13.95
N THR PB 77 -77.73 -4.96 -13.35
CA THR PB 77 -77.81 -5.34 -11.94
C THR PB 77 -77.86 -6.85 -11.76
N ARG PB 78 -78.42 -7.60 -12.71
CA ARG PB 78 -78.48 -9.05 -12.57
C ARG PB 78 -77.11 -9.70 -12.80
N LYS PB 79 -76.23 -9.04 -13.55
CA LYS PB 79 -74.88 -9.57 -13.81
C LYS PB 79 -74.08 -9.68 -12.50
N ALA PB 80 -74.12 -8.62 -11.69
CA ALA PB 80 -73.36 -8.59 -10.44
C ALA PB 80 -73.84 -9.64 -9.45
N GLU PB 81 -75.01 -10.25 -9.68
CA GLU PB 81 -75.46 -11.32 -8.83
C GLU PB 81 -75.19 -12.69 -9.44
N VAL PB 82 -75.38 -12.87 -10.74
CA VAL PB 82 -74.91 -14.10 -11.37
C VAL PB 82 -73.43 -14.29 -11.05
N GLU PB 83 -72.60 -13.37 -11.56
CA GLU PB 83 -71.29 -13.05 -11.02
C GLU PB 83 -70.96 -13.79 -9.71
N LYS PB 84 -71.59 -13.34 -8.62
CA LYS PB 84 -71.15 -13.69 -7.28
C LYS PB 84 -71.68 -15.06 -6.84
N LYS PB 85 -72.95 -15.34 -7.17
CA LYS PB 85 -73.49 -16.69 -7.05
C LYS PB 85 -72.51 -17.72 -7.61
N LEU PB 86 -71.97 -17.45 -8.81
CA LEU PB 86 -71.12 -18.43 -9.47
C LEU PB 86 -69.72 -18.48 -8.86
N ALA PB 87 -69.17 -17.33 -8.46
CA ALA PB 87 -67.94 -17.41 -7.69
C ALA PB 87 -68.11 -18.35 -6.48
N VAL PB 88 -69.25 -18.24 -5.81
CA VAL PB 88 -69.62 -19.22 -4.78
C VAL PB 88 -69.61 -20.62 -5.35
N LEU PB 89 -70.24 -20.82 -6.52
CA LEU PB 89 -70.38 -22.16 -7.09
C LEU PB 89 -69.03 -22.79 -7.39
N ASP PB 90 -68.05 -21.98 -7.81
CA ASP PB 90 -66.71 -22.48 -8.10
C ASP PB 90 -65.92 -22.71 -6.83
N ALA PB 91 -66.25 -22.02 -5.74
CA ALA PB 91 -65.72 -22.44 -4.45
C ALA PB 91 -66.30 -23.80 -4.04
N LEU PB 92 -67.58 -24.03 -4.34
CA LEU PB 92 -68.27 -25.23 -3.87
C LEU PB 92 -67.88 -26.47 -4.68
N ARG PB 93 -67.72 -26.35 -5.99
CA ARG PB 93 -67.20 -27.48 -6.76
C ARG PB 93 -65.82 -27.88 -6.25
N LYS PB 94 -65.04 -26.91 -5.79
CA LYS PB 94 -63.78 -27.21 -5.12
C LYS PB 94 -64.03 -27.82 -3.74
N GLY PB 95 -65.18 -27.50 -3.13
CA GLY PB 95 -65.61 -28.11 -1.89
C GLY PB 95 -66.22 -29.50 -2.04
N ARG PB 96 -66.41 -29.98 -3.27
CA ARG PB 96 -66.82 -31.36 -3.51
C ARG PB 96 -65.73 -32.19 -4.15
N SER PB 97 -64.82 -31.55 -4.89
CA SER PB 97 -63.57 -32.19 -5.27
C SER PB 97 -62.70 -32.41 -4.03
N GLY PB 98 -62.70 -31.42 -3.13
CA GLY PB 98 -61.88 -31.44 -1.93
C GLY PB 98 -61.90 -32.75 -1.19
N PRO PB 99 -63.08 -33.15 -0.71
CA PRO PB 99 -63.20 -34.41 0.03
C PRO PB 99 -62.84 -35.65 -0.78
N VAL PB 100 -62.28 -35.51 -1.97
CA VAL PB 100 -62.17 -36.61 -2.92
C VAL PB 100 -60.83 -36.57 -3.64
N ARG PB 101 -59.97 -37.55 -3.32
CA ARG PB 101 -59.22 -38.31 -4.32
C ARG PB 101 -57.69 -38.41 -4.19
N MET PB 102 -57.03 -37.96 -5.25
CA MET PB 102 -56.02 -38.72 -5.97
C MET PB 102 -55.65 -40.03 -5.29
N MET PB 103 -56.12 -41.11 -5.91
CA MET PB 103 -55.59 -42.47 -5.96
C MET PB 103 -56.70 -43.46 -5.61
N ASP PB 104 -56.96 -44.35 -6.55
CA ASP PB 104 -58.11 -45.22 -6.45
C ASP PB 104 -57.81 -46.38 -5.51
N ALA PB 105 -58.80 -46.73 -4.71
CA ALA PB 105 -58.62 -47.76 -3.70
C ALA PB 105 -59.97 -48.40 -3.43
N LEU PB 106 -59.95 -49.46 -2.64
CA LEU PB 106 -61.16 -50.14 -2.19
C LEU PB 106 -61.04 -50.22 -0.67
N ALA PB 107 -61.53 -49.20 0.01
CA ALA PB 107 -61.44 -49.10 1.45
C ALA PB 107 -62.75 -48.58 2.01
N SER PB 108 -63.21 -49.20 3.10
CA SER PB 108 -64.38 -48.72 3.81
C SER PB 108 -64.09 -47.35 4.43
N ALA PB 109 -63.25 -47.34 5.46
CA ALA PB 109 -62.77 -46.11 6.06
C ALA PB 109 -61.34 -45.85 5.61
N THR PB 110 -61.01 -44.56 5.41
CA THR PB 110 -59.69 -44.16 4.97
C THR PB 110 -58.94 -43.48 6.12
N PRO PB 111 -57.73 -43.93 6.45
CA PRO PB 111 -57.04 -43.38 7.63
C PRO PB 111 -56.70 -41.90 7.53
N LYS PB 112 -56.51 -41.36 6.33
CA LYS PB 112 -56.18 -39.95 6.17
C LYS PB 112 -57.41 -39.17 5.69
N LYS PB 113 -57.34 -37.84 5.84
CA LYS PB 113 -58.43 -36.98 5.37
C LYS PB 113 -58.78 -37.30 3.92
N VAL PB 114 -57.78 -37.28 3.05
CA VAL PB 114 -57.90 -37.56 1.63
C VAL PB 114 -57.01 -38.77 1.35
N TRP PB 115 -57.17 -39.35 0.16
CA TRP PB 115 -56.25 -40.41 -0.22
C TRP PB 115 -54.93 -39.82 -0.70
N VAL PB 116 -53.92 -40.67 -0.73
CA VAL PB 116 -52.59 -40.30 -1.13
C VAL PB 116 -52.05 -41.49 -1.92
N LYS PB 117 -50.77 -41.44 -2.29
CA LYS PB 117 -50.25 -42.48 -3.17
C LYS PB 117 -49.43 -43.51 -2.41
N THR PB 118 -48.14 -43.23 -2.20
CA THR PB 118 -47.24 -44.21 -1.62
C THR PB 118 -46.85 -43.82 -0.19
N PHE PB 119 -46.49 -44.82 0.61
CA PHE PB 119 -46.07 -44.65 1.99
C PHE PB 119 -44.92 -45.62 2.23
N SER PB 120 -43.74 -45.10 2.60
CA SER PB 120 -42.59 -45.96 2.83
C SER PB 120 -41.82 -45.47 4.04
N GLU PB 121 -41.64 -46.33 5.02
CA GLU PB 121 -41.10 -45.97 6.33
C GLU PB 121 -39.74 -46.63 6.56
N ASN PB 122 -39.10 -46.25 7.68
CA ASN PB 122 -37.86 -46.88 8.10
C ASN PB 122 -37.70 -46.85 9.61
N ASN PB 123 -38.79 -46.79 10.36
CA ASN PB 123 -38.81 -46.80 11.83
C ASN PB 123 -38.09 -45.61 12.43
N ASN PB 124 -37.78 -44.60 11.62
CA ASN PB 124 -37.30 -43.32 12.15
C ASN PB 124 -38.01 -42.20 11.42
N ALA PB 125 -38.23 -42.38 10.11
CA ALA PB 125 -38.91 -41.41 9.29
C ALA PB 125 -39.78 -42.15 8.28
N VAL PB 126 -40.81 -41.46 7.81
CA VAL PB 126 -41.68 -41.96 6.75
C VAL PB 126 -41.53 -40.99 5.58
N SER PB 127 -41.09 -41.51 4.44
CA SER PB 127 -41.14 -40.79 3.18
C SER PB 127 -42.45 -41.15 2.51
N ILE PB 128 -43.31 -40.14 2.31
CA ILE PB 128 -44.63 -40.39 1.76
C ILE PB 128 -44.70 -39.74 0.38
N ASP PB 129 -45.74 -40.11 -0.35
CA ASP PB 129 -45.96 -39.66 -1.72
C ASP PB 129 -47.46 -39.48 -1.83
N GLY PB 130 -47.93 -38.29 -2.17
CA GLY PB 130 -49.36 -38.14 -2.22
C GLY PB 130 -49.89 -37.15 -3.22
N SER PB 131 -51.12 -36.72 -2.99
CA SER PB 131 -51.74 -35.69 -3.79
C SER PB 131 -52.90 -35.09 -3.00
N ALA PB 132 -53.23 -33.82 -3.26
CA ALA PB 132 -54.27 -33.12 -2.54
C ALA PB 132 -55.06 -32.27 -3.53
N VAL PB 133 -56.11 -31.63 -3.04
CA VAL PB 133 -57.07 -31.01 -3.95
C VAL PB 133 -56.52 -29.70 -4.52
N SER PB 134 -55.70 -28.99 -3.75
CA SER PB 134 -55.30 -27.65 -4.18
C SER PB 134 -54.21 -27.14 -3.24
N HIS PB 135 -53.95 -25.83 -3.34
CA HIS PB 135 -53.03 -25.09 -2.48
C HIS PB 135 -53.62 -24.94 -1.08
N ASP PB 136 -54.75 -25.61 -0.84
CA ASP PB 136 -55.50 -25.48 0.39
C ASP PB 136 -55.48 -26.74 1.23
N GLU PB 137 -55.97 -27.86 0.70
CA GLU PB 137 -55.95 -29.09 1.47
C GLU PB 137 -54.54 -29.63 1.69
N VAL PB 138 -53.60 -29.35 0.76
CA VAL PB 138 -52.21 -29.65 1.03
C VAL PB 138 -51.66 -28.68 2.07
N ALA PB 139 -52.21 -27.47 2.13
CA ALA PB 139 -51.84 -26.54 3.19
C ALA PB 139 -52.44 -26.95 4.53
N GLU PB 140 -53.70 -27.41 4.52
CA GLU PB 140 -54.29 -27.96 5.73
C GLU PB 140 -53.47 -29.15 6.24
N PHE PB 141 -53.14 -30.06 5.33
CA PHE PB 141 -52.37 -31.26 5.70
C PHE PB 141 -50.99 -30.89 6.21
N MET PB 142 -50.29 -29.98 5.52
CA MET PB 142 -48.94 -29.61 5.93
C MET PB 142 -48.94 -28.85 7.25
N ARG PB 143 -49.99 -28.04 7.48
CA ARG PB 143 -50.12 -27.35 8.75
C ARG PB 143 -50.35 -28.34 9.87
N GLY PB 144 -51.18 -29.35 9.65
CA GLY PB 144 -51.45 -30.35 10.67
C GLY PB 144 -50.21 -31.07 11.16
N LEU PB 145 -49.09 -30.94 10.46
CA LEU PB 145 -47.84 -31.60 10.85
C LEU PB 145 -46.84 -30.63 11.45
N ASN PB 146 -45.98 -30.09 10.58
CA ASN PB 146 -44.85 -29.30 11.03
C ASN PB 146 -44.24 -28.56 9.84
N GLY PB 147 -43.35 -27.64 10.17
CA GLY PB 147 -42.70 -26.77 9.22
C GLY PB 147 -41.31 -26.41 9.72
N VAL PB 148 -40.32 -26.56 8.86
CA VAL PB 148 -38.93 -26.70 9.31
C VAL PB 148 -37.99 -26.00 8.33
N VAL PB 149 -36.93 -25.42 8.88
CA VAL PB 149 -35.80 -24.92 8.08
C VAL PB 149 -34.78 -26.06 8.07
N TRP PB 150 -34.71 -26.77 6.95
CA TRP PB 150 -33.77 -27.87 6.81
C TRP PB 150 -32.45 -27.38 6.23
N THR PB 151 -31.35 -28.01 6.65
CA THR PB 151 -30.04 -27.49 6.26
C THR PB 151 -29.14 -28.61 5.71
N PRO PB 152 -28.12 -29.16 6.45
CA PRO PB 152 -27.10 -29.93 5.72
C PRO PB 152 -27.62 -31.32 5.35
N LYS PB 153 -27.94 -31.51 4.07
CA LYS PB 153 -28.52 -32.76 3.62
C LYS PB 153 -27.43 -33.77 3.25
N GLY PB 154 -27.65 -35.03 3.61
CA GLY PB 154 -26.76 -36.09 3.21
C GLY PB 154 -27.28 -36.88 2.03
N MET PB 155 -26.44 -37.10 1.03
CA MET PB 155 -26.84 -37.87 -0.14
C MET PB 155 -26.51 -39.34 0.09
N GLY PB 156 -27.46 -40.22 -0.26
CA GLY PB 156 -27.33 -41.63 0.03
C GLY PB 156 -27.90 -42.49 -1.09
N ARG PB 157 -27.46 -43.74 -1.12
CA ARG PB 157 -27.69 -44.64 -2.24
C ARG PB 157 -29.15 -44.92 -2.54
N LEU PB 158 -30.05 -44.51 -1.66
CA LEU PB 158 -31.48 -44.64 -1.97
C LEU PB 158 -31.97 -43.54 -2.91
N VAL PB 159 -31.44 -42.33 -2.77
CA VAL PB 159 -31.72 -41.26 -3.73
C VAL PB 159 -31.45 -41.74 -5.15
N ASP PB 160 -30.25 -42.29 -5.38
CA ASP PB 160 -29.91 -42.70 -6.74
C ASP PB 160 -30.73 -43.91 -7.19
N ARG PB 161 -31.10 -44.78 -6.25
CA ARG PB 161 -32.05 -45.84 -6.59
C ARG PB 161 -33.41 -45.27 -6.97
N ARG PB 162 -33.72 -44.06 -6.53
CA ARG PB 162 -34.90 -43.36 -7.05
C ARG PB 162 -34.64 -42.79 -8.43
N ARG PB 163 -33.46 -42.20 -8.64
CA ARG PB 163 -33.07 -41.78 -9.97
C ARG PB 163 -32.93 -42.98 -10.91
N ASP PB 164 -32.53 -44.14 -10.39
CA ASP PB 164 -32.40 -45.32 -11.22
C ASP PB 164 -33.74 -45.94 -11.59
N SER PB 165 -34.83 -45.50 -10.95
CA SER PB 165 -36.13 -46.15 -10.91
C SER PB 165 -36.09 -47.49 -10.19
N LYS PB 166 -34.93 -47.83 -9.58
CA LYS PB 166 -34.70 -49.18 -9.10
C LYS PB 166 -35.51 -49.53 -7.86
N THR PB 167 -35.99 -48.53 -7.12
CA THR PB 167 -36.94 -48.70 -6.01
C THR PB 167 -38.24 -48.03 -6.48
N ALA PB 168 -39.28 -48.84 -6.69
CA ALA PB 168 -40.48 -48.36 -7.38
C ALA PB 168 -41.10 -47.17 -6.65
N ARG PB 169 -41.29 -46.08 -7.38
CA ARG PB 169 -42.11 -44.98 -6.90
C ARG PB 169 -42.59 -44.10 -8.05
N VAL PB 170 -42.94 -42.86 -7.73
CA VAL PB 170 -43.55 -41.96 -8.70
C VAL PB 170 -42.70 -40.72 -8.93
N GLU PB 171 -41.92 -40.73 -10.01
CA GLU PB 171 -40.81 -39.82 -10.16
C GLU PB 171 -41.22 -38.44 -10.64
N MET PB 172 -42.44 -38.05 -10.36
CA MET PB 172 -42.72 -36.65 -10.14
C MET PB 172 -42.01 -36.13 -8.91
N LEU PB 173 -41.50 -37.02 -8.06
CA LEU PB 173 -41.11 -36.64 -6.73
C LEU PB 173 -39.65 -36.23 -6.68
N THR PB 174 -39.36 -35.21 -5.88
CA THR PB 174 -38.01 -35.01 -5.42
C THR PB 174 -37.59 -36.21 -4.57
N SER PB 175 -36.31 -36.30 -4.27
CA SER PB 175 -35.76 -37.51 -3.66
C SER PB 175 -35.57 -37.38 -2.16
N ASP PB 176 -34.56 -38.08 -1.64
CA ASP PB 176 -33.94 -37.77 -0.35
C ASP PB 176 -34.74 -38.26 0.85
N ALA PB 177 -34.06 -38.33 2.01
CA ALA PB 177 -34.66 -38.66 3.29
C ALA PB 177 -33.62 -38.61 4.41
N THR PB 178 -32.67 -37.70 4.34
CA THR PB 178 -31.60 -37.61 5.35
C THR PB 178 -31.12 -36.17 5.43
N ILE PB 179 -31.27 -35.55 6.61
CA ILE PB 179 -30.93 -34.14 6.78
C ILE PB 179 -30.96 -33.76 8.27
N GLU PB 180 -30.97 -32.45 8.54
CA GLU PB 180 -30.97 -31.89 9.89
C GLU PB 180 -31.94 -30.72 9.92
N GLU PB 181 -32.81 -30.68 10.91
CA GLU PB 181 -34.04 -29.91 10.82
C GLU PB 181 -34.18 -28.90 11.95
N PHE PB 182 -34.57 -27.69 11.60
CA PHE PB 182 -34.87 -26.66 12.57
C PHE PB 182 -36.34 -26.28 12.47
N PRO PB 183 -37.05 -26.19 13.59
CA PRO PB 183 -38.49 -25.93 13.55
C PRO PB 183 -38.78 -24.49 13.17
N GLU PB 184 -39.71 -24.32 12.23
CA GLU PB 184 -40.28 -23.02 11.94
C GLU PB 184 -41.65 -22.86 12.60
N ALA PB 185 -42.57 -23.78 12.30
CA ALA PB 185 -43.90 -23.81 12.89
C ALA PB 185 -44.26 -25.28 13.08
N GLN PB 186 -45.32 -25.54 13.84
CA GLN PB 186 -45.55 -26.85 14.43
C GLN PB 186 -47.03 -26.95 14.82
N VAL PB 187 -47.67 -28.10 14.61
CA VAL PB 187 -49.04 -28.22 15.09
C VAL PB 187 -49.22 -29.55 15.79
N SER PB 188 -48.64 -30.61 15.25
CA SER PB 188 -48.61 -31.89 15.96
C SER PB 188 -47.33 -31.99 16.77
N PRO PB 189 -47.42 -32.11 18.11
CA PRO PB 189 -46.21 -32.26 18.92
C PRO PB 189 -45.47 -33.54 18.63
N PHE PB 190 -46.09 -34.41 17.87
CA PHE PB 190 -45.59 -35.75 17.67
C PHE PB 190 -44.80 -35.87 16.37
N PHE PB 191 -44.91 -34.92 15.45
CA PHE PB 191 -44.37 -35.09 14.10
C PHE PB 191 -43.46 -33.93 13.74
N LYS PB 192 -42.31 -34.26 13.17
CA LYS PB 192 -41.32 -33.35 12.61
C LYS PB 192 -41.31 -33.59 11.10
N ASN PB 193 -42.21 -32.89 10.41
CA ASN PB 193 -42.13 -32.81 8.96
C ASN PB 193 -40.90 -32.02 8.56
N ILE PB 194 -40.15 -32.54 7.58
CA ILE PB 194 -38.95 -31.83 7.18
C ILE PB 194 -39.28 -30.67 6.24
N ASP PB 195 -40.24 -30.90 5.32
CA ASP PB 195 -40.71 -29.92 4.35
C ASP PB 195 -41.63 -30.58 3.34
N LEU PB 196 -42.50 -29.79 2.71
CA LEU PB 196 -43.22 -30.22 1.51
C LEU PB 196 -42.19 -30.30 0.38
N GLN PB 197 -41.61 -31.49 0.24
CA GLN PB 197 -40.49 -31.69 -0.68
C GLN PB 197 -40.81 -31.25 -2.09
N THR PB 198 -42.05 -31.46 -2.55
CA THR PB 198 -42.44 -30.92 -3.85
C THR PB 198 -43.96 -30.95 -3.99
N ALA PB 199 -44.45 -30.25 -5.00
CA ALA PB 199 -45.87 -30.15 -5.28
C ALA PB 199 -46.08 -29.57 -6.67
N LYS PB 200 -46.88 -30.27 -7.47
CA LYS PB 200 -47.08 -29.97 -8.89
C LYS PB 200 -48.52 -30.32 -9.26
N GLN PB 201 -49.26 -29.33 -9.76
CA GLN PB 201 -50.67 -29.54 -10.08
C GLN PB 201 -50.77 -30.24 -11.44
N VAL PB 202 -51.22 -31.49 -11.43
CA VAL PB 202 -51.25 -32.32 -12.63
C VAL PB 202 -52.62 -32.15 -13.27
N GLY PB 203 -52.65 -31.62 -14.50
CA GLY PB 203 -53.92 -31.28 -15.12
C GLY PB 203 -54.64 -32.46 -15.74
N GLY PB 204 -53.91 -33.33 -16.43
CA GLY PB 204 -54.53 -34.41 -17.17
C GLY PB 204 -54.57 -34.12 -18.65
N ALA PB 205 -55.53 -34.72 -19.34
CA ALA PB 205 -55.66 -34.54 -20.77
C ALA PB 205 -57.10 -34.78 -21.19
N GLN PB 206 -57.32 -34.83 -22.51
CA GLN PB 206 -58.64 -35.09 -23.06
C GLN PB 206 -59.15 -36.48 -22.74
N VAL PB 207 -58.25 -37.40 -22.36
CA VAL PB 207 -58.68 -38.73 -21.94
C VAL PB 207 -59.20 -38.71 -20.51
N GLY PB 208 -58.86 -37.70 -19.73
CA GLY PB 208 -59.33 -37.61 -18.36
C GLY PB 208 -58.56 -36.66 -17.46
N VAL PB 209 -59.16 -36.34 -16.32
CA VAL PB 209 -58.59 -35.42 -15.34
C VAL PB 209 -57.75 -36.12 -14.27
N PRO PB 210 -56.88 -35.35 -13.61
CA PRO PB 210 -56.94 -35.36 -12.15
C PRO PB 210 -56.98 -33.93 -11.60
N ILE PB 211 -56.27 -33.01 -12.27
CA ILE PB 211 -56.31 -31.57 -12.03
C ILE PB 211 -55.67 -31.19 -10.70
N LEU PB 212 -55.48 -32.16 -9.81
CA LEU PB 212 -55.10 -31.84 -8.44
C LEU PB 212 -53.60 -31.59 -8.31
N VAL PB 213 -53.16 -31.40 -7.06
CA VAL PB 213 -51.77 -31.08 -6.77
C VAL PB 213 -51.10 -32.35 -6.24
N GLU PB 214 -50.34 -33.01 -7.12
CA GLU PB 214 -49.44 -34.07 -6.68
C GLU PB 214 -48.40 -33.47 -5.74
N PHE PB 215 -48.00 -34.22 -4.71
CA PHE PB 215 -47.01 -33.66 -3.79
C PHE PB 215 -46.18 -34.78 -3.18
N LYS PB 216 -45.12 -34.36 -2.49
CA LYS PB 216 -44.26 -35.26 -1.72
C LYS PB 216 -43.71 -34.57 -0.48
N ILE PB 217 -43.73 -35.33 0.64
CA ILE PB 217 -43.35 -34.92 1.98
C ILE PB 217 -42.55 -36.06 2.62
N THR PB 218 -41.62 -35.70 3.51
CA THR PB 218 -40.95 -36.67 4.37
C THR PB 218 -41.00 -36.18 5.82
N MET PB 219 -41.24 -37.10 6.77
CA MET PB 219 -41.55 -36.71 8.13
C MET PB 219 -41.09 -37.76 9.14
N THR PB 220 -40.33 -37.33 10.15
CA THR PB 220 -39.98 -38.18 11.28
C THR PB 220 -40.92 -37.88 12.43
N SER PB 221 -41.40 -38.93 13.08
CA SER PB 221 -42.52 -38.85 13.98
C SER PB 221 -42.04 -38.50 15.39
N ASN PB 222 -42.67 -39.15 16.38
CA ASN PB 222 -42.03 -39.21 17.69
C ASN PB 222 -42.39 -40.53 18.34
N TYR PB 223 -41.72 -40.83 19.45
CA TYR PB 223 -40.38 -41.39 19.41
C TYR PB 223 -40.27 -42.49 18.35
N MET QB 1 -123.15 75.79 -33.94
CA MET QB 1 -122.89 76.79 -34.96
C MET QB 1 -122.93 76.14 -36.35
N ASP QB 2 -123.58 76.80 -37.30
CA ASP QB 2 -124.12 76.09 -38.46
C ASP QB 2 -123.20 76.05 -39.67
N LYS QB 3 -122.41 77.09 -39.93
CA LYS QB 3 -121.46 77.02 -41.04
C LYS QB 3 -120.60 75.76 -40.95
N TYR QB 4 -120.08 75.47 -39.76
CA TYR QB 4 -119.37 74.21 -39.55
C TYR QB 4 -120.28 73.00 -39.76
N LEU QB 5 -121.57 73.15 -39.47
CA LEU QB 5 -122.49 72.02 -39.57
C LEU QB 5 -122.80 71.68 -41.02
N ASP QB 6 -122.76 72.66 -41.92
CA ASP QB 6 -123.00 72.37 -43.33
C ASP QB 6 -121.69 72.05 -44.04
N GLN QB 7 -120.55 72.50 -43.49
CA GLN QB 7 -119.29 71.85 -43.82
C GLN QB 7 -119.32 70.38 -43.40
N PHE QB 8 -120.11 70.07 -42.35
CA PHE QB 8 -120.31 68.69 -41.91
C PHE QB 8 -121.35 67.95 -42.74
N VAL QB 9 -122.26 68.66 -43.42
CA VAL QB 9 -123.21 67.99 -44.30
C VAL QB 9 -122.63 67.81 -45.71
N LYS QB 10 -121.62 68.61 -46.08
CA LYS QB 10 -121.01 68.50 -47.40
C LYS QB 10 -119.89 67.46 -47.44
N ALA QB 11 -118.96 67.52 -46.48
CA ALA QB 11 -117.68 66.81 -46.58
C ALA QB 11 -117.54 65.50 -45.79
N PRO QB 12 -117.91 65.42 -44.52
CA PRO QB 12 -117.43 64.33 -43.66
C PRO QB 12 -118.04 62.96 -43.97
N PRO QB 13 -118.89 62.82 -44.99
CA PRO QB 13 -118.96 61.48 -45.60
C PRO QB 13 -117.57 61.04 -46.02
N ALA QB 14 -116.86 61.94 -46.71
CA ALA QB 14 -115.50 61.64 -47.15
C ALA QB 14 -114.56 61.44 -45.97
N ILE QB 15 -114.68 62.28 -44.93
CA ILE QB 15 -113.72 62.23 -43.83
C ILE QB 15 -113.98 61.03 -42.92
N LYS QB 16 -115.25 60.72 -42.66
CA LYS QB 16 -115.57 59.52 -41.88
C LYS QB 16 -115.13 58.27 -42.63
N PHE QB 17 -115.47 58.16 -43.91
CA PHE QB 17 -115.00 57.02 -44.70
C PHE QB 17 -113.48 56.90 -44.64
N GLY QB 18 -112.78 58.03 -44.81
CA GLY QB 18 -111.33 58.00 -44.74
C GLY QB 18 -110.82 57.49 -43.41
N GLY QB 19 -111.38 58.01 -42.31
CA GLY QB 19 -110.96 57.53 -40.99
C GLY QB 19 -111.15 56.04 -40.83
N LEU QB 20 -112.33 55.54 -41.23
CA LEU QB 20 -112.56 54.09 -41.23
C LEU QB 20 -111.47 53.37 -42.02
N ALA QB 21 -111.05 53.96 -43.14
CA ALA QB 21 -110.07 53.29 -43.99
C ALA QB 21 -108.68 53.26 -43.34
N PHE QB 22 -108.24 54.38 -42.75
CA PHE QB 22 -106.96 54.37 -42.07
C PHE QB 22 -106.97 53.39 -40.90
N VAL QB 23 -108.10 53.29 -40.20
CA VAL QB 23 -108.20 52.33 -39.11
C VAL QB 23 -108.08 50.91 -39.62
N VAL QB 24 -108.81 50.57 -40.69
CA VAL QB 24 -108.75 49.18 -41.18
C VAL QB 24 -107.37 48.87 -41.74
N GLY QB 25 -106.70 49.86 -42.33
CA GLY QB 25 -105.32 49.67 -42.72
C GLY QB 25 -104.41 49.36 -41.55
N ALA QB 26 -104.57 50.11 -40.45
CA ALA QB 26 -103.78 49.83 -39.25
C ALA QB 26 -104.04 48.42 -38.73
N LEU QB 27 -105.31 48.01 -38.66
CA LEU QB 27 -105.64 46.70 -38.13
C LEU QB 27 -105.09 45.58 -39.01
N THR QB 28 -105.06 45.79 -40.33
CA THR QB 28 -104.47 44.80 -41.21
C THR QB 28 -102.95 44.76 -41.06
N ALA QB 29 -102.31 45.91 -40.88
CA ALA QB 29 -100.89 45.89 -40.52
C ALA QB 29 -100.67 45.04 -39.26
N ALA QB 30 -101.53 45.23 -38.25
CA ALA QB 30 -101.37 44.54 -36.98
C ALA QB 30 -101.56 43.03 -37.13
N ASN QB 31 -102.58 42.59 -37.89
CA ASN QB 31 -102.79 41.16 -37.99
C ASN QB 31 -101.75 40.49 -38.88
N PHE QB 32 -101.22 41.22 -39.87
CA PHE QB 32 -100.12 40.66 -40.65
C PHE QB 32 -98.87 40.49 -39.80
N PHE QB 33 -98.58 41.47 -38.94
CA PHE QB 33 -97.47 41.28 -38.01
C PHE QB 33 -97.74 40.12 -37.06
N MET QB 34 -98.99 39.98 -36.62
CA MET QB 34 -99.39 38.89 -35.73
C MET QB 34 -99.51 37.55 -36.44
N VAL QB 35 -99.32 37.49 -37.76
CA VAL QB 35 -99.10 36.21 -38.40
C VAL QB 35 -97.63 35.99 -38.77
N ILE QB 36 -96.84 37.06 -38.83
CA ILE QB 36 -95.39 36.89 -39.05
C ILE QB 36 -94.71 36.39 -37.77
N GLN QB 37 -95.13 36.88 -36.61
CA GLN QB 37 -94.49 36.43 -35.37
C GLN QB 37 -94.67 34.94 -35.08
N PRO QB 38 -95.86 34.33 -35.27
CA PRO QB 38 -95.95 32.87 -35.09
C PRO QB 38 -95.10 32.08 -36.07
N THR QB 39 -94.78 32.65 -37.24
CA THR QB 39 -93.82 32.01 -38.13
C THR QB 39 -92.47 31.86 -37.45
N GLU QB 40 -91.92 32.98 -36.96
CA GLU QB 40 -90.62 32.94 -36.29
C GLU QB 40 -90.64 32.00 -35.10
N GLU QB 41 -91.66 32.13 -34.24
CA GLU QB 41 -91.79 31.23 -33.10
C GLU QB 41 -91.79 29.77 -33.56
N GLU QB 42 -92.43 29.52 -34.71
CA GLU QB 42 -92.61 28.17 -35.20
C GLU QB 42 -91.30 27.57 -35.72
N ILE QB 43 -90.54 28.36 -36.47
CA ILE QB 43 -89.20 27.96 -36.87
C ILE QB 43 -88.35 27.68 -35.64
N GLY QB 44 -88.53 28.49 -34.58
CA GLY QB 44 -87.81 28.24 -33.35
C GLY QB 44 -88.14 26.88 -32.74
N TRP QB 45 -89.43 26.57 -32.59
CA TRP QB 45 -89.82 25.26 -32.05
C TRP QB 45 -89.34 24.13 -32.95
N ALA QB 46 -89.29 24.37 -34.26
CA ALA QB 46 -88.65 23.41 -35.16
C ALA QB 46 -87.23 23.15 -34.72
N VAL QB 47 -86.44 24.22 -34.56
CA VAL QB 47 -85.02 24.07 -34.24
C VAL QB 47 -84.83 23.38 -32.89
N ALA QB 48 -85.74 23.61 -31.93
CA ALA QB 48 -85.65 22.88 -30.67
C ALA QB 48 -85.93 21.39 -30.88
N GLU QB 49 -87.08 21.08 -31.51
CA GLU QB 49 -87.49 19.69 -31.67
C GLU QB 49 -86.44 18.87 -32.40
N ARG QB 50 -85.91 19.39 -33.52
CA ARG QB 50 -84.89 18.64 -34.25
C ARG QB 50 -83.67 18.39 -33.38
N ARG QB 51 -83.32 19.35 -32.52
CA ARG QB 51 -82.21 19.14 -31.60
C ARG QB 51 -82.55 18.07 -30.57
N LYS QB 52 -83.84 17.81 -30.32
CA LYS QB 52 -84.18 16.67 -29.47
C LYS QB 52 -84.11 15.35 -30.24
N LEU QB 53 -84.60 15.34 -31.49
CA LEU QB 53 -84.42 14.18 -32.36
C LEU QB 53 -82.97 13.73 -32.37
N ASP QB 54 -82.04 14.68 -32.57
CA ASP QB 54 -80.64 14.33 -32.80
C ASP QB 54 -79.91 13.88 -31.55
N LEU QB 55 -80.30 14.35 -30.37
CA LEU QB 55 -79.74 13.80 -29.14
C LEU QB 55 -80.31 12.43 -28.83
N GLU QB 56 -81.60 12.24 -29.08
CA GLU QB 56 -82.20 10.93 -28.87
C GLU QB 56 -81.53 9.88 -29.76
N LEU QB 57 -81.23 10.25 -31.01
CA LEU QB 57 -80.47 9.33 -31.85
C LEU QB 57 -79.11 8.98 -31.23
N ALA QB 58 -78.53 9.88 -30.44
CA ALA QB 58 -77.31 9.51 -29.72
C ALA QB 58 -77.61 8.47 -28.67
N ASP QB 59 -78.67 8.69 -27.87
CA ASP QB 59 -79.01 7.72 -26.84
C ASP QB 59 -79.31 6.34 -27.43
N LYS QB 60 -79.88 6.28 -28.64
CA LYS QB 60 -80.22 4.96 -29.19
C LYS QB 60 -78.96 4.14 -29.47
N SER QB 61 -77.96 4.74 -30.11
CA SER QB 61 -76.73 4.01 -30.38
C SER QB 61 -76.01 3.66 -29.09
N GLU QB 62 -75.97 4.59 -28.13
CA GLU QB 62 -75.34 4.30 -26.85
C GLU QB 62 -75.94 3.06 -26.19
N ILE QB 63 -77.28 3.03 -26.10
CA ILE QB 63 -77.92 1.94 -25.37
C ILE QB 63 -77.91 0.65 -26.18
N ALA QB 64 -77.96 0.74 -27.51
CA ALA QB 64 -77.82 -0.46 -28.32
C ALA QB 64 -76.45 -1.09 -28.13
N GLN QB 65 -75.42 -0.25 -28.01
CA GLN QB 65 -74.08 -0.76 -27.73
C GLN QB 65 -74.00 -1.37 -26.33
N ASN QB 66 -74.66 -0.74 -25.35
CA ASN QB 66 -74.71 -1.31 -24.01
C ASN QB 66 -75.46 -2.63 -23.99
N LEU QB 67 -76.48 -2.78 -24.85
CA LEU QB 67 -77.20 -4.05 -24.97
C LEU QB 67 -76.29 -5.14 -25.53
N ASN QB 68 -75.61 -4.84 -26.64
CA ASN QB 68 -74.61 -5.76 -27.18
C ASN QB 68 -73.63 -6.19 -26.09
N GLU QB 69 -73.10 -5.23 -25.32
CA GLU QB 69 -72.17 -5.59 -24.25
C GLU QB 69 -72.84 -6.43 -23.17
N ARG QB 70 -74.14 -6.24 -22.94
CA ARG QB 70 -74.79 -7.20 -22.06
C ARG QB 70 -74.63 -8.57 -22.65
N ARG QB 71 -75.29 -8.80 -23.80
CA ARG QB 71 -75.39 -10.12 -24.41
C ARG QB 71 -74.04 -10.80 -24.25
N ARG QB 72 -73.02 -10.08 -24.75
CA ARG QB 72 -71.61 -10.33 -24.49
C ARG QB 72 -71.45 -11.01 -23.13
N GLU QB 73 -71.65 -10.30 -22.03
CA GLU QB 73 -71.23 -11.01 -20.81
C GLU QB 73 -72.33 -11.65 -19.95
N MET QB 74 -73.59 -11.23 -20.06
CA MET QB 74 -74.64 -11.94 -19.34
C MET QB 74 -74.81 -13.36 -19.85
N ASP QB 75 -74.70 -13.56 -21.18
CA ASP QB 75 -74.87 -14.91 -21.70
C ASP QB 75 -73.66 -15.78 -21.40
N VAL QB 76 -72.48 -15.16 -21.31
CA VAL QB 76 -71.28 -15.86 -20.85
C VAL QB 76 -71.42 -16.20 -19.37
N LEU QB 77 -72.10 -15.32 -18.60
CA LEU QB 77 -72.27 -15.58 -17.19
C LEU QB 77 -73.30 -16.68 -16.96
N GLU QB 78 -74.17 -16.93 -17.95
CA GLU QB 78 -75.17 -18.00 -17.87
C GLU QB 78 -74.61 -19.34 -18.37
N GLN QB 79 -73.30 -19.43 -18.51
CA GLN QB 79 -72.66 -20.56 -19.16
C GLN QB 79 -72.75 -21.80 -18.28
N LYS QB 80 -72.45 -22.96 -18.85
CA LYS QB 80 -72.93 -24.20 -18.27
C LYS QB 80 -71.85 -25.19 -17.87
N LEU QB 81 -72.27 -26.44 -17.69
CA LEU QB 81 -71.43 -27.57 -17.27
C LEU QB 81 -70.31 -27.88 -18.24
N SER QB 82 -69.11 -27.46 -17.86
CA SER QB 82 -67.93 -27.63 -18.70
C SER QB 82 -66.76 -27.15 -17.87
N GLU QB 83 -65.89 -26.38 -18.49
CA GLU QB 83 -65.22 -25.35 -17.72
C GLU QB 83 -66.28 -24.38 -17.20
N ALA QB 84 -66.00 -23.79 -16.04
CA ALA QB 84 -66.78 -22.70 -15.50
C ALA QB 84 -65.85 -21.54 -15.19
N LEU QB 85 -66.33 -20.31 -15.42
CA LEU QB 85 -65.52 -19.12 -15.21
C LEU QB 85 -65.78 -18.54 -13.82
N THR QB 86 -64.98 -17.56 -13.43
CA THR QB 86 -65.40 -16.60 -12.42
C THR QB 86 -66.23 -15.53 -13.12
N GLU QB 87 -66.93 -14.73 -12.31
CA GLU QB 87 -67.53 -13.50 -12.78
C GLU QB 87 -66.57 -12.71 -13.63
N LEU QB 88 -67.11 -11.97 -14.60
CA LEU QB 88 -66.30 -11.09 -15.41
C LEU QB 88 -66.89 -9.70 -15.41
N PRO QB 89 -66.38 -8.78 -14.60
CA PRO QB 89 -66.61 -7.36 -14.85
C PRO QB 89 -65.57 -6.82 -15.82
N GLU QB 90 -65.86 -5.73 -16.51
CA GLU QB 90 -64.85 -5.10 -17.36
C GLU QB 90 -63.75 -4.54 -16.48
N GLN QB 91 -62.68 -5.31 -16.28
CA GLN QB 91 -61.55 -4.80 -15.52
C GLN QB 91 -60.78 -3.78 -16.35
N ARG QB 92 -60.15 -4.24 -17.43
CA ARG QB 92 -59.57 -3.37 -18.46
C ARG QB 92 -58.48 -2.46 -17.89
N ASP QB 93 -57.72 -2.98 -16.94
CA ASP QB 93 -56.48 -2.32 -16.48
C ASP QB 93 -55.49 -3.44 -16.13
N ILE QB 94 -54.48 -3.60 -16.98
CA ILE QB 94 -53.57 -4.74 -16.84
C ILE QB 94 -52.34 -4.35 -16.04
N GLU QB 95 -51.72 -3.21 -16.39
CA GLU QB 95 -50.48 -2.80 -15.74
C GLU QB 95 -50.65 -2.62 -14.24
N GLU QB 96 -51.85 -2.24 -13.80
CA GLU QB 96 -52.12 -2.19 -12.37
C GLU QB 96 -52.20 -3.58 -11.78
N LEU QB 97 -52.63 -4.57 -12.58
CA LEU QB 97 -52.61 -5.95 -12.13
C LEU QB 97 -51.17 -6.44 -11.93
N LEU QB 98 -50.30 -6.17 -12.91
CA LEU QB 98 -48.90 -6.54 -12.74
C LEU QB 98 -48.30 -5.83 -11.53
N ALA QB 99 -48.57 -4.54 -11.38
CA ALA QB 99 -48.02 -3.78 -10.26
C ALA QB 99 -48.48 -4.34 -8.92
N GLN QB 100 -49.78 -4.64 -8.80
CA GLN QB 100 -50.30 -5.13 -7.53
C GLN QB 100 -49.82 -6.54 -7.23
N ILE QB 101 -49.59 -7.35 -8.28
CA ILE QB 101 -48.94 -8.64 -8.09
C ILE QB 101 -47.55 -8.43 -7.52
N ASN QB 102 -46.80 -7.46 -8.05
CA ASN QB 102 -45.48 -7.17 -7.49
C ASN QB 102 -45.59 -6.75 -6.03
N ASP QB 103 -46.60 -5.95 -5.68
CA ASP QB 103 -46.71 -5.44 -4.33
C ASP QB 103 -47.06 -6.55 -3.33
N ILE QB 104 -48.07 -7.37 -3.66
CA ILE QB 104 -48.40 -8.47 -2.77
C ILE QB 104 -47.25 -9.46 -2.68
N GLY QB 105 -46.45 -9.57 -3.74
CA GLY QB 105 -45.24 -10.37 -3.66
C GLY QB 105 -44.25 -9.79 -2.67
N LYS QB 106 -44.04 -8.48 -2.73
CA LYS QB 106 -43.04 -7.84 -1.86
C LYS QB 106 -43.46 -7.89 -0.40
N LYS QB 107 -44.73 -7.61 -0.11
CA LYS QB 107 -45.16 -7.64 1.29
C LYS QB 107 -45.28 -9.07 1.82
N SER QB 108 -45.31 -10.07 0.95
CA SER QB 108 -45.23 -11.44 1.40
C SER QB 108 -43.80 -11.92 1.58
N GLY QB 109 -42.81 -11.11 1.21
CA GLY QB 109 -41.41 -11.44 1.38
C GLY QB 109 -40.79 -12.22 0.24
N LEU QB 110 -41.51 -12.42 -0.86
CA LEU QB 110 -41.03 -13.27 -1.94
C LEU QB 110 -40.18 -12.48 -2.94
N GLU QB 111 -39.16 -13.13 -3.47
CA GLU QB 111 -38.41 -12.58 -4.60
C GLU QB 111 -39.14 -12.94 -5.89
N LEU QB 112 -39.59 -11.92 -6.61
CA LEU QB 112 -40.30 -12.13 -7.87
C LEU QB 112 -39.25 -12.33 -8.96
N SER QB 113 -38.93 -13.59 -9.24
CA SER QB 113 -37.87 -13.89 -10.19
C SER QB 113 -38.31 -13.71 -11.64
N SER QB 114 -39.60 -13.81 -11.94
CA SER QB 114 -40.06 -13.57 -13.31
C SER QB 114 -41.57 -13.44 -13.36
N VAL QB 115 -42.06 -12.39 -14.02
CA VAL QB 115 -43.47 -12.31 -14.41
C VAL QB 115 -43.53 -12.29 -15.93
N THR QB 116 -44.30 -13.20 -16.50
CA THR QB 116 -44.36 -13.36 -17.94
C THR QB 116 -45.81 -13.30 -18.39
N PRO QB 117 -46.21 -12.30 -19.18
CA PRO QB 117 -47.60 -12.28 -19.68
C PRO QB 117 -47.82 -13.44 -20.64
N GLY QB 118 -49.03 -13.55 -21.13
CA GLY QB 118 -49.38 -14.64 -22.02
C GLY QB 118 -49.84 -14.15 -23.36
N LYS QB 119 -50.40 -15.08 -24.12
CA LYS QB 119 -51.17 -14.70 -25.29
C LYS QB 119 -52.64 -14.74 -24.94
N GLU QB 120 -53.40 -13.85 -25.57
CA GLU QB 120 -54.84 -13.89 -25.42
C GLU QB 120 -55.38 -15.16 -26.07
N SER QB 121 -56.36 -15.78 -25.41
CA SER QB 121 -56.92 -17.06 -25.85
C SER QB 121 -58.05 -16.78 -26.83
N VAL QB 122 -57.69 -16.67 -28.12
CA VAL QB 122 -58.64 -16.29 -29.16
C VAL QB 122 -59.80 -17.26 -29.24
N GLY QB 123 -59.58 -18.53 -28.89
CA GLY QB 123 -60.65 -19.50 -28.82
C GLY QB 123 -60.97 -19.92 -27.40
N GLY QB 124 -60.78 -19.01 -26.45
CA GLY QB 124 -61.07 -19.26 -25.06
C GLY QB 124 -62.37 -18.62 -24.61
N GLY QB 125 -63.16 -18.17 -25.58
CA GLY QB 125 -64.42 -17.51 -25.30
C GLY QB 125 -64.94 -16.74 -26.49
N GLU QB 126 -66.26 -16.73 -26.70
CA GLU QB 126 -66.81 -15.90 -27.76
C GLU QB 126 -66.84 -14.43 -27.37
N PHE QB 127 -66.98 -14.14 -26.09
CA PHE QB 127 -67.16 -12.76 -25.64
C PHE QB 127 -66.00 -12.23 -24.83
N PHE QB 128 -64.86 -12.93 -24.78
CA PHE QB 128 -63.73 -12.51 -23.97
C PHE QB 128 -62.46 -13.19 -24.45
N ALA QB 129 -61.39 -12.40 -24.55
CA ALA QB 129 -60.05 -12.91 -24.77
C ALA QB 129 -59.37 -13.02 -23.41
N ARG QB 130 -59.06 -14.24 -22.99
CA ARG QB 130 -58.36 -14.44 -21.74
C ARG QB 130 -56.88 -14.21 -21.95
N ILE QB 131 -56.30 -13.32 -21.15
CA ILE QB 131 -54.85 -13.13 -21.11
C ILE QB 131 -54.32 -13.86 -19.85
N PRO QB 132 -53.49 -14.88 -20.02
CA PRO QB 132 -52.88 -15.53 -18.84
C PRO QB 132 -51.54 -14.89 -18.50
N ILE QB 133 -51.24 -14.85 -17.22
CA ILE QB 133 -50.01 -14.30 -16.69
C ILE QB 133 -49.39 -15.37 -15.82
N LYS QB 134 -48.16 -15.78 -16.15
CA LYS QB 134 -47.43 -16.77 -15.38
C LYS QB 134 -46.45 -16.05 -14.47
N MET QB 135 -46.59 -16.25 -13.16
CA MET QB 135 -45.76 -15.57 -12.18
C MET QB 135 -44.83 -16.57 -11.49
N THR QB 136 -43.64 -16.11 -11.15
CA THR QB 136 -42.52 -16.96 -10.75
C THR QB 136 -41.82 -16.25 -9.58
N VAL QB 137 -42.09 -16.75 -8.37
CA VAL QB 137 -41.69 -16.12 -7.11
C VAL QB 137 -41.07 -17.19 -6.22
N SER QB 138 -40.11 -16.81 -5.39
CA SER QB 138 -39.40 -17.78 -4.57
C SER QB 138 -39.42 -17.36 -3.10
N GLY QB 139 -39.56 -18.34 -2.22
CA GLY QB 139 -39.48 -18.06 -0.79
C GLY QB 139 -39.88 -19.28 0.03
N ASN QB 140 -40.59 -19.01 1.11
CA ASN QB 140 -41.03 -20.04 2.05
C ASN QB 140 -42.44 -20.50 1.71
N TYR QB 141 -42.76 -21.75 2.11
CA TYR QB 141 -44.10 -22.29 1.88
C TYR QB 141 -45.19 -21.38 2.44
N HIS QB 142 -45.01 -20.93 3.69
CA HIS QB 142 -45.95 -20.00 4.30
C HIS QB 142 -46.11 -18.74 3.46
N GLU QB 143 -45.00 -18.25 2.91
CA GLU QB 143 -45.04 -16.99 2.15
C GLU QB 143 -45.69 -17.17 0.79
N ILE QB 144 -45.56 -18.35 0.17
CA ILE QB 144 -46.20 -18.54 -1.14
C ILE QB 144 -47.68 -18.83 -0.97
N ALA QB 145 -48.05 -19.65 0.03
CA ALA QB 145 -49.45 -19.73 0.41
C ALA QB 145 -50.02 -18.33 0.63
N LEU QB 146 -49.25 -17.47 1.28
CA LEU QB 146 -49.67 -16.09 1.56
C LEU QB 146 -49.88 -15.32 0.27
N PHE QB 147 -48.87 -15.32 -0.60
CA PHE QB 147 -48.95 -14.63 -1.88
C PHE QB 147 -50.17 -15.06 -2.68
N LEU QB 148 -50.40 -16.37 -2.74
CA LEU QB 148 -51.57 -16.91 -3.42
C LEU QB 148 -52.87 -16.38 -2.81
N GLN QB 149 -53.00 -16.47 -1.48
CA GLN QB 149 -54.26 -16.09 -0.86
C GLN QB 149 -54.52 -14.58 -1.00
N GLU QB 150 -53.46 -13.78 -1.05
CA GLU QB 150 -53.63 -12.34 -1.27
C GLU QB 150 -54.08 -12.06 -2.70
N MET QB 151 -53.51 -12.77 -3.68
CA MET QB 151 -53.96 -12.56 -5.06
C MET QB 151 -55.39 -13.07 -5.24
N ALA QB 152 -55.79 -14.09 -4.47
CA ALA QB 152 -57.15 -14.58 -4.49
C ALA QB 152 -58.09 -13.73 -3.64
N ASN QB 153 -57.57 -12.74 -2.91
CA ASN QB 153 -58.41 -11.77 -2.21
C ASN QB 153 -58.36 -10.38 -2.86
N MET QB 154 -57.78 -10.26 -4.05
CA MET QB 154 -57.64 -8.96 -4.69
C MET QB 154 -58.99 -8.48 -5.24
N ARG QB 155 -59.04 -7.19 -5.56
CA ARG QB 155 -60.21 -6.57 -6.18
C ARG QB 155 -60.15 -6.58 -7.70
N ARG QB 156 -59.32 -7.42 -8.29
CA ARG QB 156 -59.24 -7.49 -9.75
C ARG QB 156 -59.32 -8.95 -10.18
N ILE QB 157 -59.37 -9.16 -11.50
CA ILE QB 157 -59.83 -10.40 -12.10
C ILE QB 157 -58.65 -11.34 -12.34
N VAL QB 158 -57.89 -11.63 -11.29
CA VAL QB 158 -56.72 -12.48 -11.45
C VAL QB 158 -57.05 -13.88 -10.91
N ASN QB 159 -57.71 -14.68 -11.73
CA ASN QB 159 -58.11 -16.02 -11.31
C ASN QB 159 -56.92 -16.98 -11.36
N VAL QB 160 -56.34 -17.26 -10.21
CA VAL QB 160 -55.20 -18.18 -10.13
C VAL QB 160 -55.71 -19.62 -10.27
N ASN QB 161 -55.00 -20.40 -11.08
CA ASN QB 161 -55.43 -21.77 -11.33
C ASN QB 161 -54.31 -22.78 -11.06
N ASN QB 162 -53.62 -23.20 -12.11
CA ASN QB 162 -52.67 -24.30 -12.00
C ASN QB 162 -51.38 -23.82 -11.34
N ILE QB 163 -51.06 -24.42 -10.19
CA ILE QB 163 -49.96 -24.01 -9.32
C ILE QB 163 -48.88 -25.06 -9.33
N LYS QB 164 -47.64 -24.64 -9.11
CA LYS QB 164 -46.56 -25.59 -8.88
C LYS QB 164 -45.48 -24.91 -8.05
N PHE QB 165 -44.64 -25.71 -7.39
CA PHE QB 165 -43.46 -25.20 -6.70
C PHE QB 165 -42.57 -26.37 -6.31
N ASP QB 166 -41.30 -26.07 -6.09
CA ASP QB 166 -40.28 -27.08 -5.85
C ASP QB 166 -39.11 -26.43 -5.13
N SER QB 167 -38.17 -27.26 -4.69
CA SER QB 167 -37.03 -26.79 -3.90
C SER QB 167 -35.91 -26.35 -4.85
N ALA QB 168 -35.56 -25.06 -4.81
CA ALA QB 168 -34.70 -24.47 -5.84
C ALA QB 168 -33.22 -24.80 -5.65
N LYS QB 169 -32.83 -25.37 -4.51
CA LYS QB 169 -31.42 -25.61 -4.21
C LYS QB 169 -31.05 -27.02 -4.67
N LEU QB 170 -30.13 -27.10 -5.64
CA LEU QB 170 -29.62 -28.40 -6.10
C LEU QB 170 -29.26 -29.29 -4.93
N LYS QB 171 -28.14 -28.98 -4.28
CA LYS QB 171 -27.62 -29.77 -3.18
C LYS QB 171 -28.59 -29.84 -1.99
N ASN QB 172 -29.58 -28.96 -1.93
CA ASN QB 172 -30.47 -28.88 -0.78
C ASN QB 172 -29.67 -28.65 0.48
N GLU QB 173 -29.15 -27.44 0.66
CA GLU QB 173 -28.42 -27.06 1.86
C GLU QB 173 -29.15 -25.99 2.67
N LYS QB 174 -30.19 -25.38 2.10
CA LYS QB 174 -31.04 -24.46 2.83
C LYS QB 174 -32.45 -24.54 2.25
N VAL QB 175 -33.44 -24.25 3.08
CA VAL QB 175 -34.82 -24.28 2.60
C VAL QB 175 -35.06 -23.12 1.65
N VAL QB 176 -35.70 -23.43 0.52
CA VAL QB 176 -36.08 -22.42 -0.47
C VAL QB 176 -36.99 -23.09 -1.50
N LEU QB 177 -38.12 -22.45 -1.80
CA LEU QB 177 -39.10 -22.98 -2.72
C LEU QB 177 -39.35 -21.99 -3.84
N GLN QB 178 -38.88 -22.34 -5.04
CA GLN QB 178 -39.32 -21.64 -6.24
C GLN QB 178 -40.75 -22.06 -6.56
N SER QB 179 -41.58 -21.08 -6.87
CA SER QB 179 -43.00 -21.27 -7.10
C SER QB 179 -43.42 -20.60 -8.39
N GLU QB 180 -44.22 -21.31 -9.17
CA GLU QB 180 -44.71 -20.81 -10.45
C GLU QB 180 -46.23 -21.00 -10.43
N PHE QB 181 -46.94 -19.87 -10.33
CA PHE QB 181 -48.39 -19.84 -10.30
C PHE QB 181 -48.89 -19.26 -11.63
N GLN QB 182 -49.99 -19.81 -12.13
CA GLN QB 182 -50.62 -19.31 -13.35
C GLN QB 182 -51.92 -18.62 -12.97
N ALA QB 183 -52.08 -17.38 -13.42
CA ALA QB 183 -53.25 -16.60 -13.06
C ALA QB 183 -53.61 -15.66 -14.22
N THR QB 184 -54.90 -15.60 -14.55
CA THR QB 184 -55.34 -14.99 -15.79
C THR QB 184 -56.48 -14.01 -15.56
N THR QB 185 -56.55 -12.98 -16.41
CA THR QB 185 -57.69 -12.06 -16.43
C THR QB 185 -58.33 -12.06 -17.83
N PHE QB 186 -59.59 -11.62 -17.90
CA PHE QB 186 -60.41 -11.90 -19.07
C PHE QB 186 -60.86 -10.63 -19.80
N ARG QB 187 -59.99 -10.08 -20.65
CA ARG QB 187 -60.32 -8.90 -21.46
C ARG QB 187 -61.48 -9.23 -22.39
N PHE QB 188 -62.05 -8.23 -23.06
CA PHE QB 188 -63.10 -8.49 -24.04
C PHE QB 188 -62.47 -8.96 -25.35
N VAL QB 189 -63.30 -9.32 -26.32
CA VAL QB 189 -62.80 -9.90 -27.55
C VAL QB 189 -62.12 -8.86 -28.45
N ALA RB 37 -140.95 65.51 -54.93
CA ALA RB 37 -142.38 65.71 -55.13
C ALA RB 37 -142.67 67.16 -55.53
N LYS RB 38 -143.89 67.41 -55.99
CA LYS RB 38 -144.28 68.71 -56.53
C LYS RB 38 -144.77 69.61 -55.40
N GLY RB 39 -143.89 70.49 -54.93
CA GLY RB 39 -144.20 71.37 -53.82
C GLY RB 39 -144.33 72.84 -54.20
N LYS RB 40 -145.11 73.56 -53.40
CA LYS RB 40 -145.17 75.02 -53.48
C LYS RB 40 -144.30 75.54 -52.33
N LEU RB 41 -143.11 75.97 -52.69
CA LEU RB 41 -142.04 76.21 -51.75
C LEU RB 41 -142.27 77.58 -51.10
N VAL RB 42 -141.20 78.34 -50.80
CA VAL RB 42 -141.44 79.73 -50.36
C VAL RB 42 -140.37 80.66 -50.95
N LEU RB 43 -140.44 81.92 -50.54
CA LEU RB 43 -139.59 82.93 -51.13
C LEU RB 43 -139.18 83.98 -50.11
N GLY RB 44 -137.88 84.06 -49.85
CA GLY RB 44 -137.34 85.11 -49.02
C GLY RB 44 -136.54 86.08 -49.85
N LEU RB 45 -136.39 87.29 -49.33
CA LEU RB 45 -135.43 88.23 -49.90
C LEU RB 45 -134.13 88.16 -49.09
N ASP RB 46 -133.34 87.14 -49.39
CA ASP RB 46 -132.22 86.80 -48.53
C ASP RB 46 -131.07 87.79 -48.68
N ILE RB 47 -130.91 88.37 -49.86
CA ILE RB 47 -129.84 89.36 -50.02
C ILE RB 47 -130.45 90.75 -50.07
N GLY RB 48 -131.42 91.02 -49.19
CA GLY RB 48 -131.95 92.36 -49.08
C GLY RB 48 -131.00 93.33 -48.41
N SER RB 49 -130.08 92.83 -47.58
CA SER RB 49 -129.13 93.68 -46.87
C SER RB 49 -129.84 94.70 -45.98
N THR RB 50 -130.75 95.50 -46.54
CA THR RB 50 -131.60 96.33 -45.68
C THR RB 50 -132.72 95.51 -45.06
N SER RB 51 -133.27 94.54 -45.77
CA SER RB 51 -134.43 93.84 -45.26
C SER RB 51 -134.56 92.41 -45.80
N ILE RB 52 -134.81 91.48 -44.87
CA ILE RB 52 -135.21 90.12 -45.18
C ILE RB 52 -136.72 90.10 -45.35
N LYS RB 53 -137.18 89.79 -46.55
CA LYS RB 53 -138.60 89.75 -46.89
C LYS RB 53 -138.94 88.36 -47.40
N MET RB 54 -140.20 87.95 -47.26
CA MET RB 54 -140.60 86.61 -47.60
C MET RB 54 -142.06 86.62 -48.08
N ILE RB 55 -142.39 85.76 -49.04
CA ILE RB 55 -143.70 85.78 -49.68
C ILE RB 55 -144.19 84.35 -49.91
N LEU RB 56 -145.48 84.12 -49.65
CA LEU RB 56 -146.16 82.88 -49.96
C LEU RB 56 -147.35 83.17 -50.87
N LEU RB 57 -147.26 82.72 -52.13
CA LEU RB 57 -148.39 82.58 -53.03
C LEU RB 57 -148.74 81.10 -53.18
N LYS RB 58 -150.00 80.78 -53.48
CA LYS RB 58 -150.30 79.40 -53.84
C LYS RB 58 -151.61 79.36 -54.62
N GLU RB 59 -152.01 78.14 -54.95
CA GLU RB 59 -153.28 77.85 -55.61
C GLU RB 59 -154.43 78.23 -54.68
N GLN RB 60 -154.97 79.43 -54.85
CA GLN RB 60 -156.12 79.86 -54.05
C GLN RB 60 -157.42 79.49 -54.76
N ARG RB 61 -158.35 78.93 -54.00
CA ARG RB 61 -159.66 78.54 -54.51
C ARG RB 61 -160.70 79.60 -54.19
N LYS RB 62 -161.43 80.04 -55.22
CA LYS RB 62 -162.65 80.82 -55.04
C LYS RB 62 -163.65 80.38 -56.10
N ARG RB 63 -164.84 79.99 -55.65
CA ARG RB 63 -165.95 79.62 -56.53
C ARG RB 63 -165.55 78.51 -57.50
N GLY RB 64 -164.86 77.50 -56.99
CA GLY RB 64 -164.47 76.37 -57.79
C GLY RB 64 -163.36 76.63 -58.78
N GLU RB 65 -162.82 77.84 -58.81
CA GLU RB 65 -161.67 78.18 -59.64
C GLU RB 65 -160.45 78.35 -58.75
N VAL RB 66 -159.29 78.11 -59.32
CA VAL RB 66 -158.03 78.18 -58.61
C VAL RB 66 -157.03 78.93 -59.49
N ILE RB 67 -156.26 79.82 -58.87
CA ILE RB 67 -155.16 80.49 -59.52
C ILE RB 67 -154.12 80.82 -58.46
N TYR RB 68 -152.89 81.05 -58.90
CA TYR RB 68 -151.85 81.61 -58.05
C TYR RB 68 -152.40 82.82 -57.30
N ALA RB 69 -152.14 82.89 -56.00
CA ALA RB 69 -152.60 84.04 -55.25
C ALA RB 69 -151.75 84.26 -54.02
N LEU RB 70 -151.61 85.53 -53.63
CA LEU RB 70 -150.87 85.89 -52.43
C LEU RB 70 -151.52 85.28 -51.20
N GLN RB 71 -150.73 84.56 -50.43
CA GLN RB 71 -151.18 83.98 -49.17
C GLN RB 71 -150.59 84.70 -47.96
N SER RB 72 -149.33 85.08 -48.04
CA SER RB 72 -148.72 85.84 -46.96
C SER RB 72 -147.47 86.53 -47.49
N PHE RB 73 -146.88 87.36 -46.63
CA PHE RB 73 -145.64 88.09 -46.89
C PHE RB 73 -145.19 88.64 -45.55
N GLY RB 74 -143.91 88.97 -45.45
CA GLY RB 74 -143.34 89.35 -44.18
C GLY RB 74 -142.03 90.05 -44.40
N MET RB 75 -141.72 91.00 -43.53
CA MET RB 75 -140.54 91.83 -43.72
C MET RB 75 -139.94 92.18 -42.37
N LYS RB 76 -138.64 91.98 -42.24
CA LYS RB 76 -137.87 92.36 -41.07
C LYS RB 76 -136.55 92.96 -41.54
N PRO RB 77 -136.16 94.12 -41.04
CA PRO RB 77 -134.88 94.70 -41.45
C PRO RB 77 -133.73 93.80 -41.03
N LEU RB 78 -132.70 93.73 -41.89
CA LEU RB 78 -131.58 92.83 -41.62
C LEU RB 78 -130.69 93.39 -40.52
N PRO RB 79 -130.43 92.64 -39.45
CA PRO RB 79 -129.47 93.08 -38.43
C PRO RB 79 -128.09 93.24 -39.03
N PRO RB 80 -127.37 94.30 -38.66
CA PRO RB 80 -126.01 94.49 -39.18
C PRO RB 80 -125.10 93.33 -38.79
N GLU RB 81 -124.04 93.14 -39.59
CA GLU RB 81 -122.99 92.15 -39.45
C GLU RB 81 -123.42 90.78 -39.96
N ALA RB 82 -124.70 90.57 -40.28
CA ALA RB 82 -125.14 89.29 -40.81
C ALA RB 82 -124.61 89.06 -42.22
N ILE RB 83 -124.59 90.11 -43.04
CA ILE RB 83 -124.03 90.03 -44.39
C ILE RB 83 -122.90 91.03 -44.50
N VAL RB 84 -121.75 90.55 -44.95
CA VAL RB 84 -120.61 91.38 -45.29
C VAL RB 84 -120.13 90.94 -46.66
N ASP RB 85 -119.90 91.92 -47.54
CA ASP RB 85 -119.40 91.69 -48.91
C ASP RB 85 -120.22 90.66 -49.68
N GLY RB 86 -121.51 90.57 -49.42
CA GLY RB 86 -122.36 89.64 -50.14
C GLY RB 86 -122.33 88.22 -49.62
N ALA RB 87 -121.56 87.94 -48.57
CA ALA RB 87 -121.50 86.63 -47.94
C ALA RB 87 -122.19 86.67 -46.58
N LEU RB 88 -122.75 85.53 -46.18
CA LEU RB 88 -123.38 85.39 -44.87
C LEU RB 88 -122.28 85.13 -43.84
N MET RB 89 -121.90 86.17 -43.09
CA MET RB 89 -120.86 86.03 -42.08
C MET RB 89 -121.38 85.45 -40.78
N ASN RB 90 -122.68 85.56 -40.51
CA ASN RB 90 -123.31 85.08 -39.28
C ASN RB 90 -124.51 84.25 -39.71
N SER RB 91 -124.25 83.01 -40.15
CA SER RB 91 -125.31 82.17 -40.67
C SER RB 91 -126.42 81.94 -39.64
N THR RB 92 -126.04 81.47 -38.45
CA THR RB 92 -127.00 81.10 -37.42
C THR RB 92 -127.95 82.25 -37.07
N ALA RB 93 -127.41 83.46 -36.97
CA ALA RB 93 -128.25 84.61 -36.62
C ALA RB 93 -129.27 84.91 -37.72
N ILE RB 94 -128.80 85.05 -38.96
CA ILE RB 94 -129.69 85.18 -40.11
C ILE RB 94 -130.78 84.12 -40.05
N VAL RB 95 -130.41 82.90 -39.65
CA VAL RB 95 -131.40 81.86 -39.39
C VAL RB 95 -132.46 82.38 -38.41
N GLN RB 96 -132.02 82.94 -37.28
CA GLN RB 96 -133.04 83.39 -36.33
C GLN RB 96 -134.00 84.37 -36.99
N ALA RB 97 -133.46 85.25 -37.82
CA ALA RB 97 -134.31 86.21 -38.53
C ALA RB 97 -135.28 85.49 -39.46
N VAL RB 98 -134.78 84.60 -40.32
CA VAL RB 98 -135.63 83.89 -41.29
C VAL RB 98 -136.77 83.17 -40.59
N GLN RB 99 -136.48 82.53 -39.46
CA GLN RB 99 -137.51 81.81 -38.70
C GLN RB 99 -138.55 82.77 -38.14
N ASP RB 100 -138.11 83.95 -37.65
CA ASP RB 100 -139.06 85.02 -37.36
C ASP RB 100 -139.95 85.30 -38.55
N LEU RB 101 -139.36 85.40 -39.75
CA LEU RB 101 -140.14 85.59 -40.97
C LEU RB 101 -141.23 84.53 -41.09
N MET RB 102 -140.85 83.26 -40.93
CA MET RB 102 -141.78 82.16 -41.21
C MET RB 102 -142.93 82.13 -40.20
N SER RB 103 -142.64 82.37 -38.92
CA SER RB 103 -143.70 82.35 -37.91
C SER RB 103 -144.59 83.59 -38.02
N GLU RB 104 -143.99 84.76 -38.30
CA GLU RB 104 -144.77 85.94 -38.63
C GLU RB 104 -145.73 85.65 -39.76
N LEU RB 105 -145.21 85.04 -40.83
CA LEU RB 105 -145.99 84.57 -41.97
C LEU RB 105 -147.14 83.66 -41.56
N LYS RB 106 -146.93 82.82 -40.54
CA LYS RB 106 -147.87 81.77 -40.17
C LYS RB 106 -147.96 80.71 -41.26
N VAL RB 107 -146.82 80.26 -41.77
CA VAL RB 107 -146.79 79.40 -42.96
C VAL RB 107 -146.40 77.99 -42.57
N LYS RB 108 -147.13 77.03 -43.12
CA LYS RB 108 -146.73 75.63 -42.98
C LYS RB 108 -145.45 75.29 -43.75
N GLY RB 109 -145.23 75.95 -44.88
CA GLY RB 109 -144.25 75.45 -45.84
C GLY RB 109 -142.82 75.61 -45.35
N LYS RB 110 -141.98 74.64 -45.71
CA LYS RB 110 -140.57 74.63 -45.32
C LYS RB 110 -139.65 74.41 -46.51
N ASP RB 111 -140.12 74.58 -47.73
CA ASP RB 111 -139.26 74.61 -48.89
C ASP RB 111 -139.16 76.04 -49.39
N VAL RB 112 -138.04 76.38 -49.99
CA VAL RB 112 -137.77 77.77 -50.31
C VAL RB 112 -136.99 77.87 -51.61
N ALA RB 113 -137.28 78.89 -52.40
CA ALA RB 113 -136.32 79.41 -53.35
C ALA RB 113 -135.73 80.67 -52.74
N ILE RB 114 -134.48 80.98 -53.06
CA ILE RB 114 -133.87 82.22 -52.62
C ILE RB 114 -132.93 82.75 -53.68
N GLY RB 115 -132.16 83.77 -53.31
CA GLY RB 115 -131.28 84.42 -54.26
C GLY RB 115 -129.94 84.75 -53.64
N VAL RB 116 -128.92 84.81 -54.52
CA VAL RB 116 -127.58 85.20 -54.10
C VAL RB 116 -127.45 86.72 -54.18
N SER RB 117 -126.39 87.23 -53.55
CA SER RB 117 -126.11 88.66 -53.62
C SER RB 117 -125.61 89.02 -55.01
N GLY RB 118 -126.09 90.15 -55.52
CA GLY RB 118 -125.53 90.70 -56.73
C GLY RB 118 -124.02 90.91 -56.63
N HIS RB 119 -123.54 91.22 -55.44
CA HIS RB 119 -122.10 91.32 -55.20
C HIS RB 119 -121.42 89.96 -55.11
N SER RB 120 -122.19 88.88 -55.04
CA SER RB 120 -121.64 87.55 -54.88
C SER RB 120 -121.67 86.73 -56.17
N VAL RB 121 -122.25 87.27 -57.24
CA VAL RB 121 -122.45 86.54 -58.48
C VAL RB 121 -121.83 87.31 -59.63
N ILE RB 122 -121.15 86.60 -60.52
CA ILE RB 122 -120.73 87.13 -61.81
C ILE RB 122 -121.75 86.66 -62.84
N ILE RB 123 -122.41 87.61 -63.50
CA ILE RB 123 -123.34 87.33 -64.58
C ILE RB 123 -122.75 87.89 -65.85
N LYS RB 124 -122.65 87.07 -66.89
CA LYS RB 124 -122.10 87.61 -68.12
C LYS RB 124 -122.40 86.67 -69.29
N LYS RB 125 -122.48 87.25 -70.49
CA LYS RB 125 -122.81 86.46 -71.68
C LYS RB 125 -121.60 85.67 -72.16
N ILE RB 126 -121.87 84.60 -72.92
CA ILE RB 126 -120.86 83.65 -73.40
C ILE RB 126 -121.29 83.01 -74.73
N GLN RB 127 -120.42 83.04 -75.74
CA GLN RB 127 -120.71 82.46 -77.05
C GLN RB 127 -119.93 81.16 -77.24
N MET RB 128 -120.62 80.11 -77.71
CA MET RB 128 -120.08 78.74 -77.84
C MET RB 128 -120.55 78.04 -79.11
N PRO RB 129 -120.42 76.69 -79.23
CA PRO RB 129 -121.18 76.00 -80.27
C PRO RB 129 -122.19 74.98 -79.74
N ARG RB 130 -123.36 74.92 -80.40
CA ARG RB 130 -124.44 74.05 -79.98
C ARG RB 130 -124.05 72.58 -80.14
N MET RB 131 -124.19 71.82 -79.06
CA MET RB 131 -123.90 70.39 -79.09
C MET RB 131 -124.66 69.62 -78.02
N SER RB 132 -124.12 68.46 -77.65
CA SER RB 132 -124.66 67.67 -76.56
C SER RB 132 -124.53 68.42 -75.24
N GLN RB 133 -125.43 68.14 -74.30
CA GLN RB 133 -125.47 68.90 -73.05
C GLN RB 133 -124.15 68.82 -72.30
N ASP RB 134 -123.58 67.62 -72.18
CA ASP RB 134 -122.32 67.48 -71.45
C ASP RB 134 -121.23 68.33 -72.08
N GLU RB 135 -121.09 68.25 -73.41
CA GLU RB 135 -120.05 69.02 -74.09
C GLU RB 135 -120.26 70.52 -73.94
N LEU RB 136 -121.52 70.95 -73.83
CA LEU RB 136 -121.78 72.37 -73.61
C LEU RB 136 -121.44 72.77 -72.18
N GLU RB 137 -121.79 71.93 -71.20
CA GLU RB 137 -121.50 72.30 -69.82
C GLU RB 137 -120.00 72.38 -69.59
N GLU RB 138 -119.25 71.38 -70.08
CA GLU RB 138 -117.80 71.42 -69.94
C GLU RB 138 -117.20 72.59 -70.72
N SER RB 139 -117.58 72.74 -71.99
CA SER RB 139 -117.11 73.89 -72.77
C SER RB 139 -117.45 75.21 -72.06
N ILE RB 140 -118.62 75.27 -71.42
CA ILE RB 140 -119.07 76.48 -70.72
C ILE RB 140 -118.15 76.78 -69.56
N GLN RB 141 -117.89 75.77 -68.74
CA GLN RB 141 -116.95 75.90 -67.63
C GLN RB 141 -115.58 76.38 -68.14
N TRP RB 142 -115.13 75.79 -69.25
CA TRP RB 142 -113.82 76.12 -69.81
C TRP RB 142 -113.75 77.59 -70.20
N GLU RB 143 -114.80 78.10 -70.83
CA GLU RB 143 -114.77 79.50 -71.25
C GLU RB 143 -114.92 80.45 -70.08
N ALA RB 144 -115.74 80.08 -69.09
CA ALA RB 144 -115.86 80.92 -67.89
C ALA RB 144 -114.57 80.99 -67.11
N GLU RB 145 -113.68 80.01 -67.28
CA GLU RB 145 -112.57 79.85 -66.36
C GLU RB 145 -111.73 81.11 -66.22
N GLN RB 146 -111.37 81.73 -67.34
CA GLN RB 146 -110.62 82.99 -67.33
C GLN RB 146 -111.42 84.16 -66.75
N TYR RB 147 -112.76 84.13 -66.80
CA TYR RB 147 -113.58 85.30 -66.53
C TYR RB 147 -113.95 85.38 -65.05
N ILE RB 148 -113.49 84.40 -64.28
CA ILE RB 148 -113.75 84.19 -62.86
C ILE RB 148 -112.42 84.43 -62.12
N PRO RB 149 -112.29 85.49 -61.35
CA PRO RB 149 -111.03 85.77 -60.66
C PRO RB 149 -110.76 84.86 -59.47
N PHE RB 150 -111.39 83.70 -59.38
CA PHE RB 150 -111.12 82.74 -58.33
C PHE RB 150 -110.86 81.39 -58.95
N ASP RB 151 -110.29 80.47 -58.17
CA ASP RB 151 -110.32 79.09 -58.59
C ASP RB 151 -111.76 78.62 -58.70
N VAL RB 152 -111.94 77.48 -59.34
CA VAL RB 152 -113.24 76.82 -59.31
C VAL RB 152 -113.07 75.66 -58.32
N LYS RB 153 -113.46 75.77 -57.04
CA LYS RB 153 -114.00 76.94 -56.29
C LYS RB 153 -114.98 77.95 -56.94
N ASP RB 154 -115.92 77.43 -57.74
CA ASP RB 154 -117.03 78.23 -58.27
C ASP RB 154 -118.18 77.31 -58.70
N VAL RB 155 -119.41 77.70 -58.32
CA VAL RB 155 -120.66 77.10 -58.77
C VAL RB 155 -121.12 77.86 -60.00
N ASN RB 156 -121.43 77.12 -61.07
CA ASN RB 156 -121.66 77.67 -62.40
C ASN RB 156 -123.00 77.17 -62.93
N ILE RB 157 -123.74 78.05 -63.60
CA ILE RB 157 -125.01 77.72 -64.25
C ILE RB 157 -125.22 78.65 -65.44
N ASP RB 158 -125.77 78.10 -66.52
CA ASP RB 158 -125.99 78.92 -67.71
C ASP RB 158 -127.44 78.80 -68.15
N THR RB 159 -127.91 79.80 -68.89
CA THR RB 159 -129.11 79.56 -69.70
C THR RB 159 -128.92 80.24 -71.04
N GLN RB 160 -129.63 79.73 -72.05
CA GLN RB 160 -129.41 80.21 -73.40
C GLN RB 160 -130.28 81.41 -73.69
N ILE RB 161 -129.67 82.49 -74.18
CA ILE RB 161 -130.39 83.73 -74.48
C ILE RB 161 -131.36 83.57 -75.62
N LEU RB 162 -131.18 82.55 -76.45
CA LEU RB 162 -132.13 82.18 -77.50
C LEU RB 162 -132.39 80.69 -77.42
N ASP RB 163 -133.54 80.27 -77.94
CA ASP RB 163 -133.95 78.88 -77.85
C ASP RB 163 -132.97 77.98 -78.61
N GLY RB 164 -132.46 76.96 -77.92
CA GLY RB 164 -131.49 76.07 -78.53
C GLY RB 164 -132.05 75.22 -79.65
N GLY RB 165 -133.35 74.90 -79.58
CA GLY RB 165 -133.97 74.12 -80.63
C GLY RB 165 -134.08 74.85 -81.97
N GLY RB 166 -133.89 76.17 -81.96
CA GLY RB 166 -133.94 76.95 -83.17
C GLY RB 166 -132.67 77.00 -83.98
N ASN RB 167 -131.61 76.32 -83.53
CA ASN RB 167 -130.34 76.29 -84.22
C ASN RB 167 -129.78 74.87 -84.21
N ASP RB 168 -128.92 74.58 -85.19
CA ASP RB 168 -128.33 73.27 -85.32
C ASP RB 168 -127.10 73.13 -84.43
N ALA RB 169 -126.61 71.89 -84.34
CA ALA RB 169 -125.34 71.64 -83.68
C ALA RB 169 -124.24 72.46 -84.34
N THR RB 170 -123.24 72.84 -83.53
CA THR RB 170 -122.05 73.61 -83.93
C THR RB 170 -122.33 75.09 -84.22
N GLY RB 171 -123.60 75.48 -84.36
CA GLY RB 171 -123.88 76.86 -84.69
C GLY RB 171 -124.79 77.60 -83.74
N GLN RB 172 -124.56 78.90 -83.56
CA GLN RB 172 -125.44 79.81 -82.82
C GLN RB 172 -125.68 79.36 -81.39
N MET RB 173 -124.61 79.11 -80.65
CA MET RB 173 -124.75 78.92 -79.23
C MET RB 173 -124.49 80.22 -78.50
N ASP RB 174 -125.35 80.50 -77.55
CA ASP RB 174 -125.18 81.64 -76.67
C ASP RB 174 -125.79 81.21 -75.35
N VAL RB 175 -124.95 81.06 -74.34
CA VAL RB 175 -125.43 80.89 -72.98
C VAL RB 175 -124.95 82.12 -72.23
N LEU RB 176 -125.63 82.45 -71.15
CA LEU RB 176 -125.11 83.42 -70.20
C LEU RB 176 -124.80 82.63 -68.92
N LEU RB 177 -123.65 82.93 -68.32
CA LEU RB 177 -123.18 82.23 -67.14
C LEU RB 177 -123.40 83.06 -65.89
N VAL RB 178 -123.92 82.39 -64.88
CA VAL RB 178 -123.97 82.85 -63.51
C VAL RB 178 -122.95 82.04 -62.72
N ALA RB 179 -122.07 82.74 -62.00
CA ALA RB 179 -120.92 82.11 -61.36
C ALA RB 179 -120.79 82.66 -59.95
N ALA RB 180 -120.36 81.79 -59.03
CA ALA RB 180 -120.41 82.13 -57.61
C ALA RB 180 -119.41 81.31 -56.82
N LYS RB 181 -118.91 81.87 -55.71
CA LYS RB 181 -118.02 81.10 -54.84
C LYS RB 181 -118.82 80.08 -54.04
N LYS RB 182 -118.20 78.93 -53.76
CA LYS RB 182 -118.84 77.96 -52.86
C LYS RB 182 -119.12 78.57 -51.51
N ASP RB 183 -118.19 79.37 -50.99
CA ASP RB 183 -118.34 79.89 -49.63
C ASP RB 183 -119.62 80.70 -49.50
N MET RB 184 -120.02 81.40 -50.56
CA MET RB 184 -121.28 82.13 -50.54
C MET RB 184 -122.47 81.17 -50.53
N ILE RB 185 -122.58 80.33 -51.56
CA ILE RB 185 -123.65 79.34 -51.62
C ILE RB 185 -123.74 78.55 -50.32
N ASN RB 186 -122.59 78.11 -49.80
CA ASN RB 186 -122.54 77.31 -48.59
C ASN RB 186 -123.01 78.12 -47.38
N ASP RB 187 -122.67 79.40 -47.34
CA ASP RB 187 -123.23 80.29 -46.32
C ASP RB 187 -124.76 80.29 -46.39
N TYR RB 188 -125.29 80.40 -47.61
CA TYR RB 188 -126.74 80.52 -47.78
C TYR RB 188 -127.44 79.21 -47.45
N THR RB 189 -126.98 78.10 -48.01
CA THR RB 189 -127.50 76.78 -47.63
C THR RB 189 -127.37 76.55 -46.14
N THR RB 190 -126.33 77.11 -45.51
CA THR RB 190 -126.25 77.05 -44.06
C THR RB 190 -127.46 77.72 -43.42
N VAL RB 191 -127.64 79.02 -43.71
CA VAL RB 191 -128.78 79.75 -43.17
C VAL RB 191 -130.08 79.00 -43.40
N VAL RB 192 -130.21 78.38 -44.59
CA VAL RB 192 -131.48 77.75 -44.93
C VAL RB 192 -131.68 76.46 -44.17
N SER RB 193 -130.68 75.56 -44.24
CA SER RB 193 -130.67 74.36 -43.43
C SER RB 193 -131.09 74.63 -41.99
N GLU RB 194 -130.69 75.76 -41.41
CA GLU RB 194 -130.98 75.92 -39.98
C GLU RB 194 -132.36 76.52 -39.74
N ALA RB 195 -132.89 77.35 -40.64
CA ALA RB 195 -134.29 77.78 -40.50
C ALA RB 195 -135.28 76.64 -40.65
N GLY RB 196 -134.81 75.41 -40.81
CA GLY RB 196 -135.68 74.31 -41.13
C GLY RB 196 -136.17 74.32 -42.56
N LEU RB 197 -135.58 75.13 -43.42
CA LEU RB 197 -136.00 75.26 -44.80
C LEU RB 197 -135.17 74.35 -45.70
N ALA RB 198 -135.76 73.99 -46.84
CA ALA RB 198 -135.07 73.18 -47.84
C ALA RB 198 -135.07 73.93 -49.17
N PRO RB 199 -133.90 74.29 -49.70
CA PRO RB 199 -133.88 75.04 -50.96
C PRO RB 199 -134.01 74.12 -52.17
N VAL RB 200 -134.73 74.61 -53.18
CA VAL RB 200 -134.78 73.90 -54.46
C VAL RB 200 -134.18 74.75 -55.59
N VAL RB 201 -134.17 76.07 -55.45
CA VAL RB 201 -133.64 76.98 -56.47
C VAL RB 201 -132.87 78.09 -55.78
N VAL RB 202 -131.64 78.31 -56.22
CA VAL RB 202 -130.84 79.46 -55.82
C VAL RB 202 -130.70 80.34 -57.05
N ASP RB 203 -131.56 81.35 -57.14
CA ASP RB 203 -131.73 82.15 -58.33
C ASP RB 203 -130.93 83.43 -58.18
N VAL RB 204 -131.02 84.32 -59.16
CA VAL RB 204 -130.30 85.59 -59.12
C VAL RB 204 -131.31 86.72 -59.23
N ASP RB 205 -131.02 87.85 -58.58
CA ASP RB 205 -132.07 88.83 -58.33
C ASP RB 205 -132.45 89.62 -59.58
N ALA RB 206 -131.48 89.90 -60.45
CA ALA RB 206 -131.75 90.73 -61.62
C ALA RB 206 -132.78 90.10 -62.55
N PHE RB 207 -132.93 88.78 -62.51
CA PHE RB 207 -133.89 88.05 -63.34
C PHE RB 207 -135.10 87.59 -62.55
N ALA RB 208 -134.90 87.31 -61.26
CA ALA RB 208 -136.02 86.97 -60.40
C ALA RB 208 -136.97 88.15 -60.27
N VAL RB 209 -136.44 89.38 -60.29
CA VAL RB 209 -137.26 90.57 -60.18
C VAL RB 209 -138.16 90.72 -61.40
N GLN RB 210 -137.85 90.03 -62.49
CA GLN RB 210 -138.56 90.20 -63.75
C GLN RB 210 -139.80 89.29 -63.87
N ASN RB 211 -139.87 88.21 -63.08
CA ASN RB 211 -140.93 87.22 -63.26
C ASN RB 211 -142.31 87.82 -63.04
N MET RB 212 -142.39 88.89 -62.26
CA MET RB 212 -143.66 89.59 -62.01
C MET RB 212 -144.12 90.37 -63.20
N PHE RB 213 -143.17 90.85 -64.00
CA PHE RB 213 -143.47 91.65 -65.16
C PHE RB 213 -143.37 90.86 -66.46
N SER RB 214 -143.08 89.56 -66.38
CA SER RB 214 -142.77 88.77 -67.57
C SER RB 214 -143.95 88.69 -68.54
N VAL RB 215 -145.17 88.53 -68.02
CA VAL RB 215 -146.35 88.51 -68.89
C VAL RB 215 -146.51 89.87 -69.57
N ASN RB 216 -146.45 90.95 -68.78
CA ASN RB 216 -146.66 92.29 -69.30
C ASN RB 216 -145.57 92.66 -70.32
N TYR RB 217 -144.36 92.14 -70.12
CA TYR RB 217 -143.28 92.31 -71.10
C TYR RB 217 -143.53 91.46 -72.34
N ASP RB 218 -144.06 90.25 -72.15
CA ASP RB 218 -144.35 89.39 -73.29
C ASP RB 218 -145.47 89.95 -74.14
N VAL RB 219 -146.22 90.92 -73.62
CA VAL RB 219 -147.20 91.62 -74.44
C VAL RB 219 -146.54 92.38 -75.58
N PRO RB 220 -145.49 93.23 -75.37
CA PRO RB 220 -144.76 93.77 -76.53
C PRO RB 220 -143.51 92.96 -76.89
N GLU RB 221 -143.54 92.20 -77.98
CA GLU RB 221 -142.48 91.22 -78.20
C GLU RB 221 -141.25 91.82 -78.88
N ARG RB 222 -141.37 93.02 -79.47
CA ARG RB 222 -140.22 93.66 -80.11
C ARG RB 222 -139.83 94.97 -79.44
N GLU RB 223 -140.43 95.32 -78.31
CA GLU RB 223 -140.09 96.53 -77.61
C GLU RB 223 -138.91 96.31 -76.67
N THR RB 224 -137.97 97.24 -76.69
CA THR RB 224 -136.80 97.21 -75.82
C THR RB 224 -137.13 97.93 -74.51
N VAL RB 225 -137.06 97.20 -73.40
CA VAL RB 225 -137.44 97.71 -72.08
C VAL RB 225 -136.22 97.66 -71.16
N VAL RB 226 -136.07 98.68 -70.32
CA VAL RB 226 -135.08 98.59 -69.26
C VAL RB 226 -135.80 98.34 -67.94
N LEU RB 227 -135.11 97.63 -67.05
CA LEU RB 227 -135.60 97.37 -65.70
C LEU RB 227 -134.47 97.66 -64.74
N ILE RB 228 -134.66 98.65 -63.88
CA ILE RB 228 -133.71 99.00 -62.84
C ILE RB 228 -134.23 98.46 -61.53
N ASN RB 229 -133.39 97.74 -60.80
CA ASN RB 229 -133.68 97.41 -59.40
C ASN RB 229 -132.63 98.14 -58.57
N ALA RB 230 -133.03 99.25 -57.97
CA ALA RB 230 -132.17 100.00 -57.08
C ALA RB 230 -132.35 99.46 -55.66
N GLY RB 231 -131.38 98.67 -55.22
CA GLY RB 231 -131.41 98.07 -53.90
C GLY RB 231 -130.60 98.88 -52.91
N ALA RB 232 -130.29 98.24 -51.78
CA ALA RB 232 -129.45 98.86 -50.77
C ALA RB 232 -127.97 98.54 -50.94
N SER RB 233 -127.63 97.42 -51.56
CA SER RB 233 -126.25 97.04 -51.79
C SER RB 233 -125.79 97.21 -53.23
N VAL RB 234 -126.72 97.29 -54.18
CA VAL RB 234 -126.37 97.23 -55.59
C VAL RB 234 -127.57 97.75 -56.37
N VAL RB 235 -127.32 98.25 -57.57
CA VAL RB 235 -128.38 98.59 -58.52
C VAL RB 235 -128.18 97.73 -59.75
N ASN RB 236 -129.19 96.95 -60.11
CA ASN RB 236 -129.08 96.18 -61.34
C ASN RB 236 -129.86 96.85 -62.46
N ILE RB 237 -129.28 96.74 -63.65
CA ILE RB 237 -129.92 97.06 -64.91
C ILE RB 237 -130.02 95.77 -65.68
N ASN RB 238 -131.23 95.38 -66.05
CA ASN RB 238 -131.35 94.40 -67.12
C ASN RB 238 -132.23 95.00 -68.19
N ILE RB 239 -131.82 94.85 -69.45
CA ILE RB 239 -132.55 95.38 -70.59
C ILE RB 239 -132.87 94.25 -71.56
N ILE RB 240 -134.10 94.28 -72.07
CA ILE RB 240 -134.77 93.16 -72.73
C ILE RB 240 -135.39 93.61 -74.05
N SER RB 241 -135.57 92.65 -74.95
CA SER RB 241 -136.57 92.71 -76.01
C SER RB 241 -137.66 91.70 -75.66
N ASN RB 242 -138.85 92.18 -75.34
CA ASN RB 242 -139.95 91.38 -74.81
C ASN RB 242 -139.57 90.98 -73.39
N GLY RB 243 -139.79 89.73 -72.98
CA GLY RB 243 -139.22 89.19 -71.77
C GLY RB 243 -138.04 88.31 -72.12
N ALA RB 244 -137.25 88.76 -73.08
CA ALA RB 244 -136.00 88.11 -73.47
C ALA RB 244 -134.87 89.04 -73.06
N THR RB 245 -134.17 88.69 -71.97
CA THR RB 245 -133.06 89.51 -71.52
C THR RB 245 -132.02 89.64 -72.63
N VAL RB 246 -131.61 90.87 -72.89
CA VAL RB 246 -130.50 91.14 -73.77
C VAL RB 246 -129.20 91.34 -72.99
N PHE RB 247 -129.27 92.00 -71.84
CA PHE RB 247 -128.08 92.06 -71.00
C PHE RB 247 -128.43 92.52 -69.59
N THR RB 248 -127.43 92.39 -68.70
CA THR RB 248 -127.50 92.83 -67.31
C THR RB 248 -126.17 93.46 -66.92
N ARG RB 249 -126.24 94.43 -66.01
CA ARG RB 249 -125.07 95.13 -65.49
C ARG RB 249 -125.38 95.55 -64.06
N ASP RB 250 -124.41 95.38 -63.17
CA ASP RB 250 -124.60 95.63 -61.75
C ASP RB 250 -123.67 96.74 -61.29
N VAL RB 251 -124.24 97.73 -60.63
CA VAL RB 251 -123.53 98.94 -60.22
C VAL RB 251 -123.44 98.97 -58.70
N THR RB 252 -122.21 99.21 -58.21
CA THR RB 252 -121.98 99.19 -56.76
C THR RB 252 -122.83 100.23 -56.04
N ILE RB 253 -123.22 101.29 -56.73
CA ILE RB 253 -123.95 102.38 -56.11
C ILE RB 253 -125.36 101.92 -55.78
N GLY RB 254 -125.90 102.43 -54.67
CA GLY RB 254 -127.23 102.06 -54.24
C GLY RB 254 -127.72 103.00 -53.16
N GLY RB 255 -128.79 102.59 -52.48
CA GLY RB 255 -129.38 103.43 -51.46
C GLY RB 255 -128.49 103.60 -50.24
N ASN RB 256 -127.65 102.61 -49.96
CA ASN RB 256 -126.68 102.75 -48.88
C ASN RB 256 -125.82 103.99 -49.08
N GLN RB 257 -125.52 104.33 -50.33
CA GLN RB 257 -124.70 105.52 -50.59
C GLN RB 257 -125.44 106.80 -50.23
N PHE RB 258 -126.74 106.87 -50.55
CA PHE RB 258 -127.54 108.03 -50.15
C PHE RB 258 -127.55 108.16 -48.63
N THR RB 259 -127.92 107.08 -47.93
CA THR RB 259 -127.94 107.11 -46.47
C THR RB 259 -126.59 107.52 -45.91
N GLU RB 260 -125.51 106.99 -46.48
CA GLU RB 260 -124.18 107.27 -45.97
C GLU RB 260 -123.77 108.73 -46.20
N GLU RB 261 -124.24 109.34 -47.29
CA GLU RB 261 -123.95 110.75 -47.47
C GLU RB 261 -124.72 111.61 -46.47
N ILE RB 262 -125.99 111.28 -46.22
CA ILE RB 262 -126.74 111.97 -45.17
C ILE RB 262 -126.00 111.85 -43.84
N GLN RB 263 -125.61 110.63 -43.48
CA GLN RB 263 -124.89 110.39 -42.23
C GLN RB 263 -123.60 111.20 -42.17
N LYS RB 264 -122.81 111.19 -43.23
CA LYS RB 264 -121.60 111.99 -43.27
C LYS RB 264 -121.89 113.46 -43.00
N GLN RB 265 -122.88 114.02 -43.70
CA GLN RB 265 -123.09 115.46 -43.63
C GLN RB 265 -123.85 115.90 -42.38
N LEU RB 266 -124.38 114.99 -41.57
CA LEU RB 266 -124.99 115.44 -40.32
C LEU RB 266 -124.55 114.60 -39.12
N ASN RB 267 -123.32 114.04 -39.18
CA ASN RB 267 -122.80 113.05 -38.23
C ASN RB 267 -123.90 112.32 -37.47
N VAL RB 268 -124.71 111.58 -38.23
CA VAL RB 268 -125.88 110.85 -37.78
C VAL RB 268 -125.54 109.36 -37.77
N SER RB 269 -126.31 108.56 -37.02
CA SER RB 269 -126.15 107.11 -37.12
C SER RB 269 -126.76 106.62 -38.44
N TYR RB 270 -126.47 105.38 -38.85
CA TYR RB 270 -127.00 104.91 -40.13
C TYR RB 270 -128.52 104.89 -40.13
N GLU RB 271 -129.14 104.42 -39.05
CA GLU RB 271 -130.59 104.24 -39.03
C GLU RB 271 -131.31 105.58 -39.07
N GLU RB 272 -130.85 106.54 -38.27
CA GLU RB 272 -131.49 107.86 -38.26
C GLU RB 272 -131.28 108.58 -39.58
N ALA RB 273 -130.10 108.43 -40.20
CA ALA RB 273 -129.89 108.99 -41.52
C ALA RB 273 -130.80 108.33 -42.55
N GLU RB 274 -131.08 107.04 -42.34
CA GLU RB 274 -132.02 106.33 -43.21
C GLU RB 274 -133.42 106.87 -43.07
N ALA RB 275 -133.89 107.06 -41.84
CA ALA RB 275 -135.21 107.65 -41.62
C ALA RB 275 -135.28 109.04 -42.22
N LEU RB 276 -134.26 109.86 -41.98
CA LEU RB 276 -134.22 111.20 -42.58
C LEU RB 276 -134.33 111.11 -44.09
N LYS RB 277 -133.69 110.11 -44.69
CA LYS RB 277 -133.85 109.87 -46.11
C LYS RB 277 -135.32 109.61 -46.45
N ILE RB 278 -135.88 108.53 -45.89
CA ILE RB 278 -137.26 108.11 -46.13
C ILE RB 278 -138.23 109.27 -45.90
N GLY RB 279 -138.59 109.51 -44.64
CA GLY RB 279 -139.60 110.52 -44.34
C GLY RB 279 -139.12 111.93 -44.57
N GLY RB 280 -137.84 112.19 -44.31
CA GLY RB 280 -137.27 113.48 -44.64
C GLY RB 280 -137.53 113.91 -46.06
N ASN RB 281 -137.35 113.00 -47.02
CA ASN RB 281 -137.38 113.39 -48.43
C ASN RB 281 -138.78 113.44 -49.05
N GLY RB 282 -139.80 112.88 -48.41
CA GLY RB 282 -141.09 112.75 -49.06
C GLY RB 282 -142.32 113.33 -48.37
N ALA RB 283 -142.18 113.84 -47.15
CA ALA RB 283 -143.34 114.35 -46.42
C ALA RB 283 -143.91 115.59 -47.09
N ASP RB 284 -145.21 115.84 -46.87
CA ASP RB 284 -145.80 117.09 -47.36
C ASP RB 284 -145.21 118.29 -46.64
N ALA RB 285 -144.72 118.09 -45.43
CA ALA RB 285 -144.12 119.15 -44.63
C ALA RB 285 -142.61 119.29 -44.85
N ASP RB 286 -142.06 118.64 -45.88
CA ASP RB 286 -140.61 118.56 -46.03
C ASP RB 286 -140.00 119.75 -46.76
N ALA RB 287 -140.70 120.88 -46.84
CA ALA RB 287 -140.26 121.97 -47.70
C ALA RB 287 -138.90 122.56 -47.30
N VAL RB 288 -138.49 122.39 -46.05
CA VAL RB 288 -137.27 123.06 -45.58
C VAL RB 288 -136.08 122.12 -45.69
N VAL RB 289 -136.35 120.82 -45.79
CA VAL RB 289 -135.38 119.74 -45.70
C VAL RB 289 -134.90 119.24 -47.07
N PRO RB 290 -135.43 119.66 -48.24
CA PRO RB 290 -134.80 119.15 -49.47
C PRO RB 290 -133.63 120.01 -49.88
N GLN RB 291 -133.46 121.16 -49.24
CA GLN RB 291 -132.20 121.88 -49.34
C GLN RB 291 -131.13 121.19 -48.51
N ASP RB 292 -131.40 120.99 -47.21
CA ASP RB 292 -130.42 120.38 -46.33
C ASP RB 292 -130.06 118.97 -46.77
N VAL RB 293 -131.07 118.20 -47.21
CA VAL RB 293 -130.83 116.83 -47.63
C VAL RB 293 -130.34 116.81 -49.08
N GLU RB 294 -131.09 117.46 -49.98
CA GLU RB 294 -130.75 117.38 -51.39
C GLU RB 294 -129.31 117.81 -51.63
N ARG RB 295 -128.87 118.85 -50.92
CA ARG RB 295 -127.46 119.25 -51.03
C ARG RB 295 -126.53 118.15 -50.55
N VAL RB 296 -127.01 117.31 -49.63
CA VAL RB 296 -126.21 116.20 -49.13
C VAL RB 296 -126.15 115.08 -50.18
N LEU RB 297 -127.30 114.77 -50.80
CA LEU RB 297 -127.45 113.65 -51.71
C LEU RB 297 -127.16 114.00 -53.17
N SER RB 298 -126.81 115.25 -53.45
CA SER RB 298 -126.72 115.70 -54.83
C SER RB 298 -125.57 115.03 -55.56
N SER RB 299 -124.43 114.87 -54.88
CA SER RB 299 -123.31 114.17 -55.49
C SER RB 299 -123.68 112.72 -55.82
N VAL RB 300 -124.46 112.07 -54.96
CA VAL RB 300 -124.89 110.70 -55.27
C VAL RB 300 -125.85 110.70 -56.44
N ALA RB 301 -126.80 111.64 -56.48
CA ALA RB 301 -127.70 111.71 -57.63
C ALA RB 301 -126.91 111.87 -58.93
N GLU RB 302 -125.93 112.76 -58.93
CA GLU RB 302 -125.08 112.96 -60.10
C GLU RB 302 -124.36 111.67 -60.48
N GLN RB 303 -123.72 111.02 -59.50
CA GLN RB 303 -122.91 109.85 -59.80
C GLN RB 303 -123.78 108.67 -60.25
N VAL RB 304 -124.96 108.50 -59.67
CA VAL RB 304 -125.89 107.49 -60.16
C VAL RB 304 -126.28 107.77 -61.60
N ALA RB 305 -126.70 109.02 -61.89
CA ALA RB 305 -127.08 109.37 -63.25
C ALA RB 305 -125.96 109.11 -64.24
N GLY RB 306 -124.72 109.45 -63.86
CA GLY RB 306 -123.60 109.22 -64.77
C GLY RB 306 -123.30 107.75 -64.96
N GLU RB 307 -123.45 106.95 -63.90
CA GLU RB 307 -123.20 105.52 -64.03
C GLU RB 307 -124.26 104.83 -64.88
N ILE RB 308 -125.52 105.27 -64.77
CA ILE RB 308 -126.60 104.72 -65.59
C ILE RB 308 -126.45 105.15 -67.05
N GLN RB 309 -126.17 106.43 -67.29
CA GLN RB 309 -125.85 106.89 -68.64
C GLN RB 309 -124.72 106.06 -69.24
N ARG RB 310 -123.66 105.85 -68.45
CA ARG RB 310 -122.51 105.07 -68.93
C ARG RB 310 -122.92 103.65 -69.30
N SER RB 311 -123.69 102.98 -68.44
CA SER RB 311 -124.13 101.62 -68.75
C SER RB 311 -124.95 101.58 -70.03
N LEU RB 312 -125.93 102.49 -70.15
CA LEU RB 312 -126.76 102.55 -71.35
C LEU RB 312 -125.93 102.79 -72.61
N ASP RB 313 -124.93 103.66 -72.52
CA ASP RB 313 -124.09 103.93 -73.68
C ASP RB 313 -123.24 102.72 -74.04
N PHE RB 314 -122.85 101.92 -73.03
CA PHE RB 314 -122.03 100.77 -73.30
C PHE RB 314 -122.84 99.65 -73.92
N TYR RB 315 -124.16 99.65 -73.73
CA TYR RB 315 -124.99 98.71 -74.46
C TYR RB 315 -125.12 99.08 -75.93
N ALA RB 316 -125.28 100.38 -76.21
CA ALA RB 316 -126.05 100.83 -77.36
C ALA RB 316 -125.29 100.78 -78.69
N GLY RB 317 -124.96 99.58 -79.15
CA GLY RB 317 -123.94 99.44 -80.17
C GLY RB 317 -124.31 98.96 -81.56
N THR RB 318 -125.42 98.25 -81.70
CA THR RB 318 -125.91 97.80 -83.00
C THR RB 318 -126.98 98.71 -83.59
N ALA RB 319 -127.84 99.28 -82.76
CA ALA RB 319 -128.84 100.28 -83.15
C ALA RB 319 -128.23 101.66 -82.94
N ALA RB 320 -127.07 101.90 -83.57
CA ALA RB 320 -126.52 103.24 -83.73
C ALA RB 320 -127.55 104.32 -83.57
N ASP RB 321 -128.63 104.20 -84.33
CA ASP RB 321 -129.41 105.31 -84.83
C ASP RB 321 -130.67 105.54 -84.04
N SER RB 322 -130.96 104.66 -83.10
CA SER RB 322 -132.28 104.56 -82.53
C SER RB 322 -132.35 105.29 -81.19
N ASN RB 323 -133.49 105.20 -80.55
CA ASN RB 323 -133.70 105.74 -79.22
C ASN RB 323 -134.22 104.63 -78.32
N PHE RB 324 -134.53 104.99 -77.09
CA PHE RB 324 -135.07 104.03 -76.15
C PHE RB 324 -136.59 103.94 -76.30
N SER RB 325 -137.19 103.10 -75.46
CA SER RB 325 -138.64 103.01 -75.34
C SER RB 325 -139.06 103.27 -73.90
N LYS RB 326 -139.29 102.22 -73.11
CA LYS RB 326 -139.84 102.37 -71.77
C LYS RB 326 -139.17 101.43 -70.78
N VAL RB 327 -139.31 101.77 -69.49
CA VAL RB 327 -138.52 101.14 -68.43
C VAL RB 327 -139.30 101.18 -67.11
N TYR RB 328 -138.94 100.28 -66.19
CA TYR RB 328 -139.55 100.20 -64.87
C TYR RB 328 -138.50 100.25 -63.76
N LEU RB 329 -138.98 100.51 -62.53
CA LEU RB 329 -138.15 100.58 -61.35
C LEU RB 329 -138.64 99.62 -60.28
N SER RB 330 -137.69 99.02 -59.56
CA SER RB 330 -137.92 98.10 -58.46
C SER RB 330 -136.87 98.38 -57.39
N GLY RB 331 -137.07 97.83 -56.22
CA GLY RB 331 -136.13 98.15 -55.15
C GLY RB 331 -136.52 99.41 -54.40
N GLY RB 332 -136.25 99.40 -53.10
CA GLY RB 332 -136.66 100.51 -52.27
C GLY RB 332 -135.88 101.79 -52.53
N THR RB 333 -134.65 101.66 -53.00
CA THR RB 333 -133.86 102.84 -53.35
C THR RB 333 -134.52 103.65 -54.44
N ALA RB 334 -135.31 103.01 -55.30
CA ALA RB 334 -136.14 103.71 -56.28
C ALA RB 334 -137.04 104.74 -55.64
N LYS RB 335 -137.63 104.43 -54.48
CA LYS RB 335 -138.68 105.22 -53.88
C LYS RB 335 -138.20 106.57 -53.38
N ILE RB 336 -136.95 106.93 -53.62
CA ILE RB 336 -136.47 108.28 -53.32
C ILE RB 336 -137.41 109.25 -54.01
N PRO RB 337 -137.98 110.21 -53.28
CA PRO RB 337 -138.94 111.14 -53.87
C PRO RB 337 -138.36 111.86 -55.07
N ALA RB 338 -139.12 111.81 -56.18
CA ALA RB 338 -138.84 112.49 -57.44
C ALA RB 338 -137.76 111.78 -58.27
N LEU RB 339 -137.11 110.76 -57.72
CA LEU RB 339 -136.01 110.09 -58.43
C LEU RB 339 -136.46 109.56 -59.79
N PHE RB 340 -137.74 109.20 -59.90
CA PHE RB 340 -138.23 108.64 -61.16
C PHE RB 340 -138.28 109.70 -62.25
N LYS RB 341 -138.76 110.89 -61.90
CA LYS RB 341 -138.77 112.01 -62.83
C LYS RB 341 -137.35 112.39 -63.22
N THR RB 342 -136.43 112.39 -62.24
CA THR RB 342 -135.04 112.72 -62.51
C THR RB 342 -134.43 111.73 -63.50
N ILE RB 343 -134.56 110.44 -63.22
CA ILE RB 343 -134.01 109.43 -64.13
C ILE RB 343 -134.68 109.53 -65.49
N GLU RB 344 -135.97 109.84 -65.53
CA GLU RB 344 -136.68 109.95 -66.79
C GLU RB 344 -136.10 111.07 -67.65
N ALA RB 345 -135.90 112.25 -67.05
CA ALA RB 345 -135.39 113.38 -67.81
C ALA RB 345 -133.91 113.22 -68.13
N ARG RB 346 -133.16 112.56 -67.25
CA ARG RB 346 -131.71 112.47 -67.37
C ARG RB 346 -131.25 111.36 -68.31
N THR RB 347 -131.97 110.23 -68.36
CA THR RB 347 -131.57 109.12 -69.22
C THR RB 347 -132.28 109.12 -70.57
N GLY RB 348 -133.25 110.02 -70.78
CA GLY RB 348 -134.01 110.00 -72.01
C GLY RB 348 -134.90 108.79 -72.15
N VAL RB 349 -135.36 108.23 -71.04
CA VAL RB 349 -136.25 107.08 -71.10
C VAL RB 349 -137.37 107.28 -70.09
N PRO RB 350 -138.62 107.01 -70.45
CA PRO RB 350 -139.69 106.98 -69.45
C PRO RB 350 -139.53 105.84 -68.44
N VAL RB 351 -139.16 106.24 -67.22
CA VAL RB 351 -138.91 105.33 -66.10
C VAL RB 351 -140.11 105.35 -65.16
N GLU RB 352 -140.75 104.20 -64.98
CA GLU RB 352 -141.96 104.16 -64.17
C GLU RB 352 -141.89 103.08 -63.10
N ILE RB 353 -142.41 103.42 -61.92
CA ILE RB 353 -142.71 102.40 -60.93
C ILE RB 353 -143.70 101.42 -61.53
N LEU RB 354 -143.68 100.20 -61.01
CA LEU RB 354 -144.63 99.19 -61.47
C LEU RB 354 -145.04 98.33 -60.28
N ASN RB 355 -146.28 97.86 -60.35
CA ASN RB 355 -146.83 97.00 -59.30
C ASN RB 355 -146.58 95.55 -59.69
N PRO RB 356 -145.64 94.85 -59.05
CA PRO RB 356 -145.52 93.41 -59.32
C PRO RB 356 -146.80 92.65 -59.03
N PHE RB 357 -147.47 92.94 -57.91
CA PHE RB 357 -148.54 92.08 -57.41
C PHE RB 357 -149.67 91.87 -58.41
N ARG RB 358 -149.66 92.55 -59.58
CA ARG RB 358 -150.71 92.34 -60.57
C ARG RB 358 -150.63 90.95 -61.20
N LYS RB 359 -149.50 90.27 -61.06
CA LYS RB 359 -149.32 88.90 -61.58
C LYS RB 359 -149.96 87.84 -60.72
N ILE RB 360 -150.44 88.18 -59.53
CA ILE RB 360 -150.97 87.21 -58.57
C ILE RB 360 -152.33 87.69 -58.10
N GLU RB 361 -153.20 86.75 -57.77
CA GLU RB 361 -154.50 87.09 -57.21
C GLU RB 361 -154.33 87.56 -55.77
N VAL RB 362 -155.04 88.64 -55.42
CA VAL RB 362 -154.94 89.25 -54.12
C VAL RB 362 -156.35 89.38 -53.55
N ASP RB 363 -156.61 88.69 -52.45
CA ASP RB 363 -157.91 88.76 -51.77
C ASP RB 363 -158.00 90.08 -51.03
N ASN RB 364 -158.96 90.93 -51.41
CA ASN RB 364 -159.08 92.25 -50.81
C ASN RB 364 -159.47 92.18 -49.34
N ARG RB 365 -160.01 91.05 -48.89
CA ARG RB 365 -160.36 90.90 -47.48
C ARG RB 365 -159.15 90.58 -46.62
N LYS RB 366 -158.02 90.18 -47.20
CA LYS RB 366 -156.82 89.88 -46.44
C LYS RB 366 -155.70 90.87 -46.69
N PHE RB 367 -155.77 91.64 -47.78
CA PHE RB 367 -154.79 92.66 -48.11
C PHE RB 367 -155.50 93.79 -48.84
N ASP RB 368 -155.18 95.03 -48.48
CA ASP RB 368 -155.73 96.19 -49.17
C ASP RB 368 -154.76 96.61 -50.26
N PRO RB 369 -155.23 96.86 -51.49
CA PRO RB 369 -154.27 97.12 -52.58
C PRO RB 369 -153.36 98.33 -52.37
N ALA RB 370 -153.76 99.30 -51.54
CA ALA RB 370 -152.97 100.53 -51.44
C ALA RB 370 -151.56 100.26 -50.92
N PHE RB 371 -151.43 99.67 -49.72
CA PHE RB 371 -150.12 99.40 -49.16
C PHE RB 371 -149.37 98.39 -50.04
N VAL RB 372 -150.00 97.24 -50.34
CA VAL RB 372 -149.43 96.28 -51.27
C VAL RB 372 -148.72 96.98 -52.41
N MET RB 373 -149.39 97.99 -52.99
CA MET RB 373 -148.74 98.88 -53.94
C MET RB 373 -147.56 99.62 -53.30
N ASP RB 374 -147.72 100.04 -52.04
CA ASP RB 374 -146.70 100.86 -51.39
C ASP RB 374 -145.36 100.13 -51.25
N VAL RB 375 -145.39 98.85 -50.87
CA VAL RB 375 -144.16 98.05 -50.75
C VAL RB 375 -143.90 97.19 -51.98
N ALA RB 376 -144.66 97.37 -53.06
CA ALA RB 376 -144.35 96.66 -54.30
C ALA RB 376 -142.89 96.73 -54.71
N PRO RB 377 -142.23 97.91 -54.76
CA PRO RB 377 -140.82 97.94 -55.22
C PRO RB 377 -139.88 97.10 -54.36
N MET RB 378 -139.95 97.21 -53.04
CA MET RB 378 -139.13 96.35 -52.19
C MET RB 378 -139.41 94.88 -52.43
N ALA RB 379 -140.67 94.51 -52.66
CA ALA RB 379 -141.09 93.13 -52.68
C ALA RB 379 -141.02 92.48 -54.06
N ALA RB 380 -140.63 93.22 -55.10
CA ALA RB 380 -140.66 92.65 -56.45
C ALA RB 380 -139.90 91.32 -56.54
N VAL RB 381 -138.68 91.27 -56.02
CA VAL RB 381 -137.91 90.01 -56.07
C VAL RB 381 -138.57 88.97 -55.14
N ALA RB 382 -139.00 89.44 -53.96
CA ALA RB 382 -139.66 88.67 -52.89
C ALA RB 382 -140.89 87.94 -53.37
N VAL RB 383 -141.55 88.44 -54.41
CA VAL RB 383 -142.53 87.62 -55.09
C VAL RB 383 -141.95 87.06 -56.39
N GLY RB 384 -140.72 87.47 -56.74
CA GLY RB 384 -140.09 86.93 -57.94
C GLY RB 384 -139.76 85.46 -57.84
N LEU RB 385 -138.73 85.12 -57.09
CA LEU RB 385 -138.44 83.69 -56.97
C LEU RB 385 -139.64 82.97 -56.33
N ALA RB 386 -140.67 83.74 -55.95
CA ALA RB 386 -141.92 83.23 -55.41
C ALA RB 386 -142.82 82.66 -56.49
N LEU RB 387 -142.97 83.33 -57.63
CA LEU RB 387 -143.58 82.61 -58.73
C LEU RB 387 -142.66 81.52 -59.24
N ARG RB 388 -141.35 81.66 -59.01
CA ARG RB 388 -140.46 80.54 -59.32
C ARG RB 388 -140.80 79.30 -58.48
N ARG RB 389 -141.38 79.48 -57.29
CA ARG RB 389 -141.52 78.33 -56.41
C ARG RB 389 -142.79 77.46 -56.59
N PRO RB 390 -143.86 77.93 -57.23
CA PRO RB 390 -144.90 76.99 -57.62
C PRO RB 390 -144.83 76.70 -59.11
N GLY RB 391 -143.64 76.90 -59.66
CA GLY RB 391 -143.44 76.66 -61.08
C GLY RB 391 -143.52 75.19 -61.40
N MET SB 1 -153.42 81.28 -24.50
CA MET SB 1 -152.49 81.72 -23.45
C MET SB 1 -151.35 80.73 -23.24
N MET SB 2 -150.15 81.24 -23.01
CA MET SB 2 -148.97 80.40 -22.86
C MET SB 2 -148.66 80.16 -21.39
N ILE SB 3 -148.51 78.90 -21.01
CA ILE SB 3 -148.21 78.51 -19.63
C ILE SB 3 -146.87 77.80 -19.64
N ARG SB 4 -145.85 78.47 -19.10
CA ARG SB 4 -144.48 77.99 -19.11
C ARG SB 4 -143.97 77.74 -17.70
N ILE SB 5 -143.00 76.83 -17.60
CA ILE SB 5 -142.45 76.47 -16.29
C ILE SB 5 -141.00 76.02 -16.42
N ASN SB 6 -140.07 76.96 -16.22
CA ASN SB 6 -138.64 76.67 -16.22
C ASN SB 6 -138.19 75.93 -14.96
N LEU SB 7 -139.10 75.49 -14.10
CA LEU SB 7 -138.68 74.71 -12.96
C LEU SB 7 -138.05 73.41 -13.44
N LEU SB 8 -136.73 73.29 -13.19
CA LEU SB 8 -135.73 72.27 -13.52
C LEU SB 8 -136.22 70.94 -14.07
N PRO SB 9 -136.09 70.70 -15.38
CA PRO SB 9 -136.09 69.31 -15.86
C PRO SB 9 -134.68 68.82 -16.30
N VAL SB 10 -134.34 68.99 -17.58
CA VAL SB 10 -133.32 68.20 -18.33
C VAL SB 10 -131.87 68.11 -17.84
N ARG SB 11 -131.21 69.22 -17.49
CA ARG SB 11 -129.77 69.08 -17.28
C ARG SB 11 -129.48 68.38 -15.97
N ALA SB 12 -130.16 68.76 -14.90
CA ALA SB 12 -130.09 67.98 -13.67
C ALA SB 12 -130.47 66.54 -13.92
N VAL SB 13 -131.53 66.29 -14.69
CA VAL SB 13 -131.97 64.91 -14.94
C VAL SB 13 -130.85 64.11 -15.60
N LYS SB 14 -130.20 64.72 -16.60
CA LYS SB 14 -129.11 64.05 -17.30
C LYS SB 14 -127.96 63.79 -16.34
N LYS SB 15 -127.77 64.70 -15.37
CA LYS SB 15 -126.67 64.56 -14.43
C LYS SB 15 -126.98 63.53 -13.34
N ARG SB 16 -128.25 63.44 -12.93
CA ARG SB 16 -128.68 62.42 -11.99
C ARG SB 16 -128.58 61.05 -12.64
N GLU SB 17 -128.86 60.98 -13.95
CA GLU SB 17 -128.72 59.71 -14.67
C GLU SB 17 -127.26 59.31 -14.81
N MET SB 18 -126.41 60.22 -15.31
CA MET SB 18 -124.98 59.94 -15.37
C MET SB 18 -124.44 59.55 -13.99
N GLY SB 19 -124.89 60.25 -12.95
CA GLY SB 19 -124.53 59.89 -11.60
C GLY SB 19 -124.94 58.47 -11.24
N ARG SB 20 -126.10 58.03 -11.71
CA ARG SB 20 -126.48 56.64 -11.47
C ARG SB 20 -125.56 55.67 -12.20
N GLN SB 21 -125.32 55.93 -13.49
CA GLN SB 21 -124.58 54.98 -14.32
C GLN SB 21 -123.14 54.81 -13.82
N VAL SB 22 -122.47 55.91 -13.48
CA VAL SB 22 -121.11 55.81 -12.98
C VAL SB 22 -121.06 54.92 -11.74
N LEU SB 23 -122.05 55.03 -10.86
CA LEU SB 23 -122.08 54.20 -9.65
C LEU SB 23 -122.37 52.74 -9.95
N VAL SB 24 -123.27 52.45 -10.91
CA VAL SB 24 -123.47 51.06 -11.30
C VAL SB 24 -122.17 50.47 -11.82
N LEU SB 25 -121.43 51.22 -12.65
CA LEU SB 25 -120.16 50.72 -13.15
C LEU SB 25 -119.18 50.43 -12.02
N PHE SB 26 -119.07 51.36 -11.07
CA PHE SB 26 -118.29 51.10 -9.86
C PHE SB 26 -118.70 49.78 -9.21
N ALA SB 27 -120.01 49.58 -9.02
CA ALA SB 27 -120.48 48.37 -8.36
C ALA SB 27 -120.07 47.13 -9.13
N VAL SB 28 -120.22 47.13 -10.46
CA VAL SB 28 -119.88 45.96 -11.26
C VAL SB 28 -118.39 45.65 -11.15
N VAL SB 29 -117.55 46.65 -11.32
CA VAL SB 29 -116.10 46.44 -11.22
C VAL SB 29 -115.75 45.86 -9.85
N LEU SB 30 -116.35 46.40 -8.79
CA LEU SB 30 -115.99 45.94 -7.44
C LEU SB 30 -116.52 44.55 -7.15
N ILE SB 31 -117.64 44.15 -7.76
CA ILE SB 31 -118.11 42.78 -7.61
C ILE SB 31 -117.16 41.82 -8.32
N GLY SB 32 -116.73 42.17 -9.53
CA GLY SB 32 -115.77 41.33 -10.23
C GLY SB 32 -114.47 41.17 -9.47
N ALA SB 33 -113.85 42.30 -9.07
CA ALA SB 33 -112.64 42.25 -8.26
C ALA SB 33 -112.87 41.42 -7.00
N GLY SB 34 -114.04 41.57 -6.38
CA GLY SB 34 -114.40 40.68 -5.28
C GLY SB 34 -114.23 39.21 -5.64
N VAL SB 35 -114.90 38.78 -6.72
CA VAL SB 35 -114.86 37.38 -7.13
C VAL SB 35 -113.43 36.91 -7.38
N ALA SB 36 -112.59 37.77 -7.96
CA ALA SB 36 -111.18 37.44 -8.09
C ALA SB 36 -110.53 37.17 -6.73
N ASN SB 37 -110.67 38.13 -5.79
CA ASN SB 37 -110.10 37.97 -4.45
C ASN SB 37 -110.54 36.65 -3.82
N TYR SB 38 -111.84 36.35 -3.92
CA TYR SB 38 -112.32 35.02 -3.59
C TYR SB 38 -111.46 33.96 -4.29
N LEU SB 39 -111.87 33.54 -5.50
CA LEU SB 39 -111.19 32.44 -6.20
C LEU SB 39 -109.73 32.27 -5.78
N TRP SB 40 -109.00 33.39 -5.67
CA TRP SB 40 -107.64 33.36 -5.10
C TRP SB 40 -107.64 32.72 -3.72
N TYR SB 41 -108.53 33.19 -2.82
CA TYR SB 41 -108.55 32.63 -1.46
C TYR SB 41 -108.68 31.11 -1.45
N ASP SB 42 -109.41 30.56 -2.42
CA ASP SB 42 -109.66 29.13 -2.47
C ASP SB 42 -108.43 28.37 -2.94
N ASP SB 43 -107.79 28.86 -4.01
CA ASP SB 43 -106.53 28.24 -4.39
C ASP SB 43 -105.51 28.29 -3.24
N ARG SB 44 -105.59 29.33 -2.40
CA ARG SB 44 -104.66 29.43 -1.28
C ARG SB 44 -104.99 28.43 -0.18
N GLN SB 45 -106.28 28.19 0.09
CA GLN SB 45 -106.62 27.19 1.09
C GLN SB 45 -106.26 25.79 0.62
N SER SB 46 -106.45 25.50 -0.67
CA SER SB 46 -105.99 24.23 -1.21
C SER SB 46 -104.49 24.07 -1.02
N GLU SB 47 -103.71 25.09 -1.39
CA GLU SB 47 -102.27 25.01 -1.20
C GLU SB 47 -101.91 24.78 0.27
N LEU SB 48 -102.61 25.46 1.18
CA LEU SB 48 -102.35 25.27 2.60
C LEU SB 48 -102.60 23.83 3.04
N GLU SB 49 -103.65 23.21 2.50
CA GLU SB 49 -103.94 21.84 2.86
C GLU SB 49 -102.89 20.87 2.33
N ALA SB 50 -102.48 21.06 1.07
CA ALA SB 50 -101.36 20.26 0.54
C ALA SB 50 -100.13 20.40 1.42
N HIS SB 51 -99.82 21.62 1.84
CA HIS SB 51 -98.59 21.85 2.59
C HIS SB 51 -98.67 21.28 4.00
N GLN SB 52 -99.85 21.33 4.63
CA GLN SB 52 -99.98 20.71 5.94
C GLN SB 52 -99.90 19.19 5.83
N ALA SB 53 -100.38 18.63 4.72
CA ALA SB 53 -100.12 17.22 4.44
C ALA SB 53 -98.63 16.94 4.39
N GLY SB 54 -97.88 17.78 3.66
CA GLY SB 54 -96.43 17.61 3.63
C GLY SB 54 -95.79 17.69 5.00
N VAL SB 55 -96.24 18.64 5.83
CA VAL SB 55 -95.67 18.80 7.17
C VAL SB 55 -95.93 17.56 8.00
N ALA SB 56 -97.16 17.03 7.94
CA ALA SB 56 -97.43 15.73 8.56
C ALA SB 56 -96.45 14.67 8.06
N SER SB 57 -96.13 14.70 6.76
CA SER SB 57 -95.17 13.74 6.22
C SER SB 57 -93.77 13.95 6.79
N THR SB 58 -93.45 15.17 7.25
CA THR SB 58 -92.25 15.35 8.05
C THR SB 58 -92.41 14.69 9.42
N LYS SB 59 -93.40 15.13 10.19
CA LYS SB 59 -93.52 14.70 11.58
C LYS SB 59 -93.64 13.20 11.72
N ALA SB 60 -94.06 12.49 10.66
CA ALA SB 60 -94.05 11.04 10.68
C ALA SB 60 -92.62 10.49 10.67
N ARG SB 61 -91.87 10.78 9.60
CA ARG SB 61 -90.57 10.14 9.44
C ARG SB 61 -89.53 10.67 10.42
N ILE SB 62 -89.66 11.92 10.89
CA ILE SB 62 -88.78 12.38 11.98
C ILE SB 62 -88.98 11.50 13.21
N ALA SB 63 -90.24 11.17 13.54
CA ALA SB 63 -90.51 10.24 14.63
C ALA SB 63 -89.88 8.89 14.36
N GLU SB 64 -90.09 8.36 13.14
CA GLU SB 64 -89.40 7.14 12.72
C GLU SB 64 -87.92 7.20 13.05
N LEU SB 65 -87.30 8.35 12.85
CA LEU SB 65 -85.85 8.46 12.95
C LEU SB 65 -85.39 8.64 14.39
N GLU SB 66 -86.17 9.35 15.20
CA GLU SB 66 -85.91 9.41 16.62
C GLU SB 66 -85.98 8.02 17.23
N LYS SB 67 -86.89 7.18 16.74
CA LYS SB 67 -86.97 5.81 17.24
C LYS SB 67 -85.79 4.97 16.74
N ILE SB 68 -85.46 5.07 15.46
CA ILE SB 68 -84.38 4.24 14.90
C ILE SB 68 -83.03 4.62 15.52
N ILE SB 69 -82.84 5.91 15.84
CA ILE SB 69 -81.61 6.33 16.50
C ILE SB 69 -81.66 5.98 17.98
N GLY SB 70 -82.83 6.03 18.60
CA GLY SB 70 -82.98 5.49 19.94
C GLY SB 70 -82.49 4.06 20.02
N GLU SB 71 -82.87 3.24 19.04
CA GLU SB 71 -82.27 1.92 18.89
C GLU SB 71 -80.76 2.04 18.77
N VAL SB 72 -80.26 2.70 17.72
CA VAL SB 72 -78.82 2.69 17.43
C VAL SB 72 -77.98 3.06 18.65
N LYS SB 73 -78.52 3.90 19.54
CA LYS SB 73 -77.77 4.28 20.73
C LYS SB 73 -77.92 3.23 21.84
N ASN SB 74 -79.18 2.90 22.19
CA ASN SB 74 -79.46 1.76 23.08
C ASN SB 74 -78.48 0.62 22.79
N ILE SB 75 -78.35 0.29 21.51
CA ILE SB 75 -77.33 -0.54 20.88
C ILE SB 75 -75.91 -0.19 21.32
N ASN SB 76 -75.40 0.94 20.83
CA ASN SB 76 -73.96 1.16 20.84
C ASN SB 76 -73.40 1.14 22.25
N THR SB 77 -74.21 1.52 23.23
CA THR SB 77 -73.66 1.49 24.58
C THR SB 77 -73.62 0.08 25.17
N ARG SB 78 -74.54 -0.80 24.77
CA ARG SB 78 -74.52 -2.18 25.29
C ARG SB 78 -73.40 -3.00 24.67
N LYS SB 79 -72.93 -2.64 23.48
CA LYS SB 79 -71.84 -3.35 22.83
C LYS SB 79 -70.55 -3.24 23.63
N ALA SB 80 -70.23 -2.03 24.09
CA ALA SB 80 -68.99 -1.79 24.84
C ALA SB 80 -68.98 -2.52 26.17
N GLU SB 81 -70.13 -3.03 26.62
CA GLU SB 81 -70.16 -3.84 27.84
C GLU SB 81 -70.17 -5.32 27.55
N VAL SB 82 -70.93 -5.77 26.53
CA VAL SB 82 -70.77 -7.16 26.11
C VAL SB 82 -69.30 -7.44 25.80
N GLU SB 83 -68.78 -6.76 24.77
CA GLU SB 83 -67.36 -6.47 24.60
C GLU SB 83 -66.50 -6.91 25.79
N LYS SB 84 -66.58 -6.16 26.88
CA LYS SB 84 -65.59 -6.24 27.94
C LYS SB 84 -65.88 -7.39 28.90
N LYS SB 85 -67.17 -7.60 29.23
CA LYS SB 85 -67.58 -8.83 29.91
C LYS SB 85 -66.96 -10.06 29.28
N LEU SB 86 -66.99 -10.13 27.93
CA LEU SB 86 -66.51 -11.33 27.25
C LEU SB 86 -64.99 -11.38 27.20
N ALA SB 87 -64.32 -10.24 27.01
CA ALA SB 87 -62.88 -10.27 27.18
C ALA SB 87 -62.50 -10.88 28.53
N VAL SB 88 -63.23 -10.49 29.59
CA VAL SB 88 -63.11 -11.16 30.88
C VAL SB 88 -63.35 -12.66 30.74
N LEU SB 89 -64.42 -13.04 30.05
CA LEU SB 89 -64.80 -14.45 29.95
C LEU SB 89 -63.71 -15.29 29.29
N ASP SB 90 -63.02 -14.72 28.30
CA ASP SB 90 -61.94 -15.40 27.60
C ASP SB 90 -60.67 -15.43 28.42
N ALA SB 91 -60.50 -14.46 29.33
CA ALA SB 91 -59.44 -14.63 30.33
C ALA SB 91 -59.78 -15.78 31.29
N LEU SB 92 -61.07 -15.93 31.63
CA LEU SB 92 -61.47 -16.91 32.64
C LEU SB 92 -61.47 -18.34 32.10
N ARG SB 93 -61.91 -18.54 30.85
CA ARG SB 93 -61.77 -19.86 30.26
C ARG SB 93 -60.30 -20.30 30.22
N LYS SB 94 -59.41 -19.33 30.03
CA LYS SB 94 -57.98 -19.61 30.15
C LYS SB 94 -57.60 -19.84 31.61
N GLY SB 95 -58.36 -19.28 32.54
CA GLY SB 95 -58.20 -19.53 33.97
C GLY SB 95 -58.81 -20.84 34.45
N ARG SB 96 -59.51 -21.56 33.59
CA ARG SB 96 -59.98 -22.90 33.91
C ARG SB 96 -59.28 -23.97 33.10
N SER SB 97 -58.80 -23.63 31.90
CA SER SB 97 -57.84 -24.47 31.21
C SER SB 97 -56.52 -24.50 31.97
N GLY SB 98 -56.11 -23.34 32.49
CA GLY SB 98 -54.86 -23.16 33.20
C GLY SB 98 -54.55 -24.25 34.18
N PRO SB 99 -55.39 -24.40 35.20
CA PRO SB 99 -55.17 -25.43 36.22
C PRO SB 99 -55.19 -26.86 35.68
N VAL SB 100 -55.22 -27.05 34.37
CA VAL SB 100 -55.53 -28.35 33.78
C VAL SB 100 -54.64 -28.63 32.59
N ARG SB 101 -53.73 -29.60 32.74
CA ARG SB 101 -53.49 -30.65 31.76
C ARG SB 101 -52.06 -30.89 31.24
N MET SB 102 -51.95 -30.76 29.92
CA MET SB 102 -51.35 -31.78 29.07
C MET SB 102 -50.71 -32.93 29.83
N MET SB 103 -51.40 -34.06 29.76
CA MET SB 103 -50.95 -35.45 29.85
C MET SB 103 -51.78 -36.20 30.88
N ASP SB 104 -52.43 -37.26 30.41
CA ASP SB 104 -53.41 -37.94 31.20
C ASP SB 104 -52.72 -38.89 32.19
N ALA SB 105 -53.26 -38.92 33.40
CA ALA SB 105 -52.65 -39.70 34.47
C ALA SB 105 -53.75 -40.11 35.44
N LEU SB 106 -53.38 -40.96 36.38
CA LEU SB 106 -54.26 -41.38 37.46
C LEU SB 106 -53.48 -41.12 38.75
N ALA SB 107 -53.63 -39.91 39.28
CA ALA SB 107 -52.91 -39.50 40.48
C ALA SB 107 -53.84 -38.72 41.38
N SER SB 108 -53.78 -39.02 42.68
CA SER SB 108 -54.53 -38.25 43.68
C SER SB 108 -53.99 -36.83 43.73
N ALA SB 109 -52.78 -36.66 44.27
CA ALA SB 109 -52.08 -35.38 44.27
C ALA SB 109 -51.00 -35.40 43.20
N THR SB 110 -50.81 -34.24 42.57
CA THR SB 110 -49.80 -34.10 41.52
C THR SB 110 -48.64 -33.26 42.02
N PRO SB 111 -47.40 -33.74 41.90
CA PRO SB 111 -46.27 -33.01 42.49
C PRO SB 111 -46.00 -31.64 41.87
N LYS SB 112 -46.37 -31.42 40.62
CA LYS SB 112 -46.15 -30.13 39.97
C LYS SB 112 -47.46 -29.36 39.89
N LYS SB 113 -47.34 -28.04 39.65
CA LYS SB 113 -48.52 -27.20 39.47
C LYS SB 113 -49.48 -27.80 38.45
N VAL SB 114 -48.96 -28.10 37.27
CA VAL SB 114 -49.70 -28.69 36.16
C VAL SB 114 -49.02 -30.02 35.85
N TRP SB 115 -49.69 -30.84 35.04
CA TRP SB 115 -49.02 -32.04 34.58
C TRP SB 115 -48.05 -31.74 33.46
N VAL SB 116 -47.15 -32.68 33.21
CA VAL SB 116 -46.12 -32.57 32.21
C VAL SB 116 -45.98 -33.95 31.59
N LYS SB 117 -45.01 -34.14 30.72
CA LYS SB 117 -44.92 -35.39 29.99
C LYS SB 117 -43.84 -36.30 30.57
N THR SB 118 -42.60 -36.13 30.13
CA THR SB 118 -41.52 -37.04 30.51
C THR SB 118 -40.56 -36.37 31.48
N PHE SB 119 -39.87 -37.19 32.27
CA PHE SB 119 -38.88 -36.75 33.24
C PHE SB 119 -37.74 -37.77 33.22
N SER SB 120 -36.53 -37.31 32.89
CA SER SB 120 -35.39 -38.21 32.83
C SER SB 120 -34.16 -37.54 33.43
N GLU SB 121 -33.57 -38.16 34.43
CA GLU SB 121 -32.51 -37.57 35.23
C GLU SB 121 -31.19 -38.31 35.02
N ASN SB 122 -30.13 -37.75 35.63
CA ASN SB 122 -28.82 -38.39 35.62
C ASN SB 122 -28.00 -38.04 36.85
N ASN SB 123 -28.65 -37.71 37.96
CA ASN SB 123 -28.03 -37.37 39.24
C ASN SB 123 -27.14 -36.14 39.15
N ASN SB 124 -27.20 -35.39 38.06
CA ASN SB 124 -26.55 -34.08 37.99
C ASN SB 124 -27.50 -33.08 37.36
N ALA SB 125 -28.27 -33.54 36.38
CA ALA SB 125 -29.26 -32.72 35.70
C ALA SB 125 -30.48 -33.58 35.39
N VAL SB 126 -31.61 -32.90 35.24
CA VAL SB 126 -32.85 -33.53 34.82
C VAL SB 126 -33.25 -32.89 33.50
N SER SB 127 -33.35 -33.70 32.45
CA SER SB 127 -33.95 -33.29 31.20
C SER SB 127 -35.42 -33.66 31.27
N ILE SB 128 -36.28 -32.63 31.20
CA ILE SB 128 -37.71 -32.85 31.34
C ILE SB 128 -38.38 -32.53 30.01
N ASP SB 129 -39.64 -32.95 29.91
CA ASP SB 129 -40.44 -32.81 28.71
C ASP SB 129 -41.84 -32.50 29.20
N GLY SB 130 -42.41 -31.37 28.79
CA GLY SB 130 -43.72 -31.09 29.33
C GLY SB 130 -44.64 -30.30 28.43
N SER SB 131 -45.64 -29.68 29.04
CA SER SB 131 -46.55 -28.81 28.35
C SER SB 131 -47.25 -27.92 29.38
N ALA SB 132 -47.66 -26.73 28.96
CA ALA SB 132 -48.28 -25.77 29.86
C ALA SB 132 -49.43 -25.10 29.12
N VAL SB 133 -50.16 -24.24 29.83
CA VAL SB 133 -51.43 -23.75 29.28
C VAL SB 133 -51.18 -22.68 28.23
N SER SB 134 -50.12 -21.90 28.35
CA SER SB 134 -49.95 -20.74 27.47
C SER SB 134 -48.56 -20.15 27.67
N HIS SB 135 -48.38 -18.94 27.16
CA HIS SB 135 -47.17 -18.13 27.32
C HIS SB 135 -47.09 -17.59 28.74
N ASP SB 136 -47.99 -18.06 29.61
CA ASP SB 136 -48.13 -17.56 30.96
C ASP SB 136 -47.73 -18.59 32.01
N GLU SB 137 -48.40 -19.74 32.04
CA GLU SB 137 -48.04 -20.76 33.01
C GLU SB 137 -46.68 -21.38 32.74
N VAL SB 138 -46.25 -21.43 31.47
CA VAL SB 138 -44.87 -21.81 31.20
C VAL SB 138 -43.92 -20.69 31.60
N ALA SB 139 -44.40 -19.44 31.59
CA ALA SB 139 -43.60 -18.33 32.10
C ALA SB 139 -43.56 -18.36 33.63
N GLU SB 140 -44.68 -18.67 34.27
CA GLU SB 140 -44.68 -18.85 35.72
C GLU SB 140 -43.72 -19.97 36.11
N PHE SB 141 -43.82 -21.11 35.42
CA PHE SB 141 -42.96 -22.25 35.72
C PHE SB 141 -41.49 -21.94 35.47
N MET SB 142 -41.18 -21.29 34.34
CA MET SB 142 -39.78 -20.99 34.03
C MET SB 142 -39.21 -19.95 34.98
N ARG SB 143 -40.05 -19.00 35.42
CA ARG SB 143 -39.61 -18.03 36.40
C ARG SB 143 -39.31 -18.69 37.73
N GLY SB 144 -40.17 -19.64 38.14
CA GLY SB 144 -39.95 -20.34 39.39
C GLY SB 144 -38.62 -21.06 39.48
N LEU SB 145 -37.92 -21.21 38.36
CA LEU SB 145 -36.63 -21.90 38.34
C LEU SB 145 -35.46 -20.93 38.19
N ASN SB 146 -35.08 -20.71 36.93
CA ASN SB 146 -33.87 -19.96 36.64
C ASN SB 146 -33.85 -19.59 35.16
N GLY SB 147 -32.91 -18.71 34.82
CA GLY SB 147 -32.74 -18.18 33.49
C GLY SB 147 -31.28 -17.86 33.26
N VAL SB 148 -30.76 -18.30 32.12
CA VAL SB 148 -29.31 -18.50 31.96
C VAL SB 148 -28.91 -18.15 30.53
N VAL SB 149 -27.71 -17.58 30.40
CA VAL SB 149 -27.06 -17.41 29.10
C VAL SB 149 -26.13 -18.62 28.93
N TRP SB 150 -26.56 -19.57 28.12
CA TRP SB 150 -25.78 -20.77 27.89
C TRP SB 150 -24.85 -20.58 26.69
N THR SB 151 -23.68 -21.21 26.75
CA THR SB 151 -22.67 -20.95 25.73
C THR SB 151 -22.10 -22.25 25.15
N PRO SB 152 -20.86 -22.73 25.49
CA PRO SB 152 -20.26 -23.75 24.63
C PRO SB 152 -20.89 -25.13 24.88
N LYS SB 153 -21.74 -25.56 23.96
CA LYS SB 153 -22.46 -26.82 24.14
C LYS SB 153 -21.63 -27.99 23.61
N GLY SB 154 -21.67 -29.11 24.34
CA GLY SB 154 -21.03 -30.32 23.89
C GLY SB 154 -22.02 -31.30 23.30
N MET SB 155 -21.71 -31.84 22.12
CA MET SB 155 -22.58 -32.81 21.47
C MET SB 155 -22.18 -34.21 21.92
N GLY SB 156 -23.18 -35.03 22.24
CA GLY SB 156 -22.93 -36.36 22.79
C GLY SB 156 -23.93 -37.37 22.29
N ARG SB 157 -23.54 -38.64 22.40
CA ARG SB 157 -24.24 -39.75 21.74
C ARG SB 157 -25.69 -39.93 22.18
N LEU SB 158 -26.12 -39.23 23.23
CA LEU SB 158 -27.53 -39.26 23.61
C LEU SB 158 -28.38 -38.38 22.71
N VAL SB 159 -27.85 -37.22 22.30
CA VAL SB 159 -28.52 -36.39 21.31
C VAL SB 159 -28.91 -37.21 20.08
N ASP SB 160 -27.94 -37.92 19.50
CA ASP SB 160 -28.22 -38.68 18.29
C ASP SB 160 -29.14 -39.85 18.57
N ARG SB 161 -29.07 -40.44 19.76
CA ARG SB 161 -30.06 -41.44 20.14
C ARG SB 161 -31.46 -40.83 20.24
N ARG SB 162 -31.55 -39.52 20.45
CA ARG SB 162 -32.84 -38.84 20.33
C ARG SB 162 -33.22 -38.63 18.86
N ARG SB 163 -32.25 -38.24 18.03
CA ARG SB 163 -32.49 -38.19 16.60
C ARG SB 163 -32.77 -39.58 16.03
N ASP SB 164 -32.17 -40.62 16.62
CA ASP SB 164 -32.41 -41.97 16.15
C ASP SB 164 -33.78 -42.51 16.55
N SER SB 165 -34.48 -41.81 17.46
CA SER SB 165 -35.64 -42.30 18.21
C SER SB 165 -35.27 -43.43 19.17
N LYS SB 166 -33.97 -43.73 19.29
CA LYS SB 166 -33.53 -44.96 19.95
C LYS SB 166 -33.72 -44.92 21.47
N THR SB 167 -33.83 -43.73 22.05
CA THR SB 167 -34.19 -43.53 23.46
C THR SB 167 -35.56 -42.86 23.43
N ALA SB 168 -36.60 -43.58 23.88
CA ALA SB 168 -37.98 -43.14 23.69
C ALA SB 168 -38.21 -41.75 24.28
N ARG SB 169 -38.71 -40.85 23.45
CA ARG SB 169 -39.25 -39.58 23.94
C ARG SB 169 -40.18 -38.94 22.91
N VAL SB 170 -40.35 -37.63 23.01
CA VAL SB 170 -41.35 -36.92 22.21
C VAL SB 170 -40.68 -35.87 21.33
N GLU SB 171 -40.46 -36.22 20.07
CA GLU SB 171 -39.52 -35.48 19.23
C GLU SB 171 -40.10 -34.21 18.63
N MET SB 172 -41.08 -33.64 19.29
CA MET SB 172 -41.24 -32.21 19.25
C MET SB 172 -40.06 -31.50 19.88
N LEU SB 173 -39.23 -32.21 20.63
CA LEU SB 173 -38.29 -31.58 21.52
C LEU SB 173 -36.96 -31.34 20.84
N THR SB 174 -36.36 -30.19 21.15
CA THR SB 174 -34.94 -30.05 20.92
C THR SB 174 -34.19 -31.06 21.79
N SER SB 175 -32.90 -31.21 21.52
CA SER SB 175 -32.14 -32.30 22.12
C SER SB 175 -31.30 -31.84 23.30
N ASP SB 176 -30.17 -32.51 23.52
CA ASP SB 176 -29.05 -31.99 24.29
C ASP SB 176 -29.24 -32.08 25.80
N ALA SB 177 -28.12 -31.96 26.52
CA ALA SB 177 -28.09 -31.92 27.99
C ALA SB 177 -26.67 -31.73 28.50
N THR SB 178 -25.83 -30.96 27.79
CA THR SB 178 -24.45 -30.76 28.20
C THR SB 178 -23.97 -29.41 27.69
N ILE SB 179 -23.60 -28.52 28.62
CA ILE SB 179 -23.22 -27.15 28.25
C ILE SB 179 -22.60 -26.43 29.46
N GLU SB 180 -22.50 -25.10 29.37
CA GLU SB 180 -21.90 -24.26 30.40
C GLU SB 180 -22.75 -23.01 30.53
N GLU SB 181 -23.10 -22.64 31.76
CA GLU SB 181 -24.26 -21.80 32.02
C GLU SB 181 -23.87 -20.54 32.78
N PHE SB 182 -24.34 -19.41 32.32
CA PHE SB 182 -24.19 -18.15 33.03
C PHE SB 182 -25.55 -17.64 33.47
N PRO SB 183 -25.70 -17.20 34.71
CA PRO SB 183 -27.03 -16.83 35.20
C PRO SB 183 -27.48 -15.49 34.65
N GLU SB 184 -28.74 -15.43 34.20
CA GLU SB 184 -29.39 -14.18 33.87
C GLU SB 184 -30.33 -13.73 34.98
N ALA SB 185 -31.29 -14.58 35.34
CA ALA SB 185 -32.22 -14.33 36.43
C ALA SB 185 -32.45 -15.66 37.12
N GLN SB 186 -33.06 -15.62 38.31
CA GLN SB 186 -33.01 -16.72 39.26
C GLN SB 186 -34.16 -16.57 40.25
N VAL SB 187 -34.83 -17.66 40.62
CA VAL SB 187 -35.85 -17.51 41.66
C VAL SB 187 -35.70 -18.61 42.70
N SER SB 188 -35.40 -19.82 42.25
CA SER SB 188 -35.07 -20.90 43.18
C SER SB 188 -33.56 -20.95 43.36
N PRO SB 189 -33.06 -20.75 44.59
CA PRO SB 189 -31.60 -20.84 44.82
C PRO SB 189 -31.06 -22.22 44.59
N PHE SB 190 -31.96 -23.17 44.40
CA PHE SB 190 -31.59 -24.58 44.36
C PHE SB 190 -31.45 -25.07 42.93
N PHE SB 191 -31.97 -24.36 41.94
CA PHE SB 191 -32.06 -24.89 40.59
C PHE SB 191 -31.42 -23.95 39.58
N LYS SB 192 -30.63 -24.54 38.68
CA LYS SB 192 -29.99 -23.89 37.54
C LYS SB 192 -30.65 -24.48 36.29
N ASN SB 193 -31.75 -23.85 35.89
CA ASN SB 193 -32.33 -24.13 34.58
C ASN SB 193 -31.40 -23.60 33.51
N ILE SB 194 -31.15 -24.41 32.48
CA ILE SB 194 -30.24 -23.94 31.43
C ILE SB 194 -30.98 -23.02 30.46
N ASP SB 195 -32.23 -23.33 30.12
CA ASP SB 195 -33.09 -22.55 29.23
C ASP SB 195 -34.36 -23.34 28.91
N LEU SB 196 -35.42 -22.62 28.54
CA LEU SB 196 -36.59 -23.23 27.91
C LEU SB 196 -36.16 -23.69 26.52
N GLN SB 197 -35.70 -24.94 26.45
CA GLN SB 197 -35.10 -25.46 25.24
C GLN SB 197 -36.02 -25.34 24.03
N THR SB 198 -37.32 -25.51 24.21
CA THR SB 198 -38.24 -25.24 23.12
C THR SB 198 -39.66 -25.14 23.65
N ALA SB 199 -40.55 -24.63 22.80
CA ALA SB 199 -41.96 -24.45 23.14
C ALA SB 199 -42.77 -24.19 21.87
N LYS SB 200 -43.83 -24.96 21.70
CA LYS SB 200 -44.64 -24.99 20.48
C LYS SB 200 -46.09 -25.25 20.85
N GLN SB 201 -46.98 -24.33 20.49
CA GLN SB 201 -48.38 -24.45 20.87
C GLN SB 201 -49.07 -25.42 19.91
N VAL SB 202 -49.45 -26.59 20.42
CA VAL SB 202 -50.01 -27.66 19.61
C VAL SB 202 -51.52 -27.49 19.59
N GLY SB 203 -52.09 -27.27 18.41
CA GLY SB 203 -53.50 -26.94 18.32
C GLY SB 203 -54.42 -28.14 18.39
N GLY SB 204 -54.07 -29.23 17.71
CA GLY SB 204 -54.95 -30.37 17.61
C GLY SB 204 -55.64 -30.43 16.26
N ALA SB 205 -56.79 -31.07 16.24
CA ALA SB 205 -57.54 -31.21 14.99
C ALA SB 205 -59.03 -31.38 15.31
N GLN SB 206 -59.80 -31.71 14.27
CA GLN SB 206 -61.23 -31.95 14.42
C GLN SB 206 -61.54 -33.16 15.27
N VAL SB 207 -60.56 -34.07 15.45
CA VAL SB 207 -60.76 -35.21 16.34
C VAL SB 207 -60.60 -34.80 17.80
N GLY SB 208 -59.95 -33.66 18.07
CA GLY SB 208 -59.77 -33.21 19.43
C GLY SB 208 -58.68 -32.18 19.65
N VAL SB 209 -58.72 -31.54 20.81
CA VAL SB 209 -57.78 -30.48 21.18
C VAL SB 209 -56.57 -31.00 21.93
N PRO SB 210 -55.49 -30.20 21.94
CA PRO SB 210 -54.91 -29.87 23.24
C PRO SB 210 -54.70 -28.35 23.36
N ILE SB 211 -54.37 -27.70 22.24
CA ILE SB 211 -54.30 -26.24 22.09
C ILE SB 211 -53.14 -25.64 22.88
N LEU SB 212 -52.57 -26.39 23.82
CA LEU SB 212 -51.63 -25.80 24.76
C LEU SB 212 -50.22 -25.69 24.16
N VAL SB 213 -49.29 -25.27 25.02
CA VAL SB 213 -47.90 -25.04 24.60
C VAL SB 213 -47.06 -26.23 25.09
N GLU SB 214 -46.76 -27.14 24.18
CA GLU SB 214 -45.77 -28.17 24.44
C GLU SB 214 -44.42 -27.50 24.67
N PHE SB 215 -43.61 -28.03 25.58
CA PHE SB 215 -42.32 -27.39 25.82
C PHE SB 215 -41.29 -28.40 26.28
N LYS SB 216 -40.04 -27.96 26.32
CA LYS SB 216 -38.93 -28.74 26.86
C LYS SB 216 -37.89 -27.85 27.52
N ILE SB 217 -37.42 -28.31 28.68
CA ILE SB 217 -36.48 -27.66 29.59
C ILE SB 217 -35.48 -28.70 30.09
N THR SB 218 -34.25 -28.25 30.37
CA THR SB 218 -33.27 -29.06 31.09
C THR SB 218 -32.68 -28.23 32.24
N MET SB 219 -32.48 -28.87 33.40
CA MET SB 219 -32.15 -28.15 34.62
C MET SB 219 -31.30 -28.98 35.56
N THR SB 220 -30.17 -28.42 36.00
CA THR SB 220 -29.35 -29.01 37.05
C THR SB 220 -29.69 -28.36 38.38
N SER SB 221 -29.83 -29.17 39.42
CA SER SB 221 -30.44 -28.75 40.65
C SER SB 221 -29.40 -28.16 41.58
N ASN SB 222 -29.52 -28.48 42.87
CA ASN SB 222 -28.37 -28.31 43.74
C ASN SB 222 -28.41 -29.39 44.80
N TYR SB 223 -27.31 -29.50 45.56
CA TYR SB 223 -26.35 -30.57 45.36
C TYR SB 223 -27.04 -31.92 45.22
N MET TB 1 -124.35 79.78 4.01
CA MET TB 1 -124.56 80.48 2.75
C MET TB 1 -125.21 79.54 1.73
N ASP TB 2 -126.21 80.03 1.01
CA ASP TB 2 -127.20 79.13 0.43
C ASP TB 2 -126.91 78.70 -1.01
N LYS TB 3 -126.31 79.57 -1.84
CA LYS TB 3 -125.95 79.13 -3.20
C LYS TB 3 -125.13 77.84 -3.16
N TYR TB 4 -124.14 77.77 -2.28
CA TYR TB 4 -123.41 76.53 -2.08
C TYR TB 4 -124.31 75.42 -1.56
N LEU TB 5 -125.34 75.77 -0.79
CA LEU TB 5 -126.21 74.75 -0.20
C LEU TB 5 -127.14 74.12 -1.24
N ASP TB 6 -127.49 74.86 -2.28
CA ASP TB 6 -128.32 74.27 -3.33
C ASP TB 6 -127.45 73.66 -4.42
N GLN TB 7 -126.19 74.10 -4.54
CA GLN TB 7 -125.19 73.25 -5.21
C GLN TB 7 -125.05 71.94 -4.44
N PHE TB 8 -125.28 71.96 -3.12
CA PHE TB 8 -125.28 70.76 -2.30
C PHE TB 8 -126.57 69.96 -2.39
N VAL TB 9 -127.68 70.59 -2.77
CA VAL TB 9 -128.92 69.84 -2.96
C VAL TB 9 -129.02 69.28 -4.38
N LYS TB 10 -128.28 69.86 -5.34
CA LYS TB 10 -128.32 69.37 -6.71
C LYS TB 10 -127.33 68.23 -6.95
N ALA TB 11 -126.06 68.41 -6.54
CA ALA TB 11 -124.95 67.57 -6.99
C ALA TB 11 -124.48 66.47 -6.03
N PRO TB 12 -124.25 66.73 -4.74
CA PRO TB 12 -123.44 65.81 -3.92
C PRO TB 12 -124.11 64.49 -3.59
N PRO TB 13 -125.34 64.21 -4.06
CA PRO TB 13 -125.66 62.79 -4.23
C PRO TB 13 -124.59 62.11 -5.07
N ALA TB 14 -124.26 62.74 -6.21
CA ALA TB 14 -123.23 62.19 -7.09
C ALA TB 14 -121.87 62.17 -6.40
N ILE TB 15 -121.52 63.23 -5.67
CA ILE TB 15 -120.17 63.34 -5.12
C ILE TB 15 -120.00 62.42 -3.91
N LYS TB 16 -121.04 62.32 -3.07
CA LYS TB 16 -120.97 61.38 -1.95
C LYS TB 16 -120.89 59.94 -2.45
N PHE TB 17 -121.77 59.58 -3.40
CA PHE TB 17 -121.69 58.25 -3.99
C PHE TB 17 -120.30 57.97 -4.55
N GLY TB 18 -119.75 58.94 -5.29
CA GLY TB 18 -118.41 58.78 -5.83
C GLY TB 18 -117.37 58.54 -4.76
N GLY TB 19 -117.39 59.35 -3.71
CA GLY TB 19 -116.44 59.15 -2.62
C GLY TB 19 -116.53 57.77 -2.01
N LEU TB 20 -117.76 57.33 -1.74
CA LEU TB 20 -117.95 55.95 -1.27
C LEU TB 20 -117.33 54.95 -2.23
N ALA TB 21 -117.45 55.20 -3.53
CA ALA TB 21 -116.92 54.26 -4.52
C ALA TB 21 -115.40 54.24 -4.54
N PHE TB 22 -114.76 55.40 -4.49
CA PHE TB 22 -113.30 55.41 -4.45
C PHE TB 22 -112.79 54.74 -3.18
N VAL TB 23 -113.50 54.93 -2.07
CA VAL TB 23 -113.11 54.27 -0.83
C VAL TB 23 -113.21 52.75 -0.97
N VAL TB 24 -114.35 52.26 -1.49
CA VAL TB 24 -114.50 50.81 -1.58
C VAL TB 24 -113.50 50.21 -2.57
N GLY TB 25 -113.17 50.97 -3.63
CA GLY TB 25 -112.10 50.54 -4.51
C GLY TB 25 -110.77 50.42 -3.80
N ALA TB 26 -110.42 51.41 -2.97
CA ALA TB 26 -109.19 51.33 -2.19
C ALA TB 26 -109.18 50.11 -1.27
N LEU TB 27 -110.30 49.88 -0.57
CA LEU TB 27 -110.35 48.77 0.38
C LEU TB 27 -110.24 47.42 -0.34
N THR TB 28 -110.81 47.32 -1.54
CA THR TB 28 -110.65 46.09 -2.31
C THR TB 28 -109.22 45.91 -2.82
N ALA TB 29 -108.57 47.00 -3.23
CA ALA TB 29 -107.13 46.90 -3.51
C ALA TB 29 -106.39 46.35 -2.30
N ALA TB 30 -106.71 46.88 -1.12
CA ALA TB 30 -106.01 46.48 0.10
C ALA TB 30 -106.24 45.00 0.44
N ASN TB 31 -107.48 44.52 0.34
CA ASN TB 31 -107.72 43.13 0.71
C ASN TB 31 -107.17 42.16 -0.35
N PHE TB 32 -107.13 42.58 -1.62
CA PHE TB 32 -106.48 41.74 -2.62
C PHE TB 32 -104.99 41.64 -2.36
N PHE TB 33 -104.35 42.75 -1.99
CA PHE TB 33 -102.94 42.66 -1.62
C PHE TB 33 -102.76 41.79 -0.37
N MET TB 34 -103.70 41.89 0.57
CA MET TB 34 -103.66 41.10 1.80
C MET TB 34 -104.07 39.65 1.58
N VAL TB 35 -104.49 39.26 0.36
CA VAL TB 35 -104.57 37.84 0.04
C VAL TB 35 -103.41 37.39 -0.84
N ILE TB 36 -102.72 38.32 -1.51
CA ILE TB 36 -101.53 37.95 -2.27
C ILE TB 36 -100.35 37.68 -1.32
N GLN TB 37 -100.21 38.47 -0.27
CA GLN TB 37 -99.09 38.26 0.65
C GLN TB 37 -99.12 36.90 1.37
N PRO TB 38 -100.27 36.41 1.87
CA PRO TB 38 -100.26 35.04 2.43
C PRO TB 38 -99.93 33.96 1.42
N THR TB 39 -100.16 34.20 0.13
CA THR TB 39 -99.68 33.28 -0.90
C THR TB 39 -98.17 33.14 -0.83
N GLU TB 40 -97.47 34.27 -0.94
CA GLU TB 40 -96.01 34.25 -0.90
C GLU TB 40 -95.50 33.62 0.38
N GLU TB 41 -96.04 34.05 1.53
CA GLU TB 41 -95.65 33.45 2.81
C GLU TB 41 -95.85 31.94 2.78
N GLU TB 42 -96.92 31.51 2.13
CA GLU TB 42 -97.30 30.10 2.13
C GLU TB 42 -96.35 29.27 1.27
N ILE TB 43 -96.01 29.78 0.09
CA ILE TB 43 -94.96 29.14 -0.73
C ILE TB 43 -93.67 29.06 0.06
N GLY TB 44 -93.36 30.11 0.83
CA GLY TB 44 -92.18 30.08 1.67
C GLY TB 44 -92.20 28.94 2.69
N TRP TB 45 -93.30 28.81 3.44
CA TRP TB 45 -93.40 27.72 4.41
C TRP TB 45 -93.36 26.36 3.72
N ALA TB 46 -93.89 26.29 2.50
CA ALA TB 46 -93.71 25.08 1.70
C ALA TB 46 -92.24 24.77 1.53
N VAL TB 47 -91.46 25.76 1.07
CA VAL TB 47 -90.05 25.53 0.78
C VAL TB 47 -89.28 25.17 2.04
N ALA TB 48 -89.67 25.71 3.19
CA ALA TB 48 -89.04 25.28 4.44
C ALA TB 48 -89.38 23.82 4.76
N GLU TB 49 -90.68 23.50 4.79
CA GLU TB 49 -91.12 22.17 5.18
C GLU TB 49 -90.50 21.09 4.31
N ARG TB 50 -90.52 21.27 2.98
CA ARG TB 50 -89.92 20.27 2.09
C ARG TB 50 -88.44 20.09 2.39
N ARG TB 51 -87.74 21.18 2.74
CA ARG TB 51 -86.35 21.07 3.14
C ARG TB 51 -86.20 20.31 4.45
N LYS TB 52 -87.25 20.26 5.27
CA LYS TB 52 -87.17 19.40 6.45
C LYS TB 52 -87.43 17.93 6.09
N LEU TB 53 -88.43 17.69 5.22
CA LEU TB 53 -88.64 16.35 4.68
C LEU TB 53 -87.34 15.74 4.17
N ASP TB 54 -86.61 16.51 3.37
CA ASP TB 54 -85.45 15.97 2.66
C ASP TB 54 -84.23 15.74 3.55
N LEU TB 55 -84.07 16.53 4.63
CA LEU TB 55 -83.02 16.21 5.59
C LEU TB 55 -83.39 15.01 6.45
N GLU TB 56 -84.67 14.92 6.83
CA GLU TB 56 -85.10 13.76 7.61
C GLU TB 56 -84.89 12.47 6.82
N LEU TB 57 -85.18 12.50 5.51
CA LEU TB 57 -84.85 11.33 4.69
C LEU TB 57 -83.37 11.01 4.74
N ALA TB 58 -82.50 11.99 4.95
CA ALA TB 58 -81.09 11.67 5.14
C ALA TB 58 -80.89 10.93 6.46
N ASP TB 59 -81.49 11.45 7.54
CA ASP TB 59 -81.34 10.79 8.83
C ASP TB 59 -81.86 9.35 8.79
N LYS TB 60 -82.90 9.07 8.01
CA LYS TB 60 -83.44 7.71 8.02
C LYS TB 60 -82.43 6.71 7.45
N SER TB 61 -81.82 7.04 6.31
CA SER TB 61 -80.83 6.13 5.74
C SER TB 61 -79.60 6.01 6.65
N GLU TB 62 -79.15 7.13 7.22
CA GLU TB 62 -78.02 7.08 8.14
C GLU TB 62 -78.28 6.11 9.28
N ILE TB 63 -79.44 6.24 9.93
CA ILE TB 63 -79.69 5.42 11.12
C ILE TB 63 -80.04 3.99 10.75
N ALA TB 64 -80.66 3.77 9.59
CA ALA TB 64 -80.89 2.41 9.13
C ALA TB 64 -79.57 1.69 8.88
N GLN TB 65 -78.59 2.41 8.32
CA GLN TB 65 -77.27 1.84 8.14
C GLN TB 65 -76.58 1.57 9.47
N ASN TB 66 -76.76 2.48 10.44
CA ASN TB 66 -76.20 2.24 11.77
C ASN TB 66 -76.86 1.05 12.45
N LEU TB 67 -78.15 0.82 12.18
CA LEU TB 67 -78.84 -0.36 12.70
C LEU TB 67 -78.28 -1.64 12.11
N ASN TB 68 -78.15 -1.67 10.78
CA ASN TB 68 -77.48 -2.80 10.12
C ASN TB 68 -76.13 -3.07 10.76
N GLU TB 69 -75.32 -2.02 10.96
CA GLU TB 69 -74.00 -2.22 11.57
C GLU TB 69 -74.12 -2.71 13.02
N ARG TB 70 -75.20 -2.34 13.72
CA ARG TB 70 -75.40 -2.98 15.01
C ARG TB 70 -75.50 -4.47 14.79
N ARG TB 71 -76.60 -4.88 14.13
CA ARG TB 71 -76.96 -6.29 13.98
C ARG TB 71 -75.67 -7.06 13.71
N ARG TB 72 -74.97 -6.59 12.66
CA ARG TB 72 -73.59 -6.93 12.35
C ARG TB 72 -72.85 -7.29 13.63
N GLU TB 73 -72.54 -6.32 14.50
CA GLU TB 73 -71.63 -6.77 15.56
C GLU TB 73 -72.24 -7.07 16.93
N MET TB 74 -73.42 -6.55 17.27
CA MET TB 74 -74.04 -6.95 18.52
C MET TB 74 -74.41 -8.43 18.51
N ASP TB 75 -74.91 -8.95 17.38
CA ASP TB 75 -75.29 -10.35 17.33
C ASP TB 75 -74.05 -11.25 17.30
N VAL TB 76 -72.96 -10.76 16.72
CA VAL TB 76 -71.68 -11.46 16.79
C VAL TB 76 -71.14 -11.43 18.22
N LEU TB 77 -71.42 -10.33 18.94
CA LEU TB 77 -70.95 -10.24 20.32
C LEU TB 77 -71.77 -11.14 21.23
N GLU TB 78 -72.99 -11.51 20.80
CA GLU TB 78 -73.85 -12.42 21.58
C GLU TB 78 -73.56 -13.88 21.25
N GLN TB 79 -72.44 -14.15 20.59
CA GLN TB 79 -72.15 -15.47 20.04
C GLN TB 79 -71.84 -16.45 21.17
N LYS TB 80 -71.82 -17.73 20.83
CA LYS TB 80 -71.99 -18.74 21.87
C LYS TB 80 -70.84 -19.73 22.01
N LEU TB 81 -71.14 -20.86 22.68
CA LEU TB 81 -70.19 -21.93 22.97
C LEU TB 81 -69.61 -22.58 21.72
N SER TB 82 -68.37 -22.22 21.43
CA SER TB 82 -67.68 -22.70 20.25
C SER TB 82 -66.27 -22.18 20.36
N GLU TB 83 -65.76 -21.67 19.25
CA GLU TB 83 -64.82 -20.57 19.36
C GLU TB 83 -65.55 -19.39 20.00
N ALA TB 84 -64.79 -18.59 20.75
CA ALA TB 84 -65.26 -17.32 21.28
C ALA TB 84 -64.30 -16.23 20.84
N LEU TB 85 -64.82 -15.05 20.53
CA LEU TB 85 -64.01 -13.93 20.07
C LEU TB 85 -63.64 -13.02 21.23
N THR TB 86 -62.75 -12.08 20.97
CA THR TB 86 -62.67 -10.87 21.78
C THR TB 86 -63.73 -9.91 21.25
N GLU TB 87 -64.01 -8.88 22.05
CA GLU TB 87 -64.77 -7.72 21.58
C GLU TB 87 -64.28 -7.27 20.23
N LEU TB 88 -65.19 -6.71 19.44
CA LEU TB 88 -64.82 -6.14 18.15
C LEU TB 88 -65.36 -4.73 18.05
N PRO TB 89 -64.55 -3.71 18.31
CA PRO TB 89 -64.87 -2.37 17.82
C PRO TB 89 -64.37 -2.19 16.40
N GLU TB 90 -64.93 -1.26 15.64
CA GLU TB 90 -64.41 -0.96 14.31
C GLU TB 90 -63.03 -0.33 14.47
N GLN TB 91 -61.99 -1.16 14.38
CA GLN TB 91 -60.64 -0.61 14.42
C GLN TB 91 -60.31 0.10 13.12
N ARG TB 92 -60.22 -0.66 12.02
CA ARG TB 92 -60.15 -0.12 10.67
C ARG TB 92 -58.94 0.78 10.46
N ASP TB 93 -57.81 0.41 11.09
CA ASP TB 93 -56.51 1.01 10.79
C ASP TB 93 -55.46 -0.10 10.97
N ILE TB 94 -54.93 -0.57 9.85
CA ILE TB 94 -54.05 -1.73 9.86
C ILE TB 94 -52.59 -1.30 9.94
N GLU TB 95 -52.20 -0.35 9.08
CA GLU TB 95 -50.80 0.06 9.00
C GLU TB 95 -50.29 0.59 10.34
N GLU TB 96 -51.18 1.20 11.13
CA GLU TB 96 -50.79 1.61 12.47
C GLU TB 96 -50.60 0.41 13.38
N LEU TB 97 -51.33 -0.68 13.10
CA LEU TB 97 -51.11 -1.91 13.85
C LEU TB 97 -49.73 -2.50 13.54
N LEU TB 98 -49.38 -2.56 12.26
CA LEU TB 98 -48.04 -3.03 11.90
C LEU TB 98 -46.97 -2.13 12.51
N ALA TB 99 -47.16 -0.81 12.42
CA ALA TB 99 -46.16 0.12 12.97
C ALA TB 99 -46.00 -0.07 14.47
N GLN TB 100 -47.11 -0.18 15.20
CA GLN TB 100 -47.01 -0.31 16.65
C GLN TB 100 -46.45 -1.66 17.06
N ILE TB 101 -46.71 -2.70 16.27
CA ILE TB 101 -46.03 -3.98 16.49
C ILE TB 101 -44.52 -3.80 16.34
N ASN TB 102 -44.09 -3.07 15.31
CA ASN TB 102 -42.67 -2.80 15.15
C ASN TB 102 -42.12 -2.05 16.36
N ASP TB 103 -42.88 -1.08 16.88
CA ASP TB 103 -42.38 -0.25 17.99
C ASP TB 103 -42.26 -1.06 19.28
N ILE TB 104 -43.29 -1.81 19.64
CA ILE TB 104 -43.20 -2.64 20.83
C ILE TB 104 -42.12 -3.70 20.67
N GLY TB 105 -41.87 -4.14 19.43
CA GLY TB 105 -40.74 -5.03 19.20
C GLY TB 105 -39.42 -4.34 19.49
N LYS TB 106 -39.26 -3.12 19.01
CA LYS TB 106 -37.99 -2.41 19.17
C LYS TB 106 -37.72 -2.07 20.63
N LYS TB 107 -38.74 -1.60 21.36
CA LYS TB 107 -38.51 -1.26 22.76
C LYS TB 107 -38.38 -2.49 23.64
N SER TB 108 -38.78 -3.66 23.15
CA SER TB 108 -38.50 -4.89 23.86
C SER TB 108 -37.14 -5.48 23.53
N GLY TB 109 -36.41 -4.88 22.57
CA GLY TB 109 -35.09 -5.33 22.21
C GLY TB 109 -35.03 -6.41 21.16
N LEU TB 110 -36.16 -6.77 20.55
CA LEU TB 110 -36.20 -7.90 19.63
C LEU TB 110 -35.89 -7.45 18.22
N GLU TB 111 -35.19 -8.33 17.48
CA GLU TB 111 -35.01 -8.14 16.04
C GLU TB 111 -36.24 -8.70 15.33
N LEU TB 112 -36.97 -7.84 14.63
CA LEU TB 112 -38.16 -8.24 13.88
C LEU TB 112 -37.70 -8.80 12.55
N SER TB 113 -37.53 -10.13 12.50
CA SER TB 113 -37.00 -10.75 11.29
C SER TB 113 -38.03 -10.87 10.18
N SER TB 114 -39.32 -10.89 10.50
CA SER TB 114 -40.33 -10.92 9.44
C SER TB 114 -41.71 -10.65 10.02
N VAL TB 115 -42.45 -9.75 9.38
CA VAL TB 115 -43.88 -9.59 9.62
C VAL TB 115 -44.60 -9.91 8.31
N THR TB 116 -45.55 -10.85 8.39
CA THR TB 116 -46.23 -11.33 7.20
C THR TB 116 -47.73 -11.22 7.41
N PRO TB 117 -48.45 -10.39 6.64
CA PRO TB 117 -49.90 -10.33 6.79
C PRO TB 117 -50.52 -11.65 6.36
N GLY TB 118 -51.83 -11.74 6.49
CA GLY TB 118 -52.53 -12.95 6.13
C GLY TB 118 -53.54 -12.74 5.04
N LYS TB 119 -54.36 -13.76 4.84
CA LYS TB 119 -55.57 -13.57 4.07
C LYS TB 119 -56.74 -13.38 5.01
N GLU TB 120 -57.70 -12.58 4.56
CA GLU TB 120 -58.94 -12.42 5.31
C GLU TB 120 -59.69 -13.75 5.32
N SER TB 121 -60.27 -14.09 6.46
CA SER TB 121 -60.97 -15.35 6.64
C SER TB 121 -62.42 -15.18 6.20
N VAL TB 122 -62.66 -15.43 4.90
CA VAL TB 122 -63.98 -15.19 4.31
C VAL TB 122 -65.06 -16.02 4.98
N GLY TB 123 -64.70 -17.19 5.51
CA GLY TB 123 -65.63 -18.00 6.28
C GLY TB 123 -65.28 -18.04 7.76
N GLY TB 124 -64.70 -16.96 8.26
CA GLY TB 124 -64.35 -16.85 9.66
C GLY TB 124 -65.32 -15.98 10.44
N GLY TB 125 -66.46 -15.69 9.82
CA GLY TB 125 -67.46 -14.84 10.43
C GLY TB 125 -68.45 -14.32 9.42
N GLU TB 126 -69.73 -14.21 9.79
CA GLU TB 126 -70.70 -13.60 8.90
C GLU TB 126 -70.57 -12.09 8.88
N PHE TB 127 -70.13 -11.48 9.98
CA PHE TB 127 -70.10 -10.03 10.09
C PHE TB 127 -68.69 -9.45 10.15
N PHE TB 128 -67.65 -10.25 9.89
CA PHE TB 128 -66.28 -9.77 10.01
C PHE TB 128 -65.35 -10.68 9.22
N ALA TB 129 -64.44 -10.06 8.49
CA ALA TB 129 -63.33 -10.76 7.85
C ALA TB 129 -62.12 -10.61 8.77
N ARG TB 130 -61.66 -11.74 9.32
CA ARG TB 130 -60.47 -11.71 10.15
C ARG TB 130 -59.23 -11.71 9.28
N ILE TB 131 -58.36 -10.73 9.50
CA ILE TB 131 -57.04 -10.69 8.87
C ILE TB 131 -56.02 -11.15 9.92
N PRO TB 132 -55.33 -12.27 9.69
CA PRO TB 132 -54.28 -12.70 10.60
C PRO TB 132 -52.92 -12.15 10.16
N ILE TB 133 -52.09 -11.85 11.15
CA ILE TB 133 -50.75 -11.33 10.94
C ILE TB 133 -49.80 -12.23 11.71
N LYS TB 134 -48.85 -12.84 10.99
CA LYS TB 134 -47.84 -13.69 11.61
C LYS TB 134 -46.56 -12.89 11.80
N MET TB 135 -46.11 -12.76 13.04
CA MET TB 135 -44.94 -11.97 13.37
C MET TB 135 -43.81 -12.88 13.83
N THR TB 136 -42.58 -12.49 13.49
CA THR TB 136 -41.39 -13.33 13.58
C THR TB 136 -40.26 -12.46 14.11
N VAL TB 137 -39.97 -12.63 15.41
CA VAL TB 137 -39.06 -11.78 16.17
C VAL TB 137 -38.12 -12.67 16.94
N SER TB 138 -36.88 -12.22 17.16
CA SER TB 138 -35.87 -13.04 17.83
C SER TB 138 -35.25 -12.30 19.00
N GLY TB 139 -34.99 -13.03 20.08
CA GLY TB 139 -34.28 -12.43 21.20
C GLY TB 139 -34.27 -13.37 22.40
N ASN TB 140 -34.44 -12.78 23.57
CA ASN TB 140 -34.42 -13.51 24.84
C ASN TB 140 -35.84 -13.88 25.26
N TYR TB 141 -35.94 -14.95 26.06
CA TYR TB 141 -37.25 -15.38 26.58
C TYR TB 141 -37.97 -14.26 27.29
N HIS TB 142 -37.27 -13.55 28.18
CA HIS TB 142 -37.84 -12.41 28.89
C HIS TB 142 -38.36 -11.38 27.89
N GLU TB 143 -37.62 -11.13 26.82
CA GLU TB 143 -37.98 -10.10 25.86
C GLU TB 143 -39.17 -10.52 24.99
N ILE TB 144 -39.32 -11.82 24.71
CA ILE TB 144 -40.47 -12.23 23.90
C ILE TB 144 -41.73 -12.31 24.75
N ALA TB 145 -41.62 -12.83 25.97
CA ALA TB 145 -42.71 -12.67 26.93
C ALA TB 145 -43.13 -11.20 27.00
N LEU TB 146 -42.15 -10.30 27.01
CA LEU TB 146 -42.41 -8.86 27.08
C LEU TB 146 -43.17 -8.38 25.84
N PHE TB 147 -42.64 -8.70 24.67
CA PHE TB 147 -43.26 -8.32 23.41
C PHE TB 147 -44.72 -8.79 23.35
N LEU TB 148 -44.96 -10.05 23.73
CA LEU TB 148 -46.31 -10.60 23.78
C LEU TB 148 -47.20 -9.80 24.73
N GLN TB 149 -46.74 -9.57 25.96
CA GLN TB 149 -47.60 -8.91 26.94
C GLN TB 149 -47.90 -7.47 26.54
N GLU TB 150 -46.97 -6.81 25.83
CA GLU TB 150 -47.23 -5.46 25.36
C GLU TB 150 -48.26 -5.46 24.23
N MET TB 151 -48.18 -6.44 23.31
CA MET TB 151 -49.19 -6.52 22.26
C MET TB 151 -50.55 -6.89 22.85
N ALA TB 152 -50.56 -7.65 23.93
CA ALA TB 152 -51.80 -7.97 24.64
C ALA TB 152 -52.27 -6.85 25.55
N ASN TB 153 -51.49 -5.79 25.71
CA ASN TB 153 -51.93 -4.60 26.41
C ASN TB 153 -52.18 -3.41 25.48
N MET TB 154 -52.18 -3.63 24.18
CA MET TB 154 -52.35 -2.53 23.22
C MET TB 154 -53.80 -2.06 23.21
N ARG TB 155 -53.99 -0.88 22.61
CA ARG TB 155 -55.32 -0.30 22.42
C ARG TB 155 -55.93 -0.66 21.07
N ARG TB 156 -55.44 -1.71 20.42
CA ARG TB 156 -56.01 -2.12 19.14
C ARG TB 156 -56.26 -3.62 19.18
N ILE TB 157 -56.89 -4.12 18.11
CA ILE TB 157 -57.57 -5.41 18.11
C ILE TB 157 -56.61 -6.50 17.63
N VAL TB 158 -55.46 -6.63 18.29
CA VAL TB 158 -54.48 -7.62 17.87
C VAL TB 158 -54.53 -8.80 18.84
N ASN TB 159 -55.48 -9.70 18.61
CA ASN TB 159 -55.65 -10.86 19.49
C ASN TB 159 -54.61 -11.93 19.19
N VAL TB 160 -53.57 -11.99 20.01
CA VAL TB 160 -52.52 -12.98 19.83
C VAL TB 160 -53.02 -14.35 20.29
N ASN TB 161 -52.74 -15.37 19.50
CA ASN TB 161 -53.23 -16.70 19.82
C ASN TB 161 -52.11 -17.74 19.83
N ASN TB 162 -51.94 -18.46 18.72
CA ASN TB 162 -51.04 -19.60 18.70
C ASN TB 162 -49.59 -19.12 18.61
N ILE TB 163 -48.80 -19.48 19.62
CA ILE TB 163 -47.43 -19.00 19.80
C ILE TB 163 -46.46 -20.15 19.59
N LYS TB 164 -45.25 -19.82 19.16
CA LYS TB 164 -44.17 -20.80 19.14
C LYS TB 164 -42.84 -20.07 19.22
N PHE TB 165 -41.80 -20.79 19.65
CA PHE TB 165 -40.44 -20.26 19.61
C PHE TB 165 -39.46 -21.40 19.87
N ASP TB 166 -38.22 -21.20 19.44
CA ASP TB 166 -37.20 -22.24 19.48
C ASP TB 166 -35.84 -21.57 19.43
N SER TB 167 -34.79 -22.37 19.62
CA SER TB 167 -33.43 -21.86 19.71
C SER TB 167 -32.84 -21.77 18.29
N ALA TB 168 -32.50 -20.55 17.85
CA ALA TB 168 -32.20 -20.32 16.44
C ALA TB 168 -30.78 -20.74 16.05
N LYS TB 169 -29.93 -21.09 17.02
CA LYS TB 169 -28.53 -21.40 16.75
C LYS TB 169 -28.38 -22.91 16.55
N LEU TB 170 -27.99 -23.32 15.34
CA LEU TB 170 -27.73 -24.73 15.06
C LEU TB 170 -26.89 -25.37 16.15
N LYS TB 171 -25.60 -25.04 16.15
CA LYS TB 171 -24.64 -25.60 17.09
C LYS TB 171 -24.99 -25.29 18.55
N ASN TB 172 -25.86 -24.31 18.80
CA ASN TB 172 -26.16 -23.87 20.16
C ASN TB 172 -24.88 -23.44 20.86
N GLU TB 173 -24.33 -22.30 20.47
CA GLU TB 173 -23.16 -21.73 21.10
C GLU TB 173 -23.46 -20.43 21.84
N LYS TB 174 -24.64 -19.85 21.63
CA LYS TB 174 -25.10 -18.69 22.39
C LYS TB 174 -26.61 -18.75 22.50
N VAL TB 175 -27.14 -18.18 23.59
CA VAL TB 175 -28.58 -18.16 23.77
C VAL TB 175 -29.22 -17.25 22.74
N VAL TB 176 -30.30 -17.72 22.11
CA VAL TB 176 -31.08 -16.94 21.16
C VAL TB 176 -32.35 -17.72 20.82
N LEU TB 177 -33.49 -17.05 20.88
CA LEU TB 177 -34.78 -17.67 20.64
C LEU TB 177 -35.50 -16.95 19.51
N GLN TB 178 -35.61 -17.61 18.36
CA GLN TB 178 -36.52 -17.17 17.33
C GLN TB 178 -37.95 -17.49 17.77
N SER TB 179 -38.85 -16.52 17.60
CA SER TB 179 -40.21 -16.61 18.07
C SER TB 179 -41.16 -16.22 16.94
N GLU TB 180 -42.22 -17.00 16.78
CA GLU TB 180 -43.23 -16.76 15.76
C GLU TB 180 -44.57 -16.76 16.47
N PHE TB 181 -45.17 -15.57 16.58
CA PHE TB 181 -46.47 -15.38 17.21
C PHE TB 181 -47.50 -15.06 16.13
N GLN TB 182 -48.70 -15.60 16.30
CA GLN TB 182 -49.81 -15.32 15.38
C GLN TB 182 -50.81 -14.43 16.08
N ALA TB 183 -51.16 -13.32 15.44
CA ALA TB 183 -52.06 -12.35 16.05
C ALA TB 183 -52.88 -11.68 14.96
N THR TB 184 -54.20 -11.55 15.21
CA THR TB 184 -55.15 -11.20 14.16
C THR TB 184 -56.06 -10.07 14.59
N THR TB 185 -56.51 -9.27 13.63
CA THR TB 185 -57.55 -8.26 13.85
C THR TB 185 -58.72 -8.51 12.91
N PHE TB 186 -59.89 -7.98 13.28
CA PHE TB 186 -61.14 -8.41 12.69
C PHE TB 186 -61.87 -7.31 11.92
N ARG TB 187 -61.47 -7.06 10.67
CA ARG TB 187 -62.13 -6.09 9.80
C ARG TB 187 -63.58 -6.49 9.57
N PHE TB 188 -64.38 -5.61 8.98
CA PHE TB 188 -65.76 -5.98 8.64
C PHE TB 188 -65.78 -6.81 7.37
N VAL TB 189 -66.94 -7.28 6.96
CA VAL TB 189 -67.03 -8.19 5.83
C VAL TB 189 -66.83 -7.47 4.49
N ALA UB 37 -149.52 66.92 -3.98
CA ALA UB 37 -150.89 67.23 -3.60
C ALA UB 37 -151.33 68.57 -4.19
N LYS UB 38 -152.64 68.85 -4.14
CA LYS UB 38 -153.23 70.02 -4.78
C LYS UB 38 -153.18 71.20 -3.82
N GLY UB 39 -152.18 72.07 -4.01
CA GLY UB 39 -151.97 73.21 -3.14
C GLY UB 39 -152.26 74.55 -3.80
N LYS UB 40 -152.62 75.53 -2.96
CA LYS UB 40 -152.70 76.92 -3.37
C LYS UB 40 -151.43 77.58 -2.88
N LEU UB 41 -150.51 77.80 -3.80
CA LEU UB 41 -149.13 78.13 -3.51
C LEU UB 41 -149.07 79.64 -3.20
N VAL UB 42 -147.97 80.31 -3.59
CA VAL UB 42 -148.00 81.79 -3.47
C VAL UB 42 -147.31 82.43 -4.66
N LEU UB 43 -147.19 83.75 -4.61
CA LEU UB 43 -146.69 84.51 -5.74
C LEU UB 43 -145.88 85.71 -5.30
N GLY UB 44 -144.60 85.70 -5.65
CA GLY UB 44 -143.74 86.84 -5.43
C GLY UB 44 -143.40 87.50 -6.75
N LEU UB 45 -143.05 88.78 -6.67
CA LEU UB 45 -142.43 89.44 -7.81
C LEU UB 45 -140.91 89.43 -7.65
N ASP UB 46 -140.33 88.27 -7.98
CA ASP UB 46 -138.94 88.04 -7.62
C ASP UB 46 -137.98 88.81 -8.49
N ILE UB 47 -138.35 89.10 -9.74
CA ILE UB 47 -137.46 89.90 -10.58
C ILE UB 47 -138.05 91.30 -10.72
N GLY UB 48 -138.52 91.87 -9.61
CA GLY UB 48 -138.96 93.24 -9.64
C GLY UB 48 -137.81 94.23 -9.72
N SER UB 49 -136.62 93.84 -9.26
CA SER UB 49 -135.46 94.72 -9.26
C SER UB 49 -135.71 95.99 -8.45
N THR UB 50 -136.78 96.74 -8.74
CA THR UB 50 -137.15 97.83 -7.86
C THR UB 50 -137.89 97.31 -6.63
N SER UB 51 -138.70 96.26 -6.78
CA SER UB 51 -139.52 95.83 -5.65
C SER UB 51 -139.87 94.35 -5.69
N ILE UB 52 -139.67 93.69 -4.55
CA ILE UB 52 -140.16 92.34 -4.30
C ILE UB 52 -141.60 92.45 -3.78
N LYS UB 53 -142.54 91.93 -4.57
CA LYS UB 53 -143.95 91.97 -4.24
C LYS UB 53 -144.48 90.54 -4.18
N MET UB 54 -145.55 90.32 -3.41
CA MET UB 54 -146.06 88.98 -3.19
C MET UB 54 -147.58 89.04 -2.99
N ILE UB 55 -148.29 88.02 -3.46
CA ILE UB 55 -149.76 88.04 -3.46
C ILE UB 55 -150.29 86.66 -3.09
N LEU UB 56 -151.33 86.65 -2.25
CA LEU UB 56 -152.08 85.44 -1.90
C LEU UB 56 -153.55 85.63 -2.27
N LEU UB 57 -154.00 84.90 -3.29
CA LEU UB 57 -155.43 84.68 -3.55
C LEU UB 57 -155.80 83.26 -3.15
N LYS UB 58 -157.06 83.02 -2.79
CA LYS UB 58 -157.49 81.64 -2.63
C LYS UB 58 -159.01 81.55 -2.73
N GLU UB 59 -159.50 80.34 -2.53
CA GLU UB 59 -160.93 80.05 -2.49
C GLU UB 59 -161.56 80.76 -1.28
N GLN UB 60 -162.12 81.94 -1.51
CA GLN UB 60 -162.81 82.68 -0.46
C GLN UB 60 -164.29 82.29 -0.41
N ARG UB 61 -164.78 82.03 0.80
CA ARG UB 61 -166.18 81.67 1.01
C ARG UB 61 -166.97 82.89 1.45
N LYS UB 62 -168.09 83.15 0.76
CA LYS UB 62 -169.11 84.08 1.22
C LYS UB 62 -170.47 83.53 0.85
N ARG UB 63 -171.35 83.38 1.85
CA ARG UB 63 -172.73 82.94 1.65
C ARG UB 63 -172.79 81.60 0.92
N GLY UB 64 -171.95 80.66 1.35
CA GLY UB 64 -171.94 79.34 0.77
C GLY UB 64 -171.38 79.24 -0.64
N GLU UB 65 -170.92 80.35 -1.20
CA GLU UB 65 -170.25 80.36 -2.50
C GLU UB 65 -168.76 80.59 -2.30
N VAL UB 66 -167.98 80.10 -3.22
CA VAL UB 66 -166.52 80.19 -3.15
C VAL UB 66 -166.02 80.60 -4.53
N ILE UB 67 -165.06 81.52 -4.55
CA ILE UB 67 -164.35 81.90 -5.77
C ILE UB 67 -162.95 82.34 -5.37
N TYR UB 68 -162.04 82.34 -6.34
CA TYR UB 68 -160.74 82.97 -6.19
C TYR UB 68 -160.91 84.37 -5.61
N ALA UB 69 -160.10 84.70 -4.62
CA ALA UB 69 -160.19 86.04 -4.06
C ALA UB 69 -158.88 86.45 -3.41
N LEU UB 70 -158.60 87.75 -3.45
CA LEU UB 70 -157.41 88.29 -2.82
C LEU UB 70 -157.45 88.06 -1.32
N GLN UB 71 -156.39 87.45 -0.80
CA GLN UB 71 -156.24 87.24 0.63
C GLN UB 71 -155.18 88.14 1.25
N SER UB 72 -154.08 88.36 0.54
CA SER UB 72 -153.06 89.28 1.02
C SER UB 72 -152.17 89.69 -0.15
N PHE UB 73 -151.27 90.62 0.13
CA PHE UB 73 -150.29 91.13 -0.81
C PHE UB 73 -149.28 91.92 0.02
N GLY UB 74 -148.10 92.12 -0.52
CA GLY UB 74 -147.02 92.72 0.24
C GLY UB 74 -145.94 93.22 -0.70
N MET UB 75 -145.29 94.30 -0.31
CA MET UB 75 -144.32 94.91 -1.18
C MET UB 75 -143.19 95.52 -0.36
N LYS UB 76 -141.97 95.20 -0.76
CA LYS UB 76 -140.75 95.75 -0.17
C LYS UB 76 -139.79 96.08 -1.29
N PRO UB 77 -139.21 97.28 -1.31
CA PRO UB 77 -138.25 97.60 -2.37
C PRO UB 77 -137.03 96.70 -2.28
N LEU UB 78 -136.47 96.34 -3.42
CA LEU UB 78 -135.36 95.40 -3.48
C LEU UB 78 -134.06 96.05 -3.01
N PRO UB 79 -133.55 95.58 -1.88
CA PRO UB 79 -132.12 95.68 -1.59
C PRO UB 79 -131.26 95.52 -2.84
N PRO UB 80 -130.78 96.64 -3.37
CA PRO UB 80 -129.82 96.61 -4.48
C PRO UB 80 -128.66 95.66 -4.20
N GLU UB 81 -127.93 95.29 -5.25
CA GLU UB 81 -126.81 94.37 -5.11
C GLU UB 81 -127.29 92.93 -4.95
N ALA UB 82 -128.57 92.77 -4.64
CA ALA UB 82 -129.19 91.45 -4.58
C ALA UB 82 -129.34 90.84 -5.97
N ILE UB 83 -129.69 91.66 -6.96
CA ILE UB 83 -129.78 91.21 -8.35
C ILE UB 83 -128.81 92.03 -9.18
N VAL UB 84 -127.97 91.33 -9.93
CA VAL UB 84 -127.10 91.93 -10.93
C VAL UB 84 -127.27 91.14 -12.22
N ASP UB 85 -127.46 91.85 -13.32
CA ASP UB 85 -127.62 91.27 -14.66
C ASP UB 85 -128.69 90.17 -14.72
N GLY UB 86 -129.74 90.29 -13.92
CA GLY UB 86 -130.80 89.31 -13.94
C GLY UB 86 -130.55 88.06 -13.14
N ALA UB 87 -129.39 87.97 -12.50
CA ALA UB 87 -129.04 86.80 -11.70
C ALA UB 87 -129.09 87.12 -10.21
N LEU UB 88 -129.51 86.14 -9.41
CA LEU UB 88 -129.35 86.21 -7.96
C LEU UB 88 -127.89 86.09 -7.56
N MET UB 89 -127.21 87.23 -7.46
CA MET UB 89 -125.79 87.25 -7.10
C MET UB 89 -125.58 86.86 -5.64
N ASN UB 90 -126.67 86.90 -4.87
CA ASN UB 90 -126.62 86.45 -3.48
C ASN UB 90 -127.98 85.93 -3.00
N SER UB 91 -128.10 84.61 -2.88
CA SER UB 91 -129.35 84.00 -2.47
C SER UB 91 -129.83 84.55 -1.13
N THR UB 92 -128.94 84.54 -0.14
CA THR UB 92 -129.35 84.53 1.27
C THR UB 92 -130.04 85.82 1.67
N ALA UB 93 -129.53 86.96 1.21
CA ALA UB 93 -130.13 88.23 1.58
C ALA UB 93 -131.53 88.38 0.99
N ILE UB 94 -131.65 88.18 -0.32
CA ILE UB 94 -132.96 88.14 -0.97
C ILE UB 94 -133.91 87.25 -0.20
N VAL UB 95 -133.39 86.12 0.31
CA VAL UB 95 -134.17 85.29 1.23
C VAL UB 95 -134.69 86.12 2.40
N GLN UB 96 -133.80 86.89 3.05
CA GLN UB 96 -134.30 87.67 4.19
C GLN UB 96 -135.46 88.55 3.77
N ALA UB 97 -135.34 89.15 2.60
CA ALA UB 97 -136.41 90.00 2.10
C ALA UB 97 -137.70 89.21 1.89
N VAL UB 98 -137.63 88.09 1.16
CA VAL UB 98 -138.80 87.28 0.86
C VAL UB 98 -139.52 86.87 2.14
N GLN UB 99 -138.76 86.48 3.17
CA GLN UB 99 -139.35 86.07 4.44
C GLN UB 99 -140.05 87.24 5.13
N ASP UB 100 -139.44 88.44 5.06
CA ASP UB 100 -140.16 89.65 5.45
C ASP UB 100 -141.50 89.75 4.71
N LEU UB 101 -141.49 89.50 3.40
CA LEU UB 101 -142.72 89.49 2.64
C LEU UB 101 -143.74 88.55 3.26
N MET UB 102 -143.33 87.32 3.56
CA MET UB 102 -144.28 86.30 4.00
C MET UB 102 -144.88 86.62 5.36
N SER UB 103 -144.06 87.12 6.30
CA SER UB 103 -144.56 87.46 7.62
C SER UB 103 -145.42 88.73 7.59
N GLU UB 104 -145.00 89.72 6.80
CA GLU UB 104 -145.85 90.88 6.54
C GLU UB 104 -147.22 90.44 6.04
N LEU UB 105 -147.22 89.55 5.04
CA LEU UB 105 -148.41 88.91 4.51
C LEU UB 105 -149.26 88.25 5.59
N LYS UB 106 -148.62 87.66 6.61
CA LYS UB 106 -149.29 86.83 7.60
C LYS UB 106 -149.86 85.56 6.96
N VAL UB 107 -149.05 84.88 6.13
CA VAL UB 107 -149.54 83.77 5.32
C VAL UB 107 -149.02 82.46 5.85
N LYS UB 108 -149.90 81.47 5.94
CA LYS UB 108 -149.49 80.12 6.24
C LYS UB 108 -148.69 79.46 5.12
N GLY UB 109 -148.97 79.82 3.87
CA GLY UB 109 -148.52 79.00 2.75
C GLY UB 109 -147.02 79.13 2.53
N LYS UB 110 -146.42 78.01 2.11
CA LYS UB 110 -145.00 77.93 1.85
C LYS UB 110 -144.68 77.34 0.48
N ASP UB 111 -145.64 77.28 -0.42
CA ASP UB 111 -145.37 76.94 -1.80
C ASP UB 111 -145.52 78.19 -2.64
N VAL UB 112 -144.77 78.26 -3.73
CA VAL UB 112 -144.67 79.50 -4.48
C VAL UB 112 -144.53 79.20 -5.96
N ALA UB 113 -145.16 80.04 -6.78
CA ALA UB 113 -144.72 80.22 -8.16
C ALA UB 113 -143.93 81.52 -8.21
N ILE UB 114 -142.95 81.60 -9.10
CA ILE UB 114 -142.21 82.84 -9.29
C ILE UB 114 -141.82 82.99 -10.74
N GLY UB 115 -140.98 83.98 -11.02
CA GLY UB 115 -140.61 84.30 -12.39
C GLY UB 115 -139.13 84.60 -12.50
N VAL UB 116 -138.62 84.36 -13.71
CA VAL UB 116 -137.22 84.68 -14.01
C VAL UB 116 -137.14 86.11 -14.54
N SER UB 117 -135.92 86.63 -14.57
CA SER UB 117 -135.70 87.96 -15.11
C SER UB 117 -135.86 87.95 -16.62
N GLY UB 118 -136.53 88.98 -17.15
CA GLY UB 118 -136.55 89.16 -18.59
C GLY UB 118 -135.16 89.23 -19.19
N HIS UB 119 -134.19 89.75 -18.45
CA HIS UB 119 -132.80 89.74 -18.87
C HIS UB 119 -132.15 88.38 -18.74
N SER UB 120 -132.81 87.44 -18.08
CA SER UB 120 -132.24 86.11 -17.83
C SER UB 120 -132.83 85.03 -18.72
N VAL UB 121 -133.82 85.37 -19.54
CA VAL UB 121 -134.54 84.39 -20.35
C VAL UB 121 -134.50 84.81 -21.81
N ILE UB 122 -134.27 83.85 -22.68
CA ILE UB 122 -134.46 84.00 -24.12
C ILE UB 122 -135.83 83.42 -24.46
N ILE UB 123 -136.71 84.26 -24.99
CA ILE UB 123 -138.03 83.84 -25.46
C ILE UB 123 -138.05 84.03 -26.96
N LYS UB 124 -138.42 82.98 -27.69
CA LYS UB 124 -138.48 83.15 -29.14
C LYS UB 124 -139.26 82.01 -29.77
N LYS UB 125 -139.86 82.30 -30.94
CA LYS UB 125 -140.67 81.30 -31.62
C LYS UB 125 -139.79 80.29 -32.35
N ILE UB 126 -140.37 79.11 -32.62
CA ILE UB 126 -139.68 77.96 -33.23
C ILE UB 126 -140.64 77.09 -34.03
N GLN UB 127 -140.30 76.78 -35.29
CA GLN UB 127 -141.14 75.95 -36.15
C GLN UB 127 -140.52 74.57 -36.32
N MET UB 128 -141.35 73.51 -36.16
CA MET UB 128 -140.91 72.11 -36.15
C MET UB 128 -141.89 71.19 -36.87
N PRO UB 129 -141.81 69.84 -36.68
CA PRO UB 129 -142.95 69.00 -37.09
C PRO UB 129 -143.63 68.27 -35.94
N ARG UB 130 -144.95 68.19 -35.99
CA ARG UB 130 -145.75 67.55 -34.94
C ARG UB 130 -145.47 66.06 -34.88
N MET UB 131 -145.12 65.59 -33.67
CA MET UB 131 -144.86 64.17 -33.47
C MET UB 131 -145.06 63.74 -32.02
N SER UB 132 -144.41 62.65 -31.63
CA SER UB 132 -144.41 62.20 -30.24
C SER UB 132 -143.73 63.22 -29.35
N GLN UB 133 -144.12 63.27 -28.07
CA GLN UB 133 -143.61 64.30 -27.16
C GLN UB 133 -142.09 64.25 -27.06
N ASP UB 134 -141.52 63.06 -26.89
CA ASP UB 134 -140.07 62.95 -26.76
C ASP UB 134 -139.37 63.51 -28.00
N GLU UB 135 -139.82 63.11 -29.18
CA GLU UB 135 -139.19 63.57 -30.41
C GLU UB 135 -139.32 65.08 -30.58
N LEU UB 136 -140.41 65.67 -30.06
CA LEU UB 136 -140.54 67.12 -30.12
C LEU UB 136 -139.62 67.80 -29.12
N GLU UB 137 -139.49 67.25 -27.92
CA GLU UB 137 -138.62 67.90 -26.93
C GLU UB 137 -137.18 67.86 -27.39
N GLU UB 138 -136.72 66.70 -27.88
CA GLU UB 138 -135.36 66.61 -28.39
C GLU UB 138 -135.17 67.50 -29.61
N SER UB 139 -136.06 67.40 -30.60
CA SER UB 139 -135.99 68.27 -31.77
C SER UB 139 -135.99 69.74 -31.35
N ILE UB 140 -136.76 70.08 -30.32
CA ILE UB 140 -136.86 71.46 -29.83
C ILE UB 140 -135.52 71.93 -29.28
N GLN UB 141 -134.92 71.10 -28.43
CA GLN UB 141 -133.59 71.38 -27.90
C GLN UB 141 -132.59 71.57 -29.04
N TRP UB 142 -132.67 70.71 -30.05
CA TRP UB 142 -131.74 70.75 -31.16
C TRP UB 142 -131.86 72.06 -31.93
N GLU UB 143 -133.08 72.54 -32.15
CA GLU UB 143 -133.23 73.78 -32.90
C GLU UB 143 -132.86 74.99 -32.05
N ALA UB 144 -133.17 74.96 -30.75
CA ALA UB 144 -132.75 76.06 -29.88
C ALA UB 144 -131.24 76.17 -29.77
N GLU UB 145 -130.52 75.08 -30.04
CA GLU UB 145 -129.12 75.02 -29.67
C GLU UB 145 -128.30 76.18 -30.24
N GLN UB 146 -128.47 76.48 -31.53
CA GLN UB 146 -127.80 77.61 -32.16
C GLN UB 146 -128.27 78.97 -31.61
N TYR UB 147 -129.49 79.06 -31.07
CA TYR UB 147 -130.12 80.36 -30.80
C TYR UB 147 -129.80 80.82 -29.36
N ILE UB 148 -129.04 80.00 -28.65
CA ILE UB 148 -128.65 80.15 -27.25
C ILE UB 148 -127.14 80.40 -27.24
N PRO UB 149 -126.68 81.60 -26.90
CA PRO UB 149 -125.24 81.89 -26.91
C PRO UB 149 -124.48 81.26 -25.76
N PHE UB 150 -125.00 80.22 -25.11
CA PHE UB 150 -124.29 79.52 -24.06
C PHE UB 150 -124.33 78.03 -24.37
N ASP UB 151 -123.47 77.27 -23.71
CA ASP UB 151 -123.67 75.84 -23.69
C ASP UB 151 -125.01 75.52 -23.06
N VAL UB 152 -125.45 74.29 -23.24
CA VAL UB 152 -126.60 73.79 -22.50
C VAL UB 152 -126.01 72.88 -21.42
N LYS UB 153 -125.80 73.34 -20.17
CA LYS UB 153 -125.96 74.69 -19.58
C LYS UB 153 -127.14 75.63 -19.99
N ASP UB 154 -128.32 75.05 -20.15
CA ASP UB 154 -129.56 75.82 -20.34
C ASP UB 154 -130.78 74.95 -19.99
N VAL UB 155 -131.71 75.55 -19.23
CA VAL UB 155 -133.03 75.00 -18.93
C VAL UB 155 -134.00 75.51 -20.00
N ASN UB 156 -134.73 74.57 -20.60
CA ASN UB 156 -135.53 74.82 -21.80
C ASN UB 156 -136.97 74.38 -21.56
N ILE UB 157 -137.93 75.16 -22.07
CA ILE UB 157 -139.35 74.82 -22.00
C ILE UB 157 -140.07 75.45 -23.18
N ASP UB 158 -141.03 74.74 -23.75
CA ASP UB 158 -141.76 75.28 -24.89
C ASP UB 158 -143.25 75.22 -24.61
N THR UB 159 -144.01 76.07 -25.32
CA THR UB 159 -145.44 75.78 -25.45
C THR UB 159 -145.87 76.10 -26.86
N GLN UB 160 -146.93 75.46 -27.31
CA GLN UB 160 -147.33 75.58 -28.70
C GLN UB 160 -148.26 76.77 -28.89
N ILE UB 161 -147.92 77.62 -29.86
CA ILE UB 161 -148.70 78.84 -30.12
C ILE UB 161 -150.08 78.53 -30.66
N LEU UB 162 -150.28 77.32 -31.20
CA LEU UB 162 -151.58 76.84 -31.61
C LEU UB 162 -151.78 75.43 -31.04
N ASP UB 163 -153.04 75.05 -30.90
CA ASP UB 163 -153.37 73.76 -30.29
C ASP UB 163 -152.82 72.61 -31.13
N GLY UB 164 -152.06 71.72 -30.48
CA GLY UB 164 -151.44 70.61 -31.19
C GLY UB 164 -152.44 69.61 -31.71
N GLY UB 165 -153.58 69.45 -31.02
CA GLY UB 165 -154.59 68.53 -31.47
C GLY UB 165 -155.27 68.92 -32.76
N GLY UB 166 -155.11 70.18 -33.18
CA GLY UB 166 -155.70 70.67 -34.41
C GLY UB 166 -154.90 70.38 -35.67
N ASN UB 167 -153.76 69.71 -35.54
CA ASN UB 167 -152.92 69.38 -36.69
C ASN UB 167 -152.41 67.95 -36.56
N ASP UB 168 -152.06 67.36 -37.69
CA ASP UB 168 -151.58 65.98 -37.72
C ASP UB 168 -150.09 65.92 -37.43
N ALA UB 169 -149.60 64.70 -37.24
CA ALA UB 169 -148.17 64.46 -37.15
C ALA UB 169 -147.47 64.98 -38.40
N THR UB 170 -146.23 65.43 -38.22
CA THR UB 170 -145.33 65.95 -39.27
C THR UB 170 -145.72 67.34 -39.78
N GLY UB 171 -146.92 67.83 -39.47
CA GLY UB 171 -147.34 69.12 -40.00
C GLY UB 171 -147.73 70.16 -38.97
N GLN UB 172 -147.44 71.43 -39.25
CA GLN UB 172 -147.91 72.58 -38.46
C GLN UB 172 -147.51 72.50 -37.00
N MET UB 173 -146.22 72.31 -36.76
CA MET UB 173 -145.71 72.47 -35.41
C MET UB 173 -145.16 73.87 -35.22
N ASP UB 174 -145.51 74.46 -34.10
CA ASP UB 174 -144.99 75.75 -33.70
C ASP UB 174 -144.94 75.69 -32.19
N VAL UB 175 -143.75 75.69 -31.63
CA VAL UB 175 -143.58 75.90 -30.21
C VAL UB 175 -142.82 77.21 -30.07
N LEU UB 176 -142.96 77.86 -28.93
CA LEU UB 176 -142.07 78.95 -28.56
C LEU UB 176 -141.24 78.45 -27.40
N LEU UB 177 -139.94 78.75 -27.44
CA LEU UB 177 -139.00 78.29 -26.44
C LEU UB 177 -138.65 79.42 -25.48
N VAL UB 178 -138.66 79.06 -24.21
CA VAL UB 178 -138.10 79.82 -23.11
C VAL UB 178 -136.84 79.11 -22.65
N ALA UB 179 -135.74 79.85 -22.59
CA ALA UB 179 -134.42 79.28 -22.36
C ALA UB 179 -133.68 80.12 -21.33
N ALA UB 180 -132.89 79.45 -20.49
CA ALA UB 180 -132.31 80.12 -19.34
C ALA UB 180 -131.06 79.39 -18.85
N LYS UB 181 -130.13 80.14 -18.25
CA LYS UB 181 -128.95 79.50 -17.68
C LYS UB 181 -129.31 78.79 -16.38
N LYS UB 182 -128.63 77.67 -16.10
CA LYS UB 182 -128.80 77.01 -14.81
C LYS UB 182 -128.46 77.95 -13.68
N ASP UB 183 -127.41 78.74 -13.82
CA ASP UB 183 -126.95 79.56 -12.71
C ASP UB 183 -128.04 80.52 -12.26
N MET UB 184 -128.86 80.99 -13.20
CA MET UB 184 -129.99 81.85 -12.82
C MET UB 184 -131.04 81.06 -12.06
N ILE UB 185 -131.60 80.02 -12.70
CA ILE UB 185 -132.58 79.15 -12.05
C ILE UB 185 -132.09 78.70 -10.67
N ASN UB 186 -130.83 78.28 -10.59
CA ASN UB 186 -130.24 77.78 -9.35
C ASN UB 186 -130.14 78.89 -8.31
N ASP UB 187 -129.82 80.11 -8.75
CA ASP UB 187 -129.88 81.26 -7.86
C ASP UB 187 -131.27 81.42 -7.27
N TYR UB 188 -132.29 81.29 -8.13
CA TYR UB 188 -133.66 81.54 -7.69
C TYR UB 188 -134.14 80.42 -6.77
N THR UB 189 -133.98 79.16 -7.17
CA THR UB 189 -134.28 78.04 -6.28
C THR UB 189 -133.49 78.15 -4.98
N THR UB 190 -132.29 78.72 -5.01
CA THR UB 190 -131.58 78.99 -3.77
C THR UB 190 -132.39 79.93 -2.89
N VAL UB 191 -132.68 81.13 -3.40
CA VAL UB 191 -133.47 82.09 -2.62
C VAL UB 191 -134.74 81.44 -2.08
N VAL UB 192 -135.37 80.59 -2.89
CA VAL UB 192 -136.67 80.04 -2.49
C VAL UB 192 -136.50 78.98 -1.41
N SER UB 193 -135.64 78.00 -1.67
CA SER UB 193 -135.26 77.02 -0.66
C SER UB 193 -135.01 77.66 0.69
N GLU UB 194 -134.40 78.84 0.73
CA GLU UB 194 -134.03 79.37 2.05
C GLU UB 194 -135.16 80.15 2.71
N ALA UB 195 -136.05 80.80 1.94
CA ALA UB 195 -137.24 81.40 2.54
C ALA UB 195 -138.19 80.38 3.13
N GLY UB 196 -137.83 79.10 3.10
CA GLY UB 196 -138.75 78.05 3.47
C GLY UB 196 -139.82 77.79 2.46
N LEU UB 197 -139.67 78.31 1.24
CA LEU UB 197 -140.65 78.16 0.18
C LEU UB 197 -140.30 76.98 -0.71
N ALA UB 198 -141.32 76.43 -1.36
CA ALA UB 198 -141.15 75.34 -2.31
C ALA UB 198 -141.73 75.75 -3.65
N PRO UB 199 -140.92 75.86 -4.71
CA PRO UB 199 -141.46 76.28 -6.00
C PRO UB 199 -142.11 75.13 -6.75
N VAL UB 200 -143.19 75.44 -7.45
CA VAL UB 200 -143.79 74.48 -8.36
C VAL UB 200 -143.77 74.96 -9.81
N VAL UB 201 -143.70 76.26 -10.04
CA VAL UB 201 -143.69 76.86 -11.38
C VAL UB 201 -142.68 78.00 -11.40
N VAL UB 202 -141.78 77.97 -12.37
CA VAL UB 202 -140.89 79.09 -12.64
C VAL UB 202 -141.31 79.64 -14.01
N ASP UB 203 -142.12 80.69 -13.97
CA ASP UB 203 -142.80 81.20 -15.13
C ASP UB 203 -142.02 82.39 -15.68
N VAL UB 204 -142.53 83.03 -16.72
CA VAL UB 204 -141.87 84.19 -17.32
C VAL UB 204 -142.83 85.37 -17.27
N ASP UB 205 -142.29 86.57 -17.12
CA ASP UB 205 -143.13 87.71 -16.71
C ASP UB 205 -144.02 88.22 -17.83
N ALA UB 206 -143.53 88.18 -19.08
CA ALA UB 206 -144.29 88.74 -20.19
C ALA UB 206 -145.63 88.03 -20.39
N PHE UB 207 -145.73 86.78 -19.95
CA PHE UB 207 -146.95 85.99 -20.08
C PHE UB 207 -147.70 85.86 -18.75
N ALA UB 208 -146.95 85.86 -17.64
CA ALA UB 208 -147.58 85.86 -16.34
C ALA UB 208 -148.38 87.14 -16.12
N VAL UB 209 -147.90 88.25 -16.68
CA VAL UB 209 -148.61 89.53 -16.55
C VAL UB 209 -149.95 89.49 -17.25
N GLN UB 210 -150.15 88.53 -18.16
CA GLN UB 210 -151.35 88.47 -18.99
C GLN UB 210 -152.50 87.72 -18.34
N ASN UB 211 -152.21 86.86 -17.35
CA ASN UB 211 -153.25 85.98 -16.79
C ASN UB 211 -154.39 86.75 -16.17
N MET UB 212 -154.13 87.98 -15.73
CA MET UB 212 -155.15 88.85 -15.15
C MET UB 212 -156.09 89.38 -16.20
N PHE UB 213 -155.60 89.56 -17.41
CA PHE UB 213 -156.38 90.10 -18.50
C PHE UB 213 -156.85 89.02 -19.46
N SER UB 214 -156.55 87.75 -19.19
CA SER UB 214 -156.80 86.68 -20.15
C SER UB 214 -158.28 86.50 -20.46
N VAL UB 215 -159.15 86.60 -19.45
CA VAL UB 215 -160.59 86.52 -19.71
C VAL UB 215 -161.04 87.68 -20.58
N ASN UB 216 -160.65 88.90 -20.19
CA ASN UB 216 -161.07 90.10 -20.90
C ASN UB 216 -160.54 90.10 -22.33
N TYR UB 217 -159.36 89.52 -22.56
CA TYR UB 217 -158.81 89.34 -23.90
C TYR UB 217 -159.59 88.25 -24.65
N ASP UB 218 -159.98 87.19 -23.95
CA ASP UB 218 -160.73 86.12 -24.59
C ASP UB 218 -162.11 86.59 -25.00
N VAL UB 219 -162.56 87.74 -24.48
CA VAL UB 219 -163.81 88.33 -24.96
C VAL UB 219 -163.73 88.74 -26.42
N PRO UB 220 -162.68 89.47 -26.90
CA PRO UB 220 -162.54 89.65 -28.36
C PRO UB 220 -161.57 88.65 -28.99
N GLU UB 221 -162.08 87.66 -29.73
CA GLU UB 221 -161.22 86.54 -30.13
C GLU UB 221 -160.42 86.84 -31.40
N ARG UB 222 -160.79 87.86 -32.16
CA ARG UB 222 -160.04 88.21 -33.36
C ARG UB 222 -159.41 89.58 -33.29
N GLU UB 223 -159.45 90.25 -32.14
CA GLU UB 223 -158.83 91.56 -31.99
C GLU UB 223 -157.36 91.42 -31.61
N THR UB 224 -156.52 92.22 -32.28
CA THR UB 224 -155.09 92.27 -32.02
C THR UB 224 -154.82 93.30 -30.91
N VAL UB 225 -154.26 92.84 -29.80
CA VAL UB 225 -154.02 93.68 -28.63
C VAL UB 225 -152.53 93.71 -28.34
N VAL UB 226 -152.03 94.88 -27.92
CA VAL UB 226 -150.66 94.93 -27.41
C VAL UB 226 -150.73 95.08 -25.89
N LEU UB 227 -149.73 94.51 -25.23
CA LEU UB 227 -149.57 94.64 -23.79
C LEU UB 227 -148.13 95.00 -23.51
N ILE UB 228 -147.93 96.19 -22.94
CA ILE UB 228 -146.62 96.66 -22.53
C ILE UB 228 -146.51 96.51 -21.03
N ASN UB 229 -145.43 95.88 -20.57
CA ASN UB 229 -145.07 95.92 -19.15
C ASN UB 229 -143.76 96.70 -19.07
N ALA UB 230 -143.87 97.96 -18.65
CA ALA UB 230 -142.71 98.81 -18.44
C ALA UB 230 -142.24 98.62 -17.01
N GLY UB 231 -141.18 97.86 -16.83
CA GLY UB 231 -140.61 97.59 -15.52
C GLY UB 231 -139.46 98.51 -15.21
N ALA UB 232 -138.68 98.12 -14.20
CA ALA UB 232 -137.49 98.87 -13.84
C ALA UB 232 -136.23 98.36 -14.54
N SER UB 233 -136.20 97.08 -14.93
CA SER UB 233 -135.05 96.51 -15.61
C SER UB 233 -135.26 96.30 -17.10
N VAL UB 234 -136.52 96.26 -17.55
CA VAL UB 234 -136.83 95.82 -18.91
C VAL UB 234 -138.26 96.28 -19.21
N VAL UB 235 -138.56 96.47 -20.49
CA VAL UB 235 -139.93 96.69 -20.95
C VAL UB 235 -140.29 95.55 -21.89
N ASN UB 236 -141.35 94.82 -21.56
CA ASN UB 236 -141.80 93.79 -22.48
C ASN UB 236 -142.99 94.25 -23.29
N ILE UB 237 -142.99 93.81 -24.54
CA ILE UB 237 -144.12 93.90 -25.44
C ILE UB 237 -144.55 92.47 -25.74
N ASN UB 238 -145.79 92.15 -25.45
CA ASN UB 238 -146.37 90.96 -26.08
C ASN UB 238 -147.63 91.41 -26.78
N ILE UB 239 -147.82 90.91 -28.00
CA ILE UB 239 -148.97 91.24 -28.82
C ILE UB 239 -149.67 89.96 -29.23
N ILE UB 240 -151.02 90.00 -29.16
CA ILE UB 240 -151.90 88.84 -29.16
C ILE UB 240 -153.04 89.04 -30.16
N SER UB 241 -153.59 87.91 -30.62
CA SER UB 241 -154.95 87.85 -31.12
C SER UB 241 -155.77 87.06 -30.10
N ASN UB 242 -156.70 87.74 -29.44
CA ASN UB 242 -157.47 87.21 -28.30
C ASN UB 242 -156.49 87.11 -27.12
N GLY UB 243 -156.51 86.02 -26.36
CA GLY UB 243 -155.46 85.71 -25.41
C GLY UB 243 -154.55 84.65 -25.99
N ALA UB 244 -154.26 84.78 -27.29
CA ALA UB 244 -153.31 83.93 -27.98
C ALA UB 244 -152.11 84.79 -28.35
N THR UB 245 -151.02 84.63 -27.61
CA THR UB 245 -149.82 85.40 -27.91
C THR UB 245 -149.38 85.16 -29.34
N VAL UB 246 -149.12 86.25 -30.06
CA VAL UB 246 -148.51 86.17 -31.37
C VAL UB 246 -147.01 86.41 -31.29
N PHE UB 247 -146.57 87.33 -30.43
CA PHE UB 247 -145.13 87.44 -30.23
C PHE UB 247 -144.83 88.26 -28.98
N THR UB 248 -143.54 88.23 -28.60
CA THR UB 248 -142.99 88.98 -27.47
C THR UB 248 -141.63 89.54 -27.86
N ARG UB 249 -141.29 90.70 -27.29
CA ARG UB 249 -140.01 91.36 -27.52
C ARG UB 249 -139.66 92.13 -26.26
N ASP UB 250 -138.39 92.06 -25.85
CA ASP UB 250 -137.94 92.66 -24.60
C ASP UB 250 -136.91 93.73 -24.88
N VAL UB 251 -137.13 94.91 -24.32
CA VAL UB 251 -136.33 96.09 -24.58
C VAL UB 251 -135.57 96.46 -23.31
N THR UB 252 -134.26 96.68 -23.46
CA THR UB 252 -133.41 96.97 -22.31
C THR UB 252 -133.86 98.23 -21.58
N ILE UB 253 -134.52 99.14 -22.28
CA ILE UB 253 -134.90 100.42 -21.71
C ILE UB 253 -136.03 100.22 -20.71
N GLY UB 254 -136.03 101.01 -19.65
CA GLY UB 254 -137.03 100.90 -18.62
C GLY UB 254 -136.99 102.12 -17.72
N GLY UB 255 -137.65 101.99 -16.55
CA GLY UB 255 -137.74 103.12 -15.64
C GLY UB 255 -136.40 103.47 -15.00
N ASN UB 256 -135.52 102.48 -14.86
CA ASN UB 256 -134.17 102.75 -14.38
C ASN UB 256 -133.50 103.81 -15.23
N GLN UB 257 -133.78 103.83 -16.54
CA GLN UB 257 -133.17 104.82 -17.41
C GLN UB 257 -133.68 106.22 -17.12
N PHE UB 258 -134.98 106.36 -16.86
CA PHE UB 258 -135.52 107.66 -16.47
C PHE UB 258 -134.87 108.14 -15.17
N THR UB 259 -134.89 107.29 -14.13
CA THR UB 259 -134.27 107.67 -12.87
C THR UB 259 -132.81 108.04 -13.06
N GLU UB 260 -132.08 107.29 -13.88
CA GLU UB 260 -130.66 107.53 -14.08
C GLU UB 260 -130.41 108.83 -14.83
N GLU UB 261 -131.31 109.22 -15.72
CA GLU UB 261 -131.14 110.52 -16.38
C GLU UB 261 -131.39 111.65 -15.40
N ILE UB 262 -132.42 111.54 -14.56
CA ILE UB 262 -132.63 112.53 -13.50
C ILE UB 262 -131.38 112.65 -12.63
N GLN UB 263 -130.87 111.50 -12.17
CA GLN UB 263 -129.67 111.49 -11.34
C GLN UB 263 -128.49 112.14 -12.03
N LYS UB 264 -128.24 111.79 -13.30
CA LYS UB 264 -127.18 112.43 -14.05
C LYS UB 264 -127.32 113.94 -14.06
N GLN UB 265 -128.52 114.44 -14.39
CA GLN UB 265 -128.69 115.86 -14.60
C GLN UB 265 -128.82 116.67 -13.32
N LEU UB 266 -128.93 116.03 -12.15
CA LEU UB 266 -128.93 116.82 -10.92
C LEU UB 266 -128.01 116.24 -9.86
N ASN UB 267 -126.94 115.55 -10.28
CA ASN UB 267 -126.04 114.76 -9.43
C ASN UB 267 -126.70 114.35 -8.12
N VAL UB 268 -127.75 113.55 -8.24
CA VAL UB 268 -128.61 113.07 -7.16
C VAL UB 268 -128.29 111.60 -6.91
N SER UB 269 -128.64 111.08 -5.74
CA SER UB 269 -128.55 109.64 -5.52
C SER UB 269 -129.68 108.93 -6.28
N TYR UB 270 -129.59 107.61 -6.44
CA TYR UB 270 -130.62 106.91 -7.21
C TYR UB 270 -131.99 107.05 -6.56
N GLU UB 271 -132.06 106.91 -5.23
CA GLU UB 271 -133.36 106.91 -4.55
C GLU UB 271 -134.03 108.28 -4.61
N GLU UB 272 -133.27 109.34 -4.37
CA GLU UB 272 -133.84 110.69 -4.42
C GLU UB 272 -134.24 111.05 -5.86
N ALA UB 273 -133.45 110.64 -6.85
CA ALA UB 273 -133.85 110.85 -8.23
C ALA UB 273 -135.11 110.07 -8.56
N GLU UB 274 -135.27 108.90 -7.93
CA GLU UB 274 -136.48 108.11 -8.11
C GLU UB 274 -137.70 108.82 -7.53
N ALA UB 275 -137.56 109.35 -6.31
CA ALA UB 275 -138.65 110.11 -5.71
C ALA UB 275 -139.00 111.33 -6.54
N LEU UB 276 -137.98 112.07 -7.00
CA LEU UB 276 -138.20 113.21 -7.87
C LEU UB 276 -138.97 112.79 -9.12
N LYS UB 277 -138.65 111.61 -9.65
CA LYS UB 277 -139.43 111.07 -10.76
C LYS UB 277 -140.90 110.89 -10.36
N ILE UB 278 -141.14 110.05 -9.35
CA ILE UB 278 -142.49 109.74 -8.86
C ILE UB 278 -143.26 111.02 -8.54
N GLY UB 279 -143.03 111.58 -7.35
CA GLY UB 279 -143.81 112.73 -6.92
C GLY UB 279 -143.48 113.99 -7.69
N GLY UB 280 -142.22 114.17 -8.08
CA GLY UB 280 -141.86 115.27 -8.94
C GLY UB 280 -142.72 115.38 -10.17
N ASN UB 281 -142.98 114.27 -10.85
CA ASN UB 281 -143.63 114.31 -12.16
C ASN UB 281 -145.14 114.38 -12.12
N GLY UB 282 -145.79 114.10 -10.97
CA GLY UB 282 -147.24 113.97 -10.96
C GLY UB 282 -148.04 114.82 -9.99
N ALA UB 283 -147.37 115.58 -9.13
CA ALA UB 283 -148.09 116.36 -8.13
C ALA UB 283 -148.91 117.48 -8.79
N ASP UB 284 -149.97 117.91 -8.10
CA ASP UB 284 -150.73 119.06 -8.59
C ASP UB 284 -149.89 120.33 -8.52
N ALA UB 285 -148.92 120.37 -7.63
CA ALA UB 285 -148.02 121.51 -7.47
C ALA UB 285 -146.77 121.43 -8.35
N ASP UB 286 -146.72 120.51 -9.30
CA ASP UB 286 -145.48 120.23 -10.03
C ASP UB 286 -145.26 121.14 -11.23
N ALA UB 287 -145.91 122.31 -11.28
CA ALA UB 287 -145.92 123.10 -12.50
C ALA UB 287 -144.53 123.60 -12.89
N VAL UB 288 -143.61 123.70 -11.93
CA VAL UB 288 -142.31 124.30 -12.22
C VAL UB 288 -141.28 123.25 -12.58
N VAL UB 289 -141.57 122.00 -12.20
CA VAL UB 289 -140.65 120.87 -12.27
C VAL UB 289 -140.82 120.03 -13.54
N PRO UB 290 -141.81 120.21 -14.43
CA PRO UB 290 -141.78 119.36 -15.64
C PRO UB 290 -140.92 119.96 -16.71
N GLN UB 291 -140.48 121.21 -16.52
CA GLN UB 291 -139.40 121.75 -17.34
C GLN UB 291 -138.07 121.15 -16.89
N ASP UB 292 -137.76 121.29 -15.60
CA ASP UB 292 -136.48 120.80 -15.10
C ASP UB 292 -136.36 119.29 -15.27
N VAL UB 293 -137.44 118.56 -15.02
CA VAL UB 293 -137.40 117.11 -15.15
C VAL UB 293 -137.61 116.70 -16.59
N GLU UB 294 -138.68 117.19 -17.22
CA GLU UB 294 -138.99 116.75 -18.58
C GLU UB 294 -137.80 116.96 -19.50
N ARG UB 295 -137.10 118.09 -19.35
CA ARG UB 295 -135.89 118.30 -20.14
C ARG UB 295 -134.83 117.24 -19.84
N VAL UB 296 -134.85 116.70 -18.62
CA VAL UB 296 -133.92 115.65 -18.25
C VAL UB 296 -134.32 114.32 -18.89
N LEU UB 297 -135.62 113.99 -18.86
CA LEU UB 297 -136.15 112.72 -19.30
C LEU UB 297 -136.53 112.69 -20.77
N SER UB 298 -136.34 113.79 -21.50
CA SER UB 298 -136.88 113.89 -22.85
C SER UB 298 -136.15 112.94 -23.80
N SER UB 299 -134.84 112.83 -23.66
CA SER UB 299 -134.10 111.88 -24.49
C SER UB 299 -134.57 110.45 -24.24
N VAL UB 300 -134.89 110.10 -22.99
CA VAL UB 300 -135.40 108.76 -22.73
C VAL UB 300 -136.79 108.59 -23.34
N ALA UB 301 -137.66 109.60 -23.20
CA ALA UB 301 -138.97 109.49 -23.84
C ALA UB 301 -138.85 109.26 -25.33
N GLU UB 302 -137.96 110.02 -25.99
CA GLU UB 302 -137.71 109.84 -27.41
C GLU UB 302 -137.22 108.43 -27.72
N GLN UB 303 -136.22 107.96 -26.97
CA GLN UB 303 -135.62 106.66 -27.27
C GLN UB 303 -136.59 105.52 -27.00
N VAL UB 304 -137.40 105.63 -25.95
CA VAL UB 304 -138.44 104.63 -25.72
C VAL UB 304 -139.43 104.63 -26.87
N ALA UB 305 -139.93 105.80 -27.26
CA ALA UB 305 -140.88 105.87 -28.38
C ALA UB 305 -140.31 105.26 -29.64
N GLY UB 306 -139.04 105.54 -29.93
CA GLY UB 306 -138.42 104.99 -31.13
C GLY UB 306 -138.24 103.49 -31.05
N GLU UB 307 -137.90 102.97 -29.86
CA GLU UB 307 -137.72 101.54 -29.72
C GLU UB 307 -139.06 100.79 -29.82
N ILE UB 308 -140.13 101.37 -29.30
CA ILE UB 308 -141.46 100.77 -29.40
C ILE UB 308 -141.97 100.83 -30.84
N GLN UB 309 -141.82 101.99 -31.50
CA GLN UB 309 -142.14 102.08 -32.93
C GLN UB 309 -141.38 101.03 -33.72
N ARG UB 310 -140.09 100.87 -33.45
CA ARG UB 310 -139.27 99.89 -34.14
C ARG UB 310 -139.80 98.47 -33.92
N SER UB 311 -140.10 98.12 -32.68
CA SER UB 311 -140.63 96.77 -32.41
C SER UB 311 -141.93 96.53 -33.17
N LEU UB 312 -142.86 97.49 -33.08
CA LEU UB 312 -144.14 97.35 -33.78
C LEU UB 312 -143.95 97.21 -35.29
N ASP UB 313 -143.01 97.97 -35.87
CA ASP UB 313 -142.77 97.85 -37.30
C ASP UB 313 -142.15 96.51 -37.66
N PHE UB 314 -141.36 95.94 -36.75
CA PHE UB 314 -140.74 94.66 -37.03
C PHE UB 314 -141.74 93.53 -36.95
N TYR UB 315 -142.84 93.72 -36.22
CA TYR UB 315 -143.90 92.73 -36.26
C TYR UB 315 -144.67 92.77 -37.57
N ALA UB 316 -144.94 93.97 -38.08
CA ALA UB 316 -146.14 94.23 -38.87
C ALA UB 316 -146.04 93.79 -40.32
N GLY UB 317 -145.94 92.47 -40.56
CA GLY UB 317 -145.47 92.00 -41.84
C GLY UB 317 -146.41 91.26 -42.76
N THR UB 318 -147.47 90.66 -42.24
CA THR UB 318 -148.48 89.97 -43.04
C THR UB 318 -149.70 90.82 -43.33
N ALA UB 319 -150.12 91.67 -42.38
CA ALA UB 319 -151.19 92.65 -42.55
C ALA UB 319 -150.55 93.97 -42.98
N ALA UB 320 -149.79 93.92 -44.08
CA ALA UB 320 -149.37 95.12 -44.81
C ALA UB 320 -150.23 96.31 -44.50
N ASP UB 321 -151.53 96.15 -44.67
CA ASP UB 321 -152.46 97.18 -45.06
C ASP UB 321 -153.25 97.72 -43.89
N SER UB 322 -153.08 97.13 -42.73
CA SER UB 322 -154.02 97.30 -41.64
C SER UB 322 -153.50 98.33 -40.65
N ASN UB 323 -154.23 98.52 -39.58
CA ASN UB 323 -153.84 99.37 -38.47
C ASN UB 323 -153.91 98.57 -37.18
N PHE UB 324 -153.64 99.25 -36.08
CA PHE UB 324 -153.72 98.59 -34.79
C PHE UB 324 -155.14 98.63 -34.24
N SER UB 325 -155.31 98.08 -33.05
CA SER UB 325 -156.56 98.18 -32.30
C SER UB 325 -156.30 98.82 -30.95
N LYS UB 326 -156.15 98.00 -29.89
CA LYS UB 326 -156.07 98.52 -28.53
C LYS UB 326 -155.02 97.77 -27.72
N VAL UB 327 -154.58 98.41 -26.62
CA VAL UB 327 -153.42 97.96 -25.87
C VAL UB 327 -153.52 98.40 -24.41
N TYR UB 328 -152.80 97.70 -23.53
CA TYR UB 328 -152.76 98.01 -22.11
C TYR UB 328 -151.33 98.19 -21.60
N LEU UB 329 -151.22 98.78 -20.41
CA LEU UB 329 -149.94 99.02 -19.75
C LEU UB 329 -149.92 98.40 -18.36
N SER UB 330 -148.75 97.89 -17.99
CA SER UB 330 -148.47 97.26 -16.70
C SER UB 330 -147.05 97.66 -16.30
N GLY UB 331 -146.71 97.43 -15.06
CA GLY UB 331 -145.40 97.89 -14.61
C GLY UB 331 -145.43 99.32 -14.12
N GLY UB 332 -144.61 99.59 -13.10
CA GLY UB 332 -144.62 100.91 -12.48
C GLY UB 332 -144.04 101.99 -13.37
N THR UB 333 -143.13 101.62 -14.28
CA THR UB 333 -142.58 102.60 -15.22
C THR UB 333 -143.67 103.20 -16.10
N ALA UB 334 -144.76 102.47 -16.34
CA ALA UB 334 -145.93 103.01 -17.02
C ALA UB 334 -146.47 104.26 -16.34
N LYS UB 335 -146.48 104.27 -15.01
CA LYS UB 335 -147.15 105.30 -14.23
C LYS UB 335 -146.52 106.67 -14.35
N ILE UB 336 -145.50 106.83 -15.19
CA ILE UB 336 -144.94 108.14 -15.48
C ILE UB 336 -146.10 109.04 -15.92
N PRO UB 337 -146.28 110.18 -15.29
CA PRO UB 337 -147.41 111.05 -15.64
C PRO UB 337 -147.42 111.41 -17.12
N ALA UB 338 -148.58 111.19 -17.74
CA ALA UB 338 -148.89 111.51 -19.13
C ALA UB 338 -148.30 110.53 -20.13
N LEU UB 339 -147.46 109.59 -19.66
CA LEU UB 339 -146.79 108.66 -20.58
C LEU UB 339 -147.78 107.88 -21.42
N PHE UB 340 -148.98 107.65 -20.89
CA PHE UB 340 -149.98 106.87 -21.62
C PHE UB 340 -150.50 107.65 -22.82
N LYS UB 341 -150.79 108.93 -22.61
CA LYS UB 341 -151.20 109.79 -23.71
C LYS UB 341 -150.09 109.92 -24.75
N THR UB 342 -148.85 110.04 -24.29
CA THR UB 342 -147.72 110.14 -25.21
C THR UB 342 -147.59 108.90 -26.07
N ILE UB 343 -147.58 107.72 -25.44
CA ILE UB 343 -147.49 106.47 -26.20
C ILE UB 343 -148.69 106.33 -27.13
N GLU UB 344 -149.87 106.75 -26.67
CA GLU UB 344 -151.06 106.66 -27.50
C GLU UB 344 -150.92 107.48 -28.78
N ALA UB 345 -150.49 108.73 -28.64
CA ALA UB 345 -150.36 109.60 -29.81
C ALA UB 345 -149.18 109.21 -30.68
N ARG UB 346 -148.12 108.68 -30.07
CA ARG UB 346 -146.87 108.41 -30.78
C ARG UB 346 -146.87 107.06 -31.49
N THR UB 347 -147.52 106.05 -30.95
CA THR UB 347 -147.54 104.74 -31.58
C THR UB 347 -148.77 104.49 -32.44
N GLY UB 348 -149.73 105.42 -32.44
CA GLY UB 348 -150.97 105.21 -33.19
C GLY UB 348 -151.82 104.09 -32.62
N VAL UB 349 -151.74 103.87 -31.32
CA VAL UB 349 -152.56 102.84 -30.70
C VAL UB 349 -153.13 103.38 -29.39
N PRO UB 350 -154.41 103.18 -29.09
CA PRO UB 350 -154.93 103.50 -27.76
C PRO UB 350 -154.32 102.62 -26.67
N VAL UB 351 -153.47 103.25 -25.87
CA VAL UB 351 -152.73 102.60 -24.77
C VAL UB 351 -153.41 102.97 -23.46
N GLU UB 352 -153.90 101.97 -22.72
CA GLU UB 352 -154.62 102.24 -21.49
C GLU UB 352 -154.09 101.45 -20.32
N ILE UB 353 -154.03 102.10 -19.16
CA ILE UB 353 -153.86 101.39 -17.91
C ILE UB 353 -155.02 100.40 -17.76
N LEU UB 354 -154.78 99.34 -17.00
CA LEU UB 354 -155.82 98.37 -16.74
C LEU UB 354 -155.67 97.85 -15.32
N ASN UB 355 -156.80 97.51 -14.72
CA ASN UB 355 -156.84 97.00 -13.36
C ASN UB 355 -156.79 95.47 -13.42
N PRO UB 356 -155.65 94.84 -13.10
CA PRO UB 356 -155.67 93.37 -13.02
C PRO UB 356 -156.67 92.85 -12.02
N PHE UB 357 -156.78 93.47 -10.84
CA PHE UB 357 -157.53 92.87 -9.73
C PHE UB 357 -158.99 92.55 -10.07
N ARG UB 358 -159.48 92.94 -11.25
CA ARG UB 358 -160.86 92.62 -11.61
C ARG UB 358 -161.07 91.13 -11.83
N LYS UB 359 -159.98 90.37 -12.02
CA LYS UB 359 -160.04 88.92 -12.20
C LYS UB 359 -160.24 88.16 -10.90
N ILE UB 360 -160.15 88.82 -9.76
CA ILE UB 360 -160.21 88.16 -8.45
C ILE UB 360 -161.21 88.88 -7.58
N GLU UB 361 -161.84 88.14 -6.69
CA GLU UB 361 -162.77 88.74 -5.74
C GLU UB 361 -161.99 89.52 -4.68
N VAL UB 362 -162.48 90.71 -4.36
CA VAL UB 362 -161.81 91.61 -3.41
C VAL UB 362 -162.84 92.01 -2.36
N ASP UB 363 -162.58 91.63 -1.12
CA ASP UB 363 -163.45 91.99 0.01
C ASP UB 363 -163.20 93.45 0.35
N ASN UB 364 -164.24 94.28 0.21
CA ASN UB 364 -164.09 95.72 0.44
C ASN UB 364 -163.79 96.04 1.90
N ARG UB 365 -164.06 95.10 2.81
CA ARG UB 365 -163.77 95.32 4.22
C ARG UB 365 -162.30 95.09 4.55
N LYS UB 366 -161.54 94.44 3.66
CA LYS UB 366 -160.13 94.19 3.88
C LYS UB 366 -159.22 94.98 2.94
N PHE UB 367 -159.77 95.46 1.83
CA PHE UB 367 -159.05 96.26 0.85
C PHE UB 367 -160.01 97.27 0.24
N ASP UB 368 -159.57 98.50 0.10
CA ASP UB 368 -160.37 99.53 -0.56
C ASP UB 368 -159.98 99.58 -2.03
N PRO UB 369 -160.93 99.59 -2.97
CA PRO UB 369 -160.56 99.48 -4.40
C PRO UB 369 -159.66 100.60 -4.90
N ALA UB 370 -159.66 101.78 -4.26
CA ALA UB 370 -158.91 102.90 -4.83
C ALA UB 370 -157.41 102.60 -4.90
N PHE UB 371 -156.77 102.31 -3.77
CA PHE UB 371 -155.34 102.01 -3.78
C PHE UB 371 -155.04 100.76 -4.59
N VAL UB 372 -155.74 99.67 -4.29
CA VAL UB 372 -155.64 98.45 -5.09
C VAL UB 372 -155.49 98.79 -6.57
N MET UB 373 -156.36 99.69 -7.05
CA MET UB 373 -156.20 100.27 -8.38
C MET UB 373 -154.86 100.99 -8.51
N ASP UB 374 -154.45 101.70 -7.45
CA ASP UB 374 -153.26 102.54 -7.54
C ASP UB 374 -151.99 101.73 -7.79
N VAL UB 375 -151.84 100.58 -7.13
CA VAL UB 375 -150.68 99.70 -7.34
C VAL UB 375 -150.99 98.56 -8.31
N ALA UB 376 -152.15 98.56 -8.96
CA ALA UB 376 -152.41 97.55 -9.98
C ALA UB 376 -151.27 97.36 -10.99
N PRO UB 377 -150.71 98.42 -11.61
CA PRO UB 377 -149.64 98.20 -12.61
C PRO UB 377 -148.42 97.47 -12.06
N MET UB 378 -147.91 97.89 -10.90
CA MET UB 378 -146.79 97.17 -10.30
C MET UB 378 -147.14 95.72 -10.02
N ALA UB 379 -148.37 95.46 -9.58
CA ALA UB 379 -148.75 94.16 -9.06
C ALA UB 379 -149.29 93.21 -10.13
N ALA UB 380 -149.40 93.63 -11.39
CA ALA UB 380 -150.02 92.77 -12.40
C ALA UB 380 -149.37 91.39 -12.45
N VAL UB 381 -148.04 91.32 -12.51
CA VAL UB 381 -147.38 90.01 -12.55
C VAL UB 381 -147.56 89.30 -11.22
N ALA UB 382 -147.42 90.06 -10.12
CA ALA UB 382 -147.55 89.65 -8.72
C ALA UB 382 -148.86 88.97 -8.42
N VAL UB 383 -149.90 89.27 -9.16
CA VAL UB 383 -151.09 88.45 -9.13
C VAL UB 383 -151.14 87.53 -10.37
N GLY UB 384 -150.19 87.70 -11.29
CA GLY UB 384 -150.14 86.84 -12.47
C GLY UB 384 -149.80 85.40 -12.14
N LEU UB 385 -148.53 85.13 -11.84
CA LEU UB 385 -148.23 83.75 -11.49
C LEU UB 385 -149.02 83.33 -10.24
N ALA UB 386 -149.79 84.28 -9.68
CA ALA UB 386 -150.66 84.05 -8.55
C ALA UB 386 -151.93 83.35 -8.95
N LEU UB 387 -152.58 83.75 -10.04
CA LEU UB 387 -153.62 82.87 -10.55
C LEU UB 387 -153.01 81.58 -11.11
N ARG UB 388 -151.73 81.63 -11.51
CA ARG UB 388 -151.06 80.37 -11.86
C ARG UB 388 -150.99 79.41 -10.67
N ARG UB 389 -150.99 79.94 -9.44
CA ARG UB 389 -150.73 79.04 -8.31
C ARG UB 389 -151.94 78.30 -7.72
N PRO UB 390 -153.20 78.72 -7.93
CA PRO UB 390 -154.30 77.83 -7.58
C PRO UB 390 -154.88 77.19 -8.83
N GLY UB 391 -154.06 77.13 -9.88
CA GLY UB 391 -154.50 76.56 -11.13
C GLY UB 391 -154.71 75.06 -10.98
N MET VB 1 -147.38 90.60 23.68
CA MET VB 1 -146.09 91.18 24.07
C MET VB 1 -144.98 90.13 24.02
N MET VB 2 -143.80 90.54 23.58
CA MET VB 2 -142.66 89.65 23.42
C MET VB 2 -141.75 89.73 24.64
N ILE VB 3 -141.44 88.57 25.22
CA ILE VB 3 -140.56 88.48 26.39
C ILE VB 3 -139.35 87.64 25.99
N ARG VB 4 -138.20 88.30 25.86
CA ARG VB 4 -136.98 87.69 25.39
C ARG VB 4 -135.90 87.72 26.46
N ILE VB 5 -134.98 86.76 26.37
CA ILE VB 5 -133.91 86.65 27.36
C ILE VB 5 -132.66 86.03 26.75
N ASN VB 6 -131.75 86.87 26.28
CA ASN VB 6 -130.46 86.44 25.76
C ASN VB 6 -129.50 85.98 26.84
N LEU VB 7 -129.95 85.84 28.09
CA LEU VB 7 -129.05 85.30 29.09
C LEU VB 7 -128.69 83.86 28.74
N LEU VB 8 -127.41 83.67 28.44
CA LEU VB 8 -126.64 82.50 27.98
C LEU VB 8 -127.33 81.15 28.06
N PRO VB 9 -127.77 80.59 26.93
CA PRO VB 9 -127.98 79.13 26.87
C PRO VB 9 -126.91 78.41 26.01
N VAL VB 10 -127.17 78.23 24.70
CA VAL VB 10 -126.57 77.18 23.83
C VAL VB 10 -125.07 77.05 23.65
N ARG VB 11 -124.32 78.13 23.39
CA ARG VB 11 -122.93 77.89 22.99
C ARG VB 11 -122.09 77.48 24.19
N ALA VB 12 -122.24 78.18 25.32
CA ALA VB 12 -121.62 77.70 26.55
C ALA VB 12 -122.07 76.28 26.86
N VAL VB 13 -123.36 75.98 26.71
CA VAL VB 13 -123.86 74.64 27.03
C VAL VB 13 -123.15 73.59 26.19
N LYS VB 14 -123.01 73.87 24.89
CA LYS VB 14 -122.33 72.94 24.00
C LYS VB 14 -120.87 72.80 24.40
N LYS VB 15 -120.27 73.88 24.92
CA LYS VB 15 -118.87 73.83 25.31
C LYS VB 15 -118.68 73.13 26.65
N ARG VB 16 -119.63 73.28 27.56
CA ARG VB 16 -119.61 72.55 28.83
C ARG VB 16 -119.79 71.06 28.57
N GLU VB 17 -120.62 70.73 27.57
CA GLU VB 17 -120.80 69.32 27.21
C GLU VB 17 -119.55 68.74 26.58
N MET VB 18 -119.02 69.40 25.54
CA MET VB 18 -117.75 68.96 24.96
C MET VB 18 -116.67 68.85 26.03
N GLY VB 19 -116.63 69.82 26.95
CA GLY VB 19 -115.70 69.75 28.05
C GLY VB 19 -115.89 68.50 28.90
N ARG VB 20 -117.15 68.09 29.10
CA ARG VB 20 -117.38 66.86 29.83
C ARG VB 20 -116.87 65.64 29.05
N GLN VB 21 -117.22 65.57 27.76
CA GLN VB 21 -116.92 64.37 26.97
C GLN VB 21 -115.41 64.16 26.84
N VAL VB 22 -114.66 65.24 26.57
CA VAL VB 22 -113.21 65.11 26.45
C VAL VB 22 -112.62 64.52 27.73
N LEU VB 23 -113.13 64.94 28.89
CA LEU VB 23 -112.61 64.43 30.16
C LEU VB 23 -113.01 62.97 30.39
N VAL VB 24 -114.23 62.58 30.02
CA VAL VB 24 -114.59 61.17 30.12
C VAL VB 24 -113.63 60.32 29.27
N LEU VB 25 -113.34 60.78 28.05
CA LEU VB 25 -112.42 60.04 27.19
C LEU VB 25 -111.04 59.92 27.83
N PHE VB 26 -110.53 61.02 28.37
CA PHE VB 26 -109.30 60.97 29.16
C PHE VB 26 -109.37 59.89 30.23
N ALA VB 27 -110.45 59.89 31.01
CA ALA VB 27 -110.61 58.92 32.10
C ALA VB 27 -110.55 57.49 31.57
N VAL VB 28 -111.28 57.21 30.48
CA VAL VB 28 -111.32 55.85 29.95
C VAL VB 28 -109.94 55.40 29.49
N VAL VB 29 -109.25 56.25 28.71
CA VAL VB 29 -107.91 55.90 28.25
C VAL VB 29 -106.99 55.62 29.43
N LEU VB 30 -107.06 56.47 30.47
CA LEU VB 30 -106.15 56.30 31.60
C LEU VB 30 -106.48 55.07 32.44
N ILE VB 31 -107.76 54.66 32.49
CA ILE VB 31 -108.10 53.43 33.18
C ILE VB 31 -107.57 52.23 32.40
N GLY VB 32 -107.72 52.24 31.07
CA GLY VB 32 -107.15 51.16 30.27
C GLY VB 32 -105.65 51.04 30.43
N ALA VB 33 -104.93 52.16 30.22
CA ALA VB 33 -103.49 52.16 30.41
C ALA VB 33 -103.13 51.68 31.82
N GLY VB 34 -103.91 52.09 32.82
CA GLY VB 34 -103.75 51.54 34.16
C GLY VB 34 -103.75 50.02 34.14
N VAL VB 35 -104.82 49.43 33.60
CA VAL VB 35 -104.97 47.97 33.59
C VAL VB 35 -103.79 47.30 32.89
N ALA VB 36 -103.28 47.90 31.81
CA ALA VB 36 -102.08 47.39 31.17
C ALA VB 36 -100.90 47.38 32.15
N ASN VB 37 -100.61 48.54 32.77
CA ASN VB 37 -99.51 48.63 33.73
C ASN VB 37 -99.62 47.56 34.80
N TYR VB 38 -100.83 47.38 35.35
CA TYR VB 38 -101.11 46.22 36.18
C TYR VB 38 -100.66 44.95 35.48
N LEU VB 39 -101.55 44.31 34.71
CA LEU VB 39 -101.25 43.00 34.11
C LEU VB 39 -99.74 42.78 33.88
N TRP VB 40 -99.04 43.80 33.38
CA TRP VB 40 -97.58 43.77 33.30
C TRP VB 40 -96.97 43.47 34.67
N TYR VB 41 -97.37 44.22 35.71
CA TYR VB 41 -96.79 44.00 37.04
C TYR VB 41 -96.89 42.54 37.48
N ASP VB 42 -97.98 41.86 37.10
CA ASP VB 42 -98.21 40.50 37.53
C ASP VB 42 -97.31 39.53 36.80
N ASP VB 43 -97.21 39.67 35.47
CA ASP VB 43 -96.24 38.85 34.76
C ASP VB 43 -94.83 39.06 35.31
N ARG VB 44 -94.53 40.26 35.81
CA ARG VB 44 -93.20 40.52 36.36
C ARG VB 44 -93.02 39.84 37.71
N GLN VB 45 -94.04 39.81 38.55
CA GLN VB 45 -93.91 39.12 39.83
C GLN VB 45 -93.80 37.61 39.63
N SER VB 46 -94.53 37.06 38.65
CA SER VB 46 -94.35 35.65 38.32
C SER VB 46 -92.91 35.37 37.88
N GLU VB 47 -92.38 36.19 36.97
CA GLU VB 47 -91.00 36.00 36.54
C GLU VB 47 -90.03 36.08 37.72
N LEU VB 48 -90.27 37.02 38.65
CA LEU VB 48 -89.41 37.15 39.82
C LEU VB 48 -89.44 35.89 40.66
N GLU VB 49 -90.61 35.28 40.80
CA GLU VB 49 -90.71 34.06 41.60
C GLU VB 49 -90.00 32.89 40.92
N ALA VB 50 -90.18 32.72 39.61
CA ALA VB 50 -89.41 31.71 38.89
C ALA VB 50 -87.92 31.92 39.08
N HIS VB 51 -87.45 33.16 39.01
CA HIS VB 51 -86.02 33.43 39.08
C HIS VB 51 -85.47 33.21 40.48
N GLN VB 52 -86.25 33.54 41.51
CA GLN VB 52 -85.80 33.26 42.87
C GLN VB 52 -85.76 31.75 43.12
N ALA VB 53 -86.68 31.00 42.51
CA ALA VB 53 -86.56 29.55 42.53
C ALA VB 53 -85.24 29.10 41.91
N GLY VB 54 -84.89 29.66 40.75
CA GLY VB 54 -83.61 29.32 40.14
C GLY VB 54 -82.44 29.65 41.05
N VAL VB 55 -82.47 30.82 41.70
CA VAL VB 55 -81.38 31.22 42.59
C VAL VB 55 -81.24 30.24 43.74
N ALA VB 56 -82.37 29.85 44.35
CA ALA VB 56 -82.33 28.77 45.33
C ALA VB 56 -81.67 27.53 44.75
N SER VB 57 -81.95 27.21 43.48
CA SER VB 57 -81.32 26.05 42.85
C SER VB 57 -79.82 26.24 42.70
N THR VB 58 -79.34 27.48 42.64
CA THR VB 58 -77.90 27.72 42.79
C THR VB 58 -77.44 27.40 44.20
N LYS VB 59 -78.00 28.13 45.18
CA LYS VB 59 -77.49 28.05 46.56
C LYS VB 59 -77.53 26.63 47.11
N ALA VB 60 -78.37 25.76 46.55
CA ALA VB 60 -78.34 24.35 46.94
C ALA VB 60 -77.06 23.66 46.47
N ARG VB 61 -76.86 23.61 45.14
CA ARG VB 61 -75.76 22.82 44.61
C ARG VB 61 -74.40 23.44 44.88
N ILE VB 62 -74.31 24.77 45.03
CA ILE VB 62 -73.06 25.37 45.48
C ILE VB 62 -72.68 24.83 46.86
N ALA VB 63 -73.66 24.73 47.76
CA ALA VB 63 -73.42 24.11 49.06
C ALA VB 63 -72.98 22.66 48.90
N GLU VB 64 -73.70 21.90 48.07
CA GLU VB 64 -73.26 20.55 47.73
C GLU VB 64 -71.79 20.51 47.37
N LEU VB 65 -71.32 21.51 46.63
CA LEU VB 65 -69.97 21.48 46.08
C LEU VB 65 -68.93 21.94 47.08
N GLU VB 66 -69.28 22.90 47.93
CA GLU VB 66 -68.41 23.26 49.04
C GLU VB 66 -68.20 22.06 49.96
N LYS VB 67 -69.24 21.24 50.13
CA LYS VB 67 -69.09 20.04 50.95
C LYS VB 67 -68.23 18.99 50.24
N ILE VB 68 -68.51 18.75 48.95
CA ILE VB 68 -67.78 17.70 48.22
C ILE VB 68 -66.30 18.06 48.09
N ILE VB 69 -66.00 19.36 47.95
CA ILE VB 69 -64.60 19.78 47.89
C ILE VB 69 -63.99 19.79 49.29
N GLY VB 70 -64.78 20.12 50.32
CA GLY VB 70 -64.30 19.92 51.68
C GLY VB 70 -63.82 18.50 51.90
N GLU VB 71 -64.60 17.52 51.43
CA GLU VB 71 -64.13 16.15 51.38
C GLU VB 71 -62.82 16.07 50.60
N VAL VB 72 -62.83 16.41 49.31
CA VAL VB 72 -61.67 16.17 48.44
C VAL VB 72 -60.38 16.73 49.06
N LYS VB 73 -60.47 17.80 49.84
CA LYS VB 73 -59.28 18.35 50.45
C LYS VB 73 -58.92 17.63 51.75
N ASN VB 74 -59.90 17.54 52.69
CA ASN VB 74 -59.76 16.66 53.86
C ASN VB 74 -59.00 15.39 53.48
N ILE VB 75 -59.45 14.75 52.41
CA ILE VB 75 -58.81 13.68 51.64
C ILE VB 75 -57.34 13.97 51.33
N ASN VB 76 -57.10 14.91 50.39
CA ASN VB 76 -55.80 14.95 49.73
C ASN VB 76 -54.68 15.19 50.71
N THR VB 77 -54.96 15.88 51.82
CA THR VB 77 -53.88 16.12 52.77
C THR VB 77 -53.58 14.87 53.62
N ARG VB 78 -54.58 14.03 53.89
CA ARG VB 78 -54.33 12.83 54.67
C ARG VB 78 -53.60 11.76 53.88
N LYS VB 79 -53.70 11.79 52.55
CA LYS VB 79 -53.01 10.83 51.69
C LYS VB 79 -51.49 10.98 51.82
N ALA VB 80 -51.00 12.21 51.77
CA ALA VB 80 -49.57 12.48 51.83
C ALA VB 80 -48.97 12.08 53.18
N GLU VB 81 -49.80 11.81 54.18
CA GLU VB 81 -49.29 11.34 55.46
C GLU VB 81 -49.43 9.83 55.60
N VAL VB 82 -50.55 9.25 55.15
CA VAL VB 82 -50.59 7.78 55.07
C VAL VB 82 -49.41 7.29 54.25
N GLU VB 83 -49.40 7.64 52.97
CA GLU VB 83 -48.19 7.73 52.13
C GLU VB 83 -46.90 7.49 52.91
N LYS VB 84 -46.49 8.47 53.70
CA LYS VB 84 -45.13 8.54 54.22
C LYS VB 84 -44.97 7.67 55.48
N LYS VB 85 -45.97 7.70 56.37
CA LYS VB 85 -46.05 6.71 57.45
C LYS VB 85 -45.75 5.30 56.94
N LEU VB 86 -46.37 4.92 55.81
CA LEU VB 86 -46.25 3.55 55.33
C LEU VB 86 -44.91 3.32 54.64
N ALA VB 87 -44.39 4.31 53.90
CA ALA VB 87 -43.01 4.16 53.45
C ALA VB 87 -42.08 3.85 54.61
N VAL VB 88 -42.27 4.54 55.74
CA VAL VB 88 -41.59 4.19 56.97
C VAL VB 88 -41.86 2.73 57.34
N LEU VB 89 -43.14 2.32 57.30
CA LEU VB 89 -43.50 0.98 57.74
C LEU VB 89 -42.82 -0.11 56.91
N ASP VB 90 -42.64 0.15 55.61
CA ASP VB 90 -41.98 -0.81 54.72
C ASP VB 90 -40.47 -0.77 54.90
N ALA VB 91 -39.92 0.34 55.37
CA ALA VB 91 -38.53 0.30 55.83
C ALA VB 91 -38.41 -0.55 57.09
N LEU VB 92 -39.42 -0.47 57.98
CA LEU VB 92 -39.32 -1.14 59.27
C LEU VB 92 -39.56 -2.65 59.17
N ARG VB 93 -40.51 -3.09 58.33
CA ARG VB 93 -40.64 -4.52 58.10
C ARG VB 93 -39.34 -5.10 57.56
N LYS VB 94 -38.61 -4.32 56.76
CA LYS VB 94 -37.28 -4.72 56.33
C LYS VB 94 -36.30 -4.65 57.49
N GLY VB 95 -36.58 -3.79 58.48
CA GLY VB 95 -35.80 -3.73 59.71
C GLY VB 95 -36.13 -4.81 60.73
N ARG VB 96 -37.14 -5.63 60.47
CA ARG VB 96 -37.41 -6.81 61.29
C ARG VB 96 -37.14 -8.10 60.56
N SER VB 97 -37.24 -8.10 59.23
CA SER VB 97 -36.66 -9.18 58.44
C SER VB 97 -35.15 -9.18 58.55
N GLY VB 98 -34.56 -7.97 58.52
CA GLY VB 98 -33.13 -7.78 58.56
C GLY VB 98 -32.40 -8.64 59.56
N PRO VB 99 -32.72 -8.45 60.84
CA PRO VB 99 -32.07 -9.25 61.90
C PRO VB 99 -32.31 -10.74 61.81
N VAL VB 100 -32.92 -11.23 60.73
CA VAL VB 100 -33.46 -12.59 60.69
C VAL VB 100 -33.19 -13.23 59.34
N ARG VB 101 -32.29 -14.23 59.33
CA ARG VB 101 -32.50 -15.51 58.64
C ARG VB 101 -31.45 -16.01 57.65
N MET VB 102 -31.93 -16.21 56.43
CA MET VB 102 -31.76 -17.46 55.69
C MET VB 102 -30.85 -18.46 56.37
N MET VB 103 -31.49 -19.50 56.90
CA MET VB 103 -31.05 -20.87 57.14
C MET VB 103 -31.34 -21.26 58.57
N ASP VB 104 -32.12 -22.31 58.71
CA ASP VB 104 -32.65 -22.70 60.00
C ASP VB 104 -31.59 -23.44 60.81
N ALA VB 105 -31.55 -23.15 62.10
CA ALA VB 105 -30.53 -23.71 62.96
C ALA VB 105 -31.08 -23.76 64.37
N LEU VB 106 -30.33 -24.41 65.26
CA LEU VB 106 -30.65 -24.47 66.68
C LEU VB 106 -29.38 -24.00 67.39
N ALA VB 107 -29.29 -22.70 67.62
CA ALA VB 107 -28.11 -22.10 68.24
C ALA VB 107 -28.56 -21.03 69.22
N SER VB 108 -27.93 -21.02 70.39
CA SER VB 108 -28.16 -19.98 71.38
C SER VB 108 -27.66 -18.64 70.83
N ALA VB 109 -26.34 -18.49 70.74
CA ALA VB 109 -25.72 -17.33 70.12
C ALA VB 109 -25.22 -17.71 68.73
N THR VB 110 -25.33 -16.77 67.80
CA THR VB 110 -24.89 -16.97 66.43
C THR VB 110 -23.63 -16.18 66.15
N PRO VB 111 -22.56 -16.81 65.64
CA PRO VB 111 -21.29 -16.09 65.49
C PRO VB 111 -21.32 -14.94 64.48
N LYS VB 112 -22.20 -14.97 63.48
CA LYS VB 112 -22.30 -13.90 62.50
C LYS VB 112 -23.52 -13.03 62.79
N LYS VB 113 -23.53 -11.83 62.20
CA LYS VB 113 -24.66 -10.93 62.33
C LYS VB 113 -25.96 -11.64 62.02
N VAL VB 114 -26.03 -12.26 60.84
CA VAL VB 114 -27.17 -13.01 60.34
C VAL VB 114 -26.70 -14.44 60.13
N TRP VB 115 -27.65 -15.34 59.92
CA TRP VB 115 -27.25 -16.69 59.54
C TRP VB 115 -26.87 -16.76 58.08
N VAL VB 116 -26.17 -17.83 57.73
CA VAL VB 116 -25.69 -18.07 56.38
C VAL VB 116 -25.82 -19.56 56.16
N LYS VB 117 -25.32 -20.04 55.02
CA LYS VB 117 -25.57 -21.44 54.68
C LYS VB 117 -24.34 -22.30 54.95
N THR VB 118 -23.42 -22.38 54.01
CA THR VB 118 -22.28 -23.29 54.10
C THR VB 118 -20.99 -22.52 54.37
N PHE VB 119 -20.03 -23.21 54.96
CA PHE VB 119 -18.70 -22.67 55.27
C PHE VB 119 -17.69 -23.77 55.03
N SER VB 120 -16.75 -23.54 54.12
CA SER VB 120 -15.75 -24.55 53.81
C SER VB 120 -14.39 -23.89 53.63
N GLU VB 121 -13.40 -24.34 54.40
CA GLU VB 121 -12.11 -23.69 54.50
C GLU VB 121 -11.02 -24.59 53.94
N ASN VB 122 -9.79 -24.03 53.88
CA ASN VB 122 -8.63 -24.81 53.47
C ASN VB 122 -7.34 -24.27 54.10
N ASN VB 123 -7.44 -23.61 55.26
CA ASN VB 123 -6.32 -23.06 56.01
C ASN VB 123 -5.56 -21.99 55.24
N ASN VB 124 -6.11 -21.50 54.12
CA ASN VB 124 -5.55 -20.34 53.45
C ASN VB 124 -6.69 -19.41 53.06
N ALA VB 125 -7.81 -19.99 52.65
CA ALA VB 125 -9.00 -19.25 52.28
C ALA VB 125 -10.23 -20.02 52.74
N VAL VB 126 -11.32 -19.28 52.92
CA VAL VB 126 -12.61 -19.85 53.25
C VAL VB 126 -13.55 -19.49 52.10
N SER VB 127 -14.10 -20.50 51.46
CA SER VB 127 -15.18 -20.33 50.51
C SER VB 127 -16.49 -20.50 51.29
N ILE VB 128 -17.30 -19.45 51.34
CA ILE VB 128 -18.51 -19.47 52.12
C ILE VB 128 -19.70 -19.39 51.17
N ASP VB 129 -20.86 -19.68 51.73
CA ASP VB 129 -22.12 -19.74 50.99
C ASP VB 129 -23.16 -19.16 51.94
N GLY VB 130 -23.85 -18.10 51.54
CA GLY VB 130 -24.79 -17.56 52.49
C GLY VB 130 -26.02 -16.92 51.90
N SER VB 131 -26.64 -16.06 52.70
CA SER VB 131 -27.78 -15.27 52.26
C SER VB 131 -27.96 -14.10 53.23
N ALA VB 132 -28.50 -13.00 52.73
CA ALA VB 132 -28.68 -11.79 53.53
C ALA VB 132 -30.04 -11.19 53.19
N VAL VB 133 -30.39 -10.12 53.90
CA VAL VB 133 -31.76 -9.64 53.85
C VAL VB 133 -32.02 -8.87 52.55
N SER VB 134 -31.01 -8.21 51.99
CA SER VB 134 -31.24 -7.32 50.86
C SER VB 134 -29.91 -6.85 50.31
N HIS VB 135 -29.98 -5.81 49.47
CA HIS VB 135 -28.83 -5.13 48.89
C HIS VB 135 -28.13 -4.29 49.94
N ASP VB 136 -28.56 -4.44 51.20
CA ASP VB 136 -28.09 -3.63 52.30
C ASP VB 136 -27.27 -4.43 53.30
N GLU VB 137 -27.85 -5.45 53.92
CA GLU VB 137 -27.10 -6.25 54.87
C GLU VB 137 -25.99 -7.06 54.21
N VAL VB 138 -26.16 -7.45 52.95
CA VAL VB 138 -25.05 -8.04 52.21
C VAL VB 138 -24.02 -6.96 51.88
N ALA VB 139 -24.45 -5.71 51.75
CA ALA VB 139 -23.52 -4.61 51.57
C ALA VB 139 -22.80 -4.29 52.87
N GLU VB 140 -23.54 -4.31 53.99
CA GLU VB 140 -22.90 -4.15 55.30
C GLU VB 140 -21.86 -5.25 55.51
N PHE VB 141 -22.23 -6.50 55.25
CA PHE VB 141 -21.34 -7.62 55.44
C PHE VB 141 -20.12 -7.55 54.52
N MET VB 142 -20.35 -7.21 53.25
CA MET VB 142 -19.23 -7.15 52.30
C MET VB 142 -18.31 -5.98 52.62
N ARG VB 143 -18.87 -4.88 53.10
CA ARG VB 143 -18.04 -3.75 53.51
C ARG VB 143 -17.19 -4.12 54.72
N GLY VB 144 -17.77 -4.84 55.68
CA GLY VB 144 -17.02 -5.26 56.85
C GLY VB 144 -15.78 -6.08 56.54
N LEU VB 145 -15.64 -6.56 55.32
CA LEU VB 145 -14.49 -7.37 54.93
C LEU VB 145 -13.53 -6.61 54.05
N ASN VB 146 -13.73 -6.71 52.74
CA ASN VB 146 -12.77 -6.19 51.78
C ASN VB 146 -13.41 -6.18 50.39
N GLY VB 147 -12.71 -5.52 49.47
CA GLY VB 147 -13.15 -5.32 48.11
C GLY VB 147 -11.94 -5.23 47.20
N VAL VB 148 -11.97 -5.99 46.10
CA VAL VB 148 -10.75 -6.37 45.40
C VAL VB 148 -11.02 -6.41 43.90
N VAL VB 149 -10.00 -6.02 43.13
CA VAL VB 149 -9.98 -6.23 41.69
C VAL VB 149 -9.22 -7.53 41.45
N TRP VB 150 -9.97 -8.60 41.18
CA TRP VB 150 -9.35 -9.91 40.94
C TRP VB 150 -9.05 -10.09 39.47
N THR VB 151 -7.97 -10.82 39.18
CA THR VB 151 -7.52 -10.91 37.79
C THR VB 151 -7.25 -12.37 37.39
N PRO VB 152 -5.98 -12.88 37.27
CA PRO VB 152 -5.83 -14.15 36.54
C PRO VB 152 -6.27 -15.34 37.36
N LYS VB 153 -7.43 -15.89 37.04
CA LYS VB 153 -7.99 -16.98 37.83
C LYS VB 153 -7.49 -18.32 37.33
N GLY VB 154 -7.19 -19.22 38.25
CA GLY VB 154 -6.82 -20.58 37.90
C GLY VB 154 -7.97 -21.56 38.06
N MET VB 155 -8.20 -22.38 37.05
CA MET VB 155 -9.26 -23.38 37.11
C MET VB 155 -8.71 -24.68 37.68
N GLY VB 156 -9.47 -25.28 38.61
CA GLY VB 156 -8.98 -26.46 39.32
C GLY VB 156 -10.10 -27.44 39.56
N ARG VB 157 -9.70 -28.70 39.82
CA ARG VB 157 -10.61 -29.83 39.83
C ARG VB 157 -11.71 -29.73 40.88
N LEU VB 158 -11.64 -28.77 41.80
CA LEU VB 158 -12.74 -28.57 42.72
C LEU VB 158 -13.91 -27.83 42.09
N VAL VB 159 -13.61 -26.87 41.20
CA VAL VB 159 -14.66 -26.22 40.42
C VAL VB 159 -15.54 -27.26 39.73
N ASP VB 160 -14.92 -28.18 39.00
CA ASP VB 160 -15.71 -29.17 38.26
C ASP VB 160 -16.41 -30.13 39.19
N ARG VB 161 -15.82 -30.43 40.35
CA ARG VB 161 -16.54 -31.20 41.35
C ARG VB 161 -17.74 -30.44 41.88
N ARG VB 162 -17.75 -29.11 41.76
CA ARG VB 162 -18.96 -28.35 42.03
C ARG VB 162 -19.94 -28.43 40.88
N ARG VB 163 -19.43 -28.36 39.63
CA ARG VB 163 -20.29 -28.62 38.48
C ARG VB 163 -20.78 -30.06 38.46
N ASP VB 164 -19.99 -31.00 38.99
CA ASP VB 164 -20.40 -32.39 39.03
C ASP VB 164 -21.46 -32.66 40.10
N SER VB 165 -21.69 -31.70 41.01
CA SER VB 165 -22.39 -31.86 42.28
C SER VB 165 -21.63 -32.78 43.24
N LYS VB 166 -20.42 -33.18 42.87
CA LYS VB 166 -19.72 -34.26 43.58
C LYS VB 166 -19.23 -33.85 44.96
N THR VB 167 -19.07 -32.56 45.21
CA THR VB 167 -18.78 -31.99 46.53
C THR VB 167 -20.03 -31.20 46.92
N ALA VB 168 -20.75 -31.68 47.93
CA ALA VB 168 -22.08 -31.15 48.23
C ALA VB 168 -22.03 -29.65 48.49
N ARG VB 169 -22.84 -28.91 47.75
CA ARG VB 169 -23.12 -27.51 48.08
C ARG VB 169 -24.41 -27.02 47.43
N VAL VB 170 -24.52 -25.71 47.26
CA VAL VB 170 -25.77 -25.11 46.80
C VAL VB 170 -25.56 -24.37 45.47
N GLU VB 171 -25.92 -25.02 44.38
CA GLU VB 171 -25.46 -24.62 43.07
C GLU VB 171 -26.24 -23.46 42.47
N MET VB 172 -26.84 -22.64 43.31
CA MET VB 172 -27.00 -21.27 42.97
C MET VB 172 -25.66 -20.56 42.84
N LEU VB 173 -24.59 -21.16 43.32
CA LEU VB 173 -23.36 -20.44 43.53
C LEU VB 173 -22.46 -20.52 42.30
N THR VB 174 -21.79 -19.42 42.02
CA THR VB 174 -20.62 -19.48 41.18
C THR VB 174 -19.56 -20.33 41.88
N SER VB 175 -18.52 -20.69 41.13
CA SER VB 175 -17.57 -21.68 41.61
C SER VB 175 -16.30 -21.05 42.16
N ASP VB 176 -15.18 -21.78 42.04
CA ASP VB 176 -13.83 -21.21 42.09
C ASP VB 176 -13.34 -20.94 43.50
N ALA VB 177 -12.01 -20.78 43.64
CA ALA VB 177 -11.35 -20.40 44.88
C ALA VB 177 -9.84 -20.25 44.67
N THR VB 178 -9.41 -19.76 43.50
CA THR VB 178 -7.99 -19.63 43.21
C THR VB 178 -7.79 -18.49 42.23
N ILE VB 179 -7.05 -17.45 42.64
CA ILE VB 179 -6.87 -16.26 41.82
C ILE VB 179 -5.79 -15.36 42.40
N GLU VB 180 -5.73 -14.10 41.94
CA GLU VB 180 -4.75 -13.11 42.37
C GLU VB 180 -5.47 -11.78 42.53
N GLU VB 181 -5.23 -11.10 43.64
CA GLU VB 181 -6.17 -10.09 44.13
C GLU VB 181 -5.50 -8.74 44.32
N PHE VB 182 -6.16 -7.70 43.87
CA PHE VB 182 -5.71 -6.33 44.09
C PHE VB 182 -6.75 -5.59 44.93
N PRO VB 183 -6.32 -4.88 45.96
CA PRO VB 183 -7.29 -4.24 46.85
C PRO VB 183 -7.94 -3.03 46.19
N GLU VB 184 -9.26 -2.94 46.32
CA GLU VB 184 -10.00 -1.74 45.98
C GLU VB 184 -10.35 -0.95 47.23
N ALA VB 185 -11.05 -1.57 48.16
CA ALA VB 185 -11.41 -0.98 49.44
C ALA VB 185 -11.30 -2.09 50.49
N GLN VB 186 -11.34 -1.70 51.76
CA GLN VB 186 -10.87 -2.55 52.85
C GLN VB 186 -11.46 -2.05 54.16
N VAL VB 187 -11.89 -2.95 55.05
CA VAL VB 187 -12.35 -2.45 56.35
C VAL VB 187 -11.76 -3.29 57.46
N SER VB 188 -11.69 -4.59 57.26
CA SER VB 188 -10.98 -5.46 58.20
C SER VB 188 -9.53 -5.63 57.74
N PRO VB 189 -8.55 -5.21 58.52
CA PRO VB 189 -7.14 -5.39 58.14
C PRO VB 189 -6.75 -6.85 58.05
N PHE VB 190 -7.63 -7.71 58.51
CA PHE VB 190 -7.31 -9.11 58.69
C PHE VB 190 -7.81 -9.94 57.52
N PHE VB 191 -8.72 -9.43 56.69
CA PHE VB 191 -9.40 -10.25 55.70
C PHE VB 191 -9.26 -9.64 54.30
N LYS VB 192 -8.95 -10.51 53.34
CA LYS VB 192 -8.87 -10.21 51.91
C LYS VB 192 -10.02 -10.99 51.25
N ASN VB 193 -11.20 -10.37 51.23
CA ASN VB 193 -12.29 -10.87 50.41
C ASN VB 193 -11.92 -10.71 48.94
N ILE VB 194 -12.15 -11.76 48.14
CA ILE VB 194 -11.80 -11.65 46.73
C ILE VB 194 -12.88 -10.90 45.97
N ASP VB 195 -14.16 -11.15 46.30
CA ASP VB 195 -15.32 -10.51 45.69
C ASP VB 195 -16.60 -11.19 46.14
N LEU VB 196 -17.72 -10.48 46.10
CA LEU VB 196 -19.04 -11.09 46.20
C LEU VB 196 -19.27 -11.90 44.93
N GLN VB 197 -18.88 -13.17 45.00
CA GLN VB 197 -18.87 -14.02 43.82
C GLN VB 197 -20.23 -14.08 43.13
N THR VB 198 -21.32 -14.07 43.90
CA THR VB 198 -22.63 -13.96 43.27
C THR VB 198 -23.67 -13.57 44.31
N ALA VB 199 -24.85 -13.19 43.81
CA ALA VB 199 -25.97 -12.78 44.67
C ALA VB 199 -27.24 -12.74 43.84
N LYS VB 200 -28.28 -13.40 44.34
CA LYS VB 200 -29.54 -13.62 43.63
C LYS VB 200 -30.67 -13.63 44.65
N GLN VB 201 -31.64 -12.72 44.47
CA GLN VB 201 -32.73 -12.60 45.42
C GLN VB 201 -33.76 -13.69 45.14
N VAL VB 202 -33.88 -14.65 46.05
CA VAL VB 202 -34.74 -15.81 45.86
C VAL VB 202 -36.10 -15.49 46.44
N GLY VB 203 -37.13 -15.49 45.61
CA GLY VB 203 -38.44 -15.04 46.05
C GLY VB 203 -39.23 -16.07 46.80
N GLY VB 204 -39.20 -17.33 46.34
CA GLY VB 204 -40.04 -18.36 46.92
C GLY VB 204 -41.25 -18.65 46.05
N ALA VB 205 -42.31 -19.15 46.70
CA ALA VB 205 -43.52 -19.50 45.97
C ALA VB 205 -44.71 -19.43 46.92
N GLN VB 206 -45.86 -19.90 46.43
CA GLN VB 206 -47.08 -19.93 47.23
C GLN VB 206 -46.98 -20.87 48.42
N VAL VB 207 -46.03 -21.81 48.39
CA VAL VB 207 -45.79 -22.68 49.54
C VAL VB 207 -45.02 -21.97 50.62
N GLY VB 208 -44.31 -20.88 50.29
CA GLY VB 208 -43.56 -20.16 51.29
C GLY VB 208 -42.49 -19.22 50.74
N VAL VB 209 -42.01 -18.33 51.60
CA VAL VB 209 -41.01 -17.33 51.25
C VAL VB 209 -39.58 -17.79 51.52
N PRO VB 210 -38.63 -17.13 50.87
CA PRO VB 210 -37.53 -16.57 51.65
C PRO VB 210 -37.30 -15.10 51.28
N ILE VB 211 -37.49 -14.76 50.00
CA ILE VB 211 -37.50 -13.39 49.46
C ILE VB 211 -36.11 -12.76 49.50
N LEU VB 212 -35.19 -13.33 50.28
CA LEU VB 212 -33.93 -12.64 50.54
C LEU VB 212 -32.92 -12.83 49.40
N VAL VB 213 -31.71 -12.33 49.62
CA VAL VB 213 -30.66 -12.37 48.61
C VAL VB 213 -29.69 -13.48 48.99
N GLU VB 214 -29.81 -14.61 48.31
CA GLU VB 214 -28.79 -15.66 48.37
C GLU VB 214 -27.49 -15.10 47.83
N PHE VB 215 -26.35 -15.49 48.40
CA PHE VB 215 -25.09 -14.95 47.89
C PHE VB 215 -23.97 -15.94 48.11
N LYS VB 216 -22.82 -15.64 47.49
CA LYS VB 216 -21.59 -16.39 47.70
C LYS VB 216 -20.37 -15.49 47.60
N ILE VB 217 -19.44 -15.73 48.53
CA ILE VB 217 -18.20 -14.98 48.75
C ILE VB 217 -17.08 -15.98 49.03
N THR VB 218 -15.85 -15.62 48.63
CA THR VB 218 -14.65 -16.34 49.04
C THR VB 218 -13.61 -15.34 49.58
N MET VB 219 -12.92 -15.72 50.66
CA MET VB 219 -12.09 -14.76 51.40
C MET VB 219 -10.90 -15.45 52.07
N THR VB 220 -9.70 -14.93 51.81
CA THR VB 220 -8.51 -15.35 52.54
C THR VB 220 -8.23 -14.36 53.66
N SER VB 221 -7.89 -14.90 54.82
CA SER VB 221 -7.90 -14.13 56.05
C SER VB 221 -6.56 -13.46 56.26
N ASN VB 222 -6.10 -13.46 57.52
CA ASN VB 222 -4.68 -13.22 57.74
C ASN VB 222 -4.24 -14.01 58.95
N TYR VB 223 -2.93 -14.06 59.17
CA TYR VB 223 -2.11 -15.16 58.68
C TYR VB 223 -2.73 -16.51 59.05
N MET WB 1 -108.73 92.56 36.41
CA MET WB 1 -109.48 92.98 35.23
C MET WB 1 -110.50 91.90 34.86
N ASP WB 2 -111.72 92.32 34.53
CA ASP WB 2 -112.87 91.42 34.69
C ASP WB 2 -113.24 90.65 33.42
N LYS WB 3 -113.08 91.22 32.23
CA LYS WB 3 -113.34 90.45 31.01
C LYS WB 3 -112.59 89.12 31.02
N TYR WB 4 -111.30 89.15 31.39
CA TYR WB 4 -110.56 87.92 31.56
C TYR WB 4 -111.13 87.06 32.68
N LEU WB 5 -111.73 87.69 33.70
CA LEU WB 5 -112.24 86.94 34.85
C LEU WB 5 -113.52 86.19 34.50
N ASP WB 6 -114.31 86.70 33.55
CA ASP WB 6 -115.51 85.98 33.14
C ASP WB 6 -115.21 85.04 31.98
N GLN WB 7 -114.14 85.30 31.23
CA GLN WB 7 -113.52 84.23 30.46
C GLN WB 7 -113.05 83.11 31.39
N PHE WB 8 -112.69 83.46 32.63
CA PHE WB 8 -112.31 82.49 33.65
C PHE WB 8 -113.51 81.84 34.33
N VAL WB 9 -114.67 82.47 34.31
CA VAL WB 9 -115.88 81.85 34.87
C VAL WB 9 -116.59 80.99 33.81
N LYS WB 10 -116.34 81.24 32.52
CA LYS WB 10 -116.98 80.46 31.47
C LYS WB 10 -116.19 79.19 31.13
N ALA WB 11 -114.87 79.32 30.91
CA ALA WB 11 -114.07 78.29 30.25
C ALA WB 11 -113.23 77.39 31.17
N PRO WB 12 -112.45 77.91 32.13
CA PRO WB 12 -111.36 77.13 32.73
C PRO WB 12 -111.82 76.01 33.64
N PRO WB 13 -113.12 75.76 33.83
CA PRO WB 13 -113.47 74.38 34.19
C PRO WB 13 -112.88 73.41 33.17
N ALA WB 14 -113.09 73.72 31.89
CA ALA WB 14 -112.55 72.87 30.82
C ALA WB 14 -111.02 72.86 30.84
N ILE WB 15 -110.40 74.02 31.04
CA ILE WB 15 -108.94 74.11 30.93
C ILE WB 15 -108.26 73.48 32.14
N LYS WB 16 -108.81 73.69 33.34
CA LYS WB 16 -108.25 73.03 34.53
C LYS WB 16 -108.40 71.53 34.43
N PHE WB 17 -109.60 71.05 34.07
CA PHE WB 17 -109.79 69.62 33.87
C PHE WB 17 -108.79 69.07 32.85
N GLY WB 18 -108.62 69.77 31.73
CA GLY WB 18 -107.66 69.33 30.73
C GLY WB 18 -106.25 69.24 31.28
N GLY WB 19 -105.80 70.27 32.00
CA GLY WB 19 -104.47 70.22 32.58
C GLY WB 19 -104.29 69.04 33.50
N LEU WB 20 -105.26 68.81 34.38
CA LEU WB 20 -105.23 67.62 35.23
C LEU WB 20 -105.08 66.36 34.38
N ALA WB 21 -105.76 66.31 33.23
CA ALA WB 21 -105.73 65.12 32.40
C ALA WB 21 -104.36 64.92 31.75
N PHE WB 22 -103.78 65.99 31.20
CA PHE WB 22 -102.45 65.84 30.62
C PHE WB 22 -101.43 65.43 31.67
N VAL WB 23 -101.57 65.95 32.90
CA VAL WB 23 -100.68 65.55 33.98
C VAL WB 23 -100.83 64.07 34.29
N VAL WB 24 -102.07 63.59 34.44
CA VAL WB 24 -102.25 62.18 34.80
C VAL WB 24 -101.78 61.28 33.66
N GLY WB 25 -101.95 61.72 32.42
CA GLY WB 25 -101.38 60.99 31.31
C GLY WB 25 -99.87 60.88 31.39
N ALA WB 26 -99.20 61.99 31.71
CA ALA WB 26 -97.74 61.97 31.87
C ALA WB 26 -97.34 61.01 32.98
N LEU WB 27 -98.02 61.06 34.13
CA LEU WB 27 -97.65 60.22 35.26
C LEU WB 27 -97.87 58.74 34.94
N THR WB 28 -98.90 58.42 34.15
CA THR WB 28 -99.10 57.03 33.75
C THR WB 28 -98.03 56.59 32.74
N ALA WB 29 -97.63 57.48 31.82
CA ALA WB 29 -96.47 57.16 30.99
C ALA WB 29 -95.26 56.83 31.86
N ALA WB 30 -95.04 57.64 32.90
CA ALA WB 30 -93.88 57.47 33.76
C ALA WB 30 -93.91 56.15 34.51
N ASN WB 31 -95.08 55.79 35.09
CA ASN WB 31 -95.13 54.56 35.87
C ASN WB 31 -95.09 53.32 34.97
N PHE WB 32 -95.61 53.42 33.74
CA PHE WB 32 -95.47 52.30 32.82
C PHE WB 32 -94.02 52.09 32.42
N PHE WB 33 -93.28 53.19 32.19
CA PHE WB 33 -91.85 53.05 31.94
C PHE WB 33 -91.14 52.46 33.16
N MET WB 34 -91.56 52.89 34.35
CA MET WB 34 -90.99 52.40 35.61
C MET WB 34 -91.46 50.99 35.96
N VAL WB 35 -92.35 50.38 35.19
CA VAL WB 35 -92.56 48.95 35.32
C VAL WB 35 -91.90 48.17 34.17
N ILE WB 36 -91.59 48.85 33.05
CA ILE WB 36 -90.85 48.18 31.97
C ILE WB 36 -89.38 48.00 32.36
N GLN WB 37 -88.79 49.01 33.02
CA GLN WB 37 -87.38 48.89 33.39
C GLN WB 37 -87.09 47.75 34.38
N PRO WB 38 -87.90 47.51 35.42
CA PRO WB 38 -87.64 46.32 36.26
C PRO WB 38 -87.79 45.00 35.52
N THR WB 39 -88.55 44.96 34.44
CA THR WB 39 -88.58 43.78 33.58
C THR WB 39 -87.19 43.49 33.03
N GLU WB 40 -86.61 44.48 32.35
CA GLU WB 40 -85.29 44.32 31.77
C GLU WB 40 -84.26 43.94 32.82
N GLU WB 41 -84.23 44.69 33.94
CA GLU WB 41 -83.33 44.37 35.03
C GLU WB 41 -83.52 42.93 35.48
N GLU WB 42 -84.77 42.47 35.49
CA GLU WB 42 -85.10 41.15 36.01
C GLU WB 42 -84.61 40.04 35.07
N ILE WB 43 -84.83 40.22 33.77
CA ILE WB 43 -84.26 39.30 32.78
C ILE WB 43 -82.74 39.26 32.93
N GLY WB 44 -82.14 40.43 33.20
CA GLY WB 44 -80.70 40.46 33.44
C GLY WB 44 -80.27 39.60 34.62
N TRP WB 45 -80.92 39.77 35.78
CA TRP WB 45 -80.58 38.96 36.93
C TRP WB 45 -80.84 37.47 36.68
N ALA WB 46 -81.86 37.17 35.86
CA ALA WB 46 -82.05 35.80 35.40
C ALA WB 46 -80.79 35.30 34.70
N VAL WB 47 -80.30 36.06 33.72
CA VAL WB 47 -79.16 35.62 32.92
C VAL WB 47 -77.91 35.48 33.79
N ALA WB 48 -77.76 36.31 34.81
CA ALA WB 48 -76.64 36.11 35.74
C ALA WB 48 -76.81 34.82 36.52
N GLU WB 49 -77.96 34.66 37.19
CA GLU WB 49 -78.17 33.50 38.06
C GLU WB 49 -77.99 32.19 37.31
N ARG WB 50 -78.60 32.07 36.12
CA ARG WB 50 -78.44 30.84 35.36
C ARG WB 50 -76.99 30.56 35.04
N ARG WB 51 -76.21 31.62 34.77
CA ARG WB 51 -74.79 31.45 34.54
C ARG WB 51 -74.07 31.01 35.80
N LYS WB 52 -74.65 31.27 36.98
CA LYS WB 52 -74.06 30.69 38.19
C LYS WB 52 -74.45 29.23 38.37
N LEU WB 53 -75.72 28.90 38.10
CA LEU WB 53 -76.15 27.50 38.08
C LEU WB 53 -75.20 26.67 37.22
N ASP WB 54 -74.90 27.13 36.01
CA ASP WB 54 -74.17 26.32 35.05
C ASP WB 54 -72.69 26.17 35.37
N LEU WB 55 -72.07 27.15 36.02
CA LEU WB 55 -70.70 26.96 36.49
C LEU WB 55 -70.65 26.04 37.71
N GLU WB 56 -71.63 26.18 38.61
CA GLU WB 56 -71.68 25.29 39.76
C GLU WB 56 -71.83 23.84 39.32
N LEU WB 57 -72.66 23.59 38.30
CA LEU WB 57 -72.73 22.24 37.74
C LEU WB 57 -71.37 21.77 37.24
N ALA WB 58 -70.50 22.67 36.79
CA ALA WB 58 -69.15 22.25 36.45
C ALA WB 58 -68.38 21.82 37.69
N ASP WB 59 -68.45 22.64 38.76
CA ASP WB 59 -67.75 22.29 39.98
C ASP WB 59 -68.22 20.94 40.54
N LYS WB 60 -69.51 20.60 40.38
CA LYS WB 60 -69.99 19.35 40.96
C LYS WB 60 -69.32 18.15 40.30
N SER WB 61 -69.27 18.12 38.96
CA SER WB 61 -68.63 17.01 38.28
C SER WB 61 -67.14 16.97 38.57
N GLU WB 62 -66.48 18.14 38.58
CA GLU WB 62 -65.05 18.17 38.92
C GLU WB 62 -64.79 17.54 40.28
N ILE WB 63 -65.54 17.94 41.30
CA ILE WB 63 -65.23 17.45 42.64
C ILE WB 63 -65.72 16.02 42.83
N ALA WB 64 -66.78 15.60 42.15
CA ALA WB 64 -67.19 14.19 42.22
C ALA WB 64 -66.11 13.30 41.62
N GLN WB 65 -65.48 13.77 40.53
CA GLN WB 65 -64.37 13.02 39.94
C GLN WB 65 -63.17 13.01 40.88
N ASN WB 66 -62.89 14.13 41.56
CA ASN WB 66 -61.81 14.14 42.53
C ASN WB 66 -62.10 13.22 43.71
N LEU WB 67 -63.38 13.07 44.08
CA LEU WB 67 -63.77 12.14 45.14
C LEU WB 67 -63.51 10.69 44.71
N ASN WB 68 -63.98 10.34 43.51
CA ASN WB 68 -63.66 9.03 42.95
C ASN WB 68 -62.16 8.77 42.99
N GLU WB 69 -61.35 9.73 42.55
CA GLU WB 69 -59.91 9.54 42.58
C GLU WB 69 -59.38 9.42 44.01
N ARG WB 70 -60.03 10.07 44.97
CA ARG WB 70 -59.65 9.75 46.34
C ARG WB 70 -59.83 8.27 46.58
N ARG WB 71 -61.11 7.85 46.58
CA ARG WB 71 -61.48 6.49 46.96
C ARG WB 71 -60.45 5.55 46.38
N ARG WB 72 -60.28 5.67 45.05
CA ARG WB 72 -59.17 5.13 44.28
C ARG WB 72 -57.95 5.00 45.16
N GLU WB 73 -57.29 6.09 45.53
CA GLU WB 73 -56.00 5.81 46.18
C GLU WB 73 -55.95 5.90 47.71
N MET WB 74 -56.86 6.62 48.37
CA MET WB 74 -56.86 6.59 49.84
C MET WB 74 -57.20 5.20 50.36
N ASP WB 75 -58.14 4.50 49.71
CA ASP WB 75 -58.49 3.16 50.20
C ASP WB 75 -57.40 2.15 49.88
N VAL WB 76 -56.67 2.37 48.79
CA VAL WB 76 -55.49 1.57 48.48
C VAL WB 76 -54.39 1.87 49.49
N LEU WB 77 -54.31 3.13 49.95
CA LEU WB 77 -53.29 3.49 50.92
C LEU WB 77 -53.62 2.93 52.29
N GLU WB 78 -54.90 2.60 52.53
CA GLU WB 78 -55.32 2.00 53.80
C GLU WB 78 -55.21 0.47 53.78
N GLN WB 79 -54.50 -0.07 52.79
CA GLN WB 79 -54.46 -1.50 52.54
C GLN WB 79 -53.69 -2.22 53.63
N LYS WB 80 -53.82 -3.54 53.67
CA LYS WB 80 -53.52 -4.26 54.90
C LYS WB 80 -52.41 -5.30 54.78
N LEU WB 81 -52.39 -6.21 55.76
CA LEU WB 81 -51.41 -7.28 55.89
C LEU WB 81 -51.43 -8.26 54.73
N SER WB 82 -50.44 -8.12 53.85
CA SER WB 82 -50.34 -8.93 52.66
C SER WB 82 -49.02 -8.57 52.01
N GLU WB 83 -49.06 -8.38 50.71
CA GLU WB 83 -48.17 -7.39 50.13
C GLU WB 83 -48.54 -6.03 50.70
N ALA WB 84 -47.54 -5.17 50.81
CA ALA WB 84 -47.73 -3.76 51.14
C ALA WB 84 -47.06 -2.91 50.07
N LEU WB 85 -47.67 -1.79 49.73
CA LEU WB 85 -47.16 -0.91 48.68
C LEU WB 85 -46.31 0.20 49.31
N THR WB 86 -45.63 0.96 48.46
CA THR WB 86 -45.22 2.31 48.83
C THR WB 86 -46.40 3.23 48.58
N GLU WB 87 -46.31 4.44 49.11
CA GLU WB 87 -47.19 5.54 48.74
C GLU WB 87 -47.35 5.61 47.24
N LEU WB 88 -48.52 6.05 46.79
CA LEU WB 88 -48.76 6.27 45.37
C LEU WB 88 -49.29 7.68 45.15
N PRO WB 89 -48.44 8.63 44.78
CA PRO WB 89 -48.96 9.84 44.14
C PRO WB 89 -49.14 9.63 42.65
N GLU WB 90 -49.97 10.42 42.00
CA GLU WB 90 -50.10 10.34 40.54
C GLU WB 90 -48.79 10.83 39.93
N GLN WB 91 -47.89 9.91 39.62
CA GLN WB 91 -46.66 10.30 38.94
C GLN WB 91 -46.94 10.64 37.48
N ARG WB 92 -47.33 9.63 36.70
CA ARG WB 92 -47.88 9.84 35.35
C ARG WB 92 -46.88 10.51 34.42
N ASP WB 93 -45.59 10.20 34.58
CA ASP WB 93 -44.55 10.56 33.62
C ASP WB 93 -43.53 9.42 33.62
N ILE WB 94 -43.54 8.65 32.53
CA ILE WB 94 -42.74 7.42 32.47
C ILE WB 94 -41.40 7.71 31.79
N GLU WB 95 -41.43 8.38 30.64
CA GLU WB 95 -40.21 8.60 29.87
C GLU WB 95 -39.17 9.37 30.67
N GLU WB 96 -39.61 10.24 31.59
CA GLU WB 96 -38.68 10.90 32.48
C GLU WB 96 -38.10 9.93 33.50
N LEU WB 97 -38.87 8.89 33.85
CA LEU WB 97 -38.34 7.85 34.72
C LEU WB 97 -37.25 7.07 34.01
N LEU WB 98 -37.49 6.66 32.76
CA LEU WB 98 -36.44 5.99 32.00
C LEU WB 98 -35.22 6.87 31.84
N ALA WB 99 -35.43 8.16 31.52
CA ALA WB 99 -34.31 9.07 31.32
C ALA WB 99 -33.49 9.22 32.61
N GLN WB 100 -34.16 9.39 33.75
CA GLN WB 100 -33.43 9.60 34.98
C GLN WB 100 -32.74 8.33 35.45
N ILE WB 101 -33.32 7.16 35.14
CA ILE WB 101 -32.61 5.90 35.37
C ILE WB 101 -31.33 5.88 34.56
N ASN WB 102 -31.40 6.30 33.29
CA ASN WB 102 -30.19 6.37 32.49
C ASN WB 102 -29.17 7.32 33.10
N ASP WB 103 -29.62 8.46 33.63
CA ASP WB 103 -28.69 9.45 34.16
C ASP WB 103 -28.01 8.96 35.43
N ILE WB 104 -28.78 8.43 36.39
CA ILE WB 104 -28.17 7.90 37.59
C ILE WB 104 -27.27 6.73 37.26
N GLY WB 105 -27.59 5.97 36.20
CA GLY WB 105 -26.67 4.94 35.75
C GLY WB 105 -25.36 5.52 35.25
N LYS WB 106 -25.43 6.59 34.45
CA LYS WB 106 -24.23 7.17 33.87
C LYS WB 106 -23.34 7.80 34.94
N LYS WB 107 -23.94 8.54 35.88
CA LYS WB 107 -23.11 9.17 36.90
C LYS WB 107 -22.60 8.17 37.93
N SER WB 108 -23.18 6.96 37.98
CA SER WB 108 -22.62 5.91 38.80
C SER WB 108 -21.53 5.12 38.07
N GLY WB 109 -21.30 5.40 36.78
CA GLY WB 109 -20.27 4.73 36.02
C GLY WB 109 -20.68 3.44 35.36
N LEU WB 110 -21.96 3.08 35.41
CA LEU WB 110 -22.39 1.78 34.92
C LEU WB 110 -22.74 1.84 33.44
N GLU WB 111 -22.43 0.76 32.73
CA GLU WB 111 -22.91 0.58 31.37
C GLU WB 111 -24.32 0.00 31.41
N LEU WB 112 -25.28 0.75 30.88
CA LEU WB 112 -26.67 0.32 30.86
C LEU WB 112 -26.84 -0.59 29.65
N SER WB 113 -26.72 -1.90 29.86
CA SER WB 113 -26.76 -2.84 28.76
C SER WB 113 -28.18 -3.09 28.25
N SER WB 114 -29.20 -2.90 29.09
CA SER WB 114 -30.57 -3.06 28.61
C SER WB 114 -31.56 -2.50 29.63
N VAL WB 115 -32.50 -1.71 29.15
CA VAL WB 115 -33.68 -1.35 29.93
C VAL WB 115 -34.91 -1.88 29.20
N THR WB 116 -35.72 -2.66 29.90
CA THR WB 116 -36.86 -3.32 29.29
C THR WB 116 -38.11 -3.00 30.08
N PRO WB 117 -39.09 -2.31 29.51
CA PRO WB 117 -40.34 -2.06 30.24
C PRO WB 117 -41.08 -3.35 30.47
N GLY WB 118 -42.19 -3.28 31.15
CA GLY WB 118 -42.98 -4.45 31.45
C GLY WB 118 -44.36 -4.40 30.89
N LYS WB 119 -45.18 -5.33 31.34
CA LYS WB 119 -46.61 -5.19 31.13
C LYS WB 119 -47.25 -4.66 32.39
N GLU WB 120 -48.32 -3.88 32.21
CA GLU WB 120 -49.10 -3.42 33.34
C GLU WB 120 -49.77 -4.62 34.00
N SER WB 121 -49.79 -4.62 35.34
CA SER WB 121 -50.33 -5.73 36.12
C SER WB 121 -51.83 -5.51 36.30
N VAL WB 122 -52.61 -6.01 35.35
CA VAL WB 122 -54.06 -5.77 35.33
C VAL WB 122 -54.73 -6.31 36.59
N GLY WB 123 -54.17 -7.36 37.19
CA GLY WB 123 -54.66 -7.85 38.47
C GLY WB 123 -53.70 -7.59 39.61
N GLY WB 124 -52.96 -6.48 39.52
CA GLY WB 124 -52.02 -6.10 40.56
C GLY WB 124 -52.55 -4.98 41.42
N GLY WB 125 -53.85 -4.70 41.30
CA GLY WB 125 -54.49 -3.64 42.04
C GLY WB 125 -55.83 -3.26 41.45
N GLU WB 126 -56.81 -2.92 42.29
CA GLU WB 126 -58.07 -2.44 41.77
C GLU WB 126 -57.97 -1.00 41.30
N PHE WB 127 -57.09 -0.20 41.92
CA PHE WB 127 -57.03 1.22 41.62
C PHE WB 127 -55.74 1.64 40.94
N PHE WB 128 -54.91 0.69 40.48
CA PHE WB 128 -53.63 1.03 39.87
C PHE WB 128 -53.14 -0.13 39.03
N ALA WB 129 -52.64 0.19 37.84
CA ALA WB 129 -51.92 -0.74 36.98
C ALA WB 129 -50.44 -0.53 37.24
N ARG WB 130 -49.78 -1.54 37.80
CA ARG WB 130 -48.34 -1.45 38.02
C ARG WB 130 -47.61 -1.78 36.72
N ILE WB 131 -46.74 -0.87 36.29
CA ILE WB 131 -45.83 -1.13 35.18
C ILE WB 131 -44.46 -1.45 35.77
N PRO WB 132 -43.93 -2.66 35.57
CA PRO WB 132 -42.58 -2.98 36.01
C PRO WB 132 -41.56 -2.69 34.91
N ILE WB 133 -40.38 -2.27 35.34
CA ILE WB 133 -39.27 -1.96 34.45
C ILE WB 133 -38.07 -2.77 34.95
N LYS WB 134 -37.53 -3.61 34.08
CA LYS WB 134 -36.36 -4.42 34.41
C LYS WB 134 -35.13 -3.73 33.81
N MET WB 135 -34.18 -3.37 34.67
CA MET WB 135 -32.98 -2.66 34.26
C MET WB 135 -31.76 -3.56 34.40
N THR WB 136 -30.81 -3.39 33.48
CA THR WB 136 -29.70 -4.31 33.28
C THR WB 136 -28.45 -3.47 33.03
N VAL WB 137 -27.62 -3.36 34.07
CA VAL WB 137 -26.47 -2.47 34.12
C VAL WB 137 -25.27 -3.25 34.63
N SER WB 138 -24.07 -2.90 34.17
CA SER WB 138 -22.88 -3.66 34.54
C SER WB 138 -21.80 -2.74 35.09
N GLY WB 139 -21.09 -3.21 36.11
CA GLY WB 139 -19.96 -2.45 36.63
C GLY WB 139 -19.42 -3.09 37.90
N ASN WB 140 -19.06 -2.23 38.85
CA ASN WB 140 -18.49 -2.64 40.12
C ASN WB 140 -19.57 -2.75 41.19
N TYR WB 141 -19.31 -3.59 42.21
CA TYR WB 141 -20.25 -3.74 43.31
C TYR WB 141 -20.59 -2.41 43.95
N HIS WB 142 -19.57 -1.59 44.24
CA HIS WB 142 -19.79 -0.26 44.80
C HIS WB 142 -20.69 0.56 43.90
N GLU WB 143 -20.49 0.46 42.58
CA GLU WB 143 -21.25 1.27 41.64
C GLU WB 143 -22.69 0.81 41.51
N ILE WB 144 -22.95 -0.50 41.66
CA ILE WB 144 -24.33 -0.96 41.54
C ILE WB 144 -25.09 -0.70 42.84
N ALA WB 145 -24.46 -0.93 43.99
CA ALA WB 145 -25.02 -0.43 45.24
C ALA WB 145 -25.36 1.05 45.11
N LEU WB 146 -24.47 1.81 44.47
CA LEU WB 146 -24.69 3.25 44.27
C LEU WB 146 -25.92 3.51 43.40
N PHE WB 147 -25.96 2.88 42.24
CA PHE WB 147 -27.08 3.02 41.32
C PHE WB 147 -28.40 2.71 42.01
N LEU WB 148 -28.45 1.61 42.76
CA LEU WB 148 -29.63 1.24 43.51
C LEU WB 148 -30.02 2.33 44.52
N GLN WB 149 -29.07 2.78 45.33
CA GLN WB 149 -29.41 3.74 46.37
C GLN WB 149 -29.86 5.08 45.78
N GLU WB 150 -29.34 5.44 44.62
CA GLU WB 150 -29.78 6.67 43.95
C GLU WB 150 -31.21 6.51 43.43
N MET WB 151 -31.53 5.35 42.84
CA MET WB 151 -32.91 5.14 42.38
C MET WB 151 -33.87 5.06 43.56
N ALA WB 152 -33.40 4.59 44.71
CA ALA WB 152 -34.20 4.57 45.92
C ALA WB 152 -34.22 5.92 46.64
N ASN WB 153 -33.45 6.90 46.15
CA ASN WB 153 -33.54 8.26 46.66
C ASN WB 153 -34.18 9.22 45.66
N MET WB 154 -34.76 8.71 44.57
CA MET WB 154 -35.33 9.56 43.53
C MET WB 154 -36.65 10.18 44.02
N ARG WB 155 -37.09 11.20 43.27
CA ARG WB 155 -38.35 11.87 43.52
C ARG WB 155 -39.51 11.27 42.71
N ARG WB 156 -39.35 10.04 42.20
CA ARG WB 156 -40.42 9.42 41.45
C ARG WB 156 -40.63 8.01 41.97
N ILE WB 157 -41.67 7.35 41.44
CA ILE WB 157 -42.26 6.16 42.06
C ILE WB 157 -41.61 4.90 41.53
N VAL WB 158 -40.28 4.80 41.64
CA VAL WB 158 -39.57 3.64 41.10
C VAL WB 158 -39.20 2.72 42.27
N ASN WB 159 -40.15 1.91 42.71
CA ASN WB 159 -39.90 1.02 43.83
C ASN WB 159 -39.10 -0.20 43.41
N VAL WB 160 -37.81 -0.19 43.70
CA VAL WB 160 -36.94 -1.30 43.35
C VAL WB 160 -37.18 -2.46 44.32
N ASN WB 161 -37.28 -3.67 43.77
CA ASN WB 161 -37.57 -4.83 44.60
C ASN WB 161 -36.55 -5.95 44.39
N ASN WB 162 -36.89 -6.91 43.55
CA ASN WB 162 -36.09 -8.13 43.43
C ASN WB 162 -34.82 -7.85 42.62
N ILE WB 163 -33.67 -8.05 43.25
CA ILE WB 163 -32.37 -7.69 42.70
C ILE WB 163 -31.58 -8.96 42.40
N LYS WB 164 -30.68 -8.87 41.42
CA LYS WB 164 -29.73 -9.94 41.20
C LYS WB 164 -28.49 -9.36 40.52
N PHE WB 165 -27.37 -10.07 40.63
CA PHE WB 165 -26.16 -9.72 39.88
C PHE WB 165 -25.17 -10.86 39.98
N ASP WB 166 -24.25 -10.90 39.02
CA ASP WB 166 -23.31 -12.01 38.89
C ASP WB 166 -22.11 -11.53 38.10
N SER WB 167 -21.08 -12.37 38.02
CA SER WB 167 -19.82 -12.00 37.38
C SER WB 167 -19.91 -12.31 35.88
N ALA WB 168 -19.83 -11.27 35.05
CA ALA WB 168 -20.16 -11.41 33.64
C ALA WB 168 -19.05 -12.06 32.83
N LYS WB 169 -17.86 -12.22 33.38
CA LYS WB 169 -16.71 -12.76 32.66
C LYS WB 169 -16.67 -14.27 32.81
N LEU WB 170 -16.87 -14.99 31.69
CA LEU WB 170 -16.75 -16.45 31.68
C LEU WB 170 -15.50 -16.92 32.41
N LYS WB 171 -14.36 -16.72 31.77
CA LYS WB 171 -13.08 -17.17 32.31
C LYS WB 171 -12.75 -16.52 33.64
N ASN WB 172 -13.41 -15.41 33.99
CA ASN WB 172 -13.09 -14.65 35.18
C ASN WB 172 -11.63 -14.21 35.14
N GLU WB 173 -11.33 -13.25 34.28
CA GLU WB 173 -9.99 -12.69 34.19
C GLU WB 173 -9.94 -11.23 34.62
N LYS WB 174 -11.09 -10.58 34.80
CA LYS WB 174 -11.17 -9.24 35.35
C LYS WB 174 -12.48 -9.11 36.11
N VAL WB 175 -12.49 -8.24 37.12
CA VAL WB 175 -13.70 -8.02 37.90
C VAL WB 175 -14.73 -7.30 37.04
N VAL WB 176 -15.96 -7.80 37.07
CA VAL WB 176 -17.09 -7.17 36.38
C VAL WB 176 -18.37 -7.87 36.83
N LEU WB 177 -19.38 -7.08 37.20
CA LEU WB 177 -20.65 -7.60 37.70
C LEU WB 177 -21.78 -7.08 36.83
N GLN WB 178 -22.38 -7.98 36.06
CA GLN WB 178 -23.67 -7.69 35.44
C GLN WB 178 -24.75 -7.74 36.50
N SER WB 179 -25.63 -6.74 36.49
CA SER WB 179 -26.66 -6.56 37.50
C SER WB 179 -28.00 -6.34 36.83
N GLU WB 180 -29.02 -7.02 37.35
CA GLU WB 180 -30.38 -6.92 36.83
C GLU WB 180 -31.28 -6.61 38.02
N PHE WB 181 -31.76 -5.37 38.06
CA PHE WB 181 -32.65 -4.89 39.11
C PHE WB 181 -34.06 -4.73 38.53
N GLN WB 182 -35.06 -5.07 39.33
CA GLN WB 182 -36.45 -4.90 38.94
C GLN WB 182 -37.05 -3.76 39.75
N ALA WB 183 -37.65 -2.80 39.05
CA ALA WB 183 -38.19 -1.61 39.71
C ALA WB 183 -39.42 -1.14 38.95
N THR WB 184 -40.48 -0.81 39.69
CA THR WB 184 -41.80 -0.61 39.09
C THR WB 184 -42.44 0.69 39.57
N THR WB 185 -43.27 1.29 38.70
CA THR WB 185 -44.10 2.42 39.09
C THR WB 185 -45.57 2.09 38.84
N PHE WB 186 -46.46 2.84 39.52
CA PHE WB 186 -47.85 2.41 39.66
C PHE WB 186 -48.84 3.37 39.01
N ARG WB 187 -49.03 3.27 37.69
CA ARG WB 187 -50.01 4.10 36.97
C ARG WB 187 -51.40 3.80 37.50
N PHE WB 188 -52.40 4.60 37.10
CA PHE WB 188 -53.78 4.33 37.49
C PHE WB 188 -54.34 3.22 36.59
N VAL WB 189 -55.58 2.81 36.87
CA VAL WB 189 -56.15 1.67 36.15
C VAL WB 189 -56.55 2.04 34.72
N ALA XB 37 -134.81 81.06 43.50
CA ALA XB 37 -135.87 81.59 44.33
C ALA XB 37 -136.53 82.80 43.67
N LYS XB 38 -137.68 83.22 44.20
CA LYS XB 38 -138.50 84.27 43.60
C LYS XB 38 -138.03 85.63 44.11
N GLY XB 39 -137.24 86.31 43.29
CA GLY XB 39 -136.66 87.59 43.66
C GLY XB 39 -137.21 88.78 42.88
N LYS XB 40 -137.17 89.94 43.50
CA LYS XB 40 -137.44 91.22 42.83
C LYS XB 40 -136.07 91.83 42.54
N LEU XB 41 -135.66 91.72 41.29
CA LEU XB 41 -134.29 91.95 40.87
C LEU XB 41 -134.11 93.47 40.72
N VAL XB 42 -133.29 93.91 39.75
CA VAL XB 42 -133.28 95.37 39.48
C VAL XB 42 -133.17 95.64 37.99
N LEU XB 43 -133.06 96.92 37.64
CA LEU XB 43 -133.10 97.33 36.25
C LEU XB 43 -132.19 98.50 35.98
N GLY XB 44 -131.19 98.27 35.15
CA GLY XB 44 -130.33 99.33 34.67
C GLY XB 44 -130.60 99.63 33.21
N LEU XB 45 -130.25 100.84 32.80
CA LEU XB 45 -130.21 101.16 31.38
C LEU XB 45 -128.77 101.01 30.88
N ASP XB 46 -128.39 99.76 30.64
CA ASP XB 46 -126.98 99.45 30.42
C ASP XB 46 -126.50 99.90 29.05
N ILE XB 47 -127.38 99.93 28.06
CA ILE XB 47 -126.98 100.41 26.74
C ILE XB 47 -127.55 101.80 26.51
N GLY XB 48 -127.50 102.65 27.53
CA GLY XB 48 -127.90 104.03 27.33
C GLY XB 48 -126.91 104.84 26.53
N SER XB 49 -125.64 104.44 26.52
CA SER XB 49 -124.60 105.16 25.80
C SER XB 49 -124.47 106.60 26.28
N THR XB 50 -125.57 107.37 26.29
CA THR XB 50 -125.52 108.68 26.94
C THR XB 50 -125.65 108.54 28.45
N SER XB 51 -126.43 107.57 28.94
CA SER XB 51 -126.66 107.51 30.37
C SER XB 51 -126.98 106.10 30.87
N ILE XB 52 -126.31 105.71 31.95
CA ILE XB 52 -126.64 104.52 32.72
C ILE XB 52 -127.69 104.90 33.74
N LYS XB 53 -128.88 104.32 33.61
CA LYS XB 53 -130.01 104.60 34.48
C LYS XB 53 -130.45 103.28 35.12
N MET XB 54 -131.07 103.37 36.30
CA MET XB 54 -131.44 102.18 37.05
C MET XB 54 -132.70 102.45 37.86
N ILE XB 55 -133.55 101.43 38.02
CA ILE XB 55 -134.87 101.61 38.64
C ILE XB 55 -135.17 100.42 39.54
N LEU XB 56 -135.74 100.72 40.72
CA LEU XB 56 -136.26 99.72 41.64
C LEU XB 56 -137.74 99.98 41.90
N LEU XB 57 -138.61 99.08 41.40
CA LEU XB 57 -139.99 98.96 41.83
C LEU XB 57 -140.14 97.72 42.70
N LYS XB 58 -141.11 97.72 43.61
CA LYS XB 58 -141.42 96.46 44.30
C LYS XB 58 -142.83 96.53 44.88
N GLU XB 59 -143.19 95.45 45.58
CA GLU XB 59 -144.45 95.35 46.29
C GLU XB 59 -144.49 96.38 47.42
N GLN XB 60 -145.11 97.53 47.15
CA GLN XB 60 -145.24 98.56 48.18
C GLN XB 60 -146.55 98.36 48.94
N ARG XB 61 -146.47 98.44 50.27
CA ARG XB 61 -147.63 98.30 51.13
C ARG XB 61 -148.15 99.66 51.56
N LYS XB 62 -149.46 99.88 51.36
CA LYS XB 62 -150.17 101.00 51.96
C LYS XB 62 -151.56 100.53 52.36
N ARG XB 63 -151.91 100.72 53.64
CA ARG XB 63 -153.23 100.39 54.16
C ARG XB 63 -153.61 98.93 53.90
N GLY XB 64 -152.65 98.04 54.15
CA GLY XB 64 -152.89 96.61 53.98
C GLY XB 64 -153.01 96.14 52.55
N GLU XB 65 -152.85 97.03 51.59
CA GLU XB 65 -152.81 96.67 50.18
C GLU XB 65 -151.39 96.78 49.65
N VAL XB 66 -151.09 95.99 48.63
CA VAL XB 66 -149.76 95.95 48.06
C VAL XB 66 -149.91 95.96 46.54
N ILE XB 67 -149.07 96.74 45.87
CA ILE XB 67 -148.97 96.75 44.43
C ILE XB 67 -147.53 97.13 44.06
N TYR XB 68 -147.15 96.78 42.84
CA TYR XB 68 -145.92 97.28 42.25
C TYR XB 68 -145.82 98.78 42.46
N ALA XB 69 -144.65 99.26 42.90
CA ALA XB 69 -144.49 100.69 43.08
C ALA XB 69 -143.03 101.09 42.97
N LEU XB 70 -142.80 102.31 42.48
CA LEU XB 70 -141.46 102.85 42.38
C LEU XB 70 -140.83 102.97 43.76
N GLN XB 71 -139.65 102.39 43.92
CA GLN XB 71 -138.88 102.50 45.14
C GLN XB 71 -137.67 103.40 45.00
N SER XB 72 -136.99 103.33 43.86
CA SER XB 72 -135.87 104.21 43.62
C SER XB 72 -135.59 104.23 42.12
N PHE XB 73 -134.66 105.11 41.73
CA PHE XB 73 -134.19 105.27 40.37
C PHE XB 73 -132.93 106.12 40.46
N GLY XB 74 -132.10 106.06 39.43
CA GLY XB 74 -130.80 106.70 39.47
C GLY XB 74 -130.25 106.83 38.07
N MET XB 75 -129.50 107.90 37.85
CA MET XB 75 -129.01 108.19 36.52
C MET XB 75 -127.63 108.84 36.61
N LYS XB 76 -126.70 108.31 35.81
CA LYS XB 76 -125.36 108.84 35.67
C LYS XB 76 -124.98 108.79 34.20
N PRO XB 77 -124.49 109.88 33.63
CA PRO XB 77 -124.09 109.83 32.21
C PRO XB 77 -122.95 108.86 32.02
N LEU XB 78 -122.96 108.16 30.88
CA LEU XB 78 -121.95 107.14 30.62
C LEU XB 78 -120.61 107.79 30.28
N PRO XB 79 -119.53 107.44 30.98
CA PRO XB 79 -118.20 107.92 30.59
C PRO XB 79 -117.83 107.42 29.21
N PRO XB 80 -117.22 108.26 28.38
CA PRO XB 80 -116.80 107.82 27.05
C PRO XB 80 -115.79 106.69 27.13
N GLU XB 81 -115.73 105.89 26.05
CA GLU XB 81 -114.86 104.75 25.82
C GLU XB 81 -115.36 103.49 26.52
N ALA XB 82 -116.38 103.58 27.37
CA ALA XB 82 -116.91 102.38 28.03
C ALA XB 82 -117.64 101.50 27.04
N ILE XB 83 -118.39 102.09 26.12
CA ILE XB 83 -119.09 101.35 25.07
C ILE XB 83 -118.59 101.83 23.72
N VAL XB 84 -118.16 100.90 22.90
CA VAL XB 84 -117.82 101.15 21.51
C VAL XB 84 -118.53 100.10 20.67
N ASP XB 85 -119.20 100.56 19.60
CA ASP XB 85 -119.92 99.70 18.66
C ASP XB 85 -120.90 98.75 19.34
N GLY XB 86 -121.49 99.17 20.45
CA GLY XB 86 -122.46 98.33 21.13
C GLY XB 86 -121.87 97.28 22.04
N ALA XB 87 -120.56 97.20 22.15
CA ALA XB 87 -119.86 96.27 23.04
C ALA XB 87 -119.24 97.02 24.21
N LEU XB 88 -119.15 96.35 25.36
CA LEU XB 88 -118.49 96.91 26.53
C LEU XB 88 -116.98 96.74 26.38
N MET XB 89 -116.29 97.82 26.00
CA MET XB 89 -114.85 97.76 25.82
C MET XB 89 -114.09 97.91 27.13
N ASN XB 90 -114.71 98.50 28.15
CA ASN XB 90 -114.09 98.73 29.44
C ASN XB 90 -115.06 98.20 30.49
N SER XB 91 -115.09 96.88 30.67
CA SER XB 91 -116.06 96.27 31.57
C SER XB 91 -115.91 96.79 32.99
N THR XB 92 -114.70 96.71 33.54
CA THR XB 92 -114.45 97.06 34.94
C THR XB 92 -114.89 98.49 35.26
N ALA XB 93 -114.64 99.43 34.35
CA ALA XB 93 -115.02 100.82 34.60
C ALA XB 93 -116.54 100.98 34.64
N ILE XB 94 -117.23 100.49 33.60
CA ILE XB 94 -118.69 100.44 33.61
C ILE XB 94 -119.19 99.87 34.92
N VAL XB 95 -118.51 98.84 35.43
CA VAL XB 95 -118.79 98.34 36.77
C VAL XB 95 -118.75 99.47 37.78
N GLN XB 96 -117.67 100.26 37.78
CA GLN XB 96 -117.61 101.33 38.77
C GLN XB 96 -118.85 102.22 38.68
N ALA XB 97 -119.25 102.52 37.45
CA ALA XB 97 -120.44 103.34 37.27
C ALA XB 97 -121.68 102.66 37.83
N VAL XB 98 -121.94 101.40 37.46
CA VAL XB 98 -123.13 100.67 37.91
C VAL XB 98 -123.21 100.65 39.43
N GLN XB 99 -122.07 100.44 40.10
CA GLN XB 99 -122.04 100.40 41.56
C GLN XB 99 -122.37 101.77 42.15
N ASP XB 100 -121.85 102.84 41.53
CA ASP XB 100 -122.34 104.18 41.87
C ASP XB 100 -123.86 104.25 41.77
N LEU XB 101 -124.42 103.70 40.69
CA LEU XB 101 -125.87 103.65 40.55
C LEU XB 101 -126.52 103.01 41.78
N MET XB 102 -126.01 101.84 42.18
CA MET XB 102 -126.66 101.06 43.22
C MET XB 102 -126.60 101.75 44.57
N SER XB 103 -125.45 102.37 44.90
CA SER XB 103 -125.33 103.05 46.19
C SER XB 103 -126.11 104.37 46.20
N GLU XB 104 -126.09 105.10 45.08
CA GLU XB 104 -126.97 106.25 44.91
C GLU XB 104 -128.41 105.85 45.17
N LEU XB 105 -128.85 104.77 44.54
CA LEU XB 105 -130.15 104.15 44.75
C LEU XB 105 -130.44 103.86 46.22
N LYS XB 106 -129.42 103.46 46.98
CA LYS XB 106 -129.58 102.95 48.35
C LYS XB 106 -130.37 101.65 48.36
N VAL XB 107 -130.00 100.71 47.47
CA VAL XB 107 -130.80 99.50 47.26
C VAL XB 107 -130.08 98.29 47.83
N LYS XB 108 -130.86 97.47 48.54
CA LYS XB 108 -130.33 96.18 48.96
C LYS XB 108 -130.10 95.20 47.83
N GLY XB 109 -130.91 95.28 46.78
CA GLY XB 109 -130.98 94.19 45.82
C GLY XB 109 -129.75 94.09 44.95
N LYS XB 110 -129.40 92.84 44.62
CA LYS XB 110 -128.22 92.55 43.80
C LYS XB 110 -128.53 91.63 42.63
N ASP XB 111 -129.79 91.46 42.28
CA ASP XB 111 -130.16 90.78 41.06
C ASP XB 111 -130.66 91.82 40.07
N VAL XB 112 -130.47 91.55 38.78
CA VAL XB 112 -130.72 92.57 37.77
C VAL XB 112 -131.25 91.92 36.50
N ALA XB 113 -132.17 92.61 35.84
CA ALA XB 113 -132.38 92.41 34.42
C ALA XB 113 -131.69 93.57 33.71
N ILE XB 114 -131.21 93.33 32.49
CA ILE XB 114 -130.64 94.41 31.70
C ILE XB 114 -130.93 94.17 30.23
N GLY XB 115 -130.29 94.96 29.38
CA GLY XB 115 -130.57 94.91 27.95
C GLY XB 115 -129.30 95.02 27.15
N VAL XB 116 -129.35 94.46 25.94
CA VAL XB 116 -128.24 94.54 25.01
C VAL XB 116 -128.40 95.80 24.14
N SER XB 117 -127.32 96.15 23.46
CA SER XB 117 -127.37 97.30 22.56
C SER XB 117 -128.18 96.94 21.33
N GLY XB 118 -129.01 97.88 20.88
CA GLY XB 118 -129.66 97.73 19.59
C GLY XB 118 -128.68 97.50 18.47
N HIS XB 119 -127.49 98.08 18.56
CA HIS XB 119 -126.42 97.81 17.60
C HIS XB 119 -125.78 96.46 17.79
N SER XB 120 -126.08 95.78 18.89
CA SER XB 120 -125.45 94.49 19.20
C SER XB 120 -126.37 93.31 18.95
N VAL XB 121 -127.62 93.55 18.58
CA VAL XB 121 -128.62 92.50 18.43
C VAL XB 121 -129.23 92.56 17.04
N ILE XB 122 -129.41 91.39 16.44
CA ILE XB 122 -130.20 91.24 15.23
C ILE XB 122 -131.59 90.74 15.67
N ILE XB 123 -132.62 91.53 15.37
CA ILE XB 123 -134.00 91.16 15.64
C ILE XB 123 -134.69 91.00 14.29
N LYS XB 124 -135.33 89.85 14.09
CA LYS XB 124 -136.01 89.70 12.80
C LYS XB 124 -136.99 88.53 12.88
N LYS XB 125 -138.04 88.60 12.06
CA LYS XB 125 -139.07 87.57 12.06
C LYS XB 125 -138.60 86.31 11.32
N ILE XB 126 -139.24 85.18 11.64
CA ILE XB 126 -138.87 83.86 11.10
C ILE XB 126 -140.09 82.93 11.05
N GLN XB 127 -140.34 82.31 9.88
CA GLN XB 127 -141.47 81.40 9.71
C GLN XB 127 -140.98 79.95 9.65
N MET XB 128 -141.65 79.06 10.41
CA MET XB 128 -141.25 77.66 10.60
C MET XB 128 -142.44 76.71 10.63
N PRO XB 129 -142.29 75.44 11.10
CA PRO XB 129 -143.48 74.66 11.45
C PRO XB 129 -143.58 74.29 12.93
N ARG XB 130 -144.79 74.35 13.46
CA ARG XB 130 -145.05 74.06 14.87
C ARG XB 130 -144.75 72.61 15.19
N MET XB 131 -143.91 72.39 16.21
CA MET XB 131 -143.59 71.04 16.65
C MET XB 131 -143.13 71.00 18.10
N SER XB 132 -142.38 69.95 18.44
CA SER XB 132 -141.76 69.84 19.76
C SER XB 132 -140.75 70.97 19.97
N GLN XB 133 -140.55 71.35 21.24
CA GLN XB 133 -139.69 72.49 21.55
C GLN XB 133 -138.28 72.30 21.00
N ASP XB 134 -137.69 71.12 21.22
CA ASP XB 134 -136.34 70.90 20.74
C ASP XB 134 -136.24 71.07 19.22
N GLU XB 135 -137.18 70.46 18.48
CA GLU XB 135 -137.15 70.55 17.03
C GLU XB 135 -137.34 71.99 16.56
N LEU XB 136 -138.10 72.79 17.32
CA LEU XB 136 -138.25 74.19 16.95
C LEU XB 136 -136.99 74.97 17.25
N GLU XB 137 -136.34 74.72 18.39
CA GLU XB 137 -135.13 75.47 18.69
C GLU XB 137 -134.03 75.17 17.69
N GLU XB 138 -133.82 73.89 17.37
CA GLU XB 138 -132.82 73.54 16.37
C GLU XB 138 -133.20 74.08 15.00
N SER XB 139 -134.44 73.86 14.56
CA SER XB 139 -134.90 74.42 13.30
C SER XB 139 -134.71 75.94 13.26
N ILE XB 140 -134.94 76.59 14.41
CA ILE XB 140 -134.83 78.06 14.51
C ILE XB 140 -133.39 78.49 14.30
N GLN XB 141 -132.46 77.82 15.00
CA GLN XB 141 -131.04 78.06 14.82
C GLN XB 141 -130.65 77.88 13.35
N TRP XB 142 -131.16 76.81 12.74
CA TRP XB 142 -130.81 76.49 11.36
C TRP XB 142 -131.26 77.60 10.41
N GLU XB 143 -132.46 78.14 10.62
CA GLU XB 143 -132.93 79.19 9.72
C GLU XB 143 -132.23 80.51 9.98
N ALA XB 144 -131.92 80.82 11.25
CA ALA XB 144 -131.17 82.03 11.55
C ALA XB 144 -129.77 82.00 10.97
N GLU XB 145 -129.24 80.81 10.70
CA GLU XB 145 -127.82 80.67 10.45
C GLU XB 145 -127.34 81.58 9.31
N GLN XB 146 -128.06 81.58 8.19
CA GLN XB 146 -127.74 82.46 7.07
C GLN XB 146 -127.92 83.96 7.38
N TYR XB 147 -128.79 84.30 8.34
CA TYR XB 147 -129.23 85.69 8.53
C TYR XB 147 -128.32 86.43 9.52
N ILE XB 148 -127.32 85.72 10.03
CA ILE XB 148 -126.34 86.15 11.03
C ILE XB 148 -124.99 86.23 10.33
N PRO XB 149 -124.43 87.43 10.12
CA PRO XB 149 -123.15 87.53 9.43
C PRO XB 149 -121.95 87.12 10.27
N PHE XB 150 -122.13 86.32 11.32
CA PHE XB 150 -121.03 85.80 12.10
C PHE XB 150 -121.19 84.29 12.23
N ASP XB 151 -120.12 83.62 12.64
CA ASP XB 151 -120.29 82.26 13.10
C ASP XB 151 -121.23 82.25 14.31
N VAL XB 152 -121.70 81.06 14.65
CA VAL XB 152 -122.39 80.89 15.91
C VAL XB 152 -121.39 80.18 16.83
N LYS XB 153 -120.66 80.90 17.71
CA LYS XB 153 -120.55 82.36 17.94
C LYS XB 153 -121.78 83.30 17.85
N ASP XB 154 -122.92 82.83 18.37
CA ASP XB 154 -124.10 83.66 18.53
C ASP XB 154 -125.04 83.05 19.57
N VAL XB 155 -125.55 83.90 20.47
CA VAL XB 155 -126.61 83.59 21.43
C VAL XB 155 -127.95 83.93 20.78
N ASN XB 156 -128.87 82.97 20.81
CA ASN XB 156 -130.11 83.02 20.05
C ASN XB 156 -131.30 82.80 20.99
N ILE XB 157 -132.38 83.54 20.76
CA ILE XB 157 -133.63 83.39 21.51
C ILE XB 157 -134.80 83.81 20.63
N ASP XB 158 -135.90 83.09 20.73
CA ASP XB 158 -137.06 83.43 19.91
C ASP XB 158 -138.29 83.60 20.80
N THR XB 159 -139.27 84.34 20.29
CA THR XB 159 -140.62 84.18 20.85
C THR XB 159 -141.63 84.23 19.73
N GLN XB 160 -142.78 83.60 19.97
CA GLN XB 160 -143.76 83.45 18.90
C GLN XB 160 -144.67 84.66 18.84
N ILE XB 161 -144.80 85.23 17.63
CA ILE XB 161 -145.61 86.42 17.42
C ILE XB 161 -147.09 86.14 17.61
N LEU XB 162 -147.50 84.88 17.55
CA LEU XB 162 -148.85 84.45 17.87
C LEU XB 162 -148.78 83.25 18.81
N ASP XB 163 -149.84 83.04 19.57
CA ASP XB 163 -149.86 81.98 20.56
C ASP XB 163 -149.74 80.62 19.89
N GLY XB 164 -148.76 79.83 20.36
CA GLY XB 164 -148.52 78.53 19.76
C GLY XB 164 -149.65 77.53 20.00
N GLY XB 165 -150.35 77.67 21.12
CA GLY XB 165 -151.46 76.78 21.41
C GLY XB 165 -152.64 76.95 20.46
N GLY XB 166 -152.69 78.04 19.72
CA GLY XB 166 -153.75 78.30 18.77
C GLY XB 166 -153.59 77.63 17.42
N ASN XB 167 -152.51 76.90 17.20
CA ASN XB 167 -152.26 76.22 15.94
C ASN XB 167 -151.74 74.82 16.21
N ASP XB 168 -151.92 73.94 15.23
CA ASP XB 168 -151.49 72.55 15.36
C ASP XB 168 -150.03 72.40 14.99
N ALA XB 169 -149.50 71.20 15.25
CA ALA XB 169 -148.18 70.84 14.78
C ALA XB 169 -148.11 70.97 13.27
N THR XB 170 -146.90 71.31 12.78
CA THR XB 170 -146.58 71.46 11.36
C THR XB 170 -147.15 72.73 10.72
N GLY XB 171 -148.09 73.41 11.38
CA GLY XB 171 -148.70 74.57 10.76
C GLY XB 171 -148.61 75.87 11.56
N GLN XB 172 -148.48 77.00 10.86
CA GLN XB 172 -148.55 78.34 11.45
C GLN XB 172 -147.54 78.55 12.57
N MET XB 173 -146.28 78.30 12.27
CA MET XB 173 -145.23 78.70 13.19
C MET XB 173 -144.66 80.04 12.76
N ASP XB 174 -144.49 80.91 13.73
CA ASP XB 174 -143.84 82.19 13.52
C ASP XB 174 -143.14 82.48 14.84
N VAL XB 175 -141.82 82.48 14.80
CA VAL XB 175 -141.05 83.00 15.92
C VAL XB 175 -140.31 84.21 15.38
N LEU XB 176 -139.93 85.11 16.25
CA LEU XB 176 -138.98 86.16 15.91
C LEU XB 176 -137.71 85.86 16.70
N LEU XB 177 -136.57 85.99 16.03
CA LEU XB 177 -135.28 85.69 16.62
C LEU XB 177 -134.54 86.95 17.01
N VAL XB 178 -134.00 86.91 18.21
CA VAL XB 178 -133.02 87.84 18.74
C VAL XB 178 -131.68 87.11 18.78
N ALA XB 179 -130.67 87.73 18.17
CA ALA XB 179 -129.38 87.08 17.96
C ALA XB 179 -128.26 88.04 18.32
N ALA XB 180 -127.18 87.51 18.88
CA ALA XB 180 -126.16 88.36 19.47
C ALA XB 180 -124.82 87.63 19.54
N LYS XB 181 -123.73 88.39 19.46
CA LYS XB 181 -122.40 87.78 19.63
C LYS XB 181 -122.16 87.42 21.09
N LYS XB 182 -121.41 86.34 21.32
CA LYS XB 182 -121.00 86.02 22.69
C LYS XB 182 -120.20 87.15 23.30
N ASP XB 183 -119.32 87.76 22.51
CA ASP XB 183 -118.42 88.77 23.07
C ASP XB 183 -119.20 89.92 23.68
N MET XB 184 -120.36 90.25 23.10
CA MET XB 184 -121.21 91.28 23.67
C MET XB 184 -121.82 90.81 24.99
N ILE XB 185 -122.59 89.72 24.95
CA ILE XB 185 -123.19 89.15 26.16
C ILE XB 185 -122.14 88.98 27.25
N ASN XB 186 -120.98 88.43 26.89
CA ASN XB 186 -119.90 88.18 27.84
C ASN XB 186 -119.35 89.49 28.41
N ASP XB 187 -119.26 90.53 27.58
CA ASP XB 187 -118.92 91.86 28.10
C ASP XB 187 -119.92 92.30 29.15
N TYR XB 188 -121.21 92.09 28.88
CA TYR XB 188 -122.25 92.57 29.77
C TYR XB 188 -122.27 91.77 31.07
N THR XB 189 -122.29 90.44 30.97
CA THR XB 189 -122.16 89.59 32.16
C THR XB 189 -120.89 89.91 32.93
N THR XB 190 -119.83 90.32 32.24
CA THR XB 190 -118.65 90.80 32.95
C THR XB 190 -119.00 92.00 33.82
N VAL XB 191 -119.48 93.08 33.19
CA VAL XB 191 -119.85 94.27 33.95
C VAL XB 191 -120.75 93.91 35.13
N VAL XB 192 -121.67 92.97 34.92
CA VAL XB 192 -122.66 92.67 35.95
C VAL XB 192 -122.02 91.88 37.09
N SER XB 193 -121.36 90.77 36.75
CA SER XB 193 -120.57 90.02 37.72
C SER XB 193 -119.76 90.93 38.63
N GLU XB 194 -119.19 92.01 38.09
CA GLU XB 194 -118.29 92.79 38.94
C GLU XB 194 -119.02 93.81 39.80
N ALA XB 195 -120.15 94.36 39.34
CA ALA XB 195 -120.97 95.22 40.21
C ALA XB 195 -121.55 94.47 41.39
N GLY XB 196 -121.24 93.19 41.54
CA GLY XB 196 -121.90 92.36 42.53
C GLY XB 196 -123.31 91.98 42.17
N LEU XB 197 -123.71 92.18 40.91
CA LEU XB 197 -125.06 91.90 40.45
C LEU XB 197 -125.13 90.51 39.83
N ALA XB 198 -126.33 89.94 39.85
CA ALA XB 198 -126.59 88.66 39.23
C ALA XB 198 -127.70 88.81 38.20
N PRO XB 199 -127.44 88.58 36.92
CA PRO XB 199 -128.49 88.75 35.91
C PRO XB 199 -129.39 87.53 35.83
N VAL XB 200 -130.68 87.79 35.61
CA VAL XB 200 -131.63 86.71 35.32
C VAL XB 200 -132.23 86.84 33.93
N VAL XB 201 -132.28 88.04 33.37
CA VAL XB 201 -132.86 88.30 32.05
C VAL XB 201 -131.97 89.29 31.32
N VAL XB 202 -131.58 88.94 30.09
CA VAL XB 202 -130.91 89.86 29.19
C VAL XB 202 -131.88 90.12 28.05
N ASP XB 203 -132.61 91.23 28.16
CA ASP XB 203 -133.74 91.53 27.29
C ASP XB 203 -133.27 92.47 26.18
N VAL XB 204 -134.19 92.91 25.34
CA VAL XB 204 -133.87 93.81 24.24
C VAL XB 204 -134.72 95.06 24.39
N ASP XB 205 -134.17 96.21 23.98
CA ASP XB 205 -134.74 97.49 24.40
C ASP XB 205 -136.03 97.82 23.67
N ALA XB 206 -136.14 97.44 22.40
CA ALA XB 206 -137.32 97.81 21.62
C ALA XB 206 -138.61 97.22 22.19
N PHE XB 207 -138.50 96.12 22.94
CA PHE XB 207 -139.65 95.46 23.56
C PHE XB 207 -139.74 95.74 25.05
N ALA XB 208 -138.58 95.90 25.69
CA ALA XB 208 -138.57 96.29 27.09
C ALA XB 208 -139.20 97.65 27.29
N VAL XB 209 -139.02 98.55 26.33
CA VAL XB 209 -139.60 99.89 26.41
C VAL XB 209 -141.12 99.84 26.38
N GLN XB 210 -141.69 98.72 25.92
CA GLN XB 210 -143.14 98.60 25.72
C GLN XB 210 -143.87 98.14 26.98
N ASN XB 211 -143.18 97.51 27.93
CA ASN XB 211 -143.85 96.91 29.08
C ASN XB 211 -144.61 97.93 29.91
N MET XB 212 -144.19 99.19 29.86
CA MET XB 212 -144.85 100.27 30.58
C MET XB 212 -146.16 100.66 29.94
N PHE XB 213 -146.26 100.48 28.63
CA PHE XB 213 -147.43 100.84 27.88
C PHE XB 213 -148.28 99.63 27.51
N SER XB 214 -147.89 98.42 27.96
CA SER XB 214 -148.53 97.20 27.51
C SER XB 214 -150.00 97.12 27.91
N VAL XB 215 -150.33 97.55 29.13
CA VAL XB 215 -151.73 97.56 29.55
C VAL XB 215 -152.53 98.53 28.69
N ASN XB 216 -152.01 99.75 28.54
CA ASN XB 216 -152.70 100.80 27.79
C ASN XB 216 -152.87 100.42 26.33
N TYR XB 217 -151.90 99.67 25.78
CA TYR XB 217 -152.00 99.11 24.43
C TYR XB 217 -153.02 97.98 24.38
N ASP XB 218 -153.05 97.15 25.43
CA ASP XB 218 -154.01 96.06 25.47
C ASP XB 218 -155.44 96.57 25.59
N VAL XB 219 -155.61 97.84 25.94
CA VAL XB 219 -156.94 98.45 25.90
C VAL XB 219 -157.51 98.48 24.49
N PRO XB 220 -156.79 98.98 23.44
CA PRO XB 220 -157.30 98.79 22.07
C PRO XB 220 -156.71 97.57 21.37
N GLU XB 221 -157.49 96.50 21.19
CA GLU XB 221 -156.89 95.24 20.77
C GLU XB 221 -156.73 95.14 19.26
N ARG XB 222 -157.40 95.99 18.48
CA ARG XB 222 -157.26 95.97 17.04
C ARG XB 222 -156.66 97.24 16.46
N GLU XB 223 -156.20 98.16 17.32
CA GLU XB 223 -155.58 99.39 16.85
C GLU XB 223 -154.09 99.18 16.58
N THR XB 224 -153.63 99.71 15.44
CA THR XB 224 -152.23 99.66 15.05
C THR XB 224 -151.52 100.88 15.63
N VAL XB 225 -150.51 100.64 16.47
CA VAL XB 225 -149.80 101.70 17.17
C VAL XB 225 -148.33 101.63 16.78
N VAL XB 226 -147.70 102.79 16.62
CA VAL XB 226 -146.25 102.82 16.47
C VAL XB 226 -145.64 103.32 17.77
N LEU XB 227 -144.45 102.82 18.08
CA LEU XB 227 -143.66 103.25 19.22
C LEU XB 227 -142.25 103.51 18.76
N ILE XB 228 -141.83 104.77 18.86
CA ILE XB 228 -140.48 105.18 18.54
C ILE XB 228 -139.71 105.37 19.84
N ASN XB 229 -138.54 104.75 19.94
CA ASN XB 229 -137.59 105.08 21.00
C ASN XB 229 -136.39 105.70 20.32
N ALA XB 230 -136.30 107.03 20.40
CA ALA XB 230 -135.17 107.77 19.87
C ALA XB 230 -134.11 107.87 20.97
N GLY XB 231 -133.08 107.06 20.86
CA GLY XB 231 -132.00 107.04 21.82
C GLY XB 231 -130.82 107.88 21.37
N ALA XB 232 -129.68 107.64 22.01
CA ALA XB 232 -128.45 108.31 21.62
C ALA XB 232 -127.63 107.53 20.62
N SER XB 233 -127.76 106.20 20.58
CA SER XB 233 -127.03 105.36 19.65
C SER XB 233 -127.89 104.84 18.50
N VAL XB 234 -129.21 104.82 18.66
CA VAL XB 234 -130.09 104.13 17.73
C VAL XB 234 -131.49 104.66 17.96
N VAL XB 235 -132.34 104.58 16.93
CA VAL XB 235 -133.76 104.83 17.06
C VAL XB 235 -134.50 103.56 16.69
N ASN XB 236 -135.30 103.04 17.61
CA ASN XB 236 -136.09 101.87 17.27
C ASN XB 236 -137.54 102.27 16.95
N ILE XB 237 -138.08 101.55 15.97
CA ILE XB 237 -139.49 101.56 15.66
C ILE XB 237 -140.00 100.16 15.95
N ASN XB 238 -140.99 100.04 16.82
CA ASN XB 238 -141.78 98.82 16.82
C ASN XB 238 -143.23 99.22 16.63
N ILE XB 239 -143.93 98.48 15.79
CA ILE XB 239 -145.33 98.74 15.48
C ILE XB 239 -146.14 97.47 15.76
N ILE XB 240 -147.31 97.68 16.37
CA ILE XB 240 -148.10 96.66 17.05
C ILE XB 240 -149.56 96.74 16.62
N SER XB 241 -150.25 95.61 16.75
CA SER XB 241 -151.71 95.58 16.91
C SER XB 241 -151.98 95.15 18.33
N ASN XB 242 -152.53 96.07 19.13
CA ASN XB 242 -152.71 95.89 20.59
C ASN XB 242 -151.32 95.97 21.21
N GLY XB 243 -150.99 95.08 22.16
CA GLY XB 243 -149.63 94.90 22.62
C GLY XB 243 -149.07 93.64 22.00
N ALA XB 244 -149.38 93.43 20.73
CA ALA XB 244 -148.82 92.34 19.93
C ALA XB 244 -147.92 92.96 18.88
N THR XB 245 -146.61 92.85 19.09
CA THR XB 245 -145.66 93.40 18.13
C THR XB 245 -145.90 92.79 16.77
N VAL XB 246 -145.98 93.64 15.75
CA VAL XB 246 -146.02 93.20 14.37
C VAL XB 246 -144.64 93.28 13.74
N PHE XB 247 -143.87 94.32 14.07
CA PHE XB 247 -142.48 94.32 13.59
C PHE XB 247 -141.66 95.36 14.34
N THR XB 248 -140.34 95.28 14.13
CA THR XB 248 -139.36 96.20 14.68
C THR XB 248 -138.31 96.51 13.62
N ARG XB 249 -137.75 97.71 13.67
CA ARG XB 249 -136.71 98.17 12.76
C ARG XB 249 -135.84 99.17 13.50
N ASP XB 250 -134.53 99.06 13.33
CA ASP XB 250 -133.58 99.87 14.08
C ASP XB 250 -132.77 100.73 13.12
N VAL XB 251 -132.74 102.03 13.39
CA VAL XB 251 -132.13 103.02 12.53
C VAL XB 251 -130.89 103.59 13.21
N THR XB 252 -129.78 103.61 12.47
CA THR XB 252 -128.51 104.07 13.02
C THR XB 252 -128.60 105.51 13.51
N ILE XB 253 -129.50 106.30 12.96
CA ILE XB 253 -129.61 107.71 13.29
C ILE XB 253 -130.18 107.86 14.69
N GLY XB 254 -129.71 108.88 15.40
CA GLY XB 254 -130.15 109.12 16.76
C GLY XB 254 -129.73 110.50 17.22
N GLY XB 255 -129.82 110.72 18.53
CA GLY XB 255 -129.49 112.03 19.08
C GLY XB 255 -128.01 112.37 18.97
N ASN XB 256 -127.16 111.35 18.97
CA ASN XB 256 -125.73 111.59 18.75
C ASN XB 256 -125.51 112.34 17.44
N GLN XB 257 -126.32 112.08 16.43
CA GLN XB 257 -126.17 112.76 15.16
C GLN XB 257 -126.52 114.24 15.27
N PHE XB 258 -127.57 114.58 16.01
CA PHE XB 258 -127.88 115.98 16.26
C PHE XB 258 -126.74 116.68 16.98
N THR XB 259 -126.29 116.09 18.10
CA THR XB 259 -125.18 116.67 18.83
C THR XB 259 -123.94 116.84 17.95
N GLU XB 260 -123.67 115.84 17.11
CA GLU XB 260 -122.47 115.87 16.28
C GLU XB 260 -122.56 116.93 15.19
N GLU XB 261 -123.77 117.20 14.68
CA GLU XB 261 -123.90 118.30 13.73
C GLU XB 261 -123.70 119.64 14.42
N ILE XB 262 -124.29 119.81 15.60
CA ILE XB 262 -124.05 121.03 16.38
C ILE XB 262 -122.55 121.21 16.62
N GLN XB 263 -121.86 120.12 16.97
CA GLN XB 263 -120.43 120.20 17.22
C GLN XB 263 -119.66 120.57 15.96
N LYS XB 264 -120.01 119.96 14.83
CA LYS XB 264 -119.34 120.28 13.57
C LYS XB 264 -119.48 121.76 13.23
N GLN XB 265 -120.68 122.31 13.33
CA GLN XB 265 -120.93 123.65 12.81
C GLN XB 265 -120.46 124.77 13.73
N LEU XB 266 -119.90 124.46 14.90
CA LEU XB 266 -119.46 125.48 15.82
C LEU XB 266 -118.19 125.06 16.55
N ASN XB 267 -117.40 124.17 15.93
CA ASN XB 267 -116.25 123.46 16.51
C ASN XB 267 -116.29 123.44 18.03
N VAL XB 268 -117.29 122.75 18.56
CA VAL XB 268 -117.59 122.62 19.99
C VAL XB 268 -117.19 121.22 20.44
N SER XB 269 -116.99 121.03 21.75
CA SER XB 269 -116.81 119.68 22.26
C SER XB 269 -118.14 118.94 22.27
N TYR XB 270 -118.14 117.62 22.43
CA TYR XB 270 -119.39 116.87 22.39
C TYR XB 270 -120.34 117.32 23.50
N GLU XB 271 -119.82 117.50 24.72
CA GLU XB 271 -120.69 117.80 25.86
C GLU XB 271 -121.32 119.18 25.74
N GLU XB 272 -120.53 120.18 25.36
CA GLU XB 272 -121.08 121.53 25.20
C GLU XB 272 -122.06 121.60 24.04
N ALA XB 273 -121.79 120.87 22.95
CA ALA XB 273 -122.76 120.80 21.86
C ALA XB 273 -124.04 120.11 22.32
N GLU XB 274 -123.90 119.15 23.23
CA GLU XB 274 -125.06 118.47 23.79
C GLU XB 274 -125.89 119.43 24.64
N ALA XB 275 -125.24 120.21 25.50
CA ALA XB 275 -125.96 121.21 26.29
C ALA XB 275 -126.65 122.22 25.40
N LEU XB 276 -125.93 122.72 24.38
CA LEU XB 276 -126.52 123.65 23.43
C LEU XB 276 -127.75 123.04 22.77
N LYS XB 277 -127.70 121.74 22.48
CA LYS XB 277 -128.88 121.04 22.00
C LYS XB 277 -130.03 121.13 23.01
N ILE XB 278 -129.81 120.56 24.21
CA ILE XB 278 -130.81 120.53 25.28
C ILE XB 278 -131.35 121.92 25.56
N GLY XB 279 -130.63 122.72 26.35
CA GLY XB 279 -131.13 124.02 26.75
C GLY XB 279 -131.19 125.02 25.62
N GLY XB 280 -130.22 124.96 24.71
CA GLY XB 280 -130.28 125.79 23.52
C GLY XB 280 -131.60 125.71 22.79
N ASN XB 281 -132.13 124.50 22.60
CA ASN XB 281 -133.29 124.31 21.73
C ASN XB 281 -134.63 124.56 22.40
N GLY XB 282 -134.70 124.61 23.73
CA GLY XB 282 -135.99 124.65 24.40
C GLY XB 282 -136.28 125.79 25.36
N ALA XB 283 -135.32 126.66 25.63
CA ALA XB 283 -135.52 127.73 26.61
C ALA XB 283 -136.56 128.73 26.09
N ASP XB 284 -137.21 129.43 27.03
CA ASP XB 284 -138.10 130.51 26.63
C ASP XB 284 -137.33 131.66 26.01
N ALA XB 285 -136.05 131.80 26.36
CA ALA XB 285 -135.19 132.84 25.82
C ALA XB 285 -134.45 132.42 24.56
N ASP XB 286 -134.83 131.30 23.94
CA ASP XB 286 -134.04 130.72 22.86
C ASP XB 286 -134.36 131.30 21.49
N ALA XB 287 -134.98 132.48 21.42
CA ALA XB 287 -135.52 132.99 20.15
C ALA XB 287 -134.45 133.22 19.10
N VAL XB 288 -133.20 133.43 19.52
CA VAL XB 288 -132.16 133.81 18.56
C VAL XB 288 -131.39 132.59 18.08
N VAL XB 289 -131.48 131.51 18.84
CA VAL XB 289 -130.68 130.30 18.68
C VAL XB 289 -131.38 129.20 17.87
N PRO XB 290 -132.67 129.29 17.47
CA PRO XB 290 -133.18 128.19 16.63
C PRO XB 290 -132.87 128.42 15.17
N GLN XB 291 -132.41 129.63 14.83
CA GLN XB 291 -131.80 129.84 13.54
C GLN XB 291 -130.40 129.22 13.50
N ASP XB 292 -129.55 129.61 14.45
CA ASP XB 292 -128.18 129.11 14.47
C ASP XB 292 -128.14 127.60 14.65
N VAL XB 293 -128.99 127.07 15.52
CA VAL XB 293 -129.01 125.64 15.77
C VAL XB 293 -129.84 124.93 14.71
N GLU XB 294 -131.08 125.37 14.49
CA GLU XB 294 -131.95 124.67 13.57
C GLU XB 294 -131.29 124.53 12.19
N ARG XB 295 -130.59 125.57 11.75
CA ARG XB 295 -129.85 125.46 10.49
C ARG XB 295 -128.77 124.39 10.57
N VAL XB 296 -128.25 124.16 11.78
CA VAL XB 296 -127.24 123.12 11.97
C VAL XB 296 -127.88 121.73 11.93
N LEU XB 297 -129.04 121.57 12.59
CA LEU XB 297 -129.71 120.30 12.76
C LEU XB 297 -130.70 119.97 11.65
N SER XB 298 -130.84 120.84 10.66
CA SER XB 298 -131.92 120.68 9.70
C SER XB 298 -131.69 119.48 8.81
N SER XB 299 -130.44 119.25 8.39
CA SER XB 299 -130.13 118.06 7.60
C SER XB 299 -130.45 116.78 8.38
N VAL XB 300 -130.19 116.77 9.69
CA VAL XB 300 -130.53 115.60 10.49
C VAL XB 300 -132.03 115.44 10.59
N ALA XB 301 -132.77 116.53 10.82
CA ALA XB 301 -134.23 116.44 10.86
C ALA XB 301 -134.76 115.85 9.56
N GLU XB 302 -134.26 116.34 8.43
CA GLU XB 302 -134.67 115.81 7.13
C GLU XB 302 -134.35 114.32 7.01
N GLN XB 303 -133.12 113.92 7.34
CA GLN XB 303 -132.72 112.53 7.17
C GLN XB 303 -133.47 111.59 8.12
N VAL XB 304 -133.73 112.03 9.35
CA VAL XB 304 -134.56 111.24 10.25
C VAL XB 304 -135.95 111.07 9.67
N ALA XB 305 -136.58 112.17 9.24
CA ALA XB 305 -137.92 112.08 8.66
C ALA XB 305 -137.96 111.13 7.47
N GLY XB 306 -136.94 111.20 6.61
CA GLY XB 306 -136.92 110.33 5.44
C GLY XB 306 -136.71 108.88 5.82
N GLU XB 307 -135.90 108.61 6.85
CA GLU XB 307 -135.66 107.24 7.27
C GLU XB 307 -136.90 106.65 7.93
N ILE XB 308 -137.64 107.45 8.70
CA ILE XB 308 -138.88 106.98 9.33
C ILE XB 308 -139.96 106.76 8.27
N GLN XB 309 -140.14 107.71 7.35
CA GLN XB 309 -141.04 107.51 6.21
C GLN XB 309 -140.70 106.22 5.48
N ARG XB 310 -139.42 105.99 5.21
CA ARG XB 310 -138.98 104.80 4.50
C ARG XB 310 -139.35 103.53 5.28
N SER XB 311 -139.08 103.51 6.59
CA SER XB 311 -139.43 102.34 7.39
C SER XB 311 -140.95 102.07 7.35
N LEU XB 312 -141.74 103.12 7.57
CA LEU XB 312 -143.19 102.97 7.54
C LEU XB 312 -143.68 102.45 6.19
N ASP XB 313 -143.10 102.95 5.10
CA ASP XB 313 -143.51 102.48 3.78
C ASP XB 313 -143.11 101.03 3.55
N PHE XB 314 -142.00 100.60 4.15
CA PHE XB 314 -141.57 99.23 3.97
C PHE XB 314 -142.42 98.26 4.76
N TYR XB 315 -143.08 98.75 5.81
CA TYR XB 315 -144.05 97.89 6.49
C TYR XB 315 -145.32 97.71 5.66
N ALA XB 316 -145.79 98.78 5.03
CA ALA XB 316 -147.22 98.98 4.79
C ALA XB 316 -147.77 98.20 3.60
N GLY XB 317 -147.78 96.87 3.69
CA GLY XB 317 -147.92 96.07 2.50
C GLY XB 317 -149.16 95.24 2.29
N THR XB 318 -149.89 94.90 3.35
CA THR XB 318 -151.13 94.15 3.26
C THR XB 318 -152.37 95.05 3.31
N ALA XB 319 -152.33 96.13 4.09
CA ALA XB 319 -153.37 97.16 4.14
C ALA XB 319 -152.98 98.26 3.16
N ALA XB 320 -152.80 97.88 1.89
CA ALA XB 320 -152.74 98.81 0.78
C ALA XB 320 -153.38 100.14 1.10
N ASP XB 321 -154.62 100.09 1.55
CA ASP XB 321 -155.63 101.10 1.34
C ASP XB 321 -155.82 101.98 2.56
N SER XB 322 -155.16 101.66 3.64
CA SER XB 322 -155.52 102.18 4.95
C SER XB 322 -154.61 103.34 5.31
N ASN XB 323 -154.82 103.86 6.52
CA ASN XB 323 -153.97 104.89 7.09
C ASN XB 323 -153.46 104.43 8.44
N PHE XB 324 -152.74 105.30 9.12
CA PHE XB 324 -152.24 104.97 10.43
C PHE XB 324 -153.28 105.30 11.49
N SER XB 325 -152.91 105.06 12.76
CA SER XB 325 -153.70 105.47 13.90
C SER XB 325 -152.88 106.37 14.81
N LYS XB 326 -152.28 105.82 15.88
CA LYS XB 326 -151.60 106.62 16.88
C LYS XB 326 -150.30 105.97 17.33
N VAL XB 327 -149.43 106.80 17.93
CA VAL XB 327 -148.04 106.41 18.20
C VAL XB 327 -147.50 107.18 19.40
N TYR XB 328 -146.46 106.62 20.03
CA TYR XB 328 -145.81 107.25 21.18
C TYR XB 328 -144.30 107.38 20.95
N LEU XB 329 -143.68 108.22 21.79
CA LEU XB 329 -142.24 108.47 21.77
C LEU XB 329 -141.61 108.18 23.12
N SER XB 330 -140.39 107.65 23.08
CA SER XB 330 -139.57 107.32 24.23
C SER XB 330 -138.12 107.64 23.87
N GLY XB 331 -137.26 107.68 24.87
CA GLY XB 331 -135.89 108.07 24.57
C GLY XB 331 -135.71 109.57 24.65
N GLY XB 332 -134.53 109.97 25.11
CA GLY XB 332 -134.27 111.39 25.31
C GLY XB 332 -134.15 112.17 24.02
N THR XB 333 -133.73 111.50 22.94
CA THR XB 333 -133.65 112.16 21.64
C THR XB 333 -135.02 112.67 21.18
N ALA XB 334 -136.10 112.02 21.63
CA ALA XB 334 -137.44 112.51 21.40
C ALA XB 334 -137.63 113.93 21.90
N LYS XB 335 -137.06 114.26 23.05
CA LYS XB 335 -137.33 115.51 23.75
C LYS XB 335 -136.82 116.74 23.03
N ILE XB 336 -136.27 116.58 21.82
CA ILE XB 336 -135.90 117.73 20.99
C ILE XB 336 -137.14 118.60 20.88
N PRO XB 337 -137.03 119.89 21.21
CA PRO XB 337 -138.20 120.77 21.17
C PRO XB 337 -138.86 120.76 19.80
N ALA XB 338 -140.17 120.55 19.81
CA ALA XB 338 -141.06 120.57 18.65
C ALA XB 338 -140.97 119.31 17.78
N LEU XB 339 -140.00 118.43 18.07
CA LEU XB 339 -139.79 117.24 17.23
C LEU XB 339 -141.06 116.41 17.12
N PHE XB 340 -141.91 116.43 18.15
CA PHE XB 340 -143.11 115.62 18.14
C PHE XB 340 -144.12 116.15 17.12
N LYS XB 341 -144.29 117.48 17.10
CA LYS XB 341 -145.15 118.09 16.10
C LYS XB 341 -144.61 117.85 14.69
N THR XB 342 -143.29 117.94 14.53
CA THR XB 342 -142.68 117.71 13.23
C THR XB 342 -142.94 116.29 12.74
N ILE XB 343 -142.66 115.30 13.59
CA ILE XB 343 -142.90 113.91 13.21
C ILE XB 343 -144.39 113.67 12.95
N GLU XB 344 -145.25 114.33 13.74
CA GLU XB 344 -146.68 114.17 13.55
C GLU XB 344 -147.11 114.65 12.18
N ALA XB 345 -146.67 115.85 11.78
CA ALA XB 345 -147.09 116.40 10.50
C ALA XB 345 -146.40 115.69 9.34
N ARG XB 346 -145.18 115.20 9.55
CA ARG XB 346 -144.36 114.65 8.48
C ARG XB 346 -144.67 113.18 8.20
N THR XB 347 -145.02 112.40 9.21
CA THR XB 347 -145.31 110.98 9.02
C THR XB 347 -146.79 110.68 8.85
N GLY XB 348 -147.66 111.68 9.02
CA GLY XB 348 -149.09 111.44 8.95
C GLY XB 348 -149.60 110.58 10.09
N VAL XB 349 -148.96 110.67 11.26
CA VAL XB 349 -149.41 109.90 12.41
C VAL XB 349 -149.34 110.79 13.65
N PRO XB 350 -150.37 110.81 14.49
CA PRO XB 350 -150.26 111.49 15.79
C PRO XB 350 -149.23 110.82 16.69
N VAL XB 351 -148.11 111.52 16.88
CA VAL XB 351 -146.97 111.07 17.68
C VAL XB 351 -146.99 111.80 19.01
N GLU XB 352 -147.10 111.07 20.11
CA GLU XB 352 -147.23 111.68 21.42
C GLU XB 352 -146.22 111.13 22.42
N ILE XB 353 -145.66 112.03 23.22
CA ILE XB 353 -144.96 111.61 24.41
C ILE XB 353 -145.92 110.83 25.30
N LEU XB 354 -145.37 109.94 26.13
CA LEU XB 354 -146.19 109.17 27.05
C LEU XB 354 -145.42 109.00 28.34
N ASN XB 355 -146.18 108.93 29.44
CA ASN XB 355 -145.62 108.75 30.77
C ASN XB 355 -145.59 107.26 31.08
N PRO XB 356 -144.43 106.60 31.04
CA PRO XB 356 -144.39 105.20 31.49
C PRO XB 356 -144.87 105.04 32.92
N PHE XB 357 -144.44 105.92 33.84
CA PHE XB 357 -144.62 105.67 35.27
C PHE XB 357 -146.08 105.46 35.68
N ARG XB 358 -147.04 105.63 34.77
CA ARG XB 358 -148.44 105.36 35.12
C ARG XB 358 -148.71 103.90 35.39
N LYS XB 359 -147.83 103.00 34.97
CA LYS XB 359 -147.95 101.57 35.21
C LYS XB 359 -147.56 101.15 36.63
N ILE XB 360 -146.97 102.04 37.40
CA ILE XB 360 -146.44 101.72 38.72
C ILE XB 360 -146.97 102.73 39.72
N GLU XB 361 -147.14 102.29 40.96
CA GLU XB 361 -147.55 103.19 42.03
C GLU XB 361 -146.40 104.10 42.41
N VAL XB 362 -146.69 105.38 42.60
CA VAL XB 362 -145.69 106.40 42.90
C VAL XB 362 -146.14 107.14 44.14
N ASP XB 363 -145.36 107.04 45.21
CA ASP XB 363 -145.65 107.74 46.45
C ASP XB 363 -145.28 109.20 46.28
N ASN XB 364 -146.28 110.09 46.38
CA ASN XB 364 -146.05 111.51 46.15
C ASN XB 364 -145.14 112.12 47.21
N ARG XB 365 -144.98 111.46 48.36
CA ARG XB 365 -144.09 111.98 49.40
C ARG XB 365 -142.63 111.66 49.12
N LYS XB 366 -142.34 110.75 48.19
CA LYS XB 366 -140.97 110.40 47.84
C LYS XB 366 -140.58 110.84 46.44
N PHE XB 367 -141.56 111.12 45.58
CA PHE XB 367 -141.34 111.58 44.22
C PHE XB 367 -142.48 112.52 43.84
N ASP XB 368 -142.15 113.63 43.21
CA ASP XB 368 -143.16 114.55 42.72
C ASP XB 368 -143.46 114.23 41.26
N PRO XB 369 -144.73 114.12 40.85
CA PRO XB 369 -145.02 113.64 39.49
C PRO XB 369 -144.44 114.51 38.38
N ALA XB 370 -144.16 115.79 38.63
CA ALA XB 370 -143.74 116.66 37.54
C ALA XB 370 -142.42 116.19 36.90
N PHE XB 371 -141.35 116.10 37.69
CA PHE XB 371 -140.07 115.66 37.15
C PHE XB 371 -140.16 114.22 36.64
N VAL XB 372 -140.64 113.31 37.48
CA VAL XB 372 -140.90 111.93 37.05
C VAL XB 372 -141.44 111.91 35.62
N MET XB 373 -142.41 112.77 35.35
CA MET XB 373 -142.86 113.00 33.97
C MET XB 373 -141.72 113.53 33.11
N ASP XB 374 -140.88 114.41 33.66
CA ASP XB 374 -139.86 115.07 32.86
C ASP XB 374 -138.82 114.08 32.31
N VAL XB 375 -138.39 113.11 33.12
CA VAL XB 375 -137.44 112.08 32.67
C VAL XB 375 -138.14 110.78 32.25
N ALA XB 376 -139.47 110.77 32.18
CA ALA XB 376 -140.15 109.58 31.66
C ALA XB 376 -139.57 109.05 30.35
N PRO XB 377 -139.34 109.86 29.31
CA PRO XB 377 -138.83 109.29 28.04
C PRO XB 377 -137.49 108.59 28.18
N MET XB 378 -136.52 109.20 28.86
CA MET XB 378 -135.24 108.53 29.09
C MET XB 378 -135.43 107.22 29.86
N ALA XB 379 -136.35 107.21 30.82
CA ALA XB 379 -136.45 106.11 31.77
C ALA XB 379 -137.40 105.01 31.33
N ALA XB 380 -138.06 105.13 30.17
CA ALA XB 380 -139.05 104.14 29.77
C ALA XB 380 -138.49 102.72 29.81
N VAL XB 381 -137.32 102.49 29.22
CA VAL XB 381 -136.74 101.15 29.23
C VAL XB 381 -136.32 100.78 30.65
N ALA XB 382 -135.70 101.77 31.34
CA ALA XB 382 -135.20 101.71 32.72
C ALA XB 382 -136.24 101.25 33.72
N VAL XB 383 -137.51 101.50 33.43
CA VAL XB 383 -138.56 100.83 34.18
C VAL XB 383 -139.14 99.67 33.36
N GLY XB 384 -138.70 99.52 32.12
CA GLY XB 384 -139.17 98.40 31.29
C GLY XB 384 -138.72 97.05 31.81
N LEU XB 385 -137.45 96.72 31.59
CA LEU XB 385 -137.01 95.43 32.13
C LEU XB 385 -137.18 95.42 33.65
N ALA XB 386 -137.61 96.54 34.22
CA ALA XB 386 -137.91 96.68 35.63
C ALA XB 386 -139.22 96.04 36.01
N LEU XB 387 -140.28 96.25 35.23
CA LEU XB 387 -141.43 95.39 35.46
C LEU XB 387 -141.13 93.96 35.04
N ARG XB 388 -140.15 93.77 34.14
CA ARG XB 388 -139.71 92.40 33.87
C ARG XB 388 -139.12 91.74 35.12
N ARG XB 389 -138.58 92.53 36.05
CA ARG XB 389 -137.84 91.90 37.15
C ARG XB 389 -138.67 91.45 38.37
N PRO XB 390 -139.89 91.95 38.62
CA PRO XB 390 -140.72 91.28 39.61
C PRO XB 390 -141.80 90.44 38.94
N GLY XB 391 -141.52 90.06 37.71
CA GLY XB 391 -142.46 89.25 36.96
C GLY XB 391 -142.58 87.88 37.55
N MET YB 1 -120.80 110.13 60.51
CA MET YB 1 -119.48 110.62 60.15
C MET YB 1 -118.50 109.48 59.91
N MET YB 2 -117.62 109.66 58.92
CA MET YB 2 -116.67 108.62 58.52
C MET YB 2 -115.32 108.88 59.16
N ILE YB 3 -114.78 107.86 59.84
CA ILE YB 3 -113.48 107.96 60.50
C ILE YB 3 -112.57 106.92 59.85
N ARG YB 4 -111.60 107.40 59.08
CA ARG YB 4 -110.71 106.57 58.30
C ARG YB 4 -109.26 106.72 58.77
N ILE YB 5 -108.47 105.67 58.55
CA ILE YB 5 -107.08 105.68 58.98
C ILE YB 5 -106.21 104.80 58.08
N ASN YB 6 -105.60 105.41 57.06
CA ASN YB 6 -104.68 104.73 56.17
C ASN YB 6 -103.34 104.42 56.82
N LEU YB 7 -103.19 104.63 58.12
CA LEU YB 7 -101.94 104.25 58.76
C LEU YB 7 -101.77 102.74 58.67
N LEU YB 8 -100.74 102.33 57.91
CA LEU YB 8 -100.26 101.02 57.48
C LEU YB 8 -100.83 99.80 58.19
N PRO YB 9 -101.74 99.05 57.54
CA PRO YB 9 -101.93 97.65 57.95
C PRO YB 9 -101.34 96.63 56.94
N VAL YB 10 -102.16 96.19 55.96
CA VAL YB 10 -102.01 94.91 55.23
C VAL YB 10 -100.73 94.57 54.45
N ARG YB 11 -100.17 95.46 53.63
CA ARG YB 11 -99.11 94.99 52.77
C ARG YB 11 -97.82 94.77 53.54
N ALA YB 12 -97.46 95.72 54.40
CA ALA YB 12 -96.37 95.50 55.33
C ALA YB 12 -96.62 94.24 56.17
N VAL YB 13 -97.85 94.05 56.66
CA VAL YB 13 -98.15 92.89 57.49
C VAL YB 13 -97.88 91.61 56.73
N LYS YB 14 -98.32 91.56 55.46
CA LYS YB 14 -98.11 90.38 54.64
C LYS YB 14 -96.62 90.17 54.41
N LYS YB 15 -95.86 91.27 54.34
CA LYS YB 15 -94.42 91.17 54.08
C LYS YB 15 -93.65 90.78 55.34
N ARG YB 16 -94.12 91.23 56.50
CA ARG YB 16 -93.53 90.82 57.78
C ARG YB 16 -93.81 89.35 58.02
N GLU YB 17 -94.98 88.88 57.59
CA GLU YB 17 -95.30 87.46 57.72
C GLU YB 17 -94.46 86.61 56.78
N MET YB 18 -94.43 86.96 55.48
CA MET YB 18 -93.55 86.26 54.55
C MET YB 18 -92.11 86.27 55.05
N GLY YB 19 -91.67 87.42 55.58
CA GLY YB 19 -90.34 87.50 56.16
C GLY YB 19 -90.15 86.52 57.29
N ARG YB 20 -91.18 86.31 58.11
CA ARG YB 20 -91.07 85.30 59.16
C ARG YB 20 -90.95 83.89 58.58
N GLN YB 21 -91.83 83.56 57.63
CA GLN YB 21 -91.90 82.20 57.12
C GLN YB 21 -90.61 81.79 56.42
N VAL YB 22 -90.05 82.69 55.59
CA VAL YB 22 -88.81 82.37 54.90
C VAL YB 22 -87.71 82.04 55.91
N LEU YB 23 -87.66 82.77 57.03
CA LEU YB 23 -86.64 82.51 58.03
C LEU YB 23 -86.89 81.20 58.78
N VAL YB 24 -88.14 80.87 59.08
CA VAL YB 24 -88.41 79.57 59.69
C VAL YB 24 -87.94 78.45 58.75
N LEU YB 25 -88.21 78.57 57.46
CA LEU YB 25 -87.76 77.56 56.50
C LEU YB 25 -86.23 77.44 56.51
N PHE YB 26 -85.54 78.58 56.48
CA PHE YB 26 -84.09 78.58 56.65
C PHE YB 26 -83.68 77.78 57.89
N ALA YB 27 -84.31 78.09 59.02
CA ALA YB 27 -83.96 77.42 60.27
C ALA YB 27 -84.14 75.91 60.17
N VAL YB 28 -85.27 75.47 59.60
CA VAL YB 28 -85.55 74.03 59.51
C VAL YB 28 -84.49 73.34 58.63
N VAL YB 29 -84.23 73.90 57.45
CA VAL YB 29 -83.22 73.32 56.56
C VAL YB 29 -81.87 73.22 57.27
N LEU YB 30 -81.49 74.27 57.99
CA LEU YB 30 -80.16 74.28 58.62
C LEU YB 30 -80.11 73.32 59.81
N ILE YB 31 -81.22 73.09 60.50
CA ILE YB 31 -81.22 72.08 61.56
C ILE YB 31 -81.09 70.68 60.96
N GLY YB 32 -81.80 70.41 59.87
CA GLY YB 32 -81.64 69.12 59.22
C GLY YB 32 -80.22 68.88 58.74
N ALA YB 33 -79.67 69.82 57.96
CA ALA YB 33 -78.29 69.72 57.52
C ALA YB 33 -77.35 69.54 58.71
N GLY YB 34 -77.61 70.26 59.81
CA GLY YB 34 -76.87 70.00 61.03
C GLY YB 34 -76.87 68.53 61.42
N VAL YB 35 -78.07 67.95 61.55
CA VAL YB 35 -78.21 66.56 61.98
C VAL YB 35 -77.45 65.62 61.04
N ALA YB 36 -77.48 65.90 59.74
CA ALA YB 36 -76.67 65.13 58.80
C ALA YB 36 -75.19 65.21 59.15
N ASN YB 37 -74.66 66.44 59.27
CA ASN YB 37 -73.25 66.63 59.61
C ASN YB 37 -72.87 65.86 60.86
N TYR YB 38 -73.71 65.95 61.90
CA TYR YB 38 -73.59 65.05 63.04
C TYR YB 38 -73.49 63.61 62.56
N LEU YB 39 -74.62 62.90 62.45
CA LEU YB 39 -74.61 61.47 62.12
C LEU YB 39 -73.36 61.03 61.34
N TRP YB 40 -72.96 61.83 60.34
CA TRP YB 40 -71.68 61.62 59.67
C TRP YB 40 -70.53 61.58 60.67
N TYR YB 41 -70.43 62.59 61.55
CA TYR YB 41 -69.32 62.63 62.52
C TYR YB 41 -69.22 61.33 63.32
N ASP YB 42 -70.36 60.71 63.62
CA ASP YB 42 -70.38 59.51 64.44
C ASP YB 42 -69.89 58.31 63.67
N ASP YB 43 -70.38 58.13 62.44
CA ASP YB 43 -69.82 57.05 61.62
C ASP YB 43 -68.31 57.23 61.44
N ARG YB 44 -67.83 58.48 61.43
CA ARG YB 44 -66.40 58.71 61.29
C ARG YB 44 -65.62 58.35 62.56
N GLN YB 45 -66.19 58.63 63.73
CA GLN YB 45 -65.51 58.24 64.95
C GLN YB 45 -65.47 56.72 65.12
N SER YB 46 -66.57 56.05 64.73
CA SER YB 46 -66.55 54.58 64.72
C SER YB 46 -65.44 54.05 63.80
N GLU YB 47 -65.37 54.59 62.58
CA GLU YB 47 -64.31 54.15 61.67
C GLU YB 47 -62.93 54.40 62.25
N LEU YB 48 -62.75 55.54 62.92
CA LEU YB 48 -61.45 55.84 63.53
C LEU YB 48 -61.10 54.82 64.59
N GLU YB 49 -62.10 54.39 65.37
CA GLU YB 49 -61.83 53.40 66.42
C GLU YB 49 -61.48 52.04 65.84
N ALA YB 50 -62.22 51.60 64.82
CA ALA YB 50 -61.85 50.38 64.12
C ALA YB 50 -60.42 50.44 63.60
N HIS YB 51 -60.04 51.58 63.02
CA HIS YB 51 -58.73 51.70 62.40
C HIS YB 51 -57.61 51.75 63.45
N GLN YB 52 -57.86 52.39 64.59
CA GLN YB 52 -56.86 52.39 65.64
C GLN YB 52 -56.70 50.99 66.23
N ALA YB 53 -57.80 50.23 66.29
CA ALA YB 53 -57.69 48.81 66.63
C ALA YB 53 -56.77 48.09 65.63
N GLY YB 54 -56.96 48.32 64.35
CA GLY YB 54 -56.07 47.71 63.36
C GLY YB 54 -54.62 48.11 63.56
N VAL YB 55 -54.37 49.39 63.84
CA VAL YB 55 -53.00 49.87 64.04
C VAL YB 55 -52.37 49.18 65.24
N ALA YB 56 -53.11 49.06 66.35
CA ALA YB 56 -52.65 48.24 67.45
C ALA YB 56 -52.30 46.83 66.98
N SER YB 57 -53.11 46.26 66.08
CA SER YB 57 -52.82 44.93 65.57
C SER YB 57 -51.53 44.91 64.75
N THR YB 58 -51.13 46.04 64.18
CA THR YB 58 -49.78 46.15 63.62
C THR YB 58 -48.74 46.12 64.74
N LYS YB 59 -48.81 47.11 65.64
CA LYS YB 59 -47.76 47.30 66.63
C LYS YB 59 -47.54 46.07 67.50
N ALA YB 60 -48.54 45.18 67.59
CA ALA YB 60 -48.34 43.91 68.28
C ALA YB 60 -47.40 43.00 67.49
N ARG YB 61 -47.79 42.61 66.28
CA ARG YB 61 -47.04 41.60 65.55
C ARG YB 61 -45.70 42.12 65.04
N ILE YB 62 -45.56 43.42 64.80
CA ILE YB 62 -44.24 43.97 64.50
C ILE YB 62 -43.29 43.72 65.67
N ALA YB 63 -43.78 43.94 66.90
CA ALA YB 63 -42.98 43.62 68.09
C ALA YB 63 -42.65 42.14 68.13
N GLU YB 64 -43.67 41.29 67.92
CA GLU YB 64 -43.42 39.85 67.78
C GLU YB 64 -42.25 39.58 66.85
N LEU YB 65 -42.16 40.32 65.75
CA LEU YB 65 -41.19 40.01 64.71
C LEU YB 65 -39.81 40.57 65.01
N GLU YB 66 -39.76 41.74 65.65
CA GLU YB 66 -38.50 42.25 66.16
C GLU YB 66 -37.89 41.29 67.17
N LYS YB 67 -38.75 40.64 67.97
CA LYS YB 67 -38.25 39.66 68.93
C LYS YB 67 -37.79 38.38 68.21
N ILE YB 68 -38.60 37.87 67.28
CA ILE YB 68 -38.27 36.61 66.61
C ILE YB 68 -36.99 36.78 65.77
N ILE YB 69 -36.79 37.96 65.18
CA ILE YB 69 -35.57 38.20 64.43
C ILE YB 69 -34.40 38.47 65.37
N GLY YB 70 -34.65 39.11 66.52
CA GLY YB 70 -33.63 39.18 67.56
C GLY YB 70 -33.10 37.81 67.91
N GLU YB 71 -34.00 36.84 68.08
CA GLU YB 71 -33.58 35.45 68.19
C GLU YB 71 -32.75 35.05 66.98
N VAL YB 72 -33.34 35.08 65.77
CA VAL YB 72 -32.67 34.52 64.58
C VAL YB 72 -31.24 35.05 64.43
N LYS YB 73 -30.99 36.29 64.86
CA LYS YB 73 -29.65 36.84 64.75
C LYS YB 73 -28.76 36.39 65.91
N ASN YB 74 -29.22 36.62 67.16
CA ASN YB 74 -28.58 36.03 68.34
C ASN YB 74 -28.06 34.63 68.02
N ILE YB 75 -28.93 33.81 67.44
CA ILE YB 75 -28.68 32.54 66.78
C ILE YB 75 -27.50 32.58 65.82
N ASN YB 76 -27.70 33.22 64.66
CA ASN YB 76 -26.84 32.99 63.50
C ASN YB 76 -25.39 33.33 63.82
N THR YB 77 -25.17 34.28 64.73
CA THR YB 77 -23.78 34.60 65.03
C THR YB 77 -23.13 33.57 65.96
N ARG YB 78 -23.91 32.94 66.84
CA ARG YB 78 -23.33 31.92 67.72
C ARG YB 78 -23.02 30.62 66.99
N LYS YB 79 -23.70 30.36 65.87
CA LYS YB 79 -23.45 29.16 65.09
C LYS YB 79 -22.03 29.16 64.51
N ALA YB 80 -21.62 30.30 63.94
CA ALA YB 80 -20.31 30.41 63.31
C ALA YB 80 -19.17 30.27 64.33
N GLU YB 81 -19.49 30.34 65.63
CA GLU YB 81 -18.46 30.12 66.64
C GLU YB 81 -18.51 28.70 67.20
N VAL YB 82 -19.71 28.16 67.44
CA VAL YB 82 -19.78 26.74 67.77
C VAL YB 82 -19.07 25.94 66.68
N GLU YB 83 -19.64 25.98 65.47
CA GLU YB 83 -18.92 25.73 64.21
C GLU YB 83 -17.41 25.54 64.39
N LYS YB 84 -16.70 26.63 64.67
CA LYS YB 84 -15.25 26.66 64.52
C LYS YB 84 -14.55 26.10 65.76
N LYS YB 85 -15.06 26.44 66.95
CA LYS YB 85 -14.65 25.75 68.17
C LYS YB 85 -14.60 24.24 67.97
N LEU YB 86 -15.66 23.68 67.35
CA LEU YB 86 -15.75 22.23 67.22
C LEU YB 86 -14.85 21.69 66.12
N ALA YB 87 -14.72 22.42 65.01
CA ALA YB 87 -13.69 22.02 64.06
C ALA YB 87 -12.33 21.88 64.75
N VAL YB 88 -12.01 22.84 65.63
CA VAL YB 88 -10.85 22.71 66.51
C VAL YB 88 -10.92 21.42 67.31
N LEU YB 89 -12.09 21.15 67.92
CA LEU YB 89 -12.21 20.00 68.81
C LEU YB 89 -11.97 18.68 68.08
N ASP YB 90 -12.37 18.60 66.82
CA ASP YB 90 -12.17 17.40 66.01
C ASP YB 90 -10.74 17.31 65.51
N ALA YB 91 -10.03 18.44 65.39
CA ALA YB 91 -8.59 18.35 65.22
C ALA YB 91 -7.93 17.81 66.47
N LEU YB 92 -8.43 18.19 67.65
CA LEU YB 92 -7.79 17.84 68.91
C LEU YB 92 -8.03 16.39 69.31
N ARG YB 93 -9.24 15.87 69.09
CA ARG YB 93 -9.46 14.45 69.31
C ARG YB 93 -8.54 13.62 68.44
N LYS YB 94 -8.24 14.11 67.23
CA LYS YB 94 -7.23 13.48 66.40
C LYS YB 94 -5.83 13.72 66.97
N GLY YB 95 -5.65 14.79 67.73
CA GLY YB 95 -4.42 15.06 68.45
C GLY YB 95 -4.25 14.29 69.74
N ARG YB 96 -5.28 13.54 70.16
CA ARG YB 96 -5.16 12.63 71.29
C ARG YB 96 -5.23 11.17 70.89
N SER YB 97 -5.90 10.88 69.76
CA SER YB 97 -5.74 9.58 69.11
C SER YB 97 -4.33 9.44 68.55
N GLY YB 98 -3.81 10.54 67.98
CA GLY YB 98 -2.51 10.58 67.35
C GLY YB 98 -1.42 9.90 68.13
N PRO YB 99 -1.13 10.41 69.33
CA PRO YB 99 -0.08 9.82 70.17
C PRO YB 99 -0.34 8.38 70.58
N VAL YB 100 -1.36 7.72 70.04
CA VAL YB 100 -1.85 6.47 70.56
C VAL YB 100 -2.20 5.50 69.44
N ARG YB 101 -1.39 4.43 69.32
CA ARG YB 101 -1.88 3.06 69.14
C ARG YB 101 -1.38 2.23 67.96
N MET YB 102 -2.33 1.80 67.15
CA MET YB 102 -2.51 0.41 66.76
C MET YB 102 -1.38 -0.49 67.22
N MET YB 103 -1.72 -1.31 68.22
CA MET YB 103 -1.21 -2.62 68.59
C MET YB 103 -0.84 -2.64 70.06
N ASP YB 104 -1.48 -3.54 70.79
CA ASP YB 104 -1.40 -3.55 72.23
C ASP YB 104 -0.09 -4.20 72.67
N ALA YB 105 0.52 -3.63 73.69
CA ALA YB 105 1.82 -4.08 74.15
C ALA YB 105 1.94 -3.74 75.62
N LEU YB 106 3.00 -4.25 76.24
CA LEU YB 106 3.35 -3.93 77.62
C LEU YB 106 4.79 -3.45 77.58
N ALA YB 107 4.97 -2.16 77.39
CA ALA YB 107 6.30 -1.56 77.29
C ALA YB 107 6.33 -0.25 78.05
N SER YB 108 7.41 -0.04 78.80
CA SER YB 108 7.64 1.22 79.48
C SER YB 108 7.84 2.33 78.46
N ALA YB 109 8.98 2.31 77.77
CA ALA YB 109 9.25 3.22 76.68
C ALA YB 109 9.11 2.48 75.35
N THR YB 110 8.59 3.18 74.35
CA THR YB 110 8.38 2.62 73.02
C THR YB 110 9.40 3.19 72.04
N PRO YB 111 10.13 2.34 71.32
CA PRO YB 111 11.20 2.86 70.45
C PRO YB 111 10.72 3.74 69.30
N LYS YB 112 9.50 3.58 68.82
CA LYS YB 112 8.97 4.39 67.73
C LYS YB 112 7.99 5.43 68.28
N LYS YB 113 7.74 6.45 67.45
CA LYS YB 113 6.76 7.49 67.83
C LYS YB 113 5.45 6.87 68.28
N VAL YB 114 4.89 6.00 67.45
CA VAL YB 114 3.65 5.29 67.70
C VAL YB 114 3.99 3.80 67.68
N TRP YB 115 3.04 2.98 68.13
CA TRP YB 115 3.23 1.55 67.99
C TRP YB 115 2.93 1.10 66.57
N VAL YB 116 3.41 -0.08 66.24
CA VAL YB 116 3.26 -0.68 64.93
C VAL YB 116 3.03 -2.16 65.17
N LYS YB 117 2.99 -2.96 64.11
CA LYS YB 117 2.63 -4.35 64.27
C LYS YB 117 3.85 -5.25 64.21
N THR YB 118 4.26 -5.65 63.01
CA THR YB 118 5.32 -6.63 62.85
C THR YB 118 6.60 -5.97 62.32
N PHE YB 119 7.74 -6.60 62.61
CA PHE YB 119 9.05 -6.15 62.18
C PHE YB 119 9.86 -7.39 61.82
N SER YB 120 10.31 -7.48 60.57
CA SER YB 120 11.07 -8.64 60.13
C SER YB 120 12.21 -8.20 59.23
N GLU YB 121 13.43 -8.56 59.59
CA GLU YB 121 14.63 -8.06 58.95
C GLU YB 121 15.39 -9.18 58.24
N ASN YB 122 16.45 -8.78 57.52
CA ASN YB 122 17.32 -9.75 56.87
C ASN YB 122 18.75 -9.21 56.73
N ASN YB 123 19.16 -8.28 57.61
CA ASN YB 123 20.49 -7.71 57.65
C ASN YB 123 20.84 -6.95 56.37
N ASN YB 124 19.85 -6.68 55.52
CA ASN YB 124 20.05 -5.77 54.40
C ASN YB 124 18.85 -4.84 54.31
N ALA YB 125 17.67 -5.38 54.57
CA ALA YB 125 16.43 -4.62 54.56
C ALA YB 125 15.54 -5.11 55.69
N VAL YB 126 14.64 -4.24 56.12
CA VAL YB 126 13.62 -4.56 57.10
C VAL YB 126 12.27 -4.39 56.42
N SER YB 127 11.50 -5.45 56.35
CA SER YB 127 10.10 -5.39 55.94
C SER YB 127 9.28 -5.23 57.22
N ILE YB 128 8.58 -4.11 57.33
CA ILE YB 128 7.83 -3.81 58.54
C ILE YB 128 6.34 -3.82 58.20
N ASP YB 129 5.54 -3.85 59.25
CA ASP YB 129 4.08 -3.94 59.16
C ASP YB 129 3.57 -3.05 60.29
N GLY YB 130 2.77 -2.05 59.96
CA GLY YB 130 2.34 -1.19 61.04
C GLY YB 130 0.98 -0.58 60.89
N SER YB 131 0.76 0.50 61.63
CA SER YB 131 -0.45 1.29 61.54
C SER YB 131 -0.19 2.66 62.14
N ALA YB 132 -0.91 3.67 61.66
CA ALA YB 132 -0.72 5.05 62.12
C ALA YB 132 -2.08 5.69 62.25
N VAL YB 133 -2.09 6.94 62.75
CA VAL YB 133 -3.35 7.55 63.15
C VAL YB 133 -4.15 8.01 61.95
N SER YB 134 -3.49 8.41 60.87
CA SER YB 134 -4.20 9.04 59.76
C SER YB 134 -3.25 9.22 58.58
N HIS YB 135 -3.69 10.02 57.62
CA HIS YB 135 -2.92 10.43 56.45
C HIS YB 135 -1.82 11.41 56.85
N ASP YB 136 -1.65 11.60 58.15
CA ASP YB 136 -0.74 12.60 58.71
C ASP YB 136 0.43 11.96 59.43
N GLU YB 137 0.18 11.17 60.48
CA GLU YB 137 1.28 10.54 61.19
C GLU YB 137 1.99 9.48 60.35
N VAL YB 138 1.28 8.83 59.42
CA VAL YB 138 1.96 7.96 58.46
C VAL YB 138 2.74 8.82 57.47
N ALA YB 139 2.27 10.04 57.21
CA ALA YB 139 3.04 10.97 56.38
C ALA YB 139 4.25 11.51 57.13
N GLU YB 140 4.09 11.82 58.41
CA GLU YB 140 5.24 12.20 59.23
C GLU YB 140 6.27 11.08 59.26
N PHE YB 141 5.81 9.85 59.51
CA PHE YB 141 6.71 8.71 59.59
C PHE YB 141 7.39 8.45 58.25
N MET YB 142 6.63 8.50 57.15
CA MET YB 142 7.22 8.21 55.84
C MET YB 142 8.18 9.31 55.41
N ARG YB 143 7.89 10.56 55.80
CA ARG YB 143 8.81 11.65 55.51
C ARG YB 143 10.10 11.47 56.28
N GLY YB 144 10.01 11.06 57.56
CA GLY YB 144 11.20 10.85 58.36
C GLY YB 144 12.18 9.86 57.78
N LEU YB 145 11.76 9.08 56.77
CA LEU YB 145 12.64 8.09 56.16
C LEU YB 145 13.10 8.52 54.78
N ASN YB 146 12.34 8.13 53.76
CA ASN YB 146 12.78 8.30 52.39
C ASN YB 146 11.61 8.06 51.45
N GLY YB 147 11.82 8.42 50.19
CA GLY YB 147 10.82 8.34 49.14
C GLY YB 147 11.50 8.08 47.82
N VAL YB 148 11.00 7.10 47.07
CA VAL YB 148 11.78 6.44 46.04
C VAL YB 148 10.89 6.07 44.86
N VAL YB 149 11.47 6.16 43.66
CA VAL YB 149 10.85 5.62 42.45
C VAL YB 149 11.44 4.22 42.26
N TRP YB 150 10.65 3.21 42.61
CA TRP YB 150 11.10 1.83 42.49
C TRP YB 150 10.73 1.27 41.12
N THR YB 151 11.57 0.38 40.60
CA THR YB 151 11.37 -0.07 39.22
C THR YB 151 11.43 -1.61 39.13
N PRO YB 152 12.52 -2.27 38.63
CA PRO YB 152 12.33 -3.68 38.25
C PRO YB 152 12.31 -4.60 39.47
N LYS YB 153 11.13 -5.07 39.82
CA LYS YB 153 10.98 -5.88 41.02
C LYS YB 153 11.21 -7.35 40.71
N GLY YB 154 11.89 -8.04 41.63
CA GLY YB 154 12.07 -9.47 41.51
C GLY YB 154 11.12 -10.25 42.39
N MET YB 155 10.46 -11.26 41.81
CA MET YB 155 9.54 -12.09 42.58
C MET YB 155 10.30 -13.28 43.18
N GLY YB 156 10.02 -13.57 44.44
CA GLY YB 156 10.77 -14.59 45.16
C GLY YB 156 9.88 -15.35 46.11
N ARG YB 157 10.36 -16.55 46.48
CA ARG YB 157 9.55 -17.55 47.17
C ARG YB 157 9.01 -17.10 48.53
N LEU YB 158 9.49 -15.97 49.04
CA LEU YB 158 8.91 -15.42 50.26
C LEU YB 158 7.57 -14.73 50.01
N VAL YB 159 7.44 -14.05 48.87
CA VAL YB 159 6.16 -13.48 48.47
C VAL YB 159 5.07 -14.54 48.52
N ASP YB 160 5.31 -15.67 47.86
CA ASP YB 160 4.28 -16.72 47.80
C ASP YB 160 4.06 -17.36 49.16
N ARG YB 161 5.11 -17.44 49.99
CA ARG YB 161 4.90 -17.87 51.37
C ARG YB 161 4.05 -16.88 52.15
N ARG YB 162 3.99 -15.62 51.70
CA ARG YB 162 3.02 -14.68 52.25
C ARG YB 162 1.62 -14.94 51.69
N ARG YB 163 1.54 -15.20 50.38
CA ARG YB 163 0.26 -15.63 49.81
C ARG YB 163 -0.19 -16.97 50.37
N ASP YB 164 0.77 -17.83 50.74
CA ASP YB 164 0.42 -19.13 51.30
C ASP YB 164 -0.06 -19.03 52.74
N SER YB 165 0.13 -17.87 53.39
CA SER YB 165 0.06 -17.66 54.84
C SER YB 165 1.16 -18.40 55.57
N LYS YB 166 2.09 -19.01 54.85
CA LYS YB 166 3.03 -19.97 55.43
C LYS YB 166 4.09 -19.30 56.32
N THR YB 167 4.33 -18.00 56.14
CA THR YB 167 5.17 -17.19 57.03
C THR YB 167 4.22 -16.19 57.69
N ALA YB 168 4.02 -16.33 58.99
CA ALA YB 168 2.97 -15.61 59.68
C ALA YB 168 3.11 -14.10 59.50
N ARG YB 169 2.05 -13.47 59.02
CA ARG YB 169 1.95 -12.02 59.07
C ARG YB 169 0.49 -11.56 58.92
N VAL YB 170 0.30 -10.33 58.48
CA VAL YB 170 -1.02 -9.71 58.46
C VAL YB 170 -1.42 -9.32 57.04
N GLU YB 171 -2.21 -10.17 56.40
CA GLU YB 171 -2.37 -10.13 54.96
C GLU YB 171 -3.35 -9.07 54.48
N MET YB 172 -3.51 -8.02 55.26
CA MET YB 172 -3.82 -6.73 54.67
C MET YB 172 -2.68 -6.23 53.81
N LEU YB 173 -1.50 -6.84 53.92
CA LEU YB 173 -0.30 -6.22 53.40
C LEU YB 173 -0.04 -6.67 51.98
N THR YB 174 0.44 -5.74 51.16
CA THR YB 174 1.12 -6.13 49.95
C THR YB 174 2.39 -6.91 50.32
N SER YB 175 2.99 -7.55 49.31
CA SER YB 175 4.05 -8.50 49.59
C SER YB 175 5.44 -7.90 49.36
N ASP YB 176 6.39 -8.76 48.96
CA ASP YB 176 7.62 -8.35 48.29
C ASP YB 176 8.69 -7.80 49.24
N ALA YB 177 9.94 -7.77 48.75
CA ALA YB 177 11.08 -7.18 49.44
C ALA YB 177 12.34 -7.25 48.58
N THR YB 178 12.21 -7.10 47.26
CA THR YB 178 13.37 -7.20 46.37
C THR YB 178 13.10 -6.34 45.14
N ILE YB 179 13.94 -5.32 44.92
CA ILE YB 179 13.74 -4.38 43.82
C ILE YB 179 14.97 -3.50 43.63
N GLU YB 180 14.81 -2.39 42.89
CA GLU YB 180 15.87 -1.44 42.58
C GLU YB 180 15.29 -0.04 42.68
N GLU YB 181 15.99 0.85 43.38
CA GLU YB 181 15.36 2.03 43.95
C GLU YB 181 16.05 3.31 43.48
N PHE YB 182 15.25 4.28 43.10
CA PHE YB 182 15.74 5.61 42.75
C PHE YB 182 15.17 6.63 43.72
N PRO YB 183 16.01 7.51 44.25
CA PRO YB 183 15.54 8.45 45.28
C PRO YB 183 14.66 9.54 44.67
N GLU YB 184 13.52 9.79 45.33
CA GLU YB 184 12.70 10.96 45.03
C GLU YB 184 12.93 12.06 46.05
N ALA YB 185 12.73 11.74 47.34
CA ALA YB 185 12.97 12.66 48.44
C ALA YB 185 13.52 11.81 49.60
N GLN YB 186 14.04 12.48 50.61
CA GLN YB 186 14.95 11.86 51.57
C GLN YB 186 15.00 12.72 52.84
N VAL YB 187 15.01 12.11 54.01
CA VAL YB 187 15.16 12.94 55.21
C VAL YB 187 16.19 12.31 56.15
N SER YB 188 16.16 11.00 56.28
CA SER YB 188 17.22 10.31 57.00
C SER YB 188 18.31 9.87 56.03
N PRO YB 189 19.54 10.37 56.18
CA PRO YB 189 20.63 9.92 55.29
C PRO YB 189 20.96 8.47 55.44
N PHE YB 190 20.37 7.84 56.44
CA PHE YB 190 20.73 6.49 56.81
C PHE YB 190 19.77 5.46 56.22
N PHE YB 191 18.60 5.87 55.75
CA PHE YB 191 17.55 4.93 55.39
C PHE YB 191 17.06 5.17 53.97
N LYS YB 192 16.92 4.09 53.22
CA LYS YB 192 16.36 4.03 51.87
C LYS YB 192 15.05 3.24 52.00
N ASN YB 193 13.97 3.96 52.30
CA ASN YB 193 12.63 3.41 52.19
C ASN YB 193 12.32 3.19 50.72
N ILE YB 194 11.76 2.01 50.40
CA ILE YB 194 11.45 1.75 49.00
C ILE YB 194 10.14 2.42 48.60
N ASP YB 195 9.14 2.40 49.49
CA ASP YB 195 7.82 3.00 49.29
C ASP YB 195 6.88 2.58 50.43
N LEU YB 196 5.85 3.39 50.67
CA LEU YB 196 4.72 2.97 51.48
C LEU YB 196 3.96 1.91 50.68
N GLN YB 197 4.34 0.66 50.90
CA GLN YB 197 3.82 -0.44 50.09
C GLN YB 197 2.31 -0.51 50.09
N THR YB 198 1.67 -0.19 51.21
CA THR YB 198 0.21 -0.09 51.20
C THR YB 198 -0.27 0.64 52.44
N ALA YB 199 -1.55 1.02 52.42
CA ALA YB 199 -2.17 1.74 53.53
C ALA YB 199 -3.68 1.73 53.35
N LYS YB 200 -4.39 1.31 54.39
CA LYS YB 200 -5.82 1.07 54.37
C LYS YB 200 -6.40 1.43 55.73
N GLN YB 201 -7.35 2.36 55.76
CA GLN YB 201 -7.92 2.83 57.02
C GLN YB 201 -8.96 1.83 57.49
N VAL YB 202 -8.66 1.12 58.58
CA VAL YB 202 -9.51 0.05 59.08
C VAL YB 202 -10.48 0.65 60.09
N GLY YB 203 -11.78 0.56 59.79
CA GLY YB 203 -12.76 1.25 60.62
C GLY YB 203 -13.13 0.51 61.88
N GLY YB 204 -13.31 -0.81 61.79
CA GLY YB 204 -13.80 -1.59 62.91
C GLY YB 204 -15.27 -1.93 62.76
N ALA YB 205 -15.92 -2.16 63.89
CA ALA YB 205 -17.33 -2.52 63.86
C ALA YB 205 -17.99 -2.10 65.17
N GLN YB 206 -19.23 -2.55 65.37
CA GLN YB 206 -19.98 -2.26 66.59
C GLN YB 206 -19.36 -2.90 67.81
N VAL YB 207 -18.52 -3.92 67.62
CA VAL YB 207 -17.81 -4.52 68.75
C VAL YB 207 -16.62 -3.66 69.17
N GLY YB 208 -16.15 -2.77 68.31
CA GLY YB 208 -15.02 -1.92 68.66
C GLY YB 208 -14.32 -1.25 67.50
N VAL YB 209 -13.52 -0.25 67.81
CA VAL YB 209 -12.77 0.53 66.82
C VAL YB 209 -11.37 -0.01 66.57
N PRO YB 210 -10.79 0.36 65.42
CA PRO YB 210 -9.47 0.96 65.49
C PRO YB 210 -9.43 2.28 64.69
N ILE YB 211 -10.17 2.33 63.57
CA ILE YB 211 -10.41 3.53 62.76
C ILE YB 211 -9.15 4.00 62.05
N LEU YB 212 -7.98 3.51 62.46
CA LEU YB 212 -6.75 4.11 61.98
C LEU YB 212 -6.34 3.55 60.61
N VAL YB 213 -5.16 3.96 60.16
CA VAL YB 213 -4.65 3.57 58.85
C VAL YB 213 -3.60 2.47 59.04
N GLU YB 214 -4.02 1.24 58.79
CA GLU YB 214 -3.07 0.13 58.69
C GLU YB 214 -2.14 0.39 57.51
N PHE YB 215 -0.86 0.04 57.63
CA PHE YB 215 0.04 0.30 56.52
C PHE YB 215 1.15 -0.75 56.49
N LYS YB 216 1.91 -0.71 55.38
CA LYS YB 216 3.10 -1.53 55.23
C LYS YB 216 4.15 -0.82 54.39
N ILE YB 217 5.40 -0.94 54.86
CA ILE YB 217 6.60 -0.30 54.33
C ILE YB 217 7.75 -1.32 54.34
N THR YB 218 8.67 -1.20 53.38
CA THR YB 218 9.93 -1.93 53.41
C THR YB 218 11.09 -0.96 53.18
N MET YB 219 12.19 -1.15 53.93
CA MET YB 219 13.26 -0.15 53.97
C MET YB 219 14.62 -0.79 54.21
N THR YB 220 15.59 -0.47 53.35
CA THR YB 220 16.98 -0.84 53.58
C THR YB 220 17.72 0.35 54.18
N SER YB 221 18.54 0.06 55.19
CA SER YB 221 19.07 1.08 56.06
C SER YB 221 20.36 1.64 55.50
N ASN YB 222 21.33 1.88 56.39
CA ASN YB 222 22.70 2.00 55.91
C ASN YB 222 23.63 1.47 56.98
N TYR YB 223 24.90 1.33 56.63
CA TYR YB 223 25.51 0.02 56.41
C TYR YB 223 25.03 -0.98 57.45
N MET ZB 1 -80.50 110.73 54.58
CA MET ZB 1 -81.69 110.94 53.78
C MET ZB 1 -82.77 109.92 54.17
N ASP ZB 2 -84.02 110.38 54.29
CA ASP ZB 2 -84.97 109.68 55.14
C ASP ZB 2 -85.86 108.68 54.41
N LYS ZB 3 -86.24 108.93 53.15
CA LYS ZB 3 -87.00 107.95 52.40
C LYS ZB 3 -86.32 106.58 52.43
N TYR ZB 4 -85.01 106.55 52.20
CA TYR ZB 4 -84.26 105.32 52.35
C TYR ZB 4 -84.28 104.81 53.79
N LEU ZB 5 -84.37 105.73 54.76
CA LEU ZB 5 -84.32 105.31 56.17
C LEU ZB 5 -85.62 104.65 56.60
N ASP ZB 6 -86.74 105.01 55.98
CA ASP ZB 6 -88.00 104.35 56.32
C ASP ZB 6 -88.24 103.14 55.44
N GLN ZB 7 -87.60 103.10 54.25
CA GLN ZB 7 -87.40 101.80 53.61
C GLN ZB 7 -86.56 100.90 54.50
N PHE ZB 8 -85.69 101.49 55.33
CA PHE ZB 8 -84.89 100.74 56.30
C PHE ZB 8 -85.67 100.41 57.57
N VAL ZB 9 -86.73 101.15 57.89
CA VAL ZB 9 -87.56 100.80 59.04
C VAL ZB 9 -88.65 99.80 58.66
N LYS ZB 10 -89.00 99.72 57.36
CA LYS ZB 10 -90.05 98.79 56.92
C LYS ZB 10 -89.47 97.40 56.62
N ALA ZB 11 -88.39 97.33 55.82
CA ALA ZB 11 -87.95 96.08 55.19
C ALA ZB 11 -86.79 95.33 55.85
N PRO ZB 12 -85.68 95.99 56.21
CA PRO ZB 12 -84.42 95.25 56.47
C PRO ZB 12 -84.43 94.43 57.75
N PRO ZB 13 -85.52 94.37 58.52
CA PRO ZB 13 -85.67 93.16 59.34
C PRO ZB 13 -85.59 91.92 58.46
N ALA ZB 14 -86.34 91.95 57.36
CA ALA ZB 14 -86.32 90.82 56.41
C ALA ZB 14 -84.94 90.65 55.78
N ILE ZB 15 -84.29 91.75 55.40
CA ILE ZB 15 -83.03 91.64 54.66
C ILE ZB 15 -81.88 91.24 55.58
N LYS ZB 16 -81.85 91.78 56.80
CA LYS ZB 16 -80.84 91.37 57.75
C LYS ZB 16 -81.00 89.89 58.13
N PHE ZB 17 -82.24 89.48 58.44
CA PHE ZB 17 -82.49 88.08 58.72
C PHE ZB 17 -82.03 87.20 57.56
N GLY ZB 18 -82.37 87.60 56.33
CA GLY ZB 18 -81.96 86.84 55.17
C GLY ZB 18 -80.44 86.72 55.07
N GLY ZB 19 -79.74 87.84 55.23
CA GLY ZB 19 -78.28 87.79 55.18
C GLY ZB 19 -77.70 86.83 56.20
N LEU ZB 20 -78.19 86.92 57.44
CA LEU ZB 20 -77.79 85.96 58.47
C LEU ZB 20 -78.03 84.53 58.00
N ALA ZB 21 -79.14 84.29 57.30
CA ALA ZB 21 -79.47 82.94 56.88
C ALA ZB 21 -78.54 82.45 55.78
N PHE ZB 22 -78.25 83.29 54.79
CA PHE ZB 22 -77.31 82.86 53.75
C PHE ZB 22 -75.93 82.60 54.32
N VAL ZB 23 -75.53 83.40 55.32
CA VAL ZB 23 -74.24 83.18 55.98
C VAL ZB 23 -74.23 81.83 56.70
N VAL ZB 24 -75.28 81.54 57.48
CA VAL ZB 24 -75.29 80.28 58.23
C VAL ZB 24 -75.36 79.09 57.28
N GLY ZB 25 -76.05 79.25 56.15
CA GLY ZB 25 -76.04 78.22 55.13
C GLY ZB 25 -74.63 77.97 54.58
N ALA ZB 26 -73.90 79.05 54.29
CA ALA ZB 26 -72.52 78.90 53.82
C ALA ZB 26 -71.66 78.19 54.86
N LEU ZB 27 -71.77 78.57 56.12
CA LEU ZB 27 -70.95 77.98 57.16
C LEU ZB 27 -71.27 76.50 57.36
N THR ZB 28 -72.54 76.13 57.21
CA THR ZB 28 -72.89 74.71 57.29
C THR ZB 28 -72.38 73.94 56.08
N ALA ZB 29 -72.42 74.53 54.88
CA ALA ZB 29 -71.75 73.90 53.75
C ALA ZB 29 -70.28 73.66 54.08
N ALA ZB 30 -69.62 74.66 54.66
CA ALA ZB 30 -68.20 74.56 54.96
C ALA ZB 30 -67.90 73.46 55.99
N ASN ZB 31 -68.68 73.38 57.06
CA ASN ZB 31 -68.39 72.37 58.07
C ASN ZB 31 -68.75 70.97 57.60
N PHE ZB 32 -69.75 70.84 56.73
CA PHE ZB 32 -70.03 69.53 56.16
C PHE ZB 32 -68.90 69.08 55.24
N PHE ZB 33 -68.34 69.99 54.45
CA PHE ZB 33 -67.17 69.64 53.67
C PHE ZB 33 -65.99 69.28 54.57
N MET ZB 34 -65.85 70.01 55.68
CA MET ZB 34 -64.78 69.77 56.64
C MET ZB 34 -65.04 68.55 57.51
N VAL ZB 35 -66.19 67.87 57.38
CA VAL ZB 35 -66.31 66.54 57.94
C VAL ZB 35 -66.22 65.46 56.87
N ILE ZB 36 -66.43 65.81 55.59
CA ILE ZB 36 -66.23 64.84 54.52
C ILE ZB 36 -64.74 64.60 54.27
N GLN ZB 37 -63.93 65.65 54.33
CA GLN ZB 37 -62.50 65.48 54.09
C GLN ZB 37 -61.81 64.56 55.11
N PRO ZB 38 -62.07 64.66 56.43
CA PRO ZB 38 -61.46 63.69 57.35
C PRO ZB 38 -61.91 62.25 57.10
N THR ZB 39 -63.09 62.05 56.50
CA THR ZB 39 -63.47 60.72 56.07
C THR ZB 39 -62.48 60.15 55.08
N GLU ZB 40 -62.25 60.89 53.98
CA GLU ZB 40 -61.31 60.44 52.96
C GLU ZB 40 -59.93 60.22 53.53
N GLU ZB 41 -59.42 61.20 54.30
CA GLU ZB 41 -58.12 61.04 54.94
C GLU ZB 41 -58.09 59.77 55.78
N GLU ZB 42 -59.21 59.46 56.43
CA GLU ZB 42 -59.27 58.34 57.37
C GLU ZB 42 -59.24 57.01 56.63
N ILE ZB 43 -60.01 56.90 55.55
CA ILE ZB 43 -59.93 55.72 54.69
C ILE ZB 43 -58.51 55.55 54.18
N GLY ZB 44 -57.84 56.67 53.85
CA GLY ZB 44 -56.45 56.60 53.44
C GLY ZB 44 -55.54 55.99 54.50
N TRP ZB 45 -55.62 56.50 55.74
CA TRP ZB 45 -54.80 55.94 56.81
C TRP ZB 45 -55.14 54.48 57.07
N ALA ZB 46 -56.41 54.11 56.88
CA ALA ZB 46 -56.78 52.70 56.91
C ALA ZB 46 -55.96 51.91 55.90
N VAL ZB 47 -55.95 52.38 54.64
CA VAL ZB 47 -55.28 51.64 53.58
C VAL ZB 47 -53.78 51.56 53.83
N ALA ZB 48 -53.19 52.58 54.44
CA ALA ZB 48 -51.78 52.49 54.81
C ALA ZB 48 -51.57 51.44 55.90
N GLU ZB 49 -52.33 51.56 57.01
CA GLU ZB 49 -52.13 50.68 58.15
C GLU ZB 49 -52.29 49.22 57.76
N ARG ZB 50 -53.35 48.88 57.03
CA ARG ZB 50 -53.55 47.50 56.61
C ARG ZB 50 -52.37 47.00 55.78
N ARG ZB 51 -51.81 47.88 54.95
CA ARG ZB 51 -50.63 47.50 54.19
C ARG ZB 51 -49.43 47.29 55.09
N LYS ZB 52 -49.43 47.87 56.29
CA LYS ZB 52 -48.36 47.54 57.23
C LYS ZB 52 -48.63 46.20 57.94
N LEU ZB 53 -49.89 45.96 58.34
CA LEU ZB 53 -50.29 44.65 58.85
C LEU ZB 53 -49.80 43.53 57.92
N ASP ZB 54 -50.06 43.67 56.62
CA ASP ZB 54 -49.83 42.59 55.68
C ASP ZB 54 -48.36 42.35 55.36
N LEU ZB 55 -47.52 43.39 55.42
CA LEU ZB 55 -46.08 43.17 55.29
C LEU ZB 55 -45.50 42.55 56.56
N GLU ZB 56 -45.98 43.00 57.72
CA GLU ZB 56 -45.52 42.41 58.97
C GLU ZB 56 -45.84 40.94 59.03
N LEU ZB 57 -47.03 40.54 58.55
CA LEU ZB 57 -47.33 39.11 58.46
C LEU ZB 57 -46.33 38.40 57.57
N ALA ZB 58 -45.75 39.07 56.57
CA ALA ZB 58 -44.69 38.43 55.80
C ALA ZB 58 -43.45 38.22 56.67
N ASP ZB 59 -43.05 39.27 57.40
CA ASP ZB 59 -41.87 39.13 58.26
C ASP ZB 59 -42.05 38.02 59.29
N LYS ZB 60 -43.28 37.80 59.78
CA LYS ZB 60 -43.45 36.76 60.82
C LYS ZB 60 -43.14 35.37 60.27
N SER ZB 61 -43.68 35.04 59.10
CA SER ZB 61 -43.40 33.73 58.52
C SER ZB 61 -41.93 33.60 58.15
N GLU ZB 62 -41.34 34.67 57.59
CA GLU ZB 62 -39.92 34.61 57.25
C GLU ZB 62 -39.06 34.28 58.47
N ILE ZB 63 -39.29 34.99 59.58
CA ILE ZB 63 -38.43 34.80 60.75
C ILE ZB 63 -38.77 33.52 61.48
N ALA ZB 64 -40.02 33.08 61.45
CA ALA ZB 64 -40.36 31.78 62.03
C ALA ZB 64 -39.66 30.65 61.29
N GLN ZB 65 -39.57 30.77 59.95
CA GLN ZB 65 -38.83 29.81 59.16
C GLN ZB 65 -37.33 29.86 59.47
N ASN ZB 66 -36.79 31.08 59.66
CA ASN ZB 66 -35.39 31.20 60.03
C ASN ZB 66 -35.13 30.62 61.42
N LEU ZB 67 -36.11 30.71 62.33
CA LEU ZB 67 -36.00 30.08 63.65
C LEU ZB 67 -35.95 28.56 63.53
N ASN ZB 68 -36.90 27.99 62.78
CA ASN ZB 68 -36.86 26.56 62.50
C ASN ZB 68 -35.49 26.15 61.97
N GLU ZB 69 -34.96 26.89 60.99
CA GLU ZB 69 -33.65 26.56 60.45
C GLU ZB 69 -32.54 26.70 61.49
N ARG ZB 70 -32.71 27.63 62.45
CA ARG ZB 70 -31.76 27.60 63.55
C ARG ZB 70 -31.82 26.26 64.21
N ARG ZB 71 -32.96 25.97 64.86
CA ARG ZB 71 -33.13 24.80 65.70
C ARG ZB 71 -32.45 23.63 65.00
N ARG ZB 72 -32.88 23.44 63.74
CA ARG ZB 72 -32.22 22.61 62.75
C ARG ZB 72 -30.73 22.55 63.03
N GLU ZB 73 -29.99 23.62 62.79
CA GLU ZB 73 -28.54 23.35 62.87
C GLU ZB 73 -27.81 23.80 64.15
N MET ZB 74 -28.35 24.74 64.93
CA MET ZB 74 -27.72 25.05 66.20
C MET ZB 74 -27.77 23.86 67.16
N ASP ZB 75 -28.90 23.13 67.19
CA ASP ZB 75 -29.00 22.00 68.10
C ASP ZB 75 -28.15 20.83 67.62
N VAL ZB 76 -27.99 20.71 66.29
CA VAL ZB 76 -27.06 19.73 65.73
C VAL ZB 76 -25.62 20.14 66.05
N LEU ZB 77 -25.35 21.45 66.11
CA LEU ZB 77 -24.02 21.92 66.42
C LEU ZB 77 -23.71 21.73 67.90
N GLU ZB 78 -24.75 21.61 68.74
CA GLU ZB 78 -24.57 21.36 70.17
C GLU ZB 78 -24.47 19.87 70.50
N GLN ZB 79 -24.26 19.05 69.47
CA GLN ZB 79 -24.34 17.60 69.60
C GLN ZB 79 -23.16 17.07 70.41
N LYS ZB 80 -23.26 15.82 70.83
CA LYS ZB 80 -22.44 15.37 71.95
C LYS ZB 80 -21.50 14.21 71.65
N LEU ZB 81 -21.03 13.57 72.73
CA LEU ZB 81 -20.10 12.45 72.69
C LEU ZB 81 -20.62 11.24 71.95
N SER ZB 82 -20.12 11.07 70.73
CA SER ZB 82 -20.55 9.99 69.87
C SER ZB 82 -19.66 10.05 68.65
N GLU ZB 83 -20.27 9.93 67.48
CA GLU ZB 83 -19.73 10.65 66.35
C GLU ZB 83 -19.82 12.14 66.64
N ALA ZB 84 -18.86 12.89 66.10
CA ALA ZB 84 -18.90 14.35 66.11
C ALA ZB 84 -18.77 14.85 64.67
N LEU ZB 85 -19.48 15.92 64.35
CA LEU ZB 85 -19.48 16.48 63.00
C LEU ZB 85 -18.44 17.59 62.90
N THR ZB 86 -18.20 18.06 61.67
CA THR ZB 86 -17.68 19.40 61.47
C THR ZB 86 -18.85 20.36 61.51
N GLU ZB 87 -18.54 21.65 61.63
CA GLU ZB 87 -19.50 22.72 61.41
C GLU ZB 87 -20.31 22.45 60.16
N LEU ZB 88 -21.56 22.90 60.16
CA LEU ZB 88 -22.39 22.82 58.98
C LEU ZB 88 -22.98 24.19 58.66
N PRO ZB 89 -22.40 24.93 57.72
CA PRO ZB 89 -23.14 26.00 57.05
C PRO ZB 89 -23.92 25.44 55.87
N GLU ZB 90 -24.97 26.17 55.48
CA GLU ZB 90 -25.73 25.79 54.29
C GLU ZB 90 -24.84 25.98 53.07
N GLN ZB 91 -24.16 24.91 52.67
CA GLN ZB 91 -23.35 24.99 51.45
C GLN ZB 91 -24.25 25.02 50.22
N ARG ZB 92 -24.95 23.90 49.96
CA ARG ZB 92 -26.03 23.84 48.98
C ARG ZB 92 -25.53 24.18 47.56
N ASP ZB 93 -24.31 23.76 47.25
CA ASP ZB 93 -23.80 23.78 45.87
C ASP ZB 93 -22.89 22.56 45.72
N ILE ZB 94 -23.37 21.56 44.99
CA ILE ZB 94 -22.68 20.28 44.90
C ILE ZB 94 -21.77 20.24 43.68
N GLU ZB 95 -22.30 20.63 42.52
CA GLU ZB 95 -21.55 20.54 41.28
C GLU ZB 95 -20.26 21.36 41.33
N GLU ZB 96 -20.26 22.45 42.09
CA GLU ZB 96 -19.02 23.20 42.30
C GLU ZB 96 -18.06 22.42 43.18
N LEU ZB 97 -18.59 21.60 44.08
CA LEU ZB 97 -17.73 20.73 44.88
C LEU ZB 97 -17.06 19.69 43.99
N LEU ZB 98 -17.83 19.04 43.12
CA LEU ZB 98 -17.22 18.09 42.19
C LEU ZB 98 -16.19 18.78 41.30
N ALA ZB 99 -16.53 19.95 40.78
CA ALA ZB 99 -15.61 20.67 39.90
C ALA ZB 99 -14.32 21.02 40.62
N GLN ZB 100 -14.41 21.54 41.86
CA GLN ZB 100 -13.21 21.95 42.57
C GLN ZB 100 -12.39 20.75 43.01
N ILE ZB 101 -13.04 19.61 43.29
CA ILE ZB 101 -12.29 18.37 43.50
C ILE ZB 101 -11.50 18.02 42.26
N ASN ZB 102 -12.12 18.14 41.08
CA ASN ZB 102 -11.39 17.88 39.84
C ASN ZB 102 -10.20 18.83 39.69
N ASP ZB 103 -10.39 20.11 40.06
CA ASP ZB 103 -9.32 21.09 39.87
C ASP ZB 103 -8.15 20.84 40.81
N ILE ZB 104 -8.42 20.63 42.10
CA ILE ZB 104 -7.33 20.33 43.03
C ILE ZB 104 -6.67 19.01 42.65
N GLY ZB 105 -7.42 18.09 42.06
CA GLY ZB 105 -6.79 16.87 41.54
C GLY ZB 105 -5.83 17.18 40.41
N LYS ZB 106 -6.25 18.03 39.47
CA LYS ZB 106 -5.43 18.32 38.30
C LYS ZB 106 -4.17 19.08 38.68
N LYS ZB 107 -4.29 20.08 39.56
CA LYS ZB 107 -3.10 20.84 39.95
C LYS ZB 107 -2.19 20.05 40.87
N SER ZB 108 -2.68 18.97 41.46
CA SER ZB 108 -1.81 18.07 42.22
C SER ZB 108 -1.15 17.03 41.33
N GLY ZB 109 -1.52 16.97 40.04
CA GLY ZB 109 -0.91 16.03 39.10
C GLY ZB 109 -1.57 14.68 39.04
N LEU ZB 110 -2.70 14.47 39.73
CA LEU ZB 110 -3.30 13.15 39.81
C LEU ZB 110 -4.27 12.90 38.67
N GLU ZB 111 -4.30 11.66 38.20
CA GLU ZB 111 -5.33 11.22 37.25
C GLU ZB 111 -6.57 10.84 38.04
N LEU ZB 112 -7.67 11.54 37.81
CA LEU ZB 112 -8.93 11.27 38.49
C LEU ZB 112 -9.62 10.13 37.75
N SER ZB 113 -9.40 8.91 38.22
CA SER ZB 113 -9.92 7.74 37.51
C SER ZB 113 -11.41 7.53 37.75
N SER ZB 114 -11.96 8.03 38.86
CA SER ZB 114 -13.40 7.91 39.07
C SER ZB 114 -13.84 8.79 40.23
N VAL ZB 115 -14.91 9.56 40.02
CA VAL ZB 115 -15.62 10.22 41.10
C VAL ZB 115 -17.04 9.66 41.12
N THR ZB 116 -17.46 9.16 42.28
CA THR ZB 116 -18.75 8.50 42.40
C THR ZB 116 -19.53 9.14 43.55
N PRO ZB 117 -20.67 9.79 43.28
CA PRO ZB 117 -21.46 10.34 44.38
C PRO ZB 117 -22.03 9.21 45.23
N GLY ZB 118 -22.72 9.57 46.28
CA GLY ZB 118 -23.28 8.59 47.19
C GLY ZB 118 -24.78 8.66 47.27
N LYS ZB 119 -25.32 7.95 48.24
CA LYS ZB 119 -26.68 8.20 48.64
C LYS ZB 119 -26.71 9.08 49.87
N GLU ZB 120 -27.75 9.90 49.95
CA GLU ZB 120 -27.95 10.69 51.16
C GLU ZB 120 -28.26 9.77 52.33
N SER ZB 121 -27.69 10.08 53.49
CA SER ZB 121 -27.83 9.24 54.68
C SER ZB 121 -29.10 9.66 55.43
N VAL ZB 122 -30.22 9.03 55.06
CA VAL ZB 122 -31.52 9.43 55.60
C VAL ZB 122 -31.57 9.27 57.11
N GLY ZB 123 -30.80 8.34 57.67
CA GLY ZB 123 -30.68 8.22 59.11
C GLY ZB 123 -29.32 8.63 59.62
N GLY ZB 124 -28.70 9.59 58.95
CA GLY ZB 124 -27.40 10.11 59.36
C GLY ZB 124 -27.51 11.45 60.04
N GLY ZB 125 -28.72 11.82 60.41
CA GLY ZB 125 -28.98 13.10 61.05
C GLY ZB 125 -30.44 13.48 61.01
N GLU ZB 126 -30.95 14.10 62.08
CA GLU ZB 126 -32.31 14.59 62.04
C GLU ZB 126 -32.44 15.87 61.21
N PHE ZB 127 -31.38 16.68 61.18
CA PHE ZB 127 -31.45 17.98 60.53
C PHE ZB 127 -30.60 18.08 59.28
N PHE ZB 128 -30.05 16.96 58.77
CA PHE ZB 128 -29.18 17.02 57.61
C PHE ZB 128 -29.11 15.64 56.96
N ALA ZB 129 -29.18 15.62 55.64
CA ALA ZB 129 -28.90 14.44 54.83
C ALA ZB 129 -27.46 14.54 54.36
N ARG ZB 130 -26.62 13.63 54.82
CA ARG ZB 130 -25.24 13.59 54.38
C ARG ZB 130 -25.15 12.91 53.04
N ILE ZB 131 -24.56 13.59 52.06
CA ILE ZB 131 -24.23 12.98 50.77
C ILE ZB 131 -22.72 12.65 50.79
N PRO ZB 132 -22.36 11.38 50.70
CA PRO ZB 132 -20.93 11.03 50.58
C PRO ZB 132 -20.51 10.93 49.13
N ILE ZB 133 -19.25 11.31 48.88
CA ILE ZB 133 -18.65 11.28 47.55
C ILE ZB 133 -17.36 10.49 47.68
N LYS ZB 134 -17.25 9.42 46.92
CA LYS ZB 134 -16.05 8.59 46.91
C LYS ZB 134 -15.21 8.97 45.69
N MET ZB 135 -13.99 9.42 45.94
CA MET ZB 135 -13.09 9.88 44.89
C MET ZB 135 -11.92 8.91 44.73
N THR ZB 136 -11.47 8.75 43.48
CA THR ZB 136 -10.56 7.68 43.07
C THR ZB 136 -9.55 8.31 42.11
N VAL ZB 137 -8.36 8.56 42.63
CA VAL ZB 137 -7.30 9.32 41.95
C VAL ZB 137 -6.00 8.54 42.08
N SER ZB 138 -5.12 8.64 41.09
CA SER ZB 138 -3.89 7.86 41.09
C SER ZB 138 -2.68 8.77 40.87
N GLY ZB 139 -1.59 8.46 41.56
CA GLY ZB 139 -0.35 9.20 41.35
C GLY ZB 139 0.69 8.82 42.39
N ASN ZB 140 1.43 9.83 42.83
CA ASN ZB 140 2.51 9.66 43.79
C ASN ZB 140 2.00 9.93 45.21
N TYR ZB 141 2.69 9.32 46.19
CA TYR ZB 141 2.34 9.53 47.60
C TYR ZB 141 2.31 11.01 47.95
N HIS ZB 142 3.35 11.75 47.57
CA HIS ZB 142 3.40 13.19 47.80
C HIS ZB 142 2.18 13.88 47.19
N GLU ZB 143 1.78 13.45 45.99
CA GLU ZB 143 0.69 14.10 45.29
C GLU ZB 143 -0.67 13.78 45.91
N ILE ZB 144 -0.83 12.59 46.48
CA ILE ZB 144 -2.12 12.26 47.09
C ILE ZB 144 -2.23 12.89 48.48
N ALA ZB 145 -1.15 12.87 49.27
CA ALA ZB 145 -1.11 13.71 50.45
C ALA ZB 145 -1.48 15.14 50.11
N LEU ZB 146 -0.97 15.63 48.98
CA LEU ZB 146 -1.25 17.00 48.53
C LEU ZB 146 -2.74 17.18 48.24
N PHE ZB 147 -3.29 16.30 47.40
CA PHE ZB 147 -4.70 16.35 47.04
C PHE ZB 147 -5.59 16.36 48.29
N LEU ZB 148 -5.29 15.46 49.24
CA LEU ZB 148 -6.03 15.42 50.50
C LEU ZB 148 -5.93 16.74 51.24
N GLN ZB 149 -4.72 17.27 51.42
CA GLN ZB 149 -4.57 18.48 52.24
C GLN ZB 149 -5.24 19.68 51.57
N GLU ZB 150 -5.29 19.71 50.24
CA GLU ZB 150 -5.99 20.79 49.55
C GLU ZB 150 -7.50 20.67 49.73
N MET ZB 151 -8.04 19.45 49.66
CA MET ZB 151 -9.48 19.30 49.91
C MET ZB 151 -9.83 19.60 51.35
N ALA ZB 152 -8.89 19.35 52.27
CA ALA ZB 152 -9.07 19.71 53.67
C ALA ZB 152 -8.78 21.17 53.95
N ASN ZB 153 -8.30 21.92 52.96
CA ASN ZB 153 -8.18 23.37 53.09
C ASN ZB 153 -9.18 24.13 52.24
N MET ZB 154 -10.19 23.45 51.68
CA MET ZB 154 -11.15 24.10 50.81
C MET ZB 154 -12.13 24.95 51.62
N ARG ZB 155 -12.86 25.81 50.92
CA ARG ZB 155 -13.89 26.66 51.49
C ARG ZB 155 -15.27 26.02 51.44
N ARG ZB 156 -15.35 24.70 51.24
CA ARG ZB 156 -16.65 24.04 51.19
C ARG ZB 156 -16.60 22.81 52.10
N ILE ZB 157 -17.75 22.17 52.25
CA ILE ZB 157 -18.01 21.23 53.35
C ILE ZB 157 -17.66 19.81 52.93
N VAL ZB 158 -16.42 19.60 52.49
CA VAL ZB 158 -16.01 18.28 52.03
C VAL ZB 158 -15.16 17.62 53.10
N ASN ZB 159 -15.82 17.04 54.10
CA ASN ZB 159 -15.10 16.42 55.20
C ASN ZB 159 -14.56 15.05 54.80
N VAL ZB 160 -13.28 14.98 54.50
CA VAL ZB 160 -12.64 13.73 54.11
C VAL ZB 160 -12.44 12.86 55.35
N ASN ZB 161 -12.76 11.58 55.23
CA ASN ZB 161 -12.65 10.68 56.37
C ASN ZB 161 -11.83 9.44 56.05
N ASN ZB 162 -12.49 8.34 55.72
CA ASN ZB 162 -11.82 7.05 55.58
C ASN ZB 162 -11.05 7.01 54.27
N ILE ZB 163 -9.73 6.83 54.37
CA ILE ZB 163 -8.80 6.91 53.24
C ILE ZB 163 -8.22 5.53 52.97
N LYS ZB 164 -7.85 5.29 51.72
CA LYS ZB 164 -7.08 4.09 51.39
C LYS ZB 164 -6.28 4.36 50.13
N PHE ZB 165 -5.22 3.58 49.93
CA PHE ZB 165 -4.46 3.61 48.68
C PHE ZB 165 -3.52 2.42 48.64
N ASP ZB 166 -3.11 2.06 47.42
CA ASP ZB 166 -2.33 0.85 47.19
C ASP ZB 166 -1.59 1.00 45.87
N SER ZB 167 -0.70 0.06 45.58
CA SER ZB 167 0.14 0.12 44.40
C SER ZB 167 -0.60 -0.52 43.21
N ALA ZB 168 -0.88 0.29 42.18
CA ALA ZB 168 -1.80 -0.14 41.13
C ALA ZB 168 -1.19 -1.09 40.11
N LYS ZB 169 0.13 -1.29 40.14
CA LYS ZB 169 0.83 -2.08 39.14
C LYS ZB 169 0.95 -3.52 39.65
N LEU ZB 170 0.30 -4.46 38.93
CA LEU ZB 170 0.40 -5.88 39.27
C LEU ZB 170 1.85 -6.27 39.52
N LYS ZB 171 2.61 -6.38 38.43
CA LYS ZB 171 4.01 -6.80 38.48
C LYS ZB 171 4.88 -5.88 39.31
N ASN ZB 172 4.41 -4.67 39.61
CA ASN ZB 172 5.23 -3.68 40.31
C ASN ZB 172 6.52 -3.43 39.53
N GLU ZB 173 6.41 -2.73 38.40
CA GLU ZB 173 7.57 -2.36 37.60
C GLU ZB 173 7.80 -0.85 37.59
N LYS ZB 174 6.83 -0.07 38.07
CA LYS ZB 174 7.01 1.37 38.24
C LYS ZB 174 6.16 1.83 39.42
N VAL ZB 175 6.61 2.90 40.08
CA VAL ZB 175 5.85 3.41 41.21
C VAL ZB 175 4.54 4.03 40.72
N VAL ZB 176 3.45 3.69 41.41
CA VAL ZB 176 2.13 4.26 41.13
C VAL ZB 176 1.18 3.83 42.24
N LEU ZB 177 0.44 4.78 42.78
CA LEU ZB 177 -0.48 4.54 43.89
C LEU ZB 177 -1.88 4.96 43.49
N GLN ZB 178 -2.76 3.99 43.30
CA GLN ZB 178 -4.19 4.26 43.24
C GLN ZB 178 -4.69 4.59 44.64
N SER ZB 179 -5.49 5.63 44.75
CA SER ZB 179 -5.96 6.16 46.01
C SER ZB 179 -7.46 6.36 45.95
N GLU ZB 180 -8.16 5.95 47.01
CA GLU ZB 180 -9.59 6.07 47.10
C GLU ZB 180 -9.88 6.75 48.44
N PHE ZB 181 -10.31 8.01 48.36
CA PHE ZB 181 -10.65 8.81 49.53
C PHE ZB 181 -12.17 8.98 49.59
N GLN ZB 182 -12.72 8.96 50.79
CA GLN ZB 182 -14.14 9.18 51.00
C GLN ZB 182 -14.32 10.53 51.66
N ALA ZB 183 -15.17 11.37 51.07
CA ALA ZB 183 -15.37 12.73 51.57
C ALA ZB 183 -16.81 13.15 51.32
N THR ZB 184 -17.44 13.75 52.32
CA THR ZB 184 -18.88 13.95 52.32
C THR ZB 184 -19.26 15.38 52.68
N THR ZB 185 -20.38 15.85 52.12
CA THR ZB 185 -20.97 17.13 52.52
C THR ZB 185 -22.39 16.92 53.01
N PHE ZB 186 -22.89 17.89 53.79
CA PHE ZB 186 -24.09 17.66 54.61
C PHE ZB 186 -25.26 18.56 54.21
N ARG ZB 187 -26.02 18.16 53.18
CA ARG ZB 187 -27.21 18.91 52.77
C ARG ZB 187 -28.22 18.90 53.89
N PHE ZB 188 -29.30 19.68 53.76
CA PHE ZB 188 -30.36 19.66 54.76
C PHE ZB 188 -31.26 18.46 54.51
N VAL ZB 189 -32.25 18.24 55.38
CA VAL ZB 189 -33.08 17.05 55.30
C VAL ZB 189 -34.07 17.12 54.12
N ALA AC 37 -100.76 104.12 74.79
CA ALA AC 37 -101.35 104.95 75.84
C ALA AC 37 -102.24 106.03 75.23
N LYS AC 38 -103.05 106.68 76.07
CA LYS AC 38 -104.04 107.65 75.63
C LYS AC 38 -103.41 109.03 75.52
N GLY AC 39 -103.05 109.42 74.30
CA GLY AC 39 -102.37 110.67 74.05
C GLY AC 39 -103.22 111.69 73.29
N LYS AC 40 -102.91 112.97 73.53
CA LYS AC 40 -103.45 114.06 72.72
C LYS AC 40 -102.35 114.45 71.74
N LEU AC 41 -102.53 114.00 70.51
CA LEU AC 41 -101.49 113.99 69.50
C LEU AC 41 -101.39 115.39 68.90
N VAL AC 42 -101.10 115.51 67.60
CA VAL AC 42 -101.20 116.86 66.99
C VAL AC 42 -101.77 116.75 65.57
N LEU AC 43 -101.82 117.89 64.91
CA LEU AC 43 -102.47 117.97 63.61
C LEU AC 43 -101.77 118.95 62.69
N GLY AC 44 -101.25 118.42 61.59
CA GLY AC 44 -100.69 119.25 60.54
C GLY AC 44 -101.57 119.22 59.32
N LEU AC 45 -101.45 120.25 58.49
CA LEU AC 45 -102.03 120.23 57.16
C LEU AC 45 -100.95 119.81 56.16
N ASP AC 46 -100.72 118.50 56.10
CA ASP AC 46 -99.55 118.01 55.39
C ASP AC 46 -99.72 118.06 53.89
N ILE AC 47 -100.95 117.96 53.39
CA ILE AC 47 -101.16 118.07 51.96
C ILE AC 47 -101.80 119.42 51.64
N GLY AC 48 -101.30 120.47 52.29
CA GLY AC 48 -101.75 121.81 51.94
C GLY AC 48 -101.22 122.29 50.60
N SER AC 49 -100.08 121.77 50.17
CA SER AC 49 -99.46 122.18 48.90
C SER AC 49 -99.15 123.67 48.90
N THR AC 50 -100.13 124.53 49.18
CA THR AC 50 -99.80 125.94 49.38
C THR AC 50 -99.25 126.18 50.79
N SER AC 51 -99.73 125.44 51.79
CA SER AC 51 -99.31 125.74 53.15
C SER AC 51 -99.38 124.54 54.08
N ILE AC 52 -98.30 124.33 54.83
CA ILE AC 52 -98.24 123.39 55.94
C ILE AC 52 -98.75 124.12 57.18
N LYS AC 53 -99.87 123.65 57.72
CA LYS AC 53 -100.50 124.24 58.89
C LYS AC 53 -100.61 123.18 59.97
N MET AC 54 -100.65 123.60 61.23
CA MET AC 54 -100.64 122.66 62.35
C MET AC 54 -101.43 123.26 63.52
N ILE AC 55 -102.11 122.40 64.27
CA ILE AC 55 -103.02 122.86 65.33
C ILE AC 55 -102.90 121.96 66.55
N LEU AC 56 -102.89 122.58 67.73
CA LEU AC 56 -102.95 121.88 69.01
C LEU AC 56 -104.17 122.36 69.79
N LEU AC 57 -105.15 121.47 69.97
CA LEU AC 57 -106.21 121.61 70.96
C LEU AC 57 -105.95 120.62 72.10
N LYS AC 58 -106.43 120.95 73.30
CA LYS AC 58 -106.40 119.92 74.35
C LYS AC 58 -107.41 120.27 75.43
N GLU AC 59 -107.43 119.44 76.47
CA GLU AC 59 -108.24 119.64 77.65
C GLU AC 59 -107.78 120.90 78.39
N GLN AC 60 -108.45 122.02 78.13
CA GLN AC 60 -108.13 123.26 78.82
C GLN AC 60 -108.97 123.39 80.08
N ARG AC 61 -108.32 123.77 81.17
CA ARG AC 61 -108.98 123.96 82.46
C ARG AC 61 -109.27 125.43 82.69
N LYS AC 62 -110.52 125.74 83.02
CA LYS AC 62 -110.90 127.04 83.56
C LYS AC 62 -111.97 126.83 84.62
N ARG AC 63 -111.72 127.35 85.83
CA ARG AC 63 -112.68 127.30 86.94
C ARG AC 63 -113.13 125.87 87.24
N GLY AC 64 -112.16 124.96 87.27
CA GLY AC 64 -112.44 123.58 87.60
C GLY AC 64 -113.17 122.79 86.53
N GLU AC 65 -113.46 123.41 85.40
CA GLU AC 65 -114.05 122.73 84.26
C GLU AC 65 -113.00 122.56 83.17
N VAL AC 66 -113.17 121.53 82.35
CA VAL AC 66 -112.23 121.20 81.30
C VAL AC 66 -113.04 120.88 80.04
N ILE AC 67 -112.57 121.40 78.91
CA ILE AC 67 -113.12 121.05 77.60
C ILE AC 67 -112.00 121.17 76.59
N TYR AC 68 -112.19 120.51 75.44
CA TYR AC 68 -111.33 120.73 74.28
C TYR AC 68 -111.16 122.22 74.03
N ALA AC 69 -109.93 122.65 73.79
CA ALA AC 69 -109.71 124.06 73.51
C ALA AC 69 -108.45 124.26 72.70
N LEU AC 70 -108.46 125.30 71.87
CA LEU AC 70 -107.30 125.65 71.06
C LEU AC 70 -106.14 126.02 71.97
N GLN AC 71 -105.00 125.37 71.75
CA GLN AC 71 -103.77 125.67 72.46
C GLN AC 71 -102.76 126.38 71.59
N SER AC 72 -102.63 125.97 70.33
CA SER AC 72 -101.74 126.63 69.40
C SER AC 72 -102.15 126.28 67.98
N PHE AC 73 -101.49 126.93 67.03
CA PHE AC 73 -101.67 126.73 65.60
C PHE AC 73 -100.49 127.44 64.92
N GLY AC 74 -100.20 127.04 63.69
CA GLY AC 74 -99.02 127.52 63.01
C GLY AC 74 -99.14 127.27 61.53
N MET AC 75 -98.56 128.16 60.75
CA MET AC 75 -98.71 128.08 59.31
C MET AC 75 -97.44 128.58 58.63
N LYS AC 76 -96.96 127.78 57.68
CA LYS AC 76 -95.82 128.12 56.85
C LYS AC 76 -96.12 127.68 55.43
N PRO AC 77 -95.90 128.58 54.47
CA PRO AC 77 -96.00 128.23 53.05
C PRO AC 77 -95.19 126.98 52.72
N LEU AC 78 -95.83 126.01 52.05
CA LEU AC 78 -95.13 124.83 51.57
C LEU AC 78 -94.00 125.19 50.61
N PRO AC 79 -92.76 125.02 51.07
CA PRO AC 79 -91.62 124.92 50.16
C PRO AC 79 -91.94 124.07 48.94
N PRO AC 80 -91.86 124.67 47.75
CA PRO AC 80 -92.21 123.97 46.51
C PRO AC 80 -91.25 122.82 46.22
N GLU AC 81 -91.63 121.96 45.27
CA GLU AC 81 -90.81 120.82 44.92
C GLU AC 81 -90.85 119.74 46.01
N ALA AC 82 -91.38 120.12 47.18
CA ALA AC 82 -91.56 119.18 48.27
C ALA AC 82 -92.66 118.16 47.96
N ILE AC 83 -93.75 118.62 47.32
CA ILE AC 83 -94.82 117.73 46.91
C ILE AC 83 -94.97 117.83 45.40
N VAL AC 84 -94.95 116.69 44.74
CA VAL AC 84 -95.25 116.57 43.32
C VAL AC 84 -96.26 115.44 43.17
N ASP AC 85 -97.33 115.70 42.41
CA ASP AC 85 -98.39 114.74 42.12
C ASP AC 85 -98.96 114.08 43.38
N GLY AC 86 -99.00 114.81 44.49
CA GLY AC 86 -99.56 114.26 45.70
C GLY AC 86 -98.64 113.40 46.51
N ALA AC 87 -97.41 113.20 46.06
CA ALA AC 87 -96.40 112.43 46.78
C ALA AC 87 -95.33 113.36 47.33
N LEU AC 88 -94.73 112.96 48.46
CA LEU AC 88 -93.56 113.65 48.99
C LEU AC 88 -92.29 113.20 48.29
N MET AC 89 -91.95 113.87 47.19
CA MET AC 89 -90.68 113.63 46.51
C MET AC 89 -89.51 113.67 47.49
N ASN AC 90 -89.78 114.19 48.69
CA ASN AC 90 -88.71 114.71 49.54
C ASN AC 90 -89.14 114.79 51.00
N SER AC 91 -89.13 113.64 51.68
CA SER AC 91 -89.37 113.60 53.11
C SER AC 91 -88.58 114.68 53.85
N THR AC 92 -87.28 114.74 53.58
CA THR AC 92 -86.33 115.34 54.51
C THR AC 92 -86.61 116.83 54.68
N ALA AC 93 -86.74 117.54 53.56
CA ALA AC 93 -86.98 118.98 53.57
C ALA AC 93 -88.32 119.31 54.22
N ILE AC 94 -89.39 118.67 53.73
CA ILE AC 94 -90.71 118.79 54.38
C ILE AC 94 -90.58 118.59 55.88
N VAL AC 95 -89.73 117.63 56.29
CA VAL AC 95 -89.39 117.50 57.70
C VAL AC 95 -88.92 118.82 58.28
N GLN AC 96 -87.95 119.46 57.61
CA GLN AC 96 -87.47 120.72 58.17
C GLN AC 96 -88.61 121.69 58.38
N ALA AC 97 -89.52 121.75 57.43
CA ALA AC 97 -90.68 122.62 57.55
C ALA AC 97 -91.55 122.24 58.75
N VAL AC 98 -91.93 120.96 58.85
CA VAL AC 98 -92.79 120.50 59.94
C VAL AC 98 -92.20 120.83 61.30
N GLN AC 99 -90.88 120.65 61.46
CA GLN AC 99 -90.22 120.96 62.71
C GLN AC 99 -90.25 122.46 63.01
N ASP AC 100 -90.07 123.30 61.98
CA ASP AC 100 -90.36 124.72 62.13
C ASP AC 100 -91.76 124.93 62.68
N LEU AC 101 -92.75 124.21 62.12
CA LEU AC 101 -94.11 124.29 62.63
C LEU AC 101 -94.15 124.01 64.13
N MET AC 102 -93.51 122.93 64.57
CA MET AC 102 -93.64 122.49 65.95
C MET AC 102 -92.99 123.46 66.92
N SER AC 103 -91.81 124.01 66.56
CA SER AC 103 -91.14 124.96 67.44
C SER AC 103 -91.84 126.31 67.45
N GLU AC 104 -92.32 126.75 66.28
CA GLU AC 104 -93.19 127.93 66.22
C GLU AC 104 -94.37 127.76 67.17
N LEU AC 105 -95.03 126.62 67.08
CA LEU AC 105 -96.11 126.22 67.97
C LEU AC 105 -95.72 126.31 69.44
N LYS AC 106 -94.47 125.98 69.77
CA LYS AC 106 -94.01 125.83 71.15
C LYS AC 106 -94.71 124.65 71.83
N VAL AC 107 -94.77 123.51 71.15
CA VAL AC 107 -95.56 122.38 71.61
C VAL AC 107 -94.67 121.26 72.13
N LYS AC 108 -95.04 120.71 73.27
CA LYS AC 108 -94.39 119.51 73.75
C LYS AC 108 -94.68 118.27 72.91
N GLY AC 109 -95.87 118.20 72.33
CA GLY AC 109 -96.36 116.93 71.81
C GLY AC 109 -95.63 116.49 70.56
N LYS AC 110 -95.44 115.17 70.43
CA LYS AC 110 -94.75 114.56 69.31
C LYS AC 110 -95.54 113.45 68.66
N ASP AC 111 -96.83 113.34 68.93
CA ASP AC 111 -97.69 112.44 68.20
C ASP AC 111 -98.58 113.27 67.29
N VAL AC 112 -98.98 112.69 66.17
CA VAL AC 112 -99.65 113.46 65.13
C VAL AC 112 -100.68 112.60 64.43
N ALA AC 113 -101.80 113.22 64.07
CA ALA AC 113 -102.61 112.72 62.97
C ALA AC 113 -102.32 113.60 61.77
N ILE AC 114 -102.41 113.02 60.57
CA ILE AC 114 -102.25 113.82 59.36
C ILE AC 114 -103.15 113.29 58.26
N GLY AC 115 -102.97 113.78 57.06
CA GLY AC 115 -103.84 113.44 55.95
C GLY AC 115 -103.06 113.22 54.68
N VAL AC 116 -103.63 112.39 53.81
CA VAL AC 116 -103.05 112.13 52.49
C VAL AC 116 -103.57 113.17 51.50
N SER AC 117 -102.91 113.24 50.35
CA SER AC 117 -103.35 114.14 49.30
C SER AC 117 -104.62 113.60 48.65
N GLY AC 118 -105.57 114.50 48.39
CA GLY AC 118 -106.71 114.13 47.58
C GLY AC 118 -106.33 113.53 46.25
N HIS AC 119 -105.21 113.98 45.68
CA HIS AC 119 -104.68 113.39 44.46
C HIS AC 119 -104.01 112.05 44.70
N SER AC 120 -103.79 111.67 45.95
CA SER AC 120 -103.09 110.44 46.28
C SER AC 120 -104.02 109.33 46.76
N VAL AC 121 -105.31 109.62 46.92
CA VAL AC 121 -106.26 108.68 47.49
C VAL AC 121 -107.42 108.48 46.51
N ILE AC 122 -107.85 107.23 46.36
CA ILE AC 122 -109.10 106.89 45.71
C ILE AC 122 -110.14 106.67 46.80
N ILE AC 123 -111.20 107.47 46.77
CA ILE AC 123 -112.33 107.33 47.68
C ILE AC 123 -113.53 106.93 46.85
N LYS AC 124 -114.19 105.85 47.24
CA LYS AC 124 -115.37 105.48 46.47
C LYS AC 124 -116.22 104.47 47.25
N LYS AC 125 -117.52 104.47 46.96
CA LYS AC 125 -118.44 103.59 47.66
C LYS AC 125 -118.35 102.16 47.14
N ILE AC 126 -118.77 101.20 47.98
CA ILE AC 126 -118.67 99.76 47.70
C ILE AC 126 -119.79 98.99 48.41
N GLN AC 127 -120.51 98.14 47.67
CA GLN AC 127 -121.61 97.34 48.23
C GLN AC 127 -121.18 95.87 48.35
N MET AC 128 -121.45 95.26 49.52
CA MET AC 128 -120.99 93.91 49.87
C MET AC 128 -122.07 93.12 50.64
N PRO AC 129 -121.71 92.00 51.31
CA PRO AC 129 -122.63 91.45 52.33
C PRO AC 129 -122.06 91.45 53.75
N ARG AC 130 -122.92 91.76 54.72
CA ARG AC 130 -122.52 91.84 56.11
C ARG AC 130 -122.12 90.47 56.64
N MET AC 131 -120.91 90.41 57.22
CA MET AC 131 -120.42 89.16 57.81
C MET AC 131 -119.37 89.42 58.89
N SER AC 132 -118.53 88.41 59.13
CA SER AC 132 -117.41 88.53 60.04
C SER AC 132 -116.41 89.55 59.50
N GLN AC 133 -115.67 90.20 60.42
CA GLN AC 133 -114.77 91.28 60.03
C GLN AC 133 -113.75 90.82 59.00
N ASP AC 134 -113.12 89.67 59.24
CA ASP AC 134 -112.10 89.18 58.30
C ASP AC 134 -112.69 88.98 56.91
N GLU AC 135 -113.85 88.33 56.82
CA GLU AC 135 -114.47 88.08 55.53
C GLU AC 135 -114.86 89.38 54.83
N LEU AC 136 -115.20 90.41 55.61
CA LEU AC 136 -115.50 91.71 55.00
C LEU AC 136 -114.23 92.39 54.51
N GLU AC 137 -113.15 92.33 55.28
CA GLU AC 137 -111.94 93.00 54.85
C GLU AC 137 -111.39 92.36 53.58
N GLU AC 138 -111.35 91.02 53.56
CA GLU AC 138 -110.89 90.34 52.35
C GLU AC 138 -111.83 90.60 51.18
N SER AC 139 -113.13 90.41 51.39
CA SER AC 139 -114.10 90.70 50.32
C SER AC 139 -113.95 92.14 49.83
N ILE AC 140 -113.66 93.07 50.76
CA ILE AC 140 -113.52 94.49 50.43
C ILE AC 140 -112.31 94.70 49.53
N GLN AC 141 -111.18 94.12 49.91
CA GLN AC 141 -109.99 94.16 49.08
C GLN AC 141 -110.27 93.59 47.69
N TRP AC 142 -111.00 92.48 47.65
CA TRP AC 142 -111.30 91.81 46.38
C TRP AC 142 -112.12 92.71 45.47
N GLU AC 143 -113.10 93.42 46.02
CA GLU AC 143 -113.92 94.27 45.17
C GLU AC 143 -113.18 95.53 44.76
N ALA AC 144 -112.37 96.09 45.65
CA ALA AC 144 -111.55 97.24 45.29
C ALA AC 144 -110.55 96.93 44.19
N GLU AC 145 -110.19 95.65 44.05
CA GLU AC 145 -109.02 95.31 43.24
C GLU AC 145 -109.10 95.87 41.83
N GLN AC 146 -110.23 95.69 41.15
CA GLN AC 146 -110.44 96.24 39.82
C GLN AC 146 -110.47 97.78 39.79
N TYR AC 147 -110.82 98.44 40.91
CA TYR AC 147 -111.15 99.87 40.89
C TYR AC 147 -109.90 100.71 41.17
N ILE AC 148 -108.77 100.03 41.37
CA ILE AC 148 -107.47 100.57 41.71
C ILE AC 148 -106.55 100.34 40.51
N PRO AC 149 -106.15 101.39 39.79
CA PRO AC 149 -105.30 101.19 38.61
C PRO AC 149 -103.85 100.84 38.93
N PHE AC 150 -103.56 100.34 40.12
CA PHE AC 150 -102.22 99.90 40.47
C PHE AC 150 -102.29 98.49 41.04
N ASP AC 151 -101.15 97.83 41.11
CA ASP AC 151 -101.11 96.63 41.93
C ASP AC 151 -101.41 97.00 43.38
N VAL AC 152 -101.68 95.99 44.18
CA VAL AC 152 -101.74 96.19 45.63
C VAL AC 152 -100.43 95.62 46.17
N LYS AC 153 -99.40 96.41 46.43
CA LYS AC 153 -99.20 97.88 46.21
C LYS AC 153 -100.35 98.90 46.42
N ASP AC 154 -101.15 98.69 47.48
CA ASP AC 154 -102.14 99.67 47.91
C ASP AC 154 -102.53 99.42 49.37
N VAL AC 155 -102.59 100.50 50.15
CA VAL AC 155 -103.12 100.54 51.51
C VAL AC 155 -104.60 100.87 51.43
N ASN AC 156 -105.41 100.05 52.10
CA ASN AC 156 -106.86 100.06 51.95
C ASN AC 156 -107.51 100.18 53.32
N ILE AC 157 -108.59 100.97 53.40
CA ILE AC 157 -109.38 101.14 54.62
C ILE AC 157 -110.82 101.47 54.25
N ASP AC 158 -111.77 100.92 54.99
CA ASP AC 158 -113.17 101.18 54.69
C ASP AC 158 -113.88 101.70 55.93
N THR AC 159 -114.99 102.40 55.73
CA THR AC 159 -115.94 102.52 56.82
C THR AC 159 -117.35 102.41 56.27
N GLN AC 160 -118.28 101.99 57.13
CA GLN AC 160 -119.62 101.70 56.66
C GLN AC 160 -120.48 102.96 56.68
N ILE AC 161 -121.12 103.24 55.54
CA ILE AC 161 -121.95 104.43 55.40
C ILE AC 161 -123.19 104.38 56.27
N LEU AC 162 -123.59 103.18 56.70
CA LEU AC 162 -124.65 102.99 57.67
C LEU AC 162 -124.17 102.04 58.76
N ASP AC 163 -124.79 102.14 59.93
CA ASP AC 163 -124.37 101.34 61.08
C ASP AC 163 -124.54 99.86 60.79
N GLY AC 164 -123.46 99.09 60.98
CA GLY AC 164 -123.50 97.67 60.69
C GLY AC 164 -124.41 96.89 61.64
N GLY AC 165 -124.55 97.36 62.88
CA GLY AC 165 -125.42 96.69 63.83
C GLY AC 165 -126.89 96.76 63.47
N GLY AC 166 -127.27 97.66 62.56
CA GLY AC 166 -128.64 97.79 62.13
C GLY AC 166 -129.09 96.82 61.06
N ASN AC 167 -128.21 95.93 60.60
CA ASN AC 167 -128.54 94.96 59.57
C ASN AC 167 -127.94 93.61 59.94
N ASP AC 168 -128.54 92.56 59.38
CA ASP AC 168 -128.10 91.19 59.68
C ASP AC 168 -126.95 90.80 58.77
N ALA AC 169 -126.36 89.65 59.08
CA ALA AC 169 -125.36 89.04 58.21
C ALA AC 169 -125.97 88.81 56.82
N THR AC 170 -125.11 88.90 55.80
CA THR AC 170 -125.43 88.69 54.39
C THR AC 170 -126.23 89.82 53.76
N GLY AC 171 -126.78 90.73 54.55
CA GLY AC 171 -127.61 91.78 53.98
C GLY AC 171 -127.18 93.21 54.30
N GLN AC 172 -127.38 94.13 53.34
CA GLN AC 172 -127.20 95.57 53.55
C GLN AC 172 -125.79 95.93 54.03
N MET AC 173 -124.78 95.47 53.30
CA MET AC 173 -123.44 95.95 53.54
C MET AC 173 -123.13 97.08 52.58
N ASP AC 174 -122.54 98.13 53.13
CA ASP AC 174 -122.07 99.25 52.35
C ASP AC 174 -120.86 99.76 53.11
N VAL AC 175 -119.68 99.61 52.53
CA VAL AC 175 -118.50 100.28 53.03
C VAL AC 175 -118.08 101.24 51.93
N LEU AC 176 -117.36 102.28 52.30
CA LEU AC 176 -116.66 103.11 51.33
C LEU AC 176 -115.18 102.86 51.55
N LEU AC 177 -114.44 102.70 50.45
CA LEU AC 177 -113.02 102.40 50.49
C LEU AC 177 -112.20 103.64 50.19
N VAL AC 178 -111.17 103.81 51.02
CA VAL AC 178 -110.07 104.73 50.81
C VAL AC 178 -108.85 103.89 50.47
N ALA AC 179 -108.21 104.23 49.35
CA ALA AC 179 -107.14 103.42 48.78
C ALA AC 179 -105.99 104.31 48.37
N ALA AC 180 -104.76 103.81 48.53
CA ALA AC 180 -103.59 104.65 48.39
C ALA AC 180 -102.35 103.82 48.07
N LYS AC 181 -101.40 104.40 47.34
CA LYS AC 181 -100.15 103.71 47.08
C LYS AC 181 -99.27 103.68 48.33
N LYS AC 182 -98.51 102.60 48.50
CA LYS AC 182 -97.53 102.57 49.59
C LYS AC 182 -96.55 103.72 49.48
N ASP AC 183 -96.11 104.03 48.27
CA ASP AC 183 -95.06 105.03 48.11
C ASP AC 183 -95.50 106.37 48.68
N MET AC 184 -96.79 106.68 48.58
CA MET AC 184 -97.30 107.91 49.18
C MET AC 184 -97.27 107.83 50.70
N ILE AC 185 -97.98 106.85 51.27
CA ILE AC 185 -97.98 106.63 52.72
C ILE AC 185 -96.56 106.61 53.27
N ASN AC 186 -95.67 105.88 52.60
CA ASN AC 186 -94.28 105.73 53.03
C ASN AC 186 -93.54 107.06 52.97
N ASP AC 187 -93.83 107.87 51.94
CA ASP AC 187 -93.31 109.23 51.89
C ASP AC 187 -93.74 110.01 53.12
N TYR AC 188 -95.02 109.89 53.48
CA TYR AC 188 -95.56 110.68 54.58
C TYR AC 188 -95.01 110.21 55.93
N THR AC 189 -95.06 108.90 56.20
CA THR AC 189 -94.42 108.36 57.38
C THR AC 189 -92.95 108.69 57.43
N THR AC 190 -92.30 108.81 56.26
CA THR AC 190 -90.93 109.30 56.26
C THR AC 190 -90.85 110.70 56.86
N VAL AC 191 -91.57 111.65 56.24
CA VAL AC 191 -91.58 113.03 56.76
C VAL AC 191 -91.86 113.05 58.25
N VAL AC 192 -92.78 112.19 58.70
CA VAL AC 192 -93.21 112.25 60.10
C VAL AC 192 -92.13 111.69 61.02
N SER AC 193 -91.68 110.47 60.72
CA SER AC 193 -90.56 109.87 61.42
C SER AC 193 -89.42 110.87 61.62
N GLU AC 194 -89.16 111.74 60.64
CA GLU AC 194 -87.96 112.57 60.79
C GLU AC 194 -88.25 113.85 61.59
N ALA AC 195 -89.48 114.40 61.53
CA ALA AC 195 -89.82 115.52 62.41
C ALA AC 195 -89.83 115.13 63.88
N GLY AC 196 -89.48 113.89 64.20
CA GLY AC 196 -89.63 113.39 65.54
C GLY AC 196 -91.06 113.11 65.94
N LEU AC 197 -91.97 113.06 64.97
CA LEU AC 197 -93.38 112.82 65.21
C LEU AC 197 -93.71 111.35 65.07
N ALA AC 198 -94.79 110.93 65.73
CA ALA AC 198 -95.29 109.57 65.64
C ALA AC 198 -96.74 109.60 65.18
N PRO AC 199 -97.06 109.05 64.02
CA PRO AC 199 -98.45 109.10 63.55
C PRO AC 199 -99.29 108.00 64.18
N VAL AC 200 -100.55 108.34 64.47
CA VAL AC 200 -101.52 107.34 64.90
C VAL AC 200 -102.68 107.21 63.92
N VAL AC 201 -102.97 108.24 63.13
CA VAL AC 201 -104.07 108.24 62.18
C VAL AC 201 -103.60 108.93 60.91
N VAL AC 202 -103.78 108.27 59.77
CA VAL AC 202 -103.59 108.88 58.46
C VAL AC 202 -104.97 108.97 57.82
N ASP AC 203 -105.57 110.15 57.94
CA ASP AC 203 -106.96 110.36 57.60
C ASP AC 203 -107.03 110.96 56.20
N VAL AC 204 -108.23 111.29 55.73
CA VAL AC 204 -108.43 111.87 54.42
C VAL AC 204 -109.13 113.21 54.59
N ASP AC 205 -108.83 114.17 53.70
CA ASP AC 205 -109.15 115.56 53.98
C ASP AC 205 -110.64 115.85 53.82
N ALA AC 206 -111.30 115.21 52.85
CA ALA AC 206 -112.71 115.51 52.58
C ALA AC 206 -113.61 115.21 53.78
N PHE AC 207 -113.17 114.31 54.66
CA PHE AC 207 -113.94 113.95 55.86
C PHE AC 207 -113.36 114.56 57.12
N ALA AC 208 -112.03 114.75 57.14
CA ALA AC 208 -111.41 115.44 58.26
C ALA AC 208 -111.88 116.88 58.35
N VAL AC 209 -112.15 117.50 57.20
CA VAL AC 209 -112.65 118.88 57.18
C VAL AC 209 -114.03 118.99 57.81
N GLN AC 210 -114.74 117.87 57.95
CA GLN AC 210 -116.11 117.87 58.42
C GLN AC 210 -116.23 117.80 59.94
N ASN AC 211 -115.19 117.33 60.64
CA ASN AC 211 -115.28 117.09 62.07
C ASN AC 211 -115.60 118.36 62.86
N MET AC 212 -115.25 119.51 62.31
CA MET AC 212 -115.53 120.79 62.93
C MET AC 212 -116.99 121.16 62.84
N PHE AC 213 -117.65 120.70 61.79
CA PHE AC 213 -119.03 121.00 61.55
C PHE AC 213 -119.96 119.84 61.91
N SER AC 214 -119.40 118.73 62.43
CA SER AC 214 -120.18 117.52 62.63
C SER AC 214 -121.31 117.69 63.63
N VAL AC 215 -121.08 118.43 64.71
CA VAL AC 215 -122.15 118.70 65.67
C VAL AC 215 -123.24 119.52 65.01
N ASN AC 216 -122.85 120.61 64.35
CA ASN AC 216 -123.80 121.52 63.72
C ASN AC 216 -124.60 120.83 62.62
N TYR AC 217 -123.97 119.87 61.94
CA TYR AC 217 -124.65 119.04 60.94
C TYR AC 217 -125.58 118.04 61.63
N ASP AC 218 -125.15 117.49 62.76
CA ASP AC 218 -125.99 116.54 63.49
C ASP AC 218 -127.22 117.22 64.06
N VAL AC 219 -127.22 118.55 64.11
CA VAL AC 219 -128.44 119.28 64.50
C VAL AC 219 -129.57 119.04 63.50
N PRO AC 220 -129.39 119.21 62.16
CA PRO AC 220 -130.45 118.76 61.24
C PRO AC 220 -130.22 117.35 60.69
N GLU AC 221 -131.00 116.35 61.15
CA GLU AC 221 -130.64 114.97 60.84
C GLU AC 221 -131.16 114.50 59.48
N ARG AC 222 -132.11 115.22 58.88
CA ARG AC 222 -132.62 114.85 57.58
C ARG AC 222 -132.34 115.89 56.50
N GLU AC 223 -131.54 116.92 56.80
CA GLU AC 223 -131.20 117.93 55.82
C GLU AC 223 -129.98 117.51 55.01
N THR AC 224 -130.08 117.70 53.69
CA THR AC 224 -128.99 117.40 52.76
C THR AC 224 -128.09 118.64 52.65
N VAL AC 225 -126.83 118.50 53.01
CA VAL AC 225 -125.88 119.60 53.04
C VAL AC 225 -124.73 119.29 52.10
N VAL AC 226 -124.23 120.31 51.39
CA VAL AC 226 -122.99 120.14 50.64
C VAL AC 226 -121.88 120.85 51.38
N LEU AC 227 -120.67 120.31 51.27
CA LEU AC 227 -119.48 120.90 51.82
C LEU AC 227 -118.40 120.90 50.74
N ILE AC 228 -117.99 122.08 50.33
CA ILE AC 228 -116.92 122.26 49.36
C ILE AC 228 -115.66 122.65 50.12
N ASN AC 229 -114.56 121.96 49.86
CA ASN AC 229 -113.24 122.42 50.30
C ASN AC 229 -112.46 122.73 49.03
N ALA AC 230 -112.35 124.02 48.72
CA ALA AC 230 -111.57 124.49 47.59
C ALA AC 230 -110.15 124.73 48.07
N GLY AC 231 -109.25 123.81 47.75
CA GLY AC 231 -107.86 123.89 48.13
C GLY AC 231 -107.01 124.47 47.02
N ALA AC 232 -105.70 124.26 47.14
CA ALA AC 232 -104.77 124.69 46.11
C ALA AC 232 -104.47 123.60 45.09
N SER AC 233 -104.61 122.33 45.47
CA SER AC 233 -104.36 121.22 44.56
C SER AC 233 -105.62 120.54 44.06
N VAL AC 234 -106.74 120.71 44.76
CA VAL AC 234 -107.94 119.93 44.50
C VAL AC 234 -109.11 120.64 45.17
N VAL AC 235 -110.31 120.41 44.65
CA VAL AC 235 -111.54 120.85 45.31
C VAL AC 235 -112.35 119.61 45.63
N ASN AC 236 -112.66 119.41 46.91
CA ASN AC 236 -113.53 118.29 47.25
C ASN AC 236 -114.96 118.75 47.48
N ILE AC 237 -115.87 117.90 47.06
CA ILE AC 237 -117.29 117.99 47.38
C ILE AC 237 -117.61 116.75 48.21
N ASN AC 238 -118.12 116.96 49.42
CA ASN AC 238 -118.81 115.86 50.06
C ASN AC 238 -120.20 116.36 50.41
N ILE AC 239 -121.21 115.53 50.16
CA ILE AC 239 -122.60 115.86 50.44
C ILE AC 239 -123.20 114.80 51.33
N ILE AC 240 -123.98 115.26 52.32
CA ILE AC 240 -124.40 114.52 53.50
C ILE AC 240 -125.89 114.66 53.73
N SER AC 241 -126.45 113.67 54.43
CA SER AC 241 -127.68 113.84 55.20
C SER AC 241 -127.31 113.79 56.67
N ASN AC 242 -127.44 114.92 57.36
CA ASN AC 242 -126.97 115.10 58.73
C ASN AC 242 -125.44 115.17 58.67
N GLY AC 243 -124.73 114.51 59.58
CA GLY AC 243 -123.30 114.28 59.44
C GLY AC 243 -123.07 112.86 58.99
N ALA AC 244 -123.91 112.40 58.07
CA ALA AC 244 -123.76 111.09 57.42
C ALA AC 244 -123.41 111.35 55.97
N THR AC 245 -122.13 111.15 55.63
CA THR AC 245 -121.72 111.36 54.25
C THR AC 245 -122.52 110.46 53.32
N VAL AC 246 -123.05 111.07 52.26
CA VAL AC 246 -123.68 110.32 51.19
C VAL AC 246 -122.72 110.11 50.03
N PHE AC 247 -121.89 111.10 49.72
CA PHE AC 247 -120.86 110.84 48.72
C PHE AC 247 -119.80 111.93 48.74
N THR AC 248 -118.71 111.65 48.03
CA THR AC 248 -117.58 112.57 47.84
C THR AC 248 -117.10 112.50 46.40
N ARG AC 249 -116.59 113.62 45.90
CA ARG AC 249 -116.05 113.73 44.56
C ARG AC 249 -114.95 114.79 44.57
N ASP AC 250 -113.84 114.49 43.89
CA ASP AC 250 -112.66 115.34 43.92
C ASP AC 250 -112.37 115.86 42.52
N VAL AC 251 -112.22 117.17 42.41
CA VAL AC 251 -112.06 117.87 41.15
C VAL AC 251 -110.65 118.44 41.07
N THR AC 252 -109.97 118.17 39.94
CA THR AC 252 -108.59 118.60 39.77
C THR AC 252 -108.46 120.11 39.87
N ILE AC 253 -109.51 120.84 39.57
CA ILE AC 253 -109.47 122.30 39.54
C ILE AC 253 -109.36 122.84 40.95
N GLY AC 254 -108.64 123.93 41.11
CA GLY AC 254 -108.44 124.53 42.41
C GLY AC 254 -107.86 125.92 42.27
N GLY AC 255 -107.36 126.45 43.39
CA GLY AC 255 -106.83 127.81 43.40
C GLY AC 255 -105.55 127.96 42.58
N ASN AC 256 -104.78 126.87 42.49
CA ASN AC 256 -103.61 126.88 41.62
C ASN AC 256 -103.97 127.29 40.21
N GLN AC 257 -105.16 126.89 39.73
CA GLN AC 257 -105.57 127.24 38.39
C GLN AC 257 -105.83 128.73 38.26
N PHE AC 258 -106.45 129.35 39.25
CA PHE AC 258 -106.65 130.80 39.23
C PHE AC 258 -105.29 131.52 39.19
N THR AC 259 -104.40 131.17 40.13
CA THR AC 259 -103.08 131.79 40.14
C THR AC 259 -102.37 131.60 38.81
N GLU AC 260 -102.46 130.40 38.23
CA GLU AC 260 -101.76 130.11 36.98
C GLU AC 260 -102.34 130.89 35.81
N GLU AC 261 -103.65 131.17 35.83
CA GLU AC 261 -104.21 132.01 34.77
C GLU AC 261 -103.73 133.45 34.90
N ILE AC 262 -103.71 133.97 36.13
CA ILE AC 262 -103.14 135.30 36.35
C ILE AC 262 -101.70 135.35 35.83
N GLN AC 263 -100.89 134.38 36.24
CA GLN AC 263 -99.50 134.30 35.81
C GLN AC 263 -99.38 134.26 34.29
N LYS AC 264 -100.17 133.40 33.63
CA LYS AC 264 -100.17 133.34 32.18
C LYS AC 264 -100.45 134.71 31.57
N GLN AC 265 -101.51 135.38 32.04
CA GLN AC 265 -101.95 136.60 31.38
C GLN AC 265 -101.13 137.83 31.74
N LEU AC 266 -100.21 137.75 32.71
CA LEU AC 266 -99.36 138.91 32.97
C LEU AC 266 -97.89 138.51 33.12
N ASN AC 267 -97.47 137.43 32.45
CA ASN AC 267 -96.16 136.78 32.60
C ASN AC 267 -95.51 137.12 33.93
N VAL AC 268 -96.16 136.69 35.00
CA VAL AC 268 -95.78 136.95 36.39
C VAL AC 268 -95.22 135.65 36.97
N SER AC 269 -94.47 135.75 38.08
CA SER AC 269 -94.07 134.53 38.80
C SER AC 269 -95.27 133.98 39.56
N TYR AC 270 -95.19 132.73 40.03
CA TYR AC 270 -96.34 132.14 40.73
C TYR AC 270 -96.69 132.93 41.98
N GLU AC 271 -95.69 133.34 42.77
CA GLU AC 271 -95.97 133.98 44.05
C GLU AC 271 -96.60 135.36 43.85
N GLU AC 272 -96.06 136.15 42.93
CA GLU AC 272 -96.63 137.48 42.68
C GLU AC 272 -98.02 137.38 42.08
N ALA AC 273 -98.25 136.40 41.20
CA ALA AC 273 -99.59 136.18 40.69
C ALA AC 273 -100.54 135.76 41.81
N GLU AC 274 -100.01 135.03 42.80
CA GLU AC 274 -100.81 134.64 43.95
C GLU AC 274 -101.20 135.85 44.79
N ALA AC 275 -100.23 136.73 45.05
CA ALA AC 275 -100.53 137.95 45.79
C ALA AC 275 -101.54 138.81 45.05
N LEU AC 276 -101.34 138.97 43.73
CA LEU AC 276 -102.30 139.72 42.92
C LEU AC 276 -103.69 139.12 43.04
N LYS AC 277 -103.76 137.78 43.09
CA LYS AC 277 -105.04 137.12 43.35
C LYS AC 277 -105.61 137.56 44.70
N ILE AC 278 -104.89 137.27 45.79
CA ILE AC 278 -105.31 137.61 47.15
C ILE AC 278 -105.70 139.08 47.27
N GLY AC 279 -104.69 139.95 47.44
CA GLY AC 279 -104.98 141.35 47.67
C GLY AC 279 -105.53 142.07 46.46
N GLY AC 280 -105.06 141.69 45.27
CA GLY AC 280 -105.64 142.22 44.05
C GLY AC 280 -107.14 142.12 44.00
N ASN AC 281 -107.70 140.96 44.37
CA ASN AC 281 -109.12 140.70 44.16
C ASN AC 281 -110.04 141.24 45.25
N GLY AC 282 -109.52 141.62 46.42
CA GLY AC 282 -110.38 141.96 47.54
C GLY AC 282 -110.22 143.31 48.21
N ALA AC 283 -109.23 144.10 47.81
CA ALA AC 283 -109.00 145.39 48.47
C ALA AC 283 -110.15 146.35 48.21
N ASP AC 284 -110.33 147.31 49.11
CA ASP AC 284 -111.31 148.36 48.88
C ASP AC 284 -110.89 149.25 47.71
N ALA AC 285 -109.60 149.31 47.43
CA ALA AC 285 -109.06 150.10 46.33
C ALA AC 285 -108.96 149.33 45.03
N ASP AC 286 -109.56 148.14 44.94
CA ASP AC 286 -109.33 147.25 43.81
C ASP AC 286 -110.22 147.52 42.61
N ALA AC 287 -110.80 148.72 42.51
CA ALA AC 287 -111.86 148.97 41.53
C ALA AC 287 -111.36 148.82 40.09
N VAL AC 288 -110.05 149.00 39.86
CA VAL AC 288 -109.54 149.02 38.49
C VAL AC 288 -109.05 147.65 38.06
N VAL AC 289 -108.80 146.79 39.03
CA VAL AC 289 -108.15 145.49 38.87
C VAL AC 289 -109.13 144.33 38.75
N PRO AC 290 -110.47 144.46 38.92
CA PRO AC 290 -111.28 143.26 38.69
C PRO AC 290 -111.65 143.12 37.24
N GLN AC 291 -111.38 144.14 36.44
CA GLN AC 291 -111.40 143.98 34.99
C GLN AC 291 -110.17 143.22 34.54
N ASP AC 292 -108.98 143.72 34.89
CA ASP AC 292 -107.74 143.10 34.46
C ASP AC 292 -107.62 141.68 34.99
N VAL AC 293 -108.01 141.46 36.24
CA VAL AC 293 -107.92 140.14 36.83
C VAL AC 293 -109.12 139.29 36.45
N GLU AC 294 -110.33 139.81 36.66
CA GLU AC 294 -111.52 139.01 36.41
C GLU AC 294 -111.52 138.48 34.98
N ARG AC 295 -111.10 139.31 34.02
CA ARG AC 295 -110.99 138.83 32.64
C ARG AC 295 -109.98 137.69 32.54
N VAL AC 296 -108.99 137.69 33.42
CA VAL AC 296 -107.99 136.62 33.42
C VAL AC 296 -108.57 135.35 34.01
N LEU AC 297 -109.32 135.47 35.12
CA LEU AC 297 -109.84 134.35 35.89
C LEU AC 297 -111.21 133.88 35.43
N SER AC 298 -111.79 134.51 34.41
CA SER AC 298 -113.18 134.25 34.07
C SER AC 298 -113.36 132.86 33.50
N SER AC 299 -112.42 132.40 32.68
CA SER AC 299 -112.49 131.04 32.17
C SER AC 299 -112.42 130.02 33.30
N VAL AC 300 -111.61 130.28 34.33
CA VAL AC 300 -111.56 129.38 35.47
C VAL AC 300 -112.87 129.41 36.24
N ALA AC 301 -113.42 130.59 36.47
CA ALA AC 301 -114.72 130.67 37.15
C ALA AC 301 -115.77 129.86 36.40
N GLU AC 302 -115.82 130.01 35.08
CA GLU AC 302 -116.76 129.24 34.26
C GLU AC 302 -116.52 127.74 34.42
N GLN AC 303 -115.26 127.31 34.30
CA GLN AC 303 -114.97 125.88 34.32
C GLN AC 303 -115.23 125.27 35.69
N VAL AC 304 -114.92 126.01 36.76
CA VAL AC 304 -115.26 125.55 38.10
C VAL AC 304 -116.77 125.41 38.23
N ALA AC 305 -117.53 126.43 37.84
CA ALA AC 305 -118.99 126.37 37.94
C ALA AC 305 -119.54 125.18 37.15
N GLY AC 306 -119.01 124.93 35.96
CA GLY AC 306 -119.50 123.81 35.17
C GLY AC 306 -119.14 122.46 35.79
N GLU AC 307 -117.96 122.37 36.39
CA GLU AC 307 -117.56 121.11 37.01
C GLU AC 307 -118.37 120.83 38.27
N ILE AC 308 -118.70 121.86 39.04
CA ILE AC 308 -119.55 121.69 40.23
C ILE AC 308 -120.98 121.36 39.83
N GLN AC 309 -121.54 122.08 38.86
CA GLN AC 309 -122.85 121.72 38.32
C GLN AC 309 -122.87 120.26 37.86
N ARG AC 310 -121.83 119.84 37.14
CA ARG AC 310 -121.74 118.47 36.65
C ARG AC 310 -121.74 117.48 37.81
N SER AC 311 -120.91 117.72 38.84
CA SER AC 311 -120.87 116.81 39.97
C SER AC 311 -122.24 116.71 40.65
N LEU AC 312 -122.87 117.85 40.91
CA LEU AC 312 -124.18 117.87 41.55
C LEU AC 312 -125.22 117.11 40.72
N ASP AC 313 -125.18 117.28 39.40
CA ASP AC 313 -126.13 116.55 38.54
C ASP AC 313 -125.86 115.07 38.56
N PHE AC 314 -124.59 114.67 38.71
CA PHE AC 314 -124.28 113.25 38.71
C PHE AC 314 -124.69 112.60 40.02
N TYR AC 315 -124.83 113.38 41.08
CA TYR AC 315 -125.40 112.81 42.30
C TYR AC 315 -126.91 112.58 42.17
N ALA AC 316 -127.61 113.52 41.54
CA ALA AC 316 -129.00 113.82 41.90
C ALA AC 316 -130.01 112.86 41.31
N GLY AC 317 -129.98 111.59 41.73
CA GLY AC 317 -130.61 110.55 40.96
C GLY AC 317 -131.83 109.83 41.51
N THR AC 318 -132.01 109.83 42.84
CA THR AC 318 -133.17 109.23 43.49
C THR AC 318 -134.25 110.24 43.83
N ALA AC 319 -133.87 111.47 44.20
CA ALA AC 319 -134.80 112.58 44.42
C ALA AC 319 -134.88 113.38 43.14
N ALA AC 320 -135.27 112.69 42.04
CA ALA AC 320 -135.72 113.34 40.81
C ALA AC 320 -136.15 114.77 41.03
N ASP AC 321 -137.07 114.95 41.97
CA ASP AC 321 -138.07 115.99 41.96
C ASP AC 321 -137.72 117.15 42.86
N SER AC 322 -136.64 117.02 43.61
CA SER AC 322 -136.39 117.87 44.76
C SER AC 322 -135.42 118.98 44.39
N ASN AC 323 -135.08 119.77 45.39
CA ASN AC 323 -134.07 120.81 45.26
C ASN AC 323 -133.02 120.62 46.33
N PHE AC 324 -132.08 121.54 46.39
CA PHE AC 324 -131.04 121.47 47.40
C PHE AC 324 -131.51 122.16 48.68
N SER AC 325 -130.62 122.17 49.67
CA SER AC 325 -130.83 122.92 50.90
C SER AC 325 -129.69 123.92 51.11
N LYS AC 326 -128.69 123.55 51.91
CA LYS AC 326 -127.64 124.50 52.29
C LYS AC 326 -126.27 123.82 52.30
N VAL AC 327 -125.23 124.66 52.24
CA VAL AC 327 -123.87 124.19 51.98
C VAL AC 327 -122.85 125.17 52.59
N TYR AC 328 -121.64 124.66 52.84
CA TYR AC 328 -120.54 125.46 53.39
C TYR AC 328 -119.29 125.38 52.53
N LEU AC 329 -118.37 126.30 52.78
CA LEU AC 329 -117.10 126.38 52.07
C LEU AC 329 -115.93 126.35 53.05
N SER AC 330 -114.86 125.69 52.63
CA SER AC 330 -113.61 125.55 53.36
C SER AC 330 -112.47 125.62 52.35
N GLY AC 331 -111.26 125.79 52.85
CA GLY AC 331 -110.16 125.95 51.91
C GLY AC 331 -109.96 127.40 51.50
N GLY AC 332 -108.70 127.77 51.31
CA GLY AC 332 -108.38 129.16 51.00
C GLY AC 332 -108.85 129.59 49.63
N THR AC 333 -108.94 128.65 48.69
CA THR AC 333 -109.44 128.98 47.36
C THR AC 333 -110.88 129.51 47.42
N ALA AC 334 -111.64 129.11 48.43
CA ALA AC 334 -112.96 129.68 48.67
C ALA AC 334 -112.91 131.19 48.82
N LYS AC 335 -111.89 131.71 49.49
CA LYS AC 335 -111.83 133.11 49.90
C LYS AC 335 -111.69 134.08 48.73
N ILE AC 336 -111.74 133.58 47.50
CA ILE AC 336 -111.77 134.46 46.33
C ILE AC 336 -112.94 135.41 46.52
N PRO AC 337 -112.69 136.73 46.43
CA PRO AC 337 -113.77 137.69 46.67
C PRO AC 337 -114.97 137.44 45.77
N ALA AC 338 -116.14 137.37 46.40
CA ALA AC 338 -117.45 137.23 45.76
C ALA AC 338 -117.74 135.81 45.28
N LEU AC 339 -116.75 134.91 45.35
CA LEU AC 339 -116.93 133.55 44.84
C LEU AC 339 -118.10 132.85 45.50
N PHE AC 340 -118.41 133.21 46.75
CA PHE AC 340 -119.50 132.55 47.46
C PHE AC 340 -120.85 132.94 46.88
N LYS AC 341 -121.02 134.23 46.58
CA LYS AC 341 -122.23 134.69 45.93
C LYS AC 341 -122.36 134.08 44.54
N THR AC 342 -121.26 133.98 43.82
CA THR AC 342 -121.27 133.39 42.48
C THR AC 342 -121.71 131.93 42.54
N ILE AC 343 -121.08 131.13 43.41
CA ILE AC 343 -121.47 129.72 43.54
C ILE AC 343 -122.91 129.61 44.00
N GLU AC 344 -123.35 130.52 44.88
CA GLU AC 344 -124.71 130.48 45.38
C GLU AC 344 -125.72 130.68 44.25
N ALA AC 345 -125.50 131.70 43.42
CA ALA AC 345 -126.43 131.97 42.32
C ALA AC 345 -126.31 130.93 41.21
N ARG AC 346 -125.12 130.39 41.00
CA ARG AC 346 -124.86 129.51 39.86
C ARG AC 346 -125.26 128.06 40.13
N THR AC 347 -125.12 127.57 41.36
CA THR AC 347 -125.46 126.20 41.67
C THR AC 347 -126.86 126.03 42.24
N GLY AC 348 -127.57 127.13 42.51
CA GLY AC 348 -128.89 127.04 43.12
C GLY AC 348 -128.84 126.53 44.53
N VAL AC 349 -127.76 126.81 45.25
CA VAL AC 349 -127.66 126.39 46.64
C VAL AC 349 -127.06 127.52 47.45
N PRO AC 350 -127.61 127.85 48.62
CA PRO AC 350 -126.93 128.80 49.53
C PRO AC 350 -125.61 128.25 50.05
N VAL AC 351 -124.52 128.84 49.54
CA VAL AC 351 -123.14 128.47 49.87
C VAL AC 351 -122.59 129.50 50.86
N GLU AC 352 -122.20 129.04 52.05
CA GLU AC 352 -121.73 129.96 53.07
C GLU AC 352 -120.39 129.54 53.65
N ILE AC 353 -119.53 130.54 53.88
CA ILE AC 353 -118.38 130.33 54.73
C ILE AC 353 -118.86 129.88 56.11
N LEU AC 354 -117.99 129.17 56.80
CA LEU AC 354 -118.32 128.72 58.15
C LEU AC 354 -117.06 128.77 59.00
N ASN AC 355 -117.25 129.05 60.29
CA ASN AC 355 -116.16 129.11 61.25
C ASN AC 355 -115.99 127.74 61.89
N PRO AC 356 -114.97 126.97 61.53
CA PRO AC 356 -114.73 125.72 62.27
C PRO AC 356 -114.53 125.95 63.75
N PHE AC 357 -113.75 126.96 64.14
CA PHE AC 357 -113.28 127.08 65.51
C PHE AC 357 -114.41 127.12 66.55
N ARG AC 358 -115.67 127.17 66.13
CA ARG AC 358 -116.77 127.16 67.09
C ARG AC 358 -116.89 125.84 67.83
N LYS AC 359 -116.27 124.78 67.31
CA LYS AC 359 -116.28 123.46 67.94
C LYS AC 359 -115.31 123.35 69.10
N ILE AC 360 -114.43 124.32 69.30
CA ILE AC 360 -113.38 124.26 70.31
C ILE AC 360 -113.41 125.52 71.14
N GLU AC 361 -113.02 125.41 72.40
CA GLU AC 361 -112.93 126.56 73.26
C GLU AC 361 -111.72 127.41 72.87
N VAL AC 362 -111.91 128.72 72.82
CA VAL AC 362 -110.88 129.66 72.41
C VAL AC 362 -110.74 130.72 73.48
N ASP AC 363 -109.57 130.78 74.11
CA ASP AC 363 -109.28 131.79 75.14
C ASP AC 363 -109.04 133.12 74.44
N ASN AC 364 -109.89 134.10 74.73
CA ASN AC 364 -109.80 135.41 74.07
C ASN AC 364 -108.52 136.14 74.44
N ARG AC 365 -107.86 135.75 75.54
CA ARG AC 365 -106.61 136.39 75.93
C ARG AC 365 -105.43 135.86 75.14
N LYS AC 366 -105.57 134.72 74.46
CA LYS AC 366 -104.49 134.16 73.65
C LYS AC 366 -104.76 134.21 72.16
N PHE AC 367 -106.02 134.39 71.77
CA PHE AC 367 -106.42 134.51 70.37
C PHE AC 367 -107.62 135.45 70.28
N ASP AC 368 -107.59 136.34 69.31
CA ASP AC 368 -108.73 137.23 69.08
C ASP AC 368 -109.63 136.61 68.03
N PRO AC 369 -110.95 136.55 68.25
CA PRO AC 369 -111.80 135.81 67.30
C PRO AC 369 -111.77 136.32 65.87
N ALA AC 370 -111.42 137.58 65.63
CA ALA AC 370 -111.53 138.13 64.29
C ALA AC 370 -110.63 137.38 63.30
N PHE AC 371 -109.32 137.36 63.55
CA PHE AC 371 -108.40 136.66 62.65
C PHE AC 371 -108.70 135.17 62.60
N VAL AC 372 -108.77 134.53 63.78
CA VAL AC 372 -109.18 133.13 63.87
C VAL AC 372 -110.28 132.83 62.87
N MET AC 373 -111.30 133.71 62.82
CA MET AC 373 -112.29 133.66 61.76
C MET AC 373 -111.65 133.85 60.39
N ASP AC 374 -110.66 134.73 60.29
CA ASP AC 374 -110.09 135.08 58.98
C ASP AC 374 -109.41 133.88 58.33
N VAL AC 375 -108.66 133.08 59.09
CA VAL AC 375 -108.00 131.88 58.56
C VAL AC 375 -108.80 130.61 58.83
N ALA AC 376 -110.03 130.72 59.33
CA ALA AC 376 -110.87 129.53 59.49
C ALA AC 376 -110.93 128.65 58.24
N PRO AC 377 -111.17 129.16 57.02
CA PRO AC 377 -111.27 128.26 55.86
C PRO AC 377 -110.00 127.46 55.58
N MET AC 378 -108.83 128.12 55.59
CA MET AC 378 -107.59 127.38 55.42
C MET AC 378 -107.40 126.31 56.51
N ALA AC 379 -107.81 126.61 57.74
CA ALA AC 379 -107.48 125.79 58.89
C ALA AC 379 -108.52 124.73 59.20
N ALA AC 380 -109.62 124.65 58.44
CA ALA AC 380 -110.69 123.71 58.77
C ALA AC 380 -110.17 122.29 58.93
N VAL AC 381 -109.38 121.80 57.97
CA VAL AC 381 -108.85 120.44 58.08
C VAL AC 381 -107.83 120.37 59.22
N ALA AC 382 -106.98 121.41 59.32
CA ALA AC 382 -105.93 121.61 60.31
C ALA AC 382 -106.42 121.53 61.74
N VAL AC 383 -107.68 121.83 61.97
CA VAL AC 383 -108.29 121.48 63.24
C VAL AC 383 -109.18 120.24 63.08
N GLY AC 384 -109.33 119.74 61.84
CA GLY AC 384 -110.11 118.54 61.61
C GLY AC 384 -109.47 117.30 62.22
N LEU AC 385 -108.42 116.79 61.56
CA LEU AC 385 -107.79 115.62 62.17
C LEU AC 385 -107.27 115.96 63.58
N ALA AC 386 -107.41 117.24 63.97
CA ALA AC 386 -107.06 117.73 65.28
C ALA AC 386 -108.07 117.34 66.33
N LEU AC 387 -109.37 117.48 66.05
CA LEU AC 387 -110.30 116.83 66.97
C LEU AC 387 -110.20 115.32 66.84
N ARG AC 388 -109.72 114.82 65.69
CA ARG AC 388 -109.44 113.39 65.62
C ARG AC 388 -108.35 112.97 66.63
N ARG AC 389 -107.47 113.89 67.00
CA ARG AC 389 -106.31 113.45 67.80
C ARG AC 389 -106.52 113.40 69.33
N PRO AC 390 -107.51 114.07 69.93
CA PRO AC 390 -107.81 113.75 71.33
C PRO AC 390 -109.07 112.91 71.41
N GLY AC 391 -109.37 112.20 70.32
CA GLY AC 391 -110.54 111.36 70.27
C GLY AC 391 -110.37 110.18 71.20
N ASN BC 33 124.23 13.80 157.20
CA ASN BC 33 123.08 13.66 156.27
C ASN BC 33 122.24 12.49 156.70
N THR BC 34 121.00 12.45 156.21
CA THR BC 34 120.15 11.28 156.37
C THR BC 34 120.28 10.40 155.10
N LEU BC 35 119.83 10.92 153.97
CA LEU BC 35 119.99 10.21 152.73
C LEU BC 35 121.39 10.41 152.20
N ARG BC 36 122.14 9.32 152.00
CA ARG BC 36 123.52 9.40 151.50
C ARG BC 36 123.77 9.03 150.04
N GLY BC 37 122.91 8.23 149.44
CA GLY BC 37 123.02 7.86 148.02
C GLY BC 37 121.63 7.51 147.51
N LEU BC 38 121.48 7.64 146.20
CA LEU BC 38 120.24 7.40 145.47
C LEU BC 38 120.55 6.73 144.12
N ASP BC 39 120.01 5.55 143.90
CA ASP BC 39 120.33 4.83 142.66
C ASP BC 39 119.06 4.37 141.92
N VAL BC 40 119.08 4.49 140.59
CA VAL BC 40 117.99 3.95 139.80
C VAL BC 40 118.50 2.83 138.88
N SER BC 41 117.91 1.64 138.99
CA SER BC 41 118.24 0.54 138.09
C SER BC 41 117.11 0.25 137.10
N ARG BC 42 117.08 0.97 135.97
CA ARG BC 42 116.05 0.69 134.95
C ARG BC 42 116.22 -0.68 134.34
N THR BC 43 115.17 -1.48 134.31
CA THR BC 43 115.23 -2.72 133.55
C THR BC 43 113.82 -3.03 133.09
N GLY BC 44 113.67 -3.93 132.11
CA GLY BC 44 112.35 -4.20 131.47
C GLY BC 44 111.38 -4.92 132.35
N SER BC 45 111.83 -5.83 133.19
CA SER BC 45 110.95 -6.51 134.13
C SER BC 45 110.44 -5.65 135.27
N GLY BC 46 111.31 -4.75 135.76
CA GLY BC 46 110.99 -3.83 136.82
C GLY BC 46 112.13 -2.82 136.88
N ALA BC 47 111.80 -1.55 137.13
CA ALA BC 47 112.81 -0.60 137.49
C ALA BC 47 112.93 -0.49 139.03
N GLN BC 48 114.15 -0.55 139.54
CA GLN BC 48 114.38 -0.44 140.97
C GLN BC 48 114.88 0.96 141.33
N VAL BC 49 114.26 1.57 142.33
CA VAL BC 49 114.77 2.78 142.95
C VAL BC 49 115.26 2.45 144.34
N VAL BC 50 116.49 2.85 144.61
CA VAL BC 50 117.12 2.62 145.89
C VAL BC 50 117.47 3.96 146.49
N VAL BC 51 117.14 4.08 147.76
CA VAL BC 51 117.49 5.27 148.53
C VAL BC 51 118.22 4.78 149.76
N THR BC 52 119.47 5.25 149.93
CA THR BC 52 120.30 4.75 151.01
C THR BC 52 120.46 5.86 152.01
N GLY BC 53 120.39 5.53 153.30
CA GLY BC 53 120.37 6.54 154.35
C GLY BC 53 120.99 6.05 155.65
N THR BC 54 121.32 6.98 156.54
CA THR BC 54 121.98 6.65 157.77
C THR BC 54 121.07 6.09 158.85
N ARG BC 55 119.77 6.34 158.73
CA ARG BC 55 118.78 5.80 159.69
C ARG BC 55 117.63 5.24 158.86
N PRO BC 56 116.91 4.27 159.43
CA PRO BC 56 115.71 3.76 158.81
C PRO BC 56 114.68 4.89 158.51
N PRO BC 57 114.19 4.92 157.27
CA PRO BC 57 113.32 5.98 156.84
C PRO BC 57 111.86 5.64 157.06
N THR BC 58 111.08 6.57 157.60
CA THR BC 58 109.62 6.44 157.52
C THR BC 58 109.22 6.99 156.14
N PHE BC 59 108.32 6.31 155.45
CA PHE BC 59 107.96 6.73 154.13
C PHE BC 59 106.49 6.43 154.00
N THR BC 60 105.89 6.99 152.96
CA THR BC 60 104.56 6.63 152.49
C THR BC 60 104.70 6.69 150.98
N VAL BC 61 104.10 5.71 150.33
CA VAL BC 61 104.03 5.68 148.87
C VAL BC 61 102.57 5.72 148.41
N PHE BC 62 102.29 6.55 147.40
CA PHE BC 62 100.96 6.57 146.81
C PHE BC 62 100.98 6.87 145.29
N ARG BC 63 99.82 6.84 144.65
CA ARG BC 63 99.72 7.02 143.18
C ARG BC 63 99.01 8.33 142.85
N LEU BC 64 99.25 8.85 141.65
CA LEU BC 64 98.41 9.94 141.14
C LEU BC 64 98.19 9.69 139.65
N SER BC 65 97.19 10.37 139.07
CA SER BC 65 96.88 10.22 137.67
C SER BC 65 96.92 11.55 136.96
N GLY BC 66 96.81 11.54 135.63
CA GLY BC 66 96.77 12.74 134.79
C GLY BC 66 97.86 13.77 135.05
N PRO BC 67 99.14 13.38 134.88
CA PRO BC 67 99.67 12.09 134.35
C PRO BC 67 99.86 10.98 135.40
N GLU BC 68 99.85 9.71 134.99
CA GLU BC 68 100.24 8.63 135.92
C GLU BC 68 101.57 8.91 136.67
N ARG BC 69 101.57 8.78 137.99
CA ARG BC 69 102.72 9.16 138.80
C ARG BC 69 102.80 8.25 139.98
N LEU BC 70 103.99 8.05 140.50
CA LEU BC 70 104.13 7.39 141.79
C LEU BC 70 104.83 8.42 142.65
N VAL BC 71 104.43 8.52 143.91
CA VAL BC 71 104.96 9.53 144.80
C VAL BC 71 105.45 8.89 146.08
N VAL BC 72 106.66 9.24 146.50
CA VAL BC 72 107.14 8.72 147.79
C VAL BC 72 107.45 9.89 148.68
N ASP BC 73 106.90 9.88 149.89
CA ASP BC 73 107.26 10.84 150.93
C ASP BC 73 108.20 10.25 152.00
N LEU BC 74 109.30 10.95 152.23
CA LEU BC 74 110.30 10.44 153.18
C LEU BC 74 110.43 11.39 154.38
N SER BC 75 110.33 10.84 155.58
CA SER BC 75 110.43 11.62 156.84
C SER BC 75 111.79 11.47 157.52
N SER BC 76 112.11 12.49 158.30
CA SER BC 76 113.43 12.74 158.89
C SER BC 76 114.49 13.09 157.85
N ALA BC 77 114.35 12.40 156.74
CA ALA BC 77 115.25 12.63 155.62
C ALA BC 77 114.44 12.96 154.36
N ASP BC 78 114.99 13.85 153.55
CA ASP BC 78 114.38 14.21 152.28
C ASP BC 78 115.39 13.75 151.23
N ALA BC 79 115.07 12.67 150.55
CA ALA BC 79 115.95 12.12 149.52
C ALA BC 79 115.50 12.59 148.14
N THR BC 80 116.39 13.28 147.42
CA THR BC 80 116.08 13.78 146.08
C THR BC 80 116.98 13.10 145.06
N GLY BC 81 116.36 12.49 144.06
CA GLY BC 81 117.10 11.83 142.98
C GLY BC 81 116.85 12.60 141.69
N ILE BC 82 117.92 12.84 140.95
CA ILE BC 82 117.81 13.61 139.71
C ILE BC 82 118.96 13.29 138.79
N LYS BC 83 118.72 13.45 137.57
CA LYS BC 83 119.70 13.28 136.48
C LYS BC 83 120.15 11.83 136.37
N GLY BC 84 119.65 11.01 137.29
CA GLY BC 84 119.85 9.56 137.24
C GLY BC 84 118.81 8.88 136.36
N HIS BC 85 117.77 9.61 135.96
CA HIS BC 85 116.74 8.99 135.15
C HIS BC 85 117.15 8.96 133.68
N HIS BC 86 117.32 7.76 133.17
CA HIS BC 86 117.81 7.59 131.83
C HIS BC 86 116.69 7.76 130.84
N GLU BC 87 117.05 8.27 129.65
CA GLU BC 87 116.07 8.42 128.60
C GLU BC 87 115.45 7.11 128.13
N GLY BC 88 115.86 5.99 128.68
CA GLY BC 88 115.38 4.67 128.24
C GLY BC 88 114.90 3.81 129.40
N SER BC 89 114.61 4.42 130.56
CA SER BC 89 113.92 3.73 131.64
C SER BC 89 112.53 3.26 131.13
N GLY BC 90 112.25 1.94 131.14
CA GLY BC 90 110.93 1.52 130.64
C GLY BC 90 109.78 1.97 131.53
N PRO BC 91 110.09 2.35 132.78
CA PRO BC 91 109.06 2.76 133.74
C PRO BC 91 109.00 4.24 134.02
N VAL BC 92 110.16 4.87 134.23
CA VAL BC 92 110.20 6.25 134.72
C VAL BC 92 110.47 7.23 133.60
N SER BC 93 109.48 8.09 133.33
CA SER BC 93 109.60 9.17 132.36
C SER BC 93 110.45 10.28 132.97
N GLY BC 94 110.26 10.59 134.26
CA GLY BC 94 111.09 11.58 134.99
C GLY BC 94 110.89 11.55 136.49
N VAL BC 95 111.80 12.17 137.24
CA VAL BC 95 111.73 12.21 138.70
C VAL BC 95 112.01 13.60 139.26
N VAL BC 96 111.05 14.15 140.01
CA VAL BC 96 111.23 15.47 140.64
C VAL BC 96 111.23 15.27 142.15
N ALA BC 97 112.01 16.11 142.84
CA ALA BC 97 112.14 15.98 144.29
C ALA BC 97 112.02 17.38 144.93
N SER BC 98 111.28 17.50 146.05
CA SER BC 98 111.28 18.72 146.85
C SER BC 98 111.11 18.50 148.35
N GLN BC 99 111.84 19.20 149.21
CA GLN BC 99 111.73 19.10 150.67
C GLN BC 99 110.97 20.26 151.28
N PHE BC 100 110.04 20.01 152.21
CA PHE BC 100 109.40 21.08 152.95
C PHE BC 100 109.65 20.91 154.45
N SER BC 101 109.72 22.05 155.16
CA SER BC 101 109.98 22.06 156.61
C SER BC 101 108.77 22.02 157.48
N ASP BC 102 108.89 21.25 158.57
CA ASP BC 102 107.87 21.16 159.62
C ASP BC 102 108.66 21.39 160.92
N GLN BC 103 108.59 22.61 161.48
CA GLN BC 103 109.48 22.97 162.58
C GLN BC 103 110.91 22.74 162.10
N ARG BC 104 111.66 22.07 162.94
CA ARG BC 104 113.04 21.76 162.59
C ARG BC 104 113.16 20.50 161.74
N ALA BC 105 112.04 19.81 161.49
CA ALA BC 105 112.05 18.57 160.71
C ALA BC 105 111.85 18.83 159.23
N SER BC 106 112.12 17.81 158.43
CA SER BC 106 112.01 17.93 156.98
C SER BC 106 111.31 16.71 156.37
N VAL BC 107 110.35 16.94 155.49
CA VAL BC 107 109.67 15.91 154.68
C VAL BC 107 110.03 16.10 153.22
N GLY BC 108 110.61 14.97 152.54
CA GLY BC 108 110.97 15.11 151.15
C GLY BC 108 109.94 14.35 150.32
N ARG BC 109 109.54 14.94 149.20
CA ARG BC 109 108.62 14.25 148.33
C ARG BC 109 109.30 13.91 147.03
N VAL BC 110 109.25 12.63 146.66
CA VAL BC 110 109.78 12.17 145.38
C VAL BC 110 108.62 11.81 144.51
N LEU BC 111 108.69 12.32 143.28
CA LEU BC 111 107.62 12.18 142.30
C LEU BC 111 108.14 11.55 141.01
N LEU BC 112 107.62 10.37 140.67
CA LEU BC 112 108.03 9.66 139.48
C LEU BC 112 106.95 9.65 138.45
N ALA BC 113 107.09 10.45 137.41
CA ALA BC 113 106.16 10.35 136.26
C ALA BC 113 106.43 9.04 135.48
N LEU BC 114 105.38 8.31 135.15
CA LEU BC 114 105.46 6.96 134.57
C LEU BC 114 105.17 6.84 133.10
N ASP BC 115 105.75 5.81 132.46
CA ASP BC 115 105.59 5.45 131.03
C ASP BC 115 104.56 4.33 130.89
N LYS BC 116 104.16 3.73 131.99
CA LYS BC 116 103.24 2.59 131.97
C LYS BC 116 102.71 2.35 133.38
N ALA BC 117 101.59 1.66 133.48
CA ALA BC 117 100.99 1.40 134.79
C ALA BC 117 101.85 0.45 135.62
N SER BC 118 102.04 0.81 136.88
CA SER BC 118 102.88 0.03 137.76
C SER BC 118 102.14 -0.46 138.99
N GLN BC 119 102.64 -1.56 139.52
CA GLN BC 119 102.28 -2.02 140.81
C GLN BC 119 103.57 -1.89 141.67
N TYR BC 120 103.69 -0.81 142.46
CA TYR BC 120 104.94 -0.66 143.20
C TYR BC 120 105.02 -1.62 144.35
N ASP BC 121 106.24 -2.04 144.68
CA ASP BC 121 106.47 -2.81 145.90
C ASP BC 121 107.67 -2.18 146.64
N VAL BC 122 107.44 -1.81 147.88
CA VAL BC 122 108.42 -1.14 148.71
C VAL BC 122 108.86 -2.01 149.89
N ARG BC 123 110.15 -2.05 150.17
CA ARG BC 123 110.63 -2.76 151.37
C ARG BC 123 111.86 -2.09 151.85
N ALA BC 124 112.15 -2.24 153.12
CA ALA BC 124 113.31 -1.62 153.73
C ALA BC 124 114.31 -2.72 154.02
N ASP BC 125 115.58 -2.38 154.04
CA ASP BC 125 116.65 -3.29 154.46
C ASP BC 125 117.77 -2.42 155.01
N GLY BC 126 117.91 -2.40 156.33
CA GLY BC 126 118.95 -1.59 156.95
C GLY BC 126 118.70 -0.11 156.71
N ASN BC 127 119.64 0.55 156.03
CA ASN BC 127 119.51 1.96 155.72
C ASN BC 127 119.08 2.17 154.29
N ARG BC 128 118.66 1.10 153.62
CA ARG BC 128 118.23 1.21 152.24
C ARG BC 128 116.73 1.00 152.13
N VAL BC 129 116.07 1.89 151.40
CA VAL BC 129 114.68 1.75 151.09
C VAL BC 129 114.64 1.43 149.62
N VAL BC 130 113.99 0.33 149.30
CA VAL BC 130 113.88 -0.11 147.92
C VAL BC 130 112.45 0.00 147.36
N ILE BC 131 112.29 0.64 146.22
CA ILE BC 131 111.00 0.60 145.54
C ILE BC 131 111.12 -0.06 144.19
N SER BC 132 110.44 -1.17 143.99
CA SER BC 132 110.46 -1.79 142.65
C SER BC 132 109.15 -1.56 141.92
N VAL BC 133 109.25 -1.06 140.69
CA VAL BC 133 108.09 -0.72 139.93
C VAL BC 133 107.89 -1.85 138.97
N ASP BC 134 106.89 -2.69 139.23
CA ASP BC 134 106.54 -3.78 138.29
C ASP BC 134 105.41 -3.36 137.33
N GLY BC 135 105.31 -3.94 136.14
CA GLY BC 135 104.10 -3.64 135.35
C GLY BC 135 102.80 -4.17 135.96
N THR BC 136 102.16 -5.13 135.30
CA THR BC 136 100.92 -5.73 135.79
C THR BC 136 101.13 -7.18 136.21
N SER BC 137 102.34 -7.71 136.02
CA SER BC 137 102.67 -9.08 136.41
C SER BC 137 103.32 -9.05 137.79
N GLN BC 138 102.59 -9.55 138.79
CA GLN BC 138 103.07 -9.52 140.17
C GLN BC 138 103.78 -10.75 140.73
N SER BC 139 103.63 -11.91 140.08
CA SER BC 139 104.28 -13.10 140.62
C SER BC 139 104.51 -14.16 139.55
N VAL BC 140 105.69 -14.76 139.58
CA VAL BC 140 106.02 -15.83 138.65
C VAL BC 140 106.07 -17.10 139.50
N ASP BC 214 67.81 -8.03 119.48
CA ASP BC 214 68.07 -8.90 118.31
C ASP BC 214 69.42 -8.58 117.62
N ASP BC 215 69.80 -7.30 117.64
CA ASP BC 215 70.98 -6.81 116.95
C ASP BC 215 72.21 -7.24 117.74
N THR BC 216 72.05 -7.32 119.07
CA THR BC 216 73.11 -7.59 120.04
C THR BC 216 72.47 -7.53 121.44
N LEU BC 217 72.92 -8.48 122.26
CA LEU BC 217 72.57 -8.47 123.68
C LEU BC 217 73.77 -7.85 124.42
N SER BC 218 73.45 -6.89 125.27
CA SER BC 218 74.47 -6.19 126.07
C SER BC 218 74.43 -6.68 127.52
N ILE BC 219 75.61 -6.98 128.02
CA ILE BC 219 75.79 -7.33 129.44
C ILE BC 219 76.59 -6.19 130.09
N ARG BC 220 76.03 -5.66 131.16
CA ARG BC 220 76.67 -4.56 131.90
C ARG BC 220 76.97 -5.02 133.33
N ALA BC 221 78.20 -4.77 133.72
CA ALA BC 221 78.67 -5.05 135.08
C ALA BC 221 79.19 -3.74 135.68
N ASP BC 222 78.47 -3.27 136.70
CA ASP BC 222 78.83 -2.01 137.36
C ASP BC 222 79.56 -2.32 138.66
N GLY BC 223 80.68 -1.61 138.86
CA GLY BC 223 81.52 -1.79 140.04
C GLY BC 223 82.74 -0.88 139.93
N ASP BC 224 83.51 -0.88 141.01
CA ASP BC 224 84.75 -0.06 141.13
C ASP BC 224 85.86 -0.45 140.15
N ILE BC 225 86.00 -1.75 139.91
CA ILE BC 225 87.09 -2.29 139.10
C ILE BC 225 86.95 -1.87 137.60
N ALA BC 226 87.42 -2.64 136.61
CA ALA BC 226 87.85 -4.04 136.72
C ALA BC 226 88.85 -4.47 135.71
N ARG BC 227 89.76 -5.32 136.17
CA ARG BC 227 90.55 -6.06 135.20
C ARG BC 227 89.78 -7.34 134.84
N TYR BC 228 89.71 -7.59 133.54
CA TYR BC 228 88.95 -8.73 133.02
C TYR BC 228 89.71 -9.41 131.88
N GLU BC 229 89.29 -10.61 131.58
CA GLU BC 229 89.69 -11.33 130.36
C GLU BC 229 88.45 -12.05 129.81
N VAL BC 230 88.29 -11.97 128.51
CA VAL BC 230 87.16 -12.64 127.82
C VAL BC 230 87.73 -13.65 126.82
N LEU BC 231 87.06 -14.79 126.75
CA LEU BC 231 87.44 -15.85 125.81
C LEU BC 231 86.21 -16.73 125.51
N GLU BC 232 86.37 -17.57 124.48
CA GLU BC 232 85.35 -18.48 123.99
C GLU BC 232 85.60 -19.97 124.33
N LEU BC 233 84.52 -20.71 124.40
CA LEU BC 233 84.57 -22.18 124.53
C LEU BC 233 83.56 -22.79 123.56
N ALA BC 234 83.79 -24.03 123.19
CA ALA BC 234 82.88 -24.76 122.30
C ALA BC 234 82.35 -26.02 122.99
N ASP BC 235 81.30 -26.60 122.38
CA ASP BC 235 80.68 -27.86 122.86
C ASP BC 235 80.36 -27.80 124.37
N PRO BC 236 79.37 -26.98 124.75
CA PRO BC 236 78.59 -26.10 123.85
C PRO BC 236 79.29 -24.73 123.70
N PRO BC 237 78.88 -23.98 122.68
CA PRO BC 237 79.41 -22.63 122.45
C PRO BC 237 79.11 -21.75 123.67
N ARG BC 238 80.14 -21.07 124.12
CA ARG BC 238 80.11 -20.28 125.36
C ARG BC 238 81.03 -19.06 125.25
N LEU BC 239 80.68 -18.01 125.96
CA LEU BC 239 81.57 -16.87 126.16
C LEU BC 239 81.82 -16.77 127.66
N ALA BC 240 83.08 -16.61 128.02
CA ALA BC 240 83.49 -16.56 129.43
C ALA BC 240 84.25 -15.28 129.74
N VAL BC 241 83.86 -14.65 130.84
CA VAL BC 241 84.54 -13.45 131.35
C VAL BC 241 85.06 -13.74 132.76
N ASP BC 242 86.33 -13.44 132.96
CA ASP BC 242 86.94 -13.50 134.29
C ASP BC 242 87.20 -12.08 134.78
N LEU BC 243 86.71 -11.82 135.98
CA LEU BC 243 86.84 -10.51 136.61
C LEU BC 243 87.73 -10.61 137.84
N PHE BC 244 88.67 -9.70 137.93
CA PHE BC 244 89.59 -9.71 139.08
C PHE BC 244 89.34 -8.53 140.02
N GLY BC 245 89.78 -8.77 141.25
CA GLY BC 245 89.54 -7.86 142.39
C GLY BC 245 88.06 -7.92 142.81
N VAL BC 246 87.41 -9.04 142.51
CA VAL BC 246 86.00 -9.26 142.91
C VAL BC 246 85.89 -10.49 143.77
N GLY BC 247 85.04 -10.32 144.79
CA GLY BC 247 84.53 -11.45 145.57
C GLY BC 247 83.07 -11.64 145.18
N LEU BC 248 82.70 -12.90 144.97
CA LEU BC 248 81.33 -13.28 144.61
C LEU BC 248 80.36 -12.76 145.69
N ALA BC 249 79.19 -12.31 145.25
CA ALA BC 249 78.22 -11.71 146.17
C ALA BC 249 76.81 -11.88 145.61
N THR BC 250 75.85 -11.69 146.51
CA THR BC 250 74.43 -11.86 146.19
C THR BC 250 74.03 -10.99 144.99
N ARG BC 251 74.69 -9.85 144.76
CA ARG BC 251 74.38 -9.01 143.57
C ARG BC 251 74.72 -9.70 142.24
N ALA BC 252 75.49 -10.78 142.31
CA ALA BC 252 75.75 -11.65 141.14
C ALA BC 252 74.43 -12.02 140.42
N PRO BC 253 73.29 -12.25 141.10
CA PRO BC 253 71.98 -12.58 140.53
C PRO BC 253 71.47 -11.59 139.53
N ARG BC 254 71.80 -10.31 139.69
CA ARG BC 254 71.43 -9.31 138.66
C ARG BC 254 72.00 -9.71 137.28
N VAL BC 255 72.92 -10.67 137.33
CA VAL BC 255 73.55 -11.30 136.15
C VAL BC 255 72.54 -12.07 135.31
N LYS BC 256 71.43 -12.50 135.91
CA LYS BC 256 70.41 -13.28 135.19
C LYS BC 256 69.91 -12.55 133.95
N SER BC 257 70.02 -11.22 133.99
CA SER BC 257 69.60 -10.32 132.90
C SER BC 257 70.35 -10.52 131.59
N GLY BC 258 71.50 -11.19 131.70
CA GLY BC 258 72.36 -11.21 130.56
C GLY BC 258 72.56 -12.54 129.92
N ALA BC 259 71.91 -13.66 130.35
CA ALA BC 259 71.90 -14.98 129.68
C ALA BC 259 71.25 -14.98 128.28
N LEU BC 260 71.70 -15.73 127.26
CA LEU BC 260 72.93 -16.50 127.03
C LEU BC 260 72.59 -17.96 126.93
N ARG BC 261 71.42 -18.26 126.40
CA ARG BC 261 70.71 -19.49 126.75
C ARG BC 261 70.61 -19.65 128.30
N ASP BC 262 71.65 -19.27 129.03
CA ASP BC 262 71.94 -19.19 130.44
C ASP BC 262 73.34 -18.57 130.74
N VAL BC 263 73.39 -18.13 131.98
CA VAL BC 263 74.60 -17.56 132.58
C VAL BC 263 74.86 -18.18 133.95
N ARG BC 264 76.06 -18.70 134.15
CA ARG BC 264 76.49 -19.20 135.45
C ARG BC 264 77.73 -18.45 135.92
N VAL BC 265 77.79 -18.25 137.22
CA VAL BC 265 78.88 -17.46 137.84
C VAL BC 265 79.44 -18.23 139.04
N GLY BC 266 80.75 -18.10 139.21
CA GLY BC 266 81.45 -18.73 140.35
C GLY BC 266 82.75 -18.01 140.66
N ALA BC 267 83.51 -18.59 141.57
CA ALA BC 267 84.80 -18.01 142.03
C ALA BC 267 85.62 -19.10 142.69
N HIS BC 268 86.93 -18.95 142.58
CA HIS BC 268 87.88 -19.93 143.13
C HIS BC 268 89.06 -19.22 143.80
N ALA BC 269 88.76 -18.56 144.91
CA ALA BC 269 89.78 -17.82 145.68
C ALA BC 269 90.60 -16.90 144.77
N ASP BC 270 89.92 -16.39 143.75
CA ASP BC 270 90.57 -15.35 142.97
C ASP BC 270 89.72 -14.08 142.90
N LYS BC 271 88.89 -13.69 141.94
CA LYS BC 271 88.58 -14.07 140.51
C LYS BC 271 87.21 -14.71 140.40
N VAL BC 272 86.34 -13.96 139.77
CA VAL BC 272 85.00 -14.46 139.46
C VAL BC 272 84.96 -14.79 137.97
N ARG BC 273 84.30 -15.89 137.65
CA ARG BC 273 84.12 -16.33 136.27
C ARG BC 273 82.63 -16.32 135.91
N LEU BC 274 82.35 -15.63 134.83
CA LEU BC 274 81.00 -15.56 134.28
C LEU BC 274 81.00 -16.32 132.95
N VAL BC 275 80.05 -17.23 132.85
CA VAL BC 275 79.94 -18.15 131.71
C VAL BC 275 78.56 -17.98 131.08
N LEU BC 276 78.58 -17.73 129.81
CA LEU BC 276 77.40 -17.46 128.94
C LEU BC 276 77.28 -18.56 127.90
N ASP BC 277 76.36 -19.43 128.09
CA ASP BC 277 76.03 -20.40 127.04
C ASP BC 277 75.35 -19.64 125.84
N VAL BC 278 75.62 -19.97 124.62
CA VAL BC 278 75.03 -19.16 123.54
C VAL BC 278 73.97 -19.89 122.75
N ARG BC 279 73.12 -19.11 122.09
CA ARG BC 279 72.14 -19.66 121.12
C ARG BC 279 72.60 -19.49 119.67
N GLY BC 280 73.71 -18.76 119.49
CA GLY BC 280 74.26 -18.46 118.15
C GLY BC 280 75.70 -17.92 118.25
N THR BC 281 76.47 -18.06 117.19
CA THR BC 281 77.87 -17.56 117.22
C THR BC 281 77.90 -16.05 117.42
N MET BC 282 78.80 -15.60 118.27
CA MET BC 282 78.96 -14.16 118.57
C MET BC 282 80.40 -13.68 118.29
N LYS BC 341 91.94 -12.68 98.94
CA LYS BC 341 90.75 -12.95 98.14
C LYS BC 341 91.12 -13.15 96.68
N ASP BC 342 90.30 -13.94 95.98
CA ASP BC 342 90.54 -14.22 94.56
C ASP BC 342 89.39 -15.03 93.96
N VAL BC 343 89.27 -14.99 92.64
CA VAL BC 343 88.21 -15.72 91.95
C VAL BC 343 88.80 -16.77 91.01
N ARG BC 344 88.02 -17.79 90.72
CA ARG BC 344 88.46 -18.86 89.83
C ARG BC 344 87.27 -19.48 89.10
N PHE BC 345 87.54 -20.08 87.94
CA PHE BC 345 86.49 -20.71 87.15
C PHE BC 345 86.92 -22.11 86.69
N GLU BC 346 85.95 -23.00 86.57
CA GLU BC 346 86.23 -24.38 86.15
C GLU BC 346 84.94 -25.08 85.71
N GLU BC 347 84.90 -26.28 85.40
CA GLU BC 347 83.66 -26.95 85.05
C GLU BC 347 83.61 -28.37 85.63
N SER BC 348 82.41 -28.83 85.84
CA SER BC 348 82.21 -30.21 86.23
C SER BC 348 80.93 -30.66 85.55
N SER BC 349 80.46 -31.85 85.88
CA SER BC 349 79.32 -32.40 85.08
C SER BC 349 78.08 -31.50 85.29
N SER BC 350 77.93 -30.92 86.47
CA SER BC 350 76.87 -29.92 86.71
C SER BC 350 77.04 -28.68 85.78
N GLY BC 351 78.17 -28.56 85.07
CA GLY BC 351 78.39 -27.40 84.22
C GLY BC 351 79.54 -26.49 84.65
N GLY BC 352 79.31 -25.18 84.57
CA GLY BC 352 80.32 -24.17 84.93
C GLY BC 352 80.31 -23.87 86.43
N ARG BC 353 81.45 -23.73 86.97
CA ARG BC 353 81.74 -23.57 88.38
C ARG BC 353 82.62 -22.36 88.63
N ILE BC 354 82.29 -21.60 89.67
CA ILE BC 354 83.06 -20.40 90.01
C ILE BC 354 83.59 -20.49 91.44
N VAL BC 355 84.80 -21.02 91.58
CA VAL BC 355 85.42 -21.16 92.90
C VAL BC 355 86.01 -19.82 93.36
N MET BC 356 85.45 -19.28 94.44
CA MET BC 356 85.91 -18.02 94.98
C MET BC 356 86.66 -18.23 96.30
N LYS BC 357 87.79 -17.54 96.46
CA LYS BC 357 88.58 -17.66 97.67
C LYS BC 357 88.26 -16.52 98.64
N LEU BC 358 87.62 -16.89 99.77
CA LEU BC 358 87.25 -15.90 100.77
C LEU BC 358 88.07 -16.11 102.05
N SER BC 359 89.12 -15.31 102.20
CA SER BC 359 89.99 -15.40 103.37
C SER BC 359 89.64 -14.31 104.39
N GLY BC 360 89.08 -14.72 105.51
CA GLY BC 360 88.70 -13.77 106.55
C GLY BC 360 87.20 -13.61 106.68
N THR BC 361 86.46 -14.61 106.21
CA THR BC 361 85.00 -14.58 106.27
C THR BC 361 84.47 -15.67 107.19
N SER BC 362 83.34 -15.40 107.83
CA SER BC 362 82.72 -16.37 108.73
C SER BC 362 81.38 -16.84 108.19
N GLY BC 363 80.39 -15.95 108.23
CA GLY BC 363 79.06 -16.29 107.75
C GLY BC 363 79.04 -16.53 106.25
N TRP BC 364 77.92 -16.20 105.62
CA TRP BC 364 77.77 -16.38 104.18
C TRP BC 364 77.35 -15.08 103.51
N LYS BC 365 77.85 -14.86 102.28
CA LYS BC 365 77.54 -13.66 101.51
C LYS BC 365 76.09 -13.63 101.02
N VAL BC 366 75.73 -12.56 100.32
CA VAL BC 366 74.37 -12.42 99.79
C VAL BC 366 74.31 -12.85 98.33
N ASP BC 367 73.74 -14.02 98.09
CA ASP BC 367 73.61 -14.55 96.73
C ASP BC 367 72.35 -14.00 96.05
N ARG BC 368 72.54 -13.27 94.96
CA ARG BC 368 71.42 -12.70 94.22
C ARG BC 368 71.40 -13.22 92.79
N PRO BC 369 70.60 -14.26 92.55
CA PRO BC 369 70.48 -14.85 91.23
C PRO BC 369 69.58 -14.02 90.33
N ASP BC 370 70.17 -13.34 89.35
CA ASP BC 370 69.41 -12.51 88.44
C ASP BC 370 69.27 -13.18 87.07
N PRO BC 371 68.40 -12.63 86.22
CA PRO BC 371 68.19 -13.18 84.90
C PRO BC 371 69.32 -12.79 83.96
N ARG BC 372 70.14 -11.83 84.38
CA ARG BC 372 71.26 -11.36 83.58
C ARG BC 372 72.57 -11.92 84.10
N SER BC 373 72.90 -11.57 85.35
CA SER BC 373 74.14 -12.04 85.97
C SER BC 373 73.91 -12.40 87.43
N ALA BC 374 74.99 -12.61 88.17
CA ALA BC 374 74.90 -12.97 89.58
C ALA BC 374 75.53 -11.89 90.45
N VAL BC 375 75.13 -11.85 91.72
CA VAL BC 375 75.66 -10.88 92.67
C VAL BC 375 76.03 -11.53 93.99
N LEU BC 376 77.24 -11.26 94.46
CA LEU BC 376 77.72 -11.82 95.72
C LEU BC 376 78.45 -10.77 96.55
N THR BC 377 77.83 -10.35 97.64
CA THR BC 377 78.42 -9.34 98.51
C THR BC 377 78.98 -9.98 99.78
N LEU BC 378 80.17 -9.54 100.18
CA LEU BC 378 80.82 -10.08 101.38
C LEU BC 378 81.18 -8.95 102.35
N ASP BC 379 80.33 -8.74 103.36
CA ASP BC 379 80.56 -7.70 104.35
C ASP BC 379 81.91 -7.91 105.05
N ASN BC 380 82.66 -6.83 105.20
CA ASN BC 380 83.96 -6.90 105.86
C ASN BC 380 84.93 -7.78 105.08
N ALA BC 381 84.70 -7.87 103.77
CA ALA BC 381 85.55 -8.68 102.91
C ALA BC 381 86.12 -7.85 101.76
N ARG BC 382 86.15 -6.54 101.95
CA ARG BC 382 86.67 -5.63 100.94
C ARG BC 382 87.98 -6.14 100.35
N LEU BC 383 87.97 -6.48 99.06
CA LEU BC 383 89.17 -6.97 98.39
C LEU BC 383 89.86 -5.87 97.61
N PRO BC 384 91.19 -5.95 97.51
CA PRO BC 384 92.00 -4.97 96.80
C PRO BC 384 91.78 -5.02 95.29
N LYS BC 385 91.99 -3.90 94.62
CA LYS BC 385 91.82 -3.82 93.18
C LYS BC 385 92.83 -4.71 92.45
N LYS BC 386 93.83 -5.18 93.19
CA LYS BC 386 94.85 -6.04 92.62
C LYS BC 386 94.43 -7.51 92.65
N PHE BC 387 93.17 -7.74 93.01
CA PHE BC 387 92.64 -9.10 93.08
C PHE BC 387 91.25 -9.17 92.46
N GLU BC 388 90.82 -8.06 91.85
CA GLU BC 388 89.51 -8.00 91.21
C GLU BC 388 89.60 -8.42 89.75
N ARG BC 389 90.60 -9.21 89.42
CA ARG BC 389 90.81 -9.68 88.05
C ARG BC 389 89.57 -10.42 87.56
N SER BC 390 89.34 -10.35 86.24
CA SER BC 390 88.18 -11.01 85.64
C SER BC 390 88.62 -12.25 84.85
N LEU BC 391 87.65 -13.09 84.52
CA LEU BC 391 87.93 -14.31 83.77
C LEU BC 391 87.69 -14.11 82.27
N ASP BC 392 88.15 -15.05 81.46
CA ASP BC 392 87.99 -14.97 80.02
C ASP BC 392 87.47 -16.29 79.46
N THR BC 393 86.56 -16.92 80.20
CA THR BC 393 85.99 -18.20 79.76
C THR BC 393 84.95 -18.00 78.67
N SER BC 394 85.39 -17.48 77.53
CA SER BC 394 84.50 -17.25 76.40
C SER BC 394 84.48 -18.44 75.47
N ALA BC 395 83.28 -18.81 75.03
CA ALA BC 395 83.12 -19.94 74.11
C ALA BC 395 83.54 -21.25 74.79
N LEU BC 396 83.28 -21.35 76.09
CA LEU BC 396 83.63 -22.54 76.85
C LEU BC 396 82.48 -23.53 76.88
N ASP BC 397 81.42 -23.23 76.13
CA ASP BC 397 80.25 -24.09 76.08
C ASP BC 397 79.63 -24.25 77.46
N THR BC 398 79.48 -23.14 78.17
CA THR BC 398 78.89 -23.17 79.50
C THR BC 398 77.86 -22.05 79.68
N PRO BC 399 77.00 -22.19 80.70
CA PRO BC 399 75.96 -21.21 81.00
C PRO BC 399 76.54 -19.90 81.53
N VAL BC 400 77.80 -19.94 81.93
CA VAL BC 400 78.47 -18.76 82.46
C VAL BC 400 79.21 -18.00 81.36
N LYS BC 401 78.70 -16.84 81.00
CA LYS BC 401 79.31 -16.02 79.95
C LYS BC 401 80.75 -15.68 80.31
N MET BC 402 80.94 -15.07 81.48
CA MET BC 402 82.27 -14.70 81.94
C MET BC 402 82.22 -14.16 83.36
N ILE BC 403 83.21 -14.54 84.17
CA ILE BC 403 83.28 -14.09 85.56
C ILE BC 403 83.99 -12.74 85.66
N SER BC 404 83.45 -11.86 86.50
CA SER BC 404 84.04 -10.54 86.69
C SER BC 404 84.08 -10.17 88.17
N ALA BC 405 85.26 -9.83 88.66
CA ALA BC 405 85.43 -9.46 90.06
C ALA BC 405 85.61 -7.94 90.19
N PHE BC 406 84.93 -7.35 91.17
CA PHE BC 406 85.03 -5.92 91.41
C PHE BC 406 85.04 -5.62 92.91
N SER BC 407 85.98 -4.76 93.33
CA SER BC 407 86.09 -4.40 94.73
C SER BC 407 85.02 -3.38 95.13
N VAL BC 408 85.32 -2.09 95.01
CA VAL BC 408 84.39 -1.08 95.48
C VAL BC 408 83.05 -1.13 94.76
N PRO BC 409 81.97 -0.97 95.53
CA PRO BC 409 80.66 -0.82 94.84
C PRO BC 409 79.76 0.11 95.66
N GLY BC 410 80.37 1.00 96.46
CA GLY BC 410 79.60 2.05 97.08
C GLY BC 410 79.18 1.80 98.51
N ALA BC 411 79.61 0.68 99.07
CA ALA BC 411 79.31 0.33 100.46
C ALA BC 411 80.64 0.04 101.17
N GLY BC 412 80.91 0.74 102.26
CA GLY BC 412 82.12 0.44 103.02
C GLY BC 412 82.23 -1.05 103.34
N GLY BC 413 83.44 -1.57 103.21
CA GLY BC 413 83.87 -2.90 103.59
C GLY BC 413 83.31 -4.04 102.73
N LYS BC 414 82.32 -3.82 101.89
CA LYS BC 414 81.65 -4.83 101.09
C LYS BC 414 82.43 -5.16 99.84
N VAL BC 415 82.29 -6.39 99.34
CA VAL BC 415 82.79 -6.75 98.01
C VAL BC 415 81.68 -7.34 97.14
N ARG BC 416 81.96 -7.36 95.82
CA ARG BC 416 80.89 -7.71 94.90
C ARG BC 416 81.42 -8.58 93.77
N LEU BC 417 80.60 -9.54 93.34
CA LEU BC 417 80.98 -10.45 92.26
C LEU BC 417 79.94 -10.44 91.15
N VAL BC 418 80.41 -10.39 89.91
CA VAL BC 418 79.52 -10.38 88.75
C VAL BC 418 79.79 -11.57 87.84
N VAL BC 419 78.85 -12.52 87.82
CA VAL BC 419 78.98 -13.72 86.99
C VAL BC 419 77.93 -13.72 85.88
N ALA BC 420 78.26 -13.09 84.76
CA ALA BC 420 77.35 -13.03 83.62
C ALA BC 420 76.95 -14.43 83.17
N ALA BC 421 75.67 -14.60 82.82
CA ALA BC 421 75.16 -15.88 82.36
C ALA BC 421 74.34 -15.72 81.08
N ASP BC 422 73.80 -16.84 80.60
CA ASP BC 422 73.00 -16.83 79.38
C ASP BC 422 71.95 -17.93 79.41
N GLY BC 423 70.82 -17.69 78.74
CA GLY BC 423 69.77 -18.68 78.70
C GLY BC 423 69.36 -19.16 80.08
N ALA BC 424 68.48 -20.16 80.13
CA ALA BC 424 68.01 -20.70 81.40
C ALA BC 424 69.14 -21.46 82.12
N ILE BC 425 69.26 -21.22 83.42
CA ILE BC 425 70.29 -21.87 84.22
C ILE BC 425 69.90 -21.87 85.71
N GLU BC 426 70.70 -22.57 86.51
CA GLU BC 426 70.44 -22.65 87.94
C GLU BC 426 71.71 -22.41 88.74
N GLU BC 427 71.59 -21.71 89.86
CA GLU BC 427 72.73 -21.42 90.72
C GLU BC 427 72.78 -22.36 91.90
N LYS BC 428 73.98 -22.82 92.24
CA LYS BC 428 74.17 -23.74 93.36
C LYS BC 428 75.43 -23.40 94.15
N VAL BC 429 75.25 -22.88 95.36
CA VAL BC 429 76.37 -22.51 96.21
C VAL BC 429 76.82 -23.70 97.06
N SER BC 430 78.13 -23.83 97.22
CA SER BC 430 78.70 -24.92 98.02
C SER BC 430 79.80 -24.42 98.94
N GLN BC 431 79.73 -24.79 100.21
CA GLN BC 431 80.72 -24.37 101.19
C GLN BC 431 81.49 -25.57 101.73
N SER BC 432 82.62 -25.87 101.11
CA SER BC 432 83.46 -26.98 101.53
C SER BC 432 84.24 -26.65 102.79
N ALA BC 433 84.18 -25.38 103.20
CA ALA BC 433 84.87 -24.93 104.39
C ALA BC 433 84.59 -23.46 104.67
N GLY BC 434 84.85 -23.03 105.92
CA GLY BC 434 84.63 -21.65 106.34
C GLY BC 434 85.62 -20.69 105.71
N THR BC 435 85.38 -20.34 104.44
CA THR BC 435 86.27 -19.43 103.74
C THR BC 435 86.29 -19.67 102.25
N LEU BC 436 86.02 -20.91 101.85
CA LEU BC 436 86.01 -21.27 100.43
C LEU BC 436 84.59 -21.31 99.90
N SER BC 437 84.29 -20.44 98.94
CA SER BC 437 82.97 -20.37 98.34
C SER BC 437 82.99 -20.90 96.91
N TRP BC 438 81.88 -21.49 96.48
CA TRP BC 438 81.78 -22.03 95.14
C TRP BC 438 80.39 -21.79 94.55
N ARG BC 439 80.32 -21.69 93.22
CA ARG BC 439 79.05 -21.46 92.54
C ARG BC 439 78.93 -22.36 91.31
N LEU BC 440 78.12 -23.40 91.42
CA LEU BC 440 77.92 -24.33 90.31
C LEU BC 440 76.80 -23.85 89.40
N TYR BC 477 67.20 -37.52 47.59
CA TYR BC 477 66.43 -38.77 47.78
C TYR BC 477 67.33 -39.81 48.40
N ARG BC 478 67.82 -39.49 49.59
CA ARG BC 478 68.50 -40.42 50.47
C ARG BC 478 68.56 -39.81 51.86
N GLY BC 479 68.37 -40.62 52.89
CA GLY BC 479 68.30 -40.10 54.25
C GLY BC 479 68.51 -41.13 55.35
N LYS BC 480 68.65 -40.66 56.61
CA LYS BC 480 68.51 -41.54 57.78
C LYS BC 480 67.14 -42.21 57.81
N ARG BC 481 67.11 -43.40 58.39
CA ARG BC 481 65.89 -44.18 58.67
C ARG BC 481 65.17 -43.68 59.90
N VAL BC 482 63.85 -43.78 59.80
CA VAL BC 482 62.94 -43.10 60.69
C VAL BC 482 61.66 -43.92 60.85
N SER BC 483 60.84 -43.52 61.80
CA SER BC 483 59.47 -44.01 61.92
C SER BC 483 58.58 -42.79 62.07
N PHE BC 484 57.70 -42.61 61.09
CA PHE BC 484 56.72 -41.54 61.06
C PHE BC 484 55.39 -41.89 61.63
N GLU BC 485 55.06 -41.32 62.77
CA GLU BC 485 53.75 -41.50 63.34
C GLU BC 485 53.10 -40.15 63.45
N PHE BC 486 52.02 -39.95 62.67
CA PHE BC 486 51.22 -38.74 62.61
C PHE BC 486 49.75 -39.00 62.79
N LYS BC 487 49.24 -38.66 63.96
CA LYS BC 487 47.83 -38.86 64.29
C LYS BC 487 47.05 -37.57 64.20
N ASP BC 488 46.49 -37.30 63.02
CA ASP BC 488 45.59 -36.18 62.80
C ASP BC 488 46.39 -34.88 63.02
N ILE BC 489 47.30 -34.61 62.08
CA ILE BC 489 48.16 -33.42 62.12
C ILE BC 489 48.24 -32.72 60.77
N ASP BC 490 48.45 -31.41 60.83
CA ASP BC 490 48.60 -30.62 59.62
C ASP BC 490 49.81 -31.08 58.82
N ILE BC 491 49.67 -31.28 57.51
CA ILE BC 491 50.79 -31.65 56.67
C ILE BC 491 51.90 -30.60 56.75
N GLN BC 492 51.54 -29.33 56.97
CA GLN BC 492 52.47 -28.25 57.26
C GLN BC 492 53.30 -28.51 58.51
N ASN BC 493 52.67 -29.03 59.57
CA ASN BC 493 53.42 -29.45 60.73
C ASN BC 493 54.32 -30.62 60.37
N LEU BC 494 53.82 -31.68 59.72
CA LEU BC 494 54.69 -32.79 59.36
C LEU BC 494 55.89 -32.33 58.53
N LEU BC 495 55.63 -31.44 57.62
CA LEU BC 495 56.67 -30.82 56.86
C LEU BC 495 57.74 -30.15 57.72
N ARG BC 496 57.36 -29.23 58.61
CA ARG BC 496 58.29 -28.49 59.49
C ARG BC 496 59.08 -29.40 60.35
N VAL BC 497 58.37 -30.35 60.92
CA VAL BC 497 58.97 -31.40 61.71
C VAL BC 497 60.05 -32.08 60.85
N ILE BC 498 59.68 -32.44 59.62
CA ILE BC 498 60.62 -33.01 58.68
C ILE BC 498 61.74 -32.00 58.39
N ALA BC 499 61.57 -30.70 58.27
CA ALA BC 499 62.74 -29.78 58.21
C ALA BC 499 63.59 -29.69 59.52
N GLU BC 500 62.99 -29.81 60.70
CA GLU BC 500 63.65 -29.76 62.02
C GLU BC 500 64.56 -30.96 62.30
N ILE BC 501 64.36 -32.02 61.54
CA ILE BC 501 65.15 -33.25 61.52
C ILE BC 501 66.23 -33.17 60.37
N SER BC 502 66.56 -32.01 59.75
CA SER BC 502 67.65 -31.81 58.73
C SER BC 502 67.39 -32.45 57.38
N LYS BC 503 66.15 -32.86 57.21
CA LYS BC 503 65.59 -33.29 55.96
C LYS BC 503 65.23 -32.07 55.15
N LYS BC 504 66.29 -31.41 54.70
CA LYS BC 504 66.28 -30.09 54.03
C LYS BC 504 65.77 -29.02 54.99
N ASN BC 505 65.68 -27.80 54.48
CA ASN BC 505 64.71 -26.84 54.99
C ASN BC 505 63.47 -26.95 54.12
N ILE BC 506 62.39 -27.47 54.66
CA ILE BC 506 61.13 -27.54 53.94
C ILE BC 506 60.26 -26.32 54.26
N VAL BC 507 59.64 -25.71 53.23
CA VAL BC 507 58.64 -24.63 53.34
C VAL BC 507 57.47 -24.95 52.39
N VAL BC 508 56.23 -24.87 52.88
CA VAL BC 508 55.06 -25.00 52.00
C VAL BC 508 54.80 -23.68 51.24
N ALA BC 509 53.81 -23.64 50.34
CA ALA BC 509 52.98 -22.44 50.14
C ALA BC 509 52.23 -22.05 51.44
N ASP BC 510 51.18 -21.22 51.40
CA ASP BC 510 50.39 -21.00 52.63
C ASP BC 510 49.37 -22.16 52.78
N ASP BC 511 48.29 -22.10 52.01
CA ASP BC 511 47.22 -23.09 52.13
C ASP BC 511 47.42 -24.24 51.16
N VAL BC 512 48.13 -25.25 51.64
CA VAL BC 512 48.42 -26.45 50.87
C VAL BC 512 47.27 -27.46 50.86
N SER BC 513 46.58 -27.71 51.97
CA SER BC 513 45.74 -28.92 52.07
C SER BC 513 44.93 -28.91 53.37
N GLY BC 514 45.51 -29.54 54.39
CA GLY BC 514 44.92 -29.68 55.69
C GLY BC 514 45.73 -30.66 56.52
N LYS BC 515 44.98 -31.53 57.17
CA LYS BC 515 45.44 -32.53 58.12
C LYS BC 515 45.43 -33.94 57.53
N VAL BC 516 46.42 -34.76 57.91
CA VAL BC 516 46.54 -36.18 57.51
C VAL BC 516 46.97 -37.08 58.65
N THR BC 517 46.65 -38.37 58.51
CA THR BC 517 47.14 -39.45 59.35
C THR BC 517 47.95 -40.49 58.60
N ILE BC 518 49.18 -40.75 59.06
CA ILE BC 518 50.04 -41.84 58.58
C ILE BC 518 50.79 -42.46 59.78
N ARG BC 519 51.23 -43.72 59.67
CA ARG BC 519 52.16 -44.38 60.60
C ARG BC 519 53.11 -45.41 59.99
N LEU BC 520 54.34 -44.97 59.89
CA LEU BC 520 55.44 -45.64 59.23
C LEU BC 520 56.40 -46.17 60.26
N ARG BC 521 57.03 -47.29 59.92
CA ARG BC 521 58.20 -47.76 60.65
C ARG BC 521 59.32 -48.13 59.68
N ASN BC 522 60.55 -47.88 60.13
CA ASN BC 522 61.78 -48.23 59.42
C ASN BC 522 61.88 -47.66 58.00
N VAL BC 523 61.41 -46.44 57.76
CA VAL BC 523 61.42 -45.85 56.42
C VAL BC 523 62.36 -44.66 56.46
N PRO BC 524 63.38 -44.53 55.61
CA PRO BC 524 64.05 -43.27 55.39
C PRO BC 524 63.05 -42.20 55.01
N TRP BC 525 63.33 -41.03 55.51
CA TRP BC 525 62.36 -39.99 55.46
C TRP BC 525 61.96 -39.48 54.10
N ASP BC 526 62.93 -39.40 53.19
CA ASP BC 526 62.82 -38.83 51.86
C ASP BC 526 61.87 -39.65 51.00
N GLN BC 527 61.81 -40.91 51.39
CA GLN BC 527 60.77 -41.79 50.99
C GLN BC 527 59.48 -41.60 51.77
N ALA BC 528 59.49 -41.61 53.12
CA ALA BC 528 58.26 -41.41 53.88
C ALA BC 528 57.53 -40.14 53.41
N LEU BC 529 58.29 -39.11 53.00
CA LEU BC 529 57.87 -37.94 52.24
C LEU BC 529 57.20 -38.26 50.93
N ASP BC 530 57.86 -38.88 49.94
CA ASP BC 530 57.23 -39.22 48.63
C ASP BC 530 55.89 -39.93 48.79
N LEU BC 531 55.95 -40.80 49.78
CA LEU BC 531 54.83 -41.54 50.25
C LEU BC 531 53.74 -40.66 50.92
N VAL BC 532 54.13 -39.59 51.64
CA VAL BC 532 53.18 -38.63 52.29
C VAL BC 532 52.43 -37.84 51.22
N LEU BC 533 53.17 -37.37 50.19
CA LEU BC 533 52.66 -36.70 49.00
C LEU BC 533 51.45 -37.47 48.41
N ARG BC 534 51.68 -38.76 48.14
CA ARG BC 534 50.66 -39.68 47.58
C ARG BC 534 49.42 -39.95 48.44
N THR BC 535 49.60 -39.80 49.75
CA THR BC 535 48.47 -39.98 50.66
C THR BC 535 47.34 -38.98 50.35
N LYS BC 536 47.64 -37.70 50.52
CA LYS BC 536 46.70 -36.57 50.40
C LYS BC 536 47.42 -35.35 49.84
N ALA BC 537 48.64 -35.33 50.36
CA ALA BC 537 49.52 -34.23 50.37
C ALA BC 537 50.02 -33.98 48.95
N LEU BC 538 51.00 -33.13 48.96
CA LEU BC 538 51.31 -32.26 47.85
C LEU BC 538 52.24 -32.94 46.85
N GLY BC 539 52.80 -32.19 45.90
CA GLY BC 539 54.10 -32.52 45.29
C GLY BC 539 55.21 -31.61 45.82
N LYS BC 540 56.47 -32.07 45.77
CA LYS BC 540 57.64 -31.29 46.22
C LYS BC 540 58.49 -30.80 45.04
N GLU BC 541 58.95 -29.55 45.12
CA GLU BC 541 59.97 -28.95 44.26
C GLU BC 541 61.13 -28.40 45.09
N GLU BC 542 62.36 -28.75 44.78
CA GLU BC 542 63.53 -28.26 45.53
C GLU BC 542 64.28 -27.16 44.80
N PHE BC 543 64.49 -26.02 45.49
CA PHE BC 543 65.43 -24.98 45.07
C PHE BC 543 66.91 -25.36 45.26
N GLY BC 544 67.18 -26.09 46.34
CA GLY BC 544 68.44 -26.78 46.65
C GLY BC 544 68.66 -26.81 48.16
N ASN BC 545 68.82 -25.62 48.74
CA ASN BC 545 68.89 -25.44 50.20
C ASN BC 545 67.51 -25.56 50.86
N ILE BC 546 66.55 -24.82 50.29
CA ILE BC 546 65.14 -24.88 50.67
C ILE BC 546 64.40 -25.69 49.62
N ILE BC 547 63.30 -26.28 50.02
CA ILE BC 547 62.37 -26.96 49.12
C ILE BC 547 61.00 -26.31 49.31
N ARG BC 548 60.27 -26.05 48.21
CA ARG BC 548 58.89 -25.61 48.27
C ARG BC 548 57.94 -26.74 47.98
N ILE BC 549 56.89 -26.83 48.81
CA ILE BC 549 55.82 -27.80 48.63
C ILE BC 549 54.53 -27.07 48.34
N ALA BC 550 53.86 -27.49 47.28
CA ALA BC 550 52.68 -26.80 46.81
C ALA BC 550 51.49 -27.75 46.59
N PRO BC 551 50.26 -27.22 46.75
CA PRO BC 551 48.99 -27.83 46.38
C PRO BC 551 48.76 -27.95 44.86
N ASP BC 574 45.13 -46.81 61.36
CA ASP BC 574 46.31 -46.33 60.66
C ASP BC 574 46.55 -46.96 59.28
N LEU BC 575 47.23 -46.09 58.55
CA LEU BC 575 48.00 -46.45 57.39
C LEU BC 575 49.35 -46.70 57.90
N MET BC 576 49.96 -47.62 57.20
CA MET BC 576 51.30 -47.91 57.54
C MET BC 576 52.16 -48.18 56.38
N VAL BC 577 53.42 -48.03 56.73
CA VAL BC 577 54.50 -48.36 55.86
C VAL BC 577 55.35 -49.40 56.49
N ASN BC 578 55.67 -50.34 55.62
CA ASN BC 578 56.45 -51.50 55.90
C ASN BC 578 57.38 -51.72 54.71
N LEU BC 579 58.62 -52.06 55.04
CA LEU BC 579 59.65 -52.49 54.11
C LEU BC 579 59.54 -54.00 54.02
N LEU BC 580 59.43 -54.50 52.79
CA LEU BC 580 59.51 -55.91 52.44
C LEU BC 580 60.93 -56.16 51.90
N PRO BC 581 61.77 -57.00 52.52
CA PRO BC 581 62.94 -57.49 51.82
C PRO BC 581 62.46 -58.44 50.72
N VAL BC 582 63.11 -58.38 49.56
CA VAL BC 582 63.01 -59.41 48.51
C VAL BC 582 64.38 -60.06 48.42
N ASN BC 583 64.53 -61.23 49.06
CA ASN BC 583 65.84 -61.88 49.05
C ASN BC 583 66.12 -62.55 47.70
N TYR BC 584 65.11 -63.23 47.15
CA TYR BC 584 65.34 -64.15 46.05
C TYR BC 584 65.06 -63.61 44.66
N ALA BC 585 63.90 -62.97 44.48
CA ALA BC 585 63.50 -62.41 43.19
C ALA BC 585 64.01 -60.97 42.99
N VAL BC 586 63.94 -60.49 41.75
CA VAL BC 586 64.11 -59.05 41.47
C VAL BC 586 62.80 -58.31 41.76
N ALA BC 587 62.89 -57.10 42.32
CA ALA BC 587 61.72 -56.30 42.68
C ALA BC 587 60.81 -55.94 41.47
N ALA BC 588 61.43 -55.69 40.31
CA ALA BC 588 60.73 -55.31 39.08
C ALA BC 588 59.77 -56.40 38.54
N ASP BC 589 60.07 -57.67 38.78
CA ASP BC 589 59.20 -58.80 38.36
C ASP BC 589 57.86 -58.83 39.11
N MET BC 590 57.86 -58.34 40.36
CA MET BC 590 56.63 -58.12 41.14
C MET BC 590 55.75 -56.99 40.57
N ALA BC 591 56.33 -56.03 39.84
CA ALA BC 591 55.66 -54.78 39.47
C ALA BC 591 54.33 -55.00 38.73
N ALA BC 592 54.26 -55.99 37.82
CA ALA BC 592 53.05 -56.32 37.08
C ALA BC 592 51.89 -56.71 38.04
N ARG BC 593 52.15 -57.67 38.93
CA ARG BC 593 51.16 -58.15 39.92
C ARG BC 593 50.78 -57.13 40.97
N VAL BC 594 51.77 -56.38 41.46
CA VAL BC 594 51.55 -55.37 42.49
C VAL BC 594 50.72 -54.21 41.91
N LYS BC 595 51.03 -53.76 40.69
CA LYS BC 595 50.22 -52.76 39.98
C LYS BC 595 48.77 -53.23 39.81
N ASP BC 596 48.59 -54.51 39.50
CA ASP BC 596 47.28 -55.13 39.34
C ASP BC 596 46.40 -55.21 40.62
N VAL BC 597 46.97 -55.38 41.84
CA VAL BC 597 46.15 -55.18 43.07
C VAL BC 597 45.71 -53.73 43.22
N LEU BC 598 46.62 -52.75 43.02
CA LEU BC 598 46.31 -51.35 43.31
C LEU BC 598 45.06 -50.91 42.52
N SER BC 599 44.98 -51.27 41.24
CA SER BC 599 43.94 -50.75 40.35
C SER BC 599 43.90 -49.20 40.44
N GLU BC 600 42.71 -48.61 40.58
CA GLU BC 600 42.48 -47.21 40.93
C GLU BC 600 42.43 -46.95 42.45
N ARG BC 601 43.09 -47.81 43.26
CA ARG BC 601 43.24 -47.55 44.70
C ARG BC 601 44.52 -46.82 45.06
N GLY BC 602 44.41 -46.47 46.34
CA GLY BC 602 45.34 -45.81 47.20
C GLY BC 602 45.95 -46.72 48.20
N SER BC 603 47.15 -46.29 48.44
CA SER BC 603 48.23 -47.23 48.37
C SER BC 603 49.18 -46.85 47.27
N VAL BC 604 50.41 -47.21 47.53
CA VAL BC 604 51.45 -47.23 46.55
C VAL BC 604 52.54 -48.21 46.95
N THR BC 605 53.35 -48.52 45.96
CA THR BC 605 54.57 -49.30 46.06
C THR BC 605 55.76 -48.48 45.53
N VAL BC 606 56.88 -48.48 46.26
CA VAL BC 606 58.16 -47.86 45.88
C VAL BC 606 59.24 -48.91 45.87
N ASP BC 607 60.02 -48.90 44.78
CA ASP BC 607 61.14 -49.81 44.62
C ASP BC 607 62.43 -49.08 45.00
N GLN BC 608 63.06 -49.51 46.09
CA GLN BC 608 64.39 -49.02 46.44
C GLN BC 608 65.47 -49.82 45.71
N ARG BC 609 66.62 -49.16 45.52
CA ARG BC 609 67.76 -49.71 44.74
C ARG BC 609 68.31 -51.03 45.26
N THR BC 610 68.28 -51.23 46.57
CA THR BC 610 68.78 -52.45 47.22
C THR BC 610 67.76 -53.61 47.17
N ASN BC 611 66.88 -53.65 46.15
CA ASN BC 611 65.82 -54.65 45.93
C ASN BC 611 64.98 -54.92 47.19
N VAL BC 612 64.46 -53.82 47.75
CA VAL BC 612 63.40 -53.87 48.76
C VAL BC 612 62.19 -53.12 48.24
N LEU BC 613 61.01 -53.69 48.45
CA LEU BC 613 59.77 -52.98 48.18
C LEU BC 613 59.34 -52.23 49.43
N ILE BC 614 58.75 -51.05 49.21
CA ILE BC 614 58.09 -50.30 50.27
C ILE BC 614 56.69 -49.94 49.86
N VAL BC 615 55.76 -50.21 50.77
CA VAL BC 615 54.35 -49.91 50.59
C VAL BC 615 53.83 -48.90 51.60
N LYS BC 616 53.17 -47.81 51.15
CA LYS BC 616 52.21 -47.12 52.05
C LYS BC 616 50.87 -47.56 51.58
N ASP BC 617 50.00 -47.66 52.57
CA ASP BC 617 48.57 -47.84 52.39
C ASP BC 617 47.87 -48.05 53.72
N VAL BC 618 46.55 -48.21 53.63
CA VAL BC 618 45.78 -48.87 54.66
C VAL BC 618 46.46 -50.19 55.03
N ARG BC 619 46.29 -50.65 56.29
CA ARG BC 619 46.75 -51.99 56.68
C ARG BC 619 46.22 -53.10 55.75
N SER BC 620 44.96 -53.04 55.33
CA SER BC 620 44.35 -54.11 54.52
C SER BC 620 44.98 -54.23 53.12
N ASN BC 621 45.30 -53.12 52.44
CA ASN BC 621 46.06 -53.16 51.18
C ASN BC 621 47.55 -53.52 51.42
N THR BC 622 48.19 -53.07 52.52
CA THR BC 622 49.56 -53.53 52.89
C THR BC 622 49.64 -55.06 53.04
N GLU BC 623 48.68 -55.60 53.79
CA GLU BC 623 48.61 -57.03 54.05
C GLU BC 623 48.56 -57.83 52.77
N ARG BC 624 47.68 -57.43 51.83
CA ARG BC 624 47.57 -58.05 50.51
C ARG BC 624 48.89 -58.00 49.76
N ALA BC 625 49.47 -56.80 49.63
CA ALA BC 625 50.73 -56.62 48.94
C ALA BC 625 51.87 -57.46 49.56
N ARG BC 626 51.98 -57.52 50.89
CA ARG BC 626 52.96 -58.39 51.57
C ARG BC 626 52.73 -59.87 51.25
N SER BC 627 51.49 -60.35 51.37
CA SER BC 627 51.18 -61.76 51.10
C SER BC 627 51.58 -62.18 49.70
N LEU BC 628 51.34 -61.33 48.68
CA LEU BC 628 51.76 -61.60 47.29
C LEU BC 628 53.28 -61.52 47.12
N VAL BC 629 53.94 -60.48 47.65
CA VAL BC 629 55.40 -60.32 47.55
C VAL BC 629 56.09 -61.50 48.20
N ARG BC 630 55.73 -61.86 49.44
CA ARG BC 630 56.32 -63.02 50.11
C ARG BC 630 55.99 -64.32 49.38
N SER BC 631 54.77 -64.49 48.89
CA SER BC 631 54.36 -65.73 48.18
C SER BC 631 55.17 -65.97 46.90
N LEU BC 632 55.35 -64.92 46.11
CA LEU BC 632 56.25 -64.96 44.94
C LEU BC 632 57.73 -65.03 45.29
N ASP BC 633 58.14 -64.38 46.39
CA ASP BC 633 59.50 -64.56 46.89
C ASP BC 633 59.59 -66.07 47.15
N THR BC 634 58.71 -66.71 47.97
CA THR BC 634 58.81 -68.14 48.34
C THR BC 634 59.03 -69.19 47.25
N GLN BC 635 58.54 -69.04 46.02
CA GLN BC 635 58.91 -69.98 44.95
C GLN BC 635 60.35 -69.76 44.39
N THR BC 636 60.82 -68.52 44.45
CA THR BC 636 62.23 -68.12 44.28
C THR BC 636 63.29 -68.64 45.31
N PRO BC 637 63.05 -68.80 46.65
CA PRO BC 637 63.94 -69.52 47.58
C PRO BC 637 64.17 -70.99 47.29
N GLN BC 638 63.24 -71.73 46.66
CA GLN BC 638 63.60 -73.09 46.26
C GLN BC 638 64.51 -73.03 45.03
N VAL BC 639 65.81 -72.92 45.31
CA VAL BC 639 66.86 -72.91 44.30
C VAL BC 639 67.29 -74.33 43.92
N CYS CC 5 -31.56 69.58 43.34
CA CYS CC 5 -30.17 69.27 43.03
C CYS CC 5 -29.27 69.79 44.18
N GLU CC 6 -27.95 69.54 44.08
CA GLU CC 6 -26.95 70.33 44.82
C GLU CC 6 -26.15 71.25 43.85
N GLU CC 7 -25.84 72.44 44.33
CA GLU CC 7 -25.33 73.59 43.58
C GLU CC 7 -23.77 73.63 43.58
N PRO CC 8 -23.06 74.67 43.08
CA PRO CC 8 -21.61 74.64 42.80
C PRO CC 8 -20.66 74.06 43.87
N PRO CC 9 -20.96 74.27 45.14
CA PRO CC 9 -21.60 73.24 45.97
C PRO CC 9 -22.90 73.73 46.59
N ALA CC 10 -23.52 72.90 47.41
CA ALA CC 10 -24.84 73.20 47.96
C ALA CC 10 -24.81 74.49 48.78
N PRO CC 11 -25.86 74.70 49.57
CA PRO CC 11 -26.43 76.03 49.76
C PRO CC 11 -25.42 76.99 50.40
N ALA CC 12 -25.52 77.16 51.72
CA ALA CC 12 -24.41 77.71 52.50
C ALA CC 12 -23.34 76.66 52.75
N PRO CC 13 -23.77 75.43 53.00
CA PRO CC 13 -23.12 74.58 54.01
C PRO CC 13 -22.05 73.70 53.40
N PRO CC 14 -22.46 72.76 52.55
CA PRO CC 14 -22.72 73.05 51.14
C PRO CC 14 -23.66 72.02 50.51
N PRO CC 15 -24.87 71.92 51.04
CA PRO CC 15 -25.09 71.26 52.33
C PRO CC 15 -24.87 69.76 52.23
N ALA CC 16 -25.53 69.00 53.11
CA ALA CC 16 -25.92 67.63 52.80
C ALA CC 16 -24.73 66.68 52.97
N LYS CC 17 -23.53 67.24 53.03
CA LYS CC 17 -22.31 66.45 52.89
C LYS CC 17 -21.99 65.69 54.17
N PRO CC 18 -22.72 66.02 55.23
CA PRO CC 18 -22.85 65.11 56.39
C PRO CC 18 -23.27 63.71 55.96
N LYS CC 19 -23.69 63.58 54.70
CA LYS CC 19 -24.15 62.29 54.19
C LYS CC 19 -23.16 61.70 53.19
N ALA CC 20 -22.98 62.40 52.07
CA ALA CC 20 -21.85 62.14 51.18
C ALA CC 20 -20.56 61.96 51.98
N ALA CC 21 -20.18 62.99 52.73
CA ALA CC 21 -18.83 63.08 53.28
C ALA CC 21 -18.69 62.21 54.54
N ALA CC 22 -19.83 61.88 55.14
CA ALA CC 22 -19.82 61.18 56.42
C ALA CC 22 -19.84 59.67 56.23
N ALA CC 23 -20.37 59.22 55.10
CA ALA CC 23 -20.34 57.82 54.74
C ALA CC 23 -19.20 57.50 53.78
N VAL CC 24 -18.68 58.55 53.15
CA VAL CC 24 -17.25 58.60 52.83
C VAL CC 24 -16.40 58.68 54.09
N PRO CC 25 -15.69 59.79 54.24
CA PRO CC 25 -14.22 59.75 54.34
C PRO CC 25 -13.74 58.57 55.17
N VAL CC 26 -14.02 57.36 54.69
CA VAL CC 26 -13.36 56.82 53.52
C VAL CC 26 -12.92 55.38 53.75
N LYS CC 27 -11.77 55.22 54.41
CA LYS CC 27 -11.52 55.88 55.68
C LYS CC 27 -10.20 56.63 55.67
N ALA CC 28 -9.81 57.10 54.49
CA ALA CC 28 -8.39 57.25 54.16
C ALA CC 28 -7.59 56.02 54.58
N ALA CC 29 -7.30 55.94 55.88
CA ALA CC 29 -5.94 55.72 56.34
C ALA CC 29 -5.14 57.03 56.18
N PRO CC 30 -5.03 57.58 54.95
CA PRO CC 30 -4.62 56.85 53.76
C PRO CC 30 -3.23 56.23 53.98
N THR CC 31 -3.14 54.96 53.56
CA THR CC 31 -2.05 54.06 53.97
C THR CC 31 -0.88 54.32 53.02
N GLU CC 32 -0.18 55.41 53.32
CA GLU CC 32 1.12 55.86 52.79
C GLU CC 32 2.29 54.85 52.95
N THR CC 33 2.02 53.56 52.81
CA THR CC 33 2.66 52.43 53.53
C THR CC 33 3.31 51.39 52.60
N GLY CC 34 2.54 50.36 52.20
CA GLY CC 34 3.00 48.97 52.12
C GLY CC 34 3.74 48.62 50.84
N ALA CC 35 4.95 49.19 50.64
CA ALA CC 35 5.63 49.32 49.36
C ALA CC 35 6.60 48.14 49.10
N GLN CC 36 7.85 48.45 48.75
CA GLN CC 36 8.84 47.49 48.24
C GLN CC 36 10.02 47.35 49.19
N ALA CC 37 10.54 46.12 49.36
CA ALA CC 37 11.62 45.81 50.31
C ALA CC 37 13.00 45.78 49.63
N ALA CC 38 14.03 46.19 50.38
CA ALA CC 38 15.44 45.91 50.05
C ALA CC 38 15.89 44.46 50.38
N PRO CC 39 14.95 43.60 50.82
CA PRO CC 39 15.06 42.92 52.13
C PRO CC 39 16.34 43.26 52.95
N SER CC 40 16.96 42.28 53.58
CA SER CC 40 18.25 42.39 54.25
C SER CC 40 19.01 41.05 54.08
N TYR CC 41 20.31 41.05 54.33
CA TYR CC 41 21.21 39.96 53.95
C TYR CC 41 22.07 39.53 55.15
N SER CC 42 22.26 38.21 55.29
CA SER CC 42 23.11 37.60 56.31
C SER CC 42 24.58 37.51 55.90
N TYR CC 43 25.45 37.19 56.85
CA TYR CC 43 26.91 37.19 56.68
C TYR CC 43 27.57 35.81 56.86
N VAL CC 44 28.72 35.59 56.19
CA VAL CC 44 29.39 34.29 56.06
C VAL CC 44 30.89 34.43 56.23
N TYR CC 45 31.65 33.48 56.79
CA TYR CC 45 31.33 32.33 57.66
C TYR CC 45 32.62 32.01 58.46
N ASN CC 46 32.53 31.29 59.59
CA ASN CC 46 33.68 31.11 60.49
C ASN CC 46 34.43 29.77 60.29
N PRO CC 47 35.52 29.79 59.50
CA PRO CC 47 36.64 28.90 59.77
C PRO CC 47 38.04 29.51 59.50
N VAL CC 48 38.89 29.50 60.51
CA VAL CC 48 40.22 28.93 60.39
C VAL CC 48 40.17 27.43 60.16
N GLY CC 49 41.29 26.84 59.81
CA GLY CC 49 41.39 25.40 59.66
C GLY CC 49 42.83 24.92 59.57
N LYS CC 50 43.00 23.63 59.27
CA LYS CC 50 43.71 22.74 60.17
C LYS CC 50 44.58 21.75 59.40
N ARG CC 51 44.97 20.66 60.07
CA ARG CC 51 45.00 19.35 59.44
C ARG CC 51 45.27 18.25 60.47
N ASP CC 52 45.12 17.01 60.04
CA ASP CC 52 44.68 15.94 60.95
C ASP CC 52 45.07 14.57 60.41
N PRO CC 53 44.09 13.68 60.29
CA PRO CC 53 43.26 13.60 59.09
C PRO CC 53 42.73 14.97 58.69
N PHE CC 54 42.98 15.37 57.43
CA PHE CC 54 43.11 14.40 56.34
C PHE CC 54 44.58 14.27 55.86
N ARG CC 55 45.59 14.73 56.64
CA ARG CC 55 46.99 14.65 56.18
C ARG CC 55 47.46 13.21 56.01
N SER CC 56 47.49 12.41 57.07
CA SER CC 56 47.83 10.98 56.95
C SER CC 56 47.01 10.17 55.91
N PRO CC 57 45.67 10.26 55.87
CA PRO CC 57 44.89 9.51 54.88
C PRO CC 57 44.96 10.01 53.42
N ILE CC 58 45.77 11.02 53.06
CA ILE CC 58 46.09 11.33 51.64
C ILE CC 58 47.57 11.71 51.45
N ASP CC 59 48.11 12.62 52.25
CA ASP CC 59 49.52 13.07 52.20
C ASP CC 59 50.51 11.93 52.53
N GLU CC 60 50.09 10.90 53.30
CA GLU CC 60 50.89 9.73 53.67
C GLU CC 60 50.40 8.41 53.02
N LEU CC 61 49.10 8.30 52.71
CA LEU CC 61 48.53 7.17 51.97
C LEU CC 61 48.85 7.20 50.46
N GLY CC 62 48.97 8.38 49.83
CA GLY CC 62 49.33 8.51 48.41
C GLY CC 62 50.74 8.00 48.06
N PRO CC 63 51.75 8.15 48.95
CA PRO CC 63 53.11 7.57 48.94
C PRO CC 63 53.26 6.02 49.10
N VAL CC 64 53.27 5.11 50.47
CA VAL CC 64 53.85 3.78 50.78
C VAL CC 64 53.48 3.34 52.19
N ASN CC 65 52.98 2.15 52.53
CA ASN CC 65 52.36 1.86 53.81
C ASN CC 65 52.81 0.48 54.29
N ALA CC 66 53.39 0.45 55.49
CA ALA CC 66 53.76 -0.77 56.20
C ALA CC 66 53.29 -0.65 57.64
N ASN CC 67 52.84 -1.78 58.22
CA ASN CC 67 52.41 -1.85 59.61
C ASN CC 67 53.24 -2.91 60.36
N PRO CC 68 54.47 -2.55 60.84
CA PRO CC 68 55.47 -3.50 61.32
C PRO CC 68 55.01 -4.48 62.41
N VAL CC 69 55.60 -5.67 62.36
CA VAL CC 69 55.52 -6.66 63.44
C VAL CC 69 56.48 -6.38 64.59
N ALA CC 70 55.95 -6.25 65.81
CA ALA CC 70 56.71 -6.24 67.08
C ALA CC 70 55.97 -6.91 68.25
N ALA CC 71 54.66 -7.16 68.11
CA ALA CC 71 53.47 -7.59 68.83
C ALA CC 71 53.70 -8.85 69.68
N CYS CC 72 52.67 -9.22 70.45
CA CYS CC 72 52.52 -10.58 70.94
C CYS CC 72 52.18 -11.61 69.84
N ASN CC 73 52.76 -12.80 69.95
CA ASN CC 73 52.05 -13.94 69.35
C ASN CC 73 52.38 -15.33 69.96
N GLU CC 74 52.52 -15.51 71.27
CA GLU CC 74 53.42 -16.60 71.72
C GLU CC 74 52.65 -17.66 72.56
N PRO CC 75 52.27 -18.80 71.94
CA PRO CC 75 50.96 -19.39 72.16
C PRO CC 75 50.97 -20.36 73.34
N LEU CC 76 51.84 -21.37 73.30
CA LEU CC 76 51.75 -22.51 74.23
C LEU CC 76 52.25 -22.13 75.61
N CYS CC 77 53.12 -21.13 75.73
CA CYS CC 77 53.43 -20.52 77.03
C CYS CC 77 52.29 -19.71 77.66
N SER CC 78 51.14 -19.57 76.98
CA SER CC 78 49.89 -19.05 77.51
C SER CC 78 48.85 -20.15 77.85
N PHE CC 79 49.16 -21.45 77.67
CA PHE CC 79 48.27 -22.59 77.98
C PHE CC 79 48.94 -23.67 78.85
N ASP CC 80 48.18 -24.35 79.70
CA ASP CC 80 48.73 -25.27 80.72
C ASP CC 80 49.10 -26.65 80.13
N LEU CC 81 50.14 -27.32 80.68
CA LEU CC 81 50.79 -28.45 79.98
C LEU CC 81 49.94 -29.70 79.86
N ASP CC 82 49.11 -29.98 80.86
CA ASP CC 82 48.17 -31.12 80.90
C ASP CC 82 46.99 -30.91 79.93
N GLN CC 83 46.83 -29.71 79.36
CA GLN CC 83 45.86 -29.44 78.29
C GLN CC 83 46.38 -29.91 76.90
N LEU CC 84 47.70 -30.05 76.75
CA LEU CC 84 48.35 -30.38 75.46
C LEU CC 84 48.42 -31.90 75.22
N LYS CC 85 48.18 -32.32 73.97
CA LYS CC 85 48.08 -33.76 73.62
C LYS CC 85 49.07 -34.15 72.52
N LEU CC 86 49.87 -35.21 72.72
CA LEU CC 86 50.86 -35.62 71.73
C LEU CC 86 50.20 -36.28 70.51
N VAL CC 87 50.32 -35.64 69.34
CA VAL CC 87 49.76 -36.09 68.06
C VAL CC 87 50.61 -37.16 67.42
N ALA CC 88 51.91 -36.90 67.33
CA ALA CC 88 52.87 -37.65 66.53
C ALA CC 88 54.31 -37.34 66.97
N VAL CC 89 55.27 -38.09 66.42
CA VAL CC 89 56.71 -37.81 66.54
C VAL CC 89 57.36 -38.06 65.18
N VAL CC 90 58.28 -37.18 64.80
CA VAL CC 90 59.14 -37.31 63.61
C VAL CC 90 60.58 -37.55 64.07
N THR CC 91 61.31 -38.40 63.35
CA THR CC 91 62.74 -38.66 63.63
C THR CC 91 63.46 -38.91 62.32
N GLY CC 92 64.63 -38.29 62.19
CA GLY CC 92 65.57 -38.40 61.07
C GLY CC 92 66.82 -37.59 61.36
N ASP CC 93 67.64 -37.38 60.34
CA ASP CC 93 68.98 -36.78 60.43
C ASP CC 93 68.97 -35.35 61.01
N ALA CC 94 67.86 -34.62 60.80
CA ALA CC 94 67.58 -33.30 61.38
C ALA CC 94 67.24 -33.30 62.90
N SER CC 95 67.57 -34.36 63.63
CA SER CC 95 67.23 -34.66 65.04
C SER CC 95 65.73 -34.97 65.30
N PRO CC 96 65.39 -35.74 66.35
CA PRO CC 96 63.99 -36.05 66.67
C PRO CC 96 63.20 -34.81 67.10
N VAL CC 97 61.95 -34.74 66.65
CA VAL CC 97 60.98 -33.67 66.96
C VAL CC 97 59.59 -34.22 67.29
N ALA CC 98 58.99 -33.76 68.37
CA ALA CC 98 57.64 -34.08 68.78
C ALA CC 98 56.61 -33.15 68.12
N MET CC 99 55.38 -33.65 67.91
CA MET CC 99 54.23 -32.86 67.44
C MET CC 99 53.08 -32.95 68.44
N VAL CC 100 52.59 -31.80 68.90
CA VAL CC 100 51.63 -31.66 70.01
C VAL CC 100 50.46 -30.72 69.69
N GLU CC 101 49.29 -31.00 70.24
CA GLU CC 101 47.99 -30.35 69.96
C GLU CC 101 47.53 -29.51 71.15
N ASP CC 102 47.08 -28.28 70.86
CA ASP CC 102 46.58 -27.29 71.81
C ASP CC 102 45.16 -27.71 72.29
N PRO CC 103 44.63 -27.21 73.42
CA PRO CC 103 43.18 -27.26 73.67
C PRO CC 103 42.38 -26.42 72.66
N ALA CC 104 43.02 -25.46 71.99
CA ALA CC 104 42.48 -24.73 70.84
C ALA CC 104 42.62 -25.48 69.48
N GLY CC 105 43.11 -26.73 69.45
CA GLY CC 105 43.19 -27.59 68.26
C GLY CC 105 44.31 -27.23 67.27
N ARG CC 106 45.21 -26.28 67.59
CA ARG CC 106 46.42 -26.06 66.78
C ARG CC 106 47.40 -27.23 66.94
N GLY CC 107 48.12 -27.57 65.88
CA GLY CC 107 49.36 -28.36 65.92
C GLY CC 107 50.63 -27.51 66.10
N HIS CC 108 51.58 -28.01 66.90
CA HIS CC 108 52.92 -27.42 67.13
C HIS CC 108 53.99 -28.49 66.92
N ILE CC 109 55.23 -28.05 66.72
CA ILE CC 109 56.40 -28.93 66.61
C ILE CC 109 57.48 -28.39 67.55
N VAL CC 110 58.00 -29.26 68.43
CA VAL CC 110 58.96 -28.90 69.50
C VAL CC 110 59.95 -30.06 69.62
N ARG CC 111 61.18 -29.76 70.04
CA ARG CC 111 62.27 -30.74 70.11
C ARG CC 111 63.17 -30.54 71.33
N ARG CC 112 64.05 -31.50 71.61
CA ARG CC 112 64.94 -31.46 72.79
C ARG CC 112 65.68 -30.12 72.88
N ASN CC 113 65.66 -29.52 74.08
CA ASN CC 113 66.08 -28.15 74.45
C ASN CC 113 65.02 -27.03 74.32
N THR CC 114 64.00 -27.17 73.47
CA THR CC 114 62.86 -26.24 73.39
C THR CC 114 61.87 -26.37 74.55
N ARG CC 115 60.88 -25.46 74.62
CA ARG CC 115 59.86 -25.38 75.68
C ARG CC 115 58.44 -25.33 75.09
N MET CC 116 57.46 -25.50 75.97
CA MET CC 116 56.01 -25.44 75.74
C MET CC 116 55.33 -25.14 77.09
N GLY CC 117 54.07 -24.68 77.09
CA GLY CC 117 53.26 -24.56 78.31
C GLY CC 117 53.59 -23.40 79.26
N ARG CC 118 52.65 -23.03 80.14
CA ARG CC 118 52.84 -21.96 81.15
C ARG CC 118 53.93 -22.28 82.17
N GLN CC 119 54.07 -23.54 82.57
CA GLN CC 119 55.18 -24.02 83.41
C GLN CC 119 56.51 -24.17 82.64
N GLY CC 120 56.61 -23.70 81.39
CA GLY CC 120 57.84 -23.66 80.60
C GLY CC 120 58.46 -25.04 80.29
N GLY CC 121 57.62 -26.08 80.24
CA GLY CC 121 57.95 -27.49 80.08
C GLY CC 121 59.01 -27.74 79.01
N LYS CC 122 60.25 -27.99 79.45
CA LYS CC 122 61.40 -28.17 78.58
C LYS CC 122 61.44 -29.60 78.04
N VAL CC 123 61.50 -29.77 76.72
CA VAL CC 123 61.67 -31.09 76.09
C VAL CC 123 63.03 -31.72 76.43
N THR CC 124 63.03 -32.89 77.08
CA THR CC 124 64.27 -33.56 77.53
C THR CC 124 64.44 -34.92 76.88
N GLN CC 125 63.37 -35.66 76.57
CA GLN CC 125 63.38 -36.93 75.81
C GLN CC 125 62.20 -36.97 74.81
N ILE CC 126 62.35 -37.75 73.74
CA ILE CC 126 61.33 -37.95 72.71
C ILE CC 126 61.40 -39.43 72.30
N LEU CC 127 60.36 -40.19 72.66
CA LEU CC 127 60.14 -41.58 72.23
C LEU CC 127 59.12 -41.61 71.07
N ARG CC 128 58.61 -42.77 70.66
CA ARG CC 128 57.63 -42.88 69.55
C ARG CC 128 56.17 -42.80 70.00
N ASP CC 129 55.98 -43.10 71.28
CA ASP CC 129 54.73 -43.26 72.02
C ASP CC 129 54.49 -42.15 73.06
N SER CC 130 55.54 -41.38 73.36
CA SER CC 130 55.61 -40.52 74.54
C SER CC 130 56.78 -39.53 74.49
N VAL CC 131 56.72 -38.46 75.28
CA VAL CC 131 57.69 -37.36 75.31
C VAL CC 131 57.90 -36.89 76.76
N THR CC 132 59.07 -37.18 77.33
CA THR CC 132 59.49 -36.59 78.61
C THR CC 132 59.91 -35.12 78.53
N VAL CC 133 59.33 -34.31 79.40
CA VAL CC 133 59.61 -32.88 79.58
C VAL CC 133 59.89 -32.54 81.05
N THR CC 134 60.66 -31.46 81.29
CA THR CC 134 60.85 -30.88 82.63
C THR CC 134 60.12 -29.56 82.83
N GLU CC 135 59.15 -29.56 83.72
CA GLU CC 135 58.21 -28.46 83.97
C GLU CC 135 58.53 -27.79 85.32
N VAL CC 136 57.85 -26.68 85.60
CA VAL CC 136 58.15 -25.73 86.68
C VAL CC 136 56.90 -25.48 87.54
N PHE CC 137 56.74 -26.25 88.62
CA PHE CC 137 55.56 -26.19 89.51
C PHE CC 137 55.89 -25.55 90.87
N SER CC 138 54.93 -24.88 91.51
CA SER CC 138 55.07 -24.36 92.87
C SER CC 138 54.65 -25.40 93.92
N GLY CC 139 55.56 -26.32 94.25
CA GLY CC 139 55.35 -27.36 95.25
C GLY CC 139 55.31 -26.77 96.68
N ASN CC 140 54.11 -26.59 97.23
CA ASN CC 140 53.88 -26.04 98.57
C ASN CC 140 54.49 -24.65 98.84
N GLY CC 141 54.86 -23.91 97.77
CA GLY CC 141 55.51 -22.60 97.82
C GLY CC 141 56.92 -22.57 97.21
N GLU CC 142 57.60 -23.71 97.11
CA GLU CC 142 58.88 -23.79 96.38
C GLU CC 142 58.67 -24.02 94.86
N ILE CC 143 59.42 -23.30 94.03
CA ILE CC 143 59.52 -23.62 92.61
C ILE CC 143 60.41 -24.87 92.41
N ILE CC 144 59.80 -25.97 91.96
CA ILE CC 144 60.46 -27.26 91.78
C ILE CC 144 60.27 -27.81 90.35
N LYS CC 145 61.13 -28.75 89.96
CA LYS CC 145 61.03 -29.47 88.70
C LYS CC 145 59.92 -30.53 88.78
N ASN CC 146 59.12 -30.63 87.72
CA ASN CC 146 58.15 -31.72 87.53
C ASN CC 146 58.45 -32.52 86.25
N PRO CC 147 58.97 -33.77 86.33
CA PRO CC 147 59.40 -34.57 85.16
C PRO CC 147 58.25 -35.32 84.50
N VAL CC 148 57.32 -34.58 83.88
CA VAL CC 148 56.14 -35.15 83.17
C VAL CC 148 56.51 -35.88 81.89
N THR CC 149 55.73 -36.90 81.50
CA THR CC 149 55.88 -37.61 80.22
C THR CC 149 54.53 -37.63 79.52
N LEU CC 150 54.41 -36.82 78.45
CA LEU CC 150 53.20 -36.72 77.63
C LEU CC 150 53.12 -37.93 76.70
N GLN CC 151 52.17 -38.85 76.93
CA GLN CC 151 51.89 -39.95 76.00
C GLN CC 151 51.17 -39.46 74.72
N LEU CC 152 51.24 -40.25 73.67
CA LEU CC 152 50.43 -40.13 72.43
C LEU CC 152 48.91 -40.09 72.78
N LYS CC 153 48.07 -39.61 71.87
CA LYS CC 153 46.60 -39.54 72.05
C LYS CC 153 45.85 -40.82 71.60
N PRO CC 154 45.37 -41.69 72.53
CA PRO CC 154 44.32 -42.67 72.27
C PRO CC 154 42.95 -42.15 72.77
N ASP CC 155 41.98 -43.06 72.97
CA ASP CC 155 40.83 -42.81 73.87
C ASP CC 155 41.27 -42.73 75.33
N ALA CC 156 40.77 -41.72 76.06
CA ALA CC 156 40.99 -41.51 77.49
C ALA CC 156 39.99 -40.49 78.06
N LYS CC 157 39.69 -40.57 79.36
CA LYS CC 157 38.86 -39.59 80.08
C LYS CC 157 39.31 -39.42 81.52
N GLN CC 158 39.31 -38.17 81.98
CA GLN CC 158 39.49 -37.75 83.37
C GLN CC 158 38.65 -36.49 83.65
N ASP CC 159 38.52 -36.10 84.89
CA ASP CC 159 37.80 -34.87 85.31
C ASP CC 159 38.64 -33.58 85.16
N ASN DC 33 180.40 34.10 79.74
CA ASN DC 33 178.96 33.88 79.45
C ASN DC 33 178.40 32.95 80.49
N THR DC 34 177.07 32.95 80.60
CA THR DC 34 176.37 31.95 81.40
C THR DC 34 175.92 30.80 80.47
N LEU DC 35 175.02 31.09 79.54
CA LEU DC 35 174.61 30.11 78.58
C LEU DC 35 175.64 30.02 77.47
N ARG DC 36 176.21 28.84 77.25
CA ARG DC 36 177.23 28.64 76.21
C ARG DC 36 176.82 27.94 74.93
N GLY DC 37 175.76 27.12 74.98
CA GLY DC 37 175.24 26.42 73.79
C GLY DC 37 173.75 26.13 74.02
N LEU DC 38 173.05 25.98 72.91
CA LEU DC 38 171.61 25.74 72.88
C LEU DC 38 171.29 24.75 71.74
N ASP DC 39 170.71 23.61 72.08
CA ASP DC 39 170.44 22.60 71.05
C ASP DC 39 168.97 22.14 71.07
N VAL DC 40 168.41 21.96 69.88
CA VAL DC 40 167.07 21.37 69.79
C VAL DC 40 167.12 20.03 69.06
N SER DC 41 166.64 18.97 69.70
CA SER DC 41 166.54 17.66 69.06
C SER DC 41 165.08 17.30 68.77
N ARG DC 42 164.55 17.74 67.61
CA ARG DC 42 163.17 17.35 67.22
C ARG DC 42 163.05 15.87 66.98
N THR DC 43 162.09 15.21 67.60
CA THR DC 43 161.82 13.83 67.23
C THR DC 43 160.35 13.59 67.51
N GLY DC 44 159.77 12.51 66.96
CA GLY DC 44 158.31 12.26 67.04
C GLY DC 44 157.82 11.87 68.39
N SER DC 45 158.60 11.13 69.16
CA SER DC 45 158.22 10.78 70.52
C SER DC 45 158.27 11.94 71.51
N GLY DC 46 159.28 12.81 71.34
CA GLY DC 46 159.46 13.99 72.16
C GLY DC 46 160.51 14.84 71.48
N ALA DC 47 160.33 16.15 71.51
CA ALA DC 47 161.39 17.05 71.16
C ALA DC 47 162.18 17.48 72.41
N GLN DC 48 163.51 17.40 72.35
CA GLN DC 48 164.33 17.81 73.47
C GLN DC 48 164.96 19.18 73.20
N VAL DC 49 164.84 20.08 74.19
CA VAL DC 49 165.58 21.32 74.20
C VAL DC 49 166.64 21.26 75.28
N VAL DC 50 167.86 21.57 74.88
CA VAL DC 50 168.99 21.56 75.78
C VAL DC 50 169.58 22.94 75.83
N VAL DC 51 169.85 23.39 77.03
CA VAL DC 51 170.50 24.67 77.25
C VAL DC 51 171.70 24.39 78.13
N THR DC 52 172.89 24.74 77.63
CA THR DC 52 174.11 24.40 78.33
C THR DC 52 174.70 25.69 78.85
N GLY DC 53 175.22 25.66 80.09
CA GLY DC 53 175.66 26.89 80.75
C GLY DC 53 176.80 26.62 81.73
N THR DC 54 177.48 27.69 82.13
CA THR DC 54 178.62 27.57 83.00
C THR DC 54 178.28 27.37 84.45
N ARG DC 55 177.06 27.75 84.86
CA ARG DC 55 176.59 27.55 86.25
C ARG DC 55 175.21 26.96 86.16
N PRO DC 56 174.81 26.21 87.20
CA PRO DC 56 173.45 25.72 87.31
C PRO DC 56 172.40 26.87 87.21
N PRO DC 57 171.42 26.68 86.34
CA PRO DC 57 170.45 27.71 86.07
C PRO DC 57 169.23 27.59 86.96
N THR DC 58 168.77 28.70 87.54
CA THR DC 58 167.43 28.73 88.13
C THR DC 58 166.47 28.99 86.95
N PHE DC 59 165.35 28.28 86.92
CA PHE DC 59 164.44 28.43 85.81
C PHE DC 59 163.07 28.28 86.41
N THR DC 60 162.07 28.65 85.62
CA THR DC 60 160.67 28.35 85.87
C THR DC 60 160.12 28.05 84.50
N VAL DC 61 159.29 27.04 84.44
CA VAL DC 61 158.58 26.68 83.21
C VAL DC 61 157.06 26.78 83.42
N PHE DC 62 156.38 27.39 82.45
CA PHE DC 62 154.92 27.43 82.50
C PHE DC 62 154.27 27.39 81.11
N ARG DC 63 152.94 27.34 81.05
CA ARG DC 63 152.21 27.19 79.78
C ARG DC 63 151.42 28.46 79.45
N LEU DC 64 151.11 28.68 78.18
CA LEU DC 64 150.14 29.70 77.83
C LEU DC 64 149.27 29.16 76.69
N SER DC 65 148.12 29.80 76.44
CA SER DC 65 147.22 29.38 75.40
C SER DC 65 146.95 30.51 74.44
N GLY DC 66 146.26 30.21 73.33
CA GLY DC 66 145.85 31.20 72.32
C GLY DC 66 146.95 32.11 71.80
N PRO DC 67 148.03 31.55 71.22
CA PRO DC 67 148.27 30.12 70.85
C PRO DC 67 148.90 29.26 71.97
N GLU DC 68 148.70 27.95 71.93
CA GLU DC 68 149.46 27.06 72.86
C GLU DC 68 150.99 27.35 72.86
N ARG DC 69 151.56 27.52 74.04
CA ARG DC 69 152.96 27.93 74.16
C ARG DC 69 153.55 27.31 75.37
N LEU DC 70 154.84 27.11 75.36
CA LEU DC 70 155.54 26.73 76.58
C LEU DC 70 156.56 27.86 76.77
N VAL DC 71 156.75 28.26 78.01
CA VAL DC 71 157.63 29.39 78.31
C VAL DC 71 158.63 29.00 79.37
N VAL DC 72 159.90 29.29 79.13
CA VAL DC 72 160.90 29.04 80.16
C VAL DC 72 161.58 30.33 80.52
N ASP DC 73 161.61 30.64 81.80
CA ASP DC 73 162.41 31.76 82.31
C ASP DC 73 163.72 31.33 82.99
N LEU DC 74 164.81 31.93 82.54
CA LEU DC 74 166.13 31.54 83.05
C LEU DC 74 166.78 32.72 83.80
N SER DC 75 167.22 32.47 85.03
CA SER DC 75 167.87 33.49 85.88
C SER DC 75 169.38 33.34 85.92
N SER DC 76 170.02 34.48 86.22
CA SER DC 76 171.47 34.70 86.10
C SER DC 76 171.97 34.67 84.65
N ALA DC 77 171.35 33.78 83.92
CA ALA DC 77 171.65 33.64 82.51
C ALA DC 77 170.38 33.77 81.68
N ASP DC 78 170.50 34.39 80.51
CA ASP DC 78 169.39 34.52 79.58
C ASP DC 78 169.84 33.73 78.36
N ALA DC 79 169.25 32.56 78.17
CA ALA DC 79 169.58 31.70 77.05
C ALA DC 79 168.56 31.90 75.91
N THR DC 80 169.05 32.31 74.74
CA THR DC 80 168.18 32.51 73.59
C THR DC 80 168.52 31.53 72.49
N GLY DC 81 167.52 30.78 72.04
CA GLY DC 81 167.71 29.81 70.95
C GLY DC 81 166.92 30.31 69.75
N ILE DC 82 167.54 30.24 68.58
CA ILE DC 82 166.92 30.72 67.36
C ILE DC 82 167.53 30.07 66.15
N LYS DC 83 166.78 29.98 65.15
CA LYS DC 83 167.17 29.46 63.83
C LYS DC 83 167.51 27.98 63.91
N GLY DC 84 167.48 27.45 65.12
CA GLY DC 84 167.62 26.02 65.37
C GLY DC 84 166.31 25.28 65.21
N HIS DC 85 165.19 26.00 65.13
CA HIS DC 85 163.90 25.36 65.02
C HIS DC 85 163.63 24.95 63.58
N HIS DC 86 163.54 23.64 63.36
CA HIS DC 86 163.39 23.12 62.03
C HIS DC 86 161.95 23.19 61.61
N GLU DC 87 161.75 23.39 60.30
CA GLU DC 87 160.40 23.40 59.77
C GLU DC 87 159.62 22.11 59.95
N GLY DC 88 160.25 21.09 60.53
CA GLY DC 88 159.61 19.77 60.69
C GLY DC 88 159.70 19.25 62.12
N SER DC 89 159.94 20.14 63.09
CA SER DC 89 159.81 19.79 64.50
C SER DC 89 158.33 19.38 64.76
N GLY DC 90 158.09 18.14 65.25
CA GLY DC 90 156.68 17.77 65.48
C GLY DC 90 156.04 18.54 66.63
N PRO DC 91 156.88 19.15 67.48
CA PRO DC 91 156.38 19.89 68.67
C PRO DC 91 156.45 21.39 68.55
N VAL DC 92 157.59 21.91 68.08
CA VAL DC 92 157.85 23.35 68.14
C VAL DC 92 157.60 24.02 66.80
N SER DC 93 156.59 24.90 66.77
CA SER DC 93 156.28 25.72 65.61
C SER DC 93 157.31 26.83 65.49
N GLY DC 94 157.71 27.44 66.63
CA GLY DC 94 158.78 28.46 66.64
C GLY DC 94 159.27 28.81 68.05
N VAL DC 95 160.42 29.46 68.15
CA VAL DC 95 161.00 29.84 69.44
C VAL DC 95 161.50 31.27 69.46
N VAL DC 96 160.98 32.08 70.38
CA VAL DC 96 161.41 33.48 70.51
C VAL DC 96 162.09 33.64 71.87
N ALA DC 97 163.09 34.50 71.92
CA ALA DC 97 163.86 34.70 73.16
C ALA DC 97 164.03 36.21 73.42
N SER DC 98 163.87 36.65 74.67
CA SER DC 98 164.23 38.02 75.06
C SER DC 98 164.74 38.17 76.49
N GLN DC 99 165.78 38.95 76.75
CA GLN DC 99 166.33 39.18 78.09
C GLN DC 99 165.93 40.54 78.65
N PHE DC 100 165.50 40.61 79.91
CA PHE DC 100 165.26 41.89 80.57
C PHE DC 100 166.15 42.04 81.81
N SER DC 101 166.52 43.30 82.11
CA SER DC 101 167.41 43.60 83.25
C SER DC 101 166.70 43.88 84.53
N ASP DC 102 167.29 43.38 85.62
CA ASP DC 102 166.83 43.64 86.98
C ASP DC 102 168.12 44.07 87.71
N GLN DC 103 168.30 45.38 87.92
CA GLN DC 103 169.59 45.87 88.41
C GLN DC 103 170.66 45.38 87.44
N ARG DC 104 171.71 44.83 88.02
CA ARG DC 104 172.79 44.30 87.20
C ARG DC 104 172.51 42.87 86.74
N ALA DC 105 171.41 42.27 87.17
CA ALA DC 105 171.07 40.90 86.79
C ALA DC 105 170.22 40.84 85.54
N SER DC 106 170.09 39.64 84.98
CA SER DC 106 169.37 39.44 83.72
C SER DC 106 168.47 38.21 83.81
N VAL DC 107 167.21 38.34 83.41
CA VAL DC 107 166.24 37.25 83.26
C VAL DC 107 165.92 37.05 81.79
N GLY DC 108 166.13 35.75 81.22
CA GLY DC 108 165.84 35.53 79.83
C GLY DC 108 164.55 34.72 79.75
N ARG DC 109 163.70 35.09 78.80
CA ARG DC 109 162.47 34.34 78.62
C ARG DC 109 162.53 33.63 77.28
N VAL DC 110 162.30 32.32 77.30
CA VAL DC 110 162.21 31.52 76.08
C VAL DC 110 160.78 31.12 75.92
N LEU DC 111 160.30 31.32 74.69
CA LEU DC 111 158.92 31.09 74.33
C LEU DC 111 158.80 30.12 73.14
N LEU DC 112 158.18 28.98 73.37
CA LEU DC 112 158.03 27.96 72.33
C LEU DC 112 156.59 27.85 71.91
N ALA DC 113 156.27 28.37 70.75
CA ALA DC 113 154.92 28.13 70.17
C ALA DC 113 154.83 26.66 69.71
N LEU DC 114 153.71 25.99 70.06
CA LEU DC 114 153.53 24.55 69.85
C LEU DC 114 152.61 24.13 68.74
N ASP DC 115 152.86 22.92 68.20
CA ASP DC 115 152.07 22.27 67.12
C ASP DC 115 151.08 21.28 67.71
N LYS DC 116 151.22 20.99 69.00
CA LYS DC 116 150.37 20.00 69.65
C LYS DC 116 150.53 20.13 71.17
N ALA DC 117 149.57 19.62 71.91
CA ALA DC 117 149.62 19.73 73.37
C ALA DC 117 150.75 18.90 73.95
N SER DC 118 151.48 19.51 74.87
CA SER DC 118 152.61 18.86 75.48
C SER DC 118 152.49 18.74 76.99
N GLN DC 119 153.18 17.73 77.51
CA GLN DC 119 153.43 17.62 78.90
C GLN DC 119 154.95 17.80 79.06
N TYR DC 120 155.42 19.00 79.42
CA TYR DC 120 156.87 19.17 79.49
C TYR DC 120 157.45 18.49 80.70
N ASP DC 121 158.68 18.03 80.58
CA ASP DC 121 159.43 17.52 81.71
C ASP DC 121 160.83 18.15 81.69
N VAL DC 122 161.18 18.83 82.78
CA VAL DC 122 162.43 19.55 82.90
C VAL DC 122 163.33 18.92 83.96
N ARG DC 123 164.62 18.80 83.66
CA ARG DC 123 165.58 18.33 84.68
C ARG DC 123 166.90 18.95 84.40
N ALA DC 124 167.72 19.04 85.42
CA ALA DC 124 169.04 19.65 85.29
C ALA DC 124 170.05 18.54 85.39
N ASP DC 125 171.20 18.73 84.78
CA ASP DC 125 172.35 17.83 84.92
C ASP DC 125 173.60 18.66 84.68
N GLY DC 126 174.31 18.95 85.76
CA GLY DC 126 175.52 19.77 85.66
C GLY DC 126 175.19 21.17 85.18
N ASN DC 127 175.73 21.54 84.03
CA ASN DC 127 175.49 22.86 83.45
C ASN DC 127 174.46 22.79 82.35
N ARG DC 128 173.79 21.64 82.22
CA ARG DC 128 172.79 21.49 81.17
C ARG DC 128 171.40 21.43 81.78
N VAL DC 129 170.50 22.21 81.20
CA VAL DC 129 169.11 22.17 81.55
C VAL DC 129 168.42 21.53 80.38
N VAL DC 130 167.69 20.46 80.66
CA VAL DC 130 166.97 19.74 79.61
C VAL DC 130 165.45 19.88 79.72
N ILE DC 131 164.80 20.27 78.64
CA ILE DC 131 163.34 20.22 78.60
C ILE DC 131 162.85 19.27 77.55
N SER DC 132 162.14 18.23 77.94
CA SER DC 132 161.58 17.32 76.94
C SER DC 132 160.08 17.54 76.80
N VAL DC 133 159.63 17.73 75.57
CA VAL DC 133 158.24 18.02 75.32
C VAL DC 133 157.63 16.74 74.86
N ASP DC 134 156.84 16.10 75.72
CA ASP DC 134 156.11 14.88 75.33
C ASP DC 134 154.68 15.19 74.88
N GLY DC 135 154.07 14.36 74.03
CA GLY DC 135 152.63 14.62 73.79
C GLY DC 135 151.73 14.39 75.02
N THR DC 136 150.87 13.39 74.95
CA THR DC 136 149.98 13.06 76.06
C THR DC 136 150.34 11.73 76.71
N SER DC 137 151.34 11.04 76.15
CA SER DC 137 151.80 9.75 76.69
C SER DC 137 152.99 10.03 77.60
N GLN DC 138 152.79 9.84 78.90
CA GLN DC 138 153.82 10.12 79.90
C GLN DC 138 154.70 8.98 80.39
N SER DC 139 154.29 7.73 80.18
CA SER DC 139 155.09 6.63 80.67
C SER DC 139 154.82 5.33 79.92
N VAL DC 140 155.89 4.63 79.58
CA VAL DC 140 155.78 3.35 78.90
C VAL DC 140 156.19 2.31 79.94
N ASP DC 214 113.05 10.96 76.66
CA ASP DC 214 112.76 9.82 75.75
C ASP DC 214 113.66 9.82 74.49
N ASP DC 215 114.02 11.01 74.03
CA ASP DC 215 114.78 11.21 72.80
C ASP DC 215 116.23 10.82 73.07
N THR DC 216 116.66 11.05 74.31
CA THR DC 216 118.04 10.89 74.77
C THR DC 216 118.10 11.34 76.24
N LEU DC 217 118.85 10.56 76.99
CA LEU DC 217 119.18 10.93 78.37
C LEU DC 217 120.58 11.55 78.36
N SER DC 218 120.67 12.72 78.98
CA SER DC 218 121.94 13.45 79.07
C SER DC 218 122.54 13.31 80.47
N ILE DC 219 123.83 13.00 80.47
CA ILE DC 219 124.63 12.96 81.71
C ILE DC 219 125.63 14.11 81.64
N ARG DC 220 125.60 14.93 82.68
CA ARG DC 220 126.49 16.09 82.77
C ARG DC 220 127.40 15.93 83.99
N ALA DC 221 128.69 16.13 83.75
CA ALA DC 221 129.71 16.10 84.80
C ALA DC 221 130.44 17.45 84.77
N ASP DC 222 130.26 18.21 85.84
CA ASP DC 222 130.87 19.54 85.94
C ASP DC 222 132.10 19.45 86.84
N GLY DC 223 133.18 20.05 86.35
CA GLY DC 223 134.47 20.04 87.06
C GLY DC 223 135.52 20.76 86.22
N ASP DC 224 136.68 20.92 86.82
CA ASP DC 224 137.84 21.59 86.19
C ASP DC 224 138.41 20.86 84.96
N ILE DC 225 138.43 19.54 85.02
CA ILE DC 225 139.04 18.71 83.98
C ILE DC 225 138.26 18.81 82.63
N ALA DC 226 138.24 17.78 81.78
CA ALA DC 226 138.66 16.40 82.03
C ALA DC 226 139.11 15.64 80.84
N ARG DC 227 140.13 14.82 81.07
CA ARG DC 227 140.40 13.78 80.07
C ARG DC 227 139.55 12.56 80.41
N TYR DC 228 138.92 12.03 79.37
CA TYR DC 228 138.00 10.89 79.54
C TYR DC 228 138.17 9.91 78.38
N GLU DC 229 137.65 8.71 78.62
CA GLU DC 229 137.47 7.70 77.56
C GLU DC 229 136.12 7.02 77.80
N VAL DC 230 135.39 6.83 76.72
CA VAL DC 230 134.08 6.16 76.77
C VAL DC 230 134.14 4.89 75.92
N LEU DC 231 133.51 3.84 76.43
CA LEU DC 231 133.43 2.56 75.72
C LEU DC 231 132.19 1.78 76.20
N GLU DC 232 131.88 0.74 75.45
CA GLU DC 232 130.74 -0.15 75.70
C GLU DC 232 131.10 -1.54 76.26
N LEU DC 233 130.17 -2.13 76.98
CA LEU DC 233 130.27 -3.52 77.44
C LEU DC 233 128.93 -4.21 77.18
N ALA DC 234 128.97 -5.53 77.07
CA ALA DC 234 127.76 -6.33 76.87
C ALA DC 234 127.58 -7.33 78.02
N ASP DC 235 126.38 -7.91 78.09
CA ASP DC 235 126.03 -8.94 79.08
C ASP DC 235 126.40 -8.52 80.52
N PRO DC 236 125.68 -7.52 81.06
CA PRO DC 236 124.61 -6.78 80.39
C PRO DC 236 125.15 -5.58 79.61
N PRO DC 237 124.34 -5.03 78.72
CA PRO DC 237 124.72 -3.84 77.94
C PRO DC 237 125.00 -2.67 78.91
N ARG DC 238 126.13 -2.03 78.69
CA ARG DC 238 126.64 -0.98 79.58
C ARG DC 238 127.43 0.06 78.79
N LEU DC 239 127.42 1.27 79.29
CA LEU DC 239 128.32 2.33 78.79
C LEU DC 239 129.20 2.74 79.97
N ALA DC 240 130.50 2.83 79.70
CA ALA DC 240 131.49 3.14 80.73
C ALA DC 240 132.30 4.36 80.35
N VAL DC 241 132.45 5.26 81.32
CA VAL DC 241 133.29 6.46 81.16
C VAL DC 241 134.37 6.44 82.23
N ASP DC 242 135.61 6.62 81.80
CA ASP DC 242 136.74 6.80 82.71
C ASP DC 242 137.20 8.25 82.66
N LEU DC 243 137.29 8.83 83.84
CA LEU DC 243 137.69 10.22 84.01
C LEU DC 243 139.03 10.30 84.71
N PHE DC 244 139.93 11.10 84.16
CA PHE DC 244 141.24 11.25 84.77
C PHE DC 244 141.44 12.62 85.40
N GLY DC 245 142.40 12.62 86.33
CA GLY DC 245 142.67 13.78 87.20
C GLY DC 245 141.53 13.99 88.21
N VAL DC 246 140.81 12.91 88.51
CA VAL DC 246 139.74 12.95 89.51
C VAL DC 246 140.01 11.97 90.63
N GLY DC 247 139.70 12.46 91.82
CA GLY DC 247 139.59 11.60 93.01
C GLY DC 247 138.10 11.49 93.35
N LEU DC 248 137.69 10.26 93.64
CA LEU DC 248 136.29 9.98 94.00
C LEU DC 248 135.90 10.83 95.22
N ALA DC 249 134.67 11.31 95.22
CA ALA DC 249 134.19 12.20 96.29
C ALA DC 249 132.68 12.08 96.45
N THR DC 250 132.21 12.56 97.59
CA THR DC 250 130.80 12.50 97.97
C THR DC 250 129.92 13.11 96.88
N ARG DC 251 130.41 14.08 96.10
CA ARG DC 251 129.61 14.67 95.00
C ARG DC 251 129.32 13.67 93.87
N ALA DC 252 130.04 12.54 93.88
CA ALA DC 252 129.76 11.41 92.98
C ALA DC 252 128.25 11.04 93.01
N PRO DC 253 127.54 11.10 94.13
CA PRO DC 253 126.10 10.81 94.30
C PRO DC 253 125.20 11.60 93.39
N ARG DC 254 125.57 12.83 93.06
CA ARG DC 254 124.79 13.61 92.08
C ARG DC 254 124.70 12.84 90.75
N VAL DC 255 125.54 11.82 90.62
CA VAL DC 255 125.58 10.88 89.50
C VAL DC 255 124.29 10.05 89.39
N LYS DC 256 123.56 9.90 90.49
CA LYS DC 256 122.32 9.10 90.51
C LYS DC 256 121.32 9.59 89.46
N SER DC 257 121.46 10.88 89.12
CA SER DC 257 120.60 11.55 88.12
C SER DC 257 120.68 10.97 86.72
N GLY DC 258 121.76 10.22 86.48
CA GLY DC 258 122.03 9.86 85.13
C GLY DC 258 121.92 8.39 84.83
N ALA DC 259 121.52 7.48 85.75
CA ALA DC 259 121.22 6.05 85.52
C ALA DC 259 120.02 5.81 84.58
N LEU DC 260 119.96 4.81 83.68
CA LEU DC 260 120.95 3.87 83.16
C LEU DC 260 120.61 2.47 83.58
N ARG DC 261 119.32 2.19 83.69
CA ARG DC 261 118.83 1.15 84.61
C ARG DC 261 119.43 1.37 86.05
N ASP DC 262 120.69 1.79 86.13
CA ASP DC 262 121.58 2.15 87.22
C ASP DC 262 122.96 2.66 86.73
N VAL DC 263 123.57 3.35 87.65
CA VAL DC 263 124.91 3.90 87.52
C VAL DC 263 125.76 3.58 88.77
N ARG DC 264 126.91 2.98 88.54
CA ARG DC 264 127.87 2.74 89.62
C ARG DC 264 129.20 3.42 89.32
N VAL DC 265 129.83 3.92 90.36
CA VAL DC 265 131.08 4.69 90.23
C VAL DC 265 132.11 4.15 91.23
N GLY DC 266 133.37 4.16 90.78
CA GLY DC 266 134.49 3.73 91.63
C GLY DC 266 135.80 4.35 91.15
N ALA DC 267 136.89 3.91 91.78
CA ALA DC 267 138.23 4.42 91.48
C ALA DC 267 139.27 3.41 91.97
N HIS DC 268 140.40 3.39 91.27
CA HIS DC 268 141.48 2.46 91.59
C HIS DC 268 142.84 3.16 91.48
N ALA DC 269 143.07 4.08 92.42
CA ALA DC 269 144.33 4.85 92.46
C ALA DC 269 144.66 5.44 91.08
N ASP DC 270 143.60 5.79 90.36
CA ASP DC 270 143.85 6.55 89.15
C ASP DC 270 143.06 7.85 89.13
N LYS DC 271 141.88 8.11 88.54
CA LYS DC 271 140.97 7.46 87.54
C LYS DC 271 139.69 6.97 88.20
N VAL DC 272 138.63 7.66 87.83
CA VAL DC 272 137.30 7.26 88.26
C VAL DC 272 136.60 6.60 87.07
N ARG DC 273 135.86 5.55 87.36
CA ARG DC 273 135.09 4.84 86.34
C ARG DC 273 133.60 4.93 86.67
N LEU DC 274 132.86 5.39 85.68
CA LEU DC 274 131.40 5.49 85.76
C LEU DC 274 130.82 4.45 84.79
N VAL DC 275 129.92 3.66 85.35
CA VAL DC 275 129.31 2.52 84.64
C VAL DC 275 127.80 2.70 84.64
N LEU DC 276 127.24 2.65 83.46
CA LEU DC 276 125.81 2.85 83.14
C LEU DC 276 125.24 1.57 82.57
N ASP DC 277 124.49 0.87 83.35
CA ASP DC 277 123.73 -0.25 82.81
C ASP DC 277 122.59 0.27 81.88
N VAL DC 278 122.30 -0.33 80.78
CA VAL DC 278 121.29 0.29 79.90
C VAL DC 278 119.98 -0.49 79.85
N ARG DC 279 118.93 0.21 79.44
CA ARG DC 279 117.63 -0.42 79.16
C ARG DC 279 117.40 -0.65 77.66
N GLY DC 280 118.31 -0.11 76.84
CA GLY DC 280 118.22 -0.18 75.37
C GLY DC 280 119.55 0.21 74.71
N THR DC 281 119.77 -0.26 73.50
CA THR DC 281 121.03 0.07 72.80
C THR DC 281 121.16 1.58 72.57
N MET DC 282 122.35 2.10 72.81
CA MET DC 282 122.62 3.54 72.64
C MET DC 282 123.78 3.78 71.66
N LYS DC 341 125.56 -0.92 49.68
CA LYS DC 341 124.15 -1.23 49.56
C LYS DC 341 123.82 -1.79 48.19
N ASP DC 342 122.78 -2.62 48.12
CA ASP DC 342 122.37 -3.23 46.86
C ASP DC 342 121.07 -4.01 47.05
N VAL DC 343 120.37 -4.25 45.94
CA VAL DC 343 119.12 -5.00 45.96
C VAL DC 343 119.23 -6.30 45.16
N ARG DC 344 118.39 -7.26 45.51
CA ARG DC 344 118.38 -8.56 44.82
C ARG DC 344 117.00 -9.18 44.85
N PHE DC 345 116.73 -10.05 43.88
CA PHE DC 345 115.43 -10.72 43.79
C PHE DC 345 115.61 -12.22 43.57
N GLU DC 346 114.68 -13.01 44.11
CA GLU DC 346 114.74 -14.45 43.97
C GLU DC 346 113.39 -15.08 44.31
N GLU DC 347 113.21 -16.32 44.37
CA GLU DC 347 111.95 -16.90 44.76
C GLU DC 347 112.15 -18.14 45.64
N SER DC 348 111.16 -18.40 46.46
CA SER DC 348 111.15 -19.62 47.23
C SER DC 348 109.71 -20.06 47.30
N SER DC 349 109.43 -21.08 48.09
CA SER DC 349 108.05 -21.67 48.02
C SER DC 349 107.04 -20.61 48.51
N SER DC 350 107.43 -19.77 49.45
CA SER DC 350 106.58 -18.63 49.86
C SER DC 350 106.33 -17.66 48.67
N GLY DC 351 107.03 -17.82 47.53
CA GLY DC 351 106.85 -16.92 46.41
C GLY DC 351 108.08 -16.08 46.05
N GLY DC 352 107.84 -14.80 45.76
CA GLY DC 352 108.90 -13.86 45.39
C GLY DC 352 109.56 -13.23 46.62
N ARG DC 353 110.83 -13.10 46.56
CA ARG DC 353 111.70 -12.66 47.62
C ARG DC 353 112.61 -11.53 47.15
N ILE DC 354 112.77 -10.52 48.01
CA ILE DC 354 113.62 -9.38 47.67
C ILE DC 354 114.73 -9.20 48.71
N VAL DC 355 115.88 -9.83 48.45
CA VAL DC 355 117.02 -9.73 49.36
C VAL DC 355 117.76 -8.40 49.17
N MET DC 356 117.74 -7.58 50.21
CA MET DC 356 118.40 -6.28 50.17
C MET DC 356 119.65 -6.27 51.04
N LYS DC 357 120.73 -5.70 50.53
CA LYS DC 357 121.98 -5.63 51.26
C LYS DC 357 122.13 -4.28 51.97
N LEU DC 358 122.05 -4.31 53.29
CA LEU DC 358 122.17 -3.09 54.09
C LEU DC 358 123.47 -3.09 54.89
N SER DC 359 124.48 -2.40 54.37
CA SER DC 359 125.77 -2.33 55.04
C SER DC 359 125.91 -1.01 55.80
N GLY DC 360 125.90 -1.09 57.13
CA GLY DC 360 126.03 0.10 57.94
C GLY DC 360 124.74 0.46 58.66
N THR DC 361 123.87 -0.52 58.82
CA THR DC 361 122.59 -0.31 59.48
C THR DC 361 122.51 -1.11 60.78
N SER DC 362 121.78 -0.58 61.76
CA SER DC 362 121.63 -1.23 63.05
C SER DC 362 120.18 -1.66 63.28
N GLY DC 363 119.32 -0.68 63.51
CA GLY DC 363 117.91 -0.97 63.74
C GLY DC 363 117.23 -1.53 62.51
N TRP DC 364 115.94 -1.22 62.36
CA TRP DC 364 115.17 -1.71 61.22
C TRP DC 364 114.50 -0.55 60.48
N LYS DC 365 114.41 -0.67 59.16
CA LYS DC 365 113.79 0.37 58.32
C LYS DC 365 112.28 0.45 58.50
N VAL DC 366 111.64 1.35 57.78
CA VAL DC 366 110.20 1.53 57.88
C VAL DC 366 109.49 0.80 56.75
N ASP DC 367 108.87 -0.33 57.07
CA ASP DC 367 108.15 -1.12 56.08
C ASP DC 367 106.73 -0.61 55.89
N ARG DC 368 106.41 -0.17 54.67
CA ARG DC 368 105.08 0.34 54.37
C ARG DC 368 104.42 -0.48 53.26
N PRO DC 369 103.60 -1.44 53.67
CA PRO DC 369 102.91 -2.30 52.72
C PRO DC 369 101.70 -1.59 52.12
N ASP DC 370 101.80 -1.22 50.84
CA ASP DC 370 100.71 -0.53 50.16
C ASP DC 370 99.99 -1.47 49.20
N PRO DC 371 98.84 -1.04 48.71
CA PRO DC 371 98.05 -1.85 47.78
C PRO DC 371 98.65 -1.81 46.38
N ARG DC 372 99.57 -0.87 46.16
CA ARG DC 372 100.22 -0.73 44.87
C ARG DC 372 101.63 -1.30 44.90
N SER DC 373 102.48 -0.72 45.75
CA SER DC 373 103.86 -1.18 45.88
C SER DC 373 104.30 -1.17 47.34
N ALA DC 374 105.60 -1.34 47.57
CA ALA DC 374 106.14 -1.34 48.92
C ALA DC 374 107.10 -0.18 49.13
N VAL DC 375 107.31 0.18 50.40
CA VAL DC 375 108.20 1.28 50.74
C VAL DC 375 109.12 0.90 51.90
N LEU DC 376 110.42 1.13 51.72
CA LEU DC 376 111.39 0.82 52.75
C LEU DC 376 112.42 1.94 52.89
N THR DC 377 112.34 2.67 53.99
CA THR DC 377 113.27 3.76 54.25
C THR DC 377 114.33 3.37 55.27
N LEU DC 378 115.58 3.74 55.01
CA LEU DC 378 116.68 3.43 55.90
C LEU DC 378 117.44 4.69 56.30
N ASP DC 379 117.13 5.21 57.48
CA ASP DC 379 117.78 6.42 57.98
C ASP DC 379 119.29 6.22 58.07
N ASN DC 380 120.04 7.21 57.61
CA ASN DC 380 121.51 7.15 57.64
C ASN DC 380 122.01 6.00 56.77
N ALA DC 381 121.23 5.64 55.75
CA ALA DC 381 121.60 4.57 54.85
C ALA DC 381 121.60 5.05 53.40
N ARG DC 382 121.74 6.36 53.22
CA ARG DC 382 121.74 6.95 51.89
C ARG DC 382 122.66 6.18 50.95
N LEU DC 383 122.08 5.56 49.92
CA LEU DC 383 122.85 4.79 48.95
C LEU DC 383 123.13 5.61 47.70
N PRO DC 384 124.28 5.35 47.07
CA PRO DC 384 124.69 6.07 45.85
C PRO DC 384 123.83 5.69 44.64
N LYS DC 385 123.72 6.61 43.69
CA LYS DC 385 122.93 6.38 42.48
C LYS DC 385 123.51 5.23 41.66
N LYS DC 386 124.73 4.83 41.99
CA LYS DC 386 125.40 3.75 41.27
C LYS DC 386 125.02 2.39 41.85
N PHE DC 387 124.06 2.38 42.76
CA PHE DC 387 123.61 1.15 43.39
C PHE DC 387 122.08 1.10 43.46
N GLU DC 388 121.44 2.08 42.83
CA GLU DC 388 119.98 2.15 42.82
C GLU DC 388 119.40 1.41 41.63
N ARG DC 389 120.16 0.45 41.11
CA ARG DC 389 119.73 -0.33 39.96
C ARG DC 389 118.41 -1.01 40.24
N SER DC 390 117.62 -1.22 39.18
CA SER DC 390 116.31 -1.87 39.31
C SER DC 390 116.35 -3.28 38.76
N LEU DC 391 115.33 -4.07 39.10
CA LEU DC 391 115.25 -5.45 38.63
C LEU DC 391 114.36 -5.56 37.39
N ASP DC 392 114.43 -6.70 36.73
CA ASP DC 392 113.63 -6.94 35.53
C ASP DC 392 112.92 -8.27 35.59
N THR DC 393 112.42 -8.63 36.77
CA THR DC 393 111.72 -9.88 36.98
C THR DC 393 110.30 -9.82 36.42
N SER DC 394 110.19 -9.63 35.11
CA SER DC 394 108.90 -9.55 34.46
C SER DC 394 108.45 -10.92 33.95
N ALA DC 395 107.18 -11.24 34.17
CA ALA DC 395 106.62 -12.52 33.74
C ALA DC 395 107.31 -13.68 34.47
N LEU DC 396 107.64 -13.45 35.74
CA LEU DC 396 108.30 -14.47 36.54
C LEU DC 396 107.27 -15.29 37.32
N ASP DC 397 105.99 -15.05 37.04
CA ASP DC 397 104.92 -15.76 37.71
C ASP DC 397 104.97 -15.54 39.22
N THR DC 398 105.15 -14.29 39.63
CA THR DC 398 105.22 -13.94 41.04
C THR DC 398 104.39 -12.71 41.35
N PRO DC 399 104.06 -12.52 42.64
CA PRO DC 399 103.26 -11.37 43.09
C PRO DC 399 104.02 -10.05 42.98
N VAL DC 400 105.34 -10.14 42.80
CA VAL DC 400 106.17 -8.96 42.67
C VAL DC 400 106.35 -8.56 41.21
N LYS DC 401 105.73 -7.46 40.82
CA LYS DC 401 105.82 -6.97 39.44
C LYS DC 401 107.27 -6.73 39.06
N MET DC 402 107.96 -5.90 39.83
CA MET DC 402 109.36 -5.59 39.56
C MET DC 402 109.95 -4.73 40.69
N ILE DC 403 111.19 -5.03 41.06
CA ILE DC 403 111.87 -4.31 42.12
C ILE DC 403 112.56 -3.06 41.57
N SER DC 404 112.45 -1.95 42.30
CA SER DC 404 113.06 -0.69 41.90
C SER DC 404 113.75 -0.01 43.06
N ALA DC 405 115.03 0.30 42.89
CA ALA DC 405 115.81 0.96 43.94
C ALA DC 405 116.03 2.43 43.60
N PHE DC 406 115.86 3.30 44.59
CA PHE DC 406 116.05 4.72 44.39
C PHE DC 406 116.73 5.35 45.61
N SER DC 407 117.75 6.15 45.36
CA SER DC 407 118.49 6.82 46.44
C SER DC 407 117.70 8.00 46.98
N VAL DC 408 117.92 9.20 46.44
CA VAL DC 408 117.30 10.40 46.98
C VAL DC 408 115.78 10.34 46.94
N PRO DC 409 115.15 10.78 48.03
CA PRO DC 409 113.68 10.93 47.95
C PRO DC 409 113.23 12.11 48.81
N GLY DC 410 114.14 13.09 49.03
CA GLY DC 410 113.72 14.34 49.64
C GLY DC 410 113.99 14.46 51.12
N ALA DC 411 114.61 13.44 51.70
CA ALA DC 411 114.96 13.46 53.12
C ALA DC 411 116.45 13.17 53.24
N GLY DC 412 117.19 14.07 53.90
CA GLY DC 412 118.62 13.82 54.12
C GLY DC 412 118.85 12.43 54.72
N GLY DC 413 119.88 11.77 54.23
CA GLY DC 413 120.43 10.51 54.70
C GLY DC 413 119.53 9.28 54.49
N LYS DC 414 118.27 9.43 54.12
CA LYS DC 414 117.32 8.34 53.97
C LYS DC 414 117.46 7.65 52.63
N VAL DC 415 117.11 6.37 52.57
CA VAL DC 415 116.96 5.65 51.29
C VAL DC 415 115.58 5.02 51.16
N ARG DC 416 115.26 4.67 49.90
CA ARG DC 416 113.89 4.25 49.64
C ARG DC 416 113.85 3.08 48.66
N LEU DC 417 112.93 2.16 48.88
CA LEU DC 417 112.80 1.00 48.01
C LEU DC 417 111.37 0.87 47.49
N VAL DC 418 111.24 0.58 46.20
CA VAL DC 418 109.92 0.43 45.58
C VAL DC 418 109.75 -0.96 44.98
N VAL DC 419 108.90 -1.76 45.59
CA VAL DC 419 108.65 -3.12 45.11
C VAL DC 419 107.22 -3.26 44.60
N ALA DC 420 107.01 -2.94 43.32
CA ALA DC 420 105.69 -3.04 42.72
C ALA DC 420 105.13 -4.44 42.85
N ALA DC 421 103.84 -4.53 43.12
CA ALA DC 421 103.17 -5.82 43.28
C ALA DC 421 101.87 -5.87 42.48
N ASP DC 422 101.16 -6.99 42.57
CA ASP DC 422 99.91 -7.16 41.86
C ASP DC 422 98.97 -8.11 42.60
N GLY DC 423 97.67 -7.90 42.45
CA GLY DC 423 96.70 -8.74 43.12
C GLY DC 423 96.94 -8.85 44.61
N ALA DC 424 96.19 -9.70 45.27
CA ALA DC 424 96.32 -9.89 46.72
C ALA DC 424 97.64 -10.58 47.05
N ILE DC 425 98.33 -10.07 48.07
CA ILE DC 425 99.60 -10.64 48.49
C ILE DC 425 99.91 -10.27 49.94
N GLU DC 426 100.99 -10.84 50.47
CA GLU DC 426 101.39 -10.58 51.85
C GLU DC 426 102.89 -10.32 51.94
N GLU DC 427 103.27 -9.37 52.79
CA GLU DC 427 104.67 -9.03 52.97
C GLU DC 427 105.24 -9.69 54.21
N LYS DC 428 106.47 -10.18 54.11
CA LYS DC 428 107.13 -10.84 55.23
C LYS DC 428 108.61 -10.48 55.29
N VAL DC 429 108.99 -9.69 56.28
CA VAL DC 429 110.36 -9.27 56.45
C VAL DC 429 111.15 -10.28 57.29
N SER DC 430 112.39 -10.52 56.91
CA SER DC 430 113.24 -11.46 57.63
C SER DC 430 114.65 -10.89 57.83
N GLN DC 431 115.14 -10.95 59.06
CA GLN DC 431 116.47 -10.44 59.38
C GLN DC 431 117.40 -11.57 59.82
N SER DC 432 118.13 -12.13 58.87
CA SER DC 432 119.06 -13.22 59.15
C SER DC 432 120.32 -12.69 59.83
N ALA DC 433 120.45 -11.37 59.90
CA ALA DC 433 121.62 -10.74 60.52
C ALA DC 433 121.49 -9.23 60.51
N GLY DC 434 122.26 -8.56 61.38
CA GLY DC 434 122.26 -7.10 61.49
C GLY DC 434 122.87 -6.42 60.27
N THR DC 435 122.10 -6.34 59.19
CA THR DC 435 122.59 -5.72 57.97
C THR DC 435 121.94 -6.29 56.72
N LEU DC 436 121.52 -7.55 56.80
CA LEU DC 436 120.89 -8.21 55.67
C LEU DC 436 119.37 -8.22 55.83
N SER DC 437 118.69 -7.55 54.91
CA SER DC 437 117.23 -7.47 54.94
C SER DC 437 116.62 -8.30 53.81
N TRP DC 438 115.43 -8.85 54.06
CA TRP DC 438 114.74 -9.66 53.08
C TRP DC 438 113.23 -9.40 53.11
N ARG DC 439 112.59 -9.60 51.97
CA ARG DC 439 111.15 -9.38 51.86
C ARG DC 439 110.49 -10.51 51.06
N LEU DC 440 109.81 -11.41 51.77
CA LEU DC 440 109.14 -12.53 51.13
C LEU DC 440 107.73 -12.14 50.69
N TYR DC 477 80.56 -33.66 21.96
CA TYR DC 477 79.94 -34.75 22.77
C TYR DC 477 81.02 -35.73 23.18
N ARG DC 478 81.99 -35.19 23.94
CA ARG DC 478 82.99 -35.98 24.64
C ARG DC 478 83.67 -35.08 25.66
N GLY DC 479 83.94 -35.61 26.84
CA GLY DC 479 84.48 -34.79 27.92
C GLY DC 479 85.16 -35.56 29.05
N LYS DC 480 85.84 -34.84 29.96
CA LYS DC 480 86.25 -35.42 31.25
C LYS DC 480 85.02 -35.90 32.02
N ARG DC 481 85.24 -36.93 32.86
CA ARG DC 481 84.28 -37.46 33.82
C ARG DC 481 84.17 -36.63 35.07
N VAL DC 482 82.95 -36.59 35.56
CA VAL DC 482 82.52 -35.64 36.56
C VAL DC 482 81.45 -36.24 37.45
N SER DC 483 81.13 -35.55 38.53
CA SER DC 483 79.96 -35.84 39.34
C SER DC 483 79.23 -34.52 39.54
N PHE DC 484 78.01 -34.47 39.03
CA PHE DC 484 77.13 -33.33 39.16
C PHE DC 484 76.18 -33.39 40.31
N GLU DC 485 76.39 -32.54 41.29
CA GLU DC 485 75.46 -32.45 42.39
C GLU DC 485 74.94 -31.03 42.43
N PHE DC 486 73.63 -30.90 42.16
CA PHE DC 486 72.88 -29.64 42.15
C PHE DC 486 71.65 -29.68 43.00
N LYS DC 487 71.71 -29.04 44.16
CA LYS DC 487 70.59 -28.99 45.09
C LYS DC 487 69.86 -27.68 45.02
N ASP DC 488 68.84 -27.62 44.17
CA ASP DC 488 67.92 -26.47 44.08
C ASP DC 488 68.74 -25.26 43.60
N ILE DC 489 69.14 -25.31 42.33
CA ILE DC 489 69.94 -24.26 41.68
C ILE DC 489 69.42 -23.89 40.32
N ASP DC 490 69.64 -22.63 39.94
CA ASP DC 490 69.24 -22.16 38.62
C ASP DC 490 69.97 -22.92 37.53
N ILE DC 491 69.25 -23.39 36.52
CA ILE DC 491 69.90 -24.07 35.38
C ILE DC 491 70.92 -23.15 34.72
N GLN DC 492 70.71 -21.84 34.75
CA GLN DC 492 71.67 -20.85 34.32
C GLN DC 492 72.97 -20.90 35.12
N ASN DC 493 72.87 -21.09 36.44
CA ASN DC 493 74.05 -21.33 37.24
C ASN DC 493 74.70 -22.64 36.83
N LEU DC 494 73.95 -23.75 36.74
CA LEU DC 494 74.57 -25.02 36.33
C LEU DC 494 75.29 -24.89 35.00
N LEU DC 495 74.65 -24.21 34.08
CA LEU DC 495 75.25 -23.90 32.82
C LEU DC 495 76.59 -23.17 32.94
N ARG DC 496 76.64 -22.04 33.65
CA ARG DC 496 77.87 -21.23 33.82
C ARG DC 496 78.96 -22.01 34.47
N VAL DC 497 78.58 -22.72 35.52
CA VAL DC 497 79.46 -23.63 36.19
C VAL DC 497 80.03 -24.60 35.16
N ILE DC 498 79.16 -25.19 34.34
CA ILE DC 498 79.57 -26.06 33.26
C ILE DC 498 80.46 -25.27 32.28
N ALA DC 499 80.27 -24.02 31.91
CA ALA DC 499 81.29 -23.28 31.15
C ALA DC 499 82.63 -22.99 31.89
N GLU DC 500 82.61 -22.77 33.20
CA GLU DC 500 83.80 -22.51 34.05
C GLU DC 500 84.73 -23.71 34.21
N ILE DC 501 84.21 -24.88 33.91
CA ILE DC 501 84.90 -26.16 33.86
C ILE DC 501 85.37 -26.47 32.37
N SER DC 502 85.39 -25.52 31.41
CA SER DC 502 85.93 -25.68 30.01
C SER DC 502 85.08 -26.59 29.09
N LYS DC 503 83.90 -26.87 29.59
CA LYS DC 503 82.84 -27.50 28.84
C LYS DC 503 82.16 -26.47 28.00
N LYS DC 504 82.91 -26.05 26.98
CA LYS DC 504 82.61 -24.93 26.09
C LYS DC 504 82.59 -23.62 26.86
N ASN DC 505 82.27 -22.54 26.14
CA ASN DC 505 81.65 -21.39 26.76
C ASN DC 505 80.15 -21.54 26.56
N ILE DC 506 79.40 -21.81 27.62
CA ILE DC 506 77.96 -21.88 27.56
C ILE DC 506 77.32 -20.53 27.89
N VAL DC 507 76.32 -20.10 27.13
CA VAL DC 507 75.47 -18.92 27.36
C VAL DC 507 74.00 -19.30 27.13
N VAL DC 508 73.12 -18.97 28.07
CA VAL DC 508 71.67 -19.17 27.84
C VAL DC 508 71.11 -18.02 26.94
N ALA DC 509 69.82 -18.09 26.59
CA ALA DC 509 68.99 -16.88 26.46
C ALA DC 509 68.90 -16.12 27.82
N ASP DC 510 67.94 -15.20 28.02
CA ASP DC 510 67.77 -14.62 29.37
C ASP DC 510 66.93 -15.60 30.23
N ASP DC 511 65.61 -15.58 30.00
CA ASP DC 511 64.70 -16.40 30.83
C ASP DC 511 64.44 -17.75 30.18
N VAL DC 512 65.29 -18.70 30.56
CA VAL DC 512 65.21 -20.06 30.06
C VAL DC 512 64.17 -20.92 30.79
N SER DC 513 64.05 -20.83 32.12
CA SER DC 513 63.32 -21.88 32.87
C SER DC 513 63.18 -21.49 34.33
N GLY DC 514 64.15 -21.94 35.14
CA GLY DC 514 64.19 -21.71 36.56
C GLY DC 514 65.30 -22.56 37.18
N LYS DC 515 64.90 -23.18 38.28
CA LYS DC 515 65.72 -23.98 39.16
C LYS DC 515 65.46 -25.49 39.00
N VAL DC 516 66.51 -26.31 39.13
CA VAL DC 516 66.43 -27.78 39.07
C VAL DC 516 67.33 -28.43 40.12
N THR DC 517 66.97 -29.69 40.44
CA THR DC 517 67.78 -30.60 41.25
C THR DC 517 68.17 -31.87 40.51
N ILE DC 518 69.48 -32.15 40.44
CA ILE DC 518 70.03 -33.41 39.94
C ILE DC 518 71.25 -33.83 40.81
N ARG DC 519 71.57 -35.13 40.85
CA ARG DC 519 72.82 -35.66 41.42
C ARG DC 519 73.40 -36.91 40.75
N LEU DC 520 74.47 -36.64 40.03
CA LEU DC 520 75.14 -37.56 39.16
C LEU DC 520 76.47 -37.95 39.77
N ARG DC 521 76.87 -39.18 39.49
CA ARG DC 521 78.24 -39.61 39.73
C ARG DC 521 78.82 -40.31 38.51
N ASN DC 522 80.12 -40.11 38.31
CA ASN DC 522 80.91 -40.76 37.26
C ASN DC 522 80.37 -40.53 35.83
N VAL DC 523 79.84 -39.36 35.52
CA VAL DC 523 79.26 -39.08 34.19
C VAL DC 523 80.13 -38.03 33.53
N PRO DC 524 80.67 -38.22 32.32
CA PRO DC 524 81.16 -37.11 31.53
C PRO DC 524 80.12 -36.06 31.36
N TRP DC 525 80.59 -34.84 31.38
CA TRP DC 525 79.70 -33.74 31.50
C TRP DC 525 78.73 -33.50 30.35
N ASP DC 526 79.20 -33.74 29.13
CA ASP DC 526 78.51 -33.47 27.87
C ASP DC 526 77.29 -34.35 27.73
N GLN DC 527 77.40 -35.47 28.43
CA GLN DC 527 76.29 -36.30 28.74
C GLN DC 527 75.49 -35.79 29.92
N ALA DC 528 76.08 -35.49 31.09
CA ALA DC 528 75.32 -34.99 32.23
C ALA DC 528 74.46 -33.78 31.82
N LEU DC 529 74.97 -32.97 30.88
CA LEU DC 529 74.26 -31.94 30.10
C LEU DC 529 73.07 -32.49 29.33
N ASP DC 530 73.23 -33.40 28.34
CA ASP DC 530 72.08 -33.94 27.56
C ASP DC 530 70.95 -34.43 28.46
N LEU DC 531 71.43 -35.05 29.50
CA LEU DC 531 70.64 -35.54 30.58
C LEU DC 531 69.96 -34.41 31.41
N VAL DC 532 70.62 -33.26 31.60
CA VAL DC 532 70.07 -32.08 32.32
C VAL DC 532 68.93 -31.46 31.52
N LEU DC 533 69.14 -31.33 30.20
CA LEU DC 533 68.14 -30.90 29.20
C LEU DC 533 66.80 -31.63 29.40
N ARG DC 534 66.89 -32.96 29.39
CA ARG DC 534 65.73 -33.86 29.58
C ARG DC 534 64.99 -33.80 30.92
N THR DC 535 65.73 -33.36 31.94
CA THR DC 535 65.12 -33.21 33.27
C THR DC 535 63.98 -32.19 33.21
N LYS DC 536 64.33 -30.95 32.92
CA LYS DC 536 63.43 -29.77 32.94
C LYS DC 536 63.83 -28.80 31.83
N ALA DC 537 65.15 -28.80 31.76
CA ALA DC 537 65.95 -27.83 31.12
C ALA DC 537 65.77 -27.97 29.61
N LEU DC 538 66.66 -27.26 28.97
CA LEU DC 538 66.44 -26.70 27.67
C LEU DC 538 66.83 -27.68 26.56
N GLY DC 539 66.92 -27.24 25.31
CA GLY DC 539 67.81 -27.84 24.32
C GLY DC 539 69.06 -26.97 24.07
N LYS DC 540 70.15 -27.58 23.60
CA LYS DC 540 71.40 -26.84 23.30
C LYS DC 540 71.64 -26.74 21.79
N GLU DC 541 72.10 -25.56 21.35
CA GLU DC 541 72.63 -25.29 20.00
C GLU DC 541 74.03 -24.70 20.10
N GLU DC 542 75.01 -25.26 19.38
CA GLU DC 542 76.39 -24.75 19.41
C GLU DC 542 76.74 -23.93 18.18
N PHE DC 543 77.23 -22.71 18.41
CA PHE DC 543 77.90 -21.90 17.38
C PHE DC 543 79.30 -22.39 17.00
N GLY DC 544 80.01 -22.89 18.01
CA GLY DC 544 81.28 -23.63 17.92
C GLY DC 544 82.15 -23.34 19.14
N ASN DC 545 82.56 -22.07 19.27
CA ASN DC 545 83.25 -21.59 20.46
C ASN DC 545 82.32 -21.39 21.66
N ILE DC 546 81.22 -20.69 21.39
CA ILE DC 546 80.11 -20.50 22.33
C ILE DC 546 78.98 -21.45 21.95
N ILE DC 547 78.17 -21.80 22.91
CA ILE DC 547 76.94 -22.55 22.69
C ILE DC 547 75.79 -21.72 23.28
N ARG DC 548 74.67 -21.63 22.57
CA ARG DC 548 73.45 -21.03 23.10
C ARG DC 548 72.46 -22.09 23.55
N ILE DC 549 71.89 -21.86 24.73
CA ILE DC 549 70.85 -22.72 25.28
C ILE DC 549 69.57 -21.94 25.40
N ALA DC 550 68.49 -22.50 24.87
CA ALA DC 550 67.23 -21.81 24.80
C ALA DC 550 66.06 -22.63 25.37
N PRO DC 551 65.03 -21.94 25.88
CA PRO DC 551 63.72 -22.48 26.27
C PRO DC 551 62.85 -22.90 25.08
N ASP DC 574 66.84 -37.04 45.70
CA ASP DC 574 67.60 -36.87 44.47
C ASP DC 574 67.20 -37.80 43.32
N LEU DC 575 67.49 -37.21 42.18
CA LEU DC 575 67.67 -37.90 40.94
C LEU DC 575 69.10 -38.19 40.86
N MET DC 576 69.34 -39.30 40.23
CA MET DC 576 70.69 -39.65 40.04
C MET DC 576 70.94 -40.28 38.72
N VAL DC 577 72.23 -40.20 38.44
CA VAL DC 577 72.80 -40.85 37.31
C VAL DC 577 73.84 -41.82 37.76
N ASN DC 578 73.74 -42.94 37.10
CA ASN DC 578 74.56 -44.09 37.29
C ASN DC 578 74.87 -44.68 35.92
N LEU DC 579 76.13 -45.08 35.77
CA LEU DC 579 76.64 -45.82 34.63
C LEU DC 579 76.48 -47.30 34.98
N LEU DC 580 75.85 -48.04 34.08
CA LEU DC 580 75.76 -49.49 34.09
C LEU DC 580 76.79 -50.02 33.07
N PRO DC 581 77.82 -50.78 33.47
CA PRO DC 581 78.55 -51.55 32.49
C PRO DC 581 77.64 -52.67 31.97
N VAL DC 582 77.70 -52.94 30.68
CA VAL DC 582 77.16 -54.15 30.08
C VAL DC 582 78.33 -54.97 29.57
N ASN DC 583 78.74 -55.97 30.36
CA ASN DC 583 79.91 -56.76 29.95
C ASN DC 583 79.57 -57.72 28.83
N TYR DC 584 78.42 -58.40 28.95
CA TYR DC 584 78.13 -59.57 28.14
C TYR DC 584 77.26 -59.32 26.92
N ALA DC 585 76.14 -58.62 27.09
CA ALA DC 585 75.22 -58.31 26.01
C ALA DC 585 75.59 -57.02 25.25
N VAL DC 586 74.98 -56.82 24.08
CA VAL DC 586 75.01 -55.52 23.40
C VAL DC 586 73.97 -54.59 24.03
N ALA DC 587 74.30 -53.30 24.17
CA ALA DC 587 73.41 -52.32 24.79
C ALA DC 587 72.08 -52.13 24.02
N ALA DC 588 72.11 -52.22 22.70
CA ALA DC 588 70.92 -52.05 21.84
C ALA DC 588 69.83 -53.11 22.05
N ASP DC 589 70.20 -54.34 22.45
CA ASP DC 589 69.24 -55.41 22.75
C ASP DC 589 68.36 -55.13 23.98
N MET DC 590 68.91 -54.36 24.94
CA MET DC 590 68.16 -53.83 26.07
C MET DC 590 67.13 -52.77 25.69
N ALA DC 591 67.31 -52.08 24.56
CA ALA DC 591 66.57 -50.87 24.21
C ALA DC 591 65.04 -51.09 24.19
N ALA DC 592 64.59 -52.24 23.67
CA ALA DC 592 63.16 -52.60 23.64
C ALA DC 592 62.54 -52.63 25.06
N ARG DC 593 63.16 -53.39 25.97
CA ARG DC 593 62.72 -53.53 27.36
C ARG DC 593 62.84 -52.25 28.19
N VAL DC 594 63.95 -51.53 28.00
CA VAL DC 594 64.21 -50.30 28.73
C VAL DC 594 63.22 -49.21 28.30
N LYS DC 595 62.95 -49.08 26.99
CA LYS DC 595 61.91 -48.19 26.46
C LYS DC 595 60.54 -48.51 27.06
N ASP DC 596 60.25 -49.80 27.20
CA ASP DC 596 59.00 -50.28 27.78
C ASP DC 596 58.78 -49.97 29.29
N VAL DC 597 59.81 -49.93 30.14
CA VAL DC 597 59.63 -49.37 31.50
C VAL DC 597 59.31 -47.88 31.46
N LEU DC 598 60.03 -47.08 30.65
CA LEU DC 598 59.88 -45.63 30.68
C LEU DC 598 58.44 -45.22 30.42
N SER DC 599 57.78 -45.86 29.43
CA SER DC 599 56.45 -45.43 28.98
C SER DC 599 56.47 -43.91 28.68
N GLU DC 600 55.47 -43.18 29.16
CA GLU DC 600 55.42 -41.71 29.21
C GLU DC 600 56.04 -41.11 30.49
N ARG DC 601 56.99 -41.83 31.11
CA ARG DC 601 57.76 -41.29 32.23
C ARG DC 601 59.08 -40.63 31.82
N GLY DC 602 59.54 -40.01 32.89
CA GLY DC 602 60.76 -39.28 33.08
C GLY DC 602 61.74 -40.01 33.90
N SER DC 603 62.94 -39.68 33.49
CA SER DC 603 63.87 -40.72 33.21
C SER DC 603 64.24 -40.70 31.76
N VAL DC 604 65.45 -41.13 31.53
CA VAL DC 604 65.95 -41.50 30.25
C VAL DC 604 67.09 -42.48 30.38
N THR DC 605 67.39 -43.08 29.24
CA THR DC 605 68.52 -43.96 29.01
C THR DC 605 69.36 -43.43 27.84
N VAL DC 606 70.68 -43.39 27.99
CA VAL DC 606 71.66 -43.02 26.95
C VAL DC 606 72.64 -44.16 26.74
N ASP DC 607 72.84 -44.49 25.47
CA ASP DC 607 73.78 -45.54 25.07
C ASP DC 607 75.10 -44.89 24.67
N GLN DC 608 76.15 -45.13 25.45
CA GLN DC 608 77.49 -44.73 25.07
C GLN DC 608 78.13 -45.78 24.17
N ARG DC 609 79.09 -45.32 23.34
CA ARG DC 609 79.76 -46.16 22.33
C ARG DC 609 80.48 -47.39 22.87
N THR DC 610 81.04 -47.28 24.07
CA THR DC 610 81.75 -48.38 24.73
C THR DC 610 80.81 -49.38 25.43
N ASN DC 611 79.58 -49.56 24.90
CA ASN DC 611 78.54 -50.46 25.42
C ASN DC 611 78.33 -50.33 26.95
N VAL DC 612 78.13 -49.09 27.39
CA VAL DC 612 77.63 -48.79 28.73
C VAL DC 612 76.31 -48.05 28.60
N LEU DC 613 75.33 -48.42 29.44
CA LEU DC 613 74.11 -47.63 29.56
C LEU DC 613 74.29 -46.58 30.63
N ILE DC 614 73.65 -45.43 30.39
CA ILE DC 614 73.54 -44.39 31.41
C ILE DC 614 72.11 -43.97 31.56
N VAL DC 615 71.68 -43.92 32.82
CA VAL DC 615 70.34 -43.51 33.20
C VAL DC 615 70.32 -42.23 34.03
N LYS DC 616 69.53 -41.22 33.66
CA LYS DC 616 69.06 -40.23 34.67
C LYS DC 616 67.65 -40.61 34.95
N ASP DC 617 67.31 -40.39 36.20
CA ASP DC 617 65.96 -40.43 36.71
C ASP DC 617 65.91 -40.27 38.21
N VAL DC 618 64.70 -40.29 38.73
CA VAL DC 618 64.45 -40.61 40.15
C VAL DC 618 65.22 -41.90 40.49
N ARG DC 619 65.63 -42.02 41.77
CA ARG DC 619 66.20 -43.29 42.26
C ARG DC 619 65.33 -44.51 41.95
N SER DC 620 64.00 -44.40 42.11
CA SER DC 620 63.09 -45.54 41.94
C SER DC 620 63.05 -46.05 40.49
N ASN DC 621 63.04 -45.16 39.48
CA ASN DC 621 63.15 -45.58 38.08
C ASN DC 621 64.60 -46.04 37.72
N THR DC 622 65.66 -45.43 38.30
CA THR DC 622 67.05 -45.94 38.15
C THR DC 622 67.19 -47.40 38.63
N GLU DC 623 66.64 -47.66 39.83
CA GLU DC 623 66.70 -48.96 40.46
C GLU DC 623 66.07 -50.03 39.55
N ARG DC 624 64.88 -49.75 39.03
CA ARG DC 624 64.19 -50.63 38.08
C ARG DC 624 65.04 -50.89 36.85
N ALA DC 625 65.50 -49.85 36.19
CA ALA DC 625 66.34 -49.97 34.99
C ALA DC 625 67.62 -50.77 35.27
N ARG DC 626 68.33 -50.53 36.39
CA ARG DC 626 69.50 -51.34 36.77
C ARG DC 626 69.14 -52.81 36.97
N SER DC 627 68.08 -53.10 37.72
CA SER DC 627 67.68 -54.50 37.98
C SER DC 627 67.41 -55.26 36.70
N LEU DC 628 66.76 -54.65 35.70
CA LEU DC 628 66.51 -55.26 34.39
C LEU DC 628 67.79 -55.41 33.57
N VAL DC 629 68.63 -54.36 33.48
CA VAL DC 629 69.90 -54.39 32.72
C VAL DC 629 70.80 -55.46 33.30
N ARG DC 630 71.02 -55.49 34.62
CA ARG DC 630 71.84 -56.53 35.24
C ARG DC 630 71.22 -57.92 35.08
N SER DC 631 69.90 -58.06 35.21
CA SER DC 631 69.22 -59.36 35.08
C SER DC 631 69.38 -59.98 33.69
N LEU DC 632 69.20 -59.15 32.65
CA LEU DC 632 69.49 -59.56 31.27
C LEU DC 632 70.96 -59.72 30.95
N ASP DC 633 71.82 -58.90 31.57
CA ASP DC 633 73.26 -59.10 31.47
C ASP DC 633 73.45 -60.51 32.04
N THR DC 634 73.03 -60.85 33.28
CA THR DC 634 73.28 -62.17 33.93
C THR DC 634 72.99 -63.46 33.16
N GLN DC 635 72.00 -63.53 32.26
CA GLN DC 635 71.87 -64.71 31.39
C GLN DC 635 72.89 -64.80 30.25
N THR DC 636 73.34 -63.64 29.78
CA THR DC 636 74.54 -63.44 28.94
C THR DC 636 75.96 -63.83 29.50
N PRO DC 637 76.33 -63.67 30.80
CA PRO DC 637 77.52 -64.26 31.41
C PRO DC 637 77.62 -65.78 31.43
N GLN DC 638 76.49 -66.52 31.47
CA GLN DC 638 76.63 -67.97 31.32
C GLN DC 638 76.91 -68.29 29.84
N VAL DC 639 78.19 -68.28 29.50
CA VAL DC 639 78.68 -68.61 28.16
C VAL DC 639 78.91 -70.12 28.01
N CYS EC 5 -9.54 80.31 33.56
CA CYS EC 5 -8.42 79.80 32.79
C CYS EC 5 -7.09 80.44 33.25
N GLU EC 6 -5.97 80.04 32.67
CA GLU EC 6 -4.74 80.84 32.67
C GLU EC 6 -4.45 81.42 31.27
N GLU EC 7 -3.96 82.65 31.26
CA GLU EC 7 -3.83 83.54 30.08
C GLU EC 7 -2.42 83.40 29.41
N PRO EC 8 -2.01 84.21 28.41
CA PRO EC 8 -0.83 83.94 27.56
C PRO EC 8 0.49 83.52 28.22
N PRO EC 9 1.05 84.39 29.08
CA PRO EC 9 1.15 84.01 30.49
C PRO EC 9 -0.08 84.38 31.32
N ALA EC 10 -0.27 83.67 32.43
CA ALA EC 10 -1.19 84.11 33.48
C ALA EC 10 -0.95 85.57 33.82
N PRO EC 11 -1.63 86.03 34.87
CA PRO EC 11 -1.34 87.35 35.45
C PRO EC 11 0.09 87.45 35.96
N ALA EC 12 0.25 87.88 37.21
CA ALA EC 12 1.19 88.96 37.53
C ALA EC 12 2.50 88.41 38.06
N PRO EC 13 2.43 87.80 39.25
CA PRO EC 13 3.51 86.92 39.72
C PRO EC 13 3.05 85.46 39.81
N PRO EC 14 3.20 84.73 38.71
CA PRO EC 14 2.38 84.97 37.51
C PRO EC 14 1.31 83.90 37.34
N PRO EC 15 0.35 83.87 38.25
CA PRO EC 15 0.63 83.54 39.66
C PRO EC 15 0.85 82.04 39.84
N ALA EC 16 1.19 81.64 41.07
CA ALA EC 16 0.78 80.35 41.58
C ALA EC 16 1.84 79.28 41.32
N LYS EC 17 2.44 79.35 40.13
CA LYS EC 17 3.78 78.81 39.93
C LYS EC 17 4.35 78.23 41.23
N PRO EC 18 3.99 78.84 42.35
CA PRO EC 18 4.57 78.47 43.65
C PRO EC 18 4.31 77.00 43.98
N LYS EC 19 3.28 76.42 43.37
CA LYS EC 19 2.99 75.00 43.54
C LYS EC 19 3.45 74.20 42.32
N ALA EC 20 3.14 74.72 41.14
CA ALA EC 20 3.65 74.14 39.89
C ALA EC 20 5.17 73.99 39.94
N ALA EC 21 5.86 75.12 39.88
CA ALA EC 21 7.32 75.13 39.95
C ALA EC 21 7.80 75.12 41.40
N ALA EC 22 7.24 74.22 42.20
CA ALA EC 22 7.90 73.75 43.42
C ALA EC 22 7.56 72.30 43.72
N ALA EC 23 6.51 71.80 43.08
CA ALA EC 23 6.28 70.36 42.97
C ALA EC 23 6.84 69.81 41.67
N VAL EC 24 7.07 70.70 40.71
CA VAL EC 24 8.19 70.56 39.78
C VAL EC 24 9.52 70.87 40.46
N PRO EC 25 10.20 71.90 39.97
CA PRO EC 25 11.52 71.71 39.35
C PRO EC 25 12.36 70.68 40.09
N VAL EC 26 11.91 69.42 40.08
CA VAL EC 26 12.05 68.58 38.89
C VAL EC 26 12.35 67.14 39.28
N LYS EC 27 13.63 66.82 39.41
CA LYS EC 27 14.62 67.78 39.89
C LYS EC 27 15.57 68.19 38.78
N ALA EC 28 15.05 68.28 37.56
CA ALA EC 28 15.88 68.27 36.36
C ALA EC 28 16.88 67.12 36.39
N ALA EC 29 17.71 67.08 37.43
CA ALA EC 29 19.14 66.91 37.25
C ALA EC 29 19.76 68.12 36.55
N PRO EC 30 19.48 68.25 35.26
CA PRO EC 30 19.23 67.09 34.40
C PRO EC 30 20.50 66.28 34.15
N THR EC 31 20.34 65.03 33.73
CA THR EC 31 21.44 64.07 33.78
C THR EC 31 22.29 64.14 32.53
N GLU EC 32 22.99 65.26 32.34
CA GLU EC 32 23.92 65.42 31.22
C GLU EC 32 25.03 64.36 31.12
N THR EC 33 24.72 63.09 31.45
CA THR EC 33 25.61 62.10 32.06
C THR EC 33 25.77 60.80 31.25
N GLY EC 34 24.89 59.81 31.49
CA GLY EC 34 25.28 58.40 31.58
C GLY EC 34 25.37 57.68 30.24
N ALA EC 35 26.37 58.05 29.41
CA ALA EC 35 26.42 57.81 27.97
C ALA EC 35 27.16 56.51 27.62
N GLN EC 36 28.13 56.57 26.71
CA GLN EC 36 28.79 55.41 26.08
C GLN EC 36 30.28 55.36 26.43
N ALA EC 37 30.82 54.16 26.67
CA ALA EC 37 32.18 53.95 27.11
C ALA EC 37 33.14 53.61 25.95
N ALA EC 38 34.38 54.05 26.04
CA ALA EC 38 35.50 53.55 25.22
C ALA EC 38 36.05 52.17 25.68
N PRO EC 39 35.62 51.71 26.85
CA PRO EC 39 36.52 51.01 27.77
C PRO EC 39 37.84 51.75 27.94
N SER EC 40 38.73 51.18 28.75
CA SER EC 40 40.16 51.19 28.42
C SER EC 40 40.66 49.79 28.09
N TYR EC 41 41.86 49.71 27.55
CA TYR EC 41 42.49 48.43 27.26
C TYR EC 41 43.85 48.32 27.94
N SER EC 42 44.26 47.10 28.25
CA SER EC 42 45.51 46.85 28.96
C SER EC 42 46.57 46.27 28.04
N TYR EC 43 47.71 45.92 28.61
CA TYR EC 43 48.90 45.60 27.81
C TYR EC 43 49.45 44.23 28.19
N VAL EC 44 50.19 43.63 27.25
CA VAL EC 44 50.80 42.32 27.49
C VAL EC 44 52.15 42.21 26.78
N TYR EC 45 52.84 41.10 27.03
CA TYR EC 45 53.33 40.77 28.36
C TYR EC 45 54.72 40.17 28.32
N ASN EC 46 55.11 39.50 29.40
CA ASN EC 46 56.50 39.51 29.86
C ASN EC 46 57.16 38.14 29.71
N PRO EC 47 57.69 37.87 28.52
CA PRO EC 47 58.35 36.59 28.24
C PRO EC 47 59.71 36.79 27.60
N VAL EC 48 60.64 35.87 27.89
CA VAL EC 48 61.54 35.35 26.86
C VAL EC 48 62.76 34.67 27.50
N GLY EC 49 63.60 34.09 26.65
CA GLY EC 49 64.07 32.73 26.87
C GLY EC 49 65.45 32.50 26.31
N LYS EC 50 65.77 31.22 26.04
CA LYS EC 50 66.83 30.54 26.78
C LYS EC 50 67.05 29.13 26.23
N ARG EC 51 67.27 28.18 27.13
CA ARG EC 51 66.90 26.80 26.88
C ARG EC 51 67.30 25.90 28.06
N ASP EC 52 66.80 24.67 28.05
CA ASP EC 52 66.63 23.90 29.28
C ASP EC 52 66.53 22.41 28.99
N PRO EC 53 65.55 21.76 29.60
CA PRO EC 53 64.19 21.69 29.03
C PRO EC 53 63.75 23.02 28.46
N PHE EC 54 63.79 23.14 27.13
CA PHE EC 54 63.10 22.20 26.26
C PHE EC 54 64.07 21.19 25.64
N ARG EC 55 65.36 21.41 25.90
CA ARG EC 55 66.40 21.06 24.92
C ARG EC 55 66.75 19.57 24.93
N SER EC 56 67.25 19.03 26.05
CA SER EC 56 67.50 17.58 26.15
C SER EC 56 66.31 16.68 25.79
N PRO EC 57 65.07 16.89 26.31
CA PRO EC 57 63.93 16.04 25.99
C PRO EC 57 63.35 16.19 24.57
N ILE EC 58 63.92 16.99 23.65
CA ILE EC 58 63.58 16.93 22.21
C ILE EC 58 64.82 17.09 21.31
N ASP EC 59 65.66 18.10 21.53
CA ASP EC 59 66.90 18.35 20.77
C ASP EC 59 67.94 17.20 20.92
N GLU EC 60 67.90 16.44 22.03
CA GLU EC 60 68.79 15.29 22.31
C GLU EC 60 68.05 13.92 22.29
N LEU EC 61 66.74 13.89 22.61
CA LEU EC 61 65.89 12.71 22.49
C LEU EC 61 65.52 12.36 21.04
N GLY EC 62 65.35 13.34 20.13
CA GLY EC 62 65.06 13.11 18.72
C GLY EC 62 66.16 12.38 17.94
N PRO EC 63 67.45 12.61 18.24
CA PRO EC 63 68.67 11.89 17.81
C PRO EC 63 68.86 10.41 18.26
N VAL EC 64 69.48 9.83 19.69
CA VAL EC 64 70.13 8.55 20.03
C VAL EC 64 70.43 8.48 21.54
N ASN EC 65 70.12 7.46 22.34
CA ASN EC 65 70.13 7.53 23.79
C ASN EC 65 70.75 6.25 24.36
N ALA EC 66 71.79 6.44 25.17
CA ALA EC 66 72.44 5.37 25.92
C ALA EC 66 72.67 5.87 27.36
N ASN EC 67 72.51 4.96 28.32
CA ASN EC 67 72.74 5.25 29.74
C ASN EC 67 73.81 4.29 30.30
N PRO EC 68 75.11 4.61 30.09
CA PRO EC 68 76.24 3.70 30.34
C PRO EC 68 76.30 3.04 31.71
N VAL EC 69 76.81 1.81 31.71
CA VAL EC 69 77.20 1.09 32.95
C VAL EC 69 78.58 1.53 33.46
N ALA EC 70 78.63 1.97 34.71
CA ALA EC 70 79.88 2.18 35.47
C ALA EC 70 79.74 1.88 36.97
N ALA EC 71 78.50 1.77 37.48
CA ALA EC 71 77.76 1.64 38.73
C ALA EC 71 78.34 0.59 39.68
N CYS EC 72 77.75 0.51 40.88
CA CYS EC 72 77.82 -0.67 41.72
C CYS EC 72 77.03 -1.87 41.16
N ASN EC 73 77.60 -3.07 41.30
CA ASN EC 73 76.69 -4.22 41.39
C ASN EC 73 77.27 -5.47 42.13
N GLU EC 74 77.96 -5.37 43.25
CA GLU EC 74 78.96 -6.42 43.52
C GLU EC 74 78.65 -7.18 44.85
N PRO EC 75 78.02 -8.36 44.77
CA PRO EC 75 76.94 -8.74 45.67
C PRO EC 75 77.47 -9.42 46.92
N LEU EC 76 78.24 -10.50 46.78
CA LEU EC 76 78.56 -11.38 47.91
C LEU EC 76 79.62 -10.76 48.81
N CYS EC 77 80.46 -9.87 48.29
CA CYS EC 77 81.31 -9.02 49.12
C CYS EC 77 80.57 -7.96 49.95
N SER EC 78 79.25 -7.86 49.81
CA SER EC 78 78.35 -7.09 50.69
C SER EC 78 77.58 -7.95 51.71
N PHE EC 79 77.77 -9.29 51.74
CA PHE EC 79 77.10 -10.22 52.69
C PHE EC 79 78.08 -11.14 53.42
N ASP EC 80 77.78 -11.54 54.65
CA ASP EC 80 78.72 -12.26 55.52
C ASP EC 80 78.79 -13.77 55.20
N LEU EC 81 79.95 -14.41 55.41
CA LEU EC 81 80.24 -15.73 54.81
C LEU EC 81 79.41 -16.87 55.39
N ASP EC 82 79.11 -16.83 56.68
CA ASP EC 82 78.30 -17.81 57.42
C ASP EC 82 76.79 -17.69 57.02
N GLN EC 83 76.39 -16.63 56.29
CA GLN EC 83 75.06 -16.51 55.70
C GLN EC 83 74.92 -17.33 54.41
N LEU EC 84 76.02 -17.67 53.74
CA LEU EC 84 76.04 -18.33 52.42
C LEU EC 84 75.99 -19.86 52.56
N LYS EC 85 75.21 -20.54 51.70
CA LYS EC 85 74.98 -22.00 51.79
C LYS EC 85 75.36 -22.73 50.51
N LEU EC 86 76.17 -23.80 50.60
CA LEU EC 86 76.62 -24.53 49.42
C LEU EC 86 75.48 -25.37 48.81
N VAL EC 87 75.08 -25.03 47.59
CA VAL EC 87 74.00 -25.68 46.84
C VAL EC 87 74.48 -26.96 46.18
N ALA EC 88 75.60 -26.87 45.48
CA ALA EC 88 76.12 -27.90 44.57
C ALA EC 88 77.60 -27.67 44.25
N VAL EC 89 78.20 -28.62 43.56
CA VAL EC 89 79.54 -28.48 42.98
C VAL EC 89 79.53 -29.11 41.58
N VAL EC 90 80.19 -28.45 40.62
CA VAL EC 90 80.43 -28.94 39.26
C VAL EC 90 81.92 -29.24 39.10
N THR EC 91 82.26 -30.30 38.38
CA THR EC 91 83.67 -30.66 38.08
C THR EC 91 83.73 -31.27 36.69
N GLY EC 92 84.73 -30.84 35.91
CA GLY EC 92 85.06 -31.30 34.58
C GLY EC 92 86.33 -30.59 34.09
N ASP EC 93 86.60 -30.72 32.80
CA ASP EC 93 87.85 -30.27 32.15
C ASP EC 93 88.10 -28.75 32.31
N ALA EC 94 87.02 -27.96 32.41
CA ALA EC 94 87.03 -26.53 32.70
C ALA EC 94 87.39 -26.14 34.17
N SER EC 95 88.01 -27.05 34.92
CA SER EC 95 88.32 -26.98 36.37
C SER EC 95 87.10 -27.04 37.32
N PRO EC 96 87.25 -27.53 38.56
CA PRO EC 96 86.14 -27.59 39.52
C PRO EC 96 85.63 -26.19 39.92
N VAL EC 97 84.30 -26.08 40.05
CA VAL EC 97 83.59 -24.87 40.47
C VAL EC 97 82.47 -25.17 41.48
N ALA EC 98 82.42 -24.41 42.57
CA ALA EC 98 81.39 -24.49 43.59
C ALA EC 98 80.17 -23.61 43.21
N MET EC 99 78.98 -23.99 43.68
CA MET EC 99 77.75 -23.22 43.56
C MET EC 99 77.16 -22.94 44.94
N VAL EC 100 76.91 -21.67 45.26
CA VAL EC 100 76.55 -21.18 46.60
C VAL EC 100 75.37 -20.21 46.59
N GLU EC 101 74.55 -20.22 47.64
CA GLU EC 101 73.28 -19.51 47.78
C GLU EC 101 73.39 -18.37 48.81
N ASP EC 102 72.86 -17.20 48.45
CA ASP EC 102 72.84 -15.96 49.23
C ASP EC 102 71.78 -16.11 50.36
N PRO EC 103 71.81 -15.30 51.44
CA PRO EC 103 70.62 -15.12 52.29
C PRO EC 103 69.45 -14.45 51.56
N ALA EC 104 69.73 -13.75 50.45
CA ALA EC 104 68.73 -13.24 49.50
C ALA EC 104 68.26 -14.29 48.44
N GLY EC 105 68.69 -15.55 48.54
CA GLY EC 105 68.24 -16.66 47.67
C GLY EC 105 68.80 -16.66 46.25
N ARG EC 106 69.74 -15.79 45.90
CA ARG EC 106 70.46 -15.88 44.62
C ARG EC 106 71.42 -17.09 44.63
N GLY EC 107 71.59 -17.75 43.48
CA GLY EC 107 72.73 -18.64 43.20
C GLY EC 107 73.94 -17.92 42.59
N HIS EC 108 75.15 -18.32 43.01
CA HIS EC 108 76.45 -17.87 42.48
C HIS EC 108 77.31 -19.07 42.11
N ILE EC 109 78.34 -18.83 41.29
CA ILE EC 109 79.33 -19.84 40.92
C ILE EC 109 80.72 -19.24 41.14
N VAL EC 110 81.58 -19.93 41.91
CA VAL EC 110 82.90 -19.47 42.33
C VAL EC 110 83.84 -20.66 42.31
N ARG EC 111 85.14 -20.42 42.07
CA ARG EC 111 86.15 -21.48 41.90
C ARG EC 111 87.49 -21.12 42.54
N ARG EC 112 88.41 -22.09 42.63
CA ARG EC 112 89.72 -21.88 43.27
C ARG EC 112 90.43 -20.65 42.69
N ASN EC 113 90.95 -19.79 43.59
CA ASN EC 113 91.49 -18.43 43.39
C ASN EC 113 90.48 -17.26 43.45
N THR EC 114 89.19 -17.47 43.18
CA THR EC 114 88.13 -16.46 43.37
C THR EC 114 87.77 -16.20 44.83
N ARG EC 115 86.90 -15.20 45.08
CA ARG EC 115 86.46 -14.76 46.43
C ARG EC 115 84.93 -14.68 46.51
N MET EC 116 84.44 -14.53 47.72
CA MET EC 116 83.05 -14.37 48.14
C MET EC 116 83.02 -13.70 49.53
N GLY EC 117 81.90 -13.11 49.95
CA GLY EC 117 81.72 -12.62 51.32
C GLY EC 117 82.45 -11.32 51.70
N ARG EC 118 81.98 -10.67 52.78
CA ARG EC 118 82.60 -9.42 53.31
C ARG EC 118 84.03 -9.62 53.81
N GLN EC 119 84.32 -10.77 54.43
CA GLN EC 119 85.70 -11.17 54.80
C GLN EC 119 86.55 -11.65 53.59
N GLY EC 120 86.09 -11.47 52.34
CA GLY EC 120 86.85 -11.77 51.13
C GLY EC 120 87.26 -13.23 50.94
N GLY EC 121 86.48 -14.16 51.52
CA GLY EC 121 86.71 -15.60 51.59
C GLY EC 121 87.17 -16.21 50.28
N LYS EC 122 88.47 -16.48 50.18
CA LYS EC 122 89.12 -16.99 48.97
C LYS EC 122 88.91 -18.49 48.85
N VAL EC 123 88.38 -18.96 47.73
CA VAL EC 123 88.25 -20.40 47.46
C VAL EC 123 89.62 -21.09 47.31
N THR EC 124 89.90 -22.08 48.17
CA THR EC 124 91.21 -22.77 48.20
C THR EC 124 91.07 -24.26 47.91
N GLN EC 125 89.97 -24.92 48.29
CA GLN EC 125 89.64 -26.31 47.95
C GLN EC 125 88.16 -26.44 47.59
N ILE EC 126 87.80 -27.45 46.80
CA ILE EC 126 86.43 -27.76 46.39
C ILE EC 126 86.30 -29.29 46.38
N LEU EC 127 85.52 -29.84 47.32
CA LEU EC 127 85.14 -31.26 47.39
C LEU EC 127 83.71 -31.41 46.82
N ARG EC 128 83.07 -32.58 46.98
CA ARG EC 128 81.69 -32.82 46.47
C ARG EC 128 80.59 -32.47 47.46
N ASP EC 129 80.98 -32.46 48.73
CA ASP EC 129 80.19 -32.30 49.95
C ASP EC 129 80.44 -30.97 50.68
N SER EC 130 81.51 -30.27 50.30
CA SER EC 130 82.11 -29.19 51.07
C SER EC 130 83.13 -28.38 50.27
N VAL EC 131 83.44 -27.15 50.72
CA VAL EC 131 84.33 -26.20 50.05
C VAL EC 131 85.14 -25.44 51.10
N THR EC 132 86.45 -25.72 51.16
CA THR EC 132 87.40 -24.91 51.95
C THR EC 132 87.74 -23.56 51.33
N VAL EC 133 87.62 -22.51 52.14
CA VAL EC 133 87.94 -21.12 51.81
C VAL EC 133 88.85 -20.49 52.88
N THR EC 134 89.64 -19.49 52.48
CA THR EC 134 90.41 -18.63 53.42
C THR EC 134 89.84 -17.24 53.56
N GLU EC 135 89.36 -16.93 54.75
CA GLU EC 135 88.66 -15.70 55.11
C GLU EC 135 89.54 -14.79 55.95
N VAL EC 136 89.06 -13.57 56.22
CA VAL EC 136 89.81 -12.44 56.80
C VAL EC 136 89.06 -11.86 58.01
N PHE EC 137 89.41 -12.34 59.21
CA PHE EC 137 88.74 -11.95 60.46
C PHE EC 137 89.64 -11.06 61.35
N SER EC 138 89.05 -10.16 62.15
CA SER EC 138 89.80 -9.37 63.13
C SER EC 138 89.88 -10.09 64.49
N GLY EC 139 90.84 -11.01 64.61
CA GLY EC 139 91.08 -11.76 65.85
C GLY EC 139 91.68 -10.87 66.93
N ASN EC 140 90.86 -10.43 67.88
CA ASN EC 140 91.24 -9.58 69.01
C ASN EC 140 91.91 -8.24 68.63
N GLY EC 141 91.76 -7.80 67.36
CA GLY EC 141 92.39 -6.60 66.80
C GLY EC 141 93.38 -6.87 65.65
N GLU EC 142 93.94 -8.08 65.56
CA GLU EC 142 94.76 -8.47 64.40
C GLU EC 142 93.90 -9.00 63.24
N ILE EC 143 94.20 -8.58 62.02
CA ILE EC 143 93.66 -9.22 60.81
C ILE EC 143 94.37 -10.57 60.58
N ILE EC 144 93.63 -11.66 60.72
CA ILE EC 144 94.14 -13.04 60.61
C ILE EC 144 93.32 -13.86 59.60
N LYS EC 145 93.93 -14.95 59.13
CA LYS EC 145 93.27 -15.94 58.25
C LYS EC 145 92.31 -16.81 59.07
N ASN EC 146 91.11 -17.06 58.51
CA ASN EC 146 90.17 -18.04 59.03
C ASN EC 146 89.87 -19.13 57.99
N PRO EC 147 90.36 -20.38 58.15
CA PRO EC 147 90.24 -21.46 57.16
C PRO EC 147 88.89 -22.22 57.27
N VAL EC 148 87.79 -21.54 56.94
CA VAL EC 148 86.42 -22.10 56.99
C VAL EC 148 86.17 -23.15 55.89
N THR EC 149 85.31 -24.14 56.14
CA THR EC 149 84.87 -25.12 55.15
C THR EC 149 83.34 -25.15 55.12
N LEU EC 150 82.77 -24.60 54.05
CA LEU EC 150 81.33 -24.55 53.82
C LEU EC 150 80.83 -25.92 53.36
N GLN EC 151 80.09 -26.64 54.19
CA GLN EC 151 79.41 -27.88 53.78
C GLN EC 151 78.21 -27.61 52.87
N LEU EC 152 77.80 -28.63 52.10
CA LEU EC 152 76.52 -28.68 51.37
C LEU EC 152 75.33 -28.40 52.30
N LYS EC 153 74.16 -28.05 51.75
CA LYS EC 153 72.93 -27.77 52.51
C LYS EC 153 72.05 -29.02 52.78
N PRO EC 154 72.03 -29.60 54.01
CA PRO EC 154 70.97 -30.49 54.49
C PRO EC 154 69.96 -29.72 55.35
N ASP EC 155 69.19 -30.44 56.18
CA ASP EC 155 68.55 -29.87 57.39
C ASP EC 155 69.59 -29.50 58.44
N ALA EC 156 69.47 -28.31 59.04
CA ALA EC 156 70.30 -27.81 60.13
C ALA EC 156 69.66 -26.57 60.80
N LYS EC 157 69.97 -26.34 62.08
CA LYS EC 157 69.55 -25.13 62.81
C LYS EC 157 70.59 -24.69 63.83
N GLN EC 158 70.80 -23.38 63.91
CA GLN EC 158 71.57 -22.68 64.94
C GLN EC 158 70.94 -21.31 65.20
N ASP EC 159 71.40 -20.63 66.26
CA ASP EC 159 70.93 -19.27 66.61
C ASP EC 159 71.61 -18.14 65.81
N ASN FC 33 196.51 29.93 -16.66
CA ASN FC 33 195.08 29.82 -16.24
C ASN FC 33 195.05 29.21 -14.85
N THR FC 34 193.89 29.38 -14.19
CA THR FC 34 193.62 28.67 -12.94
C THR FC 34 192.80 27.40 -13.27
N LEU FC 35 191.58 27.57 -13.76
CA LEU FC 35 190.78 26.46 -14.17
C LEU FC 35 191.22 26.01 -15.56
N ARG FC 36 191.63 24.75 -15.69
CA ARG FC 36 192.08 24.21 -16.99
C ARG FC 36 191.14 23.28 -17.74
N GLY FC 37 190.21 22.63 -17.04
CA GLY FC 37 189.22 21.75 -17.67
C GLY FC 37 187.99 21.68 -16.76
N LEU FC 38 186.86 21.37 -17.38
CA LEU FC 38 185.57 21.30 -16.74
C LEU FC 38 184.77 20.12 -17.33
N ASP FC 39 184.39 19.16 -16.51
CA ASP FC 39 183.70 17.99 -17.03
C ASP FC 39 182.38 17.71 -16.27
N VAL FC 40 181.34 17.33 -17.02
CA VAL FC 40 180.12 16.90 -16.37
C VAL FC 40 179.83 15.43 -16.69
N SER FC 41 179.67 14.59 -15.66
CA SER FC 41 179.29 13.20 -15.84
C SER FC 41 177.86 12.95 -15.38
N ARG FC 42 176.87 13.18 -16.27
CA ARG FC 42 175.47 12.88 -15.91
C ARG FC 42 175.24 11.40 -15.70
N THR FC 43 174.66 11.01 -14.58
CA THR FC 43 174.24 9.62 -14.44
C THR FC 43 173.04 9.62 -13.51
N GLY FC 44 172.28 8.52 -13.47
CA GLY FC 44 171.00 8.46 -12.72
C GLY FC 44 171.17 8.44 -11.23
N SER FC 45 172.20 7.81 -10.72
CA SER FC 45 172.46 7.82 -9.28
C SER FC 45 172.96 9.16 -8.73
N GLY FC 46 173.78 9.85 -9.53
CA GLY FC 46 174.31 11.15 -9.19
C GLY FC 46 174.96 11.70 -10.46
N ALA FC 47 174.80 13.01 -10.68
CA ALA FC 47 175.61 13.67 -11.66
C ALA FC 47 176.88 14.28 -11.03
N GLN FC 48 178.03 14.03 -11.63
CA GLN FC 48 179.28 14.58 -11.12
C GLN FC 48 179.71 15.78 -11.95
N VAL FC 49 180.05 16.88 -11.28
CA VAL FC 49 180.72 18.00 -11.89
C VAL FC 49 182.15 18.06 -11.40
N VAL FC 50 183.07 18.14 -12.34
CA VAL FC 50 184.48 18.21 -12.04
C VAL FC 50 185.04 19.48 -12.60
N VAL FC 51 185.81 20.16 -11.78
CA VAL FC 51 186.49 21.37 -12.19
C VAL FC 51 187.96 21.15 -11.88
N THR FC 52 188.80 21.25 -12.91
CA THR FC 52 190.21 20.94 -12.75
C THR FC 52 190.98 22.23 -12.86
N GLY FC 53 191.98 22.42 -12.00
CA GLY FC 53 192.68 23.71 -11.93
C GLY FC 53 194.13 23.55 -11.50
N THR FC 54 194.93 24.59 -11.71
CA THR FC 54 196.33 24.54 -11.41
C THR FC 54 196.67 24.72 -9.96
N ARG FC 55 195.77 25.30 -9.18
CA ARG FC 55 195.96 25.48 -7.73
C ARG FC 55 194.67 25.04 -7.05
N PRO FC 56 194.78 24.61 -5.79
CA PRO FC 56 193.61 24.30 -4.99
C PRO FC 56 192.63 25.51 -4.92
N PRO FC 57 191.35 25.25 -5.21
CA PRO FC 57 190.37 26.29 -5.29
C PRO FC 57 189.67 26.52 -3.96
N THR FC 58 189.52 27.78 -3.55
CA THR FC 58 188.58 28.09 -2.47
C THR FC 58 187.20 28.20 -3.13
N PHE FC 59 186.18 27.63 -2.51
CA PHE FC 59 184.87 27.62 -3.12
C PHE FC 59 183.90 27.77 -1.97
N THR FC 60 182.66 28.07 -2.32
CA THR FC 60 181.51 28.00 -1.44
C THR FC 60 180.42 27.47 -2.32
N VAL FC 61 179.64 26.56 -1.76
CA VAL FC 61 178.46 26.02 -2.43
C VAL FC 61 177.20 26.33 -1.62
N PHE FC 62 176.14 26.78 -2.32
CA PHE FC 62 174.86 27.01 -1.67
C PHE FC 62 173.67 26.72 -2.59
N ARG FC 63 172.45 26.81 -2.05
CA ARG FC 63 171.23 26.47 -2.81
C ARG FC 63 170.38 27.71 -3.07
N LEU FC 64 169.54 27.67 -4.10
CA LEU FC 64 168.51 28.71 -4.25
C LEU FC 64 167.23 28.02 -4.73
N SER FC 65 166.09 28.71 -4.61
CA SER FC 65 164.82 28.17 -5.02
C SER FC 65 164.15 29.08 -6.03
N GLY FC 66 163.05 28.62 -6.61
CA GLY FC 66 162.23 29.39 -7.57
C GLY FC 66 162.99 30.04 -8.72
N PRO FC 67 163.70 29.24 -9.54
CA PRO FC 67 163.75 27.75 -9.61
C PRO FC 67 164.80 27.10 -8.69
N GLU FC 68 164.61 25.84 -8.30
CA GLU FC 68 165.69 25.10 -7.61
C GLU FC 68 167.06 25.21 -8.34
N ARG FC 69 168.11 25.57 -7.60
CA ARG FC 69 169.41 25.84 -8.19
C ARG FC 69 170.47 25.44 -7.24
N LEU FC 70 171.63 25.09 -7.76
CA LEU FC 70 172.80 24.93 -6.89
C LEU FC 70 173.79 25.93 -7.45
N VAL FC 71 174.52 26.59 -6.55
CA VAL FC 71 175.44 27.65 -6.96
C VAL FC 71 176.80 27.39 -6.38
N VAL FC 72 177.84 27.48 -7.21
CA VAL FC 72 179.19 27.34 -6.65
C VAL FC 72 179.97 28.60 -6.97
N ASP FC 73 180.57 29.18 -5.95
CA ASP FC 73 181.50 30.29 -6.13
C ASP FC 73 182.98 29.88 -5.99
N LEU FC 74 183.77 30.24 -7.00
CA LEU FC 74 185.17 29.82 -7.02
C LEU FC 74 186.09 31.05 -6.95
N SER FC 75 187.03 31.04 -6.01
CA SER FC 75 187.99 32.15 -5.80
C SER FC 75 189.37 31.84 -6.38
N SER FC 76 190.08 32.93 -6.68
CA SER FC 76 191.32 32.96 -7.46
C SER FC 76 191.12 32.55 -8.92
N ALA FC 77 190.24 31.59 -9.07
CA ALA FC 77 189.89 31.10 -10.39
C ALA FC 77 188.38 31.18 -10.59
N ASP FC 78 187.98 31.51 -11.82
CA ASP FC 78 186.57 31.56 -12.18
C ASP FC 78 186.42 30.46 -13.23
N ALA FC 79 185.81 29.35 -12.85
CA ALA FC 79 185.60 28.23 -13.75
C ALA FC 79 184.19 28.28 -14.35
N THR FC 80 184.11 28.36 -15.68
CA THR FC 80 182.82 28.40 -16.36
C THR FC 80 182.63 27.16 -17.22
N GLY FC 81 181.53 26.45 -16.99
CA GLY FC 81 181.22 25.25 -17.76
C GLY FC 81 179.98 25.55 -18.60
N ILE FC 82 180.02 25.16 -19.87
CA ILE FC 82 178.91 25.40 -20.77
C ILE FC 82 178.92 24.44 -21.93
N LYS FC 83 177.81 24.21 -22.44
CA LYS FC 83 177.58 23.37 -23.63
C LYS FC 83 177.91 21.92 -23.33
N GLY FC 84 178.42 21.69 -22.13
CA GLY FC 84 178.65 20.34 -21.63
C GLY FC 84 177.40 19.73 -21.00
N HIS FC 85 176.38 20.55 -20.78
CA HIS FC 85 175.17 20.04 -20.16
C HIS FC 85 174.27 19.35 -21.19
N HIS FC 86 174.10 18.05 -21.01
CA HIS FC 86 173.38 17.26 -21.97
C HIS FC 86 171.90 17.41 -21.75
N GLU FC 87 171.14 17.32 -22.84
CA GLU FC 87 169.69 17.37 -22.73
C GLU FC 87 169.08 16.25 -21.91
N GLY FC 88 169.89 15.32 -21.41
CA GLY FC 88 169.38 14.15 -20.67
C GLY FC 88 170.09 13.96 -19.33
N SER FC 89 170.75 15.01 -18.83
CA SER FC 89 171.25 15.00 -17.45
C SER FC 89 170.05 14.84 -16.49
N GLY FC 90 170.02 13.77 -15.66
CA GLY FC 90 168.88 13.63 -14.76
C GLY FC 90 168.81 14.71 -13.68
N PRO FC 91 169.94 15.39 -13.45
CA PRO FC 91 170.02 16.43 -12.40
C PRO FC 91 170.05 17.84 -12.91
N VAL FC 92 170.85 18.11 -13.93
CA VAL FC 92 171.11 19.49 -14.35
C VAL FC 92 170.30 19.87 -15.57
N SER FC 93 169.39 20.82 -15.39
CA SER FC 93 168.60 21.39 -16.47
C SER FC 93 169.47 22.33 -17.29
N GLY FC 94 170.33 23.13 -16.64
CA GLY FC 94 171.30 23.99 -17.34
C GLY FC 94 172.36 24.59 -16.42
N VAL FC 95 173.44 25.11 -16.99
CA VAL FC 95 174.53 25.71 -16.21
C VAL FC 95 174.99 27.04 -16.78
N VAL FC 96 174.94 28.09 -15.96
CA VAL FC 96 175.39 29.42 -16.38
C VAL FC 96 176.59 29.80 -15.53
N ALA FC 97 177.53 30.53 -16.12
CA ALA FC 97 178.77 30.92 -15.43
C ALA FC 97 179.03 32.41 -15.67
N SER FC 98 179.44 33.15 -14.62
CA SER FC 98 179.95 34.52 -14.78
C SER FC 98 181.04 34.92 -13.80
N GLN FC 99 182.09 35.61 -14.20
CA GLN FC 99 183.17 36.08 -13.34
C GLN FC 99 183.06 37.57 -13.02
N PHE FC 100 183.25 37.96 -11.77
CA PHE FC 100 183.31 39.38 -11.41
C PHE FC 100 184.66 39.69 -10.75
N SER FC 101 185.14 40.94 -10.97
CA SER FC 101 186.44 41.39 -10.44
C SER FC 101 186.37 42.04 -9.09
N ASP FC 102 187.39 41.72 -8.28
CA ASP FC 102 187.58 42.33 -6.96
C ASP FC 102 189.06 42.76 -6.98
N GLN FC 103 189.32 44.06 -7.22
CA GLN FC 103 190.70 44.50 -7.46
C GLN FC 103 191.22 43.68 -8.64
N ARG FC 104 192.42 43.16 -8.46
CA ARG FC 104 193.02 42.34 -9.49
C ARG FC 104 192.56 40.88 -9.42
N ALA FC 105 191.75 40.52 -8.41
CA ALA FC 105 191.28 39.15 -8.25
C ALA FC 105 189.97 38.91 -8.97
N SER FC 106 189.61 37.65 -9.09
CA SER FC 106 188.40 37.24 -9.81
C SER FC 106 187.62 36.18 -9.05
N VAL FC 107 186.32 36.36 -8.89
CA VAL FC 107 185.38 35.37 -8.33
C VAL FC 107 184.44 34.90 -9.42
N GLY FC 108 184.38 33.48 -9.67
CA GLY FC 108 183.49 32.99 -10.70
C GLY FC 108 182.30 32.34 -10.01
N ARG FC 109 181.12 32.58 -10.57
CA ARG FC 109 179.95 31.94 -10.01
C ARG FC 109 179.39 30.96 -11.02
N VAL FC 110 179.19 29.73 -10.58
CA VAL FC 110 178.57 28.68 -11.39
C VAL FC 110 177.22 28.42 -10.83
N LEU FC 111 176.24 28.39 -11.73
CA LEU FC 111 174.83 28.24 -11.40
C LEU FC 111 174.21 27.06 -12.13
N LEU FC 112 173.75 26.07 -11.38
CA LEU FC 112 173.14 24.87 -11.96
C LEU FC 112 171.67 24.84 -11.67
N ALA FC 113 170.86 25.12 -12.68
CA ALA FC 113 169.41 24.91 -12.55
C ALA FC 113 169.10 23.39 -12.53
N LEU FC 114 168.27 22.94 -11.59
CA LEU FC 114 168.01 21.53 -11.32
C LEU FC 114 166.68 20.98 -11.80
N ASP FC 115 166.67 19.66 -12.06
CA ASP FC 115 165.49 18.88 -12.50
C ASP FC 115 164.85 18.16 -11.31
N LYS FC 116 165.55 18.15 -10.18
CA LYS FC 116 165.07 17.44 -8.99
C LYS FC 116 165.87 17.90 -7.78
N ALA FC 117 165.35 17.67 -6.60
CA ALA FC 117 166.04 18.10 -5.38
C ALA FC 117 167.31 17.31 -5.15
N SER FC 118 168.37 18.02 -4.81
CA SER FC 118 169.65 17.40 -4.61
C SER FC 118 170.22 17.63 -3.21
N GLN FC 119 171.06 16.69 -2.81
CA GLN FC 119 171.90 16.88 -1.68
C GLN FC 119 173.35 16.90 -2.23
N TYR FC 120 173.92 18.09 -2.43
CA TYR FC 120 175.25 18.11 -3.02
C TYR FC 120 176.31 17.66 -2.06
N ASP FC 121 177.36 17.03 -2.58
CA ASP FC 121 178.53 16.71 -1.78
C ASP FC 121 179.77 17.17 -2.56
N VAL FC 122 180.57 18.02 -1.94
CA VAL FC 122 181.75 18.60 -2.54
C VAL FC 122 183.03 18.13 -1.86
N ARG FC 123 184.05 17.80 -2.64
CA ARG FC 123 185.36 17.47 -2.04
C ARG FC 123 186.42 17.84 -3.00
N ALA FC 124 187.61 18.07 -2.50
CA ALA FC 124 188.73 18.49 -3.33
C ALA FC 124 189.68 17.32 -3.40
N ASP FC 125 190.45 17.23 -4.47
CA ASP FC 125 191.53 16.26 -4.61
C ASP FC 125 192.55 16.87 -5.56
N GLY FC 126 193.67 17.31 -5.00
CA GLY FC 126 194.70 17.93 -5.82
C GLY FC 126 194.21 19.23 -6.44
N ASN FC 127 194.18 19.26 -7.76
CA ASN FC 127 193.71 20.44 -8.49
C ASN FC 127 192.30 20.24 -9.00
N ARG FC 128 191.64 19.18 -8.53
CA ARG FC 128 190.28 18.92 -8.96
C ARG FC 128 189.31 19.15 -7.83
N VAL FC 129 188.23 19.87 -8.14
CA VAL FC 129 187.15 20.08 -7.23
C VAL FC 129 186.01 19.27 -7.80
N VAL FC 130 185.48 18.39 -6.97
CA VAL FC 130 184.37 17.53 -7.39
C VAL FC 130 183.05 17.87 -6.68
N ILE FC 131 181.99 18.07 -7.45
CA ILE FC 131 180.67 18.19 -6.84
C ILE FC 131 179.75 17.09 -7.30
N SER FC 132 179.29 16.24 -6.39
CA SER FC 132 178.34 15.21 -6.80
C SER FC 132 176.94 15.56 -6.33
N VAL FC 133 175.98 15.51 -7.25
CA VAL FC 133 174.63 15.90 -6.95
C VAL FC 133 173.88 14.63 -6.76
N ASP FC 134 173.55 14.29 -5.51
CA ASP FC 134 172.72 13.11 -5.24
C ASP FC 134 171.24 13.47 -5.09
N GLY FC 135 170.31 12.55 -5.35
CA GLY FC 135 168.91 12.90 -5.02
C GLY FC 135 168.65 13.07 -3.51
N THR FC 136 167.84 12.18 -2.95
CA THR FC 136 167.52 12.21 -1.51
C THR FC 136 168.14 11.02 -0.77
N SER FC 137 168.79 10.12 -1.50
CA SER FC 137 169.44 8.94 -0.91
C SER FC 137 170.92 9.28 -0.70
N GLN FC 138 171.30 9.41 0.56
CA GLN FC 138 172.67 9.80 0.91
C GLN FC 138 173.68 8.70 1.25
N SER FC 139 173.20 7.49 1.55
CA SER FC 139 174.14 6.44 1.92
C SER FC 139 173.56 5.05 1.71
N VAL FC 140 174.37 4.17 1.13
CA VAL FC 140 173.97 2.79 0.91
C VAL FC 140 174.79 1.97 1.90
N ASP FC 214 134.68 14.54 15.34
CA ASP FC 214 134.04 13.26 14.96
C ASP FC 214 134.28 12.88 13.49
N ASP FC 215 134.40 13.89 12.64
CA ASP FC 215 134.53 13.71 11.19
C ASP FC 215 135.94 13.23 10.90
N THR FC 216 136.88 13.69 11.73
CA THR FC 216 138.33 13.49 11.58
C THR FC 216 139.03 14.24 12.72
N LEU FC 217 140.04 13.57 13.24
CA LEU FC 217 140.95 14.20 14.21
C LEU FC 217 142.19 14.63 13.43
N SER FC 218 142.56 15.89 13.66
CA SER FC 218 143.74 16.48 13.00
C SER FC 218 144.89 16.58 13.99
N ILE FC 219 146.05 16.13 13.52
CA ILE FC 219 147.31 16.28 14.26
C ILE FC 219 148.19 17.27 13.49
N ARG FC 220 148.62 18.29 14.19
CA ARG FC 220 149.47 19.34 13.59
C ARG FC 220 150.82 19.36 14.30
N ALA FC 221 151.87 19.34 13.49
CA ALA FC 221 153.26 19.44 13.98
C ALA FC 221 153.89 20.65 13.30
N ASP FC 222 154.20 21.65 14.12
CA ASP FC 222 154.80 22.89 13.60
C ASP FC 222 156.31 22.86 13.88
N GLY FC 223 157.07 23.21 12.84
CA GLY FC 223 158.53 23.21 12.90
C GLY FC 223 159.11 23.60 11.55
N ASP FC 224 160.41 23.76 11.54
CA ASP FC 224 161.17 24.13 10.33
C ASP FC 224 161.14 23.09 9.19
N ILE FC 225 161.18 21.82 9.57
CA ILE FC 225 161.25 20.71 8.62
C ILE FC 225 159.96 20.59 7.76
N ALA FC 226 159.56 19.40 7.29
CA ALA FC 226 160.05 18.09 7.67
C ALA FC 226 159.93 17.02 6.64
N ARG FC 227 160.93 16.17 6.60
CA ARG FC 227 160.73 14.91 5.89
C ARG FC 227 160.12 13.90 6.85
N TYR FC 228 159.09 13.23 6.36
CA TYR FC 228 158.33 12.28 7.17
C TYR FC 228 157.97 11.03 6.35
N GLU FC 229 157.61 9.99 7.07
CA GLU FC 229 156.97 8.80 6.50
C GLU FC 229 155.87 8.35 7.45
N VAL FC 230 154.73 8.01 6.87
CA VAL FC 230 153.58 7.52 7.64
C VAL FC 230 153.25 6.08 7.20
N LEU FC 231 152.91 5.26 8.17
CA LEU FC 231 152.52 3.87 7.92
C LEU FC 231 151.62 3.36 9.06
N GLU FC 232 151.01 2.22 8.81
CA GLU FC 232 150.08 1.55 9.74
C GLU FC 232 150.66 0.28 10.41
N LEU FC 233 150.14 -0.01 11.58
CA LEU FC 233 150.43 -1.27 12.30
C LEU FC 233 149.11 -1.84 12.82
N ALA FC 234 149.11 -3.15 13.04
CA ALA FC 234 147.92 -3.82 13.60
C ALA FC 234 148.26 -4.52 14.91
N ASP FC 235 147.21 -4.92 15.63
CA ASP FC 235 147.34 -5.66 16.90
C ASP FC 235 148.31 -4.97 17.89
N PRO FC 236 147.91 -3.81 18.41
CA PRO FC 236 146.65 -3.11 18.12
C PRO FC 236 146.80 -2.19 16.89
N PRO FC 237 145.67 -1.76 16.32
CA PRO FC 237 145.68 -0.82 15.19
C PRO FC 237 146.36 0.49 15.62
N ARG FC 238 147.28 0.93 14.78
CA ARG FC 238 148.14 2.08 15.07
C ARG FC 238 148.49 2.83 13.78
N LEU FC 239 148.71 4.11 13.91
CA LEU FC 239 149.30 4.92 12.82
C LEU FC 239 150.62 5.48 13.37
N ALA FC 240 151.65 5.35 12.56
CA ALA FC 240 153.00 5.78 12.96
C ALA FC 240 153.58 6.78 11.97
N VAL FC 241 154.13 7.85 12.51
CA VAL FC 241 154.82 8.87 11.71
C VAL FC 241 156.27 8.97 12.19
N ASP FC 242 157.18 8.91 11.23
CA ASP FC 242 158.61 9.17 11.49
C ASP FC 242 158.99 10.51 10.89
N LEU FC 243 159.60 11.32 11.73
CA LEU FC 243 160.03 12.66 11.35
C LEU FC 243 161.55 12.74 11.37
N PHE FC 244 162.11 13.28 10.31
CA PHE FC 244 163.57 13.42 10.24
C PHE FC 244 164.03 14.87 10.36
N GLY FC 245 165.29 14.96 10.75
CA GLY FC 245 165.93 16.25 11.09
C GLY FC 245 165.36 16.81 12.40
N VAL FC 246 164.85 15.91 13.24
CA VAL FC 246 164.32 16.30 14.56
C VAL FC 246 165.05 15.56 15.67
N GLY FC 247 165.31 16.35 16.71
CA GLY FC 247 165.73 15.79 18.01
C GLY FC 247 164.54 15.93 18.96
N LEU FC 248 164.29 14.86 19.70
CA LEU FC 248 163.21 14.83 20.69
C LEU FC 248 163.40 15.97 21.70
N ALA FC 249 162.29 16.58 22.11
CA ALA FC 249 162.36 17.73 23.02
C ALA FC 249 161.07 17.82 23.83
N THR FC 250 161.15 18.60 24.90
CA THR FC 250 160.06 18.78 25.85
C THR FC 250 158.78 19.24 25.12
N ARG FC 251 158.87 19.94 24.00
CA ARG FC 251 157.68 20.35 23.23
C ARG FC 251 156.91 19.17 22.63
N ALA FC 252 157.56 17.99 22.61
CA ALA FC 252 156.90 16.73 22.23
C ALA FC 252 155.56 16.55 23.00
N PRO FC 253 155.42 16.95 24.27
CA PRO FC 253 154.21 16.86 25.10
C PRO FC 253 153.00 17.52 24.50
N ARG FC 254 153.20 18.60 23.74
CA ARG FC 254 152.06 19.22 23.03
C ARG FC 254 151.37 18.20 22.11
N VAL FC 255 152.07 17.09 21.89
CA VAL FC 255 151.61 15.91 21.14
C VAL FC 255 150.40 15.23 21.80
N LYS FC 256 150.24 15.42 23.12
CA LYS FC 256 149.14 14.79 23.87
C LYS FC 256 147.78 15.15 23.26
N SER FC 257 147.75 16.30 22.57
CA SER FC 257 146.55 16.82 21.91
C SER FC 257 146.00 15.93 20.80
N GLY FC 258 146.84 15.03 20.32
CA GLY FC 258 146.49 14.34 19.12
C GLY FC 258 146.26 12.88 19.28
N ALA FC 259 146.30 12.25 20.49
CA ALA FC 259 145.92 10.85 20.77
C ALA FC 259 144.43 10.55 20.53
N LEU FC 260 143.98 9.37 20.03
CA LEU FC 260 144.63 8.23 19.39
C LEU FC 260 144.50 7.01 20.26
N ARG FC 261 143.40 6.92 20.97
CA ARG FC 261 143.37 6.17 22.24
C ARG FC 261 144.54 6.63 23.17
N ASP FC 262 145.71 6.92 22.60
CA ASP FC 262 146.99 7.41 23.07
C ASP FC 262 148.01 7.63 21.93
N VAL FC 263 148.97 8.45 22.30
CA VAL FC 263 150.12 8.79 21.46
C VAL FC 263 151.42 8.66 22.27
N ARG FC 264 152.35 7.91 21.74
CA ARG FC 264 153.70 7.80 22.31
C ARG FC 264 154.75 8.24 21.30
N VAL FC 265 155.79 8.88 21.82
CA VAL FC 265 156.85 9.46 20.97
C VAL FC 265 158.21 9.04 21.53
N GLY FC 266 159.14 8.81 20.62
CA GLY FC 266 160.52 8.45 20.98
C GLY FC 266 161.49 8.80 19.85
N ALA FC 267 162.73 8.39 20.03
CA ALA FC 267 163.81 8.65 19.07
C ALA FC 267 164.96 7.68 19.31
N HIS FC 268 165.66 7.36 18.23
CA HIS FC 268 166.77 6.41 18.27
C HIS FC 268 167.94 6.91 17.43
N ALA FC 269 168.56 7.99 17.90
CA ALA FC 269 169.71 8.60 17.20
C ALA FC 269 169.41 8.82 15.71
N ASP FC 270 168.14 9.12 15.46
CA ASP FC 270 167.83 9.55 14.11
C ASP FC 270 167.11 10.90 14.10
N LYS FC 271 165.80 11.16 14.03
CA LYS FC 271 164.53 10.41 13.71
C LYS FC 271 163.67 10.22 14.95
N VAL FC 272 162.57 10.93 14.92
CA VAL FC 272 161.55 10.79 15.96
C VAL FC 272 160.40 9.97 15.39
N ARG FC 273 159.87 9.09 16.23
CA ARG FC 273 158.71 8.26 15.85
C ARG FC 273 157.53 8.59 16.75
N LEU FC 274 156.43 8.91 16.09
CA LEU FC 274 155.16 9.19 16.76
C LEU FC 274 154.21 8.03 16.43
N VAL FC 275 153.64 7.49 17.49
CA VAL FC 275 152.78 6.30 17.43
C VAL FC 275 151.41 6.65 18.04
N LEU FC 276 150.40 6.41 17.25
CA LEU FC 276 148.97 6.68 17.55
C LEU FC 276 148.20 5.39 17.61
N ASP FC 277 147.88 4.97 18.79
CA ASP FC 277 146.96 3.85 18.94
C ASP FC 277 145.52 4.29 18.48
N VAL FC 278 144.77 3.47 17.81
CA VAL FC 278 143.49 3.99 17.31
C VAL FC 278 142.28 3.38 18.03
N ARG FC 279 141.16 4.09 17.95
CA ARG FC 279 139.87 3.56 18.42
C ARG FC 279 139.00 3.04 17.26
N GLY FC 280 139.46 3.28 16.03
CA GLY FC 280 138.72 2.88 14.82
C GLY FC 280 139.60 2.95 13.57
N THR FC 281 139.28 2.20 12.55
CA THR FC 281 140.11 2.22 11.32
C THR FC 281 140.12 3.61 10.69
N MET FC 282 141.30 4.04 10.25
CA MET FC 282 141.47 5.37 9.63
C MET FC 282 142.08 5.24 8.22
N LYS FC 341 133.92 -4.44 -10.43
CA LYS FC 341 132.59 -4.60 -9.86
C LYS FC 341 131.69 -5.43 -10.77
N ASP FC 342 130.72 -6.13 -10.17
CA ASP FC 342 129.79 -6.95 -10.93
C ASP FC 342 128.71 -7.52 -10.03
N VAL FC 343 127.60 -7.92 -10.63
CA VAL FC 343 126.48 -8.50 -9.88
C VAL FC 343 126.22 -9.94 -10.29
N ARG FC 344 125.62 -10.70 -9.38
CA ARG FC 344 125.30 -12.10 -9.66
C ARG FC 344 124.07 -12.55 -8.88
N PHE FC 345 123.40 -13.57 -9.38
CA PHE FC 345 122.19 -14.09 -8.73
C PHE FC 345 122.25 -15.62 -8.63
N GLU FC 346 121.66 -16.16 -7.57
CA GLU FC 346 121.64 -17.59 -7.35
C GLU FC 346 120.58 -17.97 -6.31
N GLU FC 347 120.44 -19.14 -5.88
CA GLU FC 347 119.48 -19.46 -4.85
C GLU FC 347 120.05 -20.49 -3.86
N SER FC 348 119.54 -20.44 -2.66
CA SER FC 348 119.86 -21.45 -1.68
C SER FC 348 118.59 -21.70 -0.88
N SER FC 349 118.69 -22.48 0.18
CA SER FC 349 117.42 -22.91 0.85
C SER FC 349 116.73 -21.66 1.44
N SER FC 350 117.50 -20.66 1.87
CA SER FC 350 116.93 -19.38 2.31
C SER FC 350 116.18 -18.67 1.14
N GLY FC 351 116.31 -19.18 -0.10
CA GLY FC 351 115.65 -18.53 -1.23
C GLY FC 351 116.60 -17.93 -2.27
N GLY FC 352 116.25 -16.74 -2.74
CA GLY FC 352 117.05 -16.03 -3.76
C GLY FC 352 118.18 -15.22 -3.14
N ARG FC 353 119.28 -15.26 -3.77
CA ARG FC 353 120.55 -14.69 -3.32
C ARG FC 353 121.16 -13.80 -4.40
N ILE FC 354 121.69 -12.66 -3.99
CA ILE FC 354 122.31 -11.72 -4.93
C ILE FC 354 123.76 -11.45 -4.55
N VAL FC 355 124.67 -12.23 -5.12
CA VAL FC 355 126.09 -12.07 -4.84
C VAL FC 355 126.67 -10.91 -5.65
N MET FC 356 127.11 -9.87 -4.94
CA MET FC 356 127.70 -8.71 -5.59
C MET FC 356 129.21 -8.65 -5.36
N LYS FC 357 129.94 -8.33 -6.43
CA LYS FC 357 131.39 -8.24 -6.34
C LYS FC 357 131.84 -6.80 -6.13
N LEU FC 358 132.36 -6.52 -4.94
CA LEU FC 358 132.82 -5.17 -4.61
C LEU FC 358 134.34 -5.14 -4.46
N SER FC 359 135.03 -4.71 -5.52
CA SER FC 359 136.48 -4.63 -5.52
C SER FC 359 136.94 -3.20 -5.26
N GLY FC 360 137.51 -2.98 -4.08
CA GLY FC 360 138.01 -1.66 -3.72
C GLY FC 360 137.16 -1.01 -2.64
N THR FC 361 136.44 -1.82 -1.88
CA THR FC 361 135.59 -1.32 -0.81
C THR FC 361 136.10 -1.78 0.55
N SER FC 362 135.88 -0.97 1.58
CA SER FC 362 136.31 -1.30 2.93
C SER FC 362 135.12 -1.49 3.86
N GLY FC 363 134.45 -0.39 4.18
CA GLY FC 363 133.29 -0.46 5.06
C GLY FC 363 132.13 -1.20 4.42
N TRP FC 364 130.91 -0.79 4.77
CA TRP FC 364 129.71 -1.43 4.23
C TRP FC 364 128.80 -0.40 3.58
N LYS FC 365 128.12 -0.80 2.50
CA LYS FC 365 127.20 0.08 1.77
C LYS FC 365 125.93 0.37 2.57
N VAL FC 366 125.04 1.17 1.98
CA VAL FC 366 123.78 1.52 2.63
C VAL FC 366 122.64 0.63 2.15
N ASP FC 367 122.22 -0.31 2.98
CA ASP FC 367 121.14 -1.22 2.62
C ASP FC 367 119.78 -0.60 2.94
N ARG FC 368 118.97 -0.42 1.91
CA ARG FC 368 117.64 0.16 2.08
C ARG FC 368 116.56 -0.80 1.62
N PRO FC 369 116.00 -1.55 2.56
CA PRO FC 369 114.95 -2.51 2.25
C PRO FC 369 113.61 -1.82 2.07
N ASP FC 370 113.12 -1.76 0.83
CA ASP FC 370 111.85 -1.13 0.52
C ASP FC 370 110.78 -2.17 0.24
N PRO FC 371 109.52 -1.73 0.19
CA PRO FC 371 108.41 -2.63 -0.07
C PRO FC 371 108.32 -2.97 -1.56
N ARG FC 372 109.06 -2.21 -2.37
CA ARG FC 372 109.06 -2.44 -3.82
C ARG FC 372 110.34 -3.15 -4.24
N SER FC 373 111.49 -2.51 -4.02
CA SER FC 373 112.78 -3.07 -4.37
C SER FC 373 113.82 -2.79 -3.30
N ALA FC 374 115.08 -3.04 -3.62
CA ALA FC 374 116.17 -2.82 -2.67
C ALA FC 374 117.13 -1.74 -3.19
N VAL FC 375 117.86 -1.13 -2.27
CA VAL FC 375 118.83 -0.09 -2.64
C VAL FC 375 120.16 -0.31 -1.92
N LEU FC 376 121.25 -0.28 -2.70
CA LEU FC 376 122.58 -0.46 -2.14
C LEU FC 376 123.56 0.53 -2.75
N THR FC 377 123.99 1.50 -1.93
CA THR FC 377 124.94 2.52 -2.38
C THR FC 377 126.34 2.23 -1.85
N LEU FC 378 127.34 2.39 -2.72
CA LEU FC 378 128.73 2.17 -2.33
C LEU FC 378 129.59 3.39 -2.63
N ASP FC 379 129.83 4.20 -1.60
CA ASP FC 379 130.64 5.41 -1.75
C ASP FC 379 132.04 5.06 -2.27
N ASN FC 380 132.51 5.83 -3.24
CA ASN FC 380 133.83 5.61 -3.82
C ASN FC 380 133.89 4.25 -4.51
N ALA FC 381 132.75 3.76 -4.96
CA ALA FC 381 132.68 2.47 -5.64
C ALA FC 381 132.03 2.61 -7.02
N ARG FC 382 132.07 3.83 -7.56
CA ARG FC 382 131.49 4.10 -8.88
C ARG FC 382 131.90 3.04 -9.88
N LEU FC 383 130.92 2.27 -10.36
CA LEU FC 383 131.19 1.23 -11.34
C LEU FC 383 130.88 1.71 -12.75
N PRO FC 384 131.63 1.18 -13.73
CA PRO FC 384 131.46 1.55 -15.14
C PRO FC 384 130.15 1.01 -15.73
N LYS FC 385 129.64 1.70 -16.74
CA LYS FC 385 128.39 1.29 -17.39
C LYS FC 385 128.55 -0.06 -18.07
N LYS FC 386 129.78 -0.53 -18.21
CA LYS FC 386 130.06 -1.80 -18.84
C LYS FC 386 129.97 -2.94 -17.83
N PHE FC 387 129.52 -2.63 -16.63
CA PHE FC 387 129.38 -3.64 -15.58
C PHE FC 387 128.05 -3.49 -14.85
N GLU FC 388 127.20 -2.61 -15.36
CA GLU FC 388 125.88 -2.38 -14.76
C GLU FC 388 124.84 -3.30 -15.38
N ARG FC 389 125.29 -4.43 -15.91
CA ARG FC 389 124.38 -5.40 -16.53
C ARG FC 389 123.31 -5.85 -15.54
N SER FC 390 122.14 -6.19 -16.07
CA SER FC 390 121.03 -6.63 -15.23
C SER FC 390 120.81 -8.14 -15.37
N LEU FC 391 120.04 -8.70 -14.45
CA LEU FC 391 119.76 -10.13 -14.46
C LEU FC 391 118.41 -10.42 -15.14
N ASP FC 392 118.17 -11.68 -15.45
CA ASP FC 392 116.93 -12.09 -16.10
C ASP FC 392 116.32 -13.28 -15.39
N THR FC 393 116.39 -13.30 -14.07
CA THR FC 393 115.85 -14.40 -13.27
C THR FC 393 114.33 -14.29 -13.17
N SER FC 394 113.66 -14.39 -14.31
CA SER FC 394 112.20 -14.31 -14.33
C SER FC 394 111.58 -15.69 -14.24
N ALA FC 395 110.54 -15.81 -13.42
CA ALA FC 395 109.85 -17.09 -13.24
C ALA FC 395 110.77 -18.12 -12.60
N LEU FC 396 111.64 -17.66 -11.71
CA LEU FC 396 112.58 -18.55 -11.03
C LEU FC 396 112.00 -19.04 -9.71
N ASP FC 397 110.73 -18.72 -9.46
CA ASP FC 397 110.06 -19.14 -8.24
C ASP FC 397 110.78 -18.59 -7.01
N THR FC 398 111.13 -17.31 -7.06
CA THR FC 398 111.81 -16.66 -5.94
C THR FC 398 111.21 -15.30 -5.63
N PRO FC 399 111.49 -14.79 -4.42
CA PRO FC 399 110.98 -13.50 -3.97
C PRO FC 399 111.61 -12.33 -4.73
N VAL FC 400 112.71 -12.61 -5.42
CA VAL FC 400 113.41 -11.58 -6.20
C VAL FC 400 112.93 -11.55 -7.64
N LYS FC 401 112.19 -10.50 -7.98
CA LYS FC 401 111.67 -10.34 -9.34
C LYS FC 401 112.80 -10.36 -10.36
N MET FC 402 113.76 -9.47 -10.18
CA MET FC 402 114.90 -9.38 -11.09
C MET FC 402 115.93 -8.37 -10.59
N ILE FC 403 117.20 -8.73 -10.72
CA ILE FC 403 118.28 -7.86 -10.29
C ILE FC 403 118.66 -6.85 -11.37
N SER FC 404 118.89 -5.61 -10.96
CA SER FC 404 119.26 -4.55 -11.89
C SER FC 404 120.39 -3.70 -11.35
N ALA FC 405 121.47 -3.59 -12.12
CA ALA FC 405 122.63 -2.81 -11.72
C ALA FC 405 122.69 -1.48 -12.47
N PHE FC 406 122.97 -0.40 -11.76
CA PHE FC 406 123.07 0.91 -12.37
C PHE FC 406 124.21 1.72 -11.76
N SER FC 407 125.03 2.32 -12.62
CA SER FC 407 126.16 3.13 -12.17
C SER FC 407 125.70 4.49 -11.66
N VAL FC 408 125.66 5.48 -12.53
CA VAL FC 408 125.35 6.83 -12.09
C VAL FC 408 123.97 6.95 -11.46
N PRO FC 409 123.89 7.70 -10.35
CA PRO FC 409 122.54 7.98 -9.83
C PRO FC 409 122.52 9.38 -9.19
N GLY FC 410 123.43 10.26 -9.64
CA GLY FC 410 123.33 11.66 -9.25
C GLY FC 410 124.23 12.08 -8.11
N ALA FC 411 125.04 11.16 -7.61
CA ALA FC 411 125.98 11.45 -6.54
C ALA FC 411 127.38 11.03 -7.00
N GLY FC 412 128.32 11.97 -6.97
CA GLY FC 412 129.70 11.60 -7.33
C GLY FC 412 130.17 10.37 -6.56
N GLY FC 413 130.88 9.50 -7.25
CA GLY FC 413 131.57 8.33 -6.76
C GLY FC 413 130.67 7.18 -6.25
N LYS FC 414 129.38 7.40 -6.07
CA LYS FC 414 128.45 6.42 -5.52
C LYS FC 414 127.99 5.43 -6.57
N VAL FC 415 127.64 4.21 -6.15
CA VAL FC 415 126.95 3.26 -7.02
C VAL FC 415 125.64 2.77 -6.38
N ARG FC 416 124.79 2.19 -7.24
CA ARG FC 416 123.45 1.88 -6.77
C ARG FC 416 122.98 0.54 -7.32
N LEU FC 417 122.25 -0.21 -6.49
CA LEU FC 417 121.74 -1.51 -6.90
C LEU FC 417 120.22 -1.58 -6.71
N VAL FC 418 119.54 -2.14 -7.71
CA VAL FC 418 118.08 -2.28 -7.65
C VAL FC 418 117.66 -3.74 -7.75
N VAL FC 419 117.16 -4.28 -6.64
CA VAL FC 419 116.72 -5.67 -6.60
C VAL FC 419 115.21 -5.76 -6.40
N ALA FC 420 114.47 -5.71 -7.50
CA ALA FC 420 113.02 -5.79 -7.44
C ALA FC 420 112.56 -7.05 -6.73
N ALA FC 421 111.53 -6.93 -5.91
CA ALA FC 421 110.99 -8.07 -5.17
C ALA FC 421 109.47 -8.15 -5.29
N ASP FC 422 108.88 -9.13 -4.63
CA ASP FC 422 107.43 -9.31 -4.67
C ASP FC 422 106.92 -9.95 -3.38
N GLY FC 423 105.68 -9.64 -3.01
CA GLY FC 423 105.11 -10.19 -1.80
C GLY FC 423 105.99 -9.99 -0.59
N ALA FC 424 105.60 -10.58 0.53
CA ALA FC 424 106.37 -10.45 1.77
C ALA FC 424 107.70 -11.20 1.67
N ILE FC 425 108.76 -10.55 2.13
CA ILE FC 425 110.09 -11.15 2.09
C ILE FC 425 111.01 -10.51 3.13
N GLU FC 426 112.21 -11.06 3.28
CA GLU FC 426 113.18 -10.54 4.23
C GLU FC 426 114.56 -10.44 3.61
N GLU FC 427 115.28 -9.38 3.93
CA GLU FC 427 116.62 -9.16 3.40
C GLU FC 427 117.69 -9.59 4.40
N LYS FC 428 118.73 -10.23 3.92
CA LYS FC 428 119.82 -10.70 4.77
C LYS FC 428 121.17 -10.50 4.09
N VAL FC 429 121.95 -9.55 4.61
CA VAL FC 429 123.27 -9.26 4.05
C VAL FC 429 124.33 -10.14 4.71
N SER FC 430 125.29 -10.61 3.90
CA SER FC 430 126.37 -11.45 4.39
C SER FC 430 127.71 -11.02 3.83
N GLN FC 431 128.70 -10.86 4.69
CA GLN FC 431 130.03 -10.44 4.27
C GLN FC 431 131.06 -11.54 4.55
N SER FC 432 131.30 -12.38 3.54
CA SER FC 432 132.25 -13.48 3.67
C SER FC 432 133.68 -12.96 3.59
N ALA FC 433 133.83 -11.68 3.25
CA ALA FC 433 135.15 -11.07 3.14
C ALA FC 433 135.03 -9.59 2.80
N GLY FC 434 136.12 -8.83 3.05
CA GLY FC 434 136.17 -7.40 2.79
C GLY FC 434 136.18 -7.08 1.30
N THR FC 435 135.01 -7.17 0.67
CA THR FC 435 134.92 -6.89 -0.75
C THR FC 435 133.78 -7.65 -1.41
N LEU FC 436 133.43 -8.80 -0.85
CA LEU FC 436 132.36 -9.63 -1.39
C LEU FC 436 131.07 -9.42 -0.61
N SER FC 437 130.05 -8.90 -1.28
CA SER FC 437 128.76 -8.65 -0.65
C SER FC 437 127.70 -9.64 -1.16
N TRP FC 438 126.75 -9.97 -0.29
CA TRP FC 438 125.69 -10.91 -0.65
C TRP FC 438 124.36 -10.49 -0.05
N ARG FC 439 123.27 -10.85 -0.71
CA ARG FC 439 121.94 -10.51 -0.24
C ARG FC 439 120.99 -11.70 -0.37
N LEU FC 440 120.69 -12.33 0.76
CA LEU FC 440 119.80 -13.48 0.79
C LEU FC 440 118.34 -13.04 0.90
N TYR FC 477 81.19 -37.22 -6.97
CA TYR FC 477 81.00 -38.01 -5.74
C TYR FC 477 82.14 -38.99 -5.59
N ARG FC 478 83.35 -38.41 -5.48
CA ARG FC 478 84.55 -39.14 -5.10
C ARG FC 478 85.61 -38.11 -4.74
N GLY FC 479 86.38 -38.39 -3.69
CA GLY FC 479 87.34 -37.41 -3.18
C GLY FC 479 88.45 -37.98 -2.31
N LYS FC 480 89.46 -37.16 -1.98
CA LYS FC 480 90.40 -37.48 -0.89
C LYS FC 480 89.65 -37.63 0.43
N ARG FC 481 90.21 -38.46 1.30
CA ARG FC 481 89.76 -38.66 2.68
C ARG FC 481 90.23 -37.56 3.61
N VAL FC 482 89.35 -37.28 4.54
CA VAL FC 482 89.42 -36.07 5.36
C VAL FC 482 88.85 -36.34 6.75
N SER FC 483 89.05 -35.39 7.64
CA SER FC 483 88.35 -35.35 8.93
C SER FC 483 87.78 -33.95 9.07
N PHE FC 484 86.47 -33.87 9.14
CA PHE FC 484 85.73 -32.63 9.34
C PHE FC 484 85.38 -32.32 10.75
N GLU FC 485 86.01 -31.31 11.30
CA GLU FC 485 85.68 -30.86 12.62
C GLU FC 485 85.22 -29.43 12.55
N PHE FC 486 83.93 -29.21 12.82
CA PHE FC 486 83.26 -27.91 12.82
C PHE FC 486 82.54 -27.63 14.10
N LYS FC 487 83.10 -26.75 14.92
CA LYS FC 487 82.51 -26.37 16.19
C LYS FC 487 81.84 -25.01 16.12
N ASP FC 488 80.55 -25.04 15.80
CA ASP FC 488 79.69 -23.85 15.82
C ASP FC 488 80.21 -22.87 14.75
N ILE FC 489 80.01 -23.25 13.48
CA ILE FC 489 80.43 -22.47 12.32
C ILE FC 489 79.37 -22.36 11.26
N ASP FC 490 79.40 -21.26 10.52
CA ASP FC 490 78.46 -21.05 9.45
C ASP FC 490 78.64 -22.11 8.37
N ILE FC 491 77.54 -22.71 7.91
CA ILE FC 491 77.60 -23.70 6.82
C ILE FC 491 78.23 -23.08 5.58
N GLN FC 492 78.05 -21.77 5.37
CA GLN FC 492 78.74 -21.01 4.33
C GLN FC 492 80.26 -21.04 4.48
N ASN FC 493 80.75 -20.92 5.71
CA ASN FC 493 82.17 -21.11 5.97
C ASN FC 493 82.56 -22.54 5.67
N LEU FC 494 81.85 -23.55 6.19
CA LEU FC 494 82.22 -24.94 5.89
C LEU FC 494 82.27 -25.20 4.40
N LEU FC 495 81.30 -24.66 3.70
CA LEU FC 495 81.27 -24.71 2.27
C LEU FC 495 82.54 -24.15 1.62
N ARG FC 496 82.89 -22.89 1.92
CA ARG FC 496 84.07 -22.21 1.34
C ARG FC 496 85.33 -22.95 1.62
N VAL FC 497 85.46 -23.35 2.88
CA VAL FC 497 86.54 -24.18 3.32
C VAL FC 497 86.60 -25.42 2.42
N ILE FC 498 85.45 -26.07 2.23
CA ILE FC 498 85.35 -27.20 1.34
C ILE FC 498 85.70 -26.77 -0.10
N ALA FC 499 85.38 -25.61 -0.63
CA ALA FC 499 85.94 -25.19 -1.93
C ALA FC 499 87.49 -24.90 -1.94
N GLU FC 500 88.05 -24.39 -0.84
CA GLU FC 500 89.49 -24.08 -0.68
C GLU FC 500 90.39 -25.31 -0.64
N ILE FC 501 89.78 -26.46 -0.38
CA ILE FC 501 90.38 -27.79 -0.40
C ILE FC 501 90.14 -28.47 -1.81
N SER FC 502 89.74 -27.77 -2.90
CA SER FC 502 89.59 -28.30 -4.31
C SER FC 502 88.43 -29.28 -4.50
N LYS FC 503 87.58 -29.30 -3.49
CA LYS FC 503 86.30 -29.97 -3.52
C LYS FC 503 85.32 -29.08 -4.23
N LYS FC 504 85.55 -28.99 -5.55
CA LYS FC 504 84.89 -28.07 -6.47
C LYS FC 504 85.21 -26.62 -6.12
N ASN FC 505 84.61 -25.72 -6.88
CA ASN FC 505 84.33 -24.39 -6.37
C ASN FC 505 82.90 -24.40 -5.86
N ILE FC 506 82.71 -24.34 -4.55
CA ILE FC 506 81.38 -24.27 -3.97
C ILE FC 506 80.96 -22.80 -3.74
N VAL FC 507 79.72 -22.46 -4.09
CA VAL FC 507 79.07 -21.16 -3.82
C VAL FC 507 77.65 -21.40 -3.30
N VAL FC 508 77.26 -20.78 -2.18
CA VAL FC 508 75.85 -20.86 -1.72
C VAL FC 508 74.98 -19.88 -2.54
N ALA FC 509 73.66 -19.87 -2.29
CA ALA FC 509 72.87 -18.64 -2.35
C ALA FC 509 73.38 -17.59 -1.32
N ASP FC 510 72.63 -16.55 -0.97
CA ASP FC 510 73.07 -15.67 0.13
C ASP FC 510 72.68 -16.32 1.48
N ASP FC 511 71.40 -16.21 1.85
CA ASP FC 511 70.95 -16.70 3.16
C ASP FC 511 70.42 -18.13 3.05
N VAL FC 512 71.36 -19.05 3.25
CA VAL FC 512 71.06 -20.48 3.21
C VAL FC 512 70.46 -21.03 4.49
N SER FC 513 70.93 -20.63 5.68
CA SER FC 513 70.61 -21.39 6.90
C SER FC 513 71.13 -20.68 8.14
N GLY FC 514 72.35 -21.04 8.54
CA GLY FC 514 73.03 -20.50 9.69
C GLY FC 514 74.29 -21.31 9.96
N LYS FC 515 74.42 -21.61 11.25
CA LYS FC 515 75.54 -22.29 11.88
C LYS FC 515 75.23 -23.75 12.22
N VAL FC 516 76.23 -24.64 12.09
CA VAL FC 516 76.13 -26.06 12.45
C VAL FC 516 77.39 -26.57 13.13
N THR FC 517 77.21 -27.66 13.88
CA THR FC 517 78.30 -28.45 14.47
C THR FC 517 78.31 -29.90 13.97
N ILE FC 518 79.46 -30.33 13.43
CA ILE FC 518 79.72 -31.73 13.08
C ILE FC 518 81.19 -32.08 13.42
N ARG FC 519 81.50 -33.36 13.64
CA ARG FC 519 82.87 -33.90 13.74
C ARG FC 519 83.09 -35.31 13.21
N LEU FC 520 83.73 -35.34 12.07
CA LEU FC 520 83.94 -36.51 11.26
C LEU FC 520 85.40 -36.90 11.32
N ARG FC 521 85.64 -38.20 11.20
CA ARG FC 521 86.97 -38.72 10.94
C ARG FC 521 86.95 -39.73 9.81
N ASN FC 522 88.02 -39.73 9.03
CA ASN FC 522 88.27 -40.69 7.94
C ASN FC 522 87.14 -40.73 6.88
N VAL FC 523 86.54 -39.60 6.54
CA VAL FC 523 85.43 -39.56 5.57
C VAL FC 523 85.91 -38.79 4.36
N PRO FC 524 85.87 -39.31 3.12
CA PRO FC 524 85.96 -38.47 1.94
C PRO FC 524 84.96 -37.37 1.98
N TRP FC 525 85.39 -36.25 1.49
CA TRP FC 525 84.64 -35.04 1.70
C TRP FC 525 83.27 -34.97 1.05
N ASP FC 526 83.16 -35.52 -0.15
CA ASP FC 526 81.99 -35.46 -1.02
C ASP FC 526 80.82 -36.21 -0.38
N GLN FC 527 81.21 -37.15 0.45
CA GLN FC 527 80.36 -37.75 1.41
C GLN FC 527 80.16 -36.90 2.65
N ALA FC 528 81.21 -36.43 3.33
CA ALA FC 528 81.04 -35.59 4.52
C ALA FC 528 80.09 -34.42 4.22
N LEU FC 529 80.13 -33.90 2.98
CA LEU FC 529 79.15 -33.00 2.36
C LEU FC 529 77.74 -33.57 2.33
N ASP FC 530 77.44 -34.68 1.65
CA ASP FC 530 76.07 -35.25 1.58
C ASP FC 530 75.44 -35.40 2.98
N LEU FC 531 76.34 -35.82 3.84
CA LEU FC 531 76.12 -35.97 5.23
C LEU FC 531 75.87 -34.61 5.95
N VAL FC 532 76.56 -33.53 5.54
CA VAL FC 532 76.38 -32.16 6.12
C VAL FC 532 75.01 -31.61 5.74
N LEU FC 533 74.61 -31.80 4.48
CA LEU FC 533 73.28 -31.49 3.93
C LEU FC 533 72.16 -32.01 4.85
N ARG FC 534 72.24 -33.31 5.16
CA ARG FC 534 71.27 -34.00 6.05
C ARG FC 534 71.21 -33.55 7.50
N THR FC 535 72.32 -32.98 7.96
CA THR FC 535 72.36 -32.47 9.34
C THR FC 535 71.32 -31.36 9.53
N LYS FC 536 71.50 -30.27 8.81
CA LYS FC 536 70.70 -29.03 8.90
C LYS FC 536 70.59 -28.38 7.53
N ALA FC 537 71.74 -28.55 6.90
CA ALA FC 537 72.18 -27.84 5.76
C ALA FC 537 71.34 -28.30 4.56
N LEU FC 538 71.86 -27.85 3.45
CA LEU FC 538 71.08 -27.58 2.26
C LEU FC 538 70.94 -28.82 1.39
N GLY FC 539 70.46 -28.68 0.15
CA GLY FC 539 70.82 -29.60 -0.93
C GLY FC 539 71.83 -28.94 -1.90
N LYS FC 540 72.60 -29.77 -2.63
CA LYS FC 540 73.60 -29.27 -3.61
C LYS FC 540 73.15 -29.53 -5.04
N GLU FC 541 73.35 -28.54 -5.92
CA GLU FC 541 73.24 -28.65 -7.38
C GLU FC 541 74.54 -28.22 -8.06
N GLU FC 542 75.10 -29.02 -8.94
CA GLU FC 542 76.35 -28.69 -9.64
C GLU FC 542 76.12 -28.21 -11.08
N PHE FC 543 76.67 -27.03 -11.40
CA PHE FC 543 76.80 -26.55 -12.77
C PHE FC 543 77.91 -27.27 -13.57
N GLY FC 544 79.00 -27.61 -12.88
CA GLY FC 544 80.07 -28.50 -13.32
C GLY FC 544 81.40 -28.05 -12.70
N ASN FC 545 81.83 -26.83 -13.08
CA ASN FC 545 82.98 -26.17 -12.48
C ASN FC 545 82.67 -25.61 -11.09
N ILE FC 546 81.56 -24.87 -11.02
CA ILE FC 546 80.99 -24.35 -9.79
C ILE FC 546 79.80 -25.22 -9.40
N ILE FC 547 79.51 -25.25 -8.11
CA ILE FC 547 78.30 -25.88 -7.57
C ILE FC 547 77.54 -24.82 -6.79
N ARG FC 548 76.22 -24.76 -6.95
CA ARG FC 548 75.36 -23.92 -6.11
C ARG FC 548 74.67 -24.74 -5.03
N ILE FC 549 74.69 -24.19 -3.82
CA ILE FC 549 74.00 -24.76 -2.69
C ILE FC 549 72.90 -23.84 -2.24
N ALA FC 550 71.70 -24.38 -2.10
CA ALA FC 550 70.53 -23.59 -1.79
C ALA FC 550 69.73 -24.12 -0.58
N PRO FC 551 69.04 -23.22 0.12
CA PRO FC 551 68.04 -23.50 1.17
C PRO FC 551 66.73 -24.08 0.60
N ASP FC 574 79.40 -33.59 20.36
CA ASP FC 574 79.54 -33.78 18.93
C ASP FC 574 78.67 -34.90 18.34
N LEU FC 575 78.42 -34.61 17.07
CA LEU FC 575 78.03 -35.58 16.08
C LEU FC 575 79.28 -36.04 15.48
N MET FC 576 79.21 -37.28 15.11
CA MET FC 576 80.33 -37.84 14.45
C MET FC 576 79.97 -38.76 13.36
N VAL FC 577 81.01 -38.89 12.55
CA VAL FC 577 81.02 -39.83 11.48
C VAL FC 577 82.15 -40.78 11.67
N ASN FC 578 81.75 -42.02 11.42
CA ASN FC 578 82.58 -43.18 11.54
C ASN FC 578 82.25 -44.09 10.36
N LEU FC 579 83.30 -44.66 9.79
CA LEU FC 579 83.25 -45.69 8.76
C LEU FC 579 83.27 -47.02 9.50
N LEU FC 580 82.30 -47.87 9.20
CA LEU FC 580 82.22 -49.26 9.59
C LEU FC 580 82.68 -50.11 8.41
N PRO FC 581 83.78 -50.88 8.52
CA PRO FC 581 83.99 -51.93 7.53
C PRO FC 581 82.95 -53.03 7.76
N VAL FC 582 82.43 -53.59 6.67
CA VAL FC 582 81.66 -54.83 6.70
C VAL FC 582 82.49 -55.87 5.97
N ASN FC 583 83.21 -56.71 6.71
CA ASN FC 583 84.07 -57.69 6.06
C ASN FC 583 83.26 -58.85 5.49
N TYR FC 584 82.29 -59.35 6.25
CA TYR FC 584 81.66 -60.62 5.96
C TYR FC 584 80.35 -60.56 5.19
N ALA FC 585 79.43 -59.71 5.66
CA ALA FC 585 78.12 -59.55 5.04
C ALA FC 585 78.12 -58.51 3.90
N VAL FC 586 77.06 -58.52 3.10
CA VAL FC 586 76.78 -57.41 2.17
C VAL FC 586 76.14 -56.25 2.92
N ALA FC 587 76.49 -55.01 2.59
CA ALA FC 587 75.97 -53.81 3.24
C ALA FC 587 74.44 -53.66 3.11
N ALA FC 588 73.87 -54.05 1.96
CA ALA FC 588 72.44 -53.93 1.67
C ALA FC 588 71.56 -54.79 2.60
N ASP FC 589 72.05 -55.92 3.11
CA ASP FC 589 71.32 -56.79 4.03
C ASP FC 589 71.09 -56.14 5.42
N MET FC 590 72.01 -55.25 5.82
CA MET FC 590 71.83 -54.40 7.00
C MET FC 590 70.75 -53.34 6.83
N ALA FC 591 70.41 -52.93 5.59
CA ALA FC 591 69.58 -51.76 5.31
C ALA FC 591 68.21 -51.82 6.00
N ALA FC 592 67.57 -52.99 6.04
CA ALA FC 592 66.29 -53.17 6.71
C ALA FC 592 66.36 -52.81 8.20
N ARG FC 593 67.32 -53.42 8.92
CA ARG FC 593 67.54 -53.18 10.36
C ARG FC 593 68.01 -51.78 10.71
N VAL FC 594 68.93 -51.25 9.89
CA VAL FC 594 69.49 -49.92 10.10
C VAL FC 594 68.40 -48.86 9.87
N LYS FC 595 67.59 -48.99 8.82
CA LYS FC 595 66.42 -48.12 8.57
C LYS FC 595 65.46 -48.15 9.77
N ASP FC 596 65.25 -49.34 10.34
CA ASP FC 596 64.39 -49.52 11.50
C ASP FC 596 64.85 -48.87 12.81
N VAL FC 597 66.17 -48.75 13.11
CA VAL FC 597 66.61 -47.88 14.22
C VAL FC 597 66.29 -46.41 13.95
N LEU FC 598 66.60 -45.91 12.74
CA LEU FC 598 66.49 -44.47 12.45
C LEU FC 598 65.07 -43.98 12.75
N SER FC 599 64.05 -44.73 12.34
CA SER FC 599 62.65 -44.28 12.40
C SER FC 599 62.53 -42.88 11.75
N GLU FC 600 61.86 -41.94 12.42
CA GLU FC 600 61.84 -40.50 12.11
C GLU FC 600 62.97 -39.70 12.81
N ARG FC 601 64.10 -40.37 13.12
CA ARG FC 601 65.28 -39.67 13.64
C ARG FC 601 66.27 -39.30 12.54
N GLY FC 602 67.17 -38.50 13.12
CA GLY FC 602 68.35 -37.89 12.57
C GLY FC 602 69.59 -38.51 13.05
N SER FC 603 70.49 -38.42 12.10
CA SER FC 603 71.19 -39.61 11.71
C SER FC 603 70.87 -39.95 10.29
N VAL FC 604 71.86 -40.57 9.69
CA VAL FC 604 71.74 -41.27 8.45
C VAL FC 604 72.82 -42.32 8.33
N THR FC 605 72.59 -43.18 7.36
CA THR FC 605 73.49 -44.23 6.89
C THR FC 605 73.73 -44.06 5.38
N VAL FC 606 74.98 -44.14 4.93
CA VAL FC 606 75.39 -44.13 3.53
C VAL FC 606 76.17 -45.39 3.22
N ASP FC 607 75.79 -46.02 2.11
CA ASP FC 607 76.45 -47.23 1.63
C ASP FC 607 77.46 -46.85 0.54
N GLN FC 608 78.74 -47.03 0.84
CA GLN FC 608 79.78 -46.87 -0.18
C GLN FC 608 79.97 -48.18 -0.96
N ARG FC 609 80.44 -48.02 -2.21
CA ARG FC 609 80.59 -49.13 -3.16
C ARG FC 609 81.48 -50.28 -2.69
N THR FC 610 82.51 -49.99 -1.90
CA THR FC 610 83.45 -50.97 -1.36
C THR FC 610 82.90 -51.68 -0.12
N ASN FC 611 81.57 -51.82 0.01
CA ASN FC 611 80.87 -52.45 1.14
C ASN FC 611 81.36 -51.97 2.51
N VAL FC 612 81.37 -50.65 2.67
CA VAL FC 612 81.51 -50.00 3.98
C VAL FC 612 80.28 -49.15 4.23
N LEU FC 613 79.77 -49.22 5.47
CA LEU FC 613 78.74 -48.29 5.90
C LEU FC 613 79.36 -47.05 6.50
N ILE FC 614 78.71 -45.92 6.27
CA ILE FC 614 79.04 -44.68 6.94
C ILE FC 614 77.84 -44.07 7.58
N VAL FC 615 78.01 -43.69 8.85
CA VAL FC 615 76.97 -43.06 9.63
C VAL FC 615 77.33 -41.63 10.04
N LYS FC 616 76.46 -40.63 9.81
CA LYS FC 616 76.49 -39.41 10.63
C LYS FC 616 75.36 -39.55 11.57
N ASP FC 617 75.61 -39.01 12.76
CA ASP FC 617 74.62 -38.79 13.79
C ASP FC 617 75.23 -38.28 15.07
N VAL FC 618 74.38 -38.05 16.05
CA VAL FC 618 74.79 -38.01 17.45
C VAL FC 618 75.62 -39.26 17.76
N ARG FC 619 76.54 -39.15 18.71
CA ARG FC 619 77.28 -40.33 19.21
C ARG FC 619 76.36 -41.48 19.62
N SER FC 620 75.25 -41.19 20.31
CA SER FC 620 74.35 -42.23 20.84
C SER FC 620 73.65 -43.04 19.73
N ASN FC 621 73.21 -42.42 18.63
CA ASN FC 621 72.69 -43.14 17.48
C ASN FC 621 73.83 -43.82 16.67
N THR FC 622 75.04 -43.22 16.55
CA THR FC 622 76.22 -43.91 15.97
C THR FC 622 76.55 -45.22 16.69
N GLU FC 623 76.59 -45.15 18.02
CA GLU FC 623 76.92 -46.28 18.87
C GLU FC 623 75.95 -47.44 18.63
N ARG FC 624 74.64 -47.15 18.59
CA ARG FC 624 73.60 -48.14 18.31
C ARG FC 624 73.82 -48.77 16.94
N ALA FC 625 73.95 -47.96 15.90
CA ALA FC 625 74.16 -48.44 14.53
C ALA FC 625 75.44 -49.31 14.42
N ARG FC 626 76.57 -48.90 15.04
CA ARG FC 626 77.78 -49.73 15.08
C ARG FC 626 77.54 -51.07 15.77
N SER FC 627 76.93 -51.07 16.96
CA SER FC 627 76.68 -52.31 17.70
C SER FC 627 75.87 -53.31 16.89
N LEU FC 628 74.84 -52.86 16.14
CA LEU FC 628 74.04 -53.72 15.28
C LEU FC 628 74.84 -54.19 14.04
N VAL FC 629 75.54 -53.29 13.35
CA VAL FC 629 76.35 -53.63 12.15
C VAL FC 629 77.40 -54.66 12.54
N ARG FC 630 78.18 -54.40 13.59
CA ARG FC 630 79.19 -55.37 14.05
C ARG FC 630 78.56 -56.67 14.52
N SER FC 631 77.43 -56.63 15.23
CA SER FC 631 76.78 -57.83 15.75
C SER FC 631 76.29 -58.75 14.63
N LEU FC 632 75.66 -58.18 13.59
CA LEU FC 632 75.31 -58.92 12.37
C LEU FC 632 76.49 -59.31 11.52
N ASP FC 633 77.55 -58.47 11.47
CA ASP FC 633 78.78 -58.87 10.81
C ASP FC 633 79.21 -60.12 11.58
N THR FC 634 79.38 -60.12 12.93
CA THR FC 634 79.88 -61.28 13.72
C THR FC 634 79.27 -62.67 13.49
N GLN FC 635 77.99 -62.83 13.15
CA GLN FC 635 77.48 -64.15 12.77
C GLN FC 635 77.89 -64.60 11.35
N THR FC 636 78.10 -63.64 10.46
CA THR FC 636 78.81 -63.78 9.18
C THR FC 636 80.32 -64.20 9.14
N PRO FC 637 81.23 -63.79 10.08
CA PRO FC 637 82.57 -64.35 10.23
C PRO FC 637 82.66 -65.82 10.60
N GLN FC 638 81.67 -66.40 11.30
CA GLN FC 638 81.71 -67.87 11.48
C GLN FC 638 81.29 -68.55 10.16
N VAL FC 639 82.30 -68.75 9.31
CA VAL FC 639 82.15 -69.43 8.03
C VAL FC 639 82.29 -70.94 8.17
N CYS GC 5 5.91 85.99 12.95
CA CYS GC 5 6.56 85.18 11.91
C CYS GC 5 7.96 85.77 11.60
N GLU GC 6 8.71 85.11 10.71
CA GLU GC 6 9.82 85.76 9.98
C GLU GC 6 9.45 85.96 8.50
N GLU GC 7 9.90 87.10 7.97
CA GLU GC 7 9.50 87.68 6.67
C GLU GC 7 10.47 87.23 5.52
N PRO GC 8 10.40 87.75 4.26
CA PRO GC 8 11.07 87.16 3.08
C PRO GC 8 12.55 86.75 3.20
N PRO GC 9 13.44 87.70 3.48
CA PRO GC 9 14.14 87.65 4.76
C PRO GC 9 13.41 88.34 5.92
N ALA GC 10 13.84 88.00 7.14
CA ALA GC 10 13.51 88.67 8.38
C ALA GC 10 13.93 90.18 8.39
N PRO GC 11 13.83 90.90 9.51
CA PRO GC 11 14.38 92.27 9.64
C PRO GC 11 15.93 92.37 9.41
N ALA GC 12 16.65 93.27 10.12
CA ALA GC 12 18.01 93.65 9.69
C ALA GC 12 19.23 93.15 10.52
N PRO GC 13 19.14 92.75 11.83
CA PRO GC 13 20.32 92.32 12.59
C PRO GC 13 20.76 90.81 12.71
N PRO GC 14 20.30 89.81 11.93
CA PRO GC 14 19.44 89.86 10.75
C PRO GC 14 17.93 89.64 10.95
N PRO GC 15 17.30 89.62 12.16
CA PRO GC 15 17.73 89.36 13.54
C PRO GC 15 18.23 87.93 13.80
N ALA GC 16 18.87 87.74 14.95
CA ALA GC 16 18.67 86.54 15.75
C ALA GC 16 19.49 85.38 15.21
N LYS GC 17 20.07 85.56 14.04
CA LYS GC 17 20.83 84.51 13.38
C LYS GC 17 22.08 84.14 14.18
N PRO GC 18 22.39 84.96 15.18
CA PRO GC 18 23.46 84.64 16.13
C PRO GC 18 23.13 83.41 16.97
N LYS GC 19 21.87 82.98 16.92
CA LYS GC 19 21.47 81.72 17.54
C LYS GC 19 21.39 80.60 16.51
N ALA GC 20 20.60 80.83 15.46
CA ALA GC 20 20.52 79.89 14.34
C ALA GC 20 21.91 79.60 13.77
N ALA GC 21 22.50 80.61 13.15
CA ALA GC 21 23.84 80.48 12.58
C ALA GC 21 24.92 80.75 13.63
N ALA GC 22 24.77 80.12 14.80
CA ALA GC 22 25.90 79.87 15.69
C ALA GC 22 25.72 78.56 16.45
N ALA GC 23 24.49 78.06 16.45
CA ALA GC 23 24.24 76.67 16.83
C ALA GC 23 24.19 75.77 15.60
N VAL GC 24 24.02 76.38 14.42
CA VAL GC 24 24.59 75.86 13.19
C VAL GC 24 26.09 76.13 13.13
N PRO GC 25 26.52 76.87 12.10
CA PRO GC 25 27.49 76.35 11.13
C PRO GC 25 28.53 75.47 11.79
N VAL GC 26 28.10 74.32 12.32
CA VAL GC 26 27.53 73.26 11.48
C VAL GC 26 28.02 71.89 11.94
N LYS GC 27 29.24 71.54 11.55
CA LYS GC 27 30.31 72.52 11.45
C LYS GC 27 30.73 72.72 10.00
N ALA GC 28 29.76 72.74 9.10
CA ALA GC 28 29.95 72.22 7.74
C ALA GC 28 30.78 70.95 7.76
N ALA GC 29 32.06 71.08 8.09
CA ALA GC 29 33.12 70.56 7.25
C ALA GC 29 33.43 71.49 6.08
N PRO GC 30 32.64 71.37 5.02
CA PRO GC 30 32.03 70.09 4.65
C PRO GC 30 33.06 69.10 4.11
N THR GC 31 32.72 67.82 4.14
CA THR GC 31 33.71 66.76 3.96
C THR GC 31 33.93 66.45 2.48
N GLU GC 32 34.49 67.42 1.77
CA GLU GC 32 34.83 67.23 0.35
C GLU GC 32 35.77 66.04 0.05
N THR GC 33 35.64 64.93 0.78
CA THR GC 33 36.71 64.00 1.18
C THR GC 33 36.49 62.54 0.73
N GLY GC 34 35.80 61.74 1.56
CA GLY GC 34 36.18 60.35 1.83
C GLY GC 34 35.67 59.34 0.81
N ALA GC 35 36.21 59.41 -0.42
CA ALA GC 35 35.59 58.85 -1.62
C ALA GC 35 36.10 57.43 -1.93
N GLN GC 36 36.57 57.16 -3.16
CA GLN GC 36 36.89 55.83 -3.69
C GLN GC 36 38.37 55.68 -4.01
N ALA GC 37 38.95 54.52 -3.72
CA ALA GC 37 40.38 54.25 -3.88
C ALA GC 37 40.71 53.55 -5.20
N ALA GC 38 41.88 53.86 -5.78
CA ALA GC 38 42.52 53.06 -6.83
C ALA GC 38 43.20 51.78 -6.32
N PRO GC 39 43.07 51.47 -5.01
CA PRO GC 39 44.22 51.30 -4.11
C PRO GC 39 45.61 51.51 -4.79
N SER GC 40 46.60 50.68 -4.46
CA SER GC 40 47.90 50.60 -5.11
C SER GC 40 48.38 49.14 -5.12
N TYR GC 41 49.39 48.82 -5.94
CA TYR GC 41 49.75 47.46 -6.29
C TYR GC 41 51.25 47.24 -6.10
N SER GC 42 51.61 46.07 -5.56
CA SER GC 42 52.99 45.65 -5.37
C SER GC 42 53.60 44.96 -6.61
N TYR GC 43 54.92 44.76 -6.61
CA TYR GC 43 55.66 44.24 -7.76
C TYR GC 43 56.36 42.88 -7.51
N VAL GC 44 56.56 42.10 -8.57
CA VAL GC 44 57.01 40.69 -8.53
C VAL GC 44 58.06 40.42 -9.60
N TYR GC 45 59.05 39.55 -9.43
CA TYR GC 45 59.67 38.96 -8.22
C TYR GC 45 61.10 38.56 -8.61
N ASN GC 46 62.01 38.36 -7.64
CA ASN GC 46 63.45 38.17 -7.92
C ASN GC 46 63.89 36.69 -7.95
N PRO GC 47 63.61 36.00 -9.05
CA PRO GC 47 64.18 34.67 -9.30
C PRO GC 47 65.25 34.69 -10.37
N VAL GC 48 66.28 33.87 -10.22
CA VAL GC 48 66.83 33.11 -11.33
C VAL GC 48 68.23 32.60 -11.02
N GLY GC 49 68.73 31.70 -11.86
CA GLY GC 49 69.78 30.78 -11.45
C GLY GC 49 70.68 30.40 -12.61
N LYS GC 50 71.09 29.14 -12.64
CA LYS GC 50 72.36 28.71 -12.07
C LYS GC 50 72.86 27.42 -12.72
N ARG GC 51 72.95 26.36 -11.92
CA ARG GC 51 72.68 25.02 -12.40
C ARG GC 51 73.38 23.98 -11.53
N ASP GC 52 72.88 22.74 -11.58
CA ASP GC 52 72.48 22.03 -10.38
C ASP GC 52 72.43 20.53 -10.62
N PRO GC 53 72.03 19.78 -9.59
CA PRO GC 53 71.57 18.40 -9.77
C PRO GC 53 70.37 18.09 -8.87
N PHE GC 54 69.39 19.00 -8.83
CA PHE GC 54 68.10 18.75 -9.46
C PHE GC 54 68.25 18.52 -10.96
N ARG GC 55 69.45 18.76 -11.47
CA ARG GC 55 69.98 17.97 -12.58
C ARG GC 55 70.11 16.50 -12.20
N SER GC 56 71.08 16.19 -11.35
CA SER GC 56 71.42 14.81 -11.05
C SER GC 56 70.18 14.02 -10.64
N PRO GC 57 69.39 14.58 -9.73
CA PRO GC 57 68.28 13.85 -9.11
C PRO GC 57 67.14 13.62 -10.10
N ILE GC 58 67.31 14.08 -11.33
CA ILE GC 58 66.35 13.83 -12.39
C ILE GC 58 67.04 13.56 -13.72
N ASP GC 59 67.90 14.47 -14.14
CA ASP GC 59 68.58 14.38 -15.41
C ASP GC 59 69.56 13.20 -15.43
N GLU GC 60 69.93 12.74 -14.24
CA GLU GC 60 70.86 11.62 -14.12
C GLU GC 60 70.15 10.39 -13.56
N LEU GC 61 69.07 10.60 -12.84
CA LEU GC 61 68.39 9.53 -12.12
C LEU GC 61 67.44 8.77 -13.02
N GLY GC 62 66.90 9.45 -14.03
CA GLY GC 62 65.98 8.84 -14.97
C GLY GC 62 66.68 7.93 -15.95
N PRO GC 63 67.94 8.23 -16.24
CA PRO GC 63 68.82 7.29 -16.97
C PRO GC 63 69.20 5.94 -16.28
N VAL GC 64 70.39 5.63 -15.16
CA VAL GC 64 71.12 4.39 -14.83
C VAL GC 64 72.05 4.63 -13.63
N ASN GC 65 72.14 3.86 -12.54
CA ASN GC 65 72.78 4.26 -11.30
C ASN GC 65 73.58 3.07 -10.75
N ALA GC 66 74.88 3.31 -10.55
CA ALA GC 66 75.79 2.38 -9.89
C ALA GC 66 76.63 3.15 -8.89
N ASN GC 67 76.92 2.51 -7.74
CA ASN GC 67 77.74 3.08 -6.68
C ASN GC 67 78.96 2.16 -6.41
N PRO GC 68 80.04 2.27 -7.23
CA PRO GC 68 81.13 1.31 -7.27
C PRO GC 68 81.80 0.98 -5.94
N VAL GC 69 82.26 -0.27 -5.83
CA VAL GC 69 83.16 -0.72 -4.75
C VAL GC 69 84.62 -0.35 -5.01
N ALA GC 70 85.23 0.36 -4.07
CA ALA GC 70 86.68 0.59 -3.99
C ALA GC 70 87.22 0.65 -2.55
N ALA GC 71 86.34 0.79 -1.55
CA ALA GC 71 86.23 1.04 -0.13
C ALA GC 71 87.16 0.17 0.73
N CYS GC 72 87.16 0.43 2.04
CA CYS GC 72 87.61 -0.53 3.02
C CYS GC 72 86.64 -1.73 3.19
N ASN GC 73 87.21 -2.92 3.38
CA ASN GC 73 86.43 -3.92 4.12
C ASN GC 73 87.26 -5.03 4.83
N GLU GC 74 88.39 -4.76 5.49
CA GLU GC 74 89.40 -5.83 5.57
C GLU GC 74 89.70 -6.22 7.04
N PRO GC 75 89.10 -7.32 7.52
CA PRO GC 75 88.52 -7.36 8.86
C PRO GC 75 89.56 -7.79 9.90
N LEU GC 76 90.18 -8.96 9.72
CA LEU GC 76 90.96 -9.59 10.79
C LEU GC 76 92.31 -8.91 10.97
N CYS GC 77 92.85 -8.27 9.93
CA CYS GC 77 93.97 -7.36 10.06
C CYS GC 77 93.69 -6.06 10.83
N SER GC 78 92.44 -5.84 11.25
CA SER GC 78 92.02 -4.81 12.20
C SER GC 78 91.78 -5.32 13.64
N PHE GC 79 91.96 -6.61 13.93
CA PHE GC 79 91.77 -7.24 15.25
C PHE GC 79 92.98 -8.08 15.71
N ASP GC 80 93.26 -8.14 17.01
CA ASP GC 80 94.49 -8.75 17.54
C ASP GC 80 94.40 -10.29 17.62
N LEU GC 81 95.53 -11.01 17.47
CA LEU GC 81 95.52 -12.45 17.16
C LEU GC 81 95.02 -13.33 18.30
N ASP GC 82 95.33 -12.96 19.55
CA ASP GC 82 94.92 -13.66 20.77
C ASP GC 82 93.40 -13.46 21.04
N GLN GC 83 92.73 -12.55 20.30
CA GLN GC 83 91.25 -12.41 20.34
C GLN GC 83 90.56 -13.47 19.48
N LEU GC 84 91.25 -14.07 18.52
CA LEU GC 84 90.69 -15.02 17.53
C LEU GC 84 90.69 -16.46 18.06
N LYS GC 85 89.61 -17.22 17.81
CA LYS GC 85 89.43 -18.58 18.36
C LYS GC 85 89.22 -19.63 17.27
N LEU GC 86 89.98 -20.72 17.27
CA LEU GC 86 89.87 -21.76 16.25
C LEU GC 86 88.57 -22.58 16.41
N VAL GC 87 87.66 -22.47 15.44
CA VAL GC 87 86.36 -23.15 15.42
C VAL GC 87 86.49 -24.60 14.97
N ALA GC 88 87.20 -24.80 13.85
CA ALA GC 88 87.24 -26.05 13.11
C ALA GC 88 88.43 -26.07 12.14
N VAL GC 89 88.67 -27.20 11.50
CA VAL GC 89 89.61 -27.38 10.39
C VAL GC 89 88.98 -28.29 9.34
N VAL GC 90 89.14 -27.93 8.07
CA VAL GC 90 88.76 -28.75 6.91
C VAL GC 90 90.03 -29.24 6.20
N THR GC 91 90.01 -30.47 5.69
CA THR GC 91 91.12 -31.05 4.93
C THR GC 91 90.58 -31.95 3.85
N GLY GC 92 91.13 -31.82 2.64
CA GLY GC 92 90.83 -32.61 1.45
C GLY GC 92 91.75 -32.18 0.31
N ASP GC 93 91.42 -32.62 -0.90
CA ASP GC 93 92.25 -32.47 -2.10
C ASP GC 93 92.55 -31.00 -2.45
N ALA GC 94 91.63 -30.10 -2.10
CA ALA GC 94 91.77 -28.64 -2.21
C ALA GC 94 92.75 -27.97 -1.19
N SER GC 95 93.64 -28.76 -0.57
CA SER GC 95 94.56 -28.40 0.52
C SER GC 95 93.88 -28.11 1.88
N PRO GC 96 94.57 -28.31 3.02
CA PRO GC 96 94.00 -28.03 4.35
C PRO GC 96 93.72 -26.54 4.56
N VAL GC 97 92.59 -26.24 5.22
CA VAL GC 97 92.13 -24.90 5.58
C VAL GC 97 91.58 -24.84 7.01
N ALA GC 98 92.02 -23.85 7.77
CA ALA GC 98 91.54 -23.57 9.13
C ALA GC 98 90.29 -22.68 9.10
N MET GC 99 89.44 -22.80 10.10
CA MET GC 99 88.28 -21.93 10.34
C MET GC 99 88.36 -21.29 11.73
N VAL GC 100 88.29 -19.96 11.78
CA VAL GC 100 88.55 -19.14 12.99
C VAL GC 100 87.50 -18.06 13.24
N GLU GC 101 87.22 -17.76 14.50
CA GLU GC 101 86.15 -16.89 14.98
C GLU GC 101 86.70 -15.56 15.55
N ASP GC 102 86.08 -14.45 15.16
CA ASP GC 102 86.41 -13.07 15.54
C ASP GC 102 85.96 -12.84 17.00
N PRO GC 103 86.47 -11.82 17.73
CA PRO GC 103 85.78 -11.33 18.94
C PRO GC 103 84.41 -10.70 18.62
N ALA GC 104 84.16 -10.30 17.37
CA ALA GC 104 82.85 -9.91 16.84
C ALA GC 104 81.96 -11.10 16.40
N GLY GC 105 82.38 -12.36 16.61
CA GLY GC 105 81.60 -13.58 16.34
C GLY GC 105 81.46 -13.97 14.86
N ARG GC 106 82.16 -13.30 13.93
CA ARG GC 106 82.24 -13.77 12.54
C ARG GC 106 83.10 -15.05 12.44
N GLY GC 107 82.74 -15.96 11.53
CA GLY GC 107 83.64 -17.01 11.03
C GLY GC 107 84.45 -16.59 9.80
N HIS GC 108 85.71 -17.04 9.75
CA HIS GC 108 86.63 -16.86 8.62
C HIS GC 108 87.26 -18.20 8.23
N ILE GC 109 87.82 -18.27 7.02
CA ILE GC 109 88.54 -19.44 6.52
C ILE GC 109 89.88 -18.97 5.96
N VAL GC 110 90.98 -19.56 6.45
CA VAL GC 110 92.36 -19.16 6.11
C VAL GC 110 93.19 -20.44 6.00
N ARG GC 111 94.25 -20.41 5.18
CA ARG GC 111 95.08 -21.58 4.87
C ARG GC 111 96.56 -21.24 4.75
N ARG GC 112 97.42 -22.27 4.69
CA ARG GC 112 98.89 -22.08 4.62
C ARG GC 112 99.27 -21.08 3.52
N ASN GC 113 100.14 -20.12 3.86
CA ASN GC 113 100.53 -18.92 3.12
C ASN GC 113 99.66 -17.65 3.30
N THR GC 114 98.38 -17.77 3.67
CA THR GC 114 97.52 -16.62 4.04
C THR GC 114 97.84 -16.00 5.39
N ARG GC 115 97.18 -14.88 5.73
CA ARG GC 115 97.37 -14.11 6.97
C ARG GC 115 96.04 -13.84 7.68
N MET GC 116 96.15 -13.36 8.91
CA MET GC 116 95.08 -12.95 9.82
C MET GC 116 95.68 -11.98 10.85
N GLY GC 117 94.86 -11.20 11.56
CA GLY GC 117 95.30 -10.40 12.71
C GLY GC 117 96.13 -9.13 12.40
N ARG GC 118 96.20 -8.19 13.36
CA ARG GC 118 97.00 -6.96 13.25
C ARG GC 118 98.49 -7.20 13.11
N GLN GC 119 99.02 -8.21 13.81
CA GLN GC 119 100.42 -8.67 13.66
C GLN GC 119 100.64 -9.49 12.36
N GLY GC 120 99.67 -9.55 11.44
CA GLY GC 120 99.82 -10.20 10.13
C GLY GC 120 100.09 -11.70 10.16
N GLY GC 121 99.65 -12.37 11.23
CA GLY GC 121 99.88 -13.78 11.56
C GLY GC 121 99.72 -14.72 10.37
N LYS GC 122 100.84 -15.16 9.81
CA LYS GC 122 100.89 -15.99 8.60
C LYS GC 122 100.65 -17.45 8.97
N VAL GC 123 99.66 -18.10 8.35
CA VAL GC 123 99.43 -19.53 8.51
C VAL GC 123 100.59 -20.38 7.99
N THR GC 124 101.22 -21.19 8.86
CA THR GC 124 102.41 -21.99 8.50
C THR GC 124 102.14 -23.49 8.67
N GLN GC 125 101.32 -23.91 9.65
CA GLN GC 125 100.87 -25.30 9.83
C GLN GC 125 99.38 -25.33 10.19
N ILE GC 126 98.71 -26.46 9.91
CA ILE GC 126 97.29 -26.69 10.22
C ILE GC 126 97.17 -28.15 10.67
N LEU GC 127 96.89 -28.38 11.95
CA LEU GC 127 96.57 -29.70 12.52
C LEU GC 127 95.04 -29.82 12.69
N ARG GC 128 94.53 -30.83 13.38
CA ARG GC 128 93.07 -31.03 13.61
C ARG GC 128 92.53 -30.34 14.85
N ASP GC 129 93.43 -30.09 15.77
CA ASP GC 129 93.27 -29.57 17.13
C ASP GC 129 93.82 -28.15 17.32
N SER GC 130 94.62 -27.68 16.36
CA SER GC 130 95.50 -26.52 16.50
C SER GC 130 96.07 -26.04 15.17
N VAL GC 131 96.53 -24.78 15.11
CA VAL GC 131 97.04 -24.11 13.91
C VAL GC 131 98.24 -23.23 14.28
N THR GC 132 99.44 -23.64 13.85
CA THR GC 132 100.63 -22.79 13.91
C THR GC 132 100.67 -21.66 12.89
N VAL GC 133 100.92 -20.45 13.38
CA VAL GC 133 101.08 -19.21 12.61
C VAL GC 133 102.37 -18.47 12.99
N THR GC 134 102.90 -17.68 12.06
CA THR GC 134 104.00 -16.74 12.32
C THR GC 134 103.58 -15.28 12.34
N GLU GC 135 103.67 -14.66 13.50
CA GLU GC 135 103.19 -13.31 13.80
C GLU GC 135 104.36 -12.33 13.92
N VAL GC 136 104.05 -11.04 14.05
CA VAL GC 136 104.98 -9.90 13.95
C VAL GC 136 104.86 -8.99 15.18
N PHE GC 137 105.70 -9.23 16.19
CA PHE GC 137 105.66 -8.49 17.47
C PHE GC 137 106.86 -7.54 17.62
N SER GC 138 106.68 -6.42 18.35
CA SER GC 138 107.80 -5.52 18.69
C SER GC 138 108.46 -5.92 20.01
N GLY GC 139 109.38 -6.89 19.94
CA GLY GC 139 110.14 -7.37 21.08
C GLY GC 139 111.16 -6.33 21.54
N ASN GC 140 110.85 -5.60 22.62
CA ASN GC 140 111.69 -4.56 23.22
C ASN GC 140 112.13 -3.42 22.26
N GLY GC 141 111.43 -3.28 21.12
CA GLY GC 141 111.74 -2.31 20.06
C GLY GC 141 112.14 -2.93 18.71
N GLU GC 142 112.59 -4.19 18.69
CA GLU GC 142 112.80 -4.93 17.44
C GLU GC 142 111.52 -5.61 16.92
N ILE GC 143 111.25 -5.51 15.62
CA ILE GC 143 110.24 -6.33 14.97
C ILE GC 143 110.76 -7.77 14.81
N ILE GC 144 110.16 -8.72 15.53
CA ILE GC 144 110.55 -10.13 15.56
C ILE GC 144 109.37 -11.05 15.23
N LYS GC 145 109.70 -12.29 14.84
CA LYS GC 145 108.72 -13.36 14.61
C LYS GC 145 108.22 -13.92 15.95
N ASN GC 146 106.91 -14.14 16.04
CA ASN GC 146 106.29 -14.86 17.15
C ASN GC 146 105.54 -16.13 16.65
N PRO GC 147 106.05 -17.36 16.90
CA PRO GC 147 105.50 -18.61 16.37
C PRO GC 147 104.34 -19.16 17.22
N VAL GC 148 103.21 -18.45 17.25
CA VAL GC 148 102.00 -18.84 18.00
C VAL GC 148 101.29 -20.06 17.42
N THR GC 149 100.64 -20.86 18.26
CA THR GC 149 99.79 -22.00 17.83
C THR GC 149 98.41 -21.85 18.46
N LEU GC 150 97.42 -21.49 17.64
CA LEU GC 150 96.02 -21.32 18.04
C LEU GC 150 95.37 -22.70 18.21
N GLN GC 151 95.07 -23.13 19.43
CA GLN GC 151 94.28 -24.35 19.68
C GLN GC 151 92.80 -24.15 19.33
N LEU GC 152 92.09 -25.26 19.11
CA LEU GC 152 90.63 -25.33 19.02
C LEU GC 152 89.97 -24.70 20.27
N LYS GC 153 88.67 -24.35 20.20
CA LYS GC 153 87.91 -23.77 21.33
C LYS GC 153 87.23 -24.83 22.25
N PRO GC 154 87.76 -25.10 23.46
CA PRO GC 154 87.03 -25.74 24.57
C PRO GC 154 86.50 -24.68 25.57
N ASP GC 155 86.17 -25.10 26.78
CA ASP GC 155 86.13 -24.21 27.96
C ASP GC 155 87.55 -23.74 28.34
N ALA GC 156 87.70 -22.45 28.62
CA ALA GC 156 88.93 -21.80 29.07
C ALA GC 156 88.64 -20.39 29.62
N LYS GC 157 89.49 -19.90 30.53
CA LYS GC 157 89.44 -18.53 31.04
C LYS GC 157 90.83 -17.99 31.37
N GLN GC 158 91.06 -16.72 31.01
CA GLN GC 158 92.22 -15.91 31.41
C GLN GC 158 91.77 -14.44 31.57
N ASP GC 159 92.64 -13.60 32.11
CA ASP GC 159 92.39 -12.16 32.28
C ASP GC 159 92.64 -11.33 31.00
N ASN HC 33 168.23 2.39 -106.14
CA ASN HC 33 167.14 2.54 -105.15
C ASN HC 33 167.70 2.27 -103.77
N THR HC 34 166.98 2.71 -102.75
CA THR HC 34 167.27 2.34 -101.38
C THR HC 34 166.40 1.13 -100.99
N LEU HC 35 165.08 1.33 -100.93
CA LEU HC 35 164.19 0.25 -100.67
C LEU HC 35 163.96 -0.55 -101.94
N ARG HC 36 164.26 -1.85 -101.92
CA ARG HC 36 164.09 -2.71 -103.09
C ARG HC 36 162.91 -3.66 -103.12
N GLY HC 37 162.38 -4.04 -101.95
CA GLY HC 37 161.21 -4.92 -101.84
C GLY HC 37 160.52 -4.64 -100.51
N LEU HC 38 159.24 -4.94 -100.49
CA LEU HC 38 158.35 -4.73 -99.35
C LEU HC 38 157.36 -5.91 -99.23
N ASP HC 39 157.39 -6.61 -98.11
CA ASP HC 39 156.53 -7.79 -97.98
C ASP HC 39 155.70 -7.74 -96.69
N VAL HC 40 154.43 -8.15 -96.80
CA VAL HC 40 153.61 -8.28 -95.59
C VAL HC 40 153.20 -9.74 -95.37
N SER HC 41 153.53 -10.29 -94.21
CA SER HC 41 153.11 -11.65 -93.85
C SER HC 41 152.01 -11.62 -92.77
N ARG HC 42 150.74 -11.48 -93.19
CA ARG HC 42 149.63 -11.53 -92.19
C ARG HC 42 149.52 -12.90 -91.55
N THR HC 43 149.49 -12.95 -90.22
CA THR HC 43 149.18 -14.22 -89.57
C THR HC 43 148.52 -13.88 -88.25
N GLY HC 44 147.85 -14.84 -87.62
CA GLY HC 44 147.04 -14.58 -86.40
C GLY HC 44 147.84 -14.28 -85.17
N SER HC 45 149.00 -14.90 -85.01
CA SER HC 45 149.86 -14.60 -83.88
C SER HC 45 150.55 -13.24 -83.96
N GLY HC 46 150.94 -12.84 -85.16
CA GLY HC 46 151.57 -11.56 -85.43
C GLY HC 46 151.59 -11.39 -86.94
N ALA HC 47 151.36 -10.16 -87.41
CA ALA HC 47 151.65 -9.83 -88.77
C ALA HC 47 153.07 -9.25 -88.91
N GLN HC 48 153.84 -9.76 -89.86
CA GLN HC 48 155.18 -9.24 -90.09
C GLN HC 48 155.21 -8.32 -91.31
N VAL HC 49 155.82 -7.14 -91.14
CA VAL HC 49 156.15 -6.28 -92.25
C VAL HC 49 157.64 -6.26 -92.44
N VAL HC 50 158.05 -6.52 -93.67
CA VAL HC 50 159.45 -6.54 -94.03
C VAL HC 50 159.70 -5.50 -95.09
N VAL HC 51 160.76 -4.74 -94.88
CA VAL HC 51 161.19 -3.74 -95.83
C VAL HC 51 162.66 -4.05 -96.13
N THR HC 52 162.95 -4.29 -97.41
CA THR HC 52 164.29 -4.71 -97.79
C THR HC 52 164.93 -3.57 -98.54
N GLY HC 53 166.20 -3.31 -98.28
CA GLY HC 53 166.87 -2.13 -98.84
C GLY HC 53 168.36 -2.36 -99.05
N THR HC 54 168.98 -1.49 -99.83
CA THR HC 54 170.37 -1.63 -100.16
C THR HC 54 171.33 -1.16 -99.08
N ARG HC 55 170.86 -0.32 -98.17
CA ARG HC 55 171.68 0.16 -97.04
C ARG HC 55 170.81 0.03 -95.80
N PRO HC 56 171.46 -0.12 -94.63
CA PRO HC 56 170.77 -0.11 -93.37
C PRO HC 56 169.92 1.19 -93.18
N PRO HC 57 168.66 1.03 -92.82
CA PRO HC 57 167.74 2.13 -92.73
C PRO HC 57 167.71 2.73 -91.34
N THR HC 58 167.77 4.06 -91.23
CA THR HC 58 167.39 4.71 -89.97
C THR HC 58 165.86 4.82 -89.99
N PHE HC 59 165.22 4.53 -88.86
CA PHE HC 59 163.78 4.53 -88.84
C PHE HC 59 163.42 5.04 -87.47
N THR HC 60 162.15 5.40 -87.31
CA THR HC 60 161.52 5.66 -86.03
C THR HC 60 160.14 5.07 -86.18
N VAL HC 61 159.69 4.40 -85.14
CA VAL HC 61 158.33 3.87 -85.09
C VAL HC 61 157.56 4.50 -83.92
N PHE HC 62 156.31 4.89 -84.19
CA PHE HC 62 155.46 5.40 -83.14
C PHE HC 62 153.97 5.06 -83.35
N ARG HC 63 153.11 5.41 -82.39
CA ARG HC 63 151.68 5.04 -82.43
C ARG HC 63 150.82 6.29 -82.61
N LEU HC 64 149.60 6.12 -83.13
CA LEU HC 64 148.62 7.20 -83.08
C LEU HC 64 147.26 6.57 -82.78
N SER HC 65 146.29 7.41 -82.36
CA SER HC 65 144.98 6.92 -82.04
C SER HC 65 143.93 7.66 -82.86
N GLY HC 66 142.67 7.21 -82.78
CA GLY HC 66 141.52 7.82 -83.45
C GLY HC 66 141.70 8.12 -84.93
N PRO HC 67 141.96 7.08 -85.75
CA PRO HC 67 141.97 5.62 -85.46
C PRO HC 67 143.32 5.07 -84.94
N GLU HC 68 143.32 3.96 -84.21
CA GLU HC 68 144.59 3.27 -83.89
C GLU HC 68 145.50 3.06 -85.13
N ARG HC 69 146.76 3.45 -85.02
CA ARG HC 69 147.67 3.43 -86.17
C ARG HC 69 149.04 3.13 -85.70
N LEU HC 70 149.85 2.55 -86.54
CA LEU HC 70 151.28 2.45 -86.26
C LEU HC 70 151.93 3.20 -87.42
N VAL HC 71 152.98 3.95 -87.13
CA VAL HC 71 153.63 4.78 -88.13
C VAL HC 71 155.11 4.50 -88.15
N VAL HC 72 155.67 4.29 -89.33
CA VAL HC 72 157.13 4.13 -89.40
C VAL HC 72 157.69 5.17 -90.32
N ASP HC 73 158.68 5.91 -89.85
CA ASP HC 73 159.44 6.84 -90.68
C ASP HC 73 160.81 6.28 -91.09
N LEU HC 74 161.08 6.31 -92.39
CA LEU HC 74 162.33 5.76 -92.90
C LEU HC 74 163.19 6.85 -93.54
N SER HC 75 164.45 6.94 -93.14
CA SER HC 75 165.41 7.95 -93.64
C SER HC 75 166.38 7.36 -94.65
N SER HC 76 166.89 8.28 -95.49
CA SER HC 76 167.66 7.97 -96.70
C SER HC 76 166.83 7.28 -97.79
N ALA HC 77 165.97 6.42 -97.29
CA ALA HC 77 165.07 5.69 -98.17
C ALA HC 77 163.62 5.90 -97.71
N ASP HC 78 162.73 5.99 -98.69
CA ASP HC 78 161.30 6.11 -98.41
C ASP HC 78 160.69 4.83 -98.99
N ALA HC 79 160.31 3.91 -98.11
CA ALA HC 79 159.72 2.65 -98.53
C ALA HC 79 158.20 2.72 -98.46
N THR HC 80 157.53 2.51 -99.60
CA THR HC 80 156.08 2.54 -99.64
C THR HC 80 155.53 1.17 -99.99
N GLY HC 81 154.64 0.66 -99.15
CA GLY HC 81 154.02 -0.64 -99.39
C GLY HC 81 152.53 -0.39 -99.65
N ILE HC 82 152.00 -1.06 -100.68
CA ILE HC 82 150.61 -0.89 -101.05
C ILE HC 82 150.11 -2.09 -101.81
N LYS HC 83 148.88 -2.30 -101.72
CA LYS HC 83 148.14 -3.35 -102.44
C LYS HC 83 148.57 -4.72 -101.97
N GLY HC 84 149.55 -4.75 -101.07
CA GLY HC 84 149.99 -5.97 -100.39
C GLY HC 84 149.13 -6.26 -99.17
N HIS HC 85 148.32 -5.31 -98.74
CA HIS HC 85 147.51 -5.53 -97.57
C HIS HC 85 146.25 -6.32 -97.90
N HIS HC 86 146.17 -7.52 -97.34
CA HIS HC 86 145.10 -8.41 -97.67
C HIS HC 86 143.87 -8.05 -96.87
N GLU HC 87 142.70 -8.30 -97.48
CA GLU HC 87 141.46 -8.06 -96.77
C GLU HC 87 141.26 -8.90 -95.52
N GLY HC 88 142.21 -9.77 -95.19
CA GLY HC 88 142.08 -10.67 -94.05
C GLY HC 88 143.31 -10.64 -93.13
N SER HC 89 144.12 -9.59 -93.24
CA SER HC 89 145.19 -9.34 -92.27
C SER HC 89 144.53 -9.15 -90.87
N GLY HC 90 144.87 -9.99 -89.87
CA GLY HC 90 144.24 -9.80 -88.57
C GLY HC 90 144.66 -8.50 -87.87
N PRO HC 91 145.79 -7.92 -88.32
CA PRO HC 91 146.32 -6.69 -87.70
C PRO HC 91 146.13 -5.43 -88.52
N VAL HC 92 146.39 -5.49 -89.82
CA VAL HC 92 146.45 -4.28 -90.65
C VAL HC 92 145.18 -4.11 -91.45
N SER HC 93 144.45 -3.03 -91.14
CA SER HC 93 143.25 -2.63 -91.88
C SER HC 93 143.67 -2.01 -93.21
N GLY HC 94 144.74 -1.20 -93.21
CA GLY HC 94 145.30 -0.62 -94.45
C GLY HC 94 146.66 0.04 -94.25
N VAL HC 95 147.38 0.29 -95.35
CA VAL HC 95 148.70 0.91 -95.29
C VAL HC 95 148.87 2.03 -96.31
N VAL HC 96 149.20 3.24 -95.85
CA VAL HC 96 149.42 4.38 -96.74
C VAL HC 96 150.87 4.79 -96.61
N ALA HC 97 151.45 5.27 -97.71
CA ALA HC 97 152.86 5.65 -97.74
C ALA HC 97 153.01 7.01 -98.43
N SER HC 98 153.84 7.91 -97.88
CA SER HC 98 154.22 9.15 -98.58
C SER HC 98 155.64 9.63 -98.30
N GLN HC 99 156.40 10.10 -99.27
CA GLN HC 99 157.76 10.62 -99.12
C GLN HC 99 157.80 12.14 -99.16
N PHE HC 100 158.53 12.78 -98.25
CA PHE HC 100 158.75 14.23 -98.33
C PHE HC 100 160.25 14.52 -98.42
N SER HC 101 160.58 15.63 -99.12
CA SER HC 101 161.98 16.03 -99.32
C SER HC 101 162.53 16.96 -98.29
N ASP HC 102 163.80 16.73 -97.93
CA ASP HC 102 164.56 17.59 -97.04
C ASP HC 102 165.88 17.84 -97.80
N GLN HC 103 166.01 19.01 -98.43
CA GLN HC 103 167.13 19.22 -99.35
C GLN HC 103 167.07 18.11 -100.39
N ARG HC 104 168.23 17.51 -100.61
CA ARG HC 104 168.31 16.41 -101.57
C ARG HC 104 167.93 15.07 -100.93
N ALA HC 105 167.65 15.04 -99.63
CA ALA HC 105 167.30 13.81 -98.93
C ALA HC 105 165.79 13.56 -98.94
N SER HC 106 165.42 12.34 -98.56
CA SER HC 106 164.00 11.94 -98.58
C SER HC 106 163.65 11.17 -97.31
N VAL HC 107 162.55 11.52 -96.67
CA VAL HC 107 161.96 10.81 -95.53
C VAL HC 107 160.63 10.20 -95.95
N GLY HC 108 160.46 8.79 -95.79
CA GLY HC 108 159.20 8.18 -96.17
C GLY HC 108 158.43 7.84 -94.91
N ARG HC 109 157.14 8.09 -94.94
CA ARG HC 109 156.32 7.73 -93.80
C ARG HC 109 155.38 6.62 -94.19
N VAL HC 110 155.40 5.54 -93.41
CA VAL HC 110 154.47 4.42 -93.57
C VAL HC 110 153.51 4.44 -92.44
N LEU HC 111 152.23 4.33 -92.82
CA LEU HC 111 151.12 4.42 -91.87
C LEU HC 111 150.23 3.19 -91.95
N LEU HC 112 150.15 2.44 -90.85
CA LEU HC 112 149.34 1.23 -90.79
C LEU HC 112 148.15 1.42 -89.90
N ALA HC 113 146.98 1.56 -90.51
CA ALA HC 113 145.73 1.56 -89.71
C ALA HC 113 145.46 0.13 -89.19
N LEU HC 114 145.13 0.00 -87.90
CA LEU HC 114 145.02 -1.27 -87.20
C LEU HC 114 143.62 -1.77 -86.91
N ASP HC 115 143.48 -3.10 -86.79
CA ASP HC 115 142.22 -3.81 -86.47
C ASP HC 115 142.18 -4.17 -84.99
N LYS HC 116 143.30 -4.01 -84.30
CA LYS HC 116 143.40 -4.38 -82.90
C LYS HC 116 144.66 -3.76 -82.30
N ALA HC 117 144.71 -3.65 -80.99
CA ALA HC 117 145.86 -3.03 -80.33
C ALA HC 117 147.11 -3.90 -80.48
N SER HC 118 148.21 -3.26 -80.82
CA SER HC 118 149.44 -3.97 -81.03
C SER HC 118 150.58 -3.49 -80.13
N GLN HC 119 151.51 -4.40 -79.90
CA GLN HC 119 152.76 -4.07 -79.33
C GLN HC 119 153.81 -4.33 -80.43
N TYR HC 120 154.24 -3.28 -81.14
CA TYR HC 120 155.17 -3.56 -82.24
C TYR HC 120 156.54 -3.89 -81.74
N ASP HC 121 157.26 -4.73 -82.48
CA ASP HC 121 158.66 -5.00 -82.21
C ASP HC 121 159.42 -4.88 -83.54
N VAL HC 122 160.42 -4.00 -83.56
CA VAL HC 122 161.21 -3.71 -84.73
C VAL HC 122 162.66 -4.16 -84.56
N ARG HC 123 163.23 -4.77 -85.59
CA ARG HC 123 164.66 -5.11 -85.55
C ARG HC 123 165.18 -5.08 -86.94
N ALA HC 124 166.48 -4.88 -87.06
CA ALA HC 124 167.12 -4.80 -88.37
C ALA HC 124 167.94 -6.05 -88.54
N ASP HC 125 168.15 -6.47 -89.77
CA ASP HC 125 169.05 -7.57 -90.11
C ASP HC 125 169.55 -7.30 -91.52
N GLY HC 126 170.81 -6.87 -91.64
CA GLY HC 126 171.38 -6.57 -92.94
C GLY HC 126 170.65 -5.41 -93.59
N ASN HC 127 170.05 -5.67 -94.74
CA ASN HC 127 169.31 -4.64 -95.47
C ASN HC 127 167.82 -4.78 -95.25
N ARG HC 128 167.43 -5.62 -94.30
CA ARG HC 128 166.02 -5.83 -94.03
C ARG HC 128 165.64 -5.23 -92.70
N VAL HC 129 164.54 -4.48 -92.68
CA VAL HC 129 163.98 -3.96 -91.48
C VAL HC 129 162.70 -4.73 -91.27
N VAL HC 130 162.58 -5.34 -90.11
CA VAL HC 130 161.41 -6.13 -89.78
C VAL HC 130 160.54 -5.50 -88.69
N ILE HC 131 159.26 -5.35 -88.94
CA ILE HC 131 158.34 -4.95 -87.88
C ILE HC 131 157.32 -6.02 -87.61
N SER HC 132 157.29 -6.57 -86.42
CA SER HC 132 156.26 -7.56 -86.10
C SER HC 132 155.21 -6.96 -85.18
N VAL HC 133 153.95 -7.09 -85.57
CA VAL HC 133 152.87 -6.50 -84.82
C VAL HC 133 152.27 -7.61 -84.02
N ASP HC 134 152.54 -7.62 -82.71
CA ASP HC 134 151.91 -8.60 -81.81
C ASP HC 134 150.64 -8.04 -81.14
N GLY HC 135 149.68 -8.89 -80.74
CA GLY HC 135 148.59 -8.30 -79.94
C GLY HC 135 149.02 -7.78 -78.56
N THR HC 136 148.55 -8.43 -77.50
CA THR HC 136 148.90 -8.04 -76.14
C THR HC 136 149.77 -9.10 -75.45
N SER HC 137 150.03 -10.21 -76.14
CA SER HC 137 150.87 -11.28 -75.61
C SER HC 137 152.28 -11.08 -76.14
N GLN HC 138 153.19 -10.71 -75.25
CA GLN HC 138 154.57 -10.42 -75.63
C GLN HC 138 155.62 -11.52 -75.49
N SER HC 139 155.33 -12.57 -74.71
CA SER HC 139 156.33 -13.61 -74.54
C SER HC 139 155.72 -14.94 -74.11
N VAL HC 140 156.18 -16.01 -74.74
CA VAL HC 140 155.72 -17.35 -74.40
C VAL HC 140 156.90 -18.02 -73.71
N ASP HC 214 126.94 1.75 -48.03
CA ASP HC 214 126.17 0.51 -47.77
C ASP HC 214 125.74 -0.22 -49.05
N ASP HC 215 125.47 0.56 -50.10
CA ASP HC 215 124.95 0.04 -51.36
C ASP HC 215 126.09 -0.65 -52.09
N THR HC 216 127.30 -0.13 -51.90
CA THR HC 216 128.53 -0.53 -52.60
C THR HC 216 129.66 0.38 -52.10
N LEU HC 217 130.80 -0.27 -51.90
CA LEU HC 217 132.04 0.44 -51.61
C LEU HC 217 132.82 0.56 -52.93
N SER HC 218 133.24 1.79 -53.21
CA SER HC 218 134.01 2.07 -54.43
C SER HC 218 135.49 2.26 -54.09
N ILE HC 219 136.31 1.60 -54.88
CA ILE HC 219 137.77 1.75 -54.82
C ILE HC 219 138.22 2.43 -56.11
N ARG HC 220 138.93 3.55 -55.94
CA ARG HC 220 139.42 4.31 -57.09
C ARG HC 220 140.95 4.34 -57.05
N ALA HC 221 141.52 4.02 -58.20
CA ALA HC 221 142.98 4.07 -58.40
C ALA HC 221 143.26 5.01 -59.56
N ASP HC 222 143.90 6.13 -59.24
CA ASP HC 222 144.22 7.14 -60.25
C ASP HC 222 145.69 7.00 -60.65
N GLY HC 223 145.91 7.03 -61.97
CA GLY HC 223 147.26 6.88 -62.54
C GLY HC 223 147.16 6.88 -64.07
N ASP HC 224 148.34 6.87 -64.67
CA ASP HC 224 148.48 6.88 -66.15
C ASP HC 224 147.94 5.62 -66.84
N ILE HC 225 148.15 4.48 -66.22
CA ILE HC 225 147.79 3.18 -66.79
C ILE HC 225 146.25 3.01 -66.95
N ALA HC 226 145.67 1.81 -66.90
CA ALA HC 226 146.28 0.56 -66.44
C ALA HC 226 145.71 -0.68 -67.02
N ARG HC 227 146.59 -1.64 -67.27
CA ARG HC 227 146.09 -2.99 -67.48
C ARG HC 227 145.96 -3.68 -66.13
N TYR HC 228 144.82 -4.32 -65.94
CA TYR HC 228 144.50 -4.98 -64.68
C TYR HC 228 143.81 -6.31 -64.92
N GLU HC 229 143.81 -7.13 -63.87
CA GLU HC 229 142.97 -8.34 -63.81
C GLU HC 229 142.40 -8.43 -62.39
N VAL HC 230 141.13 -8.76 -62.32
CA VAL HC 230 140.43 -8.94 -61.03
C VAL HC 230 139.94 -10.38 -60.91
N LEU HC 231 140.06 -10.92 -59.71
CA LEU HC 231 139.60 -12.27 -59.42
C LEU HC 231 139.30 -12.40 -57.92
N GLU HC 232 138.63 -13.50 -57.58
CA GLU HC 232 138.21 -13.83 -56.21
C GLU HC 232 139.03 -14.97 -55.56
N LEU HC 233 139.08 -14.94 -54.24
CA LEU HC 233 139.64 -16.03 -53.43
C LEU HC 233 138.70 -16.31 -52.27
N ALA HC 234 138.78 -17.53 -51.75
CA ALA HC 234 137.96 -17.93 -50.58
C ALA HC 234 138.85 -18.34 -49.41
N ASP HC 235 138.23 -18.45 -48.24
CA ASP HC 235 138.91 -18.89 -47.01
C ASP HC 235 140.21 -18.10 -46.74
N PRO HC 236 140.09 -16.82 -46.41
CA PRO HC 236 138.82 -16.08 -46.30
C PRO HC 236 138.43 -15.47 -47.66
N PRO HC 237 137.17 -15.06 -47.78
CA PRO HC 237 136.67 -14.40 -48.99
C PRO HC 237 137.47 -13.12 -49.25
N ARG HC 238 137.92 -12.98 -50.48
CA ARG HC 238 138.83 -11.90 -50.89
C ARG HC 238 138.58 -11.51 -52.34
N LEU HC 239 138.83 -10.26 -52.65
CA LEU HC 239 138.88 -9.80 -54.04
C LEU HC 239 140.31 -9.28 -54.27
N ALA HC 240 140.88 -9.70 -55.40
CA ALA HC 240 142.27 -9.35 -55.73
C ALA HC 240 142.35 -8.66 -57.09
N VAL HC 241 143.09 -7.57 -57.13
CA VAL HC 241 143.35 -6.84 -58.37
C VAL HC 241 144.86 -6.81 -58.60
N ASP HC 242 145.26 -7.19 -59.81
CA ASP HC 242 146.65 -7.04 -60.26
C ASP HC 242 146.74 -5.93 -61.28
N LEU HC 243 147.66 -5.02 -61.02
CA LEU HC 243 147.88 -3.85 -61.86
C LEU HC 243 149.25 -3.95 -62.52
N PHE HC 244 149.28 -3.72 -63.83
CA PHE HC 244 150.55 -3.78 -64.54
C PHE HC 244 151.02 -2.40 -65.00
N GLY HC 245 152.34 -2.37 -65.22
CA GLY HC 245 153.06 -1.12 -65.52
C GLY HC 245 153.13 -0.22 -64.28
N VAL HC 246 153.04 -0.84 -63.11
CA VAL HC 246 153.16 -0.10 -61.83
C VAL HC 246 154.30 -0.65 -61.00
N GLY HC 247 155.00 0.31 -60.41
CA GLY HC 247 155.95 0.02 -59.32
C GLY HC 247 155.30 0.50 -58.02
N LEU HC 248 155.41 -0.34 -57.00
CA LEU HC 248 154.87 -0.02 -55.66
C LEU HC 248 155.49 1.28 -55.16
N ALA HC 249 154.69 2.09 -54.49
CA ALA HC 249 155.15 3.41 -54.01
C ALA HC 249 154.35 3.82 -52.79
N THR HC 250 154.90 4.81 -52.09
CA THR HC 250 154.34 5.32 -50.84
C THR HC 250 152.88 5.74 -51.04
N ARG HC 251 152.47 6.16 -52.24
CA ARG HC 251 151.05 6.52 -52.49
C ARG HC 251 150.10 5.33 -52.38
N ALA HC 252 150.67 4.12 -52.38
CA ALA HC 252 149.90 2.88 -52.11
C ALA HC 252 149.04 3.04 -50.82
N PRO HC 253 149.48 3.72 -49.77
CA PRO HC 253 148.76 3.96 -48.50
C PRO HC 253 147.41 4.61 -48.67
N ARG HC 254 147.26 5.46 -49.69
CA ARG HC 254 145.92 6.03 -49.98
C ARG HC 254 144.90 4.90 -50.23
N VAL HC 255 145.43 3.70 -50.43
CA VAL HC 255 144.67 2.46 -50.59
C VAL HC 255 143.88 2.08 -49.33
N LYS HC 256 144.32 2.57 -48.17
CA LYS HC 256 143.65 2.26 -46.88
C LYS HC 256 142.17 2.62 -46.92
N SER HC 257 141.85 3.59 -47.79
CA SER HC 257 140.47 4.09 -47.98
C SER HC 257 139.49 3.04 -48.49
N GLY HC 258 140.05 1.96 -49.04
CA GLY HC 258 139.18 1.06 -49.75
C GLY HC 258 139.04 -0.29 -49.15
N ALA HC 259 139.61 -0.64 -47.96
CA ALA HC 259 139.40 -1.88 -47.21
C ALA HC 259 137.96 -2.06 -46.69
N LEU HC 260 137.32 -3.25 -46.64
CA LEU HC 260 137.63 -4.58 -47.19
C LEU HC 260 137.88 -5.55 -46.07
N ARG HC 261 137.21 -5.35 -44.96
CA ARG HC 261 137.75 -5.78 -43.65
C ARG HC 261 139.21 -5.26 -43.47
N ASP HC 262 140.01 -5.26 -44.52
CA ASP HC 262 141.37 -4.82 -44.79
C ASP HC 262 141.77 -4.98 -46.28
N VAL HC 263 142.80 -4.21 -46.57
CA VAL HC 263 143.46 -4.20 -47.88
C VAL HC 263 144.99 -4.28 -47.71
N ARG HC 264 145.58 -5.25 -48.37
CA ARG HC 264 147.04 -5.37 -48.42
C ARG HC 264 147.54 -5.30 -49.85
N VAL HC 265 148.70 -4.68 -50.01
CA VAL HC 265 149.28 -4.43 -51.34
C VAL HC 265 150.74 -4.86 -51.35
N GLY HC 266 151.18 -5.40 -52.48
CA GLY HC 266 152.58 -5.83 -52.67
C GLY HC 266 152.94 -5.85 -54.15
N ALA HC 267 154.13 -6.35 -54.42
CA ALA HC 267 154.68 -6.44 -55.78
C ALA HC 267 155.80 -7.46 -55.82
N HIS HC 268 155.95 -8.08 -56.99
CA HIS HC 268 156.97 -9.11 -57.18
C HIS HC 268 157.65 -8.96 -58.54
N ALA HC 269 158.42 -7.89 -58.66
CA ALA HC 269 159.14 -7.58 -59.92
C ALA HC 269 158.20 -7.66 -61.12
N ASP HC 270 156.95 -7.28 -60.88
CA ASP HC 270 156.07 -7.14 -62.03
C ASP HC 270 155.43 -5.75 -62.07
N LYS HC 271 154.24 -5.37 -61.63
CA LYS HC 271 152.95 -6.02 -61.19
C LYS HC 271 152.74 -5.82 -59.69
N VAL HC 272 151.73 -5.03 -59.42
CA VAL HC 272 151.28 -4.80 -58.05
C VAL HC 272 149.99 -5.60 -57.85
N ARG HC 273 149.88 -6.19 -56.67
CA ARG HC 273 148.68 -6.95 -56.29
C ARG HC 273 148.01 -6.29 -55.09
N LEU HC 274 146.74 -6.02 -55.28
CA LEU HC 274 145.89 -5.44 -54.21
C LEU HC 274 144.90 -6.53 -53.80
N VAL HC 275 144.86 -6.75 -52.49
CA VAL HC 275 144.04 -7.82 -51.90
C VAL HC 275 143.10 -7.19 -50.87
N LEU HC 276 141.84 -7.48 -51.05
CA LEU HC 276 140.69 -6.98 -50.25
C LEU HC 276 140.03 -8.14 -49.54
N ASP HC 277 140.26 -8.24 -48.28
CA ASP HC 277 139.49 -9.19 -47.47
C ASP HC 277 138.01 -8.70 -47.36
N VAL HC 278 137.03 -9.55 -47.42
CA VAL HC 278 135.66 -9.02 -47.42
C VAL HC 278 134.90 -9.30 -46.14
N ARG HC 279 133.86 -8.52 -45.91
CA ARG HC 279 132.91 -8.77 -44.81
C ARG HC 279 131.62 -9.44 -45.31
N GLY HC 280 131.48 -9.54 -46.64
CA GLY HC 280 130.27 -10.10 -47.27
C GLY HC 280 130.52 -10.42 -48.75
N THR HC 281 129.78 -11.33 -49.32
CA THR HC 281 129.97 -11.70 -50.74
C THR HC 281 129.71 -10.48 -51.64
N MET HC 282 130.57 -10.30 -52.63
CA MET HC 282 130.45 -9.19 -53.59
C MET HC 282 130.37 -9.68 -55.03
N LYS HC 341 114.76 -22.31 -65.29
CA LYS HC 341 113.83 -22.20 -64.18
C LYS HC 341 112.61 -23.09 -64.38
N ASP HC 342 112.01 -23.51 -63.27
CA ASP HC 342 110.84 -24.38 -63.32
C ASP HC 342 110.26 -24.61 -61.93
N VAL HC 343 109.00 -25.01 -61.88
CA VAL HC 343 108.33 -25.26 -60.59
C VAL HC 343 107.91 -26.72 -60.49
N ARG HC 344 107.76 -27.19 -59.25
CA ARG HC 344 107.36 -28.57 -58.99
C ARG HC 344 106.60 -28.68 -57.68
N PHE HC 345 105.77 -29.72 -57.57
CA PHE HC 345 104.98 -29.94 -56.37
C PHE HC 345 105.07 -31.39 -55.92
N GLU HC 346 105.01 -31.60 -54.60
CA GLU HC 346 105.09 -32.95 -54.04
C GLU HC 346 104.59 -32.96 -52.60
N GLU HC 347 104.66 -33.97 -51.87
CA GLU HC 347 104.26 -33.95 -50.48
C GLU HC 347 105.20 -34.78 -49.61
N SER HC 348 105.26 -34.40 -48.35
CA SER HC 348 105.99 -35.20 -47.39
C SER HC 348 105.20 -35.11 -46.09
N SER HC 349 105.76 -35.64 -45.02
CA SER HC 349 104.92 -35.76 -43.78
C SER HC 349 104.56 -34.34 -43.29
N SER HC 350 105.45 -33.37 -43.50
CA SER HC 350 105.13 -31.97 -43.19
C SER HC 350 103.95 -31.46 -44.07
N GLY HC 351 103.51 -32.24 -45.07
CA GLY HC 351 102.41 -31.79 -45.93
C GLY HC 351 102.81 -31.56 -47.39
N GLY HC 352 102.29 -30.47 -47.95
CA GLY HC 352 102.56 -30.11 -49.36
C GLY HC 352 103.85 -29.31 -49.51
N ARG HC 353 104.57 -29.61 -50.51
CA ARG HC 353 105.90 -29.10 -50.82
C ARG HC 353 105.96 -28.56 -52.24
N ILE HC 354 106.63 -27.42 -52.39
CA ILE HC 354 106.76 -26.80 -53.71
C ILE HC 354 108.24 -26.61 -54.07
N VAL HC 355 108.80 -27.60 -54.75
CA VAL HC 355 110.20 -27.54 -55.16
C VAL HC 355 110.37 -26.67 -56.41
N MET HC 356 111.08 -25.57 -56.25
CA MET HC 356 111.32 -24.65 -57.36
C MET HC 356 112.77 -24.72 -57.82
N LYS HC 357 112.97 -24.73 -59.13
CA LYS HC 357 114.30 -24.79 -59.70
C LYS HC 357 114.80 -23.39 -60.07
N LEU HC 358 115.80 -22.90 -59.33
CA LEU HC 358 116.36 -21.59 -59.59
C LEU HC 358 117.78 -21.70 -60.11
N SER HC 359 117.93 -21.60 -61.43
CA SER HC 359 119.24 -21.69 -62.07
C SER HC 359 119.77 -20.30 -62.41
N GLY HC 360 120.81 -19.88 -61.69
CA GLY HC 360 121.40 -18.58 -61.92
C GLY HC 360 121.13 -17.61 -60.78
N THR HC 361 120.83 -18.14 -59.61
CA THR HC 361 120.55 -17.32 -58.44
C THR HC 361 121.60 -17.52 -57.36
N SER HC 362 121.86 -16.48 -56.58
CA SER HC 362 122.84 -16.55 -55.51
C SER HC 362 122.18 -16.39 -54.14
N GLY HC 363 121.73 -15.18 -53.86
CA GLY HC 363 121.08 -14.92 -52.59
C GLY HC 363 119.75 -15.64 -52.45
N TRP HC 364 118.82 -15.02 -51.74
CA TRP HC 364 117.50 -15.62 -51.53
C TRP HC 364 116.39 -14.66 -51.95
N LYS HC 365 115.31 -15.22 -52.51
CA LYS HC 365 114.15 -14.44 -52.96
C LYS HC 365 113.37 -13.82 -51.80
N VAL HC 366 112.32 -13.09 -52.13
CA VAL HC 366 111.49 -12.45 -51.11
C VAL HC 366 110.24 -13.29 -50.84
N ASP HC 367 110.23 -13.96 -49.70
CA ASP HC 367 109.10 -14.80 -49.30
C ASP HC 367 108.03 -13.97 -48.60
N ARG HC 368 106.84 -13.93 -49.20
CA ARG HC 368 105.73 -13.17 -48.62
C ARG HC 368 104.54 -14.10 -48.32
N PRO HC 369 104.46 -14.55 -47.07
CA PRO HC 369 103.37 -15.43 -46.65
C PRO HC 369 102.10 -14.64 -46.40
N ASP HC 370 101.13 -14.82 -47.29
CA ASP HC 370 99.85 -14.12 -47.17
C ASP HC 370 98.75 -15.08 -46.70
N PRO HC 371 97.61 -14.52 -46.31
CA PRO HC 371 96.49 -15.32 -45.84
C PRO HC 371 95.76 -15.98 -47.00
N ARG HC 372 96.05 -15.51 -48.22
CA ARG HC 372 95.42 -16.06 -49.41
C ARG HC 372 96.38 -16.98 -50.15
N SER HC 373 97.50 -16.43 -50.61
CA SER HC 373 98.50 -17.21 -51.33
C SER HC 373 99.91 -16.82 -50.91
N ALA HC 374 100.90 -17.27 -51.67
CA ALA HC 374 102.29 -16.96 -51.37
C ALA HC 374 102.93 -16.16 -52.49
N VAL HC 375 104.00 -15.45 -52.17
CA VAL HC 375 104.70 -14.63 -53.15
C VAL HC 375 106.22 -14.83 -53.06
N LEU HC 376 106.84 -15.09 -54.20
CA LEU HC 376 108.28 -15.30 -54.24
C LEU HC 376 108.90 -14.58 -55.44
N THR HC 377 109.65 -13.53 -55.16
CA THR HC 377 110.30 -12.74 -56.21
C THR HC 377 111.79 -13.06 -56.28
N LEU HC 378 112.31 -13.21 -57.50
CA LEU HC 378 113.72 -13.50 -57.70
C LEU HC 378 114.36 -12.49 -58.64
N ASP HC 379 115.05 -11.50 -58.06
CA ASP HC 379 115.71 -10.46 -58.84
C ASP HC 379 116.72 -11.08 -59.79
N ASN HC 380 116.71 -10.59 -61.03
CA ASN HC 380 117.64 -11.09 -62.05
C ASN HC 380 117.40 -12.57 -62.33
N ALA HC 381 116.16 -13.01 -62.12
CA ALA HC 381 115.79 -14.40 -62.35
C ALA HC 381 114.61 -14.51 -63.30
N ARG HC 382 114.41 -13.45 -64.09
CA ARG HC 382 113.31 -13.42 -65.05
C ARG HC 382 113.22 -14.72 -65.84
N LEU HC 383 112.13 -15.46 -65.64
CA LEU HC 383 111.92 -16.72 -66.33
C LEU HC 383 111.03 -16.54 -67.56
N PRO HC 384 111.26 -17.35 -68.59
CA PRO HC 384 110.48 -17.30 -69.84
C PRO HC 384 109.06 -17.80 -69.65
N LYS HC 385 108.15 -17.31 -70.49
CA LYS HC 385 106.74 -17.69 -70.41
C LYS HC 385 106.57 -19.18 -70.72
N LYS HC 386 107.63 -19.80 -71.25
CA LYS HC 386 107.59 -21.21 -71.60
C LYS HC 386 107.95 -22.08 -70.40
N PHE HC 387 108.08 -21.45 -69.24
CA PHE HC 387 108.42 -22.17 -68.02
C PHE HC 387 107.55 -21.71 -66.85
N GLU HC 388 106.55 -20.89 -67.16
CA GLU HC 388 105.65 -20.37 -66.13
C GLU HC 388 104.43 -21.29 -65.98
N ARG HC 389 104.60 -22.55 -66.35
CA ARG HC 389 103.51 -23.52 -66.26
C ARG HC 389 102.98 -23.61 -64.83
N SER HC 390 101.70 -23.92 -64.69
CA SER HC 390 101.07 -24.04 -63.38
C SER HC 390 100.81 -25.50 -63.03
N LEU HC 391 100.54 -25.75 -61.76
CA LEU HC 391 100.26 -27.11 -61.29
C LEU HC 391 98.76 -27.38 -61.23
N ASP HC 392 98.41 -28.64 -61.08
CA ASP HC 392 97.00 -29.04 -61.01
C ASP HC 392 96.76 -29.98 -59.83
N THR HC 393 97.42 -29.70 -58.71
CA THR HC 393 97.28 -30.52 -57.51
C THR HC 393 95.96 -30.22 -56.80
N SER HC 394 94.85 -30.49 -57.47
CA SER HC 394 93.54 -30.26 -56.90
C SER HC 394 93.01 -31.51 -56.19
N ALA HC 395 92.44 -31.32 -55.01
CA ALA HC 395 91.90 -32.43 -54.24
C ALA HC 395 93.01 -33.40 -53.82
N LEU HC 396 94.19 -32.85 -53.53
CA LEU HC 396 95.33 -33.66 -53.12
C LEU HC 396 95.39 -33.78 -51.60
N ASP HC 397 94.37 -33.27 -50.92
CA ASP HC 397 94.30 -33.31 -49.47
C ASP HC 397 95.49 -32.60 -48.85
N THR HC 398 95.79 -31.40 -49.35
CA THR HC 398 96.91 -30.61 -48.85
C THR HC 398 96.49 -29.15 -48.66
N PRO HC 399 97.29 -28.42 -47.86
CA PRO HC 399 97.03 -27.00 -47.58
C PRO HC 399 97.27 -26.12 -48.80
N VAL HC 400 97.94 -26.67 -49.80
CA VAL HC 400 98.23 -25.93 -51.03
C VAL HC 400 97.16 -26.17 -52.09
N LYS HC 401 96.35 -25.14 -52.33
CA LYS HC 401 95.28 -25.23 -53.32
C LYS HC 401 95.84 -25.62 -54.69
N MET HC 402 96.78 -24.81 -55.18
CA MET HC 402 97.40 -25.08 -56.48
C MET HC 402 98.55 -24.11 -56.73
N ILE HC 403 99.63 -24.62 -57.31
CA ILE HC 403 100.80 -23.80 -57.60
C ILE HC 403 100.66 -23.11 -58.96
N SER HC 404 101.06 -21.85 -59.02
CA SER HC 404 100.97 -21.07 -60.26
C SER HC 404 102.24 -20.26 -60.48
N ALA HC 405 102.86 -20.45 -61.65
CA ALA HC 405 104.09 -19.73 -61.98
C ALA HC 405 103.81 -18.64 -63.00
N PHE HC 406 104.38 -17.46 -62.78
CA PHE HC 406 104.19 -16.33 -63.67
C PHE HC 406 105.50 -15.55 -63.84
N SER HC 407 105.84 -15.24 -65.09
CA SER HC 407 107.07 -14.50 -65.38
C SER HC 407 106.88 -13.01 -65.08
N VAL HC 408 106.46 -12.23 -66.08
CA VAL HC 408 106.38 -10.79 -65.90
C VAL HC 408 105.42 -10.39 -64.79
N PRO HC 409 105.85 -9.40 -63.99
CA PRO HC 409 104.87 -8.86 -63.03
C PRO HC 409 105.14 -7.36 -62.81
N GLY HC 410 105.76 -6.70 -63.81
CA GLY HC 410 105.84 -5.26 -63.79
C GLY HC 410 107.16 -4.70 -63.28
N ALA HC 411 108.09 -5.57 -62.98
CA ALA HC 411 109.43 -5.15 -62.51
C ALA HC 411 110.46 -5.82 -63.41
N GLY HC 412 111.33 -5.02 -64.03
CA GLY HC 412 112.41 -5.62 -64.83
C GLY HC 412 113.16 -6.68 -64.05
N GLY HC 413 113.49 -7.77 -64.73
CA GLY HC 413 114.32 -8.87 -64.31
C GLY HC 413 113.74 -9.75 -63.21
N LYS HC 414 112.66 -9.36 -62.54
CA LYS HC 414 112.08 -10.08 -61.43
C LYS HC 414 111.19 -11.21 -61.89
N VAL HC 415 111.07 -12.26 -61.06
CA VAL HC 415 110.04 -13.30 -61.28
C VAL HC 415 109.16 -13.47 -60.05
N ARG HC 416 108.02 -14.13 -60.29
CA ARG HC 416 107.01 -14.18 -59.23
C ARG HC 416 106.36 -15.55 -59.15
N LEU HC 417 106.05 -16.00 -57.94
CA LEU HC 417 105.42 -17.29 -57.74
C LEU HC 417 104.14 -17.15 -56.91
N VAL HC 418 103.09 -17.83 -57.34
CA VAL HC 418 101.81 -17.78 -56.64
C VAL HC 418 101.38 -19.17 -56.18
N VAL HC 419 101.43 -19.39 -54.87
CA VAL HC 419 101.04 -20.68 -54.29
C VAL HC 419 99.78 -20.54 -53.45
N ALA HC 420 98.62 -20.66 -54.10
CA ALA HC 420 97.35 -20.56 -53.41
C ALA HC 420 97.26 -21.57 -52.28
N ALA HC 421 96.68 -21.15 -51.15
CA ALA HC 421 96.53 -22.02 -49.99
C ALA HC 421 95.12 -21.95 -49.43
N ASP HC 422 94.86 -22.68 -48.35
CA ASP HC 422 93.55 -22.71 -47.72
C ASP HC 422 93.67 -22.97 -46.23
N GLY HC 423 92.72 -22.45 -45.46
CA GLY HC 423 92.74 -22.64 -44.02
C GLY HC 423 94.07 -22.27 -43.40
N ALA HC 424 94.22 -22.55 -42.10
CA ALA HC 424 95.45 -22.24 -41.39
C ALA HC 424 96.60 -23.14 -41.86
N ILE HC 425 97.76 -22.53 -42.08
CA ILE HC 425 98.94 -23.27 -42.52
C ILE HC 425 100.21 -22.53 -42.18
N GLU HC 426 101.35 -23.17 -42.43
CA GLU HC 426 102.64 -22.56 -42.15
C GLU HC 426 103.61 -22.75 -43.31
N GLU HC 427 104.41 -21.73 -43.60
CA GLU HC 427 105.38 -21.79 -44.69
C GLU HC 427 106.77 -22.11 -44.16
N LYS HC 428 107.49 -22.96 -44.87
CA LYS HC 428 108.85 -23.34 -44.48
C LYS HC 428 109.76 -23.46 -45.70
N VAL HC 429 110.68 -22.52 -45.82
CA VAL HC 429 111.62 -22.52 -46.95
C VAL HC 429 112.86 -23.34 -46.61
N SER HC 430 113.36 -24.08 -47.60
CA SER HC 430 114.55 -24.91 -47.42
C SER HC 430 115.49 -24.76 -48.61
N GLN HC 431 116.76 -24.53 -48.31
CA GLN HC 431 117.77 -24.38 -49.35
C GLN HC 431 118.81 -25.49 -49.27
N SER HC 432 118.58 -26.56 -50.04
CA SER HC 432 119.49 -27.69 -50.06
C SER HC 432 120.74 -27.39 -50.88
N ALA HC 433 120.73 -26.24 -51.55
CA ALA HC 433 121.86 -25.82 -52.37
C ALA HC 433 121.62 -24.45 -52.99
N GLY HC 434 122.70 -23.79 -53.42
CA GLY HC 434 122.62 -22.46 -54.03
C GLY HC 434 121.99 -22.50 -55.41
N THR HC 435 120.66 -22.59 -55.44
CA THR HC 435 119.93 -22.63 -56.70
C THR HC 435 118.63 -23.38 -56.60
N LEU HC 436 118.56 -24.32 -55.67
CA LEU HC 436 117.35 -25.12 -55.47
C LEU HC 436 116.55 -24.60 -54.28
N SER HC 437 115.33 -24.13 -54.57
CA SER HC 437 114.46 -23.60 -53.53
C SER HC 437 113.29 -24.56 -53.27
N TRP HC 438 112.82 -24.57 -52.03
CA TRP HC 438 111.71 -25.44 -51.65
C TRP HC 438 110.78 -24.73 -50.66
N ARG HC 439 109.51 -25.12 -50.68
CA ARG HC 439 108.51 -24.52 -49.79
C ARG HC 439 107.61 -25.60 -49.19
N LEU HC 440 107.84 -25.91 -47.92
CA LEU HC 440 107.05 -26.93 -47.23
C LEU HC 440 105.80 -26.31 -46.61
N TYR HC 477 68.94 -47.23 -31.46
CA TYR HC 477 69.30 -47.69 -30.10
C TYR HC 477 70.39 -48.74 -30.22
N ARG HC 478 71.51 -48.29 -30.79
CA ARG HC 478 72.76 -49.04 -30.79
C ARG HC 478 73.88 -48.09 -31.19
N GLY HC 479 75.03 -48.22 -30.54
CA GLY HC 479 76.12 -47.28 -30.77
C GLY HC 479 77.50 -47.75 -30.33
N LYS HC 480 78.56 -47.00 -30.69
CA LYS HC 480 79.87 -47.17 -30.06
C LYS HC 480 79.78 -46.94 -28.55
N ARG HC 481 80.68 -47.60 -27.82
CA ARG HC 481 80.89 -47.42 -26.38
C ARG HC 481 81.71 -46.22 -26.06
N VAL HC 482 81.34 -45.62 -24.92
CA VAL HC 482 81.76 -44.29 -24.57
C VAL HC 482 81.87 -44.17 -23.05
N SER HC 483 82.45 -43.07 -22.60
CA SER HC 483 82.39 -42.67 -21.19
C SER HC 483 81.96 -41.22 -21.18
N PHE HC 484 80.81 -40.98 -20.58
CA PHE HC 484 80.24 -39.65 -20.39
C PHE HC 484 80.56 -38.99 -19.10
N GLU HC 485 81.37 -37.95 -19.15
CA GLU HC 485 81.66 -37.19 -17.97
C GLU HC 485 81.22 -35.76 -18.21
N PHE HC 486 80.18 -35.35 -17.47
CA PHE HC 486 79.58 -34.01 -17.51
C PHE HC 486 79.50 -33.36 -16.16
N LYS HC 487 80.37 -32.39 -15.92
CA LYS HC 487 80.41 -31.67 -14.66
C LYS HC 487 79.77 -30.31 -14.76
N ASP HC 488 78.48 -30.25 -14.48
CA ASP HC 488 77.71 -29.00 -14.40
C ASP HC 488 77.72 -28.36 -15.80
N ILE HC 489 76.97 -28.98 -16.71
CA ILE HC 489 76.85 -28.54 -18.11
C ILE HC 489 75.42 -28.55 -18.60
N ASP HC 490 75.12 -27.65 -19.53
CA ASP HC 490 73.80 -27.58 -20.11
C ASP HC 490 73.47 -28.87 -20.85
N ILE HC 491 72.28 -29.43 -20.63
CA ILE HC 491 71.87 -30.63 -21.34
C ILE HC 491 71.88 -30.39 -22.86
N GLN HC 492 71.64 -29.15 -23.30
CA GLN HC 492 71.79 -28.73 -24.68
C GLN HC 492 73.22 -28.89 -25.19
N ASN HC 493 74.21 -28.55 -24.36
CA ASN HC 493 75.58 -28.84 -24.70
C ASN HC 493 75.80 -30.34 -24.77
N LEU HC 494 75.39 -31.12 -23.75
CA LEU HC 494 75.59 -32.58 -23.84
C LEU HC 494 74.96 -33.16 -25.08
N LEU HC 495 73.79 -32.69 -25.41
CA LEU HC 495 73.14 -33.06 -26.62
C LEU HC 495 73.97 -32.80 -27.87
N ARG HC 496 74.45 -31.56 -28.08
CA ARG HC 496 75.25 -31.17 -29.26
C ARG HC 496 76.50 -31.96 -29.37
N VAL HC 497 77.16 -32.08 -28.23
CA VAL HC 497 78.33 -32.91 -28.10
C VAL HC 497 77.97 -34.32 -28.59
N ILE HC 498 76.85 -34.86 -28.10
CA ILE HC 498 76.37 -36.14 -28.54
C ILE HC 498 76.06 -36.09 -30.06
N ALA HC 499 75.52 -35.06 -30.68
CA ALA HC 499 75.46 -35.00 -32.15
C ALA HC 499 76.83 -34.89 -32.87
N GLU HC 500 77.83 -34.21 -32.30
CA GLU HC 500 79.18 -34.04 -32.85
C GLU HC 500 80.02 -35.33 -32.89
N ILE HC 501 79.58 -36.31 -32.13
CA ILE HC 501 80.11 -37.67 -32.06
C ILE HC 501 79.26 -38.63 -33.00
N SER HC 502 78.41 -38.15 -33.95
CA SER HC 502 77.66 -38.96 -34.99
C SER HC 502 76.53 -39.82 -34.41
N LYS HC 503 76.21 -39.53 -33.17
CA LYS HC 503 75.06 -40.02 -32.47
C LYS HC 503 73.86 -39.21 -32.89
N LYS HC 504 73.49 -39.44 -34.17
CA LYS HC 504 72.48 -38.69 -34.90
C LYS HC 504 72.94 -37.24 -35.12
N ASN HC 505 72.06 -36.46 -35.74
CA ASN HC 505 72.05 -35.04 -35.51
C ASN HC 505 70.99 -34.77 -34.46
N ILE HC 506 71.40 -34.39 -33.25
CA ILE HC 506 70.47 -34.04 -32.19
C ILE HC 506 70.21 -32.53 -32.19
N VAL HC 507 68.93 -32.13 -32.06
CA VAL HC 507 68.47 -30.73 -31.87
C VAL HC 507 67.42 -30.70 -30.73
N VAL HC 508 67.58 -29.80 -29.76
CA VAL HC 508 66.53 -29.60 -28.74
C VAL HC 508 65.37 -28.75 -29.31
N ALA HC 509 64.31 -28.53 -28.54
CA ALA HC 509 63.56 -27.26 -28.55
C ALA HC 509 64.49 -26.07 -28.15
N ASP HC 510 63.97 -24.90 -27.79
CA ASP HC 510 64.86 -23.85 -27.24
C ASP HC 510 65.11 -24.13 -25.75
N ASP HC 511 64.13 -23.79 -24.90
CA ASP HC 511 64.30 -23.93 -23.45
C ASP HC 511 63.77 -25.28 -22.96
N VAL HC 512 64.69 -26.24 -22.95
CA VAL HC 512 64.41 -27.60 -22.51
C VAL HC 512 64.44 -27.75 -20.98
N SER HC 513 65.38 -27.16 -20.26
CA SER HC 513 65.64 -27.58 -18.88
C SER HC 513 66.65 -26.67 -18.20
N GLY HC 514 67.93 -27.07 -18.28
CA GLY HC 514 69.05 -26.38 -17.71
C GLY HC 514 70.30 -27.24 -17.81
N LYS HC 515 70.97 -27.27 -16.67
CA LYS HC 515 72.26 -27.90 -16.45
C LYS HC 515 72.13 -29.19 -15.64
N VAL HC 516 72.96 -30.20 -15.97
CA VAL HC 516 73.03 -31.49 -15.25
C VAL HC 516 74.47 -31.97 -15.06
N THR HC 517 74.62 -32.84 -14.06
CA THR HC 517 75.85 -33.60 -13.82
C THR HC 517 75.64 -35.11 -13.89
N ILE HC 518 76.43 -35.78 -14.74
CA ILE HC 518 76.51 -37.24 -14.81
C ILE HC 518 77.97 -37.68 -15.05
N ARG HC 519 78.36 -38.90 -14.67
CA ARG HC 519 79.62 -39.55 -15.04
C ARG HC 519 79.57 -41.06 -15.23
N LEU HC 520 79.63 -41.42 -16.49
CA LEU HC 520 79.47 -42.76 -16.99
C LEU HC 520 80.81 -43.29 -17.46
N ARG HC 521 80.96 -44.61 -17.34
CA ARG HC 521 82.04 -45.32 -18.01
C ARG HC 521 81.51 -46.55 -18.71
N ASN HC 522 82.13 -46.85 -19.86
CA ASN HC 522 81.86 -48.05 -20.67
C ASN HC 522 80.40 -48.20 -21.11
N VAL HC 523 79.70 -47.11 -21.43
CA VAL HC 523 78.27 -47.17 -21.80
C VAL HC 523 78.17 -46.75 -23.25
N PRO HC 524 77.58 -47.51 -24.17
CA PRO HC 524 77.14 -46.99 -25.44
C PRO HC 524 76.26 -45.80 -25.26
N TRP HC 525 76.44 -44.87 -26.15
CA TRP HC 525 75.86 -43.59 -25.96
C TRP HC 525 74.35 -43.50 -25.95
N ASP HC 526 73.72 -44.28 -26.80
CA ASP HC 526 72.28 -44.28 -27.07
C ASP HC 526 71.52 -44.73 -25.84
N GLN HC 527 72.24 -45.50 -25.04
CA GLN HC 527 71.89 -45.77 -23.69
C GLN HC 527 72.26 -44.65 -22.75
N ALA HC 528 73.51 -44.15 -22.72
CA ALA HC 528 73.88 -43.06 -21.82
C ALA HC 528 72.92 -41.87 -21.97
N LEU HC 529 72.40 -41.66 -23.20
CA LEU HC 529 71.24 -40.82 -23.55
C LEU HC 529 69.97 -41.21 -22.82
N ASP HC 530 69.39 -42.41 -23.01
CA ASP HC 530 68.13 -42.82 -22.33
C ASP HC 530 68.19 -42.58 -20.83
N LEU HC 531 69.37 -42.90 -20.35
CA LEU HC 531 69.79 -42.70 -19.00
C LEU HC 531 69.88 -41.20 -18.62
N VAL HC 532 70.33 -40.31 -19.54
CA VAL HC 532 70.43 -38.84 -19.31
C VAL HC 532 69.04 -38.23 -19.19
N LEU HC 533 68.11 -38.67 -20.06
CA LEU HC 533 66.68 -38.34 -20.05
C LEU HC 533 66.09 -38.50 -18.64
N ARG HC 534 66.29 -39.69 -18.08
CA ARG HC 534 65.80 -40.06 -16.72
C ARG HC 534 66.40 -39.29 -15.53
N THR HC 535 67.60 -38.77 -15.77
CA THR HC 535 68.26 -37.96 -14.72
C THR HC 535 67.40 -36.73 -14.39
N LYS HC 536 67.26 -35.85 -15.36
CA LYS HC 536 66.59 -34.54 -15.26
C LYS HC 536 65.88 -34.21 -16.56
N ALA HC 537 66.62 -34.65 -17.55
CA ALA HC 537 66.51 -34.27 -18.91
C ALA HC 537 65.23 -34.88 -19.48
N LEU HC 538 65.21 -34.75 -20.77
CA LEU HC 538 63.99 -34.67 -21.54
C LEU HC 538 63.47 -36.06 -21.93
N GLY HC 539 62.50 -36.15 -22.83
CA GLY HC 539 62.34 -37.32 -23.69
C GLY HC 539 62.81 -37.02 -25.12
N LYS HC 540 63.18 -38.06 -25.89
CA LYS HC 540 63.63 -37.91 -27.29
C LYS HC 540 62.59 -38.44 -28.29
N GLU HC 541 62.39 -37.71 -29.37
CA GLU HC 541 61.64 -38.12 -30.57
C GLU HC 541 62.51 -38.00 -31.82
N GLU HC 542 62.61 -39.05 -32.63
CA GLU HC 542 63.44 -39.02 -33.85
C GLU HC 542 62.59 -38.85 -35.11
N PHE HC 543 62.93 -37.85 -35.93
CA PHE HC 543 62.46 -37.72 -37.31
C PHE HC 543 63.09 -38.71 -38.29
N GLY HC 544 64.36 -39.01 -38.06
CA GLY HC 544 65.14 -40.08 -38.68
C GLY HC 544 66.59 -39.66 -38.83
N ASN HC 545 66.82 -38.62 -39.65
CA ASN HC 545 68.13 -37.99 -39.79
C ASN HC 545 68.47 -37.08 -38.59
N ILE HC 546 67.50 -36.23 -38.23
CA ILE HC 546 67.55 -35.38 -37.06
C ILE HC 546 66.65 -36.00 -36.00
N ILE HC 547 66.95 -35.71 -34.75
CA ILE HC 547 66.10 -36.07 -33.61
C ILE HC 547 65.78 -34.77 -32.86
N ARG HC 548 64.51 -34.60 -32.44
CA ARG HC 548 64.12 -33.50 -31.57
C ARG HC 548 63.97 -33.97 -30.13
N ILE HC 549 64.52 -33.17 -29.22
CA ILE HC 549 64.41 -33.40 -27.80
C ILE HC 549 63.63 -32.27 -27.17
N ALA HC 550 62.62 -32.62 -26.39
CA ALA HC 550 61.72 -31.65 -25.83
C ALA HC 550 61.52 -31.82 -24.31
N PRO HC 551 61.22 -30.70 -23.62
CA PRO HC 551 60.78 -30.63 -22.23
C PRO HC 551 59.35 -31.16 -22.00
N ASP HC 574 79.44 -37.38 -7.89
CA ASP HC 574 78.92 -37.90 -9.14
C ASP HC 574 77.89 -39.01 -9.00
N LEU HC 575 77.10 -38.99 -10.07
CA LEU HC 575 76.32 -40.11 -10.51
C LEU HC 575 77.17 -40.83 -11.44
N MET HC 576 76.93 -42.11 -11.42
CA MET HC 576 77.64 -42.91 -12.34
C MET HC 576 76.84 -44.01 -12.91
N VAL HC 577 77.40 -44.44 -14.01
CA VAL HC 577 76.94 -45.59 -14.71
C VAL HC 577 78.03 -46.60 -14.79
N ASN HC 578 77.56 -47.80 -14.52
CA ASN HC 578 78.35 -49.00 -14.49
C ASN HC 578 77.52 -50.11 -15.13
N LEU HC 579 78.22 -50.91 -15.93
CA LEU HC 579 77.71 -52.12 -16.54
C LEU HC 579 78.06 -53.26 -15.58
N LEU HC 580 77.05 -54.03 -15.21
CA LEU HC 580 77.15 -55.27 -14.48
C LEU HC 580 77.04 -56.42 -15.50
N PRO HC 581 78.07 -57.27 -15.68
CA PRO HC 581 77.82 -58.53 -16.36
C PRO HC 581 76.98 -59.41 -15.44
N VAL HC 582 76.04 -60.14 -16.01
CA VAL HC 582 75.35 -61.26 -15.36
C VAL HC 582 75.77 -62.52 -16.08
N ASN HC 583 76.75 -63.25 -15.53
CA ASN HC 583 77.23 -64.45 -16.22
C ASN HC 583 76.25 -65.60 -16.08
N TYR HC 584 75.71 -65.80 -14.87
CA TYR HC 584 75.01 -67.03 -14.54
C TYR HC 584 73.49 -66.98 -14.65
N ALA HC 585 72.88 -65.95 -14.06
CA ALA HC 585 71.42 -65.79 -14.09
C ALA HC 585 70.92 -65.05 -15.34
N VAL HC 586 69.63 -65.10 -15.58
CA VAL HC 586 68.97 -64.21 -16.56
C VAL HC 586 68.71 -62.84 -15.90
N ALA HC 587 68.90 -61.77 -16.67
CA ALA HC 587 68.72 -60.39 -16.17
C ALA HC 587 67.29 -60.10 -15.67
N ALA HC 588 66.27 -60.67 -16.33
CA ALA HC 588 64.87 -60.45 -16.00
C ALA HC 588 64.48 -60.98 -14.60
N ASP HC 589 65.15 -62.02 -14.09
CA ASP HC 589 64.90 -62.57 -12.75
C ASP HC 589 65.30 -61.61 -11.62
N MET HC 590 66.30 -60.76 -11.89
CA MET HC 590 66.68 -59.65 -11.00
C MET HC 590 65.62 -58.54 -10.94
N ALA HC 591 64.78 -58.38 -11.98
CA ALA HC 591 63.92 -57.22 -12.17
C ALA HC 591 62.99 -56.96 -10.97
N ALA HC 592 62.43 -58.01 -10.36
CA ALA HC 592 61.57 -57.89 -9.18
C ALA HC 592 62.31 -57.22 -8.00
N ARG HC 593 63.48 -57.75 -7.64
CA ARG HC 593 64.30 -57.22 -6.54
C ARG HC 593 64.89 -55.84 -6.80
N VAL HC 594 65.36 -55.61 -8.04
CA VAL HC 594 65.97 -54.34 -8.42
C VAL HC 594 64.89 -53.25 -8.42
N LYS HC 595 63.69 -53.52 -8.96
CA LYS HC 595 62.54 -52.59 -8.89
C LYS HC 595 62.21 -52.25 -7.44
N ASP HC 596 62.27 -53.24 -6.56
CA ASP HC 596 62.01 -53.07 -5.12
C ASP HC 596 63.02 -52.18 -4.36
N VAL HC 597 64.32 -52.17 -4.68
CA VAL HC 597 65.21 -51.11 -4.13
C VAL HC 597 64.82 -49.72 -4.61
N LEU HC 598 64.56 -49.54 -5.91
CA LEU HC 598 64.33 -48.19 -6.47
C LEU HC 598 63.20 -47.50 -5.74
N SER HC 599 62.09 -48.20 -5.47
CA SER HC 599 60.87 -47.59 -4.93
C SER HC 599 60.49 -46.36 -5.79
N GLU HC 600 60.18 -45.23 -5.17
CA GLU HC 600 60.02 -43.91 -5.79
C GLU HC 600 61.36 -43.11 -5.86
N ARG HC 601 62.50 -43.81 -5.91
CA ARG HC 601 63.78 -43.16 -6.15
C ARG HC 601 64.20 -43.14 -7.61
N GLY HC 602 65.26 -42.35 -7.70
CA GLY HC 602 66.07 -42.02 -8.84
C GLY HC 602 67.40 -42.66 -8.79
N SER HC 603 67.78 -42.89 -10.02
CA SER HC 603 68.23 -44.20 -10.36
C SER HC 603 67.31 -44.83 -11.37
N VAL HC 604 67.94 -45.66 -12.16
CA VAL HC 604 67.27 -46.60 -13.01
C VAL HC 604 68.18 -47.77 -13.32
N THR HC 605 67.54 -48.80 -13.83
CA THR HC 605 68.15 -50.01 -14.35
C THR HC 605 67.69 -50.23 -15.81
N VAL HC 606 68.62 -50.54 -16.71
CA VAL HC 606 68.37 -50.89 -18.12
C VAL HC 606 68.92 -52.28 -18.40
N ASP HC 607 68.08 -53.09 -19.04
CA ASP HC 607 68.46 -54.44 -19.44
C ASP HC 607 68.88 -54.45 -20.91
N GLN HC 608 70.17 -54.69 -21.16
CA GLN HC 608 70.65 -54.88 -22.52
C GLN HC 608 70.45 -56.34 -22.95
N ARG HC 609 70.34 -56.53 -24.28
CA ARG HC 609 70.04 -57.84 -24.89
C ARG HC 609 71.05 -58.95 -24.57
N THR HC 610 72.32 -58.60 -24.41
CA THR HC 610 73.40 -59.53 -24.09
C THR HC 610 73.45 -59.89 -22.60
N ASN HC 611 72.32 -59.84 -21.88
CA ASN HC 611 72.18 -60.11 -20.44
C ASN HC 611 73.23 -59.40 -19.57
N VAL HC 612 73.31 -58.08 -19.79
CA VAL HC 612 74.02 -57.17 -18.88
C VAL HC 612 73.04 -56.15 -18.33
N LEU HC 613 73.13 -55.88 -17.04
CA LEU HC 613 72.39 -54.77 -16.44
C LEU HC 613 73.23 -53.51 -16.51
N ILE HC 614 72.53 -52.39 -16.70
CA ILE HC 614 73.14 -51.07 -16.58
C ILE HC 614 72.34 -50.21 -15.66
N VAL HC 615 73.07 -49.57 -14.75
CA VAL HC 615 72.48 -48.66 -13.77
C VAL HC 615 72.99 -47.23 -13.91
N LYS HC 616 72.11 -46.22 -14.01
CA LYS HC 616 72.51 -44.85 -13.61
C LYS HC 616 71.92 -44.64 -12.27
N ASP HC 617 72.65 -43.89 -11.49
CA ASP HC 617 72.22 -43.34 -10.23
C ASP HC 617 73.34 -42.63 -9.52
N VAL HC 618 73.02 -42.08 -8.35
CA VAL HC 618 74.00 -41.78 -7.32
C VAL HC 618 74.89 -43.01 -7.10
N ARG HC 619 76.15 -42.79 -6.69
CA ARG HC 619 77.01 -43.90 -6.27
C ARG HC 619 76.37 -44.82 -5.22
N SER HC 620 75.67 -44.26 -4.23
CA SER HC 620 75.10 -45.04 -3.13
C SER HC 620 73.98 -46.01 -3.59
N ASN HC 621 73.10 -45.59 -4.51
CA ASN HC 621 72.12 -46.49 -5.11
C ASN HC 621 72.79 -47.47 -6.12
N THR HC 622 73.81 -47.05 -6.89
CA THR HC 622 74.61 -47.98 -7.73
C THR HC 622 75.22 -49.14 -6.91
N GLU HC 623 75.85 -48.77 -5.80
CA GLU HC 623 76.51 -49.71 -4.92
C GLU HC 623 75.53 -50.78 -4.41
N ARG HC 624 74.35 -50.35 -3.95
CA ARG HC 624 73.28 -51.27 -3.51
C ARG HC 624 72.88 -52.20 -4.64
N ALA HC 625 72.53 -51.65 -5.80
CA ALA HC 625 72.12 -52.45 -6.96
C ALA HC 625 73.21 -53.46 -7.37
N ARG HC 626 74.49 -53.06 -7.43
CA ARG HC 626 75.61 -54.00 -7.72
C ARG HC 626 75.70 -55.11 -6.67
N SER HC 627 75.66 -54.78 -5.37
CA SER HC 627 75.77 -55.77 -4.30
C SER HC 627 74.67 -56.83 -4.41
N LEU HC 628 73.44 -56.44 -4.74
CA LEU HC 628 72.32 -57.38 -4.93
C LEU HC 628 72.48 -58.21 -6.22
N VAL HC 629 72.81 -57.57 -7.35
CA VAL HC 629 73.00 -58.26 -8.63
C VAL HC 629 74.11 -59.28 -8.50
N ARG HC 630 75.29 -58.89 -7.99
CA ARG HC 630 76.39 -59.84 -7.79
C ARG HC 630 76.03 -60.93 -6.77
N SER HC 631 75.35 -60.59 -5.68
CA SER HC 631 74.97 -61.57 -4.64
C SER HC 631 74.04 -62.66 -5.18
N LEU HC 632 73.02 -62.27 -5.96
CA LEU HC 632 72.15 -63.21 -6.68
C LEU HC 632 72.84 -63.91 -7.83
N ASP HC 633 73.76 -63.23 -8.53
CA ASP HC 633 74.58 -63.90 -9.53
C ASP HC 633 75.31 -64.99 -8.74
N THR HC 634 76.05 -64.71 -7.62
CA THR HC 634 76.85 -65.71 -6.88
C THR HC 634 76.19 -67.03 -6.46
N GLN HC 635 74.90 -67.12 -6.17
CA GLN HC 635 74.26 -68.44 -5.95
C GLN HC 635 74.01 -69.24 -7.24
N THR HC 636 73.80 -68.53 -8.35
CA THR HC 636 73.85 -69.03 -9.73
C THR HC 636 75.20 -69.62 -10.28
N PRO HC 637 76.43 -69.11 -9.97
CA PRO HC 637 77.70 -69.78 -10.26
C PRO HC 637 77.93 -71.14 -9.61
N GLN HC 638 77.36 -71.42 -8.43
CA GLN HC 638 77.47 -72.81 -7.95
C GLN HC 638 76.52 -73.70 -8.74
N VAL HC 639 77.05 -74.21 -9.85
CA VAL HC 639 76.33 -75.14 -10.74
C VAL HC 639 76.50 -76.59 -10.28
N CYS IC 5 10.64 85.08 -13.01
CA CYS IC 5 10.78 83.99 -13.97
C CYS IC 5 11.88 84.33 -15.00
N GLU IC 6 12.17 83.41 -15.91
CA GLU IC 6 12.84 83.75 -17.19
C GLU IC 6 11.85 83.64 -18.38
N GLU IC 7 12.01 84.57 -19.31
CA GLU IC 7 11.09 84.90 -20.42
C GLU IC 7 11.44 84.09 -21.71
N PRO IC 8 10.83 84.31 -22.90
CA PRO IC 8 10.90 83.41 -24.06
C PRO IC 8 12.28 82.87 -24.50
N PRO IC 9 13.21 83.77 -24.88
CA PRO IC 9 14.40 83.91 -24.05
C PRO IC 9 14.27 84.92 -22.90
N ALA IC 10 15.19 84.82 -21.94
CA ALA IC 10 15.44 85.79 -20.89
C ALA IC 10 15.83 87.18 -21.46
N PRO IC 11 16.24 88.17 -20.61
CA PRO IC 11 16.80 89.45 -21.08
C PRO IC 11 18.08 89.33 -21.96
N ALA IC 12 19.04 90.26 -21.89
CA ALA IC 12 20.07 90.39 -22.93
C ALA IC 12 21.54 89.95 -22.62
N PRO IC 13 22.03 89.87 -21.34
CA PRO IC 13 23.44 89.49 -21.06
C PRO IC 13 23.85 88.01 -20.78
N PRO IC 14 23.10 86.90 -21.02
CA PRO IC 14 21.82 86.78 -21.68
C PRO IC 14 20.56 86.80 -20.80
N PRO IC 15 20.52 87.12 -19.47
CA PRO IC 15 21.52 87.12 -18.40
C PRO IC 15 22.07 85.73 -18.03
N ALA IC 16 23.16 85.74 -17.28
CA ALA IC 16 23.34 84.79 -16.19
C ALA IC 16 23.83 83.44 -16.70
N LYS IC 17 23.81 83.28 -18.02
CA LYS IC 17 24.22 82.02 -18.64
C LYS IC 17 25.68 81.72 -18.39
N PRO IC 18 26.41 82.70 -17.86
CA PRO IC 18 27.79 82.49 -17.41
C PRO IC 18 27.85 81.52 -16.24
N LYS IC 19 26.71 81.23 -15.63
CA LYS IC 19 26.62 80.20 -14.61
C LYS IC 19 26.08 78.90 -15.18
N ALA IC 20 24.91 78.98 -15.82
CA ALA IC 20 24.34 77.83 -16.51
C ALA IC 20 25.32 77.26 -17.53
N ALA IC 21 25.60 78.03 -18.58
CA ALA IC 21 26.54 77.61 -19.61
C ALA IC 21 27.97 77.99 -19.22
N ALA IC 22 28.35 77.67 -17.99
CA ALA IC 22 29.76 77.49 -17.64
C ALA IC 22 29.92 76.42 -16.57
N ALA IC 23 28.83 76.07 -15.91
CA ALA IC 23 28.77 74.84 -15.13
C ALA IC 23 28.17 73.69 -15.95
N VAL IC 24 27.50 74.05 -17.05
CA VAL IC 24 27.47 73.20 -18.24
C VAL IC 24 28.78 73.27 -19.00
N PRO IC 25 28.72 73.71 -20.25
CA PRO IC 25 29.15 72.88 -21.38
C PRO IC 25 30.37 72.04 -21.03
N VAL IC 26 30.21 71.11 -20.10
CA VAL IC 26 29.33 69.96 -20.32
C VAL IC 26 29.97 68.68 -19.79
N LYS IC 27 30.89 68.12 -20.56
CA LYS IC 27 31.81 68.92 -21.36
C LYS IC 27 31.56 68.74 -22.85
N ALA IC 28 30.29 68.67 -23.21
CA ALA IC 28 29.84 67.85 -24.34
C ALA IC 28 30.60 66.52 -24.37
N ALA IC 29 31.88 66.58 -24.66
CA ALA IC 29 32.47 65.76 -25.71
C ALA IC 29 32.23 66.37 -27.09
N PRO IC 30 31.05 66.11 -27.65
CA PRO IC 30 30.33 64.85 -27.38
C PRO IC 30 31.02 63.66 -28.04
N THR IC 31 30.72 62.46 -27.54
CA THR IC 31 31.52 61.28 -27.86
C THR IC 31 31.07 60.63 -29.15
N GLU IC 32 31.26 61.34 -30.26
CA GLU IC 32 30.93 60.79 -31.59
C GLU IC 32 31.64 59.46 -31.95
N THR IC 33 31.83 58.58 -30.98
CA THR IC 33 32.97 57.65 -30.85
C THR IC 33 32.58 56.16 -30.79
N GLY IC 34 32.32 55.65 -29.57
CA GLY IC 34 32.79 54.32 -29.14
C GLY IC 34 31.86 53.17 -29.55
N ALA IC 35 31.79 52.89 -30.86
CA ALA IC 35 30.72 52.14 -31.51
C ALA IC 35 31.03 50.64 -31.64
N GLN IC 36 30.90 50.06 -32.84
CA GLN IC 36 30.94 48.61 -33.10
C GLN IC 36 32.13 48.24 -33.97
N ALA IC 37 32.78 47.11 -33.67
CA ALA IC 37 34.00 46.66 -34.35
C ALA IC 37 33.69 45.64 -35.48
N ALA IC 38 34.50 45.68 -36.55
CA ALA IC 38 34.59 44.59 -37.54
C ALA IC 38 35.42 43.37 -37.06
N PRO IC 39 35.89 43.39 -35.80
CA PRO IC 39 37.33 43.30 -35.46
C PRO IC 39 38.27 43.19 -36.69
N SER IC 40 39.30 42.35 -36.62
CA SER IC 40 40.19 41.98 -37.72
C SER IC 40 40.59 40.51 -37.57
N TYR IC 41 41.13 39.90 -38.64
CA TYR IC 41 41.29 38.46 -38.75
C TYR IC 41 42.73 38.12 -39.17
N SER IC 42 43.29 37.07 -38.57
CA SER IC 42 44.62 36.54 -38.88
C SER IC 42 44.59 35.54 -40.04
N TYR IC 43 45.78 35.19 -40.56
CA TYR IC 43 45.95 34.34 -41.74
C TYR IC 43 46.67 33.01 -41.48
N VAL IC 44 46.38 31.99 -42.30
CA VAL IC 44 46.80 30.58 -42.09
C VAL IC 44 47.26 29.95 -43.41
N TYR IC 45 48.27 29.10 -43.34
CA TYR IC 45 49.63 29.48 -43.70
C TYR IC 45 50.48 28.25 -44.02
N ASN IC 46 51.57 28.10 -43.29
CA ASN IC 46 52.81 27.56 -43.85
C ASN IC 46 52.88 26.03 -43.74
N PRO IC 47 52.45 25.34 -44.79
CA PRO IC 47 52.74 23.91 -44.93
C PRO IC 47 53.03 23.54 -46.38
N VAL IC 48 54.14 22.85 -46.61
CA VAL IC 48 54.12 21.53 -47.23
C VAL IC 48 55.54 21.04 -47.53
N GLY IC 49 55.64 19.84 -48.06
CA GLY IC 49 56.67 18.90 -47.66
C GLY IC 49 57.13 18.01 -48.80
N LYS IC 50 57.40 16.74 -48.48
CA LYS IC 50 58.66 16.11 -48.85
C LYS IC 50 58.50 14.60 -48.97
N ARG IC 51 59.36 13.87 -48.27
CA ARG IC 51 59.28 12.41 -48.23
C ARG IC 51 60.23 11.83 -47.20
N ASP IC 52 59.73 10.91 -46.38
CA ASP IC 52 60.16 10.78 -45.00
C ASP IC 52 59.87 9.40 -44.45
N PRO IC 53 59.58 9.34 -43.14
CA PRO IC 53 58.33 8.75 -42.65
C PRO IC 53 57.23 9.78 -42.55
N PHE IC 54 56.01 9.40 -42.93
CA PHE IC 54 55.44 8.13 -42.51
C PHE IC 54 55.57 7.07 -43.59
N ARG IC 55 56.49 7.29 -44.52
CA ARG IC 55 56.95 6.23 -45.42
C ARG IC 55 57.15 4.92 -44.67
N SER IC 56 58.37 4.72 -44.17
CA SER IC 56 58.76 3.41 -43.62
C SER IC 56 57.84 2.84 -42.51
N PRO IC 57 57.49 3.60 -41.46
CA PRO IC 57 56.61 3.08 -40.40
C PRO IC 57 55.12 2.88 -40.76
N ILE IC 58 54.66 3.08 -42.01
CA ILE IC 58 53.34 2.62 -42.48
C ILE IC 58 53.37 2.04 -43.90
N ASP IC 59 53.96 2.74 -44.87
CA ASP IC 59 54.11 2.32 -46.26
C ASP IC 59 54.99 1.04 -46.42
N GLU IC 60 55.91 0.78 -45.47
CA GLU IC 60 56.79 -0.41 -45.43
C GLU IC 60 56.47 -1.37 -44.28
N LEU IC 61 55.91 -0.90 -43.16
CA LEU IC 61 55.43 -1.72 -42.04
C LEU IC 61 54.10 -2.44 -42.35
N GLY IC 62 53.19 -1.84 -43.15
CA GLY IC 62 51.92 -2.46 -43.53
C GLY IC 62 52.06 -3.74 -44.39
N PRO IC 63 53.08 -3.82 -45.29
CA PRO IC 63 53.56 -4.99 -46.05
C PRO IC 63 54.19 -6.18 -45.27
N VAL IC 64 55.74 -6.37 -44.74
CA VAL IC 64 56.55 -7.58 -44.45
C VAL IC 64 57.90 -7.19 -43.87
N ASN IC 65 58.46 -7.70 -42.77
CA ASN IC 65 59.59 -7.10 -42.08
C ASN IC 65 60.56 -8.21 -41.63
N ALA IC 66 61.81 -8.09 -42.08
CA ALA IC 66 62.91 -8.95 -41.66
C ALA IC 66 64.11 -8.06 -41.33
N ASN IC 67 64.89 -8.46 -40.32
CA ASN IC 67 66.09 -7.78 -39.88
C ASN IC 67 67.30 -8.74 -39.95
N PRO IC 68 67.90 -8.93 -41.15
CA PRO IC 68 68.86 -10.01 -41.41
C PRO IC 68 70.05 -10.10 -40.45
N VAL IC 69 70.51 -11.34 -40.24
CA VAL IC 69 71.79 -11.65 -39.57
C VAL IC 69 72.98 -11.51 -40.52
N ALA IC 70 73.95 -10.67 -40.14
CA ALA IC 70 75.29 -10.60 -40.75
C ALA IC 70 76.41 -10.28 -39.74
N ALA IC 71 76.05 -9.82 -38.54
CA ALA IC 71 76.59 -9.25 -37.31
C ALA IC 71 77.81 -10.00 -36.75
N CYS IC 72 78.39 -9.46 -35.68
CA CYS IC 72 79.22 -10.22 -34.78
C CYS IC 72 78.42 -11.23 -33.91
N ASN IC 73 79.01 -12.41 -33.69
CA ASN IC 73 78.64 -13.11 -32.46
C ASN IC 73 79.70 -14.12 -31.92
N GLU IC 74 81.00 -13.83 -31.91
CA GLU IC 74 81.95 -14.97 -32.01
C GLU IC 74 82.86 -15.05 -30.76
N PRO IC 75 82.53 -15.94 -29.80
CA PRO IC 75 82.61 -15.61 -28.39
C PRO IC 75 84.00 -15.91 -27.81
N LEU IC 76 84.48 -17.16 -27.94
CA LEU IC 76 85.65 -17.62 -27.19
C LEU IC 76 86.94 -17.08 -27.80
N CYS IC 77 86.95 -16.75 -29.08
CA CYS IC 77 88.04 -15.97 -29.67
C CYS IC 77 88.12 -14.51 -29.21
N SER IC 78 87.19 -14.05 -28.36
CA SER IC 78 87.23 -12.79 -27.63
C SER IC 78 87.64 -12.94 -26.14
N PHE IC 79 87.94 -14.15 -25.65
CA PHE IC 79 88.36 -14.43 -24.25
C PHE IC 79 89.64 -15.28 -24.16
N ASP IC 80 90.46 -15.08 -23.14
CA ASP IC 80 91.80 -15.70 -23.04
C ASP IC 80 91.75 -17.16 -22.56
N LEU IC 81 92.69 -18.01 -22.98
CA LEU IC 81 92.54 -19.47 -22.89
C LEU IC 81 92.60 -20.01 -21.47
N ASP IC 82 93.43 -19.41 -20.61
CA ASP IC 82 93.59 -19.76 -19.20
C ASP IC 82 92.36 -19.33 -18.36
N GLN IC 83 91.43 -18.55 -18.94
CA GLN IC 83 90.13 -18.24 -18.31
C GLN IC 83 89.12 -19.38 -18.49
N LEU IC 84 89.31 -20.26 -19.48
CA LEU IC 84 88.36 -21.33 -19.85
C LEU IC 84 88.60 -22.61 -19.03
N LYS IC 85 87.52 -23.28 -18.59
CA LYS IC 85 87.61 -24.45 -17.70
C LYS IC 85 86.92 -25.68 -18.30
N LEU IC 86 87.60 -26.83 -18.33
CA LEU IC 86 87.03 -28.04 -18.91
C LEU IC 86 85.95 -28.65 -18.01
N VAL IC 87 84.70 -28.67 -18.50
CA VAL IC 87 83.53 -29.18 -17.79
C VAL IC 87 83.44 -30.69 -17.86
N ALA IC 88 83.56 -31.22 -19.08
CA ALA IC 88 83.29 -32.61 -19.44
C ALA IC 88 83.92 -32.97 -20.79
N VAL IC 89 83.86 -34.25 -21.15
CA VAL IC 89 84.20 -34.76 -22.48
C VAL IC 89 83.16 -35.80 -22.87
N VAL IC 90 82.75 -35.78 -24.15
CA VAL IC 90 81.89 -36.77 -24.78
C VAL IC 90 82.71 -37.55 -25.80
N THR IC 91 82.47 -38.86 -25.93
CA THR IC 91 83.12 -39.72 -26.94
C THR IC 91 82.15 -40.77 -27.41
N GLY IC 92 82.10 -40.98 -28.73
CA GLY IC 92 81.31 -41.98 -29.44
C GLY IC 92 81.64 -41.91 -30.92
N ASP IC 93 80.80 -42.59 -31.72
CA ASP IC 93 81.01 -42.81 -33.17
C ASP IC 93 81.13 -41.49 -33.96
N ALA IC 94 80.47 -40.43 -33.50
CA ALA IC 94 80.55 -39.06 -34.02
C ALA IC 94 81.88 -38.31 -33.73
N SER IC 95 82.95 -39.02 -33.36
CA SER IC 95 84.27 -38.54 -32.90
C SER IC 95 84.25 -37.88 -31.49
N PRO IC 96 85.37 -37.90 -30.75
CA PRO IC 96 85.45 -37.26 -29.43
C PRO IC 96 85.30 -35.74 -29.50
N VAL IC 97 84.58 -35.18 -28.53
CA VAL IC 97 84.34 -33.73 -28.36
C VAL IC 97 84.48 -33.29 -26.89
N ALA IC 98 85.22 -32.21 -26.66
CA ALA IC 98 85.39 -31.59 -25.35
C ALA IC 98 84.26 -30.58 -25.08
N MET IC 99 83.93 -30.38 -23.80
CA MET IC 99 83.01 -29.35 -23.31
C MET IC 99 83.69 -28.44 -22.31
N VAL IC 100 83.65 -27.13 -22.56
CA VAL IC 100 84.42 -26.10 -21.85
C VAL IC 100 83.59 -24.88 -21.44
N GLU IC 101 83.91 -24.26 -20.31
CA GLU IC 101 83.17 -23.19 -19.65
C GLU IC 101 83.91 -21.85 -19.73
N ASP IC 102 83.18 -20.79 -20.09
CA ASP IC 102 83.66 -19.40 -20.24
C ASP IC 102 83.90 -18.79 -18.83
N PRO IC 103 84.68 -17.70 -18.67
CA PRO IC 103 84.61 -16.87 -17.48
C PRO IC 103 83.24 -16.18 -17.31
N ALA IC 104 82.46 -16.06 -18.39
CA ALA IC 104 81.05 -15.65 -18.39
C ALA IC 104 80.05 -16.81 -18.09
N GLY IC 105 80.52 -18.01 -17.77
CA GLY IC 105 79.69 -19.15 -17.36
C GLY IC 105 78.91 -19.86 -18.48
N ARG IC 106 79.13 -19.50 -19.76
CA ARG IC 106 78.59 -20.27 -20.89
C ARG IC 106 79.31 -21.62 -21.02
N GLY IC 107 78.58 -22.67 -21.41
CA GLY IC 107 79.15 -23.91 -21.97
C GLY IC 107 79.34 -23.87 -23.51
N HIS IC 108 80.45 -24.45 -23.98
CA HIS IC 108 80.79 -24.64 -25.39
C HIS IC 108 81.15 -26.10 -25.64
N ILE IC 109 81.12 -26.50 -26.93
CA ILE IC 109 81.55 -27.83 -27.37
C ILE IC 109 82.51 -27.65 -28.55
N VAL IC 110 83.70 -28.24 -28.46
CA VAL IC 110 84.80 -28.09 -29.42
C VAL IC 110 85.49 -29.46 -29.56
N ARG IC 111 86.07 -29.72 -30.73
CA ARG IC 111 86.68 -31.02 -31.07
C ARG IC 111 87.94 -30.90 -31.88
N ARG IC 112 88.70 -31.99 -32.05
CA ARG IC 112 89.97 -32.00 -32.78
C ARG IC 112 89.83 -31.33 -34.15
N ASN IC 113 90.77 -30.42 -34.47
CA ASN IC 113 90.80 -29.47 -35.60
C ASN IC 113 90.09 -28.10 -35.39
N THR IC 114 89.11 -27.98 -34.48
CA THR IC 114 88.50 -26.69 -34.08
C THR IC 114 89.41 -25.82 -33.20
N ARG IC 115 88.96 -24.59 -32.92
CA ARG IC 115 89.69 -23.58 -32.12
C ARG IC 115 88.80 -23.00 -31.00
N MET IC 116 89.44 -22.28 -30.09
CA MET IC 116 88.89 -21.56 -28.95
C MET IC 116 89.89 -20.46 -28.55
N GLY IC 117 89.47 -19.44 -27.79
CA GLY IC 117 90.38 -18.46 -27.19
C GLY IC 117 90.99 -17.40 -28.12
N ARG IC 118 91.48 -16.29 -27.55
CA ARG IC 118 92.14 -15.20 -28.30
C ARG IC 118 93.43 -15.64 -29.00
N GLN IC 119 94.22 -16.52 -28.37
CA GLN IC 119 95.39 -17.17 -28.99
C GLN IC 119 95.02 -18.28 -30.00
N GLY IC 120 93.74 -18.44 -30.36
CA GLY IC 120 93.28 -19.37 -31.40
C GLY IC 120 93.55 -20.84 -31.11
N GLY IC 121 93.61 -21.22 -29.82
CA GLY IC 121 93.97 -22.53 -29.29
C GLY IC 121 93.30 -23.67 -30.01
N LYS IC 122 94.05 -24.36 -30.88
CA LYS IC 122 93.56 -25.44 -31.73
C LYS IC 122 93.50 -26.74 -30.93
N VAL IC 123 92.33 -27.40 -30.89
CA VAL IC 123 92.20 -28.72 -30.28
C VAL IC 123 92.99 -29.81 -31.03
N THR IC 124 93.94 -30.45 -30.34
CA THR IC 124 94.84 -31.44 -30.95
C THR IC 124 94.69 -32.82 -30.31
N GLN IC 125 94.38 -32.92 -29.01
CA GLN IC 125 94.05 -34.18 -28.30
C GLN IC 125 92.88 -33.95 -27.34
N ILE IC 126 92.15 -35.02 -27.03
CA ILE IC 126 91.01 -35.02 -26.08
C ILE IC 126 91.09 -36.32 -25.27
N LEU IC 127 91.40 -36.22 -23.98
CA LEU IC 127 91.38 -37.32 -23.02
C LEU IC 127 90.08 -37.23 -22.19
N ARG IC 128 89.94 -38.00 -21.09
CA ARG IC 128 88.71 -37.98 -20.26
C ARG IC 128 88.77 -36.97 -19.11
N ASP IC 129 90.00 -36.62 -18.76
CA ASP IC 129 90.47 -35.79 -17.64
C ASP IC 129 91.04 -34.43 -18.06
N SER IC 130 91.33 -34.29 -19.37
CA SER IC 130 92.18 -33.25 -19.91
C SER IC 130 92.11 -33.13 -21.43
N VAL IC 131 92.50 -31.99 -21.98
CA VAL IC 131 92.43 -31.67 -23.42
C VAL IC 131 93.67 -30.87 -23.84
N THR IC 132 94.55 -31.50 -24.62
CA THR IC 132 95.67 -30.80 -25.30
C THR IC 132 95.25 -29.94 -26.48
N VAL IC 133 95.68 -28.69 -26.46
CA VAL IC 133 95.48 -27.68 -27.51
C VAL IC 133 96.82 -27.02 -27.93
N THR IC 134 96.88 -26.53 -29.16
CA THR IC 134 97.99 -25.69 -29.64
C THR IC 134 97.62 -24.22 -29.81
N GLU IC 135 98.21 -23.38 -28.99
CA GLU IC 135 97.93 -21.94 -28.87
C GLU IC 135 99.04 -21.09 -29.51
N VAL IC 136 98.82 -19.78 -29.59
CA VAL IC 136 99.62 -18.81 -30.38
C VAL IC 136 100.04 -17.64 -29.48
N PHE IC 137 101.24 -17.74 -28.89
CA PHE IC 137 101.78 -16.74 -27.96
C PHE IC 137 102.92 -15.92 -28.57
N SER IC 138 103.10 -14.65 -28.16
CA SER IC 138 104.24 -13.83 -28.58
C SER IC 138 105.42 -14.00 -27.61
N GLY IC 139 106.21 -15.05 -27.82
CA GLY IC 139 107.41 -15.35 -27.02
C GLY IC 139 108.52 -14.36 -27.32
N ASN IC 140 108.73 -13.37 -26.44
CA ASN IC 140 109.76 -12.32 -26.55
C ASN IC 140 109.72 -11.50 -27.84
N GLY IC 141 108.58 -11.54 -28.58
CA GLY IC 141 108.40 -10.87 -29.89
C GLY IC 141 108.15 -11.82 -31.05
N GLU IC 142 108.55 -13.10 -30.95
CA GLU IC 142 108.18 -14.11 -31.95
C GLU IC 142 106.80 -14.74 -31.67
N ILE IC 143 105.99 -14.90 -32.71
CA ILE IC 143 104.78 -15.74 -32.63
C ILE IC 143 105.17 -17.22 -32.64
N ILE IC 144 104.95 -17.90 -31.51
CA ILE IC 144 105.31 -19.31 -31.30
C ILE IC 144 104.11 -20.15 -30.84
N LYS IC 145 104.24 -21.47 -31.02
CA LYS IC 145 103.24 -22.44 -30.53
C LYS IC 145 103.38 -22.62 -29.01
N ASN IC 146 102.24 -22.67 -28.31
CA ASN IC 146 102.18 -23.05 -26.90
C ASN IC 146 101.29 -24.30 -26.69
N PRO IC 147 101.86 -25.49 -26.39
CA PRO IC 147 101.11 -26.76 -26.30
C PRO IC 147 100.45 -26.97 -24.93
N VAL IC 148 99.45 -26.15 -24.61
CA VAL IC 148 98.71 -26.21 -23.33
C VAL IC 148 97.81 -27.44 -23.22
N THR IC 149 97.59 -27.95 -22.01
CA THR IC 149 96.64 -29.04 -21.73
C THR IC 149 95.68 -28.61 -20.62
N LEU IC 150 94.43 -28.33 -21.01
CA LEU IC 150 93.36 -27.93 -20.10
C LEU IC 150 92.85 -29.14 -19.34
N GLN IC 151 93.12 -29.24 -18.03
CA GLN IC 151 92.52 -30.28 -17.17
C GLN IC 151 91.03 -30.00 -16.89
N LEU IC 152 90.29 -31.04 -16.51
CA LEU IC 152 88.94 -30.96 -15.93
C LEU IC 152 88.90 -30.01 -14.73
N LYS IC 153 87.72 -29.54 -14.33
CA LYS IC 153 87.52 -28.63 -13.17
C LYS IC 153 87.33 -29.36 -11.80
N PRO IC 154 88.33 -29.42 -10.91
CA PRO IC 154 88.16 -29.70 -9.47
C PRO IC 154 88.14 -28.40 -8.65
N ASP IC 155 88.39 -28.49 -7.35
CA ASP IC 155 88.88 -27.37 -6.54
C ASP IC 155 90.32 -26.98 -6.93
N ALA IC 156 90.58 -25.68 -7.09
CA ALA IC 156 91.89 -25.10 -7.38
C ALA IC 156 91.87 -23.58 -7.14
N LYS IC 157 93.04 -23.00 -6.83
CA LYS IC 157 93.23 -21.54 -6.72
C LYS IC 157 94.62 -21.11 -7.16
N GLN IC 158 94.67 -19.99 -7.88
CA GLN IC 158 95.88 -19.25 -8.25
C GLN IC 158 95.56 -17.74 -8.28
N ASP IC 159 96.58 -16.90 -8.39
CA ASP IC 159 96.43 -15.45 -8.51
C ASP IC 159 96.10 -14.95 -9.93
N ASN JC 33 103.14 -41.13 -164.77
CA ASN JC 33 102.60 -40.63 -163.47
C ASN JC 33 103.71 -40.65 -162.46
N THR JC 34 103.51 -39.91 -161.36
CA THR JC 34 104.39 -39.99 -160.21
C THR JC 34 103.76 -40.99 -159.19
N LEU JC 35 102.61 -40.62 -158.64
CA LEU JC 35 101.92 -41.51 -157.74
C LEU JC 35 101.15 -42.54 -158.56
N ARG JC 36 101.44 -43.83 -158.33
CA ARG JC 36 100.75 -44.90 -159.06
C ARG JC 36 99.69 -45.70 -158.33
N GLY JC 37 99.73 -45.74 -157.01
CA GLY JC 37 98.72 -46.43 -156.19
C GLY JC 37 98.70 -45.79 -154.81
N LEU JC 38 97.55 -45.92 -154.16
CA LEU JC 38 97.26 -45.37 -152.85
C LEU JC 38 96.42 -46.38 -152.03
N ASP JC 39 96.95 -46.80 -150.89
CA ASP JC 39 96.23 -47.80 -150.11
C ASP JC 39 96.05 -47.37 -148.64
N VAL JC 40 94.88 -47.65 -148.09
CA VAL JC 40 94.67 -47.42 -146.66
C VAL JC 40 94.40 -48.73 -145.93
N SER JC 41 95.20 -49.04 -144.92
CA SER JC 41 94.98 -50.22 -144.08
C SER JC 41 94.48 -49.84 -142.69
N ARG JC 42 93.15 -49.64 -142.53
CA ARG JC 42 92.60 -49.34 -141.18
C ARG JC 42 92.79 -50.50 -140.24
N THR JC 43 93.34 -50.26 -139.06
CA THR JC 43 93.34 -51.30 -138.05
C THR JC 43 93.34 -50.59 -136.70
N GLY JC 44 93.02 -51.31 -135.62
CA GLY JC 44 92.83 -50.70 -134.29
C GLY JC 44 94.09 -50.22 -133.63
N SER JC 45 95.21 -50.91 -133.83
CA SER JC 45 96.48 -50.46 -133.30
C SER JC 45 97.07 -49.25 -134.00
N GLY JC 46 96.88 -49.17 -135.33
CA GLY JC 46 97.33 -48.08 -136.14
C GLY JC 46 96.68 -48.25 -137.51
N ALA JC 47 96.28 -47.14 -138.12
CA ALA JC 47 95.93 -47.15 -139.51
C ALA JC 47 97.14 -46.78 -140.39
N GLN JC 48 97.41 -47.57 -141.42
CA GLN JC 48 98.52 -47.29 -142.32
C GLN JC 48 98.00 -46.67 -143.62
N VAL JC 49 98.62 -45.57 -144.03
CA VAL JC 49 98.43 -45.02 -145.35
C VAL JC 49 99.69 -45.21 -146.16
N VAL JC 50 99.51 -45.79 -147.35
CA VAL JC 50 100.61 -46.05 -148.26
C VAL JC 50 100.36 -45.30 -149.53
N VAL JC 51 101.41 -44.65 -150.00
CA VAL JC 51 101.38 -43.94 -151.26
C VAL JC 51 102.56 -44.47 -152.07
N THR JC 52 102.25 -45.02 -153.24
CA THR JC 52 103.28 -45.67 -154.04
C THR JC 52 103.51 -44.82 -155.26
N GLY JC 53 104.78 -44.64 -155.63
CA GLY JC 53 105.13 -43.71 -156.71
C GLY JC 53 106.38 -44.14 -157.47
N THR JC 54 106.59 -43.55 -158.63
CA THR JC 54 107.68 -43.92 -159.48
C THR JC 54 109.02 -43.34 -159.07
N ARG JC 55 109.01 -42.26 -158.29
CA ARG JC 55 110.25 -41.64 -157.78
C ARG JC 55 110.03 -41.38 -156.30
N PRO JC 56 111.13 -41.34 -155.53
CA PRO JC 56 111.06 -40.95 -154.14
C PRO JC 56 110.39 -39.57 -153.95
N PRO JC 57 109.41 -39.50 -153.05
CA PRO JC 57 108.63 -38.31 -152.86
C PRO JC 57 109.22 -37.41 -151.79
N THR JC 58 109.32 -36.11 -152.04
CA THR JC 58 109.55 -35.15 -150.97
C THR JC 58 108.17 -34.88 -150.34
N PHE JC 59 108.10 -34.84 -149.02
CA PHE JC 59 106.82 -34.65 -148.38
C PHE JC 59 107.10 -33.81 -147.17
N THR JC 60 106.03 -33.30 -146.58
CA THR JC 60 106.04 -32.69 -145.27
C THR JC 60 104.73 -33.13 -144.66
N VAL JC 61 104.79 -33.49 -143.40
CA VAL JC 61 103.60 -33.84 -142.63
C VAL JC 61 103.42 -32.88 -141.45
N PHE JC 62 102.18 -32.41 -141.25
CA PHE JC 62 101.89 -31.58 -140.09
C PHE JC 62 100.47 -31.79 -139.55
N ARG JC 63 100.12 -31.14 -138.45
CA ARG JC 63 98.81 -31.34 -137.77
C ARG JC 63 97.96 -30.08 -137.88
N LEU JC 64 96.64 -30.22 -137.75
CA LEU JC 64 95.78 -29.05 -137.57
C LEU JC 64 94.69 -29.43 -136.56
N SER JC 65 94.01 -28.43 -136.01
CA SER JC 65 92.97 -28.67 -135.04
C SER JC 65 91.68 -28.03 -135.49
N GLY JC 66 90.59 -28.30 -134.76
CA GLY JC 66 89.26 -27.72 -135.02
C GLY JC 66 88.76 -27.79 -136.45
N PRO JC 67 88.63 -29.01 -137.01
CA PRO JC 67 88.77 -30.36 -136.38
C PRO JC 67 90.20 -30.93 -136.38
N GLU JC 68 90.53 -31.84 -135.47
CA GLU JC 68 91.80 -32.57 -135.55
C GLU JC 68 92.07 -33.16 -136.97
N ARG JC 69 93.24 -32.90 -137.52
CA ARG JC 69 93.55 -33.29 -138.89
C ARG JC 69 94.99 -33.62 -138.99
N LEU JC 70 95.34 -34.46 -139.94
CA LEU JC 70 96.75 -34.65 -140.28
C LEU JC 70 96.81 -34.28 -141.74
N VAL JC 71 97.89 -33.60 -142.13
CA VAL JC 71 98.03 -33.11 -143.48
C VAL JC 71 99.35 -33.55 -144.07
N VAL JC 72 99.33 -34.09 -145.28
CA VAL JC 72 100.59 -34.42 -145.91
C VAL JC 72 100.70 -33.68 -147.23
N ASP JC 73 101.80 -32.98 -147.41
CA ASP JC 73 102.12 -32.35 -148.71
C ASP JC 73 103.16 -33.13 -149.51
N LEU JC 74 102.82 -33.43 -150.76
CA LEU JC 74 103.72 -34.22 -151.60
C LEU JC 74 104.22 -33.41 -152.80
N SER JC 75 105.52 -33.37 -153.00
CA SER JC 75 106.16 -32.61 -154.11
C SER JC 75 106.59 -33.53 -155.26
N SER JC 76 106.66 -32.89 -156.42
CA SER JC 76 106.81 -33.54 -157.74
C SER JC 76 105.60 -34.36 -158.15
N ALA JC 77 105.04 -34.98 -157.14
CA ALA JC 77 103.84 -35.78 -157.32
C ALA JC 77 102.75 -35.32 -156.37
N ASP JC 78 101.51 -35.35 -156.85
CA ASP JC 78 100.35 -35.00 -156.03
C ASP JC 78 99.55 -36.30 -155.95
N ALA JC 79 99.60 -36.95 -154.80
CA ALA JC 79 98.89 -38.20 -154.58
C ALA JC 79 97.55 -37.94 -153.89
N THR JC 80 96.45 -38.32 -154.53
CA THR JC 80 95.12 -38.13 -153.96
C THR JC 80 94.47 -39.47 -153.69
N GLY JC 81 94.05 -39.67 -152.45
CA GLY JC 81 93.37 -40.91 -152.05
C GLY JC 81 91.93 -40.57 -151.72
N ILE JC 82 91.00 -41.38 -152.20
CA ILE JC 82 89.59 -41.15 -151.98
C ILE JC 82 88.79 -42.41 -152.13
N LYS JC 83 87.73 -42.46 -151.47
CA LYS JC 83 86.75 -43.56 -151.51
C LYS JC 83 87.34 -44.83 -150.93
N GLY JC 84 88.62 -44.76 -150.57
CA GLY JC 84 89.30 -45.84 -149.87
C GLY JC 84 89.08 -45.76 -148.35
N HIS JC 85 88.54 -44.64 -147.88
CA HIS JC 85 88.33 -44.49 -146.46
C HIS JC 85 87.05 -45.20 -146.01
N HIS JC 86 87.23 -46.22 -145.19
CA HIS JC 86 86.11 -47.03 -144.78
C HIS JC 86 85.37 -46.37 -143.66
N GLU JC 87 84.05 -46.61 -143.62
CA GLU JC 87 83.26 -46.08 -142.54
C GLU JC 87 83.63 -46.58 -141.16
N GLY JC 88 84.62 -47.46 -141.06
CA GLY JC 88 85.01 -48.07 -139.79
C GLY JC 88 86.51 -47.97 -139.53
N SER JC 89 87.21 -47.07 -140.23
CA SER JC 89 88.59 -46.72 -139.90
C SER JC 89 88.62 -46.15 -138.46
N GLY JC 90 89.36 -46.78 -137.53
CA GLY JC 90 89.38 -46.24 -136.17
C GLY JC 90 90.07 -44.87 -136.08
N PRO JC 91 90.87 -44.53 -137.10
CA PRO JC 91 91.63 -43.27 -137.10
C PRO JC 91 91.11 -42.21 -138.04
N VAL JC 92 90.77 -42.60 -139.26
CA VAL JC 92 90.46 -41.63 -140.31
C VAL JC 92 88.96 -41.48 -140.52
N SER JC 93 88.44 -40.28 -140.21
CA SER JC 93 87.05 -39.93 -140.43
C SER JC 93 86.84 -39.68 -141.93
N GLY JC 94 87.80 -39.01 -142.59
CA GLY JC 94 87.75 -38.80 -144.05
C GLY JC 94 89.06 -38.27 -144.62
N VAL JC 95 89.21 -38.35 -145.95
CA VAL JC 95 90.44 -37.88 -146.62
C VAL JC 95 90.14 -37.05 -147.86
N VAL JC 96 90.64 -35.82 -147.90
CA VAL JC 96 90.44 -34.94 -149.05
C VAL JC 96 91.80 -34.67 -149.67
N ALA JC 97 91.83 -34.52 -150.99
CA ALA JC 97 93.09 -34.33 -151.71
C ALA JC 97 92.92 -33.18 -152.73
N SER JC 98 93.91 -32.28 -152.83
CA SER JC 98 93.95 -31.29 -153.91
C SER JC 98 95.34 -30.92 -154.39
N GLN JC 99 95.59 -30.78 -155.69
CA GLN JC 99 96.88 -30.39 -156.26
C GLN JC 99 96.90 -28.94 -156.71
N PHE JC 100 97.96 -28.19 -156.39
CA PHE JC 100 98.13 -26.83 -156.90
C PHE JC 100 99.45 -26.74 -157.70
N SER JC 101 99.43 -25.87 -158.74
CA SER JC 101 100.60 -25.69 -159.62
C SER JC 101 101.54 -24.61 -159.18
N ASP JC 102 102.84 -24.91 -159.36
CA ASP JC 102 103.92 -23.95 -159.13
C ASP JC 102 104.76 -24.04 -160.41
N GLN JC 103 104.61 -23.06 -161.32
CA GLN JC 103 105.21 -23.20 -162.65
C GLN JC 103 104.69 -24.50 -163.24
N ARG JC 104 105.63 -25.25 -163.78
CA ARG JC 104 105.27 -26.54 -164.36
C ARG JC 104 105.20 -27.66 -163.31
N ALA JC 105 105.54 -27.35 -162.05
CA ALA JC 105 105.52 -28.36 -160.99
C ALA JC 105 104.18 -28.42 -160.29
N SER JC 106 104.00 -29.48 -159.49
CA SER JC 106 102.73 -29.71 -158.81
C SER JC 106 102.96 -30.13 -157.35
N VAL JC 107 102.27 -29.51 -156.42
CA VAL JC 107 102.23 -29.88 -154.99
C VAL JC 107 100.85 -30.41 -154.64
N GLY JC 108 100.77 -31.73 -154.07
CA GLY JC 108 99.48 -32.26 -153.71
C GLY JC 108 99.35 -32.21 -152.20
N ARG JC 109 98.17 -31.83 -151.72
CA ARG JC 109 97.94 -31.83 -150.30
C ARG JC 109 96.92 -32.88 -149.96
N VAL JC 110 97.28 -33.75 -149.01
CA VAL JC 110 96.37 -34.78 -148.49
C VAL JC 110 96.01 -34.38 -147.09
N LEU JC 111 94.70 -34.42 -146.84
CA LEU JC 111 94.12 -34.00 -145.58
C LEU JC 111 93.28 -35.11 -144.95
N LEU JC 112 93.70 -35.57 -143.77
CA LEU JC 112 93.00 -36.65 -143.06
C LEU JC 112 92.32 -36.13 -141.83
N ALA JC 113 91.01 -36.00 -141.89
CA ALA JC 113 90.23 -35.67 -140.67
C ALA JC 113 90.23 -36.91 -139.74
N LEU JC 114 90.50 -36.70 -138.45
CA LEU JC 114 90.71 -37.77 -137.46
C LEU JC 114 89.58 -38.02 -136.49
N ASP JC 115 89.50 -39.26 -136.00
CA ASP JC 115 88.51 -39.75 -134.99
C ASP JC 115 89.13 -39.75 -133.61
N LYS JC 116 90.45 -39.56 -133.53
CA LYS JC 116 91.16 -39.62 -132.25
C LYS JC 116 92.55 -39.03 -132.43
N ALA JC 117 93.18 -38.63 -131.35
CA ALA JC 117 94.50 -38.02 -131.43
C ALA JC 117 95.55 -39.04 -131.86
N SER JC 118 96.39 -38.62 -132.80
CA SER JC 118 97.40 -39.49 -133.33
C SER JC 118 98.81 -38.95 -133.15
N GLN JC 119 99.75 -39.89 -133.12
CA GLN JC 119 101.13 -39.59 -133.24
C GLN JC 119 101.57 -40.21 -134.58
N TYR JC 120 101.65 -39.39 -135.65
CA TYR JC 120 102.00 -40.02 -136.93
C TYR JC 120 103.45 -40.39 -136.99
N ASP JC 121 103.76 -41.45 -137.74
CA ASP JC 121 105.14 -41.81 -138.04
C ASP JC 121 105.23 -42.08 -139.55
N VAL JC 122 106.13 -41.34 -140.21
CA VAL JC 122 106.31 -41.42 -141.64
C VAL JC 122 107.68 -41.98 -142.00
N ARG JC 123 107.74 -42.87 -142.98
CA ARG JC 123 109.04 -43.36 -143.48
C ARG JC 123 108.89 -43.70 -144.92
N ALA JC 124 110.00 -43.69 -145.63
CA ALA JC 124 109.99 -43.96 -147.06
C ALA JC 124 110.65 -45.32 -147.24
N ASP JC 125 110.29 -46.01 -148.30
CA ASP JC 125 110.95 -47.25 -148.70
C ASP JC 125 110.77 -47.37 -150.20
N GLY JC 126 111.84 -47.13 -150.94
CA GLY JC 126 111.78 -47.19 -152.39
C GLY JC 126 110.85 -46.14 -152.94
N ASN JC 127 109.79 -46.57 -153.62
CA ASN JC 127 108.81 -45.66 -154.19
C ASN JC 127 107.56 -45.58 -153.33
N ARG JC 128 107.64 -46.13 -152.13
CA ARG JC 128 106.49 -46.11 -151.24
C ARG JC 128 106.75 -45.19 -150.07
N VAL JC 129 105.78 -44.33 -149.78
CA VAL JC 129 105.80 -43.49 -148.62
C VAL JC 129 104.74 -44.05 -147.71
N VAL JC 130 105.16 -44.36 -146.49
CA VAL JC 130 104.24 -44.92 -145.50
C VAL JC 130 103.96 -43.96 -144.34
N ILE JC 131 102.68 -43.73 -144.04
CA ILE JC 131 102.34 -43.00 -142.83
C ILE JC 131 101.53 -43.85 -141.90
N SER JC 132 102.04 -44.13 -140.70
CA SER JC 132 101.25 -44.89 -139.74
C SER JC 132 100.72 -43.98 -138.64
N VAL JC 133 99.42 -44.06 -138.40
CA VAL JC 133 98.79 -43.19 -137.44
C VAL JC 133 98.60 -44.00 -136.21
N ASP JC 134 99.41 -43.75 -135.19
CA ASP JC 134 99.25 -44.43 -133.89
C ASP JC 134 98.41 -43.60 -132.91
N GLY JC 135 97.73 -44.22 -131.94
CA GLY JC 135 97.10 -43.35 -130.92
C GLY JC 135 98.10 -42.59 -130.04
N THR JC 136 98.15 -42.91 -128.75
CA THR JC 136 99.07 -42.27 -127.82
C THR JC 136 100.15 -43.24 -127.33
N SER JC 137 100.07 -44.50 -127.75
CA SER JC 137 101.06 -45.52 -127.39
C SER JC 137 102.08 -45.60 -128.51
N GLN JC 138 103.31 -45.15 -128.21
CA GLN JC 138 104.38 -45.11 -129.21
C GLN JC 138 105.37 -46.27 -129.25
N SER JC 139 105.45 -47.07 -128.19
CA SER JC 139 106.42 -48.15 -128.20
C SER JC 139 106.05 -49.26 -127.25
N VAL JC 140 106.19 -50.50 -127.71
CA VAL JC 140 105.92 -51.66 -126.89
C VAL JC 140 107.28 -52.30 -126.62
N ASP JC 214 91.86 -23.97 -96.49
CA ASP JC 214 91.29 -25.03 -95.62
C ASP JC 214 90.32 -25.97 -96.37
N ASP JC 215 89.62 -25.43 -97.36
CA ASP JC 215 88.60 -26.15 -98.10
C ASP JC 215 89.29 -27.11 -99.06
N THR JC 216 90.47 -26.71 -99.53
CA THR JC 216 91.26 -27.38 -100.57
C THR JC 216 92.50 -26.53 -100.84
N LEU JC 217 93.61 -27.24 -101.00
CA LEU JC 217 94.84 -26.62 -101.46
C LEU JC 217 94.96 -26.90 -102.96
N SER JC 218 95.22 -25.82 -103.71
CA SER JC 218 95.36 -25.90 -105.16
C SER JC 218 96.84 -25.82 -105.55
N ILE JC 219 97.23 -26.74 -106.42
CA ILE JC 219 98.57 -26.73 -107.02
C ILE JC 219 98.39 -26.41 -108.51
N ARG JC 220 99.11 -25.39 -108.94
CA ARG JC 220 99.06 -24.95 -110.34
C ARG JC 220 100.44 -25.09 -110.97
N ALA JC 221 100.44 -25.72 -112.14
CA ALA JC 221 101.66 -25.89 -112.95
C ALA JC 221 101.40 -25.27 -114.32
N ASP JC 222 102.12 -24.20 -114.59
CA ASP JC 222 101.96 -23.47 -115.86
C ASP JC 222 103.10 -23.87 -116.81
N GLY JC 223 102.71 -24.17 -118.05
CA GLY JC 223 103.66 -24.60 -119.08
C GLY JC 223 102.91 -24.93 -120.36
N ASP JC 224 103.69 -25.20 -121.39
CA ASP JC 224 103.16 -25.54 -122.73
C ASP JC 224 102.37 -26.85 -122.79
N ILE JC 225 102.82 -27.84 -122.04
CA ILE JC 225 102.24 -29.19 -122.07
C ILE JC 225 100.78 -29.22 -121.51
N ALA JC 226 100.30 -30.30 -120.91
CA ALA JC 226 101.04 -31.47 -120.45
C ALA JC 226 100.27 -32.74 -120.39
N ARG JC 227 100.95 -33.81 -120.75
CA ARG JC 227 100.40 -35.12 -120.39
C ARG JC 227 100.88 -35.47 -118.97
N TYR JC 228 99.94 -35.92 -118.17
CA TYR JC 228 100.21 -36.23 -116.76
C TYR JC 228 99.48 -37.50 -116.35
N GLU JC 229 99.94 -38.05 -115.23
CA GLU JC 229 99.22 -39.11 -114.51
C GLU JC 229 99.33 -38.82 -113.01
N VAL JC 230 98.22 -38.97 -112.32
CA VAL JC 230 98.17 -38.78 -110.86
C VAL JC 230 97.77 -40.09 -110.19
N LEU JC 231 98.42 -40.36 -109.06
CA LEU JC 231 98.12 -41.55 -108.26
C LEU JC 231 98.51 -41.30 -106.80
N GLU JC 232 98.07 -42.22 -105.94
CA GLU JC 232 98.30 -42.18 -104.50
C GLU JC 232 99.31 -43.23 -103.99
N LEU JC 233 99.94 -42.91 -102.87
CA LEU JC 233 100.80 -43.84 -102.14
C LEU JC 233 100.47 -43.74 -100.66
N ALA JC 234 100.77 -44.82 -99.93
CA ALA JC 234 100.55 -44.85 -98.48
C ALA JC 234 101.87 -45.09 -97.73
N ASP JC 235 101.83 -44.85 -96.42
CA ASP JC 235 102.98 -45.08 -95.53
C ASP JC 235 104.27 -44.41 -96.06
N PRO JC 236 104.31 -43.08 -96.04
CA PRO JC 236 103.23 -42.19 -95.60
C PRO JC 236 102.28 -41.87 -96.75
N PRO JC 237 101.10 -41.35 -96.42
CA PRO JC 237 100.11 -40.93 -97.43
C PRO JC 237 100.73 -39.84 -98.31
N ARG JC 238 100.58 -40.03 -99.61
CA ARG JC 238 101.21 -39.18 -100.63
C ARG JC 238 100.35 -39.10 -101.88
N LEU JC 239 100.44 -37.99 -102.57
CA LEU JC 239 99.87 -37.86 -103.92
C LEU JC 239 101.05 -37.58 -104.86
N ALA JC 240 101.06 -38.30 -105.98
CA ALA JC 240 102.16 -38.20 -106.95
C ALA JC 240 101.62 -37.85 -108.34
N VAL JC 241 102.29 -36.88 -108.95
CA VAL JC 241 101.97 -36.48 -110.34
C VAL JC 241 103.22 -36.67 -111.19
N ASP JC 242 103.03 -37.36 -112.31
CA ASP JC 242 104.09 -37.49 -113.32
C ASP JC 242 103.72 -36.64 -114.53
N LEU JC 243 104.66 -35.81 -114.93
CA LEU JC 243 104.49 -34.90 -116.05
C LEU JC 243 105.43 -35.29 -117.18
N PHE JC 244 104.88 -35.37 -118.39
CA PHE JC 244 105.70 -35.74 -119.55
C PHE JC 244 105.92 -34.56 -120.49
N GLY JC 245 107.00 -34.72 -121.25
CA GLY JC 245 107.53 -33.66 -122.14
C GLY JC 245 108.13 -32.53 -121.32
N VAL JC 246 108.58 -32.85 -120.10
CA VAL JC 246 109.25 -31.87 -119.23
C VAL JC 246 110.63 -32.33 -118.86
N GLY JC 247 111.53 -31.35 -118.89
CA GLY JC 247 112.86 -31.50 -118.28
C GLY JC 247 112.85 -30.67 -117.00
N LEU JC 248 113.40 -31.26 -115.94
CA LEU JC 248 113.51 -30.60 -114.63
C LEU JC 248 114.30 -29.29 -114.79
N ALA JC 249 113.89 -28.27 -114.06
CA ALA JC 249 114.50 -26.94 -114.18
C ALA JC 249 114.34 -26.17 -112.88
N THR JC 250 115.15 -25.12 -112.76
CA THR JC 250 115.19 -24.28 -111.57
C THR JC 250 113.79 -23.75 -111.22
N ARG JC 251 112.90 -23.56 -112.19
CA ARG JC 251 111.52 -23.11 -111.90
C ARG JC 251 110.71 -24.14 -111.09
N ALA JC 252 111.21 -25.37 -111.03
CA ALA JC 252 110.65 -26.42 -110.15
C ALA JC 252 110.44 -25.88 -108.71
N PRO JC 253 111.31 -25.03 -108.15
CA PRO JC 253 111.22 -24.43 -106.80
C PRO JC 253 109.94 -23.70 -106.55
N ARG JC 254 109.35 -23.07 -107.57
CA ARG JC 254 108.02 -22.44 -107.40
C ARG JC 254 107.00 -23.46 -106.89
N VAL JC 255 107.38 -24.74 -106.99
CA VAL JC 255 106.63 -25.89 -106.49
C VAL JC 255 106.48 -25.88 -104.96
N LYS JC 256 107.39 -25.19 -104.26
CA LYS JC 256 107.36 -25.13 -102.79
C LYS JC 256 106.01 -24.62 -102.28
N SER JC 257 105.34 -23.84 -103.13
CA SER JC 257 104.02 -23.25 -102.84
C SER JC 257 102.91 -24.27 -102.60
N GLY JC 258 103.16 -25.50 -103.03
CA GLY JC 258 102.07 -26.42 -103.07
C GLY JC 258 102.21 -27.58 -102.14
N ALA JC 259 103.25 -27.72 -101.26
CA ALA JC 259 103.39 -28.73 -100.20
C ALA JC 259 102.32 -28.62 -99.09
N LEU JC 260 101.77 -29.68 -98.47
CA LEU JC 260 101.79 -31.12 -98.75
C LEU JC 260 102.52 -31.84 -97.65
N ARG JC 261 102.42 -31.33 -96.44
CA ARG JC 261 103.46 -31.51 -95.43
C ARG JC 261 104.86 -31.13 -96.02
N ASP JC 262 105.10 -31.45 -97.28
CA ASP JC 262 106.21 -31.25 -98.20
C ASP JC 262 105.92 -31.77 -99.63
N VAL JC 263 106.71 -31.22 -100.51
CA VAL JC 263 106.73 -31.58 -101.94
C VAL JC 263 108.17 -31.81 -102.41
N ARG JC 264 108.40 -32.95 -103.01
CA ARG JC 264 109.69 -33.26 -103.65
C ARG JC 264 109.50 -33.56 -105.12
N VAL JC 265 110.48 -33.13 -105.91
CA VAL JC 265 110.40 -33.25 -107.38
C VAL JC 265 111.73 -33.84 -107.89
N GLY JC 266 111.60 -34.66 -108.93
CA GLY JC 266 112.76 -35.28 -109.59
C GLY JC 266 112.44 -35.68 -111.02
N ALA JC 267 113.39 -36.35 -111.63
CA ALA JC 267 113.27 -36.80 -113.04
C ALA JC 267 114.26 -37.94 -113.29
N HIS JC 268 113.88 -38.81 -114.21
CA HIS JC 268 114.69 -39.98 -114.55
C HIS JC 268 114.70 -40.20 -116.06
N ALA JC 269 115.34 -39.28 -116.78
CA ALA JC 269 115.44 -39.36 -118.25
C ALA JC 269 114.06 -39.60 -118.87
N ASP JC 270 113.05 -39.03 -118.22
CA ASP JC 270 111.75 -39.05 -118.87
C ASP JC 270 111.16 -37.64 -118.99
N LYS JC 271 110.28 -37.05 -118.19
CA LYS JC 271 109.34 -37.42 -117.09
C LYS JC 271 109.80 -36.87 -115.74
N VAL JC 272 109.01 -35.92 -115.29
CA VAL JC 272 109.22 -35.35 -113.96
C VAL JC 272 108.15 -35.92 -113.03
N ARG JC 273 108.57 -36.22 -111.81
CA ARG JC 273 107.67 -36.74 -110.78
C ARG JC 273 107.61 -35.75 -109.62
N LEU JC 274 106.38 -35.38 -109.30
CA LEU JC 274 106.10 -34.49 -108.16
C LEU JC 274 105.37 -35.33 -107.11
N VAL JC 275 105.92 -35.24 -105.90
CA VAL JC 275 105.46 -36.06 -104.76
C VAL JC 275 105.07 -35.10 -103.62
N LEU JC 276 103.85 -35.29 -103.17
CA LEU JC 276 103.17 -34.49 -102.11
C LEU JC 276 102.91 -35.38 -100.92
N ASP JC 277 103.66 -35.21 -99.89
CA ASP JC 277 103.33 -35.86 -98.63
C ASP JC 277 102.05 -35.21 -98.02
N VAL JC 278 101.14 -35.93 -97.44
CA VAL JC 278 99.92 -35.25 -97.00
C VAL JC 278 99.80 -35.16 -95.48
N ARG JC 279 98.98 -34.23 -95.03
CA ARG JC 279 98.60 -34.11 -93.61
C ARG JC 279 97.23 -34.72 -93.31
N GLY JC 280 96.52 -35.10 -94.39
CA GLY JC 280 95.15 -35.66 -94.27
C GLY JC 280 94.73 -36.32 -95.59
N THR JC 281 93.80 -37.25 -95.53
CA THR JC 281 93.34 -37.94 -96.76
C THR JC 281 92.70 -36.93 -97.74
N MET JC 282 93.04 -37.09 -99.00
CA MET JC 282 92.52 -36.20 -100.06
C MET JC 282 91.80 -37.01 -101.16
N LYS JC 341 73.22 -49.75 -100.20
CA LYS JC 341 72.88 -49.27 -98.87
C LYS JC 341 71.71 -50.05 -98.29
N ASP JC 342 71.65 -50.14 -96.96
CA ASP JC 342 70.58 -50.86 -96.29
C ASP JC 342 70.68 -50.69 -94.78
N VAL JC 343 69.56 -50.93 -94.09
CA VAL JC 343 69.54 -50.81 -92.63
C VAL JC 343 69.20 -52.15 -91.98
N ARG JC 344 69.62 -52.31 -90.73
CA ARG JC 344 69.37 -53.54 -90.00
C ARG JC 344 69.26 -53.27 -88.50
N PHE JC 345 68.56 -54.15 -87.78
CA PHE JC 345 68.39 -54.00 -86.34
C PHE JC 345 68.66 -55.31 -85.63
N GLU JC 346 69.19 -55.22 -84.40
CA GLU JC 346 69.51 -56.40 -83.61
C GLU JC 346 69.70 -56.04 -82.15
N GLU JC 347 70.08 -56.86 -81.28
CA GLU JC 347 70.34 -56.47 -79.92
C GLU JC 347 71.56 -57.20 -79.34
N SER JC 348 72.17 -56.56 -78.38
CA SER JC 348 73.25 -57.19 -77.65
C SER JC 348 73.12 -56.73 -76.21
N SER JC 349 74.09 -57.06 -75.39
CA SER JC 349 73.89 -56.80 -73.93
C SER JC 349 73.80 -55.28 -73.71
N SER JC 350 74.51 -54.49 -74.51
CA SER JC 350 74.36 -53.02 -74.46
C SER JC 350 72.90 -52.59 -74.84
N GLY JC 351 72.07 -53.51 -75.33
CA GLY JC 351 70.70 -53.15 -75.72
C GLY JC 351 70.41 -53.30 -77.22
N GLY JC 352 69.70 -52.31 -77.76
CA GLY JC 352 69.32 -52.31 -79.18
C GLY JC 352 70.42 -51.72 -80.06
N ARG JC 353 70.62 -52.32 -81.17
CA ARG JC 353 71.67 -52.05 -82.13
C ARG JC 353 71.11 -51.85 -83.52
N ILE JC 354 71.63 -50.85 -84.23
CA ILE JC 354 71.18 -50.57 -85.59
C ILE JC 354 72.34 -50.64 -86.58
N VAL JC 355 72.54 -51.81 -87.17
CA VAL JC 355 73.61 -52.01 -88.13
C VAL JC 355 73.21 -51.47 -89.50
N MET JC 356 73.92 -50.43 -89.95
CA MET JC 356 73.65 -49.82 -91.25
C MET JC 356 74.74 -50.16 -92.25
N LYS JC 357 74.33 -50.50 -93.47
CA LYS JC 357 75.29 -50.82 -94.53
C LYS JC 357 75.57 -49.63 -95.41
N LEU JC 358 76.79 -49.10 -95.31
CA LEU JC 358 77.19 -47.94 -96.11
C LEU JC 358 78.23 -48.34 -97.15
N SER JC 359 77.78 -48.56 -98.38
CA SER JC 359 78.67 -48.92 -99.48
C SER JC 359 79.01 -47.73 -100.35
N GLY JC 360 80.25 -47.27 -100.27
CA GLY JC 360 80.69 -46.14 -101.06
C GLY JC 360 80.95 -44.91 -100.19
N THR JC 361 81.19 -45.13 -98.91
CA THR JC 361 81.46 -44.03 -97.98
C THR JC 361 82.88 -44.11 -97.45
N SER JC 362 83.46 -42.96 -97.15
CA SER JC 362 84.82 -42.90 -96.62
C SER JC 362 84.83 -42.36 -95.19
N GLY JC 363 84.56 -41.07 -95.05
CA GLY JC 363 84.54 -40.45 -93.74
C GLY JC 363 83.41 -40.98 -92.87
N TRP JC 364 82.89 -40.11 -92.01
CA TRP JC 364 81.80 -40.49 -91.11
C TRP JC 364 80.62 -39.53 -91.25
N LYS JC 365 79.40 -40.07 -91.12
CA LYS JC 365 78.17 -39.28 -91.22
C LYS JC 365 77.99 -38.34 -90.03
N VAL JC 366 76.90 -37.58 -90.06
CA VAL JC 366 76.60 -36.64 -88.97
C VAL JC 366 75.60 -37.25 -87.99
N ASP JC 367 76.10 -37.65 -86.82
CA ASP JC 367 75.25 -38.23 -85.79
C ASP JC 367 74.61 -37.16 -84.93
N ARG JC 368 73.28 -37.12 -84.95
CA ARG JC 368 72.54 -36.13 -84.16
C ARG JC 368 71.62 -36.82 -83.17
N PRO JC 369 72.09 -36.96 -81.93
CA PRO JC 369 71.31 -37.60 -80.89
C PRO JC 369 70.26 -36.63 -80.32
N ASP JC 370 68.99 -36.89 -80.63
CA ASP JC 370 67.91 -36.04 -80.15
C ASP JC 370 67.14 -36.73 -79.03
N PRO JC 371 66.29 -35.98 -78.35
CA PRO JC 371 65.48 -36.51 -77.25
C PRO JC 371 64.31 -37.33 -77.79
N ARG JC 372 64.05 -37.19 -79.08
CA ARG JC 372 62.94 -37.91 -79.72
C ARG JC 372 63.47 -39.09 -80.53
N SER JC 373 64.28 -38.78 -81.55
CA SER JC 373 64.85 -39.81 -82.41
C SER JC 373 66.30 -39.50 -82.75
N ALA JC 374 66.85 -40.22 -83.71
CA ALA JC 374 68.24 -40.02 -84.13
C ALA JC 374 68.31 -39.56 -85.58
N VAL JC 375 69.42 -38.92 -85.93
CA VAL JC 375 69.61 -38.44 -87.30
C VAL JC 375 71.01 -38.78 -87.81
N LEU JC 376 71.06 -39.35 -89.00
CA LEU JC 376 72.34 -39.74 -89.61
C LEU JC 376 72.36 -39.38 -91.09
N THR JC 377 73.16 -38.38 -91.44
CA THR JC 377 73.28 -37.94 -92.83
C THR JC 377 74.59 -38.43 -93.44
N LEU JC 378 74.50 -38.90 -94.67
CA LEU JC 378 75.68 -39.40 -95.38
C LEU JC 378 75.84 -38.70 -96.73
N ASP JC 379 76.71 -37.69 -96.76
CA ASP JC 379 76.97 -36.94 -97.98
C ASP JC 379 77.45 -37.86 -99.10
N ASN JC 380 76.90 -37.68 -100.29
CA ASN JC 380 77.28 -38.49 -101.44
C ASN JC 380 76.93 -39.95 -101.21
N ALA JC 381 75.92 -40.19 -100.38
CA ALA JC 381 75.48 -41.55 -100.08
C ALA JC 381 74.00 -41.72 -100.38
N ARG JC 382 73.47 -40.86 -101.24
CA ARG JC 382 72.06 -40.93 -101.61
C ARG JC 382 71.63 -42.35 -101.93
N LEU JC 383 70.73 -42.89 -101.11
CA LEU JC 383 70.24 -44.25 -101.31
C LEU JC 383 68.89 -44.24 -102.02
N PRO JC 384 68.64 -45.29 -102.81
CA PRO JC 384 67.39 -45.43 -103.58
C PRO JC 384 66.20 -45.71 -102.68
N LYS JC 385 65.01 -45.31 -103.14
CA LYS JC 385 63.79 -45.52 -102.37
C LYS JC 385 63.49 -47.00 -102.20
N LYS JC 386 64.19 -47.83 -102.95
CA LYS JC 386 64.01 -49.28 -102.87
C LYS JC 386 64.86 -49.89 -101.77
N PHE JC 387 65.49 -49.03 -100.98
CA PHE JC 387 66.33 -49.49 -99.88
C PHE JC 387 66.07 -48.69 -98.62
N GLU JC 388 65.05 -47.84 -98.66
CA GLU JC 388 64.68 -47.02 -97.51
C GLU JC 388 63.66 -47.72 -96.64
N ARG JC 389 63.65 -49.05 -96.70
CA ARG JC 389 62.71 -49.85 -95.92
C ARG JC 389 62.87 -49.55 -94.43
N SER JC 390 61.77 -49.68 -93.69
CA SER JC 390 61.79 -49.42 -92.25
C SER JC 390 61.71 -50.73 -91.46
N LEU JC 391 62.03 -50.65 -90.18
CA LEU JC 391 61.99 -51.83 -89.32
C LEU JC 391 60.67 -51.91 -88.54
N ASP JC 392 60.41 -53.06 -87.95
CA ASP JC 392 59.18 -53.26 -87.18
C ASP JC 392 59.48 -53.87 -85.81
N THR JC 393 60.57 -53.43 -85.20
CA THR JC 393 60.98 -53.94 -83.89
C THR JC 393 60.12 -53.34 -82.79
N SER JC 394 58.82 -53.64 -82.83
CA SER JC 394 57.89 -53.13 -81.82
C SER JC 394 57.73 -54.11 -80.67
N ALA JC 395 57.74 -53.60 -79.45
CA ALA JC 395 57.60 -54.44 -78.27
C ALA JC 395 58.77 -55.40 -78.14
N LEU JC 396 59.96 -54.95 -78.52
CA LEU JC 396 61.16 -55.77 -78.46
C LEU JC 396 61.88 -55.55 -77.13
N ASP JC 397 61.27 -54.79 -76.25
CA ASP JC 397 61.86 -54.49 -74.94
C ASP JC 397 63.20 -53.80 -75.09
N THR JC 398 63.25 -52.79 -75.96
CA THR JC 398 64.47 -52.04 -76.19
C THR JC 398 64.20 -50.54 -76.22
N PRO JC 399 65.26 -49.74 -76.05
CA PRO JC 399 65.16 -48.28 -76.05
C PRO JC 399 64.84 -47.72 -77.44
N VAL JC 400 64.99 -48.56 -78.46
CA VAL JC 400 64.71 -48.15 -79.82
C VAL JC 400 63.29 -48.50 -80.23
N LYS JC 401 62.45 -47.47 -80.36
CA LYS JC 401 61.05 -47.66 -80.73
C LYS JC 401 60.95 -48.39 -82.07
N MET JC 402 61.58 -47.85 -83.10
CA MET JC 402 61.56 -48.45 -84.42
C MET JC 402 62.48 -47.70 -85.38
N ILE JC 403 63.19 -48.45 -86.21
CA ILE JC 403 64.11 -47.85 -87.18
C ILE JC 403 63.38 -47.48 -88.47
N SER JC 404 63.72 -46.32 -89.00
CA SER JC 404 63.10 -45.84 -90.24
C SER JC 404 64.13 -45.25 -91.18
N ALA JC 405 64.18 -45.76 -92.41
CA ALA JC 405 65.13 -45.28 -93.41
C ALA JC 405 64.43 -44.42 -94.45
N PHE JC 406 65.05 -43.29 -94.79
CA PHE JC 406 64.49 -42.39 -95.78
C PHE JC 406 65.58 -41.81 -96.69
N SER JC 407 65.35 -41.84 -97.98
CA SER JC 407 66.31 -41.32 -98.96
C SER JC 407 66.28 -39.80 -98.99
N VAL JC 408 65.46 -39.22 -99.87
CA VAL JC 408 65.48 -37.78 -100.05
C VAL JC 408 65.11 -37.03 -98.78
N PRO JC 409 65.85 -35.93 -98.51
CA PRO JC 409 65.40 -35.08 -97.39
C PRO JC 409 65.74 -33.62 -97.70
N GLY JC 410 65.85 -33.28 -99.00
CA GLY JC 410 65.94 -31.88 -99.38
C GLY JC 410 67.35 -31.38 -99.64
N ALA JC 411 68.33 -32.26 -99.56
CA ALA JC 411 69.72 -31.90 -99.84
C ALA JC 411 70.26 -32.87 -100.89
N GLY JC 412 70.77 -32.33 -102.00
CA GLY JC 412 71.37 -33.21 -103.00
C GLY JC 412 72.39 -34.15 -102.38
N GLY JC 413 72.37 -35.40 -102.84
CA GLY JC 413 73.31 -36.46 -102.55
C GLY JC 413 73.27 -37.00 -101.12
N LYS JC 414 72.60 -36.36 -100.18
CA LYS JC 414 72.56 -36.73 -98.78
C LYS JC 414 71.57 -37.83 -98.51
N VAL JC 415 71.81 -38.64 -97.48
CA VAL JC 415 70.80 -39.59 -96.97
C VAL JC 415 70.55 -39.38 -95.48
N ARG JC 416 69.41 -39.94 -95.03
CA ARG JC 416 69.00 -39.62 -93.68
C ARG JC 416 68.43 -40.86 -92.98
N LEU JC 417 68.70 -40.99 -91.69
CA LEU JC 417 68.20 -42.13 -90.92
C LEU JC 417 67.43 -41.66 -89.69
N VAL JC 418 66.30 -42.29 -89.43
CA VAL JC 418 65.46 -41.94 -88.29
C VAL JC 418 65.28 -43.13 -87.35
N VAL JC 419 65.90 -43.05 -86.18
CA VAL JC 419 65.81 -44.13 -85.19
C VAL JC 419 65.05 -43.66 -83.95
N ALA JC 420 63.72 -43.79 -84.00
CA ALA JC 420 62.88 -43.39 -82.87
C ALA JC 420 63.29 -44.10 -81.59
N ALA JC 421 63.29 -43.37 -80.48
CA ALA JC 421 63.66 -43.94 -79.19
C ALA JC 421 62.64 -43.58 -78.12
N ASP JC 422 62.90 -44.03 -76.89
CA ASP JC 422 62.00 -43.75 -75.77
C ASP JC 422 62.76 -43.70 -74.45
N GLY JC 423 62.27 -42.90 -73.52
CA GLY JC 423 62.91 -42.77 -72.23
C GLY JC 423 64.38 -42.42 -72.34
N ALA JC 424 65.08 -42.42 -71.22
CA ALA JC 424 66.50 -42.10 -71.21
C ALA JC 424 67.32 -43.20 -71.88
N ILE JC 425 68.27 -42.79 -72.72
CA ILE JC 425 69.12 -43.75 -73.42
C ILE JC 425 70.42 -43.09 -73.87
N GLU JC 426 71.34 -43.90 -74.40
CA GLU JC 426 72.62 -43.40 -74.86
C GLU JC 426 72.96 -43.96 -76.24
N GLU JC 427 73.56 -43.13 -77.08
CA GLU JC 427 73.94 -43.54 -78.43
C GLU JC 427 75.42 -43.89 -78.49
N LYS JC 428 75.76 -44.96 -79.20
CA LYS JC 428 77.14 -45.39 -79.35
C LYS JC 428 77.42 -45.88 -80.76
N VAL JC 429 78.19 -45.10 -81.51
CA VAL JC 429 78.54 -45.46 -82.88
C VAL JC 429 79.80 -46.32 -82.92
N SER JC 430 79.80 -47.31 -83.80
CA SER JC 430 80.94 -48.21 -83.95
C SER JC 430 81.27 -48.45 -85.41
N GLN JC 431 82.54 -48.31 -85.76
CA GLN JC 431 82.98 -48.50 -87.13
C GLN JC 431 83.94 -49.69 -87.23
N SER JC 432 83.40 -50.86 -87.52
CA SER JC 432 84.20 -52.08 -87.65
C SER JC 432 84.96 -52.10 -88.97
N ALA JC 433 84.65 -51.14 -89.84
CA ALA JC 433 85.31 -51.05 -91.14
C ALA JC 433 84.81 -49.84 -91.91
N GLY JC 434 85.60 -49.41 -92.93
CA GLY JC 434 85.27 -48.26 -93.76
C GLY JC 434 84.07 -48.53 -94.67
N THR JC 435 82.87 -48.47 -94.10
CA THR JC 435 81.67 -48.70 -94.87
C THR JC 435 80.54 -49.26 -94.03
N LEU JC 436 80.89 -49.96 -92.96
CA LEU JC 436 79.89 -50.56 -92.08
C LEU JC 436 79.70 -49.69 -90.84
N SER JC 437 78.48 -49.17 -90.68
CA SER JC 437 78.16 -48.32 -89.54
C SER JC 437 77.23 -49.04 -88.57
N TRP JC 438 77.35 -48.73 -87.29
CA TRP JC 438 76.52 -49.35 -86.26
C TRP JC 438 76.13 -48.34 -85.18
N ARG JC 439 74.98 -48.57 -84.56
CA ARG JC 439 74.49 -47.69 -83.51
C ARG JC 439 73.95 -48.49 -82.34
N LEU JC 440 74.71 -48.54 -81.26
CA LEU JC 440 74.30 -49.27 -80.06
C LEU JC 440 73.46 -48.39 -79.14
N TYR JC 477 47.06 -61.01 -44.93
CA TYR JC 477 47.99 -61.20 -43.79
C TYR JC 477 48.91 -62.36 -44.10
N ARG JC 478 49.67 -62.19 -45.19
CA ARG JC 478 50.78 -63.06 -45.54
C ARG JC 478 51.60 -62.36 -46.60
N GLY JC 479 52.92 -62.46 -46.49
CA GLY JC 479 53.80 -61.72 -47.39
C GLY JC 479 55.23 -62.25 -47.49
N LYS JC 480 56.02 -61.72 -48.44
CA LYS JC 480 57.49 -61.89 -48.41
C LYS JC 480 58.07 -61.32 -47.14
N ARG JC 481 59.19 -61.91 -46.72
CA ARG JC 481 60.03 -61.44 -45.61
C ARG JC 481 60.91 -60.29 -45.97
N VAL JC 482 61.07 -59.42 -44.99
CA VAL JC 482 61.62 -58.09 -45.20
C VAL JC 482 62.40 -57.65 -43.95
N SER JC 483 63.12 -56.55 -44.08
CA SER JC 483 63.68 -55.84 -42.94
C SER JC 483 63.31 -54.38 -43.11
N PHE JC 484 62.54 -53.88 -42.15
CA PHE JC 484 62.12 -52.49 -42.08
C PHE JC 484 62.99 -51.60 -41.26
N GLU JC 485 63.69 -50.70 -41.91
CA GLU JC 485 64.48 -49.73 -41.21
C GLU JC 485 63.97 -48.36 -41.60
N PHE JC 486 63.38 -47.66 -40.61
CA PHE JC 486 62.82 -46.31 -40.72
C PHE JC 486 63.35 -45.36 -39.67
N LYS JC 487 64.24 -44.47 -40.09
CA LYS JC 487 64.84 -43.50 -39.18
C LYS JC 487 64.22 -42.13 -39.35
N ASP JC 488 63.19 -41.87 -38.57
CA ASP JC 488 62.55 -40.54 -38.48
C ASP JC 488 61.92 -40.24 -39.86
N ILE JC 489 60.86 -40.97 -40.17
CA ILE JC 489 60.12 -40.83 -41.45
C ILE JC 489 58.63 -40.79 -41.25
N ASP JC 490 57.95 -40.09 -42.16
CA ASP JC 490 56.50 -40.01 -42.13
C ASP JC 490 55.89 -41.38 -42.31
N ILE JC 491 54.92 -41.73 -41.46
CA ILE JC 491 54.21 -43.03 -41.60
C ILE JC 491 53.57 -43.12 -42.98
N GLN JC 492 53.15 -41.99 -43.56
CA GLN JC 492 52.68 -41.91 -44.93
C GLN JC 492 53.73 -42.35 -45.95
N ASN JC 493 54.98 -41.96 -45.75
CA ASN JC 493 56.06 -42.46 -46.55
C ASN JC 493 56.23 -43.96 -46.32
N LEU JC 494 56.31 -44.43 -45.08
CA LEU JC 494 56.44 -45.89 -44.85
C LEU JC 494 55.33 -46.67 -45.53
N LEU JC 495 54.13 -46.15 -45.42
CA LEU JC 495 53.01 -46.70 -46.10
C LEU JC 495 53.20 -46.82 -47.62
N ARG JC 496 53.54 -45.73 -48.31
CA ARG JC 496 53.73 -45.71 -49.77
C ARG JC 496 54.81 -46.63 -50.21
N VAL JC 497 55.91 -46.58 -49.47
CA VAL JC 497 57.01 -47.48 -49.64
C VAL JC 497 56.46 -48.91 -49.56
N ILE JC 498 55.69 -49.19 -48.53
CA ILE JC 498 55.05 -50.48 -48.39
C ILE JC 498 54.10 -50.73 -49.58
N ALA JC 499 53.35 -49.81 -50.14
CA ALA JC 499 52.64 -50.08 -51.41
C ALA JC 499 53.54 -50.30 -52.66
N GLU JC 500 54.70 -49.63 -52.75
CA GLU JC 500 55.68 -49.75 -53.87
C GLU JC 500 56.39 -51.10 -53.92
N ILE JC 501 56.34 -51.82 -52.82
CA ILE JC 501 56.83 -53.17 -52.65
C ILE JC 501 55.65 -54.22 -52.87
N SER JC 502 54.49 -53.87 -53.46
CA SER JC 502 53.35 -54.80 -53.82
C SER JC 502 52.59 -55.37 -52.62
N LYS JC 503 52.86 -54.78 -51.49
CA LYS JC 503 52.12 -54.97 -50.25
C LYS JC 503 50.87 -54.14 -50.32
N LYS JC 504 49.97 -54.61 -51.19
CA LYS JC 504 48.75 -53.93 -51.60
C LYS JC 504 49.06 -52.63 -52.34
N ASN JC 505 48.00 -51.92 -52.71
CA ASN JC 505 48.10 -50.48 -52.86
C ASN JC 505 47.61 -49.86 -51.56
N ILE JC 506 48.51 -49.28 -50.77
CA ILE JC 506 48.15 -48.58 -49.55
C ILE JC 506 47.92 -47.10 -49.81
N VAL JC 507 46.84 -46.53 -49.26
CA VAL JC 507 46.52 -45.09 -49.25
C VAL JC 507 46.07 -44.68 -47.83
N VAL JC 508 46.65 -43.61 -47.28
CA VAL JC 508 46.16 -43.07 -45.99
C VAL JC 508 44.87 -42.24 -46.21
N ALA JC 509 44.27 -41.74 -45.13
CA ALA JC 509 43.59 -40.42 -45.15
C ALA JC 509 44.60 -39.29 -45.50
N ASP JC 510 44.30 -38.01 -45.26
CA ASP JC 510 45.34 -36.98 -45.43
C ASP JC 510 46.24 -36.94 -44.16
N ASP JC 511 45.72 -36.32 -43.09
CA ASP JC 511 46.52 -36.14 -41.88
C ASP JC 511 46.26 -37.27 -40.89
N VAL JC 512 47.09 -38.30 -41.02
CA VAL JC 512 47.03 -39.48 -40.18
C VAL JC 512 47.72 -39.30 -38.84
N SER JC 513 48.89 -38.67 -38.76
CA SER JC 513 49.74 -38.80 -37.55
C SER JC 513 50.95 -37.88 -37.64
N GLY JC 514 52.05 -38.44 -38.15
CA GLY JC 514 53.31 -37.76 -38.32
C GLY JC 514 54.39 -38.76 -38.71
N LYS JC 515 55.50 -38.60 -38.01
CA LYS JC 515 56.75 -39.32 -38.20
C LYS JC 515 56.99 -40.38 -37.12
N VAL JC 516 57.58 -41.52 -37.50
CA VAL JC 516 57.96 -42.61 -36.58
C VAL JC 516 59.33 -43.20 -36.92
N THR JC 517 59.92 -43.84 -35.91
CA THR JC 517 61.12 -44.65 -36.02
C THR JC 517 60.90 -46.11 -35.62
N ILE JC 518 61.22 -47.04 -36.53
CA ILE JC 518 61.26 -48.48 -36.25
C ILE JC 518 62.45 -49.12 -36.97
N ARG JC 519 62.96 -50.26 -36.50
CA ARG JC 519 63.93 -51.12 -37.20
C ARG JC 519 63.80 -52.62 -36.96
N LEU JC 520 63.30 -53.26 -37.99
CA LEU JC 520 62.93 -54.65 -38.02
C LEU JC 520 63.91 -55.42 -38.87
N ARG JC 521 64.10 -56.68 -38.48
CA ARG JC 521 64.78 -57.65 -39.35
C ARG JC 521 63.98 -58.94 -39.44
N ASN JC 522 64.03 -59.55 -40.61
CA ASN JC 522 63.43 -60.86 -40.90
C ASN JC 522 61.91 -60.94 -40.61
N VAL JC 523 61.15 -59.87 -40.87
CA VAL JC 523 59.71 -59.84 -40.57
C VAL JC 523 58.99 -59.76 -41.89
N PRO JC 524 58.03 -60.64 -42.24
CA PRO JC 524 57.08 -60.37 -43.30
C PRO JC 524 56.38 -59.07 -43.05
N TRP JC 525 56.15 -58.39 -44.14
CA TRP JC 525 55.71 -57.04 -44.06
C TRP JC 525 54.37 -56.78 -43.41
N ASP JC 526 53.42 -57.67 -43.69
CA ASP JC 526 52.02 -57.56 -43.29
C ASP JC 526 51.87 -57.63 -41.79
N GLN JC 527 52.86 -58.27 -41.21
CA GLN JC 527 53.16 -58.20 -39.84
C GLN JC 527 53.91 -56.94 -39.46
N ALA JC 528 55.04 -56.60 -40.10
CA ALA JC 528 55.77 -55.38 -39.75
C ALA JC 528 54.84 -54.16 -39.75
N LEU JC 529 53.84 -54.17 -40.65
CA LEU JC 529 52.65 -53.31 -40.68
C LEU JC 529 51.83 -53.37 -39.39
N ASP JC 530 51.22 -54.50 -39.01
CA ASP JC 530 50.40 -54.61 -37.79
C ASP JC 530 51.11 -54.05 -36.56
N LEU JC 531 52.38 -54.38 -36.58
CA LEU JC 531 53.35 -53.93 -35.64
C LEU JC 531 53.63 -52.40 -35.73
N VAL JC 532 53.61 -51.80 -36.93
CA VAL JC 532 53.81 -50.34 -37.16
C VAL JC 532 52.61 -49.57 -36.60
N LEU JC 533 51.40 -50.07 -36.86
CA LEU JC 533 50.12 -49.58 -36.31
C LEU JC 533 50.22 -49.36 -34.79
N ARG JC 534 50.63 -50.42 -34.09
CA ARG JC 534 50.80 -50.41 -32.62
C ARG JC 534 51.87 -49.46 -32.05
N THR JC 535 52.85 -49.15 -32.88
CA THR JC 535 53.90 -48.21 -32.46
C THR JC 535 53.29 -46.84 -32.11
N LYS JC 536 52.72 -46.19 -33.11
CA LYS JC 536 52.17 -44.82 -33.07
C LYS JC 536 50.95 -44.72 -33.98
N ALA JC 537 51.19 -45.46 -35.05
CA ALA JC 537 50.49 -45.37 -36.27
C ALA JC 537 49.10 -45.94 -36.07
N LEU JC 538 48.48 -46.12 -37.21
CA LEU JC 538 47.06 -46.07 -37.37
C LEU JC 538 46.42 -47.44 -37.14
N GLY JC 539 45.15 -47.62 -37.48
CA GLY JC 539 44.61 -48.93 -37.88
C GLY JC 539 44.40 -49.02 -39.39
N LYS JC 540 44.40 -50.23 -39.95
CA LYS JC 540 44.17 -50.45 -41.39
C LYS JC 540 42.80 -51.07 -41.67
N GLU JC 541 42.15 -50.58 -42.73
CA GLU JC 541 40.94 -51.16 -43.34
C GLU JC 541 41.17 -51.43 -44.82
N GLU JC 542 40.91 -52.64 -45.31
CA GLU JC 542 41.09 -52.98 -46.72
C GLU JC 542 39.78 -53.01 -47.51
N PHE JC 543 39.73 -52.25 -48.62
CA PHE JC 543 38.69 -52.38 -49.64
C PHE JC 543 38.82 -53.64 -50.50
N GLY JC 544 40.06 -54.02 -50.79
CA GLY JC 544 40.48 -55.29 -51.38
C GLY JC 544 41.72 -55.08 -52.24
N ASN JC 545 41.56 -54.29 -53.31
CA ASN JC 545 42.68 -53.84 -54.14
C ASN JC 545 43.51 -52.75 -53.48
N ILE JC 546 42.81 -51.73 -52.98
CA ILE JC 546 43.37 -50.65 -52.19
C ILE JC 546 43.03 -50.91 -50.72
N ILE JC 547 43.85 -50.38 -49.84
CA ILE JC 547 43.60 -50.37 -48.40
C ILE JC 547 43.64 -48.90 -47.94
N ARG JC 548 42.70 -48.51 -47.08
CA ARG JC 548 42.73 -47.20 -46.43
C ARG JC 548 43.25 -47.32 -45.01
N ILE JC 549 44.14 -46.41 -44.66
CA ILE JC 549 44.66 -46.30 -43.31
C ILE JC 549 44.26 -44.97 -42.71
N ALA JC 550 43.68 -45.03 -41.51
CA ALA JC 550 43.13 -43.85 -40.89
C ALA JC 550 43.62 -43.65 -39.45
N PRO JC 551 43.67 -42.38 -39.00
CA PRO JC 551 43.89 -41.94 -37.62
C PRO JC 551 42.72 -42.24 -36.68
N ASP JC 574 66.95 -47.39 -31.47
CA ASP JC 574 65.92 -48.12 -32.19
C ASP JC 574 65.06 -49.04 -31.34
N LEU JC 575 63.89 -49.17 -31.95
CA LEU JC 575 62.98 -50.26 -31.71
C LEU JC 575 63.32 -51.27 -32.70
N MET JC 576 63.12 -52.48 -32.26
CA MET JC 576 63.35 -53.53 -33.17
C MET JC 576 62.37 -54.64 -33.02
N VAL JC 577 62.39 -55.36 -34.13
CA VAL JC 577 61.67 -56.59 -34.24
C VAL JC 577 62.60 -57.70 -34.52
N ASN JC 578 62.30 -58.76 -33.79
CA ASN JC 578 63.02 -59.99 -33.79
C ASN JC 578 61.98 -61.12 -33.72
N LEU JC 579 62.25 -62.14 -34.52
CA LEU JC 579 61.53 -63.40 -34.53
C LEU JC 579 62.26 -64.32 -33.54
N LEU JC 580 61.51 -64.87 -32.60
CA LEU JC 580 61.93 -65.93 -31.68
C LEU JC 580 61.37 -67.25 -32.23
N PRO JC 581 62.21 -68.23 -32.62
CA PRO JC 581 61.68 -69.57 -32.79
C PRO JC 581 61.33 -70.13 -31.40
N VAL JC 582 60.23 -70.85 -31.32
CA VAL JC 582 59.91 -71.71 -30.17
C VAL JC 582 59.96 -73.14 -30.66
N ASN JC 583 61.07 -73.83 -30.42
CA ASN JC 583 61.19 -75.20 -30.92
C ASN JC 583 60.37 -76.18 -30.09
N TYR JC 584 60.41 -76.03 -28.75
CA TYR JC 584 59.94 -77.06 -27.86
C TYR JC 584 58.54 -76.88 -27.32
N ALA JC 585 58.25 -75.67 -26.81
CA ALA JC 585 56.93 -75.36 -26.25
C ALA JC 585 55.93 -74.86 -27.31
N VAL JC 586 54.65 -74.82 -26.94
CA VAL JC 586 53.64 -74.11 -27.73
C VAL JC 586 53.70 -72.61 -27.41
N ALA JC 587 53.53 -71.75 -28.42
CA ALA JC 587 53.60 -70.30 -28.26
C ALA JC 587 52.55 -69.74 -27.28
N ALA JC 588 51.33 -70.32 -27.28
CA ALA JC 588 50.22 -69.88 -26.44
C ALA JC 588 50.48 -70.04 -24.93
N ASP JC 589 51.31 -70.99 -24.51
CA ASP JC 589 51.69 -71.19 -23.10
C ASP JC 589 52.55 -70.05 -22.54
N MET JC 590 53.33 -69.41 -23.41
CA MET JC 590 54.07 -68.17 -23.08
C MET JC 590 53.15 -66.96 -22.87
N ALA JC 591 51.94 -66.96 -23.44
CA ALA JC 591 51.08 -65.77 -23.52
C ALA JC 591 50.78 -65.14 -22.16
N ALA JC 592 50.55 -65.97 -21.12
CA ALA JC 592 50.30 -65.49 -19.77
C ALA JC 592 51.49 -64.65 -19.22
N ARG JC 593 52.69 -65.22 -19.28
CA ARG JC 593 53.93 -64.56 -18.80
C ARG JC 593 54.34 -63.35 -19.64
N VAL JC 594 54.21 -63.46 -20.96
CA VAL JC 594 54.58 -62.39 -21.87
C VAL JC 594 53.61 -61.20 -21.70
N LYS JC 595 52.30 -61.45 -21.57
CA LYS JC 595 51.31 -60.41 -21.26
C LYS JC 595 51.65 -59.71 -19.94
N ASP JC 596 52.10 -60.47 -18.95
CA ASP JC 596 52.50 -59.96 -17.65
C ASP JC 596 53.74 -59.05 -17.63
N VAL JC 597 54.76 -59.26 -18.49
CA VAL JC 597 55.82 -58.21 -18.65
C VAL JC 597 55.26 -56.92 -19.24
N LEU JC 598 54.45 -57.01 -20.31
CA LEU JC 598 53.99 -55.82 -21.04
C LEU JC 598 53.31 -54.83 -20.08
N SER JC 599 52.43 -55.34 -19.21
CA SER JC 599 51.58 -54.48 -18.37
C SER JC 599 50.86 -53.45 -19.26
N GLU JC 600 50.86 -52.17 -18.87
CA GLU JC 600 50.46 -51.01 -19.67
C GLU JC 600 51.62 -50.42 -20.51
N ARG JC 601 52.62 -51.23 -20.87
CA ARG JC 601 53.67 -50.80 -21.78
C ARG JC 601 53.39 -51.17 -23.24
N GLY JC 602 54.30 -50.54 -23.97
CA GLY JC 602 54.53 -50.57 -25.39
C GLY JC 602 55.74 -51.33 -25.76
N SER JC 603 55.53 -51.86 -26.93
CA SER JC 603 55.78 -53.28 -27.08
C SER JC 603 54.51 -53.99 -27.42
N VAL JC 604 54.73 -55.05 -28.16
CA VAL JC 604 53.75 -56.08 -28.36
C VAL JC 604 54.42 -57.37 -28.73
N THR JC 605 53.62 -58.42 -28.64
CA THR JC 605 53.92 -59.77 -29.06
C THR JC 605 52.86 -60.25 -30.07
N VAL JC 606 53.29 -60.87 -31.17
CA VAL JC 606 52.45 -61.50 -32.20
C VAL JC 606 52.81 -62.96 -32.33
N ASP JC 607 51.78 -63.80 -32.33
CA ASP JC 607 51.94 -65.23 -32.48
C ASP JC 607 51.67 -65.62 -33.94
N GLN JC 608 52.70 -66.06 -34.65
CA GLN JC 608 52.53 -66.62 -35.99
C GLN JC 608 52.16 -68.10 -35.91
N ARG JC 609 51.47 -68.56 -36.95
CA ARG JC 609 50.93 -69.93 -37.04
C ARG JC 609 51.96 -71.05 -36.91
N THR JC 610 53.18 -70.81 -37.39
CA THR JC 610 54.29 -71.78 -37.35
C THR JC 610 55.00 -71.79 -35.99
N ASN JC 611 54.30 -71.45 -34.90
CA ASN JC 611 54.81 -71.38 -33.52
C ASN JC 611 56.14 -70.61 -33.40
N VAL JC 612 56.13 -69.39 -33.94
CA VAL JC 612 57.16 -68.39 -33.69
C VAL JC 612 56.52 -67.18 -33.05
N LEU JC 613 57.19 -66.63 -32.02
CA LEU JC 613 56.79 -65.34 -31.48
C LEU JC 613 57.51 -64.22 -32.21
N ILE JC 614 56.81 -63.12 -32.38
CA ILE JC 614 57.41 -61.88 -32.86
C ILE JC 614 57.11 -60.73 -31.93
N VAL JC 615 58.15 -60.00 -31.61
CA VAL JC 615 58.08 -58.84 -30.73
C VAL JC 615 58.46 -57.55 -31.45
N LYS JC 616 57.64 -56.49 -31.41
CA LYS JC 616 58.18 -55.12 -31.57
C LYS JC 616 58.24 -54.55 -30.22
N ASP JC 617 59.26 -53.73 -30.03
CA ASP JC 617 59.42 -52.86 -28.90
C ASP JC 617 60.76 -52.13 -28.94
N VAL JC 618 60.97 -51.31 -27.92
CA VAL JC 618 62.31 -50.90 -27.53
C VAL JC 618 63.21 -52.14 -27.41
N ARG JC 619 64.52 -51.99 -27.64
CA ARG JC 619 65.47 -53.07 -27.37
C ARG JC 619 65.35 -53.64 -25.96
N SER JC 620 65.16 -52.80 -24.94
CA SER JC 620 65.14 -53.25 -23.54
C SER JC 620 63.95 -54.15 -23.22
N ASN JC 621 62.74 -53.85 -23.74
CA ASN JC 621 61.59 -54.74 -23.62
C ASN JC 621 61.73 -55.99 -24.54
N THR JC 622 62.32 -55.88 -25.75
CA THR JC 622 62.65 -57.07 -26.58
C THR JC 622 63.56 -58.07 -25.84
N GLU JC 623 64.62 -57.53 -25.24
CA GLU JC 623 65.60 -58.32 -24.52
C GLU JC 623 64.94 -59.13 -23.41
N ARG JC 624 64.10 -58.48 -22.60
CA ARG JC 624 63.33 -59.13 -21.54
C ARG JC 624 62.46 -60.26 -22.09
N ALA JC 625 61.64 -59.94 -23.10
CA ALA JC 625 60.75 -60.93 -23.72
C ALA JC 625 61.54 -62.13 -24.29
N ARG JC 626 62.68 -61.89 -24.99
CA ARG JC 626 63.54 -62.99 -25.47
C ARG JC 626 64.08 -63.84 -24.33
N SER JC 627 64.62 -63.22 -23.27
CA SER JC 627 65.19 -63.96 -22.15
C SER JC 627 64.16 -64.89 -21.49
N LEU JC 628 62.90 -64.45 -21.34
CA LEU JC 628 61.82 -65.27 -20.80
C LEU JC 628 61.39 -66.37 -21.78
N VAL JC 629 61.18 -66.05 -23.06
CA VAL JC 629 60.78 -67.03 -24.09
C VAL JC 629 61.84 -68.12 -24.19
N ARG JC 630 63.13 -67.76 -24.34
CA ARG JC 630 64.20 -68.76 -24.39
C ARG JC 630 64.32 -69.54 -23.09
N SER JC 631 64.18 -68.89 -21.94
CA SER JC 631 64.31 -69.56 -20.63
C SER JC 631 63.23 -70.63 -20.42
N LEU JC 632 61.98 -70.31 -20.77
CA LEU JC 632 60.88 -71.28 -20.78
C LEU JC 632 60.98 -72.30 -21.90
N ASP JC 633 61.50 -71.91 -23.06
CA ASP JC 633 61.79 -72.88 -24.13
C ASP JC 633 62.79 -73.83 -23.46
N THR JC 634 63.94 -73.39 -22.90
CA THR JC 634 64.99 -74.29 -22.33
C THR JC 634 64.59 -75.40 -21.35
N GLN JC 635 63.54 -75.27 -20.52
CA GLN JC 635 63.08 -76.42 -19.73
C GLN JC 635 62.27 -77.45 -20.55
N THR JC 636 61.59 -76.99 -21.59
CA THR JC 636 61.03 -77.79 -22.69
C THR JC 636 61.99 -78.63 -23.60
N PRO JC 637 63.23 -78.22 -23.99
CA PRO JC 637 64.25 -79.08 -24.61
C PRO JC 637 64.73 -80.27 -23.81
N GLN JC 638 64.74 -80.22 -22.47
CA GLN JC 638 65.06 -81.46 -21.74
C GLN JC 638 63.84 -82.40 -21.80
N VAL JC 639 63.82 -83.20 -22.86
CA VAL JC 639 62.78 -84.21 -23.08
C VAL JC 639 63.14 -85.54 -22.40
N CYS KC 5 3.39 77.83 -37.32
CA CYS KC 5 3.07 76.55 -37.94
C CYS KC 5 3.61 76.52 -39.39
N GLU KC 6 3.46 75.38 -40.07
CA GLU KC 6 3.50 75.35 -41.56
C GLU KC 6 2.09 75.10 -42.13
N GLU KC 7 1.81 75.77 -43.26
CA GLU KC 7 0.50 75.94 -43.89
C GLU KC 7 0.24 74.83 -44.96
N PRO KC 8 -0.84 74.85 -45.80
CA PRO KC 8 -1.29 73.71 -46.59
C PRO KC 8 -0.24 72.93 -47.43
N PRO KC 9 0.42 73.60 -48.39
CA PRO KC 9 1.87 73.79 -48.21
C PRO KC 9 2.24 75.04 -47.42
N ALA KC 10 3.50 75.05 -46.96
CA ALA KC 10 4.19 76.20 -46.39
C ALA KC 10 4.31 77.38 -47.40
N PRO KC 11 5.05 78.47 -47.09
CA PRO KC 11 5.34 79.55 -48.06
C PRO KC 11 6.10 79.07 -49.34
N ALA KC 12 7.00 79.89 -49.93
CA ALA KC 12 7.46 79.65 -51.31
C ALA KC 12 8.91 79.14 -51.54
N PRO KC 13 9.84 79.43 -50.62
CA PRO KC 13 11.24 79.06 -50.82
C PRO KC 13 11.58 77.73 -50.15
N PRO KC 14 10.76 76.71 -50.43
CA PRO KC 14 9.33 76.77 -50.15
C PRO KC 14 9.03 76.48 -48.69
N PRO KC 15 9.44 77.38 -47.80
CA PRO KC 15 10.83 77.41 -47.34
C PRO KC 15 11.27 76.06 -46.78
N ALA KC 16 12.58 75.92 -46.54
CA ALA KC 16 13.06 75.19 -45.37
C ALA KC 16 13.46 73.77 -45.74
N LYS KC 17 12.94 73.28 -46.85
CA LYS KC 17 13.09 71.87 -47.21
C LYS KC 17 14.53 71.55 -47.60
N PRO KC 18 15.35 72.58 -47.71
CA PRO KC 18 16.81 72.40 -47.82
C PRO KC 18 17.38 71.70 -46.59
N LYS KC 19 16.62 71.68 -45.50
CA LYS KC 19 16.99 70.92 -44.31
C LYS KC 19 16.25 69.59 -44.25
N ALA KC 20 14.92 69.66 -44.32
CA ALA KC 20 14.09 68.46 -44.40
C ALA KC 20 14.52 67.57 -45.56
N ALA KC 21 14.30 68.05 -46.78
CA ALA KC 21 14.69 67.31 -47.98
C ALA KC 21 16.15 67.59 -48.35
N ALA KC 22 17.03 67.51 -47.35
CA ALA KC 22 18.45 67.26 -47.61
C ALA KC 22 19.07 66.45 -46.48
N ALA KC 23 18.38 66.38 -45.35
CA ALA KC 23 18.65 65.37 -44.34
C ALA KC 23 17.74 64.15 -44.52
N VAL KC 24 16.65 64.35 -45.24
CA VAL KC 24 16.09 63.30 -46.09
C VAL KC 24 16.98 63.02 -47.29
N PRO KC 25 16.42 63.15 -48.48
CA PRO KC 25 16.22 62.00 -49.36
C PRO KC 25 17.47 61.15 -49.49
N VAL KC 26 17.81 60.43 -48.42
CA VAL KC 26 16.91 59.44 -47.85
C VAL KC 26 17.67 58.22 -47.34
N LYS KC 27 18.16 57.40 -48.27
CA LYS KC 27 18.63 57.90 -49.55
C LYS KC 27 17.73 57.43 -50.69
N ALA KC 28 16.43 57.38 -50.43
CA ALA KC 28 15.56 56.41 -51.07
C ALA KC 28 16.18 55.01 -51.04
N ALA KC 29 17.23 54.82 -51.82
CA ALA KC 29 17.26 53.79 -52.85
C ALA KC 29 16.44 54.20 -54.07
N PRO KC 30 15.13 54.04 -53.96
CA PRO KC 30 14.53 52.92 -53.24
C PRO KC 30 14.92 51.57 -53.85
N THR KC 31 15.05 50.56 -53.01
CA THR KC 31 15.69 49.30 -53.42
C THR KC 31 14.57 48.37 -53.89
N GLU KC 32 14.15 48.62 -55.13
CA GLU KC 32 13.26 47.83 -56.00
C GLU KC 32 13.74 46.39 -56.29
N THR KC 33 14.33 45.73 -55.31
CA THR KC 33 15.42 44.73 -55.45
C THR KC 33 15.07 43.34 -54.84
N GLY KC 34 15.39 43.16 -53.55
CA GLY KC 34 15.98 41.90 -53.05
C GLY KC 34 14.98 40.81 -52.71
N ALA KC 35 14.33 40.26 -53.76
CA ALA KC 35 13.08 39.51 -53.67
C ALA KC 35 13.31 37.99 -53.54
N GLN KC 36 12.66 37.19 -54.37
CA GLN KC 36 12.58 35.71 -54.25
C GLN KC 36 13.25 35.01 -55.43
N ALA KC 37 13.95 33.91 -55.17
CA ALA KC 37 14.74 33.19 -56.17
C ALA KC 37 13.97 31.98 -56.74
N ALA KC 38 14.21 31.68 -58.03
CA ALA KC 38 13.86 30.41 -58.67
C ALA KC 38 14.82 29.24 -58.29
N PRO KC 39 15.80 29.48 -57.39
CA PRO KC 39 17.23 29.31 -57.70
C PRO KC 39 17.52 28.81 -59.14
N SER KC 40 18.48 27.91 -59.32
CA SER KC 40 18.78 27.19 -60.56
C SER KC 40 19.21 25.76 -60.23
N TYR KC 41 19.22 24.87 -61.22
CA TYR KC 41 19.32 23.43 -61.02
C TYR KC 41 20.41 22.84 -61.93
N SER KC 42 21.18 21.90 -61.38
CA SER KC 42 22.23 21.16 -62.09
C SER KC 42 21.68 19.93 -62.83
N TYR KC 43 22.53 19.35 -63.69
CA TYR KC 43 22.14 18.23 -64.58
C TYR KC 43 22.91 16.93 -64.33
N VAL KC 44 22.28 15.79 -64.65
CA VAL KC 44 22.75 14.43 -64.30
C VAL KC 44 22.57 13.47 -65.48
N TYR KC 45 23.42 12.47 -65.72
CA TYR KC 45 24.80 12.20 -65.27
C TYR KC 45 25.42 11.25 -66.34
N ASN KC 46 26.73 11.09 -66.29
CA ASN KC 46 27.48 10.55 -67.42
C ASN KC 46 27.83 9.07 -67.23
N PRO KC 47 27.13 8.22 -67.97
CA PRO KC 47 27.46 6.78 -68.01
C PRO KC 47 26.67 6.04 -69.08
N VAL KC 48 27.34 5.18 -69.83
CA VAL KC 48 26.93 3.80 -69.97
C VAL KC 48 28.08 2.84 -69.66
N GLY KC 49 27.74 1.60 -69.30
CA GLY KC 49 28.72 0.66 -68.78
C GLY KC 49 29.37 -0.16 -69.88
N LYS KC 50 30.41 -0.91 -69.52
CA LYS KC 50 30.52 -2.30 -69.90
C LYS KC 50 31.16 -3.14 -68.79
N ARG KC 51 31.96 -4.13 -69.19
CA ARG KC 51 31.96 -5.42 -68.52
C ARG KC 51 33.38 -5.84 -68.15
N ASP KC 52 33.53 -6.33 -66.92
CA ASP KC 52 34.83 -6.79 -66.43
C ASP KC 52 34.71 -8.08 -65.64
N PRO KC 53 35.02 -8.01 -64.35
CA PRO KC 53 34.01 -7.83 -63.33
C PRO KC 53 32.85 -6.87 -63.71
N PHE KC 54 31.60 -7.14 -63.37
CA PHE KC 54 31.16 -8.14 -62.39
C PHE KC 54 30.61 -9.40 -63.07
N ARG KC 55 30.84 -9.65 -64.37
CA ARG KC 55 30.28 -10.83 -65.04
C ARG KC 55 30.82 -12.14 -64.46
N SER KC 56 32.11 -12.39 -64.54
CA SER KC 56 32.71 -13.58 -63.91
C SER KC 56 32.37 -13.78 -62.40
N PRO KC 57 32.52 -12.75 -61.53
CA PRO KC 57 32.20 -12.92 -60.11
C PRO KC 57 30.70 -13.03 -59.73
N ILE KC 58 29.74 -13.07 -60.67
CA ILE KC 58 28.36 -13.46 -60.38
C ILE KC 58 27.75 -14.36 -61.50
N ASP KC 59 27.86 -13.96 -62.76
CA ASP KC 59 27.36 -14.70 -63.94
C ASP KC 59 28.08 -16.07 -64.12
N GLU KC 60 29.32 -16.21 -63.62
CA GLU KC 60 30.13 -17.45 -63.67
C GLU KC 60 30.33 -18.10 -62.28
N LEU KC 61 30.34 -17.31 -61.21
CA LEU KC 61 30.40 -17.81 -59.82
C LEU KC 61 29.06 -18.42 -59.33
N GLY KC 62 27.91 -17.91 -59.78
CA GLY KC 62 26.60 -18.46 -59.41
C GLY KC 62 26.34 -19.90 -59.90
N PRO KC 63 26.85 -20.30 -61.10
CA PRO KC 63 26.94 -21.65 -61.67
C PRO KC 63 27.85 -22.70 -60.97
N VAL KC 64 29.47 -22.96 -61.12
CA VAL KC 64 30.33 -24.14 -60.90
C VAL KC 64 31.80 -23.78 -61.08
N ASN KC 65 32.79 -24.10 -60.23
CA ASN KC 65 34.11 -23.50 -60.27
C ASN KC 65 35.16 -24.59 -60.02
N ALA KC 66 36.09 -24.71 -60.97
CA ALA KC 66 37.26 -25.57 -60.86
C ALA KC 66 38.49 -24.78 -61.31
N ASN KC 67 39.62 -25.03 -60.65
CA ASN KC 67 40.89 -24.40 -60.98
C ASN KC 67 41.94 -25.49 -61.31
N PRO KC 68 41.96 -26.02 -62.55
CA PRO KC 68 42.70 -27.22 -62.92
C PRO KC 68 44.19 -27.23 -62.58
N VAL KC 69 44.69 -28.44 -62.28
CA VAL KC 69 46.12 -28.73 -62.17
C VAL KC 69 46.79 -28.95 -63.54
N ALA KC 70 47.82 -28.16 -63.83
CA ALA KC 70 48.75 -28.38 -64.96
C ALA KC 70 50.21 -27.98 -64.64
N ALA KC 71 50.43 -27.22 -63.56
CA ALA KC 71 51.45 -26.45 -62.86
C ALA KC 71 52.78 -27.20 -62.70
N CYS KC 72 53.78 -26.50 -62.18
CA CYS KC 72 54.92 -27.12 -61.55
C CYS KC 72 54.60 -27.81 -60.21
N ASN KC 73 55.21 -28.96 -59.98
CA ASN KC 73 55.42 -29.33 -58.56
C ASN KC 73 56.61 -30.31 -58.30
N GLU KC 74 57.79 -30.17 -58.90
CA GLU KC 74 58.59 -31.41 -59.12
C GLU KC 74 59.95 -31.32 -58.40
N PRO KC 75 60.09 -31.92 -57.20
CA PRO KC 75 60.79 -31.29 -56.09
C PRO KC 75 62.28 -31.61 -56.11
N LEU KC 76 62.64 -32.91 -56.11
CA LEU KC 76 64.02 -33.31 -55.84
C LEU KC 76 64.92 -33.08 -57.05
N CYS KC 77 64.36 -33.04 -58.27
CA CYS KC 77 65.07 -32.54 -59.44
C CYS KC 77 65.35 -31.04 -59.45
N SER KC 78 64.90 -30.29 -58.42
CA SER KC 78 65.27 -28.92 -58.12
C SER KC 78 66.29 -28.77 -56.98
N PHE KC 79 66.77 -29.87 -56.37
CA PHE KC 79 67.77 -29.87 -55.27
C PHE KC 79 68.95 -30.82 -55.53
N ASP KC 80 70.14 -30.50 -55.03
CA ASP KC 80 71.37 -31.22 -55.37
C ASP KC 80 71.55 -32.53 -54.56
N LEU KC 81 72.20 -33.55 -55.13
CA LEU KC 81 72.11 -34.92 -54.60
C LEU KC 81 72.79 -35.14 -53.25
N ASP KC 82 73.90 -34.46 -53.02
CA ASP KC 82 74.68 -34.50 -51.77
C ASP KC 82 73.95 -33.75 -50.64
N GLN KC 83 72.86 -33.02 -50.93
CA GLN KC 83 71.98 -32.43 -49.92
C GLN KC 83 70.98 -33.46 -49.34
N LEU KC 84 70.71 -34.56 -50.06
CA LEU KC 84 69.71 -35.57 -49.72
C LEU KC 84 70.27 -36.64 -48.78
N LYS KC 85 69.50 -37.07 -47.75
CA LYS KC 85 69.96 -38.02 -46.72
C LYS KC 85 69.09 -39.26 -46.64
N LEU KC 86 69.68 -40.45 -46.68
CA LEU KC 86 68.90 -41.70 -46.63
C LEU KC 86 68.33 -41.95 -45.23
N VAL KC 87 67.00 -41.94 -45.13
CA VAL KC 87 66.26 -42.14 -43.86
C VAL KC 87 66.13 -43.61 -43.52
N ALA KC 88 65.72 -44.41 -44.50
CA ALA KC 88 65.29 -45.80 -44.34
C ALA KC 88 65.28 -46.53 -45.69
N VAL KC 89 65.05 -47.84 -45.64
CA VAL KC 89 64.77 -48.67 -46.82
C VAL KC 89 63.66 -49.66 -46.47
N VAL KC 90 62.72 -49.87 -47.39
CA VAL KC 90 61.66 -50.88 -47.32
C VAL KC 90 61.94 -51.96 -48.37
N THR KC 91 61.67 -53.22 -48.05
CA THR KC 91 61.80 -54.35 -48.98
C THR KC 91 60.72 -55.37 -48.71
N GLY KC 92 60.10 -55.85 -49.78
CA GLY KC 92 59.07 -56.89 -49.80
C GLY KC 92 58.70 -57.21 -51.25
N ASP KC 93 57.60 -57.94 -51.42
CA ASP KC 93 57.15 -58.49 -52.70
C ASP KC 93 56.90 -57.42 -53.78
N ALA KC 94 56.52 -56.21 -53.36
CA ALA KC 94 56.36 -55.01 -54.18
C ALA KC 94 57.68 -54.37 -54.69
N SER KC 95 58.79 -55.10 -54.66
CA SER KC 95 60.19 -54.68 -54.94
C SER KC 95 60.80 -53.73 -53.88
N PRO KC 96 62.14 -53.70 -53.70
CA PRO KC 96 62.80 -52.80 -52.76
C PRO KC 96 62.63 -51.32 -53.15
N VAL KC 97 62.43 -50.48 -52.13
CA VAL KC 97 62.28 -49.02 -52.24
C VAL KC 97 63.06 -48.28 -51.14
N ALA KC 98 63.83 -47.27 -51.53
CA ALA KC 98 64.56 -46.40 -50.62
C ALA KC 98 63.68 -45.23 -50.15
N MET KC 99 63.94 -44.70 -48.95
CA MET KC 99 63.33 -43.50 -48.40
C MET KC 99 64.40 -42.45 -48.05
N VAL KC 100 64.26 -41.24 -48.58
CA VAL KC 100 65.27 -40.18 -48.56
C VAL KC 100 64.70 -38.82 -48.16
N GLU KC 101 65.50 -37.99 -47.47
CA GLU KC 101 65.12 -36.72 -46.84
C GLU KC 101 65.76 -35.53 -47.57
N ASP KC 102 64.95 -34.49 -47.84
CA ASP KC 102 65.33 -33.24 -48.52
C ASP KC 102 66.16 -32.37 -47.54
N PRO KC 103 66.93 -31.37 -48.02
CA PRO KC 103 67.39 -30.29 -47.16
C PRO KC 103 66.24 -29.43 -46.61
N ALA KC 104 65.08 -29.46 -47.25
CA ALA KC 104 63.81 -28.90 -46.74
C ALA KC 104 63.04 -29.84 -45.76
N GLY KC 105 63.60 -30.99 -45.38
CA GLY KC 105 63.04 -31.92 -44.39
C GLY KC 105 61.85 -32.75 -44.86
N ARG KC 106 61.47 -32.72 -46.15
CA ARG KC 106 60.48 -33.66 -46.69
C ARG KC 106 61.07 -35.07 -46.77
N GLY KC 107 60.23 -36.10 -46.54
CA GLY KC 107 60.50 -37.49 -46.95
C GLY KC 107 59.99 -37.81 -48.37
N HIS KC 108 60.77 -38.60 -49.11
CA HIS KC 108 60.45 -39.15 -50.44
C HIS KC 108 60.66 -40.66 -50.46
N ILE KC 109 60.06 -41.33 -51.45
CA ILE KC 109 60.25 -42.76 -51.68
C ILE KC 109 60.59 -42.96 -53.16
N VAL KC 110 61.69 -43.66 -53.45
CA VAL KC 110 62.24 -43.86 -54.79
C VAL KC 110 62.79 -45.28 -54.86
N ARG KC 111 62.80 -45.87 -56.06
CA ARG KC 111 63.19 -47.27 -56.28
C ARG KC 111 63.96 -47.48 -57.56
N ARG KC 112 64.55 -48.67 -57.75
CA ARG KC 112 65.38 -48.98 -58.94
C ARG KC 112 64.65 -48.62 -60.23
N ASN KC 113 65.34 -47.92 -61.14
CA ASN KC 113 64.88 -47.25 -62.37
C ASN KC 113 64.35 -45.80 -62.22
N THR KC 114 63.87 -45.38 -61.05
CA THR KC 114 63.50 -43.97 -60.77
C THR KC 114 64.70 -43.03 -60.61
N ARG KC 115 64.45 -41.72 -60.48
CA ARG KC 115 65.45 -40.65 -60.34
C ARG KC 115 65.16 -39.74 -59.15
N MET KC 116 66.13 -38.92 -58.83
CA MET KC 116 66.15 -37.89 -57.76
C MET KC 116 67.23 -36.85 -58.13
N GLY KC 117 67.18 -35.65 -57.55
CA GLY KC 117 68.27 -34.66 -57.66
C GLY KC 117 68.40 -33.92 -59.00
N ARG KC 118 69.10 -32.78 -59.00
CA ARG KC 118 69.38 -31.97 -60.21
C ARG KC 118 70.21 -32.70 -61.24
N GLN KC 119 71.18 -33.50 -60.82
CA GLN KC 119 71.96 -34.38 -61.70
C GLN KC 119 71.18 -35.66 -62.13
N GLY KC 120 69.87 -35.73 -61.86
CA GLY KC 120 69.00 -36.83 -62.34
C GLY KC 120 69.36 -38.22 -61.82
N GLY KC 121 69.99 -38.29 -60.64
CA GLY KC 121 70.54 -39.48 -59.99
C GLY KC 121 69.61 -40.68 -60.05
N LYS KC 122 69.90 -41.62 -60.95
CA LYS KC 122 69.09 -42.80 -61.20
C LYS KC 122 69.37 -43.88 -60.16
N VAL KC 123 68.35 -44.37 -59.46
CA VAL KC 123 68.49 -45.50 -58.53
C VAL KC 123 68.87 -46.80 -59.25
N THR KC 124 70.03 -47.38 -58.90
CA THR KC 124 70.56 -48.58 -59.56
C THR KC 124 70.69 -49.75 -58.59
N GLN KC 125 71.01 -49.53 -57.31
CA GLN KC 125 71.02 -50.55 -56.24
C GLN KC 125 70.39 -49.98 -54.97
N ILE KC 126 69.87 -50.86 -54.10
CA ILE KC 126 69.28 -50.52 -52.80
C ILE KC 126 69.70 -51.61 -51.81
N LEU KC 127 70.56 -51.26 -50.84
CA LEU KC 127 70.95 -52.10 -49.71
C LEU KC 127 70.15 -51.68 -48.46
N ARG KC 128 70.50 -52.15 -47.27
CA ARG KC 128 69.79 -51.80 -46.01
C ARG KC 128 70.36 -50.57 -45.30
N ASP KC 129 71.61 -50.30 -45.60
CA ASP KC 129 72.53 -49.30 -45.04
C ASP KC 129 72.84 -48.15 -46.00
N SER KC 130 72.53 -48.34 -47.29
CA SER KC 130 73.06 -47.54 -48.38
C SER KC 130 72.32 -47.77 -49.70
N VAL KC 131 72.44 -46.83 -50.65
CA VAL KC 131 71.73 -46.83 -51.95
C VAL KC 131 72.66 -46.30 -53.03
N THR KC 132 73.11 -47.18 -53.93
CA THR KC 132 73.81 -46.78 -55.17
C THR KC 132 72.91 -46.17 -56.24
N VAL KC 133 73.30 -45.01 -56.73
CA VAL KC 133 72.68 -44.25 -57.81
C VAL KC 133 73.69 -43.85 -58.89
N THR KC 134 73.19 -43.66 -60.13
CA THR KC 134 73.98 -43.09 -61.24
C THR KC 134 73.58 -41.66 -61.59
N GLU KC 135 74.47 -40.73 -61.34
CA GLU KC 135 74.27 -39.28 -61.48
C GLU KC 135 74.99 -38.74 -62.72
N VAL KC 136 74.76 -37.45 -63.03
CA VAL KC 136 75.14 -36.78 -64.29
C VAL KC 136 75.91 -35.50 -64.00
N PHE KC 137 77.25 -35.59 -63.98
CA PHE KC 137 78.15 -34.48 -63.65
C PHE KC 137 78.90 -33.95 -64.88
N SER KC 138 79.25 -32.65 -64.90
CA SER KC 138 80.10 -32.07 -65.97
C SER KC 138 81.58 -32.16 -65.60
N GLY KC 139 82.18 -33.32 -65.85
CA GLY KC 139 83.61 -33.57 -65.59
C GLY KC 139 84.49 -32.80 -66.58
N ASN KC 140 85.07 -31.67 -66.14
CA ASN KC 140 85.94 -30.80 -66.95
C ASN KC 140 85.33 -30.29 -68.27
N GLY KC 141 84.00 -30.35 -68.42
CA GLY KC 141 83.25 -29.98 -69.63
C GLY KC 141 82.51 -31.14 -70.30
N GLU KC 142 82.89 -32.40 -70.06
CA GLU KC 142 82.14 -33.56 -70.51
C GLU KC 142 81.02 -33.95 -69.53
N ILE KC 143 79.82 -34.25 -70.04
CA ILE KC 143 78.78 -34.89 -69.24
C ILE KC 143 79.12 -36.38 -69.03
N ILE KC 144 79.42 -36.75 -67.79
CA ILE KC 144 79.83 -38.11 -67.41
C ILE KC 144 78.94 -38.69 -66.28
N LYS KC 145 78.98 -40.02 -66.15
CA LYS KC 145 78.31 -40.74 -65.06
C LYS KC 145 79.10 -40.59 -63.76
N ASN KC 146 78.39 -40.35 -62.65
CA ASN KC 146 78.97 -40.39 -61.31
C ASN KC 146 78.25 -41.45 -60.44
N PRO KC 147 78.89 -42.60 -60.11
CA PRO KC 147 78.26 -43.72 -59.40
C PRO KC 147 78.27 -43.54 -57.86
N VAL KC 148 77.52 -42.57 -57.36
CA VAL KC 148 77.42 -42.25 -55.92
C VAL KC 148 76.66 -43.32 -55.13
N THR KC 149 76.99 -43.51 -53.86
CA THR KC 149 76.27 -44.41 -52.94
C THR KC 149 75.90 -43.62 -51.67
N LEU KC 150 74.61 -43.30 -51.54
CA LEU KC 150 74.05 -42.58 -50.41
C LEU KC 150 73.92 -43.53 -49.21
N GLN KC 151 74.74 -43.36 -48.17
CA GLN KC 151 74.58 -44.10 -46.91
C GLN KC 151 73.37 -43.59 -46.10
N LEU KC 152 72.87 -44.43 -45.18
CA LEU KC 152 71.92 -44.07 -44.12
C LEU KC 152 72.42 -42.88 -43.31
N LYS KC 153 71.55 -42.18 -42.56
CA LYS KC 153 71.89 -41.03 -41.71
C LYS KC 153 72.31 -41.42 -40.27
N PRO KC 154 73.61 -41.39 -39.89
CA PRO KC 154 74.09 -41.32 -38.51
C PRO KC 154 74.44 -39.86 -38.11
N ASP KC 155 75.24 -39.69 -37.06
CA ASP KC 155 76.05 -38.47 -36.86
C ASP KC 155 77.16 -38.35 -37.91
N ALA KC 156 77.33 -37.16 -38.48
CA ALA KC 156 78.38 -36.81 -39.45
C ALA KC 156 78.47 -35.29 -39.61
N LYS KC 157 79.65 -34.79 -39.99
CA LYS KC 157 79.88 -33.37 -40.34
C LYS KC 157 80.94 -33.21 -41.42
N GLN KC 158 80.67 -32.30 -42.35
CA GLN KC 158 81.60 -31.80 -43.38
C GLN KC 158 81.29 -30.31 -43.66
N ASP KC 159 82.16 -29.64 -44.40
CA ASP KC 159 81.98 -28.24 -44.80
C ASP KC 159 81.05 -28.05 -46.02
N ASN LC 33 18.66 -88.97 -176.81
CA ASN LC 33 18.76 -88.14 -175.58
C ASN LC 33 20.21 -88.05 -175.17
N THR LC 34 20.52 -87.07 -174.33
CA THR LC 34 21.82 -86.99 -173.68
C THR LC 34 21.71 -87.65 -172.28
N LEU LC 35 20.93 -87.05 -171.40
CA LEU LC 35 20.69 -87.62 -170.10
C LEU LC 35 19.64 -88.71 -170.21
N ARG LC 36 20.00 -89.94 -169.81
CA ARG LC 36 19.05 -91.07 -169.89
C ARG LC 36 18.41 -91.56 -168.60
N GLY LC 37 19.04 -91.30 -167.46
CA GLY LC 37 18.51 -91.67 -166.14
C GLY LC 37 19.08 -90.73 -165.09
N LEU LC 38 18.35 -90.60 -164.01
CA LEU LC 38 18.67 -89.72 -162.89
C LEU LC 38 18.28 -90.41 -161.56
N ASP LC 39 19.25 -90.64 -160.69
CA ASP LC 39 18.96 -91.35 -159.45
C ASP LC 39 19.45 -90.57 -158.21
N VAL LC 40 18.63 -90.59 -157.16
CA VAL LC 40 19.08 -90.02 -155.90
C VAL LC 40 19.16 -91.09 -154.81
N SER LC 41 20.33 -91.26 -154.20
CA SER LC 41 20.49 -92.19 -153.07
C SER LC 41 20.66 -91.44 -151.75
N ARG LC 42 19.55 -91.07 -151.10
CA ARG LC 42 19.64 -90.42 -149.77
C ARG LC 42 20.23 -91.35 -148.73
N THR LC 43 21.25 -90.91 -148.01
CA THR LC 43 21.70 -91.69 -146.86
C THR LC 43 22.30 -90.70 -145.87
N GLY LC 44 22.48 -91.12 -144.61
CA GLY LC 44 22.91 -90.20 -143.54
C GLY LC 44 24.33 -89.74 -143.64
N SER LC 45 25.23 -90.57 -144.10
CA SER LC 45 26.62 -90.18 -144.29
C SER LC 45 26.84 -89.23 -145.47
N GLY LC 46 26.08 -89.43 -146.55
CA GLY LC 46 26.14 -88.60 -147.73
C GLY LC 46 24.94 -89.00 -148.59
N ALA LC 47 24.31 -88.01 -149.23
CA ALA LC 47 23.39 -88.31 -150.29
C ALA LC 47 24.08 -88.28 -151.66
N GLN LC 48 23.86 -89.31 -152.47
CA GLN LC 48 24.45 -89.36 -153.80
C GLN LC 48 23.42 -88.99 -154.86
N VAL LC 49 23.79 -88.09 -155.76
CA VAL LC 49 23.04 -87.83 -156.97
C VAL LC 49 23.81 -88.34 -158.16
N VAL LC 50 23.13 -89.14 -158.97
CA VAL LC 50 23.70 -89.74 -160.15
C VAL LC 50 22.92 -89.27 -161.35
N VAL LC 51 23.65 -88.86 -162.37
CA VAL LC 51 23.07 -88.46 -163.63
C VAL LC 51 23.76 -89.28 -164.70
N THR LC 52 22.98 -90.05 -165.45
CA THR LC 52 23.54 -90.97 -166.42
C THR LC 52 23.22 -90.44 -167.79
N GLY LC 53 24.18 -90.51 -168.71
CA GLY LC 53 24.03 -89.88 -170.02
C GLY LC 53 24.81 -90.62 -171.10
N THR LC 54 24.48 -90.33 -172.35
CA THR LC 54 25.08 -91.00 -173.46
C THR LC 54 26.46 -90.50 -173.83
N ARG LC 55 26.81 -89.28 -173.42
CA ARG LC 55 28.14 -88.70 -173.67
C ARG LC 55 28.61 -88.10 -172.34
N PRO LC 56 29.92 -88.02 -172.16
CA PRO LC 56 30.48 -87.32 -171.02
C PRO LC 56 29.97 -85.86 -170.91
N PRO LC 57 29.50 -85.49 -169.74
CA PRO LC 57 28.89 -84.20 -169.54
C PRO LC 57 29.90 -83.16 -169.09
N THR LC 58 29.87 -81.96 -169.68
CA THR LC 58 30.57 -80.82 -169.08
C THR LC 58 29.60 -80.26 -168.02
N PHE LC 59 30.12 -79.91 -166.86
CA PHE LC 59 29.26 -79.45 -165.80
C PHE LC 59 30.05 -78.39 -165.08
N THR LC 60 29.36 -77.64 -164.24
CA THR LC 60 29.94 -76.75 -163.26
C THR LC 60 29.03 -76.90 -162.06
N VAL LC 61 29.64 -76.97 -160.90
CA VAL LC 61 28.91 -76.99 -159.63
C VAL LC 61 29.29 -75.78 -158.77
N PHE LC 62 28.26 -75.14 -158.19
CA PHE LC 62 28.51 -74.04 -157.26
C PHE LC 62 27.47 -73.96 -156.13
N ARG LC 63 27.66 -73.05 -155.19
CA ARG LC 63 26.79 -72.94 -154.00
C ARG LC 63 25.97 -71.65 -154.04
N LEU LC 64 24.85 -71.61 -153.33
CA LEU LC 64 24.17 -70.33 -153.10
C LEU LC 64 23.63 -70.36 -151.66
N SER LC 65 23.28 -69.17 -151.14
CA SER LC 65 22.77 -69.08 -149.79
C SER LC 65 21.41 -68.40 -149.80
N GLY LC 66 20.75 -68.38 -148.63
CA GLY LC 66 19.45 -67.71 -148.44
C GLY LC 66 18.37 -68.06 -149.44
N PRO LC 67 18.00 -69.34 -149.57
CA PRO LC 67 18.40 -70.53 -148.74
C PRO LC 67 19.69 -71.25 -149.21
N GLU LC 68 20.38 -71.96 -148.32
CA GLU LC 68 21.48 -72.83 -148.76
C GLU LC 68 21.09 -73.75 -149.95
N ARG LC 69 21.91 -73.75 -151.00
CA ARG LC 69 21.57 -74.47 -152.22
C ARG LC 69 22.82 -74.98 -152.85
N LEU LC 70 22.70 -76.05 -153.60
CA LEU LC 70 23.81 -76.47 -154.45
C LEU LC 70 23.23 -76.45 -155.85
N VAL LC 71 24.03 -76.00 -156.81
CA VAL LC 71 23.54 -75.85 -158.17
C VAL LC 71 24.47 -76.56 -159.14
N VAL LC 72 23.92 -77.34 -160.04
CA VAL LC 72 24.77 -77.95 -161.06
C VAL LC 72 24.28 -77.54 -162.42
N ASP LC 73 25.18 -77.03 -163.24
CA ASP LC 73 24.90 -76.75 -164.64
C ASP LC 73 25.48 -77.81 -165.60
N LEU LC 74 24.63 -78.34 -166.46
CA LEU LC 74 25.05 -79.40 -167.37
C LEU LC 74 24.96 -78.92 -168.83
N SER LC 75 26.05 -79.09 -169.58
CA SER LC 75 26.14 -78.69 -171.00
C SER LC 75 26.00 -79.87 -171.95
N SER LC 76 25.56 -79.53 -173.16
CA SER LC 76 25.10 -80.47 -174.20
C SER LC 76 23.83 -81.21 -173.82
N ALA LC 77 23.77 -81.52 -172.56
CA ALA LC 77 22.61 -82.20 -172.00
C ALA LC 77 22.07 -81.41 -170.82
N ASP LC 78 20.74 -81.42 -170.70
CA ASP LC 78 20.07 -80.76 -169.58
C ASP LC 78 19.38 -81.90 -168.84
N ALA LC 79 19.93 -82.28 -167.70
CA ALA LC 79 19.38 -83.36 -166.89
C ALA LC 79 18.48 -82.79 -165.78
N THR LC 80 17.22 -83.19 -165.77
CA THR LC 80 16.28 -82.72 -164.76
C THR LC 80 15.81 -83.89 -163.90
N GLY LC 81 15.99 -83.76 -162.59
CA GLY LC 81 15.55 -84.79 -161.65
C GLY LC 81 14.41 -84.22 -160.82
N ILE LC 82 13.36 -85.01 -160.65
CA ILE LC 82 12.20 -84.57 -159.91
C ILE LC 82 11.41 -85.73 -159.37
N LYS LC 83 10.75 -85.51 -158.33
CA LYS LC 83 9.84 -86.47 -157.67
C LYS LC 83 10.63 -87.63 -157.11
N GLY LC 84 11.93 -87.64 -157.36
CA GLY LC 84 12.85 -88.59 -156.76
C GLY LC 84 13.32 -88.15 -155.39
N HIS LC 85 13.06 -86.90 -155.02
CA HIS LC 85 13.51 -86.42 -153.74
C HIS LC 85 12.55 -86.85 -152.62
N HIS LC 86 13.06 -87.68 -151.73
CA HIS LC 86 12.25 -88.25 -150.70
C HIS LC 86 12.08 -87.27 -149.57
N GLU LC 87 10.92 -87.34 -148.91
CA GLU LC 87 10.68 -86.49 -147.76
C GLU LC 87 11.63 -86.71 -146.59
N GLY LC 88 12.55 -87.65 -146.71
CA GLY LC 88 13.47 -87.99 -145.62
C GLY LC 88 14.93 -88.02 -146.07
N SER LC 89 15.23 -87.38 -147.21
CA SER LC 89 16.63 -87.14 -147.59
C SER LC 89 17.30 -86.26 -146.50
N GLY LC 90 18.38 -86.75 -145.86
CA GLY LC 90 19.00 -85.91 -144.81
C GLY LC 90 19.65 -84.66 -145.38
N PRO LC 91 19.93 -84.65 -146.69
CA PRO LC 91 20.61 -83.51 -147.33
C PRO LC 91 19.73 -82.64 -148.19
N VAL LC 92 18.88 -83.24 -149.01
CA VAL LC 92 18.13 -82.50 -150.03
C VAL LC 92 16.70 -82.24 -149.60
N SER LC 93 16.38 -80.96 -149.41
CA SER LC 93 15.03 -80.50 -149.10
C SER LC 93 14.19 -80.58 -150.37
N GLY LC 94 14.75 -80.18 -151.53
CA GLY LC 94 14.07 -80.30 -152.83
C GLY LC 94 14.99 -80.07 -154.03
N VAL LC 95 14.54 -80.46 -155.22
CA VAL LC 95 15.34 -80.30 -156.44
C VAL LC 95 14.51 -79.74 -157.60
N VAL LC 96 14.96 -78.61 -158.16
CA VAL LC 96 14.28 -78.00 -159.29
C VAL LC 96 15.22 -78.03 -160.48
N ALA LC 97 14.66 -78.19 -161.68
CA ALA LC 97 15.47 -78.31 -162.90
C ALA LC 97 14.87 -77.40 -163.99
N SER LC 98 15.72 -76.67 -164.73
CA SER LC 98 15.28 -75.96 -165.93
C SER LC 98 16.31 -75.87 -167.04
N GLN LC 99 15.97 -76.05 -168.31
CA GLN LC 99 16.87 -75.95 -169.45
C GLN LC 99 16.69 -74.65 -170.22
N PHE LC 100 17.79 -73.98 -170.59
CA PHE LC 100 17.71 -72.80 -171.45
C PHE LC 100 18.53 -73.04 -172.73
N SER LC 101 18.07 -72.43 -173.84
CA SER LC 101 18.72 -72.58 -175.15
C SER LC 101 19.76 -71.55 -175.44
N ASP LC 102 20.85 -72.02 -176.08
CA ASP LC 102 21.93 -71.17 -176.57
C ASP LC 102 22.11 -71.64 -178.04
N GLN LC 103 21.57 -70.88 -179.00
CA GLN LC 103 21.52 -71.37 -180.38
C GLN LC 103 20.80 -72.72 -180.35
N ARG LC 104 21.39 -73.67 -181.01
CA ARG LC 104 20.81 -75.01 -181.04
C ARG LC 104 21.21 -75.84 -179.82
N ALA LC 105 22.06 -75.30 -178.95
CA ALA LC 105 22.52 -76.03 -177.78
C ALA LC 105 21.62 -75.79 -176.57
N SER LC 106 21.81 -76.60 -175.54
CA SER LC 106 20.99 -76.53 -174.34
C SER LC 106 21.83 -76.65 -173.08
N VAL LC 107 21.63 -75.75 -172.12
CA VAL LC 107 22.23 -75.79 -170.77
C VAL LC 107 21.14 -76.06 -169.75
N GLY LC 108 21.32 -77.20 -168.88
CA GLY LC 108 20.32 -77.48 -167.89
C GLY LC 108 20.87 -77.09 -166.53
N ARG LC 109 20.03 -76.48 -165.71
CA ARG LC 109 20.46 -76.12 -164.38
C ARG LC 109 19.69 -76.95 -163.37
N VAL LC 110 20.42 -77.62 -162.49
CA VAL LC 110 19.84 -78.39 -161.38
C VAL LC 110 20.14 -77.66 -160.11
N LEU LC 111 19.08 -77.49 -159.33
CA LEU LC 111 19.11 -76.74 -158.09
C LEU LC 111 18.65 -77.57 -156.91
N LEU LC 112 19.53 -77.79 -155.94
CA LEU LC 112 19.22 -78.59 -154.77
C LEU LC 112 19.16 -77.74 -153.54
N ALA LC 113 17.95 -77.47 -153.06
CA ALA LC 113 17.80 -76.80 -151.75
C ALA LC 113 18.21 -77.78 -150.62
N LEU LC 114 19.02 -77.33 -149.67
CA LEU LC 114 19.64 -78.17 -148.63
C LEU LC 114 19.05 -78.05 -147.25
N ASP LC 115 19.20 -79.15 -146.47
CA ASP LC 115 18.75 -79.26 -145.07
C ASP LC 115 19.92 -79.03 -144.12
N LYS LC 116 21.14 -78.98 -144.66
CA LYS LC 116 22.35 -78.84 -143.84
C LYS LC 116 23.51 -78.46 -144.75
N ALA LC 117 24.56 -77.90 -144.17
CA ALA LC 117 25.71 -77.49 -144.96
C ALA LC 117 26.45 -78.68 -145.54
N SER LC 118 26.79 -78.58 -146.81
CA SER LC 118 27.46 -79.67 -147.49
C SER LC 118 28.81 -79.26 -148.07
N GLN LC 119 29.66 -80.28 -148.21
CA GLN LC 119 30.84 -80.16 -148.98
C GLN LC 119 30.65 -81.12 -150.18
N TYR LC 120 30.24 -80.58 -151.34
CA TYR LC 120 29.98 -81.51 -152.44
C TYR LC 120 31.26 -82.05 -153.03
N ASP LC 121 31.20 -83.28 -153.54
CA ASP LC 121 32.31 -83.85 -154.29
C ASP LC 121 31.72 -84.46 -155.58
N VAL LC 122 32.23 -84.00 -156.72
CA VAL LC 122 31.76 -84.42 -158.03
C VAL LC 122 32.83 -85.20 -158.78
N ARG LC 123 32.44 -86.29 -159.44
CA ARG LC 123 33.39 -87.02 -160.30
C ARG LC 123 32.62 -87.66 -161.39
N ALA LC 124 33.29 -87.93 -162.49
CA ALA LC 124 32.66 -88.51 -163.65
C ALA LC 124 33.16 -89.94 -163.76
N ASP LC 125 32.36 -90.81 -164.35
CA ASP LC 125 32.77 -92.18 -164.66
C ASP LC 125 31.95 -92.61 -165.87
N GLY LC 126 32.59 -92.67 -167.03
CA GLY LC 126 31.88 -93.05 -168.24
C GLY LC 126 30.80 -92.04 -168.60
N ASN LC 127 29.56 -92.49 -168.61
CA ASN LC 127 28.43 -91.63 -168.92
C ASN LC 127 27.69 -91.21 -167.66
N ARG LC 128 28.29 -91.49 -166.50
CA ARG LC 128 27.65 -91.13 -165.25
C ARG LC 128 28.41 -90.01 -164.57
N VAL LC 129 27.67 -89.00 -164.12
CA VAL LC 129 28.21 -87.93 -163.34
C VAL LC 129 27.66 -88.14 -161.96
N VAL LC 130 28.57 -88.23 -160.99
CA VAL LC 130 28.19 -88.44 -159.61
C VAL LC 130 28.44 -87.21 -158.72
N ILE LC 131 27.43 -86.78 -157.97
CA ILE LC 131 27.67 -85.77 -156.96
C ILE LC 131 27.35 -86.28 -155.58
N SER LC 132 28.34 -86.33 -154.71
CA SER LC 132 28.06 -86.77 -153.34
C SER LC 132 28.07 -85.59 -152.39
N VAL LC 133 27.01 -85.45 -151.61
CA VAL LC 133 26.87 -84.33 -150.71
C VAL LC 133 27.24 -84.82 -149.36
N ASP LC 134 28.43 -84.44 -148.88
CA ASP LC 134 28.86 -84.79 -147.52
C ASP LC 134 28.54 -83.66 -146.52
N GLY LC 135 28.36 -83.97 -145.23
CA GLY LC 135 28.25 -82.83 -144.29
C GLY LC 135 29.54 -82.00 -144.15
N THR LC 136 30.15 -82.04 -142.97
CA THR LC 136 31.39 -81.31 -142.71
C THR LC 136 32.57 -82.26 -142.52
N SER LC 137 32.31 -83.56 -142.53
CA SER LC 137 33.35 -84.58 -142.37
C SER LC 137 33.79 -85.03 -143.76
N GLN LC 138 35.00 -84.67 -144.15
CA GLN LC 138 35.52 -84.98 -145.47
C GLN LC 138 36.40 -86.22 -145.65
N SER LC 139 36.93 -86.76 -144.56
CA SER LC 139 37.79 -87.92 -144.71
C SER LC 139 37.88 -88.75 -143.45
N VAL LC 140 37.80 -90.07 -143.60
CA VAL LC 140 37.91 -90.98 -142.48
C VAL LC 140 39.26 -91.68 -142.66
N ASP LC 214 38.86 -55.74 -117.05
CA ASP LC 214 38.74 -56.50 -115.79
C ASP LC 214 37.54 -57.47 -115.78
N ASP LC 215 36.48 -57.09 -116.48
CA ASP LC 215 35.23 -57.83 -116.50
C ASP LC 215 35.42 -59.06 -117.39
N THR LC 216 36.27 -58.90 -118.41
CA THR LC 216 36.51 -59.89 -119.47
C THR LC 216 37.50 -59.27 -120.46
N LEU LC 217 38.43 -60.11 -120.88
CA LEU LC 217 39.34 -59.75 -121.98
C LEU LC 217 38.77 -60.37 -123.26
N SER LC 218 38.68 -59.53 -124.28
CA SER LC 218 38.16 -59.97 -125.59
C SER LC 218 39.31 -60.13 -126.58
N ILE LC 219 39.28 -61.26 -127.27
CA ILE LC 219 40.21 -61.55 -128.37
C ILE LC 219 39.40 -61.55 -129.67
N ARG LC 220 39.84 -60.73 -130.60
CA ARG LC 220 39.17 -60.63 -131.90
C ARG LC 220 40.14 -61.06 -133.01
N ALA LC 221 39.63 -61.94 -133.87
CA ALA LC 221 40.36 -62.42 -135.04
C ALA LC 221 39.51 -62.10 -136.28
N ASP LC 222 40.05 -61.20 -137.10
CA ASP LC 222 39.34 -60.76 -138.31
C ASP LC 222 39.94 -61.49 -139.52
N GLY LC 223 39.05 -62.01 -140.35
CA GLY LC 223 39.44 -62.77 -141.55
C GLY LC 223 38.19 -63.29 -142.26
N ASP LC 224 38.43 -63.87 -143.42
CA ASP LC 224 37.37 -64.45 -144.27
C ASP LC 224 36.63 -65.64 -143.65
N ILE LC 225 37.36 -66.48 -142.95
CA ILE LC 225 36.82 -67.72 -142.38
C ILE LC 225 35.77 -67.45 -141.26
N ALA LC 226 35.59 -68.31 -140.27
CA ALA LC 226 36.45 -69.43 -139.89
C ALA LC 226 35.78 -70.56 -139.19
N ARG LC 227 36.24 -71.75 -139.52
CA ARG LC 227 35.90 -72.87 -138.64
C ARG LC 227 36.95 -72.95 -137.53
N TYR LC 228 36.47 -73.10 -136.32
CA TYR LC 228 37.34 -73.11 -135.14
C TYR LC 228 36.86 -74.17 -134.13
N GLU LC 229 37.77 -74.50 -133.22
CA GLU LC 229 37.43 -75.28 -132.03
C GLU LC 229 38.20 -74.68 -130.85
N VAL LC 230 37.51 -74.54 -129.73
CA VAL LC 230 38.11 -74.01 -128.49
C VAL LC 230 38.05 -75.09 -127.41
N LEU LC 231 39.12 -75.17 -126.64
CA LEU LC 231 39.21 -76.11 -125.52
C LEU LC 231 40.21 -75.59 -124.49
N GLU LC 232 40.19 -76.23 -123.31
CA GLU LC 232 41.03 -75.90 -122.16
C GLU LC 232 42.17 -76.91 -121.90
N LEU LC 233 43.22 -76.42 -121.28
CA LEU LC 233 44.32 -77.26 -120.77
C LEU LC 233 44.68 -76.79 -119.37
N ALA LC 234 45.27 -77.70 -118.59
CA ALA LC 234 45.72 -77.38 -117.24
C ALA LC 234 47.22 -77.60 -117.09
N ASP LC 235 47.78 -77.07 -116.00
CA ASP LC 235 49.20 -77.22 -115.66
C ASP LC 235 50.12 -76.84 -116.83
N PRO LC 236 50.17 -75.56 -117.17
CA PRO LC 236 49.40 -74.47 -116.54
C PRO LC 236 48.03 -74.31 -117.23
N PRO LC 237 47.13 -73.60 -116.57
CA PRO LC 237 45.79 -73.31 -117.12
C PRO LC 237 45.95 -72.51 -118.43
N ARG LC 238 45.25 -72.98 -119.45
CA ARG LC 238 45.37 -72.45 -120.82
C ARG LC 238 44.04 -72.56 -121.54
N LEU LC 239 43.83 -71.65 -122.47
CA LEU LC 239 42.72 -71.76 -123.42
C LEU LC 239 43.36 -71.83 -124.82
N ALA LC 240 42.87 -72.79 -125.61
CA ALA LC 240 43.43 -73.04 -126.94
C ALA LC 240 42.33 -72.95 -128.01
N VAL LC 241 42.65 -72.22 -129.07
CA VAL LC 241 41.76 -72.11 -130.24
C VAL LC 241 42.50 -72.63 -131.48
N ASP LC 242 41.84 -73.53 -132.19
CA ASP LC 242 42.33 -74.00 -133.49
C ASP LC 242 41.46 -73.41 -134.59
N LEU LC 243 42.13 -72.81 -135.55
CA LEU LC 243 41.48 -72.16 -136.69
C LEU LC 243 41.83 -72.90 -137.97
N PHE LC 244 40.80 -73.18 -138.75
CA PHE LC 244 41.03 -73.88 -140.02
C PHE LC 244 40.81 -72.99 -141.22
N GLY LC 245 41.44 -73.44 -142.31
CA GLY LC 245 41.51 -72.67 -143.57
C GLY LC 245 42.43 -71.46 -143.42
N VAL LC 246 43.36 -71.54 -142.47
CA VAL LC 246 44.36 -70.47 -142.24
C VAL LC 246 45.76 -71.01 -142.40
N GLY LC 247 46.56 -70.16 -143.05
CA GLY LC 247 48.02 -70.32 -143.05
C GLY LC 247 48.59 -69.23 -142.15
N LEU LC 248 49.53 -69.63 -141.32
CA LEU LC 248 50.22 -68.71 -140.40
C LEU LC 248 50.85 -67.56 -141.20
N ALA LC 249 50.81 -66.37 -140.65
CA ALA LC 249 51.32 -65.18 -141.35
C ALA LC 249 51.75 -64.12 -140.35
N THR LC 250 52.53 -63.17 -140.85
CA THR LC 250 53.10 -62.10 -140.05
C THR LC 250 52.01 -61.34 -139.28
N ARG LC 251 50.78 -61.28 -139.78
CA ARG LC 251 49.67 -60.61 -139.05
C ARG LC 251 49.30 -61.34 -137.75
N ALA LC 252 49.77 -62.58 -137.61
CA ALA LC 252 49.64 -63.33 -136.34
C ALA LC 252 50.11 -62.45 -135.13
N PRO LC 253 51.13 -61.61 -135.23
CA PRO LC 253 51.65 -60.72 -134.18
C PRO LC 253 50.62 -59.80 -133.59
N ARG LC 254 49.65 -59.36 -134.38
CA ARG LC 254 48.54 -58.56 -133.83
C ARG LC 254 47.83 -59.32 -132.68
N VAL LC 255 48.13 -60.61 -132.62
CA VAL LC 255 47.67 -61.53 -131.57
C VAL LC 255 48.21 -61.16 -130.18
N LYS LC 256 49.34 -60.44 -130.14
CA LYS LC 256 49.97 -60.05 -128.86
C LYS LC 256 48.99 -59.29 -127.97
N SER LC 257 48.01 -58.65 -128.62
CA SER LC 257 46.97 -57.85 -127.95
C SER LC 257 46.08 -58.66 -127.01
N GLY LC 258 46.10 -59.97 -127.19
CA GLY LC 258 45.11 -60.76 -126.51
C GLY LC 258 45.64 -61.68 -125.47
N ALA LC 259 46.95 -61.74 -125.13
CA ALA LC 259 47.54 -62.49 -124.00
C ALA LC 259 47.08 -62.02 -122.62
N LEU LC 260 46.86 -62.85 -121.57
CA LEU LC 260 46.75 -64.30 -121.46
C LEU LC 260 47.89 -64.84 -120.64
N ARG LC 261 48.33 -64.05 -119.67
CA ARG LC 261 49.72 -64.12 -119.20
C ARG LC 261 50.71 -64.05 -120.41
N ASP LC 262 50.37 -64.67 -121.52
CA ASP LC 262 50.95 -64.81 -122.85
C ASP LC 262 50.05 -65.61 -123.82
N VAL LC 263 50.37 -65.36 -125.08
CA VAL LC 263 49.76 -66.03 -126.23
C VAL LC 263 50.83 -66.52 -127.20
N ARG LC 264 50.78 -67.79 -127.53
CA ARG LC 264 51.66 -68.36 -128.56
C ARG LC 264 50.82 -68.97 -129.69
N VAL LC 265 51.36 -68.84 -130.89
CA VAL LC 265 50.64 -69.28 -132.10
C VAL LC 265 51.58 -70.12 -132.97
N GLY LC 266 51.02 -71.14 -133.60
CA GLY LC 266 51.77 -72.01 -134.51
C GLY LC 266 50.84 -72.69 -135.52
N ALA LC 267 51.42 -73.58 -136.29
CA ALA LC 267 50.69 -74.32 -137.34
C ALA LC 267 51.46 -75.59 -137.71
N HIS LC 268 50.71 -76.60 -138.11
CA HIS LC 268 51.29 -77.90 -138.47
C HIS LC 268 50.62 -78.46 -139.72
N ALA LC 269 50.88 -77.79 -140.85
CA ALA LC 269 50.32 -78.21 -142.14
C ALA LC 269 48.80 -78.43 -142.05
N ASP LC 270 48.19 -77.62 -141.18
CA ASP LC 270 46.74 -77.63 -141.20
C ASP LC 270 46.16 -76.23 -141.40
N LYS LC 271 45.73 -75.37 -140.48
CA LYS LC 271 45.37 -75.38 -139.02
C LYS LC 271 46.37 -74.60 -138.19
N VAL LC 272 45.88 -73.49 -137.70
CA VAL LC 272 46.66 -72.66 -136.78
C VAL LC 272 46.11 -72.89 -135.37
N ARG LC 273 47.03 -72.95 -134.42
CA ARG LC 273 46.67 -73.11 -133.01
C ARG LC 273 47.13 -71.88 -132.22
N LEU LC 274 46.17 -71.32 -131.50
CA LEU LC 274 46.42 -70.17 -130.63
C LEU LC 274 46.25 -70.66 -129.19
N VAL LC 275 47.26 -70.37 -128.40
CA VAL LC 275 47.36 -70.85 -127.00
C VAL LC 275 47.51 -69.62 -126.09
N LEU LC 276 46.63 -69.56 -125.13
CA LEU LC 276 46.49 -68.48 -124.13
C LEU LC 276 46.77 -69.03 -122.75
N ASP LC 277 47.91 -68.73 -122.22
CA ASP LC 277 48.17 -69.04 -120.83
C ASP LC 277 47.29 -68.11 -119.91
N VAL LC 278 46.74 -68.59 -118.84
CA VAL LC 278 45.83 -67.69 -118.09
C VAL LC 278 46.41 -67.24 -116.76
N ARG LC 279 45.86 -66.14 -116.24
CA ARG LC 279 46.16 -65.67 -114.88
C ARG LC 279 45.05 -66.04 -113.89
N GLY LC 280 43.95 -66.57 -114.41
CA GLY LC 280 42.77 -66.93 -113.60
C GLY LC 280 41.80 -67.81 -114.38
N THR LC 281 40.99 -68.59 -113.69
CA THR LC 281 40.03 -69.48 -114.40
C THR LC 281 39.03 -68.66 -115.23
N MET LC 282 38.77 -69.13 -116.43
CA MET LC 282 37.83 -68.45 -117.35
C MET LC 282 36.71 -69.40 -117.79
N LYS LC 341 20.44 -79.38 -105.80
CA LYS LC 341 20.72 -78.59 -104.61
C LYS LC 341 19.92 -79.06 -103.41
N ASP LC 342 20.47 -78.86 -102.21
CA ASP LC 342 19.79 -79.27 -100.99
C ASP LC 342 20.55 -78.80 -99.76
N VAL LC 343 19.87 -78.73 -98.63
CA VAL LC 343 20.48 -78.30 -97.38
C VAL LC 343 20.46 -79.41 -96.33
N ARG LC 344 21.40 -79.33 -95.38
CA ARG LC 344 21.49 -80.33 -94.32
C ARG LC 344 22.06 -79.71 -93.06
N PHE LC 345 21.74 -80.32 -91.92
CA PHE LC 345 22.23 -79.83 -90.63
C PHE LC 345 22.79 -80.98 -89.79
N GLU LC 346 23.80 -80.66 -88.98
CA GLU LC 346 24.43 -81.67 -88.13
C GLU LC 346 25.26 -81.01 -87.03
N GLU LC 347 25.98 -81.65 -86.24
CA GLU LC 347 26.81 -81.01 -85.26
C GLU LC 347 28.16 -81.71 -85.11
N SER LC 348 29.14 -80.95 -84.70
CA SER LC 348 30.43 -81.53 -84.37
C SER LC 348 30.95 -80.73 -83.18
N SER LC 349 32.19 -80.98 -82.79
CA SER LC 349 32.65 -80.38 -81.50
C SER LC 349 32.68 -78.85 -81.65
N SER LC 350 32.96 -78.35 -82.85
CA SER LC 350 32.84 -76.90 -83.12
C SER LC 350 31.38 -76.41 -82.93
N GLY LC 351 30.41 -77.32 -82.76
CA GLY LC 351 29.02 -76.89 -82.62
C GLY LC 351 28.09 -77.34 -83.75
N GLY LC 352 27.21 -76.43 -84.17
CA GLY LC 352 26.24 -76.70 -85.24
C GLY LC 352 26.84 -76.46 -86.61
N ARG LC 353 26.52 -77.30 -87.51
CA ARG LC 353 27.05 -77.38 -88.87
C ARG LC 353 25.91 -77.43 -89.89
N ILE LC 354 26.08 -76.69 -90.98
CA ILE LC 354 25.07 -76.65 -92.04
C ILE LC 354 25.67 -77.08 -93.37
N VAL LC 355 25.59 -78.37 -93.67
CA VAL LC 355 26.12 -78.91 -94.92
C VAL LC 355 25.16 -78.65 -96.08
N MET LC 356 25.61 -77.83 -97.02
CA MET LC 356 24.78 -77.49 -98.19
C MET LC 356 25.32 -78.17 -99.45
N LYS LC 357 24.41 -78.73 -100.25
CA LYS LC 357 24.80 -79.39 -101.48
C LYS LC 357 24.67 -78.46 -102.68
N LEU LC 358 25.79 -78.07 -103.25
CA LEU LC 358 25.81 -77.17 -104.40
C LEU LC 358 26.28 -77.90 -105.66
N SER LC 359 25.33 -78.34 -106.48
CA SER LC 359 25.65 -79.05 -107.70
C SER LC 359 25.56 -78.12 -108.90
N GLY LC 360 26.72 -77.81 -109.49
CA GLY LC 360 26.76 -76.94 -110.64
C GLY LC 360 27.38 -75.59 -110.33
N THR LC 361 28.17 -75.53 -109.25
CA THR LC 361 28.81 -74.30 -108.84
C THR LC 361 30.34 -74.42 -108.96
N SER LC 362 30.99 -73.30 -109.25
CA SER LC 362 32.44 -73.27 -109.38
C SER LC 362 33.08 -72.44 -108.29
N GLY LC 363 32.90 -71.12 -108.37
CA GLY LC 363 33.48 -70.23 -107.38
C GLY LC 363 32.84 -70.41 -106.01
N TRP LC 364 32.76 -69.32 -105.25
CA TRP LC 364 32.18 -69.37 -103.92
C TRP LC 364 31.07 -68.33 -103.77
N LYS LC 365 30.03 -68.68 -103.00
CA LYS LC 365 28.88 -67.81 -102.77
C LYS LC 365 29.24 -66.60 -101.88
N VAL LC 366 28.26 -65.76 -101.63
CA VAL LC 366 28.48 -64.56 -100.81
C VAL LC 366 28.02 -64.82 -99.37
N ASP LC 367 28.98 -65.00 -98.48
CA ASP LC 367 28.68 -65.24 -97.07
C ASP LC 367 28.49 -63.93 -96.32
N ARG LC 368 27.29 -63.74 -95.77
CA ARG LC 368 26.97 -62.53 -95.02
C ARG LC 368 26.59 -62.86 -93.59
N PRO LC 369 27.55 -62.77 -92.68
CA PRO LC 369 27.31 -63.07 -91.27
C PRO LC 369 26.63 -61.89 -90.58
N ASP LC 370 25.37 -62.06 -90.24
CA ASP LC 370 24.60 -61.01 -89.57
C ASP LC 370 24.40 -61.34 -88.10
N PRO LC 371 23.94 -60.35 -87.33
CA PRO LC 371 23.70 -60.53 -85.91
C PRO LC 371 22.42 -61.32 -85.66
N ARG LC 372 21.60 -61.43 -86.70
CA ARG LC 372 20.34 -62.15 -86.60
C ARG LC 372 20.44 -63.53 -87.24
N SER LC 373 20.71 -63.56 -88.54
CA SER LC 373 20.85 -64.81 -89.27
C SER LC 373 21.99 -64.75 -90.27
N ALA LC 374 22.06 -65.74 -91.16
CA ALA LC 374 23.12 -65.79 -92.16
C ALA LC 374 22.54 -65.69 -93.56
N VAL LC 375 23.38 -65.27 -94.51
CA VAL LC 375 22.95 -65.12 -95.90
C VAL LC 375 23.97 -65.74 -96.86
N LEU LC 376 23.49 -66.57 -97.77
CA LEU LC 376 24.37 -67.22 -98.75
C LEU LC 376 23.74 -67.21 -100.13
N THR LC 377 24.29 -66.40 -101.03
CA THR LC 377 23.79 -66.31 -102.40
C THR LC 377 24.69 -67.06 -103.37
N LEU LC 378 24.07 -67.79 -104.29
CA LEU LC 378 24.81 -68.57 -105.28
C LEU LC 378 24.36 -68.21 -106.69
N ASP LC 379 25.13 -67.34 -107.35
CA ASP LC 379 24.81 -66.92 -108.71
C ASP LC 379 24.76 -68.12 -109.65
N ASN LC 380 23.73 -68.15 -110.50
CA ASN LC 380 23.56 -69.23 -111.45
C ASN LC 380 23.35 -70.56 -110.73
N ALA LC 381 22.81 -70.48 -109.52
CA ALA LC 381 22.54 -71.68 -108.72
C ALA LC 381 21.08 -71.74 -108.30
N ARG LC 382 20.22 -71.05 -109.04
CA ARG LC 382 18.80 -71.03 -108.74
C ARG LC 382 18.27 -72.43 -108.48
N LEU LC 383 17.82 -72.66 -107.24
CA LEU LC 383 17.29 -73.97 -106.86
C LEU LC 383 15.76 -73.97 -106.91
N PRO LC 384 15.19 -75.14 -107.23
CA PRO LC 384 13.73 -75.29 -107.32
C PRO LC 384 13.06 -75.22 -105.96
N LYS LC 385 11.79 -74.81 -105.94
CA LYS LC 385 11.03 -74.69 -104.71
C LYS LC 385 10.84 -76.05 -104.06
N LYS LC 386 11.13 -77.12 -104.80
CA LYS LC 386 10.98 -78.47 -104.29
C LYS LC 386 12.24 -78.92 -103.55
N PHE LC 387 13.16 -77.98 -103.34
CA PHE LC 387 14.40 -78.28 -102.64
C PHE LC 387 14.73 -77.19 -101.63
N GLU LC 388 13.80 -76.25 -101.44
CA GLU LC 388 13.99 -75.16 -100.50
C GLU LC 388 13.46 -75.53 -99.12
N ARG LC 389 13.40 -76.83 -98.84
CA ARG LC 389 12.91 -77.31 -97.55
C ARG LC 389 13.71 -76.71 -96.41
N SER LC 390 13.07 -76.55 -95.26
CA SER LC 390 13.71 -75.98 -94.09
C SER LC 390 13.98 -77.05 -93.04
N LEU LC 391 14.83 -76.73 -92.07
CA LEU LC 391 15.18 -77.67 -91.01
C LEU LC 391 14.33 -77.42 -89.77
N ASP LC 392 14.37 -78.37 -88.84
CA ASP LC 392 13.60 -78.25 -87.59
C ASP LC 392 14.48 -78.58 -86.39
N THR LC 393 15.73 -78.13 -86.43
CA THR LC 393 16.67 -78.38 -85.34
C THR LC 393 16.39 -77.46 -84.16
N SER LC 394 15.21 -77.59 -83.57
CA SER LC 394 14.83 -76.77 -82.44
C SER LC 394 15.19 -77.45 -81.12
N ALA LC 395 15.74 -76.68 -80.19
CA ALA LC 395 16.14 -77.21 -78.89
C ALA LC 395 17.24 -78.25 -79.03
N LEU LC 396 18.13 -78.03 -80.00
CA LEU LC 396 19.24 -78.94 -80.24
C LEU LC 396 20.48 -78.52 -79.47
N ASP LC 397 20.33 -77.52 -78.62
CA ASP LC 397 21.43 -77.01 -77.81
C ASP LC 397 22.57 -76.52 -78.69
N THR LC 398 22.22 -75.74 -79.72
CA THR LC 398 23.23 -75.21 -80.64
C THR LC 398 22.97 -73.74 -80.92
N PRO LC 399 24.00 -73.04 -81.44
CA PRO LC 399 23.91 -71.62 -81.77
C PRO LC 399 23.01 -71.35 -82.97
N VAL LC 400 22.70 -72.42 -83.71
CA VAL LC 400 21.84 -72.29 -84.88
C VAL LC 400 20.38 -72.55 -84.52
N LYS LC 401 19.58 -71.49 -84.54
CA LYS LC 401 18.16 -71.60 -84.22
C LYS LC 401 17.47 -72.60 -85.15
N MET LC 402 17.58 -72.37 -86.45
CA MET LC 402 16.97 -73.25 -87.44
C MET LC 402 17.38 -72.85 -88.85
N ILE LC 403 17.65 -73.84 -89.69
CA ILE LC 403 18.04 -73.59 -91.06
C ILE LC 403 16.83 -73.43 -91.97
N SER LC 404 16.88 -72.46 -92.87
CA SER LC 404 15.79 -72.21 -93.80
C SER LC 404 16.30 -71.96 -95.21
N ALA LC 405 15.79 -72.74 -96.16
CA ALA LC 405 16.20 -72.61 -97.56
C ALA LC 405 15.12 -71.93 -98.38
N PHE LC 406 15.52 -70.99 -99.23
CA PHE LC 406 14.59 -70.26 -100.08
C PHE LC 406 15.17 -70.04 -101.47
N SER LC 407 14.38 -70.33 -102.49
CA SER LC 407 14.82 -70.16 -103.87
C SER LC 407 14.78 -68.69 -104.28
N VAL LC 408 13.66 -68.24 -104.84
CA VAL LC 408 13.60 -66.88 -105.37
C VAL LC 408 13.84 -65.83 -104.29
N PRO LC 409 14.62 -64.80 -104.65
CA PRO LC 409 14.71 -63.66 -103.71
C PRO LC 409 14.88 -62.36 -104.49
N GLY LC 410 14.42 -62.33 -105.74
CA GLY LC 410 14.33 -61.08 -106.47
C GLY LC 410 15.48 -60.81 -107.43
N ALA LC 411 16.40 -61.76 -107.55
CA ALA LC 411 17.52 -61.64 -108.47
C ALA LC 411 17.53 -62.87 -109.38
N GLY LC 412 17.50 -62.65 -110.69
CA GLY LC 412 17.59 -63.80 -111.59
C GLY LC 412 18.78 -64.69 -111.26
N GLY LC 413 18.55 -65.99 -111.34
CA GLY LC 413 19.51 -67.07 -111.23
C GLY LC 413 20.11 -67.27 -109.83
N LYS LC 414 19.93 -66.35 -108.89
CA LYS LC 414 20.53 -66.39 -107.56
C LYS LC 414 19.74 -67.29 -106.63
N VAL LC 415 20.42 -67.86 -105.63
CA VAL LC 415 19.72 -68.55 -104.52
C VAL LC 415 20.17 -67.99 -103.17
N ARG LC 416 19.35 -68.29 -102.15
CA ARG LC 416 19.58 -67.64 -100.87
C ARG LC 416 19.36 -68.61 -99.72
N LEU LC 417 20.18 -68.48 -98.68
CA LEU LC 417 20.08 -69.35 -97.51
C LEU LC 417 19.93 -68.53 -96.24
N VAL LC 418 19.02 -68.95 -95.37
CA VAL LC 418 18.79 -68.26 -94.11
C VAL LC 418 19.02 -69.19 -92.92
N VAL LC 419 20.10 -68.91 -92.18
CA VAL LC 419 20.45 -69.72 -91.02
C VAL LC 419 20.33 -68.91 -89.73
N ALA LC 420 19.12 -68.89 -89.17
CA ALA LC 420 18.87 -68.15 -87.94
C ALA LC 420 19.80 -68.60 -86.82
N ALA LC 421 20.29 -67.65 -86.03
CA ALA LC 421 21.19 -67.95 -84.93
C ALA LC 421 20.75 -67.25 -83.65
N ASP LC 422 21.52 -67.43 -82.59
CA ASP LC 422 21.22 -66.81 -81.30
C ASP LC 422 22.49 -66.55 -80.50
N GLY LC 423 22.45 -65.51 -79.67
CA GLY LC 423 23.61 -65.17 -78.87
C GLY LC 423 24.87 -65.03 -79.68
N ALA LC 424 26.01 -64.85 -79.01
CA ALA LC 424 27.28 -64.70 -79.69
C ALA LC 424 27.71 -66.02 -80.34
N ILE LC 425 28.20 -65.91 -81.58
CA ILE LC 425 28.64 -67.10 -82.31
C ILE LC 425 29.62 -66.71 -83.42
N GLU LC 426 30.19 -67.71 -84.07
CA GLU LC 426 31.14 -67.48 -85.15
C GLU LC 426 30.85 -68.38 -86.35
N GLU LC 427 31.00 -67.82 -87.54
CA GLU LC 427 30.75 -68.57 -88.77
C GLU LC 427 32.05 -69.09 -89.38
N LYS LC 428 32.02 -70.32 -89.87
CA LYS LC 428 33.19 -70.93 -90.47
C LYS LC 428 32.82 -71.76 -91.70
N VAL LC 429 33.19 -71.26 -92.87
CA VAL LC 429 32.89 -71.96 -94.12
C VAL LC 429 34.00 -72.94 -94.47
N SER LC 430 33.61 -74.10 -94.99
CA SER LC 430 34.56 -75.13 -95.37
C SER LC 430 34.21 -75.73 -96.73
N GLN LC 431 35.20 -75.81 -97.62
CA GLN LC 431 34.98 -76.37 -98.95
C GLN LC 431 35.80 -77.64 -99.15
N SER LC 432 35.16 -78.78 -98.87
CA SER LC 432 35.83 -80.07 -99.01
C SER LC 432 35.93 -80.47 -100.48
N ALA LC 433 35.27 -79.71 -101.35
CA ALA LC 433 35.28 -79.99 -102.78
C ALA LC 433 34.50 -78.93 -103.54
N GLY LC 434 34.76 -78.84 -104.86
CA GLY LC 434 34.09 -77.88 -105.73
C GLY LC 434 32.61 -78.21 -105.95
N THR LC 435 31.80 -77.87 -104.96
CA THR LC 435 30.37 -78.15 -105.05
C THR LC 435 29.73 -78.37 -103.70
N LEU LC 436 30.52 -78.85 -102.75
CA LEU LC 436 30.02 -79.10 -101.40
C LEU LC 436 30.38 -77.97 -100.45
N SER LC 437 29.37 -77.28 -99.93
CA SER LC 437 29.60 -76.17 -99.02
C SER LC 437 29.18 -76.55 -97.59
N TRP LC 438 29.86 -75.97 -96.62
CA TRP LC 438 29.58 -76.25 -95.21
C TRP LC 438 29.70 -74.98 -94.36
N ARG LC 439 28.95 -74.93 -93.27
CA ARG LC 439 28.97 -73.79 -92.37
C ARG LC 439 29.00 -74.23 -90.92
N LEU LC 440 30.17 -74.13 -90.30
CA LEU LC 440 30.33 -74.52 -88.89
C LEU LC 440 29.98 -73.37 -87.97
N TYR LC 477 21.44 -74.88 -43.79
CA TYR LC 477 22.77 -74.90 -43.15
C TYR LC 477 23.45 -76.21 -43.51
N ARG LC 478 23.66 -76.37 -44.83
CA ARG LC 478 24.49 -77.42 -45.39
C ARG LC 478 24.77 -77.08 -46.85
N GLY LC 479 26.00 -77.30 -47.29
CA GLY LC 479 26.40 -76.89 -48.63
C GLY LC 479 27.63 -77.59 -49.19
N LYS LC 480 27.91 -77.38 -50.50
CA LYS LC 480 29.24 -77.71 -51.05
C LYS LC 480 30.34 -76.93 -50.35
N ARG LC 481 31.52 -77.53 -50.30
CA ARG LC 481 32.76 -76.92 -49.82
C ARG LC 481 33.39 -75.99 -50.81
N VAL LC 482 33.98 -74.95 -50.24
CA VAL LC 482 34.38 -73.77 -50.98
C VAL LC 482 35.63 -73.16 -50.34
N SER LC 483 36.22 -72.20 -51.05
CA SER LC 483 37.24 -71.32 -50.48
C SER LC 483 36.82 -69.91 -50.83
N PHE LC 484 36.56 -69.13 -49.80
CA PHE LC 484 36.23 -67.70 -49.92
C PHE LC 484 37.36 -66.77 -49.79
N GLU LC 485 37.71 -66.12 -50.89
CA GLU LC 485 38.73 -65.11 -50.85
C GLU LC 485 38.12 -63.80 -51.33
N PHE LC 486 38.02 -62.85 -50.38
CA PHE LC 486 37.48 -61.50 -50.59
C PHE LC 486 38.42 -60.42 -50.15
N LYS LC 487 39.03 -59.76 -51.11
CA LYS LC 487 39.97 -58.68 -50.83
C LYS LC 487 39.34 -57.32 -51.05
N ASP LC 488 38.77 -56.76 -50.00
CA ASP LC 488 38.24 -55.40 -49.98
C ASP LC 488 37.08 -55.34 -50.99
N ILE LC 489 35.97 -55.99 -50.62
CA ILE LC 489 34.76 -56.06 -51.45
C ILE LC 489 33.50 -55.81 -50.64
N ASP LC 490 32.49 -55.26 -51.32
CA ASP LC 490 31.21 -55.01 -50.69
C ASP LC 490 30.57 -56.31 -50.24
N ILE LC 491 30.08 -56.34 -48.99
CA ILE LC 491 29.39 -57.53 -48.50
C ILE LC 491 28.19 -57.87 -49.40
N GLN LC 492 27.56 -56.86 -50.00
CA GLN LC 492 26.52 -57.04 -51.01
C GLN LC 492 27.02 -57.82 -52.23
N ASN LC 493 28.24 -57.53 -52.69
CA ASN LC 493 28.84 -58.33 -53.73
C ASN LC 493 29.08 -59.74 -53.23
N LEU LC 494 29.72 -59.93 -52.06
CA LEU LC 494 29.92 -61.29 -51.56
C LEU LC 494 28.62 -62.08 -51.47
N LEU LC 495 27.60 -61.41 -51.00
CA LEU LC 495 26.30 -61.98 -50.97
C LEU LC 495 25.80 -62.45 -52.33
N ARG LC 496 25.79 -61.59 -53.35
CA ARG LC 496 25.33 -61.92 -54.71
C ARG LC 496 26.09 -63.04 -55.31
N VAL LC 497 27.39 -62.94 -55.15
CA VAL LC 497 28.31 -63.98 -55.55
C VAL LC 497 27.85 -65.29 -54.88
N ILE LC 498 27.61 -65.24 -53.59
CA ILE LC 498 27.11 -66.37 -52.86
C ILE LC 498 25.72 -66.78 -53.43
N ALA LC 499 24.79 -65.93 -53.83
CA ALA LC 499 23.61 -66.39 -54.56
C ALA LC 499 23.87 -66.99 -55.98
N GLU LC 500 24.85 -66.49 -56.73
CA GLU LC 500 25.24 -66.97 -58.07
C GLU LC 500 25.85 -68.37 -58.10
N ILE LC 501 26.29 -68.82 -56.93
CA ILE LC 501 26.80 -70.15 -56.65
C ILE LC 501 25.64 -71.07 -56.07
N SER LC 502 24.34 -70.73 -56.17
CA SER LC 502 23.15 -71.59 -55.75
C SER LC 502 23.01 -71.78 -54.25
N LYS LC 503 23.75 -70.98 -53.53
CA LYS LC 503 23.63 -70.81 -52.10
C LYS LC 503 22.48 -69.88 -51.82
N LYS LC 504 21.29 -70.43 -52.09
CA LYS LC 504 20.00 -69.72 -52.09
C LYS LC 504 19.96 -68.67 -53.19
N ASN LC 505 18.86 -67.94 -53.24
CA ASN LC 505 18.88 -66.59 -53.78
C ASN LC 505 19.03 -65.64 -52.58
N ILE LC 506 20.18 -65.00 -52.44
CA ILE LC 506 20.40 -64.02 -51.40
C ILE LC 506 20.08 -62.61 -51.90
N VAL LC 507 19.37 -61.82 -51.09
CA VAL LC 507 19.09 -60.37 -51.31
C VAL LC 507 19.32 -59.61 -50.00
N VAL LC 508 20.08 -58.51 -50.04
CA VAL LC 508 20.21 -57.65 -48.85
C VAL LC 508 18.96 -56.75 -48.70
N ALA LC 509 18.90 -55.95 -47.64
CA ALA LC 509 18.29 -54.61 -47.69
C ALA LC 509 19.05 -53.70 -48.70
N ASP LC 510 18.90 -52.38 -48.69
CA ASP LC 510 19.75 -51.54 -49.55
C ASP LC 510 21.11 -51.31 -48.84
N ASP LC 511 21.13 -50.42 -47.85
CA ASP LC 511 22.39 -50.06 -47.18
C ASP LC 511 22.58 -50.91 -45.92
N VAL LC 512 23.27 -52.03 -46.15
CA VAL LC 512 23.58 -52.98 -45.08
C VAL LC 512 24.80 -52.58 -44.26
N SER LC 513 25.89 -52.08 -44.86
CA SER LC 513 27.18 -52.04 -44.13
C SER LC 513 28.23 -51.31 -44.96
N GLY LC 514 28.98 -52.09 -45.73
CA GLY LC 514 30.05 -51.60 -46.58
C GLY LC 514 30.82 -52.78 -47.13
N LYS LC 515 32.14 -52.60 -47.04
CA LYS LC 515 33.17 -53.49 -47.57
C LYS LC 515 33.86 -54.30 -46.46
N VAL LC 516 34.22 -55.55 -46.75
CA VAL LC 516 34.96 -56.45 -45.84
C VAL LC 516 36.04 -57.24 -46.57
N THR LC 517 37.01 -57.70 -45.79
CA THR LC 517 38.04 -58.66 -46.21
C THR LC 517 38.01 -59.95 -45.38
N ILE LC 518 37.90 -61.09 -46.08
CA ILE LC 518 38.05 -62.43 -45.50
C ILE LC 518 38.80 -63.34 -46.48
N ARG LC 519 39.46 -64.41 -45.99
CA ARG LC 519 40.03 -65.50 -46.80
C ARG LC 519 40.01 -66.88 -46.17
N LEU LC 520 39.09 -67.68 -46.68
CA LEU LC 520 38.75 -68.98 -46.18
C LEU LC 520 39.26 -70.03 -47.15
N ARG LC 521 39.58 -71.20 -46.59
CA ARG LC 521 39.81 -72.40 -47.38
C ARG LC 521 39.04 -73.57 -46.79
N ASN LC 522 38.57 -74.43 -47.68
CA ASN LC 522 37.90 -75.70 -47.34
C ASN LC 522 36.67 -75.53 -46.43
N VAL LC 523 35.88 -74.48 -46.59
CA VAL LC 523 34.72 -74.22 -45.71
C VAL LC 523 33.48 -74.34 -46.57
N PRO LC 524 32.47 -75.18 -46.24
CA PRO LC 524 31.15 -75.04 -46.82
C PRO LC 524 30.63 -73.65 -46.64
N TRP LC 525 29.94 -73.22 -47.66
CA TRP LC 525 29.60 -71.82 -47.73
C TRP LC 525 28.67 -71.28 -46.67
N ASP LC 526 27.70 -72.09 -46.28
CA ASP LC 526 26.61 -71.74 -45.36
C ASP LC 526 27.15 -71.44 -43.98
N GLN LC 527 28.29 -72.07 -43.74
CA GLN LC 527 29.17 -71.71 -42.69
C GLN LC 527 30.02 -70.49 -43.00
N ALA LC 528 30.75 -70.44 -44.12
CA ALA LC 528 31.56 -69.26 -44.44
C ALA LC 528 30.73 -67.98 -44.36
N LEU LC 529 29.43 -68.07 -44.70
CA LEU LC 529 28.37 -67.11 -44.43
C LEU LC 529 28.19 -66.79 -42.96
N ASP LC 530 27.81 -67.73 -42.08
CA ASP LC 530 27.62 -67.45 -40.63
C ASP LC 530 28.80 -66.72 -40.01
N LEU LC 531 29.93 -67.19 -40.48
CA LEU LC 531 31.22 -66.66 -40.20
C LEU LC 531 31.43 -65.22 -40.77
N VAL LC 532 30.88 -64.92 -41.97
CA VAL LC 532 30.96 -63.57 -42.62
C VAL LC 532 30.14 -62.57 -41.82
N LEU LC 533 28.94 -62.97 -41.40
CA LEU LC 533 28.03 -62.23 -40.51
C LEU LC 533 28.80 -61.68 -39.28
N ARG LC 534 29.48 -62.59 -38.58
CA ARG LC 534 30.29 -62.27 -37.38
C ARG LC 534 31.48 -61.35 -37.57
N THR LC 535 32.01 -61.35 -38.80
CA THR LC 535 33.13 -60.47 -39.11
C THR LC 535 32.75 -59.00 -38.91
N LYS LC 536 31.80 -58.53 -39.69
CA LYS LC 536 31.32 -57.14 -39.76
C LYS LC 536 29.84 -57.09 -40.05
N ALA LC 537 29.56 -58.07 -40.90
CA ALA LC 537 28.39 -58.20 -41.69
C ALA LC 537 27.22 -58.54 -40.76
N LEU LC 538 26.18 -58.90 -41.46
CA LEU LC 538 24.83 -58.73 -41.00
C LEU LC 538 24.35 -59.92 -40.18
N GLY LC 539 23.06 -60.02 -39.88
CA GLY LC 539 22.40 -61.32 -39.66
C GLY LC 539 21.54 -61.72 -40.86
N LYS LC 540 21.29 -63.02 -41.04
CA LYS LC 540 20.46 -63.54 -42.14
C LYS LC 540 19.09 -64.04 -41.65
N GLU LC 541 18.03 -63.73 -42.41
CA GLU LC 541 16.69 -64.29 -42.27
C GLU LC 541 16.24 -64.91 -43.60
N GLU LC 542 15.78 -66.16 -43.60
CA GLU LC 542 15.32 -66.83 -44.81
C GLU LC 542 13.79 -66.88 -44.92
N PHE LC 543 13.26 -66.40 -46.06
CA PHE LC 543 11.87 -66.63 -46.47
C PHE LC 543 11.60 -68.06 -46.96
N GLY LC 544 12.60 -68.63 -47.63
CA GLY LC 544 12.69 -70.04 -48.02
C GLY LC 544 13.44 -70.17 -49.35
N ASN LC 545 12.81 -69.62 -50.40
CA ASN LC 545 13.44 -69.51 -51.72
C ASN LC 545 14.50 -68.40 -51.77
N ILE LC 546 14.08 -67.22 -51.29
CA ILE LC 546 14.95 -66.06 -51.12
C ILE LC 546 15.29 -65.94 -49.64
N ILE LC 547 16.42 -65.33 -49.35
CA ILE LC 547 16.83 -64.96 -48.00
C ILE LC 547 17.08 -63.45 -47.99
N ARG LC 548 16.62 -62.76 -46.95
CA ARG LC 548 16.94 -61.35 -46.72
C ARG LC 548 18.03 -61.20 -45.67
N ILE LC 549 18.98 -60.35 -45.98
CA ILE LC 549 20.06 -59.98 -45.07
C ILE LC 549 19.95 -58.53 -44.71
N ALA LC 550 19.96 -58.26 -43.41
CA ALA LC 550 19.76 -56.91 -42.91
C ALA LC 550 20.84 -56.46 -41.94
N PRO LC 551 21.08 -55.13 -41.89
CA PRO LC 551 21.91 -54.41 -40.90
C PRO LC 551 21.26 -54.37 -39.50
N ASP LC 574 45.28 -60.95 -44.06
CA ASP LC 574 44.04 -61.70 -44.07
C ASP LC 574 43.63 -62.30 -42.72
N LEU LC 575 42.31 -62.42 -42.71
CA LEU LC 575 41.61 -63.32 -41.84
C LEU LC 575 41.46 -64.56 -42.60
N MET LC 576 41.48 -65.60 -41.82
CA MET LC 576 41.28 -66.86 -42.43
C MET LC 576 40.47 -67.79 -41.62
N VAL LC 577 39.99 -68.73 -42.39
CA VAL LC 577 39.28 -69.86 -41.88
C VAL LC 577 39.99 -71.11 -42.25
N ASN LC 578 40.04 -71.93 -41.21
CA ASN LC 578 40.68 -73.21 -41.21
C ASN LC 578 39.78 -74.17 -40.42
N LEU LC 579 39.67 -75.37 -40.97
CA LEU LC 579 39.01 -76.52 -40.34
C LEU LC 579 40.10 -77.26 -39.58
N LEU LC 580 39.83 -77.50 -38.29
CA LEU LC 580 40.61 -78.36 -37.42
C LEU LC 580 39.88 -79.70 -37.32
N PRO LC 581 40.46 -80.83 -37.77
CA PRO LC 581 39.90 -82.11 -37.36
C PRO LC 581 40.21 -82.29 -35.86
N VAL LC 582 39.25 -82.85 -35.14
CA VAL LC 582 39.46 -83.39 -33.79
C VAL LC 582 39.27 -84.89 -33.88
N ASN LC 583 40.39 -85.62 -33.96
CA ASN LC 583 40.27 -87.07 -34.11
C ASN LC 583 39.89 -87.75 -32.78
N TYR LC 584 40.53 -87.31 -31.70
CA TYR LC 584 40.50 -88.06 -30.44
C TYR LC 584 39.48 -87.59 -29.42
N ALA LC 585 39.45 -86.28 -29.16
CA ALA LC 585 38.52 -85.70 -28.18
C ALA LC 585 37.16 -85.34 -28.80
N VAL LC 586 36.17 -85.08 -27.95
CA VAL LC 586 34.92 -84.44 -28.38
C VAL LC 586 35.12 -82.92 -28.51
N ALA LC 587 34.52 -82.31 -29.53
CA ALA LC 587 34.66 -80.88 -29.78
C ALA LC 587 34.14 -79.98 -28.63
N ALA LC 588 33.06 -80.41 -27.96
CA ALA LC 588 32.44 -79.67 -26.86
C ALA LC 588 33.35 -79.50 -25.62
N ASP LC 589 34.26 -80.44 -25.37
CA ASP LC 589 35.23 -80.36 -24.26
C ASP LC 589 36.25 -79.23 -24.42
N MET LC 590 36.57 -78.88 -25.68
CA MET LC 590 37.37 -77.71 -26.02
C MET LC 590 36.65 -76.39 -25.74
N ALA LC 591 35.31 -76.37 -25.72
CA ALA LC 591 34.51 -75.13 -25.73
C ALA LC 591 34.84 -74.19 -24.58
N ALA LC 592 35.10 -74.72 -23.37
CA ALA LC 592 35.47 -73.92 -22.20
C ALA LC 592 36.79 -73.13 -22.46
N ARG LC 593 37.84 -73.84 -22.88
CA ARG LC 593 39.15 -73.23 -23.16
C ARG LC 593 39.16 -72.29 -24.37
N VAL LC 594 38.46 -72.68 -25.42
CA VAL LC 594 38.38 -71.89 -26.65
C VAL LC 594 37.61 -70.59 -26.40
N LYS LC 595 36.48 -70.66 -25.66
CA LYS LC 595 35.74 -69.46 -25.22
C LYS LC 595 36.63 -68.53 -24.40
N ASP LC 596 37.47 -69.10 -23.54
CA ASP LC 596 38.39 -68.35 -22.71
C ASP LC 596 39.53 -67.60 -23.45
N VAL LC 597 40.07 -68.12 -24.58
CA VAL LC 597 40.94 -67.26 -25.44
C VAL LC 597 40.18 -66.08 -26.04
N LEU LC 598 38.98 -66.32 -26.59
CA LEU LC 598 38.25 -65.28 -27.33
C LEU LC 598 38.07 -64.04 -26.46
N SER LC 599 37.68 -64.22 -25.20
CA SER LC 599 37.28 -63.11 -24.32
C SER LC 599 36.23 -62.23 -25.04
N GLU LC 600 36.41 -60.90 -25.02
CA GLU LC 600 35.70 -59.92 -25.85
C GLU LC 600 36.37 -59.66 -27.21
N ARG LC 601 37.11 -60.64 -27.75
CA ARG LC 601 37.65 -60.55 -29.11
C ARG LC 601 36.75 -61.20 -30.16
N GLY LC 602 37.25 -60.86 -31.34
CA GLY LC 602 36.81 -61.23 -32.66
C GLY LC 602 37.74 -62.19 -33.31
N SER LC 603 37.04 -62.95 -34.10
CA SER LC 603 37.19 -64.38 -33.99
C SER LC 603 35.90 -65.01 -33.55
N VAL LC 604 35.76 -66.22 -34.01
CA VAL LC 604 34.78 -67.15 -33.52
C VAL LC 604 35.22 -68.57 -33.80
N THR LC 605 34.55 -69.46 -33.12
CA THR LC 605 34.62 -70.90 -33.27
C THR LC 605 33.23 -71.47 -33.57
N VAL LC 606 33.12 -72.37 -34.55
CA VAL LC 606 31.91 -73.10 -34.92
C VAL LC 606 32.18 -74.59 -34.82
N ASP LC 607 31.24 -75.28 -34.17
CA ASP LC 607 31.32 -76.73 -34.00
C ASP LC 607 30.41 -77.40 -35.06
N GLN LC 608 31.03 -78.10 -36.00
CA GLN LC 608 30.29 -78.92 -36.96
C GLN LC 608 29.98 -80.30 -36.36
N ARG LC 609 28.90 -80.90 -36.85
CA ARG LC 609 28.38 -82.18 -36.35
C ARG LC 609 29.37 -83.34 -36.40
N THR LC 610 30.23 -83.37 -37.41
CA THR LC 610 31.23 -84.42 -37.58
C THR LC 610 32.49 -84.21 -36.71
N ASN LC 611 32.34 -83.55 -35.54
CA ASN LC 611 33.41 -83.23 -34.59
C ASN LC 611 34.66 -82.62 -35.24
N VAL LC 612 34.41 -81.55 -36.02
CA VAL LC 612 35.45 -80.65 -36.51
C VAL LC 612 35.17 -79.26 -35.98
N LEU LC 613 36.22 -78.57 -35.52
CA LEU LC 613 36.11 -77.15 -35.19
C LEU LC 613 36.43 -76.32 -36.42
N ILE LC 614 35.74 -75.20 -36.54
CA ILE LC 614 36.06 -74.19 -37.52
C ILE LC 614 36.21 -72.84 -36.89
N VAL LC 615 37.29 -72.17 -37.24
CA VAL LC 615 37.61 -70.84 -36.74
C VAL LC 615 37.65 -69.80 -37.85
N LYS LC 616 36.94 -68.67 -37.73
CA LYS LC 616 37.34 -67.44 -38.45
C LYS LC 616 37.99 -66.60 -37.43
N ASP LC 617 38.99 -65.88 -37.93
CA ASP LC 617 39.65 -64.80 -37.23
C ASP LC 617 40.82 -64.27 -38.01
N VAL LC 618 41.47 -63.26 -37.43
CA VAL LC 618 42.86 -62.92 -37.77
C VAL LC 618 43.69 -64.20 -37.72
N ARG LC 619 44.76 -64.26 -38.53
CA ARG LC 619 45.74 -65.35 -38.44
C ARG LC 619 46.27 -65.58 -37.01
N SER LC 620 46.55 -64.50 -36.27
CA SER LC 620 47.15 -64.63 -34.92
C SER LC 620 46.21 -65.29 -33.90
N ASN LC 621 44.90 -64.98 -33.91
CA ASN LC 621 43.93 -65.69 -33.09
C ASN LC 621 43.65 -67.12 -33.63
N THR LC 622 43.63 -67.35 -34.96
CA THR LC 622 43.55 -68.73 -35.54
C THR LC 622 44.70 -69.63 -35.03
N GLU LC 623 45.92 -69.10 -35.09
CA GLU LC 623 47.12 -69.81 -34.70
C GLU LC 623 47.01 -70.27 -33.24
N ARG LC 624 46.63 -69.35 -32.34
CA ARG LC 624 46.40 -69.67 -30.92
C ARG LC 624 45.37 -70.78 -30.76
N ALA LC 625 44.18 -70.61 -31.36
CA ALA LC 625 43.11 -71.61 -31.26
C ALA LC 625 43.56 -72.98 -31.80
N ARG LC 626 44.26 -73.04 -32.95
CA ARG LC 626 44.82 -74.31 -33.46
C ARG LC 626 45.81 -74.94 -32.48
N SER LC 627 46.77 -74.16 -31.96
CA SER LC 627 47.77 -74.69 -31.03
C SER LC 627 47.14 -75.32 -29.79
N LEU LC 628 46.09 -74.71 -29.24
CA LEU LC 628 45.34 -75.27 -28.10
C LEU LC 628 44.52 -76.50 -28.48
N VAL LC 629 43.78 -76.46 -29.60
CA VAL LC 629 42.95 -77.60 -30.06
C VAL LC 629 43.85 -78.79 -30.34
N ARG LC 630 44.94 -78.61 -31.10
CA ARG LC 630 45.87 -79.72 -31.36
C ARG LC 630 46.56 -80.19 -30.08
N SER LC 631 46.95 -79.29 -29.18
CA SER LC 631 47.63 -79.66 -27.93
C SER LC 631 46.76 -80.53 -27.03
N LEU LC 632 45.49 -80.15 -26.86
CA LEU LC 632 44.50 -80.97 -26.16
C LEU LC 632 44.09 -82.22 -26.90
N ASP LC 633 44.04 -82.17 -28.26
CA ASP LC 633 43.82 -83.37 -29.05
C ASP LC 633 45.02 -84.25 -28.65
N THR LC 634 46.30 -83.84 -28.76
CA THR LC 634 47.48 -84.70 -28.50
C THR LC 634 47.55 -85.51 -27.20
N GLN LC 635 46.98 -85.08 -26.07
CA GLN LC 635 46.91 -85.96 -24.88
C GLN LC 635 45.83 -87.05 -24.99
N THR LC 636 44.76 -86.77 -25.73
CA THR LC 636 43.76 -87.72 -26.24
C THR LC 636 44.22 -88.85 -27.23
N PRO LC 637 45.16 -88.68 -28.20
CA PRO LC 637 45.79 -89.76 -28.95
C PRO LC 637 46.57 -90.79 -28.17
N GLN LC 638 47.19 -90.44 -27.03
CA GLN LC 638 47.78 -91.52 -26.21
C GLN LC 638 46.66 -92.30 -25.50
N VAL LC 639 46.17 -93.32 -26.22
CA VAL LC 639 45.14 -94.22 -25.72
C VAL LC 639 45.77 -95.38 -24.94
N CYS MC 5 -13.92 66.19 -53.48
CA CYS MC 5 -14.48 64.84 -53.57
C CYS MC 5 -14.62 64.43 -55.05
N GLU MC 6 -15.09 63.19 -55.30
CA GLU MC 6 -15.69 62.81 -56.58
C GLU MC 6 -17.21 62.62 -56.41
N GLU MC 7 -17.95 63.04 -57.44
CA GLU MC 7 -19.42 63.21 -57.47
C GLU MC 7 -20.14 61.92 -58.01
N PRO MC 8 -21.46 61.88 -58.27
CA PRO MC 8 -22.23 60.65 -58.50
C PRO MC 8 -21.66 59.58 -59.47
N PRO MC 9 -21.49 59.95 -60.75
CA PRO MC 9 -20.11 60.00 -61.26
C PRO MC 9 -19.42 61.35 -61.05
N ALA MC 10 -18.09 61.32 -61.19
CA ALA MC 10 -17.22 62.48 -61.29
C ALA MC 10 -17.57 63.39 -62.51
N PRO MC 11 -16.75 64.43 -62.84
CA PRO MC 11 -16.91 65.21 -64.07
C PRO MC 11 -16.81 64.38 -65.39
N ALA MC 12 -16.26 64.93 -66.49
CA ALA MC 12 -16.46 64.35 -67.83
C ALA MC 12 -15.26 63.63 -68.52
N PRO MC 13 -13.95 63.86 -68.19
CA PRO MC 13 -12.83 63.20 -68.90
C PRO MC 13 -12.20 61.87 -68.38
N PRO MC 14 -12.72 61.05 -67.44
CA PRO MC 14 -14.03 61.09 -66.79
C PRO MC 14 -14.11 61.81 -65.42
N PRO MC 15 -13.13 62.59 -64.87
CA PRO MC 15 -11.67 62.67 -65.06
C PRO MC 15 -10.90 61.42 -64.63
N ALA MC 16 -9.63 61.37 -65.04
CA ALA MC 16 -8.58 60.86 -64.18
C ALA MC 16 -8.54 59.34 -64.18
N LYS MC 17 -9.56 58.72 -64.77
CA LYS MC 17 -9.68 57.27 -64.78
C LYS MC 17 -8.55 56.64 -65.58
N PRO MC 18 -7.79 57.47 -66.30
CA PRO MC 18 -6.56 57.00 -66.97
C PRO MC 18 -5.51 56.56 -65.98
N LYS MC 19 -5.70 56.89 -64.70
CA LYS MC 19 -4.85 56.37 -63.64
C LYS MC 19 -5.49 55.19 -62.94
N ALA MC 20 -6.70 55.38 -62.45
CA ALA MC 20 -7.48 54.30 -61.86
C ALA MC 20 -7.61 53.13 -62.82
N ALA MC 21 -8.36 53.34 -63.91
CA ALA MC 21 -8.53 52.32 -64.93
C ALA MC 21 -7.39 52.35 -65.94
N ALA MC 22 -6.16 52.40 -65.44
CA ALA MC 22 -5.00 51.93 -66.20
C ALA MC 22 -3.95 51.32 -65.28
N ALA MC 23 -4.07 51.59 -63.99
CA ALA MC 23 -3.37 50.80 -62.97
C ALA MC 23 -4.26 49.69 -62.44
N VAL MC 24 -5.56 49.81 -62.66
CA VAL MC 24 -6.42 48.64 -62.85
C VAL MC 24 -6.22 48.02 -64.23
N PRO MC 25 -7.29 47.98 -65.02
CA PRO MC 25 -7.82 46.71 -65.52
C PRO MC 25 -6.71 45.72 -65.85
N VAL MC 26 -5.98 45.28 -64.82
CA VAL MC 26 -6.56 44.47 -63.76
C VAL MC 26 -5.62 43.34 -63.36
N LYS MC 27 -5.59 42.28 -64.16
CA LYS MC 27 -5.74 42.42 -65.61
C LYS MC 27 -7.05 41.78 -66.09
N ALA MC 28 -8.11 41.98 -65.32
CA ALA MC 28 -9.16 40.98 -65.20
C ALA MC 28 -8.59 39.57 -65.12
N ALA MC 29 -8.01 39.11 -66.22
CA ALA MC 29 -8.42 37.87 -66.84
C ALA MC 29 -9.70 38.05 -67.66
N PRO MC 30 -10.83 38.07 -66.98
CA PRO MC 30 -11.04 37.22 -65.81
C PRO MC 30 -10.97 35.74 -66.16
N THR MC 31 -10.50 34.93 -65.22
CA THR MC 31 -10.11 33.56 -65.53
C THR MC 31 -11.32 32.68 -65.22
N GLU MC 32 -12.26 32.70 -66.20
CA GLU MC 32 -13.43 31.83 -66.36
C GLU MC 32 -13.14 30.31 -66.45
N THR MC 33 -12.16 29.82 -65.69
CA THR MC 33 -11.26 28.71 -66.03
C THR MC 33 -11.30 27.54 -65.00
N GLY MC 34 -10.45 27.61 -63.97
CA GLY MC 34 -9.70 26.44 -63.47
C GLY MC 34 -10.47 25.57 -62.47
N ALA MC 35 -11.51 24.88 -62.97
CA ALA MC 35 -12.59 24.32 -62.16
C ALA MC 35 -12.33 22.86 -61.77
N GLN MC 36 -13.29 21.96 -62.01
CA GLN MC 36 -13.31 20.58 -61.50
C GLN MC 36 -13.23 19.55 -62.64
N ALA MC 37 -12.48 18.47 -62.42
CA ALA MC 37 -12.22 17.44 -63.44
C ALA MC 37 -13.16 16.24 -63.31
N ALA MC 38 -13.53 15.64 -64.46
CA ALA MC 38 -14.13 14.30 -64.53
C ALA MC 38 -13.11 13.15 -64.33
N PRO MC 39 -11.83 13.47 -64.04
CA PRO MC 39 -10.68 13.06 -64.86
C PRO MC 39 -11.06 12.23 -66.13
N SER MC 40 -10.28 11.20 -66.45
CA SER MC 40 -10.57 10.21 -67.48
C SER MC 40 -10.03 8.84 -67.02
N TYR MC 41 -10.47 7.77 -67.66
CA TYR MC 41 -10.30 6.39 -67.17
C TYR MC 41 -9.72 5.49 -68.27
N SER MC 42 -8.79 4.62 -67.88
CA SER MC 42 -8.17 3.64 -68.76
C SER MC 42 -8.98 2.33 -68.86
N TYR MC 43 -8.63 1.47 -69.83
CA TYR MC 43 -9.36 0.25 -70.15
C TYR MC 43 -8.57 -1.05 -69.93
N VAL MC 44 -9.28 -2.16 -69.66
CA VAL MC 44 -8.72 -3.45 -69.21
C VAL MC 44 -9.39 -4.62 -69.92
N TYR MC 45 -8.73 -5.74 -70.23
CA TYR MC 45 -7.30 -6.06 -70.37
C TYR MC 45 -7.21 -7.28 -71.32
N ASN MC 46 -6.05 -7.55 -71.93
CA ASN MC 46 -5.94 -8.57 -72.99
C ASN MC 46 -5.42 -9.93 -72.50
N PRO MC 47 -6.35 -10.87 -72.20
CA PRO MC 47 -6.06 -12.28 -72.42
C PRO MC 47 -7.26 -13.12 -72.92
N VAL MC 48 -6.87 -14.18 -73.63
CA VAL MC 48 -7.16 -15.54 -73.15
C VAL MC 48 -5.85 -16.23 -72.78
N GLY MC 49 -5.85 -17.00 -71.71
CA GLY MC 49 -4.67 -17.76 -71.25
C GLY MC 49 -4.26 -18.87 -72.24
N LYS MC 50 -3.10 -19.47 -71.99
CA LYS MC 50 -2.61 -20.66 -72.72
C LYS MC 50 -2.12 -21.72 -71.72
N ARG MC 51 -2.11 -22.98 -72.15
CA ARG MC 51 -1.71 -24.13 -71.33
C ARG MC 51 -0.55 -24.87 -71.96
N ASP MC 52 0.32 -25.29 -71.07
CA ASP MC 52 1.47 -26.17 -71.17
C ASP MC 52 1.39 -26.99 -69.83
N PRO MC 53 2.21 -26.58 -68.85
CA PRO MC 53 1.74 -26.06 -67.58
C PRO MC 53 0.55 -25.08 -67.66
N PHE MC 54 -0.42 -25.12 -66.75
CA PHE MC 54 -0.38 -25.81 -65.45
C PHE MC 54 -1.20 -27.13 -65.50
N ARG MC 55 -1.55 -27.68 -66.68
CA ARG MC 55 -2.36 -28.93 -66.71
C ARG MC 55 -1.63 -30.11 -66.11
N SER MC 56 -0.49 -30.52 -66.67
CA SER MC 56 0.31 -31.60 -66.06
C SER MC 56 0.68 -31.41 -64.58
N PRO MC 57 1.20 -30.24 -64.13
CA PRO MC 57 1.55 -30.05 -62.72
C PRO MC 57 0.37 -29.90 -61.73
N ILE MC 58 -0.91 -30.04 -62.13
CA ILE MC 58 -2.04 -30.20 -61.18
C ILE MC 58 -3.07 -31.25 -61.67
N ASP MC 59 -3.54 -31.15 -62.90
CA ASP MC 59 -4.50 -32.08 -63.52
C ASP MC 59 -3.95 -33.53 -63.65
N GLU MC 60 -2.61 -33.70 -63.71
CA GLU MC 60 -1.91 -35.00 -63.78
C GLU MC 60 -1.11 -35.34 -62.52
N LEU MC 61 -0.62 -34.34 -61.77
CA LEU MC 61 0.04 -34.51 -60.48
C LEU MC 61 -0.94 -34.84 -59.33
N GLY MC 62 -2.18 -34.32 -59.34
CA GLY MC 62 -3.19 -34.62 -58.33
C GLY MC 62 -3.65 -36.09 -58.27
N PRO MC 63 -3.72 -36.80 -59.43
CA PRO MC 63 -3.90 -38.25 -59.62
C PRO MC 63 -2.77 -39.22 -59.14
N VAL MC 64 -1.38 -39.67 -59.90
CA VAL MC 64 -0.52 -40.88 -59.78
C VAL MC 64 0.71 -40.74 -60.66
N ASN MC 65 1.97 -40.96 -60.27
CA ASN MC 65 3.15 -40.54 -61.00
C ASN MC 65 4.20 -41.65 -60.97
N ALA MC 66 4.61 -42.09 -62.16
CA ALA MC 66 5.70 -43.04 -62.35
C ALA MC 66 6.60 -42.52 -63.47
N ASN MC 67 7.91 -42.74 -63.33
CA ASN MC 67 8.91 -42.35 -64.31
C ASN MC 67 9.72 -43.59 -64.76
N PRO MC 68 9.17 -44.38 -65.72
CA PRO MC 68 9.65 -45.72 -66.06
C PRO MC 68 11.15 -45.82 -66.39
N VAL MC 69 11.72 -46.99 -66.04
CA VAL MC 69 13.06 -47.41 -66.49
C VAL MC 69 13.05 -48.00 -67.91
N ALA MC 70 13.85 -47.43 -68.80
CA ALA MC 70 14.19 -47.99 -70.12
C ALA MC 70 15.63 -47.70 -70.57
N ALA MC 71 16.31 -46.75 -69.91
CA ALA MC 71 17.53 -45.97 -69.95
C ALA MC 71 18.79 -46.80 -70.20
N CYS MC 72 19.93 -46.11 -70.34
CA CYS MC 72 21.23 -46.72 -70.12
C CYS MC 72 21.52 -47.04 -68.64
N ASN MC 73 22.17 -48.18 -68.41
CA ASN MC 73 22.99 -48.24 -67.19
C ASN MC 73 24.18 -49.26 -67.22
N GLU MC 74 24.95 -49.40 -68.28
CA GLU MC 74 25.58 -50.74 -68.49
C GLU MC 74 27.13 -50.65 -68.49
N PRO MC 75 27.76 -50.97 -67.34
CA PRO MC 75 28.89 -50.20 -66.85
C PRO MC 75 30.22 -50.68 -67.43
N LEU MC 76 30.55 -51.97 -67.24
CA LEU MC 76 31.89 -52.46 -67.50
C LEU MC 76 32.16 -52.61 -69.00
N CYS MC 77 31.12 -52.78 -69.82
CA CYS MC 77 31.25 -52.65 -71.27
C CYS MC 77 31.50 -51.22 -71.77
N SER MC 78 31.54 -50.23 -70.88
CA SER MC 78 32.03 -48.86 -71.13
C SER MC 78 33.44 -48.58 -70.61
N PHE MC 79 34.14 -49.57 -69.99
CA PHE MC 79 35.52 -49.43 -69.47
C PHE MC 79 36.46 -50.55 -69.96
N ASP MC 80 37.75 -50.25 -70.13
CA ASP MC 80 38.70 -51.18 -70.77
C ASP MC 80 39.21 -52.27 -69.81
N LEU MC 81 39.54 -53.47 -70.33
CA LEU MC 81 39.68 -54.68 -69.48
C LEU MC 81 40.90 -54.65 -68.54
N ASP MC 82 42.00 -54.07 -69.01
CA ASP MC 82 43.26 -53.91 -68.24
C ASP MC 82 43.10 -52.85 -67.12
N GLN MC 83 41.99 -52.09 -67.10
CA GLN MC 83 41.65 -51.19 -65.99
C GLN MC 83 41.02 -51.95 -64.81
N LEU MC 84 40.45 -53.13 -65.03
CA LEU MC 84 39.70 -53.92 -64.05
C LEU MC 84 40.62 -54.82 -63.21
N LYS MC 85 40.37 -54.91 -61.90
CA LYS MC 85 41.25 -55.64 -60.95
C LYS MC 85 40.50 -56.73 -60.19
N LEU MC 86 40.99 -57.97 -60.17
CA LEU MC 86 40.32 -59.07 -59.49
C LEU MC 86 40.43 -58.93 -57.96
N VAL MC 87 39.29 -58.75 -57.29
CA VAL MC 87 39.17 -58.57 -55.84
C VAL MC 87 39.22 -59.91 -55.12
N ALA MC 88 38.40 -60.85 -55.59
CA ALA MC 88 38.10 -62.11 -54.91
C ALA MC 88 37.48 -63.11 -55.88
N VAL MC 89 37.28 -64.35 -55.42
CA VAL MC 89 36.51 -65.39 -56.12
C VAL MC 89 35.68 -66.14 -55.08
N VAL MC 90 34.42 -66.44 -55.44
CA VAL MC 90 33.50 -67.28 -54.67
C VAL MC 90 33.28 -68.59 -55.43
N THR MC 91 33.17 -69.71 -54.70
CA THR MC 91 32.89 -71.02 -55.30
C THR MC 91 32.03 -71.82 -54.34
N GLY MC 92 31.00 -72.47 -54.88
CA GLY MC 92 30.06 -73.36 -54.21
C GLY MC 92 29.08 -73.95 -55.21
N ASP MC 93 28.02 -74.57 -54.72
CA ASP MC 93 27.05 -75.34 -55.49
C ASP MC 93 26.35 -74.52 -56.58
N ALA MC 94 26.21 -73.21 -56.36
CA ALA MC 94 25.69 -72.21 -57.32
C ALA MC 94 26.66 -71.86 -58.49
N SER MC 95 27.68 -72.69 -58.75
CA SER MC 95 28.79 -72.50 -59.70
C SER MC 95 29.82 -71.41 -59.28
N PRO MC 96 31.09 -71.50 -59.71
CA PRO MC 96 32.11 -70.49 -59.40
C PRO MC 96 31.78 -69.13 -60.04
N VAL MC 97 32.05 -68.06 -59.27
CA VAL MC 97 31.89 -66.66 -59.67
C VAL MC 97 33.07 -65.78 -59.24
N ALA MC 98 33.59 -64.97 -60.16
CA ALA MC 98 34.65 -64.01 -59.91
C ALA MC 98 34.07 -62.67 -59.42
N MET MC 99 34.85 -61.94 -58.62
CA MET MC 99 34.54 -60.57 -58.18
C MET MC 99 35.66 -59.60 -58.60
N VAL MC 100 35.30 -58.53 -59.31
CA VAL MC 100 36.22 -57.61 -59.98
C VAL MC 100 35.89 -56.13 -59.74
N GLU MC 101 36.91 -55.28 -59.69
CA GLU MC 101 36.87 -53.86 -59.30
C GLU MC 101 37.12 -52.94 -60.51
N ASP MC 102 36.28 -51.92 -60.65
CA ASP MC 102 36.31 -50.91 -61.73
C ASP MC 102 37.49 -49.93 -61.46
N PRO MC 103 37.97 -49.16 -62.46
CA PRO MC 103 38.78 -47.97 -62.17
C PRO MC 103 37.98 -46.88 -61.41
N ALA MC 104 36.66 -46.92 -61.46
CA ALA MC 104 35.75 -46.13 -60.62
C ALA MC 104 35.49 -46.73 -59.21
N GLY MC 105 36.17 -47.81 -58.83
CA GLY MC 105 36.09 -48.42 -57.49
C GLY MC 105 34.81 -49.20 -57.17
N ARG MC 106 33.91 -49.41 -58.14
CA ARG MC 106 32.78 -50.34 -57.95
C ARG MC 106 33.26 -51.79 -57.91
N GLY MC 107 32.61 -52.64 -57.10
CA GLY MC 107 32.66 -54.10 -57.24
C GLY MC 107 31.57 -54.68 -58.16
N HIS MC 108 31.95 -55.70 -58.93
CA HIS MC 108 31.06 -56.49 -59.80
C HIS MC 108 31.25 -57.98 -59.54
N ILE MC 109 30.27 -58.78 -59.97
CA ILE MC 109 30.32 -60.24 -59.89
C ILE MC 109 29.97 -60.81 -61.27
N VAL MC 110 30.84 -61.66 -61.81
CA VAL MC 110 30.73 -62.23 -63.17
C VAL MC 110 31.19 -63.69 -63.10
N ARG MC 111 30.66 -64.52 -64.01
CA ARG MC 111 30.91 -65.97 -64.00
C ARG MC 111 31.04 -66.55 -65.41
N ARG MC 112 31.48 -67.81 -65.53
CA ARG MC 112 31.70 -68.47 -66.82
C ARG MC 112 30.46 -68.35 -67.73
N ASN MC 113 30.69 -67.94 -68.98
CA ASN MC 113 29.72 -67.52 -70.02
C ASN MC 113 29.32 -66.03 -70.04
N THR MC 114 29.41 -65.29 -68.92
CA THR MC 114 29.21 -63.83 -68.87
C THR MC 114 30.37 -63.02 -69.49
N ARG MC 115 30.18 -61.69 -69.60
CA ARG MC 115 31.15 -60.74 -70.17
C ARG MC 115 31.43 -59.55 -69.23
N MET MC 116 32.45 -58.80 -69.58
CA MET MC 116 32.93 -57.57 -68.93
C MET MC 116 33.74 -56.77 -69.97
N GLY MC 117 33.96 -55.47 -69.75
CA GLY MC 117 34.89 -54.67 -70.56
C GLY MC 117 34.43 -54.26 -71.97
N ARG MC 118 35.06 -53.23 -72.55
CA ARG MC 118 34.75 -52.76 -73.92
C ARG MC 118 35.05 -53.79 -75.01
N GLN MC 119 36.12 -54.58 -74.84
CA GLN MC 119 36.43 -55.72 -75.71
C GLN MC 119 35.52 -56.96 -75.43
N GLY MC 120 34.46 -56.83 -74.63
CA GLY MC 120 33.47 -57.88 -74.38
C GLY MC 120 34.02 -59.16 -73.73
N GLY MC 121 35.10 -59.05 -72.97
CA GLY MC 121 35.89 -60.11 -72.35
C GLY MC 121 35.03 -61.18 -71.69
N LYS MC 122 34.88 -62.32 -72.36
CA LYS MC 122 34.03 -63.43 -71.93
C LYS MC 122 34.75 -64.27 -70.87
N VAL MC 123 34.13 -64.48 -69.71
CA VAL MC 123 34.67 -65.37 -68.68
C VAL MC 123 34.69 -66.84 -69.15
N THR MC 124 35.88 -67.45 -69.18
CA THR MC 124 36.06 -68.83 -69.68
C THR MC 124 36.61 -69.75 -68.60
N GLN MC 125 37.45 -69.29 -67.67
CA GLN MC 125 37.94 -70.03 -66.50
C GLN MC 125 37.94 -69.12 -65.26
N ILE MC 126 37.86 -69.71 -64.06
CA ILE MC 126 37.90 -69.03 -62.77
C ILE MC 126 38.71 -69.91 -61.83
N LEU MC 127 39.91 -69.45 -61.44
CA LEU MC 127 40.76 -70.06 -60.41
C LEU MC 127 40.60 -69.28 -59.10
N ARG MC 128 41.45 -69.51 -58.09
CA ARG MC 128 41.36 -68.81 -56.78
C ARG MC 128 42.19 -67.52 -56.72
N ASP MC 129 43.18 -67.47 -57.58
CA ASP MC 129 44.24 -66.48 -57.74
C ASP MC 129 44.12 -65.63 -59.00
N SER MC 130 43.26 -66.06 -59.93
CA SER MC 130 43.25 -65.59 -61.32
C SER MC 130 42.00 -66.02 -62.08
N VAL MC 131 41.69 -65.35 -63.18
CA VAL MC 131 40.49 -65.55 -64.01
C VAL MC 131 40.85 -65.39 -65.49
N THR MC 132 40.84 -66.49 -66.23
CA THR MC 132 40.92 -66.47 -67.71
C THR MC 132 39.65 -66.01 -68.41
N VAL MC 133 39.79 -65.04 -69.30
CA VAL MC 133 38.75 -64.48 -70.16
C VAL MC 133 39.17 -64.45 -71.64
N THR MC 134 38.19 -64.50 -72.54
CA THR MC 134 38.40 -64.26 -73.99
C THR MC 134 37.89 -62.93 -74.47
N GLU MC 135 38.81 -62.07 -74.89
CA GLU MC 135 38.57 -60.67 -75.28
C GLU MC 135 38.67 -60.51 -76.80
N VAL MC 136 38.33 -59.31 -77.30
CA VAL MC 136 38.11 -58.98 -78.72
C VAL MC 136 38.94 -57.77 -79.12
N PHE MC 137 40.14 -58.01 -79.66
CA PHE MC 137 41.10 -56.96 -80.03
C PHE MC 137 41.24 -56.81 -81.55
N SER MC 138 41.54 -55.60 -82.06
CA SER MC 138 41.82 -55.38 -83.48
C SER MC 138 43.32 -55.55 -83.78
N GLY MC 139 43.76 -56.79 -83.95
CA GLY MC 139 45.14 -57.14 -84.28
C GLY MC 139 45.49 -56.72 -85.71
N ASN MC 140 46.20 -55.59 -85.87
CA ASN MC 140 46.63 -55.03 -87.15
C ASN MC 140 45.51 -54.77 -88.17
N GLY MC 141 44.24 -54.71 -87.71
CA GLY MC 141 43.03 -54.54 -88.54
C GLY MC 141 42.07 -55.72 -88.50
N GLU MC 142 42.52 -56.93 -88.15
CA GLU MC 142 41.63 -58.07 -87.92
C GLU MC 142 41.07 -58.10 -86.49
N ILE MC 143 39.77 -58.37 -86.35
CA ILE MC 143 39.19 -58.69 -85.05
C ILE MC 143 39.57 -60.13 -84.64
N ILE MC 144 40.39 -60.25 -83.59
CA ILE MC 144 40.92 -61.52 -83.10
C ILE MC 144 40.64 -61.72 -81.60
N LYS MC 145 40.70 -62.99 -81.17
CA LYS MC 145 40.59 -63.36 -79.75
C LYS MC 145 41.89 -63.02 -79.00
N ASN MC 146 41.74 -62.45 -77.79
CA ASN MC 146 42.84 -62.24 -76.85
C ASN MC 146 42.59 -63.00 -75.54
N PRO MC 147 43.30 -64.11 -75.23
CA PRO MC 147 43.05 -64.97 -74.07
C PRO MC 147 43.74 -64.45 -72.78
N VAL MC 148 43.29 -63.30 -72.27
CA VAL MC 148 43.85 -62.66 -71.06
C VAL MC 148 43.50 -63.43 -69.78
N THR MC 149 44.37 -63.36 -68.76
CA THR MC 149 44.13 -63.94 -67.43
C THR MC 149 44.36 -62.86 -66.37
N LEU MC 150 43.25 -62.37 -65.79
CA LEU MC 150 43.27 -61.34 -64.74
C LEU MC 150 43.68 -61.99 -63.42
N GLN MC 151 44.87 -61.69 -62.90
CA GLN MC 151 45.28 -62.10 -61.55
C GLN MC 151 44.56 -61.30 -60.46
N LEU MC 152 44.53 -61.84 -59.24
CA LEU MC 152 44.13 -61.15 -58.01
C LEU MC 152 44.95 -59.85 -57.80
N LYS MC 153 44.50 -58.92 -56.97
CA LYS MC 153 45.19 -57.66 -56.66
C LYS MC 153 46.21 -57.76 -55.49
N PRO MC 154 47.54 -57.79 -55.73
CA PRO MC 154 48.58 -57.47 -54.75
C PRO MC 154 49.07 -56.02 -54.92
N ASP MC 155 50.25 -55.70 -54.40
CA ASP MC 155 51.08 -54.56 -54.87
C ASP MC 155 51.61 -54.81 -56.29
N ALA MC 156 51.51 -53.81 -57.16
CA ALA MC 156 52.02 -53.81 -58.53
C ALA MC 156 52.03 -52.38 -59.11
N LYS MC 157 52.93 -52.12 -60.07
CA LYS MC 157 52.98 -50.86 -60.82
C LYS MC 157 53.44 -51.06 -62.26
N GLN MC 158 52.79 -50.35 -63.18
CA GLN MC 158 53.17 -50.21 -64.59
C GLN MC 158 52.79 -48.80 -65.07
N ASP MC 159 53.24 -48.42 -66.26
CA ASP MC 159 52.90 -47.13 -66.89
C ASP MC 159 51.54 -47.11 -67.60
N ASN NC 33 -62.54 -128.31 -139.04
CA ASN NC 33 -61.91 -127.24 -138.23
C ASN NC 33 -60.43 -127.23 -138.51
N THR NC 34 -59.78 -126.12 -138.15
CA THR NC 34 -58.32 -126.05 -138.16
C THR NC 34 -57.81 -126.36 -136.75
N LEU NC 35 -58.11 -125.48 -135.80
CA LEU NC 35 -57.74 -125.72 -134.43
C LEU NC 35 -58.74 -126.69 -133.80
N ARG NC 36 -58.26 -127.83 -133.29
CA ARG NC 36 -59.14 -128.83 -132.67
C ARG NC 36 -59.14 -128.94 -131.16
N GLY NC 37 -58.06 -128.51 -130.50
CA GLY NC 37 -57.97 -128.50 -129.03
C GLY NC 37 -56.98 -127.43 -128.61
N LEU NC 38 -57.15 -126.97 -127.38
CA LEU NC 38 -56.37 -125.91 -126.78
C LEU NC 38 -56.13 -126.24 -125.29
N ASP NC 39 -54.88 -126.36 -124.88
CA ASP NC 39 -54.59 -126.74 -123.50
C ASP NC 39 -53.60 -125.78 -122.84
N VAL NC 40 -53.86 -125.46 -121.56
CA VAL NC 40 -52.90 -124.67 -120.80
C VAL NC 40 -52.35 -125.48 -119.62
N SER NC 41 -51.04 -125.63 -119.55
CA SER NC 41 -50.40 -126.30 -118.41
C SER NC 41 -49.65 -125.31 -117.52
N ARG NC 42 -50.36 -124.67 -116.58
CA ARG NC 42 -49.68 -123.75 -115.63
C ARG NC 42 -48.70 -124.48 -114.75
N THR NC 43 -47.47 -124.01 -114.66
CA THR NC 43 -46.55 -124.56 -113.66
C THR NC 43 -45.58 -123.45 -113.31
N GLY NC 44 -44.86 -123.60 -112.19
CA GLY NC 44 -44.00 -122.51 -111.67
C GLY NC 44 -42.76 -122.24 -112.48
N SER NC 45 -42.17 -123.27 -113.06
CA SER NC 45 -41.01 -123.08 -113.92
C SER NC 45 -41.33 -122.45 -115.28
N GLY NC 46 -42.48 -122.81 -115.84
CA GLY NC 46 -42.96 -122.27 -117.09
C GLY NC 46 -44.42 -122.72 -117.23
N ALA NC 47 -45.25 -121.84 -117.77
CA ALA NC 47 -46.56 -122.25 -118.21
C ALA NC 47 -46.54 -122.61 -119.71
N GLN NC 48 -47.10 -123.76 -120.05
CA GLN NC 48 -47.16 -124.18 -121.44
C GLN NC 48 -48.55 -123.94 -122.02
N VAL NC 49 -48.61 -123.32 -123.20
CA VAL NC 49 -49.83 -123.25 -123.98
C VAL NC 49 -49.66 -124.11 -125.21
N VAL NC 50 -50.64 -124.98 -125.42
CA VAL NC 50 -50.65 -125.88 -126.55
C VAL NC 50 -51.88 -125.61 -127.37
N VAL NC 51 -51.67 -125.52 -128.66
CA VAL NC 51 -52.75 -125.35 -129.61
C VAL NC 51 -52.61 -126.48 -130.63
N THR NC 52 -53.65 -127.30 -130.75
CA THR NC 52 -53.58 -128.47 -131.60
C THR NC 52 -54.47 -128.23 -132.79
N GLY NC 53 -54.02 -128.61 -133.98
CA GLY NC 53 -54.73 -128.28 -135.22
C GLY NC 53 -54.52 -129.33 -136.30
N THR NC 54 -55.37 -129.29 -137.32
CA THR NC 54 -55.32 -130.26 -138.38
C THR NC 54 -54.23 -130.02 -139.41
N ARG NC 55 -53.75 -128.78 -139.51
CA ARG NC 55 -52.65 -128.43 -140.43
C ARG NC 55 -51.66 -127.60 -139.64
N PRO NC 56 -50.38 -127.63 -140.06
CA PRO NC 56 -49.37 -126.76 -139.49
C PRO NC 56 -49.79 -125.26 -139.55
N PRO NC 57 -49.69 -124.59 -138.42
CA PRO NC 57 -50.14 -123.22 -138.31
C PRO NC 57 -49.04 -122.23 -138.60
N THR NC 58 -49.32 -121.21 -139.41
CA THR NC 58 -48.43 -120.05 -139.47
C THR NC 58 -48.82 -119.15 -138.29
N PHE NC 59 -47.84 -118.61 -137.59
CA PHE NC 59 -48.14 -117.83 -136.42
C PHE NC 59 -47.11 -116.74 -136.40
N THR NC 60 -47.36 -115.74 -135.57
CA THR NC 60 -46.39 -114.73 -135.19
C THR NC 60 -46.68 -114.49 -133.72
N VAL NC 61 -45.61 -114.37 -132.95
CA VAL NC 61 -45.71 -114.03 -131.54
C VAL NC 61 -44.99 -112.71 -131.26
N PHE NC 62 -45.65 -111.84 -130.48
CA PHE NC 62 -45.01 -110.59 -130.05
C PHE NC 62 -45.44 -110.15 -128.65
N ARG NC 63 -44.85 -109.07 -128.14
CA ARG NC 63 -45.10 -108.60 -126.77
C ARG NC 63 -45.84 -107.26 -126.78
N LEU NC 64 -46.55 -106.94 -125.69
CA LEU NC 64 -47.05 -105.58 -125.52
C LEU NC 64 -46.89 -105.21 -124.04
N SER NC 65 -46.98 -103.92 -123.73
CA SER NC 65 -46.83 -103.45 -122.37
C SER NC 65 -48.04 -102.65 -121.96
N GLY NC 66 -48.12 -102.29 -120.67
CA GLY NC 66 -49.19 -101.46 -120.10
C GLY NC 66 -50.62 -101.89 -120.44
N PRO NC 67 -51.00 -103.13 -120.06
CA PRO NC 67 -50.29 -104.13 -119.21
C PRO NC 67 -49.34 -105.07 -119.99
N GLU NC 68 -48.34 -105.64 -119.34
CA GLU NC 68 -47.54 -106.71 -119.97
C GLU NC 68 -48.42 -107.83 -120.60
N ARG NC 69 -48.16 -108.15 -121.86
CA ARG NC 69 -49.01 -109.08 -122.61
C ARG NC 69 -48.16 -109.86 -123.55
N LEU NC 70 -48.60 -111.06 -123.88
CA LEU NC 70 -47.98 -111.78 -124.98
C LEU NC 70 -49.13 -112.01 -125.96
N VAL NC 71 -48.83 -111.88 -127.25
CA VAL NC 71 -49.87 -111.98 -128.27
C VAL NC 71 -49.46 -112.98 -129.31
N VAL NC 72 -50.36 -113.89 -129.67
CA VAL NC 72 -50.05 -114.81 -130.76
C VAL NC 72 -51.10 -114.66 -131.83
N ASP NC 73 -50.64 -114.46 -133.06
CA ASP NC 73 -51.52 -114.47 -134.23
C ASP NC 73 -51.43 -115.76 -135.05
N LEU NC 74 -52.58 -116.37 -135.29
CA LEU NC 74 -52.61 -117.65 -136.00
C LEU NC 74 -53.33 -117.52 -137.34
N SER NC 75 -52.69 -117.98 -138.42
CA SER NC 75 -53.24 -117.91 -139.78
C SER NC 75 -53.79 -119.24 -140.25
N SER NC 76 -54.72 -119.14 -141.20
CA SER NC 76 -55.59 -120.22 -141.67
C SER NC 76 -56.57 -120.72 -140.61
N ALA NC 77 -56.05 -120.73 -139.41
CA ALA NC 77 -56.85 -121.14 -138.27
C ALA NC 77 -56.82 -120.04 -137.21
N ASP NC 78 -57.95 -119.86 -136.53
CA ASP NC 78 -58.05 -118.90 -135.44
C ASP NC 78 -58.36 -119.77 -134.22
N ALA NC 79 -57.35 -119.94 -133.36
CA ALA NC 79 -57.49 -120.73 -132.15
C ALA NC 79 -57.79 -119.84 -130.95
N THR NC 80 -58.93 -120.07 -130.30
CA THR NC 80 -59.32 -119.28 -129.14
C THR NC 80 -59.36 -120.16 -127.90
N GLY NC 81 -58.62 -119.77 -126.87
CA GLY NC 81 -58.60 -120.50 -125.61
C GLY NC 81 -59.26 -119.63 -124.54
N ILE NC 82 -60.12 -120.24 -123.74
CA ILE NC 82 -60.84 -119.51 -122.72
C ILE NC 82 -61.31 -120.43 -121.62
N LYS NC 83 -61.44 -119.91 -120.49
CA LYS NC 83 -61.96 -120.59 -119.29
C LYS NC 83 -61.02 -121.68 -118.84
N GLY NC 84 -59.96 -121.88 -119.61
CA GLY NC 84 -58.87 -122.79 -119.25
C GLY NC 84 -57.83 -122.09 -118.37
N HIS NC 85 -57.91 -120.77 -118.24
CA HIS NC 85 -56.94 -120.07 -117.45
C HIS NC 85 -57.30 -120.13 -115.97
N HIS NC 86 -56.44 -120.78 -115.21
CA HIS NC 86 -56.72 -121.01 -113.81
C HIS NC 86 -56.37 -119.79 -113.01
N GLU NC 87 -57.12 -119.57 -111.92
CA GLU NC 87 -56.82 -118.47 -111.04
C GLU NC 87 -55.46 -118.53 -110.37
N GLY NC 88 -54.68 -119.58 -110.64
CA GLY NC 88 -53.38 -119.77 -110.00
C GLY NC 88 -52.26 -120.05 -111.00
N SER NC 89 -52.49 -119.73 -112.28
CA SER NC 89 -51.41 -119.74 -113.27
C SER NC 89 -50.33 -118.71 -112.82
N GLY NC 90 -49.07 -119.17 -112.61
CA GLY NC 90 -48.06 -118.20 -112.19
C GLY NC 90 -47.71 -117.19 -113.27
N PRO NC 91 -48.05 -117.51 -114.53
CA PRO NC 91 -47.72 -116.63 -115.67
C PRO NC 91 -48.90 -115.87 -116.25
N VAL NC 92 -50.02 -116.55 -116.44
CA VAL NC 92 -51.13 -115.98 -117.20
C VAL NC 92 -52.23 -115.46 -116.28
N SER NC 93 -52.42 -114.14 -116.30
CA SER NC 93 -53.50 -113.47 -115.57
C SER NC 93 -54.81 -113.74 -116.29
N GLY NC 94 -54.82 -113.67 -117.64
CA GLY NC 94 -56.02 -114.01 -118.45
C GLY NC 94 -55.71 -114.15 -119.93
N VAL NC 95 -56.65 -114.75 -120.68
CA VAL NC 95 -56.47 -114.97 -122.12
C VAL NC 95 -57.72 -114.59 -122.92
N VAL NC 96 -57.57 -113.67 -123.87
CA VAL NC 96 -58.69 -113.25 -124.73
C VAL NC 96 -58.36 -113.67 -126.15
N ALA NC 97 -59.40 -114.02 -126.91
CA ALA NC 97 -59.21 -114.50 -128.28
C ALA NC 97 -60.23 -113.80 -129.21
N SER NC 98 -59.80 -113.36 -130.39
CA SER NC 98 -60.72 -112.89 -131.43
C SER NC 98 -60.28 -113.17 -132.85
N GLN NC 99 -61.16 -113.60 -133.77
CA GLN NC 99 -60.85 -113.85 -135.16
C GLN NC 99 -61.34 -112.74 -136.09
N PHE NC 100 -60.52 -112.30 -137.04
CA PHE NC 100 -60.97 -111.34 -138.06
C PHE NC 100 -60.80 -111.96 -139.46
N SER NC 101 -61.71 -111.56 -140.38
CA SER NC 101 -61.70 -112.08 -141.75
C SER NC 101 -60.90 -111.27 -142.72
N ASP NC 102 -60.21 -111.99 -143.62
CA ASP NC 102 -59.46 -111.40 -144.72
C ASP NC 102 -59.95 -112.20 -145.95
N GLN NC 103 -60.85 -111.62 -146.75
CA GLN NC 103 -61.51 -112.41 -147.79
C GLN NC 103 -62.14 -113.62 -147.12
N ARG NC 104 -61.92 -114.75 -147.72
CA ARG NC 104 -62.45 -116.00 -147.15
C ARG NC 104 -61.55 -116.57 -146.06
N ALA NC 105 -60.40 -115.95 -145.80
CA ALA NC 105 -59.47 -116.45 -144.79
C ALA NC 105 -59.74 -115.83 -143.42
N SER NC 106 -59.12 -116.42 -142.41
CA SER NC 106 -59.33 -115.99 -141.03
C SER NC 106 -58.02 -115.90 -140.27
N VAL NC 107 -57.76 -114.81 -139.57
CA VAL NC 107 -56.63 -114.61 -138.65
C VAL NC 107 -57.14 -114.51 -137.22
N GLY NC 108 -56.61 -115.43 -136.27
CA GLY NC 108 -57.07 -115.38 -134.89
C GLY NC 108 -55.97 -114.75 -134.05
N ARG NC 109 -56.37 -113.88 -133.14
CA ARG NC 109 -55.39 -113.29 -132.25
C ARG NC 109 -55.63 -113.78 -130.85
N VAL NC 110 -54.58 -114.31 -130.22
CA VAL NC 110 -54.63 -114.74 -128.82
C VAL NC 110 -53.80 -113.78 -128.03
N LEU NC 111 -54.39 -113.32 -126.93
CA LEU NC 111 -53.81 -112.31 -126.07
C LEU NC 111 -53.71 -112.81 -124.64
N LEU NC 112 -52.49 -112.91 -124.12
CA LEU NC 112 -52.25 -113.37 -122.76
C LEU NC 112 -51.76 -112.27 -121.89
N ALA NC 113 -52.62 -111.76 -121.02
CA ALA NC 113 -52.17 -110.81 -119.99
C ALA NC 113 -51.32 -111.55 -118.94
N LEU NC 114 -50.16 -110.99 -118.57
CA LEU NC 114 -49.16 -111.63 -117.73
C LEU NC 114 -49.06 -111.15 -116.30
N ASP NC 115 -48.59 -112.04 -115.42
CA ASP NC 115 -48.36 -111.80 -113.97
C ASP NC 115 -46.90 -111.49 -113.72
N LYS NC 116 -46.05 -111.70 -114.72
CA LYS NC 116 -44.61 -111.51 -114.56
C LYS NC 116 -43.96 -111.50 -115.93
N ALA NC 117 -42.76 -110.94 -116.02
CA ALA NC 117 -42.08 -110.85 -117.31
C ALA NC 117 -41.67 -112.23 -117.83
N SER NC 118 -41.94 -112.45 -119.10
CA SER NC 118 -41.63 -113.73 -119.71
C SER NC 118 -40.68 -113.62 -120.89
N GLN NC 119 -39.98 -114.73 -121.12
CA GLN NC 119 -39.26 -114.93 -122.32
C GLN NC 119 -39.97 -116.10 -123.03
N TYR NC 120 -40.85 -115.79 -124.02
CA TYR NC 120 -41.57 -116.91 -124.63
C TYR NC 120 -40.70 -117.71 -125.54
N ASP NC 121 -40.97 -119.01 -125.64
CA ASP NC 121 -40.33 -119.86 -126.63
C ASP NC 121 -41.42 -120.67 -127.35
N VAL NC 122 -41.47 -120.54 -128.66
CA VAL NC 122 -42.46 -121.18 -129.49
C VAL NC 122 -41.84 -122.23 -130.41
N ARG NC 123 -42.49 -123.38 -130.54
CA ARG NC 123 -42.02 -124.39 -131.50
C ARG NC 123 -43.20 -125.17 -131.96
N ALA NC 124 -43.08 -125.75 -133.14
CA ALA NC 124 -44.17 -126.52 -133.73
C ALA NC 124 -43.77 -127.98 -133.67
N ASP NC 125 -44.75 -128.86 -133.62
CA ASP NC 125 -44.53 -130.30 -133.73
C ASP NC 125 -45.80 -130.89 -134.31
N GLY NC 126 -45.74 -131.29 -135.58
CA GLY NC 126 -46.92 -131.84 -136.23
C GLY NC 126 -48.03 -130.82 -136.33
N ASN NC 127 -49.16 -131.12 -135.70
CA ASN NC 127 -50.30 -130.22 -135.71
C ASN NC 127 -50.40 -129.45 -134.40
N ARG NC 128 -49.35 -129.53 -133.59
CA ARG NC 128 -49.36 -128.83 -132.31
C ARG NC 128 -48.39 -127.68 -132.34
N VAL NC 129 -48.85 -126.52 -131.88
CA VAL NC 129 -48.02 -125.37 -131.69
C VAL NC 129 -47.89 -125.20 -130.21
N VAL NC 130 -46.65 -125.17 -129.74
CA VAL NC 130 -46.38 -125.02 -128.31
C VAL NC 130 -45.75 -123.66 -127.97
N ILE NC 131 -46.33 -122.97 -127.00
CA ILE NC 131 -45.67 -121.78 -126.48
C ILE NC 131 -45.33 -121.94 -125.02
N SER NC 132 -44.06 -121.91 -124.66
CA SER NC 132 -43.72 -121.98 -123.24
C SER NC 132 -43.28 -120.62 -122.72
N VAL NC 133 -43.88 -120.19 -121.62
CA VAL NC 133 -43.61 -118.89 -121.08
C VAL NC 133 -42.67 -119.11 -119.94
N ASP NC 134 -41.40 -118.77 -120.13
CA ASP NC 134 -40.41 -118.85 -119.03
C ASP NC 134 -40.25 -117.49 -118.31
N GLY NC 135 -39.84 -117.48 -117.04
CA GLY NC 135 -39.52 -116.15 -116.47
C GLY NC 135 -38.30 -115.47 -117.11
N THR NC 136 -37.24 -115.31 -116.34
CA THR NC 136 -36.01 -114.69 -116.83
C THR NC 136 -34.86 -115.70 -116.92
N SER NC 137 -35.10 -116.94 -116.50
CA SER NC 137 -34.10 -118.01 -116.55
C SER NC 137 -34.33 -118.81 -117.83
N GLN NC 138 -33.41 -118.68 -118.78
CA GLN NC 138 -33.53 -119.33 -120.07
C GLN NC 138 -32.84 -120.67 -120.28
N SER NC 139 -31.88 -121.02 -119.43
CA SER NC 139 -31.17 -122.28 -119.64
C SER NC 139 -30.53 -122.80 -118.37
N VAL NC 140 -30.68 -124.10 -118.13
CA VAL NC 140 -30.08 -124.75 -116.98
C VAL NC 140 -28.96 -125.62 -117.54
N ASP NC 214 -17.86 -85.03 -104.20
CA ASP NC 214 -17.41 -85.48 -102.86
C ASP NC 214 -18.48 -86.28 -102.10
N ASP NC 215 -19.74 -85.94 -102.35
CA ASP NC 215 -20.88 -86.53 -101.64
C ASP NC 215 -21.10 -87.93 -102.18
N THR NC 216 -20.79 -88.11 -103.47
CA THR NC 216 -21.05 -89.33 -104.24
C THR NC 216 -20.59 -89.06 -105.68
N LEU NC 217 -19.96 -90.08 -106.24
CA LEU NC 217 -19.63 -90.09 -107.66
C LEU NC 217 -20.70 -90.91 -108.38
N SER NC 218 -21.23 -90.31 -109.44
CA SER NC 218 -22.28 -90.96 -110.25
C SER NC 218 -21.68 -91.48 -111.55
N ILE NC 219 -22.03 -92.72 -111.86
CA ILE NC 219 -21.68 -93.35 -113.14
C ILE NC 219 -22.98 -93.56 -113.92
N ARG NC 220 -23.00 -93.03 -115.12
CA ARG NC 220 -24.17 -93.14 -116.00
C ARG NC 220 -23.81 -93.92 -117.25
N ALA NC 221 -24.64 -94.90 -117.56
CA ALA NC 221 -24.51 -95.72 -118.77
C ALA NC 221 -25.81 -95.58 -119.56
N ASP NC 222 -25.69 -94.96 -120.73
CA ASP NC 222 -26.86 -94.73 -121.59
C ASP NC 222 -26.86 -95.76 -122.71
N GLY NC 223 -28.03 -96.37 -122.92
CA GLY NC 223 -28.21 -97.40 -123.94
C GLY NC 223 -29.65 -97.93 -123.88
N ASP NC 224 -29.95 -98.78 -124.84
CA ASP NC 224 -31.28 -99.41 -124.99
C ASP NC 224 -31.67 -100.33 -123.83
N ILE NC 225 -30.70 -101.07 -123.32
CA ILE NC 225 -30.94 -102.09 -122.29
C ILE NC 225 -31.39 -101.45 -120.94
N ALA NC 226 -31.11 -102.04 -119.78
CA ALA NC 226 -30.18 -103.14 -119.54
C ALA NC 226 -30.47 -104.00 -118.36
N ARG NC 227 -30.21 -105.28 -118.53
CA ARG NC 227 -30.13 -106.13 -117.34
C ARG NC 227 -28.70 -106.07 -116.82
N TYR NC 228 -28.59 -105.89 -115.51
CA TYR NC 228 -27.29 -105.73 -114.86
C TYR NC 228 -27.27 -106.47 -113.52
N GLU NC 229 -26.06 -106.70 -113.04
CA GLU NC 229 -25.83 -107.14 -111.66
C GLU NC 229 -24.62 -106.39 -111.12
N VAL NC 230 -24.75 -105.93 -109.89
CA VAL NC 230 -23.66 -105.21 -109.20
C VAL NC 230 -23.23 -106.00 -107.97
N LEU NC 231 -21.93 -106.02 -107.74
CA LEU NC 231 -21.36 -106.69 -106.56
C LEU NC 231 -19.99 -106.07 -106.22
N GLU NC 232 -19.51 -106.42 -105.04
CA GLU NC 232 -18.24 -105.94 -104.48
C GLU NC 232 -17.10 -107.00 -104.48
N LEU NC 233 -15.88 -106.50 -104.52
CA LEU NC 233 -14.68 -107.33 -104.34
C LEU NC 233 -13.73 -106.60 -103.39
N ALA NC 234 -12.87 -107.37 -102.75
CA ALA NC 234 -11.86 -106.80 -101.85
C ALA NC 234 -10.44 -107.15 -102.31
N ASP NC 235 -9.46 -106.46 -101.73
CA ASP NC 235 -8.03 -106.70 -101.99
C ASP NC 235 -7.73 -106.70 -103.52
N PRO NC 236 -7.83 -105.53 -104.15
CA PRO NC 236 -8.24 -104.26 -103.56
C PRO NC 236 -9.76 -104.09 -103.60
N PRO NC 237 -10.29 -103.15 -102.81
CA PRO NC 237 -11.72 -102.85 -102.80
C PRO NC 237 -12.15 -102.39 -104.20
N ARG NC 238 -13.24 -102.99 -104.67
CA ARG NC 238 -13.74 -102.80 -106.04
C ARG NC 238 -15.26 -102.92 -106.08
N LEU NC 239 -15.86 -102.22 -107.02
CA LEU NC 239 -17.28 -102.41 -107.35
C LEU NC 239 -17.32 -102.88 -108.81
N ALA NC 240 -18.10 -103.91 -109.05
CA ALA NC 240 -18.20 -104.52 -110.39
C ALA NC 240 -19.65 -104.55 -110.85
N VAL NC 241 -19.83 -104.12 -112.10
CA VAL NC 241 -21.15 -104.18 -112.76
C VAL NC 241 -21.03 -105.04 -114.02
N ASP NC 242 -21.95 -105.99 -114.13
CA ASP NC 242 -22.09 -106.79 -115.36
C ASP NC 242 -23.36 -106.37 -116.08
N LEU NC 243 -23.17 -106.08 -117.36
CA LEU NC 243 -24.26 -105.63 -118.22
C LEU NC 243 -24.52 -106.68 -119.30
N PHE NC 244 -25.79 -107.01 -119.47
CA PHE NC 244 -26.15 -107.99 -120.49
C PHE NC 244 -26.87 -107.38 -121.67
N GLY NC 245 -26.79 -108.13 -122.77
CA GLY NC 245 -27.28 -107.68 -124.08
C GLY NC 245 -26.39 -106.58 -124.64
N VAL NC 246 -25.13 -106.55 -124.19
CA VAL NC 246 -24.14 -105.58 -124.70
C VAL NC 246 -22.95 -106.30 -125.31
N GLY NC 247 -22.52 -105.71 -126.42
CA GLY NC 247 -21.21 -106.04 -127.01
C GLY NC 247 -20.30 -104.83 -126.75
N LEU NC 248 -19.08 -105.15 -126.33
CA LEU NC 248 -18.06 -104.13 -126.06
C LEU NC 248 -17.84 -103.28 -127.31
N ALA NC 249 -17.63 -101.98 -127.11
CA ALA NC 249 -17.48 -101.05 -128.24
C ALA NC 249 -16.65 -99.85 -127.82
N THR NC 250 -16.18 -99.14 -128.83
CA THR NC 250 -15.30 -97.98 -128.65
C THR NC 250 -15.94 -96.96 -127.71
N ARG NC 251 -17.27 -96.86 -127.64
CA ARG NC 251 -17.93 -95.94 -126.70
C ARG NC 251 -17.69 -96.29 -125.22
N ALA NC 252 -17.20 -97.52 -124.98
CA ALA NC 252 -16.75 -97.94 -123.64
C ALA NC 252 -15.81 -96.88 -123.01
N PRO NC 253 -14.92 -96.21 -123.75
CA PRO NC 253 -13.99 -95.16 -123.29
C PRO NC 253 -14.65 -94.03 -122.56
N ARG NC 254 -15.88 -93.67 -122.94
CA ARG NC 254 -16.62 -92.64 -122.19
C ARG NC 254 -16.75 -93.04 -120.71
N VAL NC 255 -16.46 -94.31 -120.45
CA VAL NC 255 -16.40 -94.91 -119.11
C VAL NC 255 -15.31 -94.30 -118.23
N LYS NC 256 -14.27 -93.72 -118.86
CA LYS NC 256 -13.14 -93.13 -118.12
C LYS NC 256 -13.62 -92.07 -117.11
N SER NC 257 -14.79 -91.50 -117.42
CA SER NC 257 -15.43 -90.46 -116.59
C SER NC 257 -15.81 -90.93 -115.19
N GLY NC 258 -15.87 -92.24 -115.03
CA GLY NC 258 -16.47 -92.73 -113.82
C GLY NC 258 -15.53 -93.46 -112.91
N ALA NC 259 -14.20 -93.58 -113.16
CA ALA NC 259 -13.18 -94.13 -112.24
C ALA NC 259 -12.98 -93.31 -110.96
N LEU NC 260 -12.71 -93.85 -109.76
CA LEU NC 260 -12.76 -95.22 -109.24
C LEU NC 260 -11.38 -95.68 -108.88
N ARG NC 261 -10.55 -94.75 -108.44
CA ARG NC 261 -9.09 -94.88 -108.60
C ARG NC 261 -8.75 -95.19 -110.09
N ASP NC 262 -9.55 -96.01 -110.76
CA ASP NC 262 -9.61 -96.50 -112.12
C ASP NC 262 -10.85 -97.39 -112.38
N VAL NC 263 -11.12 -97.47 -113.66
CA VAL NC 263 -12.19 -98.30 -114.23
C VAL NC 263 -11.65 -99.11 -115.42
N ARG NC 264 -11.85 -100.42 -115.36
CA ARG NC 264 -11.53 -101.30 -116.48
C ARG NC 264 -12.77 -102.04 -116.94
N VAL NC 265 -12.83 -102.26 -118.25
CA VAL NC 265 -14.01 -102.88 -118.89
C VAL NC 265 -13.54 -103.98 -119.83
N GLY NC 266 -14.34 -105.05 -119.89
CA GLY NC 266 -14.07 -106.18 -120.78
C GLY NC 266 -15.35 -106.95 -121.08
N ALA NC 267 -15.18 -108.07 -121.78
CA ALA NC 267 -16.30 -108.93 -122.19
C ALA NC 267 -15.77 -110.33 -122.51
N HIS NC 268 -16.63 -111.31 -122.29
CA HIS NC 268 -16.27 -112.72 -122.52
C HIS NC 268 -17.43 -113.46 -123.19
N ALA NC 269 -17.69 -113.10 -124.44
CA ALA NC 269 -18.78 -113.73 -125.22
C ALA NC 269 -20.09 -113.74 -124.43
N ASP NC 270 -20.25 -112.70 -123.62
CA ASP NC 270 -21.56 -112.55 -123.01
C ASP NC 270 -22.16 -111.16 -123.29
N LYS NC 271 -22.13 -110.08 -122.52
CA LYS NC 271 -21.81 -109.72 -121.10
C LYS NC 271 -20.54 -108.89 -121.01
N VAL NC 272 -20.77 -107.66 -120.65
CA VAL NC 272 -19.66 -106.74 -120.39
C VAL NC 272 -19.53 -106.58 -118.88
N ARG NC 273 -18.28 -106.53 -118.43
CA ARG NC 273 -17.98 -106.32 -117.01
C ARG NC 273 -17.22 -105.02 -116.83
N LEU NC 274 -17.76 -104.19 -115.95
CA LEU NC 274 -17.14 -102.92 -115.58
C LEU NC 274 -16.66 -103.05 -114.13
N VAL NC 275 -15.39 -102.70 -113.96
CA VAL NC 275 -14.69 -102.86 -112.67
C VAL NC 275 -14.15 -101.50 -112.24
N LEU NC 276 -14.52 -101.11 -111.05
CA LEU NC 276 -14.19 -99.83 -110.39
C LEU NC 276 -13.33 -100.08 -109.18
N ASP NC 277 -12.08 -99.81 -109.29
CA ASP NC 277 -11.23 -99.83 -108.10
C ASP NC 277 -11.60 -98.63 -107.17
N VAL NC 278 -11.63 -98.77 -105.88
CA VAL NC 278 -12.10 -97.63 -105.07
C VAL NC 278 -11.00 -96.97 -104.27
N ARG NC 279 -11.25 -95.72 -103.88
CA ARG NC 279 -10.38 -95.00 -102.94
C ARG NC 279 -10.93 -95.01 -101.51
N GLY NC 280 -12.16 -95.50 -101.35
CA GLY NC 280 -12.86 -95.53 -100.06
C GLY NC 280 -14.08 -96.46 -100.10
N THR NC 281 -14.50 -96.97 -98.96
CA THR NC 281 -15.67 -97.88 -98.93
C THR NC 281 -16.93 -97.15 -99.43
N MET NC 282 -17.70 -97.85 -100.25
CA MET NC 282 -18.94 -97.29 -100.82
C MET NC 282 -20.16 -98.17 -100.48
N LYS NC 341 -29.45 -103.28 -80.59
CA LYS NC 341 -28.67 -102.28 -79.88
C LYS NC 341 -28.86 -102.39 -78.37
N ASP NC 342 -27.85 -101.98 -77.62
CA ASP NC 342 -27.90 -102.03 -76.16
C ASP NC 342 -26.68 -101.37 -75.54
N VAL NC 343 -26.79 -100.98 -74.28
CA VAL NC 343 -25.68 -100.34 -73.58
C VAL NC 343 -25.24 -101.19 -72.38
N ARG NC 344 -23.99 -101.00 -71.98
CA ARG NC 344 -23.44 -101.74 -70.84
C ARG NC 344 -22.36 -100.92 -70.14
N PHE NC 345 -22.14 -101.22 -68.86
CA PHE NC 345 -21.13 -100.52 -68.08
C PHE NC 345 -20.26 -101.50 -67.30
N GLU NC 346 -18.99 -101.14 -67.11
CA GLU NC 346 -18.06 -101.99 -66.38
C GLU NC 346 -16.82 -101.19 -65.96
N GLU NC 347 -15.83 -101.72 -65.41
CA GLU NC 347 -14.65 -100.97 -65.09
C GLU NC 347 -13.37 -101.78 -65.35
N SER NC 348 -12.31 -101.06 -65.60
CA SER NC 348 -11.01 -101.68 -65.72
C SER NC 348 -10.01 -100.72 -65.12
N SER NC 349 -8.73 -101.01 -65.25
CA SER NC 349 -7.74 -100.19 -64.48
C SER NC 349 -7.79 -98.74 -65.01
N SER NC 350 -8.06 -98.56 -66.29
CA SER NC 350 -8.28 -97.20 -66.84
C SER NC 350 -9.51 -96.52 -66.18
N GLY NC 351 -10.30 -97.25 -65.38
CA GLY NC 351 -11.49 -96.65 -64.77
C GLY NC 351 -12.82 -97.22 -65.24
N GLY NC 352 -13.79 -96.34 -65.46
CA GLY NC 352 -15.13 -96.74 -65.91
C GLY NC 352 -15.21 -96.87 -67.43
N ARG NC 353 -15.89 -97.86 -67.85
CA ARG NC 353 -16.02 -98.30 -69.23
C ARG NC 353 -17.49 -98.45 -69.62
N ILE NC 354 -17.82 -98.00 -70.82
CA ILE NC 354 -19.20 -98.09 -71.32
C ILE NC 354 -19.25 -98.87 -72.62
N VAL NC 355 -19.45 -100.18 -72.52
CA VAL NC 355 -19.54 -101.03 -73.70
C VAL NC 355 -20.91 -100.93 -74.36
N MET NC 356 -20.93 -100.40 -75.58
CA MET NC 356 -22.18 -100.25 -76.32
C MET NC 356 -22.27 -101.25 -77.47
N LYS NC 357 -23.43 -101.85 -77.64
CA LYS NC 357 -23.64 -102.82 -78.70
C LYS NC 357 -24.28 -102.17 -79.92
N LEU NC 358 -23.52 -102.05 -81.00
CA LEU NC 358 -24.01 -101.45 -82.23
C LEU NC 358 -24.15 -102.49 -83.34
N SER NC 359 -25.37 -102.98 -83.53
CA SER NC 359 -25.64 -103.99 -84.56
C SER NC 359 -26.24 -103.34 -85.80
N GLY NC 360 -25.46 -103.31 -86.88
CA GLY NC 360 -25.93 -102.73 -88.11
C GLY NC 360 -25.22 -101.42 -88.45
N THR NC 361 -24.05 -101.22 -87.87
CA THR NC 361 -23.27 -100.01 -88.10
C THR NC 361 -21.97 -100.33 -88.82
N SER NC 362 -21.50 -99.38 -89.63
CA SER NC 362 -20.27 -99.55 -90.38
C SER NC 362 -19.20 -98.57 -89.91
N GLY NC 363 -19.40 -97.29 -90.24
CA GLY NC 363 -18.44 -96.27 -89.85
C GLY NC 363 -18.40 -96.06 -88.34
N TRP NC 364 -18.14 -94.84 -87.92
CA TRP NC 364 -18.07 -94.51 -86.50
C TRP NC 364 -18.99 -93.35 -86.15
N LYS NC 365 -19.59 -93.40 -84.96
CA LYS NC 365 -20.51 -92.36 -84.48
C LYS NC 365 -19.79 -91.05 -84.19
N VAL NC 366 -20.55 -90.05 -83.75
CA VAL NC 366 -19.99 -88.75 -83.43
C VAL NC 366 -19.76 -88.61 -81.93
N ASP NC 367 -18.51 -88.69 -81.51
CA ASP NC 367 -18.15 -88.58 -80.11
C ASP NC 367 -17.98 -87.12 -79.69
N ARG NC 368 -18.83 -86.68 -78.76
CA ARG NC 368 -18.77 -85.30 -78.28
C ARG NC 368 -18.48 -85.25 -76.79
N PRO NC 369 -17.21 -85.08 -76.44
CA PRO NC 369 -16.81 -85.02 -75.04
C PRO NC 369 -17.10 -83.64 -74.44
N ASP NC 370 -18.10 -83.59 -73.56
CA ASP NC 370 -18.47 -82.34 -72.92
C ASP NC 370 -18.00 -82.30 -71.47
N PRO NC 371 -18.07 -81.12 -70.86
CA PRO NC 371 -17.65 -80.95 -69.48
C PRO NC 371 -18.71 -81.50 -68.51
N ARG NC 372 -19.90 -81.76 -69.04
CA ARG NC 372 -20.99 -82.29 -68.23
C ARG NC 372 -21.19 -83.78 -68.48
N SER NC 373 -21.51 -84.13 -69.72
CA SER NC 373 -21.73 -85.52 -70.09
C SER NC 373 -21.13 -85.82 -71.46
N ALA NC 374 -21.47 -86.97 -72.01
CA ALA NC 374 -20.97 -87.37 -73.32
C ALA NC 374 -22.11 -87.52 -74.33
N VAL NC 375 -21.78 -87.43 -75.61
CA VAL NC 375 -22.78 -87.54 -76.66
C VAL NC 375 -22.28 -88.47 -77.78
N LEU NC 376 -23.12 -89.43 -78.16
CA LEU NC 376 -22.77 -90.37 -79.21
C LEU NC 376 -23.95 -90.61 -80.15
N THR NC 377 -23.84 -90.10 -81.37
CA THR NC 377 -24.90 -90.25 -82.36
C THR NC 377 -24.53 -91.31 -83.40
N LEU NC 378 -25.50 -92.15 -83.74
CA LEU NC 378 -25.28 -93.20 -84.73
C LEU NC 378 -26.30 -93.12 -85.86
N ASP NC 379 -25.90 -92.51 -86.98
CA ASP NC 379 -26.78 -92.38 -88.13
C ASP NC 379 -27.26 -93.74 -88.62
N ASN NC 380 -28.55 -93.84 -88.91
CA ASN NC 380 -29.14 -95.08 -89.39
C ASN NC 380 -29.02 -96.18 -88.34
N ALA NC 381 -28.96 -95.78 -87.07
CA ALA NC 381 -28.84 -96.73 -85.97
C ALA NC 381 -29.97 -96.52 -84.95
N ARG NC 382 -31.06 -95.92 -85.41
CA ARG NC 382 -32.21 -95.67 -84.55
C ARG NC 382 -32.57 -96.91 -83.74
N LEU NC 383 -32.43 -96.81 -82.41
CA LEU NC 383 -32.74 -97.92 -81.53
C LEU NC 383 -34.12 -97.77 -80.92
N PRO NC 384 -34.79 -98.89 -80.65
CA PRO NC 384 -36.14 -98.91 -80.07
C PRO NC 384 -36.14 -98.45 -78.61
N LYS NC 385 -37.26 -97.90 -78.17
CA LYS NC 385 -37.39 -97.43 -76.80
C LYS NC 385 -37.28 -98.58 -75.80
N LYS NC 386 -37.35 -99.80 -76.31
CA LYS NC 386 -37.25 -100.98 -75.46
C LYS NC 386 -35.81 -101.39 -75.25
N PHE NC 387 -34.89 -100.54 -75.69
CA PHE NC 387 -33.46 -100.82 -75.54
C PHE NC 387 -32.72 -99.57 -75.07
N GLU NC 388 -33.47 -98.52 -74.75
CA GLU NC 388 -32.87 -97.27 -74.29
C GLU NC 388 -32.75 -97.26 -72.77
N ARG NC 389 -32.68 -98.45 -72.18
CA ARG NC 389 -32.55 -98.57 -70.73
C ARG NC 389 -31.31 -97.83 -70.22
N SER NC 390 -31.39 -97.33 -68.99
CA SER NC 390 -30.28 -96.59 -68.40
C SER NC 390 -29.58 -97.43 -67.33
N LEU NC 391 -28.39 -96.99 -66.95
CA LEU NC 391 -27.61 -97.71 -65.94
C LEU NC 391 -27.81 -97.09 -64.56
N ASP NC 392 -27.38 -97.80 -63.52
CA ASP NC 392 -27.51 -97.32 -62.15
C ASP NC 392 -26.20 -97.46 -61.40
N THR NC 393 -25.09 -97.18 -62.08
CA THR NC 393 -23.77 -97.29 -61.47
C THR NC 393 -23.50 -96.09 -60.56
N SER NC 394 -24.29 -95.96 -59.51
CA SER NC 394 -24.13 -94.86 -58.56
C SER NC 394 -23.23 -95.27 -57.41
N ALA NC 395 -22.31 -94.37 -57.03
CA ALA NC 395 -21.38 -94.65 -55.94
C ALA NC 395 -20.46 -95.82 -56.27
N LEU NC 396 -20.09 -95.92 -57.55
CA LEU NC 396 -19.21 -96.98 -58.00
C LEU NC 396 -17.74 -96.54 -57.97
N ASP NC 397 -17.51 -95.36 -57.41
CA ASP NC 397 -16.16 -94.81 -57.31
C ASP NC 397 -15.53 -94.67 -58.70
N THR NC 398 -16.29 -94.11 -59.64
CA THR NC 398 -15.80 -93.91 -61.00
C THR NC 398 -16.14 -92.51 -61.50
N PRO NC 399 -15.45 -92.09 -62.56
CA PRO NC 399 -15.67 -90.77 -63.17
C PRO NC 399 -17.01 -90.68 -63.90
N VAL NC 400 -17.62 -91.83 -64.13
CA VAL NC 400 -18.91 -91.88 -64.82
C VAL NC 400 -20.06 -91.89 -63.82
N LYS NC 401 -20.78 -90.78 -63.76
CA LYS NC 401 -21.92 -90.65 -62.84
C LYS NC 401 -22.94 -91.74 -63.10
N MET NC 402 -23.42 -91.82 -64.33
CA MET NC 402 -24.41 -92.83 -64.71
C MET NC 402 -24.68 -92.80 -66.22
N ILE NC 403 -24.80 -93.98 -66.81
CA ILE NC 403 -25.05 -94.09 -68.24
C ILE NC 403 -26.55 -94.01 -68.54
N SER NC 404 -26.89 -93.28 -69.60
CA SER NC 404 -28.29 -93.12 -69.99
C SER NC 404 -28.45 -93.25 -71.50
N ALA NC 405 -29.33 -94.17 -71.91
CA ALA NC 405 -29.58 -94.40 -73.33
C ALA NC 405 -30.92 -93.79 -73.75
N PHE NC 406 -30.93 -93.13 -74.90
CA PHE NC 406 -32.14 -92.51 -75.42
C PHE NC 406 -32.23 -92.67 -76.93
N SER NC 407 -33.40 -93.09 -77.41
CA SER NC 407 -33.61 -93.28 -78.83
C SER NC 407 -33.82 -91.95 -79.54
N VAL NC 408 -35.07 -91.50 -79.67
CA VAL NC 408 -35.36 -90.30 -80.44
C VAL NC 408 -34.67 -89.07 -79.87
N PRO NC 409 -34.12 -88.24 -80.77
CA PRO NC 409 -33.61 -86.95 -80.28
C PRO NC 409 -33.80 -85.88 -81.37
N GLY NC 410 -34.77 -86.09 -82.26
CA GLY NC 410 -35.17 -85.02 -83.17
C GLY NC 410 -34.56 -85.11 -84.56
N ALA NC 411 -33.81 -86.16 -84.82
CA ALA NC 411 -33.21 -86.38 -86.14
C ALA NC 411 -33.60 -87.77 -86.61
N GLY NC 412 -34.21 -87.86 -87.79
CA GLY NC 412 -34.53 -89.18 -88.33
C GLY NC 412 -33.32 -90.10 -88.32
N GLY NC 413 -33.56 -91.35 -87.96
CA GLY NC 413 -32.65 -92.48 -88.00
C GLY NC 413 -31.49 -92.43 -87.00
N LYS NC 414 -31.24 -91.31 -86.34
CA LYS NC 414 -30.12 -91.11 -85.43
C LYS NC 414 -30.41 -91.69 -84.05
N VAL NC 415 -29.37 -92.09 -83.34
CA VAL NC 415 -29.49 -92.43 -81.91
C VAL NC 415 -28.49 -91.63 -81.07
N ARG NC 416 -28.78 -91.60 -79.75
CA ARG NC 416 -28.01 -90.72 -78.89
C ARG NC 416 -27.69 -91.37 -77.56
N LEU NC 417 -26.50 -91.11 -77.04
CA LEU NC 417 -26.07 -91.67 -75.77
C LEU NC 417 -25.64 -90.57 -74.80
N VAL NC 418 -26.08 -90.69 -73.55
CA VAL NC 418 -25.72 -89.70 -72.53
C VAL NC 418 -24.98 -90.36 -71.37
N VAL NC 419 -23.69 -90.06 -71.27
CA VAL NC 419 -22.86 -90.61 -70.20
C VAL NC 419 -22.41 -89.53 -69.23
N ALA NC 420 -23.24 -89.24 -68.23
CA ALA NC 420 -22.91 -88.22 -67.25
C ALA NC 420 -21.58 -88.52 -66.56
N ALA NC 421 -20.80 -87.47 -66.33
CA ALA NC 421 -19.50 -87.62 -65.68
C ALA NC 421 -19.32 -86.60 -64.56
N ASP NC 422 -18.16 -86.63 -63.92
CA ASP NC 422 -17.87 -85.70 -62.83
C ASP NC 422 -16.37 -85.41 -62.74
N GLY NC 423 -16.03 -84.22 -62.27
CA GLY NC 423 -14.63 -83.84 -62.15
C GLY NC 423 -13.87 -84.03 -63.44
N ALA NC 424 -12.55 -83.85 -63.38
CA ALA NC 424 -11.71 -83.99 -64.56
C ALA NC 424 -11.62 -85.46 -64.98
N ILE NC 425 -11.73 -85.70 -66.28
CA ILE NC 425 -11.66 -87.06 -66.81
C ILE NC 425 -11.27 -87.04 -68.29
N GLU NC 426 -11.05 -88.23 -68.85
CA GLU NC 426 -10.67 -88.35 -70.25
C GLU NC 426 -11.47 -89.45 -70.94
N GLU NC 427 -11.86 -89.21 -72.18
CA GLU NC 427 -12.64 -90.18 -72.95
C GLU NC 427 -11.75 -90.95 -73.90
N LYS NC 428 -11.99 -92.26 -74.00
CA LYS NC 428 -11.20 -93.12 -74.88
C LYS NC 428 -12.08 -94.15 -75.57
N VAL NC 429 -12.28 -93.97 -76.87
CA VAL NC 429 -13.11 -94.90 -77.66
C VAL NC 429 -12.27 -96.05 -78.19
N SER NC 430 -12.85 -97.25 -78.18
CA SER NC 430 -12.17 -98.45 -78.66
C SER NC 430 -13.08 -99.29 -79.53
N GLN NC 431 -12.58 -99.68 -80.70
CA GLN NC 431 -13.38 -100.48 -81.64
C GLN NC 431 -12.73 -101.86 -81.83
N SER NC 432 -13.18 -102.82 -81.03
CA SER NC 432 -12.65 -104.19 -81.12
C SER NC 432 -13.22 -104.92 -82.32
N ALA NC 433 -14.19 -104.30 -82.99
CA ALA NC 433 -14.81 -104.89 -84.16
C ALA NC 433 -15.86 -103.95 -84.77
N GLY NC 434 -16.20 -104.19 -86.04
CA GLY NC 434 -17.19 -103.37 -86.76
C GLY NC 434 -18.61 -103.58 -86.23
N THR NC 435 -18.90 -102.94 -85.10
CA THR NC 435 -20.22 -103.06 -84.50
C THR NC 435 -20.20 -102.90 -83.00
N LEU NC 436 -19.07 -103.23 -82.39
CA LEU NC 436 -18.92 -103.12 -80.94
C LEU NC 436 -18.16 -101.85 -80.56
N SER NC 437 -18.85 -100.95 -79.85
CA SER NC 437 -18.24 -99.69 -79.42
C SER NC 437 -17.98 -99.70 -77.92
N TRP NC 438 -16.93 -99.00 -77.51
CA TRP NC 438 -16.56 -98.92 -76.10
C TRP NC 438 -16.07 -97.52 -75.74
N ARG NC 439 -16.27 -97.14 -74.48
CA ARG NC 439 -15.84 -95.83 -74.01
C ARG NC 439 -15.17 -95.94 -72.63
N LEU NC 440 -13.85 -95.83 -72.62
CA LEU NC 440 -13.09 -95.92 -71.38
C LEU NC 440 -12.99 -94.55 -70.71
N TYR NC 477 -1.07 -85.11 -28.34
CA TYR NC 477 0.40 -85.16 -28.34
C TYR NC 477 0.85 -86.56 -28.62
N ARG NC 478 0.46 -87.05 -29.82
CA ARG NC 478 0.95 -88.28 -30.39
C ARG NC 478 0.55 -88.30 -31.86
N GLY NC 479 1.45 -88.78 -32.72
CA GLY NC 479 1.21 -88.72 -34.16
C GLY NC 479 2.07 -89.65 -35.00
N LYS NC 480 1.76 -89.78 -36.31
CA LYS NC 480 2.70 -90.37 -37.27
C LYS NC 480 4.00 -89.58 -37.32
N ARG NC 481 5.07 -90.30 -37.64
CA ARG NC 481 6.40 -89.74 -37.89
C ARG NC 481 6.53 -89.14 -39.26
N VAL NC 482 7.31 -88.07 -39.29
CA VAL NC 482 7.35 -87.14 -40.39
C VAL NC 482 8.74 -86.54 -40.54
N SER NC 483 8.97 -85.84 -41.64
CA SER NC 483 10.13 -84.98 -41.81
C SER NC 483 9.62 -83.64 -42.29
N PHE NC 484 9.85 -82.62 -41.48
CA PHE NC 484 9.49 -81.24 -41.79
C PHE NC 484 10.57 -80.43 -42.42
N GLU NC 485 10.41 -80.10 -43.68
CA GLU NC 485 11.33 -79.23 -44.34
C GLU NC 485 10.59 -78.00 -44.81
N PHE NC 486 10.91 -76.85 -44.19
CA PHE NC 486 10.34 -75.53 -44.47
C PHE NC 486 11.37 -74.49 -44.77
N LYS NC 487 11.51 -74.13 -46.04
CA LYS NC 487 12.48 -73.14 -46.46
C LYS NC 487 11.82 -71.80 -46.74
N ASP NC 488 11.78 -70.95 -45.71
CA ASP NC 488 11.31 -69.57 -45.82
C ASP NC 488 9.82 -69.60 -46.21
N ILE NC 489 8.99 -70.03 -45.24
CA ILE NC 489 7.53 -70.15 -45.42
C ILE NC 489 6.76 -69.58 -44.25
N ASP NC 490 5.57 -69.08 -44.55
CA ASP NC 490 4.70 -68.55 -43.52
C ASP NC 490 4.32 -69.63 -42.52
N ILE NC 491 4.43 -69.33 -41.23
CA ILE NC 491 4.03 -70.29 -40.19
C ILE NC 491 2.55 -70.68 -40.37
N GLN NC 492 1.72 -69.77 -40.89
CA GLN NC 492 0.34 -70.05 -41.28
C GLN NC 492 0.25 -71.13 -42.36
N ASN NC 493 1.13 -71.10 -43.34
CA ASN NC 493 1.22 -72.17 -44.30
C ASN NC 493 1.66 -73.45 -43.61
N LEU NC 494 2.74 -73.45 -42.82
CA LEU NC 494 3.14 -74.68 -42.14
C LEU NC 494 2.01 -75.27 -41.31
N LEU NC 495 1.31 -74.41 -40.62
CA LEU NC 495 0.14 -74.80 -39.89
C LEU NC 495 -0.90 -75.51 -40.75
N ARG NC 496 -1.36 -74.89 -41.85
CA ARG NC 496 -2.39 -75.47 -42.74
C ARG NC 496 -1.96 -76.78 -43.31
N VAL NC 497 -0.73 -76.79 -43.76
CA VAL NC 497 -0.10 -77.99 -44.24
C VAL NC 497 -0.20 -79.06 -43.13
N ILE NC 498 0.16 -78.69 -41.90
CA ILE NC 498 0.01 -79.57 -40.78
C ILE NC 498 -1.48 -79.93 -40.57
N ALA NC 499 -2.47 -79.09 -40.74
CA ALA NC 499 -3.87 -79.57 -40.75
C ALA NC 499 -4.28 -80.49 -41.93
N GLU NC 500 -3.71 -80.30 -43.13
CA GLU NC 500 -3.97 -81.09 -44.34
C GLU NC 500 -3.43 -82.52 -44.28
N ILE NC 501 -2.53 -82.75 -43.34
CA ILE NC 501 -1.94 -84.04 -42.98
C ILE NC 501 -2.73 -84.67 -41.75
N SER NC 502 -3.94 -84.21 -41.36
CA SER NC 502 -4.83 -84.81 -40.29
C SER NC 502 -4.29 -84.65 -38.85
N LYS NC 503 -3.29 -83.79 -38.76
CA LYS NC 503 -2.77 -83.29 -37.52
C LYS NC 503 -3.68 -82.19 -37.01
N LYS NC 504 -4.86 -82.65 -36.59
CA LYS NC 504 -6.02 -81.82 -36.22
C LYS NC 504 -6.53 -81.04 -37.44
N ASN NC 505 -7.54 -80.22 -37.18
CA ASN NC 505 -7.76 -79.03 -38.00
C ASN NC 505 -7.10 -77.87 -37.26
N ILE NC 506 -6.01 -77.37 -37.80
CA ILE NC 506 -5.33 -76.19 -37.22
C ILE NC 506 -5.85 -74.90 -37.88
N VAL NC 507 -6.13 -73.87 -37.08
CA VAL NC 507 -6.46 -72.50 -37.51
C VAL NC 507 -5.67 -71.50 -36.67
N VAL NC 508 -5.01 -70.53 -37.29
CA VAL NC 508 -4.35 -69.44 -36.54
C VAL NC 508 -5.40 -68.39 -36.11
N ALA NC 509 -4.98 -67.37 -35.35
CA ALA NC 509 -5.55 -66.01 -35.48
C ALA NC 509 -5.33 -65.46 -36.92
N ASP NC 510 -5.45 -64.15 -37.17
CA ASP NC 510 -5.06 -63.62 -38.49
C ASP NC 510 -3.53 -63.41 -38.51
N ASP NC 511 -3.07 -62.31 -37.89
CA ASP NC 511 -1.64 -61.96 -37.93
C ASP NC 511 -0.91 -62.52 -36.72
N VAL NC 512 -0.40 -63.74 -36.92
CA VAL NC 512 0.34 -64.44 -35.89
C VAL NC 512 1.81 -64.02 -35.80
N SER NC 513 2.52 -63.80 -36.90
CA SER NC 513 3.99 -63.74 -36.84
C SER NC 513 4.57 -63.34 -38.20
N GLY NC 514 4.91 -64.35 -39.00
CA GLY NC 514 5.48 -64.20 -40.31
C GLY NC 514 5.94 -65.56 -40.83
N LYS NC 515 7.15 -65.51 -41.36
CA LYS NC 515 7.83 -66.60 -42.03
C LYS NC 515 8.95 -67.21 -41.17
N VAL NC 516 9.13 -68.53 -41.26
CA VAL NC 516 10.20 -69.29 -40.56
C VAL NC 516 10.84 -70.34 -41.44
N THR NC 517 12.06 -70.72 -41.07
CA THR NC 517 12.80 -71.85 -41.62
C THR NC 517 13.12 -72.92 -40.57
N ILE NC 518 12.72 -74.16 -40.84
CA ILE NC 518 13.10 -75.34 -40.06
C ILE NC 518 13.35 -76.54 -41.01
N ARG NC 519 14.14 -77.53 -40.59
CA ARG NC 519 14.30 -78.83 -41.26
C ARG NC 519 14.55 -80.03 -40.35
N LEU NC 520 13.50 -80.81 -40.21
CA LEU NC 520 13.40 -81.93 -39.31
C LEU NC 520 13.43 -83.21 -40.10
N ARG NC 521 13.97 -84.25 -39.46
CA ARG NC 521 13.81 -85.61 -39.94
C ARG NC 521 13.39 -86.53 -38.80
N ASN NC 522 12.56 -87.51 -39.15
CA ASN NC 522 12.11 -88.58 -38.26
C ASN NC 522 11.42 -88.08 -36.98
N VAL NC 523 10.64 -87.00 -37.05
CA VAL NC 523 9.99 -86.43 -35.86
C VAL NC 523 8.50 -86.60 -36.04
N PRO NC 524 7.73 -87.21 -35.12
CA PRO NC 524 6.29 -87.05 -35.09
C PRO NC 524 5.91 -85.61 -35.05
N TRP NC 525 4.84 -85.34 -35.75
CA TRP NC 525 4.52 -83.98 -36.02
C TRP NC 525 4.15 -83.10 -34.84
N ASP NC 526 3.45 -83.69 -33.88
CA ASP NC 526 2.88 -83.01 -32.71
C ASP NC 526 3.98 -82.49 -31.81
N GLN NC 527 5.11 -83.16 -31.95
CA GLN NC 527 6.37 -82.68 -31.49
C GLN NC 527 6.99 -81.67 -32.43
N ALA NC 528 7.14 -81.95 -33.73
CA ALA NC 528 7.73 -80.98 -34.65
C ALA NC 528 7.03 -79.61 -34.55
N LEU NC 529 5.72 -79.63 -34.27
CA LEU NC 529 4.87 -78.53 -33.82
C LEU NC 529 5.37 -77.86 -32.54
N ASP NC 530 5.42 -78.54 -31.39
CA ASP NC 530 5.90 -77.93 -30.11
C ASP NC 530 7.23 -77.21 -30.26
N LEU NC 531 8.03 -77.90 -31.05
CA LEU NC 531 9.31 -77.47 -31.47
C LEU NC 531 9.24 -76.25 -32.43
N VAL NC 532 8.23 -76.15 -33.31
CA VAL NC 532 8.02 -75.01 -34.25
C VAL NC 532 7.65 -73.75 -33.46
N LEU NC 533 6.74 -73.91 -32.47
CA LEU NC 533 6.34 -72.90 -31.49
C LEU NC 533 7.56 -72.17 -30.90
N ARG NC 534 8.47 -72.99 -30.35
CA ARG NC 534 9.74 -72.48 -29.74
C ARG NC 534 10.74 -71.78 -30.64
N THR NC 535 10.66 -72.11 -31.94
CA THR NC 535 11.54 -71.45 -32.92
C THR NC 535 11.28 -69.93 -32.93
N LYS NC 536 10.08 -69.56 -33.33
CA LYS NC 536 9.63 -68.17 -33.55
C LYS NC 536 8.17 -68.02 -33.18
N ALA NC 537 7.55 -69.12 -33.54
CA ALA NC 537 6.15 -69.29 -33.70
C ALA NC 537 5.52 -69.29 -32.31
N LEU NC 538 4.27 -69.66 -32.37
CA LEU NC 538 3.26 -69.24 -31.44
C LEU NC 538 3.19 -70.16 -30.22
N GLY NC 539 2.15 -70.04 -29.39
CA GLY NC 539 1.67 -71.17 -28.58
C GLY NC 539 0.36 -71.74 -29.17
N LYS NC 540 0.04 -73.01 -28.87
CA LYS NC 540 -1.19 -73.65 -29.34
C LYS NC 540 -2.19 -73.88 -28.21
N GLU NC 541 -3.47 -73.62 -28.49
CA GLU NC 541 -4.63 -73.99 -27.65
C GLU NC 541 -5.62 -74.83 -28.44
N GLU NC 542 -6.04 -75.98 -27.93
CA GLU NC 542 -6.99 -76.85 -28.63
C GLU NC 542 -8.40 -76.75 -28.06
N PHE NC 543 -9.38 -76.48 -28.95
CA PHE NC 543 -10.80 -76.63 -28.65
C PHE NC 543 -11.27 -78.09 -28.60
N GLY NC 544 -10.68 -78.91 -29.46
CA GLY NC 544 -10.76 -80.38 -29.47
C GLY NC 544 -10.69 -80.89 -30.92
N ASN NC 545 -11.71 -80.52 -31.70
CA ASN NC 545 -11.73 -80.79 -33.14
C ASN NC 545 -10.81 -79.84 -33.92
N ILE NC 546 -10.97 -78.55 -33.63
CA ILE NC 546 -10.11 -77.48 -34.14
C ILE NC 546 -9.15 -77.08 -33.03
N ILE NC 547 -8.00 -76.54 -33.43
CA ILE NC 547 -7.03 -75.94 -32.52
C ILE NC 547 -6.81 -74.50 -33.00
N ARG NC 548 -6.75 -73.54 -32.06
CA ARG NC 548 -6.35 -72.17 -32.36
C ARG NC 548 -4.92 -71.91 -31.96
N ILE NC 549 -4.20 -71.27 -32.86
CA ILE NC 549 -2.82 -70.84 -32.61
C ILE NC 549 -2.76 -69.33 -32.61
N ALA NC 550 -2.16 -68.78 -31.57
CA ALA NC 550 -2.13 -67.34 -31.39
C ALA NC 550 -0.74 -66.80 -31.12
N PRO NC 551 -0.49 -65.53 -31.51
CA PRO NC 551 0.68 -64.72 -31.18
C PRO NC 551 0.72 -64.28 -29.71
N ASP NC 574 20.23 -74.40 -42.28
CA ASP NC 574 19.11 -75.00 -41.57
C ASP NC 574 19.34 -75.23 -40.08
N LEU NC 575 18.15 -75.21 -39.47
CA LEU NC 575 17.91 -75.80 -38.19
C LEU NC 575 17.43 -77.15 -38.48
N MET NC 576 17.79 -77.99 -37.54
CA MET NC 576 17.34 -79.32 -37.67
C MET NC 576 16.97 -79.94 -36.39
N VAL NC 577 16.19 -80.98 -36.61
CA VAL NC 577 15.79 -81.87 -35.58
C VAL NC 577 16.27 -83.24 -35.88
N ASN NC 578 16.76 -83.81 -34.81
CA ASN NC 578 17.34 -85.11 -34.75
C ASN NC 578 16.87 -85.76 -33.45
N LEU NC 579 16.53 -87.04 -33.57
CA LEU NC 579 16.21 -87.92 -32.45
C LEU NC 579 17.52 -88.60 -32.07
N LEU NC 580 17.84 -88.52 -30.79
CA LEU NC 580 18.94 -89.24 -30.14
C LEU NC 580 18.32 -90.43 -29.40
N PRO NC 581 18.62 -91.70 -29.75
CA PRO NC 581 18.32 -92.78 -28.82
C PRO NC 581 19.24 -92.66 -27.63
N VAL NC 582 18.71 -92.92 -26.44
CA VAL NC 582 19.49 -93.15 -25.23
C VAL NC 582 19.29 -94.60 -24.84
N ASN NC 583 20.24 -95.47 -25.21
CA ASN NC 583 20.06 -96.89 -24.92
C ASN NC 583 20.31 -97.20 -23.45
N TYR NC 584 21.37 -96.60 -22.87
CA TYR NC 584 21.88 -97.05 -21.60
C TYR NC 584 21.44 -96.25 -20.38
N ALA NC 585 21.52 -94.93 -20.47
CA ALA NC 585 21.13 -94.02 -19.39
C ALA NC 585 19.64 -93.66 -19.42
N VAL NC 586 19.12 -93.11 -18.32
CA VAL NC 586 17.80 -92.45 -18.32
C VAL NC 586 17.95 -91.03 -18.90
N ALA NC 587 16.96 -90.60 -19.69
CA ALA NC 587 16.97 -89.28 -20.33
C ALA NC 587 17.03 -88.10 -19.33
N ALA NC 588 16.35 -88.23 -18.18
CA ALA NC 588 16.28 -87.20 -17.14
C ALA NC 588 17.64 -86.87 -16.51
N ASP NC 589 18.58 -87.82 -16.45
CA ASP NC 589 19.93 -87.60 -15.91
C ASP NC 589 20.78 -86.65 -16.78
N MET NC 590 20.51 -86.65 -18.09
CA MET NC 590 21.08 -85.68 -19.02
C MET NC 590 20.55 -84.25 -18.81
N ALA NC 591 19.37 -84.08 -18.22
CA ALA NC 591 18.65 -82.80 -18.20
C ALA NC 591 19.47 -81.67 -17.57
N ALA NC 592 20.22 -81.94 -16.50
CA ALA NC 592 21.08 -80.94 -15.85
C ALA NC 592 22.14 -80.39 -16.84
N ARG NC 593 22.91 -81.27 -17.47
CA ARG NC 593 23.96 -80.91 -18.44
C ARG NC 593 23.44 -80.27 -19.71
N VAL NC 594 22.33 -80.81 -20.23
CA VAL NC 594 21.72 -80.30 -21.47
C VAL NC 594 21.15 -78.90 -21.24
N LYS NC 595 20.47 -78.67 -20.10
CA LYS NC 595 20.00 -77.33 -19.70
C LYS NC 595 21.16 -76.34 -19.61
N ASP NC 596 22.29 -76.81 -19.07
CA ASP NC 596 23.49 -76.00 -18.94
C ASP NC 596 24.19 -75.57 -20.26
N VAL NC 597 24.16 -76.39 -21.34
CA VAL NC 597 24.57 -75.85 -22.67
C VAL NC 597 23.63 -74.76 -23.17
N LEU NC 598 22.31 -74.97 -23.08
CA LEU NC 598 21.33 -74.04 -23.68
C LEU NC 598 21.56 -72.62 -23.15
N SER NC 599 21.76 -72.48 -21.84
CA SER NC 599 21.79 -71.17 -21.19
C SER NC 599 20.54 -70.35 -21.60
N GLU NC 600 20.72 -69.09 -21.99
CA GLU NC 600 19.71 -68.24 -22.64
C GLU NC 600 19.71 -68.37 -24.18
N ARG NC 601 20.13 -69.53 -24.72
CA ARG NC 601 20.01 -69.80 -26.15
C ARG NC 601 18.74 -70.57 -26.51
N GLY NC 602 18.66 -70.56 -27.84
CA GLY NC 602 17.69 -71.16 -28.71
C GLY NC 602 18.23 -72.34 -29.42
N SER NC 603 17.25 -73.18 -29.62
CA SER NC 603 17.43 -74.55 -29.22
C SER NC 603 16.46 -74.90 -28.13
N VAL NC 604 16.13 -76.17 -28.16
CA VAL NC 604 15.47 -76.85 -27.08
C VAL NC 604 15.73 -78.34 -27.16
N THR NC 605 15.43 -78.97 -26.05
CA THR NC 605 15.42 -80.41 -25.85
C THR NC 605 14.04 -80.86 -25.37
N VAL NC 606 13.51 -81.94 -25.95
CA VAL NC 606 12.25 -82.59 -25.56
C VAL NC 606 12.52 -84.05 -25.22
N ASP NC 607 11.99 -84.46 -24.07
CA ASP NC 607 12.10 -85.84 -23.61
C ASP NC 607 10.85 -86.61 -23.97
N GLN NC 608 10.98 -87.58 -24.88
CA GLN NC 608 9.88 -88.49 -25.18
C GLN NC 608 9.87 -89.65 -24.18
N ARG NC 609 8.67 -90.23 -23.99
CA ARG NC 609 8.43 -91.30 -23.00
C ARG NC 609 9.28 -92.55 -23.18
N THR NC 610 9.62 -92.90 -24.41
CA THR NC 610 10.44 -94.08 -24.75
C THR NC 610 11.94 -93.81 -24.58
N ASN NC 611 12.32 -92.91 -23.66
CA ASN NC 611 13.71 -92.51 -23.37
C ASN NC 611 14.54 -92.19 -24.63
N VAL NC 612 13.98 -91.31 -25.47
CA VAL NC 612 14.71 -90.66 -26.56
C VAL NC 612 14.69 -89.16 -26.33
N LEU NC 613 15.83 -88.52 -26.55
CA LEU NC 613 15.88 -87.06 -26.58
C LEU NC 613 15.63 -86.57 -28.00
N ILE NC 614 14.96 -85.43 -28.08
CA ILE NC 614 14.81 -84.71 -29.33
C ILE NC 614 15.23 -83.28 -29.18
N VAL NC 615 16.06 -82.83 -30.11
CA VAL NC 615 16.57 -81.47 -30.16
C VAL NC 615 16.11 -80.71 -31.40
N LYS NC 616 15.52 -79.51 -31.27
CA LYS NC 616 15.58 -78.53 -32.38
C LYS NC 616 16.62 -77.56 -32.00
N ASP NC 617 17.29 -77.09 -33.03
CA ASP NC 617 18.20 -75.96 -32.98
C ASP NC 617 18.91 -75.76 -34.30
N VAL NC 618 19.74 -74.73 -34.33
CA VAL NC 618 20.84 -74.63 -35.29
C VAL NC 618 21.61 -75.97 -35.30
N ARG NC 619 22.21 -76.32 -36.43
CA ARG NC 619 23.12 -77.47 -36.50
C ARG NC 619 24.22 -77.43 -35.43
N SER NC 620 24.82 -76.25 -35.17
CA SER NC 620 25.94 -76.14 -34.23
C SER NC 620 25.55 -76.45 -32.78
N ASN NC 621 24.37 -75.99 -32.30
CA ASN NC 621 23.86 -76.39 -31.00
C ASN NC 621 23.36 -77.87 -30.99
N THR NC 622 22.76 -78.38 -32.08
CA THR NC 622 22.43 -79.83 -32.20
C THR NC 622 23.68 -80.73 -32.01
N GLU NC 623 24.74 -80.36 -32.73
CA GLU NC 623 26.00 -81.10 -32.70
C GLU NC 623 26.54 -81.20 -31.30
N ARG NC 624 26.59 -80.07 -30.57
CA ARG NC 624 27.02 -80.03 -29.17
C ARG NC 624 26.17 -80.94 -28.30
N ALA NC 625 24.85 -80.79 -28.35
CA ALA NC 625 23.92 -81.61 -27.58
C ALA NC 625 24.08 -83.11 -27.88
N ARG NC 626 24.20 -83.50 -29.15
CA ARG NC 626 24.48 -84.92 -29.53
C ARG NC 626 25.80 -85.41 -28.95
N SER NC 627 26.89 -84.66 -29.10
CA SER NC 627 28.20 -85.07 -28.59
C SER NC 627 28.17 -85.33 -27.08
N LEU NC 628 27.47 -84.50 -26.30
CA LEU NC 628 27.32 -84.69 -24.85
C LEU NC 628 26.41 -85.88 -24.54
N VAL NC 629 25.25 -86.01 -25.18
CA VAL NC 629 24.28 -87.11 -24.95
C VAL NC 629 24.97 -88.43 -25.26
N ARG NC 630 25.61 -88.57 -26.44
CA ARG NC 630 26.33 -89.80 -26.78
C ARG NC 630 27.51 -90.05 -25.85
N SER NC 631 28.26 -89.03 -25.47
CA SER NC 631 29.44 -89.18 -24.58
C SER NC 631 29.05 -89.71 -23.21
N LEU NC 632 27.97 -89.17 -22.61
CA LEU NC 632 27.39 -89.69 -21.38
C LEU NC 632 26.68 -91.02 -21.53
N ASP NC 633 26.04 -91.26 -22.69
CA ASP NC 633 25.51 -92.57 -22.98
C ASP NC 633 26.74 -93.48 -22.93
N THR NC 634 27.85 -93.25 -23.68
CA THR NC 634 29.02 -94.15 -23.74
C THR NC 634 29.66 -94.66 -22.44
N GLN NC 635 29.65 -93.92 -21.33
CA GLN NC 635 30.11 -94.50 -20.05
C GLN NC 635 29.08 -95.45 -19.40
N THR NC 636 27.81 -95.22 -19.65
CA THR NC 636 26.68 -96.15 -19.42
C THR NC 636 26.64 -97.52 -20.19
N PRO NC 637 27.06 -97.68 -21.48
CA PRO NC 637 27.28 -98.97 -22.13
C PRO NC 637 28.33 -99.88 -21.53
N GLN NC 638 29.39 -99.35 -20.88
CA GLN NC 638 30.28 -100.28 -20.17
C GLN NC 638 29.60 -100.74 -18.87
N VAL NC 639 28.84 -101.83 -19.03
CA VAL NC 639 28.12 -102.48 -17.92
C VAL NC 639 29.03 -103.51 -17.23
N CYS OC 5 -36.62 53.27 -57.17
CA CYS OC 5 -37.17 52.01 -56.66
C CYS OC 5 -37.96 51.29 -57.78
N GLU OC 6 -38.48 50.09 -57.49
CA GLU OC 6 -39.60 49.51 -58.24
C GLU OC 6 -40.89 49.53 -57.39
N GLU OC 7 -42.01 49.79 -58.08
CA GLU OC 7 -43.33 50.11 -57.52
C GLU OC 7 -44.22 48.83 -57.37
N PRO OC 8 -45.53 48.88 -57.02
CA PRO OC 8 -46.31 47.73 -56.56
C PRO OC 8 -46.24 46.42 -57.39
N PRO OC 9 -46.65 46.46 -58.66
CA PRO OC 9 -45.65 46.25 -59.71
C PRO OC 9 -44.93 47.52 -60.17
N ALA OC 10 -43.80 47.29 -60.85
CA ALA OC 10 -43.04 48.30 -61.59
C ALA OC 10 -43.90 48.94 -62.74
N PRO OC 11 -43.32 49.78 -63.62
CA PRO OC 11 -44.01 50.28 -64.84
C PRO OC 11 -44.50 49.18 -65.81
N ALA OC 12 -44.50 49.40 -67.13
CA ALA OC 12 -45.27 48.56 -68.07
C ALA OC 12 -44.51 47.56 -69.01
N PRO OC 13 -43.19 47.72 -69.33
CA PRO OC 13 -42.50 46.79 -70.25
C PRO OC 13 -41.70 45.54 -69.74
N PRO OC 14 -41.76 45.01 -68.49
CA PRO OC 14 -42.63 45.36 -67.38
C PRO OC 14 -42.10 46.38 -66.35
N PRO OC 15 -40.98 47.13 -66.49
CA PRO OC 15 -39.75 47.01 -67.29
C PRO OC 15 -38.88 45.79 -66.93
N ALA OC 16 -37.94 45.49 -67.83
CA ALA OC 16 -36.60 45.08 -67.41
C ALA OC 16 -36.56 43.61 -67.02
N LYS OC 17 -37.74 42.99 -66.95
CA LYS OC 17 -37.85 41.60 -66.54
C LYS OC 17 -37.20 40.68 -67.57
N PRO OC 18 -36.83 41.24 -68.72
CA PRO OC 18 -36.04 40.52 -69.71
C PRO OC 18 -34.64 40.18 -69.19
N LYS OC 19 -34.25 40.81 -68.09
CA LYS OC 19 -33.02 40.46 -67.40
C LYS OC 19 -33.29 39.53 -66.21
N ALA OC 20 -34.16 39.98 -65.32
CA ALA OC 20 -34.60 39.15 -64.20
C ALA OC 20 -35.15 37.81 -64.69
N ALA OC 21 -36.29 37.86 -65.35
CA ALA OC 21 -36.91 36.65 -65.91
C ALA OC 21 -36.33 36.33 -67.29
N ALA OC 22 -35.01 36.34 -67.39
CA ALA OC 22 -34.32 35.59 -68.43
C ALA OC 22 -32.96 35.08 -67.94
N ALA OC 23 -32.50 35.65 -66.83
CA ALA OC 23 -31.42 35.04 -66.04
C ALA OC 23 -31.98 34.18 -64.92
N VAL OC 24 -33.25 34.40 -64.59
CA VAL OC 24 -34.11 33.33 -64.09
C VAL OC 24 -34.54 32.39 -65.22
N PRO OC 25 -35.85 32.30 -65.42
CA PRO OC 25 -36.55 31.02 -65.33
C PRO OC 25 -35.71 29.86 -65.83
N VAL OC 26 -34.60 29.59 -65.15
CA VAL OC 26 -34.66 29.09 -63.77
C VAL OC 26 -33.64 27.99 -63.54
N LYS OC 27 -33.97 26.77 -63.98
CA LYS OC 27 -34.74 26.60 -65.21
C LYS OC 27 -36.13 26.03 -64.90
N ALA OC 28 -36.74 26.52 -63.83
CA ALA OC 28 -37.63 25.70 -63.02
C ALA OC 28 -37.07 24.29 -62.85
N ALA OC 29 -37.04 23.53 -63.94
CA ALA OC 29 -37.69 22.24 -63.99
C ALA OC 29 -39.20 22.38 -64.18
N PRO OC 30 -39.90 22.67 -63.08
CA PRO OC 30 -39.53 22.14 -61.77
C PRO OC 30 -39.67 20.62 -61.72
N THR OC 31 -38.84 19.97 -60.91
CA THR OC 31 -38.68 18.52 -60.96
C THR OC 31 -39.71 17.82 -60.10
N GLU OC 32 -40.94 17.70 -60.62
CA GLU OC 32 -42.01 17.00 -59.92
C GLU OC 32 -41.74 15.50 -59.88
N THR OC 33 -40.58 15.13 -59.34
CA THR OC 33 -39.91 13.87 -59.74
C THR OC 33 -39.50 12.97 -58.54
N GLY OC 34 -38.28 13.18 -58.03
CA GLY OC 34 -37.39 12.08 -57.62
C GLY OC 34 -37.64 11.55 -56.21
N ALA OC 35 -38.78 10.89 -56.01
CA ALA OC 35 -39.41 10.64 -54.73
C ALA OC 35 -39.00 9.29 -54.10
N GLN OC 36 -39.97 8.47 -53.68
CA GLN OC 36 -39.77 7.24 -52.89
C GLN OC 36 -40.21 6.00 -53.65
N ALA OC 37 -39.45 4.91 -53.51
CA ALA OC 37 -39.67 3.67 -54.25
C ALA OC 37 -40.46 2.64 -53.44
N ALA OC 38 -41.45 2.01 -54.07
CA ALA OC 38 -41.71 0.59 -53.87
C ALA OC 38 -40.44 -0.23 -54.03
N PRO OC 39 -39.77 -0.06 -55.17
CA PRO OC 39 -38.68 -0.97 -55.57
C PRO OC 39 -39.20 -2.18 -56.34
N SER OC 40 -38.41 -3.25 -56.37
CA SER OC 40 -38.83 -4.49 -57.00
C SER OC 40 -37.73 -5.55 -56.92
N TYR OC 41 -38.00 -6.72 -57.49
CA TYR OC 41 -37.57 -7.98 -56.89
C TYR OC 41 -37.66 -9.12 -57.90
N SER OC 42 -36.75 -10.08 -57.77
CA SER OC 42 -36.81 -11.30 -58.57
C SER OC 42 -37.37 -12.46 -57.75
N TYR OC 43 -37.33 -13.66 -58.33
CA TYR OC 43 -38.17 -14.76 -57.87
C TYR OC 43 -37.44 -16.10 -57.99
N VAL OC 44 -38.01 -17.13 -57.37
CA VAL OC 44 -37.28 -18.36 -57.12
C VAL OC 44 -38.24 -19.52 -56.87
N TYR OC 45 -37.70 -20.74 -56.93
CA TYR OC 45 -36.91 -21.18 -58.08
C TYR OC 45 -37.01 -22.70 -58.26
N ASN OC 46 -35.96 -23.29 -58.83
CA ASN OC 46 -36.12 -24.23 -59.94
C ASN OC 46 -35.62 -25.63 -59.58
N PRO OC 47 -36.44 -26.37 -58.84
CA PRO OC 47 -36.25 -27.82 -58.70
C PRO OC 47 -37.49 -28.50 -58.14
N VAL OC 48 -37.78 -29.71 -58.62
CA VAL OC 48 -37.91 -30.87 -57.75
C VAL OC 48 -36.65 -31.73 -57.78
N GLY OC 49 -36.28 -32.28 -56.64
CA GLY OC 49 -35.06 -33.07 -56.52
C GLY OC 49 -35.14 -34.37 -57.29
N LYS OC 50 -34.01 -35.05 -57.41
CA LYS OC 50 -33.99 -36.46 -57.80
C LYS OC 50 -33.42 -37.33 -56.68
N ARG OC 51 -33.80 -38.60 -56.69
CA ARG OC 51 -33.19 -39.59 -55.80
C ARG OC 51 -32.31 -40.56 -56.58
N ASP OC 52 -31.02 -40.60 -56.23
CA ASP OC 52 -30.32 -41.86 -56.08
C ASP OC 52 -30.05 -42.16 -54.60
N PRO OC 53 -29.02 -41.52 -54.04
CA PRO OC 53 -29.10 -40.97 -52.69
C PRO OC 53 -30.07 -39.80 -52.61
N PHE OC 54 -30.69 -39.62 -51.45
CA PHE OC 54 -30.08 -40.00 -50.18
C PHE OC 54 -30.82 -41.18 -49.52
N ARG OC 55 -31.67 -41.95 -50.26
CA ARG OC 55 -32.42 -43.06 -49.62
C ARG OC 55 -31.50 -44.16 -49.12
N SER OC 56 -30.73 -44.82 -49.98
CA SER OC 56 -29.75 -45.82 -49.53
C SER OC 56 -28.75 -45.35 -48.44
N PRO OC 57 -28.09 -44.18 -48.57
CA PRO OC 57 -27.16 -43.71 -47.55
C PRO OC 57 -27.77 -43.21 -46.23
N ILE OC 58 -29.09 -43.29 -45.98
CA ILE OC 58 -29.67 -43.09 -44.65
C ILE OC 58 -30.83 -44.10 -44.35
N ASP OC 59 -31.79 -44.23 -45.26
CA ASP OC 59 -32.94 -45.16 -45.15
C ASP OC 59 -32.49 -46.65 -45.13
N GLU OC 60 -31.33 -46.98 -45.70
CA GLU OC 60 -30.74 -48.34 -45.74
C GLU OC 60 -29.45 -48.48 -44.91
N LEU OC 61 -28.69 -47.40 -44.72
CA LEU OC 61 -27.52 -47.34 -43.82
C LEU OC 61 -27.88 -47.30 -42.34
N GLY OC 62 -29.01 -46.66 -41.95
CA GLY OC 62 -29.47 -46.59 -40.55
C GLY OC 62 -29.86 -47.97 -39.94
N PRO OC 63 -30.43 -48.90 -40.74
CA PRO OC 63 -30.68 -50.33 -40.46
C PRO OC 63 -29.46 -51.28 -40.28
N VAL OC 64 -28.56 -52.05 -41.42
CA VAL OC 64 -27.74 -53.29 -41.38
C VAL OC 64 -27.02 -53.49 -42.71
N ASN OC 65 -25.71 -53.77 -42.86
CA ASN OC 65 -24.99 -53.67 -44.11
C ASN OC 65 -24.04 -54.86 -44.24
N ALA OC 66 -24.19 -55.59 -45.35
CA ALA OC 66 -23.30 -56.66 -45.74
C ALA OC 66 -22.99 -56.52 -47.22
N ASN OC 67 -21.74 -56.84 -47.61
CA ASN OC 67 -21.29 -56.81 -48.99
C ASN OC 67 -20.78 -58.21 -49.41
N PRO OC 68 -21.68 -59.12 -49.80
CA PRO OC 68 -21.40 -60.55 -49.96
C PRO OC 68 -20.22 -60.89 -50.87
N VAL OC 69 -19.55 -62.00 -50.51
CA VAL OC 69 -18.55 -62.67 -51.39
C VAL OC 69 -19.20 -63.56 -52.45
N ALA OC 70 -18.87 -63.30 -53.71
CA ALA OC 70 -19.15 -64.18 -54.86
C ALA OC 70 -18.06 -64.16 -55.94
N ALA OC 71 -17.15 -63.17 -55.90
CA ALA OC 71 -16.06 -62.55 -56.66
C ALA OC 71 -15.06 -63.57 -57.20
N CYS OC 72 -14.10 -63.06 -57.97
CA CYS OC 72 -12.83 -63.74 -58.21
C CYS OC 72 -11.91 -63.76 -56.96
N ASN OC 73 -11.23 -64.89 -56.75
CA ASN OC 73 -9.97 -64.77 -56.02
C ASN OC 73 -8.92 -65.89 -56.30
N GLU OC 74 -8.69 -66.37 -57.52
CA GLU OC 74 -8.23 -67.77 -57.62
C GLU OC 74 -6.84 -67.85 -58.31
N PRO OC 75 -5.77 -67.99 -57.51
CA PRO OC 75 -4.53 -67.26 -57.75
C PRO OC 75 -3.59 -68.01 -58.70
N LEU OC 76 -3.23 -69.25 -58.37
CA LEU OC 76 -2.14 -69.94 -59.04
C LEU OC 76 -2.56 -70.45 -60.42
N CYS OC 77 -3.86 -70.68 -60.65
CA CYS OC 77 -4.39 -70.90 -61.98
C CYS OC 77 -4.38 -69.65 -62.90
N SER OC 78 -3.94 -68.50 -62.38
CA SER OC 78 -3.61 -67.28 -63.14
C SER OC 78 -2.11 -67.07 -63.37
N PHE OC 79 -1.22 -67.95 -62.90
CA PHE OC 79 0.25 -67.86 -63.07
C PHE OC 79 0.88 -69.16 -63.62
N ASP OC 80 1.97 -69.06 -64.38
CA ASP OC 80 2.52 -70.21 -65.12
C ASP OC 80 3.40 -71.12 -64.23
N LEU OC 81 3.48 -72.43 -64.51
CA LEU OC 81 3.97 -73.41 -63.54
C LEU OC 81 5.46 -73.32 -63.25
N ASP OC 82 6.27 -72.99 -64.27
CA ASP OC 82 7.72 -72.81 -64.18
C ASP OC 82 8.08 -71.52 -63.41
N GLN OC 83 7.11 -70.64 -63.12
CA GLN OC 83 7.30 -69.48 -62.23
C GLN OC 83 7.25 -69.87 -60.74
N LEU OC 84 6.63 -71.01 -60.39
CA LEU OC 84 6.39 -71.46 -59.02
C LEU OC 84 7.59 -72.25 -58.46
N LYS OC 85 7.95 -72.01 -57.19
CA LYS OC 85 9.15 -72.61 -56.56
C LYS OC 85 8.81 -73.41 -55.30
N LEU OC 86 9.27 -74.66 -55.19
CA LEU OC 86 8.95 -75.50 -54.04
C LEU OC 86 9.74 -75.04 -52.78
N VAL OC 87 9.00 -74.57 -51.77
CA VAL OC 87 9.54 -74.07 -50.50
C VAL OC 87 9.90 -75.20 -49.55
N ALA OC 88 8.96 -76.13 -49.36
CA ALA OC 88 8.98 -77.15 -48.34
C ALA OC 88 7.98 -78.28 -48.67
N VAL OC 89 8.01 -79.35 -47.88
CA VAL OC 89 7.01 -80.42 -47.89
C VAL OC 89 6.71 -80.82 -46.43
N VAL OC 90 5.43 -81.05 -46.14
CA VAL OC 90 4.95 -81.58 -44.86
C VAL OC 90 4.42 -83.00 -45.09
N THR OC 91 4.63 -83.90 -44.14
CA THR OC 91 4.11 -85.28 -44.21
C THR OC 91 3.76 -85.74 -42.80
N GLY OC 92 2.60 -86.37 -42.66
CA GLY OC 92 2.06 -86.96 -41.44
C GLY OC 92 0.73 -87.65 -41.76
N ASP OC 93 -0.01 -88.01 -40.71
CA ASP OC 93 -1.23 -88.83 -40.78
C ASP OC 93 -2.34 -88.20 -41.64
N ALA OC 94 -2.36 -86.87 -41.70
CA ALA OC 94 -3.24 -86.06 -42.57
C ALA OC 94 -2.89 -86.08 -44.08
N SER OC 95 -2.10 -87.06 -44.55
CA SER OC 95 -1.51 -87.23 -45.90
C SER OC 95 -0.41 -86.20 -46.24
N PRO OC 96 0.54 -86.53 -47.14
CA PRO OC 96 1.59 -85.59 -47.56
C PRO OC 96 1.03 -84.38 -48.32
N VAL OC 97 1.61 -83.21 -48.03
CA VAL OC 97 1.28 -81.92 -48.67
C VAL OC 97 2.54 -81.11 -49.02
N ALA OC 98 2.60 -80.60 -50.24
CA ALA OC 98 3.67 -79.72 -50.72
C ALA OC 98 3.37 -78.26 -50.38
N MET OC 99 4.42 -77.45 -50.21
CA MET OC 99 4.35 -75.99 -50.05
C MET OC 99 5.16 -75.28 -51.13
N VAL OC 100 4.54 -74.37 -51.86
CA VAL OC 100 5.07 -73.72 -53.08
C VAL OC 100 4.88 -72.21 -53.09
N GLU OC 101 5.81 -71.49 -53.69
CA GLU OC 101 5.95 -70.02 -53.70
C GLU OC 101 5.64 -69.44 -55.09
N ASP OC 102 4.84 -68.37 -55.11
CA ASP OC 102 4.39 -67.64 -56.31
C ASP OC 102 5.57 -66.78 -56.84
N PRO OC 103 5.56 -66.31 -58.09
CA PRO OC 103 6.42 -65.19 -58.50
C PRO OC 103 6.04 -63.87 -57.78
N ALA OC 104 4.83 -63.77 -57.23
CA ALA OC 104 4.39 -62.71 -56.32
C ALA OC 104 4.79 -62.94 -54.83
N GLY OC 105 5.55 -63.98 -54.51
CA GLY OC 105 6.08 -64.26 -53.17
C GLY OC 105 5.07 -64.80 -52.15
N ARG OC 106 3.82 -65.13 -52.55
CA ARG OC 106 2.89 -65.83 -51.67
C ARG OC 106 3.34 -67.30 -51.48
N GLY OC 107 3.11 -67.86 -50.28
CA GLY OC 107 3.10 -69.30 -50.04
C GLY OC 107 1.71 -69.95 -50.24
N HIS OC 108 1.69 -71.17 -50.82
CA HIS OC 108 0.51 -72.01 -51.00
C HIS OC 108 0.79 -73.42 -50.46
N ILE OC 109 -0.28 -74.18 -50.22
CA ILE OC 109 -0.20 -75.59 -49.80
C ILE OC 109 -1.12 -76.39 -50.70
N VAL OC 110 -0.58 -77.44 -51.33
CA VAL OC 110 -1.28 -78.29 -52.33
C VAL OC 110 -0.85 -79.73 -52.10
N ARG OC 111 -1.73 -80.69 -52.43
CA ARG OC 111 -1.50 -82.12 -52.18
C ARG OC 111 -2.02 -83.01 -53.30
N ARG OC 112 -1.67 -84.30 -53.27
CA ARG OC 112 -2.06 -85.25 -54.33
C ARG OC 112 -3.58 -85.19 -54.62
N ASN OC 113 -3.91 -85.11 -55.91
CA ASN OC 113 -5.24 -84.82 -56.50
C ASN OC 113 -5.61 -83.34 -56.73
N THR OC 114 -5.02 -82.40 -55.98
CA THR OC 114 -5.18 -80.93 -56.21
C THR OC 114 -4.42 -80.42 -57.44
N ARG OC 115 -4.62 -79.15 -57.80
CA ARG OC 115 -4.00 -78.46 -58.96
C ARG OC 115 -3.34 -77.14 -58.56
N MET OC 116 -2.57 -76.60 -59.48
CA MET OC 116 -1.85 -75.32 -59.44
C MET OC 116 -1.58 -74.87 -60.88
N GLY OC 117 -1.28 -73.59 -61.12
CA GLY OC 117 -0.80 -73.10 -62.43
C GLY OC 117 -1.84 -72.97 -63.55
N ARG OC 118 -1.53 -72.18 -64.58
CA ARG OC 118 -2.41 -72.00 -65.77
C ARG OC 118 -2.63 -73.27 -66.57
N GLN OC 119 -1.60 -74.12 -66.68
CA GLN OC 119 -1.72 -75.46 -67.28
C GLN OC 119 -2.41 -76.49 -66.35
N GLY OC 120 -3.00 -76.06 -65.22
CA GLY OC 120 -3.78 -76.92 -64.32
C GLY OC 120 -3.01 -78.07 -63.68
N GLY OC 121 -1.70 -77.90 -63.51
CA GLY OC 121 -0.73 -78.89 -63.02
C GLY OC 121 -1.21 -79.67 -61.82
N LYS OC 122 -1.64 -80.91 -62.05
CA LYS OC 122 -2.21 -81.79 -61.03
C LYS OC 122 -1.11 -82.45 -60.21
N VAL OC 123 -1.15 -82.32 -58.89
CA VAL OC 123 -0.21 -83.02 -58.00
C VAL OC 123 -0.39 -84.54 -58.03
N THR OC 124 0.65 -85.28 -58.43
CA THR OC 124 0.58 -86.75 -58.60
C THR OC 124 1.55 -87.46 -57.66
N GLN OC 125 2.73 -86.89 -57.33
CA GLN OC 125 3.68 -87.41 -56.34
C GLN OC 125 4.23 -86.25 -55.49
N ILE OC 126 4.69 -86.55 -54.27
CA ILE OC 126 5.30 -85.59 -53.33
C ILE OC 126 6.45 -86.32 -52.63
N LEU OC 127 7.68 -85.94 -52.93
CA LEU OC 127 8.90 -86.40 -52.26
C LEU OC 127 9.35 -85.32 -51.24
N ARG OC 128 10.55 -85.42 -50.66
CA ARG OC 128 11.04 -84.43 -49.66
C ARG OC 128 11.84 -83.27 -50.29
N ASP OC 129 12.34 -83.53 -51.48
CA ASP OC 129 13.23 -82.73 -52.32
C ASP OC 129 12.56 -82.16 -53.58
N SER OC 130 11.38 -82.69 -53.92
CA SER OC 130 10.75 -82.56 -55.23
C SER OC 130 9.30 -83.00 -55.25
N VAL OC 131 8.53 -82.56 -56.25
CA VAL OC 131 7.08 -82.81 -56.40
C VAL OC 131 6.74 -83.03 -57.86
N THR OC 132 6.40 -84.26 -58.24
CA THR OC 132 5.82 -84.58 -59.56
C THR OC 132 4.37 -84.15 -59.73
N VAL OC 133 4.12 -83.41 -60.82
CA VAL OC 133 2.80 -82.95 -61.25
C VAL OC 133 2.52 -83.31 -62.72
N THR OC 134 1.24 -83.43 -63.09
CA THR OC 134 0.79 -83.56 -64.48
C THR OC 134 0.12 -82.32 -65.03
N GLU OC 135 0.76 -81.69 -65.99
CA GLU OC 135 0.38 -80.40 -66.58
C GLU OC 135 -0.21 -80.59 -67.99
N VAL OC 136 -0.73 -79.51 -68.57
CA VAL OC 136 -1.56 -79.48 -69.78
C VAL OC 136 -0.98 -78.49 -70.80
N PHE OC 137 -0.14 -78.98 -71.72
CA PHE OC 137 0.55 -78.17 -72.72
C PHE OC 137 -0.01 -78.37 -74.13
N SER OC 138 0.05 -77.36 -75.01
CA SER OC 138 -0.32 -77.49 -76.42
C SER OC 138 0.89 -77.89 -77.29
N GLY OC 139 1.19 -79.18 -77.31
CA GLY OC 139 2.29 -79.75 -78.10
C GLY OC 139 1.97 -79.71 -79.58
N ASN OC 140 2.54 -78.73 -80.31
CA ASN OC 140 2.36 -78.53 -81.74
C ASN OC 140 0.89 -78.37 -82.22
N GLY OC 141 -0.03 -78.07 -81.30
CA GLY OC 141 -1.47 -77.95 -81.54
C GLY OC 141 -2.33 -78.97 -80.81
N GLU OC 142 -1.77 -80.12 -80.39
CA GLU OC 142 -2.48 -81.07 -79.53
C GLU OC 142 -2.35 -80.71 -78.02
N ILE OC 143 -3.45 -80.78 -77.28
CA ILE OC 143 -3.39 -80.75 -75.82
C ILE OC 143 -2.87 -82.08 -75.28
N ILE OC 144 -1.67 -82.06 -74.68
CA ILE OC 144 -0.97 -83.24 -74.16
C ILE OC 144 -0.57 -83.07 -72.69
N LYS OC 145 -0.32 -84.20 -72.03
CA LYS OC 145 0.20 -84.23 -70.64
C LYS OC 145 1.70 -83.87 -70.63
N ASN OC 146 2.10 -83.04 -69.68
CA ASN OC 146 3.51 -82.75 -69.39
C ASN OC 146 3.86 -83.17 -67.93
N PRO OC 147 4.63 -84.25 -67.70
CA PRO OC 147 4.92 -84.79 -66.36
C PRO OC 147 6.12 -84.08 -65.68
N VAL OC 148 5.94 -82.80 -65.32
CA VAL OC 148 6.97 -81.98 -64.68
C VAL OC 148 7.23 -82.40 -63.22
N THR OC 149 8.46 -82.21 -62.72
CA THR OC 149 8.83 -82.43 -61.32
C THR OC 149 9.51 -81.17 -60.77
N LEU OC 150 8.78 -80.44 -59.92
CA LEU OC 150 9.26 -79.22 -59.27
C LEU OC 150 10.21 -79.59 -58.13
N GLN OC 151 11.52 -79.32 -58.28
CA GLN OC 151 12.48 -79.46 -57.18
C GLN OC 151 12.33 -78.35 -56.12
N LEU OC 152 12.83 -78.60 -54.92
CA LEU OC 152 13.02 -77.62 -53.85
C LEU OC 152 13.84 -76.41 -54.36
N LYS OC 153 13.81 -75.26 -53.66
CA LYS OC 153 14.58 -74.05 -54.01
C LYS OC 153 16.01 -73.99 -53.41
N PRO OC 154 17.09 -74.24 -54.18
CA PRO OC 154 18.45 -73.82 -53.86
C PRO OC 154 18.82 -72.51 -54.59
N ASP OC 155 20.12 -72.23 -54.71
CA ASP OC 155 20.65 -71.33 -55.76
C ASP OC 155 20.50 -71.95 -57.15
N ALA OC 156 20.02 -71.16 -58.13
CA ALA OC 156 19.88 -71.53 -59.54
C ALA OC 156 19.64 -70.27 -60.39
N LYS OC 157 20.02 -70.34 -61.69
CA LYS OC 157 19.75 -69.29 -62.68
C LYS OC 157 19.51 -69.87 -64.07
N GLN OC 158 18.53 -69.32 -64.77
CA GLN OC 158 18.24 -69.53 -66.20
C GLN OC 158 17.68 -68.24 -66.81
N ASP OC 159 17.56 -68.19 -68.11
CA ASP OC 159 16.98 -67.05 -68.85
C ASP OC 159 15.45 -67.02 -68.88
N ASN PC 33 -118.72 -148.62 -61.57
CA ASN PC 33 -117.79 -147.47 -61.40
C ASN PC 33 -116.58 -147.70 -62.29
N THR PC 34 -115.84 -146.62 -62.54
CA THR PC 34 -114.55 -146.72 -63.19
C THR PC 34 -113.46 -146.76 -62.10
N LEU PC 35 -113.30 -145.66 -61.36
CA LEU PC 35 -112.38 -145.63 -60.27
C LEU PC 35 -112.99 -146.31 -59.06
N ARG PC 36 -112.33 -147.35 -58.54
CA ARG PC 36 -112.85 -148.08 -57.37
C ARG PC 36 -112.18 -147.84 -56.03
N GLY PC 37 -110.92 -147.40 -56.03
CA GLY PC 37 -110.19 -147.08 -54.79
C GLY PC 37 -109.12 -146.06 -55.13
N LEU PC 38 -108.72 -145.31 -54.10
CA LEU PC 38 -107.74 -144.25 -54.17
C LEU PC 38 -106.87 -144.25 -52.90
N ASP PC 39 -105.57 -144.43 -53.07
CA ASP PC 39 -104.71 -144.52 -51.89
C ASP PC 39 -103.52 -143.55 -51.98
N VAL PC 40 -103.19 -142.93 -50.84
CA VAL PC 40 -101.98 -142.11 -50.79
C VAL PC 40 -100.98 -142.68 -49.80
N SER PC 41 -99.76 -142.96 -50.25
CA SER PC 41 -98.68 -143.42 -49.38
C SER PC 41 -97.63 -142.34 -49.17
N ARG PC 42 -97.84 -141.44 -48.20
CA ARG PC 42 -96.81 -140.41 -47.91
C ARG PC 42 -95.54 -141.04 -47.38
N THR PC 43 -94.39 -140.71 -47.95
CA THR PC 43 -93.14 -141.12 -47.34
C THR PC 43 -92.10 -140.08 -47.73
N GLY PC 44 -90.96 -140.04 -47.04
CA GLY PC 44 -89.95 -138.97 -47.22
C GLY PC 44 -89.21 -139.05 -48.51
N SER PC 45 -88.93 -140.24 -49.02
CA SER PC 45 -88.27 -140.38 -50.31
C SER PC 45 -89.15 -140.04 -51.52
N GLY PC 46 -90.45 -140.38 -51.41
CA GLY PC 46 -91.43 -140.09 -52.43
C GLY PC 46 -92.80 -140.38 -51.82
N ALA PC 47 -93.78 -139.55 -52.14
CA ALA PC 47 -95.15 -139.89 -51.87
C ALA PC 47 -95.80 -140.59 -53.09
N GLN PC 48 -96.45 -141.72 -52.85
CA GLN PC 48 -97.13 -142.43 -53.94
C GLN PC 48 -98.63 -142.18 -53.89
N VAL PC 49 -99.20 -141.82 -55.05
CA VAL PC 49 -100.63 -141.79 -55.22
C VAL PC 49 -101.04 -142.91 -56.15
N VAL PC 50 -102.01 -143.70 -55.69
CA VAL PC 50 -102.51 -144.82 -56.44
C VAL PC 50 -103.98 -144.61 -56.68
N VAL PC 51 -104.37 -144.84 -57.93
CA VAL PC 51 -105.76 -144.76 -58.34
C VAL PC 51 -106.08 -146.09 -58.99
N THR PC 52 -107.08 -146.79 -58.45
CA THR PC 52 -107.39 -148.13 -58.92
C THR PC 52 -108.72 -148.05 -59.62
N GLY PC 53 -108.84 -148.75 -60.76
CA GLY PC 53 -110.03 -148.62 -61.60
C GLY PC 53 -110.32 -149.90 -62.38
N THR PC 54 -111.53 -150.00 -62.91
CA THR PC 54 -111.96 -151.18 -63.60
C THR PC 54 -111.45 -151.30 -65.02
N ARG PC 55 -111.04 -150.18 -65.63
CA ARG PC 55 -110.47 -150.18 -66.98
C ARG PC 55 -109.23 -149.31 -66.94
N PRO PC 56 -108.28 -149.58 -67.83
CA PRO PC 56 -107.12 -148.74 -67.99
C PRO PC 56 -107.50 -147.25 -68.25
N PRO PC 57 -106.91 -146.34 -67.48
CA PRO PC 57 -107.26 -144.96 -67.54
C PRO PC 57 -106.41 -144.19 -68.52
N THR PC 58 -107.02 -143.35 -69.35
CA THR PC 58 -106.24 -142.34 -70.08
C THR PC 58 -106.07 -141.16 -69.11
N PHE PC 59 -104.87 -140.59 -69.05
CA PHE PC 59 -104.62 -139.54 -68.11
C PHE PC 59 -103.68 -138.59 -68.81
N THR PC 60 -103.53 -137.41 -68.23
CA THR PC 60 -102.50 -136.45 -68.56
C THR PC 60 -102.10 -135.87 -67.23
N VAL PC 61 -100.81 -135.70 -67.06
CA VAL PC 61 -100.26 -135.05 -65.87
C VAL PC 61 -99.50 -133.78 -66.27
N PHE PC 62 -99.73 -132.69 -65.52
CA PHE PC 62 -98.97 -131.47 -65.75
C PHE PC 62 -98.73 -130.67 -64.45
N ARG PC 63 -97.98 -129.58 -64.54
CA ARG PC 63 -97.59 -128.78 -63.36
C ARG PC 63 -98.26 -127.41 -63.39
N LEU PC 64 -98.40 -126.77 -62.23
CA LEU PC 64 -98.77 -125.36 -62.21
C LEU PC 64 -97.98 -124.69 -61.08
N SER PC 65 -97.91 -123.35 -61.10
CA SER PC 65 -97.17 -122.62 -60.10
C SER PC 65 -98.07 -121.61 -59.42
N GLY PC 66 -97.58 -120.96 -58.36
CA GLY PC 66 -98.29 -119.91 -57.62
C GLY PC 66 -99.71 -120.23 -57.19
N PRO PC 67 -99.89 -121.30 -56.39
CA PRO PC 67 -98.87 -122.17 -55.71
C PRO PC 67 -98.38 -123.36 -56.55
N GLU PC 68 -97.19 -123.88 -56.27
CA GLU PC 68 -96.76 -125.15 -56.90
C GLU PC 68 -97.83 -126.27 -56.79
N ARG PC 69 -98.15 -126.90 -57.91
CA ARG PC 69 -99.24 -127.88 -57.95
C ARG PC 69 -98.91 -128.94 -58.94
N LEU PC 70 -99.45 -130.11 -58.74
CA LEU PC 70 -99.40 -131.14 -59.77
C LEU PC 70 -100.85 -131.43 -60.08
N VAL PC 71 -101.16 -131.64 -61.35
CA VAL PC 71 -102.54 -131.85 -61.77
C VAL PC 71 -102.64 -133.10 -62.60
N VAL PC 72 -103.61 -133.95 -62.29
CA VAL PC 72 -103.82 -135.12 -63.13
C VAL PC 72 -105.23 -135.10 -63.66
N ASP PC 73 -105.36 -135.23 -64.97
CA ASP PC 73 -106.67 -135.41 -65.61
C ASP PC 73 -106.95 -136.85 -66.03
N LEU PC 74 -108.10 -137.37 -65.60
CA LEU PC 74 -108.44 -138.76 -65.87
C LEU PC 74 -109.68 -138.85 -66.77
N SER PC 75 -109.58 -139.61 -67.86
CA SER PC 75 -110.69 -139.79 -68.83
C SER PC 75 -111.39 -141.13 -68.66
N SER PC 76 -112.64 -141.12 -69.12
CA SER PC 76 -113.63 -142.19 -68.87
C SER PC 76 -114.04 -142.31 -67.42
N ALA PC 77 -113.05 -142.11 -66.58
CA ALA PC 77 -113.25 -142.15 -65.14
C ALA PC 77 -112.76 -140.86 -64.51
N ASP PC 78 -113.47 -140.40 -63.49
CA ASP PC 78 -113.07 -139.22 -62.74
C ASP PC 78 -112.80 -139.74 -61.34
N ALA PC 79 -111.53 -139.82 -60.98
CA ALA PC 79 -111.12 -140.31 -59.67
C ALA PC 79 -110.85 -139.14 -58.72
N THR PC 80 -111.59 -139.09 -57.61
CA THR PC 80 -111.42 -138.03 -56.63
C THR PC 80 -110.91 -138.60 -55.32
N GLY PC 81 -109.80 -138.06 -54.84
CA GLY PC 81 -109.21 -138.50 -53.57
C GLY PC 81 -109.33 -137.34 -52.58
N ILE PC 82 -109.76 -137.65 -51.37
CA ILE PC 82 -109.93 -136.63 -50.35
C ILE PC 82 -109.87 -137.22 -48.97
N LYS PC 83 -109.49 -136.45 -48.07
CA LYS PC 83 -109.42 -136.78 -46.63
C LYS PC 83 -108.38 -137.83 -46.37
N GLY PC 84 -107.78 -138.33 -47.44
CA GLY PC 84 -106.64 -139.25 -47.37
C GLY PC 84 -105.32 -138.50 -47.21
N HIS PC 85 -105.34 -137.18 -47.41
CA HIS PC 85 -104.11 -136.43 -47.32
C HIS PC 85 -103.77 -136.12 -45.86
N HIS PC 86 -102.67 -136.68 -45.39
CA HIS PC 86 -102.30 -136.55 -44.01
C HIS PC 86 -101.63 -135.23 -43.77
N GLU PC 87 -101.82 -134.69 -42.56
CA GLU PC 87 -101.15 -133.46 -42.20
C GLU PC 87 -99.64 -133.52 -42.20
N GLY PC 88 -99.06 -134.69 -42.49
CA GLY PC 88 -97.61 -134.87 -42.45
C GLY PC 88 -97.07 -135.51 -43.72
N SER PC 89 -97.83 -135.45 -44.82
CA SER PC 89 -97.30 -135.81 -46.14
C SER PC 89 -96.13 -134.85 -46.48
N GLY PC 90 -94.91 -135.37 -46.71
CA GLY PC 90 -93.81 -134.47 -47.02
C GLY PC 90 -93.97 -133.76 -48.36
N PRO PC 91 -94.84 -134.31 -49.23
CA PRO PC 91 -95.04 -133.76 -50.58
C PRO PC 91 -96.35 -133.02 -50.78
N VAL PC 92 -97.45 -133.59 -50.29
CA VAL PC 92 -98.78 -133.08 -50.61
C VAL PC 92 -99.35 -132.25 -49.48
N SER PC 93 -99.53 -130.96 -49.74
CA SER PC 93 -100.17 -130.02 -48.82
C SER PC 93 -101.67 -130.28 -48.81
N GLY PC 94 -102.28 -130.53 -50.00
CA GLY PC 94 -103.71 -130.90 -50.10
C GLY PC 94 -104.10 -131.41 -51.48
N VAL PC 95 -105.26 -132.05 -51.58
CA VAL PC 95 -105.75 -132.59 -52.86
C VAL PC 95 -107.21 -132.28 -53.10
N VAL PC 96 -107.51 -131.62 -54.23
CA VAL PC 96 -108.88 -131.28 -54.59
C VAL PC 96 -109.22 -132.03 -55.87
N ALA PC 97 -110.48 -132.43 -55.99
CA ALA PC 97 -110.93 -133.22 -57.15
C ALA PC 97 -112.25 -132.63 -57.68
N SER PC 98 -112.38 -132.52 -59.02
CA SER PC 98 -113.67 -132.19 -59.64
C SER PC 98 -113.91 -132.83 -60.99
N GLN PC 99 -115.10 -133.35 -61.29
CA GLN PC 99 -115.45 -133.96 -62.58
C GLN PC 99 -116.30 -133.03 -63.44
N PHE PC 100 -115.98 -132.91 -64.73
CA PHE PC 100 -116.83 -132.16 -65.67
C PHE PC 100 -117.29 -133.09 -66.80
N SER PC 101 -118.52 -132.81 -67.31
CA SER PC 101 -119.12 -133.62 -68.38
C SER PC 101 -118.82 -133.14 -69.76
N ASP PC 102 -118.60 -134.12 -70.66
CA ASP PC 102 -118.42 -133.89 -72.09
C ASP PC 102 -119.41 -134.88 -72.75
N GLN PC 103 -120.57 -134.40 -73.19
CA GLN PC 103 -121.62 -135.32 -73.62
C GLN PC 103 -121.91 -136.26 -72.46
N ARG PC 104 -121.96 -137.53 -72.79
CA ARG PC 104 -122.20 -138.54 -71.76
C ARG PC 104 -120.91 -138.95 -71.05
N ALA PC 105 -119.76 -138.42 -71.47
CA ALA PC 105 -118.48 -138.78 -70.87
C ALA PC 105 -118.12 -137.86 -69.72
N SER PC 106 -117.11 -138.26 -68.95
CA SER PC 106 -116.68 -137.50 -67.78
C SER PC 106 -115.17 -137.41 -67.70
N VAL PC 107 -114.63 -136.22 -67.49
CA VAL PC 107 -113.22 -135.94 -67.21
C VAL PC 107 -113.04 -135.48 -65.79
N GLY PC 108 -112.14 -136.22 -64.95
CA GLY PC 108 -111.94 -135.80 -63.58
C GLY PC 108 -110.58 -135.13 -63.48
N ARG PC 109 -110.54 -134.04 -62.73
CA ARG PC 109 -109.25 -133.38 -62.53
C ARG PC 109 -108.85 -133.51 -61.09
N VAL PC 110 -107.64 -134.00 -60.86
CA VAL PC 110 -107.05 -134.10 -59.52
C VAL PC 110 -105.96 -133.09 -59.44
N LEU PC 111 -106.02 -132.33 -58.34
CA LEU PC 111 -105.09 -131.23 -58.09
C LEU PC 111 -104.37 -131.39 -56.76
N LEU PC 112 -103.05 -131.51 -56.82
CA LEU PC 112 -102.23 -131.69 -55.62
C LEU PC 112 -101.41 -130.47 -55.35
N ALA PC 113 -101.79 -129.69 -54.35
CA ALA PC 113 -100.93 -128.59 -53.89
C ALA PC 113 -99.71 -129.17 -53.16
N LEU PC 114 -98.51 -128.67 -53.48
CA LEU PC 114 -97.23 -129.23 -53.01
C LEU PC 114 -96.51 -128.44 -51.94
N ASP PC 115 -95.70 -129.16 -51.14
CA ASP PC 115 -94.85 -128.63 -50.05
C ASP PC 115 -93.43 -128.44 -50.54
N LYS PC 116 -93.11 -128.97 -51.71
CA LYS PC 116 -91.75 -128.92 -52.24
C LYS PC 116 -91.78 -129.29 -53.72
N ALA PC 117 -90.75 -128.91 -54.44
CA ALA PC 117 -90.70 -129.18 -55.88
C ALA PC 117 -90.56 -130.67 -56.15
N SER PC 118 -91.36 -131.15 -57.09
CA SER PC 118 -91.37 -132.55 -57.42
C SER PC 118 -91.04 -132.83 -58.88
N GLN PC 119 -90.52 -134.02 -59.10
CA GLN PC 119 -90.41 -134.57 -60.41
C GLN PC 119 -91.37 -135.79 -60.42
N TYR PC 120 -92.58 -135.62 -60.97
CA TYR PC 120 -93.51 -136.75 -60.92
C TYR PC 120 -93.13 -137.83 -61.88
N ASP PC 121 -93.43 -139.08 -61.53
CA ASP PC 121 -93.28 -140.19 -62.45
C ASP PC 121 -94.58 -141.01 -62.39
N VAL PC 122 -95.21 -141.18 -63.55
CA VAL PC 122 -96.47 -141.88 -63.68
C VAL PC 122 -96.33 -143.17 -64.48
N ARG PC 123 -96.96 -144.24 -64.02
CA ARG PC 123 -96.97 -145.48 -64.81
C ARG PC 123 -98.24 -146.21 -64.51
N ALA PC 124 -98.65 -147.05 -65.43
CA ALA PC 124 -99.89 -147.79 -65.28
C ALA PC 124 -99.51 -149.23 -65.04
N ASP PC 125 -100.37 -149.97 -64.36
CA ASP PC 125 -100.22 -151.41 -64.18
C ASP PC 125 -101.62 -151.98 -63.99
N GLY PC 126 -102.14 -152.64 -65.01
CA GLY PC 126 -103.48 -153.20 -64.94
C GLY PC 126 -104.52 -152.10 -64.80
N ASN PC 127 -105.25 -152.13 -63.70
CA ASN PC 127 -106.28 -151.12 -63.43
C ASN PC 127 -105.79 -150.07 -62.46
N ARG PC 128 -104.49 -150.08 -62.18
CA ARG PC 128 -103.93 -149.12 -61.24
C ARG PC 128 -103.05 -148.12 -61.97
N VAL PC 129 -103.27 -146.84 -61.67
CA VAL PC 129 -102.44 -145.79 -62.16
C VAL PC 129 -101.67 -145.30 -60.97
N VAL PC 130 -100.35 -145.31 -61.10
CA VAL PC 130 -99.48 -144.88 -60.02
C VAL PC 130 -98.75 -143.56 -60.33
N ILE PC 131 -98.84 -142.60 -59.41
CA ILE PC 131 -98.01 -141.40 -59.54
C ILE PC 131 -97.07 -141.27 -58.38
N SER PC 132 -95.77 -141.30 -58.62
CA SER PC 132 -94.83 -141.09 -57.52
C SER PC 132 -94.20 -139.71 -57.60
N VAL PC 133 -94.25 -138.98 -56.49
CA VAL PC 133 -93.76 -137.63 -56.46
C VAL PC 133 -92.42 -137.70 -55.82
N ASP PC 134 -91.36 -137.55 -56.61
CA ASP PC 134 -90.00 -137.49 -56.07
C ASP PC 134 -89.52 -136.05 -55.85
N GLY PC 135 -88.59 -135.80 -54.93
CA GLY PC 135 -88.05 -134.42 -54.90
C GLY PC 135 -87.23 -134.04 -56.16
N THR PC 136 -85.93 -133.83 -55.98
CA THR PC 136 -85.05 -133.48 -57.09
C THR PC 136 -84.07 -134.61 -57.41
N SER PC 137 -84.10 -135.68 -56.62
CA SER PC 137 -83.24 -136.84 -56.83
C SER PC 137 -84.01 -137.89 -57.64
N GLN PC 138 -83.60 -138.07 -58.89
CA GLN PC 138 -84.29 -138.99 -59.79
C GLN PC 138 -83.75 -140.41 -59.94
N SER PC 139 -82.52 -140.67 -59.52
CA SER PC 139 -81.98 -142.01 -59.69
C SER PC 139 -80.85 -142.30 -58.73
N VAL PC 140 -80.88 -143.49 -58.14
CA VAL PC 140 -79.83 -143.92 -57.23
C VAL PC 140 -79.08 -145.02 -57.96
N ASP PC 214 -63.09 -104.03 -61.39
CA ASP PC 214 -62.10 -104.20 -60.30
C ASP PC 214 -62.73 -104.68 -58.97
N ASP PC 215 -63.97 -104.26 -58.73
CA ASP PC 215 -64.68 -104.54 -57.49
C ASP PC 215 -65.11 -106.00 -57.51
N THR PC 216 -65.41 -106.50 -58.72
CA THR PC 216 -65.98 -107.82 -58.97
C THR PC 216 -66.22 -107.94 -60.48
N LEU PC 217 -65.90 -109.13 -60.98
CA LEU PC 217 -66.23 -109.49 -62.35
C LEU PC 217 -67.52 -110.32 -62.31
N SER PC 218 -68.46 -109.92 -63.15
CA SER PC 218 -69.75 -110.61 -63.24
C SER PC 218 -69.81 -111.48 -64.50
N ILE PC 219 -70.25 -112.70 -64.30
CA ILE PC 219 -70.51 -113.65 -65.40
C ILE PC 219 -72.02 -113.86 -65.46
N ARG PC 220 -72.57 -113.62 -66.64
CA ARG PC 220 -74.01 -113.79 -66.87
C ARG PC 220 -74.24 -114.87 -67.92
N ALA PC 221 -75.12 -115.79 -67.58
CA ALA PC 221 -75.55 -116.87 -68.49
C ALA PC 221 -77.06 -116.77 -68.65
N ASP PC 222 -77.48 -116.44 -69.87
CA ASP PC 222 -78.90 -116.28 -70.17
C ASP PC 222 -79.40 -117.53 -70.88
N GLY PC 223 -80.55 -118.02 -70.41
CA GLY PC 223 -81.17 -119.25 -70.96
C GLY PC 223 -82.44 -119.58 -70.17
N ASP PC 224 -83.13 -120.58 -70.65
CA ASP PC 224 -84.38 -121.07 -70.05
C ASP PC 224 -84.23 -121.67 -68.64
N ILE PC 225 -83.14 -122.37 -68.44
CA ILE PC 225 -82.90 -123.09 -67.18
C ILE PC 225 -82.70 -122.12 -65.97
N ALA PC 226 -81.94 -122.46 -64.93
CA ALA PC 226 -80.99 -123.58 -64.85
C ALA PC 226 -80.73 -124.12 -63.48
N ARG PC 227 -80.58 -125.42 -63.43
CA ARG PC 227 -79.99 -125.98 -62.22
C ARG PC 227 -78.46 -125.98 -62.39
N TYR PC 228 -77.80 -125.51 -61.34
CA TYR PC 228 -76.34 -125.38 -61.38
C TYR PC 228 -75.74 -125.79 -60.03
N GLU PC 229 -74.44 -126.03 -60.07
CA GLU PC 229 -73.62 -126.19 -58.86
C GLU PC 229 -72.28 -125.47 -59.10
N VAL PC 230 -71.85 -124.73 -58.10
CA VAL PC 230 -70.57 -124.01 -58.15
C VAL PC 230 -69.64 -124.54 -57.06
N LEU PC 231 -68.38 -124.67 -57.41
CA LEU PC 231 -67.34 -125.12 -56.47
C LEU PC 231 -65.97 -124.59 -56.91
N GLU PC 232 -65.01 -124.72 -56.01
CA GLU PC 232 -63.62 -124.27 -56.20
C GLU PC 232 -62.60 -125.42 -56.41
N LEU PC 233 -61.53 -125.09 -57.09
CA LEU PC 233 -60.37 -125.99 -57.24
C LEU PC 233 -59.10 -125.19 -57.01
N ALA PC 234 -58.04 -125.88 -56.63
CA ALA PC 234 -56.74 -125.24 -56.41
C ALA PC 234 -55.68 -125.85 -57.33
N ASP PC 235 -54.54 -125.16 -57.42
CA ASP PC 235 -53.38 -125.61 -58.21
C ASP PC 235 -53.78 -126.00 -59.67
N PRO PC 236 -54.16 -125.00 -60.46
CA PRO PC 236 -54.24 -123.58 -60.09
C PRO PC 236 -55.64 -123.26 -59.52
N PRO PC 237 -55.75 -122.11 -58.84
CA PRO PC 237 -57.03 -121.65 -58.30
C PRO PC 237 -58.04 -121.47 -59.45
N ARG PC 238 -59.22 -122.03 -59.24
CA ARG PC 238 -60.28 -122.10 -60.26
C ARG PC 238 -61.65 -122.05 -59.62
N LEU PC 239 -62.60 -121.52 -60.35
CA LEU PC 239 -64.02 -121.61 -59.98
C LEU PC 239 -64.71 -122.39 -61.11
N ALA PC 240 -65.52 -123.35 -60.72
CA ALA PC 240 -66.20 -124.23 -61.69
C ALA PC 240 -67.71 -124.19 -61.47
N VAL PC 241 -68.43 -124.04 -62.57
CA VAL PC 241 -69.89 -124.09 -62.57
C VAL PC 241 -70.35 -125.23 -63.49
N ASP PC 242 -71.22 -126.06 -62.96
CA ASP PC 242 -71.89 -127.10 -63.76
C ASP PC 242 -73.36 -126.71 -63.96
N LEU PC 243 -73.75 -126.74 -65.22
CA LEU PC 243 -75.11 -126.37 -65.61
C LEU PC 243 -75.82 -127.59 -66.17
N PHE PC 244 -77.03 -127.81 -65.69
CA PHE PC 244 -77.82 -128.95 -66.17
C PHE PC 244 -78.99 -128.54 -67.05
N GLY PC 245 -79.40 -129.53 -67.85
CA GLY PC 245 -80.42 -129.33 -68.89
C GLY PC 245 -79.86 -128.49 -70.04
N VAL PC 246 -78.54 -128.51 -70.20
CA VAL PC 246 -77.87 -127.79 -71.31
C VAL PC 246 -77.08 -128.76 -72.15
N GLY PC 247 -77.19 -128.49 -73.45
CA GLY PC 247 -76.27 -129.08 -74.44
C GLY PC 247 -75.33 -127.97 -74.91
N LEU PC 248 -74.06 -128.32 -74.99
CA LEU PC 248 -73.02 -127.38 -75.45
C LEU PC 248 -73.38 -126.87 -76.85
N ALA PC 249 -73.10 -125.60 -77.09
CA ALA PC 249 -73.46 -124.97 -78.36
C ALA PC 249 -72.53 -123.81 -78.66
N THR PC 250 -72.54 -123.40 -79.92
CA THR PC 250 -71.68 -122.34 -80.43
C THR PC 250 -71.83 -121.07 -79.60
N ARG PC 251 -72.99 -120.81 -78.99
CA ARG PC 251 -73.16 -119.62 -78.12
C ARG PC 251 -72.30 -119.66 -76.85
N ALA PC 252 -71.76 -120.84 -76.55
CA ALA PC 252 -70.76 -121.01 -75.47
C ALA PC 252 -69.62 -119.95 -75.59
N PRO PC 253 -69.17 -119.56 -76.78
CA PRO PC 253 -68.11 -118.55 -77.04
C PRO PC 253 -68.38 -117.22 -76.41
N ARG PC 254 -69.65 -116.82 -76.31
CA ARG PC 254 -69.98 -115.56 -75.61
C ARG PC 254 -69.44 -115.60 -74.16
N VAL PC 255 -69.07 -116.81 -73.74
CA VAL PC 255 -68.43 -117.10 -72.44
C VAL PC 255 -67.05 -116.44 -72.32
N LYS PC 256 -66.41 -116.13 -73.44
CA LYS PC 256 -65.06 -115.53 -73.43
C LYS PC 256 -65.05 -114.23 -72.62
N SER PC 257 -66.22 -113.60 -72.54
CA SER PC 257 -66.43 -112.34 -71.81
C SER PC 257 -66.15 -112.42 -70.31
N GLY PC 258 -66.13 -113.65 -69.81
CA GLY PC 258 -66.13 -113.79 -68.38
C GLY PC 258 -64.89 -114.40 -67.80
N ALA PC 259 -63.82 -114.72 -68.57
CA ALA PC 259 -62.49 -115.17 -68.07
C ALA PC 259 -61.74 -114.10 -67.26
N LEU PC 260 -60.98 -114.39 -66.18
CA LEU PC 260 -60.79 -115.60 -65.38
C LEU PC 260 -59.40 -116.12 -65.53
N ARG PC 261 -58.45 -115.21 -65.73
CA ARG PC 261 -57.22 -115.54 -66.47
C ARG PC 261 -57.57 -116.22 -67.83
N ASP PC 262 -58.59 -117.07 -67.86
CA ASP PC 262 -59.25 -117.84 -68.89
C ASP PC 262 -60.48 -118.62 -68.36
N VAL PC 263 -61.28 -118.95 -69.35
CA VAL PC 263 -62.50 -119.76 -69.17
C VAL PC 263 -62.55 -120.88 -70.22
N ARG PC 264 -62.70 -122.10 -69.75
CA ARG PC 264 -62.91 -123.25 -70.65
C ARG PC 264 -64.23 -123.94 -70.33
N VAL PC 265 -64.87 -124.42 -71.39
CA VAL PC 265 -66.21 -125.03 -71.28
C VAL PC 265 -66.21 -126.37 -72.02
N GLY PC 266 -66.95 -127.31 -71.45
CA GLY PC 266 -67.11 -128.64 -72.06
C GLY PC 266 -68.40 -129.31 -71.58
N ALA PC 267 -68.55 -130.57 -71.97
CA ALA PC 267 -69.74 -131.36 -71.63
C ALA PC 267 -69.42 -132.85 -71.79
N HIS PC 268 -70.09 -133.66 -70.98
CA HIS PC 268 -69.88 -135.11 -70.98
C HIS PC 268 -71.21 -135.85 -70.87
N ALA PC 269 -72.00 -135.75 -71.94
CA ALA PC 269 -73.33 -136.40 -72.00
C ALA PC 269 -74.15 -136.09 -70.74
N ASP PC 270 -73.94 -134.88 -70.23
CA ASP PC 270 -74.83 -134.45 -69.18
C ASP PC 270 -75.49 -133.11 -69.52
N LYS PC 271 -75.13 -131.89 -69.13
CA LYS PC 271 -74.21 -131.26 -68.13
C LYS PC 271 -73.03 -130.58 -68.81
N VAL PC 272 -73.07 -129.27 -68.71
CA VAL PC 272 -71.94 -128.45 -69.19
C VAL PC 272 -71.16 -127.97 -67.97
N ARG PC 273 -69.85 -127.97 -68.13
CA ARG PC 273 -68.95 -127.48 -67.08
C ARG PC 273 -68.18 -126.27 -67.59
N LEU PC 274 -68.27 -125.21 -66.78
CA LEU PC 274 -67.55 -123.97 -67.05
C LEU PC 274 -66.47 -123.82 -65.97
N VAL PC 275 -65.26 -123.60 -66.45
CA VAL PC 275 -64.07 -123.54 -65.58
C VAL PC 275 -63.38 -122.19 -65.80
N LEU PC 276 -63.19 -121.51 -64.71
CA LEU PC 276 -62.60 -120.15 -64.59
C LEU PC 276 -61.29 -120.22 -63.85
N ASP PC 277 -60.21 -120.12 -64.54
CA ASP PC 277 -58.92 -119.96 -63.88
C ASP PC 277 -58.84 -118.55 -63.21
N VAL PC 278 -58.29 -118.41 -62.05
CA VAL PC 278 -58.36 -117.07 -61.42
C VAL PC 278 -57.01 -116.37 -61.37
N ARG PC 279 -57.06 -115.05 -61.24
CA ARG PC 279 -55.86 -114.24 -60.97
C ARG PC 279 -55.73 -113.86 -59.49
N GLY PC 280 -56.76 -114.17 -58.71
CA GLY PC 280 -56.81 -113.82 -57.27
C GLY PC 280 -57.93 -114.59 -56.56
N THR PC 281 -57.80 -114.78 -55.26
CA THR PC 281 -58.84 -115.52 -54.51
C THR PC 281 -60.19 -114.78 -54.58
N MET PC 282 -61.25 -115.55 -54.79
CA MET PC 282 -62.61 -115.00 -54.89
C MET PC 282 -63.56 -115.64 -53.86
N LYS PC 341 -63.08 -115.05 -31.32
CA LYS PC 341 -62.07 -114.01 -31.30
C LYS PC 341 -61.57 -113.75 -29.88
N ASP PC 342 -60.32 -113.30 -29.77
CA ASP PC 342 -59.73 -113.02 -28.46
C ASP PC 342 -58.35 -112.38 -28.62
N VAL PC 343 -57.89 -111.71 -27.57
CA VAL PC 343 -56.59 -111.06 -27.59
C VAL PC 343 -55.66 -111.65 -26.54
N ARG PC 344 -54.36 -111.53 -26.76
CA ARG PC 344 -53.37 -112.05 -25.83
C ARG PC 344 -52.09 -111.23 -25.89
N PHE PC 345 -51.32 -111.25 -24.80
CA PHE PC 345 -50.07 -110.51 -24.73
C PHE PC 345 -48.94 -111.39 -24.19
N GLU PC 346 -47.73 -111.14 -24.65
CA GLU PC 346 -46.57 -111.91 -24.21
C GLU PC 346 -45.28 -111.19 -24.56
N GLU PC 347 -44.15 -111.68 -24.38
CA GLU PC 347 -42.93 -111.02 -24.80
C GLU PC 347 -41.91 -112.01 -25.37
N SER PC 348 -41.07 -111.49 -26.22
CA SER PC 348 -39.96 -112.27 -26.72
C SER PC 348 -38.79 -111.31 -26.86
N SER PC 349 -37.70 -111.77 -27.45
CA SER PC 349 -36.47 -110.91 -27.42
C SER PC 349 -36.75 -109.63 -28.23
N SER PC 350 -37.56 -109.71 -29.26
CA SER PC 350 -38.00 -108.50 -29.99
C SER PC 350 -38.80 -107.54 -29.06
N GLY PC 351 -39.16 -107.98 -27.85
CA GLY PC 351 -39.95 -107.13 -26.96
C GLY PC 351 -41.36 -107.65 -26.65
N GLY PC 352 -42.32 -106.72 -26.65
CA GLY PC 352 -43.72 -107.05 -26.37
C GLY PC 352 -44.46 -107.51 -27.61
N ARG PC 353 -45.27 -108.48 -27.44
CA ARG PC 353 -45.99 -109.21 -28.48
C ARG PC 353 -47.49 -109.27 -28.14
N ILE PC 354 -48.31 -109.07 -29.16
CA ILE PC 354 -49.76 -109.11 -28.98
C ILE PC 354 -50.39 -110.15 -29.89
N VAL PC 355 -50.54 -111.37 -29.39
CA VAL PC 355 -51.14 -112.45 -30.16
C VAL PC 355 -52.66 -112.35 -30.17
N MET PC 356 -53.22 -112.11 -31.35
CA MET PC 356 -54.66 -111.98 -31.49
C MET PC 356 -55.25 -113.20 -32.21
N LYS PC 357 -56.37 -113.69 -31.70
CA LYS PC 357 -57.03 -114.84 -32.30
C LYS PC 357 -58.15 -114.41 -33.24
N LEU PC 358 -57.94 -114.64 -34.53
CA LEU PC 358 -58.93 -114.27 -35.54
C LEU PC 358 -59.54 -115.50 -36.18
N SER PC 359 -60.72 -115.89 -35.70
CA SER PC 359 -61.43 -117.06 -36.22
C SER PC 359 -62.51 -116.65 -37.20
N GLY PC 360 -62.29 -116.95 -38.48
CA GLY PC 360 -63.26 -116.60 -39.50
C GLY PC 360 -62.77 -115.50 -40.42
N THR PC 361 -61.46 -115.31 -40.47
CA THR PC 361 -60.86 -114.27 -41.31
C THR PC 361 -60.01 -114.89 -42.42
N SER PC 362 -59.96 -114.21 -43.56
CA SER PC 362 -59.17 -114.69 -44.69
C SER PC 362 -58.01 -113.75 -44.99
N GLY PC 363 -58.32 -112.57 -45.52
CA GLY PC 363 -57.29 -111.61 -45.83
C GLY PC 363 -56.59 -111.08 -44.61
N TRP PC 364 -56.16 -109.82 -44.66
CA TRP PC 364 -55.47 -109.20 -43.54
C TRP PC 364 -56.14 -107.88 -43.14
N LYS PC 365 -56.14 -107.60 -41.84
CA LYS PC 365 -56.76 -106.38 -41.29
C LYS PC 365 -55.98 -105.12 -41.67
N VAL PC 366 -56.47 -103.98 -41.22
CA VAL PC 366 -55.82 -102.71 -41.50
C VAL PC 366 -54.95 -102.26 -40.34
N ASP PC 367 -53.64 -102.39 -40.50
CA ASP PC 367 -52.70 -102.01 -39.45
C ASP PC 367 -52.36 -100.52 -39.53
N ARG PC 368 -52.70 -99.78 -38.47
CA ARG PC 368 -52.43 -98.35 -38.43
C ARG PC 368 -51.51 -98.01 -37.26
N PRO PC 369 -50.22 -97.90 -37.55
CA PRO PC 369 -49.23 -97.57 -36.52
C PRO PC 369 -49.23 -96.08 -36.23
N ASP PC 370 -49.73 -95.71 -35.05
CA ASP PC 370 -49.78 -94.31 -34.65
C ASP PC 370 -48.72 -94.00 -33.61
N PRO PC 371 -48.51 -92.72 -33.34
CA PRO PC 371 -47.51 -92.29 -32.36
C PRO PC 371 -48.03 -92.49 -30.94
N ARG PC 372 -49.33 -92.72 -30.82
CA ARG PC 372 -49.95 -92.92 -29.51
C ARG PC 372 -50.25 -94.40 -29.27
N SER PC 373 -51.09 -94.98 -30.12
CA SER PC 373 -51.45 -96.38 -30.00
C SER PC 373 -51.53 -97.04 -31.37
N ALA PC 374 -52.07 -98.25 -31.41
CA ALA PC 374 -52.21 -98.99 -32.67
C ALA PC 374 -53.68 -99.23 -33.01
N VAL PC 375 -53.95 -99.46 -34.28
CA VAL PC 375 -55.31 -99.71 -34.74
C VAL PC 375 -55.37 -100.90 -35.69
N LEU PC 376 -56.28 -101.83 -35.42
CA LEU PC 376 -56.45 -103.02 -36.25
C LEU PC 376 -57.92 -103.32 -36.50
N THR PC 377 -58.36 -103.10 -37.73
CA THR PC 377 -59.75 -103.35 -38.10
C THR PC 377 -59.88 -104.66 -38.89
N LEU PC 378 -60.91 -105.43 -38.57
CA LEU PC 378 -61.15 -106.70 -39.25
C LEU PC 378 -62.56 -106.76 -39.81
N ASP PC 379 -62.69 -106.47 -41.10
CA ASP PC 379 -64.00 -106.49 -41.76
C ASP PC 379 -64.65 -107.86 -41.64
N ASN PC 380 -65.93 -107.88 -41.31
CA ASN PC 380 -66.67 -109.13 -41.16
C ASN PC 380 -66.10 -109.97 -40.03
N ALA PC 381 -65.49 -109.30 -39.05
CA ALA PC 381 -64.90 -109.98 -37.90
C ALA PC 381 -65.46 -109.44 -36.60
N ARG PC 382 -66.64 -108.83 -36.67
CA ARG PC 382 -67.28 -108.26 -35.50
C ARG PC 382 -67.25 -109.23 -34.33
N LEU PC 383 -66.54 -108.86 -33.27
CA LEU PC 383 -66.43 -109.69 -32.08
C LEU PC 383 -67.41 -109.25 -31.00
N PRO PC 384 -67.88 -110.21 -30.20
CA PRO PC 384 -68.83 -109.93 -29.11
C PRO PC 384 -68.18 -109.17 -27.97
N LYS PC 385 -68.99 -108.41 -27.23
CA LYS PC 385 -68.50 -107.62 -26.11
C LYS PC 385 -67.96 -108.53 -25.01
N LYS PC 386 -68.25 -109.82 -25.10
CA LYS PC 386 -67.81 -110.78 -24.11
C LYS PC 386 -66.40 -111.29 -24.44
N PHE PC 387 -65.78 -110.68 -25.43
CA PHE PC 387 -64.43 -111.07 -25.85
C PHE PC 387 -63.56 -109.84 -26.07
N GLU PC 388 -64.08 -108.67 -25.73
CA GLU PC 388 -63.34 -107.43 -25.90
C GLU PC 388 -62.55 -107.09 -24.65
N ARG PC 389 -62.23 -108.11 -23.87
CA ARG PC 389 -61.47 -107.92 -22.63
C ARG PC 389 -60.15 -107.22 -22.91
N SER PC 390 -59.67 -106.46 -21.94
CA SER PC 390 -58.41 -105.74 -22.08
C SER PC 390 -57.31 -106.39 -21.25
N LEU PC 391 -56.07 -106.02 -21.52
CA LEU PC 391 -54.92 -106.57 -20.80
C LEU PC 391 -54.50 -105.64 -19.67
N ASP PC 392 -53.65 -106.14 -18.78
CA ASP PC 392 -53.16 -105.36 -17.65
C ASP PC 392 -51.64 -105.48 -17.53
N THR PC 393 -50.95 -105.49 -18.66
CA THR PC 393 -49.50 -105.60 -18.67
C THR PC 393 -48.85 -104.27 -18.31
N SER PC 394 -49.09 -103.82 -17.09
CA SER PC 394 -48.52 -102.56 -16.61
C SER PC 394 -47.20 -102.80 -15.89
N ALA PC 395 -46.21 -101.96 -16.19
CA ALA PC 395 -44.90 -102.08 -15.56
C ALA PC 395 -44.23 -103.38 -15.96
N LEU PC 396 -44.45 -103.82 -17.20
CA LEU PC 396 -43.87 -105.06 -17.70
C LEU PC 396 -42.54 -104.78 -18.40
N ASP PC 397 -42.08 -103.53 -18.33
CA ASP PC 397 -40.83 -103.14 -18.95
C ASP PC 397 -40.87 -103.38 -20.45
N THR PC 398 -41.97 -102.97 -21.09
CA THR PC 398 -42.13 -103.14 -22.53
C THR PC 398 -42.67 -101.87 -23.17
N PRO PC 399 -42.51 -101.76 -24.50
CA PRO PC 399 -42.97 -100.60 -25.27
C PRO PC 399 -44.49 -100.52 -25.34
N VAL PC 400 -45.15 -101.62 -24.99
CA VAL PC 400 -46.60 -101.68 -25.03
C VAL PC 400 -47.19 -101.33 -23.67
N LYS PC 401 -47.81 -100.15 -23.59
CA LYS PC 401 -48.43 -99.69 -22.34
C LYS PC 401 -49.46 -100.69 -21.84
N MET PC 402 -50.44 -101.00 -22.69
CA MET PC 402 -51.50 -101.94 -22.34
C MET PC 402 -52.39 -102.23 -23.54
N ILE PC 403 -52.78 -103.48 -23.69
CA ILE PC 403 -53.64 -103.89 -24.81
C ILE PC 403 -55.12 -103.70 -24.45
N SER PC 404 -55.89 -103.19 -25.40
CA SER PC 404 -57.31 -102.96 -25.19
C SER PC 404 -58.13 -103.42 -26.39
N ALA PC 405 -59.10 -104.29 -26.15
CA ALA PC 405 -59.95 -104.81 -27.21
C ALA PC 405 -61.34 -104.17 -27.16
N PHE PC 406 -61.85 -103.77 -28.31
CA PHE PC 406 -63.17 -103.15 -28.40
C PHE PC 406 -63.92 -103.64 -29.63
N SER PC 407 -65.18 -104.02 -29.45
CA SER PC 407 -66.01 -104.51 -30.54
C SER PC 407 -66.51 -103.34 -31.40
N VAL PC 408 -67.68 -102.80 -31.08
CA VAL PC 408 -68.27 -101.78 -31.94
C VAL PC 408 -67.40 -100.54 -32.06
N PRO PC 409 -67.30 -100.01 -33.28
CA PRO PC 409 -66.63 -98.70 -33.39
C PRO PC 409 -67.27 -97.89 -34.52
N GLY PC 410 -68.54 -98.18 -34.84
CA GLY PC 410 -69.29 -97.31 -35.72
C GLY PC 410 -69.37 -97.77 -37.15
N ALA PC 411 -68.81 -98.93 -37.45
CA ALA PC 411 -68.85 -99.51 -38.79
C ALA PC 411 -69.42 -100.92 -38.68
N GLY PC 412 -70.50 -101.20 -39.43
CA GLY PC 412 -71.02 -102.55 -39.42
C GLY PC 412 -69.94 -103.59 -39.70
N GLY PC 413 -70.00 -104.69 -38.97
CA GLY PC 413 -69.21 -105.89 -39.10
C GLY PC 413 -67.72 -105.75 -38.74
N LYS PC 414 -67.19 -104.56 -38.56
CA LYS PC 414 -65.79 -104.29 -38.30
C LYS PC 414 -65.44 -104.50 -36.85
N VAL PC 415 -64.19 -104.86 -36.56
CA VAL PC 415 -63.67 -104.84 -35.19
C VAL PC 415 -62.40 -103.99 -35.08
N ARG PC 416 -62.08 -103.65 -33.83
CA ARG PC 416 -61.00 -102.67 -33.64
C ARG PC 416 -60.13 -103.05 -32.45
N LEU PC 417 -58.83 -102.81 -32.58
CA LEU PC 417 -57.88 -103.12 -31.52
C LEU PC 417 -57.07 -101.89 -31.14
N VAL PC 418 -56.90 -101.66 -29.85
CA VAL PC 418 -56.13 -100.52 -29.35
C VAL PC 418 -54.95 -100.99 -28.50
N VAL PC 419 -53.74 -100.82 -29.03
CA VAL PC 419 -52.53 -101.21 -28.32
C VAL PC 419 -51.69 -99.99 -27.95
N ALA PC 420 -51.99 -99.40 -26.80
CA ALA PC 420 -51.26 -98.23 -26.34
C ALA PC 420 -49.77 -98.51 -26.24
N ALA PC 421 -48.96 -97.53 -26.64
CA ALA PC 421 -47.50 -97.68 -26.60
C ALA PC 421 -46.85 -96.47 -25.95
N ASP PC 422 -45.52 -96.48 -25.90
CA ASP PC 422 -44.77 -95.37 -25.31
C ASP PC 422 -43.39 -95.25 -25.95
N GLY PC 423 -42.88 -94.02 -25.98
CA GLY PC 423 -41.57 -93.79 -26.56
C GLY PC 423 -41.45 -94.35 -27.97
N ALA PC 424 -40.25 -94.30 -28.53
CA ALA PC 424 -40.01 -94.81 -29.87
C ALA PC 424 -40.12 -96.34 -29.91
N ILE PC 425 -40.80 -96.85 -30.92
CA ILE PC 425 -40.98 -98.28 -31.08
C ILE PC 425 -41.29 -98.65 -32.53
N GLU PC 426 -41.33 -99.95 -32.81
CA GLU PC 426 -41.62 -100.42 -34.16
C GLU PC 426 -42.64 -101.54 -34.13
N GLU PC 427 -43.54 -101.55 -35.10
CA GLU PC 427 -44.59 -102.57 -35.20
C GLU PC 427 -44.21 -103.64 -36.20
N LYS PC 428 -44.47 -104.90 -35.86
CA LYS PC 428 -44.16 -106.02 -36.75
C LYS PC 428 -45.26 -107.08 -36.71
N VAL PC 429 -46.01 -107.18 -37.80
CA VAL PC 429 -47.10 -108.14 -37.89
C VAL PC 429 -46.59 -109.49 -38.42
N SER PC 430 -47.11 -110.57 -37.86
CA SER PC 430 -46.72 -111.91 -38.27
C SER PC 430 -47.93 -112.82 -38.43
N GLN PC 431 -48.01 -113.52 -39.56
CA GLN PC 431 -49.12 -114.41 -39.81
C GLN PC 431 -48.64 -115.86 -39.91
N SER PC 432 -48.68 -116.57 -38.79
CA SER PC 432 -48.26 -117.97 -38.75
C SER PC 432 -49.31 -118.88 -39.37
N ALA PC 433 -50.47 -118.31 -39.68
CA ALA PC 433 -51.55 -119.09 -40.29
C ALA PC 433 -52.74 -118.19 -40.60
N GLY PC 434 -53.63 -118.66 -41.49
CA GLY PC 434 -54.82 -117.93 -41.90
C GLY PC 434 -55.86 -117.84 -40.79
N THR PC 435 -55.62 -116.93 -39.85
CA THR PC 435 -56.54 -116.77 -38.73
C THR PC 435 -55.85 -116.28 -37.48
N LEU PC 436 -54.57 -116.59 -37.34
CA LEU PC 436 -53.80 -116.17 -36.18
C LEU PC 436 -52.95 -114.95 -36.49
N SER PC 437 -53.23 -113.85 -35.82
CA SER PC 437 -52.51 -112.60 -36.02
C SER PC 437 -51.61 -112.30 -34.83
N TRP PC 438 -50.48 -111.65 -35.09
CA TRP PC 438 -49.53 -111.29 -34.05
C TRP PC 438 -48.93 -109.91 -34.30
N ARG PC 439 -48.54 -109.23 -33.21
CA ARG PC 439 -47.94 -107.91 -33.32
C ARG PC 439 -46.73 -107.78 -32.39
N LEU PC 440 -45.54 -107.83 -32.97
CA LEU PC 440 -44.30 -107.72 -32.19
C LEU PC 440 -43.92 -106.26 -32.00
N TYR PC 477 -14.43 -88.96 -2.71
CA TYR PC 477 -13.11 -89.18 -3.33
C TYR PC 477 -12.83 -90.66 -3.42
N ARG PC 478 -13.72 -91.34 -4.15
CA ARG PC 478 -13.54 -92.74 -4.56
C ARG PC 478 -14.55 -93.04 -5.66
N GLY PC 479 -14.12 -93.79 -6.67
CA GLY PC 479 -14.97 -94.03 -7.83
C GLY PC 479 -14.57 -95.22 -8.69
N LYS PC 480 -15.43 -95.60 -9.65
CA LYS PC 480 -15.03 -96.49 -10.74
C LYS PC 480 -13.88 -95.89 -11.54
N ARG PC 481 -13.06 -96.77 -12.10
CA ARG PC 481 -11.98 -96.45 -13.04
C ARG PC 481 -12.46 -96.18 -14.43
N VAL PC 482 -11.78 -95.25 -15.06
CA VAL PC 482 -12.23 -94.61 -16.27
C VAL PC 482 -11.03 -94.21 -17.14
N SER PC 483 -11.33 -93.81 -18.37
CA SER PC 483 -10.35 -93.15 -19.23
C SER PC 483 -11.03 -91.91 -19.77
N PHE PC 484 -10.46 -90.76 -19.42
CA PHE PC 484 -10.91 -89.45 -19.88
C PHE PC 484 -10.22 -88.94 -21.09
N GLU PC 485 -10.92 -88.87 -22.20
CA GLU PC 485 -10.38 -88.29 -23.39
C GLU PC 485 -11.26 -87.12 -23.77
N PHE PC 486 -10.69 -85.91 -23.69
CA PHE PC 486 -11.32 -84.62 -24.02
C PHE PC 486 -10.52 -83.80 -24.97
N LYS PC 487 -10.96 -83.76 -26.22
CA LYS PC 487 -10.28 -82.99 -27.26
C LYS PC 487 -10.98 -81.69 -27.56
N ASP PC 488 -10.57 -80.64 -26.84
CA ASP PC 488 -11.03 -79.26 -27.09
C ASP PC 488 -12.54 -79.23 -26.79
N ILE PC 489 -12.85 -79.32 -25.49
CA ILE PC 489 -14.25 -79.31 -25.00
C ILE PC 489 -14.42 -78.40 -23.80
N ASP PC 490 -15.61 -77.86 -23.67
CA ASP PC 490 -15.94 -77.01 -22.53
C ASP PC 490 -15.84 -77.79 -21.23
N ILE PC 491 -15.17 -77.22 -20.23
CA ILE PC 491 -15.08 -77.88 -18.91
C ILE PC 491 -16.47 -78.13 -18.34
N GLN PC 492 -17.44 -77.27 -18.66
CA GLN PC 492 -18.85 -77.47 -18.35
C GLN PC 492 -19.42 -78.75 -18.96
N ASN PC 493 -19.06 -79.03 -20.21
CA ASN PC 493 -19.41 -80.30 -20.81
C ASN PC 493 -18.72 -81.43 -20.08
N LEU PC 494 -17.40 -81.37 -19.84
CA LEU PC 494 -16.73 -82.46 -19.12
C LEU PC 494 -17.38 -82.71 -17.77
N LEU PC 495 -17.70 -81.64 -17.08
CA LEU PC 495 -18.43 -81.72 -15.85
C LEU PC 495 -19.76 -82.49 -15.97
N ARG PC 496 -20.64 -82.09 -16.89
CA ARG PC 496 -21.96 -82.72 -17.07
C ARG PC 496 -21.84 -84.16 -17.41
N VAL PC 497 -20.93 -84.43 -18.34
CA VAL PC 497 -20.57 -85.77 -18.72
C VAL PC 497 -20.20 -86.53 -17.45
N ILE PC 498 -19.33 -85.94 -16.63
CA ILE PC 498 -18.95 -86.53 -15.37
C ILE PC 498 -20.20 -86.66 -14.46
N ALA PC 499 -21.17 -85.76 -14.39
CA ALA PC 499 -22.43 -86.08 -13.67
C ALA PC 499 -23.31 -87.19 -14.31
N GLU PC 500 -23.34 -87.33 -15.64
CA GLU PC 500 -24.11 -88.35 -16.37
C GLU PC 500 -23.60 -89.79 -16.19
N ILE PC 501 -22.38 -89.90 -15.70
CA ILE PC 501 -21.70 -91.12 -15.32
C ILE PC 501 -21.86 -91.36 -13.76
N SER PC 502 -22.78 -90.69 -13.01
CA SER PC 502 -23.09 -90.93 -11.55
C SER PC 502 -21.99 -90.52 -10.58
N LYS PC 503 -21.05 -89.77 -11.13
CA LYS PC 503 -20.02 -89.07 -10.41
C LYS PC 503 -20.60 -87.80 -9.87
N LYS PC 504 -21.48 -88.01 -8.87
CA LYS PC 504 -22.34 -86.99 -8.28
C LYS PC 504 -23.34 -86.45 -9.29
N ASN PC 505 -24.14 -85.49 -8.85
CA ASN PC 505 -24.68 -84.49 -9.75
C ASN PC 505 -23.77 -83.28 -9.70
N ILE PC 506 -23.02 -83.03 -10.77
CA ILE PC 506 -22.17 -81.85 -10.84
C ILE PC 506 -22.91 -80.70 -11.53
N VAL PC 507 -22.81 -79.48 -10.96
CA VAL PC 507 -23.29 -78.21 -11.55
C VAL PC 507 -22.21 -77.14 -11.40
N VAL PC 508 -21.89 -76.42 -12.49
CA VAL PC 508 -20.96 -75.27 -12.38
C VAL PC 508 -21.70 -74.04 -11.82
N ALA PC 509 -21.00 -72.92 -11.59
CA ALA PC 509 -21.56 -71.58 -11.80
C ALA PC 509 -21.98 -71.38 -13.29
N ASP PC 510 -22.21 -70.17 -13.78
CA ASP PC 510 -22.44 -70.00 -15.23
C ASP PC 510 -21.08 -69.98 -15.96
N ASP PC 511 -20.39 -68.83 -15.89
CA ASP PC 511 -19.13 -68.66 -16.63
C ASP PC 511 -17.93 -69.02 -15.75
N VAL PC 512 -17.56 -70.29 -15.84
CA VAL PC 512 -16.45 -70.83 -15.08
C VAL PC 512 -15.09 -70.56 -15.73
N SER PC 513 -14.95 -70.69 -17.05
CA SER PC 513 -13.59 -70.77 -17.64
C SER PC 513 -13.68 -70.77 -19.16
N GLY PC 514 -13.74 -71.96 -19.76
CA GLY PC 514 -13.80 -72.17 -21.18
C GLY PC 514 -13.63 -73.65 -21.48
N LYS PC 515 -12.76 -73.86 -22.47
CA LYS PC 515 -12.45 -75.15 -23.07
C LYS PC 515 -11.08 -75.68 -22.65
N VAL PC 516 -10.96 -77.00 -22.46
CA VAL PC 516 -9.69 -77.68 -22.14
C VAL PC 516 -9.52 -78.99 -22.91
N THR PC 517 -8.26 -79.40 -23.02
CA THR PC 517 -7.85 -80.71 -23.52
C THR PC 517 -7.09 -81.54 -22.49
N ILE PC 518 -7.58 -82.76 -22.23
CA ILE PC 518 -6.88 -83.78 -21.42
C ILE PC 518 -7.10 -85.16 -22.04
N ARG PC 519 -6.20 -86.13 -21.78
CA ARG PC 519 -6.37 -87.56 -22.09
C ARG PC 519 -5.74 -88.54 -21.12
N LEU PC 520 -6.62 -89.14 -20.35
CA LEU PC 520 -6.31 -90.00 -19.24
C LEU PC 520 -6.64 -91.43 -19.61
N ARG PC 521 -5.87 -92.35 -19.02
CA ARG PC 521 -6.24 -93.76 -19.03
C ARG PC 521 -6.12 -94.36 -17.63
N ASN PC 522 -7.01 -95.28 -17.33
CA ASN PC 522 -7.02 -96.06 -16.09
C ASN PC 522 -7.08 -95.21 -14.81
N VAL PC 523 -7.79 -94.09 -14.80
CA VAL PC 523 -7.86 -93.19 -13.64
C VAL PC 523 -9.27 -93.24 -13.11
N PRO PC 524 -9.56 -93.53 -11.84
CA PRO PC 524 -10.83 -93.21 -11.22
C PRO PC 524 -11.15 -91.76 -11.40
N TRP PC 525 -12.42 -91.53 -11.62
CA TRP PC 525 -12.83 -90.24 -12.05
C TRP PC 525 -12.63 -89.08 -11.09
N ASP PC 526 -12.83 -89.35 -9.81
CA ASP PC 526 -12.82 -88.37 -8.72
C ASP PC 526 -11.43 -87.79 -8.55
N GLN PC 527 -10.48 -88.60 -8.98
CA GLN PC 527 -9.16 -88.18 -9.24
C GLN PC 527 -9.00 -87.48 -10.59
N ALA PC 528 -9.45 -88.07 -11.71
CA ALA PC 528 -9.33 -87.39 -13.00
C ALA PC 528 -9.91 -85.97 -12.95
N LEU PC 529 -10.96 -85.78 -12.14
CA LEU PC 529 -11.51 -84.51 -11.68
C LEU PC 529 -10.49 -83.63 -10.95
N ASP PC 530 -9.94 -84.04 -9.78
CA ASP PC 530 -8.95 -83.21 -9.04
C ASP PC 530 -7.82 -82.71 -9.94
N LEU PC 531 -7.45 -83.64 -10.77
CA LEU PC 531 -6.49 -83.47 -11.82
C LEU PC 531 -6.97 -82.49 -12.92
N VAL PC 532 -8.27 -82.48 -13.28
CA VAL PC 532 -8.86 -81.55 -14.27
C VAL PC 532 -8.85 -80.12 -13.75
N LEU PC 533 -9.22 -79.95 -12.47
CA LEU PC 533 -9.14 -78.70 -11.71
C LEU PC 533 -7.79 -78.01 -11.89
N ARG PC 534 -6.72 -78.77 -11.60
CA ARG PC 534 -5.31 -78.30 -11.74
C ARG PC 534 -4.82 -77.94 -13.13
N THR PC 535 -5.47 -78.53 -14.14
CA THR PC 535 -5.14 -78.22 -15.53
C THR PC 535 -5.35 -76.73 -15.82
N LYS PC 536 -6.60 -76.31 -15.74
CA LYS PC 536 -7.10 -74.97 -16.09
C LYS PC 536 -8.23 -74.57 -15.17
N ALA PC 537 -8.97 -75.66 -14.95
CA ALA PC 537 -10.28 -75.68 -14.44
C ALA PC 537 -10.24 -75.30 -12.97
N LEU PC 538 -11.39 -75.53 -12.39
CA LEU PC 538 -11.88 -74.80 -11.25
C LEU PC 538 -11.39 -75.40 -9.93
N GLY PC 539 -11.95 -74.99 -8.80
CA GLY PC 539 -12.05 -75.85 -7.60
C GLY PC 539 -13.47 -76.37 -7.41
N LYS PC 540 -13.63 -77.50 -6.71
CA LYS PC 540 -14.96 -78.10 -6.43
C LYS PC 540 -15.35 -77.94 -4.95
N GLU PC 541 -16.61 -77.61 -4.72
CA GLU PC 541 -17.28 -77.64 -3.41
C GLU PC 541 -18.53 -78.52 -3.46
N GLU PC 542 -18.68 -79.47 -2.54
CA GLU PC 542 -19.84 -80.36 -2.52
C GLU PC 542 -20.86 -79.98 -1.44
N PHE PC 543 -22.11 -79.80 -1.86
CA PHE PC 543 -23.26 -79.73 -0.96
C PHE PC 543 -23.67 -81.06 -0.33
N GLY PC 544 -23.53 -82.12 -1.12
CA GLY PC 544 -23.61 -83.54 -0.74
C GLY PC 544 -24.19 -84.35 -1.89
N ASN PC 545 -25.45 -84.07 -2.23
CA ASN PC 545 -26.10 -84.64 -3.41
C ASN PC 545 -25.62 -84.01 -4.73
N ILE PC 546 -25.63 -82.68 -4.72
CA ILE PC 546 -25.09 -81.86 -5.80
C ILE PC 546 -23.73 -81.33 -5.35
N ILE PC 547 -22.88 -81.03 -6.32
CA ILE PC 547 -21.61 -80.35 -6.10
C ILE PC 547 -21.61 -79.09 -6.96
N ARG PC 548 -21.14 -77.96 -6.43
CA ARG PC 548 -20.91 -76.75 -7.20
C ARG PC 548 -19.45 -76.57 -7.53
N ILE PC 549 -19.20 -76.22 -8.78
CA ILE PC 549 -17.86 -75.91 -9.26
C ILE PC 549 -17.79 -74.46 -9.69
N ALA PC 550 -16.80 -73.76 -9.16
CA ALA PC 550 -16.68 -72.33 -9.39
C ALA PC 550 -15.30 -71.91 -9.89
N PRO PC 551 -15.25 -70.80 -10.64
CA PRO PC 551 -14.05 -70.07 -11.08
C PRO PC 551 -13.37 -69.32 -9.92
N ASP PC 574 -1.48 -84.18 -26.63
CA ASP PC 574 -2.17 -84.46 -25.39
C ASP PC 574 -1.32 -84.39 -24.12
N LEU PC 575 -2.10 -84.08 -23.10
CA LEU PC 575 -1.76 -84.34 -21.73
C LEU PC 575 -2.31 -85.66 -21.44
N MET PC 576 -1.58 -86.30 -20.57
CA MET PC 576 -2.05 -87.57 -20.15
C MET PC 576 -1.80 -87.83 -18.72
N VAL PC 577 -2.61 -88.81 -18.33
CA VAL PC 577 -2.52 -89.38 -17.03
C VAL PC 577 -2.23 -90.83 -17.15
N ASN PC 578 -1.31 -91.20 -16.29
CA ASN PC 578 -0.79 -92.52 -16.16
C ASN PC 578 -0.62 -92.80 -14.66
N LEU PC 579 -0.99 -94.02 -14.30
CA LEU PC 579 -0.77 -94.60 -12.97
C LEU PC 579 0.58 -95.31 -13.02
N LEU PC 580 1.43 -94.98 -12.08
CA LEU PC 580 2.69 -95.66 -11.81
C LEU PC 580 2.46 -96.58 -10.60
N PRO PC 581 2.57 -97.91 -10.71
CA PRO PC 581 2.70 -98.71 -9.50
C PRO PC 581 4.07 -98.43 -8.88
N VAL PC 582 4.12 -98.36 -7.56
CA VAL PC 582 5.36 -98.40 -6.78
C VAL PC 582 5.34 -99.70 -6.00
N ASN PC 583 6.02 -100.73 -6.51
CA ASN PC 583 5.99 -102.02 -5.82
C ASN PC 583 6.87 -102.01 -4.57
N TYR PC 584 8.07 -101.43 -4.68
CA TYR PC 584 9.11 -101.63 -3.68
C TYR PC 584 9.24 -100.52 -2.63
N ALA PC 585 9.27 -99.28 -3.08
CA ALA PC 585 9.41 -98.12 -2.19
C ALA PC 585 8.05 -97.60 -1.68
N VAL PC 586 8.08 -96.76 -0.65
CA VAL PC 586 6.91 -95.97 -0.25
C VAL PC 586 6.78 -94.75 -1.17
N ALA PC 587 5.55 -94.39 -1.53
CA ALA PC 587 5.28 -93.27 -2.44
C ALA PC 587 5.78 -91.90 -1.88
N ALA PC 588 5.67 -91.70 -0.56
CA ALA PC 588 6.08 -90.46 0.10
C ALA PC 588 7.58 -90.15 -0.01
N ASP PC 589 8.44 -91.16 -0.12
CA ASP PC 589 9.89 -90.98 -0.28
C ASP PC 589 10.27 -90.37 -1.64
N MET PC 590 9.45 -90.63 -2.67
CA MET PC 590 9.55 -89.95 -3.98
C MET PC 590 9.18 -88.47 -3.92
N ALA PC 591 8.38 -88.03 -2.95
CA ALA PC 591 7.75 -86.71 -2.94
C ALA PC 591 8.76 -85.57 -3.03
N ALA PC 592 9.90 -85.67 -2.35
CA ALA PC 592 10.98 -84.67 -2.41
C ALA PC 592 11.50 -84.47 -3.86
N ARG PC 593 11.88 -85.56 -4.51
CA ARG PC 593 12.40 -85.54 -5.90
C ARG PC 593 11.37 -85.15 -6.94
N VAL PC 594 10.15 -85.66 -6.78
CA VAL PC 594 9.06 -85.38 -7.72
C VAL PC 594 8.65 -83.92 -7.63
N LYS PC 595 8.55 -83.34 -6.41
CA LYS PC 595 8.30 -81.92 -6.19
C LYS PC 595 9.39 -81.08 -6.86
N ASP PC 596 10.63 -81.53 -6.77
CA ASP PC 596 11.78 -80.85 -7.37
C ASP PC 596 11.82 -80.81 -8.92
N VAL PC 597 11.32 -81.84 -9.65
CA VAL PC 597 11.10 -81.67 -11.11
C VAL PC 597 10.03 -80.61 -11.40
N LEU PC 598 8.88 -80.65 -10.71
CA LEU PC 598 7.76 -79.77 -11.04
C LEU PC 598 8.19 -78.31 -11.04
N SER PC 599 8.95 -77.89 -10.02
CA SER PC 599 9.28 -76.48 -9.81
C SER PC 599 7.98 -75.64 -9.84
N GLU PC 600 7.96 -74.53 -10.56
CA GLU PC 600 6.78 -73.73 -10.92
C GLU PC 600 6.09 -74.21 -12.22
N ARG PC 601 6.23 -75.50 -12.57
CA ARG PC 601 5.49 -76.08 -13.69
C ARG PC 601 4.18 -76.75 -13.27
N GLY PC 602 3.53 -77.03 -14.39
CA GLY PC 602 2.27 -77.70 -14.58
C GLY PC 602 2.42 -79.06 -15.13
N SER PC 603 1.47 -79.80 -14.67
CA SER PC 603 1.79 -81.06 -14.06
C SER PC 603 1.42 -81.05 -12.61
N VAL PC 604 1.09 -82.24 -12.17
CA VAL PC 604 0.98 -82.58 -10.79
C VAL PC 604 1.18 -84.08 -10.59
N THR PC 605 1.38 -84.40 -9.33
CA THR PC 605 1.47 -85.75 -8.81
C THR PC 605 0.44 -85.92 -7.67
N VAL PC 606 -0.30 -87.03 -7.68
CA VAL PC 606 -1.25 -87.44 -6.65
C VAL PC 606 -0.85 -88.79 -6.09
N ASP PC 607 -0.83 -88.88 -4.77
CA ASP PC 607 -0.52 -90.11 -4.07
C ASP PC 607 -1.83 -90.80 -3.64
N GLN PC 608 -2.10 -91.94 -4.24
CA GLN PC 608 -3.22 -92.78 -3.81
C GLN PC 608 -2.79 -93.68 -2.65
N ARG PC 609 -3.79 -94.07 -1.83
CA ARG PC 609 -3.57 -94.85 -0.60
C ARG PC 609 -2.89 -96.20 -0.78
N THR PC 610 -3.13 -96.85 -1.92
CA THR PC 610 -2.55 -98.16 -2.25
C THR PC 610 -1.13 -98.03 -2.82
N ASN PC 611 -0.37 -97.00 -2.43
CA ASN PC 611 1.01 -96.69 -2.86
C ASN PC 611 1.19 -96.77 -4.39
N VAL PC 612 0.32 -96.05 -5.09
CA VAL PC 612 0.49 -95.74 -6.51
C VAL PC 612 0.57 -94.24 -6.70
N LEU PC 613 1.51 -93.79 -7.53
CA LEU PC 613 1.54 -92.40 -7.95
C LEU PC 613 0.70 -92.22 -9.20
N ILE PC 614 0.05 -91.05 -9.27
CA ILE PC 614 -0.63 -90.62 -10.49
C ILE PC 614 -0.19 -89.25 -10.88
N VAL PC 615 0.14 -89.12 -12.16
CA VAL PC 615 0.58 -87.87 -12.76
C VAL PC 615 -0.37 -87.36 -13.83
N LYS PC 616 -0.84 -86.11 -13.77
CA LYS PC 616 -1.28 -85.42 -15.00
C LYS PC 616 -0.16 -84.51 -15.36
N ASP PC 617 -0.02 -84.36 -16.66
CA ASP PC 617 0.82 -83.36 -17.29
C ASP PC 617 0.86 -83.54 -18.79
N VAL PC 618 1.61 -82.64 -19.44
CA VAL PC 618 2.15 -82.91 -20.76
C VAL PC 618 2.85 -84.28 -20.76
N ARG PC 619 2.88 -84.94 -21.93
CA ARG PC 619 3.66 -86.17 -22.08
C ARG PC 619 5.12 -86.02 -21.62
N SER PC 620 5.77 -84.89 -21.96
CA SER PC 620 7.20 -84.70 -21.65
C SER PC 620 7.49 -84.62 -20.15
N ASN PC 621 6.65 -83.95 -19.36
CA ASN PC 621 6.76 -83.98 -17.88
C ASN PC 621 6.32 -85.34 -17.29
N THR PC 622 5.30 -86.02 -17.85
CA THR PC 622 4.95 -87.41 -17.46
C THR PC 622 6.13 -88.38 -17.61
N GLU PC 623 6.79 -88.31 -18.78
CA GLU PC 623 7.91 -89.16 -19.11
C GLU PC 623 9.03 -89.01 -18.09
N ARG PC 624 9.40 -87.75 -17.76
CA ARG PC 624 10.40 -87.46 -16.74
C ARG PC 624 10.01 -88.05 -15.39
N ALA PC 625 8.81 -87.75 -14.92
CA ALA PC 625 8.32 -88.26 -13.64
C ALA PC 625 8.32 -89.80 -13.60
N ARG PC 626 7.87 -90.49 -14.66
CA ARG PC 626 7.94 -91.96 -14.74
C ARG PC 626 9.39 -92.47 -14.65
N SER PC 627 10.29 -91.89 -15.44
CA SER PC 627 11.69 -92.34 -15.47
C SER PC 627 12.33 -92.25 -14.08
N LEU PC 628 12.06 -91.18 -13.32
CA LEU PC 628 12.56 -91.02 -11.95
C LEU PC 628 11.88 -92.00 -10.97
N VAL PC 629 10.55 -92.13 -11.02
CA VAL PC 629 9.80 -93.05 -10.12
C VAL PC 629 10.26 -94.47 -10.35
N ARG PC 630 10.31 -94.94 -11.61
CA ARG PC 630 10.81 -96.29 -11.91
C ARG PC 630 12.28 -96.46 -11.54
N SER PC 631 13.13 -95.46 -11.79
CA SER PC 631 14.56 -95.54 -11.49
C SER PC 631 14.82 -95.71 -9.98
N LEU PC 632 14.12 -94.92 -9.15
CA LEU PC 632 14.16 -95.08 -7.70
C LEU PC 632 13.45 -96.33 -7.20
N ASP PC 633 12.36 -96.75 -7.87
CA ASP PC 633 11.74 -98.02 -7.57
C ASP PC 633 12.87 -99.04 -7.82
N THR PC 634 13.53 -99.10 -9.00
CA THR PC 634 14.56 -100.13 -9.32
C THR PC 634 15.70 -100.40 -8.34
N GLN PC 635 16.19 -99.43 -7.56
CA GLN PC 635 17.16 -99.75 -6.50
C GLN PC 635 16.53 -100.42 -5.25
N THR PC 636 15.27 -100.10 -4.98
CA THR PC 636 14.37 -100.82 -4.07
C THR PC 636 13.99 -102.31 -4.38
N PRO PC 637 13.78 -102.80 -5.64
CA PRO PC 637 13.70 -104.22 -5.98
C PRO PC 637 14.90 -105.10 -5.67
N GLN PC 638 16.14 -104.56 -5.69
CA GLN PC 638 17.25 -105.39 -5.21
C GLN PC 638 17.21 -105.48 -3.69
N VAL PC 639 16.45 -106.47 -3.22
CA VAL PC 639 16.31 -106.78 -1.80
C VAL PC 639 17.43 -107.71 -1.32
N CYS QC 5 -58.65 42.53 -47.39
CA CYS QC 5 -58.92 41.49 -46.40
C CYS QC 5 -60.12 40.63 -46.84
N GLU QC 6 -60.47 39.59 -46.07
CA GLU QC 6 -61.81 39.00 -46.10
C GLU QC 6 -62.60 39.35 -44.82
N GLU QC 7 -63.89 39.58 -45.00
CA GLU QC 7 -64.83 40.17 -44.03
C GLU QC 7 -65.57 39.06 -43.19
N PRO QC 8 -66.58 39.34 -42.33
CA PRO QC 8 -67.09 38.40 -41.32
C PRO QC 8 -67.39 36.95 -41.73
N PRO QC 9 -67.87 36.73 -42.95
CA PRO QC 9 -67.00 36.27 -44.05
C PRO QC 9 -67.11 37.18 -45.27
N ALA QC 10 -66.50 36.76 -46.37
CA ALA QC 10 -66.32 37.63 -47.53
C ALA QC 10 -67.65 37.99 -48.17
N PRO QC 11 -67.60 38.45 -49.41
CA PRO QC 11 -68.82 38.73 -50.18
C PRO QC 11 -69.61 37.45 -50.48
N ALA QC 12 -70.02 37.29 -51.73
CA ALA QC 12 -71.26 36.59 -52.04
C ALA QC 12 -70.99 35.30 -52.82
N PRO QC 13 -69.97 35.35 -53.68
CA PRO QC 13 -69.73 34.26 -54.63
C PRO QC 13 -68.66 33.29 -54.13
N PRO QC 14 -68.81 32.81 -52.91
CA PRO QC 14 -68.86 33.69 -51.73
C PRO QC 14 -67.48 34.18 -51.35
N PRO QC 15 -66.90 35.06 -52.17
CA PRO QC 15 -66.12 34.62 -53.33
C PRO QC 15 -65.15 33.50 -52.97
N ALA QC 16 -64.63 32.81 -53.98
CA ALA QC 16 -63.22 32.43 -54.00
C ALA QC 16 -63.03 31.02 -53.47
N LYS QC 17 -64.05 30.50 -52.78
CA LYS QC 17 -63.92 29.25 -52.04
C LYS QC 17 -63.80 28.06 -52.99
N PRO QC 18 -64.00 28.32 -54.29
CA PRO QC 18 -63.72 27.31 -55.32
C PRO QC 18 -62.24 26.94 -55.38
N LYS QC 19 -61.40 27.75 -54.73
CA LYS QC 19 -59.99 27.42 -54.58
C LYS QC 19 -59.71 26.83 -53.20
N ALA QC 20 -60.09 27.56 -52.16
CA ALA QC 20 -60.00 27.06 -50.80
C ALA QC 20 -60.70 25.72 -50.65
N ALA QC 21 -62.03 25.75 -50.75
CA ALA QC 21 -62.83 24.52 -50.67
C ALA QC 21 -62.92 23.84 -52.02
N ALA QC 22 -61.78 23.67 -52.69
CA ALA QC 22 -61.63 22.63 -53.69
C ALA QC 22 -60.19 22.10 -53.71
N ALA QC 23 -59.28 22.84 -53.10
CA ALA QC 23 -57.98 22.30 -52.73
C ALA QC 23 -57.98 21.79 -51.29
N VAL QC 24 -58.97 22.21 -50.52
CA VAL QC 24 -59.52 21.39 -49.45
C VAL QC 24 -60.41 20.28 -50.00
N PRO QC 25 -61.68 20.29 -49.60
CA PRO QC 25 -62.27 19.16 -48.89
C PRO QC 25 -61.73 17.83 -49.40
N VAL QC 26 -60.44 17.59 -49.20
CA VAL QC 26 -59.88 17.43 -47.87
C VAL QC 26 -58.86 16.29 -47.82
N LYS QC 27 -59.37 15.06 -47.76
CA LYS QC 27 -60.60 14.71 -48.44
C LYS QC 27 -61.72 14.39 -47.45
N ALA QC 28 -61.78 15.17 -46.38
CA ALA QC 28 -62.22 14.66 -45.09
C ALA QC 28 -61.66 13.27 -44.82
N ALA QC 29 -62.11 12.28 -45.59
CA ALA QC 29 -62.73 11.10 -45.02
C ALA QC 29 -64.17 11.37 -44.59
N PRO QC 30 -64.33 11.99 -43.43
CA PRO QC 30 -63.44 11.72 -42.29
C PRO QC 30 -63.53 10.28 -41.82
N THR QC 31 -62.42 9.74 -41.32
CA THR QC 31 -62.29 8.29 -41.12
C THR QC 31 -62.70 8.01 -39.68
N GLU QC 32 -64.01 7.96 -39.50
CA GLU QC 32 -64.79 7.51 -38.33
C GLU QC 32 -64.53 6.05 -37.88
N THR QC 33 -63.26 5.68 -37.74
CA THR QC 33 -62.76 4.43 -38.27
C THR QC 33 -61.98 3.65 -37.21
N GLY QC 34 -60.66 3.80 -37.21
CA GLY QC 34 -59.77 2.68 -37.04
C GLY QC 34 -59.33 2.51 -35.59
N ALA QC 35 -60.21 1.93 -34.79
CA ALA QC 35 -60.18 2.15 -33.35
C ALA QC 35 -59.53 0.97 -32.63
N GLN QC 36 -60.28 0.33 -31.74
CA GLN QC 36 -59.72 -0.66 -30.82
C GLN QC 36 -60.46 -1.98 -30.91
N ALA QC 37 -59.71 -3.09 -30.82
CA ALA QC 37 -59.66 -4.08 -31.88
C ALA QC 37 -60.03 -5.47 -31.35
N ALA QC 38 -61.06 -6.06 -31.93
CA ALA QC 38 -61.58 -7.33 -31.44
C ALA QC 38 -60.56 -8.45 -31.61
N PRO QC 39 -59.85 -8.43 -32.73
CA PRO QC 39 -59.42 -9.66 -33.40
C PRO QC 39 -60.51 -10.74 -33.37
N SER QC 40 -60.12 -11.98 -33.60
CA SER QC 40 -60.96 -13.12 -33.28
C SER QC 40 -60.14 -14.40 -33.17
N TYR QC 41 -60.81 -15.49 -32.80
CA TYR QC 41 -60.25 -16.44 -31.84
C TYR QC 41 -60.76 -17.85 -32.11
N SER QC 42 -59.89 -18.84 -31.89
CA SER QC 42 -60.16 -20.21 -32.30
C SER QC 42 -60.40 -21.10 -31.09
N TYR QC 43 -60.69 -22.37 -31.34
CA TYR QC 43 -61.23 -23.26 -30.33
C TYR QC 43 -60.53 -24.61 -30.33
N VAL QC 44 -60.69 -25.36 -29.24
CA VAL QC 44 -59.93 -26.59 -29.04
C VAL QC 44 -60.67 -27.54 -28.11
N TYR QC 45 -60.19 -28.78 -28.03
CA TYR QC 45 -59.97 -29.59 -29.22
C TYR QC 45 -60.25 -31.06 -28.95
N ASN QC 46 -59.72 -31.93 -29.81
CA ASN QC 46 -60.44 -33.13 -30.22
C ASN QC 46 -59.68 -34.41 -29.88
N PRO QC 47 -59.97 -34.97 -28.71
CA PRO QC 47 -59.44 -36.28 -28.34
C PRO QC 47 -60.38 -37.03 -27.41
N VAL QC 48 -60.76 -38.24 -27.81
CA VAL QC 48 -60.53 -39.43 -26.98
C VAL QC 48 -59.20 -40.08 -27.32
N GLY QC 49 -58.37 -40.28 -26.30
CA GLY QC 49 -57.21 -41.16 -26.41
C GLY QC 49 -57.62 -42.62 -26.51
N LYS QC 50 -56.68 -43.46 -26.94
CA LYS QC 50 -56.86 -44.91 -26.88
C LYS QC 50 -55.87 -45.53 -25.88
N ARG QC 51 -56.28 -46.67 -25.31
CA ARG QC 51 -55.34 -47.52 -24.58
C ARG QC 51 -54.95 -48.74 -25.40
N ASP QC 52 -53.65 -48.96 -25.54
CA ASP QC 52 -53.03 -50.17 -24.98
C ASP QC 52 -52.25 -49.84 -23.71
N PRO QC 53 -50.95 -49.59 -23.85
CA PRO QC 53 -50.30 -48.54 -23.11
C PRO QC 53 -51.19 -47.33 -22.74
N PHE QC 54 -51.08 -46.74 -21.55
CA PHE QC 54 -49.97 -46.90 -20.61
C PHE QC 54 -50.36 -47.82 -19.43
N ARG QC 55 -51.44 -48.62 -19.50
CA ARG QC 55 -51.83 -49.48 -18.36
C ARG QC 55 -50.78 -50.53 -18.04
N SER QC 56 -50.48 -51.45 -18.96
CA SER QC 56 -49.41 -52.42 -18.72
C SER QC 56 -48.03 -51.83 -18.33
N PRO QC 57 -47.49 -50.81 -19.02
CA PRO QC 57 -46.20 -50.24 -18.65
C PRO QC 57 -46.16 -49.38 -17.36
N ILE QC 58 -47.24 -49.25 -16.57
CA ILE QC 58 -47.18 -48.70 -15.20
C ILE QC 58 -48.07 -49.47 -14.21
N ASP QC 59 -49.33 -49.70 -14.54
CA ASP QC 59 -50.32 -50.43 -13.73
C ASP QC 59 -49.93 -51.93 -13.52
N GLU QC 60 -49.13 -52.51 -14.44
CA GLU QC 60 -48.62 -53.90 -14.38
C GLU QC 60 -47.10 -53.99 -14.16
N LEU QC 61 -46.33 -52.98 -14.61
CA LEU QC 61 -44.88 -52.88 -14.35
C LEU QC 61 -44.55 -52.45 -12.90
N GLY QC 62 -45.39 -51.61 -12.25
CA GLY QC 62 -45.19 -51.19 -10.86
C GLY QC 62 -45.27 -52.34 -9.82
N PRO QC 63 -46.13 -53.36 -10.03
CA PRO QC 63 -46.24 -54.64 -9.32
C PRO QC 63 -45.07 -55.66 -9.45
N VAL QC 64 -44.76 -56.77 -10.63
CA VAL QC 64 -44.02 -58.05 -10.63
C VAL QC 64 -43.97 -58.63 -12.04
N ASN QC 65 -42.85 -59.08 -12.66
CA ASN QC 65 -42.76 -59.34 -14.08
C ASN QC 65 -41.97 -60.63 -14.31
N ALA QC 66 -42.61 -61.57 -15.01
CA ALA QC 66 -41.98 -62.81 -15.46
C ALA QC 66 -42.35 -63.04 -16.92
N ASN QC 67 -41.41 -63.58 -17.69
CA ASN QC 67 -41.61 -63.91 -19.11
C ASN QC 67 -41.34 -65.41 -19.34
N PRO QC 68 -42.34 -66.28 -19.06
CA PRO QC 68 -42.16 -67.74 -18.97
C PRO QC 68 -41.50 -68.41 -20.18
N VAL QC 69 -40.75 -69.47 -19.88
CA VAL QC 69 -40.24 -70.42 -20.88
C VAL QC 69 -41.30 -71.45 -21.31
N ALA QC 70 -41.56 -71.51 -22.61
CA ALA QC 70 -42.32 -72.60 -23.26
C ALA QC 70 -41.83 -72.94 -24.67
N ALA QC 71 -41.00 -72.08 -25.27
CA ALA QC 71 -40.36 -71.79 -26.55
C ALA QC 71 -39.69 -73.00 -27.21
N CYS QC 72 -39.17 -72.80 -28.41
CA CYS QC 72 -38.14 -73.65 -28.98
C CYS QC 72 -36.77 -73.50 -28.29
N ASN QC 73 -36.07 -74.61 -28.11
CA ASN QC 73 -34.60 -74.48 -28.05
C ASN QC 73 -33.79 -75.75 -28.45
N GLU QC 74 -34.13 -76.51 -29.50
CA GLU QC 74 -33.77 -77.95 -29.43
C GLU QC 74 -32.83 -78.34 -30.60
N PRO QC 75 -31.51 -78.41 -30.34
CA PRO QC 75 -30.51 -77.90 -31.26
C PRO QC 75 -30.10 -78.96 -32.29
N LEU QC 76 -29.62 -80.12 -31.84
CA LEU QC 76 -28.94 -81.06 -32.72
C LEU QC 76 -29.93 -81.81 -33.61
N CYS QC 77 -31.19 -81.94 -33.19
CA CYS QC 77 -32.27 -82.39 -34.07
C CYS QC 77 -32.66 -81.39 -35.18
N SER QC 78 -32.03 -80.21 -35.22
CA SER QC 78 -32.08 -79.25 -36.32
C SER QC 78 -30.83 -79.25 -37.22
N PHE QC 79 -29.82 -80.11 -36.97
CA PHE QC 79 -28.58 -80.23 -37.76
C PHE QC 79 -28.26 -81.69 -38.19
N ASP QC 80 -27.64 -81.88 -39.33
CA ASP QC 80 -27.46 -83.23 -39.93
C ASP QC 80 -26.27 -83.99 -39.31
N LEU QC 81 -26.35 -85.33 -39.24
CA LEU QC 81 -25.47 -86.13 -38.36
C LEU QC 81 -24.00 -86.14 -38.78
N ASP QC 82 -23.73 -86.14 -40.08
CA ASP QC 82 -22.40 -86.13 -40.67
C ASP QC 82 -21.72 -84.73 -40.49
N GLN QC 83 -22.46 -83.71 -40.03
CA GLN QC 83 -21.91 -82.41 -39.65
C GLN QC 83 -21.29 -82.46 -38.23
N LEU QC 84 -21.69 -83.40 -37.38
CA LEU QC 84 -21.29 -83.51 -35.97
C LEU QC 84 -19.98 -84.28 -35.80
N LYS QC 85 -19.09 -83.81 -34.91
CA LYS QC 85 -17.73 -84.38 -34.72
C LYS QC 85 -17.49 -84.83 -33.28
N LEU QC 86 -17.03 -86.07 -33.07
CA LEU QC 86 -16.79 -86.58 -31.73
C LEU QC 86 -15.55 -85.95 -31.09
N VAL QC 87 -15.75 -85.19 -30.01
CA VAL QC 87 -14.70 -84.47 -29.27
C VAL QC 87 -13.96 -85.40 -28.32
N ALA QC 88 -14.73 -86.14 -27.52
CA ALA QC 88 -14.26 -86.91 -26.38
C ALA QC 88 -15.30 -87.95 -25.95
N VAL QC 89 -14.93 -88.82 -25.01
CA VAL QC 89 -15.83 -89.75 -24.31
C VAL QC 89 -15.45 -89.76 -22.83
N VAL QC 90 -16.47 -89.78 -21.96
CA VAL QC 90 -16.35 -89.95 -20.52
C VAL QC 90 -16.93 -91.31 -20.12
N THR QC 91 -16.32 -92.00 -19.17
CA THR QC 91 -16.81 -93.28 -18.65
C THR QC 91 -16.50 -93.37 -17.16
N GLY QC 92 -17.49 -93.82 -16.40
CA GLY QC 92 -17.44 -94.05 -14.96
C GLY QC 92 -18.77 -94.65 -14.49
N ASP QC 93 -18.97 -94.68 -13.18
CA ASP QC 93 -20.10 -95.34 -12.49
C ASP QC 93 -21.47 -94.79 -12.93
N ALA QC 94 -21.52 -93.52 -13.31
CA ALA QC 94 -22.68 -92.83 -13.90
C ALA QC 94 -23.04 -93.24 -15.35
N SER QC 95 -22.54 -94.38 -15.84
CA SER QC 95 -22.61 -94.90 -17.22
C SER QC 95 -21.78 -94.11 -18.26
N PRO QC 96 -21.32 -94.74 -19.36
CA PRO QC 96 -20.56 -94.05 -20.41
C PRO QC 96 -21.40 -92.98 -21.13
N VAL QC 97 -20.75 -91.85 -21.43
CA VAL QC 97 -21.32 -90.71 -22.16
C VAL QC 97 -20.35 -90.15 -23.21
N ALA QC 98 -20.83 -89.94 -24.43
CA ALA QC 98 -20.09 -89.32 -25.52
C ALA QC 98 -20.18 -87.79 -25.47
N MET QC 99 -19.18 -87.09 -25.98
CA MET QC 99 -19.17 -85.65 -26.16
C MET QC 99 -18.90 -85.29 -27.63
N VAL QC 100 -19.80 -84.49 -28.23
CA VAL QC 100 -19.85 -84.21 -29.67
C VAL QC 100 -20.02 -82.72 -30.00
N GLU QC 101 -19.45 -82.27 -31.10
CA GLU QC 101 -19.32 -80.87 -31.53
C GLU QC 101 -20.22 -80.58 -32.75
N ASP QC 102 -20.95 -79.46 -32.69
CA ASP QC 102 -21.87 -78.97 -33.71
C ASP QC 102 -21.04 -78.39 -34.90
N PRO QC 103 -21.61 -78.21 -36.11
CA PRO QC 103 -21.02 -77.31 -37.12
C PRO QC 103 -21.02 -75.83 -36.66
N ALA QC 104 -21.88 -75.49 -35.70
CA ALA QC 104 -21.87 -74.20 -34.98
C ALA QC 104 -20.85 -74.13 -33.80
N GLY QC 105 -20.03 -75.16 -33.58
CA GLY QC 105 -18.97 -75.18 -32.58
C GLY QC 105 -19.41 -75.36 -31.12
N ARG QC 106 -20.69 -75.62 -30.85
CA ARG QC 106 -21.16 -76.01 -29.51
C ARG QC 106 -20.67 -77.43 -29.17
N GLY QC 107 -20.34 -77.67 -27.89
CA GLY QC 107 -20.26 -79.02 -27.31
C GLY QC 107 -21.59 -79.53 -26.73
N HIS QC 108 -21.86 -80.83 -26.92
CA HIS QC 108 -23.00 -81.57 -26.36
C HIS QC 108 -22.53 -82.83 -25.65
N ILE QC 109 -23.37 -83.40 -24.79
CA ILE QC 109 -23.12 -84.67 -24.12
C ILE QC 109 -24.36 -85.56 -24.29
N VAL QC 110 -24.16 -86.77 -24.80
CA VAL QC 110 -25.23 -87.72 -25.15
C VAL QC 110 -24.74 -89.12 -24.78
N ARG QC 111 -25.68 -90.02 -24.46
CA ARG QC 111 -25.38 -91.38 -23.97
C ARG QC 111 -26.33 -92.43 -24.50
N ARG QC 112 -26.01 -93.71 -24.31
CA ARG QC 112 -26.83 -94.83 -24.81
C ARG QC 112 -28.32 -94.66 -24.43
N ASN QC 113 -29.20 -94.83 -25.42
CA ASN QC 113 -30.65 -94.54 -25.45
C ASN QC 113 -31.06 -93.11 -25.84
N THR QC 114 -30.21 -92.09 -25.68
CA THR QC 114 -30.46 -90.73 -26.20
C THR QC 114 -30.31 -90.58 -27.72
N ARG QC 115 -30.65 -89.40 -28.27
CA ARG QC 115 -30.61 -89.08 -29.70
C ARG QC 115 -29.83 -87.78 -29.97
N MET QC 116 -29.56 -87.55 -31.24
CA MET QC 116 -28.88 -86.40 -31.83
C MET QC 116 -29.27 -86.31 -33.32
N GLY QC 117 -29.11 -85.16 -33.97
CA GLY QC 117 -29.26 -85.04 -35.43
C GLY QC 117 -30.70 -85.04 -35.99
N ARG QC 118 -30.87 -84.55 -37.23
CA ARG QC 118 -32.18 -84.53 -37.92
C ARG QC 118 -32.73 -85.92 -38.21
N GLN QC 119 -31.86 -86.88 -38.53
CA GLN QC 119 -32.25 -88.30 -38.66
C GLN QC 119 -32.44 -89.01 -37.30
N GLY QC 120 -32.47 -88.27 -36.18
CA GLY QC 120 -32.78 -88.80 -34.84
C GLY QC 120 -31.80 -89.87 -34.32
N GLY QC 121 -30.55 -89.82 -34.78
CA GLY QC 121 -29.47 -90.77 -34.53
C GLY QC 121 -29.37 -91.21 -33.07
N LYS QC 122 -29.86 -92.41 -32.78
CA LYS QC 122 -29.93 -92.96 -31.43
C LYS QC 122 -28.58 -93.55 -31.03
N VAL QC 123 -28.02 -93.11 -29.90
CA VAL QC 123 -26.80 -93.71 -29.35
C VAL QC 123 -26.98 -95.16 -28.92
N THR QC 124 -26.22 -96.09 -29.51
CA THR QC 124 -26.36 -97.53 -29.26
C THR QC 124 -25.06 -98.13 -28.69
N GLN QC 125 -23.88 -97.64 -29.05
CA GLN QC 125 -22.58 -98.01 -28.46
C GLN QC 125 -21.71 -96.78 -28.26
N ILE QC 126 -20.77 -96.85 -27.31
CA ILE QC 126 -19.81 -95.78 -27.01
C ILE QC 126 -18.46 -96.46 -26.70
N LEU QC 127 -17.48 -96.29 -27.60
CA LEU QC 127 -16.10 -96.73 -27.41
C LEU QC 127 -15.24 -95.50 -26.99
N ARG QC 128 -13.90 -95.60 -26.99
CA ARG QC 128 -13.00 -94.48 -26.58
C ARG QC 128 -12.58 -93.59 -27.75
N ASP QC 129 -12.67 -94.17 -28.94
CA ASP QC 129 -12.24 -93.68 -30.24
C ASP QC 129 -13.39 -93.35 -31.20
N SER QC 130 -14.60 -93.79 -30.85
CA SER QC 130 -15.73 -93.89 -31.75
C SER QC 130 -17.06 -94.16 -31.03
N VAL QC 131 -18.19 -93.86 -31.68
CA VAL QC 131 -19.55 -93.97 -31.12
C VAL QC 131 -20.50 -94.47 -32.21
N THR QC 132 -20.98 -95.71 -32.07
CA THR QC 132 -22.08 -96.25 -32.88
C THR QC 132 -23.45 -95.70 -32.53
N VAL QC 133 -24.16 -95.21 -33.54
CA VAL QC 133 -25.54 -94.71 -33.47
C VAL QC 133 -26.44 -95.35 -34.54
N THR QC 134 -27.74 -95.41 -34.27
CA THR QC 134 -28.77 -95.80 -35.27
C THR QC 134 -29.61 -94.64 -35.76
N GLU QC 135 -29.46 -94.32 -37.03
CA GLU QC 135 -30.06 -93.16 -37.70
C GLU QC 135 -31.21 -93.60 -38.63
N VAL QC 136 -31.93 -92.62 -39.18
CA VAL QC 136 -33.21 -92.78 -39.89
C VAL QC 136 -33.14 -92.10 -41.27
N PHE QC 137 -32.79 -92.88 -42.31
CA PHE QC 137 -32.62 -92.40 -43.67
C PHE QC 137 -33.74 -92.86 -44.61
N SER QC 138 -34.08 -92.08 -45.64
CA SER QC 138 -35.04 -92.48 -46.68
C SER QC 138 -34.34 -93.19 -47.84
N GLY QC 139 -34.08 -94.49 -47.67
CA GLY QC 139 -33.45 -95.34 -48.68
C GLY QC 139 -34.40 -95.60 -49.86
N ASN QC 140 -34.21 -94.88 -50.97
CA ASN QC 140 -35.00 -94.99 -52.20
C ASN QC 140 -36.53 -94.77 -52.02
N GLY QC 141 -36.94 -94.17 -50.89
CA GLY QC 141 -38.34 -93.94 -50.52
C GLY QC 141 -38.79 -94.68 -49.25
N GLU QC 142 -38.10 -95.74 -48.84
CA GLU QC 142 -38.36 -96.40 -47.55
C GLU QC 142 -37.58 -95.72 -46.40
N ILE QC 143 -38.24 -95.50 -45.25
CA ILE QC 143 -37.53 -95.14 -44.03
C ILE QC 143 -36.84 -96.38 -43.44
N ILE QC 144 -35.50 -96.35 -43.44
CA ILE QC 144 -34.63 -97.46 -42.99
C ILE QC 144 -33.63 -97.01 -41.93
N LYS QC 145 -33.11 -97.98 -41.17
CA LYS QC 145 -32.02 -97.76 -40.19
C LYS QC 145 -30.68 -97.59 -40.92
N ASN QC 146 -29.90 -96.61 -40.47
CA ASN QC 146 -28.50 -96.44 -40.88
C ASN QC 146 -27.55 -96.54 -39.68
N PRO QC 147 -26.75 -97.63 -39.53
CA PRO QC 147 -25.90 -97.88 -38.36
C PRO QC 147 -24.53 -97.18 -38.45
N VAL QC 148 -24.52 -95.85 -38.39
CA VAL QC 148 -23.31 -95.01 -38.48
C VAL QC 148 -22.43 -95.12 -37.22
N THR QC 149 -21.11 -94.97 -37.36
CA THR QC 149 -20.16 -94.92 -36.24
C THR QC 149 -19.31 -93.66 -36.39
N LEU QC 150 -19.58 -92.67 -35.51
CA LEU QC 150 -18.86 -91.40 -35.46
C LEU QC 150 -17.50 -91.60 -34.79
N GLN QC 151 -16.40 -91.53 -35.54
CA GLN QC 151 -15.05 -91.53 -34.96
C GLN QC 151 -14.72 -90.21 -34.25
N LEU QC 152 -13.74 -90.23 -33.36
CA LEU QC 152 -13.08 -89.05 -32.77
C LEU QC 152 -12.56 -88.11 -33.87
N LYS QC 153 -12.27 -86.83 -33.54
CA LYS QC 153 -11.75 -85.83 -34.47
C LYS QC 153 -10.19 -85.80 -34.58
N PRO QC 154 -9.56 -86.32 -35.65
CA PRO QC 154 -8.20 -86.02 -36.06
C PRO QC 154 -8.18 -84.95 -37.18
N ASP QC 155 -7.07 -84.85 -37.92
CA ASP QC 155 -7.06 -84.27 -39.28
C ASP QC 155 -7.81 -85.17 -40.27
N ALA QC 156 -8.67 -84.57 -41.10
CA ALA QC 156 -9.43 -85.23 -42.18
C ALA QC 156 -10.02 -84.19 -43.14
N LYS QC 157 -10.25 -84.58 -44.40
CA LYS QC 157 -10.93 -83.75 -45.41
C LYS QC 157 -11.76 -84.60 -46.37
N GLN QC 158 -12.95 -84.11 -46.69
CA GLN QC 158 -13.85 -84.60 -47.75
C GLN QC 158 -14.60 -83.42 -48.38
N ASP QC 159 -15.30 -83.66 -49.47
CA ASP QC 159 -16.13 -82.65 -50.15
C ASP QC 159 -17.53 -82.47 -49.52
N ASN RC 33 -134.82 -144.44 34.81
CA ASN RC 33 -133.91 -143.40 34.27
C ASN RC 33 -133.23 -143.95 33.04
N THR RC 34 -132.67 -143.05 32.24
CA THR RC 34 -131.79 -143.45 31.14
C THR RC 34 -130.33 -143.36 31.62
N LEU RC 35 -129.87 -142.16 31.92
CA LEU RC 35 -128.55 -141.98 32.46
C LEU RC 35 -128.57 -142.30 33.95
N ARG RC 36 -127.76 -143.26 34.39
CA ARG RC 36 -127.70 -143.65 35.81
C ARG RC 36 -126.50 -143.19 36.63
N GLY RC 37 -125.37 -142.91 35.98
CA GLY RC 37 -124.16 -142.40 36.65
C GLY RC 37 -123.35 -141.62 35.64
N LEU RC 38 -122.54 -140.71 36.18
CA LEU RC 38 -121.69 -139.80 35.43
C LEU RC 38 -120.35 -139.62 36.16
N ASP RC 39 -119.26 -139.97 35.51
CA ASP RC 39 -117.97 -139.90 36.18
C ASP RC 39 -116.93 -139.12 35.36
N VAL RC 40 -116.13 -138.29 36.04
CA VAL RC 40 -115.03 -137.62 35.37
C VAL RC 40 -113.69 -138.08 35.94
N SER RC 41 -112.80 -138.59 35.09
CA SER RC 41 -111.45 -138.97 35.51
C SER RC 41 -110.40 -137.99 34.96
N ARG RC 42 -110.16 -136.88 35.67
CA ARG RC 42 -109.10 -135.94 35.22
C ARG RC 42 -107.73 -136.57 35.30
N THR RC 43 -106.95 -136.50 34.22
CA THR RC 43 -105.56 -136.91 34.32
C THR RC 43 -104.81 -136.10 33.28
N GLY RC 44 -103.47 -136.05 33.38
CA GLY RC 44 -102.64 -135.17 32.52
C GLY RC 44 -102.55 -135.62 31.09
N SER RC 45 -102.53 -136.91 30.83
CA SER RC 45 -102.51 -137.42 29.47
C SER RC 45 -103.84 -137.25 28.72
N GLY RC 46 -104.95 -137.42 29.44
CA GLY RC 46 -106.28 -137.25 28.91
C GLY RC 46 -107.23 -137.24 30.10
N ALA RC 47 -108.27 -136.39 30.03
CA ALA RC 47 -109.36 -136.51 30.94
C ALA RC 47 -110.49 -137.39 30.34
N GLN RC 48 -110.98 -138.35 31.10
CA GLN RC 48 -112.06 -139.20 30.63
C GLN RC 48 -113.39 -138.77 31.25
N VAL RC 49 -114.41 -138.62 30.41
CA VAL RC 49 -115.77 -138.47 30.85
C VAL RC 49 -116.55 -139.72 30.51
N VAL RC 50 -117.21 -140.27 31.52
CA VAL RC 50 -118.01 -141.46 31.37
C VAL RC 50 -119.44 -141.14 31.73
N VAL RC 51 -120.34 -141.60 30.87
CA VAL RC 51 -121.76 -141.46 31.10
C VAL RC 51 -122.35 -142.86 31.00
N THR RC 52 -123.00 -143.29 32.08
CA THR RC 52 -123.49 -144.66 32.14
C THR RC 52 -124.99 -144.61 32.07
N GLY RC 53 -125.61 -145.51 31.31
CA GLY RC 53 -127.04 -145.44 31.06
C GLY RC 53 -127.66 -146.82 30.83
N THR RC 54 -128.97 -146.90 30.92
CA THR RC 54 -129.67 -148.15 30.80
C THR RC 54 -129.84 -148.64 29.37
N ARG RC 55 -129.74 -147.74 28.39
CA ARG RC 55 -129.84 -148.10 26.97
C ARG RC 55 -128.69 -147.40 26.27
N PRO RC 56 -128.24 -147.97 25.13
CA PRO RC 56 -127.27 -147.32 24.30
C PRO RC 56 -127.72 -145.89 23.86
N PRO RC 57 -126.85 -144.91 24.06
CA PRO RC 57 -127.19 -143.54 23.81
C PRO RC 57 -126.85 -143.12 22.39
N THR RC 58 -127.76 -142.42 21.72
CA THR RC 58 -127.38 -141.70 20.50
C THR RC 58 -126.79 -140.36 20.97
N PHE RC 59 -125.70 -139.93 20.37
CA PHE RC 59 -125.04 -138.73 20.81
C PHE RC 59 -124.52 -138.09 19.57
N THR RC 60 -124.13 -136.82 19.70
CA THR RC 60 -123.34 -136.09 18.73
C THR RC 60 -122.40 -135.27 19.57
N VAL RC 61 -121.15 -135.22 19.13
CA VAL RC 61 -120.14 -134.38 19.75
C VAL RC 61 -119.63 -133.33 18.77
N PHE RC 62 -119.50 -132.08 19.23
CA PHE RC 62 -118.91 -131.04 18.41
C PHE RC 62 -118.13 -130.00 19.22
N ARG RC 63 -117.48 -129.05 18.56
CA ARG RC 63 -116.62 -128.06 19.22
C ARG RC 63 -117.22 -126.66 19.13
N LEU RC 64 -116.83 -125.76 20.03
CA LEU RC 64 -117.15 -124.35 19.86
C LEU RC 64 -115.93 -123.54 20.33
N SER RC 65 -115.88 -122.27 19.94
CA SER RC 65 -114.78 -121.41 20.32
C SER RC 65 -115.29 -120.18 21.03
N GLY RC 66 -114.36 -119.38 21.57
CA GLY RC 66 -114.67 -118.10 22.25
C GLY RC 66 -115.75 -118.16 23.31
N PRO RC 67 -115.56 -118.99 24.36
CA PRO RC 67 -114.36 -119.80 24.73
C PRO RC 67 -114.29 -121.20 24.10
N GLU RC 68 -113.10 -121.76 23.95
CA GLU RC 68 -113.00 -123.19 23.55
C GLU RC 68 -113.91 -124.12 24.39
N ARG RC 69 -114.70 -124.95 23.72
CA ARG RC 69 -115.70 -125.77 24.39
C ARG RC 69 -115.83 -127.06 23.65
N LEU RC 70 -116.24 -128.10 24.36
CA LEU RC 70 -116.65 -129.32 23.68
C LEU RC 70 -118.09 -129.52 24.13
N VAL RC 71 -118.93 -129.97 23.21
CA VAL RC 71 -120.35 -130.10 23.49
C VAL RC 71 -120.82 -131.49 23.13
N VAL RC 72 -121.56 -132.13 24.03
CA VAL RC 72 -122.12 -133.43 23.68
C VAL RC 72 -123.61 -133.36 23.82
N ASP RC 73 -124.32 -133.77 22.77
CA ASP RC 73 -125.78 -133.93 22.82
C ASP RC 73 -126.21 -135.40 22.94
N LEU RC 74 -127.05 -135.67 23.93
CA LEU RC 74 -127.48 -137.04 24.20
C LEU RC 74 -128.99 -137.19 23.96
N SER RC 75 -129.38 -138.17 23.17
CA SER RC 75 -130.81 -138.43 22.84
C SER RC 75 -131.36 -139.62 23.62
N SER RC 76 -132.69 -139.57 23.77
CA SER RC 76 -133.48 -140.44 24.67
C SER RC 76 -133.20 -140.18 26.15
N ALA RC 77 -131.93 -139.92 26.39
CA ALA RC 77 -131.48 -139.61 27.74
C ALA RC 77 -130.75 -138.27 27.74
N ASP RC 78 -130.95 -137.52 28.83
CA ASP RC 78 -130.26 -136.25 29.01
C ASP RC 78 -129.39 -136.48 30.24
N ALA RC 79 -128.08 -136.62 30.03
CA ALA RC 79 -127.14 -136.85 31.11
C ALA RC 79 -126.48 -135.52 31.52
N THR RC 80 -126.65 -135.14 32.79
CA THR RC 80 -126.06 -133.92 33.30
C THR RC 80 -125.02 -134.24 34.36
N GLY RC 81 -123.81 -133.74 34.17
CA GLY RC 81 -122.73 -133.94 35.13
C GLY RC 81 -122.39 -132.58 35.74
N ILE RC 82 -122.23 -132.56 37.06
CA ILE RC 82 -121.94 -131.32 37.77
C ILE RC 82 -121.27 -131.59 39.08
N LYS RC 83 -120.53 -130.68 39.51
CA LYS RC 83 -119.84 -130.68 40.81
C LYS RC 83 -118.78 -131.77 40.86
N GLY RC 84 -118.73 -132.56 39.80
CA GLY RC 84 -117.67 -133.56 39.61
C GLY RC 84 -116.42 -132.96 38.98
N HIS RC 85 -116.52 -131.72 38.49
CA HIS RC 85 -115.36 -131.12 37.85
C HIS RC 85 -114.43 -130.52 38.90
N HIS RC 86 -113.23 -131.08 38.97
CA HIS RC 86 -112.28 -130.70 39.98
C HIS RC 86 -111.58 -129.43 39.57
N GLU RC 87 -111.21 -128.63 40.57
CA GLU RC 87 -110.45 -127.43 40.28
C GLU RC 87 -109.09 -127.66 39.65
N GLY RC 88 -108.71 -128.92 39.44
CA GLY RC 88 -107.38 -129.26 38.91
C GLY RC 88 -107.46 -130.22 37.72
N SER RC 89 -108.64 -130.33 37.09
CA SER RC 89 -108.74 -131.03 35.81
C SER RC 89 -107.84 -130.30 34.78
N GLY RC 90 -106.86 -131.01 34.18
CA GLY RC 90 -106.01 -130.32 33.21
C GLY RC 90 -106.74 -129.92 31.93
N PRO RC 91 -107.90 -130.56 31.70
CA PRO RC 91 -108.68 -130.30 30.47
C PRO RC 91 -109.94 -129.48 30.67
N VAL RC 92 -110.71 -129.80 31.71
CA VAL RC 92 -112.05 -129.22 31.86
C VAL RC 92 -112.05 -128.10 32.89
N SER RC 93 -112.34 -126.88 32.41
CA SER RC 93 -112.49 -125.70 33.25
C SER RC 93 -113.84 -125.78 33.96
N GLY RC 94 -114.90 -126.22 33.26
CA GLY RC 94 -116.22 -126.42 33.87
C GLY RC 94 -117.19 -127.19 32.96
N VAL RC 95 -118.28 -127.70 33.54
CA VAL RC 95 -119.28 -128.46 32.78
C VAL RC 95 -120.71 -128.04 33.11
N VAL RC 96 -121.46 -127.61 32.10
CA VAL RC 96 -122.85 -127.21 32.28
C VAL RC 96 -123.73 -128.20 31.51
N ALA RC 97 -124.92 -128.46 32.04
CA ALA RC 97 -125.83 -129.44 31.43
C ALA RC 97 -127.25 -128.83 31.38
N SER RC 98 -127.97 -129.01 30.26
CA SER RC 98 -129.39 -128.69 30.19
C SER RC 98 -130.21 -129.59 29.28
N GLN RC 99 -131.41 -130.01 29.65
CA GLN RC 99 -132.29 -130.84 28.84
C GLN RC 99 -133.43 -130.05 28.22
N PHE RC 100 -133.72 -130.26 26.93
CA PHE RC 100 -134.89 -129.65 26.30
C PHE RC 100 -135.82 -130.74 25.75
N SER RC 101 -137.14 -130.45 25.76
CA SER RC 101 -138.15 -131.41 25.29
C SER RC 101 -138.50 -131.29 23.84
N ASP RC 102 -138.71 -132.47 23.22
CA ASP RC 102 -139.17 -132.58 21.85
C ASP RC 102 -140.35 -133.57 21.95
N GLN RC 103 -141.59 -133.07 21.94
CA GLN RC 103 -142.72 -133.94 22.24
C GLN RC 103 -142.47 -134.56 23.61
N ARG RC 104 -142.67 -135.85 23.66
CA ARG RC 104 -142.43 -136.57 24.92
C ARG RC 104 -140.96 -136.96 25.09
N ALA RC 105 -140.11 -136.68 24.09
CA ALA RC 105 -138.70 -137.04 24.16
C ALA RC 105 -137.86 -135.92 24.77
N SER RC 106 -136.62 -136.26 25.10
CA SER RC 106 -135.71 -135.31 25.76
C SER RC 106 -134.33 -135.37 25.14
N VAL RC 107 -133.75 -134.23 24.80
CA VAL RC 107 -132.35 -134.07 24.36
C VAL RC 107 -131.56 -133.32 25.40
N GLY RC 108 -130.38 -133.95 25.93
CA GLY RC 108 -129.60 -133.26 26.94
C GLY RC 108 -128.34 -132.74 26.27
N ARG RC 109 -127.95 -131.52 26.62
CA ARG RC 109 -126.72 -130.98 26.08
C ARG RC 109 -125.72 -130.83 27.20
N VAL RC 110 -124.53 -131.40 27.00
CA VAL RC 110 -123.41 -131.26 27.94
C VAL RC 110 -122.39 -130.39 27.29
N LEU RC 111 -121.95 -129.40 28.07
CA LEU RC 111 -121.02 -128.38 27.61
C LEU RC 111 -119.78 -128.32 28.50
N LEU RC 112 -118.61 -128.61 27.92
CA LEU RC 112 -117.36 -128.61 28.66
C LEU RC 112 -116.49 -127.46 28.22
N ALA RC 113 -116.40 -126.44 29.06
CA ALA RC 113 -115.41 -125.36 28.80
C ALA RC 113 -113.99 -125.91 29.07
N LEU RC 114 -113.05 -125.63 28.15
CA LEU RC 114 -111.71 -126.21 28.15
C LEU RC 114 -110.59 -125.29 28.58
N ASP RC 115 -109.51 -125.91 29.10
CA ASP RC 115 -108.27 -125.24 29.55
C ASP RC 115 -107.20 -125.33 28.48
N LYS RC 116 -107.43 -126.14 27.46
CA LYS RC 116 -106.45 -126.37 26.40
C LYS RC 116 -107.13 -127.05 25.22
N ALA RC 117 -106.52 -126.96 24.05
CA ALA RC 117 -107.12 -127.55 22.85
C ALA RC 117 -107.13 -129.07 22.93
N SER RC 118 -108.26 -129.66 22.58
CA SER RC 118 -108.42 -131.09 22.65
C SER RC 118 -108.77 -131.72 21.31
N GLN RC 119 -108.40 -132.98 21.21
CA GLN RC 119 -108.88 -133.82 20.16
C GLN RC 119 -109.75 -134.89 20.87
N TYR RC 120 -111.08 -134.71 20.86
CA TYR RC 120 -111.89 -135.69 21.60
C TYR RC 120 -111.99 -136.99 20.87
N ASP RC 121 -112.10 -138.09 21.62
CA ASP RC 121 -112.38 -139.39 21.04
C ASP RC 121 -113.52 -140.03 21.85
N VAL RC 122 -114.60 -140.38 21.16
CA VAL RC 122 -115.79 -140.93 21.76
C VAL RC 122 -116.02 -142.37 21.32
N ARG RC 123 -116.38 -143.24 22.26
CA ARG RC 123 -116.76 -144.62 21.90
C ARG RC 123 -117.76 -145.11 22.88
N ALA RC 124 -118.54 -146.08 22.47
CA ALA RC 124 -119.59 -146.63 23.32
C ALA RC 124 -119.14 -148.01 23.73
N ASP RC 125 -119.61 -148.47 24.88
CA ASP RC 125 -119.41 -149.84 25.33
C ASP RC 125 -120.58 -150.18 26.24
N GLY RC 126 -121.49 -150.99 25.73
CA GLY RC 126 -122.66 -151.36 26.51
C GLY RC 126 -123.54 -150.15 26.80
N ASN RC 127 -123.70 -149.84 28.08
CA ASN RC 127 -124.51 -148.70 28.50
C ASN RC 127 -123.63 -147.53 28.87
N ARG RC 128 -122.34 -147.62 28.56
CA ARG RC 128 -121.43 -146.54 28.89
C ARG RC 128 -120.96 -145.84 27.63
N VAL RC 129 -121.01 -144.51 27.66
CA VAL RC 129 -120.48 -143.69 26.61
C VAL RC 129 -119.26 -143.05 27.20
N VAL RC 130 -118.13 -143.23 26.53
CA VAL RC 130 -116.88 -142.67 26.98
C VAL RC 130 -116.36 -141.54 26.07
N ILE RC 131 -116.02 -140.40 26.65
CA ILE RC 131 -115.34 -139.37 25.89
C ILE RC 131 -113.98 -139.08 26.46
N SER RC 132 -112.92 -139.31 25.70
CA SER RC 132 -111.59 -138.98 26.20
C SER RC 132 -111.06 -137.73 25.51
N VAL RC 133 -110.61 -136.77 26.31
CA VAL RC 133 -110.15 -135.52 25.79
C VAL RC 133 -108.67 -135.58 25.79
N ASP RC 134 -108.07 -135.75 24.61
CA ASP RC 134 -106.60 -135.72 24.49
C ASP RC 134 -106.07 -134.33 24.10
N GLY RC 135 -104.83 -133.98 24.44
CA GLY RC 135 -104.33 -132.71 23.89
C GLY RC 135 -104.16 -132.72 22.36
N THR RC 136 -102.92 -132.62 21.90
CA THR RC 136 -102.61 -132.63 20.47
C THR RC 136 -101.87 -133.91 20.06
N SER RC 137 -101.56 -134.77 21.03
CA SER RC 137 -100.87 -136.04 20.77
C SER RC 137 -101.93 -137.13 20.66
N GLN RC 138 -102.12 -137.65 19.44
CA GLN RC 138 -103.14 -138.65 19.19
C GLN RC 138 -102.73 -140.13 19.19
N SER RC 139 -101.44 -140.42 19.09
CA SER RC 139 -101.04 -141.82 19.05
C SER RC 139 -99.59 -142.02 19.47
N VAL RC 140 -99.36 -143.03 20.30
CA VAL RC 140 -98.02 -143.36 20.75
C VAL RC 140 -97.68 -144.68 20.07
N ASP RC 214 -84.73 -107.60 -0.07
CA ASP RC 214 -83.36 -107.64 0.49
C ASP RC 214 -83.34 -107.74 2.02
N ASP RC 215 -84.35 -107.14 2.66
CA ASP RC 215 -84.42 -107.05 4.11
C ASP RC 215 -84.83 -108.41 4.65
N THR RC 216 -85.64 -109.14 3.86
CA THR RC 216 -86.27 -110.40 4.21
C THR RC 216 -87.15 -110.83 3.03
N LEU RC 217 -87.09 -112.12 2.76
CA LEU RC 217 -88.00 -112.75 1.80
C LEU RC 217 -89.13 -113.40 2.60
N SER RC 218 -90.35 -113.09 2.17
CA SER RC 218 -91.55 -113.63 2.82
C SER RC 218 -92.16 -114.75 1.97
N ILE RC 219 -92.47 -115.84 2.65
CA ILE RC 219 -93.19 -116.97 2.03
C ILE RC 219 -94.58 -117.02 2.68
N ARG RC 220 -95.59 -116.99 1.84
CA ARG RC 220 -96.98 -117.04 2.29
C ARG RC 220 -97.65 -118.29 1.75
N ALA RC 221 -98.30 -119.01 2.67
CA ALA RC 221 -99.09 -120.21 2.33
C ALA RC 221 -100.52 -119.98 2.81
N ASP RC 222 -101.43 -119.88 1.84
CA ASP RC 222 -102.83 -119.63 2.16
C ASP RC 222 -103.61 -120.95 2.06
N GLY RC 223 -104.43 -121.19 3.09
CA GLY RC 223 -105.22 -122.42 3.18
C GLY RC 223 -106.01 -122.41 4.49
N ASP RC 224 -106.85 -123.42 4.62
CA ASP RC 224 -107.72 -123.61 5.81
C ASP RC 224 -106.96 -123.88 7.11
N ILE RC 225 -105.88 -124.64 7.01
CA ILE RC 225 -105.12 -125.09 8.17
C ILE RC 225 -104.40 -123.91 8.89
N ALA RC 226 -103.25 -124.09 9.55
CA ALA RC 226 -102.38 -125.27 9.50
C ALA RC 226 -101.54 -125.50 10.71
N ARG RC 227 -101.39 -126.76 11.03
CA ARG RC 227 -100.31 -127.10 11.96
C ARG RC 227 -99.03 -127.32 11.16
N TYR RC 228 -97.96 -126.70 11.66
CA TYR RC 228 -96.67 -126.75 10.97
C TYR RC 228 -95.53 -126.92 11.99
N GLU RC 229 -94.39 -127.31 11.46
CA GLU RC 229 -93.12 -127.28 12.20
C GLU RC 229 -92.04 -126.79 11.24
N VAL RC 230 -91.19 -125.90 11.74
CA VAL RC 230 -90.07 -125.36 10.97
C VAL RC 230 -88.76 -125.74 11.65
N LEU RC 231 -87.77 -126.08 10.83
CA LEU RC 231 -86.44 -126.42 11.32
C LEU RC 231 -85.40 -126.17 10.22
N GLU RC 232 -84.13 -126.20 10.62
CA GLU RC 232 -82.98 -125.98 9.76
C GLU RC 232 -82.17 -127.25 9.42
N LEU RC 233 -81.50 -127.21 8.29
CA LEU RC 233 -80.54 -128.24 7.89
C LEU RC 233 -79.29 -127.55 7.34
N ALA RC 234 -78.17 -128.26 7.40
CA ALA RC 234 -76.90 -127.74 6.86
C ALA RC 234 -76.36 -128.66 5.77
N ASP RC 235 -75.38 -128.14 5.02
CA ASP RC 235 -74.69 -128.89 3.96
C ASP RC 235 -75.69 -129.54 2.96
N PRO RC 236 -76.38 -128.71 2.18
CA PRO RC 236 -76.29 -127.24 2.18
C PRO RC 236 -77.28 -126.65 3.20
N PRO RC 237 -77.08 -125.38 3.54
CA PRO RC 237 -77.99 -124.65 4.44
C PRO RC 237 -79.40 -124.63 3.83
N ARG RC 238 -80.36 -124.99 4.66
CA ARG RC 238 -81.76 -125.17 4.25
C ARG RC 238 -82.71 -124.81 5.38
N LEU RC 239 -83.90 -124.36 5.02
CA LEU RC 239 -85.00 -124.20 5.97
C LEU RC 239 -86.12 -125.13 5.48
N ALA RC 240 -86.67 -125.88 6.41
CA ALA RC 240 -87.72 -126.86 6.08
C ALA RC 240 -88.98 -126.61 6.91
N VAL RC 241 -90.10 -126.64 6.22
CA VAL RC 241 -91.42 -126.51 6.86
C VAL RC 241 -92.24 -127.76 6.54
N ASP RC 242 -92.79 -128.36 7.59
CA ASP RC 242 -93.75 -129.46 7.44
C ASP RC 242 -95.14 -128.96 7.80
N LEU RC 243 -96.06 -129.23 6.88
CA LEU RC 243 -97.45 -128.81 7.03
C LEU RC 243 -98.34 -130.04 7.16
N PHE RC 244 -99.22 -129.99 8.14
CA PHE RC 244 -100.13 -131.12 8.35
C PHE RC 244 -101.57 -130.78 7.99
N GLY RC 245 -102.30 -131.86 7.72
CA GLY RC 245 -103.67 -131.80 7.20
C GLY RC 245 -103.68 -131.30 5.75
N VAL RC 246 -102.55 -131.51 5.06
CA VAL RC 246 -102.45 -131.14 3.63
C VAL RC 246 -102.12 -132.36 2.80
N GLY RC 247 -102.79 -132.38 1.65
CA GLY RC 247 -102.41 -133.28 0.55
C GLY RC 247 -101.77 -132.41 -0.54
N LEU RC 248 -100.66 -132.92 -1.07
CA LEU RC 248 -99.94 -132.24 -2.15
C LEU RC 248 -100.88 -132.01 -3.34
N ALA RC 249 -100.73 -130.86 -3.99
CA ALA RC 249 -101.62 -130.50 -5.10
C ALA RC 249 -100.91 -129.55 -6.05
N THR RC 250 -101.48 -129.43 -7.24
CA THR RC 250 -100.93 -128.61 -8.31
C THR RC 250 -100.68 -127.18 -7.85
N ARG RC 251 -101.46 -126.66 -6.89
CA ARG RC 251 -101.22 -125.30 -6.36
C ARG RC 251 -99.88 -125.16 -5.63
N ALA RC 252 -99.28 -126.30 -5.29
CA ALA RC 252 -97.91 -126.33 -4.74
C ALA RC 252 -96.95 -125.46 -5.60
N PRO RC 253 -97.05 -125.40 -6.93
CA PRO RC 253 -96.22 -124.60 -7.86
C PRO RC 253 -96.18 -123.14 -7.54
N ARG RC 254 -97.27 -122.58 -7.01
CA ARG RC 254 -97.25 -121.18 -6.56
C ARG RC 254 -96.12 -120.95 -5.53
N VAL RC 255 -95.60 -122.06 -5.02
CA VAL RC 255 -94.46 -122.14 -4.10
C VAL RC 255 -93.16 -121.62 -4.74
N LYS RC 256 -93.08 -121.65 -6.07
CA LYS RC 256 -91.87 -121.22 -6.79
C LYS RC 256 -91.50 -119.77 -6.43
N SER RC 257 -92.51 -119.01 -6.00
CA SER RC 257 -92.37 -117.60 -5.60
C SER RC 257 -91.45 -117.39 -4.40
N GLY RC 258 -91.22 -118.46 -3.65
CA GLY RC 258 -90.59 -118.28 -2.39
C GLY RC 258 -89.23 -118.88 -2.27
N ALA RC 259 -88.60 -119.49 -3.31
CA ALA RC 259 -87.19 -119.95 -3.33
C ALA RC 259 -86.15 -118.82 -3.21
N LEU RC 260 -84.99 -118.95 -2.54
CA LEU RC 260 -84.48 -119.96 -1.61
C LEU RC 260 -83.29 -120.66 -2.21
N ARG RC 261 -82.54 -119.93 -3.02
CA ARG RC 261 -81.75 -120.55 -4.10
C ARG RC 261 -82.68 -121.47 -4.97
N ASP RC 262 -83.60 -122.19 -4.34
CA ASP RC 262 -84.66 -123.10 -4.76
C ASP RC 262 -85.53 -123.59 -3.58
N VAL RC 263 -86.69 -124.04 -3.99
CA VAL RC 263 -87.69 -124.66 -3.12
C VAL RC 263 -88.22 -125.96 -3.73
N ARG RC 264 -88.15 -127.02 -2.96
CA ARG RC 264 -88.73 -128.31 -3.35
C ARG RC 264 -89.78 -128.75 -2.34
N VAL RC 265 -90.82 -129.38 -2.86
CA VAL RC 265 -91.97 -129.79 -2.04
C VAL RC 265 -92.31 -131.26 -2.34
N GLY RC 266 -92.73 -131.97 -1.29
CA GLY RC 266 -93.14 -133.37 -1.42
C GLY RC 266 -94.09 -133.76 -0.28
N ALA RC 267 -94.40 -135.04 -0.24
CA ALA RC 267 -95.32 -135.60 0.76
C ALA RC 267 -95.11 -137.12 0.86
N HIS RC 268 -95.36 -137.63 2.05
CA HIS RC 268 -95.17 -139.06 2.33
C HIS RC 268 -96.31 -139.60 3.18
N ALA RC 269 -97.49 -139.66 2.57
CA ALA RC 269 -98.70 -140.15 3.25
C ALA RC 269 -98.89 -139.48 4.62
N ASP RC 270 -98.48 -138.21 4.66
CA ASP RC 270 -98.80 -137.46 5.85
C ASP RC 270 -99.55 -136.16 5.50
N LYS RC 271 -99.05 -134.92 5.37
CA LYS RC 271 -97.77 -134.20 5.69
C LYS RC 271 -97.01 -133.83 4.43
N VAL RC 272 -96.99 -132.54 4.20
CA VAL RC 272 -96.20 -131.99 3.09
C VAL RC 272 -94.96 -131.33 3.69
N ARG RC 273 -93.86 -131.52 3.00
CA ARG RC 273 -92.58 -130.91 3.40
C ARG RC 273 -92.10 -129.94 2.32
N LEU RC 274 -91.84 -128.73 2.78
CA LEU RC 274 -91.30 -127.66 1.93
C LEU RC 274 -89.86 -127.41 2.38
N VAL RC 275 -88.98 -127.44 1.39
CA VAL RC 275 -87.53 -127.32 1.61
C VAL RC 275 -87.01 -126.13 0.79
N LEU RC 276 -86.34 -125.26 1.49
CA LEU RC 276 -85.77 -123.98 0.99
C LEU RC 276 -84.26 -124.03 1.10
N ASP RC 277 -83.60 -124.22 0.00
CA ASP RC 277 -82.15 -124.07 -0.01
C ASP RC 277 -81.78 -122.56 0.19
N VAL RC 278 -80.77 -122.21 0.92
CA VAL RC 278 -80.55 -120.78 1.15
C VAL RC 278 -79.32 -120.25 0.44
N ARG RC 279 -79.30 -118.93 0.25
CA ARG RC 279 -78.10 -118.22 -0.24
C ARG RC 279 -77.32 -117.54 0.89
N GLY RC 280 -77.91 -117.54 2.09
CA GLY RC 280 -77.31 -116.88 3.27
C GLY RC 280 -78.00 -117.33 4.57
N THR RC 281 -77.31 -117.24 5.68
CA THR RC 281 -77.91 -117.66 6.96
C THR RC 281 -79.15 -116.82 7.29
N MET RC 282 -80.19 -117.49 7.76
CA MET RC 282 -81.45 -116.82 8.11
C MET RC 282 -81.84 -117.10 9.58
N LYS RC 341 -71.44 -111.52 28.79
CA LYS RC 341 -70.51 -110.63 28.11
C LYS RC 341 -69.44 -110.11 29.06
N ASP RC 342 -68.28 -109.80 28.52
CA ASP RC 342 -67.16 -109.30 29.32
C ASP RC 342 -65.99 -108.88 28.43
N VAL RC 343 -65.11 -108.04 28.98
CA VAL RC 343 -63.95 -107.56 28.24
C VAL RC 343 -62.66 -108.01 28.91
N ARG RC 344 -61.59 -108.09 28.12
CA ARG RC 344 -60.29 -108.50 28.63
C ARG RC 344 -59.16 -107.86 27.84
N PHE RC 345 -58.00 -107.73 28.46
CA PHE RC 345 -56.84 -107.14 27.80
C PHE RC 345 -55.59 -107.99 28.02
N GLU RC 346 -54.70 -107.99 27.02
CA GLU RC 346 -53.47 -108.77 27.10
C GLU RC 346 -52.46 -108.30 26.06
N GLU RC 347 -51.37 -108.87 25.86
CA GLU RC 347 -50.46 -108.45 24.81
C GLU RC 347 -49.81 -109.66 24.13
N SER RC 348 -49.43 -109.45 22.89
CA SER RC 348 -48.66 -110.45 22.19
C SER RC 348 -47.68 -109.69 21.32
N SER RC 349 -46.96 -110.39 20.45
CA SER RC 349 -45.84 -109.69 19.75
C SER RC 349 -46.44 -108.60 18.84
N SER RC 350 -47.63 -108.80 18.30
CA SER RC 350 -48.33 -107.76 17.55
C SER RC 350 -48.64 -106.52 18.46
N GLY RC 351 -48.44 -106.64 19.78
CA GLY RC 351 -48.74 -105.52 20.68
C GLY RC 351 -49.87 -105.79 21.67
N GLY RC 352 -50.73 -104.78 21.85
CA GLY RC 352 -51.87 -104.88 22.79
C GLY RC 352 -53.08 -105.52 22.14
N ARG RC 353 -53.72 -106.33 22.87
CA ARG RC 353 -54.84 -107.18 22.48
C ARG RC 353 -56.03 -107.00 23.41
N ILE RC 354 -57.22 -106.93 22.83
CA ILE RC 354 -58.44 -106.77 23.62
C ILE RC 354 -59.42 -107.91 23.36
N VAL RC 355 -59.33 -108.97 24.17
CA VAL RC 355 -60.20 -110.12 24.03
C VAL RC 355 -61.57 -109.84 24.64
N MET RC 356 -62.60 -109.81 23.80
CA MET RC 356 -63.95 -109.55 24.26
C MET RC 356 -64.80 -110.82 24.20
N LYS RC 357 -65.59 -111.06 25.25
CA LYS RC 357 -66.45 -112.23 25.30
C LYS RC 357 -67.87 -111.90 24.85
N LEU RC 358 -68.25 -112.43 23.69
CA LEU RC 358 -69.58 -112.18 23.15
C LEU RC 358 -70.42 -113.46 23.17
N SER RC 359 -71.26 -113.58 24.19
CA SER RC 359 -72.13 -114.75 24.34
C SER RC 359 -73.54 -114.45 23.83
N GLY RC 360 -73.91 -115.06 22.71
CA GLY RC 360 -75.23 -114.84 22.15
C GLY RC 360 -75.19 -114.03 20.87
N THR RC 361 -74.04 -114.01 20.22
CA THR RC 361 -73.87 -113.27 18.98
C THR RC 361 -73.60 -114.21 17.80
N SER RC 362 -74.05 -113.81 16.61
CA SER RC 362 -73.86 -114.62 15.42
C SER RC 362 -72.95 -113.91 14.42
N GLY RC 363 -73.45 -112.86 13.81
CA GLY RC 363 -72.67 -112.11 12.85
C GLY RC 363 -71.49 -111.40 13.48
N TRP RC 364 -71.13 -110.25 12.93
CA TRP RC 364 -70.01 -109.46 13.44
C TRP RC 364 -70.44 -108.04 13.76
N LYS RC 365 -69.86 -107.46 14.82
CA LYS RC 365 -70.16 -106.09 15.24
C LYS RC 365 -69.62 -105.05 14.27
N VAL RC 366 -69.85 -103.78 14.58
CA VAL RC 366 -69.40 -102.69 13.72
C VAL RC 366 -68.10 -102.10 14.26
N ASP RC 367 -66.99 -102.41 13.59
CA ASP RC 367 -65.69 -101.91 14.01
C ASP RC 367 -65.42 -100.52 13.41
N ARG RC 368 -65.25 -99.54 14.29
CA ARG RC 368 -64.99 -98.17 13.85
C ARG RC 368 -63.65 -97.69 14.38
N PRO RC 369 -62.61 -97.79 13.55
CA PRO RC 369 -61.27 -97.36 13.94
C PRO RC 369 -61.14 -95.85 13.82
N ASP RC 370 -61.06 -95.17 14.97
CA ASP RC 370 -60.92 -93.72 14.98
C ASP RC 370 -59.50 -93.30 15.36
N PRO RC 371 -59.20 -92.03 15.17
CA PRO RC 371 -57.87 -91.51 15.49
C PRO RC 371 -57.71 -91.32 16.99
N ARG RC 372 -58.82 -91.37 17.72
CA ARG RC 372 -58.80 -91.20 19.16
C ARG RC 372 -58.96 -92.54 19.87
N SER RC 373 -60.09 -93.20 19.64
CA SER RC 373 -60.37 -94.48 20.25
C SER RC 373 -61.05 -95.43 19.26
N ALA RC 374 -61.57 -96.54 19.77
CA ALA RC 374 -62.24 -97.52 18.93
C ALA RC 374 -63.71 -97.66 19.31
N VAL RC 375 -64.52 -98.14 18.38
CA VAL RC 375 -65.94 -98.33 18.62
C VAL RC 375 -66.42 -99.69 18.13
N LEU RC 376 -67.12 -100.42 18.99
CA LEU RC 376 -67.63 -101.73 18.64
C LEU RC 376 -69.06 -101.92 19.13
N THR RC 377 -70.00 -101.94 18.20
CA THR RC 377 -71.42 -102.11 18.53
C THR RC 377 -71.89 -103.53 18.23
N LEU RC 378 -72.66 -104.09 19.15
CA LEU RC 378 -73.19 -105.45 18.97
C LEU RC 378 -74.71 -105.46 19.11
N ASP RC 379 -75.40 -105.46 17.97
CA ASP RC 379 -76.85 -105.48 17.97
C ASP RC 379 -77.39 -106.70 18.69
N ASN RC 380 -78.40 -106.50 19.53
CA ASN RC 380 -79.00 -107.60 20.29
C ASN RC 380 -77.98 -108.22 21.24
N ALA RC 381 -77.00 -107.42 21.66
CA ALA RC 381 -75.97 -107.89 22.58
C ALA RC 381 -75.89 -107.00 23.81
N ARG RC 382 -76.98 -106.29 24.10
CA ARG RC 382 -77.04 -105.41 25.25
C ARG RC 382 -76.50 -106.09 26.50
N LEU RC 383 -75.38 -105.57 27.02
CA LEU RC 383 -74.75 -106.13 28.21
C LEU RC 383 -75.15 -105.34 29.45
N PRO RC 384 -75.23 -106.03 30.60
CA PRO RC 384 -75.60 -105.41 31.87
C PRO RC 384 -74.51 -104.48 32.40
N LYS RC 385 -74.92 -103.50 33.19
CA LYS RC 385 -73.97 -102.54 33.75
C LYS RC 385 -73.00 -103.23 34.72
N LYS RC 386 -73.31 -104.47 35.08
CA LYS RC 386 -72.47 -105.23 35.99
C LYS RC 386 -71.36 -105.95 35.24
N PHE RC 387 -71.24 -105.66 33.95
CA PHE RC 387 -70.21 -106.29 33.12
C PHE RC 387 -69.52 -105.25 32.23
N GLU RC 388 -69.84 -103.98 32.45
CA GLU RC 388 -69.26 -102.89 31.67
C GLU RC 388 -67.99 -102.37 32.35
N ARG RC 389 -67.35 -103.23 33.15
CA ARG RC 389 -66.12 -102.86 33.84
C ARG RC 389 -65.06 -102.40 32.86
N SER RC 390 -64.20 -101.49 33.31
CA SER RC 390 -63.13 -100.97 32.46
C SER RC 390 -61.78 -101.54 32.88
N LEU RC 391 -60.78 -101.38 32.00
CA LEU RC 391 -59.44 -101.88 32.28
C LEU RC 391 -58.55 -100.77 32.85
N ASP RC 392 -57.40 -101.17 33.38
CA ASP RC 392 -56.46 -100.21 33.95
C ASP RC 392 -55.05 -100.48 33.45
N THR RC 393 -54.93 -100.82 32.17
CA THR RC 393 -53.63 -101.09 31.56
C THR RC 393 -52.88 -99.80 31.27
N SER RC 394 -52.56 -99.05 32.32
CA SER RC 394 -51.83 -97.80 32.17
C SER RC 394 -50.33 -98.02 32.29
N ALA RC 395 -49.57 -97.38 31.41
CA ALA RC 395 -48.12 -97.50 31.41
C ALA RC 395 -47.69 -98.94 31.11
N LEU RC 396 -48.45 -99.60 30.24
CA LEU RC 396 -48.16 -100.99 29.87
C LEU RC 396 -47.27 -101.03 28.62
N ASP RC 397 -46.82 -99.86 28.17
CA ASP RC 397 -45.98 -99.77 27.00
C ASP RC 397 -46.68 -100.33 25.77
N THR RC 398 -47.94 -99.94 25.59
CA THR RC 398 -48.72 -100.41 24.45
C THR RC 398 -49.49 -99.26 23.80
N PRO RC 399 -49.93 -99.49 22.56
CA PRO RC 399 -50.68 -98.48 21.79
C PRO RC 399 -52.08 -98.25 22.35
N VAL RC 400 -52.53 -99.16 23.22
CA VAL RC 400 -53.84 -99.06 23.83
C VAL RC 400 -53.77 -98.34 25.17
N LYS RC 401 -54.28 -97.12 25.21
CA LYS RC 401 -54.27 -96.32 26.43
C LYS RC 401 -54.99 -97.06 27.57
N MET RC 402 -56.24 -97.43 27.33
CA MET RC 402 -57.03 -98.14 28.32
C MET RC 402 -58.37 -98.58 27.74
N ILE RC 403 -58.79 -99.79 28.07
CA ILE RC 403 -60.05 -100.33 27.58
C ILE RC 403 -61.22 -99.90 28.48
N SER RC 404 -62.33 -99.54 27.86
CA SER RC 404 -63.52 -99.11 28.59
C SER RC 404 -64.77 -99.72 28.01
N ALA RC 405 -65.54 -100.40 28.86
CA ALA RC 405 -66.78 -101.04 28.44
C ALA RC 405 -67.99 -100.25 28.91
N PHE RC 406 -68.97 -100.06 28.03
CA PHE RC 406 -70.19 -99.34 28.37
C PHE RC 406 -71.41 -100.00 27.73
N SER RC 407 -72.45 -100.18 28.53
CA SER RC 407 -73.68 -100.80 28.06
C SER RC 407 -74.51 -99.82 27.24
N VAL RC 408 -75.41 -99.09 27.87
CA VAL RC 408 -76.32 -98.23 27.13
C VAL RC 408 -75.59 -97.15 26.34
N PRO RC 409 -76.05 -96.92 25.10
CA PRO RC 409 -75.49 -95.75 24.38
C PRO RC 409 -76.56 -95.15 23.48
N GLY RC 410 -77.84 -95.35 23.83
CA GLY RC 410 -78.90 -94.63 23.16
C GLY RC 410 -79.61 -95.39 22.06
N ALA RC 411 -79.24 -96.64 21.86
CA ALA RC 411 -79.87 -97.50 20.86
C ALA RC 411 -80.34 -98.77 21.55
N GLY RC 412 -81.63 -99.08 21.43
CA GLY RC 412 -82.12 -100.34 22.01
C GLY RC 412 -81.26 -101.53 21.57
N GLY RC 413 -81.00 -102.42 22.50
CA GLY RC 413 -80.35 -103.71 22.34
C GLY RC 413 -78.86 -103.66 21.99
N LYS RC 414 -78.30 -102.52 21.62
CA LYS RC 414 -76.92 -102.36 21.18
C LYS RC 414 -75.97 -102.27 22.34
N VAL RC 415 -74.73 -102.71 22.15
CA VAL RC 415 -73.65 -102.44 23.11
C VAL RC 415 -72.46 -101.74 22.45
N ARG RC 416 -71.61 -101.16 23.31
CA ARG RC 416 -70.57 -100.30 22.76
C ARG RC 416 -69.26 -100.49 23.51
N LEU RC 417 -68.14 -100.44 22.79
CA LEU RC 417 -66.83 -100.61 23.39
C LEU RC 417 -65.92 -99.43 23.06
N VAL RC 418 -65.20 -98.94 24.05
CA VAL RC 418 -64.29 -97.82 23.85
C VAL RC 418 -62.86 -98.21 24.21
N VAL RC 419 -62.01 -98.30 23.19
CA VAL RC 419 -60.61 -98.66 23.39
C VAL RC 419 -59.69 -97.49 23.04
N ALA RC 420 -59.44 -96.62 24.02
CA ALA RC 420 -58.58 -95.47 23.82
C ALA RC 420 -57.20 -95.89 23.33
N ALA RC 421 -56.65 -95.14 22.39
CA ALA RC 421 -55.33 -95.43 21.84
C ALA RC 421 -54.45 -94.19 21.82
N ASP RC 422 -53.23 -94.33 21.31
CA ASP RC 422 -52.30 -93.22 21.21
C ASP RC 422 -51.35 -93.40 20.04
N GLY RC 423 -50.89 -92.28 19.47
CA GLY RC 423 -49.98 -92.33 18.35
C GLY RC 423 -50.50 -93.21 17.23
N ALA RC 424 -49.67 -93.43 16.21
CA ALA RC 424 -50.05 -94.24 15.07
C ALA RC 424 -50.18 -95.72 15.47
N ILE RC 425 -51.23 -96.37 15.00
CA ILE RC 425 -51.46 -97.77 15.32
C ILE RC 425 -52.38 -98.41 14.28
N GLU RC 426 -52.55 -99.72 14.38
CA GLU RC 426 -53.41 -100.46 13.46
C GLU RC 426 -54.32 -101.43 14.20
N GLU RC 427 -55.56 -101.54 13.74
CA GLU RC 427 -56.53 -102.42 14.36
C GLU RC 427 -56.65 -103.74 13.59
N LYS RC 428 -56.73 -104.85 14.32
CA LYS RC 428 -56.85 -106.16 13.71
C LYS RC 428 -57.83 -107.05 14.47
N VAL RC 429 -58.99 -107.31 13.87
CA VAL RC 429 -60.00 -108.14 14.50
C VAL RC 429 -59.79 -109.61 14.16
N SER RC 430 -60.00 -110.48 15.14
CA SER RC 430 -59.84 -111.91 14.96
C SER RC 430 -61.00 -112.69 15.58
N GLN RC 431 -61.57 -113.61 14.81
CA GLN RC 431 -62.69 -114.41 15.28
C GLN RC 431 -62.31 -115.89 15.35
N SER RC 432 -61.85 -116.31 16.53
CA SER RC 432 -61.45 -117.70 16.73
C SER RC 432 -62.67 -118.61 16.87
N ALA RC 433 -63.85 -118.00 16.96
CA ALA RC 433 -65.09 -118.75 17.08
C ALA RC 433 -66.30 -117.83 17.10
N GLY RC 434 -67.48 -118.39 16.82
CA GLY RC 434 -68.73 -117.62 16.79
C GLY RC 434 -69.16 -117.17 18.18
N THR RC 435 -68.53 -116.11 18.67
CA THR RC 435 -68.86 -115.59 19.99
C THR RC 435 -67.69 -114.92 20.66
N LEU RC 436 -66.48 -115.34 20.30
CA LEU RC 436 -65.27 -114.76 20.89
C LEU RC 436 -64.64 -113.74 19.94
N SER RC 437 -64.60 -112.49 20.37
CA SER RC 437 -64.03 -111.42 19.56
C SER RC 437 -62.70 -110.96 20.13
N TRP RC 438 -61.80 -110.51 19.26
CA TRP RC 438 -60.49 -110.05 19.67
C TRP RC 438 -60.04 -108.84 18.85
N ARG RC 439 -59.22 -107.99 19.45
CA ARG RC 439 -58.73 -106.80 18.77
C ARG RC 439 -57.23 -106.60 19.03
N LEU RC 440 -56.42 -106.91 18.03
CA LEU RC 440 -54.97 -106.77 18.15
C LEU RC 440 -54.53 -105.36 17.78
N TYR RC 477 -15.07 -85.42 26.22
CA TYR RC 477 -14.16 -85.91 25.17
C TYR RC 477 -13.97 -87.40 25.35
N ARG RC 478 -15.08 -88.12 25.27
CA ARG RC 478 -15.09 -89.58 25.18
C ARG RC 478 -16.49 -90.00 24.74
N GLY RC 479 -16.55 -91.00 23.87
CA GLY RC 479 -17.83 -91.40 23.29
C GLY RC 479 -17.87 -92.80 22.66
N LYS RC 480 -19.07 -93.28 22.30
CA LYS RC 480 -19.18 -94.44 21.40
C LYS RC 480 -18.50 -94.16 20.07
N ARG RC 481 -18.04 -95.25 19.45
CA ARG RC 481 -17.46 -95.25 18.09
C ARG RC 481 -18.53 -95.26 17.03
N VAL RC 482 -18.18 -94.58 15.95
CA VAL RC 482 -19.12 -94.17 14.93
C VAL RC 482 -18.44 -94.13 13.57
N SER RC 483 -19.23 -93.97 12.52
CA SER RC 483 -18.73 -93.64 11.19
C SER RC 483 -19.59 -92.48 10.70
N PHE RC 484 -18.91 -91.36 10.48
CA PHE RC 484 -19.52 -90.14 9.93
C PHE RC 484 -19.44 -89.99 8.46
N GLU RC 485 -20.56 -90.10 7.79
CA GLU RC 485 -20.60 -89.86 6.37
C GLU RC 485 -21.55 -88.71 6.11
N PHE RC 486 -21.00 -87.60 5.64
CA PHE RC 486 -21.70 -86.35 5.31
C PHE RC 486 -21.41 -85.87 3.93
N LYS RC 487 -22.36 -86.05 3.02
CA LYS RC 487 -22.20 -85.63 1.63
C LYS RC 487 -22.96 -84.35 1.36
N ASP RC 488 -22.27 -83.23 1.51
CA ASP RC 488 -22.80 -81.89 1.16
C ASP RC 488 -24.00 -81.61 2.06
N ILE RC 489 -23.72 -81.38 3.35
CA ILE RC 489 -24.74 -81.09 4.36
C ILE RC 489 -24.36 -79.93 5.26
N ASP RC 490 -25.38 -79.23 5.75
CA ASP RC 490 -25.16 -78.13 6.65
C ASP RC 490 -24.50 -78.59 7.94
N ILE RC 491 -23.45 -77.90 8.37
CA ILE RC 491 -22.79 -78.25 9.64
C ILE RC 491 -23.79 -78.20 10.80
N GLN RC 492 -24.81 -77.34 10.72
CA GLN RC 492 -25.92 -77.30 11.65
C GLN RC 492 -26.71 -78.60 11.67
N ASN RC 493 -26.94 -79.20 10.51
CA ASN RC 493 -27.52 -80.52 10.47
C ASN RC 493 -26.58 -81.54 11.08
N LEU RC 494 -25.30 -81.58 10.71
CA LEU RC 494 -24.39 -82.54 11.33
C LEU RC 494 -24.36 -82.40 12.84
N LEU RC 495 -24.36 -81.18 13.30
CA LEU RC 495 -24.46 -80.90 14.69
C LEU RC 495 -25.69 -81.52 15.34
N ARG RC 496 -26.89 -81.23 14.83
CA ARG RC 496 -28.16 -81.74 15.39
C ARG RC 496 -28.21 -83.22 15.41
N VAL RC 497 -27.81 -83.79 14.29
CA VAL RC 497 -27.66 -85.20 14.14
C VAL RC 497 -26.75 -85.72 15.29
N ILE RC 498 -25.61 -85.05 15.47
CA ILE RC 498 -24.71 -85.38 16.56
C ILE RC 498 -25.43 -85.16 17.91
N ALA RC 499 -26.28 -84.17 18.16
CA ALA RC 499 -27.09 -84.16 19.40
C ALA RC 499 -28.16 -85.29 19.51
N GLU RC 500 -28.77 -85.72 18.41
CA GLU RC 500 -29.79 -86.78 18.35
C GLU RC 500 -29.26 -88.18 18.67
N ILE RC 501 -27.95 -88.32 18.58
CA ILE RC 501 -27.17 -89.51 18.93
C ILE RC 501 -26.63 -89.37 20.41
N SER RC 502 -27.12 -88.45 21.29
CA SER RC 502 -26.75 -88.31 22.75
C SER RC 502 -25.32 -87.82 23.01
N LYS RC 503 -24.73 -87.34 21.95
CA LYS RC 503 -23.48 -86.60 21.96
C LYS RC 503 -23.77 -85.19 22.36
N LYS RC 504 -24.12 -85.07 23.64
CA LYS RC 504 -24.61 -83.85 24.28
C LYS RC 504 -25.97 -83.44 23.70
N ASN RC 505 -26.48 -82.31 24.17
CA ASN RC 505 -27.37 -81.50 23.37
C ASN RC 505 -26.51 -80.41 22.72
N ILE RC 506 -26.32 -80.50 21.41
CA ILE RC 506 -25.58 -79.48 20.68
C ILE RC 506 -26.55 -78.42 20.11
N VAL RC 507 -26.20 -77.14 20.24
CA VAL RC 507 -26.90 -75.98 19.64
C VAL RC 507 -25.84 -75.03 19.02
N VAL RC 508 -26.04 -74.62 17.78
CA VAL RC 508 -25.17 -73.58 17.17
C VAL RC 508 -25.57 -72.18 17.67
N ALA RC 509 -24.84 -71.14 17.28
CA ALA RC 509 -25.43 -69.81 16.99
C ALA RC 509 -26.46 -69.91 15.84
N ASP RC 510 -26.89 -68.82 15.21
CA ASP RC 510 -27.73 -68.96 14.00
C ASP RC 510 -26.84 -69.25 12.79
N ASP RC 511 -26.18 -68.20 12.25
CA ASP RC 511 -25.39 -68.35 11.03
C ASP RC 511 -23.92 -68.64 11.37
N VAL RC 512 -23.64 -69.93 11.47
CA VAL RC 512 -22.31 -70.42 11.78
C VAL RC 512 -21.38 -70.46 10.56
N SER RC 513 -21.83 -70.88 9.38
CA SER RC 513 -20.88 -71.26 8.32
C SER RC 513 -21.62 -71.58 7.02
N GLY RC 514 -21.94 -72.86 6.85
CA GLY RC 514 -22.63 -73.39 5.70
C GLY RC 514 -22.62 -74.91 5.73
N LYS RC 515 -22.28 -75.44 4.55
CA LYS RC 515 -22.27 -76.84 4.22
C LYS RC 515 -20.85 -77.41 4.14
N VAL RC 516 -20.68 -78.68 4.57
CA VAL RC 516 -19.40 -79.41 4.50
C VAL RC 516 -19.59 -80.85 4.07
N THR RC 517 -18.50 -81.43 3.56
CA THR RC 517 -18.36 -82.85 3.26
C THR RC 517 -17.23 -83.51 4.05
N ILE RC 518 -17.55 -84.58 4.79
CA ILE RC 518 -16.58 -85.46 5.45
C ILE RC 518 -17.05 -86.92 5.36
N ARG RC 519 -16.13 -87.88 5.44
CA ARG RC 519 -16.42 -89.32 5.59
C ARG RC 519 -15.42 -90.13 6.42
N LEU RC 520 -15.87 -90.44 7.61
CA LEU RC 520 -15.11 -91.06 8.67
C LEU RC 520 -15.57 -92.49 8.85
N ARG RC 521 -14.64 -93.33 9.26
CA ARG RC 521 -14.97 -94.66 9.77
C ARG RC 521 -14.23 -94.92 11.07
N ASN RC 522 -14.91 -95.66 11.95
CA ASN RC 522 -14.37 -96.13 13.22
C ASN RC 522 -13.84 -95.01 14.15
N VAL RC 523 -14.49 -93.85 14.18
CA VAL RC 523 -14.03 -92.71 15.00
C VAL RC 523 -15.06 -92.47 16.06
N PRO RC 524 -14.75 -92.44 17.37
CA PRO RC 524 -15.63 -91.85 18.35
C PRO RC 524 -15.99 -90.45 17.98
N TRP RC 525 -17.21 -90.13 18.27
CA TRP RC 525 -17.78 -88.93 17.75
C TRP RC 525 -17.16 -87.62 18.20
N ASP RC 526 -16.78 -87.56 19.48
CA ASP RC 526 -16.29 -86.38 20.17
C ASP RC 526 -14.96 -85.93 19.57
N GLN RC 527 -14.31 -86.92 19.00
CA GLN RC 527 -13.23 -86.72 18.10
C GLN RC 527 -13.69 -86.36 16.69
N ALA RC 528 -14.58 -87.13 16.05
CA ALA RC 528 -15.04 -86.79 14.71
C ALA RC 528 -15.54 -85.34 14.65
N LEU RC 529 -16.12 -84.85 15.75
CA LEU RC 529 -16.39 -83.45 16.07
C LEU RC 529 -15.17 -82.56 16.05
N ASP RC 530 -14.16 -82.75 16.91
CA ASP RC 530 -12.95 -81.89 16.94
C ASP RC 530 -12.32 -81.73 15.55
N LEU RC 531 -12.37 -82.87 14.90
CA LEU RC 531 -11.96 -83.05 13.54
C LEU RC 531 -12.88 -82.29 12.54
N VAL RC 532 -14.20 -82.22 12.79
CA VAL RC 532 -15.18 -81.48 11.94
C VAL RC 532 -14.93 -79.98 12.03
N LEU RC 533 -14.69 -79.48 13.25
CA LEU RC 533 -14.29 -78.11 13.56
C LEU RC 533 -13.14 -77.63 12.64
N ARG RC 534 -12.06 -78.42 12.63
CA ARG RC 534 -10.87 -78.17 11.80
C ARG RC 534 -11.05 -78.18 10.29
N THR RC 535 -12.07 -78.91 9.84
CA THR RC 535 -12.36 -78.96 8.40
C THR RC 535 -12.69 -77.55 7.89
N LYS RC 536 -13.78 -77.00 8.37
CA LYS RC 536 -14.37 -75.70 7.94
C LYS RC 536 -14.99 -75.00 9.13
N ALA RC 537 -15.55 -75.91 9.91
CA ALA RC 537 -16.51 -75.68 10.92
C ALA RC 537 -15.81 -74.97 12.08
N LEU RC 538 -16.59 -74.94 13.13
CA LEU RC 538 -16.52 -73.92 14.15
C LEU RC 538 -15.51 -74.26 15.23
N GLY RC 539 -15.49 -73.54 16.36
CA GLY RC 539 -15.06 -74.09 17.64
C GLY RC 539 -16.26 -74.39 18.56
N LYS RC 540 -16.08 -75.31 19.52
CA LYS RC 540 -17.15 -75.67 20.48
C LYS RC 540 -16.84 -75.14 21.89
N GLU RC 541 -17.88 -74.63 22.56
CA GLU RC 541 -17.89 -74.29 23.99
C GLU RC 541 -19.03 -75.00 24.70
N GLU RC 542 -18.77 -75.71 25.79
CA GLU RC 542 -19.80 -76.42 26.54
C GLU RC 542 -20.23 -75.69 27.81
N PHE RC 543 -21.55 -75.48 27.94
CA PHE RC 543 -22.18 -75.07 29.21
C PHE RC 543 -22.27 -76.18 30.25
N GLY RC 544 -22.50 -77.40 29.76
CA GLY RC 544 -22.41 -78.67 30.49
C GLY RC 544 -23.44 -79.66 29.95
N ASN RC 545 -24.72 -79.31 30.12
CA ASN RC 545 -25.83 -80.06 29.52
C ASN RC 545 -25.97 -79.79 28.03
N ILE RC 546 -25.98 -78.50 27.68
CA ILE RC 546 -25.97 -78.01 26.31
C ILE RC 546 -24.54 -77.55 25.98
N ILE RC 547 -24.21 -77.58 24.71
CA ILE RC 547 -22.97 -77.01 24.18
C ILE RC 547 -23.35 -75.99 23.11
N ARG RC 548 -22.70 -74.83 23.09
CA ARG RC 548 -22.83 -73.85 22.02
C ARG RC 548 -21.66 -73.92 21.06
N ILE RC 549 -21.99 -73.90 19.78
CA ILE RC 549 -21.00 -73.86 18.71
C ILE RC 549 -21.12 -72.56 17.96
N ALA RC 550 -19.99 -71.88 17.80
CA ALA RC 550 -20.00 -70.57 17.20
C ALA RC 550 -18.97 -70.42 16.06
N PRO RC 551 -19.27 -69.52 15.10
CA PRO RC 551 -18.37 -69.05 14.04
C PRO RC 551 -17.24 -68.15 14.56
N ASP RC 574 -14.04 -87.64 -1.29
CA ASP RC 574 -14.11 -87.56 0.17
C ASP RC 574 -12.78 -87.29 0.86
N LEU RC 575 -13.03 -86.68 2.01
CA LEU RC 575 -12.12 -86.66 3.12
C LEU RC 575 -12.49 -87.81 3.94
N MET RC 576 -11.45 -88.32 4.55
CA MET RC 576 -11.68 -89.40 5.42
C MET RC 576 -10.84 -89.35 6.64
N VAL RC 577 -11.40 -90.12 7.57
CA VAL RC 577 -10.73 -90.40 8.81
C VAL RC 577 -10.53 -91.87 8.94
N ASN RC 578 -9.33 -92.13 9.38
CA ASN RC 578 -8.80 -93.44 9.60
C ASN RC 578 -7.99 -93.39 10.90
N LEU RC 579 -8.16 -94.44 11.69
CA LEU RC 579 -7.39 -94.73 12.89
C LEU RC 579 -6.21 -95.58 12.45
N LEU RC 580 -5.01 -95.15 12.82
CA LEU RC 580 -3.76 -95.89 12.69
C LEU RC 580 -3.45 -96.48 14.08
N PRO RC 581 -3.39 -97.81 14.25
CA PRO RC 581 -2.75 -98.33 15.45
C PRO RC 581 -1.24 -98.07 15.33
N VAL RC 582 -0.62 -97.71 16.45
CA VAL RC 582 0.83 -97.73 16.59
C VAL RC 582 1.16 -98.80 17.61
N ASN RC 583 1.55 -99.98 17.13
CA ASN RC 583 1.83 -101.08 18.08
C ASN RC 583 3.16 -100.89 18.79
N TYR RC 584 4.18 -100.50 18.02
CA TYR RC 584 5.56 -100.58 18.49
C TYR RC 584 6.15 -99.30 19.07
N ALA RC 585 5.98 -98.19 18.35
CA ALA RC 585 6.50 -96.89 18.77
C ALA RC 585 5.52 -96.11 19.67
N VAL RC 586 6.01 -95.07 20.34
CA VAL RC 586 5.13 -94.08 20.99
C VAL RC 586 4.61 -93.09 19.94
N ALA RC 587 3.34 -92.69 20.07
CA ALA RC 587 2.70 -91.76 19.11
C ALA RC 587 3.40 -90.38 19.04
N ALA RC 588 3.90 -89.87 20.17
CA ALA RC 588 4.55 -88.58 20.26
C ALA RC 588 5.86 -88.47 19.44
N ASP RC 589 6.58 -89.58 19.24
CA ASP RC 589 7.81 -89.60 18.43
C ASP RC 589 7.55 -89.35 16.93
N MET RC 590 6.36 -89.74 16.45
CA MET RC 590 5.87 -89.40 15.12
C MET RC 590 5.57 -87.90 14.95
N ALA RC 591 5.28 -87.17 16.02
CA ALA RC 591 4.72 -85.82 15.97
C ALA RC 591 5.60 -84.84 15.16
N ALA RC 592 6.92 -84.93 15.28
CA ALA RC 592 7.85 -84.08 14.53
C ALA RC 592 7.68 -84.27 13.00
N ARG RC 593 7.74 -85.53 12.54
CA ARG RC 593 7.60 -85.88 11.11
C ARG RC 593 6.20 -85.62 10.55
N VAL RC 594 5.17 -85.94 11.34
CA VAL RC 594 3.78 -85.75 10.92
C VAL RC 594 3.46 -84.27 10.80
N LYS RC 595 3.91 -83.44 11.77
CA LYS RC 595 3.79 -81.98 11.68
C LYS RC 595 4.47 -81.43 10.43
N ASP RC 596 5.64 -81.99 10.10
CA ASP RC 596 6.39 -81.60 8.90
C ASP RC 596 5.74 -81.92 7.55
N VAL RC 597 4.96 -83.02 7.38
CA VAL RC 597 4.12 -83.16 6.16
C VAL RC 597 3.04 -82.08 6.10
N LEU RC 598 2.31 -81.83 7.20
CA LEU RC 598 1.15 -80.93 7.18
C LEU RC 598 1.55 -79.55 6.63
N SER RC 599 2.69 -79.01 7.08
CA SER RC 599 3.08 -77.63 6.76
C SER RC 599 1.90 -76.68 7.10
N GLU RC 600 1.58 -75.77 6.17
CA GLU RC 600 0.36 -74.94 6.18
C GLU RC 600 -0.84 -75.62 5.46
N ARG RC 601 -0.87 -76.96 5.42
CA ARG RC 601 -2.04 -77.69 4.92
C ARG RC 601 -3.03 -78.09 6.01
N GLY RC 602 -4.10 -78.54 5.38
CA GLY RC 602 -5.32 -79.09 5.93
C GLY RC 602 -5.42 -80.55 5.73
N SER RC 603 -6.09 -81.05 6.73
CA SER RC 603 -5.52 -82.16 7.44
C SER RC 603 -5.23 -81.79 8.85
N VAL RC 604 -5.32 -82.82 9.66
CA VAL RC 604 -4.82 -82.82 11.01
C VAL RC 604 -4.55 -84.23 11.47
N THR RC 605 -3.81 -84.29 12.55
CA THR RC 605 -3.49 -85.48 13.31
C THR RC 605 -3.92 -85.28 14.79
N VAL RC 606 -4.59 -86.27 15.37
CA VAL RC 606 -5.00 -86.33 16.78
C VAL RC 606 -4.40 -87.56 17.43
N ASP RC 607 -3.78 -87.34 18.60
CA ASP RC 607 -3.21 -88.42 19.38
C ASP RC 607 -4.17 -88.84 20.48
N GLN RC 608 -4.71 -90.05 20.36
CA GLN RC 608 -5.52 -90.64 21.44
C GLN RC 608 -4.63 -91.30 22.49
N ARG RC 609 -5.15 -91.37 23.72
CA ARG RC 609 -4.41 -91.87 24.89
C ARG RC 609 -3.89 -93.30 24.77
N THR RC 610 -4.62 -94.15 24.06
CA THR RC 610 -4.24 -95.56 23.85
C THR RC 610 -3.22 -95.73 22.72
N ASN RC 611 -2.36 -94.72 22.48
CA ASN RC 611 -1.32 -94.69 21.43
C ASN RC 611 -1.84 -95.13 20.04
N VAL RC 612 -2.92 -94.49 19.63
CA VAL RC 612 -3.40 -94.53 18.23
C VAL RC 612 -3.40 -93.13 17.67
N LEU RC 613 -2.94 -92.99 16.44
CA LEU RC 613 -3.09 -91.74 15.70
C LEU RC 613 -4.39 -91.74 14.94
N ILE RC 614 -4.99 -90.56 14.86
CA ILE RC 614 -6.15 -90.34 13.99
C ILE RC 614 -5.92 -89.15 13.10
N VAL RC 615 -6.19 -89.35 11.82
CA VAL RC 615 -6.06 -88.33 10.80
C VAL RC 615 -7.39 -87.97 10.15
N LYS RC 616 -7.77 -86.69 10.08
CA LYS RC 616 -8.71 -86.25 9.03
C LYS RC 616 -7.87 -85.57 8.02
N ASP RC 617 -8.32 -85.74 6.78
CA ASP RC 617 -7.85 -85.01 5.63
C ASP RC 617 -8.47 -85.52 4.35
N VAL RC 618 -8.08 -84.90 3.25
CA VAL RC 618 -8.17 -85.50 1.93
C VAL RC 618 -7.56 -86.90 1.97
N ARG RC 619 -8.05 -87.81 1.13
CA ARG RC 619 -7.42 -89.13 0.96
C ARG RC 619 -5.91 -89.05 0.69
N SER RC 620 -5.47 -88.10 -0.16
CA SER RC 620 -4.05 -88.01 -0.56
C SER RC 620 -3.13 -87.64 0.61
N ASN RC 621 -3.53 -86.71 1.49
CA ASN RC 621 -2.78 -86.42 2.72
C ASN RC 621 -2.92 -87.55 3.77
N THR RC 622 -4.09 -88.23 3.89
CA THR RC 622 -4.22 -89.45 4.74
C THR RC 622 -3.23 -90.55 4.35
N GLU RC 623 -3.17 -90.82 3.04
CA GLU RC 623 -2.31 -91.84 2.48
C GLU RC 623 -0.85 -91.59 2.85
N ARG RC 624 -0.37 -90.35 2.66
CA ARG RC 624 0.98 -89.94 3.03
C ARG RC 624 1.23 -90.18 4.52
N ALA RC 625 0.36 -89.64 5.38
CA ALA RC 625 0.50 -89.79 6.82
C ALA RC 625 0.52 -91.27 7.25
N ARG RC 626 -0.38 -92.12 6.69
CA ARG RC 626 -0.34 -93.58 6.96
C ARG RC 626 0.97 -94.21 6.54
N SER RC 627 1.44 -93.94 5.32
CA SER RC 627 2.69 -94.53 4.82
C SER RC 627 3.88 -94.20 5.72
N LEU RC 628 3.98 -92.97 6.24
CA LEU RC 628 5.03 -92.57 7.17
C LEU RC 628 4.86 -93.22 8.55
N VAL RC 629 3.64 -93.21 9.12
CA VAL RC 629 3.36 -93.80 10.44
C VAL RC 629 3.67 -95.28 10.40
N ARG RC 630 3.16 -96.02 9.41
CA ARG RC 630 3.46 -97.45 9.28
C ARG RC 630 4.95 -97.70 9.02
N SER RC 631 5.60 -96.88 8.19
CA SER RC 631 7.03 -97.07 7.85
C SER RC 631 7.92 -96.93 9.09
N LEU RC 632 7.66 -95.89 9.90
CA LEU RC 632 8.34 -95.73 11.19
C LEU RC 632 7.92 -96.74 12.26
N ASP RC 633 6.65 -97.16 12.24
CA ASP RC 633 6.23 -98.26 13.10
C ASP RC 633 7.11 -99.42 12.64
N THR RC 634 7.18 -99.84 11.35
CA THR RC 634 7.95 -101.02 10.88
C THR RC 634 9.42 -101.18 11.32
N GLN RC 635 10.21 -100.13 11.54
CA GLN RC 635 11.54 -100.32 12.13
C GLN RC 635 11.53 -100.60 13.65
N THR RC 636 10.52 -100.10 14.34
CA THR RC 636 10.11 -100.49 15.70
C THR RC 636 9.62 -101.96 15.97
N PRO RC 637 8.89 -102.69 15.09
CA PRO RC 637 8.66 -104.13 15.20
C PRO RC 637 9.86 -105.04 15.16
N GLN RC 638 10.97 -104.66 14.48
CA GLN RC 638 12.17 -105.49 14.62
C GLN RC 638 12.81 -105.24 15.99
N VAL RC 639 12.34 -105.99 16.97
CA VAL RC 639 12.84 -105.96 18.34
C VAL RC 639 14.06 -106.89 18.53
N CYS SC 5 -74.10 36.85 -26.77
CA CYS SC 5 -73.90 36.10 -25.54
C CYS SC 5 -75.20 35.30 -25.19
N GLU SC 6 -75.16 34.52 -24.12
CA GLU SC 6 -76.37 34.08 -23.41
C GLU SC 6 -76.51 34.80 -22.05
N GLU SC 7 -77.75 35.13 -21.72
CA GLU SC 7 -78.16 36.03 -20.62
C GLU SC 7 -78.45 35.23 -19.30
N PRO SC 8 -78.98 35.80 -18.20
CA PRO SC 8 -78.99 35.19 -16.86
C PRO SC 8 -79.45 33.73 -16.71
N PRO SC 9 -80.71 33.42 -17.09
CA PRO SC 9 -80.89 32.55 -18.25
C PRO SC 9 -80.94 33.28 -19.59
N ALA SC 10 -80.76 32.50 -20.66
CA ALA SC 10 -80.98 32.87 -22.04
C ALA SC 10 -82.46 33.28 -22.30
N PRO SC 11 -82.89 33.52 -23.57
CA PRO SC 11 -84.31 33.75 -23.91
C PRO SC 11 -85.26 32.57 -23.53
N ALA SC 12 -86.32 32.28 -24.32
CA ALA SC 12 -87.44 31.44 -23.84
C ALA SC 12 -87.60 30.00 -24.41
N PRO SC 13 -87.05 29.61 -25.59
CA PRO SC 13 -87.26 28.24 -26.14
C PRO SC 13 -86.23 27.08 -25.87
N PRO SC 14 -85.25 27.09 -24.95
CA PRO SC 14 -84.94 28.06 -23.93
C PRO SC 14 -83.92 29.16 -24.25
N PRO SC 15 -83.42 29.44 -25.50
CA PRO SC 15 -83.28 28.66 -26.73
C PRO SC 15 -82.33 27.45 -26.62
N ALA SC 16 -82.29 26.65 -27.70
CA ALA SC 16 -81.13 25.85 -28.13
C ALA SC 16 -80.52 24.80 -27.17
N LYS SC 17 -81.04 24.62 -25.95
CA LYS SC 17 -80.78 23.42 -25.15
C LYS SC 17 -81.38 22.10 -25.69
N PRO SC 18 -82.15 22.06 -26.81
CA PRO SC 18 -82.22 20.86 -27.65
C PRO SC 18 -80.88 20.34 -28.25
N LYS SC 19 -79.84 21.19 -28.32
CA LYS SC 19 -78.48 20.75 -28.67
C LYS SC 19 -77.61 20.51 -27.45
N ALA SC 20 -77.57 21.45 -26.50
CA ALA SC 20 -76.81 21.28 -25.25
C ALA SC 20 -77.38 20.14 -24.39
N ALA SC 21 -78.63 20.27 -23.94
CA ALA SC 21 -79.39 19.21 -23.30
C ALA SC 21 -80.11 18.26 -24.29
N ALA SC 22 -79.49 17.99 -25.44
CA ALA SC 22 -79.74 16.75 -26.17
C ALA SC 22 -78.44 16.01 -26.43
N ALA SC 23 -77.32 16.73 -26.39
CA ALA SC 23 -76.01 16.12 -26.56
C ALA SC 23 -75.33 15.89 -25.21
N VAL SC 24 -75.81 16.57 -24.18
CA VAL SC 24 -75.83 16.02 -22.83
C VAL SC 24 -76.89 14.93 -22.68
N PRO SC 25 -77.86 15.18 -21.80
CA PRO SC 25 -78.08 14.32 -20.64
C PRO SC 25 -77.83 12.84 -20.97
N VAL SC 26 -76.58 12.52 -21.30
CA VAL SC 26 -75.49 12.60 -20.34
C VAL SC 26 -74.57 11.39 -20.44
N LYS SC 27 -74.99 10.27 -19.87
CA LYS SC 27 -76.41 9.91 -19.84
C LYS SC 27 -76.96 9.95 -18.43
N ALA SC 28 -76.55 10.95 -17.66
CA ALA SC 28 -76.38 10.81 -16.22
C ALA SC 28 -75.75 9.46 -15.88
N ALA SC 29 -76.50 8.39 -16.10
CA ALA SC 29 -76.81 7.43 -15.05
C ALA SC 29 -77.91 7.96 -14.13
N PRO SC 30 -77.54 8.82 -13.20
CA PRO SC 30 -76.24 8.73 -12.53
C PRO SC 30 -76.12 7.43 -11.73
N THR SC 31 -74.90 6.91 -11.64
CA THR SC 31 -74.69 5.55 -11.16
C THR SC 31 -74.43 5.64 -9.66
N GLU SC 32 -75.52 5.79 -8.91
CA GLU SC 32 -75.70 5.70 -7.45
C GLU SC 32 -75.27 4.37 -6.81
N THR SC 33 -74.20 3.75 -7.32
CA THR SC 33 -73.96 2.30 -7.40
C THR SC 33 -72.68 1.82 -6.68
N GLY SC 34 -71.55 1.81 -7.41
CA GLY SC 34 -70.58 0.70 -7.34
C GLY SC 34 -69.56 0.82 -6.20
N ALA SC 35 -70.02 0.57 -4.98
CA ALA SC 35 -69.25 0.93 -3.79
C ALA SC 35 -68.41 -0.25 -3.30
N GLN SC 36 -68.69 -0.68 -2.06
CA GLN SC 36 -68.03 -1.86 -1.51
C GLN SC 36 -68.98 -3.05 -1.48
N ALA SC 37 -68.49 -4.21 -1.91
CA ALA SC 37 -69.09 -5.48 -1.54
C ALA SC 37 -68.86 -5.79 -0.07
N ALA SC 38 -69.89 -6.33 0.58
CA ALA SC 38 -69.71 -7.03 1.84
C ALA SC 38 -68.97 -8.35 1.65
N PRO SC 39 -68.76 -8.72 0.39
CA PRO SC 39 -68.70 -10.13 0.00
C PRO SC 39 -69.72 -10.97 0.76
N SER SC 40 -69.42 -12.26 0.94
CA SER SC 40 -69.93 -13.01 2.08
C SER SC 40 -68.97 -14.13 2.47
N TYR SC 41 -69.37 -14.93 3.46
CA TYR SC 41 -68.45 -15.80 4.17
C TYR SC 41 -69.02 -17.20 4.35
N SER SC 42 -68.15 -18.20 4.29
CA SER SC 42 -68.57 -19.58 4.40
C SER SC 42 -68.29 -20.15 5.79
N TYR SC 43 -68.64 -21.41 6.01
CA TYR SC 43 -68.80 -21.94 7.35
C TYR SC 43 -68.02 -23.23 7.53
N VAL SC 44 -67.69 -23.54 8.79
CA VAL SC 44 -66.75 -24.65 9.09
C VAL SC 44 -67.22 -25.45 10.31
N TYR SC 45 -67.02 -26.76 10.42
CA TYR SC 45 -66.74 -27.83 9.44
C TYR SC 45 -67.24 -29.16 10.05
N ASN SC 46 -67.45 -30.20 9.25
CA ASN SC 46 -68.10 -31.44 9.73
C ASN SC 46 -67.12 -32.57 10.11
N PRO SC 47 -66.79 -32.67 11.40
CA PRO SC 47 -66.50 -33.98 12.00
C PRO SC 47 -66.99 -34.16 13.45
N VAL SC 48 -67.25 -35.44 13.74
CA VAL SC 48 -66.46 -36.14 14.78
C VAL SC 48 -65.60 -37.21 14.10
N GLY SC 49 -64.38 -37.40 14.57
CA GLY SC 49 -63.48 -38.44 14.05
C GLY SC 49 -63.96 -39.86 14.35
N LYS SC 50 -63.29 -40.85 13.76
CA LYS SC 50 -63.50 -42.29 14.02
C LYS SC 50 -62.15 -42.97 14.25
N ARG SC 51 -62.17 -44.10 14.97
CA ARG SC 51 -60.98 -44.88 15.32
C ARG SC 51 -61.07 -46.30 14.79
N ASP SC 52 -59.92 -46.73 14.34
CA ASP SC 52 -59.49 -48.06 13.92
C ASP SC 52 -58.02 -48.14 14.47
N PRO SC 53 -57.06 -47.89 13.58
CA PRO SC 53 -56.13 -46.77 13.66
C PRO SC 53 -56.77 -45.42 14.07
N PHE SC 54 -56.14 -44.60 14.91
CA PHE SC 54 -54.73 -44.67 15.29
C PHE SC 54 -54.55 -45.24 16.73
N ARG SC 55 -55.56 -45.92 17.32
CA ARG SC 55 -55.41 -46.44 18.69
C ARG SC 55 -54.33 -47.51 18.79
N SER SC 56 -54.47 -48.63 18.10
CA SER SC 56 -53.40 -49.65 18.08
C SER SC 56 -51.99 -49.15 17.69
N PRO SC 57 -51.81 -48.37 16.60
CA PRO SC 57 -50.49 -47.89 16.21
C PRO SC 57 -49.87 -46.77 17.11
N ILE SC 58 -50.49 -46.34 18.22
CA ILE SC 58 -49.83 -45.51 19.24
C ILE SC 58 -50.20 -45.94 20.67
N ASP SC 59 -51.49 -46.08 20.99
CA ASP SC 59 -52.01 -46.50 22.30
C ASP SC 59 -51.56 -47.94 22.69
N GLU SC 60 -51.26 -48.80 21.70
CA GLU SC 60 -50.79 -50.20 21.89
C GLU SC 60 -49.31 -50.41 21.44
N LEU SC 61 -48.83 -49.63 20.48
CA LEU SC 61 -47.42 -49.62 20.06
C LEU SC 61 -46.47 -48.93 21.06
N GLY SC 62 -46.93 -47.88 21.77
CA GLY SC 62 -46.13 -47.18 22.78
C GLY SC 62 -45.75 -48.04 24.01
N PRO SC 63 -46.62 -48.98 24.46
CA PRO SC 63 -46.41 -50.05 25.44
C PRO SC 63 -45.42 -51.19 25.10
N VAL SC 64 -45.68 -52.57 24.21
CA VAL SC 64 -45.01 -53.89 24.21
C VAL SC 64 -45.58 -54.78 23.12
N ASN SC 65 -44.86 -55.48 22.21
CA ASN SC 65 -45.42 -56.07 21.00
C ASN SC 65 -44.80 -57.45 20.79
N ALA SC 66 -45.69 -58.45 20.69
CA ALA SC 66 -45.33 -59.82 20.35
C ALA SC 66 -46.32 -60.32 19.31
N ASN SC 67 -45.81 -61.13 18.37
CA ASN SC 67 -46.62 -61.74 17.31
C ASN SC 67 -46.50 -63.28 17.37
N PRO SC 68 -47.27 -63.95 18.26
CA PRO SC 68 -47.08 -65.35 18.63
C PRO SC 68 -47.00 -66.35 17.46
N VAL SC 69 -46.22 -67.40 17.67
CA VAL SC 69 -46.20 -68.60 16.83
C VAL SC 69 -47.34 -69.58 17.17
N ALA SC 70 -48.15 -69.90 16.16
CA ALA SC 70 -49.12 -71.01 16.19
C ALA SC 70 -49.31 -71.72 14.84
N ALA SC 71 -48.83 -71.11 13.75
CA ALA SC 71 -48.82 -71.18 12.29
C ALA SC 71 -48.51 -72.59 11.76
N CYS SC 72 -48.58 -72.71 10.43
CA CYS SC 72 -47.92 -73.79 9.72
C CYS SC 72 -46.37 -73.64 9.68
N ASN SC 73 -45.67 -74.76 9.81
CA ASN SC 73 -44.34 -74.79 9.21
C ASN SC 73 -43.79 -76.20 8.83
N GLU SC 74 -44.55 -77.13 8.26
CA GLU SC 74 -44.22 -78.54 8.53
C GLU SC 74 -43.89 -79.29 7.21
N PRO SC 75 -42.59 -79.46 6.89
CA PRO SC 75 -42.09 -79.29 5.53
C PRO SC 75 -42.18 -80.58 4.72
N LEU SC 76 -41.57 -81.66 5.21
CA LEU SC 76 -41.36 -82.86 4.39
C LEU SC 76 -42.64 -83.67 4.23
N CYS SC 77 -43.58 -83.55 5.18
CA CYS SC 77 -44.93 -84.06 4.98
C CYS SC 77 -45.77 -83.29 3.93
N SER SC 78 -45.23 -82.24 3.33
CA SER SC 78 -45.75 -81.54 2.15
C SER SC 78 -45.03 -81.89 0.84
N PHE SC 79 -44.01 -82.78 0.85
CA PHE SC 79 -43.26 -83.22 -0.35
C PHE SC 79 -43.16 -84.75 -0.49
N ASP SC 80 -43.11 -85.28 -1.70
CA ASP SC 80 -43.21 -86.73 -1.96
C ASP SC 80 -41.88 -87.47 -1.73
N LEU SC 81 -41.93 -88.74 -1.30
CA LEU SC 81 -40.76 -89.42 -0.72
C LEU SC 81 -39.62 -89.70 -1.71
N ASP SC 82 -39.96 -90.01 -2.94
CA ASP SC 82 -39.02 -90.28 -4.03
C ASP SC 82 -38.33 -88.98 -4.51
N GLN SC 83 -38.79 -87.80 -4.06
CA GLN SC 83 -38.10 -86.51 -4.29
C GLN SC 83 -36.93 -86.31 -3.31
N LEU SC 84 -36.91 -86.99 -2.17
CA LEU SC 84 -35.94 -86.82 -1.09
C LEU SC 84 -34.68 -87.68 -1.31
N LYS SC 85 -33.48 -87.12 -1.03
CA LYS SC 85 -32.20 -87.80 -1.30
C LYS SC 85 -31.34 -87.93 -0.06
N LEU SC 86 -30.84 -89.13 0.25
CA LEU SC 86 -30.03 -89.35 1.45
C LEU SC 86 -28.63 -88.74 1.30
N VAL SC 87 -28.33 -87.74 2.14
CA VAL SC 87 -27.06 -87.00 2.15
C VAL SC 87 -25.97 -87.76 2.89
N ALA SC 88 -26.32 -88.22 4.10
CA ALA SC 88 -25.39 -88.76 5.09
C ALA SC 88 -26.14 -89.56 6.17
N VAL SC 89 -25.39 -90.22 7.04
CA VAL SC 89 -25.89 -90.85 8.27
C VAL SC 89 -24.90 -90.59 9.40
N VAL SC 90 -25.43 -90.30 10.59
CA VAL SC 90 -24.68 -90.15 11.83
C VAL SC 90 -25.04 -91.32 12.76
N THR SC 91 -24.07 -91.83 13.50
CA THR SC 91 -24.28 -92.90 14.49
C THR SC 91 -23.34 -92.69 15.67
N GLY SC 92 -23.89 -92.84 16.87
CA GLY SC 92 -23.21 -92.75 18.16
C GLY SC 92 -24.20 -93.07 19.28
N ASP SC 93 -23.78 -92.78 20.52
CA ASP SC 93 -24.50 -93.13 21.75
C ASP SC 93 -25.92 -92.55 21.83
N ALA SC 94 -26.13 -91.39 21.19
CA ALA SC 94 -27.44 -90.74 21.02
C ALA SC 94 -28.40 -91.40 20.02
N SER SC 95 -28.17 -92.68 19.66
CA SER SC 95 -28.85 -93.48 18.62
C SER SC 95 -28.55 -93.04 17.16
N PRO SC 96 -28.63 -93.95 16.17
CA PRO SC 96 -28.42 -93.61 14.76
C PRO SC 96 -29.48 -92.65 14.23
N VAL SC 97 -29.03 -91.70 13.40
CA VAL SC 97 -29.87 -90.68 12.72
C VAL SC 97 -29.45 -90.49 11.25
N ALA SC 98 -30.42 -90.50 10.34
CA ALA SC 98 -30.24 -90.24 8.92
C ALA SC 98 -30.31 -88.74 8.63
N MET SC 99 -29.62 -88.29 7.59
CA MET SC 99 -29.69 -86.93 7.04
C MET SC 99 -30.11 -86.94 5.57
N VAL SC 100 -31.17 -86.21 5.24
CA VAL SC 100 -31.86 -86.25 3.95
C VAL SC 100 -32.15 -84.86 3.36
N GLU SC 101 -32.12 -84.74 2.04
CA GLU SC 101 -32.20 -83.49 1.26
C GLU SC 101 -33.54 -83.38 0.51
N ASP SC 102 -34.17 -82.21 0.60
CA ASP SC 102 -35.44 -81.85 -0.03
C ASP SC 102 -35.24 -81.65 -1.55
N PRO SC 103 -36.27 -81.69 -2.41
CA PRO SC 103 -36.18 -81.11 -3.76
C PRO SC 103 -35.97 -79.59 -3.74
N ALA SC 104 -36.32 -78.92 -2.62
CA ALA SC 104 -35.99 -77.53 -2.34
C ALA SC 104 -34.55 -77.30 -1.76
N GLY SC 105 -33.72 -78.35 -1.66
CA GLY SC 105 -32.32 -78.27 -1.24
C GLY SC 105 -32.08 -78.06 0.26
N ARG SC 106 -33.12 -78.10 1.11
CA ARG SC 106 -32.94 -78.13 2.56
C ARG SC 106 -32.35 -79.48 3.01
N GLY SC 107 -31.49 -79.47 4.04
CA GLY SC 107 -31.16 -80.66 4.85
C GLY SC 107 -32.10 -80.86 6.06
N HIS SC 108 -32.42 -82.13 6.34
CA HIS SC 108 -33.21 -82.58 7.50
C HIS SC 108 -32.47 -83.71 8.22
N ILE SC 109 -32.85 -83.96 9.47
CA ILE SC 109 -32.33 -85.07 10.28
C ILE SC 109 -33.52 -85.83 10.87
N VAL SC 110 -33.57 -87.14 10.66
CA VAL SC 110 -34.69 -88.02 11.05
C VAL SC 110 -34.09 -89.35 11.51
N ARG SC 111 -34.79 -90.04 12.43
CA ARG SC 111 -34.30 -91.28 13.06
C ARG SC 111 -35.40 -92.30 13.27
N ARG SC 112 -35.03 -93.54 13.63
CA ARG SC 112 -36.00 -94.64 13.82
C ARG SC 112 -37.15 -94.22 14.75
N ASN SC 113 -38.38 -94.51 14.31
CA ASN SC 113 -39.69 -94.07 14.84
C ASN SC 113 -40.24 -92.71 14.30
N THR SC 114 -39.40 -91.80 13.81
CA THR SC 114 -39.84 -90.55 13.14
C THR SC 114 -40.38 -90.78 11.72
N ARG SC 115 -40.93 -89.73 11.09
CA ARG SC 115 -41.53 -89.74 9.74
C ARG SC 115 -40.95 -88.63 8.86
N MET SC 116 -41.26 -88.73 7.57
CA MET SC 116 -40.92 -87.81 6.48
C MET SC 116 -41.92 -88.03 5.34
N GLY SC 117 -42.07 -87.07 4.42
CA GLY SC 117 -42.84 -87.26 3.18
C GLY SC 117 -44.38 -87.24 3.31
N ARG SC 118 -45.08 -87.02 2.19
CA ARG SC 118 -46.56 -87.00 2.13
C ARG SC 118 -47.19 -88.35 2.47
N GLN SC 119 -46.56 -89.45 2.07
CA GLN SC 119 -46.96 -90.81 2.48
C GLN SC 119 -46.54 -91.17 3.92
N GLY SC 120 -46.07 -90.21 4.72
CA GLY SC 120 -45.76 -90.38 6.15
C GLY SC 120 -44.65 -91.41 6.45
N GLY SC 121 -43.72 -91.61 5.50
CA GLY SC 121 -42.65 -92.60 5.50
C GLY SC 121 -41.92 -92.70 6.82
N LYS SC 122 -42.23 -93.74 7.59
CA LYS SC 122 -41.71 -93.97 8.94
C LYS SC 122 -40.31 -94.59 8.86
N VAL SC 123 -39.30 -93.98 9.49
CA VAL SC 123 -37.96 -94.57 9.58
C VAL SC 123 -37.95 -95.86 10.40
N THR SC 124 -37.53 -96.98 9.79
CA THR SC 124 -37.55 -98.31 10.45
C THR SC 124 -36.15 -98.90 10.54
N GLN SC 125 -35.24 -98.65 9.60
CA GLN SC 125 -33.80 -99.03 9.65
C GLN SC 125 -32.93 -97.88 9.13
N ILE SC 126 -31.67 -97.84 9.56
CA ILE SC 126 -30.66 -96.86 9.15
C ILE SC 126 -29.34 -97.60 9.01
N LEU SC 127 -28.85 -97.75 7.77
CA LEU SC 127 -27.52 -98.28 7.45
C LEU SC 127 -26.57 -97.11 7.14
N ARG SC 128 -25.36 -97.36 6.60
CA ARG SC 128 -24.39 -96.28 6.29
C ARG SC 128 -24.52 -95.73 4.86
N ASP SC 129 -25.12 -96.54 4.01
CA ASP SC 129 -25.31 -96.42 2.57
C ASP SC 129 -26.77 -96.16 2.16
N SER SC 130 -27.69 -96.39 3.08
CA SER SC 130 -29.12 -96.56 2.81
C SER SC 130 -29.99 -96.50 4.07
N VAL SC 131 -31.28 -96.23 3.92
CA VAL SC 131 -32.26 -96.06 5.01
C VAL SC 131 -33.60 -96.68 4.60
N THR SC 132 -33.96 -97.79 5.24
CA THR SC 132 -35.32 -98.37 5.14
C THR SC 132 -36.39 -97.60 5.91
N VAL SC 133 -37.48 -97.28 5.21
CA VAL SC 133 -38.67 -96.61 5.72
C VAL SC 133 -39.96 -97.37 5.34
N THR SC 134 -41.01 -97.22 6.16
CA THR SC 134 -42.36 -97.70 5.82
C THR SC 134 -43.34 -96.60 5.46
N GLU SC 135 -43.76 -96.58 4.21
CA GLU SC 135 -44.61 -95.55 3.58
C GLU SC 135 -46.04 -96.04 3.40
N VAL SC 136 -46.92 -95.14 2.97
CA VAL SC 136 -48.40 -95.31 2.95
C VAL SC 136 -48.93 -94.97 1.55
N PHE SC 137 -49.08 -96.00 0.71
CA PHE SC 137 -49.54 -95.86 -0.69
C PHE SC 137 -50.97 -96.39 -0.89
N SER SC 138 -51.71 -95.82 -1.85
CA SER SC 138 -53.04 -96.34 -2.22
C SER SC 138 -52.92 -97.36 -3.36
N GLY SC 139 -52.62 -98.62 -3.00
CA GLY SC 139 -52.51 -99.73 -3.93
C GLY SC 139 -53.88 -100.15 -4.47
N ASN SC 140 -54.19 -99.72 -5.70
CA ASN SC 140 -55.45 -100.00 -6.40
C ASN SC 140 -56.74 -99.59 -5.66
N GLY SC 141 -56.61 -98.70 -4.65
CA GLY SC 141 -57.70 -98.24 -3.79
C GLY SC 141 -57.54 -98.61 -2.31
N GLU SC 142 -56.75 -99.63 -1.97
CA GLU SC 142 -56.41 -99.94 -0.59
C GLU SC 142 -55.20 -99.12 -0.09
N ILE SC 143 -55.28 -98.58 1.13
CA ILE SC 143 -54.10 -98.03 1.81
C ILE SC 143 -53.21 -99.17 2.33
N ILE SC 144 -52.02 -99.31 1.75
CA ILE SC 144 -51.07 -100.38 2.05
C ILE SC 144 -49.68 -99.82 2.42
N LYS SC 145 -48.89 -100.65 3.10
CA LYS SC 145 -47.48 -100.34 3.43
C LYS SC 145 -46.59 -100.48 2.19
N ASN SC 146 -45.68 -99.53 2.00
CA ASN SC 146 -44.63 -99.61 0.99
C ASN SC 146 -43.22 -99.55 1.65
N PRO SC 147 -42.45 -100.66 1.73
CA PRO SC 147 -41.17 -100.74 2.45
C PRO SC 147 -39.98 -100.24 1.58
N VAL SC 148 -39.94 -98.93 1.30
CA VAL SC 148 -38.89 -98.29 0.50
C VAL SC 148 -37.55 -98.21 1.24
N THR SC 149 -36.43 -98.24 0.52
CA THR SC 149 -35.08 -98.05 1.06
C THR SC 149 -34.38 -96.96 0.26
N LEU SC 150 -34.22 -95.78 0.89
CA LEU SC 150 -33.56 -94.62 0.30
C LEU SC 150 -32.04 -94.83 0.36
N GLN SC 151 -31.38 -95.04 -0.78
CA GLN SC 151 -29.91 -95.07 -0.86
C GLN SC 151 -29.30 -93.67 -0.74
N LEU SC 152 -28.02 -93.61 -0.36
CA LEU SC 152 -27.18 -92.41 -0.43
C LEU SC 152 -27.20 -91.80 -1.85
N LYS SC 153 -26.79 -90.53 -1.99
CA LYS SC 153 -26.72 -89.82 -3.29
C LYS SC 153 -25.38 -90.00 -4.06
N PRO SC 154 -25.30 -90.83 -5.12
CA PRO SC 154 -24.25 -90.76 -6.14
C PRO SC 154 -24.74 -89.98 -7.38
N ASP SC 155 -24.06 -90.18 -8.53
CA ASP SC 155 -24.65 -89.93 -9.86
C ASP SC 155 -25.77 -90.93 -10.17
N ALA SC 156 -26.91 -90.44 -10.68
CA ALA SC 156 -28.06 -91.24 -11.12
C ALA SC 156 -29.01 -90.37 -11.96
N LYS SC 157 -29.77 -91.02 -12.86
CA LYS SC 157 -30.84 -90.37 -13.65
C LYS SC 157 -32.01 -91.31 -13.93
N GLN SC 158 -33.20 -90.76 -13.81
CA GLN SC 158 -34.49 -91.39 -14.22
C GLN SC 158 -35.45 -90.29 -14.73
N ASP SC 159 -36.56 -90.69 -15.33
CA ASP SC 159 -37.60 -89.77 -15.81
C ASP SC 159 -38.57 -89.28 -14.72
N ASN TC 33 -106.54 -116.90 124.32
CA ASN TC 33 -105.96 -116.12 123.20
C ASN TC 33 -105.89 -117.01 121.97
N THR TC 34 -105.74 -116.38 120.81
CA THR TC 34 -105.44 -117.11 119.58
C THR TC 34 -103.92 -117.09 119.35
N LEU TC 35 -103.36 -115.90 119.12
CA LEU TC 35 -101.94 -115.76 118.97
C LEU TC 35 -101.30 -115.73 120.35
N ARG TC 36 -100.38 -116.66 120.62
CA ARG TC 36 -99.71 -116.72 121.94
C ARG TC 36 -98.27 -116.23 122.01
N GLY TC 37 -97.55 -116.24 120.90
CA GLY TC 37 -96.16 -115.73 120.85
C GLY TC 37 -95.86 -115.29 119.42
N LEU TC 38 -94.90 -114.38 119.31
CA LEU TC 38 -94.48 -113.78 118.06
C LEU TC 38 -92.95 -113.59 118.08
N ASP TC 39 -92.25 -114.21 117.13
CA ASP TC 39 -90.80 -114.13 117.15
C ASP TC 39 -90.24 -113.67 115.79
N VAL TC 40 -89.21 -112.81 115.83
CA VAL TC 40 -88.52 -112.45 114.60
C VAL TC 40 -87.07 -112.91 114.64
N SER TC 41 -86.65 -113.69 113.66
CA SER TC 41 -85.25 -114.12 113.53
C SER TC 41 -84.56 -113.43 112.36
N ARG TC 42 -84.03 -112.20 112.59
CA ARG TC 42 -83.27 -111.52 111.51
C ARG TC 42 -82.00 -112.27 111.16
N THR TC 43 -81.80 -112.54 109.88
CA THR TC 43 -80.49 -113.06 109.46
C THR TC 43 -80.28 -112.61 108.03
N GLY TC 44 -79.03 -112.69 107.53
CA GLY TC 44 -78.67 -112.13 106.22
C GLY TC 44 -79.22 -112.89 105.05
N SER TC 45 -79.32 -114.20 105.14
CA SER TC 45 -79.92 -115.00 104.08
C SER TC 45 -81.43 -114.85 103.96
N GLY TC 46 -82.11 -114.71 105.10
CA GLY TC 46 -83.54 -114.53 105.16
C GLY TC 46 -83.87 -114.14 106.59
N ALA TC 47 -84.82 -113.22 106.77
CA ALA TC 47 -85.40 -113.01 108.06
C ALA TC 47 -86.68 -113.86 108.24
N GLN TC 48 -86.78 -114.57 109.36
CA GLN TC 48 -87.96 -115.38 109.62
C GLN TC 48 -88.88 -114.67 110.63
N VAL TC 49 -90.17 -114.59 110.29
CA VAL TC 49 -91.19 -114.19 111.22
C VAL TC 49 -92.04 -115.39 111.57
N VAL TC 50 -92.20 -115.61 112.87
CA VAL TC 50 -92.98 -116.71 113.38
C VAL TC 50 -94.10 -116.16 114.22
N VAL TC 51 -95.28 -116.70 113.98
CA VAL TC 51 -96.46 -116.35 114.75
C VAL TC 51 -97.03 -117.64 115.27
N THR TC 52 -97.13 -117.76 116.59
CA THR TC 52 -97.55 -119.01 117.20
C THR TC 52 -98.93 -118.80 117.77
N GLY TC 53 -99.82 -119.78 117.61
CA GLY TC 53 -101.23 -119.61 117.98
C GLY TC 53 -101.87 -120.92 118.40
N THR TC 54 -103.02 -120.82 119.05
CA THR TC 54 -103.70 -121.98 119.57
C THR TC 54 -104.48 -122.75 118.53
N ARG TC 55 -104.83 -122.12 117.41
CA ARG TC 55 -105.54 -122.78 116.31
C ARG TC 55 -104.84 -122.39 115.02
N PRO TC 56 -104.93 -123.24 114.00
CA PRO TC 56 -104.43 -122.91 112.68
C PRO TC 56 -105.02 -121.57 112.15
N PRO TC 57 -104.15 -120.68 111.69
CA PRO TC 57 -104.56 -119.37 111.28
C PRO TC 57 -104.88 -119.33 109.79
N THR TC 58 -106.00 -118.70 109.42
CA THR TC 58 -106.20 -118.31 108.02
C THR TC 58 -105.45 -116.98 107.84
N PHE TC 59 -104.74 -116.83 106.73
CA PHE TC 59 -103.95 -115.64 106.54
C PHE TC 59 -104.03 -115.35 105.06
N THR TC 60 -103.61 -114.15 104.71
CA THR TC 60 -103.34 -113.75 103.33
C THR TC 60 -102.11 -112.87 103.46
N VAL TC 61 -101.20 -113.06 102.53
CA VAL TC 61 -100.01 -112.22 102.43
C VAL TC 61 -99.99 -111.49 101.08
N PHE TC 62 -99.66 -110.19 101.12
CA PHE TC 62 -99.50 -109.44 99.90
C PHE TC 62 -98.43 -108.34 100.01
N ARG TC 63 -98.14 -107.65 98.91
CA ARG TC 63 -97.07 -106.64 98.86
C ARG TC 63 -97.65 -105.23 98.69
N LEU TC 64 -96.89 -104.20 99.09
CA LEU TC 64 -97.26 -102.84 98.71
C LEU TC 64 -95.95 -102.10 98.39
N SER TC 65 -96.07 -100.95 97.71
CA SER TC 65 -94.92 -100.16 97.35
C SER TC 65 -95.05 -98.75 97.87
N GLY TC 66 -93.98 -97.96 97.75
CA GLY TC 66 -93.95 -96.54 98.15
C GLY TC 66 -94.45 -96.24 99.55
N PRO TC 67 -93.82 -96.82 100.59
CA PRO TC 67 -92.57 -97.65 100.60
C PRO TC 67 -92.80 -99.16 100.37
N GLU TC 68 -91.80 -99.89 99.88
CA GLU TC 68 -91.89 -101.36 99.84
C GLU TC 68 -92.34 -101.97 101.20
N ARG TC 69 -93.34 -102.84 101.16
CA ARG TC 69 -93.95 -103.37 102.38
C ARG TC 69 -94.41 -104.76 102.13
N LEU TC 70 -94.46 -105.56 103.17
CA LEU TC 70 -95.12 -106.85 103.07
C LEU TC 70 -96.21 -106.77 104.12
N VAL TC 71 -97.39 -107.31 103.79
CA VAL TC 71 -98.53 -107.23 104.68
C VAL TC 71 -99.12 -108.60 104.92
N VAL TC 72 -99.38 -108.93 106.17
CA VAL TC 72 -100.04 -110.20 106.44
C VAL TC 72 -101.32 -109.93 107.18
N ASP TC 73 -102.42 -110.48 106.68
CA ASP TC 73 -103.70 -110.47 107.38
C ASP TC 73 -104.04 -111.80 108.06
N LEU TC 74 -104.36 -111.75 109.34
CA LEU TC 74 -104.63 -112.97 110.09
C LEU TC 74 -106.09 -112.98 110.59
N SER TC 75 -106.79 -114.07 110.31
CA SER TC 75 -108.22 -114.24 110.70
C SER TC 75 -108.38 -115.14 111.91
N SER TC 76 -109.50 -114.92 112.60
CA SER TC 76 -109.80 -115.46 113.93
C SER TC 76 -108.90 -114.91 115.03
N ALA TC 77 -107.66 -114.75 114.63
CA ALA TC 77 -106.65 -114.20 115.54
C ALA TC 77 -106.00 -112.97 114.89
N ASP TC 78 -105.68 -111.99 115.72
CA ASP TC 78 -104.98 -110.80 115.26
C ASP TC 78 -103.66 -110.84 116.02
N ALA TC 79 -102.59 -111.17 115.31
CA ALA TC 79 -101.26 -111.26 115.90
C ALA TC 79 -100.48 -109.96 115.65
N THR TC 80 -100.07 -109.30 116.72
CA THR TC 80 -99.31 -108.06 116.60
C THR TC 80 -97.92 -108.24 117.16
N GLY TC 81 -96.91 -107.94 116.34
CA GLY TC 81 -95.51 -108.04 116.77
C GLY TC 81 -94.93 -106.63 116.81
N ILE TC 82 -94.21 -106.33 117.88
CA ILE TC 82 -93.63 -105.01 118.05
C ILE TC 82 -92.45 -105.06 118.99
N LYS TC 83 -91.59 -104.17 118.81
CA LYS TC 83 -90.39 -103.95 119.64
C LYS TC 83 -89.44 -105.11 119.51
N GLY TC 84 -89.86 -106.12 118.75
CA GLY TC 84 -89.00 -107.25 118.39
C GLY TC 84 -88.15 -106.95 117.17
N HIS TC 85 -88.45 -105.86 116.47
CA HIS TC 85 -87.70 -105.54 115.27
C HIS TC 85 -86.39 -104.85 115.62
N HIS TC 86 -85.30 -105.51 115.32
CA HIS TC 86 -84.00 -105.01 115.69
C HIS TC 86 -83.54 -103.97 114.71
N GLU TC 87 -82.76 -103.01 115.22
CA GLU TC 87 -82.21 -101.99 114.34
C GLU TC 87 -81.27 -102.51 113.27
N GLY TC 88 -81.02 -103.82 113.24
CA GLY TC 88 -80.07 -104.42 112.29
C GLY TC 88 -80.67 -105.61 111.54
N SER TC 89 -82.00 -105.72 111.52
CA SER TC 89 -82.68 -106.67 110.64
C SER TC 89 -82.32 -106.31 109.16
N GLY TC 90 -81.70 -107.24 108.41
CA GLY TC 90 -81.36 -106.89 107.03
C GLY TC 90 -82.59 -106.71 106.13
N PRO TC 91 -83.74 -107.23 106.59
CA PRO TC 91 -84.98 -107.18 105.79
C PRO TC 91 -86.01 -106.20 106.30
N VAL TC 92 -86.25 -106.18 107.60
CA VAL TC 92 -87.38 -105.43 108.17
C VAL TC 92 -86.92 -104.12 108.78
N SER TC 93 -87.38 -103.02 108.17
CA SER TC 93 -87.14 -101.67 108.68
C SER TC 93 -88.04 -101.43 109.89
N GLY TC 94 -89.30 -101.89 109.84
CA GLY TC 94 -90.22 -101.81 110.99
C GLY TC 94 -91.49 -102.63 110.82
N VAL TC 95 -92.21 -102.87 111.92
CA VAL TC 95 -93.45 -103.66 111.87
C VAL TC 95 -94.58 -103.02 112.66
N VAL TC 96 -95.70 -102.75 112.00
CA VAL TC 96 -96.88 -102.17 112.65
C VAL TC 96 -98.00 -103.19 112.60
N ALA TC 97 -98.82 -103.19 113.64
CA ALA TC 97 -99.92 -104.16 113.74
C ALA TC 97 -101.22 -103.44 114.17
N SER TC 98 -102.35 -103.77 113.54
CA SER TC 98 -103.66 -103.31 114.00
C SER TC 98 -104.80 -104.30 113.79
N GLN TC 99 -105.72 -104.49 114.74
CA GLN TC 99 -106.87 -105.38 114.62
C GLN TC 99 -108.16 -104.62 114.37
N PHE TC 100 -109.00 -105.08 113.42
CA PHE TC 100 -110.32 -104.49 113.23
C PHE TC 100 -111.40 -105.57 113.42
N SER TC 101 -112.57 -105.13 113.93
CA SER TC 101 -113.70 -106.04 114.20
C SER TC 101 -114.65 -106.21 113.06
N ASP TC 102 -115.11 -107.47 112.91
CA ASP TC 102 -116.14 -107.84 111.94
C ASP TC 102 -117.15 -108.65 112.78
N GLN TC 103 -118.27 -108.03 113.17
CA GLN TC 103 -119.15 -108.66 114.14
C GLN TC 103 -118.32 -108.98 115.38
N ARG TC 104 -118.47 -110.20 115.84
CA ARG TC 104 -117.71 -110.64 117.00
C ARG TC 104 -116.32 -111.14 116.62
N ALA TC 105 -116.00 -111.19 115.32
CA ALA TC 105 -114.70 -111.68 114.87
C ALA TC 105 -113.68 -110.56 114.76
N SER TC 106 -112.42 -110.96 114.60
CA SER TC 106 -111.32 -110.00 114.54
C SER TC 106 -110.34 -110.35 113.42
N VAL TC 107 -109.97 -109.40 112.59
CA VAL TC 107 -108.92 -109.50 111.58
C VAL TC 107 -107.74 -108.62 111.96
N GLY TC 108 -106.46 -109.25 112.06
CA GLY TC 108 -105.31 -108.44 112.42
C GLY TC 108 -104.46 -108.24 111.18
N ARG TC 109 -103.96 -107.02 111.01
CA ARG TC 109 -103.09 -106.77 109.88
C ARG TC 109 -101.70 -106.48 110.38
N VAL TC 110 -100.73 -107.22 109.84
CA VAL TC 110 -99.31 -106.99 110.14
C VAL TC 110 -98.68 -106.40 108.92
N LEU TC 111 -97.94 -105.34 109.16
CA LEU TC 111 -97.30 -104.56 108.11
C LEU TC 111 -95.79 -104.44 108.33
N LEU TC 112 -95.01 -104.99 107.41
CA LEU TC 112 -93.55 -104.95 107.50
C LEU TC 112 -92.96 -104.04 106.47
N ALA TC 113 -92.51 -102.88 106.89
CA ALA TC 113 -91.74 -102.01 105.99
C ALA TC 113 -90.34 -102.63 105.74
N LEU TC 114 -89.91 -102.68 104.47
CA LEU TC 114 -88.71 -103.39 104.04
C LEU TC 114 -87.51 -102.54 103.70
N ASP TC 115 -86.31 -103.14 103.85
CA ASP TC 115 -85.00 -102.53 103.55
C ASP TC 115 -84.52 -102.99 102.17
N LYS TC 116 -85.18 -103.97 101.59
CA LYS TC 116 -84.77 -104.54 100.31
C LYS TC 116 -85.91 -105.38 99.75
N ALA TC 117 -85.88 -105.64 98.45
CA ALA TC 117 -86.94 -106.41 97.82
C ALA TC 117 -86.92 -107.86 98.28
N SER TC 118 -88.10 -108.37 98.61
CA SER TC 118 -88.21 -109.73 99.09
C SER TC 118 -89.11 -110.60 98.24
N GLN TC 119 -88.84 -111.89 98.31
CA GLN TC 119 -89.74 -112.88 97.83
C GLN TC 119 -90.21 -113.66 99.07
N TYR TC 120 -91.40 -113.33 99.59
CA TYR TC 120 -91.80 -114.02 100.82
C TYR TC 120 -92.21 -115.44 100.55
N ASP TC 121 -91.99 -116.31 101.53
CA ASP TC 121 -92.50 -117.67 101.49
C ASP TC 121 -93.17 -117.98 102.84
N VAL TC 122 -94.45 -118.34 102.78
CA VAL TC 122 -95.24 -118.61 103.96
C VAL TC 122 -95.64 -120.08 104.04
N ARG TC 123 -95.57 -120.66 105.24
CA ARG TC 123 -96.05 -122.04 105.42
C ARG TC 123 -96.52 -122.17 106.82
N ALA TC 124 -97.41 -123.12 107.05
CA ALA TC 124 -97.97 -123.34 108.37
C ALA TC 124 -97.39 -124.64 108.89
N ASP TC 125 -97.31 -124.77 110.21
CA ASP TC 125 -96.93 -126.03 110.86
C ASP TC 125 -97.58 -126.01 112.24
N GLY TC 126 -98.62 -126.80 112.39
CA GLY TC 126 -99.33 -126.85 113.66
C GLY TC 126 -99.99 -125.52 113.97
N ASN TC 127 -99.56 -124.92 115.09
CA ASN TC 127 -100.09 -123.61 115.49
C ASN TC 127 -99.13 -122.50 115.15
N ARG TC 128 -98.12 -122.81 114.34
CA ARG TC 128 -97.15 -121.79 113.97
C ARG TC 128 -97.29 -121.45 112.50
N VAL TC 129 -97.32 -120.16 112.22
CA VAL TC 129 -97.30 -119.66 110.87
C VAL TC 129 -95.95 -119.04 110.69
N VAL TC 130 -95.24 -119.49 109.67
CA VAL TC 130 -93.90 -119.00 109.38
C VAL TC 130 -93.84 -118.17 108.09
N ILE TC 131 -93.29 -116.97 108.17
CA ILE TC 131 -93.01 -116.23 106.95
C ILE TC 131 -91.53 -115.97 106.80
N SER TC 132 -90.92 -116.50 105.74
CA SER TC 132 -89.50 -116.21 105.52
C SER TC 132 -89.32 -115.21 104.38
N VAL TC 133 -88.56 -114.15 104.64
CA VAL TC 133 -88.39 -113.11 103.67
C VAL TC 133 -87.05 -113.35 103.06
N ASP TC 134 -87.05 -113.84 101.82
CA ASP TC 134 -85.79 -114.01 101.07
C ASP TC 134 -85.48 -112.81 100.17
N GLY TC 135 -84.21 -112.54 99.84
CA GLY TC 135 -84.01 -111.49 98.82
C GLY TC 135 -84.52 -111.86 97.42
N THR TC 136 -83.61 -112.02 96.46
CA THR TC 136 -83.97 -112.38 95.10
C THR TC 136 -83.50 -113.80 94.75
N SER TC 137 -82.79 -114.44 95.68
CA SER TC 137 -82.30 -115.80 95.47
C SER TC 137 -83.29 -116.78 96.11
N GLN TC 138 -84.00 -117.52 95.27
CA GLN TC 138 -85.03 -118.44 95.74
C GLN TC 138 -84.67 -119.91 95.93
N SER TC 139 -83.56 -120.36 95.37
CA SER TC 139 -83.22 -121.77 95.51
C SER TC 139 -81.74 -122.03 95.31
N VAL TC 140 -81.17 -122.85 96.19
CA VAL TC 140 -79.77 -123.22 96.09
C VAL TC 140 -79.77 -124.70 95.68
N ASP TC 214 -76.97 -94.82 63.31
CA ASP TC 214 -75.50 -94.89 63.21
C ASP TC 214 -74.80 -94.64 64.57
N ASP TC 215 -75.42 -93.81 65.40
CA ASP TC 215 -74.85 -93.38 66.67
C ASP TC 215 -74.98 -94.53 67.66
N THR TC 216 -76.05 -95.31 67.50
CA THR TC 216 -76.47 -96.39 68.40
C THR TC 216 -77.77 -96.96 67.85
N LEU TC 217 -77.84 -98.29 67.92
CA LEU TC 217 -79.08 -99.00 67.63
C LEU TC 217 -79.75 -99.32 68.97
N SER TC 218 -81.03 -98.98 69.05
CA SER TC 218 -81.82 -99.22 70.27
C SER TC 218 -82.74 -100.42 70.06
N ILE TC 219 -82.73 -101.30 71.06
CA ILE TC 219 -83.65 -102.44 71.12
C ILE TC 219 -84.61 -102.19 72.29
N ARG TC 220 -85.90 -102.24 71.98
CA ARG TC 220 -86.93 -102.02 72.99
C ARG TC 220 -87.79 -103.28 73.12
N ALA TC 221 -87.97 -103.69 74.37
CA ALA TC 221 -88.82 -104.84 74.72
C ALA TC 221 -89.88 -104.34 75.69
N ASP TC 222 -91.13 -104.36 75.22
CA ASP TC 222 -92.26 -103.88 76.03
C ASP TC 222 -92.99 -105.09 76.62
N GLY TC 223 -93.27 -105.00 77.91
CA GLY TC 223 -93.94 -106.08 78.65
C GLY TC 223 -94.07 -105.68 80.12
N ASP TC 224 -94.78 -106.54 80.85
CA ASP TC 224 -95.02 -106.35 82.29
C ASP TC 224 -93.76 -106.42 83.17
N ILE TC 225 -92.85 -107.31 82.81
CA ILE TC 225 -91.65 -107.56 83.60
C ILE TC 225 -90.67 -106.33 83.62
N ALA TC 226 -89.36 -106.49 83.75
CA ALA TC 226 -88.60 -107.74 83.62
C ALA TC 226 -87.32 -107.79 84.38
N ARG TC 227 -87.04 -108.96 84.90
CA ARG TC 227 -85.67 -109.22 85.34
C ARG TC 227 -84.87 -109.74 84.15
N TYR TC 228 -83.69 -109.16 83.98
CA TYR TC 228 -82.83 -109.49 82.84
C TYR TC 228 -81.37 -109.57 83.27
N GLU TC 229 -80.58 -110.19 82.42
CA GLU TC 229 -79.12 -110.14 82.51
C GLU TC 229 -78.57 -110.01 81.09
N VAL TC 230 -77.58 -109.13 80.95
CA VAL TC 230 -76.92 -108.91 79.65
C VAL TC 230 -75.44 -109.28 79.78
N LEU TC 231 -74.93 -109.90 78.74
CA LEU TC 231 -73.51 -110.28 78.67
C LEU TC 231 -73.06 -110.40 77.21
N GLU TC 232 -71.75 -110.49 77.02
CA GLU TC 232 -71.10 -110.59 75.72
C GLU TC 232 -70.53 -111.99 75.40
N LEU TC 233 -70.43 -112.27 74.12
CA LEU TC 233 -69.75 -113.48 73.62
C LEU TC 233 -68.87 -113.08 72.44
N ALA TC 234 -67.85 -113.88 72.19
CA ALA TC 234 -66.94 -113.64 71.06
C ALA TC 234 -66.95 -114.84 70.10
N ASP TC 235 -66.40 -114.62 68.91
CA ASP TC 235 -66.24 -115.66 67.88
C ASP TC 235 -67.59 -116.40 67.61
N PRO TC 236 -68.54 -115.70 67.00
CA PRO TC 236 -68.46 -114.28 66.60
C PRO TC 236 -68.90 -113.37 67.75
N PRO TC 237 -68.58 -112.08 67.65
CA PRO TC 237 -68.98 -111.07 68.65
C PRO TC 237 -70.51 -111.02 68.71
N ARG TC 238 -71.01 -111.07 69.93
CA ARG TC 238 -72.46 -111.19 70.22
C ARG TC 238 -72.80 -110.48 71.51
N LEU TC 239 -74.02 -109.98 71.60
CA LEU TC 239 -74.58 -109.49 72.86
C LEU TC 239 -75.81 -110.36 73.14
N ALA TC 240 -75.90 -110.83 74.38
CA ALA TC 240 -76.98 -111.74 74.79
C ALA TC 240 -77.75 -111.16 75.98
N VAL TC 241 -79.06 -111.21 75.87
CA VAL TC 241 -79.95 -110.79 76.96
C VAL TC 241 -80.84 -111.98 77.35
N ASP TC 242 -80.87 -112.26 78.64
CA ASP TC 242 -81.79 -113.25 79.21
C ASP TC 242 -82.89 -112.53 79.99
N LEU TC 243 -84.11 -112.88 79.64
CA LEU TC 243 -85.29 -112.29 80.26
C LEU TC 243 -86.04 -113.35 81.07
N PHE TC 244 -86.39 -112.99 82.29
CA PHE TC 244 -87.11 -113.93 83.14
C PHE TC 244 -88.56 -113.51 83.36
N GLY TC 245 -89.34 -114.54 83.71
CA GLY TC 245 -90.81 -114.43 83.83
C GLY TC 245 -91.45 -114.27 82.45
N VAL TC 246 -90.75 -114.76 81.42
CA VAL TC 246 -91.28 -114.73 80.05
C VAL TC 246 -91.36 -116.14 79.48
N GLY TC 247 -92.48 -116.35 78.78
CA GLY TC 247 -92.63 -117.51 77.89
C GLY TC 247 -92.53 -116.99 76.46
N LEU TC 248 -91.77 -117.72 75.65
CA LEU TC 248 -91.59 -117.38 74.23
C LEU TC 248 -92.97 -117.32 73.55
N ALA TC 249 -93.12 -116.38 72.63
CA ALA TC 249 -94.41 -116.17 71.95
C ALA TC 249 -94.19 -115.55 70.58
N THR TC 250 -95.24 -115.64 69.77
CA THR TC 250 -95.20 -115.15 68.38
C THR TC 250 -94.78 -113.69 68.33
N ARG TC 251 -95.05 -112.89 69.36
CA ARG TC 251 -94.60 -111.47 69.37
C ARG TC 251 -93.07 -111.33 69.41
N ALA TC 252 -92.38 -112.42 69.72
CA ALA TC 252 -90.91 -112.48 69.62
C ALA TC 252 -90.43 -111.94 68.25
N PRO TC 253 -91.11 -112.17 67.12
CA PRO TC 253 -90.78 -111.71 65.76
C PRO TC 253 -90.59 -110.22 65.65
N ARG TC 254 -91.32 -109.44 66.44
CA ARG TC 254 -91.10 -107.97 66.46
C ARG TC 254 -89.64 -107.66 66.81
N VAL TC 255 -88.96 -108.68 67.31
CA VAL TC 255 -87.53 -108.67 67.64
C VAL TC 255 -86.64 -108.46 66.40
N LYS TC 256 -87.16 -108.81 65.22
CA LYS TC 256 -86.40 -108.68 63.97
C LYS TC 256 -85.89 -107.25 63.76
N SER TC 257 -86.61 -106.31 64.36
CA SER TC 257 -86.30 -104.87 64.30
C SER TC 257 -84.95 -104.49 64.90
N GLY TC 258 -84.42 -105.40 65.71
CA GLY TC 258 -83.28 -105.00 66.50
C GLY TC 258 -82.02 -105.71 66.18
N ALA TC 259 -81.91 -106.60 65.15
CA ALA TC 259 -80.66 -107.23 64.64
C ALA TC 259 -79.67 -106.22 64.02
N LEU TC 260 -78.33 -106.32 64.15
CA LEU TC 260 -77.46 -107.14 64.98
C LEU TC 260 -76.68 -108.10 64.13
N ARG TC 261 -76.35 -107.67 62.92
CA ARG TC 261 -76.13 -108.60 61.80
C ARG TC 261 -77.34 -109.58 61.69
N ASP TC 262 -77.90 -110.03 62.80
CA ASP TC 262 -79.04 -110.87 63.12
C ASP TC 262 -79.29 -110.98 64.64
N VAL TC 263 -80.52 -111.38 64.89
CA VAL TC 263 -81.03 -111.66 66.23
C VAL TC 263 -81.77 -113.00 66.25
N ARG TC 264 -81.37 -113.86 67.17
CA ARG TC 264 -82.08 -115.14 67.40
C ARG TC 264 -82.57 -115.22 68.83
N VAL TC 265 -83.73 -115.83 68.99
CA VAL TC 265 -84.41 -115.91 70.30
C VAL TC 265 -84.84 -117.35 70.55
N GLY TC 266 -84.76 -117.75 71.82
CA GLY TC 266 -85.19 -119.09 72.24
C GLY TC 266 -85.53 -119.10 73.72
N ALA TC 267 -85.81 -120.30 74.22
CA ALA TC 267 -86.18 -120.52 75.63
C ALA TC 267 -85.95 -121.98 76.00
N HIS TC 268 -85.65 -122.19 77.27
CA HIS TC 268 -85.36 -123.53 77.79
C HIS TC 268 -86.01 -123.73 79.16
N ALA TC 269 -87.34 -123.78 79.15
CA ALA TC 269 -88.13 -123.97 80.38
C ALA TC 269 -87.68 -122.98 81.47
N ASP TC 270 -87.29 -121.81 81.01
CA ASP TC 270 -87.06 -120.77 82.00
C ASP TC 270 -87.87 -119.51 81.68
N LYS TC 271 -87.48 -118.40 81.05
CA LYS TC 271 -86.18 -117.77 80.61
C LYS TC 271 -86.07 -117.80 79.09
N VAL TC 272 -86.14 -116.59 78.55
CA VAL TC 272 -85.93 -116.39 77.12
C VAL TC 272 -84.55 -115.77 76.95
N ARG TC 273 -83.86 -116.23 75.91
CA ARG TC 273 -82.54 -115.70 75.56
C ARG TC 273 -82.59 -115.05 74.18
N LEU TC 274 -82.13 -113.80 74.16
CA LEU TC 274 -82.04 -113.03 72.93
C LEU TC 274 -80.55 -112.85 72.63
N VAL TC 275 -80.20 -113.19 71.40
CA VAL TC 275 -78.80 -113.21 70.94
C VAL TC 275 -78.68 -112.30 69.70
N LEU TC 276 -77.79 -111.37 69.80
CA LEU TC 276 -77.47 -110.32 68.80
C LEU TC 276 -76.08 -110.52 68.27
N ASP TC 277 -75.98 -111.01 67.08
CA ASP TC 277 -74.68 -111.03 66.41
C ASP TC 277 -74.26 -109.57 66.04
N VAL TC 278 -73.03 -109.19 66.16
CA VAL TC 278 -72.73 -107.77 65.90
C VAL TC 278 -71.93 -107.55 64.63
N ARG TC 279 -71.99 -106.33 64.12
CA ARG TC 279 -71.14 -105.89 63.00
C ARG TC 279 -69.94 -105.06 63.48
N GLY TC 280 -69.92 -104.73 64.77
CA GLY TC 280 -68.87 -103.89 65.38
C GLY TC 280 -68.91 -103.96 66.90
N THR TC 281 -67.80 -103.70 67.56
CA THR TC 281 -67.77 -103.75 69.03
C THR TC 281 -68.73 -102.72 69.64
N MET TC 282 -69.45 -103.14 70.66
CA MET TC 282 -70.44 -102.27 71.34
C MET TC 282 -70.14 -102.17 72.85
N LYS TC 341 -52.28 -93.64 83.65
CA LYS TC 341 -51.75 -93.03 82.44
C LYS TC 341 -50.36 -92.44 82.68
N ASP TC 342 -49.56 -92.39 81.63
CA ASP TC 342 -48.20 -91.86 81.73
C ASP TC 342 -47.55 -91.79 80.35
N VAL TC 343 -46.51 -90.95 80.23
CA VAL TC 343 -45.80 -90.79 78.97
C VAL TC 343 -44.34 -91.22 79.11
N ARG TC 344 -43.74 -91.60 77.99
CA ARG TC 344 -42.34 -92.03 77.99
C ARG TC 344 -41.68 -91.72 76.64
N PHE TC 345 -40.36 -91.59 76.65
CA PHE TC 345 -39.62 -91.29 75.44
C PHE TC 345 -38.41 -92.21 75.31
N GLU TC 346 -38.05 -92.54 74.06
CA GLU TC 346 -36.91 -93.41 73.81
C GLU TC 346 -36.47 -93.31 72.35
N GLU TC 347 -35.59 -94.03 71.85
CA GLU TC 347 -35.23 -93.98 70.45
C GLU TC 347 -34.95 -95.36 69.87
N SER TC 348 -35.16 -95.48 68.60
CA SER TC 348 -34.78 -96.69 67.90
C SER TC 348 -34.29 -96.26 66.53
N SER TC 349 -34.03 -97.22 65.66
CA SER TC 349 -33.33 -96.83 64.38
C SER TC 349 -34.27 -95.90 63.58
N SER TC 350 -35.58 -96.10 63.68
CA SER TC 350 -36.54 -95.16 63.06
C SER TC 350 -36.40 -93.74 63.67
N GLY TC 351 -35.64 -93.57 64.76
CA GLY TC 351 -35.51 -92.26 65.39
C GLY TC 351 -36.08 -92.16 66.80
N GLY TC 352 -36.77 -91.05 67.06
CA GLY TC 352 -37.37 -90.80 68.39
C GLY TC 352 -38.75 -91.43 68.51
N ARG TC 353 -39.01 -91.98 69.63
CA ARG TC 353 -40.18 -92.76 69.97
C ARG TC 353 -40.83 -92.25 71.25
N ILE TC 354 -42.16 -92.17 71.25
CA ILE TC 354 -42.90 -91.69 72.41
C ILE TC 354 -43.90 -92.75 72.89
N VAL TC 355 -43.45 -93.59 73.81
CA VAL TC 355 -44.31 -94.64 74.36
C VAL TC 355 -45.27 -94.08 75.41
N MET TC 356 -46.57 -94.12 75.11
CA MET TC 356 -47.58 -93.61 76.02
C MET TC 356 -48.37 -94.75 76.65
N LYS TC 357 -48.61 -94.66 77.96
CA LYS TC 357 -49.35 -95.69 78.67
C LYS TC 357 -50.83 -95.30 78.80
N LEU TC 358 -51.68 -96.03 78.09
CA LEU TC 358 -53.12 -95.77 78.14
C LEU TC 358 -53.86 -96.89 78.83
N SER TC 359 -54.17 -96.69 80.11
CA SER TC 359 -54.89 -97.70 80.90
C SER TC 359 -56.36 -97.36 80.99
N GLY TC 360 -57.19 -98.15 80.32
CA GLY TC 360 -58.63 -97.91 80.35
C GLY TC 360 -59.16 -97.42 79.02
N THR TC 361 -58.42 -97.69 77.96
CA THR TC 361 -58.82 -97.27 76.62
C THR TC 361 -59.10 -98.47 75.73
N SER TC 362 -60.03 -98.30 74.79
CA SER TC 362 -60.38 -99.37 73.87
C SER TC 362 -60.00 -99.02 72.44
N GLY TC 363 -60.73 -98.07 71.85
CA GLY TC 363 -60.46 -97.66 70.49
C GLY TC 363 -59.11 -96.97 70.36
N TRP TC 364 -59.03 -96.01 69.43
CA TRP TC 364 -57.79 -95.27 69.21
C TRP TC 364 -58.03 -93.76 69.30
N LYS TC 365 -57.04 -93.04 69.83
CA LYS TC 365 -57.12 -91.59 69.99
C LYS TC 365 -57.07 -90.85 68.65
N VAL TC 366 -57.14 -89.53 68.69
CA VAL TC 366 -57.10 -88.71 67.48
C VAL TC 366 -55.70 -88.17 67.24
N ASP TC 367 -55.00 -88.76 66.27
CA ASP TC 367 -53.65 -88.33 65.93
C ASP TC 367 -53.67 -87.15 64.96
N ARG TC 368 -53.12 -86.01 65.40
CA ARG TC 368 -53.08 -84.82 64.57
C ARG TC 368 -51.64 -84.38 64.32
N PRO TC 369 -51.08 -84.79 63.19
CA PRO TC 369 -49.71 -84.44 62.84
C PRO TC 369 -49.63 -83.02 62.30
N ASP TC 370 -49.05 -82.12 63.09
CA ASP TC 370 -48.92 -80.72 62.69
C ASP TC 370 -47.49 -80.40 62.30
N PRO TC 371 -47.28 -79.25 61.69
CA PRO TC 371 -45.95 -78.82 61.25
C PRO TC 371 -45.13 -78.31 62.44
N ARG TC 372 -45.82 -78.07 63.56
CA ARG TC 372 -45.15 -77.59 64.77
C ARG TC 372 -44.98 -78.71 65.79
N SER TC 373 -46.11 -79.27 66.24
CA SER TC 373 -46.09 -80.35 67.21
C SER TC 373 -47.14 -81.40 66.88
N ALA TC 374 -47.39 -82.31 67.82
CA ALA TC 374 -48.36 -83.37 67.63
C ALA TC 374 -49.51 -83.24 68.63
N VAL TC 375 -50.65 -83.83 68.29
CA VAL TC 375 -51.82 -83.79 69.16
C VAL TC 375 -52.47 -85.17 69.27
N LEU TC 376 -52.72 -85.60 70.51
CA LEU TC 376 -53.34 -86.89 70.75
C LEU TC 376 -54.40 -86.79 71.83
N THR TC 377 -55.66 -86.92 71.43
CA THR TC 377 -56.78 -86.84 72.37
C THR TC 377 -57.34 -88.23 72.67
N LEU TC 378 -57.64 -88.48 73.94
CA LEU TC 378 -58.18 -89.77 74.36
C LEU TC 378 -59.48 -89.58 75.13
N ASP TC 379 -60.61 -89.76 74.43
CA ASP TC 379 -61.91 -89.61 75.06
C ASP TC 379 -62.08 -90.57 76.22
N ASN TC 380 -62.61 -90.07 77.33
CA ASN TC 380 -62.81 -90.88 78.53
C ASN TC 380 -61.48 -91.39 79.08
N ALA TC 381 -60.42 -90.64 78.81
CA ALA TC 381 -59.09 -91.01 79.29
C ALA TC 381 -58.47 -89.88 80.10
N ARG TC 382 -59.31 -89.01 80.64
CA ARG TC 382 -58.85 -87.89 81.44
C ARG TC 382 -57.81 -88.33 82.46
N LEU TC 383 -56.58 -87.83 82.30
CA LEU TC 383 -55.50 -88.18 83.21
C LEU TC 383 -55.30 -87.09 84.26
N PRO TC 384 -54.86 -87.49 85.46
CA PRO TC 384 -54.63 -86.57 86.57
C PRO TC 384 -53.41 -85.68 86.33
N LYS TC 385 -53.41 -84.49 86.94
CA LYS TC 385 -52.32 -83.54 86.78
C LYS TC 385 -51.03 -84.10 87.38
N LYS TC 386 -51.15 -85.19 88.14
CA LYS TC 386 -49.99 -85.82 88.76
C LYS TC 386 -49.33 -86.82 87.81
N PHE TC 387 -49.80 -86.84 86.57
CA PHE TC 387 -49.25 -87.75 85.56
C PHE TC 387 -49.02 -87.02 84.24
N GLU TC 388 -49.20 -85.70 84.25
CA GLU TC 388 -49.02 -84.90 83.05
C GLU TC 388 -47.58 -84.39 82.96
N ARG TC 389 -46.66 -85.11 83.59
CA ARG TC 389 -45.25 -84.73 83.58
C ARG TC 389 -44.73 -84.63 82.15
N SER TC 390 -43.75 -83.75 81.95
CA SER TC 390 -43.16 -83.56 80.62
C SER TC 390 -41.78 -84.17 80.55
N LEU TC 391 -41.27 -84.33 79.33
CA LEU TC 391 -39.94 -84.90 79.12
C LEU TC 391 -38.90 -83.81 78.95
N ASP TC 392 -37.63 -84.19 79.02
CA ASP TC 392 -36.53 -83.25 78.87
C ASP TC 392 -35.48 -83.77 77.90
N THR TC 393 -35.95 -84.41 76.82
CA THR TC 393 -35.05 -84.96 75.81
C THR TC 393 -34.51 -83.86 74.91
N SER TC 394 -33.75 -82.95 75.49
CA SER TC 394 -33.17 -81.85 74.74
C SER TC 394 -31.76 -82.20 74.25
N ALA TC 395 -31.47 -81.87 72.99
CA ALA TC 395 -30.17 -82.16 72.42
C ALA TC 395 -29.93 -83.66 72.33
N LEU TC 396 -30.99 -84.42 72.06
CA LEU TC 396 -30.90 -85.87 71.97
C LEU TC 396 -30.66 -86.29 70.52
N ASP TC 397 -30.45 -85.32 69.64
CA ASP TC 397 -30.21 -85.58 68.23
C ASP TC 397 -31.39 -86.33 67.61
N THR TC 398 -32.60 -85.85 67.90
CA THR TC 398 -33.80 -86.47 67.37
C THR TC 398 -34.77 -85.42 66.83
N PRO TC 399 -35.73 -85.85 66.00
CA PRO TC 399 -36.73 -84.97 65.41
C PRO TC 399 -37.74 -84.46 66.44
N VAL TC 400 -37.75 -85.10 67.61
CA VAL TC 400 -38.66 -84.71 68.67
C VAL TC 400 -38.00 -83.72 69.63
N LYS TC 401 -38.44 -82.46 69.57
CA LYS TC 401 -37.89 -81.43 70.43
C LYS TC 401 -38.03 -81.80 71.90
N MET TC 402 -39.26 -82.07 72.32
CA MET TC 402 -39.53 -82.45 73.71
C MET TC 402 -41.00 -82.86 73.88
N ILE TC 403 -41.22 -83.91 74.67
CA ILE TC 403 -42.57 -84.39 74.92
C ILE TC 403 -43.22 -83.64 76.08
N SER TC 404 -44.50 -83.29 75.92
CA SER TC 404 -45.22 -82.58 76.96
C SER TC 404 -46.62 -83.16 77.15
N ALA TC 405 -46.92 -83.54 78.39
CA ALA TC 405 -48.23 -84.12 78.71
C ALA TC 405 -49.10 -83.10 79.44
N PHE TC 406 -50.37 -83.02 79.05
CA PHE TC 406 -51.31 -82.10 79.67
C PHE TC 406 -52.69 -82.74 79.83
N SER TC 407 -53.27 -82.61 81.01
CA SER TC 407 -54.58 -83.18 81.28
C SER TC 407 -55.68 -82.33 80.67
N VAL TC 408 -56.22 -81.36 81.43
CA VAL TC 408 -57.35 -80.59 80.96
C VAL TC 408 -57.04 -79.81 79.68
N PRO TC 409 -58.00 -79.81 78.75
CA PRO TC 409 -57.81 -78.92 77.60
C PRO TC 409 -59.18 -78.41 77.11
N GLY TC 410 -60.17 -78.39 78.01
CA GLY TC 410 -61.42 -77.71 77.70
C GLY TC 410 -62.53 -78.61 77.24
N ALA TC 411 -62.30 -79.91 77.24
CA ALA TC 411 -63.32 -80.89 76.84
C ALA TC 411 -63.43 -81.92 77.97
N GLY TC 412 -64.65 -82.10 78.50
CA GLY TC 412 -64.82 -83.14 79.52
C GLY TC 412 -64.26 -84.47 79.07
N GLY TC 413 -63.61 -85.16 80.00
CA GLY TC 413 -63.10 -86.52 79.90
C GLY TC 413 -61.92 -86.71 78.94
N LYS TC 414 -61.59 -85.76 78.10
CA LYS TC 414 -60.55 -85.87 77.09
C LYS TC 414 -59.18 -85.62 77.67
N VAL TC 415 -58.14 -86.23 77.07
CA VAL TC 415 -56.75 -85.88 77.39
C VAL TC 415 -55.98 -85.49 76.12
N ARG TC 416 -54.84 -84.83 76.36
CA ARG TC 416 -54.14 -84.24 75.23
C ARG TC 416 -52.63 -84.41 75.37
N LEU TC 417 -51.96 -84.65 74.24
CA LEU TC 417 -50.52 -84.83 74.24
C LEU TC 417 -49.84 -83.86 73.26
N VAL TC 418 -48.75 -83.25 73.71
CA VAL TC 418 -48.01 -82.31 72.86
C VAL TC 418 -46.57 -82.77 72.65
N VAL TC 419 -46.27 -83.18 71.42
CA VAL TC 419 -44.92 -83.65 71.09
C VAL TC 419 -44.25 -82.71 70.10
N ALA TC 420 -43.59 -81.67 70.62
CA ALA TC 420 -42.91 -80.70 69.79
C ALA TC 420 -41.89 -81.38 68.89
N ALA TC 421 -41.80 -80.92 67.64
CA ALA TC 421 -40.87 -81.47 66.67
C ALA TC 421 -40.09 -80.38 65.96
N ASP TC 422 -39.22 -80.77 65.03
CA ASP TC 422 -38.43 -79.83 64.27
C ASP TC 422 -38.09 -80.37 62.88
N GLY TC 423 -37.93 -79.47 61.92
CA GLY TC 423 -37.62 -79.87 60.57
C GLY TC 423 -38.58 -80.92 60.03
N ALA TC 424 -38.28 -81.45 58.86
CA ALA TC 424 -39.14 -82.45 58.24
C ALA TC 424 -39.07 -83.77 59.00
N ILE TC 425 -40.23 -84.38 59.22
CA ILE TC 425 -40.31 -85.64 59.94
C ILE TC 425 -41.59 -86.40 59.59
N GLU TC 426 -41.70 -87.63 60.10
CA GLU TC 426 -42.88 -88.44 59.84
C GLU TC 426 -43.37 -89.11 61.12
N GLU TC 427 -44.68 -89.18 61.28
CA GLU TC 427 -45.28 -89.79 62.46
C GLU TC 427 -45.73 -91.22 62.17
N LYS TC 428 -45.50 -92.12 63.12
CA LYS TC 428 -45.88 -93.52 62.97
C LYS TC 428 -46.41 -94.09 64.28
N VAL TC 429 -47.71 -94.35 64.31
CA VAL TC 429 -48.35 -94.90 65.51
C VAL TC 429 -48.30 -96.42 65.49
N SER TC 430 -48.07 -97.01 66.66
CA SER TC 430 -48.01 -98.46 66.78
C SER TC 430 -48.78 -98.93 68.01
N GLN TC 431 -49.63 -99.93 67.82
CA GLN TC 431 -50.43 -100.48 68.91
C GLN TC 431 -50.06 -101.93 69.18
N SER TC 432 -49.13 -102.14 70.11
CA SER TC 432 -48.68 -103.48 70.47
C SER TC 432 -49.72 -104.19 71.35
N ALA TC 433 -50.74 -103.45 71.76
CA ALA TC 433 -51.80 -104.00 72.60
C ALA TC 433 -52.87 -102.96 72.90
N GLY TC 434 -54.05 -103.43 73.30
CA GLY TC 434 -55.19 -102.56 73.62
C GLY TC 434 -54.96 -101.76 74.89
N THR TC 435 -54.17 -100.70 74.79
CA THR TC 435 -53.88 -99.86 75.94
C THR TC 435 -52.53 -99.19 75.84
N LEU TC 436 -51.60 -99.81 75.13
CA LEU TC 436 -50.27 -99.26 74.97
C LEU TC 436 -50.12 -98.56 73.62
N SER TC 437 -49.88 -97.26 73.66
CA SER TC 437 -49.73 -96.46 72.45
C SER TC 437 -48.28 -96.04 72.26
N TRP TC 438 -47.86 -95.91 71.01
CA TRP TC 438 -46.49 -95.51 70.68
C TRP TC 438 -46.46 -94.59 69.48
N ARG TC 439 -45.46 -93.72 69.43
CA ARG TC 439 -45.31 -92.77 68.33
C ARG TC 439 -43.85 -92.70 67.87
N LEU TC 440 -43.57 -93.31 66.72
CA LEU TC 440 -42.22 -93.32 66.17
C LEU TC 440 -41.99 -92.09 65.30
N TYR TC 477 -2.80 -75.41 50.72
CA TYR TC 477 -2.46 -76.22 49.53
C TYR TC 477 -2.20 -77.65 49.98
N ARG TC 478 -3.25 -78.24 50.57
CA ARG TC 478 -3.30 -79.66 50.86
C ARG TC 478 -4.75 -80.01 51.18
N GLY TC 479 -5.21 -81.17 50.71
CA GLY TC 479 -6.60 -81.54 50.85
C GLY TC 479 -6.91 -83.03 50.68
N LYS TC 480 -8.16 -83.43 51.00
CA LYS TC 480 -8.66 -84.75 50.56
C LYS TC 480 -8.64 -84.86 49.05
N ARG TC 481 -8.49 -86.10 48.57
CA ARG TC 481 -8.59 -86.48 47.16
C ARG TC 481 -10.01 -86.60 46.68
N VAL TC 482 -10.17 -86.22 45.43
CA VAL TC 482 -11.47 -85.95 44.86
C VAL TC 482 -11.45 -86.29 43.36
N SER TC 483 -12.64 -86.28 42.76
CA SER TC 483 -12.78 -86.32 41.32
C SER TC 483 -13.75 -85.22 40.95
N PHE TC 484 -13.25 -84.25 40.18
CA PHE TC 484 -14.03 -83.14 39.67
C PHE TC 484 -14.60 -83.33 38.32
N GLU TC 485 -15.91 -83.45 38.24
CA GLU TC 485 -16.58 -83.54 36.98
C GLU TC 485 -17.54 -82.38 36.86
N PHE TC 486 -17.25 -81.45 35.94
CA PHE TC 486 -18.03 -80.26 35.64
C PHE TC 486 -18.37 -80.13 34.19
N LYS TC 487 -19.63 -80.40 33.86
CA LYS TC 487 -20.10 -80.32 32.47
C LYS TC 487 -20.90 -79.06 32.25
N ASP TC 488 -20.20 -78.01 31.80
CA ASP TC 488 -20.82 -76.75 31.38
C ASP TC 488 -21.52 -76.13 32.61
N ILE TC 489 -20.68 -75.64 33.54
CA ILE TC 489 -21.15 -75.03 34.80
C ILE TC 489 -20.41 -73.74 35.11
N ASP TC 490 -21.11 -72.85 35.80
CA ASP TC 490 -20.51 -71.59 36.22
C ASP TC 490 -19.34 -71.85 37.16
N ILE TC 491 -18.20 -71.19 36.92
CA ILE TC 491 -17.05 -71.31 37.82
C ILE TC 491 -17.44 -70.89 39.23
N GLN TC 492 -18.38 -69.96 39.38
CA GLN TC 492 -18.97 -69.58 40.66
C GLN TC 492 -19.67 -70.75 41.34
N ASN TC 493 -20.38 -71.56 40.59
CA ASN TC 493 -20.95 -72.79 41.14
C ASN TC 493 -19.83 -73.73 41.53
N LEU TC 494 -18.85 -74.00 40.66
CA LEU TC 494 -17.75 -74.91 41.05
C LEU TC 494 -17.06 -74.44 42.31
N LEU TC 495 -16.84 -73.15 42.41
CA LEU TC 495 -16.32 -72.56 43.59
C LEU TC 495 -17.14 -72.85 44.84
N ARG TC 496 -18.44 -72.55 44.84
CA ARG TC 496 -19.33 -72.78 46.00
C ARG TC 496 -19.37 -74.21 46.41
N VAL TC 497 -19.51 -75.05 45.40
CA VAL TC 497 -19.44 -76.47 45.56
C VAL TC 497 -18.13 -76.82 46.29
N ILE TC 498 -17.02 -76.27 45.81
CA ILE TC 498 -15.74 -76.44 46.45
C ILE TC 498 -15.78 -75.84 47.87
N ALA TC 499 -16.42 -74.73 48.20
CA ALA TC 499 -16.60 -74.36 49.61
C ALA TC 499 -17.52 -75.29 50.46
N GLU TC 500 -18.56 -75.89 49.87
CA GLU TC 500 -19.51 -76.82 50.52
C GLU TC 500 -18.89 -78.16 50.93
N ILE TC 501 -17.74 -78.46 50.33
CA ILE TC 501 -16.90 -79.61 50.59
C ILE TC 501 -15.76 -79.21 51.61
N SER TC 502 -15.80 -78.07 52.36
CA SER TC 502 -14.83 -77.66 53.43
C SER TC 502 -13.43 -77.28 52.92
N LYS TC 503 -13.37 -77.11 51.62
CA LYS TC 503 -12.24 -76.55 50.91
C LYS TC 503 -12.31 -75.05 51.03
N LYS TC 504 -12.06 -74.61 52.26
CA LYS TC 504 -12.22 -73.22 52.72
C LYS TC 504 -13.69 -72.81 52.68
N ASN TC 505 -13.93 -71.56 53.03
CA ASN TC 505 -15.09 -70.85 52.51
C ASN TC 505 -14.61 -70.05 51.32
N ILE TC 506 -15.00 -70.44 50.11
CA ILE TC 506 -14.68 -69.70 48.90
C ILE TC 506 -15.79 -68.70 48.57
N VAL TC 507 -15.41 -67.46 48.21
CA VAL TC 507 -16.30 -66.40 47.69
C VAL TC 507 -15.62 -65.74 46.47
N VAL TC 508 -16.35 -65.60 45.35
CA VAL TC 508 -15.83 -64.84 44.19
C VAL TC 508 -15.97 -63.31 44.46
N ALA TC 509 -15.48 -62.47 43.54
CA ALA TC 509 -16.14 -61.20 43.21
C ALA TC 509 -17.59 -61.44 42.67
N ASP TC 510 -18.23 -60.46 42.01
CA ASP TC 510 -19.53 -60.77 41.38
C ASP TC 510 -19.26 -61.44 40.00
N ASP TC 511 -18.91 -60.62 39.01
CA ASP TC 511 -18.74 -61.13 37.64
C ASP TC 511 -17.27 -61.49 37.39
N VAL TC 512 -16.98 -62.75 37.68
CA VAL TC 512 -15.64 -63.31 37.49
C VAL TC 512 -15.35 -63.72 36.05
N SER TC 513 -16.29 -64.35 35.33
CA SER TC 513 -15.91 -65.07 34.10
C SER TC 513 -17.15 -65.58 33.37
N GLY TC 514 -17.52 -66.82 33.67
CA GLY TC 514 -18.64 -67.51 33.10
C GLY TC 514 -18.62 -68.97 33.50
N LYS TC 515 -18.85 -69.78 32.48
CA LYS TC 515 -18.99 -71.23 32.53
C LYS TC 515 -17.75 -71.96 32.01
N VAL TC 516 -17.40 -73.10 32.61
CA VAL TC 516 -16.29 -73.97 32.19
C VAL TC 516 -16.66 -75.45 32.28
N THR TC 517 -15.92 -76.25 31.49
CA THR TC 517 -15.92 -77.71 31.55
C THR TC 517 -14.56 -78.30 31.90
N ILE TC 518 -14.53 -79.12 32.95
CA ILE TC 518 -13.36 -79.93 33.33
C ILE TC 518 -13.84 -81.32 33.82
N ARG TC 519 -12.98 -82.35 33.75
CA ARG TC 519 -13.17 -83.67 34.38
C ARG TC 519 -11.91 -84.37 34.87
N LEU TC 520 -11.79 -84.35 36.17
CA LEU TC 520 -10.64 -84.81 36.92
C LEU TC 520 -10.98 -86.09 37.63
N ARG TC 521 -9.97 -86.93 37.79
CA ARG TC 521 -10.04 -88.06 38.71
C ARG TC 521 -8.81 -88.11 39.60
N ASN TC 522 -9.02 -88.54 40.84
CA ASN TC 522 -7.97 -88.77 41.85
C ASN TC 522 -7.10 -87.54 42.13
N VAL TC 523 -7.66 -86.35 42.13
CA VAL TC 523 -6.87 -85.10 42.35
C VAL TC 523 -7.33 -84.51 43.66
N PRO TC 524 -6.47 -84.24 44.66
CA PRO TC 524 -6.81 -83.33 45.74
C PRO TC 524 -7.30 -82.02 45.21
N TRP TC 525 -8.26 -81.50 45.92
CA TRP TC 525 -8.99 -80.40 45.40
C TRP TC 525 -8.25 -79.10 45.19
N ASP TC 526 -7.34 -78.81 46.12
CA ASP TC 526 -6.58 -77.56 46.22
C ASP TC 526 -5.65 -77.40 45.02
N GLN TC 527 -5.33 -78.57 44.49
CA GLN TC 527 -4.76 -78.70 43.20
C GLN TC 527 -5.80 -78.63 42.08
N ALA TC 528 -6.88 -79.41 42.11
CA ALA TC 528 -7.89 -79.33 41.06
C ALA TC 528 -8.36 -77.88 40.85
N LEU TC 529 -8.39 -77.08 41.94
CA LEU TC 529 -8.50 -75.63 41.97
C LEU TC 529 -7.40 -74.92 41.21
N ASP TC 530 -6.12 -75.03 41.57
CA ASP TC 530 -5.00 -74.32 40.85
C ASP TC 530 -5.07 -74.57 39.34
N LEU TC 531 -5.39 -75.79 39.08
CA LEU TC 531 -5.64 -76.32 37.78
C LEU TC 531 -6.90 -75.71 37.11
N VAL TC 532 -7.97 -75.42 37.86
CA VAL TC 532 -9.23 -74.80 37.35
C VAL TC 532 -8.95 -73.34 36.95
N LEU TC 533 -8.20 -72.62 37.79
CA LEU TC 533 -7.69 -71.27 37.54
C LEU TC 533 -7.07 -71.14 36.14
N ARG TC 534 -6.12 -72.04 35.86
CA ARG TC 534 -5.41 -72.11 34.56
C ARG TC 534 -6.24 -72.44 33.33
N THR TC 535 -7.35 -73.14 33.56
CA THR TC 535 -8.26 -73.47 32.46
C THR TC 535 -8.78 -72.20 31.79
N LYS TC 536 -9.54 -71.42 32.54
CA LYS TC 536 -10.25 -70.20 32.09
C LYS TC 536 -10.28 -69.17 33.22
N ALA TC 537 -10.44 -69.82 34.36
CA ALA TC 537 -10.85 -69.26 35.59
C ALA TC 537 -9.71 -68.38 36.12
N LEU TC 538 -9.94 -68.03 37.36
CA LEU TC 538 -9.42 -66.83 37.95
C LEU TC 538 -8.03 -67.03 38.55
N GLY TC 539 -7.54 -66.09 39.33
CA GLY TC 539 -6.56 -66.38 40.40
C GLY TC 539 -7.23 -66.33 41.79
N LYS TC 540 -6.66 -67.02 42.78
CA LYS TC 540 -7.18 -67.03 44.16
C LYS TC 540 -6.29 -66.24 45.11
N GLU TC 541 -6.91 -65.47 46.01
CA GLU TC 541 -6.29 -64.82 47.18
C GLU TC 541 -7.02 -65.22 48.46
N GLU TC 542 -6.28 -65.68 49.48
CA GLU TC 542 -6.88 -66.09 50.74
C GLU TC 542 -6.71 -65.05 51.85
N PHE TC 543 -7.83 -64.66 52.47
CA PHE TC 543 -7.83 -63.90 53.73
C PHE TC 543 -7.45 -64.75 54.96
N GLY TC 544 -7.87 -66.01 54.95
CA GLY TC 544 -7.48 -67.08 55.86
C GLY TC 544 -8.65 -68.04 56.07
N ASN TC 545 -9.71 -67.52 56.68
CA ASN TC 545 -10.98 -68.24 56.83
C ASN TC 545 -11.77 -68.31 55.52
N ILE TC 546 -11.92 -67.14 54.89
CA ILE TC 546 -12.51 -66.97 53.59
C ILE TC 546 -11.39 -66.76 52.57
N ILE TC 547 -11.65 -67.12 51.33
CA ILE TC 547 -10.76 -66.83 50.21
C ILE TC 547 -11.59 -66.04 49.18
N ARG TC 548 -11.00 -65.00 48.60
CA ARG TC 548 -11.59 -64.28 47.48
C ARG TC 548 -10.96 -64.69 46.16
N ILE TC 549 -11.83 -64.93 45.18
CA ILE TC 549 -11.42 -65.24 43.82
C ILE TC 549 -11.85 -64.14 42.89
N ALA TC 550 -10.91 -63.63 42.10
CA ALA TC 550 -11.18 -62.50 41.24
C ALA TC 550 -10.76 -62.73 39.79
N PRO TC 551 -11.45 -62.04 38.86
CA PRO TC 551 -11.12 -61.93 37.42
C PRO TC 551 -9.87 -61.07 37.16
N ASP TC 574 -14.08 -83.86 26.96
CA ASP TC 574 -13.51 -83.44 28.23
C ASP TC 574 -12.01 -83.19 28.19
N LEU TC 575 -11.71 -82.31 29.14
CA LEU TC 575 -10.41 -82.14 29.71
C LEU TC 575 -10.38 -83.02 30.86
N MET TC 576 -9.17 -83.49 31.09
CA MET TC 576 -9.00 -84.32 32.21
C MET TC 576 -7.71 -84.10 32.90
N VAL TC 577 -7.78 -84.56 34.13
CA VAL TC 577 -6.65 -84.64 34.99
C VAL TC 577 -6.42 -86.05 35.39
N ASN TC 578 -5.14 -86.34 35.32
CA ASN TC 578 -4.57 -87.61 35.62
C ASN TC 578 -3.28 -87.38 36.39
N LEU TC 579 -3.08 -88.20 37.42
CA LEU TC 579 -1.86 -88.29 38.20
C LEU TC 579 -1.00 -89.36 37.53
N LEU TC 580 0.25 -88.99 37.23
CA LEU TC 580 1.31 -89.87 36.77
C LEU TC 580 2.19 -90.17 37.97
N PRO TC 581 2.33 -91.42 38.45
CA PRO TC 581 3.42 -91.74 39.34
C PRO TC 581 4.73 -91.69 38.53
N VAL TC 582 5.78 -91.16 39.13
CA VAL TC 582 7.15 -91.31 38.64
C VAL TC 582 7.89 -92.16 39.67
N ASN TC 583 8.02 -93.46 39.38
CA ASN TC 583 8.68 -94.33 40.35
C ASN TC 583 10.19 -94.13 40.35
N TYR TC 584 10.78 -94.04 39.15
CA TYR TC 584 12.22 -94.17 39.00
C TYR TC 584 13.00 -92.87 38.92
N ALA TC 585 12.54 -91.94 38.07
CA ALA TC 585 13.20 -90.64 37.91
C ALA TC 585 12.71 -89.59 38.91
N VAL TC 586 13.45 -88.48 39.02
CA VAL TC 586 12.96 -87.28 39.71
C VAL TC 586 12.03 -86.49 38.76
N ALA TC 587 10.95 -85.93 39.31
CA ALA TC 587 9.96 -85.18 38.53
C ALA TC 587 10.55 -83.94 37.81
N ALA TC 588 11.50 -83.26 38.46
CA ALA TC 588 12.13 -82.05 37.92
C ALA TC 588 12.95 -82.28 36.63
N ASP TC 589 13.50 -83.47 36.43
CA ASP TC 589 14.23 -83.83 35.21
C ASP TC 589 13.34 -83.89 33.95
N MET TC 590 12.06 -84.23 34.14
CA MET TC 590 11.03 -84.15 33.11
C MET TC 590 10.68 -82.71 32.72
N ALA TC 591 10.91 -81.72 33.59
CA ALA TC 591 10.39 -80.36 33.43
C ALA TC 591 10.82 -79.70 32.11
N ALA TC 592 12.06 -79.91 31.68
CA ALA TC 592 12.56 -79.37 30.41
C ALA TC 592 11.73 -79.88 29.21
N ARG TC 593 11.57 -81.20 29.09
CA ARG TC 593 10.81 -81.85 28.00
C ARG TC 593 9.31 -81.56 28.05
N VAL TC 594 8.74 -81.57 29.25
CA VAL TC 594 7.30 -81.33 29.44
C VAL TC 594 6.97 -79.88 29.11
N LYS TC 595 7.80 -78.91 29.53
CA LYS TC 595 7.66 -77.50 29.15
C LYS TC 595 7.72 -77.33 27.63
N ASP TC 596 8.62 -78.08 26.99
CA ASP TC 596 8.77 -78.06 25.54
C ASP TC 596 7.58 -78.59 24.71
N VAL TC 597 6.82 -79.60 25.18
CA VAL TC 597 5.51 -79.92 24.52
C VAL TC 597 4.51 -78.77 24.65
N LEU TC 598 4.36 -78.19 25.86
CA LEU TC 598 3.31 -77.19 26.10
C LEU TC 598 3.43 -76.04 25.11
N SER TC 599 4.65 -75.54 24.88
CA SER TC 599 4.87 -74.32 24.10
C SER TC 599 3.96 -73.19 24.64
N GLU TC 600 3.26 -72.47 23.75
CA GLU TC 600 2.16 -71.53 24.08
C GLU TC 600 0.78 -72.21 24.14
N ARG TC 601 0.72 -73.52 24.46
CA ARG TC 601 -0.54 -74.20 24.69
C ARG TC 601 -0.95 -74.24 26.16
N GLY TC 602 -2.19 -74.69 26.20
CA GLY TC 602 -3.04 -74.96 27.33
C GLY TC 602 -3.23 -76.41 27.57
N SER TC 603 -3.38 -76.58 28.85
CA SER TC 603 -2.57 -77.58 29.50
C SER TC 603 -1.67 -76.93 30.50
N VAL TC 604 -1.40 -77.71 31.52
CA VAL TC 604 -0.35 -77.48 32.46
C VAL TC 604 0.09 -78.78 33.10
N THR TC 605 1.24 -78.68 33.73
CA THR TC 605 1.85 -79.69 34.58
C THR TC 605 2.12 -79.12 35.98
N VAL TC 606 1.78 -79.87 37.02
CA VAL TC 606 2.04 -79.56 38.42
C VAL TC 606 2.85 -80.67 39.06
N ASP TC 607 3.92 -80.28 39.74
CA ASP TC 607 4.79 -81.21 40.45
C ASP TC 607 4.39 -81.25 41.93
N GLN TC 608 3.88 -82.40 42.36
CA GLN TC 608 3.63 -82.63 43.79
C GLN TC 608 4.88 -83.13 44.48
N ARG TC 609 4.96 -82.86 45.79
CA ARG TC 609 6.13 -83.17 46.62
C ARG TC 609 6.55 -84.64 46.65
N THR TC 610 5.59 -85.54 46.56
CA THR TC 610 5.81 -87.00 46.58
C THR TC 610 6.23 -87.53 45.19
N ASN TC 611 6.89 -86.71 44.36
CA ASN TC 611 7.35 -87.03 43.00
C ASN TC 611 6.30 -87.71 42.14
N VAL TC 612 5.13 -87.05 42.07
CA VAL TC 612 4.09 -87.36 41.08
C VAL TC 612 3.84 -86.13 40.24
N LEU TC 613 3.72 -86.33 38.92
CA LEU TC 613 3.26 -85.26 38.05
C LEU TC 613 1.74 -85.29 37.94
N ILE TC 614 1.17 -84.09 37.83
CA ILE TC 614 -0.24 -83.94 37.52
C ILE TC 614 -0.42 -83.02 36.34
N VAL TC 615 -1.24 -83.47 35.40
CA VAL TC 615 -1.57 -82.72 34.20
C VAL TC 615 -3.05 -82.37 34.12
N LYS TC 616 -3.42 -81.10 33.89
CA LYS TC 616 -4.72 -80.79 33.28
C LYS TC 616 -4.43 -80.47 31.86
N ASP TC 617 -5.37 -80.85 31.04
CA ASP TC 617 -5.45 -80.47 29.64
C ASP TC 617 -6.58 -81.18 28.93
N VAL TC 618 -6.72 -80.86 27.65
CA VAL TC 618 -7.39 -81.73 26.69
C VAL TC 618 -6.83 -83.15 26.83
N ARG TC 619 -7.64 -84.17 26.53
CA ARG TC 619 -7.15 -85.55 26.45
C ARG TC 619 -5.92 -85.70 25.54
N SER TC 620 -5.89 -85.03 24.39
CA SER TC 620 -4.81 -85.19 23.41
C SER TC 620 -3.46 -84.68 23.93
N ASN TC 621 -3.43 -83.53 24.63
CA ASN TC 621 -2.19 -83.07 25.30
C ASN TC 621 -1.86 -83.91 26.56
N THR TC 622 -2.86 -84.40 27.34
CA THR TC 622 -2.61 -85.38 28.44
C THR TC 622 -1.90 -86.64 27.95
N GLU TC 623 -2.43 -87.20 26.86
CA GLU TC 623 -1.90 -88.42 26.26
C GLU TC 623 -0.43 -88.25 25.89
N ARG TC 624 -0.09 -87.16 25.21
CA ARG TC 624 1.30 -86.83 24.85
C ARG TC 624 2.17 -86.75 26.09
N ALA TC 625 1.78 -85.94 27.08
CA ALA TC 625 2.54 -85.77 28.31
C ALA TC 625 2.74 -87.12 29.05
N ARG TC 626 1.69 -87.97 29.17
CA ARG TC 626 1.83 -89.31 29.75
C ARG TC 626 2.82 -90.17 28.98
N SER TC 627 2.71 -90.24 27.65
CA SER TC 627 3.60 -91.06 26.82
C SER TC 627 5.07 -90.68 27.02
N LEU TC 628 5.39 -89.38 27.11
CA LEU TC 628 6.75 -88.91 27.37
C LEU TC 628 7.20 -89.21 28.82
N VAL TC 629 6.37 -88.92 29.83
CA VAL TC 629 6.70 -89.17 31.24
C VAL TC 629 6.95 -90.65 31.44
N ARG TC 630 6.05 -91.53 30.99
CA ARG TC 630 6.27 -92.98 31.10
C ARG TC 630 7.47 -93.45 30.31
N SER TC 631 7.69 -92.92 29.09
CA SER TC 631 8.81 -93.34 28.25
C SER TC 631 10.17 -93.01 28.89
N LEU TC 632 10.32 -91.81 29.46
CA LEU TC 632 11.49 -91.43 30.24
C LEU TC 632 11.58 -92.13 31.60
N ASP TC 633 10.42 -92.40 32.24
CA ASP TC 633 10.42 -93.22 33.44
C ASP TC 633 11.02 -94.55 32.96
N THR TC 634 10.50 -95.24 31.91
CA THR TC 634 10.99 -96.58 31.49
C THR TC 634 12.49 -96.82 31.27
N GLN TC 635 13.30 -95.83 30.86
CA GLN TC 635 14.76 -96.04 30.84
C GLN TC 635 15.42 -95.98 32.24
N THR TC 636 14.81 -95.21 33.14
CA THR TC 636 15.05 -95.23 34.60
C THR TC 636 14.74 -96.54 35.41
N PRO TC 637 13.68 -97.36 35.15
CA PRO TC 637 13.52 -98.70 35.69
C PRO TC 637 14.59 -99.74 35.38
N GLN TC 638 15.27 -99.65 34.22
CA GLN TC 638 16.41 -100.55 34.04
C GLN TC 638 17.60 -100.07 34.89
N VAL TC 639 17.60 -100.54 36.13
CA VAL TC 639 18.67 -100.24 37.11
C VAL TC 639 19.82 -101.24 36.98
N CYS UC 5 -78.84 37.76 -0.83
CA CYS UC 5 -78.12 37.29 0.35
C CYS UC 5 -79.12 36.75 1.40
N GLU UC 6 -78.61 36.22 2.51
CA GLU UC 6 -79.39 36.09 3.76
C GLU UC 6 -78.91 37.12 4.81
N GLU UC 7 -79.87 37.65 5.56
CA GLU UC 7 -79.75 38.81 6.46
C GLU UC 7 -79.43 38.37 7.92
N PRO UC 8 -79.41 39.24 8.96
CA PRO UC 8 -78.82 38.93 10.29
C PRO UC 8 -79.18 37.60 10.98
N PRO UC 9 -80.48 37.37 11.26
CA PRO UC 9 -81.15 36.28 10.56
C PRO UC 9 -81.79 36.69 9.23
N ALA UC 10 -82.10 35.67 8.42
CA ALA UC 10 -82.93 35.76 7.22
C ALA UC 10 -84.37 36.27 7.53
N PRO UC 11 -85.30 36.26 6.55
CA PRO UC 11 -86.74 36.56 6.81
C PRO UC 11 -87.41 35.61 7.83
N ALA UC 12 -88.72 35.28 7.68
CA ALA UC 12 -89.50 34.70 8.80
C ALA UC 12 -89.90 33.20 8.72
N PRO UC 13 -89.95 32.49 7.57
CA PRO UC 13 -90.37 31.06 7.53
C PRO UC 13 -89.35 29.89 7.61
N PRO UC 14 -88.05 30.00 7.97
CA PRO UC 14 -87.32 31.14 8.50
C PRO UC 14 -86.54 32.00 7.49
N PRO UC 15 -86.64 31.94 6.14
CA PRO UC 15 -87.06 30.89 5.21
C PRO UC 15 -86.18 29.64 5.19
N ALA UC 16 -86.70 28.57 4.57
CA ALA UC 16 -85.88 27.67 3.77
C ALA UC 16 -84.92 26.87 4.64
N LYS UC 17 -84.88 27.21 5.93
CA LYS UC 17 -84.09 26.46 6.89
C LYS UC 17 -84.55 25.00 6.98
N PRO UC 18 -85.73 24.73 6.45
CA PRO UC 18 -86.15 23.35 6.19
C PRO UC 18 -85.18 22.63 5.26
N LYS UC 19 -84.32 23.38 4.59
CA LYS UC 19 -83.29 22.80 3.74
C LYS UC 19 -81.98 22.61 4.52
N ALA UC 20 -81.44 23.71 5.03
CA ALA UC 20 -80.20 23.67 5.79
C ALA UC 20 -80.36 22.81 7.05
N ALA UC 21 -81.24 23.24 7.94
CA ALA UC 21 -81.37 22.62 9.25
C ALA UC 21 -81.96 21.22 9.14
N ALA UC 22 -82.50 20.89 7.97
CA ALA UC 22 -82.90 19.53 7.66
C ALA UC 22 -81.72 18.72 7.14
N ALA UC 23 -80.96 19.29 6.22
CA ALA UC 23 -79.81 18.61 5.63
C ALA UC 23 -78.71 18.39 6.66
N VAL UC 24 -78.65 19.28 7.64
CA VAL UC 24 -78.09 18.93 8.94
C VAL UC 24 -79.08 18.10 9.76
N PRO UC 25 -79.65 18.73 10.79
CA PRO UC 25 -79.59 18.19 12.14
C PRO UC 25 -79.73 16.67 12.17
N VAL UC 26 -78.78 15.97 11.56
CA VAL UC 26 -77.39 16.04 11.97
C VAL UC 26 -76.61 14.82 11.50
N LYS UC 27 -76.72 13.72 12.25
CA LYS UC 27 -77.93 13.43 13.00
C LYS UC 27 -77.81 13.90 14.45
N ALA UC 28 -77.10 15.01 14.64
CA ALA UC 28 -76.28 15.18 15.85
C ALA UC 28 -75.57 13.88 16.22
N ALA UC 29 -76.36 12.89 16.63
CA ALA UC 29 -76.16 12.23 17.91
C ALA UC 29 -76.71 13.07 19.05
N PRO UC 30 -75.94 14.07 19.47
CA PRO UC 30 -74.49 13.97 19.49
C PRO UC 30 -74.02 12.90 20.48
N THR UC 31 -72.88 12.28 20.20
CA THR UC 31 -72.47 11.07 20.90
C THR UC 31 -71.69 11.41 22.17
N GLU UC 32 -72.42 11.78 23.22
CA GLU UC 32 -71.81 12.08 24.51
C GLU UC 32 -71.26 10.81 25.16
N THR UC 33 -70.39 10.11 24.44
CA THR UC 33 -70.23 8.65 24.64
C THR UC 33 -68.77 8.20 24.82
N GLY UC 34 -68.07 7.90 23.71
CA GLY UC 34 -67.17 6.73 23.63
C GLY UC 34 -65.75 6.99 24.17
N ALA UC 35 -65.63 7.18 25.49
CA ALA UC 35 -64.51 7.82 26.15
C ALA UC 35 -63.44 6.80 26.61
N GLN UC 36 -63.03 6.85 27.88
CA GLN UC 36 -61.88 6.11 28.44
C GLN UC 36 -62.31 5.12 29.50
N ALA UC 37 -61.69 3.94 29.52
CA ALA UC 37 -62.05 2.83 30.41
C ALA UC 37 -61.17 2.77 31.67
N ALA UC 38 -61.74 2.35 32.79
CA ALA UC 38 -61.02 1.92 33.98
C ALA UC 38 -60.41 0.50 33.86
N PRO UC 39 -60.53 -0.14 32.68
CA PRO UC 39 -61.21 -1.45 32.54
C PRO UC 39 -61.76 -2.04 33.86
N SER UC 40 -61.61 -3.35 34.07
CA SER UC 40 -61.93 -4.04 35.34
C SER UC 40 -60.91 -5.18 35.53
N TYR UC 41 -60.81 -5.72 36.74
CA TYR UC 41 -59.71 -6.58 37.17
C TYR UC 41 -60.26 -7.87 37.81
N SER UC 42 -59.63 -8.99 37.50
CA SER UC 42 -59.95 -10.30 38.06
C SER UC 42 -59.23 -10.57 39.39
N TYR UC 43 -59.65 -11.62 40.10
CA TYR UC 43 -59.16 -11.96 41.45
C TYR UC 43 -58.42 -13.31 41.54
N VAL UC 44 -57.52 -13.43 42.51
CA VAL UC 44 -56.55 -14.54 42.64
C VAL UC 44 -56.43 -14.99 44.11
N TYR UC 45 -56.20 -16.25 44.46
CA TYR UC 45 -56.38 -17.53 43.74
C TYR UC 45 -56.56 -18.62 44.83
N ASN UC 46 -57.11 -19.80 44.49
CA ASN UC 46 -57.50 -20.81 45.50
C ASN UC 46 -56.45 -21.92 45.68
N PRO UC 47 -55.57 -21.77 46.70
CA PRO UC 47 -55.06 -22.95 47.41
C PRO UC 47 -54.85 -22.74 48.93
N VAL UC 48 -54.96 -23.87 49.61
CA VAL UC 48 -53.80 -24.42 50.36
C VAL UC 48 -53.35 -25.71 49.68
N GLY UC 49 -52.04 -25.93 49.60
CA GLY UC 49 -51.45 -27.14 49.03
C GLY UC 49 -51.76 -28.41 49.85
N LYS UC 50 -51.42 -29.57 49.30
CA LYS UC 50 -51.49 -30.87 49.97
C LYS UC 50 -50.19 -31.64 49.79
N ARG UC 51 -49.88 -32.56 50.70
CA ARG UC 51 -48.66 -33.38 50.69
C ARG UC 51 -49.00 -34.87 50.63
N ASP UC 52 -48.17 -35.52 49.84
CA ASP UC 52 -47.97 -36.94 49.63
C ASP UC 52 -46.40 -37.06 49.51
N PRO UC 53 -45.94 -37.13 48.25
CA PRO UC 53 -45.07 -36.14 47.66
C PRO UC 53 -45.45 -34.67 47.95
N PHE UC 54 -44.51 -33.75 48.18
CA PHE UC 54 -43.07 -33.89 47.94
C PHE UC 54 -42.29 -34.15 49.24
N ARG UC 55 -42.93 -34.55 50.36
CA ARG UC 55 -42.19 -34.77 51.61
C ARG UC 55 -41.18 -35.90 51.51
N SER UC 56 -41.61 -37.13 51.25
CA SER UC 56 -40.67 -38.25 51.04
C SER UC 56 -39.59 -38.01 49.97
N PRO UC 57 -39.90 -37.52 48.74
CA PRO UC 57 -38.87 -37.29 47.73
C PRO UC 57 -37.93 -36.08 47.96
N ILE UC 58 -37.99 -35.34 49.07
CA ILE UC 58 -36.93 -34.38 49.47
C ILE UC 58 -36.63 -34.43 50.98
N ASP UC 59 -37.65 -34.35 51.85
CA ASP UC 59 -37.53 -34.40 53.33
C ASP UC 59 -36.97 -35.76 53.82
N GLU UC 60 -37.15 -36.86 53.05
CA GLU UC 60 -36.64 -38.22 53.36
C GLU UC 60 -35.52 -38.68 52.39
N LEU UC 61 -35.50 -38.20 51.15
CA LEU UC 61 -34.43 -38.45 50.19
C LEU UC 61 -33.14 -37.66 50.47
N GLY UC 62 -33.23 -36.43 51.01
CA GLY UC 62 -32.06 -35.63 51.39
C GLY UC 62 -31.17 -36.23 52.50
N PRO UC 63 -31.76 -36.93 53.49
CA PRO UC 63 -31.13 -37.76 54.54
C PRO UC 63 -30.41 -39.07 54.10
N VAL UC 64 -31.03 -40.57 53.79
CA VAL UC 64 -30.44 -41.93 53.84
C VAL UC 64 -31.44 -42.97 53.35
N ASN UC 65 -31.19 -43.93 52.44
CA ASN UC 65 -32.22 -44.70 51.77
C ASN UC 65 -31.78 -46.16 51.68
N ALA UC 66 -32.60 -47.05 52.23
CA ALA UC 66 -32.46 -48.49 52.12
C ALA UC 66 -33.80 -49.10 51.75
N ASN UC 67 -33.79 -50.16 50.93
CA ASN UC 67 -34.98 -50.89 50.50
C ASN UC 67 -34.83 -52.38 50.89
N PRO UC 68 -35.12 -52.73 52.17
CA PRO UC 68 -34.80 -54.03 52.75
C PRO UC 68 -35.26 -55.27 51.98
N VAL UC 69 -34.45 -56.32 52.08
CA VAL UC 69 -34.83 -57.69 51.65
C VAL UC 69 -35.70 -58.42 52.66
N ALA UC 70 -36.87 -58.87 52.24
CA ALA UC 70 -37.73 -59.82 52.96
C ALA UC 70 -38.50 -60.79 52.04
N ALA UC 71 -38.56 -60.50 50.73
CA ALA UC 71 -39.18 -60.90 49.49
C ALA UC 71 -39.16 -62.41 49.24
N CYS UC 72 -39.81 -62.83 48.14
CA CYS UC 72 -39.53 -64.10 47.51
C CYS UC 72 -38.16 -64.14 46.79
N ASN UC 73 -37.47 -65.28 46.89
CA ASN UC 73 -36.55 -65.60 45.80
C ASN UC 73 -36.23 -67.10 45.59
N GLU UC 74 -37.17 -68.05 45.66
CA GLU UC 74 -36.75 -69.39 46.10
C GLU UC 74 -37.05 -70.46 45.00
N PRO UC 75 -36.03 -70.83 44.21
CA PRO UC 75 -36.18 -71.03 42.78
C PRO UC 75 -36.62 -72.46 42.45
N LEU UC 76 -35.86 -73.46 42.88
CA LEU UC 76 -36.03 -74.82 42.37
C LEU UC 76 -37.25 -75.50 42.99
N CYS UC 77 -37.68 -75.06 44.17
CA CYS UC 77 -38.99 -75.45 44.71
C CYS UC 77 -40.21 -74.85 43.97
N SER UC 78 -39.97 -74.02 42.96
CA SER UC 78 -40.96 -73.55 41.98
C SER UC 78 -40.91 -74.28 40.62
N PHE UC 79 -39.99 -75.25 40.41
CA PHE UC 79 -39.84 -76.03 39.16
C PHE UC 79 -39.82 -77.56 39.39
N ASP UC 80 -40.31 -78.33 38.45
CA ASP UC 80 -40.52 -79.79 38.64
C ASP UC 80 -39.23 -80.61 38.46
N LEU UC 81 -39.09 -81.75 39.15
CA LEU UC 81 -37.78 -82.39 39.34
C LEU UC 81 -37.19 -83.00 38.07
N ASP UC 82 -38.06 -83.56 37.22
CA ASP UC 82 -37.70 -84.17 35.92
C ASP UC 82 -37.29 -83.10 34.89
N GLN UC 83 -37.49 -81.80 35.19
CA GLN UC 83 -36.99 -80.69 34.37
C GLN UC 83 -35.49 -80.40 34.65
N LEU UC 84 -34.98 -80.82 35.82
CA LEU UC 84 -33.62 -80.51 36.29
C LEU UC 84 -32.59 -81.54 35.78
N LYS UC 85 -31.40 -81.07 35.37
CA LYS UC 85 -30.37 -81.92 34.75
C LYS UC 85 -29.04 -81.88 35.50
N LEU UC 86 -28.47 -83.04 35.86
CA LEU UC 86 -27.21 -83.08 36.62
C LEU UC 86 -26.01 -82.67 35.72
N VAL UC 87 -25.38 -81.54 36.07
CA VAL UC 87 -24.23 -80.97 35.35
C VAL UC 87 -22.94 -81.68 35.73
N ALA UC 88 -22.71 -81.81 37.04
CA ALA UC 88 -21.43 -82.20 37.63
C ALA UC 88 -21.63 -82.66 39.09
N VAL UC 89 -20.57 -83.19 39.69
CA VAL UC 89 -20.49 -83.48 41.12
C VAL UC 89 -19.09 -83.07 41.62
N VAL UC 90 -19.04 -82.45 42.81
CA VAL UC 90 -17.81 -82.12 43.53
C VAL UC 90 -17.73 -83.01 44.77
N THR UC 91 -16.53 -83.45 45.14
CA THR UC 91 -16.28 -84.23 46.36
C THR UC 91 -14.92 -83.86 46.93
N GLY UC 92 -14.87 -83.67 48.24
CA GLY UC 92 -13.70 -83.38 49.04
C GLY UC 92 -14.08 -83.32 50.52
N ASP UC 93 -13.17 -82.82 51.35
CA ASP UC 93 -13.26 -82.80 52.81
C ASP UC 93 -14.49 -82.05 53.34
N ALA UC 94 -14.97 -81.05 52.59
CA ALA UC 94 -16.21 -80.30 52.82
C ALA UC 94 -17.52 -81.07 52.54
N SER UC 95 -17.48 -82.41 52.44
CA SER UC 95 -18.55 -83.35 52.04
C SER UC 95 -18.94 -83.28 50.55
N PRO UC 96 -19.44 -84.37 49.94
CA PRO UC 96 -19.87 -84.39 48.54
C PRO UC 96 -21.06 -83.45 48.29
N VAL UC 97 -21.02 -82.76 47.14
CA VAL UC 97 -22.06 -81.85 46.65
C VAL UC 97 -22.34 -82.03 45.16
N ALA UC 98 -23.63 -82.14 44.79
CA ALA UC 98 -24.09 -82.22 43.41
C ALA UC 98 -24.28 -80.83 42.81
N MET UC 99 -24.12 -80.71 41.48
CA MET UC 99 -24.41 -79.51 40.71
C MET UC 99 -25.45 -79.80 39.62
N VAL UC 100 -26.53 -79.04 39.59
CA VAL UC 100 -27.74 -79.30 38.77
C VAL UC 100 -28.24 -78.05 38.04
N GLU UC 101 -28.81 -78.23 36.85
CA GLU UC 101 -29.22 -77.19 35.90
C GLU UC 101 -30.74 -77.10 35.79
N ASP UC 102 -31.27 -75.87 35.84
CA ASP UC 102 -32.70 -75.53 35.75
C ASP UC 102 -33.18 -75.70 34.28
N PRO UC 103 -34.48 -75.81 33.99
CA PRO UC 103 -35.01 -75.57 32.64
C PRO UC 103 -34.81 -74.11 32.19
N ALA UC 104 -34.61 -73.17 33.14
CA ALA UC 104 -34.18 -71.80 32.90
C ALA UC 104 -32.64 -71.62 32.74
N GLY UC 105 -31.86 -72.70 32.71
CA GLY UC 105 -30.42 -72.69 32.46
C GLY UC 105 -29.53 -72.17 33.60
N ARG UC 106 -30.09 -71.90 34.80
CA ARG UC 106 -29.28 -71.63 35.99
C ARG UC 106 -28.56 -72.90 36.48
N GLY UC 107 -27.34 -72.76 37.00
CA GLY UC 107 -26.69 -73.76 37.86
C GLY UC 107 -26.99 -73.58 39.36
N HIS UC 108 -27.16 -74.71 40.05
CA HIS UC 108 -27.36 -74.80 41.52
C HIS UC 108 -26.38 -75.81 42.11
N ILE UC 109 -26.17 -75.73 43.42
CA ILE UC 109 -25.35 -76.68 44.18
C ILE UC 109 -26.15 -77.14 45.40
N VAL UC 110 -26.29 -78.46 45.56
CA VAL UC 110 -27.12 -79.09 46.59
C VAL UC 110 -26.39 -80.34 47.08
N ARG UC 111 -26.62 -80.72 48.34
CA ARG UC 111 -25.89 -81.83 48.99
C ARG UC 111 -26.79 -82.66 49.91
N ARG UC 112 -26.30 -83.81 50.38
CA ARG UC 112 -27.08 -84.72 51.23
C ARG UC 112 -27.71 -83.98 52.42
N ASN UC 113 -29.01 -84.22 52.65
CA ASN UC 113 -29.95 -83.52 53.54
C ASN UC 113 -30.68 -82.27 52.98
N THR UC 114 -30.14 -81.59 51.96
CA THR UC 114 -30.82 -80.49 51.24
C THR UC 114 -31.94 -80.97 50.31
N ARG UC 115 -32.70 -80.02 49.74
CA ARG UC 115 -33.84 -80.26 48.82
C ARG UC 115 -33.72 -79.46 47.53
N MET UC 116 -34.55 -79.81 46.57
CA MET UC 116 -34.73 -79.20 45.25
C MET UC 116 -36.15 -79.55 44.74
N GLY UC 117 -36.69 -78.83 43.76
CA GLY UC 117 -37.92 -79.20 43.07
C GLY UC 117 -39.24 -78.97 43.82
N ARG UC 118 -40.36 -78.92 43.09
CA ARG UC 118 -41.71 -78.76 43.68
C ARG UC 118 -42.13 -79.90 44.59
N GLN UC 119 -41.75 -81.14 44.24
CA GLN UC 119 -41.94 -82.32 45.11
C GLN UC 119 -40.92 -82.38 46.28
N GLY UC 120 -40.13 -81.32 46.53
CA GLY UC 120 -39.23 -81.21 47.68
C GLY UC 120 -38.11 -82.26 47.73
N GLY UC 121 -37.70 -82.77 46.56
CA GLY UC 121 -36.74 -83.85 46.34
C GLY UC 121 -35.49 -83.74 47.21
N LYS UC 122 -35.44 -84.55 48.26
CA LYS UC 122 -34.36 -84.52 49.26
C LYS UC 122 -33.15 -85.31 48.76
N VAL UC 123 -31.98 -84.68 48.72
CA VAL UC 123 -30.73 -85.38 48.38
C VAL UC 123 -30.35 -86.45 49.41
N THR UC 124 -30.26 -87.72 48.99
CA THR UC 124 -29.99 -88.85 49.89
C THR UC 124 -28.69 -89.57 49.52
N GLN UC 125 -28.30 -89.64 48.25
CA GLN UC 125 -27.00 -90.16 47.77
C GLN UC 125 -26.43 -89.26 46.67
N ILE UC 126 -25.10 -89.28 46.49
CA ILE UC 126 -24.39 -88.53 45.46
C ILE UC 126 -23.26 -89.44 44.95
N LEU UC 127 -23.37 -89.91 43.71
CA LEU UC 127 -22.33 -90.65 42.98
C LEU UC 127 -21.60 -89.69 42.02
N ARG UC 128 -20.77 -90.19 41.10
CA ARG UC 128 -20.02 -89.34 40.13
C ARG UC 128 -20.77 -89.11 38.81
N ASP UC 129 -21.69 -90.02 38.54
CA ASP UC 129 -22.50 -90.20 37.34
C ASP UC 129 -23.98 -89.88 37.54
N SER UC 130 -24.41 -89.79 38.80
CA SER UC 130 -25.81 -89.84 39.21
C SER UC 130 -26.04 -89.41 40.67
N VAL UC 131 -27.25 -89.03 41.02
CA VAL UC 131 -27.65 -88.50 42.34
C VAL UC 131 -29.02 -89.04 42.71
N THR UC 132 -29.08 -89.94 43.70
CA THR UC 132 -30.34 -90.36 44.34
C THR UC 132 -30.96 -89.32 45.28
N VAL UC 133 -32.24 -89.04 45.05
CA VAL UC 133 -33.08 -88.15 45.84
C VAL UC 133 -34.40 -88.82 46.25
N THR UC 134 -34.98 -88.37 47.37
CA THR UC 134 -36.36 -88.77 47.79
C THR UC 134 -37.38 -87.66 47.61
N GLU UC 135 -38.32 -87.88 46.71
CA GLU UC 135 -39.34 -86.92 46.26
C GLU UC 135 -40.71 -87.28 46.84
N VAL UC 136 -41.70 -86.41 46.63
CA VAL UC 136 -43.01 -86.39 47.27
C VAL UC 136 -44.13 -86.33 46.21
N PHE UC 137 -44.64 -87.49 45.80
CA PHE UC 137 -45.66 -87.61 44.75
C PHE UC 137 -47.03 -88.00 45.30
N SER UC 138 -48.12 -87.59 44.67
CA SER UC 138 -49.49 -88.02 45.02
C SER UC 138 -49.88 -89.30 44.24
N GLY UC 139 -49.46 -90.45 44.76
CA GLY UC 139 -49.77 -91.76 44.18
C GLY UC 139 -51.24 -92.12 44.40
N ASN UC 140 -52.07 -91.95 43.36
CA ASN UC 140 -53.50 -92.24 43.36
C ASN UC 140 -54.33 -91.52 44.46
N GLY UC 141 -53.77 -90.45 45.05
CA GLY UC 141 -54.36 -89.68 46.16
C GLY UC 141 -53.56 -89.73 47.46
N GLU UC 142 -52.71 -90.73 47.68
CA GLU UC 142 -51.78 -90.76 48.80
C GLU UC 142 -50.47 -89.99 48.51
N ILE UC 143 -50.01 -89.18 49.47
CA ILE UC 143 -48.65 -88.64 49.40
C ILE UC 143 -47.64 -89.73 49.77
N ILE UC 144 -46.82 -90.12 48.79
CA ILE UC 144 -45.82 -91.20 48.92
C ILE UC 144 -44.42 -90.72 48.50
N LYS UC 145 -43.41 -91.47 48.96
CA LYS UC 145 -42.00 -91.26 48.57
C LYS UC 145 -41.76 -91.78 47.15
N ASN UC 146 -41.02 -91.00 46.35
CA ASN UC 146 -40.53 -91.43 45.04
C ASN UC 146 -38.97 -91.39 45.01
N PRO UC 147 -38.25 -92.53 45.02
CA PRO UC 147 -36.78 -92.59 45.11
C PRO UC 147 -36.10 -92.43 43.73
N VAL UC 148 -36.18 -91.24 43.14
CA VAL UC 148 -35.60 -90.92 41.83
C VAL UC 148 -34.07 -90.83 41.88
N THR UC 149 -33.39 -91.16 40.78
CA THR UC 149 -31.93 -90.99 40.63
C THR UC 149 -31.65 -90.20 39.36
N LEU UC 150 -31.23 -88.93 39.53
CA LEU UC 150 -30.89 -88.02 38.44
C LEU UC 150 -29.51 -88.39 37.90
N GLN UC 151 -29.43 -88.93 36.68
CA GLN UC 151 -28.14 -89.13 36.00
C GLN UC 151 -27.53 -87.81 35.49
N LEU UC 152 -26.23 -87.83 35.24
CA LEU UC 152 -25.48 -86.78 34.52
C LEU UC 152 -26.13 -86.49 33.15
N LYS UC 153 -25.84 -85.35 32.52
CA LYS UC 153 -26.34 -84.96 31.19
C LYS UC 153 -25.48 -85.45 30.00
N PRO UC 154 -25.88 -86.51 29.25
CA PRO UC 154 -25.39 -86.80 27.90
C PRO UC 154 -26.38 -86.28 26.84
N ASP UC 155 -26.27 -86.80 25.60
CA ASP UC 155 -27.39 -86.78 24.65
C ASP UC 155 -28.54 -87.69 25.09
N ALA UC 156 -29.78 -87.21 25.02
CA ALA UC 156 -31.01 -87.94 25.33
C ALA UC 156 -32.24 -87.19 24.78
N LYS UC 157 -33.32 -87.92 24.50
CA LYS UC 157 -34.62 -87.35 24.10
C LYS UC 157 -35.80 -88.19 24.60
N GLN UC 158 -36.83 -87.50 25.08
CA GLN UC 158 -38.15 -88.05 25.42
C GLN UC 158 -39.23 -87.00 25.11
N ASP UC 159 -40.49 -87.39 25.16
CA ASP UC 159 -41.64 -86.49 24.96
C ASP UC 159 -42.03 -85.66 26.21
N ASN VC 33 -41.44 -73.37 182.93
CA ASN VC 33 -41.42 -72.94 181.51
C ASN VC 33 -41.89 -74.09 180.65
N THR VC 34 -42.28 -73.76 179.42
CA THR VC 34 -42.56 -74.77 178.41
C THR VC 34 -41.29 -74.96 177.56
N LEU VC 35 -40.89 -73.94 176.81
CA LEU VC 35 -39.68 -74.00 176.05
C LEU VC 35 -38.50 -73.73 176.96
N ARG VC 36 -37.56 -74.68 177.04
CA ARG VC 36 -36.37 -74.52 177.90
C ARG VC 36 -35.04 -74.20 177.22
N GLY VC 37 -34.89 -74.53 175.95
CA GLY VC 37 -33.67 -74.21 175.18
C GLY VC 37 -34.04 -74.13 173.71
N LEU VC 38 -33.22 -73.40 172.98
CA LEU VC 38 -33.39 -73.14 171.56
C LEU VC 38 -32.01 -73.13 170.87
N ASP VC 39 -31.81 -74.02 169.91
CA ASP VC 39 -30.50 -74.10 169.28
C ASP VC 39 -30.60 -74.04 167.73
N VAL VC 40 -29.66 -73.31 167.13
CA VAL VC 40 -29.58 -73.31 165.66
C VAL VC 40 -28.26 -73.92 165.19
N SER VC 41 -28.32 -74.95 164.36
CA SER VC 41 -27.12 -75.54 163.76
C SER VC 41 -27.02 -75.21 162.28
N ARG VC 42 -26.44 -74.05 161.94
CA ARG VC 42 -26.23 -73.71 160.51
C ARG VC 42 -25.26 -74.66 159.84
N THR VC 43 -25.64 -75.24 158.71
CA THR VC 43 -24.67 -75.98 157.92
C THR VC 43 -25.10 -75.89 156.48
N GLY VC 44 -24.20 -76.21 155.54
CA GLY VC 44 -24.46 -76.01 154.09
C GLY VC 44 -25.48 -76.94 153.51
N SER VC 45 -25.53 -78.18 153.97
CA SER VC 45 -26.53 -79.13 153.50
C SER VC 45 -27.95 -78.84 154.00
N GLY VC 46 -28.05 -78.38 155.25
CA GLY VC 46 -29.30 -78.02 155.86
C GLY VC 46 -28.96 -77.28 157.16
N ALA VC 47 -29.74 -76.24 157.48
CA ALA VC 47 -29.68 -75.69 158.80
C ALA VC 47 -30.75 -76.32 159.72
N GLN VC 48 -30.35 -76.74 160.90
CA GLN VC 48 -31.29 -77.33 161.84
C GLN VC 48 -31.67 -76.32 162.93
N VAL VC 49 -32.97 -76.17 163.18
CA VAL VC 49 -33.48 -75.46 164.32
C VAL VC 49 -34.09 -76.43 165.29
N VAL VC 50 -33.65 -76.34 166.54
CA VAL VC 50 -34.12 -77.20 167.59
C VAL VC 50 -34.76 -76.35 168.66
N VAL VC 51 -35.92 -76.79 169.10
CA VAL VC 51 -36.63 -76.14 170.18
C VAL VC 51 -36.93 -77.22 171.21
N THR VC 52 -36.44 -77.01 172.43
CA THR VC 52 -36.55 -78.04 173.45
C THR VC 52 -37.53 -77.55 174.48
N GLY VC 53 -38.40 -78.43 174.96
CA GLY VC 53 -39.49 -78.03 175.84
C GLY VC 53 -39.90 -79.13 176.82
N THR VC 54 -40.63 -78.75 177.86
CA THR VC 54 -41.02 -79.69 178.88
C THR VC 54 -42.18 -80.58 178.50
N ARG VC 55 -42.99 -80.18 177.52
CA ARG VC 55 -44.12 -80.98 177.04
C ARG VC 55 -44.05 -80.97 175.52
N PRO VC 56 -44.59 -82.02 174.89
CA PRO VC 56 -44.72 -82.05 173.45
C PRO VC 56 -45.49 -80.81 172.91
N PRO VC 57 -44.91 -80.15 171.91
CA PRO VC 57 -45.46 -78.93 171.39
C PRO VC 57 -46.40 -79.17 170.22
N THR VC 58 -47.56 -78.52 170.23
CA THR VC 58 -48.36 -78.44 169.00
C THR VC 58 -47.77 -77.28 168.19
N PHE VC 59 -47.61 -77.47 166.90
CA PHE VC 59 -47.00 -76.44 166.09
C PHE VC 59 -47.72 -76.50 164.77
N THR VC 60 -47.50 -75.46 163.97
CA THR VC 60 -47.87 -75.41 162.56
C THR VC 60 -46.71 -74.67 161.93
N VAL VC 61 -46.30 -75.17 160.77
CA VAL VC 61 -45.27 -74.51 159.97
C VAL VC 61 -45.84 -74.11 158.60
N PHE VC 62 -45.54 -72.88 158.17
CA PHE VC 62 -45.93 -72.44 156.84
C PHE VC 62 -44.92 -71.49 156.20
N ARG VC 63 -45.14 -71.09 154.96
CA ARG VC 63 -44.20 -70.25 154.20
C ARG VC 63 -44.79 -68.86 153.95
N LEU VC 64 -43.94 -67.87 153.70
CA LEU VC 64 -44.41 -66.59 153.18
C LEU VC 64 -43.40 -66.08 152.17
N SER VC 65 -43.80 -65.11 151.34
CA SER VC 65 -42.92 -64.57 150.34
C SER VC 65 -42.80 -63.06 150.50
N GLY VC 66 -41.90 -62.45 149.73
CA GLY VC 66 -41.69 -61.00 149.70
C GLY VC 66 -41.51 -60.32 151.06
N PRO VC 67 -40.49 -60.74 151.83
CA PRO VC 67 -39.37 -61.67 151.52
C PRO VC 67 -39.69 -63.16 151.79
N GLU VC 68 -39.00 -64.09 151.13
CA GLU VC 68 -39.10 -65.51 151.50
C GLU VC 68 -38.92 -65.75 153.03
N ARG VC 69 -39.83 -66.48 153.65
CA ARG VC 69 -39.83 -66.65 155.09
C ARG VC 69 -40.36 -68.01 155.43
N LEU VC 70 -39.95 -68.53 156.55
CA LEU VC 70 -40.59 -69.74 157.08
C LEU VC 70 -41.11 -69.29 158.44
N VAL VC 71 -42.30 -69.76 158.80
CA VAL VC 71 -42.94 -69.34 160.03
C VAL VC 71 -43.36 -70.55 160.83
N VAL VC 72 -43.03 -70.56 162.11
CA VAL VC 72 -43.52 -71.66 162.96
C VAL VC 72 -44.34 -71.08 164.08
N ASP VC 73 -45.55 -71.60 164.25
CA ASP VC 73 -46.38 -71.27 165.41
C ASP VC 73 -46.40 -72.39 166.47
N LEU VC 74 -46.11 -72.00 167.70
CA LEU VC 74 -46.02 -72.99 168.78
C LEU VC 74 -47.11 -72.72 169.84
N SER VC 75 -47.87 -73.75 170.17
CA SER VC 75 -48.97 -73.66 171.17
C SER VC 75 -48.58 -74.25 172.52
N SER VC 76 -49.28 -73.75 173.53
CA SER VC 76 -48.97 -73.94 174.96
C SER VC 76 -47.67 -73.27 175.39
N ALA VC 77 -46.74 -73.34 174.47
CA ALA VC 77 -45.43 -72.72 174.68
C ALA VC 77 -45.12 -71.77 173.53
N ASP VC 78 -44.47 -70.66 173.87
CA ASP VC 78 -44.04 -69.69 172.88
C ASP VC 78 -42.51 -69.71 172.97
N ALA VC 79 -41.88 -70.31 171.98
CA ALA VC 79 -40.42 -70.41 171.96
C ALA VC 79 -39.83 -69.31 171.07
N THR VC 80 -38.99 -68.46 171.66
CA THR VC 80 -38.35 -67.37 170.91
C THR VC 80 -36.85 -67.59 170.85
N GLY VC 81 -36.31 -67.60 169.63
CA GLY VC 81 -34.87 -67.76 169.43
C GLY VC 81 -34.33 -66.45 168.87
N ILE VC 82 -33.21 -66.01 169.41
CA ILE VC 82 -32.60 -64.76 168.98
C ILE VC 82 -31.13 -64.72 169.30
N LYS VC 83 -30.44 -64.00 168.54
CA LYS VC 83 -29.00 -63.74 168.70
C LYS VC 83 -28.21 -65.00 168.46
N GLY VC 84 -28.92 -66.10 168.25
CA GLY VC 84 -28.32 -67.37 167.85
C GLY VC 84 -28.09 -67.46 166.35
N HIS VC 85 -28.67 -66.54 165.60
CA HIS VC 85 -28.53 -66.57 164.16
C HIS VC 85 -27.19 -65.97 163.73
N HIS VC 86 -26.35 -66.80 163.16
CA HIS VC 86 -25.02 -66.39 162.81
C HIS VC 86 -25.04 -65.65 161.49
N GLU VC 87 -24.12 -64.69 161.35
CA GLU VC 87 -24.00 -63.98 160.10
C GLU VC 87 -23.64 -64.83 158.90
N GLY VC 88 -23.43 -66.13 159.09
CA GLY VC 88 -23.00 -67.03 158.03
C GLY VC 88 -23.87 -68.28 157.93
N SER VC 89 -25.08 -68.24 158.51
CA SER VC 89 -26.07 -69.28 158.27
C SER VC 89 -26.41 -69.30 156.75
N GLY VC 90 -26.19 -70.44 156.06
CA GLY VC 90 -26.50 -70.45 154.63
C GLY VC 90 -28.00 -70.34 154.34
N PRO VC 91 -28.84 -70.62 155.35
CA PRO VC 91 -30.30 -70.59 155.18
C PRO VC 91 -30.99 -69.41 155.81
N VAL VC 92 -30.62 -69.08 157.05
CA VAL VC 92 -31.38 -68.10 157.83
C VAL VC 92 -30.70 -66.74 157.83
N SER VC 93 -31.38 -65.77 157.23
CA SER VC 93 -30.94 -64.37 157.23
C SER VC 93 -31.21 -63.77 158.60
N GLY VC 94 -32.35 -64.08 159.22
CA GLY VC 94 -32.67 -63.63 160.59
C GLY VC 94 -33.88 -64.32 161.18
N VAL VC 95 -34.06 -64.22 162.51
CA VAL VC 95 -35.19 -64.86 163.20
C VAL VC 95 -35.84 -63.93 164.20
N VAL VC 96 -37.15 -63.70 164.05
CA VAL VC 96 -37.90 -62.84 164.96
C VAL VC 96 -38.93 -63.71 165.66
N ALA VC 97 -39.22 -63.39 166.93
CA ALA VC 97 -40.15 -64.19 167.72
C ALA VC 97 -41.13 -63.24 168.45
N SER VC 98 -42.43 -63.58 168.48
CA SER VC 98 -43.38 -62.87 169.34
C SER VC 98 -44.51 -63.74 169.88
N GLN VC 99 -44.91 -63.61 171.15
CA GLN VC 99 -45.99 -64.37 171.76
C GLN VC 99 -47.27 -63.54 171.90
N PHE VC 100 -48.43 -64.10 171.55
CA PHE VC 100 -49.70 -63.43 171.81
C PHE VC 100 -50.59 -64.31 172.71
N SER VC 101 -51.42 -63.64 173.54
CA SER VC 101 -52.31 -64.32 174.48
C SER VC 101 -53.66 -64.64 173.95
N ASP VC 102 -54.16 -65.84 174.32
CA ASP VC 102 -55.51 -66.29 174.02
C ASP VC 102 -56.04 -66.77 175.38
N GLN VC 103 -56.87 -65.95 176.05
CA GLN VC 103 -57.23 -66.25 177.43
C GLN VC 103 -55.94 -66.38 178.23
N ARG VC 104 -55.88 -67.42 179.00
CA ARG VC 104 -54.68 -67.69 179.79
C ARG VC 104 -53.60 -68.42 178.99
N ALA VC 105 -53.89 -68.79 177.74
CA ALA VC 105 -52.93 -69.53 176.91
C ALA VC 105 -52.06 -68.58 176.09
N SER VC 106 -51.00 -69.13 175.52
CA SER VC 106 -50.04 -68.34 174.75
C SER VC 106 -49.66 -69.06 173.46
N VAL VC 107 -49.69 -68.36 172.34
CA VAL VC 107 -49.20 -68.81 171.02
C VAL VC 107 -47.98 -68.01 170.64
N GLY VC 108 -46.77 -68.73 170.34
CA GLY VC 108 -45.58 -68.01 169.96
C GLY VC 108 -45.38 -68.19 168.47
N ARG VC 109 -45.00 -67.11 167.79
CA ARG VC 109 -44.71 -67.21 166.38
C ARG VC 109 -43.25 -66.98 166.15
N VAL VC 110 -42.61 -67.92 165.44
CA VAL VC 110 -41.21 -67.80 165.05
C VAL VC 110 -41.19 -67.59 163.56
N LEU VC 111 -40.40 -66.57 163.18
CA LEU VC 111 -40.30 -66.13 161.80
C LEU VC 111 -38.85 -66.14 161.32
N LEU VC 112 -38.56 -66.96 160.32
CA LEU VC 112 -37.22 -67.09 159.77
C LEU VC 112 -37.14 -66.50 158.40
N ALA VC 113 -36.54 -65.33 158.27
CA ALA VC 113 -36.25 -64.77 156.93
C ALA VC 113 -35.11 -65.59 156.28
N LEU VC 114 -35.28 -65.98 155.01
CA LEU VC 114 -34.40 -66.90 154.31
C LEU VC 114 -33.48 -66.29 153.28
N ASP VC 115 -32.33 -66.98 153.04
CA ASP VC 115 -31.29 -66.60 152.06
C ASP VC 115 -31.47 -67.41 150.78
N LYS VC 116 -32.33 -68.42 150.81
CA LYS VC 116 -32.53 -69.30 149.67
C LYS VC 116 -33.79 -70.12 149.88
N ALA VC 117 -34.35 -70.65 148.81
CA ALA VC 117 -35.58 -71.42 148.92
C ALA VC 117 -35.37 -72.72 149.66
N SER VC 118 -36.27 -73.01 150.58
CA SER VC 118 -36.16 -74.20 151.38
C SER VC 118 -37.36 -75.13 151.26
N GLN VC 119 -37.08 -76.40 151.53
CA GLN VC 119 -38.10 -77.36 151.74
C GLN VC 119 -37.98 -77.78 153.22
N TYR VC 120 -38.81 -77.21 154.10
CA TYR VC 120 -38.63 -77.56 155.52
C TYR VC 120 -39.12 -78.94 155.81
N ASP VC 121 -38.49 -79.59 156.79
CA ASP VC 121 -38.98 -80.86 157.30
C ASP VC 121 -38.98 -80.77 158.83
N VAL VC 122 -40.14 -81.00 159.43
CA VAL VC 122 -40.34 -80.90 160.87
C VAL VC 122 -40.67 -82.26 161.47
N ARG VC 123 -40.08 -82.56 162.63
CA ARG VC 123 -40.42 -83.79 163.34
C ARG VC 123 -40.23 -83.55 164.80
N ALA VC 124 -40.93 -84.31 165.62
CA ALA VC 124 -40.85 -84.18 167.05
C ALA VC 124 -40.10 -85.37 167.58
N ASP VC 125 -39.44 -85.22 168.72
CA ASP VC 125 -38.82 -86.33 169.44
C ASP VC 125 -38.79 -85.93 170.90
N GLY VC 126 -39.66 -86.55 171.69
CA GLY VC 126 -39.73 -86.23 173.11
C GLY VC 126 -40.17 -84.79 173.33
N ASN VC 127 -39.31 -84.00 173.96
CA ASN VC 127 -39.60 -82.60 174.21
C ASN VC 127 -38.88 -81.70 173.22
N ARG VC 128 -38.33 -82.30 172.17
CA ARG VC 128 -37.62 -81.51 171.17
C ARG VC 128 -38.40 -81.50 169.87
N VAL VC 129 -38.55 -80.29 169.31
CA VAL VC 129 -39.13 -80.12 168.02
C VAL VC 129 -37.99 -79.72 167.12
N VAL VC 130 -37.81 -80.47 166.05
CA VAL VC 130 -36.74 -80.20 165.10
C VAL VC 130 -37.25 -79.71 163.74
N ILE VC 131 -36.71 -78.59 163.27
CA ILE VC 131 -36.99 -78.17 161.90
C ILE VC 131 -35.75 -78.13 161.07
N SER VC 132 -35.67 -78.95 160.02
CA SER VC 132 -34.49 -78.88 159.15
C SER VC 132 -34.83 -78.19 157.84
N VAL VC 133 -34.03 -77.20 157.47
CA VAL VC 133 -34.30 -76.42 156.29
C VAL VC 133 -33.38 -76.95 155.25
N ASP VC 134 -33.92 -77.70 154.30
CA ASP VC 134 -33.12 -78.18 153.15
C ASP VC 134 -33.24 -77.25 151.93
N GLY VC 135 -32.26 -77.20 151.05
CA GLY VC 135 -32.52 -76.44 149.80
C GLY VC 135 -33.61 -77.06 148.90
N THR VC 136 -33.21 -77.53 147.72
CA THR VC 136 -34.14 -78.15 146.78
C THR VC 136 -33.88 -79.65 146.63
N SER VC 137 -32.83 -80.14 147.29
CA SER VC 137 -32.48 -81.57 147.25
C SER VC 137 -33.10 -82.25 148.47
N GLN VC 138 -34.11 -83.08 148.23
CA GLN VC 138 -34.83 -83.75 149.31
C GLN VC 138 -34.42 -85.16 149.70
N SER VC 139 -33.68 -85.86 148.84
CA SER VC 139 -33.31 -87.23 149.18
C SER VC 139 -32.08 -87.69 148.44
N VAL VC 140 -31.18 -88.35 149.17
CA VAL VC 140 -29.97 -88.91 148.57
C VAL VC 140 -30.16 -90.42 148.58
N ASP VC 214 -41.90 -69.10 111.76
CA ASP VC 214 -40.62 -69.35 111.07
C ASP VC 214 -39.39 -68.89 111.88
N ASP VC 215 -39.57 -67.82 112.66
CA ASP VC 215 -38.49 -67.19 113.42
C ASP VC 215 -38.18 -68.07 114.62
N THR VC 216 -39.22 -68.74 115.12
CA THR VC 216 -39.20 -69.53 116.36
C THR VC 216 -40.61 -70.07 116.59
N LEU VC 217 -40.64 -71.32 117.01
CA LEU VC 217 -41.89 -71.93 117.48
C LEU VC 217 -41.89 -71.87 119.00
N SER VC 218 -43.01 -71.37 119.54
CA SER VC 218 -43.18 -71.24 120.98
C SER VC 218 -44.10 -72.34 121.51
N ILE VC 219 -43.64 -72.96 122.59
CA ILE VC 219 -44.45 -73.95 123.32
C ILE VC 219 -44.79 -73.34 124.69
N ARG VC 220 -46.08 -73.30 124.98
CA ARG VC 220 -46.57 -72.74 126.25
C ARG VC 220 -47.27 -73.84 127.04
N ALA VC 221 -46.88 -73.93 128.31
CA ALA VC 221 -47.50 -74.87 129.26
C ALA VC 221 -48.02 -74.04 130.44
N ASP VC 222 -49.34 -74.03 130.56
CA ASP VC 222 -49.99 -73.26 131.63
C ASP VC 222 -50.39 -74.22 132.76
N GLY VC 223 -50.07 -73.80 133.99
CA GLY VC 223 -50.36 -74.60 135.18
C GLY VC 223 -49.81 -73.89 136.41
N ASP VC 224 -50.12 -74.46 137.56
CA ASP VC 224 -49.70 -73.92 138.87
C ASP VC 224 -48.18 -73.94 139.11
N ILE VC 225 -47.53 -74.98 138.63
CA ILE VC 225 -46.10 -75.20 138.87
C ILE VC 225 -45.23 -74.11 138.16
N ALA VC 226 -43.98 -74.38 137.75
CA ALA VC 226 -43.37 -75.70 137.63
C ALA VC 226 -41.88 -75.74 137.75
N ARG VC 227 -41.41 -76.78 138.39
CA ARG VC 227 -39.98 -77.07 138.25
C ARG VC 227 -39.80 -77.94 136.99
N TYR VC 228 -38.82 -77.56 136.20
CA TYR VC 228 -38.55 -78.24 134.92
C TYR VC 228 -37.04 -78.38 134.69
N GLU VC 229 -36.71 -79.26 133.78
CA GLU VC 229 -35.36 -79.37 133.21
C GLU VC 229 -35.49 -79.61 131.71
N VAL VC 230 -34.68 -78.91 130.95
CA VAL VC 230 -34.66 -79.06 129.49
C VAL VC 230 -33.28 -79.56 129.05
N LEU VC 231 -33.28 -80.46 128.08
CA LEU VC 231 -32.03 -80.99 127.52
C LEU VC 231 -32.29 -81.49 126.08
N GLU VC 232 -31.20 -81.77 125.39
CA GLU VC 232 -31.18 -82.24 124.00
C GLU VC 232 -30.81 -83.74 123.84
N LEU VC 233 -31.30 -84.31 122.75
CA LEU VC 233 -30.91 -85.66 122.33
C LEU VC 233 -30.64 -85.64 120.82
N ALA VC 234 -29.84 -86.59 120.37
CA ALA VC 234 -29.53 -86.73 118.93
C ALA VC 234 -29.96 -88.10 118.41
N ASP VC 235 -29.99 -88.20 117.09
CA ASP VC 235 -30.32 -89.47 116.39
C ASP VC 235 -31.65 -90.09 116.92
N PRO VC 236 -32.77 -89.43 116.64
CA PRO VC 236 -32.88 -88.16 115.90
C PRO VC 236 -32.75 -86.96 116.85
N PRO VC 237 -32.50 -85.78 116.28
CA PRO VC 237 -32.42 -84.55 117.08
C PRO VC 237 -33.77 -84.30 117.78
N ARG VC 238 -33.66 -84.02 119.06
CA ARG VC 238 -34.84 -83.89 119.95
C ARG VC 238 -34.56 -82.88 121.05
N LEU VC 239 -35.63 -82.25 121.51
CA LEU VC 239 -35.57 -81.42 122.72
C LEU VC 239 -36.55 -82.06 123.72
N ALA VC 240 -36.09 -82.22 124.95
CA ALA VC 240 -36.87 -82.88 125.99
C ALA VC 240 -37.03 -81.97 127.21
N VAL VC 241 -38.26 -81.90 127.69
CA VAL VC 241 -38.58 -81.14 128.92
C VAL VC 241 -39.19 -82.11 129.93
N ASP VC 242 -38.65 -82.08 131.14
CA ASP VC 242 -39.23 -82.81 132.28
C ASP VC 242 -39.87 -81.82 133.23
N LEU VC 243 -41.12 -82.09 133.55
CA LEU VC 243 -41.91 -81.25 134.44
C LEU VC 243 -42.21 -82.00 135.73
N PHE VC 244 -41.99 -81.33 136.84
CA PHE VC 244 -42.27 -81.97 138.14
C PHE VC 244 -43.46 -81.35 138.84
N GLY VC 245 -44.01 -82.18 139.74
CA GLY VC 245 -45.27 -81.88 140.44
C GLY VC 245 -46.45 -81.97 139.48
N VAL VC 246 -46.29 -82.75 138.41
CA VAL VC 246 -47.38 -82.97 137.44
C VAL VC 246 -47.70 -84.45 137.34
N GLY VC 247 -49.01 -84.68 137.26
CA GLY VC 247 -49.54 -85.98 136.84
C GLY VC 247 -50.09 -85.82 135.43
N LEU VC 248 -49.77 -86.79 134.58
CA LEU VC 248 -50.24 -86.80 133.19
C LEU VC 248 -51.77 -86.75 133.17
N ALA VC 249 -52.31 -86.01 132.20
CA ALA VC 249 -53.77 -85.83 132.11
C ALA VC 249 -54.18 -85.56 130.67
N THR VC 250 -55.46 -85.71 130.43
CA THR VC 250 -56.06 -85.55 129.11
C THR VC 250 -55.70 -84.19 128.50
N ARG VC 251 -55.48 -83.15 129.31
CA ARG VC 251 -55.06 -81.84 128.77
C ARG VC 251 -53.68 -81.86 128.11
N ALA VC 252 -52.92 -82.93 128.36
CA ALA VC 252 -51.64 -83.18 127.67
C ALA VC 252 -51.82 -83.03 126.12
N PRO VC 253 -52.93 -83.41 125.50
CA PRO VC 253 -53.23 -83.31 124.06
C PRO VC 253 -53.12 -81.92 123.51
N ARG VC 254 -53.43 -80.89 124.31
CA ARG VC 254 -53.21 -79.50 123.87
C ARG VC 254 -51.75 -79.29 123.47
N VAL VC 255 -50.91 -80.24 123.87
CA VAL VC 255 -49.48 -80.32 123.54
C VAL VC 255 -49.25 -80.50 122.03
N LYS VC 256 -50.23 -81.04 121.32
CA LYS VC 256 -50.10 -81.29 119.87
C LYS VC 256 -49.73 -80.00 119.11
N SER VC 257 -50.11 -78.88 119.71
CA SER VC 257 -49.85 -77.54 119.16
C SER VC 257 -48.37 -77.18 119.00
N GLY VC 258 -47.54 -77.94 119.70
CA GLY VC 258 -46.18 -77.51 119.80
C GLY VC 258 -45.18 -78.42 119.16
N ALA VC 259 -45.54 -79.53 118.45
CA ALA VC 259 -44.65 -80.38 117.64
C ALA VC 259 -44.04 -79.66 116.42
N LEU VC 260 -42.79 -79.89 115.97
CA LEU VC 260 -41.63 -80.60 116.53
C LEU VC 260 -41.31 -81.79 115.69
N ARG VC 261 -41.55 -81.69 114.40
CA ARG VC 261 -41.85 -82.86 113.57
C ARG VC 261 -42.99 -83.71 114.24
N ASP VC 262 -43.00 -83.82 115.56
CA ASP VC 262 -43.88 -84.44 116.53
C ASP VC 262 -43.44 -84.18 117.99
N VAL VC 263 -44.43 -84.37 118.82
CA VAL VC 263 -44.30 -84.27 120.28
C VAL VC 263 -44.95 -85.48 120.96
N ARG VC 264 -44.19 -86.16 121.80
CA ARG VC 264 -44.73 -87.25 122.62
C ARG VC 264 -44.53 -86.95 124.10
N VAL VC 265 -45.51 -87.37 124.89
CA VAL VC 265 -45.53 -87.08 126.33
C VAL VC 265 -45.82 -88.37 127.10
N GLY VC 266 -45.18 -88.49 128.26
CA GLY VC 266 -45.38 -89.64 129.15
C GLY VC 266 -45.03 -89.28 130.60
N ALA VC 267 -45.06 -90.29 131.45
CA ALA VC 267 -44.77 -90.13 132.88
C ALA VC 267 -44.40 -91.50 133.47
N HIS VC 268 -43.57 -91.45 134.50
CA HIS VC 268 -43.08 -92.66 135.17
C HIS VC 268 -43.07 -92.48 136.68
N ALA VC 269 -44.27 -92.38 137.25
CA ALA VC 269 -44.42 -92.20 138.71
C ALA VC 269 -43.53 -91.05 139.22
N ASP VC 270 -43.39 -90.05 138.34
CA ASP VC 270 -42.74 -88.85 138.85
C ASP VC 270 -43.60 -87.61 138.60
N LYS VC 271 -43.53 -86.73 137.60
CA LYS VC 271 -42.57 -86.37 136.50
C LYS VC 271 -43.13 -86.74 135.14
N VAL VC 272 -43.44 -85.69 134.41
CA VAL VC 272 -43.87 -85.84 133.02
C VAL VC 272 -42.72 -85.44 132.12
N ARG VC 273 -42.56 -86.19 131.04
CA ARG VC 273 -41.53 -85.91 130.05
C ARG VC 273 -42.18 -85.59 128.71
N LEU VC 274 -41.79 -84.44 128.18
CA LEU VC 274 -42.23 -83.98 126.87
C LEU VC 274 -41.03 -84.05 125.93
N VAL VC 275 -41.26 -84.69 124.80
CA VAL VC 275 -40.21 -84.96 123.80
C VAL VC 275 -40.66 -84.37 122.46
N LEU VC 276 -39.79 -83.55 121.92
CA LEU VC 276 -39.97 -82.80 120.66
C LEU VC 276 -38.95 -83.27 119.65
N ASP VC 277 -39.39 -84.03 118.70
CA ASP VC 277 -38.53 -84.35 117.56
C ASP VC 277 -38.30 -83.07 116.69
N VAL VC 278 -37.15 -82.81 116.18
CA VAL VC 278 -36.98 -81.53 115.46
C VAL VC 278 -36.83 -81.70 113.96
N ARG VC 279 -37.11 -80.62 113.24
CA ARG VC 279 -36.84 -80.54 111.79
C ARG VC 279 -35.55 -79.78 111.47
N GLY VC 280 -34.96 -79.17 112.52
CA GLY VC 280 -33.75 -78.34 112.37
C GLY VC 280 -33.11 -78.05 113.74
N THR VC 281 -31.82 -77.78 113.76
CA THR VC 281 -31.14 -77.51 115.05
C THR VC 281 -31.73 -76.26 115.72
N MET VC 282 -31.94 -76.36 117.02
CA MET VC 282 -32.50 -75.25 117.82
C MET VC 282 -31.57 -74.84 118.97
N LYS VC 341 -10.75 -66.21 118.56
CA LYS VC 341 -10.80 -65.96 117.12
C LYS VC 341 -9.45 -65.49 116.60
N ASP VC 342 -9.20 -65.77 115.32
CA ASP VC 342 -7.94 -65.38 114.69
C ASP VC 342 -7.96 -65.69 113.19
N VAL VC 343 -7.09 -65.03 112.44
CA VAL VC 343 -7.00 -65.24 111.01
C VAL VC 343 -5.63 -65.79 110.61
N ARG VC 344 -5.59 -66.48 109.47
CA ARG VC 344 -4.34 -67.06 108.97
C ARG VC 344 -4.35 -67.14 107.46
N PHE VC 345 -3.16 -67.16 106.86
CA PHE VC 345 -3.02 -67.23 105.41
C PHE VC 345 -2.00 -68.29 105.01
N GLU VC 346 -2.24 -68.92 103.87
CA GLU VC 346 -1.33 -69.96 103.37
C GLU VC 346 -1.58 -70.24 101.90
N GLU VC 347 -1.01 -71.15 101.26
CA GLU VC 347 -1.31 -71.44 99.88
C GLU VC 347 -1.32 -72.95 99.61
N SER VC 348 -2.08 -73.33 98.62
CA SER VC 348 -2.05 -74.70 98.16
C SER VC 348 -2.21 -74.65 96.65
N SER VC 349 -2.37 -75.79 96.02
CA SER VC 349 -2.31 -75.79 94.53
C SER VC 349 -3.50 -74.97 93.99
N SER VC 350 -4.63 -74.99 94.69
CA SER VC 350 -5.76 -74.11 94.33
C SER VC 350 -5.36 -72.60 94.44
N GLY VC 351 -4.20 -72.29 95.01
CA GLY VC 351 -3.80 -70.89 95.17
C GLY VC 351 -3.69 -70.41 96.61
N GLY VC 352 -4.18 -69.21 96.87
CA GLY VC 352 -4.14 -68.59 98.21
C GLY VC 352 -5.32 -69.02 99.06
N ARG VC 353 -5.05 -69.27 100.28
CA ARG VC 353 -5.95 -69.81 101.28
C ARG VC 353 -5.97 -68.95 102.54
N ILE VC 354 -7.17 -68.73 103.08
CA ILE VC 354 -7.32 -67.92 104.30
C ILE VC 354 -7.99 -68.72 105.40
N VAL VC 355 -7.20 -69.38 106.23
CA VAL VC 355 -7.72 -70.18 107.33
C VAL VC 355 -8.11 -69.28 108.51
N MET VC 356 -9.41 -69.25 108.81
CA MET VC 356 -9.90 -68.44 109.91
C MET VC 356 -10.34 -69.31 111.08
N LYS VC 357 -9.98 -68.90 112.30
CA LYS VC 357 -10.33 -69.64 113.50
C LYS VC 357 -11.60 -69.07 114.15
N LEU VC 358 -12.68 -69.84 114.08
CA LEU VC 358 -13.95 -69.41 114.66
C LEU VC 358 -14.31 -70.26 115.87
N SER VC 359 -14.02 -69.74 117.06
CA SER VC 359 -14.31 -70.45 118.30
C SER VC 359 -15.60 -69.93 118.94
N GLY VC 360 -16.63 -70.76 118.91
CA GLY VC 360 -17.91 -70.36 119.48
C GLY VC 360 -18.98 -70.13 118.43
N THR VC 361 -18.79 -70.70 117.26
CA THR VC 361 -19.73 -70.54 116.16
C THR VC 361 -20.38 -71.88 115.81
N SER VC 362 -21.63 -71.82 115.35
CA SER VC 362 -22.36 -73.03 114.97
C SER VC 362 -22.65 -73.05 113.48
N GLY VC 363 -23.56 -72.18 113.05
CA GLY VC 363 -23.92 -72.12 111.64
C GLY VC 363 -22.77 -71.63 110.77
N TRP VC 364 -23.10 -70.93 109.70
CA TRP VC 364 -22.09 -70.40 108.79
C TRP VC 364 -22.27 -68.90 108.59
N LYS VC 365 -21.13 -68.19 108.44
CA LYS VC 365 -21.13 -66.74 108.24
C LYS VC 365 -21.68 -66.34 106.88
N VAL VC 366 -21.72 -65.04 106.62
CA VAL VC 366 -22.21 -64.52 105.35
C VAL VC 366 -21.06 -64.22 104.40
N ASP VC 367 -20.88 -65.07 103.40
CA ASP VC 367 -19.81 -64.89 102.42
C ASP VC 367 -20.25 -63.97 101.29
N ARG VC 368 -19.57 -62.84 101.15
CA ARG VC 368 -19.88 -61.87 100.11
C ARG VC 368 -18.70 -61.67 99.18
N PRO VC 369 -18.71 -62.38 98.05
CA PRO VC 369 -17.63 -62.27 97.08
C PRO VC 369 -17.80 -61.03 96.21
N ASP VC 370 -16.93 -60.04 96.43
CA ASP VC 370 -16.98 -58.80 95.66
C ASP VC 370 -15.87 -58.75 94.63
N PRO VC 371 -15.95 -57.78 93.72
CA PRO VC 371 -14.95 -57.62 92.67
C PRO VC 371 -13.69 -56.96 93.23
N ARG VC 372 -13.81 -56.40 94.43
CA ARG VC 372 -12.68 -55.73 95.06
C ARG VC 372 -12.08 -56.62 96.16
N SER VC 373 -12.89 -56.92 97.17
CA SER VC 373 -12.44 -57.74 98.28
C SER VC 373 -13.53 -58.72 98.71
N ALA VC 374 -13.33 -59.36 99.85
CA ALA VC 374 -14.30 -60.31 100.38
C ALA VC 374 -14.88 -59.85 101.70
N VAL VC 375 -16.06 -60.36 102.05
CA VAL VC 375 -16.72 -59.98 103.29
C VAL VC 375 -17.25 -61.22 104.01
N LEU VC 376 -16.93 -61.33 105.31
CA LEU VC 376 -17.39 -62.46 106.11
C LEU VC 376 -17.86 -62.00 107.48
N THR VC 377 -19.18 -62.07 107.70
CA THR VC 377 -19.76 -61.65 108.98
C THR VC 377 -20.13 -62.86 109.82
N LEU VC 378 -19.83 -62.79 111.11
CA LEU VC 378 -20.14 -63.87 112.04
C LEU VC 378 -20.96 -63.37 113.22
N ASP VC 379 -22.28 -63.57 113.14
CA ASP VC 379 -23.18 -63.14 114.20
C ASP VC 379 -22.81 -63.78 115.53
N ASN VC 380 -22.79 -63.00 116.59
CA ASN VC 380 -22.45 -63.50 117.92
C ASN VC 380 -21.01 -64.00 117.95
N ALA VC 381 -20.17 -63.46 117.08
CA ALA VC 381 -18.77 -63.86 117.01
C ALA VC 381 -17.86 -62.66 117.17
N ARG VC 382 -18.37 -61.60 117.78
CA ARG VC 382 -17.60 -60.38 117.99
C ARG VC 382 -16.21 -60.70 118.55
N LEU VC 383 -15.19 -60.40 117.76
CA LEU VC 383 -13.80 -60.65 118.17
C LEU VC 383 -13.16 -59.38 118.72
N PRO VC 384 -12.24 -59.56 119.68
CA PRO VC 384 -11.53 -58.44 120.31
C PRO VC 384 -10.55 -57.77 119.35
N LYS VC 385 -10.28 -56.49 119.59
CA LYS VC 385 -9.36 -55.73 118.75
C LYS VC 385 -7.94 -56.28 118.85
N LYS VC 386 -7.72 -57.16 119.83
CA LYS VC 386 -6.40 -57.76 120.03
C LYS VC 386 -6.24 -59.01 119.18
N PHE VC 387 -7.20 -59.25 118.30
CA PHE VC 387 -7.16 -60.42 117.43
C PHE VC 387 -7.54 -60.05 116.00
N GLU VC 388 -7.69 -58.74 115.76
CA GLU VC 388 -8.05 -58.25 114.43
C GLU VC 388 -6.81 -57.95 113.61
N ARG VC 389 -5.71 -58.60 113.94
CA ARG VC 389 -4.45 -58.40 113.23
C ARG VC 389 -4.62 -58.69 111.74
N SER VC 390 -3.83 -58.00 110.93
CA SER VC 390 -3.89 -58.17 109.48
C SER VC 390 -2.68 -58.94 108.97
N LEU VC 391 -2.76 -59.43 107.75
CA LEU VC 391 -1.67 -60.18 107.14
C LEU VC 391 -0.80 -59.29 106.27
N ASP VC 392 0.37 -59.79 105.89
CA ASP VC 392 1.29 -59.03 105.04
C ASP VC 392 1.79 -59.88 103.87
N THR VC 393 0.90 -60.68 103.30
CA THR VC 393 1.25 -61.55 102.19
C THR VC 393 1.35 -60.75 100.89
N SER VC 394 2.29 -59.81 100.85
CA SER VC 394 2.48 -58.98 99.66
C SER VC 394 3.52 -59.59 98.73
N ALA VC 395 3.22 -59.59 97.44
CA ALA VC 395 4.13 -60.15 96.44
C ALA VC 395 4.31 -61.66 96.65
N LEU VC 396 3.23 -62.32 97.07
CA LEU VC 396 3.27 -63.76 97.29
C LEU VC 396 2.84 -64.52 96.04
N ASP VC 397 2.64 -63.80 94.95
CA ASP VC 397 2.23 -64.40 93.69
C ASP VC 397 0.89 -65.13 93.85
N THR VC 398 -0.06 -64.46 94.48
CA THR VC 398 -1.38 -65.05 94.70
C THR VC 398 -2.48 -64.03 94.40
N PRO VC 399 -3.70 -64.53 94.18
CA PRO VC 399 -4.87 -63.70 93.88
C PRO VC 399 -5.30 -62.86 95.07
N VAL VC 400 -4.81 -63.20 96.25
CA VAL VC 400 -5.15 -62.48 97.47
C VAL VC 400 -4.13 -61.39 97.77
N LYS VC 401 -4.54 -60.15 97.59
CA LYS VC 401 -3.66 -59.00 97.83
C LYS VC 401 -3.14 -59.03 99.27
N MET VC 402 -4.06 -59.05 100.24
CA MET VC 402 -3.69 -59.08 101.65
C MET VC 402 -4.93 -59.26 102.52
N ILE VC 403 -4.78 -60.07 103.56
CA ILE VC 403 -5.88 -60.32 104.49
C ILE VC 403 -5.95 -59.27 105.58
N SER VC 404 -7.16 -58.82 105.90
CA SER VC 404 -7.35 -57.82 106.94
C SER VC 404 -8.52 -58.18 107.85
N ALA VC 405 -8.24 -58.23 109.15
CA ALA VC 405 -9.28 -58.57 110.13
C ALA VC 405 -9.72 -57.32 110.89
N PHE VC 406 -11.04 -57.18 111.06
CA PHE VC 406 -11.61 -56.05 111.78
C PHE VC 406 -12.78 -56.48 112.66
N SER VC 407 -12.77 -56.02 113.90
CA SER VC 407 -13.83 -56.36 114.84
C SER VC 407 -15.09 -55.54 114.57
N VAL VC 408 -15.22 -54.38 115.22
CA VAL VC 408 -16.45 -53.61 115.09
C VAL VC 408 -16.73 -53.17 113.66
N PRO VC 409 -18.00 -53.28 113.26
CA PRO VC 409 -18.34 -52.68 111.95
C PRO VC 409 -19.78 -52.16 111.99
N GLY VC 410 -20.27 -51.81 113.20
CA GLY VC 410 -21.52 -51.08 113.29
C GLY VC 410 -22.73 -51.93 113.60
N ALA VC 411 -22.53 -53.22 113.81
CA ALA VC 411 -23.62 -54.14 114.16
C ALA VC 411 -23.21 -54.87 115.44
N GLY VC 412 -24.08 -54.78 116.47
CA GLY VC 412 -23.78 -55.53 117.69
C GLY VC 412 -23.48 -56.99 117.40
N GLY VC 413 -22.49 -57.53 118.09
CA GLY VC 413 -22.09 -58.92 118.14
C GLY VC 413 -21.46 -59.46 116.85
N LYS VC 414 -21.52 -58.76 115.73
CA LYS VC 414 -21.04 -59.21 114.44
C LYS VC 414 -19.55 -59.01 114.30
N VAL VC 415 -18.90 -59.84 113.49
CA VAL VC 415 -17.51 -59.60 113.07
C VAL VC 415 -17.38 -59.59 111.54
N ARG VC 416 -16.24 -59.03 111.09
CA ARG VC 416 -16.12 -58.79 109.66
C ARG VC 416 -14.70 -59.09 109.18
N LEU VC 417 -14.59 -59.66 107.98
CA LEU VC 417 -13.30 -59.99 107.40
C LEU VC 417 -13.13 -59.36 106.03
N VAL VC 418 -11.96 -58.79 105.79
CA VAL VC 418 -11.66 -58.16 104.51
C VAL VC 418 -10.47 -58.81 103.83
N VAL VC 419 -10.74 -59.53 102.74
CA VAL VC 419 -9.69 -60.20 101.99
C VAL VC 419 -9.51 -59.59 100.60
N ALA VC 420 -8.70 -58.55 100.51
CA ALA VC 420 -8.45 -57.88 99.24
C ALA VC 420 -7.94 -58.85 98.20
N ALA VC 421 -8.41 -58.69 96.97
CA ALA VC 421 -8.00 -59.56 95.87
C ALA VC 421 -7.62 -58.74 94.64
N ASP VC 422 -7.26 -59.44 93.56
CA ASP VC 422 -6.87 -58.78 92.32
C ASP VC 422 -7.18 -59.66 91.11
N GLY VC 423 -7.46 -59.01 89.98
CA GLY VC 423 -7.79 -59.75 88.77
C GLY VC 423 -8.89 -60.77 88.98
N ALA VC 424 -9.14 -61.58 87.97
CA ALA VC 424 -10.19 -62.60 88.05
C ALA VC 424 -9.80 -63.71 89.02
N ILE VC 425 -10.74 -64.12 89.85
CA ILE VC 425 -10.49 -65.18 90.83
C ILE VC 425 -11.80 -65.83 91.28
N GLU VC 426 -11.68 -66.89 92.06
CA GLU VC 426 -12.86 -67.60 92.56
C GLU VC 426 -12.73 -67.91 94.04
N GLU VC 427 -13.83 -67.79 94.76
CA GLU VC 427 -13.85 -68.05 96.20
C GLU VC 427 -14.38 -69.44 96.49
N LYS VC 428 -13.76 -70.12 97.45
CA LYS VC 428 -14.17 -71.47 97.83
C LYS VC 428 -14.07 -71.67 99.33
N VAL VC 429 -15.22 -71.75 99.99
CA VAL VC 429 -15.26 -71.95 101.44
C VAL VC 429 -15.24 -73.44 101.79
N SER VC 430 -14.51 -73.77 102.85
CA SER VC 430 -14.41 -75.15 103.30
C SER VC 430 -14.55 -75.25 104.82
N GLN VC 431 -15.41 -76.17 105.27
CA GLN VC 431 -15.64 -76.35 106.70
C GLN VC 431 -15.19 -77.74 107.14
N SER VC 432 -13.95 -77.84 107.60
CA SER VC 432 -13.39 -79.09 108.06
C SER VC 432 -13.94 -79.48 109.43
N ALA VC 433 -14.66 -78.55 110.05
CA ALA VC 433 -15.23 -78.78 111.37
C ALA VC 433 -16.07 -77.58 111.82
N GLY VC 434 -16.96 -77.80 112.80
CA GLY VC 434 -17.82 -76.75 113.34
C GLY VC 434 -17.05 -75.72 114.15
N THR VC 435 -16.39 -74.80 113.45
CA THR VC 435 -15.62 -73.78 114.11
C THR VC 435 -14.45 -73.30 113.29
N LEU VC 436 -13.93 -74.17 112.43
CA LEU VC 436 -12.80 -73.84 111.57
C LEU VC 436 -13.27 -73.47 110.16
N SER VC 437 -13.03 -72.22 109.77
CA SER VC 437 -13.43 -71.75 108.45
C SER VC 437 -12.20 -71.55 107.55
N TRP VC 438 -12.40 -71.75 106.25
CA TRP VC 438 -11.31 -71.60 105.29
C TRP VC 438 -11.81 -70.97 104.00
N ARG VC 439 -10.93 -70.26 103.30
CA ARG VC 439 -11.28 -69.61 102.05
C ARG VC 439 -10.18 -69.81 101.01
N LEU VC 440 -10.44 -70.70 100.05
CA LEU VC 440 -9.47 -70.98 99.00
C LEU VC 440 -9.64 -70.01 97.83
N TYR VC 477 19.07 -61.63 64.18
CA TYR VC 477 18.85 -62.72 63.23
C TYR VC 477 19.28 -64.02 63.87
N ARG VC 478 18.60 -64.34 64.97
CA ARG VC 478 18.68 -65.65 65.61
C ARG VC 478 17.51 -65.75 66.59
N GLY VC 479 16.89 -66.93 66.66
CA GLY VC 479 15.70 -67.09 67.49
C GLY VC 479 15.35 -68.53 67.84
N LYS VC 480 14.37 -68.72 68.75
CA LYS VC 480 13.73 -70.03 68.92
C LYS VC 480 13.07 -70.47 67.63
N ARG VC 481 12.99 -71.79 67.46
CA ARG VC 481 12.27 -72.47 66.39
C ARG VC 481 10.80 -72.53 66.61
N VAL VC 482 10.09 -72.43 65.49
CA VAL VC 482 8.68 -72.15 65.48
C VAL VC 482 8.03 -72.82 64.26
N SER VC 483 6.70 -72.81 64.24
CA SER VC 483 5.93 -73.15 63.05
C SER VC 483 4.90 -72.06 62.88
N PHE VC 484 5.02 -71.35 61.75
CA PHE VC 484 4.09 -70.30 61.37
C PHE VC 484 2.97 -70.72 60.48
N GLU VC 485 1.77 -70.70 61.02
CA GLU VC 485 0.61 -71.00 60.21
C GLU VC 485 -0.30 -69.79 60.24
N PHE VC 486 -0.44 -69.14 59.09
CA PHE VC 486 -1.27 -67.96 58.85
C PHE VC 486 -2.23 -68.12 57.70
N LYS VC 487 -3.50 -68.32 58.01
CA LYS VC 487 -4.53 -68.50 57.01
C LYS VC 487 -5.34 -67.23 56.83
N ASP VC 488 -4.92 -66.40 55.88
CA ASP VC 488 -5.66 -65.20 55.48
C ASP VC 488 -5.73 -64.25 56.67
N ILE VC 489 -4.56 -63.67 57.01
CA ILE VC 489 -4.43 -62.74 58.13
C ILE VC 489 -3.63 -61.51 57.77
N ASP VC 490 -3.94 -60.41 58.44
CA ASP VC 490 -3.21 -59.16 58.22
C ASP VC 490 -1.75 -59.32 58.61
N ILE VC 491 -0.84 -58.87 57.75
CA ILE VC 491 0.60 -58.92 58.07
C ILE VC 491 0.88 -58.17 59.36
N GLN VC 492 0.11 -57.11 59.65
CA GLN VC 492 0.15 -56.39 60.92
C GLN VC 492 -0.18 -57.30 62.12
N ASN VC 493 -1.16 -58.17 61.97
CA ASN VC 493 -1.42 -59.16 62.98
C ASN VC 493 -0.24 -60.12 63.08
N LEU VC 494 0.24 -60.69 61.98
CA LEU VC 494 1.39 -61.60 62.07
C LEU VC 494 2.58 -60.93 62.75
N LEU VC 495 2.81 -59.70 62.43
CA LEU VC 495 3.81 -58.91 63.07
C LEU VC 495 3.63 -58.82 64.59
N ARG VC 496 2.45 -58.39 65.07
CA ARG VC 496 2.17 -58.25 66.52
C ARG VC 496 2.31 -59.53 67.25
N VAL VC 497 1.74 -60.56 66.64
CA VAL VC 497 1.87 -61.91 67.12
C VAL VC 497 3.37 -62.22 67.27
N ILE VC 498 4.15 -61.93 66.23
CA ILE VC 498 5.58 -62.09 66.29
C ILE VC 498 6.17 -61.20 67.38
N ALA VC 499 5.75 -59.97 67.67
CA ALA VC 499 6.22 -59.27 68.88
C ALA VC 499 5.76 -59.89 70.25
N GLU VC 500 4.57 -60.47 70.33
CA GLU VC 500 4.01 -61.11 71.52
C GLU VC 500 4.73 -62.39 71.96
N ILE VC 501 5.49 -62.95 71.02
CA ILE VC 501 6.37 -64.10 71.19
C ILE VC 501 7.86 -63.62 71.47
N SER VC 502 8.13 -62.35 71.85
CA SER VC 502 9.49 -61.81 72.26
C SER VC 502 10.51 -61.72 71.14
N LYS VC 503 10.00 -61.86 69.93
CA LYS VC 503 10.69 -61.61 68.70
C LYS VC 503 10.69 -60.12 68.45
N LYS VC 504 11.46 -59.44 69.29
CA LYS VC 504 11.52 -57.98 69.42
C LYS VC 504 10.19 -57.42 69.90
N ASN VC 505 10.13 -56.11 70.00
CA ASN VC 505 8.87 -55.40 69.87
C ASN VC 505 8.77 -54.95 68.41
N ILE VC 506 7.88 -55.56 67.64
CA ILE VC 506 7.64 -55.14 66.26
C ILE VC 506 6.49 -54.12 66.19
N VAL VC 507 6.68 -53.05 65.40
CA VAL VC 507 5.65 -52.05 65.07
C VAL VC 507 5.72 -51.76 63.55
N VAL VC 508 4.58 -51.78 62.87
CA VAL VC 508 4.54 -51.36 61.45
C VAL VC 508 4.52 -49.83 61.35
N ALA VC 509 4.57 -49.27 60.12
CA ALA VC 509 3.84 -48.03 59.80
C ALA VC 509 2.30 -48.22 60.02
N ASP VC 510 1.43 -47.36 59.49
CA ASP VC 510 0.00 -47.64 59.56
C ASP VC 510 -0.39 -48.63 58.43
N ASP VC 511 -0.51 -48.10 57.19
CA ASP VC 511 -0.96 -48.92 56.07
C ASP VC 511 0.24 -49.49 55.30
N VAL VC 512 0.62 -50.69 55.74
CA VAL VC 512 1.73 -51.41 55.16
C VAL VC 512 1.35 -52.18 53.89
N SER VC 513 0.20 -52.85 53.82
CA SER VC 513 -0.01 -53.85 52.78
C SER VC 513 -1.45 -54.37 52.80
N GLY VC 514 -1.65 -55.46 53.54
CA GLY VC 514 -2.92 -56.13 53.70
C GLY VC 514 -2.71 -57.46 54.40
N LYS VC 515 -3.37 -58.45 53.82
CA LYS VC 515 -3.49 -59.81 54.29
C LYS VC 515 -2.62 -60.79 53.48
N VAL VC 516 -2.02 -61.79 54.15
CA VAL VC 516 -1.23 -62.85 53.53
C VAL VC 516 -1.52 -64.22 54.12
N THR VC 517 -1.20 -65.25 53.33
CA THR VC 517 -1.19 -66.65 53.76
C THR VC 517 0.18 -67.31 53.63
N ILE VC 518 0.67 -67.87 54.74
CA ILE VC 518 1.89 -68.71 54.77
C ILE VC 518 1.68 -69.89 55.75
N ARG VC 519 2.41 -70.99 55.58
CA ARG VC 519 2.51 -72.10 56.54
C ARG VC 519 3.85 -72.82 56.59
N LEU VC 520 4.54 -72.52 57.67
CA LEU VC 520 5.91 -72.92 57.95
C LEU VC 520 5.91 -73.97 59.04
N ARG VC 521 6.90 -74.86 58.95
CA ARG VC 521 7.24 -75.73 60.06
C ARG VC 521 8.73 -75.72 60.32
N ASN VC 522 9.08 -75.84 61.59
CA ASN VC 522 10.46 -75.97 62.07
C ASN VC 522 11.39 -74.80 61.64
N VAL VC 523 10.89 -73.58 61.58
CA VAL VC 523 11.69 -72.43 61.12
C VAL VC 523 11.86 -71.50 62.31
N PRO VC 524 13.08 -71.10 62.73
CA PRO VC 524 13.24 -69.95 63.59
C PRO VC 524 12.58 -68.75 63.01
N TRP VC 525 12.03 -67.98 63.91
CA TRP VC 525 11.15 -66.93 63.50
C TRP VC 525 11.74 -65.81 62.66
N ASP VC 526 12.96 -65.42 63.01
CA ASP VC 526 13.69 -64.29 62.45
C ASP VC 526 13.98 -64.51 60.98
N GLN VC 527 14.04 -65.79 60.67
CA GLN VC 527 13.98 -66.28 59.34
C GLN VC 527 12.55 -66.33 58.79
N ALA VC 528 11.59 -66.96 59.47
CA ALA VC 528 10.22 -67.00 58.98
C ALA VC 528 9.71 -65.60 58.63
N LEU VC 529 10.16 -64.58 59.39
CA LEU VC 529 10.10 -63.15 59.09
C LEU VC 529 10.75 -62.75 57.78
N ASP VC 530 12.05 -62.92 57.57
CA ASP VC 530 12.72 -62.54 56.30
C ASP VC 530 12.00 -63.10 55.07
N LEU VC 531 11.59 -64.32 55.30
CA LEU VC 531 10.79 -65.09 54.40
C LEU VC 531 9.37 -64.50 54.21
N VAL VC 532 8.74 -63.93 55.26
CA VAL VC 532 7.40 -63.29 55.20
C VAL VC 532 7.47 -62.01 54.36
N LEU VC 533 8.51 -61.21 54.59
CA LEU VC 533 8.87 -60.01 53.82
C LEU VC 533 8.80 -60.28 52.30
N ARG VC 534 9.54 -61.32 51.88
CA ARG VC 534 9.59 -61.76 50.46
C ARG VC 534 8.29 -62.27 49.82
N THR VC 535 7.40 -62.76 50.69
CA THR VC 535 6.11 -63.22 50.20
C THR VC 535 5.34 -62.08 49.51
N LYS VC 536 5.00 -61.07 50.29
CA LYS VC 536 4.17 -59.92 49.91
C LYS VC 536 4.64 -58.66 50.64
N ALA VC 537 5.00 -59.01 51.85
CA ALA VC 537 5.17 -58.14 52.96
C ALA VC 537 6.45 -57.31 52.71
N LEU VC 538 6.78 -56.67 53.79
CA LEU VC 538 7.51 -55.42 53.78
C LEU VC 538 9.02 -55.66 53.76
N GLY VC 539 9.82 -54.61 53.99
CA GLY VC 539 11.16 -54.77 54.58
C GLY VC 539 11.18 -54.32 56.05
N LYS VC 540 12.13 -54.85 56.84
CA LYS VC 540 12.27 -54.49 58.27
C LYS VC 540 13.50 -53.60 58.51
N GLU VC 541 13.33 -52.59 59.36
CA GLU VC 541 14.41 -51.76 59.94
C GLU VC 541 14.34 -51.79 61.47
N GLU VC 542 15.43 -52.10 62.15
CA GLU VC 542 15.46 -52.13 63.62
C GLU VC 542 16.10 -50.90 64.24
N PHE VC 543 15.38 -50.25 65.16
CA PHE VC 543 15.94 -49.24 66.06
C PHE VC 543 16.82 -49.81 67.18
N GLY VC 544 16.43 -50.99 67.67
CA GLY VC 544 17.18 -51.87 68.56
C GLY VC 544 16.23 -52.62 69.49
N ASN VC 545 15.55 -51.85 70.34
CA ASN VC 545 14.47 -52.39 71.20
C ASN VC 545 13.19 -52.64 70.42
N ILE VC 546 12.79 -51.63 69.64
CA ILE VC 546 11.66 -51.71 68.72
C ILE VC 546 12.23 -51.86 67.31
N ILE VC 547 11.44 -52.45 66.42
CA ILE VC 547 11.73 -52.53 65.00
C ILE VC 547 10.54 -51.90 64.26
N ARG VC 548 10.82 -51.09 63.23
CA ARG VC 548 9.79 -50.57 62.34
C ARG VC 548 9.78 -51.34 61.03
N ILE VC 549 8.55 -51.69 60.61
CA ILE VC 549 8.33 -52.34 59.34
C ILE VC 549 7.52 -51.44 58.43
N ALA VC 550 8.02 -51.24 57.22
CA ALA VC 550 7.42 -50.30 56.31
C ALA VC 550 7.13 -50.90 54.92
N PRO VC 551 6.11 -50.37 54.23
CA PRO VC 551 5.77 -50.61 52.82
C PRO VC 551 6.77 -49.97 51.85
N ASP VC 574 -1.60 -73.84 50.54
CA ASP VC 574 -0.51 -73.22 51.28
C ASP VC 574 0.83 -73.16 50.54
N LEU VC 575 1.51 -72.12 51.02
CA LEU VC 575 2.94 -71.98 50.92
C LEU VC 575 3.47 -72.58 52.12
N MET VC 576 4.64 -73.13 51.92
CA MET VC 576 5.29 -73.69 53.04
C MET VC 576 6.76 -73.47 53.02
N VAL VC 577 7.23 -73.64 54.24
CA VAL VC 577 8.63 -73.64 54.52
C VAL VC 577 9.00 -74.94 55.13
N ASN VC 578 10.13 -75.40 54.59
CA ASN VC 578 10.76 -76.63 54.93
C ASN VC 578 12.26 -76.37 54.98
N LEU VC 579 12.88 -76.96 55.99
CA LEU VC 579 14.33 -77.00 56.17
C LEU VC 579 14.80 -78.29 55.49
N LEU VC 580 15.78 -78.15 54.61
CA LEU VC 580 16.53 -79.22 53.98
C LEU VC 580 17.85 -79.35 54.72
N PRO VC 581 18.18 -80.46 55.39
CA PRO VC 581 19.57 -80.69 55.77
C PRO VC 581 20.38 -80.96 54.50
N VAL VC 582 21.58 -80.45 54.44
CA VAL VC 582 22.59 -80.86 53.46
C VAL VC 582 23.70 -81.53 54.24
N ASN VC 583 23.70 -82.87 54.27
CA ASN VC 583 24.71 -83.57 55.05
C ASN VC 583 26.07 -83.56 54.36
N TYR VC 584 26.06 -83.80 53.04
CA TYR VC 584 27.28 -84.13 52.32
C TYR VC 584 27.96 -82.97 51.59
N ALA VC 585 27.18 -82.22 50.83
CA ALA VC 585 27.69 -81.07 50.06
C ALA VC 585 27.70 -79.77 50.87
N VAL VC 586 28.42 -78.75 50.37
CA VAL VC 586 28.28 -77.38 50.88
C VAL VC 586 27.05 -76.74 50.27
N ALA VC 587 26.31 -75.94 51.07
CA ALA VC 587 25.08 -75.28 50.62
C ALA VC 587 25.30 -74.30 49.44
N ALA VC 588 26.44 -73.60 49.41
CA ALA VC 588 26.78 -72.63 48.38
C ALA VC 588 26.93 -73.23 46.97
N ASP VC 589 27.33 -74.50 46.84
CA ASP VC 589 27.45 -75.20 45.57
C ASP VC 589 26.08 -75.44 44.88
N MET VC 590 25.03 -75.58 45.68
CA MET VC 590 23.65 -75.62 45.19
C MET VC 590 23.17 -74.28 44.63
N ALA VC 591 23.75 -73.15 45.06
CA ALA VC 591 23.22 -71.81 44.80
C ALA VC 591 23.03 -71.51 43.31
N ALA VC 592 23.95 -71.96 42.44
CA ALA VC 592 23.84 -71.78 40.99
C ALA VC 592 22.56 -72.44 40.43
N ARG VC 593 22.36 -73.73 40.74
CA ARG VC 593 21.19 -74.51 40.28
C ARG VC 593 19.87 -74.06 40.89
N VAL VC 594 19.90 -73.73 42.18
CA VAL VC 594 18.69 -73.30 42.90
C VAL VC 594 18.25 -71.92 42.38
N LYS VC 595 19.18 -70.98 42.16
CA LYS VC 595 18.89 -69.69 41.53
C LYS VC 595 18.27 -69.87 40.14
N ASP VC 596 18.78 -70.85 39.39
CA ASP VC 596 18.28 -71.18 38.05
C ASP VC 596 16.85 -71.74 37.99
N VAL VC 597 16.36 -72.52 38.98
CA VAL VC 597 14.91 -72.82 39.03
C VAL VC 597 14.08 -71.57 39.29
N LEU VC 598 14.48 -70.72 40.25
CA LEU VC 598 13.65 -69.58 40.67
C LEU VC 598 13.31 -68.70 39.47
N SER VC 599 14.30 -68.41 38.61
CA SER VC 599 14.16 -67.43 37.53
C SER VC 599 13.58 -66.11 38.11
N GLU VC 600 12.57 -65.53 37.45
CA GLU VC 600 11.74 -64.43 37.96
C GLU VC 600 10.52 -64.91 38.79
N ARG VC 601 10.60 -66.09 39.41
CA ARG VC 601 9.57 -66.56 40.34
C ARG VC 601 9.87 -66.22 41.80
N GLY VC 602 8.76 -66.50 42.48
CA GLY VC 602 8.50 -66.42 43.88
C GLY VC 602 8.43 -67.73 44.54
N SER VC 603 8.86 -67.61 45.76
CA SER VC 603 9.88 -68.51 46.23
C SER VC 603 11.13 -67.76 46.55
N VAL VC 604 11.82 -68.33 47.52
CA VAL VC 604 13.18 -68.01 47.81
C VAL VC 604 13.85 -69.17 48.52
N THR VC 605 15.17 -69.06 48.55
CA THR VC 605 16.07 -69.93 49.27
C THR VC 605 16.94 -69.09 50.24
N VAL VC 606 17.09 -69.55 51.48
CA VAL VC 606 17.96 -68.95 52.51
C VAL VC 606 18.97 -69.99 52.97
N ASP VC 607 20.22 -69.57 53.02
CA ASP VC 607 21.31 -70.41 53.49
C ASP VC 607 21.61 -70.07 54.96
N GLN VC 608 21.34 -71.02 55.85
CA GLN VC 608 21.74 -70.90 57.24
C GLN VC 608 23.18 -71.37 57.44
N ARG VC 609 23.83 -70.83 58.47
CA ARG VC 609 25.25 -71.08 58.77
C ARG VC 609 25.62 -72.53 58.99
N THR VC 610 24.72 -73.32 59.55
CA THR VC 610 24.93 -74.75 59.83
C THR VC 610 24.69 -75.62 58.58
N ASN VC 611 24.91 -75.10 57.37
CA ASN VC 611 24.73 -75.76 56.08
C ASN VC 611 23.39 -76.50 55.95
N VAL VC 612 22.32 -75.74 56.23
CA VAL VC 612 20.95 -76.14 55.90
C VAL VC 612 20.35 -75.10 54.96
N LEU VC 613 19.65 -75.58 53.93
CA LEU VC 613 18.86 -74.69 53.08
C LEU VC 613 17.47 -74.57 53.65
N ILE VC 614 16.89 -73.38 53.49
CA ILE VC 614 15.49 -73.14 53.78
C ILE VC 614 14.81 -72.48 52.62
N VAL VC 615 13.66 -73.04 52.27
CA VAL VC 615 12.84 -72.54 51.17
C VAL VC 615 11.48 -72.06 51.64
N LYS VC 616 11.05 -70.83 51.29
CA LYS VC 616 9.60 -70.53 51.24
C LYS VC 616 9.24 -70.57 49.80
N ASP VC 617 8.03 -71.02 49.58
CA ASP VC 617 7.35 -70.95 48.32
C ASP VC 617 6.02 -71.67 48.35
N VAL VC 618 5.32 -71.63 47.23
CA VAL VC 618 4.29 -72.62 46.90
C VAL VC 618 4.86 -74.02 47.14
N ARG VC 619 3.98 -74.98 47.49
CA ARG VC 619 4.40 -76.39 47.56
C ARG VC 619 5.09 -76.88 46.28
N SER VC 620 4.60 -76.50 45.09
CA SER VC 620 5.15 -77.00 43.82
C SER VC 620 6.59 -76.53 43.56
N ASN VC 621 6.94 -75.27 43.87
CA ASN VC 621 8.32 -74.81 43.81
C ASN VC 621 9.18 -75.39 44.97
N THR VC 622 8.63 -75.56 46.20
CA THR VC 622 9.34 -76.29 47.29
C THR VC 622 9.76 -77.70 46.88
N GLU VC 623 8.80 -78.44 46.30
CA GLU VC 623 9.00 -79.80 45.87
C GLU VC 623 10.15 -79.91 44.87
N ARG VC 624 10.16 -79.03 43.86
CA ARG VC 624 11.26 -78.95 42.88
C ARG VC 624 12.59 -78.69 43.55
N ALA VC 625 12.67 -77.64 44.38
CA ALA VC 625 13.90 -77.30 45.08
C ALA VC 625 14.40 -78.45 45.97
N ARG VC 626 13.52 -79.12 46.73
CA ARG VC 626 13.91 -80.32 47.51
C ARG VC 626 14.44 -81.44 46.64
N SER VC 627 13.75 -81.79 45.55
CA SER VC 627 14.18 -82.87 44.67
C SER VC 627 15.59 -82.63 44.11
N LEU VC 628 15.92 -81.38 43.73
CA LEU VC 628 17.25 -81.02 43.25
C LEU VC 628 18.30 -81.04 44.38
N VAL VC 629 18.00 -80.44 45.54
CA VAL VC 629 18.91 -80.40 46.70
C VAL VC 629 19.23 -81.83 47.14
N ARG VC 630 18.22 -82.66 47.34
CA ARG VC 630 18.45 -84.06 47.73
C ARG VC 630 19.18 -84.83 46.62
N SER VC 631 18.85 -84.63 45.36
CA SER VC 631 19.48 -85.34 44.24
C SER VC 631 20.98 -85.05 44.14
N LEU VC 632 21.37 -83.77 44.27
CA LEU VC 632 22.77 -83.36 44.35
C LEU VC 632 23.43 -83.75 45.66
N ASP VC 633 22.69 -83.73 46.78
CA ASP VC 633 23.22 -84.25 48.03
C ASP VC 633 23.54 -85.72 47.70
N THR VC 634 22.62 -86.56 47.18
CA THR VC 634 22.84 -88.02 46.94
C THR VC 634 24.09 -88.45 46.17
N GLN VC 635 24.65 -87.69 45.22
CA GLN VC 635 25.96 -88.06 44.63
C GLN VC 635 27.16 -87.76 45.54
N THR VC 636 27.03 -86.75 46.39
CA THR VC 636 27.88 -86.47 47.56
C THR VC 636 27.95 -87.51 48.73
N PRO VC 637 26.89 -88.25 49.15
CA PRO VC 637 26.98 -89.41 50.05
C PRO VC 637 27.79 -90.59 49.57
N GLN VC 638 27.90 -90.85 48.25
CA GLN VC 638 28.84 -91.90 47.84
C GLN VC 638 30.27 -91.38 47.94
N VAL VC 639 30.83 -91.55 49.14
CA VAL VC 639 32.21 -91.17 49.45
C VAL VC 639 33.18 -92.29 49.10
N CYS WC 5 -71.58 45.01 23.48
CA CYS WC 5 -70.41 44.73 24.32
C CYS WC 5 -70.84 44.55 25.80
N GLU WC 6 -69.90 44.25 26.68
CA GLU WC 6 -70.06 44.50 28.12
C GLU WC 6 -69.14 45.65 28.58
N GLU WC 7 -69.68 46.45 29.50
CA GLU WC 7 -69.17 47.76 29.93
C GLU WC 7 -68.23 47.63 31.19
N PRO WC 8 -67.75 48.70 31.86
CA PRO WC 8 -66.64 48.65 32.83
C PRO WC 8 -66.65 47.55 33.91
N PRO WC 9 -67.68 47.53 34.77
CA PRO WC 9 -68.62 46.41 34.73
C PRO WC 9 -69.77 46.57 33.75
N ALA WC 10 -70.41 45.44 33.45
CA ALA WC 10 -71.68 45.35 32.73
C ALA WC 10 -72.84 46.07 33.48
N PRO WC 11 -74.10 45.95 33.04
CA PRO WC 11 -75.26 46.46 33.80
C PRO WC 11 -75.43 45.86 35.22
N ALA WC 12 -76.67 45.66 35.72
CA ALA WC 12 -76.88 45.44 37.16
C ALA WC 12 -77.28 44.01 37.67
N PRO WC 13 -77.84 43.06 36.86
CA PRO WC 13 -78.23 41.73 37.37
C PRO WC 13 -77.28 40.49 37.29
N PRO WC 14 -75.96 40.52 37.02
CA PRO WC 14 -75.06 41.67 36.89
C PRO WC 14 -74.81 42.19 35.45
N PRO WC 15 -75.50 41.84 34.35
CA PRO WC 15 -76.30 40.66 33.98
C PRO WC 15 -75.51 39.34 33.90
N ALA WC 16 -76.25 38.24 33.86
CA ALA WC 16 -75.73 36.98 33.33
C ALA WC 16 -74.25 36.82 33.66
N LYS WC 17 -73.77 37.60 34.62
CA LYS WC 17 -72.46 37.36 35.22
C LYS WC 17 -72.44 36.05 35.99
N PRO WC 18 -73.62 35.53 36.31
CA PRO WC 18 -73.82 34.08 36.39
C PRO WC 18 -73.02 33.34 35.33
N LYS WC 19 -72.90 33.94 34.15
CA LYS WC 19 -72.24 33.28 33.02
C LYS WC 19 -70.74 33.11 33.28
N ALA WC 20 -70.00 34.20 33.17
CA ALA WC 20 -68.57 34.18 33.48
C ALA WC 20 -68.30 33.50 34.81
N ALA WC 21 -68.90 34.03 35.88
CA ALA WC 21 -68.41 33.79 37.23
C ALA WC 21 -69.00 32.52 37.81
N ALA WC 22 -70.05 32.01 37.17
CA ALA WC 22 -70.52 30.65 37.42
C ALA WC 22 -69.67 29.62 36.67
N ALA WC 23 -69.20 30.01 35.48
CA ALA WC 23 -68.63 29.04 34.55
C ALA WC 23 -67.16 28.76 34.87
N VAL WC 24 -66.47 29.79 35.35
CA VAL WC 24 -65.55 29.63 36.47
C VAL WC 24 -66.24 29.02 37.67
N PRO WC 25 -66.26 29.76 38.78
CA PRO WC 25 -65.56 29.34 40.00
C PRO WC 25 -65.78 27.86 40.29
N VAL WC 26 -65.35 27.00 39.38
CA VAL WC 26 -63.94 26.89 39.01
C VAL WC 26 -63.53 25.45 38.81
N LYS WC 27 -63.39 24.71 39.91
CA LYS WC 27 -64.30 24.87 41.04
C LYS WC 27 -63.60 25.54 42.22
N ALA WC 28 -62.73 26.50 41.91
CA ALA WC 28 -61.51 26.72 42.69
C ALA WC 28 -60.83 25.40 43.01
N ALA WC 29 -61.49 24.57 43.83
CA ALA WC 29 -60.96 24.17 45.12
C ALA WC 29 -60.95 25.34 46.09
N PRO WC 30 -60.07 26.31 45.84
CA PRO WC 30 -58.76 26.03 45.25
C PRO WC 30 -57.89 25.19 46.18
N THR WC 31 -57.00 24.38 45.61
CA THR WC 31 -56.33 23.33 46.35
C THR WC 31 -55.07 23.86 47.03
N GLU WC 32 -55.25 24.54 48.15
CA GLU WC 32 -54.12 25.04 48.93
C GLU WC 32 -53.35 23.90 49.59
N THR WC 33 -52.90 22.96 48.77
CA THR WC 33 -52.67 21.58 49.23
C THR WC 33 -51.26 21.01 48.89
N GLY WC 34 -51.14 20.39 47.71
CA GLY WC 34 -50.37 19.15 47.54
C GLY WC 34 -48.88 19.35 47.33
N ALA WC 35 -48.18 19.82 48.38
CA ALA WC 35 -46.88 20.46 48.31
C ALA WC 35 -45.71 19.45 48.51
N GLN WC 36 -44.78 19.74 49.42
CA GLN WC 36 -43.50 19.02 49.60
C GLN WC 36 -43.42 18.35 50.95
N ALA WC 37 -42.86 17.12 51.01
CA ALA WC 37 -42.80 16.31 52.21
C ALA WC 37 -41.45 16.43 52.94
N ALA WC 38 -41.49 16.35 54.27
CA ALA WC 38 -40.29 16.11 55.11
C ALA WC 38 -39.80 14.64 55.09
N PRO WC 39 -40.43 13.76 54.29
CA PRO WC 39 -41.10 12.54 54.77
C PRO WC 39 -41.02 12.34 56.32
N SER WC 40 -40.80 11.10 56.77
CA SER WC 40 -40.53 10.75 58.16
C SER WC 40 -39.53 9.58 58.18
N TYR WC 41 -38.90 9.32 59.34
CA TYR WC 41 -37.74 8.45 59.45
C TYR WC 41 -37.94 7.42 60.56
N SER WC 42 -37.53 6.18 60.32
CA SER WC 42 -37.58 5.07 61.27
C SER WC 42 -36.34 5.03 62.18
N TYR WC 43 -36.40 4.22 63.24
CA TYR WC 43 -35.36 4.14 64.29
C TYR WC 43 -34.67 2.78 64.39
N VAL WC 44 -33.42 2.77 64.88
CA VAL WC 44 -32.50 1.61 64.87
C VAL WC 44 -31.75 1.49 66.18
N TYR WC 45 -31.39 0.32 66.72
CA TYR WC 45 -31.87 -1.06 66.48
C TYR WC 45 -31.55 -1.84 67.79
N ASN WC 46 -32.21 -2.99 68.02
CA ASN WC 46 -32.09 -3.71 69.31
C ASN WC 46 -31.08 -4.85 69.32
N PRO WC 47 -29.84 -4.59 69.77
CA PRO WC 47 -29.07 -5.62 70.48
C PRO WC 47 -28.22 -5.10 71.65
N VAL WC 48 -28.01 -6.04 72.58
CA VAL WC 48 -26.65 -6.53 72.85
C VAL WC 48 -26.54 -7.98 72.40
N GLY WC 49 -25.40 -8.36 71.83
CA GLY WC 49 -25.14 -9.73 71.39
C GLY WC 49 -25.06 -10.73 72.56
N LYS WC 50 -24.99 -12.02 72.22
CA LYS WC 50 -24.76 -13.12 73.17
C LYS WC 50 -23.68 -14.05 72.64
N ARG WC 51 -23.00 -14.78 73.54
CA ARG WC 51 -21.92 -15.71 73.21
C ARG WC 51 -22.25 -17.12 73.67
N ASP WC 52 -21.85 -18.03 72.80
CA ASP WC 52 -21.78 -19.48 72.89
C ASP WC 52 -20.43 -19.80 72.14
N PRO WC 53 -20.56 -20.20 70.87
CA PRO WC 53 -20.04 -19.47 69.73
C PRO WC 53 -20.26 -17.94 69.77
N PHE WC 54 -19.30 -17.11 69.36
CA PHE WC 54 -18.13 -17.46 68.55
C PHE WC 54 -16.85 -17.51 69.41
N ARG WC 55 -16.93 -17.58 70.76
CA ARG WC 55 -15.71 -17.58 71.59
C ARG WC 55 -14.85 -18.83 71.36
N SER WC 56 -15.36 -20.02 71.63
CA SER WC 56 -14.61 -21.26 71.31
C SER WC 56 -14.11 -21.40 69.87
N PRO WC 57 -14.94 -21.16 68.82
CA PRO WC 57 -14.47 -21.28 67.44
C PRO WC 57 -13.52 -20.16 66.92
N ILE WC 58 -13.07 -19.19 67.74
CA ILE WC 58 -11.94 -18.30 67.39
C ILE WC 58 -11.01 -18.04 68.58
N ASP WC 59 -11.53 -17.65 69.74
CA ASP WC 59 -10.78 -17.38 70.98
C ASP WC 59 -10.06 -18.66 71.52
N GLU WC 60 -10.55 -19.86 71.20
CA GLU WC 60 -9.97 -21.16 71.60
C GLU WC 60 -9.40 -21.96 70.41
N LEU WC 61 -9.93 -21.78 69.19
CA LEU WC 61 -9.39 -22.37 67.96
C LEU WC 61 -8.11 -21.68 67.46
N GLY WC 62 -7.94 -20.36 67.65
CA GLY WC 62 -6.73 -19.63 67.27
C GLY WC 62 -5.45 -20.06 68.01
N PRO WC 63 -5.53 -20.45 69.30
CA PRO WC 63 -4.51 -21.09 70.15
C PRO WC 63 -4.06 -22.55 69.79
N VAL WC 64 -4.76 -24.00 70.16
CA VAL WC 64 -4.22 -25.36 70.29
C VAL WC 64 -5.34 -26.37 70.56
N ASN WC 65 -5.52 -27.52 69.91
CA ASN WC 65 -6.74 -28.30 69.97
C ASN WC 65 -6.38 -29.79 70.06
N ALA WC 66 -6.89 -30.42 71.11
CA ALA WC 66 -6.81 -31.87 71.32
C ALA WC 66 -8.17 -32.38 71.74
N ASN WC 67 -8.53 -33.60 71.28
CA ASN WC 67 -9.78 -34.26 71.61
C ASN WC 67 -9.49 -35.64 72.25
N PRO WC 68 -9.19 -35.66 73.58
CA PRO WC 68 -8.63 -36.83 74.27
C PRO WC 68 -9.40 -38.14 74.11
N VAL WC 69 -8.63 -39.23 74.13
CA VAL WC 69 -9.18 -40.60 74.24
C VAL WC 69 -9.51 -40.98 75.69
N ALA WC 70 -10.75 -41.38 75.92
CA ALA WC 70 -11.20 -42.04 77.16
C ALA WC 70 -12.29 -43.10 76.94
N ALA WC 71 -12.93 -43.11 75.76
CA ALA WC 71 -14.05 -43.70 75.04
C ALA WC 71 -14.13 -45.23 75.20
N CYS WC 72 -15.20 -45.80 74.64
CA CYS WC 72 -15.23 -47.21 74.28
C CYS WC 72 -14.33 -47.56 73.08
N ASN WC 73 -13.67 -48.71 73.16
CA ASN WC 73 -13.33 -49.37 71.89
C ASN WC 73 -13.14 -50.92 71.97
N GLU WC 74 -13.95 -51.70 72.66
CA GLU WC 74 -13.39 -52.96 73.21
C GLU WC 74 -14.14 -54.20 72.65
N PRO WC 75 -13.58 -54.86 71.62
CA PRO WC 75 -14.35 -55.35 70.49
C PRO WC 75 -14.90 -56.75 70.74
N LEU WC 76 -14.03 -57.72 71.04
CA LEU WC 76 -14.41 -59.13 71.03
C LEU WC 76 -15.23 -59.50 72.26
N CYS WC 77 -15.09 -58.77 73.36
CA CYS WC 77 -16.02 -58.87 74.48
C CYS WC 77 -17.43 -58.32 74.20
N SER WC 78 -17.68 -57.77 73.02
CA SER WC 78 -19.00 -57.43 72.47
C SER WC 78 -19.55 -58.44 71.45
N PHE WC 79 -18.83 -59.53 71.12
CA PHE WC 79 -19.25 -60.58 70.17
C PHE WC 79 -19.13 -62.01 70.76
N ASP WC 80 -20.00 -62.92 70.35
CA ASP WC 80 -20.11 -64.26 70.96
C ASP WC 80 -19.03 -65.25 70.45
N LEU WC 81 -18.60 -66.19 71.30
CA LEU WC 81 -17.33 -66.94 71.06
C LEU WC 81 -17.39 -67.88 69.86
N ASP WC 82 -18.54 -68.51 69.62
CA ASP WC 82 -18.78 -69.44 68.51
C ASP WC 82 -18.88 -68.67 67.16
N GLN WC 83 -18.93 -67.33 67.18
CA GLN WC 83 -18.83 -66.49 65.97
C GLN WC 83 -17.36 -66.33 65.51
N LEU WC 84 -16.38 -66.52 66.41
CA LEU WC 84 -14.96 -66.27 66.16
C LEU WC 84 -14.26 -67.50 65.53
N LYS WC 85 -13.38 -67.28 64.55
CA LYS WC 85 -12.73 -68.36 63.79
C LYS WC 85 -11.21 -68.30 63.87
N LEU WC 86 -10.54 -69.40 64.20
CA LEU WC 86 -9.08 -69.41 64.34
C LEU WC 86 -8.40 -69.37 62.96
N VAL WC 87 -7.68 -68.27 62.69
CA VAL WC 87 -6.96 -68.01 61.44
C VAL WC 87 -5.63 -68.75 61.38
N ALA WC 88 -4.85 -68.61 62.45
CA ALA WC 88 -3.44 -69.01 62.53
C ALA WC 88 -2.97 -69.09 63.99
N VAL WC 89 -1.76 -69.59 64.18
CA VAL WC 89 -1.06 -69.56 65.48
C VAL WC 89 0.41 -69.22 65.20
N VAL WC 90 0.99 -68.36 66.05
CA VAL WC 90 2.42 -68.02 66.07
C VAL WC 90 3.05 -68.59 67.33
N THR WC 91 4.28 -69.08 67.25
CA THR WC 91 5.04 -69.60 68.40
C THR WC 91 6.50 -69.27 68.23
N GLY WC 92 7.13 -68.80 69.30
CA GLY WC 92 8.55 -68.47 69.42
C GLY WC 92 8.85 -68.02 70.85
N ASP WC 93 10.04 -67.46 71.05
CA ASP WC 93 10.60 -67.12 72.35
C ASP WC 93 9.73 -66.13 73.15
N ALA WC 94 8.97 -65.27 72.45
CA ALA WC 94 7.97 -64.35 73.00
C ALA WC 94 6.66 -65.01 73.50
N SER WC 95 6.67 -66.33 73.75
CA SER WC 95 5.52 -67.21 74.09
C SER WC 95 4.52 -67.44 72.94
N PRO WC 96 3.79 -68.56 72.91
CA PRO WC 96 2.78 -68.84 71.89
C PRO WC 96 1.60 -67.86 71.93
N VAL WC 97 1.13 -67.46 70.75
CA VAL WC 97 -0.01 -66.56 70.54
C VAL WC 97 -0.93 -67.04 69.41
N ALA WC 98 -2.24 -67.08 69.66
CA ALA WC 98 -3.26 -67.43 68.68
C ALA WC 98 -3.70 -66.18 67.89
N MET WC 99 -4.15 -66.39 66.64
CA MET WC 99 -4.75 -65.37 65.80
C MET WC 99 -6.16 -65.78 65.36
N VAL WC 100 -7.15 -64.92 65.61
CA VAL WC 100 -8.58 -65.22 65.47
C VAL WC 100 -9.36 -64.12 64.75
N GLU WC 101 -10.39 -64.50 64.00
CA GLU WC 101 -11.18 -63.65 63.10
C GLU WC 101 -12.60 -63.42 63.62
N ASP WC 102 -13.05 -62.17 63.58
CA ASP WC 102 -14.36 -61.68 64.03
C ASP WC 102 -15.44 -62.13 63.01
N PRO WC 103 -16.73 -62.15 63.35
CA PRO WC 103 -17.80 -62.15 62.33
C PRO WC 103 -17.82 -60.86 61.49
N ALA WC 104 -17.22 -59.77 61.99
CA ALA WC 104 -16.95 -58.54 61.25
C ALA WC 104 -15.64 -58.58 60.40
N GLY WC 105 -14.94 -59.73 60.33
CA GLY WC 105 -13.75 -59.93 59.48
C GLY WC 105 -12.45 -59.28 59.98
N ARG WC 106 -12.42 -58.69 61.18
CA ARG WC 106 -11.17 -58.24 61.79
C ARG WC 106 -10.33 -59.45 62.23
N GLY WC 107 -8.99 -59.33 62.12
CA GLY WC 107 -8.04 -60.18 62.84
C GLY WC 107 -7.63 -59.64 64.23
N HIS WC 108 -7.49 -60.55 65.20
CA HIS WC 108 -7.01 -60.29 66.56
C HIS WC 108 -5.87 -61.25 66.92
N ILE WC 109 -5.10 -60.89 67.95
CA ILE WC 109 -4.03 -61.74 68.48
C ILE WC 109 -4.21 -61.83 70.01
N VAL WC 110 -4.29 -63.04 70.55
CA VAL WC 110 -4.56 -63.33 71.96
C VAL WC 110 -3.69 -64.52 72.38
N ARG WC 111 -3.34 -64.58 73.67
CA ARG WC 111 -2.41 -65.58 74.20
C ARG WC 111 -2.81 -66.07 75.59
N ARG WC 112 -2.17 -67.13 76.07
CA ARG WC 112 -2.49 -67.74 77.38
C ARG WC 112 -2.52 -66.68 78.49
N ASN WC 113 -3.59 -66.71 79.30
CA ASN WC 113 -4.03 -65.72 80.32
C ASN WC 113 -4.93 -64.57 79.82
N THR WC 114 -4.89 -64.19 78.53
CA THR WC 114 -5.83 -63.21 77.94
C THR WC 114 -7.25 -63.76 77.72
N ARG WC 115 -8.17 -62.89 77.30
CA ARG WC 115 -9.59 -63.19 77.07
C ARG WC 115 -10.06 -62.72 75.68
N MET WC 116 -11.24 -63.18 75.30
CA MET WC 116 -11.98 -62.87 74.07
C MET WC 116 -13.48 -63.16 74.33
N GLY WC 117 -14.39 -62.62 73.52
CA GLY WC 117 -15.82 -62.99 73.54
C GLY WC 117 -16.65 -62.44 74.70
N ARG WC 118 -17.98 -62.44 74.55
CA ARG WC 118 -18.94 -61.98 75.59
C ARG WC 118 -18.91 -62.84 76.85
N GLN WC 119 -18.73 -64.17 76.70
CA GLN WC 119 -18.51 -65.09 77.82
C GLN WC 119 -17.08 -65.01 78.41
N GLY WC 120 -16.27 -64.01 78.03
CA GLY WC 120 -14.94 -63.76 78.61
C GLY WC 120 -13.92 -64.88 78.44
N GLY WC 121 -14.07 -65.69 77.38
CA GLY WC 121 -13.30 -66.90 77.05
C GLY WC 121 -11.82 -66.73 77.24
N LYS WC 122 -11.30 -67.28 78.34
CA LYS WC 122 -9.89 -67.16 78.75
C LYS WC 122 -9.04 -68.16 77.98
N VAL WC 123 -7.99 -67.71 77.29
CA VAL WC 123 -7.03 -68.60 76.64
C VAL WC 123 -6.23 -69.45 77.64
N THR WC 124 -6.35 -70.78 77.55
CA THR WC 124 -5.72 -71.71 78.51
C THR WC 124 -4.71 -72.63 77.80
N GLN WC 125 -4.92 -73.03 76.55
CA GLN WC 125 -3.96 -73.79 75.71
C GLN WC 125 -3.94 -73.23 74.29
N ILE WC 126 -2.84 -73.44 73.58
CA ILE WC 126 -2.65 -73.03 72.17
C ILE WC 126 -1.87 -74.15 71.48
N LEU WC 127 -2.51 -74.87 70.57
CA LEU WC 127 -1.90 -75.88 69.68
C LEU WC 127 -1.68 -75.24 68.29
N ARG WC 128 -1.33 -76.03 67.27
CA ARG WC 128 -1.10 -75.51 65.89
C ARG WC 128 -2.35 -75.49 65.02
N ASP WC 129 -3.30 -76.33 65.40
CA ASP WC 129 -4.55 -76.68 64.74
C ASP WC 129 -5.80 -76.17 65.47
N SER WC 130 -5.62 -75.73 66.73
CA SER WC 130 -6.69 -75.54 67.69
C SER WC 130 -6.24 -74.77 68.95
N VAL WC 131 -7.19 -74.19 69.69
CA VAL WC 131 -6.95 -73.34 70.86
C VAL WC 131 -8.03 -73.61 71.91
N THR WC 132 -7.64 -74.26 73.02
CA THR WC 132 -8.48 -74.38 74.22
C THR WC 132 -8.62 -73.09 75.03
N VAL WC 133 -9.86 -72.72 75.32
CA VAL WC 133 -10.27 -71.58 76.14
C VAL WC 133 -11.27 -71.98 77.23
N THR WC 134 -11.30 -71.24 78.33
CA THR WC 134 -12.34 -71.36 79.37
C THR WC 134 -13.34 -70.21 79.38
N GLU WC 135 -14.58 -70.52 79.06
CA GLU WC 135 -15.68 -69.59 78.87
C GLU WC 135 -16.67 -69.64 80.05
N VAL WC 136 -17.64 -68.73 80.06
CA VAL WC 136 -18.54 -68.43 81.19
C VAL WC 136 -19.99 -68.48 80.73
N PHE WC 137 -20.65 -69.64 80.88
CA PHE WC 137 -22.03 -69.87 80.44
C PHE WC 137 -23.01 -69.97 81.60
N SER WC 138 -24.27 -69.58 81.41
CA SER WC 138 -25.34 -69.77 82.41
C SER WC 138 -26.04 -71.12 82.24
N GLY WC 139 -25.44 -72.18 82.79
CA GLY WC 139 -25.98 -73.54 82.74
C GLY WC 139 -27.21 -73.67 83.66
N ASN WC 140 -28.40 -73.64 83.06
CA ASN WC 140 -29.69 -73.76 83.76
C ASN WC 140 -29.94 -72.72 84.88
N GLY WC 141 -29.17 -71.62 84.88
CA GLY WC 141 -29.21 -70.56 85.90
C GLY WC 141 -27.92 -70.40 86.70
N GLU WC 142 -27.06 -71.42 86.77
CA GLU WC 142 -25.73 -71.30 87.37
C GLU WC 142 -24.68 -70.78 86.36
N ILE WC 143 -23.84 -69.84 86.78
CA ILE WC 143 -22.64 -69.47 86.02
C ILE WC 143 -21.58 -70.57 86.17
N ILE WC 144 -21.29 -71.26 85.08
CA ILE WC 144 -20.34 -72.38 85.02
C ILE WC 144 -19.26 -72.18 83.94
N LYS WC 145 -18.15 -72.92 84.10
CA LYS WC 145 -17.06 -72.96 83.10
C LYS WC 145 -17.47 -73.81 81.90
N ASN WC 146 -17.17 -73.32 80.70
CA ASN WC 146 -17.30 -74.08 79.46
C ASN WC 146 -15.92 -74.22 78.75
N PRO WC 147 -15.29 -75.41 78.74
CA PRO WC 147 -13.93 -75.62 78.21
C PRO WC 147 -13.92 -75.86 76.68
N VAL WC 148 -14.25 -74.82 75.91
CA VAL WC 148 -14.30 -74.87 74.43
C VAL WC 148 -12.92 -74.95 73.79
N THR WC 149 -12.80 -75.59 72.63
CA THR WC 149 -11.56 -75.65 71.84
C THR WC 149 -11.87 -75.19 70.41
N LEU WC 150 -11.41 -73.97 70.07
CA LEU WC 150 -11.58 -73.37 68.75
C LEU WC 150 -10.58 -73.99 67.77
N GLN WC 151 -11.05 -74.81 66.82
CA GLN WC 151 -10.22 -75.32 65.73
C GLN WC 151 -9.88 -74.22 64.69
N LEU WC 152 -8.81 -74.43 63.92
CA LEU WC 152 -8.47 -73.66 62.72
C LEU WC 152 -9.65 -73.63 61.73
N LYS WC 153 -9.66 -72.70 60.76
CA LYS WC 153 -10.71 -72.56 59.73
C LYS WC 153 -10.45 -73.40 58.46
N PRO WC 154 -11.15 -74.55 58.24
CA PRO WC 154 -11.31 -75.19 56.94
C PRO WC 154 -12.67 -74.81 56.29
N ASP WC 155 -13.13 -75.59 55.32
CA ASP WC 155 -14.56 -75.68 54.96
C ASP WC 155 -15.38 -76.32 56.08
N ALA WC 156 -16.53 -75.73 56.41
CA ALA WC 156 -17.50 -76.23 57.40
C ALA WC 156 -18.84 -75.49 57.26
N LYS WC 157 -19.95 -76.13 57.66
CA LYS WC 157 -21.28 -75.51 57.72
C LYS WC 157 -22.11 -76.08 58.88
N GLN WC 158 -22.83 -75.19 59.56
CA GLN WC 158 -23.86 -75.50 60.56
C GLN WC 158 -24.96 -74.41 60.48
N ASP WC 159 -26.07 -74.64 61.18
CA ASP WC 159 -27.19 -73.68 61.26
C ASP WC 159 -26.98 -72.56 62.31
N ASN XC 33 43.02 -25.54 194.97
CA ASN XC 33 42.42 -25.44 193.61
C ASN XC 33 41.61 -26.69 193.36
N THR XC 34 40.71 -26.60 192.37
CA THR XC 34 40.02 -27.78 191.88
C THR XC 34 40.78 -28.31 190.64
N LEU XC 35 40.80 -27.52 189.57
CA LEU XC 35 41.54 -27.89 188.40
C LEU XC 35 43.02 -27.57 188.62
N ARG XC 36 43.90 -28.57 188.52
CA ARG XC 36 45.34 -28.36 188.72
C ARG XC 36 46.23 -28.35 187.48
N GLY XC 37 45.80 -28.97 186.40
CA GLY XC 37 46.55 -28.98 185.13
C GLY XC 37 45.56 -29.20 183.99
N LEU XC 38 45.97 -28.74 182.81
CA LEU XC 38 45.20 -28.78 181.59
C LEU XC 38 46.14 -29.09 180.40
N ASP XC 39 45.89 -30.19 179.70
CA ASP XC 39 46.78 -30.56 178.61
C ASP XC 39 46.01 -30.83 177.30
N VAL XC 40 46.59 -30.38 176.19
CA VAL XC 40 46.01 -30.70 174.89
C VAL XC 40 46.99 -31.55 174.06
N SER XC 41 46.55 -32.73 173.63
CA SER XC 41 47.36 -33.58 172.75
C SER XC 41 46.80 -33.60 171.33
N ARG XC 42 47.17 -32.62 170.50
CA ARG XC 42 46.71 -32.64 169.08
C ARG XC 42 47.29 -33.82 168.33
N THR XC 43 46.46 -34.58 167.65
CA THR XC 43 46.98 -35.59 166.75
C THR XC 43 45.94 -35.78 165.65
N GLY XC 44 46.33 -36.40 164.53
CA GLY XC 44 45.46 -36.51 163.34
C GLY XC 44 44.28 -37.43 163.50
N SER XC 45 44.44 -38.51 164.23
CA SER XC 45 43.33 -39.42 164.50
C SER XC 45 42.28 -38.87 165.46
N GLY XC 46 42.75 -38.12 166.47
CA GLY XC 46 41.90 -37.50 167.46
C GLY XC 46 42.79 -36.53 168.24
N ALA XC 47 42.23 -35.37 168.60
CA ALA XC 47 42.87 -34.53 169.57
C ALA XC 47 42.31 -34.82 170.98
N GLN XC 48 43.20 -35.01 171.95
CA GLN XC 48 42.77 -35.26 173.32
C GLN XC 48 42.91 -33.99 174.17
N VAL XC 49 41.85 -33.65 174.90
CA VAL XC 49 41.91 -32.65 175.93
C VAL XC 49 41.79 -33.30 177.29
N VAL XC 50 42.73 -32.98 178.15
CA VAL XC 50 42.78 -33.52 179.50
C VAL XC 50 42.68 -32.39 180.48
N VAL XC 51 41.83 -32.58 181.46
CA VAL XC 51 41.67 -31.63 182.55
C VAL XC 51 41.86 -32.41 183.83
N THR XC 52 42.85 -32.00 184.62
CA THR XC 52 43.19 -32.74 185.82
C THR XC 52 42.77 -31.92 187.01
N GLY XC 53 42.20 -32.57 188.02
CA GLY XC 53 41.62 -31.86 189.16
C GLY XC 53 41.68 -32.66 190.45
N THR XC 54 41.48 -31.98 191.57
CA THR XC 54 41.58 -32.60 192.85
C THR XC 54 40.38 -33.42 193.27
N ARG XC 55 39.22 -33.15 192.65
CA ARG XC 55 37.99 -33.91 192.92
C ARG XC 55 37.39 -34.25 191.57
N PRO XC 56 36.61 -35.35 191.51
CA PRO XC 56 35.85 -35.68 190.34
C PRO XC 56 34.93 -34.52 189.87
N PRO XC 57 35.01 -34.17 188.60
CA PRO XC 57 34.30 -33.05 188.07
C PRO XC 57 32.93 -33.44 187.53
N THR XC 58 31.89 -32.67 187.86
CA THR XC 58 30.64 -32.78 187.12
C THR XC 58 30.81 -31.90 185.87
N PHE XC 59 30.38 -32.39 184.72
CA PHE XC 59 30.57 -31.65 183.50
C PHE XC 59 29.35 -31.91 182.68
N THR XC 60 29.18 -31.11 181.63
CA THR XC 60 28.24 -31.34 180.55
C THR XC 60 28.99 -30.91 179.31
N VAL XC 61 28.84 -31.69 178.27
CA VAL XC 61 29.41 -31.36 176.97
C VAL XC 61 28.29 -31.22 175.92
N PHE XC 62 28.38 -30.15 175.11
CA PHE XC 62 27.44 -29.98 174.01
C PHE XC 62 28.07 -29.31 172.78
N ARG XC 63 27.32 -29.18 171.70
CA ARG XC 63 27.83 -28.64 170.41
C ARG XC 63 27.20 -27.30 170.11
N LEU XC 64 27.85 -26.48 169.28
CA LEU XC 64 27.20 -25.31 168.72
C LEU XC 64 27.66 -25.16 167.27
N SER XC 65 26.94 -24.37 166.48
CA SER XC 65 27.28 -24.17 165.09
C SER XC 65 27.46 -22.69 164.80
N GLY XC 66 27.94 -22.38 163.59
CA GLY XC 66 28.12 -20.99 163.11
C GLY XC 66 28.87 -20.06 164.05
N PRO XC 67 30.13 -20.40 164.38
CA PRO XC 67 31.00 -21.51 163.88
C PRO XC 67 30.84 -22.85 164.62
N GLU XC 68 31.15 -23.97 163.98
CA GLU XC 68 31.22 -25.25 164.71
C GLU XC 68 32.07 -25.17 166.01
N ARG XC 69 31.51 -25.62 167.13
CA ARG XC 69 32.15 -25.47 168.43
C ARG XC 69 31.83 -26.65 169.28
N LEU XC 70 32.69 -26.94 170.21
CA LEU XC 70 32.35 -27.91 171.25
C LEU XC 70 32.48 -27.13 172.54
N VAL XC 71 31.57 -27.36 173.47
CA VAL XC 71 31.55 -26.61 174.71
C VAL XC 71 31.52 -27.55 175.89
N VAL XC 72 32.38 -27.31 176.87
CA VAL XC 72 32.31 -28.12 178.08
C VAL XC 72 32.08 -27.23 179.27
N ASP XC 73 31.07 -27.55 180.06
CA ASP XC 73 30.83 -26.87 181.34
C ASP XC 73 31.29 -27.71 182.55
N LEU XC 74 32.10 -27.09 183.40
CA LEU XC 74 32.65 -27.82 184.55
C LEU XC 74 32.14 -27.20 185.87
N SER XC 75 31.60 -28.03 186.75
CA SER XC 75 31.06 -27.60 188.06
C SER XC 75 32.01 -27.91 189.21
N SER XC 76 31.83 -27.11 190.26
CA SER XC 76 32.74 -27.01 191.42
C SER XC 76 34.10 -26.42 191.06
N ALA XC 77 34.53 -26.80 189.88
CA ALA XC 77 35.78 -26.30 189.35
C ALA XC 77 35.57 -25.67 187.99
N ASP XC 78 36.30 -24.59 187.72
CA ASP XC 78 36.25 -23.92 186.42
C ASP XC 78 37.66 -24.11 185.86
N ALA XC 79 37.80 -24.99 184.89
CA ALA XC 79 39.09 -25.25 184.26
C ALA XC 79 39.22 -24.45 182.97
N THR XC 80 40.25 -23.59 182.89
CA THR XC 80 40.48 -22.79 181.70
C THR XC 80 41.81 -23.18 181.06
N GLY XC 81 41.75 -23.52 179.78
CA GLY XC 81 42.95 -23.89 179.03
C GLY XC 81 43.19 -22.81 177.97
N ILE XC 82 44.44 -22.38 177.85
CA ILE XC 82 44.79 -21.34 176.91
C ILE XC 82 46.25 -21.40 176.54
N LYS XC 83 46.54 -20.95 175.42
CA LYS XC 83 47.90 -20.84 174.87
C LYS XC 83 48.50 -22.20 174.64
N GLY XC 84 47.76 -23.23 175.04
CA GLY XC 84 48.13 -24.62 174.75
C GLY XC 84 47.66 -25.06 173.38
N HIS XC 85 46.81 -24.27 172.73
CA HIS XC 85 46.30 -24.65 171.44
C HIS XC 85 47.31 -24.31 170.33
N HIS XC 86 47.81 -25.35 169.69
CA HIS XC 86 48.85 -25.18 168.71
C HIS XC 86 48.25 -24.75 167.39
N GLU XC 87 49.02 -23.97 166.64
CA GLU XC 87 48.57 -23.56 165.32
C GLU XC 87 48.36 -24.70 164.34
N GLY XC 88 48.63 -25.94 164.75
CA GLY XC 88 48.54 -27.10 163.86
C GLY XC 88 47.71 -28.23 164.46
N SER XC 89 46.90 -27.92 165.47
CA SER XC 89 45.88 -28.88 165.95
C SER XC 89 44.91 -29.20 164.78
N GLY XC 90 44.80 -30.48 164.38
CA GLY XC 90 43.89 -30.77 163.27
C GLY XC 90 42.41 -30.56 163.63
N PRO XC 91 42.12 -30.50 164.94
CA PRO XC 91 40.73 -30.36 165.41
C PRO XC 91 40.39 -28.99 165.96
N VAL XC 92 41.27 -28.44 166.79
CA VAL XC 92 40.94 -27.22 167.55
C VAL XC 92 41.55 -25.99 166.92
N SER XC 93 40.68 -25.10 166.44
CA SER XC 93 41.08 -23.80 165.90
C SER XC 93 41.45 -22.88 167.04
N GLY XC 94 40.69 -22.90 168.15
CA GLY XC 94 41.02 -22.12 169.36
C GLY XC 94 40.19 -22.53 170.58
N VAL XC 95 40.63 -22.11 171.77
CA VAL XC 95 39.92 -22.44 173.01
C VAL XC 95 39.77 -21.25 173.94
N VAL XC 96 38.54 -20.91 174.30
CA VAL XC 96 38.27 -19.79 175.20
C VAL XC 96 37.65 -20.35 176.47
N ALA XC 97 37.95 -19.72 177.61
CA ALA XC 97 37.47 -20.21 178.90
C ALA XC 97 36.92 -19.01 179.71
N SER XC 98 35.77 -19.19 180.38
CA SER XC 98 35.29 -18.21 181.35
C SER XC 98 34.52 -18.79 182.53
N GLN XC 99 34.72 -18.34 183.76
CA GLN XC 99 34.01 -18.81 184.95
C GLN XC 99 32.95 -17.83 185.41
N PHE XC 100 31.74 -18.31 185.75
CA PHE XC 100 30.71 -17.46 186.34
C PHE XC 100 30.32 -18.01 187.73
N SER XC 101 29.95 -17.08 188.63
CA SER XC 101 29.57 -17.44 190.01
C SER XC 101 28.11 -17.71 190.20
N ASP XC 102 27.84 -18.72 191.04
CA ASP XC 102 26.49 -19.08 191.47
C ASP XC 102 26.61 -19.17 193.01
N GLN XC 103 26.16 -18.14 193.73
CA GLN XC 103 26.45 -18.07 195.16
C GLN XC 103 27.97 -18.16 195.33
N ARG XC 104 28.36 -19.02 196.24
CA ARG XC 104 29.78 -19.23 196.48
C ARG XC 104 30.39 -20.23 195.51
N ALA XC 105 29.58 -20.85 194.64
CA ALA XC 105 30.07 -21.84 193.70
C ALA XC 105 30.49 -21.22 192.37
N SER XC 106 31.18 -22.01 191.56
CA SER XC 106 31.71 -21.52 190.28
C SER XC 106 31.47 -22.54 189.17
N VAL XC 107 30.95 -22.11 188.05
CA VAL XC 107 30.81 -22.91 186.81
C VAL XC 107 31.74 -22.36 185.74
N GLY XC 108 32.69 -23.27 185.15
CA GLY XC 108 33.58 -22.78 184.13
C GLY XC 108 33.10 -23.32 182.79
N ARG XC 109 33.15 -22.46 181.78
CA ARG XC 109 32.77 -22.91 180.45
C ARG XC 109 33.99 -22.91 179.57
N VAL XC 110 34.24 -24.05 178.92
CA VAL XC 110 35.32 -24.19 177.94
C VAL XC 110 34.69 -24.31 176.59
N LEU XC 111 35.22 -23.51 175.67
CA LEU XC 111 34.71 -23.40 174.32
C LEU XC 111 35.80 -23.69 173.28
N LEU XC 112 35.61 -24.74 172.49
CA LEU XC 112 36.57 -25.14 171.47
C LEU XC 112 36.03 -24.89 170.10
N ALA XC 113 36.52 -23.85 169.44
CA ALA XC 113 36.19 -23.65 168.02
C ALA XC 113 36.92 -24.72 167.17
N LEU XC 114 36.19 -25.35 166.24
CA LEU XC 114 36.67 -26.51 165.48
C LEU XC 114 37.05 -26.25 164.03
N ASP XC 115 37.97 -27.10 163.52
CA ASP XC 115 38.47 -27.08 162.13
C ASP XC 115 37.74 -28.12 161.29
N LYS XC 116 36.98 -28.99 161.94
CA LYS XC 116 36.29 -30.08 161.25
C LYS XC 116 35.24 -30.68 162.19
N ALA XC 117 34.28 -31.38 161.63
CA ALA XC 117 33.21 -31.95 162.45
C ALA XC 117 33.73 -33.08 163.33
N SER XC 118 33.32 -33.04 164.58
CA SER XC 118 33.78 -34.02 165.54
C SER XC 118 32.65 -34.82 166.18
N GLN XC 119 33.01 -36.02 166.61
CA GLN XC 119 32.18 -36.78 167.47
C GLN XC 119 32.95 -36.87 168.81
N TYR XC 120 32.59 -36.02 169.79
CA TYR XC 120 33.38 -36.07 171.02
C TYR XC 120 33.07 -37.28 171.85
N ASP XC 121 34.06 -37.76 172.58
CA ASP XC 121 33.85 -38.82 173.56
C ASP XC 121 34.53 -38.39 174.87
N VAL XC 122 33.75 -38.34 175.95
CA VAL XC 122 34.21 -37.90 177.24
C VAL XC 122 34.18 -39.04 178.25
N ARG XC 123 35.23 -39.14 179.07
CA ARG XC 123 35.22 -40.13 180.17
C ARG XC 123 36.04 -39.60 181.28
N ALA XC 124 35.78 -40.08 182.47
CA ALA XC 124 36.49 -39.62 183.66
C ALA XC 124 37.38 -40.75 184.11
N ASP XC 125 38.48 -40.42 184.77
CA ASP XC 125 39.36 -41.40 185.40
C ASP XC 125 40.03 -40.69 186.56
N GLY XC 126 39.60 -41.01 187.77
CA GLY XC 126 40.17 -40.38 188.95
C GLY XC 126 39.88 -38.89 188.97
N ASN XC 127 40.93 -38.08 188.94
CA ASN XC 127 40.79 -36.63 188.93
C ASN XC 127 40.99 -36.07 187.55
N ARG XC 128 41.01 -36.95 186.55
CA ARG XC 128 41.21 -36.48 185.18
C ARG XC 128 39.94 -36.67 184.38
N VAL XC 129 39.57 -35.63 183.65
CA VAL XC 129 38.47 -35.68 182.73
C VAL XC 129 39.09 -35.62 181.37
N VAL XC 130 38.78 -36.61 180.55
CA VAL XC 130 39.32 -36.69 179.19
C VAL XC 130 38.26 -36.45 178.11
N ILE XC 131 38.53 -35.54 177.19
CA ILE XC 131 37.67 -35.41 176.03
C ILE XC 131 38.43 -35.70 174.75
N SER XC 132 38.04 -36.73 174.02
CA SER XC 132 38.70 -37.00 172.75
C SER XC 132 37.81 -36.59 171.58
N VAL XC 133 38.37 -35.80 170.67
CA VAL XC 133 37.61 -35.28 169.57
C VAL XC 133 37.97 -36.13 168.39
N ASP XC 134 37.06 -37.02 167.98
CA ASP XC 134 37.27 -37.83 166.77
C ASP XC 134 36.62 -37.19 165.53
N GLY XC 135 37.12 -37.46 164.32
CA GLY XC 135 36.33 -36.97 163.17
C GLY XC 135 34.96 -37.64 163.01
N THR XC 136 34.79 -38.41 161.93
CA THR XC 136 33.54 -39.11 161.68
C THR XC 136 33.70 -40.62 161.81
N SER XC 137 34.93 -41.08 162.06
CA SER XC 137 35.22 -42.50 162.23
C SER XC 137 35.20 -42.81 163.72
N GLN XC 138 34.19 -43.57 164.16
CA GLN XC 138 34.02 -43.88 165.57
C GLN XC 138 34.56 -45.21 166.10
N SER XC 139 34.84 -46.16 165.21
CA SER XC 139 35.31 -47.45 165.69
C SER XC 139 36.09 -48.21 164.64
N VAL XC 140 37.21 -48.79 165.04
CA VAL XC 140 38.03 -49.59 164.15
C VAL XC 140 37.86 -51.03 164.63
N ASP XC 214 11.09 -37.33 132.33
CA ASP XC 214 11.93 -37.88 131.24
C ASP XC 214 13.40 -37.38 131.30
N ASP XC 215 13.58 -36.16 131.78
CA ASP XC 215 14.88 -35.50 131.82
C ASP XC 215 15.69 -36.12 132.94
N THR XC 216 14.99 -36.54 134.00
CA THR XC 216 15.55 -37.03 135.26
C THR XC 216 14.39 -37.33 136.20
N LEU XC 217 14.54 -38.45 136.89
CA LEU XC 217 13.62 -38.80 137.99
C LEU XC 217 14.30 -38.39 139.30
N SER XC 218 13.53 -37.66 140.11
CA SER XC 218 14.02 -37.19 141.42
C SER XC 218 13.42 -38.02 142.54
N ILE XC 219 14.31 -38.44 143.43
CA ILE XC 219 13.91 -39.14 144.67
C ILE XC 219 14.21 -38.20 145.84
N ARG XC 220 13.19 -37.96 146.64
CA ARG XC 220 13.32 -37.08 147.81
C ARG XC 220 13.03 -37.87 149.08
N ALA XC 221 13.94 -37.73 150.02
CA ALA XC 221 13.82 -38.34 151.36
C ALA XC 221 13.86 -37.22 152.40
N ASP XC 222 12.74 -37.03 153.07
CA ASP XC 222 12.63 -35.97 154.08
C ASP XC 222 12.76 -36.60 155.48
N GLY XC 223 13.59 -35.96 156.29
CA GLY XC 223 13.88 -36.43 157.65
C GLY XC 223 14.91 -35.52 158.31
N ASP XC 224 15.13 -35.78 159.58
CA ASP XC 224 16.09 -35.03 160.41
C ASP XC 224 17.56 -35.16 159.97
N ILE XC 225 17.93 -36.34 159.54
CA ILE XC 225 19.31 -36.66 159.18
C ILE XC 225 19.79 -35.87 157.92
N ALA XC 226 20.71 -36.37 157.10
CA ALA XC 226 21.23 -37.75 157.06
C ALA XC 226 22.60 -37.91 156.53
N ARG XC 227 23.31 -38.84 157.15
CA ARG XC 227 24.52 -39.32 156.49
C ARG XC 227 24.13 -40.47 155.55
N TYR XC 228 24.66 -40.38 154.34
CA TYR XC 228 24.33 -41.35 153.29
C TYR XC 228 25.58 -41.71 152.49
N GLU XC 229 25.46 -42.81 151.77
CA GLU XC 229 26.42 -43.20 150.73
C GLU XC 229 25.64 -43.76 149.54
N VAL XC 230 26.03 -43.35 148.35
CA VAL XC 230 25.41 -43.82 147.11
C VAL XC 230 26.45 -44.56 146.27
N LEU XC 231 26.01 -45.65 145.66
CA LEU XC 231 26.88 -46.44 144.77
C LEU XC 231 26.02 -47.21 143.77
N GLU XC 232 26.68 -47.75 142.76
CA GLU XC 232 26.08 -48.52 141.67
C GLU XC 232 26.34 -50.05 141.74
N LEU XC 233 25.42 -50.79 141.15
CA LEU XC 233 25.57 -52.24 140.96
C LEU XC 233 25.15 -52.59 139.54
N ALA XC 234 25.66 -53.71 139.04
CA ALA XC 234 25.31 -54.19 137.70
C ALA XC 234 24.68 -55.58 137.78
N ASP XC 235 24.07 -55.99 136.67
CA ASP XC 235 23.46 -57.33 136.52
C ASP XC 235 22.50 -57.65 137.70
N PRO XC 236 21.36 -56.96 137.76
CA PRO XC 236 20.95 -55.89 136.84
C PRO XC 236 21.49 -54.53 137.32
N PRO XC 237 21.48 -53.54 136.43
CA PRO XC 237 21.90 -52.17 136.76
C PRO XC 237 21.01 -51.63 137.89
N ARG XC 238 21.66 -51.07 138.90
CA ARG XC 238 21.01 -50.62 140.14
C ARG XC 238 21.74 -49.42 140.72
N LEU XC 239 21.00 -48.58 141.41
CA LEU XC 239 21.58 -47.52 142.23
C LEU XC 239 21.15 -47.81 143.68
N ALA XC 240 22.11 -47.74 144.58
CA ALA XC 240 21.87 -48.05 146.00
C ALA XC 240 22.26 -46.88 146.89
N VAL XC 241 21.37 -46.55 147.81
CA VAL XC 241 21.64 -45.52 148.82
C VAL XC 241 21.52 -46.14 150.21
N ASP XC 242 22.55 -45.92 151.01
CA ASP XC 242 22.53 -46.30 152.44
C ASP XC 242 22.39 -45.05 153.29
N LEU XC 243 21.41 -45.10 154.18
CA LEU XC 243 21.10 -43.99 155.07
C LEU XC 243 21.39 -44.40 156.51
N PHE XC 244 22.09 -43.53 157.21
CA PHE XC 244 22.41 -43.82 158.61
C PHE XC 244 21.65 -42.93 159.58
N GLY XC 245 21.56 -43.47 160.81
CA GLY XC 245 20.74 -42.88 161.87
C GLY XC 245 19.25 -43.04 161.57
N VAL XC 246 18.92 -44.05 160.77
CA VAL XC 246 17.51 -44.36 160.45
C VAL XC 246 17.18 -45.77 160.88
N GLY XC 247 15.97 -45.87 161.41
CA GLY XC 247 15.31 -47.16 161.62
C GLY XC 247 14.18 -47.26 160.58
N LEU XC 248 14.10 -48.43 159.96
CA LEU XC 248 13.05 -48.70 158.95
C LEU XC 248 11.67 -48.47 159.57
N ALA XC 249 10.76 -47.92 158.78
CA ALA XC 249 9.41 -47.59 159.28
C ALA XC 249 8.41 -47.61 158.14
N THR XC 250 7.15 -47.66 158.52
CA THR XC 250 6.03 -47.73 157.58
C THR XC 250 6.09 -46.60 156.56
N ARG XC 251 6.65 -45.44 156.90
CA ARG XC 251 6.78 -44.33 155.93
C ARG XC 251 7.74 -44.66 154.77
N ALA XC 252 8.52 -45.72 154.93
CA ALA XC 252 9.36 -46.27 153.84
C ALA XC 252 8.51 -46.45 152.54
N PRO XC 253 7.24 -46.84 152.57
CA PRO XC 253 6.34 -47.03 151.43
C PRO XC 253 6.20 -45.81 150.55
N ARG XC 254 6.29 -44.62 151.13
CA ARG XC 254 6.28 -43.39 150.30
C ARG XC 254 7.42 -43.44 149.26
N VAL XC 255 8.34 -44.37 149.49
CA VAL XC 255 9.47 -44.68 148.61
C VAL XC 255 9.02 -45.22 147.26
N LYS XC 256 7.82 -45.79 147.19
CA LYS XC 256 7.29 -46.37 145.93
C LYS XC 256 7.29 -45.34 144.79
N SER XC 257 7.23 -44.07 145.20
CA SER XC 257 7.21 -42.93 144.27
C SER XC 257 8.47 -42.79 143.41
N GLY XC 258 9.54 -43.45 143.86
CA GLY XC 258 10.80 -43.17 143.25
C GLY XC 258 11.39 -44.31 142.49
N ALA XC 259 10.76 -45.50 142.32
CA ALA XC 259 11.19 -46.61 141.44
C ALA XC 259 11.20 -46.26 139.95
N LEU XC 260 12.13 -46.72 139.07
CA LEU XC 260 13.41 -47.41 139.25
C LEU XC 260 13.33 -48.80 138.68
N ARG XC 261 12.53 -48.97 137.63
CA ARG XC 261 11.89 -50.25 137.34
C ARG XC 261 11.16 -50.79 138.61
N ASP XC 262 11.74 -50.60 139.79
CA ASP XC 262 11.38 -50.88 141.17
C ASP XC 262 12.43 -50.34 142.18
N VAL XC 263 11.90 -50.23 143.38
CA VAL XC 263 12.67 -49.83 144.57
C VAL XC 263 12.38 -50.78 145.74
N ARG XC 264 13.43 -51.33 146.32
CA ARG XC 264 13.32 -52.14 147.53
C ARG XC 264 14.15 -51.54 148.65
N VAL XC 265 13.61 -51.65 149.86
CA VAL XC 265 14.24 -51.04 151.05
C VAL XC 265 14.32 -52.09 152.17
N GLY XC 266 15.40 -52.01 152.94
CA GLY XC 266 15.61 -52.90 154.08
C GLY XC 266 16.56 -52.27 155.09
N ALA XC 267 16.91 -53.07 156.09
CA ALA XC 267 17.80 -52.62 157.18
C ALA XC 267 18.39 -53.84 157.88
N HIS XC 268 19.60 -53.66 158.41
CA HIS XC 268 20.33 -54.74 159.08
C HIS XC 268 21.01 -54.22 160.34
N ALA XC 269 20.19 -53.87 161.33
CA ALA XC 269 20.69 -53.34 162.61
C ALA XC 269 21.72 -52.22 162.38
N ASP XC 270 21.47 -51.47 161.31
CA ASP XC 270 22.29 -50.27 161.16
C ASP XC 270 21.40 -49.02 161.01
N LYS XC 271 21.03 -48.40 159.89
CA LYS XC 271 21.40 -48.41 158.43
C LYS XC 271 20.29 -49.01 157.58
N VAL XC 272 19.70 -48.13 156.83
CA VAL XC 272 18.68 -48.53 155.84
C VAL XC 272 19.33 -48.47 154.45
N ARG XC 273 18.99 -49.47 153.65
CA ARG XC 273 19.48 -49.54 152.27
C ARG XC 273 18.30 -49.45 151.30
N LEU XC 274 18.42 -48.50 150.39
CA LEU XC 274 17.44 -48.30 149.33
C LEU XC 274 18.10 -48.71 148.00
N VAL XC 275 17.40 -49.57 147.30
CA VAL XC 275 17.89 -50.16 146.05
C VAL XC 275 16.90 -49.85 144.92
N LEU XC 276 17.43 -49.28 143.88
CA LEU XC 276 16.72 -48.81 142.67
C LEU XC 276 17.18 -49.62 141.47
N ASP XC 277 16.37 -50.52 141.03
CA ASP XC 277 16.64 -51.18 139.76
C ASP XC 277 16.45 -50.15 138.58
N VAL XC 278 17.26 -50.16 137.57
CA VAL XC 278 17.10 -49.09 136.56
C VAL XC 278 16.57 -49.61 135.24
N ARG XC 279 16.01 -48.70 134.45
CA ARG XC 279 15.61 -48.99 133.07
C ARG XC 279 16.63 -48.45 132.04
N GLY XC 280 17.61 -47.70 132.54
CA GLY XC 280 18.64 -47.07 131.70
C GLY XC 280 19.82 -46.56 132.53
N THR XC 281 20.98 -46.44 131.93
CA THR XC 281 22.16 -45.96 132.68
C THR XC 281 21.94 -44.53 133.22
N MET XC 282 22.33 -44.32 134.45
CA MET XC 282 22.18 -43.00 135.10
C MET XC 282 23.53 -42.46 135.61
N LYS XC 341 42.04 -36.57 124.15
CA LYS XC 341 41.35 -36.64 122.87
C LYS XC 341 42.33 -36.47 121.72
N ASP XC 342 42.00 -37.05 120.57
CA ASP XC 342 42.84 -36.96 119.38
C ASP XC 342 42.17 -37.60 118.18
N VAL XC 343 42.61 -37.23 116.98
CA VAL XC 343 42.06 -37.77 115.76
C VAL XC 343 43.10 -38.54 114.97
N ARG XC 344 42.64 -39.47 114.13
CA ARG XC 344 43.53 -40.28 113.31
C ARG XC 344 42.85 -40.70 112.01
N PHE XC 345 43.66 -40.99 111.00
CA PHE XC 345 43.13 -41.40 109.70
C PHE XC 345 43.87 -42.63 109.18
N GLU XC 346 43.16 -43.48 108.44
CA GLU XC 346 43.74 -44.69 107.89
C GLU XC 346 42.86 -45.26 106.78
N GLU XC 347 43.09 -46.35 106.22
CA GLU XC 347 42.21 -46.91 105.23
C GLU XC 347 42.08 -48.43 105.38
N SER XC 348 40.95 -48.93 104.93
CA SER XC 348 40.77 -50.37 104.88
C SER XC 348 39.97 -50.64 103.61
N SER XC 349 39.53 -51.87 103.42
CA SER XC 349 38.92 -52.21 102.10
C SER XC 349 37.62 -51.39 101.94
N SER XC 350 36.91 -51.13 103.03
CA SER XC 350 35.75 -50.23 102.99
C SER XC 350 36.16 -48.79 102.53
N GLY XC 351 37.46 -48.50 102.45
CA GLY XC 351 37.89 -47.15 102.07
C GLY XC 351 38.63 -46.38 103.15
N GLY XC 352 38.31 -45.09 103.28
CA GLY XC 352 38.95 -44.21 104.27
C GLY XC 352 38.26 -44.29 105.63
N ARG XC 353 39.04 -44.29 106.62
CA ARG XC 353 38.67 -44.49 108.02
C ARG XC 353 39.21 -43.37 108.90
N ILE XC 354 38.39 -42.90 109.83
CA ILE XC 354 38.79 -41.82 110.73
C ILE XC 354 38.66 -42.27 112.18
N VAL XC 355 39.75 -42.81 112.73
CA VAL XC 355 39.76 -43.28 114.11
C VAL XC 355 39.94 -42.11 115.08
N MET XC 356 38.91 -41.85 115.89
CA MET XC 356 38.95 -40.76 116.85
C MET XC 356 39.08 -41.30 118.28
N LYS XC 357 39.95 -40.67 119.06
CA LYS XC 357 40.16 -41.08 120.45
C LYS XC 357 39.31 -40.24 121.41
N LEU XC 358 38.31 -40.87 122.01
CA LEU XC 358 37.44 -40.18 122.95
C LEU XC 358 37.65 -40.69 124.37
N SER XC 359 38.43 -39.95 125.14
CA SER XC 359 38.71 -40.33 126.53
C SER XC 359 37.85 -39.54 127.49
N GLY XC 360 36.90 -40.22 128.12
CA GLY XC 360 36.01 -39.56 129.08
C GLY XC 360 34.60 -39.44 128.56
N THR XC 361 34.24 -40.29 127.60
CA THR XC 361 32.90 -40.28 127.01
C THR XC 361 32.16 -41.58 127.33
N SER XC 362 30.84 -41.48 127.44
CA SER XC 362 30.02 -42.64 127.74
C SER XC 362 29.09 -42.97 126.57
N GLY XC 363 28.09 -42.12 126.36
CA GLY XC 363 27.15 -42.34 125.28
C GLY XC 363 27.80 -42.19 123.91
N TRP XC 364 27.03 -41.71 122.95
CA TRP XC 364 27.53 -41.53 121.59
C TRP XC 364 27.29 -40.10 121.11
N LYS XC 365 28.24 -39.57 120.32
CA LYS XC 365 28.16 -38.21 119.78
C LYS XC 365 27.06 -38.07 118.73
N VAL XC 366 26.92 -36.86 118.19
CA VAL XC 366 25.91 -36.60 117.17
C VAL XC 366 26.53 -36.64 115.77
N ASP XC 367 26.24 -37.71 115.04
CA ASP XC 367 26.78 -37.88 113.70
C ASP XC 367 25.88 -37.20 112.67
N ARG XC 368 26.43 -36.21 111.97
CA ARG XC 368 25.69 -35.47 110.96
C ARG XC 368 26.33 -35.61 109.59
N PRO XC 369 25.83 -36.56 108.80
CA PRO XC 369 26.36 -36.80 107.46
C PRO XC 369 25.83 -35.77 106.48
N ASP XC 370 26.71 -34.88 106.03
CA ASP XC 370 26.32 -33.83 105.08
C ASP XC 370 26.87 -34.14 103.70
N PRO XC 371 26.39 -33.40 102.70
CA PRO XC 371 26.83 -33.60 101.32
C PRO XC 371 28.21 -32.98 101.09
N ARG XC 372 28.64 -32.15 102.05
CA ARG XC 372 29.94 -31.50 101.95
C ARG XC 372 30.95 -32.16 102.86
N SER XC 373 30.68 -32.13 104.17
CA SER XC 373 31.57 -32.74 105.14
C SER XC 373 30.77 -33.47 106.24
N ALA XC 374 31.46 -33.85 107.31
CA ALA XC 374 30.81 -34.55 108.42
C ALA XC 374 30.88 -33.72 109.70
N VAL XC 375 29.98 -34.01 110.62
CA VAL XC 375 29.94 -33.30 111.89
C VAL XC 375 29.77 -34.26 113.06
N LEU XC 376 30.63 -34.12 114.07
CA LEU XC 376 30.58 -34.97 115.25
C LEU XC 376 30.76 -34.16 116.52
N THR XC 377 29.69 -34.03 117.30
CA THR XC 377 29.73 -33.28 118.55
C THR XC 377 29.76 -34.22 119.75
N LEU XC 378 30.61 -33.90 120.72
CA LEU XC 378 30.73 -34.71 121.93
C LEU XC 378 30.52 -33.86 123.18
N ASP XC 379 29.31 -33.92 123.73
CA ASP XC 379 28.97 -33.15 124.92
C ASP XC 379 29.90 -33.54 126.07
N ASN XC 380 30.38 -32.53 126.80
CA ASN XC 380 31.28 -32.75 127.92
C ASN XC 380 32.57 -33.41 127.47
N ALA XC 381 32.94 -33.17 126.22
CA ALA XC 381 34.17 -33.74 125.66
C ALA XC 381 35.07 -32.64 125.09
N ARG XC 382 34.87 -31.41 125.58
CA ARG XC 382 35.67 -30.28 125.13
C ARG XC 382 37.15 -30.62 125.09
N LEU XC 383 37.73 -30.62 123.89
CA LEU XC 383 39.14 -30.93 123.73
C LEU XC 383 39.97 -29.66 123.61
N PRO XC 384 41.22 -29.72 124.09
CA PRO XC 384 42.14 -28.57 124.05
C PRO XC 384 42.60 -28.25 122.63
N LYS XC 385 42.94 -26.99 122.40
CA LYS XC 385 43.40 -26.55 121.09
C LYS XC 385 44.71 -27.22 120.71
N LYS XC 386 45.35 -27.87 121.68
CA LYS XC 386 46.61 -28.56 121.45
C LYS XC 386 46.38 -29.98 120.95
N PHE XC 387 45.13 -30.30 120.66
CA PHE XC 387 44.77 -31.64 120.17
C PHE XC 387 43.81 -31.55 119.01
N GLU XC 388 43.56 -30.33 118.54
CA GLU XC 388 42.65 -30.11 117.42
C GLU XC 388 43.40 -30.14 116.09
N ARG XC 389 44.54 -30.83 116.07
CA ARG XC 389 45.35 -30.94 114.87
C ARG XC 389 44.54 -31.53 113.73
N SER XC 390 44.89 -31.13 112.50
CA SER XC 390 44.19 -31.62 111.31
C SER XC 390 45.05 -32.62 110.55
N LEU XC 391 44.44 -33.36 109.64
CA LEU XC 391 45.14 -34.35 108.83
C LEU XC 391 45.53 -33.77 107.48
N ASP XC 392 46.40 -34.48 106.78
CA ASP XC 392 46.87 -34.03 105.46
C ASP XC 392 46.79 -35.17 104.45
N THR XC 393 45.74 -35.97 104.53
CA THR XC 393 45.55 -37.10 103.64
C THR XC 393 45.07 -36.64 102.27
N SER XC 394 45.90 -35.85 101.59
CA SER XC 394 45.55 -35.33 100.27
C SER XC 394 46.06 -36.26 99.17
N ALA XC 395 45.22 -36.51 98.17
CA ALA XC 395 45.59 -37.38 97.06
C ALA XC 395 45.84 -38.81 97.54
N LEU XC 396 45.06 -39.24 98.54
CA LEU XC 396 45.19 -40.58 99.08
C LEU XC 396 44.25 -41.55 98.38
N ASP XC 397 43.59 -41.08 97.33
CA ASP XC 397 42.66 -41.89 96.56
C ASP XC 397 41.54 -42.41 97.45
N THR XC 398 40.96 -41.51 98.25
CA THR XC 398 39.86 -41.87 99.15
C THR XC 398 38.75 -40.84 99.09
N PRO XC 399 37.56 -41.23 99.57
CA PRO XC 399 36.38 -40.36 99.59
C PRO XC 399 36.52 -39.22 100.60
N VAL XC 400 37.49 -39.35 101.50
CA VAL XC 400 37.73 -38.34 102.52
C VAL XC 400 38.78 -37.34 102.06
N LYS XC 401 38.33 -36.11 101.78
CA LYS XC 401 39.24 -35.07 101.32
C LYS XC 401 40.34 -34.82 102.35
N MET XC 402 39.94 -34.53 103.58
CA MET XC 402 40.89 -34.27 104.66
C MET XC 402 40.17 -34.11 106.00
N ILE XC 403 40.76 -34.68 107.04
CA ILE XC 403 40.18 -34.60 108.37
C ILE XC 403 40.62 -33.32 109.09
N SER XC 404 39.68 -32.68 109.78
CA SER XC 404 39.96 -31.45 110.50
C SER XC 404 39.32 -31.46 111.89
N ALA XC 405 40.13 -31.25 112.91
CA ALA XC 405 39.64 -31.23 114.28
C ALA XC 405 39.58 -29.80 114.82
N PHE XC 406 38.49 -29.49 115.50
CA PHE XC 406 38.30 -28.16 116.08
C PHE XC 406 37.65 -28.24 117.44
N SER XC 407 38.20 -27.52 118.41
CA SER XC 407 37.66 -27.52 119.76
C SER XC 407 36.42 -26.65 119.86
N VAL XC 408 36.59 -25.37 120.18
CA VAL XC 408 35.43 -24.50 120.41
C VAL XC 408 34.55 -24.37 119.18
N PRO XC 409 33.23 -24.42 119.41
CA PRO XC 409 32.35 -24.10 118.27
C PRO XC 409 31.08 -23.41 118.78
N GLY XC 410 31.17 -22.76 119.95
CA GLY XC 410 30.09 -21.89 120.38
C GLY XC 410 29.14 -22.50 121.38
N ALA XC 411 29.41 -23.72 121.80
CA ALA XC 411 28.60 -24.41 122.80
C ALA XC 411 29.52 -24.87 123.93
N GLY XC 412 29.20 -24.46 125.16
CA GLY XC 412 30.00 -24.95 126.30
C GLY XC 412 30.14 -26.47 126.28
N GLY XC 413 31.33 -26.94 126.59
CA GLY XC 413 31.71 -28.32 126.81
C GLY XC 413 31.70 -29.20 125.56
N LYS XC 414 31.15 -28.77 124.44
CA LYS XC 414 31.00 -29.55 123.22
C LYS XC 414 32.28 -29.56 122.41
N VAL XC 415 32.50 -30.62 121.64
CA VAL XC 415 33.57 -30.64 120.62
C VAL XC 415 33.02 -30.99 119.24
N ARG XC 416 33.83 -30.67 118.22
CA ARG XC 416 33.31 -30.78 116.87
C ARG XC 416 34.37 -31.35 115.91
N LEU XC 417 33.92 -32.17 114.97
CA LEU XC 417 34.84 -32.77 114.01
C LEU XC 417 34.37 -32.49 112.58
N VAL XC 418 35.33 -32.12 111.72
CA VAL XC 418 35.01 -31.83 110.32
C VAL XC 418 35.77 -32.75 109.38
N VAL XC 419 35.05 -33.66 108.74
CA VAL XC 419 35.67 -34.60 107.80
C VAL XC 419 35.20 -34.34 106.37
N ALA XC 420 35.90 -33.44 105.68
CA ALA XC 420 35.56 -33.10 104.31
C ALA XC 420 35.56 -34.34 103.43
N ALA XC 421 34.58 -34.41 102.52
CA ALA XC 421 34.46 -35.54 101.61
C ALA XC 421 34.27 -35.08 100.17
N ASP XC 422 34.11 -36.03 99.26
CA ASP XC 422 33.91 -35.73 97.85
C ASP XC 422 33.09 -36.80 97.16
N GLY XC 423 32.34 -36.41 96.14
CA GLY XC 423 31.52 -37.36 95.41
C GLY XC 423 30.62 -38.16 96.32
N ALA XC 424 29.94 -39.15 95.76
CA ALA XC 424 29.04 -40.00 96.53
C ALA XC 424 29.81 -40.90 97.48
N ILE XC 425 29.34 -41.00 98.72
CA ILE XC 425 29.98 -41.82 99.73
C ILE XC 425 29.01 -42.20 100.82
N GLU XC 426 29.46 -43.07 101.73
CA GLU XC 426 28.63 -43.52 102.84
C GLU XC 426 29.40 -43.49 104.16
N GLU XC 427 28.72 -43.09 105.22
CA GLU XC 427 29.34 -43.01 106.54
C GLU XC 427 28.99 -44.24 107.38
N LYS XC 428 29.98 -44.76 108.10
CA LYS XC 428 29.77 -45.92 108.95
C LYS XC 428 30.53 -45.79 110.27
N VAL XC 429 29.78 -45.60 111.35
CA VAL XC 429 30.39 -45.46 112.68
C VAL XC 429 30.57 -46.82 113.34
N SER XC 430 31.68 -46.98 114.04
CA SER XC 430 31.97 -48.24 114.74
C SER XC 430 32.51 -47.97 116.14
N GLN XC 431 31.94 -48.65 117.12
CA GLN XC 431 32.37 -48.49 118.50
C GLN XC 431 32.96 -49.78 119.05
N SER XC 432 34.28 -49.91 118.94
CA SER XC 432 34.97 -51.10 119.43
C SER XC 432 35.10 -51.09 120.94
N ALA XC 433 34.72 -49.97 121.55
CA ALA XC 433 34.78 -49.83 123.01
C ALA XC 433 34.25 -48.48 123.45
N GLY XC 434 33.89 -48.38 124.74
CA GLY XC 434 33.35 -47.14 125.32
C GLY XC 434 34.40 -46.05 125.43
N THR XC 435 34.69 -45.40 124.31
CA THR XC 435 35.68 -44.33 124.29
C THR XC 435 36.37 -44.19 122.95
N LEU XC 436 36.44 -45.29 122.20
CA LEU XC 436 37.07 -45.28 120.89
C LEU XC 436 36.03 -45.20 119.78
N SER XC 437 36.08 -44.11 119.03
CA SER XC 437 35.14 -43.90 117.92
C SER XC 437 35.84 -44.05 116.58
N TRP XC 438 35.09 -44.51 115.58
CA TRP XC 438 35.64 -44.70 114.24
C TRP XC 438 34.61 -44.33 113.18
N ARG XC 439 35.11 -43.90 112.02
CA ARG XC 439 34.23 -43.51 110.91
C ARG XC 439 34.75 -44.07 109.59
N LEU XC 440 34.10 -45.11 109.09
CA LEU XC 440 34.50 -45.73 107.84
C LEU XC 440 33.84 -45.04 106.66
N TYR XC 477 44.70 -47.75 63.05
CA TYR XC 477 44.07 -49.01 62.58
C TYR XC 477 44.73 -50.18 63.28
N ARG XC 478 44.61 -50.16 64.62
CA ARG XC 478 44.95 -51.29 65.47
C ARG XC 478 44.36 -51.04 66.84
N GLY XC 479 43.83 -52.08 67.47
CA GLY XC 479 43.12 -51.93 68.74
C GLY XC 479 42.95 -53.19 69.55
N LYS XC 480 42.48 -53.06 70.80
CA LYS XC 480 41.97 -54.21 71.57
C LYS XC 480 40.81 -54.86 70.83
N ARG XC 481 40.67 -56.17 71.05
CA ARG XC 481 39.54 -56.98 70.59
C ARG XC 481 38.31 -56.83 71.44
N VAL XC 482 37.19 -56.89 70.74
CA VAL XC 482 35.91 -56.47 71.27
C VAL XC 482 34.79 -57.31 70.66
N SER XC 483 33.60 -57.16 71.21
CA SER XC 483 32.37 -57.67 70.60
C SER XC 483 31.38 -56.52 70.61
N PHE XC 484 30.98 -56.11 69.40
CA PHE XC 484 29.98 -55.07 69.19
C PHE XC 484 28.59 -55.55 69.02
N GLU XC 485 27.76 -55.28 69.99
CA GLU XC 485 26.36 -55.62 69.87
C GLU XC 485 25.55 -54.34 69.98
N PHE XC 486 24.92 -53.95 68.87
CA PHE XC 486 24.07 -52.77 68.72
C PHE XC 486 22.71 -53.07 68.18
N LYS XC 487 21.71 -53.04 69.04
CA LYS XC 487 20.33 -53.32 68.65
C LYS XC 487 19.53 -52.05 68.53
N ASP XC 488 19.50 -51.50 67.31
CA ASP XC 488 18.65 -50.36 66.96
C ASP XC 488 19.13 -49.15 67.80
N ILE XC 489 20.31 -48.65 67.45
CA ILE XC 489 20.93 -47.51 68.13
C ILE XC 489 21.51 -46.49 67.16
N ASP XC 490 21.52 -45.24 67.60
CA ASP XC 490 22.08 -44.16 66.79
C ASP XC 490 23.56 -44.41 66.54
N ILE XC 491 24.00 -44.28 65.28
CA ILE XC 491 25.43 -44.42 64.97
C ILE XC 491 26.25 -43.41 65.77
N GLN XC 492 25.69 -42.24 66.09
CA GLN XC 492 26.29 -41.26 66.99
C GLN XC 492 26.53 -41.83 68.39
N ASN XC 493 25.58 -42.60 68.92
CA ASN XC 493 25.79 -43.30 70.16
C ASN XC 493 26.88 -44.34 69.98
N LEU XC 494 26.84 -45.20 68.95
CA LEU XC 494 27.91 -46.18 68.77
C LEU XC 494 29.27 -45.52 68.69
N LEU XC 495 29.34 -44.43 67.98
CA LEU XC 495 30.52 -43.64 67.92
C LEU XC 495 31.04 -43.20 69.30
N ARG XC 496 30.20 -42.54 70.11
CA ARG XC 496 30.58 -42.04 71.44
C ARG XC 496 31.04 -43.13 72.35
N VAL XC 497 30.25 -44.20 72.32
CA VAL XC 497 30.57 -45.41 73.02
C VAL XC 497 31.98 -45.86 72.60
N ILE XC 498 32.22 -45.89 71.29
CA ILE XC 498 33.53 -46.21 70.76
C ILE XC 498 34.55 -45.15 71.25
N ALA XC 499 34.30 -43.85 71.35
CA ALA XC 499 35.25 -42.96 72.03
C ALA XC 499 35.46 -43.20 73.55
N GLU XC 500 34.41 -43.61 74.29
CA GLU XC 500 34.45 -43.89 75.74
C GLU XC 500 35.28 -45.12 76.12
N ILE XC 501 35.55 -45.96 75.13
CA ILE XC 501 36.40 -47.13 75.18
C ILE XC 501 37.86 -46.77 74.69
N SER XC 502 38.28 -45.49 74.56
CA SER XC 502 39.67 -45.03 74.21
C SER XC 502 40.10 -45.32 72.76
N LYS XC 503 39.11 -45.66 71.98
CA LYS XC 503 39.19 -45.77 70.54
C LYS XC 503 39.07 -44.39 69.95
N LYS XC 504 40.14 -43.63 70.18
CA LYS XC 504 40.25 -42.21 69.89
C LYS XC 504 39.28 -41.40 70.75
N ASN XC 505 39.27 -40.09 70.53
CA ASN XC 505 38.09 -39.29 70.78
C ASN XC 505 37.35 -39.18 69.44
N ILE XC 506 36.21 -39.83 69.31
CA ILE XC 506 35.39 -39.72 68.11
C ILE XC 506 34.34 -38.61 68.27
N VAL XC 507 34.16 -37.77 67.25
CA VAL XC 507 33.09 -36.76 67.14
C VAL XC 507 32.48 -36.82 65.73
N VAL XC 508 31.15 -36.88 65.62
CA VAL XC 508 30.48 -36.78 64.31
C VAL XC 508 30.44 -35.31 63.83
N ALA XC 509 29.93 -35.06 62.62
CA ALA XC 509 29.13 -33.85 62.33
C ALA XC 509 27.85 -33.80 63.22
N ASP XC 510 26.84 -32.99 62.93
CA ASP XC 510 25.59 -33.09 63.68
C ASP XC 510 24.74 -34.25 63.10
N ASP XC 511 24.09 -34.00 61.96
CA ASP XC 511 23.18 -35.00 61.37
C ASP XC 511 23.91 -35.86 60.35
N VAL XC 512 24.45 -36.96 60.87
CA VAL XC 512 25.19 -37.92 60.05
C VAL XC 512 24.28 -38.90 59.31
N SER XC 513 23.21 -39.42 59.91
CA SER XC 513 22.56 -40.62 59.34
C SER XC 513 21.28 -40.95 60.12
N GLY XC 514 21.42 -41.81 61.12
CA GLY XC 514 20.35 -42.28 61.98
C GLY XC 514 20.84 -43.43 62.82
N LYS XC 515 19.99 -44.45 62.86
CA LYS XC 515 20.10 -45.64 63.66
C LYS XC 515 20.52 -46.86 62.83
N VAL XC 516 21.33 -47.75 63.42
CA VAL XC 516 21.77 -49.01 62.79
C VAL XC 516 21.77 -50.18 63.78
N THR XC 517 21.70 -51.39 63.22
CA THR XC 517 21.89 -52.65 63.94
C THR XC 517 23.08 -53.47 63.40
N ILE XC 518 23.99 -53.82 64.29
CA ILE XC 518 25.10 -54.76 64.02
C ILE XC 518 25.34 -55.65 65.25
N ARG XC 519 25.91 -56.85 65.05
CA ARG XC 519 26.42 -57.73 66.14
C ARG XC 519 27.66 -58.55 65.79
N LEU XC 520 28.75 -58.11 66.36
CA LEU XC 520 30.09 -58.59 66.11
C LEU XC 520 30.57 -59.35 67.33
N ARG XC 521 31.42 -60.34 67.05
CA ARG XC 521 32.21 -60.99 68.09
C ARG XC 521 33.66 -61.09 67.67
N ASN XC 522 34.54 -60.96 68.65
CA ASN XC 522 35.99 -61.12 68.52
C ASN XC 522 36.64 -60.21 67.44
N VAL XC 523 36.16 -58.97 67.29
CA VAL XC 523 36.69 -58.05 66.28
C VAL XC 523 37.37 -56.92 66.99
N PRO XC 524 38.65 -56.57 66.72
CA PRO XC 524 39.18 -55.28 67.12
C PRO XC 524 38.33 -54.17 66.60
N TRP XC 525 38.23 -53.16 67.42
CA TRP XC 525 37.26 -52.15 67.17
C TRP XC 525 37.43 -51.31 65.93
N ASP XC 526 38.68 -51.00 65.59
CA ASP XC 526 39.08 -50.10 64.51
C ASP XC 526 38.71 -50.68 63.16
N GLN XC 527 38.61 -52.00 63.20
CA GLN XC 527 37.96 -52.76 62.20
C GLN XC 527 36.45 -52.78 62.34
N ALA XC 528 35.89 -53.12 63.50
CA ALA XC 528 34.43 -53.12 63.66
C ALA XC 528 33.82 -51.79 63.23
N LEU XC 529 34.57 -50.68 63.43
CA LEU XC 529 34.38 -49.35 62.86
C LEU XC 529 34.38 -49.34 61.34
N ASP XC 530 35.47 -49.70 60.63
CA ASP XC 530 35.51 -49.70 59.15
C ASP XC 530 34.32 -50.43 58.53
N LEU XC 531 34.05 -51.51 59.21
CA LEU XC 531 32.94 -52.36 58.97
C LEU XC 531 31.56 -51.67 59.27
N VAL XC 532 31.47 -50.82 60.30
CA VAL XC 532 30.24 -50.05 60.66
C VAL XC 532 29.93 -49.01 59.59
N LEU XC 533 30.98 -48.31 59.13
CA LEU XC 533 30.96 -47.36 58.00
C LEU XC 533 30.22 -47.95 56.79
N ARG XC 534 30.69 -49.14 56.37
CA ARG XC 534 30.11 -49.89 55.23
C ARG XC 534 28.67 -50.38 55.36
N THR XC 535 28.25 -50.54 56.62
CA THR XC 535 26.86 -50.96 56.86
C THR XC 535 25.89 -49.92 56.31
N LYS XC 536 25.93 -48.73 56.88
CA LYS XC 536 25.00 -47.61 56.61
C LYS XC 536 25.76 -46.28 56.72
N ALA XC 537 26.63 -46.39 57.71
CA ALA XC 537 27.27 -45.33 58.37
C ALA XC 537 28.30 -44.72 57.41
N LEU XC 538 29.09 -43.89 58.04
CA LEU XC 538 29.74 -42.78 57.41
C LEU XC 538 31.08 -43.17 56.80
N GLY XC 539 31.90 -42.21 56.40
CA GLY XC 539 33.37 -42.38 56.37
C GLY XC 539 34.04 -41.63 57.53
N LYS XC 540 35.23 -42.06 57.94
CA LYS XC 540 36.00 -41.40 59.02
C LYS XC 540 37.22 -40.64 58.48
N GLU XC 541 37.44 -39.45 59.04
CA GLU XC 541 38.66 -38.64 58.87
C GLU XC 541 39.27 -38.31 60.23
N GLU XC 542 40.56 -38.57 60.44
CA GLU XC 542 41.22 -38.29 61.71
C GLU XC 542 42.09 -37.03 61.66
N PHE XC 543 41.84 -36.11 62.60
CA PHE XC 543 42.76 -34.99 62.89
C PHE XC 543 44.03 -35.40 63.63
N GLY XC 544 43.90 -36.38 64.51
CA GLY XC 544 44.98 -37.13 65.18
C GLY XC 544 44.53 -37.53 66.60
N ASN XC 545 44.29 -36.52 67.44
CA ASN XC 545 43.71 -36.71 68.77
C ASN XC 545 42.20 -37.00 68.71
N ILE XC 546 41.51 -36.15 67.95
CA ILE XC 546 40.09 -36.29 67.65
C ILE XC 546 39.97 -36.83 66.23
N ILE XC 547 38.87 -37.50 65.95
CA ILE XC 547 38.49 -37.93 64.60
C ILE XC 547 37.11 -37.35 64.31
N ARG XC 548 36.91 -36.82 63.09
CA ARG XC 548 35.58 -36.41 62.63
C ARG XC 548 34.99 -37.45 61.69
N ILE XC 549 33.71 -37.75 61.94
CA ILE XC 549 32.94 -38.63 61.09
C ILE XC 549 31.82 -37.87 60.42
N ALA XC 550 31.73 -38.01 59.11
CA ALA XC 550 30.78 -37.23 58.34
C ALA XC 550 29.92 -38.10 57.41
N PRO XC 551 28.70 -37.62 57.12
CA PRO XC 551 27.76 -38.14 56.10
C PRO XC 551 28.24 -37.85 54.66
N ASP XC 574 20.07 -60.29 63.12
CA ASP XC 574 21.38 -59.65 63.15
C ASP XC 574 22.26 -59.89 61.92
N LEU XC 575 23.08 -58.87 61.79
CA LEU XC 575 24.30 -58.93 61.05
C LEU XC 575 25.34 -59.29 62.01
N MET XC 576 26.29 -60.00 61.49
CA MET XC 576 27.36 -60.36 62.30
C MET XC 576 28.67 -60.32 61.62
N VAL XC 577 29.63 -60.27 62.52
CA VAL XC 577 31.02 -60.37 62.16
C VAL XC 577 31.61 -61.54 62.85
N ASN XC 578 32.39 -62.21 62.02
CA ASN XC 578 33.09 -63.40 62.35
C ASN XC 578 34.47 -63.31 61.69
N LEU XC 579 35.46 -63.73 62.45
CA LEU XC 579 36.84 -63.91 61.99
C LEU XC 579 36.96 -65.36 61.52
N LEU XC 580 37.44 -65.52 60.31
CA LEU XC 580 37.84 -66.79 59.71
C LEU XC 580 39.36 -66.90 59.81
N PRO XC 581 39.94 -67.86 60.54
CA PRO XC 581 41.34 -68.15 60.33
C PRO XC 581 41.50 -68.80 58.96
N VAL XC 582 42.56 -68.45 58.26
CA VAL XC 582 43.04 -69.18 57.07
C VAL XC 582 44.38 -69.79 57.45
N ASN XC 583 44.38 -71.08 57.82
CA ASN XC 583 45.63 -71.69 58.24
C ASN XC 583 46.54 -72.00 57.04
N TYR XC 584 45.96 -72.53 55.96
CA TYR XC 584 46.73 -73.15 54.90
C TYR XC 584 47.02 -72.26 53.70
N ALA XC 585 45.98 -71.61 53.17
CA ALA XC 585 46.10 -70.75 52.00
C ALA XC 585 46.49 -69.30 52.37
N VAL XC 586 46.90 -68.51 51.38
CA VAL XC 586 47.00 -67.05 51.53
C VAL XC 586 45.62 -66.41 51.36
N ALA XC 587 45.33 -65.38 52.16
CA ALA XC 587 44.03 -64.70 52.14
C ALA XC 587 43.71 -64.06 50.77
N ALA XC 588 44.71 -63.51 50.09
CA ALA XC 588 44.57 -62.84 48.80
C ALA XC 588 44.07 -63.76 47.66
N ASP XC 589 44.37 -65.06 47.71
CA ASP XC 589 43.91 -66.03 46.72
C ASP XC 589 42.38 -66.28 46.76
N MET XC 590 41.78 -66.11 47.94
CA MET XC 590 40.33 -66.09 48.13
C MET XC 590 39.66 -64.86 47.52
N ALA XC 591 40.38 -63.75 47.33
CA ALA XC 591 39.80 -62.44 47.01
C ALA XC 591 38.95 -62.47 45.72
N ALA XC 592 39.39 -63.21 44.69
CA ALA XC 592 38.66 -63.34 43.45
C ALA XC 592 37.26 -63.96 43.66
N ARG XC 593 37.21 -65.12 44.34
CA ARG XC 593 35.96 -65.84 44.64
C ARG XC 593 35.05 -65.11 45.62
N VAL XC 594 35.63 -64.52 46.64
CA VAL XC 594 34.89 -63.79 47.67
C VAL XC 594 34.26 -62.53 47.07
N LYS XC 595 35.00 -61.78 46.23
CA LYS XC 595 34.48 -60.63 45.49
C LYS XC 595 33.30 -61.05 44.61
N ASP XC 596 33.42 -62.22 43.97
CA ASP XC 596 32.37 -62.78 43.11
C ASP XC 596 31.05 -63.18 43.80
N VAL XC 597 31.06 -63.66 45.07
CA VAL XC 597 29.78 -63.77 45.83
C VAL XC 597 29.16 -62.40 46.09
N LEU XC 598 29.94 -61.41 46.53
CA LEU XC 598 29.37 -60.13 46.96
C LEU XC 598 28.55 -59.50 45.84
N SER XC 599 29.07 -59.52 44.60
CA SER XC 599 28.46 -58.80 43.48
C SER XC 599 28.21 -57.32 43.89
N GLU XC 600 27.01 -56.81 43.62
CA GLU XC 600 26.49 -55.52 44.14
C GLU XC 600 25.76 -55.66 45.49
N ARG XC 601 26.11 -56.68 46.30
CA ARG XC 601 25.59 -56.80 47.66
C ARG XC 601 26.50 -56.18 48.72
N GLY XC 602 25.82 -56.18 49.84
CA GLY XC 602 26.21 -55.74 51.16
C GLY XC 602 26.43 -56.87 52.09
N SER XC 603 27.37 -56.52 52.93
CA SER XC 603 28.47 -57.41 53.13
C SER XC 603 29.74 -56.75 52.68
N VAL XC 604 30.77 -57.17 53.38
CA VAL XC 604 32.14 -56.94 52.98
C VAL XC 604 33.05 -57.98 53.58
N THR XC 605 34.24 -58.02 53.03
CA THR XC 605 35.37 -58.80 53.48
C THR XC 605 36.57 -57.88 53.72
N VAL XC 606 37.26 -58.05 54.86
CA VAL XC 606 38.50 -57.35 55.23
C VAL XC 606 39.61 -58.36 55.46
N ASP XC 607 40.75 -58.08 54.87
CA ASP XC 607 41.94 -58.92 55.02
C ASP XC 607 42.86 -58.30 56.08
N GLN XC 608 43.00 -58.99 57.21
CA GLN XC 608 43.98 -58.60 58.21
C GLN XC 608 45.35 -59.17 57.89
N ARG XC 609 46.39 -58.50 58.37
CA ARG XC 609 47.80 -58.83 58.08
C ARG XC 609 48.23 -60.23 58.49
N THR XC 610 47.66 -60.77 59.56
CA THR XC 610 47.97 -62.11 60.07
C THR XC 610 47.21 -63.21 59.32
N ASN XC 611 46.87 -62.99 58.03
CA ASN XC 611 46.13 -63.91 57.15
C ASN XC 611 44.87 -64.48 57.81
N VAL XC 612 44.03 -63.57 58.30
CA VAL XC 612 42.66 -63.88 58.71
C VAL XC 612 41.71 -63.02 57.89
N LEU XC 613 40.63 -63.64 57.41
CA LEU XC 613 39.54 -62.88 56.80
C LEU XC 613 38.53 -62.47 57.85
N ILE XC 614 37.98 -61.28 57.67
CA ILE XC 614 36.84 -60.83 58.46
C ILE XC 614 35.71 -60.38 57.57
N VAL XC 615 34.53 -60.86 57.89
CA VAL XC 615 33.31 -60.54 57.18
C VAL XC 615 32.30 -59.80 58.04
N LYS XC 616 31.76 -58.65 57.62
CA LYS XC 616 30.44 -58.20 58.11
C LYS XC 616 29.49 -58.52 57.03
N ASP XC 617 28.30 -58.87 57.47
CA ASP XC 617 27.12 -59.00 56.64
C ASP XC 617 25.94 -59.55 57.43
N VAL XC 618 24.82 -59.68 56.73
CA VAL XC 618 23.75 -60.59 57.14
C VAL XC 618 24.37 -61.96 57.46
N ARG XC 619 23.73 -62.71 58.36
CA ARG XC 619 24.11 -64.11 58.63
C ARG XC 619 24.18 -64.95 57.34
N SER XC 620 23.22 -64.78 56.41
CA SER XC 620 23.13 -65.62 55.21
C SER XC 620 24.32 -65.39 54.25
N ASN XC 621 24.77 -64.14 54.05
CA ASN XC 621 25.99 -63.87 53.29
C ASN XC 621 27.27 -64.25 54.07
N THR XC 622 27.32 -64.10 55.42
CA THR XC 622 28.44 -64.63 56.25
C THR XC 622 28.63 -66.14 56.06
N GLU XC 623 27.51 -66.87 56.16
CA GLU XC 623 27.49 -68.32 56.05
C GLU XC 623 28.08 -68.77 54.70
N ARG XC 624 27.66 -68.15 53.60
CA ARG XC 624 28.19 -68.42 52.27
C ARG XC 624 29.69 -68.17 52.22
N ALA XC 625 30.13 -66.98 52.63
CA ALA XC 625 31.55 -66.62 52.63
C ALA XC 625 32.39 -67.60 53.47
N ARG XC 626 31.93 -67.98 54.68
CA ARG XC 626 32.62 -69.00 55.50
C ARG XC 626 32.71 -70.34 54.79
N SER XC 627 31.60 -70.85 54.23
CA SER XC 627 31.60 -72.14 53.55
C SER XC 627 32.61 -72.19 52.40
N LEU XC 628 32.73 -71.12 51.62
CA LEU XC 628 33.72 -71.03 50.54
C LEU XC 628 35.16 -70.90 51.07
N VAL XC 629 35.40 -70.04 52.06
CA VAL XC 629 36.74 -69.85 52.66
C VAL XC 629 37.22 -71.15 53.27
N ARG XC 630 36.40 -71.81 54.10
CA ARG XC 630 36.77 -73.11 54.68
C ARG XC 630 36.95 -74.18 53.61
N SER XC 631 36.08 -74.23 52.61
CA SER XC 631 36.14 -75.24 51.54
C SER XC 631 37.45 -75.15 50.73
N LEU XC 632 37.85 -73.93 50.36
CA LEU XC 632 39.15 -73.67 49.73
C LEU XC 632 40.33 -73.83 50.67
N ASP XC 633 40.15 -73.47 51.96
CA ASP XC 633 41.18 -73.76 52.95
C ASP XC 633 41.32 -75.28 52.89
N THR XC 634 40.26 -76.12 53.06
CA THR XC 634 40.35 -77.61 53.10
C THR XC 634 41.14 -78.34 52.01
N GLN XC 635 41.20 -77.88 50.77
CA GLN XC 635 42.11 -78.52 49.79
C GLN XC 635 43.60 -78.16 49.99
N THR XC 636 43.87 -76.97 50.52
CA THR XC 636 45.14 -76.54 51.11
C THR XC 636 45.72 -77.30 52.35
N PRO XC 637 44.95 -77.80 53.36
CA PRO XC 637 45.43 -78.73 54.39
C PRO XC 637 45.94 -80.08 53.93
N GLN XC 638 45.46 -80.63 52.81
CA GLN XC 638 46.10 -81.85 52.30
C GLN XC 638 47.44 -81.48 51.65
N VAL XC 639 48.46 -81.45 52.49
CA VAL XC 639 49.85 -81.16 52.08
C VAL XC 639 50.57 -82.44 51.64
N CYS YC 5 -54.28 56.66 39.66
CA CYS YC 5 -52.86 56.44 39.95
C CYS YC 5 -52.59 56.66 41.45
N GLU YC 6 -51.36 56.44 41.89
CA GLU YC 6 -50.85 57.03 43.15
C GLU YC 6 -49.84 58.15 42.86
N GLU YC 7 -49.90 59.19 43.70
CA GLU YC 7 -49.25 60.49 43.53
C GLU YC 7 -47.85 60.54 44.24
N PRO YC 8 -47.12 61.67 44.35
CA PRO YC 8 -45.69 61.70 44.73
C PRO YC 8 -45.24 60.89 45.96
N PRO YC 9 -45.78 61.19 47.15
CA PRO YC 9 -46.62 60.19 47.79
C PRO YC 9 -48.10 60.27 47.39
N ALA YC 10 -48.82 59.18 47.68
CA ALA YC 10 -50.27 59.06 47.63
C ALA YC 10 -50.97 60.07 48.59
N PRO YC 11 -52.29 59.92 48.75
CA PRO YC 11 -53.05 60.78 49.66
C PRO YC 11 -52.54 60.70 51.09
N ALA YC 12 -53.45 60.62 52.05
CA ALA YC 12 -53.16 61.03 53.42
C ALA YC 12 -52.32 59.99 54.14
N PRO YC 13 -52.86 58.78 54.28
CA PRO YC 13 -52.09 57.62 54.74
C PRO YC 13 -52.00 56.54 53.66
N PRO YC 14 -50.87 56.48 52.97
CA PRO YC 14 -50.42 57.60 52.13
C PRO YC 14 -50.64 57.32 50.65
N PRO YC 15 -51.90 57.07 50.28
CA PRO YC 15 -52.49 55.74 50.40
C PRO YC 15 -51.55 54.65 49.93
N ALA YC 16 -51.84 53.41 50.29
CA ALA YC 16 -51.83 52.30 49.35
C ALA YC 16 -50.50 51.54 49.41
N LYS YC 17 -49.42 52.26 49.72
CA LYS YC 17 -48.09 51.68 49.75
C LYS YC 17 -48.03 50.47 50.67
N PRO YC 18 -49.11 50.25 51.42
CA PRO YC 18 -49.26 49.03 52.23
C PRO YC 18 -49.26 47.78 51.36
N LYS YC 19 -49.82 47.87 50.16
CA LYS YC 19 -49.73 46.81 49.18
C LYS YC 19 -48.29 46.63 48.69
N ALA YC 20 -47.68 47.73 48.27
CA ALA YC 20 -46.33 47.68 47.71
C ALA YC 20 -45.32 47.18 48.73
N ALA YC 21 -45.32 47.78 49.91
CA ALA YC 21 -44.24 47.60 50.86
C ALA YC 21 -44.51 46.41 51.78
N ALA YC 22 -45.78 46.05 51.92
CA ALA YC 22 -46.21 45.17 53.00
C ALA YC 22 -46.19 43.71 52.56
N ALA YC 23 -46.64 43.47 51.32
CA ALA YC 23 -46.25 42.26 50.60
C ALA YC 23 -44.73 42.18 50.44
N VAL YC 24 -44.09 43.34 50.37
CA VAL YC 24 -42.65 43.40 50.14
C VAL YC 24 -41.86 43.04 51.39
N PRO YC 25 -41.47 44.06 52.15
CA PRO YC 25 -40.22 44.00 52.93
C PRO YC 25 -40.24 42.88 53.95
N VAL YC 26 -40.28 41.64 53.47
CA VAL YC 26 -39.09 40.99 52.91
C VAL YC 26 -39.12 39.48 53.16
N LYS YC 27 -38.87 39.09 54.40
CA LYS YC 27 -39.67 39.57 55.53
C LYS YC 27 -38.96 40.70 56.26
N ALA YC 28 -37.99 41.32 55.59
CA ALA YC 28 -36.73 41.67 56.22
C ALA YC 28 -36.07 40.47 56.87
N ALA YC 29 -36.31 40.28 58.16
CA ALA YC 29 -35.22 40.14 59.12
C ALA YC 29 -34.79 41.49 59.67
N PRO YC 30 -34.12 42.27 58.84
CA PRO YC 30 -33.20 41.71 57.84
C PRO YC 30 -32.01 41.01 58.48
N THR YC 31 -31.48 40.00 57.80
CA THR YC 31 -30.53 39.07 58.43
C THR YC 31 -29.11 39.59 58.34
N GLU YC 32 -28.77 40.53 59.22
CA GLU YC 32 -27.41 41.06 59.28
C GLU YC 32 -26.43 40.01 59.81
N THR YC 33 -26.39 38.86 59.15
CA THR YC 33 -25.99 37.60 59.81
C THR YC 33 -24.89 36.82 59.05
N GLY YC 34 -25.30 35.93 58.12
CA GLY YC 34 -24.69 34.61 57.97
C GLY YC 34 -23.43 34.59 57.09
N ALA YC 35 -22.34 35.19 57.60
CA ALA YC 35 -21.20 35.65 56.81
C ALA YC 35 -20.07 34.58 56.74
N GLN YC 36 -18.83 34.97 57.07
CA GLN YC 36 -17.61 34.16 56.84
C GLN YC 36 -16.94 33.80 58.16
N ALA YC 37 -16.42 32.57 58.26
CA ALA YC 37 -15.83 32.04 59.49
C ALA YC 37 -14.30 32.17 59.52
N ALA YC 38 -13.73 32.39 60.70
CA ALA YC 38 -12.30 32.21 60.99
C ALA YC 38 -11.88 30.73 61.14
N PRO YC 39 -12.81 29.78 60.93
CA PRO YC 39 -13.20 28.78 61.95
C PRO YC 39 -12.43 28.92 63.30
N SER YC 40 -12.04 27.81 63.91
CA SER YC 40 -11.18 27.73 65.09
C SER YC 40 -10.27 26.49 64.97
N TYR YC 41 -9.22 26.44 65.77
CA TYR YC 41 -8.11 25.48 65.59
C TYR YC 41 -7.82 24.77 66.92
N SER YC 42 -7.56 23.46 66.83
CA SER YC 42 -7.16 22.61 67.95
C SER YC 42 -5.65 22.63 68.22
N TYR YC 43 -5.25 22.09 69.38
CA TYR YC 43 -3.86 22.12 69.86
C TYR YC 43 -3.19 20.75 69.99
N VAL YC 44 -1.85 20.71 69.89
CA VAL YC 44 -1.04 19.48 69.77
C VAL YC 44 0.23 19.58 70.62
N TYR YC 45 0.77 18.52 71.22
CA TYR YC 45 0.24 17.20 71.58
C TYR YC 45 1.09 16.69 72.78
N ASN YC 46 0.61 15.71 73.55
CA ASN YC 46 1.28 15.30 74.80
C ASN YC 46 2.18 14.06 74.66
N PRO YC 47 3.50 14.29 74.46
CA PRO YC 47 4.50 13.36 74.99
C PRO YC 47 5.79 14.02 75.52
N VAL YC 48 6.38 13.31 76.48
CA VAL YC 48 7.73 12.73 76.25
C VAL YC 48 7.61 11.21 76.18
N GLY YC 49 8.38 10.59 75.30
CA GLY YC 49 8.43 9.14 75.14
C GLY YC 49 9.01 8.42 76.37
N LYS YC 50 8.91 7.09 76.38
CA LYS YC 50 9.54 6.21 77.39
C LYS YC 50 10.26 5.06 76.69
N ARG YC 51 11.26 4.49 77.37
CA ARG YC 51 12.08 3.39 76.85
C ARG YC 51 11.99 2.17 77.75
N ASP YC 52 11.96 1.05 77.05
CA ASP YC 52 12.06 -0.35 77.46
C ASP YC 52 12.94 -0.98 76.32
N PRO YC 53 12.26 -1.64 75.38
CA PRO YC 53 12.21 -1.25 73.97
C PRO YC 53 12.04 0.27 73.72
N PHE YC 54 12.71 0.86 72.74
CA PHE YC 54 13.41 0.21 71.63
C PHE YC 54 14.94 0.21 71.84
N ARG YC 55 15.47 0.47 73.07
CA ARG YC 55 16.93 0.50 73.26
C ARG YC 55 17.59 -0.85 73.00
N SER YC 56 17.25 -1.89 73.76
CA SER YC 56 17.78 -3.24 73.48
C SER YC 56 17.59 -3.75 72.03
N PRO YC 57 16.39 -3.67 71.42
CA PRO YC 57 16.18 -4.15 70.05
C PRO YC 57 16.82 -3.30 68.92
N ILE YC 58 17.58 -2.23 69.20
CA ILE YC 58 18.44 -1.57 68.18
C ILE YC 58 19.82 -1.15 68.75
N ASP YC 59 19.85 -0.47 69.89
CA ASP YC 59 21.09 -0.01 70.57
C ASP YC 59 21.96 -1.20 71.05
N GLU YC 60 21.37 -2.38 71.29
CA GLU YC 60 22.07 -3.61 71.71
C GLU YC 60 22.05 -4.73 70.63
N LEU YC 61 21.03 -4.76 69.76
CA LEU YC 61 20.96 -5.66 68.61
C LEU YC 61 21.91 -5.26 67.45
N GLY YC 62 22.14 -3.96 67.22
CA GLY YC 62 23.06 -3.47 66.19
C GLY YC 62 24.54 -3.87 66.39
N PRO YC 63 25.03 -3.94 67.64
CA PRO YC 63 26.32 -4.50 68.10
C PRO YC 63 26.56 -6.03 67.96
N VAL YC 64 26.09 -7.28 68.95
CA VAL YC 64 26.64 -8.63 69.18
C VAL YC 64 25.75 -9.41 70.14
N ASN YC 65 25.30 -10.66 69.95
CA ASN YC 65 24.23 -11.27 70.71
C ASN YC 65 24.58 -12.72 71.03
N ALA YC 66 24.59 -13.04 72.31
CA ALA YC 66 24.75 -14.40 72.82
C ALA YC 66 23.71 -14.65 73.89
N ASN YC 67 23.19 -15.88 73.94
CA ASN YC 67 22.20 -16.31 74.94
C ASN YC 67 22.75 -17.52 75.72
N PRO YC 68 23.60 -17.28 76.75
CA PRO YC 68 24.41 -18.32 77.41
C PRO YC 68 23.64 -19.54 77.92
N VAL YC 69 24.32 -20.69 77.88
CA VAL YC 69 23.89 -21.93 78.56
C VAL YC 69 24.25 -21.93 80.05
N ALA YC 70 23.23 -22.11 80.89
CA ALA YC 70 23.36 -22.43 82.33
C ALA YC 70 22.28 -23.37 82.88
N ALA YC 71 21.19 -23.58 82.11
CA ALA YC 71 19.87 -24.18 82.13
C ALA YC 71 19.86 -25.62 82.68
N CYS YC 72 18.64 -26.18 82.80
CA CYS YC 72 18.46 -27.61 82.86
C CYS YC 72 18.74 -28.33 81.52
N ASN YC 73 19.36 -29.51 81.60
CA ASN YC 73 19.10 -30.46 80.52
C ASN YC 73 19.30 -31.96 80.89
N GLU YC 74 18.87 -32.48 82.04
CA GLU YC 74 19.62 -33.64 82.58
C GLU YC 74 18.69 -34.88 82.72
N PRO YC 75 18.74 -35.82 81.76
CA PRO YC 75 17.55 -36.45 81.24
C PRO YC 75 17.16 -37.69 82.05
N LEU YC 76 18.07 -38.65 82.19
CA LEU YC 76 17.72 -39.98 82.69
C LEU YC 76 17.52 -39.97 84.20
N CYS YC 77 18.14 -39.03 84.91
CA CYS YC 77 17.81 -38.76 86.31
C CYS YC 77 16.41 -38.13 86.54
N SER YC 78 15.67 -37.84 85.47
CA SER YC 78 14.25 -37.49 85.48
C SER YC 78 13.30 -38.63 85.08
N PHE YC 79 13.80 -39.83 84.77
CA PHE YC 79 13.00 -41.02 84.39
C PHE YC 79 13.34 -42.28 85.19
N ASP YC 80 12.39 -43.16 85.45
CA ASP YC 80 12.57 -44.31 86.37
C ASP YC 80 13.30 -45.50 85.70
N LEU YC 81 14.07 -46.28 86.48
CA LEU YC 81 15.08 -47.19 85.93
C LEU YC 81 14.50 -48.37 85.15
N ASP YC 82 13.37 -48.91 85.60
CA ASP YC 82 12.65 -50.01 84.97
C ASP YC 82 11.96 -49.57 83.65
N GLN YC 83 11.93 -48.26 83.34
CA GLN YC 83 11.49 -47.74 82.05
C GLN YC 83 12.60 -47.84 80.98
N LEU YC 84 13.88 -47.94 81.37
CA LEU YC 84 15.05 -47.93 80.51
C LEU YC 84 15.39 -49.33 79.96
N LYS YC 85 15.75 -49.43 78.68
CA LYS YC 85 15.98 -50.74 78.02
C LYS YC 85 17.38 -50.84 77.41
N LEU YC 86 18.14 -51.90 77.69
CA LEU YC 86 19.51 -52.04 77.18
C LEU YC 86 19.50 -52.38 75.68
N VAL YC 87 20.04 -51.47 74.88
CA VAL YC 87 20.12 -51.58 73.40
C VAL YC 87 21.28 -52.46 72.99
N ALA YC 88 22.46 -52.17 73.54
CA ALA YC 88 23.75 -52.71 73.10
C ALA YC 88 24.82 -52.51 74.19
N VAL YC 89 26.00 -53.09 73.98
CA VAL YC 89 27.20 -52.84 74.78
C VAL YC 89 28.39 -52.74 73.83
N VAL YC 90 29.29 -51.79 74.10
CA VAL YC 90 30.58 -51.62 73.42
C VAL YC 90 31.70 -51.96 74.40
N THR YC 91 32.77 -52.59 73.92
CA THR YC 91 33.95 -52.92 74.73
C THR YC 91 35.20 -52.82 73.87
N GLY YC 92 36.24 -52.18 74.41
CA GLY YC 92 37.56 -52.00 73.81
C GLY YC 92 38.47 -51.29 74.81
N ASP YC 93 39.61 -50.83 74.33
CA ASP YC 93 40.71 -50.26 75.13
C ASP YC 93 40.29 -49.03 75.96
N ALA YC 94 39.30 -48.28 75.46
CA ALA YC 94 38.64 -47.15 76.12
C ALA YC 94 37.69 -47.52 77.30
N SER YC 95 37.80 -48.74 77.84
CA SER YC 95 36.92 -49.38 78.84
C SER YC 95 35.50 -49.76 78.33
N PRO YC 96 34.84 -50.77 78.92
CA PRO YC 96 33.48 -51.15 78.51
C PRO YC 96 32.44 -50.06 78.81
N VAL YC 97 31.50 -49.87 77.89
CA VAL YC 97 30.38 -48.93 77.98
C VAL YC 97 29.06 -49.55 77.51
N ALA YC 98 28.00 -49.37 78.29
CA ALA YC 98 26.66 -49.81 77.97
C ALA YC 98 25.91 -48.74 77.16
N MET YC 99 24.95 -49.16 76.32
CA MET YC 99 24.04 -48.29 75.58
C MET YC 99 22.59 -48.63 75.91
N VAL YC 100 21.82 -47.63 76.34
CA VAL YC 100 20.47 -47.78 76.91
C VAL YC 100 19.46 -46.79 76.34
N GLU YC 101 18.19 -47.21 76.22
CA GLU YC 101 17.08 -46.52 75.55
C GLU YC 101 16.05 -46.00 76.57
N ASP YC 102 15.63 -44.74 76.40
CA ASP YC 102 14.66 -44.02 77.24
C ASP YC 102 13.25 -44.55 76.92
N PRO YC 103 12.23 -44.36 77.78
CA PRO YC 103 10.82 -44.46 77.35
C PRO YC 103 10.44 -43.41 76.30
N ALA YC 104 11.19 -42.31 76.21
CA ALA YC 104 11.12 -41.32 75.13
C ALA YC 104 11.91 -41.70 73.85
N GLY YC 105 12.50 -42.90 73.78
CA GLY YC 105 13.19 -43.43 72.60
C GLY YC 105 14.57 -42.83 72.30
N ARG YC 106 15.13 -41.99 73.18
CA ARG YC 106 16.54 -41.56 73.07
C ARG YC 106 17.48 -42.73 73.38
N GLY YC 107 18.63 -42.79 72.69
CA GLY YC 107 19.81 -43.56 73.12
C GLY YC 107 20.78 -42.78 74.02
N HIS YC 108 21.34 -43.45 75.02
CA HIS YC 108 22.37 -42.95 75.94
C HIS YC 108 23.54 -43.93 75.99
N ILE YC 109 24.69 -43.45 76.47
CA ILE YC 109 25.89 -44.27 76.70
C ILE YC 109 26.39 -43.99 78.12
N VAL YC 110 26.58 -45.03 78.92
CA VAL YC 110 26.95 -44.96 80.33
C VAL YC 110 27.91 -46.11 80.63
N ARG YC 111 28.79 -45.92 81.61
CA ARG YC 111 29.86 -46.88 81.94
C ARG YC 111 30.12 -46.99 83.43
N ARG YC 112 30.90 -48.00 83.84
CA ARG YC 112 31.19 -48.25 85.26
C ARG YC 112 31.66 -46.97 85.99
N ASN YC 113 31.06 -46.69 87.14
CA ASN YC 113 31.11 -45.46 87.97
C ASN YC 113 30.10 -44.34 87.63
N THR YC 114 29.57 -44.28 86.42
CA THR YC 114 28.45 -43.36 86.04
C THR YC 114 27.09 -43.77 86.59
N ARG YC 115 26.07 -42.91 86.42
CA ARG YC 115 24.69 -43.11 86.89
C ARG YC 115 23.67 -42.91 85.77
N MET YC 116 22.45 -43.29 86.05
CA MET YC 116 21.23 -43.19 85.24
C MET YC 116 20.00 -43.24 86.18
N GLY YC 117 18.83 -42.80 85.72
CA GLY YC 117 17.57 -42.99 86.44
C GLY YC 117 17.32 -42.10 87.67
N ARG YC 118 16.07 -41.98 88.10
CA ARG YC 118 15.67 -41.20 89.31
C ARG YC 118 16.25 -41.76 90.60
N GLN YC 119 16.34 -43.09 90.71
CA GLN YC 119 17.03 -43.75 91.84
C GLN YC 119 18.58 -43.70 91.73
N GLY YC 120 19.15 -42.92 90.79
CA GLY YC 120 20.59 -42.69 90.66
C GLY YC 120 21.42 -43.95 90.36
N GLY YC 121 20.81 -44.94 89.71
CA GLY YC 121 21.36 -46.26 89.40
C GLY YC 121 22.78 -46.24 88.89
N LYS YC 122 23.73 -46.57 89.76
CA LYS YC 122 25.17 -46.53 89.47
C LYS YC 122 25.59 -47.77 88.69
N VAL YC 123 26.22 -47.61 87.54
CA VAL YC 123 26.79 -48.73 86.79
C VAL YC 123 27.94 -49.41 87.53
N THR YC 124 27.80 -50.71 87.83
CA THR YC 124 28.79 -51.48 88.62
C THR YC 124 29.38 -52.63 87.82
N GLN YC 125 28.63 -53.28 86.91
CA GLN YC 125 29.12 -54.31 85.97
C GLN YC 125 28.50 -54.09 84.59
N ILE YC 126 29.18 -54.57 83.55
CA ILE YC 126 28.73 -54.52 82.16
C ILE YC 126 29.13 -55.85 81.49
N LEU YC 127 28.13 -56.68 81.17
CA LEU YC 127 28.29 -57.91 80.39
C LEU YC 127 27.87 -57.64 78.93
N ARG YC 128 27.73 -58.67 78.08
CA ARG YC 128 27.33 -58.50 76.66
C ARG YC 128 25.82 -58.55 76.43
N ASP YC 129 25.13 -59.16 77.38
CA ASP YC 129 23.71 -59.50 77.44
C ASP YC 129 22.92 -58.69 78.47
N SER YC 130 23.65 -58.02 79.37
CA SER YC 130 23.11 -57.48 80.63
C SER YC 130 24.08 -56.51 81.32
N VAL YC 131 23.55 -55.68 82.22
CA VAL YC 131 24.29 -54.61 82.92
C VAL YC 131 23.79 -54.53 84.38
N THR YC 132 24.62 -54.95 85.32
CA THR YC 132 24.40 -54.69 86.76
C THR YC 132 24.64 -53.25 87.20
N VAL YC 133 23.65 -52.69 87.89
CA VAL YC 133 23.66 -51.35 88.48
C VAL YC 133 23.24 -51.40 89.96
N THR YC 134 23.71 -50.41 90.75
CA THR YC 134 23.24 -50.18 92.14
C THR YC 134 22.35 -48.96 92.28
N GLU YC 135 21.10 -49.18 92.61
CA GLU YC 135 20.02 -48.19 92.68
C GLU YC 135 19.65 -47.88 94.13
N VAL YC 136 18.80 -46.87 94.33
CA VAL YC 136 18.48 -46.23 95.62
C VAL YC 136 16.97 -46.21 95.85
N PHE YC 137 16.46 -47.22 96.56
CA PHE YC 137 15.02 -47.39 96.82
C PHE YC 137 14.67 -47.11 98.28
N SER YC 138 13.44 -46.63 98.56
CA SER YC 138 12.93 -46.47 99.93
C SER YC 138 12.22 -47.74 100.41
N GLY YC 139 13.01 -48.71 100.90
CA GLY YC 139 12.49 -49.96 101.44
C GLY YC 139 11.80 -49.75 102.78
N ASN YC 140 10.46 -49.72 102.78
CA ASN YC 140 9.62 -49.53 103.97
C ASN YC 140 9.89 -48.25 104.78
N GLY YC 141 10.58 -47.27 104.17
CA GLY YC 141 11.00 -46.01 104.81
C GLY YC 141 12.52 -45.82 104.91
N GLU YC 142 13.32 -46.90 104.87
CA GLU YC 142 14.77 -46.79 104.79
C GLU YC 142 15.26 -46.63 103.33
N ILE YC 143 16.21 -45.72 103.10
CA ILE YC 143 16.95 -45.68 101.83
C ILE YC 143 17.97 -46.82 101.77
N ILE YC 144 17.74 -47.78 100.88
CA ILE YC 144 18.57 -48.99 100.71
C ILE YC 144 19.05 -49.16 99.27
N LYS YC 145 20.11 -49.96 99.10
CA LYS YC 145 20.65 -50.34 97.79
C LYS YC 145 19.74 -51.40 97.14
N ASN YC 146 19.49 -51.22 95.85
CA ASN YC 146 18.81 -52.23 95.00
C ASN YC 146 19.74 -52.68 93.84
N PRO YC 147 20.30 -53.90 93.85
CA PRO YC 147 21.27 -54.39 92.87
C PRO YC 147 20.62 -54.95 91.60
N VAL YC 148 19.97 -54.09 90.81
CA VAL YC 148 19.27 -54.47 89.56
C VAL YC 148 20.24 -54.83 88.43
N THR YC 149 19.83 -55.73 87.53
CA THR YC 149 20.59 -56.10 86.33
C THR YC 149 19.68 -55.95 85.11
N LEU YC 150 19.94 -54.90 84.32
CA LEU YC 150 19.20 -54.59 83.08
C LEU YC 150 19.66 -55.54 81.97
N GLN YC 151 18.81 -56.48 81.55
CA GLN YC 151 19.08 -57.31 80.36
C GLN YC 151 18.93 -56.52 79.06
N LEU YC 152 19.53 -57.02 77.98
CA LEU YC 152 19.31 -56.59 76.60
C LEU YC 152 17.82 -56.64 76.23
N LYS YC 153 17.39 -55.95 75.17
CA LYS YC 153 15.99 -55.93 74.69
C LYS YC 153 15.64 -57.07 73.68
N PRO YC 154 14.92 -58.15 74.08
CA PRO YC 154 14.19 -59.04 73.18
C PRO YC 154 12.69 -58.66 73.10
N ASP YC 155 11.85 -59.60 72.66
CA ASP YC 155 10.40 -59.58 72.97
C ASP YC 155 10.16 -59.86 74.47
N ALA YC 156 9.29 -59.08 75.10
CA ALA YC 156 8.85 -59.23 76.49
C ALA YC 156 7.59 -58.39 76.76
N LYS YC 157 6.78 -58.80 77.74
CA LYS YC 157 5.61 -58.04 78.21
C LYS YC 157 5.38 -58.23 79.71
N GLN YC 158 5.05 -57.14 80.39
CA GLN YC 158 4.57 -57.08 81.77
C GLN YC 158 3.54 -55.93 81.91
N ASP YC 159 2.86 -55.86 83.04
CA ASP YC 159 1.89 -54.79 83.34
C ASP YC 159 2.55 -53.50 83.88
N ALA ZC 69 108.82 -52.77 65.02
CA ALA ZC 69 107.45 -52.93 65.48
C ALA ZC 69 106.87 -54.25 64.97
N PRO ZC 70 105.59 -54.52 65.26
CA PRO ZC 70 104.92 -55.60 64.53
C PRO ZC 70 104.21 -55.08 63.28
N ARG ZC 71 104.97 -54.84 62.22
CA ARG ZC 71 104.41 -54.47 60.92
C ARG ZC 71 103.49 -53.27 61.03
N GLY ZC 72 102.24 -53.52 61.38
CA GLY ZC 72 101.29 -52.46 61.63
C GLY ZC 72 101.38 -51.98 63.07
N ARG ZC 73 100.76 -52.73 63.98
CA ARG ZC 73 100.64 -52.30 65.38
C ARG ZC 73 100.45 -53.48 66.33
N GLU ZC 74 99.20 -53.74 66.74
CA GLU ZC 74 98.79 -54.84 67.62
C GLU ZC 74 99.19 -54.63 69.09
N SER ZC 75 98.62 -55.44 69.99
CA SER ZC 75 98.95 -55.48 71.42
C SER ZC 75 98.15 -56.64 72.03
N ALA ZC 76 98.15 -56.73 73.39
CA ALA ZC 76 97.57 -57.88 74.08
C ALA ZC 76 97.30 -57.77 75.59
N PRO ZC 77 97.69 -56.68 76.31
CA PRO ZC 77 97.31 -56.60 77.73
C PRO ZC 77 96.31 -55.50 78.08
N GLY ZC 78 96.73 -54.52 78.88
CA GLY ZC 78 95.85 -53.44 79.27
C GLY ZC 78 96.49 -52.34 80.11
N GLU ZC 79 96.76 -51.19 79.50
CA GLU ZC 79 97.33 -50.03 80.19
C GLU ZC 79 96.52 -48.81 79.75
N VAL ZC 80 97.06 -47.61 79.95
CA VAL ZC 80 96.24 -46.40 79.81
C VAL ZC 80 96.89 -45.44 78.83
N HIS ZC 81 96.09 -44.88 77.92
CA HIS ZC 81 96.53 -43.80 77.03
C HIS ZC 81 95.73 -42.54 77.34
N SER ZC 82 96.23 -41.42 76.84
CA SER ZC 82 95.65 -40.10 77.11
C SER ZC 82 94.95 -39.57 75.87
N VAL ZC 83 93.75 -39.03 76.05
CA VAL ZC 83 92.98 -38.47 74.93
C VAL ZC 83 93.54 -37.10 74.57
N GLU ZC 84 93.60 -36.82 73.28
CA GLU ZC 84 94.00 -35.52 72.78
C GLU ZC 84 92.79 -34.75 72.22
N SER ZC 85 93.05 -33.54 71.76
CA SER ZC 85 91.98 -32.61 71.39
C SER ZC 85 91.37 -33.02 70.05
N GLY ZC 86 90.05 -33.22 70.04
CA GLY ZC 86 89.35 -33.65 68.85
C GLY ZC 86 89.23 -35.15 68.70
N ASP ZC 87 89.56 -35.91 69.73
CA ASP ZC 87 89.60 -37.36 69.66
C ASP ZC 87 88.32 -37.95 70.22
N THR ZC 88 87.83 -39.00 69.58
CA THR ZC 88 86.81 -39.89 70.09
C THR ZC 88 87.42 -41.28 70.26
N LEU ZC 89 86.66 -42.22 70.82
CA LEU ZC 89 87.19 -43.57 70.88
C LEU ZC 89 87.14 -44.25 69.52
N TRP ZC 90 86.27 -43.78 68.61
CA TRP ZC 90 86.31 -44.33 67.25
C TRP ZC 90 87.63 -43.99 66.56
N ASP ZC 91 88.22 -42.85 66.89
CA ASP ZC 91 89.59 -42.56 66.49
C ASP ZC 91 90.58 -43.46 67.23
N LEU ZC 92 90.76 -43.17 68.51
CA LEU ZC 92 91.72 -43.87 69.36
C LEU ZC 92 91.74 -45.38 69.15
N SER ZC 93 90.63 -45.94 68.64
CA SER ZC 93 90.63 -47.34 68.21
C SER ZC 93 91.41 -47.53 66.92
N GLN ZC 94 91.60 -46.45 66.14
CA GLN ZC 94 92.37 -46.53 64.90
C GLN ZC 94 92.82 -45.13 64.50
N ARG ZC 95 94.15 -44.91 64.51
CA ARG ZC 95 94.89 -43.75 64.02
C ARG ZC 95 95.27 -42.76 65.11
N TYR ZC 96 94.66 -42.90 66.29
CA TYR ZC 96 94.90 -41.97 67.39
C TYR ZC 96 95.70 -42.65 68.50
N LEU ZC 97 96.64 -43.49 68.11
CA LEU ZC 97 97.59 -44.05 69.07
C LEU ZC 97 98.72 -44.79 68.37
N GLY ZC 98 99.40 -45.63 69.16
CA GLY ZC 98 100.46 -46.50 68.68
C GLY ZC 98 100.02 -47.95 68.53
N SER ZC 99 98.72 -48.17 68.30
CA SER ZC 99 98.11 -49.47 68.07
C SER ZC 99 96.66 -49.26 67.66
N PRO ZC 100 95.95 -50.28 67.20
CA PRO ZC 100 94.50 -50.18 67.13
C PRO ZC 100 93.88 -50.92 68.31
N TRP ZC 101 92.58 -50.79 68.44
CA TRP ZC 101 91.79 -51.61 69.35
C TRP ZC 101 90.33 -51.40 68.97
N TYR ZC 102 89.43 -51.85 69.81
CA TYR ZC 102 88.00 -51.83 69.51
C TYR ZC 102 87.32 -50.82 70.40
N TRP ZC 103 86.73 -49.80 69.79
CA TRP ZC 103 86.07 -48.73 70.54
C TRP ZC 103 85.14 -49.25 71.64
N PRO ZC 104 84.23 -50.21 71.40
CA PRO ZC 104 83.39 -50.67 72.52
C PRO ZC 104 84.19 -51.15 73.71
N LYS ZC 105 85.22 -51.98 73.46
CA LYS ZC 105 86.01 -52.57 74.54
C LYS ZC 105 86.57 -51.51 75.48
N VAL ZC 106 86.95 -50.35 74.94
CA VAL ZC 106 87.55 -49.31 75.76
C VAL ZC 106 86.48 -48.42 76.38
N TRP ZC 107 85.41 -48.15 75.62
CA TRP ZC 107 84.25 -47.55 76.26
C TRP ZC 107 83.84 -48.35 77.50
N SER ZC 108 84.17 -49.65 77.52
CA SER ZC 108 83.73 -50.46 78.64
C SER ZC 108 84.76 -50.50 79.77
N TYR ZC 109 85.99 -50.05 79.53
CA TYR ZC 109 87.07 -50.45 80.43
C TYR ZC 109 87.09 -49.64 81.72
N ASN ZC 110 87.32 -48.34 81.60
CA ASN ZC 110 87.21 -47.41 82.76
C ASN ZC 110 87.47 -45.96 82.38
N PRO ZC 111 86.44 -45.10 82.54
CA PRO ZC 111 85.13 -45.39 83.12
C PRO ZC 111 84.23 -46.16 82.14
N GLU ZC 112 83.25 -46.91 82.61
CA GLU ZC 112 82.38 -47.64 81.68
C GLU ZC 112 81.54 -46.64 80.88
N ILE ZC 113 81.93 -46.40 79.63
CA ILE ZC 113 81.24 -45.43 78.78
C ILE ZC 113 80.71 -46.16 77.55
N ALA ZC 114 80.05 -45.45 76.63
CA ALA ZC 114 79.31 -46.11 75.56
C ALA ZC 114 79.78 -45.65 74.18
N ASN ZC 115 79.72 -46.58 73.22
CA ASN ZC 115 80.57 -46.49 72.01
C ASN ZC 115 80.29 -45.32 71.09
N PRO ZC 116 79.17 -44.58 71.17
CA PRO ZC 116 79.12 -43.29 70.47
C PRO ZC 116 78.87 -42.13 71.42
N HIS ZC 117 79.46 -42.20 72.63
CA HIS ZC 117 79.20 -41.20 73.67
C HIS ZC 117 80.19 -40.04 73.62
N TRP ZC 118 81.25 -40.15 72.80
CA TRP ZC 118 82.23 -39.09 72.55
C TRP ZC 118 82.97 -38.62 73.80
N ILE ZC 119 84.30 -38.61 73.75
CA ILE ZC 119 85.11 -38.25 74.91
C ILE ZC 119 85.56 -36.80 74.83
N TYR ZC 120 86.55 -36.46 75.64
CA TYR ZC 120 87.10 -35.12 75.79
C TYR ZC 120 88.61 -35.19 75.91
N PRO ZC 121 89.32 -34.14 75.48
CA PRO ZC 121 90.79 -34.16 75.61
C PRO ZC 121 91.23 -34.07 77.06
N GLY ZC 122 92.42 -34.60 77.32
CA GLY ZC 122 92.94 -34.66 78.67
C GLY ZC 122 92.43 -35.82 79.49
N ASN ZC 123 91.67 -36.74 78.90
CA ASN ZC 123 91.14 -37.89 79.61
C ASN ZC 123 92.08 -39.09 79.49
N GLN ZC 124 92.00 -39.97 80.47
CA GLN ZC 124 92.78 -41.20 80.48
C GLN ZC 124 91.86 -42.39 80.30
N VAL ZC 125 92.26 -43.33 79.46
CA VAL ZC 125 91.38 -44.39 78.99
C VAL ZC 125 92.20 -45.66 78.78
N ARG ZC 126 91.66 -46.79 79.25
CA ARG ZC 126 92.41 -48.02 79.37
C ARG ZC 126 92.45 -48.77 78.04
N PHE ZC 127 93.63 -48.81 77.42
CA PHE ZC 127 93.81 -49.40 76.09
C PHE ZC 127 94.79 -50.57 76.06
N PHE ZC 128 94.25 -51.75 75.79
CA PHE ZC 128 94.91 -52.90 75.12
C PHE ZC 128 93.83 -54.00 75.15
N ALA ZC 129 93.75 -54.83 74.09
CA ALA ZC 129 92.75 -55.88 74.01
C ALA ZC 129 93.08 -56.84 72.89
N ALA ZC 130 93.12 -58.14 73.21
CA ALA ZC 130 93.39 -59.18 72.22
C ALA ZC 130 92.48 -60.39 72.42
N LYS ZC 298 108.32 -105.60 70.77
CA LYS ZC 298 107.56 -106.84 70.65
C LYS ZC 298 108.39 -108.06 71.06
N GLN ZC 299 107.71 -109.14 71.46
CA GLN ZC 299 108.39 -110.41 71.71
C GLN ZC 299 108.88 -111.08 70.42
N VAL ZC 300 109.95 -111.83 70.63
CA VAL ZC 300 110.43 -112.88 69.75
C VAL ZC 300 110.09 -114.21 70.39
N ASP ZC 301 109.19 -114.96 69.75
CA ASP ZC 301 108.66 -116.17 70.32
C ASP ZC 301 109.12 -117.34 69.41
N GLY ZC 302 110.15 -118.03 69.91
CA GLY ZC 302 110.69 -119.24 69.27
C GLY ZC 302 109.73 -120.40 69.44
N THR ZC 303 109.47 -121.08 68.33
CA THR ZC 303 108.58 -122.25 68.27
C THR ZC 303 109.35 -123.51 67.95
N VAL ZC 304 108.89 -124.61 68.53
CA VAL ZC 304 109.29 -125.96 68.14
C VAL ZC 304 109.00 -126.15 66.64
N ILE ZC 305 110.00 -126.56 65.83
CA ILE ZC 305 109.83 -126.88 64.39
C ILE ZC 305 109.79 -128.40 64.06
N THR ZC 306 110.35 -129.25 64.93
CA THR ZC 306 110.04 -130.71 64.86
C THR ZC 306 108.82 -131.13 65.68
N ALA ZC 307 108.04 -132.12 65.17
CA ALA ZC 307 107.35 -133.09 66.03
C ALA ZC 307 108.01 -134.46 65.87
N LEU ZC 308 107.73 -135.37 66.80
CA LEU ZC 308 108.14 -136.79 66.76
C LEU ZC 308 109.66 -137.06 66.98
N VAL ZC 309 110.48 -136.10 67.47
CA VAL ZC 309 111.89 -136.45 67.77
C VAL ZC 309 111.93 -137.55 68.87
N PRO ZC 310 113.11 -138.00 69.30
CA PRO ZC 310 113.30 -138.63 70.61
C PRO ZC 310 112.94 -137.78 71.88
N TYR ZC 311 111.71 -137.17 72.00
CA TYR ZC 311 111.38 -136.26 73.12
C TYR ZC 311 111.47 -136.79 74.60
N LEU ZC 312 111.70 -138.10 74.72
CA LEU ZC 312 111.84 -138.76 76.02
C LEU ZC 312 113.30 -139.04 76.49
N THR ZC 313 114.35 -138.82 75.67
CA THR ZC 313 115.63 -139.60 75.74
C THR ZC 313 115.57 -141.14 75.91
N VAL ZC 314 114.57 -141.81 76.55
CA VAL ZC 314 114.87 -143.15 77.12
C VAL ZC 314 115.34 -144.13 76.07
N LEU ZC 315 114.58 -144.26 74.96
CA LEU ZC 315 114.86 -145.31 73.99
C LEU ZC 315 116.15 -145.10 73.18
N GLY ZC 316 116.56 -143.83 72.96
CA GLY ZC 316 117.70 -143.46 72.09
C GLY ZC 316 118.87 -142.69 72.74
N GLU ZC 317 118.69 -142.28 74.01
CA GLU ZC 317 119.55 -141.38 74.82
C GLU ZC 317 119.75 -139.93 74.31
N ASN ZC 318 119.18 -139.58 73.15
CA ASN ZC 318 119.39 -138.26 72.53
C ASN ZC 318 118.05 -137.53 72.45
N HIS ZC 319 117.66 -136.84 73.50
CA HIS ZC 319 116.47 -136.02 73.44
C HIS ZC 319 116.78 -134.71 72.72
N SER ZC 320 116.02 -134.25 71.73
CA SER ZC 320 116.15 -132.86 71.24
C SER ZC 320 114.80 -132.19 70.97
N ILE ZC 321 114.85 -130.87 70.68
CA ILE ZC 321 113.82 -130.03 70.02
C ILE ZC 321 114.64 -129.20 69.00
N VAL ZC 322 114.09 -128.87 67.82
CA VAL ZC 322 114.67 -127.87 66.89
C VAL ZC 322 113.79 -126.60 66.95
N VAL ZC 323 114.34 -125.38 66.79
CA VAL ZC 323 113.57 -124.19 66.32
C VAL ZC 323 113.80 -123.87 64.84
N ASP ZC 324 112.88 -123.07 64.27
CA ASP ZC 324 113.16 -122.20 63.12
C ASP ZC 324 113.64 -120.83 63.65
N LYS ZC 325 114.79 -120.33 63.16
CA LYS ZC 325 115.13 -118.87 63.17
C LYS ZC 325 115.49 -118.40 61.74
N GLY ZC 326 115.58 -117.07 61.60
CA GLY ZC 326 116.30 -116.43 60.49
C GLY ZC 326 117.79 -116.30 60.86
N SER ZC 327 118.48 -115.21 60.50
CA SER ZC 327 119.91 -115.07 60.87
C SER ZC 327 120.18 -115.24 62.39
N ALA ZC 328 121.46 -115.31 62.80
CA ALA ZC 328 121.91 -115.48 64.18
C ALA ZC 328 121.03 -114.74 65.19
N ASP ZC 329 120.21 -115.46 65.98
CA ASP ZC 329 119.18 -114.82 66.83
C ASP ZC 329 119.72 -114.55 68.25
N GLY ZC 330 121.04 -114.39 68.39
CA GLY ZC 330 121.74 -114.30 69.68
C GLY ZC 330 121.64 -115.56 70.55
N VAL ZC 331 121.27 -116.72 69.95
CA VAL ZC 331 121.25 -118.00 70.66
C VAL ZC 331 122.67 -118.45 71.01
N GLU ZC 332 122.86 -118.77 72.27
CA GLU ZC 332 124.11 -119.26 72.86
C GLU ZC 332 123.92 -120.65 73.46
N LEU ZC 333 124.99 -121.44 73.49
CA LEU ZC 333 124.97 -122.85 73.88
C LEU ZC 333 124.50 -123.12 75.34
N GLY ZC 334 124.62 -122.18 76.26
CA GLY ZC 334 124.13 -122.39 77.64
C GLY ZC 334 122.66 -122.08 77.87
N ASN ZC 335 121.99 -121.44 76.88
CA ASN ZC 335 120.68 -120.83 77.09
C ASN ZC 335 119.62 -121.84 77.55
N THR ZC 336 118.82 -121.42 78.53
CA THR ZC 336 117.69 -122.19 79.06
C THR ZC 336 116.38 -121.58 78.59
N PHE ZC 337 115.43 -122.41 78.15
CA PHE ZC 337 114.11 -121.99 77.68
C PHE ZC 337 112.96 -122.70 78.39
N ASN ZC 338 111.86 -121.97 78.63
CA ASN ZC 338 110.64 -122.53 79.16
C ASN ZC 338 109.68 -122.84 78.00
N ILE ZC 339 109.10 -124.05 77.99
CA ILE ZC 339 108.04 -124.41 77.04
C ILE ZC 339 106.70 -123.98 77.66
N LEU ZC 340 105.83 -123.41 76.84
CA LEU ZC 340 104.45 -123.07 77.18
C LEU ZC 340 103.51 -123.64 76.09
N ARG ZC 341 102.24 -123.89 76.47
CA ARG ZC 341 101.17 -124.46 75.64
C ARG ZC 341 99.93 -123.58 75.74
N LYS ZC 342 99.20 -123.42 74.62
CA LYS ZC 342 97.88 -122.76 74.68
C LYS ZC 342 96.89 -123.81 75.08
N GLY ZC 343 96.09 -123.49 76.08
CA GLY ZC 343 95.04 -124.39 76.54
C GLY ZC 343 93.76 -123.66 76.90
N ASP ZC 344 92.85 -124.50 77.35
CA ASP ZC 344 91.51 -124.12 77.74
C ASP ZC 344 90.95 -124.92 78.95
N PRO ZC 345 91.70 -125.18 80.07
CA PRO ZC 345 90.97 -125.18 81.32
C PRO ZC 345 90.79 -123.72 81.75
N SER ZC 346 89.69 -123.54 82.45
CA SER ZC 346 89.57 -122.56 83.49
C SER ZC 346 89.10 -123.23 84.77
N ARG ZC 347 89.06 -122.44 85.84
CA ARG ZC 347 88.38 -122.84 87.07
C ARG ZC 347 86.86 -122.82 86.98
N HIS ZC 348 86.27 -121.96 86.13
CA HIS ZC 348 84.82 -121.74 86.06
C HIS ZC 348 84.26 -121.77 84.63
N VAL ZC 349 84.32 -122.92 83.92
CA VAL ZC 349 83.70 -123.00 82.56
C VAL ZC 349 82.22 -122.57 82.50
N LEU ZC 350 81.46 -122.65 83.61
CA LEU ZC 350 80.03 -122.35 83.63
C LEU ZC 350 79.72 -120.97 83.02
N GLY ZC 351 80.61 -120.00 83.25
CA GLY ZC 351 80.56 -118.70 82.61
C GLY ZC 351 80.83 -118.83 81.11
N HIS ZC 352 82.05 -119.27 80.73
CA HIS ZC 352 82.45 -119.51 79.32
C HIS ZC 352 83.86 -120.16 79.18
N ASP ZC 353 84.09 -120.79 78.02
CA ASP ZC 353 85.42 -121.21 77.52
C ASP ZC 353 85.60 -121.01 75.97
N VAL ZC 354 85.61 -119.75 75.45
CA VAL ZC 354 86.04 -119.49 74.02
C VAL ZC 354 87.56 -119.14 73.96
N ARG ZC 355 87.92 -118.46 72.81
CA ARG ZC 355 89.17 -117.68 72.57
C ARG ZC 355 89.09 -116.16 72.22
N LYS ZC 356 87.91 -115.53 72.03
CA LYS ZC 356 87.78 -114.06 71.71
C LYS ZC 356 88.52 -113.27 72.79
N PRO ZC 357 89.34 -112.18 72.72
CA PRO ZC 357 89.83 -111.64 74.01
C PRO ZC 357 88.69 -110.90 74.75
N SER ZC 358 88.99 -110.45 75.98
CA SER ZC 358 88.27 -109.44 76.80
C SER ZC 358 87.41 -109.97 77.96
N LYS ZC 359 87.39 -111.26 78.29
CA LYS ZC 359 86.77 -111.74 79.55
C LYS ZC 359 87.86 -112.35 80.47
N GLU ZC 360 87.42 -113.20 81.39
CA GLU ZC 360 88.23 -113.90 82.40
C GLU ZC 360 89.15 -115.00 81.82
N GLU ZC 361 88.59 -115.92 80.99
CA GLU ZC 361 89.33 -117.04 80.38
C GLU ZC 361 89.95 -116.72 78.99
N GLN ZC 362 89.25 -117.18 77.92
CA GLN ZC 362 89.52 -116.98 76.49
C GLN ZC 362 90.80 -117.64 75.92
N SER ZC 363 91.05 -118.89 76.32
CA SER ZC 363 92.38 -119.52 76.32
C SER ZC 363 93.26 -118.97 77.44
N PHE ZC 364 94.28 -119.74 77.79
CA PHE ZC 364 95.30 -119.38 78.76
C PHE ZC 364 96.69 -119.84 78.25
N PRO ZC 365 97.77 -119.05 78.40
CA PRO ZC 365 99.13 -119.48 78.07
C PRO ZC 365 99.69 -120.35 79.21
N TRP ZC 366 99.55 -121.66 79.10
CA TRP ZC 366 99.88 -122.60 80.19
C TRP ZC 366 101.35 -122.98 80.21
N ARG ZC 367 101.99 -122.80 81.36
CA ARG ZC 367 103.36 -123.23 81.55
C ARG ZC 367 103.50 -124.74 81.67
N SER ZC 368 104.26 -125.34 80.75
CA SER ZC 368 104.67 -126.74 80.86
C SER ZC 368 105.67 -126.93 82.00
N ILE ZC 369 105.73 -128.15 82.53
CA ILE ZC 369 106.84 -128.60 83.40
C ILE ZC 369 108.16 -128.69 82.62
N GLY ZC 370 108.08 -128.79 81.28
CA GLY ZC 370 109.20 -128.90 80.37
C GLY ZC 370 109.99 -127.59 80.28
N ALA ZC 371 111.28 -127.72 80.54
CA ALA ZC 371 112.29 -126.72 80.25
C ALA ZC 371 113.35 -127.36 79.36
N CYS ZC 372 114.03 -126.55 78.56
CA CYS ZC 372 115.04 -127.00 77.61
C CYS ZC 372 116.34 -126.24 77.79
N MET ZC 373 117.44 -126.87 77.39
CA MET ZC 373 118.78 -126.30 77.33
C MET ZC 373 119.23 -126.36 75.88
N VAL ZC 374 119.71 -125.27 75.30
CA VAL ZC 374 120.38 -125.33 73.98
C VAL ZC 374 121.58 -126.27 74.06
N THR ZC 375 121.79 -127.08 73.02
CA THR ZC 375 122.91 -128.03 72.97
C THR ZC 375 123.74 -127.84 71.73
N GLU ZC 376 123.11 -127.45 70.62
CA GLU ZC 376 123.82 -127.10 69.41
C GLU ZC 376 123.21 -125.85 68.80
N VAL ZC 377 124.07 -124.95 68.35
CA VAL ZC 377 123.69 -123.74 67.64
C VAL ZC 377 124.23 -123.84 66.21
N LYS ZC 378 123.38 -123.47 65.25
CA LYS ZC 378 123.70 -123.28 63.84
C LYS ZC 378 123.43 -121.81 63.50
N GLU ZC 379 123.80 -121.38 62.29
CA GLU ZC 379 123.64 -119.97 61.87
C GLU ZC 379 122.20 -119.42 62.05
N ARG ZC 380 121.20 -120.26 61.75
CA ARG ZC 380 119.79 -119.87 61.76
C ARG ZC 380 118.83 -120.79 62.51
N THR ZC 381 119.34 -121.80 63.20
CA THR ZC 381 118.50 -122.76 63.91
C THR ZC 381 119.30 -123.28 65.08
N SER ZC 382 118.63 -123.95 66.00
CA SER ZC 382 119.30 -124.55 67.16
C SER ZC 382 118.57 -125.80 67.59
N ASN ZC 383 119.35 -126.73 68.15
CA ASN ZC 383 118.85 -127.90 68.82
C ASN ZC 383 118.94 -127.68 70.32
N CYS ZC 384 117.91 -128.06 71.08
CA CYS ZC 384 117.91 -128.00 72.54
C CYS ZC 384 117.53 -129.38 73.11
N LEU ZC 385 118.09 -129.76 74.26
CA LEU ZC 385 117.66 -130.92 75.03
C LEU ZC 385 116.68 -130.47 76.19
N MET ZC 386 115.41 -130.88 76.16
CA MET ZC 386 114.50 -131.02 77.32
C MET ZC 386 115.22 -131.64 78.50
N THR ZC 387 115.01 -130.96 79.61
CA THR ZC 387 115.51 -131.31 80.93
C THR ZC 387 114.71 -132.44 81.58
N ARG ZC 388 113.43 -132.57 81.19
CA ARG ZC 388 112.52 -133.65 81.60
C ARG ZC 388 112.17 -134.49 80.40
N SER ZC 389 112.97 -135.52 80.26
CA SER ZC 389 112.88 -136.61 79.31
C SER ZC 389 111.65 -137.56 79.48
N LEU ZC 390 110.43 -136.93 79.65
CA LEU ZC 390 109.16 -137.68 79.88
C LEU ZC 390 107.91 -137.14 79.12
N GLU ZC 391 107.92 -135.92 78.56
CA GLU ZC 391 106.78 -135.40 77.78
C GLU ZC 391 107.17 -135.05 76.33
N GLU ZC 392 106.47 -135.67 75.36
CA GLU ZC 392 106.48 -135.28 73.95
C GLU ZC 392 105.72 -133.96 73.65
N LEU ZC 393 106.21 -133.17 72.67
CA LEU ZC 393 105.56 -131.98 72.07
C LEU ZC 393 105.38 -132.12 70.51
N VAL ZC 394 104.49 -131.34 69.86
CA VAL ZC 394 104.41 -131.22 68.36
C VAL ZC 394 105.30 -130.01 67.87
N PRO ZC 395 105.38 -129.56 66.57
CA PRO ZC 395 105.72 -128.15 66.34
C PRO ZC 395 104.54 -127.27 66.76
N GLY ZC 396 104.89 -126.03 67.09
CA GLY ZC 396 103.93 -124.96 67.31
C GLY ZC 396 103.70 -124.64 68.77
N ASP ZC 397 104.11 -125.55 69.67
CA ASP ZC 397 104.50 -125.18 71.03
C ASP ZC 397 105.69 -124.22 70.96
N ARG ZC 398 105.58 -123.20 71.77
CA ARG ZC 398 106.43 -122.01 71.75
C ARG ZC 398 107.56 -122.08 72.80
N ALA AD 69 125.61 -48.79 23.35
CA ALA AD 69 124.58 -48.67 24.37
C ALA AD 69 123.83 -50.00 24.52
N PRO AD 70 122.83 -50.06 25.38
CA PRO AD 70 121.89 -51.19 25.31
C PRO AD 70 120.71 -50.90 24.40
N ARG AD 71 120.92 -51.01 23.08
CA ARG AD 71 119.85 -50.88 22.09
C ARG AD 71 119.08 -49.58 22.29
N GLY AD 72 118.09 -49.60 23.19
CA GLY AD 72 117.36 -48.41 23.54
C GLY AD 72 118.07 -47.63 24.62
N ARG AD 73 117.92 -48.07 25.87
CA ARG AD 73 118.42 -47.33 27.02
C ARG AD 73 118.67 -48.23 28.23
N GLU AD 74 117.72 -48.24 29.19
CA GLU AD 74 117.76 -49.06 30.41
C GLU AD 74 118.76 -48.56 31.45
N SER AD 75 118.63 -49.07 32.68
CA SER AD 75 119.56 -48.82 33.80
C SER AD 75 119.12 -49.71 34.97
N ALA AD 76 119.73 -49.49 36.17
CA ALA AD 76 119.50 -50.37 37.31
C ALA AD 76 119.92 -49.88 38.71
N PRO AD 77 120.60 -48.72 38.89
CA PRO AD 77 120.88 -48.26 40.27
C PRO AD 77 120.12 -47.01 40.71
N GLY AD 78 120.86 -45.93 40.97
CA GLY AD 78 120.24 -44.68 41.42
C GLY AD 78 121.20 -43.51 41.59
N GLU AD 79 121.17 -42.57 40.64
CA GLU AD 79 121.98 -41.36 40.71
C GLU AD 79 121.06 -40.19 40.36
N VAL AD 80 121.63 -39.04 39.99
CA VAL AD 80 120.82 -37.82 39.91
C VAL AD 80 120.99 -37.18 38.54
N HIS AD 81 119.88 -36.76 37.94
CA HIS AD 81 119.87 -35.97 36.71
C HIS AD 81 119.30 -34.58 36.99
N SER AD 82 119.52 -33.67 36.05
CA SER AD 82 119.11 -32.28 36.21
C SER AD 82 117.93 -31.97 35.28
N VAL AD 83 116.94 -31.27 35.82
CA VAL AD 83 115.76 -30.90 35.03
C VAL AD 83 116.10 -29.73 34.13
N GLU AD 84 115.59 -29.75 32.91
CA GLU AD 84 115.73 -28.65 31.97
C GLU AD 84 114.40 -27.90 31.81
N SER AD 85 114.43 -26.86 30.99
CA SER AD 85 113.30 -25.94 30.88
C SER AD 85 112.16 -26.56 30.08
N GLY AD 86 110.98 -26.61 30.69
CA GLY AD 86 109.83 -27.23 30.07
C GLY AD 86 109.65 -28.69 30.36
N ASP AD 87 110.40 -29.23 31.32
CA ASP AD 87 110.40 -30.65 31.61
C ASP AD 87 109.50 -30.95 32.81
N THR AD 88 108.77 -32.07 32.71
CA THR AD 88 108.08 -32.69 33.83
C THR AD 88 108.72 -34.06 34.06
N LEU AD 89 108.28 -34.74 35.12
CA LEU AD 89 108.78 -36.10 35.29
C LEU AD 89 108.13 -37.06 34.31
N TRP AD 90 106.95 -36.73 33.76
CA TRP AD 90 106.39 -37.58 32.70
C TRP AD 90 107.26 -37.55 31.46
N ASP AD 91 107.94 -36.44 31.20
CA ASP AD 91 109.00 -36.42 30.20
C ASP AD 91 110.22 -37.22 30.64
N LEU AD 92 110.94 -36.66 31.61
CA LEU AD 92 112.17 -37.25 32.12
C LEU AD 92 112.09 -38.77 32.32
N SER AD 93 110.88 -39.30 32.49
CA SER AD 93 110.70 -40.75 32.48
C SER AD 93 110.83 -41.32 31.08
N GLN AD 94 110.65 -40.48 30.04
CA GLN AD 94 110.80 -40.92 28.66
C GLN AD 94 111.02 -39.71 27.76
N ARG AD 95 112.21 -39.65 27.15
CA ARG AD 95 112.66 -38.72 26.10
C ARG AD 95 113.48 -37.56 26.63
N TYR AD 96 113.46 -37.36 27.94
CA TYR AD 96 114.16 -36.24 28.55
C TYR AD 96 115.36 -36.72 29.36
N LEU AD 97 116.04 -37.73 28.85
CA LEU AD 97 117.32 -38.16 29.41
C LEU AD 97 118.02 -39.17 28.51
N GLY AD 98 118.98 -39.87 29.12
CA GLY AD 98 119.72 -40.94 28.47
C GLY AD 98 119.26 -42.32 28.89
N SER AD 99 117.99 -42.44 29.31
CA SER AD 99 117.34 -43.68 29.72
C SER AD 99 115.86 -43.41 29.91
N PRO AD 100 115.01 -44.43 30.08
CA PRO AD 100 113.68 -44.19 30.61
C PRO AD 100 113.65 -44.56 32.08
N TRP AD 101 112.54 -44.24 32.73
CA TRP AD 101 112.22 -44.74 34.06
C TRP AD 101 110.74 -44.47 34.28
N TYR AD 102 110.31 -44.60 35.54
CA TYR AD 102 108.90 -44.49 35.87
C TYR AD 102 108.68 -43.23 36.67
N TRP AD 103 107.88 -42.32 36.13
CA TRP AD 103 107.62 -41.04 36.80
C TRP AD 103 107.27 -41.19 38.27
N PRO AD 104 106.36 -42.07 38.70
CA PRO AD 104 106.09 -42.16 40.15
C PRO AD 104 107.33 -42.45 40.97
N LYS AD 105 108.15 -43.41 40.53
CA LYS AD 105 109.33 -43.83 41.28
C LYS AD 105 110.25 -42.65 41.58
N VAL AD 106 110.35 -41.69 40.65
CA VAL AD 106 111.25 -40.56 40.84
C VAL AD 106 110.56 -39.45 41.60
N TRP AD 107 109.27 -39.23 41.34
CA TRP AD 107 108.51 -38.38 42.24
C TRP AD 107 108.68 -38.83 43.68
N SER AD 108 108.99 -40.10 43.89
CA SER AD 108 109.09 -40.60 45.27
C SER AD 108 110.51 -40.48 45.82
N TYR AD 109 111.51 -40.24 44.96
CA TYR AD 109 112.87 -40.55 45.40
C TYR AD 109 113.46 -39.47 46.30
N ASN AD 110 113.63 -38.26 45.76
CA ASN AD 110 114.03 -37.09 46.57
C ASN AD 110 114.09 -35.80 45.77
N PRO AD 111 113.24 -34.82 46.11
CA PRO AD 111 112.32 -34.82 47.25
C PRO AD 111 111.09 -35.68 46.98
N GLU AD 112 110.40 -36.20 48.01
CA GLU AD 112 109.21 -37.00 47.75
C GLU AD 112 108.11 -36.14 47.16
N ILE AD 113 107.91 -36.22 45.85
CA ILE AD 113 106.91 -35.41 45.16
C ILE AD 113 105.89 -36.34 44.50
N ALA AD 114 104.90 -35.80 43.79
CA ALA AD 114 103.75 -36.60 43.36
C ALA AD 114 103.57 -36.52 41.85
N ASN AD 115 103.08 -37.62 41.27
CA ASN AD 115 103.32 -37.92 39.86
C ASN AD 115 102.68 -36.96 38.86
N PRO AD 116 101.70 -36.11 39.22
CA PRO AD 116 101.35 -35.02 38.30
C PRO AD 116 101.55 -33.65 38.94
N HIS AD 117 102.61 -33.50 39.74
CA HIS AD 117 102.84 -32.28 40.51
C HIS AD 117 103.70 -31.27 39.73
N TRP AD 118 104.29 -31.68 38.62
CA TRP AD 118 105.06 -30.83 37.71
C TRP AD 118 106.28 -30.16 38.35
N ILE AD 119 107.45 -30.32 37.74
CA ILE AD 119 108.68 -29.79 38.30
C ILE AD 119 109.05 -28.46 37.68
N TYR AD 120 110.31 -28.05 37.87
CA TYR AD 120 110.86 -26.80 37.42
C TYR AD 120 112.27 -27.01 36.90
N PRO AD 121 112.72 -26.18 35.96
CA PRO AD 121 114.08 -26.32 35.45
C PRO AD 121 115.12 -25.96 36.50
N GLY AD 122 116.31 -26.55 36.36
CA GLY AD 122 117.37 -26.35 37.32
C GLY AD 122 117.28 -27.22 38.55
N ASN AD 123 116.34 -28.16 38.59
CA ASN AD 123 116.18 -29.05 39.73
C ASN AD 123 116.96 -30.33 39.52
N GLN AD 124 117.33 -30.96 40.64
CA GLN AD 124 118.04 -32.24 40.63
C GLN AD 124 117.12 -33.33 41.18
N VAL AD 125 117.12 -34.47 40.51
CA VAL AD 125 116.12 -35.50 40.74
C VAL AD 125 116.75 -36.88 40.54
N ARG AD 126 116.48 -37.79 41.47
CA ARG AD 126 117.20 -39.05 41.58
C ARG AD 126 116.65 -40.08 40.60
N PHE AD 127 117.44 -40.39 39.57
CA PHE AD 127 117.01 -41.29 38.48
C PHE AD 127 117.88 -42.53 38.35
N PHE AD 128 117.28 -43.69 38.64
CA PHE AD 128 117.58 -45.01 38.07
C PHE AD 128 116.62 -45.96 38.83
N ALA AD 129 116.09 -46.99 38.17
CA ALA AD 129 115.14 -47.91 38.80
C ALA AD 129 114.96 -49.14 37.93
N ALA AD 130 115.12 -50.32 38.52
CA ALA AD 130 114.93 -51.58 37.81
C ALA AD 130 114.20 -52.60 38.68
N LYS AD 298 127.58 -98.86 41.97
CA LYS AD 298 126.85 -100.01 42.51
C LYS AD 298 127.77 -101.19 42.82
N GLN AD 299 127.33 -102.07 43.74
CA GLN AD 299 128.04 -103.32 43.98
C GLN AD 299 127.92 -104.30 42.81
N VAL AD 300 128.96 -105.11 42.74
CA VAL AD 300 129.01 -106.38 42.03
C VAL AD 300 128.97 -107.48 43.06
N ASP AD 301 127.89 -108.24 43.08
CA ASP AD 301 127.67 -109.24 44.11
C ASP AD 301 127.66 -110.62 43.43
N GLY AD 302 128.81 -111.29 43.59
CA GLY AD 302 129.01 -112.66 43.12
C GLY AD 302 128.22 -113.65 43.97
N THR AD 303 127.50 -114.52 43.29
CA THR AD 303 126.67 -115.56 43.91
C THR AD 303 127.21 -116.95 43.62
N VAL AD 304 127.06 -117.83 44.60
CA VAL AD 304 127.24 -119.26 44.42
C VAL AD 304 126.31 -119.75 43.29
N ILE AD 305 126.85 -120.46 42.28
CA ILE AD 305 126.06 -121.05 41.18
C ILE AD 305 125.87 -122.60 41.29
N THR AD 306 126.76 -123.30 42.02
CA THR AD 306 126.45 -124.68 42.46
C THR AD 306 125.71 -124.76 43.81
N ALA AD 307 124.78 -125.76 43.95
CA ALA AD 307 124.55 -126.42 45.23
C ALA AD 307 125.06 -127.86 45.16
N LEU AD 308 125.23 -128.49 46.33
CA LEU AD 308 125.58 -129.92 46.46
C LEU AD 308 127.02 -130.31 46.08
N VAL AD 309 127.98 -129.37 45.90
CA VAL AD 309 129.38 -129.79 45.65
C VAL AD 309 129.88 -130.61 46.87
N PRO AD 310 131.15 -131.09 46.85
CA PRO AD 310 131.90 -131.42 48.06
C PRO AD 310 132.13 -130.26 49.11
N TYR AD 311 131.09 -129.52 49.58
CA TYR AD 311 131.29 -128.34 50.47
C TYR AD 311 132.02 -128.52 51.84
N LEU AD 312 132.29 -129.79 52.19
CA LEU AD 312 132.98 -130.16 53.42
C LEU AD 312 134.49 -130.49 53.26
N THR AD 313 135.07 -130.58 52.05
CA THR AD 313 136.25 -131.46 51.77
C THR AD 313 136.27 -132.91 52.33
N VAL AD 314 135.65 -133.30 53.49
CA VAL AD 314 136.17 -134.50 54.19
C VAL AD 314 136.12 -135.75 53.32
N LEU AD 315 134.95 -136.03 52.72
CA LEU AD 315 134.77 -137.31 52.02
C LEU AD 315 135.57 -137.42 50.72
N GLY AD 316 135.84 -136.30 50.02
CA GLY AD 316 136.48 -136.27 48.69
C GLY AD 316 137.81 -135.50 48.56
N GLU AD 317 138.22 -134.80 49.64
CA GLU AD 317 139.35 -133.85 49.73
C GLU AD 317 139.31 -132.59 48.86
N ASN AD 318 138.29 -132.44 48.00
CA ASN AD 318 138.20 -131.33 47.04
C ASN AD 318 136.97 -130.49 47.34
N HIS AD 319 137.10 -129.54 48.26
CA HIS AD 319 135.99 -128.62 48.50
C HIS AD 319 135.95 -127.55 47.42
N SER AD 320 134.83 -127.24 46.77
CA SER AD 320 134.75 -126.03 45.93
C SER AD 320 133.41 -125.27 46.11
N ILE AD 321 133.33 -124.07 45.49
CA ILE AD 321 132.13 -123.29 45.15
C ILE AD 321 132.40 -122.82 43.71
N VAL AD 322 131.39 -122.70 42.84
CA VAL AD 322 131.50 -122.01 41.52
C VAL AD 322 130.74 -120.67 41.63
N VAL AD 323 131.17 -119.58 40.95
CA VAL AD 323 130.27 -118.45 40.58
C VAL AD 323 129.83 -118.51 39.10
N ASP AD 324 128.76 -117.76 38.81
CA ASP AD 324 128.50 -117.20 37.46
C ASP AD 324 129.16 -115.81 37.37
N LYS AD 325 129.98 -115.56 36.33
CA LYS AD 325 130.30 -114.20 35.82
C LYS AD 325 129.98 -114.10 34.31
N GLY AD 326 130.01 -112.86 33.81
CA GLY AD 326 130.17 -112.57 32.38
C GLY AD 326 131.66 -112.53 32.03
N SER AD 327 132.12 -111.64 31.15
CA SER AD 327 133.58 -111.58 30.84
C SER AD 327 134.49 -111.44 32.07
N ALA AD 328 135.81 -111.57 31.89
CA ALA AD 328 136.82 -111.47 32.95
C ALA AD 328 136.49 -110.40 34.02
N ASP AD 329 136.11 -110.84 35.23
CA ASP AD 329 135.55 -109.92 36.24
C ASP AD 329 136.67 -109.39 37.18
N GLY AD 330 137.91 -109.36 36.69
CA GLY AD 330 139.11 -109.06 37.50
C GLY AD 330 139.40 -110.08 38.60
N VAL AD 331 138.81 -111.28 38.53
CA VAL AD 331 139.10 -112.37 39.48
C VAL AD 331 140.53 -112.88 39.29
N GLU AD 332 141.26 -112.93 40.39
CA GLU AD 332 142.64 -113.40 40.49
C GLU AD 332 142.72 -114.60 41.44
N LEU AD 333 143.70 -115.47 41.21
CA LEU AD 333 143.84 -116.76 41.92
C LEU AD 333 144.07 -116.64 43.44
N GLY AD 334 144.58 -115.53 43.97
CA GLY AD 334 144.76 -115.37 45.42
C GLY AD 334 143.53 -114.84 46.17
N ASN AD 335 142.51 -114.36 45.44
CA ASN AD 335 141.43 -113.58 46.03
C ASN AD 335 140.67 -114.33 47.12
N THR AD 336 140.39 -113.62 48.23
CA THR AD 336 139.61 -114.11 49.37
C THR AD 336 138.24 -113.47 49.37
N PHE AD 337 137.19 -114.27 49.59
CA PHE AD 337 135.79 -113.82 49.64
C PHE AD 337 135.07 -114.21 50.93
N ASN AD 338 134.20 -113.34 51.41
CA ASN AD 338 133.33 -113.60 52.56
C ASN AD 338 131.96 -114.07 52.03
N ILE AD 339 131.43 -115.16 52.57
CA ILE AD 339 130.06 -115.61 52.29
C ILE AD 339 129.13 -114.90 53.29
N LEU AD 340 128.00 -114.43 52.82
CA LEU AD 340 126.90 -113.87 53.61
C LEU AD 340 125.57 -114.57 53.21
N ARG AD 341 124.60 -114.57 54.15
CA ARG AD 341 123.27 -115.19 54.03
C ARG AD 341 122.21 -114.18 54.43
N LYS AD 342 121.06 -114.19 53.72
CA LYS AD 342 119.91 -113.39 54.17
C LYS AD 342 119.20 -114.20 55.21
N GLY AD 343 118.91 -113.58 56.34
CA GLY AD 343 118.18 -114.22 57.41
C GLY AD 343 117.20 -113.29 58.08
N ASP AD 344 116.57 -113.89 59.09
CA ASP AD 344 115.54 -113.28 59.91
C ASP AD 344 115.57 -113.71 61.39
N PRO AD 345 116.74 -113.81 62.10
CA PRO AD 345 116.65 -113.43 63.50
C PRO AD 345 116.68 -111.91 63.59
N SER AD 346 115.99 -111.45 64.61
CA SER AD 346 116.36 -110.24 65.32
C SER AD 346 116.49 -110.57 66.81
N ARG AD 347 116.93 -109.55 67.55
CA ARG AD 347 116.87 -109.58 69.01
C ARG AD 347 115.46 -109.40 69.58
N HIS AD 348 114.57 -108.70 68.88
CA HIS AD 348 113.25 -108.33 69.37
C HIS AD 348 112.11 -108.62 68.38
N VAL AD 349 111.83 -109.91 68.03
CA VAL AD 349 110.67 -110.22 67.14
C VAL AD 349 109.33 -109.65 67.62
N LEU AD 350 109.15 -109.39 68.92
CA LEU AD 350 107.85 -108.92 69.47
C LEU AD 350 107.32 -107.69 68.73
N GLY AD 351 108.23 -106.81 68.30
CA GLY AD 351 107.90 -105.69 67.43
C GLY AD 351 107.48 -106.18 66.05
N HIS AD 352 108.39 -106.83 65.31
CA HIS AD 352 108.13 -107.43 63.98
C HIS AD 352 109.33 -108.25 63.41
N ASP AD 353 109.02 -109.16 62.47
CA ASP AD 353 109.99 -109.81 61.59
C ASP AD 353 109.47 -110.00 60.11
N VAL AD 354 109.25 -108.90 59.33
CA VAL AD 354 109.00 -109.02 57.83
C VAL AD 354 110.34 -108.87 57.05
N ARG AD 355 110.16 -108.50 55.71
CA ARG AD 355 111.18 -107.95 54.78
C ARG AD 355 110.95 -106.55 54.12
N LYS AD 356 109.81 -105.86 54.30
CA LYS AD 356 109.55 -104.50 53.71
C LYS AD 356 110.70 -103.56 54.14
N PRO AD 357 111.41 -102.63 53.45
CA PRO AD 357 112.43 -101.86 54.22
C PRO AD 357 111.73 -100.84 55.17
N SER AD 358 112.55 -100.16 55.99
CA SER AD 358 112.26 -98.92 56.75
C SER AD 358 112.01 -99.08 58.27
N LYS AD 359 112.14 -100.25 58.88
CA LYS AD 359 112.13 -100.36 60.36
C LYS AD 359 113.51 -100.86 60.84
N GLU AD 360 113.52 -101.42 62.06
CA GLU AD 360 114.69 -101.97 62.76
C GLU AD 360 115.26 -103.27 62.15
N GLU AD 361 114.39 -104.28 61.89
CA GLU AD 361 114.79 -105.58 61.33
C GLU AD 361 114.72 -105.67 59.78
N GLN AD 362 113.61 -106.27 59.26
CA GLN AD 362 113.22 -106.43 57.85
C GLN AD 362 114.12 -107.35 56.99
N SER AD 363 114.52 -108.49 57.53
CA SER AD 363 115.71 -109.25 57.12
C SER AD 363 116.99 -108.57 57.59
N PHE AD 364 118.06 -109.35 57.66
CA PHE AD 364 119.40 -108.90 57.96
C PHE AD 364 120.42 -109.62 57.05
N PRO AD 365 121.46 -108.95 56.51
CA PRO AD 365 122.54 -109.60 55.75
C PRO AD 365 123.55 -110.23 56.72
N TRP AD 366 123.37 -111.52 57.02
CA TRP AD 366 124.13 -112.22 58.05
C TRP AD 366 125.46 -112.76 57.54
N ARG AD 367 126.55 -112.38 58.23
CA ARG AD 367 127.87 -112.92 57.90
C ARG AD 367 128.04 -114.37 58.34
N SER AD 368 128.31 -115.23 57.36
CA SER AD 368 128.73 -116.61 57.64
C SER AD 368 130.13 -116.66 58.26
N ILE AD 369 130.41 -117.73 58.99
CA ILE AD 369 131.79 -118.09 59.39
C ILE AD 369 132.63 -118.50 58.16
N GLY AD 370 131.96 -118.89 57.07
CA GLY AD 370 132.56 -119.34 55.83
C GLY AD 370 133.23 -118.18 55.08
N ALA AD 371 134.50 -118.39 54.79
CA ALA AD 371 135.28 -117.60 53.85
C ALA AD 371 135.85 -118.54 52.80
N CYS AD 372 136.10 -118.02 51.60
CA CYS AD 372 136.58 -118.79 50.45
C CYS AD 372 137.83 -118.16 49.86
N MET AD 373 138.65 -118.98 49.21
CA MET AD 373 139.81 -118.60 48.43
C MET AD 373 139.57 -119.04 46.99
N VAL AD 374 139.75 -118.17 46.00
CA VAL AD 374 139.78 -118.60 44.61
C VAL AD 374 140.87 -119.64 44.38
N THR AD 375 140.60 -120.68 43.60
CA THR AD 375 141.59 -121.74 43.32
C THR AD 375 141.78 -121.93 41.84
N GLU AD 376 140.73 -121.73 41.05
CA GLU AD 376 140.82 -121.76 39.60
C GLU AD 376 140.01 -120.60 39.03
N VAL AD 377 140.59 -119.93 38.04
CA VAL AD 377 139.94 -118.87 37.27
C VAL AD 377 139.79 -119.35 35.83
N LYS AD 378 138.61 -119.11 35.26
CA LYS AD 378 138.27 -119.29 33.85
C LYS AD 378 137.87 -117.91 33.30
N GLU AD 379 137.67 -117.80 31.99
CA GLU AD 379 137.34 -116.51 31.34
C GLU AD 379 136.14 -115.78 31.96
N ARG AD 380 135.12 -116.55 32.36
CA ARG AD 380 133.84 -116.01 32.86
C ARG AD 380 133.32 -116.63 34.15
N THR AD 381 134.08 -117.49 34.79
CA THR AD 381 133.63 -118.18 36.01
C THR AD 381 134.87 -118.51 36.82
N SER AD 382 134.68 -118.88 38.08
CA SER AD 382 135.79 -119.26 38.94
C SER AD 382 135.32 -120.29 39.94
N ASN AD 383 136.25 -121.15 40.33
CA ASN AD 383 136.10 -122.09 41.43
C ASN AD 383 136.85 -121.53 42.63
N CYS AD 384 136.26 -121.62 43.82
CA CYS AD 384 136.91 -121.23 45.09
C CYS AD 384 136.82 -122.39 46.09
N LEU AD 385 137.83 -122.56 46.94
CA LEU AD 385 137.77 -123.46 48.09
C LEU AD 385 137.42 -122.66 49.39
N MET AD 386 136.27 -122.91 50.02
CA MET AD 386 135.95 -122.68 51.45
C MET AD 386 137.14 -123.08 52.32
N THR AD 387 137.43 -122.17 53.21
CA THR AD 387 138.47 -122.26 54.22
C THR AD 387 138.03 -123.12 55.42
N ARG AD 388 136.71 -123.18 55.65
CA ARG AD 388 136.07 -124.03 56.68
C ARG AD 388 135.22 -125.07 56.00
N SER AD 389 135.87 -126.19 55.81
CA SER AD 389 135.38 -127.46 55.28
C SER AD 389 134.35 -128.18 56.19
N LEU AD 390 133.33 -127.40 56.71
CA LEU AD 390 132.28 -127.93 57.64
C LEU AD 390 130.83 -127.44 57.38
N GLU AD 391 130.59 -126.40 56.58
CA GLU AD 391 129.22 -125.93 56.26
C GLU AD 391 128.93 -125.97 54.75
N GLU AD 392 127.87 -126.70 54.36
CA GLU AD 392 127.26 -126.65 53.03
C GLU AD 392 126.45 -125.35 52.77
N LEU AD 393 126.46 -124.86 51.50
CA LEU AD 393 125.61 -123.77 50.95
C LEU AD 393 124.76 -124.24 49.72
N VAL AD 394 123.67 -123.53 49.33
CA VAL AD 394 122.94 -123.74 48.04
C VAL AD 394 123.53 -122.79 46.94
N PRO AD 395 123.02 -122.65 45.65
CA PRO AD 395 123.22 -121.38 44.96
C PRO AD 395 122.37 -120.30 45.60
N GLY AD 396 122.83 -119.06 45.41
CA GLY AD 396 122.06 -117.87 45.74
C GLY AD 396 122.51 -117.20 47.04
N ASP AD 397 123.27 -117.93 47.87
CA ASP AD 397 124.22 -117.31 48.78
C ASP AD 397 125.26 -116.53 47.98
N ARG AD 398 125.53 -115.34 48.47
CA ARG AD 398 126.29 -114.30 47.79
C ARG AD 398 127.76 -114.26 48.23
N ALA BD 69 122.33 -56.41 -20.98
CA ALA BD 69 121.86 -55.95 -19.68
C ALA BD 69 121.25 -57.13 -18.90
N PRO BD 70 120.72 -56.86 -17.70
CA PRO BD 70 119.84 -57.87 -17.08
C PRO BD 70 118.39 -57.66 -17.44
N ARG BD 71 118.00 -58.09 -18.64
CA ARG BD 71 116.61 -58.06 -19.07
C ARG BD 71 115.98 -56.69 -18.91
N GLY BD 72 115.50 -56.39 -17.70
CA GLY BD 72 115.00 -55.08 -17.39
C GLY BD 72 116.12 -54.16 -16.96
N ARG BD 73 116.53 -54.28 -15.69
CA ARG BD 73 117.49 -53.34 -15.11
C ARG BD 73 118.25 -53.97 -13.93
N GLU BD 74 117.82 -53.66 -12.70
CA GLU BD 74 118.39 -54.17 -11.44
C GLU BD 74 119.75 -53.56 -11.09
N SER BD 75 120.18 -53.76 -9.84
CA SER BD 75 121.50 -53.37 -9.32
C SER BD 75 121.62 -53.91 -7.89
N ALA BD 76 122.69 -53.48 -7.18
CA ALA BD 76 122.99 -54.05 -5.85
C ALA BD 76 123.99 -53.30 -4.95
N PRO BD 77 124.68 -52.21 -5.38
CA PRO BD 77 125.53 -51.48 -4.41
C PRO BD 77 125.06 -50.09 -4.05
N GLY BD 78 125.82 -49.06 -4.41
CA GLY BD 78 125.47 -47.69 -4.07
C GLY BD 78 126.40 -46.63 -4.63
N GLU BD 79 125.96 -45.93 -5.67
CA GLU BD 79 126.71 -44.83 -6.28
C GLU BD 79 125.74 -43.67 -6.48
N VAL BD 80 126.08 -42.71 -7.34
CA VAL BD 80 125.33 -41.46 -7.38
C VAL BD 80 124.86 -41.18 -8.81
N HIS BD 81 123.60 -40.78 -8.96
CA HIS BD 81 123.06 -40.30 -10.22
C HIS BD 81 122.67 -38.83 -10.08
N SER BD 82 122.46 -38.19 -11.22
CA SER BD 82 122.15 -36.76 -11.29
C SER BD 82 120.70 -36.55 -11.66
N VAL BD 83 120.04 -35.63 -10.96
CA VAL BD 83 118.64 -35.33 -11.23
C VAL BD 83 118.54 -34.44 -12.46
N GLU BD 84 117.53 -34.68 -13.29
CA GLU BD 84 117.25 -33.85 -14.45
C GLU BD 84 116.00 -33.02 -14.21
N SER BD 85 115.65 -32.20 -15.21
CA SER BD 85 114.60 -31.20 -15.06
C SER BD 85 113.23 -31.87 -15.10
N GLY BD 86 112.43 -31.64 -14.06
CA GLY BD 86 111.12 -32.24 -13.95
C GLY BD 86 111.09 -33.57 -13.24
N ASP BD 87 112.19 -33.96 -12.60
CA ASP BD 87 112.31 -35.27 -11.98
C ASP BD 87 112.04 -35.18 -10.48
N THR BD 88 111.34 -36.19 -9.97
CA THR BD 88 111.21 -36.46 -8.54
C THR BD 88 111.88 -37.80 -8.26
N LEU BD 89 111.96 -38.18 -6.98
CA LEU BD 89 112.48 -39.50 -6.70
C LEU BD 89 111.46 -40.60 -7.03
N TRP BD 90 110.17 -40.26 -7.08
CA TRP BD 90 109.19 -41.25 -7.55
C TRP BD 90 109.43 -41.62 -9.00
N ASP BD 91 109.93 -40.68 -9.81
CA ASP BD 91 110.43 -41.00 -11.14
C ASP BD 91 111.72 -41.81 -11.06
N LEU BD 92 112.80 -41.13 -10.67
CA LEU BD 92 114.14 -41.73 -10.60
C LEU BD 92 114.14 -43.13 -10.01
N SER BD 93 113.14 -43.48 -9.21
CA SER BD 93 112.96 -44.86 -8.77
C SER BD 93 112.46 -45.75 -9.89
N GLN BD 94 111.85 -45.16 -10.94
CA GLN BD 94 111.36 -45.91 -12.08
C GLN BD 94 111.18 -44.97 -13.27
N ARG BD 95 111.97 -45.19 -14.32
CA ARG BD 95 111.91 -44.58 -15.66
C ARG BD 95 112.89 -43.43 -15.85
N TYR BD 96 113.45 -42.93 -14.75
CA TYR BD 96 114.35 -41.79 -14.80
C TYR BD 96 115.77 -42.21 -14.49
N LEU BD 97 116.16 -43.39 -14.97
CA LEU BD 97 117.56 -43.81 -14.91
C LEU BD 97 117.80 -45.07 -15.74
N GLY BD 98 118.91 -45.72 -15.44
CA GLY BD 98 119.29 -46.99 -16.03
C GLY BD 98 119.07 -48.17 -15.12
N SER BD 99 118.11 -48.05 -14.19
CA SER BD 99 117.71 -49.09 -13.25
C SER BD 99 116.47 -48.61 -12.51
N PRO BD 100 115.79 -49.46 -11.74
CA PRO BD 100 114.81 -48.95 -10.78
C PRO BD 100 115.44 -48.97 -9.38
N TRP BD 101 114.72 -48.38 -8.44
CA TRP BD 101 115.02 -48.53 -7.03
C TRP BD 101 113.80 -48.04 -6.26
N TYR BD 102 113.97 -47.84 -4.96
CA TYR BD 102 112.84 -47.50 -4.11
C TYR BD 102 113.00 -46.06 -3.62
N TRP BD 103 112.04 -45.22 -3.99
CA TRP BD 103 112.10 -43.80 -3.63
C TRP BD 103 112.45 -43.56 -2.16
N PRO BD 104 111.81 -44.22 -1.18
CA PRO BD 104 112.20 -43.93 0.22
C PRO BD 104 113.68 -44.17 0.47
N LYS BD 105 114.22 -45.30 -0.01
CA LYS BD 105 115.60 -45.66 0.24
C LYS BD 105 116.57 -44.56 -0.19
N VAL BD 106 116.26 -43.86 -1.28
CA VAL BD 106 117.15 -42.82 -1.79
C VAL BD 106 116.86 -41.49 -1.12
N TRP BD 107 115.59 -41.19 -0.86
CA TRP BD 107 115.30 -40.08 0.02
C TRP BD 107 116.08 -40.20 1.32
N SER BD 108 116.46 -41.41 1.70
CA SER BD 108 117.15 -41.59 2.97
C SER BD 108 118.67 -41.51 2.82
N TYR BD 109 119.19 -41.59 1.60
CA TYR BD 109 120.61 -41.94 1.46
C TYR BD 109 121.54 -40.75 1.72
N ASN BD 110 121.44 -39.73 0.87
CA ASN BD 110 122.16 -38.46 1.11
C ASN BD 110 121.86 -37.41 0.05
N PRO BD 111 121.26 -36.28 0.47
CA PRO BD 111 120.92 -35.91 1.85
C PRO BD 111 119.70 -36.67 2.35
N GLU BD 112 119.54 -36.86 3.67
CA GLU BD 112 118.36 -37.56 4.16
C GLU BD 112 117.11 -36.73 3.89
N ILE BD 113 116.35 -37.10 2.86
CA ILE BD 113 115.15 -36.35 2.48
C ILE BD 113 113.94 -37.29 2.58
N ALA BD 114 112.75 -36.81 2.27
CA ALA BD 114 111.53 -37.56 2.56
C ALA BD 114 110.69 -37.81 1.31
N ASN BD 115 110.00 -38.96 1.31
CA ASN BD 115 109.60 -39.60 0.05
C ASN BD 115 108.58 -38.82 -0.79
N PRO BD 116 107.87 -37.81 -0.27
CA PRO BD 116 107.14 -36.92 -1.20
C PRO BD 116 107.60 -35.48 -1.08
N HIS BD 117 108.91 -35.27 -0.88
CA HIS BD 117 109.45 -33.94 -0.62
C HIS BD 117 109.87 -33.24 -1.91
N TRP BD 118 109.92 -33.96 -3.03
CA TRP BD 118 110.21 -33.44 -4.37
C TRP BD 118 111.59 -32.78 -4.49
N ILE BD 119 112.36 -33.20 -5.50
CA ILE BD 119 113.72 -32.70 -5.66
C ILE BD 119 113.78 -31.60 -6.71
N TYR BD 120 114.99 -31.31 -7.17
CA TYR BD 120 115.28 -30.25 -8.12
C TYR BD 120 116.32 -30.74 -9.11
N PRO BD 121 116.31 -30.20 -10.33
CA PRO BD 121 117.31 -30.62 -11.32
C PRO BD 121 118.70 -30.14 -10.95
N GLY BD 122 119.71 -30.87 -11.44
CA GLY BD 122 121.08 -30.58 -11.10
C GLY BD 122 121.55 -31.14 -9.76
N ASN BD 123 120.72 -31.92 -9.10
CA ASN BD 123 121.07 -32.49 -7.80
C ASN BD 123 121.68 -33.88 -7.98
N GLN BD 124 122.51 -34.27 -7.01
CA GLN BD 124 123.14 -35.59 -6.99
C GLN BD 124 122.57 -36.41 -5.85
N VAL BD 125 122.27 -37.67 -6.13
CA VAL BD 125 121.47 -38.50 -5.24
C VAL BD 125 121.96 -39.94 -5.34
N ARG BD 126 122.11 -40.59 -4.18
CA ARG BD 126 122.81 -41.87 -4.07
C ARG BD 126 121.89 -43.02 -4.42
N PHE BD 127 122.13 -43.64 -5.58
CA PHE BD 127 121.28 -44.71 -6.11
C PHE BD 127 121.99 -46.04 -6.27
N PHE BD 128 121.59 -47.03 -5.47
CA PHE BD 128 121.60 -48.48 -5.74
C PHE BD 128 121.08 -49.10 -4.43
N ALA BD 129 120.31 -50.19 -4.53
CA ALA BD 129 119.73 -50.83 -3.33
C ALA BD 129 119.18 -52.20 -3.70
N ALA BD 130 119.59 -53.22 -2.96
CA ALA BD 130 119.11 -54.59 -3.17
C ALA BD 130 118.84 -55.29 -1.83
N LYS BD 298 132.13 -101.04 7.04
CA LYS BD 298 131.71 -101.95 8.11
C LYS BD 298 132.67 -103.13 8.28
N GLN BD 299 132.67 -103.73 9.48
CA GLN BD 299 133.42 -104.97 9.71
C GLN BD 299 132.80 -106.16 9.00
N VAL BD 300 133.69 -107.08 8.69
CA VAL BD 300 133.42 -108.47 8.38
C VAL BD 300 133.85 -109.30 9.57
N ASP BD 301 132.87 -109.91 10.24
CA ASP BD 301 133.13 -110.62 11.50
C ASP BD 301 132.82 -112.10 11.25
N GLY BD 302 133.93 -112.85 11.07
CA GLY BD 302 133.89 -114.30 10.92
C GLY BD 302 133.55 -114.98 12.24
N THR BD 303 132.59 -115.89 12.18
CA THR BD 303 132.13 -116.67 13.34
C THR BD 303 132.48 -118.13 13.20
N VAL BD 304 132.77 -118.74 14.35
CA VAL BD 304 132.87 -120.19 14.48
C VAL BD 304 131.52 -120.82 14.02
N ILE BD 305 131.56 -121.78 13.09
CA ILE BD 305 130.35 -122.53 12.63
C ILE BD 305 130.23 -123.97 13.19
N THR BD 306 131.34 -124.59 13.63
CA THR BD 306 131.26 -125.80 14.49
C THR BD 306 131.20 -125.49 15.99
N ALA BD 307 130.43 -126.31 16.75
CA ALA BD 307 130.78 -126.62 18.15
C ALA BD 307 131.21 -128.09 18.22
N LEU BD 308 131.87 -128.47 19.33
CA LEU BD 308 132.24 -129.85 19.65
C LEU BD 308 133.37 -130.48 18.81
N VAL BD 309 134.15 -129.72 18.00
CA VAL BD 309 135.30 -130.35 17.30
C VAL BD 309 136.28 -130.92 18.34
N PRO BD 310 137.40 -131.54 17.91
CA PRO BD 310 138.61 -131.66 18.73
C PRO BD 310 139.29 -130.34 19.23
N TYR BD 311 138.56 -129.39 19.91
CA TYR BD 311 139.14 -128.07 20.29
C TYR BD 311 140.41 -128.03 21.22
N LEU BD 312 140.79 -129.21 21.71
CA LEU BD 312 141.96 -129.36 22.58
C LEU BD 312 143.25 -129.88 21.90
N THR BD 313 143.23 -130.31 20.62
CA THR BD 313 144.16 -131.36 20.09
C THR BD 313 144.42 -132.65 20.92
N VAL BD 314 144.36 -132.69 22.31
CA VAL BD 314 145.15 -133.75 23.00
C VAL BD 314 144.72 -135.15 22.57
N LEU BD 315 143.40 -135.42 22.62
CA LEU BD 315 142.92 -136.79 22.42
C LEU BD 315 143.06 -137.29 20.97
N GLY BD 316 143.01 -136.40 19.98
CA GLY BD 316 142.99 -136.73 18.54
C GLY BD 316 144.13 -136.18 17.66
N GLU BD 317 144.98 -135.30 18.25
CA GLU BD 317 146.03 -134.49 17.60
C GLU BD 317 145.61 -133.46 16.54
N ASN BD 318 144.31 -133.40 16.20
CA ASN BD 318 143.80 -132.53 15.11
C ASN BD 318 142.84 -131.51 15.69
N HIS BD 319 143.36 -130.40 16.20
CA HIS BD 319 142.49 -129.33 16.65
C HIS BD 319 141.98 -128.53 15.46
N SER BD 320 140.68 -128.26 15.29
CA SER BD 320 140.24 -127.25 14.29
C SER BD 320 139.12 -126.33 14.83
N ILE BD 321 138.79 -125.31 14.02
CA ILE BD 321 137.56 -124.48 14.04
C ILE BD 321 137.16 -124.38 12.55
N VAL BD 322 135.87 -124.35 12.21
CA VAL BD 322 135.38 -123.99 10.85
C VAL BD 322 134.75 -122.58 10.91
N VAL BD 323 134.84 -121.74 9.87
CA VAL BD 323 133.88 -120.63 9.63
C VAL BD 323 132.83 -120.95 8.57
N ASP BD 324 131.73 -120.18 8.58
CA ASP BD 324 130.91 -119.92 7.38
C ASP BD 324 131.47 -118.65 6.68
N LYS BD 325 131.74 -118.75 5.36
CA LYS BD 325 131.81 -117.59 4.43
C LYS BD 325 130.86 -117.79 3.23
N GLY BD 326 130.66 -116.71 2.46
CA GLY BD 326 130.17 -116.78 1.08
C GLY BD 326 131.35 -116.99 0.13
N SER BD 327 131.38 -116.38 -1.06
CA SER BD 327 132.55 -116.56 -1.97
C SER BD 327 133.91 -116.24 -1.31
N ALA BD 328 135.01 -116.56 -2.01
CA ALA BD 328 136.40 -116.34 -1.55
C ALA BD 328 136.56 -115.04 -0.75
N ASP BD 329 136.76 -115.14 0.58
CA ASP BD 329 136.72 -113.96 1.46
C ASP BD 329 138.13 -113.36 1.67
N GLY BD 330 139.03 -113.58 0.70
CA GLY BD 330 140.46 -113.25 0.80
C GLY BD 330 141.21 -114.01 1.92
N VAL BD 331 140.66 -115.12 2.41
CA VAL BD 331 141.33 -115.99 3.38
C VAL BD 331 142.52 -116.70 2.74
N GLU BD 332 143.67 -116.58 3.38
CA GLU BD 332 144.94 -117.17 3.00
C GLU BD 332 145.44 -118.12 4.09
N LEU BD 333 146.20 -119.14 3.69
CA LEU BD 333 146.65 -120.23 4.58
C LEU BD 333 147.53 -119.80 5.78
N GLY BD 334 148.22 -118.66 5.73
CA GLY BD 334 149.02 -118.20 6.86
C GLY BD 334 148.25 -117.39 7.91
N ASN BD 335 147.02 -116.98 7.59
CA ASN BD 335 146.31 -115.96 8.36
C ASN BD 335 146.11 -116.35 9.84
N THR BD 336 146.34 -115.38 10.72
CA THR BD 336 146.15 -115.51 12.17
C THR BD 336 144.91 -114.73 12.61
N PHE BD 337 144.08 -115.33 13.45
CA PHE BD 337 142.85 -114.73 13.98
C PHE BD 337 142.77 -114.74 15.50
N ASN BD 338 142.21 -113.67 16.07
CA ASN BD 338 141.93 -113.59 17.50
C ASN BD 338 140.47 -113.99 17.76
N ILE BD 339 140.23 -114.87 18.71
CA ILE BD 339 138.88 -115.20 19.18
C ILE BD 339 138.50 -114.19 20.26
N LEU BD 340 137.26 -113.71 20.22
CA LEU BD 340 136.64 -112.87 21.22
C LEU BD 340 135.27 -113.48 21.64
N ARG BD 341 134.81 -113.16 22.86
CA ARG BD 341 133.57 -113.64 23.48
C ARG BD 341 132.78 -112.44 24.03
N LYS BD 342 131.45 -112.48 23.91
CA LYS BD 342 130.61 -111.47 24.59
C LYS BD 342 130.43 -111.94 26.00
N GLY BD 343 130.69 -111.05 26.94
CA GLY BD 343 130.50 -111.35 28.34
C GLY BD 343 129.91 -110.19 29.11
N ASP BD 344 129.79 -110.47 30.40
CA ASP BD 344 129.23 -109.58 31.40
C ASP BD 344 129.92 -109.66 32.78
N PRO BD 345 131.28 -109.72 32.93
CA PRO BD 345 131.81 -109.04 34.08
C PRO BD 345 131.89 -107.55 33.77
N SER BD 346 131.73 -106.79 34.84
CA SER BD 346 132.37 -105.50 34.99
C SER BD 346 133.15 -105.49 36.29
N ARG BD 347 133.87 -104.39 36.49
CA ARG BD 347 134.47 -104.09 37.80
C ARG BD 347 133.45 -103.63 38.84
N HIS BD 348 132.34 -103.01 38.44
CA HIS BD 348 131.38 -102.37 39.35
C HIS BD 348 129.91 -102.76 39.05
N VAL BD 349 129.52 -104.05 39.19
CA VAL BD 349 128.07 -104.42 38.98
C VAL BD 349 127.08 -103.61 39.83
N LEU BD 350 127.49 -103.04 40.98
CA LEU BD 350 126.59 -102.32 41.88
C LEU BD 350 125.78 -101.24 41.16
N GLY BD 351 126.41 -100.59 40.17
CA GLY BD 351 125.73 -99.65 39.28
C GLY BD 351 124.74 -100.40 38.39
N HIS BD 352 125.23 -101.30 37.51
CA HIS BD 352 124.41 -102.15 36.62
C HIS BD 352 125.22 -103.20 35.83
N ASP BD 353 124.54 -104.26 35.37
CA ASP BD 353 125.01 -105.21 34.34
C ASP BD 353 123.89 -105.66 33.34
N VAL BD 354 123.34 -104.76 32.48
CA VAL BD 354 122.46 -105.18 31.31
C VAL BD 354 123.33 -105.36 30.03
N ARG BD 355 122.57 -105.27 28.86
CA ARG BD 355 123.06 -105.07 27.47
C ARG BD 355 122.57 -103.84 26.64
N LYS BD 356 121.64 -103.00 27.11
CA LYS BD 356 121.16 -101.78 26.37
C LYS BD 356 122.37 -100.92 26.01
N PRO BD 357 122.70 -100.25 24.86
CA PRO BD 357 123.95 -99.45 24.90
C PRO BD 357 123.74 -98.18 25.77
N SER BD 358 124.85 -97.43 25.96
CA SER BD 358 124.94 -96.02 26.43
C SER BD 358 125.38 -95.80 27.90
N LYS BD 359 125.76 -96.81 28.67
CA LYS BD 359 126.41 -96.58 29.99
C LYS BD 359 127.86 -97.11 29.94
N GLU BD 360 128.40 -97.39 31.13
CA GLU BD 360 129.76 -97.89 31.38
C GLU BD 360 130.00 -99.35 30.94
N GLU BD 361 129.11 -100.28 31.34
CA GLU BD 361 129.20 -101.71 31.03
C GLU BD 361 128.46 -102.15 29.72
N GLN BD 362 127.24 -102.71 29.89
CA GLN BD 362 126.26 -103.15 28.87
C GLN BD 362 126.68 -104.32 27.98
N SER BD 363 127.28 -105.36 28.58
CA SER BD 363 128.17 -106.32 27.91
C SER BD 363 129.51 -105.70 27.58
N PHE BD 364 130.50 -106.57 27.38
CA PHE BD 364 131.85 -106.22 26.95
C PHE BD 364 132.35 -107.24 25.90
N PRO BD 365 133.05 -106.82 24.82
CA PRO BD 365 133.68 -107.75 23.87
C PRO BD 365 135.02 -108.26 24.45
N TRP BD 366 134.98 -109.41 25.11
CA TRP BD 366 136.12 -109.94 25.86
C TRP BD 366 137.09 -110.73 24.97
N ARG BD 367 138.36 -110.34 25.02
CA ARG BD 367 139.40 -111.08 24.31
C ARG BD 367 139.74 -112.41 24.97
N SER BD 368 139.55 -113.50 24.23
CA SER BD 368 140.03 -114.82 24.64
C SER BD 368 141.58 -114.88 24.59
N ILE BD 369 142.15 -115.78 25.39
CA ILE BD 369 143.55 -116.19 25.23
C ILE BD 369 143.77 -116.97 23.91
N GLY BD 370 142.69 -117.52 23.35
CA GLY BD 370 142.68 -118.30 22.12
C GLY BD 370 142.94 -117.43 20.89
N ALA BD 371 143.96 -117.84 20.14
CA ALA BD 371 144.25 -117.38 18.80
C ALA BD 371 144.28 -118.60 17.87
N CYS BD 372 143.98 -118.39 16.60
CA CYS BD 372 143.90 -119.44 15.60
C CYS BD 372 144.77 -119.10 14.39
N MET BD 373 145.21 -120.14 13.69
CA MET BD 373 145.91 -120.09 12.42
C MET BD 373 145.06 -120.81 11.38
N VAL BD 374 144.78 -120.20 10.24
CA VAL BD 374 144.18 -120.94 9.11
C VAL BD 374 145.07 -122.13 8.72
N THR BD 375 144.47 -123.27 8.41
CA THR BD 375 145.23 -124.47 8.01
C THR BD 375 144.74 -125.02 6.70
N GLU BD 376 143.46 -124.88 6.41
CA GLU BD 376 142.90 -125.25 5.12
C GLU BD 376 141.92 -124.17 4.67
N VAL BD 377 142.01 -123.80 3.40
CA VAL BD 377 141.08 -122.88 2.74
C VAL BD 377 140.30 -123.66 1.69
N LYS BD 378 139.00 -123.42 1.65
CA LYS BD 378 138.07 -123.86 0.60
C LYS BD 378 137.48 -122.62 -0.05
N GLU BD 379 136.71 -122.78 -1.14
CA GLU BD 379 136.13 -121.64 -1.88
C GLU BD 379 135.33 -120.66 -1.03
N ARG BD 380 134.58 -121.19 -0.04
CA ARG BD 380 133.67 -120.42 0.81
C ARG BD 380 133.77 -120.65 2.30
N THR BD 381 134.73 -121.44 2.74
CA THR BD 381 134.87 -121.78 4.17
C THR BD 381 136.34 -122.06 4.44
N SER BD 382 136.72 -122.11 5.69
CA SER BD 382 138.10 -122.41 6.07
C SER BD 382 138.12 -123.13 7.40
N ASN BD 383 139.13 -123.98 7.56
CA ASN BD 383 139.46 -124.62 8.81
C ASN BD 383 140.68 -123.90 9.39
N CYS BD 384 140.68 -123.64 10.70
CA CYS BD 384 141.82 -123.06 11.41
C CYS BD 384 142.18 -123.93 12.63
N LEU BD 385 143.46 -124.03 12.97
CA LEU BD 385 143.92 -124.63 14.22
C LEU BD 385 144.17 -123.52 15.30
N MET BD 386 143.42 -123.49 16.41
CA MET BD 386 143.77 -122.91 17.73
C MET BD 386 145.21 -123.25 18.07
N THR BD 387 145.88 -122.19 18.48
CA THR BD 387 147.25 -122.17 18.94
C THR BD 387 147.38 -122.68 20.38
N ARG BD 388 146.31 -122.53 21.18
CA ARG BD 388 146.18 -123.05 22.54
C ARG BD 388 145.12 -124.11 22.58
N SER BD 389 145.62 -125.32 22.42
CA SER BD 389 144.94 -126.60 22.50
C SER BD 389 144.41 -126.99 23.91
N LEU BD 390 143.73 -125.99 24.59
CA LEU BD 390 143.20 -126.18 25.98
C LEU BD 390 141.79 -125.59 26.26
N GLU BD 391 141.22 -124.73 25.40
CA GLU BD 391 139.85 -124.19 25.59
C GLU BD 391 138.93 -124.54 24.41
N GLU BD 392 137.81 -125.22 24.72
CA GLU BD 392 136.68 -125.41 23.80
C GLU BD 392 135.82 -124.11 23.60
N LEU BD 393 135.28 -123.93 22.38
CA LEU BD 393 134.28 -122.90 21.98
C LEU BD 393 132.97 -123.54 21.40
N VAL BD 394 131.82 -122.81 21.35
CA VAL BD 394 130.60 -123.22 20.58
C VAL BD 394 130.63 -122.62 19.14
N PRO BD 395 129.61 -122.71 18.21
CA PRO BD 395 129.48 -121.67 17.20
C PRO BD 395 129.01 -120.37 17.85
N GLY BD 396 129.34 -119.27 17.18
CA GLY BD 396 128.79 -117.96 17.48
C GLY BD 396 129.78 -117.07 18.25
N ASP BD 397 130.82 -117.68 18.83
CA ASP BD 397 132.08 -116.97 19.06
C ASP BD 397 132.66 -116.52 17.71
N ARG BD 398 133.13 -115.29 17.73
CA ARG BD 398 133.50 -114.52 16.56
C ARG BD 398 135.02 -114.55 16.30
N ALA CD 69 99.83 -73.61 -56.10
CA ALA CD 69 99.99 -72.81 -54.87
C ALA CD 69 99.78 -73.69 -53.65
N PRO CD 70 99.84 -73.11 -52.44
CA PRO CD 70 99.33 -73.85 -51.28
C PRO CD 70 97.86 -73.57 -51.03
N ARG CD 71 96.98 -74.20 -51.79
CA ARG CD 71 95.55 -74.13 -51.58
C ARG CD 71 95.06 -72.68 -51.53
N GLY CD 72 95.16 -72.07 -50.35
CA GLY CD 72 94.84 -70.66 -50.21
C GLY CD 72 96.04 -69.81 -50.54
N ARG CD 73 96.97 -69.67 -49.58
CA ARG CD 73 98.09 -68.75 -49.73
C ARG CD 73 99.29 -69.16 -48.86
N GLU CD 74 99.45 -68.53 -47.69
CA GLU CD 74 100.50 -68.80 -46.71
C GLU CD 74 101.89 -68.29 -47.14
N SER CD 75 102.83 -68.24 -46.19
CA SER CD 75 104.24 -67.89 -46.40
C SER CD 75 104.98 -68.09 -45.09
N ALA CD 76 106.26 -67.64 -45.02
CA ALA CD 76 107.11 -67.92 -43.86
C ALA CD 76 108.40 -67.10 -43.69
N PRO CD 77 108.82 -66.22 -44.64
CA PRO CD 77 110.02 -65.39 -44.35
C PRO CD 77 109.75 -63.91 -44.17
N GLY CD 78 110.29 -63.08 -45.08
CA GLY CD 78 110.12 -61.64 -44.99
C GLY CD 78 110.70 -60.85 -46.15
N GLU CD 79 109.85 -60.36 -47.05
CA GLU CD 79 110.25 -59.53 -48.18
C GLU CD 79 109.29 -58.34 -48.23
N VAL CD 80 109.22 -57.65 -49.37
CA VAL CD 80 108.53 -56.36 -49.41
C VAL CD 80 107.49 -56.37 -50.52
N HIS CD 81 106.28 -55.89 -50.21
CA HIS CD 81 105.24 -55.65 -51.20
C HIS CD 81 104.95 -54.15 -51.28
N SER CD 82 104.26 -53.77 -52.35
CA SER CD 82 103.97 -52.36 -52.64
C SER CD 82 102.49 -52.08 -52.41
N VAL CD 83 102.20 -50.95 -51.74
CA VAL CD 83 100.83 -50.57 -51.47
C VAL CD 83 100.20 -49.98 -52.72
N GLU CD 84 98.93 -50.30 -52.95
CA GLU CD 84 98.16 -49.73 -54.04
C GLU CD 84 97.14 -48.72 -53.51
N SER CD 85 96.40 -48.13 -54.44
CA SER CD 85 95.52 -47.01 -54.12
C SER CD 85 94.27 -47.50 -53.40
N GLY CD 86 94.01 -46.95 -52.21
CA GLY CD 86 92.88 -47.36 -51.41
C GLY CD 86 93.17 -48.49 -50.45
N ASP CD 87 94.43 -48.84 -50.26
CA ASP CD 87 94.83 -49.97 -49.43
C ASP CD 87 95.24 -49.51 -48.04
N THR CD 88 94.84 -50.29 -47.04
CA THR CD 88 95.35 -50.21 -45.68
C THR CD 88 96.07 -51.52 -45.38
N LEU CD 89 96.70 -51.59 -44.20
CA LEU CD 89 97.29 -52.87 -43.84
C LEU CD 89 96.23 -53.88 -43.42
N TRP CD 90 95.05 -53.43 -42.99
CA TRP CD 90 93.98 -54.39 -42.72
C TRP CD 90 93.55 -55.10 -44.00
N ASP CD 91 93.64 -54.43 -45.14
CA ASP CD 91 93.50 -55.11 -46.43
C ASP CD 91 94.70 -56.02 -46.71
N LEU CD 92 95.84 -55.39 -47.00
CA LEU CD 92 97.06 -56.10 -47.35
C LEU CD 92 97.33 -57.33 -46.49
N SER CD 93 96.78 -57.35 -45.27
CA SER CD 93 96.82 -58.58 -44.47
C SER CD 93 95.87 -59.64 -45.00
N GLN CD 94 94.87 -59.23 -45.80
CA GLN CD 94 93.93 -60.18 -46.39
C GLN CD 94 93.24 -59.52 -47.58
N ARG CD 95 93.48 -60.07 -48.78
CA ARG CD 95 92.85 -59.77 -50.07
C ARG CD 95 93.64 -58.81 -50.94
N TYR CD 96 94.62 -58.14 -50.35
CA TYR CD 96 95.41 -57.15 -51.07
C TYR CD 96 96.83 -57.64 -51.31
N LEU CD 97 96.96 -58.94 -51.58
CA LEU CD 97 98.24 -59.49 -52.02
C LEU CD 97 98.09 -60.92 -52.52
N GLY CD 98 99.23 -61.62 -52.57
CA GLY CD 98 99.30 -63.02 -52.92
C GLY CD 98 99.51 -63.93 -51.73
N SER CD 99 99.06 -63.48 -50.54
CA SER CD 99 99.11 -64.22 -49.29
C SER CD 99 98.32 -63.46 -48.24
N PRO CD 100 98.04 -64.02 -47.07
CA PRO CD 100 97.60 -63.20 -45.95
C PRO CD 100 98.77 -62.98 -45.02
N TRP CD 101 98.54 -62.11 -44.04
CA TRP CD 101 99.44 -61.95 -42.90
C TRP CD 101 98.67 -61.18 -41.83
N TYR CD 102 99.39 -60.70 -40.83
CA TYR CD 102 98.76 -60.04 -39.70
C TYR CD 102 99.12 -58.57 -39.71
N TRP CD 103 98.09 -57.72 -39.84
CA TRP CD 103 98.31 -56.27 -39.92
C TRP CD 103 99.26 -55.74 -38.86
N PRO CD 104 99.12 -56.08 -37.55
CA PRO CD 104 100.09 -55.54 -36.58
C PRO CD 104 101.53 -55.86 -36.93
N LYS CD 105 101.80 -57.13 -37.29
CA LYS CD 105 103.16 -57.58 -37.58
C LYS CD 105 103.84 -56.72 -38.64
N VAL CD 106 103.07 -56.26 -39.63
CA VAL CD 106 103.64 -55.47 -40.71
C VAL CD 106 103.69 -54.00 -40.35
N TRP CD 107 102.66 -53.51 -39.66
CA TRP CD 107 102.79 -52.20 -39.06
C TRP CD 107 104.07 -52.11 -38.24
N SER CD 108 104.58 -53.23 -37.76
CA SER CD 108 105.75 -53.19 -36.90
C SER CD 108 107.05 -53.32 -37.70
N TYR CD 109 106.98 -53.74 -38.97
CA TYR CD 109 108.19 -54.26 -39.60
C TYR CD 109 109.13 -53.16 -40.07
N ASN CD 110 108.67 -52.36 -41.03
CA ASN CD 110 109.43 -51.16 -41.46
C ASN CD 110 108.69 -50.35 -42.51
N PRO CD 111 108.33 -49.10 -42.19
CA PRO CD 111 108.65 -48.39 -40.95
C PRO CD 111 107.77 -48.86 -39.78
N GLU CD 112 108.20 -48.73 -38.53
CA GLU CD 112 107.36 -49.16 -37.42
C GLU CD 112 106.11 -48.27 -37.33
N ILE CD 113 104.98 -48.78 -37.80
CA ILE CD 113 103.74 -48.01 -37.82
C ILE CD 113 102.70 -48.76 -36.98
N ALA CD 114 101.48 -48.23 -36.87
CA ALA CD 114 100.52 -48.75 -35.89
C ALA CD 114 99.22 -49.20 -36.56
N ASN CD 115 98.60 -50.21 -35.98
CA ASN CD 115 97.68 -51.08 -36.73
C ASN CD 115 96.40 -50.41 -37.22
N PRO CD 116 95.98 -49.23 -36.73
CA PRO CD 116 94.93 -48.51 -37.45
C PRO CD 116 95.39 -47.13 -37.92
N HIS CD 117 96.65 -47.03 -38.35
CA HIS CD 117 97.25 -45.75 -38.70
C HIS CD 117 97.07 -45.42 -40.18
N TRP CD 118 96.60 -46.37 -40.99
CA TRP CD 118 96.28 -46.21 -42.40
C TRP CD 118 97.47 -45.76 -43.27
N ILE CD 119 97.72 -46.49 -44.35
CA ILE CD 119 98.87 -46.19 -45.21
C ILE CD 119 98.45 -45.38 -46.42
N TYR CD 120 99.33 -45.34 -47.42
CA TYR CD 120 99.18 -44.58 -48.64
C TYR CD 120 99.68 -45.38 -49.82
N PRO CD 121 99.13 -45.15 -51.01
CA PRO CD 121 99.59 -45.89 -52.19
C PRO CD 121 101.01 -45.50 -52.58
N GLY CD 122 101.70 -46.44 -53.24
CA GLY CD 122 103.09 -46.22 -53.60
C GLY CD 122 104.08 -46.50 -52.50
N ASN CD 123 103.64 -47.02 -51.37
CA ASN CD 123 104.53 -47.32 -50.25
C ASN CD 123 105.00 -48.77 -50.31
N GLN CD 124 106.16 -49.02 -49.72
CA GLN CD 124 106.73 -50.35 -49.64
C GLN CD 124 106.72 -50.82 -48.19
N VAL CD 125 106.33 -52.07 -47.99
CA VAL CD 125 106.01 -52.59 -46.66
C VAL CD 125 106.40 -54.05 -46.58
N ARG CD 126 107.06 -54.42 -45.48
CA ARG CD 126 107.72 -55.71 -45.36
C ARG CD 126 106.74 -56.81 -44.97
N PHE CD 127 106.46 -57.71 -45.92
CA PHE CD 127 105.45 -58.76 -45.74
C PHE CD 127 106.02 -60.17 -45.85
N PHE CD 128 106.01 -60.89 -44.73
CA PHE CD 128 105.91 -62.35 -44.60
C PHE CD 128 106.00 -62.60 -43.08
N ALA CD 129 105.28 -63.58 -42.54
CA ALA CD 129 105.29 -63.87 -41.11
C ALA CD 129 104.63 -65.21 -40.84
N ALA CD 130 105.33 -66.08 -40.11
CA ALA CD 130 104.80 -67.39 -39.74
C ALA CD 130 105.15 -67.72 -38.28
N LYS CD 298 120.74 -111.58 -24.67
CA LYS CD 298 120.84 -112.16 -23.33
C LYS CD 298 121.78 -113.37 -23.29
N GLN CD 299 122.31 -113.68 -22.10
CA GLN CD 299 123.08 -114.91 -21.90
C GLN CD 299 122.20 -116.15 -21.95
N VAL CD 300 122.86 -117.22 -22.37
CA VAL CD 300 122.48 -118.60 -22.18
C VAL CD 300 123.38 -119.18 -21.12
N ASP CD 301 122.81 -119.51 -19.96
CA ASP CD 301 123.59 -119.94 -18.81
C ASP CD 301 123.20 -121.40 -18.52
N GLY CD 302 124.11 -122.29 -18.94
CA GLY CD 302 124.00 -123.73 -18.70
C GLY CD 302 124.29 -124.03 -17.23
N THR CD 303 123.40 -124.83 -16.65
CA THR CD 303 123.49 -125.26 -15.24
C THR CD 303 123.75 -126.74 -15.14
N VAL CD 304 124.51 -127.12 -14.12
CA VAL CD 304 124.65 -128.49 -13.68
C VAL CD 304 123.24 -129.06 -13.35
N ILE CD 305 122.85 -130.20 -13.92
CA ILE CD 305 121.57 -130.89 -13.62
C ILE CD 305 121.72 -132.15 -12.71
N THR CD 306 122.90 -132.77 -12.65
CA THR CD 306 123.20 -133.73 -11.56
C THR CD 306 123.81 -133.09 -10.32
N ALA CD 307 123.46 -133.62 -9.10
CA ALA CD 307 124.38 -133.66 -7.98
C ALA CD 307 124.80 -135.11 -7.71
N LEU CD 308 125.87 -135.29 -6.94
CA LEU CD 308 126.35 -136.60 -6.48
C LEU CD 308 126.99 -137.54 -7.53
N VAL CD 309 127.34 -137.07 -8.76
CA VAL CD 309 128.05 -137.97 -9.70
C VAL CD 309 129.39 -138.40 -9.07
N PRO CD 310 130.20 -139.22 -9.76
CA PRO CD 310 131.66 -139.30 -9.54
C PRO CD 310 132.49 -137.98 -9.73
N TYR CD 311 132.14 -136.82 -9.07
CA TYR CD 311 132.83 -135.52 -9.32
C TYR CD 311 134.37 -135.42 -9.06
N LEU CD 312 134.93 -136.49 -8.49
CA LEU CD 312 136.36 -136.58 -8.21
C LEU CD 312 137.21 -137.39 -9.22
N THR CD 313 136.63 -138.10 -10.21
CA THR CD 313 137.22 -139.33 -10.81
C THR CD 313 137.83 -140.42 -9.87
N VAL CD 314 138.40 -140.14 -8.65
CA VAL CD 314 139.40 -141.10 -8.09
C VAL CD 314 138.82 -142.50 -7.93
N LEU CD 315 137.66 -142.61 -7.26
CA LEU CD 315 137.14 -143.91 -6.87
C LEU CD 315 136.62 -144.75 -8.08
N GLY CD 316 136.13 -144.10 -9.13
CA GLY CD 316 135.48 -144.75 -10.29
C GLY CD 316 136.12 -144.53 -11.68
N GLU CD 317 137.13 -143.65 -11.76
CA GLU CD 317 137.80 -143.14 -12.98
C GLU CD 317 136.95 -142.33 -13.99
N ASN CD 318 135.63 -142.19 -13.74
CA ASN CD 318 134.71 -141.55 -14.68
C ASN CD 318 134.11 -140.31 -14.03
N HIS CD 319 134.80 -139.18 -14.08
CA HIS CD 319 134.21 -137.95 -13.60
C HIS CD 319 133.23 -137.39 -14.62
N SER CD 320 132.00 -137.00 -14.27
CA SER CD 320 131.17 -136.22 -15.20
C SER CD 320 130.40 -135.08 -14.50
N ILE CD 321 129.74 -134.23 -15.31
CA ILE CD 321 128.65 -133.28 -14.98
C ILE CD 321 127.64 -133.48 -16.13
N VAL CD 322 126.33 -133.39 -15.88
CA VAL CD 322 125.29 -133.28 -16.95
C VAL CD 322 124.76 -131.83 -16.97
N VAL CD 323 124.38 -131.26 -18.14
CA VAL CD 323 123.41 -130.13 -18.20
C VAL CD 323 122.00 -130.57 -18.59
N ASP CD 324 121.02 -129.69 -18.32
CA ASP CD 324 119.76 -129.62 -19.07
C ASP CD 324 119.95 -128.62 -20.25
N LYS CD 325 119.61 -129.05 -21.48
CA LYS CD 325 119.25 -128.13 -22.60
C LYS CD 325 117.87 -128.50 -23.20
N GLY CD 326 117.36 -127.60 -24.05
CA GLY CD 326 116.31 -127.92 -25.02
C GLY CD 326 116.96 -128.47 -26.29
N SER CD 327 116.46 -128.15 -27.49
CA SER CD 327 117.09 -128.66 -28.74
C SER CD 327 118.61 -128.37 -28.83
N ALA CD 328 119.29 -128.95 -29.82
CA ALA CD 328 120.73 -128.81 -30.08
C ALA CD 328 121.24 -127.37 -29.77
N ASP CD 329 122.01 -127.20 -28.68
CA ASP CD 329 122.36 -125.84 -28.19
C ASP CD 329 123.72 -125.38 -28.78
N GLY CD 330 124.10 -125.92 -29.95
CA GLY CD 330 125.43 -125.74 -30.55
C GLY CD 330 126.59 -126.31 -29.73
N VAL CD 331 126.30 -127.22 -28.76
CA VAL CD 331 127.33 -127.91 -27.99
C VAL CD 331 128.12 -128.87 -28.88
N GLU CD 332 129.43 -128.75 -28.84
CA GLU CD 332 130.41 -129.55 -29.56
C GLU CD 332 131.33 -130.28 -28.58
N LEU CD 333 131.85 -131.44 -29.00
CA LEU CD 333 132.63 -132.35 -28.15
C LEU CD 333 133.94 -131.76 -27.60
N GLY CD 334 134.55 -130.75 -28.22
CA GLY CD 334 135.77 -130.14 -27.69
C GLY CD 334 135.55 -129.02 -26.66
N ASN CD 335 134.30 -128.56 -26.51
CA ASN CD 335 134.01 -127.32 -25.80
C ASN CD 335 134.49 -127.34 -24.34
N THR CD 336 135.09 -126.24 -23.92
CA THR CD 336 135.55 -126.01 -22.55
C THR CD 336 134.64 -125.02 -21.85
N PHE CD 337 134.26 -125.32 -20.60
CA PHE CD 337 133.39 -124.47 -19.77
C PHE CD 337 134.00 -124.12 -18.40
N ASN CD 338 133.75 -122.90 -17.94
CA ASN CD 338 134.13 -122.46 -16.61
C ASN CD 338 132.93 -122.64 -15.65
N ILE CD 339 133.15 -123.23 -14.49
CA ILE CD 339 132.14 -123.29 -13.43
C ILE CD 339 132.28 -122.03 -12.58
N LEU CD 340 131.15 -121.44 -12.22
CA LEU CD 340 131.04 -120.32 -11.29
C LEU CD 340 129.98 -120.66 -10.19
N ARG CD 341 130.12 -120.02 -9.02
CA ARG CD 341 129.28 -120.20 -7.83
C ARG CD 341 128.82 -118.84 -7.32
N LYS CD 342 127.57 -118.75 -6.84
CA LYS CD 342 127.13 -117.53 -6.15
C LYS CD 342 127.58 -117.64 -4.73
N GLY CD 343 128.23 -116.59 -4.25
CA GLY CD 343 128.68 -116.54 -2.88
C GLY CD 343 128.50 -115.18 -2.25
N ASP CD 344 128.97 -115.15 -1.01
CA ASP CD 344 128.90 -113.99 -0.13
C ASP CD 344 130.14 -113.84 0.80
N PRO CD 345 131.42 -114.02 0.36
CA PRO CD 345 132.42 -113.15 0.97
C PRO CD 345 132.33 -111.80 0.27
N SER CD 346 132.67 -110.81 1.08
CA SER CD 346 133.32 -109.60 0.62
C SER CD 346 134.59 -109.38 1.42
N ARG CD 347 135.33 -108.36 1.00
CA ARG CD 347 136.45 -107.84 1.80
C ARG CD 347 136.01 -107.04 3.03
N HIS CD 348 134.82 -106.41 2.99
CA HIS CD 348 134.36 -105.48 4.03
C HIS CD 348 132.92 -105.75 4.49
N VAL CD 349 132.62 -106.91 5.11
CA VAL CD 349 131.23 -107.16 5.64
C VAL CD 349 130.72 -106.08 6.60
N LEU CD 350 131.61 -105.31 7.28
CA LEU CD 350 131.19 -104.30 8.28
C LEU CD 350 130.15 -103.33 7.71
N GLY CD 351 130.28 -102.99 6.43
CA GLY CD 351 129.28 -102.22 5.70
C GLY CD 351 127.99 -103.02 5.54
N HIS CD 352 128.05 -104.15 4.80
CA HIS CD 352 126.92 -105.07 4.60
C HIS CD 352 127.30 -106.37 3.82
N ASP CD 353 126.47 -107.41 3.98
CA ASP CD 353 126.44 -108.62 3.14
C ASP CD 353 124.98 -109.15 2.85
N VAL CD 354 124.12 -108.41 2.11
CA VAL CD 354 122.81 -108.98 1.58
C VAL CD 354 123.01 -109.54 0.14
N ARG CD 355 121.82 -109.64 -0.56
CA ARG CD 355 121.65 -109.82 -2.03
C ARG CD 355 120.85 -108.76 -2.86
N LYS CD 356 120.22 -107.73 -2.27
CA LYS CD 356 119.45 -106.67 -3.01
C LYS CD 356 120.38 -106.05 -4.06
N PRO CD 357 120.18 -105.70 -5.36
CA PRO CD 357 121.32 -105.06 -6.06
C PRO CD 357 121.53 -103.61 -5.55
N SER CD 358 122.60 -102.97 -6.06
CA SER CD 358 122.89 -101.51 -6.04
C SER CD 358 123.93 -101.02 -5.01
N LYS CD 359 124.61 -101.86 -4.24
CA LYS CD 359 125.78 -101.42 -3.44
C LYS CD 359 127.06 -102.10 -3.95
N GLU CD 360 128.08 -102.17 -3.10
CA GLU CD 360 129.40 -102.75 -3.33
C GLU CD 360 129.42 -104.29 -3.44
N GLU CD 361 128.79 -105.00 -2.48
CA GLU CD 361 128.74 -106.47 -2.44
C GLU CD 361 127.49 -107.09 -3.14
N GLN CD 362 126.47 -107.47 -2.32
CA GLN CD 362 125.14 -108.00 -2.67
C GLN CD 362 125.12 -109.40 -3.34
N SER CD 363 125.91 -110.33 -2.82
CA SER CD 363 126.40 -111.52 -3.53
C SER CD 363 127.48 -111.15 -4.55
N PHE CD 364 128.27 -112.14 -4.93
CA PHE CD 364 129.29 -112.04 -5.95
C PHE CD 364 129.28 -113.33 -6.82
N PRO CD 365 129.43 -113.25 -8.16
CA PRO CD 365 129.57 -114.43 -9.02
C PRO CD 365 131.02 -114.95 -8.98
N TRP CD 366 131.28 -115.91 -8.07
CA TRP CD 366 132.63 -116.38 -7.79
C TRP CD 366 133.10 -117.46 -8.77
N ARG CD 367 134.26 -117.22 -9.38
CA ARG CD 367 134.88 -118.21 -10.25
C ARG CD 367 135.48 -119.39 -9.48
N SER CD 368 134.97 -120.59 -9.76
CA SER CD 368 135.59 -121.83 -9.28
C SER CD 368 136.94 -122.07 -9.97
N ILE CD 369 137.81 -122.84 -9.31
CA ILE CD 369 139.00 -123.42 -9.93
C ILE CD 369 138.61 -124.49 -10.96
N GLY CD 370 137.39 -125.03 -10.86
CA GLY CD 370 136.82 -126.06 -11.72
C GLY CD 370 136.54 -125.53 -13.12
N ALA CD 371 137.12 -126.21 -14.09
CA ALA CD 371 136.77 -126.11 -15.51
C ALA CD 371 136.39 -127.49 -16.01
N CYS CD 372 135.57 -127.55 -17.05
CA CYS CD 372 135.04 -128.79 -17.62
C CYS CD 372 135.29 -128.83 -19.12
N MET CD 373 135.36 -130.05 -19.65
CA MET CD 373 135.43 -130.35 -21.07
C MET CD 373 134.21 -131.19 -21.43
N VAL CD 374 133.45 -130.83 -22.46
CA VAL CD 374 132.42 -131.73 -23.00
C VAL CD 374 133.04 -133.06 -23.41
N THR CD 375 132.37 -134.18 -23.12
CA THR CD 375 132.86 -135.51 -23.48
C THR CD 375 131.84 -136.28 -24.29
N GLU CD 376 130.57 -136.07 -24.02
CA GLU CD 376 129.49 -136.65 -24.81
C GLU CD 376 128.42 -135.60 -25.05
N VAL CD 377 127.94 -135.54 -26.29
CA VAL CD 377 126.82 -134.70 -26.69
C VAL CD 377 125.65 -135.59 -27.08
N LYS CD 378 124.46 -135.21 -26.62
CA LYS CD 378 123.17 -135.78 -27.02
C LYS CD 378 122.34 -134.65 -27.66
N GLU CD 379 121.18 -134.97 -28.22
CA GLU CD 379 120.34 -133.98 -28.91
C GLU CD 379 120.00 -132.74 -28.06
N ARG CD 380 119.76 -132.95 -26.77
CA ARG CD 380 119.32 -131.90 -25.83
C ARG CD 380 120.07 -131.81 -24.52
N THR CD 381 121.13 -132.58 -24.34
CA THR CD 381 121.88 -132.59 -23.08
C THR CD 381 123.31 -132.97 -23.41
N SER CD 382 124.22 -132.77 -22.47
CA SER CD 382 125.61 -133.14 -22.66
C SER CD 382 126.22 -133.55 -21.32
N ASN CD 383 127.19 -134.44 -21.41
CA ASN CD 383 128.05 -134.81 -20.30
C ASN CD 383 129.40 -134.13 -20.49
N CYS CD 384 129.97 -133.58 -19.42
CA CYS CD 384 131.31 -132.99 -19.43
C CYS CD 384 132.17 -133.60 -18.32
N LEU CD 385 133.48 -133.76 -18.55
CA LEU CD 385 134.43 -134.12 -17.51
C LEU CD 385 135.14 -132.82 -16.95
N MET CD 386 134.96 -132.46 -15.69
CA MET CD 386 135.86 -131.64 -14.84
C MET CD 386 137.30 -132.05 -15.06
N THR CD 387 138.08 -131.01 -15.26
CA THR CD 387 139.52 -131.05 -15.46
C THR CD 387 140.28 -131.23 -14.13
N ARG CD 388 139.66 -130.79 -13.02
CA ARG CD 388 140.15 -130.96 -11.64
C ARG CD 388 139.22 -131.86 -10.89
N SER CD 389 139.58 -133.13 -10.94
CA SER CD 389 139.01 -134.27 -10.25
C SER CD 389 139.16 -134.26 -8.71
N LEU CD 390 138.86 -133.07 -8.08
CA LEU CD 390 138.99 -132.87 -6.60
C LEU CD 390 137.85 -132.09 -5.91
N GLU CD 391 136.95 -131.39 -6.63
CA GLU CD 391 135.83 -130.66 -6.00
C GLU CD 391 134.47 -131.16 -6.54
N GLU CD 392 133.60 -131.62 -5.63
CA GLU CD 392 132.17 -131.87 -5.89
C GLU CD 392 131.33 -130.58 -6.04
N LEU CD 393 130.30 -130.60 -6.91
CA LEU CD 393 129.23 -129.58 -7.08
C LEU CD 393 127.79 -130.18 -6.87
N VAL CD 394 126.75 -129.37 -6.61
CA VAL CD 394 125.31 -129.79 -6.64
C VAL CD 394 124.70 -129.54 -8.08
N PRO CD 395 123.38 -129.73 -8.42
CA PRO CD 395 122.81 -128.93 -9.50
C PRO CD 395 122.67 -127.47 -9.06
N GLY CD 396 122.68 -126.61 -10.06
CA GLY CD 396 122.34 -125.20 -9.89
C GLY CD 396 123.55 -124.28 -9.89
N ASP CD 397 124.75 -124.85 -9.67
CA ASP CD 397 125.99 -124.26 -10.18
C ASP CD 397 125.91 -124.19 -11.71
N ARG CD 398 126.34 -123.05 -12.20
CA ARG CD 398 126.15 -122.62 -13.59
C ARG CD 398 127.40 -122.89 -14.45
N ALA DD 69 64.19 -95.77 -72.58
CA ALA DD 69 64.85 -94.73 -71.79
C ALA DD 69 65.22 -95.28 -70.41
N PRO DD 70 65.79 -94.44 -69.54
CA PRO DD 70 65.85 -94.83 -68.12
C PRO DD 70 64.64 -94.33 -67.36
N ARG DD 71 63.51 -95.03 -67.48
CA ARG DD 71 62.31 -94.74 -66.70
C ARG DD 71 61.91 -93.28 -66.82
N GLY DD 72 62.52 -92.43 -66.00
CA GLY DD 72 62.29 -91.00 -66.09
C GLY DD 72 63.22 -90.38 -67.11
N ARG DD 73 64.47 -90.15 -66.72
CA ARG DD 73 65.42 -89.40 -67.55
C ARG DD 73 66.87 -89.74 -67.21
N GLU DD 74 67.54 -88.88 -66.42
CA GLU DD 74 68.92 -89.04 -65.95
C GLU DD 74 69.96 -88.79 -67.04
N SER DD 75 71.23 -88.63 -66.64
CA SER DD 75 72.40 -88.51 -67.51
C SER DD 75 73.64 -88.48 -66.63
N ALA DD 76 74.82 -88.18 -67.23
CA ALA DD 76 76.10 -88.27 -66.51
C ALA DD 76 77.34 -87.59 -67.13
N PRO DD 77 77.30 -87.01 -68.36
CA PRO DD 77 78.49 -86.28 -68.82
C PRO DD 77 78.33 -84.76 -68.94
N GLY DD 78 78.41 -84.24 -70.17
CA GLY DD 78 78.30 -82.81 -70.39
C GLY DD 78 78.32 -82.37 -71.84
N GLU DD 79 77.16 -82.01 -72.38
CA GLU DD 79 77.03 -81.51 -73.74
C GLU DD 79 76.13 -80.27 -73.69
N VAL DD 80 75.57 -79.86 -74.83
CA VAL DD 80 74.93 -78.54 -74.90
C VAL DD 80 73.51 -78.69 -75.42
N HIS DD 81 72.56 -78.00 -74.76
CA HIS DD 81 71.19 -77.89 -75.23
C HIS DD 81 70.89 -76.44 -75.57
N SER DD 82 69.79 -76.22 -76.30
CA SER DD 82 69.41 -74.91 -76.78
C SER DD 82 68.19 -74.41 -76.03
N VAL DD 83 68.22 -73.14 -75.61
CA VAL DD 83 67.11 -72.54 -74.89
C VAL DD 83 66.00 -72.19 -75.86
N GLU DD 84 64.76 -72.40 -75.44
CA GLU DD 84 63.58 -72.02 -76.21
C GLU DD 84 62.90 -70.81 -75.56
N SER DD 85 61.82 -70.37 -76.21
CA SER DD 85 61.17 -69.11 -75.84
C SER DD 85 60.37 -69.28 -74.56
N GLY DD 86 60.66 -68.45 -73.57
CA GLY DD 86 59.99 -68.53 -72.28
C GLY DD 86 60.68 -69.42 -71.27
N ASP DD 87 61.90 -69.87 -71.55
CA ASP DD 87 62.62 -70.82 -70.72
C ASP DD 87 63.60 -70.10 -69.80
N THR DD 88 63.68 -70.58 -68.57
CA THR DD 88 64.73 -70.25 -67.63
C THR DD 88 65.52 -71.52 -67.33
N LEU DD 89 66.60 -71.40 -66.57
CA LEU DD 89 67.30 -72.61 -66.18
C LEU DD 89 66.53 -73.38 -65.11
N TRP DD 90 65.66 -72.70 -64.35
CA TRP DD 90 64.81 -73.45 -63.41
C TRP DD 90 63.86 -74.38 -64.15
N ASP DD 91 63.44 -74.00 -65.36
CA ASP DD 91 62.75 -74.95 -66.25
C ASP DD 91 63.70 -76.02 -66.76
N LEU DD 92 64.59 -75.61 -67.65
CA LEU DD 92 65.54 -76.51 -68.31
C LEU DD 92 66.17 -77.54 -67.35
N SER DD 93 66.21 -77.23 -66.05
CA SER DD 93 66.59 -78.22 -65.06
C SER DD 93 65.50 -79.26 -64.85
N GLN DD 94 64.26 -78.95 -65.21
CA GLN DD 94 63.15 -79.89 -65.09
C GLN DD 94 62.00 -79.44 -65.99
N ARG DD 95 61.70 -80.27 -67.00
CA ARG DD 95 60.56 -80.22 -67.92
C ARG DD 95 60.88 -79.58 -69.27
N TYR DD 96 62.02 -78.91 -69.34
CA TYR DD 96 62.41 -78.20 -70.56
C TYR DD 96 63.58 -78.90 -71.24
N LEU DD 97 63.58 -80.22 -71.21
CA LEU DD 97 64.54 -81.01 -71.98
C LEU DD 97 64.18 -82.49 -71.98
N GLY DD 98 65.18 -83.29 -72.34
CA GLY DD 98 65.09 -84.74 -72.32
C GLY DD 98 65.81 -85.37 -71.13
N SER DD 99 65.92 -84.62 -70.03
CA SER DD 99 66.52 -85.05 -68.77
C SER DD 99 66.27 -83.98 -67.72
N PRO DD 100 66.54 -84.22 -66.44
CA PRO DD 100 66.64 -83.13 -65.49
C PRO DD 100 68.11 -82.81 -65.24
N TRP DD 101 68.33 -81.73 -64.50
CA TRP DD 101 69.64 -81.42 -63.94
C TRP DD 101 69.42 -80.35 -62.89
N TYR DD 102 70.51 -79.73 -62.45
CA TYR DD 102 70.45 -78.76 -61.37
C TYR DD 102 70.75 -77.38 -61.91
N TRP DD 103 69.78 -76.48 -61.80
CA TRP DD 103 69.93 -75.12 -62.33
C TRP DD 103 71.27 -74.46 -61.94
N PRO DD 104 71.71 -74.48 -60.68
CA PRO DD 104 73.00 -73.83 -60.38
C PRO DD 104 74.14 -74.40 -61.22
N LYS DD 105 74.23 -75.73 -61.33
CA LYS DD 105 75.33 -76.39 -62.04
C LYS DD 105 75.46 -75.87 -63.47
N VAL DD 106 74.34 -75.57 -64.11
CA VAL DD 106 74.38 -75.13 -65.50
C VAL DD 106 74.57 -73.62 -65.59
N TRP DD 107 73.95 -72.88 -64.67
CA TRP DD 107 74.34 -71.49 -64.54
C TRP DD 107 75.85 -71.35 -64.39
N SER DD 108 76.52 -72.39 -63.90
CA SER DD 108 77.94 -72.28 -63.68
C SER DD 108 78.76 -72.75 -64.89
N TYR DD 109 78.13 -73.43 -65.85
CA TYR DD 109 78.94 -74.21 -66.78
C TYR DD 109 79.58 -73.37 -67.88
N ASN DD 110 78.75 -72.76 -68.71
CA ASN DD 110 79.25 -71.78 -69.72
C ASN DD 110 78.11 -71.16 -70.53
N PRO DD 111 77.93 -69.84 -70.41
CA PRO DD 111 78.77 -68.89 -69.64
C PRO DD 111 78.49 -68.99 -68.14
N GLU DD 112 79.43 -68.62 -67.28
CA GLU DD 112 79.16 -68.69 -65.84
C GLU DD 112 78.10 -67.67 -65.46
N ILE DD 113 76.86 -68.15 -65.27
CA ILE DD 113 75.74 -67.27 -64.94
C ILE DD 113 75.18 -67.67 -63.57
N ALA DD 114 74.13 -67.01 -63.10
CA ALA DD 114 73.70 -67.18 -61.71
C ALA DD 114 72.24 -67.60 -61.63
N ASN DD 115 71.94 -68.40 -60.60
CA ASN DD 115 70.76 -69.30 -60.63
C ASN DD 115 69.41 -68.62 -60.68
N PRO DD 116 69.24 -67.31 -60.38
CA PRO DD 116 67.98 -66.66 -60.74
C PRO DD 116 68.19 -65.50 -61.70
N HIS DD 117 69.15 -65.63 -62.63
CA HIS DD 117 69.53 -64.55 -63.52
C HIS DD 117 68.71 -64.54 -64.81
N TRP DD 118 67.94 -65.60 -65.07
CA TRP DD 118 67.02 -65.73 -66.21
C TRP DD 118 67.71 -65.62 -67.57
N ILE DD 119 67.46 -66.61 -68.44
CA ILE DD 119 68.12 -66.65 -69.74
C ILE DD 119 67.21 -66.09 -70.83
N TYR DD 120 67.56 -66.39 -72.07
CA TYR DD 120 66.89 -65.90 -73.27
C TYR DD 120 66.81 -67.02 -74.30
N PRO DD 121 65.79 -67.00 -75.16
CA PRO DD 121 65.69 -68.04 -76.20
C PRO DD 121 66.79 -67.92 -77.23
N GLY DD 122 67.11 -69.05 -77.85
CA GLY DD 122 68.19 -69.09 -78.82
C GLY DD 122 69.57 -69.22 -78.22
N ASN DD 123 69.68 -69.41 -76.91
CA ASN DD 123 70.97 -69.54 -76.24
C ASN DD 123 71.36 -71.01 -76.13
N GLN DD 124 72.67 -71.25 -76.04
CA GLN DD 124 73.22 -72.58 -75.88
C GLN DD 124 73.84 -72.70 -74.49
N VAL DD 125 73.58 -73.82 -73.83
CA VAL DD 125 73.87 -73.97 -72.41
C VAL DD 125 74.27 -75.42 -72.13
N ARG DD 126 75.34 -75.60 -71.35
CA ARG DD 126 75.99 -76.88 -71.21
C ARG DD 126 75.28 -77.75 -70.17
N PHE DD 127 74.60 -78.80 -70.65
CA PHE DD 127 73.79 -79.67 -69.79
C PHE DD 127 74.25 -81.12 -69.77
N PHE DD 128 74.73 -81.56 -68.61
CA PHE DD 128 74.69 -82.93 -68.07
C PHE DD 128 75.45 -82.82 -66.73
N ALA DD 129 75.03 -83.58 -65.70
CA ALA DD 129 75.68 -83.52 -64.39
C ALA DD 129 75.20 -84.68 -63.54
N ALA DD 130 76.16 -85.43 -62.98
CA ALA DD 130 75.85 -86.55 -62.10
C ALA DD 130 76.79 -86.58 -60.89
N LYS DD 298 96.49 -127.63 -44.66
CA LYS DD 298 97.15 -127.90 -43.38
C LYS DD 298 98.02 -129.16 -43.43
N GLN DD 299 99.02 -129.25 -42.56
CA GLN DD 299 99.79 -130.48 -42.41
C GLN DD 299 98.97 -131.60 -41.76
N VAL DD 300 99.38 -132.81 -42.14
CA VAL DD 300 99.11 -134.05 -41.44
C VAL DD 300 100.40 -134.47 -40.77
N ASP DD 301 100.40 -134.47 -39.44
CA ASP DD 301 101.60 -134.71 -38.66
C ASP DD 301 101.37 -136.02 -37.88
N GLY DD 302 102.00 -137.08 -38.41
CA GLY DD 302 102.01 -138.40 -37.79
C GLY DD 302 102.92 -138.40 -36.56
N THR DD 303 102.38 -138.93 -35.46
CA THR DD 303 103.07 -139.05 -34.18
C THR DD 303 103.34 -140.49 -33.82
N VAL DD 304 104.49 -140.71 -33.17
CA VAL DD 304 104.80 -141.96 -32.50
C VAL DD 304 103.69 -142.26 -31.46
N ILE DD 305 103.07 -143.46 -31.50
CA ILE DD 305 102.06 -143.91 -30.52
C ILE DD 305 102.58 -144.94 -29.49
N THR DD 306 103.67 -145.66 -29.79
CA THR DD 306 104.42 -146.38 -28.73
C THR DD 306 105.53 -145.54 -28.06
N ALA DD 307 105.73 -145.75 -26.73
CA ALA DD 307 107.08 -145.63 -26.14
C ALA DD 307 107.55 -147.02 -25.72
N LEU DD 308 108.86 -147.15 -25.46
CA LEU DD 308 109.49 -148.37 -24.93
C LEU DD 308 109.60 -149.57 -25.88
N VAL DD 309 109.37 -149.45 -27.21
CA VAL DD 309 109.58 -150.61 -28.11
C VAL DD 309 111.06 -151.03 -28.02
N PRO DD 310 111.48 -152.08 -28.77
CA PRO DD 310 112.88 -152.28 -29.18
C PRO DD 310 113.55 -151.13 -30.03
N TYR DD 311 113.53 -149.82 -29.59
CA TYR DD 311 114.05 -148.70 -30.43
C TYR DD 311 115.54 -148.73 -30.90
N LEU DD 312 116.29 -149.69 -30.38
CA LEU DD 312 117.70 -149.88 -30.72
C LEU DD 312 118.02 -150.99 -31.75
N THR DD 313 117.05 -151.83 -32.20
CA THR DD 313 117.32 -153.22 -32.65
C THR DD 313 118.27 -154.13 -31.81
N VAL DD 314 119.33 -153.65 -31.05
CA VAL DD 314 120.46 -154.57 -30.78
C VAL DD 314 120.02 -155.82 -30.02
N LEU DD 315 119.27 -155.64 -28.93
CA LEU DD 315 118.97 -156.76 -28.04
C LEU DD 315 117.97 -157.78 -28.64
N GLY DD 316 117.07 -157.33 -29.52
CA GLY DD 316 115.97 -158.15 -30.08
C GLY DD 316 115.92 -158.34 -31.62
N GLU DD 317 116.80 -157.60 -32.33
CA GLU DD 317 116.87 -157.46 -33.81
C GLU DD 317 115.66 -156.80 -34.52
N ASN DD 318 114.59 -156.48 -33.78
CA ASN DD 318 113.34 -155.96 -34.36
C ASN DD 318 113.10 -154.54 -33.85
N HIS DD 319 113.69 -153.55 -34.50
CA HIS DD 319 113.39 -152.18 -34.14
C HIS DD 319 112.06 -151.74 -34.73
N SER DD 320 111.11 -151.17 -34.01
CA SER DD 320 109.95 -150.51 -34.66
C SER DD 320 109.58 -149.16 -34.00
N ILE DD 321 108.63 -148.45 -34.65
CA ILE DD 321 107.81 -147.33 -34.12
C ILE DD 321 106.38 -147.67 -34.64
N VAL DD 322 105.31 -147.38 -33.90
CA VAL DD 322 103.92 -147.39 -34.40
C VAL DD 322 103.43 -145.94 -34.56
N VAL DD 323 102.58 -145.61 -35.55
CA VAL DD 323 101.69 -144.42 -35.48
C VAL DD 323 100.24 -144.76 -35.11
N ASP DD 324 99.50 -143.74 -34.67
CA ASP DD 324 98.03 -143.69 -34.80
C ASP DD 324 97.68 -143.01 -36.15
N LYS DD 325 96.82 -143.67 -36.98
CA LYS DD 325 96.01 -143.01 -38.03
C LYS DD 325 94.51 -143.33 -37.86
N GLY DD 326 93.68 -142.59 -38.62
CA GLY DD 326 92.31 -143.00 -38.92
C GLY DD 326 92.32 -143.90 -40.16
N SER DD 327 91.34 -143.81 -41.08
CA SER DD 327 91.36 -144.65 -42.29
C SER DD 327 92.68 -144.56 -43.11
N ALA DD 328 92.84 -145.43 -44.11
CA ALA DD 328 94.03 -145.50 -44.98
C ALA DD 328 94.63 -144.11 -45.30
N ASP DD 329 95.80 -143.78 -44.73
CA ASP DD 329 96.33 -142.40 -44.79
C ASP DD 329 97.29 -142.25 -46.00
N GLY DD 330 97.11 -143.07 -47.04
CA GLY DD 330 98.04 -143.18 -48.17
C GLY DD 330 99.45 -143.69 -47.80
N VAL DD 331 99.61 -144.32 -46.62
CA VAL DD 331 100.87 -144.93 -46.21
C VAL DD 331 101.18 -146.16 -47.08
N GLU DD 332 102.38 -146.17 -47.64
CA GLU DD 332 102.93 -147.22 -48.49
C GLU DD 332 104.19 -147.81 -47.85
N LEU DD 333 104.47 -149.09 -48.13
CA LEU DD 333 105.55 -149.86 -47.50
C LEU DD 333 106.97 -149.32 -47.73
N GLY DD 334 107.24 -148.55 -48.79
CA GLY DD 334 108.57 -147.98 -49.01
C GLY DD 334 108.83 -146.65 -48.29
N ASN DD 335 107.77 -146.02 -47.75
CA ASN DD 335 107.83 -144.63 -47.33
C ASN DD 335 108.91 -144.38 -46.25
N THR DD 336 109.64 -143.27 -46.43
CA THR DD 336 110.66 -142.79 -45.48
C THR DD 336 110.15 -141.58 -44.73
N PHE DD 337 110.37 -141.54 -43.42
CA PHE DD 337 109.96 -140.43 -42.55
C PHE DD 337 111.10 -139.86 -41.71
N ASN DD 338 111.09 -138.55 -41.51
CA ASN DD 338 112.03 -137.86 -40.63
C ASN DD 338 111.36 -137.68 -39.24
N ILE DD 339 112.08 -138.01 -38.17
CA ILE DD 339 111.64 -137.72 -36.80
C ILE DD 339 112.14 -136.32 -36.44
N LEU DD 340 111.30 -135.54 -35.79
CA LEU DD 340 111.61 -134.23 -35.23
C LEU DD 340 111.15 -134.19 -33.74
N ARG DD 341 111.79 -133.33 -32.94
CA ARG DD 341 111.57 -133.14 -31.50
C ARG DD 341 111.38 -131.65 -31.21
N LYS DD 342 110.48 -131.31 -30.28
CA LYS DD 342 110.37 -129.92 -29.80
C LYS DD 342 111.42 -129.77 -28.73
N GLY DD 343 112.22 -128.72 -28.87
CA GLY DD 343 113.23 -128.41 -27.87
C GLY DD 343 113.35 -126.92 -27.59
N ASP DD 344 114.32 -126.67 -26.73
CA ASP DD 344 114.65 -125.35 -26.23
C ASP DD 344 116.16 -125.14 -25.99
N PRO DD 345 117.13 -125.56 -26.87
CA PRO DD 345 118.28 -124.69 -26.99
C PRO DD 345 117.92 -123.53 -27.90
N SER DD 346 118.57 -122.42 -27.60
CA SER DD 346 118.95 -121.44 -28.58
C SER DD 346 120.45 -121.20 -28.50
N ARG DD 347 120.93 -120.38 -29.42
CA ARG DD 347 122.29 -119.83 -29.34
C ARG DD 347 122.43 -118.72 -28.29
N HIS DD 348 121.36 -117.98 -27.97
CA HIS DD 348 121.41 -116.80 -27.11
C HIS DD 348 120.32 -116.79 -26.02
N VAL DD 349 120.32 -117.74 -25.05
CA VAL DD 349 119.31 -117.71 -23.95
C VAL DD 349 119.27 -116.37 -23.17
N LEU DD 350 120.37 -115.59 -23.15
CA LEU DD 350 120.43 -114.34 -22.37
C LEU DD 350 119.26 -113.41 -22.65
N GLY DD 351 118.81 -113.39 -23.92
CA GLY DD 351 117.59 -112.68 -24.31
C GLY DD 351 116.36 -113.35 -23.69
N HIS DD 352 116.08 -114.61 -24.08
CA HIS DD 352 114.98 -115.43 -23.55
C HIS DD 352 114.97 -116.90 -24.05
N ASP DD 353 114.30 -117.78 -23.29
CA ASP DD 353 113.89 -119.13 -23.71
C ASP DD 353 112.46 -119.54 -23.19
N VAL DD 354 111.36 -118.89 -23.65
CA VAL DD 354 109.95 -119.42 -23.41
C VAL DD 354 109.49 -120.31 -24.61
N ARG DD 355 108.11 -120.44 -24.68
CA ARG DD 355 107.31 -120.91 -25.85
C ARG DD 355 106.23 -119.98 -26.48
N LYS DD 356 105.93 -118.78 -25.95
CA LYS DD 356 104.91 -117.84 -26.55
C LYS DD 356 105.29 -117.58 -28.01
N PRO DD 357 104.53 -117.51 -29.14
CA PRO DD 357 105.25 -117.19 -30.40
C PRO DD 357 105.66 -115.69 -30.42
N SER DD 358 106.41 -115.30 -31.46
CA SER DD 358 106.68 -113.92 -31.94
C SER DD 358 108.07 -113.33 -31.62
N LYS DD 359 109.01 -114.05 -31.04
CA LYS DD 359 110.42 -113.57 -30.95
C LYS DD 359 111.33 -114.51 -31.78
N GLU DD 360 112.63 -114.49 -31.44
CA GLU DD 360 113.71 -115.26 -32.07
C GLU DD 360 113.67 -116.78 -31.78
N GLU DD 361 113.54 -117.17 -30.50
CA GLU DD 361 113.49 -118.57 -30.06
C GLU DD 361 112.07 -119.19 -29.98
N GLN DD 362 111.51 -119.26 -28.75
CA GLN DD 362 110.16 -119.71 -28.35
C GLN DD 362 109.85 -121.19 -28.56
N SER DD 363 110.79 -122.07 -28.21
CA SER DD 363 110.91 -123.43 -28.74
C SER DD 363 111.43 -123.43 -30.18
N PHE DD 364 111.97 -124.56 -30.59
CA PHE DD 364 112.43 -124.83 -31.95
C PHE DD 364 112.03 -126.26 -32.36
N PRO DD 365 111.56 -126.51 -33.63
CA PRO DD 365 111.30 -127.86 -34.12
C PRO DD 365 112.62 -128.51 -34.56
N TRP DD 366 113.25 -129.27 -33.66
CA TRP DD 366 114.59 -129.81 -33.87
C TRP DD 366 114.59 -131.13 -34.64
N ARG DD 367 115.35 -131.17 -35.74
CA ARG DD 367 115.52 -132.40 -36.50
C ARG DD 367 116.40 -133.42 -35.80
N SER DD 368 115.81 -134.60 -35.52
CA SER DD 368 116.58 -135.75 -35.06
C SER DD 368 117.49 -136.30 -36.16
N ILE DD 369 118.56 -136.99 -35.77
CA ILE DD 369 119.35 -137.84 -36.67
C ILE DD 369 118.53 -139.07 -37.13
N GLY DD 370 117.48 -139.42 -36.37
CA GLY DD 370 116.59 -140.55 -36.62
C GLY DD 370 115.72 -140.32 -37.85
N ALA DD 371 115.80 -141.27 -38.76
CA ALA DD 371 114.87 -141.44 -39.87
C ALA DD 371 114.30 -142.85 -39.80
N CYS DD 372 113.10 -143.05 -40.33
CA CYS DD 372 112.38 -144.31 -40.28
C CYS DD 372 111.92 -144.72 -41.68
N MET DD 373 111.76 -146.03 -41.87
CA MET DD 373 111.20 -146.65 -43.05
C MET DD 373 109.93 -147.40 -42.62
N VAL DD 374 108.81 -147.20 -43.29
CA VAL DD 374 107.64 -148.07 -43.09
C VAL DD 374 108.01 -149.53 -43.37
N THR DD 375 107.53 -150.46 -42.56
CA THR DD 375 107.81 -151.90 -42.76
C THR DD 375 106.53 -152.71 -42.82
N GLU DD 376 105.51 -152.29 -42.09
CA GLU DD 376 104.19 -152.91 -42.17
C GLU DD 376 103.13 -151.82 -42.18
N VAL DD 377 102.16 -151.98 -43.06
CA VAL DD 377 100.97 -151.14 -43.15
C VAL DD 377 99.74 -151.96 -42.77
N LYS DD 378 98.88 -151.36 -41.95
CA LYS DD 378 97.55 -151.84 -41.60
C LYS DD 378 96.54 -150.80 -42.08
N GLU DD 379 95.24 -151.11 -42.00
CA GLU DD 379 94.18 -150.20 -42.48
C GLU DD 379 94.26 -148.77 -41.92
N ARG DD 380 94.61 -148.66 -40.64
CA ARG DD 380 94.63 -147.38 -39.91
C ARG DD 380 95.89 -147.07 -39.11
N THR DD 381 96.91 -147.90 -39.21
CA THR DD 381 98.14 -147.73 -38.43
C THR DD 381 99.28 -148.33 -39.24
N SER DD 382 100.51 -148.03 -38.85
CA SER DD 382 101.69 -148.58 -39.52
C SER DD 382 102.81 -148.75 -38.53
N ASN DD 383 103.64 -149.75 -38.80
CA ASN DD 383 104.90 -149.95 -38.10
C ASN DD 383 106.02 -149.48 -39.02
N CYS DD 384 107.01 -148.78 -38.48
CA CYS DD 384 108.21 -148.36 -39.21
C CYS DD 384 109.48 -148.80 -38.46
N LEU DD 385 110.55 -149.16 -39.16
CA LEU DD 385 111.86 -149.37 -38.58
C LEU DD 385 112.75 -148.08 -38.73
N MET DD 386 113.15 -147.42 -37.64
CA MET DD 386 114.33 -146.54 -37.50
C MET DD 386 115.52 -147.15 -38.21
N THR DD 387 116.14 -146.28 -38.98
CA THR DD 387 117.35 -146.52 -39.76
C THR DD 387 118.61 -146.49 -38.88
N ARG DD 388 118.55 -145.73 -37.76
CA ARG DD 388 119.60 -145.65 -36.74
C ARG DD 388 119.09 -146.24 -35.46
N SER DD 389 119.39 -147.51 -35.33
CA SER DD 389 119.17 -148.41 -34.21
C SER DD 389 119.99 -148.06 -32.93
N LEU DD 390 120.01 -146.74 -32.55
CA LEU DD 390 120.78 -146.22 -31.38
C LEU DD 390 120.06 -145.19 -30.49
N GLU DD 391 118.95 -144.56 -30.91
CA GLU DD 391 118.21 -143.59 -30.06
C GLU DD 391 116.76 -144.04 -29.84
N GLU DD 392 116.37 -144.18 -28.56
CA GLU DD 392 114.98 -144.32 -28.11
C GLU DD 392 114.16 -143.00 -28.20
N LEU DD 393 112.85 -143.11 -28.51
CA LEU DD 393 111.82 -142.04 -28.47
C LEU DD 393 110.62 -142.41 -27.51
N VAL DD 394 109.80 -141.43 -27.04
CA VAL DD 394 108.49 -141.69 -26.34
C VAL DD 394 107.32 -141.70 -27.39
N PRO DD 395 105.98 -141.81 -27.08
CA PRO DD 395 104.99 -141.22 -27.99
C PRO DD 395 105.09 -139.70 -27.91
N GLY DD 396 104.64 -139.08 -29.00
CA GLY DD 396 104.41 -137.64 -29.06
C GLY DD 396 105.51 -136.89 -29.81
N ASP DD 397 106.67 -137.53 -29.98
CA ASP DD 397 107.55 -137.22 -31.11
C ASP DD 397 106.81 -137.49 -32.42
N ARG DD 398 106.98 -136.55 -33.33
CA ARG DD 398 106.20 -136.42 -34.55
C ARG DD 398 106.94 -137.02 -35.76
N ALA ED 69 24.91 -116.95 -66.02
CA ALA ED 69 25.85 -115.84 -65.89
C ALA ED 69 26.79 -116.09 -64.70
N PRO ED 70 27.69 -115.15 -64.41
CA PRO ED 70 28.36 -115.20 -63.11
C PRO ED 70 27.62 -114.41 -62.05
N ARG ED 71 26.55 -114.99 -61.50
CA ARG ED 71 25.82 -114.39 -60.38
C ARG ED 71 25.40 -112.96 -60.69
N GLY ED 72 26.31 -112.02 -60.45
CA GLY ED 72 26.07 -110.63 -60.81
C GLY ED 72 26.45 -110.37 -62.25
N ARG ED 73 27.75 -110.20 -62.50
CA ARG ED 73 28.23 -109.78 -63.81
C ARG ED 73 29.68 -110.19 -64.06
N GLU ED 74 30.63 -109.26 -63.88
CA GLU ED 74 32.08 -109.46 -64.02
C GLU ED 74 32.54 -109.58 -65.47
N SER ED 75 33.85 -109.48 -65.69
CA SER ED 75 34.52 -109.69 -66.98
C SER ED 75 36.03 -109.61 -66.76
N ALA ED 76 36.82 -109.58 -67.85
CA ALA ED 76 38.28 -109.65 -67.75
C ALA ED 76 39.12 -109.28 -68.99
N PRO ED 77 38.54 -108.99 -70.19
CA PRO ED 77 39.41 -108.52 -71.29
C PRO ED 77 39.21 -107.08 -71.71
N GLY ED 78 38.75 -106.86 -72.94
CA GLY ED 78 38.54 -105.51 -73.45
C GLY ED 78 37.92 -105.43 -74.84
N GLU ED 79 36.64 -105.07 -74.90
CA GLU ED 79 35.92 -104.89 -76.16
C GLU ED 79 35.15 -103.58 -76.04
N VAL ED 80 34.14 -103.37 -76.90
CA VAL ED 80 33.53 -102.05 -77.02
C VAL ED 80 32.02 -102.14 -76.82
N HIS ED 81 31.47 -101.23 -76.03
CA HIS ED 81 30.03 -101.07 -75.89
C HIS ED 81 29.61 -99.70 -76.44
N SER ED 82 28.31 -99.55 -76.65
CA SER ED 82 27.74 -98.34 -77.24
C SER ED 82 26.99 -97.54 -76.19
N VAL ED 83 27.20 -96.22 -76.18
CA VAL ED 83 26.51 -95.35 -75.23
C VAL ED 83 25.09 -95.11 -75.69
N GLU ED 84 24.16 -95.08 -74.74
CA GLU ED 84 22.78 -94.75 -75.00
C GLU ED 84 22.44 -93.36 -74.46
N SER ED 85 21.19 -92.96 -74.68
CA SER ED 85 20.78 -91.59 -74.40
C SER ED 85 20.62 -91.37 -72.90
N GLY ED 86 21.32 -90.37 -72.38
CA GLY ED 86 21.29 -90.08 -70.96
C GLY ED 86 22.35 -90.79 -70.15
N ASP ED 87 23.31 -91.42 -70.80
CA ASP ED 87 24.33 -92.22 -70.14
C ASP ED 87 25.61 -91.43 -69.94
N THR ED 88 26.23 -91.62 -68.78
CA THR ED 88 27.59 -91.20 -68.51
C THR ED 88 28.43 -92.45 -68.25
N LEU ED 89 29.73 -92.28 -68.08
CA LEU ED 89 30.53 -93.44 -67.73
C LEU ED 89 30.32 -93.85 -66.27
N TRP ED 90 29.86 -92.93 -65.42
CA TRP ED 90 29.51 -93.33 -64.06
C TRP ED 90 28.33 -94.30 -64.06
N ASP ED 91 27.42 -94.17 -65.02
CA ASP ED 91 26.41 -95.20 -65.25
C ASP ED 91 27.04 -96.47 -65.83
N LEU ED 92 27.45 -96.38 -67.09
CA LEU ED 92 28.01 -97.52 -67.83
C LEU ED 92 29.00 -98.35 -67.00
N SER ED 93 29.61 -97.75 -65.97
CA SER ED 93 30.39 -98.53 -65.03
C SER ED 93 29.50 -99.36 -64.11
N GLN ED 94 28.22 -98.99 -63.97
CA GLN ED 94 27.28 -99.75 -63.16
C GLN ED 94 25.86 -99.41 -63.56
N ARG ED 95 25.14 -100.41 -64.10
CA ARG ED 95 23.70 -100.44 -64.42
C ARG ED 95 23.41 -100.17 -65.89
N TYR ED 96 24.39 -99.67 -66.62
CA TYR ED 96 24.21 -99.30 -68.01
C TYR ED 96 24.97 -100.27 -68.92
N LEU ED 97 24.98 -101.54 -68.56
CA LEU ED 97 25.49 -102.58 -69.44
C LEU ED 97 25.18 -103.97 -68.91
N GLY ED 98 25.91 -104.95 -69.44
CA GLY ED 98 25.84 -106.33 -69.02
C GLY ED 98 27.00 -106.75 -68.13
N SER ED 99 27.59 -105.77 -67.41
CA SER ED 99 28.68 -105.97 -66.47
C SER ED 99 28.93 -104.67 -65.72
N PRO ED 100 29.73 -104.64 -64.65
CA PRO ED 100 30.23 -103.37 -64.16
C PRO ED 100 31.67 -103.18 -64.64
N TRP ED 101 32.20 -102.00 -64.37
CA TRP ED 101 33.62 -101.72 -64.53
C TRP ED 101 33.88 -100.39 -63.81
N TYR ED 102 35.05 -99.83 -64.03
CA TYR ED 102 35.47 -98.63 -63.32
C TYR ED 102 35.51 -97.47 -64.27
N TRP ED 103 34.68 -96.46 -64.00
CA TRP ED 103 34.59 -95.28 -64.88
C TRP ED 103 35.95 -94.71 -65.27
N PRO ED 104 36.91 -94.48 -64.36
CA PRO ED 104 38.20 -93.94 -64.82
C PRO ED 104 38.86 -94.81 -65.88
N LYS ED 105 38.89 -96.12 -65.67
CA LYS ED 105 39.56 -97.04 -66.58
C LYS ED 105 39.05 -96.90 -68.02
N VAL ED 106 37.76 -96.62 -68.18
CA VAL ED 106 37.18 -96.53 -69.52
C VAL ED 106 37.32 -95.11 -70.05
N TRP ED 107 37.17 -94.11 -69.18
CA TRP ED 107 37.57 -92.77 -69.59
C TRP ED 107 38.99 -92.78 -70.14
N SER ED 108 39.80 -93.75 -69.73
CA SER ED 108 41.19 -93.75 -70.18
C SER ED 108 41.38 -94.57 -71.46
N TYR ED 109 40.41 -95.39 -71.85
CA TYR ED 109 40.73 -96.45 -72.80
C TYR ED 109 40.81 -95.95 -74.24
N ASN ED 110 39.69 -95.46 -74.77
CA ASN ED 110 39.69 -94.80 -76.11
C ASN ED 110 38.32 -94.26 -76.48
N PRO ED 111 38.21 -92.93 -76.64
CA PRO ED 111 39.30 -91.94 -76.58
C PRO ED 111 39.71 -91.66 -75.13
N GLU ED 112 40.93 -91.20 -74.88
CA GLU ED 112 41.33 -90.91 -73.49
C GLU ED 112 40.53 -89.73 -72.97
N ILE ED 113 39.51 -89.99 -72.16
CA ILE ED 113 38.65 -88.95 -71.62
C ILE ED 113 38.75 -88.96 -70.09
N ALA ED 114 38.02 -88.08 -69.40
CA ALA ED 114 38.25 -87.89 -67.97
C ALA ED 114 36.97 -88.11 -67.16
N ASN ED 115 37.15 -88.62 -65.94
CA ASN ED 115 36.09 -89.36 -65.24
C ASN ED 115 34.85 -88.56 -64.87
N PRO ED 116 34.83 -87.21 -64.88
CA PRO ED 116 33.54 -86.52 -64.83
C PRO ED 116 33.31 -85.63 -66.05
N HIS ED 117 33.75 -86.09 -67.22
CA HIS ED 117 33.69 -85.28 -68.44
C HIS ED 117 32.40 -85.49 -69.22
N TRP ED 118 31.59 -86.49 -68.84
CA TRP ED 118 30.27 -86.77 -69.40
C TRP ED 118 30.28 -87.06 -70.90
N ILE ED 119 29.68 -88.18 -71.30
CA ILE ED 119 29.68 -88.60 -72.70
C ILE ED 119 28.40 -88.20 -73.39
N TYR ED 120 28.16 -88.81 -74.55
CA TYR ED 120 27.04 -88.55 -75.42
C TYR ED 120 26.51 -89.85 -76.00
N PRO ED 121 25.22 -89.92 -76.32
CA PRO ED 121 24.67 -91.15 -76.90
C PRO ED 121 25.20 -91.39 -78.31
N GLY ED 122 25.22 -92.66 -78.70
CA GLY ED 122 25.76 -93.05 -79.98
C GLY ED 122 27.27 -93.20 -80.02
N ASN ED 123 27.94 -93.09 -78.87
CA ASN ED 123 29.39 -93.20 -78.80
C ASN ED 123 29.80 -94.64 -78.50
N GLN ED 124 31.01 -95.00 -78.92
CA GLN ED 124 31.57 -96.31 -78.66
C GLN ED 124 32.74 -96.18 -77.71
N VAL ED 125 32.80 -97.08 -76.73
CA VAL ED 125 33.69 -96.93 -75.59
C VAL ED 125 34.17 -98.31 -75.15
N ARG ED 126 35.46 -98.43 -74.88
CA ARG ED 126 36.12 -99.71 -74.70
C ARG ED 126 35.93 -100.23 -73.28
N PHE ED 127 35.12 -101.28 -73.13
CA PHE ED 127 34.77 -101.83 -71.82
C PHE ED 127 35.19 -103.28 -71.63
N PHE ED 128 36.13 -103.48 -70.70
CA PHE ED 128 36.33 -104.69 -69.88
C PHE ED 128 37.61 -104.37 -69.06
N ALA ED 129 37.67 -104.81 -67.81
CA ALA ED 129 38.83 -104.52 -66.96
C ALA ED 129 38.79 -105.40 -65.71
N ALA ED 130 39.89 -106.10 -65.44
CA ALA ED 130 40.00 -106.94 -64.25
C ALA ED 130 41.38 -106.80 -63.60
N LYS ED 298 65.84 -144.89 -47.56
CA LYS ED 298 67.00 -144.94 -46.68
C LYS ED 298 67.74 -146.28 -46.77
N GLN ED 299 69.03 -146.28 -46.42
CA GLN ED 299 69.78 -147.53 -46.31
C GLN ED 299 69.35 -148.36 -45.10
N VAL ED 300 69.53 -149.66 -45.31
CA VAL ED 300 69.60 -150.68 -44.28
C VAL ED 300 71.05 -151.08 -44.12
N ASP ED 301 71.63 -150.78 -42.98
CA ASP ED 301 73.06 -150.97 -42.76
C ASP ED 301 73.20 -152.03 -41.64
N GLY ED 302 73.52 -153.26 -42.11
CA GLY ED 302 73.80 -154.39 -41.23
C GLY ED 302 75.16 -154.22 -40.56
N THR ED 303 75.16 -154.43 -39.25
CA THR ED 303 76.36 -154.33 -38.41
C THR ED 303 76.75 -155.67 -37.84
N VAL ED 304 78.06 -155.87 -37.71
CA VAL ED 304 78.63 -156.96 -36.94
C VAL ED 304 78.09 -156.89 -35.49
N ILE ED 305 77.52 -157.99 -34.96
CA ILE ED 305 77.05 -158.09 -33.56
C ILE ED 305 77.97 -158.90 -32.62
N THR ED 306 78.82 -159.79 -33.17
CA THR ED 306 79.95 -160.34 -32.38
C THR ED 306 81.24 -159.51 -32.49
N ALA ED 307 82.02 -159.42 -31.37
CA ALA ED 307 83.48 -159.33 -31.45
C ALA ED 307 84.09 -160.64 -30.95
N LEU ED 308 85.38 -160.86 -31.25
CA LEU ED 308 86.18 -161.98 -30.76
C LEU ED 308 85.85 -163.38 -31.31
N VAL ED 309 85.05 -163.53 -32.40
CA VAL ED 309 84.85 -164.88 -32.98
C VAL ED 309 86.21 -165.45 -33.43
N PRO ED 310 86.25 -166.67 -34.00
CA PRO ED 310 87.33 -167.11 -34.90
C PRO ED 310 87.56 -166.27 -36.21
N TYR ED 311 87.73 -164.91 -36.16
CA TYR ED 311 87.82 -164.08 -37.40
C TYR ED 311 88.96 -164.37 -38.43
N LEU ED 312 89.87 -165.28 -38.05
CA LEU ED 312 90.98 -165.70 -38.90
C LEU ED 312 90.79 -167.04 -39.66
N THR ED 313 89.73 -167.83 -39.41
CA THR ED 313 89.77 -169.32 -39.57
C THR ED 313 90.99 -170.12 -39.02
N VAL ED 314 92.27 -169.60 -38.94
CA VAL ED 314 93.40 -170.56 -38.95
C VAL ED 314 93.34 -171.54 -37.79
N LEU ED 315 93.16 -171.04 -36.56
CA LEU ED 315 93.28 -171.89 -35.38
C LEU ED 315 92.11 -172.89 -35.22
N GLY ED 316 90.91 -172.56 -35.70
CA GLY ED 316 89.68 -173.35 -35.53
C GLY ED 316 88.96 -173.88 -36.78
N GLU ED 317 89.42 -173.44 -37.97
CA GLU ED 317 88.84 -173.63 -39.31
C GLU ED 317 87.44 -173.02 -39.58
N ASN ED 318 86.80 -172.42 -38.56
CA ASN ED 318 85.44 -171.91 -38.68
C ASN ED 318 85.45 -170.39 -38.48
N HIS ED 319 85.69 -169.64 -39.54
CA HIS ED 319 85.59 -168.19 -39.43
C HIS ED 319 84.13 -167.76 -39.50
N SER ED 320 83.59 -166.93 -38.61
CA SER ED 320 82.27 -166.31 -38.84
C SER ED 320 82.23 -164.82 -38.47
N ILE ED 321 81.11 -164.16 -38.79
CA ILE ED 321 80.59 -162.87 -38.28
C ILE ED 321 79.09 -163.15 -38.04
N VAL ED 322 78.46 -162.57 -37.00
CA VAL ED 322 76.99 -162.55 -36.83
C VAL ED 322 76.50 -161.12 -37.14
N VAL ED 323 75.28 -160.93 -37.71
CA VAL ED 323 74.52 -159.66 -37.58
C VAL ED 323 73.38 -159.74 -36.54
N ASP ED 324 72.91 -158.57 -36.11
CA ASP ED 324 71.53 -158.39 -35.60
C ASP ED 324 70.63 -158.00 -36.80
N LYS ED 325 69.49 -158.71 -36.98
CA LYS ED 325 68.30 -158.22 -37.72
C LYS ED 325 67.03 -158.32 -36.84
N GLY ED 326 65.96 -157.68 -37.34
CA GLY ED 326 64.59 -157.99 -36.92
C GLY ED 326 64.05 -159.14 -37.76
N SER ED 327 62.77 -159.14 -38.16
CA SER ED 327 62.24 -160.24 -39.02
C SER ED 327 63.06 -160.49 -40.30
N ALA ED 328 62.77 -161.58 -41.02
CA ALA ED 328 63.45 -161.98 -42.26
C ALA ED 328 63.84 -160.78 -43.16
N ASP ED 329 65.15 -160.45 -43.24
CA ASP ED 329 65.60 -159.20 -43.88
C ASP ED 329 65.93 -159.42 -45.38
N GLY ED 330 65.31 -160.44 -45.98
CA GLY ED 330 65.64 -160.91 -47.35
C GLY ED 330 67.05 -161.48 -47.50
N VAL ED 331 67.73 -161.83 -46.39
CA VAL ED 331 69.04 -162.49 -46.41
C VAL ED 331 68.93 -163.90 -46.99
N GLU ED 332 69.76 -164.18 -47.99
CA GLU ED 332 69.88 -165.44 -48.68
C GLU ED 332 71.29 -166.02 -48.52
N LEU ED 333 71.40 -167.35 -48.56
CA LEU ED 333 72.64 -168.08 -48.27
C LEU ED 333 73.82 -167.77 -49.22
N GLY ED 334 73.60 -167.29 -50.45
CA GLY ED 334 74.70 -166.94 -51.36
C GLY ED 334 75.24 -165.52 -51.19
N ASN ED 335 74.54 -164.67 -50.41
CA ASN ED 335 74.79 -163.23 -50.42
C ASN ED 335 76.23 -162.87 -50.03
N THR ED 336 76.81 -161.93 -50.76
CA THR ED 336 78.15 -161.38 -50.51
C THR ED 336 78.03 -159.96 -49.95
N PHE ED 337 78.80 -159.65 -48.90
CA PHE ED 337 78.83 -158.34 -48.25
C PHE ED 337 80.21 -157.74 -48.16
N ASN ED 338 80.30 -156.41 -48.31
CA ASN ED 338 81.54 -155.65 -48.12
C ASN ED 338 81.55 -155.09 -46.68
N ILE ED 339 82.66 -155.27 -45.97
CA ILE ED 339 82.87 -154.61 -44.67
C ILE ED 339 83.49 -153.24 -44.92
N LEU ED 340 83.02 -152.23 -44.20
CA LEU ED 340 83.55 -150.88 -44.17
C LEU ED 340 83.80 -150.45 -42.70
N ARG ED 341 84.73 -149.51 -42.49
CA ARG ED 341 85.16 -148.97 -41.19
C ARG ED 341 85.13 -147.45 -41.24
N LYS ED 342 84.73 -146.81 -40.13
CA LYS ED 342 84.87 -145.34 -40.03
C LYS ED 342 86.27 -145.07 -39.59
N GLY ED 343 86.93 -144.18 -40.30
CA GLY ED 343 88.28 -143.77 -39.96
C GLY ED 343 88.52 -142.29 -40.14
N ASP ED 344 89.76 -141.95 -39.87
CA ASP ED 344 90.28 -140.60 -39.91
C ASP ED 344 91.76 -140.51 -40.40
N PRO ED 345 92.22 -141.23 -41.48
CA PRO ED 345 93.21 -140.55 -42.30
C PRO ED 345 92.48 -139.59 -43.23
N SER ED 346 93.20 -138.53 -43.52
CA SER ED 346 93.11 -137.84 -44.79
C SER ED 346 94.50 -137.75 -45.41
N ARG ED 347 94.52 -137.23 -46.62
CA ARG ED 347 95.77 -136.83 -47.28
C ARG ED 347 96.37 -135.54 -46.70
N HIS ED 348 95.55 -134.64 -46.17
CA HIS ED 348 95.99 -133.30 -45.73
C HIS ED 348 95.48 -132.92 -44.32
N VAL ED 349 95.90 -133.63 -43.25
CA VAL ED 349 95.50 -133.22 -41.87
C VAL ED 349 95.81 -131.76 -41.51
N LEU ED 350 96.80 -131.11 -42.16
CA LEU ED 350 97.21 -129.74 -41.83
C LEU ED 350 96.03 -128.76 -41.82
N GLY ED 351 95.07 -128.98 -42.72
CA GLY ED 351 93.81 -128.25 -42.72
C GLY ED 351 92.98 -128.62 -41.48
N HIS ED 352 92.55 -129.89 -41.38
CA HIS ED 352 91.80 -130.43 -40.24
C HIS ED 352 91.56 -131.97 -40.29
N ASP ED 353 91.30 -132.58 -39.12
CA ASP ED 353 90.74 -133.93 -38.97
C ASP ED 353 89.68 -134.05 -37.82
N VAL ED 354 88.49 -133.40 -37.91
CA VAL ED 354 87.34 -133.68 -36.96
C VAL ED 354 86.40 -134.77 -37.57
N ARG ED 355 85.12 -134.75 -37.02
CA ARG ED 355 83.89 -135.38 -37.56
C ARG ED 355 82.63 -134.50 -37.90
N LYS ED 356 82.60 -133.19 -37.61
CA LYS ED 356 81.43 -132.29 -37.93
C LYS ED 356 81.13 -132.41 -39.43
N PRO ED 357 79.94 -132.52 -40.11
CA PRO ED 357 80.03 -132.57 -41.58
C PRO ED 357 80.40 -131.16 -42.15
N SER ED 358 80.60 -131.12 -43.47
CA SER ED 358 80.64 -129.93 -44.36
C SER ED 358 82.02 -129.44 -44.83
N LYS ED 359 83.14 -130.11 -44.54
CA LYS ED 359 84.43 -129.79 -45.18
C LYS ED 359 84.89 -130.99 -46.06
N GLU ED 360 86.20 -131.04 -46.32
CA GLU ED 360 86.88 -132.04 -47.14
C GLU ED 360 86.97 -133.45 -46.48
N GLU ED 361 87.42 -133.52 -45.22
CA GLU ED 361 87.58 -134.78 -44.46
C GLU ED 361 86.33 -135.20 -43.62
N GLN ED 362 86.37 -134.91 -42.30
CA GLN ED 362 85.34 -135.10 -41.27
C GLN ED 362 84.96 -136.55 -40.94
N SER ED 363 85.96 -137.43 -40.82
CA SER ED 363 85.83 -138.88 -40.99
C SER ED 363 85.65 -139.27 -42.46
N PHE ED 364 85.95 -140.52 -42.75
CA PHE ED 364 85.77 -141.13 -44.06
C PHE ED 364 85.22 -142.57 -43.90
N PRO ED 365 84.25 -143.04 -44.72
CA PRO ED 365 83.79 -144.43 -44.70
C PRO ED 365 84.78 -145.32 -45.48
N TRP ED 366 85.74 -145.92 -44.77
CA TRP ED 366 86.84 -146.65 -45.39
C TRP ED 366 86.48 -148.09 -45.72
N ARG ED 367 86.70 -148.46 -46.98
CA ARG ED 367 86.51 -149.84 -47.41
C ARG ED 367 87.60 -150.78 -46.91
N SER ED 368 87.19 -151.78 -46.14
CA SER ED 368 88.09 -152.88 -45.76
C SER ED 368 88.40 -153.77 -46.98
N ILE ED 369 89.54 -154.46 -46.91
CA ILE ED 369 89.85 -155.59 -47.82
C ILE ED 369 88.91 -156.78 -47.56
N GLY ED 370 88.30 -156.83 -46.36
CA GLY ED 370 87.39 -157.87 -45.91
C GLY ED 370 86.06 -157.82 -46.66
N ALA ED 371 85.73 -158.96 -47.26
CA ALA ED 371 84.41 -159.27 -47.78
C ALA ED 371 83.93 -160.56 -47.12
N CYS ED 372 82.62 -160.73 -47.01
CA CYS ED 372 81.98 -161.86 -46.34
C CYS ED 372 80.96 -162.52 -47.25
N MET ED 373 80.72 -163.80 -47.01
CA MET ED 373 79.68 -164.62 -47.65
C MET ED 373 78.75 -165.10 -46.55
N VAL ED 374 77.45 -164.93 -46.69
CA VAL ED 374 76.48 -165.59 -45.79
C VAL ED 374 76.68 -167.11 -45.84
N THR ED 375 76.61 -167.77 -44.68
CA THR ED 375 76.78 -169.24 -44.61
C THR ED 375 75.60 -169.89 -43.92
N GLU ED 376 75.00 -169.21 -42.95
CA GLU ED 376 73.79 -169.67 -42.30
C GLU ED 376 72.83 -168.50 -42.13
N VAL ED 377 71.56 -168.74 -42.44
CA VAL ED 377 70.47 -167.80 -42.22
C VAL ED 377 69.53 -168.37 -41.16
N LYS ED 378 69.12 -167.52 -40.24
CA LYS ED 378 68.07 -167.75 -39.23
C LYS ED 378 66.96 -166.74 -39.48
N GLU ED 379 65.83 -166.86 -38.78
CA GLU ED 379 64.66 -165.98 -38.99
C GLU ED 379 64.99 -164.48 -38.88
N ARG ED 380 65.88 -164.12 -37.96
CA ARG ED 380 66.22 -162.72 -37.66
C ARG ED 380 67.71 -162.38 -37.57
N THR ED 381 68.57 -163.32 -37.88
CA THR ED 381 70.02 -163.13 -37.79
C THR ED 381 70.69 -164.01 -38.82
N SER ED 382 71.96 -163.78 -39.09
CA SER ED 382 72.71 -164.60 -40.03
C SER ED 382 74.17 -164.66 -39.61
N ASN ED 383 74.79 -165.78 -39.94
CA ASN ED 383 76.22 -165.97 -39.83
C ASN ED 383 76.83 -165.85 -41.22
N CYS ED 384 77.96 -165.16 -41.34
CA CYS ED 384 78.72 -165.06 -42.60
C CYS ED 384 80.17 -165.46 -42.37
N LEU ED 385 80.82 -166.08 -43.36
CA LEU ED 385 82.26 -166.32 -43.37
C LEU ED 385 82.99 -165.20 -44.21
N MET ED 386 83.83 -164.36 -43.60
CA MET ED 386 84.96 -163.61 -44.19
C MET ED 386 85.71 -164.51 -45.17
N THR ED 387 85.92 -163.90 -46.33
CA THR ED 387 86.67 -164.45 -47.45
C THR ED 387 88.18 -164.37 -47.23
N ARG ED 388 88.63 -163.38 -46.44
CA ARG ED 388 90.01 -163.18 -46.02
C ARG ED 388 90.12 -163.41 -44.53
N SER ED 389 90.45 -164.65 -44.23
CA SER ED 389 90.76 -165.23 -42.93
C SER ED 389 92.07 -164.70 -42.26
N LEU ED 390 92.24 -163.34 -42.29
CA LEU ED 390 93.45 -162.67 -41.72
C LEU ED 390 93.21 -161.36 -40.91
N GLU ED 391 92.03 -160.73 -40.94
CA GLU ED 391 91.73 -159.53 -40.15
C GLU ED 391 90.53 -159.74 -39.21
N GLU ED 392 90.76 -159.53 -37.90
CA GLU ED 392 89.71 -159.41 -36.88
C GLU ED 392 88.93 -158.07 -36.95
N LEU ED 393 87.62 -158.09 -36.62
CA LEU ED 393 86.72 -156.93 -36.42
C LEU ED 393 86.07 -156.93 -34.99
N VAL ED 394 85.54 -155.80 -34.48
CA VAL ED 394 84.67 -155.73 -33.25
C VAL ED 394 83.16 -155.85 -33.65
N PRO ED 395 82.09 -155.73 -32.77
CA PRO ED 395 80.81 -155.25 -33.30
C PRO ED 395 80.92 -153.77 -33.65
N GLY ED 396 80.05 -153.37 -34.57
CA GLY ED 396 79.82 -151.96 -34.89
C GLY ED 396 80.47 -151.53 -36.19
N ASP ED 397 81.44 -152.32 -36.68
CA ASP ED 397 81.73 -152.38 -38.11
C ASP ED 397 80.49 -152.85 -38.86
N ARG ED 398 80.24 -152.16 -39.95
CA ARG ED 398 79.01 -152.22 -40.73
C ARG ED 398 79.12 -153.17 -41.95
N ALA FD 69 -7.46 -131.48 -38.18
CA ALA FD 69 -6.55 -130.49 -38.75
C ALA FD 69 -5.20 -130.56 -38.06
N PRO FD 70 -4.26 -129.69 -38.42
CA PRO FD 70 -3.08 -129.51 -37.58
C PRO FD 70 -3.28 -128.41 -36.54
N ARG FD 71 -4.00 -128.73 -35.46
CA ARG FD 71 -4.17 -127.82 -34.33
C ARG FD 71 -4.67 -126.45 -34.78
N GLY FD 72 -3.75 -125.59 -35.21
CA GLY FD 72 -4.13 -124.31 -35.76
C GLY FD 72 -4.41 -124.42 -37.25
N ARG FD 73 -3.36 -124.46 -38.07
CA ARG FD 73 -3.50 -124.41 -39.52
C ARG FD 73 -2.31 -125.04 -40.25
N GLU FD 74 -1.38 -124.19 -40.72
CA GLU FD 74 -0.14 -124.58 -41.41
C GLU FD 74 -0.37 -125.09 -42.84
N SER FD 75 0.71 -125.19 -43.61
CA SER FD 75 0.74 -125.77 -44.97
C SER FD 75 2.20 -125.80 -45.43
N ALA FD 76 2.42 -126.12 -46.73
CA ALA FD 76 3.77 -126.33 -47.24
C ALA FD 76 3.98 -126.35 -48.77
N PRO FD 77 2.94 -126.28 -49.64
CA PRO FD 77 3.24 -126.19 -51.08
C PRO FD 77 2.87 -124.86 -51.74
N GLY FD 78 1.91 -124.88 -52.67
CA GLY FD 78 1.50 -123.67 -53.37
C GLY FD 78 0.34 -123.84 -54.33
N GLU FD 79 -0.84 -123.37 -53.92
CA GLU FD 79 -2.03 -123.39 -54.76
C GLU FD 79 -2.68 -122.01 -54.66
N VAL FD 80 -3.97 -121.89 -55.04
CA VAL FD 80 -4.57 -120.57 -55.21
C VAL FD 80 -5.84 -120.46 -54.38
N HIS FD 81 -5.99 -119.32 -53.69
CA HIS FD 81 -7.21 -118.97 -52.99
C HIS FD 81 -7.83 -117.73 -53.63
N SER FD 82 -9.10 -117.49 -53.31
CA SER FD 82 -9.85 -116.39 -53.89
C SER FD 82 -10.07 -115.29 -52.86
N VAL FD 83 -9.88 -114.04 -53.27
CA VAL FD 83 -10.06 -112.90 -52.38
C VAL FD 83 -11.55 -112.61 -52.23
N GLU FD 84 -11.97 -112.26 -51.02
CA GLU FD 84 -13.33 -111.85 -50.75
C GLU FD 84 -13.40 -110.34 -50.50
N SER FD 85 -14.61 -109.86 -50.26
CA SER FD 85 -14.87 -108.43 -50.19
C SER FD 85 -14.35 -107.85 -48.87
N GLY FD 86 -13.49 -106.84 -48.98
CA GLY FD 86 -12.88 -106.22 -47.81
C GLY FD 86 -11.58 -106.85 -47.37
N ASP FD 87 -11.00 -107.72 -48.19
CA ASP FD 87 -9.80 -108.46 -47.84
C ASP FD 87 -8.56 -107.79 -48.41
N THR FD 88 -7.50 -107.78 -47.63
CA THR FD 88 -6.15 -107.46 -48.08
C THR FD 88 -5.29 -108.71 -47.89
N LEU FD 89 -4.04 -108.65 -48.34
CA LEU FD 89 -3.17 -109.79 -48.08
C LEU FD 89 -2.72 -109.81 -46.61
N TRP FD 90 -2.75 -108.67 -45.92
CA TRP FD 90 -2.46 -108.72 -44.49
C TRP FD 90 -3.52 -109.51 -43.74
N ASP FD 91 -4.76 -109.51 -44.21
CA ASP FD 91 -5.77 -110.45 -43.73
C ASP FD 91 -5.46 -111.88 -44.17
N LEU FD 92 -5.65 -112.13 -45.46
CA LEU FD 92 -5.46 -113.46 -46.05
C LEU FD 92 -4.23 -114.19 -45.54
N SER FD 93 -3.23 -113.44 -45.06
CA SER FD 93 -2.10 -114.06 -44.37
C SER FD 93 -2.50 -114.55 -42.98
N GLN FD 94 -3.59 -114.03 -42.41
CA GLN FD 94 -4.07 -114.46 -41.11
C GLN FD 94 -5.53 -114.06 -40.94
N ARG FD 95 -6.40 -115.08 -40.85
CA ARG FD 95 -7.84 -115.01 -40.51
C ARG FD 95 -8.74 -115.05 -41.73
N TYR FD 96 -8.18 -114.84 -42.91
CA TYR FD 96 -8.96 -114.80 -44.13
C TYR FD 96 -8.69 -116.02 -45.01
N LEU FD 97 -8.52 -117.17 -44.36
CA LEU FD 97 -8.44 -118.44 -45.08
C LEU FD 97 -8.49 -119.62 -44.12
N GLY FD 98 -8.07 -120.78 -44.65
CA GLY FD 98 -7.94 -122.01 -43.90
C GLY FD 98 -6.51 -122.33 -43.51
N SER FD 99 -5.66 -121.30 -43.39
CA SER FD 99 -4.26 -121.40 -42.99
C SER FD 99 -3.73 -119.99 -42.78
N PRO FD 100 -2.53 -119.81 -42.20
CA PRO FD 100 -1.86 -118.52 -42.31
C PRO FD 100 -0.78 -118.62 -43.39
N TRP FD 101 -0.19 -117.47 -43.69
CA TRP FD 101 1.02 -117.39 -44.50
C TRP FD 101 1.57 -115.99 -44.32
N TYR FD 102 2.52 -115.61 -45.16
CA TYR FD 102 3.21 -114.35 -45.02
C TYR FD 102 2.83 -113.44 -46.17
N TRP FD 103 2.21 -112.30 -45.84
CA TRP FD 103 1.74 -111.37 -46.86
C TRP FD 103 2.79 -111.05 -47.93
N PRO FD 104 4.05 -110.73 -47.60
CA PRO FD 104 5.00 -110.46 -48.70
C PRO FD 104 5.13 -111.62 -49.67
N LYS FD 105 5.24 -112.85 -49.16
CA LYS FD 105 5.44 -114.02 -50.01
C LYS FD 105 4.36 -114.15 -51.07
N VAL FD 106 3.13 -113.77 -50.73
CA VAL FD 106 2.02 -113.93 -51.67
C VAL FD 106 1.90 -112.70 -52.56
N TRP FD 107 2.15 -111.52 -52.00
CA TRP FD 107 2.33 -110.36 -52.86
C TRP FD 107 3.36 -110.65 -53.95
N SER FD 108 4.27 -111.58 -53.69
CA SER FD 108 5.32 -111.85 -54.66
C SER FD 108 4.94 -112.95 -55.64
N TYR FD 109 3.89 -113.72 -55.36
CA TYR FD 109 3.75 -115.01 -56.05
C TYR FD 109 3.20 -114.88 -57.46
N ASN FD 110 1.96 -114.39 -57.58
CA ASN FD 110 1.37 -114.06 -58.90
C ASN FD 110 -0.03 -113.47 -58.78
N PRO FD 111 -0.20 -112.21 -59.22
CA PRO FD 111 0.81 -111.36 -59.88
C PRO FD 111 1.81 -110.80 -58.86
N GLU FD 112 3.02 -110.44 -59.28
CA GLU FD 112 3.99 -109.89 -58.33
C GLU FD 112 3.51 -108.52 -57.84
N ILE FD 113 2.95 -108.48 -56.63
CA ILE FD 113 2.42 -107.25 -56.06
C ILE FD 113 3.18 -106.93 -54.78
N ALA FD 114 2.82 -105.84 -54.10
CA ALA FD 114 3.65 -105.34 -53.00
C ALA FD 114 2.87 -105.23 -51.70
N ASN FD 115 3.57 -105.46 -50.58
CA ASN FD 115 2.92 -105.89 -49.33
C ASN FD 115 1.97 -104.90 -48.70
N PRO FD 116 1.94 -103.60 -49.04
CA PRO FD 116 0.81 -102.76 -48.62
C PRO FD 116 0.07 -102.16 -49.81
N HIS FD 117 -0.06 -102.92 -50.89
CA HIS FD 117 -0.63 -102.41 -52.13
C HIS FD 117 -2.14 -102.65 -52.20
N TRP FD 118 -2.69 -103.43 -51.27
CA TRP FD 118 -4.13 -103.69 -51.13
C TRP FD 118 -4.79 -104.32 -52.35
N ILE FD 119 -5.50 -105.42 -52.16
CA ILE FD 119 -6.11 -106.15 -53.27
C ILE FD 119 -7.58 -105.79 -53.43
N TYR FD 120 -8.30 -106.61 -54.18
CA TYR FD 120 -9.70 -106.43 -54.52
C TYR FD 120 -10.42 -107.77 -54.47
N PRO FD 121 -11.72 -107.76 -54.18
CA PRO FD 121 -12.47 -109.02 -54.13
C PRO FD 121 -12.61 -109.63 -55.51
N GLY FD 122 -12.76 -110.96 -55.53
CA GLY FD 122 -12.84 -111.68 -56.78
C GLY FD 122 -11.50 -112.00 -57.41
N ASN FD 123 -10.41 -111.71 -56.74
CA ASN FD 123 -9.07 -111.97 -57.26
C ASN FD 123 -8.58 -113.33 -56.80
N GLN FD 124 -7.68 -113.91 -57.59
CA GLN FD 124 -7.05 -115.19 -57.28
C GLN FD 124 -5.58 -114.98 -56.97
N VAL FD 125 -5.10 -115.62 -55.92
CA VAL FD 125 -3.79 -115.32 -55.34
C VAL FD 125 -3.17 -116.60 -54.82
N ARG FD 126 -1.89 -116.81 -55.11
CA ARG FD 126 -1.23 -118.08 -54.90
C ARG FD 126 -0.76 -118.23 -53.45
N PHE FD 127 -1.43 -119.12 -52.71
CA PHE FD 127 -1.17 -119.31 -51.27
C PHE FD 127 -0.70 -120.71 -50.92
N PHE FD 128 0.55 -120.81 -50.47
CA PHE FD 128 1.10 -121.80 -49.53
C PHE FD 128 2.59 -121.45 -49.45
N ALA FD 129 3.22 -121.59 -48.27
CA ALA FD 129 4.63 -121.26 -48.11
C ALA FD 129 5.13 -121.81 -46.78
N ALA FD 130 6.24 -122.55 -46.83
CA ALA FD 130 6.86 -123.10 -45.64
C ALA FD 130 8.39 -122.98 -45.69
N LYS FD 298 37.02 -158.74 -32.62
CA LYS FD 298 38.46 -158.72 -32.33
C LYS FD 298 39.08 -160.12 -32.40
N GLN FD 299 40.38 -160.20 -32.64
CA GLN FD 299 41.12 -161.47 -32.54
C GLN FD 299 41.24 -161.95 -31.11
N VAL FD 300 41.33 -163.27 -31.03
CA VAL FD 300 41.84 -164.04 -29.91
C VAL FD 300 43.20 -164.56 -30.30
N ASP FD 301 44.24 -164.07 -29.63
CA ASP FD 301 45.61 -164.37 -29.99
C ASP FD 301 46.23 -165.15 -28.81
N GLY FD 302 46.30 -166.49 -29.05
CA GLY FD 302 46.94 -167.42 -28.13
C GLY FD 302 48.46 -167.26 -28.16
N THR FD 303 49.04 -167.16 -26.97
CA THR FD 303 50.48 -167.01 -26.77
C THR FD 303 51.08 -168.22 -26.12
N VAL FD 304 52.31 -168.53 -26.51
CA VAL FD 304 53.16 -169.49 -25.81
C VAL FD 304 53.33 -169.03 -24.34
N ILE FD 305 53.04 -169.91 -23.36
CA ILE FD 305 53.24 -169.63 -21.91
C ILE FD 305 54.48 -170.31 -21.29
N THR FD 306 54.99 -171.40 -21.89
CA THR FD 306 56.36 -171.88 -21.57
C THR FD 306 57.47 -171.24 -22.42
N ALA FD 307 58.65 -171.01 -21.80
CA ALA FD 307 59.93 -171.10 -22.53
C ALA FD 307 60.70 -172.32 -22.02
N LEU FD 308 61.72 -172.75 -22.77
CA LEU FD 308 62.66 -173.81 -22.40
C LEU FD 308 62.10 -175.25 -22.39
N VAL FD 309 60.92 -175.55 -22.95
CA VAL FD 309 60.47 -176.96 -23.03
C VAL FD 309 61.49 -177.78 -23.86
N PRO FD 310 61.27 -179.09 -24.06
CA PRO FD 310 61.84 -179.84 -25.18
C PRO FD 310 61.46 -179.35 -26.63
N TYR FD 311 61.65 -178.04 -27.01
CA TYR FD 311 61.19 -177.52 -28.34
C TYR FD 311 61.74 -178.17 -29.64
N LEU FD 312 62.72 -179.07 -29.46
CA LEU FD 312 63.34 -179.79 -30.58
C LEU FD 312 62.84 -181.24 -30.82
N THR FD 313 62.00 -181.84 -29.94
CA THR FD 313 61.96 -183.31 -29.73
C THR FD 313 63.29 -184.10 -29.58
N VAL FD 314 64.47 -183.74 -30.17
CA VAL FD 314 65.49 -184.79 -30.43
C VAL FD 314 65.94 -185.47 -29.14
N LEU FD 315 66.33 -184.68 -28.13
CA LEU FD 315 66.95 -185.25 -26.94
C LEU FD 315 65.97 -186.05 -26.04
N GLY FD 316 64.67 -185.71 -26.05
CA GLY FD 316 63.66 -186.29 -25.15
C GLY FD 316 62.45 -186.99 -25.81
N GLU FD 317 62.35 -186.89 -27.15
CA GLU FD 317 61.22 -187.31 -28.02
C GLU FD 317 59.85 -186.63 -27.80
N ASN FD 318 59.74 -185.73 -26.80
CA ASN FD 318 58.46 -185.11 -26.43
C ASN FD 318 58.56 -183.61 -26.66
N HIS FD 319 58.32 -183.14 -27.88
CA HIS FD 319 58.27 -181.72 -28.11
C HIS FD 319 56.93 -181.15 -27.65
N SER FD 320 56.85 -180.07 -26.86
CA SER FD 320 55.56 -179.38 -26.66
C SER FD 320 55.70 -177.84 -26.68
N ILE FD 321 54.54 -177.15 -26.65
CA ILE FD 321 54.32 -175.73 -26.31
C ILE FD 321 53.08 -175.78 -25.38
N VAL FD 322 52.97 -174.91 -24.38
CA VAL FD 322 51.72 -174.68 -23.60
C VAL FD 322 51.14 -173.32 -24.01
N VAL FD 323 49.81 -173.12 -24.04
CA VAL FD 323 49.19 -171.77 -23.92
C VAL FD 323 48.62 -171.49 -22.52
N ASP FD 324 48.40 -170.21 -22.23
CA ASP FD 324 47.38 -169.75 -21.26
C ASP FD 324 46.04 -169.55 -22.00
N LYS FD 325 44.95 -170.15 -21.50
CA LYS FD 325 43.55 -169.70 -21.75
C LYS FD 325 42.80 -169.45 -20.43
N GLY FD 326 41.63 -168.82 -20.56
CA GLY FD 326 40.58 -168.87 -19.52
C GLY FD 326 39.71 -170.12 -19.73
N SER FD 327 38.39 -170.06 -19.54
CA SER FD 327 37.53 -171.26 -19.78
C SER FD 327 37.71 -171.88 -21.18
N ALA FD 328 37.12 -173.06 -21.40
CA ALA FD 328 37.18 -173.81 -22.67
C ALA FD 328 37.14 -172.89 -23.91
N ASP FD 329 38.27 -172.74 -24.62
CA ASP FD 329 38.40 -171.73 -25.69
C ASP FD 329 38.04 -172.33 -27.08
N GLY FD 330 37.20 -173.37 -27.09
CA GLY FD 330 36.89 -174.17 -28.28
C GLY FD 330 38.10 -174.92 -28.88
N VAL FD 331 39.19 -175.09 -28.11
CA VAL FD 331 40.36 -175.87 -28.54
C VAL FD 331 40.00 -177.37 -28.63
N GLU FD 332 40.30 -177.95 -29.77
CA GLU FD 332 40.10 -179.35 -30.10
C GLU FD 332 41.43 -180.03 -30.43
N LEU FD 333 41.51 -181.33 -30.17
CA LEU FD 333 42.75 -182.12 -30.27
C LEU FD 333 43.39 -182.17 -31.67
N GLY FD 334 42.64 -181.96 -32.77
CA GLY FD 334 43.24 -181.95 -34.11
C GLY FD 334 43.80 -180.60 -34.55
N ASN FD 335 43.51 -179.52 -33.81
CA ASN FD 335 43.73 -178.16 -34.28
C ASN FD 335 45.21 -177.89 -34.64
N THR FD 336 45.40 -177.20 -35.77
CA THR FD 336 46.71 -176.76 -36.27
C THR FD 336 46.86 -175.26 -36.08
N PHE FD 337 48.01 -174.81 -35.58
CA PHE FD 337 48.33 -173.40 -35.35
C PHE FD 337 49.62 -172.95 -36.03
N ASN FD 338 49.63 -171.72 -36.54
CA ASN FD 338 50.82 -171.08 -37.08
C ASN FD 338 51.48 -170.22 -36.00
N ILE FD 339 52.79 -170.34 -35.80
CA ILE FD 339 53.55 -169.45 -34.93
C ILE FD 339 53.99 -168.24 -35.76
N LEU FD 340 53.90 -167.05 -35.18
CA LEU FD 340 54.40 -165.81 -35.73
C LEU FD 340 55.27 -165.07 -34.66
N ARG FD 341 56.20 -164.22 -35.12
CA ARG FD 341 57.16 -163.47 -34.32
C ARG FD 341 57.11 -162.00 -34.74
N LYS FD 342 57.25 -161.08 -33.76
CA LYS FD 342 57.42 -159.66 -34.09
C LYS FD 342 58.88 -159.46 -34.39
N GLY FD 343 59.15 -158.83 -35.52
CA GLY FD 343 60.52 -158.51 -35.89
C GLY FD 343 60.65 -157.15 -36.53
N ASP FD 344 61.89 -156.90 -36.91
CA ASP FD 344 62.34 -155.67 -37.52
C ASP FD 344 63.43 -155.85 -38.59
N PRO FD 345 63.38 -156.85 -39.55
CA PRO FD 345 63.91 -156.49 -40.85
C PRO FD 345 62.84 -155.68 -41.58
N SER FD 346 63.37 -154.80 -42.41
CA SER FD 346 62.73 -154.41 -43.65
C SER FD 346 63.69 -154.63 -44.80
N ARG FD 347 63.18 -154.40 -46.01
CA ARG FD 347 64.01 -154.31 -47.21
C ARG FD 347 64.80 -153.00 -47.29
N HIS FD 348 64.31 -151.91 -46.70
CA HIS FD 348 64.89 -150.57 -46.85
C HIS FD 348 65.07 -149.82 -45.51
N VAL FD 349 65.93 -150.31 -44.57
CA VAL FD 349 66.17 -149.55 -43.30
C VAL FD 349 66.61 -148.10 -43.50
N LEU FD 350 67.21 -147.74 -44.65
CA LEU FD 350 67.73 -146.38 -44.89
C LEU FD 350 66.68 -145.30 -44.61
N GLY FD 351 65.42 -145.59 -44.93
CA GLY FD 351 64.29 -144.75 -44.58
C GLY FD 351 64.09 -144.74 -43.06
N HIS FD 352 63.75 -145.89 -42.47
CA HIS FD 352 63.58 -146.07 -41.02
C HIS FD 352 63.34 -147.55 -40.57
N ASP FD 353 63.62 -147.84 -39.29
CA ASP FD 353 63.18 -149.05 -38.58
C ASP FD 353 62.74 -148.78 -37.09
N VAL FD 354 61.64 -148.04 -36.83
CA VAL FD 354 61.03 -147.98 -35.44
C VAL FD 354 59.91 -149.05 -35.30
N ARG FD 355 59.00 -148.76 -34.28
CA ARG FD 355 57.66 -149.35 -34.07
C ARG FD 355 56.40 -148.44 -34.03
N LYS FD 356 56.49 -147.09 -34.11
CA LYS FD 356 55.30 -146.16 -34.12
C LYS FD 356 54.36 -146.60 -35.25
N PRO FD 357 53.00 -146.71 -35.30
CA PRO FD 357 52.43 -147.09 -36.61
C PRO FD 357 52.52 -145.91 -37.61
N SER FD 358 52.11 -146.19 -38.86
CA SER FD 358 51.75 -145.23 -39.95
C SER FD 358 52.79 -145.03 -41.07
N LYS FD 359 53.91 -145.75 -41.13
CA LYS FD 359 54.79 -145.72 -42.32
C LYS FD 359 54.81 -147.13 -42.97
N GLU FD 360 55.86 -147.39 -43.75
CA GLU FD 360 56.12 -148.62 -44.49
C GLU FD 360 56.48 -149.85 -43.60
N GLU FD 361 57.44 -149.69 -42.68
CA GLU FD 361 57.90 -150.75 -41.78
C GLU FD 361 57.17 -150.82 -40.41
N GLN FD 362 57.80 -150.25 -39.36
CA GLN FD 362 57.33 -150.08 -37.96
C GLN FD 362 57.13 -151.37 -37.15
N SER FD 363 58.07 -152.31 -37.26
CA SER FD 363 57.87 -153.74 -36.97
C SER FD 363 57.07 -154.42 -38.08
N PHE FD 364 57.20 -155.74 -38.15
CA PHE FD 364 56.45 -156.59 -39.04
C PHE FD 364 56.03 -157.89 -38.31
N PRO FD 365 54.80 -158.41 -38.47
CA PRO FD 365 54.39 -159.70 -37.92
C PRO FD 365 54.93 -160.85 -38.80
N TRP FD 366 56.10 -161.38 -38.45
CA TRP FD 366 56.82 -162.35 -39.26
C TRP FD 366 56.35 -163.78 -39.04
N ARG FD 367 55.98 -164.46 -40.13
CA ARG FD 367 55.61 -165.87 -40.07
C ARG FD 367 56.81 -166.78 -39.87
N SER FD 368 56.78 -167.54 -38.77
CA SER FD 368 57.75 -168.61 -38.53
C SER FD 368 57.49 -169.78 -39.50
N ILE FD 369 58.55 -170.57 -39.76
CA ILE FD 369 58.41 -171.90 -40.39
C ILE FD 369 57.68 -172.89 -39.47
N GLY FD 370 57.66 -172.59 -38.16
CA GLY FD 370 57.05 -173.40 -37.12
C GLY FD 370 55.52 -173.37 -37.20
N ALA FD 371 54.95 -174.56 -37.29
CA ALA FD 371 53.55 -174.83 -37.10
C ALA FD 371 53.40 -175.87 -35.99
N CYS FD 372 52.27 -175.86 -35.30
CA CYS FD 372 51.99 -176.73 -34.16
C CYS FD 372 50.67 -177.46 -34.35
N MET FD 373 50.55 -178.62 -33.72
CA MET FD 373 49.35 -179.44 -33.62
C MET FD 373 49.00 -179.54 -32.14
N VAL FD 374 47.76 -179.26 -31.74
CA VAL FD 374 47.30 -179.59 -30.39
C VAL FD 374 47.46 -181.09 -30.12
N THR FD 375 47.90 -181.46 -28.93
CA THR FD 375 48.07 -182.88 -28.56
C THR FD 375 47.32 -183.22 -27.29
N GLU FD 376 47.22 -182.27 -26.37
CA GLU FD 376 46.41 -182.43 -25.17
C GLU FD 376 45.62 -181.16 -24.92
N VAL FD 377 44.36 -181.33 -24.58
CA VAL FD 377 43.47 -180.24 -24.16
C VAL FD 377 43.10 -180.45 -22.69
N LYS FD 378 43.14 -179.36 -21.93
CA LYS FD 378 42.65 -179.24 -20.56
C LYS FD 378 41.54 -178.19 -20.56
N GLU FD 379 40.85 -178.03 -19.43
CA GLU FD 379 39.71 -177.07 -19.33
C GLU FD 379 40.05 -175.64 -19.77
N ARG FD 380 41.26 -175.18 -19.43
CA ARG FD 380 41.71 -173.79 -19.66
C ARG FD 380 43.07 -173.63 -20.32
N THR FD 381 43.71 -174.71 -20.72
CA THR FD 381 45.05 -174.66 -21.30
C THR FD 381 45.19 -175.82 -22.26
N SER FD 382 46.21 -175.81 -23.11
CA SER FD 382 46.47 -176.89 -24.02
C SER FD 382 47.96 -177.02 -24.27
N ASN FD 383 48.37 -178.26 -24.54
CA ASN FD 383 49.71 -178.58 -24.99
C ASN FD 383 49.63 -178.85 -26.51
N CYS FD 384 50.59 -178.34 -27.27
CA CYS FD 384 50.71 -178.61 -28.70
C CYS FD 384 52.12 -179.11 -29.03
N LEU FD 385 52.27 -180.01 -30.00
CA LEU FD 385 53.55 -180.40 -30.57
C LEU FD 385 53.84 -179.59 -31.89
N MET FD 386 54.86 -178.74 -31.93
CA MET FD 386 55.61 -178.28 -33.12
C MET FD 386 55.85 -179.45 -34.07
N THR FD 387 55.53 -179.15 -35.32
CA THR FD 387 55.70 -180.02 -36.47
C THR FD 387 57.15 -180.06 -36.95
N ARG FD 388 57.90 -178.98 -36.70
CA ARG FD 388 59.34 -178.86 -36.98
C ARG FD 388 60.10 -178.75 -35.68
N SER FD 389 60.51 -179.92 -35.24
CA SER FD 389 61.36 -180.22 -34.10
C SER FD 389 62.83 -179.71 -34.21
N LEU FD 390 62.99 -178.41 -34.65
CA LEU FD 390 64.33 -177.78 -34.85
C LEU FD 390 64.47 -176.31 -34.37
N GLU FD 391 63.39 -175.57 -34.06
CA GLU FD 391 63.48 -174.20 -33.55
C GLU FD 391 62.82 -174.04 -32.17
N GLU FD 392 63.60 -173.58 -31.18
CA GLU FD 392 63.12 -173.11 -29.87
C GLU FD 392 62.39 -171.74 -29.95
N LEU FD 393 61.36 -171.53 -29.10
CA LEU FD 393 60.65 -170.26 -28.83
C LEU FD 393 60.69 -169.87 -27.30
N VAL FD 394 60.45 -168.59 -26.93
CA VAL FD 394 60.22 -168.16 -25.51
C VAL FD 394 58.68 -168.18 -25.17
N PRO FD 395 58.12 -167.74 -23.98
CA PRO FD 395 56.73 -167.26 -24.02
C PRO FD 395 56.68 -165.91 -24.74
N GLY FD 396 55.50 -165.63 -25.27
CA GLY FD 396 55.15 -164.33 -25.80
C GLY FD 396 55.17 -164.27 -27.32
N ASP FD 397 55.81 -165.26 -27.96
CA ASP FD 397 55.44 -165.68 -29.31
C ASP FD 397 53.99 -166.16 -29.31
N ARG FD 398 53.29 -165.71 -30.33
CA ARG FD 398 51.83 -165.80 -30.46
C ARG FD 398 51.40 -167.00 -31.32
N ALA GD 69 -24.25 -135.46 3.49
CA ALA GD 69 -23.68 -134.73 2.35
C ALA GD 69 -22.16 -134.80 2.39
N PRO GD 70 -21.49 -134.15 1.45
CA PRO GD 70 -20.05 -133.92 1.64
C PRO GD 70 -19.77 -132.59 2.34
N ARG GD 71 -19.94 -132.56 3.67
CA ARG GD 71 -19.60 -131.41 4.49
C ARG GD 71 -20.25 -130.13 3.96
N GLY GD 72 -19.62 -129.50 2.98
CA GLY GD 72 -20.19 -128.35 2.33
C GLY GD 72 -21.11 -128.77 1.19
N ARG GD 73 -20.52 -129.11 0.04
CA ARG GD 73 -21.29 -129.38 -1.16
C ARG GD 73 -20.54 -130.29 -2.15
N GLU GD 74 -19.91 -129.69 -3.17
CA GLU GD 74 -19.11 -130.36 -4.20
C GLU GD 74 -19.94 -131.16 -5.20
N SER GD 75 -19.31 -131.55 -6.32
CA SER GD 75 -19.88 -132.42 -7.35
C SER GD 75 -18.78 -132.73 -8.37
N ALA GD 76 -19.15 -133.36 -9.51
CA ALA GD 76 -18.16 -133.84 -10.48
C ALA GD 76 -18.64 -134.23 -11.88
N PRO GD 77 -19.96 -134.25 -12.22
CA PRO GD 77 -20.34 -134.52 -13.62
C PRO GD 77 -20.95 -133.35 -14.38
N GLY GD 78 -22.22 -133.47 -14.76
CA GLY GD 78 -22.90 -132.41 -15.50
C GLY GD 78 -24.36 -132.67 -15.79
N GLU GD 79 -25.24 -131.99 -15.07
CA GLU GD 79 -26.69 -132.07 -15.28
C GLU GD 79 -27.23 -130.64 -15.28
N VAL GD 80 -28.54 -130.47 -15.07
CA VAL GD 80 -29.16 -129.17 -15.32
C VAL GD 80 -29.93 -128.72 -14.09
N HIS GD 81 -29.76 -127.44 -13.71
CA HIS GD 81 -30.55 -126.81 -12.68
C HIS GD 81 -31.39 -125.68 -13.28
N SER GD 82 -32.38 -125.23 -12.53
CA SER GD 82 -33.33 -124.22 -12.99
C SER GD 82 -33.06 -122.89 -12.28
N VAL GD 83 -33.07 -121.80 -13.05
CA VAL GD 83 -32.84 -120.48 -12.48
C VAL GD 83 -34.11 -119.99 -11.80
N GLU GD 84 -33.95 -119.33 -10.66
CA GLU GD 84 -35.06 -118.72 -9.95
C GLU GD 84 -35.00 -117.19 -10.09
N SER GD 85 -35.99 -116.52 -9.48
CA SER GD 85 -36.18 -115.10 -9.68
C SER GD 85 -35.14 -114.29 -8.91
N GLY GD 86 -34.41 -113.45 -9.62
CA GLY GD 86 -33.36 -112.65 -9.02
C GLY GD 86 -32.00 -113.30 -9.04
N ASP GD 87 -31.83 -114.40 -9.78
CA ASP GD 87 -30.60 -115.16 -9.79
C ASP GD 87 -29.74 -114.79 -11.00
N THR GD 88 -28.44 -114.71 -10.76
CA THR GD 88 -27.43 -114.66 -11.80
C THR GD 88 -26.58 -115.94 -11.69
N LEU GD 89 -25.65 -116.11 -12.63
CA LEU GD 89 -24.75 -117.25 -12.49
C LEU GD 89 -23.71 -117.00 -11.40
N TRP GD 90 -23.42 -115.73 -11.08
CA TRP GD 90 -22.54 -115.47 -9.95
C TRP GD 90 -23.15 -115.95 -8.64
N ASP GD 91 -24.48 -115.92 -8.53
CA ASP GD 91 -25.17 -116.59 -7.44
C ASP GD 91 -25.09 -118.11 -7.59
N LEU GD 92 -25.84 -118.63 -8.56
CA LEU GD 92 -25.93 -120.08 -8.81
C LEU GD 92 -24.59 -120.80 -8.71
N SER GD 93 -23.48 -120.08 -8.91
CA SER GD 93 -22.16 -120.65 -8.63
C SER GD 93 -21.90 -120.77 -7.13
N GLN GD 94 -22.63 -120.00 -6.31
CA GLN GD 94 -22.49 -120.07 -4.86
C GLN GD 94 -23.73 -119.48 -4.20
N ARG GD 95 -24.47 -120.33 -3.48
CA ARG GD 95 -25.61 -120.04 -2.60
C ARG GD 95 -26.97 -120.26 -3.25
N TYR GD 96 -26.98 -120.39 -4.57
CA TYR GD 96 -28.22 -120.53 -5.31
C TYR GD 96 -28.36 -121.95 -5.87
N LEU GD 97 -27.92 -122.93 -5.10
CA LEU GD 97 -28.17 -124.34 -5.42
C LEU GD 97 -27.79 -125.24 -4.27
N GLY GD 98 -27.64 -126.53 -4.62
CA GLY GD 98 -27.20 -127.56 -3.69
C GLY GD 98 -25.75 -127.96 -3.89
N SER GD 99 -24.93 -127.03 -4.41
CA SER GD 99 -23.49 -127.18 -4.63
C SER GD 99 -22.92 -125.83 -5.04
N PRO GD 100 -21.60 -125.66 -5.09
CA PRO GD 100 -21.04 -124.52 -5.80
C PRO GD 100 -20.56 -124.98 -7.17
N TRP GD 101 -20.16 -124.00 -7.98
CA TRP GD 101 -19.43 -124.24 -9.21
C TRP GD 101 -18.84 -122.91 -9.65
N TYR GD 102 -18.37 -122.86 -10.88
CA TYR GD 102 -17.69 -121.68 -11.38
C TYR GD 102 -18.54 -121.02 -12.44
N TRP GD 103 -18.95 -119.78 -12.19
CA TRP GD 103 -19.81 -119.05 -13.11
C TRP GD 103 -19.34 -119.12 -14.56
N PRO GD 104 -18.07 -118.87 -14.90
CA PRO GD 104 -17.69 -118.97 -16.32
C PRO GD 104 -18.01 -120.32 -16.93
N LYS GD 105 -17.68 -121.41 -16.22
CA LYS GD 105 -17.87 -122.76 -16.74
C LYS GD 105 -19.32 -123.01 -17.17
N VAL GD 106 -20.28 -122.43 -16.44
CA VAL GD 106 -21.68 -122.67 -16.75
C VAL GD 106 -22.18 -121.67 -17.78
N TRP GD 107 -21.70 -120.43 -17.71
CA TRP GD 107 -21.92 -119.53 -18.83
C TRP GD 107 -21.49 -120.18 -20.14
N SER GD 108 -20.54 -121.13 -20.06
CA SER GD 108 -20.04 -121.72 -21.29
C SER GD 108 -20.82 -122.97 -21.70
N TYR GD 109 -21.64 -123.53 -20.79
CA TYR GD 109 -22.06 -124.92 -21.01
C TYR GD 109 -23.18 -125.05 -22.03
N ASN GD 110 -24.34 -124.46 -21.74
CA ASN GD 110 -25.45 -124.38 -22.71
C ASN GD 110 -26.65 -123.63 -22.17
N PRO GD 111 -27.00 -122.49 -22.79
CA PRO GD 111 -26.38 -121.93 -24.01
C PRO GD 111 -25.04 -121.28 -23.70
N GLU GD 112 -24.13 -121.16 -24.68
CA GLU GD 112 -22.85 -120.51 -24.40
C GLU GD 112 -23.07 -119.03 -24.13
N ILE GD 113 -23.03 -118.65 -22.85
CA ILE GD 113 -23.27 -117.27 -22.44
C ILE GD 113 -22.02 -116.75 -21.73
N ALA GD 114 -22.03 -115.50 -21.27
CA ALA GD 114 -20.80 -114.85 -20.80
C ALA GD 114 -20.93 -114.36 -19.36
N ASN GD 115 -19.82 -114.40 -18.63
CA ASN GD 115 -19.84 -114.46 -17.16
C ASN GD 115 -20.41 -113.24 -16.46
N PRO GD 116 -20.59 -112.07 -17.08
CA PRO GD 116 -21.42 -111.03 -16.45
C PRO GD 116 -22.61 -110.64 -17.31
N HIS GD 117 -23.20 -111.62 -18.01
CA HIS GD 117 -24.27 -111.35 -18.96
C HIS GD 117 -25.65 -111.42 -18.32
N TRP GD 118 -25.75 -111.90 -17.08
CA TRP GD 118 -26.96 -111.94 -16.28
C TRP GD 118 -28.10 -112.76 -16.90
N ILE GD 119 -28.65 -113.70 -16.15
CA ILE GD 119 -29.69 -114.59 -16.67
C ILE GD 119 -31.08 -114.12 -16.28
N TYR GD 120 -32.05 -115.00 -16.40
CA TYR GD 120 -33.45 -114.74 -16.16
C TYR GD 120 -34.08 -115.95 -15.46
N PRO GD 121 -35.12 -115.72 -14.65
CA PRO GD 121 -35.78 -116.84 -13.97
C PRO GD 121 -36.51 -117.74 -14.96
N GLY GD 122 -36.65 -119.00 -14.57
CA GLY GD 122 -37.28 -119.99 -15.43
C GLY GD 122 -36.36 -120.60 -16.46
N ASN GD 123 -35.06 -120.28 -16.42
CA ASN GD 123 -34.10 -120.81 -17.38
C ASN GD 123 -33.46 -122.07 -16.85
N GLN GD 124 -32.99 -122.93 -17.77
CA GLN GD 124 -32.30 -124.15 -17.42
C GLN GD 124 -30.84 -124.04 -17.85
N VAL GD 125 -29.94 -124.48 -16.98
CA VAL GD 125 -28.53 -124.20 -17.11
C VAL GD 125 -27.73 -125.39 -16.58
N ARG GD 126 -26.71 -125.80 -17.33
CA ARG GD 126 -26.02 -127.06 -17.11
C ARG GD 126 -24.97 -126.92 -16.00
N PHE GD 127 -25.24 -127.53 -14.85
CA PHE GD 127 -24.37 -127.42 -13.67
C PHE GD 127 -23.80 -128.75 -13.21
N PHE GD 128 -22.48 -128.88 -13.32
CA PHE GD 128 -21.57 -129.68 -12.48
C PHE GD 128 -20.18 -129.50 -13.14
N ALA GD 129 -19.11 -129.43 -12.36
CA ALA GD 129 -17.77 -129.22 -12.89
C ALA GD 129 -16.73 -129.51 -11.81
N ALA GD 130 -15.77 -130.36 -12.14
CA ALA GD 130 -14.67 -130.70 -11.22
C ALA GD 130 -13.33 -130.75 -11.96
N LYS GD 298 17.76 -165.48 -3.83
CA LYS GD 298 19.18 -165.56 -4.18
C LYS GD 298 19.70 -167.00 -4.16
N GLN GD 299 20.77 -167.27 -4.90
CA GLN GD 299 21.46 -168.56 -4.82
C GLN GD 299 22.20 -168.73 -3.50
N VAL GD 300 22.31 -169.99 -3.13
CA VAL GD 300 23.26 -170.54 -2.18
C VAL GD 300 24.30 -171.29 -2.98
N ASP GD 301 25.54 -170.78 -2.96
CA ASP GD 301 26.61 -171.31 -3.78
C ASP GD 301 27.68 -171.88 -2.84
N GLY GD 302 27.64 -173.22 -2.74
CA GLY GD 302 28.62 -173.99 -1.97
C GLY GD 302 29.96 -174.01 -2.68
N THR GD 303 31.01 -173.72 -1.92
CA THR GD 303 32.39 -173.69 -2.41
C THR GD 303 33.22 -174.79 -1.79
N VAL GD 304 34.15 -175.32 -2.57
CA VAL GD 304 35.22 -176.18 -2.10
C VAL GD 304 36.01 -175.43 -1.00
N ILE GD 305 36.19 -176.02 0.19
CA ILE GD 305 37.00 -175.45 1.30
C ILE GD 305 38.39 -176.11 1.48
N THR GD 306 38.59 -177.36 1.01
CA THR GD 306 39.96 -177.90 0.83
C THR GD 306 40.57 -177.60 -0.55
N ALA GD 307 41.92 -177.37 -0.58
CA ALA GD 307 42.74 -177.77 -1.74
C ALA GD 307 43.65 -178.93 -1.31
N LEU GD 308 44.22 -179.62 -2.29
CA LEU GD 308 45.24 -180.68 -2.10
C LEU GD 308 44.74 -182.01 -1.49
N VAL GD 309 43.42 -182.28 -1.40
CA VAL GD 309 42.98 -183.62 -0.90
C VAL GD 309 43.52 -184.71 -1.87
N PRO GD 310 43.24 -186.00 -1.61
CA PRO GD 310 43.25 -187.04 -2.65
C PRO GD 310 42.27 -186.86 -3.87
N TYR GD 311 42.28 -185.70 -4.59
CA TYR GD 311 41.27 -185.44 -5.68
C TYR GD 311 41.19 -186.43 -6.88
N LEU GD 312 42.14 -187.37 -6.93
CA LEU GD 312 42.21 -188.39 -7.98
C LEU GD 312 41.65 -189.78 -7.60
N THR GD 313 41.28 -190.07 -6.34
CA THR GD 313 41.33 -191.44 -5.75
C THR GD 313 42.59 -192.32 -5.99
N VAL GD 314 43.39 -192.24 -7.11
CA VAL GD 314 44.19 -193.43 -7.49
C VAL GD 314 45.16 -193.86 -6.40
N LEU GD 315 45.96 -192.90 -5.89
CA LEU GD 315 47.04 -193.27 -4.98
C LEU GD 315 46.56 -193.72 -3.58
N GLY GD 316 45.40 -193.24 -3.12
CA GLY GD 316 44.88 -193.49 -1.76
C GLY GD 316 43.50 -194.18 -1.63
N GLU GD 317 42.81 -194.37 -2.77
CA GLU GD 317 41.42 -194.84 -2.93
C GLU GD 317 40.30 -193.98 -2.34
N ASN GD 318 40.63 -192.87 -1.65
CA ASN GD 318 39.65 -192.04 -0.95
C ASN GD 318 39.65 -190.65 -1.57
N HIS GD 319 38.89 -190.44 -2.63
CA HIS GD 319 38.74 -189.11 -3.18
C HIS GD 319 37.75 -188.31 -2.36
N SER GD 320 38.03 -187.08 -1.90
CA SER GD 320 36.97 -186.21 -1.35
C SER GD 320 37.09 -184.75 -1.83
N ILE GD 321 36.06 -183.95 -1.47
CA ILE GD 321 36.02 -182.47 -1.45
C ILE GD 321 35.32 -182.16 -0.10
N VAL GD 322 35.67 -181.08 0.62
CA VAL GD 322 34.89 -180.54 1.76
C VAL GD 322 34.19 -179.24 1.29
N VAL GD 323 32.98 -178.91 1.79
CA VAL GD 323 32.48 -177.50 1.82
C VAL GD 323 32.60 -176.86 3.21
N ASP GD 324 32.52 -175.52 3.23
CA ASP GD 324 32.05 -174.74 4.40
C ASP GD 324 30.51 -174.56 4.27
N LYS GD 325 29.76 -174.91 5.33
CA LYS GD 325 28.39 -174.37 5.60
C LYS GD 325 28.31 -173.75 7.00
N GLY GD 326 27.20 -173.04 7.23
CA GLY GD 326 26.71 -172.73 8.59
C GLY GD 326 25.84 -173.88 9.09
N SER GD 327 24.74 -173.63 9.81
CA SER GD 327 23.86 -174.74 10.28
C SER GD 327 23.40 -175.68 9.14
N ALA GD 328 22.77 -176.81 9.48
CA ALA GD 328 22.26 -177.82 8.55
C ALA GD 328 21.68 -177.22 7.26
N ASP GD 329 22.38 -177.36 6.13
CA ASP GD 329 22.03 -176.64 4.89
C ASP GD 329 21.09 -177.47 4.00
N GLY GD 330 20.33 -178.41 4.61
CA GLY GD 330 19.53 -179.41 3.90
C GLY GD 330 20.34 -180.41 3.05
N VAL GD 331 21.65 -180.52 3.30
CA VAL GD 331 22.51 -181.51 2.63
C VAL GD 331 22.15 -182.93 3.08
N GLU GD 332 21.91 -183.78 2.10
CA GLU GD 332 21.57 -185.20 2.26
C GLU GD 332 22.63 -186.08 1.59
N LEU GD 333 22.81 -187.30 2.10
CA LEU GD 333 23.87 -188.22 1.68
C LEU GD 333 23.82 -188.66 0.20
N GLY GD 334 22.67 -188.61 -0.48
CA GLY GD 334 22.60 -188.97 -1.90
C GLY GD 334 22.92 -187.84 -2.87
N ASN GD 335 22.99 -186.59 -2.37
CA ASN GD 335 22.99 -185.41 -3.22
C ASN GD 335 24.15 -185.40 -4.23
N THR GD 336 23.83 -185.01 -5.46
CA THR GD 336 24.79 -184.84 -6.56
C THR GD 336 25.00 -183.37 -6.86
N PHE GD 337 26.26 -182.95 -7.03
CA PHE GD 337 26.65 -181.57 -7.32
C PHE GD 337 27.51 -181.42 -8.58
N ASN GD 338 27.30 -180.35 -9.33
CA ASN GD 338 28.12 -180.00 -10.47
C ASN GD 338 29.20 -178.99 -10.01
N ILE GD 339 30.45 -179.22 -10.38
CA ILE GD 339 31.54 -178.24 -10.19
C ILE GD 339 31.56 -177.31 -11.39
N LEU GD 340 31.74 -176.02 -11.16
CA LEU GD 340 31.95 -175.00 -12.16
C LEU GD 340 33.20 -174.15 -11.79
N ARG GD 341 33.83 -173.54 -12.80
CA ARG GD 341 35.06 -172.73 -12.72
C ARG GD 341 34.83 -171.41 -13.42
N LYS GD 342 35.38 -170.31 -12.87
CA LYS GD 342 35.39 -169.03 -13.59
C LYS GD 342 36.57 -169.06 -14.52
N GLY GD 343 36.33 -168.74 -15.77
CA GLY GD 343 37.38 -168.67 -16.77
C GLY GD 343 37.21 -167.51 -17.72
N ASP GD 344 38.16 -167.51 -18.64
CA ASP GD 344 38.30 -166.50 -19.68
C ASP GD 344 38.81 -167.05 -21.03
N PRO GD 345 38.35 -168.22 -21.58
CA PRO GD 345 38.24 -168.23 -23.02
C PRO GD 345 36.96 -167.50 -23.42
N SER GD 346 37.06 -166.89 -24.58
CA SER GD 346 35.94 -166.72 -25.48
C SER GD 346 36.29 -167.30 -26.83
N ARG GD 347 35.30 -167.29 -27.72
CA ARG GD 347 35.52 -167.57 -29.14
C ARG GD 347 36.20 -166.42 -29.89
N HIS GD 348 36.01 -165.16 -29.44
CA HIS GD 348 36.48 -163.96 -30.15
C HIS GD 348 37.23 -162.97 -29.26
N VAL GD 349 38.41 -163.32 -28.68
CA VAL GD 349 39.20 -162.34 -27.88
C VAL GD 349 39.51 -161.02 -28.61
N LEU GD 350 39.54 -161.00 -29.96
CA LEU GD 350 39.91 -159.80 -30.73
C LEU GD 350 39.08 -158.57 -30.31
N GLY GD 351 37.82 -158.79 -29.97
CA GLY GD 351 36.96 -157.75 -29.39
C GLY GD 351 37.45 -157.38 -28.00
N HIS GD 352 37.40 -158.33 -27.05
CA HIS GD 352 37.89 -158.16 -25.67
C HIS GD 352 37.87 -159.45 -24.81
N ASP GD 353 38.69 -159.47 -23.74
CA ASP GD 353 38.61 -160.44 -22.64
C ASP GD 353 38.88 -159.79 -21.22
N VAL GD 354 38.00 -158.89 -20.70
CA VAL GD 354 38.06 -158.44 -19.26
C VAL GD 354 37.12 -159.33 -18.38
N ARG GD 355 36.76 -158.70 -17.19
CA ARG GD 355 35.65 -159.08 -16.26
C ARG GD 355 34.53 -158.04 -15.95
N LYS GD 356 34.59 -156.77 -16.39
CA LYS GD 356 33.52 -155.74 -16.11
C LYS GD 356 32.18 -156.30 -16.59
N PRO GD 357 30.93 -156.27 -16.03
CA PRO GD 357 29.83 -156.87 -16.82
C PRO GD 357 29.47 -155.96 -18.03
N SER GD 358 28.56 -156.47 -18.88
CA SER GD 358 27.76 -155.75 -19.90
C SER GD 358 28.20 -155.92 -21.37
N LYS GD 359 29.18 -156.75 -21.72
CA LYS GD 359 29.43 -157.11 -23.13
C LYS GD 359 29.17 -158.62 -23.35
N GLU GD 360 29.76 -159.16 -24.41
CA GLU GD 360 29.66 -160.55 -24.85
C GLU GD 360 30.38 -161.58 -23.93
N GLU GD 361 31.64 -161.32 -23.58
CA GLU GD 361 32.46 -162.20 -22.72
C GLU GD 361 32.39 -161.87 -21.20
N GLN GD 362 33.43 -161.16 -20.70
CA GLN GD 362 33.63 -160.63 -19.34
C GLN GD 362 33.80 -161.67 -18.20
N SER GD 363 34.60 -162.71 -18.47
CA SER GD 363 34.55 -164.01 -17.78
C SER GD 363 33.34 -164.81 -18.22
N PHE GD 364 33.42 -166.11 -18.01
CA PHE GD 364 32.35 -167.08 -18.25
C PHE GD 364 32.29 -168.10 -17.10
N PRO GD 365 31.10 -168.52 -16.59
CA PRO GD 365 30.98 -169.59 -15.61
C PRO GD 365 31.08 -170.96 -16.31
N TRP GD 366 32.28 -171.52 -16.37
CA TRP GD 366 32.56 -172.73 -17.13
C TRP GD 366 32.23 -174.02 -16.38
N ARG GD 367 31.41 -174.87 -17.00
CA ARG GD 367 31.11 -176.17 -16.43
C ARG GD 367 32.27 -177.15 -16.53
N SER GD 368 32.74 -177.63 -15.38
CA SER GD 368 33.70 -178.74 -15.32
C SER GD 368 33.04 -180.06 -15.75
N ILE GD 369 33.86 -180.99 -16.22
CA ILE GD 369 33.46 -182.41 -16.38
C ILE GD 369 33.22 -183.07 -15.02
N GLY GD 370 33.78 -182.49 -13.95
CA GLY GD 370 33.69 -182.96 -12.57
C GLY GD 370 32.28 -182.78 -12.01
N ALA GD 371 31.74 -183.89 -11.54
CA ALA GD 371 30.54 -183.94 -10.70
C ALA GD 371 30.91 -184.68 -9.42
N CYS GD 372 30.20 -184.38 -8.33
CA CYS GD 372 30.46 -184.95 -7.01
C CYS GD 372 29.18 -185.54 -6.42
N MET GD 373 29.35 -186.51 -5.54
CA MET GD 373 28.32 -187.13 -4.73
C MET GD 373 28.65 -186.86 -3.26
N VAL GD 374 27.72 -186.36 -2.46
CA VAL GD 374 27.91 -186.32 -1.00
C VAL GD 374 28.15 -187.72 -0.47
N THR GD 375 29.08 -187.87 0.49
CA THR GD 375 29.40 -189.18 1.09
C THR GD 375 29.29 -189.13 2.59
N GLU GD 376 29.61 -188.00 3.20
CA GLU GD 376 29.41 -187.79 4.61
C GLU GD 376 28.83 -186.41 4.85
N VAL GD 377 27.83 -186.34 5.74
CA VAL GD 377 27.22 -185.10 6.20
C VAL GD 377 27.54 -184.93 7.69
N LYS GD 378 27.93 -183.71 8.05
CA LYS GD 378 28.09 -183.23 9.42
C LYS GD 378 27.09 -182.08 9.63
N GLU GD 379 26.97 -181.59 10.87
CA GLU GD 379 26.01 -180.52 11.20
C GLU GD 379 26.11 -179.27 10.32
N ARG GD 380 27.35 -178.88 9.98
CA ARG GD 380 27.66 -177.65 9.23
C ARG GD 380 28.59 -177.80 8.04
N THR GD 381 28.97 -179.00 7.69
CA THR GD 381 29.91 -179.23 6.59
C THR GD 381 29.62 -180.59 6.00
N SER GD 382 30.17 -180.89 4.84
CA SER GD 382 29.99 -182.18 4.19
C SER GD 382 31.22 -182.53 3.38
N ASN GD 383 31.46 -183.83 3.27
CA ASN GD 383 32.44 -184.40 2.38
C ASN GD 383 31.71 -184.99 1.18
N CYS GD 384 32.24 -184.78 -0.02
CA CYS GD 384 31.71 -185.38 -1.25
C CYS GD 384 32.83 -186.10 -2.01
N LEU GD 385 32.53 -187.21 -2.69
CA LEU GD 385 33.43 -187.85 -3.62
C LEU GD 385 33.10 -187.41 -5.10
N MET GD 386 34.01 -186.71 -5.79
CA MET GD 386 34.15 -186.62 -7.27
C MET GD 386 33.95 -187.99 -7.89
N THR GD 387 33.11 -187.95 -8.91
CA THR GD 387 32.75 -189.07 -9.76
C THR GD 387 33.84 -189.39 -10.80
N ARG GD 388 34.63 -188.37 -11.17
CA ARG GD 388 35.79 -188.48 -12.05
C ARG GD 388 37.04 -188.16 -11.27
N SER GD 389 37.61 -189.24 -10.78
CA SER GD 389 38.86 -189.38 -10.08
C SER GD 389 40.14 -189.07 -10.93
N LEU GD 390 40.09 -187.93 -11.72
CA LEU GD 390 41.20 -187.52 -12.61
C LEU GD 390 41.55 -186.01 -12.62
N GLU GD 391 40.72 -185.10 -12.08
CA GLU GD 391 41.03 -183.66 -12.02
C GLU GD 391 41.05 -183.13 -10.58
N GLU GD 392 42.20 -182.55 -10.18
CA GLU GD 392 42.33 -181.74 -8.96
C GLU GD 392 41.66 -180.34 -9.06
N LEU GD 393 41.11 -179.84 -7.93
CA LEU GD 393 40.59 -178.46 -7.72
C LEU GD 393 41.31 -177.74 -6.51
N VAL GD 394 41.26 -176.40 -6.40
CA VAL GD 394 41.69 -175.63 -5.18
C VAL GD 394 40.45 -175.41 -4.22
N PRO GD 395 40.47 -174.66 -3.07
CA PRO GD 395 39.22 -174.03 -2.63
C PRO GD 395 38.86 -172.88 -3.58
N GLY GD 396 37.56 -172.60 -3.60
CA GLY GD 396 37.02 -171.40 -4.25
C GLY GD 396 36.35 -171.71 -5.59
N ASP GD 397 36.65 -172.88 -6.16
CA ASP GD 397 35.71 -173.55 -7.08
C ASP GD 397 34.41 -173.84 -6.32
N ARG GD 398 33.34 -173.56 -7.03
CA ARG GD 398 31.99 -173.51 -6.49
C ARG GD 398 31.20 -174.81 -6.75
N ALA HD 69 -20.97 -127.82 47.82
CA ALA HD 69 -20.96 -127.45 46.41
C ALA HD 69 -19.57 -127.68 45.81
N PRO HD 70 -19.37 -127.34 44.54
CA PRO HD 70 -18.01 -127.24 44.03
C PRO HD 70 -17.46 -125.83 44.18
N ARG HD 71 -17.02 -125.48 45.39
CA ARG HD 71 -16.35 -124.21 45.66
C ARG HD 71 -17.16 -123.03 45.16
N GLY HD 72 -17.03 -122.71 43.87
CA GLY HD 72 -17.84 -121.69 43.26
C GLY HD 72 -19.15 -122.25 42.77
N ARG HD 73 -19.13 -122.91 41.62
CA ARG HD 73 -20.35 -123.37 40.97
C ARG HD 73 -20.11 -124.55 40.03
N GLU HD 74 -20.01 -124.27 38.71
CA GLU HD 74 -19.73 -125.26 37.65
C GLU HD 74 -20.92 -126.16 37.33
N SER HD 75 -20.85 -126.86 36.20
CA SER HD 75 -21.82 -127.89 35.77
C SER HD 75 -21.28 -128.55 34.49
N ALA HD 76 -22.11 -129.38 33.83
CA ALA HD 76 -21.65 -130.16 32.69
C ALA HD 76 -22.71 -130.81 31.78
N PRO HD 77 -24.04 -130.75 32.05
CA PRO HD 77 -24.99 -131.30 31.07
C PRO HD 77 -25.87 -130.27 30.37
N GLY HD 78 -27.18 -130.33 30.61
CA GLY HD 78 -28.11 -129.41 29.98
C GLY HD 78 -29.56 -129.56 30.41
N GLU HD 79 -30.03 -128.63 31.25
CA GLU HD 79 -31.42 -128.60 31.71
C GLU HD 79 -31.91 -127.15 31.57
N VAL HD 80 -32.99 -126.79 32.26
CA VAL HD 80 -33.66 -125.51 31.97
C VAL HD 80 -33.80 -124.70 33.26
N HIS HD 81 -33.48 -123.42 33.19
CA HIS HD 81 -33.75 -122.47 34.26
C HIS HD 81 -34.76 -121.43 33.79
N SER HD 82 -35.32 -120.70 34.75
CA SER HD 82 -36.37 -119.73 34.50
C SER HD 82 -35.82 -118.32 34.67
N VAL HD 83 -36.17 -117.43 33.72
CA VAL HD 83 -35.72 -116.05 33.79
C VAL HD 83 -36.55 -115.29 34.79
N GLU HD 84 -35.91 -114.39 35.54
CA GLU HD 84 -36.59 -113.51 36.48
C GLU HD 84 -36.59 -112.08 35.94
N SER HD 85 -37.21 -111.19 36.71
CA SER HD 85 -37.49 -109.83 36.26
C SER HD 85 -36.21 -109.00 36.28
N GLY HD 86 -35.86 -108.42 35.13
CA GLY HD 86 -34.65 -107.63 35.00
C GLY HD 86 -33.44 -108.42 34.56
N ASP HD 87 -33.61 -109.66 34.14
CA ASP HD 87 -32.52 -110.55 33.80
C ASP HD 87 -32.28 -110.56 32.29
N THR HD 88 -31.00 -110.59 31.92
CA THR HD 88 -30.55 -110.89 30.57
C THR HD 88 -29.74 -112.18 30.63
N LEU HD 89 -29.32 -112.68 29.47
CA LEU HD 89 -28.46 -113.86 29.51
C LEU HD 89 -27.04 -113.47 29.94
N TRP HD 90 -26.65 -112.20 29.77
CA TRP HD 90 -25.34 -111.79 30.30
C TRP HD 90 -25.33 -111.89 31.83
N ASP HD 91 -26.46 -111.68 32.48
CA ASP HD 91 -26.60 -112.01 33.90
C ASP HD 91 -26.60 -113.51 34.12
N LEU HD 92 -27.69 -114.16 33.72
CA LEU HD 92 -27.89 -115.60 33.92
C LEU HD 92 -26.64 -116.43 33.62
N SER HD 93 -25.73 -115.90 32.79
CA SER HD 93 -24.43 -116.54 32.62
C SER HD 93 -23.54 -116.33 33.84
N GLN HD 94 -23.83 -115.33 34.67
CA GLN HD 94 -23.06 -115.08 35.87
C GLN HD 94 -23.87 -114.21 36.83
N ARG HD 95 -24.23 -114.79 37.99
CA ARG HD 95 -24.86 -114.17 39.17
C ARG HD 95 -26.37 -114.38 39.23
N TYR HD 96 -26.96 -114.81 38.12
CA TYR HD 96 -28.41 -114.98 38.05
C TYR HD 96 -28.77 -116.46 37.99
N LEU HD 97 -28.04 -117.28 38.72
CA LEU HD 97 -28.41 -118.68 38.91
C LEU HD 97 -27.56 -119.34 39.99
N GLY HD 98 -27.58 -120.68 39.94
CA GLY HD 98 -26.77 -121.51 40.82
C GLY HD 98 -25.55 -122.11 40.13
N SER HD 99 -25.05 -121.42 39.09
CA SER HD 99 -23.86 -121.78 38.33
C SER HD 99 -23.53 -120.63 37.39
N PRO HD 100 -22.36 -120.63 36.73
CA PRO HD 100 -22.17 -119.75 35.59
C PRO HD 100 -22.34 -120.57 34.31
N TRP HD 101 -22.34 -119.85 33.19
CA TRP HD 101 -22.23 -120.46 31.87
C TRP HD 101 -21.90 -119.34 30.90
N TYR HD 102 -22.02 -119.61 29.61
CA TYR HD 102 -21.62 -118.67 28.58
C TYR HD 102 -22.86 -118.19 27.85
N TRP HD 103 -23.11 -116.88 27.94
CA TRP HD 103 -24.30 -116.29 27.32
C TRP HD 103 -24.52 -116.74 25.89
N PRO HD 104 -23.52 -116.72 24.98
CA PRO HD 104 -23.80 -117.19 23.61
C PRO HD 104 -24.37 -118.60 23.56
N LYS HD 105 -23.75 -119.52 24.32
CA LYS HD 105 -24.16 -120.93 24.30
C LYS HD 105 -25.64 -121.11 24.60
N VAL HD 106 -26.18 -120.27 25.49
CA VAL HD 106 -27.57 -120.40 25.88
C VAL HD 106 -28.47 -119.63 24.94
N TRP HD 107 -28.02 -118.45 24.48
CA TRP HD 107 -28.71 -117.83 23.37
C TRP HD 107 -28.89 -118.81 22.22
N SER HD 108 -28.02 -119.81 22.13
CA SER HD 108 -28.10 -120.73 21.00
C SER HD 108 -28.98 -121.94 21.31
N TYR HD 109 -29.32 -122.17 22.57
CA TYR HD 109 -29.79 -123.51 22.92
C TYR HD 109 -31.25 -123.75 22.55
N ASN HD 110 -32.16 -122.99 23.15
CA ASN HD 110 -33.58 -123.01 22.76
C ASN HD 110 -34.42 -122.02 23.55
N PRO HD 111 -35.00 -121.03 22.86
CA PRO HD 111 -34.99 -120.83 21.40
C PRO HD 111 -33.65 -120.28 20.92
N GLU HD 112 -33.27 -120.49 19.66
CA GLU HD 112 -31.99 -119.95 19.20
C GLU HD 112 -32.07 -118.43 19.15
N ILE HD 113 -31.47 -117.77 20.15
CA ILE HD 113 -31.51 -116.32 20.24
C ILE HD 113 -30.07 -115.80 20.19
N ALA HD 114 -29.88 -114.48 20.27
CA ALA HD 114 -28.57 -113.89 20.00
C ALA HD 114 -28.05 -113.06 21.17
N ASN HD 115 -26.73 -113.06 21.33
CA ASN HD 115 -26.11 -112.78 22.64
C ASN HD 115 -26.31 -111.38 23.17
N PRO HD 116 -26.74 -110.36 22.42
CA PRO HD 116 -27.21 -109.13 23.05
C PRO HD 116 -28.66 -108.81 22.71
N HIS HD 117 -29.50 -109.85 22.61
CA HIS HD 117 -30.88 -109.69 22.16
C HIS HD 117 -31.84 -109.45 23.33
N TRP HD 118 -31.37 -109.62 24.56
CA TRP HD 118 -32.11 -109.34 25.80
C TRP HD 118 -33.40 -110.15 25.94
N ILE HD 119 -33.57 -110.83 27.08
CA ILE HD 119 -34.72 -111.69 27.29
C ILE HD 119 -35.80 -110.97 28.11
N TYR HD 120 -36.73 -111.75 28.64
CA TYR HD 120 -37.89 -111.28 29.39
C TYR HD 120 -38.13 -112.20 30.57
N PRO HD 121 -38.71 -111.70 31.65
CA PRO HD 121 -39.00 -112.55 32.80
C PRO HD 121 -40.10 -113.56 32.49
N GLY HD 122 -40.05 -114.68 33.22
CA GLY HD 122 -40.99 -115.76 32.99
C GLY HD 122 -40.62 -116.68 31.86
N ASN HD 123 -39.45 -116.52 31.26
CA ASN HD 123 -39.01 -117.35 30.16
C ASN HD 123 -38.19 -118.53 30.66
N GLN HD 124 -38.18 -119.61 29.89
CA GLN HD 124 -37.40 -120.80 30.20
C GLN HD 124 -36.28 -120.95 29.18
N VAL HD 125 -35.09 -121.29 29.66
CA VAL HD 125 -33.87 -121.20 28.88
C VAL HD 125 -32.92 -122.32 29.30
N ARG HD 126 -32.35 -123.00 28.32
CA ARG HD 126 -31.63 -124.25 28.55
C ARG HD 126 -30.20 -123.98 29.02
N PHE HD 127 -29.94 -124.28 30.30
CA PHE HD 127 -28.64 -123.99 30.92
C PHE HD 127 -27.92 -125.23 31.42
N PHE HD 128 -26.78 -125.53 30.79
CA PHE HD 128 -25.59 -126.22 31.34
C PHE HD 128 -24.65 -126.35 30.13
N ALA HD 129 -23.33 -126.23 30.34
CA ALA HD 129 -22.36 -126.30 29.25
C ALA HD 129 -20.96 -126.44 29.81
N ALA HD 130 -20.24 -127.46 29.33
CA ALA HD 130 -18.85 -127.69 29.74
C ALA HD 130 -17.97 -128.07 28.56
N LYS HD 298 13.21 -163.29 31.11
CA LYS HD 298 14.32 -163.62 30.21
C LYS HD 298 14.79 -165.06 30.37
N GLN HD 299 15.42 -165.61 29.34
CA GLN HD 299 16.07 -166.92 29.45
C GLN HD 299 17.33 -166.86 30.31
N VAL HD 300 17.58 -168.02 30.90
CA VAL HD 300 18.86 -168.44 31.46
C VAL HD 300 19.44 -169.47 30.51
N ASP HD 301 20.55 -169.11 29.87
CA ASP HD 301 21.14 -169.94 28.84
C ASP HD 301 22.52 -170.39 29.35
N GLY HD 302 22.53 -171.66 29.79
CA GLY HD 302 23.75 -172.34 30.24
C GLY HD 302 24.63 -172.68 29.05
N THR HD 303 25.91 -172.34 29.18
CA THR HD 303 26.94 -172.59 28.16
C THR HD 303 27.95 -173.61 28.63
N VAL HD 304 28.43 -174.40 27.68
CA VAL HD 304 29.60 -175.24 27.85
C VAL HD 304 30.80 -174.36 28.27
N ILE HD 305 31.49 -174.69 29.38
CA ILE HD 305 32.70 -173.98 29.85
C ILE HD 305 34.03 -174.74 29.58
N THR HD 306 33.99 -176.07 29.41
CA THR HD 306 35.14 -176.80 28.80
C THR HD 306 35.08 -176.89 27.26
N ALA HD 307 36.27 -176.83 26.60
CA ALA HD 307 36.50 -177.56 25.36
C ALA HD 307 37.50 -178.69 25.63
N LEU HD 308 37.58 -179.66 24.70
CA LEU HD 308 38.57 -180.74 24.71
C LEU HD 308 38.39 -181.84 25.79
N VAL HD 309 37.25 -181.93 26.50
CA VAL HD 309 37.07 -183.06 27.45
C VAL HD 309 37.13 -184.40 26.67
N PRO HD 310 36.99 -185.56 27.33
CA PRO HD 310 36.53 -186.80 26.70
C PRO HD 310 35.12 -186.79 26.01
N TYR HD 311 34.80 -185.83 25.08
CA TYR HD 311 33.43 -185.71 24.50
C TYR HD 311 32.81 -186.93 23.73
N LEU HD 312 33.64 -187.96 23.53
CA LEU HD 312 33.23 -189.18 22.85
C LEU HD 312 32.89 -190.38 23.76
N THR HD 313 33.12 -190.34 25.11
CA THR HD 313 33.43 -191.54 25.93
C THR HD 313 34.45 -192.59 25.40
N VAL HD 314 34.67 -192.84 24.07
CA VAL HD 314 35.20 -194.18 23.69
C VAL HD 314 36.57 -194.46 24.35
N LEU HD 315 37.50 -193.51 24.21
CA LEU HD 315 38.88 -193.78 24.62
C LEU HD 315 39.07 -193.85 26.15
N GLY HD 316 38.23 -193.15 26.92
CA GLY HD 316 38.37 -193.01 28.40
C GLY HD 316 37.19 -193.50 29.27
N GLU HD 317 36.06 -193.86 28.63
CA GLU HD 317 34.75 -194.20 29.20
C GLU HD 317 33.99 -193.10 29.98
N ASN HD 318 34.61 -191.91 30.15
CA ASN HD 318 34.04 -190.84 30.96
C ASN HD 318 33.77 -189.63 30.08
N HIS HD 319 32.62 -189.59 29.42
CA HIS HD 319 32.25 -188.41 28.67
C HIS HD 319 31.73 -187.33 29.62
N SER HD 320 32.17 -186.07 29.58
CA SER HD 320 31.47 -184.99 30.30
C SER HD 320 31.38 -183.69 29.46
N ILE HD 321 30.62 -182.71 30.00
CA ILE HD 321 30.59 -181.27 29.66
C ILE HD 321 30.55 -180.58 31.06
N VAL HD 322 31.20 -179.43 31.25
CA VAL HD 322 31.00 -178.56 32.44
C VAL HD 322 30.17 -177.33 32.01
N VAL HD 323 29.31 -176.76 32.87
CA VAL HD 323 28.87 -175.33 32.75
C VAL HD 323 29.60 -174.40 33.75
N ASP HD 324 29.55 -173.10 33.47
CA ASP HD 324 29.63 -172.03 34.48
C ASP HD 324 28.21 -171.71 34.98
N LYS HD 325 27.99 -171.71 36.31
CA LYS HD 325 26.88 -170.99 36.98
C LYS HD 325 27.44 -170.05 38.09
N GLY HD 326 26.55 -169.18 38.58
CA GLY HD 326 26.71 -168.52 39.89
C GLY HD 326 26.15 -169.42 40.99
N SER HD 327 25.48 -168.90 42.02
CA SER HD 327 24.90 -169.77 43.08
C SER HD 327 23.97 -170.88 42.52
N ALA HD 328 23.56 -171.82 43.40
CA ALA HD 328 22.68 -172.95 43.05
C ALA HD 328 21.60 -172.58 42.03
N ASP HD 329 21.72 -173.07 40.77
CA ASP HD 329 20.86 -172.60 39.67
C ASP HD 329 19.62 -173.52 39.51
N GLY HD 330 19.21 -174.19 40.59
CA GLY HD 330 18.17 -175.23 40.59
C GLY HD 330 18.53 -176.47 39.76
N VAL HD 331 19.82 -176.68 39.43
CA VAL HD 331 20.29 -177.88 38.74
C VAL HD 331 20.16 -179.12 39.65
N GLU HD 332 19.50 -180.14 39.11
CA GLU HD 332 19.26 -181.43 39.75
C GLU HD 332 19.91 -182.55 38.94
N LEU HD 333 20.30 -183.63 39.61
CA LEU HD 333 21.06 -184.75 39.03
C LEU HD 333 20.36 -185.49 37.88
N GLY HD 334 19.03 -185.48 37.77
CA GLY HD 334 18.34 -186.14 36.66
C GLY HD 334 18.20 -185.29 35.39
N ASN HD 335 18.49 -183.99 35.49
CA ASN HD 335 18.12 -183.03 34.44
C ASN HD 335 18.71 -183.38 33.07
N THR HD 336 17.88 -183.24 32.03
CA THR HD 336 18.24 -183.45 30.63
C THR HD 336 18.32 -182.10 29.91
N PHE HD 337 19.38 -181.89 29.12
CA PHE HD 337 19.59 -180.66 28.34
C PHE HD 337 19.80 -180.90 26.86
N ASN HD 338 19.29 -180.01 26.01
CA ASN HD 338 19.52 -180.02 24.59
C ASN HD 338 20.69 -179.07 24.26
N ILE HD 339 21.65 -179.52 23.47
CA ILE HD 339 22.72 -178.65 22.93
C ILE HD 339 22.21 -178.03 21.63
N LEU HD 340 22.47 -176.75 21.44
CA LEU HD 340 22.21 -176.00 20.21
C LEU HD 340 23.51 -175.25 19.79
N ARG HD 341 23.63 -174.95 18.49
CA ARG HD 341 24.76 -174.29 17.83
C ARG HD 341 24.25 -173.14 16.98
N LYS HD 342 24.99 -172.02 16.94
CA LYS HD 342 24.69 -170.95 15.99
C LYS HD 342 25.33 -171.32 14.69
N GLY HD 343 24.56 -171.27 13.63
CA GLY HD 343 25.07 -171.55 12.29
C GLY HD 343 24.50 -170.63 11.24
N ASP HD 344 24.94 -170.93 10.04
CA ASP HD 344 24.61 -170.21 8.83
C ASP HD 344 24.47 -171.11 7.57
N PRO HD 345 23.80 -172.30 7.59
CA PRO HD 345 23.07 -172.63 6.39
C PRO HD 345 21.75 -171.86 6.41
N SER HD 346 21.33 -171.55 5.21
CA SER HD 346 19.93 -171.46 4.85
C SER HD 346 19.64 -172.36 3.67
N ARG HD 347 18.35 -172.45 3.33
CA ARG HD 347 17.92 -173.06 2.07
C ARG HD 347 18.21 -172.19 0.85
N HIS HD 348 18.25 -170.86 0.99
CA HIS HD 348 18.35 -169.91 -0.14
C HIS HD 348 19.43 -168.83 0.08
N VAL HD 349 20.73 -169.19 0.16
CA VAL HD 349 21.79 -168.14 0.27
C VAL HD 349 21.76 -167.06 -0.82
N LEU HD 350 21.18 -167.34 -2.02
CA LEU HD 350 21.17 -166.41 -3.14
C LEU HD 350 20.63 -165.02 -2.74
N GLY HD 351 19.64 -165.01 -1.85
CA GLY HD 351 19.13 -163.79 -1.25
C GLY HD 351 20.18 -163.17 -0.34
N HIS HD 352 20.57 -163.86 0.74
CA HIS HD 352 21.62 -163.44 1.69
C HIS HD 352 21.97 -164.50 2.77
N ASP HD 353 23.17 -164.37 3.36
CA ASP HD 353 23.60 -165.05 4.60
C ASP HD 353 24.46 -164.13 5.54
N VAL HD 354 23.91 -163.04 6.13
CA VAL HD 354 24.60 -162.29 7.26
C VAL HD 354 24.14 -162.84 8.64
N ARG HD 355 24.36 -161.92 9.68
CA ARG HD 355 23.76 -161.96 11.04
C ARG HD 355 22.91 -160.75 11.54
N LYS HD 356 22.76 -159.63 10.81
CA LYS HD 356 21.94 -158.44 11.24
C LYS HD 356 20.51 -158.94 11.54
N PRO HD 357 19.65 -158.64 12.56
CA PRO HD 357 18.31 -159.28 12.48
C PRO HD 357 17.46 -158.63 11.37
N SER HD 358 16.26 -159.20 11.15
CA SER HD 358 15.09 -158.66 10.41
C SER HD 358 14.82 -159.20 9.00
N LYS HD 359 15.55 -160.20 8.49
CA LYS HD 359 15.15 -160.89 7.25
C LYS HD 359 14.81 -162.37 7.55
N GLU HD 360 14.88 -163.20 6.51
CA GLU HD 360 14.59 -164.64 6.53
C GLU HD 360 15.63 -165.49 7.29
N GLU HD 361 16.93 -165.31 6.98
CA GLU HD 361 18.04 -166.07 7.60
C GLU HD 361 18.65 -165.40 8.86
N GLN HD 362 19.81 -164.71 8.68
CA GLN HD 362 20.59 -163.92 9.64
C GLN HD 362 21.23 -164.68 10.81
N SER HD 363 21.84 -165.83 10.50
CA SER HD 363 22.09 -166.93 11.45
C SER HD 363 20.81 -167.68 11.79
N PHE HD 364 20.97 -168.90 12.26
CA PHE HD 364 19.90 -169.75 12.76
C PHE HD 364 20.36 -170.49 14.05
N PRO HD 365 19.52 -170.64 15.09
CA PRO HD 365 19.84 -171.45 16.28
C PRO HD 365 19.61 -172.93 15.98
N TRP HD 366 20.66 -173.63 15.56
CA TRP HD 366 20.57 -175.00 15.07
C TRP HD 366 20.61 -176.04 16.18
N ARG HD 367 19.60 -176.91 16.21
CA ARG HD 367 19.57 -178.01 17.16
C ARG HD 367 20.57 -179.11 16.83
N SER HD 368 21.50 -179.37 17.75
CA SER HD 368 22.37 -180.53 17.67
C SER HD 368 21.59 -181.84 17.91
N ILE HD 369 22.13 -182.94 17.39
CA ILE HD 369 21.69 -184.29 17.78
C ILE HD 369 22.07 -184.59 19.23
N GLY HD 370 23.05 -183.86 19.79
CA GLY HD 370 23.57 -184.00 21.14
C GLY HD 370 22.56 -183.53 22.18
N ALA HD 371 22.27 -184.44 23.10
CA ALA HD 371 21.59 -184.16 24.34
C ALA HD 371 22.47 -184.63 25.50
N CYS HD 372 22.32 -184.03 26.65
CA CYS HD 372 23.13 -184.29 27.83
C CYS HD 372 22.25 -184.59 29.05
N MET HD 373 22.80 -185.34 29.99
CA MET HD 373 22.22 -185.64 31.30
C MET HD 373 23.17 -185.09 32.35
N VAL HD 374 22.69 -184.33 33.32
CA VAL HD 374 23.50 -183.97 34.50
C VAL HD 374 23.96 -185.24 35.22
N THR HD 375 25.21 -185.26 35.67
CA THR HD 375 25.76 -186.44 36.38
C THR HD 375 26.32 -186.05 37.74
N GLU HD 376 26.88 -184.84 37.83
CA GLU HD 376 27.34 -184.30 39.10
C GLU HD 376 26.92 -182.84 39.20
N VAL HD 377 26.42 -182.47 40.38
CA VAL HD 377 26.09 -181.09 40.74
C VAL HD 377 27.03 -180.63 41.84
N LYS HD 378 27.53 -179.41 41.68
CA LYS HD 378 28.29 -178.65 42.69
C LYS HD 378 27.50 -177.38 42.99
N GLU HD 379 27.93 -176.61 44.01
CA GLU HD 379 27.21 -175.39 44.43
C GLU HD 379 26.92 -174.39 43.30
N ARG HD 380 27.88 -174.24 42.38
CA ARG HD 380 27.82 -173.26 41.29
C ARG HD 380 28.13 -173.76 39.89
N THR HD 381 28.32 -175.05 39.72
CA THR HD 381 28.68 -175.64 38.43
C THR HD 381 28.15 -177.05 38.39
N SER HD 382 28.13 -177.66 37.22
CA SER HD 382 27.67 -179.04 37.06
C SER HD 382 28.42 -179.70 35.92
N ASN HD 383 28.59 -181.00 36.06
CA ASN HD 383 29.08 -181.87 35.01
C ASN HD 383 27.89 -182.63 34.42
N CYS HD 384 27.82 -182.76 33.11
CA CYS HD 384 26.80 -183.56 32.42
C CYS HD 384 27.47 -184.55 31.46
N LEU HD 385 26.90 -185.74 31.29
CA LEU HD 385 27.29 -186.69 30.24
C LEU HD 385 26.35 -186.55 28.99
N MET HD 386 26.85 -186.13 27.82
CA MET HD 386 26.33 -186.40 26.47
C MET HD 386 25.87 -187.84 26.36
N THR HD 387 24.67 -187.93 25.82
CA THR HD 387 23.95 -189.16 25.52
C THR HD 387 24.48 -189.83 24.24
N ARG HD 388 25.03 -189.02 23.32
CA ARG HD 388 25.68 -189.46 22.07
C ARG HD 388 27.14 -189.12 22.14
N SER HD 389 27.86 -190.12 22.59
CA SER HD 389 29.31 -190.23 22.71
C SER HD 389 30.07 -190.28 21.35
N LEU HD 390 29.69 -189.35 20.40
CA LEU HD 390 30.28 -189.27 19.04
C LEU HD 390 30.59 -187.85 18.50
N GLU HD 391 30.09 -186.77 19.08
CA GLU HD 391 30.41 -185.39 18.63
C GLU HD 391 31.06 -184.56 19.75
N GLU HD 392 32.27 -184.03 19.47
CA GLU HD 392 32.93 -182.99 20.26
C GLU HD 392 32.29 -181.59 20.11
N LEU HD 393 32.29 -180.78 21.19
CA LEU HD 393 31.93 -179.34 21.26
C LEU HD 393 33.11 -178.45 21.81
N VAL HD 394 33.12 -177.13 21.59
CA VAL HD 394 34.04 -176.15 22.27
C VAL HD 394 33.35 -175.57 23.58
N PRO HD 395 33.89 -174.60 24.37
CA PRO HD 395 32.97 -173.74 25.14
C PRO HD 395 32.22 -172.81 24.18
N GLY HD 396 31.05 -172.39 24.64
CA GLY HD 396 30.28 -171.32 24.02
C GLY HD 396 29.09 -171.84 23.21
N ASP HD 397 29.09 -173.14 22.88
CA ASP HD 397 27.85 -173.88 22.65
C ASP HD 397 27.02 -173.85 23.93
N ARG HD 398 25.74 -173.60 23.71
CA ARG HD 398 24.76 -173.29 24.75
C ARG HD 398 23.94 -174.52 25.18
N ALA ID 69 1.51 -110.63 82.93
CA ALA ID 69 0.90 -110.59 81.60
C ALA ID 69 1.89 -111.11 80.56
N PRO ID 70 1.50 -111.10 79.28
CA PRO ID 70 2.51 -111.26 78.23
C PRO ID 70 3.08 -109.94 77.76
N ARG ID 71 4.00 -109.36 78.55
CA ARG ID 71 4.72 -108.16 78.17
C ARG ID 71 3.76 -107.04 77.78
N GLY ID 72 3.33 -107.04 76.52
CA GLY ID 72 2.33 -106.10 76.07
C GLY ID 72 0.93 -106.60 76.35
N ARG ID 73 0.43 -107.51 75.51
CA ARG ID 73 -0.95 -107.96 75.58
C ARG ID 73 -1.15 -109.35 74.96
N GLU ID 74 -1.63 -109.40 73.71
CA GLU ID 74 -1.86 -110.62 72.92
C GLU ID 74 -3.06 -111.43 73.38
N SER ID 75 -3.49 -112.39 72.55
CA SER ID 75 -4.55 -113.36 72.86
C SER ID 75 -4.63 -114.35 71.69
N ALA ID 76 -5.67 -115.21 71.67
CA ALA ID 76 -5.77 -116.29 70.69
C ALA ID 76 -7.11 -117.01 70.51
N PRO ID 77 -8.19 -116.74 71.31
CA PRO ID 77 -9.48 -117.38 71.00
C PRO ID 77 -10.58 -116.45 70.50
N GLY ID 78 -11.66 -116.31 71.29
CA GLY ID 78 -12.76 -115.45 70.90
C GLY ID 78 -13.87 -115.33 71.93
N GLU ID 79 -13.92 -114.19 72.62
CA GLU ID 79 -14.97 -113.90 73.59
C GLU ID 79 -15.46 -112.48 73.32
N VAL ID 80 -16.13 -111.85 74.28
CA VAL ID 80 -16.85 -110.61 73.99
C VAL ID 80 -16.42 -109.52 74.97
N HIS ID 81 -16.17 -108.31 74.44
CA HIS ID 81 -15.92 -107.13 75.24
C HIS ID 81 -17.05 -106.11 74.99
N SER ID 82 -17.12 -105.13 75.89
CA SER ID 82 -18.17 -104.12 75.86
C SER ID 82 -17.61 -102.78 75.41
N VAL ID 83 -18.33 -102.11 74.51
CA VAL ID 83 -17.90 -100.80 74.02
C VAL ID 83 -18.21 -99.73 75.05
N GLU ID 84 -17.30 -98.78 75.20
CA GLU ID 84 -17.50 -97.63 76.07
C GLU ID 84 -17.75 -96.37 75.24
N SER ID 85 -17.96 -95.26 75.95
CA SER ID 85 -18.40 -94.03 75.32
C SER ID 85 -17.24 -93.36 74.58
N GLY ID 86 -17.44 -93.10 73.29
CA GLY ID 86 -16.41 -92.51 72.46
C GLY ID 86 -15.52 -93.51 71.77
N ASP ID 87 -15.86 -94.79 71.79
CA ASP ID 87 -15.03 -95.85 71.25
C ASP ID 87 -15.48 -96.23 69.85
N THR ID 88 -14.50 -96.49 68.99
CA THR ID 88 -14.68 -97.14 67.71
C THR ID 88 -13.93 -98.46 67.74
N LEU ID 89 -14.07 -99.27 66.68
CA LEU ID 89 -13.27 -100.48 66.65
C LEU ID 89 -11.81 -100.18 66.32
N TRP ID 90 -11.53 -99.04 65.68
CA TRP ID 90 -10.13 -98.67 65.49
C TRP ID 90 -9.43 -98.40 66.83
N ASP ID 91 -10.17 -97.93 67.82
CA ASP ID 91 -9.67 -97.90 69.19
C ASP ID 91 -9.56 -99.31 69.77
N LEU ID 92 -10.73 -99.90 70.06
CA LEU ID 92 -10.81 -101.22 70.68
C LEU ID 92 -9.82 -102.23 70.10
N SER ID 93 -9.38 -102.02 68.86
CA SER ID 93 -8.29 -102.82 68.32
C SER ID 93 -6.95 -102.45 68.95
N GLN ID 94 -6.85 -101.25 69.53
CA GLN ID 94 -5.62 -100.81 70.19
C GLN ID 94 -5.94 -99.66 71.15
N ARG ID 95 -5.74 -99.92 72.45
CA ARG ID 95 -5.79 -98.98 73.58
C ARG ID 95 -7.12 -98.99 74.33
N TYR ID 96 -8.14 -99.60 73.73
CA TYR ID 96 -9.47 -99.62 74.33
C TYR ID 96 -9.81 -101.02 74.81
N LEU ID 97 -8.83 -101.72 75.34
CA LEU ID 97 -9.09 -102.99 76.02
C LEU ID 97 -7.86 -103.49 76.77
N GLY ID 98 -7.88 -104.79 77.08
CA GLY ID 98 -6.77 -105.48 77.70
C GLY ID 98 -5.99 -106.35 76.75
N SER ID 99 -5.99 -105.98 75.46
CA SER ID 99 -5.26 -106.64 74.38
C SER ID 99 -5.37 -105.79 73.12
N PRO ID 100 -4.62 -106.07 72.06
CA PRO ID 100 -4.95 -105.50 70.76
C PRO ID 100 -5.66 -106.56 69.93
N TRP ID 101 -6.16 -106.14 68.78
CA TRP ID 101 -6.64 -107.03 67.74
C TRP ID 101 -6.77 -106.21 66.47
N TYR ID 102 -7.45 -106.76 65.47
CA TYR ID 102 -7.54 -106.13 64.18
C TYR ID 102 -8.98 -105.68 63.94
N TRP ID 103 -9.17 -104.38 63.79
CA TRP ID 103 -10.50 -103.81 63.61
C TRP ID 103 -11.33 -104.55 62.56
N PRO ID 104 -10.84 -104.86 61.35
CA PRO ID 104 -11.70 -105.60 60.41
C PRO ID 104 -12.22 -106.91 60.97
N LYS ID 105 -11.33 -107.70 61.60
CA LYS ID 105 -11.71 -109.02 62.11
C LYS ID 105 -12.90 -108.94 63.05
N VAL ID 106 -12.99 -107.88 63.84
CA VAL ID 106 -14.08 -107.75 64.81
C VAL ID 106 -15.30 -107.11 64.18
N TRP ID 107 -15.09 -106.14 63.28
CA TRP ID 107 -16.20 -105.71 62.46
C TRP ID 107 -16.88 -106.90 61.78
N SER ID 108 -16.13 -108.00 61.59
CA SER ID 108 -16.70 -109.13 60.88
C SER ID 108 -17.35 -110.13 61.83
N TYR ID 109 -17.11 -110.03 63.13
CA TYR ID 109 -17.37 -111.19 63.98
C TYR ID 109 -18.84 -111.34 64.35
N ASN ID 110 -19.39 -110.37 65.05
CA ASN ID 110 -20.85 -110.31 65.33
C ASN ID 110 -21.26 -109.07 66.11
N PRO ID 111 -22.08 -108.21 65.51
CA PRO ID 111 -22.71 -108.36 64.19
C PRO ID 111 -21.73 -108.09 63.06
N GLU ID 112 -21.93 -108.62 61.86
CA GLU ID 112 -21.00 -108.36 60.77
C GLU ID 112 -21.08 -106.88 60.37
N ILE ID 113 -20.11 -106.09 60.81
CA ILE ID 113 -20.10 -104.66 60.54
C ILE ID 113 -18.83 -104.32 59.75
N ALA ID 114 -18.62 -103.05 59.41
CA ALA ID 114 -17.57 -102.70 58.45
C ALA ID 114 -16.59 -101.68 59.04
N ASN ID 115 -15.33 -101.80 58.63
CA ASN ID 115 -14.19 -101.29 59.41
C ASN ID 115 -14.13 -99.80 59.61
N PRO ID 116 -14.85 -98.93 58.87
CA PRO ID 116 -14.99 -97.54 59.31
C PRO ID 116 -16.44 -97.15 59.55
N HIS ID 117 -17.24 -98.09 60.08
CA HIS ID 117 -18.67 -97.87 60.24
C HIS ID 117 -19.03 -97.27 61.59
N TRP ID 118 -18.06 -97.20 62.52
CA TRP ID 118 -18.19 -96.56 63.84
C TRP ID 118 -19.28 -97.17 64.72
N ILE ID 119 -18.92 -97.54 65.94
CA ILE ID 119 -19.87 -98.19 66.85
C ILE ID 119 -20.47 -97.19 67.82
N TYR ID 120 -21.08 -97.72 68.88
CA TYR ID 120 -21.79 -96.97 69.91
C TYR ID 120 -21.49 -97.56 71.28
N PRO ID 121 -21.54 -96.75 72.33
CA PRO ID 121 -21.29 -97.28 73.67
C PRO ID 121 -22.40 -98.20 74.12
N GLY ID 122 -22.05 -99.12 75.02
CA GLY ID 122 -22.99 -100.11 75.50
C GLY ID 122 -23.16 -101.31 74.59
N ASN ID 123 -22.37 -101.42 73.53
CA ASN ID 123 -22.46 -102.53 72.60
C ASN ID 123 -21.50 -103.64 73.00
N GLN ID 124 -21.83 -104.86 72.60
CA GLN ID 124 -21.00 -106.03 72.84
C GLN ID 124 -20.45 -106.54 71.52
N VAL ID 125 -19.16 -106.88 71.52
CA VAL ID 125 -18.42 -107.13 70.30
C VAL ID 125 -17.38 -108.21 70.55
N ARG ID 126 -17.28 -109.16 69.63
CA ARG ID 126 -16.55 -110.40 69.83
C ARG ID 126 -15.05 -110.18 69.56
N PHE ID 127 -14.25 -110.21 70.63
CA PHE ID 127 -12.81 -109.94 70.55
C PHE ID 127 -11.94 -111.11 71.00
N PHE ID 128 -11.20 -111.67 70.05
CA PHE ID 128 -9.90 -112.35 70.19
C PHE ID 128 -9.58 -112.85 68.77
N ALA ID 129 -8.31 -112.84 68.37
CA ALA ID 129 -7.92 -113.27 67.02
C ALA ID 129 -6.41 -113.44 66.95
N ALA ID 130 -5.97 -114.61 66.49
CA ALA ID 130 -4.55 -114.89 66.31
C ALA ID 130 -4.28 -115.64 65.01
N LYS ID 298 24.59 -152.76 62.82
CA LYS ID 298 25.19 -153.41 61.64
C LYS ID 298 25.69 -154.81 61.95
N GLN ID 299 25.79 -155.67 60.92
CA GLN ID 299 26.42 -156.98 61.07
C GLN ID 299 27.92 -156.87 61.26
N VAL ID 300 28.41 -157.89 61.97
CA VAL ID 300 29.79 -158.31 62.01
C VAL ID 300 29.90 -159.59 61.20
N ASP ID 301 30.61 -159.51 60.07
CA ASP ID 301 30.68 -160.60 59.14
C ASP ID 301 32.15 -161.09 59.10
N GLY ID 302 32.34 -162.23 59.81
CA GLY ID 302 33.63 -162.92 59.84
C GLY ID 302 33.90 -163.63 58.51
N THR ID 303 35.10 -163.41 57.99
CA THR ID 303 35.57 -163.99 56.73
C THR ID 303 36.67 -164.99 56.97
N VAL ID 304 36.70 -166.03 56.15
CA VAL ID 304 37.82 -166.94 56.01
C VAL ID 304 39.08 -166.12 55.64
N ILE ID 305 40.19 -166.27 56.39
CA ILE ID 305 41.48 -165.62 56.09
C ILE ID 305 42.55 -166.56 55.49
N THR ID 306 42.44 -167.88 55.69
CA THR ID 306 43.20 -168.85 54.86
C THR ID 306 42.48 -169.28 53.58
N ALA ID 307 43.24 -169.50 52.47
CA ALA ID 307 42.89 -170.53 51.48
C ALA ID 307 43.91 -171.67 51.57
N LEU ID 308 43.57 -172.82 50.98
CA LEU ID 308 44.46 -173.99 50.84
C LEU ID 308 44.77 -174.78 52.13
N VAL ID 309 44.06 -174.59 53.25
CA VAL ID 309 44.32 -175.44 54.44
C VAL ID 309 44.03 -176.92 54.07
N PRO ID 310 44.19 -177.87 55.01
CA PRO ID 310 43.50 -179.17 54.97
C PRO ID 310 41.92 -179.15 54.97
N TYR ID 311 41.22 -178.39 54.06
CA TYR ID 311 39.73 -178.26 54.11
C TYR ID 311 38.84 -179.54 54.02
N LEU ID 312 39.49 -180.68 53.74
CA LEU ID 312 38.83 -181.97 53.65
C LEU ID 312 38.93 -182.89 54.88
N THR ID 313 39.72 -182.56 55.93
CA THR ID 313 40.36 -183.57 56.82
C THR ID 313 41.03 -184.83 56.20
N VAL ID 314 40.65 -185.40 55.02
CA VAL ID 314 40.95 -186.84 54.80
C VAL ID 314 42.45 -187.11 54.85
N LEU ID 315 43.25 -186.34 54.08
CA LEU ID 315 44.67 -186.66 53.94
C LEU ID 315 45.51 -186.40 55.20
N GLY ID 316 45.11 -185.45 56.05
CA GLY ID 316 45.87 -185.00 57.23
C GLY ID 316 45.21 -185.14 58.62
N GLU ID 317 43.90 -185.51 58.63
CA GLU ID 317 42.97 -185.56 59.78
C GLU ID 317 42.65 -184.24 60.49
N ASN ID 318 43.28 -183.12 60.09
CA ASN ID 318 43.13 -181.83 60.76
C ASN ID 318 42.51 -180.83 59.81
N HIS ID 319 41.19 -180.80 59.72
CA HIS ID 319 40.52 -179.79 58.92
C HIS ID 319 40.47 -178.47 59.69
N SER ID 320 40.86 -177.32 59.14
CA SER ID 320 40.55 -176.02 59.78
C SER ID 320 40.10 -174.95 58.78
N ILE ID 321 39.65 -173.79 59.33
CA ILE ID 321 39.49 -172.47 58.69
C ILE ID 321 40.08 -171.49 59.74
N VAL ID 322 40.73 -170.40 59.34
CA VAL ID 322 41.10 -169.27 60.23
C VAL ID 322 40.17 -168.08 59.91
N VAL ID 323 39.77 -167.23 60.87
CA VAL ID 323 39.34 -165.82 60.60
C VAL ID 323 40.43 -164.79 60.91
N ASP ID 324 40.26 -163.58 60.36
CA ASP ID 324 40.79 -162.34 60.92
C ASP ID 324 39.73 -161.75 61.90
N LYS ID 325 40.13 -161.43 63.14
CA LYS ID 325 39.43 -160.44 64.02
C LYS ID 325 40.41 -159.36 64.51
N GLY ID 326 39.85 -158.29 65.09
CA GLY ID 326 40.58 -157.39 65.99
C GLY ID 326 40.55 -157.95 67.41
N SER ID 327 40.41 -157.12 68.45
CA SER ID 327 40.36 -157.66 69.84
C SER ID 327 39.28 -158.76 70.05
N ALA ID 328 39.29 -159.42 71.21
CA ALA ID 328 38.35 -160.49 71.57
C ALA ID 328 36.92 -160.25 71.05
N ASP ID 329 36.48 -161.02 70.04
CA ASP ID 329 35.21 -160.71 69.34
C ASP ID 329 34.03 -161.49 69.96
N GLY ID 330 34.15 -161.85 71.25
CA GLY ID 330 33.20 -162.74 71.94
C GLY ID 330 33.15 -164.18 71.39
N VAL ID 331 34.16 -164.59 70.61
CA VAL ID 331 34.28 -165.97 70.10
C VAL ID 331 34.55 -166.93 71.26
N GLU ID 332 33.73 -167.97 71.34
CA GLU ID 332 33.79 -169.05 72.32
C GLU ID 332 34.02 -170.39 71.62
N LEU ID 333 34.66 -171.33 72.32
CA LEU ID 333 35.09 -172.63 71.76
C LEU ID 333 33.95 -173.53 71.26
N GLY ID 334 32.71 -173.38 71.73
CA GLY ID 334 31.59 -174.20 71.21
C GLY ID 334 30.90 -173.65 69.97
N ASN ID 335 31.20 -172.40 69.59
CA ASN ID 335 30.41 -171.67 68.61
C ASN ID 335 30.34 -172.38 67.25
N THR ID 336 29.13 -172.39 66.68
CA THR ID 336 28.85 -172.94 65.35
C THR ID 336 28.59 -171.82 64.36
N PHE ID 337 29.18 -171.90 63.16
CA PHE ID 337 29.05 -170.92 62.08
C PHE ID 337 28.58 -171.52 60.77
N ASN ID 338 27.75 -170.78 60.04
CA ASN ID 338 27.32 -171.15 58.69
C ASN ID 338 28.22 -170.43 57.67
N ILE ID 339 28.74 -171.15 56.68
CA ILE ID 339 29.45 -170.55 55.55
C ILE ID 339 28.42 -170.20 54.48
N LEU ID 340 28.58 -169.02 53.88
CA LEU ID 340 27.81 -168.55 52.74
C LEU ID 340 28.78 -168.07 51.62
N ARG ID 341 28.32 -168.08 50.37
CA ARG ID 341 29.06 -167.72 49.14
C ARG ID 341 28.22 -166.74 48.32
N LYS ID 342 28.87 -165.75 47.71
CA LYS ID 342 28.18 -164.90 46.72
C LYS ID 342 28.18 -165.63 45.42
N GLY ID 343 27.02 -165.72 44.81
CA GLY ID 343 26.88 -166.36 43.51
C GLY ID 343 25.91 -165.63 42.61
N ASP ID 344 25.77 -166.26 41.44
CA ASP ID 344 24.95 -165.79 40.36
C ASP ID 344 24.26 -166.93 39.56
N PRO ID 345 23.66 -168.00 40.16
CA PRO ID 345 22.47 -168.51 39.51
C PRO ID 345 21.30 -167.61 39.89
N SER ID 346 20.39 -167.53 38.96
CA SER ID 346 18.98 -167.36 39.23
C SER ID 346 18.19 -168.48 38.55
N ARG ID 347 16.89 -168.48 38.82
CA ARG ID 347 15.95 -169.31 38.08
C ARG ID 347 15.65 -168.78 36.66
N HIS ID 348 15.76 -167.46 36.44
CA HIS ID 348 15.36 -166.81 35.19
C HIS ID 348 16.42 -165.83 34.64
N VAL ID 349 17.62 -166.31 34.23
CA VAL ID 349 18.63 -165.40 33.61
C VAL ID 349 18.12 -164.60 32.40
N LEU ID 350 17.08 -165.08 31.68
CA LEU ID 350 16.58 -164.42 30.47
C LEU ID 350 16.26 -162.94 30.70
N GLY ID 351 15.76 -162.61 31.89
CA GLY ID 351 15.57 -161.23 32.33
C GLY ID 351 16.93 -160.54 32.51
N HIS ID 352 17.75 -161.02 33.47
CA HIS ID 352 19.11 -160.51 33.73
C HIS ID 352 19.91 -161.33 34.78
N ASP ID 353 21.24 -161.21 34.74
CA ASP ID 353 22.17 -161.64 35.81
C ASP ID 353 23.36 -160.63 36.03
N VAL ID 354 23.13 -159.38 36.51
CA VAL ID 354 24.25 -158.49 36.98
C VAL ID 354 24.46 -158.64 38.53
N ARG ID 355 25.11 -157.56 39.11
CA ARG ID 355 25.18 -157.21 40.56
C ARG ID 355 24.64 -155.83 41.04
N LYS ID 356 24.17 -154.90 40.18
CA LYS ID 356 23.63 -153.56 40.60
C LYS ID 356 22.49 -153.81 41.61
N PRO ID 357 22.16 -153.19 42.78
CA PRO ID 357 20.94 -153.67 43.46
C PRO ID 357 19.67 -153.20 42.69
N SER ID 358 18.51 -153.66 43.16
CA SER ID 358 17.13 -153.17 42.89
C SER ID 358 16.27 -153.98 41.90
N LYS ID 359 16.70 -155.15 41.40
CA LYS ID 359 15.78 -156.05 40.67
C LYS ID 359 15.61 -157.36 41.45
N GLU ID 360 15.20 -158.42 40.74
CA GLU ID 360 14.95 -159.77 41.23
C GLU ID 360 16.22 -160.56 41.67
N GLU ID 361 17.24 -160.59 40.80
CA GLU ID 361 18.51 -161.32 41.05
C GLU ID 361 19.62 -160.45 41.72
N GLN ID 362 20.58 -159.96 40.88
CA GLN ID 362 21.70 -159.06 41.19
C GLN ID 362 22.80 -159.62 42.11
N SER ID 363 23.20 -160.86 41.88
CA SER ID 363 23.85 -161.75 42.88
C SER ID 363 22.84 -162.23 43.91
N PHE ID 364 23.20 -163.33 44.57
CA PHE ID 364 22.46 -163.93 45.66
C PHE ID 364 23.43 -164.40 46.77
N PRO ID 365 23.14 -164.21 48.09
CA PRO ID 365 23.95 -164.76 49.16
C PRO ID 365 23.61 -166.25 49.38
N TRP ID 366 24.37 -167.13 48.75
CA TRP ID 366 24.07 -168.56 48.71
C TRP ID 366 24.58 -169.31 49.92
N ARG ID 367 23.70 -170.03 50.61
CA ARG ID 367 24.09 -170.88 51.72
C ARG ID 367 24.83 -172.13 51.28
N SER ID 368 26.07 -172.28 51.74
CA SER ID 368 26.82 -173.53 51.60
C SER ID 368 26.22 -174.64 52.47
N ILE ID 369 26.46 -175.89 52.08
CA ILE ID 369 26.24 -177.06 52.94
C ILE ID 369 27.22 -177.07 54.12
N GLY ID 370 28.35 -176.35 53.99
CA GLY ID 370 29.41 -176.23 54.97
C GLY ID 370 28.97 -175.43 56.20
N ALA ID 371 29.12 -176.07 57.35
CA ALA ID 371 29.05 -175.44 58.65
C ALA ID 371 30.36 -175.74 59.39
N CYS ID 372 30.73 -174.86 60.31
CA CYS ID 372 31.99 -174.95 61.05
C CYS ID 372 31.73 -174.87 62.55
N MET ID 373 32.64 -175.45 63.33
CA MET ID 373 32.70 -175.38 64.79
C MET ID 373 34.02 -174.72 65.16
N VAL ID 374 34.01 -173.69 66.01
CA VAL ID 374 35.26 -173.18 66.59
C VAL ID 374 36.00 -174.30 67.34
N THR ID 375 37.31 -174.37 67.21
CA THR ID 375 38.12 -175.39 67.91
C THR ID 375 39.22 -174.77 68.72
N GLU ID 376 39.77 -173.66 68.26
CA GLU ID 376 40.75 -172.90 69.03
C GLU ID 376 40.41 -171.41 68.93
N VAL ID 377 40.49 -170.73 70.07
CA VAL ID 377 40.34 -169.29 70.16
C VAL ID 377 41.68 -168.69 70.60
N LYS ID 378 42.07 -167.60 69.96
CA LYS ID 378 43.19 -166.73 70.30
C LYS ID 378 42.62 -165.34 70.59
N GLU ID 379 43.46 -164.42 71.08
CA GLU ID 379 43.02 -163.06 71.45
C GLU ID 379 42.25 -162.32 70.33
N ARG ID 380 42.70 -162.49 69.09
CA ARG ID 380 42.17 -161.77 67.93
C ARG ID 380 41.83 -162.61 66.70
N THR ID 381 41.92 -163.92 66.82
CA THR ID 381 41.68 -164.82 65.68
C THR ID 381 41.18 -166.14 66.24
N SER ID 382 40.63 -166.99 65.37
CA SER ID 382 40.16 -168.31 65.78
C SER ID 382 40.32 -169.28 64.64
N ASN ID 383 40.53 -170.54 65.02
CA ASN ID 383 40.50 -171.67 64.12
C ASN ID 383 39.17 -172.40 64.32
N CYS ID 384 38.53 -172.83 63.22
CA CYS ID 384 37.30 -173.63 63.26
C CYS ID 384 37.48 -174.89 62.41
N LEU ID 385 36.88 -176.01 62.80
CA LEU ID 385 36.77 -177.20 61.96
C LEU ID 385 35.38 -177.24 61.26
N MET ID 386 35.32 -177.15 59.91
CA MET ID 386 34.25 -177.66 59.03
C MET ID 386 33.78 -179.03 59.51
N THR ID 387 32.46 -179.10 59.57
CA THR ID 387 31.69 -180.29 59.92
C THR ID 387 31.58 -181.28 58.75
N ARG ID 388 31.67 -180.76 57.52
CA ARG ID 388 31.70 -181.54 56.27
C ARG ID 388 33.04 -181.37 55.61
N SER ID 389 33.89 -182.32 55.96
CA SER ID 389 35.24 -182.57 55.47
C SER ID 389 35.32 -183.01 53.97
N LEU ID 390 34.56 -182.28 53.07
CA LEU ID 390 34.49 -182.59 51.62
C LEU ID 390 34.53 -181.36 50.66
N GLU ID 391 34.35 -180.12 51.11
CA GLU ID 391 34.43 -178.92 50.23
C GLU ID 391 35.52 -177.94 50.70
N GLU ID 392 36.48 -177.63 49.82
CA GLU ID 392 37.42 -176.53 49.96
C GLU ID 392 36.79 -175.13 49.75
N LEU ID 393 37.27 -174.11 50.48
CA LEU ID 393 36.98 -172.65 50.33
C LEU ID 393 38.28 -171.80 50.09
N VAL ID 394 38.20 -170.57 49.55
CA VAL ID 394 39.33 -169.58 49.51
C VAL ID 394 39.28 -168.65 50.76
N PRO ID 395 40.12 -167.58 51.00
CA PRO ID 395 39.64 -166.48 51.84
C PRO ID 395 38.55 -165.71 51.08
N GLY ID 396 37.70 -165.07 51.88
CA GLY ID 396 36.74 -164.08 51.40
C GLY ID 396 35.32 -164.63 51.34
N ASP ID 397 35.17 -165.96 51.38
CA ASP ID 397 33.96 -166.59 51.90
C ASP ID 397 33.77 -166.18 53.36
N ARG ID 398 32.53 -165.85 53.66
CA ARG ID 398 32.11 -165.19 54.89
C ARG ID 398 31.56 -166.19 55.92
N ALA JD 69 37.17 -88.48 99.42
CA ALA JD 69 36.04 -88.67 98.52
C ALA JD 69 36.46 -89.53 97.33
N PRO JD 70 35.55 -89.76 96.38
CA PRO JD 70 35.99 -90.28 95.07
C PRO JD 70 36.29 -89.16 94.10
N ARG JD 71 37.47 -88.54 94.23
CA ARG JD 71 37.95 -87.54 93.28
C ARG JD 71 36.92 -86.44 93.07
N GLY JD 72 35.97 -86.68 92.16
CA GLY JD 72 34.88 -85.76 91.96
C GLY JD 72 33.74 -86.03 92.93
N ARG JD 73 32.92 -87.05 92.64
CA ARG JD 73 31.72 -87.31 93.41
C ARG JD 73 31.27 -88.77 93.31
N GLU JD 74 30.28 -89.05 92.44
CA GLU JD 74 29.74 -90.39 92.16
C GLU JD 74 28.86 -90.93 93.29
N SER JD 75 28.10 -91.99 93.00
CA SER JD 75 27.28 -92.75 93.96
C SER JD 75 26.70 -93.96 93.23
N ALA JD 76 25.76 -94.68 93.89
CA ALA JD 76 25.24 -95.94 93.34
C ALA JD 76 23.95 -96.52 93.95
N PRO JD 77 23.34 -95.95 95.03
CA PRO JD 77 22.05 -96.51 95.47
C PRO JD 77 20.84 -95.59 95.28
N GLY JD 78 20.22 -95.15 96.37
CA GLY JD 78 19.05 -94.29 96.30
C GLY JD 78 18.52 -93.81 97.64
N GLU JD 79 18.77 -92.55 97.95
CA GLU JD 79 18.26 -91.91 99.18
C GLU JD 79 17.69 -90.55 98.78
N VAL JD 80 17.52 -89.65 99.75
CA VAL JD 80 16.74 -88.43 99.48
C VAL JD 80 17.56 -87.20 99.86
N HIS JD 81 17.56 -86.19 98.98
CA HIS JD 81 18.12 -84.88 99.28
C HIS JD 81 17.02 -83.84 99.29
N SER JD 82 17.34 -82.67 99.83
CA SER JD 82 16.39 -81.59 100.01
C SER JD 82 16.69 -80.46 99.03
N VAL JD 83 15.64 -79.93 98.38
CA VAL JD 83 15.81 -78.84 97.43
C VAL JD 83 16.00 -77.53 98.19
N GLU JD 84 16.88 -76.67 97.69
CA GLU JD 84 17.09 -75.33 98.23
C GLU JD 84 16.50 -74.29 97.29
N SER JD 85 16.61 -73.03 97.72
CA SER JD 85 15.95 -71.93 97.04
C SER JD 85 16.65 -71.59 95.74
N GLY JD 86 15.91 -71.60 94.64
CA GLY JD 86 16.46 -71.35 93.32
C GLY JD 86 16.97 -72.56 92.60
N ASP JD 87 16.67 -73.76 93.10
CA ASP JD 87 17.18 -75.00 92.55
C ASP JD 87 16.17 -75.65 91.62
N THR JD 88 16.66 -76.20 90.51
CA THR JD 88 15.92 -77.11 89.65
C THR JD 88 16.61 -78.46 89.70
N LEU JD 89 16.02 -79.46 89.05
CA LEU JD 89 16.73 -80.74 88.98
C LEU JD 89 17.89 -80.69 88.00
N TRP JD 90 17.87 -79.76 87.03
CA TRP JD 90 19.04 -79.60 86.18
C TRP JD 90 20.25 -79.13 86.97
N ASP JD 91 20.02 -78.35 88.02
CA ASP JD 91 21.08 -78.07 89.00
C ASP JD 91 21.43 -79.30 89.82
N LEU JD 92 20.52 -79.67 90.71
CA LEU JD 92 20.70 -80.80 91.63
C LEU JD 92 21.34 -82.03 90.96
N SER JD 93 21.20 -82.15 89.64
CA SER JD 93 21.94 -83.18 88.91
C SER JD 93 23.41 -82.82 88.78
N GLN JD 94 23.77 -81.54 88.95
CA GLN JD 94 25.16 -81.11 88.89
C GLN JD 94 25.29 -79.74 89.55
N ARG JD 95 26.04 -79.71 90.67
CA ARG JD 95 26.50 -78.53 91.42
C ARG JD 95 25.63 -78.22 92.65
N TYR JD 96 24.46 -78.83 92.72
CA TYR JD 96 23.53 -78.57 93.80
C TYR JD 96 23.42 -79.77 94.73
N LEU JD 97 24.54 -80.44 94.97
CA LEU JD 97 24.61 -81.48 95.98
C LEU JD 97 26.04 -81.93 96.23
N GLY JD 98 26.15 -83.11 96.85
CA GLY JD 98 27.42 -83.76 97.10
C GLY JD 98 27.71 -84.91 96.15
N SER JD 99 27.14 -84.85 94.93
CA SER JD 99 27.32 -85.81 93.86
C SER JD 99 26.67 -85.27 92.60
N PRO JD 100 26.88 -85.87 91.43
CA PRO JD 100 26.01 -85.59 90.31
C PRO JD 100 25.00 -86.72 90.15
N TRP JD 101 24.05 -86.51 89.25
CA TRP JD 101 23.16 -87.56 88.79
C TRP JD 101 22.48 -87.05 87.53
N TYR JD 102 21.44 -87.73 87.10
CA TYR JD 102 20.78 -87.41 85.85
C TYR JD 102 19.39 -86.88 86.14
N TRP JD 103 19.15 -85.62 85.75
CA TRP JD 103 17.87 -84.96 86.02
C TRP JD 103 16.66 -85.84 85.66
N PRO JD 104 16.58 -86.46 84.48
CA PRO JD 104 15.39 -87.29 84.21
C PRO JD 104 15.17 -88.37 85.26
N LYS JD 105 16.23 -89.09 85.63
CA LYS JD 105 16.13 -90.20 86.57
C LYS JD 105 15.47 -89.78 87.88
N VAL JD 106 15.74 -88.56 88.33
CA VAL JD 106 15.19 -88.09 89.60
C VAL JD 106 13.81 -87.49 89.41
N TRP JD 107 13.62 -86.78 88.30
CA TRP JD 107 12.25 -86.42 87.94
C TRP JD 107 11.35 -87.65 87.94
N SER JD 108 11.93 -88.83 87.74
CA SER JD 108 11.11 -90.03 87.65
C SER JD 108 10.94 -90.71 89.01
N TYR JD 109 11.74 -90.34 90.02
CA TYR JD 109 11.87 -91.24 91.17
C TYR JD 109 10.70 -91.13 92.13
N ASN JD 110 10.53 -89.96 92.74
CA ASN JD 110 9.34 -89.69 93.59
C ASN JD 110 9.33 -88.27 94.13
N PRO JD 111 8.31 -87.48 93.73
CA PRO JD 111 7.17 -87.86 92.90
C PRO JD 111 7.57 -87.96 91.42
N GLU JD 112 6.84 -88.74 90.61
CA GLU JD 112 7.20 -88.82 89.19
C GLU JD 112 6.96 -87.49 88.51
N ILE JD 113 8.02 -86.73 88.28
CA ILE JD 113 7.91 -85.41 87.66
C ILE JD 113 8.70 -85.41 86.35
N ALA JD 114 8.74 -84.28 85.63
CA ALA JD 114 9.25 -84.27 84.27
C ALA JD 114 10.41 -83.28 84.11
N ASN JD 115 11.34 -83.62 83.22
CA ASN JD 115 12.71 -83.09 83.30
C ASN JD 115 12.84 -81.58 83.07
N PRO JD 116 11.88 -80.86 82.52
CA PRO JD 116 11.94 -79.39 82.60
C PRO JD 116 10.75 -78.80 83.32
N HIS JD 117 10.27 -79.49 84.36
CA HIS JD 117 9.05 -79.08 85.06
C HIS JD 117 9.34 -78.15 86.23
N TRP JD 118 10.61 -77.98 86.61
CA TRP JD 118 11.07 -77.05 87.63
C TRP JD 118 10.48 -77.30 89.02
N ILE JD 119 11.34 -77.41 90.03
CA ILE JD 119 10.89 -77.74 91.38
C ILE JD 119 10.77 -76.48 92.24
N TYR JD 120 10.70 -76.68 93.55
CA TYR JD 120 10.52 -75.63 94.54
C TYR JD 120 11.39 -75.93 95.75
N PRO JD 121 11.81 -74.89 96.48
CA PRO JD 121 12.63 -75.12 97.68
C PRO JD 121 11.83 -75.78 98.78
N GLY JD 122 12.53 -76.50 99.65
CA GLY JD 122 11.90 -77.25 100.70
C GLY JD 122 11.35 -78.59 100.30
N ASN JD 123 11.59 -79.03 99.07
CA ASN JD 123 11.10 -80.31 98.59
C ASN JD 123 12.15 -81.40 98.81
N GLN JD 124 11.66 -82.64 98.92
CA GLN JD 124 12.52 -83.80 99.07
C GLN JD 124 12.43 -84.66 97.82
N VAL JD 125 13.58 -85.13 97.37
CA VAL JD 125 13.72 -85.74 96.04
C VAL JD 125 14.76 -86.85 96.10
N ARG JD 126 14.43 -87.99 95.50
CA ARG JD 126 15.19 -89.23 95.68
C ARG JD 126 16.41 -89.25 94.77
N PHE JD 127 17.59 -89.12 95.36
CA PHE JD 127 18.86 -89.04 94.60
C PHE JD 127 19.83 -90.16 94.91
N PHE JD 128 20.08 -91.00 93.92
CA PHE JD 128 21.31 -91.78 93.67
C PHE JD 128 20.97 -92.63 92.43
N ALA JD 129 21.94 -92.84 91.53
CA ALA JD 129 21.69 -93.61 90.31
C ALA JD 129 23.01 -93.97 89.65
N ALA JD 130 23.20 -95.25 89.35
CA ALA JD 130 24.41 -95.74 88.68
C ALA JD 130 24.07 -96.78 87.61
N LYS JD 298 48.86 -136.72 82.81
CA LYS JD 298 48.87 -137.67 81.70
C LYS JD 298 49.45 -139.03 82.10
N GLN JD 299 49.08 -140.09 81.37
CA GLN JD 299 49.71 -141.40 81.57
C GLN JD 299 51.14 -141.43 81.07
N VAL JD 300 51.89 -142.30 81.74
CA VAL JD 300 53.15 -142.86 81.28
C VAL JD 300 52.88 -144.29 80.85
N ASP JD 301 53.03 -144.56 79.56
CA ASP JD 301 52.67 -145.84 78.99
C ASP JD 301 53.97 -146.48 78.46
N GLY JD 302 54.45 -147.44 79.27
CA GLY JD 302 55.61 -148.25 78.93
C GLY JD 302 55.28 -149.26 77.85
N THR JD 303 56.12 -149.31 76.82
CA THR JD 303 55.99 -150.20 75.68
C THR JD 303 57.08 -151.24 75.66
N VAL JD 304 56.72 -152.44 75.19
CA VAL JD 304 57.66 -153.48 74.82
C VAL JD 304 58.64 -152.92 73.76
N ILE JD 305 59.97 -153.02 73.98
CA ILE JD 305 61.00 -152.60 73.00
C ILE JD 305 61.69 -153.77 72.26
N THR JD 306 61.66 -155.00 72.81
CA THR JD 306 61.99 -156.21 72.02
C THR JD 306 60.76 -156.83 71.32
N ALA JD 307 60.97 -157.38 70.10
CA ALA JD 307 60.21 -158.56 69.64
C ALA JD 307 61.16 -159.75 69.57
N LEU JD 308 60.59 -160.97 69.49
CA LEU JD 308 61.31 -162.23 69.29
C LEU JD 308 62.16 -162.74 70.47
N VAL JD 309 62.02 -162.21 71.71
CA VAL JD 309 62.78 -162.81 72.84
C VAL JD 309 62.35 -164.28 73.02
N PRO JD 310 62.90 -165.01 74.01
CA PRO JD 310 62.26 -166.19 74.59
C PRO JD 310 60.86 -165.99 75.26
N TYR JD 311 59.83 -165.39 74.59
CA TYR JD 311 58.52 -165.08 75.23
C TYR JD 311 57.68 -166.23 75.85
N LEU JD 312 58.14 -167.47 75.63
CA LEU JD 312 57.49 -168.67 76.15
C LEU JD 312 58.12 -169.29 77.42
N THR JD 313 59.30 -168.82 77.91
CA THR JD 313 60.27 -169.68 78.67
C THR JD 313 60.59 -171.11 78.14
N VAL JD 314 59.72 -171.89 77.44
CA VAL JD 314 59.90 -173.36 77.48
C VAL JD 314 61.26 -173.78 76.95
N LEU JD 315 61.64 -173.30 75.75
CA LEU JD 315 62.84 -173.81 75.09
C LEU JD 315 64.15 -173.38 75.76
N GLY JD 316 64.17 -172.21 76.43
CA GLY JD 316 65.39 -171.61 77.02
C GLY JD 316 65.40 -171.34 78.55
N GLU JD 317 64.24 -171.55 79.20
CA GLU JD 317 63.90 -171.24 80.60
C GLU JD 317 63.94 -169.75 81.03
N ASN JD 318 64.33 -168.83 80.13
CA ASN JD 318 64.49 -167.42 80.44
C ASN JD 318 63.51 -166.60 79.63
N HIS JD 319 62.30 -166.44 80.12
CA HIS JD 319 61.36 -165.56 79.45
C HIS JD 319 61.65 -164.11 79.80
N SER JD 320 61.76 -163.16 78.87
CA SER JD 320 61.77 -161.73 79.24
C SER JD 320 60.92 -160.86 78.28
N ILE JD 321 60.77 -159.58 78.66
CA ILE JD 321 60.34 -158.42 77.83
C ILE JD 321 61.33 -157.30 78.25
N VAL JD 322 61.74 -156.41 77.34
CA VAL JD 322 62.47 -155.15 77.68
C VAL JD 322 61.49 -153.97 77.49
N VAL JD 323 61.57 -152.89 78.29
CA VAL JD 323 61.06 -151.54 77.89
C VAL JD 323 62.18 -150.59 77.43
N ASP JD 324 61.78 -149.54 76.71
CA ASP JD 324 62.52 -148.26 76.66
C ASP JD 324 62.00 -147.35 77.81
N LYS JD 325 62.91 -146.80 78.64
CA LYS JD 325 62.67 -145.57 79.44
C LYS JD 325 63.77 -144.52 79.17
N GLY JD 326 63.53 -143.30 79.66
CA GLY JD 326 64.58 -142.30 79.89
C GLY JD 326 65.19 -142.52 81.28
N SER JD 327 65.53 -141.47 82.04
CA SER JD 327 66.09 -141.66 83.40
C SER JD 327 65.21 -142.56 84.32
N ALA JD 328 65.73 -142.94 85.49
CA ALA JD 328 65.05 -143.80 86.48
C ALA JD 328 63.54 -143.51 86.58
N ASP JD 329 62.69 -144.43 86.07
CA ASP JD 329 61.25 -144.15 85.93
C ASP JD 329 60.45 -144.63 87.18
N GLY JD 330 61.12 -144.70 88.33
CA GLY JD 330 60.60 -145.29 89.57
C GLY JD 330 60.30 -146.80 89.48
N VAL JD 331 60.86 -147.50 88.46
CA VAL JD 331 60.73 -148.95 88.34
C VAL JD 331 61.49 -149.66 89.46
N GLU JD 332 60.79 -150.56 90.14
CA GLU JD 332 61.28 -151.38 91.23
C GLU JD 332 61.16 -152.86 90.88
N LEU JD 333 62.05 -153.69 91.45
CA LEU JD 333 62.17 -155.11 91.11
C LEU JD 333 60.93 -155.97 91.38
N GLY JD 334 60.02 -155.59 92.28
CA GLY JD 334 58.79 -156.36 92.53
C GLY JD 334 57.63 -156.04 91.60
N ASN JD 335 57.74 -154.94 90.82
CA ASN JD 335 56.59 -154.36 90.13
C ASN JD 335 55.91 -155.35 89.16
N THR JD 336 54.58 -155.35 89.18
CA THR JD 336 53.74 -156.16 88.28
C THR JD 336 53.08 -155.26 87.25
N PHE JD 337 53.08 -155.69 85.99
CA PHE JD 337 52.48 -154.96 84.86
C PHE JD 337 51.48 -155.78 84.07
N ASN JD 338 50.41 -155.14 83.59
CA ASN JD 338 49.43 -155.75 82.71
C ASN JD 338 49.80 -155.39 81.25
N ILE JD 339 49.82 -156.36 80.37
CA ILE JD 339 49.95 -156.13 78.91
C ILE JD 339 48.56 -155.90 78.34
N LEU JD 340 48.44 -154.92 77.46
CA LEU JD 340 47.24 -154.64 76.67
C LEU JD 340 47.62 -154.53 75.16
N ARG JD 341 46.65 -154.78 74.27
CA ARG JD 341 46.77 -154.79 72.81
C ARG JD 341 45.66 -153.93 72.21
N LYS JD 342 45.97 -153.19 71.14
CA LYS JD 342 44.92 -152.50 70.38
C LYS JD 342 44.34 -153.50 69.42
N GLY JD 343 43.03 -153.60 69.42
CA GLY JD 343 42.33 -154.49 68.51
C GLY JD 343 41.06 -153.89 67.96
N ASP JD 344 40.42 -154.73 67.18
CA ASP JD 344 39.20 -154.43 66.46
C ASP JD 344 38.22 -155.64 66.35
N PRO JD 345 37.96 -156.47 67.40
CA PRO JD 345 36.60 -156.97 67.47
C PRO JD 345 35.73 -155.88 68.08
N SER JD 346 34.49 -155.92 67.64
CA SER JD 346 33.35 -155.53 68.43
C SER JD 346 32.35 -156.66 68.46
N ARG JD 347 31.29 -156.47 69.25
CA ARG JD 347 30.11 -157.32 69.21
C ARG JD 347 29.23 -157.10 67.99
N HIS JD 348 29.23 -155.89 67.40
CA HIS JD 348 28.31 -155.50 66.33
C HIS JD 348 29.02 -154.80 65.14
N VAL JD 349 29.92 -155.49 64.40
CA VAL JD 349 30.56 -154.86 63.20
C VAL JD 349 29.56 -154.30 62.17
N LEU JD 350 28.31 -154.80 62.11
CA LEU JD 350 27.32 -154.39 61.11
C LEU JD 350 27.15 -152.87 61.07
N GLY JD 351 27.23 -152.22 62.24
CA GLY JD 351 27.26 -150.77 62.34
C GLY JD 351 28.55 -150.22 61.75
N HIS JD 352 29.71 -150.55 62.35
CA HIS JD 352 31.06 -150.16 61.85
C HIS JD 352 32.22 -150.81 62.65
N ASP JD 353 33.41 -150.85 62.01
CA ASP JD 353 34.72 -151.12 62.66
C ASP JD 353 35.88 -150.25 62.08
N VAL JD 354 35.89 -148.90 62.28
CA VAL JD 354 37.11 -148.05 61.98
C VAL JD 354 37.98 -147.88 63.28
N ARG JD 355 38.81 -146.77 63.22
CA ARG JD 355 39.52 -146.12 64.36
C ARG JD 355 39.26 -144.61 64.67
N LYS JD 356 38.47 -143.85 63.87
CA LYS JD 356 38.16 -142.39 64.14
C LYS JD 356 37.59 -142.28 65.56
N PRO JD 357 37.82 -141.38 66.56
CA PRO JD 357 37.01 -141.56 67.80
C PRO JD 357 35.54 -141.13 67.55
N SER JD 358 34.70 -141.33 68.57
CA SER JD 358 33.34 -140.76 68.80
C SER JD 358 32.14 -141.67 68.52
N LYS JD 359 32.29 -142.96 68.21
CA LYS JD 359 31.14 -143.89 68.18
C LYS JD 359 31.33 -144.97 69.28
N GLU JD 360 30.65 -146.10 69.09
CA GLU JD 360 30.64 -147.27 69.98
C GLU JD 360 31.97 -148.07 70.00
N GLU JD 361 32.50 -148.44 68.82
CA GLU JD 361 33.74 -149.21 68.68
C GLU JD 361 35.04 -148.35 68.56
N GLN JD 362 35.53 -148.18 67.31
CA GLN JD 362 36.68 -147.36 66.86
C GLN JD 362 38.06 -147.82 67.34
N SER JD 363 38.33 -149.13 67.29
CA SER JD 363 39.34 -149.82 68.10
C SER JD 363 38.89 -149.95 69.54
N PHE JD 364 39.50 -150.91 70.23
CA PHE JD 364 39.32 -151.15 71.66
C PHE JD 364 40.68 -151.47 72.32
N PRO JD 365 41.01 -150.95 73.54
CA PRO JD 365 42.22 -151.33 74.27
C PRO JD 365 42.00 -152.68 74.98
N TRP JD 366 42.38 -153.77 74.32
CA TRP JD 366 42.10 -155.13 74.79
C TRP JD 366 43.11 -155.63 75.81
N ARG JD 367 42.60 -156.08 76.96
CA ARG JD 367 43.45 -156.70 77.97
C ARG JD 367 43.91 -158.10 77.60
N SER JD 368 45.23 -158.27 77.51
CA SER JD 368 45.83 -159.59 77.37
C SER JD 368 45.69 -160.41 78.66
N ILE JD 369 45.72 -161.73 78.53
CA ILE JD 369 45.90 -162.65 79.67
C ILE JD 369 47.31 -162.50 80.27
N GLY JD 370 48.26 -161.96 79.50
CA GLY JD 370 49.65 -161.75 79.87
C GLY JD 370 49.79 -160.65 80.92
N ALA JD 371 50.43 -161.02 82.01
CA ALA JD 371 50.96 -160.11 83.03
C ALA JD 371 52.45 -160.38 83.17
N CYS JD 372 53.20 -159.37 83.59
CA CYS JD 372 54.65 -159.43 83.73
C CYS JD 372 55.09 -158.97 85.12
N MET JD 373 56.24 -159.46 85.55
CA MET JD 373 56.95 -159.08 86.76
C MET JD 373 58.29 -158.51 86.37
N VAL JD 374 58.67 -157.32 86.84
CA VAL JD 374 60.04 -156.84 86.68
C VAL JD 374 61.03 -157.83 87.31
N THR JD 375 62.15 -158.07 86.65
CA THR JD 375 63.18 -159.02 87.15
C THR JD 375 64.53 -158.36 87.25
N GLU JD 376 64.83 -157.43 86.33
CA GLU JD 376 66.04 -156.63 86.39
C GLU JD 376 65.71 -155.19 86.06
N VAL JD 377 66.28 -154.28 86.85
CA VAL JD 377 66.19 -152.84 86.62
C VAL JD 377 67.59 -152.32 86.29
N LYS JD 378 67.65 -151.46 85.27
CA LYS JD 378 68.82 -150.67 84.89
C LYS JD 378 68.44 -149.19 85.03
N GLU JD 379 69.41 -148.28 84.86
CA GLU JD 379 69.16 -146.84 85.03
C GLU JD 379 68.00 -146.28 84.20
N ARG JD 380 67.86 -146.78 82.96
CA ARG JD 380 66.86 -146.29 82.00
C ARG JD 380 66.01 -147.34 81.31
N THR JD 381 66.14 -148.60 81.69
CA THR JD 381 65.41 -149.69 81.04
C THR JD 381 65.20 -150.79 82.06
N SER JD 382 64.34 -151.73 81.77
CA SER JD 382 64.09 -152.86 82.66
C SER JD 382 63.73 -154.08 81.86
N ASN JD 383 64.07 -155.24 82.40
CA ASN JD 383 63.65 -156.53 81.91
C ASN JD 383 62.54 -157.04 82.84
N CYS JD 384 61.49 -157.62 82.28
CA CYS JD 384 60.41 -158.26 83.04
C CYS JD 384 60.18 -159.68 82.53
N LEU JD 385 59.81 -160.62 83.42
CA LEU JD 385 59.34 -161.94 83.05
C LEU JD 385 57.76 -161.99 83.02
N MET JD 386 57.13 -162.20 81.88
CA MET JD 386 55.77 -162.77 81.69
C MET JD 386 55.56 -163.93 82.64
N THR JD 387 54.41 -163.83 83.28
CA THR JD 387 53.87 -164.81 84.21
C THR JD 387 53.25 -166.02 83.51
N ARG JD 388 52.79 -165.81 82.26
CA ARG JD 388 52.26 -166.85 81.36
C ARG JD 388 53.18 -167.00 80.18
N SER JD 389 54.09 -167.92 80.36
CA SER JD 389 55.07 -168.43 79.42
C SER JD 389 54.48 -169.20 78.19
N LEU JD 390 53.41 -168.61 77.56
CA LEU JD 390 52.70 -169.23 76.40
C LEU JD 390 52.31 -168.27 75.24
N GLU JD 391 52.36 -166.94 75.39
CA GLU JD 391 52.04 -165.99 74.30
C GLU JD 391 53.24 -165.06 73.99
N GLU JD 392 53.69 -165.07 72.74
CA GLU JD 392 54.62 -164.08 72.18
C GLU JD 392 53.95 -162.70 71.91
N LEU JD 393 54.71 -161.60 72.08
CA LEU JD 393 54.38 -160.20 71.70
C LEU JD 393 55.45 -159.59 70.71
N VAL JD 394 55.14 -158.49 69.98
CA VAL JD 394 56.13 -157.68 69.20
C VAL JD 394 56.66 -156.50 70.09
N PRO JD 395 57.51 -155.50 69.66
CA PRO JD 395 57.45 -154.19 70.31
C PRO JD 395 56.15 -153.49 69.94
N GLY JD 396 55.74 -152.59 70.82
CA GLY JD 396 54.66 -151.64 70.56
C GLY JD 396 53.36 -152.01 71.25
N ASP JD 397 53.24 -153.28 71.69
CA ASP JD 397 52.38 -153.63 72.83
C ASP JD 397 52.87 -152.88 74.07
N ARG JD 398 51.88 -152.35 74.77
CA ARG JD 398 52.06 -151.40 75.86
C ARG JD 398 52.02 -152.06 77.23
N ALA KD 69 76.45 -67.30 92.86
CA ALA KD 69 75.03 -67.57 92.62
C ALA KD 69 74.88 -68.72 91.62
N PRO KD 70 73.64 -69.05 91.24
CA PRO KD 70 73.48 -69.90 90.06
C PRO KD 70 73.31 -69.08 88.79
N ARG KD 71 74.43 -68.58 88.25
CA ARG KD 71 74.44 -67.89 86.97
C ARG KD 71 73.42 -66.76 86.94
N GLY KD 72 72.17 -67.10 86.63
CA GLY KD 72 71.10 -66.13 86.68
C GLY KD 72 70.51 -66.04 88.06
N ARG KD 73 69.65 -66.99 88.43
CA ARG KD 73 68.90 -66.93 89.67
C ARG KD 73 68.46 -68.32 90.15
N GLU KD 74 67.19 -68.68 89.89
CA GLU KD 74 66.58 -69.97 90.23
C GLU KD 74 66.29 -70.13 91.72
N SER KD 75 65.48 -71.14 92.06
CA SER KD 75 65.17 -71.56 93.44
C SER KD 75 64.32 -72.83 93.36
N ALA KD 76 63.77 -73.28 94.51
CA ALA KD 76 63.06 -74.56 94.59
C ALA KD 76 62.17 -74.83 95.81
N PRO KD 77 62.10 -73.98 96.87
CA PRO KD 77 61.13 -74.25 97.94
C PRO KD 77 59.96 -73.28 98.04
N GLY KD 78 59.89 -72.53 99.15
CA GLY KD 78 58.81 -71.59 99.36
C GLY KD 78 58.91 -70.75 100.62
N GLU KD 79 59.28 -69.48 100.47
CA GLU KD 79 59.37 -68.54 101.58
C GLU KD 79 58.68 -67.24 101.14
N VAL KD 80 58.95 -66.13 101.81
CA VAL KD 80 58.13 -64.93 101.60
C VAL KD 80 59.03 -63.74 101.28
N HIS KD 81 58.65 -62.97 100.26
CA HIS KD 81 59.28 -61.71 99.94
C HIS KD 81 58.30 -60.56 100.14
N SER KD 82 58.83 -59.35 100.18
CA SER KD 82 58.04 -58.15 100.46
C SER KD 82 57.88 -57.32 99.19
N VAL KD 83 56.67 -56.84 98.94
CA VAL KD 83 56.40 -56.02 97.76
C VAL KD 83 56.90 -54.60 98.02
N GLU KD 84 57.47 -53.99 96.98
CA GLU KD 84 57.89 -52.60 97.02
C GLU KD 84 56.96 -51.73 96.19
N SER KD 85 57.25 -50.44 96.19
CA SER KD 85 56.35 -49.45 95.61
C SER KD 85 56.41 -49.49 94.08
N GLY KD 86 55.25 -49.68 93.45
CA GLY KD 86 55.17 -49.80 92.01
C GLY KD 86 55.31 -51.21 91.47
N ASP KD 87 55.26 -52.21 92.34
CA ASP KD 87 55.48 -53.60 91.96
C ASP KD 87 54.15 -54.31 91.76
N THR KD 88 54.10 -55.16 90.73
CA THR KD 88 53.07 -56.15 90.52
C THR KD 88 53.71 -57.53 90.62
N LEU KD 89 52.89 -58.58 90.56
CA LEU KD 89 53.50 -59.91 90.54
C LEU KD 89 54.11 -60.21 89.17
N TRP KD 90 53.66 -59.54 88.10
CA TRP KD 90 54.33 -59.71 86.82
C TRP KD 90 55.77 -59.21 86.87
N ASP KD 91 56.05 -58.19 87.69
CA ASP KD 91 57.41 -57.81 88.00
C ASP KD 91 58.09 -58.86 88.89
N LEU KD 92 57.67 -58.91 90.15
CA LEU KD 92 58.24 -59.81 91.15
C LEU KD 92 58.51 -61.22 90.62
N SER KD 93 57.80 -61.63 89.56
CA SER KD 93 58.15 -62.87 88.87
C SER KD 93 59.42 -62.72 88.05
N GLN KD 94 59.80 -61.48 87.71
CA GLN KD 94 61.03 -61.24 86.96
C GLN KD 94 61.44 -59.77 87.13
N ARG KD 95 62.60 -59.57 87.77
CA ARG KD 95 63.35 -58.32 87.93
C ARG KD 95 63.11 -57.64 89.27
N TYR KD 96 62.08 -58.08 89.99
CA TYR KD 96 61.73 -57.47 91.27
C TYR KD 96 62.04 -58.41 92.42
N LEU KD 97 63.15 -59.13 92.32
CA LEU KD 97 63.66 -59.91 93.44
C LEU KD 97 65.05 -60.45 93.15
N GLY KD 98 65.43 -61.45 93.94
CA GLY KD 98 66.68 -62.17 93.79
C GLY KD 98 66.52 -63.53 93.13
N SER KD 99 65.46 -63.68 92.31
CA SER KD 99 65.16 -64.89 91.55
C SER KD 99 64.02 -64.58 90.60
N PRO KD 100 63.69 -65.45 89.66
CA PRO KD 100 62.41 -65.34 88.97
C PRO KD 100 61.44 -66.35 89.56
N TRP KD 101 60.19 -66.25 89.13
CA TRP KD 101 59.19 -67.27 89.37
C TRP KD 101 58.02 -66.99 88.44
N TYR KD 102 56.90 -67.63 88.68
CA TYR KD 102 55.75 -67.53 87.80
C TYR KD 102 54.63 -66.80 88.51
N TRP KD 103 54.25 -65.64 87.95
CA TRP KD 103 53.22 -64.80 88.56
C TRP KD 103 51.98 -65.59 88.98
N PRO KD 104 51.37 -66.46 88.15
CA PRO KD 104 50.19 -67.19 88.64
C PRO KD 104 50.46 -67.96 89.92
N LYS KD 105 51.58 -68.70 89.97
CA LYS KD 105 51.90 -69.55 91.12
C LYS KD 105 51.88 -68.76 92.43
N VAL KD 106 52.32 -67.50 92.39
CA VAL KD 106 52.39 -66.71 93.61
C VAL KD 106 51.07 -66.01 93.87
N TRP KD 107 50.40 -65.55 92.81
CA TRP KD 107 49.02 -65.13 92.99
C TRP KD 107 48.21 -66.23 93.69
N SER KD 108 48.65 -67.48 93.57
CA SER KD 108 47.87 -68.56 94.16
C SER KD 108 48.31 -68.88 95.58
N TYR KD 109 49.47 -68.39 96.02
CA TYR KD 109 50.09 -69.01 97.19
C TYR KD 109 49.47 -68.55 98.50
N ASN KD 110 49.59 -67.26 98.80
CA ASN KD 110 48.89 -66.67 99.97
C ASN KD 110 49.12 -65.17 100.08
N PRO KD 111 48.03 -64.37 99.97
CA PRO KD 111 46.64 -64.80 99.82
C PRO KD 111 46.35 -65.29 98.40
N GLU KD 112 45.33 -66.15 98.20
CA GLU KD 112 45.04 -66.60 96.84
C GLU KD 112 44.51 -65.43 96.01
N ILE KD 113 45.36 -64.87 95.16
CA ILE KD 113 45.00 -63.73 94.33
C ILE KD 113 45.13 -64.12 92.86
N ALA KD 114 44.85 -63.19 91.94
CA ALA KD 114 44.72 -63.57 90.53
C ALA KD 114 45.67 -62.77 89.64
N ASN KD 115 46.13 -63.41 88.57
CA ASN KD 115 47.38 -63.03 87.92
C ASN KD 115 47.41 -61.65 87.28
N PRO KD 116 46.29 -60.96 87.02
CA PRO KD 116 46.39 -59.54 86.69
C PRO KD 116 45.63 -58.66 87.67
N HIS KD 117 45.67 -59.03 88.95
CA HIS KD 117 44.88 -58.34 89.98
C HIS KD 117 45.65 -57.20 90.63
N TRP KD 118 46.95 -57.09 90.36
CA TRP KD 118 47.82 -56.01 90.83
C TRP KD 118 47.91 -55.87 92.35
N ILE KD 119 49.12 -55.85 92.89
CA ILE KD 119 49.32 -55.79 94.33
C ILE KD 119 49.58 -54.37 94.80
N TYR KD 120 50.10 -54.24 96.01
CA TYR KD 120 50.37 -52.99 96.69
C TYR KD 120 51.68 -53.09 97.45
N PRO KD 121 52.38 -51.97 97.63
CA PRO KD 121 53.65 -52.02 98.38
C PRO KD 121 53.41 -52.31 99.85
N GLY KD 122 54.43 -52.89 100.48
CA GLY KD 122 54.33 -53.29 101.87
C GLY KD 122 53.65 -54.62 102.09
N ASN KD 123 53.34 -55.36 101.04
CA ASN KD 123 52.68 -56.65 101.15
C ASN KD 123 53.71 -57.77 101.19
N GLN KD 124 53.33 -58.89 101.80
CA GLN KD 124 54.17 -60.07 101.87
C GLN KD 124 53.54 -61.19 101.04
N VAL KD 125 54.37 -61.88 100.27
CA VAL KD 125 53.90 -62.77 99.23
C VAL KD 125 54.86 -63.96 99.11
N ARG KD 126 54.31 -65.15 99.03
CA ARG KD 126 55.07 -66.39 99.18
C ARG KD 126 55.76 -66.76 97.87
N PHE KD 127 57.09 -66.63 97.84
CA PHE KD 127 57.88 -66.87 96.64
C PHE KD 127 58.90 -68.00 96.77
N PHE KD 128 58.68 -69.08 96.02
CA PHE KD 128 59.67 -70.01 95.48
C PHE KD 128 58.82 -71.09 94.77
N ALA KD 129 59.29 -71.62 93.62
CA ALA KD 129 58.53 -72.61 92.87
C ALA KD 129 59.43 -73.26 91.83
N ALA KD 130 59.47 -74.59 91.82
CA ALA KD 130 60.25 -75.33 90.84
C ALA KD 130 59.49 -76.55 90.33
N LYS KD 298 79.51 -119.45 85.71
CA LYS KD 298 79.02 -120.62 85.00
C LYS KD 298 79.72 -121.91 85.44
N GLN KD 299 79.06 -123.06 85.24
CA GLN KD 299 79.71 -124.36 85.47
C GLN KD 299 80.78 -124.66 84.43
N VAL KD 300 81.74 -125.45 84.91
CA VAL KD 300 82.67 -126.23 84.12
C VAL KD 300 82.24 -127.68 84.22
N ASP KD 301 81.79 -128.24 83.10
CA ASP KD 301 81.21 -129.57 83.08
C ASP KD 301 82.14 -130.46 82.23
N GLY KD 302 82.93 -131.26 82.97
CA GLY KD 302 83.82 -132.26 82.39
C GLY KD 302 83.03 -133.44 81.84
N THR KD 303 83.34 -133.82 80.61
CA THR KD 303 82.71 -134.93 79.91
C THR KD 303 83.68 -136.07 79.68
N VAL KD 304 83.15 -137.28 79.73
CA VAL KD 304 83.83 -138.48 79.26
C VAL KD 304 84.24 -138.29 77.79
N ILE KD 305 85.51 -138.49 77.43
CA ILE KD 305 86.01 -138.42 76.03
C ILE KD 305 86.29 -139.80 75.39
N THR KD 306 86.52 -140.85 76.20
CA THR KD 306 86.45 -142.25 75.67
C THR KD 306 85.04 -142.87 75.76
N ALA KD 307 84.69 -143.70 74.73
CA ALA KD 307 83.80 -144.85 74.96
C ALA KD 307 84.62 -146.14 74.81
N LEU KD 308 84.07 -147.26 75.29
CA LEU KD 308 84.63 -148.61 75.12
C LEU KD 308 85.91 -148.94 75.91
N VAL KD 309 86.34 -148.13 76.91
CA VAL KD 309 87.51 -148.53 77.72
C VAL KD 309 87.20 -149.87 78.44
N PRO KD 310 88.13 -150.42 79.23
CA PRO KD 310 87.82 -151.36 80.32
C PRO KD 310 86.85 -150.86 81.45
N TYR KD 311 85.63 -150.31 81.15
CA TYR KD 311 84.74 -149.70 82.20
C TYR KD 311 84.25 -150.58 83.38
N LEU KD 312 84.56 -151.88 83.30
CA LEU KD 312 84.22 -152.86 84.34
C LEU KD 312 85.34 -153.24 85.33
N THR KD 313 86.62 -152.82 85.12
CA THR KD 313 87.81 -153.58 85.59
C THR KD 313 87.88 -155.12 85.36
N VAL KD 314 86.77 -155.94 85.31
CA VAL KD 314 86.95 -157.38 85.64
C VAL KD 314 87.94 -158.06 84.71
N LEU KD 315 87.75 -157.90 83.38
CA LEU KD 315 88.53 -158.68 82.43
C LEU KD 315 90.01 -158.25 82.35
N GLY KD 316 90.33 -156.98 82.62
CA GLY KD 316 91.67 -156.40 82.46
C GLY KD 316 92.36 -155.80 83.72
N GLU KD 317 91.61 -155.74 84.83
CA GLU KD 317 91.93 -155.07 86.11
C GLU KD 317 92.16 -153.54 86.09
N ASN KD 318 92.11 -152.90 84.91
CA ASN KD 318 92.41 -151.48 84.75
C ASN KD 318 91.16 -150.75 84.26
N HIS KD 319 90.29 -150.35 85.16
CA HIS KD 319 89.15 -149.54 84.76
C HIS KD 319 89.58 -148.10 84.58
N SER KD 320 89.26 -147.40 83.48
CA SER KD 320 89.44 -145.93 83.44
C SER KD 320 88.26 -145.22 82.75
N ILE KD 321 88.29 -143.86 82.81
CA ILE KD 321 87.55 -142.88 81.98
C ILE KD 321 88.63 -141.82 81.65
N VAL KD 322 88.59 -141.21 80.45
CA VAL KD 322 89.40 -140.00 80.12
C VAL KD 322 88.44 -138.79 80.08
N VAL KD 323 88.87 -137.57 80.45
CA VAL KD 323 88.24 -136.30 79.98
C VAL KD 323 89.04 -135.62 78.86
N ASP KD 324 88.37 -134.71 78.15
CA ASP KD 324 89.02 -133.57 77.47
C ASP KD 324 89.04 -132.37 78.45
N LYS KD 325 90.24 -131.76 78.64
CA LYS KD 325 90.39 -130.36 79.13
C LYS KD 325 91.26 -129.53 78.16
N GLY KD 326 91.25 -128.21 78.38
CA GLY KD 326 92.31 -127.31 77.88
C GLY KD 326 93.46 -127.28 78.88
N SER KD 327 94.10 -126.13 79.12
CA SER KD 327 95.21 -126.08 80.12
C SER KD 327 94.82 -126.63 81.51
N ALA KD 328 95.81 -126.80 82.41
CA ALA KD 328 95.64 -127.31 83.77
C ALA KD 328 94.32 -126.84 84.43
N ASP KD 329 93.34 -127.75 84.60
CA ASP KD 329 91.98 -127.36 85.01
C ASP KD 329 91.82 -127.44 86.55
N GLY KD 330 92.94 -127.32 87.29
CA GLY KD 330 93.00 -127.56 88.74
C GLY KD 330 92.69 -129.01 89.16
N VAL KD 331 92.75 -129.97 88.23
CA VAL KD 331 92.57 -131.39 88.54
C VAL KD 331 93.75 -131.92 89.37
N GLU KD 332 93.41 -132.55 90.49
CA GLU KD 332 94.33 -133.15 91.43
C GLU KD 332 94.06 -134.65 91.55
N LEU KD 333 95.11 -135.42 91.87
CA LEU KD 333 95.07 -136.89 91.89
C LEU KD 333 94.08 -137.52 92.88
N GLY KD 334 93.66 -136.85 93.94
CA GLY KD 334 92.67 -137.39 94.89
C GLY KD 334 91.21 -137.15 94.48
N ASN KD 335 90.96 -136.29 93.48
CA ASN KD 335 89.63 -135.75 93.23
C ASN KD 335 88.60 -136.86 92.93
N THR KD 336 87.41 -136.70 93.52
CA THR KD 336 86.25 -137.58 93.31
C THR KD 336 85.21 -136.87 92.46
N PHE KD 337 84.64 -137.57 91.47
CA PHE KD 337 83.62 -137.05 90.57
C PHE KD 337 82.36 -137.91 90.51
N ASN KD 338 81.20 -137.27 90.41
CA ASN KD 338 79.93 -137.95 90.20
C ASN KD 338 79.61 -137.97 88.69
N ILE KD 339 79.23 -139.13 88.16
CA ILE KD 339 78.72 -139.23 86.79
C ILE KD 339 77.21 -138.99 86.83
N LEU KD 340 76.71 -138.23 85.86
CA LEU KD 340 75.29 -137.99 85.61
C LEU KD 340 74.97 -138.27 84.12
N ARG KD 341 73.70 -138.60 83.84
CA ARG KD 341 73.17 -138.96 82.52
C ARG KD 341 71.91 -138.14 82.24
N LYS KD 342 71.71 -137.70 80.99
CA LYS KD 342 70.43 -137.08 80.61
C LYS KD 342 69.49 -138.20 80.28
N GLY KD 343 68.31 -138.15 80.87
CA GLY KD 343 67.29 -139.13 80.60
C GLY KD 343 65.90 -138.52 80.51
N ASP KD 344 64.97 -139.45 80.31
CA ASP KD 344 63.56 -139.19 80.14
C ASP KD 344 62.64 -140.25 80.77
N PRO KD 345 62.87 -140.80 82.00
CA PRO KD 345 61.68 -141.11 82.78
C PRO KD 345 61.17 -139.82 83.39
N SER KD 346 59.85 -139.82 83.55
CA SER KD 346 59.18 -139.13 84.64
C SER KD 346 58.29 -140.11 85.38
N ARG KD 347 57.70 -139.61 86.46
CA ARG KD 347 56.63 -140.32 87.14
C ARG KD 347 55.30 -140.27 86.40
N HIS KD 348 55.04 -139.23 85.59
CA HIS KD 348 53.74 -138.99 84.95
C HIS KD 348 53.85 -138.67 83.44
N VAL KD 349 54.33 -139.61 82.59
CA VAL KD 349 54.37 -139.34 81.11
C VAL KD 349 53.02 -138.91 80.51
N LEU KD 350 51.87 -139.28 81.12
CA LEU KD 350 50.55 -138.99 80.56
C LEU KD 350 50.38 -137.50 80.22
N GLY KD 351 50.98 -136.62 81.03
CA GLY KD 351 51.05 -135.20 80.75
C GLY KD 351 51.94 -134.95 79.53
N HIS KD 352 53.25 -135.27 79.64
CA HIS KD 352 54.24 -135.15 78.55
C HIS KD 352 55.64 -135.73 78.90
N ASP KD 353 56.41 -136.06 77.85
CA ASP KD 353 57.86 -136.32 77.92
C ASP KD 353 58.66 -135.74 76.70
N VAL KD 354 58.76 -134.39 76.52
CA VAL KD 354 59.73 -133.77 75.53
C VAL KD 354 61.07 -133.42 76.24
N ARG KD 355 61.80 -132.46 75.56
CA ARG KD 355 62.94 -131.65 76.07
C ARG KD 355 62.85 -130.09 76.08
N LYS KD 356 61.80 -129.44 75.53
CA LYS KD 356 61.64 -127.94 75.53
C LYS KD 356 61.75 -127.44 76.98
N PRO KD 357 62.40 -126.37 77.53
CA PRO KD 357 62.23 -126.16 78.98
C PRO KD 357 60.80 -125.64 79.29
N SER KD 358 60.50 -125.51 80.58
CA SER KD 358 59.38 -124.76 81.21
C SER KD 358 58.18 -125.56 81.72
N LYS KD 359 58.17 -126.90 81.69
CA LYS KD 359 57.13 -127.68 82.41
C LYS KD 359 57.78 -128.49 83.54
N GLU KD 360 57.09 -129.55 83.97
CA GLU KD 360 57.46 -130.48 85.03
C GLU KD 360 58.65 -131.41 84.70
N GLU KD 361 58.62 -132.07 83.54
CA GLU KD 361 59.67 -133.01 83.08
C GLU KD 361 60.78 -132.34 82.20
N GLN KD 362 60.66 -132.52 80.86
CA GLN KD 362 61.50 -131.96 79.78
C GLN KD 362 62.96 -132.45 79.71
N SER KD 363 63.17 -133.76 79.89
CA SER KD 363 64.43 -134.37 80.34
C SER KD 363 64.67 -134.12 81.82
N PHE KD 364 65.52 -134.95 82.39
CA PHE KD 364 65.99 -134.84 83.78
C PHE KD 364 67.50 -135.16 83.85
N PRO KD 365 68.32 -134.42 84.63
CA PRO KD 365 69.72 -134.76 84.84
C PRO KD 365 69.85 -135.88 85.89
N TRP KD 366 69.90 -137.13 85.43
CA TRP KD 366 69.85 -138.30 86.31
C TRP KD 366 71.20 -138.68 86.89
N ARG KD 367 71.26 -138.80 88.21
CA ARG KD 367 72.47 -139.26 88.89
C ARG KD 367 72.71 -140.74 88.72
N SER KD 368 73.85 -141.08 88.12
CA SER KD 368 74.33 -142.47 88.08
C SER KD 368 74.76 -142.95 89.48
N ILE KD 369 74.74 -144.26 89.68
CA ILE KD 369 75.40 -144.91 90.83
C ILE KD 369 76.93 -144.79 90.71
N GLY KD 370 77.44 -144.55 89.50
CA GLY KD 370 78.85 -144.42 89.18
C GLY KD 370 79.45 -143.14 89.73
N ALA KD 371 80.51 -143.32 90.50
CA ALA KD 371 81.43 -142.27 90.93
C ALA KD 371 82.83 -142.67 90.49
N CYS KD 372 83.69 -141.69 90.28
CA CYS KD 372 85.05 -141.88 89.79
C CYS KD 372 86.05 -141.17 90.70
N MET KD 373 87.28 -141.69 90.70
CA MET KD 373 88.45 -141.12 91.36
C MET KD 373 89.48 -140.81 90.29
N VAL KD 374 90.03 -139.59 90.25
CA VAL KD 374 91.20 -139.33 89.39
C VAL KD 374 92.36 -140.25 89.77
N THR KD 375 93.07 -140.77 88.78
CA THR KD 375 94.21 -141.68 89.01
C THR KD 375 95.47 -141.17 88.35
N GLU KD 376 95.33 -140.52 87.20
CA GLU KD 376 96.45 -139.88 86.53
C GLU KD 376 96.01 -138.51 86.02
N VAL KD 377 96.87 -137.53 86.22
CA VAL KD 377 96.70 -136.16 85.71
C VAL KD 377 97.80 -135.90 84.67
N LYS KD 378 97.42 -135.30 83.56
CA LYS KD 378 98.29 -134.76 82.52
C LYS KD 378 98.02 -133.26 82.43
N GLU KD 379 98.82 -132.53 81.63
CA GLU KD 379 98.68 -131.06 81.53
C GLU KD 379 97.26 -130.58 81.17
N ARG KD 380 96.59 -131.32 80.28
CA ARG KD 380 95.27 -130.95 79.74
C ARG KD 380 94.20 -132.03 79.77
N THR KD 381 94.48 -133.17 80.36
CA THR KD 381 93.53 -134.30 80.38
C THR KD 381 93.79 -135.10 81.64
N SER KD 382 92.89 -135.99 82.00
CA SER KD 382 93.05 -136.84 83.17
C SER KD 382 92.37 -138.17 82.93
N ASN KD 383 92.92 -139.20 83.55
CA ASN KD 383 92.33 -140.52 83.63
C ASN KD 383 91.74 -140.68 85.04
N CYS KD 384 90.54 -141.24 85.15
CA CYS KD 384 89.91 -141.56 86.44
C CYS KD 384 89.48 -143.03 86.46
N LEU KD 385 89.53 -143.68 87.61
CA LEU KD 385 88.94 -145.00 87.83
C LEU KD 385 87.53 -144.87 88.49
N MET KD 386 86.44 -145.26 87.82
CA MET KD 386 85.14 -145.69 88.40
C MET KD 386 85.36 -146.58 89.60
N THR KD 387 84.63 -146.21 90.62
CA THR KD 387 84.56 -146.88 91.92
C THR KD 387 83.68 -148.14 91.86
N ARG KD 388 82.71 -148.17 90.92
CA ARG KD 388 81.85 -149.32 90.64
C ARG KD 388 82.14 -149.83 89.26
N SER KD 389 83.03 -150.79 89.25
CA SER KD 389 83.50 -151.61 88.14
C SER KD 389 82.42 -152.56 87.53
N LEU KD 390 81.18 -152.01 87.29
CA LEU KD 390 80.03 -152.79 86.74
C LEU KD 390 79.17 -152.08 85.66
N GLU KD 391 79.29 -150.77 85.44
CA GLU KD 391 78.52 -150.06 84.38
C GLU KD 391 79.46 -149.36 83.37
N GLU KD 392 79.31 -149.71 82.09
CA GLU KD 392 79.90 -148.99 80.95
C GLU KD 392 79.18 -147.63 80.66
N LEU KD 393 79.95 -146.61 80.20
CA LEU KD 393 79.49 -145.31 79.67
C LEU KD 393 80.01 -145.06 78.19
N VAL KD 394 79.40 -144.14 77.41
CA VAL KD 394 79.96 -143.64 76.11
C VAL KD 394 80.83 -142.34 76.36
N PRO KD 395 81.39 -141.58 75.35
CA PRO KD 395 81.64 -140.17 75.62
C PRO KD 395 80.30 -139.42 75.67
N GLY KD 396 80.34 -138.30 76.39
CA GLY KD 396 79.26 -137.32 76.39
C GLY KD 396 78.39 -137.37 77.64
N ASP KD 397 78.47 -138.49 78.38
CA ASP KD 397 78.21 -138.47 79.83
C ASP KD 397 79.19 -137.53 80.51
N ARG KD 398 78.62 -136.74 81.41
CA ARG KD 398 79.27 -135.58 82.03
C ARG KD 398 79.84 -135.92 83.42
#